data_8C0O
#
_entry.id   8C0O
#
_cell.length_a   1.00
_cell.length_b   1.00
_cell.length_c   1.00
_cell.angle_alpha   90.00
_cell.angle_beta   90.00
_cell.angle_gamma   90.00
#
_symmetry.space_group_name_H-M   'P 1'
#
_entity_poly.entity_id   1
_entity_poly.type   'polypeptide(L)'
_entity_poly.pdbx_seq_one_letter_code
;MGTFIELVKNMKGYKELLLPMEMVPLPAVVLKHVKLILTSQKEHQPWMTEMALKADQCLIHKATLDLAGKATSNEAKPLI
EAMQQIILAMTRELWGQIQRHHYGIVQVEHYVKQITLWQDTPQAFRGDQPKPPSFRSDGPTRGQGSFRPFFRGRGRGRGR
GRGSQSPARKGPLPK
;
_entity_poly.pdbx_strand_id   1A,AC,BA,BB,BC,CA,CB,CC,DA,DB,DC,EA,EB,EC,FA,FB,FC,GA,GB,GC,HA,HB,HC,IA,IB,IC,JA,1B,JB,JC,KA,KB,KC,LA,LB,LC,MA,MB,MC,NA,NB,NC,OA,OB,OC,PA,PB,PC,QA,QB,QC,RA,RB,RC,1C,SA,SB,SC,TA,TB,TC,UA,UB,UC,VA,VB,VC,WA,WB,WC,XA,XB,XC,YA,YB,YC,ZA,ZB,ZC,aA,aB,2A,aC,bA,bB,bC,cA,cB,cC,dA,dB,dC,eA,eB,eC,fA,fB,fC,gA,gB,gC,hA,hB,hC,iA,iB,iC,jA,2B,jB,jC,kA,kB,kC,lA,lB,lC,mA,mB,mC,nA,nB,nC,oA,oB,oC,pA,pB,pC,qA,qB,qC,rA,rB,rC,2C,sA,sB,sC,tA,tB,tC,uA,uB,uC,vA,vB,vC,wA,wB,wC,xA,xB,xC,yA,yB,yC,zA,zB,zC,3A,3B,3C,4A,4B,4C,5A,5B,5C,6A,6B,6C,7A,7B,7C,8A,8B,8C,AA,AB
#
# COMPACT_ATOMS: atom_id res chain seq x y z
N THR A 3 67.18 64.54 -87.72
CA THR A 3 65.81 64.28 -88.18
C THR A 3 65.07 63.35 -87.22
N PHE A 4 65.75 62.31 -86.72
CA PHE A 4 65.08 61.34 -85.86
C PHE A 4 64.57 61.99 -84.58
N ILE A 5 65.39 62.84 -83.96
CA ILE A 5 64.98 63.46 -82.70
C ILE A 5 63.71 64.28 -82.90
N GLU A 6 63.60 64.95 -84.05
CA GLU A 6 62.38 65.68 -84.35
C GLU A 6 61.17 64.75 -84.35
N LEU A 7 61.33 63.54 -84.90
CA LEU A 7 60.23 62.59 -84.92
C LEU A 7 59.84 62.17 -83.51
N VAL A 8 60.82 61.94 -82.65
CA VAL A 8 60.52 61.49 -81.29
C VAL A 8 59.83 62.59 -80.50
N LYS A 9 60.26 63.84 -80.69
CA LYS A 9 59.62 64.95 -79.98
C LYS A 9 58.13 65.01 -80.30
N ASN A 10 57.72 64.50 -81.46
CA ASN A 10 56.32 64.42 -81.83
C ASN A 10 55.70 63.15 -81.25
N MET A 11 55.77 63.04 -79.93
CA MET A 11 55.26 61.89 -79.21
C MET A 11 54.66 62.33 -77.89
N LYS A 12 53.81 61.46 -77.33
CA LYS A 12 53.05 61.78 -76.13
C LYS A 12 53.80 61.28 -74.90
N GLY A 13 53.78 62.11 -73.85
CA GLY A 13 54.54 61.82 -72.65
C GLY A 13 55.99 62.19 -72.72
N TYR A 14 56.39 62.99 -73.71
CA TYR A 14 57.79 63.36 -73.90
C TYR A 14 58.15 64.46 -72.92
N LYS A 15 59.05 64.15 -71.99
CA LYS A 15 59.56 65.11 -71.02
C LYS A 15 61.03 65.39 -71.34
N GLU A 16 61.35 66.65 -71.62
CA GLU A 16 62.71 67.01 -71.97
C GLU A 16 63.62 66.86 -70.76
N LEU A 17 64.88 66.47 -71.04
CA LEU A 17 65.85 66.24 -69.98
C LEU A 17 67.22 66.81 -70.29
N LEU A 18 67.36 67.64 -71.32
CA LEU A 18 68.64 68.19 -71.73
C LEU A 18 68.62 69.70 -71.54
N LEU A 19 69.66 70.22 -70.89
CA LEU A 19 69.78 71.65 -70.66
C LEU A 19 70.37 72.33 -71.89
N PRO A 20 70.24 73.67 -71.96
CA PRO A 20 70.85 74.39 -73.07
C PRO A 20 72.36 74.20 -73.11
N MET A 21 72.91 74.24 -74.32
CA MET A 21 74.34 74.05 -74.49
C MET A 21 75.14 75.11 -73.73
N GLU A 22 74.55 76.27 -73.48
CA GLU A 22 75.24 77.36 -72.80
C GLU A 22 75.33 77.16 -71.30
N MET A 23 74.61 76.18 -70.73
CA MET A 23 74.59 75.96 -69.30
C MET A 23 75.33 74.71 -68.86
N VAL A 24 75.50 73.73 -69.73
CA VAL A 24 76.17 72.48 -69.37
C VAL A 24 77.62 72.77 -69.06
N PRO A 25 78.26 72.02 -68.18
CA PRO A 25 79.67 72.27 -67.87
C PRO A 25 80.56 72.03 -69.08
N LEU A 26 81.83 72.41 -68.92
CA LEU A 26 82.81 72.09 -69.93
C LEU A 26 83.04 70.59 -69.99
N PRO A 27 83.45 70.05 -71.16
CA PRO A 27 83.60 68.60 -71.26
C PRO A 27 84.57 68.02 -70.24
N ALA A 28 85.62 68.75 -69.89
CA ALA A 28 86.57 68.26 -68.91
C ALA A 28 85.90 68.06 -67.55
N VAL A 29 85.04 68.99 -67.17
CA VAL A 29 84.40 68.90 -65.86
C VAL A 29 83.46 67.70 -65.79
N VAL A 30 82.78 67.40 -66.90
CA VAL A 30 81.78 66.33 -66.88
C VAL A 30 82.46 65.00 -66.56
N LEU A 31 83.61 64.74 -67.17
CA LEU A 31 84.30 63.49 -66.96
C LEU A 31 84.60 63.25 -65.48
N LYS A 32 84.80 64.34 -64.72
CA LYS A 32 85.11 64.19 -63.30
C LYS A 32 83.97 63.50 -62.56
N HIS A 33 82.72 63.89 -62.84
CA HIS A 33 81.59 63.25 -62.18
C HIS A 33 81.42 61.81 -62.64
N VAL A 34 81.85 61.50 -63.86
CA VAL A 34 81.70 60.14 -64.36
C VAL A 34 82.48 59.17 -63.49
N LYS A 35 83.72 59.52 -63.15
CA LYS A 35 84.55 58.64 -62.35
C LYS A 35 83.93 58.42 -60.98
N LEU A 36 83.44 59.49 -60.35
CA LEU A 36 82.82 59.35 -59.04
C LEU A 36 81.55 58.51 -59.11
N ILE A 37 80.66 58.83 -60.05
CA ILE A 37 79.39 58.12 -60.15
C ILE A 37 79.63 56.66 -60.50
N LEU A 38 80.50 56.40 -61.48
CA LEU A 38 80.81 55.03 -61.85
C LEU A 38 81.47 54.29 -60.70
N THR A 39 82.54 54.86 -60.14
CA THR A 39 83.31 54.16 -59.13
C THR A 39 82.56 54.09 -57.80
N SER A 40 81.96 55.20 -57.38
CA SER A 40 81.22 55.24 -56.12
C SER A 40 79.80 54.71 -56.35
N GLN A 41 79.74 53.44 -56.74
CA GLN A 41 78.48 52.77 -56.97
C GLN A 41 78.60 51.30 -56.59
N LYS A 42 77.48 50.73 -56.18
CA LYS A 42 77.39 49.33 -55.79
C LYS A 42 76.25 48.67 -56.53
N GLU A 43 76.39 47.36 -56.78
CA GLU A 43 75.39 46.59 -57.52
C GLU A 43 75.17 47.20 -58.90
N HIS A 44 76.24 47.12 -59.70
CA HIS A 44 76.25 47.69 -61.05
C HIS A 44 74.93 47.46 -61.75
N GLN A 45 74.43 48.50 -62.40
CA GLN A 45 73.15 48.50 -63.10
C GLN A 45 73.36 48.76 -64.58
N PRO A 46 72.40 48.38 -65.43
CA PRO A 46 72.62 48.49 -66.87
C PRO A 46 72.96 49.90 -67.33
N TRP A 47 72.33 50.92 -66.74
CA TRP A 47 72.57 52.29 -67.19
C TRP A 47 74.00 52.74 -66.95
N MET A 48 74.72 52.09 -66.02
CA MET A 48 76.11 52.45 -65.79
C MET A 48 76.95 52.18 -67.03
N THR A 49 76.70 51.05 -67.69
CA THR A 49 77.46 50.72 -68.90
C THR A 49 77.24 51.76 -69.99
N GLU A 50 76.00 52.21 -70.15
CA GLU A 50 75.70 53.21 -71.18
C GLU A 50 76.50 54.49 -70.95
N MET A 51 76.60 54.93 -69.70
CA MET A 51 77.32 56.16 -69.40
C MET A 51 78.78 56.05 -69.82
N ALA A 52 79.43 54.93 -69.50
CA ALA A 52 80.85 54.79 -69.81
C ALA A 52 81.08 54.78 -71.31
N LEU A 53 80.23 54.10 -72.07
CA LEU A 53 80.43 54.00 -73.51
C LEU A 53 80.42 55.38 -74.17
N LYS A 54 79.46 56.23 -73.79
CA LYS A 54 79.40 57.57 -74.37
C LYS A 54 80.60 58.40 -73.94
N ALA A 55 81.08 58.21 -72.71
CA ALA A 55 82.17 59.03 -72.19
C ALA A 55 83.42 58.89 -73.06
N ASP A 56 83.77 57.66 -73.41
CA ASP A 56 84.99 57.45 -74.20
C ASP A 56 84.88 58.10 -75.56
N GLN A 57 83.67 58.25 -76.09
CA GLN A 57 83.51 58.88 -77.40
C GLN A 57 84.01 60.32 -77.38
N CYS A 58 83.68 61.07 -76.33
CA CYS A 58 84.15 62.44 -76.23
C CYS A 58 85.68 62.49 -76.20
N LEU A 59 86.30 61.57 -75.47
CA LEU A 59 87.76 61.53 -75.43
C LEU A 59 88.32 61.22 -76.81
N ILE A 60 87.70 60.31 -77.55
CA ILE A 60 88.17 59.98 -78.89
C ILE A 60 88.13 61.20 -79.78
N HIS A 61 87.00 61.90 -79.79
CA HIS A 61 86.91 63.13 -80.56
C HIS A 61 87.86 64.19 -80.02
N LYS A 62 87.97 64.29 -78.69
CA LYS A 62 88.88 65.26 -78.10
C LYS A 62 90.32 64.96 -78.48
N ALA A 63 90.70 63.68 -78.47
CA ALA A 63 92.04 63.29 -78.87
C ALA A 63 92.28 63.42 -80.37
N THR A 64 91.23 63.68 -81.15
CA THR A 64 91.36 63.79 -82.60
C THR A 64 91.75 65.19 -83.05
N LEU A 65 91.43 66.22 -82.26
CA LEU A 65 91.73 67.58 -82.66
C LEU A 65 93.22 67.83 -82.75
N ASP A 66 94.01 67.25 -81.85
CA ASP A 66 95.46 67.44 -81.90
C ASP A 66 96.04 67.01 -83.22
N PRO A 78 86.12 73.08 -92.72
CA PRO A 78 84.92 72.49 -92.11
C PRO A 78 85.17 71.14 -91.45
N LEU A 79 85.81 70.22 -92.17
CA LEU A 79 85.95 68.85 -91.65
C LEU A 79 86.73 68.83 -90.35
N ILE A 80 87.84 69.58 -90.28
CA ILE A 80 88.64 69.62 -89.06
C ILE A 80 87.84 70.19 -87.91
N GLU A 81 87.13 71.29 -88.16
CA GLU A 81 86.33 71.94 -87.12
C GLU A 81 84.96 71.31 -86.94
N ALA A 82 84.51 70.48 -87.89
CA ALA A 82 83.18 69.91 -87.78
C ALA A 82 83.06 69.00 -86.56
N MET A 83 84.09 68.18 -86.29
CA MET A 83 84.01 67.26 -85.17
C MET A 83 83.86 67.99 -83.85
N GLN A 84 84.38 69.22 -83.75
CA GLN A 84 84.28 69.96 -82.50
C GLN A 84 82.83 70.22 -82.12
N GLN A 85 81.94 70.33 -83.12
CA GLN A 85 80.52 70.55 -82.83
C GLN A 85 79.93 69.40 -82.05
N ILE A 86 80.27 68.17 -82.42
CA ILE A 86 79.72 67.00 -81.76
C ILE A 86 80.20 66.92 -80.31
N ILE A 87 81.44 67.33 -80.06
CA ILE A 87 81.99 67.23 -78.71
C ILE A 87 81.11 67.99 -77.73
N LEU A 88 80.75 69.22 -78.07
CA LEU A 88 79.88 70.01 -77.20
C LEU A 88 78.52 69.34 -77.07
N ALA A 89 77.98 68.83 -78.17
CA ALA A 89 76.68 68.16 -78.12
C ALA A 89 76.73 66.92 -77.25
N MET A 90 77.81 66.14 -77.36
CA MET A 90 77.90 64.90 -76.60
C MET A 90 77.78 65.15 -75.10
N THR A 91 78.33 66.26 -74.62
CA THR A 91 78.23 66.60 -73.21
C THR A 91 76.77 66.80 -72.81
N ARG A 92 76.00 67.48 -73.65
CA ARG A 92 74.62 67.79 -73.30
C ARG A 92 73.83 66.52 -73.02
N GLU A 93 73.97 65.51 -73.88
CA GLU A 93 73.31 64.24 -73.62
C GLU A 93 73.95 63.54 -72.43
N LEU A 94 75.28 63.62 -72.33
CA LEU A 94 75.98 62.96 -71.22
C LEU A 94 75.60 63.57 -69.88
N TRP A 95 75.53 64.89 -69.81
CA TRP A 95 75.19 65.54 -68.55
C TRP A 95 73.78 65.20 -68.10
N GLY A 96 72.90 64.85 -69.03
CA GLY A 96 71.54 64.51 -68.65
C GLY A 96 71.48 63.30 -67.74
N GLN A 97 72.31 62.29 -68.00
CA GLN A 97 72.31 61.11 -67.16
C GLN A 97 72.91 61.39 -65.79
N ILE A 98 73.86 62.33 -65.72
CA ILE A 98 74.47 62.67 -64.44
C ILE A 98 73.40 63.18 -63.46
N GLN A 99 72.56 64.10 -63.93
CA GLN A 99 71.53 64.66 -63.06
C GLN A 99 70.50 63.62 -62.67
N ARG A 100 70.21 62.66 -63.55
CA ARG A 100 69.27 61.59 -63.20
C ARG A 100 69.79 60.79 -62.02
N HIS A 101 71.09 60.46 -62.02
CA HIS A 101 71.66 59.72 -60.90
C HIS A 101 71.67 60.55 -59.63
N HIS A 102 72.10 61.81 -59.73
CA HIS A 102 72.19 62.67 -58.56
C HIS A 102 70.80 63.06 -58.07
N TYR A 103 70.04 63.77 -58.90
CA TYR A 103 68.72 64.27 -58.49
C TYR A 103 67.65 63.19 -58.63
N GLY A 104 67.44 62.72 -59.85
CA GLY A 104 66.37 61.78 -60.15
C GLY A 104 65.68 62.21 -61.43
N ILE A 105 65.14 61.23 -62.15
CA ILE A 105 64.53 61.53 -63.45
C ILE A 105 63.34 62.46 -63.29
N VAL A 106 62.49 62.20 -62.30
CA VAL A 106 61.28 63.00 -62.13
C VAL A 106 61.63 64.44 -61.82
N GLN A 107 62.56 64.64 -60.89
CA GLN A 107 62.91 66.00 -60.48
C GLN A 107 63.53 66.78 -61.63
N VAL A 108 64.32 66.11 -62.47
CA VAL A 108 65.00 66.81 -63.56
C VAL A 108 63.99 67.42 -64.51
N GLU A 109 62.93 66.69 -64.84
CA GLU A 109 61.93 67.19 -65.76
C GLU A 109 61.41 68.56 -65.31
N HIS A 110 61.05 68.66 -64.02
CA HIS A 110 60.58 69.94 -63.49
C HIS A 110 61.66 71.01 -63.59
N TYR A 111 62.91 70.65 -63.25
CA TYR A 111 63.97 71.64 -63.24
C TYR A 111 64.21 72.23 -64.63
N VAL A 112 64.21 71.38 -65.67
CA VAL A 112 64.50 71.87 -67.01
C VAL A 112 63.44 72.88 -67.45
N LYS A 113 62.16 72.54 -67.25
CA LYS A 113 61.10 73.45 -67.66
C LYS A 113 61.18 74.77 -66.88
N GLN A 114 61.47 74.69 -65.58
CA GLN A 114 61.66 75.91 -64.81
C GLN A 114 62.81 76.73 -65.37
N ILE A 115 63.91 76.07 -65.74
CA ILE A 115 65.02 76.77 -66.36
C ILE A 115 64.59 77.34 -67.70
N THR A 116 63.86 76.56 -68.49
CA THR A 116 63.44 77.01 -69.81
C THR A 116 62.58 78.26 -69.71
N LEU A 117 61.55 78.22 -68.86
CA LEU A 117 60.72 79.40 -68.66
C LEU A 117 61.54 80.56 -68.11
N TRP A 118 62.43 80.27 -67.15
CA TRP A 118 63.30 81.31 -66.62
C TRP A 118 64.16 81.92 -67.71
N GLN A 119 64.72 81.08 -68.59
CA GLN A 119 65.52 81.60 -69.70
C GLN A 119 64.63 82.30 -70.72
N ASP A 120 63.41 81.81 -70.91
CA ASP A 120 62.52 82.42 -71.90
C ASP A 120 62.14 83.85 -71.52
N THR A 121 61.84 84.07 -70.25
CA THR A 121 61.42 85.39 -69.81
C THR A 121 62.55 86.39 -70.03
N PRO A 122 62.25 87.62 -70.47
CA PRO A 122 63.32 88.60 -70.66
C PRO A 122 64.06 88.91 -69.37
N GLN A 123 65.35 89.20 -69.52
CA GLN A 123 66.21 89.42 -68.36
C GLN A 123 65.75 90.60 -67.52
N ALA A 124 64.98 91.53 -68.09
CA ALA A 124 64.54 92.70 -67.34
C ALA A 124 63.70 92.29 -66.14
N PHE A 125 62.79 91.33 -66.32
CA PHE A 125 61.92 90.83 -65.26
C PHE A 125 62.03 89.32 -65.14
N ARG A 126 63.20 88.77 -65.46
CA ARG A 126 63.37 87.32 -65.46
C ARG A 126 63.20 86.74 -64.05
N GLY A 127 63.78 87.40 -63.05
CA GLY A 127 63.72 86.92 -61.69
C GLY A 127 64.90 86.06 -61.31
N ASP A 128 64.89 85.62 -60.05
CA ASP A 128 65.99 84.82 -59.54
C ASP A 128 66.01 83.45 -60.23
N GLN A 129 67.20 82.99 -60.55
CA GLN A 129 67.35 81.68 -61.19
C GLN A 129 66.94 80.58 -60.22
N PRO A 130 66.11 79.63 -60.63
CA PRO A 130 65.71 78.55 -59.71
C PRO A 130 66.89 77.66 -59.36
N LYS A 131 66.82 77.10 -58.17
CA LYS A 131 67.87 76.22 -57.67
C LYS A 131 67.60 74.78 -58.05
N PRO A 132 68.62 73.94 -58.10
CA PRO A 132 68.43 72.54 -58.47
C PRO A 132 67.51 71.83 -57.48
N PRO A 133 66.91 70.70 -57.88
CA PRO A 133 66.02 69.98 -56.97
C PRO A 133 66.78 69.30 -55.83
N SER A 134 66.06 68.58 -54.99
CA SER A 134 66.66 67.84 -53.89
C SER A 134 67.24 66.53 -54.38
N PHE A 135 68.32 66.10 -53.73
CA PHE A 135 68.99 64.87 -54.12
C PHE A 135 68.11 63.65 -53.86
N THR B 3 -90.43 48.98 -65.72
CA THR B 3 -89.57 49.85 -64.92
C THR B 3 -88.67 49.06 -63.98
N PHE B 4 -89.08 47.85 -63.59
CA PHE B 4 -88.22 47.03 -62.74
C PHE B 4 -86.90 46.72 -63.41
N ILE B 5 -86.92 46.43 -64.72
CA ILE B 5 -85.68 46.16 -65.44
C ILE B 5 -84.75 47.36 -65.33
N GLU B 6 -85.30 48.56 -65.42
CA GLU B 6 -84.50 49.76 -65.22
C GLU B 6 -83.88 49.77 -63.82
N LEU B 7 -84.65 49.37 -62.82
CA LEU B 7 -84.13 49.34 -61.46
C LEU B 7 -82.97 48.36 -61.34
N VAL B 8 -82.91 47.36 -62.22
CA VAL B 8 -81.82 46.40 -62.21
C VAL B 8 -80.81 46.67 -63.33
N LYS B 9 -81.20 47.41 -64.37
CA LYS B 9 -80.28 47.70 -65.46
C LYS B 9 -79.02 48.40 -64.95
N ASN B 10 -79.13 49.13 -63.84
CA ASN B 10 -77.97 49.79 -63.25
C ASN B 10 -77.15 48.86 -62.36
N MET B 11 -77.68 47.69 -62.01
CA MET B 11 -76.94 46.77 -61.16
C MET B 11 -75.70 46.25 -61.88
N LYS B 12 -74.66 45.98 -61.10
CA LYS B 12 -73.40 45.51 -61.67
C LYS B 12 -73.57 44.17 -62.37
N GLY B 13 -74.32 43.25 -61.75
CA GLY B 13 -74.45 41.91 -62.29
C GLY B 13 -75.61 41.74 -63.24
N TYR B 14 -76.27 42.84 -63.59
CA TYR B 14 -77.40 42.78 -64.52
C TYR B 14 -76.94 42.30 -65.89
N LYS B 15 -77.76 41.47 -66.53
CA LYS B 15 -77.44 40.89 -67.82
C LYS B 15 -78.68 40.90 -68.70
N GLU B 16 -78.45 40.94 -70.01
CA GLU B 16 -79.54 40.87 -70.99
C GLU B 16 -79.83 39.40 -71.29
N LEU B 17 -80.57 38.78 -70.36
CA LEU B 17 -80.93 37.38 -70.52
C LEU B 17 -81.90 37.16 -71.67
N LEU B 18 -82.57 38.21 -72.13
CA LEU B 18 -83.54 38.09 -73.22
C LEU B 18 -82.78 37.93 -74.53
N LEU B 19 -82.69 36.69 -75.01
CA LEU B 19 -81.96 36.42 -76.24
C LEU B 19 -82.74 36.90 -77.45
N PRO B 20 -82.09 37.03 -78.60
CA PRO B 20 -82.78 37.52 -79.79
C PRO B 20 -83.98 36.66 -80.14
N MET B 21 -85.04 37.31 -80.62
CA MET B 21 -86.26 36.59 -80.98
C MET B 21 -85.98 35.56 -82.08
N GLU B 22 -85.19 35.94 -83.09
CA GLU B 22 -84.88 35.01 -84.16
C GLU B 22 -84.11 33.80 -83.63
N MET B 23 -83.33 33.99 -82.57
CA MET B 23 -82.51 32.90 -82.06
C MET B 23 -83.36 31.74 -81.54
N VAL B 24 -84.43 32.05 -80.80
CA VAL B 24 -85.24 31.03 -80.17
C VAL B 24 -86.20 30.40 -81.18
N PRO B 25 -86.61 29.15 -80.99
CA PRO B 25 -87.58 28.54 -81.91
C PRO B 25 -89.02 28.90 -81.56
N LEU B 26 -89.97 28.27 -82.24
CA LEU B 26 -91.38 28.54 -81.98
C LEU B 26 -91.76 28.03 -80.59
N PRO B 27 -92.85 28.56 -80.02
CA PRO B 27 -93.21 28.18 -78.65
C PRO B 27 -93.42 26.69 -78.47
N ALA B 28 -94.00 26.01 -79.47
CA ALA B 28 -94.33 24.60 -79.31
C ALA B 28 -93.07 23.76 -79.10
N VAL B 29 -92.00 24.06 -79.84
CA VAL B 29 -90.79 23.25 -79.74
C VAL B 29 -90.15 23.44 -78.38
N VAL B 30 -90.19 24.65 -77.83
CA VAL B 30 -89.55 24.92 -76.55
C VAL B 30 -90.15 24.05 -75.46
N LEU B 31 -91.49 23.93 -75.46
CA LEU B 31 -92.15 23.11 -74.45
C LEU B 31 -91.62 21.69 -74.44
N LYS B 32 -91.18 21.19 -75.60
CA LYS B 32 -90.64 19.84 -75.66
C LYS B 32 -89.39 19.71 -74.80
N HIS B 33 -88.51 20.70 -74.86
CA HIS B 33 -87.27 20.63 -74.09
C HIS B 33 -87.52 20.78 -72.60
N VAL B 34 -88.60 21.47 -72.21
CA VAL B 34 -88.90 21.63 -70.79
C VAL B 34 -89.16 20.27 -70.15
N LYS B 35 -89.95 19.43 -70.82
CA LYS B 35 -90.18 18.08 -70.32
C LYS B 35 -88.87 17.29 -70.28
N LEU B 36 -88.06 17.40 -71.33
CA LEU B 36 -86.83 16.63 -71.40
C LEU B 36 -85.84 17.08 -70.33
N ILE B 37 -85.68 18.39 -70.14
CA ILE B 37 -84.72 18.89 -69.16
C ILE B 37 -85.20 18.59 -67.75
N LEU B 38 -86.48 18.82 -67.47
CA LEU B 38 -87.03 18.52 -66.15
C LEU B 38 -86.94 17.02 -65.88
N THR B 39 -87.31 16.20 -66.86
CA THR B 39 -87.25 14.76 -66.66
C THR B 39 -85.82 14.29 -66.42
N SER B 40 -84.87 14.79 -67.21
CA SER B 40 -83.49 14.36 -67.06
C SER B 40 -82.94 14.76 -65.69
N GLN B 41 -83.22 15.98 -65.25
CA GLN B 41 -82.69 16.47 -63.98
C GLN B 41 -83.32 15.70 -62.83
N LYS B 42 -82.51 15.43 -61.80
CA LYS B 42 -82.95 14.64 -60.66
C LYS B 42 -82.98 15.44 -59.37
N GLU B 43 -81.89 16.13 -59.03
CA GLU B 43 -81.86 16.88 -57.77
C GLU B 43 -82.90 17.98 -57.80
N HIS B 44 -83.58 18.16 -56.66
CA HIS B 44 -84.66 19.15 -56.55
C HIS B 44 -84.08 20.48 -56.08
N GLN B 45 -84.28 21.51 -56.88
CA GLN B 45 -83.92 22.87 -56.56
C GLN B 45 -85.08 23.79 -56.90
N PRO B 46 -85.14 24.98 -56.30
CA PRO B 46 -86.29 25.86 -56.55
C PRO B 46 -86.43 26.28 -58.01
N TRP B 47 -85.35 26.29 -58.79
CA TRP B 47 -85.46 26.78 -60.17
C TRP B 47 -86.37 25.89 -61.01
N MET B 48 -86.24 24.56 -60.87
CA MET B 48 -87.10 23.67 -61.64
C MET B 48 -88.56 23.81 -61.21
N THR B 49 -88.80 23.98 -59.90
CA THR B 49 -90.15 24.20 -59.43
C THR B 49 -90.73 25.47 -60.03
N GLU B 50 -89.96 26.55 -60.05
CA GLU B 50 -90.41 27.80 -60.67
C GLU B 50 -90.36 27.73 -62.18
N MET B 51 -89.44 26.94 -62.73
CA MET B 51 -89.32 26.83 -64.18
C MET B 51 -90.60 26.24 -64.78
N ALA B 52 -91.16 25.22 -64.14
CA ALA B 52 -92.40 24.62 -64.64
C ALA B 52 -93.54 25.63 -64.61
N LEU B 53 -93.64 26.40 -63.54
CA LEU B 53 -94.73 27.37 -63.42
C LEU B 53 -94.66 28.41 -64.52
N LYS B 54 -93.45 28.89 -64.83
CA LYS B 54 -93.31 29.91 -65.87
C LYS B 54 -93.75 29.37 -67.22
N ALA B 55 -93.41 28.12 -67.52
CA ALA B 55 -93.80 27.53 -68.79
C ALA B 55 -95.28 27.18 -68.83
N ASP B 56 -95.88 26.92 -67.66
CA ASP B 56 -97.28 26.52 -67.62
C ASP B 56 -98.18 27.62 -68.19
N GLN B 57 -97.88 28.88 -67.88
CA GLN B 57 -98.73 29.97 -68.32
C GLN B 57 -98.91 29.97 -69.83
N CYS B 58 -97.86 29.61 -70.58
CA CYS B 58 -97.95 29.58 -72.03
C CYS B 58 -99.02 28.61 -72.50
N LEU B 59 -99.20 27.49 -71.79
CA LEU B 59 -100.21 26.52 -72.20
C LEU B 59 -101.61 27.11 -72.14
N ILE B 60 -101.90 27.88 -71.09
CA ILE B 60 -103.23 28.46 -70.95
C ILE B 60 -103.52 29.40 -72.12
N HIS B 61 -102.53 30.21 -72.49
CA HIS B 61 -102.74 31.13 -73.60
C HIS B 61 -103.00 30.39 -74.91
N LYS B 62 -102.40 29.21 -75.08
CA LYS B 62 -102.66 28.42 -76.28
C LYS B 62 -104.14 28.11 -76.41
N ALA B 63 -104.75 27.61 -75.34
CA ALA B 63 -106.18 27.31 -75.37
C ALA B 63 -107.04 28.56 -75.28
N THR B 64 -106.58 29.57 -74.55
CA THR B 64 -107.36 30.80 -74.42
C THR B 64 -107.63 31.42 -75.79
N LEU B 65 -106.58 31.56 -76.61
CA LEU B 65 -106.76 32.10 -77.95
C LEU B 65 -107.39 31.06 -78.88
N PRO B 78 -106.31 44.92 -80.53
CA PRO B 78 -105.12 45.17 -79.69
C PRO B 78 -104.93 44.16 -78.59
N LEU B 79 -106.03 43.66 -78.01
CA LEU B 79 -105.92 42.69 -76.93
C LEU B 79 -105.34 41.38 -77.42
N ILE B 80 -105.90 40.84 -78.51
CA ILE B 80 -105.42 39.55 -79.02
C ILE B 80 -103.99 39.67 -79.51
N GLU B 81 -103.67 40.75 -80.23
CA GLU B 81 -102.33 40.92 -80.78
C GLU B 81 -101.29 40.98 -79.67
N ALA B 82 -101.60 41.68 -78.59
CA ALA B 82 -100.65 41.78 -77.48
C ALA B 82 -100.34 40.41 -76.90
N MET B 83 -101.35 39.55 -76.76
CA MET B 83 -101.13 38.23 -76.19
C MET B 83 -100.15 37.43 -77.05
N GLN B 84 -100.24 37.56 -78.37
CA GLN B 84 -99.32 36.85 -79.24
C GLN B 84 -97.88 37.24 -78.96
N GLN B 85 -97.64 38.55 -78.77
CA GLN B 85 -96.29 39.00 -78.42
C GLN B 85 -95.91 38.55 -77.00
N ILE B 86 -96.89 38.50 -76.10
CA ILE B 86 -96.59 38.09 -74.73
C ILE B 86 -96.08 36.66 -74.69
N ILE B 87 -96.70 35.77 -75.47
CA ILE B 87 -96.27 34.38 -75.49
C ILE B 87 -94.81 34.29 -75.94
N LEU B 88 -94.45 35.04 -76.99
CA LEU B 88 -93.06 35.03 -77.45
C LEU B 88 -92.13 35.61 -76.40
N ALA B 89 -92.62 36.53 -75.56
CA ALA B 89 -91.78 37.10 -74.52
C ALA B 89 -91.33 36.03 -73.53
N MET B 90 -92.25 35.13 -73.15
CA MET B 90 -91.89 34.08 -72.20
C MET B 90 -90.97 33.05 -72.83
N THR B 91 -91.13 32.80 -74.14
CA THR B 91 -90.28 31.81 -74.80
C THR B 91 -88.82 32.21 -74.72
N ARG B 92 -88.51 33.48 -74.94
CA ARG B 92 -87.13 33.93 -74.83
C ARG B 92 -86.59 33.71 -73.43
N GLU B 93 -87.41 34.01 -72.41
CA GLU B 93 -86.98 33.81 -71.03
C GLU B 93 -86.75 32.33 -70.75
N LEU B 94 -87.66 31.46 -71.24
CA LEU B 94 -87.53 30.04 -70.98
C LEU B 94 -86.28 29.47 -71.64
N TRP B 95 -86.00 29.86 -72.88
CA TRP B 95 -84.85 29.31 -73.59
C TRP B 95 -83.55 29.67 -72.89
N GLY B 96 -83.52 30.80 -72.19
CA GLY B 96 -82.31 31.18 -71.46
C GLY B 96 -81.95 30.18 -70.39
N GLN B 97 -82.93 29.79 -69.59
CA GLN B 97 -82.68 28.79 -68.54
C GLN B 97 -82.29 27.45 -69.15
N ILE B 98 -82.90 27.10 -70.29
CA ILE B 98 -82.55 25.85 -70.96
C ILE B 98 -81.08 25.83 -71.34
N GLN B 99 -80.62 26.90 -72.00
CA GLN B 99 -79.23 26.95 -72.45
C GLN B 99 -78.27 27.08 -71.27
N ARG B 100 -78.61 27.93 -70.29
CA ARG B 100 -77.75 28.11 -69.14
C ARG B 100 -77.59 26.82 -68.35
N HIS B 101 -78.69 26.08 -68.18
CA HIS B 101 -78.62 24.83 -67.44
C HIS B 101 -77.79 23.78 -68.17
N HIS B 102 -78.00 23.66 -69.49
CA HIS B 102 -77.27 22.66 -70.26
C HIS B 102 -75.78 22.97 -70.31
N TYR B 103 -75.43 24.20 -70.69
CA TYR B 103 -74.04 24.60 -70.83
C TYR B 103 -73.53 25.33 -69.58
N GLY B 104 -74.16 26.44 -69.25
CA GLY B 104 -73.73 27.25 -68.12
C GLY B 104 -74.15 28.68 -68.29
N ILE B 105 -74.18 29.40 -67.16
CA ILE B 105 -74.63 30.79 -67.17
C ILE B 105 -73.65 31.66 -67.96
N VAL B 106 -72.35 31.47 -67.72
CA VAL B 106 -71.35 32.31 -68.37
C VAL B 106 -71.29 32.03 -69.86
N GLN B 107 -71.40 30.76 -70.25
CA GLN B 107 -71.24 30.40 -71.66
C GLN B 107 -72.32 31.06 -72.51
N VAL B 108 -73.57 31.05 -72.05
CA VAL B 108 -74.64 31.68 -72.81
C VAL B 108 -74.38 33.17 -72.95
N GLU B 109 -74.04 33.83 -71.84
CA GLU B 109 -73.70 35.25 -71.90
C GLU B 109 -72.50 35.49 -72.80
N HIS B 110 -71.56 34.53 -72.82
CA HIS B 110 -70.36 34.68 -73.64
C HIS B 110 -70.65 34.39 -75.12
N TYR B 111 -71.54 33.44 -75.40
CA TYR B 111 -71.77 33.00 -76.78
C TYR B 111 -72.87 33.80 -77.48
N VAL B 112 -73.82 34.35 -76.75
CA VAL B 112 -74.94 35.04 -77.38
C VAL B 112 -74.44 36.22 -78.21
N LYS B 113 -73.50 36.99 -77.66
CA LYS B 113 -73.03 38.18 -78.36
C LYS B 113 -72.31 37.82 -79.66
N GLN B 114 -71.57 36.71 -79.65
CA GLN B 114 -70.77 36.34 -80.81
C GLN B 114 -71.64 36.19 -82.05
N ILE B 115 -72.76 35.46 -81.93
CA ILE B 115 -73.61 35.21 -83.08
C ILE B 115 -74.26 36.50 -83.55
N THR B 116 -74.61 37.39 -82.61
CA THR B 116 -75.21 38.66 -83.00
C THR B 116 -74.26 39.47 -83.86
N LEU B 117 -72.98 39.48 -83.49
CA LEU B 117 -71.99 40.20 -84.29
C LEU B 117 -71.89 39.62 -85.70
N TRP B 118 -71.89 38.29 -85.80
CA TRP B 118 -71.77 37.66 -87.11
C TRP B 118 -72.92 38.07 -88.04
N GLN B 119 -74.06 38.44 -87.46
CA GLN B 119 -75.19 38.89 -88.27
C GLN B 119 -75.07 40.37 -88.63
N ASP B 120 -74.82 41.22 -87.63
CA ASP B 120 -74.71 42.66 -87.85
C ASP B 120 -73.35 42.96 -88.46
N THR B 121 -73.22 42.63 -89.74
CA THR B 121 -71.98 42.83 -90.47
C THR B 121 -72.32 42.87 -91.96
N PRO B 122 -71.55 43.59 -92.79
CA PRO B 122 -71.93 43.70 -94.21
C PRO B 122 -71.77 42.40 -94.97
N GLN B 123 -72.69 41.47 -94.72
CA GLN B 123 -72.80 40.20 -95.46
C GLN B 123 -71.45 39.60 -95.85
N ALA B 124 -70.72 40.26 -96.76
CA ALA B 124 -69.53 39.64 -97.33
C ALA B 124 -68.53 39.25 -96.24
N PHE B 125 -68.18 40.20 -95.38
CA PHE B 125 -67.25 39.93 -94.28
C PHE B 125 -68.00 39.57 -93.01
N ARG B 126 -68.93 38.62 -93.11
CA ARG B 126 -69.72 38.24 -91.94
C ARG B 126 -68.86 37.53 -90.91
N GLY B 127 -67.94 36.68 -91.36
CA GLY B 127 -67.08 35.94 -90.46
C GLY B 127 -66.82 34.53 -90.95
N ASP B 128 -66.96 33.55 -90.06
CA ASP B 128 -66.72 32.16 -90.41
C ASP B 128 -67.78 31.24 -89.81
N GLN B 129 -69.01 31.75 -89.66
CA GLN B 129 -70.09 30.94 -89.11
C GLN B 129 -69.70 30.43 -87.73
N PRO B 130 -69.64 31.30 -86.72
CA PRO B 130 -69.11 30.87 -85.41
C PRO B 130 -69.81 29.63 -84.89
N LYS B 131 -69.02 28.70 -84.39
CA LYS B 131 -69.55 27.43 -83.92
C LYS B 131 -70.32 27.63 -82.61
N PRO B 132 -71.38 26.86 -82.39
CA PRO B 132 -72.08 26.92 -81.10
C PRO B 132 -71.23 26.33 -79.99
N PRO B 133 -71.52 26.67 -78.73
CA PRO B 133 -70.66 26.21 -77.64
C PRO B 133 -70.63 24.69 -77.55
N THR C 3 43.07 -3.31 -120.53
CA THR C 3 43.53 -4.48 -119.80
C THR C 3 43.17 -4.37 -118.32
N PHE C 4 43.33 -3.19 -117.73
CA PHE C 4 43.08 -3.02 -116.30
C PHE C 4 41.63 -3.32 -115.95
N ILE C 5 40.69 -2.83 -116.76
CA ILE C 5 39.28 -3.03 -116.45
C ILE C 5 38.95 -4.51 -116.43
N GLU C 6 39.57 -5.28 -117.33
CA GLU C 6 39.38 -6.72 -117.31
C GLU C 6 39.80 -7.31 -115.97
N LEU C 7 40.92 -6.82 -115.42
CA LEU C 7 41.39 -7.32 -114.14
C LEU C 7 40.40 -7.00 -113.02
N VAL C 8 39.83 -5.80 -113.05
CA VAL C 8 38.90 -5.41 -111.99
C VAL C 8 37.61 -6.21 -112.08
N LYS C 9 37.13 -6.47 -113.30
CA LYS C 9 35.93 -7.28 -113.45
C LYS C 9 36.09 -8.65 -112.80
N ASN C 10 37.32 -9.13 -112.70
CA ASN C 10 37.60 -10.39 -112.02
C ASN C 10 37.75 -10.16 -110.51
N MET C 11 36.69 -9.62 -109.92
CA MET C 11 36.67 -9.29 -108.51
C MET C 11 35.28 -9.57 -107.94
N LYS C 12 35.24 -9.70 -106.62
CA LYS C 12 34.02 -10.08 -105.93
C LYS C 12 33.26 -8.84 -105.47
N GLY C 13 31.94 -8.89 -105.61
CA GLY C 13 31.11 -7.73 -105.32
C GLY C 13 31.05 -6.71 -106.43
N TYR C 14 31.49 -7.05 -107.64
CA TYR C 14 31.52 -6.11 -108.75
C TYR C 14 30.12 -5.98 -109.34
N LYS C 15 29.54 -4.79 -109.22
CA LYS C 15 28.23 -4.47 -109.79
C LYS C 15 28.43 -3.49 -110.93
N GLU C 16 28.02 -3.87 -112.13
CA GLU C 16 28.19 -3.02 -113.29
C GLU C 16 27.30 -1.79 -113.18
N LEU C 17 27.79 -0.67 -113.70
CA LEU C 17 27.06 0.60 -113.62
C LEU C 17 27.08 1.38 -114.93
N LEU C 18 27.53 0.79 -116.03
CA LEU C 18 27.65 1.48 -117.30
C LEU C 18 26.69 0.85 -118.31
N LEU C 19 25.93 1.70 -118.98
CA LEU C 19 24.98 1.24 -119.99
C LEU C 19 25.68 1.01 -121.32
N PRO C 20 25.03 0.30 -122.24
CA PRO C 20 25.63 0.12 -123.56
C PRO C 20 25.83 1.45 -124.27
N MET C 21 26.86 1.50 -125.11
CA MET C 21 27.17 2.72 -125.84
C MET C 21 26.01 3.16 -126.71
N GLU C 22 25.16 2.23 -127.13
CA GLU C 22 24.04 2.54 -128.01
C GLU C 22 22.87 3.19 -127.28
N MET C 23 22.88 3.21 -125.95
CA MET C 23 21.78 3.76 -125.18
C MET C 23 22.10 5.07 -124.49
N VAL C 24 23.37 5.37 -124.25
CA VAL C 24 23.75 6.60 -123.56
C VAL C 24 23.40 7.79 -124.44
N PRO C 25 23.10 8.95 -123.88
CA PRO C 25 22.75 10.11 -124.71
C PRO C 25 23.95 10.56 -125.53
N LEU C 26 23.68 11.50 -126.43
CA LEU C 26 24.76 12.13 -127.17
C LEU C 26 25.62 12.98 -126.24
N PRO C 27 26.90 13.18 -126.56
CA PRO C 27 27.77 13.92 -125.64
C PRO C 27 27.25 15.31 -125.32
N ALA C 28 26.62 15.98 -126.29
CA ALA C 28 26.09 17.32 -126.04
C ALA C 28 25.02 17.29 -124.97
N VAL C 29 24.15 16.28 -125.00
CA VAL C 29 23.06 16.21 -124.04
C VAL C 29 23.60 16.00 -122.63
N VAL C 30 24.66 15.19 -122.49
CA VAL C 30 25.15 14.85 -121.17
C VAL C 30 25.62 16.11 -120.44
N LEU C 31 26.33 16.98 -121.15
CA LEU C 31 26.84 18.19 -120.53
C LEU C 31 25.73 19.02 -119.91
N LYS C 32 24.52 18.95 -120.48
CA LYS C 32 23.41 19.73 -119.96
C LYS C 32 23.08 19.34 -118.52
N HIS C 33 23.06 18.03 -118.23
CA HIS C 33 22.78 17.59 -116.87
C HIS C 33 23.92 17.95 -115.93
N VAL C 34 25.15 18.04 -116.44
CA VAL C 34 26.29 18.36 -115.60
C VAL C 34 26.10 19.73 -114.96
N LYS C 35 25.68 20.71 -115.75
CA LYS C 35 25.50 22.06 -115.23
C LYS C 35 24.43 22.09 -114.16
N LEU C 36 23.31 21.40 -114.40
CA LEU C 36 22.23 21.38 -113.41
C LEU C 36 22.69 20.68 -112.14
N ILE C 37 23.27 19.49 -112.28
CA ILE C 37 23.66 18.72 -111.10
C ILE C 37 24.75 19.45 -110.32
N LEU C 38 25.76 19.96 -111.02
CA LEU C 38 26.81 20.72 -110.36
C LEU C 38 26.25 21.97 -109.71
N THR C 39 25.53 22.79 -110.48
CA THR C 39 25.08 24.08 -109.97
C THR C 39 23.95 23.91 -108.95
N SER C 40 22.98 23.05 -109.24
CA SER C 40 21.85 22.82 -108.35
C SER C 40 22.26 21.81 -107.27
N GLN C 41 23.26 22.20 -106.49
CA GLN C 41 23.75 21.37 -105.40
C GLN C 41 24.20 22.25 -104.25
N LYS C 42 24.10 21.71 -103.04
CA LYS C 42 24.51 22.39 -101.83
C LYS C 42 25.43 21.49 -101.03
N GLU C 43 26.33 22.11 -100.27
CA GLU C 43 27.31 21.37 -99.47
C GLU C 43 28.16 20.47 -100.36
N HIS C 44 28.93 21.13 -101.22
CA HIS C 44 29.77 20.45 -102.21
C HIS C 44 30.44 19.23 -101.60
N GLN C 45 30.40 18.13 -102.36
CA GLN C 45 30.93 16.85 -101.95
C GLN C 45 32.07 16.43 -102.87
N PRO C 46 32.94 15.51 -102.41
CA PRO C 46 34.12 15.18 -103.24
C PRO C 46 33.78 14.68 -104.62
N TRP C 47 32.71 13.89 -104.77
CA TRP C 47 32.38 13.34 -106.08
C TRP C 47 32.01 14.41 -107.09
N MET C 48 31.59 15.60 -106.63
CA MET C 48 31.28 16.67 -107.56
C MET C 48 32.52 17.09 -108.34
N THR C 49 33.67 17.17 -107.67
CA THR C 49 34.89 17.56 -108.35
C THR C 49 35.26 16.55 -109.43
N GLU C 50 35.09 15.26 -109.15
CA GLU C 50 35.43 14.24 -110.14
C GLU C 50 34.60 14.40 -111.40
N MET C 51 33.31 14.70 -111.25
CA MET C 51 32.44 14.85 -112.41
C MET C 51 32.92 15.98 -113.32
N ALA C 52 33.28 17.12 -112.73
CA ALA C 52 33.69 18.26 -113.53
C ALA C 52 34.97 17.98 -114.29
N LEU C 53 35.94 17.32 -113.64
CA LEU C 53 37.21 17.06 -114.29
C LEU C 53 37.05 16.22 -115.54
N LYS C 54 36.23 15.17 -115.48
CA LYS C 54 36.01 14.34 -116.65
C LYS C 54 35.26 15.10 -117.74
N ALA C 55 34.35 15.99 -117.35
CA ALA C 55 33.53 16.70 -118.32
C ALA C 55 34.39 17.52 -119.27
N ASP C 56 35.37 18.26 -118.73
CA ASP C 56 36.20 19.11 -119.56
C ASP C 56 37.01 18.28 -120.56
N GLN C 57 37.32 17.02 -120.22
CA GLN C 57 38.10 16.19 -121.13
C GLN C 57 37.35 15.96 -122.44
N CYS C 58 36.04 15.70 -122.35
CA CYS C 58 35.25 15.51 -123.57
C CYS C 58 35.27 16.77 -124.43
N LEU C 59 35.17 17.94 -123.81
CA LEU C 59 35.23 19.18 -124.55
C LEU C 59 36.58 19.34 -125.22
N ILE C 60 37.67 18.99 -124.52
CA ILE C 60 39.00 19.10 -125.11
C ILE C 60 39.11 18.22 -126.35
N HIS C 61 38.69 16.96 -126.24
CA HIS C 61 38.69 16.09 -127.40
C HIS C 61 37.73 16.59 -128.46
N LYS C 62 36.55 17.06 -128.03
CA LYS C 62 35.57 17.59 -128.99
C LYS C 62 36.13 18.80 -129.72
N ALA C 63 36.82 19.69 -129.00
CA ALA C 63 37.43 20.85 -129.63
C ALA C 63 38.64 20.51 -130.48
N THR C 64 39.11 19.26 -130.41
CA THR C 64 40.29 18.85 -131.17
C THR C 64 39.95 18.40 -132.59
N LEU C 65 38.72 17.92 -132.82
CA LEU C 65 38.36 17.43 -134.14
C LEU C 65 38.38 18.55 -135.19
N ASP C 66 37.96 19.76 -134.82
CA ASP C 66 37.96 20.86 -135.78
C ASP C 66 39.35 21.11 -136.34
N PRO C 78 43.72 7.03 -139.24
CA PRO C 78 43.45 6.50 -137.89
C PRO C 78 43.62 7.53 -136.79
N LEU C 79 44.74 8.24 -136.76
CA LEU C 79 45.04 9.12 -135.64
C LEU C 79 43.98 10.22 -135.51
N ILE C 80 43.58 10.82 -136.63
CA ILE C 80 42.57 11.88 -136.59
C ILE C 80 41.25 11.32 -136.07
N GLU C 81 40.84 10.16 -136.58
CA GLU C 81 39.58 9.54 -136.19
C GLU C 81 39.69 8.74 -134.91
N ALA C 82 40.91 8.42 -134.44
CA ALA C 82 41.06 7.61 -133.25
C ALA C 82 40.50 8.31 -132.02
N MET C 83 40.75 9.61 -131.88
CA MET C 83 40.29 10.34 -130.71
C MET C 83 38.77 10.31 -130.60
N GLN C 84 38.07 10.23 -131.73
CA GLN C 84 36.61 10.21 -131.70
C GLN C 84 36.09 9.02 -130.92
N GLN C 85 36.83 7.90 -130.92
CA GLN C 85 36.39 6.72 -130.19
C GLN C 85 36.31 6.99 -128.70
N ILE C 86 37.30 7.72 -128.16
CA ILE C 86 37.32 7.98 -126.72
C ILE C 86 36.17 8.89 -126.33
N ILE C 87 35.79 9.83 -127.20
CA ILE C 87 34.72 10.77 -126.88
C ILE C 87 33.45 10.02 -126.53
N LEU C 88 33.07 9.05 -127.37
CA LEU C 88 31.88 8.25 -127.09
C LEU C 88 32.05 7.46 -125.80
N ALA C 89 33.23 6.88 -125.59
CA ALA C 89 33.47 6.12 -124.39
C ALA C 89 33.39 6.99 -123.14
N MET C 90 33.94 8.21 -123.22
CA MET C 90 33.96 9.09 -122.06
C MET C 90 32.56 9.36 -121.55
N THR C 91 31.59 9.48 -122.46
CA THR C 91 30.21 9.70 -122.05
C THR C 91 29.68 8.53 -121.22
N ARG C 92 30.01 7.31 -121.64
CA ARG C 92 29.48 6.13 -120.97
C ARG C 92 29.88 6.13 -119.49
N GLU C 93 31.14 6.41 -119.20
CA GLU C 93 31.56 6.52 -117.80
C GLU C 93 30.95 7.76 -117.16
N LEU C 94 30.89 8.86 -117.89
CA LEU C 94 30.35 10.09 -117.35
C LEU C 94 28.86 9.95 -117.01
N TRP C 95 28.09 9.32 -117.91
CA TRP C 95 26.67 9.16 -117.67
C TRP C 95 26.39 8.29 -116.46
N GLY C 96 27.33 7.41 -116.11
CA GLY C 96 27.13 6.55 -114.96
C GLY C 96 26.99 7.33 -113.67
N GLN C 97 27.78 8.38 -113.51
CA GLN C 97 27.70 9.19 -112.30
C GLN C 97 26.41 10.01 -112.26
N ILE C 98 25.89 10.40 -113.42
CA ILE C 98 24.66 11.18 -113.46
C ILE C 98 23.52 10.38 -112.85
N GLN C 99 23.38 9.11 -113.24
CA GLN C 99 22.30 8.29 -112.72
C GLN C 99 22.47 8.02 -111.23
N ARG C 100 23.71 7.92 -110.75
CA ARG C 100 23.92 7.74 -109.32
C ARG C 100 23.37 8.91 -108.54
N HIS C 101 23.61 10.13 -109.01
CA HIS C 101 23.08 11.30 -108.32
C HIS C 101 21.56 11.35 -108.39
N HIS C 102 21.01 11.12 -109.58
CA HIS C 102 19.56 11.18 -109.76
C HIS C 102 18.87 10.02 -109.07
N TYR C 103 19.18 8.79 -109.51
CA TYR C 103 18.50 7.62 -108.98
C TYR C 103 19.13 7.15 -107.68
N GLY C 104 20.41 6.79 -107.72
CA GLY C 104 21.10 6.22 -106.58
C GLY C 104 21.92 5.03 -107.04
N ILE C 105 23.03 4.79 -106.34
CA ILE C 105 23.94 3.73 -106.76
C ILE C 105 23.25 2.37 -106.72
N VAL C 106 22.52 2.10 -105.64
CA VAL C 106 21.89 0.78 -105.48
C VAL C 106 20.88 0.54 -106.59
N GLN C 107 20.03 1.53 -106.86
CA GLN C 107 18.99 1.34 -107.86
C GLN C 107 19.58 1.14 -109.25
N VAL C 108 20.69 1.82 -109.55
CA VAL C 108 21.27 1.72 -110.89
C VAL C 108 21.70 0.30 -111.17
N GLU C 109 22.32 -0.37 -110.20
CA GLU C 109 22.78 -1.73 -110.40
C GLU C 109 21.66 -2.62 -110.90
N HIS C 110 20.49 -2.54 -110.25
CA HIS C 110 19.35 -3.34 -110.68
C HIS C 110 18.92 -2.94 -112.09
N TYR C 111 18.89 -1.64 -112.38
CA TYR C 111 18.41 -1.18 -113.68
C TYR C 111 19.28 -1.71 -114.81
N VAL C 112 20.60 -1.67 -114.63
CA VAL C 112 21.50 -2.08 -115.71
C VAL C 112 21.28 -3.55 -116.04
N LYS C 113 21.24 -4.41 -115.01
CA LYS C 113 21.06 -5.83 -115.25
C LYS C 113 19.72 -6.09 -115.92
N GLN C 114 18.67 -5.39 -115.49
CA GLN C 114 17.37 -5.53 -116.14
C GLN C 114 17.47 -5.12 -117.60
N ILE C 115 18.18 -4.03 -117.88
CA ILE C 115 18.40 -3.62 -119.27
C ILE C 115 19.22 -4.68 -120.01
N THR C 116 20.25 -5.20 -119.36
CA THR C 116 21.12 -6.17 -120.02
C THR C 116 20.33 -7.41 -120.40
N LEU C 117 19.58 -7.97 -119.45
CA LEU C 117 18.75 -9.13 -119.76
C LEU C 117 17.71 -8.78 -120.81
N TRP C 118 17.09 -7.60 -120.70
CA TRP C 118 16.13 -7.16 -121.71
C TRP C 118 16.78 -7.07 -123.07
N GLN C 119 17.99 -6.51 -123.14
CA GLN C 119 18.70 -6.45 -124.42
C GLN C 119 19.15 -7.83 -124.87
N ASP C 120 19.52 -8.70 -123.93
CA ASP C 120 20.00 -10.03 -124.28
C ASP C 120 18.90 -10.86 -124.95
N THR C 121 17.68 -10.80 -124.41
CA THR C 121 16.60 -11.60 -124.96
C THR C 121 16.31 -11.17 -126.39
N PRO C 122 16.01 -12.11 -127.29
CA PRO C 122 15.72 -11.73 -128.68
C PRO C 122 14.50 -10.83 -128.77
N GLN C 123 14.53 -9.92 -129.75
CA GLN C 123 13.47 -8.93 -129.89
C GLN C 123 12.11 -9.57 -130.15
N ALA C 124 12.07 -10.81 -130.63
CA ALA C 124 10.80 -11.45 -130.92
C ALA C 124 9.95 -11.57 -129.65
N PHE C 125 10.57 -11.97 -128.54
CA PHE C 125 9.88 -12.12 -127.27
C PHE C 125 10.58 -11.31 -126.18
N ARG C 126 11.21 -10.20 -126.55
CA ARG C 126 11.98 -9.42 -125.60
C ARG C 126 11.08 -8.84 -124.50
N GLY C 127 9.92 -8.32 -124.88
CA GLY C 127 9.01 -7.72 -123.93
C GLY C 127 9.20 -6.23 -123.80
N ASP C 128 8.37 -5.63 -122.96
CA ASP C 128 8.42 -4.19 -122.76
C ASP C 128 9.72 -3.79 -122.07
N GLN C 129 10.30 -2.69 -122.53
CA GLN C 129 11.53 -2.19 -121.94
C GLN C 129 11.27 -1.72 -120.51
N PRO C 130 12.08 -2.12 -119.54
CA PRO C 130 11.84 -1.68 -118.15
C PRO C 130 12.08 -0.18 -118.01
N LYS C 131 11.35 0.40 -117.06
CA LYS C 131 11.45 1.82 -116.80
C LYS C 131 12.53 2.12 -115.78
N PRO C 132 13.06 3.34 -115.75
CA PRO C 132 14.11 3.68 -114.78
C PRO C 132 13.59 3.55 -113.35
N PRO C 133 14.50 3.42 -112.38
CA PRO C 133 14.05 3.31 -110.98
C PRO C 133 13.48 4.60 -110.44
N SER C 134 13.12 4.60 -109.16
CA SER C 134 12.61 5.79 -108.50
C SER C 134 13.75 6.71 -108.08
N PHE C 135 13.47 8.01 -108.09
CA PHE C 135 14.48 8.99 -107.73
C PHE C 135 14.86 8.88 -106.27
N THR D 3 35.46 25.52 -118.19
CA THR D 3 34.48 26.29 -117.43
C THR D 3 33.82 25.49 -116.32
N PHE D 4 33.55 24.20 -116.55
CA PHE D 4 32.88 23.41 -115.52
C PHE D 4 33.71 23.33 -114.25
N ILE D 5 35.01 23.12 -114.38
CA ILE D 5 35.87 23.05 -113.21
C ILE D 5 35.85 24.37 -112.46
N GLU D 6 35.77 25.48 -113.18
CA GLU D 6 35.70 26.79 -112.53
C GLU D 6 34.45 26.91 -111.67
N LEU D 7 33.32 26.38 -112.15
CA LEU D 7 32.09 26.42 -111.36
C LEU D 7 32.26 25.68 -110.05
N VAL D 8 32.93 24.54 -110.07
CA VAL D 8 33.18 23.80 -108.84
C VAL D 8 34.03 24.62 -107.90
N LYS D 9 35.08 25.26 -108.43
CA LYS D 9 35.95 26.08 -107.60
C LYS D 9 35.22 27.27 -107.00
N ASN D 10 34.04 27.61 -107.52
CA ASN D 10 33.23 28.68 -106.99
C ASN D 10 32.26 28.22 -105.92
N MET D 11 32.29 26.95 -105.54
CA MET D 11 31.32 26.41 -104.59
C MET D 11 31.75 26.74 -103.17
N LYS D 12 30.98 26.21 -102.22
CA LYS D 12 31.25 26.36 -100.79
C LYS D 12 31.70 25.03 -100.23
N GLY D 13 32.79 25.04 -99.49
CA GLY D 13 33.36 23.82 -98.93
C GLY D 13 34.30 23.08 -99.86
N TYR D 14 34.46 23.54 -101.09
CA TYR D 14 35.38 22.88 -102.02
C TYR D 14 36.81 22.99 -101.51
N LYS D 15 37.57 21.92 -101.70
CA LYS D 15 38.94 21.83 -101.25
C LYS D 15 39.79 21.16 -102.32
N GLU D 16 40.98 21.69 -102.55
CA GLU D 16 41.87 21.13 -103.55
C GLU D 16 42.38 19.76 -103.14
N LEU D 17 42.50 18.87 -104.12
CA LEU D 17 43.05 17.54 -103.90
C LEU D 17 44.15 17.17 -104.89
N LEU D 18 44.30 17.91 -105.98
CA LEU D 18 45.33 17.62 -106.96
C LEU D 18 46.64 18.31 -106.57
N LEU D 19 47.63 18.20 -107.44
CA LEU D 19 48.96 18.72 -107.19
C LEU D 19 49.46 19.44 -108.44
N PRO D 20 50.47 20.29 -108.30
CA PRO D 20 51.00 20.98 -109.47
C PRO D 20 51.52 20.00 -110.51
N MET D 21 51.38 20.38 -111.77
CA MET D 21 51.79 19.50 -112.86
C MET D 21 53.24 19.06 -112.70
N GLU D 22 54.09 19.94 -112.18
CA GLU D 22 55.50 19.59 -111.99
C GLU D 22 55.64 18.46 -110.97
N MET D 23 54.89 18.52 -109.88
CA MET D 23 54.96 17.50 -108.82
C MET D 23 54.05 16.32 -109.17
N VAL D 24 54.27 15.77 -110.35
CA VAL D 24 53.52 14.60 -110.82
C VAL D 24 54.50 13.60 -111.42
N PRO D 25 54.49 12.34 -110.98
CA PRO D 25 55.41 11.35 -111.56
C PRO D 25 55.25 11.24 -113.07
N LEU D 26 56.21 10.56 -113.68
CA LEU D 26 56.19 10.34 -115.11
C LEU D 26 55.11 9.32 -115.46
N PRO D 27 54.67 9.30 -116.73
CA PRO D 27 53.66 8.31 -117.13
C PRO D 27 54.19 6.89 -117.09
N ALA D 28 53.35 5.93 -117.44
CA ALA D 28 53.74 4.53 -117.47
C ALA D 28 54.10 4.04 -116.07
N VAL D 29 55.20 4.56 -115.51
CA VAL D 29 55.63 4.12 -114.18
C VAL D 29 54.57 4.45 -113.14
N VAL D 30 53.94 5.62 -113.26
CA VAL D 30 52.89 5.99 -112.31
C VAL D 30 51.75 4.99 -112.34
N LEU D 31 51.51 4.36 -113.49
CA LEU D 31 50.44 3.38 -113.60
C LEU D 31 50.70 2.15 -112.73
N LYS D 32 51.94 1.95 -112.28
CA LYS D 32 52.26 0.76 -111.50
C LYS D 32 51.50 0.75 -110.18
N HIS D 33 51.37 1.92 -109.54
CA HIS D 33 50.60 1.99 -108.30
C HIS D 33 49.17 1.51 -108.50
N VAL D 34 48.66 1.59 -109.74
CA VAL D 34 47.31 1.10 -110.01
C VAL D 34 47.21 -0.39 -109.71
N LYS D 35 48.19 -1.15 -110.18
CA LYS D 35 48.18 -2.60 -109.95
C LYS D 35 48.29 -2.91 -108.47
N LEU D 36 49.14 -2.18 -107.76
CA LEU D 36 49.37 -2.46 -106.34
C LEU D 36 48.16 -2.14 -105.48
N ILE D 37 47.15 -1.45 -106.03
CA ILE D 37 45.98 -1.05 -105.27
C ILE D 37 44.76 -1.83 -105.77
N LEU D 38 44.80 -2.24 -107.03
CA LEU D 38 43.74 -3.06 -107.59
C LEU D 38 43.97 -4.54 -107.34
N THR D 39 45.14 -5.05 -107.75
CA THR D 39 45.44 -6.47 -107.56
C THR D 39 45.46 -6.83 -106.08
N SER D 40 46.06 -5.99 -105.25
CA SER D 40 46.12 -6.22 -103.81
C SER D 40 44.90 -5.61 -103.12
N GLN D 41 43.73 -6.06 -103.57
CA GLN D 41 42.48 -5.53 -103.04
C GLN D 41 41.37 -6.56 -103.22
N LYS D 42 40.28 -6.35 -102.49
CA LYS D 42 39.11 -7.21 -102.55
C LYS D 42 37.91 -6.38 -102.13
N GLU D 43 36.72 -6.95 -102.30
CA GLU D 43 35.46 -6.27 -101.99
C GLU D 43 35.34 -5.00 -102.84
N HIS D 44 35.24 -5.23 -104.15
CA HIS D 44 35.14 -4.17 -105.14
C HIS D 44 34.22 -3.05 -104.67
N GLN D 45 34.76 -1.84 -104.62
CA GLN D 45 34.02 -0.66 -104.21
C GLN D 45 33.80 0.28 -105.39
N PRO D 46 32.81 1.17 -105.31
CA PRO D 46 32.51 2.01 -106.48
C PRO D 46 33.69 2.83 -106.96
N TRP D 47 34.50 3.35 -106.03
CA TRP D 47 35.61 4.21 -106.44
C TRP D 47 36.69 3.43 -107.19
N MET D 48 36.79 2.13 -106.94
CA MET D 48 37.79 1.32 -107.63
C MET D 48 37.54 1.32 -109.13
N THR D 49 36.27 1.22 -109.54
CA THR D 49 35.96 1.25 -110.97
C THR D 49 36.35 2.58 -111.59
N GLU D 50 36.13 3.68 -110.87
CA GLU D 50 36.48 4.99 -111.38
C GLU D 50 37.97 5.06 -111.69
N MET D 51 38.80 4.56 -110.78
CA MET D 51 40.25 4.55 -111.02
C MET D 51 40.59 3.68 -112.21
N ALA D 52 39.96 2.51 -112.32
CA ALA D 52 40.26 1.60 -113.43
C ALA D 52 39.91 2.22 -114.77
N LEU D 53 38.75 2.86 -114.85
CA LEU D 53 38.30 3.45 -116.11
C LEU D 53 39.05 4.71 -116.47
N LYS D 54 39.85 5.27 -115.55
CA LYS D 54 40.67 6.44 -115.83
C LYS D 54 42.09 6.09 -116.19
N ALA D 55 42.71 5.17 -115.44
CA ALA D 55 44.08 4.78 -115.72
C ALA D 55 44.20 4.14 -117.11
N ASP D 56 43.25 3.28 -117.47
CA ASP D 56 43.31 2.61 -118.76
C ASP D 56 43.26 3.59 -119.91
N GLN D 57 42.73 4.80 -119.70
CA GLN D 57 42.66 5.77 -120.78
C GLN D 57 44.05 6.19 -121.24
N CYS D 58 45.00 6.32 -120.31
CA CYS D 58 46.34 6.72 -120.69
C CYS D 58 46.94 5.74 -121.68
N LEU D 59 46.73 4.44 -121.47
CA LEU D 59 47.22 3.44 -122.41
C LEU D 59 46.59 3.64 -123.79
N ILE D 60 45.29 3.95 -123.83
CA ILE D 60 44.62 4.18 -125.10
C ILE D 60 45.25 5.36 -125.83
N HIS D 61 45.43 6.47 -125.11
CA HIS D 61 46.13 7.61 -125.71
C HIS D 61 47.57 7.26 -126.02
N LYS D 62 48.23 6.53 -125.12
CA LYS D 62 49.61 6.13 -125.35
C LYS D 62 49.71 5.19 -126.54
N ALA D 63 48.72 4.30 -126.71
CA ALA D 63 48.74 3.36 -127.82
C ALA D 63 48.74 4.06 -129.17
N THR D 64 48.20 5.29 -129.25
CA THR D 64 48.18 6.01 -130.51
C THR D 64 49.56 6.43 -130.96
N LEU D 65 50.55 6.44 -130.06
CA LEU D 65 51.91 6.82 -130.44
C LEU D 65 52.45 5.91 -131.54
N ASP D 66 52.04 4.64 -131.56
CA ASP D 66 52.46 3.76 -132.64
C ASP D 66 51.99 4.27 -133.99
N PRO D 78 49.08 19.73 -134.37
CA PRO D 78 48.28 20.01 -133.17
C PRO D 78 47.58 18.77 -132.63
N LEU D 79 47.12 17.88 -133.51
CA LEU D 79 46.46 16.66 -133.07
C LEU D 79 47.41 15.78 -132.27
N ILE D 80 48.64 15.63 -132.75
CA ILE D 80 49.63 14.82 -132.03
C ILE D 80 50.05 15.51 -130.75
N GLU D 81 50.30 16.81 -130.81
CA GLU D 81 50.72 17.55 -129.62
C GLU D 81 49.62 17.57 -128.57
N ALA D 82 48.37 17.75 -128.99
CA ALA D 82 47.28 17.90 -128.03
C ALA D 82 47.12 16.65 -127.17
N MET D 83 47.23 15.47 -127.79
CA MET D 83 47.05 14.23 -127.02
C MET D 83 48.09 14.12 -125.92
N GLN D 84 49.34 14.47 -126.22
CA GLN D 84 50.39 14.37 -125.20
C GLN D 84 50.08 15.26 -124.00
N GLN D 85 49.55 16.45 -124.25
CA GLN D 85 49.22 17.36 -123.15
C GLN D 85 48.14 16.76 -122.25
N ILE D 86 47.16 16.09 -122.85
CA ILE D 86 46.05 15.55 -122.07
C ILE D 86 46.53 14.49 -121.09
N ILE D 87 47.55 13.72 -121.46
CA ILE D 87 48.03 12.65 -120.60
C ILE D 87 48.48 13.21 -119.25
N LEU D 88 49.14 14.38 -119.28
CA LEU D 88 49.58 14.99 -118.02
C LEU D 88 48.39 15.31 -117.13
N ALA D 89 47.32 15.85 -117.71
CA ALA D 89 46.15 16.21 -116.92
C ALA D 89 45.53 14.99 -116.27
N MET D 90 45.38 13.90 -117.04
CA MET D 90 44.81 12.68 -116.46
C MET D 90 45.74 12.09 -115.41
N THR D 91 47.05 12.16 -115.64
CA THR D 91 47.99 11.62 -114.66
C THR D 91 47.87 12.35 -113.34
N ARG D 92 47.65 13.67 -113.38
CA ARG D 92 47.48 14.43 -112.15
C ARG D 92 46.27 13.93 -111.36
N GLU D 93 45.17 13.63 -112.05
CA GLU D 93 43.99 13.14 -111.37
C GLU D 93 44.25 11.78 -110.73
N LEU D 94 45.01 10.92 -111.42
CA LEU D 94 45.28 9.59 -110.88
C LEU D 94 45.99 9.68 -109.53
N TRP D 95 46.98 10.56 -109.42
CA TRP D 95 47.74 10.65 -108.17
C TRP D 95 46.86 11.07 -107.01
N GLY D 96 45.96 12.02 -107.24
CA GLY D 96 45.07 12.46 -106.17
C GLY D 96 44.23 11.33 -105.61
N GLN D 97 43.71 10.48 -106.49
CA GLN D 97 42.93 9.33 -106.03
C GLN D 97 43.78 8.40 -105.20
N ILE D 98 45.03 8.18 -105.62
CA ILE D 98 45.92 7.27 -104.88
C ILE D 98 46.15 7.80 -103.48
N GLN D 99 46.45 9.09 -103.35
CA GLN D 99 46.62 9.68 -102.04
C GLN D 99 45.31 9.69 -101.27
N ARG D 100 44.18 9.85 -101.96
CA ARG D 100 42.88 9.76 -101.31
C ARG D 100 42.64 8.40 -100.68
N HIS D 101 43.39 7.39 -101.11
CA HIS D 101 43.28 6.04 -100.56
C HIS D 101 44.39 5.72 -99.57
N HIS D 102 45.64 6.04 -99.91
CA HIS D 102 46.76 5.71 -99.05
C HIS D 102 46.73 6.54 -97.77
N TYR D 103 46.82 7.86 -97.90
CA TYR D 103 46.85 8.76 -96.73
C TYR D 103 45.47 9.32 -96.42
N GLY D 104 44.49 8.42 -96.28
CA GLY D 104 43.17 8.86 -95.95
C GLY D 104 42.59 9.75 -97.05
N ILE D 105 41.52 10.44 -96.70
CA ILE D 105 40.86 11.38 -97.61
C ILE D 105 40.79 12.75 -96.96
N VAL D 106 40.81 12.77 -95.62
CA VAL D 106 40.75 14.03 -94.90
C VAL D 106 42.15 14.63 -94.75
N GLN D 107 43.11 13.80 -94.34
CA GLN D 107 44.48 14.27 -94.17
C GLN D 107 45.10 14.72 -95.49
N VAL D 108 44.57 14.25 -96.63
CA VAL D 108 45.14 14.63 -97.91
C VAL D 108 45.00 16.14 -98.12
N GLU D 109 43.83 16.70 -97.80
CA GLU D 109 43.61 18.12 -98.01
C GLU D 109 44.62 18.95 -97.22
N HIS D 110 44.91 18.55 -95.99
CA HIS D 110 45.88 19.29 -95.18
C HIS D 110 47.25 19.29 -95.84
N TYR D 111 47.68 18.15 -96.37
CA TYR D 111 48.98 18.07 -97.02
C TYR D 111 49.06 18.98 -98.23
N VAL D 112 48.06 18.91 -99.10
CA VAL D 112 48.09 19.75 -100.30
C VAL D 112 47.98 21.21 -99.92
N LYS D 113 47.23 21.52 -98.86
CA LYS D 113 47.15 22.90 -98.39
C LYS D 113 48.54 23.44 -98.07
N GLN D 114 49.36 22.65 -97.39
CA GLN D 114 50.72 23.09 -97.07
C GLN D 114 51.59 23.13 -98.31
N ILE D 115 51.38 22.20 -99.25
CA ILE D 115 52.18 22.17 -100.47
C ILE D 115 52.02 23.48 -101.22
N THR D 116 50.78 23.98 -101.34
CA THR D 116 50.55 25.21 -102.06
C THR D 116 51.30 26.38 -101.43
N LEU D 117 51.24 26.48 -100.10
CA LEU D 117 51.96 27.55 -99.41
C LEU D 117 53.47 27.38 -99.54
N TRP D 118 53.95 26.15 -99.42
CA TRP D 118 55.40 25.91 -99.45
C TRP D 118 56.00 26.20 -100.81
N GLN D 119 55.22 26.18 -101.89
CA GLN D 119 55.71 26.43 -103.24
C GLN D 119 55.42 27.84 -103.72
N ASP D 120 54.26 28.39 -103.37
CA ASP D 120 53.89 29.72 -103.85
C ASP D 120 54.85 30.79 -103.31
N THR D 121 55.24 30.66 -102.05
CA THR D 121 56.17 31.62 -101.48
C THR D 121 57.51 31.54 -102.19
N PRO D 122 58.28 32.63 -102.22
CA PRO D 122 59.57 32.58 -102.91
C PRO D 122 60.52 31.59 -102.26
N GLN D 123 61.41 31.03 -103.07
CA GLN D 123 62.32 29.99 -102.61
C GLN D 123 63.18 30.45 -101.44
N ALA D 124 63.36 31.76 -101.28
CA ALA D 124 64.18 32.28 -100.18
C ALA D 124 63.49 32.19 -98.83
N PHE D 125 62.19 31.86 -98.80
CA PHE D 125 61.43 31.80 -97.56
C PHE D 125 60.80 30.45 -97.30
N ARG D 126 60.82 29.52 -98.25
CA ARG D 126 60.12 28.25 -98.07
C ARG D 126 60.63 27.51 -96.84
N GLY D 127 61.90 27.13 -96.84
CA GLY D 127 62.47 26.36 -95.76
C GLY D 127 62.68 24.91 -96.11
N ASP D 128 61.84 24.02 -95.56
CA ASP D 128 61.94 22.60 -95.80
C ASP D 128 60.59 22.07 -96.26
N GLN D 129 60.63 21.11 -97.19
CA GLN D 129 59.39 20.53 -97.69
C GLN D 129 58.65 19.83 -96.57
N PRO D 130 57.33 20.01 -96.45
CA PRO D 130 56.56 19.31 -95.41
C PRO D 130 56.29 17.87 -95.83
N LYS D 131 56.79 16.93 -95.05
CA LYS D 131 56.63 15.53 -95.39
C LYS D 131 55.15 15.14 -95.35
N PRO D 132 54.66 14.40 -96.34
CA PRO D 132 53.26 13.99 -96.31
C PRO D 132 53.00 13.03 -95.17
N PRO D 133 51.78 12.99 -94.65
CA PRO D 133 51.47 12.04 -93.57
C PRO D 133 51.60 10.60 -94.03
N SER D 134 51.97 9.73 -93.08
CA SER D 134 52.16 8.33 -93.39
C SER D 134 50.80 7.64 -93.57
N PHE D 135 50.85 6.32 -93.77
CA PHE D 135 49.64 5.52 -93.99
C PHE D 135 48.91 5.36 -92.67
N THR E 3 48.84 60.05 -93.95
CA THR E 3 48.81 60.67 -92.64
C THR E 3 47.93 59.91 -91.66
N PHE E 4 46.95 59.14 -92.15
CA PHE E 4 46.12 58.33 -91.27
C PHE E 4 46.97 57.31 -90.50
N ILE E 5 47.94 56.70 -91.18
CA ILE E 5 48.80 55.74 -90.50
C ILE E 5 49.51 56.41 -89.33
N GLU E 6 49.94 57.66 -89.53
CA GLU E 6 50.54 58.42 -88.43
C GLU E 6 49.55 58.59 -87.29
N LEU E 7 48.28 58.86 -87.62
CA LEU E 7 47.27 59.00 -86.58
C LEU E 7 47.09 57.72 -85.78
N VAL E 8 47.41 56.58 -86.39
CA VAL E 8 47.32 55.30 -85.71
C VAL E 8 48.70 54.79 -85.25
N LYS E 9 49.78 55.28 -85.85
CA LYS E 9 51.12 54.83 -85.44
C LYS E 9 51.36 55.06 -83.96
N ASN E 10 50.69 56.06 -83.37
CA ASN E 10 50.83 56.32 -81.95
C ASN E 10 49.91 55.45 -81.10
N MET E 11 48.95 54.76 -81.71
CA MET E 11 48.05 53.91 -80.95
C MET E 11 48.81 52.74 -80.33
N LYS E 12 48.33 52.31 -79.16
CA LYS E 12 49.00 51.21 -78.46
C LYS E 12 48.96 49.92 -79.27
N GLY E 13 47.82 49.62 -79.88
CA GLY E 13 47.66 48.36 -80.58
C GLY E 13 48.05 48.41 -82.05
N TYR E 14 48.62 49.53 -82.47
CA TYR E 14 49.04 49.67 -83.86
C TYR E 14 50.14 48.67 -84.19
N LYS E 15 50.08 48.10 -85.39
CA LYS E 15 51.03 47.10 -85.83
C LYS E 15 51.41 47.35 -87.28
N GLU E 16 52.61 46.90 -87.65
CA GLU E 16 53.09 47.01 -89.03
C GLU E 16 52.61 45.79 -89.80
N LEU E 17 51.34 45.82 -90.19
CA LEU E 17 50.76 44.71 -90.94
C LEU E 17 51.35 44.59 -92.33
N LEU E 18 51.99 45.64 -92.83
CA LEU E 18 52.58 45.62 -94.18
C LEU E 18 53.86 44.77 -94.14
N LEU E 19 53.76 43.53 -94.60
CA LEU E 19 54.89 42.63 -94.57
C LEU E 19 55.90 43.03 -95.65
N PRO E 20 57.13 42.53 -95.55
CA PRO E 20 58.16 42.89 -96.54
C PRO E 20 57.71 42.53 -97.96
N MET E 21 58.09 43.40 -98.91
CA MET E 21 57.72 43.17 -100.30
C MET E 21 58.29 41.85 -100.81
N GLU E 22 59.55 41.56 -100.48
CA GLU E 22 60.15 40.30 -100.91
C GLU E 22 59.41 39.10 -100.34
N MET E 23 58.82 39.25 -99.16
CA MET E 23 58.16 38.13 -98.51
C MET E 23 56.97 37.64 -99.33
N VAL E 24 56.17 38.55 -99.85
CA VAL E 24 54.93 38.19 -100.54
C VAL E 24 55.24 37.74 -101.96
N PRO E 25 54.40 36.90 -102.57
CA PRO E 25 54.63 36.50 -103.96
C PRO E 25 54.06 37.50 -104.95
N LEU E 26 54.09 37.16 -106.24
CA LEU E 26 53.55 38.05 -107.26
C LEU E 26 52.04 38.17 -107.12
N PRO E 27 51.46 39.26 -107.66
CA PRO E 27 50.02 39.47 -107.47
C PRO E 27 49.17 38.32 -107.97
N ALA E 28 49.54 37.69 -109.09
CA ALA E 28 48.70 36.66 -109.67
C ALA E 28 48.54 35.48 -108.72
N VAL E 29 49.61 35.08 -108.05
CA VAL E 29 49.54 33.91 -107.17
C VAL E 29 48.65 34.21 -105.97
N VAL E 30 48.71 35.43 -105.45
CA VAL E 30 47.92 35.76 -104.27
C VAL E 30 46.44 35.59 -104.55
N LEU E 31 45.98 36.03 -105.72
CA LEU E 31 44.58 35.90 -106.07
C LEU E 31 44.11 34.45 -105.98
N LYS E 32 45.01 33.50 -106.25
CA LYS E 32 44.64 32.10 -106.16
C LYS E 32 44.22 31.72 -104.75
N HIS E 33 44.97 32.20 -103.75
CA HIS E 33 44.66 31.84 -102.37
C HIS E 33 43.38 32.52 -101.89
N VAL E 34 43.03 33.66 -102.47
CA VAL E 34 41.80 34.34 -102.06
C VAL E 34 40.59 33.48 -102.37
N LYS E 35 40.56 32.88 -103.56
CA LYS E 35 39.48 31.95 -103.89
C LYS E 35 39.49 30.75 -102.97
N LEU E 36 40.68 30.20 -102.70
CA LEU E 36 40.77 29.00 -101.87
C LEU E 36 40.35 29.30 -100.43
N ILE E 37 40.80 30.42 -99.87
CA ILE E 37 40.47 30.73 -98.48
C ILE E 37 39.00 31.10 -98.36
N LEU E 38 38.49 31.91 -99.28
CA LEU E 38 37.07 32.25 -99.25
C LEU E 38 36.20 31.01 -99.45
N THR E 39 36.58 30.17 -100.41
CA THR E 39 35.80 28.95 -100.66
C THR E 39 35.82 28.03 -99.45
N SER E 40 36.99 27.83 -98.85
CA SER E 40 37.09 26.94 -97.70
C SER E 40 36.27 27.45 -96.53
N GLN E 41 36.35 28.75 -96.26
CA GLN E 41 35.62 29.33 -95.12
C GLN E 41 34.13 29.26 -95.36
N LYS E 42 33.38 29.00 -94.29
CA LYS E 42 31.93 28.83 -94.37
C LYS E 42 31.17 29.92 -93.62
N GLU E 43 31.50 30.16 -92.36
CA GLU E 43 30.77 31.16 -91.58
C GLU E 43 30.95 32.54 -92.20
N HIS E 44 29.87 33.30 -92.24
CA HIS E 44 29.88 34.63 -92.86
C HIS E 44 30.23 35.68 -91.81
N GLN E 45 31.30 36.41 -92.06
CA GLN E 45 31.71 37.53 -91.24
C GLN E 45 32.06 38.71 -92.15
N PRO E 46 32.04 39.93 -91.62
CA PRO E 46 32.30 41.09 -92.49
C PRO E 46 33.67 41.08 -93.14
N TRP E 47 34.67 40.42 -92.56
CA TRP E 47 36.01 40.47 -93.12
C TRP E 47 36.07 39.84 -94.50
N MET E 48 35.42 38.69 -94.68
CA MET E 48 35.42 38.04 -95.98
C MET E 48 34.69 38.90 -97.01
N THR E 49 33.59 39.53 -96.60
CA THR E 49 32.87 40.41 -97.51
C THR E 49 33.75 41.58 -97.94
N GLU E 50 34.48 42.18 -96.99
CA GLU E 50 35.39 43.26 -97.32
C GLU E 50 36.67 42.74 -97.95
N MET E 51 37.08 41.51 -97.61
CA MET E 51 38.30 40.94 -98.18
C MET E 51 38.17 40.79 -99.69
N ALA E 52 37.02 40.32 -100.17
CA ALA E 52 36.82 40.17 -101.60
C ALA E 52 36.88 41.52 -102.30
N LEU E 53 36.27 42.55 -101.73
CA LEU E 53 36.26 43.86 -102.35
C LEU E 53 37.67 44.41 -102.50
N LYS E 54 38.50 44.25 -101.47
CA LYS E 54 39.87 44.75 -101.53
C LYS E 54 40.66 44.08 -102.64
N ALA E 55 40.47 42.77 -102.81
CA ALA E 55 41.18 42.04 -103.85
C ALA E 55 40.61 42.35 -105.24
N ASP E 56 39.34 42.71 -105.30
CA ASP E 56 38.71 42.96 -106.61
C ASP E 56 39.39 44.10 -107.34
N GLN E 57 39.77 45.15 -106.61
CA GLN E 57 40.36 46.33 -107.25
C GLN E 57 41.58 45.95 -108.07
N CYS E 58 42.38 44.99 -107.57
CA CYS E 58 43.58 44.58 -108.30
C CYS E 58 43.23 44.05 -109.68
N LEU E 59 42.10 43.36 -109.82
CA LEU E 59 41.72 42.82 -111.12
C LEU E 59 41.50 43.93 -112.14
N ILE E 60 40.87 45.02 -111.73
CA ILE E 60 40.59 46.11 -112.66
C ILE E 60 41.91 46.70 -113.18
N HIS E 61 42.88 46.89 -112.27
CA HIS E 61 44.16 47.44 -112.69
C HIS E 61 44.87 46.52 -113.68
N LYS E 62 44.68 45.21 -113.55
CA LYS E 62 45.28 44.28 -114.50
C LYS E 62 44.82 44.59 -115.92
N ALA E 63 43.51 44.73 -116.11
CA ALA E 63 42.98 45.03 -117.44
C ALA E 63 43.18 46.50 -117.80
N THR E 64 43.14 47.40 -116.82
CA THR E 64 43.33 48.81 -117.12
C THR E 64 44.67 49.06 -117.77
N LEU E 65 45.74 48.51 -117.20
CA LEU E 65 47.06 48.65 -117.79
C LEU E 65 47.22 47.75 -119.01
N PRO E 78 54.94 58.76 -115.15
CA PRO E 78 54.70 58.74 -113.70
C PRO E 78 53.37 58.11 -113.32
N LEU E 79 52.33 58.31 -114.14
CA LEU E 79 51.03 57.75 -113.83
C LEU E 79 51.06 56.22 -113.89
N ILE E 80 51.58 55.66 -114.99
CA ILE E 80 51.60 54.22 -115.15
C ILE E 80 52.51 53.58 -114.09
N GLU E 81 53.67 54.18 -113.85
CA GLU E 81 54.62 53.60 -112.89
C GLU E 81 54.01 53.55 -111.50
N ALA E 82 53.29 54.60 -111.11
CA ALA E 82 52.68 54.61 -109.77
C ALA E 82 51.68 53.47 -109.62
N MET E 83 50.90 53.20 -110.65
CA MET E 83 49.91 52.13 -110.56
C MET E 83 50.59 50.79 -110.31
N GLN E 84 51.74 50.55 -110.94
CA GLN E 84 52.45 49.30 -110.71
C GLN E 84 52.81 49.13 -109.24
N GLN E 85 53.28 50.21 -108.60
CA GLN E 85 53.58 50.14 -107.17
C GLN E 85 52.30 50.01 -106.34
N ILE E 86 51.22 50.63 -106.80
CA ILE E 86 49.95 50.56 -106.06
C ILE E 86 49.46 49.13 -105.98
N ILE E 87 49.56 48.39 -107.09
CA ILE E 87 49.11 47.01 -107.09
C ILE E 87 49.88 46.20 -106.05
N LEU E 88 51.21 46.39 -106.01
CA LEU E 88 52.01 45.67 -105.02
C LEU E 88 51.65 46.09 -103.61
N ALA E 89 51.18 47.33 -103.43
CA ALA E 89 50.79 47.78 -102.09
C ALA E 89 49.63 46.96 -101.56
N MET E 90 48.64 46.68 -102.41
CA MET E 90 47.48 45.92 -101.97
C MET E 90 47.85 44.45 -101.73
N THR E 91 48.80 43.92 -102.50
CA THR E 91 49.20 42.53 -102.32
C THR E 91 49.74 42.28 -100.93
N ARG E 92 50.57 43.19 -100.42
CA ARG E 92 51.08 43.04 -99.06
C ARG E 92 49.95 43.03 -98.05
N GLU E 93 48.98 43.94 -98.23
CA GLU E 93 47.84 43.98 -97.31
C GLU E 93 47.02 42.69 -97.39
N LEU E 94 46.81 42.18 -98.60
CA LEU E 94 46.01 40.97 -98.76
C LEU E 94 46.69 39.78 -98.11
N TRP E 95 48.01 39.63 -98.32
CA TRP E 95 48.70 38.48 -97.78
C TRP E 95 48.66 38.46 -96.25
N GLY E 96 48.56 39.63 -95.62
CA GLY E 96 48.47 39.66 -94.18
C GLY E 96 47.23 38.97 -93.66
N GLN E 97 46.08 39.27 -94.26
CA GLN E 97 44.84 38.61 -93.85
C GLN E 97 44.90 37.12 -94.14
N ILE E 98 45.53 36.73 -95.23
CA ILE E 98 45.66 35.32 -95.56
C ILE E 98 46.42 34.59 -94.46
N GLN E 99 47.58 35.11 -94.08
CA GLN E 99 48.39 34.45 -93.07
C GLN E 99 47.74 34.52 -91.69
N ARG E 100 47.17 35.68 -91.34
CA ARG E 100 46.53 35.82 -90.04
C ARG E 100 45.34 34.87 -89.91
N HIS E 101 44.55 34.74 -90.98
CA HIS E 101 43.39 33.84 -90.91
C HIS E 101 43.82 32.39 -90.80
N HIS E 102 44.83 31.97 -91.59
CA HIS E 102 45.28 30.59 -91.56
C HIS E 102 45.89 30.23 -90.22
N TYR E 103 46.86 31.04 -89.77
CA TYR E 103 47.56 30.76 -88.51
C TYR E 103 46.96 31.54 -87.35
N GLY E 104 46.97 32.87 -87.44
CA GLY E 104 46.49 33.71 -86.37
C GLY E 104 47.13 35.07 -86.43
N ILE E 105 46.47 36.03 -85.77
CA ILE E 105 46.95 37.41 -85.79
C ILE E 105 48.28 37.52 -85.07
N VAL E 106 48.38 36.90 -83.90
CA VAL E 106 49.60 37.02 -83.10
C VAL E 106 50.76 36.31 -83.78
N GLN E 107 50.52 35.15 -84.37
CA GLN E 107 51.61 34.37 -84.94
C GLN E 107 52.29 35.13 -86.08
N VAL E 108 51.53 35.77 -86.94
CA VAL E 108 52.12 36.53 -88.03
C VAL E 108 52.96 37.68 -87.48
N GLU E 109 52.40 38.42 -86.52
CA GLU E 109 53.17 39.49 -85.89
C GLU E 109 54.40 38.93 -85.18
N HIS E 110 54.29 37.72 -84.63
CA HIS E 110 55.41 37.10 -83.93
C HIS E 110 56.45 36.56 -84.89
N TYR E 111 56.01 36.01 -86.02
CA TYR E 111 56.93 35.32 -86.95
C TYR E 111 57.54 36.25 -87.98
N VAL E 112 56.87 37.35 -88.34
CA VAL E 112 57.37 38.21 -89.39
C VAL E 112 58.73 38.78 -89.02
N LYS E 113 58.89 39.23 -87.77
CA LYS E 113 60.14 39.84 -87.35
C LYS E 113 61.30 38.85 -87.40
N GLN E 114 61.04 37.59 -87.05
CA GLN E 114 62.11 36.60 -86.97
C GLN E 114 62.83 36.47 -88.30
N ILE E 115 62.07 36.34 -89.39
CA ILE E 115 62.69 36.14 -90.70
C ILE E 115 63.45 37.39 -91.12
N THR E 116 62.93 38.57 -90.77
CA THR E 116 63.63 39.80 -91.13
C THR E 116 65.00 39.86 -90.46
N LEU E 117 65.08 39.44 -89.20
CA LEU E 117 66.37 39.42 -88.52
C LEU E 117 67.34 38.46 -89.20
N TRP E 118 66.86 37.29 -89.58
CA TRP E 118 67.74 36.31 -90.23
C TRP E 118 68.35 36.88 -91.51
N GLN E 119 67.68 37.83 -92.15
CA GLN E 119 68.23 38.45 -93.35
C GLN E 119 69.21 39.56 -93.02
N ASP E 120 68.81 40.48 -92.14
CA ASP E 120 69.64 41.62 -91.76
C ASP E 120 70.70 41.13 -90.78
N THR E 121 71.69 40.42 -91.31
CA THR E 121 72.77 39.87 -90.52
C THR E 121 73.94 39.61 -91.45
N PRO E 122 75.20 39.67 -90.95
CA PRO E 122 76.33 39.51 -91.86
C PRO E 122 76.47 38.09 -92.41
N GLN E 123 75.57 37.74 -93.34
CA GLN E 123 75.63 36.49 -94.09
C GLN E 123 76.10 35.30 -93.25
N ALA E 124 77.37 35.29 -92.85
CA ALA E 124 77.95 34.10 -92.24
C ALA E 124 77.15 33.67 -91.01
N PHE E 125 76.94 34.59 -90.08
CA PHE E 125 76.17 34.30 -88.87
C PHE E 125 74.70 34.67 -89.05
N ARG E 126 74.10 34.21 -90.15
CA ARG E 126 72.71 34.55 -90.42
C ARG E 126 71.77 33.88 -89.42
N GLY E 127 72.07 32.64 -89.05
CA GLY E 127 71.23 31.91 -88.11
C GLY E 127 71.12 30.45 -88.46
N ASP E 128 69.91 29.92 -88.45
CA ASP E 128 69.67 28.51 -88.78
C ASP E 128 68.44 28.35 -89.66
N GLN E 129 68.17 29.33 -90.53
CA GLN E 129 67.03 29.24 -91.43
C GLN E 129 65.76 29.05 -90.62
N PRO E 130 65.27 30.06 -89.91
CA PRO E 130 64.15 29.86 -88.99
C PRO E 130 62.96 29.23 -89.70
N LYS E 131 62.36 28.25 -89.03
CA LYS E 131 61.26 27.52 -89.62
C LYS E 131 60.00 28.39 -89.67
N PRO E 132 59.16 28.22 -90.67
CA PRO E 132 57.88 28.95 -90.70
C PRO E 132 56.95 28.42 -89.64
N PRO E 133 55.93 29.19 -89.25
CA PRO E 133 55.05 28.75 -88.16
C PRO E 133 54.33 27.46 -88.50
N THR F 3 113.68 -55.59 -17.08
CA THR F 3 112.66 -56.54 -16.64
C THR F 3 111.37 -55.85 -16.26
N PHE F 4 111.45 -54.71 -15.58
CA PHE F 4 110.25 -54.03 -15.12
C PHE F 4 109.37 -53.59 -16.29
N ILE F 5 109.98 -53.03 -17.33
CA ILE F 5 109.21 -52.53 -18.46
C ILE F 5 108.43 -53.66 -19.10
N GLU F 6 109.02 -54.86 -19.15
CA GLU F 6 108.30 -56.01 -19.67
C GLU F 6 107.05 -56.28 -18.85
N LEU F 7 107.14 -56.14 -17.53
CA LEU F 7 105.98 -56.37 -16.67
C LEU F 7 104.89 -55.34 -16.94
N VAL F 8 105.27 -54.08 -17.14
CA VAL F 8 104.28 -53.03 -17.38
C VAL F 8 103.60 -53.24 -18.73
N LYS F 9 104.35 -53.64 -19.75
CA LYS F 9 103.75 -53.89 -21.05
C LYS F 9 102.65 -54.93 -20.97
N ASN F 10 102.72 -55.82 -19.98
CA ASN F 10 101.67 -56.81 -19.74
C ASN F 10 100.56 -56.19 -18.88
N MET F 11 99.98 -55.10 -19.40
CA MET F 11 98.92 -54.39 -18.70
C MET F 11 97.91 -53.89 -19.72
N LYS F 12 96.72 -53.57 -19.20
CA LYS F 12 95.59 -53.18 -20.04
C LYS F 12 95.53 -51.67 -20.17
N GLY F 13 95.23 -51.22 -21.39
CA GLY F 13 95.25 -49.80 -21.69
C GLY F 13 96.61 -49.23 -21.98
N TYR F 14 97.61 -50.08 -22.24
CA TYR F 14 98.98 -49.64 -22.47
C TYR F 14 99.11 -49.14 -23.89
N LYS F 15 99.37 -47.84 -24.05
CA LYS F 15 99.58 -47.22 -25.36
C LYS F 15 101.04 -46.80 -25.45
N GLU F 16 101.74 -47.33 -26.43
CA GLU F 16 103.16 -47.03 -26.58
C GLU F 16 103.35 -45.58 -27.01
N LEU F 17 104.44 -44.97 -26.54
CA LEU F 17 104.71 -43.57 -26.83
C LEU F 17 106.17 -43.31 -27.19
N LEU F 18 106.97 -44.35 -27.44
CA LEU F 18 108.39 -44.20 -27.73
C LEU F 18 108.66 -44.65 -29.15
N LEU F 19 109.36 -43.82 -29.91
CA LEU F 19 109.71 -44.14 -31.29
C LEU F 19 110.94 -45.04 -31.34
N PRO F 20 111.20 -45.68 -32.47
CA PRO F 20 112.42 -46.48 -32.61
C PRO F 20 113.67 -45.64 -32.41
N MET F 21 114.71 -46.28 -31.88
CA MET F 21 115.96 -45.58 -31.63
C MET F 21 116.54 -45.00 -32.92
N GLU F 22 116.21 -45.59 -34.07
CA GLU F 22 116.75 -45.14 -35.34
C GLU F 22 116.07 -43.87 -35.87
N MET F 23 114.97 -43.45 -35.26
CA MET F 23 114.23 -42.29 -35.74
C MET F 23 114.33 -41.08 -34.82
N VAL F 24 114.65 -41.26 -33.55
CA VAL F 24 114.74 -40.15 -32.61
C VAL F 24 115.91 -39.26 -33.01
N PRO F 25 115.86 -37.96 -32.74
CA PRO F 25 116.97 -37.09 -33.12
C PRO F 25 118.23 -37.44 -32.34
N LEU F 26 119.34 -36.80 -32.73
CA LEU F 26 120.56 -36.92 -31.99
C LEU F 26 120.42 -36.26 -30.62
N PRO F 27 121.17 -36.71 -29.62
CA PRO F 27 121.00 -36.13 -28.27
C PRO F 27 121.20 -34.62 -28.24
N ALA F 28 122.12 -34.10 -29.04
CA ALA F 28 122.35 -32.67 -29.06
C ALA F 28 121.11 -31.91 -29.51
N VAL F 29 120.40 -32.44 -30.52
CA VAL F 29 119.24 -31.76 -31.05
C VAL F 29 118.12 -31.72 -30.01
N VAL F 30 117.97 -32.80 -29.24
CA VAL F 30 116.86 -32.89 -28.31
C VAL F 30 116.95 -31.77 -27.27
N LEU F 31 118.16 -31.53 -26.76
CA LEU F 31 118.34 -30.50 -25.74
C LEU F 31 117.84 -29.15 -26.22
N LYS F 32 117.92 -28.89 -27.53
CA LYS F 32 117.50 -27.60 -28.06
C LYS F 32 116.01 -27.37 -27.81
N HIS F 33 115.18 -28.39 -28.02
CA HIS F 33 113.76 -28.24 -27.75
C HIS F 33 113.46 -28.11 -26.27
N VAL F 34 114.32 -28.68 -25.42
CA VAL F 34 114.10 -28.61 -23.98
C VAL F 34 114.12 -27.15 -23.52
N LYS F 35 115.11 -26.38 -23.99
CA LYS F 35 115.21 -25.00 -23.58
C LYS F 35 114.00 -24.20 -24.02
N LEU F 36 113.54 -24.41 -25.26
CA LEU F 36 112.38 -23.68 -25.75
C LEU F 36 111.13 -24.08 -24.97
N ILE F 37 110.90 -25.38 -24.83
CA ILE F 37 109.68 -25.84 -24.15
C ILE F 37 109.68 -25.41 -22.69
N LEU F 38 110.82 -25.60 -22.01
CA LEU F 38 110.92 -25.16 -20.62
C LEU F 38 110.76 -23.65 -20.50
N THR F 39 111.55 -22.91 -21.26
CA THR F 39 111.57 -21.45 -21.11
C THR F 39 110.30 -20.82 -21.66
N SER F 40 109.86 -21.26 -22.84
CA SER F 40 108.65 -20.71 -23.47
C SER F 40 107.42 -21.42 -22.89
N GLN F 41 107.24 -21.24 -21.58
CA GLN F 41 106.11 -21.82 -20.88
C GLN F 41 105.67 -20.89 -19.77
N LYS F 42 104.38 -20.94 -19.45
CA LYS F 42 103.79 -20.14 -18.39
C LYS F 42 103.00 -21.05 -17.46
N GLU F 43 102.92 -20.65 -16.19
CA GLU F 43 102.22 -21.42 -15.18
C GLU F 43 102.82 -22.82 -15.06
N HIS F 44 104.09 -22.83 -14.63
CA HIS F 44 104.85 -24.06 -14.51
C HIS F 44 104.01 -25.20 -13.97
N GLN F 45 104.14 -26.37 -14.60
CA GLN F 45 103.38 -27.56 -14.27
C GLN F 45 104.31 -28.67 -13.82
N PRO F 46 103.79 -29.67 -13.09
CA PRO F 46 104.69 -30.69 -12.53
C PRO F 46 105.53 -31.41 -13.56
N TRP F 47 104.97 -31.69 -14.74
CA TRP F 47 105.71 -32.45 -15.74
C TRP F 47 106.94 -31.69 -16.24
N MET F 48 106.95 -30.36 -16.10
CA MET F 48 108.13 -29.59 -16.52
C MET F 48 109.34 -29.98 -15.70
N THR F 49 109.16 -30.17 -14.39
CA THR F 49 110.28 -30.55 -13.55
C THR F 49 110.86 -31.89 -13.96
N GLU F 50 109.99 -32.85 -14.30
CA GLU F 50 110.47 -34.17 -14.70
C GLU F 50 111.35 -34.09 -15.94
N MET F 51 110.96 -33.25 -16.90
CA MET F 51 111.73 -33.14 -18.13
C MET F 51 113.14 -32.64 -17.84
N ALA F 52 113.27 -31.63 -16.99
CA ALA F 52 114.59 -31.06 -16.71
C ALA F 52 115.49 -32.06 -16.02
N LEU F 53 114.95 -32.82 -15.07
CA LEU F 53 115.76 -33.75 -14.31
C LEU F 53 116.40 -34.80 -15.22
N LYS F 54 115.61 -35.34 -16.16
CA LYS F 54 116.16 -36.35 -17.07
C LYS F 54 117.19 -35.72 -18.01
N ALA F 55 116.97 -34.47 -18.40
CA ALA F 55 117.87 -33.83 -19.37
C ALA F 55 119.30 -33.76 -18.85
N ASP F 56 119.46 -33.37 -17.58
CA ASP F 56 120.80 -33.23 -17.04
C ASP F 56 121.51 -34.58 -16.98
N GLN F 57 120.76 -35.68 -16.87
CA GLN F 57 121.39 -36.98 -16.82
C GLN F 57 122.15 -37.28 -18.10
N CYS F 58 121.57 -36.95 -19.26
CA CYS F 58 122.27 -37.17 -20.52
C CYS F 58 123.56 -36.38 -20.58
N LEU F 59 123.52 -35.13 -20.10
CA LEU F 59 124.73 -34.32 -20.07
C LEU F 59 125.78 -34.93 -19.16
N ILE F 60 125.36 -35.47 -18.01
CA ILE F 60 126.31 -36.09 -17.08
C ILE F 60 126.99 -37.27 -17.77
N HIS F 61 126.21 -38.15 -18.38
CA HIS F 61 126.79 -39.27 -19.11
C HIS F 61 127.60 -38.77 -20.31
N LYS F 62 127.11 -37.75 -21.01
CA LYS F 62 127.84 -37.20 -22.14
C LYS F 62 129.17 -36.61 -21.69
N ALA F 63 129.18 -35.91 -20.56
CA ALA F 63 130.41 -35.35 -20.02
C ALA F 63 131.33 -36.40 -19.45
N THR F 64 130.88 -37.64 -19.31
CA THR F 64 131.69 -38.71 -18.74
C THR F 64 132.57 -39.40 -19.77
N LEU F 65 132.18 -39.38 -21.05
CA LEU F 65 132.96 -40.07 -22.08
C LEU F 65 134.34 -39.45 -22.25
N ASP F 66 134.44 -38.12 -22.15
CA ASP F 66 135.74 -37.47 -22.30
C ASP F 66 136.75 -38.00 -21.29
N PRO F 78 134.21 -52.77 -22.30
CA PRO F 78 132.76 -52.70 -22.05
C PRO F 78 132.35 -51.53 -21.17
N LEU F 79 132.99 -51.38 -20.01
CA LEU F 79 132.53 -50.38 -19.04
C LEU F 79 132.59 -48.98 -19.63
N ILE F 80 133.68 -48.64 -20.32
CA ILE F 80 133.80 -47.31 -20.90
C ILE F 80 132.72 -47.09 -21.96
N GLU F 81 132.50 -48.09 -22.82
CA GLU F 81 131.51 -47.98 -23.87
C GLU F 81 130.10 -48.32 -23.42
N ALA F 82 129.96 -48.94 -22.24
CA ALA F 82 128.62 -49.33 -21.78
C ALA F 82 127.74 -48.12 -21.53
N MET F 83 128.29 -47.05 -20.94
CA MET F 83 127.48 -45.88 -20.64
C MET F 83 126.91 -45.25 -21.90
N GLN F 84 127.61 -45.39 -23.03
CA GLN F 84 127.13 -44.80 -24.27
C GLN F 84 125.78 -45.37 -24.67
N GLN F 85 125.51 -46.63 -24.31
CA GLN F 85 124.23 -47.25 -24.66
C GLN F 85 123.08 -46.52 -23.99
N ILE F 86 123.25 -46.13 -22.72
CA ILE F 86 122.17 -45.46 -22.00
C ILE F 86 121.89 -44.10 -22.60
N ILE F 87 122.94 -43.41 -23.07
CA ILE F 87 122.76 -42.06 -23.61
C ILE F 87 121.73 -42.08 -24.75
N LEU F 88 121.89 -43.02 -25.68
CA LEU F 88 120.94 -43.12 -26.78
C LEU F 88 119.55 -43.48 -26.26
N ALA F 89 119.48 -44.39 -25.28
CA ALA F 89 118.19 -44.78 -24.73
C ALA F 89 117.52 -43.61 -24.02
N MET F 90 118.30 -42.81 -23.29
CA MET F 90 117.72 -41.70 -22.54
C MET F 90 116.98 -40.74 -23.45
N THR F 91 117.51 -40.52 -24.66
CA THR F 91 116.84 -39.64 -25.61
C THR F 91 115.47 -40.18 -25.99
N ARG F 92 115.36 -41.50 -26.19
CA ARG F 92 114.10 -42.08 -26.64
C ARG F 92 112.99 -41.78 -25.65
N GLU F 93 113.26 -41.96 -24.35
CA GLU F 93 112.26 -41.60 -23.34
C GLU F 93 112.08 -40.10 -23.27
N LEU F 94 113.18 -39.35 -23.39
CA LEU F 94 113.11 -37.90 -23.31
C LEU F 94 112.31 -37.32 -24.47
N TRP F 95 112.54 -37.83 -25.69
CA TRP F 95 111.83 -37.30 -26.85
C TRP F 95 110.34 -37.57 -26.75
N GLY F 96 109.94 -38.60 -26.01
CA GLY F 96 108.52 -38.89 -25.89
C GLY F 96 107.74 -37.77 -25.24
N GLN F 97 108.33 -37.13 -24.23
CA GLN F 97 107.65 -36.03 -23.56
C GLN F 97 107.59 -34.80 -24.45
N ILE F 98 108.58 -34.61 -25.31
CA ILE F 98 108.59 -33.46 -26.20
C ILE F 98 107.36 -33.48 -27.11
N GLN F 99 107.09 -34.64 -27.71
CA GLN F 99 105.95 -34.75 -28.62
C GLN F 99 104.63 -34.57 -27.88
N ARG F 100 104.57 -35.02 -26.62
CA ARG F 100 103.34 -34.83 -25.84
C ARG F 100 103.04 -33.34 -25.68
N HIS F 101 104.06 -32.54 -25.38
CA HIS F 101 103.84 -31.10 -25.23
C HIS F 101 103.47 -30.47 -26.57
N HIS F 102 104.19 -30.82 -27.63
CA HIS F 102 103.92 -30.22 -28.94
C HIS F 102 102.61 -30.74 -29.52
N TYR F 103 102.52 -32.05 -29.76
CA TYR F 103 101.34 -32.62 -30.39
C TYR F 103 100.23 -32.86 -29.38
N GLY F 104 100.49 -33.71 -28.39
CA GLY F 104 99.49 -34.12 -27.43
C GLY F 104 99.61 -35.62 -27.21
N ILE F 105 99.25 -36.07 -26.01
CA ILE F 105 99.41 -37.48 -25.67
C ILE F 105 98.55 -38.35 -26.59
N VAL F 106 97.30 -37.95 -26.81
CA VAL F 106 96.38 -38.78 -27.60
C VAL F 106 96.89 -38.93 -29.02
N GLN F 107 97.30 -37.81 -29.63
CA GLN F 107 97.74 -37.85 -31.02
C GLN F 107 99.00 -38.70 -31.17
N VAL F 108 99.89 -38.66 -30.19
CA VAL F 108 101.15 -39.40 -30.30
C VAL F 108 100.88 -40.89 -30.42
N GLU F 109 99.96 -41.40 -29.60
CA GLU F 109 99.65 -42.83 -29.63
C GLU F 109 99.33 -43.29 -31.06
N HIS F 110 98.46 -42.56 -31.74
CA HIS F 110 98.14 -42.91 -33.12
C HIS F 110 99.35 -42.82 -34.02
N TYR F 111 100.17 -41.78 -33.85
CA TYR F 111 101.32 -41.59 -34.73
C TYR F 111 102.30 -42.76 -34.61
N VAL F 112 102.58 -43.21 -33.38
CA VAL F 112 103.57 -44.26 -33.19
C VAL F 112 103.12 -45.54 -33.89
N LYS F 113 101.86 -45.93 -33.67
CA LYS F 113 101.37 -47.16 -34.30
C LYS F 113 101.40 -47.04 -35.81
N GLN F 114 101.02 -45.88 -36.35
CA GLN F 114 101.12 -45.67 -37.79
C GLN F 114 102.56 -45.82 -38.26
N ILE F 115 103.50 -45.25 -37.50
CA ILE F 115 104.92 -45.42 -37.83
C ILE F 115 105.32 -46.88 -37.71
N THR F 116 104.86 -47.55 -36.65
CA THR F 116 105.24 -48.95 -36.45
C THR F 116 104.77 -49.81 -37.61
N LEU F 117 103.48 -49.70 -37.97
CA LEU F 117 102.97 -50.45 -39.11
C LEU F 117 103.70 -50.05 -40.38
N TRP F 118 103.94 -48.76 -40.57
CA TRP F 118 104.68 -48.30 -41.74
C TRP F 118 106.07 -48.92 -41.77
N GLN F 119 106.75 -48.95 -40.62
CA GLN F 119 108.07 -49.57 -40.57
C GLN F 119 107.96 -51.09 -40.71
N ASP F 120 106.90 -51.69 -40.19
CA ASP F 120 106.75 -53.14 -40.27
C ASP F 120 106.61 -53.61 -41.71
N THR F 121 105.81 -52.90 -42.50
CA THR F 121 105.57 -53.31 -43.88
C THR F 121 106.88 -53.27 -44.67
N PRO F 122 107.12 -54.24 -45.55
CA PRO F 122 108.37 -54.22 -46.33
C PRO F 122 108.48 -52.97 -47.19
N GLN F 123 109.72 -52.52 -47.38
CA GLN F 123 109.96 -51.28 -48.11
C GLN F 123 109.47 -51.35 -49.55
N ALA F 124 109.30 -52.56 -50.11
CA ALA F 124 108.86 -52.67 -51.49
C ALA F 124 107.49 -52.05 -51.68
N PHE F 125 106.57 -52.28 -50.75
CA PHE F 125 105.21 -51.75 -50.81
C PHE F 125 104.88 -51.00 -49.52
N ARG F 126 105.89 -50.41 -48.88
CA ARG F 126 105.67 -49.75 -47.60
C ARG F 126 104.74 -48.56 -47.74
N GLY F 127 104.94 -47.75 -48.78
CA GLY F 127 104.12 -46.57 -48.99
C GLY F 127 104.76 -45.32 -48.41
N ASP F 128 104.05 -44.22 -48.60
CA ASP F 128 104.54 -42.93 -48.11
C ASP F 128 104.54 -42.90 -46.60
N GLN F 129 105.60 -42.34 -46.03
CA GLN F 129 105.69 -42.24 -44.58
C GLN F 129 104.63 -41.28 -44.05
N PRO F 130 103.88 -41.65 -43.02
CA PRO F 130 102.86 -40.74 -42.49
C PRO F 130 103.46 -39.51 -41.86
N LYS F 131 102.71 -38.41 -41.91
CA LYS F 131 103.17 -37.15 -41.37
C LYS F 131 102.75 -37.02 -39.91
N PRO F 132 103.45 -36.18 -39.14
CA PRO F 132 103.11 -36.01 -37.73
C PRO F 132 101.70 -35.47 -37.57
N PRO F 133 101.09 -35.65 -36.38
CA PRO F 133 99.73 -35.13 -36.17
C PRO F 133 99.68 -33.61 -36.10
N SER F 134 98.50 -33.07 -35.84
CA SER F 134 98.32 -31.64 -35.70
C SER F 134 98.73 -31.19 -34.30
N PHE F 135 99.23 -29.96 -34.22
CA PHE F 135 99.69 -29.41 -32.96
C PHE F 135 98.51 -29.22 -32.00
N THR G 3 122.30 -26.99 -15.47
CA THR G 3 121.71 -25.69 -15.80
C THR G 3 120.21 -25.76 -16.07
N PHE G 4 119.74 -26.83 -16.71
CA PHE G 4 118.31 -26.93 -17.03
C PHE G 4 117.46 -26.93 -15.77
N ILE G 5 117.89 -27.69 -14.75
CA ILE G 5 117.13 -27.73 -13.51
C ILE G 5 117.08 -26.36 -12.86
N GLU G 6 118.17 -25.59 -12.99
CA GLU G 6 118.19 -24.24 -12.43
C GLU G 6 117.13 -23.36 -13.10
N LEU G 7 116.95 -23.52 -14.41
CA LEU G 7 115.94 -22.73 -15.11
C LEU G 7 114.55 -23.02 -14.57
N VAL G 8 114.26 -24.29 -14.28
CA VAL G 8 112.97 -24.64 -13.70
C VAL G 8 112.81 -23.99 -12.34
N LYS G 9 113.86 -24.02 -11.52
CA LYS G 9 113.79 -23.42 -10.20
C LYS G 9 113.61 -21.91 -10.27
N ASN G 10 113.83 -21.31 -11.43
CA ASN G 10 113.63 -19.88 -11.63
C ASN G 10 112.22 -19.55 -12.11
N MET G 11 111.35 -20.55 -12.23
CA MET G 11 110.01 -20.32 -12.76
C MET G 11 109.09 -19.77 -11.69
N LYS G 12 107.81 -19.61 -12.05
CA LYS G 12 106.77 -19.15 -11.15
C LYS G 12 105.84 -20.31 -10.84
N GLY G 13 105.55 -20.52 -9.56
CA GLY G 13 104.72 -21.62 -9.13
C GLY G 13 105.45 -22.93 -8.92
N TYR G 14 106.75 -22.98 -9.20
CA TYR G 14 107.51 -24.20 -9.00
C TYR G 14 107.57 -24.53 -7.51
N LYS G 15 107.47 -25.83 -7.21
CA LYS G 15 107.48 -26.31 -5.84
C LYS G 15 108.34 -27.57 -5.76
N GLU G 16 109.13 -27.67 -4.70
CA GLU G 16 110.00 -28.83 -4.52
C GLU G 16 109.18 -30.07 -4.24
N LEU G 17 109.65 -31.20 -4.80
CA LEU G 17 109.04 -32.50 -4.54
C LEU G 17 110.03 -33.57 -4.13
N LEU G 18 111.34 -33.33 -4.30
CA LEU G 18 112.35 -34.31 -3.93
C LEU G 18 112.73 -34.13 -2.46
N LEU G 19 113.71 -34.89 -2.02
CA LEU G 19 114.13 -34.91 -0.63
C LEU G 19 115.66 -34.89 -0.58
N PRO G 20 116.23 -34.51 0.56
CA PRO G 20 117.69 -34.50 0.68
C PRO G 20 118.28 -35.88 0.41
N MET G 21 119.48 -35.89 -0.18
CA MET G 21 120.12 -37.15 -0.52
C MET G 21 120.22 -38.06 0.68
N GLU G 22 120.44 -37.49 1.87
CA GLU G 22 120.56 -38.32 3.07
C GLU G 22 119.24 -39.02 3.38
N MET G 23 118.11 -38.33 3.22
CA MET G 23 116.80 -38.90 3.50
C MET G 23 116.28 -39.65 2.27
N VAL G 24 117.10 -40.59 1.80
CA VAL G 24 116.74 -41.43 0.66
C VAL G 24 117.08 -42.87 0.99
N PRO G 25 116.16 -43.82 0.86
CA PRO G 25 116.48 -45.21 1.16
C PRO G 25 117.65 -45.71 0.32
N LEU G 26 118.15 -46.88 0.71
CA LEU G 26 119.25 -47.51 0.00
C LEU G 26 118.76 -48.06 -1.34
N PRO G 27 119.68 -48.28 -2.29
CA PRO G 27 119.25 -48.84 -3.58
C PRO G 27 118.75 -50.27 -3.45
N ALA G 28 118.35 -50.86 -4.58
CA ALA G 28 117.88 -52.24 -4.59
C ALA G 28 116.59 -52.38 -3.78
N VAL G 29 116.68 -52.20 -2.46
CA VAL G 29 115.52 -52.33 -1.61
C VAL G 29 114.46 -51.30 -1.98
N VAL G 30 114.89 -50.08 -2.29
CA VAL G 30 113.94 -49.04 -2.67
C VAL G 30 113.17 -49.44 -3.92
N LEU G 31 113.77 -50.24 -4.79
CA LEU G 31 113.10 -50.68 -5.99
C LEU G 31 111.90 -51.57 -5.69
N LYS G 32 111.81 -52.11 -4.48
CA LYS G 32 110.71 -53.02 -4.15
C LYS G 32 109.38 -52.31 -4.21
N HIS G 33 109.32 -51.05 -3.76
CA HIS G 33 108.08 -50.29 -3.85
C HIS G 33 107.59 -50.19 -5.29
N VAL G 34 108.50 -50.30 -6.25
CA VAL G 34 108.10 -50.25 -7.66
C VAL G 34 107.15 -51.39 -7.97
N LYS G 35 107.50 -52.60 -7.53
CA LYS G 35 106.67 -53.76 -7.80
C LYS G 35 105.31 -53.63 -7.12
N LEU G 36 105.30 -53.11 -5.88
CA LEU G 36 104.06 -53.01 -5.13
C LEU G 36 103.11 -51.97 -5.71
N ILE G 37 103.57 -51.14 -6.64
CA ILE G 37 102.74 -50.09 -7.21
C ILE G 37 102.46 -50.41 -8.68
N LEU G 38 103.34 -51.18 -9.31
CA LEU G 38 103.12 -51.63 -10.68
C LEU G 38 102.30 -52.92 -10.73
N THR G 39 102.78 -53.95 -10.03
CA THR G 39 102.08 -55.23 -10.05
C THR G 39 100.68 -55.10 -9.47
N SER G 40 100.55 -54.36 -8.36
CA SER G 40 99.26 -54.14 -7.72
C SER G 40 98.57 -52.91 -8.32
N GLN G 41 98.39 -52.95 -9.64
CA GLN G 41 97.80 -51.82 -10.35
C GLN G 41 97.15 -52.32 -11.64
N LYS G 42 96.30 -51.47 -12.20
CA LYS G 42 95.61 -51.74 -13.44
C LYS G 42 95.25 -50.41 -14.08
N GLU G 43 94.78 -50.48 -15.33
CA GLU G 43 94.44 -49.27 -16.10
C GLU G 43 95.69 -48.40 -16.28
N HIS G 44 96.65 -48.96 -16.99
CA HIS G 44 97.93 -48.32 -17.26
C HIS G 44 97.75 -46.84 -17.57
N GLN G 45 98.41 -45.99 -16.79
CA GLN G 45 98.37 -44.56 -16.95
C GLN G 45 99.72 -44.03 -17.42
N PRO G 46 99.75 -42.84 -18.03
CA PRO G 46 101.02 -42.35 -18.60
C PRO G 46 102.15 -42.27 -17.60
N TRP G 47 101.86 -41.87 -16.35
CA TRP G 47 102.92 -41.71 -15.37
C TRP G 47 103.53 -43.05 -14.97
N MET G 48 102.76 -44.14 -15.10
CA MET G 48 103.29 -45.44 -14.74
C MET G 48 104.47 -45.82 -15.62
N THR G 49 104.39 -45.52 -16.92
CA THR G 49 105.50 -45.81 -17.82
C THR G 49 106.74 -45.02 -17.43
N GLU G 50 106.55 -43.75 -17.03
CA GLU G 50 107.69 -42.93 -16.63
C GLU G 50 108.44 -43.57 -15.47
N MET G 51 107.71 -44.05 -14.46
CA MET G 51 108.34 -44.73 -13.34
C MET G 51 109.06 -45.99 -13.78
N ALA G 52 108.43 -46.77 -14.67
CA ALA G 52 109.04 -48.01 -15.11
C ALA G 52 110.33 -47.76 -15.87
N LEU G 53 110.35 -46.76 -16.74
CA LEU G 53 111.52 -46.47 -17.54
C LEU G 53 112.63 -45.80 -16.74
N LYS G 54 112.34 -45.35 -15.51
CA LYS G 54 113.35 -44.75 -14.65
C LYS G 54 113.94 -45.76 -13.66
N ALA G 55 113.08 -46.57 -13.03
CA ALA G 55 113.57 -47.56 -12.07
C ALA G 55 114.48 -48.58 -12.73
N ASP G 56 114.10 -49.04 -13.93
CA ASP G 56 114.91 -50.05 -14.62
C ASP G 56 116.30 -49.54 -14.93
N GLN G 57 116.50 -48.22 -14.99
CA GLN G 57 117.82 -47.68 -15.30
C GLN G 57 118.83 -48.03 -14.22
N CYS G 58 118.39 -48.02 -12.95
CA CYS G 58 119.30 -48.35 -11.86
C CYS G 58 119.88 -49.74 -12.02
N LEU G 59 119.06 -50.70 -12.44
CA LEU G 59 119.55 -52.05 -12.67
C LEU G 59 120.60 -52.05 -13.78
N ILE G 60 120.37 -51.28 -14.84
CA ILE G 60 121.33 -51.19 -15.93
C ILE G 60 122.66 -50.66 -15.42
N HIS G 61 122.62 -49.56 -14.67
CA HIS G 61 123.85 -49.04 -14.06
C HIS G 61 124.40 -50.03 -13.03
N LYS G 62 123.52 -50.64 -12.25
CA LYS G 62 123.95 -51.63 -11.26
C LYS G 62 124.56 -52.85 -11.95
N ALA G 63 124.00 -53.25 -13.09
CA ALA G 63 124.51 -54.42 -13.80
C ALA G 63 125.96 -54.23 -14.23
N THR G 64 126.42 -52.98 -14.42
CA THR G 64 127.79 -52.75 -14.82
C THR G 64 128.79 -53.09 -13.73
N LEU G 65 128.32 -53.21 -12.47
CA LEU G 65 129.23 -53.55 -11.38
C LEU G 65 129.92 -54.88 -11.63
N ASP G 66 129.24 -55.82 -12.31
CA ASP G 66 129.88 -57.09 -12.64
C ASP G 66 131.10 -56.87 -13.53
N PRO G 78 137.46 -42.52 -12.39
CA PRO G 78 136.32 -41.59 -12.47
C PRO G 78 135.11 -42.20 -13.14
N LEU G 79 135.31 -43.05 -14.14
CA LEU G 79 134.19 -43.69 -14.82
C LEU G 79 133.42 -44.59 -13.86
N ILE G 80 134.12 -45.37 -13.05
CA ILE G 80 133.46 -46.24 -12.09
C ILE G 80 132.81 -45.42 -10.98
N GLU G 81 133.54 -44.43 -10.46
CA GLU G 81 133.00 -43.59 -9.40
C GLU G 81 131.77 -42.80 -9.87
N ALA G 82 131.84 -42.26 -11.08
CA ALA G 82 130.76 -41.40 -11.57
C ALA G 82 129.44 -42.14 -11.62
N MET G 83 129.45 -43.39 -12.10
CA MET G 83 128.20 -44.14 -12.21
C MET G 83 127.53 -44.32 -10.86
N GLN G 84 128.33 -44.61 -9.83
CA GLN G 84 127.76 -44.81 -8.50
C GLN G 84 127.06 -43.56 -8.00
N GLN G 85 127.63 -42.39 -8.27
CA GLN G 85 127.01 -41.14 -7.86
C GLN G 85 125.65 -40.93 -8.52
N ILE G 86 125.56 -41.30 -9.81
CA ILE G 86 124.32 -41.06 -10.55
C ILE G 86 123.17 -41.86 -9.95
N ILE G 87 123.46 -43.06 -9.43
CA ILE G 87 122.38 -43.90 -8.89
C ILE G 87 121.66 -43.19 -7.78
N LEU G 88 122.39 -42.46 -6.93
CA LEU G 88 121.76 -41.72 -5.85
C LEU G 88 120.79 -40.68 -6.39
N ALA G 89 121.19 -39.96 -7.44
CA ALA G 89 120.33 -38.94 -8.00
C ALA G 89 119.04 -39.54 -8.55
N MET G 90 119.15 -40.65 -9.29
CA MET G 90 117.96 -41.29 -9.82
C MET G 90 117.08 -41.84 -8.70
N THR G 91 117.71 -42.39 -7.66
CA THR G 91 116.94 -42.93 -6.54
C THR G 91 116.11 -41.85 -5.88
N ARG G 92 116.68 -40.64 -5.76
CA ARG G 92 115.93 -39.53 -5.17
C ARG G 92 114.67 -39.23 -5.98
N GLU G 93 114.78 -39.25 -7.32
CA GLU G 93 113.62 -38.98 -8.15
C GLU G 93 112.56 -40.06 -7.97
N LEU G 94 112.98 -41.31 -7.83
CA LEU G 94 112.02 -42.39 -7.69
C LEU G 94 111.14 -42.19 -6.46
N TRP G 95 111.74 -41.81 -5.35
CA TRP G 95 110.98 -41.66 -4.11
C TRP G 95 109.92 -40.57 -4.25
N GLY G 96 110.26 -39.46 -4.90
CA GLY G 96 109.29 -38.39 -5.07
C GLY G 96 108.05 -38.84 -5.82
N GLN G 97 108.25 -39.64 -6.87
CA GLN G 97 107.11 -40.16 -7.62
C GLN G 97 106.25 -41.06 -6.75
N ILE G 98 106.89 -41.88 -5.92
CA ILE G 98 106.14 -42.79 -5.05
C ILE G 98 105.26 -42.00 -4.09
N GLN G 99 105.84 -40.98 -3.46
CA GLN G 99 105.04 -40.12 -2.58
C GLN G 99 104.00 -39.34 -3.36
N ARG G 100 104.31 -38.96 -4.61
CA ARG G 100 103.33 -38.30 -5.46
C ARG G 100 102.12 -39.19 -5.72
N HIS G 101 102.24 -40.49 -5.52
CA HIS G 101 101.15 -41.44 -5.70
C HIS G 101 100.51 -41.86 -4.38
N HIS G 102 101.32 -42.19 -3.38
CA HIS G 102 100.80 -42.66 -2.10
C HIS G 102 100.08 -41.54 -1.36
N TYR G 103 100.81 -40.48 -1.02
CA TYR G 103 100.25 -39.37 -0.26
C TYR G 103 99.81 -38.22 -1.17
N GLY G 104 98.99 -38.55 -2.17
CA GLY G 104 98.51 -37.54 -3.05
C GLY G 104 99.66 -36.89 -3.81
N ILE G 105 99.34 -35.74 -4.41
CA ILE G 105 100.33 -34.95 -5.15
C ILE G 105 100.37 -33.54 -4.58
N VAL G 106 99.27 -33.12 -3.97
CA VAL G 106 99.20 -31.78 -3.38
C VAL G 106 99.77 -31.79 -1.97
N GLN G 107 99.36 -32.77 -1.17
CA GLN G 107 99.84 -32.86 0.21
C GLN G 107 101.34 -33.15 0.27
N VAL G 108 101.92 -33.68 -0.81
CA VAL G 108 103.35 -33.99 -0.80
C VAL G 108 104.16 -32.71 -0.64
N GLU G 109 103.77 -31.65 -1.36
CA GLU G 109 104.52 -30.40 -1.30
C GLU G 109 104.54 -29.85 0.12
N HIS G 110 103.41 -29.93 0.83
CA HIS G 110 103.37 -29.43 2.20
C HIS G 110 104.34 -30.20 3.09
N TYR G 111 104.40 -31.53 2.93
CA TYR G 111 105.30 -32.32 3.76
C TYR G 111 106.76 -31.95 3.51
N VAL G 112 107.16 -31.88 2.24
CA VAL G 112 108.55 -31.53 1.94
C VAL G 112 108.85 -30.12 2.37
N LYS G 113 107.86 -29.22 2.28
CA LYS G 113 108.07 -27.85 2.75
C LYS G 113 108.47 -27.86 4.23
N GLN G 114 107.79 -28.66 5.05
CA GLN G 114 108.14 -28.73 6.47
C GLN G 114 109.47 -29.44 6.67
N ILE G 115 109.77 -30.44 5.85
CA ILE G 115 111.03 -31.16 5.98
C ILE G 115 112.20 -30.20 5.83
N THR G 116 112.13 -29.32 4.84
CA THR G 116 113.23 -28.38 4.62
C THR G 116 113.45 -27.50 5.84
N LEU G 117 112.36 -26.97 6.41
CA LEU G 117 112.48 -26.12 7.59
C LEU G 117 112.98 -26.92 8.78
N TRP G 118 112.48 -28.15 8.96
CA TRP G 118 112.83 -28.95 10.12
C TRP G 118 114.30 -29.36 10.12
N GLN G 119 114.94 -29.40 8.95
CA GLN G 119 116.34 -29.80 8.84
C GLN G 119 117.29 -28.63 8.72
N ASP G 120 116.88 -27.56 8.01
CA ASP G 120 117.78 -26.43 7.81
C ASP G 120 118.09 -25.74 9.13
N THR G 121 117.10 -25.61 10.01
CA THR G 121 117.33 -24.98 11.29
C THR G 121 118.30 -25.82 12.12
N PRO G 122 119.05 -25.21 13.02
CA PRO G 122 120.00 -25.98 13.83
C PRO G 122 119.29 -27.03 14.68
N GLN G 123 120.01 -28.12 14.96
CA GLN G 123 119.43 -29.24 15.69
C GLN G 123 118.92 -28.83 17.06
N ALA G 124 119.43 -27.72 17.62
CA ALA G 124 118.99 -27.28 18.93
C ALA G 124 117.60 -26.64 18.92
N PHE G 125 117.04 -26.40 17.74
CA PHE G 125 115.74 -25.75 17.62
C PHE G 125 114.70 -26.58 16.86
N ARG G 126 115.10 -27.68 16.23
CA ARG G 126 114.17 -28.43 15.38
C ARG G 126 112.96 -28.88 16.18
N GLY G 127 113.18 -29.74 17.18
CA GLY G 127 112.10 -30.29 17.97
C GLY G 127 111.81 -31.73 17.64
N ASP G 128 110.70 -31.98 16.95
CA ASP G 128 110.28 -33.33 16.56
C ASP G 128 110.03 -33.38 15.07
N GLN G 129 110.38 -34.49 14.45
CA GLN G 129 110.17 -34.64 13.02
C GLN G 129 108.67 -34.60 12.71
N PRO G 130 108.26 -33.86 11.67
CA PRO G 130 106.83 -33.83 11.30
C PRO G 130 106.46 -35.09 10.52
N LYS G 131 105.53 -35.86 11.07
CA LYS G 131 105.14 -37.11 10.44
C LYS G 131 104.48 -36.83 9.09
N PRO G 132 104.83 -37.58 8.04
CA PRO G 132 104.20 -37.35 6.75
C PRO G 132 102.73 -37.71 6.79
N PRO G 133 101.90 -37.09 5.95
CA PRO G 133 100.47 -37.44 5.95
C PRO G 133 100.26 -38.87 5.50
N SER G 134 99.18 -39.48 6.02
CA SER G 134 98.87 -40.86 5.70
C SER G 134 98.30 -40.96 4.29
N PHE G 135 97.89 -42.17 3.91
CA PHE G 135 97.35 -42.43 2.57
C PHE G 135 95.94 -41.86 2.49
N THR H 3 121.51 4.76 15.35
CA THR H 3 120.67 5.72 16.05
C THR H 3 119.24 5.72 15.55
N PHE H 4 119.02 5.30 14.31
CA PHE H 4 117.65 5.21 13.79
C PHE H 4 116.82 4.24 14.60
N ILE H 5 117.40 3.11 14.99
CA ILE H 5 116.67 2.14 15.80
C ILE H 5 116.20 2.80 17.09
N GLU H 6 117.06 3.63 17.68
CA GLU H 6 116.65 4.38 18.87
C GLU H 6 115.47 5.28 18.56
N LEU H 7 115.48 5.93 17.39
CA LEU H 7 114.37 6.79 17.02
C LEU H 7 113.07 6.00 16.91
N VAL H 8 113.17 4.70 16.64
CA VAL H 8 111.99 3.85 16.55
C VAL H 8 111.80 3.00 17.81
N LYS H 9 112.85 2.79 18.60
CA LYS H 9 112.72 1.99 19.81
C LYS H 9 111.65 2.55 20.74
N ASN H 10 111.41 3.86 20.67
CA ASN H 10 110.36 4.48 21.49
C ASN H 10 108.98 4.35 20.86
N MET H 11 108.88 3.97 19.59
CA MET H 11 107.59 3.84 18.95
C MET H 11 106.78 2.72 19.59
N LYS H 12 105.46 2.90 19.59
CA LYS H 12 104.58 1.91 20.20
C LYS H 12 104.67 0.57 19.50
N GLY H 13 104.69 0.58 18.17
CA GLY H 13 104.67 -0.66 17.40
C GLY H 13 106.04 -1.22 17.10
N TYR H 14 107.09 -0.63 17.69
CA TYR H 14 108.44 -1.11 17.45
C TYR H 14 108.60 -2.52 18.01
N LYS H 15 109.34 -3.35 17.28
CA LYS H 15 109.56 -4.74 17.65
C LYS H 15 111.00 -5.12 17.40
N GLU H 16 111.48 -6.11 18.16
CA GLU H 16 112.83 -6.64 17.99
C GLU H 16 112.78 -7.74 16.93
N LEU H 17 112.73 -7.32 15.67
CA LEU H 17 112.69 -8.26 14.56
C LEU H 17 113.98 -9.05 14.42
N LEU H 18 115.07 -8.56 15.00
CA LEU H 18 116.37 -9.24 14.91
C LEU H 18 116.35 -10.46 15.82
N LEU H 19 116.16 -11.63 15.22
CA LEU H 19 116.08 -12.86 15.99
C LEU H 19 117.46 -13.27 16.48
N PRO H 20 117.54 -14.17 17.46
CA PRO H 20 118.84 -14.58 17.98
C PRO H 20 119.73 -15.14 16.88
N MET H 21 121.03 -14.85 17.00
CA MET H 21 121.99 -15.33 16.01
C MET H 21 122.00 -16.85 15.95
N GLU H 22 121.98 -17.51 17.11
CA GLU H 22 121.97 -18.97 17.11
C GLU H 22 120.72 -19.52 16.44
N MET H 23 119.61 -18.79 16.49
CA MET H 23 118.36 -19.29 15.94
C MET H 23 118.46 -19.47 14.42
N VAL H 24 119.06 -18.52 13.72
CA VAL H 24 119.10 -18.54 12.26
C VAL H 24 120.20 -19.49 11.79
N PRO H 25 120.08 -20.07 10.59
CA PRO H 25 121.13 -20.94 10.07
C PRO H 25 122.24 -20.15 9.39
N LEU H 26 123.18 -20.85 8.75
CA LEU H 26 124.27 -20.20 8.06
C LEU H 26 123.75 -19.42 6.85
N PRO H 27 124.50 -18.43 6.38
CA PRO H 27 124.01 -17.60 5.27
C PRO H 27 123.64 -18.39 4.03
N ALA H 28 124.42 -19.43 3.71
CA ALA H 28 124.18 -20.16 2.46
C ALA H 28 122.81 -20.81 2.45
N VAL H 29 122.39 -21.39 3.58
CA VAL H 29 121.11 -22.09 3.62
C VAL H 29 119.96 -21.10 3.46
N VAL H 30 120.09 -19.91 4.04
CA VAL H 30 119.00 -18.94 3.98
C VAL H 30 118.71 -18.57 2.53
N LEU H 31 119.76 -18.36 1.73
CA LEU H 31 119.56 -18.02 0.32
C LEU H 31 118.69 -19.05 -0.39
N LYS H 32 118.76 -20.30 0.03
CA LYS H 32 117.96 -21.34 -0.59
C LYS H 32 116.47 -21.06 -0.41
N HIS H 33 116.06 -20.64 0.79
CA HIS H 33 114.65 -20.38 1.05
C HIS H 33 114.16 -19.14 0.32
N VAL H 34 115.05 -18.18 0.05
CA VAL H 34 114.65 -16.98 -0.66
C VAL H 34 114.14 -17.33 -2.05
N LYS H 35 114.87 -18.21 -2.76
CA LYS H 35 114.41 -18.66 -4.06
C LYS H 35 113.09 -19.42 -3.93
N LEU H 36 112.97 -20.28 -2.93
CA LEU H 36 111.77 -21.09 -2.77
C LEU H 36 110.56 -20.22 -2.42
N ILE H 37 110.74 -19.27 -1.51
CA ILE H 37 109.61 -18.44 -1.10
C ILE H 37 109.22 -17.48 -2.22
N LEU H 38 110.20 -16.86 -2.88
CA LEU H 38 109.90 -15.98 -4.00
C LEU H 38 109.24 -16.76 -5.13
N THR H 39 109.78 -17.94 -5.45
CA THR H 39 109.21 -18.75 -6.53
C THR H 39 107.79 -19.17 -6.20
N SER H 40 107.55 -19.63 -4.97
CA SER H 40 106.22 -20.08 -4.60
C SER H 40 105.21 -18.93 -4.65
N GLN H 41 105.59 -17.76 -4.16
CA GLN H 41 104.68 -16.63 -4.12
C GLN H 41 104.38 -16.15 -5.54
N LYS H 42 103.14 -15.73 -5.77
CA LYS H 42 102.69 -15.31 -7.09
C LYS H 42 102.31 -13.84 -7.14
N GLU H 43 101.47 -13.38 -6.23
CA GLU H 43 101.04 -11.98 -6.26
C GLU H 43 102.23 -11.06 -6.05
N HIS H 44 102.27 -9.98 -6.81
CA HIS H 44 103.38 -9.03 -6.76
C HIS H 44 103.08 -7.95 -5.73
N GLN H 45 103.95 -7.83 -4.74
CA GLN H 45 103.90 -6.78 -3.73
C GLN H 45 105.30 -6.20 -3.56
N PRO H 46 105.40 -4.97 -3.03
CA PRO H 46 106.72 -4.34 -2.91
C PRO H 46 107.69 -5.12 -2.03
N TRP H 47 107.20 -5.91 -1.07
CA TRP H 47 108.10 -6.58 -0.14
C TRP H 47 109.00 -7.57 -0.87
N MET H 48 108.43 -8.37 -1.78
CA MET H 48 109.25 -9.32 -2.53
C MET H 48 110.27 -8.61 -3.41
N THR H 49 109.86 -7.49 -4.03
CA THR H 49 110.81 -6.72 -4.83
C THR H 49 111.96 -6.21 -3.97
N GLU H 50 111.65 -5.69 -2.77
CA GLU H 50 112.69 -5.25 -1.87
C GLU H 50 113.39 -6.42 -1.18
N MET H 51 112.68 -7.52 -0.97
CA MET H 51 113.27 -8.68 -0.33
C MET H 51 114.44 -9.23 -1.13
N ALA H 52 114.27 -9.31 -2.45
CA ALA H 52 115.34 -9.80 -3.31
C ALA H 52 116.56 -8.89 -3.23
N LEU H 53 116.34 -7.58 -3.25
CA LEU H 53 117.46 -6.64 -3.21
C LEU H 53 118.26 -6.79 -1.93
N LYS H 54 117.57 -6.95 -0.79
CA LYS H 54 118.27 -7.08 0.48
C LYS H 54 119.14 -8.33 0.50
N ALA H 55 118.63 -9.44 -0.06
CA ALA H 55 119.42 -10.67 -0.09
C ALA H 55 120.53 -10.60 -1.12
N ASP H 56 120.37 -9.79 -2.17
CA ASP H 56 121.38 -9.73 -3.22
C ASP H 56 122.71 -9.25 -2.67
N GLN H 57 122.69 -8.27 -1.77
CA GLN H 57 123.94 -7.71 -1.25
C GLN H 57 124.83 -8.79 -0.65
N CYS H 58 124.23 -9.78 0.01
CA CYS H 58 125.02 -10.84 0.62
C CYS H 58 125.83 -11.59 -0.43
N LEU H 59 125.29 -11.76 -1.63
CA LEU H 59 126.03 -12.48 -2.66
C LEU H 59 127.31 -11.75 -3.04
N ILE H 60 127.26 -10.43 -3.13
CA ILE H 60 128.45 -9.67 -3.51
C ILE H 60 129.54 -9.86 -2.46
N HIS H 61 129.17 -9.82 -1.19
CA HIS H 61 130.16 -9.99 -0.12
C HIS H 61 130.80 -11.37 -0.19
N LYS H 62 130.05 -12.39 -0.62
CA LYS H 62 130.61 -13.72 -0.74
C LYS H 62 131.80 -13.72 -1.70
N ALA H 63 131.63 -13.11 -2.88
CA ALA H 63 132.70 -13.04 -3.85
C ALA H 63 133.73 -11.99 -3.48
N THR H 64 133.30 -10.89 -2.86
CA THR H 64 134.24 -9.84 -2.48
C THR H 64 135.32 -10.38 -1.55
N LEU H 65 134.92 -11.11 -0.51
CA LEU H 65 135.88 -11.71 0.40
C LEU H 65 136.55 -12.92 -0.23
N PRO H 78 140.60 -5.41 10.85
CA PRO H 78 139.30 -4.88 11.28
C PRO H 78 138.30 -4.76 10.15
N LEU H 79 138.76 -4.42 8.94
CA LEU H 79 137.84 -4.28 7.81
C LEU H 79 137.22 -5.62 7.44
N ILE H 80 138.05 -6.65 7.26
CA ILE H 80 137.54 -7.95 6.86
C ILE H 80 136.65 -8.54 7.94
N GLU H 81 137.07 -8.43 9.20
CA GLU H 81 136.29 -9.01 10.30
C GLU H 81 134.91 -8.38 10.39
N ALA H 82 134.83 -7.06 10.21
CA ALA H 82 133.54 -6.39 10.27
C ALA H 82 132.59 -6.91 9.20
N MET H 83 133.09 -7.15 8.00
CA MET H 83 132.24 -7.64 6.92
C MET H 83 131.63 -8.98 7.29
N GLN H 84 132.40 -9.85 7.94
CA GLN H 84 131.87 -11.14 8.35
C GLN H 84 130.67 -10.98 9.27
N GLN H 85 130.76 -10.05 10.22
CA GLN H 85 129.62 -9.78 11.10
C GLN H 85 128.48 -9.11 10.34
N ILE H 86 128.80 -8.28 9.35
CA ILE H 86 127.77 -7.61 8.58
C ILE H 86 126.91 -8.61 7.84
N ILE H 87 127.53 -9.63 7.24
CA ILE H 87 126.78 -10.64 6.51
C ILE H 87 125.79 -11.32 7.44
N LEU H 88 126.24 -11.68 8.65
CA LEU H 88 125.33 -12.32 9.60
C LEU H 88 124.21 -11.37 10.02
N ALA H 89 124.48 -10.07 10.01
CA ALA H 89 123.45 -9.10 10.38
C ALA H 89 122.27 -9.17 9.42
N MET H 90 122.56 -9.27 8.11
CA MET H 90 121.49 -9.32 7.13
C MET H 90 120.74 -10.65 7.19
N THR H 91 121.45 -11.74 7.54
CA THR H 91 120.79 -13.04 7.61
C THR H 91 119.67 -13.04 8.63
N ARG H 92 119.91 -12.43 9.80
CA ARG H 92 118.87 -12.35 10.81
C ARG H 92 117.66 -11.58 10.30
N GLU H 93 117.92 -10.47 9.59
CA GLU H 93 116.82 -9.68 9.03
C GLU H 93 116.06 -10.48 7.98
N LEU H 94 116.78 -11.20 7.12
CA LEU H 94 116.13 -11.97 6.07
C LEU H 94 115.25 -13.08 6.64
N TRP H 95 115.76 -13.79 7.65
CA TRP H 95 115.01 -14.91 8.21
C TRP H 95 113.71 -14.43 8.85
N GLY H 96 113.67 -13.19 9.33
CA GLY H 96 112.44 -12.68 9.91
C GLY H 96 111.32 -12.61 8.89
N GLN H 97 111.61 -12.07 7.71
CA GLN H 97 110.59 -12.00 6.67
C GLN H 97 110.18 -13.39 6.22
N ILE H 98 111.12 -14.33 6.19
CA ILE H 98 110.80 -15.70 5.79
C ILE H 98 109.79 -16.29 6.76
N GLN H 99 110.06 -16.19 8.06
CA GLN H 99 109.16 -16.78 9.05
C GLN H 99 107.84 -16.02 9.11
N ARG H 100 107.88 -14.70 9.07
CA ARG H 100 106.66 -13.91 9.13
C ARG H 100 105.76 -14.20 7.93
N HIS H 101 106.34 -14.32 6.74
CA HIS H 101 105.54 -14.60 5.55
C HIS H 101 104.93 -15.99 5.62
N HIS H 102 105.71 -16.99 6.02
CA HIS H 102 105.20 -18.36 6.08
C HIS H 102 104.10 -18.50 7.13
N TYR H 103 104.38 -18.07 8.36
CA TYR H 103 103.42 -18.20 9.45
C TYR H 103 102.61 -16.92 9.65
N GLY H 104 103.28 -15.82 9.93
CA GLY H 104 102.61 -14.57 10.20
C GLY H 104 103.46 -13.67 11.07
N ILE H 105 103.15 -12.37 11.02
CA ILE H 105 103.93 -11.39 11.77
C ILE H 105 103.77 -11.61 13.27
N VAL H 106 102.55 -11.83 13.73
CA VAL H 106 102.30 -11.96 15.15
C VAL H 106 102.92 -13.26 15.68
N GLN H 107 102.81 -14.35 14.92
CA GLN H 107 103.28 -15.63 15.41
C GLN H 107 104.77 -15.61 15.69
N VAL H 108 105.56 -15.02 14.79
CA VAL H 108 107.00 -14.95 15.00
C VAL H 108 107.30 -14.13 16.27
N GLU H 109 106.66 -12.97 16.40
CA GLU H 109 106.84 -12.18 17.60
C GLU H 109 106.37 -12.93 18.83
N HIS H 110 105.34 -13.75 18.68
CA HIS H 110 104.81 -14.52 19.80
C HIS H 110 105.69 -15.71 20.14
N TYR H 111 106.27 -16.36 19.13
CA TYR H 111 107.02 -17.59 19.33
C TYR H 111 108.49 -17.38 19.63
N VAL H 112 109.08 -16.27 19.16
CA VAL H 112 110.51 -16.06 19.34
C VAL H 112 110.86 -16.01 20.82
N LYS H 113 110.05 -15.31 21.62
CA LYS H 113 110.37 -15.15 23.03
C LYS H 113 110.32 -16.49 23.77
N GLN H 114 109.38 -17.35 23.38
CA GLN H 114 109.20 -18.61 24.10
C GLN H 114 110.47 -19.44 24.10
N ILE H 115 111.10 -19.58 22.92
CA ILE H 115 112.30 -20.41 22.82
C ILE H 115 113.44 -19.78 23.60
N THR H 116 113.53 -18.45 23.60
CA THR H 116 114.59 -17.78 24.34
C THR H 116 114.47 -18.09 25.84
N LEU H 117 113.26 -18.07 26.37
CA LEU H 117 113.05 -18.41 27.78
C LEU H 117 113.50 -19.83 28.07
N TRP H 118 113.16 -20.78 27.19
CA TRP H 118 113.53 -22.16 27.42
C TRP H 118 115.04 -22.33 27.52
N GLN H 119 115.80 -21.43 26.89
CA GLN H 119 117.25 -21.51 26.98
C GLN H 119 117.77 -20.84 28.25
N ASP H 120 117.33 -19.61 28.52
CA ASP H 120 117.77 -18.86 29.69
C ASP H 120 117.05 -19.40 30.91
N THR H 121 117.49 -20.57 31.35
CA THR H 121 116.89 -21.24 32.50
C THR H 121 117.93 -22.23 33.04
N PRO H 122 117.92 -22.53 34.35
CA PRO H 122 118.95 -23.43 34.89
C PRO H 122 118.83 -24.87 34.41
N GLN H 123 119.17 -25.09 33.13
CA GLN H 123 119.25 -26.42 32.54
C GLN H 123 118.17 -27.38 33.02
N ALA H 124 118.22 -27.78 34.30
CA ALA H 124 117.35 -28.84 34.77
C ALA H 124 115.87 -28.51 34.53
N PHE H 125 115.44 -27.34 34.99
CA PHE H 125 114.06 -26.90 34.79
C PHE H 125 113.93 -26.04 33.53
N ARG H 126 114.47 -26.53 32.41
CA ARG H 126 114.42 -25.76 31.18
C ARG H 126 112.99 -25.65 30.66
N GLY H 127 112.21 -26.72 30.77
CA GLY H 127 110.84 -26.72 30.29
C GLY H 127 110.45 -28.04 29.68
N ASP H 128 109.84 -27.99 28.50
CA ASP H 128 109.40 -29.20 27.80
C ASP H 128 109.69 -29.12 26.31
N GLN H 129 110.78 -28.44 25.94
CA GLN H 129 111.15 -28.32 24.53
C GLN H 129 109.98 -27.73 23.75
N PRO H 130 109.70 -26.44 23.90
CA PRO H 130 108.50 -25.87 23.29
C PRO H 130 108.44 -26.14 21.80
N LYS H 131 107.25 -26.54 21.34
CA LYS H 131 107.09 -26.90 19.94
C LYS H 131 107.13 -25.65 19.06
N PRO H 132 107.65 -25.77 17.84
CA PRO H 132 107.60 -24.64 16.91
C PRO H 132 106.19 -24.38 16.44
N PRO H 133 105.90 -23.18 15.93
CA PRO H 133 104.52 -22.86 15.56
C PRO H 133 103.99 -23.78 14.47
N THR I 3 25.69 -99.51 75.78
CA THR I 3 24.60 -99.79 74.86
C THR I 3 24.19 -98.55 74.08
N PHE I 4 24.12 -97.40 74.75
CA PHE I 4 23.67 -96.18 74.09
C PHE I 4 24.58 -95.79 72.94
N ILE I 5 25.89 -95.86 73.15
CA ILE I 5 26.83 -95.44 72.12
C ILE I 5 26.65 -96.30 70.87
N GLU I 6 26.37 -97.59 71.05
CA GLU I 6 26.08 -98.44 69.91
C GLU I 6 24.88 -97.93 69.12
N LEU I 7 23.85 -97.45 69.82
CA LEU I 7 22.67 -96.92 69.14
C LEU I 7 23.03 -95.66 68.34
N VAL I 8 23.86 -94.79 68.91
CA VAL I 8 24.21 -93.56 68.22
C VAL I 8 25.05 -93.85 66.99
N LYS I 9 25.97 -94.80 67.08
CA LYS I 9 26.79 -95.16 65.93
C LYS I 9 25.93 -95.58 64.75
N ASN I 10 24.73 -96.09 65.02
CA ASN I 10 23.78 -96.44 63.96
C ASN I 10 22.98 -95.21 63.54
N MET I 11 23.72 -94.19 63.10
CA MET I 11 23.12 -92.94 62.68
C MET I 11 23.89 -92.37 61.49
N LYS I 12 23.23 -91.47 60.77
CA LYS I 12 23.76 -90.92 59.54
C LYS I 12 24.51 -89.63 59.81
N GLY I 13 25.65 -89.47 59.13
CA GLY I 13 26.53 -88.34 59.38
C GLY I 13 27.43 -88.50 60.58
N TYR I 14 27.58 -89.71 61.10
CA TYR I 14 28.38 -89.95 62.29
C TYR I 14 29.85 -89.99 61.90
N LYS I 15 30.62 -89.03 62.39
CA LYS I 15 32.06 -88.96 62.16
C LYS I 15 32.76 -89.23 63.49
N GLU I 16 33.58 -90.27 63.53
CA GLU I 16 34.27 -90.62 64.76
C GLU I 16 35.32 -89.57 65.10
N LEU I 17 35.51 -89.36 66.41
CA LEU I 17 36.45 -88.34 66.88
C LEU I 17 37.30 -88.81 68.04
N LEU I 18 37.31 -90.10 68.36
CA LEU I 18 38.06 -90.64 69.48
C LEU I 18 39.16 -91.57 68.97
N LEU I 19 40.37 -91.36 69.47
CA LEU I 19 41.50 -92.18 69.08
C LEU I 19 41.53 -93.47 69.89
N PRO I 20 42.29 -94.46 69.45
CA PRO I 20 42.42 -95.70 70.23
C PRO I 20 43.01 -95.42 71.60
N MET I 21 42.60 -96.25 72.57
CA MET I 21 43.07 -96.09 73.94
C MET I 21 44.58 -96.19 74.02
N GLU I 22 45.22 -96.91 73.08
CA GLU I 22 46.65 -97.11 73.11
C GLU I 22 47.44 -95.90 72.62
N MET I 23 46.77 -94.90 72.03
CA MET I 23 47.45 -93.74 71.49
C MET I 23 47.23 -92.46 72.30
N VAL I 24 46.17 -92.38 73.08
CA VAL I 24 45.89 -91.17 73.86
C VAL I 24 46.97 -91.01 74.92
N PRO I 25 47.28 -89.78 75.32
CA PRO I 25 48.32 -89.59 76.34
C PRO I 25 47.88 -90.17 77.68
N LEU I 26 48.83 -90.19 78.61
CA LEU I 26 48.51 -90.58 79.98
C LEU I 26 47.60 -89.54 80.62
N PRO I 27 46.78 -89.95 81.59
CA PRO I 27 45.84 -88.98 82.17
C PRO I 27 46.52 -87.75 82.75
N ALA I 28 47.71 -87.91 83.33
CA ALA I 28 48.41 -86.77 83.89
C ALA I 28 48.74 -85.74 82.81
N VAL I 29 49.17 -86.21 81.63
CA VAL I 29 49.55 -85.30 80.57
C VAL I 29 48.35 -84.52 80.07
N VAL I 30 47.18 -85.16 80.01
CA VAL I 30 46.01 -84.49 79.43
C VAL I 30 45.64 -83.27 80.26
N LEU I 31 45.68 -83.40 81.59
CA LEU I 31 45.31 -82.29 82.44
C LEU I 31 46.16 -81.05 82.16
N LYS I 32 47.41 -81.25 81.72
CA LYS I 32 48.28 -80.11 81.45
C LYS I 32 47.72 -79.23 80.34
N HIS I 33 47.19 -79.84 79.28
CA HIS I 33 46.62 -79.05 78.20
C HIS I 33 45.32 -78.38 78.64
N VAL I 34 44.61 -78.98 79.60
CA VAL I 34 43.36 -78.40 80.06
C VAL I 34 43.60 -77.01 80.64
N LYS I 35 44.63 -76.89 81.48
CA LYS I 35 44.92 -75.61 82.12
C LYS I 35 45.27 -74.55 81.08
N LEU I 36 46.09 -74.92 80.10
CA LEU I 36 46.47 -73.96 79.06
C LEU I 36 45.26 -73.56 78.23
N ILE I 37 44.49 -74.55 77.75
CA ILE I 37 43.36 -74.25 76.89
C ILE I 37 42.30 -73.45 77.65
N LEU I 38 42.00 -73.88 78.87
CA LEU I 38 41.03 -73.14 79.67
C LEU I 38 41.53 -71.73 79.97
N THR I 39 42.75 -71.63 80.52
CA THR I 39 43.25 -70.34 80.97
C THR I 39 43.60 -69.44 79.80
N SER I 40 44.28 -69.99 78.79
CA SER I 40 44.68 -69.21 77.61
C SER I 40 43.52 -69.14 76.63
N GLN I 41 42.43 -68.52 77.09
CA GLN I 41 41.24 -68.37 76.27
C GLN I 41 40.56 -67.05 76.63
N LYS I 42 39.87 -66.48 75.65
CA LYS I 42 39.15 -65.23 75.80
C LYS I 42 37.73 -65.42 75.30
N GLU I 43 36.80 -64.66 75.88
CA GLU I 43 35.39 -64.74 75.53
C GLU I 43 34.86 -66.17 75.74
N HIS I 44 34.87 -66.57 77.01
CA HIS I 44 34.47 -67.91 77.42
C HIS I 44 33.27 -68.39 76.63
N GLN I 45 33.34 -69.63 76.17
CA GLN I 45 32.32 -70.26 75.35
C GLN I 45 31.73 -71.47 76.07
N PRO I 46 30.53 -71.90 75.69
CA PRO I 46 29.87 -72.98 76.44
C PRO I 46 30.69 -74.25 76.52
N TRP I 47 31.41 -74.61 75.46
CA TRP I 47 32.16 -75.86 75.46
C TRP I 47 33.28 -75.85 76.49
N MET I 48 33.74 -74.67 76.90
CA MET I 48 34.78 -74.61 77.93
C MET I 48 34.29 -75.20 79.24
N THR I 49 33.05 -74.91 79.61
CA THR I 49 32.50 -75.44 80.85
C THR I 49 32.45 -76.96 80.82
N GLU I 50 32.06 -77.54 79.68
CA GLU I 50 31.96 -78.98 79.57
C GLU I 50 33.32 -79.63 79.81
N MET I 51 34.38 -79.05 79.26
CA MET I 51 35.71 -79.62 79.42
C MET I 51 36.11 -79.68 80.89
N ALA I 52 35.87 -78.61 81.63
CA ALA I 52 36.28 -78.57 83.04
C ALA I 52 35.53 -79.61 83.86
N LEU I 53 34.23 -79.75 83.60
CA LEU I 53 33.43 -80.68 84.40
C LEU I 53 33.93 -82.10 84.28
N LYS I 54 34.26 -82.53 83.06
CA LYS I 54 34.77 -83.88 82.87
C LYS I 54 36.15 -84.04 83.51
N ALA I 55 36.96 -82.98 83.47
CA ALA I 55 38.32 -83.09 83.98
C ALA I 55 38.34 -83.46 85.45
N ASP I 56 37.49 -82.81 86.26
CA ASP I 56 37.49 -83.08 87.69
C ASP I 56 37.08 -84.51 87.97
N GLN I 57 36.28 -85.12 87.09
CA GLN I 57 35.85 -86.50 87.33
C GLN I 57 37.05 -87.45 87.34
N CYS I 58 37.99 -87.27 86.42
CA CYS I 58 39.18 -88.12 86.40
C CYS I 58 39.98 -87.96 87.69
N LEU I 59 40.10 -86.73 88.20
CA LEU I 59 40.78 -86.52 89.46
C LEU I 59 40.07 -87.22 90.60
N ILE I 60 38.74 -87.15 90.62
CA ILE I 60 37.97 -87.81 91.67
C ILE I 60 38.24 -89.31 91.66
N HIS I 61 38.15 -89.94 90.48
CA HIS I 61 38.47 -91.35 90.38
C HIS I 61 39.93 -91.61 90.69
N LYS I 62 40.81 -90.72 90.21
CA LYS I 62 42.24 -90.89 90.49
C LYS I 62 42.52 -90.79 91.98
N ALA I 63 41.86 -89.85 92.66
CA ALA I 63 42.03 -89.71 94.11
C ALA I 63 41.36 -90.83 94.88
N THR I 64 40.57 -91.68 94.23
CA THR I 64 39.87 -92.76 94.89
C THR I 64 40.72 -94.02 95.03
N LEU I 65 41.69 -94.22 94.14
CA LEU I 65 42.50 -95.44 94.19
C LEU I 65 43.33 -95.51 95.45
N ASP I 66 43.85 -94.37 95.93
CA ASP I 66 44.65 -94.39 97.15
C ASP I 66 43.88 -94.96 98.33
N PRO I 78 37.57 -106.99 91.91
CA PRO I 78 36.95 -106.26 90.78
C PRO I 78 36.58 -104.83 91.11
N LEU I 79 35.86 -104.61 92.21
CA LEU I 79 35.34 -103.28 92.50
C LEU I 79 36.46 -102.26 92.65
N ILE I 80 37.52 -102.62 93.37
CA ILE I 80 38.64 -101.70 93.56
C ILE I 80 39.29 -101.37 92.23
N GLU I 81 39.53 -102.40 91.41
CA GLU I 81 40.17 -102.21 90.12
C GLU I 81 39.20 -101.80 89.02
N ALA I 82 37.89 -101.92 89.25
CA ALA I 82 36.92 -101.58 88.21
C ALA I 82 36.97 -100.10 87.86
N MET I 83 37.09 -99.23 88.86
CA MET I 83 37.10 -97.80 88.60
C MET I 83 38.27 -97.39 87.72
N GLN I 84 39.39 -98.13 87.80
CA GLN I 84 40.55 -97.79 86.98
C GLN I 84 40.23 -97.86 85.50
N GLN I 85 39.30 -98.73 85.11
CA GLN I 85 38.94 -98.84 83.70
C GLN I 85 38.33 -97.54 83.18
N ILE I 86 37.48 -96.90 83.99
CA ILE I 86 36.83 -95.68 83.55
C ILE I 86 37.85 -94.55 83.39
N ILE I 87 38.86 -94.52 84.26
CA ILE I 87 39.84 -93.44 84.21
C ILE I 87 40.49 -93.38 82.83
N LEU I 88 40.93 -94.53 82.32
CA LEU I 88 41.52 -94.56 80.98
C LEU I 88 40.51 -94.14 79.93
N ALA I 89 39.27 -94.62 80.06
CA ALA I 89 38.24 -94.26 79.10
C ALA I 89 37.94 -92.76 79.13
N MET I 90 37.89 -92.18 80.33
CA MET I 90 37.56 -90.76 80.44
C MET I 90 38.54 -89.90 79.65
N THR I 91 39.80 -90.28 79.62
CA THR I 91 40.79 -89.53 78.87
C THR I 91 40.47 -89.55 77.38
N ARG I 92 40.04 -90.70 76.86
CA ARG I 92 39.78 -90.82 75.43
C ARG I 92 38.73 -89.82 74.98
N GLU I 93 37.63 -89.71 75.73
CA GLU I 93 36.63 -88.69 75.41
C GLU I 93 37.17 -87.30 75.68
N LEU I 94 37.93 -87.13 76.76
CA LEU I 94 38.46 -85.82 77.10
C LEU I 94 39.46 -85.34 76.06
N TRP I 95 40.34 -86.23 75.60
CA TRP I 95 41.34 -85.84 74.61
C TRP I 95 40.69 -85.42 73.30
N GLY I 96 39.49 -85.93 73.02
CA GLY I 96 38.84 -85.58 71.77
C GLY I 96 38.54 -84.09 71.67
N GLN I 97 38.13 -83.49 72.79
CA GLN I 97 37.84 -82.05 72.78
C GLN I 97 39.10 -81.23 72.65
N ILE I 98 40.22 -81.73 73.18
CA ILE I 98 41.48 -81.00 73.08
C ILE I 98 41.86 -80.78 71.63
N GLN I 99 41.79 -81.85 70.83
CA GLN I 99 42.16 -81.74 69.42
C GLN I 99 41.20 -80.84 68.66
N ARG I 100 39.93 -80.83 69.04
CA ARG I 100 38.99 -79.93 68.38
C ARG I 100 39.39 -78.47 68.56
N HIS I 101 39.79 -78.11 69.78
CA HIS I 101 40.23 -76.74 70.03
C HIS I 101 41.52 -76.43 69.28
N HIS I 102 42.49 -77.34 69.35
CA HIS I 102 43.78 -77.10 68.70
C HIS I 102 43.64 -77.18 67.18
N TYR I 103 43.27 -78.35 66.67
CA TYR I 103 43.20 -78.54 65.23
C TYR I 103 41.89 -78.01 64.65
N GLY I 104 40.77 -78.56 65.09
CA GLY I 104 39.46 -78.22 64.55
C GLY I 104 38.67 -79.51 64.36
N ILE I 105 37.34 -79.39 64.46
CA ILE I 105 36.50 -80.57 64.38
C ILE I 105 36.64 -81.24 63.02
N VAL I 106 36.61 -80.45 61.94
CA VAL I 106 36.65 -81.02 60.60
C VAL I 106 37.95 -81.78 60.37
N GLN I 107 39.07 -81.16 60.75
CA GLN I 107 40.37 -81.79 60.51
C GLN I 107 40.51 -83.09 61.30
N VAL I 108 39.97 -83.12 62.52
CA VAL I 108 40.12 -84.30 63.36
C VAL I 108 39.50 -85.51 62.70
N GLU I 109 38.31 -85.34 62.13
CA GLU I 109 37.62 -86.47 61.48
C GLU I 109 38.53 -87.15 60.47
N HIS I 110 39.17 -86.35 59.60
CA HIS I 110 40.08 -86.93 58.62
C HIS I 110 41.26 -87.62 59.30
N TYR I 111 41.81 -87.01 60.34
CA TYR I 111 42.99 -87.58 61.00
C TYR I 111 42.68 -88.95 61.60
N VAL I 112 41.52 -89.08 62.25
CA VAL I 112 41.20 -90.33 62.92
C VAL I 112 41.11 -91.46 61.91
N LYS I 113 40.38 -91.23 60.81
CA LYS I 113 40.23 -92.27 59.80
C LYS I 113 41.57 -92.64 59.19
N GLN I 114 42.41 -91.64 58.93
CA GLN I 114 43.76 -91.92 58.44
C GLN I 114 44.53 -92.77 59.43
N ILE I 115 44.41 -92.44 60.73
CA ILE I 115 45.05 -93.26 61.75
C ILE I 115 44.44 -94.65 61.77
N THR I 116 43.11 -94.74 61.67
CA THR I 116 42.45 -96.04 61.72
C THR I 116 42.92 -96.93 60.58
N LEU I 117 42.88 -96.42 59.36
CA LEU I 117 43.37 -97.19 58.22
C LEU I 117 44.84 -97.51 58.39
N TRP I 118 45.64 -96.55 58.85
CA TRP I 118 47.05 -96.81 59.09
C TRP I 118 47.23 -97.91 60.12
N GLN I 119 46.45 -97.88 61.20
CA GLN I 119 46.53 -98.94 62.19
C GLN I 119 45.97 -100.26 61.66
N ASP I 120 44.95 -100.18 60.81
CA ASP I 120 44.34 -101.40 60.28
C ASP I 120 45.32 -102.16 59.39
N THR I 121 46.05 -101.47 58.55
CA THR I 121 46.97 -102.13 57.63
C THR I 121 48.05 -102.86 58.42
N PRO I 122 48.46 -104.06 58.00
CA PRO I 122 49.51 -104.78 58.74
C PRO I 122 50.82 -103.99 58.77
N GLN I 123 51.54 -104.16 59.87
CA GLN I 123 52.77 -103.41 60.08
C GLN I 123 53.82 -103.69 59.01
N ALA I 124 53.72 -104.83 58.32
CA ALA I 124 54.71 -105.17 57.29
C ALA I 124 54.73 -104.11 56.19
N PHE I 125 53.56 -103.68 55.75
CA PHE I 125 53.42 -102.67 54.70
C PHE I 125 52.55 -101.51 55.16
N ARG I 126 52.57 -101.23 56.46
CA ARG I 126 51.70 -100.19 57.01
C ARG I 126 52.06 -98.82 56.45
N GLY I 127 53.35 -98.51 56.36
CA GLY I 127 53.79 -97.22 55.87
C GLY I 127 54.02 -96.23 56.99
N ASP I 128 54.45 -95.04 56.60
CA ASP I 128 54.74 -93.99 57.55
C ASP I 128 53.47 -93.52 58.23
N GLN I 129 53.55 -93.29 59.53
CA GLN I 129 52.40 -92.81 60.28
C GLN I 129 52.04 -91.40 59.85
N PRO I 130 50.77 -91.11 59.55
CA PRO I 130 50.42 -89.75 59.13
C PRO I 130 50.59 -88.75 60.25
N LYS I 131 50.88 -87.52 59.86
CA LYS I 131 51.10 -86.44 60.82
C LYS I 131 49.80 -85.73 61.14
N PRO I 132 49.72 -85.07 62.29
CA PRO I 132 48.49 -84.36 62.65
C PRO I 132 48.16 -83.27 61.65
N PRO I 133 46.90 -82.83 61.60
CA PRO I 133 46.53 -81.77 60.66
C PRO I 133 47.10 -80.42 61.04
N SER I 134 46.76 -79.38 60.27
CA SER I 134 47.21 -78.04 60.55
C SER I 134 46.34 -77.40 61.63
N PHE I 135 46.96 -76.52 62.42
CA PHE I 135 46.25 -75.86 63.49
C PHE I 135 45.18 -74.93 62.95
N THR J 3 39.32 -77.83 91.26
CA THR J 3 39.97 -76.57 90.94
C THR J 3 39.71 -76.10 89.52
N PHE J 4 39.67 -77.02 88.55
CA PHE J 4 39.47 -76.62 87.16
C PHE J 4 38.13 -75.90 86.99
N ILE J 5 37.07 -76.42 87.61
CA ILE J 5 35.76 -75.79 87.48
C ILE J 5 35.80 -74.39 88.08
N GLU J 6 36.56 -74.21 89.16
CA GLU J 6 36.68 -72.89 89.76
C GLU J 6 37.30 -71.90 88.78
N LEU J 7 38.30 -72.34 88.02
CA LEU J 7 38.93 -71.45 87.04
C LEU J 7 37.92 -70.97 86.01
N VAL J 8 37.04 -71.87 85.56
CA VAL J 8 36.01 -71.48 84.61
C VAL J 8 35.08 -70.45 85.23
N LYS J 9 34.68 -70.67 86.49
CA LYS J 9 33.81 -69.73 87.17
C LYS J 9 34.46 -68.37 87.36
N ASN J 10 35.78 -68.28 87.21
CA ASN J 10 36.50 -67.03 87.31
C ASN J 10 36.62 -66.30 85.97
N MET J 11 36.03 -66.84 84.91
CA MET J 11 36.17 -66.27 83.58
C MET J 11 35.22 -65.09 83.40
N LYS J 12 35.22 -64.54 82.19
CA LYS J 12 34.33 -63.45 81.80
C LYS J 12 33.29 -63.98 80.84
N GLY J 13 32.02 -63.67 81.09
CA GLY J 13 30.92 -64.15 80.28
C GLY J 13 30.41 -65.52 80.67
N TYR J 14 31.02 -66.18 81.65
CA TYR J 14 30.55 -67.48 82.09
C TYR J 14 29.15 -67.37 82.71
N LYS J 15 28.31 -68.35 82.42
CA LYS J 15 26.94 -68.38 82.90
C LYS J 15 26.59 -69.78 83.35
N GLU J 16 25.88 -69.87 84.47
CA GLU J 16 25.50 -71.17 85.01
C GLU J 16 24.47 -71.84 84.10
N LEU J 17 24.59 -73.17 83.97
CA LEU J 17 23.63 -73.97 83.22
C LEU J 17 23.13 -75.18 83.99
N LEU J 18 23.77 -75.56 85.09
CA LEU J 18 23.33 -76.70 85.88
C LEU J 18 22.28 -76.26 86.89
N LEU J 19 21.87 -77.20 87.73
CA LEU J 19 20.82 -76.98 88.71
C LEU J 19 21.25 -77.56 90.05
N PRO J 20 20.61 -77.14 91.14
CA PRO J 20 20.96 -77.69 92.45
C PRO J 20 20.77 -79.20 92.48
N MET J 21 21.63 -79.87 93.25
CA MET J 21 21.58 -81.32 93.34
C MET J 21 20.18 -81.81 93.72
N GLU J 22 19.49 -81.05 94.57
CA GLU J 22 18.15 -81.45 94.98
C GLU J 22 17.18 -81.43 93.80
N MET J 23 17.28 -80.42 92.94
CA MET J 23 16.39 -80.30 91.79
C MET J 23 16.95 -81.10 90.60
N VAL J 24 17.19 -82.38 90.86
CA VAL J 24 17.69 -83.29 89.85
C VAL J 24 16.89 -84.59 89.91
N PRO J 25 16.31 -85.06 88.81
CA PRO J 25 15.55 -86.32 88.87
C PRO J 25 16.40 -87.47 89.37
N LEU J 26 15.72 -88.57 89.68
CA LEU J 26 16.39 -89.76 90.15
C LEU J 26 17.13 -90.44 89.00
N PRO J 27 18.12 -91.29 89.32
CA PRO J 27 18.84 -91.98 88.25
C PRO J 27 17.97 -92.96 87.50
N ALA J 28 18.54 -93.65 86.51
CA ALA J 28 17.82 -94.64 85.73
C ALA J 28 16.68 -94.00 84.95
N VAL J 29 15.67 -93.49 85.66
CA VAL J 29 14.52 -92.88 84.99
C VAL J 29 14.96 -91.67 84.18
N VAL J 30 15.89 -90.88 84.73
CA VAL J 30 16.37 -89.70 84.02
C VAL J 30 17.02 -90.10 82.70
N LEU J 31 17.61 -91.30 82.64
CA LEU J 31 18.23 -91.76 81.41
C LEU J 31 17.22 -91.96 80.29
N LYS J 32 15.93 -92.03 80.60
CA LYS J 32 14.93 -92.27 79.57
C LYS J 32 14.88 -91.12 78.57
N HIS J 33 15.02 -89.88 79.05
CA HIS J 33 15.05 -88.75 78.13
C HIS J 33 16.17 -88.88 77.10
N VAL J 34 17.22 -89.63 77.44
CA VAL J 34 18.32 -89.84 76.49
C VAL J 34 17.80 -90.53 75.24
N LYS J 35 17.01 -91.59 75.42
CA LYS J 35 16.48 -92.33 74.28
C LYS J 35 15.55 -91.46 73.45
N LEU J 36 14.72 -90.65 74.11
CA LEU J 36 13.74 -89.83 73.40
C LEU J 36 14.40 -88.72 72.60
N ILE J 37 15.70 -88.47 72.80
CA ILE J 37 16.39 -87.39 72.11
C ILE J 37 17.39 -87.98 71.14
N LEU J 38 17.87 -89.19 71.43
CA LEU J 38 18.77 -89.89 70.52
C LEU J 38 18.01 -90.68 69.47
N THR J 39 17.11 -91.57 69.91
CA THR J 39 16.35 -92.39 68.98
C THR J 39 15.49 -91.53 68.07
N SER J 40 14.84 -90.52 68.62
CA SER J 40 14.00 -89.61 67.84
C SER J 40 14.83 -88.45 67.31
N GLN J 41 15.88 -88.79 66.56
CA GLN J 41 16.80 -87.79 66.03
C GLN J 41 17.47 -88.34 64.79
N LYS J 42 18.06 -87.42 64.02
CA LYS J 42 18.78 -87.74 62.81
C LYS J 42 19.80 -86.63 62.56
N GLU J 43 20.69 -86.86 61.59
CA GLU J 43 21.75 -85.92 61.28
C GLU J 43 22.66 -85.71 62.49
N HIS J 44 23.32 -86.81 62.86
CA HIS J 44 24.22 -86.85 64.01
C HIS J 44 25.07 -85.59 64.10
N GLN J 45 24.97 -84.92 65.23
CA GLN J 45 25.72 -83.70 65.50
C GLN J 45 26.76 -83.93 66.58
N PRO J 46 27.79 -83.09 66.65
CA PRO J 46 28.88 -83.35 67.61
C PRO J 46 28.40 -83.45 69.05
N TRP J 47 27.43 -82.61 69.45
CA TRP J 47 26.99 -82.62 70.84
C TRP J 47 26.25 -83.91 71.19
N MET J 48 25.66 -84.58 70.20
CA MET J 48 24.95 -85.82 70.48
C MET J 48 25.89 -86.88 71.01
N THR J 49 27.09 -86.96 70.45
CA THR J 49 28.07 -87.93 70.93
C THR J 49 28.46 -87.64 72.37
N GLU J 50 28.61 -86.35 72.72
CA GLU J 50 28.97 -85.99 74.08
C GLU J 50 27.93 -86.51 75.07
N MET J 51 26.65 -86.33 74.75
CA MET J 51 25.60 -86.84 75.62
C MET J 51 25.65 -88.36 75.72
N ALA J 52 25.87 -89.04 74.59
CA ALA J 52 25.89 -90.49 74.60
C ALA J 52 27.03 -91.03 75.45
N LEU J 53 28.22 -90.41 75.33
CA LEU J 53 29.39 -90.88 76.07
C LEU J 53 29.33 -90.51 77.54
N LYS J 54 28.39 -89.65 77.95
CA LYS J 54 28.21 -89.30 79.35
C LYS J 54 27.12 -90.11 80.02
N ALA J 55 25.98 -90.28 79.36
CA ALA J 55 24.89 -91.04 79.95
C ALA J 55 25.28 -92.50 80.18
N ASP J 56 25.98 -93.10 79.22
CA ASP J 56 26.38 -94.49 79.35
C ASP J 56 27.29 -94.72 80.54
N GLN J 57 27.97 -93.67 81.02
CA GLN J 57 28.86 -93.84 82.16
C GLN J 57 28.09 -94.23 83.42
N CYS J 58 26.89 -93.67 83.59
CA CYS J 58 26.10 -94.00 84.78
C CYS J 58 25.81 -95.49 84.85
N LEU J 59 25.50 -96.11 83.71
CA LEU J 59 25.27 -97.55 83.68
C LEU J 59 26.53 -98.30 84.10
N ILE J 60 27.68 -97.84 83.64
CA ILE J 60 28.94 -98.50 84.01
C ILE J 60 29.14 -98.43 85.51
N HIS J 61 28.97 -97.24 86.10
CA HIS J 61 29.04 -97.11 87.54
C HIS J 61 27.92 -97.89 88.21
N LYS J 62 26.71 -97.82 87.65
CA LYS J 62 25.58 -98.56 88.20
C LYS J 62 25.83 -100.06 88.11
N ALA J 63 26.45 -100.52 87.03
CA ALA J 63 26.70 -101.95 86.86
C ALA J 63 27.59 -102.51 87.97
N THR J 64 28.42 -101.67 88.59
CA THR J 64 29.29 -102.14 89.66
C THR J 64 28.51 -102.53 90.91
N LEU J 65 27.26 -102.07 91.03
CA LEU J 65 26.47 -102.41 92.20
C LEU J 65 26.29 -103.92 92.34
N ASP J 66 26.27 -104.64 91.22
CA ASP J 66 26.19 -106.10 91.30
C ASP J 66 27.40 -106.67 92.02
N PRO J 78 34.58 -96.53 101.68
CA PRO J 78 34.70 -95.28 100.90
C PRO J 78 34.64 -95.51 99.41
N LEU J 79 35.19 -96.63 98.92
CA LEU J 79 35.14 -96.92 97.50
C LEU J 79 33.71 -97.10 97.02
N ILE J 80 32.89 -97.82 97.79
CA ILE J 80 31.49 -98.02 97.41
C ILE J 80 30.71 -96.73 97.55
N GLU J 81 30.93 -96.00 98.66
CA GLU J 81 30.21 -94.75 98.87
C GLU J 81 30.60 -93.72 97.82
N ALA J 82 31.88 -93.64 97.47
CA ALA J 82 32.34 -92.59 96.56
C ALA J 82 31.66 -92.71 95.20
N MET J 83 31.53 -93.93 94.68
CA MET J 83 30.92 -94.11 93.37
C MET J 83 29.49 -93.59 93.34
N GLN J 84 28.72 -93.86 94.40
CA GLN J 84 27.34 -93.41 94.44
C GLN J 84 27.25 -91.89 94.37
N GLN J 85 28.17 -91.20 95.06
CA GLN J 85 28.15 -89.74 95.03
C GLN J 85 28.41 -89.21 93.62
N ILE J 86 29.31 -89.86 92.87
CA ILE J 86 29.67 -89.38 91.55
C ILE J 86 28.46 -89.42 90.61
N ILE J 87 27.59 -90.42 90.77
CA ILE J 87 26.45 -90.55 89.87
C ILE J 87 25.59 -89.30 89.92
N LEU J 88 25.40 -88.73 91.12
CA LEU J 88 24.61 -87.51 91.24
C LEU J 88 25.22 -86.38 90.42
N ALA J 89 26.54 -86.23 90.50
CA ALA J 89 27.21 -85.16 89.77
C ALA J 89 27.02 -85.32 88.27
N MET J 90 27.20 -86.53 87.75
CA MET J 90 27.01 -86.76 86.32
C MET J 90 25.56 -86.55 85.93
N THR J 91 24.63 -86.98 86.78
CA THR J 91 23.21 -86.80 86.47
C THR J 91 22.87 -85.32 86.33
N ARG J 92 23.46 -84.47 87.17
CA ARG J 92 23.22 -83.04 87.07
C ARG J 92 23.65 -82.51 85.71
N GLU J 93 24.81 -82.96 85.22
CA GLU J 93 25.29 -82.50 83.92
C GLU J 93 24.34 -82.94 82.81
N LEU J 94 23.81 -84.16 82.91
CA LEU J 94 22.93 -84.66 81.86
C LEU J 94 21.71 -83.77 81.70
N TRP J 95 21.11 -83.34 82.81
CA TRP J 95 19.89 -82.54 82.73
C TRP J 95 20.16 -81.21 82.03
N GLY J 96 21.29 -80.58 82.33
CA GLY J 96 21.60 -79.31 81.69
C GLY J 96 21.68 -79.42 80.19
N GLN J 97 22.29 -80.50 79.69
CA GLN J 97 22.35 -80.71 78.25
C GLN J 97 20.96 -80.88 77.65
N ILE J 98 20.09 -81.61 78.36
CA ILE J 98 18.73 -81.83 77.86
C ILE J 98 18.00 -80.51 77.73
N GLN J 99 18.08 -79.66 78.76
CA GLN J 99 17.46 -78.35 78.68
C GLN J 99 18.15 -77.47 77.64
N ARG J 100 19.46 -77.64 77.46
CA ARG J 100 20.17 -76.93 76.41
C ARG J 100 19.64 -77.27 75.03
N HIS J 101 18.94 -78.40 74.89
CA HIS J 101 18.36 -78.81 73.63
C HIS J 101 16.87 -78.53 73.54
N HIS J 102 16.11 -78.85 74.60
CA HIS J 102 14.66 -78.67 74.58
C HIS J 102 14.30 -77.18 74.58
N TYR J 103 14.69 -76.47 75.62
CA TYR J 103 14.35 -75.05 75.77
C TYR J 103 15.48 -74.16 75.28
N GLY J 104 15.95 -74.40 74.06
CA GLY J 104 17.00 -73.58 73.52
C GLY J 104 18.28 -73.72 74.34
N ILE J 105 19.18 -72.77 74.09
CA ILE J 105 20.45 -72.71 74.83
C ILE J 105 20.59 -71.34 75.47
N VAL J 106 19.92 -70.34 74.90
CA VAL J 106 19.97 -68.99 75.45
C VAL J 106 18.94 -68.82 76.55
N GLN J 107 17.71 -69.26 76.30
CA GLN J 107 16.65 -69.13 77.29
C GLN J 107 16.93 -69.97 78.53
N VAL J 108 17.79 -70.98 78.43
CA VAL J 108 18.09 -71.82 79.58
C VAL J 108 18.76 -71.00 80.68
N GLU J 109 19.70 -70.15 80.30
CA GLU J 109 20.42 -69.35 81.29
C GLU J 109 19.45 -68.47 82.08
N HIS J 110 18.48 -67.87 81.39
CA HIS J 110 17.51 -67.03 82.08
C HIS J 110 16.72 -67.82 83.11
N TYR J 111 16.31 -69.03 82.76
CA TYR J 111 15.53 -69.84 83.69
C TYR J 111 16.34 -70.18 84.93
N VAL J 112 17.57 -70.66 84.75
CA VAL J 112 18.40 -71.03 85.89
C VAL J 112 18.74 -69.79 86.70
N LYS J 113 18.91 -68.65 86.05
CA LYS J 113 19.15 -67.41 86.78
C LYS J 113 18.02 -67.13 87.77
N GLN J 114 16.78 -67.31 87.34
CA GLN J 114 15.65 -67.10 88.24
C GLN J 114 15.57 -68.20 89.29
N ILE J 115 15.93 -69.42 88.93
CA ILE J 115 15.89 -70.52 89.89
C ILE J 115 16.78 -70.22 91.08
N THR J 116 17.98 -69.71 90.82
CA THR J 116 18.92 -69.42 91.90
C THR J 116 18.33 -68.38 92.85
N LEU J 117 17.74 -67.32 92.30
CA LEU J 117 17.14 -66.29 93.14
C LEU J 117 15.93 -66.83 93.89
N TRP J 118 15.10 -67.63 93.22
CA TRP J 118 13.88 -68.13 93.83
C TRP J 118 14.15 -69.08 94.99
N GLN J 119 15.31 -69.71 95.02
CA GLN J 119 15.65 -70.66 96.07
C GLN J 119 16.55 -70.07 97.14
N ASP J 120 17.49 -69.20 96.75
CA ASP J 120 18.42 -68.65 97.72
C ASP J 120 17.70 -67.79 98.75
N THR J 121 16.71 -67.02 98.31
CA THR J 121 15.96 -66.19 99.24
C THR J 121 15.19 -67.07 100.21
N PRO J 122 14.91 -66.57 101.42
CA PRO J 122 14.18 -67.39 102.39
C PRO J 122 12.79 -67.76 101.89
N GLN J 123 12.30 -68.91 102.35
CA GLN J 123 11.03 -69.43 101.88
C GLN J 123 9.88 -68.46 102.15
N ALA J 124 10.04 -67.55 103.12
CA ALA J 124 8.98 -66.60 103.43
C ALA J 124 8.85 -65.49 102.39
N PHE J 125 9.79 -65.39 101.45
CA PHE J 125 9.77 -64.34 100.44
C PHE J 125 9.75 -64.85 99.01
N ARG J 126 9.92 -66.15 98.79
CA ARG J 126 10.03 -66.66 97.43
C ARG J 126 8.79 -66.34 96.62
N GLY J 127 7.64 -66.87 97.03
CA GLY J 127 6.41 -66.67 96.30
C GLY J 127 5.98 -67.90 95.53
N ASP J 128 6.12 -67.86 94.21
CA ASP J 128 5.73 -68.96 93.34
C ASP J 128 6.90 -69.34 92.45
N GLN J 129 7.05 -70.64 92.19
CA GLN J 129 8.13 -71.11 91.35
C GLN J 129 7.97 -70.54 89.94
N PRO J 130 9.04 -70.05 89.32
CA PRO J 130 8.93 -69.56 87.93
C PRO J 130 8.94 -70.72 86.95
N LYS J 131 7.86 -70.85 86.19
CA LYS J 131 7.74 -71.95 85.25
C LYS J 131 8.80 -71.83 84.16
N PRO J 132 9.49 -72.93 83.82
CA PRO J 132 10.49 -72.85 82.76
C PRO J 132 9.84 -72.56 81.42
N PRO J 133 10.57 -71.94 80.50
CA PRO J 133 9.99 -71.65 79.18
C PRO J 133 9.68 -72.93 78.42
N SER J 134 8.66 -72.87 77.58
CA SER J 134 8.23 -74.02 76.81
C SER J 134 9.23 -74.29 75.67
N PHE J 135 8.89 -75.28 74.84
CA PHE J 135 9.75 -75.69 73.73
C PHE J 135 9.63 -74.64 72.63
N THR K 3 26.65 -41.00 112.26
CA THR K 3 26.21 -39.61 112.10
C THR K 3 26.21 -39.18 110.64
N PHE K 4 27.02 -39.82 109.79
CA PHE K 4 27.01 -39.48 108.38
C PHE K 4 25.64 -39.75 107.76
N ILE K 5 24.99 -40.86 108.14
CA ILE K 5 23.67 -41.15 107.61
C ILE K 5 22.71 -40.02 107.96
N GLU K 6 22.83 -39.47 109.16
CA GLU K 6 22.03 -38.31 109.53
C GLU K 6 22.32 -37.14 108.61
N LEU K 7 23.60 -36.93 108.27
CA LEU K 7 23.94 -35.84 107.36
C LEU K 7 23.32 -36.03 105.99
N VAL K 8 23.00 -37.27 105.62
CA VAL K 8 22.35 -37.54 104.35
C VAL K 8 20.86 -37.83 104.52
N LYS K 9 20.42 -38.20 105.72
CA LYS K 9 19.00 -38.49 105.93
C LYS K 9 18.13 -37.29 105.57
N ASN K 10 18.68 -36.08 105.67
CA ASN K 10 17.94 -34.88 105.28
C ASN K 10 18.00 -34.61 103.78
N MET K 11 18.88 -35.28 103.05
CA MET K 11 18.98 -35.06 101.62
C MET K 11 17.71 -35.50 100.91
N LYS K 12 17.38 -34.81 99.82
CA LYS K 12 16.16 -35.12 99.08
C LYS K 12 16.21 -36.52 98.50
N GLY K 13 17.35 -36.92 97.94
CA GLY K 13 17.46 -38.21 97.27
C GLY K 13 17.89 -39.34 98.17
N TYR K 14 17.97 -39.08 99.48
CA TYR K 14 18.36 -40.12 100.42
C TYR K 14 17.33 -41.23 100.45
N LYS K 15 17.82 -42.47 100.55
CA LYS K 15 16.96 -43.65 100.53
C LYS K 15 17.45 -44.64 101.57
N GLU K 16 16.53 -45.47 102.06
CA GLU K 16 16.85 -46.53 103.01
C GLU K 16 17.25 -47.77 102.22
N LEU K 17 18.49 -47.75 101.74
CA LEU K 17 19.01 -48.88 100.98
C LEU K 17 19.18 -50.13 101.82
N LEU K 18 19.23 -49.99 103.15
CA LEU K 18 19.41 -51.12 104.05
C LEU K 18 18.11 -51.91 104.11
N LEU K 19 18.05 -53.01 103.39
CA LEU K 19 16.84 -53.82 103.33
C LEU K 19 16.67 -54.59 104.64
N PRO K 20 15.47 -55.11 104.90
CA PRO K 20 15.24 -55.84 106.15
C PRO K 20 16.20 -57.02 106.29
N MET K 21 16.61 -57.26 107.53
CA MET K 21 17.55 -58.36 107.80
C MET K 21 16.95 -59.69 107.39
N GLU K 22 15.67 -59.92 107.71
CA GLU K 22 15.03 -61.17 107.33
C GLU K 22 14.98 -61.34 105.82
N MET K 23 14.91 -60.23 105.08
CA MET K 23 14.80 -60.32 103.63
C MET K 23 16.02 -60.97 103.01
N VAL K 24 17.21 -60.59 103.46
CA VAL K 24 18.46 -61.06 102.85
C VAL K 24 18.79 -62.47 103.34
N PRO K 25 19.51 -63.27 102.55
CA PRO K 25 19.91 -64.60 103.02
C PRO K 25 21.16 -64.57 103.88
N LEU K 26 21.68 -65.75 104.22
CA LEU K 26 22.88 -65.83 105.03
C LEU K 26 24.09 -65.31 104.25
N PRO K 27 25.14 -64.90 104.95
CA PRO K 27 26.29 -64.30 104.24
C PRO K 27 26.90 -65.22 103.18
N ALA K 28 26.95 -66.52 103.44
CA ALA K 28 27.61 -67.42 102.51
C ALA K 28 26.93 -67.43 101.15
N VAL K 29 25.59 -67.43 101.14
CA VAL K 29 24.87 -67.49 99.88
C VAL K 29 25.08 -66.22 99.07
N VAL K 30 25.15 -65.07 99.74
CA VAL K 30 25.30 -63.80 99.02
C VAL K 30 26.59 -63.79 98.23
N LEU K 31 27.68 -64.28 98.84
CA LEU K 31 28.96 -64.31 98.14
C LEU K 31 28.85 -65.05 96.81
N LYS K 32 27.98 -66.05 96.74
CA LYS K 32 27.81 -66.80 95.49
C LYS K 32 27.34 -65.89 94.38
N HIS K 33 26.37 -65.02 94.66
CA HIS K 33 25.83 -64.14 93.63
C HIS K 33 26.84 -63.08 93.21
N VAL K 34 27.76 -62.70 94.09
CA VAL K 34 28.75 -61.70 93.74
C VAL K 34 29.63 -62.21 92.61
N LYS K 35 30.07 -63.47 92.69
CA LYS K 35 30.84 -64.05 91.61
C LYS K 35 30.01 -64.13 90.33
N LEU K 36 28.75 -64.54 90.46
CA LEU K 36 27.90 -64.70 89.28
C LEU K 36 27.62 -63.36 88.62
N ILE K 37 27.30 -62.34 89.42
CA ILE K 37 26.98 -61.03 88.84
C ILE K 37 28.21 -60.39 88.25
N LEU K 38 29.34 -60.44 88.97
CA LEU K 38 30.58 -59.88 88.44
C LEU K 38 31.02 -60.62 87.18
N THR K 39 30.94 -61.95 87.20
CA THR K 39 31.32 -62.74 86.04
C THR K 39 30.43 -62.43 84.84
N SER K 40 29.12 -62.36 85.06
CA SER K 40 28.20 -62.09 83.96
C SER K 40 28.44 -60.72 83.37
N GLN K 41 28.64 -59.71 84.22
CA GLN K 41 28.82 -58.35 83.73
C GLN K 41 30.14 -58.23 82.99
N LYS K 42 30.14 -57.44 81.91
CA LYS K 42 31.31 -57.27 81.06
C LYS K 42 31.88 -55.87 81.09
N GLU K 43 31.04 -54.85 80.87
CA GLU K 43 31.55 -53.48 80.85
C GLU K 43 32.13 -53.10 82.21
N HIS K 44 33.26 -52.41 82.20
CA HIS K 44 33.96 -52.04 83.42
C HIS K 44 33.46 -50.67 83.88
N GLN K 45 32.94 -50.63 85.10
CA GLN K 45 32.52 -49.41 85.76
C GLN K 45 33.05 -49.42 87.19
N PRO K 46 33.16 -48.26 87.82
CA PRO K 46 33.73 -48.21 89.17
C PRO K 46 32.93 -49.01 90.20
N TRP K 47 31.63 -49.22 89.99
CA TRP K 47 30.83 -49.89 91.00
C TRP K 47 31.29 -51.34 91.20
N MET K 48 31.55 -52.05 90.11
CA MET K 48 32.02 -53.43 90.24
C MET K 48 33.38 -53.48 90.92
N THR K 49 34.27 -52.54 90.58
CA THR K 49 35.57 -52.49 91.25
C THR K 49 35.40 -52.27 92.74
N GLU K 50 34.52 -51.35 93.14
CA GLU K 50 34.27 -51.12 94.55
C GLU K 50 33.38 -52.21 95.15
N MET K 51 32.51 -52.81 94.33
CA MET K 51 31.64 -53.87 94.84
C MET K 51 32.44 -55.06 95.34
N ALA K 52 33.48 -55.45 94.60
CA ALA K 52 34.32 -56.56 95.03
C ALA K 52 35.02 -56.25 96.34
N LEU K 53 35.54 -55.02 96.49
CA LEU K 53 36.25 -54.66 97.70
C LEU K 53 35.34 -54.74 98.92
N LYS K 54 34.10 -54.27 98.78
CA LYS K 54 33.17 -54.29 99.90
C LYS K 54 32.88 -55.73 100.34
N ALA K 55 32.72 -56.63 99.37
CA ALA K 55 32.45 -58.02 99.71
C ALA K 55 33.69 -58.73 100.25
N ASP K 56 34.88 -58.27 99.85
CA ASP K 56 36.11 -58.93 100.28
C ASP K 56 36.25 -58.90 101.79
N GLN K 57 35.90 -57.78 102.42
CA GLN K 57 36.09 -57.65 103.86
C GLN K 57 35.38 -58.77 104.61
N CYS K 58 34.20 -59.19 104.13
CA CYS K 58 33.47 -60.25 104.81
C CYS K 58 34.28 -61.53 104.86
N LEU K 59 35.07 -61.82 103.83
CA LEU K 59 35.86 -63.04 103.82
C LEU K 59 36.87 -63.06 104.96
N ILE K 60 37.52 -61.91 105.21
CA ILE K 60 38.53 -61.86 106.26
C ILE K 60 37.90 -62.15 107.61
N HIS K 61 36.71 -61.59 107.86
CA HIS K 61 36.04 -61.84 109.13
C HIS K 61 35.68 -63.31 109.30
N LYS K 62 35.38 -64.00 108.21
CA LYS K 62 35.08 -65.43 108.29
C LYS K 62 36.26 -66.19 108.90
N ALA K 63 37.46 -65.95 108.38
CA ALA K 63 38.65 -66.61 108.90
C ALA K 63 39.10 -66.00 110.23
N THR K 64 38.91 -64.70 110.41
CA THR K 64 39.33 -64.06 111.65
C THR K 64 38.64 -64.70 112.85
N LEU K 65 37.32 -64.85 112.77
CA LEU K 65 36.58 -65.50 113.84
C LEU K 65 36.79 -67.01 113.83
N PRO K 78 31.86 -58.89 124.11
CA PRO K 78 31.33 -57.78 123.32
C PRO K 78 32.05 -57.61 121.99
N LEU K 79 33.35 -57.87 121.94
CA LEU K 79 34.09 -57.69 120.70
C LEU K 79 33.64 -58.71 119.65
N ILE K 80 33.60 -59.99 120.03
CA ILE K 80 33.22 -61.03 119.07
C ILE K 80 31.78 -60.85 118.63
N GLU K 81 30.88 -60.55 119.58
CA GLU K 81 29.47 -60.42 119.24
C GLU K 81 29.25 -59.28 118.25
N ALA K 82 29.95 -58.16 118.44
CA ALA K 82 29.79 -57.03 117.53
C ALA K 82 30.18 -57.41 116.10
N MET K 83 31.26 -58.18 115.95
CA MET K 83 31.69 -58.57 114.62
C MET K 83 30.61 -59.37 113.90
N GLN K 84 29.93 -60.25 114.64
CA GLN K 84 28.85 -61.03 114.02
C GLN K 84 27.78 -60.13 113.44
N GLN K 85 27.39 -59.08 114.17
CA GLN K 85 26.43 -58.13 113.64
C GLN K 85 27.01 -57.31 112.50
N ILE K 86 28.31 -57.01 112.56
CA ILE K 86 28.95 -56.22 111.51
C ILE K 86 28.89 -56.97 110.18
N ILE K 87 29.14 -58.28 110.20
CA ILE K 87 29.09 -59.06 108.97
C ILE K 87 27.70 -58.97 108.35
N LEU K 88 26.66 -59.11 109.17
CA LEU K 88 25.30 -59.01 108.64
C LEU K 88 25.01 -57.61 108.11
N ALA K 89 25.66 -56.59 108.67
CA ALA K 89 25.46 -55.23 108.19
C ALA K 89 25.90 -55.10 106.74
N MET K 90 27.04 -55.68 106.39
CA MET K 90 27.53 -55.58 105.02
C MET K 90 26.69 -56.42 104.06
N THR K 91 26.13 -57.53 104.55
CA THR K 91 25.30 -58.37 103.67
C THR K 91 24.09 -57.61 103.16
N ARG K 92 23.44 -56.83 104.04
CA ARG K 92 22.30 -56.04 103.59
C ARG K 92 22.72 -55.04 102.53
N GLU K 93 23.86 -54.39 102.73
CA GLU K 93 24.34 -53.43 101.74
C GLU K 93 24.66 -54.12 100.42
N LEU K 94 25.29 -55.29 100.48
CA LEU K 94 25.66 -55.99 99.26
C LEU K 94 24.42 -56.42 98.47
N TRP K 95 23.42 -56.96 99.17
CA TRP K 95 22.23 -57.45 98.48
C TRP K 95 21.50 -56.32 97.76
N GLY K 96 21.62 -55.09 98.26
CA GLY K 96 20.97 -53.97 97.58
C GLY K 96 21.53 -53.75 96.19
N GLN K 97 22.85 -53.75 96.06
CA GLN K 97 23.46 -53.58 94.75
C GLN K 97 23.11 -54.75 93.83
N ILE K 98 23.02 -55.96 94.40
CA ILE K 98 22.66 -57.13 93.60
C ILE K 98 21.28 -56.94 92.98
N GLN K 99 20.30 -56.58 93.82
CA GLN K 99 18.94 -56.43 93.33
C GLN K 99 18.80 -55.21 92.41
N ARG K 100 19.44 -54.10 92.77
CA ARG K 100 19.35 -52.90 91.94
C ARG K 100 19.97 -53.14 90.57
N HIS K 101 21.11 -53.84 90.52
CA HIS K 101 21.75 -54.10 89.24
C HIS K 101 20.91 -55.03 88.38
N HIS K 102 20.36 -56.10 88.97
CA HIS K 102 19.58 -57.06 88.21
C HIS K 102 18.29 -56.42 87.69
N TYR K 103 17.52 -55.80 88.57
CA TYR K 103 16.25 -55.19 88.20
C TYR K 103 16.38 -53.70 87.91
N GLY K 104 16.81 -52.94 88.90
CA GLY K 104 16.92 -51.50 88.77
C GLY K 104 16.84 -50.82 90.11
N ILE K 105 17.34 -49.59 90.15
CA ILE K 105 17.38 -48.84 91.41
C ILE K 105 15.96 -48.52 91.87
N VAL K 106 15.10 -48.07 90.95
CA VAL K 106 13.75 -47.67 91.34
C VAL K 106 12.93 -48.88 91.77
N GLN K 107 13.08 -50.00 91.07
CA GLN K 107 12.25 -51.17 91.34
C GLN K 107 12.47 -51.68 92.77
N VAL K 108 13.73 -51.74 93.20
CA VAL K 108 14.02 -52.21 94.55
C VAL K 108 13.40 -51.26 95.57
N GLU K 109 13.60 -49.95 95.38
CA GLU K 109 12.97 -48.98 96.27
C GLU K 109 11.45 -49.08 96.22
N HIS K 110 10.91 -49.41 95.04
CA HIS K 110 9.46 -49.52 94.88
C HIS K 110 8.93 -50.82 95.48
N TYR K 111 9.69 -51.91 95.36
CA TYR K 111 9.20 -53.23 95.77
C TYR K 111 9.49 -53.55 97.24
N VAL K 112 10.54 -52.98 97.82
CA VAL K 112 10.92 -53.32 99.18
C VAL K 112 9.79 -52.99 100.16
N LYS K 113 9.17 -51.81 99.99
CA LYS K 113 8.13 -51.39 100.92
C LYS K 113 6.92 -52.31 100.85
N GLN K 114 6.59 -52.79 99.66
CA GLN K 114 5.38 -53.59 99.49
C GLN K 114 5.41 -54.83 100.37
N ILE K 115 6.53 -55.55 100.36
CA ILE K 115 6.62 -56.78 101.14
C ILE K 115 6.58 -56.48 102.63
N THR K 116 7.18 -55.36 103.05
CA THR K 116 7.16 -54.99 104.46
C THR K 116 5.73 -54.78 104.94
N LEU K 117 4.91 -54.12 104.12
CA LEU K 117 3.52 -53.90 104.48
C LEU K 117 2.78 -55.23 104.63
N TRP K 118 3.01 -56.16 103.70
CA TRP K 118 2.34 -57.45 103.76
C TRP K 118 2.63 -58.18 105.07
N GLN K 119 3.79 -57.90 105.68
CA GLN K 119 4.12 -58.53 106.95
C GLN K 119 3.49 -57.79 108.12
N ASP K 120 3.66 -56.47 108.17
CA ASP K 120 3.13 -55.65 109.26
C ASP K 120 1.63 -55.46 109.03
N THR K 121 0.88 -56.53 109.31
CA THR K 121 -0.56 -56.53 109.13
C THR K 121 -1.13 -57.65 110.00
N PRO K 122 -2.38 -57.52 110.49
CA PRO K 122 -2.91 -58.56 111.39
C PRO K 122 -3.16 -59.89 110.70
N GLN K 123 -2.08 -60.60 110.38
CA GLN K 123 -2.12 -61.96 109.85
C GLN K 123 -3.27 -62.19 108.87
N ALA K 124 -4.51 -62.19 109.37
CA ALA K 124 -5.64 -62.61 108.56
C ALA K 124 -5.73 -61.79 107.28
N PHE K 125 -5.75 -60.47 107.40
CA PHE K 125 -5.81 -59.59 106.24
C PHE K 125 -4.42 -59.16 105.80
N ARG K 126 -3.51 -60.14 105.64
CA ARG K 126 -2.14 -59.81 105.25
C ARG K 126 -2.09 -59.29 103.82
N GLY K 127 -2.89 -59.86 102.93
CA GLY K 127 -2.89 -59.44 101.54
C GLY K 127 -3.06 -60.60 100.59
N ASP K 128 -2.23 -60.66 99.56
CA ASP K 128 -2.30 -61.73 98.58
C ASP K 128 -0.90 -62.22 98.20
N GLN K 129 0.05 -62.18 99.13
CA GLN K 129 1.40 -62.65 98.86
C GLN K 129 1.97 -61.89 97.67
N PRO K 130 2.31 -60.62 97.83
CA PRO K 130 2.71 -59.82 96.67
C PRO K 130 3.84 -60.46 95.90
N LYS K 131 3.70 -60.47 94.57
CA LYS K 131 4.68 -61.12 93.71
C LYS K 131 5.98 -60.31 93.69
N PRO K 132 7.12 -60.98 93.57
CA PRO K 132 8.39 -60.26 93.42
C PRO K 132 8.47 -59.60 92.05
N PRO K 133 9.32 -58.60 91.89
CA PRO K 133 9.37 -57.86 90.62
C PRO K 133 9.74 -58.78 89.46
N THR L 3 -99.00 -74.38 29.79
CA THR L 3 -98.65 -74.43 28.38
C THR L 3 -97.58 -73.41 28.04
N PHE L 4 -97.67 -72.20 28.59
CA PHE L 4 -96.72 -71.14 28.24
C PHE L 4 -95.30 -71.52 28.65
N ILE L 5 -95.14 -72.08 29.84
CA ILE L 5 -93.80 -72.42 30.33
C ILE L 5 -93.15 -73.43 29.39
N GLU L 6 -93.94 -74.37 28.87
CA GLU L 6 -93.41 -75.31 27.89
C GLU L 6 -92.86 -74.59 26.67
N LEU L 7 -93.55 -73.54 26.22
CA LEU L 7 -93.09 -72.79 25.06
C LEU L 7 -91.77 -72.09 25.36
N VAL L 8 -91.63 -71.53 26.57
CA VAL L 8 -90.41 -70.80 26.91
C VAL L 8 -89.24 -71.76 27.02
N LYS L 9 -89.47 -72.95 27.60
CA LYS L 9 -88.39 -73.92 27.71
C LYS L 9 -87.82 -74.26 26.34
N ASN L 10 -88.61 -74.12 25.28
CA ASN L 10 -88.13 -74.34 23.92
C ASN L 10 -87.47 -73.06 23.39
N MET L 11 -86.44 -72.61 24.11
CA MET L 11 -85.72 -71.40 23.76
C MET L 11 -84.25 -71.59 24.06
N LYS L 12 -83.43 -70.74 23.44
CA LYS L 12 -81.99 -70.85 23.52
C LYS L 12 -81.45 -69.97 24.64
N GLY L 13 -80.47 -70.51 25.37
CA GLY L 13 -79.95 -69.83 26.54
C GLY L 13 -80.78 -70.00 27.79
N TYR L 14 -81.70 -70.96 27.81
CA TYR L 14 -82.59 -71.16 28.95
C TYR L 14 -81.85 -71.93 30.04
N LYS L 15 -81.62 -71.28 31.17
CA LYS L 15 -80.99 -71.89 32.33
C LYS L 15 -82.04 -72.03 33.43
N GLU L 16 -82.27 -73.26 33.87
CA GLU L 16 -83.27 -73.50 34.89
C GLU L 16 -82.82 -72.94 36.23
N LEU L 17 -83.78 -72.46 37.01
CA LEU L 17 -83.48 -71.84 38.29
C LEU L 17 -84.44 -72.28 39.40
N LEU L 18 -85.25 -73.31 39.18
CA LEU L 18 -86.23 -73.76 40.16
C LEU L 18 -85.86 -75.15 40.64
N LEU L 19 -85.85 -75.35 41.95
CA LEU L 19 -85.54 -76.64 42.53
C LEU L 19 -86.78 -77.53 42.54
N PRO L 20 -86.60 -78.83 42.74
CA PRO L 20 -87.76 -79.72 42.84
C PRO L 20 -88.65 -79.34 44.01
N MET L 21 -89.94 -79.60 43.84
CA MET L 21 -90.91 -79.26 44.89
C MET L 21 -90.59 -79.97 46.19
N GLU L 22 -89.91 -81.12 46.13
CA GLU L 22 -89.60 -81.89 47.33
C GLU L 22 -88.43 -81.32 48.12
N MET L 23 -87.70 -80.35 47.57
CA MET L 23 -86.54 -79.79 48.25
C MET L 23 -86.74 -78.37 48.76
N VAL L 24 -87.69 -77.62 48.20
CA VAL L 24 -87.92 -76.23 48.62
C VAL L 24 -88.45 -76.24 50.05
N PRO L 25 -88.18 -75.21 50.84
CA PRO L 25 -88.68 -75.18 52.22
C PRO L 25 -90.19 -75.12 52.26
N LEU L 26 -90.72 -75.27 53.47
CA LEU L 26 -92.14 -75.08 53.68
C LEU L 26 -92.51 -73.62 53.45
N PRO L 27 -93.75 -73.33 53.06
CA PRO L 27 -94.12 -71.94 52.76
C PRO L 27 -93.89 -71.01 53.93
N ALA L 28 -94.10 -71.48 55.16
CA ALA L 28 -93.89 -70.63 56.33
C ALA L 28 -92.43 -70.20 56.43
N VAL L 29 -91.51 -71.12 56.15
CA VAL L 29 -90.09 -70.79 56.28
C VAL L 29 -89.68 -69.76 55.25
N VAL L 30 -90.24 -69.84 54.04
CA VAL L 30 -89.80 -68.95 52.98
C VAL L 30 -90.09 -67.50 53.36
N LEU L 31 -91.27 -67.25 53.91
CA LEU L 31 -91.65 -65.88 54.28
C LEU L 31 -90.62 -65.27 55.22
N LYS L 32 -89.97 -66.08 56.04
CA LYS L 32 -89.00 -65.55 57.00
C LYS L 32 -87.84 -64.87 56.28
N HIS L 33 -87.33 -65.48 55.21
CA HIS L 33 -86.24 -64.87 54.46
C HIS L 33 -86.71 -63.62 53.72
N VAL L 34 -87.99 -63.56 53.36
CA VAL L 34 -88.50 -62.39 52.64
C VAL L 34 -88.35 -61.14 53.48
N LYS L 35 -88.71 -61.23 54.76
CA LYS L 35 -88.62 -60.07 55.64
C LYS L 35 -87.17 -59.61 55.79
N LEU L 36 -86.25 -60.55 55.97
CA LEU L 36 -84.85 -60.18 56.11
C LEU L 36 -84.31 -59.56 54.83
N ILE L 37 -84.55 -60.22 53.69
CA ILE L 37 -84.01 -59.75 52.43
C ILE L 37 -84.63 -58.40 52.06
N LEU L 38 -85.95 -58.27 52.21
CA LEU L 38 -86.60 -57.00 51.93
C LEU L 38 -86.12 -55.92 52.89
N THR L 39 -86.18 -56.19 54.19
CA THR L 39 -85.87 -55.16 55.17
C THR L 39 -84.38 -54.87 55.21
N SER L 40 -83.55 -55.91 55.22
CA SER L 40 -82.10 -55.75 55.28
C SER L 40 -81.56 -55.49 53.86
N GLN L 41 -82.01 -54.37 53.30
CA GLN L 41 -81.59 -53.96 51.97
C GLN L 41 -81.53 -52.45 51.90
N LYS L 42 -80.65 -51.95 51.05
CA LYS L 42 -80.45 -50.52 50.84
C LYS L 42 -80.52 -50.23 49.34
N GLU L 43 -80.97 -49.02 49.01
CA GLU L 43 -81.11 -48.60 47.61
C GLU L 43 -82.05 -49.55 46.87
N HIS L 44 -83.30 -49.52 47.31
CA HIS L 44 -84.34 -50.40 46.77
C HIS L 44 -84.22 -50.54 45.26
N GLN L 45 -84.33 -51.77 44.78
CA GLN L 45 -84.20 -52.11 43.38
C GLN L 45 -85.50 -52.70 42.85
N PRO L 46 -85.70 -52.68 41.53
CA PRO L 46 -87.01 -53.11 40.99
C PRO L 46 -87.38 -54.53 41.38
N TRP L 47 -86.41 -55.45 41.44
CA TRP L 47 -86.74 -56.84 41.74
C TRP L 47 -87.29 -57.00 43.15
N MET L 48 -87.00 -56.06 44.05
CA MET L 48 -87.55 -56.16 45.40
C MET L 48 -89.07 -56.07 45.38
N THR L 49 -89.62 -55.20 44.55
CA THR L 49 -91.07 -55.07 44.47
C THR L 49 -91.71 -56.36 43.98
N GLU L 50 -91.09 -57.02 43.00
CA GLU L 50 -91.65 -58.26 42.48
C GLU L 50 -91.73 -59.32 43.57
N MET L 51 -90.70 -59.41 44.41
CA MET L 51 -90.70 -60.42 45.46
C MET L 51 -91.87 -60.23 46.41
N ALA L 52 -92.12 -58.98 46.82
CA ALA L 52 -93.18 -58.72 47.79
C ALA L 52 -94.55 -59.06 47.22
N LEU L 53 -94.77 -58.71 45.95
CA LEU L 53 -96.09 -58.93 45.35
C LEU L 53 -96.43 -60.42 45.34
N LYS L 54 -95.48 -61.28 44.97
CA LYS L 54 -95.75 -62.71 44.96
C LYS L 54 -95.96 -63.25 46.37
N ALA L 55 -95.25 -62.68 47.34
CA ALA L 55 -95.33 -63.19 48.71
C ALA L 55 -96.74 -63.10 49.26
N ASP L 56 -97.40 -61.95 49.05
CA ASP L 56 -98.74 -61.78 49.59
C ASP L 56 -99.73 -62.75 48.95
N GLN L 57 -99.46 -63.20 47.73
CA GLN L 57 -100.36 -64.14 47.08
C GLN L 57 -100.45 -65.45 47.86
N CYS L 58 -99.29 -65.96 48.32
CA CYS L 58 -99.30 -67.18 49.10
C CYS L 58 -100.11 -67.02 50.38
N LEU L 59 -99.98 -65.86 51.04
CA LEU L 59 -100.76 -65.60 52.24
C LEU L 59 -102.26 -65.58 51.92
N ILE L 60 -102.63 -64.97 50.79
CA ILE L 60 -104.04 -64.90 50.40
C ILE L 60 -104.59 -66.31 50.22
N HIS L 61 -103.88 -67.15 49.46
CA HIS L 61 -104.30 -68.53 49.30
C HIS L 61 -104.25 -69.28 50.63
N LYS L 62 -103.21 -69.03 51.42
CA LYS L 62 -103.09 -69.69 52.72
C LYS L 62 -104.25 -69.29 53.62
N ALA L 63 -104.63 -68.01 53.62
CA ALA L 63 -105.75 -67.54 54.42
C ALA L 63 -107.09 -68.00 53.87
N THR L 64 -107.12 -68.59 52.68
CA THR L 64 -108.36 -69.04 52.07
C THR L 64 -108.77 -70.43 52.50
N LEU L 65 -107.80 -71.27 52.89
CA LEU L 65 -108.13 -72.65 53.27
C LEU L 65 -109.01 -72.69 54.51
N ASP L 66 -108.79 -71.80 55.49
CA ASP L 66 -109.60 -71.80 56.69
C ASP L 66 -111.07 -71.63 56.37
N PRO L 78 -112.55 -81.16 44.88
CA PRO L 78 -111.45 -80.62 44.06
C PRO L 78 -111.23 -79.13 44.27
N LEU L 79 -112.29 -78.33 44.18
CA LEU L 79 -112.12 -76.88 44.23
C LEU L 79 -111.49 -76.43 45.54
N ILE L 80 -111.96 -76.97 46.67
CA ILE L 80 -111.40 -76.59 47.95
C ILE L 80 -109.93 -76.97 48.03
N GLU L 81 -109.60 -78.19 47.60
CA GLU L 81 -108.23 -78.67 47.65
C GLU L 81 -107.39 -78.21 46.46
N ALA L 82 -108.02 -77.71 45.40
CA ALA L 82 -107.26 -77.31 44.21
C ALA L 82 -106.31 -76.16 44.52
N MET L 83 -106.77 -75.17 45.30
CA MET L 83 -105.93 -74.02 45.58
C MET L 83 -104.67 -74.42 46.32
N GLN L 84 -104.72 -75.50 47.11
CA GLN L 84 -103.55 -75.92 47.85
C GLN L 84 -102.39 -76.28 46.92
N GLN L 85 -102.70 -76.74 45.71
CA GLN L 85 -101.65 -77.10 44.77
C GLN L 85 -100.81 -75.87 44.38
N ILE L 86 -101.48 -74.74 44.17
CA ILE L 86 -100.77 -73.53 43.76
C ILE L 86 -99.87 -73.03 44.88
N ILE L 87 -100.30 -73.19 46.14
CA ILE L 87 -99.51 -72.69 47.25
C ILE L 87 -98.12 -73.30 47.23
N LEU L 88 -98.04 -74.62 47.08
CA LEU L 88 -96.74 -75.27 47.00
C LEU L 88 -95.96 -74.79 45.79
N ALA L 89 -96.63 -74.64 44.65
CA ALA L 89 -95.95 -74.17 43.45
C ALA L 89 -95.42 -72.76 43.62
N MET L 90 -96.21 -71.89 44.26
CA MET L 90 -95.80 -70.49 44.41
C MET L 90 -94.48 -70.39 45.14
N THR L 91 -94.25 -71.27 46.13
CA THR L 91 -92.99 -71.25 46.85
C THR L 91 -91.81 -71.56 45.93
N ARG L 92 -91.99 -72.52 45.02
CA ARG L 92 -90.89 -72.93 44.15
C ARG L 92 -90.38 -71.74 43.33
N GLU L 93 -91.30 -70.97 42.74
CA GLU L 93 -90.89 -69.77 42.03
C GLU L 93 -90.35 -68.72 42.99
N LEU L 94 -91.00 -68.59 44.15
CA LEU L 94 -90.57 -67.59 45.12
C LEU L 94 -89.18 -67.89 45.66
N TRP L 95 -88.91 -69.15 45.97
CA TRP L 95 -87.61 -69.53 46.52
C TRP L 95 -86.49 -69.28 45.51
N GLY L 96 -86.82 -69.28 44.22
CA GLY L 96 -85.80 -69.06 43.21
C GLY L 96 -85.16 -67.69 43.32
N GLN L 97 -85.98 -66.67 43.62
CA GLN L 97 -85.44 -65.32 43.76
C GLN L 97 -84.61 -65.18 45.02
N ILE L 98 -84.96 -65.93 46.07
CA ILE L 98 -84.19 -65.85 47.32
C ILE L 98 -82.74 -66.25 47.08
N GLN L 99 -82.54 -67.36 46.37
CA GLN L 99 -81.18 -67.83 46.13
C GLN L 99 -80.41 -66.88 45.22
N ARG L 100 -81.11 -66.22 44.29
CA ARG L 100 -80.43 -65.25 43.44
C ARG L 100 -79.86 -64.11 44.27
N HIS L 101 -80.61 -63.61 45.25
CA HIS L 101 -80.12 -62.54 46.10
C HIS L 101 -78.97 -63.03 46.98
N HIS L 102 -79.13 -64.21 47.60
CA HIS L 102 -78.10 -64.73 48.48
C HIS L 102 -76.87 -65.18 47.70
N TYR L 103 -77.04 -66.16 46.83
CA TYR L 103 -75.92 -66.73 46.09
C TYR L 103 -75.58 -65.88 44.86
N GLY L 104 -76.51 -65.75 43.94
CA GLY L 104 -76.28 -65.08 42.68
C GLY L 104 -76.89 -65.90 41.56
N ILE L 105 -77.31 -65.21 40.50
CA ILE L 105 -78.00 -65.89 39.40
C ILE L 105 -77.09 -66.92 38.76
N VAL L 106 -75.84 -66.54 38.49
CA VAL L 106 -74.92 -67.43 37.79
C VAL L 106 -74.67 -68.69 38.60
N GLN L 107 -74.40 -68.53 39.90
CA GLN L 107 -74.09 -69.69 40.74
C GLN L 107 -75.27 -70.63 40.84
N VAL L 108 -76.49 -70.08 40.89
CA VAL L 108 -77.67 -70.92 41.06
C VAL L 108 -77.80 -71.90 39.90
N GLU L 109 -77.58 -71.41 38.68
CA GLU L 109 -77.71 -72.27 37.50
C GLU L 109 -76.88 -73.53 37.65
N HIS L 110 -75.61 -73.37 38.05
CA HIS L 110 -74.75 -74.53 38.26
C HIS L 110 -75.30 -75.43 39.37
N TYR L 111 -75.76 -74.82 40.46
CA TYR L 111 -76.21 -75.62 41.60
C TYR L 111 -77.41 -76.50 41.22
N VAL L 112 -78.36 -75.94 40.47
CA VAL L 112 -79.57 -76.70 40.13
C VAL L 112 -79.21 -77.92 39.30
N LYS L 113 -78.38 -77.72 38.27
CA LYS L 113 -78.01 -78.85 37.41
C LYS L 113 -77.24 -79.91 38.21
N GLN L 114 -76.35 -79.47 39.10
CA GLN L 114 -75.66 -80.42 39.96
C GLN L 114 -76.66 -81.19 40.82
N ILE L 115 -77.65 -80.50 41.37
CA ILE L 115 -78.69 -81.17 42.13
C ILE L 115 -79.48 -82.11 41.23
N THR L 116 -79.82 -81.65 40.02
CA THR L 116 -80.62 -82.47 39.12
C THR L 116 -79.90 -83.76 38.78
N LEU L 117 -78.63 -83.65 38.36
CA LEU L 117 -77.84 -84.86 38.08
C LEU L 117 -77.70 -85.72 39.33
N TRP L 118 -77.45 -85.08 40.48
CA TRP L 118 -77.36 -85.83 41.72
C TRP L 118 -78.66 -86.56 42.02
N GLN L 119 -79.79 -85.89 41.81
CA GLN L 119 -81.08 -86.55 42.02
C GLN L 119 -81.34 -87.60 40.96
N ASP L 120 -80.88 -87.35 39.73
CA ASP L 120 -81.12 -88.30 38.64
C ASP L 120 -80.41 -89.62 38.88
N THR L 121 -79.17 -89.57 39.34
CA THR L 121 -78.41 -90.79 39.55
C THR L 121 -79.08 -91.65 40.63
N PRO L 122 -79.11 -92.97 40.46
CA PRO L 122 -79.74 -93.81 41.48
C PRO L 122 -79.06 -93.68 42.83
N GLN L 123 -79.87 -93.82 43.89
CA GLN L 123 -79.36 -93.63 45.24
C GLN L 123 -78.26 -94.62 45.61
N ALA L 124 -78.18 -95.76 44.91
CA ALA L 124 -77.16 -96.75 45.23
C ALA L 124 -75.77 -96.18 45.05
N PHE L 125 -75.54 -95.43 43.98
CA PHE L 125 -74.25 -94.82 43.70
C PHE L 125 -74.40 -93.32 43.47
N ARG L 126 -75.39 -92.70 44.11
CA ARG L 126 -75.66 -91.30 43.89
C ARG L 126 -74.50 -90.42 44.34
N GLY L 127 -73.92 -90.72 45.49
CA GLY L 127 -72.83 -89.94 46.01
C GLY L 127 -73.28 -88.86 46.98
N ASP L 128 -72.31 -88.13 47.50
CA ASP L 128 -72.60 -87.07 48.45
C ASP L 128 -73.35 -85.94 47.77
N GLN L 129 -74.34 -85.40 48.47
CA GLN L 129 -75.12 -84.29 47.93
C GLN L 129 -74.23 -83.05 47.83
N PRO L 130 -74.23 -82.35 46.70
CA PRO L 130 -73.39 -81.15 46.58
C PRO L 130 -73.87 -80.05 47.50
N LYS L 131 -72.93 -79.22 47.92
CA LYS L 131 -73.22 -78.11 48.81
C LYS L 131 -73.58 -76.86 48.03
N PRO L 132 -74.29 -75.92 48.64
CA PRO L 132 -74.66 -74.69 47.93
C PRO L 132 -73.43 -73.91 47.51
N PRO L 133 -73.57 -73.00 46.53
CA PRO L 133 -72.42 -72.20 46.10
C PRO L 133 -71.99 -71.17 47.14
N SER L 134 -71.00 -70.37 46.79
CA SER L 134 -70.52 -69.32 47.67
C SER L 134 -71.43 -68.09 47.56
N PHE L 135 -71.55 -67.37 48.67
CA PHE L 135 -72.40 -66.19 48.72
C PHE L 135 -71.85 -65.09 47.82
N THR M 3 -99.03 -57.00 54.14
CA THR M 3 -98.02 -56.27 54.92
C THR M 3 -96.68 -56.18 54.22
N PHE M 4 -96.26 -57.22 53.50
CA PHE M 4 -94.96 -57.19 52.84
C PHE M 4 -94.88 -56.07 51.82
N ILE M 5 -95.94 -55.89 51.03
CA ILE M 5 -95.95 -54.83 50.02
C ILE M 5 -95.85 -53.47 50.70
N GLU M 6 -96.48 -53.33 51.88
CA GLU M 6 -96.39 -52.07 52.59
C GLU M 6 -94.95 -51.75 52.98
N LEU M 7 -94.19 -52.77 53.39
CA LEU M 7 -92.79 -52.55 53.76
C LEU M 7 -92.01 -52.02 52.57
N VAL M 8 -92.25 -52.55 51.38
CA VAL M 8 -91.58 -52.05 50.19
C VAL M 8 -91.94 -50.59 49.95
N LYS M 9 -93.23 -50.26 50.09
CA LYS M 9 -93.67 -48.89 49.89
C LYS M 9 -93.05 -47.93 50.90
N ASN M 10 -92.49 -48.45 51.99
CA ASN M 10 -91.83 -47.65 53.01
C ASN M 10 -90.35 -47.47 52.73
N MET M 11 -89.85 -47.98 51.62
CA MET M 11 -88.42 -47.93 51.33
C MET M 11 -88.04 -46.57 50.77
N LYS M 12 -86.77 -46.44 50.39
CA LYS M 12 -86.23 -45.25 49.76
C LYS M 12 -85.93 -45.54 48.30
N GLY M 13 -86.39 -44.66 47.42
CA GLY M 13 -86.22 -44.85 45.99
C GLY M 13 -87.28 -45.70 45.33
N TYR M 14 -88.23 -46.24 46.10
CA TYR M 14 -89.29 -47.03 45.52
C TYR M 14 -90.17 -46.18 44.62
N LYS M 15 -90.60 -46.76 43.50
CA LYS M 15 -91.43 -46.06 42.52
C LYS M 15 -92.50 -46.99 42.03
N GLU M 16 -93.71 -46.46 41.87
CA GLU M 16 -94.84 -47.26 41.42
C GLU M 16 -94.66 -47.66 39.96
N LEU M 17 -95.07 -48.89 39.64
CA LEU M 17 -95.05 -49.39 38.27
C LEU M 17 -96.36 -50.01 37.83
N LEU M 18 -97.28 -50.27 38.75
CA LEU M 18 -98.58 -50.85 38.40
C LEU M 18 -99.56 -49.75 38.06
N LEU M 19 -100.80 -50.14 37.80
CA LEU M 19 -101.85 -49.22 37.38
C LEU M 19 -103.12 -49.52 38.16
N PRO M 20 -104.06 -48.57 38.20
CA PRO M 20 -105.32 -48.82 38.91
C PRO M 20 -106.04 -50.03 38.35
N MET M 21 -106.74 -50.75 39.23
CA MET M 21 -107.45 -51.96 38.82
C MET M 21 -108.38 -51.67 37.65
N GLU M 22 -108.99 -50.49 37.63
CA GLU M 22 -109.91 -50.14 36.55
C GLU M 22 -109.17 -50.07 35.22
N MET M 23 -107.98 -49.47 35.20
CA MET M 23 -107.19 -49.33 33.98
C MET M 23 -106.36 -50.60 33.73
N VAL M 24 -107.05 -51.73 33.69
CA VAL M 24 -106.43 -53.02 33.43
C VAL M 24 -107.28 -53.77 32.43
N PRO M 25 -106.71 -54.25 31.31
CA PRO M 25 -107.51 -55.00 30.34
C PRO M 25 -108.18 -56.20 30.97
N LEU M 26 -109.11 -56.78 30.21
CA LEU M 26 -109.84 -57.95 30.66
C LEU M 26 -108.93 -59.18 30.62
N PRO M 27 -109.27 -60.23 31.37
CA PRO M 27 -108.44 -61.44 31.34
C PRO M 27 -108.49 -62.14 30.00
N ALA M 28 -107.76 -63.25 29.88
CA ALA M 28 -107.73 -64.02 28.64
C ALA M 28 -107.12 -63.21 27.50
N VAL M 29 -107.80 -62.15 27.08
CA VAL M 29 -107.30 -61.34 25.97
C VAL M 29 -105.96 -60.71 26.35
N VAL M 30 -105.82 -60.26 27.59
CA VAL M 30 -104.57 -59.65 28.03
C VAL M 30 -103.42 -60.65 27.90
N LEU M 31 -103.72 -61.95 28.06
CA LEU M 31 -102.68 -62.96 27.93
C LEU M 31 -102.09 -63.03 26.53
N LYS M 32 -102.77 -62.45 25.53
CA LYS M 32 -102.28 -62.53 24.17
C LYS M 32 -100.95 -61.82 24.01
N HIS M 33 -100.78 -60.67 24.68
CA HIS M 33 -99.50 -59.97 24.63
C HIS M 33 -98.36 -60.85 25.11
N VAL M 34 -98.66 -61.85 25.95
CA VAL M 34 -97.62 -62.76 26.42
C VAL M 34 -96.99 -63.49 25.25
N LYS M 35 -97.84 -64.02 24.36
CA LYS M 35 -97.33 -64.77 23.21
C LYS M 35 -96.52 -63.86 22.29
N LEU M 36 -96.97 -62.63 22.09
CA LEU M 36 -96.30 -61.71 21.17
C LEU M 36 -94.95 -61.26 21.69
N ILE M 37 -94.64 -61.53 22.96
CA ILE M 37 -93.38 -61.09 23.55
C ILE M 37 -92.50 -62.30 23.84
N LEU M 38 -93.14 -63.47 24.04
CA LEU M 38 -92.39 -64.70 24.24
C LEU M 38 -92.06 -65.38 22.91
N THR M 39 -93.08 -65.63 22.09
CA THR M 39 -92.85 -66.29 20.81
C THR M 39 -91.95 -65.45 19.91
N SER M 40 -92.18 -64.14 19.86
CA SER M 40 -91.37 -63.23 19.06
C SER M 40 -90.17 -62.73 19.87
N GLN M 41 -89.38 -63.68 20.36
CA GLN M 41 -88.24 -63.36 21.19
C GLN M 41 -87.20 -64.47 21.08
N LYS M 42 -85.99 -64.14 21.52
CA LYS M 42 -84.88 -65.08 21.53
C LYS M 42 -83.89 -64.62 22.60
N GLU M 43 -82.90 -65.47 22.89
CA GLU M 43 -81.92 -65.20 23.93
C GLU M 43 -82.61 -65.05 25.28
N HIS M 44 -83.20 -66.17 25.71
CA HIS M 44 -83.94 -66.25 26.96
C HIS M 44 -83.24 -65.50 28.07
N GLN M 45 -83.94 -64.53 28.67
CA GLN M 45 -83.43 -63.73 29.76
C GLN M 45 -84.16 -64.07 31.06
N PRO M 46 -83.55 -63.75 32.21
CA PRO M 46 -84.18 -64.15 33.48
C PRO M 46 -85.59 -63.62 33.65
N TRP M 47 -85.86 -62.39 33.23
CA TRP M 47 -87.17 -61.81 33.44
C TRP M 47 -88.24 -62.51 32.61
N MET M 48 -87.85 -63.11 31.48
CA MET M 48 -88.82 -63.81 30.65
C MET M 48 -89.46 -64.96 31.40
N THR M 49 -88.66 -65.71 32.17
CA THR M 49 -89.22 -66.82 32.95
C THR M 49 -90.21 -66.30 33.99
N GLU M 50 -89.91 -65.16 34.61
CA GLU M 50 -90.81 -64.61 35.60
C GLU M 50 -92.19 -64.33 35.00
N MET M 51 -92.21 -63.73 33.81
CA MET M 51 -93.48 -63.48 33.14
C MET M 51 -94.19 -64.78 32.81
N ALA M 52 -93.45 -65.78 32.33
CA ALA M 52 -94.07 -67.04 31.94
C ALA M 52 -94.70 -67.74 33.14
N LEU M 53 -94.00 -67.75 34.28
CA LEU M 53 -94.49 -68.41 35.47
C LEU M 53 -95.61 -67.66 36.16
N LYS M 54 -95.86 -66.41 35.77
CA LYS M 54 -96.96 -65.62 36.32
C LYS M 54 -98.20 -65.67 35.45
N ALA M 55 -98.04 -65.53 34.13
CA ALA M 55 -99.19 -65.55 33.23
C ALA M 55 -99.89 -66.90 33.26
N ASP M 56 -99.11 -67.99 33.28
CA ASP M 56 -99.71 -69.32 33.29
C ASP M 56 -100.57 -69.56 34.53
N GLN M 57 -100.33 -68.81 35.61
CA GLN M 57 -101.12 -69.00 36.83
C GLN M 57 -102.58 -68.65 36.59
N CYS M 58 -102.85 -67.61 35.79
CA CYS M 58 -104.23 -67.23 35.53
C CYS M 58 -105.01 -68.37 34.90
N LEU M 59 -104.39 -69.09 33.96
CA LEU M 59 -105.06 -70.25 33.36
C LEU M 59 -105.37 -71.30 34.41
N ILE M 60 -104.44 -71.53 35.34
CA ILE M 60 -104.67 -72.51 36.40
C ILE M 60 -105.87 -72.10 37.24
N HIS M 61 -105.90 -70.84 37.67
CA HIS M 61 -107.08 -70.34 38.39
C HIS M 61 -108.31 -70.35 37.49
N LYS M 62 -108.14 -69.95 36.23
CA LYS M 62 -109.26 -69.95 35.30
C LYS M 62 -109.76 -71.37 35.05
N ALA M 63 -108.85 -72.34 34.99
CA ALA M 63 -109.24 -73.72 34.75
C ALA M 63 -110.16 -74.25 35.83
N THR M 64 -110.10 -73.71 37.04
CA THR M 64 -110.96 -74.17 38.12
C THR M 64 -112.42 -73.81 37.88
N LEU M 65 -112.69 -72.86 36.99
CA LEU M 65 -114.08 -72.48 36.71
C LEU M 65 -114.89 -73.67 36.21
N ASP M 66 -114.25 -74.60 35.50
CA ASP M 66 -114.96 -75.80 35.07
C ASP M 66 -115.47 -76.59 36.26
N PRO M 78 -117.32 -68.11 49.39
CA PRO M 78 -116.08 -67.32 49.50
C PRO M 78 -114.92 -67.91 48.73
N LEU M 79 -114.83 -69.24 48.70
CA LEU M 79 -113.74 -69.89 47.96
C LEU M 79 -113.82 -69.57 46.48
N ILE M 80 -115.03 -69.63 45.91
CA ILE M 80 -115.19 -69.32 44.48
C ILE M 80 -115.00 -67.84 44.24
N GLU M 81 -115.56 -66.99 45.09
CA GLU M 81 -115.42 -65.55 44.93
C GLU M 81 -113.97 -65.12 45.08
N ALA M 82 -113.26 -65.69 46.06
CA ALA M 82 -111.90 -65.25 46.34
C ALA M 82 -110.99 -65.45 45.14
N MET M 83 -111.10 -66.59 44.47
CA MET M 83 -110.22 -66.87 43.34
C MET M 83 -110.40 -65.84 42.24
N GLN M 84 -111.65 -65.44 41.96
CA GLN M 84 -111.89 -64.46 40.92
C GLN M 84 -111.21 -63.13 41.23
N GLN M 85 -111.23 -62.73 42.50
CA GLN M 85 -110.58 -61.47 42.87
C GLN M 85 -109.08 -61.53 42.63
N ILE M 86 -108.46 -62.68 42.91
CA ILE M 86 -107.01 -62.80 42.78
C ILE M 86 -106.58 -62.59 41.33
N ILE M 87 -107.40 -63.04 40.38
CA ILE M 87 -107.02 -62.94 38.97
C ILE M 87 -106.78 -61.48 38.60
N LEU M 88 -107.60 -60.57 39.11
CA LEU M 88 -107.42 -59.15 38.81
C LEU M 88 -106.06 -58.67 39.31
N ALA M 89 -105.68 -59.08 40.52
CA ALA M 89 -104.40 -58.64 41.07
C ALA M 89 -103.24 -59.13 40.22
N MET M 90 -103.26 -60.41 39.82
CA MET M 90 -102.20 -60.93 38.98
C MET M 90 -102.18 -60.26 37.61
N THR M 91 -103.37 -59.99 37.06
CA THR M 91 -103.43 -59.32 35.76
C THR M 91 -102.78 -57.95 35.81
N ARG M 92 -102.97 -57.23 36.92
CA ARG M 92 -102.34 -55.92 37.07
C ARG M 92 -100.82 -56.04 37.01
N GLU M 93 -100.26 -57.05 37.66
CA GLU M 93 -98.82 -57.23 37.63
C GLU M 93 -98.32 -57.53 36.23
N LEU M 94 -99.09 -58.33 35.48
CA LEU M 94 -98.67 -58.69 34.12
C LEU M 94 -98.49 -57.46 33.26
N TRP M 95 -99.44 -56.52 33.33
CA TRP M 95 -99.38 -55.35 32.47
C TRP M 95 -98.14 -54.51 32.77
N GLY M 96 -97.79 -54.35 34.05
CA GLY M 96 -96.61 -53.58 34.40
C GLY M 96 -95.35 -54.13 33.78
N GLN M 97 -95.21 -55.47 33.79
CA GLN M 97 -94.04 -56.09 33.17
C GLN M 97 -94.02 -55.82 31.67
N ILE M 98 -95.18 -55.87 31.02
CA ILE M 98 -95.25 -55.64 29.58
C ILE M 98 -94.77 -54.23 29.26
N GLN M 99 -95.28 -53.25 30.00
CA GLN M 99 -94.83 -51.87 29.80
C GLN M 99 -93.36 -51.71 30.18
N ARG M 100 -92.90 -52.46 31.20
CA ARG M 100 -91.49 -52.43 31.55
C ARG M 100 -90.61 -52.91 30.40
N HIS M 101 -91.18 -53.63 29.43
CA HIS M 101 -90.44 -54.11 28.27
C HIS M 101 -90.68 -53.25 27.03
N HIS M 102 -91.94 -52.91 26.75
CA HIS M 102 -92.27 -52.15 25.55
C HIS M 102 -91.75 -50.72 25.65
N TYR M 103 -92.22 -49.97 26.64
CA TYR M 103 -91.82 -48.56 26.80
C TYR M 103 -90.69 -48.41 27.80
N GLY M 104 -89.62 -49.17 27.60
CA GLY M 104 -88.50 -49.06 28.50
C GLY M 104 -88.89 -49.47 29.91
N ILE M 105 -88.02 -49.12 30.86
CA ILE M 105 -88.25 -49.39 32.27
C ILE M 105 -88.17 -48.08 33.05
N VAL M 106 -87.45 -47.10 32.50
CA VAL M 106 -87.33 -45.81 33.16
C VAL M 106 -88.49 -44.90 32.79
N GLN M 107 -88.83 -44.84 31.50
CA GLN M 107 -89.93 -44.00 31.06
C GLN M 107 -91.27 -44.48 31.60
N VAL M 108 -91.37 -45.75 32.01
CA VAL M 108 -92.62 -46.26 32.53
C VAL M 108 -93.02 -45.52 33.81
N GLU M 109 -92.05 -45.30 34.70
CA GLU M 109 -92.35 -44.63 35.95
C GLU M 109 -92.93 -43.24 35.71
N HIS M 110 -92.37 -42.50 34.74
CA HIS M 110 -92.88 -41.16 34.44
C HIS M 110 -94.33 -41.22 33.99
N TYR M 111 -94.67 -42.19 33.13
CA TYR M 111 -96.05 -42.30 32.65
C TYR M 111 -97.02 -42.58 33.79
N VAL M 112 -96.70 -43.56 34.63
CA VAL M 112 -97.59 -43.89 35.73
C VAL M 112 -97.67 -42.74 36.72
N LYS M 113 -96.57 -42.01 36.90
CA LYS M 113 -96.59 -40.84 37.76
C LYS M 113 -97.65 -39.85 37.30
N GLN M 114 -97.72 -39.60 35.99
CA GLN M 114 -98.72 -38.68 35.46
C GLN M 114 -100.12 -39.28 35.54
N ILE M 115 -100.23 -40.60 35.35
CA ILE M 115 -101.54 -41.26 35.43
C ILE M 115 -102.17 -41.03 36.79
N THR M 116 -101.38 -41.18 37.86
CA THR M 116 -101.91 -41.00 39.20
C THR M 116 -102.44 -39.59 39.39
N LEU M 117 -101.69 -38.58 38.94
CA LEU M 117 -102.15 -37.20 39.06
C LEU M 117 -103.37 -36.95 38.20
N TRP M 118 -103.37 -37.48 36.98
CA TRP M 118 -104.47 -37.21 36.05
C TRP M 118 -105.79 -37.81 36.52
N GLN M 119 -105.75 -38.84 37.36
CA GLN M 119 -106.96 -39.50 37.84
C GLN M 119 -107.36 -39.06 39.24
N ASP M 120 -106.38 -38.82 40.12
CA ASP M 120 -106.70 -38.45 41.49
C ASP M 120 -107.42 -37.12 41.55
N THR M 121 -107.01 -36.16 40.73
CA THR M 121 -107.67 -34.87 40.71
C THR M 121 -109.10 -35.02 40.22
N PRO M 122 -110.00 -34.13 40.63
CA PRO M 122 -111.40 -34.26 40.21
C PRO M 122 -111.52 -34.12 38.70
N GLN M 123 -112.55 -34.78 38.15
CA GLN M 123 -112.74 -34.82 36.71
C GLN M 123 -112.90 -33.43 36.11
N ALA M 124 -113.28 -32.44 36.91
CA ALA M 124 -113.46 -31.08 36.41
C ALA M 124 -112.13 -30.38 36.15
N PHE M 125 -111.00 -30.96 36.57
CA PHE M 125 -109.70 -30.33 36.42
C PHE M 125 -108.70 -31.17 35.64
N ARG M 126 -109.01 -32.43 35.34
CA ARG M 126 -108.04 -33.31 34.70
C ARG M 126 -107.56 -32.74 33.37
N GLY M 127 -108.48 -32.60 32.42
CA GLY M 127 -108.12 -32.11 31.10
C GLY M 127 -108.12 -33.22 30.06
N ASP M 128 -106.92 -33.62 29.62
CA ASP M 128 -106.77 -34.65 28.62
C ASP M 128 -105.83 -35.73 29.13
N GLN M 129 -106.12 -36.98 28.79
CA GLN M 129 -105.28 -38.09 29.23
C GLN M 129 -103.88 -37.94 28.63
N PRO M 130 -102.82 -38.14 29.43
CA PRO M 130 -101.47 -38.07 28.88
C PRO M 130 -101.12 -39.35 28.14
N LYS M 131 -100.83 -39.22 26.84
CA LYS M 131 -100.54 -40.39 26.03
C LYS M 131 -99.24 -41.06 26.52
N PRO M 132 -99.22 -42.38 26.65
CA PRO M 132 -97.99 -43.05 27.08
C PRO M 132 -96.91 -42.90 26.03
N PRO M 133 -95.64 -42.93 26.43
CA PRO M 133 -94.56 -42.83 25.44
C PRO M 133 -94.56 -44.02 24.50
N SER M 134 -94.10 -43.78 23.28
CA SER M 134 -94.06 -44.82 22.27
C SER M 134 -92.92 -45.79 22.55
N PHE M 135 -92.72 -46.73 21.63
CA PHE M 135 -91.69 -47.77 21.78
C PHE M 135 -90.33 -47.13 21.50
N THR N 3 -104.93 -13.93 62.44
CA THR N 3 -104.32 -12.61 62.38
C THR N 3 -102.89 -12.65 61.87
N PHE N 4 -102.21 -13.79 62.04
CA PHE N 4 -100.85 -13.91 61.50
C PHE N 4 -100.84 -13.73 59.99
N ILE N 5 -101.82 -14.30 59.30
CA ILE N 5 -101.88 -14.15 57.85
C ILE N 5 -101.97 -12.68 57.48
N GLU N 6 -102.72 -11.90 58.26
CA GLU N 6 -102.78 -10.46 58.05
C GLU N 6 -101.40 -9.84 58.22
N LEU N 7 -100.65 -10.29 59.24
CA LEU N 7 -99.31 -9.76 59.45
C LEU N 7 -98.40 -10.06 58.26
N VAL N 8 -98.71 -11.10 57.50
CA VAL N 8 -97.94 -11.43 56.31
C VAL N 8 -98.63 -11.00 55.03
N LYS N 9 -99.96 -10.80 55.06
CA LYS N 9 -100.66 -10.38 53.85
C LYS N 9 -100.08 -9.09 53.28
N ASN N 10 -99.50 -8.25 54.12
CA ASN N 10 -98.87 -7.02 53.65
C ASN N 10 -97.46 -7.24 53.14
N MET N 11 -96.85 -8.40 53.39
CA MET N 11 -95.51 -8.66 52.93
C MET N 11 -95.46 -8.71 51.40
N LYS N 12 -94.32 -8.29 50.84
CA LYS N 12 -94.18 -8.26 49.40
C LYS N 12 -94.28 -9.66 48.80
N GLY N 13 -93.63 -10.64 49.43
CA GLY N 13 -93.57 -11.98 48.89
C GLY N 13 -94.71 -12.87 49.33
N TYR N 14 -95.69 -12.31 50.02
CA TYR N 14 -96.83 -13.10 50.48
C TYR N 14 -97.62 -13.62 49.30
N LYS N 15 -98.11 -14.86 49.42
CA LYS N 15 -98.84 -15.51 48.35
C LYS N 15 -100.01 -16.28 48.94
N GLU N 16 -101.05 -16.46 48.12
CA GLU N 16 -102.23 -17.24 48.52
C GLU N 16 -101.97 -18.70 48.19
N LEU N 17 -101.18 -19.35 49.05
CA LEU N 17 -100.86 -20.76 48.86
C LEU N 17 -102.07 -21.66 49.03
N LEU N 18 -103.13 -21.17 49.68
CA LEU N 18 -104.33 -21.97 49.90
C LEU N 18 -105.10 -22.08 48.59
N LEU N 19 -104.97 -23.22 47.92
CA LEU N 19 -105.62 -23.41 46.64
C LEU N 19 -107.12 -23.64 46.84
N PRO N 20 -107.91 -23.50 45.78
CA PRO N 20 -109.36 -23.68 45.92
C PRO N 20 -109.71 -25.04 46.48
N MET N 21 -110.76 -25.08 47.30
CA MET N 21 -111.18 -26.33 47.92
C MET N 21 -111.59 -27.35 46.86
N GLU N 22 -112.32 -26.91 45.82
CA GLU N 22 -112.72 -27.83 44.77
C GLU N 22 -111.51 -28.39 44.04
N MET N 23 -110.42 -27.63 43.96
CA MET N 23 -109.24 -28.06 43.21
C MET N 23 -108.63 -29.32 43.82
N VAL N 24 -108.52 -29.36 45.15
CA VAL N 24 -107.83 -30.46 45.83
C VAL N 24 -108.76 -31.68 45.92
N PRO N 25 -108.22 -32.89 45.99
CA PRO N 25 -109.08 -34.07 46.16
C PRO N 25 -109.43 -34.34 47.61
N LEU N 26 -110.08 -35.46 47.88
CA LEU N 26 -110.45 -35.81 49.24
C LEU N 26 -109.21 -36.09 50.08
N PRO N 27 -109.33 -35.98 51.41
CA PRO N 27 -108.14 -36.15 52.26
C PRO N 27 -107.45 -37.49 52.08
N ALA N 28 -108.21 -38.56 51.87
CA ALA N 28 -107.60 -39.89 51.79
C ALA N 28 -106.63 -39.99 50.62
N VAL N 29 -107.02 -39.43 49.46
CA VAL N 29 -106.17 -39.55 48.28
C VAL N 29 -104.88 -38.78 48.47
N VAL N 30 -104.95 -37.62 49.12
CA VAL N 30 -103.74 -36.80 49.30
C VAL N 30 -102.69 -37.56 50.08
N LEU N 31 -103.10 -38.27 51.13
CA LEU N 31 -102.14 -39.03 51.93
C LEU N 31 -101.35 -40.00 51.06
N LYS N 32 -101.97 -40.52 50.00
CA LYS N 32 -101.28 -41.45 49.12
C LYS N 32 -100.06 -40.79 48.48
N HIS N 33 -100.22 -39.55 48.02
CA HIS N 33 -99.11 -38.87 47.35
C HIS N 33 -98.01 -38.50 48.33
N VAL N 34 -98.34 -38.30 49.60
CA VAL N 34 -97.32 -37.96 50.59
C VAL N 34 -96.31 -39.10 50.72
N LYS N 35 -96.80 -40.33 50.78
CA LYS N 35 -95.90 -41.47 50.82
C LYS N 35 -95.08 -41.56 49.53
N LEU N 36 -95.73 -41.35 48.38
CA LEU N 36 -95.03 -41.47 47.11
C LEU N 36 -93.97 -40.38 46.94
N ILE N 37 -94.31 -39.14 47.29
CA ILE N 37 -93.35 -38.05 47.13
C ILE N 37 -92.21 -38.18 48.13
N LEU N 38 -92.53 -38.49 49.39
CA LEU N 38 -91.48 -38.69 50.38
C LEU N 38 -90.59 -39.87 50.01
N THR N 39 -91.20 -40.98 49.58
CA THR N 39 -90.42 -42.14 49.20
C THR N 39 -89.52 -41.85 48.00
N SER N 40 -90.07 -41.17 46.98
CA SER N 40 -89.28 -40.89 45.79
C SER N 40 -88.10 -39.96 46.12
N GLN N 41 -88.35 -38.94 46.93
CA GLN N 41 -87.30 -37.98 47.26
C GLN N 41 -86.22 -38.65 48.11
N LYS N 42 -84.97 -38.27 47.86
CA LYS N 42 -83.82 -38.87 48.56
C LYS N 42 -83.08 -37.89 49.44
N GLU N 43 -82.70 -36.72 48.92
CA GLU N 43 -81.95 -35.77 49.72
C GLU N 43 -82.79 -35.30 50.89
N HIS N 44 -82.15 -35.18 52.05
CA HIS N 44 -82.84 -34.80 53.29
C HIS N 44 -82.80 -33.28 53.45
N GLN N 45 -83.97 -32.67 53.52
CA GLN N 45 -84.13 -31.26 53.79
C GLN N 45 -85.21 -31.08 54.85
N PRO N 46 -85.22 -29.94 55.54
CA PRO N 46 -86.20 -29.75 56.62
C PRO N 46 -87.64 -29.82 56.16
N TRP N 47 -87.94 -29.50 54.90
CA TRP N 47 -89.33 -29.46 54.45
C TRP N 47 -89.97 -30.83 54.53
N MET N 48 -89.27 -31.88 54.09
CA MET N 48 -89.83 -33.22 54.17
C MET N 48 -90.04 -33.65 55.61
N THR N 49 -89.10 -33.30 56.50
CA THR N 49 -89.26 -33.62 57.91
C THR N 49 -90.50 -32.93 58.48
N GLU N 50 -90.69 -31.65 58.15
CA GLU N 50 -91.88 -30.94 58.59
C GLU N 50 -93.12 -31.33 57.78
N MET N 51 -92.94 -31.72 56.53
CA MET N 51 -94.07 -32.11 55.69
C MET N 51 -94.78 -33.33 56.28
N ALA N 52 -94.00 -34.32 56.75
CA ALA N 52 -94.60 -35.51 57.34
C ALA N 52 -95.39 -35.16 58.59
N LEU N 53 -94.85 -34.28 59.43
CA LEU N 53 -95.53 -33.91 60.67
C LEU N 53 -96.86 -33.25 60.39
N LYS N 54 -96.90 -32.36 59.40
CA LYS N 54 -98.14 -31.67 59.07
C LYS N 54 -99.22 -32.65 58.62
N ALA N 55 -98.83 -33.65 57.82
CA ALA N 55 -99.79 -34.63 57.34
C ALA N 55 -100.18 -35.61 58.45
N ASP N 56 -99.30 -35.82 59.42
CA ASP N 56 -99.60 -36.79 60.47
C ASP N 56 -100.84 -36.39 61.27
N GLN N 57 -100.99 -35.09 61.54
CA GLN N 57 -102.12 -34.64 62.36
C GLN N 57 -103.45 -35.10 61.77
N CYS N 58 -103.56 -35.10 60.43
CA CYS N 58 -104.80 -35.51 59.80
C CYS N 58 -105.16 -36.95 60.15
N LEU N 59 -104.17 -37.82 60.32
CA LEU N 59 -104.46 -39.21 60.66
C LEU N 59 -105.14 -39.32 62.01
N ILE N 60 -104.67 -38.53 62.98
CA ILE N 60 -105.26 -38.60 64.32
C ILE N 60 -106.73 -38.20 64.27
N HIS N 61 -107.04 -37.16 63.52
CA HIS N 61 -108.43 -36.72 63.42
C HIS N 61 -109.31 -37.78 62.78
N LYS N 62 -108.76 -38.56 61.86
CA LYS N 62 -109.53 -39.64 61.25
C LYS N 62 -110.03 -40.62 62.31
N ALA N 63 -109.13 -41.07 63.19
CA ALA N 63 -109.52 -41.99 64.25
C ALA N 63 -110.26 -41.27 65.37
N THR N 64 -109.91 -40.03 65.65
CA THR N 64 -110.58 -39.29 66.72
C THR N 64 -112.08 -39.20 66.46
N LEU N 65 -112.47 -38.80 65.25
CA LEU N 65 -113.88 -38.74 64.90
C LEU N 65 -114.46 -40.13 64.66
N PRO N 78 -121.21 -28.12 67.08
CA PRO N 78 -120.20 -27.17 66.59
C PRO N 78 -118.78 -27.71 66.68
N LEU N 79 -118.47 -28.48 67.72
CA LEU N 79 -117.12 -29.01 67.87
C LEU N 79 -116.80 -29.99 66.75
N ILE N 80 -117.67 -30.97 66.52
CA ILE N 80 -117.41 -31.99 65.50
C ILE N 80 -117.38 -31.34 64.11
N GLU N 81 -118.32 -30.45 63.83
CA GLU N 81 -118.39 -29.83 62.51
C GLU N 81 -117.12 -29.04 62.21
N ALA N 82 -116.59 -28.32 63.20
CA ALA N 82 -115.38 -27.54 62.99
C ALA N 82 -114.21 -28.44 62.61
N MET N 83 -114.09 -29.60 63.26
CA MET N 83 -113.00 -30.50 62.95
C MET N 83 -113.04 -30.95 61.49
N GLN N 84 -114.24 -31.20 60.97
CA GLN N 84 -114.37 -31.60 59.58
C GLN N 84 -113.79 -30.54 58.65
N GLN N 85 -114.07 -29.27 58.92
CA GLN N 85 -113.50 -28.19 58.13
C GLN N 85 -112.01 -28.06 58.36
N ILE N 86 -111.55 -28.34 59.59
CA ILE N 86 -110.13 -28.23 59.89
C ILE N 86 -109.32 -29.22 59.06
N ILE N 87 -109.83 -30.45 58.93
CA ILE N 87 -109.12 -31.45 58.14
C ILE N 87 -108.96 -30.98 56.71
N LEU N 88 -110.02 -30.41 56.13
CA LEU N 88 -109.93 -29.90 54.77
C LEU N 88 -108.96 -28.74 54.68
N ALA N 89 -108.81 -27.97 55.76
CA ALA N 89 -107.87 -26.85 55.74
C ALA N 89 -106.45 -27.34 55.54
N MET N 90 -106.06 -28.43 56.21
CA MET N 90 -104.71 -28.94 56.06
C MET N 90 -104.50 -29.57 54.70
N THR N 91 -105.55 -30.16 54.11
CA THR N 91 -105.40 -30.79 52.80
C THR N 91 -104.98 -29.77 51.76
N ARG N 92 -105.59 -28.59 51.78
CA ARG N 92 -105.21 -27.54 50.83
C ARG N 92 -103.75 -27.16 51.01
N GLU N 93 -103.30 -27.02 52.26
CA GLU N 93 -101.91 -26.68 52.51
C GLU N 93 -100.98 -27.79 52.03
N LEU N 94 -101.35 -29.05 52.28
CA LEU N 94 -100.49 -30.16 51.87
C LEU N 94 -100.37 -30.24 50.35
N TRP N 95 -101.49 -30.08 49.64
CA TRP N 95 -101.44 -30.20 48.19
C TRP N 95 -100.56 -29.13 47.56
N GLY N 96 -100.43 -27.97 48.22
CA GLY N 96 -99.56 -26.93 47.69
C GLY N 96 -98.11 -27.38 47.62
N GLN N 97 -97.62 -27.97 48.70
CA GLN N 97 -96.25 -28.46 48.71
C GLN N 97 -96.07 -29.58 47.69
N ILE N 98 -97.08 -30.43 47.53
CA ILE N 98 -97.00 -31.51 46.54
C ILE N 98 -96.81 -30.94 45.15
N GLN N 99 -97.65 -29.98 44.77
CA GLN N 99 -97.56 -29.41 43.42
C GLN N 99 -96.30 -28.59 43.25
N ARG N 100 -95.94 -27.78 44.26
CA ARG N 100 -94.75 -26.96 44.16
C ARG N 100 -93.49 -27.81 44.03
N HIS N 101 -93.42 -28.90 44.80
CA HIS N 101 -92.25 -29.77 44.72
C HIS N 101 -92.16 -30.47 43.38
N HIS N 102 -93.28 -30.98 42.87
CA HIS N 102 -93.26 -31.70 41.59
C HIS N 102 -92.92 -30.76 40.44
N TYR N 103 -93.63 -29.64 40.34
CA TYR N 103 -93.42 -28.70 39.24
C TYR N 103 -92.50 -27.56 39.65
N GLY N 104 -92.89 -26.80 40.66
CA GLY N 104 -92.14 -25.64 41.09
C GLY N 104 -93.02 -24.64 41.78
N ILE N 105 -92.38 -23.78 42.58
CA ILE N 105 -93.12 -22.79 43.34
C ILE N 105 -93.80 -21.78 42.41
N VAL N 106 -93.07 -21.30 41.41
CA VAL N 106 -93.62 -20.28 40.53
C VAL N 106 -94.75 -20.84 39.67
N GLN N 107 -94.57 -22.08 39.18
CA GLN N 107 -95.56 -22.65 38.27
C GLN N 107 -96.92 -22.78 38.93
N VAL N 108 -96.96 -23.23 40.18
CA VAL N 108 -98.23 -23.36 40.88
C VAL N 108 -98.88 -21.99 41.05
N GLU N 109 -98.10 -21.01 41.50
CA GLU N 109 -98.63 -19.66 41.62
C GLU N 109 -99.07 -19.12 40.25
N HIS N 110 -98.36 -19.51 39.19
CA HIS N 110 -98.69 -19.05 37.85
C HIS N 110 -99.91 -19.77 37.29
N TYR N 111 -100.06 -21.06 37.59
CA TYR N 111 -101.12 -21.87 36.99
C TYR N 111 -102.43 -21.84 37.78
N VAL N 112 -102.37 -21.62 39.09
CA VAL N 112 -103.58 -21.69 39.91
C VAL N 112 -104.59 -20.65 39.44
N LYS N 113 -104.12 -19.43 39.17
CA LYS N 113 -105.05 -18.36 38.79
C LYS N 113 -105.73 -18.66 37.47
N GLN N 114 -105.01 -19.28 36.52
CA GLN N 114 -105.57 -19.50 35.20
C GLN N 114 -106.84 -20.33 35.26
N ILE N 115 -106.81 -21.43 36.02
CA ILE N 115 -107.98 -22.30 36.09
C ILE N 115 -109.14 -21.59 36.79
N THR N 116 -108.84 -20.76 37.79
CA THR N 116 -109.90 -20.04 38.47
C THR N 116 -110.63 -19.11 37.52
N LEU N 117 -109.88 -18.43 36.64
CA LEU N 117 -110.51 -17.56 35.65
C LEU N 117 -111.41 -18.35 34.72
N TRP N 118 -110.95 -19.52 34.26
CA TRP N 118 -111.75 -20.32 33.36
C TRP N 118 -113.09 -20.70 33.97
N GLN N 119 -113.17 -20.77 35.30
CA GLN N 119 -114.43 -21.09 35.97
C GLN N 119 -115.29 -19.85 36.13
N ASP N 120 -114.73 -18.77 36.65
CA ASP N 120 -115.46 -17.53 36.90
C ASP N 120 -115.63 -16.80 35.57
N THR N 121 -116.52 -17.33 34.74
CA THR N 121 -116.80 -16.77 33.42
C THR N 121 -118.18 -17.25 32.99
N PRO N 122 -118.91 -16.47 32.17
CA PRO N 122 -120.28 -16.88 31.82
C PRO N 122 -120.33 -18.12 30.94
N GLN N 123 -120.05 -19.27 31.54
CA GLN N 123 -120.19 -20.58 30.89
C GLN N 123 -119.79 -20.59 29.43
N ALA N 124 -120.58 -19.91 28.57
CA ALA N 124 -120.38 -20.03 27.13
C ALA N 124 -118.96 -19.66 26.72
N PHE N 125 -118.51 -18.48 27.13
CA PHE N 125 -117.15 -18.03 26.82
C PHE N 125 -116.19 -18.38 27.95
N ARG N 126 -116.21 -19.64 28.39
CA ARG N 126 -115.34 -20.04 29.49
C ARG N 126 -113.88 -20.03 29.08
N GLY N 127 -113.59 -20.45 27.84
CA GLY N 127 -112.23 -20.48 27.36
C GLY N 127 -111.97 -21.68 26.48
N ASP N 128 -110.85 -22.37 26.74
CA ASP N 128 -110.48 -23.56 25.96
C ASP N 128 -109.97 -24.67 26.85
N GLN N 129 -110.49 -24.76 28.09
CA GLN N 129 -110.06 -25.81 29.01
C GLN N 129 -108.55 -25.74 29.19
N PRO N 130 -108.04 -24.75 29.90
CA PRO N 130 -106.58 -24.55 29.97
C PRO N 130 -105.87 -25.81 30.43
N LYS N 131 -104.78 -26.14 29.74
CA LYS N 131 -104.05 -27.35 30.03
C LYS N 131 -103.29 -27.21 31.37
N PRO N 132 -103.15 -28.30 32.11
CA PRO N 132 -102.35 -28.26 33.33
C PRO N 132 -100.87 -28.12 33.00
N PRO N 133 -100.05 -27.66 33.94
CA PRO N 133 -98.64 -27.41 33.64
C PRO N 133 -97.93 -28.69 33.20
N THR O 3 -17.19 -125.20 -20.04
CA THR O 3 -18.43 -124.56 -19.63
C THR O 3 -18.20 -123.12 -19.21
N PHE O 4 -17.11 -122.86 -18.48
CA PHE O 4 -16.87 -121.51 -17.98
C PHE O 4 -16.69 -120.52 -19.13
N ILE O 5 -15.93 -120.89 -20.16
CA ILE O 5 -15.67 -119.97 -21.27
C ILE O 5 -16.97 -119.59 -21.94
N GLU O 6 -17.91 -120.53 -22.04
CA GLU O 6 -19.23 -120.20 -22.59
C GLU O 6 -19.91 -119.12 -21.76
N LEU O 7 -19.78 -119.19 -20.43
CA LEU O 7 -20.39 -118.19 -19.57
C LEU O 7 -19.76 -116.81 -19.81
N VAL O 8 -18.43 -116.76 -19.96
CA VAL O 8 -17.76 -115.48 -20.15
C VAL O 8 -18.13 -114.88 -21.49
N LYS O 9 -18.24 -115.70 -22.53
CA LYS O 9 -18.62 -115.18 -23.84
C LYS O 9 -19.96 -114.46 -23.77
N ASN O 10 -20.81 -114.84 -22.82
CA ASN O 10 -22.09 -114.16 -22.61
C ASN O 10 -21.90 -112.94 -21.72
N MET O 11 -21.03 -112.04 -22.20
CA MET O 11 -20.70 -110.82 -21.46
C MET O 11 -20.53 -109.67 -22.44
N LYS O 12 -20.61 -108.46 -21.90
CA LYS O 12 -20.58 -107.25 -22.70
C LYS O 12 -19.17 -106.70 -22.79
N GLY O 13 -18.79 -106.24 -23.99
CA GLY O 13 -17.44 -105.81 -24.25
C GLY O 13 -16.46 -106.92 -24.53
N TYR O 14 -16.94 -108.13 -24.82
CA TYR O 14 -16.08 -109.27 -25.05
C TYR O 14 -15.52 -109.20 -26.46
N LYS O 15 -14.21 -109.03 -26.58
CA LYS O 15 -13.50 -109.01 -27.86
C LYS O 15 -12.64 -110.26 -27.95
N GLU O 16 -12.89 -111.08 -28.97
CA GLU O 16 -12.15 -112.31 -29.12
C GLU O 16 -10.70 -112.01 -29.49
N LEU O 17 -9.80 -112.88 -29.02
CA LEU O 17 -8.38 -112.68 -29.25
C LEU O 17 -7.65 -113.98 -29.62
N LEU O 18 -8.37 -115.05 -29.92
CA LEU O 18 -7.77 -116.34 -30.23
C LEU O 18 -8.07 -116.71 -31.67
N LEU O 19 -7.03 -117.10 -32.40
CA LEU O 19 -7.19 -117.50 -33.79
C LEU O 19 -7.65 -118.96 -33.88
N PRO O 20 -8.13 -119.37 -35.04
CA PRO O 20 -8.50 -120.78 -35.22
C PRO O 20 -7.32 -121.70 -35.02
N MET O 21 -7.60 -122.91 -34.51
CA MET O 21 -6.55 -123.88 -34.26
C MET O 21 -5.78 -124.21 -35.53
N GLU O 22 -6.40 -124.06 -36.70
CA GLU O 22 -5.76 -124.40 -37.96
C GLU O 22 -4.77 -123.35 -38.44
N MET O 23 -4.74 -122.17 -37.80
CA MET O 23 -3.85 -121.09 -38.22
C MET O 23 -2.71 -120.83 -37.27
N VAL O 24 -2.82 -121.22 -36.01
CA VAL O 24 -1.76 -120.97 -35.03
C VAL O 24 -0.53 -121.79 -35.42
N PRO O 25 0.67 -121.34 -35.09
CA PRO O 25 1.87 -122.11 -35.45
C PRO O 25 1.92 -123.43 -34.70
N LEU O 26 2.88 -124.25 -35.08
CA LEU O 26 3.13 -125.48 -34.36
C LEU O 26 3.68 -125.15 -32.97
N PRO O 27 3.46 -126.04 -31.99
CA PRO O 27 3.91 -125.72 -30.62
C PRO O 27 5.40 -125.43 -30.53
N ALA O 28 6.22 -126.12 -31.34
CA ALA O 28 7.64 -125.88 -31.30
C ALA O 28 7.97 -124.44 -31.72
N VAL O 29 7.28 -123.94 -32.74
CA VAL O 29 7.57 -122.59 -33.22
C VAL O 29 7.22 -121.55 -32.18
N VAL O 30 6.12 -121.77 -31.44
CA VAL O 30 5.66 -120.76 -30.49
C VAL O 30 6.72 -120.52 -29.43
N LEU O 31 7.32 -121.60 -28.91
CA LEU O 31 8.32 -121.46 -27.86
C LEU O 31 9.46 -120.55 -28.30
N LYS O 32 9.76 -120.52 -29.59
CA LYS O 32 10.87 -119.69 -30.07
C LYS O 32 10.61 -118.21 -29.79
N HIS O 33 9.38 -117.74 -30.02
CA HIS O 33 9.06 -116.35 -29.74
C HIS O 33 9.05 -116.07 -28.25
N VAL O 34 8.76 -117.08 -27.43
CA VAL O 34 8.71 -116.87 -25.99
C VAL O 34 10.08 -116.44 -25.48
N LYS O 35 11.13 -117.12 -25.93
CA LYS O 35 12.48 -116.79 -25.47
C LYS O 35 12.86 -115.37 -25.88
N LEU O 36 12.55 -114.99 -27.12
CA LEU O 36 12.88 -113.64 -27.58
C LEU O 36 12.08 -112.60 -26.79
N ILE O 37 10.77 -112.79 -26.68
CA ILE O 37 9.93 -111.81 -26.01
C ILE O 37 10.29 -111.70 -24.54
N LEU O 38 10.46 -112.85 -23.88
CA LEU O 38 10.86 -112.83 -22.47
C LEU O 38 12.23 -112.21 -22.30
N THR O 39 13.22 -112.71 -23.05
CA THR O 39 14.60 -112.27 -22.85
C THR O 39 14.81 -110.85 -23.36
N SER O 40 14.29 -110.54 -24.54
CA SER O 40 14.44 -109.21 -25.14
C SER O 40 13.36 -108.28 -24.57
N GLN O 41 13.43 -108.09 -23.26
CA GLN O 41 12.49 -107.21 -22.57
C GLN O 41 13.21 -106.53 -21.41
N LYS O 42 12.73 -105.33 -21.08
CA LYS O 42 13.28 -104.53 -20.00
C LYS O 42 12.14 -104.10 -19.08
N GLU O 43 12.45 -103.92 -17.80
CA GLU O 43 11.46 -103.52 -16.80
C GLU O 43 10.32 -104.54 -16.76
N HIS O 44 10.70 -105.76 -16.32
CA HIS O 44 9.78 -106.88 -16.26
C HIS O 44 8.41 -106.45 -15.76
N GLN O 45 7.37 -106.93 -16.43
CA GLN O 45 6.00 -106.60 -16.13
C GLN O 45 5.23 -107.85 -15.73
N PRO O 46 4.10 -107.69 -15.04
CA PRO O 46 3.40 -108.87 -14.51
C PRO O 46 3.01 -109.88 -15.58
N TRP O 47 2.60 -109.41 -16.76
CA TRP O 47 2.15 -110.33 -17.80
C TRP O 47 3.28 -111.24 -18.29
N MET O 48 4.54 -110.83 -18.10
CA MET O 48 5.65 -111.69 -18.51
C MET O 48 5.65 -112.99 -17.71
N THR O 49 5.37 -112.91 -16.41
CA THR O 49 5.35 -114.11 -15.59
C THR O 49 4.26 -115.07 -16.06
N GLU O 50 3.09 -114.54 -16.42
CA GLU O 50 2.01 -115.41 -16.87
C GLU O 50 2.41 -116.19 -18.12
N MET O 51 3.09 -115.53 -19.05
CA MET O 51 3.49 -116.21 -20.28
C MET O 51 4.40 -117.40 -19.98
N ALA O 52 5.38 -117.21 -19.10
CA ALA O 52 6.33 -118.27 -18.82
C ALA O 52 5.64 -119.48 -18.18
N LEU O 53 4.73 -119.22 -17.25
CA LEU O 53 4.07 -120.31 -16.53
C LEU O 53 3.32 -121.22 -17.48
N LYS O 54 2.58 -120.63 -18.42
CA LYS O 54 1.84 -121.44 -19.38
C LYS O 54 2.77 -122.20 -20.31
N ALA O 55 3.91 -121.59 -20.66
CA ALA O 55 4.83 -122.21 -21.61
C ALA O 55 5.33 -123.55 -21.10
N ASP O 56 5.73 -123.61 -19.82
CA ASP O 56 6.25 -124.86 -19.28
C ASP O 56 5.21 -125.95 -19.29
N GLN O 57 3.93 -125.59 -19.21
CA GLN O 57 2.88 -126.62 -19.21
C GLN O 57 2.89 -127.41 -20.51
N CYS O 58 3.05 -126.72 -21.65
CA CYS O 58 3.09 -127.42 -22.92
C CYS O 58 4.27 -128.38 -22.97
N LEU O 59 5.42 -127.97 -22.45
CA LEU O 59 6.57 -128.85 -22.39
C LEU O 59 6.30 -130.07 -21.53
N ILE O 60 5.63 -129.87 -20.39
CA ILE O 60 5.31 -130.99 -19.50
C ILE O 60 4.43 -131.99 -20.22
N HIS O 61 3.36 -131.51 -20.87
CA HIS O 61 2.51 -132.41 -21.65
C HIS O 61 3.28 -132.99 -22.82
N LYS O 62 4.11 -132.18 -23.48
CA LYS O 62 4.90 -132.68 -24.61
C LYS O 62 5.86 -133.76 -24.16
N ALA O 63 6.50 -133.57 -23.00
CA ALA O 63 7.40 -134.57 -22.46
C ALA O 63 6.68 -135.80 -21.93
N THR O 64 5.36 -135.76 -21.84
CA THR O 64 4.59 -136.88 -21.31
C THR O 64 4.25 -137.91 -22.38
N LEU O 65 4.18 -137.50 -23.65
CA LEU O 65 3.81 -138.45 -24.70
C LEU O 65 4.84 -139.55 -24.87
N ASP O 66 6.13 -139.22 -24.72
CA ASP O 66 7.17 -140.25 -24.86
C ASP O 66 6.96 -141.40 -23.89
N PRO O 78 -7.81 -143.66 -25.39
CA PRO O 78 -8.22 -142.27 -25.13
C PRO O 78 -7.28 -141.53 -24.20
N LEU O 79 -6.96 -142.11 -23.04
CA LEU O 79 -6.19 -141.39 -22.04
C LEU O 79 -4.82 -140.98 -22.57
N ILE O 80 -4.14 -141.89 -23.26
CA ILE O 80 -2.82 -141.58 -23.80
C ILE O 80 -2.93 -140.45 -24.83
N GLU O 81 -3.91 -140.55 -25.73
CA GLU O 81 -4.09 -139.55 -26.77
C GLU O 81 -4.88 -138.33 -26.30
N ALA O 82 -5.55 -138.41 -25.14
CA ALA O 82 -6.36 -137.29 -24.68
C ALA O 82 -5.50 -136.07 -24.39
N MET O 83 -4.34 -136.27 -23.76
CA MET O 83 -3.49 -135.13 -23.41
C MET O 83 -3.03 -134.37 -24.64
N GLN O 84 -2.91 -135.05 -25.78
CA GLN O 84 -2.46 -134.37 -27.00
C GLN O 84 -3.43 -133.27 -27.40
N GLN O 85 -4.72 -133.42 -27.09
CA GLN O 85 -5.69 -132.40 -27.44
C GLN O 85 -5.39 -131.09 -26.74
N ILE O 86 -5.01 -131.15 -25.45
CA ILE O 86 -4.75 -129.93 -24.70
C ILE O 86 -3.52 -129.22 -25.24
N ILE O 87 -2.52 -129.98 -25.71
CA ILE O 87 -1.29 -129.37 -26.20
C ILE O 87 -1.60 -128.39 -27.32
N LEU O 88 -2.41 -128.82 -28.29
CA LEU O 88 -2.78 -127.92 -29.37
C LEU O 88 -3.56 -126.73 -28.85
N ALA O 89 -4.49 -126.97 -27.91
CA ALA O 89 -5.28 -125.88 -27.36
C ALA O 89 -4.40 -124.89 -26.61
N MET O 90 -3.43 -125.39 -25.85
CA MET O 90 -2.59 -124.51 -25.05
C MET O 90 -1.88 -123.48 -25.92
N THR O 91 -1.47 -123.88 -27.13
CA THR O 91 -0.82 -122.95 -28.04
C THR O 91 -1.75 -121.82 -28.42
N ARG O 92 -3.03 -122.13 -28.67
CA ARG O 92 -3.97 -121.11 -29.12
C ARG O 92 -4.08 -119.98 -28.10
N GLU O 93 -4.21 -120.32 -26.83
CA GLU O 93 -4.21 -119.29 -25.80
C GLU O 93 -2.84 -118.64 -25.67
N LEU O 94 -1.78 -119.45 -25.77
CA LEU O 94 -0.43 -118.91 -25.64
C LEU O 94 -0.09 -117.95 -26.77
N TRP O 95 -0.47 -118.30 -28.00
CA TRP O 95 -0.17 -117.43 -29.14
C TRP O 95 -0.90 -116.11 -29.04
N GLY O 96 -2.02 -116.07 -28.33
CA GLY O 96 -2.76 -114.83 -28.20
C GLY O 96 -1.96 -113.75 -27.51
N GLN O 97 -1.20 -114.12 -26.48
CA GLN O 97 -0.39 -113.14 -25.76
C GLN O 97 0.79 -112.66 -26.60
N ILE O 98 1.31 -113.53 -27.47
CA ILE O 98 2.43 -113.15 -28.32
C ILE O 98 2.04 -111.98 -29.21
N GLN O 99 0.87 -112.07 -29.85
CA GLN O 99 0.44 -111.01 -30.75
C GLN O 99 0.15 -109.72 -29.99
N ARG O 100 -0.33 -109.82 -28.75
CA ARG O 100 -0.56 -108.62 -27.95
C ARG O 100 0.74 -107.87 -27.74
N HIS O 101 1.82 -108.58 -27.41
CA HIS O 101 3.11 -107.92 -27.22
C HIS O 101 3.63 -107.33 -28.52
N HIS O 102 3.57 -108.11 -29.61
CA HIS O 102 4.08 -107.63 -30.89
C HIS O 102 3.20 -106.55 -31.47
N TYR O 103 1.94 -106.88 -31.75
CA TYR O 103 1.03 -105.93 -32.40
C TYR O 103 0.42 -104.97 -31.38
N GLY O 104 -0.33 -105.51 -30.43
CA GLY O 104 -1.07 -104.72 -29.47
C GLY O 104 -2.46 -105.31 -29.31
N ILE O 105 -3.03 -105.14 -28.12
CA ILE O 105 -4.33 -105.74 -27.83
C ILE O 105 -5.40 -105.19 -28.76
N VAL O 106 -5.42 -103.86 -28.95
CA VAL O 106 -6.47 -103.24 -29.76
C VAL O 106 -6.40 -103.73 -31.20
N GLN O 107 -5.20 -103.77 -31.77
CA GLN O 107 -5.05 -104.16 -33.17
C GLN O 107 -5.45 -105.62 -33.38
N VAL O 108 -5.15 -106.48 -32.40
CA VAL O 108 -5.44 -107.90 -32.55
C VAL O 108 -6.95 -108.12 -32.71
N GLU O 109 -7.75 -107.42 -31.90
CA GLU O 109 -9.20 -107.59 -31.98
C GLU O 109 -9.69 -107.41 -33.41
N HIS O 110 -9.25 -106.33 -34.07
CA HIS O 110 -9.65 -106.10 -35.44
C HIS O 110 -9.16 -107.21 -36.36
N TYR O 111 -7.92 -107.65 -36.16
CA TYR O 111 -7.35 -108.66 -37.05
C TYR O 111 -8.13 -109.97 -36.98
N VAL O 112 -8.51 -110.39 -35.78
CA VAL O 112 -9.20 -111.67 -35.63
C VAL O 112 -10.53 -111.64 -36.36
N LYS O 113 -11.31 -110.58 -36.16
CA LYS O 113 -12.61 -110.49 -36.81
C LYS O 113 -12.45 -110.45 -38.32
N GLN O 114 -11.45 -109.71 -38.82
CA GLN O 114 -11.18 -109.71 -40.25
C GLN O 114 -10.85 -111.11 -40.74
N ILE O 115 -10.03 -111.85 -39.97
CA ILE O 115 -9.74 -113.23 -40.32
C ILE O 115 -11.00 -114.07 -40.26
N THR O 116 -11.81 -113.88 -39.22
CA THR O 116 -13.01 -114.68 -39.07
C THR O 116 -13.95 -114.48 -40.25
N LEU O 117 -14.23 -113.22 -40.59
CA LEU O 117 -15.08 -112.96 -41.75
C LEU O 117 -14.43 -113.48 -43.03
N TRP O 118 -13.12 -113.30 -43.16
CA TRP O 118 -12.42 -113.83 -44.32
C TRP O 118 -12.56 -115.34 -44.39
N GLN O 119 -12.41 -116.02 -43.25
CA GLN O 119 -12.59 -117.47 -43.23
C GLN O 119 -14.03 -117.85 -43.44
N ASP O 120 -14.97 -117.04 -42.93
CA ASP O 120 -16.38 -117.36 -43.06
C ASP O 120 -16.83 -117.34 -44.51
N THR O 121 -16.39 -116.35 -45.27
CA THR O 121 -16.81 -116.22 -46.64
C THR O 121 -16.34 -117.43 -47.45
N PRO O 122 -17.15 -117.95 -48.37
CA PRO O 122 -16.71 -119.11 -49.17
C PRO O 122 -15.47 -118.79 -49.98
N GLN O 123 -14.63 -119.81 -50.17
CA GLN O 123 -13.37 -119.64 -50.86
C GLN O 123 -13.54 -119.17 -52.30
N ALA O 124 -14.72 -119.39 -52.89
CA ALA O 124 -14.93 -118.97 -54.27
C ALA O 124 -14.78 -117.47 -54.43
N PHE O 125 -15.32 -116.69 -53.50
CA PHE O 125 -15.23 -115.24 -53.52
C PHE O 125 -14.68 -114.71 -52.21
N ARG O 126 -13.82 -115.50 -51.55
CA ARG O 126 -13.30 -115.10 -50.24
C ARG O 126 -12.46 -113.84 -50.33
N GLY O 127 -11.61 -113.74 -51.35
CA GLY O 127 -10.74 -112.59 -51.50
C GLY O 127 -9.38 -112.81 -50.89
N ASP O 128 -8.54 -111.78 -51.03
CA ASP O 128 -7.18 -111.84 -50.50
C ASP O 128 -7.20 -111.87 -48.99
N GLN O 129 -6.35 -112.71 -48.41
CA GLN O 129 -6.26 -112.80 -46.96
C GLN O 129 -5.71 -111.50 -46.39
N PRO O 130 -6.33 -110.93 -45.36
CA PRO O 130 -5.82 -109.68 -44.80
C PRO O 130 -4.48 -109.88 -44.12
N LYS O 131 -3.68 -108.81 -44.14
CA LYS O 131 -2.34 -108.86 -43.55
C LYS O 131 -2.40 -108.46 -42.07
N PRO O 132 -1.40 -108.86 -41.29
CA PRO O 132 -1.40 -108.52 -39.86
C PRO O 132 -1.34 -107.02 -39.67
N PRO O 133 -1.73 -106.51 -38.49
CA PRO O 133 -1.68 -105.08 -38.24
C PRO O 133 -0.27 -104.54 -38.11
N SER O 134 -0.14 -103.26 -37.82
CA SER O 134 1.15 -102.64 -37.64
C SER O 134 1.68 -102.91 -36.22
N PHE O 135 3.00 -102.99 -36.11
CA PHE O 135 3.62 -103.28 -34.83
C PHE O 135 3.41 -102.12 -33.85
N THR P 3 12.60 -124.32 -17.52
CA THR P 3 13.65 -123.34 -17.80
C THR P 3 13.12 -121.95 -18.05
N PHE P 4 11.98 -121.82 -18.72
CA PHE P 4 11.44 -120.49 -19.04
C PHE P 4 11.13 -119.71 -17.77
N ILE P 5 10.52 -120.37 -16.78
CA ILE P 5 10.19 -119.69 -15.53
C ILE P 5 11.46 -119.23 -14.84
N GLU P 6 12.54 -120.02 -14.95
CA GLU P 6 13.81 -119.61 -14.35
C GLU P 6 14.32 -118.32 -14.96
N LEU P 7 14.17 -118.17 -16.28
CA LEU P 7 14.60 -116.94 -16.94
C LEU P 7 13.87 -115.73 -16.39
N VAL P 8 12.57 -115.87 -16.14
CA VAL P 8 11.80 -114.76 -15.57
C VAL P 8 12.32 -114.44 -14.18
N LYS P 9 12.60 -115.46 -13.38
CA LYS P 9 13.11 -115.24 -12.03
C LYS P 9 14.48 -114.58 -12.05
N ASN P 10 15.16 -114.58 -13.19
CA ASN P 10 16.45 -113.92 -13.34
C ASN P 10 16.33 -112.47 -13.79
N MET P 11 15.12 -111.96 -13.93
CA MET P 11 14.92 -110.62 -14.44
C MET P 11 15.12 -109.58 -13.34
N LYS P 12 14.88 -108.32 -13.68
CA LYS P 12 14.95 -107.21 -12.75
C LYS P 12 13.55 -106.70 -12.48
N GLY P 13 13.22 -106.52 -11.20
CA GLY P 13 11.90 -106.08 -10.80
C GLY P 13 10.88 -107.20 -10.65
N TYR P 14 11.26 -108.44 -10.94
CA TYR P 14 10.34 -109.56 -10.79
C TYR P 14 9.99 -109.76 -9.32
N LYS P 15 8.73 -110.08 -9.06
CA LYS P 15 8.24 -110.27 -7.71
C LYS P 15 7.31 -111.49 -7.68
N GLU P 16 7.44 -112.29 -6.63
CA GLU P 16 6.62 -113.49 -6.51
C GLU P 16 5.16 -113.12 -6.27
N LEU P 17 4.26 -113.90 -6.85
CA LEU P 17 2.83 -113.75 -6.64
C LEU P 17 2.12 -115.04 -6.29
N LEU P 18 2.76 -116.20 -6.46
CA LEU P 18 2.15 -117.46 -6.14
C LEU P 18 2.40 -117.80 -4.66
N LEU P 19 1.98 -118.99 -4.26
CA LEU P 19 2.06 -119.44 -2.88
C LEU P 19 2.56 -120.87 -2.85
N PRO P 20 3.07 -121.32 -1.70
CA PRO P 20 3.54 -122.70 -1.60
C PRO P 20 2.42 -123.69 -1.93
N MET P 21 2.82 -124.81 -2.53
CA MET P 21 1.84 -125.81 -2.92
C MET P 21 0.96 -126.24 -1.75
N GLU P 22 1.54 -126.29 -0.55
CA GLU P 22 0.77 -126.67 0.62
C GLU P 22 -0.34 -125.66 0.92
N MET P 23 -0.03 -124.37 0.80
CA MET P 23 -1.00 -123.31 1.08
C MET P 23 -1.84 -123.04 -0.17
N VAL P 24 -2.46 -124.10 -0.69
CA VAL P 24 -3.32 -124.00 -1.85
C VAL P 24 -4.60 -124.80 -1.58
N PRO P 25 -5.79 -124.21 -1.73
CA PRO P 25 -7.01 -124.97 -1.48
C PRO P 25 -7.09 -126.22 -2.35
N LEU P 26 -8.05 -127.08 -2.01
CA LEU P 26 -8.27 -128.30 -2.75
C LEU P 26 -8.90 -127.98 -4.10
N PRO P 27 -8.80 -128.90 -5.07
CA PRO P 27 -9.42 -128.65 -6.38
C PRO P 27 -10.94 -128.63 -6.30
N ALA P 28 -11.60 -128.42 -7.44
CA ALA P 28 -13.06 -128.40 -7.49
C ALA P 28 -13.62 -127.25 -6.67
N VAL P 29 -13.45 -127.31 -5.34
CA VAL P 29 -13.98 -126.26 -4.48
C VAL P 29 -13.33 -124.92 -4.81
N VAL P 30 -12.03 -124.93 -5.08
CA VAL P 30 -11.33 -123.70 -5.42
C VAL P 30 -11.92 -123.06 -6.66
N LEU P 31 -12.45 -123.88 -7.58
CA LEU P 31 -13.06 -123.34 -8.79
C LEU P 31 -14.30 -122.50 -8.50
N LYS P 32 -14.87 -122.62 -7.30
CA LYS P 32 -16.09 -121.87 -7.00
C LYS P 32 -15.84 -120.37 -7.02
N HIS P 33 -14.68 -119.93 -6.52
CA HIS P 33 -14.35 -118.51 -6.57
C HIS P 33 -14.37 -117.99 -8.00
N VAL P 34 -14.14 -118.86 -8.98
CA VAL P 34 -14.19 -118.44 -10.38
C VAL P 34 -15.57 -117.89 -10.72
N LYS P 35 -16.61 -118.62 -10.33
CA LYS P 35 -17.97 -118.19 -10.63
C LYS P 35 -18.30 -116.88 -9.93
N LEU P 36 -17.86 -116.73 -8.67
CA LEU P 36 -18.18 -115.53 -7.90
C LEU P 36 -17.47 -114.30 -8.44
N ILE P 37 -16.51 -114.45 -9.34
CA ILE P 37 -15.76 -113.32 -9.87
C ILE P 37 -16.12 -113.11 -11.34
N LEU P 38 -16.55 -114.18 -12.01
CA LEU P 38 -17.00 -114.09 -13.40
C LEU P 38 -18.48 -113.73 -13.47
N THR P 39 -19.32 -114.52 -12.82
CA THR P 39 -20.76 -114.27 -12.86
C THR P 39 -21.09 -112.91 -12.27
N SER P 40 -20.47 -112.57 -11.14
CA SER P 40 -20.69 -111.29 -10.48
C SER P 40 -19.72 -110.24 -11.03
N GLN P 41 -19.78 -110.04 -12.34
CA GLN P 41 -18.89 -109.12 -13.00
C GLN P 41 -19.52 -108.64 -14.30
N LYS P 42 -18.97 -107.54 -14.82
CA LYS P 42 -19.42 -106.95 -16.07
C LYS P 42 -18.26 -106.17 -16.66
N GLU P 43 -18.42 -105.72 -17.91
CA GLU P 43 -17.37 -105.00 -18.62
C GLU P 43 -16.13 -105.89 -18.78
N HIS P 44 -16.34 -106.97 -19.53
CA HIS P 44 -15.31 -107.97 -19.79
C HIS P 44 -13.97 -107.32 -20.04
N GLN P 45 -12.98 -107.71 -19.24
CA GLN P 45 -11.62 -107.20 -19.35
C GLN P 45 -10.68 -108.30 -19.83
N PRO P 46 -9.52 -107.94 -20.38
CA PRO P 46 -8.64 -108.97 -20.96
C PRO P 46 -8.23 -110.04 -19.96
N TRP P 47 -7.98 -109.67 -18.70
CA TRP P 47 -7.53 -110.64 -17.72
C TRP P 47 -8.61 -111.65 -17.38
N MET P 48 -9.88 -111.27 -17.54
CA MET P 48 -10.96 -112.19 -17.24
C MET P 48 -10.91 -113.42 -18.14
N THR P 49 -10.61 -113.20 -19.42
CA THR P 49 -10.51 -114.34 -20.34
C THR P 49 -9.38 -115.27 -19.94
N GLU P 50 -8.25 -114.70 -19.49
CA GLU P 50 -7.12 -115.53 -19.07
C GLU P 50 -7.52 -116.46 -17.95
N MET P 51 -8.25 -115.94 -16.95
CA MET P 51 -8.72 -116.78 -15.86
C MET P 51 -9.66 -117.85 -16.36
N ALA P 52 -10.58 -117.49 -17.27
CA ALA P 52 -11.56 -118.46 -17.76
C ALA P 52 -10.88 -119.58 -18.52
N LEU P 53 -9.89 -119.25 -19.36
CA LEU P 53 -9.22 -120.26 -20.16
C LEU P 53 -8.25 -121.11 -19.35
N LYS P 54 -7.96 -120.73 -18.10
CA LYS P 54 -7.11 -121.51 -17.23
C LYS P 54 -7.90 -122.40 -16.28
N ALA P 55 -8.96 -121.87 -15.68
CA ALA P 55 -9.76 -122.66 -14.75
C ALA P 55 -10.42 -123.84 -15.46
N ASP P 56 -10.95 -123.60 -16.67
CA ASP P 56 -11.62 -124.67 -17.40
C ASP P 56 -10.69 -125.83 -17.72
N GLN P 57 -9.37 -125.59 -17.74
CA GLN P 57 -8.43 -126.67 -18.04
C GLN P 57 -8.48 -127.75 -16.97
N CYS P 58 -8.64 -127.36 -15.70
CA CYS P 58 -8.69 -128.36 -14.63
C CYS P 58 -9.83 -129.35 -14.85
N LEU P 59 -10.98 -128.85 -15.28
CA LEU P 59 -12.10 -129.75 -15.59
C LEU P 59 -11.73 -130.72 -16.70
N ILE P 60 -11.04 -130.23 -17.73
CA ILE P 60 -10.63 -131.09 -18.82
C ILE P 60 -9.72 -132.20 -18.31
N HIS P 61 -8.70 -131.83 -17.53
CA HIS P 61 -7.84 -132.84 -16.90
C HIS P 61 -8.63 -133.70 -15.93
N LYS P 62 -9.51 -133.07 -15.15
CA LYS P 62 -10.33 -133.82 -14.21
C LYS P 62 -11.28 -134.77 -14.94
N ALA P 63 -11.80 -134.34 -16.09
CA ALA P 63 -12.72 -135.19 -16.84
C ALA P 63 -12.08 -136.49 -17.28
N THR P 64 -10.75 -136.51 -17.43
CA THR P 64 -10.07 -137.73 -17.84
C THR P 64 -10.11 -138.81 -16.78
N LEU P 65 -10.40 -138.44 -15.53
CA LEU P 65 -10.47 -139.43 -14.46
C LEU P 65 -11.51 -140.50 -14.76
N ASP P 66 -12.58 -140.14 -15.46
CA ASP P 66 -13.58 -141.14 -15.84
C ASP P 66 -12.96 -142.21 -16.73
N PRO P 78 2.64 -143.70 -15.15
CA PRO P 78 3.15 -142.32 -15.19
C PRO P 78 2.20 -141.35 -15.87
N LEU P 79 1.49 -141.80 -16.91
CA LEU P 79 0.55 -140.92 -17.59
C LEU P 79 -0.57 -140.49 -16.65
N ILE P 80 -1.11 -141.43 -15.88
CA ILE P 80 -2.18 -141.10 -14.94
C ILE P 80 -1.64 -140.25 -13.80
N GLU P 81 -0.47 -140.63 -13.26
CA GLU P 81 0.10 -139.87 -12.16
C GLU P 81 0.47 -138.46 -12.58
N ALA P 82 1.04 -138.32 -13.79
CA ALA P 82 1.53 -137.01 -14.23
C ALA P 82 0.41 -135.98 -14.29
N MET P 83 -0.75 -136.38 -14.81
CA MET P 83 -1.86 -135.44 -14.95
C MET P 83 -2.29 -134.90 -13.59
N GLN P 84 -2.34 -135.76 -12.57
CA GLN P 84 -2.75 -135.32 -11.24
C GLN P 84 -1.80 -134.26 -10.70
N GLN P 85 -0.50 -134.43 -10.94
CA GLN P 85 0.47 -133.45 -10.46
C GLN P 85 0.25 -132.10 -11.11
N ILE P 86 -0.08 -132.08 -12.41
CA ILE P 86 -0.23 -130.83 -13.13
C ILE P 86 -1.37 -130.00 -12.54
N ILE P 87 -2.44 -130.66 -12.07
CA ILE P 87 -3.59 -129.93 -11.55
C ILE P 87 -3.18 -129.03 -10.39
N LEU P 88 -2.28 -129.53 -9.54
CA LEU P 88 -1.81 -128.71 -8.42
C LEU P 88 -1.13 -127.44 -8.91
N ALA P 89 -0.29 -127.58 -9.95
CA ALA P 89 0.44 -126.42 -10.46
C ALA P 89 -0.53 -125.37 -11.01
N MET P 90 -1.52 -125.81 -11.79
CA MET P 90 -2.50 -124.88 -12.33
C MET P 90 -3.34 -124.26 -11.22
N THR P 91 -3.69 -125.04 -10.20
CA THR P 91 -4.48 -124.51 -9.10
C THR P 91 -3.73 -123.40 -8.39
N ARG P 92 -2.41 -123.54 -8.24
CA ARG P 92 -1.62 -122.50 -7.60
C ARG P 92 -1.71 -121.19 -8.39
N GLU P 93 -1.64 -121.27 -9.72
CA GLU P 93 -1.73 -120.07 -10.54
C GLU P 93 -3.10 -119.41 -10.38
N LEU P 94 -4.16 -120.21 -10.30
CA LEU P 94 -5.50 -119.66 -10.18
C LEU P 94 -5.63 -118.78 -8.94
N TRP P 95 -5.10 -119.26 -7.81
CA TRP P 95 -5.25 -118.50 -6.56
C TRP P 95 -4.55 -117.15 -6.65
N GLY P 96 -3.36 -117.11 -7.26
CA GLY P 96 -2.66 -115.84 -7.38
C GLY P 96 -3.45 -114.81 -8.14
N GLN P 97 -4.11 -115.22 -9.23
CA GLN P 97 -4.95 -114.29 -9.98
C GLN P 97 -6.11 -113.78 -9.12
N ILE P 98 -6.71 -114.67 -8.32
CA ILE P 98 -7.83 -114.26 -7.48
C ILE P 98 -7.38 -113.20 -6.49
N GLN P 99 -6.26 -113.43 -5.83
CA GLN P 99 -5.72 -112.42 -4.91
C GLN P 99 -5.30 -111.17 -5.66
N ARG P 100 -4.80 -111.32 -6.88
CA ARG P 100 -4.46 -110.16 -7.70
C ARG P 100 -5.68 -109.29 -7.99
N HIS P 101 -6.88 -109.83 -7.82
CA HIS P 101 -8.12 -109.09 -8.03
C HIS P 101 -8.76 -108.64 -6.73
N HIS P 102 -8.84 -109.54 -5.74
CA HIS P 102 -9.50 -109.23 -4.48
C HIS P 102 -8.68 -108.20 -3.69
N TYR P 103 -7.46 -108.56 -3.31
CA TYR P 103 -6.60 -107.70 -2.51
C TYR P 103 -5.64 -106.89 -3.37
N GLY P 104 -6.19 -106.20 -4.37
CA GLY P 104 -5.34 -105.40 -5.21
C GLY P 104 -4.34 -106.27 -5.97
N ILE P 105 -3.33 -105.59 -6.53
CA ILE P 105 -2.25 -106.26 -7.24
C ILE P 105 -0.92 -105.85 -6.62
N VAL P 106 -0.88 -104.69 -5.99
CA VAL P 106 0.34 -104.22 -5.35
C VAL P 106 0.47 -104.78 -3.95
N GLN P 107 -0.61 -104.73 -3.17
CA GLN P 107 -0.59 -105.25 -1.81
C GLN P 107 -0.39 -106.76 -1.77
N VAL P 108 -0.67 -107.45 -2.87
CA VAL P 108 -0.50 -108.91 -2.89
C VAL P 108 0.97 -109.27 -2.70
N GLU P 109 1.86 -108.55 -3.38
CA GLU P 109 3.29 -108.86 -3.28
C GLU P 109 3.76 -108.74 -1.84
N HIS P 110 3.31 -107.72 -1.13
CA HIS P 110 3.72 -107.54 0.26
C HIS P 110 3.28 -108.73 1.11
N TYR P 111 2.05 -109.20 0.91
CA TYR P 111 1.56 -110.33 1.70
C TYR P 111 2.39 -111.58 1.45
N VAL P 112 2.62 -111.92 0.17
CA VAL P 112 3.39 -113.11 -0.14
C VAL P 112 4.82 -112.96 0.35
N LYS P 113 5.36 -111.74 0.30
CA LYS P 113 6.70 -111.50 0.82
C LYS P 113 6.79 -111.92 2.28
N GLN P 114 5.78 -111.55 3.08
CA GLN P 114 5.78 -111.93 4.49
C GLN P 114 5.53 -113.42 4.67
N ILE P 115 4.70 -114.01 3.79
CA ILE P 115 4.41 -115.43 3.89
C ILE P 115 5.70 -116.24 3.76
N THR P 116 6.56 -115.88 2.80
CA THR P 116 7.80 -116.61 2.60
C THR P 116 8.67 -116.55 3.85
N LEU P 117 8.80 -115.37 4.45
CA LEU P 117 9.60 -115.24 5.66
C LEU P 117 8.97 -116.00 6.82
N TRP P 118 7.64 -115.91 6.96
CA TRP P 118 6.96 -116.53 8.09
C TRP P 118 7.03 -118.05 8.05
N GLN P 119 7.25 -118.65 6.88
CA GLN P 119 7.31 -120.09 6.75
C GLN P 119 8.73 -120.62 6.65
N ASP P 120 9.63 -119.88 5.98
CA ASP P 120 11.00 -120.36 5.81
C ASP P 120 11.72 -120.47 7.15
N THR P 121 11.49 -119.51 8.04
CA THR P 121 12.12 -119.56 9.35
C THR P 121 11.60 -120.77 10.13
N PRO P 122 12.40 -121.30 11.06
CA PRO P 122 11.95 -122.46 11.82
C PRO P 122 10.71 -122.15 12.64
N GLN P 123 9.89 -123.18 12.87
CA GLN P 123 8.63 -122.99 13.57
C GLN P 123 8.82 -122.42 14.97
N ALA P 124 10.01 -122.56 15.55
CA ALA P 124 10.25 -122.03 16.89
C ALA P 124 10.40 -120.51 16.90
N PHE P 125 10.49 -119.87 15.73
CA PHE P 125 10.70 -118.43 15.66
C PHE P 125 9.61 -117.70 14.89
N ARG P 126 8.71 -118.41 14.21
CA ARG P 126 7.73 -117.75 13.36
C ARG P 126 6.88 -116.76 14.15
N GLY P 127 6.12 -117.27 15.11
CA GLY P 127 5.23 -116.43 15.89
C GLY P 127 3.78 -116.61 15.50
N ASP P 128 3.21 -115.61 14.83
CA ASP P 128 1.82 -115.65 14.41
C ASP P 128 1.73 -115.39 12.91
N GLN P 129 0.80 -116.07 12.24
CA GLN P 129 0.63 -115.88 10.82
C GLN P 129 0.21 -114.44 10.53
N PRO P 130 0.80 -113.79 9.52
CA PRO P 130 0.38 -112.43 9.16
C PRO P 130 -0.90 -112.46 8.35
N LYS P 131 -1.94 -111.83 8.88
CA LYS P 131 -3.23 -111.85 8.20
C LYS P 131 -3.13 -111.10 6.87
N PRO P 132 -3.70 -111.65 5.79
CA PRO P 132 -3.64 -110.95 4.52
C PRO P 132 -4.46 -109.67 4.57
N PRO P 133 -4.11 -108.67 3.76
CA PRO P 133 -4.89 -107.43 3.76
C PRO P 133 -6.31 -107.67 3.26
N SER P 134 -7.23 -106.86 3.77
CA SER P 134 -8.64 -106.99 3.41
C SER P 134 -8.87 -106.45 2.00
N PHE P 135 -10.14 -106.43 1.58
CA PHE P 135 -10.52 -105.99 0.25
C PHE P 135 -10.43 -104.46 0.20
N THR Q 3 41.50 -114.14 14.41
CA THR Q 3 42.13 -113.06 15.16
C THR Q 3 41.68 -111.69 14.66
N PHE Q 4 41.25 -111.58 13.40
CA PHE Q 4 40.76 -110.31 12.91
C PHE Q 4 39.55 -109.84 13.69
N ILE Q 5 38.65 -110.77 14.03
CA ILE Q 5 37.47 -110.40 14.81
C ILE Q 5 37.91 -109.79 16.14
N GLU Q 6 38.95 -110.33 16.75
CA GLU Q 6 39.49 -109.74 17.96
C GLU Q 6 39.99 -108.32 17.70
N LEU Q 7 40.63 -108.10 16.56
CA LEU Q 7 41.11 -106.76 16.23
C LEU Q 7 39.95 -105.78 16.10
N VAL Q 8 38.75 -106.29 15.78
CA VAL Q 8 37.57 -105.43 15.68
C VAL Q 8 36.68 -105.55 16.90
N LYS Q 9 36.79 -106.64 17.68
CA LYS Q 9 35.95 -106.79 18.86
C LYS Q 9 36.11 -105.62 19.82
N ASN Q 10 37.28 -104.97 19.81
CA ASN Q 10 37.50 -103.81 20.65
C ASN Q 10 36.97 -102.52 20.03
N MET Q 11 36.61 -102.53 18.75
CA MET Q 11 36.10 -101.32 18.12
C MET Q 11 34.75 -100.93 18.73
N LYS Q 12 34.50 -99.62 18.76
CA LYS Q 12 33.26 -99.12 19.35
C LYS Q 12 32.05 -99.61 18.59
N GLY Q 13 32.10 -99.60 17.26
CA GLY Q 13 30.96 -99.96 16.45
C GLY Q 13 30.87 -101.43 16.11
N TYR Q 14 31.74 -102.24 16.71
CA TYR Q 14 31.72 -103.67 16.45
C TYR Q 14 30.42 -104.29 16.96
N LYS Q 15 29.89 -105.24 16.18
CA LYS Q 15 28.63 -105.89 16.51
C LYS Q 15 28.74 -107.38 16.22
N GLU Q 16 27.93 -108.16 16.94
CA GLU Q 16 27.86 -109.61 16.74
C GLU Q 16 26.84 -109.88 15.64
N LEU Q 17 27.27 -109.68 14.40
CA LEU Q 17 26.39 -109.91 13.26
C LEU Q 17 26.06 -111.38 13.08
N LEU Q 18 26.85 -112.28 13.67
CA LEU Q 18 26.62 -113.72 13.53
C LEU Q 18 25.44 -114.10 14.39
N LEU Q 19 24.28 -114.28 13.75
CA LEU Q 19 23.07 -114.62 14.48
C LEU Q 19 23.11 -116.07 14.94
N PRO Q 20 22.25 -116.45 15.89
CA PRO Q 20 22.26 -117.83 16.38
C PRO Q 20 22.05 -118.83 15.26
N MET Q 21 22.73 -119.97 15.37
CA MET Q 21 22.61 -121.01 14.35
C MET Q 21 21.17 -121.51 14.24
N GLU Q 22 20.51 -121.71 15.37
CA GLU Q 22 19.12 -122.17 15.33
C GLU Q 22 18.22 -121.15 14.65
N MET Q 23 18.56 -119.87 14.74
CA MET Q 23 17.71 -118.82 14.18
C MET Q 23 17.61 -118.94 12.66
N VAL Q 24 18.72 -119.20 11.99
CA VAL Q 24 18.76 -119.21 10.53
C VAL Q 24 18.22 -120.54 10.01
N PRO Q 25 17.67 -120.58 8.79
CA PRO Q 25 17.20 -121.85 8.23
C PRO Q 25 18.32 -122.64 7.56
N LEU Q 26 17.97 -123.72 6.89
CA LEU Q 26 18.96 -124.54 6.20
C LEU Q 26 19.57 -123.77 5.04
N PRO Q 27 20.76 -124.17 4.59
CA PRO Q 27 21.42 -123.40 3.51
C PRO Q 27 20.60 -123.29 2.25
N ALA Q 28 19.86 -124.35 1.88
CA ALA Q 28 19.13 -124.33 0.62
C ALA Q 28 18.08 -123.23 0.61
N VAL Q 29 17.37 -123.04 1.71
CA VAL Q 29 16.30 -122.05 1.75
C VAL Q 29 16.87 -120.64 1.64
N VAL Q 30 18.02 -120.40 2.25
CA VAL Q 30 18.60 -119.06 2.23
C VAL Q 30 18.90 -118.63 0.81
N LEU Q 31 19.45 -119.54 0.00
CA LEU Q 31 19.76 -119.22 -1.38
C LEU Q 31 18.53 -118.70 -2.13
N LYS Q 32 17.34 -119.19 -1.75
CA LYS Q 32 16.12 -118.72 -2.41
C LYS Q 32 15.91 -117.23 -2.20
N HIS Q 33 16.15 -116.75 -0.97
CA HIS Q 33 15.93 -115.34 -0.69
C HIS Q 33 16.98 -114.45 -1.37
N VAL Q 34 18.17 -114.99 -1.63
CA VAL Q 34 19.21 -114.20 -2.29
C VAL Q 34 18.76 -113.81 -3.68
N LYS Q 35 18.17 -114.76 -4.42
CA LYS Q 35 17.64 -114.44 -5.74
C LYS Q 35 16.50 -113.44 -5.63
N LEU Q 36 15.61 -113.62 -4.65
CA LEU Q 36 14.46 -112.74 -4.51
C LEU Q 36 14.89 -111.34 -4.12
N ILE Q 37 15.82 -111.21 -3.17
CA ILE Q 37 16.23 -109.89 -2.72
C ILE Q 37 17.04 -109.19 -3.80
N LEU Q 38 17.96 -109.91 -4.44
CA LEU Q 38 18.73 -109.32 -5.53
C LEU Q 38 17.83 -108.92 -6.69
N THR Q 39 16.89 -109.80 -7.05
CA THR Q 39 15.98 -109.49 -8.15
C THR Q 39 15.11 -108.28 -7.82
N SER Q 40 14.56 -108.22 -6.60
CA SER Q 40 13.70 -107.11 -6.23
C SER Q 40 14.46 -105.79 -6.24
N GLN Q 41 15.68 -105.80 -5.70
CA GLN Q 41 16.46 -104.57 -5.62
C GLN Q 41 16.87 -104.11 -7.01
N LYS Q 42 16.87 -102.79 -7.21
CA LYS Q 42 17.17 -102.20 -8.51
C LYS Q 42 18.44 -101.38 -8.51
N GLU Q 43 18.59 -100.44 -7.57
CA GLU Q 43 19.77 -99.59 -7.56
C GLU Q 43 21.01 -100.43 -7.32
N HIS Q 44 22.08 -100.12 -8.05
CA HIS Q 44 23.33 -100.88 -7.97
C HIS Q 44 24.23 -100.26 -6.90
N GLN Q 45 24.59 -101.08 -5.92
CA GLN Q 45 25.54 -100.71 -4.87
C GLN Q 45 26.52 -101.85 -4.69
N PRO Q 46 27.70 -101.57 -4.13
CA PRO Q 46 28.71 -102.63 -3.99
C PRO Q 46 28.26 -103.80 -3.15
N TRP Q 47 27.33 -103.61 -2.21
CA TRP Q 47 26.96 -104.71 -1.33
C TRP Q 47 26.32 -105.86 -2.10
N MET Q 48 25.42 -105.55 -3.04
CA MET Q 48 24.79 -106.61 -3.82
C MET Q 48 25.82 -107.33 -4.68
N THR Q 49 26.77 -106.58 -5.25
CA THR Q 49 27.83 -107.21 -6.04
C THR Q 49 28.65 -108.16 -5.18
N GLU Q 50 29.00 -107.74 -3.96
CA GLU Q 50 29.73 -108.60 -3.05
C GLU Q 50 28.83 -109.64 -2.42
N MET Q 51 27.55 -109.32 -2.25
CA MET Q 51 26.62 -110.27 -1.63
C MET Q 51 26.49 -111.53 -2.48
N ALA Q 52 26.41 -111.37 -3.81
CA ALA Q 52 26.31 -112.53 -4.69
C ALA Q 52 27.56 -113.40 -4.59
N LEU Q 53 28.73 -112.76 -4.56
CA LEU Q 53 29.98 -113.53 -4.49
C LEU Q 53 30.05 -114.36 -3.22
N LYS Q 54 29.65 -113.78 -2.09
CA LYS Q 54 29.70 -114.51 -0.83
C LYS Q 54 28.79 -115.73 -0.87
N ALA Q 55 27.61 -115.60 -1.47
CA ALA Q 55 26.68 -116.73 -1.55
C ALA Q 55 27.14 -117.75 -2.58
N ASP Q 56 27.88 -117.31 -3.59
CA ASP Q 56 28.29 -118.23 -4.66
C ASP Q 56 29.15 -119.35 -4.11
N GLN Q 57 30.05 -119.03 -3.17
CA GLN Q 57 30.97 -120.04 -2.66
C GLN Q 57 30.21 -121.25 -2.09
N CYS Q 58 29.06 -121.01 -1.46
CA CYS Q 58 28.28 -122.11 -0.90
C CYS Q 58 27.87 -123.10 -1.98
N LEU Q 59 27.57 -122.62 -3.19
CA LEU Q 59 27.16 -123.52 -4.26
C LEU Q 59 28.27 -124.50 -4.62
N ILE Q 60 29.51 -124.02 -4.67
CA ILE Q 60 30.62 -124.90 -5.03
C ILE Q 60 30.75 -126.02 -4.01
N HIS Q 61 30.63 -125.69 -2.72
CA HIS Q 61 30.75 -126.70 -1.68
C HIS Q 61 29.65 -127.74 -1.80
N LYS Q 62 28.46 -127.34 -2.24
CA LYS Q 62 27.38 -128.31 -2.44
C LYS Q 62 27.79 -129.40 -3.40
N ALA Q 63 28.34 -129.02 -4.56
CA ALA Q 63 28.78 -130.00 -5.53
C ALA Q 63 30.10 -130.65 -5.14
N THR Q 64 30.99 -129.90 -4.48
CA THR Q 64 32.27 -130.47 -4.07
C THR Q 64 32.07 -131.68 -3.18
N LEU Q 65 31.22 -131.55 -2.15
CA LEU Q 65 30.93 -132.68 -1.28
C LEU Q 65 30.02 -133.68 -1.95
N PRO Q 78 38.10 -135.38 9.33
CA PRO Q 78 38.17 -133.98 9.80
C PRO Q 78 38.00 -132.97 8.68
N LEU Q 79 38.50 -133.27 7.48
CA LEU Q 79 38.38 -132.33 6.37
C LEU Q 79 36.92 -132.17 5.96
N ILE Q 80 36.21 -133.27 5.74
CA ILE Q 80 34.83 -133.19 5.29
C ILE Q 80 33.96 -132.56 6.37
N GLU Q 81 34.15 -132.95 7.63
CA GLU Q 81 33.33 -132.43 8.70
C GLU Q 81 33.48 -130.92 8.83
N ALA Q 82 34.71 -130.41 8.69
CA ALA Q 82 34.94 -128.99 8.80
C ALA Q 82 34.17 -128.22 7.73
N MET Q 83 34.14 -128.75 6.50
CA MET Q 83 33.44 -128.08 5.43
C MET Q 83 31.96 -127.93 5.75
N GLN Q 84 31.37 -128.95 6.37
CA GLN Q 84 29.95 -128.87 6.74
C GLN Q 84 29.70 -127.71 7.67
N GLN Q 85 30.57 -127.51 8.66
CA GLN Q 85 30.44 -126.37 9.55
C GLN Q 85 30.73 -125.05 8.83
N ILE Q 86 31.66 -125.08 7.87
CA ILE Q 86 31.99 -123.86 7.13
C ILE Q 86 30.79 -123.36 6.36
N ILE Q 87 30.05 -124.26 5.73
CA ILE Q 87 28.87 -123.85 4.97
C ILE Q 87 27.88 -123.15 5.89
N LEU Q 88 27.64 -123.71 7.08
CA LEU Q 88 26.72 -123.07 8.02
C LEU Q 88 27.25 -121.72 8.49
N ALA Q 89 28.57 -121.56 8.52
CA ALA Q 89 29.14 -120.28 8.94
C ALA Q 89 28.74 -119.17 7.98
N MET Q 90 28.77 -119.45 6.68
CA MET Q 90 28.41 -118.43 5.69
C MET Q 90 26.90 -118.15 5.71
N THR Q 91 26.09 -119.16 6.02
CA THR Q 91 24.65 -118.97 6.05
C THR Q 91 24.26 -117.92 7.09
N ARG Q 92 24.87 -117.98 8.28
CA ARG Q 92 24.59 -116.98 9.30
C ARG Q 92 24.96 -115.59 8.82
N GLU Q 93 26.11 -115.46 8.15
CA GLU Q 93 26.52 -114.16 7.64
C GLU Q 93 25.55 -113.67 6.56
N LEU Q 94 25.12 -114.56 5.67
CA LEU Q 94 24.22 -114.16 4.60
C LEU Q 94 22.88 -113.70 5.16
N TRP Q 95 22.33 -114.43 6.12
CA TRP Q 95 21.02 -114.08 6.65
C TRP Q 95 21.04 -112.72 7.31
N GLY Q 96 22.18 -112.30 7.84
CA GLY Q 96 22.26 -110.98 8.46
C GLY Q 96 22.00 -109.87 7.46
N GLN Q 97 22.64 -109.95 6.29
CA GLN Q 97 22.42 -108.94 5.26
C GLN Q 97 20.98 -108.98 4.77
N ILE Q 98 20.39 -110.18 4.68
CA ILE Q 98 18.99 -110.30 4.26
C ILE Q 98 18.08 -109.54 5.21
N GLN Q 99 18.22 -109.80 6.51
CA GLN Q 99 17.36 -109.15 7.49
C GLN Q 99 17.65 -107.66 7.59
N ARG Q 100 18.93 -107.28 7.60
CA ARG Q 100 19.27 -105.87 7.69
C ARG Q 100 18.75 -105.09 6.50
N HIS Q 101 18.86 -105.66 5.30
CA HIS Q 101 18.37 -104.96 4.12
C HIS Q 101 16.86 -104.82 4.13
N HIS Q 102 16.14 -105.89 4.50
CA HIS Q 102 14.68 -105.84 4.50
C HIS Q 102 14.17 -104.87 5.56
N TYR Q 103 14.63 -105.01 6.80
CA TYR Q 103 14.17 -104.18 7.90
C TYR Q 103 15.11 -103.00 8.15
N GLY Q 104 16.37 -103.29 8.47
CA GLY Q 104 17.33 -102.28 8.79
C GLY Q 104 18.42 -102.81 9.68
N ILE Q 105 19.55 -102.10 9.68
CA ILE Q 105 20.71 -102.55 10.45
C ILE Q 105 20.41 -102.50 11.95
N VAL Q 106 19.79 -101.41 12.41
CA VAL Q 106 19.54 -101.26 13.84
C VAL Q 106 18.50 -102.26 14.31
N GLN Q 107 17.47 -102.49 13.51
CA GLN Q 107 16.38 -103.35 13.95
C GLN Q 107 16.86 -104.77 14.21
N VAL Q 108 17.71 -105.31 13.33
CA VAL Q 108 18.23 -106.66 13.53
C VAL Q 108 19.06 -106.71 14.81
N GLU Q 109 19.95 -105.74 14.99
CA GLU Q 109 20.73 -105.68 16.22
C GLU Q 109 19.82 -105.50 17.44
N HIS Q 110 18.72 -104.78 17.26
CA HIS Q 110 17.79 -104.55 18.37
C HIS Q 110 16.93 -105.77 18.65
N TYR Q 111 16.53 -106.50 17.60
CA TYR Q 111 15.59 -107.60 17.76
C TYR Q 111 16.26 -108.94 18.05
N VAL Q 112 17.50 -109.13 17.61
CA VAL Q 112 18.16 -110.43 17.78
C VAL Q 112 18.28 -110.78 19.26
N LYS Q 113 18.66 -109.81 20.09
CA LYS Q 113 18.87 -110.09 21.50
C LYS Q 113 17.56 -110.47 22.19
N GLN Q 114 16.45 -109.86 21.78
CA GLN Q 114 15.18 -110.10 22.46
C GLN Q 114 14.80 -111.58 22.42
N ILE Q 115 14.90 -112.18 21.23
CA ILE Q 115 14.51 -113.59 21.09
C ILE Q 115 15.45 -114.49 21.87
N THR Q 116 16.74 -114.14 21.92
CA THR Q 116 17.68 -114.95 22.68
C THR Q 116 17.32 -114.98 24.16
N LEU Q 117 16.91 -113.83 24.70
CA LEU Q 117 16.50 -113.78 26.10
C LEU Q 117 15.28 -114.65 26.34
N TRP Q 118 14.30 -114.61 25.43
CA TRP Q 118 13.09 -115.41 25.61
C TRP Q 118 13.42 -116.90 25.69
N GLN Q 119 14.53 -117.32 25.08
CA GLN Q 119 14.93 -118.73 25.15
C GLN Q 119 15.67 -119.02 26.43
N ASP Q 120 16.69 -118.22 26.75
CA ASP Q 120 17.52 -118.43 27.94
C ASP Q 120 16.73 -117.94 29.15
N THR Q 121 15.75 -118.74 29.55
CA THR Q 121 14.89 -118.42 30.68
C THR Q 121 14.26 -119.72 31.16
N PRO Q 122 13.93 -119.85 32.46
CA PRO Q 122 13.41 -121.12 32.95
C PRO Q 122 12.02 -121.45 32.43
N GLN Q 123 11.95 -121.82 31.16
CA GLN Q 123 10.74 -122.31 30.51
C GLN Q 123 9.47 -121.59 30.97
N ALA Q 124 9.07 -121.79 32.22
CA ALA Q 124 7.76 -121.32 32.67
C ALA Q 124 7.63 -119.81 32.46
N PHE Q 125 8.58 -119.03 32.97
CA PHE Q 125 8.56 -117.58 32.79
C PHE Q 125 9.37 -117.16 31.57
N ARG Q 126 9.11 -117.80 30.44
CA ARG Q 126 9.86 -117.48 29.23
C ARG Q 126 9.53 -116.08 28.72
N GLY Q 127 8.26 -115.68 28.81
CA GLY Q 127 7.84 -114.38 28.35
C GLY Q 127 6.48 -114.41 27.69
N ASP Q 128 6.37 -113.79 26.52
CA ASP Q 128 5.11 -113.74 25.80
C ASP Q 128 5.32 -113.97 24.30
N GLN Q 129 6.32 -114.77 23.93
CA GLN Q 129 6.60 -115.05 22.53
C GLN Q 129 6.81 -113.75 21.78
N PRO Q 130 7.94 -113.07 21.99
CA PRO Q 130 8.10 -111.73 21.41
C PRO Q 130 7.87 -111.73 19.91
N LYS Q 131 7.14 -110.73 19.44
CA LYS Q 131 6.78 -110.64 18.04
C LYS Q 131 8.00 -110.27 17.20
N PRO Q 132 8.09 -110.77 15.98
CA PRO Q 132 9.18 -110.35 15.08
C PRO Q 132 8.98 -108.91 14.64
N PRO Q 133 10.04 -108.25 14.18
CA PRO Q 133 9.92 -106.83 13.83
C PRO Q 133 8.91 -106.61 12.71
N THR R 3 -88.32 -56.44 72.41
CA THR R 3 -88.90 -55.47 71.49
C THR R 3 -87.82 -54.68 70.76
N PHE R 4 -86.76 -54.28 71.48
CA PHE R 4 -85.73 -53.46 70.86
C PHE R 4 -85.04 -54.18 69.72
N ILE R 5 -84.71 -55.46 69.91
CA ILE R 5 -84.00 -56.21 68.88
C ILE R 5 -84.83 -56.27 67.61
N GLU R 6 -86.15 -56.39 67.75
CA GLU R 6 -87.02 -56.36 66.58
C GLU R 6 -86.86 -55.04 65.83
N LEU R 7 -86.75 -53.94 66.55
CA LEU R 7 -86.59 -52.64 65.90
C LEU R 7 -85.26 -52.57 65.14
N VAL R 8 -84.20 -53.11 65.73
CA VAL R 8 -82.89 -53.04 65.07
C VAL R 8 -82.87 -53.91 63.82
N LYS R 9 -83.50 -55.08 63.88
CA LYS R 9 -83.55 -55.94 62.71
C LYS R 9 -84.18 -55.23 61.53
N ASN R 10 -85.04 -54.25 61.79
CA ASN R 10 -85.63 -53.43 60.73
C ASN R 10 -84.69 -52.29 60.37
N MET R 11 -83.49 -52.66 59.94
CA MET R 11 -82.46 -51.70 59.58
C MET R 11 -81.66 -52.23 58.40
N LYS R 12 -80.98 -51.31 57.73
CA LYS R 12 -80.26 -51.62 56.50
C LYS R 12 -78.80 -51.95 56.80
N GLY R 13 -78.28 -52.97 56.12
CA GLY R 13 -76.95 -53.46 56.40
C GLY R 13 -76.86 -54.40 57.58
N TYR R 14 -77.98 -54.92 58.07
CA TYR R 14 -78.01 -55.79 59.24
C TYR R 14 -77.58 -57.19 58.83
N LYS R 15 -76.44 -57.63 59.34
CA LYS R 15 -75.93 -58.99 59.11
C LYS R 15 -76.00 -59.76 60.42
N GLU R 16 -76.74 -60.86 60.41
CA GLU R 16 -76.90 -61.66 61.61
C GLU R 16 -75.59 -62.33 61.98
N LEU R 17 -75.37 -62.48 63.30
CA LEU R 17 -74.13 -63.06 63.78
C LEU R 17 -74.35 -64.05 64.92
N LEU R 18 -75.59 -64.46 65.19
CA LEU R 18 -75.91 -65.36 66.29
C LEU R 18 -76.43 -66.68 65.74
N LEU R 19 -75.88 -67.78 66.23
CA LEU R 19 -76.30 -69.11 65.79
C LEU R 19 -77.54 -69.54 66.55
N PRO R 20 -78.24 -70.56 66.07
CA PRO R 20 -79.39 -71.08 66.81
C PRO R 20 -79.00 -71.58 68.19
N MET R 21 -79.93 -71.46 69.13
CA MET R 21 -79.67 -71.90 70.49
C MET R 21 -79.31 -73.37 70.56
N GLU R 22 -79.77 -74.16 69.59
CA GLU R 22 -79.53 -75.59 69.59
C GLU R 22 -78.12 -75.97 69.12
N MET R 23 -77.36 -75.02 68.59
CA MET R 23 -76.02 -75.29 68.08
C MET R 23 -74.90 -74.72 68.93
N VAL R 24 -75.18 -73.68 69.73
CA VAL R 24 -74.14 -73.07 70.55
C VAL R 24 -73.68 -74.06 71.61
N PRO R 25 -72.43 -74.00 72.06
CA PRO R 25 -71.96 -74.95 73.07
C PRO R 25 -72.69 -74.75 74.39
N LEU R 26 -72.45 -75.67 75.31
CA LEU R 26 -72.96 -75.52 76.66
C LEU R 26 -72.27 -74.34 77.35
N PRO R 27 -72.92 -73.71 78.32
CA PRO R 27 -72.32 -72.52 78.95
C PRO R 27 -70.96 -72.81 79.56
N ALA R 28 -70.77 -74.00 80.12
CA ALA R 28 -69.47 -74.34 80.70
C ALA R 28 -68.36 -74.31 79.66
N VAL R 29 -68.65 -74.84 78.47
CA VAL R 29 -67.63 -74.90 77.42
C VAL R 29 -67.24 -73.50 76.97
N VAL R 30 -68.21 -72.59 76.90
CA VAL R 30 -67.92 -71.26 76.37
C VAL R 30 -66.89 -70.56 77.23
N LEU R 31 -67.04 -70.65 78.55
CA LEU R 31 -66.11 -69.99 79.46
C LEU R 31 -64.68 -70.41 79.20
N LYS R 32 -64.47 -71.64 78.75
CA LYS R 32 -63.12 -72.13 78.50
C LYS R 32 -62.41 -71.29 77.43
N HIS R 33 -63.12 -70.96 76.35
CA HIS R 33 -62.51 -70.14 75.31
C HIS R 33 -62.29 -68.71 75.78
N VAL R 34 -63.09 -68.24 76.74
CA VAL R 34 -62.95 -66.88 77.23
C VAL R 34 -61.57 -66.70 77.87
N LYS R 35 -61.17 -67.66 78.70
CA LYS R 35 -59.88 -67.55 79.37
C LYS R 35 -58.74 -67.55 78.37
N LEU R 36 -58.80 -68.42 77.35
CA LEU R 36 -57.75 -68.46 76.35
C LEU R 36 -57.71 -67.17 75.55
N ILE R 37 -58.87 -66.73 75.05
CA ILE R 37 -58.91 -65.54 74.20
C ILE R 37 -58.50 -64.31 75.00
N LEU R 38 -59.02 -64.17 76.22
CA LEU R 38 -58.65 -63.03 77.06
C LEU R 38 -57.17 -63.10 77.41
N THR R 39 -56.71 -64.24 77.93
CA THR R 39 -55.34 -64.32 78.42
C THR R 39 -54.34 -64.36 77.28
N SER R 40 -54.62 -65.16 76.25
CA SER R 40 -53.73 -65.27 75.09
C SER R 40 -54.00 -64.12 74.14
N GLN R 41 -53.76 -62.91 74.63
CA GLN R 41 -53.94 -61.71 73.83
C GLN R 41 -52.91 -60.66 74.24
N LYS R 42 -52.55 -59.82 73.28
CA LYS R 42 -51.59 -58.75 73.49
C LYS R 42 -52.18 -57.44 72.99
N GLU R 43 -51.77 -56.34 73.62
CA GLU R 43 -52.27 -55.01 73.28
C GLU R 43 -53.80 -54.96 73.44
N HIS R 44 -54.21 -55.11 74.70
CA HIS R 44 -55.62 -55.16 75.06
C HIS R 44 -56.42 -54.14 74.27
N GLN R 45 -57.56 -54.58 73.76
CA GLN R 45 -58.46 -53.78 72.94
C GLN R 45 -59.80 -53.61 73.62
N PRO R 46 -60.58 -52.59 73.24
CA PRO R 46 -61.83 -52.31 73.96
C PRO R 46 -62.79 -53.49 73.99
N TRP R 47 -62.88 -54.25 72.90
CA TRP R 47 -63.84 -55.35 72.86
C TRP R 47 -63.51 -56.44 73.86
N MET R 48 -62.27 -56.52 74.31
CA MET R 48 -61.91 -57.51 75.32
C MET R 48 -62.67 -57.25 76.62
N THR R 49 -62.79 -55.98 77.02
CA THR R 49 -63.49 -55.66 78.25
C THR R 49 -64.96 -56.07 78.16
N GLU R 50 -65.58 -55.85 77.01
CA GLU R 50 -66.99 -56.21 76.86
C GLU R 50 -67.20 -57.70 77.05
N MET R 51 -66.29 -58.53 76.51
CA MET R 51 -66.44 -59.97 76.63
C MET R 51 -66.42 -60.40 78.09
N ALA R 52 -65.49 -59.85 78.89
CA ALA R 52 -65.37 -60.26 80.28
C ALA R 52 -66.61 -59.88 81.07
N LEU R 53 -67.15 -58.68 80.84
CA LEU R 53 -68.29 -58.21 81.60
C LEU R 53 -69.49 -59.14 81.42
N LYS R 54 -69.77 -59.55 80.19
CA LYS R 54 -70.88 -60.45 79.95
C LYS R 54 -70.63 -61.82 80.55
N ALA R 55 -69.38 -62.27 80.55
CA ALA R 55 -69.07 -63.61 81.04
C ALA R 55 -69.47 -63.77 82.50
N ASP R 56 -69.13 -62.78 83.33
CA ASP R 56 -69.44 -62.89 84.76
C ASP R 56 -70.93 -62.95 85.00
N GLN R 57 -71.73 -62.36 84.11
CA GLN R 57 -73.18 -62.38 84.29
C GLN R 57 -73.72 -63.81 84.26
N CYS R 58 -73.22 -64.63 83.34
CA CYS R 58 -73.66 -66.02 83.28
C CYS R 58 -73.31 -66.75 84.57
N LEU R 59 -72.13 -66.50 85.11
CA LEU R 59 -71.74 -67.12 86.37
C LEU R 59 -72.66 -66.67 87.49
N ILE R 60 -73.02 -65.39 87.52
CA ILE R 60 -73.91 -64.89 88.56
C ILE R 60 -75.25 -65.60 88.50
N HIS R 61 -75.84 -65.68 87.30
CA HIS R 61 -77.09 -66.42 87.15
C HIS R 61 -76.88 -67.89 87.42
N LYS R 62 -75.76 -68.46 86.97
CA LYS R 62 -75.48 -69.87 87.23
C LYS R 62 -75.36 -70.13 88.72
N ALA R 63 -74.68 -69.24 89.44
CA ALA R 63 -74.54 -69.38 90.88
C ALA R 63 -75.84 -69.11 91.63
N THR R 64 -76.87 -68.60 90.95
CA THR R 64 -78.13 -68.28 91.59
C THR R 64 -79.07 -69.48 91.67
N LEU R 65 -78.93 -70.44 90.76
CA LEU R 65 -79.84 -71.59 90.76
C LEU R 65 -79.70 -72.43 92.01
N ASP R 66 -78.48 -72.59 92.53
CA ASP R 66 -78.27 -73.38 93.73
C ASP R 66 -79.10 -72.84 94.90
N PRO R 78 -92.27 -70.39 88.13
CA PRO R 78 -91.74 -69.55 87.03
C PRO R 78 -90.50 -68.77 87.42
N LEU R 79 -90.55 -68.04 88.53
CA LEU R 79 -89.46 -67.14 88.88
C LEU R 79 -88.14 -67.90 89.05
N ILE R 80 -88.19 -69.03 89.74
CA ILE R 80 -86.97 -69.82 89.96
C ILE R 80 -86.42 -70.31 88.63
N GLU R 81 -87.30 -70.83 87.77
CA GLU R 81 -86.88 -71.35 86.48
C GLU R 81 -86.75 -70.28 85.41
N ALA R 82 -87.28 -69.08 85.64
CA ALA R 82 -87.23 -68.03 84.63
C ALA R 82 -85.79 -67.62 84.34
N MET R 83 -84.96 -67.49 85.37
CA MET R 83 -83.58 -67.05 85.16
C MET R 83 -82.81 -68.03 84.27
N GLN R 84 -83.18 -69.32 84.31
CA GLN R 84 -82.47 -70.30 83.50
C GLN R 84 -82.58 -69.98 82.01
N GLN R 85 -83.68 -69.36 81.61
CA GLN R 85 -83.85 -69.02 80.19
C GLN R 85 -82.79 -68.04 79.73
N ILE R 86 -82.47 -67.04 80.56
CA ILE R 86 -81.49 -66.03 80.18
C ILE R 86 -80.11 -66.65 80.06
N ILE R 87 -79.79 -67.63 80.91
CA ILE R 87 -78.46 -68.24 80.88
C ILE R 87 -78.17 -68.81 79.50
N LEU R 88 -79.11 -69.56 78.94
CA LEU R 88 -78.91 -70.10 77.61
C LEU R 88 -78.80 -68.99 76.58
N ALA R 89 -79.63 -67.95 76.70
CA ALA R 89 -79.58 -66.84 75.76
C ALA R 89 -78.24 -66.11 75.85
N MET R 90 -77.74 -65.91 77.07
CA MET R 90 -76.51 -65.15 77.24
C MET R 90 -75.36 -65.80 76.46
N THR R 91 -75.33 -67.13 76.42
CA THR R 91 -74.28 -67.83 75.67
C THR R 91 -74.36 -67.49 74.20
N ARG R 92 -75.57 -67.42 73.64
CA ARG R 92 -75.73 -67.19 72.21
C ARG R 92 -75.08 -65.87 71.81
N GLU R 93 -75.33 -64.80 72.58
CA GLU R 93 -74.67 -63.54 72.30
C GLU R 93 -73.18 -63.63 72.61
N LEU R 94 -72.83 -64.32 73.69
CA LEU R 94 -71.43 -64.43 74.08
C LEU R 94 -70.63 -65.21 73.03
N TRP R 95 -71.19 -66.31 72.53
CA TRP R 95 -70.48 -67.12 71.55
C TRP R 95 -70.25 -66.35 70.26
N GLY R 96 -71.09 -65.36 69.97
CA GLY R 96 -70.92 -64.60 68.75
C GLY R 96 -69.59 -63.85 68.70
N GLN R 97 -69.17 -63.31 69.85
CA GLN R 97 -67.91 -62.59 69.89
C GLN R 97 -66.73 -63.54 69.78
N ILE R 98 -66.87 -64.77 70.28
CA ILE R 98 -65.78 -65.74 70.20
C ILE R 98 -65.42 -66.01 68.74
N GLN R 99 -66.44 -66.24 67.90
CA GLN R 99 -66.17 -66.55 66.50
C GLN R 99 -65.59 -65.34 65.77
N ARG R 100 -65.98 -64.13 66.17
CA ARG R 100 -65.40 -62.94 65.55
C ARG R 100 -63.89 -62.89 65.79
N HIS R 101 -63.45 -63.18 67.01
CA HIS R 101 -62.03 -63.18 67.30
C HIS R 101 -61.32 -64.30 66.55
N HIS R 102 -61.89 -65.50 66.57
CA HIS R 102 -61.24 -66.64 65.92
C HIS R 102 -61.32 -66.50 64.41
N TYR R 103 -62.52 -66.48 63.86
CA TYR R 103 -62.69 -66.45 62.41
C TYR R 103 -62.56 -65.04 61.86
N GLY R 104 -63.45 -64.14 62.30
CA GLY R 104 -63.51 -62.78 61.78
C GLY R 104 -64.96 -62.42 61.55
N ILE R 105 -65.26 -61.12 61.67
CA ILE R 105 -66.65 -60.68 61.56
C ILE R 105 -67.20 -60.99 60.18
N VAL R 106 -66.43 -60.70 59.13
CA VAL R 106 -66.92 -60.88 57.77
C VAL R 106 -67.23 -62.35 57.50
N GLN R 107 -66.32 -63.24 57.88
CA GLN R 107 -66.50 -64.66 57.60
C GLN R 107 -67.71 -65.20 58.35
N VAL R 108 -67.95 -64.73 59.58
CA VAL R 108 -69.05 -65.25 60.37
C VAL R 108 -70.37 -65.01 59.67
N GLU R 109 -70.56 -63.81 59.12
CA GLU R 109 -71.82 -63.49 58.44
C GLU R 109 -72.16 -64.54 57.40
N HIS R 110 -71.18 -64.90 56.55
CA HIS R 110 -71.42 -65.91 55.55
C HIS R 110 -71.75 -67.26 56.19
N TYR R 111 -71.02 -67.61 57.24
CA TYR R 111 -71.22 -68.93 57.87
C TYR R 111 -72.63 -69.07 58.42
N VAL R 112 -73.13 -68.02 59.08
CA VAL R 112 -74.45 -68.12 59.71
C VAL R 112 -75.52 -68.35 58.65
N LYS R 113 -75.49 -67.57 57.57
CA LYS R 113 -76.49 -67.71 56.53
C LYS R 113 -76.41 -69.09 55.89
N GLN R 114 -75.19 -69.59 55.65
CA GLN R 114 -75.04 -70.93 55.14
C GLN R 114 -75.64 -71.96 56.10
N ILE R 115 -75.40 -71.78 57.40
CA ILE R 115 -76.02 -72.65 58.40
C ILE R 115 -77.53 -72.50 58.37
N THR R 116 -78.01 -71.25 58.28
CA THR R 116 -79.46 -71.03 58.30
C THR R 116 -80.13 -71.71 57.12
N LEU R 117 -79.61 -71.50 55.91
CA LEU R 117 -80.17 -72.18 54.75
C LEU R 117 -80.03 -73.69 54.89
N TRP R 118 -78.88 -74.16 55.37
CA TRP R 118 -78.70 -75.59 55.59
C TRP R 118 -79.72 -76.12 56.58
N GLN R 119 -79.96 -75.38 57.66
CA GLN R 119 -80.98 -75.81 58.62
C GLN R 119 -82.39 -75.67 58.04
N ASP R 120 -82.60 -74.66 57.21
CA ASP R 120 -83.93 -74.44 56.64
C ASP R 120 -84.34 -75.58 55.73
N THR R 121 -83.41 -76.05 54.89
CA THR R 121 -83.74 -77.11 53.95
C THR R 121 -84.12 -78.38 54.69
N PRO R 122 -85.13 -79.12 54.22
CA PRO R 122 -85.51 -80.35 54.92
C PRO R 122 -84.37 -81.36 54.97
N GLN R 123 -84.33 -82.13 56.06
CA GLN R 123 -83.25 -83.08 56.28
C GLN R 123 -83.17 -84.13 55.18
N ALA R 124 -84.26 -84.37 54.45
CA ALA R 124 -84.24 -85.39 53.41
C ALA R 124 -83.21 -85.06 52.34
N PHE R 125 -83.14 -83.80 51.93
CA PHE R 125 -82.19 -83.36 50.91
C PHE R 125 -81.36 -82.18 51.43
N ARG R 126 -81.13 -82.13 52.74
CA ARG R 126 -80.43 -81.00 53.32
C ARG R 126 -78.99 -80.90 52.82
N GLY R 127 -78.31 -82.04 52.72
CA GLY R 127 -76.93 -82.05 52.28
C GLY R 127 -75.94 -81.99 53.43
N ASP R 128 -74.66 -82.04 53.06
CA ASP R 128 -73.61 -82.01 54.06
C ASP R 128 -73.57 -80.66 54.77
N GLN R 129 -73.36 -80.70 56.08
CA GLN R 129 -73.29 -79.47 56.86
C GLN R 129 -72.04 -78.69 56.47
N PRO R 130 -72.15 -77.39 56.21
CA PRO R 130 -70.95 -76.62 55.83
C PRO R 130 -69.98 -76.51 56.99
N LYS R 131 -68.70 -76.40 56.64
CA LYS R 131 -67.64 -76.31 57.62
C LYS R 131 -67.37 -74.85 58.00
N PRO R 132 -66.81 -74.60 59.17
CA PRO R 132 -66.52 -73.21 59.57
C PRO R 132 -65.56 -72.54 58.61
N PRO R 133 -65.52 -71.21 58.59
CA PRO R 133 -64.59 -70.50 57.69
C PRO R 133 -63.15 -70.65 58.11
N SER R 134 -62.25 -69.99 57.38
CA SER R 134 -60.83 -70.02 57.70
C SER R 134 -60.53 -69.02 58.81
N PHE R 135 -59.53 -69.35 59.62
CA PHE R 135 -59.15 -68.50 60.73
C PHE R 135 -58.57 -67.18 60.24
N THR S 3 -63.99 -63.10 88.49
CA THR S 3 -62.58 -63.33 88.22
C THR S 3 -62.17 -62.91 86.81
N PHE S 4 -63.03 -63.12 85.80
CA PHE S 4 -62.67 -62.78 84.44
C PHE S 4 -62.39 -61.30 84.31
N ILE S 5 -63.22 -60.46 84.91
CA ILE S 5 -63.02 -59.02 84.82
C ILE S 5 -61.70 -58.64 85.47
N GLU S 6 -61.33 -59.33 86.55
CA GLU S 6 -60.05 -59.05 87.20
C GLU S 6 -58.89 -59.31 86.25
N LEU S 7 -58.98 -60.39 85.45
CA LEU S 7 -57.91 -60.69 84.50
C LEU S 7 -57.73 -59.56 83.50
N VAL S 8 -58.84 -58.99 83.03
CA VAL S 8 -58.76 -57.85 82.11
C VAL S 8 -58.08 -56.68 82.77
N LYS S 9 -58.45 -56.40 84.03
CA LYS S 9 -57.85 -55.29 84.75
C LYS S 9 -56.37 -55.50 84.98
N ASN S 10 -55.87 -56.72 84.82
CA ASN S 10 -54.45 -57.02 84.96
C ASN S 10 -53.69 -56.89 83.65
N MET S 11 -54.35 -56.47 82.57
CA MET S 11 -53.72 -56.41 81.27
C MET S 11 -52.88 -55.13 81.13
N LYS S 12 -52.34 -54.93 79.94
CA LYS S 12 -51.56 -53.75 79.60
C LYS S 12 -52.36 -52.90 78.62
N GLY S 13 -52.45 -51.60 78.92
CA GLY S 13 -53.22 -50.69 78.10
C GLY S 13 -54.69 -50.63 78.44
N TYR S 14 -55.16 -51.43 79.39
CA TYR S 14 -56.56 -51.39 79.78
C TYR S 14 -56.89 -50.05 80.43
N LYS S 15 -58.08 -49.53 80.11
CA LYS S 15 -58.54 -48.25 80.62
C LYS S 15 -59.99 -48.35 81.02
N GLU S 16 -60.34 -47.74 82.14
CA GLU S 16 -61.71 -47.78 82.63
C GLU S 16 -62.64 -46.99 81.72
N LEU S 17 -63.85 -47.51 81.54
CA LEU S 17 -64.88 -46.82 80.77
C LEU S 17 -66.22 -46.73 81.50
N LEU S 18 -66.41 -47.47 82.58
CA LEU S 18 -67.66 -47.43 83.33
C LEU S 18 -67.60 -46.32 84.37
N LEU S 19 -68.64 -46.23 85.18
CA LEU S 19 -68.78 -45.18 86.18
C LEU S 19 -69.24 -45.79 87.49
N PRO S 20 -69.06 -45.09 88.61
CA PRO S 20 -69.52 -45.62 89.89
C PRO S 20 -71.01 -45.90 89.87
N MET S 21 -71.42 -46.94 90.62
CA MET S 21 -72.81 -47.34 90.64
C MET S 21 -73.71 -46.16 91.02
N GLU S 22 -73.23 -45.29 91.91
CA GLU S 22 -74.03 -44.14 92.32
C GLU S 22 -74.28 -43.20 91.15
N MET S 23 -73.26 -42.95 90.33
CA MET S 23 -73.38 -42.06 89.19
C MET S 23 -73.94 -42.80 87.98
N VAL S 24 -75.09 -43.43 88.18
CA VAL S 24 -75.77 -44.17 87.12
C VAL S 24 -77.25 -43.80 87.16
N PRO S 25 -77.85 -43.37 86.05
CA PRO S 25 -79.28 -43.03 86.06
C PRO S 25 -80.13 -44.21 86.52
N LEU S 26 -81.39 -43.90 86.79
CA LEU S 26 -82.34 -44.91 87.22
C LEU S 26 -82.72 -45.81 86.04
N PRO S 27 -83.23 -47.01 86.31
CA PRO S 27 -83.63 -47.89 85.21
C PRO S 27 -84.83 -47.35 84.44
N ALA S 28 -85.27 -48.08 83.42
CA ALA S 28 -86.41 -47.67 82.62
C ALA S 28 -86.13 -46.37 81.88
N VAL S 29 -85.97 -45.27 82.61
CA VAL S 29 -85.73 -43.98 81.97
C VAL S 29 -84.42 -44.02 81.21
N VAL S 30 -83.39 -44.66 81.77
CA VAL S 30 -82.11 -44.75 81.09
C VAL S 30 -82.25 -45.46 79.75
N LEU S 31 -83.20 -46.38 79.65
CA LEU S 31 -83.42 -47.09 78.38
C LEU S 31 -83.88 -46.17 77.27
N LYS S 32 -84.35 -44.97 77.60
CA LYS S 32 -84.85 -44.07 76.57
C LYS S 32 -83.74 -43.65 75.62
N HIS S 33 -82.54 -43.42 76.13
CA HIS S 33 -81.42 -43.07 75.26
C HIS S 33 -81.18 -44.15 74.21
N VAL S 34 -81.57 -45.40 74.51
CA VAL S 34 -81.41 -46.48 73.54
C VAL S 34 -82.19 -46.17 72.28
N LYS S 35 -83.45 -45.75 72.43
CA LYS S 35 -84.28 -45.45 71.27
C LYS S 35 -83.71 -44.28 70.48
N LEU S 36 -83.22 -43.25 71.18
CA LEU S 36 -82.71 -42.06 70.51
C LEU S 36 -81.43 -42.32 69.73
N ILE S 37 -80.80 -43.47 69.94
CA ILE S 37 -79.53 -43.80 69.28
C ILE S 37 -79.77 -44.92 68.27
N LEU S 38 -80.78 -45.74 68.51
CA LEU S 38 -81.13 -46.80 67.56
C LEU S 38 -82.10 -46.29 66.50
N THR S 39 -83.22 -45.72 66.92
CA THR S 39 -84.21 -45.23 65.96
C THR S 39 -83.63 -44.13 65.09
N SER S 40 -82.89 -43.21 65.69
CA SER S 40 -82.25 -42.11 64.96
C SER S 40 -80.87 -42.54 64.45
N GLN S 41 -80.87 -43.63 63.68
CA GLN S 41 -79.61 -44.18 63.19
C GLN S 41 -79.88 -44.96 61.91
N LYS S 42 -78.81 -45.23 61.18
CA LYS S 42 -78.86 -45.99 59.94
C LYS S 42 -77.48 -46.61 59.72
N GLU S 43 -77.40 -47.50 58.73
CA GLU S 43 -76.16 -48.22 58.43
C GLU S 43 -75.72 -49.05 59.65
N HIS S 44 -76.58 -50.02 59.98
CA HIS S 44 -76.38 -50.92 61.11
C HIS S 44 -74.93 -51.33 61.24
N GLN S 45 -74.34 -51.06 62.39
CA GLN S 45 -72.96 -51.40 62.69
C GLN S 45 -72.91 -52.49 63.75
N PRO S 46 -71.78 -53.22 63.84
CA PRO S 46 -71.73 -54.35 64.78
C PRO S 46 -72.02 -53.95 66.22
N TRP S 47 -71.53 -52.79 66.66
CA TRP S 47 -71.71 -52.39 68.05
C TRP S 47 -73.17 -52.10 68.36
N MET S 48 -73.96 -51.71 67.36
CA MET S 48 -75.37 -51.42 67.60
C MET S 48 -76.10 -52.66 68.09
N THR S 49 -75.80 -53.82 67.51
CA THR S 49 -76.44 -55.06 67.95
C THR S 49 -76.08 -55.37 69.39
N GLU S 50 -74.83 -55.12 69.78
CA GLU S 50 -74.41 -55.39 71.15
C GLU S 50 -75.25 -54.57 72.13
N MET S 51 -75.47 -53.30 71.83
CA MET S 51 -76.29 -52.47 72.70
C MET S 51 -77.72 -52.98 72.74
N ALA S 52 -78.27 -53.37 71.59
CA ALA S 52 -79.65 -53.84 71.54
C ALA S 52 -79.83 -55.12 72.36
N LEU S 53 -78.88 -56.05 72.25
CA LEU S 53 -78.99 -57.32 72.97
C LEU S 53 -78.71 -57.19 74.44
N LYS S 54 -78.19 -56.04 74.90
CA LYS S 54 -77.95 -55.79 76.31
C LYS S 54 -79.07 -55.02 76.97
N ALA S 55 -79.57 -53.96 76.31
CA ALA S 55 -80.65 -53.17 76.89
C ALA S 55 -81.91 -54.00 77.06
N ASP S 56 -82.24 -54.83 76.06
CA ASP S 56 -83.45 -55.64 76.14
C ASP S 56 -83.42 -56.61 77.32
N GLN S 57 -82.24 -56.94 77.82
CA GLN S 57 -82.15 -57.87 78.95
C GLN S 57 -82.80 -57.28 80.20
N CYS S 58 -82.64 -55.97 80.41
CA CYS S 58 -83.23 -55.34 81.60
C CYS S 58 -84.74 -55.53 81.61
N LEU S 59 -85.38 -55.39 80.45
CA LEU S 59 -86.83 -55.61 80.38
C LEU S 59 -87.17 -57.04 80.76
N ILE S 60 -86.37 -58.01 80.30
CA ILE S 60 -86.61 -59.41 80.63
C ILE S 60 -86.54 -59.61 82.14
N HIS S 61 -85.47 -59.09 82.76
CA HIS S 61 -85.36 -59.15 84.22
C HIS S 61 -86.47 -58.34 84.87
N LYS S 62 -86.76 -57.16 84.32
CA LYS S 62 -87.83 -56.32 84.85
C LYS S 62 -89.19 -57.00 84.72
N ALA S 63 -89.39 -57.71 83.60
CA ALA S 63 -90.67 -58.39 83.38
C ALA S 63 -90.96 -59.43 84.46
N THR S 64 -89.93 -59.97 85.10
CA THR S 64 -90.14 -60.97 86.14
C THR S 64 -90.78 -60.37 87.39
N LEU S 65 -90.74 -59.05 87.54
CA LEU S 65 -91.35 -58.42 88.71
C LEU S 65 -92.83 -58.73 88.80
N ASP S 66 -93.50 -58.89 87.65
CA ASP S 66 -94.91 -59.27 87.68
C ASP S 66 -95.10 -60.62 88.36
N PRO S 78 -83.54 -64.55 98.30
CA PRO S 78 -82.30 -64.27 97.57
C PRO S 78 -82.50 -64.25 96.07
N LEU S 79 -83.37 -65.10 95.54
CA LEU S 79 -83.62 -65.11 94.09
C LEU S 79 -84.21 -63.79 93.63
N ILE S 80 -85.17 -63.26 94.38
CA ILE S 80 -85.78 -61.98 94.02
C ILE S 80 -84.80 -60.84 94.21
N GLU S 81 -84.08 -60.85 95.33
CA GLU S 81 -83.11 -59.80 95.60
C GLU S 81 -81.97 -59.81 94.59
N ALA S 82 -81.49 -61.01 94.23
CA ALA S 82 -80.33 -61.10 93.34
C ALA S 82 -80.61 -60.46 91.99
N MET S 83 -81.79 -60.69 91.43
CA MET S 83 -82.11 -60.15 90.11
C MET S 83 -82.06 -58.63 90.12
N GLN S 84 -82.59 -58.01 91.18
CA GLN S 84 -82.58 -56.54 91.26
C GLN S 84 -81.16 -56.00 91.24
N GLN S 85 -80.24 -56.67 91.94
CA GLN S 85 -78.85 -56.21 91.96
C GLN S 85 -78.24 -56.25 90.56
N ILE S 86 -78.56 -57.29 89.80
CA ILE S 86 -77.94 -57.46 88.48
C ILE S 86 -78.33 -56.30 87.56
N ILE S 87 -79.54 -55.78 87.69
CA ILE S 87 -80.00 -54.73 86.80
C ILE S 87 -79.07 -53.51 86.90
N LEU S 88 -78.62 -53.20 88.12
CA LEU S 88 -77.71 -52.07 88.29
C LEU S 88 -76.42 -52.29 87.52
N ALA S 89 -75.87 -53.51 87.58
CA ALA S 89 -74.62 -53.79 86.88
C ALA S 89 -74.79 -53.63 85.38
N MET S 90 -75.87 -54.16 84.81
CA MET S 90 -76.10 -54.02 83.38
C MET S 90 -76.35 -52.57 83.01
N THR S 91 -77.05 -51.83 83.85
CA THR S 91 -77.31 -50.42 83.57
C THR S 91 -76.01 -49.64 83.48
N ARG S 92 -75.05 -49.96 84.35
CA ARG S 92 -73.76 -49.28 84.30
C ARG S 92 -73.07 -49.51 82.96
N GLU S 93 -73.13 -50.74 82.44
CA GLU S 93 -72.52 -51.03 81.15
C GLU S 93 -73.19 -50.24 80.03
N LEU S 94 -74.51 -50.11 80.09
CA LEU S 94 -75.23 -49.40 79.04
C LEU S 94 -74.75 -47.97 78.92
N TRP S 95 -74.57 -47.29 80.06
CA TRP S 95 -74.18 -45.88 80.01
C TRP S 95 -72.81 -45.71 79.36
N GLY S 96 -71.86 -46.60 79.67
CA GLY S 96 -70.54 -46.49 79.08
C GLY S 96 -70.59 -46.56 77.57
N GLN S 97 -71.40 -47.47 77.02
CA GLN S 97 -71.54 -47.56 75.58
C GLN S 97 -72.11 -46.27 74.99
N ILE S 98 -73.09 -45.68 75.68
CA ILE S 98 -73.71 -44.45 75.19
C ILE S 98 -72.67 -43.34 75.11
N GLN S 99 -71.87 -43.18 76.18
CA GLN S 99 -70.81 -42.19 76.16
C GLN S 99 -69.73 -42.56 75.13
N ARG S 100 -69.49 -43.85 74.93
CA ARG S 100 -68.56 -44.28 73.90
C ARG S 100 -69.00 -43.86 72.51
N HIS S 101 -70.28 -43.53 72.35
CA HIS S 101 -70.83 -43.08 71.07
C HIS S 101 -71.01 -41.56 71.02
N HIS S 102 -71.57 -40.98 72.06
CA HIS S 102 -71.85 -39.53 72.08
C HIS S 102 -70.55 -38.74 72.13
N TYR S 103 -69.77 -38.91 73.20
CA TYR S 103 -68.53 -38.16 73.39
C TYR S 103 -67.33 -38.96 72.92
N GLY S 104 -67.38 -39.44 71.69
CA GLY S 104 -66.26 -40.18 71.16
C GLY S 104 -66.01 -41.45 71.96
N ILE S 105 -64.84 -42.02 71.75
CA ILE S 105 -64.41 -43.23 72.46
C ILE S 105 -63.09 -42.95 73.15
N VAL S 106 -62.32 -42.00 72.63
CA VAL S 106 -61.04 -41.65 73.22
C VAL S 106 -61.22 -40.63 74.34
N GLN S 107 -62.01 -39.59 74.08
CA GLN S 107 -62.24 -38.57 75.09
C GLN S 107 -62.99 -39.11 76.30
N VAL S 108 -63.70 -40.24 76.15
CA VAL S 108 -64.43 -40.81 77.28
C VAL S 108 -63.48 -41.22 78.39
N GLU S 109 -62.37 -41.85 78.03
CA GLU S 109 -61.42 -42.30 79.04
C GLU S 109 -60.90 -41.14 79.87
N HIS S 110 -60.60 -40.01 79.22
CA HIS S 110 -60.12 -38.85 79.95
C HIS S 110 -61.15 -38.35 80.96
N TYR S 111 -62.42 -38.32 80.57
CA TYR S 111 -63.46 -37.85 81.48
C TYR S 111 -63.57 -38.76 82.69
N VAL S 112 -63.65 -40.08 82.48
CA VAL S 112 -63.77 -41.00 83.60
C VAL S 112 -62.52 -40.96 84.45
N LYS S 113 -61.35 -40.76 83.83
CA LYS S 113 -60.12 -40.63 84.61
C LYS S 113 -60.25 -39.49 85.62
N GLN S 114 -60.78 -38.35 85.19
CA GLN S 114 -60.96 -37.23 86.12
C GLN S 114 -62.05 -37.50 87.14
N ILE S 115 -63.10 -38.22 86.72
CA ILE S 115 -64.19 -38.53 87.65
C ILE S 115 -63.67 -39.32 88.84
N THR S 116 -62.80 -40.31 88.58
CA THR S 116 -62.26 -41.12 89.66
C THR S 116 -61.49 -40.26 90.65
N LEU S 117 -60.64 -39.37 90.15
CA LEU S 117 -59.87 -38.50 91.03
C LEU S 117 -60.78 -37.53 91.77
N TRP S 118 -61.77 -36.97 91.08
CA TRP S 118 -62.64 -35.96 91.69
C TRP S 118 -63.50 -36.55 92.81
N GLN S 119 -63.75 -37.85 92.80
CA GLN S 119 -64.58 -38.49 93.81
C GLN S 119 -63.77 -39.19 94.90
N ASP S 120 -62.64 -39.81 94.53
CA ASP S 120 -61.86 -40.55 95.51
C ASP S 120 -61.29 -39.61 96.57
N THR S 121 -60.85 -38.43 96.18
CA THR S 121 -60.32 -37.47 97.14
C THR S 121 -61.43 -37.04 98.10
N PRO S 122 -61.08 -36.65 99.32
CA PRO S 122 -62.11 -36.22 100.27
C PRO S 122 -62.87 -35.01 99.77
N GLN S 123 -64.13 -34.91 100.20
CA GLN S 123 -64.99 -33.83 99.72
C GLN S 123 -64.43 -32.45 100.04
N ALA S 124 -63.55 -32.34 101.03
CA ALA S 124 -62.98 -31.06 101.39
C ALA S 124 -61.94 -30.57 100.39
N PHE S 125 -61.52 -31.41 99.44
CA PHE S 125 -60.49 -31.05 98.48
C PHE S 125 -60.94 -31.15 97.03
N ARG S 126 -62.12 -31.71 96.76
CA ARG S 126 -62.55 -31.94 95.38
C ARG S 126 -62.58 -30.64 94.59
N GLY S 127 -63.45 -29.72 95.00
CA GLY S 127 -63.62 -28.47 94.28
C GLY S 127 -64.90 -28.42 93.48
N ASP S 128 -64.78 -28.52 92.16
CA ASP S 128 -65.92 -28.47 91.25
C ASP S 128 -65.90 -29.69 90.34
N GLN S 129 -67.08 -30.22 90.04
CA GLN S 129 -67.16 -31.37 89.17
C GLN S 129 -66.64 -31.01 87.78
N PRO S 130 -65.82 -31.87 87.16
CA PRO S 130 -65.33 -31.58 85.79
C PRO S 130 -66.41 -31.92 84.77
N LYS S 131 -66.84 -30.92 84.02
CA LYS S 131 -67.90 -31.12 83.05
C LYS S 131 -67.43 -32.08 81.95
N PRO S 132 -68.26 -33.05 81.55
CA PRO S 132 -67.85 -33.96 80.49
C PRO S 132 -67.72 -33.22 79.17
N PRO S 133 -66.88 -33.70 78.26
CA PRO S 133 -66.74 -33.04 76.97
C PRO S 133 -68.04 -33.12 76.17
N SER S 134 -68.26 -32.11 75.34
CA SER S 134 -69.47 -32.05 74.53
C SER S 134 -69.38 -33.04 73.37
N PHE S 135 -70.40 -33.01 72.51
CA PHE S 135 -70.49 -33.93 71.38
C PHE S 135 -69.50 -33.48 70.32
N THR T 3 -33.46 -40.22 110.92
CA THR T 3 -32.28 -39.37 110.81
C THR T 3 -31.83 -39.21 109.36
N PHE T 4 -32.16 -40.16 108.48
CA PHE T 4 -31.81 -40.01 107.08
C PHE T 4 -32.45 -38.78 106.47
N ILE T 5 -33.72 -38.51 106.82
CA ILE T 5 -34.38 -37.33 106.30
C ILE T 5 -33.62 -36.08 106.70
N GLU T 6 -33.09 -36.05 107.93
CA GLU T 6 -32.24 -34.94 108.34
C GLU T 6 -31.01 -34.83 107.45
N LEU T 7 -30.42 -35.98 107.11
CA LEU T 7 -29.24 -35.95 106.24
C LEU T 7 -29.57 -35.38 104.86
N VAL T 8 -30.83 -35.46 104.46
CA VAL T 8 -31.26 -34.90 103.18
C VAL T 8 -32.00 -33.58 103.37
N LYS T 9 -32.53 -33.29 104.55
CA LYS T 9 -33.24 -32.04 104.77
C LYS T 9 -32.36 -30.83 104.45
N ASN T 10 -31.04 -30.98 104.60
CA ASN T 10 -30.11 -29.91 104.26
C ASN T 10 -29.79 -29.84 102.77
N MET T 11 -30.14 -30.88 102.00
CA MET T 11 -29.85 -30.87 100.58
C MET T 11 -30.65 -29.79 99.87
N LYS T 12 -30.05 -29.23 98.81
CA LYS T 12 -30.70 -28.15 98.07
C LYS T 12 -32.00 -28.62 97.45
N GLY T 13 -32.02 -29.81 96.86
CA GLY T 13 -33.18 -30.30 96.15
C GLY T 13 -34.15 -31.07 97.00
N TYR T 14 -33.93 -31.09 98.31
CA TYR T 14 -34.82 -31.80 99.22
C TYR T 14 -36.20 -31.16 99.20
N LYS T 15 -37.23 -32.01 99.27
CA LYS T 15 -38.61 -31.55 99.22
C LYS T 15 -39.44 -32.35 100.21
N GLU T 16 -40.52 -31.73 100.68
CA GLU T 16 -41.46 -32.38 101.60
C GLU T 16 -42.49 -33.13 100.75
N LEU T 17 -42.08 -34.30 100.26
CA LEU T 17 -42.98 -35.12 99.45
C LEU T 17 -44.14 -35.68 100.25
N LEU T 18 -44.02 -35.72 101.58
CA LEU T 18 -45.07 -36.25 102.44
C LEU T 18 -46.22 -35.25 102.49
N LEU T 19 -47.27 -35.52 101.72
CA LEU T 19 -48.40 -34.62 101.66
C LEU T 19 -49.24 -34.72 102.93
N PRO T 20 -50.10 -33.74 103.19
CA PRO T 20 -50.90 -33.78 104.42
C PRO T 20 -51.74 -35.05 104.51
N MET T 21 -51.88 -35.55 105.74
CA MET T 21 -52.64 -36.77 105.95
C MET T 21 -54.09 -36.60 105.51
N GLU T 22 -54.70 -35.46 105.83
CA GLU T 22 -56.08 -35.23 105.42
C GLU T 22 -56.20 -35.20 103.90
N MET T 23 -55.15 -34.79 103.20
CA MET T 23 -55.23 -34.66 101.75
C MET T 23 -55.45 -36.02 101.09
N VAL T 24 -54.74 -37.05 101.54
CA VAL T 24 -54.78 -38.36 100.90
C VAL T 24 -56.04 -39.11 101.34
N PRO T 25 -56.56 -40.04 100.52
CA PRO T 25 -57.71 -40.83 100.93
C PRO T 25 -57.34 -42.04 101.77
N LEU T 26 -58.30 -42.89 102.07
CA LEU T 26 -58.04 -44.09 102.85
C LEU T 26 -57.14 -45.05 102.08
N PRO T 27 -56.45 -45.95 102.78
CA PRO T 27 -55.51 -46.84 102.09
C PRO T 27 -56.15 -47.67 100.99
N ALA T 28 -57.39 -48.13 101.20
CA ALA T 28 -58.02 -49.02 100.22
C ALA T 28 -58.19 -48.34 98.87
N VAL T 29 -58.60 -47.07 98.88
CA VAL T 29 -58.84 -46.37 97.63
C VAL T 29 -57.55 -46.17 96.87
N VAL T 30 -56.45 -45.89 97.57
CA VAL T 30 -55.18 -45.63 96.91
C VAL T 30 -54.75 -46.84 96.10
N LEU T 31 -54.90 -48.04 96.67
CA LEU T 31 -54.51 -49.26 95.96
C LEU T 31 -55.20 -49.35 94.61
N LYS T 32 -56.43 -48.82 94.51
CA LYS T 32 -57.16 -48.87 93.25
C LYS T 32 -56.40 -48.11 92.15
N HIS T 33 -55.87 -46.93 92.49
CA HIS T 33 -55.17 -46.14 91.49
C HIS T 33 -53.84 -46.76 91.09
N VAL T 34 -53.23 -47.52 91.99
CA VAL T 34 -51.96 -48.17 91.66
C VAL T 34 -52.14 -49.13 90.50
N LYS T 35 -53.20 -49.93 90.54
CA LYS T 35 -53.49 -50.82 89.42
C LYS T 35 -53.78 -50.03 88.15
N LEU T 36 -54.57 -48.96 88.28
CA LEU T 36 -54.94 -48.17 87.11
C LEU T 36 -53.74 -47.47 86.50
N ILE T 37 -52.88 -46.88 87.33
CA ILE T 37 -51.72 -46.16 86.80
C ILE T 37 -50.71 -47.13 86.23
N LEU T 38 -50.43 -48.23 86.93
CA LEU T 38 -49.51 -49.23 86.41
C LEU T 38 -50.05 -49.84 85.12
N THR T 39 -51.34 -50.18 85.09
CA THR T 39 -51.93 -50.76 83.89
C THR T 39 -51.87 -49.79 82.72
N SER T 40 -52.21 -48.52 82.96
CA SER T 40 -52.21 -47.54 81.88
C SER T 40 -50.81 -47.33 81.32
N GLN T 41 -49.82 -47.23 82.21
CA GLN T 41 -48.45 -46.98 81.77
C GLN T 41 -47.91 -48.19 81.01
N LYS T 42 -47.12 -47.92 79.98
CA LYS T 42 -46.58 -48.96 79.11
C LYS T 42 -45.07 -49.07 79.18
N GLU T 43 -44.35 -47.96 79.01
CA GLU T 43 -42.90 -48.03 79.04
C GLU T 43 -42.41 -48.49 80.40
N HIS T 44 -41.39 -49.36 80.39
CA HIS T 44 -40.85 -49.93 81.62
C HIS T 44 -39.73 -49.06 82.15
N GLN T 45 -39.88 -48.56 83.36
CA GLN T 45 -38.87 -47.81 84.07
C GLN T 45 -38.77 -48.34 85.49
N PRO T 46 -37.64 -48.11 86.17
CA PRO T 46 -37.47 -48.66 87.52
C PRO T 46 -38.50 -48.18 88.52
N TRP T 47 -39.08 -46.99 88.32
CA TRP T 47 -40.00 -46.46 89.32
C TRP T 47 -41.25 -47.34 89.46
N MET T 48 -41.81 -47.79 88.34
CA MET T 48 -42.98 -48.66 88.41
C MET T 48 -42.63 -49.99 89.07
N THR T 49 -41.46 -50.54 88.77
CA THR T 49 -41.03 -51.77 89.42
C THR T 49 -40.92 -51.58 90.92
N GLU T 50 -40.33 -50.47 91.36
CA GLU T 50 -40.22 -50.19 92.78
C GLU T 50 -41.55 -49.70 93.34
N MET T 51 -42.37 -49.03 92.52
CA MET T 51 -43.66 -48.54 93.00
C MET T 51 -44.56 -49.68 93.45
N ALA T 52 -44.58 -50.77 92.68
CA ALA T 52 -45.40 -51.92 93.07
C ALA T 52 -44.92 -52.51 94.38
N LEU T 53 -43.61 -52.63 94.56
CA LEU T 53 -43.08 -53.22 95.78
C LEU T 53 -43.47 -52.40 97.00
N LYS T 54 -43.40 -51.08 96.89
CA LYS T 54 -43.74 -50.23 98.02
C LYS T 54 -45.21 -50.40 98.42
N ALA T 55 -46.10 -50.51 97.43
CA ALA T 55 -47.51 -50.68 97.72
C ALA T 55 -47.81 -52.09 98.22
N ASP T 56 -47.00 -53.07 97.82
CA ASP T 56 -47.27 -54.45 98.20
C ASP T 56 -47.24 -54.61 99.72
N GLN T 57 -46.30 -53.94 100.39
CA GLN T 57 -46.17 -54.12 101.83
C GLN T 57 -47.46 -53.81 102.55
N CYS T 58 -48.21 -52.81 102.08
CA CYS T 58 -49.47 -52.45 102.72
C CYS T 58 -50.44 -53.62 102.72
N LEU T 59 -50.43 -54.42 101.66
CA LEU T 59 -51.36 -55.56 101.60
C LEU T 59 -51.09 -56.55 102.72
N ILE T 60 -49.82 -56.82 103.01
CA ILE T 60 -49.48 -57.78 104.05
C ILE T 60 -50.00 -57.30 105.39
N HIS T 61 -49.84 -56.01 105.68
CA HIS T 61 -50.31 -55.46 106.94
C HIS T 61 -51.83 -55.58 107.07
N LYS T 62 -52.55 -55.48 105.95
CA LYS T 62 -54.00 -55.64 106.00
C LYS T 62 -54.38 -57.01 106.56
N ALA T 63 -53.77 -58.07 106.04
CA ALA T 63 -54.05 -59.41 106.52
C ALA T 63 -53.38 -59.68 107.87
N THR T 64 -52.19 -59.11 108.09
CA THR T 64 -51.50 -59.34 109.36
C THR T 64 -52.35 -58.90 110.53
N LEU T 65 -52.91 -57.69 110.46
CA LEU T 65 -53.78 -57.20 111.53
C LEU T 65 -55.15 -57.86 111.46
N PRO T 78 -49.25 -50.92 122.08
CA PRO T 78 -48.32 -50.06 121.32
C PRO T 78 -47.90 -50.65 119.99
N LEU T 79 -47.74 -51.97 119.92
CA LEU T 79 -47.32 -52.60 118.68
C LEU T 79 -48.39 -52.46 117.61
N ILE T 80 -49.63 -52.82 117.93
CA ILE T 80 -50.70 -52.75 116.94
C ILE T 80 -50.97 -51.31 116.52
N GLU T 81 -50.99 -50.40 117.49
CA GLU T 81 -51.29 -49.00 117.18
C GLU T 81 -50.24 -48.41 116.23
N ALA T 82 -48.97 -48.75 116.45
CA ALA T 82 -47.92 -48.24 115.58
C ALA T 82 -48.11 -48.69 114.14
N MET T 83 -48.51 -49.95 113.95
CA MET T 83 -48.71 -50.46 112.60
C MET T 83 -49.78 -49.66 111.87
N GLN T 84 -50.85 -49.28 112.58
CA GLN T 84 -51.90 -48.49 111.95
C GLN T 84 -51.35 -47.18 111.41
N GLN T 85 -50.50 -46.51 112.18
CA GLN T 85 -49.88 -45.28 111.70
C GLN T 85 -48.89 -45.56 110.58
N ILE T 86 -48.20 -46.72 110.64
CA ILE T 86 -47.23 -47.05 109.60
C ILE T 86 -47.92 -47.19 108.25
N ILE T 87 -49.08 -47.83 108.22
CA ILE T 87 -49.80 -48.00 106.96
C ILE T 87 -50.13 -46.64 106.36
N LEU T 88 -50.60 -45.71 107.18
CA LEU T 88 -50.90 -44.37 106.69
C LEU T 88 -49.64 -43.66 106.20
N ALA T 89 -48.50 -43.98 106.80
CA ALA T 89 -47.25 -43.35 106.36
C ALA T 89 -46.94 -43.70 104.90
N MET T 90 -47.13 -44.96 104.53
CA MET T 90 -46.85 -45.37 103.15
C MET T 90 -47.88 -44.79 102.18
N THR T 91 -49.12 -44.62 102.63
CA THR T 91 -50.15 -44.07 101.75
C THR T 91 -49.78 -42.67 101.27
N ARG T 92 -49.27 -41.83 102.18
CA ARG T 92 -48.86 -40.50 101.78
C ARG T 92 -47.74 -40.56 100.75
N GLU T 93 -46.78 -41.46 100.95
CA GLU T 93 -45.69 -41.60 99.99
C GLU T 93 -46.20 -42.09 98.64
N LEU T 94 -47.12 -43.05 98.65
CA LEU T 94 -47.65 -43.58 97.40
C LEU T 94 -48.41 -42.53 96.62
N TRP T 95 -49.25 -41.75 97.31
CA TRP T 95 -50.06 -40.75 96.62
C TRP T 95 -49.18 -39.70 95.94
N GLY T 96 -48.00 -39.45 96.49
CA GLY T 96 -47.11 -38.48 95.86
C GLY T 96 -46.69 -38.90 94.47
N GLN T 97 -46.28 -40.16 94.32
CA GLN T 97 -45.89 -40.66 93.00
C GLN T 97 -47.08 -40.67 92.06
N ILE T 98 -48.27 -40.96 92.58
CA ILE T 98 -49.47 -40.96 91.74
C ILE T 98 -49.70 -39.58 91.16
N GLN T 99 -49.68 -38.55 92.01
CA GLN T 99 -49.94 -37.19 91.54
C GLN T 99 -48.80 -36.68 90.67
N ARG T 100 -47.56 -36.96 91.06
CA ARG T 100 -46.42 -36.48 90.27
C ARG T 100 -46.42 -37.11 88.89
N HIS T 101 -46.73 -38.40 88.81
CA HIS T 101 -46.75 -39.07 87.51
C HIS T 101 -47.87 -38.54 86.62
N HIS T 102 -49.06 -38.35 87.19
CA HIS T 102 -50.19 -37.89 86.39
C HIS T 102 -49.97 -36.45 85.91
N TYR T 103 -49.63 -35.55 86.83
CA TYR T 103 -49.44 -34.14 86.49
C TYR T 103 -47.97 -33.81 86.25
N GLY T 104 -47.15 -34.02 87.26
CA GLY T 104 -45.74 -33.68 87.17
C GLY T 104 -45.16 -33.42 88.55
N ILE T 105 -43.83 -33.51 88.62
CA ILE T 105 -43.15 -33.34 89.90
C ILE T 105 -43.29 -31.91 90.40
N VAL T 106 -43.10 -30.93 89.50
CA VAL T 106 -43.14 -29.53 89.92
C VAL T 106 -44.56 -29.14 90.31
N GLN T 107 -45.56 -29.61 89.57
CA GLN T 107 -46.93 -29.18 89.82
C GLN T 107 -47.39 -29.58 91.22
N VAL T 108 -47.08 -30.81 91.63
CA VAL T 108 -47.47 -31.25 92.97
C VAL T 108 -46.80 -30.38 94.03
N GLU T 109 -45.48 -30.17 93.89
CA GLU T 109 -44.78 -29.29 94.81
C GLU T 109 -45.34 -27.88 94.76
N HIS T 110 -45.79 -27.45 93.59
CA HIS T 110 -46.33 -26.10 93.44
C HIS T 110 -47.75 -26.00 94.01
N TYR T 111 -48.55 -27.05 93.85
CA TYR T 111 -49.96 -27.00 94.22
C TYR T 111 -50.22 -27.41 95.66
N VAL T 112 -49.36 -28.25 96.25
CA VAL T 112 -49.63 -28.74 97.60
C VAL T 112 -49.68 -27.59 98.58
N LYS T 113 -48.76 -26.64 98.47
CA LYS T 113 -48.69 -25.53 99.43
C LYS T 113 -49.94 -24.67 99.34
N GLN T 114 -50.47 -24.46 98.13
CA GLN T 114 -51.59 -23.56 97.95
C GLN T 114 -52.79 -23.99 98.79
N ILE T 115 -53.13 -25.27 98.75
CA ILE T 115 -54.30 -25.75 99.48
C ILE T 115 -54.06 -25.66 100.98
N THR T 116 -52.83 -25.89 101.42
CA THR T 116 -52.53 -25.79 102.85
C THR T 116 -52.77 -24.37 103.36
N LEU T 117 -52.38 -23.38 102.57
CA LEU T 117 -52.61 -21.99 102.95
C LEU T 117 -54.10 -21.70 103.05
N TRP T 118 -54.89 -22.19 102.09
CA TRP T 118 -56.33 -21.93 102.13
C TRP T 118 -56.96 -22.47 103.39
N GLN T 119 -56.37 -23.50 104.00
CA GLN T 119 -56.90 -24.04 105.25
C GLN T 119 -56.42 -23.23 106.45
N ASP T 120 -55.11 -22.99 106.55
CA ASP T 120 -54.54 -22.26 107.68
C ASP T 120 -54.81 -20.77 107.47
N THR T 121 -56.06 -20.39 107.70
CA THR T 121 -56.50 -19.01 107.55
C THR T 121 -57.77 -18.83 108.38
N PRO T 122 -58.04 -17.62 108.89
CA PRO T 122 -59.22 -17.45 109.76
C PRO T 122 -60.53 -17.60 109.02
N GLN T 123 -60.88 -18.85 108.67
CA GLN T 123 -62.17 -19.21 108.09
C GLN T 123 -62.72 -18.17 107.13
N ALA T 124 -63.10 -17.00 107.64
CA ALA T 124 -63.83 -16.03 106.82
C ALA T 124 -63.04 -15.67 105.57
N PHE T 125 -61.78 -15.24 105.74
CA PHE T 125 -60.93 -14.89 104.61
C PHE T 125 -60.09 -16.09 104.17
N ARG T 126 -60.73 -17.23 103.96
CA ARG T 126 -59.99 -18.42 103.58
C ARG T 126 -59.43 -18.29 102.17
N GLY T 127 -60.19 -17.69 101.26
CA GLY T 127 -59.75 -17.52 99.89
C GLY T 127 -60.88 -17.69 98.90
N ASP T 128 -60.65 -18.49 97.86
CA ASP T 128 -61.67 -18.73 96.84
C ASP T 128 -61.69 -20.19 96.42
N GLN T 129 -61.39 -21.10 97.35
CA GLN T 129 -61.41 -22.53 97.06
C GLN T 129 -60.49 -22.82 95.89
N PRO T 130 -59.17 -22.75 96.08
CA PRO T 130 -58.24 -22.86 94.94
C PRO T 130 -58.49 -24.12 94.13
N LYS T 131 -58.50 -23.96 92.81
CA LYS T 131 -58.79 -25.07 91.92
C LYS T 131 -57.63 -26.06 91.92
N PRO T 132 -57.91 -27.35 91.76
CA PRO T 132 -56.84 -28.34 91.61
C PRO T 132 -56.14 -28.17 90.27
N PRO T 133 -54.92 -28.68 90.14
CA PRO T 133 -54.17 -28.47 88.90
C PRO T 133 -54.89 -29.08 87.69
N THR U 3 -102.59 71.16 29.46
CA THR U 3 -102.55 70.90 28.03
C THR U 3 -101.25 70.22 27.62
N PHE U 4 -100.12 70.66 28.18
CA PHE U 4 -98.83 70.11 27.79
C PHE U 4 -98.74 68.62 28.11
N ILE U 5 -99.20 68.23 29.29
CA ILE U 5 -99.09 66.82 29.69
C ILE U 5 -99.86 65.94 28.71
N GLU U 6 -101.00 66.43 28.24
CA GLU U 6 -101.75 65.68 27.22
C GLU U 6 -100.91 65.45 25.98
N LEU U 7 -100.14 66.47 25.57
CA LEU U 7 -99.30 66.33 24.40
C LEU U 7 -98.22 65.28 24.61
N VAL U 8 -97.62 65.27 25.80
CA VAL U 8 -96.55 64.31 26.08
C VAL U 8 -97.08 62.89 26.13
N LYS U 9 -98.28 62.71 26.70
CA LYS U 9 -98.86 61.37 26.74
C LYS U 9 -99.03 60.79 25.35
N ASN U 10 -99.15 61.65 24.33
CA ASN U 10 -99.23 61.21 22.95
C ASN U 10 -97.81 61.03 22.38
N MET U 11 -97.07 60.14 23.05
CA MET U 11 -95.69 59.87 22.66
C MET U 11 -95.40 58.39 22.87
N LYS U 12 -94.35 57.93 22.21
CA LYS U 12 -93.99 56.52 22.20
C LYS U 12 -92.98 56.21 23.29
N GLY U 13 -93.16 55.08 23.96
CA GLY U 13 -92.34 54.73 25.10
C GLY U 13 -92.74 55.38 26.40
N TYR U 14 -93.95 55.97 26.46
CA TYR U 14 -94.40 56.67 27.65
C TYR U 14 -94.88 55.67 28.69
N LYS U 15 -94.17 55.60 29.81
CA LYS U 15 -94.54 54.73 30.92
C LYS U 15 -94.98 55.61 32.09
N GLU U 16 -96.22 55.42 32.53
CA GLU U 16 -96.75 56.24 33.61
C GLU U 16 -96.05 55.90 34.92
N LEU U 17 -95.89 56.92 35.77
CA LEU U 17 -95.19 56.76 37.03
C LEU U 17 -95.89 57.46 38.19
N LEU U 18 -97.13 57.92 38.02
CA LEU U 18 -97.84 58.65 39.05
C LEU U 18 -99.06 57.84 39.50
N LEU U 19 -99.21 57.69 40.80
CA LEU U 19 -100.34 56.96 41.36
C LEU U 19 -101.57 57.85 41.44
N PRO U 20 -102.74 57.25 41.62
CA PRO U 20 -103.95 58.07 41.79
C PRO U 20 -103.85 58.97 43.01
N MET U 21 -104.50 60.13 42.93
CA MET U 21 -104.47 61.09 44.02
C MET U 21 -105.02 60.48 45.30
N GLU U 22 -105.89 59.48 45.19
CA GLU U 22 -106.51 58.87 46.36
C GLU U 22 -105.60 57.90 47.10
N MET U 23 -104.46 57.54 46.51
CA MET U 23 -103.55 56.58 47.12
C MET U 23 -102.27 57.19 47.65
N VAL U 24 -101.86 58.36 47.14
CA VAL U 24 -100.62 58.98 47.59
C VAL U 24 -100.76 59.39 49.05
N PRO U 25 -99.68 59.42 49.82
CA PRO U 25 -99.79 59.82 51.23
C PRO U 25 -100.21 61.27 51.35
N LEU U 26 -100.49 61.66 52.59
CA LEU U 26 -100.77 63.05 52.89
C LEU U 26 -99.49 63.88 52.70
N PRO U 27 -99.62 65.17 52.37
CA PRO U 27 -98.42 65.97 52.11
C PRO U 27 -97.44 65.98 53.27
N ALA U 28 -97.94 65.96 54.50
CA ALA U 28 -97.05 65.95 55.66
C ALA U 28 -96.18 64.70 55.68
N VAL U 29 -96.76 63.55 55.35
CA VAL U 29 -96.01 62.29 55.38
C VAL U 29 -94.91 62.29 54.34
N VAL U 30 -95.18 62.87 53.16
CA VAL U 30 -94.22 62.81 52.07
C VAL U 30 -92.92 63.51 52.47
N LEU U 31 -93.04 64.67 53.11
CA LEU U 31 -91.86 65.44 53.50
C LEU U 31 -90.94 64.60 54.38
N LYS U 32 -91.50 63.68 55.17
CA LYS U 32 -90.68 62.87 56.06
C LYS U 32 -89.68 62.03 55.28
N HIS U 33 -90.12 61.42 54.18
CA HIS U 33 -89.20 60.63 53.37
C HIS U 33 -88.18 61.49 52.66
N VAL U 34 -88.52 62.75 52.38
CA VAL U 34 -87.59 63.64 51.69
C VAL U 34 -86.34 63.84 52.53
N LYS U 35 -86.52 64.08 53.83
CA LYS U 35 -85.38 64.32 54.70
C LYS U 35 -84.49 63.09 54.77
N LEU U 36 -85.08 61.90 54.89
CA LEU U 36 -84.29 60.67 54.95
C LEU U 36 -83.57 60.44 53.64
N ILE U 37 -84.28 60.53 52.52
CA ILE U 37 -83.67 60.24 51.22
C ILE U 37 -82.59 61.26 50.91
N LEU U 38 -82.88 62.54 51.13
CA LEU U 38 -81.88 63.58 50.90
C LEU U 38 -80.69 63.40 51.82
N THR U 39 -80.95 63.30 53.12
CA THR U 39 -79.86 63.27 54.10
C THR U 39 -79.11 61.94 54.05
N SER U 40 -79.85 60.84 54.00
CA SER U 40 -79.23 59.51 53.97
C SER U 40 -78.84 59.17 52.53
N GLN U 41 -77.92 59.97 52.00
CA GLN U 41 -77.43 59.78 50.65
C GLN U 41 -75.97 60.21 50.58
N LYS U 42 -75.23 59.57 49.68
CA LYS U 42 -73.82 59.85 49.46
C LYS U 42 -73.59 60.09 47.98
N GLU U 43 -72.58 60.91 47.68
CA GLU U 43 -72.24 61.26 46.29
C GLU U 43 -73.46 61.90 45.60
N HIS U 44 -73.82 63.07 46.12
CA HIS U 44 -74.99 63.81 45.64
C HIS U 44 -75.09 63.74 44.12
N GLN U 45 -76.31 63.49 43.64
CA GLN U 45 -76.62 63.33 42.23
C GLN U 45 -77.58 64.42 41.78
N PRO U 46 -77.65 64.69 40.48
CA PRO U 46 -78.48 65.82 40.01
C PRO U 46 -79.94 65.71 40.42
N TRP U 47 -80.51 64.51 40.42
CA TRP U 47 -81.92 64.35 40.73
C TRP U 47 -82.22 64.74 42.18
N MET U 48 -81.24 64.71 43.06
CA MET U 48 -81.48 65.12 44.44
C MET U 48 -81.87 66.59 44.51
N THR U 49 -81.22 67.44 43.71
CA THR U 49 -81.56 68.85 43.72
C THR U 49 -83.00 69.08 43.27
N GLU U 50 -83.44 68.35 42.26
CA GLU U 50 -84.80 68.51 41.76
C GLU U 50 -85.82 68.20 42.84
N MET U 51 -85.57 67.15 43.63
CA MET U 51 -86.51 66.77 44.66
C MET U 51 -86.68 67.88 45.69
N ALA U 52 -85.57 68.48 46.12
CA ALA U 52 -85.64 69.51 47.15
C ALA U 52 -86.40 70.74 46.65
N LEU U 53 -86.16 71.14 45.40
CA LEU U 53 -86.80 72.34 44.88
C LEU U 53 -88.31 72.22 44.88
N LYS U 54 -88.83 71.07 44.46
CA LYS U 54 -90.28 70.87 44.46
C LYS U 54 -90.82 70.81 45.87
N ALA U 55 -90.06 70.26 46.80
CA ALA U 55 -90.55 70.09 48.17
C ALA U 55 -90.89 71.43 48.80
N ASP U 56 -90.01 72.42 48.64
CA ASP U 56 -90.25 73.72 49.26
C ASP U 56 -91.50 74.38 48.69
N GLN U 57 -91.86 74.06 47.44
CA GLN U 57 -93.04 74.66 46.85
C GLN U 57 -94.31 74.28 47.62
N CYS U 58 -94.42 73.01 48.02
CA CYS U 58 -95.57 72.59 48.79
C CYS U 58 -95.65 73.33 50.10
N LEU U 59 -94.51 73.52 50.76
CA LEU U 59 -94.49 74.29 52.01
C LEU U 59 -94.93 75.72 51.78
N ILE U 60 -94.49 76.33 50.68
CA ILE U 60 -94.87 77.71 50.38
C ILE U 60 -96.39 77.80 50.22
N HIS U 61 -96.97 76.90 49.42
CA HIS U 61 -98.42 76.88 49.28
C HIS U 61 -99.09 76.53 50.60
N LYS U 62 -98.52 75.56 51.33
CA LYS U 62 -99.09 75.18 52.61
C LYS U 62 -99.06 76.35 53.58
N ALA U 63 -97.97 77.11 53.61
CA ALA U 63 -97.86 78.27 54.48
C ALA U 63 -98.73 79.43 54.01
N THR U 64 -99.30 79.34 52.81
CA THR U 64 -100.14 80.42 52.27
C THR U 64 -101.58 80.34 52.73
N LEU U 65 -102.07 79.14 53.06
CA LEU U 65 -103.47 78.99 53.46
C LEU U 65 -103.77 79.74 54.75
N ASP U 66 -102.84 79.74 55.70
CA ASP U 66 -103.08 80.45 56.96
C ASP U 66 -103.38 81.92 56.73
N PRO U 78 -113.07 81.00 45.30
CA PRO U 78 -112.21 80.18 44.41
C PRO U 78 -110.72 80.42 44.62
N LEU U 79 -110.30 81.68 44.61
CA LEU U 79 -108.87 81.98 44.64
C LEU U 79 -108.23 81.44 45.91
N ILE U 80 -108.87 81.64 47.06
CA ILE U 80 -108.32 81.16 48.32
C ILE U 80 -108.22 79.64 48.31
N GLU U 81 -109.27 78.96 47.85
CA GLU U 81 -109.30 77.51 47.82
C GLU U 81 -108.63 76.94 46.58
N ALA U 82 -108.35 77.75 45.56
CA ALA U 82 -107.76 77.23 44.34
C ALA U 82 -106.36 76.68 44.59
N MET U 83 -105.56 77.37 45.40
CA MET U 83 -104.20 76.93 45.64
C MET U 83 -104.16 75.56 46.30
N GLN U 84 -105.19 75.23 47.09
CA GLN U 84 -105.22 73.93 47.76
C GLN U 84 -105.20 72.78 46.75
N GLN U 85 -105.77 72.99 45.56
CA GLN U 85 -105.78 71.94 44.55
C GLN U 85 -104.37 71.57 44.13
N ILE U 86 -103.50 72.57 43.96
CA ILE U 86 -102.14 72.29 43.51
C ILE U 86 -101.37 71.53 44.57
N ILE U 87 -101.63 71.82 45.85
CA ILE U 87 -100.89 71.16 46.93
C ILE U 87 -101.04 69.65 46.83
N LEU U 88 -102.27 69.17 46.65
CA LEU U 88 -102.48 67.74 46.49
C LEU U 88 -101.80 67.22 45.24
N ALA U 89 -101.88 67.96 44.15
CA ALA U 89 -101.25 67.53 42.91
C ALA U 89 -99.73 67.47 43.06
N MET U 90 -99.15 68.46 43.74
CA MET U 90 -97.70 68.50 43.88
C MET U 90 -97.16 67.23 44.54
N THR U 91 -97.91 66.69 45.50
CA THR U 91 -97.48 65.46 46.14
C THR U 91 -97.43 64.30 45.16
N ARG U 92 -98.41 64.22 44.25
CA ARG U 92 -98.46 63.11 43.32
C ARG U 92 -97.20 63.03 42.47
N GLU U 93 -96.76 64.18 41.94
CA GLU U 93 -95.50 64.20 41.20
C GLU U 93 -94.32 63.98 42.14
N LEU U 94 -94.37 64.56 43.34
CA LEU U 94 -93.28 64.42 44.29
C LEU U 94 -93.13 62.97 44.74
N TRP U 95 -94.24 62.29 45.03
CA TRP U 95 -94.16 60.91 45.49
C TRP U 95 -93.60 60.00 44.43
N GLY U 96 -93.73 60.37 43.15
CA GLY U 96 -93.20 59.54 42.09
C GLY U 96 -91.70 59.36 42.17
N GLN U 97 -90.99 60.44 42.52
CA GLN U 97 -89.54 60.34 42.62
C GLN U 97 -89.12 59.53 43.84
N ILE U 98 -89.93 59.55 44.91
CA ILE U 98 -89.60 58.78 46.10
C ILE U 98 -89.53 57.30 45.78
N GLN U 99 -90.53 56.79 45.06
CA GLN U 99 -90.55 55.38 44.73
C GLN U 99 -89.42 55.01 43.79
N ARG U 100 -89.02 55.92 42.90
CA ARG U 100 -87.89 55.64 42.01
C ARG U 100 -86.62 55.39 42.81
N HIS U 101 -86.38 56.22 43.83
CA HIS U 101 -85.20 56.03 44.66
C HIS U 101 -85.29 54.74 45.47
N HIS U 102 -86.44 54.49 46.08
CA HIS U 102 -86.60 53.30 46.91
C HIS U 102 -86.65 52.04 46.05
N TYR U 103 -87.66 51.95 45.18
CA TYR U 103 -87.85 50.74 44.38
C TYR U 103 -86.95 50.75 43.15
N GLY U 104 -87.14 51.73 42.28
CA GLY U 104 -86.44 51.81 41.00
C GLY U 104 -87.44 52.20 39.93
N ILE U 105 -86.94 52.87 38.89
CA ILE U 105 -87.81 53.38 37.84
C ILE U 105 -88.51 52.22 37.13
N VAL U 106 -87.76 51.17 36.79
CA VAL U 106 -88.33 50.06 36.04
C VAL U 106 -89.43 49.38 36.82
N GLN U 107 -89.17 49.10 38.11
CA GLN U 107 -90.16 48.39 38.92
C GLN U 107 -91.43 49.21 39.09
N VAL U 108 -91.29 50.53 39.21
CA VAL U 108 -92.45 51.38 39.45
C VAL U 108 -93.44 51.27 38.29
N GLU U 109 -92.93 51.29 37.05
CA GLU U 109 -93.80 51.21 35.89
C GLU U 109 -94.73 50.01 35.99
N HIS U 110 -94.18 48.84 36.31
CA HIS U 110 -95.00 47.65 36.46
C HIS U 110 -96.01 47.81 37.60
N TYR U 111 -95.58 48.38 38.72
CA TYR U 111 -96.45 48.49 39.87
C TYR U 111 -97.66 49.37 39.56
N VAL U 112 -97.45 50.49 38.88
CA VAL U 112 -98.55 51.42 38.61
C VAL U 112 -99.61 50.74 37.75
N LYS U 113 -99.18 50.08 36.67
CA LYS U 113 -100.13 49.42 35.79
C LYS U 113 -100.89 48.33 36.53
N GLN U 114 -100.19 47.56 37.38
CA GLN U 114 -100.87 46.55 38.19
C GLN U 114 -101.89 47.21 39.10
N ILE U 115 -101.54 48.34 39.71
CA ILE U 115 -102.50 49.08 40.53
C ILE U 115 -103.64 49.58 39.67
N THR U 116 -103.33 50.11 38.49
CA THR U 116 -104.37 50.66 37.63
C THR U 116 -105.38 49.58 37.24
N LEU U 117 -104.88 48.44 36.75
CA LEU U 117 -105.78 47.35 36.42
C LEU U 117 -106.53 46.86 37.65
N TRP U 118 -105.84 46.77 38.79
CA TRP U 118 -106.50 46.37 40.03
C TRP U 118 -107.59 47.35 40.40
N GLN U 119 -107.32 48.65 40.26
CA GLN U 119 -108.35 49.64 40.54
C GLN U 119 -109.45 49.62 39.48
N ASP U 120 -109.09 49.34 38.23
CA ASP U 120 -110.07 49.33 37.16
C ASP U 120 -111.10 48.23 37.36
N THR U 121 -110.66 47.05 37.74
CA THR U 121 -111.57 45.92 37.90
C THR U 121 -112.58 46.24 39.01
N PRO U 122 -113.85 45.86 38.84
CA PRO U 122 -114.84 46.14 39.89
C PRO U 122 -114.47 45.45 41.19
N GLN U 123 -114.84 46.10 42.30
CA GLN U 123 -114.48 45.60 43.62
C GLN U 123 -115.08 44.23 43.91
N ALA U 124 -116.14 43.85 43.20
CA ALA U 124 -116.76 42.55 43.46
C ALA U 124 -115.78 41.41 43.20
N PHE U 125 -115.02 41.49 42.11
CA PHE U 125 -114.03 40.48 41.76
C PHE U 125 -112.66 41.11 41.55
N ARG U 126 -112.39 42.20 42.26
CA ARG U 126 -111.13 42.92 42.05
C ARG U 126 -109.92 42.06 42.44
N GLY U 127 -110.01 41.35 43.55
CA GLY U 127 -108.92 40.53 44.02
C GLY U 127 -108.03 41.25 45.00
N ASP U 128 -107.03 40.52 45.48
CA ASP U 128 -106.09 41.07 46.45
C ASP U 128 -105.26 42.18 45.83
N GLN U 129 -105.05 43.24 46.59
CA GLN U 129 -104.24 44.36 46.09
C GLN U 129 -102.79 43.92 45.94
N PRO U 130 -102.15 44.20 44.82
CA PRO U 130 -100.75 43.80 44.65
C PRO U 130 -99.83 44.53 45.60
N LYS U 131 -98.74 43.88 45.97
CA LYS U 131 -97.78 44.45 46.89
C LYS U 131 -96.71 45.23 46.12
N PRO U 132 -96.03 46.17 46.79
CA PRO U 132 -94.99 46.95 46.11
C PRO U 132 -93.87 46.05 45.62
N PRO U 133 -93.07 46.53 44.65
CA PRO U 133 -91.96 45.70 44.16
C PRO U 133 -90.83 45.56 45.17
N SER U 134 -89.76 44.90 44.77
CA SER U 134 -88.60 44.73 45.62
C SER U 134 -87.72 45.97 45.58
N PHE U 135 -87.05 46.25 46.69
CA PHE U 135 -86.21 47.42 46.80
C PHE U 135 -84.99 47.30 45.87
N THR V 3 -85.75 75.22 53.85
CA THR V 3 -84.74 74.45 54.57
C THR V 3 -84.23 73.25 53.79
N PHE V 4 -85.10 72.57 53.05
CA PHE V 4 -84.67 71.39 52.30
C PHE V 4 -83.59 71.73 51.29
N ILE V 5 -83.77 72.84 50.56
CA ILE V 5 -82.78 73.23 49.56
C ILE V 5 -81.45 73.52 50.23
N GLU V 6 -81.49 74.10 51.44
CA GLU V 6 -80.26 74.37 52.17
C GLU V 6 -79.51 73.08 52.47
N LEU V 7 -80.23 72.02 52.82
CA LEU V 7 -79.58 70.74 53.11
C LEU V 7 -78.83 70.23 51.89
N VAL V 8 -79.44 70.36 50.70
CA VAL V 8 -78.76 69.95 49.48
C VAL V 8 -77.50 70.76 49.27
N LYS V 9 -77.58 72.07 49.48
CA LYS V 9 -76.42 72.94 49.31
C LYS V 9 -75.31 72.60 50.30
N ASN V 10 -75.61 71.85 51.35
CA ASN V 10 -74.63 71.41 52.32
C ASN V 10 -73.99 70.08 51.97
N MET V 11 -74.34 69.50 50.82
CA MET V 11 -73.85 68.19 50.45
C MET V 11 -72.44 68.29 49.86
N LYS V 12 -71.94 67.15 49.41
CA LYS V 12 -70.63 67.04 48.76
C LYS V 12 -70.85 66.75 47.28
N GLY V 13 -70.17 67.51 46.43
CA GLY V 13 -70.32 67.38 45.00
C GLY V 13 -71.47 68.16 44.40
N TYR V 14 -72.26 68.84 45.22
CA TYR V 14 -73.36 69.63 44.70
C TYR V 14 -72.84 70.80 43.86
N LYS V 15 -73.53 71.07 42.76
CA LYS V 15 -73.14 72.13 41.84
C LYS V 15 -74.38 72.90 41.40
N GLU V 16 -74.24 74.22 41.33
CA GLU V 16 -75.38 75.05 40.93
C GLU V 16 -75.72 74.84 39.47
N LEU V 17 -77.02 74.88 39.17
CA LEU V 17 -77.50 74.77 37.80
C LEU V 17 -78.51 75.85 37.44
N LEU V 18 -79.05 76.59 38.41
CA LEU V 18 -79.99 77.64 38.13
C LEU V 18 -79.26 78.94 37.85
N LEU V 19 -80.02 80.02 37.68
CA LEU V 19 -79.49 81.32 37.31
C LEU V 19 -80.16 82.38 38.18
N PRO V 20 -79.56 83.57 38.27
CA PRO V 20 -80.18 84.64 39.06
C PRO V 20 -81.56 84.98 38.54
N MET V 21 -82.45 85.37 39.46
CA MET V 21 -83.82 85.69 39.08
C MET V 21 -83.86 86.73 37.97
N GLU V 22 -82.92 87.68 37.99
CA GLU V 22 -82.90 88.71 36.97
C GLU V 22 -82.63 88.12 35.59
N MET V 23 -81.69 87.17 35.51
CA MET V 23 -81.32 86.54 34.24
C MET V 23 -82.27 85.38 33.94
N VAL V 24 -83.56 85.68 33.94
CA VAL V 24 -84.58 84.70 33.64
C VAL V 24 -85.59 85.32 32.67
N PRO V 25 -85.88 84.69 31.53
CA PRO V 25 -86.85 85.28 30.60
C PRO V 25 -88.20 85.51 31.27
N LEU V 26 -89.05 86.25 30.56
CA LEU V 26 -90.38 86.55 31.05
C LEU V 26 -91.26 85.30 30.95
N PRO V 27 -92.35 85.25 31.71
CA PRO V 27 -93.24 84.08 31.64
C PRO V 27 -93.94 83.98 30.29
N ALA V 28 -94.77 82.95 30.12
CA ALA V 28 -95.52 82.76 28.88
C ALA V 28 -94.57 82.50 27.71
N VAL V 29 -93.78 83.50 27.33
CA VAL V 29 -92.87 83.34 26.21
C VAL V 29 -91.85 82.25 26.50
N VAL V 30 -91.36 82.19 27.74
CA VAL V 30 -90.38 81.16 28.09
C VAL V 30 -90.98 79.77 27.90
N LEU V 31 -92.29 79.63 28.07
CA LEU V 31 -92.93 78.34 27.87
C LEU V 31 -92.83 77.84 26.44
N LYS V 32 -92.51 78.73 25.49
CA LYS V 32 -92.46 78.32 24.09
C LYS V 32 -91.36 77.28 23.87
N HIS V 33 -90.21 77.45 24.52
CA HIS V 33 -89.15 76.46 24.40
C HIS V 33 -89.61 75.07 24.81
N VAL V 34 -90.64 74.99 25.66
CA VAL V 34 -91.17 73.70 26.07
C VAL V 34 -91.69 72.94 24.85
N LYS V 35 -92.47 73.63 24.02
CA LYS V 35 -93.03 72.99 22.84
C LYS V 35 -91.93 72.55 21.87
N LEU V 36 -90.91 73.39 21.70
CA LEU V 36 -89.85 73.08 20.75
C LEU V 36 -88.99 71.91 21.19
N ILE V 37 -89.12 71.46 22.44
CA ILE V 37 -88.30 70.37 22.97
C ILE V 37 -89.18 69.14 23.19
N LEU V 38 -90.47 69.36 23.42
CA LEU V 38 -91.42 68.26 23.56
C LEU V 38 -91.97 67.82 22.21
N THR V 39 -92.54 68.75 21.45
CA THR V 39 -93.11 68.39 20.16
C THR V 39 -92.04 67.85 19.21
N SER V 40 -90.88 68.49 19.19
CA SER V 40 -89.77 68.06 18.34
C SER V 40 -88.91 67.03 19.08
N GLN V 41 -89.56 65.95 19.51
CA GLN V 41 -88.87 64.92 20.28
C GLN V 41 -89.61 63.60 20.11
N LYS V 42 -88.91 62.52 20.47
CA LYS V 42 -89.45 61.18 20.41
C LYS V 42 -88.69 60.33 21.42
N GLU V 43 -89.19 59.10 21.65
CA GLU V 43 -88.60 58.20 22.63
C GLU V 43 -88.66 58.82 24.02
N HIS V 44 -89.89 59.01 24.47
CA HIS V 44 -90.19 59.61 25.77
C HIS V 44 -89.24 59.12 26.84
N GLN V 45 -88.54 60.05 27.48
CA GLN V 45 -87.60 59.76 28.54
C GLN V 45 -88.13 60.26 29.88
N PRO V 46 -87.62 59.72 31.00
CA PRO V 46 -88.18 60.11 32.30
C PRO V 46 -88.12 61.61 32.56
N TRP V 47 -87.04 62.27 32.16
CA TRP V 47 -86.90 63.69 32.45
C TRP V 47 -87.90 64.53 31.68
N MET V 48 -88.37 64.03 30.53
CA MET V 48 -89.36 64.79 29.75
C MET V 48 -90.64 64.99 30.53
N THR V 49 -91.08 63.95 31.25
CA THR V 49 -92.29 64.08 32.06
C THR V 49 -92.10 65.12 33.16
N GLU V 50 -90.93 65.16 33.76
CA GLU V 50 -90.67 66.14 34.82
C GLU V 50 -90.85 67.55 34.29
N MET V 51 -90.30 67.83 33.10
CA MET V 51 -90.46 69.15 32.51
C MET V 51 -91.93 69.44 32.23
N ALA V 52 -92.65 68.46 31.70
CA ALA V 52 -94.05 68.67 31.34
C ALA V 52 -94.88 68.98 32.58
N LEU V 53 -94.65 68.24 33.67
CA LEU V 53 -95.44 68.43 34.88
C LEU V 53 -95.06 69.69 35.64
N LYS V 54 -93.96 70.34 35.27
CA LYS V 54 -93.55 71.59 35.89
C LYS V 54 -93.99 72.81 35.09
N ALA V 55 -93.83 72.78 33.76
CA ALA V 55 -94.22 73.91 32.94
C ALA V 55 -95.72 74.15 33.01
N ASP V 56 -96.52 73.08 32.97
CA ASP V 56 -97.97 73.21 33.02
C ASP V 56 -98.44 73.88 34.31
N GLN V 57 -97.64 73.83 35.38
CA GLN V 57 -98.05 74.45 36.63
C GLN V 57 -98.18 75.96 36.48
N CYS V 58 -97.29 76.59 35.71
CA CYS V 58 -97.36 78.03 35.53
C CYS V 58 -98.69 78.45 34.94
N LEU V 59 -99.21 77.68 33.97
CA LEU V 59 -100.51 77.98 33.41
C LEU V 59 -101.59 77.89 34.47
N ILE V 60 -101.51 76.88 35.34
CA ILE V 60 -102.50 76.73 36.40
C ILE V 60 -102.47 77.95 37.31
N HIS V 61 -101.28 78.36 37.75
CA HIS V 61 -101.17 79.58 38.54
C HIS V 61 -101.57 80.80 37.73
N LYS V 62 -101.16 80.84 36.46
CA LYS V 62 -101.53 81.95 35.59
C LYS V 62 -103.03 81.99 35.37
N ALA V 63 -103.67 80.83 35.25
CA ALA V 63 -105.10 80.78 35.02
C ALA V 63 -105.88 81.43 36.15
N THR V 64 -105.33 81.47 37.36
CA THR V 64 -106.03 82.08 38.49
C THR V 64 -106.15 83.59 38.34
N LEU V 65 -105.33 84.20 37.47
CA LEU V 65 -105.42 85.65 37.28
C LEU V 65 -106.81 86.07 36.82
N ASP V 66 -107.51 85.21 36.07
CA ASP V 66 -108.87 85.53 35.67
C ASP V 66 -109.76 85.69 36.89
N PRO V 78 -102.10 89.35 50.14
CA PRO V 78 -100.96 88.42 50.19
C PRO V 78 -101.17 87.17 49.35
N LEU V 79 -102.41 86.67 49.29
CA LEU V 79 -102.69 85.49 48.50
C LEU V 79 -102.43 85.75 47.01
N ILE V 80 -102.88 86.90 46.52
CA ILE V 80 -102.66 87.24 45.12
C ILE V 80 -101.19 87.53 44.86
N GLU V 81 -100.55 88.29 45.76
CA GLU V 81 -99.14 88.61 45.59
C GLU V 81 -98.28 87.36 45.65
N ALA V 82 -98.58 86.46 46.59
CA ALA V 82 -97.73 85.29 46.80
C ALA V 82 -97.65 84.43 45.55
N MET V 83 -98.78 84.22 44.88
CA MET V 83 -98.79 83.37 43.69
C MET V 83 -97.88 83.93 42.60
N GLN V 84 -97.90 85.25 42.40
CA GLN V 84 -97.06 85.85 41.37
C GLN V 84 -95.58 85.60 41.65
N GLN V 85 -95.18 85.67 42.93
CA GLN V 85 -93.79 85.43 43.28
C GLN V 85 -93.37 84.00 42.93
N ILE V 86 -94.26 83.03 43.17
CA ILE V 86 -93.92 81.64 42.95
C ILE V 86 -93.62 81.38 41.49
N ILE V 87 -94.30 82.06 40.58
CA ILE V 87 -94.11 81.82 39.15
C ILE V 87 -92.66 82.06 38.77
N LEU V 88 -92.05 83.11 39.33
CA LEU V 88 -90.65 83.39 39.03
C LEU V 88 -89.75 82.23 39.46
N ALA V 89 -90.00 81.66 40.64
CA ALA V 89 -89.18 80.57 41.12
C ALA V 89 -89.29 79.35 40.19
N MET V 90 -90.51 79.01 39.79
CA MET V 90 -90.69 77.87 38.88
C MET V 90 -90.07 78.16 37.53
N THR V 91 -90.19 79.39 37.04
CA THR V 91 -89.60 79.75 35.75
C THR V 91 -88.09 79.55 35.78
N ARG V 92 -87.45 79.90 36.89
CA ARG V 92 -86.01 79.70 37.00
C ARG V 92 -85.64 78.23 36.85
N GLU V 93 -86.42 77.34 37.47
CA GLU V 93 -86.14 75.92 37.35
C GLU V 93 -86.30 75.44 35.92
N LEU V 94 -87.30 75.95 35.21
CA LEU V 94 -87.53 75.52 33.84
C LEU V 94 -86.32 75.80 32.97
N TRP V 95 -85.72 76.98 33.10
CA TRP V 95 -84.60 77.34 32.24
C TRP V 95 -83.42 76.41 32.47
N GLY V 96 -83.14 76.05 33.73
CA GLY V 96 -82.02 75.17 34.01
C GLY V 96 -82.17 73.83 33.31
N GLN V 97 -83.39 73.27 33.31
CA GLN V 97 -83.62 72.01 32.62
C GLN V 97 -83.37 72.16 31.12
N ILE V 98 -83.81 73.28 30.54
CA ILE V 98 -83.63 73.50 29.12
C ILE V 98 -82.15 73.52 28.77
N GLN V 99 -81.35 74.26 29.55
CA GLN V 99 -79.91 74.28 29.32
C GLN V 99 -79.30 72.92 29.62
N ARG V 100 -79.84 72.18 30.59
CA ARG V 100 -79.38 70.84 30.87
C ARG V 100 -79.57 69.91 29.66
N HIS V 101 -80.43 70.28 28.73
CA HIS V 101 -80.68 69.51 27.52
C HIS V 101 -79.97 70.07 26.31
N HIS V 102 -80.04 71.38 26.10
CA HIS V 102 -79.44 72.01 24.92
C HIS V 102 -77.92 71.95 24.99
N TYR V 103 -77.33 72.58 26.02
CA TYR V 103 -75.88 72.64 26.15
C TYR V 103 -75.36 71.56 27.09
N GLY V 104 -75.75 70.32 26.83
CA GLY V 104 -75.28 69.24 27.66
C GLY V 104 -75.78 69.39 29.09
N ILE V 105 -75.14 68.63 29.97
CA ILE V 105 -75.46 68.68 31.40
C ILE V 105 -74.18 68.97 32.18
N VAL V 106 -73.03 68.62 31.60
CA VAL V 106 -71.75 68.87 32.25
C VAL V 106 -71.26 70.28 31.96
N GLN V 107 -71.33 70.70 30.69
CA GLN V 107 -70.89 72.04 30.32
C GLN V 107 -71.76 73.12 30.94
N VAL V 108 -72.98 72.79 31.35
CA VAL V 108 -73.86 73.79 31.94
C VAL V 108 -73.27 74.33 33.24
N GLU V 109 -72.73 73.43 34.07
CA GLU V 109 -72.16 73.85 35.35
C GLU V 109 -71.03 74.85 35.14
N HIS V 110 -70.18 74.60 34.14
CA HIS V 110 -69.08 75.52 33.88
C HIS V 110 -69.59 76.91 33.51
N TYR V 111 -70.63 76.97 32.68
CA TYR V 111 -71.17 78.27 32.28
C TYR V 111 -71.71 79.03 33.47
N VAL V 112 -72.55 78.37 34.30
CA VAL V 112 -73.12 79.05 35.45
C VAL V 112 -72.04 79.42 36.43
N LYS V 113 -71.00 78.60 36.55
CA LYS V 113 -69.88 78.94 37.42
C LYS V 113 -69.28 80.29 37.03
N GLN V 114 -69.08 80.50 35.72
CA GLN V 114 -68.54 81.78 35.26
C GLN V 114 -69.54 82.91 35.43
N ILE V 115 -70.83 82.61 35.24
CA ILE V 115 -71.85 83.64 35.38
C ILE V 115 -71.83 84.22 36.79
N THR V 116 -71.70 83.37 37.81
CA THR V 116 -71.68 83.86 39.18
C THR V 116 -70.50 84.80 39.41
N LEU V 117 -69.31 84.41 38.92
CA LEU V 117 -68.15 85.27 39.07
C LEU V 117 -68.30 86.56 38.29
N TRP V 118 -68.83 86.48 37.06
CA TRP V 118 -68.93 87.65 36.21
C TRP V 118 -69.91 88.68 36.74
N GLN V 119 -70.86 88.27 37.58
CA GLN V 119 -71.86 89.18 38.13
C GLN V 119 -71.55 89.62 39.56
N ASP V 120 -71.00 88.71 40.38
CA ASP V 120 -70.73 89.06 41.76
C ASP V 120 -69.69 90.15 41.87
N THR V 121 -68.66 90.11 41.02
CA THR V 121 -67.64 91.14 41.05
C THR V 121 -68.25 92.48 40.65
N PRO V 122 -67.67 93.59 41.13
CA PRO V 122 -68.23 94.90 40.78
C PRO V 122 -68.18 95.15 39.28
N GLN V 123 -69.13 95.95 38.80
CA GLN V 123 -69.24 96.20 37.36
C GLN V 123 -67.98 96.82 36.78
N ALA V 124 -67.15 97.46 37.61
CA ALA V 124 -65.92 98.07 37.11
C ALA V 124 -64.84 97.05 36.79
N PHE V 125 -65.03 95.77 37.14
CA PHE V 125 -64.03 94.74 36.92
C PHE V 125 -64.52 93.58 36.08
N ARG V 126 -65.83 93.50 35.79
CA ARG V 126 -66.37 92.34 35.09
C ARG V 126 -65.69 92.14 33.74
N GLY V 127 -65.85 93.11 32.83
CA GLY V 127 -65.31 93.00 31.50
C GLY V 127 -66.36 92.71 30.46
N ASP V 128 -66.38 91.48 29.95
CA ASP V 128 -67.34 91.06 28.93
C ASP V 128 -68.05 89.80 29.39
N GLN V 129 -69.34 89.71 29.06
CA GLN V 129 -70.11 88.54 29.44
C GLN V 129 -69.54 87.30 28.76
N PRO V 130 -69.39 86.19 29.49
CA PRO V 130 -68.90 84.95 28.86
C PRO V 130 -70.03 84.26 28.10
N LYS V 131 -69.83 84.10 26.79
CA LYS V 131 -70.86 83.51 25.95
C LYS V 131 -71.08 82.05 26.36
N PRO V 132 -72.33 81.61 26.48
CA PRO V 132 -72.57 80.21 26.83
C PRO V 132 -72.10 79.28 25.72
N PRO V 133 -71.73 78.05 26.05
CA PRO V 133 -71.30 77.11 25.01
C PRO V 133 -72.45 76.78 24.05
N SER V 134 -72.09 76.50 22.80
CA SER V 134 -73.08 76.20 21.78
C SER V 134 -73.64 74.79 21.99
N PHE V 135 -74.50 74.36 21.06
CA PHE V 135 -75.14 73.06 21.15
C PHE V 135 -74.12 71.98 20.79
N THR W 3 -46.59 93.85 62.69
CA THR W 3 -45.14 93.70 62.60
C THR W 3 -44.74 92.36 62.00
N PHE W 4 -45.61 91.35 62.10
CA PHE W 4 -45.29 90.06 61.50
C PHE W 4 -45.15 90.18 59.99
N ILE W 5 -46.01 90.98 59.36
CA ILE W 5 -45.91 91.17 57.91
C ILE W 5 -44.54 91.73 57.56
N GLU W 6 -44.04 92.65 58.39
CA GLU W 6 -42.69 93.16 58.18
C GLU W 6 -41.66 92.05 58.28
N LEU W 7 -41.84 91.14 59.23
CA LEU W 7 -40.91 90.02 59.37
C LEU W 7 -40.92 89.14 58.13
N VAL W 8 -42.02 89.14 57.39
CA VAL W 8 -42.10 88.37 56.15
C VAL W 8 -41.94 89.25 54.91
N LYS W 9 -42.15 90.56 55.02
CA LYS W 9 -42.00 91.43 53.86
C LYS W 9 -40.61 91.33 53.26
N ASN W 10 -39.61 90.98 54.07
CA ASN W 10 -38.25 90.79 53.57
C ASN W 10 -38.02 89.41 52.97
N MET W 11 -38.93 88.47 53.19
CA MET W 11 -38.76 87.14 52.64
C MET W 11 -38.82 87.17 51.12
N LYS W 12 -38.08 86.25 50.49
CA LYS W 12 -38.02 86.21 49.03
C LYS W 12 -39.39 85.90 48.44
N GLY W 13 -40.10 84.94 49.03
CA GLY W 13 -41.37 84.50 48.47
C GLY W 13 -42.56 85.26 48.98
N TYR W 14 -42.33 86.33 49.74
CA TYR W 14 -43.43 87.13 50.26
C TYR W 14 -44.20 87.79 49.12
N LYS W 15 -45.52 87.86 49.27
CA LYS W 15 -46.38 88.41 48.24
C LYS W 15 -47.47 89.25 48.90
N GLU W 16 -47.98 90.23 48.14
CA GLU W 16 -49.08 91.07 48.61
C GLU W 16 -50.39 90.38 48.25
N LEU W 17 -50.75 89.38 49.07
CA LEU W 17 -51.99 88.65 48.84
C LEU W 17 -53.22 89.51 49.08
N LEU W 18 -53.09 90.62 49.80
CA LEU W 18 -54.22 91.50 50.09
C LEU W 18 -54.58 92.27 48.83
N LEU W 19 -55.63 91.83 48.14
CA LEU W 19 -56.04 92.46 46.91
C LEU W 19 -56.71 93.79 47.20
N PRO W 20 -56.85 94.65 46.18
CA PRO W 20 -57.47 95.96 46.41
C PRO W 20 -58.87 95.83 46.98
N MET W 21 -59.22 96.76 47.87
CA MET W 21 -60.53 96.73 48.50
C MET W 21 -61.64 96.85 47.46
N GLU W 22 -61.47 97.75 46.48
CA GLU W 22 -62.48 97.90 45.44
C GLU W 22 -62.65 96.62 44.63
N MET W 23 -61.58 95.84 44.51
CA MET W 23 -61.64 94.63 43.68
C MET W 23 -62.63 93.62 44.25
N VAL W 24 -62.62 93.42 45.56
CA VAL W 24 -63.44 92.39 46.19
C VAL W 24 -64.88 92.89 46.34
N PRO W 25 -65.86 91.98 46.37
CA PRO W 25 -67.25 92.41 46.58
C PRO W 25 -67.59 92.58 48.06
N LEU W 26 -68.86 92.82 48.36
CA LEU W 26 -69.28 93.00 49.74
C LEU W 26 -69.14 91.68 50.50
N PRO W 27 -69.06 91.75 51.83
CA PRO W 27 -68.83 90.51 52.61
C PRO W 27 -69.90 89.45 52.37
N ALA W 28 -71.16 89.84 52.21
CA ALA W 28 -72.23 88.86 52.09
C ALA W 28 -72.04 87.99 50.86
N VAL W 29 -71.64 88.59 49.74
CA VAL W 29 -71.50 87.82 48.50
C VAL W 29 -70.36 86.82 48.61
N VAL W 30 -69.27 87.21 49.28
CA VAL W 30 -68.12 86.32 49.39
C VAL W 30 -68.50 85.03 50.10
N LEU W 31 -69.29 85.13 51.17
CA LEU W 31 -69.69 83.94 51.91
C LEU W 31 -70.39 82.95 50.99
N LYS W 32 -71.08 83.43 49.96
CA LYS W 32 -71.76 82.53 49.04
C LYS W 32 -70.76 81.62 48.33
N HIS W 33 -69.64 82.19 47.88
CA HIS W 33 -68.66 81.39 47.15
C HIS W 33 -67.94 80.40 48.07
N VAL W 34 -67.85 80.71 49.35
CA VAL W 34 -67.19 79.79 50.27
C VAL W 34 -67.94 78.47 50.34
N LYS W 35 -69.28 78.54 50.44
CA LYS W 35 -70.08 77.32 50.41
C LYS W 35 -69.92 76.60 49.07
N LEU W 36 -69.93 77.34 47.97
CA LEU W 36 -69.85 76.73 46.66
C LEU W 36 -68.49 76.07 46.44
N ILE W 37 -67.41 76.76 46.81
CA ILE W 37 -66.07 76.21 46.59
C ILE W 37 -65.82 75.03 47.52
N LEU W 38 -66.20 75.15 48.80
CA LEU W 38 -66.05 74.03 49.72
C LEU W 38 -66.90 72.85 49.29
N THR W 39 -68.14 73.11 48.89
CA THR W 39 -69.02 72.02 48.46
C THR W 39 -68.47 71.34 47.21
N SER W 40 -68.02 72.12 46.24
CA SER W 40 -67.51 71.54 45.00
C SER W 40 -66.26 70.69 45.26
N GLN W 41 -65.35 71.20 46.10
CA GLN W 41 -64.11 70.49 46.36
C GLN W 41 -64.40 69.20 47.14
N LYS W 42 -63.64 68.14 46.83
CA LYS W 42 -63.85 66.83 47.44
C LYS W 42 -62.67 66.39 48.29
N GLU W 43 -61.45 66.43 47.75
CA GLU W 43 -60.29 65.97 48.50
C GLU W 43 -60.10 66.84 49.74
N HIS W 44 -59.76 66.21 50.86
CA HIS W 44 -59.60 66.91 52.12
C HIS W 44 -58.15 67.34 52.28
N GLN W 45 -57.94 68.63 52.44
CA GLN W 45 -56.64 69.21 52.72
C GLN W 45 -56.79 70.22 53.84
N PRO W 46 -55.70 70.56 54.53
CA PRO W 46 -55.82 71.48 55.68
C PRO W 46 -56.33 72.85 55.30
N TRP W 47 -56.15 73.31 54.06
CA TRP W 47 -56.55 74.66 53.70
C TRP W 47 -58.06 74.84 53.82
N MET W 48 -58.83 73.87 53.33
CA MET W 48 -60.28 73.98 53.43
C MET W 48 -60.74 73.95 54.88
N THR W 49 -60.10 73.12 55.70
CA THR W 49 -60.43 73.10 57.13
C THR W 49 -60.16 74.45 57.78
N GLU W 50 -59.01 75.06 57.46
CA GLU W 50 -58.70 76.38 57.97
C GLU W 50 -59.47 77.48 57.25
N MET W 51 -59.80 77.25 55.97
CA MET W 51 -60.55 78.25 55.21
C MET W 51 -61.92 78.50 55.83
N ALA W 52 -62.60 77.44 56.24
CA ALA W 52 -63.90 77.60 56.87
C ALA W 52 -63.80 78.38 58.17
N LEU W 53 -62.78 78.09 58.99
CA LEU W 53 -62.63 78.77 60.26
C LEU W 53 -62.42 80.27 60.05
N LYS W 54 -61.61 80.64 59.08
CA LYS W 54 -61.34 82.06 58.83
C LYS W 54 -62.62 82.78 58.44
N ALA W 55 -63.46 82.15 57.61
CA ALA W 55 -64.70 82.78 57.19
C ALA W 55 -65.74 82.79 58.30
N ASP W 56 -65.66 81.83 59.23
CA ASP W 56 -66.65 81.74 60.29
C ASP W 56 -66.65 82.99 61.16
N GLN W 57 -65.46 83.53 61.45
CA GLN W 57 -65.38 84.69 62.33
C GLN W 57 -66.23 85.84 61.81
N CYS W 58 -66.28 86.02 60.50
CA CYS W 58 -67.08 87.11 59.93
C CYS W 58 -68.54 86.98 60.31
N LEU W 59 -69.06 85.76 60.40
CA LEU W 59 -70.46 85.57 60.75
C LEU W 59 -70.76 86.11 62.15
N ILE W 60 -69.85 85.86 63.10
CA ILE W 60 -70.09 86.31 64.47
C ILE W 60 -70.17 87.83 64.51
N HIS W 61 -69.28 88.51 63.78
CA HIS W 61 -69.30 89.97 63.76
C HIS W 61 -70.60 90.50 63.17
N LYS W 62 -71.18 89.78 62.21
CA LYS W 62 -72.47 90.21 61.64
C LYS W 62 -73.53 90.32 62.73
N ALA W 63 -73.66 89.28 63.55
CA ALA W 63 -74.64 89.29 64.63
C ALA W 63 -74.18 90.16 65.80
N THR W 64 -72.88 90.20 66.06
CA THR W 64 -72.38 91.01 67.18
C THR W 64 -72.77 92.46 67.00
N LEU W 65 -72.53 93.02 65.82
CA LEU W 65 -72.92 94.41 65.56
C LEU W 65 -74.42 94.53 65.35
N PRO W 78 -65.10 104.57 68.23
CA PRO W 78 -63.89 103.93 67.68
C PRO W 78 -63.95 102.42 67.68
N LEU W 79 -64.58 101.82 68.69
CA LEU W 79 -64.65 100.36 68.76
C LEU W 79 -65.50 99.81 67.62
N ILE W 80 -66.70 100.35 67.43
CA ILE W 80 -67.59 99.84 66.40
C ILE W 80 -67.00 100.09 65.02
N GLU W 81 -66.44 101.28 64.79
CA GLU W 81 -65.90 101.61 63.48
C GLU W 81 -64.76 100.68 63.11
N ALA W 82 -63.89 100.35 64.07
CA ALA W 82 -62.78 99.46 63.79
C ALA W 82 -63.27 98.09 63.33
N MET W 83 -64.32 97.57 63.98
CA MET W 83 -64.85 96.27 63.59
C MET W 83 -65.30 96.26 62.14
N GLN W 84 -65.93 97.35 61.69
CA GLN W 84 -66.37 97.42 60.30
C GLN W 84 -65.19 97.26 59.34
N GLN W 85 -64.06 97.92 59.65
CA GLN W 85 -62.88 97.75 58.82
C GLN W 85 -62.28 96.37 58.97
N ILE W 86 -62.38 95.78 60.16
CA ILE W 86 -61.82 94.44 60.38
C ILE W 86 -62.53 93.42 59.50
N ILE W 87 -63.85 93.52 59.39
CA ILE W 87 -64.60 92.58 58.56
C ILE W 87 -64.11 92.65 57.13
N LEU W 88 -63.93 93.88 56.61
CA LEU W 88 -63.43 94.03 55.24
C LEU W 88 -62.02 93.48 55.10
N ALA W 89 -61.23 93.51 56.18
CA ALA W 89 -59.87 92.98 56.11
C ALA W 89 -59.90 91.48 55.81
N MET W 90 -60.80 90.75 56.46
CA MET W 90 -60.86 89.31 56.23
C MET W 90 -61.42 88.99 54.85
N THR W 91 -62.31 89.83 54.34
CA THR W 91 -62.88 89.57 53.01
C THR W 91 -61.80 89.56 51.95
N ARG W 92 -60.86 90.50 52.01
CA ARG W 92 -59.77 90.53 51.04
C ARG W 92 -58.94 89.25 51.14
N GLU W 93 -58.66 88.79 52.36
CA GLU W 93 -57.90 87.57 52.53
C GLU W 93 -58.66 86.37 51.99
N LEU W 94 -59.97 86.31 52.25
CA LEU W 94 -60.76 85.17 51.79
C LEU W 94 -60.82 85.12 50.27
N TRP W 95 -61.02 86.27 49.62
CA TRP W 95 -61.15 86.28 48.16
C TRP W 95 -59.86 85.81 47.50
N GLY W 96 -58.71 86.01 48.14
CA GLY W 96 -57.46 85.54 47.57
C GLY W 96 -57.43 84.04 47.42
N GLN W 97 -57.83 83.32 48.46
CA GLN W 97 -57.86 81.87 48.39
C GLN W 97 -58.87 81.40 47.35
N ILE W 98 -60.00 82.11 47.25
CA ILE W 98 -61.02 81.75 46.26
C ILE W 98 -60.44 81.83 44.86
N GLN W 99 -59.79 82.95 44.53
CA GLN W 99 -59.25 83.12 43.18
C GLN W 99 -58.07 82.20 42.94
N ARG W 100 -57.19 82.05 43.93
CA ARG W 100 -56.03 81.18 43.76
C ARG W 100 -56.45 79.74 43.55
N HIS W 101 -57.45 79.28 44.31
CA HIS W 101 -57.91 77.90 44.17
C HIS W 101 -58.56 77.67 42.81
N HIS W 102 -59.41 78.61 42.36
CA HIS W 102 -60.10 78.44 41.09
C HIS W 102 -59.11 78.47 39.92
N TYR W 103 -58.28 79.50 39.87
CA TYR W 103 -57.33 79.67 38.76
C TYR W 103 -55.95 79.13 39.12
N GLY W 104 -55.35 79.68 40.16
CA GLY W 104 -54.01 79.30 40.55
C GLY W 104 -53.32 80.41 41.29
N ILE W 105 -52.28 80.04 42.05
CA ILE W 105 -51.57 81.00 42.87
C ILE W 105 -50.84 82.01 41.99
N VAL W 106 -50.17 81.53 40.95
CA VAL W 106 -49.38 82.42 40.10
C VAL W 106 -50.29 83.36 39.31
N GLN W 107 -51.42 82.84 38.81
CA GLN W 107 -52.28 83.65 37.95
C GLN W 107 -52.82 84.86 38.69
N VAL W 108 -53.25 84.68 39.95
CA VAL W 108 -53.76 85.81 40.73
C VAL W 108 -52.66 86.84 40.92
N GLU W 109 -51.47 86.38 41.33
CA GLU W 109 -50.34 87.30 41.48
C GLU W 109 -49.99 87.96 40.16
N HIS W 110 -50.17 87.23 39.06
CA HIS W 110 -49.85 87.77 37.74
C HIS W 110 -50.92 88.74 37.24
N TYR W 111 -52.19 88.46 37.55
CA TYR W 111 -53.30 89.24 37.00
C TYR W 111 -53.67 90.43 37.87
N VAL W 112 -53.43 90.38 39.18
CA VAL W 112 -53.86 91.46 40.06
C VAL W 112 -53.19 92.76 39.67
N LYS W 113 -51.89 92.72 39.37
CA LYS W 113 -51.17 93.95 39.05
C LYS W 113 -51.69 94.59 37.78
N GLN W 114 -52.07 93.76 36.79
CA GLN W 114 -52.48 94.29 35.49
C GLN W 114 -53.66 95.24 35.64
N ILE W 115 -54.68 94.83 36.39
CA ILE W 115 -55.87 95.66 36.52
C ILE W 115 -55.56 96.94 37.29
N THR W 116 -54.66 96.85 38.28
CA THR W 116 -54.29 98.05 39.03
C THR W 116 -53.65 99.09 38.12
N LEU W 117 -52.79 98.64 37.20
CA LEU W 117 -52.17 99.56 36.26
C LEU W 117 -53.22 100.23 35.38
N TRP W 118 -54.19 99.45 34.89
CA TRP W 118 -55.22 100.01 34.03
C TRP W 118 -55.99 101.13 34.72
N GLN W 119 -56.06 101.10 36.05
CA GLN W 119 -56.74 102.15 36.79
C GLN W 119 -55.84 103.35 37.01
N ASP W 120 -54.63 103.13 37.51
CA ASP W 120 -53.68 104.20 37.79
C ASP W 120 -53.06 104.66 36.47
N THR W 121 -53.86 105.40 35.71
CA THR W 121 -53.43 105.91 34.41
C THR W 121 -54.32 107.09 34.07
N PRO W 122 -53.83 108.07 33.29
CA PRO W 122 -54.65 109.26 33.02
C PRO W 122 -55.85 108.97 32.14
N GLN W 123 -56.86 108.31 32.71
CA GLN W 123 -58.14 108.06 32.07
C GLN W 123 -58.04 107.77 30.58
N ALA W 124 -57.67 108.78 29.78
CA ALA W 124 -57.75 108.64 28.33
C ALA W 124 -56.94 107.43 27.84
N PHE W 125 -55.67 107.35 28.23
CA PHE W 125 -54.83 106.23 27.84
C PHE W 125 -54.84 105.14 28.90
N ARG W 126 -56.04 104.73 29.34
CA ARG W 126 -56.14 103.73 30.38
C ARG W 126 -55.67 102.36 29.88
N GLY W 127 -55.99 102.03 28.64
CA GLY W 127 -55.60 100.76 28.07
C GLY W 127 -56.68 100.18 27.17
N ASP W 128 -56.98 98.90 27.37
CA ASP W 128 -58.00 98.23 26.55
C ASP W 128 -58.88 97.33 27.41
N GLN W 129 -59.12 97.72 28.66
CA GLN W 129 -59.96 96.94 29.56
C GLN W 129 -59.42 95.52 29.65
N PRO W 130 -58.30 95.31 30.33
CA PRO W 130 -57.66 93.98 30.32
C PRO W 130 -58.63 92.88 30.73
N LYS W 131 -58.60 91.79 29.98
CA LYS W 131 -59.52 90.69 30.22
C LYS W 131 -59.13 89.95 31.50
N PRO W 132 -60.12 89.43 32.23
CA PRO W 132 -59.81 88.60 33.40
C PRO W 132 -59.21 87.27 32.99
N PRO W 133 -58.50 86.59 33.88
CA PRO W 133 -57.83 85.35 33.49
C PRO W 133 -58.83 84.30 33.01
N THR X 3 -39.68 81.31 -90.40
CA THR X 3 -39.87 79.93 -90.81
C THR X 3 -39.24 78.97 -89.81
N PHE X 4 -38.05 79.29 -89.31
CA PHE X 4 -37.34 78.38 -88.41
C PHE X 4 -38.13 78.15 -87.12
N ILE X 5 -38.69 79.21 -86.55
CA ILE X 5 -39.42 79.07 -85.29
C ILE X 5 -40.59 78.12 -85.46
N GLU X 6 -41.25 78.18 -86.62
CA GLU X 6 -42.33 77.24 -86.90
C GLU X 6 -41.83 75.80 -86.85
N LEU X 7 -40.63 75.56 -87.38
CA LEU X 7 -40.08 74.21 -87.35
C LEU X 7 -39.81 73.76 -85.92
N VAL X 8 -39.29 74.65 -85.08
CA VAL X 8 -38.97 74.28 -83.70
C VAL X 8 -40.24 73.99 -82.92
N LYS X 9 -41.29 74.79 -83.14
CA LYS X 9 -42.55 74.56 -82.44
C LYS X 9 -43.08 73.15 -82.71
N ASN X 10 -42.71 72.57 -83.85
CA ASN X 10 -43.08 71.20 -84.17
C ASN X 10 -42.07 70.23 -83.55
N MET X 11 -41.96 70.31 -82.23
CA MET X 11 -41.03 69.48 -81.48
C MET X 11 -41.66 69.09 -80.14
N LYS X 12 -41.11 68.04 -79.55
CA LYS X 12 -41.66 67.46 -78.33
C LYS X 12 -40.97 68.05 -77.12
N GLY X 13 -41.76 68.33 -76.08
CA GLY X 13 -41.27 69.00 -74.90
C GLY X 13 -41.16 70.50 -75.03
N TYR X 14 -41.77 71.09 -76.04
CA TYR X 14 -41.68 72.53 -76.28
C TYR X 14 -42.62 73.26 -75.34
N LYS X 15 -42.06 74.05 -74.42
CA LYS X 15 -42.81 74.87 -73.49
C LYS X 15 -42.61 76.33 -73.86
N GLU X 16 -43.71 77.02 -74.17
CA GLU X 16 -43.61 78.41 -74.57
C GLU X 16 -43.19 79.28 -73.39
N LEU X 17 -42.43 80.33 -73.69
CA LEU X 17 -41.91 81.22 -72.65
C LEU X 17 -42.02 82.69 -73.03
N LEU X 18 -42.75 83.04 -74.08
CA LEU X 18 -42.86 84.42 -74.54
C LEU X 18 -44.30 84.89 -74.38
N LEU X 19 -44.47 86.06 -73.78
CA LEU X 19 -45.78 86.64 -73.57
C LEU X 19 -46.25 87.37 -74.83
N PRO X 20 -47.54 87.67 -74.93
CA PRO X 20 -48.03 88.43 -76.07
C PRO X 20 -47.37 89.80 -76.15
N MET X 21 -47.22 90.29 -77.37
CA MET X 21 -46.59 91.59 -77.59
C MET X 21 -47.34 92.70 -76.87
N GLU X 22 -48.64 92.51 -76.63
CA GLU X 22 -49.45 93.54 -75.99
C GLU X 22 -49.27 93.61 -74.48
N MET X 23 -48.56 92.64 -73.88
CA MET X 23 -48.38 92.61 -72.45
C MET X 23 -46.96 92.91 -72.00
N VAL X 24 -45.96 92.74 -72.87
CA VAL X 24 -44.57 92.99 -72.50
C VAL X 24 -44.39 94.48 -72.24
N PRO X 25 -43.48 94.88 -71.36
CA PRO X 25 -43.29 96.31 -71.10
C PRO X 25 -42.76 97.03 -72.32
N LEU X 26 -42.71 98.35 -72.21
CA LEU X 26 -42.10 99.15 -73.26
C LEU X 26 -40.60 98.89 -73.29
N PRO X 27 -39.95 99.07 -74.44
CA PRO X 27 -38.52 98.76 -74.53
C PRO X 27 -37.68 99.52 -73.51
N ALA X 28 -38.04 100.77 -73.23
CA ALA X 28 -37.28 101.55 -72.26
C ALA X 28 -37.32 100.90 -70.89
N VAL X 29 -38.49 100.38 -70.48
CA VAL X 29 -38.61 99.79 -69.16
C VAL X 29 -37.76 98.54 -69.04
N VAL X 30 -37.69 97.75 -70.12
CA VAL X 30 -36.98 96.48 -70.04
C VAL X 30 -35.51 96.70 -69.72
N LEU X 31 -34.90 97.70 -70.36
CA LEU X 31 -33.49 97.96 -70.13
C LEU X 31 -33.20 98.22 -68.66
N LYS X 32 -34.16 98.77 -67.93
CA LYS X 32 -33.94 99.07 -66.52
C LYS X 32 -33.66 97.80 -65.73
N HIS X 33 -34.42 96.73 -65.99
CA HIS X 33 -34.17 95.49 -65.28
C HIS X 33 -32.86 94.85 -65.70
N VAL X 34 -32.41 95.11 -66.93
CA VAL X 34 -31.16 94.53 -67.40
C VAL X 34 -30.00 94.99 -66.54
N LYS X 35 -29.95 96.28 -66.24
CA LYS X 35 -28.86 96.82 -65.44
C LYS X 35 -28.87 96.21 -64.05
N LEU X 36 -30.05 96.10 -63.43
CA LEU X 36 -30.12 95.52 -62.10
C LEU X 36 -29.72 94.05 -62.12
N ILE X 37 -30.29 93.28 -63.04
CA ILE X 37 -30.02 91.85 -63.07
C ILE X 37 -28.55 91.60 -63.41
N LEU X 38 -28.03 92.31 -64.40
CA LEU X 38 -26.62 92.15 -64.76
C LEU X 38 -25.72 92.58 -63.60
N THR X 39 -25.95 93.80 -63.10
CA THR X 39 -25.04 94.35 -62.09
C THR X 39 -25.22 93.66 -60.75
N SER X 40 -26.47 93.45 -60.33
CA SER X 40 -26.76 92.81 -59.04
C SER X 40 -26.70 91.29 -59.22
N GLN X 41 -25.50 90.82 -59.57
CA GLN X 41 -25.27 89.40 -59.77
C GLN X 41 -23.85 89.07 -59.35
N LYS X 42 -23.66 87.83 -58.90
CA LYS X 42 -22.36 87.33 -58.47
C LYS X 42 -22.09 86.00 -59.17
N GLU X 43 -20.80 85.72 -59.39
CA GLU X 43 -20.39 84.50 -60.07
C GLU X 43 -21.01 84.44 -61.47
N HIS X 44 -20.59 85.40 -62.30
CA HIS X 44 -21.12 85.54 -63.66
C HIS X 44 -21.30 84.18 -64.33
N GLN X 45 -22.45 84.02 -64.98
CA GLN X 45 -22.84 82.79 -65.63
C GLN X 45 -23.01 83.02 -67.12
N PRO X 46 -22.94 81.96 -67.93
CA PRO X 46 -22.97 82.15 -69.40
C PRO X 46 -24.19 82.90 -69.88
N TRP X 47 -25.36 82.65 -69.30
CA TRP X 47 -26.58 83.29 -69.79
C TRP X 47 -26.55 84.80 -69.60
N MET X 48 -25.73 85.30 -68.67
CA MET X 48 -25.62 86.75 -68.50
C MET X 48 -25.09 87.41 -69.76
N THR X 49 -24.09 86.79 -70.39
CA THR X 49 -23.52 87.37 -71.60
C THR X 49 -24.56 87.45 -72.71
N GLU X 50 -25.40 86.42 -72.84
CA GLU X 50 -26.42 86.42 -73.88
C GLU X 50 -27.39 87.58 -73.71
N MET X 51 -27.78 87.85 -72.47
CA MET X 51 -28.72 88.93 -72.22
C MET X 51 -28.16 90.27 -72.68
N ALA X 52 -26.89 90.55 -72.36
CA ALA X 52 -26.30 91.83 -72.70
C ALA X 52 -26.21 92.01 -74.22
N LEU X 53 -25.83 90.95 -74.93
CA LEU X 53 -25.65 91.06 -76.37
C LEU X 53 -26.95 91.46 -77.05
N LYS X 54 -28.07 90.84 -76.67
CA LYS X 54 -29.35 91.18 -77.27
C LYS X 54 -29.77 92.60 -76.89
N ALA X 55 -29.44 93.03 -75.68
CA ALA X 55 -29.89 94.34 -75.22
C ALA X 55 -29.35 95.45 -76.11
N ASP X 56 -28.06 95.39 -76.45
CA ASP X 56 -27.47 96.44 -77.26
C ASP X 56 -28.11 96.51 -78.64
N GLN X 57 -28.63 95.38 -79.14
CA GLN X 57 -29.26 95.38 -80.45
C GLN X 57 -30.47 96.31 -80.49
N CYS X 58 -31.30 96.27 -79.44
CA CYS X 58 -32.45 97.15 -79.38
C CYS X 58 -32.02 98.62 -79.39
N LEU X 59 -30.96 98.94 -78.66
CA LEU X 59 -30.45 100.32 -78.67
C LEU X 59 -29.98 100.71 -80.06
N ILE X 60 -29.30 99.80 -80.76
CA ILE X 60 -28.81 100.09 -82.10
C ILE X 60 -29.98 100.41 -83.02
N HIS X 61 -31.01 99.56 -83.01
CA HIS X 61 -32.20 99.84 -83.81
C HIS X 61 -32.90 101.09 -83.31
N LYS X 62 -32.98 101.27 -81.99
CA LYS X 62 -33.62 102.46 -81.45
C LYS X 62 -32.86 103.72 -81.87
N ALA X 63 -31.53 103.68 -81.85
CA ALA X 63 -30.74 104.82 -82.27
C ALA X 63 -30.77 105.03 -83.78
N THR X 64 -31.33 104.09 -84.53
CA THR X 64 -31.39 104.20 -85.98
C THR X 64 -32.60 104.99 -86.47
N LEU X 65 -33.67 105.03 -85.70
CA LEU X 65 -34.87 105.74 -86.15
C LEU X 65 -34.63 107.24 -86.29
N ASP X 66 -33.83 107.83 -85.39
CA ASP X 66 -33.57 109.26 -85.48
C ASP X 66 -32.95 109.63 -86.82
N PRO X 78 -41.76 101.81 -96.14
CA PRO X 78 -41.58 100.50 -95.48
C PRO X 78 -40.24 100.34 -94.80
N LEU X 79 -39.14 100.63 -95.52
CA LEU X 79 -37.81 100.35 -94.98
C LEU X 79 -37.56 101.13 -93.69
N ILE X 80 -37.92 102.41 -93.67
CA ILE X 80 -37.71 103.23 -92.49
C ILE X 80 -38.52 102.68 -91.32
N GLU X 81 -39.79 102.36 -91.57
CA GLU X 81 -40.66 101.85 -90.53
C GLU X 81 -40.51 100.35 -90.29
N ALA X 82 -39.85 99.63 -91.20
CA ALA X 82 -39.72 98.18 -91.05
C ALA X 82 -38.91 97.82 -89.81
N MET X 83 -37.82 98.55 -89.55
CA MET X 83 -36.97 98.22 -88.41
C MET X 83 -37.73 98.36 -87.10
N GLN X 84 -38.73 99.25 -87.04
CA GLN X 84 -39.49 99.43 -85.81
C GLN X 84 -40.19 98.15 -85.39
N GLN X 85 -40.56 97.30 -86.36
CA GLN X 85 -41.23 96.05 -86.03
C GLN X 85 -40.33 95.14 -85.21
N ILE X 86 -39.04 95.07 -85.57
CA ILE X 86 -38.12 94.20 -84.86
C ILE X 86 -37.91 94.68 -83.44
N ILE X 87 -37.91 95.99 -83.23
CA ILE X 87 -37.65 96.53 -81.89
C ILE X 87 -38.66 95.97 -80.90
N LEU X 88 -39.95 96.02 -81.25
CA LEU X 88 -40.97 95.47 -80.38
C LEU X 88 -40.77 93.96 -80.18
N ALA X 89 -40.44 93.25 -81.27
CA ALA X 89 -40.23 91.81 -81.16
C ALA X 89 -39.03 91.50 -80.27
N MET X 90 -37.96 92.28 -80.39
CA MET X 90 -36.75 91.99 -79.61
C MET X 90 -37.06 92.00 -78.12
N THR X 91 -37.94 92.90 -77.68
CA THR X 91 -38.29 92.95 -76.27
C THR X 91 -38.96 91.66 -75.82
N ARG X 92 -39.84 91.11 -76.66
CA ARG X 92 -40.58 89.91 -76.28
C ARG X 92 -39.62 88.77 -75.95
N GLU X 93 -38.62 88.55 -76.79
CA GLU X 93 -37.62 87.53 -76.48
C GLU X 93 -36.76 87.96 -75.29
N LEU X 94 -36.42 89.25 -75.23
CA LEU X 94 -35.58 89.74 -74.15
C LEU X 94 -36.29 89.62 -72.80
N TRP X 95 -37.57 89.98 -72.76
CA TRP X 95 -38.30 89.92 -71.50
C TRP X 95 -38.43 88.48 -71.00
N GLY X 96 -38.36 87.50 -71.89
CA GLY X 96 -38.48 86.12 -71.47
C GLY X 96 -37.37 85.71 -70.54
N GLN X 97 -36.14 86.18 -70.80
CA GLN X 97 -35.03 85.83 -69.93
C GLN X 97 -35.12 86.53 -68.59
N ILE X 98 -35.71 87.73 -68.56
CA ILE X 98 -35.86 88.45 -67.30
C ILE X 98 -36.68 87.64 -66.32
N GLN X 99 -37.82 87.12 -66.77
CA GLN X 99 -38.68 86.36 -65.89
C GLN X 99 -38.03 85.06 -65.44
N ARG X 100 -37.20 84.46 -66.30
CA ARG X 100 -36.49 83.24 -65.90
C ARG X 100 -35.57 83.52 -64.71
N HIS X 101 -34.86 84.65 -64.74
CA HIS X 101 -33.97 84.99 -63.63
C HIS X 101 -34.78 85.31 -62.38
N HIS X 102 -35.83 86.11 -62.52
CA HIS X 102 -36.63 86.50 -61.36
C HIS X 102 -37.45 85.33 -60.84
N TYR X 103 -38.35 84.80 -61.66
CA TYR X 103 -39.24 83.73 -61.23
C TYR X 103 -38.56 82.37 -61.32
N GLY X 104 -38.17 81.97 -62.51
CA GLY X 104 -37.61 80.65 -62.75
C GLY X 104 -38.23 80.09 -64.02
N ILE X 105 -37.46 79.25 -64.72
CA ILE X 105 -37.91 78.71 -66.00
C ILE X 105 -39.19 77.89 -65.82
N VAL X 106 -39.21 77.02 -64.80
CA VAL X 106 -40.35 76.13 -64.62
C VAL X 106 -41.62 76.94 -64.34
N GLN X 107 -41.53 77.92 -63.44
CA GLN X 107 -42.70 78.69 -63.07
C GLN X 107 -43.24 79.49 -64.26
N VAL X 108 -42.35 79.99 -65.11
CA VAL X 108 -42.78 80.82 -66.24
C VAL X 108 -43.68 80.03 -67.16
N GLU X 109 -43.31 78.78 -67.45
CA GLU X 109 -44.10 77.96 -68.35
C GLU X 109 -45.56 77.91 -67.90
N HIS X 110 -45.79 77.65 -66.61
CA HIS X 110 -47.14 77.62 -66.10
C HIS X 110 -47.82 78.98 -66.25
N TYR X 111 -47.09 80.06 -65.94
CA TYR X 111 -47.69 81.39 -65.98
C TYR X 111 -48.16 81.74 -67.39
N VAL X 112 -47.35 81.44 -68.40
CA VAL X 112 -47.71 81.81 -69.77
C VAL X 112 -49.00 81.12 -70.19
N LYS X 113 -49.08 79.82 -69.95
CA LYS X 113 -50.27 79.07 -70.34
C LYS X 113 -51.49 79.58 -69.61
N GLN X 114 -51.35 79.89 -68.31
CA GLN X 114 -52.46 80.48 -67.57
C GLN X 114 -52.87 81.81 -68.18
N ILE X 115 -51.89 82.63 -68.57
CA ILE X 115 -52.20 83.89 -69.24
C ILE X 115 -52.86 83.61 -70.58
N THR X 116 -52.34 82.64 -71.34
CA THR X 116 -52.89 82.35 -72.65
C THR X 116 -54.36 81.92 -72.55
N LEU X 117 -54.65 80.96 -71.66
CA LEU X 117 -56.03 80.55 -71.46
C LEU X 117 -56.87 81.72 -70.96
N TRP X 118 -56.32 82.51 -70.03
CA TRP X 118 -57.05 83.68 -69.54
C TRP X 118 -57.34 84.65 -70.67
N GLN X 119 -56.36 84.88 -71.54
CA GLN X 119 -56.59 85.76 -72.69
C GLN X 119 -57.52 85.11 -73.70
N ASP X 120 -57.44 83.78 -73.85
CA ASP X 120 -58.29 83.11 -74.82
C ASP X 120 -59.76 83.21 -74.45
N THR X 121 -60.09 83.03 -73.18
CA THR X 121 -61.48 83.07 -72.76
C THR X 121 -62.07 84.45 -73.03
N PRO X 122 -63.32 84.54 -73.48
CA PRO X 122 -63.92 85.85 -73.73
C PRO X 122 -63.99 86.70 -72.47
N GLN X 123 -63.85 88.02 -72.66
CA GLN X 123 -63.80 88.93 -71.54
C GLN X 123 -65.08 88.91 -70.70
N ALA X 124 -66.19 88.45 -71.28
CA ALA X 124 -67.44 88.42 -70.52
C ALA X 124 -67.33 87.54 -69.29
N PHE X 125 -66.71 86.37 -69.43
CA PHE X 125 -66.53 85.43 -68.33
C PHE X 125 -65.06 85.06 -68.19
N ARG X 126 -64.16 85.98 -68.54
CA ARG X 126 -62.73 85.68 -68.50
C ARG X 126 -62.26 85.39 -67.08
N GLY X 127 -62.70 86.18 -66.12
CA GLY X 127 -62.28 86.02 -64.74
C GLY X 127 -61.10 86.88 -64.38
N ASP X 128 -60.70 86.78 -63.12
CA ASP X 128 -59.59 87.57 -62.62
C ASP X 128 -58.29 87.14 -63.28
N GLN X 129 -57.46 88.12 -63.63
CA GLN X 129 -56.18 87.82 -64.25
C GLN X 129 -55.27 87.13 -63.24
N PRO X 130 -54.63 86.02 -63.61
CA PRO X 130 -53.74 85.34 -62.65
C PRO X 130 -52.52 86.18 -62.31
N LYS X 131 -52.02 85.98 -61.11
CA LYS X 131 -50.86 86.72 -60.62
C LYS X 131 -49.58 85.99 -60.97
N PRO X 132 -48.45 86.70 -61.04
CA PRO X 132 -47.18 86.06 -61.37
C PRO X 132 -46.81 85.00 -60.34
N PRO X 133 -45.94 84.06 -60.69
CA PRO X 133 -45.53 83.03 -59.73
C PRO X 133 -44.67 83.57 -58.61
N SER X 134 -44.21 82.68 -57.74
CA SER X 134 -43.34 83.06 -56.64
C SER X 134 -41.90 83.19 -57.12
N PHE X 135 -41.16 84.09 -56.49
CA PHE X 135 -39.78 84.33 -56.87
C PHE X 135 -38.91 83.11 -56.57
N THR Y 3 -22.77 99.79 -74.04
CA THR Y 3 -22.38 99.89 -72.64
C THR Y 3 -22.71 98.64 -71.83
N PHE Y 4 -23.84 97.99 -72.10
CA PHE Y 4 -24.22 96.82 -71.33
C PHE Y 4 -23.19 95.71 -71.47
N ILE Y 5 -22.71 95.48 -72.69
CA ILE Y 5 -21.72 94.43 -72.91
C ILE Y 5 -20.44 94.75 -72.15
N GLU Y 6 -20.09 96.04 -72.07
CA GLU Y 6 -18.91 96.43 -71.31
C GLU Y 6 -19.05 96.06 -69.84
N LEU Y 7 -20.25 96.23 -69.27
CA LEU Y 7 -20.45 95.87 -67.88
C LEU Y 7 -20.21 94.39 -67.64
N VAL Y 8 -20.65 93.54 -68.58
CA VAL Y 8 -20.41 92.11 -68.46
C VAL Y 8 -18.91 91.83 -68.50
N LYS Y 9 -18.19 92.49 -69.41
CA LYS Y 9 -16.76 92.29 -69.52
C LYS Y 9 -16.02 92.75 -68.27
N ASN Y 10 -16.68 93.52 -67.41
CA ASN Y 10 -16.10 93.98 -66.16
C ASN Y 10 -16.38 93.03 -65.00
N MET Y 11 -17.05 91.91 -65.26
CA MET Y 11 -17.44 90.99 -64.19
C MET Y 11 -16.27 90.09 -63.80
N LYS Y 12 -16.55 89.17 -62.89
CA LYS Y 12 -15.58 88.18 -62.43
C LYS Y 12 -15.98 86.82 -62.97
N GLY Y 13 -15.02 86.11 -63.55
CA GLY Y 13 -15.27 84.81 -64.15
C GLY Y 13 -15.76 84.86 -65.58
N TYR Y 14 -15.98 86.06 -66.14
CA TYR Y 14 -16.41 86.17 -67.52
C TYR Y 14 -15.34 85.65 -68.47
N LYS Y 15 -15.78 84.96 -69.51
CA LYS Y 15 -14.87 84.38 -70.49
C LYS Y 15 -15.44 84.58 -71.88
N GLU Y 16 -14.56 84.92 -72.82
CA GLU Y 16 -14.98 85.17 -74.19
C GLU Y 16 -15.45 83.87 -74.85
N LEU Y 17 -16.50 83.98 -75.68
CA LEU Y 17 -16.99 82.86 -76.45
C LEU Y 17 -17.19 83.18 -77.93
N LEU Y 18 -17.15 84.44 -78.32
CA LEU Y 18 -17.31 84.83 -79.70
C LEU Y 18 -15.95 84.80 -80.41
N LEU Y 19 -15.94 85.21 -81.68
CA LEU Y 19 -14.76 85.17 -82.52
C LEU Y 19 -14.64 86.49 -83.27
N PRO Y 20 -13.46 86.80 -83.79
CA PRO Y 20 -13.30 88.04 -84.56
C PRO Y 20 -14.24 88.07 -85.75
N MET Y 21 -14.68 89.28 -86.09
CA MET Y 21 -15.62 89.44 -87.19
C MET Y 21 -15.08 88.80 -88.47
N GLU Y 22 -13.77 88.87 -88.69
CA GLU Y 22 -13.17 88.28 -89.88
C GLU Y 22 -13.35 86.77 -89.89
N MET Y 23 -13.15 86.12 -88.75
CA MET Y 23 -13.28 84.66 -88.65
C MET Y 23 -14.74 84.28 -88.40
N VAL Y 24 -15.61 84.75 -89.30
CA VAL Y 24 -17.03 84.44 -89.24
C VAL Y 24 -17.50 84.06 -90.64
N PRO Y 25 -18.15 82.92 -90.82
CA PRO Y 25 -18.63 82.55 -92.16
C PRO Y 25 -19.56 83.60 -92.74
N LEU Y 26 -19.83 83.47 -94.03
CA LEU Y 26 -20.72 84.37 -94.72
C LEU Y 26 -22.16 84.12 -94.30
N PRO Y 27 -23.05 85.10 -94.50
CA PRO Y 27 -24.46 84.90 -94.14
C PRO Y 27 -25.13 83.86 -95.01
N ALA Y 28 -26.41 83.59 -94.76
CA ALA Y 28 -27.17 82.63 -95.54
C ALA Y 28 -26.61 81.23 -95.36
N VAL Y 29 -25.39 81.00 -95.86
CA VAL Y 29 -24.80 79.67 -95.77
C VAL Y 29 -24.60 79.27 -94.31
N VAL Y 30 -24.20 80.23 -93.46
CA VAL Y 30 -24.00 79.94 -92.05
C VAL Y 30 -25.30 79.47 -91.42
N LEU Y 31 -26.44 79.94 -91.92
CA LEU Y 31 -27.73 79.52 -91.38
C LEU Y 31 -27.99 78.03 -91.59
N LYS Y 32 -27.25 77.39 -92.49
CA LYS Y 32 -27.50 75.98 -92.77
C LYS Y 32 -27.23 75.12 -91.55
N HIS Y 33 -26.19 75.44 -90.79
CA HIS Y 33 -25.91 74.69 -89.56
C HIS Y 33 -27.10 74.74 -88.60
N VAL Y 34 -27.93 75.77 -88.70
CA VAL Y 34 -29.11 75.85 -87.85
C VAL Y 34 -30.01 74.66 -88.09
N LYS Y 35 -30.28 74.35 -89.35
CA LYS Y 35 -31.15 73.23 -89.70
C LYS Y 35 -30.56 71.92 -89.22
N LEU Y 36 -29.25 71.75 -89.38
CA LEU Y 36 -28.61 70.49 -89.03
C LEU Y 36 -28.58 70.25 -87.53
N ILE Y 37 -28.91 71.27 -86.73
CA ILE Y 37 -28.87 71.14 -85.27
C ILE Y 37 -30.29 71.18 -84.72
N LEU Y 38 -31.19 71.83 -85.45
CA LEU Y 38 -32.60 71.86 -85.06
C LEU Y 38 -33.36 70.66 -85.60
N THR Y 39 -33.30 70.45 -86.92
CA THR Y 39 -34.03 69.33 -87.52
C THR Y 39 -33.51 68.00 -86.99
N SER Y 40 -32.20 67.86 -86.86
CA SER Y 40 -31.59 66.63 -86.34
C SER Y 40 -31.47 66.71 -84.81
N GLN Y 41 -32.62 66.92 -84.17
CA GLN Y 41 -32.64 67.07 -82.72
C GLN Y 41 -34.02 66.69 -82.19
N LYS Y 42 -34.08 66.46 -80.89
CA LYS Y 42 -35.31 66.11 -80.20
C LYS Y 42 -35.16 66.52 -78.75
N GLU Y 43 -36.26 66.45 -78.00
CA GLU Y 43 -36.29 66.87 -76.60
C GLU Y 43 -35.92 68.35 -76.48
N HIS Y 44 -36.79 69.17 -77.06
CA HIS Y 44 -36.62 70.62 -77.09
C HIS Y 44 -36.10 71.14 -75.76
N GLN Y 45 -34.97 71.84 -75.81
CA GLN Y 45 -34.34 72.42 -74.64
C GLN Y 45 -34.41 73.94 -74.71
N PRO Y 46 -34.28 74.62 -73.57
CA PRO Y 46 -34.46 76.08 -73.58
C PRO Y 46 -33.52 76.80 -74.53
N TRP Y 47 -32.27 76.35 -74.63
CA TRP Y 47 -31.30 77.04 -75.48
C TRP Y 47 -31.65 76.91 -76.95
N MET Y 48 -32.38 75.85 -77.33
CA MET Y 48 -32.75 75.68 -78.72
C MET Y 48 -33.64 76.82 -79.20
N THR Y 49 -34.58 77.24 -78.35
CA THR Y 49 -35.45 78.36 -78.73
C THR Y 49 -34.64 79.64 -78.91
N GLU Y 50 -33.65 79.86 -78.07
CA GLU Y 50 -32.82 81.06 -78.19
C GLU Y 50 -32.15 81.11 -79.55
N MET Y 51 -31.59 79.98 -80.00
CA MET Y 51 -30.97 79.93 -81.31
C MET Y 51 -31.99 80.19 -82.41
N ALA Y 52 -33.17 79.59 -82.30
CA ALA Y 52 -34.19 79.75 -83.33
C ALA Y 52 -34.64 81.20 -83.45
N LEU Y 53 -34.85 81.86 -82.31
CA LEU Y 53 -35.32 83.24 -82.32
C LEU Y 53 -34.24 84.24 -82.72
N LYS Y 54 -32.98 83.81 -82.80
CA LYS Y 54 -31.89 84.65 -83.24
C LYS Y 54 -31.57 84.47 -84.71
N ALA Y 55 -31.50 83.22 -85.17
CA ALA Y 55 -31.19 82.98 -86.58
C ALA Y 55 -32.26 83.55 -87.50
N ASP Y 56 -33.52 83.38 -87.13
CA ASP Y 56 -34.62 83.88 -87.96
C ASP Y 56 -34.55 85.40 -88.14
N GLN Y 57 -33.90 86.10 -87.23
CA GLN Y 57 -33.81 87.56 -87.34
C GLN Y 57 -33.03 87.97 -88.59
N CYS Y 58 -31.98 87.23 -88.93
CA CYS Y 58 -31.19 87.57 -90.11
C CYS Y 58 -32.05 87.56 -91.36
N LEU Y 59 -32.94 86.57 -91.48
CA LEU Y 59 -33.84 86.54 -92.63
C LEU Y 59 -34.74 87.77 -92.66
N ILE Y 60 -35.23 88.20 -91.49
CA ILE Y 60 -36.07 89.38 -91.42
C ILE Y 60 -35.30 90.61 -91.91
N HIS Y 61 -34.08 90.79 -91.41
CA HIS Y 61 -33.24 91.88 -91.90
C HIS Y 61 -32.88 91.66 -93.36
N LYS Y 62 -32.57 90.41 -93.72
CA LYS Y 62 -32.25 90.11 -95.12
C LYS Y 62 -33.44 90.35 -96.03
N ALA Y 63 -34.64 90.04 -95.54
CA ALA Y 63 -35.85 90.23 -96.35
C ALA Y 63 -36.05 91.69 -96.74
N THR Y 64 -35.53 92.62 -95.95
CA THR Y 64 -35.69 94.03 -96.27
C THR Y 64 -34.91 94.45 -97.51
N LEU Y 65 -33.93 93.63 -97.92
CA LEU Y 65 -33.15 93.96 -99.11
C LEU Y 65 -34.04 94.10 -100.34
N ASP Y 66 -35.13 93.33 -100.40
CA ASP Y 66 -36.06 93.47 -101.51
C ASP Y 66 -36.65 94.88 -101.56
N PRO Y 78 -27.80 105.82 -94.52
CA PRO Y 78 -27.41 105.22 -93.22
C PRO Y 78 -28.36 104.12 -92.78
N LEU Y 79 -29.65 104.25 -93.07
CA LEU Y 79 -30.61 103.22 -92.68
C LEU Y 79 -30.30 101.91 -93.39
N ILE Y 80 -30.01 101.97 -94.69
CA ILE Y 80 -29.69 100.76 -95.44
C ILE Y 80 -28.33 100.21 -95.01
N GLU Y 81 -27.34 101.08 -94.84
CA GLU Y 81 -26.01 100.63 -94.43
C GLU Y 81 -26.05 100.03 -93.03
N ALA Y 82 -26.79 100.65 -92.11
CA ALA Y 82 -26.78 100.21 -90.72
C ALA Y 82 -27.28 98.78 -90.59
N MET Y 83 -28.34 98.42 -91.32
CA MET Y 83 -28.89 97.08 -91.21
C MET Y 83 -27.87 96.04 -91.62
N GLN Y 84 -27.12 96.30 -92.69
CA GLN Y 84 -26.12 95.33 -93.16
C GLN Y 84 -25.06 95.08 -92.09
N GLN Y 85 -24.66 96.13 -91.37
CA GLN Y 85 -23.66 95.97 -90.33
C GLN Y 85 -24.18 95.07 -89.21
N ILE Y 86 -25.45 95.21 -88.85
CA ILE Y 86 -26.01 94.46 -87.74
C ILE Y 86 -25.97 92.96 -88.03
N ILE Y 87 -26.16 92.57 -89.29
CA ILE Y 87 -26.20 91.16 -89.63
C ILE Y 87 -24.90 90.48 -89.23
N LEU Y 88 -23.77 91.16 -89.43
CA LEU Y 88 -22.49 90.59 -89.06
C LEU Y 88 -22.43 90.32 -87.56
N ALA Y 89 -22.92 91.26 -86.76
CA ALA Y 89 -22.88 91.10 -85.30
C ALA Y 89 -23.73 89.90 -84.87
N MET Y 90 -24.93 89.76 -85.42
CA MET Y 90 -25.77 88.63 -85.08
C MET Y 90 -25.15 87.33 -85.56
N THR Y 91 -24.54 87.33 -86.74
CA THR Y 91 -23.91 86.12 -87.27
C THR Y 91 -22.81 85.65 -86.34
N ARG Y 92 -22.04 86.58 -85.76
CA ARG Y 92 -20.99 86.21 -84.83
C ARG Y 92 -21.56 85.48 -83.63
N GLU Y 93 -22.69 85.96 -83.10
CA GLU Y 93 -23.31 85.31 -81.95
C GLU Y 93 -23.77 83.90 -82.31
N LEU Y 94 -24.30 83.72 -83.52
CA LEU Y 94 -24.80 82.41 -83.91
C LEU Y 94 -23.69 81.37 -83.87
N TRP Y 95 -22.51 81.71 -84.37
CA TRP Y 95 -21.43 80.75 -84.44
C TRP Y 95 -21.01 80.30 -83.05
N GLY Y 96 -20.95 81.23 -82.10
CA GLY Y 96 -20.57 80.86 -80.74
C GLY Y 96 -21.50 79.84 -80.13
N GLN Y 97 -22.80 80.00 -80.35
CA GLN Y 97 -23.76 79.02 -79.85
C GLN Y 97 -23.53 77.66 -80.48
N ILE Y 98 -23.24 77.63 -81.78
CA ILE Y 98 -23.02 76.38 -82.47
C ILE Y 98 -21.82 75.64 -81.87
N GLN Y 99 -20.72 76.36 -81.67
CA GLN Y 99 -19.56 75.76 -81.03
C GLN Y 99 -19.84 75.40 -79.59
N ARG Y 100 -20.69 76.18 -78.90
CA ARG Y 100 -21.09 75.85 -77.55
C ARG Y 100 -21.83 74.53 -77.49
N HIS Y 101 -22.36 74.04 -78.62
CA HIS Y 101 -23.05 72.78 -78.70
C HIS Y 101 -22.19 71.66 -79.28
N HIS Y 102 -21.48 71.93 -80.37
CA HIS Y 102 -20.68 70.92 -81.04
C HIS Y 102 -19.48 70.53 -80.18
N TYR Y 103 -18.59 71.49 -79.90
CA TYR Y 103 -17.38 71.23 -79.13
C TYR Y 103 -17.57 71.56 -77.65
N GLY Y 104 -18.62 71.02 -77.06
CA GLY Y 104 -18.84 71.27 -75.66
C GLY Y 104 -19.10 72.75 -75.40
N ILE Y 105 -19.01 73.11 -74.12
CA ILE Y 105 -19.17 74.50 -73.69
C ILE Y 105 -17.95 74.93 -72.91
N VAL Y 106 -17.24 73.96 -72.32
CA VAL Y 106 -16.04 74.27 -71.55
C VAL Y 106 -14.82 74.34 -72.48
N GLN Y 107 -14.68 73.35 -73.36
CA GLN Y 107 -13.55 73.33 -74.28
C GLN Y 107 -13.59 74.51 -75.26
N VAL Y 108 -14.75 75.11 -75.48
CA VAL Y 108 -14.85 76.23 -76.40
C VAL Y 108 -14.01 77.39 -75.93
N GLU Y 109 -14.07 77.69 -74.63
CA GLU Y 109 -13.32 78.83 -74.10
C GLU Y 109 -11.82 78.64 -74.33
N HIS Y 110 -11.32 77.43 -74.14
CA HIS Y 110 -9.90 77.18 -74.36
C HIS Y 110 -9.51 77.46 -75.81
N TYR Y 111 -10.34 77.03 -76.75
CA TYR Y 111 -10.03 77.25 -78.17
C TYR Y 111 -9.98 78.74 -78.49
N VAL Y 112 -11.01 79.49 -78.08
CA VAL Y 112 -11.03 80.91 -78.37
C VAL Y 112 -9.89 81.63 -77.65
N LYS Y 113 -9.53 81.15 -76.46
CA LYS Y 113 -8.39 81.73 -75.75
C LYS Y 113 -7.13 81.65 -76.61
N GLN Y 114 -6.89 80.50 -77.24
CA GLN Y 114 -5.72 80.35 -78.08
C GLN Y 114 -5.87 81.16 -79.37
N ILE Y 115 -7.09 81.27 -79.89
CA ILE Y 115 -7.31 82.03 -81.12
C ILE Y 115 -6.88 83.48 -80.93
N THR Y 116 -7.24 84.07 -79.79
CA THR Y 116 -6.89 85.45 -79.53
C THR Y 116 -5.38 85.64 -79.51
N LEU Y 117 -4.66 84.74 -78.84
CA LEU Y 117 -3.21 84.84 -78.80
C LEU Y 117 -2.60 84.60 -80.17
N TRP Y 118 -3.12 83.62 -80.92
CA TRP Y 118 -2.54 83.27 -82.20
C TRP Y 118 -2.71 84.37 -83.24
N GLN Y 119 -3.69 85.26 -83.06
CA GLN Y 119 -3.94 86.34 -84.01
C GLN Y 119 -3.38 87.68 -83.55
N ASP Y 120 -3.44 87.96 -82.24
CA ASP Y 120 -2.97 89.24 -81.75
C ASP Y 120 -1.47 89.40 -81.96
N THR Y 121 -0.70 88.34 -81.78
CA THR Y 121 0.73 88.42 -81.99
C THR Y 121 1.02 88.68 -83.48
N PRO Y 122 2.15 89.31 -83.79
CA PRO Y 122 2.45 89.59 -85.19
C PRO Y 122 2.59 88.30 -86.00
N GLN Y 123 2.28 88.41 -87.29
CA GLN Y 123 2.27 87.24 -88.16
C GLN Y 123 3.64 86.56 -88.22
N ALA Y 124 4.72 87.27 -87.89
CA ALA Y 124 6.05 86.69 -87.93
C ALA Y 124 6.31 85.74 -86.76
N PHE Y 125 5.42 85.70 -85.77
CA PHE Y 125 5.61 84.87 -84.59
C PHE Y 125 4.49 83.87 -84.36
N ARG Y 126 3.39 83.95 -85.09
CA ARG Y 126 2.24 83.09 -84.82
C ARG Y 126 2.61 81.62 -84.92
N GLY Y 127 3.02 81.18 -86.11
CA GLY Y 127 3.35 79.78 -86.33
C GLY Y 127 2.28 79.06 -87.12
N ASP Y 128 1.52 78.19 -86.45
CA ASP Y 128 0.47 77.41 -87.07
C ASP Y 128 -0.84 77.61 -86.32
N GLN Y 129 -1.94 77.65 -87.06
CA GLN Y 129 -3.24 77.82 -86.43
C GLN Y 129 -3.53 76.64 -85.51
N PRO Y 130 -4.03 76.88 -84.30
CA PRO Y 130 -4.39 75.77 -83.41
C PRO Y 130 -5.73 75.16 -83.81
N LYS Y 131 -5.72 73.89 -84.17
CA LYS Y 131 -6.94 73.23 -84.62
C LYS Y 131 -7.96 73.17 -83.49
N PRO Y 132 -9.22 73.48 -83.75
CA PRO Y 132 -10.22 73.40 -82.69
C PRO Y 132 -10.44 71.96 -82.26
N PRO Y 133 -10.85 71.73 -81.01
CA PRO Y 133 -11.10 70.36 -80.57
C PRO Y 133 -12.25 69.73 -81.33
N SER Y 134 -12.18 68.41 -81.48
CA SER Y 134 -13.20 67.68 -82.21
C SER Y 134 -14.46 67.56 -81.38
N PHE Y 135 -15.45 66.82 -81.90
CA PHE Y 135 -16.74 66.64 -81.25
C PHE Y 135 -16.56 65.67 -80.08
N THR Z 3 20.15 102.76 -63.67
CA THR Z 3 21.22 102.22 -62.85
C THR Z 3 20.73 101.12 -61.92
N PHE Z 4 19.45 101.12 -61.57
CA PHE Z 4 18.91 100.06 -60.73
C PHE Z 4 19.05 98.71 -61.41
N ILE Z 5 18.80 98.64 -62.71
CA ILE Z 5 18.94 97.38 -63.43
C ILE Z 5 20.36 96.87 -63.29
N GLU Z 6 21.34 97.77 -63.35
CA GLU Z 6 22.72 97.37 -63.12
C GLU Z 6 22.90 96.80 -61.72
N LEU Z 7 22.25 97.40 -60.73
CA LEU Z 7 22.35 96.89 -59.36
C LEU Z 7 21.77 95.49 -59.26
N VAL Z 8 20.86 95.13 -60.16
CA VAL Z 8 20.29 93.78 -60.18
C VAL Z 8 20.89 92.91 -61.27
N LYS Z 9 21.49 93.51 -62.30
CA LYS Z 9 22.09 92.72 -63.37
C LYS Z 9 23.13 91.75 -62.84
N ASN Z 10 23.76 92.07 -61.71
CA ASN Z 10 24.73 91.18 -61.10
C ASN Z 10 24.08 90.12 -60.22
N MET Z 11 22.80 90.25 -59.90
CA MET Z 11 22.12 89.27 -59.07
C MET Z 11 22.04 87.93 -59.79
N LYS Z 12 22.08 86.85 -59.00
CA LYS Z 12 22.05 85.51 -59.58
C LYS Z 12 20.74 85.25 -60.31
N GLY Z 13 19.62 85.68 -59.72
CA GLY Z 13 18.31 85.39 -60.29
C GLY Z 13 17.82 86.44 -61.26
N TYR Z 14 18.66 87.41 -61.59
CA TYR Z 14 18.28 88.45 -62.52
C TYR Z 14 18.01 87.87 -63.90
N LYS Z 15 16.98 88.39 -64.57
CA LYS Z 15 16.56 87.90 -65.87
C LYS Z 15 16.20 89.09 -66.75
N GLU Z 16 16.33 88.89 -68.07
CA GLU Z 16 15.96 89.89 -69.05
C GLU Z 16 14.48 89.72 -69.39
N LEU Z 17 13.64 90.22 -68.48
CA LEU Z 17 12.19 90.13 -68.67
C LEU Z 17 11.71 90.98 -69.84
N LEU Z 18 12.52 91.95 -70.28
CA LEU Z 18 12.12 92.83 -71.37
C LEU Z 18 12.24 92.06 -72.68
N LEU Z 19 11.11 91.59 -73.20
CA LEU Z 19 11.10 90.81 -74.42
C LEU Z 19 11.35 91.70 -75.63
N PRO Z 20 11.71 91.11 -76.77
CA PRO Z 20 11.99 91.94 -77.95
C PRO Z 20 10.80 92.81 -78.33
N MET Z 21 11.10 94.01 -78.81
CA MET Z 21 10.05 94.94 -79.20
C MET Z 21 9.18 94.36 -80.31
N GLU Z 22 9.81 93.73 -81.31
CA GLU Z 22 9.05 93.14 -82.40
C GLU Z 22 8.13 92.04 -81.90
N MET Z 23 8.52 91.35 -80.81
CA MET Z 23 7.74 90.23 -80.33
C MET Z 23 6.36 90.69 -79.84
N VAL Z 24 6.30 91.80 -79.11
CA VAL Z 24 5.06 92.25 -78.50
C VAL Z 24 4.19 92.96 -79.54
N PRO Z 25 2.87 92.97 -79.37
CA PRO Z 25 2.01 93.69 -80.32
C PRO Z 25 1.89 95.18 -79.97
N LEU Z 26 1.02 95.89 -80.67
CA LEU Z 26 0.83 97.30 -80.42
C LEU Z 26 0.19 97.52 -79.04
N PRO Z 27 0.35 98.71 -78.47
CA PRO Z 27 -0.16 98.93 -77.11
C PRO Z 27 -1.65 98.68 -76.97
N ALA Z 28 -2.44 99.02 -77.99
CA ALA Z 28 -3.89 98.89 -77.86
C ALA Z 28 -4.30 97.44 -77.67
N VAL Z 29 -3.67 96.51 -78.39
CA VAL Z 29 -4.06 95.11 -78.29
C VAL Z 29 -3.72 94.56 -76.92
N VAL Z 30 -2.58 94.98 -76.35
CA VAL Z 30 -2.17 94.44 -75.06
C VAL Z 30 -3.21 94.76 -74.00
N LEU Z 31 -3.74 95.99 -74.00
CA LEU Z 31 -4.75 96.37 -73.02
C LEU Z 31 -5.94 95.41 -73.04
N LYS Z 32 -6.26 94.85 -74.21
CA LYS Z 32 -7.36 93.91 -74.30
C LYS Z 32 -7.12 92.69 -73.42
N HIS Z 33 -5.89 92.14 -73.46
CA HIS Z 33 -5.59 90.95 -72.68
C HIS Z 33 -5.57 91.24 -71.18
N VAL Z 34 -5.26 92.47 -70.80
CA VAL Z 34 -5.23 92.81 -69.37
C VAL Z 34 -6.62 92.64 -68.76
N LYS Z 35 -7.65 93.13 -69.46
CA LYS Z 35 -9.01 92.92 -69.00
C LYS Z 35 -9.36 91.44 -68.96
N LEU Z 36 -8.98 90.70 -70.00
CA LEU Z 36 -9.33 89.28 -70.07
C LEU Z 36 -8.62 88.49 -68.99
N ILE Z 37 -7.33 88.75 -68.77
CA ILE Z 37 -6.58 87.98 -67.77
C ILE Z 37 -7.05 88.35 -66.37
N LEU Z 38 -7.23 89.65 -66.10
CA LEU Z 38 -7.72 90.06 -64.79
C LEU Z 38 -9.13 89.53 -64.54
N THR Z 39 -10.00 89.61 -65.55
CA THR Z 39 -11.35 89.11 -65.39
C THR Z 39 -11.37 87.61 -65.14
N SER Z 40 -10.57 86.86 -65.92
CA SER Z 40 -10.55 85.41 -65.76
C SER Z 40 -10.03 85.01 -64.38
N GLN Z 41 -8.97 85.66 -63.92
CA GLN Z 41 -8.38 85.31 -62.64
C GLN Z 41 -9.33 85.67 -61.50
N LYS Z 42 -9.37 84.82 -60.48
CA LYS Z 42 -10.28 84.99 -59.36
C LYS Z 42 -9.55 85.27 -58.04
N GLU Z 43 -8.57 84.45 -57.67
CA GLU Z 43 -7.87 84.65 -56.42
C GLU Z 43 -7.16 85.99 -56.41
N HIS Z 44 -7.22 86.69 -55.28
CA HIS Z 44 -6.62 88.01 -55.16
C HIS Z 44 -5.20 87.88 -54.65
N GLN Z 45 -4.26 88.39 -55.44
CA GLN Z 45 -2.86 88.47 -55.07
C GLN Z 45 -2.34 89.86 -55.41
N PRO Z 46 -1.24 90.29 -54.79
CA PRO Z 46 -0.75 91.65 -55.03
C PRO Z 46 -0.36 91.92 -56.47
N TRP Z 47 0.00 90.90 -57.24
CA TRP Z 47 0.47 91.15 -58.60
C TRP Z 47 -0.65 91.73 -59.47
N MET Z 48 -1.87 91.19 -59.36
CA MET Z 48 -2.96 91.74 -60.16
C MET Z 48 -3.28 93.17 -59.73
N THR Z 49 -3.23 93.45 -58.43
CA THR Z 49 -3.45 94.81 -57.96
C THR Z 49 -2.42 95.76 -58.54
N GLU Z 50 -1.15 95.35 -58.53
CA GLU Z 50 -0.10 96.17 -59.12
C GLU Z 50 -0.10 96.10 -60.63
N MET Z 51 -0.55 94.97 -61.20
CA MET Z 51 -0.59 94.83 -62.65
C MET Z 51 -1.52 95.86 -63.28
N ALA Z 52 -2.69 96.07 -62.66
CA ALA Z 52 -3.63 97.07 -63.18
C ALA Z 52 -3.03 98.47 -63.15
N LEU Z 53 -2.35 98.81 -62.05
CA LEU Z 53 -1.78 100.14 -61.91
C LEU Z 53 -0.74 100.40 -62.99
N LYS Z 54 0.10 99.41 -63.27
CA LYS Z 54 1.14 99.58 -64.30
C LYS Z 54 0.53 99.83 -65.66
N ALA Z 55 -0.56 99.12 -65.99
CA ALA Z 55 -1.20 99.31 -67.28
C ALA Z 55 -1.99 100.60 -67.33
N ASP Z 56 -2.45 101.09 -66.17
CA ASP Z 56 -3.27 102.30 -66.16
C ASP Z 56 -2.50 103.50 -66.71
N GLN Z 57 -1.21 103.60 -66.37
CA GLN Z 57 -0.42 104.75 -66.79
C GLN Z 57 -0.46 104.92 -68.30
N CYS Z 58 -0.45 103.80 -69.04
CA CYS Z 58 -0.47 103.88 -70.50
C CYS Z 58 -1.71 104.60 -71.01
N LEU Z 59 -2.84 104.43 -70.32
CA LEU Z 59 -4.07 105.08 -70.76
C LEU Z 59 -3.95 106.59 -70.69
N ILE Z 60 -3.32 107.11 -69.63
CA ILE Z 60 -3.19 108.56 -69.49
C ILE Z 60 -2.37 109.12 -70.63
N HIS Z 61 -1.27 108.43 -70.99
CA HIS Z 61 -0.43 108.91 -72.08
C HIS Z 61 -1.19 108.94 -73.40
N LYS Z 62 -2.12 108.00 -73.60
CA LYS Z 62 -2.92 107.99 -74.81
C LYS Z 62 -3.68 109.30 -74.97
N ALA Z 63 -4.37 109.74 -73.91
CA ALA Z 63 -5.11 110.99 -73.97
C ALA Z 63 -4.18 112.20 -73.85
N THR Z 64 -3.09 112.08 -73.09
CA THR Z 64 -2.18 113.21 -72.94
C THR Z 64 -1.64 113.64 -74.29
N LEU Z 65 -1.15 112.70 -75.10
CA LEU Z 65 -0.67 113.04 -76.43
C LEU Z 65 -1.81 113.32 -77.39
N PRO Z 78 11.72 116.59 -78.71
CA PRO Z 78 12.31 115.54 -77.86
C PRO Z 78 11.37 115.04 -76.78
N LEU Z 79 10.54 115.94 -76.22
CA LEU Z 79 9.63 115.54 -75.16
C LEU Z 79 8.58 114.57 -75.68
N ILE Z 80 7.91 114.93 -76.78
CA ILE Z 80 6.86 114.08 -77.33
C ILE Z 80 7.44 112.75 -77.80
N GLU Z 81 8.58 112.79 -78.49
CA GLU Z 81 9.16 111.57 -79.02
C GLU Z 81 9.52 110.59 -77.91
N ALA Z 82 10.06 111.10 -76.80
CA ALA Z 82 10.42 110.23 -75.69
C ALA Z 82 9.20 109.52 -75.14
N MET Z 83 8.07 110.21 -75.02
CA MET Z 83 6.87 109.58 -74.49
C MET Z 83 6.44 108.41 -75.35
N GLN Z 84 6.56 108.54 -76.67
CA GLN Z 84 6.19 107.45 -77.56
C GLN Z 84 7.02 106.19 -77.25
N GLN Z 85 8.32 106.37 -77.02
CA GLN Z 85 9.15 105.23 -76.65
C GLN Z 85 8.82 104.73 -75.25
N ILE Z 86 8.44 105.63 -74.36
CA ILE Z 86 8.11 105.23 -72.99
C ILE Z 86 6.91 104.30 -72.99
N ILE Z 87 5.89 104.62 -73.79
CA ILE Z 87 4.70 103.77 -73.84
C ILE Z 87 5.08 102.36 -74.28
N LEU Z 88 5.93 102.25 -75.30
CA LEU Z 88 6.36 100.94 -75.75
C LEU Z 88 7.17 100.22 -74.69
N ALA Z 89 7.88 100.97 -73.83
CA ALA Z 89 8.65 100.35 -72.76
C ALA Z 89 7.75 99.59 -71.81
N MET Z 90 6.61 100.18 -71.44
CA MET Z 90 5.71 99.52 -70.52
C MET Z 90 5.02 98.33 -71.17
N THR Z 91 4.77 98.40 -72.48
CA THR Z 91 4.11 97.29 -73.16
C THR Z 91 4.93 96.02 -73.06
N ARG Z 92 6.25 96.13 -73.24
CA ARG Z 92 7.10 94.95 -73.11
C ARG Z 92 7.03 94.37 -71.71
N GLU Z 93 7.04 95.24 -70.70
CA GLU Z 93 6.93 94.77 -69.32
C GLU Z 93 5.59 94.10 -69.07
N LEU Z 94 4.51 94.69 -69.59
CA LEU Z 94 3.19 94.11 -69.36
C LEU Z 94 3.05 92.75 -70.02
N TRP Z 95 3.53 92.62 -71.25
CA TRP Z 95 3.39 91.34 -71.96
C TRP Z 95 4.12 90.22 -71.24
N GLY Z 96 5.19 90.54 -70.51
CA GLY Z 96 5.90 89.51 -69.78
C GLY Z 96 5.04 88.86 -68.72
N GLN Z 97 4.33 89.68 -67.93
CA GLN Z 97 3.45 89.13 -66.91
C GLN Z 97 2.31 88.34 -67.55
N ILE Z 98 1.82 88.80 -68.70
CA ILE Z 98 0.75 88.08 -69.39
C ILE Z 98 1.21 86.68 -69.76
N GLN Z 99 2.37 86.57 -70.40
CA GLN Z 99 2.86 85.27 -70.83
C GLN Z 99 3.26 84.40 -69.64
N ARG Z 100 3.93 85.00 -68.64
CA ARG Z 100 4.35 84.22 -67.49
C ARG Z 100 3.14 83.68 -66.72
N HIS Z 101 2.10 84.49 -66.58
CA HIS Z 101 0.91 84.03 -65.86
C HIS Z 101 0.21 82.93 -66.62
N HIS Z 102 0.04 83.07 -67.94
CA HIS Z 102 -0.66 82.08 -68.72
C HIS Z 102 0.11 80.76 -68.75
N TYR Z 103 1.39 80.81 -69.11
CA TYR Z 103 2.21 79.61 -69.23
C TYR Z 103 3.02 79.35 -67.95
N GLY Z 104 3.88 80.29 -67.59
CA GLY Z 104 4.74 80.14 -66.45
C GLY Z 104 5.99 80.98 -66.59
N ILE Z 105 6.63 81.23 -65.45
CA ILE Z 105 7.80 82.10 -65.43
C ILE Z 105 8.95 81.44 -66.19
N VAL Z 106 9.17 80.14 -65.94
CA VAL Z 106 10.31 79.46 -66.56
C VAL Z 106 10.09 79.32 -68.06
N GLN Z 107 8.86 79.02 -68.48
CA GLN Z 107 8.61 78.76 -69.89
C GLN Z 107 8.92 79.99 -70.74
N VAL Z 108 8.51 81.17 -70.28
CA VAL Z 108 8.79 82.39 -71.03
C VAL Z 108 10.30 82.60 -71.14
N GLU Z 109 11.00 82.48 -70.02
CA GLU Z 109 12.45 82.60 -70.05
C GLU Z 109 13.08 81.52 -70.93
N HIS Z 110 12.47 80.33 -70.97
CA HIS Z 110 12.98 79.25 -71.77
C HIS Z 110 12.67 79.44 -73.25
N TYR Z 111 11.49 79.98 -73.57
CA TYR Z 111 11.04 80.07 -74.95
C TYR Z 111 11.47 81.34 -75.65
N VAL Z 112 11.69 82.43 -74.91
CA VAL Z 112 12.01 83.70 -75.54
C VAL Z 112 13.30 83.60 -76.33
N LYS Z 113 14.31 82.94 -75.76
CA LYS Z 113 15.60 82.86 -76.44
C LYS Z 113 15.51 82.07 -77.72
N GLN Z 114 14.68 81.02 -77.74
CA GLN Z 114 14.63 80.15 -78.92
C GLN Z 114 14.22 80.92 -80.16
N ILE Z 115 13.19 81.76 -80.05
CA ILE Z 115 12.72 82.49 -81.22
C ILE Z 115 13.75 83.51 -81.66
N THR Z 116 14.47 84.12 -80.71
CA THR Z 116 15.50 85.09 -81.07
C THR Z 116 16.59 84.44 -81.91
N LEU Z 117 16.99 83.22 -81.53
CA LEU Z 117 18.00 82.50 -82.30
C LEU Z 117 17.51 82.22 -83.72
N TRP Z 118 16.25 81.81 -83.86
CA TRP Z 118 15.72 81.51 -85.19
C TRP Z 118 15.78 82.72 -86.10
N GLN Z 119 15.76 83.93 -85.53
CA GLN Z 119 15.85 85.14 -86.34
C GLN Z 119 17.30 85.47 -86.66
N ASP Z 120 18.16 85.50 -85.65
CA ASP Z 120 19.57 85.85 -85.83
C ASP Z 120 20.29 84.64 -86.41
N THR Z 121 20.05 84.42 -87.70
CA THR Z 121 20.64 83.30 -88.43
C THR Z 121 20.61 83.65 -89.92
N PRO Z 122 21.56 83.13 -90.72
CA PRO Z 122 21.59 83.52 -92.13
C PRO Z 122 20.41 82.97 -92.93
N GLN Z 123 19.23 83.55 -92.71
CA GLN Z 123 18.02 83.27 -93.48
C GLN Z 123 17.88 81.80 -93.87
N ALA Z 124 18.74 81.31 -94.75
CA ALA Z 124 18.54 79.98 -95.32
C ALA Z 124 18.45 78.91 -94.24
N PHE Z 125 19.45 78.87 -93.36
CA PHE Z 125 19.45 77.91 -92.26
C PHE Z 125 18.84 78.51 -91.00
N ARG Z 126 17.66 79.11 -91.13
CA ARG Z 126 17.02 79.73 -89.98
C ARG Z 126 16.58 78.69 -88.95
N GLY Z 127 16.08 77.55 -89.42
CA GLY Z 127 15.62 76.51 -88.53
C GLY Z 127 14.38 75.82 -89.04
N ASP Z 128 13.38 75.65 -88.18
CA ASP Z 128 12.14 74.99 -88.56
C ASP Z 128 10.93 75.72 -87.98
N GLN Z 129 11.01 77.04 -87.84
CA GLN Z 129 9.91 77.83 -87.32
C GLN Z 129 9.51 77.28 -85.95
N PRO Z 130 10.32 77.50 -84.92
CA PRO Z 130 10.05 76.86 -83.62
C PRO Z 130 8.65 77.15 -83.13
N LYS Z 131 7.99 76.10 -82.64
CA LYS Z 131 6.61 76.21 -82.20
C LYS Z 131 6.53 77.01 -80.89
N PRO Z 132 5.46 77.78 -80.69
CA PRO Z 132 5.27 78.46 -79.41
C PRO Z 132 4.95 77.47 -78.32
N PRO Z 133 5.14 77.85 -77.06
CA PRO Z 133 4.95 76.89 -75.96
C PRO Z 133 3.51 76.39 -75.92
N THR AA 3 13.16 -39.86 -120.84
CA THR AA 3 12.18 -40.67 -120.12
C THR AA 3 12.15 -40.32 -118.64
N PHE AA 4 13.31 -40.10 -118.03
CA PHE AA 4 13.36 -39.84 -116.60
C PHE AA 4 12.62 -38.56 -116.24
N ILE AA 5 12.81 -37.49 -117.04
CA ILE AA 5 12.18 -36.23 -116.73
C ILE AA 5 10.66 -36.38 -116.73
N GLU AA 6 10.14 -37.19 -117.65
CA GLU AA 6 8.71 -37.47 -117.65
C GLU AA 6 8.26 -38.08 -116.33
N LEU AA 7 9.07 -38.99 -115.78
CA LEU AA 7 8.73 -39.61 -114.51
C LEU AA 7 8.70 -38.58 -113.39
N VAL AA 8 9.66 -37.66 -113.37
CA VAL AA 8 9.73 -36.67 -112.31
C VAL AA 8 8.55 -35.71 -112.39
N LYS AA 9 8.17 -35.32 -113.62
CA LYS AA 9 7.04 -34.42 -113.77
C LYS AA 9 5.78 -35.01 -113.15
N ASN AA 10 5.70 -36.34 -113.07
CA ASN AA 10 4.59 -37.01 -112.42
C ASN AA 10 4.83 -37.10 -110.91
N MET AA 11 5.01 -35.93 -110.30
CA MET AA 11 5.29 -35.83 -108.87
C MET AA 11 4.58 -34.61 -108.31
N LYS AA 12 4.42 -34.62 -106.99
CA LYS AA 12 3.66 -33.59 -106.29
C LYS AA 12 4.59 -32.49 -105.80
N GLY AA 13 4.14 -31.24 -105.94
CA GLY AA 13 4.96 -30.10 -105.62
C GLY AA 13 5.93 -29.71 -106.70
N TYR AA 14 5.77 -30.22 -107.92
CA TYR AA 14 6.68 -29.94 -109.02
C TYR AA 14 6.37 -28.56 -109.59
N LYS AA 15 7.32 -27.64 -109.45
CA LYS AA 15 7.21 -26.29 -110.01
C LYS AA 15 8.23 -26.16 -111.13
N GLU AA 16 7.75 -25.86 -112.33
CA GLU AA 16 8.65 -25.75 -113.47
C GLU AA 16 9.52 -24.51 -113.33
N LEU AA 17 10.76 -24.62 -113.84
CA LEU AA 17 11.72 -23.53 -113.73
C LEU AA 17 12.50 -23.29 -115.02
N LEU AA 18 12.09 -23.89 -116.13
CA LEU AA 18 12.80 -23.77 -117.40
C LEU AA 18 11.92 -23.03 -118.41
N LEU AA 19 12.49 -22.03 -119.06
CA LEU AA 19 11.78 -21.27 -120.07
C LEU AA 19 11.80 -21.98 -121.41
N PRO AA 20 10.94 -21.59 -122.34
CA PRO AA 20 10.96 -22.18 -123.68
C PRO AA 20 12.31 -21.95 -124.36
N MET AA 21 12.69 -22.91 -125.20
CA MET AA 21 13.96 -22.80 -125.91
C MET AA 21 14.02 -21.55 -126.76
N GLU AA 22 12.88 -21.03 -127.19
CA GLU AA 22 12.84 -19.86 -128.06
C GLU AA 22 13.07 -18.55 -127.31
N MET AA 23 13.07 -18.58 -125.98
CA MET AA 23 13.24 -17.37 -125.19
C MET AA 23 14.58 -17.27 -124.48
N VAL AA 24 15.26 -18.38 -124.24
CA VAL AA 24 16.53 -18.36 -123.52
C VAL AA 24 17.57 -17.65 -124.39
N PRO AA 25 18.56 -17.00 -123.80
CA PRO AA 25 19.57 -16.31 -124.61
C PRO AA 25 20.39 -17.29 -125.43
N LEU AA 26 21.21 -16.73 -126.31
CA LEU AA 26 22.16 -17.54 -127.05
C LEU AA 26 23.21 -18.10 -126.10
N PRO AA 27 23.81 -19.24 -126.43
CA PRO AA 27 24.78 -19.84 -125.51
C PRO AA 27 25.93 -18.93 -125.16
N ALA AA 28 26.38 -18.10 -126.11
CA ALA AA 28 27.48 -17.19 -125.83
C ALA AA 28 27.09 -16.18 -124.75
N VAL AA 29 25.86 -15.68 -124.80
CA VAL AA 29 25.44 -14.68 -123.82
C VAL AA 29 25.38 -15.28 -122.42
N VAL AA 30 24.95 -16.54 -122.31
CA VAL AA 30 24.76 -17.13 -121.00
C VAL AA 30 26.09 -17.19 -120.25
N LEU AA 31 27.16 -17.58 -120.94
CA LEU AA 31 28.46 -17.70 -120.31
C LEU AA 31 28.89 -16.38 -119.67
N LYS AA 32 28.45 -15.26 -120.22
CA LYS AA 32 28.84 -13.96 -119.67
C LYS AA 32 28.33 -13.80 -118.25
N HIS AA 33 27.09 -14.19 -117.98
CA HIS AA 33 26.56 -14.08 -116.63
C HIS AA 33 27.23 -15.07 -115.69
N VAL AA 34 27.72 -16.19 -116.22
CA VAL AA 34 28.36 -17.18 -115.37
C VAL AA 34 29.60 -16.59 -114.70
N LYS AA 35 30.41 -15.86 -115.48
CA LYS AA 35 31.63 -15.28 -114.93
C LYS AA 35 31.29 -14.26 -113.85
N LEU AA 36 30.30 -13.41 -114.09
CA LEU AA 36 29.93 -12.42 -113.10
C LEU AA 36 29.37 -13.08 -111.84
N ILE AA 37 28.43 -14.01 -112.00
CA ILE AA 37 27.80 -14.64 -110.85
C ILE AA 37 28.83 -15.45 -110.07
N LEU AA 38 29.65 -16.24 -110.76
CA LEU AA 38 30.69 -17.00 -110.09
C LEU AA 38 31.69 -16.09 -109.41
N THR AA 39 32.24 -15.14 -110.16
CA THR AA 39 33.33 -14.31 -109.63
C THR AA 39 32.81 -13.31 -108.60
N SER AA 40 31.68 -12.65 -108.90
CA SER AA 40 31.09 -11.67 -108.00
C SER AA 40 30.25 -12.39 -106.95
N GLN AA 41 30.93 -13.21 -106.16
CA GLN AA 41 30.26 -13.96 -105.10
C GLN AA 41 31.23 -14.12 -103.93
N LYS AA 42 30.66 -14.23 -102.74
CA LYS AA 42 31.42 -14.40 -101.50
C LYS AA 42 30.84 -15.57 -100.74
N GLU AA 43 31.70 -16.25 -99.98
CA GLU AA 43 31.30 -17.42 -99.19
C GLU AA 43 30.73 -18.50 -100.10
N HIS AA 44 31.61 -19.01 -100.98
CA HIS AA 44 31.25 -20.00 -101.97
C HIS AA 44 30.28 -21.04 -101.40
N GLN AA 45 29.25 -21.34 -102.17
CA GLN AA 45 28.18 -22.25 -101.79
C GLN AA 45 28.15 -23.45 -102.73
N PRO AA 46 27.56 -24.57 -102.30
CA PRO AA 46 27.62 -25.79 -103.13
C PRO AA 46 27.06 -25.59 -104.52
N TRP AA 47 25.98 -24.82 -104.67
CA TRP AA 47 25.37 -24.67 -105.99
C TRP AA 47 26.29 -23.96 -106.98
N MET AA 48 27.27 -23.20 -106.50
CA MET AA 48 28.21 -22.56 -107.40
C MET AA 48 29.01 -23.59 -108.19
N THR AA 49 29.43 -24.67 -107.52
CA THR AA 49 30.20 -25.70 -108.20
C THR AA 49 29.38 -26.34 -109.31
N GLU AA 50 28.09 -26.59 -109.05
CA GLU AA 50 27.26 -27.23 -110.06
C GLU AA 50 27.17 -26.37 -111.31
N MET AA 51 27.04 -25.05 -111.14
CA MET AA 51 26.92 -24.18 -112.30
C MET AA 51 28.16 -24.26 -113.18
N ALA AA 52 29.34 -24.25 -112.58
CA ALA AA 52 30.57 -24.26 -113.36
C ALA AA 52 30.72 -25.56 -114.14
N LEU AA 53 30.39 -26.69 -113.51
CA LEU AA 53 30.56 -27.98 -114.17
C LEU AA 53 29.73 -28.07 -115.44
N LYS AA 54 28.47 -27.62 -115.38
CA LYS AA 54 27.63 -27.66 -116.58
C LYS AA 54 28.14 -26.70 -117.64
N ALA AA 55 28.68 -25.55 -117.22
CA ALA AA 55 29.11 -24.55 -118.18
C ALA AA 55 30.18 -25.09 -119.12
N ASP AA 56 31.17 -25.80 -118.57
CA ASP AA 56 32.26 -26.31 -119.40
C ASP AA 56 31.75 -27.32 -120.41
N GLN AA 57 30.65 -28.01 -120.10
CA GLN AA 57 30.11 -28.99 -121.03
C GLN AA 57 29.68 -28.34 -122.34
N CYS AA 58 29.02 -27.19 -122.25
CA CYS AA 58 28.61 -26.49 -123.46
C CYS AA 58 29.82 -26.09 -124.30
N LEU AA 59 30.89 -25.64 -123.65
CA LEU AA 59 32.11 -25.30 -124.38
C LEU AA 59 32.69 -26.52 -125.06
N ILE AA 60 32.68 -27.67 -124.37
CA ILE AA 60 33.22 -28.89 -124.96
C ILE AA 60 32.44 -29.25 -126.22
N HIS AA 61 31.11 -29.25 -126.13
CA HIS AA 61 30.30 -29.51 -127.30
C HIS AA 61 30.48 -28.43 -128.35
N LYS AA 62 30.56 -27.16 -127.90
CA LYS AA 62 30.76 -26.07 -128.84
C LYS AA 62 32.10 -26.20 -129.56
N ALA AA 63 33.15 -26.58 -128.83
CA ALA AA 63 34.46 -26.78 -129.43
C ALA AA 63 34.52 -28.04 -130.30
N THR AA 64 33.49 -28.88 -130.26
CA THR AA 64 33.48 -30.11 -131.05
C THR AA 64 32.97 -29.91 -132.46
N LEU AA 65 32.14 -28.89 -132.69
CA LEU AA 65 31.58 -28.68 -134.03
C LEU AA 65 32.65 -28.35 -135.05
N ASP AA 66 33.66 -27.57 -134.65
CA ASP AA 66 34.73 -27.22 -135.58
C ASP AA 66 35.40 -28.45 -136.15
N PRO AA 78 23.47 -36.98 -139.35
CA PRO AA 78 22.86 -36.91 -138.01
C PRO AA 78 23.87 -36.76 -136.89
N LEU AA 79 24.90 -37.61 -136.86
CA LEU AA 79 25.81 -37.62 -135.73
C LEU AA 79 26.51 -36.27 -135.57
N ILE AA 80 26.98 -35.69 -136.68
CA ILE AA 80 27.66 -34.40 -136.60
C ILE AA 80 26.71 -33.32 -136.09
N GLU AA 81 25.48 -33.30 -136.62
CA GLU AA 81 24.51 -32.31 -136.22
C GLU AA 81 23.75 -32.68 -134.96
N ALA AA 82 23.83 -33.94 -134.51
CA ALA AA 82 23.08 -34.35 -133.33
C ALA AA 82 23.56 -33.62 -132.09
N MET AA 83 24.87 -33.45 -131.93
CA MET AA 83 25.39 -32.79 -130.73
C MET AA 83 24.89 -31.36 -130.62
N GLN AA 84 24.61 -30.71 -131.75
CA GLN AA 84 24.13 -29.33 -131.70
C GLN AA 84 22.81 -29.21 -130.94
N GLN AA 85 22.00 -30.27 -130.97
CA GLN AA 85 20.72 -30.23 -130.26
C GLN AA 85 20.94 -30.11 -128.76
N ILE AA 86 21.92 -30.81 -128.22
CA ILE AA 86 22.16 -30.77 -126.78
C ILE AA 86 22.65 -29.39 -126.35
N ILE AA 87 23.44 -28.74 -127.21
CA ILE AA 87 23.99 -27.43 -126.85
C ILE AA 87 22.86 -26.46 -126.51
N LEU AA 88 21.85 -26.39 -127.38
CA LEU AA 88 20.72 -25.52 -127.09
C LEU AA 88 20.00 -25.94 -125.82
N ALA AA 89 19.81 -27.25 -125.63
CA ALA AA 89 19.15 -27.73 -124.43
C ALA AA 89 19.94 -27.40 -123.18
N MET AA 90 21.26 -27.54 -123.24
CA MET AA 90 22.08 -27.31 -122.05
C MET AA 90 21.89 -25.89 -121.54
N THR AA 91 21.71 -24.92 -122.44
CA THR AA 91 21.48 -23.55 -122.01
C THR AA 91 20.20 -23.42 -121.21
N ARG AA 92 19.15 -24.11 -121.65
CA ARG AA 92 17.85 -23.99 -120.99
C ARG AA 92 17.94 -24.38 -119.52
N GLU AA 93 18.61 -25.51 -119.23
CA GLU AA 93 18.83 -25.88 -117.84
C GLU AA 93 19.80 -24.93 -117.16
N LEU AA 94 20.84 -24.50 -117.88
CA LEU AA 94 21.83 -23.61 -117.30
C LEU AA 94 21.22 -22.25 -116.96
N TRP AA 95 20.39 -21.71 -117.86
CA TRP AA 95 19.79 -20.41 -117.62
C TRP AA 95 18.85 -20.44 -116.42
N GLY AA 96 18.31 -21.61 -116.09
CA GLY AA 96 17.41 -21.70 -114.96
C GLY AA 96 18.08 -21.34 -113.64
N GLN AA 97 19.34 -21.76 -113.48
CA GLN AA 97 20.06 -21.45 -112.25
C GLN AA 97 20.42 -19.97 -112.19
N ILE AA 98 20.66 -19.34 -113.34
CA ILE AA 98 21.00 -17.92 -113.35
C ILE AA 98 19.88 -17.10 -112.74
N GLN AA 99 18.64 -17.37 -113.16
CA GLN AA 99 17.52 -16.60 -112.65
C GLN AA 99 17.29 -16.87 -111.17
N ARG AA 100 17.58 -18.08 -110.70
CA ARG AA 100 17.44 -18.37 -109.28
C ARG AA 100 18.37 -17.48 -108.46
N HIS AA 101 19.62 -17.32 -108.91
CA HIS AA 101 20.55 -16.46 -108.19
C HIS AA 101 20.12 -15.00 -108.26
N HIS AA 102 19.75 -14.53 -109.45
CA HIS AA 102 19.35 -13.13 -109.61
C HIS AA 102 18.02 -12.86 -108.94
N TYR AA 103 16.96 -13.51 -109.41
CA TYR AA 103 15.62 -13.26 -108.89
C TYR AA 103 15.36 -14.02 -107.60
N GLY AA 104 15.41 -15.35 -107.66
CA GLY AA 104 15.07 -16.20 -106.54
C GLY AA 104 14.22 -17.34 -107.03
N ILE AA 105 14.32 -18.48 -106.34
CA ILE AA 105 13.61 -19.67 -106.79
C ILE AA 105 12.11 -19.45 -106.77
N VAL AA 106 11.59 -18.85 -105.69
CA VAL AA 106 10.15 -18.68 -105.55
C VAL AA 106 9.61 -17.77 -106.65
N GLN AA 107 10.29 -16.65 -106.90
CA GLN AA 107 9.81 -15.71 -107.90
C GLN AA 107 9.81 -16.32 -109.29
N VAL AA 108 10.82 -17.15 -109.59
CA VAL AA 108 10.93 -17.72 -110.93
C VAL AA 108 9.71 -18.56 -111.24
N GLU AA 109 9.27 -19.38 -110.28
CA GLU AA 109 8.11 -20.25 -110.51
C GLU AA 109 6.93 -19.45 -111.03
N HIS AA 110 6.62 -18.33 -110.37
CA HIS AA 110 5.52 -17.49 -110.82
C HIS AA 110 5.78 -16.94 -112.21
N TYR AA 111 7.01 -16.50 -112.47
CA TYR AA 111 7.31 -15.88 -113.76
C TYR AA 111 7.11 -16.86 -114.90
N VAL AA 112 7.56 -18.10 -114.73
CA VAL AA 112 7.47 -19.07 -115.82
C VAL AA 112 6.00 -19.33 -116.18
N LYS AA 113 5.17 -19.56 -115.17
CA LYS AA 113 3.76 -19.83 -115.44
C LYS AA 113 3.09 -18.63 -116.10
N GLN AA 114 3.42 -17.42 -115.64
CA GLN AA 114 2.90 -16.23 -116.29
C GLN AA 114 3.34 -16.17 -117.74
N ILE AA 115 4.60 -16.50 -118.01
CA ILE AA 115 5.08 -16.56 -119.39
C ILE AA 115 4.35 -17.65 -120.15
N THR AA 116 4.17 -18.82 -119.52
CA THR AA 116 3.53 -19.94 -120.21
C THR AA 116 2.10 -19.57 -120.61
N LEU AA 117 1.33 -19.05 -119.66
CA LEU AA 117 -0.03 -18.61 -119.99
C LEU AA 117 -0.01 -17.50 -121.03
N TRP AA 118 0.92 -16.56 -120.89
CA TRP AA 118 1.04 -15.49 -121.88
C TRP AA 118 1.36 -16.06 -123.25
N GLN AA 119 2.27 -17.03 -123.32
CA GLN AA 119 2.57 -17.67 -124.60
C GLN AA 119 1.41 -18.53 -125.08
N ASP AA 120 0.69 -19.16 -124.16
CA ASP AA 120 -0.42 -20.03 -124.54
C ASP AA 120 -1.54 -19.24 -125.21
N THR AA 121 -1.88 -18.07 -124.66
CA THR AA 121 -2.97 -17.29 -125.21
C THR AA 121 -2.64 -16.86 -126.64
N PRO AA 122 -3.61 -16.86 -127.55
CA PRO AA 122 -3.31 -16.44 -128.93
C PRO AA 122 -2.84 -15.00 -128.99
N GLN AA 123 -1.95 -14.73 -129.96
CA GLN AA 123 -1.35 -13.41 -130.07
C GLN AA 123 -2.38 -12.32 -130.33
N ALA AA 124 -3.56 -12.67 -130.83
CA ALA AA 124 -4.57 -11.65 -131.12
C ALA AA 124 -4.97 -10.91 -129.85
N PHE AA 125 -5.15 -11.63 -128.76
CA PHE AA 125 -5.54 -11.05 -127.48
C PHE AA 125 -4.58 -11.48 -126.38
N ARG AA 126 -3.32 -11.71 -126.74
CA ARG AA 126 -2.35 -12.20 -125.77
C ARG AA 126 -2.09 -11.19 -124.67
N GLY AA 127 -1.96 -9.92 -125.03
CA GLY AA 127 -1.69 -8.88 -124.05
C GLY AA 127 -0.21 -8.59 -123.90
N ASP AA 128 0.08 -7.62 -123.04
CA ASP AA 128 1.46 -7.22 -122.81
C ASP AA 128 2.23 -8.34 -122.13
N GLN AA 129 3.47 -8.53 -122.57
CA GLN AA 129 4.31 -9.56 -121.98
C GLN AA 129 4.66 -9.18 -120.54
N PRO AA 130 4.51 -10.09 -119.58
CA PRO AA 130 4.84 -9.74 -118.19
C PRO AA 130 6.34 -9.49 -118.02
N LYS AA 131 6.65 -8.64 -117.06
CA LYS AA 131 8.03 -8.28 -116.77
C LYS AA 131 8.63 -9.24 -115.74
N PRO AA 132 9.95 -9.35 -115.70
CA PRO AA 132 10.59 -10.25 -114.73
C PRO AA 132 10.28 -9.82 -113.31
N PRO AA 133 10.43 -10.73 -112.34
CA PRO AA 133 10.16 -10.36 -110.94
C PRO AA 133 11.20 -9.42 -110.37
N SER AA 134 11.07 -9.10 -109.09
CA SER AA 134 12.02 -8.24 -108.41
C SER AA 134 13.24 -9.05 -107.98
N PHE AA 135 14.40 -8.37 -107.96
CA PHE AA 135 15.64 -9.03 -107.59
C PHE AA 135 15.63 -9.44 -106.13
N THR BA 3 89.54 53.98 -70.90
CA THR BA 3 89.72 53.61 -69.50
C THR BA 3 88.41 53.50 -68.73
N PHE BA 4 87.45 54.39 -69.02
CA PHE BA 4 86.19 54.35 -68.28
C PHE BA 4 85.47 53.03 -68.47
N ILE BA 5 85.43 52.52 -69.71
CA ILE BA 5 84.76 51.26 -69.97
C ILE BA 5 85.45 50.14 -69.21
N GLU BA 6 86.77 50.21 -69.08
CA GLU BA 6 87.50 49.20 -68.32
C GLU BA 6 87.06 49.18 -66.88
N LEU BA 7 86.83 50.35 -66.29
CA LEU BA 7 86.38 50.41 -64.90
C LEU BA 7 85.04 49.71 -64.72
N VAL BA 8 84.13 49.88 -65.68
CA VAL BA 8 82.85 49.19 -65.62
C VAL BA 8 83.06 47.69 -65.68
N LYS BA 9 83.93 47.24 -66.58
CA LYS BA 9 84.21 45.81 -66.71
C LYS BA 9 84.83 45.23 -65.45
N ASN BA 10 85.33 46.08 -64.56
CA ASN BA 10 85.92 45.65 -63.29
C ASN BA 10 84.88 45.59 -62.17
N MET BA 11 83.62 45.87 -62.45
CA MET BA 11 82.61 45.94 -61.43
C MET BA 11 82.11 44.53 -61.07
N LYS BA 12 81.11 44.49 -60.20
CA LYS BA 12 80.46 43.25 -59.78
C LYS BA 12 79.07 43.21 -60.37
N GLY BA 13 78.71 42.08 -60.99
CA GLY BA 13 77.42 41.92 -61.62
C GLY BA 13 77.37 42.44 -63.05
N TYR BA 14 78.44 43.03 -63.55
CA TYR BA 14 78.45 43.51 -64.93
C TYR BA 14 78.33 42.35 -65.90
N LYS BA 15 77.56 42.56 -66.97
CA LYS BA 15 77.32 41.53 -67.98
C LYS BA 15 77.39 42.18 -69.36
N GLU BA 16 78.01 41.47 -70.29
CA GLU BA 16 78.15 41.98 -71.65
C GLU BA 16 76.80 42.02 -72.35
N LEU BA 17 76.59 43.06 -73.15
CA LEU BA 17 75.39 43.20 -73.97
C LEU BA 17 75.68 43.51 -75.42
N LEU BA 18 76.91 43.89 -75.77
CA LEU BA 18 77.26 44.19 -77.15
C LEU BA 18 77.67 42.91 -77.87
N LEU BA 19 78.11 43.05 -79.11
CA LEU BA 19 78.48 41.95 -79.97
C LEU BA 19 79.78 42.26 -80.68
N PRO BA 20 80.47 41.24 -81.19
CA PRO BA 20 81.71 41.49 -81.92
C PRO BA 20 81.48 42.42 -83.10
N MET BA 21 82.50 43.23 -83.40
CA MET BA 21 82.39 44.20 -84.49
C MET BA 21 82.00 43.51 -85.78
N GLU BA 22 82.48 42.29 -86.01
CA GLU BA 22 82.15 41.57 -87.23
C GLU BA 22 80.66 41.26 -87.29
N MET BA 23 80.07 40.85 -86.17
CA MET BA 23 78.64 40.50 -86.13
C MET BA 23 77.81 41.76 -85.89
N VAL BA 24 78.01 42.75 -86.75
CA VAL BA 24 77.26 44.00 -86.69
C VAL BA 24 76.80 44.36 -88.10
N PRO BA 25 75.51 44.62 -88.31
CA PRO BA 25 75.06 44.99 -89.66
C PRO BA 25 75.78 46.21 -90.18
N LEU BA 26 75.60 46.45 -91.48
CA LEU BA 26 76.21 47.59 -92.13
C LEU BA 26 75.50 48.87 -91.70
N PRO BA 27 76.15 50.03 -91.86
CA PRO BA 27 75.50 51.29 -91.48
C PRO BA 27 74.32 51.62 -92.39
N ALA BA 28 73.66 52.74 -92.13
CA ALA BA 28 72.53 53.18 -92.94
C ALA BA 28 71.37 52.20 -92.82
N VAL BA 29 71.56 50.99 -93.34
CA VAL BA 29 70.48 49.99 -93.30
C VAL BA 29 70.13 49.66 -91.86
N VAL BA 30 71.14 49.55 -90.99
CA VAL BA 30 70.87 49.25 -89.59
C VAL BA 30 70.00 50.32 -88.95
N LEU BA 31 70.10 51.56 -89.43
CA LEU BA 31 69.29 52.64 -88.89
C LEU BA 31 67.80 52.43 -89.15
N LYS BA 32 67.45 51.54 -90.08
CA LYS BA 32 66.04 51.34 -90.41
C LYS BA 32 65.27 50.78 -89.21
N HIS BA 33 65.88 49.88 -88.46
CA HIS BA 33 65.23 49.35 -87.27
C HIS BA 33 64.87 50.47 -86.29
N VAL BA 34 65.58 51.59 -86.35
CA VAL BA 34 65.26 52.72 -85.47
C VAL BA 34 63.85 53.21 -85.75
N LYS BA 35 63.52 53.39 -87.03
CA LYS BA 35 62.19 53.87 -87.39
C LYS BA 35 61.11 52.88 -86.97
N LEU BA 36 61.37 51.59 -87.15
CA LEU BA 36 60.37 50.57 -86.85
C LEU BA 36 60.11 50.45 -85.36
N ILE BA 37 60.94 51.06 -84.51
CA ILE BA 37 60.79 50.95 -83.07
C ILE BA 37 60.37 52.30 -82.50
N LEU BA 38 60.71 53.38 -83.19
CA LEU BA 38 60.29 54.72 -82.79
C LEU BA 38 58.93 55.06 -83.37
N THR BA 39 58.78 54.97 -84.69
CA THR BA 39 57.51 55.32 -85.33
C THR BA 39 56.40 54.40 -84.84
N SER BA 40 56.68 53.11 -84.74
CA SER BA 40 55.69 52.13 -84.26
C SER BA 40 55.76 52.01 -82.73
N GLN BA 41 55.58 53.15 -82.08
CA GLN BA 41 55.66 53.20 -80.62
C GLN BA 41 54.85 54.37 -80.10
N LYS BA 42 54.57 54.32 -78.80
CA LYS BA 42 53.83 55.37 -78.12
C LYS BA 42 54.22 55.33 -76.64
N GLU BA 43 53.79 56.34 -75.89
CA GLU BA 43 54.14 56.47 -74.47
C GLU BA 43 55.65 56.58 -74.31
N HIS BA 44 56.18 57.67 -74.85
CA HIS BA 44 57.60 57.97 -74.84
C HIS BA 44 58.22 57.62 -73.49
N GLN BA 45 59.24 56.76 -73.53
CA GLN BA 45 59.96 56.32 -72.35
C GLN BA 45 61.37 56.87 -72.36
N PRO BA 46 62.03 56.94 -71.20
CA PRO BA 46 63.36 57.57 -71.15
C PRO BA 46 64.37 56.92 -72.08
N TRP BA 47 64.33 55.60 -72.22
CA TRP BA 47 65.33 54.92 -73.05
C TRP BA 47 65.14 55.24 -74.53
N MET BA 48 63.92 55.59 -74.93
CA MET BA 48 63.67 55.92 -76.33
C MET BA 48 64.48 57.14 -76.75
N THR BA 49 64.57 58.15 -75.89
CA THR BA 49 65.36 59.33 -76.21
C THR BA 49 66.83 58.98 -76.36
N GLU BA 50 67.34 58.08 -75.51
CA GLU BA 50 68.74 57.69 -75.61
C GLU BA 50 69.03 57.09 -76.97
N MET BA 51 68.16 56.21 -77.46
CA MET BA 51 68.35 55.63 -78.79
C MET BA 51 68.30 56.71 -79.86
N ALA BA 52 67.35 57.64 -79.75
CA ALA BA 52 67.21 58.67 -80.77
C ALA BA 52 68.45 59.57 -80.83
N LEU BA 53 68.98 59.94 -79.67
CA LEU BA 53 70.13 60.83 -79.63
C LEU BA 53 71.43 60.12 -80.00
N LYS BA 54 71.42 58.80 -80.11
CA LYS BA 54 72.60 58.04 -80.53
C LYS BA 54 72.56 57.70 -82.01
N ALA BA 55 71.42 57.26 -82.52
CA ALA BA 55 71.31 56.91 -83.93
C ALA BA 55 71.55 58.13 -84.82
N ASP BA 56 70.98 59.28 -84.45
CA ASP BA 56 71.13 60.48 -85.25
C ASP BA 56 72.59 60.91 -85.38
N GLN BA 57 73.46 60.48 -84.44
CA GLN BA 57 74.86 60.87 -84.51
C GLN BA 57 75.53 60.29 -85.75
N CYS BA 58 75.17 59.05 -86.12
CA CYS BA 58 75.78 58.44 -87.30
C CYS BA 58 75.54 59.28 -88.54
N LEU BA 59 74.32 59.82 -88.69
CA LEU BA 59 74.04 60.68 -89.83
C LEU BA 59 74.93 61.92 -89.80
N ILE BA 60 75.14 62.49 -88.62
CA ILE BA 60 76.00 63.67 -88.51
C ILE BA 60 77.41 63.33 -88.96
N HIS BA 61 77.96 62.23 -88.45
CA HIS BA 61 79.27 61.78 -88.91
C HIS BA 61 79.22 61.40 -90.39
N LYS BA 62 78.15 60.72 -90.81
CA LYS BA 62 78.01 60.34 -92.20
C LYS BA 62 77.89 61.57 -93.10
N ALA BA 63 77.20 62.61 -92.61
CA ALA BA 63 77.03 63.82 -93.40
C ALA BA 63 78.35 64.50 -93.73
N THR BA 64 79.38 64.27 -92.92
CA THR BA 64 80.68 64.88 -93.18
C THR BA 64 81.35 64.29 -94.42
N LEU BA 65 80.90 63.11 -94.87
CA LEU BA 65 81.49 62.50 -96.06
C LEU BA 65 81.37 63.42 -97.27
N ASP BA 66 80.31 64.21 -97.35
CA ASP BA 66 80.18 65.16 -98.44
C ASP BA 66 81.33 66.16 -98.44
N PRO BA 78 94.29 61.07 -91.10
CA PRO BA 78 93.81 60.49 -89.83
C PRO BA 78 92.45 61.04 -89.41
N LEU BA 79 92.18 62.31 -89.69
CA LEU BA 79 90.88 62.88 -89.34
C LEU BA 79 89.76 62.19 -90.09
N ILE BA 80 89.95 61.95 -91.39
CA ILE BA 80 88.93 61.29 -92.18
C ILE BA 80 88.81 59.82 -91.78
N GLU BA 81 89.96 59.15 -91.60
CA GLU BA 81 89.93 57.75 -91.22
C GLU BA 81 89.31 57.55 -89.84
N ALA BA 82 89.64 58.44 -88.89
CA ALA BA 82 89.18 58.26 -87.52
C ALA BA 82 87.66 58.28 -87.43
N MET BA 83 87.01 59.19 -88.16
CA MET BA 83 85.56 59.28 -88.09
C MET BA 83 84.90 58.00 -88.55
N GLN BA 84 85.42 57.38 -89.62
CA GLN BA 84 84.84 56.14 -90.12
C GLN BA 84 84.90 55.05 -89.08
N GLN BA 85 86.00 54.97 -88.34
CA GLN BA 85 86.13 53.95 -87.30
C GLN BA 85 85.09 54.13 -86.21
N ILE BA 86 84.80 55.38 -85.84
CA ILE BA 86 83.87 55.65 -84.75
C ILE BA 86 82.48 55.15 -85.09
N ILE BA 87 82.09 55.23 -86.36
CA ILE BA 87 80.74 54.83 -86.75
C ILE BA 87 80.51 53.37 -86.39
N LEU BA 88 81.51 52.52 -86.59
CA LEU BA 88 81.36 51.11 -86.23
C LEU BA 88 81.09 50.94 -84.75
N ALA BA 89 81.80 51.69 -83.91
CA ALA BA 89 81.61 51.58 -82.46
C ALA BA 89 80.19 51.98 -82.06
N MET BA 90 79.70 53.09 -82.61
CA MET BA 90 78.35 53.52 -82.29
C MET BA 90 77.32 52.54 -82.83
N THR BA 91 77.56 51.99 -84.01
CA THR BA 91 76.63 51.02 -84.58
C THR BA 91 76.50 49.80 -83.68
N ARG BA 92 77.61 49.36 -83.09
CA ARG BA 92 77.56 48.22 -82.18
C ARG BA 92 76.65 48.52 -80.99
N GLU BA 93 76.73 49.72 -80.44
CA GLU BA 93 75.88 50.08 -79.31
C GLU BA 93 74.41 50.08 -79.70
N LEU BA 94 74.11 50.56 -80.91
CA LEU BA 94 72.72 50.62 -81.36
C LEU BA 94 72.09 49.24 -81.36
N TRP BA 95 72.81 48.23 -81.87
CA TRP BA 95 72.23 46.90 -81.97
C TRP BA 95 71.89 46.34 -80.60
N GLY BA 96 72.77 46.56 -79.61
CA GLY BA 96 72.50 46.05 -78.28
C GLY BA 96 71.22 46.59 -77.70
N GLN BA 97 70.96 47.88 -77.90
CA GLN BA 97 69.72 48.48 -77.42
C GLN BA 97 68.52 47.84 -78.10
N ILE BA 98 68.63 47.59 -79.40
CA ILE BA 98 67.52 47.00 -80.15
C ILE BA 98 67.19 45.62 -79.58
N GLN BA 99 68.22 44.79 -79.38
CA GLN BA 99 68.00 43.48 -78.77
C GLN BA 99 67.52 43.61 -77.33
N ARG BA 100 67.97 44.64 -76.62
CA ARG BA 100 67.49 44.90 -75.27
C ARG BA 100 65.98 45.18 -75.25
N HIS BA 101 65.41 45.55 -76.39
CA HIS BA 101 63.98 45.81 -76.50
C HIS BA 101 63.22 44.65 -77.14
N HIS BA 102 63.74 44.09 -78.22
CA HIS BA 102 63.05 43.01 -78.93
C HIS BA 102 63.03 41.74 -78.10
N TYR BA 103 64.21 41.20 -77.79
CA TYR BA 103 64.31 39.94 -77.05
C TYR BA 103 64.54 40.20 -75.56
N GLY BA 104 63.67 41.02 -74.97
CA GLY BA 104 63.79 41.28 -73.56
C GLY BA 104 65.11 41.98 -73.25
N ILE BA 105 65.45 41.99 -71.96
CA ILE BA 105 66.69 42.57 -71.49
C ILE BA 105 67.47 41.53 -70.70
N VAL BA 106 66.75 40.55 -70.15
CA VAL BA 106 67.41 39.48 -69.39
C VAL BA 106 67.89 38.37 -70.31
N GLN BA 107 67.01 37.94 -71.23
CA GLN BA 107 67.38 36.89 -72.17
C GLN BA 107 68.51 37.31 -73.10
N VAL BA 108 68.72 38.61 -73.28
CA VAL BA 108 69.78 39.08 -74.18
C VAL BA 108 71.14 38.63 -73.66
N GLU BA 109 71.36 38.76 -72.36
CA GLU BA 109 72.66 38.39 -71.79
C GLU BA 109 72.97 36.93 -72.05
N HIS BA 110 71.97 36.05 -71.90
CA HIS BA 110 72.19 34.63 -72.15
C HIS BA 110 72.62 34.38 -73.58
N TYR BA 111 71.98 35.07 -74.55
CA TYR BA 111 72.33 34.86 -75.95
C TYR BA 111 73.77 35.29 -76.22
N VAL BA 112 74.14 36.49 -75.77
CA VAL BA 112 75.49 36.96 -76.01
C VAL BA 112 76.50 36.09 -75.29
N LYS BA 113 76.14 35.59 -74.11
CA LYS BA 113 77.02 34.67 -73.39
C LYS BA 113 77.37 33.47 -74.26
N GLN BA 114 76.37 32.89 -74.93
CA GLN BA 114 76.63 31.74 -75.81
C GLN BA 114 77.39 32.16 -77.06
N ILE BA 115 77.11 33.37 -77.57
CA ILE BA 115 77.81 33.84 -78.76
C ILE BA 115 79.32 33.90 -78.51
N THR BA 116 79.72 34.40 -77.35
CA THR BA 116 81.14 34.50 -77.05
C THR BA 116 81.79 33.12 -77.05
N LEU BA 117 81.15 32.15 -76.41
CA LEU BA 117 81.69 30.80 -76.38
C LEU BA 117 81.71 30.17 -77.77
N TRP BA 118 80.63 30.37 -78.54
CA TRP BA 118 80.52 29.74 -79.84
C TRP BA 118 81.55 30.27 -80.84
N GLN BA 119 82.07 31.47 -80.62
CA GLN BA 119 83.05 32.07 -81.53
C GLN BA 119 84.48 31.95 -81.02
N ASP BA 120 84.69 32.07 -79.71
CA ASP BA 120 86.05 32.02 -79.18
C ASP BA 120 86.68 30.65 -79.41
N THR BA 121 85.90 29.59 -79.26
CA THR BA 121 86.43 28.25 -79.49
C THR BA 121 86.81 28.09 -80.97
N PRO BA 122 87.78 27.23 -81.27
CA PRO BA 122 88.19 27.05 -82.67
C PRO BA 122 87.04 26.53 -83.51
N GLN BA 123 87.08 26.91 -84.80
CA GLN BA 123 85.99 26.54 -85.71
C GLN BA 123 85.78 25.04 -85.81
N ALA BA 124 86.79 24.24 -85.47
CA ALA BA 124 86.66 22.79 -85.54
C ALA BA 124 85.80 22.22 -84.40
N PHE BA 125 85.45 23.02 -83.41
CA PHE BA 125 84.69 22.56 -82.26
C PHE BA 125 83.38 23.31 -82.05
N ARG BA 126 83.13 24.39 -82.78
CA ARG BA 126 81.94 25.21 -82.52
C ARG BA 126 80.67 24.38 -82.67
N GLY BA 127 80.42 23.89 -83.88
CA GLY BA 127 79.20 23.13 -84.16
C GLY BA 127 78.20 23.94 -84.95
N ASP BA 128 77.12 24.37 -84.30
CA ASP BA 128 76.07 25.13 -84.95
C ASP BA 128 75.82 26.42 -84.18
N GLN BA 129 75.52 27.49 -84.90
CA GLN BA 129 75.27 28.76 -84.25
C GLN BA 129 74.02 28.66 -83.37
N PRO BA 130 74.05 29.18 -82.14
CA PRO BA 130 72.85 29.16 -81.30
C PRO BA 130 71.88 30.25 -81.71
N LYS BA 131 70.67 29.83 -82.11
CA LYS BA 131 69.69 30.79 -82.58
C LYS BA 131 69.27 31.72 -81.43
N PRO BA 132 69.18 33.03 -81.67
CA PRO BA 132 68.75 33.93 -80.61
C PRO BA 132 67.31 33.66 -80.21
N PRO BA 133 66.93 33.96 -78.98
CA PRO BA 133 65.53 33.75 -78.58
C PRO BA 133 64.59 34.66 -79.35
N SER BA 134 63.37 34.18 -79.55
CA SER BA 134 62.37 34.93 -80.30
C SER BA 134 61.84 36.08 -79.45
N PHE BA 135 60.84 36.78 -79.99
CA PHE BA 135 60.24 37.94 -79.33
C PHE BA 135 59.35 37.44 -78.20
N THR CA 3 38.09 -23.60 -117.90
CA THR CA 3 38.50 -22.44 -117.12
C THR CA 3 37.52 -22.08 -116.02
N PHE CA 4 36.22 -22.23 -116.26
CA PHE CA 4 35.23 -21.85 -115.25
C PHE CA 4 35.40 -22.67 -113.98
N ILE CA 5 35.62 -23.98 -114.13
CA ILE CA 5 35.80 -24.84 -112.96
C ILE CA 5 37.03 -24.41 -112.19
N GLU CA 6 38.08 -23.97 -112.89
CA GLU CA 6 39.29 -23.51 -112.23
C GLU CA 6 38.98 -22.30 -111.34
N LEU CA 7 38.13 -21.39 -111.82
CA LEU CA 7 37.78 -20.22 -111.04
C LEU CA 7 37.12 -20.62 -109.73
N VAL CA 8 36.23 -21.63 -109.78
CA VAL CA 8 35.59 -22.11 -108.56
C VAL CA 8 36.63 -22.67 -107.61
N LYS CA 9 37.57 -23.45 -108.14
CA LYS CA 9 38.61 -24.04 -107.30
C LYS CA 9 39.50 -22.97 -106.67
N ASN CA 10 39.46 -21.74 -107.18
CA ASN CA 10 40.22 -20.64 -106.62
C ASN CA 10 39.46 -19.88 -105.55
N MET CA 11 38.25 -20.31 -105.21
CA MET CA 11 37.42 -19.58 -104.26
C MET CA 11 37.85 -19.89 -102.82
N LYS CA 12 37.09 -19.34 -101.87
CA LYS CA 12 37.30 -19.57 -100.45
C LYS CA 12 36.15 -20.42 -99.92
N GLY CA 13 36.50 -21.48 -99.18
CA GLY CA 13 35.52 -22.39 -98.67
C GLY CA 13 35.12 -23.51 -99.61
N TYR CA 14 35.64 -23.51 -100.84
CA TYR CA 14 35.31 -24.56 -101.78
C TYR CA 14 35.86 -25.90 -101.29
N LYS CA 15 35.08 -26.96 -101.50
CA LYS CA 15 35.43 -28.29 -101.06
C LYS CA 15 35.07 -29.29 -102.15
N GLU CA 16 35.95 -30.26 -102.37
CA GLU CA 16 35.72 -31.26 -103.40
C GLU CA 16 34.56 -32.17 -103.01
N LEU CA 17 33.78 -32.57 -104.01
CA LEU CA 17 32.69 -33.52 -103.82
C LEU CA 17 32.70 -34.64 -104.82
N LEU CA 18 33.47 -34.55 -105.90
CA LEU CA 18 33.53 -35.61 -106.89
C LEU CA 18 34.58 -36.63 -106.50
N LEU CA 19 34.80 -37.60 -107.38
CA LEU CA 19 35.71 -38.71 -107.13
C LEU CA 19 36.57 -38.93 -108.37
N PRO CA 20 37.70 -39.62 -108.22
CA PRO CA 20 38.54 -39.90 -109.38
C PRO CA 20 37.78 -40.68 -110.44
N MET CA 21 38.12 -40.42 -111.70
CA MET CA 21 37.44 -41.07 -112.81
C MET CA 21 37.47 -42.58 -112.66
N GLU CA 22 38.57 -43.13 -112.13
CA GLU CA 22 38.66 -44.58 -111.96
C GLU CA 22 37.63 -45.08 -110.96
N MET CA 23 37.43 -44.36 -109.86
CA MET CA 23 36.47 -44.75 -108.83
C MET CA 23 35.07 -44.26 -109.19
N VAL CA 24 34.63 -44.63 -110.39
CA VAL CA 24 33.30 -44.27 -110.88
C VAL CA 24 32.67 -45.51 -111.49
N PRO CA 25 31.46 -45.91 -111.09
CA PRO CA 25 30.83 -47.08 -111.69
C PRO CA 25 30.69 -46.94 -113.19
N LEU CA 26 30.36 -48.07 -113.82
CA LEU CA 26 30.16 -48.09 -115.26
C LEU CA 26 28.85 -47.39 -115.63
N PRO CA 27 28.72 -46.95 -116.89
CA PRO CA 27 27.47 -46.30 -117.29
C PRO CA 27 26.29 -47.25 -117.29
N ALA CA 28 25.11 -46.75 -117.66
CA ALA CA 28 23.91 -47.56 -117.71
C ALA CA 28 23.53 -48.09 -116.33
N VAL CA 29 24.37 -48.97 -115.76
CA VAL CA 29 24.07 -49.54 -114.45
C VAL CA 29 24.03 -48.43 -113.40
N VAL CA 30 24.93 -47.46 -113.49
CA VAL CA 30 24.96 -46.37 -112.52
C VAL CA 30 23.64 -45.60 -112.56
N LEU CA 31 22.99 -45.55 -113.72
CA LEU CA 31 21.72 -44.85 -113.84
C LEU CA 31 20.62 -45.49 -113.00
N LYS CA 32 20.81 -46.74 -112.56
CA LYS CA 32 19.77 -47.43 -111.80
C LYS CA 32 19.51 -46.72 -110.47
N HIS CA 33 20.57 -46.24 -109.82
CA HIS CA 33 20.37 -45.50 -108.57
C HIS CA 33 19.47 -44.29 -108.77
N VAL CA 34 19.40 -43.77 -109.99
CA VAL CA 34 18.52 -42.64 -110.27
C VAL CA 34 17.08 -43.02 -109.99
N LYS CA 35 16.65 -44.18 -110.49
CA LYS CA 35 15.28 -44.61 -110.28
C LYS CA 35 14.98 -44.86 -108.81
N LEU CA 36 15.95 -45.43 -108.09
CA LEU CA 36 15.73 -45.76 -106.68
C LEU CA 36 15.64 -44.52 -105.81
N ILE CA 37 15.99 -43.34 -106.33
CA ILE CA 37 15.98 -42.12 -105.55
C ILE CA 37 14.88 -41.20 -106.06
N LEU CA 38 14.51 -41.35 -107.33
CA LEU CA 38 13.41 -40.59 -107.91
C LEU CA 38 12.07 -41.29 -107.67
N THR CA 39 11.96 -42.54 -108.10
CA THR CA 39 10.71 -43.27 -107.95
C THR CA 39 10.34 -43.42 -106.47
N SER CA 40 11.32 -43.75 -105.64
CA SER CA 40 11.10 -43.90 -104.20
C SER CA 40 11.28 -42.55 -103.48
N GLN CA 41 10.50 -41.57 -103.94
CA GLN CA 41 10.60 -40.23 -103.39
C GLN CA 41 9.27 -39.51 -103.59
N LYS CA 42 9.12 -38.41 -102.83
CA LYS CA 42 7.94 -37.57 -102.90
C LYS CA 42 8.34 -36.18 -102.46
N GLU CA 43 7.42 -35.22 -102.64
CA GLU CA 43 7.68 -33.82 -102.29
C GLU CA 43 8.85 -33.29 -103.12
N HIS CA 44 8.62 -33.26 -104.43
CA HIS CA 44 9.61 -32.81 -105.40
C HIS CA 44 10.37 -31.58 -104.90
N GLN CA 45 11.70 -31.72 -104.84
CA GLN CA 45 12.58 -30.66 -104.40
C GLN CA 45 13.42 -30.14 -105.56
N PRO CA 46 13.94 -28.92 -105.46
CA PRO CA 46 14.67 -28.35 -106.61
C PRO CA 46 15.83 -29.21 -107.08
N TRP CA 47 16.56 -29.83 -106.16
CA TRP CA 47 17.74 -30.60 -106.55
C TRP CA 47 17.34 -31.86 -107.32
N MET CA 48 16.12 -32.37 -107.10
CA MET CA 48 15.69 -33.56 -107.81
C MET CA 48 15.64 -33.31 -109.31
N THR CA 49 15.15 -32.13 -109.71
CA THR CA 49 15.09 -31.81 -111.14
C THR CA 49 16.49 -31.75 -111.74
N GLU CA 50 17.46 -31.20 -110.99
CA GLU CA 50 18.83 -31.13 -111.48
C GLU CA 50 19.36 -32.51 -111.80
N MET CA 51 19.14 -33.47 -110.90
CA MET CA 51 19.59 -34.83 -111.16
C MET CA 51 18.89 -35.42 -112.37
N ALA CA 52 17.58 -35.19 -112.50
CA ALA CA 52 16.83 -35.76 -113.61
C ALA CA 52 17.32 -35.21 -114.95
N LEU CA 53 17.57 -33.90 -115.01
CA LEU CA 53 18.01 -33.27 -116.25
C LEU CA 53 19.46 -33.58 -116.59
N LYS CA 54 20.21 -34.16 -115.67
CA LYS CA 54 21.59 -34.57 -115.93
C LYS CA 54 21.71 -36.04 -116.31
N ALA CA 55 21.01 -36.92 -115.59
CA ALA CA 55 21.08 -38.35 -115.89
C ALA CA 55 20.54 -38.65 -117.27
N ASP CA 56 19.43 -38.01 -117.65
CA ASP CA 56 18.82 -38.26 -118.95
C ASP CA 56 19.75 -37.88 -120.09
N GLN CA 57 20.74 -37.00 -119.85
CA GLN CA 57 21.66 -36.61 -120.91
C GLN CA 57 22.50 -37.78 -121.38
N CYS CA 58 22.90 -38.66 -120.45
CA CYS CA 58 23.71 -39.82 -120.83
C CYS CA 58 22.99 -40.68 -121.85
N LEU CA 59 21.68 -40.88 -121.66
CA LEU CA 59 20.90 -41.65 -122.62
C LEU CA 59 20.92 -40.97 -123.99
N ILE CA 60 20.79 -39.65 -124.01
CA ILE CA 60 20.82 -38.91 -125.27
C ILE CA 60 22.15 -39.13 -125.98
N HIS CA 61 23.26 -38.96 -125.25
CA HIS CA 61 24.57 -39.26 -125.83
C HIS CA 61 24.70 -40.74 -126.16
N LYS CA 62 24.20 -41.60 -125.28
CA LYS CA 62 24.25 -43.04 -125.54
C LYS CA 62 23.41 -43.41 -126.74
N ALA CA 63 22.27 -42.74 -126.91
CA ALA CA 63 21.39 -43.05 -128.04
C ALA CA 63 22.08 -42.80 -129.38
N THR CA 64 23.07 -41.91 -129.43
CA THR CA 64 23.77 -41.64 -130.68
C THR CA 64 24.61 -42.82 -131.14
N LEU CA 65 24.91 -43.77 -130.23
CA LEU CA 65 25.70 -44.93 -130.62
C LEU CA 65 25.04 -45.72 -131.74
N ASP CA 66 23.70 -45.73 -131.79
CA ASP CA 66 23.01 -46.40 -132.88
C ASP CA 66 23.36 -45.76 -134.21
N PRO CA 78 37.14 -38.14 -134.29
CA PRO CA 78 37.11 -37.31 -133.07
C PRO CA 78 35.72 -37.04 -132.56
N LEU CA 79 34.75 -36.87 -133.46
CA LEU CA 79 33.37 -36.64 -133.02
C LEU CA 79 32.82 -37.82 -132.24
N ILE CA 80 33.07 -39.04 -132.74
CA ILE CA 80 32.61 -40.23 -132.04
C ILE CA 80 33.38 -40.44 -130.75
N GLU CA 81 34.70 -40.26 -130.79
CA GLU CA 81 35.50 -40.44 -129.59
C GLU CA 81 35.16 -39.40 -128.53
N ALA CA 82 34.95 -38.15 -128.95
CA ALA CA 82 34.72 -37.08 -127.98
C ALA CA 82 33.48 -37.34 -127.13
N MET CA 83 32.40 -37.81 -127.77
CA MET CA 83 31.16 -38.03 -127.03
C MET CA 83 31.35 -39.08 -125.94
N GLN CA 84 32.09 -40.14 -126.24
CA GLN CA 84 32.31 -41.19 -125.23
C GLN CA 84 33.04 -40.63 -124.01
N GLN CA 85 34.02 -39.74 -124.23
CA GLN CA 85 34.75 -39.16 -123.12
C GLN CA 85 33.82 -38.34 -122.22
N ILE CA 86 32.89 -37.61 -122.81
CA ILE CA 86 32.01 -36.74 -122.04
C ILE CA 86 31.16 -37.55 -121.08
N ILE CA 87 30.75 -38.75 -121.48
CA ILE CA 87 29.87 -39.54 -120.63
C ILE CA 87 30.53 -39.82 -119.29
N LEU CA 88 31.83 -40.07 -119.29
CA LEU CA 88 32.54 -40.31 -118.04
C LEU CA 88 32.46 -39.10 -117.12
N ALA CA 89 32.64 -37.91 -117.69
CA ALA CA 89 32.60 -36.69 -116.89
C ALA CA 89 31.23 -36.49 -116.25
N MET CA 90 30.16 -36.68 -117.03
CA MET CA 90 28.82 -36.54 -116.49
C MET CA 90 28.54 -37.62 -115.45
N THR CA 91 29.02 -38.84 -115.68
CA THR CA 91 28.79 -39.92 -114.73
C THR CA 91 29.43 -39.58 -113.39
N ARG CA 92 30.61 -38.97 -113.40
CA ARG CA 92 31.26 -38.57 -112.16
C ARG CA 92 30.39 -37.61 -111.36
N GLU CA 93 29.77 -36.64 -112.06
CA GLU CA 93 28.91 -35.68 -111.38
C GLU CA 93 27.70 -36.37 -110.76
N LEU CA 94 27.14 -37.35 -111.47
CA LEU CA 94 25.95 -38.04 -110.96
C LEU CA 94 26.23 -38.69 -109.62
N TRP CA 95 27.38 -39.36 -109.49
CA TRP CA 95 27.68 -40.07 -108.26
C TRP CA 95 27.79 -39.12 -107.08
N GLY CA 96 28.42 -37.95 -107.28
CA GLY CA 96 28.54 -37.00 -106.19
C GLY CA 96 27.19 -36.55 -105.65
N GLN CA 97 26.23 -36.32 -106.55
CA GLN CA 97 24.89 -35.94 -106.11
C GLN CA 97 24.25 -37.07 -105.30
N ILE CA 98 24.44 -38.31 -105.73
CA ILE CA 98 23.86 -39.44 -105.02
C ILE CA 98 24.41 -39.52 -103.60
N GLN CA 99 25.73 -39.40 -103.46
CA GLN CA 99 26.33 -39.39 -102.13
C GLN CA 99 25.91 -38.15 -101.35
N ARG CA 100 25.71 -37.02 -102.04
CA ARG CA 100 25.21 -35.82 -101.38
C ARG CA 100 23.84 -36.03 -100.78
N HIS CA 101 23.12 -37.06 -101.22
CA HIS CA 101 21.79 -37.38 -100.69
C HIS CA 101 21.82 -38.56 -99.72
N HIS CA 102 22.52 -39.63 -100.06
CA HIS CA 102 22.56 -40.81 -99.21
C HIS CA 102 23.31 -40.54 -97.92
N TYR CA 103 24.59 -40.21 -98.03
CA TYR CA 103 25.43 -39.97 -96.85
C TYR CA 103 25.52 -38.48 -96.51
N GLY CA 104 24.36 -37.84 -96.38
CA GLY CA 104 24.37 -36.45 -96.04
C GLY CA 104 25.04 -35.62 -97.11
N ILE CA 105 25.36 -34.37 -96.75
CA ILE CA 105 26.05 -33.45 -97.63
C ILE CA 105 27.32 -32.96 -96.95
N VAL CA 106 27.32 -32.98 -95.62
CA VAL CA 106 28.50 -32.54 -94.86
C VAL CA 106 29.49 -33.68 -94.71
N GLN CA 107 29.01 -34.87 -94.33
CA GLN CA 107 29.88 -36.02 -94.16
C GLN CA 107 30.53 -36.45 -95.48
N VAL CA 108 29.94 -36.08 -96.61
CA VAL CA 108 30.50 -36.48 -97.90
C VAL CA 108 31.88 -35.88 -98.09
N GLU CA 109 32.04 -34.60 -97.74
CA GLU CA 109 33.33 -33.94 -97.92
C GLU CA 109 34.41 -34.64 -97.13
N HIS CA 110 34.11 -35.06 -95.90
CA HIS CA 110 35.10 -35.76 -95.09
C HIS CA 110 35.54 -37.05 -95.76
N TYR CA 111 34.60 -37.81 -96.32
CA TYR CA 111 34.94 -39.06 -96.96
C TYR CA 111 35.86 -38.83 -98.16
N VAL CA 112 35.49 -37.90 -99.04
CA VAL CA 112 36.30 -37.64 -100.22
C VAL CA 112 37.66 -37.08 -99.81
N LYS CA 113 37.69 -36.28 -98.74
CA LYS CA 113 38.98 -35.79 -98.24
C LYS CA 113 39.92 -36.94 -97.93
N GLN CA 114 39.42 -37.98 -97.26
CA GLN CA 114 40.26 -39.12 -96.95
C GLN CA 114 40.59 -39.94 -98.20
N ILE CA 115 39.65 -40.01 -99.14
CA ILE CA 115 39.90 -40.76 -100.37
C ILE CA 115 41.11 -40.18 -101.11
N THR CA 116 41.18 -38.86 -101.19
CA THR CA 116 42.30 -38.23 -101.90
C THR CA 116 43.63 -38.59 -101.24
N LEU CA 117 43.68 -38.52 -99.91
CA LEU CA 117 44.92 -38.87 -99.21
C LEU CA 117 45.23 -40.35 -99.36
N TRP CA 118 44.22 -41.21 -99.27
CA TRP CA 118 44.44 -42.65 -99.31
C TRP CA 118 44.94 -43.12 -100.68
N GLN CA 119 44.68 -42.35 -101.74
CA GLN CA 119 45.10 -42.73 -103.08
C GLN CA 119 46.35 -42.01 -103.54
N ASP CA 120 46.51 -40.73 -103.17
CA ASP CA 120 47.65 -39.97 -103.63
C ASP CA 120 48.95 -40.54 -103.08
N THR CA 121 48.95 -40.97 -101.82
CA THR CA 121 50.14 -41.56 -101.23
C THR CA 121 50.49 -42.86 -101.96
N PRO CA 122 51.77 -43.24 -101.97
CA PRO CA 122 52.15 -44.48 -102.67
C PRO CA 122 51.49 -45.68 -102.05
N GLN CA 123 51.26 -46.70 -102.88
CA GLN CA 123 50.54 -47.89 -102.44
C GLN CA 123 51.24 -48.59 -101.28
N ALA CA 124 52.54 -48.36 -101.09
CA ALA CA 124 53.27 -48.98 -99.99
C ALA CA 124 52.95 -48.36 -98.64
N PHE CA 125 52.22 -47.24 -98.60
CA PHE CA 125 51.91 -46.55 -97.36
C PHE CA 125 50.42 -46.37 -97.10
N ARG CA 126 49.56 -46.68 -98.08
CA ARG CA 126 48.14 -46.42 -97.92
C ARG CA 126 47.57 -47.14 -96.71
N GLY CA 127 47.61 -48.47 -96.74
CA GLY CA 127 47.05 -49.27 -95.66
C GLY CA 127 45.73 -49.92 -96.05
N ASP CA 128 44.62 -49.42 -95.50
CA ASP CA 128 43.30 -49.95 -95.77
C ASP CA 128 42.39 -48.82 -96.24
N GLN CA 129 41.50 -49.16 -97.18
CA GLN CA 129 40.58 -48.16 -97.69
C GLN CA 129 39.65 -47.69 -96.56
N PRO CA 130 39.41 -46.38 -96.43
CA PRO CA 130 38.49 -45.89 -95.40
C PRO CA 130 37.05 -46.07 -95.85
N LYS CA 131 36.29 -46.85 -95.08
CA LYS CA 131 34.92 -47.14 -95.45
C LYS CA 131 34.08 -45.86 -95.40
N PRO CA 132 33.24 -45.62 -96.41
CA PRO CA 132 32.41 -44.41 -96.38
C PRO CA 132 31.40 -44.49 -95.25
N PRO CA 133 30.96 -43.34 -94.72
CA PRO CA 133 29.97 -43.36 -93.66
C PRO CA 133 28.64 -43.94 -94.15
N SER CA 134 27.91 -44.56 -93.22
CA SER CA 134 26.65 -45.19 -93.55
C SER CA 134 25.57 -44.12 -93.74
N PHE CA 135 24.34 -44.57 -93.95
CA PHE CA 135 23.20 -43.68 -94.19
C PHE CA 135 22.80 -43.05 -92.86
N THR DA 3 74.69 -25.76 -93.12
CA THR DA 3 75.26 -25.55 -91.79
C THR DA 3 74.24 -24.97 -90.83
N PHE DA 4 73.21 -24.29 -91.33
CA PHE DA 4 72.18 -23.76 -90.44
C PHE DA 4 71.46 -24.89 -89.72
N ILE DA 5 71.19 -26.00 -90.40
CA ILE DA 5 70.55 -27.13 -89.74
C ILE DA 5 71.39 -27.61 -88.58
N GLU DA 6 72.72 -27.62 -88.75
CA GLU DA 6 73.60 -27.96 -87.64
C GLU DA 6 73.43 -26.98 -86.49
N LEU DA 7 73.29 -25.68 -86.80
CA LEU DA 7 73.10 -24.70 -85.76
C LEU DA 7 71.81 -24.94 -84.98
N VAL DA 8 70.83 -25.60 -85.62
CA VAL DA 8 69.59 -25.93 -84.95
C VAL DA 8 69.53 -27.40 -84.52
N LYS DA 9 70.34 -28.26 -85.12
CA LYS DA 9 70.33 -29.67 -84.73
C LYS DA 9 70.60 -29.85 -83.24
N ASN DA 10 71.34 -28.91 -82.64
CA ASN DA 10 71.60 -28.97 -81.20
C ASN DA 10 70.47 -28.40 -80.37
N MET DA 11 69.53 -27.68 -80.98
CA MET DA 11 68.42 -27.11 -80.24
C MET DA 11 67.54 -28.21 -79.64
N LYS DA 12 66.95 -27.91 -78.48
CA LYS DA 12 66.12 -28.90 -77.80
C LYS DA 12 64.90 -29.25 -78.63
N GLY DA 13 64.26 -28.26 -79.24
CA GLY DA 13 63.03 -28.49 -79.97
C GLY DA 13 63.23 -28.83 -81.43
N TYR DA 14 64.47 -29.01 -81.84
CA TYR DA 14 64.75 -29.35 -83.23
C TYR DA 14 64.16 -30.71 -83.59
N LYS DA 15 63.63 -30.81 -84.80
CA LYS DA 15 62.97 -32.02 -85.26
C LYS DA 15 63.35 -32.28 -86.71
N GLU DA 16 63.31 -33.56 -87.10
CA GLU DA 16 63.59 -33.96 -88.48
C GLU DA 16 62.29 -33.88 -89.26
N LEU DA 17 61.92 -32.66 -89.64
CA LEU DA 17 60.70 -32.44 -90.41
C LEU DA 17 60.79 -33.03 -91.81
N LEU DA 18 61.99 -33.30 -92.30
CA LEU DA 18 62.18 -33.85 -93.64
C LEU DA 18 61.79 -35.32 -93.63
N LEU DA 19 60.59 -35.61 -94.11
CA LEU DA 19 60.08 -36.97 -94.12
C LEU DA 19 60.79 -37.80 -95.19
N PRO DA 20 60.70 -39.12 -95.11
CA PRO DA 20 61.39 -39.97 -96.10
C PRO DA 20 60.93 -39.64 -97.52
N MET DA 21 61.88 -39.72 -98.46
CA MET DA 21 61.57 -39.42 -99.85
C MET DA 21 60.51 -40.37 -100.39
N GLU DA 22 60.62 -41.66 -100.07
CA GLU DA 22 59.63 -42.62 -100.54
C GLU DA 22 58.24 -42.30 -99.99
N MET DA 23 58.18 -41.71 -98.80
CA MET DA 23 56.90 -41.45 -98.17
C MET DA 23 56.07 -40.46 -98.98
N VAL DA 24 56.70 -39.40 -99.48
CA VAL DA 24 55.97 -38.33 -100.16
C VAL DA 24 55.67 -38.74 -101.60
N PRO DA 25 54.61 -38.21 -102.21
CA PRO DA 25 54.33 -38.53 -103.62
C PRO DA 25 55.11 -37.66 -104.59
N LEU DA 26 54.82 -37.78 -105.87
CA LEU DA 26 55.50 -36.98 -106.87
C LEU DA 26 55.15 -35.51 -106.73
N PRO DA 27 56.00 -34.61 -107.24
CA PRO DA 27 55.75 -33.17 -107.03
C PRO DA 27 54.40 -32.71 -107.55
N ALA DA 28 53.94 -33.27 -108.68
CA ALA DA 28 52.70 -32.79 -109.27
C ALA DA 28 51.51 -33.01 -108.34
N VAL DA 29 51.45 -34.17 -107.69
CA VAL DA 29 50.32 -34.47 -106.83
C VAL DA 29 50.30 -33.56 -105.62
N VAL DA 30 51.47 -33.23 -105.08
CA VAL DA 30 51.51 -32.39 -103.88
C VAL DA 30 50.88 -31.04 -104.16
N LEU DA 31 51.18 -30.45 -105.32
CA LEU DA 31 50.62 -29.15 -105.66
C LEU DA 31 49.10 -29.17 -105.59
N LYS DA 32 48.49 -30.32 -105.88
CA LYS DA 32 47.03 -30.41 -105.82
C LYS DA 32 46.53 -30.15 -104.41
N HIS DA 33 47.20 -30.72 -103.40
CA HIS DA 33 46.74 -30.56 -102.03
C HIS DA 33 46.97 -29.13 -101.53
N VAL DA 34 47.96 -28.43 -102.09
CA VAL DA 34 48.21 -27.06 -101.66
C VAL DA 34 47.02 -26.17 -101.97
N LYS DA 35 46.45 -26.32 -103.18
CA LYS DA 35 45.24 -25.58 -103.52
C LYS DA 35 44.09 -25.98 -102.61
N LEU DA 36 43.94 -27.28 -102.36
CA LEU DA 36 42.82 -27.76 -101.55
C LEU DA 36 42.94 -27.30 -100.10
N ILE DA 37 44.14 -27.38 -99.53
CA ILE DA 37 44.31 -26.98 -98.14
C ILE DA 37 44.19 -25.46 -97.99
N LEU DA 38 44.81 -24.71 -98.89
CA LEU DA 38 44.69 -23.26 -98.85
C LEU DA 38 43.25 -22.83 -99.07
N THR DA 39 42.57 -23.44 -100.05
CA THR DA 39 41.18 -23.09 -100.31
C THR DA 39 40.29 -23.41 -99.12
N SER DA 40 40.47 -24.59 -98.53
CA SER DA 40 39.63 -24.97 -97.40
C SER DA 40 39.84 -24.05 -96.21
N GLN DA 41 41.10 -23.71 -95.91
CA GLN DA 41 41.40 -22.87 -94.77
C GLN DA 41 40.87 -21.46 -94.99
N LYS DA 42 40.36 -20.84 -93.92
CA LYS DA 42 39.76 -19.53 -93.99
C LYS DA 42 40.53 -18.48 -93.22
N GLU DA 43 40.85 -18.72 -91.95
CA GLU DA 43 41.56 -17.74 -91.15
C GLU DA 43 42.93 -17.46 -91.74
N HIS DA 44 43.32 -16.19 -91.77
CA HIS DA 44 44.59 -15.77 -92.36
C HIS DA 44 45.68 -15.78 -91.29
N GLN DA 45 46.72 -16.57 -91.54
CA GLN DA 45 47.90 -16.63 -90.70
C GLN DA 45 49.13 -16.57 -91.59
N PRO DA 46 50.28 -16.18 -91.04
CA PRO DA 46 51.48 -16.05 -91.88
C PRO DA 46 51.91 -17.34 -92.56
N TRP DA 47 51.59 -18.50 -91.98
CA TRP DA 47 52.08 -19.76 -92.55
C TRP DA 47 51.51 -19.99 -93.94
N MET DA 48 50.21 -19.74 -94.14
CA MET DA 48 49.63 -19.92 -95.46
C MET DA 48 50.22 -18.94 -96.46
N THR DA 49 50.46 -17.70 -96.03
CA THR DA 49 51.09 -16.73 -96.92
C THR DA 49 52.48 -17.20 -97.34
N GLU DA 50 53.26 -17.70 -96.38
CA GLU DA 50 54.58 -18.24 -96.70
C GLU DA 50 54.49 -19.60 -97.36
N MET DA 51 53.46 -20.38 -97.04
CA MET DA 51 53.31 -21.71 -97.62
C MET DA 51 53.15 -21.62 -99.13
N ALA DA 52 52.35 -20.66 -99.61
CA ALA DA 52 52.16 -20.49 -101.05
C ALA DA 52 53.48 -20.13 -101.73
N LEU DA 53 54.25 -19.23 -101.12
CA LEU DA 53 55.51 -18.80 -101.72
C LEU DA 53 56.48 -19.97 -101.88
N LYS DA 54 56.56 -20.82 -100.85
CA LYS DA 54 57.47 -21.95 -100.91
C LYS DA 54 57.09 -22.90 -102.04
N ALA DA 55 55.79 -23.14 -102.23
CA ALA DA 55 55.35 -24.02 -103.31
C ALA DA 55 55.48 -23.37 -104.67
N ASP DA 56 55.43 -22.04 -104.73
CA ASP DA 56 55.48 -21.36 -106.02
C ASP DA 56 56.80 -21.64 -106.73
N GLN DA 57 57.91 -21.67 -105.99
CA GLN DA 57 59.22 -21.85 -106.61
C GLN DA 57 59.25 -23.12 -107.44
N CYS DA 58 58.59 -24.19 -106.97
CA CYS DA 58 58.58 -25.45 -107.71
C CYS DA 58 57.99 -25.27 -109.10
N LEU DA 59 56.99 -24.40 -109.25
CA LEU DA 59 56.37 -24.20 -110.56
C LEU DA 59 57.37 -23.63 -111.55
N ILE DA 60 58.20 -22.68 -111.11
CA ILE DA 60 59.16 -22.07 -112.02
C ILE DA 60 60.14 -23.12 -112.54
N HIS DA 61 60.60 -24.00 -111.64
CA HIS DA 61 61.54 -25.04 -112.06
C HIS DA 61 60.91 -25.99 -113.06
N LYS DA 62 59.60 -26.23 -112.97
CA LYS DA 62 58.93 -27.07 -113.94
C LYS DA 62 59.09 -26.52 -115.34
N ALA DA 63 58.82 -25.23 -115.53
CA ALA DA 63 58.96 -24.62 -116.84
C ALA DA 63 60.42 -24.34 -117.18
N THR DA 64 61.25 -24.03 -116.18
CA THR DA 64 62.65 -23.76 -116.45
C THR DA 64 63.32 -24.95 -117.12
N LEU DA 65 63.13 -26.14 -116.55
CA LEU DA 65 63.69 -27.34 -117.16
C LEU DA 65 62.91 -27.76 -118.40
N PRO DA 78 75.72 -31.67 -114.39
CA PRO DA 78 75.60 -31.47 -112.93
C PRO DA 78 74.58 -30.41 -112.56
N LEU DA 79 74.45 -29.36 -113.38
CA LEU DA 79 73.51 -28.30 -113.06
C LEU DA 79 72.07 -28.80 -113.15
N ILE DA 80 71.73 -29.46 -114.26
CA ILE DA 80 70.36 -29.94 -114.44
C ILE DA 80 70.02 -31.00 -113.40
N GLU DA 81 70.95 -31.94 -113.17
CA GLU DA 81 70.69 -33.03 -112.23
C GLU DA 81 70.42 -32.49 -110.83
N ALA DA 82 71.18 -31.47 -110.40
CA ALA DA 82 70.99 -30.91 -109.08
C ALA DA 82 69.59 -30.32 -108.92
N MET DA 83 69.10 -29.64 -109.97
CA MET DA 83 67.77 -29.05 -109.88
C MET DA 83 66.71 -30.11 -109.66
N GLN DA 84 66.85 -31.27 -110.30
CA GLN DA 84 65.89 -32.35 -110.10
C GLN DA 84 65.82 -32.76 -108.64
N GLN DA 85 66.97 -32.88 -107.98
CA GLN DA 85 66.99 -33.20 -106.56
C GLN DA 85 66.45 -32.04 -105.73
N ILE DA 86 66.71 -30.80 -106.17
CA ILE DA 86 66.23 -29.64 -105.41
C ILE DA 86 64.71 -29.64 -105.36
N ILE DA 87 64.06 -29.94 -106.48
CA ILE DA 87 62.60 -29.95 -106.51
C ILE DA 87 62.07 -30.95 -105.50
N LEU DA 88 62.66 -32.14 -105.45
CA LEU DA 88 62.22 -33.14 -104.48
C LEU DA 88 62.48 -32.69 -103.06
N ALA DA 89 63.51 -31.86 -102.85
CA ALA DA 89 63.80 -31.37 -101.51
C ALA DA 89 62.64 -30.53 -100.98
N MET DA 90 62.08 -29.66 -101.83
CA MET DA 90 60.98 -28.82 -101.39
C MET DA 90 59.70 -29.63 -101.19
N THR DA 91 59.51 -30.69 -101.97
CA THR DA 91 58.31 -31.50 -101.83
C THR DA 91 58.22 -32.11 -100.44
N ARG DA 92 59.34 -32.62 -99.91
CA ARG DA 92 59.34 -33.18 -98.56
C ARG DA 92 58.97 -32.11 -97.55
N GLU DA 93 59.51 -30.91 -97.70
CA GLU DA 93 59.19 -29.82 -96.77
C GLU DA 93 57.71 -29.45 -96.87
N LEU DA 94 57.17 -29.39 -98.09
CA LEU DA 94 55.78 -29.01 -98.26
C LEU DA 94 54.85 -30.04 -97.64
N TRP DA 95 55.13 -31.33 -97.86
CA TRP DA 95 54.24 -32.37 -97.35
C TRP DA 95 54.18 -32.34 -95.83
N GLY DA 96 55.25 -31.89 -95.17
CA GLY DA 96 55.24 -31.82 -93.73
C GLY DA 96 54.18 -30.87 -93.21
N GLN DA 97 54.11 -29.67 -93.79
CA GLN DA 97 53.10 -28.71 -93.39
C GLN DA 97 51.70 -29.23 -93.71
N ILE DA 98 51.55 -29.94 -94.82
CA ILE DA 98 50.25 -30.50 -95.17
C ILE DA 98 49.78 -31.47 -94.09
N GLN DA 99 50.65 -32.41 -93.71
CA GLN DA 99 50.25 -33.40 -92.71
C GLN DA 99 50.09 -32.78 -91.33
N ARG DA 100 51.00 -31.88 -90.96
CA ARG DA 100 50.91 -31.25 -89.64
C ARG DA 100 49.64 -30.41 -89.52
N HIS DA 101 49.28 -29.69 -90.58
CA HIS DA 101 48.07 -28.88 -90.53
C HIS DA 101 46.82 -29.75 -90.45
N HIS DA 102 46.75 -30.82 -91.26
CA HIS DA 102 45.57 -31.67 -91.26
C HIS DA 102 45.42 -32.39 -89.92
N TYR DA 103 46.47 -33.06 -89.46
CA TYR DA 103 46.42 -33.83 -88.22
C TYR DA 103 46.95 -33.03 -87.03
N GLY DA 104 48.21 -32.62 -87.11
CA GLY DA 104 48.84 -31.91 -86.02
C GLY DA 104 50.33 -32.09 -86.05
N ILE DA 105 51.03 -31.17 -85.38
CA ILE DA 105 52.49 -31.19 -85.38
C ILE DA 105 53.01 -32.43 -84.66
N VAL DA 106 52.43 -32.75 -83.49
CA VAL DA 106 52.91 -33.87 -82.70
C VAL DA 106 52.63 -35.19 -83.41
N GLN DA 107 51.45 -35.31 -84.02
CA GLN DA 107 51.06 -36.59 -84.62
C GLN DA 107 52.01 -36.98 -85.74
N VAL DA 108 52.39 -36.03 -86.59
CA VAL DA 108 53.33 -36.35 -87.68
C VAL DA 108 54.66 -36.80 -87.10
N GLU DA 109 55.18 -36.04 -86.12
CA GLU DA 109 56.42 -36.46 -85.48
C GLU DA 109 56.27 -37.80 -84.79
N HIS DA 110 55.07 -38.08 -84.26
CA HIS DA 110 54.84 -39.35 -83.58
C HIS DA 110 54.65 -40.49 -84.56
N TYR DA 111 54.02 -40.24 -85.70
CA TYR DA 111 53.68 -41.30 -86.64
C TYR DA 111 54.76 -41.58 -87.67
N VAL DA 112 55.60 -40.59 -88.00
CA VAL DA 112 56.60 -40.79 -89.04
C VAL DA 112 57.55 -41.91 -88.66
N LYS DA 113 58.00 -41.93 -87.41
CA LYS DA 113 58.98 -42.93 -86.99
C LYS DA 113 58.40 -44.34 -87.07
N GLN DA 114 57.12 -44.50 -86.74
CA GLN DA 114 56.52 -45.82 -86.68
C GLN DA 114 56.63 -46.53 -88.02
N ILE DA 115 56.29 -45.84 -89.11
CA ILE DA 115 56.31 -46.47 -90.42
C ILE DA 115 57.75 -46.80 -90.83
N THR DA 116 58.70 -45.94 -90.45
CA THR DA 116 60.10 -46.21 -90.80
C THR DA 116 60.58 -47.50 -90.14
N LEU DA 117 60.19 -47.73 -88.89
CA LEU DA 117 60.56 -48.96 -88.20
C LEU DA 117 59.97 -50.17 -88.91
N TRP DA 118 58.70 -50.08 -89.33
CA TRP DA 118 58.06 -51.21 -89.99
C TRP DA 118 58.81 -51.60 -91.27
N GLN DA 119 59.52 -50.65 -91.88
CA GLN DA 119 60.29 -50.97 -93.08
C GLN DA 119 61.65 -51.55 -92.72
N ASP DA 120 62.38 -50.89 -91.83
CA ASP DA 120 63.72 -51.33 -91.44
C ASP DA 120 63.57 -52.50 -90.46
N THR DA 121 63.22 -53.65 -91.03
CA THR DA 121 63.03 -54.87 -90.25
C THR DA 121 63.16 -56.06 -91.19
N PRO DA 122 63.60 -57.22 -90.71
CA PRO DA 122 63.82 -58.35 -91.63
C PRO DA 122 62.53 -58.91 -92.20
N GLN DA 123 61.93 -58.17 -93.13
CA GLN DA 123 60.77 -58.60 -93.91
C GLN DA 123 59.78 -59.42 -93.10
N ALA DA 124 60.16 -60.65 -92.70
CA ALA DA 124 59.20 -61.57 -92.12
C ALA DA 124 58.53 -60.97 -90.89
N PHE DA 125 59.32 -60.49 -89.94
CA PHE DA 125 58.78 -59.86 -88.73
C PHE DA 125 58.68 -58.35 -88.90
N ARG DA 126 58.07 -57.92 -90.00
CA ARG DA 126 57.95 -56.49 -90.25
C ARG DA 126 57.01 -55.82 -89.26
N GLY DA 127 55.91 -56.50 -88.92
CA GLY DA 127 54.96 -55.95 -87.98
C GLY DA 127 53.54 -56.30 -88.36
N ASP DA 128 52.65 -55.30 -88.36
CA ASP DA 128 51.25 -55.51 -88.69
C ASP DA 128 50.72 -54.40 -89.58
N GLN DA 129 51.57 -53.81 -90.42
CA GLN DA 129 51.15 -52.75 -91.32
C GLN DA 129 50.54 -51.61 -90.50
N PRO DA 130 51.35 -50.85 -89.77
CA PRO DA 130 50.79 -49.86 -88.84
C PRO DA 130 49.83 -48.91 -89.55
N LYS DA 131 48.70 -48.67 -88.90
CA LYS DA 131 47.66 -47.84 -89.50
C LYS DA 131 48.10 -46.37 -89.51
N PRO DA 132 47.69 -45.61 -90.52
CA PRO DA 132 47.98 -44.17 -90.52
C PRO DA 132 47.15 -43.46 -89.46
N PRO DA 133 47.57 -42.26 -89.06
CA PRO DA 133 46.87 -41.58 -87.97
C PRO DA 133 45.41 -41.30 -88.32
N THR EA 3 -10.19 91.79 87.89
CA THR EA 3 -9.30 90.72 88.31
C THR EA 3 -9.33 89.57 87.31
N PHE EA 4 -10.51 89.21 86.81
CA PHE EA 4 -10.62 88.07 85.92
C PHE EA 4 -9.83 88.29 84.63
N ILE EA 5 -9.93 89.49 84.05
CA ILE EA 5 -9.24 89.75 82.79
C ILE EA 5 -7.74 89.57 82.96
N GLU EA 6 -7.21 89.97 84.12
CA GLU EA 6 -5.80 89.75 84.40
C GLU EA 6 -5.46 88.26 84.34
N LEU EA 7 -6.35 87.42 84.88
CA LEU EA 7 -6.09 85.98 84.85
C LEU EA 7 -6.08 85.45 83.43
N VAL EA 8 -7.00 85.94 82.59
CA VAL EA 8 -7.07 85.44 81.21
C VAL EA 8 -5.84 85.88 80.42
N LYS EA 9 -5.38 87.12 80.64
CA LYS EA 9 -4.18 87.58 79.94
C LYS EA 9 -3.00 86.67 80.21
N ASN EA 10 -2.99 85.98 81.35
CA ASN EA 10 -1.95 85.02 81.67
C ASN EA 10 -2.29 83.66 81.05
N MET EA 11 -2.44 83.67 79.73
CA MET EA 11 -2.78 82.48 78.98
C MET EA 11 -2.04 82.48 77.65
N LYS EA 12 -1.96 81.29 77.04
CA LYS EA 12 -1.18 81.09 75.83
C LYS EA 12 -2.08 81.22 74.61
N GLY EA 13 -1.56 81.89 73.58
CA GLY EA 13 -2.33 82.19 72.40
C GLY EA 13 -3.22 83.40 72.52
N TYR EA 14 -3.01 84.24 73.54
CA TYR EA 14 -3.85 85.40 73.78
C TYR EA 14 -3.45 86.52 72.83
N LYS EA 15 -4.35 86.88 71.92
CA LYS EA 15 -4.14 87.98 70.99
C LYS EA 15 -5.09 89.11 71.36
N GLU EA 16 -4.53 90.28 71.67
CA GLU EA 16 -5.35 91.40 72.07
C GLU EA 16 -6.16 91.92 70.88
N LEU EA 17 -7.38 92.41 71.19
CA LEU EA 17 -8.28 92.87 70.15
C LEU EA 17 -8.97 94.18 70.52
N LEU EA 18 -8.54 94.86 71.57
CA LEU EA 18 -9.18 96.10 72.04
C LEU EA 18 -8.20 97.25 71.87
N LEU EA 19 -8.68 98.34 71.26
CA LEU EA 19 -7.88 99.52 71.06
C LEU EA 19 -7.86 100.39 72.31
N PRO EA 20 -6.93 101.33 72.41
CA PRO EA 20 -6.92 102.24 73.56
C PRO EA 20 -8.21 103.05 73.63
N MET EA 21 -8.60 103.38 74.87
CA MET EA 21 -9.82 104.15 75.08
C MET EA 21 -9.78 105.49 74.35
N GLU EA 22 -8.57 106.02 74.11
CA GLU EA 22 -8.43 107.33 73.47
C GLU EA 22 -8.63 107.28 71.96
N MET EA 23 -8.71 106.08 71.37
CA MET EA 23 -8.85 105.95 69.93
C MET EA 23 -10.22 105.47 69.48
N VAL EA 24 -10.96 104.79 70.35
CA VAL EA 24 -12.28 104.27 69.98
C VAL EA 24 -13.23 105.44 69.72
N PRO EA 25 -14.21 105.28 68.85
CA PRO EA 25 -15.14 106.39 68.59
C PRO EA 25 -15.96 106.73 69.81
N LEU EA 26 -16.70 107.82 69.70
CA LEU EA 26 -17.64 108.18 70.75
C LEU EA 26 -18.79 107.15 70.78
N PRO EA 27 -19.43 106.96 71.94
CA PRO EA 27 -20.47 105.94 72.02
C PRO EA 27 -21.59 106.14 71.02
N ALA EA 28 -21.94 107.39 70.72
CA ALA EA 28 -23.00 107.64 69.76
C ALA EA 28 -22.62 107.11 68.38
N VAL EA 29 -21.37 107.29 67.98
CA VAL EA 29 -20.95 106.85 66.65
C VAL EA 29 -20.99 105.34 66.54
N VAL EA 30 -20.65 104.64 67.62
CA VAL EA 30 -20.56 103.18 67.54
C VAL EA 30 -21.92 102.59 67.22
N LEU EA 31 -22.97 103.11 67.87
CA LEU EA 31 -24.32 102.58 67.64
C LEU EA 31 -24.70 102.64 66.17
N LYS EA 32 -24.18 103.63 65.44
CA LYS EA 32 -24.53 103.76 64.03
C LYS EA 32 -24.09 102.54 63.24
N HIS EA 33 -22.88 102.04 63.49
CA HIS EA 33 -22.42 100.84 62.79
C HIS EA 33 -23.20 99.61 63.21
N VAL EA 34 -23.71 99.59 64.44
CA VAL EA 34 -24.46 98.44 64.92
C VAL EA 34 -25.69 98.21 64.05
N LYS EA 35 -26.42 99.28 63.76
CA LYS EA 35 -27.63 99.16 62.95
C LYS EA 35 -27.32 98.64 61.55
N LEU EA 36 -26.25 99.17 60.94
CA LEU EA 36 -25.88 98.72 59.61
C LEU EA 36 -25.44 97.26 59.63
N ILE EA 37 -24.55 96.92 60.54
CA ILE EA 37 -24.01 95.56 60.58
C ILE EA 37 -25.12 94.56 60.92
N LEU EA 38 -25.95 94.89 61.93
CA LEU EA 38 -27.06 94.01 62.27
C LEU EA 38 -28.04 93.90 61.13
N THR EA 39 -28.50 95.04 60.62
CA THR EA 39 -29.57 95.03 59.61
C THR EA 39 -29.05 94.54 58.27
N SER EA 40 -27.88 95.02 57.85
CA SER EA 40 -27.29 94.63 56.57
C SER EA 40 -26.54 93.32 56.74
N GLN EA 41 -27.30 92.28 57.10
CA GLN EA 41 -26.74 90.95 57.29
C GLN EA 41 -27.78 89.91 56.88
N LYS EA 42 -27.27 88.76 56.43
CA LYS EA 42 -28.11 87.65 56.00
C LYS EA 42 -27.64 86.39 56.70
N GLU EA 43 -28.58 85.46 56.92
CA GLU EA 43 -28.28 84.21 57.61
C GLU EA 43 -27.71 84.48 59.01
N HIS EA 44 -28.57 85.08 59.84
CA HIS EA 44 -28.20 85.48 61.18
C HIS EA 44 -27.33 84.43 61.86
N GLN EA 45 -26.27 84.90 62.50
CA GLN EA 45 -25.29 84.06 63.16
C GLN EA 45 -25.26 84.35 64.66
N PRO EA 46 -24.75 83.42 65.47
CA PRO EA 46 -24.84 83.60 66.92
C PRO EA 46 -24.19 84.88 67.42
N TRP EA 47 -23.07 85.30 66.83
CA TRP EA 47 -22.38 86.48 67.30
C TRP EA 47 -23.20 87.74 67.12
N MET EA 48 -24.17 87.73 66.20
CA MET EA 48 -25.02 88.91 66.03
C MET EA 48 -25.83 89.19 67.28
N THR EA 49 -26.34 88.13 67.93
CA THR EA 49 -27.13 88.32 69.13
C THR EA 49 -26.28 88.94 70.24
N GLU EA 50 -25.03 88.51 70.37
CA GLU EA 50 -24.17 89.05 71.41
C GLU EA 50 -23.96 90.54 71.23
N MET EA 51 -23.78 90.99 69.99
CA MET EA 51 -23.55 92.41 69.74
C MET EA 51 -24.74 93.24 70.19
N ALA EA 52 -25.96 92.80 69.88
CA ALA EA 52 -27.14 93.58 70.23
C ALA EA 52 -27.32 93.68 71.73
N LEU EA 53 -27.07 92.59 72.46
CA LEU EA 53 -27.28 92.58 73.90
C LEU EA 53 -26.39 93.61 74.58
N LYS EA 54 -25.12 93.68 74.19
CA LYS EA 54 -24.21 94.65 74.78
C LYS EA 54 -24.60 96.07 74.41
N ALA EA 55 -25.12 96.26 73.19
CA ALA EA 55 -25.44 97.61 72.74
C ALA EA 55 -26.48 98.26 73.62
N ASP EA 56 -27.54 97.53 73.97
CA ASP EA 56 -28.60 98.11 74.78
C ASP EA 56 -28.09 98.51 76.16
N GLN EA 57 -27.04 97.84 76.66
CA GLN EA 57 -26.51 98.17 77.97
C GLN EA 57 -25.98 99.60 78.00
N CYS EA 58 -25.27 100.00 76.95
CA CYS EA 58 -24.75 101.36 76.89
C CYS EA 58 -25.89 102.38 76.91
N LEU EA 59 -26.97 102.09 76.18
CA LEU EA 59 -28.12 102.97 76.18
C LEU EA 59 -28.73 103.06 77.57
N ILE EA 60 -28.83 101.93 78.28
CA ILE EA 60 -29.39 101.93 79.62
C ILE EA 60 -28.57 102.82 80.54
N HIS EA 61 -27.24 102.64 80.52
CA HIS EA 61 -26.38 103.51 81.31
C HIS EA 61 -26.45 104.94 80.82
N LYS EA 62 -26.49 105.13 79.50
CA LYS EA 62 -26.58 106.48 78.95
C LYS EA 62 -27.88 107.15 79.37
N ALA EA 63 -28.99 106.41 79.35
CA ALA EA 63 -30.27 106.95 79.78
C ALA EA 63 -30.35 107.15 81.29
N THR EA 64 -29.37 106.65 82.04
CA THR EA 64 -29.38 106.77 83.50
C THR EA 64 -28.79 108.09 83.98
N LEU EA 65 -27.89 108.70 83.20
CA LEU EA 65 -27.25 109.93 83.65
C LEU EA 65 -28.25 111.07 83.79
N ASP EA 66 -29.24 111.15 82.90
CA ASP EA 66 -30.23 112.21 82.99
C ASP EA 66 -30.95 112.21 84.33
N PRO EA 78 -19.31 110.26 93.63
CA PRO EA 78 -18.77 109.06 92.97
C PRO EA 78 -19.83 108.22 92.29
N LEU EA 79 -20.90 107.87 93.01
CA LEU EA 79 -21.89 106.93 92.47
C LEU EA 79 -22.52 107.46 91.19
N ILE EA 80 -22.88 108.74 91.18
CA ILE EA 80 -23.51 109.31 89.98
C ILE EA 80 -22.53 109.28 88.82
N GLU EA 81 -21.28 109.68 89.06
CA GLU EA 81 -20.27 109.71 88.02
C GLU EA 81 -19.60 108.36 87.79
N ALA EA 82 -19.77 107.40 88.69
CA ALA EA 82 -19.12 106.10 88.54
C ALA EA 82 -19.62 105.37 87.30
N MET EA 83 -20.93 105.41 87.05
CA MET EA 83 -21.47 104.68 85.91
C MET EA 83 -20.90 105.20 84.59
N GLN EA 84 -20.53 106.48 84.53
CA GLN EA 84 -19.99 107.03 83.31
C GLN EA 84 -18.71 106.32 82.89
N GLN EA 85 -17.95 105.80 83.85
CA GLN EA 85 -16.72 105.09 83.52
C GLN EA 85 -17.00 103.84 82.71
N ILE EA 86 -18.05 103.11 83.06
CA ILE EA 86 -18.37 101.87 82.36
C ILE EA 86 -18.80 102.17 80.93
N ILE EA 87 -19.51 103.28 80.73
CA ILE EA 87 -20.01 103.60 79.39
C ILE EA 87 -18.86 103.67 78.40
N LEU EA 88 -17.79 104.38 78.76
CA LEU EA 88 -16.63 104.46 77.88
C LEU EA 88 -16.01 103.08 77.68
N ALA EA 89 -15.91 102.30 78.76
CA ALA EA 89 -15.32 100.97 78.65
C ALA EA 89 -16.17 100.07 77.77
N MET EA 90 -17.49 100.15 77.89
CA MET EA 90 -18.36 99.28 77.12
C MET EA 90 -18.12 99.44 75.62
N THR EA 91 -17.84 100.68 75.18
CA THR EA 91 -17.57 100.91 73.77
C THR EA 91 -16.32 100.17 73.32
N ARG EA 92 -15.28 100.16 74.16
CA ARG EA 92 -14.02 99.54 73.77
C ARG EA 92 -14.22 98.06 73.45
N GLU EA 93 -14.96 97.34 74.29
CA GLU EA 93 -15.27 95.95 73.98
C GLU EA 93 -16.22 95.86 72.80
N LEU EA 94 -17.20 96.77 72.73
CA LEU EA 94 -18.17 96.74 71.65
C LEU EA 94 -17.51 97.01 70.30
N TRP EA 95 -16.61 98.00 70.25
CA TRP EA 95 -15.95 98.33 69.00
C TRP EA 95 -15.09 97.19 68.49
N GLY EA 96 -14.63 96.32 69.39
CA GLY EA 96 -13.79 95.21 68.97
C GLY EA 96 -14.52 94.26 68.04
N GLN EA 97 -15.80 94.01 68.31
CA GLN EA 97 -16.57 93.12 67.45
C GLN EA 97 -16.86 93.76 66.10
N ILE EA 98 -17.00 95.10 66.06
CA ILE EA 98 -17.26 95.78 64.81
C ILE EA 98 -16.14 95.54 63.82
N GLN EA 99 -14.89 95.69 64.27
CA GLN EA 99 -13.75 95.51 63.38
C GLN EA 99 -13.62 94.06 62.94
N ARG EA 100 -14.00 93.11 63.79
CA ARG EA 100 -13.96 91.71 63.40
C ARG EA 100 -14.88 91.45 62.21
N HIS EA 101 -16.09 92.02 62.25
CA HIS EA 101 -17.02 91.84 61.14
C HIS EA 101 -16.51 92.54 59.88
N HIS EA 102 -16.04 93.78 60.03
CA HIS EA 102 -15.57 94.54 58.86
C HIS EA 102 -14.26 93.97 58.34
N TYR EA 103 -13.22 94.01 59.16
CA TYR EA 103 -11.89 93.58 58.73
C TYR EA 103 -11.74 92.06 58.81
N GLY EA 104 -11.86 91.51 60.01
CA GLY EA 104 -11.63 90.10 60.26
C GLY EA 104 -10.82 89.95 61.53
N ILE EA 105 -11.01 88.83 62.22
CA ILE EA 105 -10.34 88.62 63.50
C ILE EA 105 -8.84 88.60 63.32
N VAL EA 106 -8.35 87.88 62.30
CA VAL EA 106 -6.91 87.73 62.11
C VAL EA 106 -6.26 89.08 61.83
N GLN EA 107 -6.87 89.86 60.94
CA GLN EA 107 -6.28 91.15 60.56
C GLN EA 107 -6.25 92.10 61.76
N VAL EA 108 -7.27 92.06 62.60
CA VAL EA 108 -7.35 92.99 63.72
C VAL EA 108 -6.16 92.79 64.65
N GLU EA 109 -5.81 91.54 64.94
CA GLU EA 109 -4.70 91.27 65.84
C GLU EA 109 -3.44 92.00 65.39
N HIS EA 110 -3.11 91.90 64.11
CA HIS EA 110 -1.94 92.61 63.59
C HIS EA 110 -2.10 94.11 63.74
N TYR EA 111 -3.28 94.63 63.43
CA TYR EA 111 -3.49 96.08 63.47
C TYR EA 111 -3.28 96.63 64.87
N VAL EA 112 -3.79 95.95 65.89
CA VAL EA 112 -3.69 96.46 67.25
C VAL EA 112 -2.23 96.55 67.67
N LYS EA 113 -1.47 95.49 67.43
CA LYS EA 113 -0.06 95.50 67.82
C LYS EA 113 0.70 96.58 67.09
N GLN EA 114 0.42 96.76 65.80
CA GLN EA 114 1.03 97.85 65.04
C GLN EA 114 0.68 99.19 65.66
N ILE EA 115 -0.58 99.37 66.04
CA ILE EA 115 -0.99 100.60 66.72
C ILE EA 115 -0.28 100.71 68.06
N THR EA 116 -0.20 99.62 68.80
CA THR EA 116 0.43 99.66 70.13
C THR EA 116 1.88 100.09 70.02
N LEU EA 117 2.64 99.43 69.14
CA LEU EA 117 4.03 99.81 68.94
C LEU EA 117 4.12 101.25 68.42
N TRP EA 118 3.25 101.62 67.49
CA TRP EA 118 3.24 102.99 67.01
C TRP EA 118 2.96 103.97 68.14
N GLN EA 119 2.01 103.66 69.01
CA GLN EA 119 1.75 104.52 70.15
C GLN EA 119 2.88 104.47 71.17
N ASP EA 120 3.52 103.30 71.31
CA ASP EA 120 4.60 103.17 72.28
C ASP EA 120 5.79 104.05 71.92
N THR EA 121 6.15 104.07 70.65
CA THR EA 121 7.32 104.84 70.21
C THR EA 121 7.08 106.32 70.49
N PRO EA 122 8.10 107.06 70.94
CA PRO EA 122 7.91 108.50 71.19
C PRO EA 122 7.51 109.25 69.93
N GLN EA 123 6.69 110.29 70.11
CA GLN EA 123 6.16 111.05 68.98
C GLN EA 123 7.26 111.69 68.16
N ALA EA 124 8.45 111.89 68.72
CA ALA EA 124 9.52 112.54 67.98
C ALA EA 124 9.90 111.73 66.74
N PHE EA 125 9.99 110.41 66.89
CA PHE EA 125 10.33 109.51 65.79
C PHE EA 125 9.29 108.42 65.64
N ARG EA 126 8.04 108.72 65.99
CA ARG EA 126 6.99 107.70 65.96
C ARG EA 126 6.73 107.22 64.54
N GLY EA 127 6.70 108.12 63.57
CA GLY EA 127 6.43 107.75 62.20
C GLY EA 127 4.96 107.86 61.84
N ASP EA 128 4.67 107.56 60.58
CA ASP EA 128 3.30 107.64 60.08
C ASP EA 128 2.43 106.58 60.74
N GLN EA 129 1.21 106.97 61.10
CA GLN EA 129 0.29 106.04 61.72
C GLN EA 129 -0.11 104.97 60.70
N PRO EA 130 -0.07 103.69 61.08
CA PRO EA 130 -0.46 102.64 60.13
C PRO EA 130 -1.94 102.71 59.79
N LYS EA 131 -2.26 102.27 58.59
CA LYS EA 131 -3.63 102.28 58.10
C LYS EA 131 -4.34 100.98 58.45
N PRO EA 132 -5.66 100.98 58.51
CA PRO EA 132 -6.40 99.76 58.85
C PRO EA 132 -6.15 98.67 57.83
N PRO EA 133 -6.40 97.41 58.18
CA PRO EA 133 -6.19 96.32 57.22
C PRO EA 133 -7.21 96.32 56.10
N SER EA 134 -7.13 95.32 55.23
CA SER EA 134 -8.08 95.17 54.13
C SER EA 134 -9.36 94.52 54.62
N PHE EA 135 -10.46 94.90 53.99
CA PHE EA 135 -11.76 94.36 54.37
C PHE EA 135 -11.86 92.86 54.07
N THR FA 3 -34.36 98.44 71.57
CA THR FA 3 -34.74 98.32 70.16
C THR FA 3 -33.81 97.43 69.36
N PHE FA 4 -32.50 97.49 69.63
CA PHE FA 4 -31.56 96.69 68.86
C PHE FA 4 -31.84 95.20 69.00
N ILE FA 5 -32.12 94.76 70.22
CA ILE FA 5 -32.41 93.34 70.44
C ILE FA 5 -33.66 92.94 69.68
N GLU FA 6 -34.63 93.84 69.59
CA GLU FA 6 -35.85 93.54 68.84
C GLU FA 6 -35.54 93.30 67.37
N LEU FA 7 -34.62 94.08 66.81
CA LEU FA 7 -34.25 93.89 65.41
C LEU FA 7 -33.68 92.50 65.17
N VAL FA 8 -32.84 92.02 66.11
CA VAL FA 8 -32.29 90.68 65.99
C VAL FA 8 -33.41 89.65 66.03
N LYS FA 9 -34.36 89.82 66.95
CA LYS FA 9 -35.47 88.90 67.06
C LYS FA 9 -36.34 88.89 65.81
N ASN FA 10 -36.21 89.90 64.95
CA ASN FA 10 -36.94 89.96 63.69
C ASN FA 10 -36.20 89.31 62.54
N MET FA 11 -35.03 88.72 62.80
CA MET FA 11 -34.22 88.15 61.73
C MET FA 11 -34.74 86.77 61.34
N LYS FA 12 -34.01 86.13 60.43
CA LYS FA 12 -34.30 84.78 59.97
C LYS FA 12 -33.24 83.83 60.51
N GLY FA 13 -33.68 82.73 61.09
CA GLY FA 13 -32.78 81.76 61.70
C GLY FA 13 -32.39 82.07 63.13
N TYR FA 14 -32.83 83.19 63.67
CA TYR FA 14 -32.52 83.53 65.06
C TYR FA 14 -33.16 82.51 66.01
N LYS FA 15 -32.41 82.16 67.05
CA LYS FA 15 -32.87 81.18 68.04
C LYS FA 15 -32.50 81.67 69.42
N GLU FA 16 -33.42 81.48 70.38
CA GLU FA 16 -33.19 81.92 71.74
C GLU FA 16 -32.10 81.07 72.40
N LEU FA 17 -31.28 81.72 73.22
CA LEU FA 17 -30.25 81.04 74.00
C LEU FA 17 -30.27 81.41 75.46
N LEU FA 18 -30.97 82.46 75.86
CA LEU FA 18 -31.03 82.87 77.25
C LEU FA 18 -32.16 82.12 77.96
N LEU FA 19 -32.39 82.47 79.21
CA LEU FA 19 -33.37 81.81 80.06
C LEU FA 19 -34.17 82.87 80.81
N PRO FA 20 -35.33 82.50 81.33
CA PRO FA 20 -36.13 83.46 82.10
C PRO FA 20 -35.35 84.00 83.30
N MET FA 21 -35.61 85.26 83.64
CA MET FA 21 -34.91 85.90 84.74
C MET FA 21 -35.02 85.07 86.01
N GLU FA 22 -36.17 84.43 86.22
CA GLU FA 22 -36.35 83.62 87.42
C GLU FA 22 -35.40 82.43 87.44
N MET FA 23 -35.22 81.77 86.30
CA MET FA 23 -34.35 80.61 86.19
C MET FA 23 -32.91 81.06 85.96
N VAL FA 24 -32.42 81.91 86.84
CA VAL FA 24 -31.05 82.40 86.78
C VAL FA 24 -30.45 82.34 88.18
N PRO FA 25 -29.29 81.72 88.37
CA PRO FA 25 -28.69 81.66 89.70
C PRO FA 25 -28.45 83.05 90.27
N LEU FA 26 -28.16 83.08 91.57
CA LEU FA 26 -27.88 84.31 92.26
C LEU FA 26 -26.52 84.88 91.83
N PRO FA 27 -26.29 86.17 92.03
CA PRO FA 27 -24.99 86.75 91.66
C PRO FA 27 -23.87 86.22 92.53
N ALA FA 28 -22.65 86.68 92.28
CA ALA FA 28 -21.48 86.27 93.05
C ALA FA 28 -21.22 84.79 92.89
N VAL FA 29 -22.13 83.95 93.39
CA VAL FA 29 -21.92 82.50 93.29
C VAL FA 29 -21.88 82.06 91.83
N VAL FA 30 -22.73 82.66 90.99
CA VAL FA 30 -22.75 82.30 89.59
C VAL FA 30 -21.40 82.59 88.94
N LEU FA 31 -20.68 83.59 89.45
CA LEU FA 31 -19.37 83.93 88.90
C LEU FA 31 -18.35 82.81 89.11
N LYS FA 32 -18.64 81.87 90.02
CA LYS FA 32 -17.68 80.80 90.30
C LYS FA 32 -17.45 79.93 89.07
N HIS FA 33 -18.51 79.64 88.31
CA HIS FA 33 -18.35 78.87 87.09
C HIS FA 33 -17.37 79.53 86.13
N VAL FA 34 -17.21 80.85 86.23
CA VAL FA 34 -16.26 81.55 85.37
C VAL FA 34 -14.85 81.02 85.61
N LYS FA 35 -14.47 80.90 86.88
CA LYS FA 35 -13.13 80.42 87.21
C LYS FA 35 -12.94 78.99 86.74
N LEU FA 36 -13.96 78.15 86.91
CA LEU FA 36 -13.84 76.74 86.55
C LEU FA 36 -13.73 76.53 85.05
N ILE FA 37 -13.99 77.56 84.24
CA ILE FA 37 -13.96 77.43 82.79
C ILE FA 37 -12.78 78.21 82.23
N LEU FA 38 -12.35 79.24 82.97
CA LEU FA 38 -11.18 80.02 82.57
C LEU FA 38 -9.90 79.40 83.12
N THR FA 39 -9.83 79.20 84.43
CA THR FA 39 -8.63 78.63 85.04
C THR FA 39 -8.35 77.23 84.50
N SER FA 40 -9.39 76.42 84.38
CA SER FA 40 -9.25 75.05 83.86
C SER FA 40 -9.40 75.06 82.33
N GLN FA 41 -8.55 75.84 81.69
CA GLN FA 41 -8.61 75.99 80.24
C GLN FA 41 -7.24 76.39 79.71
N LYS FA 42 -7.06 76.21 78.40
CA LYS FA 42 -5.84 76.58 77.72
C LYS FA 42 -6.19 76.84 76.25
N GLU FA 43 -5.21 77.37 75.51
CA GLU FA 43 -5.41 77.73 74.11
C GLU FA 43 -6.52 78.80 73.99
N HIS FA 44 -6.21 79.95 74.57
CA HIS FA 44 -7.13 81.09 74.60
C HIS FA 44 -7.85 81.27 73.27
N GLN FA 45 -9.17 81.24 73.33
CA GLN FA 45 -10.02 81.40 72.16
C GLN FA 45 -10.77 82.73 72.22
N PRO FA 46 -11.23 83.24 71.08
CA PRO FA 46 -11.87 84.56 71.09
C PRO FA 46 -13.04 84.67 72.04
N TRP FA 47 -13.86 83.62 72.14
CA TRP FA 47 -15.05 83.70 72.99
C TRP FA 47 -14.68 83.78 74.47
N MET FA 48 -13.51 83.27 74.85
CA MET FA 48 -13.10 83.32 76.24
C MET FA 48 -12.94 84.76 76.71
N THR FA 49 -12.37 85.62 75.86
CA THR FA 49 -12.23 87.03 76.23
C THR FA 49 -13.59 87.69 76.43
N GLU FA 50 -14.56 87.34 75.58
CA GLU FA 50 -15.89 87.92 75.71
C GLU FA 50 -16.48 87.61 77.07
N MET FA 51 -16.36 86.35 77.51
CA MET FA 51 -16.86 85.99 78.84
C MET FA 51 -16.13 86.75 79.93
N ALA FA 52 -14.80 86.87 79.81
CA ALA FA 52 -14.03 87.54 80.84
C ALA FA 52 -14.41 89.01 80.96
N LEU FA 53 -14.60 89.68 79.81
CA LEU FA 53 -14.92 91.10 79.82
C LEU FA 53 -16.37 91.36 80.23
N LYS FA 54 -17.20 90.33 80.30
CA LYS FA 54 -18.59 90.48 80.75
C LYS FA 54 -18.76 90.15 82.23
N ALA FA 55 -18.15 89.06 82.69
CA ALA FA 55 -18.28 88.68 84.09
C ALA FA 55 -17.67 89.73 85.01
N ASP FA 56 -16.51 90.27 84.64
CA ASP FA 56 -15.86 91.28 85.48
C ASP FA 56 -16.71 92.52 85.65
N GLN FA 57 -17.64 92.78 84.74
CA GLN FA 57 -18.49 93.97 84.85
C GLN FA 57 -19.36 93.90 86.09
N CYS FA 58 -19.86 92.71 86.44
CA CYS FA 58 -20.71 92.58 87.61
C CYS FA 58 -19.97 93.03 88.86
N LEU FA 59 -18.70 92.67 88.99
CA LEU FA 59 -17.91 93.13 90.14
C LEU FA 59 -17.81 94.64 90.16
N ILE FA 60 -17.62 95.26 88.99
CA ILE FA 60 -17.54 96.71 88.93
C ILE FA 60 -18.84 97.34 89.41
N HIS FA 61 -19.97 96.85 88.92
CA HIS FA 61 -21.26 97.32 89.40
C HIS FA 61 -21.45 96.95 90.86
N LYS FA 62 -21.05 95.73 91.24
CA LYS FA 62 -21.16 95.30 92.63
C LYS FA 62 -20.28 96.14 93.54
N ALA FA 63 -19.09 96.52 93.06
CA ALA FA 63 -18.17 97.32 93.86
C ALA FA 63 -18.77 98.66 94.24
N THR FA 64 -19.71 99.18 93.45
CA THR FA 64 -20.32 100.47 93.77
C THR FA 64 -21.21 100.39 95.01
N LEU FA 65 -21.60 99.18 95.44
CA LEU FA 65 -22.43 99.06 96.62
C LEU FA 65 -21.75 99.64 97.85
N ASP FA 66 -20.41 99.57 97.90
CA ASP FA 66 -19.70 100.18 99.02
C ASP FA 66 -19.95 101.69 99.07
N PRO FA 78 -33.28 106.24 92.03
CA PRO FA 78 -33.28 105.54 90.74
C PRO FA 78 -31.90 105.11 90.29
N LEU FA 79 -30.87 105.91 90.58
CA LEU FA 79 -29.51 105.54 90.20
C LEU FA 79 -29.07 104.27 90.90
N ILE FA 80 -29.36 104.16 92.21
CA ILE FA 80 -28.99 102.96 92.96
C ILE FA 80 -29.83 101.77 92.52
N GLU FA 81 -31.14 101.99 92.35
CA GLU FA 81 -32.03 100.91 91.95
C GLU FA 81 -31.68 100.41 90.55
N ALA FA 82 -31.39 101.34 89.64
CA ALA FA 82 -31.16 100.96 88.25
C ALA FA 82 -29.98 100.00 88.12
N MET FA 83 -28.89 100.27 88.84
CA MET FA 83 -27.70 99.42 88.73
C MET FA 83 -28.01 97.99 89.14
N GLN FA 84 -28.80 97.82 90.21
CA GLN FA 84 -29.12 96.47 90.68
C GLN FA 84 -29.88 95.70 89.61
N GLN FA 85 -30.79 96.37 88.90
CA GLN FA 85 -31.56 95.69 87.85
C GLN FA 85 -30.65 95.21 86.73
N ILE FA 86 -29.64 96.01 86.38
CA ILE FA 86 -28.76 95.66 85.27
C ILE FA 86 -28.00 94.38 85.56
N ILE FA 87 -27.63 94.16 86.82
CA ILE FA 87 -26.85 92.97 87.16
C ILE FA 87 -27.59 91.71 86.76
N LEU FA 88 -28.91 91.69 86.97
CA LEU FA 88 -29.70 90.51 86.59
C LEU FA 88 -29.60 90.26 85.08
N ALA FA 89 -29.68 91.32 84.28
CA ALA FA 89 -29.63 91.15 82.84
C ALA FA 89 -28.29 90.58 82.40
N MET FA 90 -27.19 91.11 82.96
CA MET FA 90 -25.87 90.60 82.60
C MET FA 90 -25.70 89.16 83.09
N THR FA 91 -26.23 88.85 84.27
CA THR FA 91 -26.12 87.49 84.78
C THR FA 91 -26.80 86.49 83.86
N ARG FA 92 -27.94 86.88 83.29
CA ARG FA 92 -28.64 86.00 82.36
C ARG FA 92 -27.77 85.69 81.16
N GLU FA 93 -27.07 86.69 80.63
CA GLU FA 93 -26.20 86.47 79.47
C GLU FA 93 -25.06 85.53 79.83
N LEU FA 94 -24.51 85.66 81.04
CA LEU FA 94 -23.39 84.81 81.44
C LEU FA 94 -23.78 83.34 81.40
N TRP FA 95 -24.96 83.01 81.91
CA TRP FA 95 -25.37 81.60 81.97
C TRP FA 95 -25.49 81.01 80.58
N GLY FA 96 -26.04 81.76 79.63
CA GLY FA 96 -26.17 81.25 78.27
C GLY FA 96 -24.84 80.87 77.66
N GLN FA 97 -23.81 81.70 77.88
CA GLN FA 97 -22.49 81.38 77.38
C GLN FA 97 -21.96 80.11 78.01
N ILE FA 98 -22.19 79.94 79.32
CA ILE FA 98 -21.70 78.75 80.00
C ILE FA 98 -22.33 77.50 79.41
N GLN FA 99 -23.64 77.52 79.21
CA GLN FA 99 -24.32 76.39 78.57
C GLN FA 99 -23.87 76.23 77.12
N ARG FA 100 -23.58 77.34 76.44
CA ARG FA 100 -23.06 77.28 75.08
C ARG FA 100 -21.73 76.54 75.03
N HIS FA 101 -21.04 76.42 76.16
CA HIS FA 101 -19.77 75.71 76.23
C HIS FA 101 -19.91 74.31 76.82
N HIS FA 102 -20.65 74.17 77.91
CA HIS FA 102 -20.79 72.88 78.58
C HIS FA 102 -21.60 71.91 77.72
N TYR FA 103 -22.85 72.26 77.44
CA TYR FA 103 -23.74 71.38 76.67
C TYR FA 103 -23.77 71.77 75.20
N GLY FA 104 -22.59 71.87 74.59
CA GLY FA 104 -22.54 72.19 73.19
C GLY FA 104 -23.11 73.59 72.94
N ILE FA 105 -23.37 73.85 71.66
CA ILE FA 105 -23.97 75.10 71.24
C ILE FA 105 -25.24 74.82 70.46
N VAL FA 106 -25.33 73.63 69.86
CA VAL FA 106 -26.51 73.25 69.10
C VAL FA 106 -27.58 72.66 70.02
N GLN FA 107 -27.17 71.75 70.91
CA GLN FA 107 -28.11 71.14 71.83
C GLN FA 107 -28.70 72.14 72.81
N VAL FA 108 -28.04 73.27 73.02
CA VAL FA 108 -28.55 74.28 73.95
C VAL FA 108 -29.88 74.82 73.47
N GLU FA 109 -29.99 75.11 72.17
CA GLU FA 109 -31.23 75.66 71.64
C GLU FA 109 -32.40 74.72 71.88
N HIS FA 110 -32.19 73.42 71.69
CA HIS FA 110 -33.26 72.46 71.92
C HIS FA 110 -33.73 72.49 73.36
N TYR FA 111 -32.79 72.56 74.31
CA TYR FA 111 -33.18 72.58 75.72
C TYR FA 111 -34.01 73.82 76.04
N VAL FA 112 -33.54 75.00 75.63
CA VAL FA 112 -34.27 76.23 75.92
C VAL FA 112 -35.62 76.21 75.21
N LYS FA 113 -35.68 75.63 74.01
CA LYS FA 113 -36.94 75.51 73.31
C LYS FA 113 -37.97 74.77 74.16
N GLN FA 114 -37.56 73.67 74.80
CA GLN FA 114 -38.48 72.93 75.65
C GLN FA 114 -38.78 73.69 76.93
N ILE FA 115 -37.80 74.43 77.46
CA ILE FA 115 -38.02 75.19 78.68
C ILE FA 115 -39.15 76.19 78.48
N THR FA 116 -39.15 76.88 77.34
CA THR FA 116 -40.19 77.87 77.09
C THR FA 116 -41.58 77.23 77.08
N LEU FA 117 -41.71 76.09 76.40
CA LEU FA 117 -42.98 75.39 76.36
C LEU FA 117 -43.37 74.87 77.75
N TRP FA 118 -42.41 74.31 78.48
CA TRP FA 118 -42.71 73.71 79.78
C TRP FA 118 -43.15 74.74 80.80
N GLN FA 119 -42.80 76.01 80.62
CA GLN FA 119 -43.16 77.06 81.57
C GLN FA 119 -44.34 77.89 81.11
N ASP FA 120 -44.45 78.17 79.81
CA ASP FA 120 -45.53 79.00 79.32
C ASP FA 120 -46.89 78.34 79.54
N THR FA 121 -46.96 77.03 79.34
CA THR FA 121 -48.22 76.33 79.57
C THR FA 121 -48.60 76.40 81.05
N PRO FA 122 -49.89 76.34 81.37
CA PRO FA 122 -50.30 76.42 82.77
C PRO FA 122 -49.74 75.26 83.58
N GLN FA 123 -49.51 75.52 84.87
CA GLN FA 123 -48.90 74.52 85.73
C GLN FA 123 -49.68 73.22 85.80
N ALA FA 124 -50.98 73.26 85.48
CA ALA FA 124 -51.80 72.06 85.51
C ALA FA 124 -51.52 71.12 84.35
N PHE FA 125 -50.74 71.55 83.35
CA PHE FA 125 -50.47 70.74 82.17
C PHE FA 125 -48.99 70.48 81.94
N ARG FA 126 -48.09 71.15 82.67
CA ARG FA 126 -46.66 71.03 82.40
C ARG FA 126 -46.20 69.58 82.50
N GLY FA 127 -46.31 68.99 83.69
CA GLY FA 127 -45.85 67.64 83.92
C GLY FA 127 -44.55 67.59 84.69
N ASP FA 128 -43.45 67.26 84.02
CA ASP FA 128 -42.14 67.15 84.65
C ASP FA 128 -41.15 68.02 83.89
N GLN FA 129 -40.23 68.64 84.62
CA GLN FA 129 -39.22 69.47 84.00
C GLN FA 129 -38.34 68.63 83.08
N PRO FA 130 -38.04 69.09 81.87
CA PRO FA 130 -37.15 68.34 80.98
C PRO FA 130 -35.70 68.54 81.38
N LYS FA 131 -35.03 67.44 81.74
CA LYS FA 131 -33.66 67.54 82.19
C LYS FA 131 -32.76 68.03 81.05
N PRO FA 132 -31.85 68.97 81.31
CA PRO FA 132 -30.95 69.43 80.25
C PRO FA 132 -30.02 68.34 79.82
N PRO FA 133 -29.55 68.36 78.57
CA PRO FA 133 -28.61 67.33 78.12
C PRO FA 133 -27.29 67.40 78.88
N SER FA 134 -26.65 66.24 79.04
CA SER FA 134 -25.40 66.16 79.76
C SER FA 134 -24.26 66.74 78.92
N PHE FA 135 -23.05 66.63 79.45
CA PHE FA 135 -21.85 67.17 78.79
C PHE FA 135 -21.49 66.25 77.62
N THR GA 3 -72.31 78.15 61.29
CA THR GA 3 -72.95 77.12 60.47
C THR GA 3 -71.95 76.46 59.53
N PHE GA 4 -70.85 77.14 59.18
CA PHE GA 4 -69.84 76.52 58.33
C PHE GA 4 -69.24 75.30 59.01
N ILE GA 5 -68.99 75.38 60.31
CA ILE GA 5 -68.43 74.24 61.03
C ILE GA 5 -69.37 73.05 60.90
N GLU GA 6 -70.67 73.29 60.96
CA GLU GA 6 -71.64 72.21 60.73
C GLU GA 6 -71.48 71.63 59.34
N LEU GA 7 -71.26 72.50 58.34
CA LEU GA 7 -71.07 72.00 56.97
C LEU GA 7 -69.83 71.12 56.87
N VAL GA 8 -68.87 71.30 57.76
CA VAL GA 8 -67.68 70.47 57.78
C VAL GA 8 -67.72 69.42 58.88
N LYS GA 9 -68.55 69.60 59.90
CA LYS GA 9 -68.63 68.62 60.98
C LYS GA 9 -68.99 67.24 60.45
N ASN GA 10 -69.70 67.18 59.33
CA ASN GA 10 -70.05 65.90 58.71
C ASN GA 10 -68.94 65.35 57.84
N MET GA 11 -67.92 66.15 57.52
CA MET GA 11 -66.84 65.66 56.68
C MET GA 11 -66.05 64.58 57.40
N LYS GA 12 -65.51 63.63 56.61
CA LYS GA 12 -64.77 62.52 57.20
C LYS GA 12 -63.52 63.01 57.92
N GLY GA 13 -62.79 63.95 57.34
CA GLY GA 13 -61.54 64.40 57.90
C GLY GA 13 -61.68 65.56 58.86
N TYR GA 14 -62.91 65.93 59.20
CA TYR GA 14 -63.13 67.02 60.13
C TYR GA 14 -62.59 66.68 61.51
N LYS GA 15 -61.99 67.67 62.16
CA LYS GA 15 -61.38 67.48 63.47
C LYS GA 15 -61.71 68.67 64.36
N GLU GA 16 -61.71 68.43 65.67
CA GLU GA 16 -61.93 69.48 66.65
C GLU GA 16 -60.58 70.12 66.98
N LEU GA 17 -60.13 70.99 66.07
CA LEU GA 17 -58.86 71.68 66.27
C LEU GA 17 -58.91 72.66 67.43
N LEU GA 18 -60.10 73.06 67.87
CA LEU GA 18 -60.23 74.01 68.97
C LEU GA 18 -59.92 73.30 70.28
N LEU GA 19 -58.71 73.50 70.79
CA LEU GA 19 -58.29 72.85 72.01
C LEU GA 19 -58.98 73.48 73.22
N PRO GA 20 -58.96 72.79 74.36
CA PRO GA 20 -59.63 73.33 75.55
C PRO GA 20 -59.09 74.70 75.92
N MET GA 21 -59.98 75.56 76.40
CA MET GA 21 -59.58 76.91 76.78
C MET GA 21 -58.54 76.88 77.90
N GLU GA 22 -58.74 76.01 78.90
CA GLU GA 22 -57.78 75.92 79.99
C GLU GA 22 -56.41 75.47 79.47
N MET GA 23 -56.39 74.68 78.40
CA MET GA 23 -55.12 74.15 77.90
C MET GA 23 -54.20 75.26 77.42
N VAL GA 24 -54.74 76.23 76.70
CA VAL GA 24 -53.92 77.28 76.08
C VAL GA 24 -53.57 78.34 77.12
N PRO GA 25 -52.45 79.05 76.95
CA PRO GA 25 -52.11 80.14 77.89
C PRO GA 25 -52.80 81.44 77.55
N LEU GA 26 -52.43 82.52 78.25
CA LEU GA 26 -53.02 83.82 78.00
C LEU GA 26 -52.60 84.32 76.62
N PRO GA 27 -53.37 85.25 76.04
CA PRO GA 27 -53.05 85.72 74.68
C PRO GA 27 -51.66 86.28 74.54
N ALA GA 28 -51.16 87.00 75.55
CA ALA GA 28 -49.87 87.66 75.43
C ALA GA 28 -48.75 86.65 75.22
N VAL GA 29 -48.79 85.53 75.95
CA VAL GA 29 -47.72 84.55 75.86
C VAL GA 29 -47.72 83.89 74.48
N VAL GA 30 -48.90 83.65 73.91
CA VAL GA 30 -48.97 82.97 72.62
C VAL GA 30 -48.26 83.79 71.55
N LEU GA 31 -48.46 85.12 71.57
CA LEU GA 31 -47.81 85.96 70.58
C LEU GA 31 -46.30 85.78 70.60
N LYS GA 32 -45.73 85.48 71.77
CA LYS GA 32 -44.29 85.28 71.85
C LYS GA 32 -43.85 84.11 70.98
N HIS GA 33 -44.60 83.01 71.01
CA HIS GA 33 -44.21 81.83 70.24
C HIS GA 33 -44.39 82.06 68.75
N VAL GA 34 -45.31 82.94 68.36
CA VAL GA 34 -45.52 83.21 66.93
C VAL GA 34 -44.25 83.80 66.32
N LYS GA 35 -43.64 84.76 67.02
CA LYS GA 35 -42.37 85.31 66.55
C LYS GA 35 -41.29 84.24 66.52
N LEU GA 36 -41.22 83.42 67.56
CA LEU GA 36 -40.18 82.40 67.63
C LEU GA 36 -40.35 81.35 66.55
N ILE GA 37 -41.58 80.88 66.33
CA ILE GA 37 -41.80 79.84 65.33
C ILE GA 37 -41.62 80.39 63.93
N LEU GA 38 -42.15 81.58 63.66
CA LEU GA 38 -41.96 82.21 62.35
C LEU GA 38 -40.48 82.49 62.09
N THR GA 39 -39.79 83.02 63.10
CA THR GA 39 -38.37 83.32 62.94
C THR GA 39 -37.56 82.05 62.69
N SER GA 40 -37.84 81.00 63.47
CA SER GA 40 -37.08 79.76 63.31
C SER GA 40 -37.32 79.14 61.93
N GLN GA 41 -38.56 79.13 61.48
CA GLN GA 41 -38.88 78.52 60.19
C GLN GA 41 -38.26 79.33 59.06
N LYS GA 42 -37.79 78.62 58.03
CA LYS GA 42 -37.11 79.25 56.91
C LYS GA 42 -37.87 79.10 55.60
N GLU GA 43 -38.27 77.88 55.23
CA GLU GA 43 -38.96 77.69 53.96
C GLU GA 43 -40.28 78.43 53.97
N HIS GA 44 -40.60 79.06 52.84
CA HIS GA 44 -41.81 79.87 52.72
C HIS GA 44 -42.95 78.99 52.21
N GLN GA 45 -44.03 78.94 53.00
CA GLN GA 45 -45.25 78.25 52.65
C GLN GA 45 -46.43 79.15 52.97
N PRO GA 46 -47.58 78.94 52.35
CA PRO GA 46 -48.73 79.83 52.59
C PRO GA 46 -49.19 79.86 54.04
N TRP GA 47 -48.96 78.79 54.82
CA TRP GA 47 -49.48 78.76 56.18
C TRP GA 47 -48.85 79.85 57.04
N MET GA 48 -47.53 80.04 56.93
CA MET GA 48 -46.89 81.09 57.72
C MET GA 48 -47.37 82.47 57.30
N THR GA 49 -47.57 82.68 56.00
CA THR GA 49 -48.11 83.95 55.53
C THR GA 49 -49.48 84.20 56.11
N GLU GA 50 -50.35 83.18 56.09
CA GLU GA 50 -51.67 83.31 56.69
C GLU GA 50 -51.62 83.26 58.21
N MET GA 51 -50.65 82.55 58.77
CA MET GA 51 -50.54 82.45 60.22
C MET GA 51 -50.29 83.82 60.84
N ALA GA 52 -49.41 84.62 60.23
CA ALA GA 52 -49.15 85.96 60.75
C ALA GA 52 -50.39 86.82 60.71
N LEU GA 53 -51.16 86.75 59.61
CA LEU GA 53 -52.35 87.58 59.48
C LEU GA 53 -53.37 87.25 60.57
N LYS GA 54 -53.56 85.95 60.85
CA LYS GA 54 -54.52 85.55 61.86
C LYS GA 54 -54.14 86.10 63.23
N ALA GA 55 -52.83 86.06 63.56
CA ALA GA 55 -52.39 86.57 64.84
C ALA GA 55 -52.41 88.09 64.89
N ASP GA 56 -52.28 88.74 63.74
CA ASP GA 56 -52.23 90.21 63.72
C ASP GA 56 -53.52 90.80 64.27
N GLN GA 57 -54.66 90.21 63.93
CA GLN GA 57 -55.94 90.78 64.36
C GLN GA 57 -55.99 90.93 65.87
N CYS GA 58 -55.41 89.98 66.61
CA CYS GA 58 -55.44 90.06 68.07
C CYS GA 58 -54.77 91.33 68.56
N LEU GA 59 -53.70 91.78 67.89
CA LEU GA 59 -53.02 92.99 68.32
C LEU GA 59 -53.92 94.21 68.25
N ILE GA 60 -54.72 94.31 67.19
CA ILE GA 60 -55.61 95.47 67.05
C ILE GA 60 -56.61 95.51 68.20
N HIS GA 61 -57.17 94.35 68.56
CA HIS GA 61 -58.14 94.30 69.65
C HIS GA 61 -57.50 94.72 70.97
N LYS GA 62 -56.21 94.43 71.16
CA LYS GA 62 -55.54 94.85 72.37
C LYS GA 62 -55.59 96.37 72.53
N ALA GA 63 -55.24 97.10 71.47
CA ALA GA 63 -55.28 98.56 71.52
C ALA GA 63 -56.69 99.09 71.41
N THR GA 64 -57.56 98.41 70.65
CA THR GA 64 -58.94 98.87 70.50
C THR GA 64 -59.63 98.96 71.85
N LEU GA 65 -59.53 97.90 72.66
CA LEU GA 65 -60.12 97.93 74.00
C LEU GA 65 -59.30 98.78 74.96
N PRO GA 78 -72.50 94.37 76.30
CA PRO GA 78 -72.45 93.16 75.45
C PRO GA 78 -71.38 93.24 74.36
N LEU GA 79 -71.16 94.44 73.80
CA LEU GA 79 -70.18 94.58 72.74
C LEU GA 79 -68.77 94.32 73.26
N ILE GA 80 -68.39 94.97 74.36
CA ILE GA 80 -67.05 94.82 74.90
C ILE GA 80 -66.83 93.39 75.38
N GLU GA 81 -67.82 92.82 76.07
CA GLU GA 81 -67.67 91.47 76.61
C GLU GA 81 -67.45 90.45 75.49
N ALA GA 82 -68.18 90.60 74.38
CA ALA GA 82 -68.03 89.67 73.28
C ALA GA 82 -66.62 89.70 72.72
N MET GA 83 -66.02 90.90 72.60
CA MET GA 83 -64.67 91.00 72.07
C MET GA 83 -63.68 90.23 72.93
N GLN GA 84 -63.85 90.28 74.26
CA GLN GA 84 -62.96 89.55 75.14
C GLN GA 84 -62.99 88.06 74.83
N GLN GA 85 -64.18 87.51 74.61
CA GLN GA 85 -64.29 86.10 74.24
C GLN GA 85 -63.74 85.86 72.84
N ILE GA 86 -63.91 86.82 71.94
CA ILE GA 86 -63.42 86.66 70.57
C ILE GA 86 -61.90 86.50 70.57
N ILE GA 87 -61.21 87.31 71.36
CA ILE GA 87 -59.75 87.23 71.42
C ILE GA 87 -59.33 85.82 71.86
N LEU GA 88 -59.98 85.29 72.89
CA LEU GA 88 -59.66 83.94 73.33
C LEU GA 88 -59.96 82.90 72.27
N ALA GA 89 -60.95 83.17 71.41
CA ALA GA 89 -61.29 82.22 70.35
C ALA GA 89 -60.12 82.06 69.39
N MET GA 90 -59.47 83.17 69.02
CA MET GA 90 -58.35 83.09 68.10
C MET GA 90 -57.14 82.44 68.74
N THR GA 91 -56.95 82.63 70.06
CA THR GA 91 -55.81 82.05 70.74
C THR GA 91 -55.83 80.53 70.64
N ARG GA 92 -57.00 79.92 70.82
CA ARG GA 92 -57.10 78.47 70.70
C ARG GA 92 -56.73 78.02 69.29
N GLU GA 93 -57.20 78.76 68.28
CA GLU GA 93 -56.86 78.40 66.90
C GLU GA 93 -55.37 78.55 66.65
N LEU GA 94 -54.77 79.62 67.16
CA LEU GA 94 -53.34 79.85 66.94
C LEU GA 94 -52.51 78.77 67.59
N TRP GA 95 -52.84 78.39 68.83
CA TRP GA 95 -52.04 77.40 69.54
C TRP GA 95 -52.07 76.05 68.81
N GLY GA 96 -53.14 75.76 68.09
CA GLY GA 96 -53.20 74.51 67.36
C GLY GA 96 -52.13 74.41 66.30
N GLN GA 97 -51.96 75.47 65.51
CA GLN GA 97 -50.92 75.48 64.49
C GLN GA 97 -49.54 75.42 65.12
N ILE GA 98 -49.37 76.06 66.28
CA ILE GA 98 -48.08 76.03 66.97
C ILE GA 98 -47.72 74.60 67.33
N GLN GA 99 -48.65 73.89 67.97
CA GLN GA 99 -48.37 72.53 68.40
C GLN GA 99 -48.25 71.58 67.22
N ARG GA 100 -49.13 71.72 66.23
CA ARG GA 100 -49.08 70.85 65.07
C ARG GA 100 -47.77 71.02 64.30
N HIS GA 101 -47.32 72.27 64.15
CA HIS GA 101 -46.07 72.50 63.44
C HIS GA 101 -44.88 71.95 64.19
N HIS GA 102 -44.82 72.16 65.51
CA HIS GA 102 -43.69 71.69 66.30
C HIS GA 102 -43.64 70.16 66.32
N TYR GA 103 -44.76 69.52 66.68
CA TYR GA 103 -44.81 68.07 66.80
C TYR GA 103 -45.37 67.43 65.53
N GLY GA 104 -46.59 67.77 65.18
CA GLY GA 104 -47.24 67.17 64.03
C GLY GA 104 -48.75 67.23 64.18
N ILE GA 105 -49.42 67.11 63.03
CA ILE GA 105 -50.88 67.20 63.03
C ILE GA 105 -51.50 66.03 63.78
N VAL GA 106 -51.00 64.82 63.53
CA VAL GA 106 -51.60 63.64 64.15
C VAL GA 106 -51.33 63.63 65.65
N GLN GA 107 -50.13 64.04 66.07
CA GLN GA 107 -49.78 63.95 67.49
C GLN GA 107 -50.69 64.83 68.34
N VAL GA 108 -50.97 66.05 67.88
CA VAL GA 108 -51.86 66.93 68.63
C VAL GA 108 -53.25 66.31 68.74
N GLU GA 109 -53.78 65.83 67.61
CA GLU GA 109 -55.08 65.16 67.65
C GLU GA 109 -55.03 63.93 68.53
N HIS GA 110 -53.88 63.25 68.56
CA HIS GA 110 -53.74 62.04 69.36
C HIS GA 110 -53.58 62.37 70.85
N TYR GA 111 -52.87 63.46 71.16
CA TYR GA 111 -52.52 63.77 72.54
C TYR GA 111 -53.57 64.63 73.24
N VAL GA 112 -54.33 65.44 72.50
CA VAL GA 112 -55.28 66.35 73.14
C VAL GA 112 -56.31 65.57 73.93
N LYS GA 113 -56.83 64.47 73.36
CA LYS GA 113 -57.88 63.72 74.03
C LYS GA 113 -57.37 63.10 75.33
N GLN GA 114 -56.13 62.65 75.35
CA GLN GA 114 -55.60 61.95 76.51
C GLN GA 114 -55.68 62.82 77.76
N ILE GA 115 -55.24 64.07 77.65
CA ILE GA 115 -55.23 64.95 78.82
C ILE GA 115 -56.65 65.26 79.27
N THR GA 116 -57.58 65.39 78.31
CA THR GA 116 -58.96 65.67 78.67
C THR GA 116 -59.54 64.54 79.51
N LEU GA 117 -59.23 63.29 79.13
CA LEU GA 117 -59.71 62.15 79.91
C LEU GA 117 -59.14 62.19 81.33
N TRP GA 118 -57.86 62.50 81.47
CA TRP GA 118 -57.24 62.52 82.79
C TRP GA 118 -57.94 63.52 83.70
N GLN GA 119 -58.56 64.56 83.14
CA GLN GA 119 -59.28 65.54 83.95
C GLN GA 119 -60.68 65.05 84.27
N ASP GA 120 -61.43 64.61 83.25
CA ASP GA 120 -62.81 64.16 83.44
C ASP GA 120 -62.78 62.75 84.02
N THR GA 121 -62.46 62.70 85.31
CA THR GA 121 -62.37 61.44 86.04
C THR GA 121 -62.52 61.75 87.52
N PRO GA 122 -63.05 60.81 88.34
CA PRO GA 122 -63.27 61.13 89.75
C PRO GA 122 -61.99 61.29 90.54
N GLN GA 123 -61.29 62.40 90.32
CA GLN GA 123 -60.12 62.80 91.09
C GLN GA 123 -59.21 61.64 91.47
N ALA GA 124 -59.69 60.77 92.36
CA ALA GA 124 -58.81 59.75 92.94
C ALA GA 124 -58.18 58.89 91.85
N PHE GA 125 -58.99 58.32 90.96
CA PHE GA 125 -58.48 57.49 89.87
C PHE GA 125 -58.29 58.33 88.60
N ARG GA 126 -57.60 59.47 88.74
CA ARG GA 126 -57.40 60.33 87.59
C ARG GA 126 -56.48 59.69 86.56
N GLY GA 127 -55.44 58.99 87.03
CA GLY GA 127 -54.50 58.35 86.14
C GLY GA 127 -53.09 58.42 86.65
N ASP GA 128 -52.15 58.81 85.78
CA ASP GA 128 -50.75 58.91 86.16
C ASP GA 128 -50.11 60.17 85.58
N GLN GA 129 -50.88 61.24 85.44
CA GLN GA 129 -50.36 62.49 84.91
C GLN GA 129 -49.74 62.25 83.54
N PRO GA 130 -50.54 62.01 82.50
CA PRO GA 130 -49.98 61.60 81.22
C PRO GA 130 -48.94 62.58 80.72
N LYS GA 131 -47.82 62.04 80.23
CA LYS GA 131 -46.72 62.88 79.79
C LYS GA 131 -47.08 63.59 78.48
N PRO GA 132 -46.57 64.80 78.28
CA PRO GA 132 -46.79 65.48 77.00
C PRO GA 132 -45.99 64.81 75.90
N PRO GA 133 -46.36 65.03 74.64
CA PRO GA 133 -45.68 64.32 73.54
C PRO GA 133 -44.19 64.66 73.50
N THR HA 3 9.37 -37.49 121.65
CA THR HA 3 10.63 -37.67 120.93
C THR HA 3 10.45 -37.37 119.44
N PHE HA 4 9.34 -37.82 118.85
CA PHE HA 4 9.14 -37.65 117.41
C PHE HA 4 9.07 -36.17 117.04
N ILE HA 5 8.35 -35.38 117.83
CA ILE HA 5 8.20 -33.96 117.49
C ILE HA 5 9.56 -33.27 117.48
N GLU HA 6 10.44 -33.66 118.39
CA GLU HA 6 11.80 -33.12 118.38
C GLU HA 6 12.48 -33.42 117.05
N LEU HA 7 12.30 -34.63 116.51
CA LEU HA 7 12.91 -34.99 115.24
C LEU HA 7 12.37 -34.12 114.11
N VAL HA 8 11.05 -33.87 114.11
CA VAL HA 8 10.46 -33.09 113.03
C VAL HA 8 10.92 -31.64 113.10
N LYS HA 9 11.04 -31.09 114.31
CA LYS HA 9 11.52 -29.71 114.44
C LYS HA 9 12.89 -29.54 113.81
N ASN HA 10 13.67 -30.62 113.73
CA ASN HA 10 14.97 -30.59 113.06
C ASN HA 10 14.79 -30.83 111.57
N MET HA 11 14.00 -29.95 110.95
CA MET HA 11 13.71 -30.03 109.53
C MET HA 11 13.64 -28.63 108.95
N LYS HA 12 13.76 -28.57 107.62
CA LYS HA 12 13.84 -27.31 106.90
C LYS HA 12 12.46 -26.89 106.42
N GLY HA 13 12.17 -25.59 106.54
CA GLY HA 13 10.85 -25.08 106.22
C GLY HA 13 9.83 -25.26 107.32
N TYR HA 14 10.27 -25.57 108.54
CA TYR HA 14 9.35 -25.82 109.65
C TYR HA 14 8.87 -24.48 110.22
N LYS HA 15 7.58 -24.21 110.08
CA LYS HA 15 6.95 -23.02 110.61
C LYS HA 15 6.02 -23.44 111.76
N GLU HA 16 6.28 -22.92 112.94
CA GLU HA 16 5.48 -23.29 114.10
C GLU HA 16 4.07 -22.71 113.97
N LEU HA 17 3.10 -23.47 114.50
CA LEU HA 17 1.70 -23.07 114.40
C LEU HA 17 0.93 -23.27 115.70
N LEU HA 18 1.61 -23.54 116.81
CA LEU HA 18 0.96 -23.80 118.08
C LEU HA 18 1.31 -22.70 119.07
N LEU HA 19 0.29 -22.15 119.73
CA LEU HA 19 0.49 -21.11 120.72
C LEU HA 19 0.88 -21.70 122.07
N PRO HA 20 1.40 -20.88 122.97
CA PRO HA 20 1.71 -21.39 124.32
C PRO HA 20 0.46 -21.91 125.02
N MET HA 21 0.66 -22.90 125.87
CA MET HA 21 -0.45 -23.50 126.60
C MET HA 21 -1.18 -22.46 127.45
N GLU HA 22 -0.49 -21.39 127.85
CA GLU HA 22 -1.08 -20.37 128.71
C GLU HA 22 -1.99 -19.41 127.96
N MET HA 23 -1.99 -19.45 126.63
CA MET HA 23 -2.79 -18.53 125.84
C MET HA 23 -3.97 -19.19 125.15
N VAL HA 24 -3.95 -20.49 124.92
CA VAL HA 24 -5.04 -21.17 124.24
C VAL HA 24 -6.29 -21.12 125.11
N PRO HA 25 -7.48 -21.11 124.53
CA PRO HA 25 -8.69 -21.06 125.35
C PRO HA 25 -8.85 -22.32 126.19
N LEU HA 26 -9.83 -22.28 127.08
CA LEU HA 26 -10.19 -23.45 127.84
C LEU HA 26 -10.79 -24.52 126.91
N PRO HA 27 -10.66 -25.80 127.27
CA PRO HA 27 -11.16 -26.84 126.35
C PRO HA 27 -12.63 -26.69 126.02
N ALA HA 28 -13.45 -26.23 126.97
CA ALA HA 28 -14.87 -26.05 126.71
C ALA HA 28 -15.10 -25.02 125.62
N VAL HA 29 -14.33 -23.93 125.63
CA VAL HA 29 -14.52 -22.87 124.65
C VAL HA 29 -14.16 -23.36 123.25
N VAL HA 30 -13.13 -24.20 123.15
CA VAL HA 30 -12.66 -24.63 121.82
C VAL HA 30 -13.75 -25.39 121.11
N LEU HA 31 -14.43 -26.29 121.82
CA LEU HA 31 -15.48 -27.10 121.20
C LEU HA 31 -16.54 -26.22 120.56
N LYS HA 32 -16.79 -25.03 121.10
CA LYS HA 32 -17.81 -24.16 120.55
C LYS HA 32 -17.49 -23.77 119.12
N HIS HA 33 -16.24 -23.43 118.84
CA HIS HA 33 -15.86 -23.07 117.47
C HIS HA 33 -15.91 -24.29 116.55
N VAL HA 34 -15.71 -25.49 117.09
CA VAL HA 34 -15.73 -26.69 116.26
C VAL HA 34 -17.09 -26.85 115.61
N LYS HA 35 -18.15 -26.68 116.39
CA LYS HA 35 -19.50 -26.85 115.86
C LYS HA 35 -19.79 -25.83 114.77
N LEU HA 36 -19.39 -24.58 114.99
CA LEU HA 36 -19.63 -23.54 113.98
C LEU HA 36 -18.83 -23.82 112.72
N ILE HA 37 -17.53 -24.10 112.88
CA ILE HA 37 -16.67 -24.31 111.72
C ILE HA 37 -17.10 -25.56 110.95
N LEU HA 38 -17.36 -26.65 111.67
CA LEU HA 38 -17.83 -27.86 111.02
C LEU HA 38 -19.17 -27.64 110.35
N THR HA 39 -20.15 -27.13 111.10
CA THR HA 39 -21.51 -27.02 110.59
C THR HA 39 -21.61 -25.92 109.54
N SER HA 40 -21.02 -24.75 109.82
CA SER HA 40 -21.08 -23.62 108.90
C SER HA 40 -19.98 -23.79 107.84
N GLN HA 41 -20.11 -24.85 107.07
CA GLN HA 41 -19.16 -25.15 106.00
C GLN HA 41 -19.90 -25.83 104.85
N LYS HA 42 -19.38 -25.62 103.65
CA LYS HA 42 -19.93 -26.20 102.44
C LYS HA 42 -18.82 -26.88 101.66
N GLU HA 43 -19.19 -27.93 100.92
CA GLU HA 43 -18.23 -28.70 100.14
C GLU HA 43 -17.15 -29.29 101.05
N HIS HA 44 -17.61 -30.19 101.93
CA HIS HA 44 -16.76 -30.82 102.93
C HIS HA 44 -15.39 -31.16 102.35
N GLN HA 45 -14.35 -30.86 103.11
CA GLN HA 45 -12.97 -31.05 102.72
C GLN HA 45 -12.28 -32.03 103.66
N PRO HA 46 -11.19 -32.66 103.24
CA PRO HA 46 -10.58 -33.70 104.07
C PRO HA 46 -10.20 -33.22 105.46
N TRP HA 47 -9.70 -31.99 105.59
CA TRP HA 47 -9.26 -31.51 106.89
C TRP HA 47 -10.40 -31.41 107.89
N MET HA 48 -11.64 -31.30 107.41
CA MET HA 48 -12.77 -31.25 108.33
C MET HA 48 -12.88 -32.53 109.14
N THR HA 49 -12.66 -33.68 108.48
CA THR HA 49 -12.74 -34.95 109.19
C THR HA 49 -11.69 -35.04 110.29
N GLU HA 50 -10.48 -34.56 110.01
CA GLU HA 50 -9.42 -34.62 111.00
C GLU HA 50 -9.79 -33.83 112.25
N MET HA 51 -10.40 -32.66 112.07
CA MET HA 51 -10.77 -31.84 113.22
C MET HA 51 -11.75 -32.56 114.13
N ALA HA 52 -12.76 -33.21 113.54
CA ALA HA 52 -13.78 -33.87 114.35
C ALA HA 52 -13.19 -35.02 115.13
N LEU HA 53 -12.31 -35.80 114.51
CA LEU HA 53 -11.76 -36.97 115.17
C LEU HA 53 -10.99 -36.58 116.43
N LYS HA 54 -10.18 -35.54 116.36
CA LYS HA 54 -9.44 -35.08 117.53
C LYS HA 54 -10.37 -34.54 118.60
N ALA HA 55 -11.45 -33.88 118.18
CA ALA HA 55 -12.34 -33.24 119.15
C ALA HA 55 -12.94 -34.27 120.10
N ASP HA 56 -13.41 -35.40 119.56
CA ASP HA 56 -14.03 -36.40 120.42
C ASP HA 56 -13.04 -36.97 121.43
N GLN HA 57 -11.75 -36.96 121.10
CA GLN HA 57 -10.76 -37.48 122.04
C GLN HA 57 -10.74 -36.69 123.33
N CYS HA 58 -10.80 -35.35 123.23
CA CYS HA 58 -10.83 -34.53 124.43
C CYS HA 58 -12.05 -34.83 125.28
N LEU HA 59 -13.20 -35.03 124.64
CA LEU HA 59 -14.40 -35.40 125.39
C LEU HA 59 -14.24 -36.74 126.09
N ILE HA 60 -13.61 -37.70 125.41
CA ILE HA 60 -13.40 -39.02 126.02
C ILE HA 60 -12.53 -38.88 127.26
N HIS HA 61 -11.42 -38.17 127.15
CA HIS HA 61 -10.58 -37.93 128.31
C HIS HA 61 -11.32 -37.10 129.36
N LYS HA 62 -12.06 -36.08 128.91
CA LYS HA 62 -12.82 -35.25 129.83
C LYS HA 62 -13.86 -36.08 130.57
N ALA HA 63 -14.54 -36.97 129.87
CA ALA HA 63 -15.53 -37.84 130.49
C ALA HA 63 -14.90 -38.92 131.37
N THR HA 64 -13.57 -39.07 131.32
CA THR HA 64 -12.90 -40.09 132.11
C THR HA 64 -12.56 -39.63 133.51
N LEU HA 65 -12.40 -38.32 133.73
CA LEU HA 65 -12.03 -37.83 135.05
C LEU HA 65 -13.11 -38.11 136.09
N ASP HA 66 -14.39 -38.00 135.70
CA ASP HA 66 -15.46 -38.25 136.65
C ASP HA 66 -15.36 -39.66 137.24
N PRO HA 78 -0.68 -40.35 140.30
CA PRO HA 78 -0.21 -39.99 138.95
C PRO HA 78 -1.16 -40.42 137.85
N LEU HA 79 -1.56 -41.69 137.84
CA LEU HA 79 -2.34 -42.21 136.73
C LEU HA 79 -3.67 -41.46 136.57
N ILE HA 80 -4.36 -41.20 137.68
CA ILE HA 80 -5.63 -40.49 137.60
C ILE HA 80 -5.41 -39.07 137.07
N GLU HA 81 -4.39 -38.39 137.58
CA GLU HA 81 -4.10 -37.02 137.16
C GLU HA 81 -3.28 -36.95 135.88
N ALA HA 82 -2.67 -38.06 135.45
CA ALA HA 82 -1.83 -38.03 134.26
C ALA HA 82 -2.64 -37.67 133.02
N MET HA 83 -3.84 -38.24 132.88
CA MET HA 83 -4.64 -37.99 131.69
C MET HA 83 -5.00 -36.52 131.55
N GLN HA 84 -5.10 -35.80 132.67
CA GLN HA 84 -5.44 -34.38 132.60
C GLN HA 84 -4.40 -33.59 131.83
N GLN HA 85 -3.14 -34.04 131.84
CA GLN HA 85 -2.10 -33.32 131.12
C GLN HA 85 -2.36 -33.35 129.62
N ILE HA 86 -2.82 -34.49 129.09
CA ILE HA 86 -3.05 -34.61 127.66
C ILE HA 86 -4.22 -33.72 127.24
N ILE HA 87 -5.22 -33.58 128.10
CA ILE HA 87 -6.40 -32.78 127.75
C ILE HA 87 -5.97 -31.37 127.38
N LEU HA 88 -5.15 -30.74 128.22
CA LEU HA 88 -4.67 -29.39 127.92
C LEU HA 88 -3.85 -29.39 126.63
N ALA HA 89 -3.00 -30.39 126.45
CA ALA HA 89 -2.17 -30.46 125.25
C ALA HA 89 -3.03 -30.62 124.01
N MET HA 90 -4.07 -31.45 124.09
CA MET HA 90 -4.90 -31.72 122.92
C MET HA 90 -5.51 -30.43 122.38
N THR HA 91 -5.88 -29.50 123.28
CA THR HA 91 -6.44 -28.23 122.83
C THR HA 91 -5.42 -27.45 122.01
N ARG HA 92 -4.16 -27.45 122.44
CA ARG HA 92 -3.13 -26.65 121.76
C ARG HA 92 -3.02 -27.06 120.29
N GLU HA 93 -2.99 -28.37 120.02
CA GLU HA 93 -2.98 -28.82 118.63
C GLU HA 93 -4.31 -28.56 117.97
N LEU HA 94 -5.41 -28.75 118.71
CA LEU HA 94 -6.74 -28.53 118.14
C LEU HA 94 -6.95 -27.07 117.78
N TRP HA 95 -6.54 -26.15 118.66
CA TRP HA 95 -6.74 -24.74 118.39
C TRP HA 95 -5.94 -24.28 117.17
N GLY HA 96 -4.87 -24.97 116.85
CA GLY HA 96 -4.06 -24.59 115.70
C GLY HA 96 -4.84 -24.67 114.40
N GLN HA 97 -5.68 -25.70 114.25
CA GLN HA 97 -6.46 -25.84 113.04
C GLN HA 97 -7.57 -24.80 112.97
N ILE HA 98 -8.09 -24.37 114.12
CA ILE HA 98 -9.15 -23.37 114.14
C ILE HA 98 -8.65 -22.08 113.50
N GLN HA 99 -7.45 -21.63 113.90
CA GLN HA 99 -6.93 -20.38 113.36
C GLN HA 99 -6.61 -20.50 111.88
N ARG HA 100 -6.20 -21.69 111.43
CA ARG HA 100 -5.95 -21.88 110.00
C ARG HA 100 -7.22 -21.65 109.19
N HIS HA 101 -8.35 -22.17 109.66
CA HIS HA 101 -9.60 -21.96 108.95
C HIS HA 101 -10.03 -20.51 109.01
N HIS HA 102 -9.96 -19.89 110.19
CA HIS HA 102 -10.37 -18.50 110.33
C HIS HA 102 -9.40 -17.55 109.64
N TYR HA 103 -8.15 -17.53 110.09
CA TYR HA 103 -7.17 -16.59 109.55
C TYR HA 103 -6.55 -17.12 108.25
N GLY HA 104 -5.88 -18.26 108.33
CA GLY HA 104 -5.15 -18.81 107.21
C GLY HA 104 -3.81 -19.32 107.70
N ILE HA 105 -3.28 -20.33 107.02
CA ILE HA 105 -2.04 -20.96 107.46
C ILE HA 105 -0.90 -19.94 107.41
N VAL HA 106 -0.80 -19.18 106.32
CA VAL HA 106 0.32 -18.26 106.16
C VAL HA 106 0.30 -17.20 107.25
N GLN HA 107 -0.87 -16.62 107.49
CA GLN HA 107 -0.97 -15.54 108.48
C GLN HA 107 -0.63 -16.03 109.88
N VAL HA 108 -1.03 -17.27 110.19
CA VAL HA 108 -0.80 -17.80 111.54
C VAL HA 108 0.69 -17.84 111.85
N GLU HA 109 1.49 -18.31 110.88
CA GLU HA 109 2.93 -18.42 111.11
C GLU HA 109 3.50 -17.09 111.59
N HIS HA 110 3.15 -16.00 110.91
CA HIS HA 110 3.63 -14.69 111.33
C HIS HA 110 3.12 -14.35 112.73
N TYR HA 111 1.86 -14.63 113.01
CA TYR HA 111 1.28 -14.25 114.29
C TYR HA 111 2.00 -14.95 115.44
N VAL HA 112 2.29 -16.24 115.30
CA VAL HA 112 2.90 -16.99 116.39
C VAL HA 112 4.27 -16.41 116.72
N LYS HA 113 5.09 -16.17 115.70
CA LYS HA 113 6.42 -15.64 115.94
C LYS HA 113 6.34 -14.26 116.59
N GLN HA 114 5.41 -13.42 116.12
CA GLN HA 114 5.22 -12.13 116.76
C GLN HA 114 4.83 -12.30 118.22
N ILE HA 115 3.95 -13.26 118.51
CA ILE HA 115 3.58 -13.54 119.90
C ILE HA 115 4.80 -14.05 120.66
N THR HA 116 5.56 -14.96 120.03
CA THR HA 116 6.72 -15.53 120.71
C THR HA 116 7.72 -14.45 121.10
N LEU HA 117 8.10 -13.60 120.13
CA LEU HA 117 9.01 -12.50 120.43
C LEU HA 117 8.40 -11.56 121.46
N TRP HA 118 7.10 -11.27 121.32
CA TRP HA 118 6.44 -10.42 122.30
C TRP HA 118 6.49 -11.05 123.69
N GLN HA 119 6.26 -12.36 123.78
CA GLN HA 119 6.35 -13.04 125.07
C GLN HA 119 7.80 -13.12 125.54
N ASP HA 120 8.74 -13.28 124.60
CA ASP HA 120 10.14 -13.41 124.98
C ASP HA 120 10.66 -12.13 125.63
N THR HA 121 10.31 -10.98 125.07
CA THR HA 121 10.81 -9.72 125.59
C THR HA 121 10.31 -9.52 127.02
N PRO HA 122 11.14 -8.98 127.91
CA PRO HA 122 10.68 -8.77 129.30
C PRO HA 122 9.50 -7.81 129.36
N GLN HA 123 8.62 -8.04 130.33
CA GLN HA 123 7.41 -7.26 130.45
C GLN HA 123 7.68 -5.78 130.68
N ALA HA 124 8.87 -5.43 131.18
CA ALA HA 124 9.17 -4.03 131.44
C ALA HA 124 9.10 -3.20 130.16
N PHE HA 125 9.64 -3.73 129.06
CA PHE HA 125 9.63 -3.05 127.77
C PHE HA 125 9.04 -3.94 126.69
N ARG HA 126 8.11 -4.82 127.07
CA ARG HA 126 7.54 -5.78 126.12
C ARG HA 126 6.77 -5.07 125.02
N GLY HA 127 5.99 -4.07 125.37
CA GLY HA 127 5.20 -3.35 124.39
C GLY HA 127 3.79 -3.91 124.27
N ASP HA 128 3.01 -3.26 123.41
CA ASP HA 128 1.63 -3.66 123.19
C ASP HA 128 1.57 -5.03 122.53
N GLN HA 129 0.64 -5.86 122.99
CA GLN HA 129 0.48 -7.19 122.42
C GLN HA 129 -0.03 -7.08 120.99
N PRO HA 130 0.57 -7.78 120.03
CA PRO HA 130 0.09 -7.69 118.65
C PRO HA 130 -1.29 -8.28 118.50
N LYS HA 131 -2.03 -7.75 117.53
CA LYS HA 131 -3.38 -8.20 117.26
C LYS HA 131 -3.39 -9.34 116.25
N PRO HA 132 -4.44 -10.15 116.24
CA PRO HA 132 -4.50 -11.26 115.28
C PRO HA 132 -4.49 -10.77 113.85
N PRO HA 133 -4.14 -11.62 112.89
CA PRO HA 133 -4.12 -11.19 111.49
C PRO HA 133 -5.51 -10.97 110.93
N SER HA 134 -5.58 -10.64 109.64
CA SER HA 134 -6.86 -10.45 108.97
C SER HA 134 -7.46 -11.79 108.57
N PHE HA 135 -8.79 -11.84 108.56
CA PHE HA 135 -9.48 -13.07 108.21
C PHE HA 135 -9.27 -13.44 106.76
N THR IA 3 -20.42 -37.30 119.00
CA THR IA 3 -21.40 -36.55 118.22
C THR IA 3 -20.78 -35.74 117.10
N PHE IA 4 -19.60 -35.14 117.32
CA PHE IA 4 -18.98 -34.32 116.30
C PHE IA 4 -18.70 -35.12 115.03
N ILE IA 5 -18.17 -36.34 115.19
CA ILE IA 5 -17.88 -37.17 114.03
C ILE IA 5 -19.15 -37.49 113.27
N GLU IA 6 -20.26 -37.68 114.00
CA GLU IA 6 -21.53 -37.95 113.34
C GLU IA 6 -21.94 -36.79 112.45
N LEU IA 7 -21.71 -35.55 112.91
CA LEU IA 7 -22.06 -34.38 112.11
C LEU IA 7 -21.29 -34.38 110.79
N VAL IA 8 -20.01 -34.75 110.84
CA VAL IA 8 -19.21 -34.82 109.61
C VAL IA 8 -19.79 -35.88 108.68
N LYS IA 9 -20.17 -37.04 109.23
CA LYS IA 9 -20.73 -38.10 108.41
C LYS IA 9 -22.06 -37.69 107.79
N ASN IA 10 -22.68 -36.63 108.29
CA ASN IA 10 -23.93 -36.12 107.74
C ASN IA 10 -23.71 -35.08 106.65
N MET IA 11 -22.46 -34.80 106.29
CA MET IA 11 -22.17 -33.76 105.32
C MET IA 11 -22.36 -34.26 103.90
N LYS IA 12 -22.04 -33.42 102.93
CA LYS IA 12 -22.10 -33.73 101.51
C LYS IA 12 -20.68 -33.85 100.97
N GLY IA 13 -20.42 -34.93 100.24
CA GLY IA 13 -19.09 -35.19 99.71
C GLY IA 13 -18.16 -35.89 100.66
N TYR IA 14 -18.58 -36.15 101.90
CA TYR IA 14 -17.73 -36.85 102.84
C TYR IA 14 -17.46 -38.28 102.37
N LYS IA 15 -16.23 -38.73 102.57
CA LYS IA 15 -15.81 -40.06 102.15
C LYS IA 15 -14.96 -40.69 103.24
N GLU IA 16 -15.19 -41.98 103.48
CA GLU IA 16 -14.44 -42.68 104.52
C GLU IA 16 -12.98 -42.84 104.11
N LEU IA 17 -12.09 -42.72 105.11
CA LEU IA 17 -10.66 -42.93 104.90
C LEU IA 17 -10.05 -43.88 105.91
N LEU IA 18 -10.74 -44.19 107.01
CA LEU IA 18 -10.21 -45.10 108.01
C LEU IA 18 -10.55 -46.55 107.64
N LEU IA 19 -10.20 -47.46 108.53
CA LEU IA 19 -10.39 -48.89 108.30
C LEU IA 19 -10.97 -49.53 109.55
N PRO IA 20 -11.54 -50.72 109.43
CA PRO IA 20 -12.10 -51.39 110.61
C PRO IA 20 -11.02 -51.62 111.66
N MET IA 21 -11.44 -51.57 112.92
CA MET IA 21 -10.50 -51.72 114.03
C MET IA 21 -9.71 -53.02 113.89
N GLU IA 22 -10.34 -54.07 113.38
CA GLU IA 22 -9.65 -55.35 113.21
C GLU IA 22 -8.51 -55.23 112.21
N MET IA 23 -8.75 -54.53 111.10
CA MET IA 23 -7.74 -54.36 110.06
C MET IA 23 -6.82 -53.18 110.39
N VAL IA 24 -6.24 -53.24 111.58
CA VAL IA 24 -5.30 -52.22 112.04
C VAL IA 24 -4.09 -52.91 112.67
N PRO IA 25 -2.87 -52.59 112.24
CA PRO IA 25 -1.70 -53.24 112.84
C PRO IA 25 -1.64 -53.02 114.34
N LEU IA 26 -0.75 -53.78 114.98
CA LEU IA 26 -0.56 -53.68 116.41
C LEU IA 26 0.17 -52.38 116.76
N PRO IA 27 0.06 -51.92 118.00
CA PRO IA 27 0.76 -50.68 118.39
C PRO IA 27 2.27 -50.85 118.37
N ALA IA 28 2.99 -49.79 118.71
CA ALA IA 28 4.45 -49.82 118.75
C ALA IA 28 5.03 -50.08 117.37
N VAL IA 29 4.80 -51.28 116.82
CA VAL IA 29 5.34 -51.61 115.51
C VAL IA 29 4.77 -50.69 114.44
N VAL IA 30 3.48 -50.36 114.55
CA VAL IA 30 2.87 -49.46 113.57
C VAL IA 30 3.56 -48.10 113.58
N LEU IA 31 4.10 -47.69 114.73
CA LEU IA 31 4.79 -46.41 114.82
C LEU IA 31 6.05 -46.37 113.97
N LYS IA 32 6.55 -47.53 113.54
CA LYS IA 32 7.79 -47.56 112.78
C LYS IA 32 7.62 -46.85 111.43
N HIS IA 33 6.47 -47.02 110.79
CA HIS IA 33 6.21 -46.31 109.54
C HIS IA 33 6.33 -44.81 109.71
N VAL IA 34 6.11 -44.31 110.93
CA VAL IA 34 6.25 -42.87 111.19
C VAL IA 34 7.67 -42.42 110.89
N LYS IA 35 8.65 -43.17 111.38
CA LYS IA 35 10.05 -42.80 111.16
C LYS IA 35 10.41 -42.86 109.69
N LEU IA 36 9.91 -43.88 108.98
CA LEU IA 36 10.25 -44.06 107.58
C LEU IA 36 9.65 -42.98 106.69
N ILE IA 37 8.72 -42.18 107.22
CA ILE IA 37 8.06 -41.14 106.43
C ILE IA 37 8.51 -39.77 106.91
N LEU IA 38 8.91 -39.68 108.18
CA LEU IA 38 9.43 -38.43 108.72
C LEU IA 38 10.93 -38.30 108.48
N THR IA 39 11.70 -39.30 108.91
CA THR IA 39 13.14 -39.23 108.73
C THR IA 39 13.52 -39.19 107.27
N SER IA 40 12.86 -40.01 106.44
CA SER IA 40 13.12 -40.02 105.00
C SER IA 40 12.23 -39.00 104.29
N GLN IA 41 12.37 -37.75 104.72
CA GLN IA 41 11.55 -36.68 104.16
C GLN IA 41 12.28 -35.35 104.32
N LYS IA 42 11.81 -34.36 103.57
CA LYS IA 42 12.36 -33.01 103.61
C LYS IA 42 11.26 -32.05 103.16
N GLU IA 43 11.52 -30.76 103.32
CA GLU IA 43 10.55 -29.72 102.98
C GLU IA 43 9.27 -29.90 103.81
N HIS IA 44 9.46 -29.73 105.12
CA HIS IA 44 8.39 -29.88 106.10
C HIS IA 44 7.10 -29.26 105.60
N GLN IA 45 6.05 -30.08 105.56
CA GLN IA 45 4.73 -29.67 105.13
C GLN IA 45 3.76 -29.68 106.31
N PRO IA 46 2.66 -28.93 106.20
CA PRO IA 46 1.75 -28.82 107.36
C PRO IA 46 1.23 -30.17 107.85
N TRP IA 47 0.94 -31.10 106.94
CA TRP IA 47 0.38 -32.38 107.36
C TRP IA 47 1.40 -33.21 108.14
N MET IA 48 2.69 -32.99 107.90
CA MET IA 48 3.71 -33.74 108.61
C MET IA 48 3.63 -33.48 110.11
N THR IA 49 3.41 -32.23 110.50
CA THR IA 49 3.30 -31.90 111.92
C THR IA 49 2.10 -32.60 112.54
N GLU IA 50 0.98 -32.67 111.80
CA GLU IA 50 -0.20 -33.33 112.32
C GLU IA 50 0.09 -34.79 112.66
N MET IA 51 0.79 -35.49 111.77
CA MET IA 51 1.16 -36.87 112.04
C MET IA 51 2.07 -36.97 113.25
N ALA IA 52 3.05 -36.06 113.35
CA ALA IA 52 3.99 -36.12 114.45
C ALA IA 52 3.30 -35.90 115.78
N LEU IA 53 2.38 -34.94 115.85
CA LEU IA 53 1.69 -34.63 117.09
C LEU IA 53 0.64 -35.67 117.46
N LYS IA 54 0.31 -36.59 116.55
CA LYS IA 54 -0.63 -37.66 116.84
C LYS IA 54 0.07 -38.95 117.22
N ALA IA 55 1.12 -39.33 116.51
CA ALA IA 55 1.84 -40.56 116.81
C ALA IA 55 2.46 -40.50 118.20
N ASP IA 56 3.06 -39.36 118.54
CA ASP IA 56 3.72 -39.23 119.84
C ASP IA 56 2.74 -39.40 121.00
N GLN IA 57 1.44 -39.19 120.76
CA GLN IA 57 0.47 -39.33 121.83
C GLN IA 57 0.40 -40.78 122.32
N CYS IA 58 0.52 -41.75 121.41
CA CYS IA 58 0.46 -43.15 121.81
C CYS IA 58 1.55 -43.46 122.82
N LEU IA 59 2.75 -42.93 122.61
CA LEU IA 59 3.83 -43.15 123.57
C LEU IA 59 3.48 -42.57 124.93
N ILE IA 60 2.86 -41.38 124.95
CA ILE IA 60 2.45 -40.77 126.20
C ILE IA 60 1.46 -41.65 126.93
N HIS IA 61 0.44 -42.12 126.22
CA HIS IA 61 -0.51 -43.06 126.82
C HIS IA 61 0.19 -44.37 127.16
N LYS IA 62 1.06 -44.85 126.27
CA LYS IA 62 1.79 -46.08 126.54
C LYS IA 62 2.72 -45.92 127.74
N ALA IA 63 3.33 -44.74 127.89
CA ALA IA 63 4.23 -44.51 129.01
C ALA IA 63 3.54 -44.65 130.35
N THR IA 64 2.23 -44.44 130.42
CA THR IA 64 1.50 -44.57 131.67
C THR IA 64 1.43 -46.01 132.15
N LEU IA 65 1.68 -46.98 131.26
CA LEU IA 65 1.64 -48.38 131.67
C LEU IA 65 2.64 -48.67 132.79
N ASP IA 66 3.77 -47.96 132.80
CA ASP IA 66 4.72 -48.12 133.89
C ASP IA 66 4.10 -47.77 135.22
N PRO IA 78 -11.62 -48.77 135.48
CA PRO IA 78 -12.05 -48.08 134.25
C PRO IA 78 -11.03 -47.11 133.70
N LEU IA 79 -10.29 -46.43 134.59
CA LEU IA 79 -9.27 -45.49 134.14
C LEU IA 79 -8.18 -46.21 133.36
N ILE IA 80 -7.73 -47.37 133.87
CA ILE IA 80 -6.69 -48.13 133.17
C ILE IA 80 -7.24 -48.73 131.89
N GLU IA 81 -8.44 -49.30 131.95
CA GLU IA 81 -9.04 -49.90 130.77
C GLU IA 81 -9.32 -48.86 129.69
N ALA IA 82 -9.81 -47.68 130.09
CA ALA IA 82 -10.22 -46.68 129.12
C ALA IA 82 -9.04 -46.24 128.26
N MET IA 83 -7.87 -46.04 128.87
CA MET IA 83 -6.71 -45.57 128.12
C MET IA 83 -6.33 -46.57 127.04
N GLN IA 84 -6.37 -47.86 127.35
CA GLN IA 84 -6.00 -48.88 126.36
C GLN IA 84 -6.92 -48.82 125.15
N GLN IA 85 -8.21 -48.59 125.38
CA GLN IA 85 -9.15 -48.52 124.27
C GLN IA 85 -8.83 -47.34 123.35
N ILE IA 86 -8.43 -46.21 123.94
CA ILE IA 86 -8.18 -45.01 123.14
C ILE IA 86 -7.03 -45.24 122.16
N ILE IA 87 -6.03 -46.03 122.57
CA ILE IA 87 -4.87 -46.24 121.72
C ILE IA 87 -5.29 -46.85 120.38
N LEU IA 88 -6.25 -47.77 120.41
CA LEU IA 88 -6.73 -48.37 119.17
C LEU IA 88 -7.33 -47.32 118.25
N ALA IA 89 -8.12 -46.40 118.80
CA ALA IA 89 -8.75 -45.37 117.99
C ALA IA 89 -7.70 -44.48 117.33
N MET IA 90 -6.70 -44.05 118.10
CA MET IA 90 -5.65 -43.21 117.53
C MET IA 90 -4.84 -43.98 116.49
N THR IA 91 -4.57 -45.26 116.75
CA THR IA 91 -3.82 -46.06 115.80
C THR IA 91 -4.54 -46.15 114.46
N ARG IA 92 -5.87 -46.26 114.50
CA ARG IA 92 -6.64 -46.30 113.26
C ARG IA 92 -6.45 -45.02 112.44
N GLU IA 93 -6.44 -43.87 113.11
CA GLU IA 93 -6.25 -42.61 112.41
C GLU IA 93 -4.86 -42.55 111.78
N LEU IA 94 -3.85 -43.06 112.48
CA LEU IA 94 -2.49 -43.00 111.97
C LEU IA 94 -2.38 -43.72 110.63
N TRP IA 95 -2.99 -44.90 110.53
CA TRP IA 95 -2.87 -45.69 109.30
C TRP IA 95 -3.48 -44.96 108.12
N GLY IA 96 -4.63 -44.32 108.32
CA GLY IA 96 -5.27 -43.60 107.23
C GLY IA 96 -4.38 -42.51 106.67
N GLN IA 97 -3.69 -41.77 107.55
CA GLN IA 97 -2.77 -40.75 107.08
C GLN IA 97 -1.64 -41.36 106.27
N ILE IA 98 -1.12 -42.50 106.72
CA ILE IA 98 -0.02 -43.15 106.00
C ILE IA 98 -0.46 -43.53 104.59
N GLN IA 99 -1.63 -44.15 104.47
CA GLN IA 99 -2.15 -44.48 103.15
C GLN IA 99 -2.48 -43.22 102.36
N ARG IA 100 -2.91 -42.15 103.03
CA ARG IA 100 -3.16 -40.89 102.36
C ARG IA 100 -1.88 -40.33 101.73
N HIS IA 101 -0.72 -40.80 102.17
CA HIS IA 101 0.56 -40.37 101.63
C HIS IA 101 1.16 -41.38 100.67
N HIS IA 102 1.15 -42.66 101.02
CA HIS IA 102 1.75 -43.70 100.18
C HIS IA 102 0.97 -43.88 98.90
N TYR IA 103 -0.30 -44.29 99.02
CA TYR IA 103 -1.14 -44.56 97.86
C TYR IA 103 -2.02 -43.36 97.52
N GLY IA 104 -1.39 -42.21 97.36
CA GLY IA 104 -2.15 -41.03 97.01
C GLY IA 104 -3.16 -40.68 98.09
N ILE IA 105 -4.09 -39.81 97.71
CA ILE IA 105 -5.17 -39.39 98.61
C ILE IA 105 -6.51 -39.68 97.95
N VAL IA 106 -6.51 -39.72 96.61
CA VAL IA 106 -7.75 -39.99 95.87
C VAL IA 106 -7.97 -41.49 95.75
N GLN IA 107 -6.93 -42.23 95.37
CA GLN IA 107 -7.05 -43.67 95.22
C GLN IA 107 -7.34 -44.36 96.55
N VAL IA 108 -7.03 -43.72 97.67
CA VAL IA 108 -7.28 -44.33 98.97
C VAL IA 108 -8.76 -44.57 99.18
N GLU IA 109 -9.59 -43.58 98.82
CA GLU IA 109 -11.03 -43.72 99.01
C GLU IA 109 -11.58 -44.92 98.25
N HIS IA 110 -11.11 -45.12 97.02
CA HIS IA 110 -11.58 -46.26 96.23
C HIS IA 110 -11.24 -47.58 96.92
N TYR IA 111 -10.03 -47.69 97.47
CA TYR IA 111 -9.64 -48.93 98.13
C TYR IA 111 -10.52 -49.21 99.34
N VAL IA 112 -10.70 -48.22 100.20
CA VAL IA 112 -11.52 -48.42 101.40
C VAL IA 112 -12.97 -48.68 101.00
N LYS IA 113 -13.44 -48.05 99.92
CA LYS IA 113 -14.79 -48.32 99.45
C LYS IA 113 -14.97 -49.81 99.15
N GLN IA 114 -13.98 -50.43 98.49
CA GLN IA 114 -14.07 -51.85 98.19
C GLN IA 114 -13.91 -52.69 99.45
N ILE IA 115 -13.07 -52.24 100.39
CA ILE IA 115 -12.86 -52.98 101.63
C ILE IA 115 -14.18 -53.13 102.37
N THR IA 116 -14.97 -52.06 102.45
CA THR IA 116 -16.23 -52.12 103.17
C THR IA 116 -17.17 -53.16 102.54
N LEU IA 117 -17.26 -53.15 101.21
CA LEU IA 117 -18.12 -54.11 100.53
C LEU IA 117 -17.58 -55.52 100.71
N TRP IA 118 -16.26 -55.71 100.59
CA TRP IA 118 -15.68 -57.04 100.65
C TRP IA 118 -15.83 -57.68 102.03
N GLN IA 119 -16.01 -56.88 103.08
CA GLN IA 119 -16.14 -57.41 104.43
C GLN IA 119 -17.59 -57.46 104.91
N ASP IA 120 -18.41 -56.48 104.53
CA ASP IA 120 -19.78 -56.44 105.00
C ASP IA 120 -20.58 -57.64 104.47
N THR IA 121 -20.35 -58.02 103.23
CA THR IA 121 -21.04 -59.16 102.67
C THR IA 121 -20.63 -60.43 103.40
N PRO IA 122 -21.50 -61.44 103.44
CA PRO IA 122 -21.14 -62.68 104.15
C PRO IA 122 -19.94 -63.35 103.53
N GLN IA 123 -19.19 -64.07 104.36
CA GLN IA 123 -17.95 -64.69 103.92
C GLN IA 123 -18.18 -65.67 102.77
N ALA IA 124 -19.40 -66.18 102.60
CA ALA IA 124 -19.68 -67.11 101.52
C ALA IA 124 -19.76 -66.44 100.16
N PHE IA 125 -19.75 -65.11 100.10
CA PHE IA 125 -19.88 -64.38 98.85
C PHE IA 125 -18.72 -63.43 98.58
N ARG IA 126 -17.82 -63.22 99.54
CA ARG IA 126 -16.77 -62.23 99.35
C ARG IA 126 -15.91 -62.55 98.13
N GLY IA 127 -15.22 -63.69 98.16
CA GLY IA 127 -14.33 -64.07 97.10
C GLY IA 127 -12.87 -63.91 97.46
N ASP IA 128 -12.22 -62.89 96.90
CA ASP IA 128 -10.81 -62.62 97.15
C ASP IA 128 -10.64 -61.17 97.59
N GLN IA 129 -9.72 -60.96 98.52
CA GLN IA 129 -9.46 -59.61 99.00
C GLN IA 129 -8.96 -58.73 97.86
N PRO IA 130 -9.46 -57.51 97.73
CA PRO IA 130 -8.96 -56.61 96.67
C PRO IA 130 -7.63 -55.98 97.10
N LYS IA 131 -6.58 -56.25 96.32
CA LYS IA 131 -5.27 -55.74 96.67
C LYS IA 131 -5.26 -54.21 96.60
N PRO IA 132 -4.67 -53.54 97.59
CA PRO IA 132 -4.62 -52.07 97.54
C PRO IA 132 -3.74 -51.61 96.39
N PRO IA 133 -4.00 -50.42 95.85
CA PRO IA 133 -3.15 -49.91 94.77
C PRO IA 133 -1.72 -49.67 95.24
N SER IA 134 -0.79 -49.83 94.32
CA SER IA 134 0.62 -49.66 94.63
C SER IA 134 0.95 -48.17 94.79
N PHE IA 135 2.23 -47.89 94.99
CA PHE IA 135 2.71 -46.52 95.19
C PHE IA 135 2.69 -45.80 93.86
N THR JA 3 -50.32 -59.23 94.83
CA THR JA 3 -50.92 -59.37 93.52
C THR JA 3 -50.38 -58.35 92.54
N PHE JA 4 -49.88 -57.21 93.02
CA PHE JA 4 -49.29 -56.22 92.11
C PHE JA 4 -48.10 -56.80 91.37
N ILE JA 5 -47.26 -57.58 92.07
CA ILE JA 5 -46.12 -58.19 91.41
C ILE JA 5 -46.59 -59.07 90.25
N GLU JA 6 -47.70 -59.79 90.45
CA GLU JA 6 -48.27 -60.57 89.35
C GLU JA 6 -48.66 -59.67 88.20
N LEU JA 7 -49.24 -58.50 88.50
CA LEU JA 7 -49.62 -57.58 87.44
C LEU JA 7 -48.41 -57.10 86.66
N VAL JA 8 -47.23 -57.13 87.27
CA VAL JA 8 -46.01 -56.74 86.59
C VAL JA 8 -45.18 -57.94 86.17
N LYS JA 9 -45.39 -59.11 86.78
CA LYS JA 9 -44.62 -60.29 86.41
C LYS JA 9 -44.76 -60.61 84.92
N ASN JA 10 -45.90 -60.23 84.33
CA ASN JA 10 -46.10 -60.44 82.90
C ASN JA 10 -45.47 -59.36 82.04
N MET JA 11 -45.05 -58.24 82.63
CA MET JA 11 -44.43 -57.17 81.86
C MET JA 11 -43.11 -57.63 81.27
N LYS JA 12 -42.79 -57.09 80.09
CA LYS JA 12 -41.56 -57.47 79.40
C LYS JA 12 -40.32 -57.10 80.22
N GLY JA 13 -40.32 -55.91 80.80
CA GLY JA 13 -39.15 -55.43 81.51
C GLY JA 13 -39.12 -55.80 82.98
N TYR JA 14 -40.07 -56.62 83.41
CA TYR JA 14 -40.11 -57.04 84.80
C TYR JA 14 -38.87 -57.85 85.17
N LYS JA 15 -38.36 -57.63 86.37
CA LYS JA 15 -37.15 -58.30 86.83
C LYS JA 15 -37.32 -58.70 88.29
N GLU JA 16 -36.59 -59.74 88.69
CA GLU JA 16 -36.59 -60.21 90.07
C GLU JA 16 -35.52 -59.43 90.84
N LEU JA 17 -35.87 -58.19 91.20
CA LEU JA 17 -34.95 -57.34 91.95
C LEU JA 17 -34.70 -57.87 93.36
N LEU JA 18 -35.57 -58.73 93.87
CA LEU JA 18 -35.41 -59.28 95.22
C LEU JA 18 -34.28 -60.30 95.20
N LEU JA 19 -33.11 -59.90 95.67
CA LEU JA 19 -31.96 -60.78 95.68
C LEU JA 19 -32.10 -61.83 96.77
N PRO JA 20 -31.31 -62.90 96.70
CA PRO JA 20 -31.41 -63.96 97.71
C PRO JA 20 -31.20 -63.42 99.11
N MET JA 21 -31.94 -63.99 100.06
CA MET JA 21 -31.83 -63.55 101.45
C MET JA 21 -30.42 -63.76 101.98
N GLU JA 22 -29.82 -64.91 101.68
CA GLU JA 22 -28.46 -65.18 102.14
C GLU JA 22 -27.47 -64.17 101.56
N MET JA 23 -27.76 -63.66 100.36
CA MET JA 23 -26.82 -62.76 99.70
C MET JA 23 -26.65 -61.46 100.50
N VAL JA 24 -27.74 -60.90 101.00
CA VAL JA 24 -27.71 -59.61 101.66
C VAL JA 24 -27.22 -59.77 103.10
N PRO JA 25 -26.60 -58.74 103.69
CA PRO JA 25 -26.18 -58.84 105.10
C PRO JA 25 -27.30 -58.52 106.07
N LEU JA 26 -26.97 -58.44 107.35
CA LEU JA 26 -27.97 -58.12 108.36
C LEU JA 26 -28.48 -56.69 108.19
N PRO JA 27 -29.66 -56.39 108.71
CA PRO JA 27 -30.23 -55.04 108.50
C PRO JA 27 -29.33 -53.92 108.99
N ALA JA 28 -28.64 -54.11 110.10
CA ALA JA 28 -27.85 -53.03 110.68
C ALA JA 28 -26.74 -52.59 109.74
N VAL JA 29 -26.07 -53.55 109.09
CA VAL JA 29 -24.96 -53.21 108.22
C VAL JA 29 -25.44 -52.44 106.99
N VAL JA 30 -26.61 -52.81 106.47
CA VAL JA 30 -27.12 -52.15 105.27
C VAL JA 30 -27.32 -50.66 105.52
N LEU JA 31 -27.88 -50.31 106.68
CA LEU JA 31 -28.10 -48.91 107.01
C LEU JA 31 -26.81 -48.10 106.91
N LYS JA 32 -25.68 -48.73 107.20
CA LYS JA 32 -24.40 -48.03 107.12
C LYS JA 32 -24.13 -47.56 105.70
N HIS JA 33 -24.39 -48.42 104.71
CA HIS JA 33 -24.11 -48.05 103.32
C HIS JA 33 -25.08 -46.98 102.82
N VAL JA 34 -26.28 -46.92 103.38
CA VAL JA 34 -27.24 -45.91 102.95
C VAL JA 34 -26.70 -44.51 103.24
N LYS JA 35 -26.14 -44.32 104.43
CA LYS JA 35 -25.52 -43.03 104.75
C LYS JA 35 -24.33 -42.76 103.83
N LEU JA 36 -23.51 -43.78 103.58
CA LEU JA 36 -22.32 -43.60 102.76
C LEU JA 36 -22.68 -43.28 101.32
N ILE JA 37 -23.66 -44.01 100.75
CA ILE JA 37 -24.03 -43.79 99.36
C ILE JA 37 -24.75 -42.45 99.20
N LEU JA 38 -25.67 -42.14 100.11
CA LEU JA 38 -26.35 -40.85 100.06
C LEU JA 38 -25.36 -39.71 100.25
N THR JA 39 -24.46 -39.84 101.22
CA THR JA 39 -23.48 -38.79 101.46
C THR JA 39 -22.56 -38.60 100.26
N SER JA 40 -22.08 -39.70 99.67
CA SER JA 40 -21.18 -39.59 98.54
C SER JA 40 -21.87 -38.94 97.33
N GLN JA 41 -23.12 -39.34 97.07
CA GLN JA 41 -23.83 -38.81 95.92
C GLN JA 41 -24.14 -37.33 96.13
N LYS JA 42 -24.07 -36.56 95.04
CA LYS JA 42 -24.26 -35.12 95.09
C LYS JA 42 -25.49 -34.67 94.32
N GLU JA 43 -25.63 -35.07 93.06
CA GLU JA 43 -26.78 -34.63 92.27
C GLU JA 43 -28.07 -35.13 92.89
N HIS JA 44 -29.08 -34.27 92.91
CA HIS JA 44 -30.37 -34.58 93.51
C HIS JA 44 -31.28 -35.20 92.47
N GLN JA 45 -31.74 -36.42 92.73
CA GLN JA 45 -32.71 -37.12 91.92
C GLN JA 45 -33.77 -37.73 92.82
N PRO JA 46 -34.95 -38.03 92.30
CA PRO JA 46 -36.02 -38.54 93.16
C PRO JA 46 -35.68 -39.86 93.84
N TRP JA 47 -34.80 -40.66 93.27
CA TRP JA 47 -34.52 -41.97 93.85
C TRP JA 47 -33.90 -41.85 95.24
N MET JA 48 -32.95 -40.93 95.41
CA MET JA 48 -32.34 -40.75 96.72
C MET JA 48 -33.36 -40.24 97.73
N THR JA 49 -34.23 -39.33 97.30
CA THR JA 49 -35.28 -38.84 98.19
C THR JA 49 -36.19 -39.97 98.62
N GLU JA 50 -36.59 -40.84 97.69
CA GLU JA 50 -37.41 -41.99 98.03
C GLU JA 50 -36.59 -43.09 98.70
N MET JA 51 -35.30 -43.18 98.36
CA MET JA 51 -34.46 -44.21 98.97
C MET JA 51 -34.36 -44.03 100.47
N ALA JA 52 -34.20 -42.79 100.93
CA ALA JA 52 -34.12 -42.53 102.36
C ALA JA 52 -35.41 -42.91 103.06
N LEU JA 53 -36.55 -42.59 102.46
CA LEU JA 53 -37.84 -42.89 103.08
C LEU JA 53 -38.01 -44.39 103.25
N LYS JA 54 -37.64 -45.17 102.23
CA LYS JA 54 -37.79 -46.61 102.32
C LYS JA 54 -36.96 -47.19 103.45
N ALA JA 55 -35.74 -46.69 103.62
CA ALA JA 55 -34.87 -47.18 104.68
C ALA JA 55 -35.32 -46.69 106.05
N ASP JA 56 -35.99 -45.53 106.10
CA ASP JA 56 -36.39 -44.96 107.38
C ASP JA 56 -37.34 -45.90 108.12
N GLN JA 57 -38.27 -46.53 107.39
CA GLN JA 57 -39.26 -47.39 108.04
C GLN JA 57 -38.59 -48.46 108.88
N CYS JA 58 -37.46 -49.01 108.41
CA CYS JA 58 -36.78 -50.05 109.16
C CYS JA 58 -36.37 -49.56 110.54
N LEU JA 59 -35.98 -48.29 110.66
CA LEU JA 59 -35.56 -47.77 111.96
C LEU JA 59 -36.70 -47.81 112.97
N ILE JA 60 -37.91 -47.47 112.54
CA ILE JA 60 -39.04 -47.46 113.46
C ILE JA 60 -39.29 -48.87 113.99
N HIS JA 61 -39.22 -49.87 113.12
CA HIS JA 61 -39.45 -51.24 113.55
C HIS JA 61 -38.40 -51.68 114.56
N LYS JA 62 -37.17 -51.18 114.43
CA LYS JA 62 -36.13 -51.52 115.41
C LYS JA 62 -36.55 -51.13 116.81
N ALA JA 63 -37.02 -49.88 116.97
CA ALA JA 63 -37.46 -49.42 118.28
C ALA JA 63 -38.83 -49.97 118.65
N THR JA 64 -39.71 -50.17 117.66
CA THR JA 64 -41.03 -50.70 117.95
C THR JA 64 -40.95 -52.05 118.63
N LEU JA 65 -40.14 -52.96 118.09
CA LEU JA 65 -39.96 -54.26 118.70
C LEU JA 65 -39.07 -54.18 119.93
N PRO JA 78 -47.79 -64.45 116.16
CA PRO JA 78 -47.80 -64.23 114.70
C PRO JA 78 -47.52 -62.80 114.31
N LEU JA 79 -47.98 -61.82 115.11
CA LEU JA 79 -47.75 -60.42 114.78
C LEU JA 79 -46.27 -60.07 114.85
N ILE JA 80 -45.61 -60.42 115.96
CA ILE JA 80 -44.20 -60.09 116.12
C ILE JA 80 -43.36 -60.82 115.08
N GLU JA 81 -43.63 -62.11 114.86
CA GLU JA 81 -42.84 -62.89 113.93
C GLU JA 81 -42.92 -62.32 112.52
N ALA JA 82 -44.11 -61.89 112.10
CA ALA JA 82 -44.27 -61.32 110.77
C ALA JA 82 -43.41 -60.08 110.59
N MET JA 83 -43.35 -59.23 111.62
CA MET JA 83 -42.54 -58.01 111.51
C MET JA 83 -41.08 -58.34 111.27
N GLN JA 84 -40.58 -59.38 111.93
CA GLN JA 84 -39.19 -59.77 111.73
C GLN JA 84 -38.92 -60.11 110.26
N GLN JA 85 -39.83 -60.84 109.63
CA GLN JA 85 -39.68 -61.14 108.20
C GLN JA 85 -39.87 -59.88 107.36
N ILE JA 86 -40.74 -58.97 107.78
CA ILE JA 86 -40.98 -57.75 107.02
C ILE JA 86 -39.70 -56.92 106.94
N ILE JA 87 -38.98 -56.81 108.05
CA ILE JA 87 -37.75 -56.03 108.05
C ILE JA 87 -36.77 -56.59 107.04
N LEU JA 88 -36.62 -57.93 107.02
CA LEU JA 88 -35.72 -58.54 106.05
C LEU JA 88 -36.20 -58.32 104.62
N ALA JA 89 -37.52 -58.19 104.42
CA ALA JA 89 -38.04 -57.94 103.09
C ALA JA 89 -37.52 -56.62 102.53
N MET JA 90 -37.50 -55.58 103.37
CA MET JA 90 -37.04 -54.27 102.90
C MET JA 90 -35.53 -54.27 102.69
N THR JA 91 -34.79 -55.06 103.47
CA THR JA 91 -33.33 -55.09 103.32
C THR JA 91 -32.95 -55.58 101.93
N ARG JA 92 -33.63 -56.62 101.43
CA ARG JA 92 -33.34 -57.11 100.08
C ARG JA 92 -33.61 -56.03 99.05
N GLU JA 93 -34.72 -55.30 99.20
CA GLU JA 93 -35.03 -54.23 98.27
C GLU JA 93 -33.99 -53.12 98.33
N LEU JA 94 -33.56 -52.75 99.55
CA LEU JA 94 -32.59 -51.67 99.69
C LEU JA 94 -31.25 -52.06 99.06
N TRP JA 95 -30.79 -53.30 99.30
CA TRP JA 95 -29.49 -53.70 98.78
C TRP JA 95 -29.47 -53.67 97.26
N GLY JA 96 -30.62 -53.87 96.62
CA GLY JA 96 -30.66 -53.82 95.17
C GLY JA 96 -30.30 -52.45 94.63
N GLN JA 97 -30.88 -51.41 95.21
CA GLN JA 97 -30.54 -50.06 94.78
C GLN JA 97 -29.09 -49.74 95.07
N ILE JA 98 -28.56 -50.24 96.19
CA ILE JA 98 -27.16 -50.00 96.53
C ILE JA 98 -26.25 -50.58 95.44
N GLN JA 99 -26.47 -51.84 95.08
CA GLN JA 99 -25.62 -52.48 94.09
C GLN JA 99 -25.83 -51.89 92.70
N ARG JA 100 -27.10 -51.63 92.33
CA ARG JA 100 -27.37 -51.07 91.02
C ARG JA 100 -26.75 -49.68 90.86
N HIS JA 101 -26.83 -48.86 91.91
CA HIS JA 101 -26.24 -47.53 91.84
C HIS JA 101 -24.73 -47.59 91.74
N HIS JA 102 -24.09 -48.44 92.55
CA HIS JA 102 -22.63 -48.53 92.54
C HIS JA 102 -22.12 -49.07 91.21
N TYR JA 103 -22.66 -50.20 90.77
CA TYR JA 103 -22.21 -50.85 89.54
C TYR JA 103 -23.10 -50.48 88.36
N GLY JA 104 -24.37 -50.81 88.44
CA GLY JA 104 -25.31 -50.57 87.36
C GLY JA 104 -26.47 -51.53 87.42
N ILE JA 105 -27.55 -51.14 86.75
CA ILE JA 105 -28.77 -51.94 86.78
C ILE JA 105 -28.55 -53.27 86.07
N VAL JA 106 -27.89 -53.23 84.91
CA VAL JA 106 -27.72 -54.46 84.13
C VAL JA 106 -26.74 -55.40 84.83
N GLN JA 107 -25.68 -54.87 85.43
CA GLN JA 107 -24.66 -55.71 86.03
C GLN JA 107 -25.24 -56.55 87.17
N VAL JA 108 -26.06 -55.94 88.02
CA VAL JA 108 -26.67 -56.69 89.12
C VAL JA 108 -27.56 -57.80 88.58
N GLU JA 109 -28.41 -57.47 87.59
CA GLU JA 109 -29.24 -58.49 86.98
C GLU JA 109 -28.39 -59.55 86.29
N HIS JA 110 -27.24 -59.15 85.75
CA HIS JA 110 -26.36 -60.09 85.07
C HIS JA 110 -25.58 -60.95 86.06
N TYR JA 111 -25.18 -60.37 87.19
CA TYR JA 111 -24.30 -61.07 88.12
C TYR JA 111 -25.05 -61.88 89.18
N VAL JA 112 -26.28 -61.48 89.51
CA VAL JA 112 -27.01 -62.18 90.57
C VAL JA 112 -27.22 -63.64 90.22
N LYS JA 113 -27.59 -63.92 88.97
CA LYS JA 113 -27.88 -65.30 88.58
C LYS JA 113 -26.63 -66.17 88.64
N GLN JA 114 -25.48 -65.61 88.30
CA GLN JA 114 -24.26 -66.40 88.25
C GLN JA 114 -23.95 -67.05 89.60
N ILE JA 115 -24.03 -66.27 90.67
CA ILE JA 115 -23.70 -66.79 91.99
C ILE JA 115 -24.72 -67.84 92.43
N THR JA 116 -25.99 -67.63 92.05
CA THR JA 116 -27.02 -68.60 92.41
C THR JA 116 -26.73 -69.96 91.79
N LEU JA 117 -26.30 -69.95 90.53
CA LEU JA 117 -25.95 -71.20 89.86
C LEU JA 117 -24.79 -71.89 90.57
N TRP JA 118 -23.76 -71.13 90.96
CA TRP JA 118 -22.61 -71.73 91.62
C TRP JA 118 -23.02 -72.45 92.91
N GLN JA 119 -24.12 -72.02 93.53
CA GLN JA 119 -24.59 -72.68 94.75
C GLN JA 119 -25.42 -73.91 94.42
N ASP JA 120 -26.41 -73.76 93.53
CA ASP JA 120 -27.31 -74.86 93.16
C ASP JA 120 -26.56 -75.78 92.20
N THR JA 121 -25.63 -76.55 92.75
CA THR JA 121 -24.82 -77.49 91.99
C THR JA 121 -24.29 -78.53 92.94
N PRO JA 122 -24.04 -79.77 92.47
CA PRO JA 122 -23.59 -80.82 93.40
C PRO JA 122 -22.20 -80.59 93.96
N GLN JA 123 -22.09 -79.62 94.87
CA GLN JA 123 -20.87 -79.35 95.63
C GLN JA 123 -19.59 -79.53 94.81
N ALA JA 124 -19.27 -80.77 94.44
CA ALA JA 124 -17.96 -81.04 93.84
C ALA JA 124 -17.74 -80.19 92.60
N PHE JA 125 -18.67 -80.23 91.66
CA PHE JA 125 -18.56 -79.43 90.43
C PHE JA 125 -19.29 -78.09 90.59
N ARG JA 126 -19.00 -77.37 91.68
CA ARG JA 126 -19.68 -76.11 91.91
C ARG JA 126 -19.25 -75.06 90.90
N GLY JA 127 -17.97 -75.04 90.54
CA GLY JA 127 -17.46 -74.08 89.60
C GLY JA 127 -16.07 -73.60 89.95
N ASP JA 128 -15.86 -72.28 89.93
CA ASP JA 128 -14.57 -71.70 90.24
C ASP JA 128 -14.72 -70.46 91.12
N GLN JA 129 -15.74 -70.42 91.96
CA GLN JA 129 -15.95 -69.27 92.85
C GLN JA 129 -16.06 -68.00 92.01
N PRO JA 130 -17.17 -67.81 91.29
CA PRO JA 130 -17.24 -66.68 90.34
C PRO JA 130 -16.93 -65.36 91.03
N LYS JA 131 -16.11 -64.55 90.36
CA LYS JA 131 -15.69 -63.28 90.93
C LYS JA 131 -16.85 -62.29 90.94
N PRO JA 132 -16.90 -61.41 91.94
CA PRO JA 132 -17.92 -60.35 91.93
C PRO JA 132 -17.62 -59.32 90.86
N PRO JA 133 -18.62 -58.54 90.45
CA PRO JA 133 -18.40 -57.60 89.34
C PRO JA 133 -17.33 -56.58 89.67
N THR KA 3 81.09 -95.94 23.07
CA THR KA 3 81.78 -94.73 22.63
C THR KA 3 80.79 -93.65 22.21
N PHE KA 4 79.74 -94.03 21.49
CA PHE KA 4 78.79 -93.03 20.99
C PHE KA 4 78.12 -92.28 22.12
N ILE KA 5 77.69 -93.00 23.16
CA ILE KA 5 76.97 -92.36 24.26
C ILE KA 5 77.86 -91.30 24.91
N GLU KA 6 79.16 -91.59 25.02
CA GLU KA 6 80.09 -90.60 25.55
C GLU KA 6 80.06 -89.33 24.71
N LEU KA 7 79.99 -89.47 23.39
CA LEU KA 7 79.96 -88.30 22.51
C LEU KA 7 78.68 -87.50 22.73
N VAL KA 8 77.54 -88.18 22.90
CA VAL KA 8 76.28 -87.47 23.08
C VAL KA 8 76.27 -86.74 24.43
N LYS KA 9 76.82 -87.35 25.46
CA LYS KA 9 76.86 -86.69 26.76
C LYS KA 9 77.59 -85.37 26.69
N ASN KA 10 78.51 -85.23 25.72
CA ASN KA 10 79.22 -83.97 25.50
C ASN KA 10 78.38 -83.06 24.60
N MET KA 11 77.17 -82.76 25.07
CA MET KA 11 76.23 -81.93 24.33
C MET KA 11 75.46 -81.06 25.30
N LYS KA 12 74.88 -79.99 24.76
CA LYS KA 12 74.20 -78.98 25.55
C LYS KA 12 72.71 -79.29 25.64
N GLY KA 13 72.15 -79.09 26.84
CA GLY KA 13 70.78 -79.46 27.10
C GLY KA 13 70.55 -80.92 27.40
N TYR KA 14 71.61 -81.67 27.70
CA TYR KA 14 71.52 -83.10 27.95
C TYR KA 14 71.02 -83.33 29.37
N LYS KA 15 69.81 -83.89 29.50
CA LYS KA 15 69.23 -84.24 30.78
C LYS KA 15 69.18 -85.75 30.88
N GLU KA 16 69.84 -86.30 31.91
CA GLU KA 16 69.88 -87.74 32.08
C GLU KA 16 68.50 -88.27 32.47
N LEU KA 17 68.21 -89.49 32.01
CA LEU KA 17 66.91 -90.09 32.25
C LEU KA 17 67.01 -91.57 32.63
N LEU KA 18 68.19 -92.08 32.93
CA LEU KA 18 68.39 -93.48 33.26
C LEU KA 18 68.85 -93.61 34.70
N LEU KA 19 68.19 -94.50 35.45
CA LEU KA 19 68.54 -94.74 36.84
C LEU KA 19 69.72 -95.71 36.94
N PRO KA 20 70.35 -95.78 38.10
CA PRO KA 20 71.43 -96.76 38.28
C PRO KA 20 70.94 -98.18 38.10
N MET KA 21 71.83 -99.04 37.60
CA MET KA 21 71.47 -100.43 37.37
C MET KA 21 71.01 -101.11 38.65
N GLU KA 22 71.45 -100.63 39.80
CA GLU KA 22 71.10 -101.25 41.08
C GLU KA 22 69.70 -100.90 41.55
N MET KA 23 69.04 -99.93 40.91
CA MET KA 23 67.71 -99.50 41.33
C MET KA 23 66.60 -99.92 40.38
N VAL KA 24 66.90 -100.19 39.12
CA VAL KA 24 65.87 -100.57 38.16
C VAL KA 24 65.29 -101.92 38.56
N PRO KA 25 64.02 -102.20 38.25
CA PRO KA 25 63.44 -103.49 38.62
C PRO KA 25 64.11 -104.63 37.88
N LEU KA 26 63.76 -105.85 38.28
CA LEU KA 26 64.21 -107.02 37.57
C LEU KA 26 63.57 -107.06 36.18
N PRO KA 27 64.23 -107.70 35.21
CA PRO KA 27 63.67 -107.69 33.85
C PRO KA 27 62.27 -108.25 33.77
N ALA KA 28 61.96 -109.26 34.58
CA ALA KA 28 60.62 -109.85 34.56
C ALA KA 28 59.57 -108.82 34.96
N VAL KA 29 59.88 -108.00 35.97
CA VAL KA 29 58.91 -107.02 36.45
C VAL KA 29 58.64 -105.97 35.39
N VAL KA 30 59.67 -105.57 34.64
CA VAL KA 30 59.51 -104.48 33.69
C VAL KA 30 58.49 -104.86 32.62
N LEU KA 31 58.56 -106.10 32.13
CA LEU KA 31 57.66 -106.54 31.09
C LEU KA 31 56.20 -106.39 31.52
N LYS KA 32 55.93 -106.51 32.82
CA LYS KA 32 54.56 -106.41 33.30
C LYS KA 32 53.97 -105.03 33.00
N HIS KA 33 54.75 -103.97 33.22
CA HIS KA 33 54.25 -102.63 32.93
C HIS KA 33 54.11 -102.41 31.43
N VAL KA 34 54.91 -103.11 30.62
CA VAL KA 34 54.83 -102.92 29.17
C VAL KA 34 53.44 -103.31 28.68
N LYS KA 35 52.93 -104.45 29.14
CA LYS KA 35 51.61 -104.91 28.70
C LYS KA 35 50.54 -103.91 29.09
N LEU KA 36 50.58 -103.41 30.32
CA LEU KA 36 49.58 -102.45 30.77
C LEU KA 36 49.67 -101.15 29.98
N ILE KA 37 50.89 -100.61 29.85
CA ILE KA 37 51.05 -99.32 29.18
C ILE KA 37 50.69 -99.46 27.70
N LEU KA 38 51.17 -100.52 27.05
CA LEU KA 38 50.82 -100.74 25.65
C LEU KA 38 49.32 -100.97 25.48
N THR KA 39 48.77 -101.90 26.24
CA THR KA 39 47.37 -102.29 26.05
C THR KA 39 46.44 -101.20 26.54
N SER KA 40 46.70 -100.65 27.74
CA SER KA 40 45.86 -99.61 28.32
C SER KA 40 46.25 -98.26 27.73
N GLN KA 41 46.08 -98.14 26.42
CA GLN KA 41 46.39 -96.91 25.72
C GLN KA 41 45.42 -96.74 24.55
N LYS KA 42 45.17 -95.48 24.21
CA LYS KA 42 44.28 -95.11 23.12
C LYS KA 42 44.99 -94.14 22.20
N GLU KA 43 44.63 -94.17 20.92
CA GLU KA 43 45.24 -93.31 19.90
C GLU KA 43 46.75 -93.56 19.85
N HIS KA 44 47.09 -94.78 19.44
CA HIS KA 44 48.48 -95.23 19.37
C HIS KA 44 49.39 -94.13 18.85
N GLN KA 45 50.52 -93.97 19.52
CA GLN KA 45 51.50 -92.94 19.21
C GLN KA 45 52.83 -93.58 18.81
N PRO KA 46 53.68 -92.83 18.10
CA PRO KA 46 54.91 -93.46 17.58
C PRO KA 46 55.79 -94.08 18.66
N TRP KA 47 55.88 -93.45 19.84
CA TRP KA 47 56.76 -93.97 20.88
C TRP KA 47 56.31 -95.34 21.38
N MET KA 48 55.03 -95.68 21.21
CA MET KA 48 54.57 -97.00 21.62
C MET KA 48 55.27 -98.09 20.84
N THR KA 49 55.45 -97.89 19.54
CA THR KA 49 56.12 -98.90 18.72
C THR KA 49 57.55 -99.12 19.20
N GLU KA 50 58.26 -98.04 19.54
CA GLU KA 50 59.63 -98.16 19.98
C GLU KA 50 59.73 -99.02 21.24
N MET KA 51 58.79 -98.84 22.18
CA MET KA 51 58.83 -99.60 23.41
C MET KA 51 58.71 -101.09 23.14
N ALA KA 52 57.78 -101.48 22.26
CA ALA KA 52 57.56 -102.90 22.00
C ALA KA 52 58.79 -103.54 21.36
N LEU KA 53 59.42 -102.83 20.41
CA LEU KA 53 60.55 -103.40 19.70
C LEU KA 53 61.68 -103.74 20.66
N LYS KA 54 61.99 -102.84 21.59
CA LYS KA 54 63.06 -103.11 22.55
C LYS KA 54 62.68 -104.24 23.49
N ALA KA 55 61.39 -104.34 23.85
CA ALA KA 55 60.98 -105.35 24.81
C ALA KA 55 61.27 -106.76 24.31
N ASP KA 56 60.97 -107.03 23.04
CA ASP KA 56 61.19 -108.38 22.52
C ASP KA 56 62.67 -108.73 22.52
N GLN KA 57 63.56 -107.73 22.43
CA GLN KA 57 64.99 -108.02 22.43
C GLN KA 57 65.42 -108.67 23.74
N CYS KA 58 64.91 -108.18 24.86
CA CYS KA 58 65.26 -108.77 26.15
C CYS KA 58 64.79 -110.22 26.21
N LEU KA 59 63.60 -110.49 25.70
CA LEU KA 59 63.11 -111.87 25.66
C LEU KA 59 64.00 -112.75 24.80
N ILE KA 60 64.45 -112.23 23.66
CA ILE KA 60 65.32 -113.01 22.78
C ILE KA 60 66.61 -113.37 23.50
N HIS KA 61 67.25 -112.37 24.13
CA HIS KA 61 68.45 -112.65 24.91
C HIS KA 61 68.13 -113.56 26.10
N LYS KA 62 67.00 -113.31 26.76
CA LYS KA 62 66.60 -114.14 27.89
C LYS KA 62 66.39 -115.58 27.46
N ALA KA 63 65.74 -115.78 26.31
CA ALA KA 63 65.52 -117.13 25.78
C ALA KA 63 66.79 -117.77 25.26
N THR KA 64 67.88 -117.01 25.15
CA THR KA 64 69.13 -117.54 24.63
C THR KA 64 69.98 -118.22 25.71
N LEU KA 65 69.83 -117.82 26.97
CA LEU KA 65 70.65 -118.39 28.03
C LEU KA 65 70.38 -119.88 28.22
N ASP KA 66 69.13 -120.31 28.07
CA ASP KA 66 68.81 -121.73 28.23
C ASP KA 66 69.60 -122.59 27.27
N PRO KA 78 83.24 -116.47 28.65
CA PRO KA 78 82.82 -115.08 28.38
C PRO KA 78 81.63 -114.98 27.45
N LEU KA 79 81.68 -115.65 26.30
CA LEU KA 79 80.64 -115.47 25.30
C LEU KA 79 79.27 -115.87 25.84
N ILE KA 80 79.19 -117.00 26.54
CA ILE KA 80 77.91 -117.44 27.10
C ILE KA 80 77.39 -116.42 28.11
N GLU KA 81 78.27 -115.96 29.00
CA GLU KA 81 77.89 -115.01 30.03
C GLU KA 81 77.89 -113.57 29.54
N ALA KA 82 78.49 -113.29 28.39
CA ALA KA 82 78.56 -111.91 27.90
C ALA KA 82 77.17 -111.35 27.61
N MET KA 83 76.30 -112.15 27.00
CA MET KA 83 74.97 -111.67 26.64
C MET KA 83 74.18 -111.26 27.88
N GLN KA 84 74.45 -111.88 29.02
CA GLN KA 84 73.72 -111.54 30.24
C GLN KA 84 73.92 -110.08 30.62
N GLN KA 85 75.09 -109.52 30.29
CA GLN KA 85 75.36 -108.13 30.63
C GLN KA 85 74.39 -107.20 29.91
N ILE KA 86 74.10 -107.48 28.65
CA ILE KA 86 73.22 -106.61 27.87
C ILE KA 86 71.79 -106.67 28.42
N ILE KA 87 71.37 -107.84 28.90
CA ILE KA 87 70.01 -107.99 29.40
C ILE KA 87 69.74 -106.98 30.51
N LEU KA 88 70.64 -106.90 31.48
CA LEU KA 88 70.49 -105.92 32.55
C LEU KA 88 70.50 -104.50 32.00
N ALA KA 89 71.39 -104.22 31.07
CA ALA KA 89 71.47 -102.87 30.49
C ALA KA 89 70.19 -102.53 29.74
N MET KA 90 69.64 -103.50 29.00
CA MET KA 90 68.46 -103.22 28.20
C MET KA 90 67.31 -102.73 29.07
N THR KA 91 67.19 -103.27 30.28
CA THR KA 91 66.13 -102.83 31.18
C THR KA 91 66.30 -101.37 31.55
N ARG KA 92 67.54 -100.93 31.79
CA ARG KA 92 67.79 -99.56 32.23
C ARG KA 92 67.26 -98.57 31.21
N GLU KA 93 67.55 -98.80 29.92
CA GLU KA 93 66.98 -97.94 28.89
C GLU KA 93 65.49 -98.15 28.76
N LEU KA 94 65.03 -99.40 28.88
CA LEU KA 94 63.61 -99.68 28.76
C LEU KA 94 62.81 -99.04 29.89
N TRP KA 95 63.31 -99.12 31.12
CA TRP KA 95 62.59 -98.54 32.24
C TRP KA 95 62.49 -97.03 32.14
N GLY KA 96 63.41 -96.40 31.41
CA GLY KA 96 63.35 -94.95 31.27
C GLY KA 96 62.09 -94.49 30.57
N GLN KA 97 61.65 -95.23 29.55
CA GLN KA 97 60.44 -94.86 28.84
C GLN KA 97 59.20 -95.09 29.69
N ILE KA 98 59.23 -96.09 30.57
CA ILE KA 98 58.08 -96.36 31.42
C ILE KA 98 57.78 -95.15 32.30
N GLN KA 99 58.81 -94.59 32.92
CA GLN KA 99 58.60 -93.45 33.81
C GLN KA 99 58.14 -92.23 33.04
N ARG KA 100 58.60 -92.07 31.80
CA ARG KA 100 58.13 -90.94 30.98
C ARG KA 100 56.63 -91.01 30.77
N HIS KA 101 56.11 -92.20 30.47
CA HIS KA 101 54.67 -92.35 30.29
C HIS KA 101 53.91 -92.13 31.58
N HIS KA 102 54.40 -92.73 32.68
CA HIS KA 102 53.71 -92.60 33.96
C HIS KA 102 53.86 -91.18 34.52
N TYR KA 103 55.10 -90.79 34.80
CA TYR KA 103 55.35 -89.49 35.42
C TYR KA 103 55.35 -88.36 34.39
N GLY KA 104 56.26 -88.42 33.44
CA GLY KA 104 56.45 -87.37 32.47
C GLY KA 104 57.94 -87.11 32.30
N ILE KA 105 58.32 -86.67 31.10
CA ILE KA 105 59.74 -86.47 30.81
C ILE KA 105 60.34 -85.42 31.72
N VAL KA 106 59.64 -84.29 31.91
CA VAL KA 106 60.19 -83.20 32.70
C VAL KA 106 60.41 -83.63 34.14
N GLN KA 107 59.41 -84.30 34.72
CA GLN KA 107 59.51 -84.70 36.13
C GLN KA 107 60.63 -85.70 36.34
N VAL KA 108 60.85 -86.60 35.37
CA VAL KA 108 61.87 -87.63 35.52
C VAL KA 108 63.24 -87.00 35.68
N GLU KA 109 63.54 -85.98 34.86
CA GLU KA 109 64.84 -85.34 34.92
C GLU KA 109 65.16 -84.89 36.35
N HIS KA 110 64.21 -84.23 37.00
CA HIS KA 110 64.43 -83.80 38.38
C HIS KA 110 64.63 -84.99 39.30
N TYR KA 111 63.81 -86.03 39.12
CA TYR KA 111 63.88 -87.18 40.02
C TYR KA 111 65.26 -87.85 39.95
N VAL KA 112 65.80 -88.02 38.75
CA VAL KA 112 67.07 -88.72 38.61
C VAL KA 112 68.18 -87.97 39.33
N LYS KA 113 68.26 -86.65 39.10
CA LYS KA 113 69.30 -85.86 39.75
C LYS KA 113 69.15 -85.89 41.27
N GLN KA 114 67.91 -85.81 41.77
CA GLN KA 114 67.69 -85.93 43.20
C GLN KA 114 68.16 -87.30 43.70
N ILE KA 115 67.89 -88.36 42.95
CA ILE KA 115 68.38 -89.68 43.31
C ILE KA 115 69.89 -89.71 43.25
N THR KA 116 70.47 -89.12 42.20
CA THR KA 116 71.93 -89.14 42.04
C THR KA 116 72.60 -88.44 43.21
N LEU KA 117 72.16 -87.23 43.53
CA LEU KA 117 72.73 -86.53 44.69
C LEU KA 117 72.48 -87.31 45.97
N TRP KA 118 71.27 -87.86 46.12
CA TRP KA 118 70.98 -88.68 47.30
C TRP KA 118 71.92 -89.88 47.37
N GLN KA 119 72.15 -90.54 46.24
CA GLN KA 119 73.09 -91.66 46.24
C GLN KA 119 74.52 -91.19 46.42
N ASP KA 120 74.85 -90.01 45.90
CA ASP KA 120 76.22 -89.51 46.01
C ASP KA 120 76.59 -89.23 47.47
N THR KA 121 75.68 -88.62 48.21
CA THR KA 121 75.98 -88.28 49.60
C THR KA 121 76.24 -89.54 50.41
N PRO KA 122 77.20 -89.53 51.34
CA PRO KA 122 77.46 -90.73 52.14
C PRO KA 122 76.25 -91.13 52.97
N GLN KA 123 76.11 -92.44 53.16
CA GLN KA 123 74.94 -92.97 53.87
C GLN KA 123 74.85 -92.46 55.30
N ALA KA 124 75.95 -91.99 55.89
CA ALA KA 124 75.91 -91.51 57.26
C ALA KA 124 74.96 -90.34 57.41
N PHE KA 125 75.00 -89.40 56.45
CA PHE KA 125 74.13 -88.22 56.48
C PHE KA 125 73.38 -88.10 55.16
N ARG KA 126 73.08 -89.23 54.52
CA ARG KA 126 72.43 -89.20 53.22
C ARG KA 126 71.04 -88.60 53.30
N GLY KA 127 70.27 -88.96 54.33
CA GLY KA 127 68.92 -88.46 54.48
C GLY KA 127 67.89 -89.40 53.87
N ASP KA 128 66.63 -88.98 54.02
CA ASP KA 128 65.53 -89.78 53.51
C ASP KA 128 65.55 -89.82 51.99
N GLN KA 129 65.28 -90.98 51.42
CA GLN KA 129 65.25 -91.12 49.97
C GLN KA 129 64.08 -90.34 49.40
N PRO KA 130 64.30 -89.54 48.36
CA PRO KA 130 63.19 -88.77 47.79
C PRO KA 130 62.15 -89.68 47.14
N LYS KA 131 60.92 -89.22 47.14
CA LYS KA 131 59.81 -89.97 46.57
C LYS KA 131 59.64 -89.63 45.09
N PRO KA 132 59.02 -90.53 44.32
CA PRO KA 132 58.82 -90.25 42.89
C PRO KA 132 57.96 -89.02 42.68
N PRO KA 133 58.01 -88.42 41.50
CA PRO KA 133 57.19 -87.23 41.24
C PRO KA 133 55.71 -87.55 41.12
N SER KA 134 54.91 -86.54 40.82
CA SER KA 134 53.47 -86.73 40.63
C SER KA 134 53.18 -87.25 39.24
N PHE KA 135 52.12 -88.04 39.13
CA PHE KA 135 51.75 -88.63 37.86
C PHE KA 135 51.30 -87.57 36.87
N THR LA 3 55.57 -111.40 20.81
CA THR LA 3 54.16 -111.14 21.08
C THR LA 3 53.85 -109.66 21.32
N PHE LA 4 54.74 -108.93 21.98
CA PHE LA 4 54.48 -107.53 22.27
C PHE LA 4 54.31 -106.72 21.00
N ILE LA 5 55.18 -106.96 20.02
CA ILE LA 5 55.08 -106.22 18.75
C ILE LA 5 53.76 -106.54 18.07
N GLU LA 6 53.29 -107.77 18.20
CA GLU LA 6 52.00 -108.13 17.60
C GLU LA 6 50.87 -107.31 18.21
N LEU LA 7 50.92 -107.09 19.53
CA LEU LA 7 49.89 -106.29 20.18
C LEU LA 7 49.84 -104.88 19.61
N VAL LA 8 51.02 -104.29 19.37
CA VAL LA 8 51.06 -102.96 18.77
C VAL LA 8 50.43 -102.98 17.38
N LYS LA 9 50.76 -104.00 16.59
CA LYS LA 9 50.20 -104.12 15.25
C LYS LA 9 48.69 -104.30 15.26
N ASN LA 10 48.12 -104.65 16.41
CA ASN LA 10 46.68 -104.80 16.57
C ASN LA 10 46.00 -103.51 17.00
N MET LA 11 46.73 -102.42 17.14
CA MET LA 11 46.18 -101.17 17.64
C MET LA 11 45.45 -100.43 16.52
N LYS LA 12 44.97 -99.23 16.85
CA LYS LA 12 44.30 -98.35 15.91
C LYS LA 12 45.20 -97.16 15.62
N GLY LA 13 45.38 -96.85 14.34
CA GLY LA 13 46.24 -95.78 13.92
C GLY LA 13 47.70 -96.17 13.77
N TYR LA 14 48.07 -97.40 14.09
CA TYR LA 14 49.44 -97.84 13.93
C TYR LA 14 49.83 -97.84 12.46
N LYS LA 15 51.08 -97.43 12.19
CA LYS LA 15 51.59 -97.35 10.84
C LYS LA 15 53.02 -97.86 10.82
N GLU LA 16 53.35 -98.62 9.77
CA GLU LA 16 54.69 -99.18 9.65
C GLU LA 16 55.71 -98.08 9.39
N LEU LA 17 56.89 -98.25 9.98
CA LEU LA 17 58.01 -97.33 9.76
C LEU LA 17 59.30 -98.04 9.40
N LEU LA 18 59.39 -99.36 9.59
CA LEU LA 18 60.60 -100.10 9.27
C LEU LA 18 60.56 -100.53 7.81
N LEU LA 19 61.57 -101.31 7.41
CA LEU LA 19 61.74 -101.74 6.03
C LEU LA 19 62.08 -103.21 6.01
N PRO LA 20 61.91 -103.88 4.87
CA PRO LA 20 62.26 -105.30 4.80
C PRO LA 20 63.73 -105.52 5.12
N MET LA 21 64.01 -106.68 5.73
CA MET LA 21 65.39 -106.99 6.13
C MET LA 21 66.34 -106.88 4.94
N GLU LA 22 65.88 -107.24 3.75
CA GLU LA 22 66.74 -107.16 2.57
C GLU LA 22 67.12 -105.72 2.26
N MET LA 23 66.15 -104.80 2.37
CA MET LA 23 66.40 -103.38 2.08
C MET LA 23 66.95 -102.68 3.32
N VAL LA 24 68.05 -103.23 3.83
CA VAL LA 24 68.73 -102.67 4.99
C VAL LA 24 70.23 -102.65 4.72
N PRO LA 25 70.90 -101.52 4.85
CA PRO LA 25 72.35 -101.48 4.60
C PRO LA 25 73.10 -102.48 5.48
N LEU LA 26 74.36 -102.68 5.14
CA LEU LA 26 75.21 -103.58 5.88
C LEU LA 26 75.59 -102.96 7.22
N PRO LA 27 76.00 -103.77 8.20
CA PRO LA 27 76.38 -103.21 9.50
C PRO LA 27 77.66 -102.38 9.41
N ALA LA 28 78.10 -101.82 10.54
CA ALA LA 28 79.30 -101.01 10.58
C ALA LA 28 79.15 -99.75 9.75
N VAL LA 29 79.04 -99.91 8.42
CA VAL LA 29 78.91 -98.75 7.55
C VAL LA 29 77.64 -97.98 7.86
N VAL LA 30 76.56 -98.69 8.15
CA VAL LA 30 75.30 -98.03 8.47
C VAL LA 30 75.46 -97.16 9.71
N LEU LA 31 76.34 -97.54 10.63
CA LEU LA 31 76.57 -96.75 11.83
C LEU LA 31 77.15 -95.37 11.53
N LYS LA 32 77.69 -95.18 10.32
CA LYS LA 32 78.31 -93.90 10.00
C LYS LA 32 77.29 -92.76 10.01
N HIS LA 33 76.07 -93.03 9.52
CA HIS LA 33 75.03 -92.01 9.56
C HIS LA 33 74.76 -91.56 10.99
N VAL LA 34 75.05 -92.39 11.97
CA VAL LA 34 74.86 -92.00 13.37
C VAL LA 34 75.72 -90.79 13.70
N LYS LA 35 77.00 -90.84 13.31
CA LYS LA 35 77.90 -89.73 13.58
C LYS LA 35 77.46 -88.46 12.87
N LEU LA 36 77.00 -88.60 11.62
CA LEU LA 36 76.62 -87.43 10.84
C LEU LA 36 75.37 -86.75 11.37
N ILE LA 37 74.64 -87.40 12.28
CA ILE LA 37 73.40 -86.85 12.81
C ILE LA 37 73.59 -86.46 14.27
N LEU LA 38 74.54 -87.12 14.95
CA LEU LA 38 74.86 -86.78 16.33
C LEU LA 38 75.91 -85.69 16.39
N THR LA 39 77.05 -85.89 15.73
CA THR LA 39 78.12 -84.90 15.76
C THR LA 39 77.66 -83.58 15.15
N SER LA 40 76.96 -83.65 14.03
CA SER LA 40 76.44 -82.46 13.35
C SER LA 40 75.06 -82.10 13.90
N GLN LA 41 75.01 -81.89 15.22
CA GLN LA 41 73.75 -81.59 15.88
C GLN LA 41 74.03 -80.83 17.17
N LYS LA 42 72.97 -80.20 17.68
CA LYS LA 42 73.04 -79.45 18.92
C LYS LA 42 71.63 -79.41 19.52
N GLU LA 43 71.54 -78.92 20.75
CA GLU LA 43 70.27 -78.88 21.48
C GLU LA 43 69.71 -80.30 21.65
N HIS LA 44 70.47 -81.09 22.41
CA HIS LA 44 70.15 -82.48 22.69
C HIS LA 44 68.67 -82.67 22.95
N GLN LA 45 68.05 -83.54 22.16
CA GLN LA 45 66.63 -83.85 22.27
C GLN LA 45 66.44 -85.27 22.77
N PRO LA 46 65.28 -85.59 23.34
CA PRO LA 46 65.10 -86.93 23.92
C PRO LA 46 65.34 -88.06 22.93
N TRP LA 47 64.91 -87.89 21.68
CA TRP LA 47 65.05 -88.98 20.71
C TRP LA 47 66.51 -89.24 20.37
N MET LA 48 67.37 -88.23 20.51
CA MET LA 48 68.79 -88.43 20.20
C MET LA 48 69.41 -89.46 21.13
N THR LA 49 69.05 -89.43 22.40
CA THR LA 49 69.57 -90.43 23.34
C THR LA 49 69.12 -91.83 22.95
N GLU LA 50 67.87 -91.97 22.50
CA GLU LA 50 67.37 -93.28 22.11
C GLU LA 50 68.22 -93.86 20.99
N MET LA 51 68.54 -93.04 19.98
CA MET LA 51 69.38 -93.51 18.88
C MET LA 51 70.77 -93.89 19.39
N ALA LA 52 71.33 -93.08 20.27
CA ALA LA 52 72.68 -93.35 20.77
C ALA LA 52 72.73 -94.66 21.55
N LEU LA 53 71.72 -94.90 22.40
CA LEU LA 53 71.71 -96.11 23.21
C LEU LA 53 71.36 -97.35 22.43
N LYS LA 54 70.89 -97.21 21.17
CA LYS LA 54 70.60 -98.34 20.31
C LYS LA 54 71.75 -98.67 19.37
N ALA LA 55 72.35 -97.65 18.75
CA ALA LA 55 73.45 -97.89 17.83
C ALA LA 55 74.64 -98.51 18.54
N ASP LA 56 74.97 -98.03 19.73
CA ASP LA 56 76.10 -98.54 20.47
C ASP LA 56 75.96 -100.01 20.81
N GLN LA 57 74.72 -100.53 20.83
CA GLN LA 57 74.52 -101.94 21.15
C GLN LA 57 75.14 -102.84 20.10
N CYS LA 58 75.06 -102.44 18.82
CA CYS LA 58 75.63 -103.26 17.75
C CYS LA 58 77.13 -103.47 17.98
N LEU LA 59 77.84 -102.43 18.40
CA LEU LA 59 79.26 -102.57 18.70
C LEU LA 59 79.49 -103.57 19.82
N ILE LA 60 78.63 -103.53 20.85
CA ILE LA 60 78.76 -104.46 21.96
C ILE LA 60 78.60 -105.90 21.46
N HIS LA 61 77.54 -106.14 20.68
CA HIS LA 61 77.36 -107.45 20.07
C HIS LA 61 78.48 -107.76 19.10
N LYS LA 62 78.89 -106.77 18.31
CA LYS LA 62 79.99 -106.96 17.37
C LYS LA 62 81.29 -107.24 18.09
N ALA LA 63 81.51 -106.58 19.24
CA ALA LA 63 82.74 -106.79 19.99
C ALA LA 63 82.90 -108.22 20.45
N THR LA 64 81.80 -108.96 20.61
CA THR LA 64 81.89 -110.35 21.04
C THR LA 64 82.51 -111.25 19.98
N LEU LA 65 82.55 -110.79 18.72
CA LEU LA 65 83.15 -111.60 17.66
C LEU LA 65 84.60 -111.93 17.96
N ASP LA 66 85.31 -111.04 18.64
CA ASP LA 66 86.69 -111.33 19.03
C ASP LA 66 86.74 -112.55 19.94
N PRO LA 78 74.46 -122.28 18.52
CA PRO LA 78 73.27 -121.41 18.54
C PRO LA 78 73.54 -120.07 19.20
N LEU LA 79 74.39 -120.04 20.24
CA LEU LA 79 74.70 -118.79 20.91
C LEU LA 79 75.41 -117.84 19.96
N ILE LA 80 76.37 -118.33 19.19
CA ILE LA 80 77.08 -117.49 18.23
C ILE LA 80 76.18 -117.09 17.08
N GLU LA 81 75.40 -118.04 16.57
CA GLU LA 81 74.49 -117.73 15.46
C GLU LA 81 73.41 -116.75 15.89
N ALA LA 82 72.87 -116.91 17.09
CA ALA LA 82 71.75 -116.09 17.52
C ALA LA 82 72.14 -114.62 17.57
N MET LA 83 73.33 -114.31 18.08
CA MET LA 83 73.75 -112.92 18.20
C MET LA 83 73.81 -112.24 16.83
N GLN LA 84 74.32 -112.96 15.82
CA GLN LA 84 74.43 -112.37 14.48
C GLN LA 84 73.04 -112.01 13.94
N GLN LA 85 72.04 -112.85 14.19
CA GLN LA 85 70.69 -112.57 13.71
C GLN LA 85 70.15 -111.30 14.36
N ILE LA 86 70.42 -111.09 15.64
CA ILE LA 86 69.87 -109.94 16.35
C ILE LA 86 70.38 -108.64 15.75
N ILE LA 87 71.63 -108.62 15.27
CA ILE LA 87 72.20 -107.39 14.74
C ILE LA 87 71.36 -106.87 13.58
N LEU LA 88 70.87 -107.78 12.73
CA LEU LA 88 70.04 -107.36 11.61
C LEU LA 88 68.78 -106.67 12.10
N ALA LA 89 68.14 -107.23 13.14
CA ALA LA 89 66.91 -106.63 13.66
C ALA LA 89 67.16 -105.23 14.19
N MET LA 90 68.23 -105.05 14.96
CA MET LA 90 68.54 -103.73 15.49
C MET LA 90 68.90 -102.76 14.37
N THR LA 91 69.63 -103.24 13.35
CA THR LA 91 70.00 -102.39 12.24
C THR LA 91 68.76 -101.87 11.53
N ARG LA 92 67.74 -102.71 11.39
CA ARG LA 92 66.50 -102.26 10.75
C ARG LA 92 65.86 -101.11 11.52
N GLU LA 93 65.87 -101.20 12.85
CA GLU LA 93 65.29 -100.13 13.65
C GLU LA 93 66.08 -98.83 13.48
N LEU LA 94 67.40 -98.93 13.39
CA LEU LA 94 68.22 -97.74 13.27
C LEU LA 94 67.85 -96.95 12.02
N TRP LA 95 67.66 -97.65 10.89
CA TRP LA 95 67.37 -96.95 9.64
C TRP LA 95 66.05 -96.19 9.72
N GLY LA 96 65.04 -96.79 10.34
CA GLY LA 96 63.75 -96.11 10.46
C GLY LA 96 63.86 -94.80 11.20
N GLN LA 97 64.64 -94.78 12.28
CA GLN LA 97 64.86 -93.53 13.02
C GLN LA 97 65.54 -92.49 12.15
N ILE LA 98 66.52 -92.92 11.36
CA ILE LA 98 67.24 -91.98 10.50
C ILE LA 98 66.30 -91.34 9.50
N GLN LA 99 65.47 -92.16 8.86
CA GLN LA 99 64.47 -91.61 7.93
C GLN LA 99 63.43 -90.78 8.67
N ARG LA 100 63.10 -91.16 9.91
CA ARG LA 100 62.19 -90.35 10.72
C ARG LA 100 62.74 -88.96 10.97
N HIS LA 101 64.05 -88.76 10.82
CA HIS LA 101 64.68 -87.47 11.00
C HIS LA 101 64.97 -86.76 9.68
N HIS LA 102 65.52 -87.48 8.71
CA HIS LA 102 65.90 -86.88 7.44
C HIS LA 102 64.66 -86.47 6.64
N TYR LA 103 63.82 -87.44 6.29
CA TYR LA 103 62.63 -87.18 5.47
C TYR LA 103 61.39 -87.02 6.35
N GLY LA 104 61.48 -86.14 7.34
CA GLY LA 104 60.33 -85.91 8.19
C GLY LA 104 59.96 -87.17 8.95
N ILE LA 105 58.76 -87.14 9.51
CA ILE LA 105 58.21 -88.29 10.24
C ILE LA 105 56.87 -88.68 9.64
N VAL LA 106 56.21 -87.72 8.99
CA VAL LA 106 54.93 -88.00 8.36
C VAL LA 106 55.12 -88.56 6.96
N GLN LA 107 55.99 -87.93 6.17
CA GLN LA 107 56.25 -88.40 4.82
C GLN LA 107 56.90 -89.78 4.80
N VAL LA 108 57.53 -90.20 5.89
CA VAL LA 108 58.16 -91.50 5.94
C VAL LA 108 57.13 -92.62 5.76
N GLU LA 109 56.00 -92.49 6.44
CA GLU LA 109 54.96 -93.52 6.35
C GLU LA 109 54.49 -93.70 4.91
N HIS LA 110 54.31 -92.60 4.19
CA HIS LA 110 53.87 -92.69 2.80
C HIS LA 110 54.89 -93.46 1.96
N TYR LA 111 56.17 -93.19 2.15
CA TYR LA 111 57.20 -93.88 1.38
C TYR LA 111 57.18 -95.38 1.64
N VAL LA 112 57.17 -95.77 2.92
CA VAL LA 112 57.17 -97.19 3.25
C VAL LA 112 55.88 -97.84 2.77
N LYS LA 113 54.77 -97.11 2.83
CA LYS LA 113 53.52 -97.64 2.30
C LYS LA 113 53.66 -98.06 0.84
N GLN LA 114 54.30 -97.21 0.03
CA GLN LA 114 54.51 -97.55 -1.37
C GLN LA 114 55.53 -98.67 -1.53
N ILE LA 115 56.54 -98.70 -0.67
CA ILE LA 115 57.56 -99.74 -0.75
C ILE LA 115 56.92 -101.12 -0.60
N THR LA 116 56.01 -101.25 0.35
CA THR LA 116 55.36 -102.55 0.57
C THR LA 116 54.60 -102.99 -0.66
N LEU LA 117 53.84 -102.07 -1.27
CA LEU LA 117 53.09 -102.41 -2.47
C LEU LA 117 54.03 -102.72 -3.63
N TRP LA 118 55.10 -101.93 -3.78
CA TRP LA 118 56.01 -102.10 -4.92
C TRP LA 118 56.77 -103.41 -4.87
N GLN LA 119 56.91 -104.01 -3.69
CA GLN LA 119 57.65 -105.27 -3.54
C GLN LA 119 56.74 -106.47 -3.43
N ASP LA 120 55.59 -106.34 -2.76
CA ASP LA 120 54.71 -107.48 -2.57
C ASP LA 120 54.16 -107.97 -3.90
N THR LA 121 53.82 -107.05 -4.80
CA THR LA 121 53.31 -107.46 -6.11
C THR LA 121 54.40 -108.19 -6.88
N PRO LA 122 54.02 -109.09 -7.79
CA PRO LA 122 55.02 -109.84 -8.55
C PRO LA 122 55.88 -108.91 -9.39
N GLN LA 123 57.14 -109.33 -9.61
CA GLN LA 123 58.09 -108.50 -10.32
C GLN LA 123 57.62 -108.13 -11.72
N ALA LA 124 56.70 -108.89 -12.30
CA ALA LA 124 56.20 -108.61 -13.64
C ALA LA 124 55.25 -107.41 -13.67
N PHE LA 125 54.83 -106.91 -12.50
CA PHE LA 125 53.87 -105.81 -12.44
C PHE LA 125 54.38 -104.60 -11.67
N ARG LA 126 55.53 -104.69 -11.01
CA ARG LA 126 56.01 -103.60 -10.17
C ARG LA 126 56.18 -102.32 -10.97
N GLY LA 127 57.10 -102.34 -11.94
CA GLY LA 127 57.39 -101.17 -12.74
C GLY LA 127 58.70 -100.52 -12.36
N ASP LA 128 58.64 -99.37 -11.70
CA ASP LA 128 59.82 -98.64 -11.28
C ASP LA 128 59.76 -98.35 -9.80
N GLN LA 129 60.91 -98.41 -9.14
CA GLN LA 129 60.96 -98.15 -7.71
C GLN LA 129 60.53 -96.70 -7.43
N PRO LA 130 59.68 -96.47 -6.43
CA PRO LA 130 59.30 -95.10 -6.09
C PRO LA 130 60.39 -94.42 -5.28
N LYS LA 131 60.93 -93.33 -5.82
CA LYS LA 131 62.02 -92.63 -5.16
C LYS LA 131 61.54 -92.05 -3.84
N PRO LA 132 62.31 -92.18 -2.76
CA PRO LA 132 61.89 -91.60 -1.48
C PRO LA 132 61.88 -90.10 -1.55
N PRO LA 133 61.05 -89.43 -0.76
CA PRO LA 133 61.03 -87.97 -0.77
C PRO LA 133 62.36 -87.39 -0.29
N SER LA 134 62.69 -86.22 -0.81
CA SER LA 134 63.95 -85.56 -0.46
C SER LA 134 63.85 -84.96 0.95
N PHE LA 135 64.91 -84.26 1.35
CA PHE LA 135 64.99 -83.66 2.68
C PHE LA 135 64.08 -82.43 2.70
N THR MA 3 25.68 -118.91 -10.95
CA THR MA 3 24.56 -118.35 -11.69
C THR MA 3 24.19 -116.96 -11.22
N PHE MA 4 24.51 -116.62 -9.97
CA PHE MA 4 24.23 -115.27 -9.48
C PHE MA 4 24.99 -114.23 -10.28
N ILE MA 5 26.24 -114.52 -10.62
CA ILE MA 5 27.03 -113.58 -11.42
C ILE MA 5 26.33 -113.31 -12.74
N GLU MA 6 25.75 -114.36 -13.34
CA GLU MA 6 24.96 -114.17 -14.55
C GLU MA 6 23.79 -113.24 -14.30
N LEU MA 7 23.12 -113.39 -13.14
CA LEU MA 7 22.00 -112.51 -12.83
C LEU MA 7 22.44 -111.07 -12.71
N VAL MA 8 23.72 -110.84 -12.41
CA VAL MA 8 24.24 -109.48 -12.32
C VAL MA 8 25.07 -109.11 -13.56
N LYS MA 9 25.55 -110.09 -14.32
CA LYS MA 9 26.33 -109.77 -15.50
C LYS MA 9 25.56 -108.89 -16.48
N ASN MA 10 24.23 -108.98 -16.46
CA ASN MA 10 23.41 -108.13 -17.31
C ASN MA 10 23.16 -106.76 -16.70
N MET MA 11 23.47 -106.55 -15.43
CA MET MA 11 23.25 -105.26 -14.81
C MET MA 11 24.16 -104.20 -15.43
N LYS MA 12 23.67 -102.96 -15.47
CA LYS MA 12 24.42 -101.88 -16.08
C LYS MA 12 25.72 -101.63 -15.33
N GLY MA 13 25.67 -101.63 -14.01
CA GLY MA 13 26.84 -101.30 -13.19
C GLY MA 13 27.71 -102.48 -12.85
N TYR MA 14 27.41 -103.65 -13.43
CA TYR MA 14 28.21 -104.83 -13.17
C TYR MA 14 29.63 -104.65 -13.67
N LYS MA 15 30.59 -105.15 -12.90
CA LYS MA 15 32.00 -105.02 -13.22
C LYS MA 15 32.72 -106.32 -12.93
N GLU MA 16 33.82 -106.55 -13.64
CA GLU MA 16 34.67 -107.73 -13.44
C GLU MA 16 35.68 -107.39 -12.34
N LEU MA 17 35.21 -107.43 -11.09
CA LEU MA 17 36.08 -107.14 -9.96
C LEU MA 17 37.15 -108.20 -9.78
N LEU MA 18 36.98 -109.38 -10.34
CA LEU MA 18 37.95 -110.47 -10.20
C LEU MA 18 39.15 -110.16 -11.07
N LEU MA 19 40.22 -109.68 -10.44
CA LEU MA 19 41.41 -109.31 -11.17
C LEU MA 19 42.17 -110.56 -11.62
N PRO MA 20 43.09 -110.41 -12.58
CA PRO MA 20 43.83 -111.59 -13.06
C PRO MA 20 44.57 -112.30 -11.93
N MET MA 21 44.61 -113.63 -12.03
CA MET MA 21 45.27 -114.42 -11.00
C MET MA 21 46.74 -114.05 -10.89
N GLU MA 22 47.42 -113.88 -12.03
CA GLU MA 22 48.83 -113.52 -11.99
C GLU MA 22 49.04 -112.16 -11.33
N MET MA 23 48.05 -111.27 -11.43
CA MET MA 23 48.20 -109.93 -10.88
C MET MA 23 48.36 -109.96 -9.38
N VAL MA 24 47.56 -110.76 -8.69
CA VAL MA 24 47.54 -110.78 -7.22
C VAL MA 24 48.71 -111.59 -6.70
N PRO MA 25 49.20 -111.32 -5.49
CA PRO MA 25 50.29 -112.12 -4.92
C PRO MA 25 49.78 -113.39 -4.23
N LEU MA 26 50.67 -114.10 -3.56
CA LEU MA 26 50.27 -115.31 -2.86
C LEU MA 26 49.35 -114.98 -1.69
N PRO MA 27 48.57 -115.95 -1.22
CA PRO MA 27 47.60 -115.66 -0.16
C PRO MA 27 48.24 -115.10 1.11
N ALA MA 28 49.43 -115.58 1.47
CA ALA MA 28 50.04 -115.16 2.73
C ALA MA 28 50.33 -113.66 2.73
N VAL MA 29 50.82 -113.14 1.61
CA VAL MA 29 51.18 -111.73 1.55
C VAL MA 29 49.94 -110.85 1.66
N VAL MA 30 48.84 -111.28 1.05
CA VAL MA 30 47.62 -110.46 1.07
C VAL MA 30 47.14 -110.25 2.50
N LEU MA 31 47.18 -111.30 3.31
CA LEU MA 31 46.75 -111.18 4.70
C LEU MA 31 47.50 -110.08 5.43
N LYS MA 32 48.75 -109.84 5.05
CA LYS MA 32 49.53 -108.79 5.68
C LYS MA 32 48.89 -107.43 5.46
N HIS MA 33 48.43 -107.16 4.24
CA HIS MA 33 47.85 -105.85 3.93
C HIS MA 33 46.50 -105.68 4.62
N VAL MA 34 45.79 -106.78 4.88
CA VAL MA 34 44.49 -106.66 5.55
C VAL MA 34 44.66 -106.07 6.94
N LYS MA 35 45.66 -106.55 7.68
CA LYS MA 35 45.94 -105.97 8.99
C LYS MA 35 46.35 -104.50 8.85
N LEU MA 36 47.21 -104.20 7.88
CA LEU MA 36 47.69 -102.83 7.72
C LEU MA 36 46.57 -101.88 7.32
N ILE MA 37 45.72 -102.30 6.37
CA ILE MA 37 44.65 -101.42 5.92
C ILE MA 37 43.58 -101.26 7.01
N LEU MA 38 43.21 -102.36 7.66
CA LEU MA 38 42.25 -102.26 8.75
C LEU MA 38 42.79 -101.42 9.89
N THR MA 39 44.06 -101.65 10.25
CA THR MA 39 44.67 -100.88 11.34
C THR MA 39 44.74 -99.41 11.00
N SER MA 40 45.16 -99.07 9.77
CA SER MA 40 45.27 -97.68 9.38
C SER MA 40 43.91 -96.99 9.38
N GLN MA 41 42.90 -97.65 8.86
CA GLN MA 41 41.58 -97.04 8.78
C GLN MA 41 40.99 -96.86 10.16
N LYS MA 42 40.28 -95.75 10.36
CA LYS MA 42 39.71 -95.41 11.65
C LYS MA 42 38.18 -95.40 11.65
N GLU MA 43 37.56 -94.71 10.72
CA GLU MA 43 36.10 -94.63 10.70
C GLU MA 43 35.51 -96.03 10.49
N HIS MA 44 34.44 -96.32 11.21
CA HIS MA 44 33.81 -97.64 11.16
C HIS MA 44 32.72 -97.62 10.10
N GLN MA 45 32.85 -98.51 9.12
CA GLN MA 45 31.86 -98.74 8.09
C GLN MA 45 31.64 -100.22 7.92
N PRO MA 46 30.50 -100.64 7.36
CA PRO MA 46 30.23 -102.08 7.25
C PRO MA 46 31.24 -102.84 6.41
N TRP MA 47 31.92 -102.18 5.47
CA TRP MA 47 32.82 -102.91 4.58
C TRP MA 47 33.98 -103.52 5.36
N MET MA 48 34.57 -102.76 6.29
CA MET MA 48 35.68 -103.30 7.07
C MET MA 48 35.21 -104.46 7.95
N THR MA 49 34.02 -104.33 8.53
CA THR MA 49 33.47 -105.42 9.32
C THR MA 49 33.29 -106.68 8.47
N GLU MA 50 32.75 -106.53 7.26
CA GLU MA 50 32.61 -107.66 6.36
C GLU MA 50 33.93 -108.05 5.72
N MET MA 51 34.83 -107.08 5.53
CA MET MA 51 36.13 -107.39 4.93
C MET MA 51 36.92 -108.36 5.79
N ALA MA 52 36.91 -108.17 7.11
CA ALA MA 52 37.63 -109.08 8.00
C ALA MA 52 37.04 -110.48 7.92
N LEU MA 53 35.72 -110.60 7.90
CA LEU MA 53 35.08 -111.91 7.85
C LEU MA 53 35.47 -112.67 6.59
N LYS MA 54 35.49 -111.98 5.45
CA LYS MA 54 35.84 -112.64 4.20
C LYS MA 54 37.26 -113.17 4.24
N ALA MA 55 38.20 -112.40 4.81
CA ALA MA 55 39.58 -112.85 4.90
C ALA MA 55 39.76 -113.94 5.95
N ASP MA 56 38.89 -113.96 6.96
CA ASP MA 56 39.04 -114.94 8.04
C ASP MA 56 38.93 -116.36 7.51
N GLN MA 57 38.00 -116.60 6.57
CA GLN MA 57 37.78 -117.95 6.07
C GLN MA 57 39.07 -118.55 5.52
N CYS MA 58 39.90 -117.73 4.87
CA CYS MA 58 41.15 -118.24 4.32
C CYS MA 58 42.04 -118.84 5.40
N LEU MA 59 42.03 -118.25 6.60
CA LEU MA 59 42.88 -118.78 7.68
C LEU MA 59 42.48 -120.20 8.05
N ILE MA 60 41.17 -120.48 8.11
CA ILE MA 60 40.73 -121.80 8.48
C ILE MA 60 41.21 -122.84 7.48
N HIS MA 61 41.12 -122.50 6.18
CA HIS MA 61 41.57 -123.43 5.16
C HIS MA 61 43.07 -123.71 5.27
N LYS MA 62 43.85 -122.72 5.70
CA LYS MA 62 45.28 -122.94 5.89
C LYS MA 62 45.53 -124.08 6.87
N ALA MA 63 44.87 -124.04 8.03
CA ALA MA 63 45.03 -125.09 9.02
C ALA MA 63 44.27 -126.35 8.64
N THR MA 64 43.13 -126.21 7.97
CA THR MA 64 42.35 -127.38 7.58
C THR MA 64 43.18 -128.31 6.70
N LEU MA 65 43.81 -127.76 5.67
CA LEU MA 65 44.67 -128.56 4.80
C LEU MA 65 45.99 -128.89 5.48
N PRO MA 78 40.07 -134.84 -5.72
CA PRO MA 78 39.25 -133.71 -6.19
C PRO MA 78 38.85 -132.75 -5.09
N LEU MA 79 38.61 -133.27 -3.88
CA LEU MA 79 38.21 -132.40 -2.78
C LEU MA 79 39.34 -131.46 -2.37
N ILE MA 80 40.53 -132.01 -2.16
CA ILE MA 80 41.65 -131.18 -1.73
C ILE MA 80 42.03 -130.19 -2.81
N GLU MA 81 42.08 -130.65 -4.06
CA GLU MA 81 42.49 -129.77 -5.16
C GLU MA 81 41.54 -128.58 -5.30
N ALA MA 82 40.23 -128.83 -5.15
CA ALA MA 82 39.26 -127.75 -5.27
C ALA MA 82 39.49 -126.68 -4.21
N MET MA 83 39.81 -127.10 -2.99
CA MET MA 83 40.04 -126.13 -1.91
C MET MA 83 41.20 -125.20 -2.25
N GLN MA 84 42.26 -125.75 -2.87
CA GLN MA 84 43.40 -124.92 -3.25
C GLN MA 84 42.97 -123.81 -4.19
N GLN MA 85 42.12 -124.14 -5.17
CA GLN MA 85 41.62 -123.12 -6.09
C GLN MA 85 40.66 -122.17 -5.37
N ILE MA 86 39.90 -122.67 -4.40
CA ILE MA 86 38.96 -121.83 -3.67
C ILE MA 86 39.71 -120.73 -2.92
N ILE MA 87 40.82 -121.09 -2.28
CA ILE MA 87 41.59 -120.09 -1.54
C ILE MA 87 42.04 -118.98 -2.47
N LEU MA 88 42.53 -119.33 -3.65
CA LEU MA 88 42.96 -118.31 -4.62
C LEU MA 88 41.78 -117.47 -5.08
N ALA MA 89 40.58 -118.06 -5.11
CA ALA MA 89 39.41 -117.29 -5.53
C ALA MA 89 39.15 -116.13 -4.58
N MET MA 90 39.27 -116.36 -3.28
CA MET MA 90 39.03 -115.29 -2.31
C MET MA 90 40.14 -114.25 -2.34
N THR MA 91 41.37 -114.67 -2.65
CA THR MA 91 42.48 -113.71 -2.70
C THR MA 91 42.23 -112.64 -3.74
N ARG MA 92 41.74 -113.04 -4.93
CA ARG MA 92 41.44 -112.06 -5.97
C ARG MA 92 40.38 -111.08 -5.49
N GLU MA 93 39.34 -111.59 -4.82
CA GLU MA 93 38.29 -110.72 -4.31
C GLU MA 93 38.84 -109.76 -3.25
N LEU MA 94 39.69 -110.27 -2.35
CA LEU MA 94 40.23 -109.43 -1.29
C LEU MA 94 41.11 -108.32 -1.86
N TRP MA 95 41.97 -108.66 -2.82
CA TRP MA 95 42.87 -107.65 -3.37
C TRP MA 95 42.12 -106.52 -4.04
N GLY MA 96 40.92 -106.80 -4.57
CA GLY MA 96 40.14 -105.74 -5.19
C GLY MA 96 39.76 -104.66 -4.21
N GLN MA 97 39.27 -105.05 -3.03
CA GLN MA 97 38.91 -104.08 -2.01
C GLN MA 97 40.15 -103.31 -1.53
N ILE MA 98 41.29 -104.00 -1.45
CA ILE MA 98 42.53 -103.35 -1.02
C ILE MA 98 42.88 -102.23 -2.00
N GLN MA 99 42.89 -102.53 -3.29
CA GLN MA 99 43.27 -101.53 -4.28
C GLN MA 99 42.22 -100.44 -4.40
N ARG MA 100 40.94 -100.81 -4.39
CA ARG MA 100 39.88 -99.82 -4.50
C ARG MA 100 39.90 -98.86 -3.32
N HIS MA 101 40.12 -99.38 -2.11
CA HIS MA 101 40.15 -98.52 -0.93
C HIS MA 101 41.35 -97.58 -0.97
N HIS MA 102 42.53 -98.10 -1.33
CA HIS MA 102 43.74 -97.26 -1.35
C HIS MA 102 43.63 -96.19 -2.42
N TYR MA 103 43.32 -96.57 -3.66
CA TYR MA 103 43.24 -95.63 -4.76
C TYR MA 103 41.82 -95.16 -5.02
N GLY MA 104 40.92 -96.09 -5.32
CA GLY MA 104 39.55 -95.76 -5.65
C GLY MA 104 38.93 -96.82 -6.52
N ILE MA 105 37.59 -96.83 -6.52
CA ILE MA 105 36.86 -97.84 -7.27
C ILE MA 105 37.08 -97.66 -8.77
N VAL MA 106 37.01 -96.41 -9.25
CA VAL MA 106 37.13 -96.17 -10.68
C VAL MA 106 38.54 -96.45 -11.15
N GLN MA 107 39.55 -96.08 -10.36
CA GLN MA 107 40.94 -96.21 -10.80
C GLN MA 107 41.29 -97.67 -11.05
N VAL MA 108 40.87 -98.56 -10.15
CA VAL MA 108 41.16 -99.98 -10.34
C VAL MA 108 40.49 -100.49 -11.61
N GLU MA 109 39.22 -100.16 -11.79
CA GLU MA 109 38.53 -100.55 -13.02
C GLU MA 109 39.19 -99.93 -14.23
N HIS MA 110 39.72 -98.72 -14.08
CA HIS MA 110 40.38 -98.03 -15.20
C HIS MA 110 41.77 -98.60 -15.47
N TYR MA 111 42.50 -98.99 -14.43
CA TYR MA 111 43.88 -99.40 -14.58
C TYR MA 111 44.05 -100.89 -14.85
N VAL MA 112 43.11 -101.72 -14.40
CA VAL MA 112 43.26 -103.17 -14.56
C VAL MA 112 43.35 -103.54 -16.03
N LYS MA 113 42.50 -102.94 -16.86
CA LYS MA 113 42.47 -103.31 -18.27
C LYS MA 113 43.77 -102.94 -18.97
N GLN MA 114 44.37 -101.81 -18.58
CA GLN MA 114 45.56 -101.33 -19.26
C GLN MA 114 46.68 -102.37 -19.21
N ILE MA 115 46.93 -102.92 -18.02
CA ILE MA 115 48.03 -103.87 -17.87
C ILE MA 115 47.72 -105.15 -18.64
N THR MA 116 46.46 -105.57 -18.68
CA THR MA 116 46.10 -106.77 -19.43
C THR MA 116 46.41 -106.61 -20.91
N LEU MA 117 46.12 -105.43 -21.46
CA LEU MA 117 46.45 -105.17 -22.86
C LEU MA 117 47.94 -105.25 -23.11
N TRP MA 118 48.74 -104.67 -22.20
CA TRP MA 118 50.20 -104.69 -22.39
C TRP MA 118 50.73 -106.12 -22.45
N GLN MA 119 50.02 -107.07 -21.83
CA GLN MA 119 50.46 -108.47 -21.88
C GLN MA 119 49.98 -109.14 -23.16
N ASP MA 120 48.69 -109.02 -23.47
CA ASP MA 120 48.11 -109.66 -24.65
C ASP MA 120 48.50 -108.84 -25.89
N THR MA 121 49.76 -108.98 -26.28
CA THR MA 121 50.30 -108.26 -27.42
C THR MA 121 51.53 -109.02 -27.90
N PRO MA 122 51.87 -108.95 -29.20
CA PRO MA 122 53.00 -109.75 -29.68
C PRO MA 122 54.35 -109.26 -29.17
N GLN MA 123 54.61 -109.52 -27.89
CA GLN MA 123 55.90 -109.26 -27.25
C GLN MA 123 56.58 -107.97 -27.72
N ALA MA 124 57.02 -107.95 -28.99
CA ALA MA 124 57.85 -106.84 -29.45
C ALA MA 124 57.15 -105.50 -29.25
N PHE MA 125 55.92 -105.38 -29.76
CA PHE MA 125 55.16 -104.14 -29.59
C PHE MA 125 54.26 -104.21 -28.37
N ARG MA 126 54.82 -104.59 -27.23
CA ARG MA 126 54.02 -104.72 -26.01
C ARG MA 126 53.54 -103.36 -25.53
N GLY MA 127 54.39 -102.34 -25.63
CA GLY MA 127 54.03 -101.01 -25.19
C GLY MA 127 55.20 -100.29 -24.54
N ASP MA 128 54.96 -99.68 -23.37
CA ASP MA 128 56.00 -98.96 -22.66
C ASP MA 128 55.95 -99.25 -21.16
N GLN MA 129 55.53 -100.45 -20.78
CA GLN MA 129 55.47 -100.83 -19.37
C GLN MA 129 54.58 -99.83 -18.63
N PRO MA 130 53.27 -99.88 -18.83
CA PRO MA 130 52.40 -98.84 -18.27
C PRO MA 130 52.59 -98.70 -16.76
N LYS MA 131 52.67 -97.45 -16.32
CA LYS MA 131 52.94 -97.18 -14.92
C LYS MA 131 51.70 -97.51 -14.08
N PRO MA 132 51.90 -97.97 -12.83
CA PRO MA 132 50.77 -98.19 -11.94
C PRO MA 132 50.15 -96.87 -11.51
N PRO MA 133 48.91 -96.88 -11.05
CA PRO MA 133 48.24 -95.62 -10.71
C PRO MA 133 48.97 -94.88 -9.60
N THR NA 3 105.31 -2.56 -71.48
CA THR NA 3 105.25 -1.42 -70.59
C THR NA 3 103.91 -1.33 -69.87
N PHE NA 4 102.82 -1.58 -70.59
CA PHE NA 4 101.48 -1.43 -70.01
C PHE NA 4 101.28 -2.40 -68.84
N ILE NA 5 101.71 -3.66 -69.02
CA ILE NA 5 101.50 -4.66 -67.98
C ILE NA 5 102.21 -4.23 -66.70
N GLU NA 6 103.38 -3.63 -66.83
CA GLU NA 6 104.08 -3.11 -65.66
C GLU NA 6 103.23 -2.09 -64.93
N LEU NA 7 102.54 -1.22 -65.68
CA LEU NA 7 101.70 -0.21 -65.06
C LEU NA 7 100.54 -0.85 -64.30
N VAL NA 8 99.94 -1.89 -64.88
CA VAL NA 8 98.80 -2.53 -64.24
C VAL NA 8 99.24 -3.26 -62.98
N LYS NA 9 100.40 -3.91 -63.00
CA LYS NA 9 100.89 -4.59 -61.82
C LYS NA 9 101.02 -3.64 -60.64
N ASN NA 10 101.22 -2.34 -60.92
CA ASN NA 10 101.26 -1.32 -59.87
C ASN NA 10 99.84 -0.86 -59.53
N MET NA 11 99.03 -1.82 -59.11
CA MET NA 11 97.63 -1.56 -58.77
C MET NA 11 97.24 -2.42 -57.59
N LYS NA 12 96.15 -2.02 -56.93
CA LYS NA 12 95.70 -2.64 -55.71
C LYS NA 12 94.66 -3.72 -56.02
N GLY NA 13 94.77 -4.85 -55.32
CA GLY NA 13 93.91 -5.99 -55.59
C GLY NA 13 94.36 -6.84 -56.75
N TYR NA 14 95.58 -6.68 -57.21
CA TYR NA 14 96.09 -7.41 -58.37
C TYR NA 14 96.49 -8.81 -57.94
N LYS NA 15 95.77 -9.81 -58.45
CA LYS NA 15 96.07 -11.22 -58.19
C LYS NA 15 96.57 -11.85 -59.48
N GLU NA 16 97.79 -12.38 -59.45
CA GLU NA 16 98.38 -12.97 -60.64
C GLU NA 16 97.64 -14.26 -61.00
N LEU NA 17 97.56 -14.52 -62.31
CA LEU NA 17 96.83 -15.69 -62.80
C LEU NA 17 97.57 -16.41 -63.92
N LEU NA 18 98.84 -16.10 -64.16
CA LEU NA 18 99.61 -16.69 -65.24
C LEU NA 18 100.75 -17.51 -64.67
N LEU NA 19 100.89 -18.74 -65.13
CA LEU NA 19 101.95 -19.62 -64.67
C LEU NA 19 103.25 -19.33 -65.43
N PRO NA 20 104.38 -19.80 -64.91
CA PRO NA 20 105.64 -19.62 -65.64
C PRO NA 20 105.60 -20.28 -67.01
N MET NA 21 106.34 -19.68 -67.95
CA MET NA 21 106.37 -20.21 -69.30
C MET NA 21 106.87 -21.64 -69.34
N GLU NA 22 107.67 -22.04 -68.36
CA GLU NA 22 108.23 -23.38 -68.33
C GLU NA 22 107.25 -24.45 -67.86
N MET NA 23 106.09 -24.05 -67.35
CA MET NA 23 105.10 -25.01 -66.84
C MET NA 23 103.86 -25.13 -67.71
N VAL NA 24 103.54 -24.13 -68.53
CA VAL NA 24 102.35 -24.18 -69.36
C VAL NA 24 102.52 -25.29 -70.40
N PRO NA 25 101.44 -25.91 -70.85
CA PRO NA 25 101.57 -26.97 -71.85
C PRO NA 25 102.09 -26.43 -73.17
N LEU NA 26 102.40 -27.36 -74.08
CA LEU NA 26 102.77 -26.98 -75.42
C LEU NA 26 101.56 -26.37 -76.14
N PRO NA 27 101.79 -25.49 -77.12
CA PRO NA 27 100.65 -24.84 -77.78
C PRO NA 27 99.66 -25.81 -78.39
N ALA NA 28 100.15 -26.94 -78.92
CA ALA NA 28 99.26 -27.93 -79.51
C ALA NA 28 98.30 -28.49 -78.47
N VAL NA 29 98.79 -28.75 -77.27
CA VAL NA 29 97.96 -29.35 -76.22
C VAL NA 29 96.87 -28.38 -75.80
N VAL NA 30 97.19 -27.08 -75.74
CA VAL NA 30 96.22 -26.12 -75.24
C VAL NA 30 94.99 -26.09 -76.12
N LEU NA 31 95.18 -26.11 -77.44
CA LEU NA 31 94.06 -26.06 -78.36
C LEU NA 31 93.07 -27.19 -78.11
N LYS NA 32 93.56 -28.33 -77.62
CA LYS NA 32 92.68 -29.47 -77.38
C LYS NA 32 91.62 -29.13 -76.33
N HIS NA 33 92.03 -28.46 -75.25
CA HIS NA 33 91.05 -28.08 -74.23
C HIS NA 33 90.10 -27.02 -74.74
N VAL NA 34 90.54 -26.19 -75.69
CA VAL NA 34 89.68 -25.13 -76.21
C VAL NA 34 88.44 -25.73 -76.85
N LYS NA 35 88.63 -26.77 -77.67
CA LYS NA 35 87.50 -27.39 -78.35
C LYS NA 35 86.52 -27.98 -77.35
N LEU NA 36 87.03 -28.67 -76.32
CA LEU NA 36 86.16 -29.27 -75.32
C LEU NA 36 85.41 -28.19 -74.54
N ILE NA 37 86.14 -27.18 -74.05
CA ILE NA 37 85.53 -26.15 -73.23
C ILE NA 37 84.52 -25.35 -74.05
N LEU NA 38 84.91 -24.97 -75.27
CA LEU NA 38 83.98 -24.24 -76.13
C LEU NA 38 82.77 -25.09 -76.49
N THR NA 39 83.01 -26.30 -76.99
CA THR NA 39 81.93 -27.12 -77.49
C THR NA 39 81.08 -27.67 -76.35
N SER NA 40 81.74 -28.18 -75.30
CA SER NA 40 81.03 -28.75 -74.15
C SER NA 40 80.62 -27.62 -73.20
N GLN NA 41 79.77 -26.74 -73.72
CA GLN NA 41 79.26 -25.61 -72.95
C GLN NA 41 77.84 -25.30 -73.37
N LYS NA 42 77.06 -24.77 -72.44
CA LYS NA 42 75.68 -24.40 -72.68
C LYS NA 42 75.47 -22.96 -72.20
N GLU NA 43 74.54 -22.27 -72.85
CA GLU NA 43 74.23 -20.88 -72.53
C GLU NA 43 75.49 -20.01 -72.69
N HIS NA 44 75.93 -19.93 -73.94
CA HIS NA 44 77.16 -19.21 -74.30
C HIS NA 44 77.26 -17.90 -73.52
N GLN NA 45 78.46 -17.65 -73.00
CA GLN NA 45 78.76 -16.49 -72.19
C GLN NA 45 79.81 -15.62 -72.87
N PRO NA 46 79.90 -14.34 -72.50
CA PRO NA 46 80.81 -13.44 -73.22
C PRO NA 46 82.26 -13.91 -73.23
N TRP NA 47 82.73 -14.49 -72.12
CA TRP NA 47 84.13 -14.89 -72.05
C TRP NA 47 84.47 -15.99 -73.05
N MET NA 48 83.46 -16.76 -73.49
CA MET NA 48 83.72 -17.79 -74.50
C MET NA 48 84.24 -17.19 -75.79
N THR NA 49 83.65 -16.06 -76.21
CA THR NA 49 84.09 -15.41 -77.44
C THR NA 49 85.54 -14.97 -77.34
N GLU NA 50 85.93 -14.43 -76.18
CA GLU NA 50 87.30 -13.97 -76.02
C GLU NA 50 88.30 -15.11 -76.19
N MET NA 51 87.96 -16.29 -75.63
CA MET NA 51 88.87 -17.42 -75.73
C MET NA 51 89.11 -17.81 -77.19
N ALA NA 52 88.05 -17.87 -77.98
CA ALA NA 52 88.18 -18.30 -79.37
C ALA NA 52 89.04 -17.32 -80.17
N LEU NA 53 88.83 -16.01 -79.95
CA LEU NA 53 89.56 -15.01 -80.73
C LEU NA 53 91.06 -15.15 -80.53
N LYS NA 54 91.49 -15.32 -79.28
CA LYS NA 54 92.92 -15.47 -79.01
C LYS NA 54 93.46 -16.76 -79.60
N ALA NA 55 92.65 -17.83 -79.59
CA ALA NA 55 93.12 -19.12 -80.05
C ALA NA 55 93.56 -19.07 -81.51
N ASP NA 56 92.75 -18.43 -82.37
CA ASP NA 56 93.09 -18.37 -83.78
C ASP NA 56 94.39 -17.61 -84.01
N GLN NA 57 94.73 -16.68 -83.14
CA GLN NA 57 95.96 -15.91 -83.30
C GLN NA 57 97.18 -16.83 -83.26
N CYS NA 58 97.19 -17.77 -82.31
CA CYS NA 58 98.31 -18.69 -82.22
C CYS NA 58 98.43 -19.52 -83.50
N LEU NA 59 97.30 -19.96 -84.05
CA LEU NA 59 97.34 -20.71 -85.31
C LEU NA 59 97.89 -19.85 -86.43
N ILE NA 60 97.49 -18.58 -86.49
CA ILE NA 60 97.99 -17.69 -87.53
C ILE NA 60 99.50 -17.56 -87.45
N HIS NA 61 100.02 -17.29 -86.25
CA HIS NA 61 101.46 -17.23 -86.07
C HIS NA 61 102.10 -18.59 -86.33
N LYS NA 62 101.45 -19.66 -85.86
CA LYS NA 62 101.98 -21.00 -86.09
C LYS NA 62 102.04 -21.32 -87.58
N ALA NA 63 101.00 -20.94 -88.32
CA ALA NA 63 100.98 -21.16 -89.76
C ALA NA 63 101.93 -20.23 -90.51
N THR NA 64 102.51 -19.24 -89.84
CA THR NA 64 103.42 -18.30 -90.47
C THR NA 64 104.85 -18.80 -90.53
N LEU NA 65 105.25 -19.67 -89.59
CA LEU NA 65 106.63 -20.14 -89.58
C LEU NA 65 106.98 -20.95 -90.82
N ASP NA 66 106.05 -21.74 -91.33
CA ASP NA 66 106.33 -22.54 -92.52
C ASP NA 66 106.74 -21.66 -93.69
N PRO NA 78 116.39 -12.37 -86.91
CA PRO NA 78 115.49 -11.94 -85.84
C PRO NA 78 114.02 -11.96 -86.24
N LEU NA 79 113.69 -11.33 -87.37
CA LEU NA 79 112.28 -11.17 -87.74
C LEU NA 79 111.59 -12.52 -87.90
N ILE NA 80 112.24 -13.46 -88.57
CA ILE NA 80 111.65 -14.78 -88.77
C ILE NA 80 111.44 -15.48 -87.44
N GLU NA 81 112.45 -15.43 -86.57
CA GLU NA 81 112.37 -16.07 -85.27
C GLU NA 81 111.66 -15.23 -84.22
N ALA NA 82 111.46 -13.93 -84.48
CA ALA NA 82 110.83 -13.07 -83.48
C ALA NA 82 109.40 -13.50 -83.20
N MET NA 83 108.64 -13.86 -84.24
CA MET NA 83 107.24 -14.23 -84.04
C MET NA 83 107.11 -15.45 -83.15
N GLN NA 84 108.11 -16.34 -83.16
CA GLN NA 84 108.04 -17.53 -82.33
C GLN NA 84 107.94 -17.19 -80.85
N GLN NA 85 108.52 -16.05 -80.44
CA GLN NA 85 108.47 -15.66 -79.04
C GLN NA 85 107.03 -15.40 -78.60
N ILE NA 86 106.24 -14.76 -79.46
CA ILE NA 86 104.87 -14.43 -79.10
C ILE NA 86 104.03 -15.70 -78.96
N ILE NA 87 104.31 -16.70 -79.80
CA ILE NA 87 103.52 -17.93 -79.77
C ILE NA 87 103.55 -18.55 -78.38
N LEU NA 88 104.75 -18.67 -77.81
CA LEU NA 88 104.86 -19.21 -76.45
C LEU NA 88 104.15 -18.32 -75.45
N ALA NA 89 104.28 -17.00 -75.60
CA ALA NA 89 103.63 -16.08 -74.67
C ALA NA 89 102.12 -16.18 -74.78
N MET NA 90 101.59 -16.31 -76.01
CA MET NA 90 100.16 -16.35 -76.20
C MET NA 90 99.53 -17.51 -75.42
N THR NA 91 100.23 -18.64 -75.34
CA THR NA 91 99.71 -19.77 -74.59
C THR NA 91 99.57 -19.43 -73.11
N ARG NA 92 100.55 -18.71 -72.55
CA ARG NA 92 100.52 -18.41 -71.13
C ARG NA 92 99.27 -17.64 -70.75
N GLU NA 93 98.91 -16.63 -71.54
CA GLU NA 93 97.67 -15.91 -71.29
C GLU NA 93 96.46 -16.80 -71.60
N LEU NA 94 96.55 -17.58 -72.68
CA LEU NA 94 95.45 -18.44 -73.07
C LEU NA 94 95.18 -19.52 -72.01
N TRP NA 95 96.24 -20.13 -71.49
CA TRP NA 95 96.07 -21.18 -70.49
C TRP NA 95 95.45 -20.65 -69.22
N GLY NA 96 95.60 -19.35 -68.94
CA GLY NA 96 95.03 -18.78 -67.74
C GLY NA 96 93.51 -18.87 -67.72
N GLN NA 97 92.88 -18.65 -68.87
CA GLN NA 97 91.43 -18.74 -68.93
C GLN NA 97 90.95 -20.18 -68.81
N ILE NA 98 91.75 -21.13 -69.28
CA ILE NA 98 91.35 -22.54 -69.18
C ILE NA 98 91.18 -22.94 -67.72
N GLN NA 99 92.14 -22.58 -66.88
CA GLN NA 99 92.06 -22.95 -65.47
C GLN NA 99 90.91 -22.25 -64.77
N ARG NA 100 90.59 -21.02 -65.19
CA ARG NA 100 89.45 -20.33 -64.60
C ARG NA 100 88.16 -21.11 -64.84
N HIS NA 101 87.97 -21.60 -66.06
CA HIS NA 101 86.77 -22.38 -66.36
C HIS NA 101 86.77 -23.70 -65.60
N HIS NA 102 87.89 -24.40 -65.58
CA HIS NA 102 87.96 -25.70 -64.91
C HIS NA 102 87.92 -25.53 -63.40
N TYR NA 103 88.93 -24.84 -62.85
CA TYR NA 103 89.03 -24.71 -61.40
C TYR NA 103 88.15 -23.57 -60.88
N GLY NA 104 88.41 -22.35 -61.33
CA GLY NA 104 87.73 -21.17 -60.84
C GLY NA 104 88.75 -20.08 -60.61
N ILE NA 105 88.31 -18.82 -60.76
CA ILE NA 105 89.22 -17.70 -60.65
C ILE NA 105 89.84 -17.64 -59.25
N VAL NA 106 89.02 -17.81 -58.22
CA VAL NA 106 89.51 -17.67 -56.85
C VAL NA 106 90.56 -18.73 -56.55
N GLN NA 107 90.27 -19.98 -56.92
CA GLN NA 107 91.19 -21.07 -56.61
C GLN NA 107 92.52 -20.88 -57.35
N VAL NA 108 92.47 -20.37 -58.58
CA VAL NA 108 93.70 -20.23 -59.36
C VAL NA 108 94.67 -19.29 -58.65
N GLU NA 109 94.18 -18.18 -58.13
CA GLU NA 109 95.05 -17.23 -57.46
C GLU NA 109 95.89 -17.90 -56.38
N HIS NA 110 95.25 -18.72 -55.54
CA HIS NA 110 95.99 -19.43 -54.51
C HIS NA 110 96.99 -20.40 -55.13
N TYR NA 111 96.59 -21.10 -56.18
CA TYR NA 111 97.48 -22.11 -56.77
C TYR NA 111 98.74 -21.47 -57.31
N VAL NA 112 98.62 -20.33 -57.99
CA VAL NA 112 99.78 -19.71 -58.62
C VAL NA 112 100.80 -19.30 -57.56
N LYS NA 113 100.33 -18.65 -56.49
CA LYS NA 113 101.23 -18.21 -55.44
C LYS NA 113 101.90 -19.41 -54.77
N GLN NA 114 101.14 -20.49 -54.54
CA GLN NA 114 101.74 -21.70 -54.00
C GLN NA 114 102.81 -22.23 -54.93
N ILE NA 115 102.53 -22.24 -56.24
CA ILE NA 115 103.53 -22.65 -57.21
C ILE NA 115 104.73 -21.70 -57.18
N THR NA 116 104.46 -20.40 -57.11
CA THR NA 116 105.54 -19.42 -57.13
C THR NA 116 106.47 -19.62 -55.94
N LEU NA 117 105.90 -19.70 -54.74
CA LEU NA 117 106.71 -19.96 -53.56
C LEU NA 117 107.42 -21.31 -53.66
N TRP NA 118 106.71 -22.32 -54.15
CA TRP NA 118 107.33 -23.63 -54.33
C TRP NA 118 108.50 -23.54 -55.31
N GLN NA 119 108.32 -22.81 -56.41
CA GLN NA 119 109.41 -22.63 -57.36
C GLN NA 119 110.51 -21.74 -56.77
N ASP NA 120 110.14 -20.75 -55.96
CA ASP NA 120 111.13 -19.84 -55.39
C ASP NA 120 112.08 -20.57 -54.44
N THR NA 121 111.54 -21.45 -53.61
CA THR NA 121 112.37 -22.16 -52.63
C THR NA 121 113.39 -23.02 -53.37
N PRO NA 122 114.63 -23.11 -52.88
CA PRO NA 122 115.63 -23.94 -53.55
C PRO NA 122 115.22 -25.41 -53.58
N GLN NA 123 115.62 -26.09 -54.65
CA GLN NA 123 115.23 -27.47 -54.86
C GLN NA 123 115.72 -28.39 -53.75
N ALA NA 124 116.74 -27.99 -53.00
CA ALA NA 124 117.27 -28.84 -51.95
C ALA NA 124 116.21 -29.12 -50.88
N PHE NA 125 115.46 -28.09 -50.49
CA PHE NA 125 114.41 -28.21 -49.50
C PHE NA 125 113.09 -27.67 -50.03
N ARG NA 126 112.89 -27.78 -51.35
CA ARG NA 126 111.69 -27.21 -51.97
C ARG NA 126 110.42 -27.91 -51.47
N GLY NA 127 110.46 -29.23 -51.35
CA GLY NA 127 109.30 -29.98 -50.92
C GLY NA 127 108.46 -30.48 -52.07
N ASP NA 128 107.40 -31.20 -51.71
CA ASP NA 128 106.50 -31.76 -52.71
C ASP NA 128 105.76 -30.66 -53.45
N GLN NA 129 105.62 -30.82 -54.75
CA GLN NA 129 104.91 -29.84 -55.56
C GLN NA 129 103.43 -29.86 -55.19
N PRO NA 130 102.81 -28.70 -54.95
CA PRO NA 130 101.39 -28.70 -54.59
C PRO NA 130 100.52 -29.15 -55.75
N LYS NA 131 99.38 -29.74 -55.41
CA LYS NA 131 98.46 -30.24 -56.41
C LYS NA 131 97.45 -29.17 -56.80
N PRO NA 132 96.85 -29.29 -57.98
CA PRO NA 132 95.87 -28.28 -58.41
C PRO NA 132 94.68 -28.22 -57.47
N PRO NA 133 93.93 -27.12 -57.49
CA PRO NA 133 92.77 -27.02 -56.60
C PRO NA 133 91.63 -27.94 -57.02
N SER NA 134 90.50 -27.85 -56.31
CA SER NA 134 89.33 -28.65 -56.64
C SER NA 134 88.55 -27.98 -57.76
N PHE NA 135 87.89 -28.82 -58.57
CA PHE NA 135 87.14 -28.32 -59.70
C PHE NA 135 85.93 -27.51 -59.24
N THR OA 3 88.67 -21.55 -87.54
CA THR OA 3 87.61 -22.51 -87.26
C THR OA 3 87.02 -22.36 -85.86
N PHE OA 4 87.85 -22.05 -84.86
CA PHE OA 4 87.34 -21.94 -83.49
C PHE OA 4 86.29 -20.84 -83.38
N ILE OA 5 86.55 -19.69 -84.01
CA ILE OA 5 85.60 -18.59 -83.95
C ILE OA 5 84.29 -18.99 -84.62
N GLU OA 6 84.37 -19.80 -85.68
CA GLU OA 6 83.15 -20.26 -86.34
C GLU OA 6 82.31 -21.10 -85.39
N LEU OA 7 82.95 -21.93 -84.58
CA LEU OA 7 82.20 -22.76 -83.63
C LEU OA 7 81.43 -21.89 -82.64
N VAL OA 8 82.05 -20.80 -82.18
CA VAL OA 8 81.35 -19.88 -81.27
C VAL OA 8 80.15 -19.27 -81.98
N LYS OA 9 80.32 -18.86 -83.23
CA LYS OA 9 79.23 -18.25 -83.98
C LYS OA 9 78.09 -19.23 -84.21
N ASN OA 10 78.34 -20.53 -84.02
CA ASN OA 10 77.32 -21.55 -84.16
C ASN OA 10 76.58 -21.83 -82.85
N MET OA 11 76.90 -21.10 -81.79
CA MET OA 11 76.31 -21.38 -80.48
C MET OA 11 74.93 -20.75 -80.38
N LYS OA 12 74.33 -20.87 -79.20
CA LYS OA 12 73.03 -20.29 -78.88
C LYS OA 12 73.23 -19.13 -77.92
N GLY OA 13 72.61 -17.99 -78.23
CA GLY OA 13 72.76 -16.80 -77.43
C GLY OA 13 73.97 -15.95 -77.77
N TYR OA 14 74.81 -16.38 -78.70
CA TYR OA 14 75.96 -15.60 -79.09
C TYR OA 14 75.53 -14.30 -79.76
N LYS OA 15 76.25 -13.23 -79.45
CA LYS OA 15 75.94 -11.90 -79.97
C LYS OA 15 77.23 -11.21 -80.37
N GLU OA 16 77.20 -10.52 -81.50
CA GLU OA 16 78.39 -9.82 -81.99
C GLU OA 16 78.73 -8.64 -81.08
N LEU OA 17 80.02 -8.41 -80.89
CA LEU OA 17 80.51 -7.27 -80.13
C LEU OA 17 81.59 -6.49 -80.85
N LEU OA 18 82.17 -7.02 -81.92
CA LEU OA 18 83.21 -6.32 -82.66
C LEU OA 18 82.57 -5.43 -83.73
N LEU OA 19 83.40 -4.80 -84.54
CA LEU OA 19 82.97 -3.86 -85.55
C LEU OA 19 83.71 -4.15 -86.84
N PRO OA 20 83.20 -3.66 -87.98
CA PRO OA 20 83.89 -3.88 -89.24
C PRO OA 20 85.30 -3.30 -89.22
N MET OA 21 86.20 -3.98 -89.94
CA MET OA 21 87.60 -3.55 -89.95
C MET OA 21 87.72 -2.08 -90.35
N GLU OA 22 86.86 -1.62 -91.26
CA GLU OA 22 86.92 -0.23 -91.68
C GLU OA 22 86.60 0.72 -90.53
N MET OA 23 85.60 0.38 -89.72
CA MET OA 23 85.20 1.22 -88.60
C MET OA 23 86.06 0.90 -87.37
N VAL OA 24 87.36 1.00 -87.56
CA VAL OA 24 88.32 0.77 -86.48
C VAL OA 24 89.37 1.87 -86.52
N PRO OA 25 89.62 2.58 -85.42
CA PRO OA 25 90.64 3.63 -85.43
C PRO OA 25 92.00 3.10 -85.87
N LEU OA 26 92.89 4.03 -86.14
CA LEU OA 26 94.24 3.70 -86.53
C LEU OA 26 95.04 3.16 -85.35
N PRO OA 27 96.12 2.43 -85.59
CA PRO OA 27 96.92 1.91 -84.47
C PRO OA 27 97.61 3.03 -83.70
N ALA OA 28 98.37 2.67 -82.67
CA ALA OA 28 99.11 3.65 -81.87
C ALA OA 28 98.15 4.59 -81.15
N VAL OA 29 97.44 5.42 -81.91
CA VAL OA 29 96.52 6.38 -81.30
C VAL OA 29 95.42 5.65 -80.53
N VAL OA 30 94.93 4.55 -81.09
CA VAL OA 30 93.88 3.78 -80.42
C VAL OA 30 94.36 3.28 -79.06
N LEU OA 31 95.66 3.03 -78.93
CA LEU OA 31 96.20 2.56 -77.66
C LEU OA 31 96.08 3.61 -76.57
N LYS OA 32 95.83 4.87 -76.91
CA LYS OA 32 95.75 5.92 -75.90
C LYS OA 32 94.59 5.68 -74.96
N HIS OA 33 93.45 5.22 -75.49
CA HIS OA 33 92.31 4.91 -74.61
C HIS OA 33 92.68 3.88 -73.55
N VAL OA 34 93.69 3.04 -73.83
CA VAL OA 34 94.12 2.06 -72.84
C VAL OA 34 94.60 2.76 -71.57
N LYS OA 35 95.43 3.79 -71.73
CA LYS OA 35 95.94 4.51 -70.57
C LYS OA 35 94.82 5.20 -69.81
N LEU OA 36 93.86 5.79 -70.53
CA LEU OA 36 92.79 6.53 -69.89
C LEU OA 36 91.84 5.62 -69.11
N ILE OA 37 91.94 4.31 -69.29
CA ILE OA 37 91.04 3.37 -68.62
C ILE OA 37 91.82 2.56 -67.60
N LEU OA 38 93.12 2.41 -67.82
CA LEU OA 38 93.98 1.73 -66.86
C LEU OA 38 94.51 2.69 -65.80
N THR OA 39 95.15 3.78 -66.23
CA THR OA 39 95.70 4.73 -65.28
C THR OA 39 94.60 5.36 -64.43
N SER OA 40 93.49 5.72 -65.05
CA SER OA 40 92.35 6.31 -64.34
C SER OA 40 91.42 5.20 -63.84
N GLN OA 41 91.98 4.30 -63.04
CA GLN OA 41 91.22 3.17 -62.54
C GLN OA 41 91.86 2.67 -61.24
N LYS OA 42 91.08 1.88 -60.51
CA LYS OA 42 91.53 1.28 -59.26
C LYS OA 42 90.70 0.03 -59.03
N GLU OA 43 91.10 -0.76 -58.03
CA GLU OA 43 90.45 -2.03 -57.72
C GLU OA 43 90.54 -2.98 -58.93
N HIS OA 44 91.78 -3.33 -59.22
CA HIS OA 44 92.11 -4.21 -60.35
C HIS OA 44 91.13 -5.36 -60.47
N GLN OA 45 90.49 -5.46 -61.64
CA GLN OA 45 89.52 -6.50 -61.94
C GLN OA 45 90.08 -7.46 -62.97
N PRO OA 46 89.54 -8.67 -63.05
CA PRO OA 46 90.11 -9.67 -63.97
C PRO OA 46 90.16 -9.21 -65.41
N TRP OA 47 89.13 -8.49 -65.88
CA TRP OA 47 89.10 -8.08 -67.28
C TRP OA 47 90.17 -7.05 -67.58
N MET OA 48 90.60 -6.29 -66.58
CA MET OA 48 91.64 -5.28 -66.82
C MET OA 48 92.93 -5.93 -67.29
N THR OA 49 93.30 -7.07 -66.68
CA THR OA 49 94.51 -7.77 -67.10
C THR OA 49 94.39 -8.24 -68.54
N GLU OA 50 93.21 -8.71 -68.93
CA GLU OA 50 93.02 -9.18 -70.31
C GLU OA 50 93.30 -8.06 -71.30
N MET OA 51 92.78 -6.86 -71.02
CA MET OA 51 93.05 -5.72 -71.90
C MET OA 51 94.54 -5.39 -71.93
N ALA OA 52 95.19 -5.41 -70.77
CA ALA OA 52 96.60 -5.05 -70.71
C ALA OA 52 97.45 -6.04 -71.50
N LEU OA 53 97.16 -7.33 -71.38
CA LEU OA 53 97.94 -8.35 -72.05
C LEU OA 53 97.65 -8.42 -73.55
N LYS OA 54 96.60 -7.75 -74.02
CA LYS OA 54 96.28 -7.69 -75.44
C LYS OA 54 96.82 -6.43 -76.11
N ALA OA 55 96.66 -5.27 -75.47
CA ALA OA 55 97.15 -4.03 -76.06
C ALA OA 55 98.66 -4.04 -76.21
N ASP OA 56 99.37 -4.54 -75.19
CA ASP OA 56 100.82 -4.58 -75.25
C ASP OA 56 101.34 -5.41 -76.41
N GLN OA 57 100.54 -6.35 -76.91
CA GLN OA 57 100.98 -7.19 -78.02
C GLN OA 57 101.23 -6.35 -79.28
N CYS OA 58 100.38 -5.35 -79.52
CA CYS OA 58 100.56 -4.51 -80.71
C CYS OA 58 101.93 -3.85 -80.71
N LEU OA 59 102.38 -3.37 -79.55
CA LEU OA 59 103.71 -2.78 -79.48
C LEU OA 59 104.79 -3.81 -79.82
N ILE OA 60 104.62 -5.04 -79.34
CA ILE OA 60 105.59 -6.09 -79.65
C ILE OA 60 105.65 -6.33 -81.15
N HIS OA 61 104.49 -6.47 -81.80
CA HIS OA 61 104.46 -6.60 -83.24
C HIS OA 61 104.95 -5.33 -83.91
N LYS OA 62 104.55 -4.17 -83.38
CA LYS OA 62 105.01 -2.90 -83.93
C LYS OA 62 106.51 -2.74 -83.76
N ALA OA 63 107.06 -3.21 -82.64
CA ALA OA 63 108.49 -3.08 -82.41
C ALA OA 63 109.31 -3.81 -83.46
N THR OA 64 108.75 -4.84 -84.10
CA THR OA 64 109.49 -5.58 -85.12
C THR OA 64 109.71 -4.75 -86.38
N LEU OA 65 108.96 -3.66 -86.55
CA LEU OA 65 109.15 -2.81 -87.73
C LEU OA 65 110.56 -2.27 -87.81
N ASP OA 66 111.20 -2.03 -86.66
CA ASP OA 66 112.59 -1.58 -86.67
C ASP OA 66 113.49 -2.63 -87.32
N PRO OA 78 106.04 -12.32 -97.23
CA PRO OA 78 104.83 -12.75 -96.51
C PRO OA 78 104.96 -12.61 -95.01
N LEU OA 79 106.16 -12.84 -94.45
CA LEU OA 79 106.35 -12.69 -93.02
C LEU OA 79 106.12 -11.26 -92.58
N ILE OA 80 106.65 -10.29 -93.33
CA ILE OA 80 106.47 -8.90 -92.98
C ILE OA 80 105.03 -8.47 -93.21
N GLU OA 81 104.44 -8.89 -94.33
CA GLU OA 81 103.06 -8.52 -94.63
C GLU OA 81 102.11 -9.14 -93.62
N ALA OA 82 102.33 -10.40 -93.24
CA ALA OA 82 101.40 -11.09 -92.36
C ALA OA 82 101.27 -10.39 -91.02
N MET OA 83 102.39 -9.93 -90.45
CA MET OA 83 102.34 -9.29 -89.14
C MET OA 83 101.47 -8.03 -89.18
N GLN OA 84 101.59 -7.24 -90.25
CA GLN OA 84 100.80 -6.02 -90.35
C GLN OA 84 99.31 -6.33 -90.35
N GLN OA 85 98.90 -7.40 -91.04
CA GLN OA 85 97.49 -7.77 -91.07
C GLN OA 85 96.98 -8.12 -89.69
N ILE OA 86 97.79 -8.81 -88.89
CA ILE OA 86 97.36 -9.25 -87.57
C ILE OA 86 97.04 -8.07 -86.67
N ILE OA 87 97.78 -6.97 -86.82
CA ILE OA 87 97.58 -5.82 -85.94
C ILE OA 87 96.15 -5.31 -86.07
N LEU OA 88 95.62 -5.30 -87.30
CA LEU OA 88 94.25 -4.84 -87.49
C LEU OA 88 93.27 -5.72 -86.72
N ALA OA 89 93.46 -7.04 -86.76
CA ALA OA 89 92.57 -7.95 -86.06
C ALA OA 89 92.59 -7.70 -84.56
N MET OA 90 93.79 -7.55 -83.99
CA MET OA 90 93.88 -7.30 -82.56
C MET OA 90 93.29 -5.94 -82.21
N THR OA 91 93.50 -4.93 -83.06
CA THR OA 91 92.95 -3.61 -82.80
C THR OA 91 91.43 -3.65 -82.74
N ARG OA 92 90.81 -4.46 -83.61
CA ARG OA 92 89.36 -4.59 -83.57
C ARG OA 92 88.88 -5.13 -82.23
N GLU OA 93 89.59 -6.12 -81.68
CA GLU OA 93 89.20 -6.68 -80.39
C GLU OA 93 89.34 -5.64 -79.29
N LEU OA 94 90.38 -4.82 -79.35
CA LEU OA 94 90.59 -3.81 -78.31
C LEU OA 94 89.40 -2.86 -78.22
N TRP OA 95 88.90 -2.41 -79.37
CA TRP OA 95 87.81 -1.44 -79.35
C TRP OA 95 86.55 -2.02 -78.71
N GLY OA 96 86.25 -3.29 -79.00
CA GLY OA 96 85.07 -3.90 -78.42
C GLY OA 96 85.12 -3.93 -76.91
N GLN OA 97 86.29 -4.23 -76.34
CA GLN OA 97 86.43 -4.21 -74.89
C GLN OA 97 86.21 -2.81 -74.33
N ILE OA 98 86.73 -1.80 -75.02
CA ILE OA 98 86.57 -0.43 -74.56
C ILE OA 98 85.09 -0.06 -74.51
N GLN OA 99 84.36 -0.36 -75.57
CA GLN OA 99 82.92 -0.10 -75.57
C GLN OA 99 82.21 -0.97 -74.55
N ARG OA 100 82.69 -2.20 -74.33
CA ARG OA 100 82.13 -3.05 -73.29
C ARG OA 100 82.25 -2.43 -71.91
N HIS OA 101 83.15 -1.47 -71.74
CA HIS OA 101 83.34 -0.77 -70.48
C HIS OA 101 82.69 0.60 -70.44
N HIS OA 102 82.85 1.39 -71.50
CA HIS OA 102 82.30 2.74 -71.55
C HIS OA 102 80.78 2.72 -71.62
N TYR OA 103 80.24 2.13 -72.69
CA TYR OA 103 78.79 2.09 -72.91
C TYR OA 103 78.20 0.78 -72.41
N GLY OA 104 78.50 0.42 -71.17
CA GLY OA 104 77.94 -0.81 -70.64
C GLY OA 104 78.43 -2.01 -71.42
N ILE OA 105 77.75 -3.14 -71.19
CA ILE OA 105 78.05 -4.38 -71.89
C ILE OA 105 76.79 -4.88 -72.59
N VAL OA 106 75.63 -4.48 -72.09
CA VAL OA 106 74.37 -4.89 -72.69
C VAL OA 106 73.99 -3.96 -73.83
N GLN OA 107 74.09 -2.65 -73.59
CA GLN OA 107 73.75 -1.68 -74.62
C GLN OA 107 74.69 -1.75 -75.81
N VAL OA 108 75.89 -2.32 -75.64
CA VAL OA 108 76.83 -2.41 -76.75
C VAL OA 108 76.27 -3.28 -77.86
N GLU OA 109 75.66 -4.41 -77.49
CA GLU OA 109 75.13 -5.31 -78.50
C GLU OA 109 74.07 -4.63 -79.36
N HIS OA 110 73.21 -3.84 -78.73
CA HIS OA 110 72.18 -3.12 -79.48
C HIS OA 110 72.80 -2.17 -80.49
N TYR OA 111 73.84 -1.45 -80.09
CA TYR OA 111 74.48 -0.50 -81.01
C TYR OA 111 75.08 -1.23 -82.22
N VAL OA 112 75.85 -2.29 -81.97
CA VAL OA 112 76.47 -3.02 -83.06
C VAL OA 112 75.40 -3.67 -83.94
N LYS OA 113 74.31 -4.13 -83.32
CA LYS OA 113 73.21 -4.68 -84.10
C LYS OA 113 72.72 -3.69 -85.14
N GLN OA 114 72.54 -2.42 -84.74
CA GLN OA 114 72.08 -1.41 -85.68
C GLN OA 114 73.17 -1.06 -86.68
N ILE OA 115 74.44 -1.08 -86.26
CA ILE OA 115 75.54 -0.77 -87.17
C ILE OA 115 75.54 -1.74 -88.35
N THR OA 116 75.34 -3.03 -88.07
CA THR OA 116 75.36 -4.01 -89.15
C THR OA 116 74.25 -3.73 -90.14
N LEU OA 117 73.04 -3.43 -89.66
CA LEU OA 117 71.94 -3.13 -90.56
C LEU OA 117 72.19 -1.83 -91.32
N TRP OA 118 72.71 -0.81 -90.64
CA TRP OA 118 72.91 0.49 -91.27
C TRP OA 118 73.97 0.46 -92.36
N GLN OA 119 74.87 -0.51 -92.34
CA GLN OA 119 75.94 -0.61 -93.34
C GLN OA 119 75.65 -1.65 -94.40
N ASP OA 120 75.03 -2.77 -94.03
CA ASP OA 120 74.78 -3.84 -95.00
C ASP OA 120 73.81 -3.37 -96.08
N THR OA 121 72.79 -2.61 -95.71
CA THR OA 121 71.85 -2.11 -96.70
C THR OA 121 72.55 -1.15 -97.65
N PRO OA 122 72.07 -1.03 -98.89
CA PRO OA 122 72.72 -0.14 -99.84
C PRO OA 122 72.69 1.31 -99.37
N GLN OA 123 73.71 2.07 -99.78
CA GLN OA 123 73.84 3.45 -99.33
C GLN OA 123 72.63 4.30 -99.67
N ALA OA 124 71.85 3.90 -100.67
CA ALA OA 124 70.67 4.67 -101.06
C ALA OA 124 69.51 4.53 -100.07
N PHE OA 125 69.61 3.61 -99.10
CA PHE OA 125 68.54 3.37 -98.15
C PHE OA 125 68.95 3.54 -96.70
N ARG OA 126 70.24 3.72 -96.42
CA ARG OA 126 70.70 3.77 -95.03
C ARG OA 126 70.02 4.90 -94.27
N GLY OA 127 70.26 6.13 -94.69
CA GLY OA 127 69.71 7.29 -94.00
C GLY OA 127 70.75 8.03 -93.19
N ASP OA 128 70.69 7.91 -91.87
CA ASP OA 128 71.61 8.58 -90.96
C ASP OA 128 72.23 7.56 -90.02
N GLN OA 129 73.50 7.75 -89.71
CA GLN OA 129 74.19 6.84 -88.81
C GLN OA 129 73.53 6.87 -87.43
N PRO OA 130 73.30 5.72 -86.80
CA PRO OA 130 72.72 5.72 -85.45
C PRO OA 130 73.79 6.04 -84.41
N LYS OA 131 73.60 7.12 -83.68
CA LYS OA 131 74.59 7.54 -82.69
C LYS OA 131 74.69 6.49 -81.59
N PRO OA 132 75.91 6.13 -81.16
CA PRO OA 132 76.04 5.15 -80.09
C PRO OA 132 75.52 5.72 -78.79
N PRO OA 133 75.06 4.87 -77.87
CA PRO OA 133 74.57 5.38 -76.58
C PRO OA 133 75.69 6.02 -75.78
N SER OA 134 75.32 7.01 -74.97
CA SER OA 134 76.29 7.72 -74.16
C SER OA 134 76.74 6.85 -72.99
N PHE OA 135 77.57 7.44 -72.11
CA PHE OA 135 78.12 6.74 -70.96
C PHE OA 135 77.03 6.60 -69.91
N THR PA 3 50.94 -19.13 -110.52
CA THR PA 3 49.49 -19.06 -110.45
C THR PA 3 49.00 -19.15 -109.01
N PHE PA 4 49.77 -19.75 -108.11
CA PHE PA 4 49.38 -19.81 -106.71
C PHE PA 4 49.25 -18.41 -106.12
N ILE PA 5 50.17 -17.51 -106.47
CA ILE PA 5 50.09 -16.14 -105.97
C ILE PA 5 48.77 -15.51 -106.39
N GLU PA 6 48.33 -15.80 -107.61
CA GLU PA 6 47.03 -15.32 -108.06
C GLU PA 6 45.92 -15.89 -107.18
N LEU PA 7 46.02 -17.17 -106.81
CA LEU PA 7 45.01 -17.77 -105.95
C LEU PA 7 44.97 -17.10 -104.59
N VAL PA 8 46.07 -16.47 -104.18
CA VAL PA 8 46.10 -15.74 -102.91
C VAL PA 8 46.01 -14.23 -103.11
N LYS PA 9 46.31 -13.74 -104.31
CA LYS PA 9 46.24 -12.29 -104.54
C LYS PA 9 44.85 -11.76 -104.26
N ASN PA 10 43.81 -12.59 -104.40
CA ASN PA 10 42.46 -12.19 -104.08
C ASN PA 10 42.13 -12.29 -102.60
N MET PA 11 42.96 -12.96 -101.81
CA MET PA 11 42.70 -13.09 -100.38
C MET PA 11 42.77 -11.74 -99.70
N LYS PA 12 41.96 -11.58 -98.65
CA LYS PA 12 41.91 -10.31 -97.93
C LYS PA 12 43.25 -9.99 -97.29
N GLY PA 13 43.89 -10.97 -96.68
CA GLY PA 13 45.12 -10.74 -95.95
C GLY PA 13 46.38 -10.88 -96.79
N TYR PA 14 46.22 -11.04 -98.10
CA TYR PA 14 47.37 -11.17 -98.99
C TYR PA 14 48.18 -9.88 -98.99
N LYS PA 15 49.51 -10.03 -99.02
CA LYS PA 15 50.41 -8.90 -98.98
C LYS PA 15 51.56 -9.15 -99.95
N GLU PA 16 52.14 -8.04 -100.43
CA GLU PA 16 53.30 -8.09 -101.33
C GLU PA 16 54.56 -8.15 -100.47
N LEU PA 17 54.84 -9.35 -99.95
CA LEU PA 17 56.02 -9.55 -99.12
C LEU PA 17 57.31 -9.41 -99.91
N LEU PA 18 57.25 -9.51 -101.24
CA LEU PA 18 58.44 -9.40 -102.07
C LEU PA 18 58.86 -7.94 -102.14
N LEU PA 19 59.89 -7.59 -101.36
CA LEU PA 19 60.34 -6.21 -101.32
C LEU PA 19 61.11 -5.88 -102.59
N PRO PA 20 61.32 -4.58 -102.86
CA PRO PA 20 62.03 -4.20 -104.07
C PRO PA 20 63.42 -4.81 -104.14
N MET PA 21 63.83 -5.17 -105.36
CA MET PA 21 65.13 -5.80 -105.56
C MET PA 21 66.25 -4.87 -105.10
N GLU PA 22 66.16 -3.58 -105.45
CA GLU PA 22 67.18 -2.62 -105.03
C GLU PA 22 67.25 -2.51 -103.51
N MET PA 23 66.13 -2.73 -102.83
CA MET PA 23 66.11 -2.57 -101.37
C MET PA 23 67.02 -3.58 -100.69
N VAL PA 24 66.99 -4.83 -101.13
CA VAL PA 24 67.72 -5.91 -100.46
C VAL PA 24 69.19 -5.86 -100.87
N PRO PA 25 70.11 -6.34 -100.03
CA PRO PA 25 71.53 -6.39 -100.43
C PRO PA 25 71.87 -7.62 -101.24
N LEU PA 26 73.15 -7.83 -101.52
CA LEU PA 26 73.58 -8.98 -102.29
C LEU PA 26 73.34 -10.27 -101.50
N PRO PA 27 73.26 -11.41 -102.19
CA PRO PA 27 72.94 -12.66 -101.48
C PRO PA 27 73.91 -12.99 -100.37
N ALA PA 28 75.20 -12.71 -100.56
CA ALA PA 28 76.20 -13.11 -99.57
C ALA PA 28 75.95 -12.42 -98.24
N VAL PA 29 75.61 -11.13 -98.26
CA VAL PA 29 75.43 -10.40 -97.02
C VAL PA 29 74.21 -10.91 -96.26
N VAL PA 30 73.15 -11.29 -96.98
CA VAL PA 30 71.93 -11.74 -96.32
C VAL PA 30 72.21 -12.99 -95.49
N LEU PA 31 72.99 -13.92 -96.04
CA LEU PA 31 73.32 -15.14 -95.31
C LEU PA 31 73.94 -14.83 -93.95
N LYS PA 32 74.68 -13.72 -93.86
CA LYS PA 32 75.29 -13.35 -92.60
C LYS PA 32 74.23 -13.11 -91.52
N HIS PA 33 73.16 -12.40 -91.88
CA HIS PA 33 72.12 -12.09 -90.90
C HIS PA 33 71.33 -13.34 -90.50
N VAL PA 34 71.25 -14.32 -91.38
CA VAL PA 34 70.52 -15.54 -91.04
C VAL PA 34 71.18 -16.25 -89.86
N LYS PA 35 72.51 -16.34 -89.88
CA LYS PA 35 73.22 -16.92 -88.74
C LYS PA 35 73.02 -16.07 -87.50
N LEU PA 36 73.09 -14.76 -87.64
CA LEU PA 36 72.96 -13.87 -86.48
C LEU PA 36 71.57 -13.93 -85.89
N ILE PA 37 70.54 -13.90 -86.73
CA ILE PA 37 69.17 -13.92 -86.22
C ILE PA 37 68.83 -15.28 -85.64
N LEU PA 38 69.21 -16.35 -86.32
CA LEU PA 38 68.97 -17.69 -85.78
C LEU PA 38 69.73 -17.90 -84.48
N THR PA 39 70.99 -17.48 -84.44
CA THR PA 39 71.79 -17.64 -83.23
C THR PA 39 71.19 -16.84 -82.08
N SER PA 40 70.81 -15.59 -82.33
CA SER PA 40 70.26 -14.75 -81.27
C SER PA 40 68.96 -15.33 -80.73
N GLN PA 41 68.08 -15.79 -81.62
CA GLN PA 41 66.80 -16.31 -81.19
C GLN PA 41 66.98 -17.61 -80.41
N LYS PA 42 66.15 -17.79 -79.38
CA LYS PA 42 66.26 -18.95 -78.51
C LYS PA 42 65.04 -19.86 -78.58
N GLU PA 43 63.83 -19.32 -78.44
CA GLU PA 43 62.65 -20.17 -78.46
C GLU PA 43 62.51 -20.84 -79.82
N HIS PA 44 62.13 -22.11 -79.81
CA HIS PA 44 62.00 -22.90 -81.02
C HIS PA 44 60.59 -22.78 -81.56
N GLN PA 45 60.47 -22.30 -82.80
CA GLN PA 45 59.21 -22.22 -83.53
C GLN PA 45 59.43 -22.74 -84.93
N PRO PA 46 58.37 -23.17 -85.61
CA PRO PA 46 58.55 -23.76 -86.96
C PRO PA 46 59.17 -22.80 -87.96
N TRP PA 47 59.01 -21.48 -87.78
CA TRP PA 47 59.52 -20.55 -88.79
C TRP PA 47 61.03 -20.63 -88.91
N MET PA 48 61.74 -20.68 -87.77
CA MET PA 48 63.20 -20.77 -87.83
C MET PA 48 63.64 -22.09 -88.46
N THR PA 49 62.94 -23.17 -88.15
CA THR PA 49 63.25 -24.45 -88.78
C THR PA 49 63.07 -24.39 -90.28
N GLU PA 50 61.99 -23.77 -90.74
CA GLU PA 50 61.77 -23.61 -92.17
C GLU PA 50 62.62 -22.48 -92.74
N MET PA 51 62.94 -21.48 -91.93
CA MET PA 51 63.75 -20.37 -92.41
C MET PA 51 65.14 -20.84 -92.84
N ALA PA 52 65.74 -21.74 -92.05
CA ALA PA 52 67.05 -22.27 -92.40
C ALA PA 52 67.00 -23.04 -93.71
N LEU PA 53 65.96 -23.86 -93.89
CA LEU PA 53 65.85 -24.66 -95.10
C LEU PA 53 65.75 -23.78 -96.34
N LYS PA 54 64.97 -22.70 -96.26
CA LYS PA 54 64.82 -21.81 -97.40
C LYS PA 54 66.14 -21.17 -97.79
N ALA PA 55 66.93 -20.76 -96.79
CA ALA PA 55 68.23 -20.15 -97.07
C ALA PA 55 69.25 -21.18 -97.53
N ASP PA 56 69.09 -22.44 -97.13
CA ASP PA 56 70.07 -23.46 -97.49
C ASP PA 56 70.15 -23.64 -98.99
N GLN PA 57 69.01 -23.59 -99.68
CA GLN PA 57 69.01 -23.83 -101.12
C GLN PA 57 69.95 -22.86 -101.84
N CYS PA 58 70.02 -21.62 -101.38
CA CYS PA 58 70.90 -20.65 -102.02
C CYS PA 58 72.35 -21.09 -102.00
N LEU PA 59 72.77 -21.76 -100.93
CA LEU PA 59 74.16 -22.21 -100.84
C LEU PA 59 74.49 -23.22 -101.94
N ILE PA 60 73.56 -24.14 -102.23
CA ILE PA 60 73.82 -25.14 -103.25
C ILE PA 60 74.01 -24.47 -104.61
N HIS PA 61 73.18 -23.48 -104.93
CA HIS PA 61 73.31 -22.78 -106.20
C HIS PA 61 74.64 -22.07 -106.31
N LYS PA 62 75.17 -21.57 -105.19
CA LYS PA 62 76.49 -20.92 -105.23
C LYS PA 62 77.55 -21.87 -105.76
N ALA PA 63 77.60 -23.10 -105.22
CA ALA PA 63 78.58 -24.07 -105.68
C ALA PA 63 78.17 -24.69 -107.01
N THR PA 64 76.87 -24.85 -107.26
CA THR PA 64 76.42 -25.44 -108.52
C THR PA 64 76.93 -24.62 -109.71
N LEU PA 65 76.73 -23.30 -109.66
CA LEU PA 65 77.22 -22.44 -110.73
C LEU PA 65 78.73 -22.25 -110.64
N PRO PA 78 70.16 -19.76 -121.42
CA PRO PA 78 68.91 -19.51 -120.68
C PRO PA 78 68.86 -20.22 -119.34
N LEU PA 79 69.44 -21.42 -119.24
CA LEU PA 79 69.40 -22.16 -117.99
C LEU PA 79 70.21 -21.44 -116.91
N ILE PA 80 71.45 -21.08 -117.23
CA ILE PA 80 72.31 -20.43 -116.24
C ILE PA 80 71.74 -19.08 -115.85
N GLU PA 81 71.28 -18.31 -116.83
CA GLU PA 81 70.77 -16.96 -116.54
C GLU PA 81 69.56 -17.03 -115.61
N ALA PA 82 68.67 -18.00 -115.83
CA ALA PA 82 67.50 -18.12 -114.98
C ALA PA 82 67.88 -18.38 -113.53
N MET PA 83 68.90 -19.22 -113.30
CA MET PA 83 69.32 -19.52 -111.95
C MET PA 83 69.78 -18.26 -111.22
N GLN PA 84 70.49 -17.37 -111.94
CA GLN PA 84 70.93 -16.13 -111.32
C GLN PA 84 69.76 -15.31 -110.81
N GLN PA 85 68.69 -15.23 -111.60
CA GLN PA 85 67.49 -14.53 -111.14
C GLN PA 85 66.80 -15.28 -110.02
N ILE PA 86 66.84 -16.62 -110.06
CA ILE PA 86 66.19 -17.43 -109.03
C ILE PA 86 66.82 -17.15 -107.66
N ILE PA 87 68.16 -17.05 -107.62
CA ILE PA 87 68.83 -16.79 -106.35
C ILE PA 87 68.36 -15.46 -105.78
N LEU PA 88 68.27 -14.44 -106.62
CA LEU PA 88 67.79 -13.14 -106.15
C LEU PA 88 66.34 -13.21 -105.68
N ALA PA 89 65.56 -14.11 -106.27
CA ALA PA 89 64.16 -14.25 -105.85
C ALA PA 89 64.07 -14.69 -104.40
N MET PA 90 64.92 -15.64 -103.99
CA MET PA 90 64.88 -16.12 -102.61
C MET PA 90 65.41 -15.07 -101.65
N THR PA 91 66.37 -14.25 -102.09
CA THR PA 91 66.93 -13.22 -101.21
C THR PA 91 65.85 -12.24 -100.77
N ARG PA 92 64.99 -11.82 -101.69
CA ARG PA 92 63.91 -10.92 -101.33
C ARG PA 92 62.99 -11.56 -100.29
N GLU PA 93 62.66 -12.84 -100.49
CA GLU PA 93 61.81 -13.54 -99.53
C GLU PA 93 62.49 -13.65 -98.17
N LEU PA 94 63.79 -13.95 -98.16
CA LEU PA 94 64.50 -14.11 -96.89
C LEU PA 94 64.56 -12.79 -96.13
N TRP PA 95 64.85 -11.70 -96.83
CA TRP PA 95 64.98 -10.41 -96.15
C TRP PA 95 63.67 -9.99 -95.50
N GLY PA 96 62.54 -10.43 -96.06
CA GLY PA 96 61.27 -10.08 -95.45
C GLY PA 96 61.11 -10.65 -94.06
N GLN PA 97 61.45 -11.93 -93.89
CA GLN PA 97 61.38 -12.54 -92.56
C GLN PA 97 62.37 -11.88 -91.61
N ILE PA 98 63.54 -11.50 -92.11
CA ILE PA 98 64.54 -10.83 -91.27
C ILE PA 98 63.97 -9.53 -90.72
N GLN PA 99 63.41 -8.70 -91.59
CA GLN PA 99 62.89 -7.41 -91.15
C GLN PA 99 61.64 -7.58 -90.29
N ARG PA 100 60.75 -8.48 -90.68
CA ARG PA 100 59.53 -8.69 -89.91
C ARG PA 100 59.85 -9.20 -88.51
N HIS PA 101 60.81 -10.13 -88.40
CA HIS PA 101 61.16 -10.66 -87.10
C HIS PA 101 61.80 -9.59 -86.22
N HIS PA 102 62.72 -8.81 -86.78
CA HIS PA 102 63.40 -7.78 -85.99
C HIS PA 102 62.43 -6.70 -85.53
N TYR PA 103 61.67 -6.13 -86.47
CA TYR PA 103 60.75 -5.04 -86.15
C TYR PA 103 59.33 -5.55 -85.93
N GLY PA 104 58.76 -6.19 -86.95
CA GLY PA 104 57.39 -6.67 -86.87
C GLY PA 104 56.78 -6.78 -88.24
N ILE PA 105 55.72 -7.59 -88.33
CA ILE PA 105 55.07 -7.83 -89.61
C ILE PA 105 54.42 -6.55 -90.13
N VAL PA 106 53.72 -5.82 -89.26
CA VAL PA 106 53.01 -4.63 -89.70
C VAL PA 106 53.99 -3.53 -90.09
N GLN PA 107 55.08 -3.37 -89.35
CA GLN PA 107 56.00 -2.27 -89.59
C GLN PA 107 56.62 -2.38 -90.98
N VAL PA 108 57.03 -3.58 -91.38
CA VAL PA 108 57.61 -3.77 -92.70
C VAL PA 108 56.59 -3.43 -93.78
N GLU PA 109 55.38 -3.94 -93.64
CA GLU PA 109 54.32 -3.61 -94.59
C GLU PA 109 54.03 -2.12 -94.57
N HIS PA 110 54.15 -1.49 -93.40
CA HIS PA 110 53.88 -0.06 -93.28
C HIS PA 110 55.03 0.79 -93.83
N TYR PA 111 56.27 0.33 -93.65
CA TYR PA 111 57.44 1.13 -94.02
C TYR PA 111 57.89 0.91 -95.44
N VAL PA 112 57.63 -0.26 -96.03
CA VAL PA 112 58.13 -0.56 -97.37
C VAL PA 112 57.57 0.43 -98.38
N LYS PA 113 56.28 0.73 -98.28
CA LYS PA 113 55.65 1.61 -99.26
C LYS PA 113 56.22 3.02 -99.18
N GLN PA 114 56.53 3.49 -97.98
CA GLN PA 114 56.98 4.87 -97.81
C GLN PA 114 58.23 5.13 -98.63
N ILE PA 115 59.22 4.24 -98.57
CA ILE PA 115 60.47 4.46 -99.29
C ILE PA 115 60.25 4.39 -100.78
N THR PA 116 59.34 3.52 -101.23
CA THR PA 116 59.06 3.42 -102.66
C THR PA 116 58.51 4.73 -103.19
N LEU PA 117 57.62 5.37 -102.42
CA LEU PA 117 57.07 6.67 -102.84
C LEU PA 117 58.17 7.71 -102.94
N TRP PA 118 59.09 7.74 -101.96
CA TRP PA 118 60.15 8.73 -101.99
C TRP PA 118 61.00 8.61 -103.26
N GLN PA 119 61.06 7.41 -103.84
CA GLN PA 119 61.82 7.22 -105.08
C GLN PA 119 61.00 7.64 -106.29
N ASP PA 120 59.77 7.13 -106.39
CA ASP PA 120 58.90 7.41 -107.55
C ASP PA 120 58.33 8.81 -107.36
N THR PA 121 59.18 9.81 -107.61
CA THR PA 121 58.80 11.20 -107.48
C THR PA 121 59.78 12.03 -108.30
N PRO PA 122 59.36 13.18 -108.84
CA PRO PA 122 60.27 13.95 -109.71
C PRO PA 122 61.45 14.56 -108.96
N GLN PA 123 62.39 13.70 -108.58
CA GLN PA 123 63.67 14.10 -107.99
C GLN PA 123 63.56 15.29 -107.05
N ALA PA 124 63.26 16.47 -107.58
CA ALA PA 124 63.34 17.69 -106.77
C ALA PA 124 62.45 17.59 -105.53
N PHE PA 125 61.18 17.26 -105.72
CA PHE PA 125 60.25 17.11 -104.59
C PHE PA 125 60.18 15.66 -104.13
N ARG PA 126 61.34 15.05 -103.91
CA ARG PA 126 61.36 13.64 -103.50
C ARG PA 126 60.80 13.47 -102.09
N GLY PA 127 61.10 14.40 -101.20
CA GLY PA 127 60.62 14.33 -99.83
C GLY PA 127 61.65 14.80 -98.84
N ASP PA 128 61.87 14.02 -97.77
CA ASP PA 128 62.84 14.38 -96.74
C ASP PA 128 63.65 13.17 -96.30
N GLN PA 129 63.90 12.23 -97.22
CA GLN PA 129 64.68 11.05 -96.90
C GLN PA 129 64.04 10.32 -95.73
N PRO PA 130 62.90 9.67 -95.92
CA PRO PA 130 62.16 9.09 -94.78
C PRO PA 130 63.04 8.17 -93.96
N LYS PA 131 62.94 8.33 -92.64
CA LYS PA 131 63.78 7.56 -91.73
C LYS PA 131 63.34 6.10 -91.70
N PRO PA 132 64.27 5.18 -91.52
CA PRO PA 132 63.89 3.77 -91.36
C PRO PA 132 63.20 3.54 -90.02
N PRO PA 133 62.45 2.46 -89.89
CA PRO PA 133 61.69 2.25 -88.65
C PRO PA 133 62.61 2.15 -87.44
N THR QA 3 49.03 113.64 -31.73
CA THR QA 3 49.13 113.39 -30.30
C THR QA 3 48.40 112.12 -29.91
N PHE QA 4 47.21 111.89 -30.48
CA PHE QA 4 46.41 110.73 -30.10
C PHE QA 4 47.14 109.43 -30.41
N ILE QA 5 47.76 109.34 -31.59
CA ILE QA 5 48.42 108.10 -31.98
C ILE QA 5 49.53 107.77 -31.00
N GLU QA 6 50.23 108.79 -30.50
CA GLU QA 6 51.25 108.57 -29.48
C GLU QA 6 50.64 107.92 -28.24
N LEU QA 7 49.45 108.36 -27.85
CA LEU QA 7 48.79 107.79 -26.68
C LEU QA 7 48.45 106.32 -26.91
N VAL QA 8 47.97 105.99 -28.10
CA VAL QA 8 47.58 104.61 -28.39
C VAL QA 8 48.80 103.71 -28.42
N LYS QA 9 49.90 104.18 -28.98
CA LYS QA 9 51.12 103.38 -29.02
C LYS QA 9 51.55 102.98 -27.62
N ASN QA 10 51.19 103.76 -26.61
CA ASN QA 10 51.46 103.44 -25.21
C ASN QA 10 50.37 102.51 -24.67
N MET QA 11 50.22 101.36 -25.34
CA MET QA 11 49.21 100.39 -24.97
C MET QA 11 49.75 98.99 -25.17
N LYS QA 12 49.11 98.03 -24.51
CA LYS QA 12 49.57 96.65 -24.50
C LYS QA 12 48.88 95.85 -25.60
N GLY QA 13 49.66 95.00 -26.27
CA GLY QA 13 49.17 94.26 -27.41
C GLY QA 13 49.17 95.03 -28.71
N TYR QA 14 49.87 96.17 -28.76
CA TYR QA 14 49.89 97.02 -29.95
C TYR QA 14 50.85 96.43 -30.97
N LYS QA 15 50.31 95.99 -32.11
CA LYS QA 15 51.09 95.46 -33.22
C LYS QA 15 51.01 96.44 -34.38
N GLU QA 16 52.16 96.95 -34.80
CA GLU QA 16 52.18 97.93 -35.88
C GLU QA 16 51.78 97.27 -37.20
N LEU QA 17 51.11 98.05 -38.05
CA LEU QA 17 50.62 97.53 -39.33
C LEU QA 17 50.84 98.50 -40.48
N LEU QA 18 51.64 99.56 -40.30
CA LEU QA 18 51.86 100.56 -41.33
C LEU QA 18 53.33 100.53 -41.75
N LEU QA 19 53.56 100.49 -43.05
CA LEU QA 19 54.90 100.47 -43.59
C LEU QA 19 55.46 101.89 -43.67
N PRO QA 20 56.78 102.03 -43.83
CA PRO QA 20 57.36 103.36 -43.99
C PRO QA 20 56.80 104.06 -45.21
N MET QA 21 56.73 105.40 -45.13
CA MET QA 21 56.21 106.19 -46.23
C MET QA 21 57.01 105.98 -47.50
N GLU QA 22 58.28 105.60 -47.38
CA GLU QA 22 59.14 105.43 -48.54
C GLU QA 22 58.91 104.11 -49.27
N MET QA 23 58.12 103.20 -48.70
CA MET QA 23 57.89 101.90 -49.31
C MET QA 23 56.47 101.73 -49.85
N VAL QA 24 55.50 102.49 -49.37
CA VAL QA 24 54.12 102.34 -49.83
C VAL QA 24 54.04 102.78 -51.29
N PRO QA 25 53.12 102.23 -52.07
CA PRO QA 25 53.03 102.62 -53.48
C PRO QA 25 52.60 104.07 -53.61
N LEU QA 26 52.65 104.56 -54.85
CA LEU QA 26 52.12 105.88 -55.14
C LEU QA 26 50.60 105.89 -54.97
N PRO QA 27 50.02 107.04 -54.65
CA PRO QA 27 48.57 107.07 -54.41
C PRO QA 27 47.76 106.55 -55.57
N ALA QA 28 48.20 106.81 -56.80
CA ALA QA 28 47.46 106.33 -57.96
C ALA QA 28 47.40 104.81 -57.99
N VAL QA 29 48.51 104.15 -57.64
CA VAL QA 29 48.55 102.70 -57.68
C VAL QA 29 47.61 102.10 -56.65
N VAL QA 30 47.52 102.73 -55.48
CA VAL QA 30 46.72 102.15 -54.40
C VAL QA 30 45.27 102.05 -54.83
N LEU QA 31 44.75 103.10 -55.45
CA LEU QA 31 43.35 103.11 -55.87
C LEU QA 31 43.02 101.92 -56.76
N LYS QA 32 44.00 101.43 -57.53
CA LYS QA 32 43.75 100.32 -58.42
C LYS QA 32 43.35 99.06 -57.65
N HIS QA 33 44.04 98.79 -56.54
CA HIS QA 33 43.68 97.62 -55.74
C HIS QA 33 42.34 97.81 -55.06
N VAL QA 34 41.96 99.06 -54.77
CA VAL QA 34 40.68 99.29 -54.10
C VAL QA 34 39.53 98.79 -54.95
N LYS QA 35 39.57 99.10 -56.25
CA LYS QA 35 38.49 98.68 -57.13
C LYS QA 35 38.40 97.16 -57.21
N LEU QA 36 39.54 96.49 -57.32
CA LEU QA 36 39.54 95.03 -57.38
C LEU QA 36 39.03 94.44 -56.08
N ILE QA 37 39.58 94.89 -54.95
CA ILE QA 37 39.20 94.31 -53.66
C ILE QA 37 37.74 94.59 -53.36
N LEU QA 38 37.29 95.83 -53.58
CA LEU QA 38 35.90 96.17 -53.36
C LEU QA 38 35.00 95.38 -54.30
N THR QA 39 35.28 95.45 -55.60
CA THR QA 39 34.39 94.84 -56.59
C THR QA 39 34.46 93.32 -56.54
N SER QA 40 35.69 92.78 -56.48
CA SER QA 40 35.89 91.32 -56.45
C SER QA 40 35.71 90.82 -55.01
N GLN QA 41 34.51 91.02 -54.49
CA GLN QA 41 34.18 90.57 -53.15
C GLN QA 41 32.71 90.15 -53.10
N LYS QA 42 32.43 89.21 -52.20
CA LYS QA 42 31.08 88.69 -52.00
C LYS QA 42 30.74 88.76 -50.52
N GLU QA 43 29.45 88.92 -50.24
CA GLU QA 43 28.96 89.03 -48.86
C GLU QA 43 29.63 90.22 -48.16
N HIS QA 44 29.31 91.40 -48.67
CA HIS QA 44 29.90 92.65 -48.18
C HIS QA 44 30.00 92.65 -46.66
N GLN QA 45 31.15 93.09 -46.18
CA GLN QA 45 31.48 93.12 -44.77
C GLN QA 45 31.71 94.55 -44.31
N PRO QA 46 31.60 94.81 -42.99
CA PRO QA 46 31.69 96.21 -42.54
C PRO QA 46 32.99 96.90 -42.93
N TRP QA 47 34.12 96.19 -42.90
CA TRP QA 47 35.38 96.83 -43.20
C TRP QA 47 35.46 97.31 -44.64
N MET QA 48 34.65 96.77 -45.54
CA MET QA 48 34.64 97.24 -46.91
C MET QA 48 34.20 98.69 -46.99
N THR QA 49 33.18 99.06 -46.20
CA THR QA 49 32.70 100.43 -46.22
C THR QA 49 33.79 101.40 -45.76
N GLU QA 50 34.54 101.01 -44.72
CA GLU QA 50 35.60 101.89 -44.21
C GLU QA 50 36.63 102.17 -45.28
N MET QA 51 37.00 101.15 -46.06
CA MET QA 51 38.01 101.33 -47.09
C MET QA 51 37.57 102.37 -48.12
N ALA QA 52 36.31 102.28 -48.57
CA ALA QA 52 35.84 103.19 -49.60
C ALA QA 52 35.81 104.63 -49.10
N LEU QA 53 35.38 104.83 -47.86
CA LEU QA 53 35.26 106.19 -47.33
C LEU QA 53 36.60 106.90 -47.32
N LYS QA 54 37.66 106.20 -46.88
CA LYS QA 54 38.98 106.81 -46.86
C LYS QA 54 39.49 107.07 -48.27
N ALA QA 55 39.16 106.19 -49.21
CA ALA QA 55 39.68 106.31 -50.57
C ALA QA 55 39.25 107.63 -51.20
N ASP QA 56 37.97 107.99 -51.06
CA ASP QA 56 37.49 109.22 -51.68
C ASP QA 56 38.18 110.45 -51.10
N GLN QA 57 38.64 110.36 -49.85
CA GLN QA 57 39.31 111.52 -49.24
C GLN QA 57 40.59 111.87 -49.99
N CYS QA 58 41.36 110.85 -50.38
CA CYS QA 58 42.58 111.12 -51.14
C CYS QA 58 42.26 111.79 -52.47
N LEU QA 59 41.20 111.34 -53.13
CA LEU QA 59 40.79 111.98 -54.38
C LEU QA 59 40.39 113.43 -54.15
N ILE QA 60 39.67 113.70 -53.06
CA ILE QA 60 39.26 115.07 -52.76
C ILE QA 60 40.49 115.96 -52.59
N HIS QA 61 41.44 115.52 -51.77
CA HIS QA 61 42.67 116.28 -51.62
C HIS QA 61 43.45 116.34 -52.93
N LYS QA 62 43.49 115.23 -53.66
CA LYS QA 62 44.19 115.20 -54.94
C LYS QA 62 43.55 116.18 -55.92
N ALA QA 63 42.22 116.23 -55.96
CA ALA QA 63 41.52 117.16 -56.83
C ALA QA 63 41.62 118.60 -56.35
N THR QA 64 42.15 118.83 -55.15
CA THR QA 64 42.26 120.18 -54.61
C THR QA 64 43.53 120.89 -55.05
N LEU QA 65 44.59 120.15 -55.37
CA LEU QA 65 45.85 120.78 -55.75
C LEU QA 65 45.72 121.57 -57.04
N ASP QA 66 44.94 121.08 -58.01
CA ASP QA 66 44.78 121.80 -59.26
C ASP QA 66 44.24 123.21 -59.04
N PRO QA 78 52.78 127.60 -47.50
CA PRO QA 78 52.48 126.44 -46.62
C PRO QA 78 51.11 125.86 -46.85
N LEU QA 79 50.06 126.69 -46.83
CA LEU QA 79 48.70 126.17 -46.89
C LEU QA 79 48.45 125.38 -48.16
N ILE QA 80 48.91 125.90 -49.30
CA ILE QA 80 48.72 125.20 -50.57
C ILE QA 80 49.44 123.87 -50.55
N GLU QA 81 50.69 123.86 -50.08
CA GLU QA 81 51.49 122.65 -50.04
C GLU QA 81 51.22 121.80 -48.81
N ALA QA 82 50.54 122.34 -47.79
CA ALA QA 82 50.31 121.58 -46.57
C ALA QA 82 49.43 120.36 -46.84
N MET QA 83 48.39 120.52 -47.66
CA MET QA 83 47.48 119.40 -47.91
C MET QA 83 48.20 118.23 -48.57
N GLN QA 84 49.26 118.51 -49.34
CA GLN QA 84 49.99 117.43 -50.01
C GLN QA 84 50.57 116.45 -49.00
N GLN QA 85 50.92 116.93 -47.80
CA GLN QA 85 51.48 116.05 -46.79
C GLN QA 85 50.49 114.97 -46.38
N ILE QA 86 49.21 115.35 -46.23
CA ILE QA 86 48.21 114.39 -45.79
C ILE QA 86 47.98 113.33 -46.86
N ILE QA 87 48.07 113.72 -48.13
CA ILE QA 87 47.81 112.78 -49.22
C ILE QA 87 48.74 111.58 -49.10
N LEU QA 88 50.04 111.83 -48.92
CA LEU QA 88 50.99 110.74 -48.76
C LEU QA 88 50.67 109.93 -47.51
N ALA QA 89 50.32 110.60 -46.41
CA ALA QA 89 50.01 109.89 -45.18
C ALA QA 89 48.76 109.03 -45.34
N MET QA 90 47.75 109.55 -46.05
CA MET QA 90 46.50 108.80 -46.19
C MET QA 90 46.75 107.45 -46.84
N THR QA 91 47.68 107.39 -47.80
CA THR QA 91 47.99 106.13 -48.45
C THR QA 91 48.55 105.12 -47.45
N ARG QA 92 49.41 105.57 -46.53
CA ARG QA 92 50.05 104.66 -45.60
C ARG QA 92 49.00 103.92 -44.77
N GLU QA 93 48.01 104.65 -44.25
CA GLU QA 93 46.93 103.99 -43.52
C GLU QA 93 46.07 103.17 -44.48
N LEU QA 94 45.81 103.70 -45.67
CA LEU QA 94 44.98 102.98 -46.63
C LEU QA 94 45.63 101.68 -47.08
N TRP QA 95 46.93 101.72 -47.35
CA TRP QA 95 47.62 100.51 -47.82
C TRP QA 95 47.62 99.43 -46.75
N GLY QA 96 47.51 99.82 -45.47
CA GLY QA 96 47.51 98.83 -44.42
C GLY QA 96 46.34 97.87 -44.51
N GLN QA 97 45.17 98.40 -44.87
CA GLN QA 97 43.99 97.53 -45.00
C GLN QA 97 44.09 96.63 -46.21
N ILE QA 98 44.77 97.09 -47.28
CA ILE QA 98 44.92 96.26 -48.47
C ILE QA 98 45.65 94.97 -48.13
N GLN QA 99 46.76 95.08 -47.40
CA GLN QA 99 47.54 93.89 -47.07
C GLN QA 99 46.77 92.97 -46.13
N ARG QA 100 45.94 93.53 -45.26
CA ARG QA 100 45.13 92.69 -44.39
C ARG QA 100 44.20 91.80 -45.19
N HIS QA 101 43.56 92.37 -46.22
CA HIS QA 101 42.67 91.58 -47.07
C HIS QA 101 43.45 90.53 -47.86
N HIS QA 102 44.56 90.95 -48.47
CA HIS QA 102 45.35 90.03 -49.28
C HIS QA 102 46.06 89.00 -48.42
N TYR QA 103 46.95 89.45 -47.54
CA TYR QA 103 47.74 88.54 -46.73
C TYR QA 103 46.97 88.06 -45.50
N GLY QA 104 46.59 88.99 -44.63
CA GLY QA 104 45.95 88.68 -43.38
C GLY QA 104 46.57 89.53 -42.28
N ILE QA 105 45.76 89.82 -41.26
CA ILE QA 105 46.23 90.71 -40.20
C ILE QA 105 47.43 90.11 -39.48
N VAL QA 106 47.36 88.83 -39.15
CA VAL QA 106 48.42 88.20 -38.37
C VAL QA 106 49.73 88.21 -39.15
N GLN QA 107 49.68 87.85 -40.43
CA GLN QA 107 50.90 87.79 -41.23
C GLN QA 107 51.53 89.15 -41.39
N VAL QA 108 50.70 90.20 -41.52
CA VAL QA 108 51.24 91.54 -41.75
C VAL QA 108 52.10 91.96 -40.57
N GLU QA 109 51.65 91.70 -39.35
CA GLU QA 109 52.42 92.10 -38.18
C GLU QA 109 53.85 91.60 -38.26
N HIS QA 110 54.02 90.31 -38.58
CA HIS QA 110 55.36 89.74 -38.72
C HIS QA 110 56.13 90.43 -39.84
N TYR QA 111 55.46 90.67 -40.98
CA TYR QA 111 56.16 91.26 -42.12
C TYR QA 111 56.71 92.64 -41.80
N VAL QA 112 55.91 93.47 -41.12
CA VAL QA 112 56.35 94.84 -40.84
C VAL QA 112 57.59 94.83 -39.96
N LYS QA 113 57.57 94.04 -38.89
CA LYS QA 113 58.72 94.00 -38.00
C LYS QA 113 59.95 93.48 -38.73
N GLN QA 114 59.78 92.45 -39.57
CA GLN QA 114 60.90 91.98 -40.38
C GLN QA 114 61.43 93.09 -41.28
N ILE QA 115 60.52 93.85 -41.89
CA ILE QA 115 60.95 94.99 -42.71
C ILE QA 115 61.64 96.02 -41.84
N THR QA 116 61.08 96.31 -40.66
CA THR QA 116 61.65 97.33 -39.80
C THR QA 116 63.07 96.95 -39.39
N LEU QA 117 63.26 95.73 -38.90
CA LEU QA 117 64.60 95.29 -38.56
C LEU QA 117 65.51 95.28 -39.78
N TRP QA 118 64.99 94.83 -40.92
CA TRP QA 118 65.78 94.85 -42.14
C TRP QA 118 66.18 96.28 -42.51
N GLN QA 119 65.24 97.22 -42.38
CA GLN QA 119 65.59 98.61 -42.65
C GLN QA 119 66.50 99.18 -41.59
N ASP QA 120 66.33 98.74 -40.33
CA ASP QA 120 67.16 99.26 -39.25
C ASP QA 120 68.63 98.89 -39.44
N THR QA 121 68.89 97.66 -39.82
CA THR QA 121 70.27 97.20 -39.96
C THR QA 121 70.96 98.00 -41.06
N PRO QA 122 72.24 98.37 -40.88
CA PRO QA 122 72.93 99.13 -41.92
C PRO QA 122 73.02 98.36 -43.23
N GLN QA 123 72.98 99.12 -44.33
CA GLN QA 123 72.96 98.51 -45.66
C GLN QA 123 74.20 97.67 -45.93
N ALA QA 124 75.30 97.91 -45.21
CA ALA QA 124 76.52 97.15 -45.45
C ALA QA 124 76.30 95.66 -45.21
N PHE QA 125 75.60 95.32 -44.13
CA PHE QA 125 75.31 93.93 -43.78
C PHE QA 125 73.82 93.73 -43.58
N ARG QA 126 73.00 94.50 -44.30
CA ARG QA 126 71.55 94.43 -44.11
C ARG QA 126 71.00 93.06 -44.51
N GLY QA 127 71.47 92.52 -45.63
CA GLY QA 127 71.00 91.24 -46.09
C GLY QA 127 69.87 91.37 -47.09
N ASP QA 128 69.43 90.21 -47.58
CA ASP QA 128 68.35 90.18 -48.55
C ASP QA 128 67.05 90.67 -47.94
N GLN QA 129 66.30 91.46 -48.71
CA GLN QA 129 65.03 91.96 -48.23
C GLN QA 129 64.03 90.81 -48.10
N PRO QA 130 63.32 90.70 -46.98
CA PRO QA 130 62.36 89.61 -46.83
C PRO QA 130 61.20 89.75 -47.79
N LYS QA 131 60.64 88.61 -48.17
CA LYS QA 131 59.52 88.57 -49.10
C LYS QA 131 58.20 88.64 -48.35
N PRO QA 132 57.13 89.08 -49.02
CA PRO QA 132 55.83 89.18 -48.36
C PRO QA 132 55.35 87.81 -47.88
N PRO QA 133 54.42 87.78 -46.93
CA PRO QA 133 53.91 86.49 -46.45
C PRO QA 133 53.05 85.77 -47.46
N SER QA 134 52.50 84.63 -47.07
CA SER QA 134 51.62 83.87 -47.94
C SER QA 134 50.21 84.45 -47.91
N PHE QA 135 49.51 84.33 -49.04
CA PHE QA 135 48.17 84.85 -49.15
C PHE QA 135 47.20 84.10 -48.24
N THR RA 3 32.93 108.08 -56.33
CA THR RA 3 32.50 106.89 -57.05
C THR RA 3 32.71 105.60 -56.26
N PHE RA 4 33.81 105.49 -55.51
CA PHE RA 4 34.07 104.26 -54.78
C PHE RA 4 32.96 103.97 -53.77
N ILE RA 5 32.51 104.99 -53.05
CA ILE RA 5 31.46 104.79 -52.06
C ILE RA 5 30.18 104.33 -52.75
N GLU RA 6 29.92 104.83 -53.96
CA GLU RA 6 28.75 104.41 -54.70
C GLU RA 6 28.81 102.92 -55.01
N LEU RA 7 29.99 102.41 -55.35
CA LEU RA 7 30.13 100.98 -55.63
C LEU RA 7 29.76 100.15 -54.41
N VAL RA 8 30.19 100.59 -53.22
CA VAL RA 8 29.83 99.87 -52.01
C VAL RA 8 28.32 99.87 -51.82
N LYS RA 9 27.69 101.03 -52.04
CA LYS RA 9 26.25 101.13 -51.88
C LYS RA 9 25.50 100.25 -52.88
N ASN RA 10 26.17 99.78 -53.92
CA ASN RA 10 25.59 98.89 -54.90
C ASN RA 10 25.76 97.42 -54.55
N MET RA 11 26.35 97.12 -53.40
CA MET RA 11 26.64 95.74 -53.03
C MET RA 11 25.39 95.07 -52.45
N LYS RA 12 25.57 93.83 -52.00
CA LYS RA 12 24.53 93.05 -51.37
C LYS RA 12 24.83 92.91 -49.88
N GLY RA 13 23.85 93.19 -49.05
CA GLY RA 13 24.03 93.15 -47.61
C GLY RA 13 24.57 94.42 -47.01
N TYR RA 14 24.89 95.43 -47.81
CA TYR RA 14 25.38 96.69 -47.29
C TYR RA 14 24.31 97.38 -46.46
N LYS RA 15 24.73 97.99 -45.36
CA LYS RA 15 23.82 98.67 -44.44
C LYS RA 15 24.45 99.98 -44.00
N GLU RA 16 23.63 101.02 -43.93
CA GLU RA 16 24.12 102.34 -43.52
C GLU RA 16 24.52 102.33 -42.05
N LEU RA 17 25.58 103.06 -41.74
CA LEU RA 17 26.04 103.23 -40.37
C LEU RA 17 26.30 104.68 -40.00
N LEU RA 18 26.37 105.59 -40.96
CA LEU RA 18 26.60 107.00 -40.68
C LEU RA 18 25.27 107.70 -40.41
N LEU RA 19 25.34 109.00 -40.24
CA LEU RA 19 24.19 109.83 -39.88
C LEU RA 19 24.19 111.08 -40.74
N PRO RA 20 23.05 111.76 -40.85
CA PRO RA 20 23.01 112.99 -41.64
C PRO RA 20 23.99 114.03 -41.09
N MET RA 21 24.53 114.83 -42.01
CA MET RA 21 25.51 115.83 -41.62
C MET RA 21 24.97 116.73 -40.52
N GLU RA 22 23.67 117.03 -40.55
CA GLU RA 22 23.10 117.89 -39.53
C GLU RA 22 23.16 117.24 -38.15
N MET RA 23 22.88 115.94 -38.08
CA MET RA 23 22.89 115.20 -36.82
C MET RA 23 24.32 114.72 -36.50
N VAL RA 24 25.24 115.67 -36.49
CA VAL RA 24 26.63 115.39 -36.17
C VAL RA 24 27.12 116.46 -35.19
N PRO RA 25 27.69 116.09 -34.05
CA PRO RA 25 28.19 117.09 -33.11
C PRO RA 25 29.22 118.02 -33.76
N LEU RA 26 29.52 119.10 -33.05
CA LEU RA 26 30.49 120.06 -33.51
C LEU RA 26 31.90 119.48 -33.40
N PRO RA 27 32.86 120.03 -34.16
CA PRO RA 27 34.24 119.52 -34.06
C PRO RA 27 34.87 119.80 -32.71
N ALA RA 28 36.12 119.39 -32.53
CA ALA RA 28 36.84 119.62 -31.27
C ALA RA 28 36.16 118.88 -30.12
N VAL RA 29 34.96 119.31 -29.76
CA VAL RA 29 34.26 118.69 -28.64
C VAL RA 29 33.99 117.22 -28.93
N VAL RA 30 33.62 116.91 -30.18
CA VAL RA 30 33.35 115.52 -30.55
C VAL RA 30 34.60 114.66 -30.35
N LEU RA 31 35.78 115.25 -30.49
CA LEU RA 31 37.01 114.50 -30.28
C LEU RA 31 37.18 114.02 -28.85
N LYS RA 32 36.43 114.60 -27.90
CA LYS RA 32 36.58 114.22 -26.51
C LYS RA 32 36.21 112.76 -26.28
N HIS RA 33 35.17 112.28 -26.96
CA HIS RA 33 34.80 110.88 -26.84
C HIS RA 33 35.94 109.96 -27.24
N VAL RA 34 36.85 110.44 -28.08
CA VAL RA 34 38.00 109.64 -28.48
C VAL RA 34 38.84 109.28 -27.26
N LYS RA 35 39.12 110.27 -26.40
CA LYS RA 35 39.92 110.02 -25.22
C LYS RA 35 39.22 109.07 -24.27
N LEU RA 36 37.90 109.22 -24.11
CA LEU RA 36 37.15 108.40 -23.17
C LEU RA 36 37.07 106.95 -23.62
N ILE RA 37 37.44 106.64 -24.87
CA ILE RA 37 37.34 105.29 -25.39
C ILE RA 37 38.74 104.72 -25.60
N LEU RA 38 39.71 105.60 -25.82
CA LEU RA 38 41.10 105.18 -25.95
C LEU RA 38 41.79 105.09 -24.59
N THR RA 39 41.76 106.18 -23.83
CA THR RA 39 42.42 106.20 -22.53
C THR RA 39 41.80 105.16 -21.59
N SER RA 40 40.47 105.08 -21.58
CA SER RA 40 39.76 104.11 -20.74
C SER RA 40 39.60 102.78 -21.49
N GLN RA 41 40.73 102.23 -21.91
CA GLN RA 41 40.72 100.99 -22.68
C GLN RA 41 42.04 100.27 -22.50
N LYS RA 42 42.03 98.99 -22.85
CA LYS RA 42 43.21 98.14 -22.79
C LYS RA 42 43.04 97.02 -23.80
N GLU RA 43 44.11 96.26 -24.01
CA GLU RA 43 44.12 95.18 -25.00
C GLU RA 43 43.85 95.74 -26.40
N HIS RA 44 44.80 96.57 -26.83
CA HIS RA 44 44.74 97.23 -28.13
C HIS RA 44 44.21 96.31 -29.21
N GLN RA 45 43.14 96.72 -29.87
CA GLN RA 45 42.50 95.97 -30.94
C GLN RA 45 42.69 96.68 -32.26
N PRO RA 46 42.58 95.96 -33.38
CA PRO RA 46 42.85 96.59 -34.69
C PRO RA 46 42.01 97.81 -34.95
N TRP RA 47 40.72 97.79 -34.56
CA TRP RA 47 39.85 98.92 -34.86
C TRP RA 47 40.24 100.16 -34.08
N MET RA 48 40.89 100.00 -32.94
CA MET RA 48 41.30 101.15 -32.15
C MET RA 48 42.29 102.01 -32.92
N THR RA 49 43.23 101.38 -33.63
CA THR RA 49 44.19 102.15 -34.41
C THR RA 49 43.48 102.93 -35.52
N GLU RA 50 42.47 102.32 -36.15
CA GLU RA 50 41.74 103.01 -37.20
C GLU RA 50 41.12 104.30 -36.68
N MET RA 51 40.50 104.24 -35.50
CA MET RA 51 39.92 105.44 -34.91
C MET RA 51 41.00 106.47 -34.61
N ALA RA 52 42.13 106.03 -34.06
CA ALA RA 52 43.20 106.96 -33.71
C ALA RA 52 43.75 107.67 -34.93
N LEU RA 53 43.96 106.93 -36.02
CA LEU RA 53 44.53 107.50 -37.22
C LEU RA 53 43.54 108.37 -37.99
N LYS RA 54 42.26 108.32 -37.63
CA LYS RA 54 41.25 109.16 -38.26
C LYS RA 54 40.96 110.43 -37.46
N ALA RA 55 40.83 110.31 -36.15
CA ALA RA 55 40.54 111.48 -35.32
C ALA RA 55 41.68 112.49 -35.37
N ASP RA 56 42.92 112.01 -35.33
CA ASP RA 56 44.07 112.90 -35.36
C ASP RA 56 44.13 113.72 -36.64
N GLN RA 57 43.50 113.25 -37.71
CA GLN RA 57 43.52 113.99 -38.97
C GLN RA 57 42.82 115.35 -38.83
N CYS RA 58 41.72 115.38 -38.06
CA CYS RA 58 41.00 116.64 -37.89
C CYS RA 58 41.90 117.71 -37.29
N LEU RA 59 42.72 117.33 -36.31
CA LEU RA 59 43.66 118.29 -35.72
C LEU RA 59 44.65 118.80 -36.78
N ILE RA 60 45.12 117.91 -37.65
CA ILE RA 60 46.05 118.31 -38.70
C ILE RA 60 45.39 119.33 -39.61
N HIS RA 61 44.17 119.03 -40.07
CA HIS RA 61 43.42 120.00 -40.87
C HIS RA 61 43.10 121.24 -40.04
N LYS RA 62 42.71 121.05 -38.78
CA LYS RA 62 42.41 122.20 -37.92
C LYS RA 62 43.66 123.03 -37.68
N ALA RA 63 44.81 122.38 -37.54
CA ALA RA 63 46.05 123.12 -37.30
C ALA RA 63 46.38 124.09 -38.43
N THR RA 64 45.90 123.82 -39.64
CA THR RA 64 46.17 124.71 -40.77
C THR RA 64 45.46 126.06 -40.62
N LEU RA 65 44.44 126.14 -39.77
CA LEU RA 65 43.74 127.40 -39.58
C LEU RA 65 44.67 128.50 -39.11
N ASP RA 66 45.71 128.15 -38.34
CA ASP RA 66 46.69 129.16 -37.93
C ASP RA 66 47.37 129.77 -39.14
N PRO RA 78 39.10 128.77 -52.49
CA PRO RA 78 38.63 127.37 -52.55
C PRO RA 78 39.47 126.44 -51.71
N LEU RA 79 40.79 126.67 -51.63
CA LEU RA 79 41.65 125.82 -50.83
C LEU RA 79 41.27 125.90 -49.35
N ILE RA 80 41.02 127.11 -48.86
CA ILE RA 80 40.64 127.29 -47.46
C ILE RA 80 39.25 126.74 -47.22
N GLU RA 81 38.31 127.03 -48.12
CA GLU RA 81 36.95 126.55 -47.97
C GLU RA 81 36.89 125.03 -48.04
N ALA RA 82 37.64 124.43 -48.96
CA ALA RA 82 37.55 122.99 -49.18
C ALA RA 82 37.93 122.22 -47.93
N MET RA 83 38.99 122.65 -47.24
CA MET RA 83 39.44 121.93 -46.05
C MET RA 83 38.36 121.91 -44.98
N GLN RA 84 37.67 123.03 -44.79
CA GLN RA 84 36.63 123.09 -43.77
C GLN RA 84 35.51 122.08 -44.06
N GLN RA 85 35.16 121.93 -45.34
CA GLN RA 85 34.10 120.98 -45.70
C GLN RA 85 34.52 119.55 -45.36
N ILE RA 86 35.79 119.21 -45.58
CA ILE RA 86 36.25 117.85 -45.36
C ILE RA 86 36.12 117.46 -43.90
N ILE RA 87 36.32 118.42 -42.99
CA ILE RA 87 36.28 118.10 -41.56
C ILE RA 87 34.91 117.53 -41.20
N LEU RA 88 33.85 118.08 -41.77
CA LEU RA 88 32.50 117.57 -41.49
C LEU RA 88 32.39 116.11 -41.91
N ALA RA 89 32.91 115.77 -43.09
CA ALA RA 89 32.81 114.39 -43.57
C ALA RA 89 33.55 113.44 -42.65
N MET RA 90 34.76 113.80 -42.22
CA MET RA 90 35.51 112.93 -41.32
C MET RA 90 34.81 112.84 -39.97
N THR RA 91 34.24 113.94 -39.48
CA THR RA 91 33.55 113.92 -38.21
C THR RA 91 32.38 112.95 -38.24
N ARG RA 92 31.66 112.89 -39.37
CA ARG RA 92 30.56 111.96 -39.49
C ARG RA 92 31.04 110.52 -39.34
N GLU RA 93 32.17 110.19 -39.95
CA GLU RA 93 32.70 108.83 -39.83
C GLU RA 93 33.08 108.51 -38.39
N LEU RA 94 33.64 109.48 -37.68
CA LEU RA 94 34.05 109.24 -36.30
C LEU RA 94 32.87 108.81 -35.43
N TRP RA 95 31.73 109.50 -35.58
CA TRP RA 95 30.58 109.19 -34.75
C TRP RA 95 30.08 107.77 -34.98
N GLY RA 96 30.06 107.33 -36.24
CA GLY RA 96 29.59 105.99 -36.52
C GLY RA 96 30.43 104.93 -35.82
N GLN RA 97 31.75 105.12 -35.80
CA GLN RA 97 32.62 104.18 -35.10
C GLN RA 97 32.31 104.17 -33.61
N ILE RA 98 32.07 105.35 -33.04
CA ILE RA 98 31.78 105.43 -31.61
C ILE RA 98 30.52 104.65 -31.27
N GLN RA 99 29.46 104.85 -32.06
CA GLN RA 99 28.23 104.09 -31.86
C GLN RA 99 28.45 102.62 -32.16
N ARG RA 100 29.32 102.29 -33.12
CA ARG RA 100 29.66 100.89 -33.40
C ARG RA 100 30.30 100.22 -32.19
N HIS RA 101 30.82 101.01 -31.24
CA HIS RA 101 31.42 100.47 -30.03
C HIS RA 101 30.50 100.57 -28.82
N HIS RA 102 29.85 101.72 -28.62
CA HIS RA 102 29.00 101.92 -27.46
C HIS RA 102 27.75 101.04 -27.55
N TYR RA 103 26.94 101.27 -28.57
CA TYR RA 103 25.67 100.54 -28.73
C TYR RA 103 25.83 99.35 -29.67
N GLY RA 104 26.83 98.51 -29.40
CA GLY RA 104 27.02 97.34 -30.22
C GLY RA 104 27.37 97.74 -31.65
N ILE RA 105 27.26 96.76 -32.55
CA ILE RA 105 27.51 96.98 -33.97
C ILE RA 105 26.28 96.54 -34.76
N VAL RA 106 25.50 95.63 -34.18
CA VAL RA 106 24.29 95.16 -34.86
C VAL RA 106 23.12 96.09 -34.58
N GLN RA 107 22.93 96.46 -33.31
CA GLN RA 107 21.84 97.35 -32.94
C GLN RA 107 21.99 98.73 -33.56
N VAL RA 108 23.21 99.11 -33.96
CA VAL RA 108 23.43 100.43 -34.54
C VAL RA 108 22.64 100.56 -35.85
N GLU RA 109 22.69 99.52 -36.69
CA GLU RA 109 22.00 99.58 -37.97
C GLU RA 109 20.50 99.81 -37.77
N HIS RA 110 19.91 99.14 -36.79
CA HIS RA 110 18.48 99.32 -36.54
C HIS RA 110 18.17 100.76 -36.17
N TYR RA 111 19.00 101.38 -35.33
CA TYR RA 111 18.75 102.76 -34.92
C TYR RA 111 18.82 103.71 -36.12
N VAL RA 112 19.88 103.60 -36.93
CA VAL RA 112 20.01 104.48 -38.07
C VAL RA 112 18.90 104.22 -39.08
N LYS RA 113 18.48 102.96 -39.20
CA LYS RA 113 17.35 102.65 -40.09
C LYS RA 113 16.13 103.46 -39.70
N GLN RA 114 15.83 103.54 -38.41
CA GLN RA 114 14.68 104.32 -37.96
C GLN RA 114 14.93 105.81 -38.12
N ILE RA 115 16.17 106.25 -37.92
CA ILE RA 115 16.49 107.67 -38.05
C ILE RA 115 16.16 108.15 -39.46
N THR RA 116 16.52 107.36 -40.47
CA THR RA 116 16.25 107.76 -41.85
C THR RA 116 14.76 107.92 -42.09
N LEU RA 117 13.96 106.97 -41.62
CA LEU RA 117 12.52 107.06 -41.79
C LEU RA 117 11.95 108.24 -41.01
N TRP RA 118 12.42 108.44 -39.77
CA TRP RA 118 11.86 109.48 -38.92
C TRP RA 118 12.15 110.89 -39.45
N GLN RA 119 13.18 111.05 -40.28
CA GLN RA 119 13.54 112.36 -40.82
C GLN RA 119 13.06 112.55 -42.25
N ASP RA 120 13.10 111.50 -43.06
CA ASP RA 120 12.70 111.65 -44.47
C ASP RA 120 11.23 112.02 -44.59
N THR RA 121 10.38 111.43 -43.75
CA THR RA 121 8.96 111.75 -43.79
C THR RA 121 8.75 113.21 -43.40
N PRO RA 122 7.68 113.83 -43.88
CA PRO RA 122 7.44 115.24 -43.53
C PRO RA 122 7.23 115.41 -42.04
N GLN RA 123 7.61 116.60 -41.54
CA GLN RA 123 7.55 116.86 -40.11
C GLN RA 123 6.15 116.71 -39.54
N ALA RA 124 5.12 116.80 -40.38
CA ALA RA 124 3.75 116.66 -39.91
C ALA RA 124 3.38 115.21 -39.58
N PHE RA 125 4.23 114.25 -39.93
CA PHE RA 125 3.94 112.83 -39.71
C PHE RA 125 4.97 112.12 -38.86
N ARG RA 126 6.11 112.75 -38.55
CA ARG RA 126 7.18 112.06 -37.86
C ARG RA 126 6.70 111.52 -36.51
N GLY RA 127 6.30 112.42 -35.61
CA GLY RA 127 5.89 112.04 -34.27
C GLY RA 127 6.92 112.36 -33.23
N ASP RA 128 7.60 111.33 -32.71
CA ASP RA 128 8.61 111.49 -31.67
C ASP RA 128 9.90 110.81 -32.12
N GLN RA 129 11.02 111.42 -31.77
CA GLN RA 129 12.31 110.85 -32.14
C GLN RA 129 12.49 109.50 -31.47
N PRO RA 130 12.96 108.48 -32.20
CA PRO RA 130 13.21 107.18 -31.57
C PRO RA 130 14.52 107.19 -30.78
N LYS RA 131 14.43 106.96 -29.48
CA LYS RA 131 15.61 107.01 -28.64
C LYS RA 131 16.57 105.89 -29.02
N PRO RA 132 17.87 106.19 -29.13
CA PRO RA 132 18.83 105.14 -29.47
C PRO RA 132 18.92 104.11 -28.37
N PRO RA 133 19.27 102.86 -28.69
CA PRO RA 133 19.40 101.85 -27.64
C PRO RA 133 20.53 102.18 -26.68
N SER RA 134 20.37 101.75 -25.44
CA SER RA 134 21.35 102.02 -24.40
C SER RA 134 22.59 101.14 -24.61
N PHE RA 135 23.52 101.24 -23.66
CA PHE RA 135 24.78 100.48 -23.73
C PHE RA 135 24.49 99.03 -23.38
N THR SA 3 -10.00 102.78 -65.67
CA THR SA 3 -11.14 101.88 -65.60
C THR SA 3 -10.75 100.53 -65.00
N PHE SA 4 -9.48 100.14 -65.10
CA PHE SA 4 -9.06 98.88 -64.49
C PHE SA 4 -9.27 98.90 -62.98
N ILE SA 5 -8.99 100.03 -62.34
CA ILE SA 5 -9.19 100.14 -60.89
C ILE SA 5 -10.65 99.88 -60.56
N GLU SA 6 -11.56 100.39 -61.39
CA GLU SA 6 -12.98 100.09 -61.20
C GLU SA 6 -13.23 98.59 -61.31
N LEU SA 7 -12.58 97.93 -62.26
CA LEU SA 7 -12.76 96.49 -62.40
C LEU SA 7 -12.30 95.75 -61.16
N VAL SA 8 -11.38 96.34 -60.40
CA VAL SA 8 -10.91 95.73 -59.16
C VAL SA 8 -11.53 96.38 -57.93
N LYS SA 9 -12.06 97.59 -58.05
CA LYS SA 9 -12.67 98.25 -56.90
C LYS SA 9 -13.79 97.41 -56.30
N ASN SA 10 -14.45 96.59 -57.12
CA ASN SA 10 -15.49 95.70 -56.64
C ASN SA 10 -14.95 94.41 -56.04
N MET SA 11 -13.67 94.10 -56.24
CA MET SA 11 -13.10 92.89 -55.69
C MET SA 11 -13.09 92.94 -54.17
N LYS SA 12 -13.24 91.77 -53.55
CA LYS SA 12 -13.28 91.70 -52.09
C LYS SA 12 -11.96 92.16 -51.48
N GLY SA 13 -10.84 91.75 -52.05
CA GLY SA 13 -9.54 92.05 -51.48
C GLY SA 13 -8.94 93.35 -51.97
N TYR SA 14 -9.70 94.12 -52.74
CA TYR SA 14 -9.21 95.38 -53.25
C TYR SA 14 -8.92 96.36 -52.11
N LYS SA 15 -7.84 97.11 -52.24
CA LYS SA 15 -7.42 98.04 -51.20
C LYS SA 15 -6.94 99.34 -51.86
N GLU SA 16 -7.04 100.43 -51.10
CA GLU SA 16 -6.57 101.74 -51.56
C GLU SA 16 -5.09 101.86 -51.18
N LEU SA 17 -4.24 101.21 -51.99
CA LEU SA 17 -2.81 101.26 -51.75
C LEU SA 17 -2.22 102.65 -51.98
N LEU SA 18 -2.93 103.50 -52.70
CA LEU SA 18 -2.45 104.86 -52.99
C LEU SA 18 -2.57 105.69 -51.72
N LEU SA 19 -1.45 105.89 -51.02
CA LEU SA 19 -1.47 106.64 -49.78
C LEU SA 19 -1.61 108.13 -50.07
N PRO SA 20 -1.96 108.92 -49.05
CA PRO SA 20 -2.14 110.36 -49.28
C PRO SA 20 -0.88 111.01 -49.84
N MET SA 21 -1.08 111.99 -50.73
CA MET SA 21 0.05 112.67 -51.34
C MET SA 21 0.91 113.36 -50.29
N GLU SA 22 0.28 114.02 -49.32
CA GLU SA 22 1.03 114.69 -48.27
C GLU SA 22 1.85 113.70 -47.45
N MET SA 23 1.37 112.46 -47.33
CA MET SA 23 2.05 111.48 -46.51
C MET SA 23 3.45 111.15 -47.05
N VAL SA 24 3.55 110.98 -48.37
CA VAL SA 24 4.81 110.56 -48.99
C VAL SA 24 5.76 111.74 -49.12
N PRO SA 25 7.07 111.51 -49.14
CA PRO SA 25 8.02 112.63 -49.34
C PRO SA 25 8.22 112.95 -50.80
N LEU SA 26 9.17 113.84 -51.09
CA LEU SA 26 9.46 114.21 -52.46
C LEU SA 26 10.05 113.03 -53.23
N PRO SA 27 9.96 113.05 -54.56
CA PRO SA 27 10.45 111.89 -55.34
C PRO SA 27 11.90 111.56 -55.09
N ALA SA 28 12.75 112.57 -54.92
CA ALA SA 28 14.19 112.32 -54.77
C ALA SA 28 14.48 111.47 -53.54
N VAL SA 29 13.81 111.77 -52.42
CA VAL SA 29 14.10 111.04 -51.19
C VAL SA 29 13.66 109.58 -51.31
N VAL SA 30 12.55 109.33 -52.00
CA VAL SA 30 12.06 107.95 -52.10
C VAL SA 30 13.08 107.08 -52.80
N LEU SA 31 13.69 107.59 -53.88
CA LEU SA 31 14.68 106.81 -54.60
C LEU SA 31 15.79 106.33 -53.67
N LYS SA 32 16.11 107.12 -52.63
CA LYS SA 32 17.16 106.72 -51.70
C LYS SA 32 16.80 105.41 -51.00
N HIS SA 33 15.53 105.29 -50.57
CA HIS SA 33 15.12 104.08 -49.84
C HIS SA 33 15.07 102.87 -50.76
N VAL SA 34 14.84 103.08 -52.05
CA VAL SA 34 14.78 101.95 -52.98
C VAL SA 34 16.13 101.25 -53.03
N LYS SA 35 17.22 102.02 -53.10
CA LYS SA 35 18.55 101.42 -53.07
C LYS SA 35 18.79 100.72 -51.73
N LEU SA 36 18.39 101.36 -50.63
CA LEU SA 36 18.63 100.79 -49.32
C LEU SA 36 17.84 99.51 -49.11
N ILE SA 37 16.56 99.50 -49.50
CA ILE SA 37 15.73 98.32 -49.29
C ILE SA 37 16.17 97.20 -50.21
N LEU SA 38 16.43 97.51 -51.48
CA LEU SA 38 16.91 96.49 -52.41
C LEU SA 38 18.26 95.94 -51.96
N THR SA 39 19.17 96.82 -51.56
CA THR SA 39 20.48 96.38 -51.11
C THR SA 39 20.38 95.51 -49.87
N SER SA 40 19.56 95.92 -48.89
CA SER SA 40 19.43 95.15 -47.66
C SER SA 40 18.83 93.77 -47.93
N GLN SA 41 17.81 93.70 -48.78
CA GLN SA 41 17.14 92.44 -49.05
C GLN SA 41 18.08 91.52 -49.83
N LYS SA 42 18.01 90.22 -49.51
CA LYS SA 42 18.89 89.23 -50.12
C LYS SA 42 18.15 88.22 -50.98
N GLU SA 43 17.10 87.60 -50.45
CA GLU SA 43 16.37 86.59 -51.22
C GLU SA 43 15.75 87.22 -52.46
N HIS SA 44 15.83 86.51 -53.58
CA HIS SA 44 15.33 87.01 -54.85
C HIS SA 44 13.88 86.59 -55.03
N GLN SA 45 13.00 87.58 -55.19
CA GLN SA 45 11.59 87.38 -55.49
C GLN SA 45 11.19 88.31 -56.61
N PRO SA 46 10.11 88.01 -57.33
CA PRO SA 46 9.72 88.85 -58.46
C PRO SA 46 9.42 90.29 -58.09
N TRP SA 47 9.01 90.56 -56.85
CA TRP SA 47 8.61 91.92 -56.50
C TRP SA 47 9.79 92.88 -56.60
N MET SA 48 10.95 92.48 -56.10
CA MET SA 48 12.13 93.36 -56.18
C MET SA 48 12.53 93.58 -57.63
N THR SA 49 12.46 92.54 -58.46
CA THR SA 49 12.76 92.70 -59.87
C THR SA 49 11.81 93.69 -60.53
N GLU SA 50 10.51 93.59 -60.23
CA GLU SA 50 9.55 94.53 -60.76
C GLU SA 50 9.60 95.87 -60.02
N MET SA 51 9.99 95.85 -58.75
CA MET SA 51 10.06 97.10 -57.98
C MET SA 51 11.10 98.04 -58.58
N ALA SA 52 12.25 97.52 -58.99
CA ALA SA 52 13.28 98.35 -59.60
C ALA SA 52 12.78 98.96 -60.90
N LEU SA 53 12.09 98.17 -61.73
CA LEU SA 53 11.60 98.67 -63.01
C LEU SA 53 10.63 99.82 -62.81
N LYS SA 54 9.73 99.69 -61.84
CA LYS SA 54 8.74 100.74 -61.60
C LYS SA 54 9.42 102.05 -61.20
N ALA SA 55 10.45 101.96 -60.36
CA ALA SA 55 11.16 103.16 -59.93
C ALA SA 55 12.04 103.73 -61.03
N ASP SA 56 12.50 102.87 -61.95
CA ASP SA 56 13.40 103.33 -63.01
C ASP SA 56 12.73 104.39 -63.88
N GLN SA 57 11.45 104.21 -64.18
CA GLN SA 57 10.77 105.14 -65.07
C GLN SA 57 10.86 106.58 -64.55
N CYS SA 58 10.80 106.75 -63.23
CA CYS SA 58 10.86 108.09 -62.66
C CYS SA 58 12.18 108.78 -63.02
N LEU SA 59 13.28 108.01 -63.10
CA LEU SA 59 14.56 108.62 -63.43
C LEU SA 59 14.55 109.23 -64.83
N ILE SA 60 13.93 108.54 -65.79
CA ILE SA 60 13.89 109.05 -67.16
C ILE SA 60 13.15 110.37 -67.20
N HIS SA 61 12.03 110.46 -66.49
CA HIS SA 61 11.26 111.70 -66.48
C HIS SA 61 12.06 112.85 -65.88
N LYS SA 62 12.93 112.56 -64.91
CA LYS SA 62 13.77 113.60 -64.33
C LYS SA 62 14.62 114.27 -65.40
N ALA SA 63 15.31 113.46 -66.22
CA ALA SA 63 16.13 114.01 -67.29
C ALA SA 63 15.30 114.49 -68.47
N THR SA 64 14.17 113.83 -68.74
CA THR SA 64 13.33 114.24 -69.86
C THR SA 64 12.87 115.69 -69.70
N LEU SA 65 12.36 116.02 -68.52
CA LEU SA 65 11.94 117.40 -68.25
C LEU SA 65 13.14 118.31 -68.03
N PRO SA 78 -0.07 121.78 -71.05
CA PRO SA 78 -0.77 120.59 -70.51
C PRO SA 78 0.10 119.35 -70.51
N LEU SA 79 0.96 119.18 -71.51
CA LEU SA 79 1.81 117.98 -71.57
C LEU SA 79 2.81 117.97 -70.42
N ILE SA 80 3.53 119.07 -70.23
CA ILE SA 80 4.55 119.12 -69.18
C ILE SA 80 3.89 119.01 -67.80
N GLU SA 81 2.79 119.72 -67.59
CA GLU SA 81 2.13 119.71 -66.29
C GLU SA 81 1.67 118.30 -65.93
N ALA SA 82 1.13 117.56 -66.89
CA ALA SA 82 0.66 116.21 -66.61
C ALA SA 82 1.80 115.32 -66.16
N MET SA 83 2.97 115.45 -66.78
CA MET SA 83 4.12 114.62 -66.39
C MET SA 83 4.49 114.86 -64.93
N GLN SA 84 4.42 116.11 -64.48
CA GLN SA 84 4.73 116.41 -63.08
C GLN SA 84 3.82 115.63 -62.14
N GLN SA 85 2.53 115.59 -62.45
CA GLN SA 85 1.59 114.81 -61.65
C GLN SA 85 1.85 113.32 -61.79
N ILE SA 86 2.25 112.88 -62.98
CA ILE SA 86 2.51 111.46 -63.20
C ILE SA 86 3.65 110.98 -62.31
N ILE SA 87 4.71 111.77 -62.19
CA ILE SA 87 5.83 111.37 -61.35
C ILE SA 87 5.36 111.17 -59.91
N LEU SA 88 4.55 112.10 -59.40
CA LEU SA 88 4.03 111.96 -58.04
C LEU SA 88 3.14 110.73 -57.91
N ALA SA 89 2.46 110.35 -59.00
CA ALA SA 89 1.61 109.17 -58.95
C ALA SA 89 2.41 107.91 -58.65
N MET SA 90 3.58 107.78 -59.28
CA MET SA 90 4.41 106.60 -59.04
C MET SA 90 5.03 106.62 -57.65
N THR SA 91 5.33 107.81 -57.13
CA THR SA 91 5.93 107.89 -55.80
C THR SA 91 5.01 107.31 -54.74
N ARG SA 92 3.72 107.60 -54.82
CA ARG SA 92 2.77 107.03 -53.87
C ARG SA 92 2.76 105.51 -53.96
N GLU SA 93 2.78 104.97 -55.19
CA GLU SA 93 2.79 103.53 -55.37
C GLU SA 93 4.08 102.93 -54.81
N LEU SA 94 5.22 103.58 -55.06
CA LEU SA 94 6.49 103.05 -54.58
C LEU SA 94 6.55 103.03 -53.05
N TRP SA 95 6.10 104.11 -52.41
CA TRP SA 95 6.18 104.17 -50.96
C TRP SA 95 5.34 103.09 -50.30
N GLY SA 96 4.28 102.64 -50.97
CA GLY SA 96 3.47 101.58 -50.40
C GLY SA 96 4.24 100.29 -50.24
N GLN SA 97 4.97 99.89 -51.28
CA GLN SA 97 5.78 98.69 -51.20
C GLN SA 97 6.88 98.84 -50.15
N ILE SA 98 7.44 100.05 -50.03
CA ILE SA 98 8.48 100.29 -49.04
C ILE SA 98 7.94 100.04 -47.64
N GLN SA 99 6.79 100.63 -47.32
CA GLN SA 99 6.22 100.49 -45.98
C GLN SA 99 5.72 99.07 -45.74
N ARG SA 100 5.06 98.47 -46.74
CA ARG SA 100 4.54 97.12 -46.58
C ARG SA 100 5.68 96.12 -46.37
N HIS SA 101 6.78 96.28 -47.12
CA HIS SA 101 7.90 95.36 -46.96
C HIS SA 101 8.56 95.52 -45.59
N HIS SA 102 8.77 96.76 -45.14
CA HIS SA 102 9.42 96.98 -43.86
C HIS SA 102 8.57 96.48 -42.71
N TYR SA 103 7.30 96.90 -42.67
CA TYR SA 103 6.41 96.53 -41.58
C TYR SA 103 5.54 95.34 -41.94
N GLY SA 104 4.74 95.48 -42.99
CA GLY SA 104 3.82 94.43 -43.40
C GLY SA 104 2.65 95.00 -44.15
N ILE SA 105 1.99 94.13 -44.92
CA ILE SA 105 0.87 94.56 -45.75
C ILE SA 105 -0.29 95.02 -44.88
N VAL SA 106 -0.61 94.26 -43.84
CA VAL SA 106 -1.77 94.58 -43.01
C VAL SA 106 -1.51 95.86 -42.22
N GLN SA 107 -0.29 96.02 -41.70
CA GLN SA 107 0.00 97.17 -40.84
C GLN SA 107 -0.20 98.48 -41.58
N VAL SA 108 0.28 98.57 -42.82
CA VAL SA 108 0.11 99.79 -43.60
C VAL SA 108 -1.36 100.07 -43.82
N GLU SA 109 -2.12 99.05 -44.23
CA GLU SA 109 -3.56 99.22 -44.41
C GLU SA 109 -4.22 99.58 -43.08
N HIS SA 110 -3.71 99.07 -41.97
CA HIS SA 110 -4.27 99.34 -40.66
C HIS SA 110 -3.90 100.73 -40.16
N TYR SA 111 -2.67 101.17 -40.46
CA TYR SA 111 -2.16 102.43 -39.91
C TYR SA 111 -2.47 103.65 -40.77
N VAL SA 112 -2.64 103.46 -42.08
CA VAL SA 112 -2.84 104.61 -42.96
C VAL SA 112 -4.11 105.36 -42.58
N LYS SA 113 -5.19 104.62 -42.30
CA LYS SA 113 -6.46 105.27 -41.99
C LYS SA 113 -6.38 106.08 -40.70
N GLN SA 114 -5.63 105.58 -39.72
CA GLN SA 114 -5.59 106.24 -38.42
C GLN SA 114 -5.09 107.68 -38.55
N ILE SA 115 -4.00 107.89 -39.29
CA ILE SA 115 -3.44 109.22 -39.42
C ILE SA 115 -4.39 110.13 -40.19
N THR SA 116 -5.09 109.59 -41.19
CA THR SA 116 -6.02 110.40 -41.95
C THR SA 116 -7.13 110.93 -41.05
N LEU SA 117 -7.64 110.08 -40.14
CA LEU SA 117 -8.66 110.54 -39.22
C LEU SA 117 -8.15 111.65 -38.32
N TRP SA 118 -6.91 111.52 -37.82
CA TRP SA 118 -6.36 112.55 -36.95
C TRP SA 118 -6.31 113.90 -37.63
N GLN SA 119 -6.21 113.91 -38.96
CA GLN SA 119 -6.19 115.17 -39.69
C GLN SA 119 -7.60 115.70 -39.92
N ASP SA 120 -8.49 114.85 -40.44
CA ASP SA 120 -9.87 115.26 -40.75
C ASP SA 120 -10.65 115.30 -39.44
N THR SA 121 -10.38 116.35 -38.67
CA THR SA 121 -11.03 116.55 -37.38
C THR SA 121 -10.92 118.03 -37.02
N PRO SA 122 -11.87 118.58 -36.26
CA PRO SA 122 -11.82 120.03 -35.99
C PRO SA 122 -10.66 120.43 -35.09
N GLN SA 123 -9.46 120.41 -35.65
CA GLN SA 123 -8.25 120.90 -35.00
C GLN SA 123 -8.18 120.60 -33.50
N ALA SA 124 -9.05 121.24 -32.71
CA ALA SA 124 -8.93 121.16 -31.26
C ALA SA 124 -8.96 119.72 -30.78
N PHE SA 125 -9.99 118.97 -31.17
CA PHE SA 125 -10.09 117.56 -30.78
C PHE SA 125 -9.50 116.65 -31.85
N ARG SA 126 -8.26 116.95 -32.27
CA ARG SA 126 -7.62 116.16 -33.30
C ARG SA 126 -7.29 114.75 -32.80
N GLY SA 127 -6.86 114.65 -31.55
CA GLY SA 127 -6.51 113.36 -30.98
C GLY SA 127 -5.30 113.45 -30.07
N ASP SA 128 -4.35 112.53 -30.26
CA ASP SA 128 -3.15 112.50 -29.43
C ASP SA 128 -1.91 112.24 -30.27
N GLN SA 129 -1.91 112.68 -31.54
CA GLN SA 129 -0.76 112.48 -32.41
C GLN SA 129 -0.45 111.00 -32.51
N PRO SA 130 -1.28 110.21 -33.21
CA PRO SA 130 -1.11 108.76 -33.18
C PRO SA 130 0.30 108.35 -33.59
N LYS SA 131 0.86 107.42 -32.82
CA LYS SA 131 2.23 106.98 -33.05
C LYS SA 131 2.32 106.15 -34.34
N PRO SA 132 3.44 106.24 -35.05
CA PRO SA 132 3.63 105.38 -36.22
C PRO SA 132 3.84 103.94 -35.80
N PRO SA 133 3.63 102.99 -36.70
CA PRO SA 133 3.72 101.57 -36.32
C PRO SA 133 5.12 101.22 -35.81
N THR TA 3 115.79 48.11 22.82
CA THR TA 3 114.85 49.12 22.33
C THR TA 3 113.53 48.50 21.89
N PHE TA 4 113.60 47.35 21.21
CA PHE TA 4 112.38 46.74 20.68
C PHE TA 4 111.43 46.35 21.81
N ILE TA 5 111.95 45.76 22.88
CA ILE TA 5 111.09 45.31 23.97
C ILE TA 5 110.34 46.50 24.57
N GLU TA 6 111.00 47.65 24.65
CA GLU TA 6 110.32 48.84 25.13
C GLU TA 6 109.12 49.17 24.24
N LEU TA 7 109.28 49.02 22.92
CA LEU TA 7 108.18 49.31 22.01
C LEU TA 7 107.02 48.35 22.24
N VAL TA 8 107.32 47.06 22.45
CA VAL TA 8 106.25 46.09 22.64
C VAL TA 8 105.52 46.33 23.94
N LYS TA 9 106.25 46.70 25.00
CA LYS TA 9 105.59 46.98 26.27
C LYS TA 9 104.55 48.07 26.13
N ASN TA 10 104.73 48.96 25.15
CA ASN TA 10 103.74 50.00 24.86
C ASN TA 10 102.64 49.44 23.94
N MET TA 11 101.98 48.40 24.43
CA MET TA 11 100.93 47.73 23.68
C MET TA 11 99.84 47.29 24.64
N LYS TA 12 98.66 47.03 24.06
CA LYS TA 12 97.47 46.71 24.84
C LYS TA 12 97.32 45.21 24.97
N GLY TA 13 96.92 44.78 26.18
CA GLY TA 13 96.85 43.37 26.48
C GLY TA 13 98.17 42.73 26.84
N TYR TA 14 99.19 43.52 27.14
CA TYR TA 14 100.53 43.00 27.45
C TYR TA 14 100.55 42.51 28.88
N LYS TA 15 100.73 41.20 29.05
CA LYS TA 15 100.84 40.58 30.36
C LYS TA 15 102.26 40.08 30.53
N GLU TA 16 102.96 40.58 31.55
CA GLU TA 16 104.34 40.19 31.78
C GLU TA 16 104.42 38.73 32.22
N LEU TA 17 105.51 38.07 31.82
CA LEU TA 17 105.68 36.66 32.11
C LEU TA 17 107.10 36.32 32.54
N LEU TA 18 107.94 37.31 32.83
CA LEU TA 18 109.33 37.09 33.21
C LEU TA 18 109.55 37.53 34.64
N LEU TA 19 110.18 36.66 35.44
CA LEU TA 19 110.47 36.97 36.82
C LEU TA 19 111.75 37.81 36.93
N PRO TA 20 111.97 38.44 38.08
CA PRO TA 20 113.22 39.17 38.28
C PRO TA 20 114.43 38.27 38.16
N MET TA 21 115.54 38.84 37.67
CA MET TA 21 116.77 38.08 37.49
C MET TA 21 117.23 37.47 38.81
N GLU TA 22 116.88 38.08 39.94
CA GLU TA 22 117.33 37.60 41.24
C GLU TA 22 116.55 36.39 41.74
N MET TA 23 115.46 36.02 41.07
CA MET TA 23 114.64 34.90 41.51
C MET TA 23 114.72 33.68 40.61
N VAL TA 24 115.12 33.84 39.35
CA VAL TA 24 115.19 32.72 38.41
C VAL TA 24 116.29 31.77 38.89
N PRO TA 25 116.19 30.48 38.61
CA PRO TA 25 117.23 29.54 39.05
C PRO TA 25 118.54 29.82 38.33
N LEU TA 26 119.58 29.13 38.79
CA LEU TA 26 120.86 29.18 38.11
C LEU TA 26 120.74 28.51 36.73
N PRO TA 27 121.57 28.92 35.77
CA PRO TA 27 121.44 28.34 34.42
C PRO TA 27 121.56 26.83 34.40
N ALA TA 28 122.41 26.27 35.26
CA ALA TA 28 122.55 24.81 35.29
C ALA TA 28 121.25 24.14 35.68
N VAL TA 29 120.53 24.71 36.64
CA VAL TA 29 119.30 24.09 37.12
C VAL TA 29 118.23 24.11 36.02
N VAL TA 30 118.19 25.20 35.24
CA VAL TA 30 117.13 25.33 34.24
C VAL TA 30 117.22 24.20 33.22
N LEU TA 31 118.44 23.90 32.77
CA LEU TA 31 118.61 22.85 31.76
C LEU TA 31 118.01 21.53 32.23
N LYS TA 32 118.01 21.29 33.53
CA LYS TA 32 117.49 20.03 34.04
C LYS TA 32 116.01 19.87 33.71
N HIS TA 33 115.23 20.93 33.88
CA HIS TA 33 113.81 20.85 33.55
C HIS TA 33 113.60 20.73 32.04
N VAL TA 34 114.52 21.26 31.24
CA VAL TA 34 114.37 21.19 29.79
C VAL TA 34 114.33 19.73 29.33
N LYS TA 35 115.24 18.92 29.86
CA LYS TA 35 115.30 17.52 29.46
C LYS TA 35 114.02 16.79 29.84
N LEU TA 36 113.52 17.04 31.06
CA LEU TA 36 112.29 16.38 31.49
C LEU TA 36 111.11 16.83 30.64
N ILE TA 37 110.95 18.14 30.47
CA ILE TA 37 109.80 18.67 29.75
C ILE TA 37 109.86 18.23 28.29
N LEU TA 38 111.03 18.35 27.66
CA LEU TA 38 111.18 17.91 26.27
C LEU TA 38 110.94 16.40 26.15
N THR TA 39 111.66 15.62 26.97
CA THR TA 39 111.60 14.17 26.81
C THR TA 39 110.27 13.62 27.30
N SER TA 40 109.80 14.09 28.45
CA SER TA 40 108.53 13.60 29.02
C SER TA 40 107.37 14.37 28.37
N GLN TA 41 107.25 14.20 27.06
CA GLN TA 41 106.19 14.84 26.30
C GLN TA 41 105.76 13.92 25.16
N LYS TA 42 104.50 14.05 24.78
CA LYS TA 42 103.91 13.27 23.70
C LYS TA 42 103.23 14.22 22.72
N GLU TA 43 103.19 13.81 21.45
CA GLU TA 43 102.58 14.62 20.40
C GLU TA 43 103.27 15.99 20.31
N HIS TA 44 104.55 15.93 19.94
CA HIS TA 44 105.40 17.11 19.87
C HIS TA 44 104.64 18.29 19.28
N GLN TA 45 104.80 19.45 19.91
CA GLN TA 45 104.12 20.68 19.54
C GLN TA 45 105.14 21.74 19.14
N PRO TA 46 104.71 22.75 18.38
CA PRO TA 46 105.69 23.73 17.85
C PRO TA 46 106.51 24.40 18.93
N TRP TA 47 105.91 24.72 20.08
CA TRP TA 47 106.64 25.43 21.12
C TRP TA 47 107.79 24.61 21.69
N MET TA 48 107.74 23.29 21.55
CA MET TA 48 108.85 22.46 22.04
C MET TA 48 110.13 22.78 21.28
N THR TA 49 110.03 22.97 19.96
CA THR TA 49 111.21 23.28 19.17
C THR TA 49 111.84 24.60 19.61
N GLU TA 50 111.01 25.60 19.90
CA GLU TA 50 111.53 26.89 20.32
C GLU TA 50 112.34 26.77 21.60
N MET TA 51 111.86 25.96 22.55
CA MET TA 51 112.56 25.81 23.82
C MET TA 51 113.96 25.24 23.61
N ALA TA 52 114.08 24.22 22.77
CA ALA TA 52 115.36 23.57 22.55
C ALA TA 52 116.36 24.52 21.91
N LEU TA 53 115.90 25.30 20.93
CA LEU TA 53 116.81 26.19 20.21
C LEU TA 53 117.45 27.19 21.15
N LYS TA 54 116.66 27.79 22.05
CA LYS TA 54 117.20 28.76 22.99
C LYS TA 54 118.15 28.09 23.98
N ALA TA 55 117.85 26.85 24.37
CA ALA TA 55 118.65 26.18 25.37
C ALA TA 55 120.10 26.03 24.92
N ASP TA 56 120.31 25.61 23.67
CA ASP TA 56 121.66 25.40 23.19
C ASP TA 56 122.46 26.71 23.18
N GLN TA 57 121.77 27.84 23.03
CA GLN TA 57 122.47 29.12 23.00
C GLN TA 57 123.19 29.37 24.32
N CYS TA 58 122.53 29.08 25.44
CA CYS TA 58 123.16 29.28 26.74
C CYS TA 58 124.40 28.41 26.87
N LEU TA 59 124.32 27.17 26.39
CA LEU TA 59 125.48 26.28 26.42
C LEU TA 59 126.61 26.84 25.58
N ILE TA 60 126.29 27.38 24.40
CA ILE TA 60 127.31 27.96 23.53
C ILE TA 60 128.02 29.10 24.24
N HIS TA 61 127.26 30.03 24.81
CA HIS TA 61 127.87 31.11 25.57
C HIS TA 61 128.59 30.57 26.80
N LYS TA 62 128.00 29.60 27.48
CA LYS TA 62 128.64 29.01 28.64
C LYS TA 62 129.96 28.35 28.27
N ALA TA 63 129.98 27.64 27.15
CA ALA TA 63 131.21 27.00 26.68
C ALA TA 63 132.22 28.01 26.15
N THR TA 64 131.84 29.27 25.99
CA THR TA 64 132.74 30.29 25.46
C THR TA 64 133.60 30.93 26.54
N LEU TA 65 133.14 30.95 27.79
CA LEU TA 65 133.90 31.58 28.85
C LEU TA 65 135.24 30.90 29.10
N ASP TA 66 135.27 29.57 29.00
CA ASP TA 66 136.53 28.84 29.22
C ASP TA 66 137.61 29.32 28.27
N PRO TA 78 135.84 44.20 29.10
CA PRO TA 78 134.40 44.21 28.79
C PRO TA 78 133.97 43.07 27.88
N LEU TA 79 134.66 42.87 26.76
CA LEU TA 79 134.20 41.90 25.78
C LEU TA 79 134.15 40.49 26.36
N ILE TA 80 135.18 40.10 27.12
CA ILE TA 80 135.20 38.77 27.71
C ILE TA 80 134.06 38.62 28.71
N GLU TA 81 133.85 39.62 29.55
CA GLU TA 81 132.80 39.57 30.56
C GLU TA 81 131.44 40.00 30.02
N ALA TA 82 131.39 40.61 28.84
CA ALA TA 82 130.11 41.08 28.30
C ALA TA 82 129.17 39.91 28.02
N MET TA 83 129.68 38.82 27.45
CA MET TA 83 128.83 37.69 27.12
C MET TA 83 128.17 37.09 28.35
N GLN TA 84 128.82 37.20 29.51
CA GLN TA 84 128.24 36.65 30.73
C GLN TA 84 126.90 37.30 31.06
N GLN TA 85 126.72 38.57 30.68
CA GLN TA 85 125.47 39.25 30.95
C GLN TA 85 124.30 38.58 30.23
N ILE TA 86 124.52 38.17 28.98
CA ILE TA 86 123.45 37.57 28.20
C ILE TA 86 123.06 36.22 28.78
N ILE TA 87 124.03 35.48 29.31
CA ILE TA 87 123.75 34.15 29.85
C ILE TA 87 122.68 34.23 30.93
N LEU TA 88 122.85 35.15 31.87
CA LEU TA 88 121.83 35.33 32.91
C LEU TA 88 120.50 35.75 32.31
N ALA TA 89 120.53 36.66 31.34
CA ALA TA 89 119.30 37.11 30.72
C ALA TA 89 118.60 35.97 29.98
N MET TA 90 119.37 35.14 29.29
CA MET TA 90 118.77 34.06 28.51
C MET TA 90 117.94 33.14 29.39
N THR TA 91 118.38 32.90 30.63
CA THR TA 91 117.62 32.06 31.54
C THR TA 91 116.26 32.68 31.84
N ARG TA 92 116.22 33.99 32.05
CA ARG TA 92 114.97 34.65 32.42
C ARG TA 92 113.90 34.42 31.37
N GLU TA 93 114.24 34.58 30.09
CA GLU TA 93 113.28 34.27 29.03
C GLU TA 93 113.02 32.77 28.96
N LEU TA 94 114.07 31.96 29.13
CA LEU TA 94 113.93 30.51 29.05
C LEU TA 94 113.04 29.98 30.17
N TRP TA 95 113.24 30.49 31.40
CA TRP TA 95 112.44 30.01 32.52
C TRP TA 95 110.97 30.36 32.36
N GLY TA 96 110.66 31.40 31.59
CA GLY TA 96 109.28 31.78 31.39
C GLY TA 96 108.47 30.69 30.70
N GLN TA 97 109.08 30.01 29.72
CA GLN TA 97 108.37 28.95 29.03
C GLN TA 97 108.20 27.73 29.91
N ILE TA 98 109.13 27.49 30.83
CA ILE TA 98 109.03 26.34 31.72
C ILE TA 98 107.76 26.44 32.56
N GLN TA 99 107.51 27.62 33.14
CA GLN TA 99 106.34 27.79 33.98
C GLN TA 99 105.05 27.69 33.18
N ARG TA 100 105.08 28.13 31.92
CA ARG TA 100 103.89 28.00 31.08
C ARG TA 100 103.51 26.53 30.90
N HIS TA 101 104.50 25.68 30.66
CA HIS TA 101 104.21 24.25 30.51
C HIS TA 101 103.73 23.64 31.82
N HIS TA 102 104.41 23.95 32.92
CA HIS TA 102 104.05 23.38 34.22
C HIS TA 102 102.74 23.97 34.71
N TYR TA 103 102.72 25.28 34.95
CA TYR TA 103 101.53 25.93 35.52
C TYR TA 103 100.50 26.23 34.45
N GLY TA 104 100.85 27.06 33.49
CA GLY TA 104 99.93 27.51 32.46
C GLY TA 104 100.13 29.00 32.25
N ILE TA 105 99.87 29.46 31.03
CA ILE TA 105 100.11 30.86 30.70
C ILE TA 105 99.26 31.78 31.57
N VAL TA 106 97.98 31.45 31.72
CA VAL TA 106 97.08 32.33 32.45
C VAL TA 106 97.51 32.46 33.91
N GLN TA 107 97.83 31.33 34.54
CA GLN TA 107 98.21 31.35 35.95
C GLN TA 107 99.49 32.13 36.18
N VAL TA 108 100.44 32.04 35.24
CA VAL TA 108 101.72 32.70 35.41
C VAL TA 108 101.52 34.21 35.51
N GLU TA 109 100.67 34.76 34.65
CA GLU TA 109 100.45 36.21 34.66
C GLU TA 109 100.08 36.69 36.06
N HIS TA 110 99.14 36.01 36.70
CA HIS TA 110 98.76 36.38 38.05
C HIS TA 110 99.92 36.24 39.02
N TYR TA 111 100.69 35.16 38.90
CA TYR TA 111 101.78 34.92 39.83
C TYR TA 111 102.83 36.01 39.76
N VAL TA 112 103.19 36.44 38.55
CA VAL TA 112 104.24 37.43 38.41
C VAL TA 112 103.84 38.74 39.07
N LYS TA 113 102.62 39.20 38.80
CA LYS TA 113 102.15 40.46 39.39
C LYS TA 113 102.10 40.35 40.91
N GLN TA 114 101.63 39.21 41.42
CA GLN TA 114 101.65 39.01 42.87
C GLN TA 114 103.07 39.08 43.41
N ILE TA 115 104.02 38.46 42.71
CA ILE TA 115 105.42 38.55 43.11
C ILE TA 115 105.90 39.99 43.01
N THR TA 116 105.54 40.68 41.93
CA THR TA 116 106.00 42.05 41.74
C THR TA 116 105.51 42.94 42.87
N LEU TA 117 104.21 42.90 43.16
CA LEU TA 117 103.69 43.69 44.27
C LEU TA 117 104.32 43.26 45.59
N TRP TA 118 104.48 41.95 45.78
CA TRP TA 118 105.14 41.46 46.99
C TRP TA 118 106.55 42.00 47.09
N GLN TA 119 107.29 41.98 45.98
CA GLN TA 119 108.64 42.54 45.99
C GLN TA 119 108.62 44.05 46.14
N ASP TA 120 107.61 44.71 45.56
CA ASP TA 120 107.54 46.17 45.62
C ASP TA 120 107.35 46.65 47.05
N THR TA 121 106.47 45.99 47.80
CA THR TA 121 106.19 46.42 49.16
C THR TA 121 107.44 46.32 50.01
N PRO TA 122 107.70 47.27 50.92
CA PRO TA 122 108.90 47.19 51.75
C PRO TA 122 108.89 45.94 52.63
N GLN TA 123 110.09 45.42 52.88
CA GLN TA 123 110.22 44.17 53.63
C GLN TA 123 109.67 44.28 55.04
N ALA TA 124 109.55 45.50 55.58
CA ALA TA 124 109.04 45.64 56.94
C ALA TA 124 107.63 45.09 57.06
N PHE TA 125 106.77 45.38 56.09
CA PHE TA 125 105.39 44.91 56.07
C PHE TA 125 105.08 44.18 54.78
N ARG TA 126 106.09 43.54 54.18
CA ARG TA 126 105.90 42.88 52.89
C ARG TA 126 104.90 41.74 52.99
N GLY TA 127 104.99 40.94 54.04
CA GLY TA 127 104.11 39.80 54.21
C GLY TA 127 104.69 38.52 53.66
N ASP TA 128 103.93 37.45 53.82
CA ASP TA 128 104.37 36.14 53.36
C ASP TA 128 104.45 36.11 51.85
N GLN TA 129 105.50 35.47 51.34
CA GLN TA 129 105.66 35.36 49.89
C GLN TA 129 104.58 34.46 49.32
N PRO TA 130 103.91 34.86 48.25
CA PRO TA 130 102.86 34.01 47.68
C PRO TA 130 103.44 32.74 47.07
N LYS TA 131 102.62 31.70 47.09
CA LYS TA 131 103.03 30.40 46.57
C LYS TA 131 102.70 30.29 45.09
N PRO TA 132 103.38 29.41 44.37
CA PRO TA 132 103.10 29.25 42.94
C PRO TA 132 101.68 28.79 42.70
N PRO TA 133 101.14 28.99 41.48
CA PRO TA 133 99.77 28.55 41.21
C PRO TA 133 99.63 27.03 41.13
N SER TA 134 98.44 26.56 40.81
CA SER TA 134 98.19 25.14 40.67
C SER TA 134 98.65 24.66 39.30
N PHE TA 135 99.08 23.41 39.25
CA PHE TA 135 99.57 22.83 38.00
C PHE TA 135 98.44 22.69 36.99
N THR UA 3 122.89 19.08 21.72
CA THR UA 3 122.22 17.82 22.02
C THR UA 3 120.72 17.98 22.21
N PHE UA 4 120.27 19.07 22.83
CA PHE UA 4 118.84 19.24 23.08
C PHE UA 4 118.06 19.28 21.77
N ILE UA 5 118.57 20.01 20.78
CA ILE UA 5 117.88 20.10 19.49
C ILE UA 5 117.80 18.72 18.85
N GLU UA 6 118.84 17.90 19.03
CA GLU UA 6 118.81 16.55 18.48
C GLU UA 6 117.67 15.74 19.10
N LEU UA 7 117.42 15.89 20.40
CA LEU UA 7 116.34 15.17 21.04
C LEU UA 7 115.00 15.53 20.43
N VAL UA 8 114.80 16.82 20.13
CA VAL UA 8 113.56 17.24 19.48
C VAL UA 8 113.43 16.59 18.11
N LYS UA 9 114.52 16.56 17.35
CA LYS UA 9 114.49 15.96 16.02
C LYS UA 9 114.21 14.47 16.09
N ASN UA 10 114.35 13.85 17.26
CA ASN UA 10 114.06 12.44 17.45
C ASN UA 10 112.61 12.19 17.85
N MET UA 11 111.78 13.22 17.93
CA MET UA 11 110.42 13.09 18.40
C MET UA 11 109.52 12.58 17.27
N LYS UA 12 108.23 12.49 17.57
CA LYS UA 12 107.21 12.08 16.62
C LYS UA 12 106.35 13.29 16.26
N GLY UA 13 106.15 13.51 14.97
CA GLY UA 13 105.40 14.65 14.49
C GLY UA 13 106.21 15.91 14.32
N TYR UA 14 107.49 15.89 14.67
CA TYR UA 14 108.33 17.07 14.50
C TYR UA 14 108.49 17.40 13.02
N LYS UA 15 108.48 18.69 12.71
CA LYS UA 15 108.58 19.17 11.34
C LYS UA 15 109.51 20.38 11.30
N GLU UA 16 110.36 20.43 10.28
CA GLU UA 16 111.30 21.53 10.15
C GLU UA 16 110.57 22.83 9.82
N LEU UA 17 111.07 23.92 10.39
CA LEU UA 17 110.55 25.25 10.11
C LEU UA 17 111.62 26.27 9.76
N LEU UA 18 112.89 25.96 9.99
CA LEU UA 18 113.97 26.88 9.67
C LEU UA 18 114.41 26.67 8.22
N LEU UA 19 115.46 27.37 7.83
CA LEU UA 19 115.96 27.36 6.47
C LEU UA 19 117.48 27.25 6.49
N PRO UA 20 118.09 26.85 5.39
CA PRO UA 20 119.55 26.75 5.35
C PRO UA 20 120.20 28.10 5.64
N MET UA 21 121.36 28.05 6.29
CA MET UA 21 122.07 29.27 6.67
C MET UA 21 122.28 30.18 5.47
N GLU UA 22 122.53 29.58 4.29
CA GLU UA 22 122.73 30.39 3.09
C GLU UA 22 121.49 31.17 2.73
N MET UA 23 120.31 30.54 2.81
CA MET UA 23 119.05 31.18 2.47
C MET UA 23 118.51 31.96 3.67
N VAL UA 24 119.35 32.86 4.18
CA VAL UA 24 118.98 33.72 5.30
C VAL UA 24 119.43 35.14 4.98
N PRO UA 25 118.54 36.13 5.06
CA PRO UA 25 118.96 37.52 4.78
C PRO UA 25 120.11 37.95 5.68
N LEU UA 26 120.69 39.09 5.31
CA LEU UA 26 121.78 39.65 6.07
C LEU UA 26 121.26 40.24 7.39
N PRO UA 27 122.14 40.42 8.38
CA PRO UA 27 121.68 41.01 9.65
C PRO UA 27 121.27 42.46 9.49
N ALA UA 28 120.84 43.08 10.59
CA ALA UA 28 120.44 44.48 10.58
C ALA UA 28 119.21 44.69 9.70
N VAL UA 29 119.36 44.49 8.39
CA VAL UA 29 118.24 44.69 7.48
C VAL UA 29 117.11 43.72 7.78
N VAL UA 30 117.46 42.47 8.12
CA VAL UA 30 116.44 41.49 8.46
C VAL UA 30 115.62 41.94 9.66
N LEU UA 31 116.24 42.71 10.56
CA LEU UA 31 115.51 43.19 11.73
C LEU UA 31 114.39 44.15 11.36
N LYS UA 32 114.39 44.68 10.14
CA LYS UA 32 113.37 45.65 9.76
C LYS UA 32 111.98 45.01 9.75
N HIS UA 33 111.89 43.75 9.30
CA HIS UA 33 110.60 43.07 9.33
C HIS UA 33 110.04 43.00 10.74
N VAL UA 34 110.90 43.06 11.75
CA VAL UA 34 110.43 43.04 13.14
C VAL UA 34 109.52 44.24 13.39
N LYS UA 35 109.96 45.42 12.98
CA LYS UA 35 109.17 46.63 13.20
C LYS UA 35 107.85 46.56 12.44
N LEU UA 36 107.87 46.05 11.21
CA LEU UA 36 106.67 46.01 10.39
C LEU UA 36 105.63 45.02 10.93
N ILE UA 37 106.01 44.18 11.89
CA ILE UA 37 105.09 43.17 12.42
C ILE UA 37 104.74 43.53 13.86
N LEU UA 38 105.64 44.25 14.53
CA LEU UA 38 105.37 44.70 15.89
C LEU UA 38 104.63 46.04 15.90
N THR UA 39 105.19 47.04 15.22
CA THR UA 39 104.57 48.36 15.19
C THR UA 39 103.20 48.30 14.54
N SER UA 40 103.08 47.57 13.43
CA SER UA 40 101.80 47.41 12.73
C SER UA 40 101.03 46.22 13.30
N GLN UA 41 100.79 46.28 14.61
CA GLN UA 41 100.09 45.19 15.28
C GLN UA 41 99.41 45.72 16.53
N LYS UA 42 98.49 44.92 17.05
CA LYS UA 42 97.75 45.25 18.26
C LYS UA 42 97.28 43.94 18.88
N GLU UA 43 96.75 44.04 20.10
CA GLU UA 43 96.31 42.87 20.86
C GLU UA 43 97.49 41.92 21.09
N HIS UA 44 98.45 42.44 21.86
CA HIS UA 44 99.68 41.71 22.20
C HIS UA 44 99.40 40.25 22.50
N GLN UA 45 100.06 39.37 21.75
CA GLN UA 45 99.93 37.93 21.91
C GLN UA 45 101.22 37.34 22.47
N PRO UA 46 101.15 36.15 23.07
CA PRO UA 46 102.36 35.60 23.71
C PRO UA 46 103.53 35.45 22.76
N TRP UA 47 103.29 35.06 21.51
CA TRP UA 47 104.38 34.84 20.58
C TRP UA 47 105.09 36.14 20.22
N MET UA 48 104.38 37.27 20.30
CA MET UA 48 104.99 38.55 19.97
C MET UA 48 106.15 38.86 20.91
N THR UA 49 105.98 38.57 22.20
CA THR UA 49 107.06 38.80 23.15
C THR UA 49 108.27 37.94 22.83
N GLU UA 50 108.03 36.69 22.42
CA GLU UA 50 109.14 35.81 22.09
C GLU UA 50 109.99 36.40 20.96
N MET UA 51 109.33 36.92 19.92
CA MET UA 51 110.06 37.55 18.83
C MET UA 51 110.83 38.77 19.31
N ALA UA 52 110.20 39.59 20.15
CA ALA UA 52 110.84 40.80 20.63
C ALA UA 52 112.08 40.48 21.46
N LEU UA 53 111.99 39.48 22.33
CA LEU UA 53 113.11 39.13 23.19
C LEU UA 53 114.21 38.39 22.45
N LYS UA 54 113.97 37.96 21.22
CA LYS UA 54 114.99 37.31 20.40
C LYS UA 54 115.68 38.27 19.45
N ALA UA 55 114.91 39.13 18.77
CA ALA UA 55 115.50 40.07 17.83
C ALA UA 55 116.42 41.05 18.54
N ASP UA 56 116.02 41.54 19.71
CA ASP UA 56 116.83 42.51 20.44
C ASP UA 56 118.18 41.93 20.83
N GLN UA 57 118.31 40.60 20.90
CA GLN UA 57 119.58 39.99 21.28
C GLN UA 57 120.66 40.28 20.24
N CYS UA 58 120.29 40.28 18.96
CA CYS UA 58 121.26 40.55 17.91
C CYS UA 58 121.91 41.92 18.11
N LEU UA 59 121.12 42.91 18.47
CA LEU UA 59 121.68 44.24 18.74
C LEU UA 59 122.67 44.19 19.90
N ILE UA 60 122.33 43.42 20.94
CA ILE UA 60 123.24 43.30 22.08
C ILE UA 60 124.56 42.70 21.64
N HIS UA 61 124.51 41.60 20.89
CA HIS UA 61 125.72 41.01 20.35
C HIS UA 61 126.38 41.96 19.35
N LYS UA 62 125.57 42.62 18.52
CA LYS UA 62 126.12 43.58 17.56
C LYS UA 62 126.76 44.75 18.26
N ALA UA 63 126.15 45.20 19.38
CA ALA UA 63 126.70 46.34 20.10
C ALA UA 63 128.11 46.08 20.61
N THR UA 64 128.48 44.81 20.83
CA THR UA 64 129.82 44.49 21.31
C THR UA 64 130.88 44.78 20.26
N LEU UA 65 130.50 44.91 19.00
CA LEU UA 65 131.49 45.20 17.95
C LEU UA 65 132.22 46.49 18.22
N ASP UA 66 131.57 47.47 18.86
CA ASP UA 66 132.25 48.70 19.22
C ASP UA 66 133.41 48.42 20.17
N PRO UA 78 139.03 33.74 19.41
CA PRO UA 78 137.84 32.88 19.42
C PRO UA 78 136.62 33.56 20.03
N LEU UA 79 136.83 34.41 21.05
CA LEU UA 79 135.70 35.10 21.65
C LEU UA 79 135.03 36.03 20.65
N ILE UA 80 135.82 36.77 19.88
CA ILE UA 80 135.26 37.67 18.88
C ILE UA 80 134.63 36.89 17.75
N GLU UA 81 135.32 35.84 17.27
CA GLU UA 81 134.79 35.04 16.18
C GLU UA 81 133.50 34.33 16.59
N ALA UA 82 133.47 33.79 17.81
CA ALA UA 82 132.34 32.98 18.24
C ALA UA 82 131.04 33.80 18.22
N MET UA 83 131.10 35.05 18.69
CA MET UA 83 129.89 35.86 18.74
C MET UA 83 129.31 36.07 17.36
N GLN UA 84 130.17 36.32 16.37
CA GLN UA 84 129.68 36.54 15.01
C GLN UA 84 128.93 35.33 14.48
N GLN UA 85 129.44 34.13 14.79
CA GLN UA 85 128.77 32.92 14.33
C GLN UA 85 127.37 32.79 14.93
N ILE UA 86 127.22 33.16 16.21
CA ILE UA 86 125.93 33.00 16.88
C ILE UA 86 124.87 33.86 16.23
N ILE UA 87 125.24 35.04 15.72
CA ILE UA 87 124.25 35.93 15.13
C ILE UA 87 123.54 35.25 13.97
N LEU UA 88 124.29 34.49 13.17
CA LEU UA 88 123.67 33.78 12.05
C LEU UA 88 122.61 32.80 12.55
N ALA UA 89 122.92 32.06 13.62
CA ALA UA 89 121.98 31.08 14.14
C ALA UA 89 120.70 31.75 14.62
N MET UA 90 120.82 32.86 15.36
CA MET UA 90 119.64 33.57 15.83
C MET UA 90 118.86 34.16 14.66
N THR UA 91 119.58 34.68 13.66
CA THR UA 91 118.89 35.25 12.49
C THR UA 91 118.04 34.20 11.79
N ARG UA 92 118.54 32.97 11.70
CA ARG UA 92 117.77 31.90 11.08
C ARG UA 92 116.46 31.68 11.83
N GLU UA 93 116.50 31.69 13.16
CA GLU UA 93 115.28 31.49 13.94
C GLU UA 93 114.29 32.62 13.71
N LEU UA 94 114.79 33.85 13.59
CA LEU UA 94 113.90 34.99 13.39
C LEU UA 94 113.07 34.83 12.11
N TRP UA 95 113.71 34.39 11.03
CA TRP UA 95 113.00 34.29 9.76
C TRP UA 95 111.88 33.27 9.84
N GLY UA 96 112.12 32.13 10.51
CA GLY UA 96 111.09 31.13 10.63
C GLY UA 96 109.85 31.65 11.32
N GLN UA 97 110.03 32.43 12.39
CA GLN UA 97 108.89 33.03 13.07
C GLN UA 97 108.12 33.96 12.15
N ILE UA 98 108.85 34.75 11.35
CA ILE UA 98 108.20 35.69 10.44
C ILE UA 98 107.32 34.94 9.45
N GLN UA 99 107.87 33.88 8.84
CA GLN UA 99 107.08 33.07 7.93
C GLN UA 99 105.95 32.35 8.66
N ARG UA 100 106.18 31.97 9.91
CA ARG UA 100 105.12 31.36 10.71
C ARG UA 100 103.95 32.31 10.91
N HIS UA 101 104.16 33.62 10.71
CA HIS UA 101 103.11 34.61 10.84
C HIS UA 101 102.56 35.07 9.49
N HIS UA 102 103.44 35.34 8.53
CA HIS UA 102 103.01 35.84 7.22
C HIS UA 102 102.28 34.76 6.45
N TYR UA 103 102.96 33.65 6.15
CA TYR UA 103 102.38 32.57 5.35
C TYR UA 103 101.82 31.46 6.24
N GLY UA 104 100.98 31.84 7.20
CA GLY UA 104 100.39 30.84 8.07
C GLY UA 104 101.46 30.13 8.88
N ILE UA 105 101.06 29.01 9.48
CA ILE UA 105 101.96 28.19 10.26
C ILE UA 105 101.95 26.77 9.70
N VAL UA 106 100.86 26.39 9.03
CA VAL UA 106 100.75 25.06 8.45
C VAL UA 106 101.39 25.04 7.06
N GLN UA 107 101.07 26.04 6.23
CA GLN UA 107 101.64 26.10 4.89
C GLN UA 107 103.15 26.29 4.90
N VAL UA 108 103.71 26.80 6.00
CA VAL UA 108 105.14 27.03 6.08
C VAL UA 108 105.89 25.70 5.97
N GLU UA 109 105.41 24.68 6.67
CA GLU UA 109 106.09 23.39 6.64
C GLU UA 109 106.16 22.84 5.22
N HIS UA 110 105.07 22.97 4.46
CA HIS UA 110 105.07 22.48 3.09
C HIS UA 110 106.12 23.18 2.25
N TYR UA 111 106.25 24.50 2.40
CA TYR UA 111 107.24 25.24 1.62
C TYR UA 111 108.65 24.77 1.95
N VAL UA 112 108.99 24.70 3.23
CA VAL UA 112 110.34 24.29 3.62
C VAL UA 112 110.58 22.84 3.20
N LYS UA 113 109.55 22.00 3.25
CA LYS UA 113 109.70 20.64 2.78
C LYS UA 113 110.17 20.61 1.33
N GLN UA 114 109.58 21.43 0.48
CA GLN UA 114 110.01 21.48 -0.92
C GLN UA 114 111.38 22.12 -1.06
N ILE UA 115 111.70 23.10 -0.21
CA ILE UA 115 113.00 23.76 -0.29
C ILE UA 115 114.11 22.74 -0.07
N THR UA 116 113.94 21.86 0.91
CA THR UA 116 114.97 20.87 1.19
C THR UA 116 115.20 19.96 -0.01
N LEU UA 117 114.12 19.49 -0.63
CA LEU UA 117 114.25 18.64 -1.80
C LEU UA 117 114.86 19.41 -2.98
N TRP UA 118 114.43 20.65 -3.18
CA TRP UA 118 114.90 21.42 -4.33
C TRP UA 118 116.38 21.76 -4.25
N GLN UA 119 116.96 21.76 -3.06
CA GLN UA 119 118.37 22.09 -2.87
C GLN UA 119 119.24 20.86 -2.69
N ASP UA 120 118.75 19.83 -2.00
CA ASP UA 120 119.57 18.66 -1.76
C ASP UA 120 119.90 17.94 -3.05
N THR UA 121 118.95 17.86 -3.98
CA THR UA 121 119.22 17.21 -5.26
C THR UA 121 120.28 18.00 -6.03
N PRO UA 122 121.04 17.34 -6.90
CA PRO UA 122 122.08 18.05 -7.65
C PRO UA 122 121.47 19.13 -8.55
N GLN UA 123 122.25 20.18 -8.78
CA GLN UA 123 121.77 21.32 -9.55
C GLN UA 123 121.32 20.94 -10.95
N ALA UA 124 121.79 19.80 -11.47
CA ALA UA 124 121.40 19.38 -12.80
C ALA UA 124 119.98 18.82 -12.86
N PHE UA 125 119.33 18.61 -11.70
CA PHE UA 125 118.00 18.03 -11.65
C PHE UA 125 116.98 18.91 -10.95
N ARG UA 126 117.40 20.00 -10.31
CA ARG UA 126 116.47 20.81 -9.52
C ARG UA 126 115.33 21.33 -10.38
N GLY UA 127 115.65 22.16 -11.36
CA GLY UA 127 114.64 22.76 -12.21
C GLY UA 127 114.41 24.23 -11.89
N ASP UA 128 113.28 24.54 -11.26
CA ASP UA 128 112.92 25.90 -10.91
C ASP UA 128 112.59 25.97 -9.42
N GLN UA 129 112.97 27.08 -8.79
CA GLN UA 129 112.69 27.25 -7.38
C GLN UA 129 111.19 27.28 -7.14
N PRO UA 130 110.68 26.57 -6.12
CA PRO UA 130 109.24 26.63 -5.82
C PRO UA 130 108.90 27.90 -5.08
N LYS UA 131 108.04 28.72 -5.67
CA LYS UA 131 107.69 29.99 -5.06
C LYS UA 131 106.94 29.76 -3.75
N PRO UA 132 107.29 30.49 -2.68
CA PRO UA 132 106.57 30.30 -1.42
C PRO UA 132 105.13 30.75 -1.56
N PRO UA 133 104.22 30.18 -0.76
CA PRO UA 133 102.82 30.60 -0.82
C PRO UA 133 102.66 32.05 -0.39
N SER UA 134 101.65 32.71 -0.96
CA SER UA 134 101.39 34.11 -0.67
C SER UA 134 100.76 34.24 0.72
N PHE UA 135 100.39 35.47 1.07
CA PHE UA 135 99.81 35.77 2.37
C PHE UA 135 98.36 35.28 2.38
N THR VA 3 121.96 -12.73 -9.03
CA THR VA 3 121.11 -13.65 -9.77
C THR VA 3 119.66 -13.57 -9.34
N PHE VA 4 119.40 -13.13 -8.11
CA PHE VA 4 118.02 -12.97 -7.66
C PHE VA 4 117.27 -11.96 -8.52
N ILE VA 5 117.94 -10.86 -8.88
CA ILE VA 5 117.30 -9.85 -9.72
C ILE VA 5 116.88 -10.49 -11.05
N GLU VA 6 117.71 -11.38 -11.59
CA GLU VA 6 117.33 -12.11 -12.79
C GLU VA 6 116.08 -12.95 -12.55
N LEU VA 7 115.99 -13.58 -11.37
CA LEU VA 7 114.82 -14.38 -11.06
C LEU VA 7 113.56 -13.51 -11.01
N VAL VA 8 113.72 -12.23 -10.74
CA VAL VA 8 112.58 -11.31 -10.72
C VAL VA 8 112.51 -10.45 -11.98
N LYS VA 9 113.61 -10.31 -12.72
CA LYS VA 9 113.58 -9.51 -13.93
C LYS VA 9 112.53 -10.02 -14.92
N ASN VA 10 112.22 -11.31 -14.87
CA ASN VA 10 111.18 -11.87 -15.73
C ASN VA 10 109.78 -11.68 -15.18
N MET VA 11 109.65 -11.27 -13.92
CA MET VA 11 108.33 -11.07 -13.33
C MET VA 11 107.61 -9.91 -14.02
N LYS VA 12 106.29 -10.02 -14.10
CA LYS VA 12 105.49 -8.99 -14.76
C LYS VA 12 105.61 -7.64 -14.04
N GLY VA 13 105.57 -7.65 -12.72
CA GLY VA 13 105.58 -6.42 -11.95
C GLY VA 13 106.97 -5.92 -11.59
N TYR VA 14 108.00 -6.58 -12.12
CA TYR VA 14 109.37 -6.17 -11.82
C TYR VA 14 109.63 -4.77 -12.37
N LYS VA 15 110.38 -3.98 -11.60
CA LYS VA 15 110.68 -2.61 -11.97
C LYS VA 15 112.14 -2.31 -11.64
N GLU VA 16 112.71 -1.35 -12.38
CA GLU VA 16 114.08 -0.89 -12.13
C GLU VA 16 114.03 0.21 -11.08
N LEU VA 17 113.89 -0.19 -9.82
CA LEU VA 17 113.85 0.76 -8.72
C LEU VA 17 115.17 1.47 -8.52
N LEU VA 18 116.26 0.93 -9.04
CA LEU VA 18 117.59 1.53 -8.88
C LEU VA 18 117.68 2.74 -9.79
N LEU VA 19 117.53 3.93 -9.21
CA LEU VA 19 117.55 5.15 -9.98
C LEU VA 19 118.98 5.48 -10.40
N PRO VA 20 119.15 6.37 -11.37
CA PRO VA 20 120.51 6.71 -11.83
C PRO VA 20 121.37 7.22 -10.69
N MET VA 21 122.66 6.87 -10.75
CA MET VA 21 123.58 7.29 -9.70
C MET VA 21 123.67 8.81 -9.64
N GLU VA 22 123.74 9.47 -10.80
CA GLU VA 22 123.82 10.92 -10.82
C GLU VA 22 122.58 11.55 -10.20
N MET VA 23 121.43 10.87 -10.31
CA MET VA 23 120.18 11.44 -9.82
C MET VA 23 120.21 11.63 -8.31
N VAL VA 24 120.72 10.65 -7.58
CA VAL VA 24 120.69 10.68 -6.12
C VAL VA 24 121.81 11.57 -5.59
N PRO VA 25 121.65 12.16 -4.40
CA PRO VA 25 122.73 12.96 -3.83
C PRO VA 25 123.76 12.13 -3.08
N LEU VA 26 124.69 12.78 -2.40
CA LEU VA 26 125.71 12.07 -1.66
C LEU VA 26 125.09 11.34 -0.47
N PRO VA 27 125.76 10.30 0.04
CA PRO VA 27 125.16 9.51 1.12
C PRO VA 27 124.78 10.32 2.35
N ALA VA 28 125.59 11.32 2.71
CA ALA VA 28 125.33 12.08 3.93
C ALA VA 28 123.99 12.80 3.86
N VAL VA 29 123.67 13.40 2.72
CA VAL VA 29 122.43 14.16 2.61
C VAL VA 29 121.23 13.24 2.71
N VAL VA 30 121.32 12.04 2.14
CA VAL VA 30 120.18 11.12 2.16
C VAL VA 30 119.79 10.78 3.58
N LEU VA 31 120.78 10.53 4.44
CA LEU VA 31 120.50 10.20 5.83
C LEU VA 31 119.64 11.27 6.49
N LYS VA 32 119.82 12.53 6.08
CA LYS VA 32 119.03 13.61 6.65
C LYS VA 32 117.53 13.39 6.40
N HIS VA 33 117.18 13.00 5.18
CA HIS VA 33 115.77 12.82 4.85
C HIS VA 33 115.17 11.61 5.55
N VAL VA 34 115.99 10.61 5.87
CA VAL VA 34 115.49 9.43 6.57
C VAL VA 34 114.93 9.81 7.93
N LYS VA 35 115.67 10.65 8.67
CA LYS VA 35 115.16 11.13 9.94
C LYS VA 35 113.89 11.96 9.75
N LEU VA 36 113.88 12.83 8.73
CA LEU VA 36 112.74 13.70 8.51
C LEU VA 36 111.50 12.90 8.10
N ILE VA 37 111.67 11.93 7.19
CA ILE VA 37 110.52 11.16 6.73
C ILE VA 37 110.02 10.23 7.84
N LEU VA 38 110.93 9.57 8.55
CA LEU VA 38 110.52 8.71 9.65
C LEU VA 38 109.86 9.53 10.75
N THR VA 39 110.44 10.68 11.09
CA THR VA 39 109.86 11.52 12.13
C THR VA 39 108.48 12.02 11.73
N SER VA 40 108.33 12.49 10.49
CA SER VA 40 107.04 13.00 10.05
C SER VA 40 105.97 11.91 10.05
N GLN VA 41 106.32 10.72 9.57
CA GLN VA 41 105.34 9.65 9.50
C GLN VA 41 104.95 9.18 10.90
N LYS VA 42 103.68 8.84 11.07
CA LYS VA 42 103.14 8.45 12.36
C LYS VA 42 102.68 7.00 12.40
N GLU VA 43 101.85 6.57 11.45
CA GLU VA 43 101.35 5.21 11.46
C GLU VA 43 102.51 4.22 11.31
N HIS VA 44 102.45 3.15 12.08
CA HIS VA 44 103.51 2.14 12.08
C HIS VA 44 103.20 1.07 11.04
N GLN VA 45 104.11 0.90 10.09
CA GLN VA 45 104.05 -0.15 9.09
C GLN VA 45 105.42 -0.81 8.99
N PRO VA 46 105.48 -2.04 8.47
CA PRO VA 46 106.77 -2.74 8.42
C PRO VA 46 107.83 -2.03 7.59
N TRP VA 47 107.43 -1.21 6.60
CA TRP VA 47 108.42 -0.60 5.73
C TRP VA 47 109.32 0.35 6.49
N MET VA 48 108.76 1.17 7.38
CA MET VA 48 109.58 2.09 8.16
C MET VA 48 110.51 1.32 9.10
N THR VA 49 110.02 0.24 9.69
CA THR VA 49 110.87 -0.59 10.54
C THR VA 49 112.05 -1.16 9.74
N GLU VA 50 111.77 -1.66 8.55
CA GLU VA 50 112.83 -2.18 7.69
C GLU VA 50 113.62 -1.05 7.03
N MET VA 51 112.98 0.10 6.79
CA MET VA 51 113.68 1.22 6.17
C MET VA 51 114.82 1.70 7.04
N ALA VA 52 114.59 1.80 8.36
CA ALA VA 52 115.65 2.24 9.26
C ALA VA 52 116.82 1.26 9.25
N LEU VA 53 116.53 -0.04 9.25
CA LEU VA 53 117.59 -1.04 9.28
C LEU VA 53 118.46 -0.94 8.04
N LYS VA 54 117.85 -0.74 6.86
CA LYS VA 54 118.61 -0.66 5.63
C LYS VA 54 119.55 0.55 5.66
N ALA VA 55 119.08 1.68 6.19
CA ALA VA 55 119.92 2.87 6.25
C ALA VA 55 120.98 2.74 7.34
N ASP VA 56 120.72 1.95 8.37
CA ASP VA 56 121.66 1.83 9.48
C ASP VA 56 123.00 1.28 9.01
N GLN VA 57 122.96 0.30 8.10
CA GLN VA 57 124.21 -0.33 7.66
C GLN VA 57 125.18 0.69 7.11
N CYS VA 58 124.68 1.71 6.41
CA CYS VA 58 125.55 2.73 5.84
C CYS VA 58 126.36 3.44 6.92
N LEU VA 59 125.77 3.64 8.09
CA LEU VA 59 126.48 4.32 9.17
C LEU VA 59 127.71 3.53 9.61
N ILE VA 60 127.58 2.21 9.71
CA ILE VA 60 128.70 1.39 10.14
C ILE VA 60 129.85 1.52 9.16
N HIS VA 61 129.56 1.49 7.87
CA HIS VA 61 130.60 1.60 6.85
C HIS VA 61 131.31 2.94 6.94
N LYS VA 62 130.59 4.00 7.32
CA LYS VA 62 131.22 5.30 7.49
C LYS VA 62 132.36 5.23 8.50
N ALA VA 63 132.09 4.66 9.68
CA ALA VA 63 133.12 4.53 10.70
C ALA VA 63 134.10 3.42 10.38
N THR VA 64 133.64 2.35 9.74
CA THR VA 64 134.53 1.23 9.42
C THR VA 64 135.69 1.72 8.54
N LEU VA 65 135.38 2.46 7.48
CA LEU VA 65 136.42 3.00 6.62
C LEU VA 65 137.13 4.19 7.28
N PRO VA 78 141.32 -3.61 -3.56
CA PRO VA 78 140.02 -4.06 -4.05
C PRO VA 78 138.96 -4.12 -2.96
N LEU VA 79 139.34 -4.47 -1.74
CA LEU VA 79 138.36 -4.56 -0.66
C LEU VA 79 137.79 -3.19 -0.32
N ILE VA 80 138.67 -2.21 -0.10
CA ILE VA 80 138.21 -0.87 0.27
C ILE VA 80 137.40 -0.25 -0.87
N GLU VA 81 137.89 -0.39 -2.10
CA GLU VA 81 137.20 0.23 -3.24
C GLU VA 81 135.79 -0.33 -3.40
N ALA VA 82 135.63 -1.64 -3.22
CA ALA VA 82 134.31 -2.24 -3.35
C ALA VA 82 133.33 -1.66 -2.34
N MET VA 83 133.79 -1.45 -1.10
CA MET VA 83 132.91 -0.90 -0.07
C MET VA 83 132.38 0.47 -0.48
N GLN VA 84 133.24 1.30 -1.09
CA GLN VA 84 132.80 2.62 -1.53
C GLN VA 84 131.65 2.51 -2.51
N GLN VA 85 131.74 1.58 -3.46
CA GLN VA 85 130.63 1.37 -4.39
C GLN VA 85 129.42 0.77 -3.69
N ILE VA 86 129.65 -0.08 -2.68
CA ILE VA 86 128.54 -0.70 -1.97
C ILE VA 86 127.70 0.36 -1.27
N ILE VA 87 128.34 1.34 -0.64
CA ILE VA 87 127.61 2.40 0.05
C ILE VA 87 126.71 3.13 -0.94
N LEU VA 88 127.23 3.47 -2.12
CA LEU VA 88 126.42 4.14 -3.13
C LEU VA 88 125.28 3.25 -3.59
N ALA VA 89 125.46 1.93 -3.57
CA ALA VA 89 124.39 1.03 -3.99
C ALA VA 89 123.18 1.16 -3.09
N MET VA 90 123.40 1.25 -1.77
CA MET VA 90 122.29 1.38 -0.84
C MET VA 90 121.63 2.74 -0.95
N THR VA 91 122.40 3.78 -1.26
CA THR VA 91 121.83 5.12 -1.37
C THR VA 91 120.76 5.18 -2.46
N ARG VA 92 121.03 4.55 -3.61
CA ARG VA 92 120.03 4.52 -4.67
C ARG VA 92 118.77 3.81 -4.21
N GLU VA 93 118.92 2.70 -3.50
CA GLU VA 93 117.75 1.98 -2.99
C GLU VA 93 116.99 2.81 -1.98
N LEU VA 94 117.70 3.50 -1.09
CA LEU VA 94 117.04 4.32 -0.07
C LEU VA 94 116.26 5.46 -0.70
N TRP VA 95 116.86 6.14 -1.67
CA TRP VA 95 116.19 7.30 -2.27
C TRP VA 95 114.90 6.89 -2.97
N GLY VA 96 114.82 5.65 -3.45
CA GLY VA 96 113.61 5.20 -4.10
C GLY VA 96 112.42 5.20 -3.15
N GLN VA 97 112.62 4.64 -1.95
CA GLN VA 97 111.56 4.64 -0.96
C GLN VA 97 111.19 6.06 -0.54
N ILE VA 98 112.18 6.95 -0.45
CA ILE VA 98 111.92 8.33 -0.08
C ILE VA 98 110.98 8.97 -1.10
N GLN VA 99 111.32 8.85 -2.38
CA GLN VA 99 110.51 9.48 -3.42
C GLN VA 99 109.15 8.80 -3.55
N ARG VA 100 109.12 7.47 -3.50
CA ARG VA 100 107.86 6.75 -3.62
C ARG VA 100 106.91 7.10 -2.48
N HIS VA 101 107.44 7.19 -1.26
CA HIS VA 101 106.61 7.52 -0.12
C HIS VA 101 106.06 8.94 -0.21
N HIS VA 102 106.93 9.90 -0.58
CA HIS VA 102 106.49 11.30 -0.66
C HIS VA 102 105.46 11.49 -1.76
N TYR VA 103 105.77 11.03 -2.97
CA TYR VA 103 104.89 11.21 -4.12
C TYR VA 103 104.01 9.97 -4.36
N GLY VA 104 104.64 8.85 -4.61
CA GLY VA 104 103.92 7.62 -4.92
C GLY VA 104 104.77 6.67 -5.72
N ILE VA 105 104.37 5.40 -5.69
CA ILE VA 105 105.14 4.38 -6.39
C ILE VA 105 105.07 4.60 -7.90
N VAL VA 106 103.87 4.87 -8.42
CA VAL VA 106 103.72 5.02 -9.87
C VAL VA 106 104.43 6.27 -10.37
N GLN VA 107 104.35 7.37 -9.61
CA GLN VA 107 104.91 8.63 -10.07
C GLN VA 107 106.41 8.52 -10.27
N VAL VA 108 107.12 7.89 -9.34
CA VAL VA 108 108.56 7.74 -9.48
C VAL VA 108 108.88 6.90 -10.71
N GLU VA 109 108.19 5.78 -10.88
CA GLU VA 109 108.39 4.96 -12.07
C GLU VA 109 108.02 5.74 -13.33
N HIS VA 110 107.03 6.62 -13.23
CA HIS VA 110 106.60 7.40 -14.39
C HIS VA 110 107.57 8.55 -14.68
N TYR VA 111 108.12 9.17 -13.63
CA TYR VA 111 108.95 10.36 -13.80
C TYR VA 111 110.42 10.05 -14.02
N VAL VA 112 110.91 8.93 -13.52
CA VAL VA 112 112.35 8.64 -13.62
C VAL VA 112 112.77 8.56 -15.09
N LYS VA 113 111.97 7.89 -15.92
CA LYS VA 113 112.35 7.71 -17.32
C LYS VA 113 112.40 9.05 -18.05
N GLN VA 114 111.49 9.97 -17.72
CA GLN VA 114 111.42 11.23 -18.45
C GLN VA 114 112.75 11.99 -18.38
N ILE VA 115 113.31 12.10 -17.18
CA ILE VA 115 114.55 12.86 -17.02
C ILE VA 115 115.70 12.17 -17.74
N THR VA 116 115.71 10.82 -17.73
CA THR VA 116 116.77 10.10 -18.42
C THR VA 116 116.76 10.40 -19.91
N LEU VA 117 115.56 10.46 -20.50
CA LEU VA 117 115.46 10.80 -21.92
C LEU VA 117 115.99 12.20 -22.19
N TRP VA 118 115.65 13.16 -21.34
CA TRP VA 118 116.11 14.53 -21.55
C TRP VA 118 117.63 14.61 -21.57
N GLN VA 119 118.31 13.67 -20.90
CA GLN VA 119 119.77 13.66 -20.91
C GLN VA 119 120.31 12.96 -22.16
N ASP VA 120 119.82 11.76 -22.44
CA ASP VA 120 120.28 10.98 -23.58
C ASP VA 120 119.65 11.55 -24.85
N THR VA 121 120.17 12.70 -25.26
CA THR VA 121 119.68 13.39 -26.46
C THR VA 121 120.79 14.33 -26.93
N PRO VA 122 120.87 14.62 -28.23
CA PRO VA 122 121.98 15.45 -28.73
C PRO VA 122 121.91 16.90 -28.25
N GLN VA 123 122.20 17.12 -26.97
CA GLN VA 123 122.32 18.44 -26.38
C GLN VA 123 121.32 19.46 -26.91
N ALA VA 124 121.45 19.85 -28.18
CA ALA VA 124 120.66 20.95 -28.70
C ALA VA 124 119.17 20.69 -28.53
N PHE VA 125 118.69 19.55 -29.02
CA PHE VA 125 117.28 19.19 -28.89
C PHE VA 125 117.04 18.35 -27.64
N ARG VA 126 117.54 18.81 -26.50
CA ARG VA 126 117.38 18.05 -25.26
C ARG VA 126 115.93 18.02 -24.82
N GLY VA 127 115.22 19.13 -24.97
CA GLY VA 127 113.83 19.20 -24.56
C GLY VA 127 113.48 20.55 -23.98
N ASP VA 128 112.80 20.54 -22.83
CA ASP VA 128 112.40 21.78 -22.17
C ASP VA 128 112.61 21.68 -20.66
N GLN VA 129 113.63 20.95 -20.23
CA GLN VA 129 113.93 20.81 -18.80
C GLN VA 129 112.69 20.29 -18.08
N PRO VA 130 112.35 19.02 -18.25
CA PRO VA 130 111.08 18.52 -17.71
C PRO VA 130 110.97 18.80 -16.22
N LYS VA 131 109.78 19.28 -15.81
CA LYS VA 131 109.56 19.65 -14.43
C LYS VA 131 109.48 18.40 -13.54
N PRO VA 132 109.95 18.49 -12.30
CA PRO VA 132 109.80 17.37 -11.37
C PRO VA 132 108.34 17.20 -10.97
N PRO VA 133 107.96 16.02 -10.48
CA PRO VA 133 106.55 15.77 -10.18
C PRO VA 133 106.03 16.73 -9.12
N THR WA 3 35.76 97.34 -74.11
CA THR WA 3 34.65 97.69 -73.23
C THR WA 3 34.12 96.47 -72.48
N PHE WA 4 34.02 95.33 -73.16
CA PHE WA 4 33.45 94.14 -72.54
C PHE WA 4 34.29 93.69 -71.35
N ILE WA 5 35.61 93.68 -71.51
CA ILE WA 5 36.48 93.20 -70.43
C ILE WA 5 36.29 94.06 -69.18
N GLU WA 6 36.10 95.36 -69.37
CA GLU WA 6 35.81 96.23 -68.23
C GLU WA 6 34.55 95.78 -67.50
N LEU WA 7 33.53 95.37 -68.26
CA LEU WA 7 32.28 94.91 -67.63
C LEU WA 7 32.52 93.64 -66.83
N VAL WA 8 33.33 92.72 -67.36
CA VAL WA 8 33.57 91.45 -66.66
C VAL WA 8 34.36 91.69 -65.39
N LYS WA 9 35.34 92.59 -65.44
CA LYS WA 9 36.14 92.89 -64.25
C LYS WA 9 35.25 93.35 -63.11
N ASN WA 10 34.09 93.94 -63.43
CA ASN WA 10 33.12 94.34 -62.41
C ASN WA 10 32.22 93.16 -62.03
N MET WA 11 32.88 92.10 -61.57
CA MET WA 11 32.19 90.88 -61.19
C MET WA 11 32.86 90.27 -59.97
N LYS WA 12 32.11 89.40 -59.30
CA LYS WA 12 32.55 88.81 -58.03
C LYS WA 12 33.24 87.48 -58.28
N GLY WA 13 34.33 87.25 -57.56
CA GLY WA 13 35.15 86.07 -57.77
C GLY WA 13 36.12 86.18 -58.92
N TYR WA 14 36.36 87.38 -59.44
CA TYR WA 14 37.23 87.58 -60.59
C TYR WA 14 38.69 87.53 -60.13
N LYS WA 15 39.42 86.52 -60.59
CA LYS WA 15 40.83 86.36 -60.29
C LYS WA 15 41.61 86.59 -61.59
N GLU WA 16 42.50 87.58 -61.58
CA GLU WA 16 43.26 87.89 -62.77
C GLU WA 16 44.26 86.78 -63.08
N LEU WA 17 44.51 86.57 -64.37
CA LEU WA 17 45.39 85.50 -64.81
C LEU WA 17 46.33 85.92 -65.93
N LEU WA 18 46.43 87.22 -66.22
CA LEU WA 18 47.26 87.71 -67.31
C LEU WA 18 48.39 88.57 -66.74
N LEU WA 19 49.61 88.29 -67.19
CA LEU WA 19 50.76 89.04 -66.74
C LEU WA 19 50.91 90.33 -67.54
N PRO WA 20 51.72 91.27 -67.05
CA PRO WA 20 51.96 92.49 -67.82
C PRO WA 20 52.58 92.19 -69.16
N MET WA 21 52.26 93.05 -70.15
CA MET WA 21 52.79 92.85 -71.49
C MET WA 21 54.31 92.87 -71.51
N GLU WA 22 54.93 93.54 -70.53
CA GLU WA 22 56.38 93.66 -70.49
C GLU WA 22 57.07 92.41 -69.96
N MET WA 23 56.33 91.44 -69.43
CA MET WA 23 56.90 90.24 -68.86
C MET WA 23 56.65 88.98 -69.68
N VAL WA 24 55.62 88.97 -70.51
CA VAL WA 24 55.29 87.79 -71.31
C VAL WA 24 56.41 87.55 -72.33
N PRO WA 25 56.67 86.32 -72.73
CA PRO WA 25 57.74 86.07 -73.70
C PRO WA 25 57.41 86.69 -75.05
N LEU WA 26 58.39 86.65 -75.94
CA LEU WA 26 58.17 87.06 -77.31
C LEU WA 26 57.22 86.08 -78.00
N PRO WA 27 56.47 86.54 -79.01
CA PRO WA 27 55.50 85.64 -79.64
C PRO WA 27 56.13 84.37 -80.20
N ALA WA 28 57.36 84.47 -80.72
CA ALA WA 28 58.02 83.28 -81.26
C ALA WA 28 58.23 82.23 -80.17
N VAL WA 29 58.63 82.67 -78.97
CA VAL WA 29 58.91 81.73 -77.90
C VAL WA 29 57.63 81.01 -77.46
N VAL WA 30 56.51 81.73 -77.44
CA VAL WA 30 55.27 81.14 -76.94
C VAL WA 30 54.87 79.94 -77.78
N LEU WA 31 54.98 80.08 -79.11
CA LEU WA 31 54.59 78.99 -79.99
C LEU WA 31 55.34 77.71 -79.67
N LYS WA 32 56.57 77.83 -79.18
CA LYS WA 32 57.37 76.64 -78.88
C LYS WA 32 56.70 75.79 -77.80
N HIS WA 33 56.17 76.42 -76.76
CA HIS WA 33 55.49 75.66 -75.71
C HIS WA 33 54.17 75.07 -76.22
N VAL WA 34 53.55 75.72 -77.20
CA VAL WA 34 52.29 75.22 -77.72
C VAL WA 34 52.47 73.82 -78.31
N LYS WA 35 53.53 73.64 -79.10
CA LYS WA 35 53.77 72.35 -79.73
C LYS WA 35 54.01 71.27 -78.68
N LEU WA 36 54.81 71.59 -77.66
CA LEU WA 36 55.08 70.60 -76.62
C LEU WA 36 53.81 70.27 -75.85
N ILE WA 37 53.08 71.29 -75.40
CA ILE WA 37 51.89 71.07 -74.59
C ILE WA 37 50.82 70.33 -75.40
N LEU WA 38 50.60 70.78 -76.64
CA LEU WA 38 49.63 70.11 -77.49
C LEU WA 38 50.06 68.67 -77.78
N THR WA 39 51.29 68.50 -78.26
CA THR WA 39 51.73 67.18 -78.71
C THR WA 39 51.97 66.26 -77.52
N SER WA 40 52.63 66.75 -76.48
CA SER WA 40 52.94 65.96 -75.30
C SER WA 40 51.72 65.95 -74.37
N GLN WA 41 50.63 65.41 -74.88
CA GLN WA 41 49.40 65.32 -74.12
C GLN WA 41 48.65 64.05 -74.52
N LYS WA 42 47.88 63.51 -73.58
CA LYS WA 42 47.10 62.32 -73.77
C LYS WA 42 45.66 62.58 -73.33
N GLU WA 43 44.71 61.89 -73.96
CA GLU WA 43 43.30 62.06 -73.67
C GLU WA 43 42.87 63.52 -73.91
N HIS WA 44 42.97 63.91 -75.17
CA HIS WA 44 42.68 65.28 -75.58
C HIS WA 44 41.45 65.83 -74.85
N GLN WA 45 41.58 67.06 -74.38
CA GLN WA 45 40.56 67.75 -73.59
C GLN WA 45 40.08 68.99 -74.33
N PRO WA 46 38.90 69.50 -74.00
CA PRO WA 46 38.35 70.62 -74.78
C PRO WA 46 39.25 71.84 -74.81
N TRP WA 47 39.92 72.14 -73.71
CA TRP WA 47 40.75 73.35 -73.67
C TRP WA 47 41.91 73.28 -74.65
N MET WA 48 42.33 72.07 -75.05
CA MET WA 48 43.41 71.96 -76.02
C MET WA 48 43.01 72.58 -77.35
N THR WA 49 41.77 72.37 -77.77
CA THR WA 49 41.32 72.94 -79.04
C THR WA 49 41.35 74.46 -78.99
N GLU WA 50 40.94 75.04 -77.87
CA GLU WA 50 40.94 76.50 -77.76
C GLU WA 50 42.34 77.07 -77.93
N MET WA 51 43.35 76.41 -77.34
CA MET WA 51 44.71 76.90 -77.43
C MET WA 51 45.18 76.95 -78.88
N ALA WA 52 44.91 75.90 -79.64
CA ALA WA 52 45.38 75.84 -81.02
C ALA WA 52 44.73 76.91 -81.88
N LEU WA 53 43.43 77.14 -81.69
CA LEU WA 53 42.72 78.12 -82.51
C LEU WA 53 43.32 79.51 -82.35
N LYS WA 54 43.61 79.92 -81.11
CA LYS WA 54 44.19 81.23 -80.89
C LYS WA 54 45.60 81.32 -81.46
N ALA WA 55 46.35 80.21 -81.40
CA ALA WA 55 47.74 80.23 -81.84
C ALA WA 55 47.84 80.60 -83.31
N ASP WA 56 47.00 80.01 -84.15
CA ASP WA 56 47.08 80.29 -85.58
C ASP WA 56 46.77 81.75 -85.88
N GLN WA 57 45.97 82.40 -85.03
CA GLN WA 57 45.64 83.81 -85.26
C GLN WA 57 46.89 84.67 -85.22
N CYS WA 58 47.78 84.43 -84.26
CA CYS WA 58 49.01 85.20 -84.19
C CYS WA 58 49.85 85.01 -85.43
N LEU WA 59 49.92 83.77 -85.94
CA LEU WA 59 50.66 83.52 -87.18
C LEU WA 59 50.04 84.27 -88.35
N ILE WA 60 48.70 84.29 -88.41
CA ILE WA 60 48.03 85.00 -89.50
C ILE WA 60 48.39 86.48 -89.47
N HIS WA 61 48.28 87.11 -88.29
CA HIS WA 61 48.68 88.50 -88.16
C HIS WA 61 50.18 88.66 -88.41
N LYS WA 62 50.98 87.73 -87.89
CA LYS WA 62 52.42 87.81 -88.10
C LYS WA 62 52.77 87.70 -89.58
N ALA WA 63 52.08 86.81 -90.30
CA ALA WA 63 52.31 86.66 -91.73
C ALA WA 63 51.74 87.83 -92.53
N THR WA 64 50.98 88.71 -91.91
CA THR WA 64 50.38 89.85 -92.60
C THR WA 64 51.31 91.05 -92.68
N LEU WA 65 52.24 91.19 -91.74
CA LEU WA 65 53.12 92.35 -91.75
C LEU WA 65 54.03 92.38 -92.98
N ASP WA 66 54.49 91.21 -93.43
CA ASP WA 66 55.35 91.18 -94.62
C ASP WA 66 54.67 91.81 -95.83
N PRO WA 78 48.82 104.15 -89.61
CA PRO WA 78 48.11 103.47 -88.51
C PRO WA 78 47.66 102.06 -88.87
N LEU WA 79 46.98 101.90 -90.01
CA LEU WA 79 46.38 100.60 -90.33
C LEU WA 79 47.44 99.53 -90.44
N ILE WA 80 48.56 99.82 -91.11
CA ILE WA 80 49.62 98.83 -91.26
C ILE WA 80 50.20 98.46 -89.89
N GLU WA 81 50.46 99.46 -89.05
CA GLU WA 81 51.03 99.23 -87.74
C GLU WA 81 49.98 98.87 -86.69
N ALA WA 82 48.69 99.07 -86.98
CA ALA WA 82 47.66 98.79 -85.98
C ALA WA 82 47.61 97.31 -85.64
N MET WA 83 47.73 96.44 -86.65
CA MET WA 83 47.63 95.01 -86.40
C MET WA 83 48.73 94.53 -85.47
N GLN WA 84 49.89 95.20 -85.49
CA GLN WA 84 50.99 94.78 -84.63
C GLN WA 84 50.61 94.86 -83.16
N GLN WA 85 49.71 95.79 -82.80
CA GLN WA 85 49.30 95.90 -81.40
C GLN WA 85 48.59 94.65 -80.93
N ILE WA 86 47.75 94.07 -81.78
CA ILE WA 86 47.00 92.88 -81.38
C ILE WA 86 47.93 91.70 -81.19
N ILE WA 87 48.98 91.60 -82.01
CA ILE WA 87 49.90 90.47 -81.92
C ILE WA 87 50.47 90.36 -80.52
N LEU WA 88 50.96 91.47 -79.97
CA LEU WA 88 51.48 91.46 -78.61
C LEU WA 88 50.39 91.11 -77.60
N ALA WA 89 49.20 91.65 -77.79
CA ALA WA 89 48.10 91.36 -76.88
C ALA WA 89 47.72 89.89 -76.93
N MET WA 90 47.70 89.31 -78.14
CA MET WA 90 47.27 87.91 -78.28
C MET WA 90 48.15 86.99 -77.45
N THR WA 91 49.45 87.30 -77.37
CA THR WA 91 50.36 86.48 -76.57
C THR WA 91 49.96 86.51 -75.10
N ARG WA 92 49.59 87.69 -74.59
CA ARG WA 92 49.26 87.82 -73.18
C ARG WA 92 48.13 86.87 -72.78
N GLU WA 93 47.07 86.83 -73.58
CA GLU WA 93 45.99 85.88 -73.32
C GLU WA 93 46.46 84.46 -73.57
N LEU WA 94 47.25 84.25 -74.62
CA LEU WA 94 47.73 82.91 -74.94
C LEU WA 94 48.64 82.37 -73.85
N TRP WA 95 49.55 83.20 -73.34
CA TRP WA 95 50.48 82.73 -72.32
C TRP WA 95 49.75 82.37 -71.04
N GLY WA 96 48.56 82.93 -70.81
CA GLY WA 96 47.83 82.62 -69.60
C GLY WA 96 47.43 81.16 -69.53
N GLN WA 97 47.04 80.58 -70.67
CA GLN WA 97 46.66 79.17 -70.68
C GLN WA 97 47.87 78.27 -70.51
N ILE WA 98 49.05 78.70 -70.97
CA ILE WA 98 50.25 77.89 -70.84
C ILE WA 98 50.54 77.65 -69.36
N GLN WA 99 50.50 78.71 -68.56
CA GLN WA 99 50.81 78.57 -67.13
C GLN WA 99 49.76 77.73 -66.42
N ARG WA 100 48.50 77.80 -66.86
CA ARG WA 100 47.48 76.96 -66.25
C ARG WA 100 47.81 75.49 -66.43
N HIS WA 101 48.24 75.09 -67.63
CA HIS WA 101 48.60 73.70 -67.86
C HIS WA 101 49.83 73.32 -67.06
N HIS WA 102 50.86 74.15 -67.07
CA HIS WA 102 52.10 73.84 -66.37
C HIS WA 102 51.91 73.92 -64.87
N TYR WA 103 51.56 75.10 -64.36
CA TYR WA 103 51.44 75.30 -62.92
C TYR WA 103 50.09 74.84 -62.41
N GLY WA 104 49.02 75.46 -62.90
CA GLY WA 104 47.68 75.21 -62.42
C GLY WA 104 46.95 76.53 -62.25
N ILE WA 105 45.63 76.49 -62.42
CA ILE WA 105 44.84 77.72 -62.36
C ILE WA 105 44.96 78.38 -61.00
N VAL WA 106 44.85 77.59 -59.93
CA VAL WA 106 44.84 78.15 -58.58
C VAL WA 106 46.19 78.82 -58.29
N GLN WA 107 47.29 78.14 -58.62
CA GLN WA 107 48.60 78.69 -58.31
C GLN WA 107 48.87 79.97 -59.08
N VAL WA 108 48.38 80.05 -60.32
CA VAL WA 108 48.64 81.22 -61.15
C VAL WA 108 48.06 82.48 -60.50
N GLU WA 109 46.83 82.37 -59.99
CA GLU WA 109 46.19 83.52 -59.37
C GLU WA 109 47.09 84.15 -58.31
N HIS WA 110 47.65 83.31 -57.43
CA HIS WA 110 48.54 83.83 -56.40
C HIS WA 110 49.79 84.46 -57.02
N TYR WA 111 50.35 83.81 -58.03
CA TYR WA 111 51.58 84.30 -58.63
C TYR WA 111 51.39 85.69 -59.24
N VAL WA 112 50.29 85.90 -59.94
CA VAL WA 112 50.07 87.19 -60.62
C VAL WA 112 49.99 88.31 -59.60
N LYS WA 113 49.20 88.11 -58.53
CA LYS WA 113 49.06 89.15 -57.52
C LYS WA 113 50.40 89.43 -56.85
N GLN WA 114 51.17 88.38 -56.55
CA GLN WA 114 52.50 88.58 -56.00
C GLN WA 114 53.37 89.39 -56.96
N ILE WA 115 53.29 89.08 -58.26
CA ILE WA 115 54.02 89.86 -59.24
C ILE WA 115 53.50 91.29 -59.28
N THR WA 116 52.19 91.45 -59.24
CA THR WA 116 51.60 92.79 -59.32
C THR WA 116 52.06 93.64 -58.15
N LEU WA 117 51.94 93.13 -56.93
CA LEU WA 117 52.43 93.87 -55.77
C LEU WA 117 53.93 94.10 -55.86
N TRP WA 118 54.68 93.10 -56.30
CA TRP WA 118 56.11 93.26 -56.47
C TRP WA 118 56.41 94.36 -57.48
N GLN WA 119 55.68 94.38 -58.60
CA GLN WA 119 55.87 95.44 -59.58
C GLN WA 119 55.37 96.78 -59.05
N ASP WA 120 54.30 96.77 -58.25
CA ASP WA 120 53.75 98.01 -57.74
C ASP WA 120 54.73 98.71 -56.81
N THR WA 121 55.37 97.97 -55.93
CA THR WA 121 56.29 98.57 -54.98
C THR WA 121 57.45 99.24 -55.71
N PRO WA 122 57.91 100.40 -55.26
CA PRO WA 122 59.03 101.06 -55.94
C PRO WA 122 60.29 100.21 -55.92
N GLN WA 123 61.08 100.33 -56.98
CA GLN WA 123 62.27 99.50 -57.13
C GLN WA 123 63.28 99.73 -56.02
N ALA WA 124 63.21 100.86 -55.32
CA ALA WA 124 64.17 101.13 -54.26
C ALA WA 124 64.08 100.08 -53.15
N PHE WA 125 62.85 99.70 -52.77
CA PHE WA 125 62.63 98.71 -51.73
C PHE WA 125 61.70 97.61 -52.25
N ARG WA 126 61.76 97.33 -53.55
CA ARG WA 126 60.86 96.34 -54.14
C ARG WA 126 61.11 94.95 -53.59
N GLY WA 127 62.37 94.56 -53.43
CA GLY WA 127 62.71 93.25 -52.95
C GLY WA 127 62.93 92.25 -54.06
N ASP WA 128 63.27 91.03 -53.64
CA ASP WA 128 63.54 89.97 -54.60
C ASP WA 128 62.26 89.58 -55.34
N GLN WA 129 62.40 89.36 -56.64
CA GLN WA 129 61.26 88.96 -57.44
C GLN WA 129 60.79 87.57 -57.03
N PRO WA 130 59.49 87.35 -56.80
CA PRO WA 130 59.04 86.01 -56.40
C PRO WA 130 59.21 85.00 -57.53
N LYS WA 131 59.40 83.75 -57.13
CA LYS WA 131 59.60 82.67 -58.08
C LYS WA 131 58.27 82.05 -58.48
N PRO WA 132 58.21 81.40 -59.63
CA PRO WA 132 56.96 80.77 -60.06
C PRO WA 132 56.51 79.70 -59.08
N PRO WA 133 55.22 79.33 -59.10
CA PRO WA 133 54.75 78.29 -58.18
C PRO WA 133 55.26 76.91 -58.54
N SER WA 134 54.82 75.90 -57.79
CA SER WA 134 55.20 74.52 -58.07
C SER WA 134 54.35 73.95 -59.18
N PHE WA 135 54.94 73.04 -59.95
CA PHE WA 135 54.25 72.43 -61.07
C PHE WA 135 53.09 71.55 -60.59
N THR XA 3 48.75 74.96 -89.11
CA THR XA 3 49.31 73.65 -88.77
C THR XA 3 48.96 73.20 -87.36
N PHE XA 4 48.91 74.11 -86.39
CA PHE XA 4 48.63 73.71 -85.02
C PHE XA 4 47.25 73.08 -84.91
N ILE XA 5 46.26 73.66 -85.57
CA ILE XA 5 44.91 73.11 -85.51
C ILE XA 5 44.88 71.72 -86.12
N GLU XA 6 45.68 71.50 -87.16
CA GLU XA 6 45.75 70.18 -87.78
C GLU XA 6 46.26 69.14 -86.78
N LEU XA 7 47.25 69.52 -85.96
CA LEU XA 7 47.77 68.59 -84.97
C LEU XA 7 46.69 68.17 -83.99
N VAL XA 8 45.85 69.12 -83.56
CA VAL XA 8 44.75 68.79 -82.67
C VAL XA 8 43.80 67.82 -83.34
N LYS XA 9 43.48 68.07 -84.61
CA LYS XA 9 42.57 67.19 -85.35
C LYS XA 9 43.14 65.79 -85.51
N ASN XA 10 44.44 65.62 -85.29
CA ASN XA 10 45.09 64.32 -85.38
C ASN XA 10 45.11 63.59 -84.03
N MET XA 11 44.51 64.16 -83.00
CA MET XA 11 44.55 63.56 -81.67
C MET XA 11 43.52 62.45 -81.55
N LYS XA 12 43.42 61.90 -80.34
CA LYS XA 12 42.46 60.87 -80.00
C LYS XA 12 41.41 61.45 -79.08
N GLY XA 13 40.14 61.22 -79.41
CA GLY XA 13 39.04 61.76 -78.64
C GLY XA 13 38.62 63.16 -79.04
N TYR XA 14 39.31 63.79 -79.98
CA TYR XA 14 38.94 65.11 -80.43
C TYR XA 14 37.58 65.09 -81.11
N LYS XA 15 36.78 66.13 -80.86
CA LYS XA 15 35.45 66.22 -81.41
C LYS XA 15 35.20 67.66 -81.86
N GLU XA 16 34.55 67.81 -83.01
CA GLU XA 16 34.28 69.12 -83.55
C GLU XA 16 33.25 69.85 -82.69
N LEU XA 17 33.44 71.16 -82.55
CA LEU XA 17 32.50 72.02 -81.84
C LEU XA 17 32.11 73.27 -82.61
N LEU XA 18 32.81 73.60 -83.68
CA LEU XA 18 32.49 74.77 -84.47
C LEU XA 18 31.47 74.41 -85.54
N LEU XA 19 31.15 75.37 -86.40
CA LEU XA 19 30.13 75.22 -87.42
C LEU XA 19 30.66 75.79 -88.73
N PRO XA 20 30.05 75.41 -89.85
CA PRO XA 20 30.50 75.94 -91.14
C PRO XA 20 30.40 77.46 -91.17
N MET XA 21 31.33 78.08 -91.90
CA MET XA 21 31.37 79.54 -91.98
C MET XA 21 30.03 80.10 -92.42
N GLU XA 22 29.33 79.39 -93.31
CA GLU XA 22 28.03 79.87 -93.77
C GLU XA 22 27.01 79.91 -92.64
N MET XA 23 27.01 78.89 -91.79
CA MET XA 23 26.07 78.82 -90.68
C MET XA 23 26.61 79.58 -89.46
N VAL XA 24 26.94 80.84 -89.70
CA VAL XA 24 27.45 81.72 -88.65
C VAL XA 24 26.74 83.06 -88.75
N PRO XA 25 26.13 83.56 -87.68
CA PRO XA 25 25.45 84.86 -87.75
C PRO XA 25 26.40 85.96 -88.20
N LEU XA 26 25.80 87.11 -88.53
CA LEU XA 26 26.56 88.26 -88.97
C LEU XA 26 27.29 88.88 -87.77
N PRO XA 27 28.34 89.67 -88.04
CA PRO XA 27 29.05 90.30 -86.93
C PRO XA 27 28.21 91.35 -86.22
N ALA XA 28 28.78 91.99 -85.20
CA ALA XA 28 28.07 93.02 -84.45
C ALA XA 28 26.86 92.44 -83.73
N VAL XA 29 25.86 92.01 -84.49
CA VAL XA 29 24.65 91.47 -83.87
C VAL XA 29 24.98 90.22 -83.05
N VAL XA 30 25.88 89.38 -83.57
CA VAL XA 30 26.26 88.18 -82.84
C VAL XA 30 26.87 88.52 -81.49
N LEU XA 31 27.51 89.68 -81.39
CA LEU XA 31 28.12 90.10 -80.13
C LEU XA 31 27.07 90.35 -79.05
N LYS XA 32 25.79 90.50 -79.43
CA LYS XA 32 24.76 90.79 -78.44
C LYS XA 32 24.60 89.65 -77.45
N HIS XA 33 24.69 88.41 -77.93
CA HIS XA 33 24.61 87.27 -77.03
C HIS XA 33 25.69 87.33 -75.95
N VAL XA 34 26.80 88.02 -76.23
CA VAL XA 34 27.85 88.16 -75.23
C VAL XA 34 27.31 88.87 -74.00
N LYS XA 35 26.60 89.98 -74.22
CA LYS XA 35 26.07 90.74 -73.09
C LYS XA 35 25.05 89.92 -72.31
N LEU XA 36 24.20 89.16 -73.02
CA LEU XA 36 23.15 88.41 -72.36
C LEU XA 36 23.69 87.25 -71.53
N ILE XA 37 24.98 86.92 -71.68
CA ILE XA 37 25.57 85.80 -70.97
C ILE XA 37 26.56 86.32 -69.94
N LEU XA 38 27.13 87.51 -70.20
CA LEU XA 38 28.03 88.14 -69.25
C LEU XA 38 27.27 88.99 -68.22
N THR XA 39 26.45 89.92 -68.70
CA THR XA 39 25.71 90.78 -67.80
C THR XA 39 24.75 89.97 -66.93
N SER XA 40 24.06 89.00 -67.53
CA SER XA 40 23.13 88.14 -66.79
C SER XA 40 23.87 86.93 -66.24
N GLN XA 41 24.90 87.21 -65.44
CA GLN XA 41 25.72 86.14 -64.87
C GLN XA 41 26.37 86.64 -63.59
N LYS XA 42 26.87 85.68 -62.81
CA LYS XA 42 27.55 85.96 -61.55
C LYS XA 42 28.49 84.79 -61.28
N GLU XA 43 29.34 84.96 -60.27
CA GLU XA 43 30.34 83.95 -59.90
C GLU XA 43 31.28 83.69 -61.08
N HIS XA 44 32.02 84.75 -61.41
CA HIS XA 44 32.97 84.75 -62.52
C HIS XA 44 33.75 83.44 -62.57
N GLN XA 45 33.66 82.77 -63.72
CA GLN XA 45 34.34 81.51 -63.96
C GLN XA 45 35.44 81.69 -64.99
N PRO XA 46 36.43 80.79 -65.02
CA PRO XA 46 37.57 80.99 -65.93
C PRO XA 46 37.16 81.12 -67.38
N TRP XA 47 36.17 80.35 -67.84
CA TRP XA 47 35.79 80.39 -69.25
C TRP XA 47 35.15 81.72 -69.61
N MET XA 48 34.56 82.41 -68.65
CA MET XA 48 33.94 83.70 -68.95
C MET XA 48 34.97 84.71 -69.43
N THR XA 49 36.15 84.71 -68.81
CA THR XA 49 37.20 85.63 -69.25
C THR XA 49 37.64 85.32 -70.67
N GLU XA 50 37.72 84.02 -71.01
CA GLU XA 50 38.13 83.65 -72.37
C GLU XA 50 37.17 84.24 -73.39
N MET XA 51 35.86 84.13 -73.13
CA MET XA 51 34.88 84.70 -74.05
C MET XA 51 35.04 86.22 -74.14
N ALA XA 52 35.25 86.87 -72.99
CA ALA XA 52 35.35 88.33 -72.99
C ALA XA 52 36.57 88.79 -73.78
N LEU XA 53 37.70 88.11 -73.61
CA LEU XA 53 38.93 88.51 -74.29
C LEU XA 53 38.92 88.15 -75.77
N LYS XA 54 37.96 87.36 -76.23
CA LYS XA 54 37.82 87.02 -77.64
C LYS XA 54 36.82 87.90 -78.36
N ALA XA 55 35.65 88.14 -77.74
CA ALA XA 55 34.63 88.97 -78.38
C ALA XA 55 35.13 90.39 -78.57
N ASP XA 56 35.82 90.95 -77.57
CA ASP XA 56 36.30 92.32 -77.67
C ASP XA 56 37.28 92.50 -78.82
N GLN XA 57 37.92 91.42 -79.28
CA GLN XA 57 38.87 91.53 -80.38
C GLN XA 57 38.18 91.97 -81.66
N CYS XA 58 36.96 91.49 -81.91
CA CYS XA 58 36.25 91.87 -83.12
C CYS XA 58 36.06 93.37 -83.19
N LEU XA 59 35.72 94.00 -82.06
CA LEU XA 59 35.59 95.46 -82.03
C LEU XA 59 36.90 96.13 -82.39
N ILE XA 60 38.02 95.60 -81.87
CA ILE XA 60 39.33 96.18 -82.18
C ILE XA 60 39.58 96.11 -83.68
N HIS XA 61 39.37 94.93 -84.28
CA HIS XA 61 39.50 94.81 -85.72
C HIS XA 61 38.46 95.65 -86.43
N LYS XA 62 37.22 95.65 -85.92
CA LYS XA 62 36.17 96.47 -86.52
C LYS XA 62 36.50 97.96 -86.41
N ALA XA 63 37.10 98.37 -85.30
CA ALA XA 63 37.43 99.77 -85.11
C ALA XA 63 38.40 100.29 -86.17
N THR XA 64 39.21 99.41 -86.76
CA THR XA 64 40.15 99.83 -87.78
C THR XA 64 39.46 100.26 -89.06
N LEU XA 65 38.19 99.88 -89.24
CA LEU XA 65 37.47 100.28 -90.45
C LEU XA 65 37.40 101.79 -90.59
N ASP XA 66 37.36 102.51 -89.46
CA ASP XA 66 37.38 103.98 -89.54
C ASP XA 66 38.66 104.48 -90.19
N PRO XA 78 45.65 93.96 -99.59
CA PRO XA 78 45.66 92.71 -98.82
C PRO XA 78 45.54 92.93 -97.32
N LEU XA 79 46.13 94.01 -96.81
CA LEU XA 79 46.03 94.30 -95.39
C LEU XA 79 44.59 94.56 -94.97
N ILE XA 80 43.87 95.34 -95.76
CA ILE XA 80 42.47 95.62 -95.45
C ILE XA 80 41.61 94.37 -95.65
N GLU XA 81 41.83 93.64 -96.74
CA GLU XA 81 41.06 92.43 -97.00
C GLU XA 81 41.33 91.37 -95.93
N ALA XA 82 42.58 91.22 -95.54
CA ALA XA 82 42.93 90.14 -94.61
C ALA XA 82 42.21 90.28 -93.29
N MET XA 83 42.11 91.52 -92.76
CA MET XA 83 41.47 91.72 -91.47
C MET XA 83 40.00 91.30 -91.52
N GLN XA 84 39.31 91.62 -92.61
CA GLN XA 84 37.90 91.25 -92.72
C GLN XA 84 37.72 89.74 -92.67
N GLN XA 85 38.62 88.99 -93.31
CA GLN XA 85 38.52 87.54 -93.29
C GLN XA 85 38.67 86.99 -91.88
N ILE XA 86 39.57 87.58 -91.10
CA ILE XA 86 39.84 87.07 -89.75
C ILE XA 86 38.60 87.18 -88.88
N ILE XA 87 37.80 88.23 -89.07
CA ILE XA 87 36.62 88.43 -88.22
C ILE XA 87 35.68 87.23 -88.32
N LEU XA 88 35.53 86.69 -89.52
CA LEU XA 88 34.67 85.52 -89.68
C LEU XA 88 35.17 84.34 -88.86
N ALA XA 89 36.49 84.12 -88.88
CA ALA XA 89 37.05 83.00 -88.13
C ALA XA 89 36.81 83.16 -86.63
N MET XA 90 37.03 84.36 -86.10
CA MET XA 90 36.80 84.59 -84.68
C MET XA 90 35.31 84.47 -84.35
N THR XA 91 34.45 84.96 -85.24
CA THR XA 91 33.01 84.86 -84.99
C THR XA 91 32.58 83.41 -84.88
N ARG XA 92 33.15 82.53 -85.70
CA ARG XA 92 32.82 81.12 -85.63
C ARG XA 92 33.16 80.55 -84.26
N GLU XA 93 34.31 80.93 -83.71
CA GLU XA 93 34.70 80.44 -82.39
C GLU XA 93 33.74 80.93 -81.32
N LEU XA 94 33.28 82.18 -81.43
CA LEU XA 94 32.38 82.73 -80.42
C LEU XA 94 31.11 81.91 -80.33
N TRP XA 95 30.54 81.53 -81.46
CA TRP XA 95 29.27 80.80 -81.44
C TRP XA 95 29.42 79.46 -80.74
N GLY XA 96 30.53 78.76 -81.00
CA GLY XA 96 30.73 77.46 -80.36
C GLY XA 96 30.74 77.57 -78.85
N GLN XA 97 31.39 78.61 -78.31
CA GLN XA 97 31.40 78.80 -76.87
C GLN XA 97 29.99 79.05 -76.34
N ILE XA 98 29.20 79.83 -77.07
CA ILE XA 98 27.84 80.13 -76.64
C ILE XA 98 27.02 78.86 -76.55
N GLN XA 99 27.09 78.02 -77.59
CA GLN XA 99 26.40 76.74 -77.55
C GLN XA 99 26.98 75.82 -76.48
N ARG XA 100 28.29 75.91 -76.24
CA ARG XA 100 28.91 75.15 -75.17
C ARG XA 100 28.34 75.52 -73.81
N HIS XA 101 27.70 76.68 -73.70
CA HIS XA 101 27.08 77.13 -72.46
C HIS XA 101 25.58 76.94 -72.44
N HIS XA 102 24.89 77.31 -73.53
CA HIS XA 102 23.44 77.21 -73.59
C HIS XA 102 22.99 75.76 -73.61
N TYR XA 103 23.39 75.02 -74.65
CA TYR XA 103 22.96 73.63 -74.81
C TYR XA 103 24.02 72.66 -74.27
N GLY XA 104 24.44 72.88 -73.03
CA GLY XA 104 25.40 71.99 -72.45
C GLY XA 104 26.72 72.05 -73.20
N ILE XA 105 27.57 71.05 -72.93
CA ILE XA 105 28.86 70.92 -73.61
C ILE XA 105 28.94 69.54 -74.25
N VAL XA 106 28.18 68.58 -73.71
CA VAL XA 106 28.19 67.24 -74.28
C VAL XA 106 27.20 67.12 -75.42
N GLN XA 107 25.98 67.64 -75.22
CA GLN XA 107 24.97 67.59 -76.27
C GLN XA 107 25.35 68.41 -77.49
N VAL XA 108 26.27 69.37 -77.33
CA VAL XA 108 26.68 70.19 -78.48
C VAL XA 108 27.34 69.34 -79.54
N GLU XA 109 28.22 68.43 -79.13
CA GLU XA 109 28.92 67.59 -80.09
C GLU XA 109 27.95 66.77 -80.93
N HIS XA 110 26.91 66.23 -80.29
CA HIS XA 110 25.92 65.45 -81.03
C HIS XA 110 25.23 66.30 -82.09
N TYR XA 111 24.87 67.54 -81.75
CA TYR XA 111 24.19 68.40 -82.71
C TYR XA 111 25.08 68.69 -83.91
N VAL XA 112 26.33 69.10 -83.66
CA VAL XA 112 27.23 69.42 -84.76
C VAL XA 112 27.53 68.17 -85.57
N LYS XA 113 27.60 67.00 -84.92
CA LYS XA 113 27.79 65.76 -85.65
C LYS XA 113 26.71 65.56 -86.69
N GLN XA 114 25.45 65.81 -86.32
CA GLN XA 114 24.36 65.67 -87.26
C GLN XA 114 24.39 66.78 -88.32
N ILE XA 115 24.81 67.98 -87.93
CA ILE XA 115 24.87 69.08 -88.88
C ILE XA 115 25.81 68.74 -90.03
N THR XA 116 26.96 68.15 -89.72
CA THR XA 116 27.92 67.81 -90.76
C THR XA 116 27.32 66.81 -91.75
N LEU XA 117 26.64 65.78 -91.23
CA LEU XA 117 26.02 64.80 -92.10
C LEU XA 117 24.88 65.42 -92.91
N TRP XA 118 24.07 66.26 -92.26
CA TRP XA 118 22.91 66.83 -92.93
C TRP XA 118 23.29 67.78 -94.06
N GLN XA 119 24.49 68.34 -94.04
CA GLN XA 119 24.94 69.28 -95.07
C GLN XA 119 25.86 68.64 -96.09
N ASP XA 120 26.72 67.70 -95.67
CA ASP XA 120 27.66 67.09 -96.61
C ASP XA 120 26.93 66.29 -97.66
N THR XA 121 25.88 65.58 -97.28
CA THR XA 121 25.12 64.80 -98.25
C THR XA 121 24.45 65.74 -99.26
N PRO XA 122 24.20 65.26 -100.48
CA PRO XA 122 23.57 66.13 -101.47
C PRO XA 122 22.18 66.58 -101.04
N GLN XA 123 21.79 67.76 -101.51
CA GLN XA 123 20.52 68.34 -101.09
C GLN XA 123 19.34 67.45 -101.43
N ALA XA 124 19.48 66.54 -102.39
CA ALA XA 124 18.39 65.65 -102.75
C ALA XA 124 18.14 64.55 -101.74
N PHE XA 125 19.02 64.40 -100.75
CA PHE XA 125 18.90 63.34 -99.75
C PHE XA 125 18.84 63.84 -98.32
N ARG XA 126 19.09 65.13 -98.08
CA ARG XA 126 19.16 65.64 -96.71
C ARG XA 126 17.86 65.38 -95.96
N GLY XA 127 16.77 65.98 -96.42
CA GLY XA 127 15.49 65.85 -95.75
C GLY XA 127 15.11 67.10 -94.99
N ASP XA 128 15.17 67.05 -93.66
CA ASP XA 128 14.82 68.17 -92.80
C ASP XA 128 15.98 68.47 -91.85
N GLN XA 129 16.18 69.75 -91.58
CA GLN XA 129 17.25 70.16 -90.69
C GLN XA 129 16.99 69.59 -89.29
N PRO XA 130 18.00 69.03 -88.62
CA PRO XA 130 17.79 68.54 -87.25
C PRO XA 130 17.83 69.69 -86.26
N LYS XA 131 16.72 69.87 -85.54
CA LYS XA 131 16.63 70.98 -84.61
C LYS XA 131 17.63 70.80 -83.47
N PRO XA 132 18.35 71.85 -83.09
CA PRO XA 132 19.30 71.71 -81.98
C PRO XA 132 18.58 71.44 -80.68
N PRO XA 133 19.22 70.77 -79.73
CA PRO XA 133 18.57 70.52 -78.44
C PRO XA 133 18.30 71.81 -77.70
N SER XA 134 17.24 71.81 -76.90
CA SER XA 134 16.85 72.99 -76.14
C SER XA 134 17.80 73.19 -74.96
N PHE XA 135 17.49 74.18 -74.13
CA PHE XA 135 18.31 74.53 -72.98
C PHE XA 135 18.09 73.49 -71.89
N THR YA 3 34.85 39.07 -110.96
CA THR YA 3 34.33 37.72 -110.83
C THR YA 3 34.23 37.27 -109.38
N PHE YA 4 35.03 37.87 -108.48
CA PHE YA 4 34.94 37.52 -107.07
C PHE YA 4 33.56 37.86 -106.51
N ILE YA 5 33.01 39.01 -106.92
CA ILE YA 5 31.68 39.38 -106.45
C ILE YA 5 30.67 38.31 -106.85
N GLU YA 6 30.81 37.76 -108.06
CA GLU YA 6 29.96 36.65 -108.46
C GLU YA 6 30.14 35.46 -107.54
N LEU YA 7 31.38 35.17 -107.14
CA LEU YA 7 31.62 34.06 -106.24
C LEU YA 7 30.93 34.27 -104.89
N VAL YA 8 30.69 35.53 -104.52
CA VAL YA 8 29.99 35.85 -103.28
C VAL YA 8 28.54 36.23 -103.52
N LYS YA 9 28.17 36.63 -104.74
CA LYS YA 9 26.79 37.00 -105.01
C LYS YA 9 25.83 35.86 -104.69
N ASN YA 10 26.30 34.61 -104.78
CA ASN YA 10 25.48 33.47 -104.43
C ASN YA 10 25.45 33.18 -102.94
N MET YA 11 26.34 33.79 -102.17
CA MET YA 11 26.36 33.55 -100.73
C MET YA 11 25.08 34.08 -100.08
N LYS YA 12 24.66 33.40 -99.01
CA LYS YA 12 23.43 33.78 -98.32
C LYS YA 12 23.53 35.18 -97.73
N GLY YA 13 24.67 35.50 -97.11
CA GLY YA 13 24.82 36.77 -96.43
C GLY YA 13 25.36 37.88 -97.31
N TYR YA 14 25.49 37.63 -98.61
CA TYR YA 14 25.98 38.63 -99.53
C TYR YA 14 25.02 39.82 -99.59
N LYS YA 15 25.60 41.03 -99.66
CA LYS YA 15 24.81 42.25 -99.67
C LYS YA 15 25.40 43.22 -100.68
N GLU YA 16 24.56 44.10 -101.20
CA GLU YA 16 24.99 45.14 -102.13
C GLU YA 16 25.43 46.35 -101.31
N LEU YA 17 26.65 46.25 -100.77
CA LEU YA 17 27.19 47.36 -99.97
C LEU YA 17 27.48 48.59 -100.81
N LEU YA 18 27.58 48.44 -102.13
CA LEU YA 18 27.87 49.58 -103.01
C LEU YA 18 26.63 50.44 -103.13
N LEU YA 19 26.59 51.55 -102.39
CA LEU YA 19 25.44 52.42 -102.40
C LEU YA 19 25.38 53.21 -103.70
N PRO YA 20 24.23 53.81 -104.01
CA PRO YA 20 24.10 54.55 -105.27
C PRO YA 20 25.13 55.67 -105.36
N MET YA 21 25.62 55.90 -106.58
CA MET YA 21 26.62 56.93 -106.80
C MET YA 21 26.09 58.30 -106.41
N GLU YA 22 24.84 58.60 -106.78
CA GLU YA 22 24.26 59.89 -106.42
C GLU YA 22 24.15 60.05 -104.91
N MET YA 23 23.99 58.95 -104.18
CA MET YA 23 23.81 59.03 -102.73
C MET YA 23 25.05 59.60 -102.05
N VAL YA 24 26.24 59.16 -102.45
CA VAL YA 24 27.47 59.55 -101.78
C VAL YA 24 27.90 60.94 -102.24
N PRO YA 25 28.63 61.69 -101.42
CA PRO YA 25 29.13 63.00 -101.86
C PRO YA 25 30.43 62.90 -102.65
N LEU YA 26 31.02 64.04 -102.96
CA LEU YA 26 32.27 64.06 -103.71
C LEU YA 26 33.40 63.46 -102.88
N PRO YA 27 34.47 62.98 -103.54
CA PRO YA 27 35.55 62.32 -102.78
C PRO YA 27 36.15 63.18 -101.69
N ALA YA 28 36.30 64.48 -101.94
CA ALA YA 28 36.97 65.34 -100.96
C ALA YA 28 36.22 65.37 -99.64
N VAL YA 29 34.89 65.46 -99.69
CA VAL YA 29 34.11 65.56 -98.46
C VAL YA 29 34.21 64.27 -97.65
N VAL YA 30 34.24 63.12 -98.34
CA VAL YA 30 34.27 61.85 -97.62
C VAL YA 30 35.53 61.76 -96.76
N LEU YA 31 36.67 62.18 -97.32
CA LEU YA 31 37.92 62.13 -96.56
C LEU YA 31 37.80 62.86 -95.24
N LYS YA 32 36.98 63.92 -95.20
CA LYS YA 32 36.80 64.67 -93.96
C LYS YA 32 36.22 63.79 -92.87
N HIS YA 33 35.22 62.97 -93.21
CA HIS YA 33 34.58 62.13 -92.20
C HIS YA 33 35.50 61.01 -91.74
N VAL YA 34 36.43 60.57 -92.59
CA VAL YA 34 37.35 59.51 -92.20
C VAL YA 34 38.20 59.96 -91.02
N LYS YA 35 38.73 61.19 -91.08
CA LYS YA 35 39.48 61.72 -89.96
C LYS YA 35 38.59 61.84 -88.72
N LEU YA 36 37.37 62.33 -88.90
CA LEU YA 36 36.48 62.53 -87.77
C LEU YA 36 36.08 61.21 -87.13
N ILE YA 37 35.73 60.21 -87.94
CA ILE YA 37 35.31 58.93 -87.39
C ILE YA 37 36.48 58.21 -86.75
N LEU YA 38 37.63 58.19 -87.42
CA LEU YA 38 38.81 57.57 -86.84
C LEU YA 38 39.23 58.27 -85.55
N THR YA 39 39.24 59.60 -85.57
CA THR YA 39 39.61 60.35 -84.38
C THR YA 39 38.65 60.10 -83.23
N SER YA 40 37.35 60.10 -83.51
CA SER YA 40 36.36 59.89 -82.45
C SER YA 40 36.49 58.50 -81.86
N GLN YA 41 36.66 57.49 -82.70
CA GLN YA 41 36.74 56.11 -82.23
C GLN YA 41 38.02 55.91 -81.42
N LYS YA 42 37.92 55.11 -80.35
CA LYS YA 42 39.04 54.88 -79.45
C LYS YA 42 39.52 53.44 -79.46
N GLU YA 43 38.62 52.46 -79.29
CA GLU YA 43 39.04 51.07 -79.26
C GLU YA 43 39.65 50.67 -80.59
N HIS YA 44 40.74 49.91 -80.53
CA HIS YA 44 41.47 49.50 -81.72
C HIS YA 44 40.92 48.17 -82.22
N GLN YA 45 40.44 48.17 -83.46
CA GLN YA 45 39.98 46.98 -84.15
C GLN YA 45 40.58 46.96 -85.55
N PRO YA 46 40.65 45.79 -86.18
CA PRO YA 46 41.28 45.72 -87.52
C PRO YA 46 40.58 46.58 -88.57
N TRP YA 47 39.29 46.85 -88.42
CA TRP YA 47 38.58 47.59 -89.47
C TRP YA 47 39.13 49.00 -89.63
N MET YA 48 39.39 49.69 -88.52
CA MET YA 48 39.94 51.04 -88.62
C MET YA 48 41.34 51.01 -89.23
N THR YA 49 42.15 50.02 -88.87
CA THR YA 49 43.47 49.89 -89.46
C THR YA 49 43.37 49.70 -90.97
N GLU YA 50 42.45 48.83 -91.41
CA GLU YA 50 42.24 48.62 -92.84
C GLU YA 50 41.45 49.76 -93.46
N MET YA 51 40.58 50.42 -92.69
CA MET YA 51 39.80 51.52 -93.23
C MET YA 51 40.70 52.66 -93.68
N ALA YA 52 41.72 52.98 -92.88
CA ALA YA 52 42.65 54.05 -93.27
C ALA YA 52 43.39 53.70 -94.55
N LEU YA 53 43.83 52.45 -94.68
CA LEU YA 53 44.58 52.05 -95.86
C LEU YA 53 43.73 52.19 -97.12
N LYS YA 54 42.46 51.79 -97.04
CA LYS YA 54 41.59 51.88 -98.21
C LYS YA 54 41.41 53.33 -98.65
N ALA YA 55 41.26 54.24 -97.69
CA ALA YA 55 41.09 55.65 -98.03
C ALA YA 55 42.39 56.28 -98.50
N ASP YA 56 43.53 55.75 -98.06
CA ASP YA 56 44.82 56.34 -98.41
C ASP YA 56 45.03 56.30 -99.92
N GLN YA 57 44.64 55.21 -100.57
CA GLN YA 57 44.89 55.07 -102.01
C GLN YA 57 44.28 56.23 -102.78
N CYS YA 58 43.12 56.72 -102.35
CA CYS YA 58 42.48 57.83 -103.05
C CYS YA 58 43.36 59.07 -103.06
N LEU YA 59 44.12 59.30 -101.99
CA LEU YA 59 44.99 60.48 -101.93
C LEU YA 59 46.06 60.42 -103.01
N ILE YA 60 46.64 59.25 -103.25
CA ILE YA 60 47.69 59.14 -104.25
C ILE YA 60 47.13 59.48 -105.63
N HIS YA 61 45.93 58.99 -105.94
CA HIS YA 61 45.34 59.28 -107.23
C HIS YA 61 45.08 60.77 -107.41
N LYS YA 62 44.77 61.48 -106.32
CA LYS YA 62 44.56 62.92 -106.41
C LYS YA 62 45.81 63.60 -106.96
N ALA YA 63 46.98 63.29 -106.39
CA ALA YA 63 48.22 63.88 -106.85
C ALA YA 63 48.69 63.27 -108.16
N THR YA 64 48.44 61.97 -108.36
CA THR YA 64 48.88 61.31 -109.59
C THR YA 64 48.28 61.99 -110.81
N LEU YA 65 46.96 62.23 -110.79
CA LEU YA 65 46.32 62.93 -111.90
C LEU YA 65 46.62 64.42 -111.87
N PRO YA 78 41.70 56.67 -122.42
CA PRO YA 78 41.06 55.59 -121.65
C PRO YA 78 41.70 55.36 -120.29
N LEU YA 79 43.02 55.54 -120.18
CA LEU YA 79 43.69 55.32 -118.91
C LEU YA 79 43.26 56.36 -117.88
N ILE YA 80 43.31 57.64 -118.25
CA ILE YA 80 42.95 58.69 -117.31
C ILE YA 80 41.47 58.60 -116.93
N GLU YA 81 40.61 58.37 -117.92
CA GLU YA 81 39.17 58.31 -117.64
C GLU YA 81 38.84 57.19 -116.68
N ALA YA 82 39.48 56.03 -116.85
CA ALA YA 82 39.21 54.91 -115.95
C ALA YA 82 39.55 55.25 -114.51
N MET YA 83 40.67 55.95 -114.30
CA MET YA 83 41.07 56.31 -112.94
C MET YA 83 40.01 57.17 -112.27
N GLN YA 84 39.40 58.09 -113.03
CA GLN YA 84 38.36 58.94 -112.47
C GLN YA 84 37.20 58.10 -111.94
N GLN YA 85 36.79 57.08 -112.69
CA GLN YA 85 35.74 56.19 -112.22
C GLN YA 85 36.22 55.33 -111.06
N ILE YA 86 37.50 54.95 -111.06
CA ILE YA 86 38.04 54.13 -109.98
C ILE YA 86 37.96 54.87 -108.65
N ILE YA 87 38.29 56.15 -108.65
CA ILE YA 87 38.24 56.93 -107.42
C ILE YA 87 36.82 56.92 -106.85
N LEU YA 88 35.82 57.14 -107.72
CA LEU YA 88 34.44 57.11 -107.27
C LEU YA 88 34.05 55.73 -106.75
N ALA YA 89 34.66 54.67 -107.29
CA ALA YA 89 34.34 53.33 -106.83
C ALA YA 89 34.71 53.16 -105.36
N MET YA 90 35.87 53.67 -104.96
CA MET YA 90 36.29 53.54 -103.57
C MET YA 90 35.44 54.42 -102.65
N THR YA 91 34.98 55.56 -103.14
CA THR YA 91 34.17 56.45 -102.32
C THR YA 91 32.89 55.76 -101.86
N ARG YA 92 32.23 55.03 -102.77
CA ARG YA 92 31.03 54.31 -102.39
C ARG YA 92 31.33 53.28 -101.31
N GLU YA 93 32.45 52.55 -101.46
CA GLU YA 93 32.82 51.57 -100.47
C GLU YA 93 33.12 52.22 -99.12
N LEU YA 94 33.83 53.36 -99.14
CA LEU YA 94 34.18 54.03 -97.90
C LEU YA 94 32.94 54.54 -97.17
N TRP YA 95 31.99 55.13 -97.91
CA TRP YA 95 30.80 55.68 -97.26
C TRP YA 95 29.98 54.60 -96.59
N GLY YA 96 30.04 53.37 -97.09
CA GLY YA 96 29.31 52.29 -96.46
C GLY YA 96 29.78 52.03 -95.05
N GLN YA 97 31.09 51.95 -94.86
CA GLN YA 97 31.63 51.74 -93.51
C GLN YA 97 31.31 52.92 -92.61
N ILE YA 98 31.32 54.13 -93.16
CA ILE YA 98 30.99 55.32 -92.37
C ILE YA 98 29.57 55.21 -91.84
N GLN YA 99 28.61 54.92 -92.70
CA GLN YA 99 27.22 54.85 -92.28
C GLN YA 99 26.98 53.64 -91.38
N ARG YA 100 27.56 52.49 -91.72
CA ARG YA 100 27.36 51.30 -90.90
C ARG YA 100 27.92 51.49 -89.51
N HIS YA 101 29.10 52.12 -89.40
CA HIS YA 101 29.69 52.33 -88.09
C HIS YA 101 28.87 53.32 -87.26
N HIS YA 102 28.42 54.41 -87.87
CA HIS YA 102 27.66 55.41 -87.13
C HIS YA 102 26.32 54.85 -86.68
N TYR YA 103 25.55 54.27 -87.60
CA TYR YA 103 24.22 53.76 -87.29
C TYR YA 103 24.26 52.26 -87.01
N GLY YA 104 24.69 51.47 -87.99
CA GLY YA 104 24.71 50.03 -87.85
C GLY YA 104 24.64 49.37 -89.21
N ILE YA 105 25.07 48.10 -89.23
CA ILE YA 105 25.11 47.36 -90.50
C ILE YA 105 23.71 47.13 -91.03
N VAL YA 106 22.78 46.73 -90.16
CA VAL YA 106 21.42 46.41 -90.60
C VAL YA 106 20.70 47.68 -91.06
N GLN YA 107 20.88 48.78 -90.34
CA GLN YA 107 20.14 50.00 -90.66
C GLN YA 107 20.46 50.50 -92.06
N VAL YA 108 21.74 50.50 -92.43
CA VAL YA 108 22.12 50.94 -93.77
C VAL YA 108 21.49 50.04 -94.82
N GLU YA 109 21.59 48.72 -94.63
CA GLU YA 109 20.95 47.80 -95.56
C GLU YA 109 19.45 47.98 -95.56
N HIS YA 110 18.87 48.35 -94.42
CA HIS YA 110 17.42 48.55 -94.33
C HIS YA 110 17.00 49.87 -94.94
N TYR YA 111 17.81 50.92 -94.79
CA TYR YA 111 17.44 52.26 -95.21
C TYR YA 111 17.81 52.57 -96.65
N VAL YA 112 18.86 51.93 -97.18
CA VAL YA 112 19.31 52.27 -98.53
C VAL YA 112 18.21 52.00 -99.55
N LYS YA 113 17.52 50.88 -99.43
CA LYS YA 113 16.50 50.52 -100.40
C LYS YA 113 15.34 51.51 -100.39
N GLN YA 114 14.98 52.00 -99.20
CA GLN YA 114 13.81 52.88 -99.08
C GLN YA 114 13.97 54.11 -99.96
N ILE YA 115 15.13 54.76 -99.89
CA ILE YA 115 15.33 55.99 -100.65
C ILE YA 115 15.34 55.70 -102.15
N THR YA 116 15.89 54.54 -102.54
CA THR YA 116 15.91 54.20 -103.96
C THR YA 116 14.50 54.07 -104.50
N LEU YA 117 13.60 53.45 -103.73
CA LEU YA 117 12.21 53.33 -104.16
C LEU YA 117 11.56 54.70 -104.32
N TRP YA 118 11.82 55.61 -103.38
CA TRP YA 118 11.21 56.94 -103.47
C TRP YA 118 11.62 57.65 -104.75
N GLN YA 119 12.78 57.30 -105.31
CA GLN YA 119 13.22 57.92 -106.56
C GLN YA 119 12.59 57.23 -107.77
N ASP YA 120 12.69 55.89 -107.81
CA ASP YA 120 12.16 55.12 -108.94
C ASP YA 120 10.64 55.02 -108.79
N THR YA 121 9.97 56.13 -109.07
CA THR YA 121 8.53 56.22 -108.97
C THR YA 121 8.07 57.38 -109.85
N PRO YA 122 6.84 57.33 -110.41
CA PRO YA 122 6.42 58.40 -111.31
C PRO YA 122 6.21 59.74 -110.63
N GLN YA 123 7.33 60.38 -110.25
CA GLN YA 123 7.34 61.73 -109.72
C GLN YA 123 6.15 62.05 -108.80
N ALA YA 124 4.95 62.11 -109.35
CA ALA YA 124 3.80 62.60 -108.58
C ALA YA 124 3.60 61.78 -107.31
N PHE YA 125 3.51 60.46 -107.45
CA PHE YA 125 3.35 59.58 -106.30
C PHE YA 125 4.69 59.07 -105.80
N ARG YA 126 5.63 59.98 -105.59
CA ARG YA 126 6.96 59.57 -105.14
C ARG YA 126 6.93 59.04 -103.72
N GLY YA 127 6.12 59.66 -102.85
CA GLY YA 127 6.03 59.23 -101.47
C GLY YA 127 5.88 60.39 -100.53
N ASP YA 128 6.67 60.39 -99.45
CA ASP YA 128 6.62 61.47 -98.46
C ASP YA 128 8.02 61.87 -98.01
N GLN YA 129 9.01 61.77 -98.91
CA GLN YA 129 10.37 62.15 -98.58
C GLN YA 129 10.84 61.36 -97.37
N PRO YA 130 11.11 60.07 -97.51
CA PRO YA 130 11.40 59.23 -96.34
C PRO YA 130 12.54 59.81 -95.52
N LYS YA 131 12.34 59.82 -94.20
CA LYS YA 131 13.31 60.40 -93.30
C LYS YA 131 14.55 59.52 -93.21
N PRO YA 132 15.73 60.12 -93.03
CA PRO YA 132 16.94 59.32 -92.83
C PRO YA 132 16.91 58.65 -91.46
N PRO YA 133 17.71 57.60 -91.27
CA PRO YA 133 17.64 56.86 -90.01
C PRO YA 133 18.01 57.74 -88.82
N THR ZA 3 -92.16 80.42 -34.37
CA THR ZA 3 -91.85 80.42 -32.94
C THR ZA 3 -90.85 79.34 -32.57
N PHE ZA 4 -91.01 78.14 -33.14
CA PHE ZA 4 -90.14 77.03 -32.79
C PHE ZA 4 -88.69 77.32 -33.15
N ILE ZA 5 -88.45 77.88 -34.34
CA ILE ZA 5 -87.08 78.14 -34.77
C ILE ZA 5 -86.39 79.10 -33.81
N GLU ZA 6 -87.14 80.08 -33.29
CA GLU ZA 6 -86.59 80.98 -32.28
C GLU ZA 6 -86.11 80.20 -31.06
N LEU ZA 7 -86.89 79.20 -30.64
CA LEU ZA 7 -86.50 78.40 -29.49
C LEU ZA 7 -85.22 77.62 -29.76
N VAL ZA 8 -85.09 77.07 -30.96
CA VAL ZA 8 -83.91 76.28 -31.28
C VAL ZA 8 -82.67 77.16 -31.35
N LYS ZA 9 -82.81 78.36 -31.90
CA LYS ZA 9 -81.67 79.28 -31.97
C LYS ZA 9 -81.11 79.55 -30.59
N ASN ZA 10 -81.94 79.45 -29.56
CA ASN ZA 10 -81.50 79.62 -28.18
C ASN ZA 10 -80.94 78.29 -27.65
N MET ZA 11 -79.92 77.80 -28.34
CA MET ZA 11 -79.29 76.53 -28.00
C MET ZA 11 -77.79 76.63 -28.24
N LYS ZA 12 -77.05 75.73 -27.61
CA LYS ZA 12 -75.60 75.74 -27.65
C LYS ZA 12 -75.08 74.85 -28.77
N GLY ZA 13 -74.05 75.33 -29.46
CA GLY ZA 13 -73.54 74.65 -30.63
C GLY ZA 13 -74.31 74.88 -31.90
N TYR ZA 14 -75.17 75.90 -31.93
CA TYR ZA 14 -76.02 76.17 -33.08
C TYR ZA 14 -75.20 76.91 -34.14
N LYS ZA 15 -74.98 76.26 -35.28
CA LYS ZA 15 -74.27 76.84 -36.41
C LYS ZA 15 -75.27 77.06 -37.53
N GLU ZA 16 -75.42 78.31 -37.96
CA GLU ZA 16 -76.38 78.63 -39.00
C GLU ZA 16 -75.91 78.05 -40.34
N LEU ZA 17 -76.89 77.65 -41.17
CA LEU ZA 17 -76.58 77.03 -42.44
C LEU ZA 17 -77.47 77.54 -43.58
N LEU ZA 18 -78.22 78.62 -43.36
CA LEU ZA 18 -79.15 79.14 -44.36
C LEU ZA 18 -78.68 80.52 -44.80
N LEU ZA 19 -78.61 80.73 -46.11
CA LEU ZA 19 -78.21 82.01 -46.66
C LEU ZA 19 -79.39 82.98 -46.69
N PRO ZA 20 -79.13 84.26 -46.87
CA PRO ZA 20 -80.22 85.23 -47.00
C PRO ZA 20 -81.10 84.92 -48.19
N MET ZA 21 -82.39 85.25 -48.06
CA MET ZA 21 -83.34 85.00 -49.13
C MET ZA 21 -82.92 85.70 -50.42
N GLU ZA 22 -82.18 86.80 -50.32
CA GLU ZA 22 -81.78 87.57 -51.49
C GLU ZA 22 -80.63 86.93 -52.26
N MET ZA 23 -79.98 85.91 -51.71
CA MET ZA 23 -78.83 85.28 -52.36
C MET ZA 23 -79.12 83.90 -52.90
N VAL ZA 24 -80.12 83.20 -52.38
CA VAL ZA 24 -80.43 81.84 -52.83
C VAL ZA 24 -80.90 81.90 -54.28
N PRO ZA 25 -80.68 80.85 -55.07
CA PRO ZA 25 -81.14 80.89 -56.46
C PRO ZA 25 -82.66 80.92 -56.55
N LEU ZA 26 -83.13 81.11 -57.77
CA LEU ZA 26 -84.56 81.02 -58.02
C LEU ZA 26 -85.02 79.58 -57.83
N PRO ZA 27 -86.30 79.37 -57.48
CA PRO ZA 27 -86.75 78.00 -57.21
C PRO ZA 27 -86.55 77.07 -58.40
N ALA ZA 28 -86.69 77.57 -59.62
CA ALA ZA 28 -86.50 76.72 -60.79
C ALA ZA 28 -85.07 76.20 -60.85
N VAL ZA 29 -84.09 77.06 -60.54
CA VAL ZA 29 -82.69 76.65 -60.63
C VAL ZA 29 -82.39 75.57 -59.60
N VAL ZA 30 -82.97 75.67 -58.42
CA VAL ZA 30 -82.63 74.74 -57.34
C VAL ZA 30 -82.99 73.32 -57.75
N LEU ZA 31 -84.17 73.15 -58.36
CA LEU ZA 31 -84.61 71.81 -58.75
C LEU ZA 31 -83.60 71.15 -59.68
N LYS ZA 32 -82.87 71.93 -60.47
CA LYS ZA 32 -81.91 71.35 -61.40
C LYS ZA 32 -80.82 70.59 -60.66
N HIS ZA 33 -80.31 71.16 -59.56
CA HIS ZA 33 -79.28 70.46 -58.79
C HIS ZA 33 -79.85 69.24 -58.09
N VAL ZA 34 -81.14 69.26 -57.77
CA VAL ZA 34 -81.74 68.12 -57.07
C VAL ZA 34 -81.64 66.86 -57.93
N LYS ZA 35 -81.96 66.99 -59.22
CA LYS ZA 35 -81.91 65.84 -60.12
C LYS ZA 35 -80.51 65.29 -60.22
N LEU ZA 36 -79.51 66.18 -60.37
CA LEU ZA 36 -78.13 65.72 -60.48
C LEU ZA 36 -77.68 65.06 -59.18
N ILE ZA 37 -77.91 65.73 -58.04
CA ILE ZA 37 -77.43 65.19 -56.77
C ILE ZA 37 -78.15 63.88 -56.45
N LEU ZA 38 -79.46 63.84 -56.63
CA LEU ZA 38 -80.20 62.60 -56.39
C LEU ZA 38 -79.75 61.50 -57.35
N THR ZA 39 -79.76 61.80 -58.65
CA THR ZA 39 -79.49 60.76 -59.64
C THR ZA 39 -78.02 60.38 -59.65
N SER ZA 40 -77.13 61.37 -59.61
CA SER ZA 40 -75.69 61.11 -59.63
C SER ZA 40 -75.22 60.80 -58.20
N GLN ZA 41 -75.75 59.71 -57.67
CA GLN ZA 41 -75.39 59.25 -56.33
C GLN ZA 41 -75.43 57.74 -56.28
N LYS ZA 42 -74.60 57.17 -55.41
CA LYS ZA 42 -74.51 55.74 -55.22
C LYS ZA 42 -74.63 55.43 -53.73
N GLU ZA 43 -75.17 54.25 -53.43
CA GLU ZA 43 -75.38 53.81 -52.05
C GLU ZA 43 -76.28 54.82 -51.31
N HIS ZA 44 -77.52 54.87 -51.79
CA HIS ZA 44 -78.51 55.80 -51.27
C HIS ZA 44 -78.44 55.91 -49.75
N GLN ZA 45 -78.49 57.14 -49.26
CA GLN ZA 45 -78.38 57.45 -47.85
C GLN ZA 45 -79.65 58.11 -47.35
N PRO ZA 46 -79.90 58.09 -46.04
CA PRO ZA 46 -81.18 58.60 -45.53
C PRO ZA 46 -81.46 60.04 -45.91
N TRP ZA 47 -80.43 60.90 -45.93
CA TRP ZA 47 -80.66 62.31 -46.22
C TRP ZA 47 -81.16 62.53 -47.64
N MET ZA 48 -80.90 61.59 -48.54
CA MET ZA 48 -81.40 61.73 -49.91
C MET ZA 48 -82.93 61.75 -49.93
N THR ZA 49 -83.55 60.89 -49.13
CA THR ZA 49 -85.01 60.85 -49.09
C THR ZA 49 -85.58 62.17 -48.61
N GLU ZA 50 -84.95 62.78 -47.60
CA GLU ZA 50 -85.44 64.05 -47.08
C GLU ZA 50 -85.43 65.13 -48.14
N MET ZA 51 -84.38 65.17 -48.95
CA MET ZA 51 -84.28 66.19 -50.00
C MET ZA 51 -85.43 66.08 -50.98
N ALA ZA 52 -85.74 64.86 -51.42
CA ALA ZA 52 -86.79 64.68 -52.42
C ALA ZA 52 -88.15 65.09 -51.88
N LEU ZA 53 -88.43 64.74 -50.62
CA LEU ZA 53 -89.75 65.04 -50.06
C LEU ZA 53 -90.01 66.54 -50.04
N LYS ZA 54 -89.01 67.33 -49.63
CA LYS ZA 54 -89.19 68.78 -49.60
C LYS ZA 54 -89.32 69.34 -51.01
N ALA ZA 55 -88.62 68.75 -51.98
CA ALA ZA 55 -88.63 69.29 -53.33
C ALA ZA 55 -90.02 69.28 -53.92
N ASP ZA 56 -90.75 68.18 -53.75
CA ASP ZA 56 -92.09 68.10 -54.33
C ASP ZA 56 -93.03 69.13 -53.72
N GLN ZA 57 -92.77 69.54 -52.48
CA GLN ZA 57 -93.64 70.53 -51.84
C GLN ZA 57 -93.61 71.85 -52.59
N CYS ZA 58 -92.43 72.28 -53.02
CA CYS ZA 58 -92.33 73.52 -53.78
C CYS ZA 58 -93.11 73.43 -55.08
N LEU ZA 59 -93.03 72.27 -55.75
CA LEU ZA 59 -93.80 72.08 -56.98
C LEU ZA 59 -95.29 72.14 -56.70
N ILE ZA 60 -95.73 71.54 -55.60
CA ILE ZA 60 -97.15 71.57 -55.25
C ILE ZA 60 -97.63 73.00 -55.07
N HIS ZA 61 -96.88 73.77 -54.28
CA HIS ZA 61 -97.22 75.19 -54.10
C HIS ZA 61 -97.08 75.94 -55.41
N LYS ZA 62 -96.04 75.64 -56.19
CA LYS ZA 62 -95.85 76.31 -57.47
C LYS ZA 62 -97.00 76.00 -58.41
N ALA ZA 63 -97.46 74.74 -58.44
CA ALA ZA 63 -98.58 74.36 -59.28
C ALA ZA 63 -99.90 74.89 -58.76
N THR ZA 64 -99.93 75.46 -57.55
CA THR ZA 64 -101.16 75.98 -56.98
C THR ZA 64 -101.47 77.41 -57.41
N LEU ZA 65 -100.44 78.19 -57.76
CA LEU ZA 65 -100.68 79.58 -58.12
C LEU ZA 65 -101.51 79.70 -59.39
N ASP ZA 66 -101.31 78.81 -60.36
CA ASP ZA 66 -102.08 78.88 -61.60
C ASP ZA 66 -103.57 78.79 -61.32
N PRO ZA 78 -104.80 88.25 -49.72
CA PRO ZA 78 -103.77 87.62 -48.88
C PRO ZA 78 -103.63 86.12 -49.11
N LEU ZA 79 -104.75 85.39 -49.07
CA LEU ZA 79 -104.66 83.92 -49.13
C LEU ZA 79 -104.02 83.46 -50.43
N ILE ZA 80 -104.42 84.05 -51.56
CA ILE ZA 80 -103.85 83.65 -52.84
C ILE ZA 80 -102.36 83.94 -52.87
N GLU ZA 81 -101.96 85.13 -52.41
CA GLU ZA 81 -100.55 85.52 -52.42
C GLU ZA 81 -99.79 85.00 -51.20
N ALA ZA 82 -100.48 84.52 -50.17
CA ALA ZA 82 -99.79 84.06 -48.97
C ALA ZA 82 -98.91 82.85 -49.26
N MET ZA 83 -99.40 81.91 -50.07
CA MET ZA 83 -98.62 80.71 -50.35
C MET ZA 83 -97.31 81.04 -51.06
N GLN ZA 84 -97.28 82.13 -51.82
CA GLN ZA 84 -96.06 82.49 -52.52
C GLN ZA 84 -94.91 82.76 -51.56
N GLN ZA 85 -95.23 83.23 -50.34
CA GLN ZA 85 -94.17 83.49 -49.36
C GLN ZA 85 -93.44 82.22 -48.97
N ILE ZA 86 -94.18 81.12 -48.81
CA ILE ZA 86 -93.57 79.87 -48.38
C ILE ZA 86 -92.65 79.34 -49.48
N ILE ZA 87 -93.04 79.53 -50.75
CA ILE ZA 87 -92.26 79.00 -51.86
C ILE ZA 87 -90.82 79.52 -51.79
N LEU ZA 88 -90.67 80.83 -51.60
CA LEU ZA 88 -89.33 81.41 -51.48
C LEU ZA 88 -88.61 80.86 -50.26
N ALA ZA 89 -89.33 80.74 -49.13
CA ALA ZA 89 -88.72 80.21 -47.92
C ALA ZA 89 -88.27 78.77 -48.11
N MET ZA 90 -89.09 77.96 -48.78
CA MET ZA 90 -88.78 76.55 -48.93
C MET ZA 90 -87.43 76.37 -49.63
N THR ZA 91 -87.12 77.24 -50.60
CA THR ZA 91 -85.85 77.15 -51.29
C THR ZA 91 -84.68 77.37 -50.33
N ARG ZA 92 -84.82 78.33 -49.41
CA ARG ZA 92 -83.73 78.66 -48.50
C ARG ZA 92 -83.32 77.44 -47.67
N GLU ZA 93 -84.30 76.72 -47.13
CA GLU ZA 93 -83.98 75.48 -46.42
C GLU ZA 93 -83.49 74.41 -47.38
N LEU ZA 94 -84.11 74.34 -48.56
CA LEU ZA 94 -83.71 73.32 -49.54
C LEU ZA 94 -82.29 73.55 -50.03
N TRP ZA 95 -81.93 74.80 -50.32
CA TRP ZA 95 -80.59 75.09 -50.82
C TRP ZA 95 -79.53 74.77 -49.78
N GLY ZA 96 -79.89 74.77 -48.50
CA GLY ZA 96 -78.91 74.47 -47.47
C GLY ZA 96 -78.37 73.06 -47.58
N GLN ZA 97 -79.23 72.10 -47.92
CA GLN ZA 97 -78.78 70.72 -48.05
C GLN ZA 97 -77.93 70.54 -49.31
N ILE ZA 98 -78.18 71.33 -50.35
CA ILE ZA 98 -77.39 71.22 -51.57
C ILE ZA 98 -75.93 71.52 -51.28
N GLN ZA 99 -75.67 72.61 -50.56
CA GLN ZA 99 -74.30 72.99 -50.26
C GLN ZA 99 -73.62 71.98 -49.35
N ARG ZA 100 -74.38 71.35 -48.45
CA ARG ZA 100 -73.79 70.33 -47.60
C ARG ZA 100 -73.26 69.16 -48.43
N HIS ZA 101 -74.03 68.74 -49.43
CA HIS ZA 101 -73.57 67.65 -50.29
C HIS ZA 101 -72.37 68.08 -51.13
N HIS ZA 102 -72.44 69.26 -51.73
CA HIS ZA 102 -71.36 69.73 -52.58
C HIS ZA 102 -70.12 70.09 -51.75
N TYR ZA 103 -70.26 71.08 -50.87
CA TYR ZA 103 -69.13 71.56 -50.09
C TYR ZA 103 -68.86 70.68 -48.88
N GLY ZA 104 -69.84 70.60 -47.98
CA GLY ZA 104 -69.70 69.88 -46.72
C GLY ZA 104 -70.29 70.73 -45.61
N ILE ZA 105 -70.78 70.06 -44.57
CA ILE ZA 105 -71.45 70.77 -43.48
C ILE ZA 105 -70.49 71.73 -42.79
N VAL ZA 106 -69.28 71.27 -42.50
CA VAL ZA 106 -68.33 72.09 -41.76
C VAL ZA 106 -67.98 73.34 -42.54
N GLN ZA 107 -67.68 73.18 -43.83
CA GLN ZA 107 -67.27 74.32 -44.64
C GLN ZA 107 -68.39 75.34 -44.77
N VAL ZA 108 -69.64 74.88 -44.86
CA VAL ZA 108 -70.76 75.79 -45.06
C VAL ZA 108 -70.87 76.75 -43.88
N GLU ZA 109 -70.72 76.24 -42.66
CA GLU ZA 109 -70.83 77.09 -41.47
C GLU ZA 109 -69.91 78.30 -41.59
N HIS ZA 110 -68.65 78.06 -41.95
CA HIS ZA 110 -67.71 79.16 -42.11
C HIS ZA 110 -68.17 80.11 -43.22
N TYR ZA 111 -68.63 79.56 -44.34
CA TYR ZA 111 -69.00 80.39 -45.47
C TYR ZA 111 -70.15 81.34 -45.11
N VAL ZA 112 -71.15 80.84 -44.40
CA VAL ZA 112 -72.32 81.66 -44.09
C VAL ZA 112 -71.91 82.85 -43.23
N LYS ZA 113 -71.13 82.58 -42.18
CA LYS ZA 113 -70.71 83.67 -41.30
C LYS ZA 113 -69.87 84.68 -42.05
N GLN ZA 114 -68.97 84.21 -42.92
CA GLN ZA 114 -68.20 85.13 -43.75
C GLN ZA 114 -69.12 85.97 -44.63
N ILE ZA 115 -70.13 85.35 -45.21
CA ILE ZA 115 -71.11 86.10 -45.99
C ILE ZA 115 -71.87 87.06 -45.10
N THR ZA 116 -72.27 86.61 -43.91
CA THR ZA 116 -73.04 87.47 -43.01
C THR ZA 116 -72.24 88.71 -42.63
N LEU ZA 117 -71.01 88.53 -42.19
CA LEU ZA 117 -70.16 89.67 -41.86
C LEU ZA 117 -69.92 90.53 -43.10
N TRP ZA 118 -69.68 89.89 -44.24
CA TRP ZA 118 -69.50 90.65 -45.47
C TRP ZA 118 -70.75 91.46 -45.80
N GLN ZA 119 -71.92 90.87 -45.64
CA GLN ZA 119 -73.15 91.61 -45.87
C GLN ZA 119 -73.39 92.66 -44.79
N ASP ZA 120 -72.98 92.37 -43.56
CA ASP ZA 120 -73.19 93.31 -42.46
C ASP ZA 120 -72.40 94.59 -42.67
N THR ZA 121 -71.15 94.46 -43.09
CA THR ZA 121 -70.30 95.64 -43.26
C THR ZA 121 -70.89 96.55 -44.34
N PRO ZA 122 -70.85 97.87 -44.16
CA PRO ZA 122 -71.39 98.77 -45.18
C PRO ZA 122 -70.67 98.62 -46.51
N GLN ZA 123 -71.43 98.81 -47.59
CA GLN ZA 123 -70.90 98.61 -48.94
C GLN ZA 123 -69.73 99.54 -49.25
N ALA ZA 124 -69.62 100.66 -48.53
CA ALA ZA 124 -68.53 101.59 -48.80
C ALA ZA 124 -67.16 100.93 -48.60
N PHE ZA 125 -67.02 100.15 -47.53
CA PHE ZA 125 -65.77 99.46 -47.22
C PHE ZA 125 -66.03 97.97 -47.02
N ARG ZA 126 -67.04 97.43 -47.70
CA ARG ZA 126 -67.40 96.03 -47.50
C ARG ZA 126 -66.28 95.09 -47.93
N GLY ZA 127 -65.65 95.38 -49.06
CA GLY ZA 127 -64.59 94.52 -49.57
C GLY ZA 127 -65.10 93.49 -50.56
N ASP ZA 128 -64.15 92.71 -51.07
CA ASP ZA 128 -64.47 91.69 -52.04
C ASP ZA 128 -65.31 90.60 -51.41
N GLN ZA 129 -66.31 90.13 -52.13
CA GLN ZA 129 -67.17 89.07 -51.64
C GLN ZA 129 -66.37 87.77 -51.53
N PRO ZA 130 -66.44 87.06 -50.41
CA PRO ZA 130 -65.69 85.80 -50.28
C PRO ZA 130 -66.21 84.74 -51.23
N LYS ZA 131 -65.31 83.86 -51.63
CA LYS ZA 131 -65.64 82.79 -52.56
C LYS ZA 131 -66.09 81.55 -51.80
N PRO ZA 132 -66.85 80.67 -52.45
CA PRO ZA 132 -67.32 79.46 -51.77
C PRO ZA 132 -66.16 78.59 -51.33
N PRO ZA 133 -66.37 77.69 -50.37
CA PRO ZA 133 -65.28 76.81 -49.91
C PRO ZA 133 -64.90 75.77 -50.96
N SER ZA 134 -63.97 74.89 -50.59
CA SER ZA 134 -63.53 73.82 -51.47
C SER ZA 134 -64.51 72.66 -51.42
N PHE ZA 135 -64.65 71.96 -52.53
CA PHE ZA 135 -65.56 70.84 -52.62
C PHE ZA 135 -65.11 69.70 -51.73
N THR AB 3 -92.53 63.41 -58.97
CA THR AB 3 -91.56 62.64 -59.72
C THR AB 3 -90.24 62.44 -58.99
N PHE AB 4 -89.78 63.45 -58.24
CA PHE AB 4 -88.51 63.33 -57.54
C PHE AB 4 -88.53 62.19 -56.54
N ILE AB 5 -89.62 62.07 -55.78
CA ILE AB 5 -89.72 61.00 -54.80
C ILE AB 5 -89.69 59.65 -55.49
N GLU AB 6 -90.28 59.55 -56.68
CA GLU AB 6 -90.26 58.31 -57.42
C GLU AB 6 -88.83 57.91 -57.78
N LEU AB 7 -88.00 58.88 -58.14
CA LEU AB 7 -86.61 58.58 -58.47
C LEU AB 7 -85.89 57.98 -57.27
N VAL AB 8 -86.14 58.51 -56.08
CA VAL AB 8 -85.53 57.95 -54.88
C VAL AB 8 -85.99 56.51 -54.67
N LYS AB 9 -87.29 56.26 -54.85
CA LYS AB 9 -87.81 54.92 -54.68
C LYS AB 9 -87.24 53.95 -55.70
N ASN AB 10 -86.62 54.45 -56.76
CA ASN AB 10 -85.98 53.61 -57.76
C ASN AB 10 -84.51 53.33 -57.45
N MET AB 11 -84.01 53.80 -56.32
CA MET AB 11 -82.60 53.65 -55.99
C MET AB 11 -82.32 52.26 -55.42
N LYS AB 12 -81.08 52.06 -55.01
CA LYS AB 12 -80.63 50.82 -54.39
C LYS AB 12 -80.36 51.07 -52.92
N GLY AB 13 -80.90 50.22 -52.06
CA GLY AB 13 -80.76 50.37 -50.63
C GLY AB 13 -81.79 51.28 -49.99
N TYR AB 14 -82.67 51.88 -50.78
CA TYR AB 14 -83.71 52.75 -50.21
C TYR AB 14 -84.67 51.93 -49.36
N LYS AB 15 -85.08 52.52 -48.24
CA LYS AB 15 -85.98 51.85 -47.30
C LYS AB 15 -87.02 52.85 -46.82
N GLU AB 16 -88.26 52.39 -46.71
CA GLU AB 16 -89.34 53.26 -46.27
C GLU AB 16 -89.18 53.63 -44.81
N LEU AB 17 -89.53 54.87 -44.48
CA LEU AB 17 -89.52 55.35 -43.11
C LEU AB 17 -90.81 56.04 -42.70
N LEU AB 18 -91.69 56.39 -43.64
CA LEU AB 18 -92.94 57.04 -43.32
C LEU AB 18 -94.01 55.98 -43.01
N LEU AB 19 -95.23 56.45 -42.80
CA LEU AB 19 -96.34 55.60 -42.41
C LEU AB 19 -97.57 55.99 -43.23
N PRO AB 20 -98.55 55.10 -43.32
CA PRO AB 20 -99.78 55.44 -44.06
C PRO AB 20 -100.44 56.68 -43.50
N MET AB 21 -101.07 57.45 -44.39
CA MET AB 21 -101.71 58.70 -43.98
C MET AB 21 -102.70 58.45 -42.84
N GLU AB 22 -103.39 57.31 -42.86
CA GLU AB 22 -104.34 57.01 -41.81
C GLU AB 22 -103.66 56.87 -40.45
N MET AB 23 -102.50 56.21 -40.41
CA MET AB 23 -101.76 55.99 -39.18
C MET AB 23 -100.87 57.21 -38.88
N VAL AB 24 -101.49 58.37 -38.85
CA VAL AB 24 -100.79 59.62 -38.56
C VAL AB 24 -101.63 60.42 -37.55
N PRO AB 25 -101.06 60.84 -36.42
CA PRO AB 25 -101.84 61.62 -35.46
C PRO AB 25 -102.42 62.88 -36.09
N LEU AB 26 -103.33 63.49 -35.35
CA LEU AB 26 -103.97 64.72 -35.80
C LEU AB 26 -102.98 65.88 -35.72
N PRO AB 27 -103.24 66.96 -36.46
CA PRO AB 27 -102.34 68.12 -36.39
C PRO AB 27 -102.37 68.80 -35.03
N ALA AB 28 -101.59 69.86 -34.87
CA ALA AB 28 -101.55 70.61 -33.63
C ALA AB 28 -101.03 69.76 -32.49
N VAL AB 29 -101.79 68.73 -32.09
CA VAL AB 29 -101.37 67.88 -30.99
C VAL AB 29 -100.06 67.17 -31.33
N VAL AB 30 -99.91 66.74 -32.58
CA VAL AB 30 -98.68 66.05 -32.99
C VAL AB 30 -97.49 66.97 -32.82
N LEU AB 31 -97.69 68.28 -32.95
CA LEU AB 31 -96.59 69.23 -32.79
C LEU AB 31 -96.05 69.25 -31.36
N LYS AB 32 -96.79 68.69 -30.41
CA LYS AB 32 -96.34 68.73 -29.01
C LYS AB 32 -95.06 67.93 -28.83
N HIS AB 33 -94.94 66.78 -29.52
CA HIS AB 33 -93.72 66.01 -29.44
C HIS AB 33 -92.50 66.82 -29.87
N VAL AB 34 -92.72 67.83 -30.71
CA VAL AB 34 -91.61 68.69 -31.14
C VAL AB 34 -90.97 69.37 -29.93
N LYS AB 35 -91.81 69.94 -29.05
CA LYS AB 35 -91.29 70.63 -27.88
C LYS AB 35 -90.57 69.67 -26.95
N LEU AB 36 -91.10 68.45 -26.78
CA LEU AB 36 -90.52 67.50 -25.86
C LEU AB 36 -89.18 66.96 -26.35
N ILE AB 37 -88.82 67.23 -27.61
CA ILE AB 37 -87.57 66.72 -28.17
C ILE AB 37 -86.62 67.88 -28.41
N LEU AB 38 -87.16 69.08 -28.61
CA LEU AB 38 -86.34 70.27 -28.77
C LEU AB 38 -86.00 70.90 -27.41
N THR AB 39 -87.03 71.21 -26.62
CA THR AB 39 -86.80 71.84 -25.32
C THR AB 39 -85.99 70.93 -24.42
N SER AB 40 -86.30 69.64 -24.40
CA SER AB 40 -85.57 68.67 -23.59
C SER AB 40 -84.38 68.11 -24.37
N GLN AB 41 -83.52 69.02 -24.82
CA GLN AB 41 -82.37 68.63 -25.62
C GLN AB 41 -81.27 69.67 -25.47
N LYS AB 42 -80.07 69.28 -25.87
CA LYS AB 42 -78.90 70.14 -25.83
C LYS AB 42 -77.91 69.64 -26.88
N GLU AB 43 -76.87 70.43 -27.12
CA GLU AB 43 -75.87 70.11 -28.14
C GLU AB 43 -76.53 70.03 -29.52
N HIS AB 44 -77.03 71.17 -29.94
CA HIS AB 44 -77.74 71.33 -31.22
C HIS AB 44 -77.04 70.54 -32.32
N GLN AB 45 -77.79 69.64 -32.95
CA GLN AB 45 -77.30 68.82 -34.03
C GLN AB 45 -77.96 69.21 -35.35
N PRO AB 46 -77.34 68.88 -36.48
CA PRO AB 46 -77.91 69.34 -37.77
C PRO AB 46 -79.34 68.90 -38.00
N TRP AB 47 -79.69 67.68 -37.59
CA TRP AB 47 -81.04 67.19 -37.85
C TRP AB 47 -82.08 67.93 -37.04
N MET AB 48 -81.68 68.50 -35.90
CA MET AB 48 -82.64 69.25 -35.08
C MET AB 48 -83.18 70.45 -35.84
N THR AB 49 -82.32 71.15 -36.57
CA THR AB 49 -82.77 72.30 -37.35
C THR AB 49 -83.76 71.87 -38.42
N GLU AB 50 -83.52 70.72 -39.06
CA GLU AB 50 -84.43 70.24 -40.08
C GLU AB 50 -85.84 70.05 -39.52
N MET AB 51 -85.93 69.42 -38.34
CA MET AB 51 -87.23 69.24 -37.71
C MET AB 51 -87.87 70.58 -37.38
N ALA AB 52 -87.09 71.53 -36.86
CA ALA AB 52 -87.64 72.82 -36.48
C ALA AB 52 -88.19 73.57 -37.69
N LEU AB 53 -87.45 73.54 -38.80
CA LEU AB 53 -87.86 74.27 -39.99
C LEU AB 53 -89.00 73.58 -40.72
N LYS AB 54 -89.35 72.35 -40.36
CA LYS AB 54 -90.47 71.64 -40.95
C LYS AB 54 -91.74 71.76 -40.12
N ALA AB 55 -91.62 71.59 -38.80
CA ALA AB 55 -92.80 71.68 -37.94
C ALA AB 55 -93.41 73.07 -37.97
N ASP AB 56 -92.57 74.10 -37.95
CA ASP AB 56 -93.08 75.47 -37.96
C ASP AB 56 -93.88 75.78 -39.22
N GLN AB 57 -93.66 75.03 -40.31
CA GLN AB 57 -94.40 75.28 -41.53
C GLN AB 57 -95.89 75.02 -41.35
N CYS AB 58 -96.25 73.99 -40.58
CA CYS AB 58 -97.65 73.69 -40.36
C CYS AB 58 -98.38 74.87 -39.73
N LEU AB 59 -97.74 75.54 -38.77
CA LEU AB 59 -98.35 76.72 -38.18
C LEU AB 59 -98.57 77.81 -39.21
N ILE AB 60 -97.60 77.99 -40.11
CA ILE AB 60 -97.73 79.00 -41.16
C ILE AB 60 -98.94 78.68 -42.04
N HIS AB 61 -99.04 77.43 -42.50
CA HIS AB 61 -100.20 77.01 -43.25
C HIS AB 61 -101.47 77.08 -42.39
N LYS AB 62 -101.36 76.66 -41.14
CA LYS AB 62 -102.50 76.72 -40.24
C LYS AB 62 -102.92 78.16 -39.97
N ALA AB 63 -101.95 79.07 -39.88
CA ALA AB 63 -102.26 80.47 -39.63
C ALA AB 63 -103.13 81.08 -40.72
N THR AB 64 -103.05 80.55 -41.94
CA THR AB 64 -103.86 81.08 -43.04
C THR AB 64 -105.34 80.80 -42.84
N LEU AB 65 -105.70 79.86 -41.98
CA LEU AB 65 -107.11 79.57 -41.75
C LEU AB 65 -107.87 80.80 -41.25
N ASP AB 66 -107.20 81.68 -40.51
CA ASP AB 66 -107.84 82.91 -40.07
C ASP AB 66 -108.25 83.76 -41.28
N PRO AB 78 -110.24 75.57 -54.58
CA PRO AB 78 -109.05 74.71 -54.67
C PRO AB 78 -107.87 75.22 -53.86
N LEU AB 79 -107.70 76.54 -53.79
CA LEU AB 79 -106.60 77.10 -53.02
C LEU AB 79 -106.75 76.78 -51.54
N ILE AB 80 -107.96 76.91 -51.00
CA ILE AB 80 -108.20 76.59 -49.60
C ILE AB 80 -108.09 75.09 -49.37
N GLU AB 81 -108.69 74.30 -50.25
CA GLU AB 81 -108.64 72.84 -50.10
C GLU AB 81 -107.21 72.32 -50.21
N ALA AB 82 -106.44 72.86 -51.17
CA ALA AB 82 -105.10 72.34 -51.43
C ALA AB 82 -104.21 72.47 -50.20
N MET AB 83 -104.27 73.61 -49.51
CA MET AB 83 -103.41 73.82 -48.35
C MET AB 83 -103.70 72.79 -47.27
N GLN AB 84 -104.96 72.46 -47.03
CA GLN AB 84 -105.30 71.48 -46.01
C GLN AB 84 -104.70 70.12 -46.32
N GLN AB 85 -104.70 69.73 -47.60
CA GLN AB 85 -104.12 68.45 -47.98
C GLN AB 85 -102.63 68.40 -47.69
N ILE AB 86 -101.94 69.52 -47.93
CA ILE AB 86 -100.48 69.54 -47.75
C ILE AB 86 -100.11 69.29 -46.30
N ILE AB 87 -100.92 69.78 -45.37
CA ILE AB 87 -100.60 69.62 -43.95
C ILE AB 87 -100.46 68.16 -43.58
N LEU AB 88 -101.32 67.31 -44.14
CA LEU AB 88 -101.24 65.88 -43.86
C LEU AB 88 -99.89 65.31 -44.32
N ALA AB 89 -99.45 65.71 -45.51
CA ALA AB 89 -98.19 65.21 -46.04
C ALA AB 89 -97.02 65.61 -45.15
N MET AB 90 -96.98 66.88 -44.72
CA MET AB 90 -95.91 67.32 -43.85
C MET AB 90 -95.98 66.63 -42.50
N THR AB 91 -97.19 66.42 -41.98
CA THR AB 91 -97.35 65.75 -40.69
C THR AB 91 -96.77 64.34 -40.75
N ARG AB 92 -96.98 63.65 -41.87
CA ARG AB 92 -96.43 62.30 -42.01
C ARG AB 92 -94.91 62.32 -41.90
N GLU AB 93 -94.26 63.31 -42.53
CA GLU AB 93 -92.81 63.40 -42.46
C GLU AB 93 -92.34 63.66 -41.04
N LEU AB 94 -93.08 64.49 -40.29
CA LEU AB 94 -92.67 64.81 -38.93
C LEU AB 94 -92.60 63.55 -38.07
N TRP AB 95 -93.61 62.68 -38.19
CA TRP AB 95 -93.64 61.49 -37.35
C TRP AB 95 -92.45 60.58 -37.62
N GLY AB 96 -92.07 60.42 -38.89
CA GLY AB 96 -90.94 59.57 -39.22
C GLY AB 96 -89.65 60.05 -38.55
N GLN AB 97 -89.43 61.37 -38.54
CA GLN AB 97 -88.26 61.91 -37.87
C GLN AB 97 -88.30 61.61 -36.38
N ILE AB 98 -89.47 61.73 -35.77
CA ILE AB 98 -89.59 61.48 -34.33
C ILE AB 98 -89.22 60.05 -34.01
N GLN AB 99 -89.76 59.10 -34.79
CA GLN AB 99 -89.40 57.70 -34.61
C GLN AB 99 -87.94 57.45 -34.94
N ARG AB 100 -87.40 58.18 -35.92
CA ARG AB 100 -85.98 58.08 -36.24
C ARG AB 100 -85.11 58.48 -35.07
N HIS AB 101 -85.66 59.21 -34.10
CA HIS AB 101 -84.93 59.62 -32.90
C HIS AB 101 -85.26 58.79 -31.68
N HIS AB 102 -86.54 58.51 -31.45
CA HIS AB 102 -86.97 57.76 -30.27
C HIS AB 102 -86.52 56.30 -30.37
N TYR AB 103 -87.01 55.59 -31.39
CA TYR AB 103 -86.70 54.17 -31.56
C TYR AB 103 -85.55 53.97 -32.53
N GLY AB 104 -84.44 54.64 -32.29
CA GLY AB 104 -83.31 54.48 -33.16
C GLY AB 104 -83.63 54.93 -34.57
N ILE AB 105 -82.75 54.54 -35.49
CA ILE AB 105 -82.92 54.84 -36.91
C ILE AB 105 -82.90 53.54 -37.71
N VAL AB 106 -82.25 52.51 -37.16
CA VAL AB 106 -82.19 51.22 -37.83
C VAL AB 106 -83.42 50.39 -37.51
N GLN AB 107 -83.80 50.32 -36.23
CA GLN AB 107 -84.96 49.55 -35.83
C GLN AB 107 -86.26 50.12 -36.40
N VAL AB 108 -86.26 51.40 -36.80
CA VAL AB 108 -87.47 52.00 -37.35
C VAL AB 108 -87.87 51.30 -38.64
N GLU AB 109 -86.89 51.03 -39.51
CA GLU AB 109 -87.20 50.39 -40.78
C GLU AB 109 -87.87 49.04 -40.57
N HIS AB 110 -87.38 48.26 -39.61
CA HIS AB 110 -87.98 46.96 -39.34
C HIS AB 110 -89.44 47.10 -38.93
N TYR AB 111 -89.75 48.08 -38.07
CA TYR AB 111 -91.13 48.26 -37.62
C TYR AB 111 -92.04 48.61 -38.79
N VAL AB 112 -91.63 49.59 -39.60
CA VAL AB 112 -92.47 49.99 -40.73
C VAL AB 112 -92.59 48.86 -41.73
N LYS AB 113 -91.53 48.07 -41.89
CA LYS AB 113 -91.60 46.91 -42.77
C LYS AB 113 -92.73 45.98 -42.36
N GLN AB 114 -92.87 45.72 -41.05
CA GLN AB 114 -93.94 44.86 -40.57
C GLN AB 114 -95.29 45.55 -40.68
N ILE AB 115 -95.32 46.87 -40.49
CA ILE AB 115 -96.58 47.60 -40.58
C ILE AB 115 -97.18 47.44 -41.97
N THR AB 116 -96.35 47.55 -43.01
CA THR AB 116 -96.86 47.42 -44.37
C THR AB 116 -97.47 46.04 -44.59
N LEU AB 117 -96.80 44.99 -44.14
CA LEU AB 117 -97.33 43.64 -44.30
C LEU AB 117 -98.59 43.45 -43.48
N TRP AB 118 -98.61 43.97 -42.24
CA TRP AB 118 -99.74 43.75 -41.36
C TRP AB 118 -101.00 44.45 -41.85
N GLN AB 119 -100.88 45.48 -42.68
CA GLN AB 119 -102.02 46.23 -43.18
C GLN AB 119 -102.40 45.83 -44.60
N ASP AB 120 -101.42 45.54 -45.45
CA ASP AB 120 -101.72 45.21 -46.84
C ASP AB 120 -102.53 43.92 -46.94
N THR AB 121 -102.20 42.93 -46.11
CA THR AB 121 -102.93 41.68 -46.13
C THR AB 121 -104.37 41.92 -45.69
N PRO AB 122 -105.31 41.10 -46.14
CA PRO AB 122 -106.72 41.30 -45.75
C PRO AB 122 -106.90 41.15 -44.25
N GLN AB 123 -107.89 41.87 -43.72
CA GLN AB 123 -108.12 41.90 -42.29
C GLN AB 123 -108.38 40.51 -41.71
N ALA AB 124 -108.81 39.56 -42.53
CA ALA AB 124 -109.07 38.21 -42.05
C ALA AB 124 -107.80 37.42 -41.78
N PHE AB 125 -106.64 37.92 -42.16
CA PHE AB 125 -105.37 37.22 -41.98
C PHE AB 125 -104.35 37.99 -41.16
N ARG AB 126 -104.59 39.27 -40.84
CA ARG AB 126 -103.58 40.07 -40.16
C ARG AB 126 -103.19 39.45 -38.84
N GLY AB 127 -104.13 39.35 -37.91
CA GLY AB 127 -103.86 38.83 -36.59
C GLY AB 127 -103.82 39.92 -35.54
N ASP AB 128 -102.62 40.24 -35.05
CA ASP AB 128 -102.42 41.25 -34.03
C ASP AB 128 -101.40 42.27 -34.50
N GLN AB 129 -101.62 43.53 -34.15
CA GLN AB 129 -100.70 44.59 -34.54
C GLN AB 129 -99.34 44.35 -33.92
N PRO AB 130 -98.24 44.49 -34.67
CA PRO AB 130 -96.91 44.33 -34.08
C PRO AB 130 -96.50 45.58 -33.32
N LYS AB 131 -96.27 45.41 -32.02
CA LYS AB 131 -95.93 46.54 -31.18
C LYS AB 131 -94.59 47.14 -31.62
N PRO AB 132 -94.47 48.46 -31.72
CA PRO AB 132 -93.19 49.05 -32.11
C PRO AB 132 -92.15 48.82 -31.02
N PRO AB 133 -90.87 48.78 -31.40
CA PRO AB 133 -89.83 48.59 -30.38
C PRO AB 133 -89.77 49.77 -29.41
N SER AB 134 -89.37 49.49 -28.18
CA SER AB 134 -89.30 50.51 -27.15
C SER AB 134 -88.09 51.41 -27.39
N PHE AB 135 -87.86 52.33 -26.45
CA PHE AB 135 -86.77 53.30 -26.56
C PHE AB 135 -85.46 52.57 -26.24
N THR BB 3 -100.85 20.91 -68.11
CA THR BB 3 -100.34 19.55 -68.05
C THR BB 3 -98.92 19.50 -67.49
N PHE BB 4 -98.16 20.60 -67.61
CA PHE BB 4 -96.81 20.62 -67.04
C PHE BB 4 -96.86 20.42 -65.54
N ILE BB 5 -97.82 21.05 -64.87
CA ILE BB 5 -97.94 20.87 -63.42
C ILE BB 5 -98.12 19.41 -63.08
N GLU BB 6 -98.91 18.70 -63.90
CA GLU BB 6 -99.06 17.25 -63.70
C GLU BB 6 -97.72 16.55 -63.85
N LEU BB 7 -96.91 16.98 -64.83
CA LEU BB 7 -95.59 16.36 -65.00
C LEU BB 7 -94.71 16.57 -63.79
N VAL BB 8 -94.97 17.63 -63.02
CA VAL BB 8 -94.21 17.90 -61.81
C VAL BB 8 -94.98 17.50 -60.54
N LYS BB 9 -96.30 17.37 -60.62
CA LYS BB 9 -97.07 16.99 -59.45
C LYS BB 9 -96.60 15.66 -58.88
N ASN BB 10 -96.04 14.79 -59.71
CA ASN BB 10 -95.50 13.52 -59.24
C ASN BB 10 -94.09 13.64 -58.68
N MET BB 11 -93.42 14.77 -58.90
CA MET BB 11 -92.06 14.93 -58.40
C MET BB 11 -92.06 14.96 -56.87
N LYS BB 12 -90.97 14.45 -56.29
CA LYS BB 12 -90.87 14.41 -54.83
C LYS BB 12 -90.90 15.80 -54.22
N GLY BB 13 -90.18 16.74 -54.82
CA GLY BB 13 -90.05 18.07 -54.24
C GLY BB 13 -91.12 19.05 -54.71
N TYR BB 14 -92.11 18.55 -55.44
CA TYR BB 14 -93.18 19.41 -55.93
C TYR BB 14 -93.98 19.96 -54.75
N LYS BB 15 -94.38 21.23 -54.87
CA LYS BB 15 -95.10 21.92 -53.81
C LYS BB 15 -96.21 22.76 -54.43
N GLU BB 16 -97.26 23.00 -53.64
CA GLU BB 16 -98.37 23.86 -54.06
C GLU BB 16 -98.03 25.30 -53.69
N LEU BB 17 -97.17 25.90 -54.53
CA LEU BB 17 -96.77 27.28 -54.29
C LEU BB 17 -97.93 28.26 -54.49
N LEU BB 18 -98.99 27.85 -55.18
CA LEU BB 18 -100.13 28.72 -55.42
C LEU BB 18 -100.93 28.86 -54.13
N LEU BB 19 -100.75 29.98 -53.44
CA LEU BB 19 -101.42 30.20 -52.19
C LEU BB 19 -102.90 30.53 -52.42
N PRO BB 20 -103.73 30.42 -51.38
CA PRO BB 20 -105.17 30.69 -51.57
C PRO BB 20 -105.41 32.08 -52.11
N MET BB 21 -106.43 32.20 -52.97
CA MET BB 21 -106.76 33.48 -53.57
C MET BB 21 -107.12 34.51 -52.51
N GLU BB 22 -107.92 34.11 -51.52
CA GLU BB 22 -108.29 35.03 -50.45
C GLU BB 22 -107.07 35.50 -49.67
N MET BB 23 -106.04 34.67 -49.58
CA MET BB 23 -104.86 35.03 -48.79
C MET BB 23 -104.15 36.25 -49.36
N VAL BB 24 -103.99 36.30 -50.68
CA VAL BB 24 -103.22 37.37 -51.32
C VAL BB 24 -104.07 38.63 -51.44
N PRO BB 25 -103.45 39.81 -51.47
CA PRO BB 25 -104.22 41.06 -51.64
C PRO BB 25 -104.52 41.36 -53.10
N LEU BB 26 -105.09 42.53 -53.37
CA LEU BB 26 -105.40 42.92 -54.73
C LEU BB 26 -104.12 43.12 -55.53
N PRO BB 27 -104.21 43.04 -56.87
CA PRO BB 27 -102.97 43.15 -57.68
C PRO BB 27 -102.20 44.43 -57.45
N ALA BB 28 -102.90 45.55 -57.25
CA ALA BB 28 -102.22 46.84 -57.13
C ALA BB 28 -101.29 46.87 -55.93
N VAL BB 29 -101.74 46.32 -54.81
CA VAL BB 29 -100.93 46.36 -53.59
C VAL BB 29 -99.68 45.51 -53.75
N VAL BB 30 -99.79 44.37 -54.43
CA VAL BB 30 -98.64 43.48 -54.58
C VAL BB 30 -97.51 44.19 -55.32
N LEU BB 31 -97.85 44.93 -56.38
CA LEU BB 31 -96.83 45.64 -57.12
C LEU BB 31 -96.01 46.55 -56.23
N LYS BB 32 -96.62 47.09 -55.17
CA LYS BB 32 -95.89 47.96 -54.25
C LYS BB 32 -94.74 47.22 -53.59
N HIS BB 33 -94.99 45.99 -53.15
CA HIS BB 33 -93.96 45.23 -52.46
C HIS BB 33 -92.83 44.81 -53.41
N VAL BB 34 -93.15 44.64 -54.70
CA VAL BB 34 -92.12 44.26 -55.65
C VAL BB 34 -91.04 45.32 -55.74
N LYS BB 35 -91.44 46.60 -55.80
CA LYS BB 35 -90.48 47.68 -55.79
C LYS BB 35 -89.70 47.69 -54.48
N LEU BB 36 -90.39 47.50 -53.35
CA LEU BB 36 -89.73 47.56 -52.06
C LEU BB 36 -88.75 46.41 -51.88
N ILE BB 37 -89.15 45.20 -52.26
CA ILE BB 37 -88.27 44.05 -52.08
C ILE BB 37 -87.09 44.12 -53.04
N LEU BB 38 -87.35 44.46 -54.31
CA LEU BB 38 -86.26 44.61 -55.27
C LEU BB 38 -85.31 45.74 -54.85
N THR BB 39 -85.87 46.87 -54.43
CA THR BB 39 -85.03 47.98 -54.00
C THR BB 39 -84.18 47.61 -52.79
N SER BB 40 -84.80 46.96 -51.79
CA SER BB 40 -84.06 46.60 -50.58
C SER BB 40 -82.94 45.61 -50.89
N GLN BB 41 -83.23 44.61 -51.73
CA GLN BB 41 -82.22 43.61 -52.04
C GLN BB 41 -81.09 44.21 -52.85
N LYS BB 42 -79.86 43.76 -52.57
CA LYS BB 42 -78.66 44.29 -53.22
C LYS BB 42 -77.97 43.27 -54.10
N GLU BB 43 -77.67 42.09 -53.58
CA GLU BB 43 -76.96 41.09 -54.38
C GLU BB 43 -77.78 40.69 -55.58
N HIS BB 44 -77.12 40.54 -56.73
CA HIS BB 44 -77.79 40.23 -57.98
C HIS BB 44 -77.84 38.72 -58.16
N GLN BB 45 -79.05 38.18 -58.28
CA GLN BB 45 -79.30 36.78 -58.57
C GLN BB 45 -80.34 36.68 -59.67
N PRO BB 46 -80.40 35.56 -60.38
CA PRO BB 46 -81.36 35.45 -61.49
C PRO BB 46 -82.81 35.59 -61.07
N TRP BB 47 -83.16 35.29 -59.82
CA TRP BB 47 -84.56 35.32 -59.42
C TRP BB 47 -85.12 36.74 -59.50
N MET BB 48 -84.36 37.73 -59.02
CA MET BB 48 -84.84 39.11 -59.10
C MET BB 48 -84.98 39.57 -60.54
N THR BB 49 -84.03 39.17 -61.40
CA THR BB 49 -84.14 39.51 -62.80
C THR BB 49 -85.40 38.91 -63.43
N GLU BB 50 -85.68 37.64 -63.12
CA GLU BB 50 -86.90 37.02 -63.60
C GLU BB 50 -88.13 37.48 -62.83
N MET BB 51 -87.96 37.84 -61.56
CA MET BB 51 -89.09 38.29 -60.76
C MET BB 51 -89.70 39.56 -61.35
N ALA BB 52 -88.85 40.50 -61.77
CA ALA BB 52 -89.36 41.73 -62.37
C ALA BB 52 -90.14 41.44 -63.65
N LEU BB 53 -89.61 40.54 -64.49
CA LEU BB 53 -90.27 40.24 -65.74
C LEU BB 53 -91.66 39.66 -65.51
N LYS BB 54 -91.78 38.76 -64.54
CA LYS BB 54 -93.08 38.14 -64.26
C LYS BB 54 -94.10 39.18 -63.82
N ALA BB 55 -93.68 40.14 -62.99
CA ALA BB 55 -94.59 41.18 -62.53
C ALA BB 55 -94.90 42.19 -63.63
N ASP BB 56 -93.98 42.36 -64.58
CA ASP BB 56 -94.17 43.36 -65.62
C ASP BB 56 -95.41 43.05 -66.46
N GLN BB 57 -95.64 41.78 -66.76
CA GLN BB 57 -96.76 41.41 -67.62
C GLN BB 57 -98.08 41.93 -67.05
N CYS BB 58 -98.22 41.92 -65.73
CA CYS BB 58 -99.47 42.41 -65.12
C CYS BB 58 -99.73 43.87 -65.48
N LEU BB 59 -98.67 44.67 -65.58
CA LEU BB 59 -98.86 46.08 -65.91
C LEU BB 59 -99.48 46.25 -67.28
N ILE BB 60 -99.06 45.46 -68.25
CA ILE BB 60 -99.59 45.58 -69.61
C ILE BB 60 -101.08 45.27 -69.61
N HIS BB 61 -101.49 44.24 -68.88
CA HIS BB 61 -102.90 43.88 -68.83
C HIS BB 61 -103.73 45.00 -68.20
N LYS BB 62 -103.15 45.73 -67.25
CA LYS BB 62 -103.87 46.84 -66.64
C LYS BB 62 -104.28 47.86 -67.71
N ALA BB 63 -103.34 48.27 -68.55
CA ALA BB 63 -103.64 49.22 -69.61
C ALA BB 63 -104.38 48.57 -70.76
N THR BB 64 -104.11 47.30 -71.05
CA THR BB 64 -104.78 46.63 -72.16
C THR BB 64 -106.29 46.63 -71.94
N LEU BB 65 -106.73 46.24 -70.74
CA LEU BB 65 -108.16 46.27 -70.44
C LEU BB 65 -108.66 47.69 -70.19
N PRO BB 78 -116.08 36.16 -73.01
CA PRO BB 78 -115.14 35.14 -72.49
C PRO BB 78 -113.70 35.58 -72.54
N LEU BB 79 -113.30 36.36 -73.54
CA LEU BB 79 -111.92 36.80 -73.65
C LEU BB 79 -111.56 37.74 -72.50
N ILE BB 80 -112.39 38.77 -72.29
CA ILE BB 80 -112.09 39.74 -71.24
C ILE BB 80 -112.14 39.09 -69.87
N GLU BB 81 -113.14 38.25 -69.63
CA GLU BB 81 -113.28 37.62 -68.32
C GLU BB 81 -112.08 36.75 -67.99
N ALA BB 82 -111.57 36.01 -68.98
CA ALA BB 82 -110.41 35.16 -68.74
C ALA BB 82 -109.21 35.98 -68.32
N MET BB 83 -108.99 37.13 -68.94
CA MET BB 83 -107.85 37.96 -68.59
C MET BB 83 -107.91 38.39 -67.13
N GLN BB 84 -109.12 38.70 -66.64
CA GLN BB 84 -109.25 39.10 -65.23
C GLN BB 84 -108.77 37.99 -64.31
N GLN BB 85 -109.13 36.74 -64.61
CA GLN BB 85 -108.65 35.62 -63.81
C GLN BB 85 -107.15 35.40 -64.01
N ILE BB 86 -106.65 35.66 -65.22
CA ILE BB 86 -105.23 35.47 -65.49
C ILE BB 86 -104.39 36.40 -64.61
N ILE BB 87 -104.82 37.66 -64.49
CA ILE BB 87 -104.07 38.60 -63.66
C ILE BB 87 -103.98 38.09 -62.23
N LEU BB 88 -105.10 37.60 -61.69
CA LEU BB 88 -105.08 37.07 -60.33
C LEU BB 88 -104.18 35.84 -60.23
N ALA BB 89 -104.05 35.08 -61.32
CA ALA BB 89 -103.18 33.91 -61.30
C ALA BB 89 -101.74 34.29 -61.04
N MET BB 90 -101.28 35.37 -61.69
CA MET BB 90 -99.90 35.79 -61.49
C MET BB 90 -99.68 36.38 -60.11
N THR BB 91 -100.70 37.04 -59.54
CA THR BB 91 -100.57 37.63 -58.23
C THR BB 91 -100.25 36.57 -57.17
N ARG BB 92 -100.92 35.43 -57.24
CA ARG BB 92 -100.63 34.36 -56.29
C ARG BB 92 -99.19 33.88 -56.43
N GLU BB 93 -98.73 33.74 -57.67
CA GLU BB 93 -97.34 33.32 -57.90
C GLU BB 93 -96.36 34.36 -57.37
N LEU BB 94 -96.64 35.65 -57.60
CA LEU BB 94 -95.74 36.69 -57.15
C LEU BB 94 -95.66 36.73 -55.64
N TRP BB 95 -96.80 36.64 -54.96
CA TRP BB 95 -96.80 36.73 -53.51
C TRP BB 95 -95.99 35.60 -52.87
N GLY BB 96 -95.92 34.45 -53.53
CA GLY BB 96 -95.14 33.36 -53.00
C GLY BB 96 -93.67 33.70 -52.88
N GLN BB 97 -93.10 34.28 -53.95
CA GLN BB 97 -91.70 34.68 -53.89
C GLN BB 97 -91.48 35.77 -52.85
N ILE BB 98 -92.45 36.68 -52.71
CA ILE BB 98 -92.33 37.74 -51.71
C ILE BB 98 -92.22 37.14 -50.32
N GLN BB 99 -93.12 36.23 -49.97
CA GLN BB 99 -93.11 35.64 -48.63
C GLN BB 99 -91.91 34.73 -48.44
N ARG BB 100 -91.58 33.93 -49.46
CA ARG BB 100 -90.43 33.02 -49.32
C ARG BB 100 -89.14 33.80 -49.15
N HIS BB 101 -88.98 34.89 -49.90
CA HIS BB 101 -87.75 35.69 -49.78
C HIS BB 101 -87.66 36.36 -48.41
N HIS BB 102 -88.76 36.94 -47.93
CA HIS BB 102 -88.74 37.63 -46.65
C HIS BB 102 -88.49 36.66 -45.50
N TYR BB 103 -89.27 35.58 -45.43
CA TYR BB 103 -89.16 34.61 -44.35
C TYR BB 103 -88.29 33.42 -44.75
N GLY BB 104 -88.70 32.70 -45.78
CA GLY BB 104 -88.00 31.51 -46.21
C GLY BB 104 -88.93 30.56 -46.94
N ILE BB 105 -88.32 29.68 -47.72
CA ILE BB 105 -89.10 28.75 -48.53
C ILE BB 105 -89.87 27.77 -47.64
N VAL BB 106 -89.20 27.23 -46.63
CA VAL BB 106 -89.84 26.24 -45.77
C VAL BB 106 -90.95 26.86 -44.94
N GLN BB 107 -90.72 28.08 -44.44
CA GLN BB 107 -91.69 28.69 -43.54
C GLN BB 107 -93.03 28.92 -44.24
N VAL BB 108 -92.99 29.40 -45.48
CA VAL BB 108 -94.24 29.61 -46.22
C VAL BB 108 -94.97 28.29 -46.42
N GLU BB 109 -94.24 27.26 -46.86
CA GLU BB 109 -94.84 25.94 -47.01
C GLU BB 109 -95.35 25.43 -45.67
N HIS BB 110 -94.66 25.75 -44.59
CA HIS BB 110 -95.06 25.29 -43.26
C HIS BB 110 -96.24 26.08 -42.72
N TYR BB 111 -96.30 27.39 -43.01
CA TYR BB 111 -97.33 28.25 -42.44
C TYR BB 111 -98.61 28.32 -43.25
N VAL BB 112 -98.52 28.11 -44.57
CA VAL BB 112 -99.71 28.27 -45.42
C VAL BB 112 -100.79 27.28 -45.00
N LYS BB 113 -100.41 26.04 -44.73
CA LYS BB 113 -101.40 25.02 -44.40
C LYS BB 113 -102.11 25.34 -43.09
N GLN BB 114 -101.38 25.91 -42.12
CA GLN BB 114 -101.96 26.14 -40.81
C GLN BB 114 -103.18 27.05 -40.90
N ILE BB 115 -103.06 28.16 -41.64
CA ILE BB 115 -104.17 29.10 -41.73
C ILE BB 115 -105.35 28.48 -42.47
N THR BB 116 -105.07 27.65 -43.47
CA THR BB 116 -106.16 26.99 -44.20
C THR BB 116 -106.97 26.10 -43.28
N LEU BB 117 -106.30 25.36 -42.39
CA LEU BB 117 -107.00 24.52 -41.44
C LEU BB 117 -107.88 25.35 -40.51
N TRP BB 118 -107.37 26.48 -40.03
CA TRP BB 118 -108.14 27.32 -39.13
C TRP BB 118 -109.43 27.79 -39.78
N GLN BB 119 -109.47 27.88 -41.12
CA GLN BB 119 -110.68 28.29 -41.80
C GLN BB 119 -111.62 27.11 -42.01
N ASP BB 120 -111.10 26.01 -42.54
CA ASP BB 120 -111.91 24.82 -42.83
C ASP BB 120 -112.15 24.08 -41.51
N THR BB 121 -113.05 24.65 -40.70
CA THR BB 121 -113.40 24.09 -39.41
C THR BB 121 -114.75 24.66 -39.01
N PRO BB 122 -115.56 23.91 -38.23
CA PRO BB 122 -116.91 24.40 -37.90
C PRO BB 122 -116.90 25.63 -37.01
N GLN BB 123 -116.54 26.78 -37.57
CA GLN BB 123 -116.61 28.08 -36.92
C GLN BB 123 -116.26 28.04 -35.43
N ALA BB 124 -117.11 27.41 -34.62
CA ALA BB 124 -116.96 27.49 -33.17
C ALA BB 124 -115.57 27.03 -32.73
N PHE BB 125 -115.18 25.82 -33.14
CA PHE BB 125 -113.87 25.28 -32.80
C PHE BB 125 -112.85 25.59 -33.89
N ARG BB 126 -112.78 26.86 -34.31
CA ARG BB 126 -111.86 27.22 -35.37
C ARG BB 126 -110.41 27.10 -34.92
N GLY BB 127 -110.13 27.49 -33.68
CA GLY BB 127 -108.78 27.42 -33.15
C GLY BB 127 -108.47 28.60 -32.25
N ASP BB 128 -107.32 29.23 -32.46
CA ASP BB 128 -106.90 30.37 -31.66
C ASP BB 128 -106.28 31.46 -32.52
N GLN BB 129 -106.76 31.60 -33.76
CA GLN BB 129 -106.24 32.63 -34.65
C GLN BB 129 -104.73 32.48 -34.79
N PRO BB 130 -104.27 31.46 -35.51
CA PRO BB 130 -102.82 31.17 -35.53
C PRO BB 130 -102.02 32.39 -35.95
N LYS BB 131 -100.93 32.64 -35.23
CA LYS BB 131 -100.12 33.81 -35.49
C LYS BB 131 -99.34 33.65 -36.79
N PRO BB 132 -99.10 34.73 -37.51
CA PRO BB 132 -98.25 34.66 -38.72
C PRO BB 132 -96.81 34.41 -38.33
N PRO BB 133 -95.99 33.92 -39.26
CA PRO BB 133 -94.61 33.58 -38.92
C PRO BB 133 -93.83 34.80 -38.44
N THR CB 3 105.63 13.98 -60.88
CA THR CB 3 105.43 12.77 -60.09
C THR CB 3 104.21 12.88 -59.19
N PHE CB 4 103.79 14.09 -58.84
CA PHE CB 4 102.59 14.24 -58.01
C PHE CB 4 101.37 13.70 -58.74
N ILE CB 5 101.27 13.94 -60.06
CA ILE CB 5 100.13 13.43 -60.81
C ILE CB 5 100.09 11.91 -60.71
N GLU CB 6 101.26 11.27 -60.74
CA GLU CB 6 101.31 9.82 -60.54
C GLU CB 6 100.77 9.45 -59.16
N LEU CB 7 101.12 10.24 -58.14
CA LEU CB 7 100.62 9.94 -56.80
C LEU CB 7 99.11 10.05 -56.74
N VAL CB 8 98.51 10.82 -57.64
CA VAL CB 8 97.05 10.94 -57.69
C VAL CB 8 96.45 10.12 -58.84
N LYS CB 9 97.24 9.75 -59.84
CA LYS CB 9 96.71 8.97 -60.94
C LYS CB 9 96.10 7.66 -60.46
N ASN CB 10 96.57 7.14 -59.33
CA ASN CB 10 96.01 5.92 -58.75
C ASN CB 10 94.77 6.19 -57.91
N MET CB 11 94.49 7.44 -57.58
CA MET CB 11 93.32 7.75 -56.77
C MET CB 11 92.03 7.42 -57.54
N LYS CB 12 91.01 7.02 -56.79
CA LYS CB 12 89.74 6.65 -57.41
C LYS CB 12 89.11 7.83 -58.14
N GLY CB 13 89.13 9.01 -57.52
CA GLY CB 13 88.47 10.17 -58.09
C GLY CB 13 89.34 10.99 -59.01
N TYR CB 14 90.54 10.50 -59.32
CA TYR CB 14 91.44 11.22 -60.21
C TYR CB 14 90.83 11.32 -61.61
N LYS CB 15 91.03 12.47 -62.24
CA LYS CB 15 90.47 12.74 -63.55
C LYS CB 15 91.51 13.48 -64.40
N GLU CB 16 91.39 13.31 -65.72
CA GLU CB 16 92.26 14.00 -66.67
C GLU CB 16 91.63 15.36 -66.98
N LEU CB 17 91.82 16.30 -66.05
CA LEU CB 17 91.28 17.64 -66.23
C LEU CB 17 91.97 18.39 -67.36
N LEU CB 18 93.16 17.96 -67.78
CA LEU CB 18 93.90 18.62 -68.84
C LEU CB 18 93.24 18.29 -70.17
N LEU CB 19 92.47 19.23 -70.70
CA LEU CB 19 91.75 19.02 -71.94
C LEU CB 19 92.72 19.08 -73.12
N PRO CB 20 92.30 18.59 -74.28
CA PRO CB 20 93.21 18.60 -75.44
C PRO CB 20 93.66 20.01 -75.78
N MET CB 21 94.93 20.11 -76.22
CA MET CB 21 95.48 21.42 -76.56
C MET CB 21 94.70 22.08 -77.69
N GLU CB 22 94.33 21.31 -78.72
CA GLU CB 22 93.55 21.86 -79.81
C GLU CB 22 92.20 22.38 -79.34
N MET CB 23 91.64 21.77 -78.29
CA MET CB 23 90.32 22.15 -77.83
C MET CB 23 90.29 23.58 -77.32
N VAL CB 24 91.31 23.98 -76.55
CA VAL CB 24 91.34 25.29 -75.91
C VAL CB 24 91.77 26.35 -76.91
N PRO CB 25 91.34 27.61 -76.73
CA PRO CB 25 91.79 28.68 -77.64
C PRO CB 25 93.15 29.24 -77.24
N LEU CB 26 93.57 30.32 -77.91
CA LEU CB 26 94.85 30.94 -77.61
C LEU CB 26 94.80 31.58 -76.22
N PRO CB 27 95.97 31.79 -75.61
CA PRO CB 27 95.98 32.32 -74.23
C PRO CB 27 95.26 33.65 -74.08
N ALA CB 28 95.36 34.53 -75.08
CA ALA CB 28 94.77 35.86 -74.95
C ALA CB 28 93.27 35.78 -74.79
N VAL CB 29 92.61 34.91 -75.56
CA VAL CB 29 91.15 34.84 -75.51
C VAL CB 29 90.69 34.31 -74.16
N VAL CB 30 91.43 33.36 -73.59
CA VAL CB 30 91.02 32.77 -72.31
C VAL CB 30 90.96 33.83 -71.23
N LEU CB 31 91.95 34.72 -71.19
CA LEU CB 31 91.97 35.78 -70.19
C LEU CB 31 90.69 36.60 -70.23
N LYS CB 32 90.09 36.75 -71.41
CA LYS CB 32 88.85 37.51 -71.53
C LYS CB 32 87.74 36.87 -70.69
N HIS CB 33 87.62 35.54 -70.76
CA HIS CB 33 86.55 34.86 -70.03
C HIS CB 33 86.78 34.89 -68.53
N VAL CB 34 88.05 34.98 -68.09
CA VAL CB 34 88.33 35.04 -66.66
C VAL CB 34 87.72 36.29 -66.04
N LYS CB 35 87.87 37.43 -66.71
CA LYS CB 35 87.23 38.65 -66.24
C LYS CB 35 85.71 38.52 -66.26
N LEU CB 36 85.17 37.94 -67.33
CA LEU CB 36 83.72 37.82 -67.45
C LEU CB 36 83.15 36.88 -66.40
N ILE CB 37 83.80 35.73 -66.18
CA ILE CB 37 83.28 34.76 -65.22
C ILE CB 37 83.44 35.29 -63.80
N LEU CB 38 84.61 35.86 -63.48
CA LEU CB 38 84.80 36.44 -62.16
C LEU CB 38 83.84 37.59 -61.91
N THR CB 39 83.68 38.46 -62.91
CA THR CB 39 82.77 39.60 -62.75
C THR CB 39 81.34 39.12 -62.56
N SER CB 40 80.90 38.16 -63.36
CA SER CB 40 79.53 37.68 -63.26
C SER CB 40 79.27 37.02 -61.91
N GLN CB 41 80.21 36.21 -61.43
CA GLN CB 41 80.03 35.52 -60.17
C GLN CB 41 80.03 36.51 -59.01
N LYS CB 42 79.19 36.25 -58.01
CA LYS CB 42 79.03 37.15 -56.87
C LYS CB 42 79.47 36.52 -55.56
N GLU CB 43 79.00 35.32 -55.23
CA GLU CB 43 79.36 34.70 -53.97
C GLU CB 43 80.87 34.43 -53.93
N HIS CB 44 81.48 34.70 -52.78
CA HIS CB 44 82.92 34.55 -52.61
C HIS CB 44 83.23 33.14 -52.13
N GLN CB 45 84.04 32.42 -52.90
CA GLN CB 45 84.54 31.11 -52.55
C GLN CB 45 86.03 31.07 -52.84
N PRO CB 46 86.77 30.15 -52.21
CA PRO CB 46 88.22 30.11 -52.41
C PRO CB 46 88.64 29.88 -53.85
N TRP CB 47 87.81 29.22 -54.66
CA TRP CB 47 88.23 28.88 -56.01
C TRP CB 47 88.46 30.14 -56.85
N MET CB 48 87.57 31.12 -56.75
CA MET CB 48 87.76 32.36 -57.51
C MET CB 48 89.00 33.10 -57.04
N THR CB 49 89.24 33.11 -55.72
CA THR CB 49 90.45 33.74 -55.21
C THR CB 49 91.70 33.08 -55.76
N GLU CB 50 91.71 31.74 -55.78
CA GLU CB 50 92.83 31.01 -56.35
C GLU CB 50 92.81 31.03 -57.87
N MET CB 51 91.62 31.11 -58.47
CA MET CB 51 91.52 31.13 -59.93
C MET CB 51 92.22 32.36 -60.50
N ALA CB 52 92.03 33.52 -59.87
CA ALA CB 52 92.70 34.73 -60.34
C ALA CB 52 94.21 34.60 -60.26
N LEU CB 53 94.71 34.05 -59.16
CA LEU CB 53 96.15 33.92 -58.99
C LEU CB 53 96.76 33.03 -60.07
N LYS CB 54 96.09 31.93 -60.39
CA LYS CB 54 96.62 31.03 -61.42
C LYS CB 54 96.70 31.71 -62.77
N ALA CB 55 95.70 32.52 -63.10
CA ALA CB 55 95.70 33.22 -64.38
C ALA CB 55 96.69 34.37 -64.38
N ASP CB 56 96.97 34.95 -63.20
CA ASP CB 56 97.86 36.10 -63.13
C ASP CB 56 99.25 35.76 -63.65
N GLN CB 57 99.74 34.56 -63.32
CA GLN CB 57 101.10 34.19 -63.71
C GLN CB 57 101.29 34.30 -65.22
N CYS CB 58 100.26 33.95 -66.00
CA CYS CB 58 100.38 34.03 -67.44
C CYS CB 58 100.68 35.45 -67.91
N LEU CB 59 100.13 36.46 -67.23
CA LEU CB 59 100.37 37.84 -67.63
C LEU CB 59 101.85 38.20 -67.51
N ILE CB 60 102.50 37.75 -66.44
CA ILE CB 60 103.92 38.07 -66.24
C ILE CB 60 104.75 37.49 -67.37
N HIS CB 61 104.45 36.25 -67.77
CA HIS CB 61 105.20 35.62 -68.85
C HIS CB 61 105.02 36.38 -70.17
N LYS CB 62 103.84 36.97 -70.38
CA LYS CB 62 103.63 37.75 -71.59
C LYS CB 62 104.64 38.89 -71.70
N ALA CB 63 104.80 39.65 -70.62
CA ALA CB 63 105.76 40.75 -70.62
C ALA CB 63 107.19 40.25 -70.46
N THR CB 64 107.39 39.17 -69.73
CA THR CB 64 108.74 38.65 -69.55
C THR CB 64 109.38 38.31 -70.89
N LEU CB 65 108.66 37.57 -71.73
CA LEU CB 65 109.17 37.24 -73.05
C LEU CB 65 109.10 38.43 -73.99
N PRO CB 78 116.52 26.66 -75.33
CA PRO CB 78 115.69 25.75 -74.53
C PRO CB 78 114.89 26.46 -73.45
N LEU CB 79 115.46 27.51 -72.85
CA LEU CB 79 114.76 28.23 -71.80
C LEU CB 79 113.53 28.94 -72.34
N ILE CB 80 113.69 29.70 -73.43
CA ILE CB 80 112.57 30.45 -73.98
C ILE CB 80 111.51 29.50 -74.51
N GLU CB 81 111.92 28.43 -75.21
CA GLU CB 81 110.96 27.51 -75.79
C GLU CB 81 110.12 26.84 -74.71
N ALA CB 82 110.74 26.46 -73.60
CA ALA CB 82 109.99 25.82 -72.53
C ALA CB 82 108.91 26.73 -71.98
N MET CB 83 109.22 28.03 -71.83
CA MET CB 83 108.23 28.96 -71.31
C MET CB 83 107.00 29.01 -72.21
N GLN CB 84 107.20 28.97 -73.52
CA GLN CB 84 106.06 28.98 -74.45
C GLN CB 84 105.14 27.81 -74.19
N GLN CB 85 105.70 26.62 -73.97
CA GLN CB 85 104.88 25.46 -73.65
C GLN CB 85 104.26 25.59 -72.27
N ILE CB 86 104.96 26.22 -71.33
CA ILE CB 86 104.44 26.38 -69.98
C ILE CB 86 103.18 27.23 -70.00
N ILE CB 87 103.18 28.31 -70.77
CA ILE CB 87 102.01 29.16 -70.85
C ILE CB 87 100.80 28.36 -71.33
N LEU CB 88 100.99 27.55 -72.37
CA LEU CB 88 99.89 26.73 -72.87
C LEU CB 88 99.44 25.71 -71.84
N ALA CB 89 100.36 25.27 -70.96
CA ALA CB 89 99.98 24.32 -69.93
C ALA CB 89 98.95 24.91 -68.99
N MET CB 90 99.14 26.17 -68.59
CA MET CB 90 98.20 26.80 -67.69
C MET CB 90 96.86 27.09 -68.37
N THR CB 91 96.89 27.38 -69.67
CA THR CB 91 95.65 27.67 -70.39
C THR CB 91 94.70 26.48 -70.34
N ARG CB 92 95.22 25.27 -70.54
CA ARG CB 92 94.37 24.08 -70.46
C ARG CB 92 93.76 23.96 -69.07
N GLU CB 93 94.55 24.19 -68.03
CA GLU CB 93 94.04 24.11 -66.67
C GLU CB 93 92.96 25.17 -66.43
N LEU CB 94 93.20 26.39 -66.91
CA LEU CB 94 92.24 27.47 -66.69
C LEU CB 94 90.91 27.18 -67.40
N TRP CB 95 90.98 26.69 -68.64
CA TRP CB 95 89.75 26.45 -69.38
C TRP CB 95 88.90 25.38 -68.72
N GLY CB 96 89.52 24.47 -67.98
CA GLY CB 96 88.75 23.45 -67.30
C GLY CB 96 87.82 24.03 -66.24
N GLN CB 97 88.35 24.94 -65.43
CA GLN CB 97 87.52 25.59 -64.42
C GLN CB 97 86.43 26.43 -65.07
N ILE CB 98 86.75 27.07 -66.20
CA ILE CB 98 85.75 27.87 -66.90
C ILE CB 98 84.57 27.00 -67.33
N GLN CB 99 84.86 25.87 -67.97
CA GLN CB 99 83.78 25.01 -68.47
C GLN CB 99 83.06 24.33 -67.31
N ARG CB 100 83.80 23.86 -66.31
CA ARG CB 100 83.17 23.20 -65.17
C ARG CB 100 82.25 24.15 -64.42
N HIS CB 101 82.68 25.40 -64.23
CA HIS CB 101 81.85 26.37 -63.52
C HIS CB 101 80.59 26.71 -64.32
N HIS CB 102 80.73 26.93 -65.63
CA HIS CB 102 79.58 27.30 -66.44
C HIS CB 102 78.58 26.16 -66.52
N TYR CB 103 79.05 24.96 -66.89
CA TYR CB 103 78.16 23.81 -67.05
C TYR CB 103 78.14 22.93 -65.81
N GLY CB 104 79.30 22.41 -65.41
CA GLY CB 104 79.39 21.51 -64.28
C GLY CB 104 80.58 20.60 -64.41
N ILE CB 105 81.00 20.05 -63.27
CA ILE CB 105 82.18 19.20 -63.24
C ILE CB 105 81.94 17.92 -64.02
N VAL CB 106 80.77 17.30 -63.82
CA VAL CB 106 80.49 16.03 -64.48
C VAL CB 106 80.35 16.21 -65.98
N GLN CB 107 79.68 17.29 -66.40
CA GLN CB 107 79.40 17.48 -67.81
C GLN CB 107 80.69 17.59 -68.63
N VAL CB 108 81.66 18.35 -68.12
CA VAL CB 108 82.94 18.48 -68.84
C VAL CB 108 83.61 17.12 -68.95
N GLU CB 109 83.68 16.38 -67.84
CA GLU CB 109 84.26 15.06 -67.88
C GLU CB 109 83.46 14.14 -68.80
N HIS CB 110 82.15 14.34 -68.88
CA HIS CB 110 81.30 13.52 -69.72
C HIS CB 110 81.42 13.91 -71.19
N TYR CB 111 81.57 15.21 -71.48
CA TYR CB 111 81.55 15.69 -72.86
C TYR CB 111 82.93 15.70 -73.51
N VAL CB 112 84.01 15.83 -72.73
CA VAL CB 112 85.34 15.94 -73.32
C VAL CB 112 85.67 14.69 -74.13
N LYS CB 113 85.35 13.52 -73.60
CA LYS CB 113 85.70 12.27 -74.28
C LYS CB 113 84.96 12.14 -75.60
N GLN CB 114 83.70 12.59 -75.64
CA GLN CB 114 82.89 12.41 -76.84
C GLN CB 114 83.54 13.05 -78.06
N ILE CB 115 84.00 14.29 -77.92
CA ILE CB 115 84.58 15.00 -79.05
C ILE CB 115 85.89 14.35 -79.47
N THR CB 116 86.66 13.84 -78.50
CA THR CB 116 87.92 13.18 -78.84
C THR CB 116 87.67 11.95 -79.70
N LEU CB 117 86.63 11.18 -79.38
CA LEU CB 117 86.30 10.01 -80.19
C LEU CB 117 85.92 10.42 -81.60
N TRP CB 118 85.13 11.49 -81.75
CA TRP CB 118 84.72 11.93 -83.08
C TRP CB 118 85.91 12.27 -83.95
N GLN CB 119 87.03 12.66 -83.33
CA GLN CB 119 88.23 12.97 -84.10
C GLN CB 119 89.02 11.71 -84.43
N ASP CB 120 89.29 10.87 -83.42
CA ASP CB 120 90.07 9.66 -83.60
C ASP CB 120 89.17 8.61 -84.24
N THR CB 121 88.92 8.79 -85.54
CA THR CB 121 88.08 7.88 -86.31
C THR CB 121 88.43 8.06 -87.77
N PRO CB 122 88.27 7.01 -88.61
CA PRO CB 122 88.69 7.14 -90.01
C PRO CB 122 87.82 8.10 -90.81
N GLN CB 123 87.99 9.39 -90.56
CA GLN CB 123 87.36 10.47 -91.32
C GLN CB 123 85.93 10.15 -91.77
N ALA CB 124 85.77 9.19 -92.67
CA ALA CB 124 84.47 8.97 -93.29
C ALA CB 124 83.40 8.70 -92.25
N PHE CB 125 83.64 7.72 -91.37
CA PHE CB 125 82.69 7.40 -90.31
C PHE CB 125 83.03 8.13 -89.02
N ARG CB 126 83.23 9.45 -89.12
CA ARG CB 126 83.59 10.22 -87.94
C ARG CB 126 82.43 10.30 -86.95
N GLY CB 127 81.21 10.42 -87.45
CA GLY CB 127 80.05 10.51 -86.59
C GLY CB 127 79.01 11.48 -87.13
N ASP CB 128 78.52 12.35 -86.25
CA ASP CB 128 77.51 13.33 -86.64
C ASP CB 128 77.80 14.70 -86.03
N GLN CB 129 79.08 15.03 -85.84
CA GLN CB 129 79.46 16.31 -85.27
C GLN CB 129 78.78 16.49 -83.93
N PRO CB 130 79.21 15.78 -82.88
CA PRO CB 130 78.48 15.80 -81.61
C PRO CB 130 78.28 17.22 -81.10
N LYS CB 131 77.07 17.49 -80.64
CA LYS CB 131 76.73 18.83 -80.18
C LYS CB 131 77.41 19.13 -78.85
N PRO CB 132 77.79 20.38 -78.61
CA PRO CB 132 78.35 20.76 -77.31
C PRO CB 132 77.28 20.71 -76.24
N PRO CB 133 77.66 20.63 -74.98
CA PRO CB 133 76.65 20.49 -73.91
C PRO CB 133 75.73 21.70 -73.86
N THR DB 3 -91.84 20.96 86.46
CA THR DB 3 -90.55 21.49 86.91
C THR DB 3 -89.43 21.09 85.96
N PHE DB 4 -89.44 19.84 85.48
CA PHE DB 4 -88.35 19.37 84.62
C PHE DB 4 -88.28 20.16 83.33
N ILE DB 5 -89.42 20.43 82.71
CA ILE DB 5 -89.42 21.14 81.43
C ILE DB 5 -88.79 22.53 81.60
N GLU DB 6 -89.05 23.17 82.74
CA GLU DB 6 -88.42 24.45 83.02
C GLU DB 6 -86.90 24.31 83.01
N LEU DB 7 -86.38 23.22 83.59
CA LEU DB 7 -84.94 23.02 83.62
C LEU DB 7 -84.39 22.84 82.21
N VAL DB 8 -85.09 22.10 81.36
CA VAL DB 8 -84.60 21.87 80.00
C VAL DB 8 -84.61 23.15 79.19
N LYS DB 9 -85.65 23.97 79.36
CA LYS DB 9 -85.70 25.23 78.64
C LYS DB 9 -84.48 26.09 78.93
N ASN DB 10 -83.86 25.91 80.10
CA ASN DB 10 -82.64 26.61 80.46
C ASN DB 10 -81.42 25.86 79.88
N MET DB 11 -81.44 25.70 78.57
CA MET DB 11 -80.37 25.00 77.87
C MET DB 11 -80.11 25.67 76.53
N LYS DB 12 -78.93 25.38 75.98
CA LYS DB 12 -78.46 26.03 74.78
C LYS DB 12 -78.82 25.19 73.55
N GLY DB 13 -79.25 25.88 72.49
CA GLY DB 13 -79.74 25.21 71.30
C GLY DB 13 -81.17 24.74 71.38
N TYR DB 14 -81.93 25.21 72.37
CA TYR DB 14 -83.31 24.77 72.57
C TYR DB 14 -84.21 25.49 71.57
N LYS DB 15 -84.80 24.73 70.65
CA LYS DB 15 -85.75 25.25 69.67
C LYS DB 15 -87.13 24.70 70.01
N GLU DB 16 -88.08 25.59 70.27
CA GLU DB 16 -89.41 25.16 70.63
C GLU DB 16 -90.11 24.52 69.44
N LEU DB 17 -90.95 23.54 69.72
CA LEU DB 17 -91.64 22.79 68.67
C LEU DB 17 -93.12 22.54 69.00
N LEU DB 18 -93.68 23.18 70.02
CA LEU DB 18 -95.05 22.97 70.44
C LEU DB 18 -95.86 24.24 70.21
N LEU DB 19 -97.01 24.10 69.57
CA LEU DB 19 -97.88 25.23 69.32
C LEU DB 19 -98.74 25.53 70.55
N PRO DB 20 -99.35 26.71 70.59
CA PRO DB 20 -100.26 27.03 71.70
C PRO DB 20 -101.42 26.05 71.75
N MET DB 21 -101.90 25.80 72.97
CA MET DB 21 -103.02 24.89 73.16
C MET DB 21 -104.25 25.32 72.39
N GLU DB 22 -104.38 26.62 72.11
CA GLU DB 22 -105.55 27.15 71.42
C GLU DB 22 -105.52 26.92 69.93
N MET DB 23 -104.39 26.47 69.38
CA MET DB 23 -104.25 26.27 67.93
C MET DB 23 -104.20 24.81 67.53
N VAL DB 24 -103.81 23.90 68.42
CA VAL DB 24 -103.70 22.49 68.08
C VAL DB 24 -105.09 21.95 67.78
N PRO DB 25 -105.22 20.94 66.92
CA PRO DB 25 -106.55 20.39 66.62
C PRO DB 25 -107.17 19.73 67.84
N LEU DB 26 -108.44 19.36 67.69
CA LEU DB 26 -109.10 18.59 68.73
C LEU DB 26 -108.48 17.19 68.81
N PRO DB 27 -108.54 16.55 69.97
CA PRO DB 27 -107.88 15.24 70.11
C PRO DB 27 -108.38 14.22 69.10
N ALA DB 28 -109.67 14.27 68.76
CA ALA DB 28 -110.20 13.32 67.79
C ALA DB 28 -109.53 13.48 66.43
N VAL DB 29 -109.31 14.72 66.02
CA VAL DB 29 -108.72 14.97 64.71
C VAL DB 29 -107.29 14.46 64.66
N VAL DB 30 -106.54 14.60 65.75
CA VAL DB 30 -105.13 14.23 65.74
C VAL DB 30 -104.98 12.74 65.45
N LEU DB 31 -105.82 11.91 66.08
CA LEU DB 31 -105.72 10.48 65.89
C LEU DB 31 -105.85 10.11 64.42
N LYS DB 32 -106.59 10.89 63.64
CA LYS DB 32 -106.78 10.57 62.23
C LYS DB 32 -105.46 10.60 61.48
N HIS DB 33 -104.61 11.60 61.75
CA HIS DB 33 -103.31 11.65 61.09
C HIS DB 33 -102.40 10.54 61.56
N VAL DB 34 -102.58 10.06 62.80
CA VAL DB 34 -101.72 9.02 63.33
C VAL DB 34 -101.86 7.76 62.47
N LYS DB 35 -103.10 7.39 62.15
CA LYS DB 35 -103.32 6.18 61.36
C LYS DB 35 -102.68 6.30 59.97
N LEU DB 36 -102.83 7.46 59.34
CA LEU DB 36 -102.24 7.65 58.02
C LEU DB 36 -100.72 7.62 58.09
N ILE DB 37 -100.15 8.39 59.02
CA ILE DB 37 -98.70 8.47 59.11
C ILE DB 37 -98.10 7.12 59.49
N LEU DB 38 -98.70 6.46 60.48
CA LEU DB 38 -98.22 5.14 60.88
C LEU DB 38 -98.38 4.14 59.74
N THR DB 39 -99.59 4.05 59.18
CA THR DB 39 -99.87 3.01 58.19
C THR DB 39 -99.19 3.33 56.87
N SER DB 40 -99.28 4.59 56.42
CA SER DB 40 -98.69 5.01 55.15
C SER DB 40 -97.21 5.32 55.36
N GLN DB 41 -96.47 4.29 55.78
CA GLN DB 41 -95.04 4.41 56.01
C GLN DB 41 -94.36 3.10 55.65
N LYS DB 42 -93.10 3.21 55.24
CA LYS DB 42 -92.28 2.07 54.86
C LYS DB 42 -90.95 2.14 55.61
N GLU DB 43 -90.38 0.97 55.88
CA GLU DB 43 -89.12 0.87 56.61
C GLU DB 43 -89.25 1.53 57.99
N HIS DB 44 -90.11 0.91 58.80
CA HIS DB 44 -90.43 1.40 60.13
C HIS DB 44 -89.19 1.93 60.84
N GLN DB 45 -89.33 3.08 61.46
CA GLN DB 45 -88.26 3.79 62.14
C GLN DB 45 -88.58 3.92 63.62
N PRO DB 46 -87.56 4.13 64.46
CA PRO DB 46 -87.81 4.14 65.92
C PRO DB 46 -88.84 5.15 66.35
N TRP DB 47 -88.87 6.34 65.74
CA TRP DB 47 -89.81 7.37 66.17
C TRP DB 47 -91.26 6.97 65.94
N MET DB 48 -91.51 6.03 65.02
CA MET DB 48 -92.87 5.57 64.81
C MET DB 48 -93.44 4.91 66.06
N THR DB 49 -92.62 4.11 66.74
CA THR DB 49 -93.07 3.44 67.95
C THR DB 49 -93.45 4.46 69.02
N GLU DB 50 -92.66 5.51 69.16
CA GLU DB 50 -92.94 6.52 70.18
C GLU DB 50 -94.29 7.18 69.93
N MET DB 51 -94.62 7.47 68.68
CA MET DB 51 -95.89 8.11 68.37
C MET DB 51 -97.06 7.24 68.81
N ALA DB 52 -97.01 5.94 68.51
CA ALA DB 52 -98.12 5.06 68.83
C ALA DB 52 -98.33 4.96 70.35
N LEU DB 53 -97.23 4.86 71.10
CA LEU DB 53 -97.35 4.70 72.55
C LEU DB 53 -98.08 5.87 73.18
N LYS DB 54 -97.73 7.09 72.78
CA LYS DB 54 -98.41 8.26 73.33
C LYS DB 54 -99.86 8.32 72.91
N ALA DB 55 -100.16 7.88 71.69
CA ALA DB 55 -101.52 7.97 71.17
C ALA DB 55 -102.50 7.20 72.04
N ASP DB 56 -102.13 5.97 72.43
CA ASP DB 56 -103.04 5.15 73.23
C ASP DB 56 -103.31 5.78 74.58
N GLN DB 57 -102.37 6.58 75.10
CA GLN DB 57 -102.57 7.21 76.39
C GLN DB 57 -103.76 8.16 76.36
N CYS DB 58 -103.89 8.95 75.29
CA CYS DB 58 -105.02 9.86 75.18
C CYS DB 58 -106.34 9.08 75.16
N LEU DB 59 -106.37 7.95 74.45
CA LEU DB 59 -107.57 7.12 74.43
C LEU DB 59 -107.89 6.59 75.81
N ILE DB 60 -106.86 6.17 76.56
CA ILE DB 60 -107.08 5.65 77.90
C ILE DB 60 -107.71 6.73 78.78
N HIS DB 61 -107.13 7.93 78.77
CA HIS DB 61 -107.72 9.03 79.52
C HIS DB 61 -109.09 9.40 78.98
N LYS DB 62 -109.24 9.40 77.64
CA LYS DB 62 -110.53 9.72 77.04
C LYS DB 62 -111.58 8.69 77.45
N ALA DB 63 -111.21 7.41 77.47
CA ALA DB 63 -112.13 6.37 77.88
C ALA DB 63 -112.40 6.37 79.37
N THR DB 64 -111.65 7.17 80.14
CA THR DB 64 -111.83 7.23 81.59
C THR DB 64 -112.91 8.20 82.03
N LEU DB 65 -113.18 9.23 81.21
CA LEU DB 65 -114.18 10.23 81.61
C LEU DB 65 -115.58 9.63 81.71
N ASP DB 66 -115.91 8.69 80.82
CA ASP DB 66 -117.25 8.08 80.88
C ASP DB 66 -117.50 7.43 82.22
N PRO DB 78 -112.41 18.06 91.52
CA PRO DB 78 -111.08 18.20 90.90
C PRO DB 78 -110.57 16.91 90.26
N LEU DB 79 -110.60 15.80 91.01
CA LEU DB 79 -109.99 14.58 90.52
C LEU DB 79 -110.64 14.10 89.22
N ILE DB 80 -111.97 14.15 89.15
CA ILE DB 80 -112.67 13.71 87.95
C ILE DB 80 -112.30 14.61 86.77
N GLU DB 81 -112.29 15.93 86.99
CA GLU DB 81 -111.98 16.89 85.94
C GLU DB 81 -110.48 17.10 85.76
N ALA DB 82 -109.65 16.65 86.71
CA ALA DB 82 -108.21 16.87 86.59
C ALA DB 82 -107.63 16.15 85.40
N MET DB 83 -108.06 14.92 85.14
CA MET DB 83 -107.50 14.15 84.03
C MET DB 83 -107.76 14.82 82.70
N GLN DB 84 -108.87 15.57 82.59
CA GLN DB 84 -109.18 16.24 81.33
C GLN DB 84 -108.09 17.23 80.93
N GLN DB 85 -107.39 17.81 81.91
CA GLN DB 85 -106.34 18.76 81.61
C GLN DB 85 -105.21 18.09 80.84
N ILE DB 86 -104.85 16.87 81.24
CA ILE DB 86 -103.74 16.18 80.58
C ILE DB 86 -104.10 15.83 79.15
N ILE DB 87 -105.37 15.50 78.90
CA ILE DB 87 -105.78 15.09 77.56
C ILE DB 87 -105.45 16.18 76.56
N LEU DB 88 -105.82 17.43 76.88
CA LEU DB 88 -105.50 18.55 75.98
C LEU DB 88 -104.00 18.72 75.85
N ALA DB 89 -103.26 18.59 76.96
CA ALA DB 89 -101.81 18.73 76.90
C ALA DB 89 -101.18 17.64 76.05
N MET DB 90 -101.67 16.40 76.18
CA MET DB 90 -101.08 15.30 75.44
C MET DB 90 -101.11 15.55 73.94
N THR DB 91 -102.18 16.17 73.46
CA THR DB 91 -102.27 16.48 72.03
C THR DB 91 -101.16 17.43 71.60
N ARG DB 92 -100.87 18.43 72.44
CA ARG DB 92 -99.88 19.44 72.07
C ARG DB 92 -98.52 18.79 71.80
N GLU DB 93 -98.09 17.88 72.68
CA GLU DB 93 -96.86 17.15 72.42
C GLU DB 93 -97.02 16.19 71.25
N LEU DB 94 -98.18 15.55 71.15
CA LEU DB 94 -98.41 14.59 70.08
C LEU DB 94 -98.43 15.29 68.72
N TRP DB 95 -99.08 16.44 68.63
CA TRP DB 95 -99.15 17.15 67.35
C TRP DB 95 -97.78 17.61 66.89
N GLY DB 96 -96.85 17.80 67.82
CA GLY DB 96 -95.52 18.24 67.44
C GLY DB 96 -94.82 17.24 66.54
N GLN DB 97 -94.97 15.95 66.83
CA GLN DB 97 -94.34 14.94 66.01
C GLN DB 97 -95.00 14.83 64.64
N ILE DB 98 -96.30 15.11 64.56
CA ILE DB 98 -96.99 15.04 63.28
C ILE DB 98 -96.37 16.03 62.29
N GLN DB 99 -96.15 17.26 62.74
CA GLN DB 99 -95.59 18.27 61.85
C GLN DB 99 -94.16 17.94 61.46
N ARG DB 100 -93.41 17.31 62.35
CA ARG DB 100 -92.04 16.91 62.01
C ARG DB 100 -92.04 15.93 60.84
N HIS DB 101 -92.96 14.96 60.86
CA HIS DB 101 -93.04 14.00 59.76
C HIS DB 101 -93.50 14.67 58.48
N HIS DB 102 -94.54 15.51 58.56
CA HIS DB 102 -95.07 16.16 57.38
C HIS DB 102 -94.11 17.22 56.87
N TYR DB 103 -93.85 18.26 57.68
CA TYR DB 103 -93.02 19.36 57.25
C TYR DB 103 -91.53 19.05 57.40
N GLY DB 104 -91.10 18.79 58.61
CA GLY DB 104 -89.70 18.57 58.92
C GLY DB 104 -89.34 19.33 60.18
N ILE DB 105 -88.37 18.81 60.92
CA ILE DB 105 -88.01 19.40 62.21
C ILE DB 105 -87.52 20.84 62.02
N VAL DB 106 -86.64 21.05 61.03
CA VAL DB 106 -86.05 22.38 60.83
C VAL DB 106 -87.12 23.40 60.50
N GLN DB 107 -88.02 23.05 59.58
CA GLN DB 107 -89.05 24.00 59.15
C GLN DB 107 -89.99 24.34 60.30
N VAL DB 108 -90.29 23.36 61.15
CA VAL DB 108 -91.24 23.61 62.24
C VAL DB 108 -90.72 24.70 63.17
N GLU DB 109 -89.43 24.64 63.51
CA GLU DB 109 -88.86 25.63 64.41
C GLU DB 109 -89.16 27.04 63.93
N HIS DB 110 -88.92 27.30 62.64
CA HIS DB 110 -89.20 28.62 62.09
C HIS DB 110 -90.70 28.94 62.18
N TYR DB 111 -91.54 27.97 61.86
CA TYR DB 111 -92.98 28.22 61.85
C TYR DB 111 -93.49 28.62 63.22
N VAL DB 112 -93.03 27.93 64.27
CA VAL DB 112 -93.54 28.21 65.61
C VAL DB 112 -93.20 29.64 66.02
N LYS DB 113 -91.94 30.03 65.82
CA LYS DB 113 -91.53 31.38 66.20
C LYS DB 113 -92.30 32.43 65.41
N GLN DB 114 -92.51 32.18 64.11
CA GLN DB 114 -93.33 33.10 63.32
C GLN DB 114 -94.74 33.18 63.88
N ILE DB 115 -95.31 32.04 64.27
CA ILE DB 115 -96.63 32.05 64.90
C ILE DB 115 -96.57 32.78 66.22
N THR DB 116 -95.52 32.53 67.02
CA THR DB 116 -95.43 33.16 68.33
C THR DB 116 -95.37 34.68 68.20
N LEU DB 117 -94.48 35.18 67.33
CA LEU DB 117 -94.42 36.62 67.10
C LEU DB 117 -95.73 37.14 66.55
N TRP DB 118 -96.32 36.40 65.61
CA TRP DB 118 -97.62 36.80 65.07
C TRP DB 118 -98.67 36.87 66.15
N GLN DB 119 -98.69 35.88 67.06
CA GLN DB 119 -99.63 35.92 68.16
C GLN DB 119 -99.27 36.99 69.16
N ASP DB 120 -97.98 37.24 69.35
CA ASP DB 120 -97.55 38.25 70.33
C ASP DB 120 -98.00 39.64 69.91
N THR DB 121 -97.87 39.98 68.64
CA THR DB 121 -98.23 41.31 68.18
C THR DB 121 -99.72 41.55 68.39
N PRO DB 122 -100.12 42.76 68.80
CA PRO DB 122 -101.55 43.01 69.00
C PRO DB 122 -102.35 42.84 67.71
N GLN DB 123 -103.60 42.38 67.86
CA GLN DB 123 -104.44 42.10 66.70
C GLN DB 123 -104.69 43.33 65.85
N ALA DB 124 -104.53 44.53 66.40
CA ALA DB 124 -104.79 45.74 65.62
C ALA DB 124 -103.87 45.83 64.41
N PHE DB 125 -102.58 45.51 64.61
CA PHE DB 125 -101.59 45.53 63.54
C PHE DB 125 -100.86 44.21 63.45
N ARG DB 126 -101.55 43.11 63.79
CA ARG DB 126 -100.90 41.80 63.81
C ARG DB 126 -100.46 41.38 62.41
N GLY DB 127 -101.31 41.60 61.41
CA GLY DB 127 -100.99 41.21 60.05
C GLY DB 127 -101.53 39.84 59.70
N ASP DB 128 -101.28 39.46 58.46
CA ASP DB 128 -101.76 38.18 57.96
C ASP DB 128 -101.05 37.03 58.67
N GLN DB 129 -101.81 36.01 59.01
CA GLN DB 129 -101.23 34.84 59.68
C GLN DB 129 -100.30 34.11 58.71
N PRO DB 130 -99.09 33.76 59.14
CA PRO DB 130 -98.18 33.05 58.23
C PRO DB 130 -98.67 31.66 57.89
N LYS DB 131 -98.32 31.20 56.71
CA LYS DB 131 -98.73 29.89 56.24
C LYS DB 131 -97.73 28.83 56.64
N PRO DB 132 -98.14 27.57 56.71
CA PRO DB 132 -97.21 26.49 57.11
C PRO DB 132 -96.07 26.38 56.12
N PRO DB 133 -94.95 25.76 56.53
CA PRO DB 133 -93.82 25.61 55.61
C PRO DB 133 -94.09 24.62 54.49
N SER DB 134 -93.08 24.38 53.66
CA SER DB 134 -93.21 23.41 52.58
C SER DB 134 -92.99 22.00 53.10
N PHE DB 135 -93.66 21.05 52.46
CA PHE DB 135 -93.57 19.66 52.88
C PHE DB 135 -92.17 19.10 52.63
N THR EB 3 -105.01 -0.28 70.03
CA THR EB 3 -104.97 -0.71 68.64
C THR EB 3 -103.81 -0.11 67.86
N PHE EB 4 -103.46 1.16 68.12
CA PHE EB 4 -102.39 1.79 67.37
C PHE EB 4 -101.07 1.08 67.58
N ILE EB 5 -100.77 0.68 68.82
CA ILE EB 5 -99.52 -0.01 69.09
C ILE EB 5 -99.50 -1.34 68.36
N GLU EB 6 -100.66 -2.00 68.24
CA GLU EB 6 -100.72 -3.26 67.51
C GLU EB 6 -100.34 -3.06 66.04
N LEU EB 7 -100.78 -1.95 65.44
CA LEU EB 7 -100.43 -1.69 64.05
C LEU EB 7 -98.92 -1.57 63.88
N VAL EB 8 -98.25 -0.91 64.82
CA VAL EB 8 -96.80 -0.80 64.75
C VAL EB 8 -96.16 -2.18 64.84
N LYS EB 9 -96.66 -3.02 65.75
CA LYS EB 9 -96.12 -4.36 65.91
C LYS EB 9 -96.33 -5.21 64.66
N ASN EB 10 -97.22 -4.78 63.76
CA ASN EB 10 -97.47 -5.49 62.51
C ASN EB 10 -96.58 -5.00 61.38
N MET EB 11 -95.67 -4.07 61.65
CA MET EB 11 -94.84 -3.49 60.60
C MET EB 11 -93.67 -4.41 60.26
N LYS EB 12 -92.80 -3.93 59.39
CA LYS EB 12 -91.59 -4.63 58.98
C LYS EB 12 -90.38 -3.90 59.55
N GLY EB 13 -89.49 -4.66 60.18
CA GLY EB 13 -88.32 -4.08 60.81
C GLY EB 13 -88.54 -3.59 62.23
N TYR EB 14 -89.76 -3.66 62.74
CA TYR EB 14 -90.04 -3.24 64.10
C TYR EB 14 -89.30 -4.14 65.09
N LYS EB 15 -88.78 -3.52 66.15
CA LYS EB 15 -88.02 -4.23 67.17
C LYS EB 15 -88.41 -3.71 68.54
N GLU EB 16 -88.56 -4.63 69.49
CA GLU EB 16 -88.95 -4.24 70.84
C GLU EB 16 -87.83 -3.46 71.52
N LEU EB 17 -88.22 -2.46 72.31
CA LEU EB 17 -87.29 -1.69 73.11
C LEU EB 17 -87.70 -1.56 74.57
N LEU EB 18 -88.93 -1.89 74.92
CA LEU EB 18 -89.38 -1.80 76.29
C LEU EB 18 -89.06 -3.09 77.05
N LEU EB 19 -89.50 -3.18 78.29
CA LEU EB 19 -89.20 -4.30 79.16
C LEU EB 19 -90.47 -4.72 79.88
N PRO EB 20 -90.51 -5.94 80.42
CA PRO EB 20 -91.69 -6.38 81.15
C PRO EB 20 -92.00 -5.46 82.32
N MET EB 21 -93.29 -5.31 82.61
CA MET EB 21 -93.71 -4.42 83.69
C MET EB 21 -93.01 -4.77 85.00
N GLU EB 22 -92.76 -6.05 85.24
CA GLU EB 22 -92.10 -6.45 86.47
C GLU EB 22 -90.68 -5.91 86.53
N MET EB 23 -89.95 -5.97 85.41
CA MET EB 23 -88.57 -5.49 85.34
C MET EB 23 -88.54 -3.98 85.08
N VAL EB 24 -89.24 -3.24 85.93
CA VAL EB 24 -89.29 -1.79 85.84
C VAL EB 24 -89.09 -1.21 87.24
N PRO EB 25 -88.14 -0.29 87.44
CA PRO EB 25 -87.96 0.28 88.77
C PRO EB 25 -89.23 0.94 89.28
N LEU EB 26 -89.20 1.26 90.58
CA LEU EB 26 -90.33 1.91 91.22
C LEU EB 26 -90.42 3.37 90.77
N PRO EB 27 -91.59 3.99 90.90
CA PRO EB 27 -91.73 5.39 90.51
C PRO EB 27 -90.91 6.32 91.39
N ALA EB 28 -90.97 7.62 91.12
CA ALA EB 28 -90.24 8.61 91.90
C ALA EB 28 -88.74 8.41 91.79
N VAL EB 29 -88.24 7.29 92.33
CA VAL EB 29 -86.80 7.04 92.29
C VAL EB 29 -86.32 6.92 90.85
N VAL EB 30 -87.12 6.28 89.99
CA VAL EB 30 -86.73 6.13 88.59
C VAL EB 30 -86.57 7.49 87.94
N LEU EB 31 -87.33 8.49 88.39
CA LEU EB 31 -87.22 9.83 87.83
C LEU EB 31 -85.85 10.45 88.08
N LYS EB 32 -85.07 9.92 89.02
CA LYS EB 32 -83.78 10.51 89.33
C LYS EB 32 -82.83 10.44 88.14
N HIS EB 33 -82.86 9.33 87.40
CA HIS EB 33 -82.02 9.21 86.22
C HIS EB 33 -82.32 10.33 85.22
N VAL EB 34 -83.54 10.89 85.26
CA VAL EB 34 -83.87 12.00 84.37
C VAL EB 34 -82.94 13.18 84.62
N LYS EB 35 -82.75 13.52 85.89
CA LYS EB 35 -81.90 14.66 86.24
C LYS EB 35 -80.46 14.40 85.83
N LEU EB 36 -79.99 13.17 86.02
CA LEU EB 36 -78.60 12.84 85.73
C LEU EB 36 -78.30 12.86 84.23
N ILE EB 37 -79.33 12.91 83.39
CA ILE EB 37 -79.15 12.87 81.95
C ILE EB 37 -79.51 14.23 81.36
N LEU EB 38 -80.40 14.96 82.04
CA LEU EB 38 -80.75 16.30 81.61
C LEU EB 38 -79.79 17.35 82.16
N THR EB 39 -79.62 17.37 83.49
CA THR EB 39 -78.74 18.35 84.11
C THR EB 39 -77.31 18.18 83.62
N SER EB 40 -76.84 16.94 83.54
CA SER EB 40 -75.48 16.64 83.08
C SER EB 40 -75.48 16.47 81.55
N GLN EB 41 -75.94 17.52 80.87
CA GLN EB 41 -76.05 17.48 79.42
C GLN EB 41 -75.99 18.89 78.87
N LYS EB 42 -75.73 18.98 77.57
CA LYS EB 42 -75.67 20.25 76.86
C LYS EB 42 -75.98 19.97 75.39
N GLU EB 43 -76.16 21.04 74.62
CA GLU EB 43 -76.51 20.94 73.21
C GLU EB 43 -77.86 20.21 73.05
N HIS EB 44 -78.88 20.87 73.58
CA HIS EB 44 -80.25 20.35 73.58
C HIS EB 44 -80.59 19.70 72.24
N GLN EB 45 -80.97 18.43 72.30
CA GLN EB 45 -81.35 17.65 71.14
C GLN EB 45 -82.84 17.35 71.16
N PRO EB 46 -83.43 17.05 70.00
CA PRO EB 46 -84.89 16.84 69.96
C PRO EB 46 -85.39 15.77 70.91
N TRP EB 47 -84.64 14.68 71.07
CA TRP EB 47 -85.11 13.60 71.92
C TRP EB 47 -85.13 13.99 73.38
N MET EB 48 -84.28 14.95 73.77
CA MET EB 48 -84.26 15.39 75.17
C MET EB 48 -85.61 15.98 75.58
N THR EB 49 -86.22 16.77 74.69
CA THR EB 49 -87.52 17.35 75.01
C THR EB 49 -88.57 16.26 75.18
N GLU EB 50 -88.51 15.21 74.35
CA GLU EB 50 -89.47 14.13 74.47
C GLU EB 50 -89.41 13.49 75.85
N MET EB 51 -88.20 13.23 76.34
CA MET EB 51 -88.04 12.67 77.67
C MET EB 51 -88.59 13.62 78.74
N ALA EB 52 -88.28 14.91 78.60
CA ALA EB 52 -88.72 15.88 79.60
C ALA EB 52 -90.24 15.97 79.65
N LEU EB 53 -90.89 15.98 78.50
CA LEU EB 53 -92.34 16.10 78.45
C LEU EB 53 -93.05 14.82 78.85
N LYS EB 54 -92.33 13.70 78.97
CA LYS EB 54 -92.92 12.44 79.42
C LYS EB 54 -92.71 12.20 80.91
N ALA EB 55 -91.50 12.45 81.41
CA ALA EB 55 -91.23 12.24 82.83
C ALA EB 55 -92.08 13.15 83.70
N ASP EB 56 -92.22 14.42 83.31
CA ASP EB 56 -93.00 15.36 84.09
C ASP EB 56 -94.46 14.94 84.23
N GLN EB 57 -94.95 14.12 83.31
CA GLN EB 57 -96.35 13.68 83.39
C GLN EB 57 -96.60 12.85 84.64
N CYS EB 58 -95.63 12.01 85.02
CA CYS EB 58 -95.81 11.19 86.22
C CYS EB 58 -96.06 12.05 87.44
N LEU EB 59 -95.33 13.16 87.57
CA LEU EB 59 -95.56 14.06 88.69
C LEU EB 59 -96.97 14.63 88.66
N ILE EB 60 -97.46 14.97 87.47
CA ILE EB 60 -98.81 15.50 87.34
C ILE EB 60 -99.83 14.46 87.81
N HIS EB 61 -99.69 13.23 87.34
CA HIS EB 61 -100.55 12.15 87.82
C HIS EB 61 -100.31 11.89 89.30
N LYS EB 62 -99.04 11.89 89.71
CA LYS EB 62 -98.72 11.69 91.12
C LYS EB 62 -99.28 12.80 91.99
N ALA EB 63 -99.25 14.04 91.48
CA ALA EB 63 -99.75 15.17 92.24
C ALA EB 63 -101.23 15.02 92.58
N THR EB 64 -101.98 14.27 91.78
CA THR EB 64 -103.41 14.09 92.06
C THR EB 64 -103.65 13.25 93.30
N LEU EB 65 -102.64 12.51 93.77
CA LEU EB 65 -102.81 11.70 94.96
C LEU EB 65 -103.20 12.55 96.16
N ASP EB 66 -102.73 13.80 96.22
CA ASP EB 66 -103.13 14.69 97.30
C ASP EB 66 -104.64 14.91 97.29
N PRO EB 78 -112.83 3.52 90.16
CA PRO EB 78 -112.11 3.26 88.89
C PRO EB 78 -111.25 4.44 88.46
N LEU EB 79 -111.71 5.67 88.72
CA LEU EB 79 -110.93 6.84 88.33
C LEU EB 79 -109.61 6.88 89.09
N ILE EB 80 -109.65 6.59 90.39
CA ILE EB 80 -108.42 6.59 91.19
C ILE EB 80 -107.54 5.41 90.81
N GLU EB 81 -108.14 4.24 90.65
CA GLU EB 81 -107.36 3.06 90.28
C GLU EB 81 -106.74 3.21 88.90
N ALA EB 82 -107.49 3.76 87.95
CA ALA EB 82 -107.01 3.83 86.58
C ALA EB 82 -105.74 4.66 86.47
N MET EB 83 -105.68 5.79 87.18
CA MET EB 83 -104.51 6.65 87.10
C MET EB 83 -103.25 5.93 87.57
N GLN EB 84 -103.37 5.16 88.65
CA GLN EB 84 -102.20 4.43 89.17
C GLN EB 84 -101.67 3.45 88.14
N GLN EB 85 -102.56 2.78 87.41
CA GLN EB 85 -102.12 1.83 86.39
C GLN EB 85 -101.34 2.54 85.29
N ILE EB 86 -101.78 3.73 84.89
CA ILE EB 86 -101.14 4.43 83.78
C ILE EB 86 -99.68 4.76 84.13
N ILE EB 87 -99.41 5.07 85.40
CA ILE EB 87 -98.05 5.46 85.77
C ILE EB 87 -97.06 4.35 85.43
N LEU EB 88 -97.45 3.10 85.65
CA LEU EB 88 -96.57 1.99 85.32
C LEU EB 88 -96.25 1.98 83.83
N ALA EB 89 -97.26 2.20 82.99
CA ALA EB 89 -97.03 2.18 81.54
C ALA EB 89 -96.05 3.27 81.13
N MET EB 90 -96.25 4.49 81.64
CA MET EB 90 -95.33 5.58 81.31
C MET EB 90 -93.93 5.31 81.85
N THR EB 91 -93.84 4.73 83.05
CA THR EB 91 -92.54 4.44 83.62
C THR EB 91 -91.76 3.46 82.74
N ARG EB 92 -92.46 2.48 82.16
CA ARG EB 92 -91.81 1.53 81.26
C ARG EB 92 -91.20 2.24 80.07
N GLU EB 93 -91.92 3.21 79.50
CA GLU EB 93 -91.40 3.95 78.36
C GLU EB 93 -90.16 4.74 78.74
N LEU EB 94 -90.16 5.33 79.94
CA LEU EB 94 -89.02 6.15 80.36
C LEU EB 94 -87.74 5.32 80.38
N TRP EB 95 -87.81 4.10 80.91
CA TRP EB 95 -86.61 3.28 81.03
C TRP EB 95 -86.03 2.96 79.66
N GLY EB 96 -86.89 2.65 78.68
CA GLY EB 96 -86.38 2.35 77.35
C GLY EB 96 -85.60 3.49 76.75
N GLN EB 97 -86.08 4.72 76.93
CA GLN EB 97 -85.35 5.88 76.43
C GLN EB 97 -83.99 6.00 77.11
N ILE EB 98 -83.94 5.75 78.42
CA ILE EB 98 -82.69 5.86 79.16
C ILE EB 98 -81.68 4.87 78.61
N GLN EB 99 -82.09 3.62 78.42
CA GLN EB 99 -81.20 2.63 77.83
C GLN EB 99 -80.87 2.97 76.39
N ARG EB 100 -81.81 3.58 75.66
CA ARG EB 100 -81.54 4.02 74.30
C ARG EB 100 -80.43 5.07 74.27
N HIS EB 101 -80.14 5.71 75.40
CA HIS EB 101 -79.07 6.70 75.49
C HIS EB 101 -77.81 6.15 76.14
N HIS EB 102 -77.94 5.42 77.24
CA HIS EB 102 -76.78 4.90 77.95
C HIS EB 102 -76.08 3.81 77.14
N TYR EB 103 -76.79 2.72 76.85
CA TYR EB 103 -76.20 1.60 76.12
C TYR EB 103 -76.52 1.66 74.64
N GLY EB 104 -76.23 2.80 74.03
CA GLY EB 104 -76.48 2.93 72.62
C GLY EB 104 -77.96 2.81 72.31
N ILE EB 105 -78.25 2.61 71.03
CA ILE EB 105 -79.62 2.43 70.55
C ILE EB 105 -79.71 1.11 69.79
N VAL EB 106 -78.58 0.65 69.25
CA VAL EB 106 -78.56 -0.60 68.51
C VAL EB 106 -78.36 -1.78 69.46
N GLN EB 107 -77.40 -1.66 70.38
CA GLN EB 107 -77.14 -2.73 71.33
C GLN EB 107 -78.31 -2.96 72.27
N VAL EB 108 -79.19 -1.98 72.43
CA VAL EB 108 -80.33 -2.14 73.33
C VAL EB 108 -81.25 -3.26 72.83
N GLU EB 109 -81.51 -3.28 71.52
CA GLU EB 109 -82.40 -4.30 70.98
C GLU EB 109 -81.87 -5.70 71.26
N HIS EB 110 -80.56 -5.90 71.12
CA HIS EB 110 -79.98 -7.21 71.39
C HIS EB 110 -80.20 -7.63 72.84
N TYR EB 111 -80.02 -6.69 73.77
CA TYR EB 111 -80.21 -7.03 75.19
C TYR EB 111 -81.65 -7.43 75.47
N VAL EB 112 -82.62 -6.64 75.00
CA VAL EB 112 -84.01 -6.95 75.25
C VAL EB 112 -84.40 -8.25 74.55
N LYS EB 113 -83.82 -8.50 73.38
CA LYS EB 113 -84.07 -9.76 72.68
C LYS EB 113 -83.71 -10.94 73.58
N GLN EB 114 -82.56 -10.88 74.24
CA GLN EB 114 -82.16 -11.96 75.13
C GLN EB 114 -83.03 -12.00 76.39
N ILE EB 115 -83.44 -10.83 76.88
CA ILE EB 115 -84.28 -10.79 78.07
C ILE EB 115 -85.58 -11.55 77.84
N THR EB 116 -86.20 -11.37 76.68
CA THR EB 116 -87.44 -12.06 76.38
C THR EB 116 -87.25 -13.57 76.41
N LEU EB 117 -86.18 -14.06 75.78
CA LEU EB 117 -85.92 -15.49 75.78
C LEU EB 117 -85.59 -15.98 77.18
N TRP EB 118 -84.79 -15.23 77.93
CA TRP EB 118 -84.36 -15.68 79.25
C TRP EB 118 -85.51 -15.77 80.24
N GLN EB 119 -86.60 -15.04 80.02
CA GLN EB 119 -87.75 -15.05 80.92
C GLN EB 119 -88.88 -15.92 80.43
N ASP EB 120 -89.12 -15.96 79.12
CA ASP EB 120 -90.24 -16.75 78.60
C ASP EB 120 -90.04 -18.23 78.86
N THR EB 121 -88.80 -18.72 78.72
CA THR EB 121 -88.54 -20.12 78.97
C THR EB 121 -88.78 -20.44 80.46
N PRO EB 122 -89.12 -21.68 80.78
CA PRO EB 122 -89.37 -22.02 82.19
C PRO EB 122 -88.12 -21.83 83.03
N GLN EB 123 -88.36 -21.51 84.31
CA GLN EB 123 -87.25 -21.21 85.22
C GLN EB 123 -86.26 -22.36 85.33
N ALA EB 124 -86.68 -23.59 85.01
CA ALA EB 124 -85.79 -24.73 85.10
C ALA EB 124 -84.76 -24.78 83.98
N PHE EB 125 -84.90 -23.92 82.96
CA PHE EB 125 -84.00 -23.93 81.82
C PHE EB 125 -83.30 -22.60 81.58
N ARG EB 126 -83.68 -21.54 82.28
CA ARG EB 126 -83.12 -20.21 82.01
C ARG EB 126 -81.60 -20.22 82.16
N GLY EB 127 -81.11 -20.49 83.37
CA GLY EB 127 -79.70 -20.45 83.65
C GLY EB 127 -79.27 -19.23 84.43
N ASP EB 128 -78.60 -18.30 83.75
CA ASP EB 128 -78.12 -17.07 84.38
C ASP EB 128 -78.60 -15.87 83.57
N GLN EB 129 -78.93 -14.80 84.28
CA GLN EB 129 -79.40 -13.59 83.61
C GLN EB 129 -78.30 -13.03 82.72
N PRO EB 130 -78.60 -12.63 81.49
CA PRO EB 130 -77.58 -12.01 80.63
C PRO EB 130 -77.34 -10.56 81.02
N LYS EB 131 -76.11 -10.26 81.41
CA LYS EB 131 -75.80 -8.91 81.85
C LYS EB 131 -75.95 -7.93 80.69
N PRO EB 132 -76.56 -6.77 80.91
CA PRO EB 132 -76.69 -5.81 79.82
C PRO EB 132 -75.33 -5.25 79.43
N PRO EB 133 -75.18 -4.82 78.18
CA PRO EB 133 -73.89 -4.26 77.76
C PRO EB 133 -73.59 -2.97 78.52
N SER EB 134 -72.29 -2.72 78.70
CA SER EB 134 -71.86 -1.54 79.43
C SER EB 134 -72.02 -0.29 78.56
N PHE EB 135 -71.56 0.85 79.09
CA PHE EB 135 -71.69 2.13 78.39
C PHE EB 135 -70.66 2.18 77.27
N THR FB 3 -97.03 -42.82 60.78
CA THR FB 3 -96.21 -43.75 60.01
C THR FB 3 -95.25 -43.01 59.09
N PHE FB 4 -95.55 -41.78 58.71
CA PHE FB 4 -94.62 -41.02 57.88
C PHE FB 4 -93.30 -40.81 58.60
N ILE FB 5 -93.34 -40.52 59.91
CA ILE FB 5 -92.11 -40.33 60.66
C ILE FB 5 -91.25 -41.59 60.59
N GLU FB 6 -91.89 -42.76 60.63
CA GLU FB 6 -91.16 -44.01 60.47
C GLU FB 6 -90.52 -44.06 59.08
N LEU FB 7 -91.23 -43.60 58.05
CA LEU FB 7 -90.65 -43.60 56.72
C LEU FB 7 -89.43 -42.69 56.63
N VAL FB 8 -89.34 -41.70 57.52
CA VAL FB 8 -88.18 -40.82 57.56
C VAL FB 8 -87.23 -41.17 58.70
N LYS FB 9 -87.70 -41.89 59.73
CA LYS FB 9 -86.82 -42.24 60.83
C LYS FB 9 -85.60 -43.02 60.36
N ASN FB 10 -85.73 -43.74 59.25
CA ASN FB 10 -84.59 -44.47 58.68
C ASN FB 10 -83.69 -43.60 57.82
N MET FB 11 -84.13 -42.39 57.47
CA MET FB 11 -83.31 -41.52 56.64
C MET FB 11 -82.06 -41.09 57.40
N LYS FB 12 -80.97 -40.89 56.64
CA LYS FB 12 -79.70 -40.51 57.26
C LYS FB 12 -79.81 -39.16 57.96
N GLY FB 13 -80.47 -38.19 57.33
CA GLY FB 13 -80.53 -36.84 57.87
C GLY FB 13 -81.70 -36.60 58.79
N TYR FB 14 -82.45 -37.66 59.12
CA TYR FB 14 -83.59 -37.52 60.01
C TYR FB 14 -83.14 -37.08 61.40
N LYS FB 15 -83.92 -36.20 62.01
CA LYS FB 15 -83.60 -35.65 63.32
C LYS FB 15 -84.86 -35.57 64.16
N GLU FB 16 -84.67 -35.63 65.48
CA GLU FB 16 -85.78 -35.50 66.43
C GLU FB 16 -85.99 -34.02 66.72
N LEU FB 17 -86.65 -33.34 65.77
CA LEU FB 17 -86.91 -31.91 65.93
C LEU FB 17 -87.90 -31.63 67.06
N LEU FB 18 -88.67 -32.64 67.49
CA LEU FB 18 -89.65 -32.46 68.55
C LEU FB 18 -88.92 -32.35 69.88
N LEU FB 19 -88.76 -31.13 70.38
CA LEU FB 19 -88.06 -30.90 71.62
C LEU FB 19 -88.90 -31.34 72.81
N PRO FB 20 -88.29 -31.53 73.98
CA PRO FB 20 -89.05 -31.98 75.14
C PRO FB 20 -90.20 -31.02 75.46
N MET FB 21 -91.31 -31.61 75.92
CA MET FB 21 -92.49 -30.80 76.24
C MET FB 21 -92.18 -29.80 77.35
N GLU FB 22 -91.45 -30.24 78.39
CA GLU FB 22 -91.10 -29.33 79.47
C GLU FB 22 -90.24 -28.18 78.97
N MET FB 23 -89.44 -28.42 77.93
CA MET FB 23 -88.53 -27.38 77.45
C MET FB 23 -89.28 -26.17 76.91
N VAL FB 24 -90.35 -26.40 76.15
CA VAL FB 24 -91.07 -25.32 75.49
C VAL FB 24 -92.01 -24.64 76.48
N PRO FB 25 -92.34 -23.36 76.27
CA PRO FB 25 -93.29 -22.69 77.17
C PRO FB 25 -94.74 -22.94 76.78
N LEU FB 26 -95.66 -22.25 77.44
CA LEU FB 26 -97.07 -22.42 77.13
C LEU FB 26 -97.39 -21.88 75.74
N PRO FB 27 -98.48 -22.34 75.14
CA PRO FB 27 -98.77 -21.93 73.76
C PRO FB 27 -98.88 -20.43 73.58
N ALA FB 28 -99.45 -19.72 74.56
CA ALA FB 28 -99.67 -18.29 74.41
C ALA FB 28 -98.36 -17.54 74.24
N VAL FB 29 -97.33 -17.91 75.01
CA VAL FB 29 -96.06 -17.19 74.94
C VAL FB 29 -95.39 -17.41 73.59
N VAL FB 30 -95.50 -18.62 73.04
CA VAL FB 30 -94.84 -18.92 71.78
C VAL FB 30 -95.36 -18.00 70.68
N LEU FB 31 -96.68 -17.79 70.64
CA LEU FB 31 -97.26 -16.93 69.61
C LEU FB 31 -96.62 -15.55 69.63
N LYS FB 32 -96.20 -15.08 70.81
CA LYS FB 32 -95.56 -13.78 70.90
C LYS FB 32 -94.28 -13.72 70.07
N HIS FB 33 -93.46 -14.78 70.14
CA HIS FB 33 -92.20 -14.79 69.41
C HIS FB 33 -92.42 -14.91 67.92
N VAL FB 34 -93.53 -15.52 67.50
CA VAL FB 34 -93.80 -15.66 66.07
C VAL FB 34 -93.95 -14.29 65.42
N LYS FB 35 -94.69 -13.40 66.09
CA LYS FB 35 -94.82 -12.03 65.58
C LYS FB 35 -93.47 -11.33 65.58
N LEU FB 36 -92.69 -11.50 66.65
CA LEU FB 36 -91.41 -10.82 66.76
C LEU FB 36 -90.42 -11.33 65.72
N ILE FB 37 -90.35 -12.65 65.53
CA ILE FB 37 -89.40 -13.20 64.57
C ILE FB 37 -89.82 -12.87 63.14
N LEU FB 38 -91.11 -13.02 62.83
CA LEU FB 38 -91.58 -12.67 61.50
C LEU FB 38 -91.40 -11.18 61.23
N THR FB 39 -91.72 -10.34 62.21
CA THR FB 39 -91.56 -8.90 62.03
C THR FB 39 -90.10 -8.53 61.83
N SER FB 40 -89.21 -9.09 62.64
CA SER FB 40 -87.80 -8.76 62.53
C SER FB 40 -87.24 -9.20 61.18
N GLN FB 41 -87.58 -10.40 60.73
CA GLN FB 41 -87.06 -10.90 59.48
C GLN FB 41 -87.59 -10.09 58.31
N LYS FB 42 -86.74 -9.88 57.30
CA LYS FB 42 -87.09 -9.06 56.15
C LYS FB 42 -87.14 -9.85 54.85
N GLU FB 43 -86.09 -10.60 54.54
CA GLU FB 43 -86.07 -11.36 53.29
C GLU FB 43 -87.19 -12.39 53.27
N HIS FB 44 -87.85 -12.51 52.11
CA HIS FB 44 -88.97 -13.41 51.97
C HIS FB 44 -88.49 -14.79 51.51
N GLN FB 45 -88.78 -15.80 52.30
CA GLN FB 45 -88.50 -17.19 51.98
C GLN FB 45 -89.74 -18.02 52.28
N PRO FB 46 -89.85 -19.20 51.67
CA PRO FB 46 -91.06 -20.01 51.89
C PRO FB 46 -91.28 -20.41 53.34
N TRP FB 47 -90.23 -20.51 54.15
CA TRP FB 47 -90.41 -20.99 55.52
C TRP FB 47 -91.28 -20.04 56.33
N MET FB 48 -91.05 -18.73 56.21
CA MET FB 48 -91.88 -17.79 56.95
C MET FB 48 -93.32 -17.83 56.48
N THR FB 49 -93.53 -17.97 55.17
CA THR FB 49 -94.89 -18.10 54.66
C THR FB 49 -95.58 -19.32 55.23
N GLU FB 50 -94.88 -20.45 55.27
CA GLU FB 50 -95.43 -21.66 55.86
C GLU FB 50 -95.42 -21.61 57.39
N MET FB 51 -94.46 -20.89 57.97
CA MET FB 51 -94.39 -20.80 59.42
C MET FB 51 -95.63 -20.12 59.98
N ALA FB 52 -96.10 -19.05 59.33
CA ALA FB 52 -97.31 -18.39 59.79
C ALA FB 52 -98.52 -19.31 59.73
N LEU FB 53 -98.64 -20.07 58.65
CA LEU FB 53 -99.79 -20.96 58.49
C LEU FB 53 -99.82 -22.01 59.59
N LYS FB 54 -98.67 -22.57 59.92
CA LYS FB 54 -98.62 -23.60 60.96
C LYS FB 54 -99.06 -23.04 62.30
N ALA FB 55 -98.65 -21.81 62.62
CA ALA FB 55 -99.03 -21.20 63.89
C ALA FB 55 -100.49 -20.76 63.88
N ASP FB 56 -101.03 -20.46 62.71
CA ASP FB 56 -102.40 -19.96 62.62
C ASP FB 56 -103.39 -20.99 63.16
N GLN FB 57 -103.16 -22.27 62.85
CA GLN FB 57 -104.11 -23.30 63.26
C GLN FB 57 -104.33 -23.28 64.77
N CYS FB 58 -103.27 -23.01 65.54
CA CYS FB 58 -103.41 -22.98 66.99
C CYS FB 58 -104.43 -21.94 67.44
N LEU FB 59 -104.50 -20.81 66.73
CA LEU FB 59 -105.45 -19.77 67.12
C LEU FB 59 -106.88 -20.26 67.01
N ILE FB 60 -107.20 -21.02 65.95
CA ILE FB 60 -108.57 -21.50 65.76
C ILE FB 60 -108.95 -22.42 66.91
N HIS FB 61 -108.03 -23.30 67.31
CA HIS FB 61 -108.33 -24.21 68.41
C HIS FB 61 -108.58 -23.45 69.71
N LYS FB 62 -107.91 -22.32 69.91
CA LYS FB 62 -108.15 -21.51 71.11
C LYS FB 62 -109.61 -21.11 71.21
N ALA FB 63 -110.16 -20.56 70.11
CA ALA FB 63 -111.55 -20.15 70.11
C ALA FB 63 -112.50 -21.35 69.98
N THR FB 64 -112.09 -22.38 69.26
CA THR FB 64 -112.94 -23.56 69.10
C THR FB 64 -113.30 -24.16 70.45
N LEU FB 65 -112.28 -24.38 71.30
CA LEU FB 65 -112.54 -24.90 72.63
C LEU FB 65 -113.12 -23.85 73.55
N PRO FB 78 -113.04 -37.74 75.15
CA PRO FB 78 -111.84 -38.07 74.35
C PRO FB 78 -111.56 -37.06 73.25
N LEU FB 79 -112.61 -36.49 72.64
CA LEU FB 79 -112.40 -35.53 71.57
C LEU FB 79 -111.74 -34.26 72.09
N ILE FB 80 -112.29 -33.69 73.16
CA ILE FB 80 -111.74 -32.44 73.71
C ILE FB 80 -110.34 -32.67 74.23
N GLU FB 81 -110.12 -33.77 74.96
CA GLU FB 81 -108.81 -34.02 75.55
C GLU FB 81 -107.74 -34.16 74.47
N ALA FB 82 -108.07 -34.82 73.36
CA ALA FB 82 -107.08 -34.99 72.29
C ALA FB 82 -106.66 -33.63 71.71
N MET FB 83 -107.62 -32.72 71.56
CA MET FB 83 -107.28 -31.40 71.01
C MET FB 83 -106.28 -30.68 71.89
N GLN FB 84 -106.43 -30.81 73.22
CA GLN FB 84 -105.48 -30.16 74.12
C GLN FB 84 -104.07 -30.66 73.87
N GLN FB 85 -103.90 -31.97 73.68
CA GLN FB 85 -102.58 -32.51 73.37
C GLN FB 85 -102.14 -32.10 71.97
N ILE FB 86 -103.07 -31.96 71.04
CA ILE FB 86 -102.71 -31.57 69.67
C ILE FB 86 -102.10 -30.18 69.67
N ILE FB 87 -102.68 -29.25 70.43
CA ILE FB 87 -102.15 -27.89 70.48
C ILE FB 87 -100.71 -27.91 70.96
N LEU FB 88 -100.43 -28.68 72.02
CA LEU FB 88 -99.07 -28.77 72.52
C LEU FB 88 -98.14 -29.40 71.49
N ALA FB 89 -98.67 -30.29 70.64
CA ALA FB 89 -97.84 -30.91 69.62
C ALA FB 89 -97.29 -29.87 68.65
N MET FB 90 -98.12 -28.92 68.24
CA MET FB 90 -97.68 -27.89 67.31
C MET FB 90 -96.71 -26.91 67.98
N THR FB 91 -96.88 -26.67 69.28
CA THR FB 91 -96.00 -25.74 69.98
C THR FB 91 -94.55 -26.23 69.93
N ARG FB 92 -94.34 -27.54 70.15
CA ARG FB 92 -92.99 -28.07 70.08
C ARG FB 92 -92.41 -27.88 68.70
N GLU FB 93 -93.21 -28.13 67.66
CA GLU FB 93 -92.73 -27.93 66.29
C GLU FB 93 -92.39 -26.47 66.02
N LEU FB 94 -93.24 -25.56 66.50
CA LEU FB 94 -93.01 -24.14 66.25
C LEU FB 94 -91.74 -23.66 66.94
N TRP FB 95 -91.54 -24.08 68.20
CA TRP FB 95 -90.37 -23.60 68.93
C TRP FB 95 -89.08 -24.06 68.27
N GLY FB 96 -89.11 -25.19 67.56
CA GLY FB 96 -87.90 -25.64 66.88
C GLY FB 96 -87.44 -24.67 65.81
N GLN FB 97 -88.38 -24.20 64.98
CA GLN FB 97 -88.03 -23.22 63.96
C GLN FB 97 -87.56 -21.91 64.59
N ILE FB 98 -88.17 -21.53 65.70
CA ILE FB 98 -87.76 -20.30 66.39
C ILE FB 98 -86.31 -20.39 66.82
N GLN FB 99 -85.94 -21.49 67.48
CA GLN FB 99 -84.56 -21.63 67.97
C GLN FB 99 -83.59 -21.83 66.82
N ARG FB 100 -83.96 -22.65 65.83
CA ARG FB 100 -83.07 -22.89 64.70
C ARG FB 100 -82.81 -21.60 63.93
N HIS FB 101 -83.85 -20.79 63.72
CA HIS FB 101 -83.67 -19.54 62.99
C HIS FB 101 -82.80 -18.56 63.77
N HIS FB 102 -83.03 -18.42 65.07
CA HIS FB 102 -82.25 -17.48 65.87
C HIS FB 102 -80.80 -17.90 65.96
N TYR FB 103 -80.55 -19.15 66.35
CA TYR FB 103 -79.18 -19.65 66.52
C TYR FB 103 -78.69 -20.40 65.29
N GLY FB 104 -79.38 -21.46 64.92
CA GLY FB 104 -78.98 -22.29 63.80
C GLY FB 104 -79.50 -23.70 63.95
N ILE FB 105 -79.55 -24.40 62.82
CA ILE FB 105 -80.09 -25.75 62.82
C ILE FB 105 -79.20 -26.69 63.62
N VAL FB 106 -77.88 -26.59 63.42
CA VAL FB 106 -76.96 -27.51 64.09
C VAL FB 106 -76.93 -27.24 65.59
N GLN FB 107 -76.96 -25.96 65.99
CA GLN FB 107 -76.83 -25.63 67.40
C GLN FB 107 -77.97 -26.20 68.22
N VAL FB 108 -79.19 -26.11 67.71
CA VAL FB 108 -80.34 -26.67 68.43
C VAL FB 108 -80.18 -28.18 68.57
N GLU FB 109 -79.85 -28.85 67.47
CA GLU FB 109 -79.61 -30.29 67.54
C GLU FB 109 -78.45 -30.61 68.47
N HIS FB 110 -77.45 -29.73 68.53
CA HIS FB 110 -76.29 -29.95 69.39
C HIS FB 110 -76.61 -29.67 70.85
N TYR FB 111 -77.43 -28.64 71.11
CA TYR FB 111 -77.67 -28.20 72.48
C TYR FB 111 -78.83 -28.92 73.15
N VAL FB 112 -79.81 -29.41 72.38
CA VAL FB 112 -80.98 -30.02 72.99
C VAL FB 112 -80.60 -31.23 73.82
N LYS FB 113 -79.70 -32.07 73.30
CA LYS FB 113 -79.33 -33.28 74.00
C LYS FB 113 -78.63 -32.98 75.32
N GLN FB 114 -77.81 -31.92 75.34
CA GLN FB 114 -77.02 -31.62 76.53
C GLN FB 114 -77.92 -31.40 77.74
N ILE FB 115 -78.98 -30.60 77.58
CA ILE FB 115 -79.85 -30.30 78.72
C ILE FB 115 -80.60 -31.55 79.15
N THR FB 116 -80.97 -32.41 78.20
CA THR FB 116 -81.67 -33.64 78.57
C THR FB 116 -80.81 -34.51 79.44
N LEU FB 117 -79.52 -34.61 79.12
CA LEU FB 117 -78.61 -35.40 79.95
C LEU FB 117 -78.50 -34.83 81.35
N TRP FB 118 -78.41 -33.50 81.47
CA TRP FB 118 -78.30 -32.89 82.79
C TRP FB 118 -79.50 -33.23 83.67
N GLN FB 119 -80.65 -33.51 83.06
CA GLN FB 119 -81.83 -33.88 83.84
C GLN FB 119 -81.81 -35.36 84.19
N ASP FB 120 -81.60 -36.22 83.19
CA ASP FB 120 -81.59 -37.67 83.40
C ASP FB 120 -80.27 -38.06 84.05
N THR FB 121 -80.15 -37.76 85.34
CA THR FB 121 -78.96 -38.05 86.12
C THR FB 121 -79.35 -38.07 87.59
N PRO FB 122 -78.65 -38.84 88.44
CA PRO FB 122 -79.07 -38.94 89.84
C PRO FB 122 -78.85 -37.65 90.61
N GLN FB 123 -79.70 -36.65 90.35
CA GLN FB 123 -79.75 -35.39 91.08
C GLN FB 123 -78.37 -34.88 91.51
N ALA FB 124 -77.71 -35.59 92.44
CA ALA FB 124 -76.50 -35.05 93.05
C ALA FB 124 -75.44 -34.73 92.00
N PHE FB 125 -75.13 -35.70 91.14
CA PHE FB 125 -74.15 -35.49 90.07
C PHE FB 125 -74.83 -35.07 88.78
N ARG FB 126 -75.71 -34.07 88.86
CA ARG FB 126 -76.44 -33.63 87.68
C ARG FB 126 -75.50 -32.96 86.66
N GLY FB 127 -74.54 -32.18 87.16
CA GLY FB 127 -73.60 -31.50 86.27
C GLY FB 127 -73.25 -30.12 86.79
N ASP FB 128 -73.30 -29.13 85.90
CA ASP FB 128 -72.98 -27.76 86.27
C ASP FB 128 -73.96 -26.77 85.63
N GLN FB 129 -75.22 -27.18 85.45
CA GLN FB 129 -76.23 -26.31 84.87
C GLN FB 129 -75.76 -25.82 83.50
N PRO FB 130 -75.73 -26.69 82.49
CA PRO FB 130 -75.13 -26.29 81.20
C PRO FB 130 -75.73 -25.01 80.67
N LYS FB 131 -74.86 -24.12 80.20
CA LYS FB 131 -75.29 -22.82 79.71
C LYS FB 131 -76.03 -22.97 78.38
N PRO FB 132 -77.02 -22.12 78.13
CA PRO FB 132 -77.69 -22.13 76.83
C PRO FB 132 -76.77 -21.60 75.75
N PRO FB 133 -77.04 -21.91 74.48
CA PRO FB 133 -76.13 -21.50 73.41
C PRO FB 133 -75.99 -19.98 73.34
N THR GB 3 37.19 1.23 121.35
CA THR GB 3 37.72 2.33 120.56
C THR GB 3 37.37 2.16 119.08
N PHE GB 4 37.47 0.94 118.56
CA PHE GB 4 37.23 0.73 117.14
C PHE GB 4 35.80 1.09 116.75
N ILE GB 5 34.83 0.68 117.57
CA ILE GB 5 33.43 0.94 117.23
C ILE GB 5 33.17 2.43 117.14
N GLU GB 6 33.83 3.21 118.01
CA GLU GB 6 33.71 4.67 117.91
C GLU GB 6 34.19 5.16 116.55
N LEU GB 7 35.28 4.59 116.04
CA LEU GB 7 35.79 5.00 114.73
C LEU GB 7 34.80 4.67 113.62
N VAL GB 8 34.17 3.49 113.70
CA VAL GB 8 33.23 3.10 112.66
C VAL GB 8 32.00 3.98 112.67
N LYS GB 9 31.51 4.32 113.87
CA LYS GB 9 30.34 5.20 113.97
C LYS GB 9 30.58 6.52 113.26
N ASN GB 10 31.84 6.93 113.15
CA ASN GB 10 32.20 8.15 112.41
C ASN GB 10 32.36 7.82 110.93
N MET GB 11 31.27 7.31 110.35
CA MET GB 11 31.26 6.91 108.94
C MET GB 11 29.89 7.23 108.35
N LYS GB 12 29.86 7.30 107.03
CA LYS GB 12 28.68 7.70 106.29
C LYS GB 12 27.86 6.49 105.87
N GLY GB 13 26.54 6.61 106.01
CA GLY GB 13 25.64 5.49 105.76
C GLY GB 13 25.52 4.52 106.92
N TYR GB 14 25.96 4.90 108.11
CA TYR GB 14 25.94 4.03 109.28
C TYR GB 14 24.53 4.00 109.86
N LYS GB 15 23.88 2.84 109.78
CA LYS GB 15 22.56 2.62 110.35
C LYS GB 15 22.69 1.68 111.54
N GLU GB 16 22.28 2.16 112.71
CA GLU GB 16 22.40 1.34 113.91
C GLU GB 16 21.43 0.16 113.85
N LEU GB 17 21.86 -0.96 114.44
CA LEU GB 17 21.07 -2.18 114.41
C LEU GB 17 21.04 -2.90 115.76
N LEU GB 18 21.51 -2.27 116.83
CA LEU GB 18 21.57 -2.91 118.15
C LEU GB 18 20.64 -2.19 119.10
N LEU GB 19 19.82 -2.95 119.80
CA LEU GB 19 18.89 -2.40 120.77
C LEU GB 19 19.59 -2.14 122.10
N PRO GB 20 18.97 -1.34 122.98
CA PRO GB 20 19.55 -1.13 124.30
C PRO GB 20 19.68 -2.43 125.08
N MET GB 21 20.70 -2.49 125.93
CA MET GB 21 20.94 -3.69 126.73
C MET GB 21 19.75 -4.02 127.60
N GLU GB 22 18.94 -3.03 127.97
CA GLU GB 22 17.80 -3.24 128.84
C GLU GB 22 16.59 -3.86 128.13
N MET GB 23 16.63 -3.94 126.79
CA MET GB 23 15.50 -4.47 126.05
C MET GB 23 15.76 -5.83 125.43
N VAL GB 24 17.02 -6.22 125.21
CA VAL GB 24 17.33 -7.50 124.59
C VAL GB 24 16.91 -8.62 125.54
N PRO GB 25 16.56 -9.79 125.02
CA PRO GB 25 16.15 -10.88 125.90
C PRO GB 25 17.31 -11.36 126.76
N LEU GB 26 16.98 -12.23 127.71
CA LEU GB 26 18.01 -12.88 128.49
C LEU GB 26 18.83 -13.82 127.61
N PRO GB 27 20.10 -14.07 127.97
CA PRO GB 27 20.94 -14.91 127.09
C PRO GB 27 20.35 -16.28 126.84
N ALA GB 28 19.68 -16.86 127.83
CA ALA GB 28 19.08 -18.18 127.65
C ALA GB 28 18.02 -18.15 126.55
N VAL GB 29 17.21 -17.09 126.52
CA VAL GB 29 16.14 -17.02 125.54
C VAL GB 29 16.70 -16.90 124.13
N VAL GB 30 17.79 -16.16 123.97
CA VAL GB 30 18.33 -15.92 122.64
C VAL GB 30 18.73 -17.23 121.99
N LEU GB 31 19.39 -18.10 122.74
CA LEU GB 31 19.84 -19.38 122.20
C LEU GB 31 18.69 -20.17 121.60
N LYS GB 32 17.49 -20.01 122.15
CA LYS GB 32 16.35 -20.77 121.65
C LYS GB 32 16.06 -20.42 120.19
N HIS GB 33 16.11 -19.13 119.84
CA HIS GB 33 15.87 -18.74 118.45
C HIS GB 33 17.00 -19.20 117.54
N VAL GB 34 18.21 -19.34 118.08
CA VAL GB 34 19.35 -19.76 117.26
C VAL GB 34 19.08 -21.15 116.69
N LYS GB 35 18.61 -22.06 117.53
CA LYS GB 35 18.36 -23.42 117.08
C LYS GB 35 17.29 -23.45 115.99
N LEU GB 36 16.21 -22.70 116.18
CA LEU GB 36 15.16 -22.67 115.19
C LEU GB 36 15.65 -22.06 113.88
N ILE GB 37 16.30 -20.89 113.96
CA ILE GB 37 16.75 -20.20 112.76
C ILE GB 37 17.80 -21.03 112.03
N LEU GB 38 18.77 -21.57 112.78
CA LEU GB 38 19.79 -22.40 112.16
C LEU GB 38 19.17 -23.66 111.56
N THR GB 39 18.40 -24.39 112.36
CA THR GB 39 17.88 -25.69 111.92
C THR GB 39 16.79 -25.51 110.87
N SER GB 40 15.86 -24.58 111.11
CA SER GB 40 14.76 -24.34 110.19
C SER GB 40 15.23 -23.41 109.07
N GLN GB 41 16.21 -23.90 108.31
CA GLN GB 41 16.76 -23.14 107.20
C GLN GB 41 17.17 -24.11 106.10
N LYS GB 42 17.12 -23.61 104.87
CA LYS GB 42 17.49 -24.38 103.69
C LYS GB 42 18.48 -23.57 102.86
N GLU GB 43 19.36 -24.28 102.15
CA GLU GB 43 20.38 -23.64 101.32
C GLU GB 43 21.27 -22.73 102.18
N HIS GB 44 22.00 -23.39 103.09
CA HIS GB 44 22.85 -22.70 104.05
C HIS GB 44 23.59 -21.55 103.40
N GLN GB 45 23.61 -20.42 104.10
CA GLN GB 45 24.21 -19.19 103.62
C GLN GB 45 25.35 -18.77 104.55
N PRO GB 46 26.27 -17.94 104.06
CA PRO GB 46 27.47 -17.62 104.87
C PRO GB 46 27.14 -17.03 106.23
N TRP GB 47 26.10 -16.19 106.32
CA TRP GB 47 25.79 -15.55 107.59
C TRP GB 47 25.35 -16.55 108.65
N MET GB 48 24.88 -17.73 108.25
CA MET GB 48 24.51 -18.75 109.23
C MET GB 48 25.71 -19.19 110.05
N THR GB 49 26.85 -19.36 109.39
CA THR GB 49 28.05 -19.77 110.11
C THR GB 49 28.46 -18.74 111.15
N GLU GB 50 28.36 -17.45 110.79
CA GLU GB 50 28.75 -16.41 111.73
C GLU GB 50 27.90 -16.45 113.00
N MET GB 51 26.59 -16.70 112.84
CA MET GB 51 25.70 -16.74 113.99
C MET GB 51 26.11 -17.85 114.96
N ALA GB 52 26.42 -19.03 114.44
CA ALA GB 52 26.76 -20.16 115.30
C ALA GB 52 28.05 -19.90 116.07
N LEU GB 53 29.05 -19.33 115.40
CA LEU GB 53 30.34 -19.10 116.04
C LEU GB 53 30.20 -18.20 117.25
N LYS GB 54 29.44 -17.12 117.13
CA LYS GB 54 29.25 -16.20 118.25
C LYS GB 54 28.46 -16.87 119.36
N ALA GB 55 27.50 -17.73 119.00
CA ALA GB 55 26.63 -18.33 120.01
C ALA GB 55 27.44 -19.16 121.01
N ASP GB 56 28.37 -19.97 120.52
CA ASP GB 56 29.16 -20.82 121.41
C ASP GB 56 30.00 -19.99 122.37
N GLN GB 57 30.37 -18.78 121.97
CA GLN GB 57 31.19 -17.93 122.85
C GLN GB 57 30.43 -17.60 124.13
N CYS GB 58 29.15 -17.28 124.02
CA CYS GB 58 28.36 -16.98 125.21
C CYS GB 58 28.29 -18.19 126.14
N LEU GB 59 28.14 -19.38 125.56
CA LEU GB 59 28.13 -20.60 126.37
C LEU GB 59 29.46 -20.79 127.08
N ILE GB 60 30.57 -20.53 126.38
CA ILE GB 60 31.89 -20.69 126.98
C ILE GB 60 32.03 -19.75 128.18
N HIS GB 61 31.68 -18.48 127.99
CA HIS GB 61 31.71 -17.54 129.11
C HIS GB 61 30.70 -17.94 130.19
N LYS GB 62 29.52 -18.37 129.77
CA LYS GB 62 28.51 -18.80 130.72
C LYS GB 62 28.99 -19.99 131.53
N ALA GB 63 29.63 -20.96 130.87
CA ALA GB 63 30.17 -22.12 131.57
C ALA GB 63 31.39 -21.79 132.40
N THR GB 64 31.93 -20.57 132.29
CA THR GB 64 33.12 -20.19 133.05
C THR GB 64 32.79 -19.65 134.43
N LEU GB 65 31.58 -19.11 134.62
CA LEU GB 65 31.24 -18.52 135.91
C LEU GB 65 31.19 -19.58 137.01
N ASP GB 66 30.71 -20.79 136.69
CA ASP GB 66 30.64 -21.84 137.71
C ASP GB 66 32.01 -22.13 138.30
N PRO GB 78 37.08 -8.18 140.55
CA PRO GB 78 36.86 -7.70 139.17
C PRO GB 78 36.98 -8.78 138.13
N LEU GB 79 38.07 -9.55 138.15
CA LEU GB 79 38.33 -10.52 137.08
C LEU GB 79 37.21 -11.55 137.00
N ILE GB 80 36.77 -12.07 138.14
CA ILE GB 80 35.71 -13.08 138.12
C ILE GB 80 34.42 -12.48 137.57
N GLU GB 81 34.08 -11.27 138.02
CA GLU GB 81 32.85 -10.62 137.57
C GLU GB 81 33.02 -9.88 136.25
N ALA GB 82 34.26 -9.66 135.80
CA ALA GB 82 34.46 -8.91 134.56
C ALA GB 82 33.88 -9.64 133.36
N MET GB 83 34.07 -10.97 133.30
CA MET GB 83 33.57 -11.72 132.15
C MET GB 83 32.05 -11.62 132.02
N GLN GB 84 31.35 -11.45 133.14
CA GLN GB 84 29.89 -11.36 133.08
C GLN GB 84 29.44 -10.17 132.23
N GLN GB 85 30.24 -9.11 132.20
CA GLN GB 85 29.88 -7.94 131.40
C GLN GB 85 29.81 -8.28 129.92
N ILE GB 86 30.75 -9.08 129.43
CA ILE GB 86 30.78 -9.42 128.02
C ILE GB 86 29.58 -10.29 127.65
N ILE GB 87 29.15 -11.16 128.57
CA ILE GB 87 28.04 -12.05 128.27
C ILE GB 87 26.81 -11.26 127.86
N LEU GB 88 26.47 -10.23 128.66
CA LEU GB 88 25.33 -9.39 128.32
C LEU GB 88 25.55 -8.67 126.99
N ALA GB 89 26.77 -8.17 126.78
CA ALA GB 89 27.06 -7.48 125.53
C ALA GB 89 26.95 -8.41 124.33
N MET GB 90 27.43 -9.65 124.49
CA MET GB 90 27.43 -10.58 123.36
C MET GB 90 26.01 -10.80 122.84
N THR GB 91 25.03 -10.83 123.75
CA THR GB 91 23.65 -11.01 123.33
C THR GB 91 23.19 -9.85 122.44
N ARG GB 92 23.58 -8.63 122.80
CA ARG GB 92 23.11 -7.45 122.06
C ARG GB 92 23.53 -7.55 120.59
N GLU GB 93 24.78 -7.92 120.33
CA GLU GB 93 25.20 -8.12 118.96
C GLU GB 93 24.55 -9.35 118.36
N LEU GB 94 24.41 -10.41 119.15
CA LEU GB 94 23.80 -11.64 118.66
C LEU GB 94 22.34 -11.44 118.30
N TRP GB 95 21.60 -10.72 119.15
CA TRP GB 95 20.18 -10.50 118.89
C TRP GB 95 19.97 -9.68 117.62
N GLY GB 96 20.96 -8.87 117.24
CA GLY GB 96 20.80 -8.05 116.04
C GLY GB 96 20.64 -8.89 114.79
N GLN GB 97 21.38 -10.00 114.70
CA GLN GB 97 21.27 -10.86 113.53
C GLN GB 97 19.94 -11.60 113.52
N ILE GB 98 19.39 -11.91 114.69
CA ILE GB 98 18.11 -12.62 114.75
C ILE GB 98 17.03 -11.79 114.08
N GLN GB 99 16.96 -10.51 114.41
CA GLN GB 99 15.92 -9.66 113.84
C GLN GB 99 16.12 -9.47 112.34
N ARG GB 100 17.37 -9.46 111.87
CA ARG GB 100 17.61 -9.36 110.44
C ARG GB 100 17.00 -10.54 109.70
N HIS GB 101 17.18 -11.74 110.23
CA HIS GB 101 16.59 -12.93 109.60
C HIS GB 101 15.07 -12.89 109.65
N HIS GB 102 14.52 -12.56 110.83
CA HIS GB 102 13.07 -12.55 110.98
C HIS GB 102 12.45 -11.38 110.23
N TYR GB 103 12.80 -10.16 110.61
CA TYR GB 103 12.21 -8.97 110.01
C TYR GB 103 12.87 -8.61 108.69
N GLY GB 104 14.16 -8.31 108.73
CA GLY GB 104 14.90 -7.84 107.58
C GLY GB 104 15.78 -6.68 108.00
N ILE GB 105 16.91 -6.52 107.31
CA ILE GB 105 17.88 -5.50 107.68
C ILE GB 105 17.25 -4.11 107.55
N VAL GB 106 16.55 -3.85 106.46
CA VAL GB 106 16.00 -2.52 106.22
C VAL GB 106 14.98 -2.16 107.30
N GLN GB 107 14.08 -3.09 107.61
CA GLN GB 107 13.04 -2.80 108.59
C GLN GB 107 13.62 -2.55 109.97
N VAL GB 108 14.69 -3.29 110.32
CA VAL GB 108 15.26 -3.15 111.65
C VAL GB 108 15.76 -1.73 111.87
N GLU GB 109 16.44 -1.15 110.88
CA GLU GB 109 16.97 0.19 111.02
C GLU GB 109 15.88 1.17 111.46
N HIS GB 110 14.72 1.12 110.80
CA HIS GB 110 13.62 2.00 111.18
C HIS GB 110 13.16 1.69 112.60
N TYR GB 111 13.04 0.42 112.95
CA TYR GB 111 12.53 0.05 114.26
C TYR GB 111 13.42 0.57 115.38
N VAL GB 112 14.73 0.46 115.22
CA VAL GB 112 15.64 0.88 116.29
C VAL GB 112 15.50 2.38 116.54
N LYS GB 113 15.51 3.18 115.48
CA LYS GB 113 15.40 4.62 115.63
C LYS GB 113 14.06 4.99 116.27
N GLN GB 114 12.98 4.33 115.85
CA GLN GB 114 11.69 4.56 116.49
C GLN GB 114 11.75 4.22 117.97
N ILE GB 115 12.41 3.10 118.32
CA ILE GB 115 12.58 2.76 119.73
C ILE GB 115 13.45 3.81 120.42
N THR GB 116 14.52 4.24 119.76
CA THR GB 116 15.43 5.20 120.38
C THR GB 116 14.70 6.50 120.69
N LEU GB 117 13.99 7.05 119.71
CA LEU GB 117 13.22 8.27 119.95
C LEU GB 117 12.15 8.03 121.00
N TRP GB 118 11.48 6.87 120.93
CA TRP GB 118 10.48 6.54 121.95
C TRP GB 118 11.11 6.48 123.34
N GLN GB 119 12.29 5.87 123.44
CA GLN GB 119 12.98 5.83 124.73
C GLN GB 119 13.49 7.21 125.12
N ASP GB 120 13.91 8.01 124.14
CA ASP GB 120 14.46 9.32 124.44
C ASP GB 120 13.40 10.24 125.05
N THR GB 121 12.20 10.22 124.49
CA THR GB 121 11.14 11.10 124.98
C THR GB 121 10.81 10.76 126.43
N PRO GB 122 10.57 11.77 127.28
CA PRO GB 122 10.23 11.47 128.68
C PRO GB 122 8.96 10.63 128.79
N GLN GB 123 8.94 9.78 129.82
CA GLN GB 123 7.83 8.85 130.01
C GLN GB 123 6.50 9.57 130.21
N ALA GB 124 6.52 10.83 130.62
CA ALA GB 124 5.28 11.56 130.85
C ALA GB 124 4.45 11.67 129.58
N PHE GB 125 5.11 11.97 128.45
CA PHE GB 125 4.44 12.09 127.17
C PHE GB 125 5.11 11.19 126.13
N ARG GB 126 5.67 10.07 126.57
CA ARG GB 126 6.41 9.20 125.66
C ARG GB 126 5.50 8.62 124.59
N GLY GB 127 4.30 8.18 124.98
CA GLY GB 127 3.38 7.58 124.04
C GLY GB 127 3.49 6.07 124.00
N ASP GB 128 2.64 5.48 123.17
CA ASP GB 128 2.61 4.03 123.04
C ASP GB 128 3.89 3.53 122.40
N GLN GB 129 4.41 2.42 122.91
CA GLN GB 129 5.62 1.84 122.36
C GLN GB 129 5.35 1.30 120.96
N PRO GB 130 6.19 1.62 119.98
CA PRO GB 130 5.95 1.11 118.62
C PRO GB 130 6.10 -0.40 118.55
N LYS GB 131 5.36 -0.99 117.62
CA LYS GB 131 5.38 -2.43 117.44
C LYS GB 131 6.45 -2.83 116.43
N PRO GB 132 6.92 -4.08 116.49
CA PRO GB 132 7.95 -4.52 115.55
C PRO GB 132 7.47 -4.44 114.12
N PRO GB 133 8.39 -4.41 113.14
CA PRO GB 133 7.97 -4.34 111.73
C PRO GB 133 7.33 -5.63 111.25
N SER GB 134 6.99 -5.67 109.97
CA SER GB 134 6.42 -6.87 109.37
C SER GB 134 7.52 -7.86 109.00
N PHE GB 135 7.17 -9.15 109.08
CA PHE GB 135 8.14 -10.19 108.78
C PHE GB 135 8.53 -10.18 107.31
N THR HB 3 28.09 -27.25 120.34
CA THR HB 3 27.08 -28.00 119.61
C THR HB 3 26.48 -27.23 118.45
N PHE HB 4 26.26 -25.92 118.61
CA PHE HB 4 25.66 -25.14 117.54
C PHE HB 4 26.50 -25.17 116.28
N ILE HB 5 27.81 -25.03 116.42
CA ILE HB 5 28.69 -25.06 115.25
C ILE HB 5 28.60 -26.42 114.56
N GLU HB 6 28.46 -27.48 115.35
CA GLU HB 6 28.33 -28.81 114.76
C GLU HB 6 27.09 -28.91 113.89
N LEU HB 7 25.98 -28.30 114.33
CA LEU HB 7 24.76 -28.33 113.52
C LEU HB 7 24.98 -27.66 112.17
N VAL HB 8 25.71 -26.55 112.15
CA VAL HB 8 26.01 -25.88 110.89
C VAL HB 8 26.83 -26.80 109.99
N LYS HB 9 27.83 -27.46 110.58
CA LYS HB 9 28.67 -28.37 109.80
C LYS HB 9 27.88 -29.55 109.25
N ASN HB 10 26.68 -29.79 109.77
CA ASN HB 10 25.82 -30.86 109.29
C ASN HB 10 24.88 -30.40 108.18
N MET HB 11 24.98 -29.15 107.74
CA MET HB 11 24.06 -28.61 106.76
C MET HB 11 24.48 -29.03 105.35
N LYS HB 12 23.76 -28.52 104.36
CA LYS HB 12 24.03 -28.75 102.95
C LYS HB 12 24.56 -27.47 102.33
N GLY HB 13 25.67 -27.57 101.61
CA GLY HB 13 26.29 -26.42 101.00
C GLY HB 13 27.25 -25.68 101.90
N TYR HB 14 27.40 -26.10 103.15
CA TYR HB 14 28.33 -25.44 104.06
C TYR HB 14 29.76 -25.64 103.59
N LYS HB 15 30.57 -24.59 103.73
CA LYS HB 15 31.96 -24.62 103.29
C LYS HB 15 32.82 -23.93 104.33
N GLU HB 16 33.99 -24.52 104.60
CA GLU HB 16 34.88 -23.96 105.60
C GLU HB 16 35.47 -22.64 105.12
N LEU HB 17 35.63 -21.70 106.05
CA LEU HB 17 36.26 -20.41 105.78
C LEU HB 17 37.36 -20.05 106.76
N LEU HB 18 37.46 -20.75 107.89
CA LEU HB 18 38.49 -20.45 108.87
C LEU HB 18 39.76 -21.22 108.53
N LEU HB 19 40.75 -21.12 109.41
CA LEU HB 19 42.05 -21.73 109.20
C LEU HB 19 42.50 -22.41 110.49
N PRO HB 20 43.46 -23.32 110.41
CA PRO HB 20 43.95 -23.98 111.62
C PRO HB 20 44.50 -22.97 112.62
N MET HB 21 44.34 -23.28 113.90
CA MET HB 21 44.78 -22.37 114.95
C MET HB 21 46.25 -22.02 114.79
N GLU HB 22 47.06 -22.97 114.31
CA GLU HB 22 48.48 -22.69 114.12
C GLU HB 22 48.70 -21.63 113.05
N MET HB 23 47.95 -21.70 111.95
CA MET HB 23 48.08 -20.75 110.86
C MET HB 23 47.23 -19.50 111.12
N VAL HB 24 47.47 -18.90 112.29
CA VAL HB 24 46.78 -17.69 112.69
C VAL HB 24 47.81 -16.70 113.24
N PRO HB 25 47.87 -15.47 112.75
CA PRO HB 25 48.83 -14.51 113.29
C PRO HB 25 48.66 -14.30 114.78
N LEU HB 26 49.65 -13.65 115.37
CA LEU HB 26 49.63 -13.36 116.80
C LEU HB 26 48.60 -12.26 117.09
N PRO HB 27 48.14 -12.16 118.34
CA PRO HB 27 47.18 -11.10 118.67
C PRO HB 27 47.79 -9.71 118.57
N ALA HB 28 46.99 -8.68 118.87
CA ALA HB 28 47.46 -7.30 118.83
C ALA HB 28 47.87 -6.90 117.41
N VAL HB 29 48.93 -7.51 116.89
CA VAL HB 29 49.41 -7.17 115.56
C VAL HB 29 48.35 -7.49 114.51
N VAL HB 30 47.64 -8.61 114.68
CA VAL HB 30 46.59 -8.98 113.74
C VAL HB 30 45.51 -7.93 113.70
N LEU HB 31 45.28 -7.23 114.82
CA LEU HB 31 44.28 -6.19 114.86
C LEU HB 31 44.61 -5.02 113.94
N LYS HB 32 45.86 -4.91 113.50
CA LYS HB 32 46.25 -3.77 112.66
C LYS HB 32 45.50 -3.80 111.32
N HIS HB 33 45.32 -4.99 110.75
CA HIS HB 33 44.56 -5.08 109.50
C HIS HB 33 43.16 -4.51 109.66
N VAL HB 34 42.63 -4.50 110.88
CA VAL HB 34 41.30 -3.93 111.12
C VAL HB 34 41.29 -2.46 110.73
N LYS HB 35 42.30 -1.72 111.18
CA LYS HB 35 42.36 -0.29 110.88
C LYS HB 35 42.51 -0.06 109.39
N LEU HB 36 43.33 -0.87 108.72
CA LEU HB 36 43.59 -0.67 107.30
C LEU HB 36 42.38 -0.97 106.44
N ILE HB 37 41.33 -1.58 107.01
CA ILE HB 37 40.15 -1.96 106.25
C ILE HB 37 38.97 -1.10 106.70
N LEU HB 38 39.02 -0.62 107.94
CA LEU HB 38 37.99 0.28 108.44
C LEU HB 38 38.30 1.74 108.11
N THR HB 39 39.49 2.20 108.51
CA THR HB 39 39.86 3.59 108.27
C THR HB 39 39.92 3.88 106.77
N SER HB 40 40.49 2.97 105.99
CA SER HB 40 40.58 3.12 104.54
C SER HB 40 39.34 2.55 103.87
N GLN HB 41 38.18 3.07 104.28
CA GLN HB 41 36.91 2.59 103.76
C GLN HB 41 35.86 3.68 103.88
N LYS HB 42 34.77 3.48 103.14
CA LYS HB 42 33.64 4.41 103.14
C LYS HB 42 32.40 3.63 102.73
N GLU HB 43 31.24 4.27 102.87
CA GLU HB 43 29.96 3.64 102.58
C GLU HB 43 29.75 2.42 103.48
N HIS HB 44 29.66 2.71 104.77
CA HIS HB 44 29.49 1.71 105.82
C HIS HB 44 28.52 0.63 105.39
N GLN HB 45 28.98 -0.61 105.41
CA GLN HB 45 28.19 -1.77 105.05
C GLN HB 45 27.92 -2.63 106.27
N PRO HB 46 26.88 -3.47 106.23
CA PRO HB 46 26.51 -4.24 107.43
C PRO HB 46 27.65 -5.10 107.96
N TRP HB 47 28.44 -5.72 107.08
CA TRP HB 47 29.50 -6.60 107.54
C TRP HB 47 30.60 -5.84 108.26
N MET HB 48 30.77 -4.55 107.95
CA MET HB 48 31.81 -3.77 108.61
C MET HB 48 31.55 -3.68 110.11
N THR HB 49 30.28 -3.50 110.50
CA THR HB 49 29.96 -3.43 111.92
C THR HB 49 30.27 -4.75 112.61
N GLU HB 50 30.00 -5.88 111.94
CA GLU HB 50 30.28 -7.17 112.53
C GLU HB 50 31.76 -7.30 112.87
N MET HB 51 32.63 -6.90 111.94
CA MET HB 51 34.06 -6.94 112.19
C MET HB 51 34.44 -6.04 113.36
N ALA HB 52 33.87 -4.83 113.40
CA ALA HB 52 34.21 -3.88 114.45
C ALA HB 52 33.81 -4.41 115.82
N LEU HB 53 32.62 -5.00 115.91
CA LEU HB 53 32.12 -5.48 117.20
C LEU HB 53 32.81 -6.78 117.63
N LYS HB 54 33.57 -7.42 116.75
CA LYS HB 54 34.32 -8.62 117.09
C LYS HB 54 35.76 -8.32 117.46
N ALA HB 55 36.43 -7.47 116.69
CA ALA HB 55 37.83 -7.14 116.96
C ALA HB 55 37.97 -6.44 118.31
N ASP HB 56 37.06 -5.51 118.61
CA ASP HB 56 37.14 -4.78 119.87
C ASP HB 56 37.02 -5.70 121.08
N GLN HB 57 36.43 -6.88 120.91
CA GLN HB 57 36.29 -7.80 122.04
C GLN HB 57 37.65 -8.27 122.55
N CYS HB 58 38.60 -8.49 121.63
CA CYS HB 58 39.92 -8.94 122.05
C CYS HB 58 40.57 -7.95 123.00
N LEU HB 59 40.42 -6.65 122.72
CA LEU HB 59 40.95 -5.63 123.62
C LEU HB 59 40.30 -5.73 124.99
N ILE HB 60 38.98 -5.97 125.02
CA ILE HB 60 38.29 -6.09 126.30
C ILE HB 60 38.85 -7.26 127.09
N HIS HB 61 38.98 -8.42 126.44
CA HIS HB 61 39.60 -9.56 127.10
C HIS HB 61 41.06 -9.28 127.42
N LYS HB 62 41.77 -8.63 126.49
CA LYS HB 62 43.17 -8.28 126.72
C LYS HB 62 43.30 -7.29 127.87
N ALA HB 63 42.36 -6.35 127.97
CA ALA HB 63 42.41 -5.35 129.04
C ALA HB 63 42.36 -5.98 130.42
N THR HB 64 41.77 -7.18 130.54
CA THR HB 64 41.68 -7.83 131.85
C THR HB 64 43.05 -8.30 132.34
N LEU HB 65 44.04 -8.40 131.45
CA LEU HB 65 45.36 -8.84 131.87
C LEU HB 65 45.95 -7.91 132.93
N ASP HB 66 45.60 -6.62 132.88
CA ASP HB 66 46.06 -5.70 133.92
C ASP HB 66 45.54 -6.12 135.28
N PRO HB 78 41.81 -21.37 136.40
CA PRO HB 78 41.01 -21.66 135.20
C PRO HB 78 40.39 -20.41 134.59
N LEU HB 79 39.97 -19.46 135.43
CA LEU HB 79 39.38 -18.24 134.91
C LEU HB 79 40.38 -17.45 134.08
N ILE HB 80 41.62 -17.34 134.57
CA ILE HB 80 42.64 -16.61 133.82
C ILE HB 80 43.05 -17.39 132.57
N GLU HB 81 43.23 -18.70 132.72
CA GLU HB 81 43.62 -19.52 131.56
C GLU HB 81 42.53 -19.53 130.50
N ALA HB 82 41.27 -19.63 130.92
CA ALA HB 82 40.18 -19.77 129.96
C ALA HB 82 40.11 -18.56 129.03
N MET HB 83 40.26 -17.35 129.58
CA MET HB 83 40.15 -16.15 128.76
C MET HB 83 41.21 -16.14 127.66
N GLN HB 84 42.44 -16.55 127.99
CA GLN HB 84 43.51 -16.55 127.00
C GLN HB 84 43.17 -17.49 125.84
N GLN HB 85 42.57 -18.64 126.13
CA GLN HB 85 42.21 -19.57 125.07
C GLN HB 85 41.18 -18.96 124.13
N ILE HB 86 40.22 -18.21 124.68
CA ILE HB 86 39.15 -17.66 123.86
C ILE HB 86 39.69 -16.69 122.83
N ILE HB 87 40.75 -15.95 123.18
CA ILE HB 87 41.30 -14.95 122.26
C ILE HB 87 41.73 -15.60 120.97
N LEU HB 88 42.33 -16.79 121.05
CA LEU HB 88 42.75 -17.50 119.85
C LEU HB 88 41.56 -17.80 118.96
N ALA HB 89 40.45 -18.25 119.54
CA ALA HB 89 39.27 -18.59 118.76
C ALA HB 89 38.72 -17.37 118.03
N MET HB 90 38.62 -16.24 118.74
CA MET HB 90 38.13 -15.02 118.11
C MET HB 90 39.09 -14.54 117.04
N THR HB 91 40.40 -14.66 117.29
CA THR HB 91 41.38 -14.23 116.30
C THR HB 91 41.23 -15.01 115.01
N ARG HB 92 40.94 -16.31 115.12
CA ARG HB 92 40.75 -17.12 113.92
C ARG HB 92 39.58 -16.60 113.09
N GLU HB 93 38.49 -16.21 113.75
CA GLU HB 93 37.33 -15.69 113.02
C GLU HB 93 37.67 -14.39 112.32
N LEU HB 94 38.48 -13.53 112.97
CA LEU HB 94 38.82 -12.25 112.38
C LEU HB 94 39.53 -12.44 111.05
N TRP HB 95 40.48 -13.37 110.99
CA TRP HB 95 41.26 -13.56 109.77
C TRP HB 95 40.36 -14.00 108.61
N GLY HB 96 39.41 -14.88 108.88
CA GLY HB 96 38.52 -15.34 107.81
C GLY HB 96 37.74 -14.20 107.19
N GLN HB 97 37.25 -13.27 108.02
CA GLN HB 97 36.54 -12.12 107.49
C GLN HB 97 37.46 -11.26 106.63
N ILE HB 98 38.71 -11.09 107.06
CA ILE HB 98 39.65 -10.27 106.29
C ILE HB 98 39.87 -10.87 104.91
N GLN HB 99 40.11 -12.19 104.86
CA GLN HB 99 40.26 -12.86 103.58
C GLN HB 99 38.96 -12.83 102.78
N ARG HB 100 37.82 -12.90 103.47
CA ARG HB 100 36.52 -12.79 102.80
C ARG HB 100 36.37 -11.45 102.10
N HIS HB 101 37.16 -10.44 102.48
CA HIS HB 101 37.13 -9.13 101.87
C HIS HB 101 38.26 -8.90 100.88
N HIS HB 102 39.49 -9.29 101.25
CA HIS HB 102 40.64 -9.07 100.39
C HIS HB 102 40.58 -9.95 99.15
N TYR HB 103 40.60 -11.26 99.35
CA TYR HB 103 40.59 -12.22 98.24
C TYR HB 103 39.18 -12.71 97.93
N GLY HB 104 38.26 -11.78 97.73
CA GLY HB 104 36.91 -12.17 97.41
C GLY HB 104 36.29 -12.96 98.55
N ILE HB 105 35.17 -13.62 98.21
CA ILE HB 105 34.47 -14.47 99.16
C ILE HB 105 34.33 -15.86 98.57
N VAL HB 106 34.36 -15.96 97.24
CA VAL HB 106 34.24 -17.25 96.58
C VAL HB 106 35.60 -17.93 96.47
N GLN HB 107 36.62 -17.17 96.05
CA GLN HB 107 37.96 -17.72 95.92
C GLN HB 107 38.54 -18.13 97.26
N VAL HB 108 38.03 -17.58 98.37
CA VAL HB 108 38.56 -17.93 99.68
C VAL HB 108 38.34 -19.41 99.97
N GLU HB 109 37.15 -19.92 99.65
CA GLU HB 109 36.85 -21.32 99.93
C GLU HB 109 37.81 -22.24 99.20
N HIS HB 110 38.15 -21.92 97.95
CA HIS HB 110 39.08 -22.75 97.20
C HIS HB 110 40.44 -22.78 97.87
N TYR HB 111 40.92 -21.63 98.36
CA TYR HB 111 42.23 -21.60 99.01
C TYR HB 111 42.24 -22.46 100.26
N VAL HB 112 41.24 -22.28 101.13
CA VAL HB 112 41.20 -23.06 102.37
C VAL HB 112 41.02 -24.53 102.06
N LYS HB 113 40.26 -24.86 101.01
CA LYS HB 113 40.13 -26.25 100.60
C LYS HB 113 41.49 -26.88 100.33
N GLN HB 114 42.36 -26.16 99.62
CA GLN HB 114 43.69 -26.70 99.34
C GLN HB 114 44.55 -26.72 100.60
N ILE HB 115 44.38 -25.73 101.48
CA ILE HB 115 45.16 -25.69 102.70
C ILE HB 115 44.92 -26.94 103.53
N THR HB 116 43.66 -27.36 103.64
CA THR HB 116 43.35 -28.55 104.44
C THR HB 116 44.04 -29.78 103.87
N LEU HB 117 44.00 -29.95 102.54
CA LEU HB 117 44.66 -31.09 101.91
C LEU HB 117 46.18 -30.99 102.07
N TRP HB 118 46.74 -29.79 101.89
CA TRP HB 118 48.18 -29.63 101.92
C TRP HB 118 48.77 -29.89 103.31
N GLN HB 119 47.97 -29.77 104.37
CA GLN HB 119 48.43 -29.97 105.73
C GLN HB 119 48.05 -31.34 106.29
N ASP HB 120 46.87 -31.84 105.95
CA ASP HB 120 46.43 -33.13 106.49
C ASP HB 120 47.33 -34.26 106.02
N THR HB 121 47.75 -34.23 104.76
CA THR HB 121 48.63 -35.26 104.24
C THR HB 121 49.97 -35.21 104.97
N PRO HB 122 50.67 -36.34 105.07
CA PRO HB 122 51.97 -36.34 105.77
C PRO HB 122 52.96 -35.42 105.08
N GLN HB 123 53.88 -34.87 105.88
CA GLN HB 123 54.85 -33.90 105.37
C GLN HB 123 55.70 -34.47 104.25
N ALA HB 124 55.82 -35.80 104.15
CA ALA HB 124 56.62 -36.41 103.10
C ALA HB 124 55.94 -36.35 101.74
N PHE HB 125 54.66 -35.96 101.67
CA PHE HB 125 53.93 -35.92 100.42
C PHE HB 125 53.36 -34.56 100.07
N ARG HB 126 53.43 -33.58 100.98
CA ARG HB 126 52.80 -32.28 100.73
C ARG HB 126 53.35 -31.63 99.47
N GLY HB 127 54.64 -31.31 99.48
CA GLY HB 127 55.26 -30.65 98.35
C GLY HB 127 55.54 -29.19 98.64
N ASP HB 128 54.77 -28.29 98.04
CA ASP HB 128 54.93 -26.85 98.20
C ASP HB 128 53.61 -26.24 98.63
N GLN HB 129 53.68 -25.23 99.50
CA GLN HB 129 52.48 -24.57 99.96
C GLN HB 129 51.78 -23.88 98.78
N PRO HB 130 50.46 -24.01 98.65
CA PRO HB 130 49.75 -23.31 97.58
C PRO HB 130 49.55 -21.85 97.92
N LYS HB 131 50.10 -20.98 97.09
CA LYS HB 131 50.01 -19.55 97.37
C LYS HB 131 48.56 -19.08 97.28
N PRO HB 132 48.10 -18.27 98.23
CA PRO HB 132 46.72 -17.79 98.17
C PRO HB 132 46.53 -16.87 96.97
N PRO HB 133 45.31 -16.79 96.44
CA PRO HB 133 45.07 -15.90 95.30
C PRO HB 133 45.28 -14.44 95.69
N SER HB 134 45.69 -13.64 94.71
CA SER HB 134 45.96 -12.23 94.95
C SER HB 134 44.64 -11.47 95.08
N PHE HB 135 44.75 -10.14 95.21
CA PHE HB 135 43.58 -9.27 95.38
C PHE HB 135 42.87 -9.15 94.03
N THR IB 3 39.90 -63.61 98.05
CA THR IB 3 39.84 -64.31 96.77
C THR IB 3 39.01 -63.54 95.74
N PHE IB 4 38.08 -62.69 96.19
CA PHE IB 4 37.31 -61.90 95.25
C PHE IB 4 38.21 -60.97 94.45
N ILE IB 5 39.20 -60.37 95.10
CA ILE IB 5 40.13 -59.49 94.39
C ILE IB 5 40.81 -60.26 93.27
N GLU IB 6 41.17 -61.52 93.53
CA GLU IB 6 41.73 -62.35 92.48
C GLU IB 6 40.75 -62.53 91.34
N LEU IB 7 39.47 -62.72 91.66
CA LEU IB 7 38.46 -62.86 90.62
C LEU IB 7 38.35 -61.61 89.76
N VAL IB 8 38.74 -60.46 90.31
CA VAL IB 8 38.73 -59.22 89.56
C VAL IB 8 40.12 -58.80 89.10
N LYS IB 9 41.18 -59.32 89.73
CA LYS IB 9 42.54 -58.96 89.33
C LYS IB 9 42.78 -59.29 87.86
N ASN IB 10 42.08 -60.27 87.32
CA ASN IB 10 42.21 -60.61 85.91
C ASN IB 10 41.35 -59.73 85.01
N MET IB 11 40.42 -58.97 85.56
CA MET IB 11 39.58 -58.11 84.76
C MET IB 11 40.40 -57.01 84.09
N LYS IB 12 39.96 -56.62 82.89
CA LYS IB 12 40.69 -55.60 82.14
C LYS IB 12 40.71 -54.27 82.89
N GLY IB 13 39.58 -53.87 83.46
CA GLY IB 13 39.48 -52.58 84.10
C GLY IB 13 39.85 -52.57 85.56
N TYR IB 14 40.36 -53.70 86.06
CA TYR IB 14 40.76 -53.79 87.46
C TYR IB 14 41.91 -52.83 87.75
N LYS IB 15 41.86 -52.20 88.93
CA LYS IB 15 42.85 -51.23 89.32
C LYS IB 15 43.20 -51.43 90.80
N GLU IB 16 44.42 -51.03 91.15
CA GLU IB 16 44.89 -51.09 92.55
C GLU IB 16 44.46 -49.80 93.24
N LEU IB 17 43.18 -49.74 93.61
CA LEU IB 17 42.65 -48.58 94.30
C LEU IB 17 43.24 -48.40 95.70
N LEU IB 18 43.82 -49.46 96.26
CA LEU IB 18 44.38 -49.40 97.60
C LEU IB 18 45.70 -48.63 97.54
N LEU IB 19 45.66 -47.37 97.94
CA LEU IB 19 46.85 -46.54 97.88
C LEU IB 19 47.82 -46.93 98.99
N PRO IB 20 49.08 -46.49 98.88
CA PRO IB 20 50.08 -46.86 99.91
C PRO IB 20 49.63 -46.41 101.30
N MET IB 21 49.96 -47.24 102.29
CA MET IB 21 49.59 -46.92 103.68
C MET IB 21 50.22 -45.61 104.12
N GLU IB 22 51.50 -45.40 103.79
CA GLU IB 22 52.16 -44.16 104.17
C GLU IB 22 51.48 -42.96 103.53
N MET IB 23 50.90 -43.13 102.35
CA MET IB 23 50.31 -42.00 101.63
C MET IB 23 49.13 -41.41 102.41
N VAL IB 24 48.28 -42.26 102.96
CA VAL IB 24 47.06 -41.80 103.63
C VAL IB 24 47.38 -41.30 105.03
N PRO IB 25 46.57 -40.38 105.58
CA PRO IB 25 46.81 -39.92 106.96
C PRO IB 25 46.18 -40.84 107.98
N LEU IB 26 46.21 -40.44 109.25
CA LEU IB 26 45.62 -41.25 110.31
C LEU IB 26 44.11 -41.30 110.16
N PRO IB 27 43.47 -42.31 110.74
CA PRO IB 27 42.01 -42.47 110.54
C PRO IB 27 41.20 -41.25 110.98
N ALA IB 28 41.61 -40.59 112.06
CA ALA IB 28 40.82 -39.48 112.58
C ALA IB 28 40.72 -38.34 111.57
N VAL IB 29 41.83 -38.03 110.89
CA VAL IB 29 41.83 -36.91 109.96
C VAL IB 29 40.94 -37.22 108.76
N VAL IB 30 40.93 -38.47 108.31
CA VAL IB 30 40.15 -38.82 107.12
C VAL IB 30 38.67 -38.56 107.37
N LEU IB 31 38.18 -38.92 108.57
CA LEU IB 31 36.78 -38.69 108.89
C LEU IB 31 36.39 -37.23 108.71
N LYS IB 32 37.33 -36.32 108.95
CA LYS IB 32 37.05 -34.90 108.79
C LYS IB 32 36.66 -34.58 107.35
N HIS IB 33 37.40 -35.14 106.39
CA HIS IB 33 37.11 -34.84 104.99
C HIS IB 33 35.80 -35.47 104.52
N VAL IB 34 35.39 -36.56 105.15
CA VAL IB 34 34.13 -37.20 104.77
C VAL IB 34 32.96 -36.26 105.02
N LYS IB 35 32.95 -35.59 106.17
CA LYS IB 35 31.92 -34.60 106.44
C LYS IB 35 32.01 -33.45 105.46
N LEU IB 36 33.23 -32.98 105.18
CA LEU IB 36 33.39 -31.83 104.29
C LEU IB 36 32.97 -32.18 102.86
N ILE IB 37 33.37 -33.34 102.37
CA ILE IB 37 33.04 -33.71 100.99
C ILE IB 37 31.55 -33.99 100.87
N LEU IB 38 30.98 -34.74 101.83
CA LEU IB 38 29.55 -35.01 101.79
C LEU IB 38 28.75 -33.72 101.92
N THR IB 39 29.16 -32.84 102.84
CA THR IB 39 28.45 -31.57 103.02
C THR IB 39 28.53 -30.71 101.76
N SER IB 40 29.72 -30.62 101.16
CA SER IB 40 29.87 -29.79 99.97
C SER IB 40 29.04 -30.32 98.81
N GLN IB 41 29.04 -31.64 98.61
CA GLN IB 41 28.32 -32.23 97.50
C GLN IB 41 26.82 -32.07 97.71
N LYS IB 42 26.09 -31.82 96.62
CA LYS IB 42 24.66 -31.58 96.67
C LYS IB 42 23.85 -32.66 95.97
N GLU IB 43 24.18 -32.98 94.72
CA GLU IB 43 23.41 -33.98 93.99
C GLU IB 43 23.51 -35.33 94.68
N HIS IB 44 22.39 -36.04 94.74
CA HIS IB 44 22.32 -37.33 95.42
C HIS IB 44 22.62 -38.44 94.43
N GLN IB 45 23.64 -39.22 94.74
CA GLN IB 45 24.02 -40.40 93.98
C GLN IB 45 24.28 -41.54 94.96
N PRO IB 46 24.21 -42.79 94.49
CA PRO IB 46 24.39 -43.92 95.41
C PRO IB 46 25.76 -43.95 96.09
N TRP IB 47 26.79 -43.37 95.48
CA TRP IB 47 28.13 -43.47 96.06
C TRP IB 47 28.20 -42.77 97.41
N MET IB 48 27.62 -41.57 97.52
CA MET IB 48 27.64 -40.87 98.80
C MET IB 48 26.85 -41.63 99.85
N THR IB 49 25.72 -42.21 99.46
CA THR IB 49 24.95 -43.02 100.40
C THR IB 49 25.76 -44.20 100.91
N GLU IB 50 26.46 -44.89 99.99
CA GLU IB 50 27.32 -45.99 100.39
C GLU IB 50 28.61 -45.51 101.02
N MET IB 51 29.09 -44.32 100.62
CA MET IB 51 30.33 -43.79 101.18
C MET IB 51 30.20 -43.56 102.67
N ALA IB 52 29.06 -43.01 103.11
CA ALA IB 52 28.86 -42.78 104.53
C ALA IB 52 28.84 -44.09 105.30
N LEU IB 53 28.18 -45.12 104.76
CA LEU IB 53 28.09 -46.39 105.45
C LEU IB 53 29.47 -47.00 105.65
N LYS IB 54 30.32 -46.94 104.62
CA LYS IB 54 31.66 -47.50 104.73
C LYS IB 54 32.46 -46.81 105.82
N ALA IB 55 32.35 -45.49 105.92
CA ALA IB 55 33.09 -44.76 106.94
C ALA IB 55 32.49 -44.96 108.32
N ASP IB 56 31.19 -45.25 108.40
CA ASP IB 56 30.54 -45.40 109.69
C ASP IB 56 31.15 -46.55 110.49
N GLN IB 57 31.48 -47.65 109.82
CA GLN IB 57 32.01 -48.81 110.53
C GLN IB 57 33.24 -48.46 111.34
N CYS IB 58 34.09 -47.57 110.81
CA CYS IB 58 35.30 -47.18 111.53
C CYS IB 58 34.97 -46.56 112.89
N LEU IB 59 33.87 -45.82 112.97
CA LEU IB 59 33.51 -45.19 114.24
C LEU IB 59 33.21 -46.22 115.31
N ILE IB 60 32.53 -47.31 114.94
CA ILE IB 60 32.19 -48.34 115.93
C ILE IB 60 33.46 -48.96 116.49
N HIS IB 61 34.43 -49.24 115.61
CA HIS IB 61 35.68 -49.84 116.07
C HIS IB 61 36.42 -48.92 117.03
N LYS IB 62 36.31 -47.60 116.82
CA LYS IB 62 36.95 -46.66 117.74
C LYS IB 62 36.46 -46.86 119.16
N ALA IB 63 35.13 -46.93 119.35
CA ALA IB 63 34.57 -47.14 120.67
C ALA IB 63 34.69 -48.58 121.12
N THR IB 64 34.61 -49.54 120.18
CA THR IB 64 34.72 -50.94 120.54
C THR IB 64 36.05 -51.22 121.23
N LEU IB 65 37.15 -50.76 120.64
CA LEU IB 65 38.45 -50.94 121.27
C LEU IB 65 38.65 -50.00 122.45
N PRO IB 78 45.81 -61.58 119.24
CA PRO IB 78 45.58 -61.62 117.78
C PRO IB 78 44.30 -60.94 117.37
N LEU IB 79 43.25 -61.04 118.18
CA LEU IB 79 41.97 -60.42 117.82
C LEU IB 79 42.08 -58.90 117.81
N ILE IB 80 42.62 -58.32 118.88
CA ILE IB 80 42.72 -56.87 118.96
C ILE IB 80 43.66 -56.34 117.89
N GLU IB 81 44.81 -57.00 117.70
CA GLU IB 81 45.79 -56.52 116.73
C GLU IB 81 45.20 -56.51 115.32
N ALA IB 82 44.43 -57.53 114.97
CA ALA IB 82 43.84 -57.60 113.64
C ALA IB 82 42.90 -56.41 113.41
N MET IB 83 42.12 -56.04 114.42
CA MET IB 83 41.19 -54.92 114.26
C MET IB 83 41.94 -53.64 113.94
N GLN IB 84 43.10 -53.43 114.57
CA GLN IB 84 43.88 -52.23 114.30
C GLN IB 84 44.26 -52.16 112.83
N GLN IB 85 44.69 -53.29 112.25
CA GLN IB 85 45.00 -53.31 110.83
C GLN IB 85 43.75 -53.16 109.98
N ILE IB 86 42.62 -53.69 110.44
CA ILE IB 86 41.38 -53.60 109.69
C ILE IB 86 40.96 -52.14 109.53
N ILE IB 87 41.08 -51.36 110.60
CA ILE IB 87 40.71 -49.95 110.53
C ILE IB 87 41.53 -49.25 109.46
N LEU IB 88 42.84 -49.50 109.44
CA LEU IB 88 43.70 -48.89 108.43
C LEU IB 88 43.32 -49.35 107.04
N ALA IB 89 42.80 -50.57 106.90
CA ALA IB 89 42.41 -51.07 105.59
C ALA IB 89 41.29 -50.22 105.01
N MET IB 90 40.31 -49.84 105.83
CA MET IB 90 39.20 -49.04 105.33
C MET IB 90 39.64 -47.61 105.03
N THR IB 91 40.62 -47.09 105.78
CA THR IB 91 41.08 -45.73 105.54
C THR IB 91 41.65 -45.59 104.14
N ARG IB 92 42.44 -46.57 103.69
CA ARG IB 92 42.98 -46.51 102.34
C ARG IB 92 41.85 -46.50 101.31
N GLU IB 93 40.84 -47.34 101.51
CA GLU IB 93 39.71 -47.37 100.59
C GLU IB 93 38.97 -46.04 100.59
N LEU IB 94 38.75 -45.46 101.78
CA LEU IB 94 38.02 -44.19 101.85
C LEU IB 94 38.78 -43.07 101.16
N TRP IB 95 40.09 -42.99 101.38
CA TRP IB 95 40.86 -41.90 100.79
C TRP IB 95 40.83 -41.96 99.27
N GLY IB 96 40.67 -43.15 98.70
CA GLY IB 96 40.60 -43.25 97.25
C GLY IB 96 39.40 -42.52 96.68
N GLN IB 97 38.23 -42.74 97.28
CA GLN IB 97 37.03 -42.04 96.83
C GLN IB 97 37.17 -40.54 97.03
N ILE IB 98 37.81 -40.12 98.13
CA ILE IB 98 38.01 -38.70 98.38
C ILE IB 98 38.82 -38.07 97.26
N GLN IB 99 39.95 -38.68 96.91
CA GLN IB 99 40.82 -38.11 95.89
C GLN IB 99 40.17 -38.21 94.51
N ARG IB 100 39.55 -39.35 94.21
CA ARG IB 100 38.91 -39.52 92.91
C ARG IB 100 37.78 -38.53 92.71
N HIS IB 101 36.98 -38.29 93.76
CA HIS IB 101 35.87 -37.35 93.63
C HIS IB 101 36.39 -35.92 93.46
N HIS IB 102 37.40 -35.53 94.23
CA HIS IB 102 37.92 -34.16 94.14
C HIS IB 102 38.57 -33.91 92.78
N TYR IB 103 39.49 -34.78 92.39
CA TYR IB 103 40.23 -34.61 91.14
C TYR IB 103 39.60 -35.42 90.01
N GLY IB 104 39.54 -36.73 90.17
CA GLY IB 104 39.02 -37.61 89.13
C GLY IB 104 39.59 -39.00 89.26
N ILE IB 105 38.89 -39.96 88.66
CA ILE IB 105 39.29 -41.35 88.76
C ILE IB 105 40.62 -41.57 88.05
N VAL IB 106 40.78 -41.01 86.84
CA VAL IB 106 41.99 -41.24 86.08
C VAL IB 106 43.19 -40.57 86.73
N GLN IB 107 43.00 -39.35 87.26
CA GLN IB 107 44.12 -38.60 87.81
C GLN IB 107 44.75 -39.34 88.98
N VAL IB 108 43.93 -39.89 89.88
CA VAL IB 108 44.48 -40.64 91.01
C VAL IB 108 45.26 -41.85 90.52
N GLU IB 109 44.68 -42.61 89.60
CA GLU IB 109 45.40 -43.75 89.03
C GLU IB 109 46.66 -43.29 88.31
N HIS IB 110 46.63 -42.10 87.70
CA HIS IB 110 47.77 -41.58 86.98
C HIS IB 110 48.84 -41.04 87.93
N TYR IB 111 48.42 -40.42 89.04
CA TYR IB 111 49.35 -39.74 89.93
C TYR IB 111 49.91 -40.64 91.02
N VAL IB 112 49.18 -41.68 91.42
CA VAL IB 112 49.62 -42.52 92.53
C VAL IB 112 50.96 -43.17 92.20
N LYS IB 113 51.10 -43.68 90.98
CA LYS IB 113 52.32 -44.39 90.61
C LYS IB 113 53.52 -43.46 90.63
N GLN IB 114 53.34 -42.21 90.20
CA GLN IB 114 54.46 -41.28 90.09
C GLN IB 114 55.17 -41.11 91.43
N ILE IB 115 54.41 -40.89 92.50
CA ILE IB 115 55.03 -40.66 93.80
C ILE IB 115 55.71 -41.93 94.29
N THR IB 116 55.14 -43.09 94.00
CA THR IB 116 55.77 -44.34 94.42
C THR IB 116 57.14 -44.50 93.79
N LEU IB 117 57.26 -44.16 92.51
CA LEU IB 117 58.55 -44.24 91.83
C LEU IB 117 59.56 -43.30 92.48
N TRP IB 118 59.14 -42.08 92.80
CA TRP IB 118 60.06 -41.12 93.41
C TRP IB 118 60.64 -41.65 94.73
N GLN IB 119 59.90 -42.53 95.41
CA GLN IB 119 60.41 -43.12 96.65
C GLN IB 119 61.33 -44.29 96.37
N ASP IB 120 60.89 -45.24 95.54
CA ASP IB 120 61.67 -46.44 95.23
C ASP IB 120 62.76 -46.06 94.23
N THR IB 121 63.78 -45.37 94.75
CA THR IB 121 64.89 -44.92 93.94
C THR IB 121 66.07 -44.67 94.88
N PRO IB 122 67.32 -44.83 94.40
CA PRO IB 122 68.46 -44.68 95.32
C PRO IB 122 68.66 -43.24 95.80
N GLN IB 123 67.78 -42.80 96.69
CA GLN IB 123 67.89 -41.51 97.38
C GLN IB 123 68.43 -40.39 96.50
N ALA IB 124 69.71 -40.47 96.12
CA ALA IB 124 70.35 -39.35 95.45
C ALA IB 124 69.60 -38.94 94.19
N PHE IB 125 69.34 -39.90 93.30
CA PHE IB 125 68.60 -39.62 92.06
C PHE IB 125 67.11 -39.91 92.25
N ARG IB 126 66.53 -39.36 93.32
CA ARG IB 126 65.12 -39.61 93.58
C ARG IB 126 64.23 -38.95 92.54
N GLY IB 127 64.59 -37.75 92.11
CA GLY IB 127 63.81 -37.03 91.12
C GLY IB 127 63.77 -35.54 91.40
N ASP IB 128 62.58 -34.95 91.35
CA ASP IB 128 62.42 -33.52 91.59
C ASP IB 128 61.19 -33.24 92.45
N GLN IB 129 60.86 -34.17 93.36
CA GLN IB 129 59.71 -33.98 94.24
C GLN IB 129 58.46 -33.75 93.41
N PRO IB 130 57.94 -34.78 92.74
CA PRO IB 130 56.84 -34.56 91.80
C PRO IB 130 55.67 -33.84 92.45
N LYS IB 131 55.14 -32.85 91.73
CA LYS IB 131 54.06 -32.04 92.27
C LYS IB 131 52.76 -32.84 92.34
N PRO IB 132 51.91 -32.58 93.33
CA PRO IB 132 50.61 -33.24 93.37
C PRO IB 132 49.70 -32.71 92.28
N PRO IB 133 48.66 -33.44 91.91
CA PRO IB 133 47.82 -33.02 90.78
C PRO IB 133 47.17 -31.67 91.05
N THR JB 3 99.63 60.17 -53.38
CA THR JB 3 99.33 58.92 -54.07
C THR JB 3 98.26 58.12 -53.35
N PHE JB 4 98.33 58.07 -52.01
CA PHE JB 4 97.39 57.26 -51.25
C PHE JB 4 95.96 57.75 -51.45
N ILE JB 5 95.75 59.06 -51.40
CA ILE JB 5 94.39 59.60 -51.52
C ILE JB 5 93.79 59.20 -52.85
N GLU JB 6 94.60 59.19 -53.91
CA GLU JB 6 94.12 58.73 -55.21
C GLU JB 6 93.61 57.29 -55.13
N LEU JB 7 94.32 56.43 -54.38
CA LEU JB 7 93.88 55.06 -54.24
C LEU JB 7 92.55 54.96 -53.52
N VAL JB 8 92.36 55.78 -52.47
CA VAL JB 8 91.12 55.72 -51.71
C VAL JB 8 89.96 56.22 -52.54
N LYS JB 9 90.17 57.27 -53.33
CA LYS JB 9 89.10 57.79 -54.18
C LYS JB 9 88.58 56.71 -55.11
N ASN JB 10 89.41 55.72 -55.44
CA ASN JB 10 89.00 54.58 -56.25
C ASN JB 10 88.35 53.51 -55.37
N MET JB 11 87.28 53.92 -54.68
CA MET JB 11 86.57 53.05 -53.77
C MET JB 11 85.08 53.35 -53.84
N LYS JB 12 84.29 52.39 -53.38
CA LYS JB 12 82.84 52.46 -53.48
C LYS JB 12 82.25 53.05 -52.21
N GLY JB 13 81.25 53.91 -52.38
CA GLY JB 13 80.67 54.64 -51.26
C GLY JB 13 81.45 55.85 -50.83
N TYR JB 14 82.39 56.33 -51.65
CA TYR JB 14 83.23 57.47 -51.30
C TYR JB 14 82.46 58.76 -51.51
N LYS JB 15 82.18 59.47 -50.43
CA LYS JB 15 81.51 60.76 -50.48
C LYS JB 15 82.50 61.84 -50.07
N GLU JB 16 82.74 62.79 -50.97
CA GLU JB 16 83.71 63.85 -50.70
C GLU JB 16 83.19 64.77 -49.61
N LEU JB 17 84.13 65.29 -48.80
CA LEU JB 17 83.77 66.14 -47.68
C LEU JB 17 84.67 67.35 -47.54
N LEU JB 18 85.51 67.65 -48.54
CA LEU JB 18 86.46 68.76 -48.48
C LEU JB 18 86.09 69.79 -49.53
N LEU JB 19 86.03 71.05 -49.11
CA LEU JB 19 85.71 72.14 -50.01
C LEU JB 19 86.95 72.59 -50.76
N PRO JB 20 86.77 73.35 -51.84
CA PRO JB 20 87.94 73.88 -52.57
C PRO JB 20 88.78 74.78 -51.68
N MET JB 21 90.08 74.78 -51.95
CA MET JB 21 91.00 75.60 -51.16
C MET JB 21 90.63 77.07 -51.21
N GLU JB 22 89.97 77.50 -52.27
CA GLU JB 22 89.62 78.91 -52.44
C GLU JB 22 88.41 79.33 -51.60
N MET JB 23 87.70 78.38 -50.99
CA MET JB 23 86.51 78.70 -50.22
C MET JB 23 86.68 78.52 -48.72
N VAL JB 24 87.65 77.71 -48.28
CA VAL JB 24 87.84 77.47 -46.85
C VAL JB 24 88.31 78.76 -46.20
N PRO JB 25 88.01 78.99 -44.92
CA PRO JB 25 88.45 80.23 -44.27
C PRO JB 25 89.96 80.28 -44.16
N LEU JB 26 90.45 81.45 -43.73
CA LEU JB 26 91.86 81.59 -43.44
C LEU JB 26 92.22 80.74 -42.22
N PRO JB 27 93.48 80.31 -42.12
CA PRO JB 27 93.85 79.42 -40.99
C PRO JB 27 93.56 80.04 -39.63
N ALA JB 28 93.73 81.35 -39.50
CA ALA JB 28 93.46 82.00 -38.22
C ALA JB 28 91.99 81.85 -37.83
N VAL JB 29 91.09 82.00 -38.80
CA VAL JB 29 89.67 81.92 -38.50
C VAL JB 29 89.28 80.52 -38.04
N VAL JB 30 89.89 79.50 -38.64
CA VAL JB 30 89.50 78.12 -38.33
C VAL JB 30 89.76 77.82 -36.87
N LEU JB 31 90.91 78.25 -36.35
CA LEU JB 31 91.25 77.97 -34.96
C LEU JB 31 90.20 78.50 -34.01
N LYS JB 32 89.51 79.58 -34.39
CA LYS JB 32 88.51 80.17 -33.52
C LYS JB 32 87.37 79.18 -33.26
N HIS JB 33 86.91 78.49 -34.30
CA HIS JB 33 85.84 77.51 -34.11
C HIS JB 33 86.32 76.31 -33.32
N VAL JB 34 87.63 76.00 -33.39
CA VAL JB 34 88.15 74.84 -32.67
C VAL JB 34 87.95 75.02 -31.18
N LYS JB 35 88.26 76.22 -30.67
CA LYS JB 35 88.13 76.47 -29.24
C LYS JB 35 86.68 76.35 -28.79
N LEU JB 36 85.76 76.91 -29.57
CA LEU JB 36 84.35 76.83 -29.22
C LEU JB 36 83.86 75.39 -29.27
N ILE JB 37 84.14 74.68 -30.35
CA ILE JB 37 83.65 73.32 -30.52
C ILE JB 37 84.27 72.40 -29.46
N LEU JB 38 85.57 72.52 -29.25
CA LEU JB 38 86.22 71.71 -28.22
C LEU JB 38 85.70 72.06 -26.84
N THR JB 39 85.71 73.35 -26.49
CA THR JB 39 85.36 73.75 -25.14
C THR JB 39 83.86 73.62 -24.90
N SER JB 40 83.05 74.07 -25.84
CA SER JB 40 81.59 74.00 -25.71
C SER JB 40 81.12 72.60 -26.13
N GLN JB 41 81.57 71.61 -25.37
CA GLN JB 41 81.19 70.23 -25.62
C GLN JB 41 81.13 69.48 -24.30
N LYS JB 42 80.27 68.47 -24.25
CA LYS JB 42 80.07 67.64 -23.09
C LYS JB 42 80.19 66.17 -23.49
N GLU JB 43 80.65 65.34 -22.55
CA GLU JB 43 80.83 63.91 -22.80
C GLU JB 43 81.81 63.71 -23.96
N HIS JB 44 83.05 64.12 -23.71
CA HIS JB 44 84.11 64.07 -24.70
C HIS JB 44 84.06 62.78 -25.51
N GLN JB 45 84.20 62.91 -26.82
CA GLN JB 45 84.12 61.81 -27.76
C GLN JB 45 85.45 61.65 -28.49
N PRO JB 46 85.70 60.46 -29.06
CA PRO JB 46 87.02 60.22 -29.66
C PRO JB 46 87.40 61.22 -30.74
N TRP JB 47 86.43 61.65 -31.55
CA TRP JB 47 86.76 62.55 -32.65
C TRP JB 47 87.26 63.91 -32.15
N MET JB 48 86.93 64.28 -30.91
CA MET JB 48 87.42 65.54 -30.38
C MET JB 48 88.94 65.53 -30.28
N THR JB 49 89.52 64.41 -29.86
CA THR JB 49 90.97 64.32 -29.74
C THR JB 49 91.64 64.49 -31.10
N GLU JB 50 91.06 63.89 -32.14
CA GLU JB 50 91.65 64.01 -33.47
C GLU JB 50 91.70 65.46 -33.93
N MET JB 51 90.64 66.22 -33.66
CA MET JB 51 90.61 67.61 -34.08
C MET JB 51 91.74 68.41 -33.45
N ALA JB 52 91.96 68.23 -32.15
CA ALA JB 52 92.98 69.00 -31.45
C ALA JB 52 94.37 68.68 -31.97
N LEU JB 53 94.65 67.39 -32.23
CA LEU JB 53 95.98 67.00 -32.67
C LEU JB 53 96.34 67.67 -33.99
N LYS JB 54 95.42 67.70 -34.94
CA LYS JB 54 95.69 68.35 -36.22
C LYS JB 54 95.86 69.85 -36.05
N ALA JB 55 95.09 70.45 -35.14
CA ALA JB 55 95.13 71.90 -34.98
C ALA JB 55 96.52 72.38 -34.61
N ASP JB 56 97.17 71.71 -33.66
CA ASP JB 56 98.49 72.14 -33.23
C ASP JB 56 99.51 72.06 -34.36
N GLN JB 57 99.29 71.16 -35.32
CA GLN JB 57 100.23 71.02 -36.43
C GLN JB 57 100.29 72.31 -37.25
N CYS JB 58 99.14 72.92 -37.52
CA CYS JB 58 99.12 74.17 -38.26
C CYS JB 58 99.88 75.26 -37.52
N LEU JB 59 99.71 75.32 -36.20
CA LEU JB 59 100.45 76.30 -35.40
C LEU JB 59 101.95 76.04 -35.48
N ILE JB 60 102.36 74.77 -35.44
CA ILE JB 60 103.78 74.45 -35.53
C ILE JB 60 104.35 74.93 -36.85
N HIS JB 61 103.67 74.61 -37.95
CA HIS JB 61 104.12 75.11 -39.26
C HIS JB 61 104.02 76.62 -39.32
N LYS JB 62 102.94 77.19 -38.77
CA LYS JB 62 102.79 78.64 -38.77
C LYS JB 62 103.91 79.31 -37.98
N ALA JB 63 104.27 78.73 -36.83
CA ALA JB 63 105.37 79.28 -36.03
C ALA JB 63 106.72 79.03 -36.65
N THR JB 64 106.80 78.22 -37.72
CA THR JB 64 108.07 77.92 -38.36
C THR JB 64 108.47 78.95 -39.39
N LEU JB 65 107.50 79.65 -39.99
CA LEU JB 65 107.83 80.63 -41.04
C LEU JB 65 108.66 81.78 -40.51
N ASP JB 66 108.39 82.22 -39.27
CA ASP JB 66 109.15 83.33 -38.70
C ASP JB 66 110.64 83.02 -38.66
N PRO JB 78 112.64 77.10 -52.32
CA PRO JB 78 111.57 76.09 -52.22
C PRO JB 78 111.33 75.61 -50.80
N LEU JB 79 112.39 75.20 -50.09
CA LEU JB 79 112.21 74.57 -48.79
C LEU JB 79 111.52 75.53 -47.81
N ILE JB 80 111.94 76.79 -47.78
CA ILE JB 80 111.33 77.75 -46.87
C ILE JB 80 109.87 77.95 -47.21
N GLU JB 81 109.55 78.10 -48.50
CA GLU JB 81 108.19 78.32 -48.94
C GLU JB 81 107.39 77.03 -49.10
N ALA JB 82 108.06 75.87 -49.10
CA ALA JB 82 107.35 74.61 -49.31
C ALA JB 82 106.38 74.34 -48.16
N MET JB 83 106.80 74.60 -46.92
CA MET JB 83 105.94 74.31 -45.78
C MET JB 83 104.65 75.11 -45.83
N GLN JB 84 104.68 76.30 -46.45
CA GLN JB 84 103.48 77.13 -46.52
C GLN JB 84 102.37 76.41 -47.28
N GLN JB 85 102.73 75.56 -48.23
CA GLN JB 85 101.71 74.83 -49.00
C GLN JB 85 100.89 73.92 -48.10
N ILE JB 86 101.55 73.24 -47.16
CA ILE JB 86 100.85 72.30 -46.30
C ILE JB 86 99.90 73.05 -45.36
N ILE JB 87 100.28 74.25 -44.93
CA ILE JB 87 99.45 75.01 -44.00
C ILE JB 87 98.06 75.22 -44.60
N LEU JB 88 98.00 75.67 -45.84
CA LEU JB 88 96.71 75.86 -46.50
C LEU JB 88 95.97 74.54 -46.63
N ALA JB 89 96.68 73.48 -46.99
CA ALA JB 89 96.04 72.17 -47.13
C ALA JB 89 95.50 71.67 -45.80
N MET JB 90 96.26 71.87 -44.72
CA MET JB 90 95.83 71.37 -43.42
C MET JB 90 94.48 71.93 -43.03
N THR JB 91 94.22 73.20 -43.37
CA THR JB 91 92.93 73.80 -43.06
C THR JB 91 91.80 73.08 -43.78
N ARG JB 92 92.01 72.71 -45.04
CA ARG JB 92 90.96 72.08 -45.82
C ARG JB 92 90.47 70.80 -45.16
N GLU JB 93 91.40 69.96 -44.70
CA GLU JB 93 91.01 68.76 -43.97
C GLU JB 93 90.43 69.14 -42.61
N LEU JB 94 91.02 70.13 -41.95
CA LEU JB 94 90.55 70.53 -40.64
C LEU JB 94 89.15 71.11 -40.70
N TRP JB 95 88.87 71.95 -41.70
CA TRP JB 95 87.55 72.56 -41.80
C TRP JB 95 86.48 71.52 -42.08
N GLY JB 96 86.85 70.37 -42.65
CA GLY JB 96 85.86 69.35 -42.93
C GLY JB 96 85.22 68.81 -41.67
N GLN JB 97 86.01 68.64 -40.60
CA GLN JB 97 85.46 68.13 -39.36
C GLN JB 97 84.58 69.17 -38.68
N ILE JB 98 84.89 70.46 -38.87
CA ILE JB 98 84.08 71.51 -38.26
C ILE JB 98 82.65 71.43 -38.76
N GLN JB 99 82.47 71.30 -40.07
CA GLN JB 99 81.13 71.25 -40.64
C GLN JB 99 80.39 69.99 -40.21
N ARG JB 100 81.11 68.88 -40.02
CA ARG JB 100 80.47 67.67 -39.55
C ARG JB 100 79.84 67.88 -38.18
N HIS JB 101 80.56 68.54 -37.27
CA HIS JB 101 80.03 68.82 -35.95
C HIS JB 101 78.85 69.78 -36.02
N HIS JB 102 78.99 70.86 -36.79
CA HIS JB 102 77.94 71.86 -36.88
C HIS JB 102 76.75 71.32 -37.66
N TYR JB 103 76.96 71.00 -38.94
CA TYR JB 103 75.87 70.56 -39.80
C TYR JB 103 75.56 69.08 -39.60
N GLY JB 104 76.53 68.23 -39.88
CA GLY JB 104 76.35 66.78 -39.85
C GLY JB 104 77.02 66.17 -41.07
N ILE JB 105 77.47 64.93 -40.92
CA ILE JB 105 78.20 64.29 -42.01
C ILE JB 105 77.31 64.14 -43.24
N VAL JB 106 76.07 63.70 -43.05
CA VAL JB 106 75.19 63.44 -44.19
C VAL JB 106 74.92 64.73 -44.95
N GLN JB 107 74.60 65.80 -44.24
CA GLN JB 107 74.27 67.06 -44.90
C GLN JB 107 75.46 67.62 -45.66
N VAL JB 108 76.67 67.45 -45.12
CA VAL JB 108 77.85 68.02 -45.76
C VAL JB 108 78.03 67.43 -47.15
N GLU JB 109 77.86 66.10 -47.28
CA GLU JB 109 78.04 65.45 -48.57
C GLU JB 109 77.21 66.13 -49.64
N HIS JB 110 75.93 66.38 -49.35
CA HIS JB 110 75.08 67.05 -50.32
C HIS JB 110 75.58 68.46 -50.61
N TYR JB 111 76.00 69.19 -49.56
CA TYR JB 111 76.42 70.56 -49.75
C TYR JB 111 77.63 70.66 -50.67
N VAL JB 112 78.60 69.77 -50.49
CA VAL JB 112 79.83 69.85 -51.30
C VAL JB 112 79.51 69.65 -52.76
N LYS JB 113 78.72 68.61 -53.07
CA LYS JB 113 78.39 68.35 -54.47
C LYS JB 113 77.61 69.50 -55.08
N GLN JB 114 76.68 70.08 -54.31
CA GLN JB 114 75.97 71.25 -54.79
C GLN JB 114 76.93 72.39 -55.06
N ILE JB 115 77.90 72.60 -54.17
CA ILE JB 115 78.92 73.62 -54.41
C ILE JB 115 79.76 73.26 -55.63
N THR JB 116 80.13 71.98 -55.75
CA THR JB 116 80.96 71.57 -56.87
C THR JB 116 80.27 71.83 -58.20
N LEU JB 117 79.01 71.38 -58.33
CA LEU JB 117 78.26 71.64 -59.53
C LEU JB 117 78.07 73.14 -59.74
N TRP JB 118 77.77 73.87 -58.67
CA TRP JB 118 77.64 75.31 -58.78
C TRP JB 118 78.94 75.95 -59.26
N GLN JB 119 80.07 75.50 -58.73
CA GLN JB 119 81.35 76.02 -59.20
C GLN JB 119 81.66 75.55 -60.61
N ASP JB 120 81.25 74.32 -60.95
CA ASP JB 120 81.53 73.79 -62.28
C ASP JB 120 80.84 74.58 -63.36
N THR JB 121 79.57 74.93 -63.15
CA THR JB 121 78.81 75.65 -64.16
C THR JB 121 79.45 77.01 -64.42
N PRO JB 122 79.50 77.46 -65.68
CA PRO JB 122 80.10 78.77 -65.96
C PRO JB 122 79.37 79.90 -65.25
N GLN JB 123 80.12 80.92 -64.87
CA GLN JB 123 79.57 82.03 -64.11
C GLN JB 123 78.47 82.76 -64.86
N ALA JB 124 78.43 82.65 -66.19
CA ALA JB 124 77.40 83.35 -66.95
C ALA JB 124 76.01 82.90 -66.56
N PHE JB 125 75.82 81.59 -66.39
CA PHE JB 125 74.53 81.03 -65.99
C PHE JB 125 74.68 80.15 -64.76
N ARG JB 126 75.64 80.48 -63.90
CA ARG JB 126 75.91 79.65 -62.73
C ARG JB 126 74.72 79.62 -61.77
N GLY JB 127 74.10 80.78 -61.54
CA GLY JB 127 72.98 80.86 -60.63
C GLY JB 127 73.40 81.24 -59.22
N ASP JB 128 72.39 81.35 -58.37
CA ASP JB 128 72.64 81.74 -56.98
C ASP JB 128 73.40 80.64 -56.25
N GLN JB 129 74.37 81.05 -55.44
CA GLN JB 129 75.15 80.09 -54.67
C GLN JB 129 74.26 79.41 -53.63
N PRO JB 130 74.29 78.09 -53.51
CA PRO JB 130 73.45 77.42 -52.52
C PRO JB 130 73.88 77.75 -51.11
N LYS JB 131 72.91 77.73 -50.20
CA LYS JB 131 73.16 78.03 -48.81
C LYS JB 131 73.54 76.78 -48.03
N PRO JB 132 74.22 76.92 -46.90
CA PRO JB 132 74.62 75.76 -46.11
C PRO JB 132 73.40 74.98 -45.63
N PRO JB 133 73.57 73.71 -45.26
CA PRO JB 133 72.42 72.93 -44.77
C PRO JB 133 71.95 73.38 -43.40
N SER JB 134 70.95 72.67 -42.86
CA SER JB 134 70.45 72.97 -41.54
C SER JB 134 71.34 72.36 -40.46
N PHE JB 135 71.40 73.02 -39.32
CA PHE JB 135 72.24 72.56 -38.23
C PHE JB 135 71.72 71.24 -37.66
N THR KB 3 98.56 74.07 -26.91
CA THR KB 3 97.52 74.41 -25.94
C THR KB 3 96.21 73.70 -26.20
N PHE KB 4 95.82 73.51 -27.47
CA PHE KB 4 94.55 72.88 -27.77
C PHE KB 4 94.51 71.45 -27.23
N ILE KB 5 95.59 70.69 -27.40
CA ILE KB 5 95.62 69.32 -26.91
C ILE KB 5 95.49 69.31 -25.39
N GLU KB 6 96.07 70.31 -24.72
CA GLU KB 6 95.94 70.39 -23.26
C GLU KB 6 94.49 70.55 -22.85
N LEU KB 7 93.72 71.35 -23.60
CA LEU KB 7 92.32 71.53 -23.27
C LEU KB 7 91.57 70.21 -23.34
N VAL KB 8 91.86 69.40 -24.35
CA VAL KB 8 91.22 68.08 -24.46
C VAL KB 8 91.58 67.23 -23.25
N LYS KB 9 92.86 67.24 -22.86
CA LYS KB 9 93.29 66.46 -21.72
C LYS KB 9 92.64 66.91 -20.42
N ASN KB 10 92.04 68.10 -20.42
CA ASN KB 10 91.34 68.63 -19.25
C ASN KB 10 89.87 68.25 -19.25
N MET KB 11 89.40 67.47 -20.23
CA MET KB 11 88.00 67.15 -20.34
C MET KB 11 87.62 66.02 -19.39
N LYS KB 12 86.37 65.59 -19.48
CA LYS KB 12 85.84 64.47 -18.71
C LYS KB 12 85.60 63.29 -19.64
N GLY KB 13 86.09 62.12 -19.24
CA GLY KB 13 85.97 60.93 -20.06
C GLY KB 13 87.07 60.76 -21.08
N TYR KB 14 87.99 61.71 -21.20
CA TYR KB 14 89.08 61.59 -22.14
C TYR KB 14 89.99 60.43 -21.75
N LYS KB 15 90.46 59.70 -22.77
CA LYS KB 15 91.32 58.54 -22.56
C LYS KB 15 92.43 58.55 -23.59
N GLU KB 16 93.64 58.20 -23.15
CA GLU KB 16 94.78 58.20 -24.05
C GLU KB 16 94.66 57.07 -25.07
N LEU KB 17 95.10 57.35 -26.29
CA LEU KB 17 95.13 56.36 -27.36
C LEU KB 17 96.47 56.28 -28.07
N LEU KB 18 97.36 57.26 -27.88
CA LEU KB 18 98.66 57.24 -28.52
C LEU KB 18 99.66 56.46 -27.66
N LEU KB 19 100.91 56.45 -28.09
CA LEU KB 19 101.97 55.70 -27.44
C LEU KB 19 103.21 56.56 -27.32
N PRO KB 20 104.13 56.21 -26.43
CA PRO KB 20 105.37 56.99 -26.30
C PRO KB 20 106.12 57.05 -27.61
N MET KB 21 106.79 58.19 -27.84
CA MET KB 21 107.52 58.38 -29.09
C MET KB 21 108.50 57.24 -29.34
N GLU KB 22 109.10 56.71 -28.27
CA GLU KB 22 110.05 55.62 -28.43
C GLU KB 22 109.37 54.37 -28.99
N MET KB 23 108.17 54.05 -28.49
CA MET KB 23 107.43 52.88 -28.93
C MET KB 23 106.62 53.20 -30.19
N VAL KB 24 107.33 53.70 -31.19
CA VAL KB 24 106.72 54.02 -32.49
C VAL KB 24 107.62 53.49 -33.60
N PRO KB 25 107.09 52.70 -34.54
CA PRO KB 25 107.93 52.19 -35.62
C PRO KB 25 108.60 53.32 -36.39
N LEU KB 26 109.57 52.92 -37.23
CA LEU KB 26 110.28 53.87 -38.05
C LEU KB 26 109.39 54.36 -39.18
N PRO KB 27 109.71 55.51 -39.77
CA PRO KB 27 108.88 56.01 -40.89
C PRO KB 27 108.99 55.13 -42.12
N ALA KB 28 108.27 55.50 -43.19
CA ALA KB 28 108.31 54.75 -44.43
C ALA KB 28 107.73 53.35 -44.24
N VAL KB 29 108.42 52.51 -43.46
CA VAL KB 29 107.95 51.14 -43.25
C VAL KB 29 106.59 51.15 -42.55
N VAL KB 30 106.41 52.05 -41.59
CA VAL KB 30 105.13 52.14 -40.90
C VAL KB 30 104.00 52.44 -41.86
N LEU KB 31 104.30 53.16 -42.95
CA LEU KB 31 103.27 53.48 -43.93
C LEU KB 31 102.74 52.24 -44.63
N LYS KB 32 103.45 51.12 -44.55
CA LYS KB 32 103.02 49.91 -45.25
C LYS KB 32 101.69 49.41 -44.72
N HIS KB 33 101.49 49.49 -43.40
CA HIS KB 33 100.21 49.09 -42.83
C HIS KB 33 99.05 49.88 -43.43
N VAL KB 34 99.32 51.09 -43.93
CA VAL KB 34 98.27 51.89 -44.55
C VAL KB 34 97.71 51.15 -45.76
N LYS KB 35 98.58 50.62 -46.61
CA LYS KB 35 98.13 49.91 -47.80
C LYS KB 35 97.35 48.66 -47.43
N LEU KB 36 97.80 47.94 -46.41
CA LEU KB 36 97.15 46.69 -46.02
C LEU KB 36 95.78 46.91 -45.42
N ILE KB 37 95.42 48.15 -45.09
CA ILE KB 37 94.14 48.45 -44.47
C ILE KB 37 93.26 49.23 -45.44
N LEU KB 38 93.89 49.94 -46.37
CA LEU KB 38 93.16 50.66 -47.41
C LEU KB 38 92.88 49.76 -48.61
N THR KB 39 93.93 49.17 -49.18
CA THR KB 39 93.75 48.32 -50.36
C THR KB 39 92.89 47.11 -50.03
N SER KB 40 93.11 46.49 -48.87
CA SER KB 40 92.32 45.34 -48.45
C SER KB 40 91.09 45.81 -47.66
N GLN KB 41 90.28 46.64 -48.32
CA GLN KB 41 89.11 47.20 -47.68
C GLN KB 41 88.08 47.57 -48.75
N LYS KB 42 86.85 47.78 -48.29
CA LYS KB 42 85.75 48.18 -49.15
C LYS KB 42 84.72 48.90 -48.29
N GLU KB 43 83.73 49.50 -48.94
CA GLU KB 43 82.71 50.28 -48.25
C GLU KB 43 83.34 51.44 -47.49
N HIS KB 44 83.93 52.34 -48.29
CA HIS KB 44 84.62 53.52 -47.77
C HIS KB 44 83.86 54.16 -46.62
N GLN KB 45 84.54 54.27 -45.48
CA GLN KB 45 83.98 54.87 -44.27
C GLN KB 45 84.66 56.19 -43.97
N PRO KB 46 84.00 57.07 -43.20
CA PRO KB 46 84.58 58.40 -42.97
C PRO KB 46 85.99 58.37 -42.38
N TRP KB 47 86.25 57.43 -41.46
CA TRP KB 47 87.56 57.40 -40.82
C TRP KB 47 88.66 57.00 -41.79
N MET KB 48 88.32 56.26 -42.84
CA MET KB 48 89.33 55.86 -43.81
C MET KB 48 89.95 57.08 -44.49
N THR KB 49 89.13 58.07 -44.83
CA THR KB 49 89.66 59.27 -45.45
C THR KB 49 90.61 60.01 -44.51
N GLU KB 50 90.27 60.04 -43.22
CA GLU KB 50 91.14 60.71 -42.25
C GLU KB 50 92.53 60.08 -42.24
N MET KB 51 92.59 58.75 -42.25
CA MET KB 51 93.88 58.08 -42.29
C MET KB 51 94.63 58.39 -43.58
N ALA KB 52 93.91 58.39 -44.70
CA ALA KB 52 94.56 58.64 -45.99
C ALA KB 52 95.14 60.04 -46.05
N LEU KB 53 94.39 61.03 -45.57
CA LEU KB 53 94.84 62.41 -45.62
C LEU KB 53 95.94 62.72 -44.60
N LYS KB 54 96.19 61.82 -43.66
CA LYS KB 54 97.26 61.99 -42.68
C LYS KB 54 98.53 61.26 -43.08
N ALA KB 55 98.42 60.02 -43.56
CA ALA KB 55 99.61 59.27 -43.95
C ALA KB 55 100.31 59.93 -45.12
N ASP KB 56 99.55 60.42 -46.10
CA ASP KB 56 100.15 61.05 -47.27
C ASP KB 56 100.96 62.27 -46.91
N GLN KB 57 100.69 62.89 -45.76
CA GLN KB 57 101.43 64.08 -45.36
C GLN KB 57 102.90 63.76 -45.12
N CYS KB 58 103.19 62.59 -44.55
CA CYS KB 58 104.57 62.23 -44.28
C CYS KB 58 105.38 62.20 -45.57
N LEU KB 59 104.80 61.67 -46.64
CA LEU KB 59 105.49 61.68 -47.93
C LEU KB 59 105.78 63.11 -48.39
N ILE KB 60 104.82 64.01 -48.20
CA ILE KB 60 105.01 65.40 -48.60
C ILE KB 60 106.19 66.00 -47.83
N HIS KB 61 106.20 65.82 -46.50
CA HIS KB 61 107.32 66.27 -45.71
C HIS KB 61 108.59 65.51 -46.09
N LYS KB 62 108.47 64.20 -46.30
CA LYS KB 62 109.62 63.40 -46.69
C LYS KB 62 110.14 63.83 -48.06
N ALA KB 63 109.25 64.19 -48.97
CA ALA KB 63 109.65 64.61 -50.31
C ALA KB 63 110.55 65.84 -50.27
N THR KB 64 110.43 66.67 -49.24
CA THR KB 64 111.25 67.87 -49.15
C THR KB 64 112.72 67.54 -48.90
N LEU KB 65 113.02 66.33 -48.44
CA LEU KB 65 114.41 65.95 -48.20
C LEU KB 65 115.25 66.06 -49.46
N ASP KB 66 114.65 65.83 -50.63
CA ASP KB 66 115.39 66.00 -51.88
C ASP KB 66 115.85 67.44 -52.03
N PRO KB 78 117.12 75.39 -38.51
CA PRO KB 78 115.87 75.09 -37.78
C PRO KB 78 114.75 74.65 -38.69
N LEU KB 79 114.67 75.21 -39.90
CA LEU KB 79 113.62 74.81 -40.82
C LEU KB 79 113.76 73.34 -41.21
N ILE KB 80 114.98 72.90 -41.49
CA ILE KB 80 115.19 71.51 -41.86
C ILE KB 80 114.99 70.60 -40.64
N GLU KB 81 115.52 71.00 -39.49
CA GLU KB 81 115.37 70.19 -38.28
C GLU KB 81 113.91 70.09 -37.86
N ALA KB 82 113.17 71.21 -37.95
CA ALA KB 82 111.80 71.22 -37.46
C ALA KB 82 110.93 70.22 -38.20
N MET KB 83 111.09 70.13 -39.53
CA MET KB 83 110.26 69.22 -40.31
C MET KB 83 110.47 67.77 -39.87
N GLN KB 84 111.72 67.39 -39.61
CA GLN KB 84 111.99 66.02 -39.20
C GLN KB 84 111.29 65.69 -37.89
N GLN KB 85 111.25 66.63 -36.95
CA GLN KB 85 110.59 66.39 -35.68
C GLN KB 85 109.09 66.15 -35.88
N ILE KB 86 108.47 66.89 -36.80
CA ILE KB 86 107.03 66.79 -37.00
C ILE KB 86 106.66 65.39 -37.48
N ILE KB 87 107.51 64.76 -38.29
CA ILE KB 87 107.19 63.45 -38.84
C ILE KB 87 106.94 62.45 -37.71
N LEU KB 88 107.74 62.53 -36.65
CA LEU KB 88 107.55 61.62 -35.52
C LEU KB 88 106.18 61.80 -34.90
N ALA KB 89 105.75 63.05 -34.73
CA ALA KB 89 104.45 63.32 -34.12
C ALA KB 89 103.32 62.74 -34.97
N MET KB 90 103.38 62.95 -36.28
CA MET KB 90 102.34 62.42 -37.16
C MET KB 90 102.39 60.89 -37.17
N THR KB 91 103.59 60.30 -37.15
CA THR KB 91 103.70 58.85 -37.14
C THR KB 91 103.03 58.26 -35.91
N ARG KB 92 103.17 58.93 -34.76
CA ARG KB 92 102.52 58.45 -33.55
C ARG KB 92 101.01 58.40 -33.71
N GLU KB 93 100.43 59.42 -34.33
CA GLU KB 93 98.99 59.44 -34.55
C GLU KB 93 98.55 58.31 -35.47
N LEU KB 94 99.35 58.02 -36.49
CA LEU KB 94 98.99 56.97 -37.44
C LEU KB 94 98.84 55.63 -36.73
N TRP KB 95 99.77 55.30 -35.83
CA TRP KB 95 99.74 54.00 -35.17
C TRP KB 95 98.48 53.85 -34.33
N GLY KB 96 98.08 54.91 -33.63
CA GLY KB 96 96.88 54.83 -32.80
C GLY KB 96 95.65 54.50 -33.61
N GLN KB 97 95.52 55.10 -34.79
CA GLN KB 97 94.39 54.79 -35.66
C GLN KB 97 94.41 53.34 -36.09
N ILE KB 98 95.60 52.82 -36.41
CA ILE KB 98 95.72 51.43 -36.84
C ILE KB 98 95.25 50.49 -35.74
N GLN KB 99 95.72 50.72 -34.50
CA GLN KB 99 95.26 49.91 -33.38
C GLN KB 99 93.78 50.14 -33.10
N ARG KB 100 93.29 51.36 -33.34
CA ARG KB 100 91.86 51.63 -33.19
C ARG KB 100 91.03 50.79 -34.16
N HIS KB 101 91.64 50.26 -35.21
CA HIS KB 101 90.95 49.42 -36.18
C HIS KB 101 91.24 47.94 -35.98
N HIS KB 102 92.50 47.57 -35.76
CA HIS KB 102 92.87 46.17 -35.62
C HIS KB 102 92.33 45.60 -34.31
N TYR KB 103 92.76 46.15 -33.18
CA TYR KB 103 92.35 45.65 -31.87
C TYR KB 103 91.18 46.45 -31.30
N GLY KB 104 90.12 46.58 -32.09
CA GLY KB 104 88.97 47.30 -31.62
C GLY KB 104 89.31 48.75 -31.35
N ILE KB 105 88.39 49.40 -30.63
CA ILE KB 105 88.58 50.79 -30.22
C ILE KB 105 88.45 50.90 -28.71
N VAL KB 106 87.74 49.95 -28.11
CA VAL KB 106 87.58 49.95 -26.65
C VAL KB 106 88.76 49.25 -25.97
N GLN KB 107 89.13 48.08 -26.49
CA GLN KB 107 90.25 47.33 -25.92
C GLN KB 107 91.57 48.08 -26.06
N VAL KB 108 91.67 49.02 -27.01
CA VAL KB 108 92.91 49.76 -27.20
C VAL KB 108 93.24 50.56 -25.96
N GLU KB 109 92.25 51.24 -25.38
CA GLU KB 109 92.49 52.05 -24.21
C GLU KB 109 93.06 51.23 -23.07
N HIS KB 110 92.54 50.02 -22.87
CA HIS KB 110 93.04 49.17 -21.80
C HIS KB 110 94.51 48.83 -22.01
N TYR KB 111 94.89 48.52 -23.26
CA TYR KB 111 96.29 48.18 -23.53
C TYR KB 111 97.21 49.35 -23.25
N VAL KB 112 96.87 50.53 -23.75
CA VAL KB 112 97.72 51.70 -23.53
C VAL KB 112 97.75 52.05 -22.05
N LYS KB 113 96.63 51.86 -21.35
CA LYS KB 113 96.62 52.10 -19.91
C LYS KB 113 97.69 51.27 -19.21
N GLN KB 114 97.81 49.99 -19.57
CA GLN KB 114 98.83 49.14 -18.96
C GLN KB 114 100.22 49.53 -19.44
N ILE KB 115 100.35 49.96 -20.69
CA ILE KB 115 101.66 50.36 -21.21
C ILE KB 115 102.23 51.49 -20.38
N THR KB 116 101.40 52.48 -20.05
CA THR KB 116 101.88 53.62 -19.27
C THR KB 116 102.40 53.17 -17.91
N LEU KB 117 101.65 52.29 -17.24
CA LEU KB 117 102.08 51.80 -15.93
C LEU KB 117 103.35 50.95 -16.07
N TRP KB 118 103.40 50.09 -17.09
CA TRP KB 118 104.53 49.18 -17.24
C TRP KB 118 105.83 49.91 -17.55
N GLN KB 119 105.77 51.13 -18.08
CA GLN KB 119 106.96 51.89 -18.42
C GLN KB 119 107.30 52.95 -17.39
N ASP KB 120 106.30 53.60 -16.81
CA ASP KB 120 106.56 54.67 -15.86
C ASP KB 120 107.26 54.14 -14.61
N THR KB 121 106.87 52.95 -14.14
CA THR KB 121 107.52 52.38 -12.98
C THR KB 121 108.98 52.05 -13.30
N PRO KB 122 109.85 52.05 -12.29
CA PRO KB 122 111.26 51.77 -12.57
C PRO KB 122 111.45 50.37 -13.13
N GLN KB 123 112.50 50.21 -13.93
CA GLN KB 123 112.74 48.94 -14.61
C GLN KB 123 112.91 47.78 -13.63
N ALA KB 124 113.26 48.06 -12.38
CA ALA KB 124 113.44 47.01 -11.39
C ALA KB 124 112.12 46.42 -10.91
N PHE KB 125 110.98 47.02 -11.26
CA PHE KB 125 109.68 46.57 -10.81
C PHE KB 125 108.71 46.23 -11.93
N ARG KB 126 109.05 46.52 -13.18
CA ARG KB 126 108.11 46.33 -14.28
C ARG KB 126 107.68 44.87 -14.38
N GLY KB 127 108.63 43.98 -14.66
CA GLY KB 127 108.32 42.58 -14.83
C GLY KB 127 108.37 42.15 -16.28
N ASP KB 128 107.20 41.91 -16.87
CA ASP KB 128 107.09 41.47 -18.26
C ASP KB 128 106.14 42.39 -19.01
N GLN KB 129 106.46 42.65 -20.26
CA GLN KB 129 105.61 43.52 -21.07
C GLN KB 129 104.23 42.87 -21.24
N PRO KB 130 103.15 43.64 -21.09
CA PRO KB 130 101.81 43.07 -21.31
C PRO KB 130 101.50 42.98 -22.80
N LYS KB 131 101.26 41.76 -23.27
CA LYS KB 131 101.01 41.56 -24.69
C LYS KB 131 99.71 42.25 -25.10
N PRO KB 132 99.70 42.96 -26.23
CA PRO KB 132 98.46 43.60 -26.66
C PRO KB 132 97.41 42.57 -27.02
N PRO KB 133 96.13 42.91 -26.91
CA PRO KB 133 95.08 41.95 -27.28
C PRO KB 133 95.12 41.64 -28.76
N SER KB 134 94.71 40.43 -29.11
CA SER KB 134 94.72 39.98 -30.50
C SER KB 134 93.58 40.64 -31.27
N PHE KB 135 93.43 40.24 -32.53
CA PHE KB 135 92.40 40.81 -33.41
C PHE KB 135 91.05 40.23 -33.01
N THR LB 3 103.76 62.26 15.42
CA THR LB 3 103.16 61.59 16.57
C THR LB 3 101.74 61.11 16.26
N PHE LB 4 101.06 61.74 15.30
CA PHE LB 4 99.72 61.28 14.92
C PHE LB 4 99.77 59.85 14.40
N ILE LB 5 100.78 59.52 13.61
CA ILE LB 5 100.90 58.16 13.08
C ILE LB 5 100.99 57.18 14.24
N GLU LB 6 101.71 57.55 15.30
CA GLU LB 6 101.76 56.71 16.48
C GLU LB 6 100.37 56.54 17.09
N LEU LB 7 99.59 57.62 17.12
CA LEU LB 7 98.23 57.53 17.65
C LEU LB 7 97.37 56.58 16.84
N VAL LB 8 97.71 56.38 15.56
CA VAL LB 8 96.98 55.44 14.72
C VAL LB 8 97.74 54.12 14.54
N LYS LB 9 99.05 54.10 14.78
CA LYS LB 9 99.80 52.86 14.62
C LYS LB 9 99.25 51.75 15.50
N ASN LB 10 98.61 52.10 16.62
CA ASN LB 10 97.99 51.12 17.48
C ASN LB 10 96.60 50.71 17.01
N MET LB 11 96.00 51.45 16.09
CA MET LB 11 94.67 51.11 15.61
C MET LB 11 94.69 49.77 14.87
N LYS LB 12 93.56 49.04 14.98
CA LYS LB 12 93.48 47.73 14.35
C LYS LB 12 93.61 47.83 12.83
N GLY LB 13 92.95 48.82 12.22
CA GLY LB 13 92.93 48.93 10.78
C GLY LB 13 94.05 49.77 10.20
N TYR LB 14 95.00 50.16 11.05
CA TYR LB 14 96.12 50.96 10.59
C TYR LB 14 96.97 50.16 9.60
N LYS LB 15 97.46 50.84 8.56
CA LYS LB 15 98.23 50.20 7.52
C LYS LB 15 99.40 51.12 7.12
N GLU LB 16 100.47 50.51 6.63
CA GLU LB 16 101.64 51.24 6.14
C GLU LB 16 101.39 51.60 4.67
N LEU LB 17 100.58 52.63 4.47
CA LEU LB 17 100.28 53.08 3.11
C LEU LB 17 101.49 53.67 2.41
N LEU LB 18 102.52 54.07 3.16
CA LEU LB 18 103.72 54.67 2.59
C LEU LB 18 104.54 53.57 1.92
N LEU LB 19 104.44 53.48 0.60
CA LEU LB 19 105.15 52.45 -0.13
C LEU LB 19 106.64 52.77 -0.21
N PRO LB 20 107.47 51.79 -0.54
CA PRO LB 20 108.92 52.04 -0.60
C PRO LB 20 109.26 53.16 -1.56
N MET LB 21 110.27 53.95 -1.19
CA MET LB 21 110.69 55.07 -2.03
C MET LB 21 111.13 54.59 -3.40
N GLU LB 22 111.90 53.50 -3.45
CA GLU LB 22 112.35 52.98 -4.74
C GLU LB 22 111.17 52.54 -5.60
N MET LB 23 110.08 52.10 -4.98
CA MET LB 23 108.94 51.60 -5.74
C MET LB 23 108.32 52.68 -6.60
N VAL LB 24 108.16 53.89 -6.05
CA VAL LB 24 107.45 54.97 -6.74
C VAL LB 24 108.39 55.62 -7.75
N PRO LB 25 107.85 56.22 -8.82
CA PRO LB 25 108.71 56.93 -9.78
C PRO LB 25 109.01 58.36 -9.35
N LEU LB 26 109.65 59.13 -10.22
CA LEU LB 26 109.98 60.50 -9.91
C LEU LB 26 108.72 61.34 -9.81
N PRO LB 27 108.78 62.48 -9.12
CA PRO LB 27 107.56 63.27 -8.92
C PRO LB 27 106.88 63.70 -10.21
N ALA LB 28 107.66 64.02 -11.25
CA ALA LB 28 107.07 64.52 -12.48
C ALA LB 28 106.16 63.49 -13.12
N VAL LB 29 106.57 62.23 -13.13
CA VAL LB 29 105.78 61.20 -13.79
C VAL LB 29 104.46 60.97 -13.05
N VAL LB 30 104.50 61.05 -11.72
CA VAL LB 30 103.29 60.80 -10.94
C VAL LB 30 102.20 61.79 -11.29
N LEU LB 31 102.58 63.07 -11.44
CA LEU LB 31 101.60 64.09 -11.78
C LEU LB 31 100.85 63.74 -13.06
N LYS LB 32 101.52 63.05 -13.98
CA LYS LB 32 100.87 62.65 -15.23
C LYS LB 32 99.67 61.75 -14.96
N HIS LB 33 99.84 60.78 -14.06
CA HIS LB 33 98.75 59.84 -13.78
C HIS LB 33 97.60 60.51 -13.04
N VAL LB 34 97.89 61.57 -12.28
CA VAL LB 34 96.82 62.27 -11.56
C VAL LB 34 95.82 62.86 -12.54
N LYS LB 35 96.31 63.49 -13.60
CA LYS LB 35 95.42 64.01 -14.63
C LYS LB 35 94.66 62.88 -15.30
N LEU LB 36 95.36 61.78 -15.61
CA LEU LB 36 94.71 60.67 -16.31
C LEU LB 36 93.65 60.00 -15.44
N ILE LB 37 93.95 59.77 -14.16
CA ILE LB 37 93.00 59.10 -13.29
C ILE LB 37 91.82 60.01 -12.99
N LEU LB 38 92.09 61.29 -12.69
CA LEU LB 38 91.00 62.23 -12.45
C LEU LB 38 90.14 62.40 -13.69
N THR LB 39 90.78 62.54 -14.86
CA THR LB 39 90.02 62.70 -16.09
C THR LB 39 89.17 61.47 -16.38
N SER LB 40 89.75 60.28 -16.23
CA SER LB 40 89.00 59.06 -16.52
C SER LB 40 87.81 58.90 -15.58
N GLN LB 41 88.01 59.18 -14.30
CA GLN LB 41 86.94 59.00 -13.32
C GLN LB 41 85.84 60.02 -13.56
N LYS LB 42 84.59 59.61 -13.37
CA LYS LB 42 83.43 60.45 -13.63
C LYS LB 42 82.65 60.78 -12.36
N GLU LB 43 82.28 59.77 -11.57
CA GLU LB 43 81.49 60.04 -10.38
C GLU LB 43 82.28 60.90 -9.41
N HIS LB 44 81.60 61.86 -8.80
CA HIS LB 44 82.22 62.81 -7.88
C HIS LB 44 82.17 62.26 -6.46
N GLN LB 45 83.33 62.10 -5.86
CA GLN LB 45 83.47 61.70 -4.46
C GLN LB 45 84.51 62.60 -3.80
N PRO LB 46 84.48 62.70 -2.47
CA PRO LB 46 85.41 63.62 -1.80
C PRO LB 46 86.88 63.28 -2.02
N TRP LB 47 87.21 62.01 -2.30
CA TRP LB 47 88.61 61.65 -2.42
C TRP LB 47 89.28 62.36 -3.61
N MET LB 48 88.60 62.41 -4.75
CA MET LB 48 89.17 63.10 -5.90
C MET LB 48 89.32 64.60 -5.63
N THR LB 49 88.34 65.19 -4.94
CA THR LB 49 88.46 66.60 -4.59
C THR LB 49 89.67 66.83 -3.69
N GLU LB 50 89.86 65.97 -2.70
CA GLU LB 50 91.03 66.08 -1.83
C GLU LB 50 92.29 65.58 -2.51
N MET LB 51 92.16 64.62 -3.42
CA MET LB 51 93.33 64.09 -4.12
C MET LB 51 94.02 65.19 -4.94
N ALA LB 52 93.24 66.03 -5.62
CA ALA LB 52 93.83 67.11 -6.39
C ALA LB 52 94.57 68.10 -5.49
N LEU LB 53 93.98 68.43 -4.35
CA LEU LB 53 94.61 69.39 -3.45
C LEU LB 53 95.95 68.88 -2.95
N LYS LB 54 96.02 67.59 -2.60
CA LYS LB 54 97.27 67.03 -2.10
C LYS LB 54 98.36 67.10 -3.15
N ALA LB 55 98.01 66.82 -4.41
CA ALA LB 55 99.00 66.87 -5.49
C ALA LB 55 99.37 68.30 -5.85
N ASP LB 56 98.45 69.25 -5.62
CA ASP LB 56 98.71 70.63 -6.01
C ASP LB 56 99.92 71.19 -5.26
N GLN LB 57 100.06 70.86 -3.98
CA GLN LB 57 101.14 71.42 -3.18
C GLN LB 57 102.49 71.14 -3.81
N CYS LB 58 102.65 69.95 -4.41
CA CYS LB 58 103.93 69.61 -5.05
C CYS LB 58 104.29 70.59 -6.14
N LEU LB 59 103.29 71.09 -6.88
CA LEU LB 59 103.58 72.02 -7.97
C LEU LB 59 104.21 73.31 -7.43
N ILE LB 60 103.71 73.82 -6.30
CA ILE LB 60 104.23 75.06 -5.76
C ILE LB 60 105.70 74.88 -5.38
N HIS LB 61 106.04 73.74 -4.77
CA HIS LB 61 107.42 73.50 -4.39
C HIS LB 61 108.34 73.44 -5.61
N LYS LB 62 107.82 72.94 -6.74
CA LYS LB 62 108.63 72.92 -7.96
C LYS LB 62 109.10 74.31 -8.34
N ALA LB 63 108.17 75.27 -8.37
CA ALA LB 63 108.53 76.64 -8.69
C ALA LB 63 109.22 77.35 -7.54
N THR LB 64 108.85 77.03 -6.30
CA THR LB 64 109.47 77.67 -5.15
C THR LB 64 110.97 77.45 -5.15
N LEU LB 65 111.41 76.19 -5.33
CA LEU LB 65 112.83 75.90 -5.40
C LEU LB 65 113.43 76.33 -6.73
N PRO LB 78 119.98 73.30 5.25
CA PRO LB 78 118.99 72.39 5.85
C PRO LB 78 117.57 72.66 5.38
N LEU LB 79 117.22 73.93 5.15
CA LEU LB 79 115.87 74.27 4.71
C LEU LB 79 115.60 73.69 3.32
N ILE LB 80 116.49 73.96 2.36
CA ILE LB 80 116.27 73.50 1.00
C ILE LB 80 116.29 71.97 0.94
N GLU LB 81 117.24 71.35 1.64
CA GLU LB 81 117.35 69.90 1.60
C GLU LB 81 116.08 69.23 2.13
N ALA LB 82 115.52 69.77 3.22
CA ALA LB 82 114.31 69.19 3.78
C ALA LB 82 113.16 69.22 2.78
N MET LB 83 113.03 70.32 2.03
CA MET LB 83 111.95 70.42 1.06
C MET LB 83 112.06 69.32 0.01
N GLN LB 84 113.28 69.01 -0.42
CA GLN LB 84 113.46 67.94 -1.41
C GLN LB 84 112.91 66.63 -0.89
N GLN LB 85 113.18 66.30 0.38
CA GLN LB 85 112.62 65.09 0.97
C GLN LB 85 111.12 65.20 1.16
N ILE LB 86 110.61 66.40 1.45
CA ILE LB 86 109.18 66.58 1.65
C ILE LB 86 108.42 66.26 0.37
N ILE LB 87 108.94 66.72 -0.78
CA ILE LB 87 108.27 66.45 -2.05
C ILE LB 87 108.16 64.94 -2.27
N LEU LB 88 109.24 64.20 -2.01
CA LEU LB 88 109.19 62.75 -2.17
C LEU LB 88 108.22 62.12 -1.19
N ALA LB 89 108.02 62.73 -0.03
CA ALA LB 89 107.08 62.19 0.95
C ALA LB 89 105.67 62.18 0.38
N MET LB 90 105.27 63.26 -0.29
CA MET LB 90 103.92 63.32 -0.85
C MET LB 90 103.77 62.38 -2.03
N THR LB 91 104.84 62.16 -2.80
CA THR LB 91 104.75 61.27 -3.95
C THR LB 91 104.38 59.86 -3.53
N ARG LB 92 104.96 59.36 -2.44
CA ARG LB 92 104.61 58.04 -1.95
C ARG LB 92 103.14 57.97 -1.56
N GLU LB 93 102.65 59.02 -0.90
CA GLU LB 93 101.24 59.05 -0.51
C GLU LB 93 100.34 59.09 -1.73
N LEU LB 94 100.70 59.89 -2.74
CA LEU LB 94 99.89 60.00 -3.94
C LEU LB 94 99.82 58.68 -4.70
N TRP LB 95 100.96 58.00 -4.84
CA TRP LB 95 100.98 56.75 -5.60
C TRP LB 95 100.10 55.69 -4.95
N GLY LB 96 99.94 55.75 -3.63
CA GLY LB 96 99.09 54.78 -2.96
C GLY LB 96 97.64 54.88 -3.42
N GLN LB 97 97.11 56.10 -3.48
CA GLN LB 97 95.74 56.29 -3.95
C GLN LB 97 95.61 55.87 -5.41
N ILE LB 98 96.64 56.13 -6.21
CA ILE LB 98 96.62 55.75 -7.62
C ILE LB 98 96.47 54.23 -7.75
N GLN LB 99 97.31 53.49 -7.04
CA GLN LB 99 97.27 52.03 -7.15
C GLN LB 99 96.01 51.47 -6.51
N ARG LB 100 95.61 52.00 -5.35
CA ARG LB 100 94.41 51.49 -4.69
C ARG LB 100 93.17 51.73 -5.54
N HIS LB 101 93.08 52.91 -6.17
CA HIS LB 101 91.92 53.19 -7.01
C HIS LB 101 91.88 52.30 -8.24
N HIS LB 102 93.04 52.12 -8.90
CA HIS LB 102 93.07 51.30 -10.11
C HIS LB 102 92.75 49.84 -9.80
N TYR LB 103 93.47 49.26 -8.83
CA TYR LB 103 93.30 47.85 -8.49
C TYR LB 103 92.35 47.67 -7.31
N GLY LB 104 92.69 48.25 -6.17
CA GLY LB 104 91.90 48.09 -4.96
C GLY LB 104 92.76 48.27 -3.73
N ILE LB 105 92.08 48.58 -2.62
CA ILE LB 105 92.78 48.84 -1.37
C ILE LB 105 93.48 47.58 -0.87
N VAL LB 106 92.79 46.45 -0.92
CA VAL LB 106 93.36 45.21 -0.39
C VAL LB 106 94.52 44.74 -1.26
N GLN LB 107 94.39 44.86 -2.57
CA GLN LB 107 95.41 44.33 -3.47
C GLN LB 107 96.75 45.01 -3.25
N VAL LB 108 96.74 46.35 -3.10
CA VAL LB 108 97.99 47.06 -2.86
C VAL LB 108 98.61 46.61 -1.55
N GLU LB 109 97.81 46.54 -0.48
CA GLU LB 109 98.33 46.05 0.78
C GLU LB 109 98.80 44.61 0.66
N HIS LB 110 98.15 43.83 -0.19
CA HIS LB 110 98.53 42.43 -0.37
C HIS LB 110 99.77 42.29 -1.23
N TYR LB 111 99.93 43.14 -2.24
CA TYR LB 111 101.01 43.00 -3.21
C TYR LB 111 102.28 43.74 -2.80
N VAL LB 112 102.18 44.81 -2.02
CA VAL LB 112 103.36 45.59 -1.68
C VAL LB 112 104.37 44.75 -0.93
N LYS LB 113 103.91 43.94 0.02
CA LYS LB 113 104.84 43.15 0.83
C LYS LB 113 105.57 42.12 -0.01
N GLN LB 114 104.89 41.54 -1.01
CA GLN LB 114 105.49 40.47 -1.80
C GLN LB 114 106.78 40.95 -2.47
N ILE LB 115 106.73 42.12 -3.11
CA ILE LB 115 107.91 42.61 -3.83
C ILE LB 115 109.03 42.95 -2.85
N THR LB 116 108.68 43.46 -1.67
CA THR LB 116 109.71 43.77 -0.68
C THR LB 116 110.47 42.52 -0.28
N LEU LB 117 109.76 41.42 -0.08
CA LEU LB 117 110.41 40.16 0.27
C LEU LB 117 111.35 39.71 -0.83
N TRP LB 118 110.92 39.81 -2.09
CA TRP LB 118 111.77 39.38 -3.20
C TRP LB 118 113.09 40.15 -3.23
N GLN LB 119 113.10 41.37 -2.68
CA GLN LB 119 114.34 42.14 -2.64
C GLN LB 119 115.20 41.75 -1.44
N ASP LB 120 114.58 41.72 -0.25
CA ASP LB 120 115.31 41.41 0.98
C ASP LB 120 115.51 39.90 1.04
N THR LB 121 116.45 39.42 0.22
CA THR LB 121 116.77 38.00 0.13
C THR LB 121 118.18 37.88 -0.45
N PRO LB 122 118.92 36.83 -0.11
CA PRO LB 122 120.31 36.73 -0.60
C PRO LB 122 120.40 36.50 -2.10
N GLN LB 123 120.12 37.55 -2.88
CA GLN LB 123 120.28 37.57 -4.33
C GLN LB 123 119.95 36.24 -5.00
N ALA LB 124 120.76 35.21 -4.77
CA ALA LB 124 120.63 33.97 -5.53
C ALA LB 124 119.21 33.40 -5.41
N PHE LB 125 118.74 33.22 -4.19
CA PHE LB 125 117.39 32.69 -3.96
C PHE LB 125 116.38 33.83 -3.78
N ARG LB 126 116.40 34.79 -4.71
CA ARG LB 126 115.49 35.93 -4.60
C ARG LB 126 114.04 35.50 -4.81
N GLY LB 127 113.82 34.58 -5.74
CA GLY LB 127 112.47 34.12 -6.02
C GLY LB 127 112.25 33.88 -7.50
N ASP LB 128 111.13 34.39 -8.03
CA ASP LB 128 110.81 34.21 -9.44
C ASP LB 128 110.27 35.50 -10.05
N GLN LB 129 110.73 36.65 -9.57
CA GLN LB 129 110.28 37.93 -10.10
C GLN LB 129 108.77 38.03 -9.99
N PRO LB 130 108.23 38.19 -8.78
CA PRO LB 130 106.77 38.12 -8.63
C PRO LB 130 106.04 39.08 -9.56
N LYS LB 131 104.98 38.57 -10.18
CA LYS LB 131 104.25 39.36 -11.16
C LYS LB 131 103.45 40.46 -10.46
N PRO LB 132 103.28 41.61 -11.11
CA PRO LB 132 102.43 42.66 -10.54
C PRO LB 132 100.97 42.25 -10.59
N PRO LB 133 100.11 42.86 -9.78
CA PRO LB 133 98.71 42.44 -9.73
C PRO LB 133 98.03 42.59 -11.08
N THR MB 3 89.05 -75.00 -52.61
CA THR MB 3 87.77 -75.08 -53.32
C THR MB 3 86.68 -74.32 -52.59
N PHE MB 4 86.62 -74.44 -51.26
CA PHE MB 4 85.55 -73.81 -50.50
C PHE MB 4 85.59 -72.29 -50.65
N ILE MB 5 86.78 -71.69 -50.57
CA ILE MB 5 86.88 -70.25 -50.65
C ILE MB 5 86.34 -69.74 -51.99
N GLU MB 6 86.59 -70.50 -53.06
CA GLU MB 6 86.03 -70.15 -54.35
C GLU MB 6 84.51 -70.09 -54.29
N LEU MB 7 83.89 -71.05 -53.59
CA LEU MB 7 82.45 -71.06 -53.47
C LEU MB 7 81.94 -69.84 -52.71
N VAL MB 8 82.63 -69.44 -51.65
CA VAL MB 8 82.20 -68.30 -50.86
C VAL MB 8 82.33 -67.01 -51.65
N LYS MB 9 83.41 -66.88 -52.43
CA LYS MB 9 83.58 -65.68 -53.24
C LYS MB 9 82.41 -65.48 -54.18
N ASN MB 10 81.73 -66.57 -54.55
CA ASN MB 10 80.53 -66.49 -55.39
C ASN MB 10 79.30 -66.22 -54.51
N MET MB 11 79.37 -65.11 -53.79
CA MET MB 11 78.30 -64.72 -52.89
C MET MB 11 78.14 -63.20 -52.92
N LYS MB 12 76.97 -62.75 -52.46
CA LYS MB 12 76.60 -61.35 -52.53
C LYS MB 12 76.96 -60.64 -51.22
N GLY MB 13 77.48 -59.43 -51.36
CA GLY MB 13 77.98 -58.69 -50.21
C GLY MB 13 79.37 -59.07 -49.78
N TYR MB 14 80.11 -59.80 -50.60
CA TYR MB 14 81.45 -60.27 -50.24
C TYR MB 14 82.45 -59.13 -50.41
N LYS MB 15 83.03 -58.68 -49.30
CA LYS MB 15 84.05 -57.65 -49.30
C LYS MB 15 85.37 -58.28 -48.90
N GLU MB 16 86.37 -58.20 -49.77
CA GLU MB 16 87.65 -58.80 -49.50
C GLU MB 16 88.36 -58.06 -48.38
N LEU MB 17 89.13 -58.81 -47.58
CA LEU MB 17 89.82 -58.24 -46.43
C LEU MB 17 91.25 -58.75 -46.29
N LEU MB 18 91.80 -59.42 -47.29
CA LEU MB 18 93.14 -59.99 -47.23
C LEU MB 18 94.03 -59.30 -48.24
N LEU MB 19 95.21 -58.86 -47.79
CA LEU MB 19 96.16 -58.20 -48.66
C LEU MB 19 96.98 -59.23 -49.43
N PRO MB 20 97.67 -58.80 -50.49
CA PRO MB 20 98.54 -59.73 -51.23
C PRO MB 20 99.63 -60.28 -50.33
N MET MB 21 100.03 -61.52 -50.63
CA MET MB 21 101.07 -62.17 -49.84
C MET MB 21 102.37 -61.37 -49.84
N GLU MB 22 102.60 -60.58 -50.89
CA GLU MB 22 103.83 -59.81 -51.01
C GLU MB 22 103.85 -58.56 -50.14
N MET MB 23 102.73 -58.17 -49.54
CA MET MB 23 102.65 -56.97 -48.74
C MET MB 23 102.51 -57.23 -47.24
N VAL MB 24 102.02 -58.41 -46.83
CA VAL MB 24 101.84 -58.70 -45.42
C VAL MB 24 103.21 -58.78 -44.75
N PRO MB 25 103.31 -58.46 -43.47
CA PRO MB 25 104.61 -58.52 -42.80
C PRO MB 25 105.12 -59.94 -42.72
N LEU MB 26 106.37 -60.07 -42.27
CA LEU MB 26 106.93 -61.38 -42.00
C LEU MB 26 106.22 -62.02 -40.81
N PRO MB 27 106.17 -63.34 -40.74
CA PRO MB 27 105.43 -63.99 -39.65
C PRO MB 27 105.91 -63.57 -38.28
N ALA MB 28 107.20 -63.34 -38.11
CA ALA MB 28 107.73 -62.92 -36.81
C ALA MB 28 107.13 -61.58 -36.39
N VAL MB 29 107.00 -60.66 -37.34
CA VAL MB 29 106.50 -59.33 -37.01
C VAL MB 29 105.04 -59.40 -36.58
N VAL MB 30 104.26 -60.27 -37.22
CA VAL MB 30 102.83 -60.33 -36.93
C VAL MB 30 102.59 -60.69 -35.48
N LEU MB 31 103.34 -61.68 -34.98
CA LEU MB 31 103.16 -62.13 -33.61
C LEU MB 31 103.33 -60.99 -32.61
N LYS MB 32 104.16 -60.00 -32.96
CA LYS MB 32 104.40 -58.88 -32.04
C LYS MB 32 103.10 -58.12 -31.78
N HIS MB 33 102.33 -57.86 -32.83
CA HIS MB 33 101.07 -57.14 -32.65
C HIS MB 33 100.05 -57.99 -31.90
N VAL MB 34 100.15 -59.31 -32.00
CA VAL MB 34 99.20 -60.19 -31.32
C VAL MB 34 99.29 -59.98 -29.82
N LYS MB 35 100.52 -59.94 -29.28
CA LYS MB 35 100.69 -59.77 -27.85
C LYS MB 35 100.13 -58.45 -27.38
N LEU MB 36 100.39 -57.37 -28.13
CA LEU MB 36 99.88 -56.06 -27.74
C LEU MB 36 98.36 -56.03 -27.81
N ILE MB 37 97.79 -56.49 -28.92
CA ILE MB 37 96.35 -56.42 -29.10
C ILE MB 37 95.65 -57.32 -28.08
N LEU MB 38 96.16 -58.54 -27.89
CA LEU MB 38 95.57 -59.44 -26.90
C LEU MB 38 95.72 -58.86 -25.50
N THR MB 39 96.94 -58.50 -25.13
CA THR MB 39 97.20 -58.07 -23.75
C THR MB 39 96.61 -56.70 -23.48
N SER MB 40 96.80 -55.76 -24.40
CA SER MB 40 96.29 -54.39 -24.25
C SER MB 40 94.82 -54.35 -24.67
N GLN MB 41 94.01 -55.12 -23.96
CA GLN MB 41 92.58 -55.17 -24.22
C GLN MB 41 91.83 -55.37 -22.92
N LYS MB 42 90.60 -54.86 -22.88
CA LYS MB 42 89.72 -54.95 -21.73
C LYS MB 42 88.38 -55.49 -22.17
N GLU MB 43 87.71 -56.21 -21.27
CA GLU MB 43 86.42 -56.82 -21.55
C GLU MB 43 86.52 -57.78 -22.74
N HIS MB 44 87.30 -58.84 -22.50
CA HIS MB 44 87.59 -59.84 -23.53
C HIS MB 44 86.36 -60.16 -24.36
N GLN MB 45 86.55 -60.22 -25.66
CA GLN MB 45 85.48 -60.44 -26.64
C GLN MB 45 85.74 -61.74 -27.39
N PRO MB 46 84.70 -62.33 -27.99
CA PRO MB 46 84.88 -63.64 -28.62
C PRO MB 46 85.96 -63.67 -29.69
N TRP MB 47 86.10 -62.60 -30.48
CA TRP MB 47 87.08 -62.60 -31.56
C TRP MB 47 88.50 -62.68 -31.04
N MET MB 48 88.74 -62.28 -29.79
CA MET MB 48 90.09 -62.39 -29.23
C MET MB 48 90.54 -63.84 -29.17
N THR MB 49 89.64 -64.75 -28.78
CA THR MB 49 89.99 -66.15 -28.70
C THR MB 49 90.38 -66.70 -30.07
N GLU MB 50 89.66 -66.30 -31.11
CA GLU MB 50 89.95 -66.79 -32.45
C GLU MB 50 91.36 -66.39 -32.87
N MET MB 51 91.76 -65.15 -32.57
CA MET MB 51 93.09 -64.69 -32.96
C MET MB 51 94.18 -65.54 -32.33
N ALA MB 52 94.04 -65.84 -31.04
CA ALA MB 52 95.08 -66.60 -30.34
C ALA MB 52 95.21 -68.00 -30.91
N LEU MB 53 94.08 -68.65 -31.20
CA LEU MB 53 94.11 -70.02 -31.67
C LEU MB 53 94.89 -70.14 -32.98
N LYS MB 54 94.64 -69.21 -33.91
CA LYS MB 54 95.37 -69.25 -35.18
C LYS MB 54 96.84 -68.95 -34.99
N ALA MB 55 97.17 -68.08 -34.04
CA ALA MB 55 98.56 -67.67 -33.85
C ALA MB 55 99.44 -68.86 -33.50
N ASP MB 56 98.98 -69.71 -32.58
CA ASP MB 56 99.79 -70.85 -32.17
C ASP MB 56 100.03 -71.80 -33.32
N GLN MB 57 99.12 -71.85 -34.29
CA GLN MB 57 99.30 -72.75 -35.43
C GLN MB 57 100.55 -72.39 -36.21
N CYS MB 58 100.78 -71.11 -36.44
CA CYS MB 58 101.98 -70.68 -37.16
C CYS MB 58 103.24 -71.10 -36.41
N LEU MB 59 103.23 -70.96 -35.08
CA LEU MB 59 104.37 -71.39 -34.29
C LEU MB 59 104.59 -72.89 -34.41
N ILE MB 60 103.51 -73.67 -34.40
CA ILE MB 60 103.62 -75.12 -34.51
C ILE MB 60 104.28 -75.48 -35.84
N HIS MB 61 103.79 -74.90 -36.94
CA HIS MB 61 104.41 -75.14 -38.24
C HIS MB 61 105.83 -74.58 -38.27
N LYS MB 62 106.03 -73.40 -37.68
CA LYS MB 62 107.37 -72.81 -37.64
C LYS MB 62 108.33 -73.70 -36.87
N ALA MB 63 107.88 -74.25 -35.74
CA ALA MB 63 108.71 -75.14 -34.95
C ALA MB 63 108.90 -76.50 -35.61
N THR MB 64 108.18 -76.78 -36.68
CA THR MB 64 108.28 -78.08 -37.36
C THR MB 64 109.41 -78.12 -38.39
N LEU MB 65 109.79 -76.96 -38.95
CA LEU MB 65 110.83 -76.94 -39.97
C LEU MB 65 112.17 -77.40 -39.43
N ASP MB 66 112.50 -77.04 -38.18
CA ASP MB 66 113.77 -77.45 -37.61
C ASP MB 66 113.92 -78.96 -37.60
N PRO MB 78 109.12 -82.29 -51.43
CA PRO MB 78 107.83 -81.57 -51.34
C PRO MB 78 107.26 -81.53 -49.92
N LEU MB 79 107.19 -82.68 -49.26
CA LEU MB 79 106.52 -82.73 -47.95
C LEU MB 79 107.20 -81.82 -46.94
N ILE MB 80 108.53 -81.84 -46.89
CA ILE MB 80 109.25 -80.99 -45.95
C ILE MB 80 109.00 -79.52 -46.25
N GLU MB 81 109.07 -79.15 -47.53
CA GLU MB 81 108.87 -77.77 -47.94
C GLU MB 81 107.40 -77.41 -48.10
N ALA MB 82 106.50 -78.39 -48.15
CA ALA MB 82 105.08 -78.09 -48.37
C ALA MB 82 104.51 -77.28 -47.21
N MET MB 83 104.87 -77.63 -45.98
CA MET MB 83 104.31 -76.94 -44.82
C MET MB 83 104.69 -75.46 -44.83
N GLN MB 84 105.84 -75.11 -45.41
CA GLN MB 84 106.26 -73.71 -45.44
C GLN MB 84 105.25 -72.84 -46.19
N GLN MB 85 104.56 -73.43 -47.17
CA GLN MB 85 103.58 -72.65 -47.94
C GLN MB 85 102.44 -72.17 -47.04
N ILE MB 86 101.98 -73.04 -46.13
CA ILE MB 86 100.86 -72.68 -45.27
C ILE MB 86 101.27 -71.57 -44.30
N ILE MB 87 102.52 -71.59 -43.85
CA ILE MB 87 102.97 -70.59 -42.88
C ILE MB 87 102.76 -69.19 -43.43
N LEU MB 88 103.20 -68.96 -44.67
CA LEU MB 88 103.00 -67.65 -45.30
C LEU MB 88 101.51 -67.34 -45.45
N ALA MB 89 100.72 -68.34 -45.85
CA ALA MB 89 99.29 -68.12 -46.00
C ALA MB 89 98.63 -67.79 -44.68
N MET MB 90 99.04 -68.48 -43.61
CA MET MB 90 98.40 -68.27 -42.31
C MET MB 90 98.52 -66.81 -41.88
N THR MB 91 99.65 -66.17 -42.19
CA THR MB 91 99.82 -64.77 -41.84
C THR MB 91 98.81 -63.90 -42.54
N ARG MB 92 98.54 -64.18 -43.82
CA ARG MB 92 97.63 -63.34 -44.59
C ARG MB 92 96.25 -63.28 -43.94
N GLU MB 93 95.72 -64.44 -43.53
CA GLU MB 93 94.46 -64.44 -42.82
C GLU MB 93 94.61 -63.83 -41.44
N LEU MB 94 95.74 -64.10 -40.77
CA LEU MB 94 95.95 -63.57 -39.43
C LEU MB 94 96.07 -62.05 -39.45
N TRP MB 95 96.80 -61.51 -40.42
CA TRP MB 95 96.98 -60.07 -40.49
C TRP MB 95 95.67 -59.35 -40.76
N GLY MB 96 94.71 -60.03 -41.37
CA GLY MB 96 93.43 -59.40 -41.65
C GLY MB 96 92.70 -58.99 -40.39
N GLN MB 97 92.77 -59.82 -39.35
CA GLN MB 97 92.10 -59.48 -38.09
C GLN MB 97 92.81 -58.35 -37.38
N ILE MB 98 94.13 -58.24 -37.54
CA ILE MB 98 94.88 -57.17 -36.89
C ILE MB 98 94.37 -55.81 -37.36
N GLN MB 99 94.22 -55.65 -38.68
CA GLN MB 99 93.78 -54.38 -39.21
C GLN MB 99 92.35 -54.06 -38.80
N ARG MB 100 91.51 -55.09 -38.66
CA ARG MB 100 90.14 -54.87 -38.20
C ARG MB 100 90.13 -54.24 -36.81
N HIS MB 101 90.97 -54.75 -35.91
CA HIS MB 101 91.04 -54.19 -34.56
C HIS MB 101 91.61 -52.78 -34.58
N HIS MB 102 92.70 -52.57 -35.33
CA HIS MB 102 93.32 -51.26 -35.37
C HIS MB 102 92.46 -50.27 -36.14
N TYR MB 103 92.24 -50.53 -37.43
CA TYR MB 103 91.50 -49.60 -38.28
C TYR MB 103 89.99 -49.76 -38.11
N GLY MB 104 89.48 -50.94 -38.43
CA GLY MB 104 88.05 -51.20 -38.42
C GLY MB 104 87.69 -51.98 -39.68
N ILE MB 105 86.64 -52.80 -39.57
CA ILE MB 105 86.27 -53.66 -40.68
C ILE MB 105 85.88 -52.84 -41.90
N VAL MB 106 85.08 -51.79 -41.69
CA VAL MB 106 84.58 -50.99 -42.81
C VAL MB 106 85.74 -50.33 -43.55
N GLN MB 107 86.65 -49.71 -42.79
CA GLN MB 107 87.76 -49.00 -43.42
C GLN MB 107 88.66 -49.94 -44.19
N VAL MB 108 88.86 -51.16 -43.68
CA VAL MB 108 89.78 -52.08 -44.34
C VAL MB 108 89.28 -52.41 -45.74
N GLU MB 109 87.98 -52.64 -45.90
CA GLU MB 109 87.43 -52.98 -47.21
C GLU MB 109 87.84 -51.95 -48.25
N HIS MB 110 87.68 -50.66 -47.92
CA HIS MB 110 88.08 -49.61 -48.85
C HIS MB 110 89.58 -49.66 -49.12
N TYR MB 111 90.39 -49.86 -48.08
CA TYR MB 111 91.83 -49.85 -48.24
C TYR MB 111 92.30 -50.94 -49.18
N VAL MB 112 91.76 -52.15 -49.05
CA VAL MB 112 92.21 -53.26 -49.87
C VAL MB 112 91.95 -52.99 -51.34
N LYS MB 113 90.73 -52.54 -51.65
CA LYS MB 113 90.39 -52.26 -53.04
C LYS MB 113 91.26 -51.15 -53.61
N GLN MB 114 91.52 -50.11 -52.81
CA GLN MB 114 92.42 -49.06 -53.25
C GLN MB 114 93.81 -49.62 -53.51
N ILE MB 115 94.29 -50.51 -52.63
CA ILE MB 115 95.57 -51.17 -52.87
C ILE MB 115 95.50 -52.03 -54.12
N THR MB 116 94.41 -52.78 -54.28
CA THR MB 116 94.29 -53.67 -55.42
C THR MB 116 94.34 -52.88 -56.73
N LEU MB 117 93.52 -51.84 -56.84
CA LEU MB 117 93.57 -51.00 -58.04
C LEU MB 117 94.94 -50.36 -58.20
N TRP MB 118 95.53 -49.89 -57.10
CA TRP MB 118 96.87 -49.31 -57.17
C TRP MB 118 97.87 -50.34 -57.67
N GLN MB 119 97.78 -51.57 -57.17
CA GLN MB 119 98.67 -52.62 -57.65
C GLN MB 119 98.34 -53.02 -59.08
N ASP MB 120 97.05 -53.00 -59.45
CA ASP MB 120 96.65 -53.39 -60.79
C ASP MB 120 97.21 -52.45 -61.84
N THR MB 121 97.16 -51.15 -61.58
CA THR MB 121 97.63 -50.18 -62.57
C THR MB 121 99.13 -50.38 -62.82
N PRO MB 122 99.58 -50.24 -64.05
CA PRO MB 122 101.03 -50.41 -64.32
C PRO MB 122 101.86 -49.39 -63.57
N GLN MB 123 103.06 -49.81 -63.19
CA GLN MB 123 103.94 -48.96 -62.38
C GLN MB 123 104.32 -47.67 -63.09
N ALA MB 124 104.21 -47.63 -64.42
CA ALA MB 124 104.58 -46.43 -65.15
C ALA MB 124 103.72 -45.24 -64.74
N PHE MB 125 102.42 -45.46 -64.59
CA PHE MB 125 101.48 -44.42 -64.18
C PHE MB 125 100.67 -44.86 -62.98
N ARG MB 126 101.27 -45.70 -62.12
CA ARG MB 126 100.54 -46.24 -60.98
C ARG MB 126 100.13 -45.14 -60.00
N GLY MB 127 101.03 -44.20 -59.73
CA GLY MB 127 100.76 -43.14 -58.79
C GLY MB 127 101.23 -43.46 -57.39
N ASP MB 128 101.02 -42.49 -56.50
CA ASP MB 128 101.43 -42.65 -55.12
C ASP MB 128 100.61 -43.73 -54.43
N GLN MB 129 101.28 -44.54 -53.62
CA GLN MB 129 100.60 -45.60 -52.90
C GLN MB 129 99.66 -44.99 -51.86
N PRO MB 130 98.41 -45.43 -51.78
CA PRO MB 130 97.49 -44.86 -50.79
C PRO MB 130 97.93 -45.21 -49.37
N LYS MB 131 97.59 -44.32 -48.44
CA LYS MB 131 97.94 -44.50 -47.04
C LYS MB 131 96.85 -45.26 -46.31
N PRO MB 132 97.17 -45.90 -45.19
CA PRO MB 132 96.17 -46.65 -44.44
C PRO MB 132 95.05 -45.74 -43.94
N PRO MB 133 93.88 -46.29 -43.61
CA PRO MB 133 92.79 -45.45 -43.11
C PRO MB 133 93.05 -44.90 -41.72
N SER MB 134 92.06 -44.19 -41.18
CA SER MB 134 92.17 -43.65 -39.83
C SER MB 134 91.84 -44.72 -38.81
N PHE MB 135 92.48 -44.62 -37.64
CA PHE MB 135 92.27 -45.58 -36.58
C PHE MB 135 90.86 -45.50 -36.03
N THR NB 3 101.54 -70.50 -25.80
CA THR NB 3 101.53 -69.44 -24.81
C THR NB 3 100.45 -68.39 -25.05
N PHE NB 4 100.19 -68.05 -26.32
CA PHE NB 4 99.20 -67.02 -26.60
C PHE NB 4 97.82 -67.43 -26.09
N ILE NB 5 97.43 -68.68 -26.31
CA ILE NB 5 96.14 -69.14 -25.85
C ILE NB 5 96.05 -69.06 -24.33
N GLU NB 6 97.16 -69.33 -23.66
CA GLU NB 6 97.18 -69.23 -22.19
C GLU NB 6 96.89 -67.81 -21.74
N LEU NB 7 97.43 -66.82 -22.46
CA LEU NB 7 97.16 -65.43 -22.09
C LEU NB 7 95.69 -65.11 -22.18
N VAL NB 8 95.01 -65.61 -23.21
CA VAL NB 8 93.57 -65.41 -23.33
C VAL NB 8 92.84 -66.04 -22.16
N LYS NB 9 93.23 -67.26 -21.79
CA LYS NB 9 92.60 -67.95 -20.68
C LYS NB 9 92.82 -67.21 -19.36
N ASN NB 10 93.77 -66.29 -19.31
CA ASN NB 10 94.04 -65.49 -18.12
C ASN NB 10 93.23 -64.20 -18.10
N MET NB 11 92.37 -63.97 -19.08
CA MET NB 11 91.64 -62.72 -19.17
C MET NB 11 90.42 -62.74 -18.25
N LYS NB 12 89.64 -61.67 -18.32
CA LYS NB 12 88.40 -61.53 -17.56
C LYS NB 12 87.22 -61.63 -18.51
N GLY NB 13 86.24 -62.46 -18.15
CA GLY NB 13 85.09 -62.70 -18.99
C GLY NB 13 85.28 -63.77 -20.04
N TYR NB 14 86.47 -64.35 -20.16
CA TYR NB 14 86.69 -65.40 -21.13
C TYR NB 14 85.86 -66.62 -20.79
N LYS NB 15 85.33 -67.27 -21.82
CA LYS NB 15 84.48 -68.44 -21.66
C LYS NB 15 84.85 -69.46 -22.72
N GLU NB 16 84.87 -70.73 -22.31
CA GLU NB 16 85.23 -71.80 -23.23
C GLU NB 16 84.14 -72.00 -24.28
N LEU NB 17 84.56 -72.30 -25.51
CA LEU NB 17 83.64 -72.60 -26.60
C LEU NB 17 83.99 -73.88 -27.34
N LEU NB 18 85.17 -74.44 -27.14
CA LEU NB 18 85.57 -75.67 -27.81
C LEU NB 18 85.12 -76.87 -26.99
N LEU NB 19 85.49 -78.05 -27.45
CA LEU NB 19 85.08 -79.31 -26.83
C LEU NB 19 86.29 -80.22 -26.73
N PRO NB 20 86.22 -81.24 -25.87
CA PRO NB 20 87.33 -82.18 -25.75
C PRO NB 20 87.65 -82.85 -27.08
N MET NB 21 88.93 -83.13 -27.28
CA MET NB 21 89.36 -83.74 -28.54
C MET NB 21 88.58 -85.02 -28.84
N GLU NB 22 88.23 -85.78 -27.80
CA GLU NB 22 87.48 -87.01 -28.01
C GLU NB 22 86.10 -86.72 -28.58
N MET NB 23 85.43 -85.68 -28.06
CA MET NB 23 84.09 -85.32 -28.52
C MET NB 23 84.17 -84.42 -29.75
N VAL NB 24 84.87 -84.92 -30.76
CA VAL NB 24 85.02 -84.20 -32.03
C VAL NB 24 84.80 -85.19 -33.17
N PRO NB 25 83.90 -84.90 -34.11
CA PRO NB 25 83.69 -85.83 -35.23
C PRO NB 25 84.98 -86.10 -36.00
N LEU NB 26 84.91 -87.11 -36.85
CA LEU NB 26 86.05 -87.49 -37.67
C LEU NB 26 86.26 -86.45 -38.77
N PRO NB 27 87.46 -86.39 -39.34
CA PRO NB 27 87.71 -85.43 -40.43
C PRO NB 27 86.91 -85.75 -41.68
N ALA NB 28 87.07 -84.94 -42.72
CA ALA NB 28 86.37 -85.17 -43.99
C ALA NB 28 84.86 -85.04 -43.81
N VAL NB 29 84.27 -85.97 -43.07
CA VAL NB 29 82.82 -85.95 -42.88
C VAL NB 29 82.40 -84.68 -42.15
N VAL NB 30 83.19 -84.25 -41.17
CA VAL NB 30 82.87 -83.03 -40.43
C VAL NB 30 82.83 -81.83 -41.37
N LEU NB 31 83.62 -81.87 -42.45
CA LEU NB 31 83.63 -80.76 -43.40
C LEU NB 31 82.30 -80.61 -44.12
N LYS NB 32 81.45 -81.64 -44.08
CA LYS NB 32 80.18 -81.57 -44.81
C LYS NB 32 79.29 -80.46 -44.25
N HIS NB 33 79.28 -80.29 -42.92
CA HIS NB 33 78.49 -79.21 -42.34
C HIS NB 33 78.91 -77.86 -42.89
N VAL NB 34 80.15 -77.73 -43.37
CA VAL NB 34 80.61 -76.48 -43.95
C VAL NB 34 79.75 -76.12 -45.16
N LYS NB 35 79.53 -77.09 -46.04
CA LYS NB 35 78.73 -76.84 -47.24
C LYS NB 35 77.30 -76.48 -46.88
N LEU NB 36 76.73 -77.17 -45.89
CA LEU NB 36 75.33 -76.94 -45.52
C LEU NB 36 75.12 -75.58 -44.88
N ILE NB 37 76.19 -74.88 -44.52
CA ILE NB 37 76.07 -73.58 -43.85
C ILE NB 37 76.55 -72.48 -44.80
N LEU NB 38 77.45 -72.83 -45.72
CA LEU NB 38 77.91 -71.89 -46.72
C LEU NB 38 77.00 -71.87 -47.95
N THR NB 39 76.77 -73.03 -48.55
CA THR NB 39 75.93 -73.09 -49.73
C THR NB 39 74.50 -72.64 -49.42
N SER NB 40 73.96 -73.07 -48.29
CA SER NB 40 72.62 -72.68 -47.87
C SER NB 40 72.67 -71.39 -47.05
N GLN NB 41 73.23 -70.36 -47.67
CA GLN NB 41 73.40 -69.08 -47.00
C GLN NB 41 73.47 -67.97 -48.02
N LYS NB 42 73.28 -66.74 -47.53
CA LYS NB 42 73.33 -65.54 -48.37
C LYS NB 42 73.70 -64.37 -47.46
N GLU NB 43 73.98 -63.23 -48.08
CA GLU NB 43 74.39 -62.03 -47.35
C GLU NB 43 75.68 -62.30 -46.58
N HIS NB 44 76.74 -62.57 -47.36
CA HIS NB 44 78.05 -62.88 -46.84
C HIS NB 44 78.41 -62.00 -45.65
N GLN NB 45 78.71 -62.64 -44.53
CA GLN NB 45 79.10 -61.97 -43.30
C GLN NB 45 80.56 -62.22 -42.98
N PRO NB 46 81.18 -61.35 -42.17
CA PRO NB 46 82.62 -61.50 -41.92
C PRO NB 46 83.00 -62.87 -41.36
N TRP NB 47 82.18 -63.43 -40.47
CA TRP NB 47 82.54 -64.70 -39.86
C TRP NB 47 82.51 -65.84 -40.86
N MET NB 48 81.72 -65.71 -41.93
CA MET NB 48 81.66 -66.77 -42.93
C MET NB 48 83.01 -66.97 -43.59
N THR NB 49 83.72 -65.88 -43.89
CA THR NB 49 85.04 -66.00 -44.50
C THR NB 49 86.00 -66.71 -43.55
N GLU NB 50 85.92 -66.42 -42.25
CA GLU NB 50 86.80 -67.07 -41.29
C GLU NB 50 86.63 -68.58 -41.33
N MET NB 51 85.38 -69.04 -41.36
CA MET NB 51 85.12 -70.47 -41.44
C MET NB 51 85.68 -71.05 -42.74
N ALA NB 52 85.47 -70.35 -43.86
CA ALA NB 52 85.93 -70.85 -45.15
C ALA NB 52 87.44 -70.97 -45.19
N LEU NB 53 88.15 -69.98 -44.67
CA LEU NB 53 89.61 -69.98 -44.69
C LEU NB 53 90.21 -70.96 -43.69
N LYS NB 54 89.42 -71.50 -42.77
CA LYS NB 54 89.88 -72.49 -41.82
C LYS NB 54 89.60 -73.91 -42.27
N ALA NB 55 88.38 -74.17 -42.77
CA ALA NB 55 88.02 -75.52 -43.21
C ALA NB 55 88.90 -75.97 -44.38
N ASP NB 56 89.14 -75.06 -45.33
CA ASP NB 56 89.94 -75.41 -46.50
C ASP NB 56 91.36 -75.82 -46.12
N GLN NB 57 91.85 -75.40 -44.96
CA GLN NB 57 93.20 -75.75 -44.54
C GLN NB 57 93.33 -77.26 -44.34
N CYS NB 58 92.29 -77.90 -43.80
CA CYS NB 58 92.36 -79.34 -43.58
C CYS NB 58 92.61 -80.09 -44.88
N LEU NB 59 91.95 -79.66 -45.96
CA LEU NB 59 92.18 -80.28 -47.26
C LEU NB 59 93.63 -80.12 -47.69
N ILE NB 60 94.19 -78.92 -47.46
CA ILE NB 60 95.59 -78.68 -47.83
C ILE NB 60 96.50 -79.63 -47.06
N HIS NB 61 96.31 -79.73 -45.75
CA HIS NB 61 97.08 -80.69 -44.97
C HIS NB 61 96.75 -82.12 -45.38
N LYS NB 62 95.46 -82.40 -45.63
CA LYS NB 62 95.06 -83.73 -46.07
C LYS NB 62 95.66 -84.06 -47.43
N ALA NB 63 95.73 -83.06 -48.32
CA ALA NB 63 96.28 -83.29 -49.65
C ALA NB 63 97.72 -83.76 -49.61
N THR NB 64 98.46 -83.42 -48.56
CA THR NB 64 99.85 -83.85 -48.46
C THR NB 64 99.98 -85.35 -48.24
N LEU NB 65 98.90 -86.02 -47.82
CA LEU NB 65 98.96 -87.46 -47.61
C LEU NB 65 99.35 -88.20 -48.90
N ASP NB 66 98.97 -87.66 -50.05
CA ASP NB 66 99.37 -88.28 -51.31
C ASP NB 66 100.89 -88.28 -51.45
N PRO NB 78 108.62 -87.46 -37.77
CA PRO NB 78 107.96 -86.37 -37.02
C PRO NB 78 107.20 -85.41 -37.91
N LEU NB 79 107.73 -85.13 -39.11
CA LEU NB 79 107.04 -84.23 -40.02
C LEU NB 79 105.69 -84.79 -40.44
N ILE NB 80 105.65 -86.08 -40.77
CA ILE NB 80 104.40 -86.71 -41.16
C ILE NB 80 103.45 -86.82 -39.97
N GLU NB 81 103.98 -87.23 -38.81
CA GLU NB 81 103.15 -87.37 -37.62
C GLU NB 81 102.60 -86.03 -37.18
N ALA NB 82 103.44 -84.98 -37.22
CA ALA NB 82 103.02 -83.68 -36.70
C ALA NB 82 101.81 -83.14 -37.45
N MET NB 83 101.80 -83.28 -38.78
CA MET NB 83 100.70 -82.73 -39.56
C MET NB 83 99.37 -83.39 -39.16
N GLN NB 84 99.38 -84.71 -38.94
CA GLN NB 84 98.15 -85.40 -38.57
C GLN NB 84 97.59 -84.86 -37.26
N GLN NB 85 98.48 -84.56 -36.30
CA GLN NB 85 98.03 -84.04 -35.01
C GLN NB 85 97.34 -82.69 -35.19
N ILE NB 86 97.87 -81.84 -36.07
CA ILE NB 86 97.33 -80.50 -36.24
C ILE NB 86 95.90 -80.55 -36.75
N ILE NB 87 95.58 -81.53 -37.59
CA ILE NB 87 94.24 -81.61 -38.16
C ILE NB 87 93.20 -81.71 -37.06
N LEU NB 88 93.50 -82.48 -36.01
CA LEU NB 88 92.56 -82.61 -34.91
C LEU NB 88 92.30 -81.26 -34.24
N ALA NB 89 93.35 -80.47 -34.04
CA ALA NB 89 93.20 -79.18 -33.40
C ALA NB 89 92.32 -78.25 -34.23
N MET NB 90 92.57 -78.20 -35.54
CA MET NB 90 91.75 -77.36 -36.41
C MET NB 90 90.31 -77.86 -36.45
N THR NB 91 90.13 -79.18 -36.47
CA THR NB 91 88.78 -79.73 -36.50
C THR NB 91 87.99 -79.31 -35.27
N ARG NB 92 88.64 -79.27 -34.11
CA ARG NB 92 87.98 -78.84 -32.89
C ARG NB 92 87.47 -77.41 -33.03
N GLU NB 93 88.28 -76.52 -33.62
CA GLU NB 93 87.86 -75.14 -33.79
C GLU NB 93 86.66 -75.05 -34.73
N LEU NB 94 86.65 -75.86 -35.78
CA LEU NB 94 85.55 -75.81 -36.74
C LEU NB 94 84.21 -76.10 -36.06
N TRP NB 95 84.18 -77.11 -35.19
CA TRP NB 95 82.92 -77.48 -34.56
C TRP NB 95 82.37 -76.35 -33.69
N GLY NB 96 83.26 -75.68 -32.96
CA GLY NB 96 82.80 -74.58 -32.11
C GLY NB 96 82.12 -73.48 -32.90
N GLN NB 97 82.68 -73.14 -34.07
CA GLN NB 97 82.05 -72.14 -34.91
C GLN NB 97 80.68 -72.59 -35.38
N ILE NB 98 80.54 -73.88 -35.73
CA ILE NB 98 79.27 -74.39 -36.20
C ILE NB 98 78.21 -74.27 -35.11
N GLN NB 99 78.56 -74.67 -33.89
CA GLN NB 99 77.64 -74.52 -32.77
C GLN NB 99 77.40 -73.05 -32.46
N ARG NB 100 78.41 -72.20 -32.65
CA ARG NB 100 78.23 -70.76 -32.46
C ARG NB 100 77.19 -70.20 -33.42
N HIS NB 101 76.89 -70.91 -34.51
CA HIS NB 101 75.90 -70.48 -35.48
C HIS NB 101 74.57 -71.22 -35.32
N HIS NB 102 74.60 -72.53 -35.15
CA HIS NB 102 73.38 -73.32 -35.03
C HIS NB 102 72.65 -73.01 -33.73
N TYR NB 103 73.28 -73.28 -32.60
CA TYR NB 103 72.66 -73.08 -31.29
C TYR NB 103 73.06 -71.74 -30.68
N GLY NB 104 72.88 -70.67 -31.45
CA GLY NB 104 73.20 -69.37 -30.94
C GLY NB 104 74.68 -69.25 -30.63
N ILE NB 105 75.01 -68.20 -29.88
CA ILE NB 105 76.39 -67.96 -29.44
C ILE NB 105 76.42 -67.86 -27.93
N VAL NB 106 75.30 -67.49 -27.33
CA VAL NB 106 75.23 -67.38 -25.87
C VAL NB 106 74.91 -68.73 -25.24
N GLN NB 107 73.92 -69.43 -25.80
CA GLN NB 107 73.54 -70.73 -25.26
C GLN NB 107 74.65 -71.76 -25.42
N VAL NB 108 75.58 -71.53 -26.35
CA VAL NB 108 76.67 -72.50 -26.55
C VAL NB 108 77.52 -72.60 -25.30
N GLU NB 109 77.84 -71.46 -24.68
CA GLU NB 109 78.68 -71.48 -23.50
C GLU NB 109 78.06 -72.31 -22.38
N HIS NB 110 76.75 -72.18 -22.20
CA HIS NB 110 76.06 -72.95 -21.16
C HIS NB 110 76.19 -74.44 -21.43
N TYR NB 111 76.04 -74.86 -22.67
CA TYR NB 111 76.13 -76.30 -22.99
C TYR NB 111 77.53 -76.82 -22.69
N VAL NB 112 78.56 -76.13 -23.17
CA VAL NB 112 79.92 -76.59 -22.93
C VAL NB 112 80.25 -76.55 -21.46
N LYS NB 113 79.71 -75.57 -20.73
CA LYS NB 113 79.92 -75.52 -19.28
C LYS NB 113 79.44 -76.81 -18.63
N GLN NB 114 78.26 -77.30 -19.02
CA GLN NB 114 77.75 -78.54 -18.46
C GLN NB 114 78.55 -79.74 -18.95
N ILE NB 115 79.02 -79.69 -20.20
CA ILE NB 115 79.81 -80.81 -20.73
C ILE NB 115 81.05 -81.03 -19.89
N THR NB 116 81.74 -79.95 -19.51
CA THR NB 116 82.95 -80.09 -18.73
C THR NB 116 82.66 -80.75 -17.38
N LEU NB 117 81.58 -80.32 -16.71
CA LEU NB 117 81.22 -80.93 -15.44
C LEU NB 117 80.81 -82.38 -15.61
N TRP NB 118 80.02 -82.67 -16.66
CA TRP NB 118 79.49 -84.02 -16.86
C TRP NB 118 80.59 -85.02 -17.18
N GLN NB 119 81.74 -84.58 -17.68
CA GLN NB 119 82.84 -85.48 -18.03
C GLN NB 119 83.93 -85.50 -16.98
N ASP NB 120 84.23 -84.36 -16.36
CA ASP NB 120 85.32 -84.32 -15.38
C ASP NB 120 85.00 -85.18 -14.17
N THR NB 121 83.75 -85.19 -13.72
CA THR NB 121 83.38 -86.00 -12.58
C THR NB 121 83.52 -87.49 -12.95
N PRO NB 122 83.77 -88.35 -11.96
CA PRO NB 122 83.93 -89.77 -12.26
C PRO NB 122 82.67 -90.36 -12.86
N GLN NB 123 82.85 -91.39 -13.70
CA GLN NB 123 81.72 -91.98 -14.41
C GLN NB 123 80.66 -92.52 -13.47
N ALA NB 124 81.01 -92.80 -12.21
CA ALA NB 124 80.04 -93.32 -11.25
C ALA NB 124 79.07 -92.25 -10.76
N PHE NB 125 79.31 -90.98 -11.08
CA PHE NB 125 78.47 -89.89 -10.59
C PHE NB 125 77.87 -89.04 -11.70
N ARG NB 126 78.28 -89.24 -12.96
CA ARG NB 126 77.83 -88.37 -14.05
C ARG NB 126 76.31 -88.41 -14.16
N GLY NB 127 75.75 -89.57 -14.49
CA GLY NB 127 74.33 -89.70 -14.68
C GLY NB 127 73.95 -89.83 -16.15
N ASP NB 128 73.37 -88.77 -16.71
CA ASP NB 128 72.94 -88.77 -18.11
C ASP NB 128 73.54 -87.56 -18.81
N GLN NB 129 73.92 -87.74 -20.07
CA GLN NB 129 74.49 -86.66 -20.84
C GLN NB 129 73.46 -85.54 -21.00
N PRO NB 130 73.86 -84.28 -20.80
CA PRO NB 130 72.92 -83.16 -21.00
C PRO NB 130 72.76 -82.86 -22.49
N LYS NB 131 71.53 -82.99 -22.99
CA LYS NB 131 71.29 -82.77 -24.40
C LYS NB 131 71.56 -81.31 -24.77
N PRO NB 132 72.24 -81.05 -25.88
CA PRO NB 132 72.49 -79.66 -26.27
C PRO NB 132 71.19 -78.97 -26.64
N PRO NB 133 71.12 -77.65 -26.48
CA PRO NB 133 69.89 -76.94 -26.85
C PRO NB 133 69.64 -77.02 -28.35
N SER NB 134 68.36 -76.99 -28.72
CA SER NB 134 67.97 -77.10 -30.10
C SER NB 134 68.26 -75.78 -30.83
N PHE NB 135 67.85 -75.73 -32.11
CA PHE NB 135 68.09 -74.55 -32.95
C PHE NB 135 67.13 -73.45 -32.53
N THR OB 3 91.21 -80.21 16.12
CA THR OB 3 90.36 -79.87 17.26
C THR OB 3 89.49 -78.66 16.97
N PHE OB 4 89.89 -77.80 16.04
CA PHE OB 4 89.06 -76.66 15.68
C PHE OB 4 87.71 -77.11 15.11
N ILE OB 5 87.72 -78.16 14.29
CA ILE OB 5 86.47 -78.67 13.75
C ILE OB 5 85.53 -79.09 14.87
N GLU OB 6 86.10 -79.69 15.92
CA GLU OB 6 85.29 -80.03 17.10
C GLU OB 6 84.70 -78.77 17.72
N LEU OB 7 85.49 -77.69 17.79
CA LEU OB 7 84.98 -76.45 18.36
C LEU OB 7 83.83 -75.90 17.54
N VAL OB 8 83.76 -76.25 16.26
CA VAL OB 8 82.67 -75.82 15.40
C VAL OB 8 81.64 -76.93 15.17
N LYS OB 9 82.01 -78.19 15.38
CA LYS OB 9 81.07 -79.28 15.18
C LYS OB 9 79.82 -79.11 16.03
N ASN OB 10 79.94 -78.43 17.18
CA ASN OB 10 78.80 -78.17 18.04
C ASN OB 10 78.00 -76.95 17.60
N MET OB 11 78.53 -76.12 16.69
CA MET OB 11 77.81 -74.96 16.24
C MET OB 11 76.55 -75.35 15.47
N LYS OB 12 75.52 -74.52 15.58
CA LYS OB 12 74.25 -74.81 14.92
C LYS OB 12 74.41 -74.86 13.40
N GLY OB 13 75.16 -73.91 12.84
CA GLY OB 13 75.29 -73.82 11.40
C GLY OB 13 76.43 -74.62 10.82
N TYR OB 14 77.09 -75.43 11.65
CA TYR OB 14 78.19 -76.25 11.18
C TYR OB 14 77.70 -77.26 10.16
N LYS OB 15 78.51 -77.49 9.12
CA LYS OB 15 78.17 -78.40 8.05
C LYS OB 15 79.40 -79.21 7.66
N GLU OB 16 79.14 -80.41 7.12
CA GLU OB 16 80.21 -81.28 6.63
C GLU OB 16 80.50 -80.91 5.17
N LEU OB 17 81.24 -79.81 5.01
CA LEU OB 17 81.60 -79.34 3.68
C LEU OB 17 82.55 -80.30 2.96
N LEU OB 18 83.22 -81.18 3.70
CA LEU OB 18 84.17 -82.13 3.11
C LEU OB 18 83.38 -83.22 2.40
N LEU OB 19 83.28 -83.12 1.08
CA LEU OB 19 82.53 -84.09 0.31
C LEU OB 19 83.29 -85.40 0.21
N PRO OB 20 82.61 -86.48 -0.16
CA PRO OB 20 83.28 -87.79 -0.25
C PRO OB 20 84.48 -87.74 -1.20
N MET OB 21 85.53 -88.48 -0.82
CA MET OB 21 86.74 -88.51 -1.65
C MET OB 21 86.45 -89.04 -3.04
N GLU OB 22 85.64 -90.10 -3.13
CA GLU OB 22 85.30 -90.65 -4.44
C GLU OB 22 84.54 -89.65 -5.29
N MET OB 23 83.77 -88.75 -4.65
CA MET OB 23 82.96 -87.81 -5.40
C MET OB 23 83.82 -86.85 -6.22
N VAL OB 24 84.91 -86.35 -5.63
CA VAL OB 24 85.73 -85.33 -6.29
C VAL OB 24 86.66 -85.99 -7.30
N PRO OB 25 87.08 -85.28 -8.35
CA PRO OB 25 88.03 -85.85 -9.31
C PRO OB 25 89.47 -85.72 -8.85
N LEU OB 26 90.42 -86.07 -9.72
CA LEU OB 26 91.82 -85.97 -9.38
C LEU OB 26 92.24 -84.51 -9.23
N PRO OB 27 93.33 -84.25 -8.52
CA PRO OB 27 93.71 -82.84 -8.26
C PRO OB 27 93.93 -82.04 -9.53
N ALA OB 28 94.48 -82.66 -10.58
CA ALA OB 28 94.81 -81.90 -11.79
C ALA OB 28 93.56 -81.33 -12.44
N VAL OB 29 92.48 -82.11 -12.48
CA VAL OB 29 91.27 -81.65 -13.15
C VAL OB 29 90.65 -80.49 -12.39
N VAL OB 30 90.70 -80.53 -11.05
CA VAL OB 30 90.08 -79.48 -10.25
C VAL OB 30 90.71 -78.14 -10.57
N LEU OB 31 92.04 -78.10 -10.69
CA LEU OB 31 92.72 -76.85 -10.99
C LEU OB 31 92.19 -76.21 -12.26
N LYS OB 32 91.73 -77.02 -13.21
CA LYS OB 32 91.18 -76.48 -14.45
C LYS OB 32 89.95 -75.63 -14.17
N HIS OB 33 89.06 -76.11 -13.30
CA HIS OB 33 87.84 -75.36 -13.02
C HIS OB 33 88.12 -74.09 -12.23
N VAL OB 34 89.20 -74.07 -11.46
CA VAL OB 34 89.53 -72.86 -10.70
C VAL OB 34 89.81 -71.70 -11.64
N LYS OB 35 90.58 -71.95 -12.71
CA LYS OB 35 90.82 -70.91 -13.69
C LYS OB 35 89.52 -70.51 -14.38
N LEU OB 36 88.68 -71.49 -14.73
CA LEU OB 36 87.44 -71.19 -15.44
C LEU OB 36 86.47 -70.41 -14.56
N ILE OB 37 86.33 -70.81 -13.30
CA ILE OB 37 85.38 -70.13 -12.42
C ILE OB 37 85.88 -68.73 -12.07
N LEU OB 38 87.18 -68.62 -11.75
CA LEU OB 38 87.74 -67.30 -11.47
C LEU OB 38 87.67 -66.39 -12.68
N THR OB 39 88.00 -66.92 -13.86
CA THR OB 39 87.95 -66.12 -15.08
C THR OB 39 86.53 -65.68 -15.38
N SER OB 40 85.55 -66.59 -15.26
CA SER OB 40 84.17 -66.24 -15.57
C SER OB 40 83.65 -65.18 -14.61
N GLN OB 41 83.94 -65.33 -13.32
CA GLN OB 41 83.44 -64.39 -12.33
C GLN OB 41 84.09 -63.02 -12.52
N LYS OB 42 83.30 -61.97 -12.30
CA LYS OB 42 83.76 -60.60 -12.52
C LYS OB 42 83.81 -59.79 -11.24
N GLU OB 43 82.73 -59.77 -10.45
CA GLU OB 43 82.72 -58.97 -9.24
C GLU OB 43 83.77 -59.48 -8.26
N HIS OB 44 84.47 -58.55 -7.62
CA HIS OB 44 85.54 -58.89 -6.69
C HIS OB 44 84.99 -59.05 -5.29
N GLN OB 45 85.17 -60.22 -4.71
CA GLN OB 45 84.81 -60.52 -3.34
C GLN OB 45 85.97 -61.23 -2.67
N PRO OB 46 86.04 -61.22 -1.34
CA PRO OB 46 87.18 -61.85 -0.66
C PRO OB 46 87.31 -63.34 -0.93
N TRP OB 47 86.22 -64.04 -1.24
CA TRP OB 47 86.30 -65.48 -1.41
C TRP OB 47 87.19 -65.86 -2.58
N MET OB 48 87.06 -65.17 -3.72
CA MET OB 48 87.91 -65.48 -4.86
C MET OB 48 89.36 -65.18 -4.55
N THR OB 49 89.63 -64.08 -3.84
CA THR OB 49 90.99 -63.78 -3.45
C THR OB 49 91.58 -64.87 -2.57
N GLU OB 50 90.80 -65.35 -1.60
CA GLU OB 50 91.25 -66.46 -0.75
C GLU OB 50 91.16 -67.79 -1.47
N MET OB 51 90.22 -67.93 -2.42
CA MET OB 51 90.09 -69.18 -3.15
C MET OB 51 91.35 -69.49 -3.95
N ALA OB 52 91.92 -68.47 -4.60
CA ALA OB 52 93.15 -68.68 -5.36
C ALA OB 52 94.30 -69.11 -4.45
N LEU OB 53 94.42 -68.48 -3.30
CA LEU OB 53 95.50 -68.81 -2.39
C LEU OB 53 95.43 -70.26 -1.93
N LYS OB 54 94.21 -70.72 -1.60
CA LYS OB 54 94.05 -72.10 -1.14
C LYS OB 54 94.47 -73.09 -2.22
N ALA OB 55 94.12 -72.81 -3.48
CA ALA OB 55 94.48 -73.71 -4.57
C ALA OB 55 95.96 -73.60 -4.90
N ASP OB 56 96.58 -72.45 -4.64
CA ASP OB 56 97.98 -72.27 -5.00
C ASP OB 56 98.88 -73.26 -4.26
N GLN OB 57 98.58 -73.54 -3.00
CA GLN OB 57 99.43 -74.42 -2.21
C GLN OB 57 99.58 -75.78 -2.88
N CYS OB 58 98.51 -76.28 -3.51
CA CYS OB 58 98.58 -77.58 -4.17
C CYS OB 58 99.64 -77.60 -5.26
N LEU OB 59 99.83 -76.47 -5.96
CA LEU OB 59 100.82 -76.43 -7.02
C LEU OB 59 102.23 -76.65 -6.48
N ILE OB 60 102.54 -76.05 -5.33
CA ILE OB 60 103.88 -76.20 -4.76
C ILE OB 60 104.14 -77.66 -4.42
N HIS OB 61 103.15 -78.33 -3.85
CA HIS OB 61 103.34 -79.75 -3.50
C HIS OB 61 103.57 -80.59 -4.74
N LYS OB 62 102.97 -80.23 -5.87
CA LYS OB 62 103.20 -80.97 -7.11
C LYS OB 62 104.68 -80.97 -7.46
N ALA OB 63 105.32 -79.80 -7.45
CA ALA OB 63 106.74 -79.72 -7.76
C ALA OB 63 107.61 -80.19 -6.59
N THR OB 64 107.16 -79.98 -5.36
CA THR OB 64 107.95 -80.40 -4.21
C THR OB 64 108.19 -81.91 -4.25
N LEU OB 65 107.13 -82.68 -4.47
CA LEU OB 65 107.28 -84.14 -4.57
C LEU OB 65 107.90 -84.53 -5.90
N PRO OB 78 106.81 -92.03 5.86
CA PRO OB 78 105.64 -91.38 6.46
C PRO OB 78 105.48 -89.93 6.03
N LEU OB 79 106.58 -89.21 5.82
CA LEU OB 79 106.49 -87.80 5.42
C LEU OB 79 105.89 -87.68 4.03
N ILE OB 80 106.43 -88.43 3.07
CA ILE OB 80 105.94 -88.33 1.69
C ILE OB 80 104.49 -88.79 1.60
N GLU OB 81 104.18 -89.91 2.26
CA GLU OB 81 102.82 -90.46 2.19
C GLU OB 81 101.80 -89.47 2.73
N ALA OB 82 102.13 -88.79 3.83
CA ALA OB 82 101.20 -87.84 4.42
C ALA OB 82 100.89 -86.70 3.43
N MET OB 83 101.92 -86.22 2.72
CA MET OB 83 101.70 -85.14 1.77
C MET OB 83 100.70 -85.54 0.69
N GLN OB 84 100.77 -86.79 0.23
CA GLN OB 84 99.83 -87.26 -0.78
C GLN OB 84 98.40 -87.15 -0.29
N GLN OB 85 98.16 -87.53 0.97
CA GLN OB 85 96.82 -87.40 1.54
C GLN OB 85 96.47 -85.94 1.76
N ILE OB 86 97.46 -85.10 2.10
CA ILE OB 86 97.19 -83.68 2.32
C ILE OB 86 96.67 -83.02 1.06
N ILE OB 87 97.28 -83.34 -0.08
CA ILE OB 87 96.84 -82.76 -1.35
C ILE OB 87 95.37 -83.10 -1.60
N LEU OB 88 95.00 -84.36 -1.38
CA LEU OB 88 93.61 -84.75 -1.58
C LEU OB 88 92.68 -84.04 -0.59
N ALA OB 89 93.20 -83.70 0.59
CA ALA OB 89 92.37 -83.00 1.58
C ALA OB 89 91.94 -81.63 1.04
N MET OB 90 92.86 -80.91 0.40
CA MET OB 90 92.52 -79.60 -0.13
C MET OB 90 91.60 -79.70 -1.33
N THR OB 91 91.72 -80.77 -2.12
CA THR OB 91 90.86 -80.93 -3.29
C THR OB 91 89.40 -81.00 -2.90
N ARG OB 92 89.09 -81.75 -1.83
CA ARG OB 92 87.71 -81.83 -1.37
C ARG OB 92 87.21 -80.45 -0.95
N GLU OB 93 88.04 -79.69 -0.25
CA GLU OB 93 87.64 -78.35 0.18
C GLU OB 93 87.42 -77.45 -1.04
N LEU OB 94 88.30 -77.52 -2.03
CA LEU OB 94 88.17 -76.67 -3.20
C LEU OB 94 86.91 -76.99 -3.99
N TRP OB 95 86.61 -78.29 -4.18
CA TRP OB 95 85.45 -78.66 -4.97
C TRP OB 95 84.16 -78.17 -4.32
N GLY OB 96 84.15 -78.02 -3.00
CA GLY OB 96 82.96 -77.52 -2.34
C GLY OB 96 82.61 -76.11 -2.76
N GLN OB 97 83.61 -75.23 -2.78
CA GLN OB 97 83.38 -73.86 -3.22
C GLN OB 97 82.97 -73.82 -4.68
N ILE OB 98 83.55 -74.70 -5.50
CA ILE OB 98 83.19 -74.74 -6.91
C ILE OB 98 81.70 -75.06 -7.07
N GLN OB 99 81.24 -76.11 -6.40
CA GLN OB 99 79.84 -76.51 -6.55
C GLN OB 99 78.91 -75.50 -5.89
N ARG OB 100 79.28 -75.00 -4.72
CA ARG OB 100 78.42 -74.02 -4.04
C ARG OB 100 78.28 -72.74 -4.86
N HIS OB 101 79.38 -72.29 -5.46
CA HIS OB 101 79.32 -71.06 -6.26
C HIS OB 101 78.48 -71.28 -7.51
N HIS OB 102 78.66 -72.40 -8.20
CA HIS OB 102 77.92 -72.65 -9.43
C HIS OB 102 76.43 -72.80 -9.15
N TYR OB 103 76.07 -73.69 -8.21
CA TYR OB 103 74.68 -73.97 -7.90
C TYR OB 103 74.20 -73.14 -6.69
N GLY OB 104 74.83 -73.33 -5.55
CA GLY OB 104 74.43 -72.67 -4.33
C GLY OB 104 74.84 -73.45 -3.12
N ILE OB 105 74.91 -72.74 -1.98
CA ILE OB 105 75.35 -73.37 -0.75
C ILE OB 105 74.36 -74.43 -0.30
N VAL OB 106 73.06 -74.12 -0.35
CA VAL OB 106 72.05 -75.06 0.14
C VAL OB 106 71.98 -76.28 -0.76
N GLN OB 107 72.07 -76.07 -2.08
CA GLN OB 107 71.88 -77.19 -3.01
C GLN OB 107 72.94 -78.26 -2.80
N VAL OB 108 74.20 -77.85 -2.62
CA VAL OB 108 75.27 -78.82 -2.39
C VAL OB 108 75.01 -79.60 -1.10
N GLU OB 109 74.68 -78.89 -0.03
CA GLU OB 109 74.34 -79.55 1.22
C GLU OB 109 73.13 -80.44 1.06
N HIS OB 110 72.18 -80.04 0.20
CA HIS OB 110 70.97 -80.81 -0.02
C HIS OB 110 71.23 -82.02 -0.91
N TYR OB 111 72.11 -81.88 -1.90
CA TYR OB 111 72.32 -82.93 -2.90
C TYR OB 111 73.40 -83.93 -2.50
N VAL OB 112 74.37 -83.52 -1.69
CA VAL OB 112 75.49 -84.42 -1.36
C VAL OB 112 74.97 -85.66 -0.65
N LYS OB 113 74.05 -85.50 0.29
CA LYS OB 113 73.56 -86.63 1.06
C LYS OB 113 72.82 -87.63 0.17
N GLN OB 114 72.08 -87.13 -0.82
CA GLN OB 114 71.25 -88.01 -1.64
C GLN OB 114 72.11 -89.06 -2.33
N ILE OB 115 73.22 -88.65 -2.94
CA ILE OB 115 74.05 -89.60 -3.68
C ILE OB 115 74.70 -90.59 -2.72
N THR OB 116 75.06 -90.14 -1.52
CA THR OB 116 75.66 -91.05 -0.54
C THR OB 116 74.69 -92.16 -0.18
N LEU OB 117 73.42 -91.82 0.00
CA LEU OB 117 72.41 -92.84 0.31
C LEU OB 117 72.29 -93.85 -0.83
N TRP OB 118 72.29 -93.37 -2.08
CA TRP OB 118 72.15 -94.27 -3.21
C TRP OB 118 73.27 -95.29 -3.25
N GLN OB 119 74.43 -94.96 -2.67
CA GLN OB 119 75.55 -95.90 -2.64
C GLN OB 119 75.42 -96.86 -1.47
N ASP OB 120 75.19 -96.33 -0.26
CA ASP OB 120 75.08 -97.15 0.95
C ASP OB 120 73.71 -97.80 0.96
N THR OB 121 73.55 -98.82 0.11
CA THR OB 121 72.30 -99.55 -0.01
C THR OB 121 72.62 -100.91 -0.64
N PRO OB 122 71.83 -101.95 -0.34
CA PRO OB 122 72.18 -103.29 -0.86
C PRO OB 122 72.01 -103.40 -2.37
N GLN OB 123 72.93 -102.79 -3.11
CA GLN OB 123 73.03 -102.90 -4.57
C GLN OB 123 71.67 -102.96 -5.26
N ALA OB 124 70.93 -104.06 -5.07
CA ALA OB 124 69.72 -104.28 -5.85
C ALA OB 124 68.74 -103.12 -5.72
N PHE OB 125 68.40 -102.76 -4.49
CA PHE OB 125 67.49 -101.64 -4.24
C PHE OB 125 68.27 -100.34 -4.02
N ARG OB 126 69.21 -100.04 -4.93
CA ARG OB 126 70.01 -98.83 -4.77
C ARG OB 126 69.17 -97.58 -4.96
N GLY OB 127 68.24 -97.60 -5.91
CA GLY OB 127 67.39 -96.46 -6.17
C GLY OB 127 67.12 -96.29 -7.65
N ASP OB 128 67.27 -95.06 -8.14
CA ASP OB 128 67.02 -94.76 -9.55
C ASP OB 128 68.09 -93.83 -10.11
N GLN OB 129 69.33 -93.94 -9.61
CA GLN OB 129 70.43 -93.11 -10.11
C GLN OB 129 70.04 -91.65 -9.96
N PRO OB 130 70.02 -91.11 -8.75
CA PRO OB 130 69.50 -89.74 -8.55
C PRO OB 130 70.21 -88.74 -9.45
N LYS OB 131 69.42 -87.86 -10.06
CA LYS OB 131 69.96 -86.89 -11.00
C LYS OB 131 70.75 -85.82 -10.26
N PRO OB 132 71.81 -85.30 -10.87
CA PRO OB 132 72.54 -84.18 -10.26
C PRO OB 132 71.71 -82.91 -10.30
N PRO OB 133 72.02 -81.93 -9.45
CA PRO OB 133 71.18 -80.73 -9.38
C PRO OB 133 71.15 -79.99 -10.72
N THR PB 3 -42.20 -106.94 -55.84
CA THR PB 3 -42.64 -105.75 -56.55
C THR PB 3 -42.30 -104.47 -55.79
N PHE PB 4 -42.47 -104.48 -54.47
CA PHE PB 4 -42.23 -103.27 -53.69
C PHE PB 4 -40.78 -102.83 -53.77
N ILE PB 5 -39.84 -103.77 -53.68
CA ILE PB 5 -38.43 -103.41 -53.70
C ILE PB 5 -38.07 -102.72 -55.02
N GLU PB 6 -38.68 -103.18 -56.11
CA GLU PB 6 -38.48 -102.52 -57.40
C GLU PB 6 -38.90 -101.06 -57.33
N LEU PB 7 -40.03 -100.79 -56.66
CA LEU PB 7 -40.50 -99.41 -56.54
C LEU PB 7 -39.52 -98.57 -55.74
N VAL PB 8 -38.97 -99.12 -54.66
CA VAL PB 8 -38.05 -98.35 -53.83
C VAL PB 8 -36.76 -98.07 -54.57
N LYS PB 9 -36.26 -99.03 -55.34
CA LYS PB 9 -35.05 -98.82 -56.11
C LYS PB 9 -35.19 -97.63 -57.04
N ASN PB 10 -36.42 -97.32 -57.46
CA ASN PB 10 -36.69 -96.15 -58.29
C ASN PB 10 -36.86 -94.91 -57.40
N MET PB 11 -35.80 -94.62 -56.63
CA MET PB 11 -35.80 -93.50 -55.71
C MET PB 11 -34.42 -92.87 -55.68
N LYS PB 12 -34.37 -91.63 -55.21
CA LYS PB 12 -33.15 -90.83 -55.22
C LYS PB 12 -32.42 -90.97 -53.90
N GLY PB 13 -31.09 -91.09 -53.99
CA GLY PB 13 -30.28 -91.34 -52.82
C GLY PB 13 -30.22 -92.79 -52.39
N TYR PB 14 -30.65 -93.72 -53.24
CA TYR PB 14 -30.68 -95.13 -52.90
C TYR PB 14 -29.29 -95.72 -53.03
N LYS PB 15 -28.72 -96.15 -51.90
CA LYS PB 15 -27.42 -96.79 -51.87
C LYS PB 15 -27.62 -98.25 -51.50
N GLU PB 16 -27.19 -99.15 -52.37
CA GLU PB 16 -27.37 -100.58 -52.11
C GLU PB 16 -26.48 -101.03 -50.96
N LEU PB 17 -26.98 -102.01 -50.20
CA LEU PB 17 -26.28 -102.48 -49.02
C LEU PB 17 -26.31 -104.01 -48.90
N LEU PB 18 -26.74 -104.74 -49.94
CA LEU PB 18 -26.86 -106.18 -49.89
C LEU PB 18 -25.88 -106.80 -50.88
N LEU PB 19 -25.12 -107.78 -50.42
CA LEU PB 19 -24.17 -108.47 -51.26
C LEU PB 19 -24.85 -109.56 -52.07
N PRO PB 20 -24.19 -110.06 -53.11
CA PRO PB 20 -24.77 -111.17 -53.88
C PRO PB 20 -24.98 -112.40 -53.01
N MET PB 21 -26.02 -113.17 -53.36
CA MET PB 21 -26.34 -114.37 -52.59
C MET PB 21 -25.17 -115.34 -52.57
N GLU PB 22 -24.30 -115.30 -53.58
CA GLU PB 22 -23.19 -116.23 -53.68
C GLU PB 22 -22.03 -115.87 -52.76
N MET PB 23 -22.05 -114.69 -52.14
CA MET PB 23 -20.95 -114.24 -51.29
C MET PB 23 -21.30 -114.22 -49.81
N VAL PB 24 -22.58 -114.13 -49.46
CA VAL PB 24 -22.97 -114.06 -48.05
C VAL PB 24 -22.64 -115.39 -47.38
N PRO PB 25 -22.34 -115.40 -46.09
CA PRO PB 25 -22.02 -116.66 -45.42
C PRO PB 25 -23.21 -117.60 -45.39
N LEU PB 26 -22.96 -118.83 -44.95
CA LEU PB 26 -24.03 -119.77 -44.73
C LEU PB 26 -24.91 -119.31 -43.57
N PRO PB 27 -26.18 -119.69 -43.56
CA PRO PB 27 -27.07 -119.20 -42.49
C PRO PB 27 -26.57 -119.54 -41.10
N ALA PB 28 -25.95 -120.71 -40.93
CA ALA PB 28 -25.44 -121.08 -39.62
C ALA PB 28 -24.37 -120.10 -39.14
N VAL PB 29 -23.49 -119.69 -40.05
CA VAL PB 29 -22.40 -118.79 -39.66
C VAL PB 29 -22.94 -117.43 -39.24
N VAL PB 30 -23.99 -116.95 -39.91
CA VAL PB 30 -24.50 -115.61 -39.62
C VAL PB 30 -24.98 -115.53 -38.19
N LEU PB 31 -25.70 -116.55 -37.73
CA LEU PB 31 -26.24 -116.54 -36.37
C LEU PB 31 -25.13 -116.36 -35.34
N LYS PB 32 -23.93 -116.83 -35.64
CA LYS PB 32 -22.82 -116.72 -34.68
C LYS PB 32 -22.50 -115.26 -34.40
N HIS PB 33 -22.47 -114.42 -35.44
CA HIS PB 33 -22.20 -113.00 -35.22
C HIS PB 33 -23.34 -112.31 -34.50
N VAL PB 34 -24.57 -112.82 -34.66
CA VAL PB 34 -25.71 -112.20 -34.01
C VAL PB 34 -25.54 -112.24 -32.50
N LYS PB 35 -25.14 -113.40 -31.97
CA LYS PB 35 -24.98 -113.54 -30.53
C LYS PB 35 -23.91 -112.59 -30.01
N LEU PB 36 -22.79 -112.49 -30.71
CA LEU PB 36 -21.72 -111.61 -30.28
C LEU PB 36 -22.16 -110.14 -30.34
N ILE PB 37 -22.74 -109.74 -31.47
CA ILE PB 37 -23.12 -108.34 -31.65
C ILE PB 37 -24.22 -107.97 -30.66
N LEU PB 38 -25.23 -108.84 -30.52
CA LEU PB 38 -26.30 -108.58 -29.56
C LEU PB 38 -25.75 -108.55 -28.14
N THR PB 39 -25.04 -109.61 -27.75
CA THR PB 39 -24.61 -109.74 -26.37
C THR PB 39 -23.50 -108.75 -26.04
N SER PB 40 -22.51 -108.62 -26.93
CA SER PB 40 -21.39 -107.72 -26.71
C SER PB 40 -21.78 -106.30 -27.14
N GLN PB 41 -22.79 -105.77 -26.45
CA GLN PB 41 -23.28 -104.43 -26.73
C GLN PB 41 -23.75 -103.80 -25.42
N LYS PB 42 -23.66 -102.48 -25.37
CA LYS PB 42 -24.07 -101.70 -24.22
C LYS PB 42 -24.99 -100.57 -24.68
N GLU PB 43 -25.91 -100.18 -23.80
CA GLU PB 43 -26.88 -99.13 -24.11
C GLU PB 43 -27.72 -99.52 -25.33
N HIS PB 44 -28.49 -100.59 -25.13
CA HIS PB 44 -29.31 -101.17 -26.19
C HIS PB 44 -29.96 -100.08 -27.03
N GLN PB 45 -29.92 -100.27 -28.35
CA GLN PB 45 -30.43 -99.32 -29.33
C GLN PB 45 -31.55 -99.96 -30.14
N PRO PB 46 -32.41 -99.15 -30.75
CA PRO PB 46 -33.58 -99.72 -31.44
C PRO PB 46 -33.23 -100.75 -32.50
N TRP PB 47 -32.14 -100.53 -33.25
CA TRP PB 47 -31.80 -101.45 -34.33
C TRP PB 47 -31.45 -102.83 -33.81
N MET PB 48 -31.04 -102.95 -32.54
CA MET PB 48 -30.74 -104.27 -32.00
C MET PB 48 -31.98 -105.16 -31.99
N THR PB 49 -33.13 -104.58 -31.64
CA THR PB 49 -34.36 -105.37 -31.61
C THR PB 49 -34.70 -105.89 -32.99
N GLU PB 50 -34.52 -105.06 -34.02
CA GLU PB 50 -34.85 -105.48 -35.37
C GLU PB 50 -34.01 -106.68 -35.79
N MET PB 51 -32.72 -106.68 -35.43
CA MET PB 51 -31.85 -107.79 -35.82
C MET PB 51 -32.33 -109.10 -35.22
N ALA PB 52 -32.71 -109.09 -33.93
CA ALA PB 52 -33.13 -110.32 -33.27
C ALA PB 52 -34.40 -110.87 -33.89
N LEU PB 53 -35.36 -110.00 -34.21
CA LEU PB 53 -36.63 -110.45 -34.73
C LEU PB 53 -36.45 -111.20 -36.04
N LYS PB 54 -35.62 -110.68 -36.94
CA LYS PB 54 -35.38 -111.35 -38.21
C LYS PB 54 -34.64 -112.67 -38.01
N ALA PB 55 -33.73 -112.71 -37.03
CA ALA PB 55 -32.93 -113.91 -36.82
C ALA PB 55 -33.78 -115.11 -36.52
N ASP PB 56 -34.77 -114.96 -35.63
CA ASP PB 56 -35.61 -116.09 -35.26
C ASP PB 56 -36.41 -116.61 -36.45
N GLN PB 57 -36.70 -115.75 -37.42
CA GLN PB 57 -37.46 -116.19 -38.59
C GLN PB 57 -36.70 -117.25 -39.37
N CYS PB 58 -35.38 -117.07 -39.55
CA CYS PB 58 -34.59 -118.07 -40.25
C CYS PB 58 -34.62 -119.40 -39.51
N LEU PB 59 -34.53 -119.36 -38.18
CA LEU PB 59 -34.60 -120.59 -37.41
C LEU PB 59 -35.96 -121.26 -37.58
N ILE PB 60 -37.04 -120.48 -37.60
CA ILE PB 60 -38.37 -121.05 -37.79
C ILE PB 60 -38.46 -121.76 -39.12
N HIS PB 61 -38.02 -121.10 -40.20
CA HIS PB 61 -38.01 -121.75 -41.50
C HIS PB 61 -37.04 -122.92 -41.51
N LYS PB 62 -35.88 -122.75 -40.87
CA LYS PB 62 -34.91 -123.84 -40.82
C LYS PB 62 -35.46 -125.04 -40.08
N ALA PB 63 -36.17 -124.79 -38.97
CA ALA PB 63 -36.79 -125.87 -38.21
C ALA PB 63 -37.99 -126.47 -38.93
N THR PB 64 -38.46 -125.87 -40.02
CA THR PB 64 -39.61 -126.36 -40.74
C THR PB 64 -39.26 -127.43 -41.77
N LEU PB 65 -38.03 -127.41 -42.28
CA LEU PB 65 -37.66 -128.39 -43.31
C LEU PB 65 -37.69 -129.81 -42.78
N ASP PB 66 -37.28 -130.03 -41.52
CA ASP PB 66 -37.28 -131.38 -40.97
C ASP PB 66 -38.67 -131.99 -41.02
N PRO PB 78 -42.84 -128.29 -54.96
CA PRO PB 78 -42.58 -126.84 -54.83
C PRO PB 78 -42.77 -126.32 -53.42
N LEU PB 79 -43.90 -126.61 -52.80
CA LEU PB 79 -44.22 -126.01 -51.50
C LEU PB 79 -43.16 -126.38 -50.46
N ILE PB 80 -42.77 -127.65 -50.41
CA ILE PB 80 -41.77 -128.08 -49.43
C ILE PB 80 -40.44 -127.38 -49.68
N GLU PB 81 -40.03 -127.32 -50.94
CA GLU PB 81 -38.76 -126.68 -51.30
C GLU PB 81 -38.88 -125.17 -51.45
N ALA PB 82 -40.09 -124.62 -51.53
CA ALA PB 82 -40.23 -123.18 -51.73
C ALA PB 82 -39.70 -122.40 -50.54
N MET PB 83 -39.95 -122.86 -49.32
CA MET PB 83 -39.51 -122.14 -48.15
C MET PB 83 -38.00 -122.03 -48.10
N GLN PB 84 -37.28 -123.01 -48.66
CA GLN PB 84 -35.83 -122.96 -48.65
C GLN PB 84 -35.29 -121.73 -49.36
N GLN PB 85 -36.02 -121.24 -50.36
CA GLN PB 85 -35.57 -120.06 -51.10
C GLN PB 85 -35.51 -118.84 -50.18
N ILE PB 86 -36.50 -118.69 -49.30
CA ILE PB 86 -36.55 -117.52 -48.42
C ILE PB 86 -35.40 -117.57 -47.42
N ILE PB 87 -35.03 -118.77 -46.97
CA ILE PB 87 -33.98 -118.90 -45.97
C ILE PB 87 -32.70 -118.25 -46.47
N LEU PB 88 -32.30 -118.57 -47.70
CA LEU PB 88 -31.10 -117.97 -48.27
C LEU PB 88 -31.27 -116.46 -48.40
N ALA PB 89 -32.44 -116.02 -48.84
CA ALA PB 89 -32.68 -114.58 -48.99
C ALA PB 89 -32.63 -113.87 -47.65
N MET PB 90 -33.19 -114.49 -46.61
CA MET PB 90 -33.23 -113.83 -45.30
C MET PB 90 -31.83 -113.50 -44.82
N THR PB 91 -30.86 -114.37 -45.09
CA THR PB 91 -29.49 -114.10 -44.69
C THR PB 91 -28.95 -112.85 -45.36
N ARG PB 92 -29.26 -112.66 -46.65
CA ARG PB 92 -28.72 -111.54 -47.39
C ARG PB 92 -29.12 -110.21 -46.75
N GLU PB 93 -30.40 -110.08 -46.38
CA GLU PB 93 -30.83 -108.88 -45.66
C GLU PB 93 -30.24 -108.86 -44.25
N LEU PB 94 -30.18 -110.02 -43.59
CA LEU PB 94 -29.65 -110.08 -42.24
C LEU PB 94 -28.18 -109.72 -42.20
N TRP PB 95 -27.39 -110.23 -43.15
CA TRP PB 95 -25.96 -109.95 -43.17
C TRP PB 95 -25.69 -108.46 -43.40
N GLY PB 96 -26.62 -107.77 -44.05
CA GLY PB 96 -26.40 -106.34 -44.30
C GLY PB 96 -26.29 -105.54 -43.02
N GLN PB 97 -27.10 -105.88 -42.01
CA GLN PB 97 -27.03 -105.15 -40.75
C GLN PB 97 -25.75 -105.49 -39.98
N ILE PB 98 -25.24 -106.70 -40.15
CA ILE PB 98 -24.01 -107.09 -39.46
C ILE PB 98 -22.87 -106.18 -39.88
N GLN PB 99 -22.72 -105.96 -41.18
CA GLN PB 99 -21.63 -105.13 -41.67
C GLN PB 99 -21.79 -103.67 -41.25
N ARG PB 100 -23.04 -103.20 -41.14
CA ARG PB 100 -23.26 -101.84 -40.68
C ARG PB 100 -22.72 -101.66 -39.25
N HIS PB 101 -22.98 -102.62 -38.38
CA HIS PB 101 -22.47 -102.53 -37.02
C HIS PB 101 -20.95 -102.63 -36.99
N HIS PB 102 -20.38 -103.58 -37.72
CA HIS PB 102 -18.94 -103.77 -37.71
C HIS PB 102 -18.24 -102.63 -38.45
N TYR PB 103 -18.52 -102.48 -39.75
CA TYR PB 103 -17.84 -101.48 -40.55
C TYR PB 103 -18.47 -100.11 -40.39
N GLY PB 104 -19.74 -99.98 -40.75
CA GLY PB 104 -20.44 -98.71 -40.75
C GLY PB 104 -21.24 -98.59 -42.03
N ILE PB 105 -22.35 -97.85 -41.96
CA ILE PB 105 -23.25 -97.76 -43.11
C ILE PB 105 -22.54 -97.11 -44.29
N VAL PB 106 -21.81 -96.03 -44.05
CA VAL PB 106 -21.17 -95.30 -45.14
C VAL PB 106 -20.14 -96.17 -45.84
N GLN PB 107 -19.31 -96.85 -45.06
CA GLN PB 107 -18.26 -97.67 -45.66
C GLN PB 107 -18.83 -98.82 -46.47
N VAL PB 108 -19.95 -99.40 -46.01
CA VAL PB 108 -20.53 -100.54 -46.71
C VAL PB 108 -20.93 -100.16 -48.12
N GLU PB 109 -21.56 -99.00 -48.27
CA GLU PB 109 -22.00 -98.56 -49.60
C GLU PB 109 -20.85 -98.61 -50.60
N HIS PB 110 -19.70 -98.07 -50.23
CA HIS PB 110 -18.54 -98.10 -51.12
C HIS PB 110 -18.10 -99.54 -51.39
N TYR PB 111 -18.09 -100.38 -50.35
CA TYR PB 111 -17.61 -101.74 -50.51
C TYR PB 111 -18.47 -102.52 -51.50
N VAL PB 112 -19.79 -102.38 -51.41
CA VAL PB 112 -20.67 -103.15 -52.27
C VAL PB 112 -20.44 -102.79 -53.74
N LYS PB 113 -20.38 -101.49 -54.03
CA LYS PB 113 -20.18 -101.07 -55.41
C LYS PB 113 -18.84 -101.54 -55.93
N GLN PB 114 -17.79 -101.47 -55.10
CA GLN PB 114 -16.50 -102.00 -55.49
C GLN PB 114 -16.59 -103.50 -55.78
N ILE PB 115 -17.32 -104.24 -54.94
CA ILE PB 115 -17.53 -105.65 -55.20
C ILE PB 115 -18.32 -105.84 -56.48
N THR PB 116 -19.36 -105.03 -56.67
CA THR PB 116 -20.21 -105.18 -57.85
C THR PB 116 -19.40 -104.97 -59.12
N LEU PB 117 -18.65 -103.87 -59.19
CA LEU PB 117 -17.80 -103.63 -60.35
C LEU PB 117 -16.76 -104.73 -60.49
N TRP PB 118 -16.17 -105.16 -59.38
CA TRP PB 118 -15.20 -106.24 -59.43
C TRP PB 118 -15.84 -107.51 -59.96
N GLN PB 119 -17.06 -107.82 -59.51
CA GLN PB 119 -17.76 -108.99 -60.04
C GLN PB 119 -18.19 -108.78 -61.48
N ASP PB 120 -18.55 -107.55 -61.84
CA ASP PB 120 -19.01 -107.27 -63.20
C ASP PB 120 -17.90 -107.50 -64.22
N THR PB 121 -16.69 -107.04 -63.91
CA THR PB 121 -15.59 -107.17 -64.85
C THR PB 121 -15.30 -108.64 -65.11
N PRO PB 122 -14.99 -109.03 -66.35
CA PRO PB 122 -14.69 -110.44 -66.62
C PRO PB 122 -13.47 -110.92 -65.83
N GLN PB 123 -13.51 -112.20 -65.47
CA GLN PB 123 -12.46 -112.78 -64.63
C GLN PB 123 -11.09 -112.72 -65.29
N ALA PB 124 -11.04 -112.60 -66.62
CA ALA PB 124 -9.76 -112.56 -67.30
C ALA PB 124 -8.92 -111.37 -66.84
N PHE PB 125 -9.54 -110.20 -66.70
CA PHE PB 125 -8.85 -109.00 -66.25
C PHE PB 125 -9.57 -108.38 -65.06
N ARG PB 126 -10.21 -109.22 -64.24
CA ARG PB 126 -10.99 -108.71 -63.12
C ARG PB 126 -10.12 -108.00 -62.10
N GLY PB 127 -8.95 -108.56 -61.80
CA GLY PB 127 -8.07 -107.98 -60.82
C GLY PB 127 -8.27 -108.54 -59.43
N ASP PB 128 -7.45 -108.05 -58.50
CA ASP PB 128 -7.52 -108.52 -57.13
C ASP PB 128 -8.83 -108.08 -56.48
N GLN PB 129 -9.42 -108.99 -55.71
CA GLN PB 129 -10.66 -108.67 -55.02
C GLN PB 129 -10.42 -107.61 -53.95
N PRO PB 130 -11.23 -106.56 -53.90
CA PRO PB 130 -11.01 -105.53 -52.88
C PRO PB 130 -11.25 -106.06 -51.47
N LYS PB 131 -10.54 -105.47 -50.51
CA LYS PB 131 -10.66 -105.88 -49.12
C LYS PB 131 -11.76 -105.09 -48.42
N PRO PB 132 -12.30 -105.62 -47.32
CA PRO PB 132 -13.35 -104.90 -46.60
C PRO PB 132 -12.85 -103.57 -46.07
N PRO PB 133 -13.75 -102.64 -45.76
CA PRO PB 133 -13.32 -101.34 -45.23
C PRO PB 133 -12.77 -101.43 -43.82
N SER PB 134 -12.42 -100.28 -43.25
CA SER PB 134 -11.92 -100.23 -41.88
C SER PB 134 -13.08 -100.27 -40.89
N PHE PB 135 -12.82 -100.85 -39.73
CA PHE PB 135 -13.85 -100.98 -38.71
C PHE PB 135 -14.24 -99.61 -38.15
N THR QB 3 -34.96 -117.73 -28.90
CA THR QB 3 -33.99 -117.40 -27.86
C THR QB 3 -33.33 -116.05 -28.07
N PHE QB 4 -33.04 -115.68 -29.31
CA PHE QB 4 -32.37 -114.40 -29.56
C PHE QB 4 -33.20 -113.23 -29.07
N ILE QB 5 -34.51 -113.25 -29.33
CA ILE QB 5 -35.37 -112.17 -28.88
C ILE QB 5 -35.38 -112.08 -27.36
N GLU QB 6 -35.30 -113.24 -26.69
CA GLU QB 6 -35.25 -113.25 -25.23
C GLU QB 6 -34.01 -112.52 -24.73
N LEU QB 7 -32.87 -112.71 -25.40
CA LEU QB 7 -31.65 -112.04 -24.98
C LEU QB 7 -31.81 -110.52 -25.06
N VAL QB 8 -32.47 -110.03 -26.11
CA VAL QB 8 -32.72 -108.59 -26.23
C VAL QB 8 -33.59 -108.12 -25.07
N LYS QB 9 -34.64 -108.89 -24.75
CA LYS QB 9 -35.52 -108.51 -23.67
C LYS QB 9 -34.81 -108.50 -22.33
N ASN QB 10 -33.64 -109.12 -22.24
CA ASN QB 10 -32.84 -109.13 -21.03
C ASN QB 10 -31.87 -107.97 -20.94
N MET QB 11 -31.89 -107.07 -21.92
CA MET QB 11 -30.93 -105.97 -21.96
C MET QB 11 -31.35 -104.84 -21.03
N LYS QB 12 -30.59 -103.75 -21.07
CA LYS QB 12 -30.88 -102.55 -20.31
C LYS QB 12 -31.31 -101.45 -21.26
N GLY QB 13 -32.41 -100.78 -20.92
CA GLY QB 13 -32.96 -99.75 -21.77
C GLY QB 13 -33.88 -100.25 -22.86
N TYR QB 14 -34.05 -101.55 -23.00
CA TYR QB 14 -34.95 -102.09 -24.02
C TYR QB 14 -36.39 -101.69 -23.72
N LYS QB 15 -37.13 -101.37 -24.78
CA LYS QB 15 -38.51 -100.94 -24.66
C LYS QB 15 -39.33 -101.60 -25.76
N GLU QB 16 -40.54 -102.02 -25.40
CA GLU QB 16 -41.41 -102.69 -26.36
C GLU QB 16 -41.90 -101.69 -27.41
N LEU QB 17 -42.01 -102.17 -28.65
CA LEU QB 17 -42.55 -101.38 -29.75
C LEU QB 17 -43.62 -102.10 -30.53
N LEU QB 18 -43.78 -103.41 -30.37
CA LEU QB 18 -44.80 -104.16 -31.08
C LEU QB 18 -46.12 -104.12 -30.31
N LEU QB 19 -47.10 -104.85 -30.81
CA LEU QB 19 -48.45 -104.85 -30.25
C LEU QB 19 -48.95 -106.29 -30.18
N PRO QB 20 -49.97 -106.55 -29.36
CA PRO QB 20 -50.50 -107.91 -29.27
C PRO QB 20 -51.00 -108.39 -30.62
N MET QB 21 -50.85 -109.70 -30.84
CA MET QB 21 -51.25 -110.29 -32.13
C MET QB 21 -52.69 -109.94 -32.47
N GLU QB 22 -53.56 -109.87 -31.46
CA GLU QB 22 -54.96 -109.53 -31.71
C GLU QB 22 -55.10 -108.12 -32.26
N MET QB 23 -54.35 -107.17 -31.72
CA MET QB 23 -54.41 -105.77 -32.15
C MET QB 23 -53.49 -105.55 -33.35
N VAL QB 24 -53.70 -106.36 -34.38
CA VAL QB 24 -52.92 -106.27 -35.61
C VAL QB 24 -53.89 -106.35 -36.79
N PRO QB 25 -53.86 -105.39 -37.72
CA PRO QB 25 -54.78 -105.47 -38.87
C PRO QB 25 -54.60 -106.77 -39.65
N LEU QB 26 -55.55 -107.01 -40.54
CA LEU QB 26 -55.51 -108.20 -41.38
C LEU QB 26 -54.43 -108.05 -42.44
N PRO QB 27 -53.97 -109.18 -43.01
CA PRO QB 27 -52.94 -109.09 -44.06
C PRO QB 27 -53.46 -108.42 -45.33
N ALA QB 28 -52.60 -108.30 -46.33
CA ALA QB 28 -52.98 -107.70 -47.61
C ALA QB 28 -53.35 -106.23 -47.43
N VAL QB 29 -54.44 -105.96 -46.72
CA VAL QB 29 -54.88 -104.59 -46.52
C VAL QB 29 -53.84 -103.80 -45.75
N VAL QB 30 -53.21 -104.42 -44.75
CA VAL QB 30 -52.19 -103.75 -43.98
C VAL QB 30 -51.03 -103.32 -44.87
N LEU QB 31 -50.77 -104.07 -45.94
CA LEU QB 31 -49.69 -103.72 -46.85
C LEU QB 31 -49.94 -102.40 -47.57
N LYS QB 32 -51.19 -101.91 -47.57
CA LYS QB 32 -51.49 -100.68 -48.28
C LYS QB 32 -50.74 -99.49 -47.68
N HIS QB 33 -50.62 -99.44 -46.35
CA HIS QB 33 -49.86 -98.37 -45.73
C HIS QB 33 -48.43 -98.33 -46.23
N VAL QB 34 -47.90 -99.47 -46.70
CA VAL QB 34 -46.55 -99.50 -47.23
C VAL QB 34 -46.44 -98.55 -48.43
N LYS QB 35 -47.40 -98.63 -49.35
CA LYS QB 35 -47.37 -97.79 -50.53
C LYS QB 35 -47.49 -96.32 -50.16
N LEU QB 36 -48.36 -96.01 -49.19
CA LEU QB 36 -48.59 -94.62 -48.81
C LEU QB 36 -47.39 -93.99 -48.13
N ILE QB 37 -46.40 -94.79 -47.73
CA ILE QB 37 -45.23 -94.28 -47.03
C ILE QB 37 -44.00 -94.39 -47.93
N LEU QB 38 -44.03 -95.34 -48.86
CA LEU QB 38 -42.95 -95.46 -49.83
C LEU QB 38 -43.17 -94.58 -51.05
N THR QB 39 -44.33 -94.72 -51.70
CA THR QB 39 -44.60 -93.92 -52.88
C THR QB 39 -44.63 -92.43 -52.56
N SER QB 40 -45.25 -92.07 -51.43
CA SER QB 40 -45.31 -90.67 -50.99
C SER QB 40 -44.10 -90.33 -50.13
N GLN QB 41 -42.92 -90.52 -50.71
CA GLN QB 41 -41.68 -90.30 -49.98
C GLN QB 41 -40.57 -90.00 -50.97
N LYS QB 42 -39.48 -89.44 -50.44
CA LYS QB 42 -38.31 -89.11 -51.22
C LYS QB 42 -37.11 -89.09 -50.27
N GLU QB 43 -35.91 -88.99 -50.85
CA GLU QB 43 -34.67 -89.02 -50.08
C GLU QB 43 -34.56 -90.35 -49.32
N HIS QB 44 -34.45 -91.41 -50.10
CA HIS QB 44 -34.35 -92.78 -49.60
C HIS QB 44 -33.45 -92.86 -48.38
N GLN QB 45 -34.00 -93.36 -47.28
CA GLN QB 45 -33.28 -93.52 -46.03
C GLN QB 45 -33.07 -94.99 -45.72
N PRO QB 46 -32.09 -95.31 -44.88
CA PRO QB 46 -31.78 -96.74 -44.64
C PRO QB 46 -32.98 -97.53 -44.13
N TRP QB 47 -33.81 -96.95 -43.26
CA TRP QB 47 -34.93 -97.69 -42.70
C TRP QB 47 -35.98 -98.00 -43.74
N MET QB 48 -36.06 -97.21 -44.80
CA MET QB 48 -37.05 -97.46 -45.85
C MET QB 48 -36.79 -98.80 -46.52
N THR QB 49 -35.52 -99.13 -46.77
CA THR QB 49 -35.21 -100.41 -47.38
C THR QB 49 -35.61 -101.56 -46.47
N GLU QB 50 -35.40 -101.41 -45.16
CA GLU QB 50 -35.78 -102.46 -44.23
C GLU QB 50 -37.26 -102.77 -44.32
N MET QB 51 -38.09 -101.73 -44.37
CA MET QB 51 -39.53 -101.93 -44.51
C MET QB 51 -39.85 -102.63 -45.83
N ALA QB 52 -39.21 -102.19 -46.91
CA ALA QB 52 -39.50 -102.76 -48.22
C ALA QB 52 -39.15 -104.24 -48.27
N LEU QB 53 -37.99 -104.61 -47.71
CA LEU QB 53 -37.54 -106.00 -47.74
C LEU QB 53 -38.31 -106.88 -46.78
N LYS QB 54 -39.10 -106.31 -45.88
CA LYS QB 54 -39.93 -107.08 -44.97
C LYS QB 54 -41.37 -107.24 -45.47
N ALA QB 55 -41.97 -106.17 -45.98
CA ALA QB 55 -43.34 -106.25 -46.47
C ALA QB 55 -43.44 -107.20 -47.65
N ASP QB 56 -42.48 -107.14 -48.57
CA ASP QB 56 -42.51 -107.99 -49.75
C ASP QB 56 -42.47 -109.47 -49.39
N GLN QB 57 -41.96 -109.81 -48.21
CA GLN QB 57 -41.89 -111.22 -47.82
C GLN QB 57 -43.28 -111.82 -47.67
N CYS QB 58 -44.24 -111.04 -47.15
CA CYS QB 58 -45.59 -111.56 -46.98
C CYS QB 58 -46.18 -112.02 -48.31
N LEU QB 59 -45.94 -111.24 -49.37
CA LEU QB 59 -46.41 -111.64 -50.69
C LEU QB 59 -45.78 -112.95 -51.13
N ILE QB 60 -44.49 -113.12 -50.85
CA ILE QB 60 -43.80 -114.36 -51.20
C ILE QB 60 -44.45 -115.54 -50.49
N HIS QB 61 -44.65 -115.41 -49.17
CA HIS QB 61 -45.35 -116.44 -48.43
C HIS QB 61 -46.79 -116.57 -48.90
N LYS QB 62 -47.45 -115.43 -49.15
CA LYS QB 62 -48.82 -115.47 -49.64
C LYS QB 62 -48.90 -116.11 -51.02
N ALA QB 63 -47.90 -115.87 -51.87
CA ALA QB 63 -47.90 -116.43 -53.20
C ALA QB 63 -47.89 -117.96 -53.19
N THR QB 64 -47.38 -118.57 -52.12
CA THR QB 64 -47.35 -120.02 -52.03
C THR QB 64 -48.74 -120.62 -51.88
N LEU QB 65 -49.73 -119.81 -51.48
CA LEU QB 65 -51.08 -120.32 -51.33
C LEU QB 65 -51.62 -120.90 -52.63
N ASP QB 66 -51.19 -120.35 -53.78
CA ASP QB 66 -51.60 -120.92 -55.05
C ASP QB 66 -51.11 -122.36 -55.20
N PRO QB 78 -48.39 -129.63 -41.50
CA PRO QB 78 -47.61 -128.66 -40.71
C PRO QB 78 -46.89 -127.63 -41.57
N LEU QB 79 -46.42 -128.02 -42.75
CA LEU QB 79 -45.74 -127.08 -43.63
C LEU QB 79 -46.69 -125.97 -44.07
N ILE QB 80 -47.92 -126.33 -44.44
CA ILE QB 80 -48.89 -125.33 -44.86
C ILE QB 80 -49.34 -124.49 -43.67
N GLU QB 81 -49.61 -125.13 -42.53
CA GLU QB 81 -50.04 -124.39 -41.35
C GLU QB 81 -48.94 -123.46 -40.85
N ALA QB 82 -47.70 -123.92 -40.85
CA ALA QB 82 -46.62 -123.13 -40.28
C ALA QB 82 -46.44 -121.80 -41.01
N MET QB 83 -46.53 -121.82 -42.34
CA MET QB 83 -46.34 -120.58 -43.11
C MET QB 83 -47.39 -119.54 -42.74
N GLN QB 84 -48.65 -119.97 -42.56
CA GLN QB 84 -49.69 -119.02 -42.21
C GLN QB 84 -49.42 -118.35 -40.88
N GLN QB 85 -48.89 -119.11 -39.91
CA GLN QB 85 -48.58 -118.52 -38.62
C GLN QB 85 -47.51 -117.45 -38.73
N ILE QB 86 -46.50 -117.68 -39.58
CA ILE QB 86 -45.39 -116.75 -39.70
C ILE QB 86 -45.87 -115.38 -40.20
N ILE QB 87 -46.88 -115.38 -41.09
CA ILE QB 87 -47.34 -114.12 -41.66
C ILE QB 87 -47.81 -113.18 -40.56
N LEU QB 88 -48.49 -113.72 -39.54
CA LEU QB 88 -48.95 -112.88 -38.43
C LEU QB 88 -47.77 -112.23 -37.73
N ALA QB 89 -46.70 -112.98 -37.50
CA ALA QB 89 -45.54 -112.44 -36.80
C ALA QB 89 -44.91 -111.30 -37.60
N MET QB 90 -44.74 -111.50 -38.90
CA MET QB 90 -44.16 -110.45 -39.74
C MET QB 90 -45.09 -109.24 -39.80
N THR QB 91 -46.40 -109.48 -39.87
CA THR QB 91 -47.34 -108.37 -39.93
C THR QB 91 -47.23 -107.50 -38.67
N ARG QB 92 -47.03 -108.13 -37.51
CA ARG QB 92 -46.88 -107.37 -36.29
C ARG QB 92 -45.67 -106.44 -36.36
N GLU QB 93 -44.56 -106.93 -36.92
CA GLU QB 93 -43.37 -106.09 -37.04
C GLU QB 93 -43.62 -104.91 -37.97
N LEU QB 94 -44.37 -105.14 -39.05
CA LEU QB 94 -44.63 -104.07 -40.00
C LEU QB 94 -45.34 -102.90 -39.34
N TRP QB 95 -46.34 -103.20 -38.51
CA TRP QB 95 -47.11 -102.13 -37.89
C TRP QB 95 -46.25 -101.27 -36.98
N GLY QB 96 -45.36 -101.90 -36.22
CA GLY QB 96 -44.49 -101.14 -35.33
C GLY QB 96 -43.63 -100.13 -36.08
N GLN QB 97 -43.09 -100.54 -37.23
CA GLN QB 97 -42.30 -99.62 -38.04
C GLN QB 97 -43.15 -98.45 -38.51
N ILE QB 98 -44.39 -98.74 -38.92
CA ILE QB 98 -45.28 -97.68 -39.41
C ILE QB 98 -45.52 -96.65 -38.31
N GLN QB 99 -45.85 -97.12 -37.11
CA GLN QB 99 -46.02 -96.20 -35.98
C GLN QB 99 -44.72 -95.52 -35.62
N ARG QB 100 -43.59 -96.21 -35.78
CA ARG QB 100 -42.29 -95.59 -35.53
C ARG QB 100 -42.04 -94.42 -36.47
N HIS QB 101 -42.77 -94.35 -37.58
CA HIS QB 101 -42.65 -93.25 -38.54
C HIS QB 101 -43.76 -92.22 -38.40
N HIS QB 102 -45.01 -92.67 -38.28
CA HIS QB 102 -46.14 -91.76 -38.19
C HIS QB 102 -46.13 -90.98 -36.89
N TYR QB 103 -46.23 -91.69 -35.77
CA TYR QB 103 -46.27 -91.05 -34.44
C TYR QB 103 -44.91 -91.02 -33.79
N GLY QB 104 -43.92 -90.49 -34.51
CA GLY QB 104 -42.60 -90.39 -33.96
C GLY QB 104 -42.03 -91.77 -33.64
N ILE QB 105 -40.96 -91.77 -32.85
CA ILE QB 105 -40.32 -93.00 -32.42
C ILE QB 105 -40.26 -93.03 -30.89
N VAL QB 106 -40.29 -91.85 -30.27
CA VAL QB 106 -40.25 -91.77 -28.82
C VAL QB 106 -41.66 -91.89 -28.24
N GLN QB 107 -42.62 -91.17 -28.82
CA GLN QB 107 -43.99 -91.22 -28.34
C GLN QB 107 -44.61 -92.60 -28.53
N VAL QB 108 -44.08 -93.41 -29.45
CA VAL QB 108 -44.63 -94.74 -29.70
C VAL QB 108 -44.51 -95.60 -28.44
N GLU QB 109 -43.36 -95.55 -27.79
CA GLU QB 109 -43.14 -96.37 -26.60
C GLU QB 109 -44.17 -96.05 -25.52
N HIS QB 110 -44.46 -94.76 -25.33
CA HIS QB 110 -45.45 -94.37 -24.32
C HIS QB 110 -46.82 -94.97 -24.64
N TYR QB 111 -47.23 -94.93 -25.90
CA TYR QB 111 -48.53 -95.46 -26.28
C TYR QB 111 -48.61 -96.95 -26.01
N VAL QB 112 -47.61 -97.72 -26.45
CA VAL QB 112 -47.63 -99.16 -26.24
C VAL QB 112 -47.55 -99.47 -24.76
N LYS QB 113 -46.80 -98.66 -23.99
CA LYS QB 113 -46.74 -98.86 -22.55
C LYS QB 113 -48.15 -98.82 -21.94
N GLN QB 114 -48.96 -97.85 -22.36
CA GLN QB 114 -50.33 -97.76 -21.84
C GLN QB 114 -51.19 -98.90 -22.37
N ILE QB 115 -50.96 -99.31 -23.62
CA ILE QB 115 -51.74 -100.39 -24.20
C ILE QB 115 -51.60 -101.66 -23.36
N THR QB 116 -50.37 -101.97 -22.95
CA THR QB 116 -50.15 -103.18 -22.17
C THR QB 116 -50.92 -103.13 -20.86
N LEU QB 117 -50.87 -101.99 -20.17
CA LEU QB 117 -51.61 -101.85 -18.91
C LEU QB 117 -53.10 -101.90 -19.15
N TRP QB 118 -53.58 -101.23 -20.20
CA TRP QB 118 -55.02 -101.15 -20.45
C TRP QB 118 -55.62 -102.50 -20.80
N GLN QB 119 -54.82 -103.45 -21.29
CA GLN QB 119 -55.32 -104.77 -21.68
C GLN QB 119 -55.04 -105.84 -20.63
N ASP QB 120 -53.88 -105.77 -19.96
CA ASP QB 120 -53.54 -106.80 -18.99
C ASP QB 120 -54.50 -106.79 -17.81
N THR QB 121 -54.91 -105.60 -17.36
CA THR QB 121 -55.85 -105.53 -16.26
C THR QB 121 -57.19 -106.13 -16.68
N PRO QB 122 -57.97 -106.64 -15.73
CA PRO QB 122 -59.26 -107.23 -16.08
C PRO QB 122 -60.19 -106.21 -16.70
N GLN QB 123 -61.08 -106.70 -17.57
CA GLN QB 123 -61.97 -105.80 -18.31
C GLN QB 123 -62.85 -104.97 -17.38
N ALA QB 124 -63.05 -105.41 -16.14
CA ALA QB 124 -63.88 -104.66 -15.21
C ALA QB 124 -63.19 -103.41 -14.67
N PHE QB 125 -61.90 -103.24 -14.93
CA PHE QB 125 -61.15 -102.10 -14.42
C PHE QB 125 -60.49 -101.26 -15.49
N ARG QB 126 -60.50 -101.70 -16.76
CA ARG QB 126 -59.78 -100.97 -17.80
C ARG QB 126 -60.29 -99.54 -17.92
N GLY QB 127 -61.56 -99.37 -18.28
CA GLY QB 127 -62.12 -98.05 -18.49
C GLY QB 127 -62.31 -97.72 -19.96
N ASP QB 128 -61.47 -96.84 -20.48
CA ASP QB 128 -61.54 -96.41 -21.87
C ASP QB 128 -60.19 -96.60 -22.53
N GLN QB 129 -60.20 -96.99 -23.80
CA GLN QB 129 -58.96 -97.17 -24.52
C GLN QB 129 -58.21 -95.85 -24.64
N PRO QB 130 -56.90 -95.84 -24.40
CA PRO QB 130 -56.13 -94.59 -24.55
C PRO QB 130 -55.84 -94.32 -26.03
N LYS QB 131 -56.33 -93.19 -26.52
CA LYS QB 131 -56.16 -92.88 -27.93
C LYS QB 131 -54.67 -92.67 -28.24
N PRO QB 132 -54.16 -93.22 -29.34
CA PRO QB 132 -52.75 -93.02 -29.68
C PRO QB 132 -52.50 -91.56 -30.01
N PRO QB 133 -51.27 -91.08 -29.81
CA PRO QB 133 -50.96 -89.68 -30.15
C PRO QB 133 -51.08 -89.46 -31.65
N SER QB 134 -51.44 -88.23 -32.01
CA SER QB 134 -51.61 -87.87 -33.42
C SER QB 134 -50.25 -87.72 -34.09
N PHE QB 135 -50.27 -87.30 -35.35
CA PHE QB 135 -49.05 -87.15 -36.16
C PHE QB 135 -48.32 -85.89 -35.70
N THR RB 3 -48.93 -111.51 12.63
CA THR RB 3 -48.91 -110.62 13.79
C THR RB 3 -48.03 -109.40 13.54
N PHE RB 4 -47.04 -109.50 12.64
CA PHE RB 4 -46.21 -108.34 12.33
C PHE RB 4 -47.04 -107.21 11.76
N ILE RB 5 -48.01 -107.53 10.90
CA ILE RB 5 -48.86 -106.49 10.33
C ILE RB 5 -49.59 -105.76 11.44
N GLU RB 6 -50.03 -106.49 12.47
CA GLU RB 6 -50.64 -105.84 13.62
C GLU RB 6 -49.65 -104.90 14.29
N LEU RB 7 -48.39 -105.31 14.41
CA LEU RB 7 -47.39 -104.45 15.02
C LEU RB 7 -47.20 -103.17 14.23
N VAL RB 8 -47.51 -103.20 12.93
CA VAL RB 8 -47.41 -102.00 12.10
C VAL RB 8 -48.77 -101.37 11.82
N LYS RB 9 -49.86 -102.13 11.99
CA LYS RB 9 -51.19 -101.57 11.75
C LYS RB 9 -51.45 -100.35 12.61
N ASN RB 10 -50.81 -100.27 13.78
CA ASN RB 10 -50.94 -99.11 14.64
C ASN RB 10 -50.02 -97.96 14.25
N MET RB 11 -49.05 -98.20 13.38
CA MET RB 11 -48.14 -97.14 12.97
C MET RB 11 -48.90 -96.06 12.19
N LYS RB 12 -48.42 -94.82 12.33
CA LYS RB 12 -49.07 -93.70 11.66
C LYS RB 12 -49.02 -93.85 10.15
N GLY RB 13 -47.87 -94.25 9.62
CA GLY RB 13 -47.69 -94.32 8.18
C GLY RB 13 -48.06 -95.66 7.57
N TYR RB 14 -48.65 -96.54 8.37
CA TYR RB 14 -49.07 -97.84 7.86
C TYR RB 14 -50.15 -97.69 6.80
N LYS RB 15 -50.07 -98.52 5.77
CA LYS RB 15 -51.01 -98.46 4.66
C LYS RB 15 -51.38 -99.87 4.23
N GLU RB 16 -52.57 -100.00 3.65
CA GLU RB 16 -53.04 -101.29 3.12
C GLU RB 16 -52.55 -101.42 1.68
N LEU RB 17 -51.27 -101.78 1.56
CA LEU RB 17 -50.67 -101.95 0.24
C LEU RB 17 -51.25 -103.15 -0.50
N LEU RB 18 -51.90 -104.07 0.20
CA LEU RB 18 -52.48 -105.25 -0.43
C LEU RB 18 -53.74 -104.84 -1.18
N LEU RB 19 -53.63 -104.71 -2.49
CA LEU RB 19 -54.75 -104.28 -3.30
C LEU RB 19 -55.77 -105.41 -3.45
N PRO RB 20 -56.99 -105.10 -3.86
CA PRO RB 20 -58.01 -106.16 -4.00
C PRO RB 20 -57.56 -107.26 -4.95
N MET RB 21 -57.94 -108.49 -4.61
CA MET RB 21 -57.56 -109.64 -5.43
C MET RB 21 -58.11 -109.51 -6.84
N GLU RB 22 -59.36 -109.08 -6.98
CA GLU RB 22 -59.94 -108.91 -8.30
C GLU RB 22 -59.20 -107.86 -9.11
N MET RB 23 -58.61 -106.86 -8.43
CA MET RB 23 -57.94 -105.78 -9.14
C MET RB 23 -56.74 -106.29 -9.93
N VAL RB 24 -55.94 -107.17 -9.33
CA VAL RB 24 -54.69 -107.62 -9.94
C VAL RB 24 -54.99 -108.70 -10.98
N PRO RB 25 -54.14 -108.86 -12.00
CA PRO RB 25 -54.35 -109.93 -12.98
C PRO RB 25 -53.79 -111.27 -12.52
N LEU RB 26 -53.81 -112.26 -13.41
CA LEU RB 26 -53.28 -113.57 -13.07
C LEU RB 26 -51.77 -113.51 -12.86
N PRO RB 27 -51.20 -114.47 -12.13
CA PRO RB 27 -49.76 -114.40 -11.83
C PRO RB 27 -48.88 -114.33 -13.07
N ALA RB 28 -49.25 -115.04 -14.13
CA ALA RB 28 -48.40 -115.11 -15.32
C ALA RB 28 -48.22 -113.72 -15.95
N VAL RB 29 -49.29 -112.95 -16.01
CA VAL RB 29 -49.21 -111.65 -16.66
C VAL RB 29 -48.34 -110.69 -15.85
N VAL RB 30 -48.41 -110.78 -14.52
CA VAL RB 30 -47.64 -109.87 -13.69
C VAL RB 30 -46.15 -110.04 -13.95
N LEU RB 31 -45.69 -111.29 -14.07
CA LEU RB 31 -44.27 -111.54 -14.32
C LEU RB 31 -43.80 -110.81 -15.57
N LYS RB 32 -44.68 -110.63 -16.55
CA LYS RB 32 -44.30 -109.92 -17.77
C LYS RB 32 -43.88 -108.49 -17.46
N HIS RB 33 -44.64 -107.81 -16.60
CA HIS RB 33 -44.34 -106.41 -16.29
C HIS RB 33 -43.07 -106.29 -15.46
N VAL RB 34 -42.72 -107.32 -14.69
CA VAL RB 34 -41.51 -107.26 -13.88
C VAL RB 34 -40.28 -107.15 -14.78
N LYS RB 35 -40.24 -107.94 -15.84
CA LYS RB 35 -39.16 -107.83 -16.81
C LYS RB 35 -39.15 -106.46 -17.46
N LEU RB 36 -40.34 -105.97 -17.86
CA LEU RB 36 -40.42 -104.69 -18.55
C LEU RB 36 -40.01 -103.54 -17.65
N ILE RB 37 -40.49 -103.54 -16.40
CA ILE RB 37 -40.16 -102.44 -15.49
C ILE RB 37 -38.69 -102.49 -15.09
N LEU RB 38 -38.19 -103.68 -14.77
CA LEU RB 38 -36.77 -103.81 -14.43
C LEU RB 38 -35.89 -103.44 -15.61
N THR RB 39 -36.25 -103.91 -16.81
CA THR RB 39 -35.46 -103.59 -17.99
C THR RB 39 -35.48 -102.09 -18.28
N SER RB 40 -36.65 -101.47 -18.20
CA SER RB 40 -36.74 -100.04 -18.49
C SER RB 40 -35.93 -99.22 -17.48
N GLN RB 41 -36.03 -99.56 -16.21
CA GLN RB 41 -35.33 -98.81 -15.18
C GLN RB 41 -33.82 -98.98 -15.32
N LYS RB 42 -33.08 -97.92 -15.06
CA LYS RB 42 -31.63 -97.91 -15.23
C LYS RB 42 -30.89 -97.72 -13.91
N GLU RB 43 -31.23 -96.70 -13.13
CA GLU RB 43 -30.52 -96.46 -11.88
C GLU RB 43 -30.71 -97.62 -10.93
N HIS RB 44 -29.64 -98.00 -10.25
CA HIS RB 44 -29.65 -99.15 -9.34
C HIS RB 44 -30.02 -98.68 -7.93
N GLN RB 45 -31.10 -99.23 -7.41
CA GLN RB 45 -31.55 -99.01 -6.04
C GLN RB 45 -31.89 -100.34 -5.41
N PRO RB 46 -31.90 -100.43 -4.08
CA PRO RB 46 -32.16 -101.72 -3.42
C PRO RB 46 -33.53 -102.30 -3.75
N TRP RB 47 -34.52 -101.47 -4.10
CA TRP RB 47 -35.86 -102.00 -4.31
C TRP RB 47 -35.90 -102.95 -5.50
N MET RB 48 -35.24 -102.59 -6.60
CA MET RB 48 -35.23 -103.48 -7.76
C MET RB 48 -34.50 -104.78 -7.45
N THR RB 49 -33.39 -104.69 -6.68
CA THR RB 49 -32.69 -105.90 -6.29
C THR RB 49 -33.58 -106.81 -5.45
N GLU RB 50 -34.32 -106.22 -4.50
CA GLU RB 50 -35.25 -107.01 -3.69
C GLU RB 50 -36.52 -107.34 -4.47
N MET RB 51 -36.92 -106.48 -5.41
CA MET RB 51 -38.12 -106.75 -6.20
C MET RB 51 -37.99 -108.02 -7.00
N ALA RB 52 -36.82 -108.23 -7.62
CA ALA RB 52 -36.60 -109.46 -8.38
C ALA RB 52 -36.68 -110.69 -7.50
N LEU RB 53 -36.09 -110.63 -6.31
CA LEU RB 53 -36.09 -111.78 -5.42
C LEU RB 53 -37.50 -112.16 -5.02
N LYS RB 54 -38.34 -111.16 -4.72
CA LYS RB 54 -39.71 -111.44 -4.31
C LYS RB 54 -40.49 -112.13 -5.42
N ALA RB 55 -40.28 -111.70 -6.67
CA ALA RB 55 -40.98 -112.31 -7.79
C ALA RB 55 -40.41 -113.68 -8.13
N ASP RB 56 -39.13 -113.91 -7.81
CA ASP RB 56 -38.50 -115.18 -8.17
C ASP RB 56 -39.19 -116.34 -7.48
N GLN RB 57 -39.59 -116.16 -6.22
CA GLN RB 57 -40.19 -117.26 -5.46
C GLN RB 57 -41.40 -117.83 -6.19
N CYS RB 58 -42.19 -116.95 -6.83
CA CYS RB 58 -43.38 -117.42 -7.54
C CYS RB 58 -43.02 -118.42 -8.63
N LEU RB 59 -41.87 -118.23 -9.29
CA LEU RB 59 -41.48 -119.16 -10.35
C LEU RB 59 -41.27 -120.56 -9.82
N ILE RB 60 -40.65 -120.68 -8.65
CA ILE RB 60 -40.38 -122.01 -8.08
C ILE RB 60 -41.70 -122.72 -7.80
N HIS RB 61 -42.68 -122.00 -7.26
CA HIS RB 61 -43.97 -122.62 -6.96
C HIS RB 61 -44.66 -123.10 -8.23
N LYS RB 62 -44.46 -122.40 -9.34
CA LYS RB 62 -45.04 -122.83 -10.61
C LYS RB 62 -44.57 -124.24 -10.97
N ALA RB 63 -43.26 -124.47 -10.90
CA ALA RB 63 -42.72 -125.80 -11.22
C ALA RB 63 -42.94 -126.78 -10.09
N THR RB 64 -42.92 -126.30 -8.84
CA THR RB 64 -43.12 -127.20 -7.70
C THR RB 64 -44.47 -127.90 -7.79
N LEU RB 65 -45.53 -127.14 -8.04
CA LEU RB 65 -46.86 -127.73 -8.20
C LEU RB 65 -46.99 -128.43 -9.55
N PRO RB 78 -54.87 -129.90 1.92
CA PRO RB 78 -54.63 -128.59 2.54
C PRO RB 78 -53.30 -127.97 2.16
N LEU RB 79 -52.26 -128.80 1.99
CA LEU RB 79 -50.95 -128.26 1.65
C LEU RB 79 -50.96 -127.63 0.26
N ILE RB 80 -51.47 -128.36 -0.73
CA ILE RB 80 -51.48 -127.85 -2.11
C ILE RB 80 -52.37 -126.63 -2.21
N GLU RB 81 -53.55 -126.69 -1.59
CA GLU RB 81 -54.49 -125.57 -1.68
C GLU RB 81 -53.90 -124.29 -1.10
N ALA RB 82 -53.20 -124.41 0.03
CA ALA RB 82 -52.59 -123.23 0.63
C ALA RB 82 -51.59 -122.58 -0.29
N MET RB 83 -50.78 -123.39 -1.00
CA MET RB 83 -49.78 -122.83 -1.90
C MET RB 83 -50.45 -121.99 -2.99
N GLN RB 84 -51.59 -122.45 -3.50
CA GLN RB 84 -52.29 -121.69 -4.52
C GLN RB 84 -52.66 -120.30 -4.02
N GLN RB 85 -53.15 -120.21 -2.79
CA GLN RB 85 -53.45 -118.90 -2.21
C GLN RB 85 -52.18 -118.11 -1.93
N ILE RB 86 -51.10 -118.79 -1.57
CA ILE RB 86 -49.84 -118.09 -1.28
C ILE RB 86 -49.33 -117.39 -2.52
N ILE RB 87 -49.41 -118.05 -3.68
CA ILE RB 87 -48.95 -117.43 -4.91
C ILE RB 87 -49.72 -116.14 -5.18
N LEU RB 88 -51.04 -116.18 -5.01
CA LEU RB 88 -51.84 -114.98 -5.21
C LEU RB 88 -51.49 -113.90 -4.21
N ALA RB 89 -51.06 -114.29 -3.01
CA ALA RB 89 -50.68 -113.31 -2.00
C ALA RB 89 -49.50 -112.46 -2.48
N MET RB 90 -48.50 -113.10 -3.10
CA MET RB 90 -47.34 -112.36 -3.58
C MET RB 90 -47.69 -111.49 -4.79
N THR RB 91 -48.63 -111.94 -5.61
CA THR RB 91 -49.02 -111.15 -6.78
C THR RB 91 -49.56 -109.79 -6.39
N ARG RB 92 -50.40 -109.75 -5.36
CA ARG RB 92 -50.93 -108.47 -4.90
C ARG RB 92 -49.80 -107.57 -4.42
N GLU RB 93 -48.83 -108.12 -3.69
CA GLU RB 93 -47.71 -107.33 -3.22
C GLU RB 93 -46.87 -106.82 -4.39
N LEU RB 94 -46.63 -107.68 -5.39
CA LEU RB 94 -45.82 -107.27 -6.54
C LEU RB 94 -46.50 -106.16 -7.32
N TRP RB 95 -47.80 -106.28 -7.56
CA TRP RB 95 -48.49 -105.28 -8.36
C TRP RB 95 -48.45 -103.91 -7.70
N GLY RB 96 -48.38 -103.87 -6.37
CA GLY RB 96 -48.30 -102.59 -5.70
C GLY RB 96 -47.05 -101.82 -6.06
N GLN RB 97 -45.91 -102.49 -6.04
CA GLN RB 97 -44.66 -101.83 -6.43
C GLN RB 97 -44.69 -101.42 -7.89
N ILE RB 98 -45.32 -102.23 -8.74
CA ILE RB 98 -45.43 -101.88 -10.16
C ILE RB 98 -46.19 -100.58 -10.33
N GLN RB 99 -47.36 -100.47 -9.70
CA GLN RB 99 -48.17 -99.27 -9.85
C GLN RB 99 -47.52 -98.07 -9.17
N ARG RB 100 -46.97 -98.28 -7.97
CA ARG RB 100 -46.34 -97.17 -7.26
C ARG RB 100 -45.14 -96.63 -8.03
N HIS RB 101 -44.35 -97.52 -8.61
CA HIS RB 101 -43.18 -97.06 -9.37
C HIS RB 101 -43.60 -96.32 -10.62
N HIS RB 102 -44.57 -96.84 -11.36
CA HIS RB 102 -45.00 -96.18 -12.59
C HIS RB 102 -45.63 -94.82 -12.32
N TYR RB 103 -46.61 -94.79 -11.41
CA TYR RB 103 -47.31 -93.54 -11.11
C TYR RB 103 -46.74 -92.85 -9.88
N GLY RB 104 -46.75 -93.52 -8.73
CA GLY RB 104 -46.29 -92.95 -7.50
C GLY RB 104 -46.96 -93.60 -6.31
N ILE RB 105 -46.31 -93.45 -5.15
CA ILE RB 105 -46.80 -94.09 -3.94
C ILE RB 105 -48.14 -93.49 -3.53
N VAL RB 106 -48.25 -92.16 -3.56
CA VAL RB 106 -49.47 -91.50 -3.11
C VAL RB 106 -50.63 -91.80 -4.06
N GLN RB 107 -50.35 -91.80 -5.36
CA GLN RB 107 -51.44 -91.97 -6.34
C GLN RB 107 -52.13 -93.31 -6.17
N VAL RB 108 -51.35 -94.39 -5.98
CA VAL RB 108 -51.94 -95.71 -5.79
C VAL RB 108 -52.81 -95.71 -4.53
N GLU RB 109 -52.28 -95.19 -3.43
CA GLU RB 109 -53.05 -95.10 -2.21
C GLU RB 109 -54.28 -94.22 -2.40
N HIS RB 110 -54.16 -93.18 -3.24
CA HIS RB 110 -55.27 -92.28 -3.49
C HIS RB 110 -56.31 -92.90 -4.43
N TYR RB 111 -55.86 -93.67 -5.42
CA TYR RB 111 -56.75 -94.18 -6.45
C TYR RB 111 -57.37 -95.52 -6.10
N VAL RB 112 -56.71 -96.34 -5.27
CA VAL RB 112 -57.22 -97.67 -4.97
C VAL RB 112 -58.59 -97.58 -4.31
N LYS RB 113 -58.75 -96.66 -3.37
CA LYS RB 113 -60.02 -96.57 -2.64
C LYS RB 113 -61.16 -96.17 -3.56
N GLN RB 114 -60.89 -95.29 -4.53
CA GLN RB 114 -61.95 -94.79 -5.39
C GLN RB 114 -62.66 -95.91 -6.13
N ILE RB 115 -61.90 -96.83 -6.72
CA ILE RB 115 -62.50 -97.91 -7.48
C ILE RB 115 -63.28 -98.85 -6.56
N THR RB 116 -62.78 -99.07 -5.35
CA THR RB 116 -63.49 -99.93 -4.41
C THR RB 116 -64.86 -99.37 -4.09
N LEU RB 117 -64.95 -98.05 -3.90
CA LEU RB 117 -66.24 -97.43 -3.62
C LEU RB 117 -67.18 -97.61 -4.80
N TRP RB 118 -66.69 -97.43 -6.03
CA TRP RB 118 -67.55 -97.57 -7.20
C TRP RB 118 -68.17 -98.97 -7.27
N GLN RB 119 -67.50 -99.97 -6.70
CA GLN RB 119 -68.05 -101.32 -6.69
C GLN RB 119 -69.05 -101.51 -5.56
N ASP RB 120 -68.65 -101.14 -4.33
CA ASP RB 120 -69.51 -101.31 -3.16
C ASP RB 120 -70.56 -100.21 -3.17
N THR RB 121 -71.54 -100.38 -4.05
CA THR RB 121 -72.62 -99.42 -4.21
C THR RB 121 -73.79 -100.13 -4.87
N PRO RB 122 -75.05 -99.72 -4.62
CA PRO RB 122 -76.18 -100.46 -5.19
C PRO RB 122 -76.29 -100.31 -6.69
N GLN RB 123 -75.39 -100.99 -7.41
CA GLN RB 123 -75.42 -101.09 -8.87
C GLN RB 123 -75.87 -99.83 -9.57
N ALA RB 124 -77.16 -99.46 -9.42
CA ALA RB 124 -77.72 -98.38 -10.22
C ALA RB 124 -76.92 -97.09 -10.03
N PHE RB 125 -76.73 -96.67 -8.78
CA PHE RB 125 -75.97 -95.45 -8.50
C PHE RB 125 -74.49 -95.78 -8.23
N ARG RB 126 -73.89 -96.56 -9.12
CA ARG RB 126 -72.49 -96.95 -8.93
C ARG RB 126 -71.56 -95.76 -9.06
N GLY RB 127 -71.85 -94.87 -10.01
CA GLY RB 127 -71.01 -93.70 -10.23
C GLY RB 127 -70.88 -93.37 -11.70
N ASP RB 128 -69.64 -93.12 -12.15
CA ASP RB 128 -69.40 -92.78 -13.54
C ASP RB 128 -68.17 -93.50 -14.07
N GLN RB 129 -67.90 -94.70 -13.58
CA GLN RB 129 -66.74 -95.49 -14.04
C GLN RB 129 -65.48 -94.67 -13.84
N PRO RB 130 -65.01 -94.48 -12.60
CA PRO RB 130 -63.90 -93.57 -12.36
C PRO RB 130 -62.69 -93.91 -13.21
N LYS RB 131 -62.09 -92.88 -13.80
CA LYS RB 131 -60.96 -93.08 -14.69
C LYS RB 131 -59.72 -93.51 -13.91
N PRO RB 132 -58.87 -94.34 -14.50
CA PRO RB 132 -57.60 -94.68 -13.85
C PRO RB 132 -56.66 -93.50 -13.84
N PRO RB 133 -55.66 -93.49 -12.96
CA PRO RB 133 -54.79 -92.33 -12.84
C PRO RB 133 -54.04 -92.05 -14.15
N THR SB 3 -113.62 8.13 -58.35
CA THR SB 3 -112.60 8.93 -59.02
C THR SB 3 -111.30 8.98 -58.22
N PHE SB 4 -111.40 9.11 -56.90
CA PHE SB 4 -110.20 9.23 -56.08
C PHE SB 4 -109.32 7.99 -56.19
N ILE SB 5 -109.95 6.80 -56.13
CA ILE SB 5 -109.16 5.56 -56.15
C ILE SB 5 -108.37 5.48 -57.45
N GLU SB 6 -108.96 5.94 -58.56
CA GLU SB 6 -108.24 5.97 -59.83
C GLU SB 6 -106.99 6.83 -59.70
N LEU SB 7 -107.09 7.96 -59.01
CA LEU SB 7 -105.93 8.83 -58.84
C LEU SB 7 -104.84 8.13 -58.03
N VAL SB 8 -105.22 7.42 -56.98
CA VAL SB 8 -104.23 6.75 -56.13
C VAL SB 8 -103.55 5.63 -56.89
N LYS SB 9 -104.30 4.88 -57.70
CA LYS SB 9 -103.70 3.81 -58.47
C LYS SB 9 -102.59 4.34 -59.37
N ASN SB 10 -102.66 5.60 -59.75
CA ASN SB 10 -101.61 6.24 -60.53
C ASN SB 10 -100.49 6.75 -59.61
N MET SB 11 -99.92 5.82 -58.85
CA MET SB 11 -98.87 6.14 -57.90
C MET SB 11 -97.86 5.01 -57.87
N LYS SB 12 -96.67 5.33 -57.36
CA LYS SB 12 -95.54 4.42 -57.36
C LYS SB 12 -95.49 3.65 -56.06
N GLY SB 13 -95.19 2.35 -56.16
CA GLY SB 13 -95.21 1.47 -55.02
C GLY SB 13 -96.58 0.97 -54.63
N TYR SB 14 -97.57 1.11 -55.52
CA TYR SB 14 -98.94 0.70 -55.22
C TYR SB 14 -99.07 -0.80 -55.38
N LYS SB 15 -99.33 -1.51 -54.28
CA LYS SB 15 -99.54 -2.94 -54.28
C LYS SB 15 -101.01 -3.20 -53.95
N GLU SB 16 -101.71 -3.86 -54.86
CA GLU SB 16 -103.13 -4.13 -54.65
C GLU SB 16 -103.32 -5.14 -53.52
N LEU SB 17 -104.41 -4.98 -52.78
CA LEU SB 17 -104.69 -5.83 -51.64
C LEU SB 17 -106.15 -6.27 -51.56
N LEU SB 18 -106.94 -6.05 -52.61
CA LEU SB 18 -108.36 -6.38 -52.61
C LEU SB 18 -108.63 -7.47 -53.64
N LEU SB 19 -109.34 -8.52 -53.21
CA LEU SB 19 -109.68 -9.62 -54.09
C LEU SB 19 -110.91 -9.27 -54.93
N PRO SB 20 -111.15 -10.03 -55.99
CA PRO SB 20 -112.37 -9.79 -56.78
C PRO SB 20 -113.63 -9.99 -55.94
N MET SB 21 -114.66 -9.23 -56.31
CA MET SB 21 -115.93 -9.31 -55.58
C MET SB 21 -116.50 -10.72 -55.60
N GLU SB 22 -116.17 -11.51 -56.62
CA GLU SB 22 -116.71 -12.85 -56.76
C GLU SB 22 -116.03 -13.86 -55.85
N MET SB 23 -114.92 -13.50 -55.20
CA MET SB 23 -114.19 -14.43 -54.35
C MET SB 23 -114.31 -14.13 -52.86
N VAL SB 24 -114.63 -12.90 -52.48
CA VAL SB 24 -114.72 -12.53 -51.07
C VAL SB 24 -115.90 -13.27 -50.45
N PRO SB 25 -115.86 -13.58 -49.16
CA PRO SB 25 -116.98 -14.29 -48.54
C PRO SB 25 -118.23 -13.44 -48.52
N LEU SB 26 -119.32 -14.07 -48.13
CA LEU SB 26 -120.57 -13.34 -47.92
C LEU SB 26 -120.42 -12.40 -46.73
N PRO SB 27 -121.18 -11.30 -46.72
CA PRO SB 27 -121.00 -10.34 -45.62
C PRO SB 27 -121.21 -10.94 -44.25
N ALA SB 28 -122.13 -11.89 -44.12
CA ALA SB 28 -122.37 -12.53 -42.83
C ALA SB 28 -121.12 -13.26 -42.34
N VAL SB 29 -120.43 -13.94 -43.25
CA VAL SB 29 -119.26 -14.72 -42.85
C VAL SB 29 -118.15 -13.79 -42.38
N VAL SB 30 -117.99 -12.63 -43.02
CA VAL SB 30 -116.88 -11.75 -42.68
C VAL SB 30 -116.98 -11.30 -41.23
N LEU SB 31 -118.19 -10.93 -40.79
CA LEU SB 31 -118.37 -10.46 -39.43
C LEU SB 31 -117.89 -11.47 -38.41
N LYS SB 32 -117.96 -12.77 -38.75
CA LYS SB 32 -117.54 -13.79 -37.80
C LYS SB 32 -116.06 -13.67 -37.47
N HIS SB 33 -115.22 -13.42 -38.49
CA HIS SB 33 -113.80 -13.25 -38.23
C HIS SB 33 -113.52 -11.96 -37.47
N VAL SB 34 -114.37 -10.96 -37.63
CA VAL SB 34 -114.15 -9.68 -36.94
C VAL SB 34 -114.17 -9.89 -35.43
N LYS SB 35 -115.16 -10.64 -34.95
CA LYS SB 35 -115.27 -10.87 -33.52
C LYS SB 35 -114.06 -11.62 -32.98
N LEU SB 36 -113.60 -12.64 -33.70
CA LEU SB 36 -112.44 -13.40 -33.26
C LEU SB 36 -111.19 -12.53 -33.27
N ILE SB 37 -110.95 -11.83 -34.38
CA ILE SB 37 -109.74 -11.03 -34.50
C ILE SB 37 -109.75 -9.89 -33.49
N LEU SB 38 -110.88 -9.20 -33.36
CA LEU SB 38 -110.99 -8.13 -32.38
C LEU SB 38 -110.83 -8.67 -30.96
N THR SB 39 -111.62 -9.68 -30.62
CA THR SB 39 -111.65 -10.16 -29.24
C THR SB 39 -110.38 -10.94 -28.90
N SER SB 40 -109.93 -11.82 -29.80
CA SER SB 40 -108.73 -12.62 -29.58
C SER SB 40 -107.51 -11.79 -29.96
N GLN SB 41 -107.33 -10.69 -29.23
CA GLN SB 41 -106.19 -9.81 -29.45
C GLN SB 41 -105.76 -9.20 -28.13
N LYS SB 42 -104.47 -8.88 -28.04
CA LYS SB 42 -103.88 -8.28 -26.86
C LYS SB 42 -103.09 -7.05 -27.27
N GLU SB 43 -103.01 -6.07 -26.36
CA GLU SB 43 -102.30 -4.82 -26.63
C GLU SB 43 -102.91 -4.12 -27.85
N HIS SB 44 -104.17 -3.72 -27.67
CA HIS SB 44 -104.94 -3.09 -28.74
C HIS SB 44 -104.08 -2.10 -29.53
N GLN SB 45 -104.21 -2.18 -30.85
CA GLN SB 45 -103.45 -1.37 -31.79
C GLN SB 45 -104.37 -0.48 -32.60
N PRO SB 46 -103.85 0.60 -33.18
CA PRO SB 46 -104.74 1.55 -33.87
C PRO SB 46 -105.58 0.93 -34.97
N TRP SB 47 -105.02 -0.02 -35.72
CA TRP SB 47 -105.76 -0.60 -36.83
C TRP SB 47 -106.98 -1.37 -36.38
N MET SB 48 -107.01 -1.82 -35.11
CA MET SB 48 -108.17 -2.52 -34.61
C MET SB 48 -109.39 -1.63 -34.61
N THR SB 49 -109.21 -0.36 -34.22
CA THR SB 49 -110.34 0.57 -34.20
C THR SB 49 -110.91 0.78 -35.59
N GLU SB 50 -110.03 0.88 -36.60
CA GLU SB 50 -110.50 1.08 -37.97
C GLU SB 50 -111.38 -0.07 -38.43
N MET SB 51 -111.00 -1.30 -38.09
CA MET SB 51 -111.78 -2.46 -38.51
C MET SB 51 -113.19 -2.41 -37.95
N ALA SB 52 -113.32 -2.08 -36.67
CA ALA SB 52 -114.64 -2.08 -36.04
C ALA SB 52 -115.54 -1.01 -36.65
N LEU SB 53 -114.99 0.17 -36.93
CA LEU SB 53 -115.80 1.26 -37.45
C LEU SB 53 -116.43 0.88 -38.79
N LYS SB 54 -115.65 0.27 -39.68
CA LYS SB 54 -116.18 -0.12 -40.98
C LYS SB 54 -117.21 -1.24 -40.82
N ALA SB 55 -117.01 -2.13 -39.85
CA ALA SB 55 -117.90 -3.28 -39.70
C ALA SB 55 -119.32 -2.83 -39.42
N ASP SB 56 -119.49 -1.87 -38.52
CA ASP SB 56 -120.84 -1.42 -38.17
C ASP SB 56 -121.55 -0.80 -39.36
N GLN SB 57 -120.78 -0.23 -40.30
CA GLN SB 57 -121.42 0.39 -41.48
C GLN SB 57 -122.18 -0.65 -42.29
N CYS SB 58 -121.59 -1.83 -42.48
CA CYS SB 58 -122.28 -2.87 -43.24
C CYS SB 58 -123.57 -3.27 -42.54
N LEU SB 59 -123.55 -3.37 -41.21
CA LEU SB 59 -124.76 -3.69 -40.46
C LEU SB 59 -125.81 -2.61 -40.64
N ILE SB 60 -125.39 -1.35 -40.63
CA ILE SB 60 -126.34 -0.25 -40.80
C ILE SB 60 -127.02 -0.35 -42.16
N HIS SB 61 -126.23 -0.53 -43.22
CA HIS SB 61 -126.80 -0.72 -44.54
C HIS SB 61 -127.62 -1.99 -44.60
N LYS SB 62 -127.12 -3.07 -43.98
CA LYS SB 62 -127.85 -4.33 -43.98
C LYS SB 62 -129.19 -4.17 -43.27
N ALA SB 63 -129.20 -3.46 -42.14
CA ALA SB 63 -130.43 -3.22 -41.40
C ALA SB 63 -131.36 -2.24 -42.12
N THR SB 64 -130.89 -1.58 -43.19
CA THR SB 64 -131.70 -0.61 -43.91
C THR SB 64 -132.58 -1.25 -44.97
N LEU SB 65 -132.19 -2.41 -45.51
CA LEU SB 65 -132.96 -3.04 -46.57
C LEU SB 65 -134.35 -3.46 -46.09
N ASP SB 66 -134.45 -3.94 -44.84
CA ASP SB 66 -135.75 -4.35 -44.33
C ASP SB 66 -136.76 -3.22 -44.37
N PRO SB 78 -134.16 2.21 -58.13
CA PRO SB 78 -132.70 2.40 -57.96
C PRO SB 78 -132.30 2.70 -56.53
N LEU SB 79 -132.94 3.68 -55.90
CA LEU SB 79 -132.50 4.12 -54.58
C LEU SB 79 -132.55 2.99 -53.56
N ILE SB 80 -133.65 2.23 -53.57
CA ILE SB 80 -133.78 1.12 -52.61
C ILE SB 80 -132.69 0.08 -52.86
N GLU SB 81 -132.47 -0.27 -54.12
CA GLU SB 81 -131.47 -1.27 -54.48
C GLU SB 81 -130.07 -0.71 -54.58
N ALA SB 82 -129.91 0.62 -54.63
CA ALA SB 82 -128.59 1.21 -54.78
C ALA SB 82 -127.71 0.90 -53.58
N MET SB 83 -128.27 0.99 -52.38
CA MET SB 83 -127.45 0.75 -51.18
C MET SB 83 -126.89 -0.66 -51.15
N GLN SB 84 -127.59 -1.62 -51.75
CA GLN SB 84 -127.10 -2.99 -51.75
C GLN SB 84 -125.76 -3.11 -52.44
N GLN SB 85 -125.48 -2.24 -53.42
CA GLN SB 85 -124.20 -2.29 -54.12
C GLN SB 85 -123.04 -2.00 -53.17
N ILE SB 86 -123.22 -1.03 -52.27
CA ILE SB 86 -122.15 -0.66 -51.35
C ILE SB 86 -121.87 -1.79 -50.37
N ILE SB 87 -122.92 -2.51 -49.96
CA ILE SB 87 -122.75 -3.58 -48.98
C ILE SB 87 -121.72 -4.58 -49.48
N LEU SB 88 -121.87 -5.04 -50.73
CA LEU SB 88 -120.92 -5.97 -51.30
C LEU SB 88 -119.53 -5.36 -51.38
N ALA SB 89 -119.45 -4.08 -51.79
CA ALA SB 89 -118.17 -3.42 -51.89
C ALA SB 89 -117.51 -3.29 -50.52
N MET SB 90 -118.28 -2.97 -49.50
CA MET SB 90 -117.72 -2.75 -48.17
C MET SB 90 -116.98 -4.00 -47.69
N THR SB 91 -117.50 -5.18 -48.01
CA THR SB 91 -116.83 -6.42 -47.62
C THR SB 91 -115.46 -6.53 -48.26
N ARG SB 92 -115.35 -6.15 -49.54
CA ARG SB 92 -114.09 -6.30 -50.25
C ARG SB 92 -112.97 -5.53 -49.55
N GLU SB 93 -113.25 -4.29 -49.16
CA GLU SB 93 -112.25 -3.53 -48.41
C GLU SB 93 -112.09 -4.12 -47.01
N LEU SB 94 -113.19 -4.54 -46.40
CA LEU SB 94 -113.12 -5.09 -45.05
C LEU SB 94 -112.32 -6.39 -45.02
N TRP SB 95 -112.55 -7.26 -46.00
CA TRP SB 95 -111.84 -8.54 -46.02
C TRP SB 95 -110.34 -8.35 -46.22
N GLY SB 96 -109.94 -7.23 -46.82
CA GLY SB 96 -108.52 -7.00 -47.03
C GLY SB 96 -107.75 -6.90 -45.73
N GLN SB 97 -108.34 -6.25 -44.73
CA GLN SB 97 -107.67 -6.13 -43.44
C GLN SB 97 -107.61 -7.45 -42.71
N ILE SB 98 -108.61 -8.31 -42.91
CA ILE SB 98 -108.61 -9.62 -42.26
C ILE SB 98 -107.38 -10.42 -42.66
N GLN SB 99 -107.10 -10.47 -43.96
CA GLN SB 99 -105.96 -11.24 -44.44
C GLN SB 99 -104.64 -10.64 -43.97
N ARG SB 100 -104.58 -9.32 -43.83
CA ARG SB 100 -103.36 -8.70 -43.32
C ARG SB 100 -103.05 -9.19 -41.90
N HIS SB 101 -104.08 -9.27 -41.05
CA HIS SB 101 -103.87 -9.75 -39.69
C HIS SB 101 -103.50 -11.23 -39.69
N HIS SB 102 -104.22 -12.04 -40.46
CA HIS SB 102 -103.95 -13.47 -40.48
C HIS SB 102 -102.63 -13.77 -41.19
N TYR SB 103 -102.55 -13.43 -42.47
CA TYR SB 103 -101.36 -13.76 -43.25
C TYR SB 103 -100.25 -12.73 -43.04
N GLY SB 104 -100.51 -11.49 -43.39
CA GLY SB 104 -99.52 -10.43 -43.35
C GLY SB 104 -99.62 -9.60 -44.60
N ILE SB 105 -99.26 -8.33 -44.49
CA ILE SB 105 -99.41 -7.41 -45.62
C ILE SB 105 -98.55 -7.86 -46.80
N VAL SB 106 -97.30 -8.23 -46.52
CA VAL SB 106 -96.38 -8.59 -47.60
C VAL SB 106 -96.89 -9.81 -48.35
N GLN SB 107 -97.30 -10.84 -47.61
CA GLN SB 107 -97.74 -12.08 -48.25
C GLN SB 107 -98.99 -11.86 -49.09
N VAL SB 108 -99.89 -10.98 -48.62
CA VAL SB 108 -101.14 -10.77 -49.34
C VAL SB 108 -100.86 -10.23 -50.74
N GLU SB 109 -99.94 -9.28 -50.85
CA GLU SB 109 -99.63 -8.69 -52.15
C GLU SB 109 -99.31 -9.77 -53.17
N HIS SB 110 -98.44 -10.72 -52.80
CA HIS SB 110 -98.10 -11.81 -53.70
C HIS SB 110 -99.33 -12.65 -54.03
N TYR SB 111 -100.15 -12.94 -53.01
CA TYR SB 111 -101.29 -13.83 -53.23
C TYR SB 111 -102.28 -13.22 -54.24
N VAL SB 112 -102.55 -11.92 -54.12
CA VAL SB 112 -103.52 -11.29 -54.99
C VAL SB 112 -103.08 -11.37 -56.44
N LYS SB 113 -101.82 -11.01 -56.70
CA LYS SB 113 -101.32 -11.05 -58.07
C LYS SB 113 -101.34 -12.47 -58.62
N GLN SB 114 -100.97 -13.45 -57.80
CA GLN SB 114 -101.07 -14.83 -58.23
C GLN SB 114 -102.51 -15.20 -58.56
N ILE SB 115 -103.46 -14.75 -57.74
CA ILE SB 115 -104.87 -14.98 -58.04
C ILE SB 115 -105.27 -14.25 -59.32
N THR SB 116 -104.81 -13.00 -59.46
CA THR SB 116 -105.18 -12.22 -60.63
C THR SB 116 -104.69 -12.89 -61.91
N LEU SB 117 -103.41 -13.26 -61.95
CA LEU SB 117 -102.90 -13.97 -63.12
C LEU SB 117 -103.62 -15.30 -63.31
N TRP SB 118 -103.87 -16.02 -62.22
CA TRP SB 118 -104.62 -17.27 -62.31
C TRP SB 118 -106.01 -17.04 -62.88
N GLN SB 119 -106.69 -15.98 -62.42
CA GLN SB 119 -107.99 -15.66 -62.97
C GLN SB 119 -107.89 -15.15 -64.40
N ASP SB 120 -106.82 -14.43 -64.72
CA ASP SB 120 -106.66 -13.87 -66.06
C ASP SB 120 -106.51 -14.97 -67.11
N THR SB 121 -105.71 -15.99 -66.80
CA THR SB 121 -105.48 -17.05 -67.76
C THR SB 121 -106.78 -17.78 -68.07
N PRO SB 122 -107.02 -18.17 -69.32
CA PRO SB 122 -108.27 -18.88 -69.65
C PRO SB 122 -108.38 -20.19 -68.89
N GLN SB 123 -109.62 -20.56 -68.56
CA GLN SB 123 -109.86 -21.75 -67.76
C GLN SB 123 -109.38 -23.02 -68.44
N ALA SB 124 -109.20 -23.00 -69.76
CA ALA SB 124 -108.77 -24.21 -70.46
C ALA SB 124 -107.39 -24.64 -69.98
N PHE SB 125 -106.47 -23.70 -69.79
CA PHE SB 125 -105.12 -23.99 -69.32
C PHE SB 125 -104.79 -23.14 -68.10
N ARG SB 126 -105.80 -22.82 -67.29
CA ARG SB 126 -105.59 -21.94 -66.14
C ARG SB 126 -104.66 -22.58 -65.12
N GLY SB 127 -104.85 -23.87 -64.85
CA GLY SB 127 -104.05 -24.56 -63.86
C GLY SB 127 -104.69 -24.57 -62.49
N ASP SB 128 -103.99 -25.23 -61.56
CA ASP SB 128 -104.48 -25.33 -60.21
C ASP SB 128 -104.49 -23.97 -59.53
N GLN SB 129 -105.55 -23.71 -58.77
CA GLN SB 129 -105.65 -22.44 -58.06
C GLN SB 129 -104.59 -22.37 -56.96
N PRO SB 130 -103.84 -21.29 -56.85
CA PRO SB 130 -102.82 -21.20 -55.80
C PRO SB 130 -103.44 -21.16 -54.41
N LYS SB 131 -102.69 -21.68 -53.45
CA LYS SB 131 -103.14 -21.73 -52.07
C LYS SB 131 -102.74 -20.47 -51.33
N PRO SB 132 -103.44 -20.13 -50.24
CA PRO SB 132 -103.10 -18.93 -49.49
C PRO SB 132 -101.69 -19.01 -48.92
N PRO SB 133 -101.09 -17.87 -48.57
CA PRO SB 133 -99.74 -17.90 -48.00
C PRO SB 133 -99.69 -18.49 -46.60
N SER SB 134 -98.50 -18.48 -46.00
CA SER SB 134 -98.33 -18.97 -44.65
C SER SB 134 -98.74 -17.91 -43.64
N PHE SB 135 -99.26 -18.36 -42.50
CA PHE SB 135 -99.72 -17.45 -41.46
C PHE SB 135 -98.54 -16.68 -40.87
N THR TB 3 -122.36 -2.69 -31.86
CA THR TB 3 -121.77 -3.54 -30.83
C THR TB 3 -120.28 -3.75 -31.01
N PHE TB 4 -119.81 -3.88 -32.25
CA PHE TB 4 -118.38 -4.13 -32.47
C PHE TB 4 -117.53 -2.99 -31.92
N ILE TB 5 -117.96 -1.74 -32.17
CA ILE TB 5 -117.19 -0.61 -31.67
C ILE TB 5 -117.16 -0.61 -30.15
N GLU TB 6 -118.25 -1.05 -29.52
CA GLU TB 6 -118.27 -1.13 -28.07
C GLU TB 6 -117.21 -2.10 -27.56
N LEU TB 7 -117.03 -3.23 -28.25
CA LEU TB 7 -116.03 -4.20 -27.83
C LEU TB 7 -114.63 -3.58 -27.86
N VAL TB 8 -114.34 -2.78 -28.88
CA VAL TB 8 -113.05 -2.10 -28.95
C VAL TB 8 -112.89 -1.16 -27.77
N LYS TB 9 -113.95 -0.40 -27.45
CA LYS TB 9 -113.88 0.54 -26.34
C LYS TB 9 -113.70 -0.17 -25.01
N ASN TB 10 -113.93 -1.48 -24.97
CA ASN TB 10 -113.73 -2.28 -23.76
C ASN TB 10 -112.32 -2.85 -23.66
N MET TB 11 -111.45 -2.53 -24.61
CA MET TB 11 -110.11 -3.11 -24.63
C MET TB 11 -109.18 -2.37 -23.66
N LYS TB 12 -107.92 -2.78 -23.67
CA LYS TB 12 -106.89 -2.15 -22.86
C LYS TB 12 -105.94 -1.38 -23.78
N GLY TB 13 -105.65 -0.13 -23.41
CA GLY TB 13 -104.82 0.73 -24.21
C GLY TB 13 -105.54 1.47 -25.31
N TYR TB 14 -106.85 1.24 -25.49
CA TYR TB 14 -107.60 1.96 -26.50
C TYR TB 14 -107.67 3.44 -26.18
N LYS TB 15 -107.56 4.26 -27.21
CA LYS TB 15 -107.57 5.71 -27.06
C LYS TB 15 -108.42 6.33 -28.17
N GLU TB 16 -109.21 7.33 -27.80
CA GLU TB 16 -110.07 7.98 -28.77
C GLU TB 16 -109.26 8.77 -29.78
N LEU TB 17 -109.71 8.76 -31.03
CA LEU TB 17 -109.10 9.55 -32.09
C LEU TB 17 -110.09 10.37 -32.89
N LEU TB 18 -111.40 10.12 -32.75
CA LEU TB 18 -112.40 10.87 -33.48
C LEU TB 18 -112.78 12.11 -32.69
N LEU TB 19 -113.77 12.85 -33.19
CA LEU TB 19 -114.20 14.11 -32.61
C LEU TB 19 -115.71 14.15 -32.58
N PRO TB 20 -116.29 15.01 -31.75
CA PRO TB 20 -117.75 15.11 -31.70
C PRO TB 20 -118.33 15.47 -33.07
N MET TB 21 -119.53 14.94 -33.32
CA MET TB 21 -120.17 15.17 -34.61
C MET TB 21 -120.27 16.65 -34.93
N GLU TB 22 -120.49 17.48 -33.91
CA GLU TB 22 -120.60 18.91 -34.13
C GLU TB 22 -119.29 19.49 -34.63
N MET TB 23 -118.16 19.05 -34.06
CA MET TB 23 -116.85 19.55 -34.46
C MET TB 23 -116.32 18.76 -35.66
N VAL TB 24 -117.14 18.74 -36.72
CA VAL TB 24 -116.77 18.07 -37.95
C VAL TB 24 -117.12 18.99 -39.13
N PRO TB 25 -116.18 19.28 -40.02
CA PRO TB 25 -116.50 20.15 -41.17
C PRO TB 25 -117.66 19.60 -41.98
N LEU TB 26 -118.16 20.46 -42.87
CA LEU TB 26 -119.26 20.09 -43.74
C LEU TB 26 -118.76 19.12 -44.82
N PRO TB 27 -119.67 18.35 -45.43
CA PRO TB 27 -119.26 17.42 -46.49
C PRO TB 27 -118.75 18.15 -47.72
N ALA TB 28 -118.34 17.39 -48.74
CA ALA TB 28 -117.85 17.97 -49.99
C ALA TB 28 -116.57 18.76 -49.76
N VAL TB 29 -116.67 19.87 -49.03
CA VAL TB 29 -115.50 20.71 -48.78
C VAL TB 29 -114.44 19.93 -48.00
N VAL TB 30 -114.88 19.13 -47.03
CA VAL TB 30 -113.94 18.33 -46.24
C VAL TB 30 -113.15 17.39 -47.14
N LEU TB 31 -113.76 16.93 -48.24
CA LEU TB 31 -113.08 16.03 -49.16
C LEU TB 31 -111.88 16.69 -49.83
N LYS TB 32 -111.80 18.02 -49.79
CA LYS TB 32 -110.70 18.71 -50.46
C LYS TB 32 -109.35 18.34 -49.84
N HIS TB 33 -109.31 18.21 -48.52
CA HIS TB 33 -108.07 17.80 -47.85
C HIS TB 33 -107.58 16.47 -48.38
N VAL TB 34 -108.48 15.63 -48.90
CA VAL TB 34 -108.08 14.35 -49.45
C VAL TB 34 -107.13 14.56 -50.62
N LYS TB 35 -107.47 15.47 -51.53
CA LYS TB 35 -106.62 15.72 -52.68
C LYS TB 35 -105.28 16.29 -52.26
N LEU TB 36 -105.27 17.18 -51.27
CA LEU TB 36 -104.03 17.81 -50.85
C LEU TB 36 -103.09 16.85 -50.16
N ILE TB 37 -103.56 15.65 -49.81
CA ILE TB 37 -102.73 14.67 -49.10
C ILE TB 37 -102.43 13.49 -50.02
N LEU TB 38 -103.32 13.25 -50.99
CA LEU TB 38 -103.09 12.20 -51.98
C LEU TB 38 -102.28 12.72 -53.16
N THR TB 39 -102.74 13.79 -53.80
CA THR TB 39 -102.04 14.32 -54.96
C THR TB 39 -100.64 14.80 -54.58
N SER TB 40 -100.51 15.47 -53.44
CA SER TB 40 -99.21 15.95 -52.96
C SER TB 40 -98.54 14.88 -52.09
N GLN TB 41 -98.35 13.71 -52.70
CA GLN TB 41 -97.77 12.58 -51.98
C GLN TB 41 -97.12 11.63 -52.98
N LYS TB 42 -96.28 10.76 -52.45
CA LYS TB 42 -95.58 9.76 -53.23
C LYS TB 42 -95.22 8.61 -52.31
N GLU TB 43 -94.75 7.51 -52.89
CA GLU TB 43 -94.42 6.30 -52.14
C GLU TB 43 -95.66 5.77 -51.43
N HIS TB 44 -96.62 5.36 -52.25
CA HIS TB 44 -97.90 4.83 -51.79
C HIS TB 44 -97.73 3.92 -50.59
N GLN TB 45 -98.40 4.26 -49.49
CA GLN TB 45 -98.37 3.51 -48.27
C GLN TB 45 -99.71 2.85 -48.00
N PRO TB 46 -99.75 1.80 -47.19
CA PRO TB 46 -101.02 1.07 -46.99
C PRO TB 46 -102.15 1.95 -46.49
N TRP TB 47 -101.86 2.90 -45.59
CA TRP TB 47 -102.93 3.71 -45.04
C TRP TB 47 -103.52 4.65 -46.08
N MET TB 48 -102.76 5.00 -47.10
CA MET TB 48 -103.28 5.89 -48.14
C MET TB 48 -104.46 5.24 -48.86
N THR TB 49 -104.37 3.95 -49.15
CA THR TB 49 -105.49 3.26 -49.80
C THR TB 49 -106.73 3.28 -48.91
N GLU TB 50 -106.55 3.09 -47.60
CA GLU TB 50 -107.69 3.11 -46.70
C GLU TB 50 -108.44 4.43 -46.79
N MET TB 51 -107.70 5.54 -46.78
CA MET TB 51 -108.33 6.85 -46.91
C MET TB 51 -109.05 6.98 -48.25
N ALA TB 52 -108.41 6.52 -49.33
CA ALA TB 52 -109.02 6.66 -50.65
C ALA TB 52 -110.31 5.87 -50.74
N LEU TB 53 -110.33 4.65 -50.21
CA LEU TB 53 -111.50 3.80 -50.30
C LEU TB 53 -112.61 4.23 -49.35
N LYS TB 54 -112.34 5.15 -48.42
CA LYS TB 54 -113.34 5.68 -47.52
C LYS TB 54 -113.92 6.99 -48.01
N ALA TB 55 -113.06 7.91 -48.47
CA ALA TB 55 -113.55 9.20 -48.94
C ALA TB 55 -114.46 9.04 -50.15
N ASP TB 56 -114.08 8.16 -51.09
CA ASP TB 56 -114.88 7.97 -52.29
C ASP TB 56 -116.27 7.46 -51.98
N GLN TB 57 -116.47 6.85 -50.82
CA GLN TB 57 -117.80 6.34 -50.47
C GLN TB 57 -118.81 7.48 -50.32
N CYS TB 58 -118.37 8.62 -49.76
CA CYS TB 58 -119.28 9.74 -49.59
C CYS TB 58 -119.85 10.19 -50.93
N LEU TB 59 -119.02 10.23 -51.97
CA LEU TB 59 -119.52 10.59 -53.30
C LEU TB 59 -120.56 9.59 -53.77
N ILE TB 60 -120.33 8.30 -53.52
CA ILE TB 60 -121.29 7.28 -53.92
C ILE TB 60 -122.64 7.52 -53.24
N HIS TB 61 -122.59 7.72 -51.91
CA HIS TB 61 -123.82 8.05 -51.19
C HIS TB 61 -124.36 9.39 -51.65
N LYS TB 62 -123.49 10.37 -51.86
CA LYS TB 62 -123.92 11.68 -52.33
C LYS TB 62 -124.52 11.59 -53.72
N ALA TB 63 -123.96 10.74 -54.58
CA ALA TB 63 -124.47 10.60 -55.93
C ALA TB 63 -125.91 10.13 -55.96
N THR TB 64 -126.37 9.42 -54.92
CA THR TB 64 -127.75 8.95 -54.88
C THR TB 64 -128.74 10.09 -54.72
N LEU TB 65 -128.29 11.27 -54.29
CA LEU TB 65 -129.20 12.40 -54.14
C LEU TB 65 -129.87 12.76 -55.45
N ASP TB 66 -129.19 12.55 -56.58
CA ASP TB 66 -129.82 12.79 -57.86
C ASP TB 66 -131.04 11.90 -58.06
N PRO TB 78 -137.47 6.77 -44.64
CA PRO TB 78 -136.33 6.29 -43.83
C PRO TB 78 -135.11 5.96 -44.66
N LEU TB 79 -135.31 5.41 -45.87
CA LEU TB 79 -134.18 5.08 -46.73
C LEU TB 79 -133.41 6.33 -47.12
N ILE TB 80 -134.11 7.39 -47.47
CA ILE TB 80 -133.45 8.63 -47.86
C ILE TB 80 -132.81 9.28 -46.64
N GLU TB 81 -133.54 9.32 -45.51
CA GLU TB 81 -133.00 9.93 -44.30
C GLU TB 81 -131.79 9.16 -43.79
N ALA TB 82 -131.85 7.83 -43.83
CA ALA TB 82 -130.78 7.02 -43.25
C ALA TB 82 -129.44 7.29 -43.93
N MET TB 83 -129.45 7.40 -45.26
CA MET TB 83 -128.20 7.61 -45.99
C MET TB 83 -127.54 8.92 -45.57
N GLN TB 84 -128.33 9.97 -45.39
CA GLN TB 84 -127.76 11.26 -45.00
C GLN TB 84 -127.06 11.16 -43.64
N GLN TB 85 -127.65 10.41 -42.72
CA GLN TB 85 -127.03 10.26 -41.40
C GLN TB 85 -125.68 9.57 -41.50
N ILE TB 86 -125.57 8.57 -42.37
CA ILE TB 86 -124.34 7.80 -42.48
C ILE TB 86 -123.19 8.68 -42.93
N ILE TB 87 -123.46 9.66 -43.80
CA ILE TB 87 -122.39 10.51 -44.32
C ILE TB 87 -121.67 11.21 -43.19
N LEU TB 88 -122.41 11.67 -42.18
CA LEU TB 88 -121.78 12.32 -41.04
C LEU TB 88 -120.81 11.39 -40.33
N ALA TB 89 -121.22 10.13 -40.14
CA ALA TB 89 -120.36 9.18 -39.44
C ALA TB 89 -119.06 8.95 -40.22
N MET TB 90 -119.17 8.76 -41.53
CA MET TB 90 -117.97 8.55 -42.34
C MET TB 90 -117.10 9.80 -42.35
N THR TB 91 -117.73 10.97 -42.41
CA THR TB 91 -116.96 12.21 -42.41
C THR TB 91 -116.13 12.34 -41.14
N ARG TB 92 -116.70 11.94 -40.00
CA ARG TB 92 -115.96 11.99 -38.74
C ARG TB 92 -114.70 11.13 -38.82
N GLU TB 93 -114.82 9.93 -39.40
CA GLU TB 93 -113.65 9.06 -39.51
C GLU TB 93 -112.58 9.68 -40.41
N LEU TB 94 -113.00 10.34 -41.48
CA LEU TB 94 -112.04 10.95 -42.40
C LEU TB 94 -111.16 11.97 -41.69
N TRP TB 95 -111.76 12.81 -40.86
CA TRP TB 95 -110.99 13.86 -40.19
C TRP TB 95 -109.94 13.27 -39.27
N GLY TB 96 -110.29 12.21 -38.54
CA GLY TB 96 -109.32 11.59 -37.64
C GLY TB 96 -108.09 11.10 -38.36
N GLN TB 97 -108.28 10.49 -39.54
CA GLN TB 97 -107.13 10.05 -40.33
C GLN TB 97 -106.27 11.23 -40.76
N ILE TB 98 -106.91 12.33 -41.16
CA ILE TB 98 -106.17 13.50 -41.59
C ILE TB 98 -105.29 14.02 -40.46
N GLN TB 99 -105.86 14.16 -39.27
CA GLN TB 99 -105.08 14.59 -38.11
C GLN TB 99 -104.03 13.54 -37.75
N ARG TB 100 -104.35 12.26 -37.94
CA ARG TB 100 -103.37 11.20 -37.71
C ARG TB 100 -102.15 11.35 -38.61
N HIS TB 101 -102.28 12.09 -39.70
CA HIS TB 101 -101.18 12.33 -40.63
C HIS TB 101 -100.53 13.70 -40.44
N HIS TB 102 -101.34 14.75 -40.31
CA HIS TB 102 -100.82 16.11 -40.18
C HIS TB 102 -100.11 16.29 -38.85
N TYR TB 103 -100.84 16.14 -37.75
CA TYR TB 103 -100.29 16.36 -36.42
C TYR TB 103 -99.85 15.04 -35.78
N GLY TB 104 -99.03 14.29 -36.50
CA GLY TB 104 -98.56 13.04 -35.95
C GLY TB 104 -99.70 12.07 -35.70
N ILE TB 105 -99.39 11.04 -34.92
CA ILE TB 105 -100.37 10.04 -34.54
C ILE TB 105 -100.42 9.95 -33.01
N VAL TB 106 -99.32 10.31 -32.36
CA VAL TB 106 -99.27 10.27 -30.90
C VAL TB 106 -99.83 11.56 -30.31
N GLN TB 107 -99.42 12.70 -30.84
CA GLN TB 107 -99.91 13.98 -30.35
C GLN TB 107 -101.40 14.16 -30.57
N VAL TB 108 -101.98 13.42 -31.53
CA VAL TB 108 -103.41 13.55 -31.80
C VAL TB 108 -104.22 13.15 -30.58
N GLU TB 109 -103.85 12.04 -29.94
CA GLU TB 109 -104.59 11.57 -28.78
C GLU TB 109 -104.62 12.61 -27.68
N HIS TB 110 -103.50 13.28 -27.45
CA HIS TB 110 -103.45 14.32 -26.42
C HIS TB 110 -104.43 15.44 -26.73
N TYR TB 111 -104.48 15.87 -27.99
CA TYR TB 111 -105.38 16.96 -28.36
C TYR TB 111 -106.83 16.58 -28.12
N VAL TB 112 -107.24 15.40 -28.61
CA VAL TB 112 -108.62 14.97 -28.45
C VAL TB 112 -108.94 14.76 -26.97
N LYS TB 113 -107.96 14.29 -26.19
CA LYS TB 113 -108.16 14.14 -24.76
C LYS TB 113 -108.56 15.46 -24.14
N GLN TB 114 -107.89 16.55 -24.50
CA GLN TB 114 -108.23 17.86 -23.96
C GLN TB 114 -109.56 18.36 -24.52
N ILE TB 115 -109.85 18.04 -25.78
CA ILE TB 115 -111.11 18.47 -26.38
C ILE TB 115 -112.29 17.92 -25.59
N THR TB 116 -112.22 16.65 -25.20
CA THR TB 116 -113.33 16.05 -24.46
C THR TB 116 -113.54 16.77 -23.14
N LEU TB 117 -112.46 17.05 -22.41
CA LEU TB 117 -112.59 17.76 -21.15
C LEU TB 117 -113.08 19.19 -21.36
N TRP TB 118 -112.58 19.87 -22.38
CA TRP TB 118 -112.93 21.26 -22.61
C TRP TB 118 -114.39 21.44 -23.00
N GLN TB 119 -115.03 20.39 -23.53
CA GLN TB 119 -116.43 20.47 -23.94
C GLN TB 119 -117.39 19.86 -22.94
N ASP TB 120 -116.99 18.76 -22.29
CA ASP TB 120 -117.88 18.09 -21.35
C ASP TB 120 -118.21 18.99 -20.16
N THR TB 121 -117.21 19.73 -19.66
CA THR TB 121 -117.45 20.62 -18.55
C THR TB 121 -118.42 21.73 -18.96
N PRO TB 122 -119.17 22.29 -18.02
CA PRO TB 122 -120.13 23.34 -18.38
C PRO TB 122 -119.41 24.55 -18.94
N GLN TB 123 -120.13 25.27 -19.82
CA GLN TB 123 -119.53 26.41 -20.51
C GLN TB 123 -119.03 27.48 -19.55
N ALA TB 124 -119.55 27.51 -18.32
CA ALA TB 124 -119.11 28.50 -17.35
C ALA TB 124 -117.73 28.22 -16.77
N PHE TB 125 -117.16 27.04 -17.06
CA PHE TB 125 -115.86 26.66 -16.52
C PHE TB 125 -114.83 26.32 -17.58
N ARG TB 126 -115.22 26.23 -18.85
CA ARG TB 126 -114.28 25.79 -19.89
C ARG TB 126 -113.07 26.71 -19.95
N GLY TB 127 -113.29 27.98 -20.30
CA GLY TB 127 -112.21 28.92 -20.45
C GLY TB 127 -111.91 29.24 -21.90
N ASP TB 128 -110.79 28.73 -22.41
CA ASP TB 128 -110.37 28.96 -23.78
C ASP TB 128 -110.11 27.63 -24.47
N GLN TB 129 -110.47 27.55 -25.75
CA GLN TB 129 -110.25 26.33 -26.50
C GLN TB 129 -108.75 26.02 -26.58
N PRO TB 130 -108.34 24.77 -26.36
CA PRO TB 130 -106.92 24.42 -26.49
C PRO TB 130 -106.54 24.26 -27.96
N LYS TB 131 -105.61 25.09 -28.41
CA LYS TB 131 -105.21 25.04 -29.81
C LYS TB 131 -104.55 23.71 -30.13
N PRO TB 132 -104.90 23.08 -31.26
CA PRO TB 132 -104.26 21.82 -31.61
C PRO TB 132 -102.79 22.01 -31.91
N PRO TB 133 -101.95 20.99 -31.71
CA PRO TB 133 -100.53 21.13 -32.01
C PRO TB 133 -100.31 21.34 -33.50
N SER TB 134 -99.23 22.07 -33.82
CA SER TB 134 -98.92 22.37 -35.20
C SER TB 134 -98.34 21.14 -35.89
N PHE TB 135 -97.91 21.32 -37.15
CA PHE TB 135 -97.38 20.23 -37.96
C PHE TB 135 -95.97 19.91 -37.47
N THR UB 3 -121.75 11.53 10.04
CA THR UB 3 -120.93 11.74 11.22
C THR UB 3 -119.49 11.29 11.00
N PHE UB 4 -119.27 10.34 10.09
CA PHE UB 4 -117.91 9.91 9.80
C PHE UB 4 -117.07 11.07 9.28
N ILE UB 5 -117.65 11.90 8.41
CA ILE UB 5 -116.91 13.03 7.89
C ILE UB 5 -116.46 13.93 9.04
N GLU UB 6 -117.32 14.10 10.05
CA GLU UB 6 -116.91 14.86 11.23
C GLU UB 6 -115.73 14.19 11.91
N LEU UB 7 -115.74 12.86 11.99
CA LEU UB 7 -114.63 12.15 12.63
C LEU UB 7 -113.33 12.38 11.87
N VAL UB 8 -113.42 12.69 10.57
CA VAL UB 8 -112.23 12.99 9.78
C VAL UB 8 -112.05 14.49 9.55
N LYS UB 9 -113.10 15.30 9.70
CA LYS UB 9 -112.96 16.73 9.49
C LYS UB 9 -111.90 17.32 10.40
N ASN UB 10 -111.66 16.71 11.56
CA ASN UB 10 -110.62 17.18 12.47
C ASN UB 10 -109.24 16.66 12.10
N MET UB 11 -109.15 15.68 11.20
CA MET UB 11 -107.85 15.15 10.82
C MET UB 11 -107.04 16.21 10.08
N LYS UB 12 -105.71 16.14 10.25
CA LYS UB 12 -104.83 17.12 9.63
C LYS UB 12 -104.91 17.05 8.11
N GLY UB 13 -104.93 15.85 7.54
CA GLY UB 13 -104.90 15.68 6.11
C GLY UB 13 -106.28 15.66 5.46
N TYR UB 14 -107.32 15.93 6.24
CA TYR UB 14 -108.67 15.94 5.70
C TYR UB 14 -108.83 17.04 4.67
N LYS UB 15 -109.57 16.74 3.60
CA LYS UB 15 -109.77 17.68 2.51
C LYS UB 15 -111.21 17.61 2.04
N GLU UB 16 -111.69 18.71 1.47
CA GLU UB 16 -113.04 18.78 0.91
C GLU UB 16 -112.99 18.30 -0.53
N LEU UB 17 -112.94 16.99 -0.69
CA LEU UB 17 -112.88 16.40 -2.02
C LEU UB 17 -114.18 16.60 -2.79
N LEU UB 18 -115.28 16.92 -2.11
CA LEU UB 18 -116.56 17.13 -2.76
C LEU UB 18 -116.54 18.47 -3.49
N LEU UB 19 -116.34 18.44 -4.80
CA LEU UB 19 -116.26 19.66 -5.58
C LEU UB 19 -117.65 20.27 -5.74
N PRO UB 20 -117.71 21.54 -6.13
CA PRO UB 20 -119.02 22.20 -6.28
C PRO UB 20 -119.91 21.44 -7.27
N MET UB 21 -121.21 21.43 -6.96
CA MET UB 21 -122.16 20.73 -7.83
C MET UB 21 -122.17 21.33 -9.23
N GLU UB 22 -122.14 22.66 -9.33
CA GLU UB 22 -122.13 23.30 -10.64
C GLU UB 22 -120.88 22.93 -11.43
N MET UB 23 -119.77 22.66 -10.73
CA MET UB 23 -118.51 22.37 -11.41
C MET UB 23 -118.61 21.08 -12.23
N VAL UB 24 -119.22 20.04 -11.68
CA VAL UB 24 -119.25 18.73 -12.32
C VAL UB 24 -120.35 18.71 -13.38
N PRO UB 25 -120.21 17.88 -14.42
CA PRO UB 25 -121.27 17.77 -15.43
C PRO UB 25 -122.38 16.82 -15.02
N LEU UB 26 -123.31 16.55 -15.94
CA LEU UB 26 -124.40 15.64 -15.64
C LEU UB 26 -123.89 14.22 -15.46
N PRO UB 27 -124.64 13.37 -14.77
CA PRO UB 27 -124.14 12.01 -14.49
C PRO UB 27 -123.79 11.23 -15.74
N ALA UB 28 -124.55 11.38 -16.82
CA ALA UB 28 -124.31 10.58 -18.02
C ALA UB 28 -122.93 10.85 -18.60
N VAL UB 29 -122.51 12.11 -18.64
CA VAL UB 29 -121.23 12.45 -19.25
C VAL UB 29 -120.09 11.89 -18.42
N VAL UB 30 -120.22 11.89 -17.08
CA VAL UB 30 -119.13 11.41 -16.24
C VAL UB 30 -118.85 9.95 -16.52
N LEU UB 31 -119.89 9.14 -16.69
CA LEU UB 31 -119.69 7.73 -16.97
C LEU UB 31 -118.81 7.52 -18.20
N LYS UB 32 -118.89 8.44 -19.16
CA LYS UB 32 -118.07 8.32 -20.36
C LYS UB 32 -116.59 8.36 -20.01
N HIS UB 33 -116.19 9.27 -19.13
CA HIS UB 33 -114.77 9.39 -18.78
C HIS UB 33 -114.29 8.20 -17.97
N VAL UB 34 -115.18 7.54 -17.22
CA VAL UB 34 -114.78 6.38 -16.44
C VAL UB 34 -114.28 5.28 -17.35
N LYS UB 35 -114.99 5.02 -18.44
CA LYS UB 35 -114.52 4.03 -19.41
C LYS UB 35 -113.20 4.47 -20.03
N LEU UB 36 -113.09 5.75 -20.39
CA LEU UB 36 -111.89 6.24 -21.04
C LEU UB 36 -110.68 6.19 -20.11
N ILE UB 37 -110.86 6.60 -18.85
CA ILE UB 37 -109.74 6.61 -17.92
C ILE UB 37 -109.35 5.18 -17.54
N LEU UB 38 -110.34 4.33 -17.26
CA LEU UB 38 -110.03 2.94 -16.95
C LEU UB 38 -109.38 2.24 -18.14
N THR UB 39 -109.90 2.46 -19.34
CA THR UB 39 -109.33 1.84 -20.52
C THR UB 39 -107.90 2.32 -20.76
N SER UB 40 -107.67 3.63 -20.64
CA SER UB 40 -106.33 4.15 -20.88
C SER UB 40 -105.33 3.62 -19.87
N GLN UB 41 -105.71 3.57 -18.60
CA GLN UB 41 -104.80 3.11 -17.56
C GLN UB 41 -104.52 1.62 -17.73
N LYS UB 42 -103.27 1.24 -17.46
CA LYS UB 42 -102.83 -0.14 -17.63
C LYS UB 42 -102.45 -0.82 -16.33
N GLU UB 43 -101.60 -0.20 -15.51
CA GLU UB 43 -101.18 -0.83 -14.26
C GLU UB 43 -102.38 -1.02 -13.34
N HIS UB 44 -102.43 -2.19 -12.70
CA HIS UB 44 -103.54 -2.53 -11.82
C HIS UB 44 -103.25 -2.08 -10.41
N GLN UB 45 -104.12 -1.23 -9.87
CA GLN UB 45 -104.08 -0.77 -8.49
C GLN UB 45 -105.47 -0.86 -7.90
N PRO UB 46 -105.58 -0.91 -6.57
CA PRO UB 46 -106.90 -1.07 -5.95
C PRO UB 46 -107.87 0.06 -6.28
N TRP UB 47 -107.38 1.26 -6.58
CA TRP UB 47 -108.29 2.38 -6.79
C TRP UB 47 -109.18 2.16 -8.01
N MET UB 48 -108.60 1.66 -9.11
CA MET UB 48 -109.42 1.41 -10.30
C MET UB 48 -110.43 0.31 -10.04
N THR UB 49 -110.03 -0.73 -9.29
CA THR UB 49 -110.98 -1.79 -8.94
C THR UB 49 -112.13 -1.23 -8.11
N GLU UB 50 -111.84 -0.37 -7.14
CA GLU UB 50 -112.88 0.26 -6.35
C GLU UB 50 -113.57 1.39 -7.11
N MET UB 51 -112.85 2.05 -8.02
CA MET UB 51 -113.44 3.13 -8.79
C MET UB 51 -114.60 2.63 -9.64
N ALA UB 52 -114.43 1.48 -10.28
CA ALA UB 52 -115.51 0.91 -11.10
C ALA UB 52 -116.73 0.59 -10.24
N LEU UB 53 -116.51 0.01 -9.06
CA LEU UB 53 -117.63 -0.35 -8.20
C LEU UB 53 -118.43 0.87 -7.79
N LYS UB 54 -117.75 1.96 -7.44
CA LYS UB 54 -118.45 3.17 -7.02
C LYS UB 54 -119.31 3.72 -8.15
N ALA UB 55 -118.80 3.69 -9.38
CA ALA UB 55 -119.58 4.19 -10.51
C ALA UB 55 -120.69 3.23 -10.90
N ASP UB 56 -120.53 1.95 -10.62
CA ASP UB 56 -121.53 0.97 -11.02
C ASP UB 56 -122.88 1.25 -10.35
N GLN UB 57 -122.86 1.66 -9.08
CA GLN UB 57 -124.10 1.87 -8.36
C GLN UB 57 -124.99 2.88 -9.08
N CYS UB 58 -124.39 3.90 -9.69
CA CYS UB 58 -125.18 4.91 -10.39
C CYS UB 58 -125.99 4.29 -11.52
N LEU UB 59 -125.45 3.27 -12.19
CA LEU UB 59 -126.17 2.64 -13.28
C LEU UB 59 -127.47 2.00 -12.80
N ILE UB 60 -127.42 1.34 -11.63
CA ILE UB 60 -128.62 0.68 -11.12
C ILE UB 60 -129.71 1.70 -10.85
N HIS UB 61 -129.34 2.84 -10.26
CA HIS UB 61 -130.32 3.88 -9.97
C HIS UB 61 -130.96 4.41 -11.24
N LYS UB 62 -130.20 4.46 -12.34
CA LYS UB 62 -130.77 4.91 -13.60
C LYS UB 62 -131.94 4.05 -14.01
N ALA UB 63 -131.77 2.73 -13.98
CA ALA UB 63 -132.85 1.82 -14.34
C ALA UB 63 -133.88 1.70 -13.22
N THR UB 64 -133.46 1.79 -11.97
CA THR UB 64 -134.40 1.69 -10.85
C THR UB 64 -135.48 2.75 -10.96
N LEU UB 65 -135.07 4.01 -11.17
CA LEU UB 65 -136.04 5.09 -11.32
C LEU UB 65 -136.71 5.04 -12.69
N PRO UB 78 -140.81 11.81 -1.16
CA PRO UB 78 -139.50 11.98 -0.49
C PRO UB 78 -138.49 10.91 -0.87
N LEU UB 79 -138.96 9.67 -1.09
CA LEU UB 79 -138.05 8.60 -1.44
C LEU UB 79 -137.41 8.83 -2.80
N ILE UB 80 -138.24 9.12 -3.81
CA ILE UB 80 -137.73 9.30 -5.16
C ILE UB 80 -136.83 10.54 -5.22
N GLU UB 81 -137.26 11.63 -4.58
CA GLU UB 81 -136.48 12.87 -4.63
C GLU UB 81 -135.10 12.68 -4.02
N ALA UB 82 -135.03 11.95 -2.90
CA ALA UB 82 -133.74 11.72 -2.26
C ALA UB 82 -132.78 10.98 -3.18
N MET UB 83 -133.28 9.99 -3.92
CA MET UB 83 -132.43 9.23 -4.83
C MET UB 83 -131.81 10.14 -5.88
N GLN UB 84 -132.57 11.10 -6.38
CA GLN UB 84 -132.04 12.02 -7.38
C GLN UB 84 -130.85 12.78 -6.83
N GLN UB 85 -130.94 13.25 -5.58
CA GLN UB 85 -129.81 13.93 -4.96
C GLN UB 85 -128.67 12.95 -4.67
N ILE UB 86 -128.99 11.70 -4.35
CA ILE UB 86 -127.96 10.71 -4.06
C ILE UB 86 -127.09 10.47 -5.29
N ILE UB 87 -127.71 10.37 -6.46
CA ILE UB 87 -126.96 10.15 -7.69
C ILE UB 87 -125.96 11.28 -7.90
N LEU UB 88 -126.41 12.53 -7.71
CA LEU UB 88 -125.51 13.65 -7.86
C LEU UB 88 -124.39 13.63 -6.82
N ALA UB 89 -124.66 13.06 -5.66
CA ALA UB 89 -123.63 12.98 -4.62
C ALA UB 89 -122.45 12.14 -5.09
N MET UB 90 -122.75 11.00 -5.74
CA MET UB 90 -121.67 10.13 -6.21
C MET UB 90 -120.92 10.76 -7.39
N THR UB 91 -121.61 11.55 -8.21
CA THR UB 91 -120.96 12.17 -9.35
C THR UB 91 -119.84 13.09 -8.91
N ARG UB 92 -120.08 13.89 -7.86
CA ARG UB 92 -119.04 14.77 -7.35
C ARG UB 92 -117.84 13.96 -6.87
N GLU UB 93 -118.09 12.85 -6.17
CA GLU UB 93 -117.01 12.01 -5.70
C GLU UB 93 -116.24 11.40 -6.86
N LEU UB 94 -116.96 10.94 -7.89
CA LEU UB 94 -116.29 10.31 -9.03
C LEU UB 94 -115.42 11.31 -9.77
N TRP UB 95 -115.93 12.52 -10.00
CA TRP UB 95 -115.17 13.51 -10.76
C TRP UB 95 -113.87 13.87 -10.06
N GLY UB 96 -113.84 13.77 -8.72
CA GLY UB 96 -112.62 14.08 -8.00
C GLY UB 96 -111.49 13.14 -8.37
N GLN UB 97 -111.78 11.84 -8.39
CA GLN UB 97 -110.76 10.86 -8.77
C GLN UB 97 -110.34 11.06 -10.22
N ILE UB 98 -111.28 11.42 -11.09
CA ILE UB 98 -110.95 11.67 -12.49
C ILE UB 98 -109.93 12.79 -12.61
N GLN UB 99 -110.21 13.92 -11.96
CA GLN UB 99 -109.31 15.06 -12.06
C GLN UB 99 -107.99 14.81 -11.35
N ARG UB 100 -108.05 14.18 -10.17
CA ARG UB 100 -106.82 13.91 -9.43
C ARG UB 100 -105.91 12.95 -10.20
N HIS UB 101 -106.50 11.92 -10.82
CA HIS UB 101 -105.70 10.97 -11.58
C HIS UB 101 -105.08 11.62 -12.81
N HIS UB 102 -105.86 12.43 -13.54
CA HIS UB 102 -105.35 13.06 -14.75
C HIS UB 102 -104.24 14.07 -14.42
N TYR UB 103 -104.52 14.99 -13.50
CA TYR UB 103 -103.57 16.03 -13.15
C TYR UB 103 -102.76 15.67 -11.90
N GLY UB 104 -103.44 15.45 -10.79
CA GLY UB 104 -102.78 15.16 -9.54
C GLY UB 104 -103.63 15.56 -8.37
N ILE UB 105 -103.32 14.95 -7.21
CA ILE UB 105 -104.11 15.20 -6.01
C ILE UB 105 -103.96 16.66 -5.56
N VAL UB 106 -102.72 17.16 -5.56
CA VAL UB 106 -102.48 18.52 -5.06
C VAL UB 106 -103.09 19.55 -6.01
N GLN UB 107 -102.98 19.32 -7.32
CA GLN UB 107 -103.45 20.32 -8.27
C GLN UB 107 -104.94 20.56 -8.15
N VAL UB 108 -105.72 19.50 -7.99
CA VAL UB 108 -107.17 19.65 -7.84
C VAL UB 108 -107.48 20.45 -6.57
N GLU UB 109 -106.84 20.06 -5.46
CA GLU UB 109 -107.03 20.81 -4.22
C GLU UB 109 -106.56 22.24 -4.37
N HIS UB 110 -105.52 22.47 -5.18
CA HIS UB 110 -104.99 23.81 -5.38
C HIS UB 110 -105.87 24.63 -6.32
N TYR UB 111 -106.44 23.99 -7.34
CA TYR UB 111 -107.18 24.70 -8.37
C TYR UB 111 -108.66 24.88 -8.05
N VAL UB 112 -109.25 23.98 -7.26
CA VAL UB 112 -110.68 24.06 -7.00
C VAL UB 112 -111.04 25.38 -6.32
N LYS UB 113 -110.23 25.78 -5.34
CA LYS UB 113 -110.55 27.00 -4.60
C LYS UB 113 -110.49 28.23 -5.49
N GLN UB 114 -109.55 28.26 -6.43
CA GLN UB 114 -109.37 29.44 -7.26
C GLN UB 114 -110.64 29.80 -8.02
N ILE UB 115 -111.26 28.80 -8.65
CA ILE UB 115 -112.46 29.06 -9.44
C ILE UB 115 -113.61 29.50 -8.54
N THR UB 116 -113.70 28.93 -7.34
CA THR UB 116 -114.76 29.32 -6.43
C THR UB 116 -114.65 30.78 -6.06
N LEU UB 117 -113.43 31.27 -5.81
CA LEU UB 117 -113.24 32.67 -5.51
C LEU UB 117 -113.67 33.56 -6.67
N TRP UB 118 -113.32 33.17 -7.90
CA TRP UB 118 -113.69 33.97 -9.06
C TRP UB 118 -115.20 34.14 -9.18
N GLN UB 119 -115.97 33.18 -8.64
CA GLN UB 119 -117.41 33.30 -8.67
C GLN UB 119 -117.93 34.16 -7.53
N ASP UB 120 -117.49 33.86 -6.30
CA ASP UB 120 -117.95 34.60 -5.13
C ASP UB 120 -117.22 35.94 -5.08
N THR UB 121 -117.65 36.84 -5.95
CA THR UB 121 -117.07 38.17 -6.06
C THR UB 121 -118.09 39.08 -6.73
N PRO UB 122 -118.08 40.39 -6.44
CA PRO UB 122 -119.12 41.26 -7.02
C PRO UB 122 -118.99 41.44 -8.52
N GLN UB 123 -119.33 40.40 -9.27
CA GLN UB 123 -119.41 40.43 -10.74
C GLN UB 123 -118.31 41.27 -11.39
N ALA UB 124 -118.36 42.59 -11.20
CA ALA UB 124 -117.48 43.48 -11.96
C ALA UB 124 -116.02 43.11 -11.74
N PHE UB 125 -115.59 43.03 -10.50
CA PHE UB 125 -114.21 42.66 -10.19
C PHE UB 125 -114.08 41.16 -9.94
N ARG UB 126 -114.61 40.36 -10.87
CA ARG UB 126 -114.56 38.92 -10.70
C ARG UB 126 -113.14 38.40 -10.81
N GLY UB 127 -112.35 38.95 -11.73
CA GLY UB 127 -110.99 38.52 -11.92
C GLY UB 127 -110.58 38.54 -13.38
N ASP UB 128 -109.97 37.45 -13.84
CA ASP UB 128 -109.53 37.34 -15.22
C ASP UB 128 -109.83 35.96 -15.80
N GLN UB 129 -110.90 35.33 -15.35
CA GLN UB 129 -111.27 34.01 -15.86
C GLN UB 129 -110.12 33.04 -15.65
N PRO UB 130 -109.83 32.64 -14.41
CA PRO UB 130 -108.62 31.84 -14.15
C PRO UB 130 -108.57 30.60 -15.04
N LYS UB 131 -107.39 30.35 -15.60
CA LYS UB 131 -107.21 29.25 -16.52
C LYS UB 131 -107.25 27.91 -15.77
N PRO UB 132 -107.77 26.87 -16.40
CA PRO UB 132 -107.73 25.54 -15.78
C PRO UB 132 -106.31 25.00 -15.74
N PRO UB 133 -106.03 24.03 -14.87
CA PRO UB 133 -104.65 23.56 -14.73
C PRO UB 133 -104.13 22.97 -16.04
N THR VB 3 -25.82 111.56 -56.73
CA THR VB 3 -24.72 110.86 -57.39
C THR VB 3 -24.30 109.62 -56.61
N PHE VB 4 -24.24 109.72 -55.28
CA PHE VB 4 -23.77 108.59 -54.47
C PHE VB 4 -24.68 107.38 -54.63
N ILE VB 5 -26.00 107.60 -54.61
CA ILE VB 5 -26.93 106.48 -54.70
C ILE VB 5 -26.73 105.73 -56.01
N GLU VB 6 -26.45 106.46 -57.08
CA GLU VB 6 -26.16 105.81 -58.36
C GLU VB 6 -24.95 104.89 -58.22
N LEU VB 7 -23.93 105.32 -57.48
CA LEU VB 7 -22.75 104.48 -57.30
C LEU VB 7 -23.09 103.21 -56.53
N VAL VB 8 -23.93 103.33 -55.50
CA VAL VB 8 -24.27 102.16 -54.69
C VAL VB 8 -25.10 101.18 -55.49
N LYS VB 9 -26.03 101.68 -56.32
CA LYS VB 9 -26.84 100.79 -57.13
C LYS VB 9 -25.96 99.92 -58.04
N ASN VB 10 -24.77 100.39 -58.37
CA ASN VB 10 -23.81 99.60 -59.15
C ASN VB 10 -23.01 98.69 -58.22
N MET VB 11 -23.74 97.84 -57.50
CA MET VB 11 -23.14 96.92 -56.56
C MET VB 11 -23.89 95.60 -56.58
N LYS VB 12 -23.24 94.57 -56.07
CA LYS VB 12 -23.75 93.21 -56.12
C LYS VB 12 -24.51 92.88 -54.84
N GLY VB 13 -25.64 92.20 -55.00
CA GLY VB 13 -26.52 91.92 -53.88
C GLY VB 13 -27.43 93.06 -53.50
N TYR VB 14 -27.58 94.06 -54.36
CA TYR VB 14 -28.40 95.24 -54.06
C TYR VB 14 -29.87 94.89 -54.27
N LYS VB 15 -30.64 94.89 -53.19
CA LYS VB 15 -32.07 94.65 -53.24
C LYS VB 15 -32.79 95.95 -52.90
N GLU VB 16 -33.61 96.44 -53.82
CA GLU VB 16 -34.31 97.70 -53.60
C GLU VB 16 -35.36 97.54 -52.51
N LEU VB 17 -35.57 98.62 -51.75
CA LEU VB 17 -36.50 98.59 -50.62
C LEU VB 17 -37.37 99.83 -50.55
N LEU VB 18 -37.38 100.68 -51.58
CA LEU VB 18 -38.13 101.93 -51.57
C LEU VB 18 -39.23 101.86 -52.63
N LEU VB 19 -40.45 102.21 -52.23
CA LEU VB 19 -41.57 102.21 -53.15
C LEU VB 19 -41.61 103.51 -53.95
N PRO VB 20 -42.37 103.53 -55.04
CA PRO VB 20 -42.50 104.77 -55.81
C PRO VB 20 -43.10 105.89 -54.96
N MET VB 21 -42.69 107.12 -55.28
CA MET VB 21 -43.18 108.28 -54.53
C MET VB 21 -44.70 108.39 -54.60
N GLU VB 22 -45.31 107.86 -55.65
CA GLU VB 22 -46.75 107.96 -55.83
C GLU VB 22 -47.54 106.98 -54.97
N MET VB 23 -46.86 106.02 -54.32
CA MET VB 23 -47.55 105.02 -53.51
C MET VB 23 -47.33 105.18 -52.01
N VAL VB 24 -46.27 105.86 -51.58
CA VAL VB 24 -46.00 106.03 -50.16
C VAL VB 24 -47.08 106.90 -49.55
N PRO VB 25 -47.40 106.73 -48.28
CA PRO VB 25 -48.44 107.56 -47.66
C PRO VB 25 -48.02 109.02 -47.60
N LEU VB 26 -48.98 109.86 -47.21
CA LEU VB 26 -48.68 111.26 -46.96
C LEU VB 26 -47.76 111.39 -45.74
N PRO VB 27 -46.96 112.45 -45.67
CA PRO VB 27 -46.01 112.56 -44.56
C PRO VB 27 -46.70 112.52 -43.19
N ALA VB 28 -47.89 113.11 -43.09
CA ALA VB 28 -48.61 113.10 -41.82
C ALA VB 28 -48.92 111.68 -41.38
N VAL VB 29 -49.34 110.83 -42.31
CA VAL VB 29 -49.72 109.46 -41.96
C VAL VB 29 -48.51 108.68 -41.47
N VAL VB 30 -47.35 108.91 -42.07
CA VAL VB 30 -46.17 108.13 -41.72
C VAL VB 30 -45.81 108.33 -40.25
N LEU VB 31 -45.85 109.58 -39.80
CA LEU VB 31 -45.50 109.88 -38.41
C LEU VB 31 -46.34 109.06 -37.43
N LYS VB 32 -47.58 108.75 -37.81
CA LYS VB 32 -48.46 108.01 -36.91
C LYS VB 32 -47.88 106.63 -36.60
N HIS VB 33 -47.36 105.93 -37.61
CA HIS VB 33 -46.77 104.63 -37.37
C HIS VB 33 -45.47 104.73 -36.57
N VAL VB 34 -44.77 105.87 -36.68
CA VAL VB 34 -43.52 106.03 -35.95
C VAL VB 34 -43.77 105.95 -34.45
N LYS VB 35 -44.80 106.65 -33.98
CA LYS VB 35 -45.10 106.65 -32.55
C LYS VB 35 -45.45 105.25 -32.06
N LEU VB 36 -46.25 104.52 -32.82
CA LEU VB 36 -46.63 103.17 -32.42
C LEU VB 36 -45.41 102.25 -32.41
N ILE VB 37 -44.64 102.27 -33.50
CA ILE VB 37 -43.49 101.37 -33.62
C ILE VB 37 -42.45 101.70 -32.56
N LEU VB 38 -42.15 102.99 -32.40
CA LEU VB 38 -41.19 103.40 -31.38
C LEU VB 38 -41.70 103.05 -29.98
N THR VB 39 -42.91 103.49 -29.67
CA THR VB 39 -43.42 103.33 -28.31
C THR VB 39 -43.76 101.87 -28.01
N SER VB 40 -44.44 101.21 -28.94
CA SER VB 40 -44.83 99.80 -28.76
C SER VB 40 -43.66 98.90 -29.13
N GLN VB 41 -42.57 99.05 -28.37
CA GLN VB 41 -41.38 98.26 -28.58
C GLN VB 41 -40.70 98.01 -27.24
N LYS VB 42 -40.00 96.87 -27.16
CA LYS VB 42 -39.29 96.48 -25.96
C LYS VB 42 -37.86 96.11 -26.34
N GLU VB 43 -36.93 96.32 -25.41
CA GLU VB 43 -35.51 96.04 -25.63
C GLU VB 43 -35.00 96.87 -26.82
N HIS VB 44 -35.01 98.19 -26.62
CA HIS VB 44 -34.62 99.14 -27.65
C HIS VB 44 -33.41 98.65 -28.42
N GLN VB 45 -33.47 98.78 -29.74
CA GLN VB 45 -32.45 98.32 -30.65
C GLN VB 45 -31.86 99.50 -31.43
N PRO VB 46 -30.66 99.35 -31.98
CA PRO VB 46 -30.01 100.50 -32.61
C PRO VB 46 -30.83 101.14 -33.72
N TRP VB 47 -31.54 100.33 -34.52
CA TRP VB 47 -32.28 100.88 -35.64
C TRP VB 47 -33.41 101.78 -35.19
N MET VB 48 -33.89 101.64 -33.95
CA MET VB 48 -34.93 102.52 -33.45
C MET VB 48 -34.45 103.97 -33.40
N THR VB 49 -33.21 104.18 -32.97
CA THR VB 49 -32.67 105.53 -32.91
C THR VB 49 -32.61 106.17 -34.29
N GLU VB 50 -32.22 105.39 -35.30
CA GLU VB 50 -32.13 105.93 -36.65
C GLU VB 50 -33.48 106.43 -37.14
N MET VB 51 -34.54 105.66 -36.85
CA MET VB 51 -35.87 106.06 -37.31
C MET VB 51 -36.28 107.40 -36.72
N ALA VB 52 -36.05 107.60 -35.43
CA ALA VB 52 -36.46 108.84 -34.78
C ALA VB 52 -35.72 110.04 -35.34
N LEU VB 53 -34.42 109.89 -35.58
CA LEU VB 53 -33.62 111.02 -36.06
C LEU VB 53 -34.14 111.53 -37.40
N LYS VB 54 -34.44 110.61 -38.32
CA LYS VB 54 -34.96 111.03 -39.62
C LYS VB 54 -36.34 111.65 -39.50
N ALA VB 55 -37.15 111.16 -38.56
CA ALA VB 55 -38.52 111.64 -38.44
C ALA VB 55 -38.55 113.13 -38.12
N ASP VB 56 -37.71 113.58 -37.18
CA ASP VB 56 -37.71 114.98 -36.80
C ASP VB 56 -37.31 115.88 -37.96
N GLN VB 57 -36.50 115.36 -38.89
CA GLN VB 57 -36.08 116.17 -40.04
C GLN VB 57 -37.27 116.60 -40.88
N CYS VB 58 -38.21 115.68 -41.12
CA CYS VB 58 -39.40 116.02 -41.89
C CYS VB 58 -40.20 117.11 -41.19
N LEU VB 59 -40.32 117.02 -39.87
CA LEU VB 59 -41.02 118.06 -39.12
C LEU VB 59 -40.32 119.40 -39.25
N ILE VB 60 -38.99 119.39 -39.19
CA ILE VB 60 -38.23 120.63 -39.32
C ILE VB 60 -38.50 121.28 -40.67
N HIS VB 61 -38.39 120.49 -41.74
CA HIS VB 61 -38.71 121.02 -43.07
C HIS VB 61 -40.18 121.40 -43.16
N LYS VB 62 -41.06 120.58 -42.59
CA LYS VB 62 -42.48 120.89 -42.61
C LYS VB 62 -42.78 122.19 -41.87
N ALA VB 63 -42.13 122.40 -40.73
CA ALA VB 63 -42.31 123.62 -39.97
C ALA VB 63 -41.64 124.82 -40.64
N THR VB 64 -40.85 124.61 -41.68
CA THR VB 64 -40.16 125.69 -42.36
C THR VB 64 -41.00 126.35 -43.44
N LEU VB 65 -41.97 125.64 -44.01
CA LEU VB 65 -42.78 126.20 -45.08
C LEU VB 65 -43.62 127.37 -44.60
N ASP VB 66 -44.14 127.30 -43.37
CA ASP VB 66 -44.96 128.39 -42.86
C ASP VB 66 -44.19 129.71 -42.85
N PRO VB 78 -37.83 129.24 -56.44
CA PRO VB 78 -37.20 127.91 -56.29
C PRO VB 78 -36.83 127.59 -54.85
N LEU VB 79 -36.12 128.49 -54.17
CA LEU VB 79 -35.60 128.17 -52.85
C LEU VB 79 -36.72 127.86 -51.87
N ILE VB 80 -37.79 128.65 -51.89
CA ILE VB 80 -38.90 128.41 -50.97
C ILE VB 80 -39.55 127.06 -51.27
N GLU VB 81 -39.78 126.78 -52.55
CA GLU VB 81 -40.41 125.52 -52.95
C GLU VB 81 -39.43 124.37 -53.05
N ALA VB 82 -38.12 124.63 -53.05
CA ALA VB 82 -37.14 123.55 -53.21
C ALA VB 82 -37.20 122.60 -52.03
N MET VB 83 -37.33 123.12 -50.81
CA MET VB 83 -37.33 122.26 -49.64
C MET VB 83 -38.50 121.27 -49.66
N GLN VB 84 -39.61 121.66 -50.30
CA GLN VB 84 -40.77 120.78 -50.35
C GLN VB 84 -40.44 119.47 -51.05
N GLN VB 85 -39.50 119.50 -52.00
CA GLN VB 85 -39.13 118.29 -52.72
C GLN VB 85 -38.52 117.25 -51.78
N ILE VB 86 -37.68 117.70 -50.85
CA ILE VB 86 -37.02 116.78 -49.93
C ILE VB 86 -38.04 116.14 -48.99
N ILE VB 87 -39.06 116.90 -48.60
CA ILE VB 87 -40.04 116.38 -47.65
C ILE VB 87 -40.67 115.11 -48.20
N LEU VB 88 -41.11 115.15 -49.46
CA LEU VB 88 -41.69 113.96 -50.07
C LEU VB 88 -40.67 112.83 -50.16
N ALA VB 89 -39.43 113.16 -50.52
CA ALA VB 89 -38.39 112.15 -50.62
C ALA VB 89 -38.09 111.53 -49.26
N MET VB 90 -38.06 112.35 -48.20
CA MET VB 90 -37.72 111.84 -46.88
C MET VB 90 -38.69 110.74 -46.45
N THR VB 91 -39.97 110.88 -46.82
CA THR VB 91 -40.95 109.85 -46.47
C THR VB 91 -40.61 108.52 -47.14
N ARG VB 92 -40.18 108.57 -48.40
CA ARG VB 92 -39.90 107.34 -49.13
C ARG VB 92 -38.85 106.51 -48.43
N GLU VB 93 -37.76 107.14 -47.99
CA GLU VB 93 -36.76 106.41 -47.23
C GLU VB 93 -37.30 106.04 -45.85
N LEU VB 94 -38.06 106.94 -45.23
CA LEU VB 94 -38.61 106.67 -43.90
C LEU VB 94 -39.59 105.51 -43.93
N TRP VB 95 -40.46 105.48 -44.94
CA TRP VB 95 -41.46 104.41 -45.02
C TRP VB 95 -40.80 103.05 -45.22
N GLY VB 96 -39.60 103.03 -45.80
CA GLY VB 96 -38.93 101.76 -46.02
C GLY VB 96 -38.63 101.03 -44.73
N GLN VB 97 -38.23 101.77 -43.69
CA GLN VB 97 -37.94 101.13 -42.40
C GLN VB 97 -39.20 100.65 -41.72
N ILE VB 98 -40.32 101.33 -41.95
CA ILE VB 98 -41.58 100.92 -41.33
C ILE VB 98 -41.96 99.51 -41.78
N GLN VB 99 -41.87 99.26 -43.09
CA GLN VB 99 -42.24 97.95 -43.61
C GLN VB 99 -41.28 96.87 -43.13
N ARG VB 100 -40.00 97.22 -42.95
CA ARG VB 100 -39.05 96.24 -42.43
C ARG VB 100 -39.46 95.76 -41.04
N HIS VB 101 -39.87 96.69 -40.18
CA HIS VB 101 -40.31 96.31 -38.84
C HIS VB 101 -41.59 95.50 -38.89
N HIS VB 102 -42.57 95.95 -39.68
CA HIS VB 102 -43.85 95.26 -39.76
C HIS VB 102 -43.71 93.93 -40.50
N TYR VB 103 -43.31 93.97 -41.76
CA TYR VB 103 -43.23 92.76 -42.58
C TYR VB 103 -41.92 92.02 -42.34
N GLY VB 104 -40.81 92.67 -42.63
CA GLY VB 104 -39.50 92.04 -42.57
C GLY VB 104 -38.71 92.44 -43.80
N ILE VB 105 -37.38 92.49 -43.65
CA ILE VB 105 -36.53 92.93 -44.74
C ILE VB 105 -36.66 92.01 -45.94
N VAL VB 106 -36.63 90.70 -45.70
CA VAL VB 106 -36.65 89.74 -46.81
C VAL VB 106 -37.95 89.85 -47.58
N GLN VB 107 -39.08 89.91 -46.87
CA GLN VB 107 -40.37 89.97 -47.55
C GLN VB 107 -40.53 91.24 -48.36
N VAL VB 108 -39.99 92.35 -47.86
CA VAL VB 108 -40.15 93.62 -48.56
C VAL VB 108 -39.52 93.57 -49.93
N GLU VB 109 -38.31 92.99 -50.03
CA GLU VB 109 -37.63 92.90 -51.32
C GLU VB 109 -38.53 92.29 -52.37
N HIS VB 110 -39.16 91.16 -52.05
CA HIS VB 110 -40.07 90.52 -52.99
C HIS VB 110 -41.24 91.43 -53.32
N TYR VB 111 -41.81 92.09 -52.31
CA TYR VB 111 -42.99 92.91 -52.55
C TYR VB 111 -42.69 94.05 -53.51
N VAL VB 112 -41.55 94.72 -53.34
CA VAL VB 112 -41.23 95.87 -54.18
C VAL VB 112 -41.12 95.45 -55.64
N LYS VB 113 -40.38 94.37 -55.90
CA LYS VB 113 -40.22 93.91 -57.28
C LYS VB 113 -41.56 93.52 -57.88
N GLN VB 114 -42.40 92.84 -57.10
CA GLN VB 114 -43.74 92.51 -57.58
C GLN VB 114 -44.52 93.78 -57.90
N ILE VB 115 -44.42 94.79 -57.05
CA ILE VB 115 -45.06 96.07 -57.34
C ILE VB 115 -44.45 96.70 -58.58
N THR VB 116 -43.13 96.66 -58.69
CA THR VB 116 -42.46 97.29 -59.83
C THR VB 116 -42.92 96.65 -61.13
N LEU VB 117 -42.87 95.32 -61.21
CA LEU VB 117 -43.35 94.63 -62.41
C LEU VB 117 -44.83 94.91 -62.64
N TRP VB 118 -45.62 94.90 -61.56
CA TRP VB 118 -47.03 95.22 -61.70
C TRP VB 118 -47.23 96.62 -62.24
N GLN VB 119 -46.45 97.58 -61.74
CA GLN VB 119 -46.55 98.95 -62.25
C GLN VB 119 -45.98 99.04 -63.66
N ASP VB 120 -44.94 98.25 -63.97
CA ASP VB 120 -44.34 98.31 -65.30
C ASP VB 120 -45.31 97.85 -66.37
N THR VB 121 -46.03 96.77 -66.11
CA THR VB 121 -46.94 96.23 -67.12
C THR VB 121 -48.03 97.26 -67.43
N PRO VB 122 -48.44 97.39 -68.70
CA PRO VB 122 -49.49 98.37 -69.02
C PRO VB 122 -50.80 98.04 -68.32
N GLN VB 123 -51.53 99.10 -67.98
CA GLN VB 123 -52.77 98.95 -67.21
C GLN VB 123 -53.81 98.11 -67.96
N ALA VB 124 -53.70 97.98 -69.28
CA ALA VB 124 -54.68 97.20 -70.02
C ALA VB 124 -54.69 95.75 -69.57
N PHE VB 125 -53.51 95.17 -69.37
CA PHE VB 125 -53.37 93.78 -68.92
C PHE VB 125 -52.51 93.70 -67.67
N ARG VB 126 -52.53 94.75 -66.85
CA ARG VB 126 -51.67 94.78 -65.67
C ARG VB 126 -52.02 93.69 -64.68
N GLY VB 127 -53.31 93.46 -64.45
CA GLY VB 127 -53.75 92.45 -63.50
C GLY VB 127 -53.99 93.02 -62.12
N ASP VB 128 -54.42 92.14 -61.23
CA ASP VB 128 -54.72 92.54 -59.86
C ASP VB 128 -53.45 92.95 -59.14
N GLN VB 129 -53.54 94.02 -58.37
CA GLN VB 129 -52.40 94.50 -57.60
C GLN VB 129 -52.04 93.48 -56.52
N PRO VB 130 -50.77 93.11 -56.39
CA PRO VB 130 -50.40 92.13 -55.35
C PRO VB 130 -50.59 92.70 -53.96
N LYS VB 131 -50.88 91.81 -53.01
CA LYS VB 131 -51.11 92.20 -51.64
C LYS VB 131 -49.80 92.19 -50.85
N PRO VB 132 -49.74 92.93 -49.75
CA PRO VB 132 -48.51 92.96 -48.94
C PRO VB 132 -48.17 91.59 -48.41
N PRO VB 133 -46.91 91.36 -48.02
CA PRO VB 133 -46.53 90.05 -47.48
C PRO VB 133 -47.12 89.78 -46.11
N SER VB 134 -46.76 88.64 -45.52
CA SER VB 134 -47.21 88.30 -44.18
C SER VB 134 -46.36 89.00 -43.13
N PHE VB 135 -46.97 89.32 -42.00
CA PHE VB 135 -46.28 90.01 -40.93
C PHE VB 135 -45.20 89.12 -40.32
N THR WB 3 -39.57 115.89 -30.53
CA THR WB 3 -40.22 115.05 -29.53
C THR WB 3 -39.96 113.57 -29.74
N PHE WB 4 -39.90 113.10 -30.99
CA PHE WB 4 -39.69 111.68 -31.23
C PHE WB 4 -38.35 111.21 -30.66
N ILE WB 5 -37.30 112.00 -30.85
CA ILE WB 5 -35.99 111.62 -30.33
C ILE WB 5 -36.03 111.54 -28.81
N GLU WB 6 -36.80 112.43 -28.18
CA GLU WB 6 -36.93 112.40 -26.73
C GLU WB 6 -37.54 111.08 -26.26
N LEU WB 7 -38.53 110.58 -27.00
CA LEU WB 7 -39.15 109.31 -26.63
C LEU WB 7 -38.13 108.18 -26.65
N VAL WB 8 -37.24 108.17 -27.66
CA VAL WB 8 -36.21 107.15 -27.71
C VAL WB 8 -35.29 107.27 -26.51
N LYS WB 9 -34.91 108.50 -26.16
CA LYS WB 9 -34.03 108.71 -25.01
C LYS WB 9 -34.69 108.28 -23.70
N ASN WB 10 -36.00 108.08 -23.70
CA ASN WB 10 -36.72 107.62 -22.53
C ASN WB 10 -36.83 106.10 -22.46
N MET WB 11 -36.23 105.40 -23.41
CA MET WB 11 -36.37 103.95 -23.47
C MET WB 11 -35.41 103.28 -22.49
N LYS WB 12 -35.40 101.95 -22.53
CA LYS WB 12 -34.51 101.13 -21.72
C LYS WB 12 -33.46 100.50 -22.62
N GLY WB 13 -32.20 100.60 -22.21
CA GLY WB 13 -31.09 100.10 -23.00
C GLY WB 13 -30.58 101.04 -24.06
N TYR WB 14 -31.20 102.21 -24.22
CA TYR WB 14 -30.73 103.18 -25.21
C TYR WB 14 -29.35 103.69 -24.82
N LYS WB 15 -28.50 103.87 -25.83
CA LYS WB 15 -27.13 104.33 -25.63
C LYS WB 15 -26.78 105.34 -26.70
N GLU WB 16 -26.09 106.40 -26.29
CA GLU WB 16 -25.71 107.45 -27.23
C GLU WB 16 -24.67 106.95 -28.22
N LEU WB 17 -24.78 107.41 -29.46
CA LEU WB 17 -23.83 107.09 -30.51
C LEU WB 17 -23.33 108.30 -31.26
N LEU WB 18 -23.97 109.46 -31.12
CA LEU WB 18 -23.55 110.66 -31.81
C LEU WB 18 -22.50 111.39 -30.96
N LEU WB 19 -22.10 112.56 -31.43
CA LEU WB 19 -21.05 113.36 -30.80
C LEU WB 19 -21.49 114.81 -30.74
N PRO WB 20 -20.87 115.62 -29.88
CA PRO WB 20 -21.23 117.03 -29.80
C PRO WB 20 -21.04 117.72 -31.16
N MET WB 21 -21.90 118.70 -31.41
CA MET WB 21 -21.85 119.41 -32.68
C MET WB 21 -20.46 119.98 -32.95
N GLU WB 22 -19.77 120.42 -31.89
CA GLU WB 22 -18.44 120.97 -32.06
C GLU WB 22 -17.46 119.91 -32.56
N MET WB 23 -17.54 118.69 -32.02
CA MET WB 23 -16.66 117.61 -32.42
C MET WB 23 -17.20 116.90 -33.66
N VAL WB 24 -17.45 117.69 -34.70
CA VAL WB 24 -17.93 117.16 -35.97
C VAL WB 24 -17.14 117.80 -37.11
N PRO WB 25 -16.54 117.02 -38.01
CA PRO WB 25 -15.79 117.62 -39.11
C PRO WB 25 -16.65 118.57 -39.92
N LEU WB 26 -15.96 119.33 -40.77
CA LEU WB 26 -16.63 120.28 -41.65
C LEU WB 26 -17.37 119.54 -42.76
N PRO WB 27 -18.36 120.19 -43.39
CA PRO WB 27 -19.08 119.52 -44.48
C PRO WB 27 -18.20 119.30 -45.70
N ALA WB 28 -18.76 118.70 -46.75
CA ALA WB 28 -18.03 118.44 -47.98
C ALA WB 28 -16.88 117.46 -47.74
N VAL WB 29 -15.87 117.88 -46.96
CA VAL WB 29 -14.72 117.02 -46.71
C VAL WB 29 -15.15 115.76 -45.97
N VAL WB 30 -16.08 115.91 -45.02
CA VAL WB 30 -16.57 114.74 -44.28
C VAL WB 30 -17.20 113.72 -45.22
N LEU WB 31 -17.79 114.19 -46.33
CA LEU WB 31 -18.41 113.28 -47.28
C LEU WB 31 -17.39 112.37 -47.94
N LYS WB 32 -16.10 112.70 -47.86
CA LYS WB 32 -15.09 111.88 -48.52
C LYS WB 32 -15.03 110.47 -47.94
N HIS WB 33 -15.18 110.36 -46.62
CA HIS WB 33 -15.21 109.04 -45.99
C HIS WB 33 -16.31 108.17 -46.57
N VAL WB 34 -17.37 108.78 -47.10
CA VAL WB 34 -18.45 108.02 -47.70
C VAL WB 34 -17.92 107.20 -48.87
N LYS WB 35 -17.13 107.84 -49.74
CA LYS WB 35 -16.60 107.14 -50.91
C LYS WB 35 -15.65 106.02 -50.48
N LEU WB 36 -14.83 106.27 -49.47
CA LEU WB 36 -13.85 105.28 -49.03
C LEU WB 36 -14.50 104.06 -48.39
N ILE WB 37 -15.80 104.12 -48.08
CA ILE WB 37 -16.48 103.02 -47.41
C ILE WB 37 -17.49 102.39 -48.37
N LEU WB 38 -17.96 103.18 -49.34
CA LEU WB 38 -18.86 102.66 -50.36
C LEU WB 38 -18.09 102.08 -51.54
N THR WB 39 -17.19 102.87 -52.14
CA THR WB 39 -16.43 102.40 -53.28
C THR WB 39 -15.56 101.20 -52.90
N SER WB 40 -14.91 101.27 -51.75
CA SER WB 40 -14.06 100.17 -51.27
C SER WB 40 -14.90 99.18 -50.45
N GLN WB 41 -15.93 98.65 -51.10
CA GLN WB 41 -16.84 97.73 -50.44
C GLN WB 41 -17.51 96.84 -51.48
N LYS WB 42 -18.09 95.75 -50.98
CA LYS WB 42 -18.81 94.79 -51.81
C LYS WB 42 -19.82 94.09 -50.93
N GLU WB 43 -20.70 93.31 -51.56
CA GLU WB 43 -21.76 92.60 -50.85
C GLU WB 43 -22.68 93.60 -50.14
N HIS WB 44 -23.34 94.40 -50.96
CA HIS WB 44 -24.25 95.45 -50.50
C HIS WB 44 -25.09 94.98 -49.34
N GLN WB 45 -25.01 95.69 -48.23
CA GLN WB 45 -25.76 95.40 -47.02
C GLN WB 45 -26.81 96.46 -46.76
N PRO WB 46 -27.84 96.15 -45.99
CA PRO WB 46 -28.94 97.12 -45.80
C PRO WB 46 -28.46 98.46 -45.25
N TRP WB 47 -27.51 98.46 -44.33
CA TRP WB 47 -27.07 99.71 -43.72
C TRP WB 47 -26.34 100.60 -44.72
N MET WB 48 -25.74 100.01 -45.75
CA MET WB 48 -25.03 100.80 -46.75
C MET WB 48 -25.98 101.74 -47.47
N THR WB 49 -27.18 101.26 -47.80
CA THR WB 49 -28.16 102.12 -48.47
C THR WB 49 -28.56 103.28 -47.57
N GLU WB 50 -28.71 103.03 -46.27
CA GLU WB 50 -29.08 104.09 -45.34
C GLU WB 50 -28.05 105.21 -45.37
N MET WB 51 -26.77 104.86 -45.34
CA MET WB 51 -25.72 105.87 -45.42
C MET WB 51 -25.78 106.62 -46.74
N ALA WB 52 -25.98 105.91 -47.84
CA ALA WB 52 -26.01 106.55 -49.15
C ALA WB 52 -27.16 107.54 -49.26
N LEU WB 53 -28.34 107.15 -48.77
CA LEU WB 53 -29.51 108.02 -48.87
C LEU WB 53 -29.47 109.18 -47.89
N LYS WB 54 -28.54 109.18 -46.94
CA LYS WB 54 -28.38 110.28 -46.00
C LYS WB 54 -27.28 111.26 -46.43
N ALA WB 55 -26.14 110.73 -46.88
CA ALA WB 55 -25.05 111.61 -47.29
C ALA WB 55 -25.44 112.44 -48.50
N ASP WB 56 -26.14 111.84 -49.47
CA ASP WB 56 -26.53 112.57 -50.67
C ASP WB 56 -27.45 113.73 -50.36
N GLN WB 57 -28.14 113.70 -49.21
CA GLN WB 57 -29.05 114.79 -48.86
C GLN WB 57 -28.28 116.10 -48.66
N CYS WB 58 -27.08 116.03 -48.08
CA CYS WB 58 -26.30 117.23 -47.85
C CYS WB 58 -26.01 117.95 -49.16
N LEU WB 59 -25.69 117.20 -50.21
CA LEU WB 59 -25.46 117.81 -51.51
C LEU WB 59 -26.71 118.50 -52.01
N ILE WB 60 -27.88 117.89 -51.81
CA ILE WB 60 -29.14 118.49 -52.24
C ILE WB 60 -29.34 119.81 -51.52
N HIS WB 61 -29.19 119.81 -50.20
CA HIS WB 61 -29.26 121.06 -49.45
C HIS WB 61 -28.14 122.01 -49.84
N LYS WB 62 -26.93 121.48 -50.03
CA LYS WB 62 -25.81 122.31 -50.45
C LYS WB 62 -26.05 122.89 -51.84
N ALA WB 63 -26.67 122.11 -52.73
CA ALA WB 63 -26.92 122.58 -54.09
C ALA WB 63 -27.82 123.81 -54.11
N THR WB 64 -28.65 124.00 -53.08
CA THR WB 64 -29.53 125.16 -53.05
C THR WB 64 -28.76 126.46 -52.84
N LEU WB 65 -27.51 126.38 -52.36
CA LEU WB 65 -26.73 127.59 -52.16
C LEU WB 65 -26.56 128.37 -53.46
N ASP WB 66 -26.51 127.69 -54.60
CA ASP WB 66 -26.44 128.39 -55.88
C ASP WB 66 -27.66 129.28 -56.08
N PRO WB 78 -34.92 133.48 -42.76
CA PRO WB 78 -35.04 132.24 -41.98
C PRO WB 78 -34.96 130.99 -42.85
N LEU WB 79 -35.51 131.04 -44.06
CA LEU WB 79 -35.44 129.88 -44.94
C LEU WB 79 -34.00 129.54 -45.30
N ILE WB 80 -33.20 130.56 -45.62
CA ILE WB 80 -31.80 130.32 -45.97
C ILE WB 80 -31.02 129.89 -44.72
N GLU WB 81 -31.25 130.56 -43.60
CA GLU WB 81 -30.53 130.20 -42.37
C GLU WB 81 -30.90 128.80 -41.91
N ALA WB 82 -32.18 128.45 -41.99
CA ALA WB 82 -32.64 127.17 -41.44
C ALA WB 82 -31.95 126.00 -42.15
N MET WB 83 -31.81 126.07 -43.47
CA MET WB 83 -31.20 124.97 -44.20
C MET WB 83 -29.76 124.73 -43.75
N GLN WB 84 -29.01 125.80 -43.52
CA GLN WB 84 -27.62 125.66 -43.10
C GLN WB 84 -27.54 124.94 -41.76
N GLN WB 85 -28.45 125.23 -40.84
CA GLN WB 85 -28.45 124.57 -39.54
C GLN WB 85 -28.68 123.07 -39.68
N ILE WB 86 -29.57 122.68 -40.60
CA ILE WB 86 -29.92 121.27 -40.74
C ILE WB 86 -28.71 120.45 -41.18
N ILE WB 87 -27.84 121.04 -42.01
CA ILE WB 87 -26.69 120.31 -42.52
C ILE WB 87 -25.83 119.81 -41.37
N LEU WB 88 -25.65 120.63 -40.34
CA LEU WB 88 -24.86 120.21 -39.18
C LEU WB 88 -25.47 118.99 -38.52
N ALA WB 89 -26.80 118.97 -38.37
CA ALA WB 89 -27.45 117.84 -37.72
C ALA WB 89 -27.26 116.57 -38.51
N MET WB 90 -27.43 116.63 -39.83
CA MET WB 90 -27.23 115.45 -40.67
C MET WB 90 -25.77 115.01 -40.65
N THR WB 91 -24.85 115.97 -40.65
CA THR WB 91 -23.43 115.62 -40.62
C THR WB 91 -23.09 114.85 -39.35
N ARG WB 92 -23.68 115.23 -38.23
CA ARG WB 92 -23.44 114.52 -36.97
C ARG WB 92 -23.86 113.06 -37.10
N GLU WB 93 -25.02 112.81 -37.71
CA GLU WB 93 -25.48 111.44 -37.88
C GLU WB 93 -24.53 110.64 -38.76
N LEU WB 94 -24.01 111.27 -39.81
CA LEU WB 94 -23.11 110.55 -40.72
C LEU WB 94 -21.89 110.02 -39.99
N TRP WB 95 -21.29 110.84 -39.12
CA TRP WB 95 -20.08 110.42 -38.43
C TRP WB 95 -20.34 109.21 -37.54
N GLY WB 96 -21.48 109.19 -36.84
CA GLY WB 96 -21.78 108.06 -35.97
C GLY WB 96 -21.85 106.76 -36.74
N GLN WB 97 -22.45 106.77 -37.93
CA GLN WB 97 -22.50 105.57 -38.75
C GLN WB 97 -21.10 105.13 -39.15
N ILE WB 98 -20.24 106.08 -39.50
CA ILE WB 98 -18.88 105.75 -39.90
C ILE WB 98 -18.14 105.05 -38.76
N GLN WB 99 -18.22 105.61 -37.56
CA GLN WB 99 -17.61 104.96 -36.41
C GLN WB 99 -18.30 103.64 -36.09
N ARG WB 100 -19.60 103.54 -36.32
CA ARG WB 100 -20.30 102.29 -36.13
C ARG WB 100 -19.76 101.19 -37.05
N HIS WB 101 -19.06 101.56 -38.12
CA HIS WB 101 -18.47 100.62 -39.05
C HIS WB 101 -16.97 100.43 -38.82
N HIS WB 102 -16.23 101.52 -38.64
CA HIS WB 102 -14.79 101.44 -38.48
C HIS WB 102 -14.42 100.79 -37.15
N TYR WB 103 -14.83 101.41 -36.05
CA TYR WB 103 -14.49 100.92 -34.71
C TYR WB 103 -15.61 100.09 -34.12
N GLY WB 104 -16.06 99.10 -34.88
CA GLY WB 104 -17.11 98.24 -34.39
C GLY WB 104 -18.39 99.02 -34.15
N ILE WB 105 -19.30 98.39 -33.41
CA ILE WB 105 -20.57 99.00 -33.05
C ILE WB 105 -20.72 98.98 -31.53
N VAL WB 106 -20.04 98.03 -30.88
CA VAL WB 106 -20.10 97.94 -29.43
C VAL WB 106 -19.08 98.87 -28.78
N GLN WB 107 -17.85 98.83 -29.28
CA GLN WB 107 -16.80 99.68 -28.73
C GLN WB 107 -17.09 101.16 -28.93
N VAL WB 108 -17.94 101.51 -29.90
CA VAL WB 108 -18.25 102.91 -30.15
C VAL WB 108 -18.93 103.54 -28.95
N GLU WB 109 -19.88 102.82 -28.34
CA GLU WB 109 -20.59 103.35 -27.19
C GLU WB 109 -19.64 103.69 -26.05
N HIS WB 110 -18.66 102.81 -25.81
CA HIS WB 110 -17.70 103.06 -24.75
C HIS WB 110 -16.92 104.34 -25.00
N TYR WB 111 -16.49 104.57 -26.25
CA TYR WB 111 -15.72 105.76 -26.56
C TYR WB 111 -16.55 107.02 -26.33
N VAL WB 112 -17.79 107.05 -26.86
CA VAL WB 112 -18.62 108.23 -26.68
C VAL WB 112 -18.96 108.42 -25.21
N LYS WB 113 -19.13 107.33 -24.46
CA LYS WB 113 -19.37 107.44 -23.04
C LYS WB 113 -18.26 108.23 -22.36
N GLN WB 114 -17.01 107.93 -22.70
CA GLN WB 114 -15.88 108.65 -22.10
C GLN WB 114 -15.81 110.08 -22.63
N ILE WB 115 -16.17 110.28 -23.90
CA ILE WB 115 -16.13 111.64 -24.46
C ILE WB 115 -17.04 112.56 -23.68
N THR WB 116 -18.24 112.10 -23.34
CA THR WB 116 -19.18 112.94 -22.60
C THR WB 116 -18.60 113.34 -21.24
N LEU WB 117 -18.01 112.38 -20.54
CA LEU WB 117 -17.41 112.68 -19.23
C LEU WB 117 -16.22 113.61 -19.40
N TRP WB 118 -15.38 113.37 -20.40
CA TRP WB 118 -14.16 114.14 -20.57
C TRP WB 118 -14.43 115.59 -20.94
N GLN WB 119 -15.61 115.90 -21.49
CA GLN WB 119 -15.95 117.25 -21.89
C GLN WB 119 -16.87 117.94 -20.89
N ASP WB 120 -17.80 117.21 -20.28
CA ASP WB 120 -18.74 117.84 -19.36
C ASP WB 120 -18.02 118.38 -18.13
N THR WB 121 -17.03 117.65 -17.63
CA THR WB 121 -16.28 118.14 -16.48
C THR WB 121 -15.53 119.41 -16.84
N PRO WB 122 -15.25 120.28 -15.87
CA PRO WB 122 -14.53 121.52 -16.17
C PRO WB 122 -13.14 121.23 -16.70
N GLN WB 123 -12.66 122.16 -17.55
CA GLN WB 123 -11.38 121.97 -18.21
C GLN WB 123 -10.22 121.80 -17.22
N ALA WB 124 -10.39 122.26 -15.98
CA ALA WB 124 -9.35 122.13 -14.97
C ALA WB 124 -9.20 120.71 -14.44
N PHE WB 125 -10.13 119.82 -14.77
CA PHE WB 125 -10.11 118.45 -14.26
C PHE WB 125 -10.08 117.39 -15.34
N ARG WB 126 -10.25 117.76 -16.61
CA ARG WB 126 -10.34 116.77 -17.68
C ARG WB 126 -9.10 115.89 -17.73
N GLY WB 127 -7.95 116.50 -18.02
CA GLY WB 127 -6.71 115.77 -18.16
C GLY WB 127 -6.28 115.62 -19.60
N ASP WB 128 -6.40 114.41 -20.14
CA ASP WB 128 -6.02 114.12 -21.52
C ASP WB 128 -7.18 113.47 -22.25
N GLN WB 129 -7.32 113.82 -23.52
CA GLN WB 129 -8.40 113.25 -24.32
C GLN WB 129 -8.21 111.74 -24.43
N PRO WB 130 -9.28 110.95 -24.26
CA PRO WB 130 -9.17 109.50 -24.42
C PRO WB 130 -9.16 109.12 -25.90
N LYS WB 131 -8.08 108.49 -26.34
CA LYS WB 131 -7.95 108.14 -27.74
C LYS WB 131 -9.00 107.11 -28.12
N PRO WB 132 -9.68 107.27 -29.26
CA PRO WB 132 -10.67 106.28 -29.66
C PRO WB 132 -10.02 104.95 -29.98
N PRO WB 133 -10.74 103.84 -29.82
CA PRO WB 133 -10.15 102.54 -30.14
C PRO WB 133 -9.84 102.42 -31.63
N SER WB 134 -8.81 101.64 -31.94
CA SER WB 134 -8.38 101.46 -33.31
C SER WB 134 -9.35 100.54 -34.05
N PHE WB 135 -9.01 100.23 -35.30
CA PHE WB 135 -9.86 99.40 -36.15
C PHE WB 135 -9.74 97.96 -35.70
N THR XB 3 -27.08 118.73 11.83
CA THR XB 3 -26.65 118.00 13.01
C THR XB 3 -26.64 116.49 12.76
N PHE XB 4 -27.44 116.01 11.81
CA PHE XB 4 -27.41 114.58 11.49
C PHE XB 4 -26.04 114.15 10.99
N ILE XB 5 -25.40 114.99 10.17
CA ILE XB 5 -24.07 114.65 9.68
C ILE XB 5 -23.11 114.47 10.84
N GLU XB 6 -23.25 115.31 11.87
CA GLU XB 6 -22.45 115.14 13.07
C GLU XB 6 -22.73 113.79 13.73
N LEU XB 7 -24.00 113.39 13.76
CA LEU XB 7 -24.34 112.10 14.35
C LEU XB 7 -23.70 110.96 13.58
N VAL XB 8 -23.39 111.17 12.30
CA VAL XB 8 -22.72 110.14 11.49
C VAL XB 8 -21.24 110.44 11.31
N LYS XB 9 -20.81 111.69 11.51
CA LYS XB 9 -19.39 112.01 11.35
C LYS XB 9 -18.52 111.16 12.27
N ASN XB 10 -19.06 110.72 13.41
CA ASN XB 10 -18.32 109.85 14.31
C ASN XB 10 -18.37 108.38 13.90
N MET XB 11 -19.25 108.01 12.98
CA MET XB 11 -19.34 106.62 12.55
C MET XB 11 -18.06 106.20 11.84
N LYS XB 12 -17.72 104.92 11.98
CA LYS XB 12 -16.49 104.40 11.38
C LYS XB 12 -16.54 104.49 9.86
N GLY XB 13 -17.68 104.15 9.26
CA GLY XB 13 -17.79 104.10 7.82
C GLY XB 13 -18.22 105.42 7.19
N TYR XB 14 -18.30 106.47 8.00
CA TYR XB 14 -18.71 107.77 7.47
C TYR XB 14 -17.67 108.29 6.48
N LYS XB 15 -18.16 108.92 5.41
CA LYS XB 15 -17.30 109.43 4.35
C LYS XB 15 -17.81 110.79 3.91
N GLU XB 16 -16.88 111.61 3.39
CA GLU XB 16 -17.21 112.91 2.85
C GLU XB 16 -17.61 112.75 1.38
N LEU XB 17 -18.85 112.30 1.19
CA LEU XB 17 -19.35 112.10 -0.16
C LEU XB 17 -19.54 113.41 -0.92
N LEU XB 18 -19.59 114.53 -0.20
CA LEU XB 18 -19.78 115.84 -0.84
C LEU XB 18 -18.48 116.25 -1.50
N LEU XB 19 -18.41 116.08 -2.82
CA LEU XB 19 -17.20 116.40 -3.56
C LEU XB 19 -17.04 117.92 -3.69
N PRO XB 20 -15.84 118.38 -4.03
CA PRO XB 20 -15.62 119.83 -4.15
C PRO XB 20 -16.58 120.47 -5.14
N MET XB 21 -17.02 121.68 -4.82
CA MET XB 21 -17.94 122.40 -5.69
C MET XB 21 -17.34 122.62 -7.08
N GLU XB 22 -16.06 123.01 -7.13
CA GLU XB 22 -15.41 123.22 -8.41
C GLU XB 22 -15.37 121.94 -9.23
N MET XB 23 -15.29 120.79 -8.56
CA MET XB 23 -15.15 119.52 -9.27
C MET XB 23 -16.38 119.23 -10.13
N VAL XB 24 -17.58 119.48 -9.60
CA VAL XB 24 -18.82 119.12 -10.29
C VAL XB 24 -19.14 120.17 -11.34
N PRO XB 25 -19.86 119.81 -12.41
CA PRO XB 25 -20.26 120.81 -13.41
C PRO XB 25 -21.53 121.56 -13.02
N LEU XB 26 -22.04 122.38 -13.92
CA LEU XB 26 -23.25 123.14 -13.65
C LEU XB 26 -24.45 122.20 -13.52
N PRO XB 27 -25.52 122.64 -12.86
CA PRO XB 27 -26.66 121.73 -12.63
C PRO XB 27 -27.25 121.18 -13.91
N ALA XB 28 -27.31 121.98 -14.97
CA ALA XB 28 -27.96 121.53 -16.20
C ALA XB 28 -27.27 120.31 -16.79
N VAL XB 29 -25.94 120.32 -16.79
CA VAL XB 29 -25.20 119.21 -17.40
C VAL XB 29 -25.40 117.93 -16.61
N VAL XB 30 -25.48 118.03 -15.28
CA VAL XB 30 -25.62 116.83 -14.46
C VAL XB 30 -26.91 116.11 -14.80
N LEU XB 31 -28.00 116.85 -14.98
CA LEU XB 31 -29.27 116.23 -15.31
C LEU XB 31 -29.16 115.36 -16.56
N LYS XB 32 -28.28 115.74 -17.49
CA LYS XB 32 -28.11 114.95 -18.71
C LYS XB 32 -27.62 113.54 -18.38
N HIS XB 33 -26.66 113.43 -17.47
CA HIS XB 33 -26.11 112.12 -17.12
C HIS XB 33 -27.12 111.27 -16.36
N VAL XB 34 -28.04 111.90 -15.64
CA VAL XB 34 -29.04 111.13 -14.89
C VAL XB 34 -29.90 110.33 -15.86
N LYS XB 35 -30.35 110.96 -16.95
CA LYS XB 35 -31.11 110.24 -17.95
C LYS XB 35 -30.27 109.13 -18.57
N LEU XB 36 -29.01 109.43 -18.89
CA LEU XB 36 -28.14 108.45 -19.54
C LEU XB 36 -27.85 107.27 -18.62
N ILE XB 37 -27.55 107.53 -17.35
CA ILE XB 37 -27.22 106.45 -16.43
C ILE XB 37 -28.45 105.63 -16.11
N LEU XB 38 -29.59 106.29 -15.85
CA LEU XB 38 -30.82 105.56 -15.59
C LEU XB 38 -31.25 104.76 -16.80
N THR XB 39 -31.17 105.36 -17.99
CA THR XB 39 -31.54 104.65 -19.21
C THR XB 39 -30.64 103.44 -19.44
N SER XB 40 -29.33 103.62 -19.29
CA SER XB 40 -28.40 102.52 -19.53
C SER XB 40 -28.63 101.38 -18.54
N GLN XB 41 -28.83 101.70 -17.27
CA GLN XB 41 -29.02 100.66 -16.27
C GLN XB 41 -30.33 99.93 -16.49
N LYS XB 42 -30.32 98.63 -16.25
CA LYS XB 42 -31.48 97.78 -16.48
C LYS XB 42 -32.06 97.18 -15.20
N GLU XB 43 -31.23 96.55 -14.37
CA GLU XB 43 -31.73 95.93 -13.16
C GLU XB 43 -32.32 96.98 -12.22
N HIS XB 44 -33.45 96.66 -11.62
CA HIS XB 44 -34.16 97.58 -10.75
C HIS XB 44 -33.67 97.42 -9.32
N GLN XB 45 -33.15 98.49 -8.74
CA GLN XB 45 -32.74 98.56 -7.35
C GLN XB 45 -33.27 99.84 -6.74
N PRO XB 46 -33.39 99.89 -5.41
CA PRO XB 46 -33.97 101.09 -4.79
C PRO XB 46 -33.19 102.37 -5.06
N TRP XB 47 -31.89 102.28 -5.32
CA TRP XB 47 -31.10 103.50 -5.48
C TRP XB 47 -31.56 104.30 -6.69
N MET XB 48 -31.81 103.63 -7.82
CA MET XB 48 -32.28 104.35 -9.01
C MET XB 48 -33.64 104.97 -8.77
N THR XB 49 -34.53 104.25 -8.06
CA THR XB 49 -35.83 104.81 -7.73
C THR XB 49 -35.69 106.07 -6.88
N GLU XB 50 -34.80 106.02 -5.88
CA GLU XB 50 -34.55 107.19 -5.05
C GLU XB 50 -33.68 108.21 -5.76
N MET XB 51 -32.80 107.75 -6.66
CA MET XB 51 -31.93 108.67 -7.38
C MET XB 51 -32.74 109.64 -8.23
N ALA XB 52 -33.77 109.13 -8.91
CA ALA XB 52 -34.61 110.00 -9.73
C ALA XB 52 -35.32 111.04 -8.88
N LEU XB 53 -35.84 110.63 -7.72
CA LEU XB 53 -36.57 111.56 -6.86
C LEU XB 53 -35.66 112.69 -6.40
N LYS XB 54 -34.42 112.37 -6.02
CA LYS XB 54 -33.51 113.40 -5.56
C LYS XB 54 -33.21 114.43 -6.65
N ALA XB 55 -33.05 113.96 -7.89
CA ALA XB 55 -32.78 114.87 -8.99
C ALA XB 55 -34.03 115.65 -9.39
N ASP XB 56 -35.21 115.09 -9.16
CA ASP XB 56 -36.44 115.75 -9.58
C ASP XB 56 -36.60 117.10 -8.89
N GLN XB 57 -36.25 117.17 -7.60
CA GLN XB 57 -36.45 118.41 -6.86
C GLN XB 57 -35.75 119.58 -7.53
N CYS XB 58 -34.58 119.34 -8.11
CA CYS XB 58 -33.84 120.42 -8.77
C CYS XB 58 -34.66 121.02 -9.90
N LEU XB 59 -35.44 120.21 -10.61
CA LEU XB 59 -36.22 120.73 -11.73
C LEU XB 59 -37.25 121.75 -11.24
N ILE XB 60 -37.90 121.47 -10.10
CA ILE XB 60 -38.91 122.39 -9.60
C ILE XB 60 -38.29 123.73 -9.27
N HIS XB 61 -37.11 123.72 -8.65
CA HIS XB 61 -36.45 124.98 -8.31
C HIS XB 61 -36.09 125.78 -9.55
N LYS XB 62 -35.77 125.09 -10.66
CA LYS XB 62 -35.48 125.80 -11.90
C LYS XB 62 -36.66 126.67 -12.32
N ALA XB 63 -37.86 126.09 -12.34
CA ALA XB 63 -39.05 126.84 -12.71
C ALA XB 63 -39.52 127.76 -11.59
N THR XB 64 -39.33 127.36 -10.33
CA THR XB 64 -39.76 128.19 -9.22
C THR XB 64 -39.07 129.55 -9.27
N LEU XB 65 -37.75 129.56 -9.43
CA LEU XB 65 -37.02 130.81 -9.54
C LEU XB 65 -37.24 131.47 -10.90
N PRO XB 78 -32.40 137.19 0.92
CA PRO XB 78 -31.86 135.99 1.57
C PRO XB 78 -32.56 134.72 1.14
N LEU XB 79 -33.86 134.77 0.88
CA LEU XB 79 -34.60 133.58 0.48
C LEU XB 79 -34.14 133.09 -0.89
N ILE XB 80 -34.10 133.98 -1.87
CA ILE XB 80 -33.72 133.58 -3.22
C ILE XB 80 -32.26 133.11 -3.24
N GLU XB 81 -31.37 133.85 -2.57
CA GLU XB 81 -29.96 133.50 -2.59
C GLU XB 81 -29.73 132.11 -1.99
N ALA XB 82 -30.43 131.78 -0.91
CA ALA XB 82 -30.27 130.47 -0.29
C ALA XB 82 -30.64 129.35 -1.25
N MET XB 83 -31.73 129.54 -2.02
CA MET XB 83 -32.15 128.52 -2.95
C MET XB 83 -31.06 128.23 -3.99
N GLN XB 84 -30.38 129.28 -4.45
CA GLN XB 84 -29.31 129.08 -5.42
C GLN XB 84 -28.23 128.16 -4.85
N GLN XB 85 -27.85 128.36 -3.60
CA GLN XB 85 -26.87 127.49 -2.96
C GLN XB 85 -27.45 126.09 -2.72
N ILE XB 86 -28.75 126.01 -2.44
CA ILE XB 86 -29.37 124.71 -2.20
C ILE XB 86 -29.30 123.84 -3.44
N ILE XB 87 -29.56 124.43 -4.62
CA ILE XB 87 -29.50 123.66 -5.86
C ILE XB 87 -28.11 123.08 -6.04
N LEU XB 88 -27.07 123.88 -5.81
CA LEU XB 88 -25.71 123.38 -5.94
C LEU XB 88 -25.42 122.29 -4.91
N ALA XB 89 -26.07 122.34 -3.75
CA ALA XB 89 -25.86 121.31 -2.74
C ALA XB 89 -26.29 119.95 -3.26
N MET XB 90 -27.43 119.88 -3.94
CA MET XB 90 -27.91 118.60 -4.45
C MET XB 90 -27.05 118.12 -5.62
N THR XB 91 -26.50 119.04 -6.40
CA THR XB 91 -25.67 118.64 -7.54
C THR XB 91 -24.45 117.84 -7.07
N ARG XB 92 -23.80 118.30 -6.00
CA ARG XB 92 -22.66 117.57 -5.47
C ARG XB 92 -23.07 116.16 -5.03
N GLU XB 93 -24.22 116.05 -4.36
CA GLU XB 93 -24.69 114.74 -3.94
C GLU XB 93 -25.00 113.85 -5.14
N LEU XB 94 -25.63 114.41 -6.16
CA LEU XB 94 -25.99 113.62 -7.33
C LEU XB 94 -24.74 113.11 -8.06
N TRP XB 95 -23.74 113.97 -8.23
CA TRP XB 95 -22.55 113.58 -8.97
C TRP XB 95 -21.82 112.44 -8.27
N GLY XB 96 -21.95 112.35 -6.95
CA GLY XB 96 -21.29 111.27 -6.23
C GLY XB 96 -21.83 109.91 -6.64
N GLN XB 97 -23.16 109.78 -6.71
CA GLN XB 97 -23.76 108.52 -7.14
C GLN XB 97 -23.39 108.22 -8.59
N ILE XB 98 -23.32 109.25 -9.42
CA ILE XB 98 -22.95 109.05 -10.83
C ILE XB 98 -21.55 108.43 -10.92
N GLN XB 99 -20.58 109.02 -10.22
CA GLN XB 99 -19.21 108.53 -10.29
C GLN XB 99 -19.08 107.18 -9.61
N ARG XB 100 -19.71 107.00 -8.45
CA ARG XB 100 -19.62 105.74 -7.73
C ARG XB 100 -20.23 104.60 -8.56
N HIS XB 101 -21.36 104.86 -9.21
CA HIS XB 101 -21.99 103.81 -10.01
C HIS XB 101 -21.14 103.46 -11.22
N HIS XB 102 -20.61 104.46 -11.92
CA HIS XB 102 -19.81 104.19 -13.10
C HIS XB 102 -18.53 103.46 -12.76
N TYR XB 103 -17.77 103.99 -11.81
CA TYR XB 103 -16.48 103.40 -11.42
C TYR XB 103 -16.61 102.49 -10.21
N GLY XB 104 -17.06 103.03 -9.09
CA GLY XB 104 -17.17 102.29 -7.86
C GLY XB 104 -17.10 103.20 -6.66
N ILE XB 105 -17.60 102.69 -5.54
CA ILE XB 105 -17.64 103.48 -4.31
C ILE XB 105 -16.23 103.78 -3.82
N VAL XB 106 -15.36 102.77 -3.81
CA VAL XB 106 -14.02 102.94 -3.27
C VAL XB 106 -13.20 103.86 -4.17
N GLN XB 107 -13.35 103.72 -5.50
CA GLN XB 107 -12.51 104.49 -6.41
C GLN XB 107 -12.74 105.98 -6.25
N VAL XB 108 -14.02 106.40 -6.13
CA VAL XB 108 -14.31 107.81 -5.94
C VAL XB 108 -13.70 108.33 -4.64
N GLU XB 109 -13.89 107.58 -3.55
CA GLU XB 109 -13.27 107.95 -2.28
C GLU XB 109 -11.76 107.96 -2.40
N HIS XB 110 -11.20 107.06 -3.21
CA HIS XB 110 -9.75 106.97 -3.37
C HIS XB 110 -9.22 108.08 -4.27
N TYR XB 111 -9.98 108.46 -5.31
CA TYR XB 111 -9.50 109.41 -6.31
C TYR XB 111 -9.80 110.85 -5.96
N VAL XB 112 -10.86 111.12 -5.19
CA VAL XB 112 -11.24 112.49 -4.91
C VAL XB 112 -10.13 113.23 -4.18
N LYS XB 113 -9.51 112.57 -3.20
CA LYS XB 113 -8.48 113.23 -2.41
C LYS XB 113 -7.27 113.57 -3.26
N GLN XB 114 -6.92 112.71 -4.21
CA GLN XB 114 -5.71 112.92 -5.00
C GLN XB 114 -5.75 114.27 -5.73
N ILE XB 115 -6.87 114.56 -6.39
CA ILE XB 115 -6.96 115.79 -7.15
C ILE XB 115 -6.94 117.00 -6.22
N THR XB 116 -7.54 116.88 -5.03
CA THR XB 116 -7.54 117.99 -4.09
C THR XB 116 -6.11 118.34 -3.68
N LEU XB 117 -5.29 117.32 -3.44
CA LEU XB 117 -3.89 117.57 -3.09
C LEU XB 117 -3.15 118.28 -4.22
N TRP XB 118 -3.39 117.85 -5.46
CA TRP XB 118 -2.71 118.48 -6.59
C TRP XB 118 -3.01 119.97 -6.67
N GLN XB 119 -4.17 120.39 -6.16
CA GLN XB 119 -4.52 121.80 -6.18
C GLN XB 119 -3.89 122.54 -4.99
N ASP XB 120 -4.06 122.00 -3.78
CA ASP XB 120 -3.54 122.63 -2.57
C ASP XB 120 -2.04 122.36 -2.48
N THR XB 121 -1.29 123.07 -3.33
CA THR XB 121 0.15 122.93 -3.40
C THR XB 121 0.71 124.20 -4.03
N PRO XB 122 1.95 124.59 -3.69
CA PRO XB 122 2.47 125.85 -4.22
C PRO XB 122 2.74 125.82 -5.72
N GLN XB 123 1.66 125.83 -6.50
CA GLN XB 123 1.70 125.96 -7.96
C GLN XB 123 2.86 125.19 -8.60
N ALA XB 124 4.09 125.65 -8.36
CA ALA XB 124 5.23 125.11 -9.10
C ALA XB 124 5.34 123.60 -8.92
N PHE XB 125 5.35 123.13 -7.68
CA PHE XB 125 5.42 121.70 -7.40
C PHE XB 125 4.03 121.10 -7.21
N ARG XB 126 3.13 121.38 -8.15
CA ARG XB 126 1.76 120.88 -8.04
C ARG XB 126 1.72 119.37 -8.20
N GLY XB 127 2.52 118.82 -9.10
CA GLY XB 127 2.54 117.39 -9.33
C GLY XB 127 2.72 117.05 -10.79
N ASP XB 128 1.89 116.13 -11.29
CA ASP XB 128 1.97 115.71 -12.69
C ASP XB 128 0.58 115.59 -13.30
N GLN XB 129 -0.37 116.40 -12.86
CA GLN XB 129 -1.72 116.36 -13.40
C GLN XB 129 -2.28 114.96 -13.25
N PRO XB 130 -2.63 114.53 -12.03
CA PRO XB 130 -3.01 113.14 -11.82
C PRO XB 130 -4.14 112.71 -12.74
N LYS XB 131 -4.00 111.53 -13.33
CA LYS XB 131 -4.96 111.03 -14.28
C LYS XB 131 -6.26 110.65 -13.59
N PRO XB 132 -7.40 110.82 -14.25
CA PRO XB 132 -8.67 110.36 -13.67
C PRO XB 132 -8.74 108.85 -13.67
N PRO XB 133 -9.59 108.25 -12.84
CA PRO XB 133 -9.62 106.79 -12.74
C PRO XB 133 -9.98 106.14 -14.07
N THR YB 3 -28.12 24.81 -122.54
CA THR YB 3 -27.84 26.03 -121.81
C THR YB 3 -27.66 25.77 -120.32
N PHE YB 4 -28.51 24.90 -119.76
CA PHE YB 4 -28.45 24.65 -118.32
C PHE YB 4 -27.11 24.05 -117.91
N ILE YB 5 -26.61 23.08 -118.68
CA ILE YB 5 -25.36 22.43 -118.31
C ILE YB 5 -24.23 23.45 -118.27
N GLU YB 6 -24.24 24.41 -119.18
CA GLU YB 6 -23.25 25.47 -119.15
C GLU YB 6 -23.31 26.23 -117.83
N LEU YB 7 -24.51 26.49 -117.32
CA LEU YB 7 -24.65 27.20 -116.06
C LEU YB 7 -24.08 26.38 -114.90
N VAL YB 8 -24.32 25.06 -114.91
CA VAL YB 8 -23.83 24.22 -113.82
C VAL YB 8 -22.32 24.13 -113.85
N LYS YB 9 -21.73 24.04 -115.04
CA LYS YB 9 -20.28 23.98 -115.14
C LYS YB 9 -19.63 25.19 -114.49
N ASN YB 10 -20.35 26.31 -114.43
CA ASN YB 10 -19.86 27.52 -113.76
C ASN YB 10 -20.18 27.43 -112.26
N MET YB 11 -19.66 26.38 -111.64
CA MET YB 11 -19.89 26.14 -110.21
C MET YB 11 -18.63 25.56 -109.60
N LYS YB 12 -18.56 25.66 -108.28
CA LYS YB 12 -17.37 25.27 -107.52
C LYS YB 12 -17.50 23.84 -107.05
N GLY YB 13 -16.40 23.09 -107.14
CA GLY YB 13 -16.41 21.68 -106.82
C GLY YB 13 -16.92 20.79 -107.93
N TYR YB 14 -17.02 21.30 -109.15
CA TYR YB 14 -17.56 20.54 -110.27
C TYR YB 14 -16.48 19.61 -110.81
N LYS YB 15 -16.70 18.31 -110.67
CA LYS YB 15 -15.80 17.29 -111.20
C LYS YB 15 -16.51 16.58 -112.35
N GLU YB 16 -15.90 16.62 -113.53
CA GLU YB 16 -16.50 16.01 -114.70
C GLU YB 16 -16.49 14.49 -114.57
N LEU YB 17 -17.52 13.86 -115.12
CA LEU YB 17 -17.67 12.41 -115.01
C LEU YB 17 -18.11 11.77 -116.32
N LEU YB 18 -18.08 12.49 -117.44
CA LEU YB 18 -18.53 11.98 -118.73
C LEU YB 18 -17.35 11.90 -119.68
N LEU YB 19 -17.20 10.75 -120.33
CA LEU YB 19 -16.12 10.56 -121.29
C LEU YB 19 -16.51 11.13 -122.66
N PRO YB 20 -15.54 11.32 -123.54
CA PRO YB 20 -15.86 11.79 -124.89
C PRO YB 20 -16.77 10.81 -125.61
N MET YB 21 -17.61 11.36 -126.49
CA MET YB 21 -18.55 10.54 -127.24
C MET YB 21 -17.83 9.49 -128.07
N GLU YB 22 -16.58 9.75 -128.45
CA GLU YB 22 -15.83 8.82 -129.28
C GLU YB 22 -15.27 7.62 -128.51
N MET YB 23 -15.35 7.63 -127.19
CA MET YB 23 -14.80 6.55 -126.38
C MET YB 23 -15.86 5.69 -125.71
N VAL YB 24 -17.07 6.20 -125.52
CA VAL YB 24 -18.12 5.44 -124.85
C VAL YB 24 -18.50 4.25 -125.74
N PRO YB 25 -18.95 3.13 -125.17
CA PRO YB 25 -19.32 1.98 -126.00
C PRO YB 25 -20.53 2.30 -126.86
N LEU YB 26 -20.82 1.36 -127.76
CA LEU YB 26 -22.03 1.46 -128.55
C LEU YB 26 -23.26 1.30 -127.65
N PRO YB 27 -24.40 1.87 -128.03
CA PRO YB 27 -25.58 1.79 -127.16
C PRO YB 27 -25.98 0.37 -126.82
N ALA YB 28 -25.82 -0.56 -127.77
CA ALA YB 28 -26.18 -1.95 -127.52
C ALA YB 28 -25.33 -2.53 -126.39
N VAL YB 29 -24.04 -2.22 -126.38
CA VAL YB 29 -23.15 -2.78 -125.37
C VAL YB 29 -23.51 -2.27 -123.99
N VAL YB 30 -23.91 -0.99 -123.89
CA VAL YB 30 -24.17 -0.41 -122.58
C VAL YB 30 -25.30 -1.15 -121.89
N LEU YB 31 -26.36 -1.45 -122.64
CA LEU YB 31 -27.52 -2.12 -122.04
C LEU YB 31 -27.11 -3.43 -121.38
N LYS YB 32 -26.08 -4.09 -121.90
CA LYS YB 32 -25.65 -5.37 -121.34
C LYS YB 32 -25.20 -5.21 -119.89
N HIS YB 33 -24.44 -4.16 -119.60
CA HIS YB 33 -24.00 -3.94 -118.22
C HIS YB 33 -25.17 -3.54 -117.33
N VAL YB 34 -26.20 -2.92 -117.89
CA VAL YB 34 -27.35 -2.49 -117.09
C VAL YB 34 -28.01 -3.70 -116.46
N LYS YB 35 -28.22 -4.77 -117.25
CA LYS YB 35 -28.88 -5.96 -116.73
C LYS YB 35 -28.06 -6.58 -115.61
N LEU YB 36 -26.75 -6.68 -115.80
CA LEU YB 36 -25.90 -7.27 -114.77
C LEU YB 36 -25.90 -6.42 -113.51
N ILE YB 37 -25.68 -5.11 -113.67
CA ILE YB 37 -25.59 -4.24 -112.50
C ILE YB 37 -26.93 -4.19 -111.77
N LEU YB 38 -28.02 -4.03 -112.52
CA LEU YB 38 -29.34 -4.02 -111.90
C LEU YB 38 -29.64 -5.35 -111.23
N THR YB 39 -29.50 -6.45 -111.98
CA THR YB 39 -29.91 -7.75 -111.47
C THR YB 39 -28.95 -8.25 -110.40
N SER YB 40 -27.63 -8.12 -110.65
CA SER YB 40 -26.62 -8.58 -109.70
C SER YB 40 -26.40 -7.50 -108.64
N GLN YB 41 -27.47 -7.23 -107.90
CA GLN YB 41 -27.42 -6.24 -106.83
C GLN YB 41 -28.34 -6.67 -105.70
N LYS YB 42 -28.00 -6.26 -104.49
CA LYS YB 42 -28.76 -6.57 -103.29
C LYS YB 42 -29.02 -5.28 -102.53
N GLU YB 43 -30.14 -5.25 -101.81
CA GLU YB 43 -30.53 -4.07 -101.04
C GLU YB 43 -30.67 -2.85 -101.96
N HIS YB 44 -31.64 -2.95 -102.87
CA HIS YB 44 -31.88 -1.93 -103.87
C HIS YB 44 -31.73 -0.54 -103.30
N GLN YB 45 -31.04 0.33 -104.03
CA GLN YB 45 -30.74 1.68 -103.63
C GLN YB 45 -31.37 2.67 -104.60
N PRO YB 46 -31.57 3.92 -104.18
CA PRO YB 46 -32.30 4.87 -105.04
C PRO YB 46 -31.68 5.06 -106.41
N TRP YB 47 -30.35 5.06 -106.51
CA TRP YB 47 -29.71 5.30 -107.79
C TRP YB 47 -30.00 4.20 -108.80
N MET YB 48 -30.37 3.00 -108.33
CA MET YB 48 -30.71 1.93 -109.25
C MET YB 48 -31.93 2.30 -110.09
N THR YB 49 -32.92 2.92 -109.46
CA THR YB 49 -34.12 3.31 -110.19
C THR YB 49 -33.79 4.31 -111.28
N GLU YB 50 -32.92 5.27 -110.99
CA GLU YB 50 -32.56 6.29 -111.98
C GLU YB 50 -31.93 5.64 -113.20
N MET YB 51 -31.07 4.65 -113.00
CA MET YB 51 -30.41 4.00 -114.14
C MET YB 51 -31.42 3.35 -115.07
N ALA YB 52 -32.40 2.64 -114.50
CA ALA YB 52 -33.37 1.93 -115.33
C ALA YB 52 -34.21 2.90 -116.15
N LEU YB 53 -34.63 4.01 -115.53
CA LEU YB 53 -35.50 4.96 -116.21
C LEU YB 53 -34.83 5.51 -117.46
N LYS YB 54 -33.55 5.89 -117.36
CA LYS YB 54 -32.84 6.42 -118.51
C LYS YB 54 -32.64 5.35 -119.58
N ALA YB 55 -32.43 4.10 -119.15
CA ALA YB 55 -32.15 3.04 -120.11
C ALA YB 55 -33.29 2.85 -121.09
N ASP YB 56 -34.53 2.84 -120.59
CA ASP YB 56 -35.67 2.62 -121.46
C ASP YB 56 -35.81 3.74 -122.49
N GLN YB 57 -35.34 4.94 -122.15
CA GLN YB 57 -35.45 6.05 -123.09
C GLN YB 57 -34.66 5.79 -124.36
N CYS YB 58 -33.45 5.23 -124.23
CA CYS YB 58 -32.66 4.91 -125.41
C CYS YB 58 -33.37 3.88 -126.27
N LEU YB 59 -33.99 2.89 -125.65
CA LEU YB 59 -34.74 1.90 -126.42
C LEU YB 59 -35.91 2.54 -127.14
N ILE YB 60 -36.60 3.47 -126.48
CA ILE YB 60 -37.73 4.15 -127.12
C ILE YB 60 -37.27 4.90 -128.36
N HIS YB 61 -36.19 5.68 -128.22
CA HIS YB 61 -35.63 6.38 -129.38
C HIS YB 61 -35.10 5.39 -130.40
N LYS YB 62 -34.44 4.32 -129.93
CA LYS YB 62 -33.92 3.31 -130.84
C LYS YB 62 -35.05 2.65 -131.61
N ALA YB 63 -36.16 2.34 -130.93
CA ALA YB 63 -37.31 1.73 -131.59
C ALA YB 63 -38.06 2.71 -132.48
N THR YB 64 -37.72 3.99 -132.43
CA THR YB 64 -38.40 5.00 -133.23
C THR YB 64 -37.81 5.15 -134.63
N LEU YB 65 -36.53 4.82 -134.81
CA LEU YB 65 -35.90 4.98 -136.11
C LEU YB 65 -36.52 4.07 -137.16
N ASP YB 66 -36.91 2.85 -136.79
CA ASP YB 66 -37.52 1.94 -137.75
C ASP YB 66 -38.76 2.54 -138.37
N PRO YB 78 -33.99 16.45 -141.34
CA PRO YB 78 -33.50 16.76 -139.97
C PRO YB 78 -34.28 16.04 -138.89
N LEU YB 79 -35.61 16.13 -138.91
CA LEU YB 79 -36.41 15.59 -137.81
C LEU YB 79 -36.19 14.09 -137.65
N ILE YB 80 -36.18 13.34 -138.76
CA ILE YB 80 -35.98 11.90 -138.68
C ILE YB 80 -34.60 11.60 -138.11
N GLU YB 81 -33.57 12.29 -138.60
CA GLU YB 81 -32.21 12.06 -138.14
C GLU YB 81 -31.88 12.80 -136.86
N ALA YB 82 -32.70 13.77 -136.45
CA ALA YB 82 -32.39 14.55 -135.25
C ALA YB 82 -32.39 13.67 -134.00
N MET YB 83 -33.36 12.76 -133.90
CA MET YB 83 -33.44 11.92 -132.70
C MET YB 83 -32.20 11.06 -132.53
N GLN YB 84 -31.55 10.70 -133.63
CA GLN YB 84 -30.36 9.86 -133.54
C GLN YB 84 -29.26 10.54 -132.73
N GLN YB 85 -29.21 11.88 -132.76
CA GLN YB 85 -28.19 12.60 -132.00
C GLN YB 85 -28.35 12.36 -130.51
N ILE YB 86 -29.58 12.35 -130.01
CA ILE YB 86 -29.82 12.17 -128.59
C ILE YB 86 -29.42 10.77 -128.15
N ILE YB 87 -29.63 9.78 -129.02
CA ILE YB 87 -29.33 8.40 -128.65
C ILE YB 87 -27.87 8.27 -128.25
N LEU YB 88 -26.96 8.81 -129.07
CA LEU YB 88 -25.55 8.77 -128.72
C LEU YB 88 -25.27 9.53 -127.44
N ALA YB 89 -25.90 10.70 -127.28
CA ALA YB 89 -25.70 11.48 -126.07
C ALA YB 89 -26.19 10.75 -124.83
N MET YB 90 -27.34 10.08 -124.95
CA MET YB 90 -27.92 9.41 -123.79
C MET YB 90 -26.95 8.37 -123.23
N THR YB 91 -26.20 7.69 -124.09
CA THR YB 91 -25.24 6.71 -123.63
C THR YB 91 -24.15 7.37 -122.79
N ARG YB 92 -23.69 8.54 -123.20
CA ARG YB 92 -22.59 9.20 -122.49
C ARG YB 92 -22.97 9.46 -121.04
N GLU YB 93 -24.17 9.97 -120.80
CA GLU YB 93 -24.63 10.15 -119.42
C GLU YB 93 -24.88 8.81 -118.76
N LEU YB 94 -25.44 7.86 -119.51
CA LEU YB 94 -25.74 6.54 -118.95
C LEU YB 94 -24.46 5.81 -118.55
N TRP YB 95 -23.45 5.86 -119.41
CA TRP YB 95 -22.20 5.16 -119.11
C TRP YB 95 -21.51 5.73 -117.89
N GLY YB 96 -21.78 7.00 -117.56
CA GLY YB 96 -21.15 7.59 -116.40
C GLY YB 96 -21.54 6.91 -115.11
N GLN YB 97 -22.81 6.51 -114.99
CA GLN YB 97 -23.26 5.82 -113.79
C GLN YB 97 -22.69 4.42 -113.70
N ILE YB 98 -22.46 3.77 -114.85
CA ILE YB 98 -21.91 2.42 -114.85
C ILE YB 98 -20.54 2.41 -114.17
N GLN YB 99 -19.68 3.36 -114.55
CA GLN YB 99 -18.34 3.40 -113.98
C GLN YB 99 -18.37 3.75 -112.50
N ARG YB 100 -19.33 4.56 -112.07
CA ARG YB 100 -19.46 4.86 -110.65
C ARG YB 100 -19.72 3.59 -109.85
N HIS YB 101 -20.62 2.74 -110.34
CA HIS YB 101 -20.90 1.49 -109.63
C HIS YB 101 -19.70 0.56 -109.65
N HIS YB 102 -19.06 0.40 -110.82
CA HIS YB 102 -17.92 -0.49 -110.93
C HIS YB 102 -16.71 0.07 -110.21
N TYR YB 103 -16.22 1.23 -110.65
CA TYR YB 103 -15.00 1.80 -110.08
C TYR YB 103 -15.30 2.57 -108.80
N GLY YB 104 -16.11 3.60 -108.89
CA GLY YB 104 -16.38 4.49 -107.78
C GLY YB 104 -16.35 5.92 -108.27
N ILE YB 105 -17.12 6.78 -107.61
CA ILE YB 105 -17.23 8.17 -108.06
C ILE YB 105 -15.88 8.87 -107.98
N VAL YB 106 -15.16 8.68 -106.87
CA VAL YB 106 -13.90 9.39 -106.67
C VAL YB 106 -12.89 8.98 -107.74
N GLN YB 107 -12.77 7.67 -107.98
CA GLN YB 107 -11.78 7.19 -108.94
C GLN YB 107 -12.09 7.68 -110.35
N VAL YB 108 -13.38 7.76 -110.70
CA VAL YB 108 -13.74 8.17 -112.05
C VAL YB 108 -13.25 9.57 -112.35
N GLU YB 109 -13.40 10.48 -111.39
CA GLU YB 109 -12.97 11.86 -111.60
C GLU YB 109 -11.51 11.91 -112.05
N HIS YB 110 -10.64 11.18 -111.36
CA HIS YB 110 -9.23 11.15 -111.74
C HIS YB 110 -9.07 10.56 -113.13
N TYR YB 111 -9.79 9.48 -113.42
CA TYR YB 111 -9.62 8.81 -114.71
C TYR YB 111 -9.98 9.72 -115.86
N VAL YB 112 -11.08 10.46 -115.74
CA VAL YB 112 -11.52 11.31 -116.86
C VAL YB 112 -10.48 12.37 -117.16
N LYS YB 113 -9.98 13.05 -116.13
CA LYS YB 113 -8.99 14.09 -116.35
C LYS YB 113 -7.72 13.52 -116.96
N GLN YB 114 -7.29 12.34 -116.48
CA GLN YB 114 -6.15 11.69 -117.09
C GLN YB 114 -6.40 11.39 -118.56
N ILE YB 115 -7.61 10.91 -118.88
CA ILE YB 115 -7.97 10.68 -120.27
C ILE YB 115 -7.99 12.00 -121.04
N THR YB 116 -8.56 13.04 -120.43
CA THR YB 116 -8.66 14.33 -121.11
C THR YB 116 -7.29 14.87 -121.46
N LEU YB 117 -6.39 14.90 -120.47
CA LEU YB 117 -5.03 15.35 -120.74
C LEU YB 117 -4.34 14.44 -121.75
N TRP YB 118 -4.55 13.13 -121.63
CA TRP YB 118 -3.97 12.19 -122.58
C TRP YB 118 -4.51 12.47 -123.99
N GLN YB 119 -5.81 12.73 -124.11
CA GLN YB 119 -6.37 13.07 -125.41
C GLN YB 119 -5.92 14.44 -125.87
N ASP YB 120 -5.74 15.38 -124.93
CA ASP YB 120 -5.34 16.73 -125.31
C ASP YB 120 -3.95 16.75 -125.92
N THR YB 121 -3.02 16.00 -125.32
CA THR YB 121 -1.64 16.02 -125.82
C THR YB 121 -1.61 15.46 -127.24
N PRO YB 122 -0.78 16.04 -128.12
CA PRO YB 122 -0.72 15.54 -129.51
C PRO YB 122 -0.25 14.08 -129.55
N GLN YB 123 -0.77 13.36 -130.54
CA GLN YB 123 -0.48 11.93 -130.65
C GLN YB 123 1.00 11.65 -130.85
N ALA YB 124 1.78 12.63 -131.32
CA ALA YB 124 3.19 12.39 -131.54
C ALA YB 124 3.91 12.02 -130.25
N PHE YB 125 3.59 12.73 -129.15
CA PHE YB 125 4.19 12.48 -127.85
C PHE YB 125 3.11 12.25 -126.80
N ARG YB 126 1.97 11.71 -127.21
CA ARG YB 126 0.85 11.53 -126.29
C ARG YB 126 1.19 10.56 -125.17
N GLY YB 127 1.85 9.45 -125.50
CA GLY YB 127 2.21 8.45 -124.52
C GLY YB 127 1.17 7.35 -124.42
N ASP YB 128 1.47 6.39 -123.54
CA ASP YB 128 0.58 5.26 -123.35
C ASP YB 128 -0.73 5.70 -122.72
N GLN YB 129 -1.83 5.14 -123.21
CA GLN YB 129 -3.14 5.47 -122.67
C GLN YB 129 -3.26 4.96 -121.24
N PRO YB 130 -3.71 5.77 -120.29
CA PRO YB 130 -3.83 5.30 -118.91
C PRO YB 130 -4.90 4.23 -118.78
N LYS YB 131 -4.70 3.35 -117.82
CA LYS YB 131 -5.61 2.25 -117.57
C LYS YB 131 -6.70 2.66 -116.58
N PRO YB 132 -7.83 1.97 -116.59
CA PRO YB 132 -8.92 2.32 -115.67
C PRO YB 132 -8.49 2.15 -114.23
N PRO YB 133 -9.18 2.80 -113.28
CA PRO YB 133 -8.80 2.67 -111.87
C PRO YB 133 -9.12 1.28 -111.31
N SER YB 134 -8.87 1.10 -110.02
CA SER YB 134 -9.18 -0.15 -109.35
C SER YB 134 -10.65 -0.22 -108.98
N PHE YB 135 -11.18 -1.44 -108.99
CA PHE YB 135 -12.60 -1.64 -108.69
C PHE YB 135 -12.89 -1.30 -107.23
N THR ZB 3 -38.87 -3.01 -120.11
CA THR ZB 3 -38.55 -4.18 -119.32
C THR ZB 3 -37.58 -3.90 -118.18
N PHE ZB 4 -36.61 -3.02 -118.38
CA PHE ZB 4 -35.64 -2.74 -117.33
C PHE ZB 4 -36.31 -2.18 -116.09
N ILE ZB 5 -37.25 -1.25 -116.27
CA ILE ZB 5 -37.94 -0.67 -115.13
C ILE ZB 5 -38.73 -1.74 -114.39
N GLU ZB 6 -39.28 -2.70 -115.12
CA GLU ZB 6 -40.02 -3.79 -114.48
C GLU ZB 6 -39.10 -4.60 -113.57
N LEU ZB 7 -37.86 -4.84 -114.00
CA LEU ZB 7 -36.92 -5.57 -113.17
C LEU ZB 7 -36.67 -4.87 -111.85
N VAL ZB 8 -36.54 -3.53 -111.90
CA VAL ZB 8 -36.35 -2.77 -110.66
C VAL ZB 8 -37.57 -2.92 -109.76
N LYS ZB 9 -38.77 -2.85 -110.34
CA LYS ZB 9 -39.98 -2.98 -109.55
C LYS ZB 9 -40.11 -4.37 -108.93
N ASN ZB 10 -39.33 -5.33 -109.41
CA ASN ZB 10 -39.32 -6.68 -108.86
C ASN ZB 10 -38.30 -6.85 -107.74
N MET ZB 11 -37.60 -5.80 -107.36
CA MET ZB 11 -36.55 -5.90 -106.37
C MET ZB 11 -37.12 -5.90 -104.96
N LYS ZB 12 -36.24 -5.90 -103.97
CA LYS ZB 12 -36.59 -5.84 -102.56
C LYS ZB 12 -36.20 -4.48 -102.01
N GLY ZB 13 -37.13 -3.83 -101.31
CA GLY ZB 13 -36.90 -2.51 -100.78
C GLY ZB 13 -37.17 -1.38 -101.74
N TYR ZB 14 -37.55 -1.68 -102.98
CA TYR ZB 14 -37.87 -0.64 -103.93
C TYR ZB 14 -39.11 0.13 -103.49
N LYS ZB 15 -39.08 1.45 -103.70
CA LYS ZB 15 -40.18 2.32 -103.30
C LYS ZB 15 -40.42 3.34 -104.40
N GLU ZB 16 -41.70 3.61 -104.68
CA GLU ZB 16 -42.05 4.55 -105.72
C GLU ZB 16 -41.68 5.97 -105.31
N LEU ZB 17 -41.22 6.75 -106.29
CA LEU ZB 17 -40.90 8.16 -106.08
C LEU ZB 17 -41.54 9.08 -107.12
N LEU ZB 18 -42.06 8.55 -108.22
CA LEU ZB 18 -42.68 9.37 -109.24
C LEU ZB 18 -44.15 9.58 -108.91
N LEU ZB 19 -44.86 10.23 -109.81
CA LEU ZB 19 -46.26 10.59 -109.62
C LEU ZB 19 -47.03 10.28 -110.89
N PRO ZB 20 -48.35 10.17 -110.80
CA PRO ZB 20 -49.15 9.91 -112.00
C PRO ZB 20 -48.95 10.99 -113.05
N MET ZB 21 -49.02 10.58 -114.31
CA MET ZB 21 -48.81 11.51 -115.41
C MET ZB 21 -49.72 12.72 -115.30
N GLU ZB 22 -50.95 12.50 -114.82
CA GLU ZB 22 -51.88 13.61 -114.68
C GLU ZB 22 -51.39 14.64 -113.67
N MET ZB 23 -50.84 14.16 -112.54
CA MET ZB 23 -50.35 15.05 -111.49
C MET ZB 23 -48.91 15.47 -111.79
N VAL ZB 24 -48.72 16.03 -112.97
CA VAL ZB 24 -47.42 16.53 -113.40
C VAL ZB 24 -47.60 17.91 -114.03
N PRO ZB 25 -46.87 18.92 -113.59
CA PRO ZB 25 -47.03 20.26 -114.19
C PRO ZB 25 -46.77 20.22 -115.69
N LEU ZB 26 -47.14 21.33 -116.33
CA LEU ZB 26 -46.94 21.47 -117.76
C LEU ZB 26 -45.45 21.67 -118.07
N PRO ZB 27 -45.03 21.40 -119.31
CA PRO ZB 27 -43.62 21.60 -119.66
C PRO ZB 27 -43.22 23.07 -119.63
N ALA ZB 28 -41.96 23.36 -119.95
CA ALA ZB 28 -41.47 24.72 -119.97
C ALA ZB 28 -41.52 25.36 -118.60
N VAL ZB 29 -42.74 25.58 -118.08
CA VAL ZB 29 -42.88 26.21 -116.77
C VAL ZB 29 -42.26 25.35 -115.68
N VAL ZB 30 -42.42 24.03 -115.79
CA VAL ZB 30 -41.83 23.13 -114.80
C VAL ZB 30 -40.32 23.27 -114.77
N LEU ZB 31 -39.70 23.62 -115.91
CA LEU ZB 31 -38.26 23.80 -115.96
C LEU ZB 31 -37.79 24.96 -115.10
N LYS ZB 32 -38.69 25.86 -114.70
CA LYS ZB 32 -38.28 27.02 -113.92
C LYS ZB 32 -37.72 26.61 -112.57
N HIS ZB 33 -38.31 25.59 -111.94
CA HIS ZB 33 -37.78 25.11 -110.67
C HIS ZB 33 -36.33 24.66 -110.81
N VAL ZB 34 -35.92 24.28 -112.02
CA VAL ZB 34 -34.52 23.87 -112.23
C VAL ZB 34 -33.59 25.04 -111.91
N LYS ZB 35 -33.91 26.23 -112.42
CA LYS ZB 35 -33.07 27.39 -112.18
C LYS ZB 35 -33.03 27.75 -110.70
N LEU ZB 36 -34.18 27.65 -110.02
CA LEU ZB 36 -34.26 28.04 -108.62
C LEU ZB 36 -33.49 27.08 -107.71
N ILE ZB 37 -33.07 25.93 -108.23
CA ILE ZB 37 -32.37 24.94 -107.43
C ILE ZB 37 -30.92 24.85 -107.87
N LEU ZB 38 -30.66 25.18 -109.13
CA LEU ZB 38 -29.29 25.22 -109.64
C LEU ZB 38 -28.62 26.56 -109.39
N THR ZB 39 -29.26 27.65 -109.83
CA THR ZB 39 -28.69 28.98 -109.65
C THR ZB 39 -28.53 29.31 -108.17
N SER ZB 40 -29.55 28.99 -107.37
CA SER ZB 40 -29.52 29.24 -105.94
C SER ZB 40 -28.91 28.05 -105.21
N GLN ZB 41 -27.68 27.71 -105.59
CA GLN ZB 41 -27.00 26.57 -105.03
C GLN ZB 41 -25.49 26.76 -105.16
N LYS ZB 42 -24.77 25.96 -104.38
CA LYS ZB 42 -23.30 25.98 -104.39
C LYS ZB 42 -22.83 24.61 -103.92
N GLU ZB 43 -21.52 24.38 -104.04
CA GLU ZB 43 -20.92 23.09 -103.69
C GLU ZB 43 -21.52 21.97 -104.54
N HIS ZB 44 -21.26 22.08 -105.83
CA HIS ZB 44 -21.76 21.15 -106.83
C HIS ZB 44 -21.68 19.71 -106.33
N GLN ZB 45 -22.82 19.04 -106.32
CA GLN ZB 45 -22.94 17.65 -105.88
C GLN ZB 45 -23.26 16.75 -107.06
N PRO ZB 46 -22.98 15.45 -106.96
CA PRO ZB 46 -23.19 14.56 -108.11
C PRO ZB 46 -24.60 14.58 -108.64
N TRP ZB 47 -25.60 14.64 -107.76
CA TRP ZB 47 -26.99 14.59 -108.22
C TRP ZB 47 -27.38 15.84 -109.00
N MET ZB 48 -26.70 16.96 -108.75
CA MET ZB 48 -27.02 18.19 -109.47
C MET ZB 48 -26.76 18.02 -110.96
N THR ZB 49 -25.67 17.35 -111.32
CA THR ZB 49 -25.37 17.13 -112.73
C THR ZB 49 -26.44 16.26 -113.37
N GLU ZB 50 -26.93 15.26 -112.65
CA GLU ZB 50 -27.97 14.39 -113.19
C GLU ZB 50 -29.20 15.19 -113.56
N MET ZB 51 -29.63 16.10 -112.68
CA MET ZB 51 -30.77 16.95 -112.98
C MET ZB 51 -30.50 17.83 -114.19
N ALA ZB 52 -29.30 18.41 -114.26
CA ALA ZB 52 -28.98 19.31 -115.35
C ALA ZB 52 -29.00 18.58 -116.69
N LEU ZB 53 -28.43 17.37 -116.74
CA LEU ZB 53 -28.36 16.61 -117.98
C LEU ZB 53 -29.71 16.01 -118.38
N LYS ZB 54 -30.70 16.04 -117.49
CA LYS ZB 54 -32.04 15.56 -117.81
C LYS ZB 54 -32.98 16.68 -118.23
N ALA ZB 55 -32.96 17.81 -117.51
CA ALA ZB 55 -33.85 18.92 -117.84
C ALA ZB 55 -33.52 19.48 -119.22
N ASP ZB 56 -32.23 19.62 -119.53
CA ASP ZB 56 -31.84 20.18 -120.82
C ASP ZB 56 -32.33 19.32 -121.99
N GLN ZB 57 -32.61 18.04 -121.75
CA GLN ZB 57 -33.08 17.18 -122.85
C GLN ZB 57 -34.43 17.64 -123.36
N CYS ZB 58 -35.31 18.12 -122.47
CA CYS ZB 58 -36.62 18.57 -122.91
C CYS ZB 58 -36.50 19.70 -123.92
N LEU ZB 59 -35.57 20.63 -123.68
CA LEU ZB 59 -35.35 21.71 -124.64
C LEU ZB 59 -34.91 21.16 -126.00
N ILE ZB 60 -34.04 20.16 -125.98
CA ILE ZB 60 -33.57 19.55 -127.23
C ILE ZB 60 -34.75 18.95 -127.98
N HIS ZB 61 -35.57 18.16 -127.30
CA HIS ZB 61 -36.78 17.63 -127.92
C HIS ZB 61 -37.73 18.76 -128.29
N LYS ZB 62 -37.88 19.74 -127.41
CA LYS ZB 62 -38.76 20.88 -127.70
C LYS ZB 62 -38.24 21.67 -128.88
N ALA ZB 63 -36.91 21.81 -129.00
CA ALA ZB 63 -36.34 22.57 -130.11
C ALA ZB 63 -36.70 21.97 -131.46
N THR ZB 64 -36.98 20.67 -131.52
CA THR ZB 64 -37.33 20.05 -132.79
C THR ZB 64 -38.69 20.51 -133.30
N LEU ZB 65 -39.51 21.09 -132.43
CA LEU ZB 65 -40.83 21.56 -132.87
C LEU ZB 65 -40.70 22.59 -133.99
N ASP ZB 66 -39.63 23.38 -133.99
CA ASP ZB 66 -39.41 24.33 -135.07
C ASP ZB 66 -39.27 23.62 -136.40
N PRO ZB 78 -45.93 9.36 -136.79
CA PRO ZB 78 -45.48 8.70 -135.56
C PRO ZB 78 -44.21 9.30 -134.98
N LEU ZB 79 -43.29 9.74 -135.85
CA LEU ZB 79 -42.06 10.35 -135.36
C LEU ZB 79 -42.34 11.63 -134.59
N ILE ZB 80 -43.24 12.47 -135.11
CA ILE ZB 80 -43.59 13.71 -134.43
C ILE ZB 80 -44.38 13.42 -133.17
N GLU ZB 81 -45.35 12.50 -133.26
CA GLU ZB 81 -46.16 12.17 -132.10
C GLU ZB 81 -45.32 11.53 -131.00
N ALA ZB 82 -44.40 10.65 -131.37
CA ALA ZB 82 -43.63 9.91 -130.37
C ALA ZB 82 -42.81 10.85 -129.50
N MET ZB 83 -42.18 11.86 -130.10
CA MET ZB 83 -41.35 12.77 -129.32
C MET ZB 83 -42.16 13.50 -128.26
N GLN ZB 84 -43.37 13.93 -128.61
CA GLN ZB 84 -44.20 14.64 -127.64
C GLN ZB 84 -44.52 13.76 -126.44
N GLN ZB 85 -44.78 12.47 -126.67
CA GLN ZB 85 -45.07 11.57 -125.57
C GLN ZB 85 -43.88 11.45 -124.62
N ILE ZB 86 -42.67 11.40 -125.16
CA ILE ZB 86 -41.48 11.21 -124.34
C ILE ZB 86 -41.30 12.37 -123.37
N ILE ZB 87 -41.66 13.58 -123.78
CA ILE ZB 87 -41.45 14.74 -122.92
C ILE ZB 87 -42.20 14.56 -121.61
N LEU ZB 88 -43.41 14.01 -121.67
CA LEU ZB 88 -44.18 13.78 -120.44
C LEU ZB 88 -43.43 12.85 -119.50
N ALA ZB 89 -42.85 11.78 -120.04
CA ALA ZB 89 -42.15 10.81 -119.21
C ALA ZB 89 -40.95 11.46 -118.53
N MET ZB 90 -40.17 12.24 -119.27
CA MET ZB 90 -39.02 12.91 -118.67
C MET ZB 90 -39.47 13.95 -117.65
N THR ZB 91 -40.56 14.66 -117.93
CA THR ZB 91 -41.05 15.66 -116.99
C THR ZB 91 -41.43 15.02 -115.67
N ARG ZB 92 -42.02 13.82 -115.71
CA ARG ZB 92 -42.36 13.12 -114.48
C ARG ZB 92 -41.13 12.84 -113.64
N GLU ZB 93 -40.04 12.42 -114.28
CA GLU ZB 93 -38.80 12.14 -113.55
C GLU ZB 93 -38.26 13.41 -112.91
N LEU ZB 94 -38.34 14.54 -113.62
CA LEU ZB 94 -37.80 15.79 -113.08
C LEU ZB 94 -38.47 16.16 -111.77
N TRP ZB 95 -39.80 16.02 -111.70
CA TRP ZB 95 -40.52 16.42 -110.49
C TRP ZB 95 -40.09 15.58 -109.30
N GLY ZB 96 -39.90 14.28 -109.50
CA GLY ZB 96 -39.49 13.42 -108.39
C GLY ZB 96 -38.17 13.85 -107.79
N GLN ZB 97 -37.22 14.23 -108.64
CA GLN ZB 97 -35.93 14.71 -108.15
C GLN ZB 97 -36.11 15.98 -107.34
N ILE ZB 98 -36.97 16.89 -107.81
CA ILE ZB 98 -37.20 18.15 -107.11
C ILE ZB 98 -37.74 17.89 -105.71
N GLN ZB 99 -38.75 17.02 -105.62
CA GLN ZB 99 -39.28 16.65 -104.30
C GLN ZB 99 -38.25 15.89 -103.48
N ARG ZB 100 -37.40 15.09 -104.13
CA ARG ZB 100 -36.32 14.42 -103.43
C ARG ZB 100 -35.35 15.39 -102.78
N HIS ZB 101 -35.35 16.65 -103.23
CA HIS ZB 101 -34.50 17.69 -102.67
C HIS ZB 101 -35.24 18.62 -101.72
N HIS ZB 102 -36.43 19.07 -102.11
CA HIS ZB 102 -37.20 20.01 -101.30
C HIS ZB 102 -37.69 19.34 -100.02
N TYR ZB 103 -38.53 18.31 -100.16
CA TYR ZB 103 -39.12 17.63 -99.01
C TYR ZB 103 -38.34 16.38 -98.64
N GLY ZB 104 -37.03 16.53 -98.46
CA GLY ZB 104 -36.22 15.41 -98.08
C GLY ZB 104 -36.24 14.34 -99.16
N ILE ZB 105 -35.78 13.14 -98.77
CA ILE ZB 105 -35.76 11.99 -99.66
C ILE ZB 105 -36.53 10.85 -99.02
N VAL ZB 106 -36.60 10.86 -97.68
CA VAL ZB 106 -37.33 9.81 -96.97
C VAL ZB 106 -38.81 10.16 -96.87
N GLN ZB 107 -39.13 11.40 -96.51
CA GLN ZB 107 -40.52 11.81 -96.40
C GLN ZB 107 -41.23 11.79 -97.74
N VAL ZB 108 -40.49 11.84 -98.84
CA VAL ZB 108 -41.12 11.83 -100.17
C VAL ZB 108 -41.88 10.54 -100.38
N GLU ZB 109 -41.28 9.41 -100.01
CA GLU ZB 109 -41.91 8.11 -100.22
C GLU ZB 109 -43.25 8.04 -99.48
N HIS ZB 110 -43.29 8.56 -98.26
CA HIS ZB 110 -44.54 8.54 -97.50
C HIS ZB 110 -45.63 9.33 -98.21
N TYR ZB 111 -45.28 10.50 -98.76
CA TYR ZB 111 -46.28 11.32 -99.45
C TYR ZB 111 -46.83 10.59 -100.66
N VAL ZB 112 -45.94 10.06 -101.51
CA VAL ZB 112 -46.40 9.37 -102.72
C VAL ZB 112 -47.18 8.12 -102.34
N LYS ZB 113 -46.80 7.45 -101.24
CA LYS ZB 113 -47.55 6.30 -100.78
C LYS ZB 113 -49.01 6.67 -100.53
N GLN ZB 114 -49.25 7.81 -99.87
CA GLN ZB 114 -50.61 8.25 -99.61
C GLN ZB 114 -51.29 8.71 -100.89
N ILE ZB 115 -50.55 9.32 -101.80
CA ILE ZB 115 -51.13 9.78 -103.07
C ILE ZB 115 -51.74 8.61 -103.83
N THR ZB 116 -51.02 7.49 -103.88
CA THR ZB 116 -51.53 6.33 -104.61
C THR ZB 116 -52.84 5.84 -104.02
N LEU ZB 117 -52.90 5.75 -102.68
CA LEU ZB 117 -54.13 5.31 -102.03
C LEU ZB 117 -55.25 6.32 -102.24
N TRP ZB 118 -54.94 7.61 -102.12
CA TRP ZB 118 -55.97 8.64 -102.21
C TRP ZB 118 -56.58 8.74 -103.59
N GLN ZB 119 -55.88 8.27 -104.63
CA GLN ZB 119 -56.38 8.34 -106.00
C GLN ZB 119 -56.95 7.01 -106.48
N ASP ZB 120 -56.34 5.89 -106.09
CA ASP ZB 120 -56.80 4.60 -106.57
C ASP ZB 120 -58.22 4.29 -106.08
N THR ZB 121 -58.52 4.65 -104.83
CA THR ZB 121 -59.85 4.42 -104.30
C THR ZB 121 -60.86 5.27 -105.07
N PRO ZB 122 -62.12 4.82 -105.14
CA PRO ZB 122 -63.12 5.60 -105.88
C PRO ZB 122 -63.32 6.98 -105.26
N GLN ZB 123 -63.70 7.93 -106.11
CA GLN ZB 123 -63.85 9.32 -105.67
C GLN ZB 123 -64.86 9.46 -104.55
N ALA ZB 124 -65.78 8.51 -104.40
CA ALA ZB 124 -66.78 8.59 -103.34
C ALA ZB 124 -66.22 8.27 -101.96
N PHE ZB 125 -64.97 7.79 -101.88
CA PHE ZB 125 -64.38 7.41 -100.61
C PHE ZB 125 -63.08 8.14 -100.30
N ARG ZB 126 -62.52 8.90 -101.25
CA ARG ZB 126 -61.22 9.53 -101.04
C ARG ZB 126 -61.24 10.44 -99.82
N GLY ZB 127 -62.05 11.50 -99.87
CA GLY ZB 127 -62.10 12.47 -98.81
C GLY ZB 127 -61.41 13.76 -99.15
N ASP ZB 128 -60.24 14.00 -98.57
CA ASP ZB 128 -59.47 15.22 -98.79
C ASP ZB 128 -58.05 14.85 -99.20
N GLN ZB 129 -57.49 15.63 -100.12
CA GLN ZB 129 -56.14 15.37 -100.57
C GLN ZB 129 -55.16 15.52 -99.40
N PRO ZB 130 -54.20 14.61 -99.24
CA PRO ZB 130 -53.21 14.75 -98.17
C PRO ZB 130 -52.13 15.75 -98.56
N LYS ZB 131 -52.02 16.83 -97.79
CA LYS ZB 131 -51.05 17.87 -98.12
C LYS ZB 131 -49.63 17.32 -98.01
N PRO ZB 132 -48.77 17.62 -98.98
CA PRO ZB 132 -47.39 17.13 -98.89
C PRO ZB 132 -46.66 17.78 -97.72
N PRO ZB 133 -45.66 17.11 -97.17
CA PRO ZB 133 -44.90 17.71 -96.06
C PRO ZB 133 -44.16 18.96 -96.52
N SER ZB 134 -43.98 19.89 -95.59
CA SER ZB 134 -43.30 21.14 -95.89
C SER ZB 134 -41.80 20.90 -96.00
N PHE ZB 135 -41.06 21.99 -96.19
CA PHE ZB 135 -39.60 21.94 -96.37
C PHE ZB 135 -38.97 21.66 -95.00
N THR AC 3 -70.79 -22.80 -96.70
CA THR AC 3 -71.17 -23.31 -95.40
C THR AC 3 -70.05 -23.17 -94.38
N PHE AC 4 -68.79 -23.13 -94.84
CA PHE AC 4 -67.68 -22.94 -93.90
C PHE AC 4 -67.80 -21.61 -93.16
N ILE AC 5 -68.20 -20.56 -93.87
CA ILE AC 5 -68.37 -19.26 -93.22
C ILE AC 5 -69.39 -19.38 -92.09
N GLU AC 6 -70.45 -20.15 -92.31
CA GLU AC 6 -71.41 -20.39 -91.25
C GLU AC 6 -70.75 -21.09 -90.07
N LEU AC 7 -69.87 -22.05 -90.35
CA LEU AC 7 -69.17 -22.74 -89.26
C LEU AC 7 -68.31 -21.79 -88.46
N VAL AC 8 -67.88 -20.68 -89.07
CA VAL AC 8 -67.09 -19.68 -88.37
C VAL AC 8 -67.92 -18.47 -87.97
N LYS AC 9 -69.07 -18.25 -88.61
CA LYS AC 9 -69.90 -17.09 -88.26
C LYS AC 9 -70.29 -17.12 -86.79
N ASN AC 10 -70.36 -18.30 -86.19
CA ASN AC 10 -70.67 -18.41 -84.76
C ASN AC 10 -69.45 -18.21 -83.88
N MET AC 11 -68.24 -18.23 -84.44
CA MET AC 11 -67.05 -18.05 -83.64
C MET AC 11 -66.99 -16.65 -83.04
N LYS AC 12 -66.40 -16.55 -81.85
CA LYS AC 12 -66.34 -15.27 -81.16
C LYS AC 12 -65.52 -14.25 -81.96
N GLY AC 13 -64.39 -14.68 -82.52
CA GLY AC 13 -63.50 -13.77 -83.21
C GLY AC 13 -63.79 -13.61 -84.69
N TYR AC 14 -64.90 -14.19 -85.15
CA TYR AC 14 -65.27 -14.08 -86.55
C TYR AC 14 -65.56 -12.63 -86.91
N LYS AC 15 -65.14 -12.23 -88.12
CA LYS AC 15 -65.30 -10.87 -88.58
C LYS AC 15 -65.71 -10.88 -90.05
N GLU AC 16 -66.40 -9.83 -90.47
CA GLU AC 16 -66.80 -9.66 -91.86
C GLU AC 16 -65.67 -8.95 -92.60
N LEU AC 17 -64.64 -9.73 -92.93
CA LEU AC 17 -63.50 -9.18 -93.65
C LEU AC 17 -63.86 -8.76 -95.07
N LEU AC 18 -64.96 -9.24 -95.61
CA LEU AC 18 -65.38 -8.90 -96.97
C LEU AC 18 -65.92 -7.49 -96.98
N LEU AC 19 -65.11 -6.54 -97.42
CA LEU AC 19 -65.50 -5.14 -97.44
C LEU AC 19 -66.51 -4.89 -98.56
N PRO AC 20 -67.22 -3.76 -98.50
CA PRO AC 20 -68.23 -3.48 -99.55
C PRO AC 20 -67.61 -3.47 -100.93
N MET AC 21 -68.38 -3.97 -101.90
CA MET AC 21 -67.90 -4.03 -103.28
C MET AC 21 -67.57 -2.64 -103.80
N GLU AC 22 -68.43 -1.65 -103.52
CA GLU AC 22 -68.17 -0.29 -103.97
C GLU AC 22 -66.89 0.26 -103.36
N MET AC 23 -66.54 -0.18 -102.15
CA MET AC 23 -65.37 0.36 -101.47
C MET AC 23 -64.09 0.04 -102.23
N VAL AC 24 -63.96 -1.18 -102.73
CA VAL AC 24 -62.71 -1.62 -103.37
C VAL AC 24 -62.65 -1.10 -104.80
N PRO AC 25 -61.46 -0.91 -105.36
CA PRO AC 25 -61.36 -0.49 -106.77
C PRO AC 25 -61.44 -1.65 -107.74
N LEU AC 26 -61.21 -1.37 -109.02
CA LEU AC 26 -61.27 -2.42 -110.03
C LEU AC 26 -60.12 -3.41 -109.82
N PRO AC 27 -60.25 -4.63 -110.35
CA PRO AC 27 -59.22 -5.64 -110.11
C PRO AC 27 -57.84 -5.23 -110.56
N ALA AC 28 -57.73 -4.51 -111.69
CA ALA AC 28 -56.43 -4.16 -112.23
C ALA AC 28 -55.64 -3.29 -111.26
N VAL AC 29 -56.30 -2.32 -110.63
CA VAL AC 29 -55.60 -1.40 -109.74
C VAL AC 29 -55.09 -2.13 -108.51
N VAL AC 30 -55.87 -3.09 -108.00
CA VAL AC 30 -55.47 -3.80 -106.79
C VAL AC 30 -54.15 -4.53 -107.00
N LEU AC 31 -54.00 -5.18 -108.17
CA LEU AC 31 -52.77 -5.90 -108.45
C LEU AC 31 -51.55 -4.99 -108.33
N LYS AC 32 -51.72 -3.70 -108.64
CA LYS AC 32 -50.60 -2.77 -108.52
C LYS AC 32 -50.10 -2.69 -107.09
N HIS AC 33 -51.02 -2.62 -106.12
CA HIS AC 33 -50.61 -2.50 -104.72
C HIS AC 33 -49.98 -3.77 -104.21
N VAL AC 34 -50.35 -4.93 -104.78
CA VAL AC 34 -49.76 -6.19 -104.33
C VAL AC 34 -48.26 -6.19 -104.58
N LYS AC 35 -47.85 -5.74 -105.76
CA LYS AC 35 -46.41 -5.63 -106.04
C LYS AC 35 -45.75 -4.63 -105.11
N LEU AC 36 -46.41 -3.49 -104.89
CA LEU AC 36 -45.82 -2.45 -104.05
C LEU AC 36 -45.70 -2.90 -102.60
N ILE AC 37 -46.75 -3.54 -102.06
CA ILE AC 37 -46.70 -3.97 -100.67
C ILE AC 37 -45.74 -5.12 -100.48
N LEU AC 38 -45.76 -6.09 -101.40
CA LEU AC 38 -44.80 -7.20 -101.31
C LEU AC 38 -43.37 -6.70 -101.47
N THR AC 39 -43.15 -5.81 -102.44
CA THR AC 39 -41.80 -5.28 -102.64
C THR AC 39 -41.33 -4.49 -101.42
N SER AC 40 -42.19 -3.64 -100.86
CA SER AC 40 -41.79 -2.84 -99.71
C SER AC 40 -41.47 -3.72 -98.51
N GLN AC 41 -42.29 -4.73 -98.26
CA GLN AC 41 -42.08 -5.59 -97.10
C GLN AC 41 -40.83 -6.42 -97.27
N LYS AC 42 -40.10 -6.62 -96.17
CA LYS AC 42 -38.83 -7.34 -96.19
C LYS AC 42 -38.87 -8.64 -95.42
N GLU AC 43 -39.34 -8.63 -94.17
CA GLU AC 43 -39.36 -9.85 -93.38
C GLU AC 43 -40.28 -10.87 -94.02
N HIS AC 44 -39.85 -12.13 -94.02
CA HIS AC 44 -40.60 -13.21 -94.64
C HIS AC 44 -41.53 -13.84 -93.62
N GLN AC 45 -42.83 -13.82 -93.92
CA GLN AC 45 -43.86 -14.47 -93.13
C GLN AC 45 -44.78 -15.23 -94.06
N PRO AC 46 -45.51 -16.23 -93.55
CA PRO AC 46 -46.35 -17.04 -94.43
C PRO AC 46 -47.44 -16.25 -95.14
N TRP AC 47 -47.88 -15.11 -94.58
CA TRP AC 47 -48.99 -14.39 -95.19
C TRP AC 47 -48.61 -13.86 -96.58
N MET AC 48 -47.40 -13.30 -96.72
CA MET AC 48 -46.98 -12.80 -98.02
C MET AC 48 -46.85 -13.94 -99.03
N THR AC 49 -46.32 -15.09 -98.57
CA THR AC 49 -46.23 -16.25 -99.45
C THR AC 49 -47.61 -16.68 -99.93
N GLU AC 50 -48.58 -16.74 -99.02
CA GLU AC 50 -49.95 -17.07 -99.40
C GLU AC 50 -50.66 -15.92 -100.08
N MET AC 51 -50.28 -14.67 -99.74
CA MET AC 51 -50.92 -13.52 -100.36
C MET AC 51 -50.67 -13.49 -101.86
N ALA AC 52 -49.44 -13.79 -102.28
CA ALA AC 52 -49.15 -13.82 -103.70
C ALA AC 52 -49.95 -14.88 -104.42
N LEU AC 53 -50.08 -16.07 -103.82
CA LEU AC 53 -50.82 -17.16 -104.46
C LEU AC 53 -52.27 -16.78 -104.67
N LYS AC 54 -52.89 -16.14 -103.67
CA LYS AC 54 -54.29 -15.75 -103.79
C LYS AC 54 -54.49 -14.77 -104.93
N ALA AC 55 -53.57 -13.81 -105.08
CA ALA AC 55 -53.69 -12.83 -106.15
C ALA AC 55 -53.36 -13.43 -107.51
N ASP AC 56 -52.52 -14.48 -107.53
CA ASP AC 56 -52.12 -15.06 -108.81
C ASP AC 56 -53.31 -15.61 -109.57
N GLN AC 57 -54.26 -16.23 -108.86
CA GLN AC 57 -55.39 -16.85 -109.54
C GLN AC 57 -56.14 -15.83 -110.41
N CYS AC 58 -56.24 -14.59 -109.94
CA CYS AC 58 -56.95 -13.57 -110.71
C CYS AC 58 -56.31 -13.35 -112.07
N LEU AC 59 -54.99 -13.46 -112.16
CA LEU AC 59 -54.31 -13.27 -113.43
C LEU AC 59 -54.74 -14.32 -114.46
N ILE AC 60 -54.88 -15.56 -114.03
CA ILE AC 60 -55.26 -16.62 -114.96
C ILE AC 60 -56.65 -16.35 -115.53
N HIS AC 61 -57.58 -15.91 -114.67
CA HIS AC 61 -58.93 -15.62 -115.15
C HIS AC 61 -58.92 -14.49 -116.15
N LYS AC 62 -58.01 -13.52 -116.01
CA LYS AC 62 -57.92 -12.43 -116.98
C LYS AC 62 -57.68 -12.97 -118.38
N ALA AC 63 -56.68 -13.86 -118.52
CA ALA AC 63 -56.39 -14.44 -119.82
C ALA AC 63 -57.38 -15.52 -120.20
N THR AC 64 -57.91 -16.25 -119.23
CA THR AC 64 -58.88 -17.30 -119.54
C THR AC 64 -60.09 -16.72 -120.26
N LEU AC 65 -60.66 -15.65 -119.72
CA LEU AC 65 -61.80 -15.01 -120.37
C LEU AC 65 -61.36 -14.20 -121.59
N PRO AC 78 -74.18 -18.57 -118.12
CA PRO AC 78 -74.03 -18.67 -116.66
C PRO AC 78 -72.60 -18.93 -116.24
N LEU AC 79 -71.84 -19.70 -117.01
CA LEU AC 79 -70.46 -20.00 -116.65
C LEU AC 79 -69.60 -18.75 -116.70
N ILE AC 80 -69.66 -18.01 -117.80
CA ILE AC 80 -68.82 -16.82 -117.95
C ILE AC 80 -69.22 -15.77 -116.93
N GLU AC 81 -70.53 -15.56 -116.75
CA GLU AC 81 -70.99 -14.53 -115.82
C GLU AC 81 -70.53 -14.81 -114.40
N ALA AC 82 -70.57 -16.08 -113.98
CA ALA AC 82 -70.13 -16.43 -112.64
C ALA AC 82 -68.67 -16.08 -112.42
N MET AC 83 -67.82 -16.34 -113.42
CA MET AC 83 -66.40 -16.04 -113.29
C MET AC 83 -66.18 -14.55 -113.05
N GLN AC 84 -66.95 -13.69 -113.72
CA GLN AC 84 -66.81 -12.26 -113.51
C GLN AC 84 -67.06 -11.89 -112.06
N GLN AC 85 -68.09 -12.47 -111.45
CA GLN AC 85 -68.35 -12.22 -110.03
C GLN AC 85 -67.27 -12.85 -109.15
N ILE AC 86 -66.73 -14.00 -109.57
CA ILE AC 86 -65.70 -14.66 -108.78
C ILE AC 86 -64.46 -13.78 -108.67
N ILE AC 87 -64.06 -13.16 -109.77
CA ILE AC 87 -62.89 -12.29 -109.75
C ILE AC 87 -63.09 -11.16 -108.74
N LEU AC 88 -64.27 -10.54 -108.75
CA LEU AC 88 -64.54 -9.48 -107.79
C LEU AC 88 -64.55 -10.00 -106.36
N ALA AC 89 -64.90 -11.28 -106.16
CA ALA AC 89 -64.91 -11.84 -104.83
C ALA AC 89 -63.50 -11.85 -104.24
N MET AC 90 -62.50 -12.22 -105.04
CA MET AC 90 -61.13 -12.26 -104.55
C MET AC 90 -60.58 -10.85 -104.32
N THR AC 91 -61.02 -9.88 -105.12
CA THR AC 91 -60.53 -8.51 -104.95
C THR AC 91 -60.88 -7.97 -103.58
N ARG AC 92 -62.11 -8.22 -103.11
CA ARG AC 92 -62.49 -7.78 -101.77
C ARG AC 92 -61.60 -8.42 -100.71
N GLU AC 93 -61.32 -9.72 -100.86
CA GLU AC 93 -60.47 -10.40 -99.90
C GLU AC 93 -59.05 -9.83 -99.94
N LEU AC 94 -58.53 -9.56 -101.13
CA LEU AC 94 -57.17 -9.05 -101.24
C LEU AC 94 -57.05 -7.67 -100.62
N TRP AC 95 -58.02 -6.80 -100.88
CA TRP AC 95 -57.94 -5.43 -100.35
C TRP AC 95 -57.94 -5.43 -98.83
N GLY AC 96 -58.57 -6.42 -98.20
CA GLY AC 96 -58.58 -6.47 -96.76
C GLY AC 96 -57.18 -6.62 -96.18
N GLN AC 97 -56.40 -7.55 -96.74
CA GLN AC 97 -55.03 -7.73 -96.28
C GLN AC 97 -54.19 -6.49 -96.55
N ILE AC 98 -54.44 -5.82 -97.67
CA ILE AC 98 -53.71 -4.60 -98.00
C ILE AC 98 -53.94 -3.55 -96.93
N GLN AC 99 -55.20 -3.30 -96.59
CA GLN AC 99 -55.51 -2.27 -95.61
C GLN AC 99 -55.07 -2.68 -94.22
N ARG AC 100 -55.30 -3.94 -93.85
CA ARG AC 100 -54.91 -4.40 -92.52
C ARG AC 100 -53.40 -4.33 -92.34
N HIS AC 101 -52.64 -4.70 -93.36
CA HIS AC 101 -51.19 -4.65 -93.25
C HIS AC 101 -50.68 -3.21 -93.14
N HIS AC 102 -51.22 -2.31 -93.97
CA HIS AC 102 -50.78 -0.92 -93.94
C HIS AC 102 -51.13 -0.24 -92.62
N TYR AC 103 -52.39 -0.33 -92.22
CA TYR AC 103 -52.85 0.33 -91.00
C TYR AC 103 -52.86 -0.64 -89.81
N GLY AC 104 -53.64 -1.71 -89.92
CA GLY AC 104 -53.78 -2.65 -88.83
C GLY AC 104 -55.10 -3.39 -88.93
N ILE AC 105 -55.14 -4.54 -88.26
CA ILE AC 105 -56.33 -5.39 -88.31
C ILE AC 105 -57.51 -4.68 -87.63
N VAL AC 106 -57.28 -4.09 -86.46
CA VAL AC 106 -58.36 -3.48 -85.72
C VAL AC 106 -58.88 -2.24 -86.44
N GLN AC 107 -57.96 -1.44 -87.02
CA GLN AC 107 -58.37 -0.18 -87.62
C GLN AC 107 -59.33 -0.41 -88.78
N VAL AC 108 -59.05 -1.41 -89.63
CA VAL AC 108 -59.93 -1.70 -90.75
C VAL AC 108 -61.31 -2.12 -90.23
N GLU AC 109 -61.32 -3.04 -89.26
CA GLU AC 109 -62.59 -3.44 -88.66
C GLU AC 109 -63.29 -2.26 -88.00
N HIS AC 110 -62.51 -1.33 -87.45
CA HIS AC 110 -63.08 -0.16 -86.78
C HIS AC 110 -63.57 0.87 -87.78
N TYR AC 111 -62.87 1.05 -88.89
CA TYR AC 111 -63.17 2.11 -89.84
C TYR AC 111 -64.18 1.70 -90.91
N VAL AC 112 -64.25 0.41 -91.25
CA VAL AC 112 -65.13 -0.02 -92.33
C VAL AC 112 -66.58 0.33 -92.01
N LYS AC 113 -67.01 0.08 -90.77
CA LYS AC 113 -68.40 0.31 -90.41
C LYS AC 113 -68.76 1.79 -90.51
N GLN AC 114 -67.82 2.66 -90.13
CA GLN AC 114 -68.12 4.09 -90.08
C GLN AC 114 -68.57 4.61 -91.45
N ILE AC 115 -67.85 4.25 -92.51
CA ILE AC 115 -68.18 4.74 -93.83
C ILE AC 115 -69.52 4.18 -94.30
N THR AC 116 -69.80 2.91 -93.94
CA THR AC 116 -71.07 2.32 -94.33
C THR AC 116 -72.24 3.08 -93.73
N LEU AC 117 -72.11 3.49 -92.46
CA LEU AC 117 -73.16 4.27 -91.82
C LEU AC 117 -73.37 5.60 -92.54
N TRP AC 118 -72.27 6.27 -92.91
CA TRP AC 118 -72.40 7.56 -93.57
C TRP AC 118 -73.18 7.44 -94.87
N GLN AC 119 -73.16 6.26 -95.50
CA GLN AC 119 -73.92 6.07 -96.73
C GLN AC 119 -75.38 5.73 -96.43
N ASP AC 120 -75.62 4.77 -95.56
CA ASP AC 120 -76.97 4.34 -95.22
C ASP AC 120 -77.58 5.36 -94.28
N THR AC 121 -77.95 6.51 -94.84
CA THR AC 121 -78.55 7.60 -94.09
C THR AC 121 -79.30 8.49 -95.06
N PRO AC 122 -80.37 9.17 -94.62
CA PRO AC 122 -81.17 9.95 -95.58
C PRO AC 122 -80.43 11.18 -96.12
N GLN AC 123 -79.46 10.93 -97.01
CA GLN AC 123 -78.75 11.96 -97.75
C GLN AC 123 -78.47 13.21 -96.92
N ALA AC 124 -79.51 13.97 -96.58
CA ALA AC 124 -79.31 15.29 -95.97
C ALA AC 124 -78.46 15.18 -94.71
N PHE AC 125 -78.86 14.33 -93.78
CA PHE AC 125 -78.10 14.14 -92.54
C PHE AC 125 -77.12 12.98 -92.66
N ARG AC 126 -76.33 12.99 -93.74
CA ARG AC 126 -75.39 11.88 -93.95
C ARG AC 126 -74.28 11.90 -92.91
N GLY AC 127 -73.81 13.09 -92.54
CA GLY AC 127 -72.74 13.22 -91.57
C GLY AC 127 -71.78 14.33 -91.90
N ASP AC 128 -70.48 14.05 -91.84
CA ASP AC 128 -69.46 15.05 -92.14
C ASP AC 128 -68.34 14.45 -92.97
N GLN AC 129 -68.65 13.47 -93.83
CA GLN AC 129 -67.65 12.87 -94.69
C GLN AC 129 -66.53 12.30 -93.83
N PRO AC 130 -66.76 11.21 -93.10
CA PRO AC 130 -65.76 10.73 -92.14
C PRO AC 130 -64.40 10.53 -92.78
N LYS AC 131 -63.37 11.00 -92.09
CA LYS AC 131 -62.02 10.93 -92.63
C LYS AC 131 -61.52 9.49 -92.62
N PRO AC 132 -60.69 9.12 -93.60
CA PRO AC 132 -60.08 7.78 -93.59
C PRO AC 132 -59.05 7.68 -92.48
N PRO AC 133 -58.69 6.47 -92.05
CA PRO AC 133 -57.77 6.33 -90.93
C PRO AC 133 -56.42 6.96 -91.23
N THR BC 3 -58.33 111.36 -22.66
CA THR BC 3 -56.97 111.56 -22.17
C THR BC 3 -56.34 110.24 -21.74
N PHE BC 4 -57.11 109.38 -21.06
CA PHE BC 4 -56.56 108.13 -20.54
C PHE BC 4 -56.07 107.23 -21.68
N ILE BC 5 -56.87 107.12 -22.74
CA ILE BC 5 -56.50 106.22 -23.84
C ILE BC 5 -55.17 106.66 -24.44
N GLU BC 6 -54.95 107.97 -24.53
CA GLU BC 6 -53.67 108.47 -25.01
C GLU BC 6 -52.52 107.96 -24.14
N LEU BC 7 -52.73 107.94 -22.82
CA LEU BC 7 -51.70 107.46 -21.92
C LEU BC 7 -51.41 105.98 -22.14
N VAL BC 8 -52.45 105.18 -22.36
CA VAL BC 8 -52.26 103.74 -22.55
C VAL BC 8 -51.54 103.46 -23.86
N LYS BC 9 -51.88 104.21 -24.91
CA LYS BC 9 -51.21 104.03 -26.20
C LYS BC 9 -49.71 104.21 -26.06
N ASN BC 10 -49.26 105.00 -25.08
CA ASN BC 10 -47.84 105.19 -24.80
C ASN BC 10 -47.34 104.05 -23.89
N MET BC 11 -47.50 102.83 -24.38
CA MET BC 11 -47.10 101.65 -23.65
C MET BC 11 -46.55 100.61 -24.60
N LYS BC 12 -45.79 99.67 -24.04
CA LYS BC 12 -45.09 98.67 -24.83
C LYS BC 12 -45.93 97.40 -24.96
N GLY BC 13 -45.91 96.83 -26.15
CA GLY BC 13 -46.76 95.68 -26.46
C GLY BC 13 -48.18 96.03 -26.81
N TYR BC 14 -48.47 97.30 -27.10
CA TYR BC 14 -49.83 97.74 -27.39
C TYR BC 14 -50.17 97.37 -28.83
N LYS BC 15 -51.14 96.48 -28.99
CA LYS BC 15 -51.64 96.08 -30.30
C LYS BC 15 -53.06 96.59 -30.45
N GLU BC 16 -53.28 97.41 -31.48
CA GLU BC 16 -54.59 98.00 -31.68
C GLU BC 16 -55.59 96.93 -32.11
N LEU BC 17 -56.85 97.10 -31.70
CA LEU BC 17 -57.88 96.12 -31.99
C LEU BC 17 -59.20 96.77 -32.41
N LEU BC 18 -59.22 98.06 -32.70
CA LEU BC 18 -60.44 98.77 -33.06
C LEU BC 18 -60.34 99.26 -34.50
N LEU BC 19 -61.38 98.98 -35.27
CA LEU BC 19 -61.42 99.41 -36.66
C LEU BC 19 -61.88 100.86 -36.76
N PRO BC 20 -61.67 101.50 -37.92
CA PRO BC 20 -62.17 102.86 -38.10
C PRO BC 20 -63.68 102.93 -37.96
N MET BC 21 -64.16 104.07 -37.47
CA MET BC 21 -65.59 104.26 -37.29
C MET BC 21 -66.36 104.09 -38.59
N GLU BC 22 -65.70 104.34 -39.73
CA GLU BC 22 -66.36 104.27 -41.03
C GLU BC 22 -66.54 102.83 -41.52
N MET BC 23 -65.92 101.85 -40.87
CA MET BC 23 -66.00 100.46 -41.30
C MET BC 23 -66.83 99.58 -40.40
N VAL BC 24 -67.02 99.95 -39.14
CA VAL BC 24 -67.78 99.13 -38.20
C VAL BC 24 -69.24 99.09 -38.66
N PRO BC 25 -69.98 98.02 -38.38
CA PRO BC 25 -71.38 97.97 -38.80
C PRO BC 25 -72.22 99.01 -38.08
N LEU BC 26 -73.46 99.14 -38.52
CA LEU BC 26 -74.40 99.99 -37.83
C LEU BC 26 -74.73 99.39 -36.46
N PRO BC 27 -75.10 100.23 -35.49
CA PRO BC 27 -75.35 99.70 -34.14
C PRO BC 27 -76.40 98.60 -34.11
N ALA BC 28 -77.43 98.71 -34.95
CA ALA BC 28 -78.46 97.68 -34.98
C ALA BC 28 -77.89 96.33 -35.37
N VAL BC 29 -76.98 96.32 -36.35
CA VAL BC 29 -76.42 95.06 -36.83
C VAL BC 29 -75.58 94.41 -35.75
N VAL BC 30 -74.85 95.20 -34.97
CA VAL BC 30 -73.93 94.64 -33.99
C VAL BC 30 -74.71 93.82 -32.96
N LEU BC 31 -75.83 94.35 -32.49
CA LEU BC 31 -76.62 93.66 -31.48
C LEU BC 31 -77.01 92.26 -31.94
N LYS BC 32 -77.18 92.07 -33.25
CA LYS BC 32 -77.58 90.75 -33.76
C LYS BC 32 -76.53 89.70 -33.44
N HIS BC 33 -75.25 90.02 -33.61
CA HIS BC 33 -74.20 89.07 -33.29
C HIS BC 33 -74.10 88.84 -31.80
N VAL BC 34 -74.48 89.82 -30.99
CA VAL BC 34 -74.39 89.67 -29.53
C VAL BC 34 -75.28 88.52 -29.08
N LYS BC 35 -76.51 88.48 -29.59
CA LYS BC 35 -77.44 87.42 -29.19
C LYS BC 35 -76.91 86.04 -29.58
N LEU BC 36 -76.38 85.92 -30.79
CA LEU BC 36 -75.84 84.64 -31.23
C LEU BC 36 -74.64 84.23 -30.40
N ILE BC 37 -73.68 85.15 -30.24
CA ILE BC 37 -72.46 84.82 -29.52
C ILE BC 37 -72.77 84.52 -28.05
N LEU BC 38 -73.59 85.35 -27.43
CA LEU BC 38 -73.98 85.09 -26.04
C LEU BC 38 -74.75 83.79 -25.91
N THR BC 39 -75.80 83.64 -26.71
CA THR BC 39 -76.67 82.48 -26.56
C THR BC 39 -76.00 81.21 -27.04
N SER BC 40 -75.35 81.27 -28.21
CA SER BC 40 -74.68 80.10 -28.79
C SER BC 40 -73.29 79.96 -28.15
N GLN BC 41 -73.30 79.74 -26.84
CA GLN BC 41 -72.07 79.56 -26.10
C GLN BC 41 -72.31 78.58 -24.96
N LYS BC 42 -71.24 77.88 -24.58
CA LYS BC 42 -71.28 76.90 -23.50
C LYS BC 42 -70.13 77.19 -22.54
N GLU BC 43 -70.35 76.85 -21.27
CA GLU BC 43 -69.36 77.09 -20.22
C GLU BC 43 -69.03 78.58 -20.14
N HIS BC 44 -70.05 79.35 -19.75
CA HIS BC 44 -69.95 80.80 -19.67
C HIS BC 44 -68.61 81.24 -19.10
N GLN BC 45 -68.01 82.24 -19.73
CA GLN BC 45 -66.70 82.75 -19.38
C GLN BC 45 -66.81 84.21 -18.96
N PRO BC 46 -65.83 84.72 -18.21
CA PRO BC 46 -65.97 86.09 -17.68
C PRO BC 46 -66.18 87.14 -18.75
N TRP BC 47 -65.52 87.01 -19.91
CA TRP BC 47 -65.64 88.03 -20.95
C TRP BC 47 -67.06 88.12 -21.50
N MET BC 48 -67.87 87.07 -21.36
CA MET BC 48 -69.24 87.14 -21.83
C MET BC 48 -70.03 88.19 -21.07
N THR BC 49 -69.81 88.27 -19.75
CA THR BC 49 -70.53 89.26 -18.94
C THR BC 49 -70.18 90.67 -19.39
N GLU BC 50 -68.90 90.92 -19.69
CA GLU BC 50 -68.49 92.26 -20.11
C GLU BC 50 -69.21 92.68 -21.39
N MET BC 51 -69.35 91.75 -22.34
CA MET BC 51 -70.01 92.08 -23.59
C MET BC 51 -71.45 92.53 -23.37
N ALA BC 52 -72.17 91.80 -22.53
CA ALA BC 52 -73.58 92.13 -22.30
C ALA BC 52 -73.74 93.49 -21.65
N LEU BC 53 -72.89 93.80 -20.68
CA LEU BC 53 -73.01 95.07 -19.95
C LEU BC 53 -72.88 96.25 -20.90
N LYS BC 54 -71.90 96.21 -21.80
CA LYS BC 54 -71.72 97.31 -22.74
C LYS BC 54 -72.87 97.39 -23.72
N ALA BC 55 -73.43 96.24 -24.10
CA ALA BC 55 -74.50 96.23 -25.11
C ALA BC 55 -75.70 97.03 -24.64
N ASP BC 56 -76.12 96.84 -23.38
CA ASP BC 56 -77.29 97.54 -22.89
C ASP BC 56 -77.08 99.05 -22.87
N GLN BC 57 -75.83 99.50 -22.73
CA GLN BC 57 -75.55 100.93 -22.71
C GLN BC 57 -75.96 101.58 -24.02
N CYS BC 58 -75.64 100.94 -25.15
CA CYS BC 58 -76.02 101.49 -26.44
C CYS BC 58 -77.53 101.61 -26.56
N LEU BC 59 -78.26 100.59 -26.08
CA LEU BC 59 -79.72 100.65 -26.09
C LEU BC 59 -80.22 101.80 -25.24
N ILE BC 60 -79.61 102.01 -24.07
CA ILE BC 60 -80.04 103.10 -23.19
C ILE BC 60 -79.87 104.44 -23.89
N HIS BC 61 -78.70 104.67 -24.49
CA HIS BC 61 -78.49 105.89 -25.25
C HIS BC 61 -79.39 105.94 -26.46
N LYS BC 62 -79.57 104.81 -27.14
CA LYS BC 62 -80.45 104.77 -28.30
C LYS BC 62 -81.88 105.10 -27.91
N ALA BC 63 -82.35 104.55 -26.78
CA ALA BC 63 -83.69 104.85 -26.30
C ALA BC 63 -83.83 106.27 -25.76
N THR BC 64 -82.72 106.99 -25.61
CA THR BC 64 -82.76 108.35 -25.08
C THR BC 64 -83.04 109.40 -26.16
N LEU BC 65 -82.69 109.11 -27.41
CA LEU BC 65 -82.88 110.11 -28.46
C LEU BC 65 -84.35 110.41 -28.70
N ASP BC 66 -85.22 109.40 -28.60
CA ASP BC 66 -86.65 109.65 -28.81
C ASP BC 66 -87.18 110.69 -27.85
N PRO BC 78 -76.38 121.08 -28.75
CA PRO BC 78 -75.25 120.17 -28.45
C PRO BC 78 -75.63 119.01 -27.55
N LEU BC 79 -76.28 119.30 -26.42
CA LEU BC 79 -76.54 118.25 -25.44
C LEU BC 79 -77.40 117.14 -26.02
N ILE BC 80 -78.45 117.49 -26.76
CA ILE BC 80 -79.31 116.48 -27.35
C ILE BC 80 -78.54 115.64 -28.35
N GLU BC 81 -77.74 116.28 -29.20
CA GLU BC 81 -76.97 115.58 -30.22
C GLU BC 81 -75.65 115.04 -29.68
N ALA BC 82 -75.21 115.48 -28.51
CA ALA BC 82 -73.92 115.02 -27.99
C ALA BC 82 -73.93 113.53 -27.71
N MET BC 83 -75.02 113.01 -27.13
CA MET BC 83 -75.07 111.59 -26.80
C MET BC 83 -74.94 110.71 -28.04
N GLN BC 84 -75.39 111.22 -29.20
CA GLN BC 84 -75.30 110.41 -30.42
C GLN BC 84 -73.87 110.07 -30.76
N GLN BC 85 -72.92 110.94 -30.38
CA GLN BC 85 -71.52 110.67 -30.68
C GLN BC 85 -71.04 109.42 -29.96
N ILE BC 86 -71.44 109.24 -28.71
CA ILE BC 86 -71.00 108.09 -27.93
C ILE BC 86 -71.56 106.80 -28.51
N ILE BC 87 -72.79 106.85 -29.03
CA ILE BC 87 -73.42 105.64 -29.57
C ILE BC 87 -72.54 105.03 -30.65
N LEU BC 88 -72.09 105.85 -31.60
CA LEU BC 88 -71.22 105.34 -32.65
C LEU BC 88 -69.91 104.82 -32.07
N ALA BC 89 -69.34 105.54 -31.10
CA ALA BC 89 -68.10 105.11 -30.48
C ALA BC 89 -68.27 103.78 -29.74
N MET BC 90 -69.40 103.62 -29.05
CA MET BC 90 -69.61 102.41 -28.26
C MET BC 90 -69.56 101.17 -29.15
N THR BC 91 -70.06 101.28 -30.37
CA THR BC 91 -70.02 100.14 -31.29
C THR BC 91 -68.58 99.76 -31.62
N ARG BC 92 -67.71 100.75 -31.82
CA ARG BC 92 -66.34 100.46 -32.21
C ARG BC 92 -65.64 99.59 -31.17
N GLU BC 93 -65.80 99.93 -29.89
CA GLU BC 93 -65.25 99.09 -28.84
C GLU BC 93 -66.00 97.77 -28.76
N LEU BC 94 -67.32 97.81 -28.92
CA LEU BC 94 -68.12 96.59 -28.83
C LEU BC 94 -67.78 95.63 -29.96
N TRP BC 95 -67.63 96.15 -31.18
CA TRP BC 95 -67.32 95.27 -32.32
C TRP BC 95 -65.96 94.60 -32.17
N GLY BC 96 -65.06 95.21 -31.40
CA GLY BC 96 -63.74 94.63 -31.22
C GLY BC 96 -63.81 93.27 -30.53
N GLN BC 97 -64.70 93.14 -29.54
CA GLN BC 97 -64.82 91.86 -28.85
C GLN BC 97 -65.47 90.80 -29.73
N ILE BC 98 -66.35 91.22 -30.64
CA ILE BC 98 -67.00 90.27 -31.53
C ILE BC 98 -65.98 89.54 -32.38
N GLN BC 99 -65.04 90.30 -32.97
CA GLN BC 99 -64.03 89.68 -33.83
C GLN BC 99 -63.09 88.79 -33.03
N ARG BC 100 -62.82 89.14 -31.77
CA ARG BC 100 -61.98 88.29 -30.94
C ARG BC 100 -62.61 86.92 -30.77
N HIS BC 101 -63.92 86.87 -30.51
CA HIS BC 101 -64.61 85.59 -30.36
C HIS BC 101 -64.63 84.82 -31.67
N HIS BC 102 -64.97 85.50 -32.76
CA HIS BC 102 -65.06 84.83 -34.06
C HIS BC 102 -63.69 84.45 -34.57
N TYR BC 103 -62.84 85.45 -34.82
CA TYR BC 103 -61.52 85.20 -35.40
C TYR BC 103 -60.51 84.77 -34.33
N GLY BC 104 -60.25 85.63 -33.36
CA GLY BC 104 -59.24 85.40 -32.35
C GLY BC 104 -58.46 86.68 -32.15
N ILE BC 105 -57.94 86.86 -30.94
CA ILE BC 105 -57.24 88.10 -30.60
C ILE BC 105 -56.01 88.27 -31.48
N VAL BC 106 -55.22 87.21 -31.65
CA VAL BC 106 -53.98 87.32 -32.39
C VAL BC 106 -54.25 87.69 -33.83
N GLN BC 107 -55.22 87.03 -34.46
CA GLN BC 107 -55.50 87.28 -35.87
C GLN BC 107 -56.00 88.70 -36.08
N VAL BC 108 -56.79 89.22 -35.14
CA VAL BC 108 -57.36 90.56 -35.31
C VAL BC 108 -56.25 91.60 -35.41
N GLU BC 109 -55.24 91.49 -34.56
CA GLU BC 109 -54.14 92.47 -34.58
C GLU BC 109 -53.56 92.61 -35.98
N HIS BC 110 -53.28 91.48 -36.63
CA HIS BC 110 -52.76 91.53 -38.00
C HIS BC 110 -53.75 92.17 -38.94
N TYR BC 111 -55.04 91.81 -38.80
CA TYR BC 111 -56.04 92.31 -39.74
C TYR BC 111 -56.15 93.83 -39.66
N VAL BC 112 -56.15 94.39 -38.45
CA VAL BC 112 -56.33 95.83 -38.30
C VAL BC 112 -55.19 96.57 -38.97
N LYS BC 113 -53.96 96.16 -38.72
CA LYS BC 113 -52.81 96.83 -39.32
C LYS BC 113 -52.84 96.73 -40.83
N GLN BC 114 -53.21 95.54 -41.35
CA GLN BC 114 -53.37 95.40 -42.79
C GLN BC 114 -54.43 96.35 -43.32
N ILE BC 115 -55.55 96.48 -42.60
CA ILE BC 115 -56.57 97.44 -42.99
C ILE BC 115 -56.03 98.86 -42.90
N THR BC 116 -55.30 99.16 -41.83
CA THR BC 116 -54.79 100.51 -41.63
C THR BC 116 -53.86 100.90 -42.77
N LEU BC 117 -52.88 100.04 -43.08
CA LEU BC 117 -51.99 100.31 -44.20
C LEU BC 117 -52.76 100.39 -45.50
N TRP BC 118 -53.72 99.48 -45.69
CA TRP BC 118 -54.54 99.52 -46.89
C TRP BC 118 -55.31 100.83 -46.98
N GLN BC 119 -55.87 101.30 -45.87
CA GLN BC 119 -56.56 102.58 -45.87
C GLN BC 119 -55.59 103.73 -46.02
N ASP BC 120 -54.38 103.60 -45.46
CA ASP BC 120 -53.40 104.68 -45.53
C ASP BC 120 -52.96 104.93 -46.96
N THR BC 121 -52.71 103.88 -47.71
CA THR BC 121 -52.23 104.02 -49.08
C THR BC 121 -53.28 104.75 -49.92
N PRO BC 122 -52.87 105.65 -50.81
CA PRO BC 122 -53.87 106.35 -51.64
C PRO BC 122 -54.66 105.38 -52.51
N GLN BC 123 -55.92 105.74 -52.75
CA GLN BC 123 -56.82 104.87 -53.50
C GLN BC 123 -56.33 104.60 -54.91
N ALA BC 124 -55.47 105.46 -55.46
CA ALA BC 124 -55.00 105.25 -56.83
C ALA BC 124 -54.25 103.94 -56.96
N PHE BC 125 -53.41 103.62 -55.98
CA PHE BC 125 -52.64 102.37 -55.99
C PHE BC 125 -52.84 101.61 -54.68
N ARG BC 126 -54.03 101.75 -54.08
CA ARG BC 126 -54.28 101.12 -52.79
C ARG BC 126 -54.24 99.60 -52.90
N GLY BC 127 -54.83 99.04 -53.94
CA GLY BC 127 -54.86 97.60 -54.11
C GLY BC 127 -56.13 96.99 -53.56
N ASP BC 128 -56.22 95.67 -53.71
CA ASP BC 128 -57.38 94.93 -53.25
C ASP BC 128 -57.45 94.96 -51.73
N GLN BC 129 -58.66 95.14 -51.20
CA GLN BC 129 -58.86 95.15 -49.76
C GLN BC 129 -58.58 93.76 -49.19
N PRO BC 130 -57.79 93.64 -48.13
CA PRO BC 130 -57.51 92.33 -47.57
C PRO BC 130 -58.76 91.70 -46.96
N LYS BC 131 -58.79 90.39 -46.97
CA LYS BC 131 -59.93 89.64 -46.45
C LYS BC 131 -59.73 89.33 -44.97
N PRO BC 132 -60.81 89.08 -44.24
CA PRO BC 132 -60.68 88.78 -42.81
C PRO BC 132 -59.87 87.52 -42.58
N PRO BC 133 -59.33 87.33 -41.38
CA PRO BC 133 -58.54 86.12 -41.10
C PRO BC 133 -59.40 84.87 -41.03
N SER BC 134 -58.76 83.74 -40.71
CA SER BC 134 -59.48 82.48 -40.57
C SER BC 134 -60.12 82.40 -39.19
N PHE BC 135 -61.26 81.71 -39.13
CA PHE BC 135 -61.99 81.57 -37.88
C PHE BC 135 -61.20 80.74 -36.87
N THR CC 3 -82.25 93.43 -21.39
CA THR CC 3 -82.52 92.03 -21.69
C THR CC 3 -81.27 91.19 -21.89
N PHE CC 4 -80.23 91.77 -22.52
CA PHE CC 4 -79.02 90.99 -22.78
C PHE CC 4 -78.38 90.53 -21.49
N ILE CC 5 -78.30 91.40 -20.48
CA ILE CC 5 -77.71 91.02 -19.21
C ILE CC 5 -78.50 89.91 -18.56
N GLU CC 6 -79.83 89.93 -18.73
CA GLU CC 6 -80.66 88.87 -18.18
C GLU CC 6 -80.31 87.52 -18.80
N LEU CC 7 -80.02 87.50 -20.10
CA LEU CC 7 -79.66 86.24 -20.75
C LEU CC 7 -78.38 85.68 -20.14
N VAL CC 8 -77.40 86.54 -19.85
CA VAL CC 8 -76.17 86.08 -19.22
C VAL CC 8 -76.47 85.49 -17.84
N LYS CC 9 -77.33 86.16 -17.08
CA LYS CC 9 -77.68 85.68 -15.75
C LYS CC 9 -78.41 84.34 -15.81
N ASN CC 10 -78.92 83.96 -16.98
CA ASN CC 10 -79.59 82.68 -17.17
C ASN CC 10 -78.63 81.58 -17.58
N MET CC 11 -77.34 81.85 -17.67
CA MET CC 11 -76.38 80.87 -18.15
C MET CC 11 -76.00 79.90 -17.03
N LYS CC 12 -75.05 79.03 -17.34
CA LYS CC 12 -74.51 78.06 -16.39
C LYS CC 12 -73.09 78.45 -16.05
N GLY CC 13 -72.78 78.48 -14.75
CA GLY CC 13 -71.48 78.89 -14.28
C GLY CC 13 -71.29 80.38 -14.12
N TYR CC 14 -72.30 81.18 -14.45
CA TYR CC 14 -72.19 82.61 -14.28
C TYR CC 14 -72.10 82.97 -12.80
N LYS CC 15 -71.26 83.96 -12.49
CA LYS CC 15 -71.03 84.39 -11.12
C LYS CC 15 -70.99 85.91 -11.09
N GLU CC 16 -71.60 86.49 -10.06
CA GLU CC 16 -71.63 87.94 -9.93
C GLU CC 16 -70.24 88.48 -9.61
N LEU CC 17 -69.92 89.65 -10.18
CA LEU CC 17 -68.68 90.33 -9.91
C LEU CC 17 -68.86 91.80 -9.54
N LEU CC 18 -70.04 92.37 -9.76
CA LEU CC 18 -70.30 93.76 -9.44
C LEU CC 18 -70.76 93.88 -7.99
N LEU CC 19 -71.11 95.09 -7.59
CA LEU CC 19 -71.50 95.39 -6.22
C LEU CC 19 -72.74 96.27 -6.24
N PRO CC 20 -73.45 96.35 -5.12
CA PRO CC 20 -74.65 97.20 -5.07
C PRO CC 20 -74.29 98.65 -5.36
N MET CC 21 -75.23 99.35 -6.01
CA MET CC 21 -75.00 100.73 -6.38
C MET CC 21 -74.58 101.57 -5.18
N GLU CC 22 -75.13 101.27 -4.00
CA GLU CC 22 -74.78 102.03 -2.81
C GLU CC 22 -73.31 101.83 -2.44
N MET CC 23 -72.81 100.60 -2.54
CA MET CC 23 -71.42 100.30 -2.22
C MET CC 23 -70.51 100.56 -3.42
N VAL CC 24 -70.60 101.79 -3.92
CA VAL CC 24 -69.79 102.22 -5.05
C VAL CC 24 -69.22 103.61 -4.74
N PRO CC 25 -67.91 103.81 -4.83
CA PRO CC 25 -67.35 105.14 -4.55
C PRO CC 25 -67.97 106.20 -5.43
N LEU CC 26 -67.69 107.46 -5.07
CA LEU CC 26 -68.19 108.59 -5.83
C LEU CC 26 -67.42 108.72 -7.15
N PRO CC 27 -67.99 109.41 -8.13
CA PRO CC 27 -67.28 109.57 -9.41
C PRO CC 27 -66.04 110.43 -9.26
N ALA CC 28 -65.32 110.65 -10.37
CA ALA CC 28 -64.12 111.48 -10.36
C ALA CC 28 -63.04 110.85 -9.49
N VAL CC 29 -63.27 110.79 -8.19
CA VAL CC 29 -62.27 110.24 -7.28
C VAL CC 29 -62.02 108.78 -7.60
N VAL CC 30 -63.08 108.03 -7.93
CA VAL CC 30 -62.92 106.62 -8.27
C VAL CC 30 -62.01 106.45 -9.47
N LEU CC 31 -62.01 107.43 -10.38
CA LEU CC 31 -61.15 107.36 -11.56
C LEU CC 31 -59.66 107.38 -11.20
N LYS CC 32 -59.32 107.79 -9.98
CA LYS CC 32 -57.92 107.89 -9.60
C LYS CC 32 -57.25 106.52 -9.61
N HIS CC 33 -57.97 105.49 -9.15
CA HIS CC 33 -57.41 104.14 -9.19
C HIS CC 33 -57.03 103.73 -10.61
N VAL CC 34 -57.66 104.33 -11.61
CA VAL CC 34 -57.33 104.02 -13.00
C VAL CC 34 -55.87 104.36 -13.27
N LYS CC 35 -55.45 105.56 -12.85
CA LYS CC 35 -54.08 105.99 -13.08
C LYS CC 35 -53.10 105.11 -12.34
N LEU CC 36 -53.43 104.72 -11.10
CA LEU CC 36 -52.52 103.92 -10.30
C LEU CC 36 -52.35 102.51 -10.83
N ILE CC 37 -53.18 102.09 -11.78
CA ILE CC 37 -53.11 100.73 -12.32
C ILE CC 37 -52.63 100.78 -13.77
N LEU CC 38 -52.88 101.91 -14.44
CA LEU CC 38 -52.39 102.10 -15.80
C LEU CC 38 -50.98 102.67 -15.82
N THR CC 39 -50.77 103.79 -15.14
CA THR CC 39 -49.44 104.41 -15.12
C THR CC 39 -48.41 103.50 -14.48
N SER CC 40 -48.78 102.85 -13.37
CA SER CC 40 -47.89 101.92 -12.68
C SER CC 40 -48.05 100.51 -13.25
N GLN CC 41 -47.83 100.40 -14.56
CA GLN CC 41 -48.00 99.13 -15.24
C GLN CC 41 -47.14 99.11 -16.50
N LYS CC 42 -46.94 97.90 -17.02
CA LYS CC 42 -46.18 97.69 -18.23
C LYS CC 42 -46.64 96.39 -18.86
N GLU CC 43 -46.19 96.12 -20.08
CA GLU CC 43 -46.60 94.94 -20.83
C GLU CC 43 -48.12 94.95 -21.06
N HIS CC 44 -48.53 95.96 -21.82
CA HIS CC 44 -49.94 96.19 -22.15
C HIS CC 44 -50.66 94.89 -22.45
N GLN CC 45 -51.71 94.62 -21.69
CA GLN CC 45 -52.53 93.43 -21.85
C GLN CC 45 -53.91 93.79 -22.38
N PRO CC 46 -54.61 92.83 -22.99
CA PRO CC 46 -55.91 93.18 -23.61
C PRO CC 46 -56.90 93.80 -22.65
N TRP CC 47 -56.95 93.34 -21.40
CA TRP CC 47 -57.94 93.87 -20.47
C TRP CC 47 -57.64 95.31 -20.10
N MET CC 48 -56.38 95.73 -20.19
CA MET CC 48 -56.04 97.12 -19.86
C MET CC 48 -56.75 98.09 -20.80
N THR CC 49 -56.81 97.76 -22.08
CA THR CC 49 -57.50 98.63 -23.03
C THR CC 49 -58.98 98.72 -22.69
N GLU CC 50 -59.59 97.62 -22.28
CA GLU CC 50 -61.01 97.64 -21.93
C GLU CC 50 -61.27 98.63 -20.80
N MET CC 51 -60.43 98.61 -19.77
CA MET CC 51 -60.58 99.55 -18.67
C MET CC 51 -60.41 100.99 -19.16
N ALA CC 52 -59.41 101.22 -20.01
CA ALA CC 52 -59.14 102.58 -20.48
C ALA CC 52 -60.31 103.11 -21.30
N LEU CC 53 -60.88 102.28 -22.16
CA LEU CC 53 -61.97 102.72 -23.02
C LEU CC 53 -63.29 102.85 -22.27
N LYS CC 54 -63.37 102.36 -21.03
CA LYS CC 54 -64.55 102.50 -20.20
C LYS CC 54 -64.47 103.68 -19.25
N ALA CC 55 -63.32 103.85 -18.58
CA ALA CC 55 -63.17 104.96 -17.64
C ALA CC 55 -63.27 106.30 -18.34
N ASP CC 56 -62.65 106.42 -19.52
CA ASP CC 56 -62.69 107.68 -20.24
C ASP CC 56 -64.10 108.09 -20.62
N GLN CC 57 -65.04 107.15 -20.70
CA GLN CC 57 -66.41 107.48 -21.06
C GLN CC 57 -67.05 108.39 -20.01
N CYS CC 58 -66.75 108.16 -18.73
CA CYS CC 58 -67.33 108.98 -17.68
C CYS CC 58 -66.96 110.45 -17.86
N LEU CC 59 -65.71 110.72 -18.25
CA LEU CC 59 -65.31 112.10 -18.51
C LEU CC 59 -66.11 112.68 -19.65
N ILE CC 60 -66.35 111.89 -20.71
CA ILE CC 60 -67.14 112.37 -21.83
C ILE CC 60 -68.54 112.74 -21.39
N HIS CC 61 -69.19 111.85 -20.63
CA HIS CC 61 -70.49 112.17 -20.07
C HIS CC 61 -70.40 113.32 -19.08
N LYS CC 62 -69.35 113.31 -18.24
CA LYS CC 62 -69.16 114.40 -17.29
C LYS CC 62 -68.91 115.71 -18.00
N ALA CC 63 -68.17 115.69 -19.11
CA ALA CC 63 -67.87 116.91 -19.84
C ALA CC 63 -69.14 117.60 -20.34
N THR CC 64 -70.23 116.86 -20.55
CA THR CC 64 -71.46 117.47 -21.01
C THR CC 64 -72.10 118.36 -19.96
N LEU CC 65 -71.71 118.21 -18.70
CA LEU CC 65 -72.27 119.05 -17.64
C LEU CC 65 -72.02 120.54 -17.91
N ASP CC 66 -70.90 120.87 -18.56
CA ASP CC 66 -70.66 122.26 -18.93
C ASP CC 66 -71.73 122.78 -19.86
N PRO CC 78 -85.39 115.00 -18.99
CA PRO CC 78 -85.02 113.57 -19.02
C PRO CC 78 -83.65 113.33 -19.64
N LEU CC 79 -83.27 114.11 -20.65
CA LEU CC 79 -81.97 113.95 -21.27
C LEU CC 79 -80.85 114.23 -20.28
N ILE CC 80 -80.99 115.30 -19.50
CA ILE CC 80 -79.98 115.65 -18.52
C ILE CC 80 -79.98 114.64 -17.38
N GLU CC 81 -81.16 114.26 -16.90
CA GLU CC 81 -81.25 113.30 -15.81
C GLU CC 81 -80.73 111.93 -16.23
N ALA CC 82 -81.05 111.50 -17.44
CA ALA CC 82 -80.68 110.16 -17.88
C ALA CC 82 -79.17 109.97 -17.88
N MET CC 83 -78.42 110.97 -18.35
CA MET CC 83 -76.97 110.84 -18.41
C MET CC 83 -76.37 110.64 -17.03
N GLN CC 84 -76.88 111.36 -16.04
CA GLN CC 84 -76.34 111.22 -14.68
C GLN CC 84 -76.53 109.80 -14.16
N GLN CC 85 -77.69 109.19 -14.46
CA GLN CC 85 -77.93 107.83 -14.00
C GLN CC 85 -76.94 106.85 -14.61
N ILE CC 86 -76.60 107.05 -15.89
CA ILE CC 86 -75.71 106.12 -16.58
C ILE CC 86 -74.34 106.09 -15.93
N ILE CC 87 -73.87 107.24 -15.43
CA ILE CC 87 -72.54 107.30 -14.85
C ILE CC 87 -72.42 106.32 -13.69
N LEU CC 88 -73.46 106.20 -12.88
CA LEU CC 88 -73.43 105.25 -11.77
C LEU CC 88 -73.25 103.83 -12.27
N ALA CC 89 -73.95 103.46 -13.33
CA ALA CC 89 -73.85 102.10 -13.86
C ALA CC 89 -72.44 101.81 -14.35
N MET CC 90 -71.85 102.76 -15.09
CA MET CC 90 -70.48 102.56 -15.57
C MET CC 90 -69.49 102.51 -14.42
N THR CC 91 -69.71 103.36 -13.41
CA THR CC 91 -68.81 103.36 -12.26
C THR CC 91 -68.81 102.02 -11.56
N ARG CC 92 -69.97 101.38 -11.46
CA ARG CC 92 -70.05 100.06 -10.84
C ARG CC 92 -69.19 99.05 -11.60
N GLU CC 93 -69.22 99.10 -12.93
CA GLU CC 93 -68.41 98.18 -13.71
C GLU CC 93 -66.93 98.42 -13.49
N LEU CC 94 -66.53 99.69 -13.38
CA LEU CC 94 -65.12 100.00 -13.19
C LEU CC 94 -64.58 99.34 -11.93
N TRP CC 95 -65.33 99.42 -10.83
CA TRP CC 95 -64.84 98.88 -9.57
C TRP CC 95 -64.62 97.37 -9.67
N GLY CC 96 -65.54 96.66 -10.32
CA GLY CC 96 -65.38 95.22 -10.44
C GLY CC 96 -64.09 94.83 -11.15
N GLN CC 97 -63.74 95.56 -12.21
CA GLN CC 97 -62.49 95.30 -12.91
C GLN CC 97 -61.30 95.54 -11.99
N ILE CC 98 -61.35 96.60 -11.19
CA ILE CC 98 -60.24 96.92 -10.30
C ILE CC 98 -60.04 95.78 -9.31
N GLN CC 99 -61.13 95.31 -8.69
CA GLN CC 99 -61.02 94.17 -7.78
C GLN CC 99 -60.61 92.91 -8.52
N ARG CC 100 -61.04 92.76 -9.78
CA ARG CC 100 -60.61 91.62 -10.58
C ARG CC 100 -59.10 91.61 -10.78
N HIS CC 101 -58.44 92.75 -10.59
CA HIS CC 101 -56.99 92.85 -10.73
C HIS CC 101 -56.28 92.85 -9.39
N HIS CC 102 -56.77 93.62 -8.42
CA HIS CC 102 -56.11 93.74 -7.12
C HIS CC 102 -56.23 92.42 -6.34
N TYR CC 103 -57.45 92.01 -6.04
CA TYR CC 103 -57.68 90.79 -5.25
C TYR CC 103 -57.97 89.59 -6.13
N GLY CC 104 -57.08 89.35 -7.10
CA GLY CC 104 -57.27 88.21 -7.97
C GLY CC 104 -58.55 88.35 -8.77
N ILE CC 105 -58.96 87.22 -9.36
CA ILE CC 105 -60.19 87.15 -10.14
C ILE CC 105 -61.07 86.05 -9.57
N VAL CC 106 -60.46 85.08 -8.91
CA VAL CC 106 -61.22 83.97 -8.31
C VAL CC 106 -61.71 84.36 -6.93
N GLN CC 107 -60.82 84.92 -6.11
CA GLN CC 107 -61.22 85.33 -4.76
C GLN CC 107 -62.25 86.44 -4.77
N VAL CC 108 -62.37 87.19 -5.86
CA VAL CC 108 -63.34 88.27 -5.92
C VAL CC 108 -64.75 87.72 -5.79
N GLU CC 109 -65.04 86.62 -6.50
CA GLU CC 109 -66.39 86.06 -6.46
C GLU CC 109 -66.78 85.67 -5.05
N HIS CC 110 -65.85 85.08 -4.29
CA HIS CC 110 -66.15 84.69 -2.92
C HIS CC 110 -66.51 85.91 -2.07
N TYR CC 111 -65.77 87.01 -2.24
CA TYR CC 111 -66.06 88.21 -1.44
C TYR CC 111 -67.44 88.76 -1.76
N VAL CC 112 -67.77 88.91 -3.05
CA VAL CC 112 -69.07 89.44 -3.41
C VAL CC 112 -70.17 88.48 -2.99
N LYS CC 113 -69.91 87.17 -3.04
CA LYS CC 113 -70.89 86.21 -2.56
C LYS CC 113 -71.27 86.49 -1.12
N GLN CC 114 -70.27 86.76 -0.27
CA GLN CC 114 -70.55 87.06 1.14
C GLN CC 114 -71.21 88.41 1.29
N ILE CC 115 -70.84 89.38 0.44
CA ILE CC 115 -71.43 90.71 0.53
C ILE CC 115 -72.94 90.63 0.32
N THR CC 116 -73.38 89.85 -0.66
CA THR CC 116 -74.81 89.74 -0.93
C THR CC 116 -75.55 89.18 0.28
N LEU CC 117 -75.00 88.13 0.89
CA LEU CC 117 -75.63 87.55 2.07
C LEU CC 117 -75.60 88.52 3.24
N TRP CC 118 -74.48 89.21 3.44
CA TRP CC 118 -74.33 90.10 4.58
C TRP CC 118 -75.27 91.30 4.52
N GLN CC 119 -75.73 91.68 3.33
CA GLN CC 119 -76.61 92.83 3.16
C GLN CC 119 -78.07 92.43 3.00
N ASP CC 120 -78.35 91.32 2.30
CA ASP CC 120 -79.73 90.93 2.07
C ASP CC 120 -80.43 90.59 3.37
N THR CC 121 -79.74 89.92 4.29
CA THR CC 121 -80.34 89.60 5.57
C THR CC 121 -80.66 90.87 6.34
N PRO CC 122 -81.65 90.84 7.22
CA PRO CC 122 -81.99 92.04 7.98
C PRO CC 122 -80.84 92.49 8.86
N GLN CC 123 -80.78 93.80 9.10
CA GLN CC 123 -79.67 94.38 9.85
C GLN CC 123 -79.56 93.78 11.25
N ALA CC 124 -80.63 93.21 11.78
CA ALA CC 124 -80.59 92.62 13.12
C ALA CC 124 -79.85 91.30 13.17
N PHE CC 125 -79.50 90.73 12.02
CA PHE CC 125 -78.83 89.44 11.95
C PHE CC 125 -77.49 89.47 11.23
N ARG CC 126 -77.12 90.58 10.59
CA ARG CC 126 -75.90 90.61 9.79
C ARG CC 126 -74.68 90.29 10.64
N GLY CC 127 -74.40 91.13 11.62
CA GLY CC 127 -73.22 90.96 12.45
C GLY CC 127 -72.12 91.95 12.12
N ASP CC 128 -71.06 91.46 11.49
CA ASP CC 128 -69.91 92.29 11.13
C ASP CC 128 -69.63 92.14 9.64
N GLN CC 129 -69.23 93.24 9.01
CA GLN CC 129 -68.92 93.20 7.59
C GLN CC 129 -67.74 92.27 7.35
N PRO CC 130 -67.80 91.41 6.33
CA PRO CC 130 -66.66 90.53 6.02
C PRO CC 130 -65.58 91.30 5.26
N LYS CC 131 -64.40 91.39 5.85
CA LYS CC 131 -63.32 92.15 5.22
C LYS CC 131 -62.91 91.50 3.91
N PRO CC 132 -62.72 92.28 2.84
CA PRO CC 132 -62.30 91.69 1.57
C PRO CC 132 -60.90 91.12 1.69
N PRO CC 133 -60.57 90.10 0.89
CA PRO CC 133 -59.22 89.54 0.94
C PRO CC 133 -58.17 90.56 0.51
N SER CC 134 -56.98 90.43 1.07
CA SER CC 134 -55.89 91.35 0.77
C SER CC 134 -55.33 91.05 -0.63
N PHE CC 135 -54.26 91.78 -0.98
CA PHE CC 135 -53.63 91.63 -2.29
C PHE CC 135 -52.83 90.34 -2.32
N THR DC 3 -31.10 -22.37 -121.79
CA THR DC 3 -32.16 -21.70 -121.06
C THR DC 3 -31.84 -21.59 -119.58
N PHE DC 4 -31.29 -22.65 -118.99
CA PHE DC 4 -31.02 -22.65 -117.55
C PHE DC 4 -30.03 -21.57 -117.17
N ILE DC 5 -28.95 -21.41 -117.95
CA ILE DC 5 -27.93 -20.44 -117.61
C ILE DC 5 -28.52 -19.04 -117.60
N GLU DC 6 -29.46 -18.76 -118.51
CA GLU DC 6 -30.15 -17.48 -118.49
C GLU DC 6 -30.86 -17.26 -117.17
N LEU DC 7 -31.49 -18.32 -116.64
CA LEU DC 7 -32.20 -18.20 -115.37
C LEU DC 7 -31.23 -17.90 -114.23
N VAL DC 8 -30.06 -18.54 -114.23
CA VAL DC 8 -29.10 -18.33 -113.16
C VAL DC 8 -28.53 -16.92 -113.21
N LYS DC 9 -28.26 -16.42 -114.42
CA LYS DC 9 -27.75 -15.06 -114.54
C LYS DC 9 -28.69 -14.05 -113.91
N ASN DC 10 -29.98 -14.37 -113.84
CA ASN DC 10 -30.95 -13.52 -113.18
C ASN DC 10 -30.97 -13.81 -111.67
N MET DC 11 -29.80 -13.65 -111.06
CA MET DC 11 -29.63 -13.91 -109.63
C MET DC 11 -28.68 -12.89 -109.04
N LYS DC 12 -28.74 -12.77 -107.72
CA LYS DC 12 -27.99 -11.76 -106.99
C LYS DC 12 -26.66 -12.32 -106.51
N GLY DC 13 -25.61 -11.51 -106.63
CA GLY DC 13 -24.27 -11.97 -106.31
C GLY DC 13 -23.60 -12.76 -107.41
N TYR DC 14 -24.12 -12.72 -108.63
CA TYR DC 14 -23.59 -13.49 -109.74
C TYR DC 14 -22.36 -12.78 -110.30
N LYS DC 15 -21.20 -13.40 -110.17
CA LYS DC 15 -19.94 -12.89 -110.71
C LYS DC 15 -19.50 -13.80 -111.84
N GLU DC 16 -19.37 -13.23 -113.03
CA GLU DC 16 -18.98 -14.03 -114.19
C GLU DC 16 -17.54 -14.50 -114.06
N LEU DC 17 -17.28 -15.70 -114.59
CA LEU DC 17 -15.96 -16.29 -114.49
C LEU DC 17 -15.50 -16.94 -115.79
N LEU DC 18 -16.18 -16.70 -116.91
CA LEU DC 18 -15.85 -17.32 -118.18
C LEU DC 18 -15.41 -16.24 -119.16
N LEU DC 19 -14.27 -16.47 -119.82
CA LEU DC 19 -13.75 -15.54 -120.80
C LEU DC 19 -14.43 -15.75 -122.15
N PRO DC 20 -14.30 -14.78 -123.06
CA PRO DC 20 -14.85 -14.97 -124.40
C PRO DC 20 -14.23 -16.16 -125.10
N MET DC 21 -15.03 -16.79 -125.96
CA MET DC 21 -14.55 -17.96 -126.70
C MET DC 21 -13.33 -17.64 -127.53
N GLU DC 22 -13.18 -16.37 -127.94
CA GLU DC 22 -12.06 -15.97 -128.80
C GLU DC 22 -10.76 -15.82 -128.04
N MET DC 23 -10.77 -15.86 -126.70
CA MET DC 23 -9.57 -15.67 -125.91
C MET DC 23 -9.08 -16.94 -125.22
N VAL DC 24 -9.95 -17.92 -125.01
CA VAL DC 24 -9.56 -19.15 -124.32
C VAL DC 24 -8.56 -19.90 -125.20
N PRO DC 25 -7.65 -20.67 -124.62
CA PRO DC 25 -6.68 -21.41 -125.44
C PRO DC 25 -7.38 -22.47 -126.28
N LEU DC 26 -6.59 -23.06 -127.17
CA LEU DC 26 -7.08 -24.20 -127.94
C LEU DC 26 -7.30 -25.39 -127.01
N PRO DC 27 -8.22 -26.29 -127.37
CA PRO DC 27 -8.51 -27.42 -126.46
C PRO DC 27 -7.29 -28.25 -126.13
N ALA DC 28 -6.37 -28.41 -127.08
CA ALA DC 28 -5.16 -29.20 -126.82
C ALA DC 28 -4.33 -28.56 -125.72
N VAL DC 29 -4.21 -27.23 -125.74
CA VAL DC 29 -3.39 -26.55 -124.75
C VAL DC 29 -3.99 -26.70 -123.35
N VAL DC 30 -5.31 -26.67 -123.25
CA VAL DC 30 -5.94 -26.70 -121.92
C VAL DC 30 -5.60 -27.99 -121.22
N LEU DC 31 -5.66 -29.11 -121.93
CA LEU DC 31 -5.38 -30.41 -121.32
C LEU DC 31 -4.01 -30.43 -120.67
N LYS DC 32 -3.06 -29.67 -121.22
CA LYS DC 32 -1.71 -29.66 -120.66
C LYS DC 32 -1.70 -29.17 -119.22
N HIS DC 33 -2.45 -28.10 -118.94
CA HIS DC 33 -2.51 -27.59 -117.57
C HIS DC 33 -3.26 -28.54 -116.66
N VAL DC 34 -4.18 -29.34 -117.20
CA VAL DC 34 -4.94 -30.27 -116.37
C VAL DC 34 -4.00 -31.28 -115.72
N LYS DC 35 -3.08 -31.83 -116.51
CA LYS DC 35 -2.15 -32.82 -115.97
C LYS DC 35 -1.28 -32.23 -114.88
N LEU DC 36 -0.77 -31.02 -115.09
CA LEU DC 36 0.06 -30.38 -114.09
C LEU DC 36 -0.73 -30.08 -112.83
N ILE DC 37 -1.91 -29.46 -112.98
CA ILE DC 37 -2.69 -29.07 -111.82
C ILE DC 37 -3.16 -30.31 -111.06
N LEU DC 38 -3.67 -31.31 -111.79
CA LEU DC 38 -4.10 -32.55 -111.14
C LEU DC 38 -2.93 -33.25 -110.47
N THR DC 39 -1.85 -33.47 -111.22
CA THR DC 39 -0.74 -34.27 -110.71
C THR DC 39 0.05 -33.49 -109.65
N SER DC 40 0.35 -32.22 -109.93
CA SER DC 40 1.11 -31.39 -109.01
C SER DC 40 0.16 -30.81 -107.95
N GLN DC 41 -0.43 -31.72 -107.18
CA GLN DC 41 -1.34 -31.34 -106.11
C GLN DC 41 -1.21 -32.34 -104.97
N LYS DC 42 -1.49 -31.84 -103.77
CA LYS DC 42 -1.43 -32.65 -102.55
C LYS DC 42 -2.73 -32.46 -101.78
N GLU DC 43 -3.12 -33.50 -101.04
CA GLU DC 43 -4.35 -33.48 -100.26
C GLU DC 43 -5.56 -33.23 -101.18
N HIS DC 44 -5.77 -34.21 -102.06
CA HIS DC 44 -6.84 -34.14 -103.06
C HIS DC 44 -8.10 -33.54 -102.48
N GLN DC 45 -8.70 -32.62 -103.24
CA GLN DC 45 -9.89 -31.88 -102.85
C GLN DC 45 -11.04 -32.19 -103.80
N PRO DC 46 -12.28 -31.97 -103.37
CA PRO DC 46 -13.42 -32.37 -104.21
C PRO DC 46 -13.41 -31.74 -105.59
N TRP DC 47 -12.98 -30.49 -105.72
CA TRP DC 47 -13.02 -29.83 -107.02
C TRP DC 47 -12.07 -30.48 -108.02
N MET DC 48 -11.05 -31.20 -107.54
CA MET DC 48 -10.15 -31.88 -108.47
C MET DC 48 -10.89 -32.93 -109.27
N THR DC 49 -11.79 -33.68 -108.62
CA THR DC 49 -12.56 -34.70 -109.33
C THR DC 49 -13.41 -34.09 -110.43
N GLU DC 50 -14.03 -32.94 -110.15
CA GLU DC 50 -14.89 -32.30 -111.14
C GLU DC 50 -14.08 -31.93 -112.39
N MET DC 51 -12.87 -31.42 -112.20
CA MET DC 51 -12.06 -31.02 -113.35
C MET DC 51 -11.76 -32.22 -114.26
N ALA DC 52 -11.41 -33.35 -113.68
CA ALA DC 52 -11.05 -34.52 -114.49
C ALA DC 52 -12.24 -35.03 -115.28
N LEU DC 53 -13.42 -35.06 -114.65
CA LEU DC 53 -14.60 -35.59 -115.32
C LEU DC 53 -14.92 -34.80 -116.58
N LYS DC 54 -14.87 -33.47 -116.50
CA LYS DC 54 -15.16 -32.65 -117.67
C LYS DC 54 -14.08 -32.82 -118.74
N ALA DC 55 -12.84 -33.02 -118.32
CA ALA DC 55 -11.74 -33.10 -119.28
C ALA DC 55 -11.94 -34.26 -120.24
N ASP DC 56 -12.31 -35.44 -119.71
CA ASP DC 56 -12.48 -36.60 -120.57
C ASP DC 56 -13.60 -36.40 -121.59
N GLN DC 57 -14.58 -35.55 -121.26
CA GLN DC 57 -15.68 -35.32 -122.19
C GLN DC 57 -15.18 -34.69 -123.48
N CYS DC 58 -14.27 -33.71 -123.37
CA CYS DC 58 -13.72 -33.09 -124.57
C CYS DC 58 -12.99 -34.11 -125.43
N LEU DC 59 -12.23 -35.01 -124.79
CA LEU DC 59 -11.54 -36.06 -125.53
C LEU DC 59 -12.53 -36.97 -126.24
N ILE DC 60 -13.63 -37.31 -125.57
CA ILE DC 60 -14.63 -38.18 -126.18
C ILE DC 60 -15.21 -37.51 -127.42
N HIS DC 61 -15.60 -36.25 -127.31
CA HIS DC 61 -16.09 -35.52 -128.48
C HIS DC 61 -14.99 -35.36 -129.51
N LYS DC 62 -13.77 -35.06 -129.05
CA LYS DC 62 -12.65 -34.90 -129.98
C LYS DC 62 -12.38 -36.21 -130.73
N ALA DC 63 -12.44 -37.34 -130.02
CA ALA DC 63 -12.24 -38.63 -130.66
C ALA DC 63 -13.42 -39.04 -131.53
N THR DC 64 -14.52 -38.32 -131.48
CA THR DC 64 -15.71 -38.65 -132.27
C THR DC 64 -15.66 -38.08 -133.68
N LEU DC 65 -14.93 -36.97 -133.89
CA LEU DC 65 -14.90 -36.35 -135.21
C LEU DC 65 -14.25 -37.25 -136.24
N ASP DC 66 -13.21 -38.00 -135.86
CA ASP DC 66 -12.55 -38.88 -136.81
C ASP DC 66 -13.52 -39.90 -137.41
N PRO DC 78 -25.20 -30.96 -140.45
CA PRO DC 78 -25.32 -30.38 -139.11
C PRO DC 78 -24.88 -31.33 -138.00
N LEU DC 79 -25.39 -32.57 -138.01
CA LEU DC 79 -25.13 -33.47 -136.89
C LEU DC 79 -23.64 -33.74 -136.73
N ILE DC 80 -22.94 -33.99 -137.84
CA ILE DC 80 -21.50 -34.26 -137.76
C ILE DC 80 -20.76 -33.04 -137.22
N GLU DC 81 -21.10 -31.85 -137.73
CA GLU DC 81 -20.44 -30.62 -137.30
C GLU DC 81 -21.03 -30.04 -136.03
N ALA DC 82 -22.21 -30.51 -135.60
CA ALA DC 82 -22.83 -29.94 -134.41
C ALA DC 82 -22.00 -30.20 -133.16
N MET DC 83 -21.44 -31.41 -133.04
CA MET DC 83 -20.66 -31.73 -131.84
C MET DC 83 -19.45 -30.83 -131.70
N GLN DC 84 -18.90 -30.35 -132.82
CA GLN DC 84 -17.73 -29.49 -132.74
C GLN DC 84 -18.02 -28.22 -131.96
N GLN DC 85 -19.27 -27.75 -131.99
CA GLN DC 85 -19.62 -26.53 -131.25
C GLN DC 85 -19.43 -26.72 -129.75
N ILE DC 86 -19.82 -27.89 -129.23
CA ILE DC 86 -19.72 -28.14 -127.80
C ILE DC 86 -18.26 -28.20 -127.37
N ILE DC 87 -17.39 -28.75 -128.23
CA ILE DC 87 -15.98 -28.89 -127.88
C ILE DC 87 -15.39 -27.54 -127.51
N LEU DC 88 -15.63 -26.53 -128.34
CA LEU DC 88 -15.13 -25.19 -128.03
C LEU DC 88 -15.75 -24.66 -126.75
N ALA DC 89 -17.06 -24.88 -126.58
CA ALA DC 89 -17.72 -24.41 -125.37
C ALA DC 89 -17.18 -25.09 -124.13
N MET DC 90 -16.92 -26.39 -124.22
CA MET DC 90 -16.45 -27.13 -123.04
C MET DC 90 -15.15 -26.54 -122.50
N THR DC 91 -14.27 -26.07 -123.40
CA THR DC 91 -13.03 -25.46 -122.95
C THR DC 91 -13.30 -24.19 -122.12
N ARG DC 92 -14.28 -23.39 -122.55
CA ARG DC 92 -14.54 -22.13 -121.87
C ARG DC 92 -14.90 -22.37 -120.39
N GLU DC 93 -15.77 -23.35 -120.14
CA GLU DC 93 -16.07 -23.69 -118.75
C GLU DC 93 -14.87 -24.35 -118.09
N LEU DC 94 -14.16 -25.20 -118.82
CA LEU DC 94 -13.01 -25.89 -118.25
C LEU DC 94 -11.90 -24.91 -117.89
N TRP DC 95 -11.63 -23.94 -118.77
CA TRP DC 95 -10.56 -22.99 -118.50
C TRP DC 95 -10.87 -22.13 -117.28
N GLY DC 96 -12.15 -21.97 -116.95
CA GLY DC 96 -12.51 -21.16 -115.79
C GLY DC 96 -11.97 -21.72 -114.50
N GLN DC 97 -12.00 -23.05 -114.36
CA GLN DC 97 -11.49 -23.67 -113.14
C GLN DC 97 -9.98 -23.58 -113.07
N ILE DC 98 -9.30 -23.59 -114.22
CA ILE DC 98 -7.84 -23.50 -114.23
C ILE DC 98 -7.40 -22.19 -113.59
N GLN DC 99 -8.02 -21.08 -113.98
CA GLN DC 99 -7.62 -19.79 -113.44
C GLN DC 99 -7.95 -19.69 -111.96
N ARG DC 100 -9.02 -20.34 -111.51
CA ARG DC 100 -9.34 -20.31 -110.09
C ARG DC 100 -8.23 -20.96 -109.28
N HIS DC 101 -7.69 -22.08 -109.75
CA HIS DC 101 -6.60 -22.75 -109.05
C HIS DC 101 -5.33 -21.90 -109.09
N HIS DC 102 -4.99 -21.37 -110.27
CA HIS DC 102 -3.77 -20.58 -110.40
C HIS DC 102 -3.91 -19.24 -109.70
N TYR DC 103 -4.86 -18.42 -110.16
CA TYR DC 103 -5.01 -17.06 -109.62
C TYR DC 103 -5.82 -17.08 -108.33
N GLY DC 104 -7.06 -17.51 -108.40
CA GLY DC 104 -7.98 -17.47 -107.28
C GLY DC 104 -9.33 -16.98 -107.78
N ILE DC 105 -10.40 -17.43 -107.10
CA ILE DC 105 -11.74 -17.10 -107.55
C ILE DC 105 -11.97 -15.60 -107.49
N VAL DC 106 -11.55 -14.96 -106.40
CA VAL DC 106 -11.82 -13.53 -106.22
C VAL DC 106 -11.12 -12.73 -107.31
N GLN DC 107 -9.84 -13.03 -107.56
CA GLN DC 107 -9.08 -12.27 -108.54
C GLN DC 107 -9.65 -12.43 -109.94
N VAL DC 108 -10.14 -13.63 -110.26
CA VAL DC 108 -10.66 -13.88 -111.61
C VAL DC 108 -11.83 -12.96 -111.91
N GLU DC 109 -12.74 -12.80 -110.95
CA GLU DC 109 -13.91 -11.95 -111.16
C GLU DC 109 -13.50 -10.57 -111.65
N HIS DC 110 -12.51 -9.96 -110.97
CA HIS DC 110 -12.04 -8.64 -111.39
C HIS DC 110 -11.44 -8.70 -112.78
N TYR DC 111 -10.64 -9.73 -113.06
CA TYR DC 111 -9.96 -9.82 -114.35
C TYR DC 111 -10.95 -9.89 -115.50
N VAL DC 112 -12.01 -10.69 -115.35
CA VAL DC 112 -12.96 -10.86 -116.45
C VAL DC 112 -13.62 -9.54 -116.79
N LYS DC 113 -14.11 -8.83 -115.76
CA LYS DC 113 -14.78 -7.56 -116.00
C LYS DC 113 -13.83 -6.56 -116.64
N GLN DC 114 -12.58 -6.52 -116.17
CA GLN DC 114 -11.59 -5.65 -116.80
C GLN DC 114 -11.40 -6.02 -118.26
N ILE DC 115 -11.34 -7.32 -118.56
CA ILE DC 115 -11.25 -7.76 -119.95
C ILE DC 115 -12.51 -7.38 -120.71
N THR DC 116 -13.68 -7.57 -120.08
CA THR DC 116 -14.93 -7.27 -120.77
C THR DC 116 -15.00 -5.79 -121.14
N LEU DC 117 -14.75 -4.92 -120.17
CA LEU DC 117 -14.73 -3.49 -120.47
C LEU DC 117 -13.67 -3.16 -121.50
N TRP DC 118 -12.48 -3.76 -121.36
CA TRP DC 118 -11.42 -3.54 -122.35
C TRP DC 118 -11.86 -3.98 -123.72
N GLN DC 119 -12.53 -5.13 -123.82
CA GLN DC 119 -13.03 -5.58 -125.11
C GLN DC 119 -14.19 -4.72 -125.58
N ASP DC 120 -15.02 -4.24 -124.65
CA ASP DC 120 -16.18 -3.43 -125.02
C ASP DC 120 -15.75 -2.11 -125.67
N THR DC 121 -14.74 -1.47 -125.10
CA THR DC 121 -14.31 -0.17 -125.62
C THR DC 121 -13.80 -0.33 -127.05
N PRO DC 122 -14.09 0.61 -127.94
CA PRO DC 122 -13.59 0.49 -129.32
C PRO DC 122 -12.08 0.46 -129.38
N GLN DC 123 -11.56 -0.29 -130.36
CA GLN DC 123 -10.11 -0.47 -130.48
C GLN DC 123 -9.37 0.84 -130.70
N ALA DC 124 -10.05 1.88 -131.18
CA ALA DC 124 -9.38 3.15 -131.44
C ALA DC 124 -8.80 3.73 -130.16
N PHE DC 125 -9.56 3.67 -129.07
CA PHE DC 125 -9.11 4.18 -127.77
C PHE DC 125 -9.24 3.11 -126.70
N ARG DC 126 -9.09 1.85 -127.08
CA ARG DC 126 -9.28 0.74 -126.14
C ARG DC 126 -8.23 0.79 -125.03
N GLY DC 127 -6.98 1.05 -125.38
CA GLY DC 127 -5.92 1.07 -124.40
C GLY DC 127 -5.20 -0.24 -124.28
N ASP DC 128 -4.19 -0.26 -123.41
CA ASP DC 128 -3.40 -1.45 -123.20
C ASP DC 128 -4.23 -2.55 -122.54
N GLN DC 129 -4.06 -3.77 -123.02
CA GLN DC 129 -4.78 -4.89 -122.45
C GLN DC 129 -4.32 -5.14 -121.01
N PRO DC 130 -5.24 -5.30 -120.06
CA PRO DC 130 -4.82 -5.54 -118.68
C PRO DC 130 -4.13 -6.88 -118.53
N LYS DC 131 -3.23 -6.96 -117.55
CA LYS DC 131 -2.48 -8.18 -117.29
C LYS DC 131 -3.21 -9.05 -116.29
N PRO DC 132 -2.93 -10.35 -116.27
CA PRO DC 132 -3.60 -11.25 -115.33
C PRO DC 132 -3.29 -10.87 -113.90
N PRO DC 133 -4.12 -11.30 -112.94
CA PRO DC 133 -3.86 -10.96 -111.53
C PRO DC 133 -2.65 -11.68 -110.97
N SER DC 134 -2.39 -11.48 -109.69
CA SER DC 134 -1.29 -12.16 -109.02
C SER DC 134 -1.69 -13.57 -108.62
N PHE DC 135 -0.71 -14.47 -108.61
CA PHE DC 135 -0.97 -15.86 -108.28
C PHE DC 135 -1.38 -16.00 -106.81
N THR EC 3 -101.43 68.18 9.47
CA THR EC 3 -101.35 66.93 10.21
C THR EC 3 -100.18 66.07 9.76
N PHE EC 4 -99.71 66.25 8.54
CA PHE EC 4 -98.55 65.49 8.07
C PHE EC 4 -97.32 65.81 8.93
N ILE EC 5 -97.14 67.07 9.28
CA ILE EC 5 -96.00 67.44 10.12
C ILE EC 5 -96.06 66.69 11.44
N GLU EC 6 -97.27 66.52 11.99
CA GLU EC 6 -97.43 65.71 13.19
C GLU EC 6 -96.99 64.28 12.94
N LEU EC 7 -97.34 63.73 11.78
CA LEU EC 7 -96.94 62.37 11.45
C LEU EC 7 -95.42 62.24 11.39
N VAL EC 8 -94.72 63.33 11.12
CA VAL EC 8 -93.27 63.32 11.08
C VAL EC 8 -92.66 63.93 12.34
N LYS EC 9 -93.41 64.74 13.09
CA LYS EC 9 -92.87 65.33 14.30
C LYS EC 9 -92.37 64.28 15.27
N ASN EC 10 -92.95 63.07 15.23
CA ASN EC 10 -92.50 61.99 16.08
C ASN EC 10 -91.29 61.25 15.51
N MET EC 11 -90.95 61.47 14.25
CA MET EC 11 -89.80 60.80 13.66
C MET EC 11 -88.50 61.24 14.33
N LYS EC 12 -87.55 60.32 14.40
CA LYS EC 12 -86.28 60.60 15.05
C LYS EC 12 -85.53 61.73 14.34
N GLY EC 13 -85.51 61.69 13.00
CA GLY EC 13 -84.74 62.65 12.24
C GLY EC 13 -85.50 63.92 11.88
N TYR EC 14 -86.71 64.07 12.42
CA TYR EC 14 -87.51 65.25 12.13
C TYR EC 14 -86.83 66.50 12.67
N LYS EC 15 -86.91 67.59 11.92
CA LYS EC 15 -86.27 68.84 12.28
C LYS EC 15 -87.19 70.00 11.97
N GLU EC 16 -87.03 71.09 12.69
CA GLU EC 16 -87.79 72.32 12.46
C GLU EC 16 -87.07 73.15 11.41
N LEU EC 17 -87.24 72.74 10.15
CA LEU EC 17 -86.61 73.45 9.04
C LEU EC 17 -87.18 74.85 8.85
N LEU EC 18 -88.36 75.11 9.39
CA LEU EC 18 -89.01 76.42 9.24
C LEU EC 18 -88.29 77.42 10.14
N LEU EC 19 -87.43 78.23 9.55
CA LEU EC 19 -86.67 79.20 10.33
C LEU EC 19 -87.56 80.36 10.75
N PRO EC 20 -87.12 81.15 11.72
CA PRO EC 20 -87.95 82.27 12.19
C PRO EC 20 -88.30 83.22 11.06
N MET EC 21 -89.52 83.76 11.12
CA MET EC 21 -89.98 84.68 10.09
C MET EC 21 -89.08 85.92 10.02
N GLU EC 22 -88.70 86.47 11.18
CA GLU EC 22 -87.83 87.64 11.19
C GLU EC 22 -86.49 87.33 10.56
N MET EC 23 -86.03 86.08 10.67
CA MET EC 23 -84.71 85.73 10.17
C MET EC 23 -84.62 85.90 8.65
N VAL EC 24 -85.65 85.46 7.92
CA VAL EC 24 -85.61 85.47 6.47
C VAL EC 24 -85.93 86.87 5.94
N PRO EC 25 -85.43 87.23 4.75
CA PRO EC 25 -85.77 88.54 4.18
C PRO EC 25 -87.10 88.54 3.45
N LEU EC 26 -87.41 89.64 2.78
CA LEU EC 26 -88.65 89.75 2.04
C LEU EC 26 -88.65 88.78 0.85
N PRO EC 27 -89.84 88.42 0.35
CA PRO EC 27 -89.88 87.42 -0.74
C PRO EC 27 -89.08 87.82 -1.96
N ALA EC 28 -89.08 89.10 -2.31
CA ALA EC 28 -88.41 89.52 -3.55
C ALA EC 28 -86.92 89.23 -3.50
N VAL EC 29 -86.28 89.48 -2.35
CA VAL EC 29 -84.84 89.29 -2.26
C VAL EC 29 -84.49 87.81 -2.37
N VAL EC 30 -85.32 86.94 -1.79
CA VAL EC 30 -85.01 85.50 -1.81
C VAL EC 30 -84.94 85.00 -3.25
N LEU EC 31 -85.88 85.44 -4.09
CA LEU EC 31 -85.88 85.00 -5.48
C LEU EC 31 -84.55 85.30 -6.16
N LYS EC 32 -83.89 86.37 -5.75
CA LYS EC 32 -82.59 86.71 -6.34
C LYS EC 32 -81.57 85.61 -6.09
N HIS EC 33 -81.54 85.06 -4.87
CA HIS EC 33 -80.56 84.03 -4.55
C HIS EC 33 -80.88 82.72 -5.25
N VAL EC 34 -82.15 82.47 -5.56
CA VAL EC 34 -82.50 81.24 -6.26
C VAL EC 34 -81.85 81.18 -7.62
N LYS EC 35 -81.88 82.30 -8.36
CA LYS EC 35 -81.20 82.36 -9.64
C LYS EC 35 -79.70 82.19 -9.46
N LEU EC 36 -79.13 82.85 -8.45
CA LEU EC 36 -77.69 82.79 -8.25
C LEU EC 36 -77.24 81.39 -7.84
N ILE EC 37 -77.98 80.74 -6.93
CA ILE EC 37 -77.57 79.42 -6.47
C ILE EC 37 -77.78 78.39 -7.58
N LEU EC 38 -78.92 78.46 -8.28
CA LEU EC 38 -79.15 77.54 -9.39
C LEU EC 38 -78.14 77.75 -10.49
N THR EC 39 -77.86 79.00 -10.83
CA THR EC 39 -76.88 79.29 -11.88
C THR EC 39 -75.49 78.80 -11.50
N SER EC 40 -75.08 79.06 -10.25
CA SER EC 40 -73.75 78.64 -9.82
C SER EC 40 -73.61 77.13 -9.84
N GLN EC 41 -74.63 76.42 -9.35
CA GLN EC 41 -74.55 74.97 -9.28
C GLN EC 41 -74.56 74.37 -10.67
N LYS EC 42 -73.79 73.29 -10.86
CA LYS EC 42 -73.64 72.66 -12.16
C LYS EC 42 -74.20 71.25 -12.19
N GLU EC 43 -73.83 70.39 -11.24
CA GLU EC 43 -74.30 69.02 -11.26
C GLU EC 43 -75.82 68.98 -11.09
N HIS EC 44 -76.47 68.12 -11.86
CA HIS EC 44 -77.92 68.01 -11.84
C HIS EC 44 -78.35 66.99 -10.81
N GLN EC 45 -79.16 67.43 -9.86
CA GLN EC 45 -79.78 66.58 -8.84
C GLN EC 45 -81.24 66.93 -8.73
N PRO EC 46 -82.06 66.03 -8.21
CA PRO EC 46 -83.51 66.30 -8.14
C PRO EC 46 -83.86 67.52 -7.30
N TRP EC 47 -83.03 67.89 -6.33
CA TRP EC 47 -83.41 69.00 -5.44
C TRP EC 47 -83.50 70.31 -6.20
N MET EC 48 -82.55 70.58 -7.10
CA MET EC 48 -82.62 71.82 -7.88
C MET EC 48 -83.83 71.82 -8.79
N THR EC 49 -84.14 70.66 -9.39
CA THR EC 49 -85.34 70.58 -10.23
C THR EC 49 -86.59 70.88 -9.43
N GLU EC 50 -86.70 70.31 -8.22
CA GLU EC 50 -87.83 70.59 -7.36
C GLU EC 50 -87.72 71.96 -6.70
N MET EC 51 -86.49 72.44 -6.47
CA MET EC 51 -86.31 73.74 -5.84
C MET EC 51 -86.89 74.85 -6.71
N ALA EC 52 -86.67 74.78 -8.02
CA ALA EC 52 -87.22 75.79 -8.93
C ALA EC 52 -88.74 75.77 -8.90
N LEU EC 53 -89.34 74.58 -8.90
CA LEU EC 53 -90.79 74.48 -8.91
C LEU EC 53 -91.40 75.12 -7.66
N LYS EC 54 -90.79 74.87 -6.50
CA LYS EC 54 -91.32 75.43 -5.26
C LYS EC 54 -91.27 76.95 -5.28
N ALA EC 55 -90.20 77.53 -5.82
CA ALA EC 55 -90.09 78.98 -5.89
C ALA EC 55 -91.01 79.55 -6.96
N ASP EC 56 -91.31 78.78 -8.00
CA ASP EC 56 -92.12 79.29 -9.09
C ASP EC 56 -93.50 79.71 -8.61
N GLN EC 57 -94.09 78.93 -7.69
CA GLN EC 57 -95.44 79.22 -7.23
C GLN EC 57 -95.55 80.64 -6.68
N CYS EC 58 -94.50 81.09 -5.98
CA CYS EC 58 -94.53 82.44 -5.42
C CYS EC 58 -94.71 83.50 -6.49
N LEU EC 59 -94.14 83.29 -7.68
CA LEU EC 59 -94.27 84.28 -8.75
C LEU EC 59 -95.71 84.43 -9.17
N ILE EC 60 -96.46 83.34 -9.27
CA ILE EC 60 -97.86 83.42 -9.69
C ILE EC 60 -98.65 84.24 -8.70
N HIS EC 61 -98.42 84.02 -7.40
CA HIS EC 61 -99.16 84.78 -6.39
C HIS EC 61 -98.85 86.27 -6.47
N LYS EC 62 -97.63 86.62 -6.87
CA LYS EC 62 -97.29 88.04 -7.04
C LYS EC 62 -98.22 88.71 -8.04
N ALA EC 63 -98.39 88.09 -9.21
CA ALA EC 63 -99.27 88.64 -10.22
C ALA EC 63 -100.74 88.41 -9.89
N THR EC 64 -101.06 87.28 -9.25
CA THR EC 64 -102.45 87.00 -8.91
C THR EC 64 -103.03 88.10 -8.04
N LEU EC 65 -102.31 88.47 -6.98
CA LEU EC 65 -102.77 89.56 -6.11
C LEU EC 65 -102.57 90.92 -6.77
N PRO EC 78 -110.66 87.53 4.13
CA PRO EC 78 -109.93 86.35 4.62
C PRO EC 78 -109.16 85.63 3.52
N LEU EC 79 -109.69 85.61 2.31
CA LEU EC 79 -109.00 84.91 1.22
C LEU EC 79 -107.69 85.62 0.87
N ILE EC 80 -107.75 86.93 0.66
CA ILE EC 80 -106.54 87.67 0.27
C ILE EC 80 -105.52 87.64 1.39
N GLU EC 81 -105.97 87.84 2.64
CA GLU EC 81 -105.04 87.88 3.76
C GLU EC 81 -104.30 86.56 3.92
N ALA EC 82 -105.00 85.44 3.73
CA ALA EC 82 -104.37 84.13 3.86
C ALA EC 82 -103.26 83.97 2.83
N MET EC 83 -103.48 84.42 1.60
CA MET EC 83 -102.46 84.29 0.57
C MET EC 83 -101.18 85.02 0.97
N GLN EC 84 -101.32 86.19 1.58
CA GLN EC 84 -100.15 86.95 2.01
C GLN EC 84 -99.31 86.12 2.98
N GLN EC 85 -99.95 85.45 3.93
CA GLN EC 85 -99.23 84.59 4.85
C GLN EC 85 -98.68 83.36 4.14
N ILE EC 86 -99.40 82.85 3.14
CA ILE EC 86 -98.94 81.67 2.42
C ILE EC 86 -97.62 81.95 1.72
N ILE EC 87 -97.51 83.12 1.09
CA ILE EC 87 -96.28 83.48 0.40
C ILE EC 87 -95.11 83.47 1.37
N LEU EC 88 -95.29 84.05 2.55
CA LEU EC 88 -94.22 84.05 3.54
C LEU EC 88 -93.90 82.64 4.01
N ALA EC 89 -94.88 81.75 3.99
CA ALA EC 89 -94.63 80.37 4.41
C ALA EC 89 -93.62 79.70 3.49
N MET EC 90 -93.75 79.93 2.18
CA MET EC 90 -92.81 79.30 1.24
C MET EC 90 -91.43 79.94 1.33
N THR EC 91 -91.37 81.24 1.65
CA THR EC 91 -90.08 81.91 1.75
C THR EC 91 -89.20 81.27 2.83
N ARG EC 92 -89.79 80.95 3.97
CA ARG EC 92 -89.03 80.30 5.03
C ARG EC 92 -88.50 78.95 4.56
N GLU EC 93 -89.34 78.19 3.85
CA GLU EC 93 -88.90 76.89 3.35
C GLU EC 93 -87.78 77.06 2.33
N LEU EC 94 -87.90 78.04 1.44
CA LEU EC 94 -86.89 78.24 0.41
C LEU EC 94 -85.55 78.64 1.03
N TRP EC 95 -85.58 79.55 2.00
CA TRP EC 95 -84.33 80.01 2.60
C TRP EC 95 -83.58 78.88 3.28
N GLY EC 96 -84.31 77.87 3.77
CA GLY EC 96 -83.64 76.74 4.41
C GLY EC 96 -82.74 76.00 3.44
N GLN EC 97 -83.25 75.70 2.24
CA GLN EC 97 -82.43 75.02 1.24
C GLN EC 97 -81.26 75.89 0.81
N ILE EC 98 -81.47 77.20 0.74
CA ILE EC 98 -80.39 78.10 0.37
C ILE EC 98 -79.25 78.00 1.37
N GLN EC 99 -79.57 78.12 2.66
CA GLN EC 99 -78.53 78.08 3.68
C GLN EC 99 -77.92 76.70 3.81
N ARG EC 100 -78.74 75.66 3.75
CA ARG EC 100 -78.21 74.30 3.87
C ARG EC 100 -77.28 73.97 2.72
N HIS EC 101 -77.64 74.38 1.50
CA HIS EC 101 -76.79 74.10 0.36
C HIS EC 101 -75.47 74.87 0.44
N HIS EC 102 -75.52 76.15 0.81
CA HIS EC 102 -74.31 76.95 0.89
C HIS EC 102 -73.38 76.44 1.97
N TYR EC 103 -73.89 76.29 3.19
CA TYR EC 103 -73.09 75.85 4.33
C TYR EC 103 -73.19 74.35 4.56
N GLY EC 104 -74.40 73.87 4.82
CA GLY EC 104 -74.61 72.46 5.13
C GLY EC 104 -75.86 72.27 5.95
N ILE EC 105 -76.37 71.04 5.93
CA ILE EC 105 -77.60 70.73 6.63
C ILE EC 105 -77.40 70.85 8.14
N VAL EC 106 -76.29 70.31 8.65
CA VAL EC 106 -76.07 70.32 10.09
C VAL EC 106 -75.81 71.74 10.59
N GLN EC 107 -75.07 72.53 9.83
CA GLN EC 107 -74.69 73.86 10.29
C GLN EC 107 -75.92 74.73 10.51
N VAL EC 108 -76.87 74.70 9.58
CA VAL EC 108 -78.09 75.49 9.73
C VAL EC 108 -78.86 75.05 10.97
N GLU EC 109 -79.03 73.74 11.14
CA GLU EC 109 -79.69 73.23 12.33
C GLU EC 109 -78.91 73.60 13.59
N HIS EC 110 -77.57 73.65 13.48
CA HIS EC 110 -76.74 73.99 14.62
C HIS EC 110 -76.75 75.48 14.92
N TYR EC 111 -76.81 76.31 13.88
CA TYR EC 111 -76.67 77.76 14.05
C TYR EC 111 -78.01 78.46 14.29
N VAL EC 112 -79.11 77.90 13.80
CA VAL EC 112 -80.40 78.58 13.90
C VAL EC 112 -80.76 78.79 15.38
N LYS EC 113 -80.56 77.76 16.20
CA LYS EC 113 -80.95 77.86 17.60
C LYS EC 113 -80.14 78.92 18.33
N GLN EC 114 -78.86 79.06 17.99
CA GLN EC 114 -78.00 79.99 18.72
C GLN EC 114 -78.54 81.41 18.65
N ILE EC 115 -78.91 81.86 17.46
CA ILE EC 115 -79.40 83.23 17.31
C ILE EC 115 -80.72 83.42 18.03
N THR EC 116 -81.57 82.40 18.03
CA THR EC 116 -82.85 82.51 18.74
C THR EC 116 -82.63 82.72 20.22
N LEU EC 117 -81.67 82.02 20.81
CA LEU EC 117 -81.35 82.20 22.22
C LEU EC 117 -80.88 83.62 22.50
N TRP EC 118 -80.01 84.16 21.64
CA TRP EC 118 -79.51 85.50 21.84
C TRP EC 118 -80.62 86.53 21.88
N GLN EC 119 -81.75 86.24 21.22
CA GLN EC 119 -82.88 87.16 21.24
C GLN EC 119 -83.73 86.96 22.49
N ASP EC 120 -84.12 85.71 22.78
CA ASP EC 120 -84.96 85.40 23.93
C ASP EC 120 -84.10 85.43 25.18
N THR EC 121 -83.77 86.66 25.60
CA THR EC 121 -82.94 86.89 26.78
C THR EC 121 -83.20 88.30 27.26
N PRO EC 122 -83.06 88.58 28.57
CA PRO EC 122 -83.39 89.92 29.06
C PRO EC 122 -82.42 90.99 28.59
N GLN EC 123 -82.51 91.35 27.31
CA GLN EC 123 -81.78 92.45 26.71
C GLN EC 123 -80.35 92.59 27.23
N ALA EC 124 -80.20 92.98 28.50
CA ALA EC 124 -78.88 93.33 29.01
C ALA EC 124 -77.89 92.19 28.83
N PHE EC 125 -78.25 91.00 29.32
CA PHE EC 125 -77.38 89.83 29.17
C PHE EC 125 -77.74 89.03 27.93
N ARG EC 126 -77.85 89.72 26.79
CA ARG EC 126 -78.22 89.03 25.55
C ARG EC 126 -77.12 88.07 25.09
N GLY EC 127 -75.87 88.48 25.24
CA GLY EC 127 -74.74 87.66 24.83
C GLY EC 127 -73.63 88.48 24.23
N ASP EC 128 -73.12 88.05 23.07
CA ASP EC 128 -72.03 88.75 22.40
C ASP EC 128 -72.27 88.82 20.90
N GLN EC 129 -73.52 88.90 20.47
CA GLN EC 129 -73.85 88.99 19.06
C GLN EC 129 -73.24 87.80 18.32
N PRO EC 130 -73.77 86.59 18.49
CA PRO EC 130 -73.11 85.41 17.93
C PRO EC 130 -72.86 85.55 16.44
N LYS EC 131 -71.65 85.17 16.03
CA LYS EC 131 -71.25 85.32 14.64
C LYS EC 131 -71.99 84.31 13.76
N PRO EC 132 -72.30 84.68 12.52
CA PRO EC 132 -72.90 83.72 11.60
C PRO EC 132 -71.89 82.66 11.20
N PRO EC 133 -72.36 81.51 10.70
CA PRO EC 133 -71.42 80.42 10.38
C PRO EC 133 -70.42 80.84 9.31
N THR FC 3 34.66 97.81 74.70
CA THR FC 3 35.76 97.39 73.83
C THR FC 3 35.40 96.12 73.07
N PHE FC 4 34.76 95.16 73.74
CA PHE FC 4 34.46 93.88 73.10
C PHE FC 4 33.53 94.06 71.91
N ILE FC 5 32.50 94.89 72.06
CA ILE FC 5 31.54 95.07 70.96
C ILE FC 5 32.24 95.62 69.73
N GLU FC 6 33.21 96.51 69.93
CA GLU FC 6 34.00 97.01 68.81
C GLU FC 6 34.70 95.87 68.09
N LEU FC 7 35.23 94.91 68.84
CA LEU FC 7 35.91 93.78 68.21
C LEU FC 7 34.94 92.94 67.40
N VAL FC 8 33.73 92.72 67.91
CA VAL FC 8 32.76 91.89 67.20
C VAL FC 8 32.30 92.59 65.92
N LYS FC 9 32.11 93.91 65.98
CA LYS FC 9 31.69 94.64 64.79
C LYS FC 9 32.69 94.45 63.66
N ASN FC 10 33.95 94.18 63.99
CA ASN FC 10 34.97 93.89 62.98
C ASN FC 10 34.93 92.41 62.60
N MET FC 11 33.76 91.98 62.12
CA MET FC 11 33.54 90.61 61.73
C MET FC 11 32.65 90.56 60.50
N LYS FC 12 32.69 89.42 59.81
CA LYS FC 12 31.99 89.25 58.55
C LYS FC 12 30.61 88.64 58.77
N GLY FC 13 29.63 89.16 58.04
CA GLY FC 13 28.26 88.74 58.23
C GLY FC 13 27.55 89.44 59.38
N TYR FC 14 28.12 90.52 59.91
CA TYR FC 14 27.55 91.22 61.05
C TYR FC 14 26.39 92.09 60.59
N LYS FC 15 25.19 91.77 61.02
CA LYS FC 15 23.99 92.54 60.72
C LYS FC 15 23.51 93.20 62.01
N GLU FC 16 23.44 94.52 62.00
CA GLU FC 16 23.02 95.24 63.20
C GLU FC 16 21.55 95.00 63.49
N LEU FC 17 21.20 94.98 64.77
CA LEU FC 17 19.84 94.70 65.19
C LEU FC 17 19.36 95.62 66.31
N LEU FC 18 20.09 96.69 66.62
CA LEU FC 18 19.74 97.58 67.71
C LEU FC 18 19.41 98.96 67.15
N LEU FC 19 18.28 99.51 67.58
CA LEU FC 19 17.86 100.82 67.14
C LEU FC 19 18.55 101.92 67.94
N PRO FC 20 18.52 103.16 67.47
CA PRO FC 20 19.10 104.26 68.25
C PRO FC 20 18.40 104.41 69.59
N MET FC 21 19.17 104.87 70.58
CA MET FC 21 18.62 105.05 71.92
C MET FC 21 17.44 106.02 71.92
N GLU FC 22 17.40 106.94 70.95
CA GLU FC 22 16.34 107.93 70.90
C GLU FC 22 15.03 107.40 70.35
N MET FC 23 15.02 106.18 69.81
CA MET FC 23 13.82 105.61 69.23
C MET FC 23 13.22 104.46 70.04
N VAL FC 24 14.00 103.81 70.88
CA VAL FC 24 13.50 102.68 71.66
C VAL FC 24 12.47 103.19 72.66
N PRO FC 25 11.48 102.40 73.05
CA PRO FC 25 10.48 102.87 74.01
C PRO FC 25 11.12 103.13 75.38
N LEU FC 26 10.31 103.72 76.25
CA LEU FC 26 10.74 103.89 77.63
C LEU FC 26 10.84 102.53 78.31
N PRO FC 27 11.69 102.42 79.33
CA PRO FC 27 11.88 101.10 79.97
C PRO FC 27 10.58 100.51 80.50
N ALA FC 28 9.69 101.35 81.01
CA ALA FC 28 8.41 100.83 81.53
C ALA FC 28 7.61 100.16 80.43
N VAL FC 29 7.59 100.76 79.23
CA VAL FC 29 6.80 100.21 78.14
C VAL FC 29 7.34 98.86 77.71
N VAL FC 30 8.67 98.70 77.71
CA VAL FC 30 9.26 97.47 77.21
C VAL FC 30 8.80 96.28 78.03
N LEU FC 31 8.79 96.44 79.36
CA LEU FC 31 8.41 95.35 80.23
C LEU FC 31 7.02 94.83 79.90
N LYS FC 32 6.14 95.70 79.39
CA LYS FC 32 4.78 95.28 79.07
C LYS FC 32 4.78 94.19 78.00
N HIS FC 33 5.60 94.36 76.96
CA HIS FC 33 5.67 93.35 75.91
C HIS FC 33 6.31 92.06 76.42
N VAL FC 34 7.19 92.16 77.42
CA VAL FC 34 7.85 90.98 77.94
C VAL FC 34 6.82 90.01 78.51
N LYS FC 35 5.88 90.53 79.30
CA LYS FC 35 4.87 89.68 79.90
C LYS FC 35 4.02 88.99 78.84
N LEU FC 36 3.61 89.74 77.82
CA LEU FC 36 2.79 89.15 76.75
C LEU FC 36 3.59 88.10 75.99
N ILE FC 37 4.80 88.44 75.57
CA ILE FC 37 5.59 87.52 74.75
C ILE FC 37 5.95 86.28 75.57
N LEU FC 38 6.39 86.47 76.81
CA LEU FC 38 6.71 85.33 77.66
C LEU FC 38 5.47 84.49 77.93
N THR FC 39 4.40 85.13 78.41
CA THR FC 39 3.22 84.38 78.83
C THR FC 39 2.47 83.82 77.63
N SER FC 40 2.28 84.63 76.59
CA SER FC 40 1.55 84.20 75.39
C SER FC 40 2.51 83.44 74.48
N GLN FC 41 3.01 82.33 74.99
CA GLN FC 41 3.93 81.48 74.24
C GLN FC 41 3.70 80.02 74.63
N LYS FC 42 3.97 79.13 73.68
CA LYS FC 42 3.83 77.70 73.87
C LYS FC 42 5.12 77.01 73.45
N GLU FC 43 5.41 75.88 74.07
CA GLU FC 43 6.62 75.11 73.79
C GLU FC 43 7.86 75.99 74.04
N HIS FC 44 8.03 76.34 75.32
CA HIS FC 44 9.11 77.22 75.74
C HIS FC 44 10.41 76.89 75.02
N GLN FC 45 11.10 77.93 74.56
CA GLN FC 45 12.32 77.83 73.79
C GLN FC 45 13.47 78.48 74.56
N PRO FC 46 14.71 78.13 74.24
CA PRO FC 46 15.84 78.65 75.03
C PRO FC 46 15.91 80.17 75.08
N TRP FC 47 15.59 80.85 73.97
CA TRP FC 47 15.70 82.30 73.94
C TRP FC 47 14.74 82.97 74.91
N MET FC 48 13.65 82.29 75.30
CA MET FC 48 12.73 82.87 76.26
C MET FC 48 13.41 83.10 77.60
N THR FC 49 14.24 82.15 78.03
CA THR FC 49 14.93 82.30 79.31
C THR FC 49 15.86 83.50 79.28
N GLU FC 50 16.56 83.71 78.16
CA GLU FC 50 17.48 84.85 78.07
C GLU FC 50 16.74 86.17 78.23
N MET FC 51 15.56 86.29 77.63
CA MET FC 51 14.81 87.53 77.72
C MET FC 51 14.45 87.86 79.16
N ALA FC 52 13.99 86.85 79.92
CA ALA FC 52 13.57 87.10 81.30
C ALA FC 52 14.75 87.54 82.16
N LEU FC 53 15.90 86.90 81.98
CA LEU FC 53 17.05 87.20 82.82
C LEU FC 53 17.47 88.65 82.68
N LYS FC 54 17.52 89.16 81.44
CA LYS FC 54 17.89 90.55 81.23
C LYS FC 54 16.84 91.49 81.79
N ALA FC 55 15.56 91.10 81.71
CA ALA FC 55 14.49 91.99 82.14
C ALA FC 55 14.62 92.35 83.62
N ASP FC 56 14.89 91.35 84.46
CA ASP FC 56 15.00 91.60 85.89
C ASP FC 56 16.14 92.55 86.21
N GLN FC 57 17.18 92.56 85.37
CA GLN FC 57 18.32 93.44 85.63
C GLN FC 57 17.89 94.90 85.60
N CYS FC 58 17.06 95.27 84.62
CA CYS FC 58 16.59 96.65 84.54
C CYS FC 58 15.80 97.03 85.79
N LEU FC 59 14.96 96.11 86.28
CA LEU FC 59 14.22 96.36 87.50
C LEU FC 59 15.16 96.55 88.68
N ILE FC 60 16.21 95.73 88.76
CA ILE FC 60 17.16 95.85 89.86
C ILE FC 60 17.81 97.23 89.85
N HIS FC 61 18.31 97.65 88.68
CA HIS FC 61 18.88 98.99 88.56
C HIS FC 61 17.81 100.05 88.80
N LYS FC 62 16.61 99.84 88.27
CA LYS FC 62 15.52 100.80 88.46
C LYS FC 62 15.18 100.92 89.94
N ALA FC 63 15.14 99.80 90.65
CA ALA FC 63 14.85 99.82 92.09
C ALA FC 63 16.01 100.37 92.90
N THR FC 64 17.17 100.58 92.29
CA THR FC 64 18.34 101.07 93.00
C THR FC 64 18.37 102.59 93.10
N LEU FC 65 17.75 103.29 92.15
CA LEU FC 65 17.78 104.75 92.16
C LEU FC 65 17.09 105.33 93.39
N ASP FC 66 15.99 104.73 93.83
CA ASP FC 66 15.29 105.24 95.00
C ASP FC 66 16.20 105.29 96.23
N PRO FC 78 28.60 111.24 90.20
CA PRO FC 78 28.73 110.27 89.10
C PRO FC 78 28.19 108.89 89.44
N LEU FC 79 28.60 108.32 90.58
CA LEU FC 79 28.24 106.95 90.90
C LEU FC 79 26.73 106.77 90.97
N ILE FC 80 26.04 107.70 91.64
CA ILE FC 80 24.59 107.60 91.77
C ILE FC 80 23.93 107.67 90.40
N GLU FC 81 24.37 108.63 89.57
CA GLU FC 81 23.80 108.81 88.24
C GLU FC 81 24.40 107.88 87.20
N ALA FC 82 25.53 107.23 87.50
CA ALA FC 82 26.17 106.37 86.52
C ALA FC 82 25.28 105.18 86.16
N MET FC 83 24.63 104.57 87.15
CA MET FC 83 23.81 103.39 86.88
C MET FC 83 22.65 103.72 85.94
N GLN FC 84 22.17 104.97 85.96
CA GLN FC 84 21.06 105.34 85.08
C GLN FC 84 21.44 105.17 83.62
N GLN FC 85 22.71 105.32 83.28
CA GLN FC 85 23.13 105.17 81.89
C GLN FC 85 22.90 103.75 81.40
N ILE FC 86 23.18 102.76 82.25
CA ILE FC 86 23.03 101.37 81.84
C ILE FC 86 21.55 101.04 81.63
N ILE FC 87 20.67 101.62 82.44
CA ILE FC 87 19.25 101.32 82.33
C ILE FC 87 18.75 101.60 80.92
N LEU FC 88 19.08 102.78 80.39
CA LEU FC 88 18.68 103.11 79.02
C LEU FC 88 19.32 102.15 78.03
N ALA FC 89 20.59 101.82 78.22
CA ALA FC 89 21.26 100.91 77.31
C ALA FC 89 20.64 99.52 77.35
N MET FC 90 20.27 99.05 78.55
CA MET FC 90 19.72 97.71 78.69
C MET FC 90 18.47 97.54 77.84
N THR FC 91 17.65 98.60 77.75
CA THR FC 91 16.45 98.53 76.93
C THR FC 91 16.79 98.31 75.46
N ARG FC 92 17.83 99.00 74.98
CA ARG FC 92 18.18 98.90 73.56
C ARG FC 92 18.47 97.46 73.17
N GLU FC 93 19.26 96.75 73.97
CA GLU FC 93 19.51 95.34 73.70
C GLU FC 93 18.25 94.52 73.94
N LEU FC 94 17.49 94.85 74.98
CA LEU FC 94 16.28 94.11 75.28
C LEU FC 94 15.23 94.27 74.19
N TRP FC 95 15.05 95.49 73.68
CA TRP FC 95 14.05 95.72 72.64
C TRP FC 95 14.40 94.98 71.35
N GLY FC 96 15.69 94.68 71.15
CA GLY FC 96 16.08 93.97 69.94
C GLY FC 96 15.46 92.59 69.85
N GLN FC 97 15.39 91.89 70.99
CA GLN FC 97 14.81 90.55 70.98
C GLN FC 97 13.29 90.61 70.78
N ILE FC 98 12.64 91.68 71.25
CA ILE FC 98 11.20 91.82 71.09
C ILE FC 98 10.84 91.82 69.62
N GLN FC 99 11.56 92.62 68.83
CA GLN FC 99 11.24 92.71 67.40
C GLN FC 99 11.54 91.40 66.68
N ARG FC 100 12.55 90.67 67.13
CA ARG FC 100 12.84 89.37 66.52
C ARG FC 100 11.65 88.43 66.68
N HIS FC 101 11.05 88.39 67.87
CA HIS FC 101 9.90 87.54 68.09
C HIS FC 101 8.70 88.01 67.27
N HIS FC 102 8.43 89.32 67.29
CA HIS FC 102 7.28 89.85 66.57
C HIS FC 102 7.49 89.80 65.07
N TYR FC 103 8.51 90.51 64.58
CA TYR FC 103 8.75 90.59 63.14
C TYR FC 103 9.52 89.38 62.64
N GLY FC 104 10.73 89.19 63.14
CA GLY FC 104 11.62 88.15 62.66
C GLY FC 104 13.02 88.73 62.52
N ILE FC 105 14.03 87.86 62.69
CA ILE FC 105 15.41 88.33 62.66
C ILE FC 105 15.75 88.93 61.30
N VAL FC 106 15.36 88.24 60.23
CA VAL FC 106 15.72 88.68 58.88
C VAL FC 106 15.11 90.04 58.59
N GLN FC 107 13.83 90.21 58.90
CA GLN FC 107 13.15 91.47 58.59
C GLN FC 107 13.74 92.62 59.39
N VAL FC 108 14.15 92.37 60.63
CA VAL FC 108 14.67 93.45 61.46
C VAL FC 108 15.92 94.05 60.84
N GLU FC 109 16.81 93.20 60.33
CA GLU FC 109 18.05 93.70 59.73
C GLU FC 109 17.76 94.76 58.68
N HIS FC 110 16.81 94.46 57.77
CA HIS FC 110 16.45 95.43 56.75
C HIS FC 110 15.87 96.70 57.37
N TYR FC 111 15.01 96.54 58.37
CA TYR FC 111 14.35 97.70 58.96
C TYR FC 111 15.36 98.66 59.59
N VAL FC 112 16.36 98.12 60.30
CA VAL FC 112 17.31 98.98 60.99
C VAL FC 112 18.09 99.81 59.98
N LYS FC 113 18.60 99.17 58.93
CA LYS FC 113 19.38 99.90 57.94
C LYS FC 113 18.52 100.96 57.25
N GLN FC 114 17.26 100.63 56.94
CA GLN FC 114 16.36 101.62 56.38
C GLN FC 114 16.18 102.78 57.34
N ILE FC 115 16.03 102.49 58.63
CA ILE FC 115 15.93 103.56 59.63
C ILE FC 115 17.24 104.34 59.68
N THR FC 116 18.38 103.63 59.65
CA THR FC 116 19.67 104.30 59.76
C THR FC 116 19.86 105.27 58.60
N LEU FC 117 19.64 104.80 57.36
CA LEU FC 117 19.74 105.68 56.21
C LEU FC 117 18.73 106.81 56.29
N TRP FC 118 17.50 106.50 56.72
CA TRP FC 118 16.49 107.53 56.88
C TRP FC 118 16.93 108.56 57.91
N GLN FC 119 17.51 108.11 59.02
CA GLN FC 119 18.01 109.05 60.02
C GLN FC 119 19.24 109.79 59.51
N ASP FC 120 20.08 109.10 58.72
CA ASP FC 120 21.31 109.73 58.23
C ASP FC 120 21.00 110.89 57.29
N THR FC 121 20.02 110.73 56.40
CA THR FC 121 19.71 111.77 55.45
C THR FC 121 19.21 113.02 56.19
N PRO FC 122 19.59 114.22 55.74
CA PRO FC 122 19.14 115.43 56.42
C PRO FC 122 17.62 115.56 56.38
N GLN FC 123 17.06 116.14 57.44
CA GLN FC 123 15.62 116.25 57.58
C GLN FC 123 14.99 117.06 56.46
N ALA FC 124 15.76 117.91 55.77
CA ALA FC 124 15.20 118.72 54.70
C ALA FC 124 14.62 117.85 53.59
N PHE FC 125 15.34 116.80 53.21
CA PHE FC 125 14.91 115.88 52.17
C PHE FC 125 14.93 114.44 52.67
N ARG FC 126 14.70 114.26 53.97
CA ARG FC 126 14.77 112.92 54.55
C ARG FC 126 13.71 112.00 53.98
N GLY FC 127 12.49 112.49 53.82
CA GLY FC 127 11.40 111.68 53.31
C GLY FC 127 10.59 111.03 54.41
N ASP FC 128 9.56 110.31 53.98
CA ASP FC 128 8.67 109.65 54.91
C ASP FC 128 9.40 108.54 55.66
N GLN FC 129 9.14 108.44 56.96
CA GLN FC 129 9.77 107.40 57.77
C GLN FC 129 9.26 106.04 57.34
N PRO FC 130 10.14 105.05 57.12
CA PRO FC 130 9.67 103.73 56.71
C PRO FC 130 8.87 103.05 57.82
N LYS FC 131 7.95 102.20 57.41
CA LYS FC 131 7.10 101.48 58.34
C LYS FC 131 7.74 100.16 58.74
N PRO FC 132 7.36 99.60 59.88
CA PRO FC 132 7.94 98.33 60.31
C PRO FC 132 7.62 97.21 59.32
N PRO FC 133 8.39 96.13 59.34
CA PRO FC 133 8.11 95.01 58.41
C PRO FC 133 6.85 94.26 58.76
N SER FC 134 6.56 93.20 58.00
CA SER FC 134 5.40 92.37 58.25
C SER FC 134 5.69 91.38 59.37
N PHE FC 135 4.64 91.04 60.12
CA PHE FC 135 4.78 90.12 61.24
C PHE FC 135 5.14 88.73 60.76
N THR GC 3 10.29 88.49 89.35
CA THR GC 3 9.05 87.83 88.99
C THR GC 3 9.04 87.27 87.58
N PHE GC 4 9.66 87.96 86.62
CA PHE GC 4 9.66 87.48 85.25
C PHE GC 4 10.33 86.12 85.13
N ILE GC 5 11.47 85.94 85.80
CA ILE GC 5 12.17 84.67 85.75
C ILE GC 5 11.31 83.56 86.34
N GLU GC 6 10.53 83.89 87.37
CA GLU GC 6 9.64 82.90 87.97
C GLU GC 6 8.60 82.42 86.96
N LEU GC 7 8.08 83.34 86.14
CA LEU GC 7 7.10 82.96 85.13
C LEU GC 7 7.69 81.95 84.15
N VAL GC 8 8.95 82.16 83.75
CA VAL GC 8 9.61 81.21 82.85
C VAL GC 8 9.73 79.85 83.53
N LYS GC 9 10.12 79.84 84.80
CA LYS GC 9 10.26 78.59 85.53
C LYS GC 9 8.93 77.86 85.68
N ASN GC 10 7.82 78.55 85.45
CA ASN GC 10 6.50 77.95 85.51
C ASN GC 10 6.04 77.39 84.17
N MET GC 11 6.88 77.45 83.14
CA MET GC 11 6.49 77.04 81.81
C MET GC 11 6.59 75.52 81.67
N LYS GC 12 6.34 75.04 80.45
CA LYS GC 12 6.44 73.63 80.11
C LYS GC 12 7.65 73.42 79.20
N GLY GC 13 8.48 72.45 79.54
CA GLY GC 13 9.68 72.19 78.78
C GLY GC 13 10.89 73.00 79.20
N TYR GC 14 10.72 73.92 80.14
CA TYR GC 14 11.85 74.72 80.62
C TYR GC 14 12.87 73.84 81.30
N LYS GC 15 14.15 74.15 81.07
CA LYS GC 15 15.25 73.38 81.63
C LYS GC 15 16.33 74.33 82.10
N GLU GC 16 16.91 74.03 83.25
CA GLU GC 16 17.96 74.89 83.81
C GLU GC 16 19.22 74.81 82.98
N LEU GC 17 19.90 75.96 82.84
CA LEU GC 17 21.17 76.02 82.14
C LEU GC 17 22.26 76.75 82.93
N LEU GC 18 21.90 77.46 84.01
CA LEU GC 18 22.89 78.16 84.81
C LEU GC 18 23.44 77.22 85.89
N LEU GC 19 24.28 77.77 86.75
CA LEU GC 19 24.96 77.01 87.79
C LEU GC 19 24.89 77.77 89.09
N PRO GC 20 25.11 77.08 90.22
CA PRO GC 20 25.09 77.78 91.52
C PRO GC 20 26.11 78.89 91.56
N MET GC 21 25.77 79.96 92.29
CA MET GC 21 26.66 81.12 92.38
C MET GC 21 28.04 80.71 92.84
N GLU GC 22 28.14 79.71 93.73
CA GLU GC 22 29.44 79.28 94.21
C GLU GC 22 30.27 78.67 93.08
N MET GC 23 29.65 77.87 92.21
CA MET GC 23 30.34 77.23 91.11
C MET GC 23 30.40 78.17 89.90
N VAL GC 24 30.94 79.36 90.15
CA VAL GC 24 31.11 80.37 89.11
C VAL GC 24 32.51 80.95 89.23
N PRO GC 25 33.31 80.98 88.16
CA PRO GC 25 34.65 81.56 88.25
C PRO GC 25 34.61 83.01 88.72
N LEU GC 26 35.79 83.52 89.06
CA LEU GC 26 35.92 84.89 89.51
C LEU GC 26 35.75 85.84 88.33
N PRO GC 27 35.43 87.11 88.59
CA PRO GC 27 35.29 88.06 87.48
C PRO GC 27 36.60 88.35 86.79
N ALA GC 28 36.59 89.21 85.77
CA ALA GC 28 37.79 89.57 85.04
C ALA GC 28 38.38 88.37 84.32
N VAL GC 29 38.87 87.39 85.08
CA VAL GC 29 39.47 86.20 84.47
C VAL GC 29 38.45 85.45 83.64
N VAL GC 30 37.22 85.36 84.13
CA VAL GC 30 36.17 84.66 83.39
C VAL GC 30 35.93 85.33 82.04
N LEU GC 31 36.16 86.64 81.95
CA LEU GC 31 35.97 87.34 80.68
C LEU GC 31 36.96 86.89 79.62
N LYS GC 32 38.04 86.20 80.01
CA LYS GC 32 39.04 85.79 79.04
C LYS GC 32 38.46 84.80 78.02
N HIS GC 33 37.60 83.88 78.49
CA HIS GC 33 36.96 82.95 77.57
C HIS GC 33 36.18 83.68 76.50
N VAL GC 34 35.74 84.92 76.77
CA VAL GC 34 35.01 85.69 75.76
C VAL GC 34 35.90 85.91 74.54
N LYS GC 35 37.15 86.33 74.78
CA LYS GC 35 38.06 86.59 73.67
C LYS GC 35 38.35 85.32 72.88
N LEU GC 36 38.52 84.20 73.58
CA LEU GC 36 38.87 82.95 72.93
C LEU GC 36 37.73 82.40 72.08
N ILE GC 37 36.52 82.95 72.22
CA ILE GC 37 35.36 82.45 71.48
C ILE GC 37 34.93 83.49 70.46
N LEU GC 38 35.24 84.76 70.73
CA LEU GC 38 34.95 85.83 69.78
C LEU GC 38 36.08 86.00 68.77
N THR GC 39 37.31 86.22 69.27
CA THR GC 39 38.44 86.42 68.38
C THR GC 39 38.68 85.20 67.50
N SER GC 40 38.59 84.01 68.10
CA SER GC 40 38.79 82.76 67.36
C SER GC 40 37.46 82.28 66.78
N GLN GC 41 36.85 83.15 65.97
CA GLN GC 41 35.54 82.85 65.40
C GLN GC 41 35.36 83.65 64.12
N LYS GC 42 34.38 83.21 63.32
CA LYS GC 42 34.05 83.87 62.07
C LYS GC 42 32.59 83.55 61.76
N GLU GC 43 32.04 84.22 60.75
CA GLU GC 43 30.64 84.06 60.37
C GLU GC 43 29.73 84.45 61.54
N HIS GC 44 29.81 85.74 61.87
CA HIS GC 44 29.06 86.33 62.98
C HIS GC 44 27.63 85.80 63.02
N GLN GC 45 27.26 85.21 64.15
CA GLN GC 45 25.94 84.66 64.37
C GLN GC 45 25.18 85.49 65.39
N PRO GC 46 23.84 85.41 65.41
CA PRO GC 46 23.07 86.28 66.31
C PRO GC 46 23.46 86.11 67.77
N TRP GC 47 23.74 84.89 68.22
CA TRP GC 47 24.03 84.67 69.63
C TRP GC 47 25.37 85.30 70.02
N MET GC 48 26.28 85.48 69.07
CA MET GC 48 27.57 86.09 69.39
C MET GC 48 27.38 87.52 69.87
N THR GC 49 26.48 88.27 69.24
CA THR GC 49 26.24 89.63 69.69
C THR GC 49 25.68 89.66 71.10
N GLU GC 50 24.80 88.70 71.43
CA GLU GC 50 24.24 88.67 72.77
C GLU GC 50 25.34 88.51 73.82
N MET GC 51 26.28 87.61 73.56
CA MET GC 51 27.40 87.44 74.49
C MET GC 51 28.23 88.72 74.60
N ALA GC 52 28.50 89.36 73.46
CA ALA GC 52 29.32 90.56 73.47
C ALA GC 52 28.66 91.67 74.26
N LEU GC 53 27.35 91.86 74.08
CA LEU GC 53 26.64 92.93 74.76
C LEU GC 53 26.40 92.65 76.24
N LYS GC 54 26.65 91.42 76.68
CA LYS GC 54 26.52 91.06 78.09
C LYS GC 54 27.85 91.11 78.82
N ALA GC 55 28.91 90.57 78.22
CA ALA GC 55 30.21 90.57 78.88
C ALA GC 55 30.72 91.99 79.09
N ASP GC 56 30.56 92.86 78.09
CA ASP GC 56 31.03 94.23 78.20
C ASP GC 56 30.37 94.98 79.35
N GLN GC 57 29.19 94.53 79.79
CA GLN GC 57 28.50 95.22 80.88
C GLN GC 57 29.30 95.13 82.18
N CYS GC 58 29.94 93.97 82.42
CA CYS GC 58 30.72 93.82 83.64
C CYS GC 58 31.82 94.87 83.73
N LEU GC 59 32.49 95.15 82.61
CA LEU GC 59 33.51 96.19 82.60
C LEU GC 59 32.90 97.54 82.95
N ILE GC 60 31.71 97.84 82.43
CA ILE GC 60 31.06 99.10 82.74
C ILE GC 60 30.78 99.21 84.22
N HIS GC 61 30.20 98.16 84.81
CA HIS GC 61 30.00 98.14 86.25
C HIS GC 61 31.34 98.13 86.99
N LYS GC 62 32.31 97.37 86.49
CA LYS GC 62 33.63 97.33 87.10
C LYS GC 62 34.31 98.70 87.01
N ALA GC 63 34.12 99.40 85.89
CA ALA GC 63 34.75 100.70 85.72
C ALA GC 63 34.30 101.70 86.77
N THR GC 64 33.11 101.52 87.35
CA THR GC 64 32.63 102.44 88.37
C THR GC 64 33.42 102.33 89.66
N LEU GC 65 34.17 101.24 89.85
CA LEU GC 65 34.97 101.09 91.07
C LEU GC 65 35.97 102.23 91.22
N ASP GC 66 36.47 102.77 90.11
CA ASP GC 66 37.37 103.91 90.20
C ASP GC 66 36.68 105.09 90.84
N PRO GC 78 24.53 101.27 100.07
CA PRO GC 78 23.73 100.31 99.29
C PRO GC 78 23.98 100.41 97.80
N LEU GC 79 24.22 101.63 97.29
CA LEU GC 79 24.49 101.80 95.87
C LEU GC 79 25.78 101.09 95.46
N ILE GC 80 26.82 101.23 96.28
CA ILE GC 80 28.09 100.59 95.98
C ILE GC 80 27.96 99.07 96.16
N GLU GC 81 27.32 98.64 97.25
CA GLU GC 81 27.16 97.22 97.49
C GLU GC 81 26.30 96.56 96.42
N ALA GC 82 25.23 97.23 96.01
CA ALA GC 82 24.29 96.62 95.07
C ALA GC 82 24.97 96.28 93.75
N MET GC 83 25.81 97.18 93.24
CA MET GC 83 26.46 96.95 91.95
C MET GC 83 27.34 95.70 92.01
N GLN GC 84 28.06 95.50 93.11
CA GLN GC 84 28.93 94.33 93.22
C GLN GC 84 28.12 93.04 93.15
N GLN GC 85 26.94 93.02 93.78
CA GLN GC 85 26.10 91.83 93.75
C GLN GC 85 25.67 91.50 92.33
N ILE GC 86 25.34 92.54 91.54
CA ILE GC 86 24.83 92.31 90.19
C ILE GC 86 25.88 91.61 89.32
N ILE GC 87 27.16 91.93 89.53
CA ILE GC 87 28.21 91.35 88.69
C ILE GC 87 28.18 89.83 88.79
N LEU GC 88 27.94 89.30 89.99
CA LEU GC 88 27.88 87.85 90.15
C LEU GC 88 26.76 87.27 89.29
N ALA GC 89 25.59 87.91 89.29
CA ALA GC 89 24.46 87.40 88.54
C ALA GC 89 24.77 87.38 87.04
N MET GC 90 25.35 88.46 86.53
CA MET GC 90 25.70 88.49 85.11
C MET GC 90 26.79 87.47 84.78
N THR GC 91 27.75 87.30 85.68
CA THR GC 91 28.81 86.33 85.45
C THR GC 91 28.24 84.92 85.33
N ARG GC 92 27.23 84.60 86.14
CA ARG GC 92 26.60 83.28 86.04
C ARG GC 92 25.99 83.06 84.66
N GLU GC 93 25.34 84.10 84.11
CA GLU GC 93 24.75 83.96 82.79
C GLU GC 93 25.82 83.74 81.72
N LEU GC 94 26.96 84.43 81.85
CA LEU GC 94 28.01 84.30 80.86
C LEU GC 94 28.50 82.86 80.76
N TRP GC 95 28.69 82.20 81.90
CA TRP GC 95 29.21 80.83 81.88
C TRP GC 95 28.26 79.89 81.17
N GLY GC 96 26.96 80.04 81.40
CA GLY GC 96 25.99 79.17 80.75
C GLY GC 96 26.07 79.26 79.24
N GLN GC 97 26.22 80.48 78.71
CA GLN GC 97 26.36 80.64 77.26
C GLN GC 97 27.62 79.95 76.76
N ILE GC 98 28.72 80.06 77.51
CA ILE GC 98 29.97 79.44 77.09
C ILE GC 98 29.80 77.93 76.98
N GLN GC 99 29.21 77.33 78.01
CA GLN GC 99 28.94 75.89 77.96
C GLN GC 99 27.92 75.55 76.88
N ARG GC 100 26.97 76.44 76.63
CA ARG GC 100 26.02 76.24 75.54
C ARG GC 100 26.71 76.18 74.19
N HIS GC 101 27.94 76.69 74.10
CA HIS GC 101 28.72 76.65 72.86
C HIS GC 101 29.78 75.55 72.86
N HIS GC 102 30.53 75.41 73.95
CA HIS GC 102 31.59 74.42 74.02
C HIS GC 102 31.02 73.01 74.03
N TYR GC 103 30.25 72.67 75.05
CA TYR GC 103 29.69 71.33 75.20
C TYR GC 103 28.27 71.24 74.65
N GLY GC 104 28.09 71.67 73.40
CA GLY GC 104 26.80 71.60 72.81
C GLY GC 104 25.79 72.47 73.56
N ILE GC 105 24.52 72.22 73.27
CA ILE GC 105 23.43 72.92 73.92
C ILE GC 105 22.49 71.91 74.55
N VAL GC 106 22.47 70.69 74.02
CA VAL GC 106 21.61 69.64 74.56
C VAL GC 106 22.31 68.93 75.72
N GLN GC 107 23.57 68.57 75.52
CA GLN GC 107 24.32 67.88 76.58
C GLN GC 107 24.51 68.76 77.80
N VAL GC 108 24.41 70.08 77.66
CA VAL GC 108 24.61 70.97 78.80
C VAL GC 108 23.54 70.72 79.85
N GLU GC 109 22.29 70.57 79.42
CA GLU GC 109 21.20 70.35 80.37
C GLU GC 109 21.44 69.10 81.21
N HIS GC 110 21.91 68.03 80.57
CA HIS GC 110 22.18 66.79 81.30
C HIS GC 110 23.23 67.01 82.38
N TYR GC 111 24.29 67.75 82.06
CA TYR GC 111 25.36 67.99 83.03
C TYR GC 111 24.82 68.78 84.23
N VAL GC 112 24.11 69.87 83.97
CA VAL GC 112 23.60 70.68 85.07
C VAL GC 112 22.58 69.89 85.87
N LYS GC 113 21.79 69.04 85.19
CA LYS GC 113 20.85 68.19 85.91
C LYS GC 113 21.56 67.34 86.96
N GLN GC 114 22.70 66.75 86.60
CA GLN GC 114 23.45 65.95 87.55
C GLN GC 114 24.11 66.82 88.62
N ILE GC 115 24.55 68.02 88.24
CA ILE GC 115 25.17 68.92 89.20
C ILE GC 115 24.21 69.23 90.35
N THR GC 116 22.95 69.51 90.01
CA THR GC 116 21.97 69.83 91.06
C THR GC 116 21.81 68.67 92.02
N LEU GC 117 21.69 67.45 91.50
CA LEU GC 117 21.55 66.29 92.37
C LEU GC 117 22.82 66.06 93.18
N TRP GC 118 23.98 66.20 92.56
CA TRP GC 118 25.24 65.91 93.24
C TRP GC 118 25.53 66.88 94.38
N GLN GC 119 24.94 68.08 94.35
CA GLN GC 119 25.16 69.07 95.39
C GLN GC 119 24.04 69.15 96.41
N ASP GC 120 22.78 68.97 95.97
CA ASP GC 120 21.66 69.08 96.89
C ASP GC 120 21.70 68.00 97.94
N THR GC 121 22.08 66.78 97.55
CA THR GC 121 22.17 65.69 98.52
C THR GC 121 23.26 66.00 99.55
N PRO GC 122 23.15 65.46 100.76
CA PRO GC 122 24.17 65.74 101.77
C PRO GC 122 25.52 65.21 101.35
N GLN GC 123 26.58 65.89 101.83
CA GLN GC 123 27.94 65.55 101.43
C GLN GC 123 28.30 64.10 101.76
N ALA GC 124 27.60 63.48 102.72
CA ALA GC 124 27.88 62.10 103.08
C ALA GC 124 27.40 61.10 102.04
N PHE GC 125 26.62 61.53 101.05
CA PHE GC 125 26.07 60.63 100.05
C PHE GC 125 26.45 61.00 98.61
N ARG GC 126 27.07 62.16 98.40
CA ARG GC 126 27.35 62.60 97.03
C ARG GC 126 28.21 61.58 96.28
N GLY GC 127 29.43 61.37 96.75
CA GLY GC 127 30.35 60.47 96.09
C GLY GC 127 31.45 61.21 95.35
N ASP GC 128 31.37 61.22 94.03
CA ASP GC 128 32.37 61.87 93.18
C ASP GC 128 31.67 62.83 92.23
N GLN GC 129 32.32 63.96 91.98
CA GLN GC 129 31.75 64.95 91.07
C GLN GC 129 31.62 64.36 89.67
N PRO GC 130 30.49 64.55 88.99
CA PRO GC 130 30.35 64.05 87.61
C PRO GC 130 31.07 64.98 86.64
N LYS GC 131 32.05 64.43 85.94
CA LYS GC 131 32.83 65.23 85.01
C LYS GC 131 31.95 65.73 83.87
N PRO GC 132 32.06 67.01 83.49
CA PRO GC 132 31.24 67.49 82.38
C PRO GC 132 31.65 66.84 81.08
N PRO GC 133 30.74 66.72 80.11
CA PRO GC 133 31.11 66.12 78.82
C PRO GC 133 32.14 66.97 78.09
N SER GC 134 32.97 66.30 77.31
CA SER GC 134 34.02 66.97 76.57
C SER GC 134 33.43 67.74 75.38
N PHE GC 135 34.31 68.32 74.57
CA PHE GC 135 33.89 69.12 73.42
C PHE GC 135 33.43 68.16 72.31
N THR HC 3 -1.73 51.74 110.85
CA THR HC 3 -2.17 50.35 110.71
C THR HC 3 -2.36 49.96 109.25
N PHE HC 4 -2.61 50.93 108.37
CA PHE HC 4 -2.72 50.61 106.95
C PHE HC 4 -1.44 50.02 106.41
N ILE HC 5 -0.29 50.56 106.83
CA ILE HC 5 0.99 50.01 106.38
C ILE HC 5 1.10 48.54 106.76
N GLU HC 6 0.62 48.20 107.96
CA GLU HC 6 0.59 46.80 108.36
C GLU HC 6 -0.29 45.98 107.42
N LEU HC 7 -1.44 46.55 107.01
CA LEU HC 7 -2.31 45.83 106.09
C LEU HC 7 -1.62 45.57 104.75
N VAL HC 8 -0.63 46.40 104.40
CA VAL HC 8 0.12 46.21 103.18
C VAL HC 8 1.48 45.59 103.42
N LYS HC 9 2.01 45.67 104.65
CA LYS HC 9 3.31 45.09 104.94
C LYS HC 9 3.34 43.60 104.61
N ASN HC 10 2.20 42.93 104.68
CA ASN HC 10 2.12 41.52 104.33
C ASN HC 10 1.98 41.29 102.83
N MET HC 11 1.68 42.32 102.05
CA MET HC 11 1.54 42.16 100.62
C MET HC 11 2.87 41.77 99.97
N LYS HC 12 2.78 40.98 98.91
CA LYS HC 12 3.99 40.51 98.23
C LYS HC 12 4.79 41.67 97.66
N GLY HC 13 4.11 42.63 97.04
CA GLY HC 13 4.79 43.72 96.37
C GLY HC 13 5.07 44.91 97.25
N TYR HC 14 4.79 44.78 98.55
CA TYR HC 14 5.04 45.89 99.48
C TYR HC 14 6.53 46.20 99.55
N LYS HC 15 6.84 47.50 99.64
CA LYS HC 15 8.22 47.95 99.67
C LYS HC 15 8.34 49.08 100.69
N GLU HC 16 9.56 49.23 101.22
CA GLU HC 16 9.87 50.30 102.17
C GLU HC 16 10.29 51.54 101.36
N LEU HC 17 9.30 52.22 100.81
CA LEU HC 17 9.57 53.42 100.03
C LEU HC 17 10.11 54.56 100.87
N LEU HC 18 9.93 54.51 102.19
CA LEU HC 18 10.40 55.56 103.08
C LEU HC 18 11.91 55.44 103.22
N LEU HC 19 12.64 56.29 102.50
CA LEU HC 19 14.09 56.25 102.52
C LEU HC 19 14.62 56.82 103.83
N PRO HC 20 15.88 56.55 104.16
CA PRO HC 20 16.44 57.04 105.42
C PRO HC 20 16.33 58.56 105.52
N MET HC 21 16.08 59.04 106.74
CA MET HC 21 15.94 60.48 106.96
C MET HC 21 17.22 61.21 106.59
N GLU HC 22 18.38 60.66 106.97
CA GLU HC 22 19.65 61.29 106.63
C GLU HC 22 19.85 61.37 105.13
N MET HC 23 19.29 60.40 104.39
CA MET HC 23 19.51 60.36 102.94
C MET HC 23 18.92 61.58 102.25
N VAL HC 24 17.71 61.98 102.64
CA VAL HC 24 16.99 63.06 101.97
C VAL HC 24 17.52 64.42 102.45
N PRO HC 25 17.43 65.47 101.62
CA PRO HC 25 17.87 66.80 102.08
C PRO HC 25 16.80 67.53 102.86
N LEU HC 26 17.04 68.80 103.18
CA LEU HC 26 16.08 69.58 103.93
C LEU HC 26 14.82 69.83 103.08
N PRO HC 27 13.69 70.13 103.72
CA PRO HC 27 12.44 70.29 102.96
C PRO HC 27 12.52 71.35 101.87
N ALA HC 28 13.23 72.45 102.13
CA ALA HC 28 13.25 73.55 101.17
C ALA HC 28 13.87 73.12 99.85
N VAL HC 29 14.96 72.34 99.90
CA VAL HC 29 15.65 71.93 98.68
C VAL HC 29 14.77 71.00 97.86
N VAL HC 30 14.03 70.12 98.53
CA VAL HC 30 13.20 69.16 97.79
C VAL HC 30 12.18 69.88 96.94
N LEU HC 31 11.55 70.92 97.48
CA LEU HC 31 10.56 71.67 96.71
C LEU HC 31 11.13 72.18 95.40
N LYS HC 32 12.43 72.48 95.37
CA LYS HC 32 13.05 72.96 94.14
C LYS HC 32 12.96 71.91 93.04
N HIS HC 33 13.23 70.65 93.39
CA HIS HC 33 13.21 69.60 92.37
C HIS HC 33 11.80 69.31 91.90
N VAL HC 34 10.79 69.55 92.73
CA VAL HC 34 9.41 69.30 92.33
C VAL HC 34 9.04 70.19 91.15
N LYS HC 35 9.41 71.47 91.22
CA LYS HC 35 9.18 72.37 90.09
C LYS HC 35 9.96 71.92 88.87
N LEU HC 36 11.22 71.53 89.06
CA LEU HC 36 12.05 71.13 87.94
C LEU HC 36 11.54 69.84 87.29
N ILE HC 37 11.16 68.85 88.08
CA ILE HC 37 10.70 67.59 87.53
C ILE HC 37 9.33 67.76 86.87
N LEU HC 38 8.43 68.48 87.53
CA LEU HC 38 7.12 68.74 86.93
C LEU HC 38 7.25 69.55 85.66
N THR HC 39 8.08 70.59 85.68
CA THR HC 39 8.28 71.42 84.50
C THR HC 39 8.87 70.62 83.35
N SER HC 40 9.90 69.81 83.64
CA SER HC 40 10.54 69.03 82.59
C SER HC 40 9.57 68.03 81.97
N GLN HC 41 8.79 67.35 82.81
CA GLN HC 41 7.88 66.33 82.31
C GLN HC 41 6.77 66.98 81.50
N LYS HC 42 6.35 66.30 80.42
CA LYS HC 42 5.35 66.83 79.51
C LYS HC 42 4.07 66.00 79.50
N GLU HC 43 4.16 64.69 79.33
CA GLU HC 43 2.96 63.87 79.27
C GLU HC 43 2.21 63.93 80.60
N HIS HC 44 0.89 64.03 80.52
CA HIS HC 44 0.05 64.16 81.70
C HIS HC 44 -0.37 62.77 82.19
N GLN HC 45 -0.02 62.47 83.43
CA GLN HC 45 -0.41 61.24 84.12
C GLN HC 45 -0.91 61.61 85.50
N PRO HC 46 -1.70 60.74 86.13
CA PRO HC 46 -2.25 61.07 87.45
C PRO HC 46 -1.19 61.29 88.52
N TRP HC 47 0.00 60.70 88.38
CA TRP HC 47 1.00 60.82 89.44
C TRP HC 47 1.45 62.26 89.61
N MET HC 48 1.70 62.96 88.51
CA MET HC 48 2.12 64.36 88.63
C MET HC 48 1.01 65.22 89.22
N THR HC 49 -0.24 64.95 88.85
CA THR HC 49 -1.35 65.68 89.44
C THR HC 49 -1.42 65.45 90.94
N GLU HC 50 -1.26 64.20 91.37
CA GLU HC 50 -1.25 63.91 92.80
C GLU HC 50 0.07 64.29 93.44
N MET HC 51 1.17 64.26 92.68
CA MET HC 51 2.47 64.62 93.23
C MET HC 51 2.48 66.08 93.70
N ALA HC 52 1.90 66.97 92.90
CA ALA HC 52 1.84 68.38 93.30
C ALA HC 52 1.04 68.57 94.57
N LEU HC 53 -0.10 67.88 94.68
CA LEU HC 53 -0.95 68.02 95.86
C LEU HC 53 -0.22 67.59 97.12
N LYS HC 54 0.52 66.48 97.04
CA LYS HC 54 1.24 66.00 98.21
C LYS HC 54 2.28 67.00 98.67
N ALA HC 55 2.99 67.63 97.73
CA ALA HC 55 4.00 68.62 98.08
C ALA HC 55 3.37 69.93 98.55
N ASP HC 56 2.16 70.22 98.09
CA ASP HC 56 1.53 71.50 98.45
C ASP HC 56 1.32 71.60 99.95
N GLN HC 57 0.93 70.50 100.59
CA GLN HC 57 0.63 70.54 102.03
C GLN HC 57 1.82 71.07 102.81
N CYS HC 58 3.04 70.70 102.41
CA CYS HC 58 4.23 71.16 103.12
C CYS HC 58 4.32 72.69 103.14
N LEU HC 59 3.89 73.34 102.06
CA LEU HC 59 3.96 74.80 102.02
C LEU HC 59 3.08 75.43 103.09
N ILE HC 60 1.88 74.88 103.30
CA ILE HC 60 0.98 75.44 104.30
C ILE HC 60 1.61 75.36 105.68
N HIS HC 61 2.24 74.22 105.99
CA HIS HC 61 2.87 74.06 107.30
C HIS HC 61 4.00 75.05 107.50
N LYS HC 62 4.70 75.42 106.42
CA LYS HC 62 5.77 76.42 106.53
C LYS HC 62 5.22 77.73 107.07
N ALA HC 63 4.13 78.22 106.49
CA ALA HC 63 3.53 79.46 106.95
C ALA HC 63 2.75 79.27 108.25
N THR HC 64 2.12 78.10 108.44
CA THR HC 64 1.36 77.86 109.65
C THR HC 64 2.24 78.01 110.89
N LEU HC 65 3.41 77.37 110.87
CA LEU HC 65 4.33 77.50 112.00
C LEU HC 65 5.04 78.84 111.98
N PRO HC 78 3.86 69.67 122.48
CA PRO HC 78 3.68 68.43 121.71
C PRO HC 78 3.06 68.66 120.33
N LEU HC 79 2.16 69.64 120.23
CA LEU HC 79 1.51 69.89 118.94
C LEU HC 79 2.51 70.43 117.92
N ILE HC 80 3.27 71.45 118.30
CA ILE HC 80 4.23 72.05 117.38
C ILE HC 80 5.32 71.06 117.01
N GLU HC 81 5.83 70.33 118.00
CA GLU HC 81 6.91 69.39 117.75
C GLU HC 81 6.48 68.30 116.76
N ALA HC 82 5.25 67.81 116.91
CA ALA HC 82 4.77 66.77 116.01
C ALA HC 82 4.73 67.26 114.56
N MET HC 83 4.31 68.51 114.36
CA MET HC 83 4.25 69.04 113.00
C MET HC 83 5.63 69.05 112.36
N GLN HC 84 6.66 69.38 113.12
CA GLN HC 84 8.02 69.39 112.57
C GLN HC 84 8.38 68.01 112.04
N GLN HC 85 8.06 66.95 112.79
CA GLN HC 85 8.32 65.60 112.31
C GLN HC 85 7.41 65.24 111.14
N ILE HC 86 6.19 65.76 111.12
CA ILE HC 86 5.27 65.45 110.03
C ILE HC 86 5.81 65.98 108.71
N ILE HC 87 6.36 67.20 108.73
CA ILE HC 87 6.91 67.77 107.50
C ILE HC 87 8.01 66.88 106.96
N LEU HC 88 8.91 66.41 107.83
CA LEU HC 88 9.97 65.53 107.39
C LEU HC 88 9.42 64.20 106.86
N ALA HC 89 8.27 63.77 107.38
CA ALA HC 89 7.68 62.52 106.90
C ALA HC 89 7.30 62.63 105.43
N MET HC 90 6.73 63.76 105.02
CA MET HC 90 6.34 63.93 103.63
C MET HC 90 7.56 64.08 102.72
N THR HC 91 8.64 64.69 103.23
CA THR HC 91 9.83 64.86 102.42
C THR HC 91 10.40 63.53 101.97
N ARG HC 92 10.45 62.55 102.87
CA ARG HC 92 10.93 61.23 102.49
C ARG HC 92 10.06 60.62 101.40
N GLU HC 93 8.74 60.76 101.53
CA GLU HC 93 7.84 60.24 100.52
C GLU HC 93 8.03 60.94 99.18
N LEU HC 94 8.20 62.26 99.22
CA LEU HC 94 8.36 63.01 97.98
C LEU HC 94 9.66 62.63 97.27
N TRP HC 95 10.75 62.50 98.01
CA TRP HC 95 12.03 62.19 97.39
C TRP HC 95 12.00 60.83 96.71
N GLY HC 96 11.16 59.91 97.19
CA GLY HC 96 11.08 58.61 96.55
C GLY HC 96 10.56 58.71 95.13
N GLN HC 97 9.48 59.47 94.93
CA GLN HC 97 8.96 59.66 93.58
C GLN HC 97 9.96 60.38 92.70
N ILE HC 98 10.71 61.32 93.26
CA ILE HC 98 11.72 62.04 92.49
C ILE HC 98 12.76 61.08 91.95
N GLN HC 99 13.31 60.23 92.84
CA GLN HC 99 14.36 59.31 92.42
C GLN HC 99 13.80 58.22 91.51
N ARG HC 100 12.63 57.69 91.84
CA ARG HC 100 12.04 56.64 91.00
C ARG HC 100 11.73 57.14 89.60
N HIS HC 101 11.22 58.38 89.49
CA HIS HC 101 10.91 58.93 88.18
C HIS HC 101 12.18 59.17 87.37
N HIS HC 102 13.20 59.74 88.00
CA HIS HC 102 14.44 60.04 87.27
C HIS HC 102 15.14 58.77 86.82
N TYR HC 103 15.36 57.83 87.74
CA TYR HC 103 16.06 56.60 87.43
C TYR HC 103 15.10 55.46 87.13
N GLY HC 104 14.26 55.11 88.10
CA GLY HC 104 13.34 54.00 87.95
C GLY HC 104 12.96 53.43 89.30
N ILE HC 105 11.83 52.72 89.30
CA ILE HC 105 11.31 52.16 90.55
C ILE HC 105 12.26 51.10 91.09
N VAL HC 106 12.74 50.21 90.22
CA VAL HC 106 13.58 49.12 90.68
C VAL HC 106 14.93 49.64 91.16
N GLN HC 107 15.49 50.62 90.45
CA GLN HC 107 16.84 51.09 90.78
C GLN HC 107 16.88 51.68 92.19
N VAL HC 108 15.88 52.47 92.55
CA VAL HC 108 15.84 53.06 93.89
C VAL HC 108 15.76 51.94 94.93
N GLU HC 109 14.85 51.00 94.73
CA GLU HC 109 14.75 49.86 95.65
C GLU HC 109 16.05 49.07 95.67
N HIS HC 110 16.73 48.99 94.54
CA HIS HC 110 17.98 48.25 94.45
C HIS HC 110 19.14 49.00 95.08
N TYR HC 111 19.17 50.32 94.94
CA TYR HC 111 20.31 51.13 95.38
C TYR HC 111 20.19 51.60 96.82
N VAL HC 112 18.97 51.76 97.34
CA VAL HC 112 18.81 52.29 98.69
C VAL HC 112 19.49 51.40 99.71
N LYS HC 113 19.32 50.08 99.58
CA LYS HC 113 19.87 49.16 100.56
C LYS HC 113 21.39 49.20 100.56
N GLN HC 114 22.00 49.37 99.38
CA GLN HC 114 23.45 49.31 99.29
C GLN HC 114 24.10 50.37 100.17
N ILE HC 115 23.61 51.60 100.11
CA ILE HC 115 24.22 52.67 100.89
C ILE HC 115 24.01 52.45 102.37
N THR HC 116 22.85 51.90 102.75
CA THR HC 116 22.59 51.63 104.16
C THR HC 116 23.60 50.64 104.71
N LEU HC 117 23.92 49.59 103.94
CA LEU HC 117 24.92 48.63 104.37
C LEU HC 117 26.28 49.29 104.56
N TRP HC 118 26.67 50.16 103.63
CA TRP HC 118 27.97 50.81 103.73
C TRP HC 118 28.09 51.62 105.03
N GLN HC 119 26.97 52.08 105.57
CA GLN HC 119 27.00 52.82 106.82
C GLN HC 119 27.03 51.88 108.02
N ASP HC 120 26.12 50.90 108.06
CA ASP HC 120 26.03 49.96 109.17
C ASP HC 120 27.15 48.93 109.03
N THR HC 121 28.36 49.37 109.34
CA THR HC 121 29.55 48.53 109.24
C THR HC 121 30.62 49.14 110.14
N PRO HC 122 31.53 48.33 110.71
CA PRO HC 122 32.52 48.89 111.63
C PRO HC 122 33.53 49.80 110.96
N GLN HC 123 33.08 51.00 110.59
CA GLN HC 123 33.93 52.07 110.07
C GLN HC 123 35.05 51.58 109.16
N ALA HC 124 36.03 50.87 109.72
CA ALA HC 124 37.23 50.53 108.96
C ALA HC 124 36.89 49.77 107.69
N PHE HC 125 36.13 48.68 107.81
CA PHE HC 125 35.72 47.90 106.65
C PHE HC 125 34.36 48.36 106.13
N ARG HC 126 34.19 49.66 105.93
CA ARG HC 126 32.91 50.18 105.46
C ARG HC 126 32.62 49.75 104.04
N GLY HC 127 33.64 49.73 103.19
CA GLY HC 127 33.48 49.34 101.81
C GLY HC 127 34.33 50.16 100.87
N ASP HC 128 33.73 50.67 99.79
CA ASP HC 128 34.45 51.46 98.81
C ASP HC 128 33.62 52.66 98.36
N GLN HC 129 32.79 53.21 99.24
CA GLN HC 129 31.97 54.37 98.92
C GLN HC 129 31.12 54.05 97.68
N PRO HC 130 30.10 53.20 97.82
CA PRO HC 130 29.37 52.75 96.64
C PRO HC 130 28.85 53.92 95.81
N LYS HC 131 29.03 53.80 94.49
CA LYS HC 131 28.65 54.87 93.59
C LYS HC 131 27.13 54.98 93.48
N PRO HC 132 26.59 56.18 93.30
CA PRO HC 132 25.16 56.33 93.09
C PRO HC 132 24.77 55.79 91.72
N PRO HC 133 23.49 55.46 91.51
CA PRO HC 133 23.09 54.86 90.23
C PRO HC 133 23.38 55.78 89.05
N THR IC 3 122.61 2.89 35.01
CA THR IC 3 122.43 3.10 33.58
C THR IC 3 120.98 2.90 33.17
N PHE IC 4 120.32 1.87 33.72
CA PHE IC 4 118.95 1.57 33.32
C PHE IC 4 118.01 2.72 33.66
N ILE IC 5 118.15 3.29 34.85
CA ILE IC 5 117.24 4.35 35.27
C ILE IC 5 117.34 5.54 34.32
N GLU IC 6 118.56 5.82 33.84
CA GLU IC 6 118.72 6.87 32.85
C GLU IC 6 117.91 6.58 31.60
N LEU IC 7 117.88 5.32 31.17
CA LEU IC 7 117.11 4.96 29.98
C LEU IC 7 115.62 5.17 30.21
N VAL IC 8 115.13 4.82 31.40
CA VAL IC 8 113.71 4.96 31.68
C VAL IC 8 113.31 6.42 31.75
N LYS IC 9 114.17 7.26 32.34
CA LYS IC 9 113.86 8.69 32.41
C LYS IC 9 113.66 9.27 31.02
N ASN IC 10 114.26 8.67 30.00
CA ASN IC 10 114.06 9.09 28.62
C ASN IC 10 112.80 8.43 28.05
N MET IC 11 111.67 8.69 28.72
CA MET IC 11 110.40 8.12 28.33
C MET IC 11 109.30 9.15 28.55
N LYS IC 12 108.17 8.92 27.89
CA LYS IC 12 107.06 9.85 27.89
C LYS IC 12 106.06 9.48 28.98
N GLY IC 13 105.55 10.50 29.67
CA GLY IC 13 104.68 10.29 30.80
C GLY IC 13 105.39 9.97 32.09
N TYR IC 14 106.70 10.21 32.16
CA TYR IC 14 107.49 9.87 33.34
C TYR IC 14 107.29 10.95 34.40
N LYS IC 15 106.68 10.57 35.52
CA LYS IC 15 106.47 11.47 36.65
C LYS IC 15 107.35 11.00 37.80
N GLU IC 16 108.24 11.86 38.26
CA GLU IC 16 109.16 11.50 39.33
C GLU IC 16 108.40 11.34 40.64
N LEU IC 17 108.87 10.41 41.47
CA LEU IC 17 108.19 10.11 42.72
C LEU IC 17 109.17 9.92 43.88
N LEU IC 18 110.45 10.27 43.71
CA LEU IC 18 111.46 10.09 44.74
C LEU IC 18 111.97 11.44 45.21
N LEU IC 19 112.01 11.64 46.52
CA LEU IC 19 112.49 12.88 47.09
C LEU IC 19 114.02 12.87 47.18
N PRO IC 20 114.62 14.04 47.38
CA PRO IC 20 116.08 14.09 47.54
C PRO IC 20 116.52 13.28 48.75
N MET IC 21 117.73 12.72 48.65
CA MET IC 21 118.27 11.91 49.74
C MET IC 21 118.36 12.70 51.03
N GLU IC 22 118.49 14.03 50.95
CA GLU IC 22 118.63 14.86 52.12
C GLU IC 22 117.32 15.11 52.86
N MET IC 23 116.18 14.73 52.28
CA MET IC 23 114.88 14.97 52.88
C MET IC 23 114.20 13.71 53.39
N VAL IC 24 114.55 12.54 52.88
CA VAL IC 24 113.91 11.30 53.30
C VAL IC 24 114.28 11.02 54.75
N PRO IC 25 113.41 10.36 55.52
CA PRO IC 25 113.74 10.08 56.92
C PRO IC 25 114.94 9.14 57.03
N LEU IC 26 115.39 8.98 58.27
CA LEU IC 26 116.42 7.99 58.54
C LEU IC 26 115.87 6.59 58.32
N PRO IC 27 116.74 5.61 57.99
CA PRO IC 27 116.23 4.27 57.71
C PRO IC 27 115.44 3.67 58.85
N ALA IC 28 115.84 3.95 60.09
CA ALA IC 28 115.11 3.42 61.23
C ALA IC 28 113.68 3.93 61.26
N VAL IC 29 113.48 5.21 60.95
CA VAL IC 29 112.13 5.78 61.00
C VAL IC 29 111.24 5.16 59.95
N VAL IC 30 111.80 4.87 58.77
CA VAL IC 30 110.97 4.37 57.67
C VAL IC 30 110.34 3.04 58.06
N LEU IC 31 111.12 2.16 58.67
CA LEU IC 31 110.60 0.84 59.04
C LEU IC 31 109.37 0.96 59.93
N LYS IC 32 109.29 2.02 60.72
CA LYS IC 32 108.15 2.18 61.62
C LYS IC 32 106.85 2.29 60.85
N HIS IC 33 106.84 3.07 59.77
CA HIS IC 33 105.63 3.18 58.95
C HIS IC 33 105.31 1.88 58.23
N VAL IC 34 106.33 1.08 57.93
CA VAL IC 34 106.09 -0.17 57.22
C VAL IC 34 105.20 -1.08 58.05
N LYS IC 35 105.48 -1.19 59.35
CA LYS IC 35 104.69 -2.07 60.20
C LYS IC 35 103.25 -1.60 60.28
N LEU IC 36 103.04 -0.28 60.42
CA LEU IC 36 101.69 0.24 60.50
C LEU IC 36 100.95 0.03 59.18
N ILE IC 37 101.58 0.40 58.06
CA ILE IC 37 100.92 0.30 56.78
C ILE IC 37 100.64 -1.16 56.43
N LEU IC 38 101.63 -2.03 56.64
CA LEU IC 38 101.42 -3.45 56.38
C LEU IC 38 100.35 -4.02 57.30
N THR IC 39 100.51 -3.82 58.60
CA THR IC 39 99.61 -4.45 59.56
C THR IC 39 98.22 -3.81 59.53
N SER IC 40 98.17 -2.47 59.51
CA SER IC 40 96.90 -1.75 59.48
C SER IC 40 96.38 -1.69 58.05
N GLN IC 41 96.11 -2.86 57.50
CA GLN IC 41 95.58 -2.98 56.15
C GLN IC 41 94.66 -4.18 56.06
N LYS IC 42 93.68 -4.07 55.16
CA LYS IC 42 92.70 -5.12 54.93
C LYS IC 42 92.65 -5.43 53.44
N GLU IC 43 92.31 -6.68 53.11
CA GLU IC 43 92.24 -7.13 51.73
C GLU IC 43 93.60 -6.93 51.03
N HIS IC 44 94.58 -7.67 51.54
CA HIS IC 44 95.96 -7.58 51.06
C HIS IC 44 96.00 -7.44 49.55
N GLN IC 45 96.85 -6.52 49.08
CA GLN IC 45 96.99 -6.19 47.68
C GLN IC 45 98.41 -6.49 47.22
N PRO IC 46 98.62 -6.66 45.91
CA PRO IC 46 99.96 -7.08 45.44
C PRO IC 46 101.07 -6.14 45.86
N TRP IC 47 100.83 -4.83 45.88
CA TRP IC 47 101.89 -3.88 46.21
C TRP IC 47 102.37 -4.04 47.64
N MET IC 48 101.55 -4.61 48.52
CA MET IC 48 101.99 -4.83 49.90
C MET IC 48 103.17 -5.78 49.94
N THR IC 49 103.14 -6.85 49.13
CA THR IC 49 104.24 -7.79 49.12
C THR IC 49 105.53 -7.14 48.69
N GLU IC 50 105.46 -6.26 47.67
CA GLU IC 50 106.66 -5.59 47.19
C GLU IC 50 107.31 -4.76 48.29
N MET IC 51 106.49 -4.06 49.09
CA MET IC 51 107.04 -3.21 50.14
C MET IC 51 107.82 -4.04 51.15
N ALA IC 52 107.28 -5.19 51.56
CA ALA IC 52 107.94 -6.00 52.58
C ALA IC 52 109.27 -6.54 52.07
N LEU IC 53 109.31 -6.98 50.81
CA LEU IC 53 110.52 -7.58 50.27
C LEU IC 53 111.68 -6.59 50.30
N LYS IC 54 111.43 -5.34 49.89
CA LYS IC 54 112.48 -4.34 49.90
C LYS IC 54 112.91 -4.00 51.33
N ALA IC 55 111.95 -4.02 52.26
CA ALA IC 55 112.26 -3.61 53.63
C ALA IC 55 113.32 -4.51 54.24
N ASP IC 56 113.19 -5.83 54.06
CA ASP IC 56 114.14 -6.74 54.66
C ASP IC 56 115.54 -6.54 54.09
N GLN IC 57 115.64 -6.05 52.86
CA GLN IC 57 116.96 -5.83 52.26
C GLN IC 57 117.75 -4.80 53.05
N CYS IC 58 117.11 -3.71 53.46
CA CYS IC 58 117.79 -2.70 54.26
C CYS IC 58 118.30 -3.28 55.56
N LEU IC 59 117.48 -4.13 56.20
CA LEU IC 59 117.91 -4.77 57.44
C LEU IC 59 119.12 -5.67 57.19
N ILE IC 60 119.11 -6.41 56.08
CA ILE IC 60 120.23 -7.29 55.77
C ILE IC 60 121.51 -6.48 55.62
N HIS IC 61 121.46 -5.39 54.83
CA HIS IC 61 122.61 -4.53 54.70
C HIS IC 61 122.95 -3.87 56.03
N LYS IC 62 121.93 -3.44 56.77
CA LYS IC 62 122.17 -2.82 58.07
C LYS IC 62 122.84 -3.79 59.03
N ALA IC 63 122.39 -5.05 59.04
CA ALA IC 63 122.99 -6.06 59.88
C ALA IC 63 124.37 -6.49 59.39
N THR IC 64 124.78 -6.06 58.22
CA THR IC 64 126.08 -6.43 57.66
C THR IC 64 127.21 -5.53 58.13
N LEU IC 65 126.90 -4.28 58.49
CA LEU IC 65 127.95 -3.35 58.89
C LEU IC 65 128.63 -3.80 60.18
N ASP IC 66 127.88 -4.37 61.13
CA ASP IC 66 128.49 -4.83 62.37
C ASP IC 66 129.60 -5.84 62.12
N PRO IC 78 136.89 0.78 50.79
CA PRO IC 78 135.71 0.96 49.92
C PRO IC 78 134.65 -0.11 50.10
N LEU IC 79 135.05 -1.39 50.07
CA LEU IC 79 134.07 -2.46 50.09
C LEU IC 79 133.23 -2.43 51.36
N ILE IC 80 133.87 -2.22 52.51
CA ILE IC 80 133.14 -2.19 53.77
C ILE IC 80 132.17 -1.01 53.78
N GLU IC 81 132.64 0.16 53.35
CA GLU IC 81 131.81 1.35 53.34
C GLU IC 81 130.91 1.44 52.10
N ALA IC 82 131.18 0.64 51.07
CA ALA IC 82 130.38 0.74 49.84
C ALA IC 82 128.93 0.36 50.09
N MET IC 83 128.69 -0.68 50.88
CA MET IC 83 127.32 -1.12 51.12
C MET IC 83 126.50 -0.04 51.80
N GLN IC 84 127.14 0.81 52.59
CA GLN IC 84 126.40 1.87 53.28
C GLN IC 84 125.72 2.81 52.30
N GLN IC 85 126.29 2.99 51.11
CA GLN IC 85 125.69 3.87 50.12
C GLN IC 85 124.32 3.35 49.69
N ILE IC 86 124.20 2.03 49.50
CA ILE IC 86 122.93 1.46 49.04
C ILE IC 86 121.86 1.62 50.11
N ILE IC 87 122.24 1.51 51.39
CA ILE IC 87 121.27 1.60 52.46
C ILE IC 87 120.50 2.91 52.38
N LEU IC 88 121.21 4.02 52.23
CA LEU IC 88 120.56 5.32 52.10
C LEU IC 88 119.69 5.35 50.85
N ALA IC 89 120.19 4.81 49.74
CA ALA IC 89 119.42 4.80 48.50
C ALA IC 89 118.16 3.97 48.64
N MET IC 90 118.27 2.83 49.31
CA MET IC 90 117.11 1.93 49.43
C MET IC 90 115.94 2.64 50.10
N THR IC 91 116.23 3.50 51.07
CA THR IC 91 115.16 4.24 51.74
C THR IC 91 114.43 5.15 50.76
N ARG IC 92 115.18 5.81 49.87
CA ARG IC 92 114.57 6.76 48.95
C ARG IC 92 113.51 6.10 48.09
N GLU IC 93 113.82 4.92 47.55
CA GLU IC 93 112.81 4.18 46.80
C GLU IC 93 111.73 3.65 47.72
N LEU IC 94 112.11 3.20 48.92
CA LEU IC 94 111.14 2.65 49.85
C LEU IC 94 110.17 3.72 50.33
N TRP IC 95 110.69 4.92 50.64
CA TRP IC 95 109.82 5.98 51.12
C TRP IC 95 108.82 6.42 50.06
N GLY IC 96 109.14 6.21 48.79
CA GLY IC 96 108.22 6.60 47.73
C GLY IC 96 106.90 5.86 47.80
N GLN IC 97 106.95 4.57 48.13
CA GLN IC 97 105.72 3.79 48.22
C GLN IC 97 104.92 4.19 49.44
N ILE IC 98 105.57 4.62 50.52
CA ILE IC 98 104.87 5.03 51.72
C ILE IC 98 103.93 6.19 51.42
N GLN IC 99 104.45 7.21 50.71
CA GLN IC 99 103.64 8.38 50.41
C GLN IC 99 102.50 8.03 49.45
N ARG IC 100 102.71 7.07 48.56
CA ARG IC 100 101.64 6.66 47.67
C ARG IC 100 100.47 6.10 48.46
N HIS IC 101 100.75 5.26 49.46
CA HIS IC 101 99.69 4.71 50.28
C HIS IC 101 99.00 5.80 51.11
N HIS IC 102 99.80 6.66 51.74
CA HIS IC 102 99.23 7.72 52.59
C HIS IC 102 98.53 8.78 51.74
N TYR IC 103 99.29 9.45 50.88
CA TYR IC 103 98.73 10.56 50.11
C TYR IC 103 98.02 10.05 48.87
N GLY IC 104 98.74 9.37 47.98
CA GLY IC 104 98.22 8.93 46.70
C GLY IC 104 99.24 9.22 45.63
N ILE IC 105 99.23 8.39 44.58
CA ILE IC 105 100.23 8.52 43.53
C ILE IC 105 100.12 9.87 42.83
N VAL IC 106 98.90 10.30 42.51
CA VAL IC 106 98.71 11.54 41.77
C VAL IC 106 99.21 12.73 42.59
N GLN IC 107 98.85 12.78 43.86
CA GLN IC 107 99.22 13.91 44.69
C GLN IC 107 100.73 13.98 44.88
N VAL IC 108 101.39 12.82 44.97
CA VAL IC 108 102.84 12.82 45.20
C VAL IC 108 103.57 13.50 44.05
N GLU IC 109 103.16 13.22 42.81
CA GLU IC 109 103.82 13.81 41.66
C GLU IC 109 103.88 15.32 41.78
N HIS IC 110 102.74 15.95 42.12
CA HIS IC 110 102.71 17.39 42.30
C HIS IC 110 103.63 17.83 43.43
N TYR IC 111 103.60 17.09 44.54
CA TYR IC 111 104.39 17.49 45.71
C TYR IC 111 105.88 17.49 45.40
N VAL IC 112 106.36 16.47 44.69
CA VAL IC 112 107.80 16.37 44.42
C VAL IC 112 108.26 17.56 43.57
N LYS IC 113 107.52 17.86 42.51
CA LYS IC 113 107.91 18.98 41.64
C LYS IC 113 107.88 20.28 42.41
N GLN IC 114 106.86 20.48 43.25
CA GLN IC 114 106.83 21.67 44.09
C GLN IC 114 108.04 21.73 44.99
N ILE IC 115 108.42 20.60 45.59
CA ILE IC 115 109.63 20.55 46.40
C ILE IC 115 110.85 20.83 45.55
N THR IC 116 110.91 20.23 44.35
CA THR IC 116 112.08 20.41 43.50
C THR IC 116 112.26 21.88 43.13
N LEU IC 117 111.20 22.52 42.66
CA LEU IC 117 111.27 23.95 42.35
C LEU IC 117 111.60 24.76 43.60
N TRP IC 118 110.98 24.41 44.72
CA TRP IC 118 111.29 25.10 45.98
C TRP IC 118 112.76 24.93 46.34
N GLN IC 119 113.29 23.72 46.19
CA GLN IC 119 114.71 23.51 46.45
C GLN IC 119 115.58 24.19 45.41
N ASP IC 120 115.12 24.23 44.16
CA ASP IC 120 115.92 24.83 43.09
C ASP IC 120 116.11 26.32 43.32
N THR IC 121 115.05 27.01 43.72
CA THR IC 121 115.14 28.46 43.90
C THR IC 121 116.14 28.78 45.01
N PRO IC 122 116.95 29.83 44.86
CA PRO IC 122 117.91 30.17 45.92
C PRO IC 122 117.22 30.49 47.22
N GLN IC 123 117.90 30.15 48.32
CA GLN IC 123 117.32 30.32 49.66
C GLN IC 123 117.00 31.78 49.97
N ALA IC 124 117.63 32.72 49.27
CA ALA IC 124 117.38 34.14 49.55
C ALA IC 124 115.92 34.50 49.31
N PHE IC 125 115.35 33.99 48.22
CA PHE IC 125 113.96 34.25 47.86
C PHE IC 125 113.21 32.94 47.63
N ARG IC 126 113.63 31.87 48.32
CA ARG IC 126 113.03 30.57 48.10
C ARG IC 126 111.55 30.55 48.48
N GLY IC 127 111.21 31.16 49.61
CA GLY IC 127 109.84 31.18 50.08
C GLY IC 127 109.54 30.06 51.04
N ASP IC 128 108.30 30.05 51.52
CA ASP IC 128 107.87 29.04 52.47
C ASP IC 128 107.83 27.67 51.82
N GLN IC 129 108.30 26.66 52.56
CA GLN IC 129 108.30 25.31 52.05
C GLN IC 129 106.87 24.81 51.90
N PRO IC 130 106.51 24.22 50.76
CA PRO IC 130 105.12 23.74 50.59
C PRO IC 130 104.82 22.58 51.52
N LYS IC 131 103.56 22.47 51.89
CA LYS IC 131 103.10 21.43 52.79
C LYS IC 131 102.69 20.19 52.01
N PRO IC 132 102.69 19.02 52.64
CA PRO IC 132 102.31 17.79 51.95
C PRO IC 132 100.87 17.86 51.46
N PRO IC 133 100.50 17.02 50.48
CA PRO IC 133 99.11 17.04 49.99
C PRO IC 133 98.13 16.49 51.00
N SER IC 134 96.86 16.41 50.59
CA SER IC 134 95.82 15.84 51.44
C SER IC 134 95.84 14.33 51.38
N PHE IC 135 95.47 13.69 52.48
CA PHE IC 135 95.47 12.25 52.55
C PHE IC 135 94.41 11.65 51.62
N THR JC 3 111.38 -10.69 59.19
CA THR JC 3 110.11 -10.66 59.91
C THR JC 3 109.00 -9.97 59.15
N PHE JC 4 109.30 -8.90 58.42
CA PHE JC 4 108.25 -8.18 57.70
C PHE JC 4 107.58 -9.07 56.66
N ILE JC 5 108.37 -9.84 55.92
CA ILE JC 5 107.80 -10.72 54.92
C ILE JC 5 106.90 -11.75 55.57
N GLU JC 6 107.26 -12.21 56.77
CA GLU JC 6 106.42 -13.17 57.48
C GLU JC 6 105.06 -12.57 57.79
N LEU JC 7 105.03 -11.29 58.17
CA LEU JC 7 103.75 -10.64 58.47
C LEU JC 7 102.85 -10.64 57.24
N VAL JC 8 103.42 -10.38 56.06
CA VAL JC 8 102.63 -10.41 54.84
C VAL JC 8 102.08 -11.81 54.60
N LYS JC 9 102.91 -12.84 54.80
CA LYS JC 9 102.48 -14.21 54.61
C LYS JC 9 101.38 -14.59 55.59
N ASN JC 10 101.19 -13.82 56.65
CA ASN JC 10 100.13 -14.07 57.63
C ASN JC 10 98.84 -13.36 57.29
N MET JC 11 98.78 -12.66 56.15
CA MET JC 11 97.61 -11.88 55.80
C MET JC 11 96.53 -12.77 55.19
N LYS JC 12 95.45 -12.14 54.75
CA LYS JC 12 94.33 -12.80 54.09
C LYS JC 12 94.33 -12.42 52.63
N GLY JC 13 94.22 -13.43 51.76
CA GLY JC 13 94.26 -13.20 50.33
C GLY JC 13 95.65 -13.15 49.73
N TYR JC 14 96.70 -13.25 50.54
CA TYR JC 14 98.05 -13.24 50.02
C TYR JC 14 98.30 -14.47 49.16
N LYS JC 15 99.03 -14.28 48.06
CA LYS JC 15 99.33 -15.35 47.13
C LYS JC 15 100.78 -15.23 46.69
N GLU JC 16 101.45 -16.38 46.58
CA GLU JC 16 102.85 -16.39 46.19
C GLU JC 16 103.00 -15.99 44.73
N LEU JC 17 104.07 -15.25 44.45
CA LEU JC 17 104.40 -14.86 43.08
C LEU JC 17 105.85 -15.15 42.71
N LEU JC 18 106.72 -15.44 43.68
CA LEU JC 18 108.10 -15.73 43.40
C LEU JC 18 108.27 -17.22 43.08
N LEU JC 19 109.52 -17.64 42.90
CA LEU JC 19 109.85 -19.00 42.52
C LEU JC 19 111.01 -19.48 43.37
N PRO JC 20 111.22 -20.80 43.45
CA PRO JC 20 112.35 -21.32 44.22
C PRO JC 20 113.68 -20.78 43.69
N MET JC 21 114.62 -20.59 44.62
CA MET JC 21 115.92 -20.04 44.26
C MET JC 21 116.56 -20.83 43.13
N GLU JC 22 116.36 -22.16 43.13
CA GLU JC 22 116.95 -22.99 42.08
C GLU JC 22 116.36 -22.66 40.72
N MET JC 23 115.05 -22.42 40.65
CA MET JC 23 114.38 -22.11 39.39
C MET JC 23 114.47 -20.61 39.11
N VAL JC 24 115.69 -20.10 39.11
CA VAL JC 24 115.95 -18.69 38.83
C VAL JC 24 117.13 -18.60 37.87
N PRO JC 25 117.00 -17.90 36.75
CA PRO JC 25 118.13 -17.78 35.82
C PRO JC 25 119.35 -17.19 36.48
N LEU JC 26 120.47 -17.29 35.77
CA LEU JC 26 121.72 -16.76 36.26
C LEU JC 26 121.70 -15.23 36.19
N PRO JC 27 122.57 -14.56 36.97
CA PRO JC 27 122.61 -13.10 36.91
C PRO JC 27 123.11 -12.58 35.57
N ALA JC 28 123.19 -11.26 35.43
CA ALA JC 28 123.67 -10.65 34.20
C ALA JC 28 122.75 -10.97 33.03
N VAL JC 29 122.69 -12.23 32.63
CA VAL JC 29 121.86 -12.62 31.49
C VAL JC 29 120.39 -12.34 31.79
N VAL JC 30 119.97 -12.59 33.03
CA VAL JC 30 118.58 -12.34 33.40
C VAL JC 30 118.24 -10.87 33.23
N LEU JC 31 119.23 -9.99 33.40
CA LEU JC 31 118.99 -8.56 33.24
C LEU JC 31 118.61 -8.19 31.81
N LYS JC 32 118.87 -9.08 30.84
CA LYS JC 32 118.57 -8.75 29.46
C LYS JC 32 117.09 -8.56 29.23
N HIS JC 33 116.25 -9.37 29.88
CA HIS JC 33 114.81 -9.19 29.76
C HIS JC 33 114.38 -7.80 30.20
N VAL JC 34 115.16 -7.15 31.06
CA VAL JC 34 114.84 -5.80 31.48
C VAL JC 34 114.82 -4.86 30.29
N LYS JC 35 115.85 -4.94 29.44
CA LYS JC 35 115.92 -4.07 28.28
C LYS JC 35 114.77 -4.35 27.31
N LEU JC 36 114.43 -5.62 27.12
CA LEU JC 36 113.39 -5.98 26.16
C LEU JC 36 112.01 -5.54 26.62
N ILE JC 37 111.86 -5.12 27.87
CA ILE JC 37 110.56 -4.72 28.40
C ILE JC 37 110.55 -3.23 28.66
N LEU JC 38 111.72 -2.65 28.89
CA LEU JC 38 111.85 -1.21 29.06
C LEU JC 38 112.04 -0.49 27.73
N THR JC 39 113.04 -0.91 26.95
CA THR JC 39 113.30 -0.26 25.67
C THR JC 39 112.11 -0.44 24.73
N SER JC 40 111.54 -1.63 24.69
CA SER JC 40 110.38 -1.91 23.83
C SER JC 40 109.09 -1.60 24.58
N GLN JC 41 108.98 -0.35 25.03
CA GLN JC 41 107.83 0.08 25.80
C GLN JC 41 107.65 1.58 25.66
N LYS JC 42 106.46 2.04 26.03
CA LYS JC 42 106.10 3.45 26.00
C LYS JC 42 104.99 3.67 27.01
N GLU JC 43 104.68 4.95 27.26
CA GLU JC 43 103.68 5.32 28.25
C GLU JC 43 104.09 4.83 29.64
N HIS JC 44 105.20 5.39 30.10
CA HIS JC 44 105.79 5.05 31.39
C HIS JC 44 104.74 4.88 32.46
N GLN JC 45 104.72 3.71 33.08
CA GLN JC 45 103.78 3.37 34.13
C GLN JC 45 104.51 3.24 35.47
N PRO JC 46 103.79 3.38 36.59
CA PRO JC 46 104.47 3.36 37.90
C PRO JC 46 105.29 2.11 38.13
N TRP JC 47 104.81 0.94 37.70
CA TRP JC 47 105.53 -0.30 37.98
C TRP JC 47 106.83 -0.37 37.20
N MET JC 48 106.92 0.32 36.07
CA MET JC 48 108.15 0.30 35.29
C MET JC 48 109.31 0.88 36.07
N THR JC 49 109.07 1.97 36.81
CA THR JC 49 110.12 2.55 37.63
C THR JC 49 110.59 1.59 38.71
N GLU JC 50 109.65 0.85 39.31
CA GLU JC 50 110.02 -0.11 40.35
C GLU JC 50 110.99 -1.14 39.79
N MET JC 51 110.71 -1.67 38.60
CA MET JC 51 111.62 -2.63 37.99
C MET JC 51 112.97 -2.01 37.72
N ALA JC 52 112.98 -0.78 37.20
CA ALA JC 52 114.24 -0.13 36.86
C ALA JC 52 115.10 0.10 38.10
N LEU JC 53 114.48 0.54 39.19
CA LEU JC 53 115.22 0.82 40.41
C LEU JC 53 115.65 -0.43 41.15
N LYS JC 54 115.14 -1.60 40.76
CA LYS JC 54 115.55 -2.87 41.36
C LYS JC 54 116.62 -3.58 40.55
N ALA JC 55 116.47 -3.63 39.22
CA ALA JC 55 117.45 -4.30 38.38
C ALA JC 55 118.81 -3.61 38.46
N ASP JC 56 118.82 -2.28 38.45
CA ASP JC 56 120.08 -1.54 38.50
C ASP JC 56 120.85 -1.83 39.79
N GLN JC 57 120.17 -2.28 40.84
CA GLN JC 57 120.87 -2.56 42.09
C GLN JC 57 121.86 -3.70 41.92
N CYS JC 58 121.51 -4.71 41.14
CA CYS JC 58 122.40 -5.85 40.93
C CYS JC 58 123.74 -5.39 40.36
N LEU JC 59 123.70 -4.47 39.40
CA LEU JC 59 124.93 -3.93 38.84
C LEU JC 59 125.76 -3.24 39.91
N ILE JC 60 125.10 -2.49 40.80
CA ILE JC 60 125.82 -1.80 41.87
C ILE JC 60 126.51 -2.81 42.77
N HIS JC 61 125.79 -3.85 43.19
CA HIS JC 61 126.40 -4.92 43.96
C HIS JC 61 127.44 -5.67 43.13
N LYS JC 62 127.13 -5.92 41.86
CA LYS JC 62 128.08 -6.59 40.97
C LYS JC 62 129.33 -5.74 40.77
N ALA JC 63 129.15 -4.42 40.67
CA ALA JC 63 130.29 -3.54 40.45
C ALA JC 63 131.31 -3.62 41.58
N THR JC 64 130.88 -4.00 42.78
CA THR JC 64 131.81 -4.10 43.91
C THR JC 64 132.78 -5.26 43.74
N LEU JC 65 132.49 -6.21 42.84
CA LEU JC 65 133.40 -7.33 42.64
C LEU JC 65 134.77 -6.85 42.18
N ASP JC 66 134.84 -5.74 41.45
CA ASP JC 66 136.14 -5.19 41.06
C ASP JC 66 136.96 -4.82 42.29
N PRO JC 78 132.90 -12.50 55.42
CA PRO JC 78 131.43 -12.42 55.47
C PRO JC 78 130.88 -11.26 54.66
N LEU JC 79 131.58 -10.13 54.61
CA LEU JC 79 131.11 -8.99 53.84
C LEU JC 79 131.06 -9.33 52.35
N ILE JC 80 132.09 -10.00 51.84
CA ILE JC 80 132.11 -10.37 50.44
C ILE JC 80 131.09 -11.46 50.16
N GLU JC 81 131.02 -12.47 51.04
CA GLU JC 81 130.06 -13.55 50.85
C GLU JC 81 128.63 -13.05 50.93
N ALA JC 82 128.35 -12.15 51.88
CA ALA JC 82 126.97 -11.70 52.10
C ALA JC 82 126.41 -11.03 50.86
N MET JC 83 127.20 -10.19 50.19
CA MET JC 83 126.71 -9.47 49.02
C MET JC 83 126.29 -10.44 47.92
N GLN JC 84 127.08 -11.50 47.71
CA GLN JC 84 126.75 -12.45 46.66
C GLN JC 84 125.41 -13.12 46.93
N GLN JC 85 125.12 -13.44 48.20
CA GLN JC 85 123.85 -14.07 48.54
C GLN JC 85 122.68 -13.15 48.22
N ILE JC 86 122.84 -11.85 48.47
CA ILE JC 86 121.73 -10.91 48.27
C ILE JC 86 121.34 -10.85 46.80
N ILE JC 87 122.30 -10.99 45.90
CA ILE JC 87 122.00 -10.88 44.47
C ILE JC 87 120.96 -11.93 44.08
N LEU JC 88 121.08 -13.14 44.62
CA LEU JC 88 120.11 -14.18 44.30
C LEU JC 88 118.70 -13.77 44.73
N ALA JC 89 118.58 -13.18 45.92
CA ALA JC 89 117.26 -12.77 46.41
C ALA JC 89 116.65 -11.72 45.51
N MET JC 90 117.43 -10.72 45.12
CA MET JC 90 116.91 -9.68 44.23
C MET JC 90 116.58 -10.25 42.87
N THR JC 91 117.40 -11.17 42.36
CA THR JC 91 117.12 -11.78 41.07
C THR JC 91 115.79 -12.50 41.08
N ARG JC 92 115.47 -13.18 42.18
CA ARG JC 92 114.19 -13.86 42.29
C ARG JC 92 113.02 -12.89 42.15
N GLU JC 93 113.14 -11.72 42.79
CA GLU JC 93 112.07 -10.73 42.70
C GLU JC 93 111.91 -10.22 41.27
N LEU JC 94 113.04 -10.05 40.56
CA LEU JC 94 112.97 -9.53 39.20
C LEU JC 94 112.14 -10.45 38.31
N TRP JC 95 112.35 -11.77 38.43
CA TRP JC 95 111.65 -12.69 37.55
C TRP JC 95 110.15 -12.64 37.78
N GLY JC 96 109.72 -12.54 39.04
CA GLY JC 96 108.29 -12.47 39.32
C GLY JC 96 107.63 -11.29 38.65
N GLN JC 97 108.29 -10.13 38.67
CA GLN JC 97 107.74 -8.96 37.99
C GLN JC 97 107.62 -9.19 36.49
N ILE JC 98 108.63 -9.84 35.91
CA ILE JC 98 108.62 -10.11 34.47
C ILE JC 98 107.41 -10.98 34.11
N GLN JC 99 107.22 -12.06 34.87
CA GLN JC 99 106.06 -12.91 34.64
C GLN JC 99 104.76 -12.17 34.94
N ARG JC 100 104.78 -11.27 35.93
CA ARG JC 100 103.61 -10.45 36.22
C ARG JC 100 103.22 -9.58 35.04
N HIS JC 101 104.14 -9.36 34.11
CA HIS JC 101 103.88 -8.56 32.91
C HIS JC 101 103.63 -9.42 31.67
N HIS JC 102 104.46 -10.44 31.45
CA HIS JC 102 104.34 -11.28 30.27
C HIS JC 102 103.07 -12.11 30.33
N TYR JC 103 102.96 -12.99 31.32
CA TYR JC 103 101.82 -13.89 31.46
C TYR JC 103 100.77 -13.33 32.41
N GLY JC 104 100.36 -12.09 32.17
CA GLY JC 104 99.35 -11.51 33.00
C GLY JC 104 99.84 -11.37 34.44
N ILE JC 105 98.88 -11.12 35.33
CA ILE JC 105 99.17 -11.01 36.76
C ILE JC 105 98.31 -12.02 37.52
N VAL JC 106 97.17 -12.40 36.93
CA VAL JC 106 96.28 -13.35 37.58
C VAL JC 106 96.71 -14.78 37.26
N GLN JC 107 96.99 -15.05 35.98
CA GLN JC 107 97.42 -16.39 35.58
C GLN JC 107 98.76 -16.78 36.20
N VAL JC 108 99.57 -15.79 36.62
CA VAL JC 108 100.86 -16.10 37.21
C VAL JC 108 100.69 -16.91 38.49
N GLU JC 109 99.74 -16.51 39.34
CA GLU JC 109 99.54 -17.20 40.60
C GLU JC 109 99.20 -18.67 40.37
N HIS JC 110 98.36 -18.95 39.36
CA HIS JC 110 98.00 -20.33 39.08
C HIS JC 110 99.23 -21.15 38.69
N TYR JC 111 100.11 -20.59 37.87
CA TYR JC 111 101.30 -21.31 37.46
C TYR JC 111 102.19 -21.63 38.64
N VAL JC 112 102.49 -20.62 39.47
CA VAL JC 112 103.35 -20.86 40.63
C VAL JC 112 102.69 -21.82 41.59
N LYS JC 113 101.36 -21.75 41.73
CA LYS JC 113 100.66 -22.71 42.58
C LYS JC 113 100.96 -24.13 42.15
N GLN JC 114 100.93 -24.41 40.85
CA GLN JC 114 101.22 -25.76 40.36
C GLN JC 114 102.71 -26.09 40.52
N ILE JC 115 103.58 -25.08 40.35
CA ILE JC 115 105.01 -25.31 40.49
C ILE JC 115 105.33 -25.84 41.89
N THR JC 116 104.73 -25.23 42.91
CA THR JC 116 105.00 -25.66 44.28
C THR JC 116 104.59 -27.12 44.48
N LEU JC 117 103.41 -27.50 43.99
CA LEU JC 117 102.97 -28.88 44.13
C LEU JC 117 103.85 -29.82 43.31
N TRP JC 118 104.22 -29.42 42.10
CA TRP JC 118 104.99 -30.30 41.22
C TRP JC 118 106.38 -30.57 41.75
N GLN JC 119 106.92 -29.69 42.61
CA GLN JC 119 108.26 -29.85 43.15
C GLN JC 119 108.27 -30.41 44.57
N ASP JC 120 107.30 -30.02 45.39
CA ASP JC 120 107.28 -30.48 46.78
C ASP JC 120 107.08 -31.99 46.86
N THR JC 121 106.21 -32.53 46.00
CA THR JC 121 106.00 -33.97 46.01
C THR JC 121 107.27 -34.69 45.59
N PRO JC 122 107.46 -35.93 46.04
CA PRO JC 122 108.68 -36.66 45.68
C PRO JC 122 108.78 -36.88 44.19
N GLN JC 123 110.01 -36.95 43.69
CA GLN JC 123 110.25 -37.06 42.25
C GLN JC 123 109.59 -38.29 41.65
N ALA JC 124 109.28 -39.30 42.46
CA ALA JC 124 108.65 -40.51 41.96
C ALA JC 124 107.18 -40.32 41.63
N PHE JC 125 106.58 -39.17 42.01
CA PHE JC 125 105.17 -38.93 41.78
C PHE JC 125 104.89 -37.67 40.97
N ARG JC 126 105.89 -36.84 40.69
CA ARG JC 126 105.65 -35.58 40.02
C ARG JC 126 104.99 -35.79 38.66
N GLY JC 127 105.68 -36.46 37.75
CA GLY JC 127 105.18 -36.68 36.41
C GLY JC 127 105.86 -35.80 35.39
N ASP JC 128 105.16 -34.79 34.89
CA ASP JC 128 105.68 -33.87 33.88
C ASP JC 128 105.53 -32.44 34.37
N GLN JC 129 106.51 -31.61 34.05
CA GLN JC 129 106.46 -30.21 34.46
C GLN JC 129 105.27 -29.53 33.79
N PRO JC 130 104.50 -28.73 34.54
CA PRO JC 130 103.37 -28.00 33.92
C PRO JC 130 103.87 -26.78 33.18
N LYS JC 131 103.63 -26.74 31.87
CA LYS JC 131 104.11 -25.64 31.06
C LYS JC 131 103.44 -24.33 31.48
N PRO JC 132 104.19 -23.23 31.62
CA PRO JC 132 103.57 -21.97 31.99
C PRO JC 132 102.65 -21.48 30.89
N PRO JC 133 101.62 -20.70 31.23
CA PRO JC 133 100.73 -20.17 30.20
C PRO JC 133 101.47 -19.22 29.27
N SER JC 134 101.01 -19.18 28.01
CA SER JC 134 101.63 -18.34 27.01
C SER JC 134 101.26 -16.87 27.25
N PHE JC 135 101.70 -16.01 26.33
CA PHE JC 135 101.46 -14.57 26.43
C PHE JC 135 100.00 -14.29 26.09
N THR KC 3 90.55 -48.85 67.41
CA THR KC 3 89.29 -49.57 67.31
C THR KC 3 88.18 -48.71 66.73
N PHE KC 4 88.28 -47.38 66.87
CA PHE KC 4 87.28 -46.51 66.28
C PHE KC 4 87.23 -46.67 64.77
N ILE KC 5 88.39 -46.80 64.12
CA ILE KC 5 88.41 -46.99 62.68
C ILE KC 5 87.64 -48.25 62.31
N GLU KC 6 87.77 -49.30 63.11
CA GLU KC 6 86.98 -50.50 62.88
C GLU KC 6 85.48 -50.20 62.99
N LEU KC 7 85.11 -49.36 63.97
CA LEU KC 7 83.69 -49.01 64.10
C LEU KC 7 83.19 -48.27 62.88
N VAL KC 8 84.08 -47.61 62.14
CA VAL KC 8 83.69 -46.92 60.92
C VAL KC 8 84.07 -47.70 59.67
N LYS KC 9 85.02 -48.65 59.77
CA LYS KC 9 85.40 -49.42 58.59
C LYS KC 9 84.20 -50.14 57.98
N ASN KC 10 83.20 -50.46 58.79
CA ASN KC 10 81.99 -51.10 58.28
C ASN KC 10 81.00 -50.11 57.70
N MET KC 11 81.18 -48.81 57.93
CA MET KC 11 80.26 -47.81 57.40
C MET KC 11 80.32 -47.78 55.88
N LYS KC 12 79.18 -47.47 55.27
CA LYS KC 12 79.11 -47.44 53.81
C LYS KC 12 80.03 -46.38 53.23
N GLY KC 13 80.06 -45.19 53.84
CA GLY KC 13 80.82 -44.08 53.30
C GLY KC 13 82.25 -44.01 53.81
N TYR KC 14 82.68 -45.03 54.54
CA TYR KC 14 84.03 -45.05 55.06
C TYR KC 14 85.04 -45.11 53.92
N LYS KC 15 86.15 -44.39 54.08
CA LYS KC 15 87.18 -44.32 53.05
C LYS KC 15 88.55 -44.37 53.70
N GLU KC 16 89.53 -44.84 52.95
CA GLU KC 16 90.92 -44.89 53.41
C GLU KC 16 91.58 -43.56 53.07
N LEU KC 17 91.28 -42.56 53.90
CA LEU KC 17 91.86 -41.23 53.70
C LEU KC 17 93.36 -41.21 53.93
N LEU KC 18 93.91 -42.21 54.63
CA LEU KC 18 95.33 -42.27 54.92
C LEU KC 18 96.08 -42.65 53.65
N LEU KC 19 96.67 -41.67 52.98
CA LEU KC 19 97.36 -41.92 51.74
C LEU KC 19 98.70 -42.61 52.01
N PRO KC 20 99.31 -43.21 51.00
CA PRO KC 20 100.58 -43.92 51.20
C PRO KC 20 101.64 -42.99 51.79
N MET KC 21 102.47 -43.57 52.67
CA MET KC 21 103.52 -42.78 53.31
C MET KC 21 104.48 -42.21 52.27
N GLU KC 22 104.87 -43.02 51.28
CA GLU KC 22 105.78 -42.54 50.25
C GLU KC 22 105.16 -41.39 49.47
N MET KC 23 103.84 -41.38 49.34
CA MET KC 23 103.18 -40.35 48.53
C MET KC 23 103.39 -38.96 49.13
N VAL KC 24 103.26 -38.83 50.44
CA VAL KC 24 103.33 -37.52 51.09
C VAL KC 24 104.78 -37.08 51.25
N PRO KC 25 105.05 -35.78 51.30
CA PRO KC 25 106.43 -35.31 51.51
C PRO KC 25 106.81 -35.28 52.98
N LEU KC 26 107.98 -34.74 53.30
CA LEU KC 26 108.43 -34.65 54.68
C LEU KC 26 107.55 -33.68 55.46
N PRO KC 27 107.52 -33.80 56.78
CA PRO KC 27 106.62 -32.95 57.58
C PRO KC 27 106.85 -31.47 57.37
N ALA KC 28 108.10 -31.05 57.22
CA ALA KC 28 108.39 -29.62 57.12
C ALA KC 28 107.73 -29.00 55.90
N VAL KC 29 107.76 -29.70 54.76
CA VAL KC 29 107.20 -29.14 53.54
C VAL KC 29 105.69 -28.99 53.65
N VAL KC 30 105.03 -29.95 54.31
CA VAL KC 30 103.58 -29.92 54.42
C VAL KC 30 103.13 -28.66 55.15
N LEU KC 31 103.82 -28.31 56.22
CA LEU KC 31 103.46 -27.11 56.98
C LEU KC 31 103.44 -25.88 56.09
N LYS KC 32 104.29 -25.84 55.06
CA LYS KC 32 104.31 -24.71 54.16
C LYS KC 32 102.97 -24.55 53.45
N HIS KC 33 102.39 -25.65 52.98
CA HIS KC 33 101.12 -25.57 52.26
C HIS KC 33 99.97 -25.19 53.18
N VAL KC 34 100.07 -25.53 54.46
CA VAL KC 34 98.99 -25.18 55.40
C VAL KC 34 98.84 -23.67 55.49
N LYS KC 35 99.96 -22.95 55.59
CA LYS KC 35 99.89 -21.50 55.58
C LYS KC 35 99.34 -20.98 54.26
N LEU KC 36 99.79 -21.55 53.15
CA LEU KC 36 99.36 -21.08 51.84
C LEU KC 36 97.87 -21.35 51.62
N ILE KC 37 97.39 -22.54 51.98
CA ILE KC 37 96.00 -22.87 51.75
C ILE KC 37 95.10 -22.07 52.70
N LEU KC 38 95.49 -21.97 53.97
CA LEU KC 38 94.70 -21.18 54.91
C LEU KC 38 94.70 -19.71 54.51
N THR KC 39 95.86 -19.18 54.12
CA THR KC 39 95.94 -17.78 53.71
C THR KC 39 95.09 -17.53 52.47
N SER KC 40 95.17 -18.41 51.48
CA SER KC 40 94.42 -18.21 50.24
C SER KC 40 92.92 -18.26 50.51
N GLN KC 41 92.48 -19.22 51.32
CA GLN KC 41 91.04 -19.38 51.59
C GLN KC 41 90.53 -18.19 52.39
N LYS KC 42 89.30 -17.76 52.08
CA LYS KC 42 88.70 -16.59 52.72
C LYS KC 42 87.49 -16.94 53.56
N GLU KC 43 86.52 -17.66 53.01
CA GLU KC 43 85.32 -17.98 53.76
C GLU KC 43 85.67 -18.83 54.98
N HIS KC 44 85.03 -18.53 56.11
CA HIS KC 44 85.31 -19.21 57.36
C HIS KC 44 84.38 -20.41 57.51
N GLN KC 45 84.97 -21.58 57.64
CA GLN KC 45 84.26 -22.83 57.89
C GLN KC 45 84.98 -23.58 59.01
N PRO KC 46 84.28 -24.49 59.69
CA PRO KC 46 84.92 -25.19 60.82
C PRO KC 46 86.15 -26.00 60.43
N TRP KC 47 86.26 -26.45 59.17
CA TRP KC 47 87.38 -27.31 58.81
C TRP KC 47 88.71 -26.57 58.93
N MET KC 48 88.76 -25.33 58.47
CA MET KC 48 90.01 -24.56 58.57
C MET KC 48 90.37 -24.31 60.03
N THR KC 49 89.36 -24.02 60.86
CA THR KC 49 89.62 -23.83 62.29
C THR KC 49 90.19 -25.09 62.91
N GLU KC 50 89.61 -26.25 62.57
CA GLU KC 50 90.13 -27.52 63.07
C GLU KC 50 91.40 -27.94 62.34
N MET KC 51 91.54 -27.54 61.06
CA MET KC 51 92.71 -27.90 60.30
C MET KC 51 93.98 -27.32 60.92
N ALA KC 52 93.91 -26.06 61.35
CA ALA KC 52 95.06 -25.44 62.00
C ALA KC 52 95.44 -26.15 63.28
N LEU KC 53 94.45 -26.53 64.09
CA LEU KC 53 94.72 -27.19 65.35
C LEU KC 53 95.43 -28.52 65.13
N LYS KC 54 94.98 -29.28 64.13
CA LYS KC 54 95.60 -30.58 63.86
C LYS KC 54 97.07 -30.42 63.47
N ALA KC 55 97.37 -29.40 62.66
CA ALA KC 55 98.75 -29.18 62.24
C ALA KC 55 99.59 -28.60 63.37
N ASP KC 56 98.96 -27.89 64.30
CA ASP KC 56 99.71 -27.25 65.38
C ASP KC 56 100.45 -28.29 66.22
N GLN KC 57 99.81 -29.42 66.49
CA GLN KC 57 100.42 -30.42 67.36
C GLN KC 57 101.79 -30.85 66.84
N CYS KC 58 101.93 -30.94 65.51
CA CYS KC 58 103.21 -31.35 64.94
C CYS KC 58 104.33 -30.39 65.33
N LEU KC 59 104.02 -29.10 65.45
CA LEU KC 59 105.06 -28.13 65.81
C LEU KC 59 105.62 -28.41 67.20
N ILE KC 60 104.74 -28.75 68.15
CA ILE KC 60 105.20 -29.02 69.51
C ILE KC 60 106.16 -30.20 69.53
N HIS KC 61 105.82 -31.26 68.78
CA HIS KC 61 106.69 -32.42 68.74
C HIS KC 61 108.06 -32.08 68.16
N LYS KC 62 108.12 -31.15 67.21
CA LYS KC 62 109.40 -30.74 66.65
C LYS KC 62 110.33 -30.22 67.75
N ALA KC 63 109.82 -29.31 68.58
CA ALA KC 63 110.64 -28.77 69.67
C ALA KC 63 110.76 -29.76 70.82
N THR KC 64 109.73 -30.56 71.08
CA THR KC 64 109.80 -31.53 72.16
C THR KC 64 110.98 -32.47 71.99
N LEU KC 65 111.10 -33.05 70.79
CA LEU KC 65 112.23 -33.93 70.51
C LEU KC 65 113.52 -33.15 70.31
N PRO KC 78 111.84 -46.79 72.96
CA PRO KC 78 110.49 -46.99 72.41
C PRO KC 78 109.65 -45.71 72.43
N LEU KC 79 109.81 -44.88 73.46
CA LEU KC 79 109.02 -43.66 73.54
C LEU KC 79 109.38 -42.69 72.43
N ILE KC 80 110.67 -42.42 72.24
CA ILE KC 80 111.10 -41.48 71.22
C ILE KC 80 110.75 -42.00 69.84
N GLU KC 81 111.01 -43.29 69.59
CA GLU KC 81 110.75 -43.86 68.26
C GLU KC 81 109.28 -43.76 67.90
N ALA KC 82 108.39 -44.01 68.86
CA ALA KC 82 106.96 -43.94 68.58
C ALA KC 82 106.56 -42.53 68.15
N MET KC 83 107.11 -41.51 68.81
CA MET KC 83 106.77 -40.13 68.45
C MET KC 83 107.13 -39.84 67.00
N GLN KC 84 108.27 -40.35 66.54
CA GLN KC 84 108.67 -40.12 65.15
C GLN KC 84 107.62 -40.67 64.19
N GLN KC 85 107.10 -41.86 64.47
CA GLN KC 85 106.03 -42.42 63.63
C GLN KC 85 104.73 -41.64 63.80
N ILE KC 86 104.48 -41.12 65.00
CA ILE KC 86 103.25 -40.37 65.24
C ILE KC 86 103.22 -39.12 64.37
N ILE KC 87 104.35 -38.42 64.28
CA ILE KC 87 104.40 -37.21 63.47
C ILE KC 87 104.05 -37.53 62.02
N LEU KC 88 104.61 -38.62 61.49
CA LEU KC 88 104.30 -39.00 60.11
C LEU KC 88 102.83 -39.38 59.97
N ALA KC 89 102.22 -39.89 61.04
CA ALA KC 89 100.81 -40.26 60.97
C ALA KC 89 99.94 -39.02 60.70
N MET KC 90 100.24 -37.92 61.36
CA MET KC 90 99.45 -36.70 61.16
C MET KC 90 99.71 -36.10 59.78
N THR KC 91 100.93 -36.25 59.25
CA THR KC 91 101.24 -35.69 57.95
C THR KC 91 100.35 -36.28 56.87
N ARG KC 92 100.15 -37.60 56.92
CA ARG KC 92 99.27 -38.24 55.94
C ARG KC 92 97.85 -37.70 56.04
N GLU KC 93 97.36 -37.51 57.27
CA GLU KC 93 96.02 -36.97 57.46
C GLU KC 93 95.94 -35.53 56.93
N LEU KC 94 96.96 -34.72 57.21
CA LEU KC 94 96.95 -33.34 56.76
C LEU KC 94 96.96 -33.24 55.25
N TRP KC 95 97.80 -34.04 54.58
CA TRP KC 95 97.90 -33.95 53.14
C TRP KC 95 96.58 -34.30 52.47
N GLY KC 96 95.77 -35.15 53.10
CA GLY KC 96 94.48 -35.50 52.52
C GLY KC 96 93.57 -34.30 52.39
N GLN KC 97 93.47 -33.50 53.45
CA GLN KC 97 92.65 -32.29 53.39
C GLN KC 97 93.20 -31.30 52.37
N ILE KC 98 94.53 -31.22 52.26
CA ILE KC 98 95.14 -30.32 51.30
C ILE KC 98 94.72 -30.69 49.88
N GLN KC 99 94.84 -31.97 49.53
CA GLN KC 99 94.50 -32.41 48.18
C GLN KC 99 93.00 -32.34 47.94
N ARG KC 100 92.20 -32.76 48.92
CA ARG KC 100 90.75 -32.74 48.76
C ARG KC 100 90.25 -31.31 48.58
N HIS KC 101 90.80 -30.37 49.35
CA HIS KC 101 90.37 -28.98 49.23
C HIS KC 101 90.76 -28.39 47.89
N HIS KC 102 91.98 -28.64 47.43
CA HIS KC 102 92.44 -28.08 46.17
C HIS KC 102 91.66 -28.66 44.99
N TYR KC 103 91.59 -29.99 44.91
CA TYR KC 103 90.93 -30.66 43.80
C TYR KC 103 89.48 -31.04 44.16
N GLY KC 104 89.32 -31.86 45.18
CA GLY KC 104 88.00 -32.34 45.57
C GLY KC 104 88.10 -33.65 46.29
N ILE KC 105 87.04 -33.96 47.04
CA ILE KC 105 87.03 -35.19 47.84
C ILE KC 105 87.03 -36.41 46.94
N VAL KC 106 86.20 -36.41 45.89
CA VAL KC 106 86.08 -37.57 45.03
C VAL KC 106 87.37 -37.78 44.23
N GLN KC 107 87.98 -36.70 43.75
CA GLN KC 107 89.15 -36.83 42.89
C GLN KC 107 90.30 -37.51 43.62
N VAL KC 108 90.55 -37.14 44.87
CA VAL KC 108 91.62 -37.76 45.63
C VAL KC 108 91.33 -39.24 45.82
N GLU KC 109 90.10 -39.58 46.22
CA GLU KC 109 89.73 -40.98 46.35
C GLU KC 109 89.82 -41.69 45.01
N HIS KC 110 89.54 -40.99 43.92
CA HIS KC 110 89.60 -41.60 42.59
C HIS KC 110 91.02 -41.74 42.09
N TYR KC 111 91.90 -40.78 42.41
CA TYR KC 111 93.24 -40.75 41.87
C TYR KC 111 94.26 -41.51 42.72
N VAL KC 112 94.02 -41.63 44.03
CA VAL KC 112 95.01 -42.27 44.90
C VAL KC 112 95.23 -43.71 44.48
N LYS KC 113 94.16 -44.43 44.16
CA LYS KC 113 94.29 -45.84 43.83
C LYS KC 113 95.07 -46.04 42.54
N GLN KC 114 94.90 -45.14 41.57
CA GLN KC 114 95.54 -45.30 40.27
C GLN KC 114 97.05 -45.38 40.41
N ILE KC 115 97.63 -44.45 41.18
CA ILE KC 115 99.09 -44.43 41.31
C ILE KC 115 99.58 -45.67 42.06
N THR KC 116 98.81 -46.15 43.04
CA THR KC 116 99.21 -47.34 43.77
C THR KC 116 99.30 -48.54 42.84
N LEU KC 117 98.34 -48.67 41.92
CA LEU KC 117 98.37 -49.77 40.96
C LEU KC 117 99.62 -49.67 40.07
N TRP KC 118 99.95 -48.47 39.61
CA TRP KC 118 101.11 -48.31 38.74
C TRP KC 118 102.39 -48.77 39.43
N GLN KC 119 102.43 -48.72 40.75
CA GLN KC 119 103.60 -49.19 41.49
C GLN KC 119 103.57 -50.70 41.68
N ASP KC 120 102.45 -51.24 42.18
CA ASP KC 120 102.32 -52.66 42.43
C ASP KC 120 102.08 -53.38 41.11
N THR KC 121 103.15 -53.50 40.33
CA THR KC 121 103.10 -54.14 39.03
C THR KC 121 104.52 -54.57 38.67
N PRO KC 122 104.69 -55.65 37.88
CA PRO KC 122 106.06 -56.12 37.61
C PRO KC 122 106.86 -55.16 36.73
N GLN KC 123 107.28 -54.06 37.32
CA GLN KC 123 108.19 -53.09 36.69
C GLN KC 123 107.93 -52.88 35.21
N ALA KC 124 108.21 -53.90 34.39
CA ALA KC 124 108.19 -53.72 32.95
C ALA KC 124 106.84 -53.21 32.47
N PHE KC 125 105.77 -53.89 32.84
CA PHE KC 125 104.42 -53.47 32.46
C PHE KC 125 103.79 -52.59 33.54
N ARG KC 126 104.53 -51.58 33.99
CA ARG KC 126 104.02 -50.72 35.06
C ARG KC 126 102.85 -49.88 34.56
N GLY KC 127 102.90 -49.40 33.33
CA GLY KC 127 101.84 -48.58 32.78
C GLY KC 127 102.37 -47.48 31.90
N ASP KC 128 101.88 -46.26 32.11
CA ASP KC 128 102.30 -45.11 31.33
C ASP KC 128 102.49 -43.88 32.20
N GLN KC 129 102.92 -44.07 33.46
CA GLN KC 129 103.14 -42.96 34.37
C GLN KC 129 101.87 -42.13 34.48
N PRO KC 130 100.84 -42.63 35.15
CA PRO KC 130 99.55 -41.93 35.14
C PRO KC 130 99.69 -40.48 35.58
N LYS KC 131 99.02 -39.59 34.84
CA LYS KC 131 99.13 -38.17 35.12
C LYS KC 131 98.39 -37.81 36.40
N PRO KC 132 98.88 -36.83 37.15
CA PRO KC 132 98.14 -36.37 38.33
C PRO KC 132 96.89 -35.63 37.92
N PRO KC 133 95.92 -35.50 38.83
CA PRO KC 133 94.64 -34.87 38.44
C PRO KC 133 94.82 -33.44 37.99
N THR LC 3 83.46 -41.77 -86.18
CA THR LC 3 82.78 -40.54 -86.57
C THR LC 3 81.68 -40.17 -85.57
N PHE LC 4 80.92 -41.16 -85.12
CA PHE LC 4 79.79 -40.87 -84.22
C PHE LC 4 80.27 -40.25 -82.92
N ILE LC 5 81.35 -40.79 -82.34
CA ILE LC 5 81.82 -40.27 -81.06
C ILE LC 5 82.21 -38.80 -81.19
N GLU LC 6 82.79 -38.43 -82.33
CA GLU LC 6 83.10 -37.03 -82.57
C GLU LC 6 81.84 -36.18 -82.51
N LEU LC 7 80.73 -36.67 -83.06
CA LEU LC 7 79.49 -35.92 -83.03
C LEU LC 7 78.99 -35.75 -81.61
N VAL LC 8 79.09 -36.80 -80.80
CA VAL LC 8 78.59 -36.73 -79.42
C VAL LC 8 79.43 -35.77 -78.60
N LYS LC 9 80.75 -35.78 -78.81
CA LYS LC 9 81.61 -34.86 -78.07
C LYS LC 9 81.20 -33.41 -78.31
N ASN LC 10 80.58 -33.13 -79.44
CA ASN LC 10 80.06 -31.79 -79.74
C ASN LC 10 78.67 -31.62 -79.13
N MET LC 11 78.60 -31.80 -77.82
CA MET LC 11 77.35 -31.71 -77.08
C MET LC 11 77.61 -31.06 -75.72
N LYS LC 12 76.53 -30.56 -75.13
CA LYS LC 12 76.61 -29.80 -73.90
C LYS LC 12 76.38 -30.72 -72.70
N GLY LC 13 77.18 -30.50 -71.65
CA GLY LC 13 77.16 -31.36 -70.49
C GLY LC 13 77.97 -32.63 -70.64
N TYR LC 14 78.83 -32.71 -71.64
CA TYR LC 14 79.62 -33.91 -71.91
C TYR LC 14 80.80 -33.97 -70.95
N LYS LC 15 80.79 -34.96 -70.07
CA LYS LC 15 81.88 -35.19 -69.12
C LYS LC 15 82.59 -36.48 -69.52
N GLU LC 16 83.88 -36.38 -69.80
CA GLU LC 16 84.64 -37.54 -70.22
C GLU LC 16 84.80 -38.52 -69.06
N LEU LC 17 84.83 -39.81 -69.40
CA LEU LC 17 84.92 -40.86 -68.39
C LEU LC 17 85.89 -41.96 -68.78
N LEU LC 18 86.71 -41.79 -69.82
CA LEU LC 18 87.62 -42.81 -70.29
C LEU LC 18 89.05 -42.34 -70.09
N LEU LC 19 89.87 -43.20 -69.50
CA LEU LC 19 91.27 -42.88 -69.28
C LEU LC 19 92.09 -43.15 -70.52
N PRO LC 20 93.31 -42.62 -70.59
CA PRO LC 20 94.18 -42.92 -71.73
C PRO LC 20 94.47 -44.40 -71.84
N MET LC 21 94.65 -44.86 -73.09
CA MET LC 21 94.92 -46.26 -73.33
C MET LC 21 96.18 -46.73 -72.60
N GLU LC 22 97.11 -45.82 -72.32
CA GLU LC 22 98.37 -46.17 -71.68
C GLU LC 22 98.23 -46.38 -70.18
N MET LC 23 97.09 -46.04 -69.58
CA MET LC 23 96.89 -46.16 -68.15
C MET LC 23 95.93 -47.26 -67.75
N VAL LC 24 95.04 -47.70 -68.64
CA VAL LC 24 94.07 -48.73 -68.31
C VAL LC 24 94.81 -50.04 -68.08
N PRO LC 25 94.30 -50.94 -67.23
CA PRO LC 25 94.99 -52.20 -66.99
C PRO LC 25 95.01 -53.06 -68.24
N LEU LC 26 95.76 -54.15 -68.15
CA LEU LC 26 95.76 -55.14 -69.22
C LEU LC 26 94.40 -55.82 -69.29
N PRO LC 27 94.01 -56.32 -70.47
CA PRO LC 27 92.66 -56.91 -70.59
C PRO LC 27 92.43 -58.05 -69.61
N ALA LC 28 93.47 -58.85 -69.32
CA ALA LC 28 93.31 -59.96 -68.39
C ALA LC 28 92.93 -59.44 -67.00
N VAL LC 29 93.54 -58.35 -66.56
CA VAL LC 29 93.28 -57.84 -65.22
C VAL LC 29 91.85 -57.33 -65.12
N VAL LC 30 91.34 -56.71 -66.18
CA VAL LC 30 90.01 -56.11 -66.12
C VAL LC 30 88.96 -57.17 -65.83
N LEU LC 31 89.07 -58.32 -66.51
CA LEU LC 31 88.09 -59.39 -66.33
C LEU LC 31 87.99 -59.81 -64.87
N LYS LC 32 89.08 -59.70 -64.12
CA LYS LC 32 89.07 -60.10 -62.72
C LYS LC 32 88.07 -59.28 -61.91
N HIS LC 33 88.04 -57.95 -62.14
CA HIS LC 33 87.09 -57.11 -61.42
C HIS LC 33 85.66 -57.37 -61.87
N VAL LC 34 85.48 -57.83 -63.11
CA VAL LC 34 84.13 -58.07 -63.61
C VAL LC 34 83.46 -59.17 -62.79
N LYS LC 35 84.20 -60.24 -62.51
CA LYS LC 35 83.62 -61.35 -61.75
C LYS LC 35 83.24 -60.90 -60.35
N LEU LC 36 84.11 -60.13 -59.69
CA LEU LC 36 83.82 -59.65 -58.35
C LEU LC 36 82.62 -58.71 -58.36
N ILE LC 37 82.63 -57.73 -59.26
CA ILE LC 37 81.56 -56.73 -59.28
C ILE LC 37 80.24 -57.39 -59.66
N LEU LC 38 80.25 -58.24 -60.68
CA LEU LC 38 79.03 -58.95 -61.07
C LEU LC 38 78.55 -59.86 -59.95
N THR LC 39 79.44 -60.72 -59.45
CA THR LC 39 79.04 -61.73 -58.48
C THR LC 39 78.75 -61.10 -57.12
N SER LC 40 79.62 -60.21 -56.67
CA SER LC 40 79.45 -59.55 -55.37
C SER LC 40 78.50 -58.37 -55.52
N GLN LC 41 77.27 -58.69 -55.90
CA GLN LC 41 76.24 -57.68 -56.08
C GLN LC 41 74.89 -58.27 -55.70
N LYS LC 42 73.99 -57.40 -55.24
CA LYS LC 42 72.65 -57.79 -54.84
C LYS LC 42 71.66 -56.86 -55.53
N GLU LC 43 70.45 -57.39 -55.78
CA GLU LC 43 69.40 -56.65 -56.46
C GLU LC 43 69.89 -56.18 -57.84
N HIS LC 44 70.13 -57.17 -58.69
CA HIS LC 44 70.66 -56.94 -60.03
C HIS LC 44 70.01 -55.73 -60.68
N GLN LC 45 70.85 -54.90 -61.30
CA GLN LC 45 70.43 -53.65 -61.93
C GLN LC 45 70.73 -53.70 -63.42
N PRO LC 46 70.05 -52.87 -64.21
CA PRO LC 46 70.21 -52.97 -65.68
C PRO LC 46 71.65 -52.83 -66.15
N TRP LC 47 72.43 -51.95 -65.51
CA TRP LC 47 73.80 -51.72 -65.97
C TRP LC 47 74.67 -52.96 -65.82
N MET LC 48 74.29 -53.88 -64.92
CA MET LC 48 75.07 -55.10 -64.76
C MET LC 48 75.05 -55.92 -66.05
N THR LC 49 73.90 -56.00 -66.70
CA THR LC 49 73.80 -56.76 -67.94
C THR LC 49 74.70 -56.18 -69.01
N GLU LC 50 74.76 -54.85 -69.11
CA GLU LC 50 75.58 -54.21 -70.12
C GLU LC 50 77.06 -54.58 -69.93
N MET LC 51 77.52 -54.60 -68.68
CA MET LC 51 78.92 -54.92 -68.43
C MET LC 51 79.27 -56.32 -68.92
N ALA LC 52 78.41 -57.29 -68.64
CA ALA LC 52 78.70 -58.67 -69.02
C ALA LC 52 78.75 -58.83 -70.53
N LEU LC 53 77.83 -58.18 -71.24
CA LEU LC 53 77.77 -58.34 -72.69
C LEU LC 53 79.07 -57.86 -73.34
N LYS LC 54 79.59 -56.71 -72.92
CA LYS LC 54 80.84 -56.21 -73.49
C LYS LC 54 82.01 -57.10 -73.12
N ALA LC 55 81.99 -57.68 -71.92
CA ALA LC 55 83.11 -58.48 -71.46
C ALA LC 55 83.36 -59.67 -72.38
N ASP LC 56 82.29 -60.37 -72.76
CA ASP LC 56 82.46 -61.55 -73.60
C ASP LC 56 83.03 -61.19 -74.96
N GLN LC 57 82.79 -59.96 -75.42
CA GLN LC 57 83.31 -59.55 -76.73
C GLN LC 57 84.83 -59.57 -76.74
N CYS LC 58 85.46 -59.08 -75.67
CA CYS LC 58 86.92 -59.10 -75.59
C CYS LC 58 87.44 -60.53 -75.64
N LEU LC 59 86.77 -61.45 -74.93
CA LEU LC 59 87.17 -62.85 -74.97
C LEU LC 59 87.05 -63.41 -76.38
N ILE LC 60 85.98 -63.07 -77.08
CA ILE LC 60 85.78 -63.55 -78.44
C ILE LC 60 86.92 -63.09 -79.34
N HIS LC 61 87.24 -61.79 -79.28
CA HIS LC 61 88.37 -61.29 -80.05
C HIS LC 61 89.68 -61.89 -79.55
N LYS LC 62 89.82 -62.03 -78.24
CA LYS LC 62 91.04 -62.62 -77.68
C LYS LC 62 91.19 -64.07 -78.14
N ALA LC 63 90.10 -64.82 -78.16
CA ALA LC 63 90.14 -66.20 -78.63
C ALA LC 63 90.31 -66.31 -80.13
N THR LC 64 90.22 -65.19 -80.86
CA THR LC 64 90.35 -65.21 -82.31
C THR LC 64 91.80 -65.12 -82.78
N LEU LC 65 92.68 -64.53 -81.97
CA LEU LC 65 94.07 -64.37 -82.39
C LEU LC 65 94.76 -65.71 -82.56
N ASP LC 66 94.47 -66.68 -81.70
CA ASP LC 66 95.11 -67.99 -81.82
C ASP LC 66 94.85 -68.62 -83.18
N PRO LC 78 97.40 -56.84 -92.14
CA PRO LC 78 96.47 -55.91 -91.46
C PRO LC 78 95.29 -56.61 -90.82
N LEU LC 79 94.59 -57.46 -91.57
CA LEU LC 79 93.35 -58.05 -91.07
C LEU LC 79 93.59 -58.87 -89.80
N ILE LC 80 94.65 -59.68 -89.79
CA ILE LC 80 94.94 -60.49 -88.62
C ILE LC 80 95.26 -59.60 -87.42
N GLU LC 81 96.08 -58.57 -87.64
CA GLU LC 81 96.46 -57.68 -86.55
C GLU LC 81 95.44 -56.58 -86.31
N ALA LC 82 94.50 -56.36 -87.22
CA ALA LC 82 93.54 -55.28 -87.06
C ALA LC 82 92.65 -55.51 -85.83
N MET LC 83 92.21 -56.75 -85.62
CA MET LC 83 91.32 -57.02 -84.50
C MET LC 83 91.98 -56.72 -83.16
N GLN LC 84 93.32 -56.83 -83.10
CA GLN LC 84 94.02 -56.57 -81.84
C GLN LC 84 93.80 -55.13 -81.39
N GLN LC 85 93.62 -54.21 -82.33
CA GLN LC 85 93.40 -52.81 -81.97
C GLN LC 85 92.13 -52.64 -81.17
N ILE LC 86 91.06 -53.34 -81.56
CA ILE LC 86 89.78 -53.20 -80.87
C ILE LC 86 89.88 -53.75 -79.45
N ILE LC 87 90.66 -54.82 -79.26
CA ILE LC 87 90.76 -55.44 -77.94
C ILE LC 87 91.22 -54.41 -76.92
N LEU LC 88 92.29 -53.67 -77.23
CA LEU LC 88 92.77 -52.65 -76.33
C LEU LC 88 91.71 -51.56 -76.12
N ALA LC 89 91.04 -51.17 -77.19
CA ALA LC 89 90.01 -50.13 -77.08
C ALA LC 89 88.85 -50.61 -76.22
N MET LC 90 88.44 -51.87 -76.37
CA MET LC 90 87.30 -52.39 -75.63
C MET LC 90 87.53 -52.26 -74.13
N THR LC 91 88.76 -52.47 -73.68
CA THR LC 91 89.06 -52.33 -72.26
C THR LC 91 88.82 -50.92 -71.78
N ARG LC 92 89.21 -49.92 -72.58
CA ARG LC 92 89.07 -48.53 -72.16
C ARG LC 92 87.63 -48.19 -71.84
N GLU LC 93 86.70 -48.59 -72.71
CA GLU LC 93 85.29 -48.38 -72.41
C GLU LC 93 84.83 -49.27 -71.26
N LEU LC 94 85.33 -50.51 -71.22
CA LEU LC 94 84.94 -51.42 -70.17
C LEU LC 94 85.42 -50.95 -68.81
N TRP LC 95 86.65 -50.47 -68.73
CA TRP LC 95 87.20 -50.02 -67.45
C TRP LC 95 86.43 -48.80 -66.93
N GLY LC 96 85.81 -48.04 -67.81
CA GLY LC 96 85.07 -46.87 -67.37
C GLY LC 96 83.91 -47.23 -66.45
N GLN LC 97 83.21 -48.32 -66.76
CA GLN LC 97 82.09 -48.73 -65.93
C GLN LC 97 82.57 -49.27 -64.59
N ILE LC 98 83.76 -49.88 -64.55
CA ILE LC 98 84.29 -50.42 -63.30
C ILE LC 98 84.46 -49.30 -62.28
N GLN LC 99 85.05 -48.19 -62.70
CA GLN LC 99 85.29 -47.09 -61.78
C GLN LC 99 83.98 -46.45 -61.33
N ARG LC 100 82.97 -46.43 -62.21
CA ARG LC 100 81.67 -45.89 -61.81
C ARG LC 100 81.09 -46.69 -60.65
N HIS LC 101 81.18 -48.02 -60.72
CA HIS LC 101 80.66 -48.85 -59.64
C HIS LC 101 81.48 -48.67 -58.37
N HIS LC 102 82.81 -48.68 -58.49
CA HIS LC 102 83.67 -48.55 -57.32
C HIS LC 102 83.61 -47.13 -56.76
N TYR LC 103 84.03 -46.15 -57.55
CA TYR LC 103 84.10 -44.77 -57.08
C TYR LC 103 82.75 -44.08 -57.16
N GLY LC 104 82.21 -43.96 -58.37
CA GLY LC 104 80.99 -43.23 -58.61
C GLY LC 104 81.16 -42.37 -59.85
N ILE LC 105 80.06 -42.13 -60.55
CA ILE LC 105 80.12 -41.40 -61.81
C ILE LC 105 80.65 -39.99 -61.59
N VAL LC 106 80.14 -39.30 -60.56
CA VAL LC 106 80.52 -37.91 -60.33
C VAL LC 106 82.02 -37.81 -60.03
N GLN LC 107 82.52 -38.69 -59.15
CA GLN LC 107 83.91 -38.62 -58.75
C GLN LC 107 84.83 -38.91 -59.93
N VAL LC 108 84.43 -39.82 -60.82
CA VAL LC 108 85.29 -40.19 -61.93
C VAL LC 108 85.55 -38.99 -62.83
N GLU LC 109 84.51 -38.20 -63.12
CA GLU LC 109 84.67 -37.04 -63.98
C GLU LC 109 85.80 -36.16 -63.50
N HIS LC 110 85.82 -35.85 -62.20
CA HIS LC 110 86.89 -35.03 -61.64
C HIS LC 110 88.24 -35.72 -61.79
N TYR LC 111 88.29 -37.02 -61.52
CA TYR LC 111 89.56 -37.73 -61.56
C TYR LC 111 90.17 -37.71 -62.95
N VAL LC 112 89.36 -37.90 -63.99
CA VAL LC 112 89.89 -37.97 -65.35
C VAL LC 112 90.52 -36.63 -65.73
N LYS LC 113 89.81 -35.53 -65.47
CA LYS LC 113 90.33 -34.22 -65.82
C LYS LC 113 91.61 -33.93 -65.05
N GLN LC 114 91.65 -34.29 -63.77
CA GLN LC 114 92.87 -34.13 -63.00
C GLN LC 114 94.01 -34.94 -63.62
N ILE LC 115 93.71 -36.16 -64.05
CA ILE LC 115 94.72 -36.97 -64.73
C ILE LC 115 95.11 -36.32 -66.05
N THR LC 116 94.12 -35.82 -66.79
CA THR LC 116 94.42 -35.23 -68.09
C THR LC 116 95.33 -34.02 -67.94
N LEU LC 117 94.99 -33.10 -67.03
CA LEU LC 117 95.85 -31.96 -66.79
C LEU LC 117 97.22 -32.40 -66.27
N TRP LC 118 97.23 -33.39 -65.37
CA TRP LC 118 98.49 -33.91 -64.88
C TRP LC 118 99.32 -34.49 -66.02
N GLN LC 119 98.69 -35.23 -66.92
CA GLN LC 119 99.41 -35.77 -68.07
C GLN LC 119 99.79 -34.67 -69.04
N ASP LC 120 98.95 -33.64 -69.18
CA ASP LC 120 99.23 -32.56 -70.12
C ASP LC 120 100.48 -31.78 -69.72
N THR LC 121 100.61 -31.49 -68.43
CA THR LC 121 101.74 -30.69 -67.97
C THR LC 121 103.04 -31.44 -68.24
N PRO LC 122 104.11 -30.76 -68.65
CA PRO LC 122 105.38 -31.45 -68.91
C PRO LC 122 105.92 -32.13 -67.66
N GLN LC 123 106.59 -33.26 -67.87
CA GLN LC 123 107.08 -34.06 -66.76
C GLN LC 123 108.08 -33.30 -65.89
N ALA LC 124 108.70 -32.25 -66.43
CA ALA LC 124 109.69 -31.51 -65.64
C ALA LC 124 109.06 -30.90 -64.40
N PHE LC 125 107.86 -30.33 -64.54
CA PHE LC 125 107.14 -29.71 -63.43
C PHE LC 125 105.73 -30.29 -63.32
N ARG LC 126 105.57 -31.55 -63.71
CA ARG LC 126 104.24 -32.16 -63.71
C ARG LC 126 103.67 -32.25 -62.31
N GLY LC 127 104.49 -32.65 -61.34
CA GLY LC 127 104.03 -32.80 -59.97
C GLY LC 127 103.59 -34.21 -59.65
N ASP LC 128 103.19 -34.40 -58.41
CA ASP LC 128 102.76 -35.71 -57.95
C ASP LC 128 101.46 -36.13 -58.64
N GLN LC 129 101.39 -37.40 -59.03
CA GLN LC 129 100.19 -37.90 -59.67
C GLN LC 129 99.03 -37.91 -58.68
N PRO LC 130 97.86 -37.39 -59.05
CA PRO LC 130 96.73 -37.40 -58.11
C PRO LC 130 96.25 -38.81 -57.82
N LYS LC 131 95.70 -38.98 -56.63
CA LYS LC 131 95.21 -40.27 -56.18
C LYS LC 131 93.74 -40.44 -56.57
N PRO LC 132 93.27 -41.69 -56.67
CA PRO LC 132 91.87 -41.91 -57.02
C PRO LC 132 90.94 -41.31 -55.99
N PRO LC 133 89.66 -41.07 -56.36
CA PRO LC 133 88.72 -40.50 -55.40
C PRO LC 133 88.33 -41.49 -54.30
N SER LC 134 87.42 -41.06 -53.43
CA SER LC 134 86.93 -41.92 -52.37
C SER LC 134 85.85 -42.87 -52.89
N PHE LC 135 85.79 -44.05 -52.29
CA PHE LC 135 84.83 -45.05 -52.72
C PHE LC 135 83.40 -44.60 -52.41
N THR MC 3 80.62 -67.12 -70.56
CA THR MC 3 80.35 -67.47 -69.16
C THR MC 3 79.85 -66.30 -68.34
N PHE MC 4 80.39 -65.09 -68.56
CA PHE MC 4 79.98 -63.95 -67.76
C PHE MC 4 78.50 -63.67 -67.92
N ILE MC 5 77.99 -63.73 -69.16
CA ILE MC 5 76.57 -63.47 -69.39
C ILE MC 5 75.73 -64.51 -68.66
N GLU MC 6 76.22 -65.75 -68.61
CA GLU MC 6 75.48 -66.79 -67.89
C GLU MC 6 75.36 -66.45 -66.41
N LEU MC 7 76.41 -65.89 -65.82
CA LEU MC 7 76.35 -65.52 -64.41
C LEU MC 7 75.26 -64.48 -64.17
N VAL MC 8 75.13 -63.51 -65.07
CA VAL MC 8 74.08 -62.52 -64.95
C VAL MC 8 72.71 -63.18 -65.02
N LYS MC 9 72.54 -64.11 -65.96
CA LYS MC 9 71.27 -64.80 -66.11
C LYS MC 9 70.93 -65.63 -64.88
N ASN MC 10 71.90 -65.89 -64.02
CA ASN MC 10 71.69 -66.65 -62.79
C ASN MC 10 71.34 -65.75 -61.61
N MET MC 11 71.20 -64.44 -61.83
CA MET MC 11 70.97 -63.50 -60.74
C MET MC 11 69.49 -63.49 -60.37
N LYS MC 12 69.14 -62.60 -59.45
CA LYS MC 12 67.77 -62.39 -59.01
C LYS MC 12 67.28 -61.05 -59.51
N GLY MC 13 66.10 -61.03 -60.11
CA GLY MC 13 65.54 -59.83 -60.68
C GLY MC 13 65.99 -59.55 -62.10
N TYR MC 14 66.88 -60.35 -62.66
CA TYR MC 14 67.31 -60.14 -64.04
C TYR MC 14 66.15 -60.34 -65.00
N LYS MC 15 66.11 -59.50 -66.03
CA LYS MC 15 65.05 -59.54 -67.03
C LYS MC 15 65.65 -59.34 -68.41
N GLU MC 16 65.15 -60.10 -69.37
CA GLU MC 16 65.67 -60.01 -70.74
C GLU MC 16 65.28 -58.67 -71.36
N LEU MC 17 66.20 -58.11 -72.16
CA LEU MC 17 65.94 -56.89 -72.91
C LEU MC 17 66.30 -57.00 -74.38
N LEU MC 18 67.04 -58.03 -74.79
CA LEU MC 18 67.41 -58.20 -76.18
C LEU MC 18 66.31 -58.96 -76.93
N LEU MC 19 66.57 -59.26 -78.19
CA LEU MC 19 65.61 -59.92 -79.06
C LEU MC 19 66.32 -61.02 -79.84
N PRO MC 20 65.55 -61.96 -80.38
CA PRO MC 20 66.17 -63.03 -81.17
C PRO MC 20 66.96 -62.47 -82.35
N MET MC 21 68.05 -63.16 -82.69
CA MET MC 21 68.91 -62.71 -83.77
C MET MC 21 68.12 -62.48 -85.05
N GLU MC 22 67.11 -63.31 -85.30
CA GLU MC 22 66.30 -63.16 -86.51
C GLU MC 22 65.55 -61.84 -86.49
N MET MC 23 64.98 -61.47 -85.35
CA MET MC 23 64.22 -60.22 -85.22
C MET MC 23 65.15 -59.05 -84.94
N VAL MC 24 66.14 -58.89 -85.81
CA VAL MC 24 67.10 -57.79 -85.71
C VAL MC 24 67.28 -57.18 -87.08
N PRO MC 25 67.11 -55.86 -87.24
CA PRO MC 25 67.31 -55.24 -88.56
C PRO MC 25 68.68 -55.52 -89.12
N LEU MC 26 68.84 -55.21 -90.41
CA LEU MC 26 70.10 -55.41 -91.09
C LEU MC 26 71.11 -54.35 -90.62
N PRO MC 27 72.41 -54.61 -90.81
CA PRO MC 27 73.41 -53.61 -90.40
C PRO MC 27 73.35 -52.35 -91.24
N ALA MC 28 74.21 -51.38 -90.95
CA ALA MC 28 74.26 -50.14 -91.69
C ALA MC 28 72.97 -49.35 -91.52
N VAL MC 29 71.87 -49.87 -92.05
CA VAL MC 29 70.60 -49.17 -91.95
C VAL MC 29 70.18 -49.00 -90.50
N VAL MC 30 70.41 -50.03 -89.67
CA VAL MC 30 70.06 -49.96 -88.26
C VAL MC 30 70.82 -48.83 -87.58
N LEU MC 31 72.02 -48.50 -88.06
CA LEU MC 31 72.79 -47.42 -87.48
C LEU MC 31 72.13 -46.07 -87.67
N LYS MC 32 71.16 -45.96 -88.58
CA LYS MC 32 70.53 -44.67 -88.83
C LYS MC 32 69.77 -44.17 -87.61
N HIS MC 33 69.11 -45.07 -86.88
CA HIS MC 33 68.43 -44.68 -85.65
C HIS MC 33 69.39 -44.03 -84.66
N VAL MC 34 70.68 -44.36 -84.75
CA VAL MC 34 71.66 -43.75 -83.86
C VAL MC 34 71.69 -42.24 -84.06
N LYS MC 35 71.73 -41.81 -85.32
CA LYS MC 35 71.78 -40.38 -85.61
C LYS MC 35 70.51 -39.69 -85.15
N LEU MC 36 69.36 -40.33 -85.34
CA LEU MC 36 68.09 -39.71 -84.99
C LEU MC 36 67.91 -39.57 -83.49
N ILE MC 37 68.76 -40.21 -82.69
CA ILE MC 37 68.63 -40.17 -81.23
C ILE MC 37 69.78 -39.38 -80.65
N LEU MC 38 70.91 -39.34 -81.35
CA LEU MC 38 72.06 -38.54 -80.92
C LEU MC 38 71.96 -37.11 -81.43
N THR MC 39 71.80 -36.94 -82.75
CA THR MC 39 71.73 -35.59 -83.31
C THR MC 39 70.52 -34.84 -82.77
N SER MC 40 69.37 -35.51 -82.68
CA SER MC 40 68.15 -34.90 -82.16
C SER MC 40 68.07 -35.08 -80.65
N GLN MC 41 69.11 -34.59 -79.97
CA GLN MC 41 69.20 -34.74 -78.52
C GLN MC 41 70.08 -33.62 -77.95
N LYS MC 42 69.96 -33.44 -76.64
CA LYS MC 42 70.73 -32.44 -75.92
C LYS MC 42 70.83 -32.90 -74.47
N GLU MC 43 71.68 -32.21 -73.70
CA GLU MC 43 71.92 -32.57 -72.30
C GLU MC 43 72.50 -33.98 -72.22
N HIS MC 44 73.70 -34.11 -72.78
CA HIS MC 44 74.42 -35.37 -72.83
C HIS MC 44 74.30 -36.14 -71.53
N GLN MC 45 73.81 -37.35 -71.62
CA GLN MC 45 73.63 -38.24 -70.48
C GLN MC 45 74.59 -39.41 -70.56
N PRO MC 46 74.88 -40.06 -69.43
CA PRO MC 46 75.89 -41.14 -69.45
C PRO MC 46 75.58 -42.25 -70.44
N TRP MC 47 74.30 -42.63 -70.57
CA TRP MC 47 73.96 -43.73 -71.45
C TRP MC 47 74.18 -43.39 -72.92
N MET MC 48 74.13 -42.10 -73.26
CA MET MC 48 74.35 -41.69 -74.64
C MET MC 48 75.75 -42.07 -75.10
N THR MC 49 76.76 -41.87 -74.24
CA THR MC 49 78.11 -42.24 -74.60
C THR MC 49 78.23 -43.74 -74.83
N GLU MC 50 77.55 -44.54 -74.01
CA GLU MC 50 77.61 -45.98 -74.18
C GLU MC 50 77.12 -46.39 -75.56
N MET MC 51 76.00 -45.80 -76.00
CA MET MC 51 75.49 -46.10 -77.34
C MET MC 51 76.49 -45.67 -78.41
N ALA MC 52 77.07 -44.48 -78.25
CA ALA MC 52 78.00 -43.98 -79.26
C ALA MC 52 79.23 -44.87 -79.38
N LEU MC 53 79.78 -45.31 -78.25
CA LEU MC 53 80.97 -46.14 -78.26
C LEU MC 53 80.70 -47.57 -78.71
N LYS MC 54 79.43 -47.97 -78.80
CA LYS MC 54 79.07 -49.30 -79.29
C LYS MC 54 78.73 -49.30 -80.77
N ALA MC 55 77.94 -48.32 -81.22
CA ALA MC 55 77.56 -48.27 -82.63
C ALA MC 55 78.77 -48.06 -83.53
N ASP MC 56 79.69 -47.19 -83.12
CA ASP MC 56 80.87 -46.92 -83.93
C ASP MC 56 81.73 -48.16 -84.13
N GLN MC 57 81.61 -49.16 -83.24
CA GLN MC 57 82.41 -50.36 -83.38
C GLN MC 57 82.05 -51.13 -84.65
N CYS MC 58 80.76 -51.15 -85.01
CA CYS MC 58 80.35 -51.86 -86.22
C CYS MC 58 81.05 -51.31 -87.45
N LEU MC 59 81.19 -49.98 -87.53
CA LEU MC 59 81.91 -49.38 -88.65
C LEU MC 59 83.35 -49.85 -88.67
N ILE MC 60 83.98 -49.92 -87.50
CA ILE MC 60 85.37 -50.38 -87.42
C ILE MC 60 85.48 -51.80 -87.94
N HIS MC 61 84.61 -52.69 -87.47
CA HIS MC 61 84.59 -54.05 -88.00
C HIS MC 61 84.18 -54.05 -89.47
N LYS MC 62 83.20 -53.23 -89.83
CA LYS MC 62 82.79 -53.14 -91.23
C LYS MC 62 83.91 -52.60 -92.11
N ALA MC 63 84.68 -51.64 -91.59
CA ALA MC 63 85.77 -51.05 -92.36
C ALA MC 63 86.80 -52.09 -92.76
N THR MC 64 86.94 -53.18 -92.01
CA THR MC 64 87.91 -54.21 -92.33
C THR MC 64 87.53 -54.98 -93.60
N LEU MC 65 86.27 -54.89 -94.03
CA LEU MC 65 85.87 -55.58 -95.25
C LEU MC 65 86.68 -55.13 -96.45
N ASP MC 66 87.10 -53.86 -96.48
CA ASP MC 66 87.94 -53.39 -97.56
C ASP MC 66 89.25 -54.17 -97.61
N PRO MC 78 88.55 -68.41 -90.95
CA PRO MC 78 87.88 -68.20 -89.66
C PRO MC 78 87.97 -66.77 -89.18
N LEU MC 79 89.10 -66.10 -89.44
CA LEU MC 79 89.24 -64.70 -89.01
C LEU MC 79 88.22 -63.81 -89.72
N ILE MC 80 88.04 -64.02 -91.02
CA ILE MC 80 87.07 -63.21 -91.77
C ILE MC 80 85.65 -63.58 -91.36
N GLU MC 81 85.37 -64.88 -91.24
CA GLU MC 81 84.04 -65.31 -90.85
C GLU MC 81 83.69 -64.85 -89.45
N ALA MC 82 84.64 -64.93 -88.51
CA ALA MC 82 84.35 -64.62 -87.13
C ALA MC 82 83.89 -63.18 -86.96
N MET MC 83 84.55 -62.24 -87.65
CA MET MC 83 84.18 -60.83 -87.51
C MET MC 83 82.75 -60.59 -87.94
N GLN MC 84 82.31 -61.22 -89.03
CA GLN MC 84 80.95 -61.03 -89.50
C GLN MC 84 79.93 -61.49 -88.47
N GLN MC 85 80.22 -62.59 -87.78
CA GLN MC 85 79.30 -63.09 -86.76
C GLN MC 85 79.17 -62.08 -85.62
N ILE MC 86 80.27 -61.45 -85.23
CA ILE MC 86 80.25 -60.54 -84.09
C ILE MC 86 79.34 -59.36 -84.36
N ILE MC 87 79.27 -58.89 -85.61
CA ILE MC 87 78.47 -57.72 -85.93
C ILE MC 87 77.01 -57.96 -85.56
N LEU MC 88 76.52 -59.18 -85.81
CA LEU MC 88 75.14 -59.49 -85.45
C LEU MC 88 74.91 -59.35 -83.95
N ALA MC 89 75.86 -59.84 -83.14
CA ALA MC 89 75.71 -59.77 -81.70
C ALA MC 89 75.66 -58.32 -81.23
N MET MC 90 76.56 -57.47 -81.74
CA MET MC 90 76.56 -56.07 -81.36
C MET MC 90 75.29 -55.38 -81.84
N THR MC 91 74.82 -55.72 -83.04
CA THR MC 91 73.60 -55.11 -83.56
C THR MC 91 72.42 -55.41 -82.66
N ARG MC 92 72.35 -56.63 -82.12
CA ARG MC 92 71.27 -56.98 -81.20
C ARG MC 92 71.28 -56.08 -79.98
N GLU MC 93 72.46 -55.81 -79.43
CA GLU MC 93 72.55 -54.96 -78.25
C GLU MC 93 72.09 -53.53 -78.58
N LEU MC 94 72.43 -53.04 -79.77
CA LEU MC 94 72.06 -51.69 -80.14
C LEU MC 94 70.54 -51.50 -80.12
N TRP MC 95 69.81 -52.48 -80.66
CA TRP MC 95 68.36 -52.35 -80.73
C TRP MC 95 67.73 -52.27 -79.34
N GLY MC 96 68.23 -53.08 -78.41
CA GLY MC 96 67.68 -53.06 -77.07
C GLY MC 96 67.81 -51.69 -76.41
N GLN MC 97 68.96 -51.04 -76.60
CA GLN MC 97 69.14 -49.70 -76.05
C GLN MC 97 68.15 -48.72 -76.68
N ILE MC 98 67.92 -48.85 -77.99
CA ILE MC 98 67.01 -47.94 -78.67
C ILE MC 98 65.60 -48.08 -78.09
N GLN MC 99 65.14 -49.33 -77.93
CA GLN MC 99 63.84 -49.55 -77.32
C GLN MC 99 63.84 -49.12 -75.86
N ARG MC 100 64.96 -49.27 -75.17
CA ARG MC 100 65.08 -48.79 -73.79
C ARG MC 100 64.87 -47.29 -73.70
N HIS MC 101 65.03 -46.57 -74.81
CA HIS MC 101 64.83 -45.13 -74.85
C HIS MC 101 63.49 -44.73 -75.44
N HIS MC 102 63.10 -45.34 -76.56
CA HIS MC 102 61.86 -44.99 -77.23
C HIS MC 102 60.65 -45.41 -76.40
N TYR MC 103 60.50 -46.71 -76.16
CA TYR MC 103 59.36 -47.24 -75.42
C TYR MC 103 59.69 -47.44 -73.94
N GLY MC 104 60.20 -46.40 -73.31
CA GLY MC 104 60.51 -46.51 -71.90
C GLY MC 104 61.59 -47.55 -71.66
N ILE MC 105 61.72 -47.93 -70.40
CA ILE MC 105 62.67 -48.96 -69.98
C ILE MC 105 61.93 -50.06 -69.24
N VAL MC 106 60.78 -49.72 -68.65
CA VAL MC 106 59.99 -50.70 -67.92
C VAL MC 106 59.07 -51.46 -68.88
N GLN MC 107 58.38 -50.72 -69.76
CA GLN MC 107 57.47 -51.36 -70.71
C GLN MC 107 58.20 -52.25 -71.69
N VAL MC 108 59.52 -52.03 -71.88
CA VAL MC 108 60.27 -52.85 -72.83
C VAL MC 108 60.29 -54.30 -72.39
N GLU MC 109 60.50 -54.54 -71.10
CA GLU MC 109 60.56 -55.91 -70.59
C GLU MC 109 59.25 -56.65 -70.87
N HIS MC 110 58.11 -55.98 -70.68
CA HIS MC 110 56.83 -56.61 -70.93
C HIS MC 110 56.70 -57.02 -72.40
N TYR MC 111 57.13 -56.16 -73.31
CA TYR MC 111 57.03 -56.49 -74.74
C TYR MC 111 57.89 -57.70 -75.09
N VAL MC 112 59.15 -57.70 -74.65
CA VAL MC 112 60.02 -58.83 -74.97
C VAL MC 112 59.51 -60.10 -74.30
N LYS MC 113 58.93 -59.96 -73.09
CA LYS MC 113 58.35 -61.12 -72.43
C LYS MC 113 57.31 -61.78 -73.32
N GLN MC 114 56.43 -60.99 -73.94
CA GLN MC 114 55.41 -61.55 -74.82
C GLN MC 114 56.04 -62.07 -76.12
N ILE MC 115 57.08 -61.42 -76.61
CA ILE MC 115 57.73 -61.87 -77.83
C ILE MC 115 58.25 -63.29 -77.67
N THR MC 116 58.87 -63.57 -76.52
CA THR MC 116 59.41 -64.92 -76.30
C THR MC 116 58.31 -65.95 -76.33
N LEU MC 117 57.19 -65.68 -75.66
CA LEU MC 117 56.08 -66.62 -75.66
C LEU MC 117 55.47 -66.76 -77.05
N TRP MC 118 55.31 -65.64 -77.77
CA TRP MC 118 54.66 -65.66 -79.07
C TRP MC 118 55.48 -66.42 -80.11
N GLN MC 119 56.78 -66.56 -79.92
CA GLN MC 119 57.64 -67.25 -80.86
C GLN MC 119 57.98 -68.67 -80.44
N ASP MC 120 58.17 -68.90 -79.14
CA ASP MC 120 58.56 -70.23 -78.68
C ASP MC 120 57.45 -71.25 -78.94
N THR MC 121 56.20 -70.85 -78.76
CA THR MC 121 55.09 -71.76 -79.02
C THR MC 121 55.04 -72.10 -80.50
N PRO MC 122 54.51 -73.27 -80.86
CA PRO MC 122 54.45 -73.64 -82.28
C PRO MC 122 53.59 -72.67 -83.07
N GLN MC 123 53.93 -72.52 -84.35
CA GLN MC 123 53.24 -71.56 -85.21
C GLN MC 123 51.74 -71.82 -85.30
N ALA MC 124 51.31 -73.05 -85.01
CA ALA MC 124 49.89 -73.38 -85.07
C ALA MC 124 49.10 -72.80 -83.91
N PHE MC 125 49.77 -72.26 -82.88
CA PHE MC 125 49.10 -71.73 -81.70
C PHE MC 125 49.40 -70.27 -81.42
N ARG MC 126 50.34 -69.66 -82.12
CA ARG MC 126 50.75 -68.29 -81.81
C ARG MC 126 49.58 -67.33 -81.90
N GLY MC 127 49.01 -67.19 -83.09
CA GLY MC 127 47.91 -66.26 -83.31
C GLY MC 127 48.35 -65.02 -84.05
N ASP MC 128 48.43 -63.89 -83.36
CA ASP MC 128 48.82 -62.62 -83.94
C ASP MC 128 49.97 -62.03 -83.15
N GLN MC 129 50.89 -61.38 -83.86
CA GLN MC 129 52.04 -60.76 -83.19
C GLN MC 129 51.56 -59.66 -82.26
N PRO MC 130 52.08 -59.59 -81.03
CA PRO MC 130 51.69 -58.50 -80.12
C PRO MC 130 52.42 -57.21 -80.48
N LYS MC 131 51.66 -56.19 -80.82
CA LYS MC 131 52.25 -54.92 -81.23
C LYS MC 131 53.01 -54.30 -80.06
N PRO MC 132 54.23 -53.78 -80.30
CA PRO MC 132 54.97 -53.15 -79.21
C PRO MC 132 54.27 -51.88 -78.75
N PRO MC 133 54.45 -51.49 -77.50
CA PRO MC 133 53.83 -50.25 -77.01
C PRO MC 133 54.39 -49.03 -77.74
N SER MC 134 53.54 -48.02 -77.88
CA SER MC 134 53.93 -46.81 -78.57
C SER MC 134 54.87 -45.97 -77.70
N PHE MC 135 55.22 -44.79 -78.19
CA PHE MC 135 56.15 -43.89 -77.49
C PHE MC 135 55.40 -43.26 -76.32
N THR NC 3 47.77 -95.34 -61.44
CA THR NC 3 46.57 -95.56 -60.64
C THR NC 3 46.30 -94.41 -59.69
N PHE NC 4 47.34 -93.65 -59.30
CA PHE NC 4 47.11 -92.50 -58.43
C PHE NC 4 46.20 -91.48 -59.08
N ILE NC 5 46.39 -91.25 -60.38
CA ILE NC 5 45.54 -90.29 -61.08
C ILE NC 5 44.08 -90.74 -60.99
N GLU NC 6 43.83 -92.04 -61.08
CA GLU NC 6 42.48 -92.55 -60.89
C GLU NC 6 41.98 -92.22 -59.49
N LEU NC 7 42.84 -92.35 -58.48
CA LEU NC 7 42.44 -92.05 -57.12
C LEU NC 7 42.07 -90.57 -56.98
N VAL NC 8 42.60 -89.72 -57.84
CA VAL NC 8 42.26 -88.30 -57.83
C VAL NC 8 41.28 -87.93 -58.93
N LYS NC 9 41.16 -88.75 -59.98
CA LYS NC 9 40.23 -88.43 -61.06
C LYS NC 9 38.81 -88.28 -60.53
N ASN NC 10 38.48 -88.95 -59.44
CA ASN NC 10 37.16 -88.83 -58.84
C ASN NC 10 37.03 -87.60 -57.93
N MET NC 11 38.14 -86.96 -57.57
CA MET NC 11 38.07 -85.79 -56.71
C MET NC 11 37.36 -84.65 -57.41
N LYS NC 12 36.67 -83.83 -56.62
CA LYS NC 12 35.91 -82.71 -57.17
C LYS NC 12 36.82 -81.71 -57.86
N GLY NC 13 37.96 -81.40 -57.25
CA GLY NC 13 38.85 -80.37 -57.77
C GLY NC 13 39.89 -80.90 -58.74
N TYR NC 14 39.78 -82.17 -59.11
CA TYR NC 14 40.74 -82.76 -60.05
C TYR NC 14 40.63 -82.08 -61.41
N LYS NC 15 41.78 -81.88 -62.05
CA LYS NC 15 41.84 -81.21 -63.33
C LYS NC 15 42.84 -81.91 -64.23
N GLU NC 16 42.63 -81.79 -65.54
CA GLU NC 16 43.55 -82.35 -66.53
C GLU NC 16 44.64 -81.33 -66.81
N LEU NC 17 45.60 -81.25 -65.89
CA LEU NC 17 46.71 -80.31 -66.05
C LEU NC 17 47.61 -80.68 -67.21
N LEU NC 18 47.56 -81.92 -67.68
CA LEU NC 18 48.42 -82.37 -68.78
C LEU NC 18 47.88 -81.79 -70.08
N LEU NC 19 48.53 -80.72 -70.55
CA LEU NC 19 48.08 -80.06 -71.77
C LEU NC 19 48.43 -80.89 -72.99
N PRO NC 20 47.81 -80.59 -74.13
CA PRO NC 20 48.09 -81.38 -75.34
C PRO NC 20 49.57 -81.36 -75.70
N MET NC 21 50.05 -82.50 -76.20
CA MET NC 21 51.46 -82.62 -76.57
C MET NC 21 51.82 -81.61 -77.65
N GLU NC 22 50.96 -81.45 -78.66
CA GLU NC 22 51.24 -80.49 -79.71
C GLU NC 22 51.31 -79.07 -79.17
N MET NC 23 50.56 -78.78 -78.09
CA MET NC 23 50.52 -77.42 -77.56
C MET NC 23 51.89 -76.99 -77.05
N VAL NC 24 52.59 -77.86 -76.33
CA VAL NC 24 53.86 -77.50 -75.69
C VAL NC 24 54.98 -77.53 -76.72
N PRO NC 25 56.05 -76.76 -76.51
CA PRO NC 25 57.19 -76.80 -77.44
C PRO NC 25 58.16 -77.93 -77.12
N LEU NC 26 59.29 -77.96 -77.81
CA LEU NC 26 60.29 -78.99 -77.56
C LEU NC 26 60.90 -78.83 -76.17
N PRO NC 27 61.48 -79.90 -75.62
CA PRO NC 27 62.00 -79.81 -74.24
C PRO NC 27 63.04 -78.72 -74.06
N ALA NC 28 63.90 -78.50 -75.06
CA ALA NC 28 64.99 -77.53 -74.89
C ALA NC 28 64.45 -76.13 -74.67
N VAL NC 29 63.41 -75.73 -75.40
CA VAL NC 29 62.88 -74.39 -75.27
C VAL NC 29 62.25 -74.17 -73.91
N VAL NC 30 61.58 -75.20 -73.37
CA VAL NC 30 60.91 -75.06 -72.08
C VAL NC 30 61.92 -74.72 -70.99
N LEU NC 31 63.08 -75.39 -71.00
CA LEU NC 31 64.10 -75.12 -70.00
C LEU NC 31 64.48 -73.64 -69.97
N LYS NC 32 64.42 -72.98 -71.12
CA LYS NC 32 64.75 -71.56 -71.17
C LYS NC 32 63.81 -70.75 -70.28
N HIS NC 33 62.51 -71.04 -70.34
CA HIS NC 33 61.55 -70.28 -69.56
C HIS NC 33 61.67 -70.56 -68.08
N VAL NC 34 62.15 -71.75 -67.71
CA VAL NC 34 62.31 -72.07 -66.29
C VAL NC 34 63.31 -71.13 -65.64
N LYS NC 35 64.44 -70.89 -66.32
CA LYS NC 35 65.41 -69.93 -65.81
C LYS NC 35 64.81 -68.53 -65.75
N LEU NC 36 64.08 -68.14 -66.78
CA LEU NC 36 63.52 -66.80 -66.83
C LEU NC 36 62.45 -66.60 -65.75
N ILE NC 37 61.57 -67.58 -65.58
CA ILE NC 37 60.51 -67.44 -64.59
C ILE NC 37 61.07 -67.50 -63.17
N LEU NC 38 61.98 -68.44 -62.92
CA LEU NC 38 62.62 -68.52 -61.61
C LEU NC 38 63.41 -67.25 -61.31
N THR NC 39 64.18 -66.78 -62.29
CA THR NC 39 64.97 -65.57 -62.09
C THR NC 39 64.08 -64.37 -61.82
N SER NC 40 63.01 -64.21 -62.61
CA SER NC 40 62.13 -63.06 -62.44
C SER NC 40 61.45 -63.09 -61.06
N GLN NC 41 60.98 -64.26 -60.64
CA GLN NC 41 60.28 -64.36 -59.37
C GLN NC 41 61.24 -64.12 -58.21
N LYS NC 42 60.74 -63.44 -57.18
CA LYS NC 42 61.57 -63.07 -56.03
C LYS NC 42 61.12 -63.76 -54.75
N GLU NC 43 59.84 -63.70 -54.40
CA GLU NC 43 59.39 -64.31 -53.16
C GLU NC 43 59.60 -65.81 -53.19
N HIS NC 44 60.06 -66.37 -52.08
CA HIS NC 44 60.37 -67.78 -51.98
C HIS NC 44 59.14 -68.55 -51.51
N GLN NC 45 58.70 -69.49 -52.33
CA GLN NC 45 57.61 -70.40 -52.01
C GLN NC 45 58.03 -71.82 -52.37
N PRO NC 46 57.39 -72.83 -51.79
CA PRO NC 46 57.81 -74.21 -52.06
C PRO NC 46 57.69 -74.61 -53.51
N TRP NC 47 56.80 -73.98 -54.29
CA TRP NC 47 56.59 -74.43 -55.66
C TRP NC 47 57.85 -74.21 -56.51
N MET NC 48 58.50 -73.06 -56.36
CA MET NC 48 59.72 -72.82 -57.13
C MET NC 48 60.82 -73.79 -56.72
N THR NC 49 60.93 -74.08 -55.42
CA THR NC 49 61.91 -75.06 -54.96
C THR NC 49 61.65 -76.43 -55.58
N GLU NC 50 60.39 -76.85 -55.60
CA GLU NC 50 60.04 -78.11 -56.23
C GLU NC 50 60.02 -78.01 -57.74
N MET NC 51 59.73 -76.83 -58.29
CA MET NC 51 59.69 -76.65 -59.73
C MET NC 51 61.07 -76.90 -60.34
N ALA NC 52 62.12 -76.40 -59.70
CA ALA NC 52 63.47 -76.63 -60.20
C ALA NC 52 63.83 -78.10 -60.19
N LEU NC 53 63.47 -78.81 -59.13
CA LEU NC 53 63.80 -80.23 -59.03
C LEU NC 53 63.13 -81.02 -60.14
N LYS NC 54 61.86 -80.72 -60.44
CA LYS NC 54 61.16 -81.45 -61.48
C LYS NC 54 61.82 -81.25 -62.84
N ALA NC 55 62.27 -80.02 -63.12
CA ALA NC 55 62.92 -79.75 -64.40
C ALA NC 55 64.32 -80.33 -64.44
N ASP NC 56 64.97 -80.47 -63.28
CA ASP NC 56 66.34 -80.96 -63.25
C ASP NC 56 66.44 -82.37 -63.85
N GLN NC 57 65.46 -83.22 -63.54
CA GLN NC 57 65.53 -84.61 -64.01
C GLN NC 57 65.67 -84.68 -65.52
N CYS NC 58 65.01 -83.77 -66.24
CA CYS NC 58 65.10 -83.78 -67.70
C CYS NC 58 66.53 -83.60 -68.17
N LEU NC 59 67.33 -82.80 -67.45
CA LEU NC 59 68.71 -82.59 -67.87
C LEU NC 59 69.51 -83.87 -67.82
N ILE NC 60 69.30 -84.69 -66.79
CA ILE NC 60 70.06 -85.94 -66.67
C ILE NC 60 69.75 -86.85 -67.84
N HIS NC 61 68.47 -86.95 -68.23
CA HIS NC 61 68.09 -87.79 -69.34
C HIS NC 61 68.73 -87.33 -70.64
N LYS NC 62 68.93 -86.01 -70.79
CA LYS NC 62 69.58 -85.50 -72.00
C LYS NC 62 70.97 -86.10 -72.15
N ALA NC 63 71.76 -86.07 -71.07
CA ALA NC 63 73.11 -86.64 -71.12
C ALA NC 63 73.09 -88.16 -71.04
N THR NC 64 72.13 -88.73 -70.32
CA THR NC 64 72.06 -90.19 -70.21
C THR NC 64 71.91 -90.83 -71.58
N LEU NC 65 70.97 -90.33 -72.39
CA LEU NC 65 70.79 -90.85 -73.74
C LEU NC 65 71.90 -90.36 -74.67
N PRO NC 78 63.00 -101.02 -76.41
CA PRO NC 78 61.88 -100.55 -75.57
C PRO NC 78 62.33 -99.62 -74.45
N LEU NC 79 63.51 -99.86 -73.87
CA LEU NC 79 63.99 -99.02 -72.78
C LEU NC 79 64.27 -97.61 -73.27
N ILE NC 80 65.03 -97.47 -74.35
CA ILE NC 80 65.38 -96.15 -74.85
C ILE NC 80 64.14 -95.41 -75.33
N GLU NC 81 63.26 -96.10 -76.05
CA GLU NC 81 62.07 -95.45 -76.59
C GLU NC 81 61.18 -94.91 -75.47
N ALA NC 82 61.04 -95.67 -74.38
CA ALA NC 82 60.21 -95.21 -73.28
C ALA NC 82 60.76 -93.93 -72.67
N MET NC 83 62.08 -93.82 -72.53
CA MET NC 83 62.66 -92.62 -71.96
C MET NC 83 62.31 -91.39 -72.80
N GLN NC 84 62.31 -91.54 -74.12
CA GLN NC 84 61.97 -90.41 -74.99
C GLN NC 84 60.57 -89.90 -74.68
N GLN NC 85 59.61 -90.82 -74.50
CA GLN NC 85 58.27 -90.41 -74.14
C GLN NC 85 58.21 -89.86 -72.73
N ILE NC 86 59.05 -90.38 -71.82
CA ILE NC 86 59.05 -89.90 -70.44
C ILE NC 86 59.46 -88.43 -70.39
N ILE NC 87 60.48 -88.06 -71.17
CA ILE NC 87 60.93 -86.67 -71.18
C ILE NC 87 59.79 -85.76 -71.61
N LEU NC 88 59.06 -86.15 -72.65
CA LEU NC 88 57.93 -85.33 -73.10
C LEU NC 88 56.84 -85.27 -72.04
N ALA NC 89 56.71 -86.31 -71.22
CA ALA NC 89 55.70 -86.31 -70.17
C ALA NC 89 55.96 -85.19 -69.17
N MET NC 90 57.22 -85.00 -68.79
CA MET NC 90 57.54 -83.94 -67.83
C MET NC 90 57.39 -82.56 -68.45
N THR NC 91 57.66 -82.43 -69.75
CA THR NC 91 57.54 -81.13 -70.40
C THR NC 91 56.11 -80.60 -70.30
N ARG NC 92 55.12 -81.47 -70.53
CA ARG NC 92 53.74 -81.04 -70.41
C ARG NC 92 53.44 -80.56 -68.99
N GLU NC 93 53.93 -81.29 -67.99
CA GLU NC 93 53.71 -80.90 -66.61
C GLU NC 93 54.38 -79.56 -66.31
N LEU NC 94 55.61 -79.38 -66.80
CA LEU NC 94 56.34 -78.14 -66.54
C LEU NC 94 55.63 -76.94 -67.17
N TRP NC 95 55.18 -77.08 -68.42
CA TRP NC 95 54.55 -75.96 -69.10
C TRP NC 95 53.29 -75.52 -68.38
N GLY NC 96 52.61 -76.43 -67.69
CA GLY NC 96 51.41 -76.05 -66.96
C GLY NC 96 51.70 -75.04 -65.86
N GLN NC 97 52.74 -75.30 -65.08
CA GLN NC 97 53.12 -74.36 -64.02
C GLN NC 97 53.57 -73.03 -64.62
N ILE NC 98 54.25 -73.07 -65.77
CA ILE NC 98 54.70 -71.85 -66.41
C ILE NC 98 53.50 -70.98 -66.78
N GLN NC 99 52.50 -71.57 -67.45
CA GLN NC 99 51.35 -70.80 -67.88
C GLN NC 99 50.49 -70.38 -66.68
N ARG NC 100 50.29 -71.28 -65.72
CA ARG NC 100 49.48 -70.93 -64.56
C ARG NC 100 50.11 -69.81 -63.76
N HIS NC 101 51.43 -69.84 -63.59
CA HIS NC 101 52.10 -68.78 -62.84
C HIS NC 101 52.02 -67.44 -63.56
N HIS NC 102 52.27 -67.45 -64.88
CA HIS NC 102 52.24 -66.19 -65.63
C HIS NC 102 50.83 -65.60 -65.66
N TYR NC 103 49.85 -66.39 -66.06
CA TYR NC 103 48.48 -65.90 -66.18
C TYR NC 103 47.65 -66.23 -64.93
N GLY NC 104 47.52 -67.49 -64.61
CA GLY NC 104 46.71 -67.92 -63.48
C GLY NC 104 46.22 -69.33 -63.66
N ILE NC 105 45.84 -69.95 -62.55
CA ILE NC 105 45.40 -71.34 -62.57
C ILE NC 105 44.10 -71.47 -63.34
N VAL NC 106 43.14 -70.57 -63.10
CA VAL NC 106 41.84 -70.68 -63.74
C VAL NC 106 41.95 -70.39 -65.24
N GLN NC 107 42.77 -69.41 -65.62
CA GLN NC 107 42.84 -69.01 -67.02
C GLN NC 107 43.33 -70.16 -67.89
N VAL NC 108 44.36 -70.87 -67.44
CA VAL NC 108 44.87 -72.01 -68.21
C VAL NC 108 43.79 -73.07 -68.36
N GLU NC 109 43.13 -73.42 -67.25
CA GLU NC 109 42.04 -74.38 -67.33
C GLU NC 109 40.91 -73.86 -68.21
N HIS NC 110 40.70 -72.55 -68.21
CA HIS NC 110 39.64 -71.96 -69.02
C HIS NC 110 40.02 -71.88 -70.50
N TYR NC 111 41.30 -71.61 -70.78
CA TYR NC 111 41.74 -71.37 -72.16
C TYR NC 111 42.17 -72.63 -72.88
N VAL NC 112 42.63 -73.66 -72.16
CA VAL NC 112 43.14 -74.85 -72.82
C VAL NC 112 42.04 -75.52 -73.65
N LYS NC 113 40.83 -75.61 -73.10
CA LYS NC 113 39.76 -76.29 -73.80
C LYS NC 113 39.38 -75.57 -75.08
N GLN NC 114 39.42 -74.23 -75.06
CA GLN NC 114 38.96 -73.46 -76.22
C GLN NC 114 39.76 -73.82 -77.46
N ILE NC 115 41.10 -73.88 -77.34
CA ILE NC 115 41.93 -74.15 -78.50
C ILE NC 115 41.70 -75.58 -78.98
N THR NC 116 41.48 -76.51 -78.06
CA THR NC 116 41.23 -77.90 -78.46
C THR NC 116 39.98 -77.99 -79.32
N LEU NC 117 38.93 -77.27 -78.94
CA LEU NC 117 37.70 -77.27 -79.74
C LEU NC 117 37.96 -76.72 -81.13
N TRP NC 118 38.73 -75.63 -81.23
CA TRP NC 118 38.99 -75.03 -82.54
C TRP NC 118 39.68 -76.02 -83.47
N GLN NC 119 40.40 -77.00 -82.92
CA GLN NC 119 41.06 -78.00 -83.75
C GLN NC 119 40.10 -79.12 -84.11
N ASP NC 120 39.42 -79.68 -83.11
CA ASP NC 120 38.49 -80.80 -83.34
C ASP NC 120 37.20 -80.24 -83.93
N THR NC 121 37.28 -79.89 -85.21
CA THR NC 121 36.15 -79.32 -85.94
C THR NC 121 36.40 -79.53 -87.42
N PRO NC 122 35.35 -79.67 -88.25
CA PRO NC 122 35.58 -79.96 -89.67
C PRO NC 122 36.20 -78.79 -90.42
N GLN NC 123 37.49 -78.57 -90.18
CA GLN NC 123 38.31 -77.59 -90.91
C GLN NC 123 37.55 -76.32 -91.27
N ALA NC 124 36.58 -76.42 -92.18
CA ALA NC 124 35.97 -75.21 -92.73
C ALA NC 124 35.38 -74.34 -91.63
N PHE NC 125 34.55 -74.92 -90.77
CA PHE NC 125 33.95 -74.17 -89.66
C PHE NC 125 34.78 -74.33 -88.39
N ARG NC 126 36.09 -74.10 -88.51
CA ARG NC 126 36.95 -74.25 -87.34
C ARG NC 126 36.67 -73.19 -86.29
N GLY NC 127 36.41 -71.96 -86.73
CA GLY NC 127 36.15 -70.88 -85.81
C GLY NC 127 36.73 -69.56 -86.29
N ASP NC 128 37.42 -68.86 -85.39
CA ASP NC 128 38.03 -67.59 -85.73
C ASP NC 128 39.43 -67.46 -85.12
N GLN NC 129 40.14 -68.58 -85.00
CA GLN NC 129 41.49 -68.56 -84.45
C GLN NC 129 41.48 -67.93 -83.06
N PRO NC 130 40.94 -68.62 -82.06
CA PRO NC 130 40.75 -67.98 -80.76
C PRO NC 130 42.05 -67.38 -80.23
N LYS NC 131 41.94 -66.16 -79.71
CA LYS NC 131 43.11 -65.45 -79.23
C LYS NC 131 43.63 -66.08 -77.93
N PRO NC 132 44.94 -66.05 -77.71
CA PRO NC 132 45.48 -66.53 -76.44
C PRO NC 132 45.13 -65.57 -75.32
N PRO NC 133 45.18 -66.03 -74.06
CA PRO NC 133 44.76 -65.17 -72.95
C PRO NC 133 45.61 -63.92 -72.86
N THR OC 3 -35.53 24.49 120.30
CA THR OC 3 -36.62 23.90 119.53
C THR OC 3 -36.26 23.77 118.05
N PHE OC 4 -35.61 24.79 117.49
CA PHE OC 4 -35.29 24.77 116.06
C PHE OC 4 -34.36 23.62 115.71
N ILE OC 5 -33.34 23.40 116.53
CA ILE OC 5 -32.37 22.34 116.21
C ILE OC 5 -33.07 20.99 116.17
N GLU OC 6 -34.05 20.78 117.06
CA GLU OC 6 -34.82 19.55 117.01
C GLU OC 6 -35.51 19.38 115.66
N LEU OC 7 -36.05 20.49 115.12
CA LEU OC 7 -36.71 20.42 113.83
C LEU OC 7 -35.73 20.04 112.72
N VAL OC 8 -34.53 20.61 112.76
CA VAL OC 8 -33.55 20.33 111.71
C VAL OC 8 -33.08 18.89 111.78
N LYS OC 9 -32.89 18.36 112.99
CA LYS OC 9 -32.47 16.98 113.13
C LYS OC 9 -33.46 16.03 112.46
N ASN OC 10 -34.72 16.44 112.35
CA ASN OC 10 -35.74 15.66 111.65
C ASN OC 10 -35.68 15.96 110.16
N MET OC 11 -34.51 15.72 109.57
CA MET OC 11 -34.27 15.97 108.16
C MET OC 11 -33.37 14.88 107.59
N LYS OC 12 -33.40 14.76 106.27
CA LYS OC 12 -32.70 13.71 105.56
C LYS OC 12 -31.32 14.18 105.12
N GLY OC 13 -30.33 13.30 105.27
CA GLY OC 13 -28.95 13.66 105.01
C GLY OC 13 -28.27 14.39 106.13
N TYR OC 14 -28.84 14.39 107.33
CA TYR OC 14 -28.28 15.12 108.46
C TYR OC 14 -27.13 14.31 109.06
N LYS OC 15 -25.92 14.85 108.96
CA LYS OC 15 -24.73 14.26 109.54
C LYS OC 15 -24.27 15.13 110.69
N GLU OC 16 -24.20 14.55 111.88
CA GLU OC 16 -23.80 15.31 113.06
C GLU OC 16 -22.32 15.68 112.97
N LEU OC 17 -21.99 16.85 113.52
CA LEU OC 17 -20.63 17.35 113.46
C LEU OC 17 -20.16 17.96 114.78
N LEU OC 18 -20.90 17.77 115.87
CA LEU OC 18 -20.57 18.37 117.17
C LEU OC 18 -20.24 17.26 118.16
N LEU OC 19 -19.11 17.41 118.85
CA LEU OC 19 -18.69 16.44 119.83
C LEU OC 19 -19.39 16.70 121.17
N PRO OC 20 -19.37 15.72 122.08
CA PRO OC 20 -19.95 15.94 123.40
C PRO OC 20 -19.26 17.08 124.13
N MET OC 21 -20.04 17.78 124.97
CA MET OC 21 -19.52 18.90 125.72
C MET OC 21 -18.34 18.48 126.60
N GLU OC 22 -18.29 17.22 127.00
CA GLU OC 22 -17.24 16.73 127.89
C GLU OC 22 -15.92 16.49 127.17
N MET OC 23 -15.89 16.53 125.84
CA MET OC 23 -14.68 16.25 125.08
C MET OC 23 -14.08 17.49 124.42
N VAL OC 24 -14.87 18.53 124.17
CA VAL OC 24 -14.37 19.73 123.51
C VAL OC 24 -13.35 20.40 124.42
N PRO OC 25 -12.37 21.11 123.87
CA PRO OC 25 -11.38 21.78 124.73
C PRO OC 25 -12.01 22.88 125.55
N LEU OC 26 -11.23 23.42 126.47
CA LEU OC 26 -11.66 24.58 127.23
C LEU OC 26 -11.76 25.79 126.30
N PRO OC 27 -12.62 26.75 126.63
CA PRO OC 27 -12.80 27.90 125.72
C PRO OC 27 -11.51 28.64 125.44
N ALA OC 28 -10.62 28.74 126.42
CA ALA OC 28 -9.35 29.43 126.19
C ALA OC 28 -8.53 28.73 125.12
N VAL OC 29 -8.51 27.40 125.13
CA VAL OC 29 -7.70 26.67 124.17
C VAL OC 29 -8.24 26.86 122.75
N VAL OC 30 -9.56 26.92 122.60
CA VAL OC 30 -10.15 27.00 121.27
C VAL OC 30 -9.69 28.28 120.57
N LEU OC 31 -9.69 29.39 121.29
CA LEU OC 31 -9.30 30.66 120.69
C LEU OC 31 -7.91 30.59 120.08
N LYS OC 32 -7.04 29.76 120.66
CA LYS OC 32 -5.67 29.66 120.15
C LYS OC 32 -5.66 29.17 118.71
N HIS OC 33 -6.46 28.15 118.40
CA HIS OC 33 -6.52 27.65 117.03
C HIS OC 33 -7.16 28.67 116.09
N VAL OC 34 -8.05 29.52 116.61
CA VAL OC 34 -8.71 30.50 115.76
C VAL OC 34 -7.68 31.44 115.15
N LYS OC 35 -6.75 31.93 115.97
CA LYS OC 35 -5.73 32.85 115.47
C LYS OC 35 -4.88 32.20 114.40
N LEU OC 36 -4.47 30.95 114.63
CA LEU OC 36 -3.64 30.26 113.65
C LEU OC 36 -4.41 30.03 112.36
N ILE OC 37 -5.63 29.48 112.47
CA ILE OC 37 -6.41 29.15 111.28
C ILE OC 37 -6.76 30.43 110.51
N LEU OC 38 -7.22 31.45 111.23
CA LEU OC 38 -7.54 32.72 110.57
C LEU OC 38 -6.30 33.34 109.94
N THR OC 39 -5.23 33.49 110.73
CA THR OC 39 -4.06 34.20 110.25
C THR OC 39 -3.29 33.37 109.22
N SER OC 40 -3.09 32.08 109.50
CA SER OC 40 -2.35 31.20 108.60
C SER OC 40 -3.30 30.70 107.52
N GLN OC 41 -3.80 31.64 106.73
CA GLN OC 41 -4.71 31.33 105.63
C GLN OC 41 -4.48 32.31 104.50
N LYS OC 42 -4.74 31.85 103.28
CA LYS OC 42 -4.59 32.65 102.07
C LYS OC 42 -5.87 32.56 101.26
N GLU OC 43 -6.16 33.62 100.51
CA GLU OC 43 -7.37 33.69 99.69
C GLU OC 43 -8.61 33.53 100.57
N HIS OC 44 -8.79 34.52 101.45
CA HIS OC 44 -9.88 34.51 102.41
C HIS OC 44 -11.18 34.01 101.79
N GLN OC 45 -11.85 33.13 102.52
CA GLN OC 45 -13.09 32.49 102.08
C GLN OC 45 -14.24 32.88 103.00
N PRO OC 46 -15.48 32.74 102.53
CA PRO OC 46 -16.62 33.23 103.34
C PRO OC 46 -16.69 32.61 104.72
N TRP OC 47 -16.37 31.32 104.85
CA TRP OC 47 -16.48 30.66 106.15
C TRP OC 47 -15.53 31.24 107.18
N MET OC 48 -14.44 31.88 106.75
CA MET OC 48 -13.53 32.50 107.70
C MET OC 48 -14.22 33.61 108.48
N THR OC 49 -15.05 34.40 107.80
CA THR OC 49 -15.75 35.48 108.49
C THR OC 49 -16.69 34.93 109.56
N GLU OC 50 -17.38 33.84 109.26
CA GLU OC 50 -18.31 33.26 110.22
C GLU OC 50 -17.58 32.82 111.49
N MET OC 51 -16.39 32.23 111.34
CA MET OC 51 -15.64 31.77 112.51
C MET OC 51 -15.31 32.94 113.43
N ALA OC 52 -14.85 34.05 112.87
CA ALA OC 52 -14.43 35.18 113.69
C ALA OC 52 -15.62 35.77 114.45
N LEU OC 53 -16.76 35.89 113.78
CA LEU OC 53 -17.93 36.51 114.42
C LEU OC 53 -18.35 35.74 115.67
N LYS OC 54 -18.39 34.41 115.58
CA LYS OC 54 -18.77 33.61 116.74
C LYS OC 54 -17.73 33.70 117.84
N ALA OC 55 -16.44 33.81 117.46
CA ALA OC 55 -15.39 33.81 118.46
C ALA OC 55 -15.52 34.99 119.42
N ASP OC 56 -15.80 36.18 118.88
CA ASP OC 56 -15.91 37.36 119.74
C ASP OC 56 -17.07 37.22 120.71
N GLN OC 57 -18.10 36.47 120.35
CA GLN OC 57 -19.25 36.30 121.24
C GLN OC 57 -18.83 35.64 122.55
N CYS OC 58 -17.99 34.60 122.47
CA CYS OC 58 -17.53 33.93 123.68
C CYS OC 58 -16.75 34.89 124.56
N LEU OC 59 -15.91 35.74 123.95
CA LEU OC 59 -15.17 36.73 124.73
C LEU OC 59 -16.12 37.71 125.41
N ILE OC 60 -17.17 38.13 124.70
CA ILE OC 60 -18.13 39.07 125.27
C ILE OC 60 -18.79 38.44 126.50
N HIS OC 61 -19.28 37.21 126.36
CA HIS OC 61 -19.85 36.52 127.52
C HIS OC 61 -18.79 36.27 128.58
N LYS OC 62 -17.58 35.89 128.17
CA LYS OC 62 -16.52 35.66 129.13
C LYS OC 62 -16.17 36.93 129.89
N ALA OC 63 -16.13 38.07 129.19
CA ALA OC 63 -15.86 39.35 129.83
C ALA OC 63 -17.03 39.84 130.68
N THR OC 64 -18.19 39.19 130.58
CA THR OC 64 -19.36 39.61 131.34
C THR OC 64 -19.40 39.03 132.74
N LEU OC 65 -18.77 37.88 132.97
CA LEU OC 65 -18.81 37.25 134.28
C LEU OC 65 -18.14 38.11 135.34
N ASP OC 66 -17.04 38.77 135.00
CA ASP OC 66 -16.35 39.61 135.98
C ASP OC 66 -17.27 40.68 136.54
N PRO OC 78 -29.64 32.61 139.18
CA PRO OC 78 -29.76 32.04 137.82
C PRO OC 78 -29.22 32.95 136.73
N LEU OC 79 -29.64 34.22 136.73
CA LEU OC 79 -29.28 35.10 135.62
C LEU OC 79 -27.77 35.27 135.51
N ILE OC 80 -27.09 35.46 136.65
CA ILE OC 80 -25.63 35.63 136.62
C ILE OC 80 -24.97 34.37 136.10
N GLU OC 81 -25.40 33.21 136.59
CA GLU OC 81 -24.82 31.94 136.18
C GLU OC 81 -25.41 31.40 134.88
N ALA OC 82 -26.54 31.95 134.42
CA ALA OC 82 -27.17 31.43 133.20
C ALA OC 82 -26.27 31.63 131.99
N MET OC 83 -25.63 32.79 131.88
CA MET OC 83 -24.79 33.07 130.72
C MET OC 83 -23.64 32.09 130.61
N GLN OC 84 -23.16 31.55 131.74
CA GLN OC 84 -22.05 30.62 131.70
C GLN OC 84 -22.40 29.37 130.91
N GLN OC 85 -23.69 28.99 130.89
CA GLN OC 85 -24.10 27.80 130.14
C GLN OC 85 -23.84 27.99 128.65
N ILE OC 86 -24.13 29.18 128.12
CA ILE OC 86 -23.97 29.42 126.69
C ILE OC 86 -22.49 29.38 126.32
N ILE OC 87 -21.61 29.85 127.20
CA ILE OC 87 -20.19 29.90 126.90
C ILE OC 87 -19.69 28.50 126.54
N LEU OC 88 -20.01 27.52 127.37
CA LEU OC 88 -19.61 26.15 127.07
C LEU OC 88 -20.22 25.66 125.77
N ALA OC 89 -21.51 25.97 125.54
CA ALA OC 89 -22.16 25.55 124.32
C ALA OC 89 -21.53 26.20 123.10
N MET OC 90 -21.18 27.49 123.20
CA MET OC 90 -20.63 28.19 122.04
C MET OC 90 -19.36 27.51 121.54
N THR OC 91 -18.55 26.97 122.46
CA THR OC 91 -17.34 26.26 122.05
C THR OC 91 -17.67 25.04 121.21
N ARG OC 92 -18.71 24.30 121.60
CA ARG OC 92 -19.05 23.06 120.90
C ARG OC 92 -19.33 23.33 119.43
N GLU OC 93 -20.12 24.37 119.14
CA GLU OC 93 -20.35 24.74 117.75
C GLU OC 93 -19.10 25.31 117.13
N LEU OC 94 -18.34 26.11 117.89
CA LEU OC 94 -17.12 26.71 117.36
C LEU OC 94 -16.08 25.66 117.03
N TRP OC 95 -15.90 24.67 117.91
CA TRP OC 95 -14.90 23.64 117.67
C TRP OC 95 -15.24 22.81 116.45
N GLY OC 96 -16.51 22.74 116.07
CA GLY OC 96 -16.89 21.96 114.91
C GLY OC 96 -16.27 22.49 113.63
N GLN OC 97 -16.20 23.82 113.50
CA GLN OC 97 -15.60 24.40 112.30
C GLN OC 97 -14.10 24.20 112.27
N ILE OC 98 -13.47 24.16 113.45
CA ILE OC 98 -12.01 23.96 113.51
C ILE OC 98 -11.64 22.63 112.87
N GLN OC 99 -12.36 21.57 113.24
CA GLN OC 99 -12.04 20.25 112.71
C GLN OC 99 -12.32 20.16 111.21
N ARG OC 100 -13.33 20.89 110.73
CA ARG OC 100 -13.60 20.91 109.30
C ARG OC 100 -12.41 21.46 108.53
N HIS OC 101 -11.83 22.55 109.02
CA HIS OC 101 -10.66 23.13 108.36
C HIS OC 101 -9.46 22.20 108.44
N HIS OC 102 -9.20 21.64 109.63
CA HIS OC 102 -8.04 20.77 109.80
C HIS OC 102 -8.26 19.44 109.09
N TYR OC 103 -9.28 18.68 109.51
CA TYR OC 103 -9.50 17.35 108.96
C TYR OC 103 -10.27 17.41 107.65
N GLY OC 104 -11.48 17.95 107.69
CA GLY OC 104 -12.36 17.97 106.53
C GLY OC 104 -13.75 17.58 106.97
N ILE OC 105 -14.76 18.11 106.27
CA ILE OC 105 -16.15 17.87 106.66
C ILE OC 105 -16.47 16.39 106.60
N VAL OC 106 -16.07 15.72 105.52
CA VAL OC 106 -16.43 14.32 105.34
C VAL OC 106 -15.83 13.46 106.43
N GLN OC 107 -14.53 13.68 106.73
CA GLN OC 107 -13.87 12.86 107.73
C GLN OC 107 -14.47 13.06 109.11
N VAL OC 108 -14.88 14.29 109.42
CA VAL OC 108 -15.42 14.57 110.75
C VAL OC 108 -16.66 13.74 111.01
N GLU OC 109 -17.55 13.64 110.02
CA GLU OC 109 -18.78 12.89 110.20
C GLU OC 109 -18.49 11.48 110.69
N HIS OC 110 -17.54 10.80 110.04
CA HIS OC 110 -17.17 9.45 110.46
C HIS OC 110 -16.61 9.46 111.88
N TYR OC 111 -15.75 10.44 112.19
CA TYR OC 111 -15.11 10.46 113.50
C TYR OC 111 -16.13 10.61 114.62
N VAL OC 112 -17.12 11.48 114.43
CA VAL OC 112 -18.09 11.72 115.50
C VAL OC 112 -18.87 10.45 115.80
N LYS OC 113 -19.36 9.78 114.77
CA LYS OC 113 -20.14 8.56 114.97
C LYS OC 113 -19.28 7.49 115.64
N GLN OC 114 -18.02 7.36 115.22
CA GLN OC 114 -17.12 6.42 115.88
C GLN OC 114 -16.95 6.78 117.35
N ILE OC 115 -16.81 8.07 117.65
CA ILE OC 115 -16.73 8.50 119.04
C ILE OC 115 -18.04 8.21 119.75
N THR OC 116 -19.16 8.48 119.10
CA THR OC 116 -20.46 8.27 119.74
C THR OC 116 -20.65 6.80 120.10
N LEU OC 117 -20.42 5.91 119.14
CA LEU OC 117 -20.52 4.49 119.43
C LEU OC 117 -19.51 4.08 120.49
N TRP OC 118 -18.29 4.60 120.40
CA TRP OC 118 -17.29 4.30 121.41
C TRP OC 118 -17.74 4.77 122.78
N GLN OC 119 -18.32 5.96 122.86
CA GLN OC 119 -18.84 6.45 124.13
C GLN OC 119 -20.07 5.68 124.56
N ASP OC 120 -20.89 5.24 123.60
CA ASP OC 120 -22.12 4.52 123.94
C ASP OC 120 -21.81 3.19 124.58
N THR OC 121 -20.84 2.46 124.05
CA THR OC 121 -20.51 1.15 124.58
C THR OC 121 -20.03 1.26 126.02
N PRO OC 122 -20.42 0.34 126.90
CA PRO OC 122 -19.96 0.43 128.30
C PRO OC 122 -18.44 0.34 128.40
N GLN OC 123 -17.91 1.04 129.40
CA GLN OC 123 -16.46 1.13 129.57
C GLN OC 123 -15.83 -0.23 129.81
N ALA OC 124 -16.60 -1.21 130.27
CA ALA OC 124 -16.02 -2.54 130.55
C ALA OC 124 -15.44 -3.15 129.29
N PHE OC 125 -16.16 -3.04 128.16
CA PHE OC 125 -15.71 -3.58 126.88
C PHE OC 125 -15.72 -2.49 125.81
N ARG OC 126 -15.50 -1.25 126.21
CA ARG OC 126 -15.57 -0.14 125.27
C ARG OC 126 -14.50 -0.25 124.19
N GLY OC 127 -13.28 -0.61 124.57
CA GLY OC 127 -12.18 -0.70 123.63
C GLY OC 127 -11.38 0.57 123.53
N ASP OC 128 -10.34 0.50 122.70
CA ASP OC 128 -9.46 1.65 122.52
C ASP OC 128 -10.19 2.79 121.85
N GLN OC 129 -9.94 4.00 122.32
CA GLN OC 129 -10.57 5.17 121.73
C GLN OC 129 -10.05 5.39 120.33
N PRO OC 130 -10.92 5.62 119.34
CA PRO OC 130 -10.43 5.82 117.97
C PRO OC 130 -9.66 7.12 117.85
N LYS OC 131 -8.71 7.13 116.91
CA LYS OC 131 -7.87 8.29 116.68
C LYS OC 131 -8.50 9.21 115.66
N PRO OC 132 -8.13 10.49 115.66
CA PRO OC 132 -8.70 11.44 114.68
C PRO OC 132 -8.38 11.03 113.27
N PRO OC 133 -9.14 11.52 112.28
CA PRO OC 133 -8.86 11.17 110.89
C PRO OC 133 -7.58 11.81 110.36
N SER OC 134 -7.30 11.59 109.08
CA SER OC 134 -6.13 12.19 108.45
C SER OC 134 -6.41 13.63 108.05
N PHE OC 135 -5.38 14.45 108.08
CA PHE OC 135 -5.52 15.86 107.74
C PHE OC 135 -5.87 16.03 106.27
N THR PC 3 -11.22 41.84 118.48
CA THR PC 3 -9.97 41.80 117.74
C THR PC 3 -9.96 40.79 116.62
N PHE PC 4 -10.57 39.62 116.82
CA PHE PC 4 -10.56 38.60 115.78
C PHE PC 4 -11.22 39.09 114.50
N ILE PC 5 -12.36 39.76 114.63
CA ILE PC 5 -13.06 40.27 113.45
C ILE PC 5 -12.18 41.28 112.72
N GLU PC 6 -11.42 42.07 113.48
CA GLU PC 6 -10.53 43.04 112.85
C GLU PC 6 -9.49 42.34 111.99
N LEU PC 7 -8.96 41.21 112.46
CA LEU PC 7 -7.97 40.47 111.68
C LEU PC 7 -8.55 40.03 110.35
N VAL PC 8 -9.81 39.57 110.35
CA VAL PC 8 -10.45 39.18 109.10
C VAL PC 8 -10.57 40.37 108.18
N LYS PC 9 -10.97 41.52 108.72
CA LYS PC 9 -11.11 42.72 107.91
C LYS PC 9 -9.78 43.18 107.33
N ASN PC 10 -8.67 42.67 107.85
CA ASN PC 10 -7.35 43.00 107.34
C ASN PC 10 -6.87 42.03 106.27
N MET PC 11 -7.70 41.08 105.87
CA MET PC 11 -7.30 40.07 104.91
C MET PC 11 -7.40 40.60 103.49
N LYS PC 12 -7.13 39.72 102.53
CA LYS PC 12 -7.23 40.03 101.11
C LYS PC 12 -8.42 39.29 100.52
N GLY PC 13 -9.25 40.01 99.78
CA GLY PC 13 -10.45 39.45 99.20
C GLY PC 13 -11.66 39.46 100.12
N TYR PC 14 -11.51 39.91 101.36
CA TYR PC 14 -12.64 39.98 102.26
C TYR PC 14 -13.67 40.98 101.77
N LYS PC 15 -14.95 40.63 101.93
CA LYS PC 15 -16.05 41.46 101.47
C LYS PC 15 -17.13 41.46 102.53
N GLU PC 16 -17.72 42.63 102.76
CA GLU PC 16 -18.77 42.76 103.76
C GLU PC 16 -20.03 42.03 103.32
N LEU PC 17 -20.71 41.41 104.28
CA LEU PC 17 -21.98 40.75 104.04
C LEU PC 17 -23.07 41.14 105.02
N LEU PC 18 -22.74 41.80 106.13
CA LEU PC 18 -23.72 42.22 107.10
C LEU PC 18 -24.28 43.58 106.73
N LEU PC 19 -25.13 44.13 107.59
CA LEU PC 19 -25.81 45.38 107.35
C LEU PC 19 -25.76 46.23 108.60
N PRO PC 20 -25.98 47.54 108.48
CA PRO PC 20 -25.97 48.40 109.66
C PRO PC 20 -27.00 47.95 110.68
N MET PC 21 -26.67 48.15 111.96
CA MET PC 21 -27.56 47.72 113.03
C MET PC 21 -28.96 48.30 112.86
N GLU PC 22 -29.05 49.53 112.35
CA GLU PC 22 -30.35 50.15 112.15
C GLU PC 22 -31.17 49.40 111.11
N MET PC 23 -30.54 48.98 110.02
CA MET PC 23 -31.22 48.25 108.95
C MET PC 23 -31.28 46.75 109.28
N VAL PC 24 -31.83 46.46 110.45
CA VAL PC 24 -31.99 45.08 110.90
C VAL PC 24 -33.40 44.93 111.48
N PRO PC 25 -34.19 43.96 111.02
CA PRO PC 25 -35.53 43.78 111.57
C PRO PC 25 -35.50 43.57 113.08
N LEU PC 26 -36.68 43.65 113.67
CA LEU PC 26 -36.82 43.45 115.11
C LEU PC 26 -36.66 41.98 115.45
N PRO PC 27 -36.34 41.65 116.71
CA PRO PC 27 -36.20 40.24 117.09
C PRO PC 27 -37.51 39.50 117.02
N ALA PC 28 -37.48 38.21 117.36
CA ALA PC 28 -38.69 37.38 117.36
C ALA PC 28 -39.27 37.26 115.95
N VAL PC 29 -39.76 38.36 115.40
CA VAL PC 29 -40.36 38.33 114.07
C VAL PC 29 -39.33 37.91 113.03
N VAL PC 30 -38.09 38.40 113.17
CA VAL PC 30 -37.04 38.04 112.23
C VAL PC 30 -36.80 36.53 112.24
N LEU PC 31 -37.02 35.88 113.39
CA LEU PC 31 -36.83 34.44 113.47
C LEU PC 31 -37.81 33.67 112.59
N LYS PC 32 -38.88 34.32 112.13
CA LYS PC 32 -39.87 33.62 111.33
C LYS PC 32 -39.29 33.15 110.00
N HIS PC 33 -38.42 33.96 109.39
CA HIS PC 33 -37.78 33.55 108.16
C HIS PC 33 -36.98 32.26 108.34
N VAL PC 34 -36.55 31.97 109.58
CA VAL PC 34 -35.83 30.73 109.85
C VAL PC 34 -36.70 29.54 109.51
N LYS PC 35 -37.95 29.56 109.97
CA LYS PC 35 -38.86 28.45 109.71
C LYS PC 35 -39.14 28.29 108.22
N LEU PC 36 -39.31 29.41 107.52
CA LEU PC 36 -39.65 29.37 106.11
C LEU PC 36 -38.50 28.85 105.26
N ILE PC 37 -37.29 28.74 105.82
CA ILE PC 37 -36.13 28.29 105.06
C ILE PC 37 -35.70 26.92 105.55
N LEU PC 38 -36.01 26.60 106.81
CA LEU PC 38 -35.72 25.29 107.35
C LEU PC 38 -36.84 24.30 107.07
N THR PC 39 -38.07 24.65 107.47
CA THR PC 39 -39.20 23.76 107.26
C THR PC 39 -39.43 23.50 105.78
N SER PC 40 -39.34 24.55 104.95
CA SER PC 40 -39.52 24.44 103.51
C SER PC 40 -38.18 24.13 102.84
N GLN PC 41 -37.57 23.02 103.27
CA GLN PC 41 -36.27 22.64 102.77
C GLN PC 41 -36.08 21.14 102.93
N LYS PC 42 -35.10 20.62 102.20
CA LYS PC 42 -34.75 19.20 102.25
C LYS PC 42 -33.29 19.08 101.84
N GLU PC 43 -32.74 17.88 102.00
CA GLU PC 43 -31.33 17.61 101.70
C GLU PC 43 -30.43 18.50 102.57
N HIS PC 44 -30.53 18.24 103.88
CA HIS PC 44 -29.78 18.97 104.88
C HIS PC 44 -28.36 19.25 104.44
N GLN PC 45 -27.99 20.53 104.41
CA GLN PC 45 -26.67 20.97 104.02
C GLN PC 45 -25.92 21.54 105.23
N PRO PC 46 -24.58 21.58 105.16
CA PRO PC 46 -23.82 22.03 106.34
C PRO PC 46 -24.21 23.41 106.83
N TRP PC 47 -24.49 24.34 105.92
CA TRP PC 47 -24.81 25.71 106.35
C TRP PC 47 -26.13 25.78 107.07
N MET PC 48 -27.05 24.84 106.80
CA MET PC 48 -28.34 24.85 107.48
C MET PC 48 -28.17 24.67 108.97
N THR PC 49 -27.27 23.78 109.39
CA THR PC 49 -27.02 23.58 110.81
C THR PC 49 -26.49 24.85 111.46
N GLU PC 50 -25.59 25.56 110.76
CA GLU PC 50 -25.05 26.80 111.30
C GLU PC 50 -26.14 27.79 111.61
N MET PC 51 -27.09 27.96 110.68
CA MET PC 51 -28.21 28.86 110.93
C MET PC 51 -29.05 28.40 112.11
N ALA PC 52 -29.31 27.09 112.19
CA ALA PC 52 -30.15 26.58 113.27
C ALA PC 52 -29.49 26.80 114.62
N LEU PC 53 -28.18 26.55 114.72
CA LEU PC 53 -27.48 26.70 115.99
C LEU PC 53 -27.26 28.16 116.38
N LYS PC 54 -27.50 29.10 115.47
CA LYS PC 54 -27.38 30.52 115.76
C LYS PC 54 -28.72 31.16 116.12
N ALA PC 55 -29.77 30.84 115.36
CA ALA PC 55 -31.08 31.42 115.63
C ALA PC 55 -31.60 30.99 117.00
N ASP PC 56 -31.42 29.72 117.34
CA ASP PC 56 -31.91 29.22 118.62
C ASP PC 56 -31.25 29.93 119.81
N GLN PC 57 -30.08 30.52 119.60
CA GLN PC 57 -29.40 31.21 120.70
C GLN PC 57 -30.21 32.41 121.17
N CYS PC 58 -30.85 33.13 120.24
CA CYS PC 58 -31.64 34.30 120.63
C CYS PC 58 -32.74 33.92 121.61
N LEU PC 59 -33.40 32.78 121.36
CA LEU PC 59 -34.42 32.32 122.30
C LEU PC 59 -33.83 32.05 123.67
N ILE PC 60 -32.64 31.45 123.71
CA ILE PC 60 -31.98 31.18 124.98
C ILE PC 60 -31.73 32.48 125.74
N HIS PC 61 -31.15 33.47 125.05
CA HIS PC 61 -30.96 34.77 125.66
C HIS PC 61 -32.30 35.42 125.96
N LYS PC 62 -33.26 35.30 125.05
CA LYS PC 62 -34.59 35.87 125.27
C LYS PC 62 -35.27 35.19 126.45
N ALA PC 63 -35.08 33.88 126.60
CA ALA PC 63 -35.71 33.15 127.69
C ALA PC 63 -35.28 33.67 129.06
N THR PC 64 -34.09 34.27 129.15
CA THR PC 64 -33.62 34.79 130.43
C THR PC 64 -34.42 35.99 130.89
N LEU PC 65 -35.17 36.64 129.98
CA LEU PC 65 -35.97 37.79 130.38
C LEU PC 65 -36.98 37.43 131.46
N ASP PC 66 -37.47 36.20 131.45
CA ASP PC 66 -38.39 35.76 132.51
C ASP PC 66 -37.71 35.84 133.87
N PRO PC 78 -25.59 45.86 134.54
CA PRO PC 78 -24.79 45.58 133.34
C PRO PC 78 -25.03 44.19 132.79
N LEU PC 79 -25.27 43.20 133.66
CA LEU PC 79 -25.53 41.84 133.19
C LEU PC 79 -26.81 41.79 132.37
N ILE PC 80 -27.86 42.46 132.84
CA ILE PC 80 -29.13 42.47 132.11
C ILE PC 80 -29.00 43.29 130.84
N GLU PC 81 -28.36 44.45 130.93
CA GLU PC 81 -28.19 45.30 129.75
C GLU PC 81 -27.33 44.62 128.70
N ALA PC 82 -26.25 43.96 129.13
CA ALA PC 82 -25.30 43.39 128.18
C ALA PC 82 -25.97 42.34 127.30
N MET PC 83 -26.81 41.50 127.88
CA MET PC 83 -27.46 40.44 127.10
C MET PC 83 -28.32 41.02 125.99
N GLN PC 84 -29.05 42.10 126.29
CA GLN PC 84 -29.92 42.71 125.28
C GLN PC 84 -29.10 43.21 124.09
N GLN PC 85 -27.93 43.78 124.36
CA GLN PC 85 -27.08 44.28 123.28
C GLN PC 85 -26.63 43.15 122.37
N ILE PC 86 -26.31 41.99 122.96
CA ILE PC 86 -25.79 40.88 122.17
C ILE PC 86 -26.82 40.39 121.16
N ILE PC 87 -28.11 40.44 121.52
CA ILE PC 87 -29.14 39.93 120.63
C ILE PC 87 -29.11 40.67 119.31
N LEU PC 88 -28.87 41.99 119.35
CA LEU PC 88 -28.80 42.76 118.12
C LEU PC 88 -27.68 42.27 117.23
N ALA PC 89 -26.51 41.98 117.81
CA ALA PC 89 -25.38 41.52 117.03
C ALA PC 89 -25.67 40.19 116.36
N MET PC 90 -26.26 39.26 117.10
CA MET PC 90 -26.60 37.96 116.51
C MET PC 90 -27.67 38.11 115.45
N THR PC 91 -28.65 39.00 115.67
CA THR PC 91 -29.70 39.20 114.69
C THR PC 91 -29.12 39.71 113.38
N ARG PC 92 -28.11 40.58 113.45
CA ARG PC 92 -27.47 41.07 112.23
C ARG PC 92 -26.86 39.92 111.43
N GLU PC 93 -26.21 38.99 112.12
CA GLU PC 93 -25.61 37.85 111.43
C GLU PC 93 -26.67 36.99 110.76
N LEU PC 94 -27.81 36.80 111.43
CA LEU PC 94 -28.86 35.96 110.87
C LEU PC 94 -29.34 36.49 109.53
N TRP PC 95 -29.53 37.81 109.43
CA TRP PC 95 -30.05 38.38 108.19
C TRP PC 95 -29.09 38.16 107.03
N GLY PC 96 -27.79 38.31 107.27
CA GLY PC 96 -26.82 38.10 106.21
C GLY PC 96 -26.88 36.70 105.64
N GLN PC 97 -27.03 35.70 106.50
CA GLN PC 97 -27.16 34.32 106.02
C GLN PC 97 -28.41 34.16 105.17
N ILE PC 98 -29.51 34.78 105.59
CA ILE PC 98 -30.76 34.67 104.84
C ILE PC 98 -30.58 35.23 103.44
N GLN PC 99 -29.99 36.42 103.34
CA GLN PC 99 -29.72 37.01 102.03
C GLN PC 99 -28.70 36.18 101.26
N ARG PC 100 -27.74 35.58 101.96
CA ARG PC 100 -26.79 34.69 101.32
C ARG PC 100 -27.47 33.49 100.66
N HIS PC 101 -28.70 33.19 101.07
CA HIS PC 101 -29.46 32.09 100.49
C HIS PC 101 -30.51 32.56 99.50
N HIS PC 102 -31.27 33.60 99.83
CA HIS PC 102 -32.33 34.09 98.97
C HIS PC 102 -31.77 34.72 97.70
N TYR PC 103 -30.99 35.79 97.86
CA TYR PC 103 -30.42 36.52 96.72
C TYR PC 103 -29.00 36.06 96.41
N GLY PC 104 -28.82 34.75 96.25
CA GLY PC 104 -27.51 34.24 95.94
C GLY PC 104 -26.52 34.55 97.05
N ILE PC 105 -25.25 34.40 96.71
CA ILE PC 105 -24.16 34.69 97.64
C ILE PC 105 -23.22 35.70 97.01
N VAL PC 106 -23.20 35.75 95.68
CA VAL PC 106 -22.34 36.70 94.98
C VAL PC 106 -23.03 38.05 94.83
N GLN PC 107 -24.30 38.03 94.41
CA GLN PC 107 -25.05 39.27 94.26
C GLN PC 107 -25.26 39.99 95.58
N VAL PC 108 -25.17 39.29 96.70
CA VAL PC 108 -25.37 39.92 98.00
C VAL PC 108 -24.31 40.99 98.25
N GLU PC 109 -23.05 40.67 97.92
CA GLU PC 109 -21.97 41.63 98.16
C GLU PC 109 -22.20 42.92 97.39
N HIS PC 110 -22.66 42.81 96.15
CA HIS PC 110 -22.94 44.02 95.35
C HIS PC 110 -23.99 44.88 96.01
N TYR PC 111 -25.06 44.26 96.52
CA TYR PC 111 -26.13 45.03 97.16
C TYR PC 111 -25.62 45.77 98.39
N VAL PC 112 -24.91 45.06 99.27
CA VAL PC 112 -24.40 45.71 100.48
C VAL PC 112 -23.37 46.77 100.13
N LYS PC 113 -22.59 46.54 99.07
CA LYS PC 113 -21.65 47.55 98.63
C LYS PC 113 -22.36 48.86 98.32
N GLN PC 114 -23.49 48.79 97.62
CA GLN PC 114 -24.25 50.00 97.31
C GLN PC 114 -24.91 50.57 98.55
N ILE PC 115 -25.35 49.70 99.47
CA ILE PC 115 -26.00 50.18 100.69
C ILE PC 115 -25.05 51.08 101.48
N THR PC 116 -23.78 50.66 101.59
CA THR PC 116 -22.83 51.47 102.34
C THR PC 116 -22.65 52.84 101.73
N LEU PC 117 -22.53 52.90 100.40
CA LEU PC 117 -22.38 54.19 99.73
C LEU PC 117 -23.65 55.03 99.86
N TRP PC 118 -24.81 54.39 99.72
CA TRP PC 118 -26.07 55.13 99.74
C TRP PC 118 -26.38 55.73 101.11
N GLN PC 119 -25.79 55.19 102.18
CA GLN PC 119 -26.04 55.68 103.52
C GLN PC 119 -24.91 56.57 104.04
N ASP PC 120 -23.66 56.26 103.70
CA ASP PC 120 -22.54 57.04 104.21
C ASP PC 120 -22.59 58.47 103.69
N THR PC 121 -22.95 58.65 102.43
CA THR PC 121 -23.04 59.98 101.87
C THR PC 121 -24.15 60.77 102.58
N PRO PC 122 -24.04 62.10 102.63
CA PRO PC 122 -25.06 62.89 103.31
C PRO PC 122 -26.42 62.72 102.64
N GLN PC 123 -27.47 62.86 103.45
CA GLN PC 123 -28.84 62.65 102.96
C GLN PC 123 -29.19 63.57 101.80
N ALA PC 124 -28.49 64.70 101.67
CA ALA PC 124 -28.78 65.63 100.58
C ALA PC 124 -28.28 65.14 99.23
N PHE PC 125 -27.49 64.06 99.19
CA PHE PC 125 -26.93 63.55 97.96
C PHE PC 125 -27.30 62.11 97.66
N ARG PC 126 -27.93 61.39 98.60
CA ARG PC 126 -28.20 59.97 98.40
C ARG PC 126 -29.05 59.74 97.15
N GLY PC 127 -30.27 60.26 97.15
CA GLY PC 127 -31.18 60.05 96.05
C GLY PC 127 -32.27 59.06 96.38
N ASP PC 128 -32.19 57.85 95.80
CA ASP PC 128 -33.18 56.81 96.02
C ASP PC 128 -32.48 55.54 96.48
N GLN PC 129 -33.14 54.81 97.38
CA GLN PC 129 -32.56 53.57 97.88
C GLN PC 129 -32.43 52.56 96.74
N PRO PC 130 -31.29 51.87 96.62
CA PRO PC 130 -31.14 50.85 95.57
C PRO PC 130 -31.85 49.57 95.97
N LYS PC 131 -32.83 49.18 95.16
CA LYS PC 131 -33.61 47.99 95.48
C LYS PC 131 -32.72 46.74 95.44
N PRO PC 132 -32.83 45.84 96.42
CA PRO PC 132 -32.01 44.63 96.39
C PRO PC 132 -32.41 43.75 95.22
N PRO PC 133 -31.49 42.93 94.71
CA PRO PC 133 -31.84 42.04 93.60
C PRO PC 133 -32.87 41.00 94.03
N SER PC 134 -33.69 40.59 93.08
CA SER PC 134 -34.75 39.62 93.36
C SER PC 134 -34.15 38.22 93.53
N PHE PC 135 -35.03 37.24 93.70
CA PHE PC 135 -34.61 35.85 93.91
C PHE PC 135 -34.13 35.28 92.58
N THR QC 3 0.84 77.27 94.87
CA THR QC 3 1.29 77.75 93.57
C THR QC 3 1.48 76.61 92.58
N PHE QC 4 1.74 75.39 93.07
CA PHE QC 4 1.86 74.25 92.16
C PHE QC 4 0.59 74.02 91.38
N ILE QC 5 -0.57 74.16 92.03
CA ILE QC 5 -1.84 73.98 91.34
C ILE QC 5 -1.95 74.97 90.19
N GLU QC 6 -1.47 76.20 90.40
CA GLU QC 6 -1.43 77.18 89.32
C GLU QC 6 -0.55 76.68 88.18
N LEU QC 7 0.59 76.08 88.52
CA LEU QC 7 1.48 75.56 87.48
C LEU QC 7 0.81 74.47 86.67
N VAL QC 8 -0.18 73.79 87.25
CA VAL QC 8 -0.93 72.76 86.54
C VAL QC 8 -2.30 73.25 86.08
N LYS QC 9 -2.83 74.32 86.68
CA LYS QC 9 -4.13 74.82 86.26
C LYS QC 9 -4.16 75.18 84.79
N ASN QC 10 -3.00 75.54 84.23
CA ASN QC 10 -2.91 75.84 82.80
C ASN QC 10 -2.76 74.59 81.94
N MET QC 11 -2.46 73.43 82.54
CA MET QC 11 -2.30 72.22 81.77
C MET QC 11 -3.63 71.81 81.12
N LYS QC 12 -3.52 71.19 79.95
CA LYS QC 12 -4.73 70.79 79.22
C LYS QC 12 -5.53 69.76 80.00
N GLY QC 13 -4.86 68.78 80.61
CA GLY QC 13 -5.54 67.70 81.29
C GLY QC 13 -5.82 67.98 82.75
N TYR QC 14 -5.56 69.19 83.20
CA TYR QC 14 -5.82 69.56 84.59
C TYR QC 14 -7.31 69.48 84.90
N LYS QC 15 -7.62 68.99 86.09
CA LYS QC 15 -9.01 68.82 86.52
C LYS QC 15 -9.16 69.24 87.97
N GLU QC 16 -10.37 69.66 88.33
CA GLU QC 16 -10.68 70.02 89.71
C GLU QC 16 -11.12 68.77 90.46
N LEU QC 17 -10.12 67.97 90.84
CA LEU QC 17 -10.39 66.74 91.58
C LEU QC 17 -10.95 67.00 92.97
N LEU QC 18 -10.77 68.21 93.50
CA LEU QC 18 -11.25 68.55 94.83
C LEU QC 18 -12.77 68.72 94.78
N LEU QC 19 -13.49 67.70 95.21
CA LEU QC 19 -14.94 67.74 95.17
C LEU QC 19 -15.49 68.67 96.25
N PRO QC 20 -16.74 69.07 96.15
CA PRO QC 20 -17.31 69.99 97.14
C PRO QC 20 -17.22 69.41 98.55
N MET QC 21 -16.98 70.30 99.51
CA MET QC 21 -16.86 69.88 100.90
C MET QC 21 -18.14 69.22 101.39
N GLU QC 22 -19.29 69.81 101.05
CA GLU QC 22 -20.56 69.22 101.46
C GLU QC 22 -20.75 67.83 100.87
N MET QC 23 -20.18 67.58 99.69
CA MET QC 23 -20.39 66.30 99.02
C MET QC 23 -19.80 65.16 99.83
N VAL QC 24 -18.59 65.34 100.36
CA VAL QC 24 -17.89 64.26 101.05
C VAL QC 24 -18.42 64.10 102.47
N PRO QC 25 -18.33 62.91 103.06
CA PRO QC 25 -18.77 62.72 104.45
C PRO QC 25 -17.71 63.12 105.46
N LEU QC 26 -17.97 62.85 106.73
CA LEU QC 26 -17.01 63.18 107.77
C LEU QC 26 -15.75 62.32 107.63
N PRO QC 27 -14.63 62.77 108.19
CA PRO QC 27 -13.37 62.01 108.01
C PRO QC 27 -13.45 60.57 108.50
N ALA QC 28 -14.17 60.33 109.60
CA ALA QC 28 -14.19 58.98 110.16
C ALA QC 28 -14.80 57.98 109.19
N VAL QC 29 -15.89 58.36 108.51
CA VAL QC 29 -16.56 57.44 107.61
C VAL QC 29 -15.68 57.11 106.42
N VAL QC 30 -14.92 58.09 105.92
CA VAL QC 30 -14.09 57.86 104.75
C VAL QC 30 -13.07 56.78 105.02
N LEU QC 31 -12.45 56.81 106.20
CA LEU QC 31 -11.45 55.81 106.55
C LEU QC 31 -12.02 54.40 106.43
N LYS QC 32 -13.31 54.23 106.68
CA LYS QC 32 -13.94 52.92 106.57
C LYS QC 32 -13.84 52.38 105.15
N HIS QC 33 -14.09 53.24 104.16
CA HIS QC 33 -14.05 52.79 102.77
C HIS QC 33 -12.64 52.49 102.31
N VAL QC 34 -11.64 53.15 102.91
CA VAL QC 34 -10.26 52.90 102.52
C VAL QC 34 -9.89 51.44 102.81
N LYS QC 35 -10.26 50.95 103.99
CA LYS QC 35 -10.03 49.54 104.30
C LYS QC 35 -10.79 48.64 103.35
N LEU QC 36 -12.06 48.98 103.08
CA LEU QC 36 -12.87 48.13 102.23
C LEU QC 36 -12.36 48.10 100.79
N ILE QC 37 -11.98 49.27 100.25
CA ILE QC 37 -11.50 49.31 98.87
C ILE QC 37 -10.14 48.65 98.75
N LEU QC 38 -9.23 48.94 99.69
CA LEU QC 38 -7.92 48.29 99.67
C LEU QC 38 -8.05 46.79 99.86
N THR QC 39 -8.89 46.36 100.79
CA THR QC 39 -9.09 44.93 101.02
C THR QC 39 -9.67 44.25 99.79
N SER QC 40 -10.68 44.85 99.18
CA SER QC 40 -11.31 44.24 98.01
C SER QC 40 -10.34 44.14 96.85
N GLN QC 41 -9.56 45.19 96.61
CA GLN QC 41 -8.64 45.19 95.49
C GLN QC 41 -7.53 44.17 95.73
N LYS QC 42 -7.10 43.51 94.65
CA LYS QC 42 -6.10 42.46 94.73
C LYS QC 42 -4.81 42.81 93.99
N GLU QC 43 -4.89 43.23 92.74
CA GLU QC 43 -3.69 43.54 91.98
C GLU QC 43 -2.95 44.71 92.63
N HIS QC 44 -1.63 44.60 92.69
CA HIS QC 44 -0.79 45.61 93.33
C HIS QC 44 -0.38 46.66 92.30
N GLN QC 45 -0.74 47.91 92.56
CA GLN QC 45 -0.33 49.05 91.77
C GLN QC 45 0.14 50.15 92.69
N PRO QC 46 0.94 51.10 92.19
CA PRO QC 46 1.48 52.15 93.08
C PRO QC 46 0.41 53.00 93.73
N TRP QC 47 -0.78 53.13 93.12
CA TRP QC 47 -1.77 54.03 93.69
C TRP QC 47 -2.24 53.56 95.06
N MET QC 48 -2.49 52.26 95.21
CA MET QC 48 -2.91 51.75 96.51
C MET QC 48 -1.82 51.92 97.55
N THR QC 49 -0.56 51.70 97.16
CA THR QC 49 0.55 51.92 98.08
C THR QC 49 0.60 53.36 98.53
N GLU QC 50 0.45 54.30 97.60
CA GLU QC 50 0.42 55.72 97.95
C GLU QC 50 -0.91 56.12 98.57
N MET QC 51 -2.00 55.45 98.20
CA MET QC 51 -3.31 55.78 98.76
C MET QC 51 -3.32 55.56 100.26
N ALA QC 52 -2.74 54.46 100.73
CA ALA QC 52 -2.69 54.20 102.16
C ALA QC 52 -1.90 55.27 102.90
N LEU QC 53 -0.76 55.67 102.33
CA LEU QC 53 0.08 56.67 102.98
C LEU QC 53 -0.66 57.99 103.14
N LYS QC 54 -1.39 58.41 102.10
CA LYS QC 54 -2.11 59.67 102.18
C LYS QC 54 -3.17 59.63 103.28
N ALA QC 55 -3.86 58.50 103.42
CA ALA QC 55 -4.89 58.40 104.45
C ALA QC 55 -4.27 58.24 105.84
N ASP QC 56 -3.05 57.70 105.92
CA ASP QC 56 -2.43 57.48 107.22
C ASP QC 56 -2.24 58.79 107.97
N GLN QC 57 -1.84 59.85 107.26
CA GLN QC 57 -1.56 61.12 107.93
C GLN QC 57 -2.76 61.60 108.73
N CYS QC 58 -3.97 61.38 108.22
CA CYS QC 58 -5.16 61.82 108.94
C CYS QC 58 -5.26 61.17 110.31
N LEU QC 59 -4.82 59.92 110.44
CA LEU QC 59 -4.90 59.24 111.73
C LEU QC 59 -4.03 59.93 112.77
N ILE QC 60 -2.84 60.37 112.38
CA ILE QC 60 -1.95 61.03 113.33
C ILE QC 60 -2.59 62.31 113.85
N HIS QC 61 -3.21 63.08 112.96
CA HIS QC 61 -3.84 64.32 113.38
C HIS QC 61 -4.99 64.06 114.36
N LYS QC 62 -5.68 62.93 114.20
CA LYS QC 62 -6.75 62.59 115.14
C LYS QC 62 -6.22 62.51 116.56
N ALA QC 63 -5.12 61.78 116.75
CA ALA QC 63 -4.53 61.66 118.08
C ALA QC 63 -3.76 62.91 118.47
N THR QC 64 -3.14 63.58 117.51
CA THR QC 64 -2.38 64.79 117.83
C THR QC 64 -3.27 65.83 118.50
N LEU QC 65 -4.43 66.10 117.90
CA LEU QC 65 -5.36 67.04 118.50
C LEU QC 65 -6.08 66.44 119.71
N PRO QC 78 -4.93 79.89 116.04
CA PRO QC 78 -4.75 79.73 114.58
C PRO QC 78 -4.12 78.40 114.20
N LEU QC 79 -3.21 77.88 115.03
CA LEU QC 79 -2.55 76.63 114.71
C LEU QC 79 -3.55 75.48 114.74
N ILE QC 80 -4.32 75.37 115.82
CA ILE QC 80 -5.27 74.27 115.96
C ILE QC 80 -6.35 74.36 114.89
N GLU QC 81 -6.88 75.57 114.66
CA GLU QC 81 -7.95 75.74 113.69
C GLU QC 81 -7.50 75.34 112.30
N ALA QC 82 -6.27 75.68 111.92
CA ALA QC 82 -5.78 75.33 110.59
C ALA QC 82 -5.74 73.82 110.42
N MET QC 83 -5.32 73.08 111.44
CA MET QC 83 -5.24 71.64 111.34
C MET QC 83 -6.61 71.04 111.05
N GLN QC 84 -7.66 71.59 111.67
CA GLN QC 84 -9.00 71.08 111.43
C GLN QC 84 -9.37 71.20 109.95
N GLN QC 85 -9.04 72.34 109.33
CA GLN QC 85 -9.29 72.50 107.91
C GLN QC 85 -8.39 71.61 107.08
N ILE QC 86 -7.16 71.36 107.54
CA ILE QC 86 -6.22 70.52 106.80
C ILE QC 86 -6.76 69.10 106.70
N ILE QC 87 -7.31 68.59 107.80
CA ILE QC 87 -7.86 67.23 107.77
C ILE QC 87 -8.96 67.12 106.73
N LEU QC 88 -9.85 68.10 106.67
CA LEU QC 88 -10.91 68.09 105.67
C LEU QC 88 -10.35 68.19 104.27
N ALA QC 89 -9.20 68.86 104.10
CA ALA QC 89 -8.60 68.97 102.78
C ALA QC 89 -8.22 67.60 102.24
N MET QC 90 -7.65 66.75 103.08
CA MET QC 90 -7.25 65.43 102.63
C MET QC 90 -8.45 64.54 102.36
N THR QC 91 -9.54 64.73 103.13
CA THR QC 91 -10.73 63.91 102.92
C THR QC 91 -11.29 64.09 101.51
N ARG QC 92 -11.34 65.32 101.03
CA ARG QC 92 -11.81 65.55 99.67
C ARG QC 92 -10.92 64.84 98.66
N GLU QC 93 -9.61 64.91 98.85
CA GLU QC 93 -8.69 64.23 97.94
C GLU QC 93 -8.88 62.72 97.99
N LEU QC 94 -9.06 62.17 99.20
CA LEU QC 94 -9.22 60.72 99.32
C LEU QC 94 -10.50 60.25 98.66
N TRP QC 95 -11.60 60.97 98.86
CA TRP QC 95 -12.88 60.54 98.30
C TRP QC 95 -12.84 60.52 96.78
N GLY QC 96 -12.00 61.36 96.17
CA GLY QC 96 -11.90 61.36 94.72
C GLY QC 96 -11.38 60.03 94.19
N GLN QC 97 -10.31 59.52 94.81
CA GLN QC 97 -9.77 58.23 94.38
C GLN QC 97 -10.76 57.11 94.64
N ILE QC 98 -11.52 57.21 95.73
CA ILE QC 98 -12.53 56.20 96.03
C ILE QC 98 -13.57 56.13 94.93
N GLN QC 99 -14.12 57.29 94.55
CA GLN QC 99 -15.15 57.31 93.52
C GLN QC 99 -14.59 56.97 92.15
N ARG QC 100 -13.40 57.49 91.82
CA ARG QC 100 -12.81 57.21 90.52
C ARG QC 100 -12.50 55.73 90.37
N HIS QC 101 -11.99 55.10 91.43
CA HIS QC 101 -11.68 53.68 91.36
C HIS QC 101 -12.93 52.83 91.22
N HIS QC 102 -13.97 53.15 92.00
CA HIS QC 102 -15.20 52.36 91.95
C HIS QC 102 -15.89 52.50 90.59
N TYR QC 103 -16.11 53.75 90.15
CA TYR QC 103 -16.82 54.00 88.90
C TYR QC 103 -15.84 54.23 87.75
N GLY QC 104 -15.00 55.25 87.87
CA GLY QC 104 -14.08 55.61 86.81
C GLY QC 104 -13.70 57.07 86.89
N ILE QC 105 -12.58 57.40 86.26
CA ILE QC 105 -12.06 58.76 86.31
C ILE QC 105 -13.00 59.71 85.58
N VAL QC 106 -13.47 59.31 84.40
CA VAL QC 106 -14.32 60.19 83.59
C VAL QC 106 -15.67 60.38 84.27
N GLN QC 107 -16.23 59.33 84.84
CA GLN QC 107 -17.58 59.41 85.39
C GLN QC 107 -17.64 60.42 86.54
N VAL QC 108 -16.64 60.40 87.42
CA VAL QC 108 -16.63 61.36 88.52
C VAL QC 108 -16.54 62.78 87.99
N GLU QC 109 -15.62 63.02 87.04
CA GLU QC 109 -15.52 64.33 86.43
C GLU QC 109 -16.81 64.70 85.71
N HIS QC 110 -17.49 63.70 85.14
CA HIS QC 110 -18.74 63.95 84.42
C HIS QC 110 -19.91 64.19 85.37
N TYR QC 111 -19.94 63.47 86.50
CA TYR QC 111 -21.08 63.51 87.40
C TYR QC 111 -20.98 64.61 88.46
N VAL QC 112 -19.77 65.02 88.84
CA VAL QC 112 -19.61 66.00 89.91
C VAL QC 112 -20.30 67.31 89.54
N LYS QC 113 -20.11 67.76 88.30
CA LYS QC 113 -20.67 69.04 87.90
C LYS QC 113 -22.19 69.02 87.92
N GLN QC 114 -22.79 67.88 87.55
CA GLN QC 114 -24.25 67.82 87.45
C GLN QC 114 -24.91 68.15 88.77
N ILE QC 115 -24.42 67.55 89.87
CA ILE QC 115 -25.05 67.78 91.17
C ILE QC 115 -24.83 69.22 91.61
N THR QC 116 -23.68 69.81 91.28
CA THR QC 116 -23.44 71.19 91.67
C THR QC 116 -24.44 72.12 91.01
N LEU QC 117 -24.76 71.87 89.73
CA LEU QC 117 -25.75 72.68 89.04
C LEU QC 117 -27.11 72.56 89.70
N TRP QC 118 -27.50 71.34 90.08
CA TRP QC 118 -28.81 71.15 90.70
C TRP QC 118 -28.93 71.96 91.99
N GLN QC 119 -27.82 72.25 92.65
CA GLN QC 119 -27.86 73.05 93.87
C GLN QC 119 -27.90 74.54 93.54
N ASP QC 120 -26.99 75.00 92.68
CA ASP QC 120 -26.90 76.42 92.33
C ASP QC 120 -28.01 76.73 91.32
N THR QC 121 -29.23 76.81 91.85
CA THR QC 121 -30.41 77.09 91.04
C THR QC 121 -31.49 77.63 91.97
N PRO QC 122 -32.41 78.48 91.48
CA PRO QC 122 -33.40 79.07 92.38
C PRO QC 122 -34.41 78.06 92.91
N GLN QC 123 -33.96 77.20 93.82
CA GLN QC 123 -34.81 76.26 94.55
C GLN QC 123 -35.93 75.66 93.69
N ALA QC 124 -36.90 76.47 93.30
CA ALA QC 124 -38.10 75.93 92.65
C ALA QC 124 -37.74 75.11 91.42
N PHE QC 125 -36.98 75.70 90.50
CA PHE QC 125 -36.56 75.00 89.29
C PHE QC 125 -35.20 74.34 89.48
N ARG QC 126 -35.04 73.59 90.58
CA ARG QC 126 -33.76 72.96 90.85
C ARG QC 126 -33.46 71.86 89.84
N GLY QC 127 -34.47 71.09 89.45
CA GLY QC 127 -34.28 70.03 88.50
C GLY QC 127 -35.14 68.82 88.83
N ASP QC 128 -34.54 67.63 88.81
CA ASP QC 128 -35.26 66.40 89.10
C ASP QC 128 -34.43 65.48 89.99
N GLN QC 129 -33.60 66.03 90.87
CA GLN QC 129 -32.79 65.24 91.77
C GLN QC 129 -31.93 64.28 90.96
N PRO QC 130 -30.91 64.77 90.27
CA PRO QC 130 -30.16 63.90 89.34
C PRO QC 130 -29.64 62.65 90.03
N LYS QC 131 -29.81 61.52 89.36
CA LYS QC 131 -29.44 60.24 89.94
C LYS QC 131 -27.91 60.11 89.99
N PRO QC 132 -27.38 59.43 91.00
CA PRO QC 132 -25.94 59.17 91.04
C PRO QC 132 -25.54 58.17 89.97
N PRO QC 133 -24.27 58.13 89.60
CA PRO QC 133 -23.86 57.25 88.50
C PRO QC 133 -24.13 55.79 88.81
N THR RC 3 -123.01 30.06 17.07
CA THR RC 3 -122.86 28.68 16.63
C THR RC 3 -121.41 28.38 16.26
N PHE RC 4 -120.75 29.31 15.57
CA PHE RC 4 -119.38 29.06 15.12
C PHE RC 4 -118.44 28.83 16.29
N ILE RC 5 -118.55 29.66 17.33
CA ILE RC 5 -117.64 29.53 18.47
C ILE RC 5 -117.77 28.16 19.10
N GLU RC 6 -118.99 27.63 19.16
CA GLU RC 6 -119.19 26.27 19.67
C GLU RC 6 -118.40 25.27 18.85
N LEU RC 7 -118.38 25.44 17.52
CA LEU RC 7 -117.63 24.52 16.67
C LEU RC 7 -116.14 24.60 16.95
N VAL RC 8 -115.62 25.81 17.16
CA VAL RC 8 -114.19 25.97 17.40
C VAL RC 8 -113.80 25.37 18.74
N LYS RC 9 -114.64 25.55 19.76
CA LYS RC 9 -114.34 24.98 21.07
C LYS RC 9 -114.17 23.46 20.98
N ASN RC 10 -114.80 22.83 19.98
CA ASN RC 10 -114.63 21.40 19.74
C ASN RC 10 -113.38 21.16 18.90
N MET RC 11 -112.25 21.61 19.42
CA MET RC 11 -110.98 21.49 18.72
C MET RC 11 -109.87 21.21 19.74
N LYS RC 12 -108.76 20.70 19.23
CA LYS RC 12 -107.65 20.26 20.07
C LYS RC 12 -106.62 21.37 20.21
N GLY RC 13 -106.11 21.53 21.43
CA GLY RC 13 -105.21 22.62 21.73
C GLY RC 13 -105.89 23.94 22.03
N TYR RC 14 -107.20 23.92 22.28
CA TYR RC 14 -107.97 25.15 22.51
C TYR RC 14 -107.75 25.61 23.94
N LYS RC 15 -107.10 26.76 24.10
CA LYS RC 15 -106.88 27.38 25.40
C LYS RC 15 -107.73 28.64 25.49
N GLU RC 16 -108.62 28.68 26.48
CA GLU RC 16 -109.50 29.82 26.63
C GLU RC 16 -108.71 31.06 27.05
N LEU RC 17 -109.16 32.23 26.59
CA LEU RC 17 -108.46 33.47 26.87
C LEU RC 17 -109.42 34.60 27.23
N LEU RC 18 -110.69 34.33 27.48
CA LEU RC 18 -111.68 35.35 27.78
C LEU RC 18 -112.18 35.18 29.20
N LEU RC 19 -112.19 36.27 29.95
CA LEU RC 19 -112.67 36.24 31.32
C LEU RC 19 -114.20 36.35 31.37
N PRO RC 20 -114.80 36.02 32.50
CA PRO RC 20 -116.25 36.19 32.63
C PRO RC 20 -116.66 37.64 32.44
N MET RC 21 -117.87 37.83 31.90
CA MET RC 21 -118.38 39.17 31.66
C MET RC 21 -118.45 39.98 32.94
N GLU RC 22 -118.58 39.32 34.09
CA GLU RC 22 -118.71 40.02 35.36
C GLU RC 22 -117.38 40.53 35.90
N MET RC 23 -116.26 40.15 35.29
CA MET RC 23 -114.95 40.56 35.77
C MET RC 23 -114.24 41.55 34.87
N VAL RC 24 -114.61 41.62 33.59
CA VAL RC 24 -113.94 42.54 32.66
C VAL RC 24 -114.28 43.97 33.06
N PRO RC 25 -113.40 44.93 32.80
CA PRO RC 25 -113.69 46.32 33.17
C PRO RC 25 -114.88 46.86 32.39
N LEU RC 26 -115.31 48.05 32.78
CA LEU RC 26 -116.34 48.76 32.04
C LEU RC 26 -115.78 49.17 30.67
N PRO RC 27 -116.65 49.32 29.67
CA PRO RC 27 -116.13 49.65 28.33
C PRO RC 27 -115.32 50.93 28.30
N ALA RC 28 -115.69 51.92 29.10
CA ALA RC 28 -114.94 53.17 29.13
C ALA RC 28 -113.50 52.94 29.58
N VAL RC 29 -113.32 52.08 30.59
CA VAL RC 29 -111.98 51.85 31.12
C VAL RC 29 -111.10 51.16 30.08
N VAL RC 30 -111.68 50.24 29.31
CA VAL RC 30 -110.88 49.46 28.38
C VAL RC 30 -110.23 50.38 27.35
N LEU RC 31 -110.99 51.34 26.83
CA LEU RC 31 -110.47 52.25 25.82
C LEU RC 31 -109.22 52.96 26.31
N LYS RC 32 -109.12 53.20 27.62
CA LYS RC 32 -107.96 53.91 28.15
C LYS RC 32 -106.68 53.14 27.89
N HIS RC 33 -106.70 51.82 28.11
CA HIS RC 33 -105.51 51.03 27.86
C HIS RC 33 -105.20 50.94 26.37
N VAL RC 34 -106.22 51.05 25.51
CA VAL RC 34 -105.99 50.97 24.08
C VAL RC 34 -105.07 52.09 23.62
N LYS RC 35 -105.34 53.31 24.10
CA LYS RC 35 -104.52 54.45 23.69
C LYS RC 35 -103.07 54.27 24.14
N LEU RC 36 -102.87 53.82 25.37
CA LEU RC 36 -101.52 53.61 25.87
C LEU RC 36 -100.80 52.52 25.10
N ILE RC 37 -101.47 51.37 24.94
CA ILE RC 37 -100.83 50.24 24.27
C ILE RC 37 -100.55 50.57 22.81
N LEU RC 38 -101.53 51.17 22.12
CA LEU RC 38 -101.33 51.55 20.73
C LEU RC 38 -100.24 52.61 20.63
N THR RC 39 -100.36 53.69 21.39
CA THR RC 39 -99.44 54.82 21.24
C THR RC 39 -98.06 54.47 21.80
N SER RC 40 -98.01 53.86 22.97
CA SER RC 40 -96.74 53.50 23.61
C SER RC 40 -96.25 52.16 23.03
N GLN RC 41 -96.00 52.19 21.73
CA GLN RC 41 -95.50 51.01 21.03
C GLN RC 41 -94.56 51.45 19.91
N LYS RC 42 -93.61 50.58 19.59
CA LYS RC 42 -92.64 50.82 18.54
C LYS RC 42 -92.60 49.62 17.61
N GLU RC 43 -92.28 49.87 16.34
CA GLU RC 43 -92.24 48.82 15.32
C GLU RC 43 -93.61 48.15 15.21
N HIS RC 44 -94.58 48.94 14.76
CA HIS RC 44 -95.96 48.51 14.64
C HIS RC 44 -96.04 47.09 14.10
N GLN RC 45 -96.89 46.28 14.72
CA GLN RC 45 -97.08 44.88 14.40
C GLN RC 45 -98.51 44.63 13.93
N PRO RC 46 -98.75 43.54 13.20
CA PRO RC 46 -100.09 43.34 12.62
C PRO RC 46 -101.20 43.32 13.66
N TRP RC 47 -100.96 42.75 14.84
CA TRP RC 47 -102.02 42.64 15.84
C TRP RC 47 -102.47 44.01 16.34
N MET RC 48 -101.62 45.04 16.21
CA MET RC 48 -102.02 46.37 16.62
C MET RC 48 -103.21 46.87 15.80
N THR RC 49 -103.18 46.61 14.49
CA THR RC 49 -104.28 47.05 13.64
C THR RC 49 -105.59 46.39 14.05
N GLU RC 50 -105.54 45.10 14.39
CA GLU RC 50 -106.76 44.40 14.77
C GLU RC 50 -107.39 45.01 16.01
N MET RC 51 -106.55 45.41 16.99
CA MET RC 51 -107.08 45.99 18.21
C MET RC 51 -107.84 47.27 17.92
N ALA RC 52 -107.28 48.14 17.07
CA ALA RC 52 -107.91 49.42 16.80
C ALA RC 52 -109.25 49.24 16.10
N LEU RC 53 -109.32 48.31 15.14
CA LEU RC 53 -110.54 48.12 14.38
C LEU RC 53 -111.70 47.72 15.29
N LYS RC 54 -111.46 46.80 16.22
CA LYS RC 54 -112.53 46.39 17.13
C LYS RC 54 -112.91 47.53 18.07
N ALA RC 55 -111.94 48.35 18.47
CA ALA RC 55 -112.22 49.40 19.43
C ALA RC 55 -113.27 50.38 18.91
N ASP RC 56 -113.12 50.80 17.65
CA ASP RC 56 -114.07 51.76 17.10
C ASP RC 56 -115.48 51.19 17.04
N GLN RC 57 -115.61 49.86 16.92
CA GLN RC 57 -116.94 49.26 16.87
C GLN RC 57 -117.72 49.54 18.15
N CYS RC 58 -117.06 49.41 19.31
CA CYS RC 58 -117.75 49.68 20.56
C CYS RC 58 -118.21 51.12 20.62
N LEU RC 59 -117.39 52.05 20.15
CA LEU RC 59 -117.78 53.46 20.11
C LEU RC 59 -118.99 53.67 19.21
N ILE RC 60 -119.01 52.99 18.05
CA ILE RC 60 -120.13 53.12 17.14
C ILE RC 60 -121.41 52.66 17.80
N HIS RC 61 -121.38 51.48 18.42
CA HIS RC 61 -122.54 51.00 19.14
C HIS RC 61 -122.85 51.90 20.33
N LYS RC 62 -121.82 52.36 21.04
CA LYS RC 62 -122.03 53.25 22.17
C LYS RC 62 -122.67 54.55 21.73
N ALA RC 63 -122.22 55.10 20.60
CA ALA RC 63 -122.80 56.33 20.06
C ALA RC 63 -124.18 56.11 19.48
N THR RC 64 -124.63 54.87 19.34
CA THR RC 64 -125.94 54.57 18.77
C THR RC 64 -127.05 54.62 19.79
N LEU RC 65 -126.75 54.37 21.07
CA LEU RC 65 -127.80 54.36 22.09
C LEU RC 65 -128.45 55.71 22.26
N ASP RC 66 -127.67 56.80 22.17
CA ASP RC 66 -128.25 58.13 22.32
C ASP RC 66 -129.36 58.38 21.30
N PRO RC 78 -136.94 45.44 22.26
CA PRO RC 78 -135.78 44.57 22.02
C PRO RC 78 -134.71 45.18 21.14
N LEU RC 79 -135.10 45.72 19.98
CA LEU RC 79 -134.10 46.20 19.02
C LEU RC 79 -133.25 47.30 19.61
N ILE RC 80 -133.86 48.26 20.30
CA ILE RC 80 -133.10 49.35 20.90
C ILE RC 80 -132.13 48.82 21.94
N GLU RC 81 -132.61 47.92 22.80
CA GLU RC 81 -131.79 47.36 23.86
C GLU RC 81 -130.94 46.20 23.40
N ALA RC 82 -131.21 45.63 22.22
CA ALA RC 82 -130.45 44.47 21.76
C ALA RC 82 -128.98 44.84 21.53
N MET RC 83 -128.72 46.00 20.94
CA MET RC 83 -127.35 46.37 20.64
C MET RC 83 -126.50 46.49 21.91
N GLN RC 84 -127.14 46.84 23.03
CA GLN RC 84 -126.39 46.98 24.28
C GLN RC 84 -125.73 45.66 24.68
N GLN RC 85 -126.33 44.53 24.32
CA GLN RC 85 -125.75 43.24 24.66
C GLN RC 85 -124.40 43.05 23.99
N ILE RC 86 -124.27 43.46 22.73
CA ILE RC 86 -123.02 43.28 22.01
C ILE RC 86 -121.93 44.15 22.62
N ILE RC 87 -122.28 45.34 23.10
CA ILE RC 87 -121.28 46.25 23.64
C ILE RC 87 -120.51 45.57 24.78
N LEU RC 88 -121.25 44.97 25.71
CA LEU RC 88 -120.59 44.26 26.80
C LEU RC 88 -119.75 43.10 26.28
N ALA RC 89 -120.28 42.35 25.31
CA ALA RC 89 -119.53 41.23 24.75
C ALA RC 89 -118.27 41.70 24.05
N MET RC 90 -118.34 42.81 23.32
CA MET RC 90 -117.19 43.28 22.57
C MET RC 90 -116.01 43.55 23.49
N THR RC 91 -116.28 44.04 24.70
CA THR RC 91 -115.20 44.29 25.65
C THR RC 91 -114.50 42.99 26.03
N ARG RC 92 -115.26 41.92 26.24
CA ARG RC 92 -114.69 40.66 26.68
C ARG RC 92 -113.64 40.17 25.69
N GLU RC 93 -113.95 40.21 24.39
CA GLU RC 93 -112.96 39.84 23.39
C GLU RC 93 -111.85 40.89 23.33
N LEU RC 94 -112.21 42.16 23.45
CA LEU RC 94 -111.22 43.22 23.37
C LEU RC 94 -110.24 43.15 24.54
N TRP RC 95 -110.75 42.91 25.75
CA TRP RC 95 -109.88 42.85 26.91
C TRP RC 95 -108.90 41.69 26.83
N GLY RC 96 -109.25 40.64 26.08
CA GLY RC 96 -108.36 39.51 25.96
C GLY RC 96 -107.04 39.86 25.31
N GLN RC 97 -107.08 40.73 24.30
CA GLN RC 97 -105.84 41.13 23.64
C GLN RC 97 -105.00 42.04 24.53
N ILE RC 98 -105.64 42.83 25.40
CA ILE RC 98 -104.91 43.71 26.30
C ILE RC 98 -104.00 42.90 27.20
N GLN RC 99 -104.53 41.83 27.80
CA GLN RC 99 -103.73 41.01 28.70
C GLN RC 99 -102.61 40.30 27.96
N ARG RC 100 -102.84 39.91 26.71
CA ARG RC 100 -101.78 39.28 25.94
C ARG RC 100 -100.59 40.21 25.78
N HIS RC 101 -100.85 41.49 25.48
CA HIS RC 101 -99.76 42.45 25.34
C HIS RC 101 -99.07 42.69 26.68
N HIS RC 102 -99.85 42.89 27.74
CA HIS RC 102 -99.27 43.17 29.04
C HIS RC 102 -98.59 41.93 29.62
N TYR RC 103 -99.38 40.88 29.86
CA TYR RC 103 -98.84 39.68 30.49
C TYR RC 103 -98.14 38.77 29.48
N GLY RC 104 -98.89 38.30 28.49
CA GLY RC 104 -98.39 37.34 27.53
C GLY RC 104 -99.44 36.26 27.31
N ILE RC 105 -99.44 35.69 26.11
CA ILE RC 105 -100.48 34.71 25.76
C ILE RC 105 -100.38 33.49 26.67
N VAL RC 106 -99.17 32.99 26.90
CA VAL RC 106 -99.00 31.77 27.68
C VAL RC 106 -99.49 31.98 29.11
N GLN RC 107 -99.10 33.10 29.72
CA GLN RC 107 -99.47 33.35 31.11
C GLN RC 107 -100.98 33.51 31.26
N VAL RC 108 -101.62 34.12 30.27
CA VAL RC 108 -103.06 34.36 30.37
C VAL RC 108 -103.81 33.05 30.49
N GLU RC 109 -103.44 32.06 29.67
CA GLU RC 109 -104.13 30.77 29.69
C GLU RC 109 -104.18 30.22 31.12
N HIS RC 110 -103.05 30.22 31.82
CA HIS RC 110 -103.02 29.73 33.19
C HIS RC 110 -103.92 30.57 34.08
N TYR RC 111 -103.86 31.90 33.92
CA TYR RC 111 -104.62 32.78 34.79
C TYR RC 111 -106.12 32.53 34.67
N VAL RC 112 -106.61 32.36 33.44
CA VAL RC 112 -108.06 32.19 33.25
C VAL RC 112 -108.53 30.92 33.94
N LYS RC 113 -107.83 29.82 33.72
CA LYS RC 113 -108.24 28.56 34.34
C LYS RC 113 -108.20 28.66 35.86
N GLN RC 114 -107.17 29.31 36.41
CA GLN RC 114 -107.12 29.52 37.84
C GLN RC 114 -108.31 30.34 38.30
N ILE RC 115 -108.67 31.39 37.55
CA ILE RC 115 -109.85 32.17 37.87
C ILE RC 115 -111.10 31.30 37.75
N THR RC 116 -111.18 30.50 36.69
CA THR RC 116 -112.36 29.67 36.47
C THR RC 116 -112.56 28.70 37.64
N LEU RC 117 -111.52 27.97 38.00
CA LEU RC 117 -111.61 27.06 39.13
C LEU RC 117 -111.91 27.83 40.42
N TRP RC 118 -111.27 28.98 40.60
CA TRP RC 118 -111.54 29.80 41.77
C TRP RC 118 -113.01 30.23 41.80
N GLN RC 119 -113.54 30.64 40.65
CA GLN RC 119 -114.95 31.01 40.58
C GLN RC 119 -115.85 29.79 40.73
N ASP RC 120 -115.41 28.65 40.21
CA ASP RC 120 -116.24 27.43 40.28
C ASP RC 120 -116.43 26.98 41.72
N THR RC 121 -115.37 27.01 42.51
CA THR RC 121 -115.46 26.54 43.89
C THR RC 121 -116.44 27.41 44.68
N PRO RC 122 -117.25 26.83 45.55
CA PRO RC 122 -118.19 27.64 46.33
C PRO RC 122 -117.47 28.67 47.20
N GLN RC 123 -118.13 29.82 47.38
CA GLN RC 123 -117.52 30.91 48.13
C GLN RC 123 -117.20 30.54 49.57
N ALA RC 124 -117.86 29.52 50.11
CA ALA RC 124 -117.60 29.13 51.50
C ALA RC 124 -116.14 28.73 51.70
N PHE RC 125 -115.59 27.95 50.76
CA PHE RC 125 -114.21 27.50 50.83
C PHE RC 125 -113.46 27.85 49.55
N ARG RC 126 -113.86 28.95 48.90
CA ARG RC 126 -113.26 29.32 47.62
C ARG RC 126 -111.78 29.63 47.77
N GLY RC 127 -111.41 30.36 48.82
CA GLY RC 127 -110.03 30.75 49.03
C GLY RC 127 -109.71 32.11 48.45
N ASP RC 128 -108.46 32.51 48.65
CA ASP RC 128 -108.01 33.81 48.17
C ASP RC 128 -107.98 33.83 46.65
N GLN RC 129 -108.42 34.94 46.08
CA GLN RC 129 -108.43 35.10 44.63
C GLN RC 129 -106.99 35.14 44.12
N PRO RC 130 -106.65 34.38 43.08
CA PRO RC 130 -105.28 34.40 42.57
C PRO RC 130 -104.95 35.75 41.94
N LYS RC 131 -103.67 36.09 42.00
CA LYS RC 131 -103.20 37.36 41.45
C LYS RC 131 -102.80 37.20 39.99
N PRO RC 132 -102.78 38.29 39.23
CA PRO RC 132 -102.41 38.20 37.81
C PRO RC 132 -100.98 37.70 37.65
N PRO RC 133 -100.63 37.19 36.48
CA PRO RC 133 -99.25 36.70 36.27
C PRO RC 133 -98.24 37.83 36.20
N SER RC 134 -96.98 37.48 35.94
CA SER RC 134 -95.92 38.46 35.81
C SER RC 134 -95.94 39.08 34.41
N PHE RC 135 -95.53 40.34 34.35
CA PHE RC 135 -95.52 41.05 33.07
C PHE RC 135 -94.49 40.45 32.12
N THR SC 3 -111.19 57.51 15.56
CA THR SC 3 -109.90 58.11 15.88
C THR SC 3 -108.80 57.09 16.16
N PHE SC 4 -109.14 55.97 16.81
CA PHE SC 4 -108.11 54.99 17.13
C PHE SC 4 -107.45 54.43 15.86
N ILE SC 5 -108.26 54.13 14.85
CA ILE SC 5 -107.70 53.61 13.61
C ILE SC 5 -106.77 54.64 12.96
N GLU SC 6 -107.11 55.92 13.09
CA GLU SC 6 -106.27 56.96 12.54
C GLU SC 6 -104.89 56.95 13.21
N LEU SC 7 -104.85 56.72 14.52
CA LEU SC 7 -103.58 56.67 15.22
C LEU SC 7 -102.70 55.55 14.68
N VAL SC 8 -103.29 54.40 14.40
CA VAL SC 8 -102.54 53.29 13.82
C VAL SC 8 -101.98 53.69 12.46
N LYS SC 9 -102.81 54.34 11.63
CA LYS SC 9 -102.37 54.77 10.32
C LYS SC 9 -101.25 55.79 10.39
N ASN SC 10 -101.03 56.40 11.55
CA ASN SC 10 -99.96 57.36 11.76
C ASN SC 10 -98.67 56.70 12.24
N MET SC 11 -98.65 55.38 12.36
CA MET SC 11 -97.48 54.69 12.90
C MET SC 11 -96.41 54.52 11.82
N LYS SC 12 -95.35 53.82 12.19
CA LYS SC 12 -94.25 53.51 11.30
C LYS SC 12 -94.28 52.02 10.98
N GLY SC 13 -94.19 51.68 9.70
CA GLY SC 13 -94.25 50.30 9.27
C GLY SC 13 -95.66 49.78 9.05
N TYR SC 14 -96.68 50.57 9.34
CA TYR SC 14 -98.05 50.12 9.12
C TYR SC 14 -98.32 49.90 7.64
N LYS SC 15 -99.07 48.86 7.33
CA LYS SC 15 -99.38 48.50 5.95
C LYS SC 15 -100.85 48.08 5.88
N GLU SC 16 -101.51 48.52 4.81
CA GLU SC 16 -102.92 48.20 4.62
C GLU SC 16 -103.10 46.71 4.34
N LEU SC 17 -104.19 46.15 4.88
CA LEU SC 17 -104.55 44.77 4.63
C LEU SC 17 -106.00 44.59 4.22
N LEU SC 18 -106.85 45.61 4.38
CA LEU SC 18 -108.24 45.51 4.01
C LEU SC 18 -108.41 45.90 2.54
N LEU SC 19 -109.65 45.95 2.09
CA LEU SC 19 -109.99 46.22 0.70
C LEU SC 19 -111.13 47.21 0.65
N PRO SC 20 -111.33 47.87 -0.50
CA PRO SC 20 -112.44 48.82 -0.61
C PRO SC 20 -113.78 48.14 -0.35
N MET SC 21 -114.70 48.91 0.23
CA MET SC 21 -116.01 48.36 0.57
C MET SC 21 -116.68 47.72 -0.64
N GLU SC 22 -116.47 48.30 -1.81
CA GLU SC 22 -117.08 47.75 -3.03
C GLU SC 22 -116.52 46.36 -3.33
N MET SC 23 -115.21 46.17 -3.17
CA MET SC 23 -114.58 44.88 -3.45
C MET SC 23 -114.67 43.98 -2.22
N VAL SC 24 -115.90 43.78 -1.76
CA VAL SC 24 -116.17 42.91 -0.61
C VAL SC 24 -117.37 42.03 -0.95
N PRO SC 25 -117.26 40.71 -0.83
CA PRO SC 25 -118.41 39.84 -1.13
C PRO SC 25 -119.63 40.22 -0.30
N LEU SC 26 -120.77 39.65 -0.69
CA LEU SC 26 -122.01 39.88 0.01
C LEU SC 26 -122.00 39.13 1.35
N PRO SC 27 -122.85 39.55 2.29
CA PRO SC 27 -122.89 38.85 3.59
C PRO SC 27 -123.43 37.44 3.46
N ALA SC 28 -123.51 36.72 4.58
CA ALA SC 28 -124.02 35.35 4.59
C ALA SC 28 -123.13 34.43 3.78
N VAL SC 29 -123.08 34.63 2.46
CA VAL SC 29 -122.27 33.78 1.61
C VAL SC 29 -120.79 33.88 1.98
N VAL SC 30 -120.34 35.10 2.30
CA VAL SC 30 -118.94 35.28 2.68
C VAL SC 30 -118.61 34.47 3.92
N LEU SC 31 -119.60 34.25 4.80
CA LEU SC 31 -119.37 33.46 6.01
C LEU SC 31 -119.03 32.01 5.70
N LYS SC 32 -119.30 31.56 4.48
CA LYS SC 32 -119.05 30.16 4.15
C LYS SC 32 -117.56 29.83 4.22
N HIS SC 33 -116.71 30.76 3.77
CA HIS SC 33 -115.28 30.54 3.87
C HIS SC 33 -114.84 30.30 5.31
N VAL SC 34 -115.61 30.81 6.27
CA VAL SC 34 -115.28 30.58 7.68
C VAL SC 34 -115.29 29.09 7.98
N LYS SC 35 -116.33 28.40 7.54
CA LYS SC 35 -116.43 26.97 7.80
C LYS SC 35 -115.31 26.20 7.13
N LEU SC 36 -114.97 26.59 5.90
CA LEU SC 36 -113.95 25.86 5.14
C LEU SC 36 -112.56 26.05 5.73
N ILE SC 37 -112.38 26.98 6.67
CA ILE SC 37 -111.08 27.26 7.24
C ILE SC 37 -111.07 26.81 8.70
N LEU SC 38 -112.25 26.79 9.34
CA LEU SC 38 -112.37 26.31 10.70
C LEU SC 38 -112.58 24.80 10.75
N THR SC 39 -113.61 24.32 10.05
CA THR SC 39 -113.89 22.88 10.06
C THR SC 39 -112.73 22.09 9.47
N SER SC 40 -112.15 22.57 8.37
CA SER SC 40 -111.02 21.91 7.74
C SER SC 40 -109.70 22.41 8.35
N GLN SC 41 -109.59 22.25 9.67
CA GLN SC 41 -108.42 22.74 10.38
C GLN SC 41 -108.25 21.94 11.67
N LYS SC 42 -107.05 22.05 12.23
CA LYS SC 42 -106.71 21.38 13.48
C LYS SC 42 -105.58 22.17 14.13
N GLU SC 43 -105.27 21.81 15.37
CA GLU SC 43 -104.24 22.51 16.14
C GLU SC 43 -104.62 23.99 16.32
N HIS SC 44 -105.73 24.17 17.04
CA HIS SC 44 -106.29 25.49 17.31
C HIS SC 44 -105.21 26.51 17.62
N GLN SC 45 -105.17 27.58 16.84
CA GLN SC 45 -104.21 28.66 17.01
C GLN SC 45 -104.90 29.92 17.49
N PRO SC 46 -104.16 30.85 18.10
CA PRO SC 46 -104.82 32.03 18.67
C PRO SC 46 -105.63 32.83 17.65
N TRP SC 47 -105.13 32.96 16.42
CA TRP SC 47 -105.84 33.76 15.43
C TRP SC 47 -107.18 33.13 15.03
N MET SC 48 -107.29 31.80 15.15
CA MET SC 48 -108.54 31.14 14.79
C MET SC 48 -109.68 31.62 15.67
N THR SC 49 -109.43 31.79 16.97
CA THR SC 49 -110.47 32.29 17.86
C THR SC 49 -110.90 33.69 17.47
N GLU SC 50 -109.95 34.53 17.07
CA GLU SC 50 -110.29 35.90 16.68
C GLU SC 50 -111.27 35.89 15.51
N MET SC 51 -111.01 35.04 14.51
CA MET SC 51 -111.93 34.94 13.37
C MET SC 51 -113.30 34.44 13.82
N ALA SC 52 -113.32 33.44 14.70
CA ALA SC 52 -114.58 32.88 15.14
C ALA SC 52 -115.42 33.91 15.90
N LEU SC 53 -114.77 34.68 16.77
CA LEU SC 53 -115.49 35.66 17.57
C LEU SC 53 -115.90 36.89 16.77
N LYS SC 54 -115.40 37.04 15.55
CA LYS SC 54 -115.78 38.15 14.68
C LYS SC 54 -116.87 37.76 13.69
N ALA SC 55 -116.74 36.59 13.06
CA ALA SC 55 -117.74 36.16 12.09
C ALA SC 55 -119.10 35.96 12.75
N ASP SC 56 -119.11 35.36 13.94
CA ASP SC 56 -120.38 35.10 14.63
C ASP SC 56 -121.13 36.39 14.95
N GLN SC 57 -120.42 37.53 15.01
CA GLN SC 57 -121.09 38.78 15.32
C GLN SC 57 -122.08 39.17 14.22
N CYS SC 58 -121.74 38.90 12.96
CA CYS SC 58 -122.64 39.25 11.87
C CYS SC 58 -123.98 38.55 12.02
N LEU SC 59 -123.97 37.28 12.43
CA LEU SC 59 -125.22 36.57 12.67
C LEU SC 59 -126.02 37.24 13.77
N ILE SC 60 -125.35 37.68 14.83
CA ILE SC 60 -126.04 38.36 15.92
C ILE SC 60 -126.72 39.63 15.41
N HIS SC 61 -125.97 40.44 14.66
CA HIS SC 61 -126.57 41.62 14.05
C HIS SC 61 -127.62 41.24 13.03
N LYS SC 62 -127.34 40.20 12.24
CA LYS SC 62 -128.30 39.73 11.25
C LYS SC 62 -129.56 39.19 11.93
N ALA SC 63 -129.40 38.51 13.06
CA ALA SC 63 -130.54 37.96 13.77
C ALA SC 63 -131.53 39.03 14.19
N THR SC 64 -131.07 40.26 14.39
CA THR SC 64 -131.98 41.34 14.80
C THR SC 64 -132.95 41.71 13.70
N LEU SC 65 -132.67 41.34 12.44
CA LEU SC 65 -133.58 41.66 11.35
C LEU SC 65 -134.97 41.08 11.59
N ASP SC 66 -135.06 39.93 12.27
CA ASP SC 66 -136.35 39.37 12.59
C ASP SC 66 -137.15 40.32 13.48
N PRO SC 78 -132.78 55.39 12.39
CA PRO SC 78 -131.31 55.37 12.47
C PRO SC 78 -130.78 54.12 13.13
N LEU SC 79 -131.49 53.60 14.15
CA LEU SC 79 -131.03 52.39 14.81
C LEU SC 79 -131.02 51.20 13.85
N ILE SC 80 -132.06 51.06 13.04
CA ILE SC 80 -132.11 49.97 12.08
C ILE SC 80 -131.09 50.19 10.96
N GLU SC 81 -130.99 51.42 10.46
CA GLU SC 81 -130.03 51.70 9.39
C GLU SC 81 -128.60 51.52 9.88
N ALA SC 82 -128.30 51.97 11.10
CA ALA SC 82 -126.92 51.94 11.58
C ALA SC 82 -126.39 50.52 11.64
N MET SC 83 -127.21 49.56 12.10
CA MET SC 83 -126.73 48.19 12.22
C MET SC 83 -126.34 47.63 10.87
N GLN SC 84 -127.13 47.91 9.83
CA GLN SC 84 -126.82 47.40 8.50
C GLN SC 84 -125.47 47.90 8.02
N GLN SC 85 -125.15 49.17 8.30
CA GLN SC 85 -123.87 49.73 7.87
C GLN SC 85 -122.71 49.01 8.55
N ILE SC 86 -122.88 48.66 9.83
CA ILE SC 86 -121.78 48.05 10.57
C ILE SC 86 -121.41 46.70 9.97
N ILE SC 87 -122.39 45.96 9.46
CA ILE SC 87 -122.12 44.64 8.91
C ILE SC 87 -121.09 44.71 7.80
N LEU SC 88 -121.20 45.74 6.96
CA LEU SC 88 -120.22 45.90 5.87
C LEU SC 88 -118.82 46.07 6.42
N ALA SC 89 -118.67 46.87 7.48
CA ALA SC 89 -117.35 47.11 8.04
C ALA SC 89 -116.75 45.82 8.60
N MET SC 90 -117.55 45.04 9.33
CA MET SC 90 -117.05 43.78 9.86
C MET SC 90 -116.74 42.80 8.73
N THR SC 91 -117.57 42.77 7.69
CA THR SC 91 -117.32 41.87 6.57
C THR SC 91 -115.98 42.17 5.92
N ARG SC 92 -115.64 43.46 5.81
CA ARG SC 92 -114.35 43.82 5.23
C ARG SC 92 -113.20 43.25 6.03
N GLU SC 93 -113.30 43.31 7.37
CA GLU SC 93 -112.24 42.76 8.21
C GLU SC 93 -112.13 41.25 8.02
N LEU SC 94 -113.26 40.56 7.89
CA LEU SC 94 -113.22 39.11 7.73
C LEU SC 94 -112.41 38.70 6.52
N TRP SC 95 -112.61 39.39 5.40
CA TRP SC 95 -111.93 39.01 4.16
C TRP SC 95 -110.42 39.15 4.30
N GLY SC 96 -109.97 40.23 4.96
CA GLY SC 96 -108.54 40.42 5.13
C GLY SC 96 -107.88 39.28 5.89
N GLN SC 97 -108.56 38.80 6.93
CA GLN SC 97 -108.02 37.66 7.68
C GLN SC 97 -107.94 36.42 6.81
N ILE SC 98 -108.96 36.21 5.97
CA ILE SC 98 -108.96 35.03 5.11
C ILE SC 98 -107.78 35.07 4.15
N GLN SC 99 -107.55 36.22 3.52
CA GLN SC 99 -106.40 36.37 2.65
C GLN SC 99 -105.10 36.29 3.43
N ARG SC 100 -105.10 36.78 4.68
CA ARG SC 100 -103.93 36.66 5.54
C ARG SC 100 -103.57 35.19 5.79
N HIS SC 101 -104.51 34.27 5.59
CA HIS SC 101 -104.28 32.85 5.76
C HIS SC 101 -104.06 32.12 4.45
N HIS SC 102 -104.89 32.39 3.44
CA HIS SC 102 -104.79 31.69 2.17
C HIS SC 102 -103.51 32.09 1.43
N TYR SC 103 -103.38 33.37 1.09
CA TYR SC 103 -102.23 33.86 0.33
C TYR SC 103 -101.16 34.44 1.24
N GLY SC 104 -100.76 33.67 2.25
CA GLY SC 104 -99.73 34.14 3.14
C GLY SC 104 -100.19 35.38 3.90
N ILE SC 105 -99.22 36.04 4.51
CA ILE SC 105 -99.47 37.28 5.24
C ILE SC 105 -98.58 38.39 4.68
N VAL SC 106 -97.46 38.00 4.08
CA VAL SC 106 -96.55 38.98 3.49
C VAL SC 106 -96.99 39.34 2.08
N GLN SC 107 -97.30 38.33 1.27
CA GLN SC 107 -97.74 38.57 -0.10
C GLN SC 107 -99.05 39.33 -0.17
N VAL SC 108 -99.85 39.28 0.91
CA VAL SC 108 -101.14 39.98 0.89
C VAL SC 108 -100.93 41.48 0.74
N GLU SC 109 -99.96 42.03 1.47
CA GLU SC 109 -99.72 43.47 1.40
C GLU SC 109 -99.38 43.90 -0.02
N HIS SC 110 -98.57 43.12 -0.71
CA HIS SC 110 -98.22 43.47 -2.09
C HIS SC 110 -99.44 43.51 -2.98
N TYR SC 111 -100.35 42.54 -2.83
CA TYR SC 111 -101.54 42.51 -3.66
C TYR SC 111 -102.42 43.74 -3.41
N VAL SC 112 -102.69 44.05 -2.14
CA VAL SC 112 -103.53 45.20 -1.84
C VAL SC 112 -102.85 46.49 -2.27
N LYS SC 113 -101.51 46.55 -2.17
CA LYS SC 113 -100.78 47.71 -2.65
C LYS SC 113 -101.09 47.97 -4.11
N GLN SC 114 -101.08 46.92 -4.94
CA GLN SC 114 -101.38 47.09 -6.36
C GLN SC 114 -102.86 47.40 -6.57
N ILE SC 115 -103.74 46.83 -5.75
CA ILE SC 115 -105.17 47.08 -5.89
C ILE SC 115 -105.45 48.58 -5.73
N THR SC 116 -104.83 49.22 -4.74
CA THR SC 116 -105.06 50.63 -4.51
C THR SC 116 -104.66 51.46 -5.74
N LEU SC 117 -103.48 51.15 -6.30
CA LEU SC 117 -103.03 51.88 -7.48
C LEU SC 117 -103.93 51.60 -8.68
N TRP SC 118 -104.32 50.33 -8.85
CA TRP SC 118 -105.11 49.96 -10.03
C TRP SC 118 -106.50 50.58 -10.02
N GLN SC 119 -107.01 50.97 -8.86
CA GLN SC 119 -108.34 51.56 -8.76
C GLN SC 119 -108.31 53.07 -8.63
N ASP SC 120 -107.32 53.62 -7.92
CA ASP SC 120 -107.28 55.06 -7.71
C ASP SC 120 -107.06 55.80 -9.02
N THR SC 121 -106.22 55.25 -9.90
CA THR SC 121 -105.98 55.89 -11.19
C THR SC 121 -107.27 55.87 -12.01
N PRO SC 122 -107.44 56.83 -12.93
CA PRO SC 122 -108.67 56.86 -13.73
C PRO SC 122 -108.79 55.60 -14.59
N GLN SC 123 -110.05 55.23 -14.87
CA GLN SC 123 -110.31 53.99 -15.60
C GLN SC 123 -109.65 53.98 -16.98
N ALA SC 124 -109.33 55.15 -17.53
CA ALA SC 124 -108.71 55.21 -18.84
C ALA SC 124 -107.24 54.80 -18.81
N PHE SC 125 -106.64 54.63 -17.64
CA PHE SC 125 -105.24 54.28 -17.51
C PHE SC 125 -104.98 53.00 -16.75
N ARG SC 126 -105.99 52.40 -16.13
CA ARG SC 126 -105.77 51.23 -15.29
C ARG SC 126 -105.14 50.09 -16.08
N GLY SC 127 -105.85 49.59 -17.09
CA GLY SC 127 -105.37 48.47 -17.88
C GLY SC 127 -106.09 47.18 -17.54
N ASP SC 128 -105.40 46.27 -16.85
CA ASP SC 128 -105.95 44.98 -16.48
C ASP SC 128 -105.78 44.77 -14.98
N GLN SC 129 -106.78 44.13 -14.37
CA GLN SC 129 -106.73 43.88 -12.94
C GLN SC 129 -105.55 42.96 -12.63
N PRO SC 130 -104.77 43.25 -11.59
CA PRO SC 130 -103.67 42.36 -11.22
C PRO SC 130 -104.19 41.16 -10.44
N LYS SC 131 -103.97 39.96 -10.99
CA LYS SC 131 -104.48 38.76 -10.35
C LYS SC 131 -103.80 38.54 -9.00
N PRO SC 132 -104.56 38.20 -7.96
CA PRO SC 132 -103.93 37.96 -6.66
C PRO SC 132 -103.04 36.74 -6.72
N PRO SC 133 -102.01 36.67 -5.87
CA PRO SC 133 -101.14 35.49 -5.86
C PRO SC 133 -101.90 34.25 -5.42
N SER SC 134 -101.46 33.11 -5.94
CA SER SC 134 -102.11 31.85 -5.63
C SER SC 134 -101.74 31.39 -4.21
N PHE SC 135 -102.21 30.21 -3.84
CA PHE SC 135 -101.98 29.65 -2.51
C PHE SC 135 -100.53 29.19 -2.42
N THR TC 3 -90.01 81.34 -15.14
CA THR TC 3 -88.75 81.54 -15.83
C THR TC 3 -87.66 80.61 -15.32
N PHE TC 4 -87.76 80.14 -14.08
CA PHE TC 4 -86.78 79.20 -13.56
C PHE TC 4 -86.76 77.92 -14.38
N ILE TC 5 -87.94 77.42 -14.77
CA ILE TC 5 -87.99 76.22 -15.58
C ILE TC 5 -87.22 76.42 -16.88
N GLU TC 6 -87.32 77.62 -17.47
CA GLU TC 6 -86.53 77.93 -18.65
C GLU TC 6 -85.04 77.86 -18.32
N LEU TC 7 -84.63 78.35 -17.16
CA LEU TC 7 -83.23 78.30 -16.79
C LEU TC 7 -82.75 76.86 -16.66
N VAL TC 8 -83.66 75.92 -16.40
CA VAL TC 8 -83.31 74.52 -16.32
C VAL TC 8 -83.71 73.75 -17.57
N LYS TC 9 -84.65 74.27 -18.38
CA LYS TC 9 -85.05 73.57 -19.58
C LYS TC 9 -83.88 73.31 -20.51
N ASN TC 10 -82.84 74.15 -20.44
CA ASN TC 10 -81.64 73.96 -21.25
C ASN TC 10 -80.66 72.97 -20.61
N MET TC 11 -80.85 72.61 -19.35
CA MET TC 11 -79.94 71.68 -18.70
C MET TC 11 -80.04 70.30 -19.34
N LYS TC 12 -78.91 69.59 -19.35
CA LYS TC 12 -78.88 68.27 -19.97
C LYS TC 12 -79.81 67.29 -19.26
N GLY TC 13 -79.83 67.32 -17.94
CA GLY TC 13 -80.62 66.36 -17.17
C GLY TC 13 -82.03 66.82 -16.87
N TYR TC 14 -82.44 67.93 -17.46
CA TYR TC 14 -83.79 68.43 -17.24
C TYR TC 14 -84.82 67.46 -17.80
N LYS TC 15 -85.92 67.31 -17.07
CA LYS TC 15 -86.97 66.38 -17.45
C LYS TC 15 -88.33 67.01 -17.20
N GLU TC 16 -89.33 66.57 -17.97
CA GLU TC 16 -90.71 67.04 -17.80
C GLU TC 16 -91.38 66.16 -16.75
N LEU TC 17 -91.07 66.45 -15.48
CA LEU TC 17 -91.66 65.69 -14.38
C LEU TC 17 -93.15 65.93 -14.24
N LEU TC 18 -93.67 67.00 -14.83
CA LEU TC 18 -95.10 67.33 -14.74
C LEU TC 18 -95.87 66.38 -15.65
N LEU TC 19 -96.48 65.35 -15.05
CA LEU TC 19 -97.20 64.37 -15.83
C LEU TC 19 -98.53 64.95 -16.32
N PRO TC 20 -99.16 64.31 -17.30
CA PRO TC 20 -100.42 64.83 -17.84
C PRO TC 20 -101.47 64.97 -16.75
N MET TC 21 -102.27 66.04 -16.87
CA MET TC 21 -103.32 66.29 -15.87
C MET TC 21 -104.31 65.13 -15.82
N GLU TC 22 -104.71 64.61 -16.98
CA GLU TC 22 -105.64 63.49 -16.99
C GLU TC 22 -105.04 62.26 -16.32
N MET TC 23 -103.73 62.11 -16.37
CA MET TC 23 -103.09 60.92 -15.81
C MET TC 23 -103.29 60.83 -14.30
N VAL TC 24 -103.14 61.95 -13.60
CA VAL TC 24 -103.20 61.96 -12.14
C VAL TC 24 -104.64 61.94 -11.66
N PRO TC 25 -104.93 61.41 -10.47
CA PRO TC 25 -106.30 61.43 -9.96
C PRO TC 25 -106.64 62.74 -9.27
N LEU TC 26 -107.81 62.81 -8.64
CA LEU TC 26 -108.23 64.01 -7.95
C LEU TC 26 -107.33 64.26 -6.73
N PRO TC 27 -107.28 65.52 -6.26
CA PRO TC 27 -106.36 65.82 -5.15
C PRO TC 27 -106.61 64.99 -3.90
N ALA TC 28 -107.87 64.69 -3.59
CA ALA TC 28 -108.16 63.97 -2.35
C ALA TC 28 -107.53 62.58 -2.34
N VAL TC 29 -107.58 61.88 -3.47
CA VAL TC 29 -107.04 60.53 -3.51
C VAL TC 29 -105.54 60.53 -3.35
N VAL TC 30 -104.86 61.53 -3.92
CA VAL TC 30 -103.41 61.58 -3.85
C VAL TC 30 -102.95 61.66 -2.40
N LEU TC 31 -103.62 62.49 -1.60
CA LEU TC 31 -103.26 62.63 -0.20
C LEU TC 31 -103.25 61.28 0.51
N LYS TC 32 -104.12 60.37 0.09
CA LYS TC 32 -104.17 59.05 0.71
C LYS TC 32 -102.85 58.31 0.54
N HIS TC 33 -102.26 58.38 -0.67
CA HIS TC 33 -101.02 57.66 -0.92
C HIS TC 33 -99.85 58.30 -0.19
N VAL TC 34 -99.92 59.60 0.09
CA VAL TC 34 -98.82 60.26 0.81
C VAL TC 34 -98.68 59.67 2.20
N LYS TC 35 -99.79 59.47 2.90
CA LYS TC 35 -99.74 58.81 4.19
C LYS TC 35 -99.21 57.39 4.07
N LEU TC 36 -99.69 56.65 3.07
CA LEU TC 36 -99.28 55.26 2.90
C LEU TC 36 -97.81 55.14 2.56
N ILE TC 37 -97.32 55.99 1.65
CA ILE TC 37 -95.92 55.90 1.24
C ILE TC 37 -95.01 56.38 2.38
N LEU TC 38 -95.36 57.48 3.03
CA LEU TC 38 -94.57 57.96 4.16
C LEU TC 38 -94.57 56.95 5.29
N THR TC 39 -95.74 56.38 5.60
CA THR TC 39 -95.83 55.40 6.67
C THR TC 39 -95.01 54.15 6.34
N SER TC 40 -95.13 53.66 5.12
CA SER TC 40 -94.39 52.46 4.74
C SER TC 40 -92.88 52.68 4.80
N GLN TC 41 -92.42 53.82 4.31
CA GLN TC 41 -90.99 54.10 4.29
C GLN TC 41 -90.46 54.28 5.70
N LYS TC 42 -89.25 53.79 5.94
CA LYS TC 42 -88.63 53.83 7.26
C LYS TC 42 -87.40 54.71 7.32
N GLU TC 43 -86.44 54.52 6.41
CA GLU TC 43 -85.22 55.31 6.46
C GLU TC 43 -85.55 56.78 6.24
N HIS TC 44 -84.88 57.64 7.01
CA HIS TC 44 -85.12 59.07 6.95
C HIS TC 44 -84.19 59.71 5.94
N GLN TC 45 -84.77 60.37 4.94
CA GLN TC 45 -84.05 61.14 3.94
C GLN TC 45 -84.74 62.48 3.77
N PRO TC 46 -84.03 63.49 3.24
CA PRO TC 46 -84.64 64.81 3.12
C PRO TC 46 -85.87 64.85 2.22
N TRP TC 47 -86.00 63.93 1.27
CA TRP TC 47 -87.12 64.00 0.34
C TRP TC 47 -88.46 63.82 1.07
N MET TC 48 -88.53 62.84 1.98
CA MET TC 48 -89.78 62.64 2.71
C MET TC 48 -90.09 63.84 3.60
N THR TC 49 -89.07 64.43 4.21
CA THR TC 49 -89.30 65.63 5.01
C THR TC 49 -89.86 66.76 4.16
N GLU TC 50 -89.28 66.96 2.97
CA GLU TC 50 -89.78 67.98 2.06
C GLU TC 50 -91.06 67.53 1.36
N MET TC 51 -91.23 66.22 1.17
CA MET TC 51 -92.43 65.72 0.50
C MET TC 51 -93.67 66.05 1.31
N ALA TC 52 -93.60 65.87 2.63
CA ALA TC 52 -94.75 66.20 3.48
C ALA TC 52 -95.09 67.68 3.41
N LEU TC 53 -94.08 68.54 3.42
CA LEU TC 53 -94.33 69.97 3.39
C LEU TC 53 -95.03 70.38 2.10
N LYS TC 54 -94.61 69.82 0.97
CA LYS TC 54 -95.22 70.16 -0.30
C LYS TC 54 -96.69 69.77 -0.33
N ALA TC 55 -97.02 68.60 0.23
CA ALA TC 55 -98.41 68.16 0.25
C ALA TC 55 -99.23 68.92 1.27
N ASP TC 56 -98.58 69.43 2.33
CA ASP TC 56 -99.31 70.14 3.37
C ASP TC 56 -100.03 71.37 2.83
N GLN TC 57 -99.37 72.09 1.93
CA GLN TC 57 -99.96 73.33 1.41
C GLN TC 57 -101.33 73.08 0.81
N CYS TC 58 -101.52 71.94 0.14
CA CYS TC 58 -102.80 71.63 -0.47
C CYS TC 58 -103.92 71.59 0.56
N LEU TC 59 -103.62 71.11 1.78
CA LEU TC 59 -104.65 71.03 2.81
C LEU TC 59 -105.16 72.41 3.18
N ILE TC 60 -104.27 73.39 3.28
CA ILE TC 60 -104.69 74.74 3.66
C ILE TC 60 -105.64 75.30 2.61
N HIS TC 61 -105.33 75.09 1.33
CA HIS TC 61 -106.19 75.59 0.27
C HIS TC 61 -107.58 74.96 0.32
N LYS TC 62 -107.65 73.69 0.75
CA LYS TC 62 -108.94 73.03 0.87
C LYS TC 62 -109.85 73.80 1.83
N ALA TC 63 -109.34 74.14 3.01
CA ALA TC 63 -110.12 74.89 3.97
C ALA TC 63 -110.22 76.37 3.60
N THR TC 64 -109.19 76.93 3.00
CA THR TC 64 -109.22 78.33 2.61
C THR TC 64 -110.40 78.62 1.68
N LEU TC 65 -110.55 77.80 0.64
CA LEU TC 65 -111.67 77.96 -0.27
C LEU TC 65 -112.98 77.47 0.35
N PRO TC 78 -111.18 85.86 -10.71
CA PRO TC 78 -109.84 85.42 -11.14
C PRO TC 78 -109.00 84.86 -10.00
N LEU TC 79 -109.15 85.41 -8.79
CA LEU TC 79 -108.36 84.93 -7.66
C LEU TC 79 -108.75 83.50 -7.29
N ILE TC 80 -110.05 83.25 -7.12
CA ILE TC 80 -110.50 81.92 -6.72
C ILE TC 80 -110.19 80.90 -7.81
N GLU TC 81 -110.43 81.26 -9.07
CA GLU TC 81 -110.22 80.32 -10.16
C GLU TC 81 -108.75 79.92 -10.25
N ALA TC 82 -107.84 80.87 -10.06
CA ALA TC 82 -106.42 80.55 -10.13
C ALA TC 82 -106.03 79.54 -9.05
N MET TC 83 -106.57 79.68 -7.84
CA MET TC 83 -106.24 78.75 -6.77
C MET TC 83 -106.63 77.33 -7.15
N GLN TC 84 -107.78 77.16 -7.80
CA GLN TC 84 -108.21 75.83 -8.21
C GLN TC 84 -107.18 75.19 -9.14
N GLN TC 85 -106.65 75.95 -10.08
CA GLN TC 85 -105.60 75.43 -10.96
C GLN TC 85 -104.30 75.20 -10.19
N ILE TC 86 -104.02 76.05 -9.20
CA ILE TC 86 -102.79 75.90 -8.43
C ILE TC 86 -102.78 74.57 -7.68
N ILE TC 87 -103.92 74.21 -7.09
CA ILE TC 87 -104.00 72.94 -6.37
C ILE TC 87 -103.68 71.77 -7.30
N LEU TC 88 -104.24 71.79 -8.50
CA LEU TC 88 -103.96 70.73 -9.46
C LEU TC 88 -102.49 70.74 -9.88
N ALA TC 89 -101.85 71.91 -9.86
CA ALA TC 89 -100.44 71.97 -10.23
C ALA TC 89 -99.59 71.17 -9.25
N MET TC 90 -99.88 71.27 -7.96
CA MET TC 90 -99.10 70.54 -6.97
C MET TC 90 -99.39 69.04 -7.03
N THR TC 91 -100.62 68.66 -7.39
CA THR TC 91 -100.96 67.25 -7.47
C THR TC 91 -100.10 66.53 -8.49
N ARG TC 92 -99.89 67.15 -9.65
CA ARG TC 92 -99.03 66.53 -10.66
C ARG TC 92 -97.62 66.36 -10.13
N GLU TC 93 -97.09 67.37 -9.43
CA GLU TC 93 -95.76 67.26 -8.87
C GLU TC 93 -95.69 66.16 -7.81
N LEU TC 94 -96.72 66.07 -6.96
CA LEU TC 94 -96.71 65.05 -5.91
C LEU TC 94 -96.75 63.65 -6.49
N TRP TC 95 -97.60 63.43 -7.50
CA TRP TC 95 -97.74 62.10 -8.06
C TRP TC 95 -96.43 61.62 -8.69
N GLY TC 96 -95.61 62.55 -9.16
CA GLY TC 96 -94.33 62.15 -9.74
C GLY TC 96 -93.43 61.48 -8.73
N GLN TC 97 -93.31 62.08 -7.54
CA GLN TC 97 -92.50 61.48 -6.49
C GLN TC 97 -93.07 60.14 -6.06
N ILE TC 98 -94.40 60.02 -6.02
CA ILE TC 98 -95.04 58.77 -5.64
C ILE TC 98 -94.64 57.67 -6.60
N GLN TC 99 -94.77 57.93 -7.91
CA GLN TC 99 -94.46 56.90 -8.89
C GLN TC 99 -92.96 56.62 -8.96
N ARG TC 100 -92.14 57.68 -8.90
CA ARG TC 100 -90.70 57.48 -8.95
C ARG TC 100 -90.20 56.67 -7.76
N HIS TC 101 -90.74 56.96 -6.58
CA HIS TC 101 -90.30 56.23 -5.39
C HIS TC 101 -90.73 54.77 -5.45
N HIS TC 102 -91.98 54.50 -5.86
CA HIS TC 102 -92.47 53.13 -5.92
C HIS TC 102 -91.72 52.32 -6.96
N TYR TC 103 -91.64 52.83 -8.19
CA TYR TC 103 -90.98 52.12 -9.29
C TYR TC 103 -89.54 52.56 -9.48
N GLY TC 104 -89.34 53.84 -9.76
CA GLY TC 104 -88.03 54.38 -10.03
C GLY TC 104 -88.09 55.61 -10.89
N ILE TC 105 -87.02 56.40 -10.83
CA ILE TC 105 -86.99 57.66 -11.58
C ILE TC 105 -87.00 57.39 -13.08
N VAL TC 106 -86.19 56.43 -13.54
CA VAL TC 106 -86.09 56.17 -14.97
C VAL TC 106 -87.39 55.58 -15.50
N GLN TC 107 -88.02 54.68 -14.74
CA GLN TC 107 -89.20 53.99 -15.24
C GLN TC 107 -90.33 54.97 -15.51
N VAL TC 108 -90.55 55.93 -14.62
CA VAL TC 108 -91.60 56.92 -14.84
C VAL TC 108 -91.31 57.74 -16.10
N GLU TC 109 -90.07 58.22 -16.22
CA GLU TC 109 -89.69 58.95 -17.43
C GLU TC 109 -89.81 58.07 -18.66
N HIS TC 110 -89.56 56.77 -18.50
CA HIS TC 110 -89.64 55.84 -19.63
C HIS TC 110 -91.08 55.49 -19.98
N TYR TC 111 -91.94 55.38 -18.96
CA TYR TC 111 -93.30 54.91 -19.17
C TYR TC 111 -94.29 56.03 -19.48
N VAL TC 112 -94.03 57.25 -19.00
CA VAL TC 112 -94.99 58.33 -19.19
C VAL TC 112 -95.22 58.60 -20.67
N LYS TC 113 -94.14 58.63 -21.46
CA LYS TC 113 -94.28 58.95 -22.88
C LYS TC 113 -95.10 57.89 -23.61
N GLN TC 114 -94.95 56.62 -23.23
CA GLN TC 114 -95.60 55.55 -23.95
C GLN TC 114 -97.12 55.73 -23.95
N ILE TC 115 -97.69 56.03 -22.79
CA ILE TC 115 -99.15 56.17 -22.69
C ILE TC 115 -99.61 57.39 -23.47
N THR TC 116 -98.81 58.47 -23.47
CA THR TC 116 -99.20 59.66 -24.21
C THR TC 116 -99.30 59.36 -25.70
N LEU TC 117 -98.36 58.58 -26.23
CA LEU TC 117 -98.42 58.20 -27.63
C LEU TC 117 -99.68 57.40 -27.94
N TRP TC 118 -100.02 56.45 -27.06
CA TRP TC 118 -101.20 55.63 -27.30
C TRP TC 118 -102.46 56.48 -27.40
N GLN TC 119 -102.47 57.65 -26.77
CA GLN TC 119 -103.63 58.53 -26.86
C GLN TC 119 -103.59 59.37 -28.13
N ASP TC 120 -102.45 60.03 -28.38
CA ASP TC 120 -102.30 60.89 -29.55
C ASP TC 120 -102.09 60.02 -30.78
N THR TC 121 -103.18 59.40 -31.23
CA THR TC 121 -103.16 58.51 -32.38
C THR TC 121 -104.58 58.41 -32.92
N PRO TC 122 -104.77 58.19 -34.23
CA PRO TC 122 -106.13 58.18 -34.77
C PRO TC 122 -106.97 56.99 -34.30
N GLN TC 123 -107.38 57.03 -33.03
CA GLN TC 123 -108.30 56.07 -32.44
C GLN TC 123 -108.09 54.63 -32.92
N ALA TC 124 -108.38 54.37 -34.20
CA ALA TC 124 -108.39 52.98 -34.68
C ALA TC 124 -107.05 52.30 -34.43
N PHE TC 125 -105.97 52.91 -34.88
CA PHE TC 125 -104.63 52.36 -34.68
C PHE TC 125 -103.98 52.93 -33.42
N ARG TC 126 -104.71 52.90 -32.30
CA ARG TC 126 -104.18 53.46 -31.07
C ARG TC 126 -103.02 52.62 -30.54
N GLY TC 127 -103.11 51.30 -30.66
CA GLY TC 127 -102.06 50.42 -30.18
C GLY TC 127 -102.62 49.16 -29.57
N ASP TC 128 -102.12 48.79 -28.39
CA ASP TC 128 -102.57 47.58 -27.71
C ASP TC 128 -102.75 47.83 -26.21
N GLN TC 129 -103.14 49.05 -25.84
CA GLN TC 129 -103.35 49.38 -24.43
C GLN TC 129 -102.09 49.08 -23.64
N PRO TC 130 -101.04 49.89 -23.79
CA PRO TC 130 -99.75 49.54 -23.18
C PRO TC 130 -99.88 49.30 -21.68
N LYS TC 131 -99.25 48.23 -21.22
CA LYS TC 131 -99.35 47.84 -19.83
C LYS TC 131 -98.59 48.82 -18.94
N PRO TC 132 -99.06 49.06 -17.73
CA PRO TC 132 -98.30 49.90 -16.78
C PRO TC 132 -97.05 49.18 -16.31
N PRO TC 133 -96.07 49.91 -15.80
CA PRO TC 133 -94.80 49.27 -15.43
C PRO TC 133 -95.01 48.23 -14.34
N THR UC 3 -82.86 -59.79 -75.72
CA THR UC 3 -82.18 -60.68 -74.79
C THR UC 3 -81.07 -59.95 -74.03
N PHE UC 4 -80.31 -59.11 -74.71
CA PHE UC 4 -79.18 -58.44 -74.07
C PHE UC 4 -79.65 -57.54 -72.93
N ILE UC 5 -80.72 -56.78 -73.16
CA ILE UC 5 -81.19 -55.84 -72.14
C ILE UC 5 -81.58 -56.60 -70.87
N GLU UC 6 -82.17 -57.78 -71.03
CA GLU UC 6 -82.47 -58.62 -69.88
C GLU UC 6 -81.21 -58.93 -69.08
N LEU UC 7 -80.11 -59.22 -69.78
CA LEU UC 7 -78.87 -59.54 -69.09
C LEU UC 7 -78.35 -58.34 -68.32
N VAL UC 8 -78.46 -57.14 -68.91
CA VAL UC 8 -77.94 -55.94 -68.24
C VAL UC 8 -78.78 -55.61 -67.01
N LYS UC 9 -80.11 -55.79 -67.11
CA LYS UC 9 -80.96 -55.52 -65.95
C LYS UC 9 -80.56 -56.37 -64.76
N ASN UC 10 -79.94 -57.52 -65.00
CA ASN UC 10 -79.42 -58.38 -63.93
C ASN UC 10 -78.02 -57.91 -63.52
N MET UC 11 -77.95 -56.65 -63.11
CA MET UC 11 -76.69 -56.03 -62.70
C MET UC 11 -76.94 -55.10 -61.53
N LYS UC 12 -75.86 -54.78 -60.82
CA LYS UC 12 -75.92 -54.00 -59.60
C LYS UC 12 -75.71 -52.53 -59.90
N GLY UC 13 -76.49 -51.68 -59.24
CA GLY UC 13 -76.47 -50.26 -59.51
C GLY UC 13 -77.28 -49.84 -60.72
N TYR UC 14 -78.15 -50.70 -61.22
CA TYR UC 14 -78.94 -50.41 -62.41
C TYR UC 14 -80.11 -49.52 -62.04
N LYS UC 15 -80.10 -48.29 -62.54
CA LYS UC 15 -81.18 -47.32 -62.34
C LYS UC 15 -81.89 -47.12 -63.67
N GLU UC 16 -83.19 -47.42 -63.70
CA GLU UC 16 -83.96 -47.28 -64.93
C GLU UC 16 -84.11 -45.81 -65.30
N LEU UC 17 -84.14 -45.55 -66.62
CA LEU UC 17 -84.22 -44.19 -67.11
C LEU UC 17 -85.19 -44.04 -68.28
N LEU UC 18 -86.01 -45.05 -68.56
CA LEU UC 18 -86.93 -45.02 -69.69
C LEU UC 18 -88.36 -45.05 -69.17
N LEU UC 19 -89.18 -44.13 -69.68
CA LEU UC 19 -90.57 -44.06 -69.29
C LEU UC 19 -91.41 -45.07 -70.08
N PRO UC 20 -92.63 -45.35 -69.63
CA PRO UC 20 -93.50 -46.24 -70.39
C PRO UC 20 -93.79 -45.69 -71.78
N MET UC 21 -93.98 -46.61 -72.72
CA MET UC 21 -94.26 -46.21 -74.10
C MET UC 21 -95.51 -45.34 -74.20
N GLU UC 22 -96.43 -45.49 -73.25
CA GLU UC 22 -97.68 -44.75 -73.29
C GLU UC 22 -97.54 -43.30 -72.82
N MET UC 23 -96.39 -42.94 -72.25
CA MET UC 23 -96.20 -41.58 -71.73
C MET UC 23 -95.23 -40.75 -72.56
N VAL UC 24 -94.35 -41.36 -73.34
CA VAL UC 24 -93.37 -40.62 -74.12
C VAL UC 24 -94.11 -39.83 -75.20
N PRO UC 25 -93.59 -38.68 -75.63
CA PRO UC 25 -94.28 -37.91 -76.66
C PRO UC 25 -94.31 -38.66 -77.99
N LEU UC 26 -95.06 -38.10 -78.93
CA LEU UC 26 -95.07 -38.63 -80.28
C LEU UC 26 -93.71 -38.40 -80.93
N PRO UC 27 -93.32 -39.24 -81.89
CA PRO UC 27 -91.98 -39.10 -82.48
C PRO UC 27 -91.74 -37.73 -83.08
N ALA UC 28 -92.78 -37.11 -83.67
CA ALA UC 28 -92.61 -35.78 -84.25
C ALA UC 28 -92.22 -34.76 -83.20
N VAL UC 29 -92.84 -34.84 -82.01
CA VAL UC 29 -92.57 -33.87 -80.97
C VAL UC 29 -91.13 -34.00 -80.47
N VAL UC 30 -90.63 -35.22 -80.38
CA VAL UC 30 -89.30 -35.44 -79.82
C VAL UC 30 -88.25 -34.73 -80.65
N LEU UC 31 -88.36 -34.83 -81.98
CA LEU UC 31 -87.39 -34.21 -82.86
C LEU UC 31 -87.27 -32.71 -82.59
N LYS UC 32 -88.36 -32.08 -82.16
CA LYS UC 32 -88.33 -30.64 -81.92
C LYS UC 32 -87.34 -30.29 -80.82
N HIS UC 33 -87.31 -31.06 -79.74
CA HIS UC 33 -86.36 -30.79 -78.67
C HIS UC 33 -84.94 -31.09 -79.10
N VAL UC 34 -84.75 -32.02 -80.05
CA VAL UC 34 -83.41 -32.36 -80.51
C VAL UC 34 -82.74 -31.13 -81.12
N LYS UC 35 -83.47 -30.42 -81.97
CA LYS UC 35 -82.89 -29.25 -82.62
C LYS UC 35 -82.50 -28.18 -81.61
N LEU UC 36 -83.37 -27.93 -80.63
CA LEU UC 36 -83.06 -26.94 -79.61
C LEU UC 36 -81.87 -27.36 -78.77
N ILE UC 37 -81.88 -28.60 -78.28
CA ILE UC 37 -80.82 -29.06 -77.40
C ILE UC 37 -79.50 -29.12 -78.17
N LEU UC 38 -79.52 -29.66 -79.39
CA LEU UC 38 -78.30 -29.70 -80.19
C LEU UC 38 -77.81 -28.31 -80.52
N THR UC 39 -78.70 -27.47 -81.07
CA THR UC 39 -78.29 -26.16 -81.55
C THR UC 39 -77.99 -25.22 -80.39
N SER UC 40 -78.86 -25.19 -79.39
CA SER UC 40 -78.69 -24.32 -78.23
C SER UC 40 -77.73 -24.98 -77.23
N GLN UC 41 -76.51 -25.19 -77.70
CA GLN UC 41 -75.47 -25.79 -76.87
C GLN UC 41 -74.12 -25.20 -77.24
N LYS UC 42 -73.23 -25.17 -76.26
CA LYS UC 42 -71.88 -24.65 -76.43
C LYS UC 42 -70.89 -25.68 -75.91
N GLU UC 43 -69.69 -25.68 -76.50
CA GLU UC 43 -68.64 -26.63 -76.13
C GLU UC 43 -69.13 -28.06 -76.31
N HIS UC 44 -69.38 -28.40 -77.58
CA HIS UC 44 -69.92 -29.69 -77.95
C HIS UC 44 -69.27 -30.81 -77.15
N GLN UC 45 -70.10 -31.72 -76.67
CA GLN UC 45 -69.70 -32.83 -75.83
C GLN UC 45 -70.00 -34.16 -76.52
N PRO UC 46 -69.33 -35.24 -76.12
CA PRO UC 46 -69.50 -36.51 -76.85
C PRO UC 46 -70.94 -36.99 -76.92
N TRP UC 47 -71.71 -36.81 -75.86
CA TRP UC 47 -73.08 -37.31 -75.84
C TRP UC 47 -73.95 -36.62 -76.88
N MET UC 48 -73.58 -35.41 -77.32
CA MET UC 48 -74.36 -34.74 -78.36
C MET UC 48 -74.35 -35.53 -79.66
N THR UC 49 -73.19 -36.09 -80.01
CA THR UC 49 -73.10 -36.87 -81.24
C THR UC 49 -74.01 -38.09 -81.19
N GLU UC 50 -74.07 -38.75 -80.03
CA GLU UC 50 -74.90 -39.94 -79.90
C GLU UC 50 -76.36 -39.61 -80.14
N MET UC 51 -76.82 -38.46 -79.61
CA MET UC 51 -78.22 -38.09 -79.78
C MET UC 51 -78.58 -37.92 -81.25
N ALA UC 52 -77.71 -37.24 -82.01
CA ALA UC 52 -78.02 -36.98 -83.41
C ALA UC 52 -78.08 -38.27 -84.21
N LEU UC 53 -77.15 -39.20 -83.96
CA LEU UC 53 -77.11 -40.44 -84.72
C LEU UC 53 -78.41 -41.22 -84.58
N LYS UC 54 -78.92 -41.33 -83.36
CA LYS UC 54 -80.16 -42.07 -83.15
C LYS UC 54 -81.34 -41.34 -83.79
N ALA UC 55 -81.31 -40.00 -83.79
CA ALA UC 55 -82.44 -39.24 -84.31
C ALA UC 55 -82.68 -39.55 -85.77
N ASP UC 56 -81.62 -39.59 -86.58
CA ASP UC 56 -81.80 -39.82 -88.00
C ASP UC 56 -82.38 -41.21 -88.27
N GLN UC 57 -82.13 -42.16 -87.37
CA GLN UC 57 -82.66 -43.51 -87.57
C GLN UC 57 -84.19 -43.49 -87.59
N CYS UC 58 -84.81 -42.74 -86.68
CA CYS UC 58 -86.26 -42.66 -86.66
C CYS UC 58 -86.79 -42.08 -87.96
N LEU UC 59 -86.11 -41.04 -88.48
CA LEU UC 59 -86.52 -40.46 -89.76
C LEU UC 59 -86.40 -41.48 -90.88
N ILE UC 60 -85.33 -42.28 -90.88
CA ILE UC 60 -85.15 -43.29 -91.91
C ILE UC 60 -86.29 -44.29 -91.89
N HIS UC 61 -86.61 -44.80 -90.69
CA HIS UC 61 -87.74 -45.71 -90.57
C HIS UC 61 -89.05 -45.00 -90.89
N LYS UC 62 -89.18 -43.75 -90.43
CA LYS UC 62 -90.40 -42.99 -90.73
C LYS UC 62 -90.56 -42.77 -92.22
N ALA UC 63 -89.46 -42.45 -92.91
CA ALA UC 63 -89.50 -42.27 -94.36
C ALA UC 63 -89.69 -43.58 -95.11
N THR UC 64 -89.60 -44.72 -94.43
CA THR UC 64 -89.74 -46.01 -95.08
C THR UC 64 -91.18 -46.46 -95.20
N LEU UC 65 -92.06 -45.99 -94.32
CA LEU UC 65 -93.45 -46.43 -94.35
C LEU UC 65 -94.15 -46.00 -95.63
N ASP UC 66 -93.85 -44.80 -96.12
CA ASP UC 66 -94.49 -44.33 -97.35
C ASP UC 66 -94.24 -45.28 -98.51
N PRO UC 78 -96.84 -58.48 -91.84
CA PRO UC 78 -95.91 -58.28 -90.71
C PRO UC 78 -94.72 -57.41 -91.06
N LEU UC 79 -94.02 -57.71 -92.16
CA LEU UC 79 -92.78 -57.01 -92.47
C LEU UC 79 -93.02 -55.51 -92.65
N ILE UC 80 -94.07 -55.15 -93.38
CA ILE UC 80 -94.36 -53.73 -93.59
C ILE UC 80 -94.67 -53.04 -92.27
N GLU UC 81 -95.49 -53.67 -91.44
CA GLU UC 81 -95.87 -53.10 -90.15
C GLU UC 81 -94.85 -53.37 -89.05
N ALA UC 82 -93.91 -54.29 -89.26
CA ALA UC 82 -92.94 -54.61 -88.22
C ALA UC 82 -92.06 -53.42 -87.90
N MET UC 83 -91.61 -52.68 -88.91
CA MET UC 83 -90.71 -51.56 -88.68
C MET UC 83 -91.37 -50.50 -87.82
N GLN UC 84 -92.71 -50.37 -87.89
CA GLN UC 84 -93.39 -49.36 -87.10
C GLN UC 84 -93.18 -49.58 -85.60
N GLN UC 85 -93.00 -50.84 -85.19
CA GLN UC 85 -92.79 -51.12 -83.77
C GLN UC 85 -91.50 -50.48 -83.27
N ILE UC 86 -90.44 -50.53 -84.07
CA ILE UC 86 -89.16 -49.97 -83.65
C ILE UC 86 -89.24 -48.47 -83.53
N ILE UC 87 -90.02 -47.82 -84.40
CA ILE UC 87 -90.12 -46.36 -84.39
C ILE UC 87 -90.57 -45.89 -83.01
N LEU UC 88 -91.63 -46.49 -82.48
CA LEU UC 88 -92.12 -46.13 -81.15
C LEU UC 88 -91.05 -46.41 -80.10
N ALA UC 89 -90.39 -47.57 -80.21
CA ALA UC 89 -89.35 -47.91 -79.24
C ALA UC 89 -88.20 -46.93 -79.30
N MET UC 90 -87.79 -46.52 -80.50
CA MET UC 90 -86.64 -45.63 -80.64
C MET UC 90 -86.85 -44.34 -79.87
N THR UC 91 -88.09 -43.84 -79.85
CA THR UC 91 -88.39 -42.62 -79.11
C THR UC 91 -88.14 -42.81 -77.62
N ARG UC 92 -88.53 -43.96 -77.08
CA ARG UC 92 -88.40 -44.19 -75.65
C ARG UC 92 -86.95 -44.06 -75.20
N GLU UC 93 -86.02 -44.67 -75.95
CA GLU UC 93 -84.61 -44.51 -75.63
C GLU UC 93 -84.15 -43.09 -75.93
N LEU UC 94 -84.64 -42.50 -77.02
CA LEU UC 94 -84.25 -41.15 -77.39
C LEU UC 94 -84.71 -40.14 -76.36
N TRP UC 95 -85.96 -40.27 -75.90
CA TRP UC 95 -86.48 -39.32 -74.93
C TRP UC 95 -85.73 -39.38 -73.61
N GLY UC 96 -85.10 -40.51 -73.31
CA GLY UC 96 -84.37 -40.63 -72.07
C GLY UC 96 -83.21 -39.66 -72.00
N GLN UC 97 -82.51 -39.46 -73.11
CA GLN UC 97 -81.38 -38.54 -73.12
C GLN UC 97 -81.85 -37.09 -73.02
N ILE UC 98 -83.04 -36.79 -73.55
CA ILE UC 98 -83.56 -35.43 -73.48
C ILE UC 98 -83.72 -35.00 -72.03
N GLN UC 99 -84.33 -35.85 -71.21
CA GLN UC 99 -84.55 -35.51 -69.81
C GLN UC 99 -83.24 -35.39 -69.05
N ARG UC 100 -82.23 -36.19 -69.42
CA ARG UC 100 -80.94 -36.08 -68.77
C ARG UC 100 -80.35 -34.69 -68.97
N HIS UC 101 -80.44 -34.17 -70.21
CA HIS UC 101 -79.92 -32.83 -70.48
C HIS UC 101 -80.72 -31.77 -69.75
N HIS UC 102 -82.05 -31.88 -69.81
CA HIS UC 102 -82.91 -30.87 -69.18
C HIS UC 102 -82.85 -30.98 -67.66
N TYR UC 103 -83.27 -32.13 -67.12
CA TYR UC 103 -83.34 -32.30 -65.68
C TYR UC 103 -81.99 -32.69 -65.09
N GLY UC 104 -81.46 -33.83 -65.52
CA GLY UC 104 -80.24 -34.37 -64.97
C GLY UC 104 -80.42 -35.85 -64.75
N ILE UC 105 -79.31 -36.60 -64.83
CA ILE UC 105 -79.38 -38.06 -64.73
C ILE UC 105 -79.91 -38.46 -63.36
N VAL UC 106 -79.40 -37.84 -62.30
CA VAL UC 106 -79.77 -38.24 -60.95
C VAL UC 106 -81.26 -38.01 -60.72
N GLN UC 107 -81.75 -36.83 -61.12
CA GLN UC 107 -83.16 -36.51 -60.88
C GLN UC 107 -84.08 -37.43 -61.65
N VAL UC 108 -83.69 -37.83 -62.86
CA VAL UC 108 -84.55 -38.67 -63.69
C VAL UC 108 -84.81 -40.00 -63.00
N GLU UC 109 -83.78 -40.60 -62.41
CA GLU UC 109 -83.95 -41.88 -61.75
C GLU UC 109 -85.07 -41.83 -60.74
N HIS UC 110 -85.08 -40.81 -59.89
CA HIS UC 110 -86.15 -40.65 -58.91
C HIS UC 110 -87.50 -40.48 -59.59
N TYR UC 111 -87.55 -39.67 -60.64
CA TYR UC 111 -88.82 -39.39 -61.30
C TYR UC 111 -89.44 -40.65 -61.87
N VAL UC 112 -88.63 -41.50 -62.52
CA VAL UC 112 -89.17 -42.69 -63.16
C VAL UC 112 -89.80 -43.61 -62.12
N LYS UC 113 -89.09 -43.86 -61.03
CA LYS UC 113 -89.61 -44.75 -60.00
C LYS UC 113 -90.89 -44.18 -59.40
N GLN UC 114 -90.92 -42.87 -59.16
CA GLN UC 114 -92.14 -42.24 -58.67
C GLN UC 114 -93.28 -42.44 -59.67
N ILE UC 115 -92.99 -42.28 -60.96
CA ILE UC 115 -94.00 -42.54 -61.98
C ILE UC 115 -94.40 -44.01 -61.98
N THR UC 116 -93.41 -44.90 -61.86
CA THR UC 116 -93.71 -46.33 -61.88
C THR UC 116 -94.62 -46.72 -60.74
N LEU UC 117 -94.28 -46.31 -59.52
CA LEU UC 117 -95.14 -46.59 -58.37
C LEU UC 117 -96.49 -45.92 -58.54
N TRP UC 118 -96.51 -44.68 -59.04
CA TRP UC 118 -97.77 -44.00 -59.29
C TRP UC 118 -98.61 -44.77 -60.30
N GLN UC 119 -97.98 -45.26 -61.37
CA GLN UC 119 -98.71 -46.05 -62.34
C GLN UC 119 -99.09 -47.41 -61.79
N ASP UC 120 -98.25 -47.98 -60.93
CA ASP UC 120 -98.54 -49.29 -60.37
C ASP UC 120 -99.78 -49.27 -59.49
N THR UC 121 -99.91 -48.25 -58.66
CA THR UC 121 -101.04 -48.17 -57.74
C THR UC 121 -102.34 -48.07 -58.53
N PRO UC 122 -103.40 -48.75 -58.09
CA PRO UC 122 -104.67 -48.67 -58.83
C PRO UC 122 -105.20 -47.25 -58.88
N GLN UC 123 -105.88 -46.94 -59.99
CA GLN UC 123 -106.37 -45.58 -60.22
C GLN UC 123 -107.36 -45.14 -59.15
N ALA UC 124 -107.99 -46.07 -58.44
CA ALA UC 124 -108.97 -45.69 -57.42
C ALA UC 124 -108.33 -44.83 -56.34
N PHE UC 125 -107.14 -45.22 -55.89
CA PHE UC 125 -106.41 -44.49 -54.85
C PHE UC 125 -105.00 -44.15 -55.32
N ARG UC 126 -104.83 -43.94 -56.63
CA ARG UC 126 -103.51 -43.69 -57.19
C ARG UC 126 -102.93 -42.38 -56.66
N GLY UC 127 -103.74 -41.34 -56.58
CA GLY UC 127 -103.27 -40.05 -56.13
C GLY UC 127 -102.84 -39.15 -57.26
N ASP UC 128 -102.43 -37.94 -56.88
CA ASP UC 128 -102.00 -36.96 -57.86
C ASP UC 128 -100.70 -37.40 -58.54
N GLN UC 129 -100.63 -37.19 -59.85
CA GLN UC 129 -99.44 -37.56 -60.59
C GLN UC 129 -98.28 -36.67 -60.17
N PRO UC 130 -97.10 -37.24 -59.87
CA PRO UC 130 -95.97 -36.40 -59.46
C PRO UC 130 -95.49 -35.52 -60.61
N LYS UC 131 -94.94 -34.38 -60.24
CA LYS UC 131 -94.44 -33.42 -61.22
C LYS UC 131 -92.98 -33.69 -61.54
N PRO UC 132 -92.51 -33.23 -62.69
CA PRO UC 132 -91.10 -33.46 -63.06
C PRO UC 132 -90.16 -32.81 -62.08
N PRO UC 133 -88.90 -33.25 -62.02
CA PRO UC 133 -87.94 -32.64 -61.09
C PRO UC 133 -87.56 -31.22 -61.50
N SER UC 134 -86.63 -30.63 -60.74
CA SER UC 134 -86.14 -29.30 -61.05
C SER UC 134 -85.07 -29.36 -62.12
N PHE UC 135 -85.00 -28.31 -62.93
CA PHE UC 135 -84.04 -28.25 -64.02
C PHE UC 135 -82.61 -28.19 -63.49
N THR VC 3 -79.94 -34.66 -91.68
CA THR VC 3 -79.66 -33.26 -91.39
C THR VC 3 -79.16 -33.02 -89.98
N PHE VC 4 -79.70 -33.76 -88.99
CA PHE VC 4 -79.29 -33.54 -87.61
C PHE VC 4 -77.80 -33.82 -87.43
N ILE VC 5 -77.30 -34.89 -88.03
CA ILE VC 5 -75.88 -35.22 -87.90
C ILE VC 5 -75.03 -34.12 -88.52
N GLU VC 6 -75.52 -33.52 -89.61
CA GLU VC 6 -74.79 -32.43 -90.23
C GLU VC 6 -74.65 -31.25 -89.28
N LEU VC 7 -75.70 -30.96 -88.52
CA LEU VC 7 -75.63 -29.85 -87.56
C LEU VC 7 -74.55 -30.09 -86.53
N VAL VC 8 -74.42 -31.34 -86.05
CA VAL VC 8 -73.36 -31.66 -85.10
C VAL VC 8 -72.00 -31.44 -85.73
N LYS VC 9 -71.83 -31.88 -86.99
CA LYS VC 9 -70.56 -31.72 -87.68
C LYS VC 9 -70.21 -30.25 -87.89
N ASN VC 10 -71.19 -29.35 -87.74
CA ASN VC 10 -70.97 -27.92 -87.87
C ASN VC 10 -70.61 -27.26 -86.55
N MET VC 11 -70.48 -28.03 -85.48
CA MET VC 11 -70.23 -27.47 -84.17
C MET VC 11 -68.75 -27.14 -83.99
N LYS VC 12 -68.39 -26.70 -82.79
CA LYS VC 12 -67.02 -26.39 -82.42
C LYS VC 12 -66.54 -27.45 -81.42
N GLY VC 13 -65.36 -28.00 -81.68
CA GLY VC 13 -64.81 -29.04 -80.85
C GLY VC 13 -65.25 -30.44 -81.20
N TYR VC 14 -66.15 -30.59 -82.18
CA TYR VC 14 -66.60 -31.91 -82.59
C TYR VC 14 -65.44 -32.70 -83.20
N LYS VC 15 -65.40 -34.00 -82.88
CA LYS VC 15 -64.35 -34.88 -83.36
C LYS VC 15 -64.96 -36.20 -83.79
N GLU VC 16 -64.47 -36.74 -84.90
CA GLU VC 16 -64.99 -38.01 -85.40
C GLU VC 16 -64.60 -39.15 -84.48
N LEU VC 17 -65.52 -40.11 -84.33
CA LEU VC 17 -65.27 -41.31 -83.56
C LEU VC 17 -65.65 -42.59 -84.29
N LEU VC 18 -66.38 -42.51 -85.40
CA LEU VC 18 -66.76 -43.69 -86.16
C LEU VC 18 -65.67 -44.02 -87.17
N LEU VC 19 -65.93 -45.02 -88.00
CA LEU VC 19 -64.98 -45.53 -88.96
C LEU VC 19 -65.68 -45.74 -90.29
N PRO VC 20 -64.92 -45.82 -91.38
CA PRO VC 20 -65.55 -46.06 -92.69
C PRO VC 20 -66.34 -47.36 -92.70
N MET VC 21 -67.44 -47.35 -93.47
CA MET VC 21 -68.30 -48.53 -93.53
C MET VC 21 -67.52 -49.78 -93.88
N GLU VC 22 -66.51 -49.64 -94.75
CA GLU VC 22 -65.72 -50.80 -95.14
C GLU VC 22 -64.95 -51.38 -93.95
N MET VC 23 -64.39 -50.51 -93.11
CA MET VC 23 -63.61 -50.94 -91.95
C MET VC 23 -64.55 -51.19 -90.76
N VAL VC 24 -65.54 -52.05 -91.00
CA VAL VC 24 -66.50 -52.43 -89.96
C VAL VC 24 -66.69 -53.94 -90.01
N PRO VC 25 -66.52 -54.65 -88.90
CA PRO VC 25 -66.72 -56.11 -88.92
C PRO VC 25 -68.11 -56.48 -89.41
N LEU VC 26 -68.26 -57.77 -89.69
CA LEU VC 26 -69.53 -58.30 -90.16
C LEU VC 26 -70.53 -58.33 -89.01
N PRO VC 27 -71.84 -58.38 -89.31
CA PRO VC 27 -72.84 -58.44 -88.24
C PRO VC 27 -72.77 -59.75 -87.47
N ALA VC 28 -73.64 -59.90 -86.48
CA ALA VC 28 -73.69 -61.12 -85.68
C ALA VC 28 -72.41 -61.32 -84.90
N VAL VC 29 -71.30 -61.57 -85.60
CA VAL VC 29 -70.02 -61.80 -84.93
C VAL VC 29 -69.61 -60.56 -84.15
N VAL VC 30 -69.83 -59.37 -84.72
CA VAL VC 30 -69.47 -58.14 -84.02
C VAL VC 30 -70.22 -58.02 -82.71
N LEU VC 31 -71.43 -58.59 -82.63
CA LEU VC 31 -72.20 -58.54 -81.40
C LEU VC 31 -71.54 -59.29 -80.26
N LYS VC 32 -70.58 -60.17 -80.57
CA LYS VC 32 -69.94 -60.97 -79.52
C LYS VC 32 -69.18 -60.08 -78.54
N HIS VC 33 -68.51 -59.03 -79.03
CA HIS VC 33 -67.83 -58.11 -78.14
C HIS VC 33 -68.78 -57.50 -77.13
N VAL VC 34 -70.07 -57.43 -77.46
CA VAL VC 34 -71.05 -56.89 -76.52
C VAL VC 34 -71.08 -57.73 -75.24
N LYS VC 35 -71.13 -59.06 -75.40
CA LYS VC 35 -71.18 -59.94 -74.25
C LYS VC 35 -69.90 -59.83 -73.43
N LEU VC 36 -68.75 -59.73 -74.09
CA LEU VC 36 -67.48 -59.69 -73.38
C LEU VC 36 -67.28 -58.40 -72.60
N ILE VC 37 -68.14 -57.40 -72.83
CA ILE VC 37 -68.00 -56.11 -72.15
C ILE VC 37 -69.15 -55.91 -71.18
N LEU VC 38 -70.29 -56.57 -71.45
CA LEU VC 38 -71.42 -56.53 -70.55
C LEU VC 38 -71.32 -57.61 -69.48
N THR VC 39 -71.18 -58.87 -69.90
CA THR VC 39 -71.10 -59.97 -68.94
C THR VC 39 -69.89 -59.82 -68.03
N SER VC 40 -68.74 -59.45 -68.61
CA SER VC 40 -67.52 -59.25 -67.83
C SER VC 40 -67.44 -57.81 -67.33
N GLN VC 41 -68.47 -57.41 -66.58
CA GLN VC 41 -68.55 -56.05 -66.08
C GLN VC 41 -69.42 -56.02 -64.83
N LYS VC 42 -69.31 -54.92 -64.09
CA LYS VC 42 -70.07 -54.70 -62.88
C LYS VC 42 -70.17 -53.20 -62.65
N GLU VC 43 -71.00 -52.80 -61.69
CA GLU VC 43 -71.24 -51.39 -61.40
C GLU VC 43 -71.82 -50.69 -62.63
N HIS VC 44 -73.02 -51.14 -62.99
CA HIS VC 44 -73.75 -50.63 -64.14
C HIS VC 44 -73.62 -49.12 -64.26
N GLN VC 45 -73.12 -48.67 -65.40
CA GLN VC 45 -72.94 -47.26 -65.70
C GLN VC 45 -73.90 -46.82 -66.79
N PRO VC 46 -74.19 -45.52 -66.88
CA PRO VC 46 -75.19 -45.06 -67.85
C PRO VC 46 -74.89 -45.46 -69.28
N TRP VC 47 -73.62 -45.42 -69.68
CA TRP VC 47 -73.27 -45.73 -71.07
C TRP VC 47 -73.51 -47.20 -71.39
N MET VC 48 -73.45 -48.07 -70.38
CA MET VC 48 -73.69 -49.50 -70.62
C MET VC 48 -75.09 -49.73 -71.15
N THR VC 49 -76.08 -49.04 -70.60
CA THR VC 49 -77.45 -49.20 -71.09
C THR VC 49 -77.57 -48.75 -72.54
N GLU VC 50 -76.88 -47.66 -72.90
CA GLU VC 50 -76.94 -47.18 -74.27
C GLU VC 50 -76.46 -48.25 -75.24
N MET VC 51 -75.35 -48.90 -74.91
CA MET VC 51 -74.84 -49.98 -75.77
C MET VC 51 -75.84 -51.13 -75.84
N ALA VC 52 -76.43 -51.50 -74.70
CA ALA VC 52 -77.36 -52.62 -74.69
C ALA VC 52 -78.59 -52.33 -75.54
N LEU VC 53 -79.12 -51.12 -75.44
CA LEU VC 53 -80.32 -50.76 -76.19
C LEU VC 53 -80.06 -50.54 -77.66
N LYS VC 54 -78.79 -50.46 -78.08
CA LYS VC 54 -78.43 -50.32 -79.48
C LYS VC 54 -78.09 -51.65 -80.13
N ALA VC 55 -77.31 -52.49 -79.45
CA ALA VC 55 -76.93 -53.77 -80.02
C ALA VC 55 -78.15 -54.66 -80.23
N ASP VC 56 -79.07 -54.68 -79.26
CA ASP VC 56 -80.26 -55.52 -79.37
C ASP VC 56 -81.12 -55.15 -80.58
N GLN VC 57 -81.00 -53.92 -81.08
CA GLN VC 57 -81.79 -53.51 -82.22
C GLN VC 57 -81.44 -54.32 -83.46
N CYS VC 58 -80.15 -54.64 -83.64
CA CYS VC 58 -79.75 -55.41 -84.81
C CYS VC 58 -80.46 -56.76 -84.85
N LEU VC 59 -80.59 -57.42 -83.70
CA LEU VC 59 -81.32 -58.68 -83.64
C LEU VC 59 -82.77 -58.49 -84.07
N ILE VC 60 -83.39 -57.40 -83.62
CA ILE VC 60 -84.78 -57.13 -83.99
C ILE VC 60 -84.90 -56.98 -85.50
N HIS VC 61 -84.02 -56.16 -86.09
CA HIS VC 61 -83.99 -56.04 -87.55
C HIS VC 61 -83.61 -57.37 -88.19
N LYS VC 62 -82.63 -58.06 -87.61
CA LYS VC 62 -82.22 -59.35 -88.16
C LYS VC 62 -83.33 -60.37 -88.04
N ALA VC 63 -84.11 -60.33 -86.95
CA ALA VC 63 -85.20 -61.27 -86.77
C ALA VC 63 -86.24 -61.18 -87.87
N THR VC 64 -86.37 -60.01 -88.52
CA THR VC 64 -87.35 -59.86 -89.59
C THR VC 64 -86.98 -60.66 -90.82
N LEU VC 65 -85.72 -61.09 -90.94
CA LEU VC 65 -85.31 -61.89 -92.10
C LEU VC 65 -86.13 -63.16 -92.21
N ASP VC 66 -86.56 -63.73 -91.09
CA ASP VC 66 -87.41 -64.91 -91.13
C ASP VC 66 -88.71 -64.61 -91.85
N PRO VC 78 -87.99 -52.39 -101.75
CA PRO VC 78 -87.30 -51.33 -100.99
C PRO VC 78 -87.40 -51.52 -99.49
N LEU VC 79 -88.52 -52.05 -99.00
CA LEU VC 79 -88.66 -52.27 -97.56
C LEU VC 79 -87.65 -53.29 -97.07
N ILE VC 80 -87.47 -54.39 -97.83
CA ILE VC 80 -86.51 -55.41 -97.43
C ILE VC 80 -85.09 -54.89 -97.58
N GLU VC 81 -84.80 -54.21 -98.70
CA GLU VC 81 -83.47 -53.68 -98.93
C GLU VC 81 -83.11 -52.62 -97.90
N ALA VC 82 -84.06 -51.74 -97.57
CA ALA VC 82 -83.76 -50.63 -96.67
C ALA VC 82 -83.30 -51.12 -95.31
N MET VC 83 -83.95 -52.14 -94.77
CA MET VC 83 -83.59 -52.63 -93.44
C MET VC 83 -82.16 -53.13 -93.42
N GLN VC 84 -81.74 -53.84 -94.46
CA GLN VC 84 -80.37 -54.36 -94.49
C GLN VC 84 -79.35 -53.23 -94.45
N GLN VC 85 -79.63 -52.12 -95.15
CA GLN VC 85 -78.71 -50.99 -95.14
C GLN VC 85 -78.57 -50.41 -93.75
N ILE VC 86 -79.68 -50.33 -93.00
CA ILE VC 86 -79.65 -49.71 -91.68
C ILE VC 86 -78.73 -50.47 -90.74
N ILE VC 87 -78.68 -51.80 -90.87
CA ILE VC 87 -77.87 -52.61 -89.96
C ILE VC 87 -76.41 -52.17 -90.03
N LEU VC 88 -75.92 -51.86 -91.22
CA LEU VC 88 -74.54 -51.42 -91.35
C LEU VC 88 -74.31 -50.12 -90.57
N ALA VC 89 -75.24 -49.19 -90.66
CA ALA VC 89 -75.09 -47.92 -89.95
C ALA VC 89 -75.03 -48.13 -88.45
N MET VC 90 -75.94 -48.96 -87.92
CA MET VC 90 -75.93 -49.22 -86.48
C MET VC 90 -74.66 -49.97 -86.08
N THR VC 91 -74.20 -50.89 -86.91
CA THR VC 91 -72.99 -51.64 -86.59
C THR VC 91 -71.80 -50.70 -86.47
N ARG VC 92 -71.73 -49.68 -87.33
CA ARG VC 92 -70.64 -48.72 -87.25
C ARG VC 92 -70.64 -48.01 -85.91
N GLU VC 93 -71.83 -47.62 -85.42
CA GLU VC 93 -71.91 -46.94 -84.13
C GLU VC 93 -71.45 -47.85 -83.00
N LEU VC 94 -71.80 -49.14 -83.08
CA LEU VC 94 -71.43 -50.08 -82.02
C LEU VC 94 -69.91 -50.13 -81.86
N TRP VC 95 -69.17 -50.20 -82.97
CA TRP VC 95 -67.73 -50.33 -82.88
C TRP VC 95 -67.10 -49.12 -82.21
N GLY VC 96 -67.59 -47.92 -82.52
CA GLY VC 96 -67.03 -46.72 -81.92
C GLY VC 96 -67.16 -46.74 -80.41
N GLN VC 97 -68.30 -47.19 -79.90
CA GLN VC 97 -68.48 -47.28 -78.46
C GLN VC 97 -67.50 -48.27 -77.86
N ILE VC 98 -67.28 -49.40 -78.53
CA ILE VC 98 -66.36 -50.41 -78.02
C ILE VC 98 -64.96 -49.84 -77.90
N GLN VC 99 -64.50 -49.15 -78.95
CA GLN VC 99 -63.19 -48.51 -78.89
C GLN VC 99 -63.18 -47.38 -77.87
N ARG VC 100 -64.31 -46.68 -77.69
CA ARG VC 100 -64.41 -45.66 -76.67
C ARG VC 100 -64.20 -46.23 -75.27
N HIS VC 101 -64.36 -47.55 -75.11
CA HIS VC 101 -64.17 -48.21 -73.83
C HIS VC 101 -62.83 -48.93 -73.74
N HIS VC 102 -62.45 -49.67 -74.78
CA HIS VC 102 -61.20 -50.43 -74.76
C HIS VC 102 -59.99 -49.51 -74.78
N TYR VC 103 -59.85 -48.73 -75.84
CA TYR VC 103 -58.70 -47.83 -75.99
C TYR VC 103 -59.02 -46.42 -75.53
N GLY VC 104 -59.53 -46.30 -74.31
CA GLY VC 104 -59.84 -44.99 -73.79
C GLY VC 104 -60.91 -44.31 -74.62
N ILE VC 105 -61.04 -43.00 -74.41
CA ILE VC 105 -61.98 -42.18 -75.15
C ILE VC 105 -61.24 -41.03 -75.82
N VAL VC 106 -60.09 -40.66 -75.26
CA VAL VC 106 -59.29 -39.58 -75.82
C VAL VC 106 -58.37 -40.11 -76.92
N GLN VC 107 -57.69 -41.22 -76.65
CA GLN VC 107 -56.79 -41.81 -77.64
C GLN VC 107 -57.53 -42.30 -78.86
N VAL VC 108 -58.83 -42.56 -78.75
CA VAL VC 108 -59.60 -43.05 -79.89
C VAL VC 108 -59.61 -42.01 -81.01
N GLU VC 109 -59.81 -40.74 -80.66
CA GLU VC 109 -59.87 -39.69 -81.67
C GLU VC 109 -58.57 -39.63 -82.46
N HIS VC 110 -57.43 -39.75 -81.77
CA HIS VC 110 -56.15 -39.71 -82.46
C HIS VC 110 -56.03 -40.85 -83.48
N TYR VC 111 -56.47 -42.06 -83.10
CA TYR VC 111 -56.38 -43.19 -84.01
C TYR VC 111 -57.23 -42.96 -85.26
N VAL VC 112 -58.48 -42.57 -85.07
CA VAL VC 112 -59.37 -42.35 -86.22
C VAL VC 112 -58.86 -41.19 -87.06
N LYS VC 113 -58.27 -40.18 -86.42
CA LYS VC 113 -57.68 -39.07 -87.17
C LYS VC 113 -56.63 -39.59 -88.16
N GLN VC 114 -55.77 -40.50 -87.72
CA GLN VC 114 -54.76 -41.06 -88.60
C GLN VC 114 -55.38 -41.98 -89.64
N ILE VC 115 -56.44 -42.71 -89.26
CA ILE VC 115 -57.09 -43.61 -90.20
C ILE VC 115 -57.61 -42.83 -91.41
N THR VC 116 -58.23 -41.68 -91.17
CA THR VC 116 -58.76 -40.89 -92.27
C THR VC 116 -57.67 -40.47 -93.22
N LEU VC 117 -56.54 -39.98 -92.69
CA LEU VC 117 -55.43 -39.58 -93.54
C LEU VC 117 -54.83 -40.78 -94.27
N TRP VC 118 -54.67 -41.91 -93.57
CA TRP VC 118 -54.03 -43.07 -94.17
C TRP VC 118 -54.85 -43.67 -95.31
N GLN VC 119 -56.15 -43.44 -95.33
CA GLN VC 119 -57.02 -43.98 -96.38
C GLN VC 119 -57.35 -42.97 -97.46
N ASP VC 120 -57.54 -41.70 -97.10
CA ASP VC 120 -57.92 -40.71 -98.09
C ASP VC 120 -56.82 -40.50 -99.13
N THR VC 121 -55.56 -40.51 -98.69
CA THR VC 121 -54.46 -40.36 -99.62
C THR VC 121 -54.42 -41.55 -100.58
N PRO VC 122 -53.89 -41.36 -101.79
CA PRO VC 122 -53.84 -42.47 -102.74
C PRO VC 122 -52.98 -43.61 -102.22
N GLN VC 123 -53.33 -44.82 -102.66
CA GLN VC 123 -52.65 -46.02 -102.16
C GLN VC 123 -51.15 -45.99 -102.45
N ALA VC 124 -50.71 -45.20 -103.42
CA ALA VC 124 -49.29 -45.12 -103.74
C ALA VC 124 -48.49 -44.33 -102.71
N PHE VC 125 -49.16 -43.64 -101.79
CA PHE VC 125 -48.48 -42.81 -100.80
C PHE VC 125 -48.78 -43.20 -99.36
N ARG VC 126 -49.73 -44.10 -99.11
CA ARG VC 126 -50.14 -44.40 -97.75
C ARG VC 126 -48.96 -44.91 -96.92
N GLY VC 127 -48.40 -46.05 -97.32
CA GLY VC 127 -47.31 -46.66 -96.58
C GLY VC 127 -47.75 -47.87 -95.78
N ASP VC 128 -47.83 -47.73 -94.47
CA ASP VC 128 -48.21 -48.82 -93.58
C ASP VC 128 -49.36 -48.36 -92.69
N GLN VC 129 -50.29 -49.27 -92.41
CA GLN VC 129 -51.42 -48.94 -91.58
C GLN VC 129 -50.93 -48.58 -90.17
N PRO VC 130 -51.46 -47.52 -89.57
CA PRO VC 130 -51.07 -47.17 -88.19
C PRO VC 130 -51.79 -48.05 -87.19
N LYS VC 131 -51.03 -48.81 -86.42
CA LYS VC 131 -51.62 -49.73 -85.46
C LYS VC 131 -52.38 -48.95 -84.39
N PRO VC 132 -53.60 -49.38 -84.03
CA PRO VC 132 -54.33 -48.68 -82.98
C PRO VC 132 -53.63 -48.82 -81.64
N PRO VC 133 -53.81 -47.85 -80.74
CA PRO VC 133 -53.18 -47.98 -79.42
C PRO VC 133 -53.74 -49.16 -78.64
N SER VC 134 -52.90 -49.73 -77.78
CA SER VC 134 -53.29 -50.88 -76.99
C SER VC 134 -54.22 -50.45 -75.86
N PHE VC 135 -54.58 -51.42 -75.01
CA PHE VC 135 -55.50 -51.18 -73.90
C PHE VC 135 -54.75 -50.41 -72.81
N THR WC 3 -47.05 -14.27 -113.15
CA THR WC 3 -45.85 -13.47 -113.01
C THR WC 3 -45.57 -13.11 -111.55
N PHE WC 4 -46.59 -13.08 -110.71
CA PHE WC 4 -46.38 -12.80 -109.29
C PHE WC 4 -45.47 -13.85 -108.66
N ILE WC 5 -45.66 -15.11 -109.02
CA ILE WC 5 -44.81 -16.17 -108.47
C ILE WC 5 -43.36 -15.90 -108.82
N GLU WC 6 -43.11 -15.41 -110.05
CA GLU WC 6 -41.76 -15.02 -110.42
C GLU WC 6 -41.25 -13.91 -109.52
N LEU WC 7 -42.11 -12.94 -109.19
CA LEU WC 7 -41.70 -11.85 -108.31
C LEU WC 7 -41.32 -12.37 -106.93
N VAL WC 8 -41.86 -13.52 -106.54
CA VAL WC 8 -41.52 -14.13 -105.26
C VAL WC 8 -40.54 -15.29 -105.41
N LYS WC 9 -40.43 -15.88 -106.60
CA LYS WC 9 -39.50 -16.98 -106.79
C LYS WC 9 -38.08 -16.60 -106.44
N ASN WC 10 -37.74 -15.31 -106.57
CA ASN WC 10 -36.42 -14.83 -106.19
C ASN WC 10 -36.28 -14.55 -104.70
N MET WC 11 -37.39 -14.51 -103.96
CA MET WC 11 -37.33 -14.25 -102.54
C MET WC 11 -36.61 -15.38 -101.81
N LYS WC 12 -35.92 -15.02 -100.72
CA LYS WC 12 -35.16 -16.01 -99.97
C LYS WC 12 -36.08 -17.07 -99.37
N GLY WC 13 -37.21 -16.66 -98.82
CA GLY WC 13 -38.10 -17.56 -98.12
C GLY WC 13 -39.15 -18.20 -99.01
N TYR WC 14 -39.05 -17.97 -100.32
CA TYR WC 14 -40.01 -18.55 -101.25
C TYR WC 14 -39.91 -20.08 -101.24
N LYS WC 15 -41.06 -20.74 -101.33
CA LYS WC 15 -41.13 -22.19 -101.29
C LYS WC 15 -42.14 -22.68 -102.32
N GLU WC 16 -41.94 -23.91 -102.78
CA GLU WC 16 -42.85 -24.55 -103.72
C GLU WC 16 -43.95 -25.25 -102.92
N LEU WC 17 -44.89 -24.45 -102.45
CA LEU WC 17 -46.00 -24.99 -101.66
C LEU WC 17 -46.92 -25.87 -102.50
N LEU WC 18 -46.87 -25.75 -103.82
CA LEU WC 18 -47.73 -26.54 -104.70
C LEU WC 18 -47.20 -27.97 -104.75
N LEU WC 19 -47.85 -28.86 -104.00
CA LEU WC 19 -47.41 -30.24 -103.93
C LEU WC 19 -47.77 -30.97 -105.22
N PRO WC 20 -47.15 -32.13 -105.45
CA PRO WC 20 -47.44 -32.87 -106.69
C PRO WC 20 -48.93 -33.19 -106.83
N MET WC 21 -49.40 -33.14 -108.06
CA MET WC 21 -50.82 -33.42 -108.32
C MET WC 21 -51.19 -34.83 -107.89
N GLU WC 22 -50.33 -35.81 -108.19
CA GLU WC 22 -50.60 -37.19 -107.79
C GLU WC 22 -50.68 -37.32 -106.27
N MET WC 23 -49.94 -36.48 -105.55
CA MET WC 23 -49.89 -36.60 -104.10
C MET WC 23 -51.26 -36.32 -103.47
N VAL WC 24 -51.95 -35.29 -103.94
CA VAL WC 24 -53.20 -34.86 -103.34
C VAL WC 24 -54.34 -35.76 -103.81
N PRO WC 25 -55.41 -35.92 -103.02
CA PRO WC 25 -56.55 -36.73 -103.46
C PRO WC 25 -57.52 -35.93 -104.33
N LEU WC 26 -58.66 -36.54 -104.67
CA LEU WC 26 -59.65 -35.86 -105.49
C LEU WC 26 -60.26 -34.68 -104.72
N PRO WC 27 -60.83 -33.71 -105.43
CA PRO WC 27 -61.35 -32.51 -104.75
C PRO WC 27 -62.38 -32.82 -103.68
N ALA WC 28 -63.25 -33.81 -103.92
CA ALA WC 28 -64.34 -34.08 -102.98
C ALA WC 28 -63.79 -34.48 -101.62
N VAL WC 29 -62.75 -35.32 -101.59
CA VAL WC 29 -62.23 -35.80 -100.33
C VAL WC 29 -61.59 -34.67 -99.54
N VAL WC 30 -60.92 -33.74 -100.23
CA VAL WC 30 -60.24 -32.65 -99.53
C VAL WC 30 -61.24 -31.82 -98.75
N LEU WC 31 -62.40 -31.53 -99.36
CA LEU WC 31 -63.41 -30.73 -98.68
C LEU WC 31 -63.80 -31.35 -97.34
N LYS WC 32 -63.74 -32.67 -97.24
CA LYS WC 32 -64.08 -33.35 -95.99
C LYS WC 32 -63.13 -32.91 -94.88
N HIS WC 33 -61.83 -32.83 -95.16
CA HIS WC 33 -60.86 -32.47 -94.14
C HIS WC 33 -60.98 -31.01 -93.74
N VAL WC 34 -61.46 -30.15 -94.65
CA VAL WC 34 -61.61 -28.74 -94.32
C VAL WC 34 -62.61 -28.57 -93.19
N LYS WC 35 -63.74 -29.28 -93.26
CA LYS WC 35 -64.71 -29.23 -92.17
C LYS WC 35 -64.11 -29.78 -90.89
N LEU WC 36 -63.38 -30.90 -90.99
CA LEU WC 36 -62.81 -31.53 -89.81
C LEU WC 36 -61.75 -30.66 -89.16
N ILE WC 37 -60.86 -30.07 -89.98
CA ILE WC 37 -59.79 -29.24 -89.41
C ILE WC 37 -60.36 -27.95 -88.85
N LEU WC 38 -61.27 -27.30 -89.58
CA LEU WC 38 -61.89 -26.09 -89.07
C LEU WC 38 -62.68 -26.37 -87.81
N THR WC 39 -63.46 -27.45 -87.80
CA THR WC 39 -64.24 -27.80 -86.63
C THR WC 39 -63.35 -28.10 -85.43
N SER WC 40 -62.29 -28.87 -85.64
CA SER WC 40 -61.40 -29.21 -84.53
C SER WC 40 -60.72 -27.98 -83.96
N GLN WC 41 -60.25 -27.09 -84.83
CA GLN WC 41 -59.54 -25.90 -84.37
C GLN WC 41 -60.49 -24.97 -83.63
N LYS WC 42 -59.98 -24.34 -82.58
CA LYS WC 42 -60.80 -23.46 -81.74
C LYS WC 42 -60.36 -22.01 -81.80
N GLU WC 43 -59.07 -21.73 -81.59
CA GLU WC 43 -58.61 -20.35 -81.59
C GLU WC 43 -58.83 -19.72 -82.97
N HIS WC 44 -59.28 -18.47 -82.97
CA HIS WC 44 -59.59 -17.76 -84.20
C HIS WC 44 -58.35 -17.02 -84.69
N GLN WC 45 -57.92 -17.34 -85.90
CA GLN WC 45 -56.83 -16.66 -86.58
C GLN WC 45 -57.25 -16.36 -88.00
N PRO WC 46 -56.61 -15.39 -88.66
CA PRO WC 46 -57.03 -15.03 -90.02
C PRO WC 46 -56.92 -16.17 -91.03
N TRP WC 47 -56.03 -17.14 -90.80
CA TRP WC 47 -55.83 -18.19 -91.80
C TRP WC 47 -57.09 -19.03 -91.97
N MET WC 48 -57.74 -19.40 -90.87
CA MET WC 48 -58.96 -20.19 -90.98
C MET WC 48 -60.07 -19.39 -91.68
N THR WC 49 -60.17 -18.10 -91.37
CA THR WC 49 -61.14 -17.25 -92.04
C THR WC 49 -60.89 -17.21 -93.54
N GLU WC 50 -59.63 -17.05 -93.94
CA GLU WC 50 -59.28 -17.06 -95.36
C GLU WC 50 -59.28 -18.48 -95.92
N MET WC 51 -58.98 -19.47 -95.09
CA MET WC 51 -58.96 -20.85 -95.57
C MET WC 51 -60.33 -21.28 -96.07
N ALA WC 52 -61.38 -20.92 -95.33
CA ALA WC 52 -62.73 -21.27 -95.75
C ALA WC 52 -63.09 -20.62 -97.07
N LEU WC 53 -62.72 -19.35 -97.24
CA LEU WC 53 -63.05 -18.64 -98.47
C LEU WC 53 -62.40 -19.29 -99.67
N LYS WC 54 -61.13 -19.69 -99.53
CA LYS WC 54 -60.43 -20.32 -100.65
C LYS WC 54 -61.10 -21.62 -101.06
N ALA WC 55 -61.54 -22.42 -100.08
CA ALA WC 55 -62.21 -23.68 -100.39
C ALA WC 55 -63.62 -23.46 -100.92
N ASP WC 56 -64.25 -22.35 -100.55
CA ASP WC 56 -65.62 -22.11 -100.98
C ASP WC 56 -65.73 -22.02 -102.49
N GLN WC 57 -64.75 -21.37 -103.13
CA GLN WC 57 -64.82 -21.19 -104.57
C GLN WC 57 -64.97 -22.51 -105.30
N CYS WC 58 -64.31 -23.56 -104.80
CA CYS WC 58 -64.41 -24.87 -105.46
C CYS WC 58 -65.85 -25.37 -105.50
N LEU WC 59 -66.63 -25.07 -104.47
CA LEU WC 59 -68.02 -25.53 -104.45
C LEU WC 59 -68.82 -24.92 -105.59
N ILE WC 60 -68.61 -23.63 -105.87
CA ILE WC 60 -69.36 -22.97 -106.93
C ILE WC 60 -69.06 -23.64 -108.27
N HIS WC 61 -67.78 -23.94 -108.51
CA HIS WC 61 -67.41 -24.58 -109.77
C HIS WC 61 -68.06 -25.95 -109.92
N LYS WC 62 -68.25 -26.66 -108.80
CA LYS WC 62 -68.92 -27.96 -108.87
C LYS WC 62 -70.31 -27.83 -109.47
N ALA WC 63 -71.09 -26.87 -108.97
CA ALA WC 63 -72.43 -26.66 -109.49
C ALA WC 63 -72.42 -25.93 -110.83
N THR WC 64 -71.45 -25.03 -111.03
CA THR WC 64 -71.38 -24.29 -112.29
C THR WC 64 -71.25 -25.25 -113.47
N LEU WC 65 -70.31 -26.19 -113.38
CA LEU WC 65 -70.14 -27.18 -114.44
C LEU WC 65 -71.25 -28.23 -114.41
N PRO WC 78 -62.36 -25.18 -124.76
CA PRO WC 78 -61.24 -24.62 -123.98
C PRO WC 78 -61.69 -24.02 -122.66
N LEU WC 79 -62.87 -23.40 -122.62
CA LEU WC 79 -63.34 -22.78 -121.39
C LEU WC 79 -63.62 -23.83 -120.32
N ILE WC 80 -64.39 -24.87 -120.68
CA ILE WC 80 -64.74 -25.89 -119.70
C ILE WC 80 -63.50 -26.65 -119.25
N GLU WC 81 -62.62 -27.00 -120.19
CA GLU WC 81 -61.43 -27.77 -119.84
C GLU WC 81 -60.55 -27.01 -118.87
N ALA WC 82 -60.39 -25.71 -119.08
CA ALA WC 82 -59.56 -24.90 -118.19
C ALA WC 82 -60.09 -24.92 -116.77
N MET WC 83 -61.42 -24.85 -116.61
CA MET WC 83 -62.00 -24.85 -115.27
C MET WC 83 -61.66 -26.14 -114.54
N GLN WC 84 -61.66 -27.27 -115.25
CA GLN WC 84 -61.33 -28.54 -114.61
C GLN WC 84 -59.92 -28.50 -114.02
N GLN WC 85 -58.97 -27.93 -114.78
CA GLN WC 85 -57.61 -27.79 -114.26
C GLN WC 85 -57.55 -26.77 -113.13
N ILE WC 86 -58.38 -25.72 -113.21
CA ILE WC 86 -58.38 -24.69 -112.17
C ILE WC 86 -58.79 -25.29 -110.83
N ILE WC 87 -59.81 -26.14 -110.84
CA ILE WC 87 -60.25 -26.76 -109.59
C ILE WC 87 -59.12 -27.54 -108.95
N LEU WC 88 -58.40 -28.32 -109.76
CA LEU WC 88 -57.27 -29.08 -109.23
C LEU WC 88 -56.18 -28.16 -108.72
N ALA WC 89 -56.04 -26.97 -109.30
CA ALA WC 89 -55.02 -26.04 -108.84
C ALA WC 89 -55.28 -25.63 -107.39
N MET WC 90 -56.54 -25.36 -107.04
CA MET WC 90 -56.86 -24.95 -105.68
C MET WC 90 -56.71 -26.11 -104.72
N THR WC 91 -56.97 -27.34 -105.16
CA THR WC 91 -56.86 -28.49 -104.28
C THR WC 91 -55.44 -28.65 -103.76
N ARG WC 92 -54.45 -28.47 -104.64
CA ARG WC 92 -53.05 -28.56 -104.20
C ARG WC 92 -52.75 -27.50 -103.15
N GLU WC 93 -53.24 -26.28 -103.38
CA GLU WC 93 -53.02 -25.20 -102.41
C GLU WC 93 -53.69 -25.52 -101.08
N LEU WC 94 -54.92 -26.03 -101.13
CA LEU WC 94 -55.64 -26.33 -99.90
C LEU WC 94 -54.95 -27.43 -99.10
N TRP WC 95 -54.49 -28.49 -99.78
CA TRP WC 95 -53.88 -29.60 -99.07
C TRP WC 95 -52.60 -29.17 -98.36
N GLY WC 96 -51.92 -28.14 -98.88
CA GLY WC 96 -50.72 -27.66 -98.22
C GLY WC 96 -51.00 -27.12 -96.83
N GLN WC 97 -52.04 -26.29 -96.71
CA GLN WC 97 -52.40 -25.76 -95.41
C GLN WC 97 -52.86 -26.86 -94.47
N ILE WC 98 -53.55 -27.87 -95.01
CA ILE WC 98 -54.00 -28.99 -94.19
C ILE WC 98 -52.80 -29.70 -93.57
N GLN WC 99 -51.81 -30.04 -94.40
CA GLN WC 99 -50.65 -30.77 -93.89
C GLN WC 99 -49.79 -29.89 -93.00
N ARG WC 100 -49.58 -28.63 -93.39
CA ARG WC 100 -48.76 -27.75 -92.57
C ARG WC 100 -49.39 -27.52 -91.20
N HIS WC 101 -50.71 -27.34 -91.16
CA HIS WC 101 -51.37 -27.12 -89.88
C HIS WC 101 -51.31 -28.37 -88.99
N HIS WC 102 -51.55 -29.54 -89.57
CA HIS WC 102 -51.53 -30.77 -88.77
C HIS WC 102 -50.13 -31.07 -88.25
N TYR WC 103 -49.14 -31.08 -89.14
CA TYR WC 103 -47.77 -31.41 -88.76
C TYR WC 103 -46.93 -30.15 -88.50
N GLY WC 104 -46.80 -29.30 -89.51
CA GLY WC 104 -45.99 -28.11 -89.39
C GLY WC 104 -45.51 -27.66 -90.75
N ILE WC 105 -45.12 -26.38 -90.81
CA ILE WC 105 -44.68 -25.81 -92.08
C ILE WC 105 -43.38 -26.46 -92.54
N VAL WC 106 -42.43 -26.62 -91.62
CA VAL WC 106 -41.12 -27.16 -92.00
C VAL WC 106 -41.24 -28.62 -92.40
N GLN WC 107 -42.06 -29.40 -91.68
CA GLN WC 107 -42.14 -30.83 -91.94
C GLN WC 107 -42.64 -31.11 -93.35
N VAL WC 108 -43.67 -30.38 -93.80
CA VAL WC 108 -44.18 -30.58 -95.15
C VAL WC 108 -43.10 -30.26 -96.18
N GLU WC 109 -42.44 -29.11 -96.01
CA GLU WC 109 -41.34 -28.76 -96.91
C GLU WC 109 -40.22 -29.79 -96.82
N HIS WC 110 -40.01 -30.36 -95.65
CA HIS WC 110 -38.95 -31.35 -95.47
C HIS WC 110 -39.34 -32.71 -96.05
N TYR WC 111 -40.62 -33.09 -95.92
CA TYR WC 111 -41.06 -34.42 -96.31
C TYR WC 111 -41.50 -34.52 -97.77
N VAL WC 112 -41.96 -33.42 -98.36
CA VAL WC 112 -42.48 -33.49 -99.73
C VAL WC 112 -41.39 -33.94 -100.69
N LYS WC 113 -40.17 -33.42 -100.53
CA LYS WC 113 -39.10 -33.76 -101.46
C LYS WC 113 -38.73 -35.23 -101.37
N GLN WC 114 -38.76 -35.79 -100.16
CA GLN WC 114 -38.32 -37.17 -99.97
C GLN WC 114 -39.13 -38.13 -100.84
N ILE WC 115 -40.45 -38.00 -100.83
CA ILE WC 115 -41.30 -38.91 -101.59
C ILE WC 115 -41.08 -38.72 -103.09
N THR WC 116 -40.84 -37.48 -103.52
CA THR WC 116 -40.61 -37.24 -104.93
C THR WC 116 -39.36 -37.97 -105.41
N LEU WC 117 -38.30 -37.96 -104.59
CA LEU WC 117 -37.08 -38.67 -104.94
C LEU WC 117 -37.34 -40.17 -105.05
N TRP WC 118 -38.10 -40.73 -104.12
CA TRP WC 118 -38.38 -42.17 -104.16
C TRP WC 118 -39.07 -42.57 -105.45
N GLN WC 119 -39.81 -41.64 -106.08
CA GLN WC 119 -40.46 -41.95 -107.34
C GLN WC 119 -39.50 -41.79 -108.51
N ASP WC 120 -38.81 -40.65 -108.59
CA ASP WC 120 -37.89 -40.37 -109.69
C ASP WC 120 -36.60 -41.15 -109.45
N THR WC 121 -36.69 -42.46 -109.69
CA THR WC 121 -35.56 -43.36 -109.51
C THR WC 121 -35.82 -44.61 -110.35
N PRO WC 122 -34.77 -45.29 -110.84
CA PRO WC 122 -35.01 -46.44 -111.71
C PRO WC 122 -35.64 -47.63 -110.99
N GLN WC 123 -36.93 -47.50 -110.68
CA GLN WC 123 -37.75 -48.58 -110.12
C GLN WC 123 -36.99 -49.47 -109.14
N ALA WC 124 -36.03 -50.25 -109.62
CA ALA WC 124 -35.41 -51.27 -108.79
C ALA WC 124 -34.82 -50.66 -107.52
N PHE WC 125 -33.97 -49.64 -107.67
CA PHE WC 125 -33.38 -48.98 -106.51
C PHE WC 125 -34.20 -47.76 -106.10
N ARG WC 126 -35.51 -47.96 -105.93
CA ARG WC 126 -36.37 -46.84 -105.57
C ARG WC 126 -36.09 -46.36 -104.14
N GLY WC 127 -35.82 -47.29 -103.24
CA GLY WC 127 -35.54 -46.94 -101.85
C GLY WC 127 -36.14 -47.94 -100.88
N ASP WC 128 -36.83 -47.44 -99.86
CA ASP WC 128 -37.44 -48.30 -98.85
C ASP WC 128 -38.83 -47.81 -98.47
N GLN WC 129 -39.55 -47.20 -99.43
CA GLN WC 129 -40.90 -46.71 -99.16
C GLN WC 129 -40.87 -45.74 -97.99
N PRO WC 130 -40.32 -44.54 -98.17
CA PRO WC 130 -40.13 -43.64 -97.03
C PRO WC 130 -41.42 -43.42 -96.25
N LYS WC 131 -41.31 -43.48 -94.93
CA LYS WC 131 -42.48 -43.36 -94.08
C LYS WC 131 -42.99 -41.93 -94.07
N PRO WC 132 -44.30 -41.73 -93.95
CA PRO WC 132 -44.84 -40.37 -93.82
C PRO WC 132 -44.48 -39.78 -92.48
N PRO WC 133 -44.52 -38.46 -92.34
CA PRO WC 133 -44.09 -37.83 -91.07
C PRO WC 133 -44.95 -38.30 -89.90
N THR XC 3 28.71 -120.93 -30.74
CA THR XC 3 28.43 -120.80 -29.31
C THR XC 3 28.26 -119.34 -28.91
N PHE XC 4 29.11 -118.45 -29.43
CA PHE XC 4 29.06 -117.06 -29.03
C PHE XC 4 27.73 -116.42 -29.40
N ILE XC 5 27.23 -116.69 -30.61
CA ILE XC 5 25.98 -116.07 -31.05
C ILE XC 5 24.84 -116.47 -30.12
N GLU XC 6 24.85 -117.71 -29.65
CA GLU XC 6 23.85 -118.14 -28.67
C GLU XC 6 23.90 -117.27 -27.42
N LEU XC 7 25.12 -116.94 -26.97
CA LEU XC 7 25.25 -116.10 -25.78
C LEU XC 7 24.68 -114.71 -26.01
N VAL XC 8 24.93 -114.14 -27.20
CA VAL XC 8 24.45 -112.80 -27.49
C VAL XC 8 22.94 -112.77 -27.58
N LYS XC 9 22.35 -113.81 -28.18
CA LYS XC 9 20.90 -113.86 -28.29
C LYS XC 9 20.24 -113.81 -26.91
N ASN XC 10 20.95 -114.24 -25.88
CA ASN XC 10 20.47 -114.15 -24.51
C ASN XC 10 20.79 -112.78 -23.93
N MET XC 11 20.28 -111.75 -24.60
CA MET XC 11 20.51 -110.37 -24.20
C MET XC 11 19.25 -109.55 -24.46
N LYS XC 12 19.18 -108.40 -23.79
CA LYS XC 12 18.01 -107.55 -23.82
C LYS XC 12 18.14 -106.49 -24.91
N GLY XC 13 17.05 -106.26 -25.61
CA GLY XC 13 17.06 -105.35 -26.75
C GLY XC 13 17.57 -105.97 -28.04
N TYR XC 14 17.67 -107.29 -28.10
CA TYR XC 14 18.20 -107.98 -29.27
C TYR XC 14 17.14 -108.05 -30.35
N LYS XC 15 17.37 -107.36 -31.46
CA LYS XC 15 16.48 -107.38 -32.61
C LYS XC 15 17.17 -108.10 -33.75
N GLU XC 16 16.56 -109.19 -34.23
CA GLU XC 16 17.16 -109.98 -35.29
C GLU XC 16 17.16 -109.20 -36.59
N LEU XC 17 18.20 -109.43 -37.40
CA LEU XC 17 18.35 -108.70 -38.66
C LEU XC 17 18.78 -109.61 -39.81
N LEU XC 18 18.76 -110.92 -39.64
CA LEU XC 18 19.20 -111.86 -40.66
C LEU XC 18 18.03 -112.68 -41.15
N LEU XC 19 17.88 -112.77 -42.47
CA LEU XC 19 16.80 -113.54 -43.06
C LEU XC 19 17.18 -115.02 -43.14
N PRO XC 20 16.20 -115.89 -43.36
CA PRO XC 20 16.51 -117.32 -43.52
C PRO XC 20 17.44 -117.55 -44.72
N MET XC 21 18.27 -118.58 -44.59
CA MET XC 21 19.21 -118.90 -45.66
C MET XC 21 18.49 -119.18 -46.98
N GLU XC 22 17.24 -119.63 -46.92
CA GLU XC 22 16.49 -119.97 -48.11
C GLU XC 22 15.95 -118.77 -48.85
N MET XC 23 16.02 -117.57 -48.26
CA MET XC 23 15.49 -116.37 -48.89
C MET XC 23 16.54 -115.39 -49.38
N VAL XC 24 17.76 -115.45 -48.83
CA VAL XC 24 18.81 -114.52 -49.23
C VAL XC 24 19.20 -114.81 -50.67
N PRO XC 25 19.65 -113.82 -51.42
CA PRO XC 25 20.03 -114.06 -52.82
C PRO XC 25 21.23 -114.98 -52.91
N LEU XC 26 21.54 -115.38 -54.14
CA LEU XC 26 22.74 -116.14 -54.39
C LEU XC 26 23.96 -115.26 -54.15
N PRO XC 27 25.11 -115.87 -53.78
CA PRO XC 27 26.29 -115.04 -53.47
C PRO XC 27 26.70 -114.13 -54.61
N ALA XC 28 26.54 -114.58 -55.86
CA ALA XC 28 26.91 -113.75 -56.99
C ALA XC 28 26.07 -112.48 -57.04
N VAL XC 29 24.77 -112.60 -56.76
CA VAL XC 29 23.89 -111.44 -56.82
C VAL XC 29 24.24 -110.42 -55.75
N VAL XC 30 24.64 -110.89 -54.57
CA VAL XC 30 24.89 -109.97 -53.47
C VAL XC 30 26.03 -109.03 -53.82
N LEU XC 31 27.10 -109.57 -54.42
CA LEU XC 31 28.26 -108.75 -54.77
C LEU XC 31 27.86 -107.59 -55.66
N LYS XC 32 26.82 -107.76 -56.48
CA LYS XC 32 26.41 -106.69 -57.38
C LYS XC 32 25.97 -105.46 -56.61
N HIS XC 33 25.20 -105.65 -55.54
CA HIS XC 33 24.76 -104.50 -54.75
C HIS XC 33 25.93 -103.87 -54.00
N VAL XC 34 26.95 -104.67 -53.67
CA VAL XC 34 28.10 -104.12 -52.94
C VAL XC 34 28.78 -103.03 -53.75
N LYS XC 35 28.99 -103.29 -55.05
CA LYS XC 35 29.66 -102.30 -55.89
C LYS XC 35 28.84 -101.02 -55.98
N LEU XC 36 27.53 -101.14 -56.16
CA LEU XC 36 26.68 -99.95 -56.24
C LEU XC 36 26.69 -99.19 -54.93
N ILE XC 37 26.45 -99.89 -53.82
CA ILE XC 37 26.36 -99.22 -52.52
C ILE XC 37 27.71 -98.60 -52.15
N LEU XC 38 28.80 -99.35 -52.34
CA LEU XC 38 30.12 -98.80 -52.05
C LEU XC 38 30.43 -97.62 -52.96
N THR XC 39 30.29 -97.82 -54.27
CA THR XC 39 30.71 -96.79 -55.22
C THR XC 39 29.74 -95.62 -55.21
N SER XC 40 28.44 -95.88 -55.21
CA SER XC 40 27.43 -94.82 -55.21
C SER XC 40 27.21 -94.34 -53.78
N GLN XC 41 28.27 -93.79 -53.20
CA GLN XC 41 28.23 -93.26 -51.85
C GLN XC 41 29.15 -92.06 -51.75
N LYS XC 42 28.80 -91.15 -50.85
CA LYS XC 42 29.57 -89.94 -50.60
C LYS XC 42 29.82 -89.81 -49.11
N GLU XC 43 30.95 -89.19 -48.76
CA GLU XC 43 31.35 -89.01 -47.36
C GLU XC 43 31.46 -90.37 -46.67
N HIS XC 44 32.44 -91.14 -47.15
CA HIS XC 44 32.67 -92.50 -46.67
C HIS XC 44 32.51 -92.58 -45.15
N GLN XC 45 31.82 -93.62 -44.72
CA GLN XC 45 31.50 -93.84 -43.31
C GLN XC 45 32.14 -95.15 -42.84
N PRO XC 46 32.32 -95.31 -41.52
CA PRO XC 46 33.05 -96.50 -41.05
C PRO XC 46 32.42 -97.82 -41.48
N TRP XC 47 31.08 -97.90 -41.53
CA TRP XC 47 30.44 -99.16 -41.87
C TRP XC 47 30.74 -99.59 -43.30
N MET XC 48 31.12 -98.65 -44.17
CA MET XC 48 31.46 -99.01 -45.53
C MET XC 48 32.67 -99.93 -45.57
N THR XC 49 33.67 -99.64 -44.73
CA THR XC 49 34.86 -100.48 -44.70
C THR XC 49 34.53 -101.90 -44.26
N GLU XC 50 33.64 -102.04 -43.27
CA GLU XC 50 33.28 -103.37 -42.81
C GLU XC 50 32.66 -104.20 -43.91
N MET XC 51 31.80 -103.58 -44.72
CA MET XC 51 31.13 -104.31 -45.79
C MET XC 51 32.15 -104.86 -46.78
N ALA XC 52 33.14 -104.06 -47.18
CA ALA XC 52 34.11 -104.51 -48.17
C ALA XC 52 34.94 -105.66 -47.64
N LEU XC 53 35.36 -105.58 -46.38
CA LEU XC 53 36.22 -106.62 -45.83
C LEU XC 53 35.55 -107.98 -45.86
N LYS XC 54 34.26 -108.04 -45.49
CA LYS XC 54 33.55 -109.31 -45.51
C LYS XC 54 33.35 -109.80 -46.94
N ALA XC 55 33.14 -108.88 -47.89
CA ALA XC 55 32.87 -109.27 -49.26
C ALA XC 55 34.02 -110.08 -49.85
N ASP XC 56 35.25 -109.63 -49.64
CA ASP XC 56 36.39 -110.33 -50.22
C ASP XC 56 36.52 -111.74 -49.65
N GLN XC 57 36.04 -111.96 -48.42
CA GLN XC 57 36.14 -113.28 -47.82
C GLN XC 57 35.36 -114.30 -48.63
N CYS XC 58 34.15 -113.94 -49.07
CA CYS XC 58 33.35 -114.86 -49.88
C CYS XC 58 34.07 -115.20 -51.18
N LEU XC 59 34.70 -114.20 -51.80
CA LEU XC 59 35.45 -114.47 -53.02
C LEU XC 59 36.61 -115.42 -52.75
N ILE XC 60 37.30 -115.23 -51.63
CA ILE XC 60 38.43 -116.10 -51.29
C ILE XC 60 37.95 -117.53 -51.15
N HIS XC 61 36.88 -117.75 -50.39
CA HIS XC 61 36.31 -119.09 -50.27
C HIS XC 61 35.78 -119.58 -51.61
N LYS XC 62 35.13 -118.68 -52.36
CA LYS XC 62 34.62 -119.06 -53.67
C LYS XC 62 35.75 -119.47 -54.61
N ALA XC 63 36.85 -118.73 -54.58
CA ALA XC 63 38.00 -119.07 -55.41
C ALA XC 63 38.74 -120.30 -54.92
N THR XC 64 38.40 -120.81 -53.74
CA THR XC 64 39.07 -121.97 -53.18
C THR XC 64 38.48 -123.29 -53.66
N LEU XC 65 37.20 -123.29 -54.04
CA LEU XC 65 36.57 -124.54 -54.46
C LEU XC 65 37.20 -125.10 -55.73
N ASP XC 66 37.58 -124.23 -56.67
CA ASP XC 66 38.19 -124.71 -57.91
C ASP XC 66 39.45 -125.53 -57.63
N PRO XC 78 34.57 -134.24 -46.41
CA PRO XC 78 34.10 -133.14 -45.54
C PRO XC 78 34.88 -131.85 -45.72
N LEU XC 79 36.21 -131.91 -45.65
CA LEU XC 79 37.01 -130.70 -45.65
C LEU XC 79 36.80 -129.90 -46.93
N ILE XC 80 36.80 -130.57 -48.08
CA ILE XC 80 36.60 -129.86 -49.34
C ILE XC 80 35.22 -129.21 -49.38
N GLU XC 81 34.20 -129.95 -48.97
CA GLU XC 81 32.83 -129.43 -48.98
C GLU XC 81 32.50 -128.60 -47.76
N ALA XC 82 33.31 -128.66 -46.70
CA ALA XC 82 33.01 -127.92 -45.48
C ALA XC 82 33.01 -126.41 -45.73
N MET XC 83 33.99 -125.92 -46.50
CA MET XC 83 34.08 -124.48 -46.74
C MET XC 83 32.85 -123.95 -47.45
N GLN XC 84 32.19 -124.78 -48.25
CA GLN XC 84 31.00 -124.33 -48.97
C GLN XC 84 29.91 -123.89 -48.01
N GLN XC 85 29.85 -124.49 -46.82
CA GLN XC 85 28.83 -124.12 -45.85
C GLN XC 85 28.98 -122.67 -45.41
N ILE XC 86 30.22 -122.23 -45.20
CA ILE XC 86 30.47 -120.87 -44.73
C ILE XC 86 30.08 -119.87 -45.81
N ILE XC 87 30.30 -120.21 -47.08
CA ILE XC 87 30.00 -119.28 -48.16
C ILE XC 87 28.54 -118.85 -48.11
N LEU XC 88 27.63 -119.83 -47.98
CA LEU XC 88 26.22 -119.51 -47.87
C LEU XC 88 25.93 -118.67 -46.63
N ALA XC 89 26.56 -119.03 -45.51
CA ALA XC 89 26.35 -118.28 -44.27
C ALA XC 89 26.86 -116.86 -44.39
N MET XC 90 28.01 -116.67 -45.04
CA MET XC 90 28.59 -115.34 -45.15
C MET XC 90 27.63 -114.37 -45.83
N THR XC 91 26.89 -114.86 -46.83
CA THR XC 91 25.92 -114.01 -47.52
C THR XC 91 24.84 -113.53 -46.56
N ARG XC 92 24.37 -114.41 -45.68
CA ARG XC 92 23.28 -114.06 -44.79
C ARG XC 92 23.64 -112.87 -43.91
N GLU XC 93 24.85 -112.88 -43.35
CA GLU XC 93 25.31 -111.72 -42.58
C GLU XC 93 25.57 -110.54 -43.50
N LEU XC 94 26.13 -110.80 -44.68
CA LEU XC 94 26.44 -109.72 -45.61
C LEU XC 94 25.18 -109.04 -46.12
N TRP XC 95 24.15 -109.83 -46.45
CA TRP XC 95 22.91 -109.26 -46.95
C TRP XC 95 22.22 -108.39 -45.90
N GLY XC 96 22.48 -108.65 -44.63
CA GLY XC 96 21.85 -107.86 -43.58
C GLY XC 96 22.25 -106.40 -43.64
N GLN XC 97 23.53 -106.14 -43.95
CA GLN XC 97 23.98 -104.76 -44.03
C GLN XC 97 23.42 -104.06 -45.26
N ILE XC 98 23.19 -104.81 -46.34
CA ILE XC 98 22.64 -104.22 -47.56
C ILE XC 98 21.27 -103.61 -47.28
N GLN XC 99 20.41 -104.35 -46.59
CA GLN XC 99 19.07 -103.85 -46.32
C GLN XC 99 19.10 -102.66 -45.37
N ARG XC 100 20.07 -102.64 -44.44
CA ARG XC 100 20.19 -101.49 -43.55
C ARG XC 100 20.47 -100.22 -44.33
N HIS XC 101 21.36 -100.29 -45.32
CA HIS XC 101 21.65 -99.12 -46.14
C HIS XC 101 20.45 -98.72 -46.98
N HIS XC 102 19.82 -99.70 -47.63
CA HIS XC 102 18.68 -99.41 -48.50
C HIS XC 102 17.46 -99.00 -47.69
N TYR XC 103 16.97 -99.90 -46.83
CA TYR XC 103 15.75 -99.63 -46.08
C TYR XC 103 16.04 -98.81 -44.82
N GLY XC 104 16.86 -99.35 -43.93
CA GLY XC 104 17.13 -98.74 -42.64
C GLY XC 104 17.08 -99.79 -41.57
N ILE XC 105 17.85 -99.59 -40.50
CA ILE XC 105 17.95 -100.59 -39.45
C ILE XC 105 16.60 -100.82 -38.79
N VAL XC 106 15.88 -99.73 -38.49
CA VAL XC 106 14.62 -99.85 -37.76
C VAL XC 106 13.61 -100.64 -38.60
N GLN XC 107 13.49 -100.29 -39.88
CA GLN XC 107 12.51 -100.93 -40.74
C GLN XC 107 12.80 -102.41 -40.91
N VAL XC 108 14.09 -102.77 -40.98
CA VAL XC 108 14.46 -104.17 -41.21
C VAL XC 108 13.95 -105.05 -40.07
N GLU XC 109 14.10 -104.58 -38.83
CA GLU XC 109 13.67 -105.37 -37.69
C GLU XC 109 12.21 -105.79 -37.84
N HIS XC 110 11.35 -104.84 -38.19
CA HIS XC 110 9.94 -105.17 -38.39
C HIS XC 110 9.76 -106.16 -39.53
N TYR XC 111 10.49 -105.96 -40.63
CA TYR XC 111 10.32 -106.82 -41.80
C TYR XC 111 10.67 -108.26 -41.48
N VAL XC 112 11.77 -108.48 -40.75
CA VAL XC 112 12.21 -109.85 -40.48
C VAL XC 112 11.15 -110.58 -39.66
N LYS XC 113 10.66 -109.95 -38.59
CA LYS XC 113 9.66 -110.59 -37.76
C LYS XC 113 8.39 -110.88 -38.55
N GLN XC 114 7.97 -109.94 -39.40
CA GLN XC 114 6.83 -110.20 -40.26
C GLN XC 114 7.09 -111.40 -41.17
N ILE XC 115 8.29 -111.48 -41.73
CA ILE XC 115 8.65 -112.65 -42.54
C ILE XC 115 8.66 -113.89 -41.69
N THR XC 116 9.23 -113.81 -40.49
CA THR XC 116 9.32 -114.98 -39.62
C THR XC 116 7.94 -115.52 -39.29
N LEU XC 117 7.04 -114.65 -38.83
CA LEU XC 117 5.67 -115.08 -38.55
C LEU XC 117 5.00 -115.59 -39.81
N TRP XC 118 5.21 -114.90 -40.94
CA TRP XC 118 4.64 -115.37 -42.20
C TRP XC 118 5.17 -116.75 -42.55
N GLN XC 119 6.47 -116.97 -42.37
CA GLN XC 119 7.02 -118.30 -42.64
C GLN XC 119 6.56 -119.30 -41.60
N ASP XC 120 6.38 -118.87 -40.34
CA ASP XC 120 5.97 -119.78 -39.29
C ASP XC 120 4.57 -120.34 -39.55
N THR XC 121 3.65 -119.49 -39.97
CA THR XC 121 2.28 -119.92 -40.17
C THR XC 121 2.23 -120.97 -41.29
N PRO XC 122 1.41 -122.01 -41.16
CA PRO XC 122 1.35 -123.02 -42.21
C PRO XC 122 0.89 -122.44 -43.54
N GLN XC 123 1.41 -123.01 -44.63
CA GLN XC 123 1.12 -122.49 -45.96
C GLN XC 123 -0.35 -122.53 -46.31
N ALA XC 124 -1.14 -123.38 -45.63
CA ALA XC 124 -2.56 -123.48 -45.94
C ALA XC 124 -3.27 -122.14 -45.71
N PHE XC 125 -2.94 -121.47 -44.61
CA PHE XC 125 -3.54 -120.18 -44.26
C PHE XC 125 -2.46 -119.14 -44.00
N ARG XC 126 -1.31 -119.29 -44.67
CA ARG XC 126 -0.19 -118.38 -44.42
C ARG XC 126 -0.53 -116.95 -44.82
N GLY XC 127 -1.18 -116.77 -45.96
CA GLY XC 127 -1.53 -115.44 -46.43
C GLY XC 127 -0.49 -114.88 -47.38
N ASP XC 128 -0.77 -113.67 -47.85
CA ASP XC 128 0.11 -113.01 -48.80
C ASP XC 128 1.43 -112.64 -48.11
N GLN XC 129 2.52 -112.84 -48.83
CA GLN XC 129 3.84 -112.51 -48.29
C GLN XC 129 3.96 -110.99 -48.13
N PRO XC 130 4.41 -110.50 -46.99
CA PRO XC 130 4.55 -109.05 -46.81
C PRO XC 130 5.61 -108.46 -47.71
N LYS XC 131 5.42 -107.21 -48.09
CA LYS XC 131 6.34 -106.52 -48.97
C LYS XC 131 7.43 -105.82 -48.16
N PRO XC 132 8.57 -105.54 -48.78
CA PRO XC 132 9.65 -104.86 -48.06
C PRO XC 132 9.22 -103.49 -47.57
N PRO XC 133 9.92 -102.92 -46.58
CA PRO XC 133 9.55 -101.59 -46.09
C PRO XC 133 9.87 -100.49 -47.09
N SER XC 134 9.63 -99.24 -46.69
CA SER XC 134 9.94 -98.10 -47.54
C SER XC 134 11.41 -97.75 -47.43
N PHE XC 135 11.96 -97.22 -48.53
CA PHE XC 135 13.37 -96.87 -48.57
C PHE XC 135 13.67 -95.70 -47.63
N THR YC 3 39.62 -106.68 -54.68
CA THR YC 3 39.30 -105.45 -55.40
C THR YC 3 38.35 -104.54 -54.64
N PHE YC 4 37.37 -105.11 -53.94
CA PHE YC 4 36.39 -104.27 -53.24
C PHE YC 4 37.07 -103.40 -52.19
N ILE YC 5 38.00 -103.98 -51.43
CA ILE YC 5 38.70 -103.20 -50.41
C ILE YC 5 39.48 -102.07 -51.05
N GLU YC 6 40.05 -102.32 -52.23
CA GLU YC 6 40.78 -101.27 -52.93
C GLU YC 6 39.88 -100.09 -53.26
N LEU YC 7 38.64 -100.38 -53.67
CA LEU YC 7 37.71 -99.30 -53.98
C LEU YC 7 37.46 -98.42 -52.76
N VAL YC 8 37.32 -99.04 -51.58
CA VAL YC 8 37.13 -98.26 -50.36
C VAL YC 8 38.34 -97.38 -50.10
N LYS YC 9 39.54 -97.95 -50.27
CA LYS YC 9 40.76 -97.19 -50.05
C LYS YC 9 40.89 -96.03 -51.02
N ASN YC 10 40.12 -96.03 -52.12
CA ASN YC 10 40.12 -94.95 -53.09
C ASN YC 10 39.11 -93.86 -52.76
N MET YC 11 38.40 -93.98 -51.64
CA MET YC 11 37.35 -93.04 -51.31
C MET YC 11 37.93 -91.77 -50.68
N LYS YC 12 37.04 -90.88 -50.27
CA LYS YC 12 37.41 -89.64 -49.60
C LYS YC 12 37.00 -89.73 -48.14
N GLY YC 13 37.93 -89.38 -47.25
CA GLY YC 13 37.69 -89.48 -45.82
C GLY YC 13 37.97 -90.83 -45.22
N TYR YC 14 38.33 -91.82 -46.02
CA TYR YC 14 38.65 -93.14 -45.50
C TYR YC 14 39.89 -93.08 -44.61
N LYS YC 15 39.86 -93.84 -43.52
CA LYS YC 15 40.94 -93.87 -42.56
C LYS YC 15 41.18 -95.30 -42.12
N GLU YC 16 42.45 -95.68 -41.99
CA GLU YC 16 42.81 -97.03 -41.59
C GLU YC 16 42.42 -97.28 -40.14
N LEU YC 17 41.95 -98.49 -39.87
CA LEU YC 17 41.63 -98.91 -38.51
C LEU YC 17 42.25 -100.25 -38.13
N LEU YC 18 42.77 -101.01 -39.08
CA LEU YC 18 43.39 -102.29 -38.79
C LEU YC 18 44.86 -102.09 -38.45
N LEU YC 19 45.57 -103.20 -38.26
CA LEU YC 19 46.96 -103.18 -37.84
C LEU YC 19 47.73 -104.19 -38.67
N PRO YC 20 49.06 -104.07 -38.72
CA PRO YC 20 49.85 -105.03 -39.48
C PRO YC 20 49.64 -106.45 -38.97
N MET YC 21 49.72 -107.41 -39.89
CA MET YC 21 49.49 -108.81 -39.53
C MET YC 21 50.40 -109.24 -38.38
N GLU YC 22 51.63 -108.72 -38.36
CA GLU YC 22 52.56 -109.09 -37.29
C GLU YC 22 52.06 -108.61 -35.94
N MET YC 23 51.52 -107.39 -35.88
CA MET YC 23 51.02 -106.82 -34.62
C MET YC 23 49.58 -107.27 -34.38
N VAL YC 24 49.39 -108.58 -34.39
CA VAL YC 24 48.07 -109.18 -34.14
C VAL YC 24 48.26 -110.34 -33.17
N PRO YC 25 47.52 -110.39 -32.06
CA PRO YC 25 47.67 -111.51 -31.13
C PRO YC 25 47.40 -112.85 -31.80
N LEU YC 26 47.76 -113.91 -31.09
CA LEU YC 26 47.56 -115.25 -31.59
C LEU YC 26 46.07 -115.61 -31.55
N PRO YC 27 45.66 -116.61 -32.33
CA PRO YC 27 44.24 -117.00 -32.30
C PRO YC 27 43.84 -117.61 -30.98
N ALA YC 28 42.57 -118.01 -30.86
CA ALA YC 28 42.07 -118.64 -29.64
C ALA YC 28 42.12 -117.67 -28.46
N VAL YC 29 43.34 -117.31 -28.04
CA VAL YC 29 43.49 -116.40 -26.90
C VAL YC 29 42.86 -115.05 -27.21
N VAL YC 30 43.03 -114.57 -28.44
CA VAL YC 30 42.45 -113.29 -28.82
C VAL YC 30 40.93 -113.32 -28.69
N LEU YC 31 40.33 -114.49 -28.87
CA LEU YC 31 38.88 -114.60 -28.75
C LEU YC 31 38.40 -114.34 -27.32
N LYS YC 32 39.31 -114.37 -26.34
CA LYS YC 32 38.89 -114.17 -24.95
C LYS YC 32 38.33 -112.77 -24.74
N HIS YC 33 38.93 -111.76 -25.38
CA HIS YC 33 38.40 -110.41 -25.26
C HIS YC 33 36.95 -110.34 -25.73
N VAL YC 34 36.53 -111.26 -26.61
CA VAL YC 34 35.15 -111.27 -27.07
C VAL YC 34 34.22 -111.48 -25.88
N LYS YC 35 34.52 -112.45 -25.04
CA LYS YC 35 33.67 -112.74 -23.88
C LYS YC 35 33.64 -111.57 -22.92
N LEU YC 36 34.79 -110.92 -22.70
CA LEU YC 36 34.87 -109.83 -21.75
C LEU YC 36 34.11 -108.59 -22.21
N ILE YC 37 33.69 -108.55 -23.48
CA ILE YC 37 33.00 -107.38 -24.02
C ILE YC 37 31.55 -107.75 -24.30
N LEU YC 38 31.28 -109.02 -24.55
CA LEU YC 38 29.92 -109.49 -24.74
C LEU YC 38 29.24 -109.84 -23.42
N THR YC 39 29.88 -110.72 -22.64
CA THR YC 39 29.29 -111.14 -21.37
C THR YC 39 29.14 -109.95 -20.42
N SER YC 40 30.16 -109.10 -20.36
CA SER YC 40 30.14 -107.91 -19.50
C SER YC 40 29.53 -106.73 -20.27
N GLN YC 41 28.30 -106.93 -20.74
CA GLN YC 41 27.62 -105.91 -21.53
C GLN YC 41 26.12 -106.10 -21.42
N LYS YC 42 25.40 -105.06 -21.81
CA LYS YC 42 23.95 -105.06 -21.80
C LYS YC 42 23.48 -104.04 -22.82
N GLU YC 43 22.16 -104.05 -23.09
CA GLU YC 43 21.57 -103.17 -24.10
C GLU YC 43 22.18 -103.45 -25.48
N HIS YC 44 21.92 -104.67 -25.94
CA HIS YC 44 22.42 -105.15 -27.22
C HIS YC 44 22.35 -104.08 -28.29
N GLN YC 45 23.50 -103.78 -28.89
CA GLN YC 45 23.62 -102.79 -29.94
C GLN YC 45 23.95 -103.46 -31.27
N PRO YC 46 23.67 -102.78 -32.39
CA PRO YC 46 23.87 -103.45 -33.70
C PRO YC 46 25.29 -103.94 -33.90
N TRP YC 47 26.29 -103.18 -33.45
CA TRP YC 47 27.68 -103.57 -33.70
C TRP YC 47 28.05 -104.82 -32.92
N MET YC 48 27.37 -105.08 -31.80
CA MET YC 48 27.68 -106.27 -31.01
C MET YC 48 27.42 -107.53 -31.82
N THR YC 49 26.33 -107.56 -32.57
CA THR YC 49 26.03 -108.74 -33.39
C THR YC 49 27.11 -108.95 -34.45
N GLU YC 50 27.60 -107.85 -35.04
CA GLU YC 50 28.64 -107.97 -36.06
C GLU YC 50 29.88 -108.67 -35.48
N MET YC 51 30.29 -108.26 -34.28
CA MET YC 51 31.43 -108.90 -33.64
C MET YC 51 31.16 -110.37 -33.37
N ALA YC 52 29.95 -110.69 -32.88
CA ALA YC 52 29.62 -112.06 -32.55
C ALA YC 52 29.64 -112.95 -33.79
N LEU YC 53 29.09 -112.46 -34.90
CA LEU YC 53 29.01 -113.25 -36.12
C LEU YC 53 30.36 -113.35 -36.83
N LYS YC 54 31.35 -112.58 -36.43
CA LYS YC 54 32.69 -112.66 -36.98
C LYS YC 54 33.63 -113.52 -36.15
N ALA YC 55 33.61 -113.37 -34.83
CA ALA YC 55 34.48 -114.15 -33.97
C ALA YC 55 34.15 -115.64 -34.07
N ASP YC 56 32.86 -115.98 -34.08
CA ASP YC 56 32.46 -117.38 -34.14
C ASP YC 56 32.95 -118.06 -35.41
N GLN YC 57 33.24 -117.29 -36.47
CA GLN YC 57 33.71 -117.89 -37.71
C GLN YC 57 35.07 -118.57 -37.52
N CYS YC 58 35.94 -117.99 -36.71
CA CYS YC 58 37.25 -118.58 -36.48
C CYS YC 58 37.12 -119.98 -35.90
N LEU YC 59 36.19 -120.17 -34.97
CA LEU YC 59 35.96 -121.50 -34.42
C LEU YC 59 35.52 -122.48 -35.50
N ILE YC 60 34.64 -122.02 -36.40
CA ILE YC 60 34.18 -122.88 -37.48
C ILE YC 60 35.36 -123.30 -38.35
N HIS YC 61 36.19 -122.34 -38.75
CA HIS YC 61 37.40 -122.68 -39.50
C HIS YC 61 38.35 -123.51 -38.65
N LYS YC 62 38.49 -123.14 -37.38
CA LYS YC 62 39.36 -123.91 -36.48
C LYS YC 62 38.84 -125.32 -36.28
N ALA YC 63 37.51 -125.48 -36.21
CA ALA YC 63 36.93 -126.79 -36.02
C ALA YC 63 37.28 -127.76 -37.13
N THR YC 64 37.57 -127.25 -38.34
CA THR YC 64 37.92 -128.12 -39.45
C THR YC 64 39.28 -128.78 -39.25
N LEU YC 65 40.11 -128.27 -38.35
CA LEU YC 65 41.42 -128.88 -38.10
C LEU YC 65 41.28 -130.33 -37.66
N ASP YC 66 40.20 -130.66 -36.95
CA ASP YC 66 39.97 -132.05 -36.57
C ASP YC 66 39.83 -132.94 -37.81
N PRO YC 78 46.57 -127.11 -50.78
CA PRO YC 78 46.13 -125.70 -50.84
C PRO YC 78 44.85 -125.44 -50.05
N LEU YC 79 43.93 -126.41 -50.03
CA LEU YC 79 42.70 -126.24 -49.28
C LEU YC 79 42.98 -126.11 -47.79
N ILE YC 80 43.87 -126.94 -47.26
CA ILE YC 80 44.21 -126.88 -45.85
C ILE YC 80 45.01 -125.61 -45.55
N GLU YC 81 45.99 -125.29 -46.41
CA GLU YC 81 46.80 -124.10 -46.20
C GLU YC 81 45.96 -122.84 -46.30
N ALA YC 82 45.04 -122.78 -47.27
CA ALA YC 82 44.29 -121.56 -47.50
C ALA YC 82 43.46 -121.18 -46.28
N MET YC 83 42.83 -122.16 -45.63
CA MET YC 83 41.99 -121.85 -44.48
C MET YC 83 42.80 -121.21 -43.35
N GLN YC 84 44.01 -121.71 -43.11
CA GLN YC 84 44.84 -121.16 -42.05
C GLN YC 84 45.16 -119.70 -42.32
N GLN YC 85 45.42 -119.34 -43.58
CA GLN YC 85 45.73 -117.96 -43.90
C GLN YC 85 44.55 -117.05 -43.61
N ILE YC 86 43.33 -117.52 -43.89
CA ILE YC 86 42.15 -116.68 -43.72
C ILE YC 86 41.97 -116.31 -42.25
N ILE YC 87 42.31 -117.21 -41.33
CA ILE YC 87 42.11 -116.95 -39.92
C ILE YC 87 42.86 -115.69 -39.50
N LEU YC 88 44.07 -115.50 -40.02
CA LEU YC 88 44.84 -114.31 -39.68
C LEU YC 88 44.10 -113.05 -40.12
N ALA YC 89 43.53 -113.07 -41.33
CA ALA YC 89 42.83 -111.90 -41.83
C ALA YC 89 41.63 -111.56 -40.95
N MET YC 90 40.85 -112.56 -40.58
CA MET YC 90 39.69 -112.31 -39.72
C MET YC 90 40.13 -111.85 -38.34
N THR YC 91 41.22 -112.42 -37.81
CA THR YC 91 41.71 -112.00 -36.51
C THR YC 91 42.09 -110.53 -36.50
N ARG YC 92 42.69 -110.05 -37.60
CA ARG YC 92 43.04 -108.64 -37.70
C ARG YC 92 41.81 -107.76 -37.58
N GLU YC 93 40.71 -108.15 -38.25
CA GLU YC 93 39.50 -107.37 -38.18
C GLU YC 93 38.94 -107.34 -36.76
N LEU YC 94 39.02 -108.47 -36.05
CA LEU YC 94 38.48 -108.52 -34.70
C LEU YC 94 39.15 -107.51 -33.80
N TRP YC 95 40.47 -107.39 -33.89
CA TRP YC 95 41.19 -106.48 -33.00
C TRP YC 95 40.77 -105.03 -33.23
N GLY YC 96 40.59 -104.64 -34.49
CA GLY YC 96 40.19 -103.28 -34.78
C GLY YC 96 38.86 -102.92 -34.14
N GLN YC 97 37.90 -103.84 -34.18
CA GLN YC 97 36.62 -103.60 -33.53
C GLN YC 97 36.79 -103.44 -32.03
N ILE YC 98 37.65 -104.25 -31.42
CA ILE YC 98 37.86 -104.17 -29.97
C ILE YC 98 38.42 -102.80 -29.61
N GLN YC 99 39.42 -102.34 -30.34
CA GLN YC 99 39.96 -101.01 -30.09
C GLN YC 99 38.94 -99.93 -30.43
N ARG YC 100 38.09 -100.17 -31.43
CA ARG YC 100 37.02 -99.23 -31.74
C ARG YC 100 36.05 -99.07 -30.58
N HIS YC 101 36.04 -100.01 -29.65
CA HIS YC 101 35.18 -99.96 -28.47
C HIS YC 101 35.93 -99.52 -27.22
N HIS YC 102 37.11 -100.07 -26.98
CA HIS YC 102 37.87 -99.75 -25.77
C HIS YC 102 38.37 -98.31 -25.82
N TYR YC 103 39.22 -98.00 -26.80
CA TYR YC 103 39.82 -96.67 -26.91
C TYR YC 103 39.04 -95.78 -27.88
N GLY YC 104 37.72 -95.69 -27.67
CA GLY YC 104 36.93 -94.84 -28.52
C GLY YC 104 36.95 -95.35 -29.96
N ILE YC 105 36.49 -94.49 -30.86
CA ILE YC 105 36.49 -94.79 -32.28
C ILE YC 105 37.25 -93.70 -33.03
N VAL YC 106 37.34 -92.52 -32.43
CA VAL YC 106 38.06 -91.41 -33.06
C VAL YC 106 39.54 -91.49 -32.71
N GLN YC 107 39.85 -91.69 -31.44
CA GLN YC 107 41.25 -91.79 -31.01
C GLN YC 107 41.96 -92.99 -31.61
N VAL YC 108 41.21 -94.00 -32.05
CA VAL YC 108 41.84 -95.19 -32.62
C VAL YC 108 42.60 -94.83 -33.89
N GLU YC 109 42.00 -94.00 -34.74
CA GLU YC 109 42.66 -93.63 -36.00
C GLU YC 109 43.99 -92.94 -35.74
N HIS YC 110 44.04 -92.05 -34.73
CA HIS YC 110 45.28 -91.37 -34.42
C HIS YC 110 46.37 -92.36 -34.01
N TYR YC 111 46.02 -93.36 -33.20
CA TYR YC 111 47.01 -94.34 -32.76
C TYR YC 111 47.56 -95.13 -33.94
N VAL YC 112 46.67 -95.65 -34.79
CA VAL YC 112 47.14 -96.44 -35.93
C VAL YC 112 47.92 -95.55 -36.89
N LYS YC 113 47.54 -94.29 -37.02
CA LYS YC 113 48.31 -93.37 -37.86
C LYS YC 113 49.76 -93.31 -37.40
N GLN YC 114 49.99 -93.21 -36.10
CA GLN YC 114 51.36 -93.18 -35.58
C GLN YC 114 52.04 -94.53 -35.72
N ILE YC 115 51.28 -95.62 -35.57
CA ILE YC 115 51.86 -96.95 -35.70
C ILE YC 115 52.47 -97.13 -37.09
N THR YC 116 51.76 -96.69 -38.12
CA THR YC 116 52.27 -96.85 -39.48
C THR YC 116 53.59 -96.10 -39.65
N LEU YC 117 53.66 -94.86 -39.16
CA LEU YC 117 54.88 -94.09 -39.26
C LEU YC 117 55.99 -94.72 -38.44
N TRP YC 118 55.68 -95.17 -37.22
CA TRP YC 118 56.70 -95.70 -36.33
C TRP YC 118 57.31 -97.00 -36.85
N GLN YC 119 56.62 -97.73 -37.72
CA GLN YC 119 57.11 -98.99 -38.26
C GLN YC 119 57.68 -98.85 -39.65
N ASP YC 120 57.08 -98.02 -40.50
CA ASP YC 120 57.55 -97.88 -41.87
C ASP YC 120 58.96 -97.31 -41.92
N THR YC 121 59.26 -96.35 -41.06
CA THR YC 121 60.60 -95.78 -41.03
C THR YC 121 61.60 -96.85 -40.60
N PRO YC 122 62.86 -96.72 -41.03
CA PRO YC 122 63.87 -97.72 -40.64
C PRO YC 122 64.06 -97.76 -39.14
N GLN YC 123 64.43 -98.95 -38.64
CA GLN YC 123 64.56 -99.15 -37.20
C GLN YC 123 65.58 -98.21 -36.58
N ALA YC 124 66.51 -97.67 -37.37
CA ALA YC 124 67.52 -96.76 -36.84
C ALA YC 124 66.95 -95.38 -36.52
N PHE YC 125 65.71 -95.08 -36.92
CA PHE YC 125 65.12 -93.77 -36.72
C PHE YC 125 63.82 -93.81 -35.92
N ARG YC 126 63.26 -94.99 -35.65
CA ARG YC 126 61.95 -95.06 -35.01
C ARG YC 126 61.97 -94.36 -33.65
N GLY YC 127 62.77 -94.88 -32.72
CA GLY YC 127 62.82 -94.34 -31.38
C GLY YC 127 62.12 -95.22 -30.38
N ASP YC 128 60.95 -94.78 -29.91
CA ASP YC 128 60.18 -95.51 -28.92
C ASP YC 128 58.76 -95.72 -29.43
N GLN YC 129 58.19 -96.87 -29.12
CA GLN YC 129 56.83 -97.16 -29.56
C GLN YC 129 55.87 -96.18 -28.92
N PRO YC 130 54.91 -95.62 -29.67
CA PRO YC 130 53.92 -94.71 -29.08
C PRO YC 130 52.84 -95.50 -28.36
N LYS YC 131 52.72 -95.27 -27.06
CA LYS YC 131 51.75 -96.01 -26.27
C LYS YC 131 50.33 -95.68 -26.72
N PRO YC 132 49.46 -96.68 -26.88
CA PRO YC 132 48.08 -96.38 -27.28
C PRO YC 132 47.36 -95.61 -26.19
N PRO YC 133 46.36 -94.81 -26.55
CA PRO YC 133 45.61 -94.07 -25.53
C PRO YC 133 44.85 -95.02 -24.61
N SER YC 134 44.67 -94.58 -23.37
CA SER YC 134 43.99 -95.40 -22.38
C SER YC 134 42.48 -95.40 -22.65
N PHE YC 135 41.73 -96.03 -21.74
CA PHE YC 135 40.28 -96.16 -21.88
C PHE YC 135 39.65 -94.81 -21.54
N THR ZC 3 71.69 -77.14 -62.18
CA THR ZC 3 72.09 -75.74 -62.08
C THR ZC 3 70.96 -74.87 -61.52
N PHE ZC 4 69.71 -75.30 -61.68
CA PHE ZC 4 68.60 -74.54 -61.11
C PHE ZC 4 68.72 -74.46 -59.59
N ILE ZC 5 69.11 -75.55 -58.95
CA ILE ZC 5 69.28 -75.53 -57.50
C ILE ZC 5 70.29 -74.47 -57.10
N GLU ZC 6 71.36 -74.33 -57.89
CA GLU ZC 6 72.33 -73.28 -57.64
C GLU ZC 6 71.68 -71.90 -57.76
N LEU ZC 7 70.80 -71.74 -58.75
CA LEU ZC 7 70.11 -70.46 -58.91
C LEU ZC 7 69.24 -70.14 -57.70
N VAL ZC 8 68.81 -71.17 -56.97
CA VAL ZC 8 68.01 -70.97 -55.76
C VAL ZC 8 68.84 -71.15 -54.49
N LYS ZC 9 69.99 -71.83 -54.57
CA LYS ZC 9 70.80 -72.01 -53.37
C LYS ZC 9 71.20 -70.68 -52.75
N ASN ZC 10 71.28 -69.62 -53.56
CA ASN ZC 10 71.59 -68.30 -53.04
C ASN ZC 10 70.36 -67.58 -52.49
N MET ZC 11 69.16 -68.07 -52.75
CA MET ZC 11 67.96 -67.42 -52.24
C MET ZC 11 67.92 -67.49 -50.72
N LYS ZC 12 67.32 -66.46 -50.12
CA LYS ZC 12 67.24 -66.40 -48.66
C LYS ZC 12 66.42 -67.56 -48.10
N GLY ZC 13 65.30 -67.87 -48.73
CA GLY ZC 13 64.40 -68.88 -48.21
C GLY ZC 13 64.69 -70.28 -48.71
N TYR ZC 14 65.80 -70.45 -49.43
CA TYR ZC 14 66.16 -71.76 -49.94
C TYR ZC 14 66.45 -72.72 -48.79
N LYS ZC 15 66.02 -73.98 -48.96
CA LYS ZC 15 66.17 -74.99 -47.93
C LYS ZC 15 66.58 -76.31 -48.58
N GLU ZC 16 67.27 -77.14 -47.81
CA GLU ZC 16 67.67 -78.47 -48.26
C GLU ZC 16 66.53 -79.44 -47.95
N LEU ZC 17 65.50 -79.41 -48.80
CA LEU ZC 17 64.34 -80.28 -48.63
C LEU ZC 17 64.70 -81.74 -48.86
N LEU ZC 18 65.81 -82.03 -49.53
CA LEU ZC 18 66.22 -83.40 -49.82
C LEU ZC 18 66.76 -84.02 -48.53
N LEU ZC 19 65.94 -84.84 -47.88
CA LEU ZC 19 66.32 -85.46 -46.63
C LEU ZC 19 67.32 -86.59 -46.89
N PRO ZC 20 68.02 -87.03 -45.85
CA PRO ZC 20 69.02 -88.09 -46.04
C PRO ZC 20 68.41 -89.34 -46.64
N MET ZC 21 69.18 -90.00 -47.50
CA MET ZC 21 68.69 -91.22 -48.16
C MET ZC 21 68.36 -92.29 -47.13
N GLU ZC 22 69.21 -92.46 -46.12
CA GLU ZC 22 68.94 -93.47 -45.09
C GLU ZC 22 67.66 -93.16 -44.34
N MET ZC 23 67.32 -91.87 -44.21
CA MET ZC 23 66.16 -91.48 -43.44
C MET ZC 23 64.87 -92.03 -44.05
N VAL ZC 24 64.74 -91.94 -45.37
CA VAL ZC 24 63.50 -92.31 -46.05
C VAL ZC 24 63.43 -93.83 -46.21
N PRO ZC 25 62.24 -94.42 -46.28
CA PRO ZC 25 62.12 -95.87 -46.51
C PRO ZC 25 62.22 -96.24 -47.98
N LEU ZC 26 61.98 -97.51 -48.29
CA LEU ZC 26 62.03 -97.96 -49.67
C LEU ZC 26 60.89 -97.34 -50.48
N PRO ZC 27 61.04 -97.28 -51.81
CA PRO ZC 27 60.01 -96.62 -52.62
C PRO ZC 27 58.63 -97.21 -52.45
N ALA ZC 28 58.52 -98.53 -52.29
CA ALA ZC 28 57.20 -99.16 -52.22
C ALA ZC 28 56.41 -98.66 -51.02
N VAL ZC 29 57.08 -98.52 -49.87
CA VAL ZC 29 56.37 -98.11 -48.66
C VAL ZC 29 55.87 -96.69 -48.78
N VAL ZC 30 56.65 -95.82 -49.42
CA VAL ZC 30 56.26 -94.41 -49.53
C VAL ZC 30 54.95 -94.29 -50.30
N LEU ZC 31 54.80 -95.05 -51.38
CA LEU ZC 31 53.57 -95.00 -52.16
C LEU ZC 31 52.35 -95.27 -51.29
N LYS ZC 32 52.50 -96.11 -50.26
CA LYS ZC 32 51.38 -96.40 -49.37
C LYS ZC 32 50.88 -95.14 -48.68
N HIS ZC 33 51.80 -94.31 -48.20
CA HIS ZC 33 51.40 -93.10 -47.48
C HIS ZC 33 50.78 -92.07 -48.41
N VAL ZC 34 51.15 -92.09 -49.68
CA VAL ZC 34 50.57 -91.13 -50.63
C VAL ZC 34 49.07 -91.35 -50.75
N LYS ZC 35 48.65 -92.61 -50.86
CA LYS ZC 35 47.22 -92.91 -50.89
C LYS ZC 35 46.56 -92.50 -49.58
N LEU ZC 36 47.20 -92.80 -48.45
CA LEU ZC 36 46.61 -92.49 -47.15
C LEU ZC 36 46.49 -90.98 -46.93
N ILE ZC 37 47.55 -90.24 -47.27
CA ILE ZC 37 47.52 -88.79 -47.05
C ILE ZC 37 46.54 -88.12 -48.01
N LEU ZC 38 46.57 -88.51 -49.28
CA LEU ZC 38 45.63 -87.95 -50.24
C LEU ZC 38 44.19 -88.31 -49.87
N THR ZC 39 43.95 -89.56 -49.49
CA THR ZC 39 42.62 -89.97 -49.10
C THR ZC 39 42.13 -89.22 -47.88
N SER ZC 40 42.99 -89.09 -46.86
CA SER ZC 40 42.58 -88.40 -45.64
C SER ZC 40 42.28 -86.94 -45.91
N GLN ZC 41 43.11 -86.27 -46.70
CA GLN ZC 41 42.91 -84.85 -46.98
C GLN ZC 41 41.65 -84.64 -47.80
N LYS ZC 42 40.94 -83.56 -47.50
CA LYS ZC 42 39.66 -83.26 -48.17
C LYS ZC 42 39.72 -82.00 -49.01
N GLU ZC 43 40.18 -80.88 -48.45
CA GLU ZC 43 40.21 -79.64 -49.20
C GLU ZC 43 41.14 -79.77 -50.40
N HIS ZC 44 40.71 -79.22 -51.53
CA HIS ZC 44 41.47 -79.32 -52.77
C HIS ZC 44 42.41 -78.12 -52.89
N GLN ZC 45 43.70 -78.41 -53.00
CA GLN ZC 45 44.74 -77.42 -53.24
C GLN ZC 45 45.66 -77.93 -54.33
N PRO ZC 46 46.40 -77.04 -54.99
CA PRO ZC 46 47.25 -77.48 -56.10
C PRO ZC 46 48.32 -78.47 -55.69
N TRP ZC 47 48.76 -78.47 -54.43
CA TRP ZC 47 49.86 -79.34 -54.04
C TRP ZC 47 49.47 -80.81 -54.17
N MET ZC 48 48.27 -81.17 -53.73
CA MET ZC 48 47.85 -82.56 -53.86
C MET ZC 48 47.71 -82.96 -55.32
N THR ZC 49 47.20 -82.06 -56.16
CA THR ZC 49 47.11 -82.36 -57.58
C THR ZC 49 48.49 -82.60 -58.18
N GLU ZC 50 49.46 -81.76 -57.81
CA GLU ZC 50 50.83 -81.95 -58.29
C GLU ZC 50 51.52 -83.08 -57.53
N MET ZC 51 51.14 -83.31 -56.28
CA MET ZC 51 51.78 -84.38 -55.50
C MET ZC 51 51.53 -85.74 -56.12
N ALA ZC 52 50.29 -85.98 -56.59
CA ALA ZC 52 49.99 -87.25 -57.24
C ALA ZC 52 50.81 -87.44 -58.50
N LEU ZC 53 50.94 -86.38 -59.30
CA LEU ZC 53 51.68 -86.48 -60.56
C LEU ZC 53 53.14 -86.84 -60.31
N LYS ZC 54 53.75 -86.22 -59.29
CA LYS ZC 54 55.15 -86.50 -58.99
C LYS ZC 54 55.34 -87.97 -58.59
N ALA ZC 55 54.41 -88.51 -57.80
CA ALA ZC 55 54.53 -89.90 -57.39
C ALA ZC 55 54.19 -90.86 -58.53
N ASP ZC 56 53.37 -90.42 -59.48
CA ASP ZC 56 52.96 -91.32 -60.56
C ASP ZC 56 54.16 -91.77 -61.38
N GLN ZC 57 55.11 -90.87 -61.64
CA GLN ZC 57 56.24 -91.21 -62.48
C GLN ZC 57 56.98 -92.43 -61.93
N CYS ZC 58 57.08 -92.56 -60.61
CA CYS ZC 58 57.78 -93.70 -60.03
C CYS ZC 58 57.14 -95.02 -60.43
N LEU ZC 59 55.81 -95.04 -60.57
CA LEU ZC 59 55.13 -96.28 -60.96
C LEU ZC 59 55.57 -96.74 -62.34
N ILE ZC 60 55.71 -95.80 -63.28
CA ILE ZC 60 56.09 -96.19 -64.63
C ILE ZC 60 57.47 -96.83 -64.63
N HIS ZC 61 58.40 -96.25 -63.86
CA HIS ZC 61 59.76 -96.81 -63.79
C HIS ZC 61 59.74 -98.21 -63.21
N LYS ZC 62 58.83 -98.50 -62.29
CA LYS ZC 62 58.73 -99.84 -61.73
C LYS ZC 62 58.48 -100.86 -62.82
N ALA ZC 63 57.50 -100.60 -63.69
CA ALA ZC 63 57.19 -101.52 -64.78
C ALA ZC 63 58.21 -101.40 -65.91
N THR ZC 64 58.74 -100.20 -66.15
CA THR ZC 64 59.72 -100.03 -67.22
C THR ZC 64 60.92 -100.94 -67.01
N LEU ZC 65 61.48 -100.92 -65.81
CA LEU ZC 65 62.61 -101.79 -65.51
C LEU ZC 65 62.16 -103.24 -65.32
N PRO ZC 78 75.02 -98.27 -67.69
CA PRO ZC 78 74.87 -96.92 -67.15
C PRO ZC 78 73.44 -96.41 -67.20
N LEU ZC 79 72.69 -96.78 -68.24
CA LEU ZC 79 71.32 -96.31 -68.35
C LEU ZC 79 70.44 -96.88 -67.25
N ILE ZC 80 70.49 -98.20 -67.07
CA ILE ZC 80 69.65 -98.85 -66.06
C ILE ZC 80 70.05 -98.40 -64.67
N GLU ZC 81 71.35 -98.33 -64.39
CA GLU ZC 81 71.81 -97.95 -63.07
C GLU ZC 81 71.36 -96.55 -62.70
N ALA ZC 82 71.40 -95.61 -63.66
CA ALA ZC 82 70.98 -94.25 -63.38
C ALA ZC 82 69.50 -94.20 -62.99
N MET ZC 83 68.66 -94.99 -63.66
CA MET ZC 83 67.24 -95.00 -63.34
C MET ZC 83 67.01 -95.41 -61.89
N GLN ZC 84 67.78 -96.39 -61.42
CA GLN ZC 84 67.63 -96.84 -60.03
C GLN ZC 84 67.87 -95.69 -59.06
N GLN ZC 85 68.91 -94.90 -59.32
CA GLN ZC 85 69.17 -93.73 -58.48
C GLN ZC 85 68.10 -92.66 -58.67
N ILE ZC 86 67.57 -92.52 -59.88
CA ILE ZC 86 66.54 -91.52 -60.13
C ILE ZC 86 65.29 -91.80 -59.30
N ILE ZC 87 64.90 -93.08 -59.21
CA ILE ZC 87 63.72 -93.42 -58.42
C ILE ZC 87 63.91 -93.00 -56.98
N LEU ZC 88 65.09 -93.28 -56.42
CA LEU ZC 88 65.36 -92.88 -55.05
C LEU ZC 88 65.37 -91.37 -54.90
N ALA ZC 89 65.74 -90.65 -55.95
CA ALA ZC 89 65.73 -89.19 -55.89
C ALA ZC 89 64.33 -88.66 -55.64
N MET ZC 90 63.34 -89.21 -56.32
CA MET ZC 90 61.97 -88.74 -56.15
C MET ZC 90 61.41 -89.15 -54.79
N THR ZC 91 61.84 -90.29 -54.26
CA THR ZC 91 61.34 -90.74 -52.95
C THR ZC 91 61.69 -89.73 -51.86
N ARG ZC 92 62.92 -89.20 -51.89
CA ARG ZC 92 63.31 -88.20 -50.90
C ARG ZC 92 62.43 -86.97 -51.02
N GLU ZC 93 62.17 -86.53 -52.25
CA GLU ZC 93 61.31 -85.36 -52.45
C GLU ZC 93 59.89 -85.63 -51.96
N LEU ZC 94 59.36 -86.82 -52.25
CA LEU ZC 94 58.00 -87.14 -51.84
C LEU ZC 94 57.87 -87.18 -50.32
N TRP ZC 95 58.84 -87.81 -49.64
CA TRP ZC 95 58.75 -87.92 -48.19
C TRP ZC 95 58.76 -86.57 -47.52
N GLY ZC 96 59.39 -85.57 -48.14
CA GLY ZC 96 59.40 -84.23 -47.55
C GLY ZC 96 58.01 -83.65 -47.45
N GLN ZC 97 57.23 -83.74 -48.53
CA GLN ZC 97 55.87 -83.23 -48.50
C GLN ZC 97 55.02 -84.02 -47.50
N ILE ZC 98 55.27 -85.32 -47.39
CA ILE ZC 98 54.52 -86.14 -46.44
C ILE ZC 98 54.75 -85.64 -45.01
N GLN ZC 99 56.02 -85.45 -44.64
CA GLN ZC 99 56.33 -85.02 -43.28
C GLN ZC 99 55.89 -83.57 -43.05
N ARG ZC 100 56.12 -82.70 -44.03
CA ARG ZC 100 55.74 -81.30 -43.87
C ARG ZC 100 54.23 -81.16 -43.72
N HIS ZC 101 53.47 -81.92 -44.51
CA HIS ZC 101 52.01 -81.83 -44.42
C HIS ZC 101 51.50 -82.36 -43.08
N HIS ZC 102 52.05 -83.50 -42.63
CA HIS ZC 102 51.58 -84.08 -41.37
C HIS ZC 102 51.93 -83.19 -40.19
N TYR ZC 103 53.20 -82.80 -40.08
CA TYR ZC 103 53.65 -81.98 -38.95
C TYR ZC 103 53.68 -80.49 -39.30
N GLY ZC 104 54.46 -80.13 -40.32
CA GLY ZC 104 54.61 -78.74 -40.69
C GLY ZC 104 55.92 -78.50 -41.39
N ILE ZC 105 55.98 -77.41 -42.13
CA ILE ZC 105 57.18 -77.09 -42.91
C ILE ZC 105 58.35 -76.79 -41.98
N VAL ZC 106 58.12 -76.00 -40.94
CA VAL ZC 106 59.20 -75.60 -40.06
C VAL ZC 106 59.71 -76.79 -39.24
N GLN ZC 107 58.79 -77.65 -38.80
CA GLN ZC 107 59.19 -78.74 -37.92
C GLN ZC 107 60.15 -79.70 -38.62
N VAL ZC 108 59.87 -80.03 -39.89
CA VAL ZC 108 60.76 -80.91 -40.64
C VAL ZC 108 62.12 -80.27 -40.80
N GLU ZC 109 62.16 -78.99 -41.19
CA GLU ZC 109 63.43 -78.29 -41.29
C GLU ZC 109 64.12 -78.21 -39.94
N HIS ZC 110 63.34 -78.11 -38.86
CA HIS ZC 110 63.91 -78.02 -37.52
C HIS ZC 110 64.39 -79.37 -37.02
N TYR ZC 111 63.67 -80.44 -37.35
CA TYR ZC 111 63.97 -81.76 -36.80
C TYR ZC 111 64.97 -82.56 -37.63
N VAL ZC 112 65.05 -82.30 -38.94
CA VAL ZC 112 65.94 -83.10 -39.79
C VAL ZC 112 67.38 -82.96 -39.34
N LYS ZC 113 67.82 -81.74 -39.03
CA LYS ZC 113 69.21 -81.53 -38.65
C LYS ZC 113 69.56 -82.25 -37.36
N GLN ZC 114 68.61 -82.29 -36.42
CA GLN ZC 114 68.91 -82.88 -35.10
C GLN ZC 114 69.36 -84.32 -35.24
N ILE ZC 115 68.62 -85.12 -36.02
CA ILE ZC 115 68.96 -86.54 -36.15
C ILE ZC 115 70.29 -86.71 -36.86
N THR ZC 116 70.58 -85.84 -37.84
CA THR ZC 116 71.86 -85.93 -38.54
C THR ZC 116 73.02 -85.73 -37.59
N LEU ZC 117 72.89 -84.77 -36.67
CA LEU ZC 117 73.95 -84.54 -35.69
C LEU ZC 117 74.14 -85.75 -34.80
N TRP ZC 118 73.04 -86.38 -34.35
CA TRP ZC 118 73.15 -87.54 -33.49
C TRP ZC 118 73.93 -88.67 -34.16
N GLN ZC 119 73.92 -88.72 -35.49
CA GLN ZC 119 74.68 -89.74 -36.20
C GLN ZC 119 76.14 -89.34 -36.37
N ASP ZC 120 76.39 -88.12 -36.86
CA ASP ZC 120 77.75 -87.64 -37.09
C ASP ZC 120 78.35 -87.24 -35.75
N THR ZC 121 78.72 -88.26 -34.97
CA THR ZC 121 79.30 -88.05 -33.65
C THR ZC 121 80.06 -89.32 -33.28
N PRO ZC 122 81.13 -89.22 -32.46
CA PRO ZC 122 81.91 -90.43 -32.17
C PRO ZC 122 81.16 -91.44 -31.32
N GLN ZC 123 80.21 -92.13 -31.93
CA GLN ZC 123 79.47 -93.24 -31.32
C GLN ZC 123 79.19 -93.05 -29.83
N ALA ZC 124 80.23 -93.07 -29.00
CA ALA ZC 124 80.01 -93.10 -27.55
C ALA ZC 124 79.18 -91.91 -27.10
N PHE ZC 125 79.58 -90.70 -27.46
CA PHE ZC 125 78.83 -89.50 -27.09
C PHE ZC 125 77.86 -89.11 -28.19
N ARG ZC 126 77.06 -90.07 -28.66
CA ARG ZC 126 76.12 -89.78 -29.75
C ARG ZC 126 75.01 -88.84 -29.28
N GLY ZC 127 74.54 -89.02 -28.05
CA GLY ZC 127 73.48 -88.20 -27.52
C GLY ZC 127 72.51 -88.98 -26.66
N ASP ZC 128 71.21 -88.80 -26.90
CA ASP ZC 128 70.19 -89.49 -26.13
C ASP ZC 128 69.06 -89.98 -27.03
N GLN ZC 129 69.38 -90.33 -28.29
CA GLN ZC 129 68.38 -90.83 -29.22
C GLN ZC 129 67.26 -89.80 -29.35
N PRO ZC 130 67.50 -88.67 -30.02
CA PRO ZC 130 66.52 -87.60 -30.03
C PRO ZC 130 65.15 -88.09 -30.50
N LYS ZC 131 64.12 -87.66 -29.79
CA LYS ZC 131 62.77 -88.11 -30.08
C LYS ZC 131 62.27 -87.48 -31.39
N PRO ZC 132 61.45 -88.19 -32.14
CA PRO ZC 132 60.84 -87.59 -33.34
C PRO ZC 132 59.81 -86.55 -32.95
N PRO ZC 133 59.46 -85.64 -33.86
CA PRO ZC 133 58.55 -84.55 -33.50
C PRO ZC 133 57.19 -85.09 -33.07
N THR AD 3 58.17 -68.80 91.24
CA THR AD 3 56.80 -68.46 91.62
C THR AD 3 56.16 -67.49 90.62
N PHE AD 4 56.93 -66.49 90.17
CA PHE AD 4 56.37 -65.49 89.28
C PHE AD 4 55.90 -66.10 87.97
N ILE AD 5 56.69 -67.00 87.39
CA ILE AD 5 56.32 -67.59 86.11
C ILE AD 5 55.00 -68.34 86.23
N GLU AD 6 54.77 -68.99 87.37
CA GLU AD 6 53.50 -69.66 87.60
C GLU AD 6 52.35 -68.65 87.53
N LEU AD 7 52.56 -67.45 88.11
CA LEU AD 7 51.51 -66.44 88.07
C LEU AD 7 51.22 -65.99 86.64
N VAL AD 8 52.27 -65.83 85.83
CA VAL AD 8 52.08 -65.36 84.46
C VAL AD 8 51.36 -66.42 83.64
N LYS AD 9 51.70 -67.69 83.84
CA LYS AD 9 51.04 -68.76 83.10
C LYS AD 9 49.53 -68.73 83.33
N ASN AD 10 49.09 -68.19 84.47
CA ASN AD 10 47.67 -68.04 84.76
C ASN AD 10 47.16 -66.73 84.15
N MET AD 11 47.32 -66.62 82.83
CA MET AD 11 46.92 -65.43 82.09
C MET AD 11 46.36 -65.84 80.74
N LYS AD 12 45.60 -64.92 80.15
CA LYS AD 12 44.90 -65.18 78.90
C LYS AD 12 45.73 -64.74 77.71
N GLY AD 13 45.72 -65.56 76.67
CA GLY AD 13 46.56 -65.33 75.51
C GLY AD 13 47.99 -65.79 75.66
N TYR AD 14 48.28 -66.61 76.66
CA TYR AD 14 49.64 -67.07 76.93
C TYR AD 14 49.99 -68.18 75.97
N LYS AD 15 50.96 -67.93 75.09
CA LYS AD 15 51.46 -68.92 74.15
C LYS AD 15 52.88 -69.28 74.55
N GLU AD 16 53.11 -70.56 74.83
CA GLU AD 16 54.42 -71.00 75.26
C GLU AD 16 55.42 -70.91 74.11
N LEU AD 17 56.67 -70.61 74.45
CA LEU AD 17 57.71 -70.43 73.44
C LEU AD 17 59.03 -71.09 73.83
N LEU AD 18 59.06 -71.91 74.87
CA LEU AD 18 60.27 -72.55 75.34
C LEU AD 18 60.18 -74.05 75.15
N LEU AD 19 61.23 -74.62 74.56
CA LEU AD 19 61.28 -76.06 74.33
C LEU AD 19 61.74 -76.79 75.57
N PRO AD 20 61.54 -78.10 75.64
CA PRO AD 20 62.03 -78.87 76.79
C PRO AD 20 63.54 -78.77 76.90
N MET AD 21 64.03 -78.83 78.14
CA MET AD 21 65.46 -78.75 78.39
C MET AD 21 66.23 -79.84 77.66
N GLU AD 22 65.58 -80.97 77.39
CA GLU AD 22 66.25 -82.10 76.74
C GLU AD 22 66.42 -81.90 75.24
N MET AD 23 65.80 -80.89 74.65
CA MET AD 23 65.88 -80.67 73.21
C MET AD 23 66.71 -79.45 72.82
N VAL AD 24 66.89 -78.49 73.71
CA VAL AD 24 67.64 -77.28 73.38
C VAL AD 24 69.10 -77.66 73.15
N PRO AD 25 69.83 -76.95 72.31
CA PRO AD 25 71.24 -77.30 72.08
C PRO AD 25 72.08 -77.10 73.34
N LEU AD 26 73.32 -77.55 73.25
CA LEU AD 26 74.27 -77.30 74.31
C LEU AD 26 74.58 -75.81 74.39
N PRO AD 27 74.96 -75.30 75.56
CA PRO AD 27 75.20 -73.85 75.68
C PRO AD 27 76.25 -73.34 74.72
N ALA AD 28 77.27 -74.13 74.44
CA ALA AD 28 78.31 -73.70 73.50
C ALA AD 28 77.73 -73.46 72.12
N VAL AD 29 76.82 -74.34 71.67
CA VAL AD 29 76.26 -74.21 70.34
C VAL AD 29 75.41 -72.96 70.22
N VAL AD 30 74.69 -72.62 71.29
CA VAL AD 30 73.77 -71.48 71.22
C VAL AD 30 74.54 -70.20 70.95
N LEU AD 31 75.67 -70.01 71.62
CA LEU AD 31 76.44 -68.80 71.45
C LEU AD 31 76.82 -68.59 69.99
N LYS AD 32 77.00 -69.68 69.24
CA LYS AD 32 77.40 -69.55 67.84
C LYS AD 32 76.35 -68.80 67.03
N HIS AD 33 75.06 -69.11 67.25
CA HIS AD 33 74.02 -68.40 66.53
C HIS AD 33 73.90 -66.95 66.98
N VAL AD 34 74.28 -66.66 68.23
CA VAL AD 34 74.19 -65.30 68.73
C VAL AD 34 75.07 -64.37 67.91
N LYS AD 35 76.31 -64.81 67.63
CA LYS AD 35 77.23 -63.97 66.87
C LYS AD 35 76.70 -63.71 65.47
N LEU AD 36 76.17 -64.76 64.81
CA LEU AD 36 75.64 -64.59 63.46
C LEU AD 36 74.43 -63.67 63.48
N ILE AD 37 73.48 -63.93 64.36
CA ILE AD 37 72.24 -63.14 64.39
C ILE AD 37 72.55 -61.70 64.77
N LEU AD 38 73.37 -61.50 65.79
CA LEU AD 38 73.75 -60.15 66.18
C LEU AD 38 74.52 -59.44 65.06
N THR AD 39 75.57 -60.09 64.57
CA THR AD 39 76.45 -59.44 63.60
C THR AD 39 75.77 -59.31 62.24
N SER AD 40 75.13 -60.38 61.78
CA SER AD 40 74.45 -60.39 60.48
C SER AD 40 73.07 -59.76 60.64
N GLN AD 41 73.06 -58.49 61.02
CA GLN AD 41 71.83 -57.75 61.19
C GLN AD 41 72.06 -56.29 60.82
N LYS AD 42 71.00 -55.65 60.35
CA LYS AD 42 71.03 -54.25 59.96
C LYS AD 42 69.88 -53.52 60.64
N GLU AD 43 70.09 -52.23 60.90
CA GLU AD 43 69.10 -51.41 61.57
C GLU AD 43 68.76 -51.99 62.95
N HIS AD 44 69.78 -51.97 63.81
CA HIS AD 44 69.69 -52.55 65.14
C HIS AD 44 68.34 -52.23 65.78
N GLN AD 45 67.75 -53.24 66.40
CA GLN AD 45 66.45 -53.17 67.02
C GLN AD 45 66.56 -53.44 68.52
N PRO AD 46 65.58 -53.00 69.31
CA PRO AD 46 65.71 -53.13 70.77
C PRO AD 46 65.94 -54.56 71.25
N TRP AD 47 65.28 -55.54 70.61
CA TRP AD 47 65.41 -56.91 71.07
C TRP AD 47 66.83 -57.44 70.91
N MET AD 48 67.62 -56.85 70.02
CA MET AD 48 69.00 -57.29 69.87
C MET AD 48 69.79 -57.07 71.15
N THR AD 49 69.57 -55.92 71.81
CA THR AD 49 70.29 -55.64 73.06
C THR AD 49 69.95 -56.66 74.12
N GLU AD 50 68.67 -57.05 74.21
CA GLU AD 50 68.26 -58.02 75.22
C GLU AD 50 68.99 -59.35 75.03
N MET AD 51 69.13 -59.78 73.78
CA MET AD 51 69.79 -61.06 73.53
C MET AD 51 71.23 -61.05 74.02
N ALA AD 52 71.96 -59.97 73.75
CA ALA AD 52 73.36 -59.90 74.13
C ALA AD 52 73.53 -59.92 75.65
N LEU AD 53 72.66 -59.19 76.36
CA LEU AD 53 72.80 -59.09 77.81
C LEU AD 53 72.67 -60.47 78.45
N LYS AD 54 71.68 -61.25 78.02
CA LYS AD 54 71.51 -62.59 78.59
C LYS AD 54 72.67 -63.50 78.23
N ALA AD 55 73.23 -63.33 77.03
CA ALA AD 55 74.29 -64.22 76.58
C ALA AD 55 75.50 -64.16 77.50
N ASP AD 56 75.91 -62.94 77.88
CA ASP AD 56 77.09 -62.81 78.73
C ASP AD 56 76.88 -63.46 80.09
N GLN AD 57 75.62 -63.54 80.55
CA GLN AD 57 75.36 -64.15 81.85
C GLN AD 57 75.76 -65.62 81.85
N CYS AD 58 75.46 -66.34 80.78
CA CYS AD 58 75.84 -67.75 80.71
C CYS AD 58 77.36 -67.89 80.75
N LEU AD 59 78.07 -67.01 80.06
CA LEU AD 59 79.53 -67.05 80.10
C LEU AD 59 80.05 -66.79 81.51
N ILE AD 60 79.43 -65.83 82.22
CA ILE AD 60 79.86 -65.52 83.58
C ILE AD 60 79.69 -66.75 84.47
N HIS AD 61 78.51 -67.39 84.41
CA HIS AD 61 78.31 -68.61 85.18
C HIS AD 61 79.23 -69.72 84.69
N LYS AD 62 79.40 -69.82 83.36
CA LYS AD 62 80.28 -70.84 82.81
C LYS AD 62 81.72 -70.63 83.28
N ALA AD 63 82.17 -69.38 83.29
CA ALA AD 63 83.52 -69.06 83.77
C ALA AD 63 83.66 -69.21 85.27
N THR AD 64 82.55 -69.40 85.99
CA THR AD 64 82.60 -69.53 87.44
C THR AD 64 82.88 -70.95 87.91
N LEU AD 65 82.53 -71.95 87.11
CA LEU AD 65 82.73 -73.34 87.53
C LEU AD 65 84.20 -73.67 87.70
N ASP AD 66 85.07 -73.13 86.83
CA ASP AD 66 86.50 -73.42 86.96
C ASP AD 66 87.04 -73.02 88.33
N PRO AD 78 76.25 -78.48 97.24
CA PRO AD 78 75.13 -77.82 96.56
C PRO AD 78 75.50 -76.49 95.92
N LEU AD 79 76.15 -75.60 96.67
CA LEU AD 79 76.40 -74.25 96.19
C LEU AD 79 77.26 -74.28 94.92
N ILE AD 80 78.31 -75.10 94.91
CA ILE AD 80 79.18 -75.17 93.74
C ILE AD 80 78.40 -75.69 92.54
N GLU AD 81 77.61 -76.76 92.74
CA GLU AD 81 76.84 -77.36 91.67
C GLU AD 81 75.52 -76.65 91.41
N ALA AD 82 75.07 -75.79 92.33
CA ALA AD 82 73.78 -75.13 92.15
C ALA AD 82 73.79 -74.22 90.93
N MET AD 83 74.87 -73.47 90.73
CA MET AD 83 74.92 -72.54 89.60
C MET AD 83 74.80 -73.27 88.27
N GLN AD 84 75.25 -74.52 88.20
CA GLN AD 84 75.17 -75.26 86.94
C GLN AD 84 73.72 -75.42 86.49
N GLN AD 85 72.77 -75.48 87.43
CA GLN AD 85 71.38 -75.62 87.06
C GLN AD 85 70.89 -74.43 86.26
N ILE AD 86 71.30 -73.23 86.65
CA ILE AD 86 70.84 -72.02 85.96
C ILE AD 86 71.40 -71.98 84.55
N ILE AD 87 72.63 -72.46 84.36
CA ILE AD 87 73.27 -72.39 83.05
C ILE AD 87 72.39 -73.10 82.01
N LEU AD 88 71.94 -74.31 82.33
CA LEU AD 88 71.07 -75.04 81.42
C LEU AD 88 69.77 -74.29 81.21
N ALA AD 89 69.20 -73.74 82.28
CA ALA AD 89 67.94 -73.00 82.17
C ALA AD 89 68.12 -71.76 81.29
N MET AD 90 69.24 -71.05 81.46
CA MET AD 90 69.45 -69.81 80.72
C MET AD 90 69.39 -70.07 79.22
N THR AD 91 69.90 -71.21 78.77
CA THR AD 91 69.86 -71.54 77.35
C THR AD 91 68.41 -71.65 76.86
N ARG AD 92 67.55 -72.28 77.66
CA ARG AD 92 66.17 -72.51 77.24
C ARG AD 92 65.47 -71.19 76.92
N GLU AD 93 65.63 -70.19 77.78
CA GLU AD 93 65.07 -68.88 77.49
C GLU AD 93 65.82 -68.22 76.35
N LEU AD 94 67.14 -68.38 76.31
CA LEU AD 94 67.94 -67.77 75.26
C LEU AD 94 67.60 -68.35 73.89
N TRP AD 95 67.44 -69.67 73.80
CA TRP AD 95 67.16 -70.30 72.53
C TRP AD 95 65.79 -69.88 72.00
N GLY AD 96 64.88 -69.46 72.88
CA GLY AD 96 63.57 -69.05 72.44
C GLY AD 96 63.62 -67.84 71.53
N GLN AD 97 64.50 -66.88 71.84
CA GLN AD 97 64.62 -65.70 71.01
C GLN AD 97 65.28 -66.01 69.67
N ILE AD 98 66.17 -67.01 69.64
CA ILE AD 98 66.82 -67.39 68.39
C ILE AD 98 65.79 -67.83 67.36
N GLN AD 99 64.86 -68.69 67.77
CA GLN AD 99 63.85 -69.20 66.86
C GLN AD 99 62.91 -68.09 66.40
N ARG AD 100 62.63 -67.13 67.28
CA ARG AD 100 61.79 -66.00 66.87
C ARG AD 100 62.41 -65.23 65.72
N HIS AD 101 63.72 -64.97 65.80
CA HIS AD 101 64.40 -64.27 64.72
C HIS AD 101 64.42 -65.11 63.45
N HIS AD 102 64.78 -66.39 63.57
CA HIS AD 102 64.87 -67.25 62.39
C HIS AD 102 63.49 -67.56 61.84
N TYR AD 103 62.64 -68.21 62.62
CA TYR AD 103 61.33 -68.63 62.14
C TYR AD 103 60.32 -67.50 62.22
N GLY AD 104 60.07 -67.02 63.43
CA GLY AD 104 59.04 -66.01 63.67
C GLY AD 104 58.26 -66.40 64.91
N ILE AD 105 57.74 -65.38 65.61
CA ILE AD 105 57.04 -65.65 66.87
C ILE AD 105 55.81 -66.51 66.63
N VAL AD 106 55.03 -66.19 65.60
CA VAL AD 106 53.78 -66.91 65.37
C VAL AD 106 54.06 -68.37 65.07
N GLN AD 107 55.03 -68.63 64.19
CA GLN AD 107 55.32 -70.01 63.80
C GLN AD 107 55.83 -70.83 64.98
N VAL AD 108 56.61 -70.21 65.87
CA VAL AD 108 57.19 -70.94 66.99
C VAL AD 108 56.08 -71.50 67.88
N GLU AD 109 55.06 -70.69 68.16
CA GLU AD 109 53.97 -71.15 69.02
C GLU AD 109 53.40 -72.47 68.53
N HIS AD 110 53.11 -72.56 67.23
CA HIS AD 110 52.60 -73.80 66.67
C HIS AD 110 53.60 -74.93 66.82
N TYR AD 111 54.88 -74.65 66.56
CA TYR AD 111 55.89 -75.71 66.60
C TYR AD 111 56.00 -76.30 67.99
N VAL AD 112 56.00 -75.46 69.03
CA VAL AD 112 56.18 -75.97 70.38
C VAL AD 112 55.05 -76.92 70.76
N LYS AD 113 53.81 -76.50 70.50
CA LYS AD 113 52.67 -77.34 70.84
C LYS AD 113 52.71 -78.65 70.07
N GLN AD 114 53.07 -78.59 68.80
CA GLN AD 114 53.23 -79.82 68.02
C GLN AD 114 54.30 -80.71 68.64
N ILE AD 115 55.42 -80.12 69.07
CA ILE AD 115 56.45 -80.89 69.75
C ILE AD 115 55.92 -81.44 71.08
N THR AD 116 55.18 -80.60 71.82
CA THR AD 116 54.67 -81.03 73.12
C THR AD 116 53.74 -82.23 72.96
N LEU AD 117 52.77 -82.12 72.06
CA LEU AD 117 51.87 -83.25 71.81
C LEU AD 117 52.66 -84.46 71.29
N TRP AD 118 53.61 -84.22 70.39
CA TRP AD 118 54.44 -85.32 69.90
C TRP AD 118 55.21 -85.98 71.04
N GLN AD 119 55.77 -85.18 71.94
CA GLN AD 119 56.46 -85.74 73.09
C GLN AD 119 55.49 -86.38 74.07
N ASP AD 120 54.28 -85.83 74.20
CA ASP AD 120 53.31 -86.37 75.14
C ASP AD 120 52.87 -87.78 74.73
N THR AD 121 52.62 -87.98 73.44
CA THR AD 121 52.15 -89.28 72.98
C THR AD 121 53.20 -90.35 73.25
N PRO AD 122 52.80 -91.55 73.66
CA PRO AD 122 53.79 -92.59 73.92
C PRO AD 122 54.58 -92.94 72.67
N GLN AD 123 55.86 -93.31 72.88
CA GLN AD 123 56.76 -93.59 71.77
C GLN AD 123 56.27 -94.75 70.90
N ALA AD 124 55.42 -95.62 71.43
CA ALA AD 124 54.95 -96.76 70.65
C ALA AD 124 54.20 -96.29 69.41
N PHE AD 125 53.34 -95.28 69.55
CA PHE AD 125 52.57 -94.74 68.44
C PHE AD 125 52.77 -93.23 68.32
N ARG AD 126 53.96 -92.75 68.72
CA ARG AD 126 54.21 -91.31 68.73
C ARG AD 126 54.16 -90.74 67.32
N GLY AD 127 54.75 -91.42 66.35
CA GLY AD 127 54.78 -90.94 64.99
C GLY AD 127 56.05 -90.16 64.68
N ASP AD 128 56.13 -89.72 63.43
CA ASP AD 128 57.29 -88.97 62.98
C ASP AD 128 57.36 -87.62 63.66
N GLN AD 129 58.56 -87.22 64.06
CA GLN AD 129 58.75 -85.94 64.70
C GLN AD 129 58.47 -84.81 63.71
N PRO AD 130 57.67 -83.81 64.08
CA PRO AD 130 57.39 -82.71 63.15
C PRO AD 130 58.64 -81.89 62.86
N LYS AD 131 58.67 -81.32 61.67
CA LYS AD 131 59.80 -80.51 61.23
C LYS AD 131 59.59 -79.06 61.61
N PRO AD 132 60.67 -78.28 61.71
CA PRO AD 132 60.54 -76.87 62.07
C PRO AD 132 59.72 -76.11 61.05
N PRO AD 133 59.17 -74.95 61.41
CA PRO AD 133 58.37 -74.18 60.44
C PRO AD 133 59.23 -73.55 59.35
N SER AD 134 58.59 -72.78 58.48
CA SER AD 134 59.30 -72.08 57.42
C SER AD 134 59.94 -70.81 57.96
N PHE AD 135 61.08 -70.44 57.35
CA PHE AD 135 61.80 -69.26 57.78
C PHE AD 135 61.01 -67.99 57.48
N THR BD 3 82.02 -59.62 75.70
CA THR BD 3 82.30 -59.26 74.32
C THR BD 3 81.04 -59.09 73.48
N PHE BD 4 80.01 -59.90 73.71
CA PHE BD 4 78.79 -59.80 72.91
C PHE BD 4 78.14 -58.43 73.06
N ILE BD 5 78.08 -57.93 74.29
CA ILE BD 5 77.47 -56.62 74.52
C ILE BD 5 78.26 -55.54 73.80
N GLU BD 6 79.59 -55.70 73.75
CA GLU BD 6 80.42 -54.73 73.04
C GLU BD 6 80.06 -54.68 71.55
N LEU BD 7 79.78 -55.85 70.96
CA LEU BD 7 79.41 -55.88 69.55
C LEU BD 7 78.13 -55.09 69.31
N VAL BD 8 77.16 -55.21 70.21
CA VAL BD 8 75.93 -54.44 70.07
C VAL BD 8 76.23 -52.96 70.15
N LYS BD 9 77.08 -52.56 71.09
CA LYS BD 9 77.42 -51.15 71.25
C LYS BD 9 78.15 -50.62 70.02
N ASN BD 10 78.65 -51.48 69.16
CA ASN BD 10 79.33 -51.09 67.93
C ASN BD 10 78.37 -50.97 66.75
N MET BD 11 77.08 -51.18 66.97
CA MET BD 11 76.11 -51.18 65.88
C MET BD 11 75.72 -49.75 65.51
N LYS BD 12 74.77 -49.65 64.58
CA LYS BD 12 74.24 -48.37 64.13
C LYS BD 12 72.81 -48.24 64.63
N GLY BD 13 72.49 -47.10 65.24
CA GLY BD 13 71.18 -46.87 65.81
C GLY BD 13 71.01 -47.37 67.22
N TYR BD 14 72.02 -48.03 67.79
CA TYR BD 14 71.92 -48.50 69.16
C TYR BD 14 71.82 -47.33 70.13
N LYS BD 15 70.99 -47.50 71.15
CA LYS BD 15 70.75 -46.47 72.14
C LYS BD 15 70.70 -47.10 73.53
N GLU BD 16 71.32 -46.44 74.50
CA GLU BD 16 71.35 -46.95 75.86
C GLU BD 16 69.96 -46.92 76.48
N LEU BD 17 69.66 -47.94 77.28
CA LEU BD 17 68.40 -48.01 78.02
C LEU BD 17 68.59 -48.33 79.49
N LEU BD 18 69.77 -48.78 79.91
CA LEU BD 18 70.03 -49.10 81.30
C LEU BD 18 70.48 -47.85 82.04
N LEU BD 19 70.84 -48.02 83.31
CA LEU BD 19 71.22 -46.94 84.18
C LEU BD 19 72.47 -47.34 84.96
N PRO BD 20 73.18 -46.36 85.52
CA PRO BD 20 74.37 -46.69 86.31
C PRO BD 20 74.02 -47.59 87.48
N MET BD 21 74.97 -48.48 87.82
CA MET BD 21 74.74 -49.43 88.90
C MET BD 21 74.32 -48.72 90.18
N GLU BD 22 74.86 -47.53 90.43
CA GLU BD 22 74.51 -46.79 91.64
C GLU BD 22 73.04 -46.39 91.63
N MET BD 23 72.53 -45.94 90.48
CA MET BD 23 71.15 -45.51 90.35
C MET BD 23 70.25 -46.71 90.06
N VAL BD 24 70.34 -47.71 90.93
CA VAL BD 24 69.52 -48.92 90.82
C VAL BD 24 68.97 -49.24 92.20
N PRO BD 25 67.65 -49.43 92.35
CA PRO BD 25 67.10 -49.76 93.66
C PRO BD 25 67.72 -51.03 94.22
N LEU BD 26 67.45 -51.25 95.51
CA LEU BD 26 67.95 -52.43 96.19
C LEU BD 26 67.19 -53.67 95.72
N PRO BD 27 67.77 -54.87 95.91
CA PRO BD 27 67.06 -56.08 95.50
C PRO BD 27 65.82 -56.34 96.33
N ALA BD 28 65.11 -57.42 96.04
CA ALA BD 28 63.91 -57.80 96.77
C ALA BD 28 62.81 -56.74 96.60
N VAL BD 29 63.04 -55.54 97.12
CA VAL BD 29 62.04 -54.48 97.04
C VAL BD 29 61.78 -54.13 95.58
N VAL BD 30 62.85 -54.09 94.76
CA VAL BD 30 62.68 -53.77 93.35
C VAL BD 30 61.78 -54.79 92.67
N LEU BD 31 61.77 -56.03 93.15
CA LEU BD 31 60.92 -57.06 92.56
C LEU BD 31 59.45 -56.76 92.74
N LYS BD 32 59.09 -55.84 93.65
CA LYS BD 32 57.69 -55.55 93.90
C LYS BD 32 57.02 -54.96 92.67
N HIS BD 33 57.72 -54.09 91.94
CA HIS BD 33 57.17 -53.53 90.72
C HIS BD 33 56.79 -54.62 89.73
N VAL BD 34 57.44 -55.79 89.82
CA VAL BD 34 57.10 -56.89 88.93
C VAL BD 34 55.65 -57.29 89.12
N LYS BD 35 55.23 -57.45 90.38
CA LYS BD 35 53.86 -57.86 90.66
C LYS BD 35 52.86 -56.80 90.20
N LEU BD 36 53.20 -55.53 90.39
CA LEU BD 36 52.29 -54.45 90.04
C LEU BD 36 52.11 -54.31 88.53
N ILE BD 37 52.95 -54.97 87.74
CA ILE BD 37 52.88 -54.86 86.29
C ILE BD 37 52.41 -56.18 85.69
N LEU BD 38 52.65 -57.28 86.40
CA LEU BD 38 52.17 -58.58 85.97
C LEU BD 38 50.75 -58.85 86.47
N THR BD 39 50.55 -58.75 87.78
CA THR BD 39 49.22 -59.01 88.34
C THR BD 39 48.19 -58.03 87.81
N SER BD 40 48.55 -56.76 87.72
CA SER BD 40 47.66 -55.72 87.19
C SER BD 40 47.82 -55.61 85.67
N GLN BD 41 47.60 -56.74 85.00
CA GLN BD 41 47.77 -56.78 83.55
C GLN BD 41 46.91 -57.92 82.98
N LYS BD 42 46.72 -57.84 81.67
CA LYS BD 42 45.95 -58.84 80.94
C LYS BD 42 46.43 -58.82 79.50
N GLU BD 43 45.97 -59.81 78.72
CA GLU BD 43 46.38 -59.96 77.33
C GLU BD 43 47.90 -60.16 77.24
N HIS BD 44 48.32 -61.29 77.81
CA HIS BD 44 49.73 -61.67 77.87
C HIS BD 44 50.44 -61.36 76.56
N GLN BD 45 51.50 -60.57 76.66
CA GLN BD 45 52.31 -60.17 75.52
C GLN BD 45 53.69 -60.80 75.61
N PRO BD 46 54.40 -60.92 74.48
CA PRO BD 46 55.69 -61.62 74.50
C PRO BD 46 56.68 -61.03 75.49
N TRP BD 47 56.73 -59.71 75.63
CA TRP BD 47 57.71 -59.10 76.51
C TRP BD 47 57.42 -59.40 77.98
N MET BD 48 56.16 -59.69 78.32
CA MET BD 48 55.83 -60.00 79.70
C MET BD 48 56.53 -61.26 80.17
N THR BD 49 56.60 -62.27 79.29
CA THR BD 49 57.30 -63.50 79.65
C THR BD 49 58.79 -63.23 79.89
N GLU BD 50 59.39 -62.37 79.07
CA GLU BD 50 60.80 -62.06 79.25
C GLU BD 50 61.06 -61.48 80.63
N MET BD 51 60.22 -60.55 81.07
CA MET BD 51 60.36 -59.99 82.41
C MET BD 51 60.20 -61.06 83.48
N ALA BD 52 59.20 -61.93 83.32
CA ALA BD 52 58.94 -62.96 84.32
C ALA BD 52 60.11 -63.92 84.44
N LEU BD 53 60.69 -64.32 83.31
CA LEU BD 53 61.79 -65.28 83.32
C LEU BD 53 63.10 -64.66 83.78
N LYS BD 54 63.17 -63.33 83.88
CA LYS BD 54 64.36 -62.64 84.37
C LYS BD 54 64.26 -62.31 85.85
N ALA BD 55 63.12 -61.80 86.30
CA ALA BD 55 62.96 -61.44 87.71
C ALA BD 55 63.08 -62.67 88.61
N ASP BD 56 62.46 -63.78 88.20
CA ASP BD 56 62.50 -64.99 89.00
C ASP BD 56 63.91 -65.51 89.20
N GLN BD 57 64.85 -65.14 88.33
CA GLN BD 57 66.22 -65.61 88.46
C GLN BD 57 66.87 -65.06 89.74
N CYS BD 58 66.56 -63.81 90.10
CA CYS BD 58 67.14 -63.24 91.31
C CYS BD 58 66.78 -64.06 92.53
N LEU BD 59 65.53 -64.53 92.61
CA LEU BD 59 65.12 -65.37 93.73
C LEU BD 59 65.94 -66.66 93.75
N ILE BD 60 66.18 -67.25 92.57
CA ILE BD 60 66.97 -68.47 92.50
C ILE BD 60 68.37 -68.22 93.04
N HIS BD 61 69.02 -67.15 92.57
CA HIS BD 61 70.32 -66.78 93.10
C HIS BD 61 70.22 -66.40 94.57
N LYS BD 62 69.17 -65.66 94.93
CA LYS BD 62 68.97 -65.27 96.33
C LYS BD 62 68.73 -66.50 97.20
N ALA BD 63 68.00 -67.49 96.67
CA ALA BD 63 67.71 -68.69 97.45
C ALA BD 63 68.98 -69.43 97.85
N THR BD 64 70.06 -69.28 97.10
CA THR BD 64 71.30 -69.96 97.44
C THR BD 64 71.94 -69.41 98.70
N LEU BD 65 71.54 -68.21 99.14
CA LEU BD 65 72.11 -67.64 100.35
C LEU BD 65 71.87 -68.54 101.55
N ASP BD 66 70.74 -69.27 101.57
CA ASP BD 66 70.50 -70.22 102.66
C ASP BD 66 71.59 -71.28 102.70
N PRO BD 78 85.22 -66.99 96.10
CA PRO BD 78 84.84 -66.38 94.81
C PRO BD 78 83.48 -66.83 94.33
N LEU BD 79 83.11 -68.10 94.58
CA LEU BD 79 81.81 -68.59 94.15
C LEU BD 79 80.69 -67.84 94.85
N ILE BD 80 80.82 -67.60 96.15
CA ILE BD 80 79.80 -66.87 96.90
C ILE BD 80 79.80 -65.40 96.49
N GLU BD 81 80.98 -64.80 96.37
CA GLU BD 81 81.06 -63.41 95.99
C GLU BD 81 80.54 -63.18 94.58
N ALA BD 82 80.86 -64.08 93.66
CA ALA BD 82 80.49 -63.88 92.26
C ALA BD 82 78.98 -63.80 92.09
N MET BD 83 78.24 -64.67 92.78
CA MET BD 83 76.78 -64.67 92.63
C MET BD 83 76.19 -63.35 93.06
N GLN BD 84 76.68 -62.77 94.15
CA GLN BD 84 76.15 -61.50 94.63
C GLN BD 84 76.33 -60.40 93.59
N GLN BD 85 77.48 -60.40 92.91
CA GLN BD 85 77.73 -59.38 91.89
C GLN BD 85 76.73 -59.50 90.74
N ILE BD 86 76.40 -60.74 90.35
CA ILE BD 86 75.51 -60.94 89.21
C ILE BD 86 74.13 -60.36 89.48
N ILE BD 87 73.67 -60.41 90.73
CA ILE BD 87 72.34 -59.94 91.05
C ILE BD 87 72.20 -58.46 90.67
N LEU BD 88 73.24 -57.67 90.92
CA LEU BD 88 73.20 -56.26 90.57
C LEU BD 88 73.01 -56.08 89.07
N ALA BD 89 73.73 -56.87 88.27
CA ALA BD 89 73.62 -56.74 86.82
C ALA BD 89 72.21 -57.05 86.34
N MET BD 90 71.62 -58.14 86.86
CA MET BD 90 70.27 -58.49 86.46
C MET BD 90 69.27 -57.44 86.94
N THR BD 91 69.48 -56.90 88.14
CA THR BD 91 68.58 -55.88 88.66
C THR BD 91 68.57 -54.67 87.76
N ARG BD 92 69.74 -54.29 87.23
CA ARG BD 92 69.81 -53.15 86.32
C ARG BD 92 68.95 -53.38 85.09
N GLU BD 93 68.98 -54.61 84.53
CA GLU BD 93 68.18 -54.90 83.36
C GLU BD 93 66.70 -54.82 83.68
N LEU BD 94 66.30 -55.27 84.87
CA LEU BD 94 64.88 -55.26 85.23
C LEU BD 94 64.33 -53.84 85.21
N TRP BD 95 65.09 -52.88 85.75
CA TRP BD 95 64.59 -51.51 85.83
C TRP BD 95 64.36 -50.93 84.44
N GLY BD 96 65.28 -51.20 83.50
CA GLY BD 96 65.12 -50.67 82.17
C GLY BD 96 63.83 -51.14 81.50
N GLN BD 97 63.49 -52.42 81.70
CA GLN BD 97 62.24 -52.93 81.14
C GLN BD 97 61.04 -52.22 81.76
N ILE BD 98 61.10 -51.97 83.07
CA ILE BD 98 59.98 -51.31 83.75
C ILE BD 98 59.77 -49.92 83.17
N GLN BD 99 60.85 -49.16 83.02
CA GLN BD 99 60.75 -47.84 82.40
C GLN BD 99 60.34 -47.94 80.94
N ARG BD 100 60.77 -49.00 80.25
CA ARG BD 100 60.35 -49.22 78.88
C ARG BD 100 58.84 -49.41 78.78
N HIS BD 101 58.18 -49.74 79.89
CA HIS BD 101 56.73 -49.92 79.92
C HIS BD 101 56.01 -48.72 80.51
N HIS BD 102 56.50 -48.18 81.63
CA HIS BD 102 55.84 -47.07 82.30
C HIS BD 102 55.94 -45.80 81.47
N TYR BD 103 57.16 -45.34 81.23
CA TYR BD 103 57.39 -44.10 80.50
C TYR BD 103 57.67 -44.36 79.02
N GLY BD 104 56.79 -45.12 78.39
CA GLY BD 104 56.99 -45.39 76.98
C GLY BD 104 58.27 -46.17 76.74
N ILE BD 105 58.67 -46.20 75.47
CA ILE BD 105 59.91 -46.86 75.07
C ILE BD 105 60.78 -45.85 74.33
N VAL BD 106 60.17 -44.83 73.74
CA VAL BD 106 60.92 -43.82 73.02
C VAL BD 106 61.41 -42.74 73.97
N GLN BD 107 60.53 -42.25 74.85
CA GLN BD 107 60.91 -41.22 75.81
C GLN BD 107 61.95 -41.70 76.80
N VAL BD 108 62.07 -43.02 76.99
CA VAL BD 108 63.05 -43.55 77.93
C VAL BD 108 64.46 -43.19 77.50
N GLU BD 109 64.75 -43.34 76.20
CA GLU BD 109 66.09 -43.05 75.70
C GLU BD 109 66.47 -41.60 75.99
N HIS BD 110 65.54 -40.67 75.79
CA HIS BD 110 65.83 -39.26 76.05
C HIS BD 110 66.19 -39.05 77.51
N TYR BD 111 65.46 -39.68 78.44
CA TYR BD 111 65.75 -39.50 79.85
C TYR BD 111 67.13 -40.01 80.20
N VAL BD 112 67.46 -41.23 79.76
CA VAL BD 112 68.77 -41.79 80.08
C VAL BD 112 69.86 -40.99 79.42
N LYS BD 113 69.60 -40.45 78.22
CA LYS BD 113 70.57 -39.59 77.57
C LYS BD 113 70.95 -38.41 78.45
N GLN BD 114 69.95 -37.77 79.07
CA GLN BD 114 70.23 -36.65 79.96
C GLN BD 114 70.89 -37.12 81.25
N ILE BD 115 70.52 -38.30 81.74
CA ILE BD 115 71.12 -38.81 82.96
C ILE BD 115 72.63 -38.95 82.81
N THR BD 116 73.07 -39.48 81.67
CA THR BD 116 74.50 -39.67 81.45
C THR BD 116 75.22 -38.34 81.48
N LEU BD 117 74.67 -37.33 80.80
CA LEU BD 117 75.31 -36.01 80.81
C LEU BD 117 75.28 -35.39 82.20
N TRP BD 118 74.15 -35.52 82.91
CA TRP BD 118 74.01 -34.88 84.22
C TRP BD 118 74.94 -35.48 85.26
N GLN BD 119 75.41 -36.71 85.07
CA GLN BD 119 76.29 -37.36 86.02
C GLN BD 119 77.75 -37.33 85.59
N ASP BD 120 78.02 -37.46 84.30
CA ASP BD 120 79.41 -37.49 83.83
C ASP BD 120 80.11 -36.17 84.11
N THR BD 121 79.41 -35.05 83.92
CA THR BD 121 80.01 -33.76 84.18
C THR BD 121 80.32 -33.63 85.67
N PRO BD 122 81.31 -32.82 86.03
CA PRO BD 122 81.65 -32.66 87.45
C PRO BD 122 80.50 -32.07 88.24
N GLN BD 123 80.44 -32.45 89.53
CA GLN BD 123 79.33 -32.02 90.38
C GLN BD 123 79.21 -30.51 90.47
N ALA BD 124 80.28 -29.77 90.18
CA ALA BD 124 80.24 -28.32 90.25
C ALA BD 124 79.49 -27.70 89.08
N PHE BD 125 79.13 -28.48 88.06
CA PHE BD 125 78.46 -27.97 86.87
C PHE BD 125 77.13 -28.63 86.58
N ARG BD 126 76.77 -29.70 87.29
CA ARG BD 126 75.55 -30.44 86.97
C ARG BD 126 74.33 -29.54 87.06
N GLY BD 127 74.04 -29.03 88.25
CA GLY BD 127 72.86 -28.21 88.46
C GLY BD 127 71.76 -28.95 89.21
N ASP BD 128 70.70 -29.31 88.50
CA ASP BD 128 69.56 -30.01 89.07
C ASP BD 128 69.28 -31.28 88.28
N GLN BD 129 68.89 -32.33 88.99
CA GLN BD 129 68.58 -33.59 88.33
C GLN BD 129 67.40 -33.41 87.38
N PRO BD 130 67.46 -33.93 86.16
CA PRO BD 130 66.32 -33.83 85.24
C PRO BD 130 65.25 -34.85 85.60
N LYS BD 131 64.07 -34.38 85.93
CA LYS BD 131 63.00 -35.27 86.34
C LYS BD 131 62.59 -36.17 85.17
N PRO BD 132 62.40 -37.47 85.41
CA PRO BD 132 61.98 -38.35 84.31
C PRO BD 132 60.58 -37.99 83.85
N PRO BD 133 60.25 -38.27 82.58
CA PRO BD 133 58.89 -37.98 82.11
C PRO BD 133 57.86 -38.83 82.83
N SER BD 134 56.66 -38.28 82.96
CA SER BD 134 55.58 -38.96 83.65
C SER BD 134 55.01 -40.07 82.77
N PHE BD 135 53.96 -40.72 83.26
CA PHE BD 135 53.33 -41.84 82.56
C PHE BD 135 52.53 -41.28 81.39
N THR CD 3 101.02 -20.68 66.69
CA THR CD 3 100.94 -19.46 65.90
C THR CD 3 99.76 -19.49 64.93
N PHE CD 4 99.30 -20.68 64.55
CA PHE CD 4 98.14 -20.76 63.67
C PHE CD 4 96.91 -20.14 64.32
N ILE CD 5 96.72 -20.38 65.63
CA ILE CD 5 95.58 -19.80 66.32
C ILE CD 5 95.64 -18.28 66.22
N GLU CD 6 96.84 -17.71 66.33
CA GLU CD 6 97.00 -16.26 66.13
C GLU CD 6 96.55 -15.87 64.74
N LEU CD 7 96.91 -16.67 63.73
CA LEU CD 7 96.51 -16.35 62.36
C LEU CD 7 94.99 -16.36 62.22
N VAL CD 8 94.29 -17.10 63.08
CA VAL CD 8 92.84 -17.13 63.06
C VAL CD 8 92.22 -16.28 64.16
N LYS CD 9 92.98 -15.96 65.22
CA LYS CD 9 92.43 -15.13 66.29
C LYS CD 9 91.93 -13.79 65.78
N ASN CD 10 92.51 -13.30 64.68
CA ASN CD 10 92.04 -12.06 64.07
C ASN CD 10 90.84 -12.25 63.16
N MET CD 11 90.51 -13.48 62.80
CA MET CD 11 89.36 -13.71 61.94
C MET CD 11 88.06 -13.31 62.63
N LYS CD 12 87.10 -12.84 61.83
CA LYS CD 12 85.83 -12.40 62.38
C LYS CD 12 85.08 -13.54 63.07
N GLY CD 13 85.07 -14.72 62.45
CA GLY CD 13 84.31 -15.83 62.98
C GLY CD 13 85.08 -16.71 63.95
N TYR CD 14 86.28 -16.29 64.32
CA TYR CD 14 87.08 -17.06 65.26
C TYR CD 14 86.40 -17.13 66.62
N LYS CD 15 86.49 -18.30 67.26
CA LYS CD 15 85.85 -18.52 68.54
C LYS CD 15 86.78 -19.32 69.43
N GLU CD 16 86.61 -19.15 70.75
CA GLU CD 16 87.39 -19.89 71.74
C GLU CD 16 86.66 -21.21 72.02
N LEU CD 17 86.84 -22.16 71.09
CA LEU CD 17 86.21 -23.46 71.25
C LEU CD 17 86.80 -24.25 72.41
N LEU CD 18 87.98 -23.89 72.88
CA LEU CD 18 88.62 -24.60 73.99
C LEU CD 18 87.91 -24.24 75.28
N LEU CD 19 87.04 -25.13 75.76
CA LEU CD 19 86.28 -24.86 76.97
C LEU CD 19 87.18 -24.99 78.19
N PRO CD 20 86.73 -24.47 79.33
CA PRO CD 20 87.56 -24.53 80.55
C PRO CD 20 87.92 -25.97 80.90
N MET CD 21 89.14 -26.15 81.40
CA MET CD 21 89.60 -27.49 81.78
C MET CD 21 88.72 -28.09 82.85
N GLU CD 22 88.34 -27.30 83.86
CA GLU CD 22 87.47 -27.81 84.92
C GLU CD 22 86.12 -28.25 84.37
N MET CD 23 85.66 -27.60 83.29
CA MET CD 23 84.34 -27.90 82.75
C MET CD 23 84.27 -29.34 82.23
N VAL CD 24 85.29 -29.78 81.53
CA VAL CD 24 85.26 -31.10 80.89
C VAL CD 24 85.57 -32.19 81.90
N PRO CD 25 85.10 -33.42 81.71
CA PRO CD 25 85.43 -34.51 82.63
C PRO CD 25 86.77 -35.16 82.31
N LEU CD 26 87.08 -36.25 83.00
CA LEU CD 26 88.34 -36.95 82.75
C LEU CD 26 88.33 -37.58 81.37
N PRO CD 27 89.52 -37.87 80.81
CA PRO CD 27 89.56 -38.40 79.44
C PRO CD 27 88.78 -39.68 79.25
N ALA CD 28 88.77 -40.56 80.25
CA ALA CD 28 88.11 -41.86 80.08
C ALA CD 28 86.62 -41.69 79.84
N VAL CD 29 85.97 -40.78 80.58
CA VAL CD 29 84.53 -40.62 80.45
C VAL CD 29 84.17 -40.06 79.08
N VAL CD 30 85.01 -39.16 78.54
CA VAL CD 30 84.70 -38.54 77.26
C VAL CD 30 84.63 -39.60 76.16
N LEU CD 31 85.57 -40.55 76.18
CA LEU CD 31 85.57 -41.60 75.18
C LEU CD 31 84.25 -42.35 75.14
N LYS CD 32 83.58 -42.46 76.29
CA LYS CD 32 82.29 -43.14 76.34
C LYS CD 32 81.27 -42.44 75.45
N HIS CD 33 81.23 -41.10 75.50
CA HIS CD 33 80.25 -40.36 74.72
C HIS CD 33 80.56 -40.42 73.23
N VAL CD 34 81.83 -40.58 72.88
CA VAL CD 34 82.19 -40.65 71.46
C VAL CD 34 81.54 -41.85 70.81
N LYS CD 35 81.59 -43.00 71.48
CA LYS CD 35 80.90 -44.19 70.97
C LYS CD 35 79.40 -43.96 70.90
N LEU CD 36 78.83 -43.35 71.94
CA LEU CD 36 77.38 -43.15 71.98
C LEU CD 36 76.93 -42.17 70.90
N ILE CD 37 77.66 -41.06 70.73
CA ILE CD 37 77.25 -40.07 69.74
C ILE CD 37 77.46 -40.60 68.33
N LEU CD 38 78.61 -41.25 68.08
CA LEU CD 38 78.84 -41.84 66.76
C LEU CD 38 77.83 -42.92 66.46
N THR CD 39 77.56 -43.79 67.44
CA THR CD 39 76.59 -44.85 67.24
C THR CD 39 75.20 -44.30 66.97
N SER CD 40 74.77 -43.31 67.75
CA SER CD 40 73.44 -42.75 67.57
C SER CD 40 73.30 -42.08 66.20
N GLN CD 41 74.32 -41.33 65.78
CA GLN CD 41 74.24 -40.62 64.51
C GLN CD 41 74.25 -41.61 63.35
N LYS CD 42 73.47 -41.30 62.32
CA LYS CD 42 73.32 -42.18 61.17
C LYS CD 42 73.89 -41.60 59.88
N GLU CD 43 73.50 -40.37 59.53
CA GLU CD 43 73.98 -39.77 58.30
C GLU CD 43 75.49 -39.60 58.34
N HIS CD 44 76.14 -39.90 57.22
CA HIS CD 44 77.60 -39.84 57.13
C HIS CD 44 78.03 -38.45 56.67
N GLN CD 45 78.83 -37.79 57.49
CA GLN CD 45 79.43 -36.50 57.17
C GLN CD 45 80.90 -36.55 57.54
N PRO CD 46 81.72 -35.67 56.96
CA PRO CD 46 83.16 -35.73 57.24
C PRO CD 46 83.52 -35.51 58.69
N TRP CD 47 82.69 -34.81 59.46
CA TRP CD 47 83.05 -34.51 60.85
C TRP CD 47 83.16 -35.77 61.69
N MET CD 48 82.21 -36.70 61.53
CA MET CD 48 82.28 -37.94 62.30
C MET CD 48 83.50 -38.76 61.89
N THR CD 49 83.82 -38.79 60.60
CA THR CD 49 85.01 -39.48 60.14
C THR CD 49 86.26 -38.89 60.77
N GLU CD 50 86.36 -37.56 60.78
CA GLU CD 50 87.49 -36.90 61.42
C GLU CD 50 87.39 -36.93 62.94
N MET CD 51 86.16 -36.93 63.47
CA MET CD 51 85.97 -36.94 64.91
C MET CD 51 86.57 -38.22 65.53
N ALA CD 52 86.35 -39.35 64.88
CA ALA CD 52 86.90 -40.61 65.39
C ALA CD 52 88.42 -40.57 65.38
N LEU CD 53 89.02 -40.05 64.32
CA LEU CD 53 90.47 -40.00 64.22
C LEU CD 53 91.07 -39.17 65.34
N LYS CD 54 90.46 -38.02 65.63
CA LYS CD 54 90.98 -37.15 66.68
C LYS CD 54 90.95 -37.84 68.03
N ALA CD 55 89.88 -38.58 68.32
CA ALA CD 55 89.77 -39.28 69.60
C ALA CD 55 90.69 -40.50 69.65
N ASP CD 56 91.00 -41.08 68.48
CA ASP CD 56 91.81 -42.29 68.46
C ASP CD 56 93.20 -42.03 69.04
N GLN CD 57 93.78 -40.87 68.75
CA GLN CD 57 95.13 -40.58 69.22
C GLN CD 57 95.23 -40.71 70.73
N CYS CD 58 94.19 -40.30 71.45
CA CYS CD 58 94.22 -40.38 72.90
C CYS CD 58 94.41 -41.81 73.38
N LEU CD 59 93.83 -42.78 72.66
CA LEU CD 59 93.97 -44.17 73.07
C LEU CD 59 95.42 -44.62 73.03
N ILE CD 60 96.16 -44.22 72.00
CA ILE CD 60 97.57 -44.63 71.89
C ILE CD 60 98.36 -44.09 73.07
N HIS CD 61 98.13 -42.84 73.45
CA HIS CD 61 98.86 -42.26 74.56
C HIS CD 61 98.55 -43.00 75.86
N LYS CD 62 97.34 -43.52 76.02
CA LYS CD 62 97.00 -44.29 77.21
C LYS CD 62 97.93 -45.48 77.36
N ALA CD 63 98.11 -46.25 76.29
CA ALA CD 63 98.99 -47.41 76.34
C ALA CD 63 100.46 -47.00 76.27
N THR CD 64 100.77 -45.93 75.55
CA THR CD 64 102.16 -45.48 75.44
C THR CD 64 102.74 -45.18 76.81
N LEU CD 65 102.02 -44.40 77.62
CA LEU CD 65 102.48 -44.11 78.97
C LEU CD 65 102.29 -45.30 79.90
N PRO CD 78 110.32 -33.99 81.68
CA PRO CD 78 109.59 -33.03 80.84
C PRO CD 78 108.82 -33.70 79.72
N LEU CD 79 109.35 -34.78 79.15
CA LEU CD 79 108.66 -35.45 78.06
C LEU CD 79 107.36 -36.08 78.53
N ILE CD 80 107.42 -36.85 79.61
CA ILE CD 80 106.22 -37.53 80.11
C ILE CD 80 105.19 -36.51 80.58
N GLU CD 81 105.64 -35.49 81.31
CA GLU CD 81 104.70 -34.51 81.84
C GLU CD 81 103.97 -33.78 80.72
N ALA CD 82 104.66 -33.45 79.64
CA ALA CD 82 104.03 -32.76 78.53
C ALA CD 82 102.91 -33.61 77.91
N MET CD 83 103.15 -34.92 77.78
CA MET CD 83 102.13 -35.78 77.21
C MET CD 83 100.86 -35.77 78.04
N GLN CD 84 100.99 -35.72 79.36
CA GLN CD 84 99.81 -35.69 80.22
C GLN CD 84 98.97 -34.45 79.91
N GLN CD 85 99.61 -33.30 79.73
CA GLN CD 85 98.88 -32.09 79.38
C GLN CD 85 98.33 -32.18 77.95
N ILE CD 86 99.05 -32.86 77.06
CA ILE CD 86 98.59 -32.98 75.67
C ILE CD 86 97.28 -33.76 75.62
N ILE CD 87 97.17 -34.83 76.40
CA ILE CD 87 95.95 -35.61 76.40
C ILE CD 87 94.76 -34.74 76.83
N LEU CD 88 94.95 -33.94 77.87
CA LEU CD 88 93.88 -33.06 78.32
C LEU CD 88 93.55 -32.01 77.26
N ALA CD 89 94.54 -31.63 76.44
CA ALA CD 89 94.28 -30.65 75.39
C ALA CD 89 93.26 -31.18 74.39
N MET CD 90 93.39 -32.45 74.01
CA MET CD 90 92.46 -33.02 73.04
C MET CD 90 91.08 -33.23 73.66
N THR CD 91 91.02 -33.52 74.96
CA THR CD 91 89.73 -33.73 75.60
C THR CD 91 88.86 -32.49 75.51
N ARG CD 92 89.44 -31.32 75.73
CA ARG CD 92 88.67 -30.08 75.61
C ARG CD 92 88.14 -29.91 74.19
N GLU CD 93 88.98 -30.20 73.20
CA GLU CD 93 88.54 -30.09 71.80
C GLU CD 93 87.42 -31.08 71.50
N LEU CD 94 87.56 -32.32 71.99
CA LEU CD 94 86.54 -33.32 71.72
C LEU CD 94 85.21 -32.96 72.35
N TRP CD 95 85.22 -32.48 73.60
CA TRP CD 95 83.97 -32.16 74.28
C TRP CD 95 83.22 -31.05 73.56
N GLY CD 96 83.95 -30.16 72.88
CA GLY CD 96 83.27 -29.09 72.15
C GLY CD 96 82.37 -29.63 71.05
N GLN CD 97 82.89 -30.57 70.25
CA GLN CD 97 82.07 -31.17 69.20
C GLN CD 97 80.90 -31.94 69.79
N ILE CD 98 81.12 -32.60 70.94
CA ILE CD 98 80.04 -33.34 71.59
C ILE CD 98 78.90 -32.40 71.95
N GLN CD 99 79.21 -31.29 72.61
CA GLN CD 99 78.17 -30.36 73.04
C GLN CD 99 77.55 -29.64 71.85
N ARG CD 100 78.37 -29.22 70.88
CA ARG CD 100 77.84 -28.51 69.73
C ARG CD 100 76.91 -29.41 68.92
N HIS CD 101 77.28 -30.68 68.75
CA HIS CD 101 76.43 -31.59 67.99
C HIS CD 101 75.12 -31.86 68.72
N HIS CD 102 75.17 -32.09 70.03
CA HIS CD 102 73.96 -32.39 70.79
C HIS CD 102 73.01 -31.19 70.81
N TYR CD 103 73.53 -30.03 71.20
CA TYR CD 103 72.72 -28.82 71.33
C TYR CD 103 72.82 -27.94 70.08
N GLY CD 104 74.02 -27.49 69.76
CA GLY CD 104 74.23 -26.60 68.63
C GLY CD 104 75.48 -25.77 68.82
N ILE CD 105 75.97 -25.25 67.71
CA ILE CD 105 77.21 -24.47 67.75
C ILE CD 105 77.00 -23.17 68.52
N VAL CD 106 75.89 -22.48 68.26
CA VAL CD 106 75.65 -21.20 68.91
C VAL CD 106 75.41 -21.37 70.40
N GLN CD 107 74.67 -22.41 70.78
CA GLN CD 107 74.29 -22.59 72.18
C GLN CD 107 75.52 -22.77 73.06
N VAL CD 108 76.48 -23.59 72.61
CA VAL CD 108 77.70 -23.79 73.39
C VAL CD 108 78.46 -22.48 73.54
N GLU CD 109 78.63 -21.75 72.43
CA GLU CD 109 79.28 -20.45 72.51
C GLU CD 109 78.49 -19.49 73.39
N HIS CD 110 77.16 -19.62 73.39
CA HIS CD 110 76.32 -18.74 74.19
C HIS CD 110 76.34 -19.14 75.67
N TYR CD 111 76.40 -20.44 75.96
CA TYR CD 111 76.27 -20.92 77.32
C TYR CD 111 77.61 -21.02 78.06
N VAL CD 112 78.71 -21.21 77.34
CA VAL CD 112 80.00 -21.40 78.00
C VAL CD 112 80.36 -20.18 78.83
N LYS CD 113 80.15 -18.98 78.28
CA LYS CD 113 80.54 -17.77 78.99
C LYS CD 113 79.73 -17.59 80.27
N GLN CD 114 78.45 -17.96 80.24
CA GLN CD 114 77.59 -17.72 81.40
C GLN CD 114 78.12 -18.41 82.65
N ILE CD 115 78.51 -19.68 82.52
CA ILE CD 115 78.99 -20.41 83.68
C ILE CD 115 80.32 -19.84 84.17
N THR CD 116 81.17 -19.38 83.25
CA THR CD 116 82.44 -18.80 83.66
C THR CD 116 82.22 -17.56 84.51
N LEU CD 117 81.25 -16.73 84.13
CA LEU CD 117 80.93 -15.55 84.92
C LEU CD 117 80.46 -15.93 86.32
N TRP CD 118 79.60 -16.94 86.42
CA TRP CD 118 79.09 -17.35 87.72
C TRP CD 118 80.21 -17.77 88.65
N GLN CD 119 81.34 -18.23 88.11
CA GLN CD 119 82.48 -18.61 88.94
C GLN CD 119 83.32 -17.40 89.31
N ASP CD 120 83.69 -16.59 88.32
CA ASP CD 120 84.54 -15.42 88.54
C ASP CD 120 83.67 -14.31 89.14
N THR CD 121 83.34 -14.48 90.41
CA THR CD 121 82.51 -13.52 91.14
C THR CD 121 82.77 -13.71 92.62
N PRO CD 122 82.63 -12.67 93.45
CA PRO CD 122 82.96 -12.82 94.87
C PRO CD 122 81.99 -13.72 95.62
N GLN CD 123 82.10 -15.02 95.38
CA GLN CD 123 81.36 -16.06 96.11
C GLN CD 123 79.94 -15.66 96.46
N ALA CD 124 79.79 -14.69 97.38
CA ALA CD 124 78.46 -14.39 97.92
C ALA CD 124 77.47 -14.05 96.81
N PHE CD 125 77.82 -13.10 95.96
CA PHE CD 125 76.95 -12.71 94.85
C PHE CD 125 77.32 -13.46 93.58
N ARG CD 126 77.42 -14.78 93.68
CA ARG CD 126 77.81 -15.59 92.53
C ARG CD 126 76.70 -15.58 91.47
N GLY CD 127 75.45 -15.64 91.90
CA GLY CD 127 74.33 -15.65 90.98
C GLY CD 127 73.22 -16.56 91.45
N ASP CD 128 72.71 -17.40 90.55
CA ASP CD 128 71.62 -18.32 90.89
C ASP CD 128 71.86 -19.70 90.29
N GLN CD 129 73.13 -20.11 90.16
CA GLN CD 129 73.45 -21.42 89.61
C GLN CD 129 72.84 -21.55 88.22
N PRO CD 130 73.38 -20.86 87.22
CA PRO CD 130 72.72 -20.85 85.91
C PRO CD 130 72.47 -22.24 85.38
N LYS CD 131 71.27 -22.45 84.86
CA LYS CD 131 70.87 -23.76 84.38
C LYS CD 131 71.61 -24.10 83.08
N PRO CD 132 71.92 -25.38 82.86
CA PRO CD 132 72.53 -25.78 81.59
C PRO CD 132 71.52 -25.68 80.46
N PRO CD 133 71.98 -25.61 79.22
CA PRO CD 133 71.04 -25.42 78.10
C PRO CD 133 70.04 -26.56 78.00
N THR DD 3 -35.66 -109.19 55.17
CA THR DD 3 -34.55 -108.54 55.87
C THR DD 3 -34.03 -107.34 55.10
N PHE DD 4 -33.92 -107.46 53.77
CA PHE DD 4 -33.36 -106.38 52.97
C PHE DD 4 -34.21 -105.12 53.07
N ILE DD 5 -35.53 -105.26 52.99
CA ILE DD 5 -36.41 -104.09 53.03
C ILE DD 5 -36.22 -103.33 54.33
N GLU DD 6 -36.03 -104.06 55.43
CA GLU DD 6 -35.76 -103.41 56.71
C GLU DD 6 -34.51 -102.55 56.61
N LEU DD 7 -33.47 -103.04 55.93
CA LEU DD 7 -32.24 -102.27 55.78
C LEU DD 7 -32.48 -101.00 54.99
N VAL DD 8 -33.28 -101.09 53.92
CA VAL DD 8 -33.52 -99.92 53.08
C VAL DD 8 -34.33 -98.88 53.84
N LYS DD 9 -35.32 -99.33 54.62
CA LYS DD 9 -36.12 -98.38 55.39
C LYS DD 9 -35.24 -97.54 56.31
N ASN DD 10 -34.08 -98.07 56.72
CA ASN DD 10 -33.12 -97.33 57.52
C ASN DD 10 -32.23 -96.47 56.62
N MET DD 11 -32.89 -95.59 55.85
CA MET DD 11 -32.19 -94.72 54.92
C MET DD 11 -32.88 -93.36 54.90
N LYS DD 12 -32.14 -92.36 54.41
CA LYS DD 12 -32.59 -90.99 54.42
C LYS DD 12 -33.27 -90.63 53.11
N GLY DD 13 -34.37 -89.89 53.20
CA GLY DD 13 -35.18 -89.59 52.04
C GLY DD 13 -36.14 -90.68 51.64
N TYR DD 14 -36.38 -91.66 52.50
CA TYR DD 14 -37.24 -92.79 52.18
C TYR DD 14 -38.70 -92.37 52.33
N LYS DD 15 -39.43 -92.35 51.21
CA LYS DD 15 -40.85 -92.03 51.19
C LYS DD 15 -41.61 -93.30 50.84
N GLU DD 16 -42.50 -93.73 51.73
CA GLU DD 16 -43.25 -94.95 51.50
C GLU DD 16 -44.25 -94.75 50.35
N LEU DD 17 -44.48 -95.83 49.60
CA LEU DD 17 -45.36 -95.77 48.45
C LEU DD 17 -46.28 -96.97 48.34
N LEU DD 18 -46.39 -97.80 49.38
CA LEU DD 18 -47.21 -99.00 49.36
C LEU DD 18 -48.34 -98.86 50.36
N LEU DD 19 -49.56 -99.15 49.91
CA LEU DD 19 -50.72 -99.09 50.78
C LEU DD 19 -50.86 -100.36 51.60
N PRO DD 20 -51.67 -100.33 52.65
CA PRO DD 20 -51.91 -101.55 53.43
C PRO DD 20 -52.52 -102.65 52.57
N MET DD 21 -52.19 -103.89 52.91
CA MET DD 21 -52.71 -105.03 52.17
C MET DD 21 -54.23 -105.06 52.17
N GLU DD 22 -54.86 -104.48 53.18
CA GLU DD 22 -56.31 -104.49 53.31
C GLU DD 22 -57.00 -103.50 52.39
N MET DD 23 -56.25 -102.58 51.76
CA MET DD 23 -56.84 -101.56 50.91
C MET DD 23 -56.58 -101.76 49.43
N VAL DD 24 -55.53 -102.50 49.06
CA VAL DD 24 -55.20 -102.70 47.65
C VAL DD 24 -56.30 -103.53 47.01
N PRO DD 25 -56.57 -103.36 45.71
CA PRO DD 25 -57.63 -104.14 45.06
C PRO DD 25 -57.27 -105.63 45.04
N LEU DD 26 -58.26 -106.42 44.62
CA LEU DD 26 -58.02 -107.83 44.40
C LEU DD 26 -57.07 -108.02 43.23
N PRO DD 27 -56.31 -109.12 43.21
CA PRO DD 27 -55.33 -109.31 42.13
C PRO DD 27 -55.96 -109.26 40.74
N ALA DD 28 -57.17 -109.78 40.60
CA ALA DD 28 -57.83 -109.76 39.29
C ALA DD 28 -58.05 -108.33 38.81
N VAL DD 29 -58.45 -107.44 39.72
CA VAL DD 29 -58.75 -106.06 39.33
C VAL DD 29 -57.48 -105.35 38.88
N VAL DD 30 -56.36 -105.64 39.54
CA VAL DD 30 -55.12 -104.92 39.23
C VAL DD 30 -54.71 -105.16 37.79
N LEU DD 31 -54.80 -106.41 37.34
CA LEU DD 31 -54.40 -106.74 35.98
C LEU DD 31 -55.16 -105.91 34.96
N LYS DD 32 -56.39 -105.52 35.27
CA LYS DD 32 -57.19 -104.75 34.34
C LYS DD 32 -56.53 -103.41 34.02
N HIS DD 33 -56.02 -102.73 35.05
CA HIS DD 33 -55.34 -101.45 34.82
C HIS DD 33 -54.02 -101.65 34.08
N VAL DD 34 -53.40 -102.81 34.24
CA VAL DD 34 -52.12 -103.04 33.56
C VAL DD 34 -52.30 -102.99 32.05
N LYS DD 35 -53.36 -103.63 31.55
CA LYS DD 35 -53.58 -103.64 30.11
C LYS DD 35 -53.83 -102.23 29.59
N LEU DD 36 -54.63 -101.45 30.30
CA LEU DD 36 -54.92 -100.09 29.87
C LEU DD 36 -53.65 -99.24 29.91
N ILE DD 37 -52.93 -99.27 31.02
CA ILE DD 37 -51.75 -98.43 31.18
C ILE DD 37 -50.68 -98.84 30.17
N LEU DD 38 -50.44 -100.14 30.04
CA LEU DD 38 -49.46 -100.62 29.07
C LEU DD 38 -49.88 -100.27 27.65
N THR DD 39 -51.11 -100.63 27.27
CA THR DD 39 -51.55 -100.47 25.90
C THR DD 39 -51.80 -99.01 25.57
N SER DD 40 -52.48 -98.28 26.47
CA SER DD 40 -52.79 -96.87 26.24
C SER DD 40 -51.58 -96.02 26.66
N GLN DD 41 -50.48 -96.25 25.95
CA GLN DD 41 -49.25 -95.51 26.19
C GLN DD 41 -48.50 -95.31 24.88
N LYS DD 42 -47.74 -94.22 24.82
CA LYS DD 42 -46.95 -93.88 23.65
C LYS DD 42 -45.53 -93.59 24.09
N GLU DD 43 -44.58 -93.86 23.20
CA GLU DD 43 -43.16 -93.66 23.48
C GLU DD 43 -42.73 -94.48 24.70
N HIS DD 44 -42.81 -95.80 24.51
CA HIS DD 44 -42.52 -96.75 25.58
C HIS DD 44 -41.31 -96.32 26.40
N GLN DD 45 -41.44 -96.43 27.71
CA GLN DD 45 -40.43 -96.01 28.66
C GLN DD 45 -39.95 -97.21 29.47
N PRO DD 46 -38.76 -97.12 30.07
CA PRO DD 46 -38.21 -98.30 30.76
C PRO DD 46 -39.10 -98.87 31.84
N TRP DD 47 -39.80 -98.00 32.59
CA TRP DD 47 -40.63 -98.50 33.68
C TRP DD 47 -41.79 -99.35 33.19
N MET DD 48 -42.19 -99.20 31.93
CA MET DD 48 -43.26 -100.04 31.40
C MET DD 48 -42.85 -101.50 31.40
N THR DD 49 -41.60 -101.78 31.02
CA THR DD 49 -41.14 -103.17 31.00
C THR DD 49 -41.18 -103.78 32.39
N GLU DD 50 -40.78 -103.02 33.41
CA GLU DD 50 -40.77 -103.54 34.76
C GLU DD 50 -42.18 -103.96 35.20
N MET DD 51 -43.18 -103.15 34.85
CA MET DD 51 -44.55 -103.46 35.25
C MET DD 51 -45.01 -104.78 34.67
N ALA DD 52 -44.72 -105.02 33.38
CA ALA DD 52 -45.19 -106.24 32.74
C ALA DD 52 -44.53 -107.47 33.35
N LEU DD 53 -43.23 -107.38 33.64
CA LEU DD 53 -42.51 -108.54 34.17
C LEU DD 53 -43.11 -109.01 35.49
N LYS DD 54 -43.42 -108.07 36.39
CA LYS DD 54 -44.00 -108.43 37.68
C LYS DD 54 -45.41 -108.99 37.49
N ALA DD 55 -46.15 -108.46 36.52
CA ALA DD 55 -47.54 -108.89 36.34
C ALA DD 55 -47.63 -110.37 36.03
N ASP DD 56 -46.78 -110.88 35.15
CA ASP DD 56 -46.85 -112.28 34.78
C ASP DD 56 -46.54 -113.18 35.97
N GLN DD 57 -45.74 -112.69 36.94
CA GLN DD 57 -45.41 -113.50 38.10
C GLN DD 57 -46.66 -113.85 38.89
N CYS DD 58 -47.57 -112.88 39.08
CA CYS DD 58 -48.79 -113.16 39.81
C CYS DD 58 -49.62 -114.21 39.09
N LEU DD 59 -49.69 -114.13 37.75
CA LEU DD 59 -50.41 -115.14 36.99
C LEU DD 59 -49.78 -116.51 37.17
N ILE DD 60 -48.45 -116.58 37.17
CA ILE DD 60 -47.77 -117.86 37.34
C ILE DD 60 -48.12 -118.48 38.69
N HIS DD 61 -48.03 -117.67 39.76
CA HIS DD 61 -48.43 -118.16 41.07
C HIS DD 61 -49.92 -118.47 41.11
N LYS DD 62 -50.73 -117.60 40.48
CA LYS DD 62 -52.17 -117.84 40.45
C LYS DD 62 -52.50 -119.13 39.72
N ALA DD 63 -51.81 -119.39 38.60
CA ALA DD 63 -52.02 -120.62 37.85
C ALA DD 63 -51.45 -121.84 38.57
N THR DD 64 -50.69 -121.65 39.65
CA THR DD 64 -50.09 -122.77 40.36
C THR DD 64 -51.01 -123.37 41.41
N LEU DD 65 -51.96 -122.58 41.93
CA LEU DD 65 -52.85 -123.10 42.97
C LEU DD 65 -53.73 -124.22 42.46
N ASP DD 66 -54.20 -124.14 41.22
CA ASP DD 66 -55.05 -125.20 40.68
C ASP DD 66 -54.35 -126.55 40.72
N PRO DD 78 -48.57 -126.22 54.58
CA PRO DD 78 -47.87 -124.93 54.43
C PRO DD 78 -47.41 -124.64 53.01
N LEU DD 79 -46.73 -125.59 52.38
CA LEU DD 79 -46.13 -125.33 51.07
C LEU DD 79 -47.19 -124.96 50.05
N ILE DD 80 -48.29 -125.70 50.02
CA ILE DD 80 -49.36 -125.42 49.05
C ILE DD 80 -49.94 -124.03 49.31
N GLU DD 81 -50.21 -123.71 50.57
CA GLU DD 81 -50.79 -122.42 50.93
C GLU DD 81 -49.76 -121.31 51.05
N ALA DD 82 -48.47 -121.65 51.13
CA ALA DD 82 -47.45 -120.63 51.31
C ALA DD 82 -47.39 -119.68 50.11
N MET DD 83 -47.49 -120.22 48.89
CA MET DD 83 -47.41 -119.37 47.71
C MET DD 83 -48.52 -118.33 47.67
N GLN DD 84 -49.68 -118.65 48.26
CA GLN DD 84 -50.78 -117.70 48.25
C GLN DD 84 -50.41 -116.40 48.96
N GLN DD 85 -49.52 -116.47 49.95
CA GLN DD 85 -49.12 -115.27 50.66
C GLN DD 85 -48.42 -114.29 49.73
N ILE DD 86 -47.55 -114.79 48.85
CA ILE DD 86 -46.81 -113.92 47.95
C ILE DD 86 -47.75 -113.24 46.96
N ILE DD 87 -48.79 -113.95 46.53
CA ILE DD 87 -49.71 -113.40 45.53
C ILE DD 87 -50.30 -112.08 46.04
N LEU DD 88 -50.79 -112.08 47.27
CA LEU DD 88 -51.33 -110.85 47.85
C LEU DD 88 -50.25 -109.78 47.96
N ALA DD 89 -49.05 -110.17 48.39
CA ALA DD 89 -47.96 -109.20 48.52
C ALA DD 89 -47.58 -108.62 47.16
N MET DD 90 -47.54 -109.46 46.13
CA MET DD 90 -47.12 -108.99 44.81
C MET DD 90 -48.01 -107.85 44.33
N THR DD 91 -49.30 -107.91 44.63
CA THR DD 91 -50.21 -106.84 44.24
C THR DD 91 -49.83 -105.53 44.90
N ARG DD 92 -49.47 -105.58 46.18
CA ARG DD 92 -49.15 -104.35 46.91
C ARG DD 92 -48.03 -103.58 46.24
N GLU DD 93 -46.95 -104.28 45.86
CA GLU DD 93 -45.88 -103.62 45.12
C GLU DD 93 -46.34 -103.24 43.72
N LEU DD 94 -47.13 -104.10 43.08
CA LEU DD 94 -47.59 -103.82 41.73
C LEU DD 94 -48.51 -102.62 41.70
N TRP DD 95 -49.44 -102.52 42.67
CA TRP DD 95 -50.37 -101.40 42.69
C TRP DD 95 -49.65 -100.08 42.91
N GLY DD 96 -48.48 -100.11 43.53
CA GLY DD 96 -47.75 -98.88 43.77
C GLY DD 96 -47.36 -98.18 42.48
N GLN DD 97 -46.96 -98.95 41.47
CA GLN DD 97 -46.56 -98.35 40.19
C GLN DD 97 -47.78 -97.82 39.45
N ILE DD 98 -48.94 -98.44 39.63
CA ILE DD 98 -50.15 -97.96 38.95
C ILE DD 98 -50.47 -96.54 39.37
N GLN DD 99 -50.43 -96.27 40.68
CA GLN DD 99 -50.75 -94.93 41.17
C GLN DD 99 -49.70 -93.91 40.72
N ARG DD 100 -48.44 -94.32 40.60
CA ARG DD 100 -47.42 -93.41 40.11
C ARG DD 100 -47.75 -92.94 38.69
N HIS DD 101 -48.17 -93.85 37.83
CA HIS DD 101 -48.53 -93.47 36.46
C HIS DD 101 -49.77 -92.59 36.45
N HIS DD 102 -50.80 -92.98 37.21
CA HIS DD 102 -52.04 -92.21 37.22
C HIS DD 102 -51.86 -90.88 37.94
N TYR DD 103 -51.53 -90.93 39.23
CA TYR DD 103 -51.42 -89.73 40.03
C TYR DD 103 -50.06 -89.05 39.84
N GLY DD 104 -48.99 -89.75 40.20
CA GLY DD 104 -47.65 -89.20 40.17
C GLY DD 104 -46.94 -89.61 41.45
N ILE DD 105 -45.61 -89.73 41.36
CA ILE DD 105 -44.83 -90.22 42.49
C ILE DD 105 -44.96 -89.26 43.67
N VAL DD 106 -44.85 -87.96 43.42
CA VAL DD 106 -44.87 -86.98 44.51
C VAL DD 106 -46.21 -87.02 45.22
N GLN DD 107 -47.31 -87.03 44.47
CA GLN DD 107 -48.62 -87.00 45.08
C GLN DD 107 -48.89 -88.26 45.90
N VAL DD 108 -48.38 -89.40 45.44
CA VAL DD 108 -48.64 -90.66 46.15
C VAL DD 108 -48.06 -90.60 47.56
N GLU DD 109 -46.85 -90.09 47.69
CA GLU DD 109 -46.21 -90.03 49.00
C GLU DD 109 -47.12 -89.34 50.02
N HIS DD 110 -47.68 -88.19 49.65
CA HIS DD 110 -48.59 -87.49 50.55
C HIS DD 110 -49.82 -88.33 50.83
N TYR DD 111 -50.38 -88.97 49.81
CA TYR DD 111 -51.61 -89.74 50.00
C TYR DD 111 -51.41 -90.88 50.98
N VAL DD 112 -50.30 -91.60 50.88
CA VAL DD 112 -50.08 -92.75 51.75
C VAL DD 112 -50.02 -92.32 53.20
N LYS DD 113 -49.24 -91.27 53.48
CA LYS DD 113 -49.11 -90.81 54.86
C LYS DD 113 -50.46 -90.33 55.40
N GLN DD 114 -51.22 -89.62 54.57
CA GLN DD 114 -52.56 -89.21 54.99
C GLN DD 114 -53.42 -90.43 55.30
N ILE DD 115 -53.33 -91.46 54.46
CA ILE DD 115 -54.05 -92.70 54.73
C ILE DD 115 -53.53 -93.34 56.01
N THR DD 116 -52.21 -93.37 56.18
CA THR DD 116 -51.63 -94.01 57.35
C THR DD 116 -52.11 -93.33 58.64
N LEU DD 117 -51.99 -92.01 58.69
CA LEU DD 117 -52.49 -91.27 59.86
C LEU DD 117 -53.98 -91.48 60.02
N TRP DD 118 -54.73 -91.45 58.92
CA TRP DD 118 -56.17 -91.69 58.99
C TRP DD 118 -56.46 -93.08 59.54
N GLN DD 119 -55.72 -94.08 59.09
CA GLN DD 119 -55.89 -95.42 59.62
C GLN DD 119 -55.40 -95.52 61.06
N ASP DD 120 -54.35 -94.79 61.39
CA ASP DD 120 -53.79 -94.86 62.74
C ASP DD 120 -54.78 -94.33 63.77
N THR DD 121 -55.44 -93.22 63.47
CA THR DD 121 -56.36 -92.62 64.42
C THR DD 121 -57.52 -93.58 64.70
N PRO DD 122 -57.99 -93.68 65.95
CA PRO DD 122 -59.10 -94.59 66.24
C PRO DD 122 -60.36 -94.21 65.47
N GLN DD 123 -61.14 -95.23 65.12
CA GLN DD 123 -62.32 -95.02 64.30
C GLN DD 123 -63.34 -94.11 64.98
N ALA DD 124 -63.29 -93.98 66.31
CA ALA DD 124 -64.26 -93.14 66.99
C ALA DD 124 -64.17 -91.70 66.53
N PHE DD 125 -62.95 -91.18 66.36
CA PHE DD 125 -62.73 -89.80 65.91
C PHE DD 125 -61.80 -89.79 64.70
N ARG DD 126 -61.85 -90.84 63.89
CA ARG DD 126 -60.94 -90.95 62.75
C ARG DD 126 -61.19 -89.84 61.73
N GLY DD 127 -62.45 -89.55 61.45
CA GLY DD 127 -62.79 -88.55 60.46
C GLY DD 127 -63.01 -89.12 59.08
N ASP DD 128 -63.35 -88.23 58.16
CA ASP DD 128 -63.62 -88.64 56.79
C ASP DD 128 -62.33 -89.12 56.12
N GLN DD 129 -62.45 -90.20 55.36
CA GLN DD 129 -61.30 -90.75 54.66
C GLN DD 129 -60.84 -89.77 53.59
N PRO DD 130 -59.55 -89.46 53.49
CA PRO DD 130 -59.09 -88.52 52.47
C PRO DD 130 -59.25 -89.09 51.07
N LYS DD 131 -59.45 -88.21 50.11
CA LYS DD 131 -59.64 -88.60 48.73
C LYS DD 131 -58.30 -88.67 48.00
N PRO DD 132 -58.23 -89.43 46.90
CA PRO DD 132 -56.97 -89.54 46.17
C PRO DD 132 -56.52 -88.19 45.62
N PRO DD 133 -55.24 -88.04 45.29
CA PRO DD 133 -54.77 -86.76 44.75
C PRO DD 133 -55.28 -86.49 43.34
N SER DD 134 -54.84 -85.38 42.76
CA SER DD 134 -55.21 -85.03 41.40
C SER DD 134 -54.35 -85.79 40.40
N PHE DD 135 -54.94 -86.09 39.24
CA PHE DD 135 -54.24 -86.84 38.21
C PHE DD 135 -53.09 -86.01 37.64
N THR ED 3 -8.17 -41.41 -119.15
CA THR ED 3 -6.94 -41.46 -118.37
C THR ED 3 -6.90 -40.44 -117.25
N PHE ED 4 -7.42 -39.23 -117.47
CA PHE ED 4 -7.35 -38.20 -116.44
C PHE ED 4 -8.10 -38.64 -115.18
N ILE ED 5 -9.28 -39.24 -115.34
CA ILE ED 5 -10.05 -39.68 -114.19
C ILE ED 5 -9.28 -40.76 -113.44
N GLU ED 6 -8.54 -41.60 -114.16
CA GLU ED 6 -7.74 -42.64 -113.50
C GLU ED 6 -6.68 -42.01 -112.61
N LEU ED 7 -6.07 -40.92 -113.06
CA LEU ED 7 -5.05 -40.25 -112.25
C LEU ED 7 -5.64 -39.76 -110.94
N VAL ED 8 -6.86 -39.21 -110.98
CA VAL ED 8 -7.52 -38.76 -109.76
C VAL ED 8 -7.75 -39.94 -108.83
N LYS ED 9 -8.22 -41.07 -109.39
CA LYS ED 9 -8.47 -42.25 -108.58
C LYS ED 9 -7.19 -42.80 -107.96
N ASN ED 10 -6.03 -42.39 -108.45
CA ASN ED 10 -4.75 -42.80 -107.90
C ASN ED 10 -4.24 -41.86 -106.80
N MET ED 11 -5.02 -40.85 -106.43
CA MET ED 11 -4.58 -39.86 -105.47
C MET ED 11 -4.76 -40.38 -104.04
N LYS ED 12 -4.46 -39.52 -103.08
CA LYS ED 12 -4.63 -39.82 -101.66
C LYS ED 12 -5.78 -39.00 -101.12
N GLY ED 13 -6.68 -39.65 -100.39
CA GLY ED 13 -7.86 -39.00 -99.86
C GLY ED 13 -9.03 -38.93 -100.82
N TYR ED 14 -8.88 -39.39 -102.05
CA TYR ED 14 -9.97 -39.39 -102.99
C TYR ED 14 -11.10 -40.31 -102.54
N LYS ED 15 -12.33 -39.87 -102.74
CA LYS ED 15 -13.50 -40.61 -102.32
C LYS ED 15 -14.56 -40.55 -103.41
N GLU ED 16 -15.22 -41.68 -103.66
CA GLU ED 16 -16.24 -41.72 -104.70
C GLU ED 16 -17.46 -40.90 -104.29
N LEU ED 17 -18.06 -40.24 -105.28
CA LEU ED 17 -19.29 -39.49 -105.07
C LEU ED 17 -20.37 -39.81 -106.09
N LEU ED 18 -20.04 -40.50 -107.18
CA LEU ED 18 -21.03 -40.85 -108.19
C LEU ED 18 -21.69 -42.17 -107.83
N LEU ED 19 -22.55 -42.65 -108.72
CA LEU ED 19 -23.33 -43.86 -108.50
C LEU ED 19 -23.30 -44.71 -109.75
N PRO ED 20 -23.62 -45.99 -109.63
CA PRO ED 20 -23.63 -46.86 -110.82
C PRO ED 20 -24.59 -46.34 -111.87
N MET ED 21 -24.24 -46.56 -113.13
CA MET ED 21 -25.05 -46.08 -114.23
C MET ED 21 -26.49 -46.55 -114.10
N GLU ED 22 -26.69 -47.78 -113.60
CA GLU ED 22 -28.04 -48.31 -113.44
C GLU ED 22 -28.84 -47.49 -112.43
N MET ED 23 -28.21 -47.11 -111.32
CA MET ED 23 -28.88 -46.33 -110.28
C MET ED 23 -28.82 -44.83 -110.60
N VAL ED 24 -29.31 -44.50 -111.79
CA VAL ED 24 -29.36 -43.11 -112.25
C VAL ED 24 -30.73 -42.87 -112.87
N PRO ED 25 -31.45 -41.84 -112.44
CA PRO ED 25 -32.77 -41.58 -113.04
C PRO ED 25 -32.67 -41.37 -114.55
N LEU ED 26 -33.84 -41.37 -115.18
CA LEU ED 26 -33.92 -41.17 -116.62
C LEU ED 26 -33.63 -39.71 -116.95
N PRO ED 27 -33.26 -39.41 -118.20
CA PRO ED 27 -33.00 -38.02 -118.58
C PRO ED 27 -34.26 -37.18 -118.57
N ALA ED 28 -34.13 -35.90 -118.90
CA ALA ED 28 -35.27 -34.99 -118.93
C ALA ED 28 -35.88 -34.82 -117.56
N VAL ED 29 -36.47 -35.88 -117.02
CA VAL ED 29 -37.11 -35.79 -115.71
C VAL ED 29 -36.08 -35.44 -114.64
N VAL ED 30 -34.88 -36.03 -114.74
CA VAL ED 30 -33.83 -35.74 -113.77
C VAL ED 30 -33.48 -34.26 -113.76
N LEU ED 31 -33.63 -33.60 -114.91
CA LEU ED 31 -33.33 -32.18 -115.00
C LEU ED 31 -34.28 -31.34 -114.15
N LYS ED 32 -35.42 -31.90 -113.73
CA LYS ED 32 -36.38 -31.13 -112.95
C LYS ED 32 -35.80 -30.69 -111.61
N HIS ED 33 -35.03 -31.57 -110.97
CA HIS ED 33 -34.37 -31.19 -109.72
C HIS ED 33 -33.50 -29.97 -109.88
N VAL ED 34 -33.01 -29.71 -111.10
CA VAL ED 34 -32.18 -28.54 -111.35
C VAL ED 34 -32.98 -27.28 -111.03
N LYS ED 35 -34.22 -27.21 -111.54
CA LYS ED 35 -35.04 -26.03 -111.32
C LYS ED 35 -35.37 -25.86 -109.84
N LEU ED 36 -35.64 -26.96 -109.15
CA LEU ED 36 -36.01 -26.88 -107.74
C LEU ED 36 -34.86 -26.44 -106.86
N ILE ED 37 -33.64 -26.42 -107.37
CA ILE ED 37 -32.46 -26.06 -106.58
C ILE ED 37 -31.93 -24.73 -107.06
N LEU ED 38 -32.16 -24.39 -108.32
CA LEU ED 38 -31.77 -23.10 -108.87
C LEU ED 38 -32.83 -22.04 -108.62
N THR ED 39 -34.06 -22.30 -109.05
CA THR ED 39 -35.13 -21.32 -108.88
C THR ED 39 -35.39 -21.05 -107.41
N SER ED 40 -35.40 -22.09 -106.59
CA SER ED 40 -35.63 -21.96 -105.15
C SER ED 40 -34.29 -21.75 -104.43
N GLN ED 41 -33.59 -20.70 -104.85
CA GLN ED 41 -32.27 -20.40 -104.29
C GLN ED 41 -31.97 -18.92 -104.45
N LYS ED 42 -30.98 -18.46 -103.70
CA LYS ED 42 -30.53 -17.09 -103.73
C LYS ED 42 -29.08 -17.06 -103.27
N GLU ED 43 -28.44 -15.90 -103.43
CA GLU ED 43 -27.03 -15.73 -103.08
C GLU ED 43 -26.16 -16.69 -103.92
N HIS ED 44 -26.19 -16.43 -105.22
CA HIS ED 44 -25.47 -17.21 -106.22
C HIS ED 44 -24.09 -17.59 -105.71
N GLN ED 45 -23.81 -18.89 -105.67
CA GLN ED 45 -22.54 -19.43 -105.24
C GLN ED 45 -21.79 -20.05 -106.42
N PRO ED 46 -20.48 -20.19 -106.31
CA PRO ED 46 -19.70 -20.69 -107.47
C PRO ED 46 -20.17 -22.04 -107.97
N TRP ED 47 -20.56 -22.96 -107.06
CA TRP ED 47 -20.95 -24.30 -107.49
C TRP ED 47 -22.26 -24.27 -108.27
N MET ED 48 -23.11 -23.27 -108.02
CA MET ED 48 -24.38 -23.19 -108.74
C MET ED 48 -24.14 -23.03 -110.25
N THR ED 49 -23.17 -22.21 -110.63
CA THR ED 49 -22.86 -22.03 -112.04
C THR ED 49 -22.39 -23.34 -112.66
N GLU ED 50 -21.58 -24.12 -111.93
CA GLU ED 50 -21.10 -25.38 -112.45
C GLU ED 50 -22.27 -26.31 -112.80
N MET ED 51 -23.25 -26.39 -111.90
CA MET ED 51 -24.42 -27.22 -112.18
C MET ED 51 -25.19 -26.70 -113.39
N ALA ED 52 -25.35 -25.38 -113.48
CA ALA ED 52 -26.10 -24.81 -114.58
C ALA ED 52 -25.43 -25.09 -115.93
N LEU ED 53 -24.11 -24.94 -115.98
CA LEU ED 53 -23.38 -25.14 -117.22
C LEU ED 53 -23.25 -26.60 -117.60
N LYS ED 54 -23.58 -27.53 -116.69
CA LYS ED 54 -23.55 -28.95 -116.98
C LYS ED 54 -24.92 -29.49 -117.38
N ALA ED 55 -25.97 -29.10 -116.66
CA ALA ED 55 -27.31 -29.59 -116.97
C ALA ED 55 -27.75 -29.13 -118.35
N ASP ED 56 -27.47 -27.87 -118.70
CA ASP ED 56 -27.88 -27.34 -119.99
C ASP ED 56 -27.24 -28.10 -121.15
N GLN ED 57 -26.12 -28.77 -120.91
CA GLN ED 57 -25.46 -29.51 -121.98
C GLN ED 57 -26.34 -30.66 -122.48
N CYS ED 58 -27.05 -31.32 -121.58
CA CYS ED 58 -27.91 -32.43 -121.98
C CYS ED 58 -28.95 -31.97 -122.99
N LEU ED 59 -29.53 -30.79 -122.78
CA LEU ED 59 -30.49 -30.26 -123.74
C LEU ED 59 -29.84 -30.04 -125.09
N ILE ED 60 -28.61 -29.53 -125.10
CA ILE ED 60 -27.90 -29.31 -126.36
C ILE ED 60 -27.70 -30.63 -127.09
N HIS ED 61 -27.22 -31.65 -126.38
CA HIS ED 61 -27.10 -32.97 -126.98
C HIS ED 61 -28.48 -33.53 -127.34
N LYS ED 62 -29.46 -33.33 -126.45
CA LYS ED 62 -30.81 -33.81 -126.72
C LYS ED 62 -31.41 -33.08 -127.91
N ALA ED 63 -31.12 -31.79 -128.06
CA ALA ED 63 -31.66 -31.02 -129.18
C ALA ED 63 -31.22 -31.57 -130.52
N THR ED 64 -30.08 -32.26 -130.58
CA THR ED 64 -29.61 -32.82 -131.84
C THR ED 64 -30.48 -33.97 -132.32
N LEU ED 65 -31.30 -34.55 -131.44
CA LEU ED 65 -32.16 -35.65 -131.86
C LEU ED 65 -33.11 -35.21 -132.97
N ASP ED 66 -33.52 -33.94 -132.99
CA ASP ED 66 -34.36 -33.46 -134.08
C ASP ED 66 -33.64 -33.59 -135.41
N PRO ED 78 -22.26 -44.45 -135.67
CA PRO ED 78 -21.48 -44.22 -134.45
C PRO ED 78 -21.65 -42.82 -133.90
N LEU ED 79 -21.77 -41.83 -134.78
CA LEU ED 79 -21.95 -40.45 -134.32
C LEU ED 79 -23.26 -40.29 -133.54
N ILE ED 80 -24.33 -40.89 -134.05
CA ILE ED 80 -25.62 -40.80 -133.36
C ILE ED 80 -25.59 -41.63 -132.09
N GLU ED 81 -25.04 -42.83 -132.16
CA GLU ED 81 -24.97 -43.69 -130.97
C GLU ED 81 -24.09 -43.07 -129.89
N ALA ED 82 -22.95 -42.49 -130.28
CA ALA ED 82 -22.00 -41.98 -129.30
C ALA ED 82 -22.62 -40.89 -128.44
N MET ED 83 -23.38 -39.98 -129.05
CA MET ED 83 -23.97 -38.89 -128.30
C MET ED 83 -24.91 -39.40 -127.21
N GLN ED 84 -25.71 -40.41 -127.54
CA GLN ED 84 -26.65 -40.96 -126.55
C GLN ED 84 -25.90 -41.51 -125.35
N GLN ED 85 -24.77 -42.17 -125.57
CA GLN ED 85 -24.00 -42.73 -124.46
C GLN ED 85 -23.50 -41.62 -123.55
N ILE ED 86 -23.07 -40.49 -124.12
CA ILE ED 86 -22.50 -39.41 -123.31
C ILE ED 86 -23.53 -38.86 -122.34
N ILE ED 87 -24.80 -38.82 -122.75
CA ILE ED 87 -25.83 -38.23 -121.90
C ILE ED 87 -25.89 -38.97 -120.57
N LEU ED 88 -25.75 -40.29 -120.60
CA LEU ED 88 -25.78 -41.06 -119.36
C LEU ED 88 -24.64 -40.65 -118.44
N ALA ED 89 -23.45 -40.46 -118.99
CA ALA ED 89 -22.30 -40.07 -118.18
C ALA ED 89 -22.53 -38.72 -117.51
N MET ED 90 -23.02 -37.75 -118.27
CA MET ED 90 -23.29 -36.43 -117.70
C MET ED 90 -24.40 -36.49 -116.66
N THR ED 91 -25.43 -37.31 -116.93
CA THR ED 91 -26.53 -37.44 -115.98
C THR ED 91 -26.03 -37.97 -114.65
N ARG ED 92 -25.08 -38.91 -114.68
CA ARG ED 92 -24.52 -39.45 -113.44
C ARG ED 92 -23.86 -38.34 -112.62
N GLU ED 93 -23.11 -37.46 -113.29
CA GLU ED 93 -22.45 -36.37 -112.58
C GLU ED 93 -23.47 -35.43 -111.96
N LEU ED 94 -24.57 -35.17 -112.66
CA LEU ED 94 -25.58 -34.25 -112.14
C LEU ED 94 -26.14 -34.74 -110.80
N TRP ED 95 -26.42 -36.04 -110.70
CA TRP ED 95 -27.02 -36.57 -109.49
C TRP ED 95 -26.08 -36.40 -108.30
N GLY ED 96 -24.79 -36.65 -108.50
CA GLY ED 96 -23.85 -36.51 -107.41
C GLY ED 96 -23.83 -35.11 -106.84
N GLN ED 97 -23.88 -34.09 -107.71
CA GLN ED 97 -23.93 -32.72 -107.24
C GLN ED 97 -25.18 -32.46 -106.43
N ILE ED 98 -26.32 -33.01 -106.88
CA ILE ED 98 -27.58 -32.79 -106.17
C ILE ED 98 -27.50 -33.37 -104.77
N GLN ED 99 -26.99 -34.60 -104.64
CA GLN ED 99 -26.80 -35.20 -103.32
C GLN ED 99 -25.75 -34.45 -102.52
N ARG ED 100 -24.73 -33.91 -103.20
CA ARG ED 100 -23.73 -33.09 -102.52
C ARG ED 100 -24.34 -31.85 -101.89
N HIS ED 101 -25.54 -31.46 -102.33
CA HIS ED 101 -26.25 -30.30 -101.79
C HIS ED 101 -27.36 -30.69 -100.83
N HIS ED 102 -28.17 -31.69 -101.19
CA HIS ED 102 -29.30 -32.09 -100.35
C HIS ED 102 -28.81 -32.75 -99.07
N TYR ED 103 -28.11 -33.88 -99.20
CA TYR ED 103 -27.64 -34.64 -98.03
C TYR ED 103 -26.20 -34.28 -97.69
N GLY ED 104 -25.93 -32.99 -97.53
CA GLY ED 104 -24.60 -32.58 -97.17
C GLY ED 104 -23.60 -32.96 -98.24
N ILE ED 105 -22.33 -32.90 -97.88
CA ILE ED 105 -21.23 -33.27 -98.76
C ILE ED 105 -20.39 -34.35 -98.10
N VAL ED 106 -20.41 -34.38 -96.77
CA VAL ED 106 -19.64 -35.39 -96.04
C VAL ED 106 -20.44 -36.68 -95.92
N GLN ED 107 -21.72 -36.58 -95.54
CA GLN ED 107 -22.55 -37.77 -95.40
C GLN ED 107 -22.77 -38.47 -96.73
N VAL ED 108 -22.59 -37.78 -97.85
CA VAL ED 108 -22.80 -38.40 -99.14
C VAL ED 108 -21.81 -39.54 -99.36
N GLU ED 109 -20.55 -39.32 -99.00
CA GLU ED 109 -19.53 -40.34 -99.19
C GLU ED 109 -19.88 -41.62 -98.43
N HIS ED 110 -20.38 -41.48 -97.21
CA HIS ED 110 -20.76 -42.64 -96.42
C HIS ED 110 -21.86 -43.43 -97.11
N TYR ED 111 -22.86 -42.75 -97.66
CA TYR ED 111 -23.96 -43.45 -98.32
C TYR ED 111 -23.45 -44.22 -99.54
N VAL ED 112 -22.67 -43.57 -100.40
CA VAL ED 112 -22.17 -44.25 -101.59
C VAL ED 112 -21.24 -45.38 -101.20
N LYS ED 113 -20.48 -45.20 -100.12
CA LYS ED 113 -19.62 -46.28 -99.64
C LYS ED 113 -20.43 -47.54 -99.35
N GLN ED 114 -21.59 -47.38 -98.69
CA GLN ED 114 -22.43 -48.53 -98.41
C GLN ED 114 -23.10 -49.06 -99.67
N ILE ED 115 -23.44 -48.17 -100.60
CA ILE ED 115 -24.08 -48.60 -101.84
C ILE ED 115 -23.17 -49.56 -102.59
N THR ED 116 -21.88 -49.25 -102.67
CA THR ED 116 -20.95 -50.11 -103.39
C THR ED 116 -20.90 -51.49 -102.76
N LEU ED 117 -20.81 -51.56 -101.43
CA LEU ED 117 -20.79 -52.85 -100.76
C LEU ED 117 -22.11 -53.59 -100.93
N TRP ED 118 -23.23 -52.88 -100.82
CA TRP ED 118 -24.53 -53.52 -100.89
C TRP ED 118 -24.84 -54.11 -102.26
N GLN ED 119 -24.19 -53.62 -103.31
CA GLN ED 119 -24.42 -54.09 -104.67
C GLN ED 119 -23.35 -55.06 -105.14
N ASP ED 120 -22.09 -54.83 -104.77
CA ASP ED 120 -21.00 -55.70 -105.24
C ASP ED 120 -21.17 -57.12 -104.71
N THR ED 121 -21.59 -57.27 -103.47
CA THR ED 121 -21.80 -58.59 -102.91
C THR ED 121 -22.93 -59.30 -103.65
N PRO ED 122 -22.92 -60.63 -103.70
CA PRO ED 122 -23.97 -61.34 -104.41
C PRO ED 122 -25.33 -61.09 -103.79
N GLN ED 123 -26.37 -61.15 -104.63
CA GLN ED 123 -27.73 -60.84 -104.18
C GLN ED 123 -28.18 -61.73 -103.04
N ALA ED 124 -27.57 -62.91 -102.87
CA ALA ED 124 -27.95 -63.81 -101.80
C ALA ED 124 -27.47 -63.35 -100.43
N PHE ED 125 -26.61 -62.33 -100.37
CA PHE ED 125 -26.06 -61.85 -99.11
C PHE ED 125 -26.32 -60.39 -98.83
N ARG ED 126 -26.88 -59.63 -99.80
CA ARG ED 126 -27.04 -58.19 -99.61
C ARG ED 126 -27.91 -57.90 -98.39
N GLY ED 127 -29.17 -58.33 -98.43
CA GLY ED 127 -30.10 -58.05 -97.35
C GLY ED 127 -31.11 -56.98 -97.73
N ASP ED 128 -30.96 -55.79 -97.15
CA ASP ED 128 -31.87 -54.67 -97.40
C ASP ED 128 -31.07 -53.46 -97.84
N GLN ED 129 -31.63 -52.69 -98.76
CA GLN ED 129 -30.96 -51.50 -99.24
C GLN ED 129 -30.78 -50.50 -98.09
N PRO ED 130 -29.60 -49.89 -97.95
CA PRO ED 130 -29.42 -48.88 -96.90
C PRO ED 130 -30.02 -47.55 -97.32
N LYS ED 131 -31.00 -47.08 -96.55
CA LYS ED 131 -31.68 -45.84 -96.89
C LYS ED 131 -30.70 -44.67 -96.82
N PRO ED 132 -30.72 -43.77 -97.81
CA PRO ED 132 -29.82 -42.62 -97.75
C PRO ED 132 -30.19 -41.71 -96.60
N PRO ED 133 -29.23 -40.95 -96.05
CA PRO ED 133 -29.55 -40.03 -94.97
C PRO ED 133 -30.49 -38.93 -95.44
N SER ED 134 -31.31 -38.45 -94.50
CA SER ED 134 -32.28 -37.40 -94.82
C SER ED 134 -31.57 -36.05 -94.97
N PHE ED 135 -32.37 -35.01 -95.17
CA PHE ED 135 -31.85 -33.66 -95.37
C PHE ED 135 -31.38 -33.11 -94.03
N THR FD 3 -48.48 -113.19 28.44
CA THR FD 3 -49.03 -112.32 27.41
C THR FD 3 -48.70 -110.86 27.61
N PHE FD 4 -48.67 -110.37 28.85
CA PHE FD 4 -48.40 -108.96 29.09
C PHE FD 4 -47.02 -108.58 28.57
N ILE FD 5 -46.01 -109.41 28.82
CA ILE FD 5 -44.66 -109.11 28.35
C ILE FD 5 -44.63 -109.06 26.83
N GLU FD 6 -45.42 -109.91 26.18
CA GLU FD 6 -45.48 -109.89 24.72
C GLU FD 6 -46.01 -108.55 24.21
N LEU FD 7 -47.00 -107.98 24.90
CA LEU FD 7 -47.53 -106.69 24.49
C LEU FD 7 -46.46 -105.61 24.54
N VAL FD 8 -45.63 -105.64 25.58
CA VAL FD 8 -44.53 -104.68 25.67
C VAL FD 8 -43.57 -104.86 24.51
N LYS FD 9 -43.23 -106.11 24.18
CA LYS FD 9 -42.32 -106.38 23.08
C LYS FD 9 -42.90 -105.94 21.75
N ASN FD 10 -44.20 -105.68 21.69
CA ASN FD 10 -44.84 -105.20 20.48
C ASN FD 10 -44.88 -103.69 20.39
N MET FD 11 -44.28 -102.98 21.35
CA MET FD 11 -44.34 -101.54 21.39
C MET FD 11 -43.31 -100.93 20.45
N LYS FD 12 -43.22 -99.61 20.47
CA LYS FD 12 -42.26 -98.84 19.69
C LYS FD 12 -41.21 -98.25 20.62
N GLY FD 13 -39.94 -98.44 20.27
CA GLY FD 13 -38.85 -97.97 21.09
C GLY FD 13 -38.43 -98.93 22.19
N TYR FD 14 -39.11 -100.06 22.34
CA TYR FD 14 -38.74 -101.03 23.35
C TYR FD 14 -37.37 -101.62 23.03
N LYS FD 15 -36.58 -101.83 24.09
CA LYS FD 15 -35.24 -102.37 23.96
C LYS FD 15 -34.99 -103.38 25.05
N GLU FD 16 -34.33 -104.48 24.69
CA GLU FD 16 -34.05 -105.54 25.64
C GLU FD 16 -33.03 -105.07 26.68
N LEU FD 17 -33.23 -105.50 27.93
CA LEU FD 17 -32.30 -105.22 29.01
C LEU FD 17 -31.90 -106.45 29.79
N LEU FD 18 -32.59 -107.58 29.65
CA LEU FD 18 -32.27 -108.79 30.36
C LEU FD 18 -31.22 -109.59 29.57
N LEU FD 19 -30.91 -110.77 30.07
CA LEU FD 19 -29.88 -111.62 29.51
C LEU FD 19 -30.39 -113.05 29.44
N PRO FD 20 -29.77 -113.90 28.62
CA PRO FD 20 -30.21 -115.30 28.55
C PRO FD 20 -30.11 -115.98 29.91
N MET FD 21 -31.03 -116.91 30.15
CA MET FD 21 -31.07 -117.60 31.42
C MET FD 21 -29.73 -118.23 31.75
N GLU FD 22 -29.02 -118.73 30.73
CA GLU FD 22 -27.72 -119.35 30.97
C GLU FD 22 -26.72 -118.33 31.51
N MET FD 23 -26.71 -117.12 30.95
CA MET FD 23 -25.78 -116.08 31.37
C MET FD 23 -26.34 -115.32 32.57
N VAL FD 24 -26.68 -116.08 33.61
CA VAL FD 24 -27.19 -115.51 34.85
C VAL FD 24 -26.48 -116.17 36.02
N PRO FD 25 -25.89 -115.41 36.94
CA PRO FD 25 -25.21 -116.04 38.08
C PRO FD 25 -26.15 -116.93 38.88
N LEU FD 26 -25.54 -117.71 39.77
CA LEU FD 26 -26.31 -118.60 40.62
C LEU FD 26 -27.05 -117.81 41.69
N PRO FD 27 -28.09 -118.39 42.28
CA PRO FD 27 -28.82 -117.68 43.33
C PRO FD 27 -27.98 -117.48 44.58
N ALA FD 28 -28.56 -116.83 45.60
CA ALA FD 28 -27.87 -116.60 46.86
C ALA FD 28 -26.66 -115.69 46.66
N VAL FD 29 -25.65 -116.18 45.93
CA VAL FD 29 -24.45 -115.38 45.72
C VAL FD 29 -24.77 -114.11 44.95
N VAL FD 30 -25.67 -114.21 43.96
CA VAL FD 30 -26.06 -113.04 43.18
C VAL FD 30 -26.67 -111.99 44.08
N LEU FD 31 -27.34 -112.40 45.16
CA LEU FD 31 -27.94 -111.44 46.08
C LEU FD 31 -26.91 -110.57 46.78
N LYS FD 32 -25.64 -110.96 46.76
CA LYS FD 32 -24.61 -110.20 47.45
C LYS FD 32 -24.46 -108.81 46.85
N HIS FD 33 -24.54 -108.70 45.52
CA HIS FD 33 -24.46 -107.40 44.88
C HIS FD 33 -25.55 -106.45 45.39
N VAL FD 34 -26.66 -107.02 45.88
CA VAL FD 34 -27.72 -106.18 46.44
C VAL FD 34 -27.21 -105.37 47.61
N LYS FD 35 -26.49 -106.04 48.53
CA LYS FD 35 -25.97 -105.35 49.71
C LYS FD 35 -24.95 -104.28 49.30
N LEU FD 36 -24.09 -104.59 48.33
CA LEU FD 36 -23.05 -103.66 47.93
C LEU FD 36 -23.61 -102.42 47.24
N ILE FD 37 -24.89 -102.42 46.87
CA ILE FD 37 -25.48 -101.30 46.16
C ILE FD 37 -26.49 -100.60 47.08
N LEU FD 38 -27.05 -101.35 48.03
CA LEU FD 38 -27.96 -100.77 49.01
C LEU FD 38 -27.21 -100.21 50.21
N THR FD 39 -26.38 -101.04 50.85
CA THR FD 39 -25.65 -100.59 52.02
C THR FD 39 -24.70 -99.45 51.68
N SER FD 40 -24.00 -99.57 50.55
CA SER FD 40 -23.09 -98.52 50.08
C SER FD 40 -23.82 -97.50 49.23
N GLN FD 41 -24.86 -96.91 49.82
CA GLN FD 41 -25.69 -95.95 49.10
C GLN FD 41 -26.36 -95.01 50.10
N LYS FD 42 -26.86 -93.90 49.57
CA LYS FD 42 -27.55 -92.90 50.35
C LYS FD 42 -28.49 -92.14 49.41
N GLU FD 43 -29.35 -91.31 50.00
CA GLU FD 43 -30.35 -90.56 49.24
C GLU FD 43 -31.28 -91.52 48.50
N HIS FD 44 -32.02 -92.28 49.30
CA HIS FD 44 -32.96 -93.28 48.82
C HIS FD 44 -33.74 -92.78 47.60
N GLN FD 45 -33.63 -93.51 46.51
CA GLN FD 45 -34.31 -93.20 45.27
C GLN FD 45 -35.41 -94.22 44.98
N PRO FD 46 -36.40 -93.85 44.15
CA PRO FD 46 -37.52 -94.78 43.93
C PRO FD 46 -37.10 -96.14 43.42
N TRP FD 47 -36.10 -96.21 42.54
CA TRP FD 47 -35.71 -97.50 41.97
C TRP FD 47 -35.08 -98.40 43.01
N MET FD 48 -34.48 -97.82 44.06
CA MET FD 48 -33.87 -98.64 45.10
C MET FD 48 -34.89 -99.51 45.79
N THR FD 49 -36.08 -98.97 46.06
CA THR FD 49 -37.13 -99.76 46.69
C THR FD 49 -37.55 -100.92 45.79
N GLU FD 50 -37.63 -100.67 44.49
CA GLU FD 50 -38.02 -101.73 43.56
C GLU FD 50 -37.05 -102.90 43.65
N MET FD 51 -35.75 -102.62 43.67
CA MET FD 51 -34.76 -103.68 43.80
C MET FD 51 -34.92 -104.42 45.13
N ALA FD 52 -35.14 -103.67 46.21
CA ALA FD 52 -35.25 -104.29 47.52
C ALA FD 52 -36.46 -105.21 47.60
N LEU FD 53 -37.59 -104.78 47.05
CA LEU FD 53 -38.81 -105.57 47.11
C LEU FD 53 -38.78 -106.75 46.15
N LYS FD 54 -37.82 -106.82 45.24
CA LYS FD 54 -37.68 -107.94 44.32
C LYS FD 54 -36.66 -108.96 44.81
N ALA FD 55 -35.51 -108.50 45.30
CA ALA FD 55 -34.48 -109.43 45.78
C ALA FD 55 -34.98 -110.22 46.98
N ASP FD 56 -35.67 -109.56 47.91
CA ASP FD 56 -36.16 -110.24 49.09
C ASP FD 56 -37.13 -111.37 48.75
N GLN FD 57 -37.76 -111.32 47.59
CA GLN FD 57 -38.71 -112.36 47.21
C GLN FD 57 -38.01 -113.71 47.06
N CYS FD 58 -36.78 -113.72 46.52
CA CYS FD 58 -36.06 -114.97 46.36
C CYS FD 58 -35.86 -115.68 47.69
N LEU FD 59 -35.55 -114.92 48.73
CA LEU FD 59 -35.41 -115.52 50.06
C LEU FD 59 -36.72 -116.15 50.51
N ILE FD 60 -37.83 -115.46 50.25
CA ILE FD 60 -39.14 -116.00 50.63
C ILE FD 60 -39.39 -117.32 49.92
N HIS FD 61 -39.17 -117.35 48.60
CA HIS FD 61 -39.29 -118.61 47.86
C HIS FD 61 -38.23 -119.61 48.32
N LYS FD 62 -37.01 -119.14 48.56
CA LYS FD 62 -35.95 -120.03 49.03
C LYS FD 62 -36.27 -120.56 50.42
N ALA FD 63 -36.89 -119.74 51.27
CA ALA FD 63 -37.22 -120.18 52.62
C ALA FD 63 -38.18 -121.36 52.62
N THR FD 64 -38.99 -121.52 51.56
CA THR FD 64 -39.92 -122.63 51.50
C THR FD 64 -39.21 -123.97 51.34
N LEU FD 65 -37.94 -123.96 50.93
CA LEU FD 65 -37.22 -125.22 50.77
C LEU FD 65 -37.15 -125.98 52.08
N ASP FD 66 -37.11 -125.29 53.21
CA ASP FD 66 -37.14 -125.98 54.50
C ASP FD 66 -38.41 -126.80 54.66
N PRO FD 78 -45.30 -130.81 41.09
CA PRO FD 78 -45.32 -129.57 40.30
C PRO FD 78 -45.20 -128.32 41.14
N LEU FD 79 -45.81 -128.33 42.33
CA LEU FD 79 -45.73 -127.16 43.21
C LEU FD 79 -44.29 -126.89 43.62
N ILE FD 80 -43.55 -127.94 43.99
CA ILE FD 80 -42.16 -127.77 44.38
C ILE FD 80 -41.30 -127.39 43.18
N GLU FD 81 -41.52 -128.07 42.05
CA GLU FD 81 -40.74 -127.77 40.85
C GLU FD 81 -41.01 -126.36 40.35
N ALA FD 82 -42.26 -125.94 40.38
CA ALA FD 82 -42.63 -124.64 39.80
C ALA FD 82 -41.91 -123.51 40.51
N MET FD 83 -41.82 -123.56 41.84
CA MET FD 83 -41.20 -122.48 42.59
C MET FD 83 -39.73 -122.33 42.20
N GLN FD 84 -39.02 -123.45 42.02
CA GLN FD 84 -37.62 -123.37 41.65
C GLN FD 84 -37.43 -122.68 40.30
N GLN FD 85 -38.33 -122.94 39.36
CA GLN FD 85 -38.22 -122.31 38.05
C GLN FD 85 -38.39 -120.80 38.16
N ILE FD 86 -39.29 -120.34 39.03
CA ILE FD 86 -39.57 -118.91 39.14
C ILE FD 86 -38.34 -118.16 39.62
N ILE FD 87 -37.54 -118.77 40.50
CA ILE FD 87 -36.38 -118.09 41.04
C ILE FD 87 -35.43 -117.66 39.93
N LEU FD 88 -35.27 -118.51 38.91
CA LEU FD 88 -34.41 -118.14 37.80
C LEU FD 88 -34.92 -116.90 37.09
N ALA FD 89 -36.23 -116.82 36.88
CA ALA FD 89 -36.80 -115.66 36.19
C ALA FD 89 -36.56 -114.39 36.97
N MET FD 90 -36.81 -114.43 38.28
CA MET FD 90 -36.58 -113.24 39.11
C MET FD 90 -35.10 -112.88 39.15
N THR FD 91 -34.22 -113.89 39.21
CA THR FD 91 -32.79 -113.62 39.23
C THR FD 91 -32.35 -112.88 37.98
N ARG FD 92 -32.92 -113.25 36.83
CA ARG FD 92 -32.58 -112.57 35.59
C ARG FD 92 -32.94 -111.09 35.66
N GLU FD 93 -34.10 -110.77 36.23
CA GLU FD 93 -34.50 -109.37 36.36
C GLU FD 93 -33.55 -108.61 37.27
N LEU FD 94 -33.09 -109.24 38.35
CA LEU FD 94 -32.21 -108.57 39.29
C LEU FD 94 -30.92 -108.11 38.59
N TRP FD 95 -30.34 -108.98 37.76
CA TRP FD 95 -29.08 -108.62 37.12
C TRP FD 95 -29.23 -107.42 36.21
N GLY FD 96 -30.34 -107.35 35.47
CA GLY FD 96 -30.54 -106.23 34.57
C GLY FD 96 -30.57 -104.90 35.31
N GLN FD 97 -31.22 -104.88 36.47
CA GLN FD 97 -31.25 -103.66 37.28
C GLN FD 97 -29.85 -103.28 37.73
N ILE FD 98 -29.05 -104.27 38.13
CA ILE FD 98 -27.69 -104.00 38.59
C ILE FD 98 -26.87 -103.36 37.49
N GLN FD 99 -26.93 -103.94 36.28
CA GLN FD 99 -26.24 -103.35 35.15
C GLN FD 99 -26.83 -101.99 34.78
N ARG FD 100 -28.14 -101.82 34.95
CA ARG FD 100 -28.77 -100.53 34.72
C ARG FD 100 -28.21 -99.46 35.64
N HIS FD 101 -27.58 -99.85 36.74
CA HIS FD 101 -26.97 -98.92 37.69
C HIS FD 101 -25.46 -98.81 37.53
N HIS FD 102 -24.78 -99.94 37.39
CA HIS FD 102 -23.32 -99.95 37.30
C HIS FD 102 -22.87 -99.34 35.98
N TYR FD 103 -23.25 -99.95 34.86
CA TYR FD 103 -22.83 -99.50 33.54
C TYR FD 103 -23.89 -98.61 32.89
N GLY FD 104 -24.31 -97.59 33.62
CA GLY FD 104 -25.29 -96.68 33.06
C GLY FD 104 -26.60 -97.40 32.78
N ILE FD 105 -27.44 -96.74 32.00
CA ILE FD 105 -28.73 -97.29 31.58
C ILE FD 105 -28.81 -97.28 30.06
N VAL FD 106 -28.05 -96.38 29.43
CA VAL FD 106 -28.05 -96.30 27.97
C VAL FD 106 -27.05 -97.29 27.38
N GLN FD 107 -25.83 -97.32 27.94
CA GLN FD 107 -24.81 -98.23 27.45
C GLN FD 107 -25.18 -99.69 27.66
N VAL FD 108 -26.10 -99.98 28.59
CA VAL FD 108 -26.50 -101.36 28.84
C VAL FD 108 -27.15 -101.96 27.61
N GLU FD 109 -28.03 -101.20 26.96
CA GLU FD 109 -28.73 -101.71 25.79
C GLU FD 109 -27.74 -102.12 24.70
N HIS FD 110 -26.71 -101.30 24.48
CA HIS FD 110 -25.71 -101.61 23.47
C HIS FD 110 -25.01 -102.93 23.78
N TYR FD 111 -24.66 -103.15 25.04
CA TYR FD 111 -23.97 -104.38 25.40
C TYR FD 111 -24.86 -105.60 25.15
N VAL FD 112 -26.11 -105.56 25.62
CA VAL FD 112 -26.99 -106.69 25.42
C VAL FD 112 -27.28 -106.90 23.94
N LYS FD 113 -27.36 -105.80 23.18
CA LYS FD 113 -27.54 -105.93 21.74
C LYS FD 113 -26.44 -106.78 21.12
N GLN FD 114 -25.20 -106.54 21.52
CA GLN FD 114 -24.09 -107.33 20.98
C GLN FD 114 -24.12 -108.74 21.53
N ILE FD 115 -24.54 -108.92 22.78
CA ILE FD 115 -24.59 -110.25 23.36
C ILE FD 115 -25.52 -111.15 22.55
N THR FD 116 -26.68 -110.63 22.15
CA THR FD 116 -27.63 -111.43 21.39
C THR FD 116 -27.02 -111.88 20.07
N LEU FD 117 -26.35 -110.96 19.36
CA LEU FD 117 -25.71 -111.32 18.10
C LEU FD 117 -24.56 -112.31 18.32
N TRP FD 118 -23.76 -112.08 19.36
CA TRP FD 118 -22.59 -112.92 19.60
C TRP FD 118 -22.96 -114.35 19.96
N GLN FD 119 -24.16 -114.58 20.47
CA GLN FD 119 -24.61 -115.92 20.87
C GLN FD 119 -25.50 -116.57 19.85
N ASP FD 120 -26.37 -115.80 19.18
CA ASP FD 120 -27.31 -116.38 18.23
C ASP FD 120 -26.57 -116.99 17.04
N THR FD 121 -25.51 -116.33 16.58
CA THR FD 121 -24.75 -116.86 15.46
C THR FD 121 -24.08 -118.17 15.88
N PRO FD 122 -23.81 -119.07 14.92
CA PRO FD 122 -23.17 -120.33 15.27
C PRO FD 122 -21.79 -120.12 15.87
N GLN FD 123 -21.39 -121.05 16.74
CA GLN FD 123 -20.13 -120.92 17.46
C GLN FD 123 -18.94 -120.83 16.51
N ALA FD 124 -19.07 -121.30 15.27
CA ALA FD 124 -17.97 -121.24 14.32
C ALA FD 124 -17.73 -119.85 13.78
N PHE FD 125 -18.63 -118.89 14.05
CA PHE FD 125 -18.51 -117.54 13.52
C PHE FD 125 -18.47 -116.46 14.60
N ARG FD 126 -18.72 -116.80 15.86
CA ARG FD 126 -18.81 -115.79 16.90
C ARG FD 126 -17.51 -114.99 17.00
N GLY FD 127 -16.41 -115.65 17.35
CA GLY FD 127 -15.14 -114.98 17.54
C GLY FD 127 -14.77 -114.83 18.99
N ASP FD 128 -14.86 -113.61 19.51
CA ASP FD 128 -14.50 -113.32 20.90
C ASP FD 128 -15.67 -112.61 21.57
N GLN FD 129 -15.88 -112.91 22.85
CA GLN FD 129 -16.96 -112.28 23.58
C GLN FD 129 -16.71 -110.78 23.69
N PRO FD 130 -17.72 -109.94 23.47
CA PRO FD 130 -17.54 -108.49 23.61
C PRO FD 130 -17.58 -108.09 25.08
N LYS FD 131 -16.48 -107.53 25.55
CA LYS FD 131 -16.40 -107.15 26.96
C LYS FD 131 -17.41 -106.06 27.28
N PRO FD 132 -18.14 -106.16 28.39
CA PRO FD 132 -19.09 -105.12 28.73
C PRO FD 132 -18.38 -103.82 29.05
N PRO FD 133 -19.04 -102.68 28.86
CA PRO FD 133 -18.39 -101.40 29.19
C PRO FD 133 -18.14 -101.28 30.69
N SER FD 134 -17.08 -100.55 31.02
CA SER FD 134 -16.71 -100.38 32.41
C SER FD 134 -17.66 -99.41 33.10
N PHE FD 135 -17.36 -99.09 34.36
CA PHE FD 135 -18.20 -98.20 35.16
C PHE FD 135 -17.98 -96.76 34.69
N THR GD 3 -34.33 -117.32 -13.29
CA THR GD 3 -33.81 -116.62 -14.44
C THR GD 3 -33.73 -115.11 -14.22
N PHE GD 4 -34.54 -114.57 -13.31
CA PHE GD 4 -34.46 -113.14 -13.00
C PHE GD 4 -33.08 -112.78 -12.46
N ILE GD 5 -32.52 -113.64 -11.59
CA ILE GD 5 -31.21 -113.36 -11.05
C ILE GD 5 -30.19 -113.24 -12.18
N GLU GD 6 -30.33 -114.10 -13.20
CA GLU GD 6 -29.46 -113.99 -14.36
C GLU GD 6 -29.64 -112.64 -15.05
N LEU GD 7 -30.89 -112.17 -15.15
CA LEU GD 7 -31.14 -110.87 -15.76
C LEU GD 7 -30.47 -109.74 -14.98
N VAL GD 8 -30.23 -109.96 -13.68
CA VAL GD 8 -29.54 -108.97 -12.86
C VAL GD 8 -28.08 -109.33 -12.61
N LYS GD 9 -27.71 -110.61 -12.77
CA LYS GD 9 -26.32 -111.00 -12.55
C LYS GD 9 -25.37 -110.21 -13.44
N ASN GD 10 -25.83 -109.76 -14.60
CA ASN GD 10 -25.01 -108.95 -15.49
C ASN GD 10 -25.00 -107.48 -15.10
N MET GD 11 -25.89 -107.04 -14.21
CA MET GD 11 -25.93 -105.64 -13.81
C MET GD 11 -24.66 -105.28 -13.05
N LYS GD 12 -24.25 -104.01 -13.20
CA LYS GD 12 -23.03 -103.55 -12.56
C LYS GD 12 -23.14 -103.62 -11.04
N GLY GD 13 -24.28 -103.21 -10.49
CA GLY GD 13 -24.44 -103.14 -9.05
C GLY GD 13 -24.98 -104.41 -8.43
N TYR GD 14 -25.09 -105.48 -9.22
CA TYR GD 14 -25.57 -106.74 -8.70
C TYR GD 14 -24.62 -107.30 -7.65
N LYS GD 15 -25.18 -107.89 -6.60
CA LYS GD 15 -24.40 -108.42 -5.51
C LYS GD 15 -24.99 -109.76 -5.06
N GLU GD 16 -24.13 -110.60 -4.49
CA GLU GD 16 -24.56 -111.90 -3.95
C GLU GD 16 -25.01 -111.69 -2.51
N LEU GD 17 -26.23 -111.16 -2.37
CA LEU GD 17 -26.78 -110.92 -1.04
C LEU GD 17 -27.06 -112.20 -0.29
N LEU GD 18 -27.15 -113.33 -0.99
CA LEU GD 18 -27.44 -114.62 -0.35
C LEU GD 18 -26.19 -115.08 0.39
N LEU GD 19 -26.17 -114.90 1.70
CA LEU GD 19 -25.01 -115.27 2.49
C LEU GD 19 -24.95 -116.78 2.65
N PRO GD 20 -23.79 -117.32 3.06
CA PRO GD 20 -23.66 -118.77 3.19
C PRO GD 20 -24.68 -119.34 4.15
N MET GD 21 -25.16 -120.55 3.83
CA MET GD 21 -26.17 -121.19 4.67
C MET GD 21 -25.64 -121.43 6.08
N GLU GD 22 -24.38 -121.88 6.19
CA GLU GD 22 -23.81 -122.11 7.51
C GLU GD 22 -23.72 -120.82 8.32
N MET GD 23 -23.56 -119.68 7.63
CA MET GD 23 -23.39 -118.41 8.33
C MET GD 23 -24.63 -118.05 9.14
N VAL GD 24 -25.82 -118.24 8.55
CA VAL GD 24 -27.06 -117.81 9.19
C VAL GD 24 -27.49 -118.83 10.24
N PRO GD 25 -28.24 -118.41 11.26
CA PRO GD 25 -28.73 -119.37 12.26
C PRO GD 25 -30.01 -120.06 11.82
N LEU GD 26 -30.61 -120.84 12.71
CA LEU GD 26 -31.85 -121.53 12.40
C LEU GD 26 -32.99 -120.52 12.21
N PRO GD 27 -34.05 -120.93 11.50
CA PRO GD 27 -35.13 -119.97 11.21
C PRO GD 27 -35.75 -119.36 12.46
N ALA GD 28 -35.89 -120.14 13.53
CA ALA GD 28 -36.58 -119.64 14.71
C ALA GD 28 -35.84 -118.45 15.32
N VAL GD 29 -34.51 -118.52 15.37
CA VAL GD 29 -33.74 -117.45 16.01
C VAL GD 29 -33.84 -116.18 15.19
N VAL GD 30 -33.86 -116.29 13.86
CA VAL GD 30 -33.91 -115.10 13.02
C VAL GD 30 -35.17 -114.30 13.30
N LEU GD 31 -36.31 -114.98 13.44
CA LEU GD 31 -37.57 -114.29 13.71
C LEU GD 31 -37.46 -113.42 14.94
N LYS GD 32 -36.64 -113.82 15.92
CA LYS GD 32 -36.48 -113.03 17.12
C LYS GD 32 -35.90 -111.65 16.81
N HIS GD 33 -34.90 -111.60 15.93
CA HIS GD 33 -34.27 -110.33 15.61
C HIS GD 33 -35.19 -109.44 14.79
N VAL GD 34 -36.11 -110.03 14.03
CA VAL GD 34 -37.04 -109.22 13.23
C VAL GD 34 -37.90 -108.36 14.13
N LYS GD 35 -38.42 -108.95 15.22
CA LYS GD 35 -39.18 -108.17 16.18
C LYS GD 35 -38.31 -107.10 16.83
N LEU GD 36 -37.08 -107.46 17.19
CA LEU GD 36 -36.20 -106.52 17.88
C LEU GD 36 -35.80 -105.37 16.96
N ILE GD 37 -35.46 -105.68 15.70
CA ILE GD 37 -35.03 -104.61 14.79
C ILE GD 37 -36.21 -103.74 14.40
N LEU GD 38 -37.37 -104.34 14.10
CA LEU GD 38 -38.54 -103.56 13.77
C LEU GD 38 -38.98 -102.71 14.96
N THR GD 39 -38.98 -103.30 16.16
CA THR GD 39 -39.37 -102.55 17.35
C THR GD 39 -38.42 -101.40 17.61
N SER GD 40 -37.11 -101.64 17.51
CA SER GD 40 -36.14 -100.58 17.78
C SER GD 40 -36.27 -99.45 16.78
N GLN GD 41 -36.43 -99.78 15.50
CA GLN GD 41 -36.52 -98.75 14.47
C GLN GD 41 -37.80 -97.95 14.62
N LYS GD 42 -37.71 -96.65 14.36
CA LYS GD 42 -38.83 -95.73 14.54
C LYS GD 42 -39.31 -95.12 13.22
N GLU GD 43 -38.41 -94.55 12.43
CA GLU GD 43 -38.83 -93.92 11.18
C GLU GD 43 -39.43 -94.95 10.25
N HIS GD 44 -40.52 -94.58 9.58
CA HIS GD 44 -41.23 -95.49 8.69
C HIS GD 44 -40.68 -95.36 7.27
N GLN GD 45 -40.19 -96.47 6.75
CA GLN GD 45 -39.73 -96.58 5.37
C GLN GD 45 -40.31 -97.84 4.76
N PRO GD 46 -40.37 -97.91 3.42
CA PRO GD 46 -40.99 -99.09 2.79
C PRO GD 46 -40.28 -100.39 3.10
N TRP GD 47 -38.99 -100.37 3.43
CA TRP GD 47 -38.27 -101.63 3.64
C TRP GD 47 -38.82 -102.39 4.84
N MET GD 48 -39.10 -101.68 5.95
CA MET GD 48 -39.65 -102.36 7.11
C MET GD 48 -41.03 -102.91 6.83
N THR GD 49 -41.85 -102.16 6.08
CA THR GD 49 -43.16 -102.65 5.70
C THR GD 49 -43.05 -103.93 4.87
N GLU GD 50 -42.13 -103.95 3.91
CA GLU GD 50 -41.90 -105.15 3.10
C GLU GD 50 -41.11 -106.19 3.87
N MET GD 51 -40.25 -105.77 4.80
CA MET GD 51 -39.46 -106.72 5.57
C MET GD 51 -40.36 -107.64 6.39
N ALA GD 52 -41.39 -107.06 7.02
CA ALA GD 52 -42.32 -107.88 7.81
C ALA GD 52 -43.04 -108.90 6.95
N LEU GD 53 -43.49 -108.47 5.76
CA LEU GD 53 -44.22 -109.38 4.88
C LEU GD 53 -43.35 -110.56 4.47
N LYS GD 54 -42.09 -110.31 4.14
CA LYS GD 54 -41.20 -111.39 3.73
C LYS GD 54 -41.02 -112.41 4.85
N ALA GD 55 -40.89 -111.94 6.09
CA ALA GD 55 -40.71 -112.85 7.22
C ALA GD 55 -42.01 -113.55 7.57
N ASP GD 56 -43.15 -112.93 7.28
CA ASP GD 56 -44.43 -113.53 7.65
C ASP GD 56 -44.64 -114.87 6.97
N GLN GD 57 -44.24 -114.98 5.71
CA GLN GD 57 -44.47 -116.22 4.96
C GLN GD 57 -43.86 -117.41 5.68
N CYS GD 58 -42.70 -117.23 6.31
CA CYS GD 58 -42.05 -118.33 7.01
C CYS GD 58 -42.95 -118.88 8.12
N LEU GD 59 -43.71 -118.01 8.79
CA LEU GD 59 -44.57 -118.47 9.87
C LEU GD 59 -45.63 -119.44 9.35
N ILE GD 60 -46.21 -119.15 8.18
CA ILE GD 60 -47.25 -120.02 7.64
C ILE GD 60 -46.69 -121.40 7.36
N HIS GD 61 -45.48 -121.47 6.79
CA HIS GD 61 -44.87 -122.76 6.50
C HIS GD 61 -44.62 -123.56 7.77
N LYS GD 62 -44.31 -122.87 8.88
CA LYS GD 62 -44.12 -123.58 10.14
C LYS GD 62 -45.35 -124.37 10.52
N ALA GD 63 -46.52 -123.73 10.48
CA ALA GD 63 -47.76 -124.41 10.81
C ALA GD 63 -48.23 -125.33 9.68
N THR GD 64 -47.97 -124.95 8.43
CA THR GD 64 -48.39 -125.78 7.30
C THR GD 64 -47.78 -127.17 7.40
N LEU GD 65 -46.48 -127.24 7.63
CA LEU GD 65 -45.82 -128.53 7.78
C LEU GD 65 -46.12 -129.16 9.14
N PRO GD 78 -41.10 -135.31 -2.37
CA PRO GD 78 -40.46 -134.14 -3.02
C PRO GD 78 -41.11 -132.82 -2.64
N LEU GD 79 -42.42 -132.82 -2.44
CA LEU GD 79 -43.11 -131.57 -2.09
C LEU GD 79 -42.69 -131.08 -0.71
N ILE GD 80 -42.73 -131.97 0.28
CA ILE GD 80 -42.39 -131.57 1.65
C ILE GD 80 -40.92 -131.17 1.73
N GLU GD 81 -40.04 -131.96 1.10
CA GLU GD 81 -38.61 -131.69 1.18
C GLU GD 81 -38.28 -130.32 0.58
N ALA GD 82 -38.93 -129.98 -0.54
CA ALA GD 82 -38.66 -128.68 -1.17
C ALA GD 82 -39.02 -127.54 -0.24
N MET GD 83 -40.14 -127.66 0.48
CA MET GD 83 -40.55 -126.59 1.39
C MET GD 83 -39.49 -126.35 2.46
N GLN GD 84 -38.88 -127.43 2.96
CA GLN GD 84 -37.85 -127.27 3.98
C GLN GD 84 -36.70 -126.42 3.46
N GLN GD 85 -36.27 -126.67 2.21
CA GLN GD 85 -35.23 -125.84 1.62
C GLN GD 85 -35.73 -124.43 1.34
N ILE GD 86 -37.00 -124.28 0.99
CA ILE GD 86 -37.54 -122.95 0.70
C ILE GD 86 -37.48 -122.07 1.95
N ILE GD 87 -37.81 -122.63 3.11
CA ILE GD 87 -37.77 -121.84 4.34
C ILE GD 87 -36.36 -121.33 4.58
N LEU GD 88 -35.36 -122.19 4.40
CA LEU GD 88 -33.98 -121.76 4.58
C LEU GD 88 -33.59 -120.71 3.56
N ALA GD 89 -34.19 -120.74 2.37
CA ALA GD 89 -33.88 -119.73 1.36
C ALA GD 89 -34.26 -118.34 1.84
N MET GD 90 -35.42 -118.21 2.47
CA MET GD 90 -35.85 -116.90 2.94
C MET GD 90 -35.02 -116.44 4.14
N THR GD 91 -34.55 -117.38 4.97
CA THR GD 91 -33.75 -117.00 6.12
C THR GD 91 -32.48 -116.29 5.70
N ARG GD 92 -31.81 -116.78 4.66
CA ARG GD 92 -30.61 -116.12 4.18
C ARG GD 92 -30.92 -114.71 3.71
N GLU GD 93 -32.03 -114.54 2.98
CA GLU GD 93 -32.41 -113.21 2.53
C GLU GD 93 -32.73 -112.29 3.69
N LEU GD 94 -33.44 -112.80 4.71
CA LEU GD 94 -33.80 -111.97 5.85
C LEU GD 94 -32.56 -111.53 6.62
N TRP GD 95 -31.62 -112.44 6.85
CA TRP GD 95 -30.43 -112.10 7.63
C TRP GD 95 -29.62 -111.01 6.95
N GLY GD 96 -29.67 -110.94 5.62
CA GLY GD 96 -28.94 -109.90 4.92
C GLY GD 96 -29.43 -108.51 5.29
N GLN GD 97 -30.74 -108.31 5.30
CA GLN GD 97 -31.29 -107.02 5.68
C GLN GD 97 -30.97 -106.71 7.14
N ILE GD 98 -30.99 -107.73 7.99
CA ILE GD 98 -30.67 -107.52 9.41
C ILE GD 98 -29.25 -106.97 9.56
N GLN GD 99 -28.29 -107.63 8.91
CA GLN GD 99 -26.89 -107.20 9.04
C GLN GD 99 -26.65 -105.87 8.33
N ARG GD 100 -27.24 -105.69 7.15
CA ARG GD 100 -27.04 -104.44 6.43
C ARG GD 100 -27.62 -103.26 7.20
N HIS GD 101 -28.79 -103.44 7.80
CA HIS GD 101 -29.40 -102.36 8.56
C HIS GD 101 -28.59 -102.03 9.81
N HIS GD 102 -28.14 -103.05 10.54
CA HIS GD 102 -27.38 -102.81 11.77
C HIS GD 102 -26.05 -102.14 11.46
N TYR GD 103 -25.27 -102.72 10.54
CA TYR GD 103 -23.95 -102.21 10.22
C TYR GD 103 -23.98 -101.30 8.99
N GLY GD 104 -24.41 -101.85 7.85
CA GLY GD 104 -24.42 -101.12 6.61
C GLY GD 104 -24.34 -102.05 5.43
N ILE GD 105 -24.77 -101.53 4.27
CA ILE GD 105 -24.79 -102.35 3.06
C ILE GD 105 -23.38 -102.72 2.64
N VAL GD 106 -22.47 -101.75 2.65
CA VAL GD 106 -21.11 -102.01 2.19
C VAL GD 106 -20.38 -102.96 3.12
N GLN GD 107 -20.58 -102.79 4.43
CA GLN GD 107 -19.83 -103.59 5.40
C GLN GD 107 -20.13 -105.08 5.25
N VAL GD 108 -21.41 -105.42 5.08
CA VAL GD 108 -21.77 -106.83 4.89
C VAL GD 108 -21.13 -107.37 3.64
N GLU GD 109 -21.24 -106.64 2.52
CA GLU GD 109 -20.59 -107.06 1.29
C GLU GD 109 -19.09 -107.14 1.47
N HIS GD 110 -18.52 -106.27 2.29
CA HIS GD 110 -17.08 -106.26 2.53
C HIS GD 110 -16.65 -107.38 3.46
N TYR GD 111 -17.47 -107.69 4.47
CA TYR GD 111 -17.08 -108.65 5.49
C TYR GD 111 -17.44 -110.09 5.15
N VAL GD 112 -18.48 -110.31 4.34
CA VAL GD 112 -18.93 -111.67 4.06
C VAL GD 112 -17.82 -112.47 3.39
N LYS GD 113 -17.12 -111.86 2.43
CA LYS GD 113 -16.10 -112.59 1.69
C LYS GD 113 -14.94 -112.99 2.59
N GLN GD 114 -14.59 -112.13 3.55
CA GLN GD 114 -13.43 -112.39 4.40
C GLN GD 114 -13.57 -113.71 5.14
N ILE GD 115 -14.73 -113.93 5.75
CA ILE GD 115 -14.92 -115.15 6.52
C ILE GD 115 -14.92 -116.38 5.62
N THR GD 116 -15.47 -116.24 4.41
CA THR GD 116 -15.48 -117.37 3.47
C THR GD 116 -14.05 -117.79 3.13
N LEU GD 117 -13.17 -116.82 2.91
CA LEU GD 117 -11.78 -117.15 2.63
C LEU GD 117 -11.13 -117.88 3.79
N TRP GD 118 -11.39 -117.42 5.02
CA TRP GD 118 -10.79 -118.07 6.19
C TRP GD 118 -11.19 -119.54 6.27
N GLN GD 119 -12.34 -119.91 5.72
CA GLN GD 119 -12.76 -121.30 5.73
C GLN GD 119 -12.12 -122.08 4.59
N ASP GD 120 -12.21 -121.55 3.36
CA ASP GD 120 -11.67 -122.23 2.18
C ASP GD 120 -10.17 -122.04 2.17
N THR GD 121 -9.49 -122.77 3.05
CA THR GD 121 -8.04 -122.71 3.19
C THR GD 121 -7.58 -123.99 3.85
N PRO GD 122 -6.35 -124.46 3.57
CA PRO GD 122 -5.92 -125.74 4.14
C PRO GD 122 -5.72 -125.70 5.65
N GLN GD 123 -6.83 -125.65 6.39
CA GLN GD 123 -6.86 -125.74 7.84
C GLN GD 123 -5.68 -125.04 8.52
N ALA GD 124 -4.46 -125.56 8.35
CA ALA GD 124 -3.34 -125.07 9.13
C ALA GD 124 -3.14 -123.57 8.94
N PHE GD 125 -3.06 -123.12 7.69
CA PHE GD 125 -2.89 -121.69 7.39
C PHE GD 125 -4.24 -121.03 7.13
N ARG GD 126 -5.19 -121.25 8.05
CA ARG GD 126 -6.52 -120.69 7.86
C ARG GD 126 -6.50 -119.17 7.99
N GLY GD 127 -5.71 -118.65 8.93
CA GLY GD 127 -5.62 -117.22 9.14
C GLY GD 127 -5.48 -116.86 10.60
N ASP GD 128 -6.28 -115.90 11.06
CA ASP GD 128 -6.25 -115.46 12.45
C ASP GD 128 -7.65 -115.25 13.00
N GLN GD 129 -8.63 -116.02 12.53
CA GLN GD 129 -10.00 -115.90 13.00
C GLN GD 129 -10.47 -114.47 12.81
N PRO GD 130 -10.74 -114.04 11.57
CA PRO GD 130 -11.04 -112.64 11.33
C PRO GD 130 -12.18 -112.14 12.20
N LYS GD 131 -12.00 -110.95 12.77
CA LYS GD 131 -12.99 -110.40 13.68
C LYS GD 131 -14.23 -109.96 12.92
N PRO GD 132 -15.40 -110.06 13.53
CA PRO GD 132 -16.62 -109.54 12.89
C PRO GD 132 -16.61 -108.03 12.87
N PRO GD 133 -17.40 -107.40 12.00
CA PRO GD 133 -17.35 -105.94 11.88
C PRO GD 133 -17.73 -105.26 13.19
N THR HD 3 92.45 -66.40 58.21
CA THR HD 3 92.19 -65.14 58.88
C THR HD 3 91.21 -64.27 58.09
N PHE HD 4 91.36 -64.23 56.77
CA PHE HD 4 90.52 -63.35 55.94
C PHE HD 4 89.06 -63.76 56.05
N ILE HD 5 88.76 -65.06 55.99
CA ILE HD 5 87.38 -65.51 56.03
C ILE HD 5 86.72 -65.08 57.33
N GLU HD 6 87.47 -65.11 58.43
CA GLU HD 6 86.93 -64.62 59.70
C GLU HD 6 86.52 -63.16 59.58
N LEU HD 7 87.33 -62.35 58.89
CA LEU HD 7 86.99 -60.94 58.72
C LEU HD 7 85.71 -60.77 57.92
N VAL HD 8 85.54 -61.57 56.86
CA VAL HD 8 84.36 -61.44 56.01
C VAL HD 8 83.10 -61.86 56.78
N LYS HD 9 83.21 -62.93 57.58
CA LYS HD 9 82.06 -63.37 58.36
C LYS HD 9 81.55 -62.25 59.26
N ASN HD 10 82.42 -61.32 59.65
CA ASN HD 10 82.02 -60.16 60.44
C ASN HD 10 81.50 -59.06 59.51
N MET HD 11 80.45 -59.40 58.75
CA MET HD 11 79.85 -58.48 57.80
C MET HD 11 78.35 -58.69 57.78
N LYS HD 12 77.64 -57.68 57.28
CA LYS HD 12 76.19 -57.67 57.28
C LYS HD 12 75.65 -58.22 55.98
N GLY HD 13 74.59 -59.03 56.09
CA GLY HD 13 74.03 -59.71 54.93
C GLY HD 13 74.76 -60.98 54.55
N TYR HD 14 75.61 -61.51 55.43
CA TYR HD 14 76.41 -62.69 55.13
C TYR HD 14 75.55 -63.93 55.29
N LYS HD 15 75.29 -64.63 54.19
CA LYS HD 15 74.54 -65.88 54.18
C LYS HD 15 75.49 -67.01 53.84
N GLU HD 16 75.62 -67.97 54.75
CA GLU HD 16 76.53 -69.08 54.54
C GLU HD 16 76.03 -69.98 53.41
N LEU HD 17 76.98 -70.56 52.67
CA LEU HD 17 76.64 -71.39 51.53
C LEU HD 17 77.48 -72.65 51.44
N LEU HD 18 78.22 -73.00 52.49
CA LEU HD 18 79.10 -74.16 52.47
C LEU HD 18 78.60 -75.18 53.50
N LEU HD 19 78.48 -76.43 53.08
CA LEU HD 19 78.05 -77.49 53.96
C LEU HD 19 79.21 -78.02 54.79
N PRO HD 20 78.92 -78.76 55.84
CA PRO HD 20 80.01 -79.36 56.64
C PRO HD 20 80.84 -80.32 55.80
N MET HD 21 82.13 -80.39 56.15
CA MET HD 21 83.04 -81.27 55.41
C MET HD 21 82.58 -82.71 55.43
N GLU HD 22 81.82 -83.11 56.46
CA GLU HD 22 81.38 -84.48 56.60
C GLU HD 22 80.21 -84.83 55.69
N MET HD 23 79.59 -83.85 55.04
CA MET HD 23 78.43 -84.08 54.20
C MET HD 23 78.71 -83.92 52.70
N VAL HD 24 79.74 -83.17 52.33
CA VAL HD 24 80.04 -82.95 50.92
C VAL HD 24 80.48 -84.27 50.29
N PRO HD 25 80.23 -84.48 49.00
CA PRO HD 25 80.64 -85.74 48.38
C PRO HD 25 82.15 -85.89 48.36
N LEU HD 26 82.58 -87.08 47.95
CA LEU HD 26 84.00 -87.31 47.75
C LEU HD 26 84.49 -86.49 46.55
N PRO HD 27 85.77 -86.13 46.53
CA PRO HD 27 86.26 -85.28 45.44
C PRO HD 27 86.02 -85.87 44.07
N ALA HD 28 86.12 -87.19 43.94
CA ALA HD 28 85.90 -87.83 42.64
C ALA HD 28 84.47 -87.59 42.16
N VAL HD 29 83.50 -87.67 43.07
CA VAL HD 29 82.10 -87.52 42.68
C VAL HD 29 81.84 -86.09 42.20
N VAL HD 30 82.47 -85.11 42.84
CA VAL HD 30 82.18 -83.71 42.52
C VAL HD 30 82.55 -83.43 41.07
N LEU HD 31 83.70 -83.92 40.63
CA LEU HD 31 84.15 -83.67 39.27
C LEU HD 31 83.12 -84.13 38.24
N LYS HD 32 82.35 -85.18 38.57
CA LYS HD 32 81.36 -85.70 37.63
C LYS HD 32 80.31 -84.65 37.31
N HIS HD 33 79.83 -83.92 38.33
CA HIS HD 33 78.84 -82.88 38.08
C HIS HD 33 79.45 -81.71 37.32
N VAL HD 34 80.75 -81.48 37.47
CA VAL HD 34 81.39 -80.37 36.79
C VAL HD 34 81.27 -80.54 35.28
N LYS HD 35 81.54 -81.75 34.79
CA LYS HD 35 81.49 -81.99 33.36
C LYS HD 35 80.07 -81.78 32.83
N LEU HD 36 79.07 -82.29 33.55
CA LEU HD 36 77.69 -82.11 33.11
C LEU HD 36 77.29 -80.65 33.12
N ILE HD 37 77.55 -79.96 34.23
CA ILE HD 37 77.13 -78.57 34.36
C ILE HD 37 77.87 -77.70 33.34
N LEU HD 38 79.18 -77.89 33.22
CA LEU HD 38 79.95 -77.13 32.24
C LEU HD 38 79.48 -77.45 30.82
N THR HD 39 79.44 -78.72 30.48
CA THR HD 39 79.15 -79.11 29.10
C THR HD 39 77.67 -78.89 28.76
N SER HD 40 76.78 -79.28 29.67
CA SER HD 40 75.34 -79.13 29.44
C SER HD 40 74.92 -77.71 29.83
N GLN HD 41 75.48 -76.74 29.11
CA GLN HD 41 75.18 -75.34 29.33
C GLN HD 41 75.24 -74.60 28.01
N LYS HD 42 74.45 -73.52 27.92
CA LYS HD 42 74.39 -72.68 26.74
C LYS HD 42 74.56 -71.23 27.16
N GLU HD 43 75.12 -70.43 26.26
CA GLU HD 43 75.38 -69.02 26.52
C GLU HD 43 76.30 -68.87 27.74
N HIS HD 44 77.53 -69.37 27.56
CA HIS HD 44 78.52 -69.38 28.62
C HIS HD 44 78.49 -68.08 29.42
N GLN HD 45 78.56 -68.22 30.74
CA GLN HD 45 78.48 -67.12 31.68
C GLN HD 45 79.77 -67.03 32.48
N PRO HD 46 80.06 -65.86 33.07
CA PRO HD 46 81.36 -65.70 33.75
C PRO HD 46 81.60 -66.72 34.85
N TRP HD 47 80.57 -67.09 35.60
CA TRP HD 47 80.76 -68.01 36.71
C TRP HD 47 81.21 -69.39 36.25
N MET HD 48 80.93 -69.75 34.99
CA MET HD 48 81.38 -71.04 34.48
C MET HD 48 82.90 -71.12 34.48
N THR HD 49 83.57 -70.03 34.09
CA THR HD 49 85.03 -70.04 34.06
C THR HD 49 85.60 -70.25 35.46
N GLU HD 50 85.00 -69.62 36.46
CA GLU HD 50 85.49 -69.76 37.83
C GLU HD 50 85.43 -71.21 38.29
N MET HD 51 84.35 -71.91 37.96
CA MET HD 51 84.20 -73.29 38.38
C MET HD 51 85.31 -74.17 37.81
N ALA HD 52 85.63 -74.00 36.52
CA ALA HD 52 86.64 -74.83 35.89
C ALA HD 52 88.01 -74.60 36.50
N LEU HD 53 88.34 -73.34 36.77
CA LEU HD 53 89.67 -73.02 37.30
C LEU HD 53 89.92 -73.71 38.63
N LYS HD 54 88.92 -73.68 39.52
CA LYS HD 54 89.09 -74.34 40.82
C LYS HD 54 89.16 -75.85 40.66
N ALA HD 55 88.43 -76.40 39.69
CA ALA HD 55 88.38 -77.85 39.53
C ALA HD 55 89.77 -78.42 39.24
N ASP HD 56 90.51 -77.79 38.35
CA ASP HD 56 91.82 -78.31 37.99
C ASP HD 56 92.77 -78.29 39.19
N GLN HD 57 92.56 -77.36 40.13
CA GLN HD 57 93.43 -77.30 41.30
C GLN HD 57 93.36 -78.58 42.11
N CYS HD 58 92.15 -79.11 42.31
CA CYS HD 58 92.01 -80.36 43.06
C CYS HD 58 92.75 -81.49 42.36
N LEU HD 59 92.66 -81.55 41.02
CA LEU HD 59 93.39 -82.57 40.28
C LEU HD 59 94.89 -82.41 40.45
N ILE HD 60 95.38 -81.18 40.43
CA ILE HD 60 96.80 -80.93 40.61
C ILE HD 60 97.26 -81.45 41.97
N HIS HD 61 96.54 -81.08 43.02
CA HIS HD 61 96.87 -81.60 44.35
C HIS HD 61 96.68 -83.11 44.40
N LYS HD 62 95.60 -83.61 43.79
CA LYS HD 62 95.37 -85.04 43.78
C LYS HD 62 96.48 -85.79 43.06
N ALA HD 63 96.95 -85.24 41.93
CA ALA HD 63 98.06 -85.84 41.20
C ALA HD 63 99.39 -85.68 41.91
N THR HD 64 99.45 -84.88 42.98
CA THR HD 64 100.70 -84.66 43.69
C THR HD 64 100.97 -85.72 44.76
N LEU HD 65 99.92 -86.35 45.28
CA LEU HD 65 100.12 -87.34 46.35
C LEU HD 65 100.90 -88.54 45.86
N ASP HD 66 100.68 -88.97 44.61
CA ASP HD 66 101.41 -90.12 44.10
C ASP HD 66 102.91 -89.90 44.15
N PRO HD 78 104.43 -84.10 57.91
CA PRO HD 78 103.44 -83.03 57.75
C PRO HD 78 103.31 -82.53 56.32
N LEU HD 79 104.43 -82.19 55.68
CA LEU HD 79 104.37 -81.56 54.36
C LEU HD 79 103.69 -82.46 53.34
N ILE HD 80 104.04 -83.76 53.34
CA ILE HD 80 103.43 -84.68 52.39
C ILE HD 80 101.93 -84.79 52.64
N GLU HD 81 101.53 -84.92 53.91
CA GLU HD 81 100.13 -85.05 54.27
C GLU HD 81 99.41 -83.71 54.37
N ALA HD 82 100.14 -82.59 54.42
CA ALA HD 82 99.50 -81.29 54.58
C ALA HD 82 98.62 -80.96 53.38
N MET HD 83 99.10 -81.25 52.17
CA MET HD 83 98.34 -80.91 50.97
C MET HD 83 96.99 -81.64 50.95
N GLN HD 84 96.92 -82.82 51.56
CA GLN HD 84 95.66 -83.57 51.56
C GLN HD 84 94.55 -82.78 52.25
N GLN HD 85 94.90 -81.95 53.23
CA GLN HD 85 93.89 -81.17 53.93
C GLN HD 85 93.18 -80.20 52.98
N ILE HD 86 93.94 -79.57 52.09
CA ILE HD 86 93.35 -78.59 51.17
C ILE HD 86 92.41 -79.28 50.20
N ILE HD 87 92.75 -80.51 49.78
CA ILE HD 87 91.93 -81.21 48.79
C ILE HD 87 90.51 -81.33 49.30
N LEU HD 88 90.34 -81.78 50.55
CA LEU HD 88 89.00 -81.89 51.12
C LEU HD 88 88.33 -80.52 51.21
N ALA HD 89 89.09 -79.50 51.62
CA ALA HD 89 88.53 -78.17 51.72
C ALA HD 89 88.10 -77.64 50.36
N MET HD 90 88.91 -77.89 49.33
CA MET HD 90 88.59 -77.36 48.01
C MET HD 90 87.23 -77.84 47.53
N THR HD 91 86.87 -79.08 47.85
CA THR HD 91 85.58 -79.61 47.47
C THR HD 91 84.44 -78.82 48.11
N ARG HD 92 84.60 -78.46 49.39
CA ARG HD 92 83.55 -77.76 50.10
C ARG HD 92 83.18 -76.45 49.41
N GLU HD 93 84.19 -75.67 49.02
CA GLU HD 93 83.90 -74.45 48.26
C GLU HD 93 83.40 -74.79 46.87
N LEU HD 94 83.97 -75.83 46.24
CA LEU HD 94 83.56 -76.20 44.90
C LEU HD 94 82.11 -76.68 44.87
N TRP HD 95 81.73 -77.50 45.85
CA TRP HD 95 80.37 -78.03 45.88
C TRP HD 95 79.34 -76.92 46.07
N GLY HD 96 79.76 -75.81 46.69
CA GLY HD 96 78.81 -74.73 46.90
C GLY HD 96 78.29 -74.15 45.60
N GLN HD 97 79.16 -74.03 44.60
CA GLN HD 97 78.71 -73.50 43.32
C GLN HD 97 77.81 -74.48 42.58
N ILE HD 98 78.02 -75.78 42.79
CA ILE HD 98 77.20 -76.78 42.13
C ILE HD 98 75.74 -76.62 42.54
N GLN HD 99 75.49 -76.47 43.84
CA GLN HD 99 74.12 -76.33 44.31
C GLN HD 99 73.50 -75.04 43.85
N ARG HD 100 74.30 -73.98 43.71
CA ARG HD 100 73.75 -72.72 43.20
C ARG HD 100 73.21 -72.89 41.80
N HIS HD 101 73.94 -73.61 40.94
CA HIS HD 101 73.46 -73.84 39.58
C HIS HD 101 72.23 -74.74 39.57
N HIS HD 102 72.27 -75.82 40.35
CA HIS HD 102 71.15 -76.76 40.37
C HIS HD 102 69.94 -76.14 41.08
N TYR HD 103 70.10 -75.82 42.37
CA TYR HD 103 68.98 -75.32 43.16
C TYR HD 103 68.78 -73.83 42.94
N GLY HD 104 69.78 -73.03 43.28
CA GLY HD 104 69.68 -71.58 43.24
C GLY HD 104 70.31 -71.02 44.50
N ILE HD 105 70.85 -69.80 44.39
CA ILE HD 105 71.56 -69.20 45.53
C ILE HD 105 70.60 -69.00 46.69
N VAL HD 106 69.40 -68.48 46.43
CA VAL HD 106 68.48 -68.17 47.51
C VAL HD 106 68.08 -69.43 48.25
N GLN HD 107 67.74 -70.49 47.51
CA GLN HD 107 67.28 -71.72 48.15
C GLN HD 107 68.39 -72.36 48.98
N VAL HD 108 69.64 -72.26 48.52
CA VAL HD 108 70.74 -72.89 49.23
C VAL HD 108 70.87 -72.31 50.64
N GLU HD 109 70.77 -70.99 50.75
CA GLU HD 109 70.92 -70.35 52.05
C GLU HD 109 69.98 -70.97 53.07
N HIS HD 110 68.71 -71.14 52.70
CA HIS HD 110 67.75 -71.76 53.61
C HIS HD 110 68.15 -73.19 53.93
N TYR HD 111 68.58 -73.94 52.91
CA TYR HD 111 68.91 -75.35 53.13
C TYR HD 111 70.05 -75.51 54.12
N VAL HD 112 71.09 -74.69 54.00
CA VAL HD 112 72.25 -74.84 54.88
C VAL HD 112 71.86 -74.62 56.33
N LYS HD 113 71.12 -73.53 56.59
CA LYS HD 113 70.72 -73.25 57.95
C LYS HD 113 69.84 -74.35 58.51
N GLN HD 114 68.91 -74.87 57.69
CA GLN HD 114 68.10 -76.00 58.12
C GLN HD 114 68.98 -77.20 58.45
N ILE HD 115 69.99 -77.46 57.62
CA ILE HD 115 70.93 -78.54 57.91
C ILE HD 115 71.70 -78.23 59.18
N THR HD 116 72.15 -76.99 59.34
CA THR HD 116 72.93 -76.62 60.51
C THR HD 116 72.14 -76.83 61.79
N LEU HD 117 70.92 -76.31 61.83
CA LEU HD 117 70.07 -76.52 63.00
C LEU HD 117 69.78 -78.00 63.20
N TRP HD 118 69.50 -78.72 62.10
CA TRP HD 118 69.27 -80.15 62.19
C TRP HD 118 70.50 -80.86 62.75
N GLN HD 119 71.69 -80.48 62.30
CA GLN HD 119 72.90 -81.09 62.84
C GLN HD 119 73.16 -80.63 64.27
N ASP HD 120 72.80 -79.39 64.59
CA ASP HD 120 73.03 -78.86 65.93
C ASP HD 120 72.21 -79.61 66.97
N THR HD 121 70.95 -79.88 66.67
CA THR HD 121 70.09 -80.56 67.64
C THR HD 121 70.63 -81.95 67.94
N PRO HD 122 70.57 -82.40 69.20
CA PRO HD 122 71.07 -83.74 69.51
C PRO HD 122 70.31 -84.82 68.75
N GLN HD 123 71.03 -85.90 68.42
CA GLN HD 123 70.45 -86.96 67.62
C GLN HD 123 69.26 -87.63 68.30
N ALA HD 124 69.15 -87.51 69.62
CA ALA HD 124 68.04 -88.15 70.32
C ALA HD 124 66.70 -87.61 69.85
N PHE HD 125 66.60 -86.30 69.66
CA PHE HD 125 65.38 -85.66 69.20
C PHE HD 125 65.66 -84.79 67.97
N ARG HD 126 66.65 -85.18 67.17
CA ARG HD 126 67.04 -84.37 66.02
C ARG HD 126 65.91 -84.27 65.00
N GLY HD 127 65.23 -85.38 64.73
CA GLY HD 127 64.18 -85.39 63.74
C GLY HD 127 64.65 -85.80 62.37
N ASP HD 128 63.70 -85.85 61.44
CA ASP HD 128 64.00 -86.25 60.07
C ASP HD 128 64.87 -85.21 59.40
N GLN HD 129 65.86 -85.68 58.65
CA GLN HD 129 66.75 -84.78 57.93
C GLN HD 129 65.98 -84.04 56.84
N PRO HD 130 66.09 -82.72 56.73
CA PRO HD 130 65.35 -82.00 55.69
C PRO HD 130 65.86 -82.36 54.30
N LYS HD 131 64.95 -82.28 53.33
CA LYS HD 131 65.27 -82.60 51.96
C LYS HD 131 65.77 -81.37 51.21
N PRO HD 132 66.51 -81.56 50.13
CA PRO HD 132 67.02 -80.41 49.37
C PRO HD 132 65.89 -79.58 48.81
N PRO HD 133 66.15 -78.32 48.46
CA PRO HD 133 65.09 -77.47 47.90
C PRO HD 133 64.67 -77.89 46.50
N SER HD 134 63.76 -77.12 45.90
CA SER HD 134 63.31 -77.39 44.54
C SER HD 134 64.32 -76.83 43.54
N PHE HD 135 64.41 -77.50 42.39
CA PHE HD 135 65.34 -77.09 41.36
C PHE HD 135 64.93 -75.75 40.76
N THR ID 3 92.17 -80.24 31.69
CA THR ID 3 91.16 -80.52 30.66
C THR ID 3 89.88 -79.72 30.84
N PHE ID 4 89.44 -79.52 32.08
CA PHE ID 4 88.19 -78.80 32.30
C PHE ID 4 88.27 -77.38 31.76
N ILE ID 5 89.38 -76.70 32.00
CA ILE ID 5 89.53 -75.33 31.51
C ILE ID 5 89.49 -75.30 29.99
N GLU ID 6 90.05 -76.34 29.36
CA GLU ID 6 90.01 -76.42 27.90
C GLU ID 6 88.58 -76.49 27.39
N LEU ID 7 87.72 -77.23 28.09
CA LEU ID 7 86.32 -77.33 27.67
C LEU ID 7 85.65 -75.97 27.70
N VAL ID 8 85.94 -75.16 28.73
CA VAL ID 8 85.38 -73.82 28.80
C VAL ID 8 85.86 -72.98 27.62
N LYS ID 9 87.16 -73.08 27.31
CA LYS ID 9 87.71 -72.32 26.20
C LYS ID 9 87.11 -72.74 24.87
N ASN ID 10 86.44 -73.89 24.82
CA ASN ID 10 85.78 -74.37 23.61
C ASN ID 10 84.34 -73.91 23.51
N MET ID 11 83.87 -73.11 24.46
CA MET ID 11 82.47 -72.70 24.49
C MET ID 11 82.23 -71.55 23.53
N LYS ID 12 81.01 -71.03 23.54
CA LYS ID 12 80.59 -69.90 22.74
C LYS ID 12 80.37 -68.69 23.66
N GLY ID 13 80.95 -67.56 23.29
CA GLY ID 13 80.86 -66.36 24.10
C GLY ID 13 81.90 -66.26 25.19
N TYR ID 14 82.75 -67.27 25.36
CA TYR ID 14 83.79 -67.20 26.37
C TYR ID 14 84.79 -66.11 26.05
N LYS ID 15 85.24 -65.41 27.09
CA LYS ID 15 86.18 -64.30 26.93
C LYS ID 15 87.22 -64.38 28.03
N GLU ID 16 88.47 -64.12 27.67
CA GLU ID 16 89.56 -64.18 28.63
C GLU ID 16 89.43 -63.04 29.64
N LEU ID 17 89.78 -63.35 30.90
CA LEU ID 17 89.82 -62.35 31.96
C LEU ID 17 91.11 -62.36 32.76
N LEU ID 18 91.95 -63.39 32.62
CA LEU ID 18 93.20 -63.45 33.34
C LEU ID 18 94.30 -62.74 32.54
N LEU ID 19 95.52 -62.81 33.05
CA LEU ID 19 96.66 -62.12 32.47
C LEU ID 19 97.84 -63.05 32.43
N PRO ID 20 98.84 -62.76 31.60
CA PRO ID 20 100.03 -63.62 31.54
C PRO ID 20 100.70 -63.72 32.91
N MET ID 21 101.28 -64.90 33.16
CA MET ID 21 101.92 -65.14 34.45
C MET ID 21 102.95 -64.06 34.77
N GLU ID 22 103.66 -63.56 33.74
CA GLU ID 22 104.66 -62.53 33.96
C GLU ID 22 104.02 -61.25 34.47
N MET ID 23 102.88 -60.86 33.91
CA MET ID 23 102.18 -59.63 34.30
C MET ID 23 101.28 -59.91 35.51
N VAL ID 24 101.89 -60.45 36.56
CA VAL ID 24 101.18 -60.73 37.81
C VAL ID 24 102.04 -60.25 38.98
N PRO ID 25 101.51 -59.43 39.87
CA PRO ID 25 102.31 -58.97 41.02
C PRO ID 25 102.85 -60.13 41.83
N LEU ID 26 103.79 -59.80 42.71
CA LEU ID 26 104.40 -60.79 43.59
C LEU ID 26 103.40 -61.22 44.65
N PRO ID 27 103.61 -62.39 45.27
CA PRO ID 27 102.70 -62.84 46.33
C PRO ID 27 102.78 -61.96 47.56
N ALA ID 28 101.98 -62.28 48.58
CA ALA ID 28 101.98 -61.54 49.83
C ALA ID 28 101.51 -60.11 49.60
N VAL ID 29 102.29 -59.32 48.87
CA VAL ID 29 101.93 -57.92 48.63
C VAL ID 29 100.62 -57.84 47.86
N VAL ID 30 100.43 -58.74 46.88
CA VAL ID 30 99.20 -58.74 46.10
C VAL ID 30 97.99 -58.96 47.00
N LEU ID 31 98.18 -59.71 48.10
CA LEU ID 31 97.07 -59.96 49.02
C LEU ID 31 96.58 -58.69 49.69
N LYS ID 32 97.36 -57.61 49.66
CA LYS ID 32 96.96 -56.38 50.33
C LYS ID 32 95.69 -55.80 49.72
N HIS ID 33 95.57 -55.86 48.39
CA HIS ID 33 94.36 -55.38 47.74
C HIS ID 33 93.12 -56.11 48.26
N VAL ID 34 93.28 -57.33 48.78
CA VAL ID 34 92.16 -58.06 49.34
C VAL ID 34 91.56 -57.28 50.50
N LYS ID 35 92.41 -56.82 51.40
CA LYS ID 35 91.93 -56.08 52.57
C LYS ID 35 91.25 -54.78 52.15
N LEU ID 36 91.81 -54.09 51.15
CA LEU ID 36 91.27 -52.80 50.75
C LEU ID 36 89.92 -52.94 50.05
N ILE ID 37 89.51 -54.16 49.70
CA ILE ID 37 88.25 -54.38 49.00
C ILE ID 37 87.27 -55.09 49.92
N LEU ID 38 87.80 -55.85 50.88
CA LEU ID 38 86.96 -56.51 51.87
C LEU ID 38 86.66 -55.60 53.06
N THR ID 39 87.71 -55.07 53.69
CA THR ID 39 87.52 -54.22 54.85
C THR ID 39 86.74 -52.96 54.48
N SER ID 40 87.08 -52.36 53.34
CA SER ID 40 86.39 -51.16 52.87
C SER ID 40 85.18 -51.54 52.00
N GLN ID 41 84.28 -52.32 52.61
CA GLN ID 41 83.12 -52.82 51.90
C GLN ID 41 82.01 -53.13 52.90
N LYS ID 42 80.80 -53.25 52.36
CA LYS ID 42 79.63 -53.58 53.16
C LYS ID 42 78.61 -54.24 52.23
N GLU ID 43 77.54 -54.78 52.82
CA GLU ID 43 76.52 -55.49 52.07
C GLU ID 43 77.13 -56.69 51.34
N HIS ID 44 77.61 -57.63 52.16
CA HIS ID 44 78.26 -58.85 51.70
C HIS ID 44 77.54 -59.44 50.50
N GLN ID 45 78.27 -59.59 49.40
CA GLN ID 45 77.75 -60.15 48.17
C GLN ID 45 78.36 -61.52 47.90
N PRO ID 46 77.71 -62.35 47.09
CA PRO ID 46 78.22 -63.72 46.89
C PRO ID 46 79.65 -63.77 46.38
N TRP ID 47 80.03 -62.85 45.49
CA TRP ID 47 81.38 -62.91 44.93
C TRP ID 47 82.43 -62.58 45.97
N MET ID 48 82.07 -61.82 47.00
CA MET ID 48 83.05 -61.48 48.03
C MET ID 48 83.55 -62.72 48.74
N THR ID 49 82.65 -63.67 49.03
CA THR ID 49 83.06 -64.91 49.68
C THR ID 49 84.02 -65.69 48.80
N GLU ID 50 83.76 -65.71 47.49
CA GLU ID 50 84.64 -66.43 46.57
C GLU ID 50 86.07 -65.89 46.66
N MET ID 51 86.21 -64.57 46.66
CA MET ID 51 87.54 -63.97 46.78
C MET ID 51 88.18 -64.33 48.12
N ALA ID 52 87.40 -64.28 49.19
CA ALA ID 52 87.95 -64.56 50.52
C ALA ID 52 88.44 -66.01 50.61
N LEU ID 53 87.66 -66.95 50.08
CA LEU ID 53 88.02 -68.36 50.16
C LEU ID 53 89.15 -68.73 49.21
N LYS ID 54 89.53 -67.85 48.29
CA LYS ID 54 90.63 -68.08 47.38
C LYS ID 54 91.93 -67.44 47.87
N ALA ID 55 91.86 -66.19 48.33
CA ALA ID 55 93.06 -65.51 48.80
C ALA ID 55 93.66 -66.21 50.01
N ASP ID 56 92.81 -66.65 50.94
CA ASP ID 56 93.30 -67.31 52.15
C ASP ID 56 94.05 -68.60 51.83
N GLN ID 57 93.81 -69.19 50.66
CA GLN ID 57 94.49 -70.43 50.31
C GLN ID 57 96.00 -70.20 50.16
N CYS ID 58 96.39 -69.05 49.60
CA CYS ID 58 97.80 -68.77 49.42
C CYS ID 58 98.54 -68.79 50.76
N LEU ID 59 97.92 -68.24 51.80
CA LEU ID 59 98.54 -68.28 53.13
C LEU ID 59 98.71 -69.72 53.60
N ILE ID 60 97.71 -70.55 53.35
CA ILE ID 60 97.79 -71.96 53.75
C ILE ID 60 98.97 -72.63 53.05
N HIS ID 61 99.07 -72.45 51.74
CA HIS ID 61 100.22 -72.97 51.01
C HIS ID 61 101.50 -72.29 51.46
N LYS ID 62 101.45 -70.98 51.68
CA LYS ID 62 102.62 -70.25 52.14
C LYS ID 62 103.03 -70.72 53.54
N ALA ID 63 102.05 -71.01 54.39
CA ALA ID 63 102.35 -71.45 55.75
C ALA ID 63 103.17 -72.74 55.76
N THR ID 64 103.06 -73.57 54.72
CA THR ID 64 103.82 -74.81 54.68
C THR ID 64 105.31 -74.57 54.52
N LEU ID 65 105.71 -73.37 54.09
CA LEU ID 65 107.14 -73.09 53.94
C LEU ID 65 107.89 -73.25 55.24
N ASP ID 66 107.23 -72.98 56.38
CA ASP ID 66 107.88 -73.20 57.67
C ASP ID 66 108.24 -74.67 57.86
N PRO ID 78 109.85 -82.69 44.41
CA PRO ID 78 108.67 -82.32 43.60
C PRO ID 78 107.52 -81.80 44.44
N LEU ID 79 107.33 -82.36 45.64
CA LEU ID 79 106.25 -81.89 46.50
C LEU ID 79 106.46 -80.44 46.90
N ILE ID 80 107.68 -80.07 47.26
CA ILE ID 80 107.97 -78.69 47.64
C ILE ID 80 107.90 -77.77 46.42
N GLU ID 81 108.48 -78.21 45.30
CA GLU ID 81 108.44 -77.40 44.08
C GLU ID 81 107.02 -77.21 43.58
N ALA ID 82 106.21 -78.27 43.61
CA ALA ID 82 104.88 -78.20 43.03
C ALA ID 82 104.03 -77.15 43.73
N MET ID 83 104.11 -77.07 45.06
CA MET ID 83 103.28 -76.11 45.79
C MET ID 83 103.61 -74.68 45.38
N GLN ID 84 104.89 -74.38 45.19
CA GLN ID 84 105.28 -73.02 44.80
C GLN ID 84 104.68 -72.64 43.46
N GLN ID 85 104.65 -73.59 42.51
CA GLN ID 85 104.07 -73.31 41.20
C GLN ID 85 102.59 -72.97 41.32
N ILE ID 86 101.87 -73.68 42.19
CA ILE ID 86 100.42 -73.48 42.30
C ILE ID 86 100.11 -72.07 42.76
N ILE ID 87 100.95 -71.49 43.61
CA ILE ID 87 100.67 -70.16 44.15
C ILE ID 87 100.57 -69.15 43.02
N LEU ID 88 101.43 -69.28 42.00
CA LEU ID 88 101.36 -68.36 40.87
C LEU ID 88 100.02 -68.46 40.16
N ALA ID 89 99.52 -69.68 39.97
CA ALA ID 89 98.24 -69.86 39.27
C ALA ID 89 97.10 -69.21 40.05
N MET ID 90 97.06 -69.43 41.37
CA MET ID 90 96.01 -68.83 42.18
C MET ID 90 96.15 -67.31 42.20
N THR ID 91 97.38 -66.81 42.25
CA THR ID 91 97.59 -65.36 42.25
C THR ID 91 97.04 -64.73 40.98
N ARG ID 92 97.21 -65.40 39.85
CA ARG ID 92 96.66 -64.89 38.59
C ARG ID 92 95.16 -64.74 38.67
N GLU ID 93 94.48 -65.73 39.25
CA GLU ID 93 93.03 -65.66 39.37
C GLU ID 93 92.60 -64.50 40.26
N LEU ID 94 93.35 -64.26 41.34
CA LEU ID 94 92.99 -63.18 42.26
C LEU ID 94 92.98 -61.84 41.55
N TRP ID 95 93.98 -61.58 40.72
CA TRP ID 95 94.06 -60.27 40.05
C TRP ID 95 92.87 -60.05 39.14
N GLY ID 96 92.45 -61.09 38.41
CA GLY ID 96 91.32 -60.93 37.51
C GLY ID 96 90.05 -60.52 38.24
N GLN ID 97 89.81 -61.12 39.42
CA GLN ID 97 88.65 -60.73 40.21
C GLN ID 97 88.75 -59.28 40.64
N ILE ID 98 89.95 -58.83 41.03
CA ILE ID 98 90.12 -57.46 41.48
C ILE ID 98 89.78 -56.49 40.35
N GLN ID 99 90.30 -56.76 39.15
CA GLN ID 99 89.97 -55.93 38.00
C GLN ID 99 88.50 -56.06 37.64
N ARG ID 100 87.92 -57.24 37.84
CA ARG ID 100 86.49 -57.43 37.59
C ARG ID 100 85.65 -56.53 38.51
N HIS ID 101 86.22 -56.04 39.59
CA HIS ID 101 85.54 -55.16 40.52
C HIS ID 101 85.92 -53.70 40.34
N HIS ID 102 87.21 -53.41 40.21
CA HIS ID 102 87.68 -52.04 40.09
C HIS ID 102 87.26 -51.43 38.76
N TYR ID 103 87.72 -52.00 37.66
CA TYR ID 103 87.43 -51.49 36.32
C TYR ID 103 86.25 -52.21 35.68
N GLY ID 104 85.14 -52.27 36.41
CA GLY ID 104 83.97 -52.92 35.87
C GLY ID 104 84.23 -54.40 35.60
N ILE ID 105 83.32 -54.99 34.83
CA ILE ID 105 83.45 -56.39 34.44
C ILE ID 105 83.41 -56.49 32.92
N VAL ID 106 82.80 -55.50 32.26
CA VAL ID 106 82.73 -55.49 30.80
C VAL ID 106 83.98 -54.87 30.22
N GLN ID 107 84.41 -53.72 30.75
CA GLN ID 107 85.59 -53.05 30.25
C GLN ID 107 86.86 -53.87 30.48
N VAL ID 108 86.84 -54.82 31.43
CA VAL ID 108 88.02 -55.63 31.69
C VAL ID 108 88.38 -56.46 30.47
N GLU ID 109 87.37 -57.06 29.83
CA GLU ID 109 87.65 -57.91 28.67
C GLU ID 109 88.34 -57.12 27.57
N HIS ID 110 87.90 -55.87 27.34
CA HIS ID 110 88.52 -55.06 26.31
C HIS ID 110 89.99 -54.81 26.62
N TYR ID 111 90.31 -54.53 27.88
CA TYR ID 111 91.70 -54.26 28.24
C TYR ID 111 92.57 -55.49 28.00
N VAL ID 112 92.13 -56.65 28.49
CA VAL ID 112 92.92 -57.87 28.31
C VAL ID 112 93.02 -58.23 26.84
N LYS ID 113 91.96 -57.96 26.08
CA LYS ID 113 92.02 -58.20 24.64
C LYS ID 113 93.18 -57.44 24.01
N GLN ID 114 93.36 -56.17 24.38
CA GLN ID 114 94.46 -55.39 23.84
C GLN ID 114 95.80 -55.86 24.39
N ILE ID 115 95.82 -56.30 25.65
CA ILE ID 115 97.06 -56.77 26.25
C ILE ID 115 97.61 -57.94 25.45
N THR ID 116 96.75 -58.88 25.07
CA THR ID 116 97.20 -60.05 24.32
C THR ID 116 97.83 -59.63 23.00
N LEU ID 117 97.18 -58.72 22.28
CA LEU ID 117 97.73 -58.24 21.00
C LEU ID 117 99.03 -57.48 21.22
N TRP ID 118 99.07 -56.63 22.24
CA TRP ID 118 100.24 -55.78 22.47
C TRP ID 118 101.48 -56.59 22.85
N GLN ID 119 101.30 -57.80 23.38
CA GLN ID 119 102.43 -58.63 23.79
C GLN ID 119 102.76 -59.72 22.78
N ASP ID 120 101.75 -60.30 22.13
CA ASP ID 120 102.01 -61.39 21.19
C ASP ID 120 102.83 -60.90 20.00
N THR ID 121 102.53 -59.70 19.51
CA THR ID 121 103.29 -59.16 18.39
C THR ID 121 104.75 -58.94 18.80
N PRO ID 122 105.68 -58.99 17.86
CA PRO ID 122 107.09 -58.79 18.21
C PRO ID 122 107.32 -57.40 18.78
N GLN ID 123 108.33 -57.31 19.65
CA GLN ID 123 108.60 -56.05 20.35
C GLN ID 123 108.91 -54.91 19.39
N ALA ID 124 109.31 -55.21 18.15
CA ALA ID 124 109.62 -54.16 17.19
C ALA ID 124 108.36 -53.50 16.62
N PHE ID 125 107.18 -54.03 16.91
CA PHE ID 125 105.94 -53.51 16.37
C PHE ID 125 104.92 -53.10 17.43
N ARG ID 126 105.17 -53.42 18.71
CA ARG ID 126 104.17 -53.16 19.74
C ARG ID 126 103.83 -51.68 19.82
N GLY ID 127 104.81 -50.85 20.15
CA GLY ID 127 104.58 -49.43 20.31
C GLY ID 127 104.56 -49.00 21.77
N ASP ID 128 103.37 -48.68 22.28
CA ASP ID 128 103.20 -48.24 23.65
C ASP ID 128 102.16 -49.10 24.34
N GLN ID 129 102.38 -49.39 25.62
CA GLN ID 129 101.43 -50.19 26.37
C GLN ID 129 100.09 -49.46 26.46
N PRO ID 130 98.97 -50.16 26.25
CA PRO ID 130 97.66 -49.51 26.37
C PRO ID 130 97.27 -49.40 27.84
N LYS ID 131 97.07 -48.17 28.30
CA LYS ID 131 96.76 -47.95 29.70
C LYS ID 131 95.39 -48.55 30.02
N PRO ID 132 95.26 -49.27 31.16
CA PRO ID 132 93.96 -49.82 31.50
C PRO ID 132 92.95 -48.73 31.80
N PRO ID 133 91.66 -48.99 31.60
CA PRO ID 133 90.65 -47.97 31.93
C PRO ID 133 90.63 -47.66 33.41
N SER ID 134 90.27 -46.43 33.73
CA SER ID 134 90.22 -45.98 35.12
C SER ID 134 88.99 -46.56 35.81
N PHE ID 135 88.78 -46.16 37.06
CA PHE ID 135 87.68 -46.65 37.88
C PHE ID 135 86.39 -46.00 37.39
N THR JD 3 100.70 -68.83 -10.21
CA THR JD 3 100.20 -68.13 -11.39
C THR JD 3 98.80 -67.57 -11.17
N PHE JD 4 98.03 -68.15 -10.25
CA PHE JD 4 96.71 -67.60 -9.96
C PHE JD 4 96.80 -66.18 -9.43
N ILE JD 5 97.79 -65.91 -8.57
CA ILE JD 5 97.95 -64.56 -8.05
C ILE JD 5 98.17 -63.59 -9.19
N GLU JD 6 98.93 -64.00 -10.20
CA GLU JD 6 99.11 -63.17 -11.38
C GLU JD 6 97.77 -62.92 -12.07
N LEU JD 7 96.92 -63.94 -12.15
CA LEU JD 7 95.62 -63.77 -12.77
C LEU JD 7 94.77 -62.77 -12.01
N VAL JD 8 95.05 -62.59 -10.72
CA VAL JD 8 94.32 -61.61 -9.92
C VAL JD 8 95.14 -60.34 -9.68
N LYS JD 9 96.46 -60.40 -9.84
CA LYS JD 9 97.28 -59.20 -9.63
C LYS JD 9 96.85 -58.06 -10.54
N ASN JD 10 96.26 -58.38 -11.70
CA ASN JD 10 95.76 -57.35 -12.59
C ASN JD 10 94.37 -56.86 -12.22
N MET JD 11 93.67 -57.56 -11.33
CA MET JD 11 92.33 -57.14 -10.94
C MET JD 11 92.39 -55.80 -10.19
N LYS JD 12 91.33 -55.01 -10.36
CA LYS JD 12 91.28 -53.70 -9.74
C LYS JD 12 91.30 -53.80 -8.22
N GLY JD 13 90.56 -54.74 -7.65
CA GLY JD 13 90.44 -54.85 -6.22
C GLY JD 13 91.47 -55.75 -5.58
N TYR JD 14 92.44 -56.21 -6.36
CA TYR JD 14 93.49 -57.07 -5.83
C TYR JD 14 94.32 -56.33 -4.79
N LYS JD 15 94.70 -57.04 -3.73
CA LYS JD 15 95.45 -56.45 -2.63
C LYS JD 15 96.52 -57.43 -2.17
N GLU JD 16 97.59 -56.88 -1.61
CA GLU JD 16 98.68 -57.70 -1.05
C GLU JD 16 98.33 -58.03 0.39
N LEU JD 17 97.45 -59.02 0.55
CA LEU JD 17 97.03 -59.44 1.88
C LEU JD 17 98.16 -60.11 2.65
N LEU JD 18 99.20 -60.57 1.96
CA LEU JD 18 100.32 -61.23 2.61
C LEU JD 18 101.17 -60.20 3.33
N LEU JD 19 101.00 -60.09 4.65
CA LEU JD 19 101.72 -59.10 5.42
C LEU JD 19 103.18 -59.52 5.59
N PRO JD 20 104.05 -58.59 5.97
CA PRO JD 20 105.47 -58.93 6.12
C PRO JD 20 105.67 -60.07 7.10
N MET JD 21 106.66 -60.92 6.80
CA MET JD 21 106.95 -62.06 7.65
C MET JD 21 107.34 -61.61 9.05
N GLU JD 22 108.18 -60.58 9.15
CA GLU JD 22 108.57 -60.08 10.47
C GLU JD 22 107.38 -59.57 11.26
N MET JD 23 106.35 -59.06 10.56
CA MET JD 23 105.20 -58.49 11.25
C MET JD 23 104.45 -59.53 12.07
N VAL JD 24 104.26 -60.71 11.51
CA VAL JD 24 103.45 -61.75 12.15
C VAL JD 24 104.28 -62.46 13.22
N PRO JD 25 103.64 -63.02 14.26
CA PRO JD 25 104.39 -63.79 15.27
C PRO JD 25 104.64 -65.23 14.85
N LEU JD 26 105.18 -66.03 15.76
CA LEU JD 26 105.44 -67.42 15.46
C LEU JD 26 104.12 -68.19 15.28
N PRO JD 27 104.16 -69.33 14.59
CA PRO JD 27 102.90 -70.05 14.32
C PRO JD 27 102.13 -70.42 15.56
N ALA JD 28 102.82 -70.79 16.63
CA ALA JD 28 102.13 -71.26 17.83
C ALA JD 28 101.24 -70.17 18.42
N VAL JD 29 101.73 -68.94 18.47
CA VAL JD 29 100.96 -67.86 19.07
C VAL JD 29 99.71 -67.56 18.25
N VAL JD 30 99.82 -67.63 16.92
CA VAL JD 30 98.68 -67.30 16.07
C VAL JD 30 97.51 -68.24 16.35
N LEU JD 31 97.81 -69.53 16.52
CA LEU JD 31 96.75 -70.49 16.81
C LEU JD 31 95.95 -70.09 18.04
N LYS JD 32 96.59 -69.44 19.00
CA LYS JD 32 95.89 -69.01 20.20
C LYS JD 32 94.77 -68.03 19.86
N HIS JD 33 95.04 -67.07 18.96
CA HIS JD 33 94.04 -66.08 18.63
C HIS JD 33 92.90 -66.67 17.82
N VAL JD 34 93.17 -67.75 17.08
CA VAL JD 34 92.12 -68.37 16.28
C VAL JD 34 91.02 -68.90 17.20
N LYS JD 35 91.41 -69.57 18.29
CA LYS JD 35 90.42 -70.03 19.26
C LYS JD 35 89.69 -68.85 19.89
N LEU JD 36 90.42 -67.79 20.24
CA LEU JD 36 89.81 -66.64 20.90
C LEU JD 36 88.85 -65.91 19.97
N ILE JD 37 89.25 -65.70 18.72
CA ILE JD 37 88.39 -64.98 17.79
C ILE JD 37 87.18 -65.82 17.41
N LEU JD 38 87.38 -67.11 17.12
CA LEU JD 38 86.26 -67.98 16.81
C LEU JD 38 85.32 -68.10 18.00
N THR JD 39 85.87 -68.27 19.20
CA THR JD 39 85.04 -68.38 20.39
C THR JD 39 84.24 -67.10 20.63
N SER JD 40 84.89 -65.95 20.51
CA SER JD 40 84.21 -64.68 20.76
C SER JD 40 83.09 -64.46 19.75
N GLN JD 41 83.35 -64.74 18.48
CA GLN JD 41 82.36 -64.51 17.44
C GLN JD 41 81.18 -65.46 17.62
N LYS JD 42 79.98 -64.96 17.35
CA LYS JD 42 78.76 -65.74 17.52
C LYS JD 42 78.03 -66.01 16.22
N GLU JD 43 77.78 -64.99 15.41
CA GLU JD 43 77.05 -65.20 14.16
C GLU JD 43 77.85 -66.12 13.23
N HIS JD 44 77.13 -67.04 12.59
CA HIS JD 44 77.76 -68.02 11.71
C HIS JD 44 77.82 -67.48 10.29
N GLN JD 45 79.03 -67.38 9.76
CA GLN JD 45 79.29 -67.00 8.38
C GLN JD 45 80.30 -67.96 7.78
N PRO JD 46 80.34 -68.07 6.45
CA PRO JD 46 81.27 -69.03 5.84
C PRO JD 46 82.73 -68.79 6.15
N TRP JD 47 83.12 -67.54 6.46
CA TRP JD 47 84.54 -67.26 6.67
C TRP JD 47 85.08 -68.01 7.88
N MET JD 48 84.33 -68.02 8.98
CA MET JD 48 84.79 -68.74 10.17
C MET JD 48 84.87 -70.24 9.89
N THR JD 49 83.90 -70.78 9.15
CA THR JD 49 83.94 -72.19 8.80
C THR JD 49 85.19 -72.50 7.97
N GLU JD 50 85.50 -71.66 6.99
CA GLU JD 50 86.70 -71.83 6.20
C GLU JD 50 87.96 -71.42 6.96
N MET JD 51 87.83 -70.45 7.87
CA MET JD 51 88.98 -70.00 8.64
C MET JD 51 89.55 -71.13 9.49
N ALA JD 52 88.68 -71.91 10.13
CA ALA JD 52 89.15 -73.03 10.94
C ALA JD 52 89.88 -74.06 10.08
N LEU JD 53 89.34 -74.36 8.90
CA LEU JD 53 89.96 -75.35 8.03
C LEU JD 53 91.37 -74.94 7.62
N LYS JD 54 91.54 -73.66 7.28
CA LYS JD 54 92.85 -73.17 6.87
C LYS JD 54 93.86 -73.31 7.98
N ALA JD 55 93.46 -73.01 9.22
CA ALA JD 55 94.38 -73.12 10.35
C ALA JD 55 94.62 -74.57 10.73
N ASP JD 56 93.67 -75.45 10.45
CA ASP JD 56 93.82 -76.85 10.84
C ASP JD 56 95.03 -77.49 10.17
N GLN JD 57 95.27 -77.16 8.90
CA GLN JD 57 96.36 -77.79 8.17
C GLN JD 57 97.69 -77.59 8.89
N CYS JD 58 97.89 -76.42 9.50
CA CYS JD 58 99.14 -76.15 10.21
C CYS JD 58 99.37 -77.15 11.33
N LEU JD 59 98.31 -77.59 12.00
CA LEU JD 59 98.47 -78.54 13.09
C LEU JD 59 99.04 -79.86 12.60
N ILE JD 60 98.58 -80.33 11.45
CA ILE JD 60 99.07 -81.61 10.92
C ILE JD 60 100.56 -81.53 10.64
N HIS JD 61 101.00 -80.40 10.06
CA HIS JD 61 102.43 -80.24 9.76
C HIS JD 61 103.27 -80.24 11.03
N LYS JD 62 102.72 -79.72 12.13
CA LYS JD 62 103.44 -79.74 13.40
C LYS JD 62 103.80 -81.16 13.80
N ALA JD 63 102.81 -82.06 13.76
CA ALA JD 63 103.06 -83.46 14.12
C ALA JD 63 103.78 -84.20 13.01
N THR JD 64 103.51 -83.86 11.75
CA THR JD 64 104.16 -84.54 10.64
C THR JD 64 105.67 -84.41 10.73
N LEU JD 65 106.16 -83.18 10.94
CA LEU JD 65 107.60 -82.98 11.09
C LEU JD 65 108.08 -83.45 12.46
N PRO JD 78 115.54 -80.83 0.91
CA PRO JD 78 114.64 -79.87 0.26
C PRO JD 78 113.18 -80.06 0.63
N LEU JD 79 112.75 -81.30 0.85
CA LEU JD 79 111.36 -81.55 1.20
C LEU JD 79 111.03 -80.97 2.57
N ILE JD 80 111.85 -81.29 3.58
CA ILE JD 80 111.58 -80.80 4.93
C ILE JD 80 111.68 -79.28 4.99
N GLU JD 81 112.70 -78.71 4.35
CA GLU JD 81 112.90 -77.27 4.41
C GLU JD 81 111.72 -76.53 3.80
N ALA JD 82 111.19 -77.04 2.68
CA ALA JD 82 110.06 -76.38 2.04
C ALA JD 82 108.84 -76.35 2.97
N MET JD 83 108.60 -77.43 3.71
CA MET JD 83 107.45 -77.47 4.61
C MET JD 83 107.56 -76.37 5.67
N GLN JD 84 108.78 -76.13 6.17
CA GLN JD 84 108.96 -75.09 7.17
C GLN JD 84 108.53 -73.73 6.63
N GLN JD 85 108.89 -73.43 5.38
CA GLN JD 85 108.46 -72.18 4.76
C GLN JD 85 106.96 -72.20 4.48
N ILE JD 86 106.40 -73.37 4.15
CA ILE JD 86 104.97 -73.46 3.87
C ILE JD 86 104.16 -73.09 5.10
N ILE JD 87 104.58 -73.58 6.26
CA ILE JD 87 103.85 -73.26 7.49
C ILE JD 87 103.81 -71.76 7.71
N LEU JD 88 104.95 -71.09 7.53
CA LEU JD 88 104.98 -69.64 7.68
C LEU JD 88 104.11 -68.94 6.65
N ALA JD 89 103.95 -69.55 5.47
CA ALA JD 89 103.10 -68.95 4.44
C ALA JD 89 101.66 -68.85 4.92
N MET JD 90 101.16 -69.90 5.56
CA MET JD 90 99.78 -69.88 6.04
C MET JD 90 99.61 -68.92 7.21
N THR JD 91 100.65 -68.77 8.04
CA THR JD 91 100.55 -67.87 9.19
C THR JD 91 100.28 -66.45 8.74
N ARG JD 92 100.97 -65.99 7.70
CA ARG JD 92 100.73 -64.64 7.19
C ARG JD 92 99.29 -64.50 6.71
N GLU JD 93 98.78 -65.50 6.00
CA GLU JD 93 97.40 -65.46 5.54
C GLU JD 93 96.42 -65.43 6.71
N LEU JD 94 96.68 -66.26 7.73
CA LEU JD 94 95.77 -66.31 8.88
C LEU JD 94 95.75 -64.98 9.63
N TRP JD 95 96.91 -64.38 9.85
CA TRP JD 95 96.97 -63.14 10.61
C TRP JD 95 96.20 -62.03 9.91
N GLY JD 96 96.11 -62.08 8.58
CA GLY JD 96 95.36 -61.06 7.87
C GLY JD 96 93.89 -61.06 8.23
N GLN JD 97 93.28 -62.25 8.26
CA GLN JD 97 91.88 -62.34 8.64
C GLN JD 97 91.68 -61.92 10.09
N ILE JD 98 92.64 -62.25 10.96
CA ILE JD 98 92.55 -61.87 12.36
C ILE JD 98 92.49 -60.35 12.48
N GLN JD 99 93.42 -59.65 11.83
CA GLN JD 99 93.46 -58.19 11.94
C GLN JD 99 92.28 -57.56 11.22
N ARG JD 100 91.92 -58.05 10.05
CA ARG JD 100 90.80 -57.48 9.30
C ARG JD 100 89.49 -57.64 10.08
N HIS JD 101 89.29 -58.81 10.71
CA HIS JD 101 88.07 -59.02 11.46
C HIS JD 101 88.01 -58.13 12.69
N HIS JD 102 89.13 -58.01 13.43
CA HIS JD 102 89.13 -57.20 14.63
C HIS JD 102 88.94 -55.73 14.31
N TYR JD 103 89.74 -55.20 13.39
CA TYR JD 103 89.68 -53.77 13.04
C TYR JD 103 88.82 -53.54 11.80
N GLY JD 104 89.19 -54.14 10.68
CA GLY JD 104 88.49 -53.93 9.43
C GLY JD 104 89.40 -54.18 8.25
N ILE JD 105 88.78 -54.43 7.10
CA ILE JD 105 89.55 -54.74 5.91
C ILE JD 105 90.36 -53.53 5.45
N VAL JD 106 89.74 -52.35 5.46
CA VAL JD 106 90.42 -51.16 4.96
C VAL JD 106 91.55 -50.76 5.90
N GLN JD 107 91.32 -50.87 7.21
CA GLN JD 107 92.31 -50.40 8.17
C GLN JD 107 93.62 -51.16 8.03
N VAL JD 108 93.54 -52.49 7.87
CA VAL JD 108 94.75 -53.29 7.72
C VAL JD 108 95.49 -52.87 6.45
N GLU JD 109 94.76 -52.77 5.34
CA GLU JD 109 95.38 -52.30 4.11
C GLU JD 109 95.93 -50.89 4.25
N HIS JD 110 95.28 -50.07 5.06
CA HIS JD 110 95.73 -48.69 5.28
C HIS JD 110 96.93 -48.64 6.22
N TYR JD 111 96.96 -49.49 7.23
CA TYR JD 111 97.99 -49.43 8.26
C TYR JD 111 99.24 -50.23 7.94
N VAL JD 112 99.12 -51.30 7.14
CA VAL JD 112 100.27 -52.16 6.87
C VAL JD 112 101.37 -51.37 6.19
N LYS JD 113 101.02 -50.54 5.22
CA LYS JD 113 102.04 -49.80 4.47
C LYS JD 113 102.79 -48.83 5.36
N GLN JD 114 102.08 -48.20 6.31
CA GLN JD 114 102.71 -47.18 7.13
C GLN JD 114 103.91 -47.72 7.89
N ILE JD 115 103.75 -48.89 8.52
CA ILE JD 115 104.85 -49.45 9.31
C ILE JD 115 106.00 -49.86 8.40
N THR JD 116 105.70 -50.35 7.20
CA THR JD 116 106.76 -50.73 6.28
C THR JD 116 107.62 -49.53 5.91
N LEU JD 117 106.99 -48.37 5.68
CA LEU JD 117 107.74 -47.16 5.37
C LEU JD 117 108.65 -46.77 6.54
N TRP JD 118 108.12 -46.85 7.77
CA TRP JD 118 108.93 -46.47 8.92
C TRP JD 118 110.19 -47.32 9.03
N GLN JD 119 110.17 -48.54 8.49
CA GLN JD 119 111.35 -49.38 8.52
C GLN JD 119 112.31 -49.05 7.37
N ASP JD 120 111.78 -48.99 6.15
CA ASP JD 120 112.59 -48.71 4.96
C ASP JD 120 112.89 -47.22 4.93
N THR JD 121 113.80 -46.80 5.80
CA THR JD 121 114.20 -45.41 5.91
C THR JD 121 115.57 -45.37 6.59
N PRO JD 122 116.41 -44.37 6.29
CA PRO JD 122 117.77 -44.35 6.87
C PRO JD 122 117.78 -44.13 8.37
N GLN JD 123 117.37 -45.16 9.12
CA GLN JD 123 117.46 -45.19 10.58
C GLN JD 123 117.16 -43.84 11.24
N ALA JD 124 118.04 -42.85 11.05
CA ALA JD 124 117.94 -41.62 11.81
C ALA JD 124 116.58 -40.96 11.60
N PHE JD 125 116.19 -40.74 10.36
CA PHE JD 125 114.89 -40.14 10.04
C PHE JD 125 113.83 -41.21 9.80
N ARG JD 126 113.74 -42.17 10.73
CA ARG JD 126 112.77 -43.25 10.56
C ARG JD 126 111.34 -42.73 10.69
N GLY JD 127 111.11 -41.80 11.60
CA GLY JD 127 109.78 -41.26 11.80
C GLY JD 127 109.48 -40.99 13.26
N ASP JD 128 108.31 -41.44 13.72
CA ASP JD 128 107.91 -41.24 15.10
C ASP JD 128 107.25 -42.48 15.68
N GLN JD 129 107.67 -43.67 15.22
CA GLN JD 129 107.12 -44.92 15.72
C GLN JD 129 105.60 -44.91 15.52
N PRO JD 130 105.13 -45.05 14.28
CA PRO JD 130 103.69 -44.89 14.04
C PRO JD 130 102.85 -45.80 14.92
N LYS JD 131 101.79 -45.24 15.48
CA LYS JD 131 100.95 -45.98 16.40
C LYS JD 131 100.12 -47.02 15.65
N PRO JD 132 99.85 -48.16 16.28
CA PRO JD 132 98.97 -49.15 15.66
C PRO JD 132 97.54 -48.66 15.63
N PRO JD 133 96.70 -49.22 14.76
CA PRO JD 133 95.33 -48.70 14.63
C PRO JD 133 94.56 -48.82 15.94
N THR KD 3 90.88 68.95 57.14
CA THR KD 3 89.57 69.08 57.79
C THR KD 3 88.48 68.38 56.99
N PHE KD 4 88.52 68.50 55.67
CA PHE KD 4 87.46 67.91 54.85
C PHE KD 4 87.40 66.40 55.00
N ILE KD 5 88.57 65.75 54.99
CA ILE KD 5 88.60 64.29 55.08
C ILE KD 5 87.96 63.82 56.37
N GLU KD 6 88.18 64.57 57.46
CA GLU KD 6 87.54 64.24 58.72
C GLU KD 6 86.02 64.27 58.57
N LEU KD 7 85.49 65.25 57.83
CA LEU KD 7 84.05 65.34 57.63
C LEU KD 7 83.53 64.13 56.85
N VAL KD 8 84.27 63.70 55.83
CA VAL KD 8 83.82 62.58 55.01
C VAL KD 8 83.85 61.29 55.82
N LYS KD 9 84.88 61.11 56.64
CA LYS KD 9 84.95 59.90 57.47
C LYS KD 9 83.71 59.76 58.34
N ASN KD 10 83.07 60.88 58.68
CA ASN KD 10 81.82 60.86 59.44
C ASN KD 10 80.63 60.65 58.50
N MET KD 11 80.68 59.53 57.78
CA MET KD 11 79.64 59.19 56.82
C MET KD 11 79.41 57.69 56.84
N LYS KD 12 78.25 57.29 56.31
CA LYS KD 12 77.82 55.91 56.35
C LYS KD 12 78.21 55.17 55.08
N GLY KD 13 78.67 53.94 55.24
CA GLY KD 13 79.19 53.17 54.13
C GLY KD 13 80.62 53.49 53.76
N TYR KD 14 81.36 54.18 54.63
CA TYR KD 14 82.73 54.59 54.36
C TYR KD 14 83.66 53.41 54.57
N LYS KD 15 84.27 52.93 53.50
CA LYS KD 15 85.25 51.84 53.56
C LYS KD 15 86.62 52.42 53.23
N GLU KD 16 87.56 52.28 54.17
CA GLU KD 16 88.89 52.82 53.96
C GLU KD 16 89.63 52.04 52.88
N LEU KD 17 90.47 52.76 52.13
CA LEU KD 17 91.19 52.15 51.01
C LEU KD 17 92.65 52.59 50.96
N LEU KD 18 93.17 53.24 51.99
CA LEU KD 18 94.54 53.74 52.00
C LEU KD 18 95.34 53.00 53.07
N LEU KD 19 96.51 52.51 52.68
CA LEU KD 19 97.39 51.81 53.61
C LEU KD 19 98.21 52.80 54.42
N PRO KD 20 98.82 52.34 55.51
CA PRO KD 20 99.69 53.23 56.29
C PRO KD 20 100.86 53.73 55.46
N MET KD 21 101.30 54.95 55.79
CA MET KD 21 102.42 55.54 55.05
C MET KD 21 103.67 54.68 55.14
N GLU KD 22 103.80 53.87 56.19
CA GLU KD 22 104.98 53.06 56.37
C GLU KD 22 104.99 51.80 55.51
N MET KD 23 103.88 51.48 54.85
CA MET KD 23 103.79 50.28 54.04
C MET KD 23 103.76 50.54 52.54
N VAL KD 24 103.35 51.73 52.11
CA VAL KD 24 103.26 52.04 50.69
C VAL KD 24 104.66 52.04 50.09
N PRO KD 25 104.82 51.71 48.81
CA PRO KD 25 106.16 51.71 48.22
C PRO KD 25 106.74 53.11 48.17
N LEU KD 26 108.02 53.17 47.79
CA LEU KD 26 108.66 54.45 47.56
C LEU KD 26 108.04 55.12 46.34
N PRO KD 27 108.06 56.46 46.26
CA PRO KD 27 107.41 57.13 45.13
C PRO KD 27 107.94 56.68 43.79
N ALA KD 28 109.25 56.39 43.69
CA ALA KD 28 109.82 55.95 42.42
C ALA KD 28 109.18 54.63 41.97
N VAL KD 29 108.96 53.71 42.90
CA VAL KD 29 108.40 52.41 42.55
C VAL KD 29 106.98 52.56 42.04
N VAL KD 30 106.20 53.46 42.63
CA VAL KD 30 104.80 53.58 42.27
C VAL KD 30 104.67 53.96 40.80
N LEU KD 31 105.48 54.92 40.35
CA LEU KD 31 105.40 55.37 38.97
C LEU KD 31 105.58 54.21 37.99
N LYS KD 32 106.33 53.18 38.37
CA LYS KD 32 106.57 52.06 37.47
C LYS KD 32 105.26 51.35 37.15
N HIS KD 33 104.41 51.13 38.15
CA HIS KD 33 103.13 50.49 37.89
C HIS KD 33 102.20 51.37 37.08
N VAL KD 34 102.35 52.69 37.20
CA VAL KD 34 101.49 53.61 36.46
C VAL KD 34 101.65 53.40 34.96
N LYS KD 35 102.90 53.29 34.50
CA LYS KD 35 103.15 53.11 33.08
C LYS KD 35 102.55 51.81 32.58
N LEU KD 36 102.73 50.73 33.34
CA LEU KD 36 102.17 49.44 32.93
C LEU KD 36 100.65 49.48 32.91
N ILE KD 37 100.04 49.98 33.99
CA ILE KD 37 98.59 49.99 34.08
C ILE KD 37 97.99 50.90 33.02
N LEU KD 38 98.57 52.10 32.87
CA LEU KD 38 98.07 53.01 31.84
C LEU KD 38 98.28 52.43 30.45
N THR KD 39 99.51 52.01 30.15
CA THR KD 39 99.82 51.57 28.79
C THR KD 39 99.18 50.22 28.49
N SER KD 40 99.27 49.28 29.42
CA SER KD 40 98.71 47.94 29.23
C SER KD 40 97.22 47.97 29.58
N GLN KD 41 96.48 48.76 28.81
CA GLN KD 41 95.05 48.89 29.00
C GLN KD 41 94.38 49.12 27.66
N LYS KD 42 93.13 48.67 27.56
CA LYS KD 42 92.33 48.81 26.35
C LYS KD 42 90.99 49.42 26.72
N GLU KD 43 90.41 50.16 25.78
CA GLU KD 43 89.12 50.83 25.98
C GLU KD 43 89.21 51.79 27.18
N HIS KD 44 90.05 52.81 26.99
CA HIS KD 44 90.33 53.80 28.02
C HIS KD 44 89.07 54.17 28.78
N GLN KD 45 89.19 54.23 30.11
CA GLN KD 45 88.09 54.51 31.01
C GLN KD 45 88.36 55.79 31.78
N PRO KD 46 87.33 56.43 32.33
CA PRO KD 46 87.52 57.74 32.96
C PRO KD 46 88.54 57.71 34.09
N TRP KD 47 88.58 56.64 34.88
CA TRP KD 47 89.50 56.59 36.01
C TRP KD 47 90.95 56.60 35.58
N MET KD 48 91.25 56.20 34.34
CA MET KD 48 92.63 56.23 33.86
C MET KD 48 93.14 57.66 33.82
N THR KD 49 92.32 58.61 33.38
CA THR KD 49 92.74 60.00 33.33
C THR KD 49 93.08 60.53 34.71
N GLU KD 50 92.27 60.17 35.71
CA GLU KD 50 92.52 60.65 37.07
C GLU KD 50 93.88 60.18 37.57
N MET KD 51 94.24 58.93 37.28
CA MET KD 51 95.51 58.40 37.75
C MET KD 51 96.68 59.20 37.19
N ALA KD 52 96.64 59.51 35.88
CA ALA KD 52 97.75 60.21 35.26
C ALA KD 52 97.91 61.60 35.82
N LEU KD 53 96.79 62.31 36.05
CA LEU KD 53 96.87 63.68 36.53
C LEU KD 53 97.58 63.76 37.87
N LYS KD 54 97.23 62.85 38.79
CA LYS KD 54 97.88 62.85 40.11
C LYS KD 54 99.35 62.48 39.99
N ALA KD 55 99.69 61.58 39.06
CA ALA KD 55 101.07 61.12 38.95
C ALA KD 55 102.02 62.26 38.64
N ASP KD 56 101.65 63.13 37.70
CA ASP KD 56 102.54 64.23 37.34
C ASP KD 56 102.76 65.17 38.51
N GLN KD 57 101.80 65.27 39.42
CA GLN KD 57 101.96 66.16 40.56
C GLN KD 57 103.15 65.75 41.43
N CYS KD 58 103.31 64.45 41.67
CA CYS KD 58 104.44 63.98 42.45
C CYS KD 58 105.75 64.32 41.77
N LEU KD 59 105.81 64.18 40.44
CA LEU KD 59 107.01 64.56 39.72
C LEU KD 59 107.30 66.04 39.85
N ILE KD 60 106.26 66.87 39.77
CA ILE KD 60 106.44 68.32 39.90
C ILE KD 60 107.03 68.65 41.27
N HIS KD 61 106.46 68.09 42.33
CA HIS KD 61 107.01 68.31 43.66
C HIS KD 61 108.40 67.68 43.77
N LYS KD 62 108.58 66.49 43.19
CA LYS KD 62 109.88 65.85 43.24
C LYS KD 62 110.93 66.67 42.51
N ALA KD 63 110.57 67.25 41.36
CA ALA KD 63 111.48 68.10 40.61
C ALA KD 63 111.71 69.45 41.28
N THR KD 64 110.93 69.77 42.33
CA THR KD 64 111.07 71.05 43.00
C THR KD 64 112.13 71.04 44.10
N LEU KD 65 112.43 69.87 44.67
CA LEU KD 65 113.40 69.81 45.76
C LEU KD 65 114.80 70.20 45.29
N ASP KD 66 115.18 69.82 44.07
CA ASP KD 66 116.50 70.16 43.56
C ASP KD 66 116.72 71.67 43.56
N PRO KD 78 111.30 75.25 57.11
CA PRO KD 78 109.99 74.60 56.93
C PRO KD 78 109.51 74.59 55.50
N LEU KD 79 109.53 75.73 54.81
CA LEU KD 79 108.93 75.82 53.48
C LEU KD 79 109.63 74.87 52.51
N ILE KD 80 110.95 74.83 52.54
CA ILE KD 80 111.69 73.95 51.62
C ILE KD 80 111.34 72.49 51.92
N GLU KD 81 111.33 72.12 53.20
CA GLU KD 81 111.04 70.75 53.59
C GLU KD 81 109.55 70.45 53.68
N ALA KD 82 108.69 71.48 53.68
CA ALA KD 82 107.26 71.25 53.82
C ALA KD 82 106.71 70.47 52.63
N MET KD 83 107.16 70.79 51.41
CA MET KD 83 106.63 70.11 50.23
C MET KD 83 106.93 68.63 50.25
N GLN KD 84 108.04 68.23 50.91
CA GLN KD 84 108.38 66.81 50.96
C GLN KD 84 107.29 66.00 51.65
N GLN KD 85 106.58 66.61 52.59
CA GLN KD 85 105.53 65.89 53.30
C GLN KD 85 104.41 65.47 52.34
N ILE KD 86 104.05 66.35 51.41
CA ILE KD 86 102.96 66.03 50.48
C ILE KD 86 103.37 64.91 49.55
N ILE KD 87 104.65 64.86 49.16
CA ILE KD 87 105.11 63.84 48.22
C ILE KD 87 104.80 62.46 48.76
N LEU KD 88 105.15 62.20 50.02
CA LEU KD 88 104.85 60.91 50.63
C LEU KD 88 103.35 60.68 50.69
N ALA KD 89 102.58 61.71 51.05
CA ALA KD 89 101.13 61.57 51.13
C ALA KD 89 100.54 61.26 49.77
N MET KD 90 101.03 61.93 48.72
CA MET KD 90 100.46 61.74 47.39
C MET KD 90 100.54 60.29 46.97
N THR KD 91 101.61 59.59 47.34
CA THR KD 91 101.75 58.18 47.00
C THR KD 91 100.64 57.35 47.64
N ARG KD 92 100.32 57.66 48.90
CA ARG KD 92 99.33 56.86 49.63
C ARG KD 92 97.99 56.87 48.90
N GLU KD 93 97.54 58.05 48.46
CA GLU KD 93 96.31 58.11 47.67
C GLU KD 93 96.52 57.48 46.30
N LEU KD 94 97.69 57.71 45.70
CA LEU KD 94 97.96 57.16 44.37
C LEU KD 94 98.00 55.64 44.41
N TRP KD 95 98.65 55.06 45.42
CA TRP KD 95 98.76 53.61 45.49
C TRP KD 95 97.40 52.96 45.68
N GLY KD 96 96.44 53.69 46.25
CA GLY KD 96 95.12 53.12 46.45
C GLY KD 96 94.45 52.74 45.15
N GLN KD 97 94.61 53.57 44.12
CA GLN KD 97 93.99 53.26 42.82
C GLN KD 97 94.69 52.09 42.14
N ILE KD 98 95.99 51.92 42.39
CA ILE KD 98 96.72 50.81 41.77
C ILE KD 98 96.13 49.49 42.23
N GLN KD 99 95.89 49.34 43.52
CA GLN KD 99 95.35 48.08 44.04
C GLN KD 99 93.94 47.84 43.54
N ARG KD 100 93.16 48.91 43.35
CA ARG KD 100 91.81 48.74 42.81
C ARG KD 100 91.85 48.12 41.42
N HIS KD 101 92.76 48.58 40.58
CA HIS KD 101 92.88 48.02 39.24
C HIS KD 101 93.38 46.58 39.29
N HIS KD 102 94.41 46.32 40.10
CA HIS KD 102 94.98 44.97 40.18
C HIS KD 102 94.03 44.03 40.90
N TYR KD 103 93.73 44.31 42.17
CA TYR KD 103 92.90 43.42 42.97
C TYR KD 103 91.43 43.65 42.71
N GLY KD 104 90.95 44.85 43.01
CA GLY KD 104 89.54 45.19 42.92
C GLY KD 104 89.15 45.98 44.16
N ILE KD 105 88.15 46.85 43.99
CA ILE KD 105 87.76 47.74 45.08
C ILE KD 105 87.26 46.93 46.27
N VAL KD 106 86.42 45.92 46.03
CA VAL KD 106 85.82 45.15 47.12
C VAL KD 106 86.91 44.43 47.91
N GLN KD 107 87.83 43.78 47.21
CA GLN KD 107 88.86 43.01 47.89
C GLN KD 107 89.77 43.91 48.72
N VAL KD 108 90.05 45.12 48.22
CA VAL KD 108 90.97 46.00 48.93
C VAL KD 108 90.41 46.35 50.31
N GLU KD 109 89.12 46.65 50.38
CA GLU KD 109 88.51 47.01 51.66
C GLU KD 109 88.82 45.97 52.72
N HIS KD 110 88.61 44.69 52.39
CA HIS KD 110 88.92 43.62 53.33
C HIS KD 110 90.39 43.59 53.69
N TYR KD 111 91.26 43.76 52.69
CA TYR KD 111 92.69 43.67 52.93
C TYR KD 111 93.16 44.75 53.91
N VAL KD 112 92.68 45.98 53.74
CA VAL KD 112 93.14 47.08 54.58
C VAL KD 112 92.78 46.81 56.03
N LYS KD 113 91.53 46.43 56.28
CA LYS KD 113 91.10 46.17 57.66
C LYS KD 113 91.89 45.02 58.27
N GLN KD 114 92.14 43.96 57.49
CA GLN KD 114 92.97 42.88 57.97
C GLN KD 114 94.37 43.38 58.31
N ILE KD 115 94.93 44.24 57.47
CA ILE KD 115 96.23 44.83 57.78
C ILE KD 115 96.13 45.70 59.01
N THR KD 116 95.06 46.49 59.11
CA THR KD 116 94.92 47.40 60.26
C THR KD 116 94.86 46.62 61.56
N LEU KD 117 94.00 45.60 61.62
CA LEU KD 117 93.93 44.77 62.81
C LEU KD 117 95.26 44.07 63.06
N TRP KD 118 95.88 43.56 62.00
CA TRP KD 118 97.19 42.93 62.14
C TRP KD 118 98.21 43.90 62.69
N GLN KD 119 98.21 45.14 62.20
CA GLN KD 119 99.12 46.14 62.73
C GLN KD 119 98.73 46.57 64.14
N ASP KD 120 97.42 46.59 64.42
CA ASP KD 120 96.96 47.02 65.73
C ASP KD 120 97.42 46.05 66.83
N THR KD 121 97.32 44.76 66.56
CA THR KD 121 97.68 43.76 67.57
C THR KD 121 99.17 43.89 67.90
N PRO KD 122 99.56 43.74 69.17
CA PRO KD 122 100.98 43.84 69.51
C PRO KD 122 101.81 42.77 68.81
N GLN KD 123 103.05 43.14 68.49
CA GLN KD 123 103.93 42.25 67.74
C GLN KD 123 104.20 40.94 68.47
N ALA KD 124 104.02 40.91 69.80
CA ALA KD 124 104.30 39.68 70.54
C ALA KD 124 103.40 38.55 70.07
N PHE KD 125 102.12 38.83 69.86
CA PHE KD 125 101.16 37.83 69.40
C PHE KD 125 100.44 38.31 68.14
N ARG KD 126 101.13 39.11 67.33
CA ARG KD 126 100.48 39.69 66.15
C ARG KD 126 100.08 38.61 65.15
N GLY KD 127 100.96 37.63 64.93
CA GLY KD 127 100.68 36.57 63.97
C GLY KD 127 101.24 36.87 62.60
N ASP KD 128 101.04 35.91 61.71
CA ASP KD 128 101.53 36.03 60.34
C ASP KD 128 100.80 37.16 59.61
N GLN KD 129 101.56 37.94 58.84
CA GLN KD 129 100.97 39.03 58.09
C GLN KD 129 100.06 38.46 56.99
N PRO KD 130 98.84 38.95 56.84
CA PRO KD 130 97.96 38.42 55.80
C PRO KD 130 98.49 38.75 54.40
N LYS KD 131 98.16 37.87 53.46
CA LYS KD 131 98.59 38.04 52.09
C LYS KD 131 97.58 38.84 51.29
N PRO KD 132 98.01 39.47 50.19
CA PRO KD 132 97.07 40.26 49.39
C PRO KD 132 95.96 39.40 48.83
N PRO KD 133 94.84 40.01 48.44
CA PRO KD 133 93.72 39.23 47.87
C PRO KD 133 94.04 38.66 46.50
N SER KD 134 93.05 37.99 45.91
CA SER KD 134 93.21 37.45 44.57
C SER KD 134 92.99 38.53 43.51
N PHE KD 135 93.68 38.39 42.39
CA PHE KD 135 93.58 39.37 41.32
C PHE KD 135 92.20 39.35 40.69
N THR LD 3 104.63 63.79 31.09
CA THR LD 3 104.62 62.71 30.09
C THR LD 3 103.49 61.72 30.27
N PHE LD 4 103.13 61.40 31.52
CA PHE LD 4 102.07 60.42 31.75
C PHE LD 4 100.75 60.88 31.17
N ILE LD 5 100.42 62.17 31.36
CA ILE LD 5 99.17 62.68 30.82
C ILE LD 5 99.17 62.60 29.30
N GLU LD 6 100.33 62.81 28.69
CA GLU LD 6 100.42 62.71 27.23
C GLU LD 6 100.09 61.30 26.77
N LEU LD 7 100.54 60.29 27.51
CA LEU LD 7 100.23 58.91 27.14
C LEU LD 7 98.73 58.67 27.14
N VAL LD 8 98.02 59.21 28.13
CA VAL LD 8 96.58 59.07 28.17
C VAL LD 8 95.95 59.73 26.96
N LYS LD 9 96.42 60.94 26.62
CA LYS LD 9 95.88 61.64 25.46
C LYS LD 9 96.14 60.90 24.16
N ASN LD 10 97.04 59.93 24.17
CA ASN LD 10 97.34 59.11 22.99
C ASN LD 10 96.48 57.86 22.93
N MET LD 11 95.55 57.67 23.85
CA MET LD 11 94.76 56.47 23.91
C MET LD 11 93.59 56.54 22.91
N LYS LD 12 92.76 55.51 22.94
CA LYS LD 12 91.56 55.43 22.11
C LYS LD 12 90.34 55.60 23.00
N GLY LD 13 89.42 56.46 22.58
CA GLY LD 13 88.23 56.75 23.36
C GLY LD 13 88.41 57.81 24.42
N TYR LD 14 89.62 58.33 24.59
CA TYR LD 14 89.84 59.38 25.59
C TYR LD 14 89.09 60.65 25.19
N LYS LD 15 88.52 61.32 26.20
CA LYS LD 15 87.75 62.53 25.99
C LYS LD 15 88.10 63.54 27.07
N GLU LD 16 88.22 64.80 26.67
CA GLU LD 16 88.57 65.86 27.60
C GLU LD 16 87.43 66.11 28.59
N LEU LD 17 87.80 66.39 29.84
CA LEU LD 17 86.83 66.74 30.87
C LEU LD 17 87.19 68.00 31.63
N LEU LD 18 88.43 68.50 31.50
CA LEU LD 18 88.84 69.70 32.19
C LEU LD 18 88.49 70.93 31.35
N LEU LD 19 88.90 72.10 31.82
CA LEU LD 19 88.58 73.37 31.19
C LEU LD 19 89.83 74.23 31.15
N PRO LD 20 89.86 75.24 30.29
CA PRO LD 20 91.02 76.13 30.23
C PRO LD 20 91.29 76.78 31.57
N MET LD 21 92.57 77.02 31.86
CA MET LD 21 92.96 77.60 33.14
C MET LD 21 92.22 78.90 33.39
N GLU LD 22 91.98 79.68 32.33
CA GLU LD 22 91.27 80.95 32.50
C GLU LD 22 89.85 80.73 32.99
N MET LD 23 89.16 79.73 32.43
CA MET LD 23 87.78 79.43 32.81
C MET LD 23 87.75 78.53 34.05
N VAL LD 24 88.42 78.99 35.10
CA VAL LD 24 88.47 78.27 36.37
C VAL LD 24 88.22 79.27 37.49
N PRO LD 25 87.26 79.04 38.39
CA PRO LD 25 87.03 79.98 39.49
C PRO LD 25 88.29 80.18 40.32
N LEU LD 26 88.22 81.21 41.18
CA LEU LD 26 89.32 81.52 42.06
C LEU LD 26 89.43 80.48 43.17
N PRO LD 27 90.59 80.37 43.82
CA PRO LD 27 90.73 79.40 44.91
C PRO LD 27 89.88 79.77 46.12
N ALA LD 28 89.94 78.94 47.16
CA ALA LD 28 89.18 79.21 48.39
C ALA LD 28 87.69 79.15 48.13
N VAL LD 29 87.18 80.12 47.35
CA VAL LD 29 85.75 80.16 47.08
C VAL LD 29 85.30 78.91 46.33
N VAL LD 30 86.13 78.44 45.40
CA VAL LD 30 85.79 77.23 44.65
C VAL LD 30 85.64 76.04 45.58
N LEU LD 31 86.37 76.04 46.69
CA LEU LD 31 86.27 74.94 47.65
C LEU LD 31 84.90 74.86 48.30
N LYS LD 32 84.10 75.92 48.21
CA LYS LD 32 82.79 75.91 48.86
C LYS LD 32 81.88 74.85 48.26
N HIS LD 33 81.94 74.66 46.93
CA HIS LD 33 81.14 73.63 46.30
C HIS LD 33 81.46 72.25 46.87
N VAL LD 34 82.66 72.07 47.42
CA VAL LD 34 83.02 70.80 48.03
C VAL LD 34 82.08 70.48 49.19
N LYS LD 35 81.85 71.48 50.05
CA LYS LD 35 80.98 71.26 51.21
C LYS LD 35 79.55 70.97 50.77
N LEU LD 36 79.07 71.69 49.74
CA LEU LD 36 77.70 71.52 49.30
C LEU LD 36 77.45 70.17 48.65
N ILE LD 37 78.50 69.42 48.34
CA ILE LD 37 78.37 68.12 47.68
C ILE LD 37 78.74 67.01 48.64
N LEU LD 38 79.59 67.32 49.62
CA LEU LD 38 79.97 66.36 50.64
C LEU LD 38 78.98 66.38 51.81
N THR LD 39 78.77 67.56 52.40
CA THR LD 39 77.86 67.66 53.54
C THR LD 39 76.44 67.27 53.15
N SER LD 40 75.98 67.73 51.99
CA SER LD 40 74.65 67.40 51.49
C SER LD 40 74.69 66.11 50.67
N GLN LD 41 75.16 65.05 51.33
CA GLN LD 41 75.31 63.76 50.66
C GLN LD 41 75.26 62.65 51.69
N LYS LD 42 75.05 61.43 51.20
CA LYS LD 42 75.00 60.24 52.02
C LYS LD 42 75.35 59.05 51.14
N GLU LD 43 75.54 57.89 51.77
CA GLU LD 43 75.94 56.68 51.07
C GLU LD 43 77.29 56.88 50.37
N HIS LD 44 78.29 57.10 51.21
CA HIS LD 44 79.67 57.36 50.77
C HIS LD 44 80.05 56.45 49.60
N GLN LD 45 80.43 57.07 48.49
CA GLN LD 45 80.85 56.37 47.29
C GLN LD 45 82.34 56.55 47.06
N PRO LD 46 82.97 55.66 46.28
CA PRO LD 46 84.42 55.74 46.11
C PRO LD 46 84.90 57.08 45.58
N TRP LD 47 84.15 57.68 44.64
CA TRP LD 47 84.61 58.94 44.05
C TRP LD 47 84.58 60.07 45.05
N MET LD 48 83.72 59.99 46.07
CA MET LD 48 83.66 61.05 47.06
C MET LD 48 84.98 61.19 47.80
N THR LD 49 85.62 60.06 48.14
CA THR LD 49 86.90 60.13 48.81
C THR LD 49 87.96 60.79 47.93
N GLU LD 50 87.93 60.49 46.63
CA GLU LD 50 88.89 61.10 45.71
C GLU LD 50 88.79 62.61 45.75
N MET LD 51 87.57 63.14 45.71
CA MET LD 51 87.38 64.58 45.78
C MET LD 51 87.88 65.13 47.11
N ALA LD 52 87.58 64.44 48.21
CA ALA LD 52 87.98 64.93 49.53
C ALA LD 52 89.50 64.97 49.64
N LEU LD 53 90.19 63.94 49.16
CA LEU LD 53 91.64 63.88 49.28
C LEU LD 53 92.34 64.83 48.31
N LYS LD 54 91.63 65.41 47.35
CA LYS LD 54 92.20 66.37 46.42
C LYS LD 54 91.95 67.81 46.85
N ALA LD 55 90.73 68.12 47.28
CA ALA LD 55 90.41 69.48 47.71
C ALA LD 55 91.24 69.88 48.92
N ASP LD 56 91.38 68.98 49.89
CA ASP LD 56 92.13 69.30 51.10
C ASP LD 56 93.59 69.63 50.80
N GLN LD 57 94.12 69.19 49.66
CA GLN LD 57 95.51 69.47 49.33
C GLN LD 57 95.73 70.97 49.14
N CYS LD 58 94.76 71.66 48.53
CA CYS LD 58 94.90 73.09 48.32
C CYS LD 58 95.11 73.83 49.63
N LEU LD 59 94.37 73.44 50.67
CA LEU LD 59 94.56 74.06 51.97
C LEU LD 59 95.97 73.82 52.50
N ILE LD 60 96.49 72.60 52.29
CA ILE LD 60 97.84 72.30 52.74
C ILE LD 60 98.85 73.20 52.03
N HIS LD 61 98.74 73.30 50.71
CA HIS LD 61 99.59 74.23 49.96
C HIS LD 61 99.31 75.67 50.37
N LYS LD 62 98.02 76.01 50.54
CA LYS LD 62 97.67 77.35 50.96
C LYS LD 62 98.19 77.66 52.35
N ALA LD 63 98.18 76.67 53.23
CA ALA LD 63 98.65 76.88 54.60
C ALA LD 63 100.11 77.28 54.64
N THR LD 64 100.90 76.90 53.63
CA THR LD 64 102.31 77.26 53.61
C THR LD 64 102.52 78.75 53.40
N LEU LD 65 101.50 79.47 52.92
CA LEU LD 65 101.64 80.91 52.72
C LEU LD 65 101.99 81.62 54.01
N ASP LD 66 101.52 81.11 55.16
CA ASP LD 66 101.89 81.71 56.44
C ASP LD 66 103.39 81.63 56.66
N PRO LD 78 111.84 80.40 43.43
CA PRO LD 78 111.16 79.36 42.64
C PRO LD 78 110.31 78.43 43.49
N LEU LD 79 110.75 78.13 44.72
CA LEU LD 79 109.98 77.26 45.59
C LEU LD 79 108.63 77.90 45.93
N ILE LD 80 108.63 79.20 46.25
CA ILE LD 80 107.39 79.88 46.58
C ILE LD 80 106.52 80.03 45.34
N GLU LD 81 107.13 80.42 44.22
CA GLU LD 81 106.37 80.59 42.98
C GLU LD 81 105.79 79.26 42.50
N ALA LD 82 106.57 78.18 42.59
CA ALA LD 82 106.12 76.91 42.05
C ALA LD 82 104.85 76.43 42.73
N MET LD 83 104.77 76.56 44.05
CA MET LD 83 103.59 76.08 44.77
C MET LD 83 102.33 76.80 44.31
N GLN LD 84 102.42 78.11 44.09
CA GLN LD 84 101.24 78.86 43.65
C GLN LD 84 100.74 78.34 42.30
N GLN LD 85 101.66 78.00 41.40
CA GLN LD 85 101.26 77.50 40.08
C GLN LD 85 100.50 76.18 40.22
N ILE LD 86 100.94 75.31 41.13
CA ILE LD 86 100.33 74.00 41.27
C ILE LD 86 98.87 74.12 41.69
N ILE LD 87 98.55 75.12 42.52
CA ILE LD 87 97.19 75.26 43.02
C ILE LD 87 96.21 75.41 41.85
N LEU LD 88 96.61 76.16 40.82
CA LEU LD 88 95.73 76.33 39.67
C LEU LD 88 95.46 74.99 38.99
N ALA LD 89 96.48 74.16 38.85
CA ALA LD 89 96.30 72.87 38.20
C ALA LD 89 95.34 71.99 38.98
N MET LD 90 95.50 71.93 40.30
CA MET LD 90 94.60 71.13 41.12
C MET LD 90 93.18 71.69 41.09
N THR LD 91 93.06 73.02 41.09
CA THR LD 91 91.74 73.64 41.04
C THR LD 91 91.01 73.25 39.77
N ARG LD 92 91.72 73.18 38.65
CA ARG LD 92 91.10 72.78 37.40
C ARG LD 92 90.52 71.37 37.50
N GLU LD 93 91.26 70.46 38.14
CA GLU LD 93 90.76 69.09 38.29
C GLU LD 93 89.50 69.05 39.15
N LEU LD 94 89.47 69.88 40.21
CA LEU LD 94 88.32 69.88 41.11
C LEU LD 94 87.04 70.23 40.35
N TRP LD 95 87.10 71.24 39.48
CA TRP LD 95 85.90 71.67 38.78
C TRP LD 95 85.35 70.57 37.88
N GLY LD 96 86.23 69.85 37.20
CA GLY LD 96 85.78 68.77 36.33
C GLY LD 96 85.01 67.71 37.07
N GLN LD 97 85.47 67.35 38.27
CA GLN LD 97 84.75 66.37 39.08
C GLN LD 97 83.38 66.90 39.46
N ILE LD 98 83.30 68.18 39.81
CA ILE LD 98 82.02 68.77 40.21
C ILE LD 98 81.03 68.69 39.06
N GLN LD 99 81.46 69.07 37.86
CA GLN LD 99 80.59 68.95 36.70
C GLN LD 99 80.29 67.50 36.37
N ARG LD 100 81.26 66.60 36.62
CA ARG LD 100 81.02 65.18 36.42
C ARG LD 100 79.91 64.66 37.32
N HIS LD 101 79.58 65.40 38.39
CA HIS LD 101 78.51 65.02 39.31
C HIS LD 101 77.23 65.81 39.07
N HIS LD 102 77.33 67.12 38.89
CA HIS LD 102 76.16 67.97 38.72
C HIS LD 102 75.48 67.69 37.38
N TYR LD 103 76.20 67.93 36.28
CA TYR LD 103 75.64 67.76 34.94
C TYR LD 103 76.00 66.40 34.36
N GLY LD 104 75.73 65.33 35.11
CA GLY LD 104 76.02 64.02 34.61
C GLY LD 104 77.51 63.83 34.40
N ILE LD 105 77.83 62.77 33.66
CA ILE LD 105 79.21 62.46 33.31
C ILE LD 105 79.34 62.36 31.80
N VAL LD 106 78.22 62.04 31.13
CA VAL LD 106 78.23 61.92 29.67
C VAL LD 106 78.01 63.29 29.03
N GLN LD 107 77.03 64.03 29.52
CA GLN LD 107 76.75 65.36 28.97
C GLN LD 107 77.89 66.33 29.20
N VAL LD 108 78.76 66.07 30.17
CA VAL LD 108 79.87 66.96 30.44
C VAL LD 108 80.81 67.03 29.23
N GLU LD 109 81.11 65.88 28.63
CA GLU LD 109 82.01 65.85 27.49
C GLU LD 109 81.49 66.70 26.34
N HIS LD 110 80.18 66.63 26.09
CA HIS LD 110 79.60 67.44 25.01
C HIS LD 110 79.79 68.92 25.29
N TYR LD 111 79.58 69.35 26.52
CA TYR LD 111 79.73 70.78 26.85
C TYR LD 111 81.16 71.23 26.63
N VAL LD 112 82.14 70.49 27.16
CA VAL LD 112 83.52 70.89 27.01
C VAL LD 112 83.93 70.83 25.55
N LYS LD 113 83.39 69.87 24.79
CA LYS LD 113 83.67 69.82 23.36
C LYS LD 113 83.29 71.12 22.68
N GLN LD 114 82.12 71.67 23.01
CA GLN LD 114 81.70 72.93 22.41
C GLN LD 114 82.53 74.09 22.95
N ILE LD 115 82.93 74.03 24.22
CA ILE LD 115 83.73 75.11 24.80
C ILE LD 115 85.03 75.27 24.03
N THR LD 116 85.69 74.15 23.70
CA THR LD 116 86.95 74.23 22.97
C THR LD 116 86.76 74.91 21.62
N LEU LD 117 85.72 74.52 20.89
CA LEU LD 117 85.45 75.14 19.59
C LEU LD 117 85.10 76.62 19.75
N TRP LD 118 84.27 76.94 20.75
CA TRP LD 118 83.80 78.31 20.92
C TRP LD 118 84.91 79.27 21.29
N GLN LD 119 86.01 78.77 21.86
CA GLN LD 119 87.13 79.61 22.27
C GLN LD 119 88.29 79.59 21.29
N ASP LD 120 88.57 78.43 20.68
CA ASP LD 120 89.70 78.33 19.77
C ASP LD 120 89.50 79.21 18.54
N THR LD 121 88.28 79.26 18.02
CA THR LD 121 88.01 80.10 16.87
C THR LD 121 88.21 81.58 17.24
N PRO LD 122 88.55 82.42 16.26
CA PRO LD 122 88.76 83.84 16.58
C PRO LD 122 87.48 84.49 17.10
N GLN LD 123 87.67 85.51 17.95
CA GLN LD 123 86.54 86.16 18.60
C GLN LD 123 85.56 86.74 17.59
N ALA LD 124 86.00 87.00 16.36
CA ALA LD 124 85.10 87.56 15.35
C ALA LD 124 84.11 86.55 14.80
N PHE LD 125 84.27 85.26 15.13
CA PHE LD 125 83.41 84.21 14.61
C PHE LD 125 82.71 83.40 15.69
N ARG LD 126 83.05 83.58 16.96
CA ARG LD 126 82.50 82.74 18.01
C ARG LD 126 80.98 82.85 18.04
N GLY LD 127 80.46 84.03 18.33
CA GLY LD 127 79.04 84.24 18.45
C GLY LD 127 78.58 84.38 19.89
N ASP LD 128 77.93 83.37 20.43
CA ASP LD 128 77.42 83.37 21.79
C ASP LD 128 77.92 82.15 22.53
N GLN LD 129 78.23 82.32 23.81
CA GLN LD 129 78.70 81.20 24.61
C GLN LD 129 77.62 80.13 24.71
N PRO LD 130 77.96 78.85 24.54
CA PRO LD 130 76.96 77.78 24.69
C PRO LD 130 76.71 77.50 26.16
N LYS LD 131 75.46 77.68 26.58
CA LYS LD 131 75.13 77.49 27.99
C LYS LD 131 75.30 76.02 28.36
N PRO LD 132 75.91 75.72 29.51
CA PRO LD 132 76.07 74.32 29.91
C PRO LD 132 74.72 73.69 30.20
N PRO LD 133 74.60 72.38 30.05
CA PRO LD 133 73.32 71.73 30.35
C PRO LD 133 72.98 71.84 31.83
N SER LD 134 71.69 71.86 32.13
CA SER LD 134 71.23 72.00 33.50
C SER LD 134 71.40 70.67 34.24
N PHE LD 135 70.93 70.63 35.48
CA PHE LD 135 71.06 69.45 36.34
C PHE LD 135 70.07 68.40 35.86
N THR MD 3 97.15 73.87 -11.35
CA THR MD 3 96.36 73.57 -12.53
C THR MD 3 95.40 72.41 -12.29
N PHE MD 4 95.71 71.52 -11.34
CA PHE MD 4 94.81 70.42 -11.04
C PHE MD 4 93.46 70.95 -10.55
N ILE MD 5 93.47 71.99 -9.73
CA ILE MD 5 92.21 72.56 -9.25
C ILE MD 5 91.37 73.02 -10.43
N GLU MD 6 92.01 73.60 -11.45
CA GLU MD 6 91.29 73.96 -12.65
C GLU MD 6 90.68 72.74 -13.31
N LEU MD 7 91.42 71.62 -13.34
CA LEU MD 7 90.88 70.40 -13.93
C LEU MD 7 89.66 69.91 -13.18
N VAL MD 8 89.54 70.26 -11.91
CA VAL MD 8 88.37 69.89 -11.11
C VAL MD 8 87.40 71.04 -10.94
N LYS MD 9 87.83 72.29 -11.13
CA LYS MD 9 86.93 73.43 -10.99
C LYS MD 9 85.73 73.31 -11.91
N ASN MD 10 85.89 72.62 -13.05
CA ASN MD 10 84.79 72.41 -13.96
C ASN MD 10 83.90 71.23 -13.57
N MET MD 11 84.35 70.40 -12.64
CA MET MD 11 83.54 69.26 -12.22
C MET MD 11 82.26 69.72 -11.53
N LYS MD 12 81.20 68.92 -11.69
CA LYS MD 12 79.92 69.28 -11.11
C LYS MD 12 79.99 69.33 -9.58
N GLY MD 13 80.65 68.35 -8.98
CA GLY MD 13 80.69 68.25 -7.53
C GLY MD 13 81.84 69.00 -6.89
N TYR MD 14 82.58 69.77 -7.69
CA TYR MD 14 83.70 70.54 -7.15
C TYR MD 14 83.21 71.59 -6.16
N LYS MD 15 83.97 71.77 -5.09
CA LYS MD 15 83.60 72.70 -4.03
C LYS MD 15 84.84 73.46 -3.56
N GLU MD 16 84.63 74.66 -3.05
CA GLU MD 16 85.70 75.48 -2.49
C GLU MD 16 85.89 75.10 -1.03
N LEU MD 17 86.57 73.97 -0.82
CA LEU MD 17 86.82 73.50 0.54
C LEU MD 17 87.77 74.41 1.29
N LEU MD 18 88.53 75.25 0.60
CA LEU MD 18 89.48 76.15 1.25
C LEU MD 18 88.71 77.28 1.90
N LEU MD 19 88.54 77.20 3.22
CA LEU MD 19 87.79 78.20 3.94
C LEU MD 19 88.61 79.48 4.09
N PRO MD 20 87.96 80.59 4.43
CA PRO MD 20 88.69 81.85 4.55
C PRO MD 20 89.83 81.76 5.56
N MET MD 21 90.93 82.44 5.25
CA MET MD 21 92.09 82.41 6.14
C MET MD 21 91.74 82.96 7.51
N GLU MD 22 90.98 84.07 7.56
CA GLU MD 22 90.60 84.63 8.85
C GLU MD 22 89.75 83.66 9.65
N MET MD 23 88.99 82.81 8.96
CA MET MD 23 88.08 81.90 9.66
C MET MD 23 88.84 80.91 10.54
N VAL MD 24 89.93 80.35 10.02
CA VAL MD 24 90.67 79.30 10.71
C VAL MD 24 91.57 79.92 11.78
N PRO MD 25 91.90 79.18 12.85
CA PRO MD 25 92.82 79.72 13.86
C PRO MD 25 94.28 79.51 13.48
N LEU MD 26 95.19 79.83 14.41
CA LEU MD 26 96.61 79.66 14.15
C LEU MD 26 96.95 78.17 14.02
N PRO MD 27 98.07 77.86 13.36
CA PRO MD 27 98.40 76.44 13.14
C PRO MD 27 98.50 75.63 14.42
N ALA MD 28 99.03 76.22 15.49
CA ALA MD 28 99.26 75.46 16.71
C ALA MD 28 97.94 74.94 17.29
N VAL MD 29 96.90 75.78 17.28
CA VAL MD 29 95.63 75.37 17.87
C VAL MD 29 94.99 74.25 17.08
N VAL MD 30 95.13 74.28 15.75
CA VAL MD 30 94.51 73.26 14.92
C VAL MD 30 95.05 71.89 15.27
N LEU MD 31 96.37 71.78 15.46
CA LEU MD 31 96.97 70.50 15.80
C LEU MD 31 96.33 69.90 17.04
N LYS MD 32 95.88 70.74 17.96
CA LYS MD 32 95.23 70.23 19.17
C LYS MD 32 93.97 69.44 18.83
N HIS MD 33 93.16 69.95 17.90
CA HIS MD 33 91.92 69.27 17.55
C HIS MD 33 92.18 67.97 16.79
N VAL MD 34 93.30 67.90 16.07
CA VAL MD 34 93.61 66.67 15.33
C VAL MD 34 93.77 65.50 16.29
N LYS MD 35 94.50 65.72 17.39
CA LYS MD 35 94.62 64.67 18.40
C LYS MD 35 93.28 64.34 19.00
N LEU MD 36 92.47 65.36 19.30
CA LEU MD 36 91.19 65.12 19.94
C LEU MD 36 90.23 64.39 19.02
N ILE MD 37 90.17 64.79 17.75
CA ILE MD 37 89.24 64.15 16.81
C ILE MD 37 89.70 62.74 16.50
N LEU MD 38 91.01 62.55 16.25
CA LEU MD 38 91.52 61.21 15.99
C LEU MD 38 91.33 60.31 17.20
N THR MD 39 91.62 60.83 18.40
CA THR MD 39 91.47 60.04 19.62
C THR MD 39 90.01 59.66 19.83
N SER MD 40 89.09 60.62 19.66
CA SER MD 40 87.68 60.33 19.89
C SER MD 40 87.16 59.30 18.90
N GLN MD 41 87.53 59.43 17.63
CA GLN MD 41 87.05 58.51 16.61
C GLN MD 41 87.61 57.11 16.84
N LYS MD 42 86.79 56.09 16.58
CA LYS MD 42 87.17 54.71 16.82
C LYS MD 42 87.25 53.89 15.54
N GLU MD 43 86.22 53.92 14.71
CA GLU MD 43 86.24 53.12 13.49
C GLU MD 43 87.36 53.58 12.58
N HIS MD 44 88.05 52.62 11.97
CA HIS MD 44 89.19 52.90 11.11
C HIS MD 44 88.73 53.07 9.68
N GLN MD 45 89.00 54.24 9.10
CA GLN MD 45 88.73 54.56 7.71
C GLN MD 45 89.96 55.21 7.11
N PRO MD 46 90.11 55.19 5.79
CA PRO MD 46 91.31 55.76 5.18
C PRO MD 46 91.49 57.25 5.45
N TRP MD 47 90.42 57.99 5.70
CA TRP MD 47 90.55 59.43 5.87
C TRP MD 47 91.40 59.77 7.10
N MET MD 48 91.17 59.09 8.21
CA MET MD 48 91.96 59.36 9.40
C MET MD 48 93.43 58.99 9.19
N THR MD 49 93.68 57.89 8.48
CA THR MD 49 95.05 57.51 8.17
C THR MD 49 95.73 58.58 7.32
N GLU MD 50 95.02 59.09 6.32
CA GLU MD 50 95.57 60.16 5.50
C GLU MD 50 95.52 61.51 6.21
N MET MD 51 94.54 61.69 7.10
CA MET MD 51 94.42 62.95 7.82
C MET MD 51 95.65 63.20 8.69
N ALA MD 52 96.13 62.16 9.38
CA ALA MD 52 97.33 62.32 10.21
C ALA MD 52 98.54 62.69 9.36
N LEU MD 53 98.70 62.04 8.21
CA LEU MD 53 99.85 62.32 7.36
C LEU MD 53 99.86 63.77 6.90
N LYS MD 54 98.69 64.30 6.52
CA LYS MD 54 98.62 65.67 6.04
C LYS MD 54 99.03 66.65 7.14
N ALA MD 55 98.59 66.38 8.38
CA ALA MD 55 98.94 67.27 9.48
C ALA MD 55 100.39 67.09 9.90
N ASP MD 56 100.97 65.91 9.68
CA ASP MD 56 102.33 65.67 10.11
C ASP MD 56 103.31 66.61 9.44
N GLN MD 57 103.10 66.89 8.14
CA GLN MD 57 104.04 67.74 7.41
C GLN MD 57 104.22 69.09 8.09
N CYS MD 58 103.14 69.64 8.65
CA CYS MD 58 103.24 70.93 9.32
C CYS MD 58 104.23 70.90 10.47
N LEU MD 59 104.32 69.77 11.18
CA LEU MD 59 105.25 69.68 12.30
C LEU MD 59 106.70 69.84 11.83
N ILE MD 60 107.04 69.22 10.70
CA ILE MD 60 108.42 69.30 10.21
C ILE MD 60 108.77 70.75 9.89
N HIS MD 61 107.85 71.47 9.25
CA HIS MD 61 108.12 72.87 8.92
C HIS MD 61 108.32 73.71 10.17
N LYS MD 62 107.64 73.38 11.27
CA LYS MD 62 107.84 74.11 12.51
C LYS MD 62 109.29 74.05 12.95
N ALA MD 63 109.87 72.85 12.97
CA ALA MD 63 111.27 72.69 13.36
C ALA MD 63 112.22 73.12 12.26
N THR MD 64 111.84 72.93 10.99
CA THR MD 64 112.70 73.31 9.88
C THR MD 64 113.02 74.80 9.94
N LEU MD 65 111.99 75.63 10.10
CA LEU MD 65 112.20 77.07 10.20
C LEU MD 65 112.76 77.44 11.58
N PRO MD 78 112.70 84.95 -0.23
CA PRO MD 78 111.53 84.35 -0.90
C PRO MD 78 111.28 82.92 -0.47
N LEU MD 79 112.33 82.15 -0.21
CA LEU MD 79 112.15 80.75 0.19
C LEU MD 79 111.47 80.65 1.54
N ILE MD 80 111.98 81.38 2.54
CA ILE MD 80 111.42 81.31 3.88
C ILE MD 80 110.00 81.84 3.89
N GLU MD 81 109.76 82.97 3.21
CA GLU MD 81 108.44 83.58 3.22
C GLU MD 81 107.41 82.64 2.61
N ALA MD 82 107.76 81.95 1.53
CA ALA MD 82 106.82 81.03 0.91
C ALA MD 82 106.40 79.93 1.86
N MET MD 83 107.36 79.40 2.63
CA MET MD 83 107.04 78.32 3.56
C MET MD 83 106.00 78.78 4.58
N GLN MD 84 106.11 80.03 5.05
CA GLN MD 84 105.14 80.54 6.01
C GLN MD 84 103.73 80.49 5.43
N GLN MD 85 103.58 80.89 4.17
CA GLN MD 85 102.27 80.82 3.52
C GLN MD 85 101.86 79.37 3.28
N ILE MD 86 102.82 78.49 3.00
CA ILE MD 86 102.50 77.09 2.76
C ILE MD 86 101.88 76.45 3.99
N ILE MD 87 102.44 76.75 5.17
CA ILE MD 87 101.90 76.19 6.40
C ILE MD 87 100.44 76.60 6.58
N LEU MD 88 100.14 77.88 6.34
CA LEU MD 88 98.76 78.33 6.45
C LEU MD 88 97.87 77.66 5.42
N ALA MD 89 98.43 77.30 4.26
CA ALA MD 89 97.63 76.62 3.24
C ALA MD 89 97.11 75.29 3.74
N MET MD 90 97.94 74.53 4.44
CA MET MD 90 97.52 73.23 4.94
C MET MD 90 96.53 73.39 6.09
N THR MD 91 96.66 74.45 6.89
CA THR MD 91 95.75 74.65 8.01
C THR MD 91 94.31 74.80 7.52
N ARG MD 92 94.10 75.55 6.45
CA ARG MD 92 92.76 75.69 5.92
C ARG MD 92 92.21 74.35 5.47
N GLU MD 93 93.04 73.54 4.81
CA GLU MD 93 92.59 72.22 4.38
C GLU MD 93 92.27 71.33 5.57
N LEU MD 94 93.10 71.37 6.61
CA LEU MD 94 92.86 70.53 7.77
C LEU MD 94 91.58 70.91 8.48
N TRP MD 95 91.34 72.21 8.65
CA TRP MD 95 90.14 72.64 9.38
C TRP MD 95 88.87 72.21 8.66
N GLY MD 96 88.92 72.07 7.33
CA GLY MD 96 87.74 71.63 6.61
C GLY MD 96 87.32 70.23 7.01
N GLN MD 97 88.28 69.30 7.09
CA GLN MD 97 87.95 67.95 7.51
C GLN MD 97 87.45 67.93 8.94
N ILE MD 98 88.03 68.79 9.80
CA ILE MD 98 87.60 68.86 11.19
C ILE MD 98 86.13 69.24 11.27
N GLN MD 99 85.75 70.31 10.57
CA GLN MD 99 84.36 70.78 10.64
C GLN MD 99 83.42 69.81 9.93
N ARG MD 100 83.83 69.28 8.78
CA ARG MD 100 82.97 68.36 8.05
C ARG MD 100 82.72 67.09 8.86
N HIS MD 101 83.76 66.57 9.53
CA HIS MD 101 83.60 65.37 10.32
C HIS MD 101 82.70 65.61 11.52
N HIS MD 102 82.90 66.73 12.22
CA HIS MD 102 82.10 67.02 13.41
C HIS MD 102 80.63 67.24 13.05
N TYR MD 103 80.38 68.14 12.09
CA TYR MD 103 79.02 68.47 11.69
C TYR MD 103 78.56 67.68 10.48
N GLY MD 104 79.27 67.84 9.37
CA GLY MD 104 78.90 67.18 8.12
C GLY MD 104 79.43 67.95 6.94
N ILE MD 105 79.51 67.23 5.80
CA ILE MD 105 80.05 67.84 4.59
C ILE MD 105 79.14 68.95 4.09
N VAL MD 106 77.83 68.69 4.07
CA VAL MD 106 76.90 69.68 3.53
C VAL MD 106 76.83 70.90 4.42
N GLN MD 107 76.84 70.70 5.74
CA GLN MD 107 76.66 71.82 6.66
C GLN MD 107 77.78 72.84 6.51
N VAL MD 108 79.03 72.38 6.40
CA VAL MD 108 80.14 73.29 6.23
C VAL MD 108 79.99 74.07 4.94
N GLU MD 109 79.70 73.38 3.84
CA GLU MD 109 79.46 74.06 2.57
C GLU MD 109 78.28 75.00 2.67
N HIS MD 110 77.27 74.64 3.47
CA HIS MD 110 76.09 75.48 3.62
C HIS MD 110 76.35 76.68 4.52
N TYR MD 111 77.17 76.50 5.58
CA TYR MD 111 77.37 77.53 6.58
C TYR MD 111 78.52 78.48 6.24
N VAL MD 112 79.52 78.03 5.49
CA VAL MD 112 80.68 78.87 5.22
C VAL MD 112 80.27 80.13 4.49
N LYS MD 113 79.39 80.01 3.49
CA LYS MD 113 79.01 81.16 2.69
C LYS MD 113 78.27 82.20 3.54
N GLN MD 114 77.45 81.74 4.49
CA GLN MD 114 76.62 82.66 5.26
C GLN MD 114 77.49 83.67 6.00
N ILE MD 115 78.54 83.21 6.67
CA ILE MD 115 79.38 84.12 7.45
C ILE MD 115 80.12 85.07 6.53
N THR MD 116 80.53 84.60 5.35
CA THR MD 116 81.23 85.47 4.41
C THR MD 116 80.34 86.64 4.00
N LEU MD 117 79.06 86.36 3.74
CA LEU MD 117 78.13 87.42 3.38
C LEU MD 117 77.98 88.43 4.50
N TRP MD 118 77.89 87.96 5.74
CA TRP MD 118 77.73 88.87 6.87
C TRP MD 118 78.90 89.84 6.98
N GLN MD 119 80.07 89.45 6.47
CA GLN MD 119 81.23 90.34 6.50
C GLN MD 119 81.21 91.30 5.32
N ASP MD 120 81.02 90.78 4.11
CA ASP MD 120 81.02 91.60 2.90
C ASP MD 120 79.69 92.32 2.81
N THR MD 121 79.53 93.33 3.64
CA THR MD 121 78.31 94.14 3.70
C THR MD 121 78.66 95.47 4.33
N PRO MD 122 77.94 96.56 3.99
CA PRO MD 122 78.32 97.87 4.53
C PRO MD 122 78.08 98.00 6.02
N GLN MD 123 78.92 97.34 6.82
CA GLN MD 123 78.94 97.46 8.28
C GLN MD 123 77.55 97.59 8.90
N ALA MD 124 76.88 98.71 8.66
CA ALA MD 124 75.64 99.00 9.38
C ALA MD 124 74.61 97.88 9.18
N PHE MD 125 74.33 97.53 7.94
CA PHE MD 125 73.39 96.45 7.66
C PHE MD 125 74.11 95.12 7.47
N ARG MD 126 74.97 94.78 8.43
CA ARG MD 126 75.72 93.54 8.31
C ARG MD 126 74.81 92.33 8.46
N GLY MD 127 73.84 92.40 9.35
CA GLY MD 127 72.93 91.30 9.57
C GLY MD 127 72.55 91.14 11.02
N ASP MD 128 72.62 89.90 11.52
CA ASP MD 128 72.29 89.62 12.92
C ASP MD 128 73.28 88.65 13.54
N GLN MD 129 74.54 88.69 13.11
CA GLN MD 129 75.56 87.82 13.66
C GLN MD 129 75.13 86.36 13.50
N PRO MD 130 75.14 85.82 12.28
CA PRO MD 130 74.57 84.49 12.06
C PRO MD 130 75.18 83.46 12.99
N LYS MD 131 74.31 82.62 13.56
CA LYS MD 131 74.75 81.63 14.53
C LYS MD 131 75.54 80.52 13.84
N PRO MD 132 76.53 79.95 14.51
CA PRO MD 132 77.24 78.80 13.93
C PRO MD 132 76.35 77.57 13.92
N PRO MD 133 76.66 76.57 13.09
CA PRO MD 133 75.77 75.41 12.98
C PRO MD 133 75.63 74.68 14.31
N THR ND 3 -37.82 108.84 53.71
CA THR ND 3 -38.35 107.64 54.37
C THR ND 3 -38.00 106.38 53.59
N PHE ND 4 -38.10 106.44 52.26
CA PHE ND 4 -37.86 105.25 51.45
C PHE ND 4 -36.43 104.75 51.60
N ILE ND 5 -35.46 105.67 51.57
CA ILE ND 5 -34.06 105.26 51.65
C ILE ND 5 -33.80 104.53 52.97
N GLU ND 6 -34.44 104.97 54.04
CA GLU ND 6 -34.33 104.26 55.31
C GLU ND 6 -34.80 102.82 55.18
N LEU ND 7 -35.89 102.60 54.45
CA LEU ND 7 -36.40 101.25 54.25
C LEU ND 7 -35.41 100.39 53.48
N VAL ND 8 -34.79 100.96 52.45
CA VAL ND 8 -33.85 100.19 51.63
C VAL ND 8 -32.61 99.83 52.43
N LYS ND 9 -32.13 100.77 53.27
CA LYS ND 9 -30.95 100.48 54.08
C LYS ND 9 -31.19 99.27 54.96
N ASN ND 10 -32.44 98.99 55.31
CA ASN ND 10 -32.80 97.80 56.08
C ASN ND 10 -32.96 96.59 55.15
N MET ND 11 -31.88 96.30 54.43
CA MET ND 11 -31.86 95.20 53.48
C MET ND 11 -30.49 94.54 53.50
N LYS ND 12 -30.47 93.30 52.99
CA LYS ND 12 -29.28 92.47 53.03
C LYS ND 12 -28.47 92.62 51.76
N GLY ND 13 -27.15 92.69 51.91
CA GLY ND 13 -26.26 92.95 50.79
C GLY ND 13 -26.14 94.41 50.41
N TYR ND 14 -26.58 95.33 51.27
CA TYR ND 14 -26.55 96.75 50.98
C TYR ND 14 -25.15 97.29 51.20
N LYS ND 15 -24.51 97.73 50.12
CA LYS ND 15 -23.19 98.34 50.17
C LYS ND 15 -23.33 99.81 49.83
N GLU ND 16 -22.91 100.67 50.75
CA GLU ND 16 -23.03 102.11 50.54
C GLU ND 16 -22.08 102.56 49.45
N LEU ND 17 -22.51 103.57 48.69
CA LEU ND 17 -21.72 104.07 47.57
C LEU ND 17 -21.70 105.60 47.50
N LEU ND 18 -22.16 106.30 48.53
CA LEU ND 18 -22.23 107.76 48.53
C LEU ND 18 -21.29 108.31 49.58
N LEU ND 19 -20.47 109.28 49.19
CA LEU ND 19 -19.54 109.91 50.10
C LEU ND 19 -20.23 111.00 50.92
N PRO ND 20 -19.61 111.45 52.00
CA PRO ND 20 -20.19 112.55 52.77
C PRO ND 20 -20.33 113.81 51.94
N MET ND 21 -21.35 114.60 52.25
CA MET ND 21 -21.59 115.83 51.51
C MET ND 21 -20.39 116.77 51.58
N GLU ND 22 -19.59 116.66 52.63
CA GLU ND 22 -18.44 117.56 52.82
C GLU ND 22 -17.25 117.18 51.95
N MET ND 23 -17.28 116.02 51.30
CA MET ND 23 -16.16 115.57 50.48
C MET ND 23 -16.42 115.60 48.98
N VAL ND 24 -17.68 115.56 48.56
CA VAL ND 24 -18.01 115.55 47.14
C VAL ND 24 -17.60 116.89 46.54
N PRO ND 25 -17.24 116.94 45.25
CA PRO ND 25 -16.84 118.20 44.64
C PRO ND 25 -18.00 119.18 44.59
N LEU ND 26 -17.68 120.41 44.20
CA LEU ND 26 -18.72 121.40 43.96
C LEU ND 26 -19.54 121.01 42.74
N PRO ND 27 -20.80 121.43 42.67
CA PRO ND 27 -21.65 121.00 41.54
C PRO ND 27 -21.06 121.36 40.20
N ALA ND 28 -20.40 122.51 40.09
CA ALA ND 28 -19.81 122.91 38.82
C ALA ND 28 -18.75 121.92 38.37
N VAL ND 29 -17.94 121.43 39.30
CA VAL ND 29 -16.86 120.52 38.95
C VAL ND 29 -17.42 119.20 38.45
N VAL ND 30 -18.52 118.73 39.05
CA VAL ND 30 -19.05 117.42 38.70
C VAL ND 30 -19.46 117.40 37.24
N LEU ND 31 -20.12 118.46 36.78
CA LEU ND 31 -20.59 118.51 35.39
C LEU ND 31 -19.44 118.31 34.42
N LYS ND 32 -18.23 118.74 34.80
CA LYS ND 32 -17.09 118.61 33.89
C LYS ND 32 -16.80 117.16 33.57
N HIS ND 33 -16.85 116.28 34.58
CA HIS ND 33 -16.61 114.86 34.34
C HIS ND 33 -17.74 114.24 33.54
N VAL ND 34 -18.95 114.78 33.65
CA VAL ND 34 -20.09 114.22 32.92
C VAL ND 34 -19.83 114.30 31.42
N LYS ND 35 -19.36 115.46 30.95
CA LYS ND 35 -19.12 115.63 29.53
C LYS ND 35 -18.06 114.67 29.04
N LEU ND 36 -16.97 114.51 29.79
CA LEU ND 36 -15.91 113.60 29.39
C LEU ND 36 -16.41 112.17 29.38
N ILE ND 37 -17.05 111.74 30.47
CA ILE ND 37 -17.49 110.36 30.57
C ILE ND 37 -18.56 110.04 29.52
N LEU ND 38 -19.52 110.95 29.36
CA LEU ND 38 -20.55 110.75 28.34
C LEU ND 38 -19.94 110.76 26.95
N THR ND 39 -19.17 111.80 26.63
CA THR ND 39 -18.67 111.96 25.27
C THR ND 39 -17.57 110.94 24.97
N SER ND 40 -16.63 110.76 25.90
CA SER ND 40 -15.53 109.82 25.72
C SER ND 40 -15.99 108.41 26.08
N GLN ND 41 -16.98 107.94 25.32
CA GLN ND 41 -17.52 106.60 25.52
C GLN ND 41 -17.94 106.02 24.18
N LYS ND 42 -17.90 104.70 24.09
CA LYS ND 42 -18.27 103.97 22.90
C LYS ND 42 -19.25 102.87 23.27
N GLU ND 43 -20.13 102.53 22.34
CA GLU ND 43 -21.15 101.51 22.56
C GLU ND 43 -22.03 101.89 23.76
N HIS ND 44 -22.76 102.99 23.56
CA HIS ND 44 -23.62 103.56 24.59
C HIS ND 44 -24.36 102.47 25.35
N GLN ND 45 -24.36 102.62 26.68
CA GLN ND 45 -24.96 101.66 27.59
C GLN ND 45 -26.10 102.31 28.36
N PRO ND 46 -27.02 101.51 28.92
CA PRO ND 46 -28.21 102.11 29.56
C PRO ND 46 -27.87 103.08 30.67
N TRP ND 47 -26.83 102.80 31.46
CA TRP ND 47 -26.52 103.66 32.59
C TRP ND 47 -26.09 105.06 32.14
N MET ND 48 -25.62 105.20 30.90
CA MET ND 48 -25.25 106.52 30.41
C MET ND 48 -26.45 107.45 30.36
N THR ND 49 -27.60 106.93 29.93
CA THR ND 49 -28.80 107.75 29.87
C THR ND 49 -29.21 108.24 31.26
N GLU ND 50 -29.10 107.38 32.26
CA GLU ND 50 -29.47 107.77 33.62
C GLU ND 50 -28.63 108.93 34.10
N MET ND 51 -27.32 108.90 33.82
CA MET ND 51 -26.44 109.96 34.27
C MET ND 51 -26.85 111.31 33.69
N ALA ND 52 -27.16 111.35 32.39
CA ALA ND 52 -27.51 112.61 31.76
C ALA ND 52 -28.79 113.19 32.33
N LEU ND 53 -29.79 112.34 32.56
CA LEU ND 53 -31.07 112.82 33.04
C LEU ND 53 -30.93 113.52 34.39
N LYS ND 54 -30.17 112.94 35.31
CA LYS ND 54 -29.97 113.57 36.60
C LYS ND 54 -29.18 114.86 36.48
N ALA ND 55 -28.23 114.90 35.55
CA ALA ND 55 -27.36 116.07 35.43
C ALA ND 55 -28.17 117.33 35.11
N ASP ND 56 -29.12 117.23 34.17
CA ASP ND 56 -29.90 118.40 33.80
C ASP ND 56 -30.74 118.91 34.96
N GLN ND 57 -31.10 118.02 35.89
CA GLN ND 57 -31.91 118.46 37.03
C GLN ND 57 -31.16 119.47 37.88
N CYS ND 58 -29.87 119.23 38.13
CA CYS ND 58 -29.08 120.19 38.90
C CYS ND 58 -29.02 121.54 38.21
N LEU ND 59 -28.87 121.53 36.88
CA LEU ND 59 -28.87 122.79 36.14
C LEU ND 59 -30.20 123.51 36.27
N ILE ND 60 -31.31 122.75 36.21
CA ILE ND 60 -32.63 123.36 36.34
C ILE ND 60 -32.76 124.04 37.70
N HIS ND 61 -32.41 123.34 38.77
CA HIS ND 61 -32.44 123.94 40.09
C HIS ND 61 -31.43 125.08 40.18
N LYS ND 62 -30.24 124.88 39.61
CA LYS ND 62 -29.24 125.94 39.64
C LYS ND 62 -29.72 127.18 38.90
N ALA ND 63 -30.37 127.00 37.76
CA ALA ND 63 -30.92 128.13 37.01
C ALA ND 63 -32.14 128.74 37.68
N THR ND 64 -32.67 128.11 38.72
CA THR ND 64 -33.85 128.62 39.40
C THR ND 64 -33.52 129.64 40.48
N LEU ND 65 -32.31 129.58 41.06
CA LEU ND 65 -31.96 130.50 42.12
C LEU ND 65 -31.92 131.95 41.64
N ASP ND 66 -31.44 132.18 40.42
CA ASP ND 66 -31.38 133.55 39.91
C ASP ND 66 -32.75 134.21 39.91
N PRO ND 78 -37.75 130.22 53.49
CA PRO ND 78 -37.52 128.77 53.34
C PRO ND 78 -37.65 128.30 51.90
N LEU ND 79 -38.75 128.65 51.22
CA LEU ND 79 -39.01 128.10 49.89
C LEU ND 79 -37.90 128.46 48.92
N ILE ND 80 -37.46 129.73 48.94
CA ILE ND 80 -36.40 130.15 48.02
C ILE ND 80 -35.12 129.39 48.32
N GLU ND 81 -34.76 129.28 49.60
CA GLU ND 81 -33.53 128.59 49.99
C GLU ND 81 -33.69 127.08 50.08
N ALA ND 82 -34.93 126.57 50.10
CA ALA ND 82 -35.14 125.14 50.24
C ALA ND 82 -34.56 124.36 49.05
N MET ND 83 -34.75 124.88 47.84
CA MET ND 83 -34.26 124.17 46.66
C MET ND 83 -32.75 124.02 46.68
N GLN ND 84 -32.04 124.95 47.32
CA GLN ND 84 -30.59 124.86 47.37
C GLN ND 84 -30.13 123.59 48.07
N GLN ND 85 -30.93 123.09 49.02
CA GLN ND 85 -30.55 121.87 49.74
C GLN ND 85 -30.48 120.68 48.79
N ILE ND 86 -31.43 120.58 47.86
CA ILE ND 86 -31.47 119.45 46.94
C ILE ND 86 -30.27 119.50 46.00
N ILE ND 87 -29.84 120.70 45.60
CA ILE ND 87 -28.73 120.82 44.66
C ILE ND 87 -27.50 120.11 45.20
N LEU ND 88 -27.16 120.38 46.46
CA LEU ND 88 -26.01 119.73 47.07
C LEU ND 88 -26.23 118.22 47.15
N ALA ND 89 -27.44 117.80 47.52
CA ALA ND 89 -27.74 116.38 47.60
C ALA ND 89 -27.63 115.70 46.25
N MET ND 90 -28.12 116.36 45.20
CA MET ND 90 -28.12 115.76 43.87
C MET ND 90 -26.71 115.39 43.45
N THR ND 91 -25.72 116.22 43.80
CA THR ND 91 -24.34 115.91 43.46
C THR ND 91 -23.88 114.63 44.11
N ARG ND 92 -24.26 114.42 45.38
CA ARG ND 92 -23.79 113.24 46.12
C ARG ND 92 -24.20 111.96 45.40
N GLU ND 93 -25.46 111.88 44.97
CA GLU ND 93 -25.89 110.72 44.19
C GLU ND 93 -25.23 110.71 42.82
N LEU ND 94 -25.10 111.89 42.20
CA LEU ND 94 -24.50 111.98 40.87
C LEU ND 94 -23.04 111.57 40.90
N TRP ND 95 -22.29 112.03 41.90
CA TRP ND 95 -20.87 111.70 41.98
C TRP ND 95 -20.65 110.20 42.18
N GLY ND 96 -21.64 109.51 42.76
CA GLY ND 96 -21.48 108.07 42.97
C GLY ND 96 -21.32 107.31 41.68
N GLN ND 97 -22.07 107.70 40.64
CA GLN ND 97 -21.97 107.01 39.36
C GLN ND 97 -20.64 107.32 38.68
N ILE ND 98 -20.09 108.53 38.90
CA ILE ND 98 -18.83 108.88 38.28
C ILE ND 98 -17.73 107.92 38.73
N GLN ND 99 -17.65 107.66 40.03
CA GLN ND 99 -16.61 106.78 40.55
C GLN ND 99 -16.81 105.35 40.08
N ARG ND 100 -18.06 104.92 39.89
CA ARG ND 100 -18.31 103.58 39.37
C ARG ND 100 -17.71 103.42 37.97
N HIS ND 101 -17.88 104.43 37.12
CA HIS ND 101 -17.31 104.36 35.78
C HIS ND 101 -15.79 104.41 35.83
N HIS ND 102 -15.23 105.32 36.62
CA HIS ND 102 -13.77 105.46 36.69
C HIS ND 102 -13.15 104.27 37.42
N TYR ND 103 -13.50 104.09 38.69
CA TYR ND 103 -12.89 103.05 39.50
C TYR ND 103 -13.56 101.70 39.26
N GLY ND 104 -14.84 101.61 39.56
CA GLY ND 104 -15.58 100.36 39.49
C GLY ND 104 -16.46 100.23 40.72
N ILE ND 105 -17.59 99.54 40.56
CA ILE ND 105 -18.54 99.43 41.66
C ILE ND 105 -17.91 98.73 42.87
N VAL ND 106 -17.21 97.62 42.61
CA VAL ND 106 -16.66 96.83 43.71
C VAL ND 106 -15.64 97.66 44.50
N GLN ND 107 -14.74 98.34 43.78
CA GLN ND 107 -13.69 99.10 44.45
C GLN ND 107 -14.28 100.24 45.28
N VAL ND 108 -15.35 100.87 44.78
CA VAL ND 108 -15.92 102.02 45.48
C VAL ND 108 -16.41 101.60 46.87
N GLU ND 109 -17.08 100.45 46.94
CA GLU ND 109 -17.61 100.00 48.23
C GLU ND 109 -16.51 99.98 49.29
N HIS ND 110 -15.35 99.40 48.96
CA HIS ND 110 -14.25 99.37 49.91
C HIS ND 110 -13.78 100.79 50.24
N TYR ND 111 -13.69 101.65 49.24
CA TYR ND 111 -13.17 102.99 49.48
C TYR ND 111 -14.06 103.77 50.44
N VAL ND 112 -15.38 103.68 50.28
CA VAL ND 112 -16.27 104.46 51.12
C VAL ND 112 -16.13 104.04 52.57
N LYS ND 113 -16.13 102.73 52.84
CA LYS ND 113 -16.01 102.26 54.21
C LYS ND 113 -14.67 102.68 54.80
N GLN ND 114 -13.60 102.59 54.02
CA GLN ND 114 -12.31 103.07 54.50
C GLN ND 114 -12.37 104.54 54.83
N ILE ND 115 -13.02 105.34 53.98
CA ILE ND 115 -13.20 106.75 54.28
C ILE ND 115 -14.06 106.94 55.52
N THR ND 116 -15.14 106.15 55.63
CA THR ND 116 -16.03 106.29 56.77
C THR ND 116 -15.31 106.01 58.08
N LEU ND 117 -14.59 104.89 58.15
CA LEU ND 117 -13.81 104.58 59.34
C LEU ND 117 -12.74 105.64 59.57
N TRP ND 118 -12.08 106.08 58.50
CA TRP ND 118 -11.09 107.13 58.63
C TRP ND 118 -11.71 108.41 59.18
N GLN ND 119 -12.90 108.78 58.68
CA GLN ND 119 -13.57 109.95 59.20
C GLN ND 119 -14.10 109.71 60.62
N ASP ND 120 -14.50 108.47 60.92
CA ASP ND 120 -15.05 108.18 62.23
C ASP ND 120 -13.98 108.34 63.32
N THR ND 121 -12.78 107.84 63.06
CA THR ND 121 -11.72 107.91 64.06
C THR ND 121 -11.39 109.37 64.37
N PRO ND 122 -11.13 109.70 65.64
CA PRO ND 122 -10.80 111.10 65.97
C PRO ND 122 -9.54 111.56 65.26
N GLN ND 123 -9.52 112.85 64.93
CA GLN ND 123 -8.41 113.42 64.17
C GLN ND 123 -7.08 113.29 64.90
N ALA ND 124 -7.10 113.12 66.23
CA ALA ND 124 -5.85 113.03 66.98
C ALA ND 124 -5.03 111.83 66.52
N PHE ND 125 -5.68 110.69 66.30
CA PHE ND 125 -5.02 109.47 65.86
C PHE ND 125 -5.69 108.92 64.61
N ARG ND 126 -6.26 109.80 63.78
CA ARG ND 126 -6.99 109.35 62.61
C ARG ND 126 -6.09 108.64 61.62
N GLY ND 127 -4.90 109.17 61.38
CA GLY ND 127 -3.98 108.59 60.43
C GLY ND 127 -4.09 109.21 59.05
N ASP ND 128 -3.24 108.71 58.16
CA ASP ND 128 -3.22 109.21 56.80
C ASP ND 128 -4.51 108.85 56.08
N GLN ND 129 -5.03 109.80 55.30
CA GLN ND 129 -6.25 109.55 54.55
C GLN ND 129 -5.98 108.51 53.46
N PRO ND 130 -6.82 107.49 53.32
CA PRO ND 130 -6.59 106.48 52.27
C PRO ND 130 -6.74 107.06 50.88
N LYS ND 131 -6.01 106.49 49.94
CA LYS ND 131 -6.04 106.94 48.57
C LYS ND 131 -7.11 106.21 47.78
N PRO ND 132 -7.59 106.79 46.68
CA PRO ND 132 -8.62 106.13 45.88
C PRO ND 132 -8.14 104.80 45.33
N PRO ND 133 -9.06 103.91 44.94
CA PRO ND 133 -8.64 102.61 44.40
C PRO ND 133 -8.01 102.73 43.02
N SER ND 134 -7.67 101.59 42.43
CA SER ND 134 -7.10 101.57 41.10
C SER ND 134 -8.20 101.67 40.05
N PHE ND 135 -7.87 102.28 38.92
CA PHE ND 135 -8.83 102.47 37.84
C PHE ND 135 -9.24 101.13 37.24
N THR OD 3 -28.87 120.22 27.53
CA THR OD 3 -27.86 119.88 26.54
C THR OD 3 -27.25 118.51 26.73
N PHE OD 4 -27.04 118.07 27.98
CA PHE OD 4 -26.42 116.78 28.22
C PHE OD 4 -27.27 115.65 27.64
N ILE OD 5 -28.59 115.71 27.84
CA ILE OD 5 -29.46 114.66 27.31
C ILE OD 5 -29.39 114.63 25.80
N GLU OD 6 -29.25 115.80 25.17
CA GLU OD 6 -29.12 115.84 23.72
C GLU OD 6 -27.88 115.10 23.25
N LEU OD 7 -26.77 115.23 23.98
CA LEU OD 7 -25.55 114.53 23.62
C LEU OD 7 -25.77 113.02 23.63
N VAL OD 8 -26.49 112.52 24.63
CA VAL OD 8 -26.79 111.09 24.68
C VAL OD 8 -27.61 110.68 23.48
N LYS OD 9 -28.62 111.49 23.12
CA LYS OD 9 -29.46 111.18 21.98
C LYS OD 9 -28.68 111.19 20.68
N ASN OD 10 -27.48 111.77 20.68
CA ASN OD 10 -26.62 111.79 19.50
C ASN OD 10 -25.68 110.59 19.44
N MET OD 11 -25.78 109.66 20.38
CA MET OD 11 -24.86 108.54 20.43
C MET OD 11 -25.28 107.45 19.45
N LYS OD 12 -24.55 106.34 19.49
CA LYS OD 12 -24.83 105.17 18.66
C LYS OD 12 -25.35 104.06 19.56
N GLY OD 13 -26.46 103.44 19.15
CA GLY OD 13 -27.08 102.40 19.94
C GLY OD 13 -28.04 102.90 21.00
N TYR OD 14 -28.18 104.20 21.17
CA TYR OD 14 -29.10 104.74 22.15
C TYR OD 14 -30.54 104.40 21.78
N LYS OD 15 -31.34 104.07 22.78
CA LYS OD 15 -32.73 103.68 22.58
C LYS OD 15 -33.59 104.33 23.66
N GLU OD 16 -34.75 104.82 23.26
CA GLU OD 16 -35.66 105.48 24.20
C GLU OD 16 -36.23 104.47 25.18
N LEU OD 17 -36.39 104.91 26.42
CA LEU OD 17 -37.01 104.11 27.47
C LEU OD 17 -38.10 104.84 28.23
N LEU OD 18 -38.22 106.15 28.09
CA LEU OD 18 -39.24 106.92 28.78
C LEU OD 18 -40.52 106.94 27.94
N LEU OD 19 -41.51 107.69 28.42
CA LEU OD 19 -42.81 107.76 27.79
C LEU OD 19 -43.26 109.21 27.73
N PRO OD 20 -44.23 109.52 26.87
CA PRO OD 20 -44.72 110.90 26.81
C PRO OD 20 -45.26 111.36 28.15
N MET OD 21 -45.09 112.66 28.42
CA MET OD 21 -45.54 113.21 29.70
C MET OD 21 -47.01 112.90 29.96
N GLU OD 22 -47.82 112.89 28.90
CA GLU OD 22 -49.24 112.60 29.08
C GLU OD 22 -49.46 111.18 29.58
N MET OD 23 -48.70 110.22 29.03
CA MET OD 23 -48.83 108.82 29.42
C MET OD 23 -47.98 108.52 30.66
N VAL OD 24 -48.22 109.31 31.70
CA VAL OD 24 -47.52 109.15 32.97
C VAL OD 24 -48.53 109.23 34.10
N PRO OD 25 -48.59 108.25 35.00
CA PRO OD 25 -49.56 108.32 36.10
C PRO OD 25 -49.37 109.58 36.93
N LEU OD 26 -50.37 109.83 37.78
CA LEU OD 26 -50.33 110.98 38.66
C LEU OD 26 -49.31 110.78 39.77
N PRO OD 27 -48.85 111.86 40.40
CA PRO OD 27 -47.88 111.72 41.49
C PRO OD 27 -48.48 111.03 42.70
N ALA OD 28 -47.67 110.84 43.75
CA ALA OD 28 -48.15 110.21 44.98
C ALA OD 28 -48.55 108.76 44.73
N VAL OD 29 -49.62 108.56 43.97
CA VAL OD 29 -50.08 107.20 43.71
C VAL OD 29 -49.02 106.40 42.96
N VAL OD 30 -48.34 107.04 42.01
CA VAL OD 30 -47.29 106.35 41.27
C VAL OD 30 -46.19 105.86 42.21
N LEU OD 31 -45.96 106.57 43.31
CA LEU OD 31 -44.94 106.16 44.27
C LEU OD 31 -45.28 104.83 44.92
N LYS OD 32 -46.52 104.37 44.84
CA LYS OD 32 -46.91 103.13 45.50
C LYS OD 32 -46.17 101.94 44.90
N HIS OD 33 -45.98 101.93 43.59
CA HIS OD 33 -45.23 100.85 42.96
C HIS OD 33 -43.83 100.75 43.53
N VAL OD 34 -43.29 101.85 44.06
CA VAL OD 34 -41.96 101.81 44.67
C VAL OD 34 -41.94 100.84 45.83
N LYS OD 35 -42.95 100.92 46.70
CA LYS OD 35 -43.01 100.04 47.87
C LYS OD 35 -43.16 98.58 47.43
N LEU OD 36 -43.98 98.34 46.42
CA LEU OD 36 -44.24 96.97 45.99
C LEU OD 36 -43.03 96.32 45.33
N ILE OD 37 -41.98 97.10 45.02
CA ILE OD 37 -40.80 96.57 44.35
C ILE OD 37 -39.63 96.61 45.31
N LEU OD 38 -39.66 97.52 46.28
CA LEU OD 38 -38.63 97.60 47.31
C LEU OD 38 -38.94 96.67 48.49
N THR OD 39 -40.12 96.83 49.08
CA THR OD 39 -40.49 96.00 50.22
C THR OD 39 -40.54 94.53 49.85
N SER OD 40 -41.12 94.22 48.68
CA SER OD 40 -41.20 92.85 48.20
C SER OD 40 -39.96 92.49 47.39
N GLN OD 41 -38.80 92.64 48.03
CA GLN OD 41 -37.54 92.38 47.36
C GLN OD 41 -36.49 92.02 48.39
N LYS OD 42 -35.40 91.43 47.90
CA LYS OD 42 -34.27 91.04 48.72
C LYS OD 42 -33.03 91.01 47.84
N GLU OD 43 -31.87 90.86 48.47
CA GLU OD 43 -30.59 90.87 47.76
C GLU OD 43 -30.39 92.21 47.05
N HIS OD 44 -30.29 93.25 47.88
CA HIS OD 44 -30.13 94.62 47.43
C HIS OD 44 -29.15 94.71 46.25
N GLN OD 45 -29.63 95.26 45.15
CA GLN OD 45 -28.85 95.43 43.94
C GLN OD 45 -28.57 96.91 43.68
N PRO OD 46 -27.53 97.24 42.91
CA PRO OD 46 -27.18 98.65 42.73
C PRO OD 46 -28.32 99.50 42.19
N TRP OD 47 -29.12 98.96 41.26
CA TRP OD 47 -30.18 99.76 40.66
C TRP OD 47 -31.28 100.09 41.67
N MET OD 48 -31.44 99.25 42.69
CA MET OD 48 -32.47 99.51 43.69
C MET OD 48 -32.21 100.82 44.41
N THR OD 49 -30.95 101.10 44.74
CA THR OD 49 -30.61 102.35 45.41
C THR OD 49 -30.93 103.54 44.52
N GLU OD 50 -30.67 103.42 43.22
CA GLU OD 50 -30.96 104.52 42.30
C GLU OD 50 -32.44 104.87 42.34
N MET OD 51 -33.30 103.85 42.31
CA MET OD 51 -34.74 104.11 42.38
C MET OD 51 -35.11 104.76 43.70
N ALA OD 52 -34.53 104.27 44.80
CA ALA OD 52 -34.87 104.81 46.11
C ALA OD 52 -34.47 106.28 46.22
N LEU OD 53 -33.28 106.63 45.74
CA LEU OD 53 -32.79 107.99 45.84
C LEU OD 53 -33.47 108.94 44.87
N LYS OD 54 -34.25 108.42 43.91
CA LYS OD 54 -35.01 109.25 42.98
C LYS OD 54 -36.45 109.44 43.42
N ALA OD 55 -37.11 108.38 43.86
CA ALA OD 55 -38.51 108.48 44.28
C ALA OD 55 -38.64 109.39 45.49
N ASP OD 56 -37.72 109.27 46.46
CA ASP OD 56 -37.80 110.09 47.65
C ASP OD 56 -37.68 111.57 47.35
N GLN OD 57 -37.11 111.94 46.20
CA GLN OD 57 -36.96 113.35 45.86
C GLN OD 57 -38.33 114.01 45.65
N CYS OD 58 -39.28 113.27 45.07
CA CYS OD 58 -40.61 113.85 44.85
C CYS OD 58 -41.24 114.28 46.17
N LEU OD 59 -41.09 113.46 47.21
CA LEU OD 59 -41.62 113.84 48.52
C LEU OD 59 -40.97 115.11 49.02
N ILE OD 60 -39.65 115.25 48.81
CA ILE OD 60 -38.95 116.46 49.25
C ILE OD 60 -39.52 117.67 48.53
N HIS OD 61 -39.66 117.58 47.21
CA HIS OD 61 -40.29 118.67 46.46
C HIS OD 61 -41.74 118.83 46.86
N LYS OD 62 -42.44 117.72 47.05
CA LYS OD 62 -43.84 117.77 47.47
C LYS OD 62 -43.97 118.38 48.86
N ALA OD 63 -43.02 118.07 49.75
CA ALA OD 63 -43.08 118.60 51.11
C ALA OD 63 -43.02 120.12 51.14
N THR OD 64 -42.43 120.75 50.12
CA THR OD 64 -42.35 122.20 50.08
C THR OD 64 -43.72 122.85 49.88
N LEU OD 65 -44.71 122.09 49.41
CA LEU OD 65 -46.04 122.65 49.20
C LEU OD 65 -46.61 123.20 50.50
N ASP OD 66 -46.26 122.61 51.64
CA ASP OD 66 -46.72 123.15 52.91
C ASP OD 66 -46.20 124.56 53.13
N PRO OD 78 -42.55 132.15 39.82
CA PRO OD 78 -41.76 131.18 39.04
C PRO OD 78 -41.12 130.11 39.90
N LEU OD 79 -40.70 130.45 41.12
CA LEU OD 79 -40.10 129.45 42.00
C LEU OD 79 -41.10 128.37 42.36
N ILE OD 80 -42.34 128.75 42.68
CA ILE OD 80 -43.36 127.78 43.01
C ILE OD 80 -43.77 126.98 41.77
N GLU OD 81 -43.96 127.67 40.65
CA GLU OD 81 -44.35 126.99 39.42
C GLU OD 81 -43.27 126.03 38.95
N ALA OD 82 -42.00 126.45 39.03
CA ALA OD 82 -40.92 125.64 38.48
C ALA OD 82 -40.83 124.29 39.18
N MET OD 83 -40.98 124.27 40.50
CA MET OD 83 -40.87 123.01 41.24
C MET OD 83 -41.94 122.01 40.78
N GLN OD 84 -43.16 122.48 40.55
CA GLN OD 84 -44.22 121.58 40.13
C GLN OD 84 -43.89 120.94 38.79
N GLN OD 85 -43.30 121.70 37.88
CA GLN OD 85 -42.94 121.15 36.57
C GLN OD 85 -41.91 120.04 36.71
N ILE OD 86 -40.94 120.21 37.62
CA ILE OD 86 -39.87 119.23 37.76
C ILE OD 86 -40.42 117.89 38.19
N ILE OD 87 -41.47 117.88 39.03
CA ILE OD 87 -42.01 116.63 39.53
C ILE OD 87 -42.44 115.74 38.38
N LEU OD 88 -43.05 116.33 37.34
CA LEU OD 88 -43.47 115.54 36.19
C LEU OD 88 -42.29 114.86 35.52
N ALA OD 89 -41.18 115.60 35.37
CA ALA OD 89 -40.00 115.03 34.72
C ALA OD 89 -39.45 113.85 35.51
N MET OD 90 -39.35 114.00 36.83
CA MET OD 90 -38.84 112.91 37.65
C MET OD 90 -39.81 111.73 37.64
N THR OD 91 -41.12 112.01 37.65
CA THR OD 91 -42.10 110.93 37.61
C THR OD 91 -41.95 110.10 36.34
N ARG OD 92 -41.68 110.76 35.22
CA ARG OD 92 -41.48 110.03 33.97
C ARG OD 92 -40.30 109.07 34.08
N GLU OD 93 -39.21 109.49 34.71
CA GLU OD 93 -38.05 108.62 34.86
C GLU OD 93 -38.40 107.41 35.74
N LEU OD 94 -39.19 107.64 36.79
CA LEU OD 94 -39.53 106.55 37.70
C LEU OD 94 -40.24 105.42 36.96
N TRP OD 95 -41.19 105.77 36.09
CA TRP OD 95 -41.97 104.75 35.40
C TRP OD 95 -41.07 103.90 34.50
N GLY OD 96 -40.13 104.52 33.81
CA GLY OD 96 -39.25 103.75 32.95
C GLY OD 96 -38.46 102.70 33.70
N GLN OD 97 -37.97 103.06 34.89
CA GLN OD 97 -37.25 102.08 35.71
C GLN OD 97 -38.16 100.93 36.10
N ILE OD 98 -39.41 101.23 36.45
CA ILE OD 98 -40.34 100.19 36.86
C ILE OD 98 -40.57 99.21 35.72
N GLN OD 99 -40.81 99.73 34.52
CA GLN OD 99 -40.96 98.86 33.35
C GLN OD 99 -39.67 98.14 33.03
N ARG OD 100 -38.52 98.79 33.26
CA ARG OD 100 -37.23 98.14 33.08
C ARG OD 100 -37.08 96.93 33.98
N HIS OD 101 -37.86 96.85 35.05
CA HIS OD 101 -37.83 95.72 35.99
C HIS OD 101 -38.96 94.73 35.75
N HIS OD 102 -40.19 95.22 35.58
CA HIS OD 102 -41.34 94.35 35.41
C HIS OD 102 -41.28 93.61 34.08
N TYR OD 103 -41.30 94.35 32.98
CA TYR OD 103 -41.31 93.77 31.65
C TYR OD 103 -39.89 93.70 31.05
N GLY OD 104 -38.97 93.13 31.81
CA GLY OD 104 -37.63 93.00 31.32
C GLY OD 104 -37.00 94.37 31.08
N ILE OD 105 -35.90 94.36 30.34
CA ILE OD 105 -35.19 95.58 29.98
C ILE OD 105 -35.06 95.65 28.46
N VAL OD 106 -35.09 94.49 27.81
CA VAL OD 106 -34.98 94.45 26.35
C VAL OD 106 -36.34 94.65 25.71
N GLN OD 107 -37.36 93.93 26.21
CA GLN OD 107 -38.70 94.05 25.66
C GLN OD 107 -39.29 95.44 25.87
N VAL OD 108 -38.77 96.19 26.84
CA VAL OD 108 -39.30 97.54 27.10
C VAL OD 108 -39.09 98.43 25.88
N GLU OD 109 -37.90 98.36 25.28
CA GLU OD 109 -37.60 99.21 24.14
C GLU OD 109 -38.58 98.96 23.00
N HIS OD 110 -38.91 97.69 22.75
CA HIS OD 110 -39.85 97.36 21.69
C HIS OD 110 -41.21 97.99 21.95
N TYR OD 111 -41.69 97.92 23.19
CA TYR OD 111 -42.99 98.49 23.51
C TYR OD 111 -43.01 100.00 23.29
N VAL OD 112 -42.00 100.71 23.81
CA VAL OD 112 -41.97 102.16 23.64
C VAL OD 112 -41.80 102.51 22.18
N LYS OD 113 -41.05 101.70 21.43
CA LYS OD 113 -40.91 101.94 19.99
C LYS OD 113 -42.28 101.97 19.32
N GLN OD 114 -43.15 101.02 19.65
CA GLN OD 114 -44.47 100.99 19.07
C GLN OD 114 -45.34 102.13 19.59
N ILE OD 115 -45.16 102.50 20.86
CA ILE OD 115 -45.94 103.60 21.43
C ILE OD 115 -45.71 104.88 20.65
N THR OD 116 -44.45 105.16 20.32
CA THR OD 116 -44.15 106.39 19.58
C THR OD 116 -44.84 106.40 18.23
N LEU OD 117 -44.80 105.29 17.51
CA LEU OD 117 -45.47 105.20 16.21
C LEU OD 117 -46.99 105.29 16.37
N TRP OD 118 -47.54 104.62 17.39
CA TRP OD 118 -48.99 104.58 17.55
C TRP OD 118 -49.57 105.94 17.92
N GLN OD 119 -48.76 106.84 18.48
CA GLN OD 119 -49.24 108.16 18.89
C GLN OD 119 -48.87 109.25 17.89
N ASP OD 120 -47.68 109.16 17.27
CA ASP OD 120 -47.25 110.21 16.36
C ASP OD 120 -48.15 110.27 15.14
N THR OD 121 -48.58 109.11 14.62
CA THR OD 121 -49.46 109.10 13.47
C THR OD 121 -50.80 109.73 13.85
N PRO OD 122 -51.52 110.30 12.87
CA PRO OD 122 -52.80 110.93 13.18
C PRO OD 122 -53.79 109.91 13.72
N GLN OD 123 -54.71 110.40 14.55
CA GLN OD 123 -55.67 109.53 15.21
C GLN OD 123 -56.53 108.75 14.22
N ALA OD 124 -56.65 109.23 12.99
CA ALA OD 124 -57.45 108.55 11.99
C ALA OD 124 -56.78 107.29 11.44
N PHE OD 125 -55.50 107.06 11.77
CA PHE OD 125 -54.75 105.92 11.25
C PHE OD 125 -54.19 105.02 12.34
N ARG OD 126 -54.26 105.42 13.61
CA ARG OD 126 -53.62 104.64 14.67
C ARG OD 126 -54.17 103.22 14.71
N GLY OD 127 -55.46 103.08 15.01
CA GLY OD 127 -56.08 101.78 15.14
C GLY OD 127 -56.35 101.42 16.58
N ASP OD 128 -55.57 100.48 17.13
CA ASP OD 128 -55.72 100.01 18.49
C ASP OD 128 -54.39 100.13 19.23
N GLN OD 129 -54.47 100.49 20.50
CA GLN OD 129 -53.26 100.62 21.30
C GLN OD 129 -52.56 99.26 21.40
N PRO OD 130 -51.23 99.21 21.24
CA PRO OD 130 -50.52 97.93 21.39
C PRO OD 130 -50.31 97.61 22.86
N LYS OD 131 -50.86 96.49 23.30
CA LYS OD 131 -50.76 96.12 24.70
C LYS OD 131 -49.31 95.85 25.08
N PRO OD 132 -48.84 96.36 26.22
CA PRO OD 132 -47.46 96.09 26.62
C PRO OD 132 -47.26 94.61 26.92
N PRO OD 133 -46.05 94.10 26.76
CA PRO OD 133 -45.80 92.69 27.08
C PRO OD 133 -46.00 92.42 28.56
N SER OD 134 -46.42 91.18 28.86
CA SER OD 134 -46.66 90.79 30.24
C SER OD 134 -45.35 90.58 30.98
N PHE OD 135 -45.45 90.13 32.22
CA PHE OD 135 -44.28 89.91 33.08
C PHE OD 135 -43.57 88.64 32.62
N THR PD 3 -40.88 115.73 -14.83
CA THR PD 3 -40.83 114.87 -16.00
C THR PD 3 -40.00 113.63 -15.76
N PHE PD 4 -39.06 113.67 -14.81
CA PHE PD 4 -38.29 112.47 -14.50
C PHE PD 4 -39.18 111.35 -14.00
N ILE PD 5 -40.18 111.68 -13.17
CA ILE PD 5 -41.09 110.65 -12.68
C ILE PD 5 -41.79 109.97 -13.85
N GLU PD 6 -42.15 110.75 -14.88
CA GLU PD 6 -42.72 110.16 -16.08
C GLU PD 6 -41.73 109.20 -16.73
N LEU PD 7 -40.45 109.58 -16.77
CA LEU PD 7 -39.45 108.70 -17.36
C LEU PD 7 -39.33 107.39 -16.60
N VAL PD 8 -39.71 107.39 -15.32
CA VAL PD 8 -39.69 106.17 -14.52
C VAL PD 8 -41.09 105.59 -14.33
N LYS PD 9 -42.15 106.38 -14.53
CA LYS PD 9 -43.50 105.86 -14.37
C LYS PD 9 -43.75 104.67 -15.29
N ASN PD 10 -43.05 104.60 -16.43
CA ASN PD 10 -43.18 103.47 -17.34
C ASN PD 10 -42.32 102.29 -16.93
N MET PD 11 -41.38 102.47 -16.01
CA MET PD 11 -40.54 101.36 -15.59
C MET PD 11 -41.36 100.29 -14.88
N LYS PD 12 -40.92 99.04 -15.04
CA LYS PD 12 -41.64 97.92 -14.44
C LYS PD 12 -41.65 98.02 -12.92
N GLY PD 13 -40.53 98.37 -12.32
CA GLY PD 13 -40.41 98.39 -10.88
C GLY PD 13 -40.78 99.71 -10.24
N TYR PD 14 -41.29 100.64 -11.04
CA TYR PD 14 -41.70 101.94 -10.51
C TYR PD 14 -42.84 101.79 -9.52
N LYS PD 15 -42.79 102.58 -8.45
CA LYS PD 15 -43.78 102.52 -7.39
C LYS PD 15 -44.12 103.93 -6.94
N GLU PD 16 -45.34 104.09 -6.41
CA GLU PD 16 -45.80 105.36 -5.87
C GLU PD 16 -45.38 105.44 -4.40
N LEU PD 17 -44.09 105.75 -4.20
CA LEU PD 17 -43.56 105.86 -2.85
C LEU PD 17 -44.14 107.05 -2.10
N LEU PD 18 -44.72 108.02 -2.81
CA LEU PD 18 -45.30 109.20 -2.17
C LEU PD 18 -46.61 108.81 -1.50
N LEU PD 19 -46.57 108.63 -0.19
CA LEU PD 19 -47.74 108.21 0.55
C LEU PD 19 -48.72 109.39 0.69
N PRO PD 20 -49.98 109.10 1.04
CA PRO PD 20 -50.97 110.18 1.15
C PRO PD 20 -50.53 111.24 2.15
N MET PD 21 -50.86 112.49 1.83
CA MET PD 21 -50.48 113.60 2.71
C MET PD 21 -51.10 113.44 4.08
N GLU PD 22 -52.38 113.05 4.14
CA GLU PD 22 -53.04 112.86 5.42
C GLU PD 22 -52.36 111.76 6.24
N MET PD 23 -51.78 110.77 5.56
CA MET PD 23 -51.18 109.64 6.27
C MET PD 23 -50.00 110.09 7.13
N VAL PD 24 -49.15 110.96 6.60
CA VAL PD 24 -47.92 111.35 7.29
C VAL PD 24 -48.23 112.41 8.35
N PRO PD 25 -47.43 112.51 9.42
CA PRO PD 25 -47.66 113.55 10.42
C PRO PD 25 -47.03 114.88 10.03
N LEU PD 26 -47.06 115.85 10.95
CA LEU PD 26 -46.48 117.15 10.68
C LEU PD 26 -44.96 117.04 10.55
N PRO PD 27 -44.33 118.01 9.88
CA PRO PD 27 -42.88 117.90 9.64
C PRO PD 27 -42.06 117.76 10.92
N ALA PD 28 -42.47 118.46 12.00
CA ALA PD 28 -41.67 118.44 13.21
C ALA PD 28 -41.57 117.05 13.80
N VAL PD 29 -42.67 116.30 13.80
CA VAL PD 29 -42.66 114.98 14.40
C VAL PD 29 -41.78 114.02 13.61
N VAL PD 30 -41.78 114.16 12.29
CA VAL PD 30 -41.00 113.25 11.46
C VAL PD 30 -39.52 113.35 11.80
N LEU PD 31 -39.03 114.59 11.98
CA LEU PD 31 -37.62 114.79 12.31
C LEU PD 31 -37.23 114.01 13.56
N LYS PD 32 -38.17 113.82 14.49
CA LYS PD 32 -37.88 113.06 15.70
C LYS PD 32 -37.49 111.63 15.37
N HIS PD 33 -38.22 111.00 14.45
CA HIS PD 33 -37.94 109.60 14.11
C HIS PD 33 -36.63 109.46 13.35
N VAL PD 34 -36.23 110.51 12.62
CA VAL PD 34 -34.97 110.43 11.87
C VAL PD 34 -33.80 110.25 12.83
N LYS PD 35 -33.79 111.01 13.93
CA LYS PD 35 -32.75 110.83 14.93
C LYS PD 35 -32.83 109.44 15.55
N LEU PD 36 -34.04 108.98 15.86
CA LEU PD 36 -34.20 107.69 16.51
C LEU PD 36 -33.79 106.54 15.59
N ILE PD 37 -34.19 106.60 14.31
CA ILE PD 37 -33.86 105.52 13.40
C ILE PD 37 -32.37 105.53 13.07
N LEU PD 38 -31.81 106.71 12.81
CA LEU PD 38 -30.38 106.80 12.55
C LEU PD 38 -29.57 106.36 13.76
N THR PD 39 -29.98 106.81 14.96
CA THR PD 39 -29.27 106.44 16.17
C THR PD 39 -29.33 104.93 16.40
N SER PD 40 -30.53 104.35 16.24
CA SER PD 40 -30.67 102.91 16.48
C SER PD 40 -29.84 102.10 15.49
N GLN PD 41 -29.86 102.48 14.22
CA GLN PD 41 -29.13 101.74 13.21
C GLN PD 41 -27.63 101.86 13.43
N LYS PD 42 -26.91 100.77 13.17
CA LYS PD 42 -25.47 100.72 13.41
C LYS PD 42 -24.67 100.55 12.13
N GLU PD 43 -25.01 99.56 11.30
CA GLU PD 43 -24.25 99.33 10.09
C GLU PD 43 -24.35 100.54 9.16
N HIS PD 44 -23.22 100.91 8.55
CA HIS PD 44 -23.16 102.07 7.68
C HIS PD 44 -23.47 101.66 6.25
N GLN PD 45 -24.51 102.26 5.68
CA GLN PD 45 -24.89 102.10 4.29
C GLN PD 45 -25.16 103.46 3.68
N PRO PD 46 -25.09 103.58 2.36
CA PRO PD 46 -25.28 104.90 1.74
C PRO PD 46 -26.64 105.52 2.00
N TRP PD 47 -27.67 104.71 2.27
CA TRP PD 47 -29.01 105.28 2.44
C TRP PD 47 -29.07 106.20 3.65
N MET PD 48 -28.48 105.78 4.78
CA MET PD 48 -28.50 106.63 5.96
C MET PD 48 -27.72 107.91 5.73
N THR PD 49 -26.59 107.82 5.03
CA THR PD 49 -25.82 109.01 4.69
C THR PD 49 -26.64 109.97 3.85
N GLU PD 50 -27.34 109.45 2.84
CA GLU PD 50 -28.20 110.28 2.02
C GLU PD 50 -29.50 110.63 2.74
N MET PD 51 -29.97 109.76 3.63
CA MET PD 51 -31.20 110.03 4.36
C MET PD 51 -31.07 111.28 5.22
N ALA PD 52 -29.94 111.44 5.89
CA ALA PD 52 -29.72 112.63 6.72
C ALA PD 52 -29.71 113.89 5.86
N LEU PD 53 -29.07 113.84 4.71
CA LEU PD 53 -28.99 115.02 3.85
C LEU PD 53 -30.37 115.46 3.39
N LYS PD 54 -31.21 114.50 3.01
CA LYS PD 54 -32.55 114.84 2.54
C LYS PD 54 -33.36 115.52 3.64
N ALA PD 55 -33.23 115.04 4.88
CA ALA PD 55 -33.97 115.64 5.99
C ALA PD 55 -33.37 116.98 6.39
N ASP PD 56 -32.07 117.18 6.15
CA ASP PD 56 -31.42 118.41 6.57
C ASP PD 56 -32.05 119.62 5.89
N GLN PD 57 -32.38 119.49 4.61
CA GLN PD 57 -32.90 120.64 3.86
C GLN PD 57 -34.14 121.22 4.54
N CYS PD 58 -34.98 120.35 5.12
CA CYS PD 58 -36.19 120.83 5.78
C CYS PD 58 -35.85 121.79 6.92
N LEU PD 59 -34.75 121.54 7.63
CA LEU PD 59 -34.39 122.42 8.74
C LEU PD 59 -34.10 123.83 8.26
N ILE PD 60 -33.42 123.97 7.13
CA ILE PD 60 -33.09 125.30 6.63
C ILE PD 60 -34.36 126.07 6.30
N HIS PD 61 -35.33 125.40 5.68
CA HIS PD 61 -36.58 126.07 5.35
C HIS PD 61 -37.32 126.53 6.59
N LYS PD 62 -37.20 125.79 7.69
CA LYS PD 62 -37.83 126.21 8.94
C LYS PD 62 -37.34 127.58 9.37
N ALA PD 63 -36.02 127.77 9.38
CA ALA PD 63 -35.46 129.06 9.76
C ALA PD 63 -35.58 130.08 8.64
N THR PD 64 -35.52 129.65 7.38
CA THR PD 64 -35.63 130.59 6.27
C THR PD 64 -36.96 131.33 6.32
N LEU PD 65 -38.06 130.60 6.49
CA LEU PD 65 -39.36 131.23 6.60
C LEU PD 65 -39.55 131.89 7.97
N PRO PD 78 -46.77 133.97 -3.83
CA PRO PD 78 -46.55 132.67 -4.49
C PRO PD 78 -45.26 132.00 -4.07
N LEU PD 79 -44.21 132.79 -3.81
CA LEU PD 79 -42.93 132.20 -3.41
C LEU PD 79 -43.03 131.54 -2.05
N ILE PD 80 -43.57 132.25 -1.07
CA ILE PD 80 -43.66 131.70 0.29
C ILE PD 80 -44.60 130.49 0.31
N GLU PD 81 -45.75 130.61 -0.37
CA GLU PD 81 -46.73 129.54 -0.35
C GLU PD 81 -46.14 128.26 -0.95
N ALA PD 82 -45.38 128.38 -2.03
CA ALA PD 82 -44.78 127.20 -2.66
C ALA PD 82 -43.84 126.48 -1.70
N MET PD 83 -43.05 127.24 -0.94
CA MET PD 83 -42.13 126.62 0.01
C MET PD 83 -42.86 125.78 1.03
N GLN PD 84 -44.02 126.26 1.49
CA GLN PD 84 -44.80 125.49 2.46
C GLN PD 84 -45.18 124.13 1.90
N GLN PD 85 -45.61 124.09 0.64
CA GLN PD 85 -45.93 122.82 0.00
C GLN PD 85 -44.67 121.99 -0.24
N ILE PD 86 -43.55 122.64 -0.53
CA ILE PD 86 -42.30 121.92 -0.77
C ILE PD 86 -41.88 121.15 0.48
N ILE PD 87 -41.99 121.78 1.64
CA ILE PD 87 -41.61 121.11 2.88
C ILE PD 87 -42.44 119.84 3.06
N LEU PD 88 -43.75 119.93 2.83
CA LEU PD 88 -44.59 118.75 2.96
C LEU PD 88 -44.22 117.69 1.93
N ALA PD 89 -43.72 118.10 0.77
CA ALA PD 89 -43.31 117.14 -0.25
C ALA PD 89 -42.20 116.24 0.27
N MET PD 90 -41.21 116.82 0.95
CA MET PD 90 -40.10 116.03 1.46
C MET PD 90 -40.54 115.14 2.62
N THR PD 91 -41.51 115.59 3.41
CA THR PD 91 -41.97 114.80 4.55
C THR PD 91 -42.54 113.45 4.07
N ARG PD 92 -43.33 113.48 2.99
CA ARG PD 92 -43.87 112.23 2.47
C ARG PD 92 -42.74 111.29 2.03
N GLU PD 93 -41.73 111.84 1.36
CA GLU PD 93 -40.60 111.03 0.93
C GLU PD 93 -39.85 110.46 2.13
N LEU PD 94 -39.64 111.27 3.16
CA LEU PD 94 -38.89 110.81 4.32
C LEU PD 94 -39.65 109.69 5.04
N TRP PD 95 -40.96 109.85 5.22
CA TRP PD 95 -41.72 108.85 5.95
C TRP PD 95 -41.70 107.50 5.25
N GLY PD 96 -41.55 107.50 3.93
CA GLY PD 96 -41.48 106.24 3.21
C GLY PD 96 -40.28 105.41 3.62
N GLN PD 97 -39.10 106.06 3.68
CA GLN PD 97 -37.91 105.34 4.11
C GLN PD 97 -38.03 104.88 5.56
N ILE PD 98 -38.68 105.68 6.39
CA ILE PD 98 -38.86 105.30 7.79
C ILE PD 98 -39.67 104.02 7.88
N GLN PD 99 -40.81 103.97 7.19
CA GLN PD 99 -41.67 102.79 7.26
C GLN PD 99 -41.03 101.60 6.57
N ARG PD 100 -40.41 101.82 5.41
CA ARG PD 100 -39.78 100.71 4.69
C ARG PD 100 -38.64 100.12 5.51
N HIS PD 101 -37.83 100.95 6.15
CA HIS PD 101 -36.73 100.43 6.96
C HIS PD 101 -37.23 99.66 8.17
N HIS PD 102 -38.24 100.20 8.87
CA HIS PD 102 -38.75 99.52 10.06
C HIS PD 102 -39.40 98.19 9.71
N TYR PD 103 -40.33 98.20 8.75
CA TYR PD 103 -41.06 97.01 8.37
C TYR PD 103 -40.44 96.33 7.15
N GLY PD 104 -40.38 97.04 6.04
CA GLY PD 104 -39.87 96.49 4.80
C GLY PD 104 -40.45 97.20 3.60
N ILE PD 105 -39.75 97.06 2.47
CA ILE PD 105 -40.16 97.75 1.26
C ILE PD 105 -41.50 97.21 0.76
N VAL PD 106 -41.65 95.88 0.75
CA VAL PD 106 -42.87 95.28 0.22
C VAL PD 106 -44.05 95.58 1.11
N GLN PD 107 -43.85 95.55 2.43
CA GLN PD 107 -44.97 95.71 3.36
C GLN PD 107 -45.61 97.09 3.21
N VAL PD 108 -44.80 98.13 3.07
CA VAL PD 108 -45.34 99.48 2.90
C VAL PD 108 -46.13 99.56 1.61
N GLU PD 109 -45.56 99.05 0.51
CA GLU PD 109 -46.28 99.02 -0.75
C GLU PD 109 -47.54 98.18 -0.64
N HIS PD 110 -47.50 97.12 0.17
CA HIS PD 110 -48.65 96.24 0.32
C HIS PD 110 -49.71 96.86 1.23
N TYR PD 111 -49.29 97.59 2.26
CA TYR PD 111 -50.22 98.11 3.27
C TYR PD 111 -50.77 99.48 2.92
N VAL PD 112 -50.05 100.29 2.16
CA VAL PD 112 -50.51 101.65 1.88
C VAL PD 112 -51.84 101.63 1.15
N LYS PD 113 -51.98 100.74 0.17
CA LYS PD 113 -53.21 100.71 -0.62
C LYS PD 113 -54.41 100.33 0.23
N GLN PD 114 -54.21 99.41 1.18
CA GLN PD 114 -55.33 98.90 1.97
C GLN PD 114 -56.04 100.03 2.70
N ILE PD 115 -55.28 100.91 3.36
CA ILE PD 115 -55.90 101.98 4.13
C ILE PD 115 -56.59 102.98 3.21
N THR PD 116 -56.02 103.21 2.02
CA THR PD 116 -56.65 104.13 1.09
C THR PD 116 -58.03 103.63 0.67
N LEU PD 117 -58.14 102.31 0.43
CA LEU PD 117 -59.43 101.74 0.07
C LEU PD 117 -60.45 101.92 1.21
N TRP PD 118 -60.02 101.69 2.45
CA TRP PD 118 -60.93 101.83 3.58
C TRP PD 118 -61.50 103.23 3.66
N GLN PD 119 -60.78 104.23 3.15
CA GLN PD 119 -61.28 105.60 3.17
C GLN PD 119 -62.21 105.86 2.00
N ASP PD 120 -61.77 105.52 0.78
CA ASP PD 120 -62.56 105.75 -0.43
C ASP PD 120 -63.65 104.69 -0.51
N THR PD 121 -64.66 104.85 0.33
CA THR PD 121 -65.79 103.93 0.40
C THR PD 121 -66.96 104.67 1.03
N PRO PD 122 -68.20 104.30 0.69
CA PRO PD 122 -69.34 105.06 1.23
C PRO PD 122 -69.54 104.88 2.73
N GLN PD 123 -68.65 105.49 3.51
CA GLN PD 123 -68.76 105.56 4.97
C GLN PD 123 -69.29 104.27 5.61
N ALA PD 124 -70.57 103.97 5.38
CA ALA PD 124 -71.21 102.87 6.11
C ALA PD 124 -70.45 101.57 5.93
N PHE PD 125 -70.20 101.17 4.68
CA PHE PD 125 -69.46 99.95 4.40
C PHE PD 125 -67.98 100.24 4.21
N ARG PD 126 -67.38 100.97 5.15
CA ARG PD 126 -65.97 101.32 5.03
C ARG PD 126 -65.08 100.09 5.18
N GLY PD 127 -65.44 99.18 6.08
CA GLY PD 127 -64.66 97.99 6.30
C GLY PD 127 -64.62 97.59 7.77
N ASP PD 128 -63.42 97.30 8.27
CA ASP PD 128 -63.25 96.91 9.66
C ASP PD 128 -62.02 97.57 10.28
N GLN PD 129 -61.69 98.78 9.84
CA GLN PD 129 -60.54 99.50 10.37
C GLN PD 129 -59.29 98.64 10.22
N PRO PD 130 -58.78 98.49 9.00
CA PRO PD 130 -57.67 97.54 8.78
C PRO PD 130 -56.50 97.83 9.72
N LYS PD 131 -55.96 96.76 10.30
CA LYS PD 131 -54.88 96.89 11.26
C LYS PD 131 -53.59 97.30 10.55
N PRO PD 132 -52.74 98.08 11.21
CA PRO PD 132 -51.43 98.41 10.63
C PRO PD 132 -50.53 97.19 10.63
N PRO PD 133 -49.49 97.18 9.80
CA PRO PD 133 -48.65 95.99 9.69
C PRO PD 133 -47.98 95.65 11.02
N THR QD 3 -116.35 -0.97 52.54
CA THR QD 3 -115.42 -1.84 53.24
C THR QD 3 -114.08 -1.93 52.49
N PHE QD 4 -114.12 -2.04 51.17
CA PHE QD 4 -112.90 -2.22 50.40
C PHE QD 4 -111.97 -1.03 50.56
N ILE QD 5 -112.51 0.19 50.50
CA ILE QD 5 -111.67 1.38 50.58
C ILE QD 5 -110.94 1.42 51.92
N GLU QD 6 -111.61 0.97 52.98
CA GLU QD 6 -110.94 0.88 54.27
C GLU QD 6 -109.73 -0.04 54.19
N LEU QD 7 -109.86 -1.16 53.48
CA LEU QD 7 -108.73 -2.09 53.34
C LEU QD 7 -107.58 -1.44 52.59
N VAL QD 8 -107.88 -0.69 51.54
CA VAL QD 8 -106.82 -0.06 50.75
C VAL QD 8 -106.10 1.01 51.55
N LYS QD 9 -106.86 1.79 52.34
CA LYS QD 9 -106.23 2.82 53.16
C LYS QD 9 -105.19 2.22 54.10
N ASN QD 10 -105.35 0.95 54.45
CA ASN QD 10 -104.36 0.25 55.28
C ASN QD 10 -103.25 -0.31 54.39
N MET QD 11 -102.59 0.60 53.67
CA MET QD 11 -101.52 0.23 52.76
C MET QD 11 -100.44 1.31 52.80
N LYS QD 12 -99.25 0.93 52.33
CA LYS QD 12 -98.08 1.79 52.40
C LYS QD 12 -97.92 2.57 51.11
N GLY QD 13 -97.56 3.85 51.25
CA GLY QD 13 -97.49 4.74 50.11
C GLY QD 13 -98.81 5.33 49.68
N TYR QD 14 -99.84 5.22 50.51
CA TYR QD 14 -101.18 5.70 50.17
C TYR QD 14 -101.23 7.21 50.35
N LYS QD 15 -101.40 7.94 49.25
CA LYS QD 15 -101.54 9.39 49.26
C LYS QD 15 -102.97 9.74 48.87
N GLU QD 16 -103.69 10.42 49.76
CA GLU QD 16 -105.07 10.76 49.49
C GLU QD 16 -105.16 11.80 48.37
N LEU QD 17 -106.23 11.70 47.59
CA LEU QD 17 -106.41 12.59 46.44
C LEU QD 17 -107.83 13.10 46.31
N LEU QD 18 -108.69 12.92 47.32
CA LEU QD 18 -110.08 13.32 47.26
C LEU QD 18 -110.33 14.41 48.29
N LEU QD 19 -110.98 15.49 47.85
CA LEU QD 19 -111.29 16.60 48.73
C LEU QD 19 -112.57 16.31 49.51
N PRO QD 20 -112.83 17.07 50.58
CA PRO QD 20 -114.09 16.89 51.31
C PRO QD 20 -115.30 17.16 50.42
N MET QD 21 -116.39 16.45 50.71
CA MET QD 21 -117.61 16.61 49.93
C MET QD 21 -118.11 18.04 49.95
N GLU QD 22 -117.78 18.79 51.01
CA GLU QD 22 -118.26 20.17 51.15
C GLU QD 22 -117.49 21.16 50.28
N MET QD 23 -116.37 20.75 49.67
CA MET QD 23 -115.55 21.64 48.86
C MET QD 23 -115.62 21.36 47.38
N VAL QD 24 -115.98 20.15 46.96
CA VAL QD 24 -116.04 19.82 45.54
C VAL QD 24 -117.15 20.63 44.89
N PRO QD 25 -117.02 20.95 43.60
CA PRO QD 25 -118.07 21.73 42.94
C PRO QD 25 -119.38 20.95 42.86
N LEU QD 26 -120.41 21.64 42.42
CA LEU QD 26 -121.68 20.98 42.16
C LEU QD 26 -121.53 20.05 40.96
N PRO QD 27 -122.35 18.99 40.89
CA PRO QD 27 -122.18 18.03 39.78
C PRO QD 27 -122.28 18.67 38.41
N ALA QD 28 -123.16 19.67 38.26
CA ALA QD 28 -123.30 20.34 36.97
C ALA QD 28 -122.00 21.01 36.56
N VAL QD 29 -121.30 21.64 37.49
CA VAL QD 29 -120.08 22.35 37.16
C VAL QD 29 -119.00 21.38 36.72
N VAL QD 30 -118.93 20.21 37.35
CA VAL QD 30 -117.86 19.26 37.05
C VAL QD 30 -117.92 18.84 35.59
N LEU QD 31 -119.12 18.55 35.10
CA LEU QD 31 -119.27 18.11 33.72
C LEU QD 31 -118.68 19.10 32.75
N LYS QD 32 -118.71 20.40 33.09
CA LYS QD 32 -118.19 21.41 32.19
C LYS QD 32 -116.70 21.21 31.92
N HIS QD 33 -115.93 20.90 32.96
CA HIS QD 33 -114.50 20.66 32.77
C HIS QD 33 -114.25 19.37 32.00
N VAL QD 34 -115.17 18.40 32.11
CA VAL QD 34 -114.98 17.14 31.41
C VAL QD 34 -114.93 17.36 29.90
N LYS QD 35 -115.86 18.17 29.39
CA LYS QD 35 -115.89 18.43 27.95
C LYS QD 35 -114.62 19.11 27.48
N LEU QD 36 -114.14 20.11 28.24
CA LEU QD 36 -112.92 20.80 27.86
C LEU QD 36 -111.72 19.87 27.91
N ILE QD 37 -111.57 19.15 29.02
CA ILE QD 37 -110.40 18.27 29.18
C ILE QD 37 -110.43 17.16 28.15
N LEU QD 38 -111.59 16.53 27.97
CA LEU QD 38 -111.70 15.48 26.96
C LEU QD 38 -111.47 16.02 25.56
N THR QD 39 -112.18 17.08 25.20
CA THR QD 39 -112.12 17.59 23.83
C THR QD 39 -110.80 18.29 23.56
N SER QD 40 -110.35 19.13 24.49
CA SER QD 40 -109.10 19.87 24.33
C SER QD 40 -107.93 18.98 24.75
N GLN QD 41 -107.78 17.88 24.03
CA GLN QD 41 -106.70 16.93 24.28
C GLN QD 41 -106.25 16.32 22.97
N LYS QD 42 -104.98 15.94 22.93
CA LYS QD 42 -104.37 15.32 21.76
C LYS QD 42 -103.66 14.04 22.19
N GLU QD 43 -103.59 13.08 21.27
CA GLU QD 43 -102.97 11.79 21.54
C GLU QD 43 -103.66 11.10 22.73
N HIS QD 44 -104.93 10.77 22.49
CA HIS QD 44 -105.77 10.17 23.51
C HIS QD 44 -105.02 9.13 24.33
N GLN QD 45 -105.20 9.19 25.64
CA GLN QD 45 -104.51 8.34 26.59
C GLN QD 45 -105.53 7.49 27.36
N PRO QD 46 -105.09 6.37 27.94
CA PRO QD 46 -106.06 5.45 28.57
C PRO QD 46 -106.90 6.11 29.64
N TRP QD 47 -106.33 7.01 30.44
CA TRP QD 47 -107.09 7.62 31.53
C TRP QD 47 -108.24 8.46 31.02
N MET QD 48 -108.19 8.93 29.77
CA MET QD 48 -109.30 9.71 29.23
C MET QD 48 -110.56 8.86 29.16
N THR QD 49 -110.44 7.60 28.76
CA THR QD 49 -111.60 6.73 28.68
C THR QD 49 -112.24 6.54 30.05
N GLU QD 50 -111.43 6.38 31.08
CA GLU QD 50 -111.97 6.17 32.43
C GLU QD 50 -112.80 7.37 32.86
N MET QD 51 -112.33 8.58 32.56
CA MET QD 51 -113.06 9.78 32.97
C MET QD 51 -114.46 9.81 32.34
N ALA QD 52 -114.54 9.50 31.05
CA ALA QD 52 -115.84 9.57 30.37
C ALA QD 52 -116.81 8.56 30.92
N LEU QD 53 -116.34 7.34 31.20
CA LEU QD 53 -117.24 6.29 31.67
C LEU QD 53 -117.90 6.68 32.98
N LYS QD 54 -117.12 7.23 33.92
CA LYS QD 54 -117.70 7.64 35.19
C LYS QD 54 -118.66 8.82 35.01
N ALA QD 55 -118.36 9.71 34.07
CA ALA QD 55 -119.18 10.90 33.90
C ALA QD 55 -120.62 10.53 33.55
N ASP QD 56 -120.81 9.60 32.62
CA ASP QD 56 -122.15 9.23 32.21
C ASP QD 56 -122.94 8.63 33.36
N GLN QD 57 -122.26 8.01 34.32
CA GLN QD 57 -122.96 7.40 35.45
C GLN QD 57 -123.71 8.46 36.26
N CYS QD 58 -123.07 9.62 36.49
CA CYS QD 58 -123.74 10.68 37.23
C CYS QD 58 -124.98 11.16 36.49
N LEU QD 59 -124.88 11.28 35.16
CA LEU QD 59 -126.05 11.68 34.36
C LEU QD 59 -127.15 10.65 34.48
N ILE QD 60 -126.81 9.36 34.47
CA ILE QD 60 -127.81 8.31 34.58
C ILE QD 60 -128.54 8.43 35.90
N HIS QD 61 -127.79 8.56 37.00
CA HIS QD 61 -128.42 8.75 38.30
C HIS QD 61 -129.17 10.08 38.35
N LYS QD 62 -128.58 11.12 37.77
CA LYS QD 62 -129.26 12.42 37.75
C LYS QD 62 -130.56 12.35 36.97
N ALA QD 63 -130.56 11.66 35.84
CA ALA QD 63 -131.77 11.49 35.05
C ALA QD 63 -132.78 10.55 35.71
N THR QD 64 -132.39 9.86 36.78
CA THR QD 64 -133.28 8.92 37.45
C THR QD 64 -134.18 9.59 38.49
N LEU QD 65 -133.74 10.72 39.05
CA LEU QD 65 -134.54 11.37 40.09
C LEU QD 65 -135.87 11.88 39.55
N ASP QD 66 -135.89 12.37 38.32
CA ASP QD 66 -137.15 12.87 37.75
C ASP QD 66 -138.22 11.79 37.73
N PRO QD 78 -136.52 6.05 51.51
CA PRO QD 78 -135.08 5.78 51.40
C PRO QD 78 -134.62 5.47 49.99
N LEU QD 79 -135.29 4.54 49.31
CA LEU QD 79 -134.81 4.09 47.99
C LEU QD 79 -134.76 5.24 47.00
N ILE QD 80 -135.81 6.06 46.97
CA ILE QD 80 -135.84 7.18 46.03
C ILE QD 80 -134.71 8.16 46.34
N GLU QD 81 -134.53 8.48 47.61
CA GLU QD 81 -133.50 9.42 48.03
C GLU QD 81 -132.12 8.78 48.18
N ALA QD 82 -132.05 7.45 48.22
CA ALA QD 82 -130.76 6.79 48.42
C ALA QD 82 -129.82 7.06 47.26
N MET QD 83 -130.32 7.03 46.03
CA MET QD 83 -129.45 7.24 44.88
C MET QD 83 -128.81 8.61 44.89
N GLN QD 84 -129.49 9.60 45.48
CA GLN QD 84 -128.92 10.95 45.52
C GLN QD 84 -127.60 10.98 46.28
N GLN QD 85 -127.41 10.09 47.25
CA GLN QD 85 -126.17 10.07 48.00
C GLN QD 85 -124.99 9.73 47.10
N ILE QD 86 -125.18 8.77 46.19
CA ILE QD 86 -124.09 8.36 45.31
C ILE QD 86 -123.71 9.48 44.36
N ILE QD 87 -124.69 10.27 43.92
CA ILE QD 87 -124.42 11.34 42.95
C ILE QD 87 -123.36 12.28 43.52
N LEU QD 88 -123.56 12.73 44.76
CA LEU QD 88 -122.58 13.60 45.39
C LEU QD 88 -121.23 12.91 45.52
N ALA QD 89 -121.23 11.63 45.91
CA ALA QD 89 -119.99 10.90 46.06
C ALA QD 89 -119.27 10.75 44.73
N MET QD 90 -120.02 10.48 43.65
CA MET QD 90 -119.41 10.26 42.35
C MET QD 90 -118.59 11.46 41.93
N THR QD 91 -119.07 12.67 42.25
CA THR QD 91 -118.32 13.88 41.90
C THR QD 91 -116.96 13.90 42.61
N ARG QD 92 -116.94 13.50 43.88
CA ARG QD 92 -115.70 13.58 44.66
C ARG QD 92 -114.59 12.76 43.99
N GLU QD 93 -114.91 11.53 43.57
CA GLU QD 93 -113.93 10.73 42.85
C GLU QD 93 -113.67 11.33 41.47
N LEU QD 94 -114.71 11.82 40.80
CA LEU QD 94 -114.56 12.38 39.47
C LEU QD 94 -113.70 13.64 39.50
N TRP QD 95 -113.92 14.51 40.49
CA TRP QD 95 -113.15 15.75 40.56
C TRP QD 95 -111.67 15.47 40.82
N GLY QD 96 -111.35 14.33 41.42
CA GLY QD 96 -109.96 14.01 41.69
C GLY QD 96 -109.14 13.89 40.43
N GLN QD 97 -109.72 13.30 39.38
CA GLN QD 97 -109.00 13.14 38.12
C GLN QD 97 -108.83 14.49 37.41
N ILE QD 98 -109.79 15.39 37.59
CA ILE QD 98 -109.70 16.70 36.95
C ILE QD 98 -108.46 17.43 37.43
N GLN QD 99 -108.23 17.44 38.75
CA GLN QD 99 -107.07 18.16 39.28
C GLN QD 99 -105.77 17.49 38.86
N ARG QD 100 -105.77 16.17 38.69
CA ARG QD 100 -104.56 15.50 38.23
C ARG QD 100 -104.17 15.98 36.85
N HIS QD 101 -105.15 16.13 35.95
CA HIS QD 101 -104.85 16.62 34.60
C HIS QD 101 -104.40 18.07 34.64
N HIS QD 102 -105.11 18.91 35.40
CA HIS QD 102 -104.77 20.33 35.45
C HIS QD 102 -103.47 20.55 36.22
N TYR QD 103 -103.45 20.19 37.51
CA TYR QD 103 -102.30 20.44 38.35
C TYR QD 103 -101.23 19.36 38.17
N GLY QD 104 -101.58 18.12 38.47
CA GLY QD 104 -100.63 17.02 38.46
C GLY QD 104 -100.84 16.18 39.69
N ILE QD 105 -100.54 14.88 39.57
CA ILE QD 105 -100.79 13.96 40.69
C ILE QD 105 -99.96 14.35 41.90
N VAL QD 106 -98.68 14.66 41.69
CA VAL QD 106 -97.80 14.95 42.81
C VAL QD 106 -98.26 16.19 43.55
N GLN QD 107 -98.59 17.25 42.82
CA GLN QD 107 -99.00 18.50 43.45
C GLN QD 107 -100.29 18.33 44.23
N VAL QD 108 -101.22 17.52 43.72
CA VAL QD 108 -102.51 17.36 44.39
C VAL QD 108 -102.32 16.78 45.78
N GLU QD 109 -101.45 15.79 45.92
CA GLU QD 109 -101.23 15.16 47.22
C GLU QD 109 -100.89 16.21 48.28
N HIS QD 110 -99.97 17.12 47.95
CA HIS QD 110 -99.61 18.17 48.89
C HIS QD 110 -100.80 19.08 49.17
N TYR QD 111 -101.56 19.43 48.13
CA TYR QD 111 -102.67 20.36 48.31
C TYR QD 111 -103.72 19.79 49.25
N VAL QD 112 -104.05 18.51 49.11
CA VAL QD 112 -105.11 17.93 49.92
C VAL QD 112 -104.72 17.96 51.40
N LYS QD 113 -103.50 17.54 51.70
CA LYS QD 113 -103.05 17.53 53.09
C LYS QD 113 -103.03 18.94 53.66
N GLN QD 114 -102.58 19.91 52.88
CA GLN QD 114 -102.62 21.29 53.33
C GLN QD 114 -104.05 21.73 53.61
N ILE QD 115 -104.98 21.34 52.73
CA ILE QD 115 -106.39 21.64 52.97
C ILE QD 115 -106.87 20.91 54.21
N THR QD 116 -106.50 19.65 54.36
CA THR QD 116 -106.95 18.87 55.51
C THR QD 116 -106.51 19.50 56.81
N LEU QD 117 -105.21 19.79 56.92
CA LEU QD 117 -104.71 20.46 58.12
C LEU QD 117 -105.37 21.83 58.30
N TRP QD 118 -105.53 22.57 57.21
CA TRP QD 118 -106.20 23.86 57.29
C TRP QD 118 -107.63 23.69 57.79
N GLN QD 119 -108.34 22.67 57.29
CA GLN QD 119 -109.70 22.43 57.77
C GLN QD 119 -109.68 21.89 59.20
N ASP QD 120 -108.66 21.10 59.55
CA ASP QD 120 -108.60 20.53 60.89
C ASP QD 120 -108.44 21.60 61.95
N THR QD 121 -107.58 22.58 61.70
CA THR QD 121 -107.32 23.61 62.69
C THR QD 121 -108.60 24.41 62.95
N PRO QD 122 -108.88 24.79 64.20
CA PRO QD 122 -110.09 25.56 64.48
C PRO QD 122 -110.10 26.89 63.74
N GLN QD 123 -111.31 27.32 63.36
CA GLN QD 123 -111.46 28.54 62.57
C GLN QD 123 -110.92 29.77 63.30
N ALA QD 124 -110.82 29.73 64.62
CA ALA QD 124 -110.35 30.89 65.36
C ALA QD 124 -108.92 31.27 64.94
N PHE QD 125 -108.05 30.27 64.78
CA PHE QD 125 -106.67 30.50 64.37
C PHE QD 125 -106.33 29.66 63.16
N ARG QD 126 -107.32 29.39 62.30
CA ARG QD 126 -107.10 28.52 61.15
C ARG QD 126 -106.10 29.13 60.17
N GLY QD 127 -106.21 30.43 59.91
CA GLY QD 127 -105.33 31.09 58.98
C GLY QD 127 -105.90 31.15 57.58
N ASP QD 128 -105.13 31.77 56.70
CA ASP QD 128 -105.56 31.93 55.31
C ASP QD 128 -105.60 30.58 54.61
N GLN QD 129 -106.64 30.38 53.81
CA GLN QD 129 -106.77 29.13 53.07
C GLN QD 129 -105.67 29.03 52.03
N PRO QD 130 -104.97 27.90 51.93
CA PRO QD 130 -103.91 27.78 50.93
C PRO QD 130 -104.47 27.79 49.52
N LYS QD 131 -103.66 28.27 48.59
CA LYS QD 131 -104.05 28.37 47.20
C LYS QD 131 -103.68 27.10 46.45
N PRO QD 132 -104.34 26.82 45.34
CA PRO QD 132 -104.03 25.61 44.56
C PRO QD 132 -102.60 25.62 44.07
N PRO QD 133 -102.05 24.46 43.72
CA PRO QD 133 -100.67 24.43 43.22
C PRO QD 133 -100.52 25.02 41.83
N SER QD 134 -99.32 24.96 41.28
CA SER QD 134 -99.07 25.46 39.94
C SER QD 134 -99.49 24.43 38.90
N PHE QD 135 -99.92 24.93 37.75
CA PHE QD 135 -100.37 24.05 36.68
C PHE QD 135 -99.23 23.23 36.13
N THR RD 3 -123.32 10.66 25.87
CA THR RD 3 -122.65 11.49 24.87
C THR RD 3 -121.15 11.62 25.12
N PHE RD 4 -120.72 11.70 26.38
CA PHE RD 4 -119.30 11.88 26.66
C PHE RD 4 -118.49 10.70 26.13
N ILE RD 5 -118.99 9.48 26.34
CA ILE RD 5 -118.27 8.31 25.86
C ILE RD 5 -118.16 8.33 24.35
N GLU RD 6 -119.19 8.83 23.67
CA GLU RD 6 -119.15 8.94 22.22
C GLU RD 6 -118.03 9.86 21.78
N LEU RD 7 -117.81 10.96 22.50
CA LEU RD 7 -116.74 11.89 22.14
C LEU RD 7 -115.39 11.19 22.21
N VAL RD 8 -115.18 10.36 23.24
CA VAL RD 8 -113.93 9.61 23.35
C VAL RD 8 -113.77 8.68 22.17
N LYS RD 9 -114.85 7.99 21.79
CA LYS RD 9 -114.79 7.05 20.67
C LYS RD 9 -114.51 7.78 19.36
N ASN RD 10 -114.66 9.10 19.33
CA ASN RD 10 -114.37 9.89 18.15
C ASN RD 10 -112.93 10.39 18.11
N MET RD 11 -112.11 10.02 19.09
CA MET RD 11 -110.76 10.52 19.18
C MET RD 11 -109.83 9.75 18.24
N LYS RD 12 -108.54 10.08 18.31
CA LYS RD 12 -107.50 9.42 17.54
C LYS RD 12 -106.65 8.58 18.48
N GLY RD 13 -106.41 7.33 18.11
CA GLY RD 13 -105.66 6.42 18.94
C GLY RD 13 -106.47 5.70 19.99
N TYR RD 14 -107.76 5.99 20.11
CA TYR RD 14 -108.60 5.31 21.08
C TYR RD 14 -108.73 3.84 20.72
N LYS RD 15 -108.71 2.98 21.75
CA LYS RD 15 -108.79 1.54 21.58
C LYS RD 15 -109.72 0.96 22.63
N GLU RD 16 -110.55 0.01 22.22
CA GLU RD 16 -111.50 -0.61 23.14
C GLU RD 16 -110.76 -1.46 24.17
N LEU RD 17 -111.27 -1.44 25.41
CA LEU RD 17 -110.74 -2.26 26.48
C LEU RD 17 -111.82 -3.04 27.22
N LEU RD 18 -113.09 -2.72 27.03
CA LEU RD 18 -114.17 -3.43 27.70
C LEU RD 18 -114.58 -4.65 26.88
N LEU RD 19 -115.62 -5.33 27.32
CA LEU RD 19 -116.10 -6.56 26.71
C LEU RD 19 -117.61 -6.51 26.60
N PRO RD 20 -118.20 -7.34 25.74
CA PRO RD 20 -119.66 -7.36 25.63
C PRO RD 20 -120.31 -7.70 26.96
N MET RD 21 -121.49 -7.12 27.17
CA MET RD 21 -122.20 -7.32 28.42
C MET RD 21 -122.40 -8.80 28.72
N GLU RD 22 -122.62 -9.60 27.67
CA GLU RD 22 -122.81 -11.04 27.86
C GLU RD 22 -121.54 -11.69 28.42
N MET RD 23 -120.38 -11.31 27.90
CA MET RD 23 -119.11 -11.88 28.35
C MET RD 23 -118.59 -11.14 29.58
N VAL RD 24 -119.46 -11.09 30.60
CA VAL RD 24 -119.11 -10.45 31.87
C VAL RD 24 -119.56 -11.37 33.01
N PRO RD 25 -118.68 -11.72 33.94
CA PRO RD 25 -119.09 -12.58 35.04
C PRO RD 25 -120.26 -11.99 35.82
N LEU RD 26 -120.84 -12.82 36.67
CA LEU RD 26 -121.96 -12.41 37.51
C LEU RD 26 -121.46 -11.48 38.62
N PRO RD 27 -122.36 -10.68 39.20
CA PRO RD 27 -121.94 -9.78 40.29
C PRO RD 27 -121.52 -10.56 41.53
N ALA RD 28 -121.12 -9.84 42.58
CA ALA RD 28 -120.72 -10.45 43.83
C ALA RD 28 -119.47 -11.32 43.65
N VAL RD 29 -119.60 -12.41 42.89
CA VAL RD 29 -118.46 -13.30 42.69
C VAL RD 29 -117.34 -12.57 41.97
N VAL RD 30 -117.69 -11.73 41.00
CA VAL RD 30 -116.66 -10.97 40.27
C VAL RD 30 -115.88 -10.08 41.21
N LEU RD 31 -116.51 -9.62 42.29
CA LEU RD 31 -115.81 -8.76 43.25
C LEU RD 31 -114.69 -9.50 43.96
N LYS RD 32 -114.67 -10.82 43.90
CA LYS RD 32 -113.64 -11.58 44.62
C LYS RD 32 -112.26 -11.28 44.06
N HIS RD 33 -112.15 -11.13 42.74
CA HIS RD 33 -110.86 -10.79 42.15
C HIS RD 33 -110.32 -9.48 42.71
N VAL RD 34 -111.20 -8.60 43.19
CA VAL RD 34 -110.76 -7.35 43.79
C VAL RD 34 -109.87 -7.62 44.99
N LYS RD 35 -110.31 -8.53 45.87
CA LYS RD 35 -109.53 -8.85 47.06
C LYS RD 35 -108.19 -9.47 46.69
N LEU RD 36 -108.18 -10.35 45.69
CA LEU RD 36 -106.96 -11.05 45.31
C LEU RD 36 -105.94 -10.12 44.67
N ILE RD 37 -106.33 -8.89 44.32
CA ILE RD 37 -105.42 -7.96 43.67
C ILE RD 37 -105.11 -6.81 44.62
N LEU RD 38 -106.01 -6.53 45.54
CA LEU RD 38 -105.77 -5.52 46.56
C LEU RD 38 -105.04 -6.08 47.77
N THR RD 39 -105.59 -7.14 48.37
CA THR RD 39 -104.97 -7.73 49.55
C THR RD 39 -103.59 -8.26 49.23
N SER RD 40 -103.44 -8.94 48.08
CA SER RD 40 -102.16 -9.47 47.65
C SER RD 40 -101.39 -8.43 46.84
N GLN RD 41 -101.17 -7.28 47.48
CA GLN RD 41 -100.50 -6.18 46.80
C GLN RD 41 -99.84 -5.27 47.84
N LYS RD 42 -98.92 -4.44 47.36
CA LYS RD 42 -98.21 -3.49 48.19
C LYS RD 42 -97.75 -2.34 47.29
N GLU RD 43 -97.25 -1.28 47.92
CA GLU RD 43 -96.82 -0.08 47.20
C GLU RD 43 -98.00 0.53 46.44
N HIS RD 44 -98.98 0.98 47.23
CA HIS RD 44 -100.21 1.57 46.72
C HIS RD 44 -99.94 2.49 45.54
N GLN RD 45 -100.57 2.19 44.41
CA GLN RD 45 -100.44 2.97 43.20
C GLN RD 45 -101.74 3.70 42.89
N PRO RD 46 -101.68 4.77 42.09
CA PRO RD 46 -102.90 5.57 41.85
C PRO RD 46 -104.05 4.75 41.29
N TRP RD 47 -103.78 3.81 40.39
CA TRP RD 47 -104.86 3.05 39.77
C TRP RD 47 -105.55 2.14 40.77
N MET RD 48 -104.85 1.73 41.83
CA MET RD 48 -105.47 0.86 42.82
C MET RD 48 -106.64 1.55 43.49
N THR RD 49 -106.50 2.84 43.81
CA THR RD 49 -107.60 3.57 44.42
C THR RD 49 -108.80 3.64 43.48
N GLU RD 50 -108.55 3.82 42.19
CA GLU RD 50 -109.65 3.89 41.23
C GLU RD 50 -110.47 2.61 41.27
N MET RD 51 -109.79 1.46 41.28
CA MET RD 51 -110.50 0.18 41.36
C MET RD 51 -111.28 0.07 42.66
N ALA RD 52 -110.68 0.48 43.77
CA ALA RD 52 -111.34 0.36 45.07
C ALA RD 52 -112.59 1.22 45.11
N LEU RD 53 -112.52 2.45 44.60
CA LEU RD 53 -113.65 3.36 44.65
C LEU RD 53 -114.74 3.00 43.65
N LYS RD 54 -114.46 2.08 42.72
CA LYS RD 54 -115.46 1.62 41.77
C LYS RD 54 -116.13 0.32 42.21
N ALA RD 55 -115.35 -0.64 42.69
CA ALA RD 55 -115.93 -1.92 43.12
C ALA RD 55 -116.87 -1.73 44.30
N ASP RD 56 -116.49 -0.88 45.26
CA ASP RD 56 -117.33 -0.66 46.43
C ASP RD 56 -118.68 -0.08 46.07
N GLN RD 57 -118.80 0.56 44.90
CA GLN RD 57 -120.07 1.15 44.50
C GLN RD 57 -121.13 0.07 44.30
N CYS RD 58 -120.74 -1.09 43.74
CA CYS RD 58 -121.70 -2.15 43.51
C CYS RD 58 -122.36 -2.59 44.81
N LEU RD 59 -121.57 -2.69 45.88
CA LEU RD 59 -122.14 -3.04 47.18
C LEU RD 59 -123.15 -2.00 47.63
N ILE RD 60 -122.84 -0.72 47.40
CA ILE RD 60 -123.77 0.35 47.79
C ILE RD 60 -125.08 0.19 47.04
N HIS RD 61 -125.00 0.01 45.71
CA HIS RD 61 -126.21 -0.25 44.93
C HIS RD 61 -126.84 -1.57 45.35
N LYS RD 62 -126.02 -2.60 45.57
CA LYS RD 62 -126.55 -3.88 46.00
C LYS RD 62 -127.20 -3.78 47.37
N ALA RD 63 -126.64 -2.97 48.27
CA ALA RD 63 -127.20 -2.82 49.60
C ALA RD 63 -128.62 -2.28 49.57
N THR RD 64 -128.99 -1.53 48.53
CA THR RD 64 -130.33 -0.99 48.44
C THR RD 64 -131.38 -2.07 48.21
N LEU RD 65 -130.97 -3.26 47.78
CA LEU RD 65 -131.93 -4.34 47.57
C LEU RD 65 -132.69 -4.68 48.84
N ASP RD 66 -132.04 -4.52 50.01
CA ASP RD 66 -132.74 -4.74 51.27
C ASP RD 66 -133.91 -3.80 51.42
N PRO RD 78 -139.46 1.85 37.81
CA PRO RD 78 -138.26 2.27 37.07
C PRO RD 78 -137.07 2.55 37.95
N LEU RD 79 -137.30 3.07 39.15
CA LEU RD 79 -136.18 3.33 40.07
C LEU RD 79 -135.50 2.04 40.47
N ILE RD 80 -136.28 1.01 40.78
CA ILE RD 80 -135.69 -0.28 41.17
C ILE RD 80 -135.04 -0.94 39.97
N GLU RD 81 -135.71 -0.92 38.82
CA GLU RD 81 -135.15 -1.54 37.62
C GLU RD 81 -133.88 -0.83 37.18
N ALA RD 82 -133.87 0.51 37.23
CA ALA RD 82 -132.73 1.26 36.71
C ALA RD 82 -131.45 0.91 37.46
N MET RD 83 -131.52 0.78 38.78
CA MET RD 83 -130.32 0.49 39.55
C MET RD 83 -129.71 -0.84 39.14
N GLN RD 84 -130.54 -1.85 38.91
CA GLN RD 84 -130.02 -3.16 38.53
C GLN RD 84 -129.27 -3.08 37.21
N GLN RD 85 -129.77 -2.29 36.26
CA GLN RD 85 -129.09 -2.16 34.97
C GLN RD 85 -127.70 -1.54 35.15
N ILE RD 86 -127.58 -0.56 36.04
CA ILE RD 86 -126.31 0.15 36.22
C ILE RD 86 -125.24 -0.80 36.70
N ILE RD 87 -125.60 -1.77 37.54
CA ILE RD 87 -124.60 -2.68 38.10
C ILE RD 87 -123.87 -3.41 36.99
N LEU RD 88 -124.58 -3.81 35.94
CA LEU RD 88 -123.94 -4.49 34.82
C LEU RD 88 -122.90 -3.60 34.17
N ALA RD 89 -123.22 -2.31 33.98
CA ALA RD 89 -122.29 -1.40 33.34
C ALA RD 89 -121.02 -1.25 34.17
N MET RD 90 -121.17 -1.07 35.48
CA MET RD 90 -120.00 -0.94 36.34
C MET RD 90 -119.20 -2.23 36.38
N THR RD 91 -119.89 -3.38 36.38
CA THR RD 91 -119.18 -4.65 36.40
C THR RD 91 -118.31 -4.81 35.16
N ARG RD 92 -118.81 -4.35 34.00
CA ARG RD 92 -118.01 -4.43 32.79
C ARG RD 92 -116.72 -3.64 32.93
N GLU RD 93 -116.79 -2.45 33.53
CA GLU RD 93 -115.59 -1.64 33.70
C GLU RD 93 -114.60 -2.33 34.63
N LEU RD 94 -115.10 -2.99 35.68
CA LEU RD 94 -114.21 -3.64 36.62
C LEU RD 94 -113.35 -4.71 35.94
N TRP RD 95 -113.97 -5.51 35.07
CA TRP RD 95 -113.23 -6.59 34.42
C TRP RD 95 -112.10 -6.04 33.55
N GLY RD 96 -112.36 -4.95 32.82
CA GLY RD 96 -111.32 -4.38 31.98
C GLY RD 96 -110.10 -3.96 32.77
N GLN RD 97 -110.31 -3.36 33.94
CA GLN RD 97 -109.19 -2.99 34.78
C GLN RD 97 -108.41 -4.21 35.23
N ILE RD 98 -109.11 -5.28 35.57
CA ILE RD 98 -108.45 -6.50 36.04
C ILE RD 98 -107.55 -7.06 34.94
N GLN RD 99 -108.08 -7.14 33.71
CA GLN RD 99 -107.27 -7.59 32.59
C GLN RD 99 -106.15 -6.60 32.28
N ARG RD 100 -106.40 -5.31 32.49
CA ARG RD 100 -105.36 -4.30 32.31
C ARG RD 100 -104.20 -4.52 33.27
N HIS RD 101 -104.41 -5.28 34.34
CA HIS RD 101 -103.36 -5.59 35.31
C HIS RD 101 -102.79 -6.98 35.12
N HIS RD 102 -103.65 -7.99 34.95
CA HIS RD 102 -103.20 -9.36 34.82
C HIS RD 102 -102.44 -9.58 33.52
N TYR RD 103 -103.11 -9.38 32.39
CA TYR RD 103 -102.50 -9.60 31.07
C TYR RD 103 -101.97 -8.31 30.48
N GLY RD 104 -101.15 -7.60 31.24
CA GLY RD 104 -100.58 -6.37 30.74
C GLY RD 104 -101.66 -5.35 30.45
N ILE RD 105 -101.26 -4.32 29.70
CA ILE RD 105 -102.18 -3.27 29.29
C ILE RD 105 -102.15 -3.14 27.77
N VAL RD 106 -101.05 -3.56 27.16
CA VAL RD 106 -100.93 -3.50 25.71
C VAL RD 106 -101.53 -4.75 25.07
N GLN RD 107 -101.19 -5.92 25.61
CA GLN RD 107 -101.73 -7.17 25.07
C GLN RD 107 -103.24 -7.26 25.23
N VAL RD 108 -103.82 -6.51 26.16
CA VAL RD 108 -105.27 -6.57 26.38
C VAL RD 108 -106.00 -6.10 25.12
N GLU RD 109 -105.54 -5.02 24.52
CA GLU RD 109 -106.21 -4.48 23.34
C GLU RD 109 -106.25 -5.52 22.22
N HIS RD 110 -105.15 -6.24 22.02
CA HIS RD 110 -105.11 -7.25 20.97
C HIS RD 110 -106.15 -8.34 21.23
N TYR RD 111 -106.28 -8.78 22.48
CA TYR RD 111 -107.26 -9.82 22.79
C TYR RD 111 -108.68 -9.36 22.50
N VAL RD 112 -109.04 -8.17 22.99
CA VAL RD 112 -110.39 -7.66 22.77
C VAL RD 112 -110.62 -7.41 21.29
N LYS RD 113 -109.59 -6.98 20.56
CA LYS RD 113 -109.72 -6.80 19.12
C LYS RD 113 -110.17 -8.10 18.46
N GLN RD 114 -109.56 -9.22 18.84
CA GLN RD 114 -109.96 -10.51 18.26
C GLN RD 114 -111.33 -10.94 18.75
N ILE RD 115 -111.67 -10.62 20.00
CA ILE RD 115 -112.96 -10.99 20.54
C ILE RD 115 -114.08 -10.37 19.71
N THR RD 116 -113.93 -9.10 19.35
CA THR RD 116 -114.96 -8.43 18.57
C THR RD 116 -115.16 -9.11 17.22
N LEU RD 117 -114.06 -9.45 16.54
CA LEU RD 117 -114.16 -10.14 15.26
C LEU RD 117 -114.76 -11.54 15.42
N TRP RD 118 -114.32 -12.25 16.47
CA TRP RD 118 -114.77 -13.64 16.65
C TRP RD 118 -116.25 -13.73 16.97
N GLN RD 119 -116.86 -12.67 17.48
CA GLN RD 119 -118.28 -12.68 17.85
C GLN RD 119 -119.15 -11.99 16.80
N ASP RD 120 -118.67 -10.91 16.19
CA ASP RD 120 -119.48 -10.19 15.23
C ASP RD 120 -119.79 -11.04 14.01
N THR RD 121 -118.82 -11.83 13.55
CA THR RD 121 -119.05 -12.70 12.41
C THR RD 121 -120.10 -13.75 12.76
N PRO RD 122 -120.84 -14.26 11.77
CA PRO RD 122 -121.86 -15.27 12.07
C PRO RD 122 -121.24 -16.53 12.65
N GLN RD 123 -122.03 -17.21 13.49
CA GLN RD 123 -121.53 -18.40 14.19
C GLN RD 123 -121.05 -19.48 13.23
N ALA RD 124 -121.50 -19.46 11.97
CA ALA RD 124 -121.07 -20.46 11.01
C ALA RD 124 -119.65 -20.24 10.50
N PHE RD 125 -119.03 -19.10 10.83
CA PHE RD 125 -117.70 -18.78 10.35
C PHE RD 125 -116.70 -18.52 11.46
N ARG RD 126 -117.14 -18.42 12.72
CA ARG RD 126 -116.23 -18.05 13.80
C ARG RD 126 -115.06 -19.03 13.90
N GLY RD 127 -115.37 -20.28 14.22
CA GLY RD 127 -114.34 -21.29 14.40
C GLY RD 127 -114.13 -21.64 15.86
N ASP RD 128 -113.02 -21.20 16.43
CA ASP RD 128 -112.67 -21.47 17.82
C ASP RD 128 -112.37 -20.16 18.53
N GLN RD 129 -112.78 -20.09 19.80
CA GLN RD 129 -112.53 -18.88 20.57
C GLN RD 129 -111.02 -18.66 20.73
N PRO RD 130 -110.53 -17.44 20.55
CA PRO RD 130 -109.11 -17.16 20.74
C PRO RD 130 -108.78 -17.04 22.22
N LYS RD 131 -107.91 -17.92 22.71
CA LYS RD 131 -107.58 -17.92 24.13
C LYS RD 131 -106.86 -16.63 24.50
N PRO RD 132 -107.23 -15.99 25.62
CA PRO RD 132 -106.54 -14.77 26.01
C PRO RD 132 -105.10 -15.05 26.37
N PRO RD 133 -104.21 -14.07 26.22
CA PRO RD 133 -102.81 -14.29 26.59
C PRO RD 133 -102.66 -14.54 28.08
N SER RD 134 -101.65 -15.32 28.44
CA SER RD 134 -101.40 -15.66 29.83
C SER RD 134 -100.79 -14.47 30.56
N PHE RD 135 -100.44 -14.69 31.83
CA PHE RD 135 -99.89 -13.64 32.68
C PHE RD 135 -98.44 -13.39 32.26
N THR SD 3 -121.59 -3.00 -16.19
CA THR SD 3 -120.73 -3.24 -17.33
C THR SD 3 -119.29 -2.87 -17.05
N PHE SD 4 -119.05 -1.94 -16.11
CA PHE SD 4 -117.68 -1.59 -15.76
C PHE SD 4 -116.93 -2.80 -15.21
N ILE SD 5 -117.59 -3.61 -14.40
CA ILE SD 5 -116.93 -4.81 -13.86
C ILE SD 5 -116.48 -5.70 -15.00
N GLU SD 6 -117.30 -5.81 -16.05
CA GLU SD 6 -116.89 -6.57 -17.23
C GLU SD 6 -115.64 -5.96 -17.85
N LEU SD 7 -115.58 -4.62 -17.91
CA LEU SD 7 -114.40 -3.97 -18.47
C LEU SD 7 -113.15 -4.28 -17.66
N VAL SD 8 -113.31 -4.61 -16.39
CA VAL SD 8 -112.19 -4.97 -15.54
C VAL SD 8 -112.09 -6.48 -15.32
N LYS SD 9 -113.18 -7.22 -15.53
CA LYS SD 9 -113.12 -8.67 -15.35
C LYS SD 9 -112.05 -9.31 -16.21
N ASN SD 10 -111.73 -8.69 -17.36
CA ASN SD 10 -110.68 -9.21 -18.22
C ASN SD 10 -109.29 -8.76 -17.78
N MET SD 11 -109.18 -7.80 -16.86
CA MET SD 11 -107.88 -7.35 -16.41
C MET SD 11 -107.15 -8.46 -15.66
N LYS SD 12 -105.82 -8.45 -15.78
CA LYS SD 12 -105.02 -9.49 -15.13
C LYS SD 12 -105.17 -9.44 -13.61
N GLY SD 13 -105.15 -8.25 -13.04
CA GLY SD 13 -105.18 -8.11 -11.59
C GLY SD 13 -106.58 -8.01 -11.01
N TYR SD 14 -107.59 -8.21 -11.84
CA TYR SD 14 -108.97 -8.16 -11.35
C TYR SD 14 -109.23 -9.27 -10.35
N LYS SD 15 -110.00 -8.94 -9.31
CA LYS SD 15 -110.30 -9.88 -8.24
C LYS SD 15 -111.76 -9.74 -7.83
N GLU SD 16 -112.32 -10.82 -7.31
CA GLU SD 16 -113.69 -10.84 -6.81
C GLU SD 16 -113.67 -10.38 -5.35
N LEU SD 17 -113.56 -9.06 -5.18
CA LEU SD 17 -113.54 -8.49 -3.83
C LEU SD 17 -114.87 -8.64 -3.13
N LEU SD 18 -115.95 -8.90 -3.86
CA LEU SD 18 -117.28 -9.04 -3.27
C LEU SD 18 -117.37 -10.40 -2.57
N LEU SD 19 -117.22 -10.39 -1.24
CA LEU SD 19 -117.24 -11.62 -0.48
C LEU SD 19 -118.66 -12.16 -0.38
N PRO SD 20 -118.81 -13.44 -0.02
CA PRO SD 20 -120.15 -14.02 0.06
C PRO SD 20 -121.04 -13.24 1.01
N MET SD 21 -122.33 -13.15 0.66
CA MET SD 21 -123.28 -12.42 1.49
C MET SD 21 -123.39 -13.03 2.88
N GLU SD 22 -123.43 -14.36 2.96
CA GLU SD 22 -123.51 -15.02 4.25
C GLU SD 22 -122.28 -14.71 5.10
N MET SD 23 -121.13 -14.50 4.46
CA MET SD 23 -119.89 -14.28 5.20
C MET SD 23 -119.95 -13.01 6.03
N VAL SD 24 -120.48 -11.93 5.47
CA VAL SD 24 -120.48 -10.63 6.13
C VAL SD 24 -121.61 -10.57 7.15
N PRO SD 25 -121.48 -9.75 8.21
CA PRO SD 25 -122.58 -9.61 9.18
C PRO SD 25 -123.62 -8.59 8.73
N LEU SD 26 -124.57 -8.29 9.60
CA LEU SD 26 -125.60 -7.32 9.28
C LEU SD 26 -125.00 -5.92 9.14
N PRO SD 27 -125.68 -5.02 8.43
CA PRO SD 27 -125.10 -3.69 8.20
C PRO SD 27 -124.75 -2.94 9.47
N ALA SD 28 -125.57 -3.07 10.52
CA ALA SD 28 -125.35 -2.30 11.73
C ALA SD 28 -124.01 -2.65 12.37
N VAL SD 29 -123.67 -3.93 12.41
CA VAL SD 29 -122.43 -4.35 13.07
C VAL SD 29 -121.22 -3.83 12.30
N VAL SD 30 -121.29 -3.82 10.97
CA VAL SD 30 -120.15 -3.38 10.17
C VAL SD 30 -119.79 -1.94 10.49
N LEU SD 31 -120.79 -1.08 10.62
CA LEU SD 31 -120.54 0.33 10.94
C LEU SD 31 -119.71 0.46 12.21
N LYS SD 32 -119.88 -0.46 13.15
CA LYS SD 32 -119.11 -0.41 14.39
C LYS SD 32 -117.61 -0.52 14.11
N HIS SD 33 -117.23 -1.43 13.22
CA HIS SD 33 -115.81 -1.62 12.93
C HIS SD 33 -115.23 -0.46 12.16
N VAL SD 34 -116.05 0.26 11.40
CA VAL SD 34 -115.55 1.40 10.64
C VAL SD 34 -115.03 2.47 11.59
N LYS SD 35 -115.77 2.75 12.66
CA LYS SD 35 -115.30 3.70 13.66
C LYS SD 35 -114.03 3.18 14.33
N LEU SD 36 -114.01 1.89 14.67
CA LEU SD 36 -112.86 1.33 15.37
C LEU SD 36 -111.61 1.33 14.49
N ILE SD 37 -111.76 0.94 13.22
CA ILE SD 37 -110.59 0.89 12.34
C ILE SD 37 -110.11 2.30 12.00
N LEU SD 38 -111.04 3.20 11.70
CA LEU SD 38 -110.65 4.58 11.41
C LEU SD 38 -110.01 5.22 12.64
N THR SD 39 -110.60 5.02 13.81
CA THR SD 39 -110.06 5.59 15.03
C THR SD 39 -108.67 5.04 15.33
N SER SD 40 -108.49 3.72 15.20
CA SER SD 40 -107.20 3.11 15.49
C SER SD 40 -106.13 3.62 14.53
N GLN SD 41 -106.45 3.70 13.24
CA GLN SD 41 -105.47 4.13 12.25
C GLN SD 41 -105.12 5.59 12.46
N LYS SD 42 -103.84 5.92 12.25
CA LYS SD 42 -103.33 7.27 12.46
C LYS SD 42 -102.87 7.94 11.18
N GLU SD 43 -102.02 7.29 10.39
CA GLU SD 43 -101.51 7.91 9.19
C GLU SD 43 -102.65 8.18 8.21
N HIS SD 44 -102.61 9.36 7.58
CA HIS SD 44 -103.66 9.77 6.67
C HIS SD 44 -103.33 9.31 5.25
N GLN SD 45 -104.22 8.52 4.67
CA GLN SD 45 -104.13 8.09 3.29
C GLN SD 45 -105.49 8.26 2.63
N PRO SD 46 -105.55 8.33 1.31
CA PRO SD 46 -106.83 8.58 0.64
C PRO SD 46 -107.87 7.49 0.90
N TRP SD 47 -107.45 6.26 1.20
CA TRP SD 47 -108.42 5.18 1.35
C TRP SD 47 -109.36 5.44 2.54
N MET SD 48 -108.81 5.89 3.67
CA MET SD 48 -109.66 6.17 4.83
C MET SD 48 -110.61 7.33 4.53
N THR SD 49 -110.12 8.35 3.82
CA THR SD 49 -110.99 9.45 3.45
C THR SD 49 -112.13 8.97 2.57
N GLU SD 50 -111.84 8.12 1.59
CA GLU SD 50 -112.87 7.55 0.74
C GLU SD 50 -113.66 6.46 1.46
N MET SD 51 -113.02 5.74 2.39
CA MET SD 51 -113.70 4.69 3.12
C MET SD 51 -114.86 5.24 3.92
N ALA SD 52 -114.66 6.37 4.58
CA ALA SD 52 -115.74 6.98 5.35
C ALA SD 52 -116.91 7.38 4.46
N LEU SD 53 -116.61 7.96 3.30
CA LEU SD 53 -117.67 8.40 2.40
C LEU SD 53 -118.52 7.23 1.93
N LYS SD 54 -117.88 6.10 1.60
CA LYS SD 54 -118.62 4.94 1.13
C LYS SD 54 -119.56 4.42 2.21
N ALA SD 55 -119.10 4.40 3.46
CA ALA SD 55 -119.96 3.93 4.55
C ALA SD 55 -121.03 4.94 4.90
N ASP SD 56 -120.79 6.22 4.65
CA ASP SD 56 -121.76 7.25 5.01
C ASP SD 56 -123.08 7.04 4.29
N GLN SD 57 -123.03 6.66 3.02
CA GLN SD 57 -124.26 6.52 2.24
C GLN SD 57 -125.23 5.55 2.90
N CYS SD 58 -124.71 4.48 3.51
CA CYS SD 58 -125.57 3.52 4.16
C CYS SD 58 -126.40 4.15 5.27
N LEU SD 59 -125.84 5.14 5.98
CA LEU SD 59 -126.58 5.79 7.05
C LEU SD 59 -127.81 6.50 6.52
N ILE SD 60 -127.68 7.18 5.38
CA ILE SD 60 -128.81 7.91 4.82
C ILE SD 60 -129.94 6.95 4.48
N HIS SD 61 -129.61 5.81 3.89
CA HIS SD 61 -130.63 4.83 3.54
C HIS SD 61 -131.35 4.31 4.77
N LYS SD 62 -130.65 4.20 5.90
CA LYS SD 62 -131.29 3.77 7.13
C LYS SD 62 -132.45 4.68 7.51
N ALA SD 63 -132.19 6.00 7.50
CA ALA SD 63 -133.24 6.95 7.83
C ALA SD 63 -134.22 7.14 6.68
N THR SD 64 -133.74 7.05 5.43
CA THR SD 64 -134.62 7.22 4.28
C THR SD 64 -135.76 6.21 4.32
N LEU SD 65 -135.44 4.93 4.52
CA LEU SD 65 -136.46 3.90 4.62
C LEU SD 65 -137.18 3.96 5.96
N PRO SD 78 -141.11 -2.43 -5.85
CA PRO SD 78 -139.79 -2.64 -6.46
C PRO SD 78 -138.75 -1.63 -6.02
N LEU SD 79 -139.16 -0.38 -5.80
CA LEU SD 79 -138.21 0.64 -5.40
C LEU SD 79 -137.65 0.36 -4.01
N ILE SD 80 -138.54 0.10 -3.04
CA ILE SD 80 -138.09 -0.14 -1.67
C ILE SD 80 -137.26 -1.42 -1.60
N GLU SD 81 -137.72 -2.48 -2.27
CA GLU SD 81 -137.01 -3.75 -2.20
C GLU SD 81 -135.60 -3.63 -2.75
N ALA SD 82 -135.43 -2.88 -3.85
CA ALA SD 82 -134.11 -2.71 -4.43
C ALA SD 82 -133.15 -2.04 -3.46
N MET SD 83 -133.64 -1.03 -2.73
CA MET SD 83 -132.78 -0.34 -1.77
C MET SD 83 -132.26 -1.29 -0.71
N GLN SD 84 -133.10 -2.22 -0.25
CA GLN SD 84 -132.67 -3.19 0.75
C GLN SD 84 -131.48 -4.00 0.24
N GLN SD 85 -131.54 -4.44 -1.02
CA GLN SD 85 -130.42 -5.17 -1.60
C GLN SD 85 -129.22 -4.25 -1.82
N ILE SD 86 -129.46 -2.98 -2.14
CA ILE SD 86 -128.37 -2.04 -2.37
C ILE SD 86 -127.55 -1.87 -1.09
N ILE SD 87 -128.22 -1.75 0.04
CA ILE SD 87 -127.50 -1.58 1.31
C ILE SD 87 -126.58 -2.77 1.54
N LEU SD 88 -127.08 -3.98 1.32
CA LEU SD 88 -126.24 -5.17 1.49
C LEU SD 88 -125.09 -5.18 0.51
N ALA SD 89 -125.28 -4.59 -0.68
CA ALA SD 89 -124.19 -4.55 -1.65
C ALA SD 89 -123.00 -3.78 -1.12
N MET SD 90 -123.26 -2.63 -0.47
CA MET SD 90 -122.16 -1.83 0.06
C MET SD 90 -121.51 -2.51 1.26
N THR SD 91 -122.27 -3.27 2.05
CA THR SD 91 -121.70 -3.95 3.21
C THR SD 91 -120.61 -4.92 2.80
N ARG SD 92 -120.85 -5.69 1.73
CA ARG SD 92 -119.83 -6.62 1.24
C ARG SD 92 -118.57 -5.86 0.83
N GLU SD 93 -118.74 -4.74 0.14
CA GLU SD 93 -117.58 -3.94 -0.27
C GLU SD 93 -116.83 -3.40 0.94
N LEU SD 94 -117.57 -2.90 1.94
CA LEU SD 94 -116.93 -2.34 3.12
C LEU SD 94 -116.15 -3.39 3.89
N TRP SD 95 -116.73 -4.58 4.06
CA TRP SD 95 -116.05 -5.61 4.84
C TRP SD 95 -114.75 -6.04 4.19
N GLY SD 96 -114.65 -5.93 2.86
CA GLY SD 96 -113.42 -6.29 2.20
C GLY SD 96 -112.26 -5.41 2.62
N GLN SD 97 -112.49 -4.09 2.65
CA GLN SD 97 -111.44 -3.18 3.09
C GLN SD 97 -111.08 -3.41 4.55
N ILE SD 98 -112.08 -3.74 5.38
CA ILE SD 98 -111.84 -4.02 6.78
C ILE SD 98 -110.88 -5.20 6.93
N GLN SD 99 -111.18 -6.31 6.25
CA GLN SD 99 -110.35 -7.50 6.37
C GLN SD 99 -108.99 -7.29 5.72
N ARG SD 100 -108.96 -6.66 4.55
CA ARG SD 100 -107.69 -6.44 3.87
C ARG SD 100 -106.77 -5.54 4.69
N HIS SD 101 -107.33 -4.49 5.30
CA HIS SD 101 -106.51 -3.60 6.12
C HIS SD 101 -105.99 -4.30 7.36
N HIS SD 102 -106.84 -5.06 8.05
CA HIS SD 102 -106.40 -5.74 9.27
C HIS SD 102 -105.35 -6.80 8.97
N TYR SD 103 -105.63 -7.69 8.02
CA TYR SD 103 -104.72 -8.78 7.69
C TYR SD 103 -103.84 -8.44 6.50
N GLY SD 104 -104.46 -8.18 5.35
CA GLY SD 104 -103.72 -7.90 4.14
C GLY SD 104 -104.55 -8.24 2.92
N ILE SD 105 -104.15 -7.64 1.79
CA ILE SD 105 -104.90 -7.84 0.55
C ILE SD 105 -104.81 -9.28 0.09
N VAL SD 106 -103.61 -9.86 0.13
CA VAL SD 106 -103.41 -11.21 -0.37
C VAL SD 106 -104.11 -12.22 0.52
N GLN SD 107 -104.05 -12.02 1.85
CA GLN SD 107 -104.61 -13.00 2.77
C GLN SD 107 -106.11 -13.17 2.57
N VAL SD 108 -106.83 -12.06 2.39
CA VAL SD 108 -108.28 -12.14 2.17
C VAL SD 108 -108.56 -12.89 0.88
N GLU SD 109 -107.86 -12.54 -0.20
CA GLU SD 109 -108.03 -13.24 -1.45
C GLU SD 109 -107.64 -14.72 -1.30
N HIS SD 110 -106.65 -15.00 -0.45
CA HIS SD 110 -106.20 -16.37 -0.25
C HIS SD 110 -107.16 -17.15 0.64
N TYR SD 111 -107.75 -16.49 1.64
CA TYR SD 111 -108.57 -17.18 2.63
C TYR SD 111 -110.04 -17.28 2.25
N VAL SD 112 -110.55 -16.34 1.45
CA VAL SD 112 -111.97 -16.33 1.12
C VAL SD 112 -112.37 -17.61 0.40
N LYS SD 113 -111.54 -18.06 -0.55
CA LYS SD 113 -111.89 -19.24 -1.33
C LYS SD 113 -111.93 -20.49 -0.46
N GLN SD 114 -111.04 -20.58 0.53
CA GLN SD 114 -110.96 -21.79 1.35
C GLN SD 114 -112.27 -22.08 2.04
N ILE SD 115 -112.87 -21.06 2.66
CA ILE SD 115 -114.11 -21.27 3.39
C ILE SD 115 -115.24 -21.63 2.43
N THR SD 116 -115.25 -21.04 1.25
CA THR SD 116 -116.29 -21.35 0.27
C THR SD 116 -116.25 -22.84 -0.11
N LEU SD 117 -115.04 -23.37 -0.30
CA LEU SD 117 -114.91 -24.78 -0.62
C LEU SD 117 -115.44 -25.65 0.50
N TRP SD 118 -115.13 -25.30 1.76
CA TRP SD 118 -115.58 -26.10 2.89
C TRP SD 118 -117.11 -26.18 2.93
N GLN SD 119 -117.79 -25.18 2.37
CA GLN SD 119 -119.25 -25.22 2.34
C GLN SD 119 -119.76 -26.04 1.16
N ASP SD 120 -119.26 -25.75 -0.04
CA ASP SD 120 -119.69 -26.44 -1.25
C ASP SD 120 -119.04 -27.82 -1.28
N THR SD 121 -119.56 -28.72 -0.44
CA THR SD 121 -119.04 -30.08 -0.33
C THR SD 121 -120.14 -30.93 0.28
N PRO SD 122 -120.19 -32.23 -0.03
CA PRO SD 122 -121.29 -33.06 0.49
C PRO SD 122 -121.24 -33.27 2.00
N GLN SD 123 -121.56 -32.22 2.75
CA GLN SD 123 -121.70 -32.27 4.20
C GLN SD 123 -120.69 -33.17 4.89
N ALA SD 124 -120.80 -34.48 4.68
CA ALA SD 124 -120.01 -35.43 5.46
C ALA SD 124 -118.51 -35.14 5.32
N PHE SD 125 -118.02 -35.06 4.09
CA PHE SD 125 -116.61 -34.76 3.84
C PHE SD 125 -116.40 -33.26 3.63
N ARG SD 126 -116.92 -32.45 4.55
CA ARG SD 126 -116.79 -31.00 4.40
C ARG SD 126 -115.35 -30.56 4.59
N GLY SD 127 -114.63 -31.18 5.53
CA GLY SD 127 -113.26 -30.82 5.79
C GLY SD 127 -112.93 -30.88 7.27
N ASP SD 128 -112.27 -29.83 7.77
CA ASP SD 128 -111.89 -29.77 9.17
C ASP SD 128 -112.14 -28.38 9.75
N GLN SD 129 -113.16 -27.68 9.26
CA GLN SD 129 -113.48 -26.35 9.77
C GLN SD 129 -112.27 -25.45 9.63
N PRO SD 130 -111.91 -25.03 8.42
CA PRO SD 130 -110.65 -24.31 8.23
C PRO SD 130 -110.56 -23.09 9.14
N LYS SD 131 -109.40 -22.92 9.75
CA LYS SD 131 -109.21 -21.83 10.69
C LYS SD 131 -109.15 -20.49 9.96
N PRO SD 132 -109.63 -19.42 10.58
CA PRO SD 132 -109.50 -18.09 9.98
C PRO SD 132 -108.05 -17.63 10.02
N PRO SD 133 -107.68 -16.67 9.18
CA PRO SD 133 -106.27 -16.26 9.11
C PRO SD 133 -105.78 -15.72 10.45
N THR TD 3 39.82 -116.54 33.79
CA THR TD 3 40.01 -116.29 32.36
C THR TD 3 39.37 -114.97 31.94
N PHE TD 4 38.18 -114.67 32.45
CA PHE TD 4 37.48 -113.46 32.05
C PHE TD 4 38.26 -112.21 32.41
N ILE TD 5 38.82 -112.17 33.61
CA ILE TD 5 39.55 -110.97 34.05
C ILE TD 5 40.72 -110.71 33.13
N GLU TD 6 41.38 -111.76 32.66
CA GLU TD 6 42.46 -111.61 31.70
C GLU TD 6 41.96 -110.91 30.43
N LEU TD 7 40.76 -111.28 29.97
CA LEU TD 7 40.21 -110.66 28.78
C LEU TD 7 39.95 -109.17 29.00
N VAL TD 8 39.43 -108.82 30.18
CA VAL TD 8 39.11 -107.41 30.46
C VAL TD 8 40.38 -106.59 30.56
N LYS TD 9 41.43 -107.14 31.17
CA LYS TD 9 42.68 -106.41 31.27
C LYS TD 9 43.21 -106.03 29.90
N ASN TD 10 42.85 -106.79 28.86
CA ASN TD 10 43.23 -106.47 27.48
C ASN TD 10 42.22 -105.48 26.89
N MET TD 11 42.10 -104.33 27.57
CA MET TD 11 41.17 -103.29 27.16
C MET TD 11 41.80 -101.92 27.40
N LYS TD 12 41.25 -100.93 26.73
CA LYS TD 12 41.79 -99.57 26.74
C LYS TD 12 41.11 -98.75 27.81
N GLY TD 13 41.90 -97.95 28.53
CA GLY TD 13 41.41 -97.18 29.66
C GLY TD 13 41.29 -97.97 30.94
N TYR TD 14 41.91 -99.14 31.02
CA TYR TD 14 41.82 -99.99 32.20
C TYR TD 14 42.76 -99.47 33.28
N LYS TD 15 42.19 -99.01 34.38
CA LYS TD 15 42.94 -98.53 35.54
C LYS TD 15 42.73 -99.52 36.68
N GLU TD 16 43.82 -100.10 37.16
CA GLU TD 16 43.73 -101.09 38.23
C GLU TD 16 43.31 -100.41 39.53
N LEU TD 17 42.55 -101.15 40.34
CA LEU TD 17 42.03 -100.61 41.59
C LEU TD 17 42.13 -101.60 42.75
N LEU TD 18 42.87 -102.70 42.59
CA LEU TD 18 42.98 -103.72 43.62
C LEU TD 18 44.42 -103.78 44.12
N LEU TD 19 44.57 -103.77 45.44
CA LEU TD 19 45.90 -103.84 46.05
C LEU TD 19 46.36 -105.29 46.13
N PRO TD 20 47.66 -105.51 46.37
CA PRO TD 20 48.15 -106.87 46.54
C PRO TD 20 47.48 -107.55 47.73
N MET TD 21 47.33 -108.88 47.62
CA MET TD 21 46.70 -109.64 48.69
C MET TD 21 47.44 -109.49 50.01
N GLU TD 22 48.75 -109.20 49.95
CA GLU TD 22 49.56 -109.07 51.15
C GLU TD 22 49.36 -107.76 51.88
N MET TD 23 48.67 -106.79 51.28
CA MET TD 23 48.48 -105.48 51.89
C MET TD 23 47.06 -105.22 52.37
N VAL TD 24 46.07 -105.92 51.82
CA VAL TD 24 44.68 -105.69 52.21
C VAL TD 24 44.50 -106.13 53.66
N PRO TD 25 43.58 -105.53 54.40
CA PRO TD 25 43.38 -105.93 55.81
C PRO TD 25 42.86 -107.34 55.90
N LEU TD 26 42.81 -107.84 57.14
CA LEU TD 26 42.19 -109.12 57.39
C LEU TD 26 40.69 -109.03 57.14
N PRO TD 27 40.05 -110.15 56.79
CA PRO TD 27 38.61 -110.09 56.46
C PRO TD 27 37.77 -109.53 57.59
N ALA TD 28 38.14 -109.82 58.84
CA ALA TD 28 37.37 -109.29 59.97
C ALA TD 28 37.41 -107.78 60.00
N VAL TD 29 38.58 -107.19 59.72
CA VAL TD 29 38.70 -105.73 59.78
C VAL TD 29 37.86 -105.07 58.70
N VAL TD 30 37.78 -105.69 57.52
CA VAL TD 30 37.08 -105.05 56.41
C VAL TD 30 35.62 -104.87 56.76
N LEU TD 31 35.00 -105.88 57.35
CA LEU TD 31 33.58 -105.80 57.69
C LEU TD 31 33.29 -104.59 58.57
N LYS TD 32 34.26 -104.19 59.40
CA LYS TD 32 34.03 -103.06 60.29
C LYS TD 32 33.76 -101.78 59.52
N HIS TD 33 34.51 -101.54 58.44
CA HIS TD 33 34.27 -100.35 57.64
C HIS TD 33 32.96 -100.44 56.88
N VAL TD 34 32.50 -101.66 56.56
CA VAL TD 34 31.26 -101.82 55.82
C VAL TD 34 30.10 -101.25 56.63
N LYS TD 35 30.05 -101.57 57.93
CA LYS TD 35 28.95 -101.09 58.75
C LYS TD 35 28.95 -99.56 58.84
N LEU TD 36 30.13 -98.97 59.01
CA LEU TD 36 30.21 -97.51 59.09
C LEU TD 36 29.81 -96.88 57.76
N ILE TD 37 30.39 -97.36 56.66
CA ILE TD 37 30.11 -96.76 55.36
C ILE TD 37 28.66 -96.95 54.98
N LEU TD 38 28.13 -98.15 55.17
CA LEU TD 38 26.72 -98.40 54.87
C LEU TD 38 25.82 -97.56 55.77
N THR TD 39 26.04 -97.65 57.09
CA THR TD 39 25.13 -96.99 58.03
C THR TD 39 25.31 -95.48 58.00
N SER TD 40 26.56 -95.01 58.01
CA SER TD 40 26.85 -93.58 58.00
C SER TD 40 26.79 -93.06 56.56
N GLN TD 41 25.60 -93.17 55.99
CA GLN TD 41 25.37 -92.70 54.63
C GLN TD 41 23.94 -92.19 54.51
N LYS TD 42 23.75 -91.23 53.60
CA LYS TD 42 22.46 -90.63 53.34
C LYS TD 42 22.19 -90.67 51.85
N GLU TD 43 20.91 -90.74 51.49
CA GLU TD 43 20.48 -90.81 50.09
C GLU TD 43 21.11 -92.03 49.41
N HIS TD 44 20.70 -93.20 49.90
CA HIS TD 44 21.22 -94.47 49.43
C HIS TD 44 21.41 -94.47 47.92
N GLN TD 45 22.55 -94.98 47.49
CA GLN TD 45 22.95 -95.02 46.09
C GLN TD 45 23.12 -96.46 45.64
N PRO TD 46 23.06 -96.72 44.32
CA PRO TD 46 23.08 -98.11 43.85
C PRO TD 46 24.31 -98.88 44.30
N TRP TD 47 25.48 -98.24 44.34
CA TRP TD 47 26.69 -98.96 44.70
C TRP TD 47 26.66 -99.47 46.13
N MET TD 48 25.84 -98.86 47.00
CA MET TD 48 25.74 -99.35 48.37
C MET TD 48 25.19 -100.77 48.41
N THR TD 49 24.20 -101.07 47.57
CA THR TD 49 23.64 -102.41 47.54
C THR TD 49 24.68 -103.44 47.13
N GLU TD 50 25.51 -103.10 46.14
CA GLU TD 50 26.53 -104.03 45.67
C GLU TD 50 27.49 -104.39 46.79
N MET TD 51 27.89 -103.39 47.60
CA MET TD 51 28.83 -103.65 48.68
C MET TD 51 28.26 -104.66 49.68
N ALA TD 52 27.00 -104.49 50.05
CA ALA TD 52 26.40 -105.37 51.05
C ALA TD 52 26.32 -106.81 50.54
N LEU TD 53 25.94 -106.98 49.27
CA LEU TD 53 25.76 -108.32 48.73
C LEU TD 53 27.06 -109.11 48.78
N LYS TD 54 28.18 -108.48 48.40
CA LYS TD 54 29.46 -109.18 48.45
C LYS TD 54 29.88 -109.47 49.87
N ALA TD 55 29.55 -108.57 50.81
CA ALA TD 55 29.99 -108.74 52.19
C ALA TD 55 29.45 -110.03 52.79
N ASP TD 56 28.16 -110.31 52.58
CA ASP TD 56 27.57 -111.52 53.15
C ASP TD 56 28.21 -112.78 52.60
N GLN TD 57 28.74 -112.72 51.38
CA GLN TD 57 29.37 -113.90 50.80
C GLN TD 57 30.58 -114.34 51.61
N CYS TD 58 31.40 -113.38 52.05
CA CYS TD 58 32.56 -113.73 52.86
C CYS TD 58 32.12 -114.38 54.16
N LEU TD 59 31.06 -113.87 54.78
CA LEU TD 59 30.55 -114.49 56.00
C LEU TD 59 30.07 -115.91 55.74
N ILE TD 60 29.40 -116.13 54.61
CA ILE TD 60 28.92 -117.47 54.28
C ILE TD 60 30.09 -118.44 54.15
N HIS TD 61 31.11 -118.04 53.40
CA HIS TD 61 32.31 -118.88 53.29
C HIS TD 61 33.00 -118.99 54.64
N LYS TD 62 33.08 -117.89 55.38
CA LYS TD 62 33.71 -117.94 56.70
C LYS TD 62 32.97 -118.87 57.64
N ALA TD 63 31.63 -118.84 57.61
CA ALA TD 63 30.83 -119.72 58.43
C ALA TD 63 30.86 -121.16 57.95
N THR TD 64 31.44 -121.42 56.77
CA THR TD 64 31.49 -122.77 56.23
C THR TD 64 32.70 -123.56 56.73
N LEU TD 65 33.78 -122.89 57.10
CA LEU TD 65 34.98 -123.60 57.54
C LEU TD 65 34.73 -124.39 58.82
N ASP TD 66 33.93 -123.86 59.74
CA ASP TD 66 33.66 -124.57 60.99
C ASP TD 66 33.05 -125.94 60.73
N PRO TD 78 41.88 -130.80 49.59
CA PRO TD 78 41.70 -129.62 48.71
C PRO TD 78 40.34 -128.95 48.87
N LEU TD 79 39.26 -129.72 48.80
CA LEU TD 79 37.93 -129.12 48.79
C LEU TD 79 37.67 -128.31 50.06
N ILE TD 80 38.03 -128.87 51.22
CA ILE TD 80 37.82 -128.16 52.48
C ILE TD 80 38.63 -126.88 52.51
N GLU TD 81 39.90 -126.96 52.10
CA GLU TD 81 40.78 -125.79 52.12
C GLU TD 81 40.62 -124.91 50.87
N ALA TD 82 39.97 -125.41 49.82
CA ALA TD 82 39.83 -124.63 48.60
C ALA TD 82 39.03 -123.35 48.83
N MET TD 83 37.93 -123.45 49.60
CA MET TD 83 37.09 -122.29 49.81
C MET TD 83 37.85 -121.17 50.52
N GLN TD 84 38.84 -121.51 51.34
CA GLN TD 84 39.59 -120.49 52.05
C GLN TD 84 40.30 -119.55 51.08
N GLN TD 85 40.67 -120.03 49.90
CA GLN TD 85 41.34 -119.19 48.93
C GLN TD 85 40.44 -118.05 48.48
N ILE TD 86 39.16 -118.34 48.25
CA ILE TD 86 38.23 -117.31 47.78
C ILE TD 86 38.02 -116.25 48.85
N ILE TD 87 38.02 -116.65 50.12
CA ILE TD 87 37.76 -115.70 51.20
C ILE TD 87 38.77 -114.56 51.13
N LEU TD 88 40.05 -114.90 51.02
CA LEU TD 88 41.08 -113.87 50.91
C LEU TD 88 40.88 -113.02 49.66
N ALA TD 89 40.56 -113.68 48.53
CA ALA TD 89 40.34 -112.94 47.29
C ALA TD 89 39.15 -112.00 47.41
N MET TD 90 38.07 -112.45 48.05
CA MET TD 90 36.87 -111.63 48.14
C MET TD 90 37.16 -110.30 48.82
N THR TD 91 38.04 -110.31 49.82
CA THR TD 91 38.41 -109.07 50.50
C THR TD 91 39.06 -108.09 49.53
N ARG TD 92 39.95 -108.60 48.66
CA ARG TD 92 40.68 -107.72 47.76
C ARG TD 92 39.74 -106.91 46.88
N GLU TD 93 38.73 -107.57 46.31
CA GLU TD 93 37.72 -106.84 45.54
C GLU TD 93 36.87 -105.98 46.45
N LEU TD 94 36.52 -106.49 47.63
CA LEU TD 94 35.68 -105.74 48.56
C LEU TD 94 36.39 -104.48 49.05
N TRP TD 95 37.68 -104.59 49.39
CA TRP TD 95 38.42 -103.44 49.89
C TRP TD 95 38.54 -102.36 48.84
N GLY TD 96 38.47 -102.73 47.56
CA GLY TD 96 38.59 -101.73 46.51
C GLY TD 96 37.47 -100.71 46.54
N GLN TD 97 36.26 -101.16 46.84
CA GLN TD 97 35.14 -100.23 46.92
C GLN TD 97 35.22 -99.33 48.15
N ILE TD 98 35.82 -99.83 49.24
CA ILE TD 98 35.96 -99.03 50.45
C ILE TD 98 36.79 -97.79 50.17
N GLN TD 99 37.92 -97.97 49.48
CA GLN TD 99 38.78 -96.83 49.19
C GLN TD 99 38.13 -95.85 48.24
N ARG TD 100 37.31 -96.35 47.32
CA ARG TD 100 36.60 -95.45 46.41
C ARG TD 100 35.69 -94.51 47.18
N HIS TD 101 34.96 -95.04 48.16
CA HIS TD 101 34.08 -94.20 48.97
C HIS TD 101 34.88 -93.22 49.82
N HIS TD 102 35.94 -93.71 50.47
CA HIS TD 102 36.74 -92.84 51.34
C HIS TD 102 37.55 -91.85 50.52
N TYR TD 103 38.46 -92.36 49.68
CA TYR TD 103 39.35 -91.49 48.92
C TYR TD 103 38.68 -90.96 47.66
N GLY TD 104 38.28 -91.86 46.77
CA GLY TD 104 37.72 -91.50 45.48
C GLY TD 104 38.34 -92.37 44.41
N ILE TD 105 37.58 -92.62 43.35
CA ILE TD 105 38.04 -93.53 42.30
C ILE TD 105 39.30 -93.01 41.65
N VAL TD 106 39.33 -91.71 41.32
CA VAL TD 106 40.47 -91.14 40.61
C VAL TD 106 41.73 -91.26 41.45
N GLN TD 107 41.64 -90.89 42.73
CA GLN TD 107 42.81 -90.90 43.59
C GLN TD 107 43.35 -92.32 43.78
N VAL TD 108 42.46 -93.31 43.85
CA VAL TD 108 42.90 -94.67 44.10
C VAL TD 108 43.79 -95.15 42.97
N GLU TD 109 43.42 -94.85 41.72
CA GLU TD 109 44.22 -95.30 40.59
C GLU TD 109 45.68 -94.88 40.74
N HIS TD 110 45.90 -93.61 41.09
CA HIS TD 110 47.26 -93.13 41.30
C HIS TD 110 47.93 -93.87 42.45
N TYR TD 111 47.20 -94.08 43.54
CA TYR TD 111 47.80 -94.71 44.72
C TYR TD 111 48.28 -96.12 44.41
N VAL TD 112 47.47 -96.90 43.68
CA VAL TD 112 47.83 -98.29 43.42
C VAL TD 112 49.11 -98.36 42.61
N LYS TD 113 49.20 -97.56 41.54
CA LYS TD 113 50.39 -97.59 40.71
C LYS TD 113 51.62 -97.15 41.51
N GLN TD 114 51.47 -96.13 42.34
CA GLN TD 114 52.57 -95.73 43.21
C GLN TD 114 52.98 -96.86 44.13
N ILE TD 115 52.00 -97.57 44.69
CA ILE TD 115 52.30 -98.73 45.52
C ILE TD 115 52.98 -99.81 44.67
N THR TD 116 52.45 -100.05 43.47
CA THR TD 116 53.01 -101.10 42.62
C THR TD 116 54.47 -100.82 42.29
N LEU TD 117 54.76 -99.61 41.82
CA LEU TD 117 56.15 -99.24 41.55
C LEU TD 117 56.99 -99.31 42.82
N TRP TD 118 56.44 -98.82 43.94
CA TRP TD 118 57.16 -98.91 45.20
C TRP TD 118 57.44 -100.35 45.57
N GLN TD 119 56.47 -101.23 45.39
CA GLN TD 119 56.71 -102.65 45.67
C GLN TD 119 57.64 -103.27 44.64
N ASP TD 120 57.57 -102.82 43.39
CA ASP TD 120 58.41 -103.38 42.34
C ASP TD 120 59.88 -103.10 42.60
N THR TD 121 60.21 -101.88 43.01
CA THR TD 121 61.60 -101.52 43.23
C THR TD 121 62.18 -102.38 44.35
N PRO TD 122 63.44 -102.82 44.23
CA PRO TD 122 64.03 -103.63 45.30
C PRO TD 122 64.09 -102.87 46.62
N GLN TD 123 63.96 -103.63 47.71
CA GLN TD 123 63.91 -103.03 49.04
C GLN TD 123 65.18 -102.28 49.38
N ALA TD 124 66.30 -102.58 48.71
CA ALA TD 124 67.56 -101.91 49.03
C ALA TD 124 67.44 -100.40 48.78
N PHE TD 125 66.82 -100.01 47.67
CA PHE TD 125 66.64 -98.61 47.32
C PHE TD 125 65.17 -98.30 47.05
N ARG TD 126 64.27 -99.03 47.72
CA ARG TD 126 62.84 -98.86 47.46
C ARG TD 126 62.37 -97.47 47.84
N GLY TD 127 62.82 -96.95 48.98
CA GLY TD 127 62.39 -95.65 49.44
C GLY TD 127 61.21 -95.72 50.38
N ASP TD 128 60.81 -94.54 50.84
CA ASP TD 128 59.70 -94.45 51.77
C ASP TD 128 58.39 -94.84 51.10
N GLN TD 129 57.56 -95.60 51.81
CA GLN TD 129 56.28 -96.02 51.27
C GLN TD 129 55.37 -94.81 51.09
N PRO TD 130 54.73 -94.64 49.93
CA PRO TD 130 53.85 -93.48 49.75
C PRO TD 130 52.63 -93.56 50.65
N LYS TD 131 52.13 -92.38 51.01
CA LYS TD 131 50.97 -92.28 51.88
C LYS TD 131 49.68 -92.27 51.07
N PRO TD 132 48.56 -92.64 51.68
CA PRO TD 132 47.28 -92.65 50.96
C PRO TD 132 46.92 -91.27 50.46
N PRO TD 133 46.04 -91.17 49.46
CA PRO TD 133 45.65 -89.84 48.96
C PRO TD 133 44.78 -89.07 49.95
N SER TD 134 44.31 -87.89 49.54
CA SER TD 134 43.44 -87.08 50.36
C SER TD 134 42.00 -87.57 50.26
N PHE TD 135 41.26 -87.41 51.35
CA PHE TD 135 39.88 -87.86 51.39
C PHE TD 135 39.02 -87.05 50.44
N THR UD 3 22.86 -110.11 57.57
CA THR UD 3 22.47 -108.90 58.29
C THR UD 3 22.80 -107.63 57.53
N PHE UD 4 23.94 -107.58 56.83
CA PHE UD 4 24.32 -106.36 56.13
C PHE UD 4 23.29 -106.00 55.07
N ILE UD 5 22.82 -106.99 54.31
CA ILE UD 5 21.82 -106.72 53.28
C ILE UD 5 20.54 -106.18 53.90
N GLU UD 6 20.19 -106.67 55.10
CA GLU UD 6 19.01 -106.17 55.78
C GLU UD 6 19.14 -104.69 56.10
N LEU UD 7 20.34 -104.26 56.51
CA LEU UD 7 20.56 -102.85 56.81
C LEU UD 7 20.31 -101.99 55.58
N VAL UD 8 20.76 -102.45 54.41
CA VAL UD 8 20.51 -101.70 53.19
C VAL UD 8 19.02 -101.61 52.91
N LYS UD 9 18.30 -102.73 53.10
CA LYS UD 9 16.86 -102.73 52.87
C LYS UD 9 16.12 -101.81 53.82
N ASN UD 10 16.78 -101.39 54.91
CA ASN UD 10 16.20 -100.47 55.87
C ASN UD 10 16.47 -99.01 55.54
N MET UD 11 17.14 -98.74 54.42
CA MET UD 11 17.53 -97.38 54.08
C MET UD 11 16.37 -96.64 53.45
N LYS UD 12 16.65 -95.41 53.02
CA LYS UD 12 15.68 -94.56 52.34
C LYS UD 12 16.08 -94.43 50.88
N GLY UD 13 15.12 -94.64 49.98
CA GLY UD 13 15.37 -94.59 48.56
C GLY UD 13 15.87 -95.90 47.97
N TYR UD 14 16.08 -96.93 48.79
CA TYR UD 14 16.52 -98.21 48.27
C TYR UD 14 15.45 -98.83 47.38
N LYS UD 15 15.88 -99.46 46.30
CA LYS UD 15 14.98 -100.08 45.34
C LYS UD 15 15.55 -101.42 44.91
N GLU UD 16 14.67 -102.42 44.79
CA GLU UD 16 15.11 -103.75 44.40
C GLU UD 16 15.56 -103.76 42.94
N LEU UD 17 16.61 -104.55 42.69
CA LEU UD 17 17.11 -104.74 41.33
C LEU UD 17 17.30 -106.21 40.97
N LEU UD 18 17.27 -107.13 41.93
CA LEU UD 18 17.43 -108.54 41.64
C LEU UD 18 16.08 -109.16 41.31
N LEU UD 19 16.07 -110.47 41.12
CA LEU UD 19 14.88 -111.20 40.70
C LEU UD 19 14.76 -112.47 41.54
N PRO UD 20 13.58 -113.06 41.59
CA PRO UD 20 13.42 -114.30 42.36
C PRO UD 20 14.35 -115.39 41.86
N MET UD 21 14.80 -116.23 42.80
CA MET UD 21 15.74 -117.30 42.44
C MET UD 21 15.20 -118.15 41.31
N GLU UD 22 13.89 -118.37 41.28
CA GLU UD 22 13.30 -119.18 40.21
C GLU UD 22 13.48 -118.52 38.86
N MET UD 23 13.28 -117.21 38.79
CA MET UD 23 13.41 -116.47 37.52
C MET UD 23 14.87 -116.08 37.28
N VAL UD 24 15.73 -117.10 37.31
CA VAL UD 24 17.16 -116.90 37.06
C VAL UD 24 17.64 -117.99 36.11
N PRO UD 25 18.28 -117.64 35.00
CA PRO UD 25 18.77 -118.68 34.08
C PRO UD 25 19.70 -119.67 34.76
N LEU UD 26 19.96 -120.75 34.06
CA LEU UD 26 20.85 -121.78 34.57
C LEU UD 26 22.30 -121.30 34.53
N PRO UD 27 23.18 -121.90 35.33
CA PRO UD 27 24.59 -121.49 35.31
C PRO UD 27 25.26 -121.80 33.99
N ALA UD 28 26.55 -121.46 33.88
CA ALA UD 28 27.31 -121.74 32.66
C ALA UD 28 26.75 -120.96 31.47
N VAL UD 29 25.53 -121.30 31.04
CA VAL UD 29 24.93 -120.62 29.90
C VAL UD 29 24.74 -119.14 30.19
N VAL UD 30 24.33 -118.82 31.43
CA VAL UD 30 24.14 -117.42 31.79
C VAL UD 30 25.44 -116.64 31.66
N LEU UD 31 26.57 -117.30 31.86
CA LEU UD 31 27.86 -116.63 31.72
C LEU UD 31 28.13 -116.16 30.30
N LYS UD 32 27.39 -116.67 29.32
CA LYS UD 32 27.65 -116.30 27.93
C LYS UD 32 27.37 -114.82 27.70
N HIS UD 33 26.32 -114.28 28.33
CA HIS UD 33 26.05 -112.86 28.20
C HIS UD 33 27.23 -112.02 28.67
N VAL UD 34 28.07 -112.56 29.55
CA VAL UD 34 29.24 -111.83 30.01
C VAL UD 34 30.15 -111.51 28.83
N LYS UD 35 30.42 -112.52 28.00
CA LYS UD 35 31.30 -112.32 26.85
C LYS UD 35 30.71 -111.32 25.88
N LEU UD 36 29.39 -111.38 25.65
CA LEU UD 36 28.75 -110.51 24.68
C LEU UD 36 28.73 -109.05 25.13
N ILE UD 37 29.05 -108.78 26.39
CA ILE UD 37 29.02 -107.43 26.94
C ILE UD 37 30.44 -106.95 27.22
N LEU UD 38 31.34 -107.89 27.47
CA LEU UD 38 32.75 -107.55 27.68
C LEU UD 38 33.50 -107.51 26.36
N THR UD 39 33.44 -108.59 25.59
CA THR UD 39 34.17 -108.64 24.32
C THR UD 39 33.67 -107.57 23.36
N SER UD 40 32.34 -107.39 23.29
CA SER UD 40 31.74 -106.38 22.43
C SER UD 40 31.62 -105.04 23.18
N GLN UD 41 32.77 -104.56 23.66
CA GLN UD 41 32.79 -103.33 24.43
C GLN UD 41 34.16 -102.70 24.32
N LYS UD 42 34.21 -101.42 24.70
CA LYS UD 42 35.45 -100.65 24.70
C LYS UD 42 35.30 -99.53 25.70
N GLU UD 43 36.41 -98.83 25.98
CA GLU UD 43 36.43 -97.76 26.97
C GLU UD 43 36.06 -98.31 28.36
N HIS UD 44 36.93 -99.19 28.83
CA HIS UD 44 36.76 -99.87 30.12
C HIS UD 44 36.24 -98.92 31.18
N GLN UD 45 35.11 -99.27 31.77
CA GLN UD 45 34.47 -98.49 32.82
C GLN UD 45 34.54 -99.22 34.15
N PRO UD 46 34.42 -98.49 35.26
CA PRO UD 46 34.58 -99.15 36.57
C PRO UD 46 33.64 -100.32 36.78
N TRP UD 47 32.39 -100.21 36.33
CA TRP UD 47 31.43 -101.29 36.58
C TRP UD 47 31.79 -102.54 35.81
N MET UD 48 32.50 -102.41 34.69
CA MET UD 48 32.88 -103.59 33.92
C MET UD 48 33.77 -104.52 34.73
N THR UD 49 34.71 -103.95 35.49
CA THR UD 49 35.57 -104.78 36.32
C THR UD 49 34.77 -105.52 37.38
N GLU UD 50 33.77 -104.85 37.96
CA GLU UD 50 32.94 -105.50 38.98
C GLU UD 50 32.27 -106.75 38.41
N MET UD 51 31.72 -106.64 37.20
CA MET UD 51 31.09 -107.79 36.57
C MET UD 51 32.11 -108.89 36.31
N ALA UD 52 33.30 -108.52 35.83
CA ALA UD 52 34.32 -109.51 35.52
C ALA UD 52 34.77 -110.26 36.77
N LEU UD 53 34.97 -109.55 37.87
CA LEU UD 53 35.45 -110.16 39.09
C LEU UD 53 34.36 -110.96 39.80
N LYS UD 54 33.10 -110.84 39.39
CA LYS UD 54 32.01 -111.61 39.95
C LYS UD 54 31.69 -112.86 39.13
N ALA UD 55 31.63 -112.72 37.80
CA ALA UD 55 31.31 -113.86 36.96
C ALA UD 55 32.39 -114.94 37.06
N ASP UD 56 33.65 -114.53 37.08
CA ASP UD 56 34.74 -115.51 37.16
C ASP UD 56 34.69 -116.34 38.43
N GLN UD 57 34.02 -115.84 39.48
CA GLN UD 57 33.94 -116.58 40.73
C GLN UD 57 33.16 -117.88 40.54
N CYS UD 58 32.10 -117.86 39.73
CA CYS UD 58 31.32 -119.06 39.50
C CYS UD 58 32.18 -120.19 38.93
N LEU UD 59 33.07 -119.86 38.00
CA LEU UD 59 33.97 -120.87 37.47
C LEU UD 59 34.87 -121.44 38.56
N ILE UD 60 35.35 -120.58 39.46
CA ILE UD 60 36.20 -121.05 40.55
C ILE UD 60 35.42 -122.04 41.42
N HIS UD 61 34.21 -121.66 41.81
CA HIS UD 61 33.36 -122.58 42.56
C HIS UD 61 33.00 -123.80 41.72
N LYS UD 62 32.70 -123.58 40.44
CA LYS UD 62 32.37 -124.69 39.55
C LYS UD 62 33.57 -125.61 39.37
N ALA UD 63 34.78 -125.04 39.30
CA ALA UD 63 35.97 -125.85 39.11
C ALA UD 63 36.18 -126.84 40.24
N THR UD 64 35.66 -126.55 41.44
CA THR UD 64 35.82 -127.46 42.56
C THR UD 64 35.03 -128.76 42.37
N LEU UD 65 34.05 -128.76 41.46
CA LEU UD 65 33.28 -129.98 41.23
C LEU UD 65 34.17 -131.13 40.79
N ASP UD 66 35.26 -130.85 40.09
CA ASP UD 66 36.19 -131.91 39.72
C ASP UD 66 36.78 -132.57 40.96
N PRO UD 78 27.90 -131.13 53.88
CA PRO UD 78 27.52 -129.71 53.93
C PRO UD 78 28.47 -128.82 53.14
N LEU UD 79 29.76 -129.14 53.12
CA LEU UD 79 30.72 -128.34 52.37
C LEU UD 79 30.41 -128.38 50.88
N ILE UD 80 30.12 -129.58 50.36
CA ILE UD 80 29.80 -129.71 48.94
C ILE UD 80 28.44 -129.08 48.64
N GLU UD 81 27.45 -129.32 49.49
CA GLU UD 81 26.13 -128.75 49.27
C GLU UD 81 26.17 -127.23 49.36
N ALA UD 82 26.90 -126.68 50.33
CA ALA UD 82 26.89 -125.24 50.54
C ALA UD 82 27.39 -124.49 49.32
N MET UD 83 28.45 -124.99 48.68
CA MET UD 83 29.01 -124.29 47.52
C MET UD 83 27.98 -124.19 46.39
N GLN UD 84 27.23 -125.27 46.16
CA GLN UD 84 26.25 -125.25 45.09
C GLN UD 84 25.19 -124.18 45.34
N GLN UD 85 24.77 -124.01 46.60
CA GLN UD 85 23.77 -123.00 46.91
C GLN UD 85 24.29 -121.60 46.61
N ILE UD 86 25.57 -121.34 46.90
CA ILE UD 86 26.12 -120.01 46.72
C ILE UD 86 26.09 -119.61 45.25
N ILE UD 87 26.28 -120.56 44.34
CA ILE UD 87 26.32 -120.24 42.92
C ILE UD 87 25.02 -119.58 42.49
N LEU UD 88 23.89 -120.07 43.00
CA LEU UD 88 22.61 -119.47 42.65
C LEU UD 88 22.54 -118.01 43.09
N ALA UD 89 23.03 -117.71 44.29
CA ALA UD 89 23.01 -116.33 44.78
C ALA UD 89 23.84 -115.41 43.90
N MET UD 90 25.05 -115.85 43.54
CA MET UD 90 25.90 -115.03 42.68
C MET UD 90 25.28 -114.89 41.29
N THR UD 91 24.66 -115.95 40.77
CA THR UD 91 24.04 -115.88 39.46
C THR UD 91 22.93 -114.83 39.45
N ARG UD 92 22.17 -114.74 40.53
CA ARG UD 92 21.12 -113.73 40.62
C ARG UD 92 21.69 -112.33 40.50
N GLU UD 93 22.81 -112.07 41.17
CA GLU UD 93 23.42 -110.76 41.09
C GLU UD 93 23.90 -110.45 39.67
N LEU UD 94 24.44 -111.45 38.98
CA LEU UD 94 24.93 -111.23 37.62
C LEU UD 94 23.83 -110.72 36.70
N TRP UD 95 22.64 -111.33 36.79
CA TRP UD 95 21.56 -110.95 35.90
C TRP UD 95 21.14 -109.51 36.12
N GLY UD 96 21.07 -109.07 37.38
CA GLY UD 96 20.69 -107.70 37.65
C GLY UD 96 21.62 -106.69 37.01
N GLN UD 97 22.92 -106.96 37.05
CA GLN UD 97 23.89 -106.08 36.40
C GLN UD 97 23.66 -106.04 34.89
N ILE UD 98 23.37 -107.19 34.29
CA ILE UD 98 23.15 -107.25 32.86
C ILE UD 98 21.95 -106.39 32.47
N GLN UD 99 20.85 -106.54 33.20
CA GLN UD 99 19.68 -105.69 32.95
C GLN UD 99 19.97 -104.23 33.26
N ARG UD 100 20.82 -103.97 34.27
CA ARG UD 100 21.23 -102.61 34.58
C ARG UD 100 21.97 -101.97 33.41
N HIS UD 101 22.48 -102.77 32.48
CA HIS UD 101 23.18 -102.27 31.31
C HIS UD 101 22.32 -102.30 30.05
N HIS UD 102 21.62 -103.41 29.81
CA HIS UD 102 20.81 -103.54 28.61
C HIS UD 102 19.61 -102.60 28.64
N TYR UD 103 18.73 -102.78 29.62
CA TYR UD 103 17.52 -101.97 29.72
C TYR UD 103 17.70 -100.79 30.68
N GLY UD 104 18.75 -100.02 30.46
CA GLY UD 104 18.98 -98.88 31.31
C GLY UD 104 19.23 -99.30 32.75
N ILE UD 105 19.14 -98.32 33.64
CA ILE UD 105 19.31 -98.56 35.07
C ILE UD 105 18.07 -98.05 35.81
N VAL UD 106 17.37 -97.09 35.20
CA VAL UD 106 16.16 -96.54 35.82
C VAL UD 106 14.95 -97.40 35.47
N GLN UD 107 14.81 -97.75 34.19
CA GLN UD 107 13.68 -98.57 33.76
C GLN UD 107 13.71 -99.96 34.38
N VAL UD 108 14.89 -100.42 34.83
CA VAL UD 108 14.98 -101.76 35.42
C VAL UD 108 14.13 -101.85 36.67
N GLU UD 109 14.19 -100.81 37.52
CA GLU UD 109 13.44 -100.84 38.77
C GLU UD 109 11.95 -100.97 38.50
N HIS UD 110 11.44 -100.26 37.49
CA HIS UD 110 10.03 -100.35 37.17
C HIS UD 110 9.64 -101.77 36.77
N TYR UD 111 10.48 -102.43 35.97
CA TYR UD 111 10.16 -103.78 35.53
C TYR UD 111 10.11 -104.74 36.72
N VAL UD 112 11.13 -104.70 37.59
CA VAL UD 112 11.15 -105.60 38.73
C VAL UD 112 10.01 -105.28 39.68
N LYS UD 113 9.66 -103.99 39.79
CA LYS UD 113 8.51 -103.62 40.63
C LYS UD 113 7.26 -104.35 40.17
N GLN UD 114 7.02 -104.40 38.85
CA GLN UD 114 5.85 -105.10 38.34
C GLN UD 114 5.99 -106.60 38.50
N ILE UD 115 7.21 -107.13 38.36
CA ILE UD 115 7.43 -108.56 38.50
C ILE UD 115 7.00 -109.03 39.88
N THR UD 116 7.37 -108.27 40.92
CA THR UD 116 7.01 -108.66 42.28
C THR UD 116 5.49 -108.72 42.45
N LEU UD 117 4.78 -107.72 41.95
CA LEU UD 117 3.32 -107.73 42.04
C LEU UD 117 2.73 -108.86 41.22
N TRP UD 118 3.24 -109.08 40.00
CA TRP UD 118 2.67 -110.08 39.12
C TRP UD 118 2.84 -111.50 39.65
N GLN UD 119 3.81 -111.73 40.53
CA GLN UD 119 4.06 -113.07 41.07
C GLN UD 119 3.50 -113.24 42.47
N ASP UD 120 3.55 -112.20 43.31
CA ASP UD 120 3.08 -112.33 44.68
C ASP UD 120 1.58 -112.61 44.72
N THR UD 121 0.82 -111.95 43.85
CA THR UD 121 -0.62 -112.18 43.81
C THR UD 121 -0.90 -113.63 43.39
N PRO UD 122 -2.03 -114.19 43.81
CA PRO UD 122 -2.34 -115.57 43.45
C PRO UD 122 -2.47 -115.73 41.94
N GLN UD 123 -2.15 -116.93 41.46
CA GLN UD 123 -2.15 -117.18 40.02
C GLN UD 123 -3.51 -116.93 39.39
N ALA UD 124 -4.59 -116.97 40.17
CA ALA UD 124 -5.92 -116.73 39.63
C ALA UD 124 -6.18 -115.27 39.30
N PHE UD 125 -5.29 -114.36 39.70
CA PHE UD 125 -5.48 -112.93 39.48
C PHE UD 125 -4.37 -112.27 38.69
N ARG UD 126 -3.25 -112.97 38.43
CA ARG UD 126 -2.11 -112.34 37.79
C ARG UD 126 -2.48 -111.78 36.42
N GLY UD 127 -2.89 -112.65 35.50
CA GLY UD 127 -3.21 -112.23 34.16
C GLY UD 127 -2.15 -112.61 33.16
N ASP UD 128 -1.39 -111.63 32.68
CA ASP UD 128 -0.33 -111.83 31.70
C ASP UD 128 0.96 -111.24 32.21
N GLN UD 129 2.07 -111.92 31.93
CA GLN UD 129 3.37 -111.44 32.36
C GLN UD 129 3.67 -110.10 31.71
N PRO UD 130 4.17 -109.11 32.46
CA PRO UD 130 4.53 -107.82 31.87
C PRO UD 130 5.87 -107.92 31.15
N LYS UD 131 5.85 -107.67 29.84
CA LYS UD 131 7.07 -107.79 29.06
C LYS UD 131 8.10 -106.74 29.51
N PRO UD 132 9.37 -107.11 29.67
CA PRO UD 132 10.36 -106.13 30.08
C PRO UD 132 10.58 -105.10 28.98
N PRO UD 133 11.00 -103.89 29.33
CA PRO UD 133 11.24 -102.87 28.31
C PRO UD 133 12.39 -103.28 27.40
N SER UD 134 12.32 -102.82 26.16
CA SER UD 134 13.34 -103.15 25.17
C SER UD 134 14.61 -102.34 25.44
N PHE UD 135 15.59 -102.49 24.55
CA PHE UD 135 16.88 -101.82 24.68
C PHE UD 135 16.70 -100.35 24.33
N THR VD 3 -20.07 -102.17 64.79
CA THR VD 3 -21.14 -101.19 64.66
C THR VD 3 -20.65 -99.87 64.10
N PHE VD 4 -19.37 -99.55 64.25
CA PHE VD 4 -18.83 -98.32 63.69
C PHE VD 4 -18.96 -98.33 62.16
N ILE VD 5 -18.71 -99.47 61.54
CA ILE VD 5 -18.85 -99.54 60.08
C ILE VD 5 -20.27 -99.20 59.67
N GLU VD 6 -21.25 -99.65 60.46
CA GLU VD 6 -22.64 -99.27 60.20
C GLU VD 6 -22.81 -97.76 60.30
N LEU VD 7 -22.16 -97.13 61.30
CA LEU VD 7 -22.26 -95.69 61.44
C LEU VD 7 -21.68 -94.96 60.23
N VAL VD 8 -20.77 -95.62 59.51
CA VAL VD 8 -20.20 -95.03 58.31
C VAL VD 8 -20.80 -95.63 57.04
N LYS VD 9 -21.41 -96.82 57.11
CA LYS VD 9 -21.99 -97.42 55.93
C LYS VD 9 -23.03 -96.51 55.29
N ASN VD 10 -23.66 -95.65 56.08
CA ASN VD 10 -24.64 -94.70 55.55
C ASN VD 10 -23.98 -93.45 55.00
N MET VD 11 -22.70 -93.21 55.26
CA MET VD 11 -22.03 -92.03 54.74
C MET VD 11 -21.94 -92.08 53.23
N LYS VD 12 -21.99 -90.91 52.61
CA LYS VD 12 -21.95 -90.82 51.15
C LYS VD 12 -20.63 -91.36 50.61
N GLY VD 13 -19.52 -91.02 51.24
CA GLY VD 13 -18.22 -91.40 50.73
C GLY VD 13 -17.71 -92.74 51.25
N TYR VD 14 -18.56 -93.46 51.96
CA TYR VD 14 -18.18 -94.77 52.49
C TYR VD 14 -17.90 -95.74 51.35
N LYS VD 15 -16.87 -96.57 51.53
CA LYS VD 15 -16.46 -97.52 50.51
C LYS VD 15 -16.10 -98.84 51.18
N GLU VD 16 -16.23 -99.93 50.41
CA GLU VD 16 -15.86 -101.26 50.88
C GLU VD 16 -14.38 -101.47 50.57
N LEU VD 17 -13.54 -100.89 51.42
CA LEU VD 17 -12.10 -101.01 51.26
C LEU VD 17 -11.61 -102.44 51.51
N LEU VD 18 -12.41 -103.27 52.18
CA LEU VD 18 -12.02 -104.64 52.47
C LEU VD 18 -12.14 -105.46 51.21
N LEU VD 19 -11.00 -105.72 50.56
CA LEU VD 19 -10.99 -106.47 49.32
C LEU VD 19 -11.25 -107.94 49.58
N PRO VD 20 -11.60 -108.70 48.54
CA PRO VD 20 -11.88 -110.14 48.75
C PRO VD 20 -10.69 -110.86 49.36
N MET VD 21 -10.99 -111.82 50.23
CA MET VD 21 -9.94 -112.58 50.89
C MET VD 21 -9.08 -113.33 49.89
N GLU VD 22 -9.70 -113.94 48.88
CA GLU VD 22 -8.93 -114.64 47.85
C GLU VD 22 -8.01 -113.70 47.09
N MET VD 23 -8.41 -112.44 46.96
CA MET VD 23 -7.62 -111.49 46.18
C MET VD 23 -6.25 -111.27 46.80
N VAL VD 24 -6.19 -111.11 48.12
CA VAL VD 24 -4.94 -110.76 48.80
C VAL VD 24 -4.08 -112.00 48.97
N PRO VD 25 -2.75 -111.86 49.06
CA PRO VD 25 -1.90 -113.03 49.30
C PRO VD 25 -1.79 -113.37 50.77
N LEU VD 26 -0.91 -114.33 51.09
CA LEU VD 26 -0.72 -114.73 52.48
C LEU VD 26 -0.09 -113.60 53.28
N PRO VD 27 -0.25 -113.61 54.61
CA PRO VD 27 0.27 -112.49 55.42
C PRO VD 27 1.75 -112.25 55.24
N ALA VD 28 2.54 -113.31 55.11
CA ALA VD 28 3.99 -113.14 55.04
C ALA VD 28 4.41 -112.31 53.83
N VAL VD 29 3.78 -112.56 52.68
CA VAL VD 29 4.17 -111.85 51.47
C VAL VD 29 3.83 -110.37 51.58
N VAL VD 30 2.69 -110.04 52.21
CA VAL VD 30 2.27 -108.65 52.31
C VAL VD 30 3.32 -107.84 53.06
N LEU VD 31 3.85 -108.40 54.16
CA LEU VD 31 4.85 -107.68 54.94
C LEU VD 31 6.04 -107.27 54.07
N LYS VD 32 6.36 -108.07 53.05
CA LYS VD 32 7.46 -107.73 52.17
C LYS VD 32 7.22 -106.41 51.46
N HIS VD 33 6.00 -106.19 50.97
CA HIS VD 33 5.70 -104.96 50.24
C HIS VD 33 5.68 -103.75 51.16
N VAL VD 34 5.37 -103.96 52.44
CA VAL VD 34 5.33 -102.83 53.37
C VAL VD 34 6.72 -102.22 53.49
N LYS VD 35 7.75 -103.05 53.62
CA LYS VD 35 9.12 -102.54 53.65
C LYS VD 35 9.46 -101.86 52.35
N LEU VD 36 9.08 -102.46 51.21
CA LEU VD 36 9.43 -101.89 49.91
C LEU VD 36 8.72 -100.56 49.68
N ILE VD 37 7.44 -100.48 50.01
CA ILE VD 37 6.69 -99.25 49.77
C ILE VD 37 7.15 -98.15 50.72
N LEU VD 38 7.33 -98.50 52.00
CA LEU VD 38 7.83 -97.50 52.96
C LEU VD 38 9.23 -97.05 52.59
N THR VD 39 10.09 -97.98 52.22
CA THR VD 39 11.46 -97.61 51.84
C THR VD 39 11.47 -96.74 50.61
N SER VD 40 10.68 -97.09 49.59
CA SER VD 40 10.66 -96.30 48.36
C SER VD 40 10.14 -94.89 48.62
N GLN VD 41 9.08 -94.77 49.41
CA GLN VD 41 8.49 -93.46 49.66
C GLN VD 41 9.43 -92.61 50.49
N LYS VD 42 9.47 -91.31 50.18
CA LYS VD 42 10.37 -90.38 50.84
C LYS VD 42 9.65 -89.33 51.67
N GLU VD 43 8.67 -88.64 51.10
CA GLU VD 43 7.98 -87.60 51.84
C GLU VD 43 7.25 -88.19 53.03
N HIS VD 44 7.32 -87.49 54.16
CA HIS VD 44 6.72 -87.97 55.40
C HIS VD 44 5.28 -87.46 55.52
N GLN VD 45 4.35 -88.39 55.62
CA GLN VD 45 2.94 -88.10 55.85
C GLN VD 45 2.43 -89.01 56.95
N PRO VD 46 1.33 -88.64 57.60
CA PRO VD 46 0.83 -89.47 58.71
C PRO VD 46 0.46 -90.88 58.31
N TRP VD 47 0.09 -91.12 57.06
CA TRP VD 47 -0.37 -92.45 56.67
C TRP VD 47 0.74 -93.49 56.81
N MET VD 48 1.95 -93.15 56.38
CA MET VD 48 3.06 -94.10 56.52
C MET VD 48 3.37 -94.36 57.98
N THR VD 49 3.32 -93.32 58.81
CA THR VD 49 3.55 -93.50 60.24
C THR VD 49 2.51 -94.44 60.84
N GLU VD 50 1.23 -94.26 60.47
CA GLU VD 50 0.18 -95.14 60.94
C GLU VD 50 0.19 -96.48 60.20
N MET VD 51 0.65 -96.47 58.94
CA MET VD 51 0.69 -97.71 58.17
C MET VD 51 1.62 -98.73 58.81
N ALA VD 52 2.78 -98.28 59.28
CA ALA VD 52 3.72 -99.19 59.94
C ALA VD 52 3.11 -99.77 61.21
N LEU VD 53 2.44 -98.94 62.01
CA LEU VD 53 1.86 -99.41 63.26
C LEU VD 53 0.82 -100.49 63.00
N LYS VD 54 -0.02 -100.31 61.98
CA LYS VD 54 -1.05 -101.30 61.69
C LYS VD 54 -0.44 -102.63 61.31
N ALA VD 55 0.64 -102.61 60.52
CA ALA VD 55 1.29 -103.85 60.12
C ALA VD 55 2.08 -104.47 61.26
N ASP VD 56 2.54 -103.66 62.22
CA ASP VD 56 3.36 -104.17 63.30
C ASP VD 56 2.58 -105.20 64.13
N GLN VD 57 1.29 -104.94 64.37
CA GLN VD 57 0.51 -105.84 65.21
C GLN VD 57 0.54 -107.26 64.69
N CYS VD 58 0.52 -107.43 63.37
CA CYS VD 58 0.55 -108.76 62.79
C CYS VD 58 1.80 -109.54 63.21
N LEU VD 59 2.93 -108.85 63.35
CA LEU VD 59 4.16 -109.53 63.75
C LEU VD 59 4.03 -110.14 65.14
N ILE VD 60 3.41 -109.43 66.06
CA ILE VD 60 3.27 -109.94 67.42
C ILE VD 60 2.45 -111.22 67.42
N HIS VD 61 1.36 -111.24 66.65
CA HIS VD 61 0.52 -112.42 66.59
C HIS VD 61 1.27 -113.61 66.02
N LYS VD 62 2.21 -113.37 65.09
CA LYS VD 62 3.00 -114.46 64.56
C LYS VD 62 3.76 -115.19 65.67
N ALA VD 63 4.45 -114.43 66.51
CA ALA VD 63 5.19 -115.04 67.62
C ALA VD 63 4.27 -115.47 68.76
N THR VD 64 3.17 -114.73 68.98
CA THR VD 64 2.25 -115.10 70.06
C THR VD 64 1.71 -116.51 69.85
N LEU VD 65 1.23 -116.81 68.64
CA LEU VD 65 0.75 -118.15 68.35
C LEU VD 65 1.90 -119.14 68.17
N PRO VD 78 -11.64 -121.78 70.50
CA PRO VD 78 -12.23 -120.55 69.94
C PRO VD 78 -11.29 -119.35 69.98
N LEU VD 79 -10.47 -119.26 71.02
CA LEU VD 79 -9.55 -118.12 71.14
C LEU VD 79 -8.50 -118.17 70.04
N ILE VD 80 -7.84 -119.31 69.87
CA ILE VD 80 -6.78 -119.42 68.87
C ILE VD 80 -7.36 -119.25 67.47
N GLU VD 81 -8.49 -119.89 67.20
CA GLU VD 81 -9.08 -119.82 65.86
C GLU VD 81 -9.43 -118.39 65.49
N ALA VD 82 -9.97 -117.62 66.44
CA ALA VD 82 -10.34 -116.24 66.15
C ALA VD 82 -9.12 -115.42 65.76
N MET VD 83 -7.99 -115.63 66.43
CA MET VD 83 -6.79 -114.88 66.11
C MET VD 83 -6.35 -115.13 64.67
N GLN VD 84 -6.48 -116.37 64.20
CA GLN VD 84 -6.10 -116.68 62.82
C GLN VD 84 -6.92 -115.85 61.84
N GLN VD 85 -8.22 -115.72 62.10
CA GLN VD 85 -9.07 -114.88 61.24
C GLN VD 85 -8.73 -113.41 61.42
N ILE VD 86 -8.35 -113.00 62.63
CA ILE VD 86 -8.02 -111.60 62.88
C ILE VD 86 -6.81 -111.19 62.05
N ILE VD 87 -5.80 -112.04 61.97
CA ILE VD 87 -4.61 -111.71 61.19
C ILE VD 87 -4.99 -111.47 59.73
N LEU VD 88 -5.84 -112.35 59.18
CA LEU VD 88 -6.27 -112.16 57.80
C LEU VD 88 -7.08 -110.88 57.63
N ALA VD 89 -7.79 -110.46 58.68
CA ALA VD 89 -8.56 -109.23 58.60
C ALA VD 89 -7.66 -108.03 58.35
N MET VD 90 -6.52 -107.97 59.05
CA MET VD 90 -5.61 -106.85 58.87
C MET VD 90 -4.93 -106.89 57.51
N THR VD 91 -4.67 -108.11 56.99
CA THR VD 91 -4.01 -108.22 55.69
C THR VD 91 -4.83 -107.57 54.59
N ARG VD 92 -6.15 -107.78 54.61
CA ARG VD 92 -7.01 -107.14 53.60
C ARG VD 92 -6.92 -105.62 53.71
N GLU VD 93 -6.93 -105.11 54.95
CA GLU VD 93 -6.83 -103.66 55.14
C GLU VD 93 -5.49 -103.14 54.65
N LEU VD 94 -4.41 -103.86 54.95
CA LEU VD 94 -3.08 -103.41 54.54
C LEU VD 94 -2.95 -103.39 53.03
N TRP VD 95 -3.43 -104.43 52.36
CA TRP VD 95 -3.28 -104.50 50.90
C TRP VD 95 -4.01 -103.35 50.21
N GLY VD 96 -5.08 -102.84 50.82
CA GLY VD 96 -5.79 -101.73 50.23
C GLY VD 96 -4.93 -100.49 50.12
N GLN VD 97 -4.23 -100.15 51.21
CA GLN VD 97 -3.34 -98.99 51.17
C GLN VD 97 -2.20 -99.21 50.17
N ILE VD 98 -1.71 -100.45 50.08
CA ILE VD 98 -0.65 -100.75 49.13
C ILE VD 98 -1.10 -100.46 47.70
N GLN VD 99 -2.27 -100.98 47.33
CA GLN VD 99 -2.75 -100.78 45.96
C GLN VD 99 -3.15 -99.34 45.72
N ARG VD 100 -3.82 -98.71 46.69
CA ARG VD 100 -4.24 -97.33 46.52
C ARG VD 100 -3.04 -96.41 46.37
N HIS VD 101 -1.99 -96.63 47.16
CA HIS VD 101 -0.80 -95.79 47.08
C HIS VD 101 -0.09 -95.98 45.74
N HIS VD 102 0.07 -97.22 45.30
CA HIS VD 102 0.77 -97.48 44.04
C HIS VD 102 0.01 -96.92 42.85
N TYR VD 103 -1.27 -97.26 42.73
CA TYR VD 103 -2.09 -96.83 41.61
C TYR VD 103 -2.91 -95.58 41.95
N GLY VD 104 -3.77 -95.68 42.95
CA GLY VD 104 -4.63 -94.58 43.32
C GLY VD 104 -5.88 -95.08 44.00
N ILE VD 105 -6.52 -94.17 44.75
CA ILE VD 105 -7.70 -94.54 45.52
C ILE VD 105 -8.85 -94.92 44.59
N VAL VD 106 -9.07 -94.13 43.54
CA VAL VD 106 -10.19 -94.38 42.64
C VAL VD 106 -9.98 -95.66 41.86
N GLN VD 107 -8.74 -95.90 41.40
CA GLN VD 107 -8.49 -97.05 40.54
C GLN VD 107 -8.80 -98.36 41.26
N VAL VD 108 -8.39 -98.47 42.52
CA VAL VD 108 -8.67 -99.69 43.28
C VAL VD 108 -10.18 -99.88 43.42
N GLU VD 109 -10.89 -98.82 43.81
CA GLU VD 109 -12.34 -98.90 43.90
C GLU VD 109 -12.95 -99.21 42.55
N HIS VD 110 -12.35 -98.71 41.47
CA HIS VD 110 -12.86 -98.95 40.13
C HIS VD 110 -12.55 -100.36 39.65
N TYR VD 111 -11.37 -100.88 39.99
CA TYR VD 111 -10.92 -102.17 39.45
C TYR VD 111 -11.35 -103.35 40.29
N VAL VD 112 -11.57 -103.18 41.59
CA VAL VD 112 -11.89 -104.31 42.46
C VAL VD 112 -13.18 -104.97 41.99
N LYS VD 113 -14.19 -104.17 41.67
CA LYS VD 113 -15.49 -104.74 41.31
C LYS VD 113 -15.39 -105.54 40.01
N GLN VD 114 -14.56 -105.09 39.06
CA GLN VD 114 -14.50 -105.74 37.76
C GLN VD 114 -14.10 -107.21 37.90
N ILE VD 115 -13.07 -107.48 38.70
CA ILE VD 115 -12.60 -108.86 38.84
C ILE VD 115 -13.63 -109.71 39.56
N THR VD 116 -14.35 -109.12 40.52
CA THR VD 116 -15.37 -109.88 41.23
C THR VD 116 -16.47 -110.34 40.27
N LEU VD 117 -16.87 -109.46 39.35
CA LEU VD 117 -17.87 -109.84 38.36
C LEU VD 117 -17.38 -110.98 37.48
N TRP VD 118 -16.12 -110.92 37.05
CA TRP VD 118 -15.59 -111.97 36.19
C TRP VD 118 -15.65 -113.33 36.87
N GLN VD 119 -15.62 -113.36 38.20
CA GLN VD 119 -15.72 -114.63 38.93
C GLN VD 119 -17.17 -115.06 39.09
N ASP VD 120 -18.03 -114.17 39.56
CA ASP VD 120 -19.44 -114.47 39.79
C ASP VD 120 -20.17 -114.47 38.44
N THR VD 121 -19.92 -115.53 37.68
CA THR VD 121 -20.52 -115.68 36.35
C THR VD 121 -20.49 -117.16 35.99
N PRO VD 122 -21.43 -117.65 35.18
CA PRO VD 122 -21.45 -119.10 34.89
C PRO VD 122 -20.28 -119.56 34.04
N GLN VD 123 -19.09 -119.63 34.67
CA GLN VD 123 -17.89 -120.19 34.08
C GLN VD 123 -17.74 -119.88 32.59
N ALA VD 124 -18.61 -120.45 31.75
CA ALA VD 124 -18.40 -120.38 30.30
C ALA VD 124 -18.32 -118.94 29.84
N PHE VD 125 -19.31 -118.12 30.19
CA PHE VD 125 -19.31 -116.71 29.81
C PHE VD 125 -18.70 -115.84 30.92
N ARG VD 126 -17.52 -116.23 31.39
CA ARG VD 126 -16.89 -115.48 32.47
C ARG VD 126 -16.45 -114.10 31.99
N GLY VD 127 -15.94 -114.01 30.77
CA GLY VD 127 -15.48 -112.75 30.23
C GLY VD 127 -14.24 -112.91 29.38
N ASP VD 128 -13.24 -112.05 29.61
CA ASP VD 128 -12.00 -112.10 28.86
C ASP VD 128 -10.79 -111.91 29.77
N GLN VD 129 -10.88 -112.36 31.01
CA GLN VD 129 -9.77 -112.24 31.95
C GLN VD 129 -9.38 -110.78 32.08
N PRO VD 130 -10.19 -109.95 32.73
CA PRO VD 130 -9.92 -108.50 32.74
C PRO VD 130 -8.51 -108.19 33.21
N LYS VD 131 -7.85 -107.28 32.49
CA LYS VD 131 -6.48 -106.95 32.79
C LYS VD 131 -6.40 -106.13 34.09
N PRO VD 132 -5.33 -106.29 34.85
CA PRO VD 132 -5.15 -105.45 36.05
C PRO VD 132 -4.82 -104.02 35.65
N PRO VD 133 -5.02 -103.06 36.55
CA PRO VD 133 -4.82 -101.66 36.18
C PRO VD 133 -3.39 -101.39 35.75
N THR WD 3 -11.92 -91.20 -88.31
CA THR WD 3 -10.95 -90.18 -88.70
C THR WD 3 -10.95 -89.00 -87.73
N PHE WD 4 -12.13 -88.58 -87.29
CA PHE WD 4 -12.22 -87.40 -86.42
C PHE WD 4 -11.50 -87.64 -85.10
N ILE WD 5 -11.69 -88.82 -84.50
CA ILE WD 5 -11.07 -89.09 -83.21
C ILE WD 5 -9.56 -89.01 -83.31
N GLU WD 6 -9.00 -89.47 -84.44
CA GLU WD 6 -7.57 -89.33 -84.66
C GLU WD 6 -7.14 -87.87 -84.62
N LEU WD 7 -7.95 -86.99 -85.21
CA LEU WD 7 -7.62 -85.57 -85.19
C LEU WD 7 -7.64 -85.01 -83.77
N VAL WD 8 -8.61 -85.41 -82.97
CA VAL WD 8 -8.72 -84.89 -81.61
C VAL WD 8 -7.55 -85.39 -80.76
N LYS WD 9 -7.15 -86.64 -80.94
CA LYS WD 9 -6.02 -87.17 -80.18
C LYS WD 9 -4.78 -86.34 -80.41
N ASN WD 10 -4.68 -85.67 -81.56
CA ASN WD 10 -3.57 -84.78 -81.85
C ASN WD 10 -3.85 -83.40 -81.27
N MET WD 11 -4.05 -83.37 -79.96
CA MET WD 11 -4.36 -82.14 -79.24
C MET WD 11 -3.68 -82.15 -77.88
N LYS WD 12 -3.55 -80.96 -77.31
CA LYS WD 12 -2.82 -80.78 -76.06
C LYS WD 12 -3.77 -80.83 -74.88
N GLY WD 13 -3.34 -81.51 -73.81
CA GLY WD 13 -4.18 -81.74 -72.66
C GLY WD 13 -5.14 -82.89 -72.80
N TYR WD 14 -4.94 -83.76 -73.79
CA TYR WD 14 -5.83 -84.88 -74.05
C TYR WD 14 -5.53 -86.00 -73.06
N LYS WD 15 -6.49 -86.29 -72.18
CA LYS WD 15 -6.39 -87.38 -71.23
C LYS WD 15 -7.39 -88.46 -71.62
N GLU WD 16 -6.89 -89.66 -71.88
CA GLU WD 16 -7.76 -90.75 -72.30
C GLU WD 16 -8.65 -91.19 -71.14
N LEU WD 17 -9.87 -91.61 -71.48
CA LEU WD 17 -10.85 -92.00 -70.48
C LEU WD 17 -11.60 -93.28 -70.86
N LEU WD 18 -11.17 -94.01 -71.87
CA LEU WD 18 -11.85 -95.21 -72.34
C LEU WD 18 -10.96 -96.42 -72.11
N LEU WD 19 -11.53 -97.46 -71.51
CA LEU WD 19 -10.81 -98.69 -71.25
C LEU WD 19 -10.79 -99.57 -72.49
N PRO WD 20 -9.91 -100.57 -72.52
CA PRO WD 20 -9.91 -101.51 -73.64
C PRO WD 20 -11.23 -102.24 -73.77
N MET WD 21 -11.58 -102.58 -75.01
CA MET WD 21 -12.84 -103.27 -75.25
C MET WD 21 -12.90 -104.60 -74.51
N GLU WD 22 -11.76 -105.20 -74.21
CA GLU WD 22 -11.72 -106.49 -73.54
C GLU WD 22 -11.98 -106.40 -72.04
N MET WD 23 -12.01 -105.19 -71.47
CA MET WD 23 -12.21 -105.02 -70.04
C MET WD 23 -13.56 -104.45 -69.67
N VAL WD 24 -14.24 -103.75 -70.58
CA VAL WD 24 -15.52 -103.14 -70.27
C VAL WD 24 -16.55 -104.24 -70.04
N PRO WD 25 -17.56 -104.01 -69.22
CA PRO WD 25 -18.56 -105.05 -68.97
C PRO WD 25 -19.35 -105.37 -70.23
N LEU WD 26 -20.16 -106.41 -70.13
CA LEU WD 26 -21.08 -106.74 -71.21
C LEU WD 26 -22.16 -105.65 -71.31
N PRO WD 27 -22.73 -105.45 -72.50
CA PRO WD 27 -23.70 -104.36 -72.65
C PRO WD 27 -24.88 -104.47 -71.70
N ALA WD 28 -25.32 -105.69 -71.40
CA ALA WD 28 -26.43 -105.87 -70.47
C ALA WD 28 -26.09 -105.33 -69.09
N VAL WD 29 -24.86 -105.57 -68.62
CA VAL WD 29 -24.47 -105.14 -67.29
C VAL WD 29 -24.44 -103.62 -67.21
N VAL WD 30 -23.99 -102.97 -68.28
CA VAL WD 30 -23.83 -101.51 -68.24
C VAL WD 30 -25.16 -100.84 -67.98
N LEU WD 31 -26.21 -101.30 -68.66
CA LEU WD 31 -27.53 -100.70 -68.52
C LEU WD 31 -27.98 -100.71 -67.06
N LYS WD 32 -27.55 -101.70 -66.28
CA LYS WD 32 -27.97 -101.78 -64.89
C LYS WD 32 -27.50 -100.57 -64.10
N HIS WD 33 -26.24 -100.14 -64.32
CA HIS WD 33 -25.75 -98.97 -63.61
C HIS WD 33 -26.43 -97.70 -64.09
N VAL WD 34 -26.89 -97.68 -65.34
CA VAL WD 34 -27.55 -96.48 -65.87
C VAL WD 34 -28.80 -96.18 -65.07
N LYS WD 35 -29.61 -97.20 -64.78
CA LYS WD 35 -30.84 -96.98 -64.04
C LYS WD 35 -30.55 -96.45 -62.65
N LEU WD 36 -29.55 -97.03 -61.97
CA LEU WD 36 -29.21 -96.58 -60.63
C LEU WD 36 -28.68 -95.15 -60.66
N ILE WD 37 -27.73 -94.87 -61.54
CA ILE WD 37 -27.12 -93.55 -61.58
C ILE WD 37 -28.14 -92.50 -61.98
N LEU WD 38 -28.94 -92.80 -63.02
CA LEU WD 38 -29.99 -91.87 -63.43
C LEU WD 38 -31.02 -91.67 -62.33
N THR WD 39 -31.57 -92.78 -61.82
CA THR WD 39 -32.66 -92.68 -60.87
C THR WD 39 -32.18 -92.19 -59.51
N SER WD 40 -31.06 -92.74 -59.03
CA SER WD 40 -30.51 -92.36 -57.73
C SER WD 40 -29.67 -91.08 -57.89
N GLN WD 41 -30.35 -90.02 -58.30
CA GLN WD 41 -29.71 -88.73 -58.49
C GLN WD 41 -30.69 -87.63 -58.15
N LYS WD 42 -30.14 -86.50 -57.70
CA LYS WD 42 -30.93 -85.33 -57.33
C LYS WD 42 -30.35 -84.11 -58.03
N GLU WD 43 -31.22 -83.13 -58.32
CA GLU WD 43 -30.82 -81.91 -59.01
C GLU WD 43 -30.22 -82.25 -60.38
N HIS WD 44 -31.07 -82.81 -61.23
CA HIS WD 44 -30.67 -83.26 -62.55
C HIS WD 44 -29.71 -82.28 -63.21
N GLN WD 45 -28.65 -82.83 -63.79
CA GLN WD 45 -27.59 -82.07 -64.42
C GLN WD 45 -27.52 -82.38 -65.91
N PRO WD 46 -26.92 -81.49 -66.71
CA PRO WD 46 -26.94 -81.70 -68.18
C PRO WD 46 -26.35 -83.03 -68.61
N TRP WD 47 -25.29 -83.50 -67.95
CA TRP WD 47 -24.65 -84.74 -68.39
C TRP WD 47 -25.56 -85.94 -68.22
N MET WD 48 -26.56 -85.86 -67.34
CA MET WD 48 -27.49 -86.97 -67.18
C MET WD 48 -28.26 -87.23 -68.47
N THR WD 49 -28.67 -86.16 -69.15
CA THR WD 49 -29.42 -86.32 -70.39
C THR WD 49 -28.56 -87.03 -71.44
N GLU WD 50 -27.28 -86.67 -71.52
CA GLU WD 50 -26.41 -87.27 -72.52
C GLU WD 50 -26.31 -88.79 -72.30
N MET WD 51 -26.20 -89.21 -71.04
CA MET WD 51 -26.08 -90.63 -70.76
C MET WD 51 -27.28 -91.41 -71.25
N ALA WD 52 -28.49 -90.88 -70.99
CA ALA WD 52 -29.70 -91.59 -71.39
C ALA WD 52 -29.81 -91.72 -72.90
N LEU WD 53 -29.47 -90.65 -73.62
CA LEU WD 53 -29.61 -90.67 -75.08
C LEU WD 53 -28.76 -91.76 -75.70
N LYS WD 54 -27.51 -91.90 -75.25
CA LYS WD 54 -26.64 -92.94 -75.79
C LYS WD 54 -27.13 -94.33 -75.40
N ALA WD 55 -27.71 -94.46 -74.21
CA ALA WD 55 -28.13 -95.78 -73.74
C ALA WD 55 -29.17 -96.39 -74.66
N ASP WD 56 -30.17 -95.60 -75.07
CA ASP WD 56 -31.22 -96.13 -75.92
C ASP WD 56 -30.68 -96.59 -77.27
N GLN WD 57 -29.57 -95.99 -77.73
CA GLN WD 57 -29.01 -96.38 -79.01
C GLN WD 57 -28.56 -97.84 -78.98
N CYS WD 58 -27.92 -98.26 -77.90
CA CYS WD 58 -27.49 -99.65 -77.79
C CYS WD 58 -28.68 -100.59 -77.84
N LEU WD 59 -29.78 -100.23 -77.16
CA LEU WD 59 -30.98 -101.05 -77.20
C LEU WD 59 -31.54 -101.12 -78.61
N ILE WD 60 -31.53 -100.00 -79.34
CA ILE WD 60 -32.03 -99.99 -80.71
C ILE WD 60 -31.22 -100.95 -81.57
N HIS WD 61 -29.90 -100.86 -81.51
CA HIS WD 61 -29.05 -101.79 -82.24
C HIS WD 61 -29.23 -103.21 -81.72
N LYS WD 62 -29.34 -103.36 -80.41
CA LYS WD 62 -29.54 -104.69 -79.83
C LYS WD 62 -30.86 -105.30 -80.30
N ALA WD 63 -31.91 -104.49 -80.35
CA ALA WD 63 -33.20 -104.96 -80.83
C ALA WD 63 -33.23 -105.18 -82.33
N THR WD 64 -32.19 -104.77 -83.04
CA THR WD 64 -32.15 -104.91 -84.50
C THR WD 64 -31.61 -106.27 -84.93
N LEU WD 65 -30.78 -106.92 -84.10
CA LEU WD 65 -30.20 -108.20 -84.49
C LEU WD 65 -31.26 -109.28 -84.66
N ASP WD 66 -32.29 -109.27 -83.81
CA ASP WD 66 -33.33 -110.28 -83.92
C ASP WD 66 -33.99 -110.26 -85.29
N PRO WD 78 -21.87 -109.21 -94.11
CA PRO WD 78 -21.29 -108.03 -93.44
C PRO WD 78 -22.32 -107.11 -92.83
N LEU WD 79 -23.34 -106.72 -93.60
CA LEU WD 79 -24.28 -105.71 -93.12
C LEU WD 79 -25.00 -106.17 -91.87
N ILE WD 80 -25.45 -107.42 -91.84
CA ILE WD 80 -26.16 -107.94 -90.66
C ILE WD 80 -25.23 -107.93 -89.45
N GLU WD 81 -24.00 -108.41 -89.65
CA GLU WD 81 -23.04 -108.48 -88.55
C GLU WD 81 -22.30 -107.16 -88.32
N ALA WD 82 -22.37 -106.22 -89.24
CA ALA WD 82 -21.65 -104.96 -89.08
C ALA WD 82 -22.16 -104.17 -87.89
N MET WD 83 -23.48 -104.13 -87.69
CA MET WD 83 -24.03 -103.35 -86.59
C MET WD 83 -23.56 -103.87 -85.24
N GLN WD 84 -23.25 -105.17 -85.15
CA GLN WD 84 -22.80 -105.72 -83.88
C GLN WD 84 -21.50 -105.07 -83.42
N GLN WD 85 -20.67 -104.63 -84.35
CA GLN WD 85 -19.41 -103.99 -83.98
C GLN WD 85 -19.66 -102.71 -83.21
N ILE WD 86 -20.64 -101.92 -83.62
CA ILE WD 86 -20.92 -100.65 -82.96
C ILE WD 86 -21.43 -100.88 -81.55
N ILE WD 87 -22.21 -101.95 -81.35
CA ILE WD 87 -22.78 -102.22 -80.03
C ILE WD 87 -21.68 -102.33 -78.99
N LEU WD 88 -20.65 -103.11 -79.28
CA LEU WD 88 -19.54 -103.24 -78.35
C LEU WD 88 -18.84 -101.90 -78.16
N ALA WD 89 -18.65 -101.15 -79.25
CA ALA WD 89 -17.98 -99.85 -79.14
C ALA WD 89 -18.81 -98.88 -78.31
N MET WD 90 -20.13 -98.88 -78.49
CA MET WD 90 -20.98 -97.94 -77.77
C MET WD 90 -20.82 -98.09 -76.26
N THR WD 91 -20.64 -99.33 -75.79
CA THR WD 91 -20.44 -99.55 -74.36
C THR WD 91 -19.18 -98.87 -73.87
N ARG WD 92 -18.10 -98.95 -74.66
CA ARG WD 92 -16.82 -98.39 -74.24
C ARG WD 92 -16.95 -96.90 -73.94
N GLU WD 93 -17.60 -96.16 -74.83
CA GLU WD 93 -17.84 -94.74 -74.56
C GLU WD 93 -18.84 -94.57 -73.42
N LEU WD 94 -19.87 -95.42 -73.39
CA LEU WD 94 -20.88 -95.31 -72.35
C LEU WD 94 -20.29 -95.59 -70.97
N TRP WD 95 -19.46 -96.63 -70.86
CA TRP WD 95 -18.88 -96.97 -69.58
C TRP WD 95 -17.97 -95.87 -69.05
N GLY WD 96 -17.42 -95.06 -69.95
CA GLY WD 96 -16.54 -93.98 -69.51
C GLY WD 96 -17.25 -92.98 -68.62
N GLN WD 97 -18.50 -92.65 -68.95
CA GLN WD 97 -19.25 -91.70 -68.14
C GLN WD 97 -19.64 -92.30 -66.80
N ILE WD 98 -19.85 -93.62 -66.75
CA ILE WD 98 -20.22 -94.26 -65.49
C ILE WD 98 -19.11 -94.06 -64.46
N GLN WD 99 -17.87 -94.30 -64.86
CA GLN WD 99 -16.76 -94.16 -63.91
C GLN WD 99 -16.56 -92.72 -63.50
N ARG WD 100 -16.85 -91.76 -64.38
CA ARG WD 100 -16.74 -90.36 -64.01
C ARG WD 100 -17.69 -90.03 -62.88
N HIS WD 101 -18.94 -90.52 -62.95
CA HIS WD 101 -19.89 -90.27 -61.89
C HIS WD 101 -19.48 -90.97 -60.60
N HIS WD 102 -19.09 -92.23 -60.70
CA HIS WD 102 -18.71 -93.00 -59.51
C HIS WD 102 -17.39 -92.50 -58.93
N TYR WD 103 -16.31 -92.61 -59.71
CA TYR WD 103 -14.99 -92.25 -59.22
C TYR WD 103 -14.75 -90.75 -59.33
N GLY WD 104 -14.78 -90.22 -60.54
CA GLY WD 104 -14.46 -88.83 -60.81
C GLY WD 104 -13.58 -88.76 -62.04
N ILE WD 105 -13.68 -87.63 -62.76
CA ILE WD 105 -12.94 -87.50 -64.01
C ILE WD 105 -11.44 -87.56 -63.76
N VAL WD 106 -10.96 -86.86 -62.74
CA VAL WD 106 -9.53 -86.78 -62.49
C VAL WD 106 -8.98 -88.16 -62.16
N GLN WD 107 -9.67 -88.89 -61.28
CA GLN WD 107 -9.17 -90.20 -60.86
C GLN WD 107 -9.14 -91.18 -62.01
N VAL WD 108 -10.13 -91.09 -62.91
CA VAL WD 108 -10.20 -92.04 -64.01
C VAL WD 108 -8.96 -91.94 -64.90
N GLU WD 109 -8.54 -90.71 -65.19
CA GLU WD 109 -7.37 -90.52 -66.05
C GLU WD 109 -6.18 -91.31 -65.53
N HIS WD 110 -5.91 -91.22 -64.23
CA HIS WD 110 -4.79 -91.97 -63.65
C HIS WD 110 -5.04 -93.46 -63.77
N TYR WD 111 -6.26 -93.92 -63.51
CA TYR WD 111 -6.55 -95.34 -63.53
C TYR WD 111 -6.31 -95.94 -64.91
N VAL WD 112 -6.74 -95.24 -65.97
CA VAL WD 112 -6.61 -95.79 -67.31
C VAL WD 112 -5.14 -95.98 -67.67
N LYS WD 113 -4.33 -94.96 -67.42
CA LYS WD 113 -2.91 -95.06 -67.74
C LYS WD 113 -2.25 -96.17 -66.95
N GLN WD 114 -2.59 -96.30 -65.67
CA GLN WD 114 -2.08 -97.41 -64.87
C GLN WD 114 -2.49 -98.75 -65.47
N ILE WD 115 -3.74 -98.86 -65.92
CA ILE WD 115 -4.19 -100.07 -66.59
C ILE WD 115 -3.43 -100.26 -67.89
N THR WD 116 -3.25 -99.18 -68.65
CA THR WD 116 -2.58 -99.29 -69.94
C THR WD 116 -1.15 -99.79 -69.76
N LEU WD 117 -0.40 -99.16 -68.86
CA LEU WD 117 0.96 -99.63 -68.58
C LEU WD 117 0.94 -101.06 -68.05
N TRP WD 118 0.00 -101.36 -67.15
CA TRP WD 118 -0.11 -102.71 -66.64
C TRP WD 118 -0.38 -103.71 -67.76
N GLN WD 119 -1.28 -103.35 -68.69
CA GLN WD 119 -1.55 -104.22 -69.82
C GLN WD 119 -0.37 -104.25 -70.78
N ASP WD 120 0.35 -103.14 -70.92
CA ASP WD 120 1.47 -103.09 -71.85
C ASP WD 120 2.59 -104.02 -71.41
N THR WD 121 2.90 -104.04 -70.12
CA THR WD 121 3.99 -104.86 -69.64
C THR WD 121 3.69 -106.33 -69.88
N PRO WD 122 4.67 -107.14 -70.27
CA PRO WD 122 4.40 -108.57 -70.51
C PRO WD 122 3.90 -109.27 -69.25
N GLN WD 123 3.05 -110.26 -69.45
CA GLN WD 123 2.42 -110.96 -68.33
C GLN WD 123 3.44 -111.66 -67.44
N ALA WD 124 4.63 -111.94 -67.95
CA ALA WD 124 5.63 -112.63 -67.15
C ALA WD 124 6.01 -111.82 -65.91
N PHE WD 125 6.19 -110.51 -66.07
CA PHE WD 125 6.53 -109.61 -64.98
C PHE WD 125 5.54 -108.45 -64.90
N ARG WD 126 4.29 -108.69 -65.30
CA ARG WD 126 3.31 -107.62 -65.33
C ARG WD 126 3.02 -107.08 -63.94
N GLY WD 127 2.89 -107.97 -62.96
CA GLY WD 127 2.58 -107.55 -61.60
C GLY WD 127 1.09 -107.57 -61.32
N ASP WD 128 0.78 -107.22 -60.07
CA ASP WD 128 -0.61 -107.21 -59.64
C ASP WD 128 -1.39 -106.11 -60.35
N GLN WD 129 -2.61 -106.44 -60.75
CA GLN WD 129 -3.46 -105.47 -61.43
C GLN WD 129 -3.84 -104.35 -60.47
N PRO WD 130 -3.71 -103.09 -60.85
CA PRO WD 130 -4.07 -102.00 -59.93
C PRO WD 130 -5.56 -101.97 -59.67
N LYS WD 131 -5.91 -101.49 -58.48
CA LYS WD 131 -7.30 -101.41 -58.06
C LYS WD 131 -7.91 -100.08 -58.48
N PRO WD 132 -9.23 -100.01 -58.60
CA PRO WD 132 -9.88 -98.76 -58.98
C PRO WD 132 -9.61 -97.65 -57.98
N PRO WD 133 -9.77 -96.38 -58.36
CA PRO WD 133 -9.53 -95.29 -57.41
C PRO WD 133 -10.60 -95.20 -56.33
N SER WD 134 -10.50 -94.19 -55.48
CA SER WD 134 -11.48 -93.98 -54.43
C SER WD 134 -12.70 -93.25 -54.99
N PHE WD 135 -13.86 -93.55 -54.40
CA PHE WD 135 -15.10 -92.94 -54.85
C PHE WD 135 -15.11 -91.45 -54.57
N THR XD 3 -37.13 -96.05 -72.96
CA THR XD 3 -37.57 -95.87 -71.58
C THR XD 3 -36.61 -95.04 -70.75
N PHE XD 4 -35.30 -95.17 -70.96
CA PHE XD 4 -34.35 -94.42 -70.15
C PHE XD 4 -34.53 -92.92 -70.34
N ILE XD 5 -34.74 -92.47 -71.58
CA ILE XD 5 -34.92 -91.05 -71.84
C ILE XD 5 -36.19 -90.56 -71.14
N GLU XD 6 -37.22 -91.40 -71.09
CA GLU XD 6 -38.44 -91.03 -70.40
C GLU XD 6 -38.18 -90.76 -68.92
N LEU XD 7 -37.33 -91.59 -68.29
CA LEU XD 7 -37.01 -91.39 -66.88
C LEU XD 7 -36.36 -90.03 -66.65
N VAL XD 8 -35.46 -89.63 -67.55
CA VAL XD 8 -34.84 -88.31 -67.44
C VAL XD 8 -35.90 -87.21 -67.55
N LYS XD 9 -36.82 -87.35 -68.50
CA LYS XD 9 -37.87 -86.36 -68.68
C LYS XD 9 -38.79 -86.28 -67.47
N ASN XD 10 -38.74 -87.28 -66.59
CA ASN XD 10 -39.54 -87.28 -65.37
C ASN XD 10 -38.81 -86.64 -64.19
N MET XD 11 -37.60 -86.13 -64.40
CA MET XD 11 -36.81 -85.59 -63.31
C MET XD 11 -37.25 -84.16 -62.97
N LYS XD 12 -36.52 -83.55 -62.05
CA LYS XD 12 -36.76 -82.18 -61.63
C LYS XD 12 -35.62 -81.31 -62.14
N GLY XD 13 -35.96 -80.18 -62.76
CA GLY XD 13 -34.99 -79.30 -63.33
C GLY XD 13 -34.56 -79.65 -64.74
N TYR XD 14 -35.04 -80.76 -65.29
CA TYR XD 14 -34.69 -81.14 -66.65
C TYR XD 14 -35.22 -80.11 -67.64
N LYS XD 15 -34.41 -79.83 -68.67
CA LYS XD 15 -34.76 -78.84 -69.69
C LYS XD 15 -34.37 -79.37 -71.05
N GLU XD 16 -35.24 -79.15 -72.03
CA GLU XD 16 -34.97 -79.64 -73.38
C GLU XD 16 -33.81 -78.87 -74.00
N LEU XD 17 -32.99 -79.58 -74.78
CA LEU XD 17 -31.89 -78.98 -75.52
C LEU XD 17 -31.86 -79.38 -76.99
N LEU XD 18 -32.61 -80.40 -77.39
CA LEU XD 18 -32.63 -80.83 -78.77
C LEU XD 18 -33.68 -80.04 -79.54
N LEU XD 19 -33.88 -80.40 -80.81
CA LEU XD 19 -34.78 -79.70 -81.71
C LEU XD 19 -35.61 -80.72 -82.48
N PRO XD 20 -36.73 -80.29 -83.05
CA PRO XD 20 -37.54 -81.23 -83.83
C PRO XD 20 -36.75 -81.82 -84.98
N MET XD 21 -37.07 -83.08 -85.31
CA MET XD 21 -36.35 -83.78 -86.37
C MET XD 21 -36.36 -82.97 -87.67
N GLU XD 22 -37.46 -82.27 -87.93
CA GLU XD 22 -37.54 -81.48 -89.16
C GLU XD 22 -36.53 -80.36 -89.16
N MET XD 23 -36.35 -79.69 -88.02
CA MET XD 23 -35.42 -78.57 -87.90
C MET XD 23 -34.01 -79.09 -87.58
N VAL XD 24 -33.54 -79.99 -88.44
CA VAL XD 24 -32.21 -80.58 -88.30
C VAL XD 24 -31.55 -80.57 -89.67
N PRO XD 25 -30.34 -80.01 -89.82
CA PRO XD 25 -29.68 -80.02 -91.13
C PRO XD 25 -29.51 -81.44 -91.66
N LEU XD 26 -29.15 -81.51 -92.95
CA LEU XD 26 -28.93 -82.78 -93.60
C LEU XD 26 -27.63 -83.41 -93.10
N PRO XD 27 -27.47 -84.72 -93.26
CA PRO XD 27 -26.22 -85.36 -92.83
C PRO XD 27 -25.02 -84.92 -93.66
N ALA XD 28 -23.85 -85.45 -93.34
CA ALA XD 28 -22.63 -85.12 -94.07
C ALA XD 28 -22.28 -83.65 -93.92
N VAL XD 29 -23.11 -82.77 -94.48
CA VAL XD 29 -22.83 -81.34 -94.40
C VAL XD 29 -22.83 -80.87 -92.95
N VAL XD 30 -23.74 -81.40 -92.14
CA VAL XD 30 -23.80 -81.01 -90.73
C VAL XD 30 -22.51 -81.37 -90.03
N LEU XD 31 -21.83 -82.43 -90.48
CA LEU XD 31 -20.56 -82.83 -89.87
C LEU XD 31 -19.47 -81.77 -90.06
N LYS XD 32 -19.66 -80.83 -90.99
CA LYS XD 32 -18.63 -79.83 -91.25
C LYS XD 32 -18.40 -78.95 -90.03
N HIS XD 33 -19.47 -78.59 -89.33
CA HIS XD 33 -19.32 -77.79 -88.12
C HIS XD 33 -18.42 -78.49 -87.09
N VAL XD 34 -18.34 -79.81 -87.16
CA VAL XD 34 -17.47 -80.55 -86.25
C VAL XD 34 -16.02 -80.11 -86.43
N LYS XD 35 -15.57 -80.04 -87.69
CA LYS XD 35 -14.20 -79.65 -87.97
C LYS XD 35 -13.94 -78.22 -87.51
N LEU XD 36 -14.90 -77.33 -87.75
CA LEU XD 36 -14.71 -75.92 -87.41
C LEU XD 36 -14.66 -75.68 -85.91
N ILE XD 37 -15.02 -76.68 -85.10
CA ILE XD 37 -15.04 -76.52 -83.65
C ILE XD 37 -13.93 -77.36 -83.02
N LEU XD 38 -13.54 -78.43 -83.72
CA LEU XD 38 -12.44 -79.27 -83.26
C LEU XD 38 -11.10 -78.74 -83.75
N THR XD 39 -10.96 -78.56 -85.07
CA THR XD 39 -9.70 -78.09 -85.63
C THR XD 39 -9.36 -76.69 -85.11
N SER XD 40 -10.36 -75.81 -85.05
CA SER XD 40 -10.16 -74.45 -84.54
C SER XD 40 -10.37 -74.41 -83.03
N GLN XD 41 -9.60 -75.23 -82.33
CA GLN XD 41 -9.73 -75.34 -80.88
C GLN XD 41 -8.40 -75.81 -80.29
N LYS XD 42 -8.29 -75.62 -78.98
CA LYS XD 42 -7.11 -76.04 -78.23
C LYS XD 42 -7.54 -76.26 -76.78
N GLU XD 43 -6.64 -76.83 -75.99
CA GLU XD 43 -6.91 -77.15 -74.59
C GLU XD 43 -8.09 -78.14 -74.50
N HIS XD 44 -7.82 -79.32 -75.04
CA HIS XD 44 -8.80 -80.41 -75.10
C HIS XD 44 -9.58 -80.51 -73.79
N GLN XD 45 -10.90 -80.41 -73.91
CA GLN XD 45 -11.81 -80.50 -72.78
C GLN XD 45 -12.63 -81.77 -72.85
N PRO XD 46 -13.18 -82.23 -71.72
CA PRO XD 46 -13.89 -83.52 -71.74
C PRO XD 46 -15.03 -83.58 -72.73
N TRP XD 47 -15.78 -82.49 -72.90
CA TRP XD 47 -16.93 -82.51 -73.80
C TRP XD 47 -16.49 -82.64 -75.25
N MET XD 48 -15.28 -82.21 -75.58
CA MET XD 48 -14.82 -82.32 -76.96
C MET XD 48 -14.73 -83.77 -77.39
N THR XD 49 -14.25 -84.65 -76.51
CA THR XD 49 -14.17 -86.06 -76.85
C THR XD 49 -15.56 -86.65 -77.08
N GLU XD 50 -16.55 -86.23 -76.28
CA GLU XD 50 -17.90 -86.73 -76.47
C GLU XD 50 -18.41 -86.41 -77.86
N MET XD 51 -18.20 -85.18 -78.32
CA MET XD 51 -18.62 -84.81 -79.66
C MET XD 51 -17.89 -85.63 -80.71
N ALA XD 52 -16.58 -85.83 -80.53
CA ALA XD 52 -15.80 -86.57 -81.52
C ALA XD 52 -16.27 -88.02 -81.62
N LEU XD 53 -16.54 -88.65 -80.48
CA LEU XD 53 -16.96 -90.04 -80.48
C LEU XD 53 -18.39 -90.24 -80.93
N LYS XD 54 -19.15 -89.16 -81.06
CA LYS XD 54 -20.53 -89.23 -81.57
C LYS XD 54 -20.62 -88.92 -83.06
N ALA XD 55 -19.92 -87.89 -83.52
CA ALA XD 55 -19.96 -87.53 -84.93
C ALA XD 55 -19.39 -88.63 -85.80
N ASP XD 56 -18.28 -89.23 -85.37
CA ASP XD 56 -17.64 -90.28 -86.15
C ASP XD 56 -18.56 -91.48 -86.34
N GLN XD 57 -19.56 -91.67 -85.47
CA GLN XD 57 -20.45 -92.80 -85.60
C GLN XD 57 -21.27 -92.72 -86.88
N CYS XD 58 -21.69 -91.50 -87.27
CA CYS XD 58 -22.47 -91.35 -88.49
C CYS XD 58 -21.71 -91.87 -89.69
N LEU XD 59 -20.41 -91.59 -89.77
CA LEU XD 59 -19.61 -92.11 -90.87
C LEU XD 59 -19.60 -93.63 -90.86
N ILE XD 60 -19.50 -94.24 -89.68
CA ILE XD 60 -19.50 -95.69 -89.58
C ILE XD 60 -20.81 -96.25 -90.12
N HIS XD 61 -21.94 -95.68 -89.66
CA HIS XD 61 -23.23 -96.09 -90.21
C HIS XD 61 -23.33 -95.73 -91.68
N LYS XD 62 -22.84 -94.55 -92.06
CA LYS XD 62 -22.87 -94.14 -93.47
C LYS XD 62 -21.99 -95.06 -94.31
N ALA XD 63 -20.86 -95.49 -93.77
CA ALA XD 63 -19.95 -96.36 -94.52
C ALA XD 63 -20.61 -97.67 -94.90
N THR XD 64 -21.61 -98.12 -94.15
CA THR XD 64 -22.29 -99.37 -94.47
C THR XD 64 -23.11 -99.27 -95.76
N LEU XD 65 -23.41 -98.05 -96.21
CA LEU XD 65 -24.19 -97.89 -97.44
C LEU XD 65 -23.49 -98.54 -98.62
N ASP XD 66 -22.15 -98.56 -98.63
CA ASP XD 66 -21.42 -99.24 -99.69
C ASP XD 66 -21.76 -100.73 -99.72
N PRO XD 78 -35.62 -104.34 -93.20
CA PRO XD 78 -35.64 -103.61 -91.92
C PRO XD 78 -34.26 -103.25 -91.42
N LEU XD 79 -33.27 -104.11 -91.65
CA LEU XD 79 -31.91 -103.81 -91.22
C LEU XD 79 -31.36 -102.58 -91.93
N ILE XD 80 -31.59 -102.49 -93.24
CA ILE XD 80 -31.11 -101.34 -93.99
C ILE XD 80 -31.91 -100.10 -93.62
N GLU XD 81 -33.23 -100.23 -93.52
CA GLU XD 81 -34.06 -99.08 -93.17
C GLU XD 81 -33.75 -98.58 -91.76
N ALA XD 82 -33.55 -99.50 -90.82
CA ALA XD 82 -33.36 -99.11 -89.42
C ALA XD 82 -32.14 -98.23 -89.26
N MET XD 83 -31.03 -98.57 -89.93
CA MET XD 83 -29.81 -97.79 -89.78
C MET XD 83 -30.01 -96.35 -90.24
N GLN XD 84 -30.74 -96.15 -91.35
CA GLN XD 84 -30.96 -94.80 -91.85
C GLN XD 84 -31.72 -93.96 -90.82
N GLN XD 85 -32.70 -94.56 -90.15
CA GLN XD 85 -33.47 -93.82 -89.15
C GLN XD 85 -32.57 -93.37 -88.00
N ILE XD 86 -31.63 -94.22 -87.58
CA ILE XD 86 -30.79 -93.90 -86.44
C ILE XD 86 -29.94 -92.66 -86.72
N ILE XD 87 -29.50 -92.49 -87.97
CA ILE XD 87 -28.63 -91.36 -88.29
C ILE XD 87 -29.32 -90.05 -87.95
N LEU XD 88 -30.62 -89.96 -88.22
CA LEU XD 88 -31.35 -88.73 -87.89
C LEU XD 88 -31.31 -88.45 -86.40
N ALA XD 89 -31.49 -89.49 -85.58
CA ALA XD 89 -31.48 -89.30 -84.14
C ALA XD 89 -30.13 -88.80 -83.66
N MET XD 90 -29.04 -89.40 -84.14
CA MET XD 90 -27.72 -88.96 -83.74
C MET XD 90 -27.44 -87.55 -84.25
N THR XD 91 -27.90 -87.22 -85.46
CA THR XD 91 -27.68 -85.89 -86.00
C THR XD 91 -28.35 -84.84 -85.12
N ARG XD 92 -29.53 -85.15 -84.60
CA ARG XD 92 -30.21 -84.21 -83.71
C ARG XD 92 -29.38 -83.92 -82.47
N GLU XD 93 -28.76 -84.95 -81.91
CA GLU XD 93 -27.93 -84.76 -80.71
C GLU XD 93 -26.73 -83.89 -81.04
N LEU XD 94 -26.13 -84.07 -82.22
CA LEU XD 94 -24.95 -83.31 -82.58
C LEU XD 94 -25.25 -81.81 -82.59
N TRP XD 95 -26.39 -81.42 -83.15
CA TRP XD 95 -26.70 -80.00 -83.25
C TRP XD 95 -26.85 -79.36 -81.89
N GLY XD 96 -27.49 -80.07 -80.95
CA GLY XD 96 -27.65 -79.52 -79.61
C GLY XD 96 -26.32 -79.21 -78.94
N GLN XD 97 -25.34 -80.10 -79.10
CA GLN XD 97 -24.02 -79.85 -78.54
C GLN XD 97 -23.38 -78.63 -79.18
N ILE XD 98 -23.55 -78.47 -80.50
CA ILE XD 98 -22.96 -77.32 -81.19
C ILE XD 98 -23.54 -76.03 -80.64
N GLN XD 99 -24.86 -75.96 -80.50
CA GLN XD 99 -25.49 -74.79 -79.91
C GLN XD 99 -25.11 -74.63 -78.45
N ARG XD 100 -24.91 -75.74 -77.74
CA ARG XD 100 -24.44 -75.67 -76.35
C ARG XD 100 -23.07 -75.01 -76.25
N HIS XD 101 -22.33 -74.96 -77.36
CA HIS XD 101 -21.02 -74.32 -77.38
C HIS XD 101 -21.05 -72.94 -78.00
N HIS XD 102 -21.74 -72.77 -79.14
CA HIS XD 102 -21.77 -71.49 -79.82
C HIS XD 102 -22.55 -70.46 -79.03
N TYR XD 103 -23.84 -70.72 -78.79
CA TYR XD 103 -24.71 -69.79 -78.09
C TYR XD 103 -24.81 -70.14 -76.60
N GLY XD 104 -23.68 -70.29 -75.95
CA GLY XD 104 -23.70 -70.59 -74.54
C GLY XD 104 -24.36 -71.94 -74.29
N ILE XD 105 -24.70 -72.15 -73.02
CA ILE XD 105 -25.39 -73.36 -72.60
C ILE XD 105 -26.68 -72.99 -71.88
N VAL XD 106 -26.71 -71.79 -71.32
CA VAL XD 106 -27.91 -71.32 -70.61
C VAL XD 106 -28.89 -70.69 -71.59
N GLN XD 107 -28.40 -69.82 -72.47
CA GLN XD 107 -29.27 -69.17 -73.45
C GLN XD 107 -29.86 -70.16 -74.44
N VAL XD 108 -29.26 -71.34 -74.59
CA VAL XD 108 -29.79 -72.33 -75.53
C VAL XD 108 -31.18 -72.78 -75.10
N GLU XD 109 -31.36 -73.03 -73.80
CA GLU XD 109 -32.65 -73.50 -73.31
C GLU XD 109 -33.75 -72.50 -73.63
N HIS XD 110 -33.46 -71.21 -73.45
CA HIS XD 110 -34.46 -70.18 -73.74
C HIS XD 110 -34.87 -70.22 -75.20
N TYR XD 111 -33.90 -70.38 -76.11
CA TYR XD 111 -34.22 -70.42 -77.53
C TYR XD 111 -35.11 -71.60 -77.87
N VAL XD 112 -34.73 -72.80 -77.41
CA VAL XD 112 -35.53 -73.97 -77.71
C VAL XD 112 -36.90 -73.88 -77.06
N LYS XD 113 -36.98 -73.26 -75.88
CA LYS XD 113 -38.27 -73.05 -75.24
C LYS XD 113 -39.20 -72.27 -76.15
N GLN XD 114 -38.70 -71.21 -76.78
CA GLN XD 114 -39.53 -70.43 -77.69
C GLN XD 114 -39.82 -71.21 -78.97
N ILE XD 115 -38.87 -72.01 -79.44
CA ILE XD 115 -39.08 -72.79 -80.66
C ILE XD 115 -40.28 -73.71 -80.49
N THR XD 116 -40.37 -74.38 -79.34
CA THR XD 116 -41.48 -75.31 -79.11
C THR XD 116 -42.82 -74.57 -79.18
N LEU XD 117 -42.91 -73.41 -78.52
CA LEU XD 117 -44.14 -72.64 -78.56
C LEU XD 117 -44.44 -72.13 -79.96
N TRP XD 118 -43.42 -71.65 -80.67
CA TRP XD 118 -43.62 -71.06 -81.99
C TRP XD 118 -44.07 -72.07 -83.02
N GLN XD 119 -43.81 -73.37 -82.80
CA GLN XD 119 -44.19 -74.41 -83.74
C GLN XD 119 -45.44 -75.16 -83.32
N ASP XD 120 -45.62 -75.40 -82.01
CA ASP XD 120 -46.77 -76.16 -81.55
C ASP XD 120 -48.08 -75.43 -81.85
N THR XD 121 -48.09 -74.11 -81.69
CA THR XD 121 -49.29 -73.34 -81.98
C THR XD 121 -49.60 -73.42 -83.47
N PRO XD 122 -50.87 -73.29 -83.84
CA PRO XD 122 -51.23 -73.37 -85.27
C PRO XD 122 -50.56 -72.26 -86.07
N GLN XD 123 -50.30 -72.57 -87.34
CA GLN XD 123 -49.58 -71.63 -88.20
C GLN XD 123 -50.29 -70.29 -88.32
N ALA XD 124 -51.59 -70.24 -88.06
CA ALA XD 124 -52.34 -68.99 -88.15
C ALA XD 124 -52.06 -68.05 -87.00
N PHE XD 125 -51.35 -68.49 -85.96
CA PHE XD 125 -51.07 -67.68 -84.79
C PHE XD 125 -49.59 -67.52 -84.49
N ARG XD 126 -48.71 -68.24 -85.17
CA ARG XD 126 -47.29 -68.20 -84.84
C ARG XD 126 -46.74 -66.78 -84.93
N GLY XD 127 -46.75 -66.22 -86.15
CA GLY XD 127 -46.20 -64.90 -86.37
C GLY XD 127 -44.88 -64.94 -87.09
N ASP XD 128 -43.79 -64.66 -86.38
CA ASP XD 128 -42.46 -64.65 -86.95
C ASP XD 128 -41.55 -65.55 -86.13
N GLN XD 129 -40.63 -66.23 -86.81
CA GLN XD 129 -39.71 -67.11 -86.12
C GLN XD 129 -38.82 -66.31 -85.18
N PRO XD 130 -38.60 -66.76 -83.95
CA PRO XD 130 -37.71 -66.04 -83.04
C PRO XD 130 -36.25 -66.34 -83.37
N LYS XD 131 -35.51 -65.30 -83.72
CA LYS XD 131 -34.11 -65.48 -84.11
C LYS XD 131 -33.31 -66.00 -82.92
N PRO XD 132 -32.44 -66.99 -83.13
CA PRO XD 132 -31.63 -67.49 -82.01
C PRO XD 132 -30.64 -66.43 -81.56
N PRO XD 133 -30.22 -66.46 -80.29
CA PRO XD 133 -29.25 -65.48 -79.82
C PRO XD 133 -27.91 -65.64 -80.52
N SER XD 134 -27.20 -64.53 -80.67
CA SER XD 134 -25.91 -64.54 -81.35
C SER XD 134 -24.84 -65.16 -80.44
N PHE XD 135 -23.60 -65.14 -80.91
CA PHE XD 135 -22.48 -65.73 -80.19
C PHE XD 135 -22.12 -64.81 -79.03
N THR YD 3 -74.22 -73.35 -64.75
CA THR YD 3 -74.82 -72.27 -63.98
C THR YD 3 -73.82 -71.64 -63.02
N PHE YD 4 -72.79 -72.38 -62.60
CA PHE YD 4 -71.78 -71.81 -61.73
C PHE YD 4 -71.08 -70.64 -62.40
N ILE YD 5 -70.78 -70.76 -63.69
CA ILE YD 5 -70.13 -69.67 -64.41
C ILE YD 5 -70.99 -68.42 -64.33
N GLU YD 6 -72.31 -68.59 -64.45
CA GLU YD 6 -73.21 -67.46 -64.29
C GLU YD 6 -73.07 -66.85 -62.90
N LEU YD 7 -72.95 -67.70 -61.87
CA LEU YD 7 -72.79 -67.19 -60.51
C LEU YD 7 -71.52 -66.38 -60.36
N VAL YD 8 -70.53 -66.65 -61.22
CA VAL YD 8 -69.28 -65.89 -61.19
C VAL YD 8 -69.22 -64.86 -62.31
N LYS YD 9 -70.01 -65.01 -63.38
CA LYS YD 9 -69.98 -64.04 -64.47
C LYS YD 9 -70.28 -62.64 -63.98
N ASN YD 10 -71.05 -62.51 -62.89
CA ASN YD 10 -71.34 -61.20 -62.31
C ASN YD 10 -70.23 -60.69 -61.40
N MET YD 11 -69.28 -61.55 -61.01
CA MET YD 11 -68.20 -61.11 -60.15
C MET YD 11 -67.33 -60.08 -60.85
N LYS YD 12 -66.77 -59.17 -60.06
CA LYS YD 12 -65.94 -58.11 -60.63
C LYS YD 12 -64.69 -58.68 -61.29
N GLY YD 13 -64.04 -59.66 -60.65
CA GLY YD 13 -62.80 -60.19 -61.15
C GLY YD 13 -62.96 -61.36 -62.09
N TYR YD 14 -64.19 -61.66 -62.48
CA TYR YD 14 -64.45 -62.77 -63.40
C TYR YD 14 -63.82 -62.47 -64.76
N LYS YD 15 -63.26 -63.52 -65.37
CA LYS YD 15 -62.58 -63.39 -66.65
C LYS YD 15 -62.93 -64.58 -67.53
N GLU YD 16 -62.86 -64.36 -68.84
CA GLU YD 16 -63.10 -65.42 -69.83
C GLU YD 16 -61.79 -66.15 -70.07
N LEU YD 17 -61.43 -67.02 -69.14
CA LEU YD 17 -60.19 -67.79 -69.25
C LEU YD 17 -60.25 -68.78 -70.40
N LEU YD 18 -61.44 -69.12 -70.89
CA LEU YD 18 -61.58 -70.09 -71.97
C LEU YD 18 -61.18 -69.43 -73.27
N LEU YD 19 -59.95 -69.72 -73.73
CA LEU YD 19 -59.44 -69.10 -74.94
C LEU YD 19 -60.11 -69.72 -76.16
N PRO YD 20 -60.01 -69.06 -77.32
CA PRO YD 20 -60.66 -69.59 -78.52
C PRO YD 20 -60.18 -71.00 -78.85
N MET YD 21 -61.10 -71.81 -79.35
CA MET YD 21 -60.77 -73.19 -79.70
C MET YD 21 -59.68 -73.24 -80.76
N GLU YD 22 -59.79 -72.40 -81.78
CA GLU YD 22 -58.77 -72.38 -82.82
C GLU YD 22 -57.40 -72.01 -82.27
N MET YD 23 -57.37 -71.19 -81.21
CA MET YD 23 -56.11 -70.72 -80.66
C MET YD 23 -55.27 -71.88 -80.12
N VAL YD 24 -55.90 -72.81 -79.40
CA VAL YD 24 -55.18 -73.89 -78.73
C VAL YD 24 -54.84 -74.98 -79.73
N PRO YD 25 -53.78 -75.75 -79.50
CA PRO YD 25 -53.46 -76.88 -80.40
C PRO YD 25 -54.24 -78.13 -80.07
N LEU YD 26 -53.92 -79.23 -80.73
CA LEU YD 26 -54.59 -80.49 -80.48
C LEU YD 26 -54.26 -81.00 -79.08
N PRO YD 27 -55.11 -81.87 -78.51
CA PRO YD 27 -54.88 -82.32 -77.14
C PRO YD 27 -53.52 -82.97 -76.92
N ALA YD 28 -53.03 -83.72 -77.90
CA ALA YD 28 -51.78 -84.46 -77.70
C ALA YD 28 -50.62 -83.51 -77.47
N VAL YD 29 -50.56 -82.42 -78.22
CA VAL YD 29 -49.43 -81.49 -78.09
C VAL YD 29 -49.45 -80.81 -76.74
N VAL YD 30 -50.64 -80.49 -76.22
CA VAL YD 30 -50.73 -79.78 -74.95
C VAL YD 30 -50.11 -80.61 -73.84
N LEU YD 31 -50.39 -81.92 -73.84
CA LEU YD 31 -49.84 -82.79 -72.80
C LEU YD 31 -48.33 -82.70 -72.76
N LYS YD 32 -47.69 -82.46 -73.90
CA LYS YD 32 -46.23 -82.34 -73.93
C LYS YD 32 -45.77 -81.18 -73.06
N HIS YD 33 -46.45 -80.03 -73.15
CA HIS YD 33 -46.03 -78.87 -72.38
C HIS YD 33 -46.28 -79.05 -70.90
N VAL YD 34 -47.27 -79.87 -70.53
CA VAL YD 34 -47.54 -80.10 -69.11
C VAL YD 34 -46.35 -80.75 -68.44
N LYS YD 35 -45.77 -81.75 -69.08
CA LYS YD 35 -44.56 -82.37 -68.54
C LYS YD 35 -43.42 -81.37 -68.48
N LEU YD 36 -43.25 -80.57 -69.54
CA LEU YD 36 -42.15 -79.62 -69.58
C LEU YD 36 -42.30 -78.53 -68.53
N ILE YD 37 -43.52 -77.99 -68.37
CA ILE YD 37 -43.72 -76.92 -67.41
C ILE YD 37 -43.62 -77.46 -65.98
N LEU YD 38 -44.23 -78.61 -65.72
CA LEU YD 38 -44.14 -79.21 -64.39
C LEU YD 38 -42.70 -79.57 -64.07
N THR YD 39 -41.99 -80.17 -65.03
CA THR YD 39 -40.60 -80.55 -64.80
C THR YD 39 -39.73 -79.32 -64.55
N SER YD 40 -39.90 -78.27 -65.35
CA SER YD 40 -39.08 -77.08 -65.17
C SER YD 40 -39.34 -76.42 -63.83
N GLN YD 41 -40.60 -76.32 -63.42
CA GLN YD 41 -40.93 -75.67 -62.17
C GLN YD 41 -40.42 -76.48 -60.99
N LYS YD 42 -39.95 -75.78 -59.96
CA LYS YD 42 -39.36 -76.43 -58.79
C LYS YD 42 -40.17 -76.20 -57.52
N GLU YD 43 -40.51 -74.96 -57.19
CA GLU YD 43 -41.25 -74.70 -55.97
C GLU YD 43 -42.61 -75.37 -56.01
N HIS YD 44 -43.01 -75.95 -54.89
CA HIS YD 44 -44.27 -76.68 -54.81
C HIS YD 44 -45.39 -75.74 -54.38
N GLN YD 45 -46.40 -75.62 -55.21
CA GLN YD 45 -47.61 -74.86 -54.91
C GLN YD 45 -48.82 -75.71 -55.29
N PRO YD 46 -49.98 -75.40 -54.72
CA PRO YD 46 -51.17 -76.23 -54.99
C PRO YD 46 -51.57 -76.26 -56.46
N TRP YD 47 -51.24 -75.23 -57.24
CA TRP YD 47 -51.70 -75.20 -58.63
C TRP YD 47 -51.10 -76.34 -59.43
N MET YD 48 -49.81 -76.61 -59.27
CA MET YD 48 -49.18 -77.70 -60.01
C MET YD 48 -49.77 -79.04 -59.58
N THR YD 49 -50.04 -79.21 -58.29
CA THR YD 49 -50.66 -80.44 -57.81
C THR YD 49 -52.04 -80.63 -58.45
N GLU YD 50 -52.84 -79.55 -58.50
CA GLU YD 50 -54.13 -79.62 -59.14
C GLU YD 50 -54.02 -79.60 -60.67
N MET YD 51 -52.98 -78.96 -61.20
CA MET YD 51 -52.80 -78.91 -62.64
C MET YD 51 -52.61 -80.30 -63.22
N ALA YD 52 -51.81 -81.14 -62.56
CA ALA YD 52 -51.60 -82.50 -63.04
C ALA YD 52 -52.90 -83.29 -63.04
N LEU YD 53 -53.70 -83.15 -61.98
CA LEU YD 53 -54.94 -83.89 -61.89
C LEU YD 53 -55.89 -83.53 -63.02
N LYS YD 54 -55.99 -82.23 -63.33
CA LYS YD 54 -56.88 -81.80 -64.40
C LYS YD 54 -56.47 -82.39 -65.74
N ALA YD 55 -55.16 -82.44 -66.01
CA ALA YD 55 -54.69 -83.01 -67.27
C ALA YD 55 -54.80 -84.52 -67.29
N ASP YD 56 -54.76 -85.16 -66.12
CA ASP YD 56 -54.80 -86.62 -66.07
C ASP YD 56 -56.09 -87.15 -66.66
N GLN YD 57 -57.22 -86.49 -66.39
CA GLN YD 57 -58.50 -86.98 -66.86
C GLN YD 57 -58.51 -87.16 -68.38
N CYS YD 58 -57.84 -86.27 -69.10
CA CYS YD 58 -57.80 -86.38 -70.55
C CYS YD 58 -57.18 -87.69 -71.00
N LEU YD 59 -56.19 -88.19 -70.27
CA LEU YD 59 -55.55 -89.45 -70.65
C LEU YD 59 -56.53 -90.60 -70.60
N ILE YD 60 -57.39 -90.64 -69.58
CA ILE YD 60 -58.34 -91.74 -69.45
C ILE YD 60 -59.29 -91.75 -70.64
N HIS YD 61 -59.76 -90.57 -71.04
CA HIS YD 61 -60.68 -90.49 -72.18
C HIS YD 61 -60.01 -90.97 -73.45
N LYS YD 62 -58.70 -90.76 -73.59
CA LYS YD 62 -58.00 -91.25 -74.77
C LYS YD 62 -58.13 -92.75 -74.90
N ALA YD 63 -57.87 -93.49 -73.81
CA ALA YD 63 -58.00 -94.94 -73.84
C ALA YD 63 -59.45 -95.38 -73.78
N THR YD 64 -60.30 -94.63 -73.08
CA THR YD 64 -61.71 -95.01 -72.98
C THR YD 64 -62.35 -95.09 -74.36
N LEU YD 65 -62.15 -94.06 -75.18
CA LEU YD 65 -62.68 -94.07 -76.54
C LEU YD 65 -61.87 -95.00 -77.44
N PRO YD 78 -74.72 -89.84 -79.46
CA PRO YD 78 -74.63 -88.62 -78.63
C PRO YD 78 -73.63 -88.74 -77.50
N LEU YD 79 -73.50 -89.93 -76.90
CA LEU YD 79 -72.56 -90.11 -75.80
C LEU YD 79 -71.13 -89.95 -76.26
N ILE YD 80 -70.74 -90.65 -77.33
CA ILE YD 80 -69.37 -90.59 -77.81
C ILE YD 80 -69.05 -89.18 -78.30
N GLU YD 81 -69.97 -88.57 -79.05
CA GLU YD 81 -69.71 -87.24 -79.60
C GLU YD 81 -69.49 -86.22 -78.51
N ALA YD 82 -70.27 -86.30 -77.42
CA ALA YD 82 -70.11 -85.35 -76.33
C ALA YD 82 -68.72 -85.46 -75.70
N MET YD 83 -68.21 -86.68 -75.54
CA MET YD 83 -66.89 -86.86 -74.95
C MET YD 83 -65.82 -86.17 -75.78
N GLN YD 84 -65.94 -86.23 -77.10
CA GLN YD 84 -64.96 -85.57 -77.96
C GLN YD 84 -64.92 -84.07 -77.68
N GLN YD 85 -66.09 -83.45 -77.53
CA GLN YD 85 -66.13 -82.03 -77.19
C GLN YD 85 -65.63 -81.79 -75.77
N ILE YD 86 -65.89 -82.73 -74.86
CA ILE YD 86 -65.45 -82.56 -73.48
C ILE YD 86 -63.93 -82.50 -73.40
N ILE YD 87 -63.25 -83.36 -74.16
CA ILE YD 87 -61.78 -83.36 -74.15
C ILE YD 87 -61.26 -82.00 -74.59
N LEU YD 88 -61.83 -81.44 -75.66
CA LEU YD 88 -61.41 -80.13 -76.12
C LEU YD 88 -61.70 -79.05 -75.08
N ALA YD 89 -62.75 -79.24 -74.27
CA ALA YD 89 -63.07 -78.26 -73.25
C ALA YD 89 -61.94 -78.14 -72.23
N MET YD 90 -61.37 -79.28 -71.82
CA MET YD 90 -60.29 -79.25 -70.85
C MET YD 90 -59.01 -78.68 -71.45
N THR YD 91 -58.79 -78.92 -72.75
CA THR YD 91 -57.58 -78.42 -73.39
C THR YD 91 -57.51 -76.89 -73.33
N ARG YD 92 -58.63 -76.23 -73.57
CA ARG YD 92 -58.66 -74.77 -73.47
C ARG YD 92 -58.32 -74.32 -72.07
N GLU YD 93 -58.87 -74.99 -71.05
CA GLU YD 93 -58.58 -74.63 -69.67
C GLU YD 93 -57.11 -74.87 -69.35
N LEU YD 94 -56.55 -75.98 -69.82
CA LEU YD 94 -55.15 -76.28 -69.53
C LEU YD 94 -54.22 -75.26 -70.16
N TRP YD 95 -54.48 -74.89 -71.42
CA TRP YD 95 -53.59 -73.97 -72.10
C TRP YD 95 -53.56 -72.61 -71.42
N GLY YD 96 -54.66 -72.24 -70.74
CA GLY YD 96 -54.67 -70.97 -70.04
C GLY YD 96 -53.64 -70.91 -68.93
N GLN YD 97 -53.57 -71.96 -68.11
CA GLN YD 97 -52.58 -72.02 -67.05
C GLN YD 97 -51.18 -72.05 -67.63
N ILE YD 98 -50.99 -72.73 -68.76
CA ILE YD 98 -49.67 -72.79 -69.39
C ILE YD 98 -49.21 -71.38 -69.77
N GLN YD 99 -50.07 -70.63 -70.46
CA GLN YD 99 -49.69 -69.30 -70.90
C GLN YD 99 -49.57 -68.33 -69.74
N ARG YD 100 -50.50 -68.40 -68.77
CA ARG YD 100 -50.45 -67.50 -67.63
C ARG YD 100 -49.18 -67.74 -66.81
N HIS YD 101 -48.81 -69.01 -66.62
CA HIS YD 101 -47.61 -69.30 -65.84
C HIS YD 101 -46.35 -68.83 -66.55
N HIS YD 102 -46.26 -69.08 -67.86
CA HIS YD 102 -45.07 -68.68 -68.61
C HIS YD 102 -44.92 -67.18 -68.66
N TYR YD 103 -45.98 -66.48 -69.08
CA TYR YD 103 -45.95 -65.02 -69.22
C TYR YD 103 -46.52 -64.32 -68.00
N GLY YD 104 -47.78 -64.58 -67.69
CA GLY YD 104 -48.44 -63.93 -66.58
C GLY YD 104 -49.94 -63.90 -66.80
N ILE YD 105 -50.65 -63.71 -65.69
CA ILE YD 105 -52.11 -63.72 -65.73
C ILE YD 105 -52.63 -62.53 -66.54
N VAL YD 106 -52.07 -61.35 -66.29
CA VAL YD 106 -52.56 -60.15 -66.96
C VAL YD 106 -52.24 -60.19 -68.46
N GLN YD 107 -51.04 -60.67 -68.81
CA GLN YD 107 -50.62 -60.64 -70.21
C GLN YD 107 -51.55 -61.48 -71.08
N VAL YD 108 -51.92 -62.67 -70.61
CA VAL YD 108 -52.83 -63.52 -71.39
C VAL YD 108 -54.17 -62.82 -71.56
N GLU YD 109 -54.73 -62.28 -70.47
CA GLU YD 109 -55.97 -61.54 -70.58
C GLU YD 109 -55.82 -60.32 -71.48
N HIS YD 110 -54.63 -59.72 -71.48
CA HIS YD 110 -54.39 -58.54 -72.30
C HIS YD 110 -54.17 -58.91 -73.77
N TYR YD 111 -53.51 -60.03 -74.03
CA TYR YD 111 -53.13 -60.41 -75.38
C TYR YD 111 -54.20 -61.22 -76.12
N VAL YD 112 -55.03 -61.96 -75.39
CA VAL YD 112 -56.00 -62.82 -76.05
C VAL YD 112 -56.96 -62.00 -76.90
N LYS YD 113 -57.43 -60.87 -76.39
CA LYS YD 113 -58.41 -60.08 -77.11
C LYS YD 113 -57.81 -59.51 -78.40
N GLN YD 114 -56.52 -59.13 -78.36
CA GLN YD 114 -55.91 -58.48 -79.52
C GLN YD 114 -55.99 -59.38 -80.75
N ILE YD 115 -55.64 -60.65 -80.60
CA ILE YD 115 -55.63 -61.55 -81.75
C ILE YD 115 -57.04 -61.79 -82.25
N THR YD 116 -58.02 -61.85 -81.34
CA THR YD 116 -59.40 -62.05 -81.76
C THR YD 116 -59.87 -60.90 -82.63
N LEU YD 117 -59.51 -59.67 -82.28
CA LEU YD 117 -59.88 -58.52 -83.09
C LEU YD 117 -59.26 -58.61 -84.48
N TRP YD 118 -57.99 -59.01 -84.56
CA TRP YD 118 -57.32 -59.10 -85.85
C TRP YD 118 -58.03 -60.07 -86.78
N GLN YD 119 -58.73 -61.06 -86.22
CA GLN YD 119 -59.47 -62.01 -87.04
C GLN YD 119 -60.84 -61.44 -87.43
N ASP YD 120 -61.61 -60.95 -86.46
CA ASP YD 120 -62.94 -60.42 -86.72
C ASP YD 120 -62.80 -59.03 -87.33
N THR YD 121 -62.42 -59.01 -88.60
CA THR YD 121 -62.23 -57.78 -89.35
C THR YD 121 -62.32 -58.11 -90.83
N PRO YD 122 -62.76 -57.16 -91.68
CA PRO YD 122 -62.94 -57.49 -93.10
C PRO YD 122 -61.63 -57.74 -93.83
N GLN YD 123 -61.02 -58.89 -93.56
CA GLN YD 123 -59.84 -59.38 -94.26
C GLN YD 123 -58.85 -58.28 -94.63
N ALA YD 124 -59.23 -57.40 -95.56
CA ALA YD 124 -58.27 -56.45 -96.11
C ALA YD 124 -57.63 -55.60 -95.02
N PHE YD 125 -58.45 -54.97 -94.18
CA PHE YD 125 -57.94 -54.16 -93.08
C PHE YD 125 -57.86 -54.97 -91.79
N ARG YD 126 -57.24 -56.15 -91.88
CA ARG YD 126 -57.13 -57.00 -90.69
C ARG YD 126 -56.22 -56.39 -89.64
N GLY YD 127 -55.13 -55.77 -90.07
CA GLY YD 127 -54.19 -55.16 -89.15
C GLY YD 127 -52.75 -55.33 -89.60
N ASP YD 128 -51.88 -55.75 -88.69
CA ASP YD 128 -50.48 -55.95 -89.00
C ASP YD 128 -49.93 -57.22 -88.37
N GLN YD 129 -50.78 -58.25 -88.24
CA GLN YD 129 -50.36 -59.51 -87.67
C GLN YD 129 -49.78 -59.28 -86.27
N PRO YD 130 -50.62 -58.96 -85.29
CA PRO YD 130 -50.09 -58.57 -83.97
C PRO YD 130 -49.13 -59.60 -83.42
N LYS YD 131 -48.00 -59.12 -82.88
CA LYS YD 131 -46.97 -60.00 -82.38
C LYS YD 131 -47.43 -60.67 -81.09
N PRO YD 132 -47.01 -61.90 -80.83
CA PRO YD 132 -47.31 -62.55 -79.55
C PRO YD 132 -46.53 -61.90 -78.42
N PRO YD 133 -46.96 -62.07 -77.18
CA PRO YD 133 -46.29 -61.38 -76.07
C PRO YD 133 -44.83 -61.80 -75.95
N THR ZD 3 17.89 36.59 -121.01
CA THR ZD 3 19.12 36.67 -120.24
C THR ZD 3 18.86 36.41 -118.76
N PHE ZD 4 17.76 36.94 -118.22
CA PHE ZD 4 17.48 36.78 -116.79
C PHE ZD 4 17.30 35.33 -116.42
N ILE ZD 5 16.56 34.57 -117.23
CA ILE ZD 5 16.29 33.17 -116.91
C ILE ZD 5 17.60 32.39 -116.82
N GLU ZD 6 18.55 32.72 -117.70
CA GLU ZD 6 19.87 32.08 -117.62
C GLU ZD 6 20.51 32.35 -116.27
N LEU ZD 7 20.38 33.56 -115.75
CA LEU ZD 7 20.96 33.89 -114.45
C LEU ZD 7 20.31 33.08 -113.33
N VAL ZD 8 18.99 32.91 -113.39
CA VAL ZD 8 18.29 32.18 -112.34
C VAL ZD 8 18.66 30.70 -112.38
N LYS ZD 9 18.80 30.13 -113.58
CA LYS ZD 9 19.18 28.73 -113.70
C LYS ZD 9 20.51 28.47 -112.99
N ASN ZD 10 21.36 29.50 -112.89
CA ASN ZD 10 22.62 29.38 -112.16
C ASN ZD 10 22.39 29.63 -110.67
N MET ZD 11 21.52 28.81 -110.09
CA MET ZD 11 21.17 28.93 -108.69
C MET ZD 11 20.98 27.55 -108.09
N LYS ZD 12 21.04 27.48 -106.77
CA LYS ZD 12 20.99 26.22 -106.05
C LYS ZD 12 19.57 25.91 -105.62
N GLY ZD 13 19.20 24.63 -105.75
CA GLY ZD 13 17.84 24.21 -105.49
C GLY ZD 13 16.88 24.45 -106.63
N TYR ZD 14 17.39 24.72 -107.84
CA TYR ZD 14 16.55 25.02 -108.98
C TYR ZD 14 16.00 23.73 -109.57
N LYS ZD 15 14.69 23.55 -109.48
CA LYS ZD 15 14.00 22.39 -110.05
C LYS ZD 15 13.16 22.86 -111.22
N GLU ZD 16 13.43 22.32 -112.40
CA GLU ZD 16 12.71 22.72 -113.59
C GLU ZD 16 11.26 22.26 -113.52
N LEU ZD 17 10.36 23.06 -114.10
CA LEU ZD 17 8.94 22.77 -114.05
C LEU ZD 17 8.24 23.01 -115.38
N LEU ZD 18 8.98 23.23 -116.47
CA LEU ZD 18 8.41 23.52 -117.77
C LEU ZD 18 8.73 22.40 -118.74
N LEU ZD 19 7.71 21.91 -119.44
CA LEU ZD 19 7.88 20.85 -120.41
C LEU ZD 19 8.36 21.40 -121.74
N PRO ZD 20 8.86 20.55 -122.62
CA PRO ZD 20 9.26 21.02 -123.96
C PRO ZD 20 8.09 21.61 -124.71
N MET ZD 21 8.40 22.60 -125.56
CA MET ZD 21 7.36 23.26 -126.34
C MET ZD 21 6.59 22.27 -127.21
N GLU ZD 22 7.23 21.15 -127.59
CA GLU ZD 22 6.61 20.18 -128.47
C GLU ZD 22 5.61 19.28 -127.75
N MET ZD 23 5.55 19.33 -126.42
CA MET ZD 23 4.65 18.47 -125.66
C MET ZD 23 3.49 19.21 -125.02
N VAL ZD 24 3.59 20.51 -124.80
CA VAL ZD 24 2.52 21.27 -124.16
C VAL ZD 24 1.31 21.29 -125.10
N PRO ZD 25 0.09 21.38 -124.57
CA PRO ZD 25 -1.09 21.40 -125.44
C PRO ZD 25 -1.11 22.66 -126.29
N LEU ZD 26 -2.06 22.68 -127.23
CA LEU ZD 26 -2.30 23.88 -128.01
C LEU ZD 26 -2.86 24.97 -127.11
N PRO ZD 27 -2.64 26.25 -127.46
CA PRO ZD 27 -3.10 27.32 -126.58
C PRO ZD 27 -4.59 27.28 -126.31
N ALA ZD 28 -5.39 26.86 -127.29
CA ALA ZD 28 -6.83 26.79 -127.09
C ALA ZD 28 -7.18 25.79 -126.00
N VAL ZD 29 -6.49 24.64 -125.99
CA VAL ZD 29 -6.80 23.61 -125.00
C VAL ZD 29 -6.47 24.08 -123.60
N VAL ZD 30 -5.38 24.84 -123.45
CA VAL ZD 30 -4.95 25.25 -122.11
C VAL ZD 30 -6.02 26.10 -121.45
N LEU ZD 31 -6.60 27.02 -122.20
CA LEU ZD 31 -7.61 27.92 -121.63
C LEU ZD 31 -8.76 27.12 -121.03
N LYS ZD 32 -9.06 25.94 -121.57
CA LYS ZD 32 -10.17 25.14 -121.07
C LYS ZD 32 -9.94 24.74 -119.61
N HIS ZD 33 -8.71 24.33 -119.27
CA HIS ZD 33 -8.43 23.96 -117.90
C HIS ZD 33 -8.43 25.17 -116.98
N VAL ZD 34 -8.13 26.35 -117.52
CA VAL ZD 34 -8.10 27.55 -116.69
C VAL ZD 34 -9.48 27.82 -116.11
N LYS ZD 35 -10.52 27.71 -116.94
CA LYS ZD 35 -11.87 27.97 -116.46
C LYS ZD 35 -12.27 26.98 -115.38
N LEU ZD 36 -11.96 25.70 -115.58
CA LEU ZD 36 -12.30 24.70 -114.58
C LEU ZD 36 -11.53 24.94 -113.28
N ILE ZD 37 -10.22 25.12 -113.38
CA ILE ZD 37 -9.41 25.28 -112.19
C ILE ZD 37 -9.78 26.56 -111.45
N LEU ZD 38 -9.94 27.65 -112.18
CA LEU ZD 38 -10.35 28.91 -111.55
C LEU ZD 38 -11.74 28.79 -110.94
N THR ZD 39 -12.70 28.34 -111.74
CA THR ZD 39 -14.08 28.32 -111.29
C THR ZD 39 -14.32 27.23 -110.24
N SER ZD 40 -13.79 26.03 -110.49
CA SER ZD 40 -13.96 24.91 -109.56
C SER ZD 40 -12.90 25.01 -108.46
N GLN ZD 41 -13.00 26.09 -107.70
CA GLN ZD 41 -12.08 26.33 -106.59
C GLN ZD 41 -12.81 27.06 -105.48
N LYS ZD 42 -12.36 26.83 -104.25
CA LYS ZD 42 -12.93 27.44 -103.07
C LYS ZD 42 -11.81 28.06 -102.24
N GLU ZD 43 -12.13 29.13 -101.52
CA GLU ZD 43 -11.16 29.86 -100.70
C GLU ZD 43 -10.01 30.36 -101.58
N HIS ZD 44 -10.37 31.28 -102.48
CA HIS ZD 44 -9.42 31.83 -103.44
C HIS ZD 44 -8.07 32.10 -102.80
N GLN ZD 45 -7.02 31.71 -103.51
CA GLN ZD 45 -5.65 31.82 -103.06
C GLN ZD 45 -4.85 32.74 -103.98
N PRO ZD 46 -3.74 33.30 -103.51
CA PRO ZD 46 -3.02 34.29 -104.32
C PRO ZD 46 -2.61 33.78 -105.69
N TRP ZD 47 -2.20 32.52 -105.79
CA TRP ZD 47 -1.73 31.99 -107.08
C TRP ZD 47 -2.83 31.96 -108.12
N MET ZD 48 -4.10 31.94 -107.70
CA MET ZD 48 -5.19 31.96 -108.66
C MET ZD 48 -5.17 33.24 -109.48
N THR ZD 49 -4.91 34.37 -108.82
CA THR ZD 49 -4.87 35.65 -109.54
C THR ZD 49 -3.77 35.66 -110.59
N GLU ZD 50 -2.61 35.10 -110.25
CA GLU ZD 50 -1.50 35.07 -111.20
C GLU ZD 50 -1.87 34.31 -112.46
N MET ZD 51 -2.57 33.19 -112.30
CA MET ZD 51 -2.94 32.37 -113.46
C MET ZD 51 -3.83 33.16 -114.42
N ALA ZD 52 -4.82 33.87 -113.87
CA ALA ZD 52 -5.75 34.60 -114.72
C ALA ZD 52 -5.06 35.71 -115.49
N LEU ZD 53 -4.15 36.43 -114.83
CA LEU ZD 53 -3.49 37.55 -115.47
C LEU ZD 53 -2.70 37.11 -116.70
N LYS ZD 54 -1.97 36.00 -116.58
CA LYS ZD 54 -1.20 35.50 -117.72
C LYS ZD 54 -2.12 35.00 -118.82
N ALA ZD 55 -3.26 34.42 -118.45
CA ALA ZD 55 -4.16 33.85 -119.45
C ALA ZD 55 -4.64 34.90 -120.43
N ASP ZD 56 -5.05 36.07 -119.94
CA ASP ZD 56 -5.57 37.10 -120.82
C ASP ZD 56 -4.51 37.59 -121.79
N GLN ZD 57 -3.23 37.50 -121.41
CA GLN ZD 57 -2.16 37.96 -122.29
C GLN ZD 57 -2.14 37.14 -123.58
N CYS ZD 58 -2.30 35.82 -123.48
CA CYS ZD 58 -2.33 34.99 -124.67
C CYS ZD 58 -3.48 35.37 -125.58
N LEU ZD 59 -4.65 35.65 -124.99
CA LEU ZD 59 -5.79 36.09 -125.79
C LEU ZD 59 -5.49 37.41 -126.48
N ILE ZD 60 -4.84 38.34 -125.79
CA ILE ZD 60 -4.51 39.63 -126.39
C ILE ZD 60 -3.61 39.43 -127.60
N HIS ZD 61 -2.55 38.64 -127.43
CA HIS ZD 61 -1.67 38.34 -128.56
C HIS ZD 61 -2.42 37.54 -129.62
N LYS ZD 62 -3.25 36.59 -129.21
CA LYS ZD 62 -4.02 35.81 -130.16
C LYS ZD 62 -4.98 36.69 -130.96
N ALA ZD 63 -5.62 37.64 -130.28
CA ALA ZD 63 -6.52 38.57 -130.96
C ALA ZD 63 -5.78 39.59 -131.80
N THR ZD 64 -4.45 39.66 -131.70
CA THR ZD 64 -3.67 40.62 -132.46
C THR ZD 64 -3.31 40.13 -133.85
N LEU ZD 65 -3.23 38.80 -134.04
CA LEU ZD 65 -2.84 38.28 -135.36
C LEU ZD 65 -3.85 38.62 -136.44
N ASP ZD 66 -5.14 38.61 -136.10
CA ASP ZD 66 -6.16 38.93 -137.10
C ASP ZD 66 -5.94 40.32 -137.70
N PRO ZD 78 8.88 39.99 -140.10
CA PRO ZD 78 9.26 39.60 -138.74
C PRO ZD 78 8.30 40.11 -137.68
N LEU ZD 79 7.98 41.40 -137.69
CA LEU ZD 79 7.19 41.98 -136.61
C LEU ZD 79 5.82 41.32 -136.51
N ILE ZD 80 5.16 41.11 -137.65
CA ILE ZD 80 3.84 40.48 -137.62
C ILE ZD 80 3.93 39.06 -137.08
N GLU ZD 81 4.92 38.30 -137.54
CA GLU ZD 81 5.11 36.92 -137.10
C GLU ZD 81 5.86 36.80 -135.79
N ALA ZD 82 6.52 37.87 -135.34
CA ALA ZD 82 7.31 37.79 -134.11
C ALA ZD 82 6.43 37.51 -132.91
N MET ZD 83 5.26 38.16 -132.82
CA MET ZD 83 4.39 37.97 -131.67
C MET ZD 83 3.93 36.53 -131.54
N GLN ZD 84 3.83 35.81 -132.66
CA GLN ZD 84 3.39 34.41 -132.60
C GLN ZD 84 4.34 33.56 -131.77
N GLN ZD 85 5.62 33.92 -131.74
CA GLN ZD 85 6.59 33.14 -130.97
C GLN ZD 85 6.26 33.19 -129.48
N ILE ZD 86 5.86 34.38 -128.98
CA ILE ZD 86 5.57 34.51 -127.56
C ILE ZD 86 4.33 33.71 -127.19
N ILE ZD 87 3.36 33.63 -128.09
CA ILE ZD 87 2.12 32.91 -127.79
C ILE ZD 87 2.42 31.48 -127.39
N LEU ZD 88 3.24 30.79 -128.20
CA LEU ZD 88 3.61 29.42 -127.87
C LEU ZD 88 4.38 29.37 -126.55
N ALA ZD 89 5.29 30.31 -126.34
CA ALA ZD 89 6.06 30.33 -125.10
C ALA ZD 89 5.15 30.56 -123.89
N MET ZD 90 4.19 31.46 -124.02
CA MET ZD 90 3.32 31.78 -122.89
C MET ZD 90 2.60 30.55 -122.38
N THR ZD 91 2.22 29.65 -123.28
CA THR ZD 91 1.55 28.42 -122.86
C THR ZD 91 2.47 27.57 -121.99
N ARG ZD 92 3.75 27.48 -122.36
CA ARG ZD 92 4.69 26.63 -121.63
C ARG ZD 92 4.76 27.03 -120.17
N GLU ZD 93 4.88 28.34 -119.90
CA GLU ZD 93 4.86 28.81 -118.52
C GLU ZD 93 3.48 28.63 -117.91
N LEU ZD 94 2.43 28.89 -118.69
CA LEU ZD 94 1.07 28.78 -118.18
C LEU ZD 94 0.74 27.32 -117.83
N TRP ZD 95 1.12 26.38 -118.68
CA TRP ZD 95 0.82 24.98 -118.42
C TRP ZD 95 1.52 24.47 -117.17
N GLY ZD 96 2.63 25.10 -116.80
CA GLY ZD 96 3.35 24.66 -115.62
C GLY ZD 96 2.53 24.81 -114.35
N GLN ZD 97 1.76 25.89 -114.25
CA GLN ZD 97 0.93 26.10 -113.07
C GLN ZD 97 -0.24 25.14 -113.04
N ILE ZD 98 -0.74 24.74 -114.22
CA ILE ZD 98 -1.86 23.80 -114.26
C ILE ZD 98 -1.49 22.49 -113.60
N GLN ZD 99 -0.31 21.96 -113.95
CA GLN ZD 99 0.11 20.68 -113.38
C GLN ZD 99 0.37 20.79 -111.89
N ARG ZD 100 0.84 21.96 -111.43
CA ARG ZD 100 1.04 22.14 -109.99
C ARG ZD 100 -0.27 21.99 -109.23
N HIS ZD 101 -1.34 22.59 -109.76
CA HIS ZD 101 -2.64 22.48 -109.11
C HIS ZD 101 -3.17 21.05 -109.17
N HIS ZD 102 -3.08 20.42 -110.34
CA HIS ZD 102 -3.59 19.07 -110.50
C HIS ZD 102 -2.71 18.06 -109.76
N TYR ZD 103 -1.45 17.95 -110.16
CA TYR ZD 103 -0.56 16.96 -109.57
C TYR ZD 103 0.03 17.44 -108.26
N GLY ZD 104 0.78 18.53 -108.31
CA GLY ZD 104 1.50 19.05 -107.16
C GLY ZD 104 2.89 19.44 -107.59
N ILE ZD 105 3.46 20.43 -106.89
CA ILE ZD 105 4.77 20.96 -107.28
C ILE ZD 105 5.83 19.88 -107.17
N VAL ZD 106 5.83 19.12 -106.08
CA VAL ZD 106 6.87 18.12 -105.86
C VAL ZD 106 6.82 17.05 -106.95
N GLN ZD 107 5.63 16.56 -107.24
CA GLN ZD 107 5.51 15.48 -108.22
C GLN ZD 107 5.93 15.95 -109.61
N VAL ZD 108 5.64 17.20 -109.95
CA VAL ZD 108 5.96 17.70 -111.28
C VAL ZD 108 7.46 17.65 -111.53
N GLU ZD 109 8.25 18.06 -110.53
CA GLU ZD 109 9.70 18.07 -110.68
C GLU ZD 109 10.21 16.70 -111.15
N HIS ZD 110 9.75 15.64 -110.48
CA HIS ZD 110 10.15 14.30 -110.88
C HIS ZD 110 9.70 13.98 -112.29
N TYR ZD 111 8.46 14.34 -112.63
CA TYR ZD 111 7.91 14.00 -113.94
C TYR ZD 111 8.72 14.64 -115.06
N VAL ZD 112 9.10 15.92 -114.90
CA VAL ZD 112 9.81 16.61 -115.96
C VAL ZD 112 11.14 15.94 -116.24
N LYS ZD 113 11.90 15.65 -115.18
CA LYS ZD 113 13.20 15.02 -115.36
C LYS ZD 113 13.05 13.65 -116.00
N GLN ZD 114 12.05 12.89 -115.58
CA GLN ZD 114 11.79 11.60 -116.22
C GLN ZD 114 11.48 11.79 -117.69
N ILE ZD 115 10.68 12.79 -118.02
CA ILE ZD 115 10.41 13.09 -119.42
C ILE ZD 115 11.68 13.52 -120.13
N THR ZD 116 12.48 14.36 -119.48
CA THR ZD 116 13.70 14.87 -120.11
C THR ZD 116 14.65 13.72 -120.43
N LEU ZD 117 14.92 12.85 -119.46
CA LEU ZD 117 15.76 11.69 -119.71
C LEU ZD 117 15.13 10.78 -120.76
N TRP ZD 118 13.82 10.58 -120.69
CA TRP ZD 118 13.14 9.77 -121.70
C TRP ZD 118 13.29 10.39 -123.08
N GLN ZD 119 13.15 11.71 -123.19
CA GLN ZD 119 13.35 12.36 -124.47
C GLN ZD 119 14.82 12.36 -124.87
N ASP ZD 120 15.73 12.46 -123.90
CA ASP ZD 120 17.16 12.49 -124.22
C ASP ZD 120 17.61 11.17 -124.83
N THR ZD 121 17.16 10.05 -124.28
CA THR ZD 121 17.60 8.76 -124.78
C THR ZD 121 17.15 8.58 -126.23
N PRO ZD 122 17.97 7.98 -127.09
CA PRO ZD 122 17.56 7.79 -128.48
C PRO ZD 122 16.32 6.92 -128.59
N GLN ZD 123 15.51 7.20 -129.61
CA GLN ZD 123 14.24 6.50 -129.78
C GLN ZD 123 14.42 5.00 -129.98
N ALA ZD 124 15.61 4.57 -130.43
CA ALA ZD 124 15.83 3.15 -130.67
C ALA ZD 124 15.65 2.34 -129.39
N PHE ZD 125 16.17 2.83 -128.27
CA PHE ZD 125 16.06 2.16 -126.98
C PHE ZD 125 15.48 3.11 -125.93
N ARG ZD 126 14.64 4.04 -126.36
CA ARG ZD 126 14.10 5.04 -125.44
C ARG ZD 126 13.23 4.40 -124.37
N GLY ZD 127 12.39 3.43 -124.75
CA GLY ZD 127 11.50 2.79 -123.81
C GLY ZD 127 10.14 3.44 -123.75
N ASP ZD 128 9.29 2.86 -122.91
CA ASP ZD 128 7.93 3.35 -122.76
C ASP ZD 128 7.93 4.73 -122.11
N GLN ZD 129 7.09 5.62 -122.62
CA GLN ZD 129 6.99 6.96 -122.06
C GLN ZD 129 6.41 6.89 -120.65
N PRO ZD 130 7.01 7.55 -119.67
CA PRO ZD 130 6.47 7.50 -118.31
C PRO ZD 130 5.12 8.19 -118.21
N LYS ZD 131 4.31 7.72 -117.28
CA LYS ZD 131 2.97 8.26 -117.09
C LYS ZD 131 3.01 9.40 -116.08
N PRO ZD 132 2.02 10.29 -116.11
CA PRO ZD 132 1.98 11.40 -115.17
C PRO ZD 132 1.91 10.92 -113.73
N PRO ZD 133 2.27 11.76 -112.76
CA PRO ZD 133 2.20 11.34 -111.36
C PRO ZD 133 0.77 11.21 -110.85
N SER ZD 134 0.62 10.90 -109.57
CA SER ZD 134 -0.69 10.80 -108.96
C SER ZD 134 -1.21 12.18 -108.58
N PHE ZD 135 -2.54 12.33 -108.64
CA PHE ZD 135 -3.16 13.60 -108.33
C PHE ZD 135 -2.98 13.96 -106.86
N THR AE 3 -11.94 38.44 -119.68
CA THR AE 3 -13.00 37.77 -118.94
C THR AE 3 -12.49 36.91 -117.79
N PHE AE 4 -11.34 36.26 -117.96
CA PHE AE 4 -10.83 35.39 -116.89
C PHE AE 4 -10.53 36.19 -115.64
N ILE AE 5 -9.93 37.36 -115.78
CA ILE AE 5 -9.62 38.18 -114.61
C ILE AE 5 -10.91 38.59 -113.91
N GLU AE 6 -11.97 38.84 -114.68
CA GLU AE 6 -13.24 39.20 -114.08
C GLU AE 6 -13.77 38.07 -113.20
N LEU AE 7 -13.60 36.83 -113.64
CA LEU AE 7 -14.07 35.69 -112.85
C LEU AE 7 -13.36 35.65 -111.51
N VAL AE 8 -12.06 35.92 -111.50
CA VAL AE 8 -11.32 35.96 -110.24
C VAL AE 8 -11.86 37.06 -109.34
N LYS AE 9 -12.12 38.22 -109.91
CA LYS AE 9 -12.65 39.33 -109.12
C LYS AE 9 -14.03 39.02 -108.55
N ASN AE 10 -14.70 38.00 -109.07
CA ASN AE 10 -16.00 37.58 -108.58
C ASN AE 10 -15.90 36.53 -107.47
N MET AE 11 -14.69 36.18 -107.06
CA MET AE 11 -14.51 35.12 -106.07
C MET AE 11 -14.74 35.65 -104.66
N LYS AE 12 -14.51 34.79 -103.69
CA LYS AE 12 -14.62 35.12 -102.27
C LYS AE 12 -13.22 35.14 -101.67
N GLY AE 13 -12.91 36.21 -100.94
CA GLY AE 13 -11.60 36.38 -100.34
C GLY AE 13 -10.58 37.01 -101.25
N TYR AE 14 -10.93 37.29 -102.51
CA TYR AE 14 -9.98 37.92 -103.42
C TYR AE 14 -9.65 39.33 -102.94
N LYS AE 15 -8.38 39.71 -103.09
CA LYS AE 15 -7.90 41.01 -102.65
C LYS AE 15 -6.95 41.57 -103.71
N GLU AE 16 -7.07 42.86 -103.97
CA GLU AE 16 -6.24 43.50 -104.97
C GLU AE 16 -4.78 43.57 -104.51
N LEU AE 17 -3.87 43.38 -105.45
CA LEU AE 17 -2.45 43.50 -105.19
C LEU AE 17 -1.71 44.39 -106.18
N LEU AE 18 -2.33 44.75 -107.30
CA LEU AE 18 -1.71 45.61 -108.29
C LEU AE 18 -1.96 47.07 -107.94
N LEU AE 19 -1.52 47.96 -108.82
CA LEU AE 19 -1.61 49.40 -108.60
C LEU AE 19 -2.08 50.06 -109.88
N PRO AE 20 -2.58 51.30 -109.78
CA PRO AE 20 -3.03 51.99 -110.98
C PRO AE 20 -1.91 52.14 -112.00
N MET AE 21 -2.28 52.10 -113.27
CA MET AE 21 -1.28 52.19 -114.34
C MET AE 21 -0.40 53.43 -114.17
N GLU AE 22 -0.99 54.53 -113.69
CA GLU AE 22 -0.22 55.75 -113.51
C GLU AE 22 0.87 55.57 -112.45
N MET AE 23 0.54 54.90 -111.35
CA MET AE 23 1.48 54.66 -110.26
C MET AE 23 2.33 53.42 -110.55
N VAL AE 24 2.97 53.44 -111.71
CA VAL AE 24 3.84 52.34 -112.13
C VAL AE 24 5.13 52.95 -112.70
N PRO AE 25 6.31 52.56 -112.22
CA PRO AE 25 7.55 53.11 -112.76
C PRO AE 25 7.66 52.88 -114.27
N LEU AE 26 8.62 53.57 -114.86
CA LEU AE 26 8.87 53.45 -116.29
C LEU AE 26 9.51 52.10 -116.59
N PRO AE 27 9.43 51.64 -117.84
CA PRO AE 27 10.07 50.36 -118.19
C PRO AE 27 11.58 50.43 -118.11
N ALA AE 28 12.24 49.31 -118.41
CA ALA AE 28 13.70 49.25 -118.39
C ALA AE 28 14.23 49.47 -116.98
N VAL AE 29 14.06 50.68 -116.45
CA VAL AE 29 14.56 51.00 -115.12
C VAL AE 29 13.90 50.11 -114.08
N VAL AE 30 12.59 49.86 -114.23
CA VAL AE 30 11.87 49.02 -113.28
C VAL AE 30 12.46 47.63 -113.25
N LEU AE 31 13.03 47.17 -114.38
CA LEU AE 31 13.63 45.85 -114.43
C LEU AE 31 14.85 45.73 -113.53
N LYS AE 32 15.41 46.85 -113.09
CA LYS AE 32 16.62 46.81 -112.26
C LYS AE 32 16.34 46.12 -110.93
N HIS AE 33 15.17 46.37 -110.34
CA HIS AE 33 14.82 45.69 -109.10
C HIS AE 33 14.84 44.17 -109.26
N VAL AE 34 14.64 43.68 -110.49
CA VAL AE 34 14.69 42.24 -110.72
C VAL AE 34 16.06 41.70 -110.36
N LYS AE 35 17.11 42.37 -110.82
CA LYS AE 35 18.47 41.90 -110.53
C LYS AE 35 18.77 41.95 -109.04
N LEU AE 36 18.30 43.01 -108.36
CA LEU AE 36 18.59 43.17 -106.95
C LEU AE 36 17.89 42.15 -106.08
N ILE AE 37 16.94 41.40 -106.65
CA ILE AE 37 16.16 40.42 -105.88
C ILE AE 37 16.53 39.02 -106.34
N LEU AE 38 16.98 38.89 -107.59
CA LEU AE 38 17.44 37.61 -108.10
C LEU AE 38 18.91 37.37 -107.80
N THR AE 39 19.78 38.32 -108.20
CA THR AE 39 21.21 38.16 -107.96
C THR AE 39 21.52 38.10 -106.47
N SER AE 40 20.88 38.96 -105.68
CA SER AE 40 21.07 38.98 -104.24
C SER AE 40 20.09 38.02 -103.56
N GLN AE 41 20.16 36.76 -103.97
CA GLN AE 41 19.24 35.75 -103.45
C GLN AE 41 19.88 34.37 -103.57
N LYS AE 42 19.32 33.42 -102.84
CA LYS AE 42 19.77 32.04 -102.85
C LYS AE 42 18.60 31.17 -102.44
N GLU AE 43 18.77 29.85 -102.58
CA GLU AE 43 17.72 28.89 -102.28
C GLU AE 43 16.49 29.14 -103.17
N HIS AE 44 16.72 28.95 -104.47
CA HIS AE 44 15.72 29.16 -105.50
C HIS AE 44 14.35 28.65 -105.06
N GLN AE 45 13.37 29.53 -105.06
CA GLN AE 45 12.00 29.22 -104.68
C GLN AE 45 11.09 29.28 -105.90
N PRO AE 46 9.93 28.61 -105.85
CA PRO AE 46 9.07 28.56 -107.03
C PRO AE 46 8.67 29.93 -107.56
N TRP AE 47 8.40 30.89 -106.67
CA TRP AE 47 7.96 32.20 -107.12
C TRP AE 47 9.05 32.95 -107.85
N MET AE 48 10.32 32.65 -107.56
CA MET AE 48 11.42 33.33 -108.23
C MET AE 48 11.39 33.06 -109.73
N THR AE 49 11.10 31.82 -110.12
CA THR AE 49 11.03 31.49 -111.54
C THR AE 49 9.90 32.27 -112.21
N GLU AE 50 8.77 32.41 -111.53
CA GLU AE 50 7.64 33.15 -112.11
C GLU AE 50 8.06 34.58 -112.43
N MET AE 51 8.76 35.24 -111.51
CA MET AE 51 9.24 36.60 -111.77
C MET AE 51 10.21 36.62 -112.95
N ALA AE 52 11.12 35.65 -113.00
CA ALA AE 52 12.12 35.63 -114.05
C ALA AE 52 11.47 35.46 -115.42
N LEU AE 53 10.49 34.56 -115.51
CA LEU AE 53 9.84 34.28 -116.79
C LEU AE 53 8.88 35.39 -117.21
N LYS AE 54 8.57 36.34 -116.32
CA LYS AE 54 7.72 37.47 -116.65
C LYS AE 54 8.52 38.70 -117.01
N ALA AE 55 9.56 39.02 -116.25
CA ALA AE 55 10.37 40.20 -116.54
C ALA AE 55 11.06 40.09 -117.89
N ASP AE 56 11.59 38.90 -118.21
CA ASP AE 56 12.29 38.72 -119.47
C ASP AE 56 11.38 38.94 -120.67
N GLN AE 57 10.06 38.83 -120.48
CA GLN AE 57 9.14 39.03 -121.61
C GLN AE 57 9.20 40.47 -122.09
N CYS AE 58 9.35 41.43 -121.19
CA CYS AE 58 9.40 42.83 -121.59
C CYS AE 58 10.55 43.07 -122.57
N LEU AE 59 11.71 42.46 -122.30
CA LEU AE 59 12.84 42.59 -123.21
C LEU AE 59 12.50 42.02 -124.58
N ILE AE 60 11.81 40.89 -124.61
CA ILE AE 60 11.42 40.29 -125.88
C ILE AE 60 10.52 41.24 -126.66
N HIS AE 61 9.49 41.78 -126.00
CA HIS AE 61 8.65 42.78 -126.64
C HIS AE 61 9.44 44.03 -126.96
N LYS AE 62 10.31 44.46 -126.04
CA LYS AE 62 11.14 45.64 -126.27
C LYS AE 62 12.10 45.40 -127.43
N ALA AE 63 12.63 44.18 -127.55
CA ALA AE 63 13.57 43.89 -128.62
C ALA AE 63 12.95 44.07 -130.00
N THR AE 64 11.62 43.94 -130.12
CA THR AE 64 10.96 44.11 -131.41
C THR AE 64 11.01 45.56 -131.89
N LEU AE 65 11.29 46.51 -130.99
CA LEU AE 65 11.36 47.91 -131.41
C LEU AE 65 12.43 48.12 -132.48
N ASP AE 66 13.51 47.33 -132.45
CA ASP AE 66 14.52 47.43 -133.49
C ASP AE 66 13.92 47.10 -134.86
N PRO AE 78 -1.65 49.17 -135.80
CA PRO AE 78 -2.20 48.53 -134.59
C PRO AE 78 -1.26 47.49 -134.00
N LEU AE 79 -0.53 46.75 -134.85
CA LEU AE 79 0.40 45.75 -134.35
C LEU AE 79 1.51 46.40 -133.52
N ILE AE 80 2.05 47.51 -134.01
CA ILE AE 80 3.11 48.20 -133.28
C ILE AE 80 2.55 48.86 -132.03
N GLU AE 81 1.38 49.51 -132.14
CA GLU AE 81 0.78 50.16 -130.98
C GLU AE 81 0.39 49.14 -129.92
N ALA AE 82 -0.16 48.01 -130.34
CA ALA AE 82 -0.68 47.04 -129.38
C ALA AE 82 0.43 46.52 -128.47
N MET AE 83 1.61 46.24 -129.03
CA MET AE 83 2.69 45.70 -128.22
C MET AE 83 3.10 46.67 -127.12
N GLN AE 84 3.17 47.97 -127.45
CA GLN AE 84 3.55 48.95 -126.45
C GLN AE 84 2.57 48.97 -125.29
N GLN AE 85 1.28 48.84 -125.57
CA GLN AE 85 0.29 48.83 -124.50
C GLN AE 85 0.49 47.64 -123.56
N ILE AE 86 0.84 46.48 -124.12
CA ILE AE 86 0.97 45.28 -123.30
C ILE AE 86 2.09 45.43 -122.29
N ILE AE 87 3.16 46.15 -122.65
CA ILE AE 87 4.30 46.29 -121.74
C ILE AE 87 3.86 46.92 -120.43
N LEU AE 88 2.97 47.91 -120.51
CA LEU AE 88 2.48 48.56 -119.29
C LEU AE 88 1.77 47.55 -118.39
N ALA AE 89 0.94 46.69 -118.98
CA ALA AE 89 0.21 45.71 -118.19
C ALA AE 89 1.16 44.75 -117.48
N MET AE 90 2.16 44.25 -118.20
CA MET AE 90 3.12 43.34 -117.59
C MET AE 90 3.94 44.06 -116.52
N THR AE 91 4.30 45.32 -116.77
CA THR AE 91 5.07 46.08 -115.79
C THR AE 91 4.29 46.21 -114.48
N ARG AE 92 2.98 46.42 -114.57
CA ARG AE 92 2.16 46.53 -113.38
C ARG AE 92 2.24 45.25 -112.55
N GLU AE 93 2.19 44.09 -113.22
CA GLU AE 93 2.27 42.82 -112.49
C GLU AE 93 3.62 42.67 -111.81
N LEU AE 94 4.69 43.10 -112.47
CA LEU AE 94 6.02 42.96 -111.89
C LEU AE 94 6.12 43.68 -110.56
N TRP AE 95 5.59 44.90 -110.48
CA TRP AE 95 5.70 45.69 -109.26
C TRP AE 95 4.99 45.01 -108.10
N GLY AE 96 3.82 44.44 -108.36
CA GLY AE 96 3.09 43.78 -107.29
C GLY AE 96 3.87 42.64 -106.68
N GLN AE 97 4.55 41.85 -107.52
CA GLN AE 97 5.38 40.76 -107.01
C GLN AE 97 6.51 41.30 -106.15
N ILE AE 98 7.12 42.40 -106.58
CA ILE AE 98 8.23 42.98 -105.83
C ILE AE 98 7.76 43.40 -104.44
N GLN AE 99 6.63 44.09 -104.37
CA GLN AE 99 6.07 44.47 -103.07
C GLN AE 99 5.63 43.25 -102.29
N ARG AE 100 5.15 42.21 -102.98
CA ARG AE 100 4.79 40.96 -102.31
C ARG AE 100 6.00 40.33 -101.62
N HIS AE 101 7.21 40.70 -102.02
CA HIS AE 101 8.44 40.19 -101.42
C HIS AE 101 9.06 41.17 -100.43
N HIS AE 102 9.15 42.45 -100.79
CA HIS AE 102 9.79 43.44 -99.94
C HIS AE 102 8.96 43.70 -98.69
N TYR AE 103 7.73 44.19 -98.88
CA TYR AE 103 6.85 44.52 -97.75
C TYR AE 103 5.88 43.39 -97.43
N GLY AE 104 6.42 42.19 -97.25
CA GLY AE 104 5.57 41.07 -96.92
C GLY AE 104 4.59 40.79 -98.04
N ILE AE 105 3.57 39.98 -97.71
CA ILE AE 105 2.52 39.65 -98.65
C ILE AE 105 1.17 40.02 -98.05
N VAL AE 106 1.11 40.07 -96.71
CA VAL AE 106 -0.13 40.43 -96.04
C VAL AE 106 -0.26 41.94 -95.92
N GLN AE 107 0.81 42.61 -95.50
CA GLN AE 107 0.79 44.06 -95.37
C GLN AE 107 0.60 44.76 -96.71
N VAL AE 108 0.92 44.08 -97.82
CA VAL AE 108 0.77 44.71 -99.13
C VAL AE 108 -0.69 45.05 -99.40
N GLU AE 109 -1.59 44.12 -99.07
CA GLU AE 109 -3.01 44.35 -99.33
C GLU AE 109 -3.51 45.58 -98.60
N HIS AE 110 -3.08 45.77 -97.34
CA HIS AE 110 -3.50 46.94 -96.58
C HIS AE 110 -3.04 48.22 -97.26
N TYR AE 111 -1.81 48.26 -97.76
CA TYR AE 111 -1.30 49.46 -98.40
C TYR AE 111 -2.11 49.79 -99.65
N VAL AE 112 -2.32 48.80 -100.52
CA VAL AE 112 -3.07 49.06 -101.74
C VAL AE 112 -4.51 49.41 -101.42
N LYS AE 113 -5.07 48.83 -100.37
CA LYS AE 113 -6.41 49.19 -99.94
C LYS AE 113 -6.51 50.69 -99.67
N GLN AE 114 -5.52 51.24 -98.96
CA GLN AE 114 -5.52 52.67 -98.67
C GLN AE 114 -5.24 53.49 -99.93
N ILE AE 115 -4.40 52.97 -100.83
CA ILE AE 115 -4.09 53.69 -102.06
C ILE AE 115 -5.35 53.93 -102.86
N THR AE 116 -6.21 52.91 -102.97
CA THR AE 116 -7.43 53.06 -103.74
C THR AE 116 -8.32 54.15 -103.15
N LEU AE 117 -8.49 54.15 -101.84
CA LEU AE 117 -9.30 55.18 -101.20
C LEU AE 117 -8.66 56.57 -101.36
N TRP AE 118 -7.34 56.65 -101.18
CA TRP AE 118 -6.65 57.93 -101.22
C TRP AE 118 -6.71 58.58 -102.61
N GLN AE 119 -6.90 57.80 -103.67
CA GLN AE 119 -6.94 58.32 -105.02
C GLN AE 119 -8.35 58.46 -105.56
N ASP AE 120 -9.25 57.54 -105.22
CA ASP AE 120 -10.60 57.60 -105.76
C ASP AE 120 -11.33 58.84 -105.26
N THR AE 121 -11.13 59.21 -104.00
CA THR AE 121 -11.77 60.41 -103.47
C THR AE 121 -11.24 61.65 -104.21
N PRO AE 122 -12.03 62.71 -104.29
CA PRO AE 122 -11.58 63.92 -104.99
C PRO AE 122 -10.35 64.51 -104.30
N GLN AE 123 -9.52 65.17 -105.11
CA GLN AE 123 -8.26 65.72 -104.61
C GLN AE 123 -8.47 66.70 -103.49
N ALA AE 124 -9.65 67.30 -103.37
CA ALA AE 124 -9.93 68.26 -102.31
C ALA AE 124 -10.11 67.61 -100.95
N PHE AE 125 -10.19 66.27 -100.89
CA PHE AE 125 -10.43 65.56 -99.64
C PHE AE 125 -9.35 64.54 -99.30
N ARG AE 126 -8.42 64.26 -100.23
CA ARG AE 126 -7.44 63.20 -100.00
C ARG AE 126 -6.62 63.47 -98.74
N GLY AE 127 -5.86 64.56 -98.75
CA GLY AE 127 -4.99 64.89 -97.63
C GLY AE 127 -3.53 64.62 -97.95
N ASP AE 128 -2.97 63.57 -97.34
CA ASP AE 128 -1.58 63.20 -97.53
C ASP AE 128 -1.49 61.75 -97.96
N GLN AE 129 -0.54 61.46 -98.84
CA GLN AE 129 -0.36 60.09 -99.31
C GLN AE 129 0.04 59.19 -98.15
N PRO AE 130 -0.56 58.00 -98.02
CA PRO AE 130 -0.16 57.09 -96.95
C PRO AE 130 1.13 56.37 -97.31
N LYS AE 131 2.16 56.56 -96.50
CA LYS AE 131 3.46 55.96 -96.78
C LYS AE 131 3.36 54.44 -96.71
N PRO AE 132 3.94 53.72 -97.67
CA PRO AE 132 3.89 52.26 -97.61
C PRO AE 132 4.68 51.73 -96.42
N PRO AE 133 4.32 50.57 -95.89
CA PRO AE 133 5.08 50.02 -94.77
C PRO AE 133 6.50 49.68 -95.18
N SER AE 134 7.41 49.78 -94.20
CA SER AE 134 8.82 49.51 -94.46
C SER AE 134 9.06 48.01 -94.60
N PHE AE 135 10.33 47.64 -94.74
CA PHE AE 135 10.71 46.24 -94.92
C PHE AE 135 10.59 45.53 -93.58
N THR BE 3 -41.29 62.53 -96.95
CA THR BE 3 -41.94 62.72 -95.66
C THR BE 3 -41.52 61.67 -94.65
N PHE BE 4 -41.07 60.50 -95.10
CA PHE BE 4 -40.60 59.48 -94.17
C PHE BE 4 -39.39 59.99 -93.38
N ILE BE 5 -38.48 60.70 -94.04
CA ILE BE 5 -37.32 61.24 -93.33
C ILE BE 5 -37.78 62.15 -92.20
N GLU BE 6 -38.83 62.94 -92.45
CA GLU BE 6 -39.39 63.76 -91.39
C GLU BE 6 -39.90 62.90 -90.24
N LEU BE 7 -40.54 61.77 -90.56
CA LEU BE 7 -41.03 60.89 -89.53
C LEU BE 7 -39.89 60.34 -88.68
N VAL BE 8 -38.69 60.27 -89.25
CA VAL BE 8 -37.52 59.81 -88.50
C VAL BE 8 -36.62 60.95 -88.06
N LYS BE 9 -36.74 62.13 -88.68
CA LYS BE 9 -35.90 63.26 -88.28
C LYS BE 9 -36.10 63.60 -86.81
N ASN BE 10 -37.27 63.30 -86.25
CA ASN BE 10 -37.52 63.54 -84.83
C ASN BE 10 -37.00 62.42 -83.95
N MET BE 11 -36.63 61.27 -84.52
CA MET BE 11 -36.13 60.17 -83.72
C MET BE 11 -34.80 60.54 -83.06
N LYS BE 12 -34.58 59.99 -81.87
CA LYS BE 12 -33.36 60.28 -81.13
C LYS BE 12 -32.12 59.83 -81.89
N GLY BE 13 -32.16 58.64 -82.48
CA GLY BE 13 -31.00 58.06 -83.13
C GLY BE 13 -30.89 58.43 -84.60
N TYR BE 14 -31.75 59.32 -85.07
CA TYR BE 14 -31.70 59.72 -86.48
C TYR BE 14 -30.40 60.44 -86.78
N LYS BE 15 -29.84 60.18 -87.96
CA LYS BE 15 -28.57 60.75 -88.37
C LYS BE 15 -28.65 61.15 -89.84
N GLU BE 16 -27.84 62.15 -90.20
CA GLU BE 16 -27.75 62.61 -91.59
C GLU BE 16 -26.70 61.75 -92.31
N LEU BE 17 -27.12 60.54 -92.67
CA LEU BE 17 -26.23 59.63 -93.38
C LEU BE 17 -25.88 60.12 -94.77
N LEU BE 18 -26.66 61.04 -95.33
CA LEU BE 18 -26.41 61.56 -96.67
C LEU BE 18 -25.22 62.51 -96.62
N LEU BE 19 -24.06 62.02 -97.03
CA LEU BE 19 -22.84 62.81 -96.98
C LEU BE 19 -22.86 63.87 -98.09
N PRO BE 20 -22.01 64.89 -97.98
CA PRO BE 20 -22.00 65.94 -99.00
C PRO BE 20 -21.75 65.38 -100.39
N MET BE 21 -22.42 65.99 -101.38
CA MET BE 21 -22.28 65.53 -102.76
C MET BE 21 -20.83 65.65 -103.23
N GLU BE 22 -20.17 66.76 -102.90
CA GLU BE 22 -18.78 66.93 -103.30
C GLU BE 22 -17.89 65.86 -102.67
N MET BE 23 -18.25 65.38 -101.48
CA MET BE 23 -17.41 64.40 -100.79
C MET BE 23 -17.29 63.11 -101.57
N VAL BE 24 -18.41 62.62 -102.11
CA VAL BE 24 -18.42 61.31 -102.77
C VAL BE 24 -17.86 61.44 -104.18
N PRO BE 25 -17.29 60.36 -104.74
CA PRO BE 25 -16.81 60.42 -106.13
C PRO BE 25 -17.90 60.17 -107.15
N LEU BE 26 -17.52 60.06 -108.42
CA LEU BE 26 -18.50 59.81 -109.46
C LEU BE 26 -19.11 58.41 -109.31
N PRO BE 27 -20.29 58.19 -109.89
CA PRO BE 27 -20.96 56.89 -109.69
C PRO BE 27 -20.12 55.70 -110.13
N ALA BE 28 -19.36 55.84 -111.23
CA ALA BE 28 -18.63 54.71 -111.77
C ALA BE 28 -17.59 54.20 -110.76
N VAL BE 29 -16.89 55.12 -110.09
CA VAL BE 29 -15.84 54.70 -109.17
C VAL BE 29 -16.43 53.98 -107.97
N VAL BE 30 -17.59 54.43 -107.50
CA VAL BE 30 -18.19 53.81 -106.31
C VAL BE 30 -18.48 52.33 -106.57
N LEU BE 31 -19.02 52.02 -107.76
CA LEU BE 31 -19.31 50.64 -108.08
C LEU BE 31 -18.10 49.74 -107.93
N LYS BE 32 -16.90 50.29 -108.18
CA LYS BE 32 -15.68 49.51 -108.03
C LYS BE 32 -15.51 49.03 -106.60
N HIS BE 33 -15.76 49.90 -105.62
CA HIS BE 33 -15.56 49.53 -104.22
C HIS BE 33 -16.62 48.54 -103.76
N VAL BE 34 -17.80 48.55 -104.38
CA VAL BE 34 -18.85 47.61 -103.99
C VAL BE 34 -18.39 46.18 -104.25
N LYS BE 35 -17.79 45.94 -105.41
CA LYS BE 35 -17.24 44.62 -105.69
C LYS BE 35 -16.13 44.27 -104.72
N LEU BE 36 -15.24 45.23 -104.45
CA LEU BE 36 -14.11 44.97 -103.57
C LEU BE 36 -14.55 44.69 -102.14
N ILE BE 37 -15.50 45.49 -101.62
CA ILE BE 37 -15.94 45.31 -100.25
C ILE BE 37 -16.76 44.02 -100.12
N LEU BE 38 -17.66 43.76 -101.07
CA LEU BE 38 -18.43 42.53 -101.03
C LEU BE 38 -17.52 41.32 -101.18
N THR BE 39 -16.57 41.37 -102.11
CA THR BE 39 -15.65 40.26 -102.30
C THR BE 39 -14.81 40.02 -101.06
N SER BE 40 -14.27 41.09 -100.46
CA SER BE 40 -13.43 40.93 -99.28
C SER BE 40 -14.22 40.33 -98.12
N GLN BE 41 -15.44 40.82 -97.89
CA GLN BE 41 -16.23 40.34 -96.77
C GLN BE 41 -16.64 38.89 -96.99
N LYS BE 42 -16.66 38.12 -95.90
CA LYS BE 42 -16.96 36.70 -95.95
C LYS BE 42 -18.25 36.34 -95.24
N GLU BE 43 -18.41 36.76 -93.99
CA GLU BE 43 -19.62 36.40 -93.25
C GLU BE 43 -20.85 36.98 -93.92
N HIS BE 44 -21.92 36.19 -93.98
CA HIS BE 44 -23.15 36.59 -94.64
C HIS BE 44 -24.06 37.28 -93.64
N GLN BE 45 -24.42 38.52 -93.93
CA GLN BE 45 -25.38 39.29 -93.17
C GLN BE 45 -26.35 39.96 -94.12
N PRO BE 46 -27.53 40.34 -93.64
CA PRO BE 46 -28.53 40.93 -94.55
C PRO BE 46 -28.07 42.21 -95.22
N TRP BE 47 -27.15 42.97 -94.62
CA TRP BE 47 -26.76 44.25 -95.21
C TRP BE 47 -26.11 44.06 -96.56
N MET BE 48 -25.20 43.09 -96.68
CA MET BE 48 -24.55 42.85 -97.97
C MET BE 48 -25.56 42.40 -99.02
N THR BE 49 -26.51 41.55 -98.62
CA THR BE 49 -27.55 41.14 -99.55
C THR BE 49 -28.37 42.33 -100.03
N GLU BE 50 -28.74 43.23 -99.12
CA GLU BE 50 -29.46 44.43 -99.50
C GLU BE 50 -28.54 45.46 -100.13
N MET BE 51 -27.27 45.48 -99.75
CA MET BE 51 -26.32 46.44 -100.31
C MET BE 51 -26.17 46.24 -101.82
N ALA BE 52 -26.07 44.98 -102.25
CA ALA BE 52 -25.96 44.70 -103.68
C ALA BE 52 -27.19 45.18 -104.44
N LEU BE 53 -28.37 44.93 -103.89
CA LEU BE 53 -29.61 45.33 -104.56
C LEU BE 53 -29.67 46.83 -104.75
N LYS BE 54 -29.29 47.58 -103.72
CA LYS BE 54 -29.34 49.04 -103.82
C LYS BE 54 -28.42 49.55 -104.91
N ALA BE 55 -27.22 48.95 -105.03
CA ALA BE 55 -26.28 49.39 -106.06
C ALA BE 55 -26.71 48.91 -107.45
N ASP BE 56 -27.46 47.81 -107.52
CA ASP BE 56 -27.84 47.26 -108.81
C ASP BE 56 -28.69 48.26 -109.59
N GLN BE 57 -29.60 48.95 -108.91
CA GLN BE 57 -30.50 49.86 -109.61
C GLN BE 57 -29.72 50.90 -110.42
N CYS BE 58 -28.59 51.36 -109.90
CA CYS BE 58 -27.80 52.35 -110.62
C CYS BE 58 -27.35 51.83 -111.98
N LEU BE 59 -27.05 50.52 -112.08
CA LEU BE 59 -26.62 49.97 -113.35
C LEU BE 59 -27.70 50.08 -114.42
N ILE BE 60 -28.96 49.83 -114.04
CA ILE BE 60 -30.04 49.89 -115.01
C ILE BE 60 -30.17 51.31 -115.56
N HIS BE 61 -30.07 52.31 -114.68
CA HIS BE 61 -30.18 53.69 -115.14
C HIS BE 61 -29.06 54.05 -116.09
N LYS BE 62 -27.88 53.47 -115.92
CA LYS BE 62 -26.78 53.73 -116.84
C LYS BE 62 -27.16 53.35 -118.26
N ALA BE 63 -27.70 52.15 -118.44
CA ALA BE 63 -28.12 51.70 -119.77
C ALA BE 63 -29.43 52.35 -120.19
N THR BE 64 -30.33 52.61 -119.25
CA THR BE 64 -31.61 53.22 -119.59
C THR BE 64 -31.40 54.56 -120.28
N LEU BE 65 -30.56 55.42 -119.69
CA LEU BE 65 -30.26 56.71 -120.31
C LEU BE 65 -29.32 56.54 -121.50
N PRO BE 78 -37.47 67.41 -118.16
CA PRO BE 78 -37.58 67.21 -116.71
C PRO BE 78 -37.40 65.76 -116.29
N LEU BE 79 -37.88 64.82 -117.11
CA LEU BE 79 -37.78 63.41 -116.75
C LEU BE 79 -36.32 62.95 -116.76
N ILE BE 80 -35.60 63.26 -117.84
CA ILE BE 80 -34.21 62.82 -117.94
C ILE BE 80 -33.35 63.50 -116.88
N GLU BE 81 -33.55 64.81 -116.67
CA GLU BE 81 -32.75 65.54 -115.71
C GLU BE 81 -32.94 64.98 -114.30
N ALA BE 82 -34.17 64.64 -113.94
CA ALA BE 82 -34.42 64.10 -112.60
C ALA BE 82 -33.66 62.79 -112.38
N MET BE 83 -33.61 61.94 -113.41
CA MET BE 83 -32.90 60.67 -113.26
C MET BE 83 -31.42 60.89 -112.96
N GLN BE 84 -30.82 61.90 -113.59
CA GLN BE 84 -29.42 62.19 -113.33
C GLN BE 84 -29.19 62.51 -111.86
N GLN BE 85 -30.08 63.32 -111.27
CA GLN BE 85 -29.98 63.61 -109.85
C GLN BE 85 -30.28 62.39 -109.00
N ILE BE 86 -31.20 61.53 -109.46
CA ILE BE 86 -31.55 60.33 -108.71
C ILE BE 86 -30.34 59.41 -108.56
N ILE BE 87 -29.58 59.24 -109.64
CA ILE BE 87 -28.40 58.38 -109.58
C ILE BE 87 -27.43 58.90 -108.53
N LEU BE 88 -27.19 60.21 -108.50
CA LEU BE 88 -26.30 60.78 -107.50
C LEU BE 88 -26.85 60.59 -106.10
N ALA BE 89 -28.18 60.55 -105.96
CA ALA BE 89 -28.77 60.35 -104.65
C ALA BE 89 -28.38 59.00 -104.06
N MET BE 90 -28.40 57.95 -104.89
CA MET BE 90 -28.04 56.63 -104.41
C MET BE 90 -26.55 56.53 -104.11
N THR BE 91 -25.72 57.25 -104.87
CA THR BE 91 -24.28 57.19 -104.65
C THR BE 91 -23.92 57.66 -103.25
N ARG BE 92 -24.54 58.74 -102.79
CA ARG BE 92 -24.28 59.22 -101.44
C ARG BE 92 -24.67 58.17 -100.41
N GLU BE 93 -25.82 57.52 -100.61
CA GLU BE 93 -26.25 56.47 -99.67
C GLU BE 93 -25.28 55.30 -99.70
N LEU BE 94 -24.83 54.90 -100.89
CA LEU BE 94 -23.92 53.75 -100.98
C LEU BE 94 -22.59 54.05 -100.30
N TRP BE 95 -22.03 55.24 -100.52
CA TRP BE 95 -20.74 55.56 -99.95
C TRP BE 95 -20.79 55.54 -98.43
N GLY BE 96 -21.94 55.83 -97.84
CA GLY BE 96 -22.05 55.80 -96.39
C GLY BE 96 -21.80 54.41 -95.84
N GLN BE 97 -22.43 53.39 -96.43
CA GLN BE 97 -22.20 52.02 -95.98
C GLN BE 97 -20.76 51.61 -96.21
N ILE BE 98 -20.16 52.07 -97.30
CA ILE BE 98 -18.76 51.73 -97.58
C ILE BE 98 -17.87 52.25 -96.46
N GLN BE 99 -18.02 53.53 -96.11
CA GLN BE 99 -17.16 54.12 -95.09
C GLN BE 99 -17.49 53.56 -93.71
N ARG BE 100 -18.77 53.38 -93.39
CA ARG BE 100 -19.14 52.85 -92.08
C ARG BE 100 -18.62 51.43 -91.90
N HIS BE 101 -18.70 50.61 -92.95
CA HIS BE 101 -18.22 49.23 -92.84
C HIS BE 101 -16.71 49.19 -92.68
N HIS BE 102 -15.98 49.99 -93.46
CA HIS BE 102 -14.52 49.98 -93.39
C HIS BE 102 -14.04 50.49 -92.04
N TYR BE 103 -14.51 51.67 -91.63
CA TYR BE 103 -14.07 52.28 -90.38
C TYR BE 103 -15.04 51.99 -89.24
N GLY BE 104 -16.28 52.40 -89.38
CA GLY BE 104 -17.28 52.24 -88.34
C GLY BE 104 -18.37 53.27 -88.46
N ILE BE 105 -19.51 52.96 -87.83
CA ILE BE 105 -20.67 53.84 -87.92
C ILE BE 105 -20.38 55.17 -87.20
N VAL BE 106 -19.78 55.10 -86.01
CA VAL BE 106 -19.55 56.31 -85.23
C VAL BE 106 -18.49 57.18 -85.91
N GLN BE 107 -17.44 56.56 -86.45
CA GLN BE 107 -16.34 57.34 -87.00
C GLN BE 107 -16.80 58.20 -88.17
N VAL BE 108 -17.63 57.64 -89.05
CA VAL BE 108 -18.14 58.43 -90.18
C VAL BE 108 -18.97 59.60 -89.68
N GLU BE 109 -19.88 59.33 -88.75
CA GLU BE 109 -20.67 60.40 -88.16
C GLU BE 109 -19.79 61.41 -87.45
N HIS BE 110 -18.69 60.94 -86.85
CA HIS BE 110 -17.78 61.83 -86.14
C HIS BE 110 -16.89 62.62 -87.09
N TYR BE 111 -16.48 62.02 -88.20
CA TYR BE 111 -15.52 62.64 -89.10
C TYR BE 111 -16.17 63.49 -90.19
N VAL BE 112 -17.41 63.19 -90.58
CA VAL BE 112 -18.04 63.91 -91.67
C VAL BE 112 -18.17 65.39 -91.34
N LYS BE 113 -18.58 65.70 -90.11
CA LYS BE 113 -18.78 67.09 -89.73
C LYS BE 113 -17.48 67.88 -89.75
N GLN BE 114 -16.37 67.25 -89.35
CA GLN BE 114 -15.11 67.96 -89.24
C GLN BE 114 -14.71 68.57 -90.58
N ILE BE 115 -14.79 67.78 -91.66
CA ILE BE 115 -14.37 68.28 -92.96
C ILE BE 115 -15.30 69.39 -93.45
N THR BE 116 -16.59 69.27 -93.13
CA THR BE 116 -17.53 70.31 -93.55
C THR BE 116 -17.17 71.64 -92.90
N LEU BE 117 -16.80 71.62 -91.62
CA LEU BE 117 -16.39 72.85 -90.95
C LEU BE 117 -15.16 73.45 -91.60
N TRP BE 118 -14.18 72.62 -91.95
CA TRP BE 118 -12.96 73.13 -92.57
C TRP BE 118 -13.26 73.87 -93.87
N GLN BE 119 -14.36 73.51 -94.54
CA GLN BE 119 -14.72 74.20 -95.77
C GLN BE 119 -15.49 75.48 -95.48
N ASP BE 120 -16.52 75.40 -94.65
CA ASP BE 120 -17.35 76.57 -94.32
C ASP BE 120 -16.59 77.44 -93.33
N THR BE 121 -15.59 78.14 -93.85
CA THR BE 121 -14.75 79.02 -93.05
C THR BE 121 -14.10 80.03 -93.99
N PRO BE 122 -13.79 81.25 -93.51
CA PRO BE 122 -13.24 82.26 -94.43
C PRO BE 122 -11.84 81.93 -94.92
N GLN BE 123 -11.76 80.96 -95.82
CA GLN BE 123 -10.53 80.60 -96.52
C GLN BE 123 -9.28 80.68 -95.65
N ALA BE 124 -8.89 81.91 -95.27
CA ALA BE 124 -7.59 82.09 -94.61
C ALA BE 124 -7.47 81.23 -93.36
N PHE BE 125 -8.44 81.34 -92.46
CA PHE BE 125 -8.45 80.54 -91.24
C PHE BE 125 -9.26 79.26 -91.42
N ARG BE 126 -8.98 78.52 -92.49
CA ARG BE 126 -9.72 77.30 -92.75
C ARG BE 126 -9.41 76.23 -91.71
N GLY BE 127 -8.16 76.13 -91.30
CA GLY BE 127 -7.75 75.14 -90.32
C GLY BE 127 -6.38 74.56 -90.62
N ASP BE 128 -6.27 73.24 -90.58
CA ASP BE 128 -5.00 72.57 -90.84
C ASP BE 128 -5.20 71.33 -91.70
N GLN BE 129 -6.19 71.36 -92.60
CA GLN BE 129 -6.44 70.22 -93.48
C GLN BE 129 -6.67 68.97 -92.65
N PRO BE 130 -7.81 68.86 -91.97
CA PRO BE 130 -8.00 67.74 -91.03
C PRO BE 130 -7.76 66.39 -91.70
N LYS BE 131 -7.02 65.54 -90.99
CA LYS BE 131 -6.66 64.24 -91.54
C LYS BE 131 -7.88 63.33 -91.59
N PRO BE 132 -7.95 62.45 -92.59
CA PRO BE 132 -9.04 61.46 -92.62
C PRO BE 132 -8.87 60.42 -91.53
N PRO BE 133 -9.93 59.71 -91.16
CA PRO BE 133 -9.83 58.78 -90.05
C PRO BE 133 -8.81 57.68 -90.32
N THR CE 3 88.19 90.48 -18.93
CA THR CE 3 88.80 89.25 -18.46
C THR CE 3 87.73 88.23 -18.06
N PHE CE 4 86.67 88.68 -17.39
CA PHE CE 4 85.66 87.75 -16.92
C PHE CE 4 84.98 87.02 -18.07
N ILE CE 5 84.63 87.75 -19.13
CA ILE CE 5 83.93 87.13 -20.26
C ILE CE 5 84.78 86.03 -20.86
N GLU CE 6 86.10 86.22 -20.92
CA GLU CE 6 86.99 85.17 -21.39
C GLU CE 6 86.85 83.92 -20.53
N LEU CE 7 86.74 84.09 -19.22
CA LEU CE 7 86.59 82.94 -18.34
C LEU CE 7 85.29 82.21 -18.60
N VAL CE 8 84.20 82.94 -18.83
CA VAL CE 8 82.91 82.31 -19.06
C VAL CE 8 82.90 81.56 -20.38
N LYS CE 9 83.52 82.14 -21.41
CA LYS CE 9 83.58 81.46 -22.70
C LYS CE 9 84.24 80.09 -22.58
N ASN CE 10 85.09 79.90 -21.57
CA ASN CE 10 85.72 78.61 -21.31
C ASN CE 10 84.80 77.77 -20.43
N MET CE 11 83.59 77.54 -20.95
CA MET CE 11 82.58 76.77 -20.23
C MET CE 11 81.79 75.92 -21.23
N LYS CE 12 81.12 74.91 -20.70
CA LYS CE 12 80.42 73.93 -21.51
C LYS CE 12 78.96 74.32 -21.67
N GLY CE 13 78.44 74.14 -22.88
CA GLY CE 13 77.10 74.58 -23.21
C GLY CE 13 76.98 76.05 -23.53
N TYR CE 14 78.09 76.73 -23.79
CA TYR CE 14 78.08 78.16 -24.07
C TYR CE 14 77.66 78.40 -25.51
N LYS CE 15 76.50 79.04 -25.68
CA LYS CE 15 75.99 79.39 -27.00
C LYS CE 15 76.04 80.91 -27.12
N GLU CE 16 76.76 81.39 -28.12
CA GLU CE 16 76.90 82.83 -28.31
C GLU CE 16 75.57 83.44 -28.76
N LEU CE 17 75.33 84.68 -28.33
CA LEU CE 17 74.08 85.36 -28.63
C LEU CE 17 74.28 86.82 -29.03
N LEU CE 18 75.51 87.26 -29.29
CA LEU CE 18 75.81 88.64 -29.62
C LEU CE 18 76.33 88.73 -31.04
N LEU CE 19 75.76 89.63 -31.83
CA LEU CE 19 76.18 89.83 -33.20
C LEU CE 19 77.41 90.73 -33.26
N PRO CE 20 78.10 90.74 -34.40
CA PRO CE 20 79.23 91.66 -34.54
C PRO CE 20 78.82 93.10 -34.40
N MET CE 21 79.74 93.91 -33.88
CA MET CE 21 79.45 95.33 -33.67
C MET CE 21 79.08 96.02 -34.98
N GLU CE 22 79.55 95.50 -36.12
CA GLU CE 22 79.29 96.12 -37.40
C GLU CE 22 77.90 95.84 -37.93
N MET CE 23 77.14 94.93 -37.30
CA MET CE 23 75.82 94.57 -37.78
C MET CE 23 74.68 95.06 -36.89
N VAL CE 24 74.95 95.34 -35.61
CA VAL CE 24 73.91 95.79 -34.69
C VAL CE 24 73.43 97.17 -35.14
N PRO CE 25 72.17 97.52 -34.88
CA PRO CE 25 71.68 98.84 -35.30
C PRO CE 25 72.39 99.96 -34.54
N LEU CE 26 72.12 101.17 -34.97
CA LEU CE 26 72.61 102.34 -34.25
C LEU CE 26 71.92 102.44 -32.90
N PRO CE 27 72.58 103.05 -31.90
CA PRO CE 27 71.96 103.08 -30.57
C PRO CE 27 70.59 103.73 -30.56
N ALA CE 28 70.38 104.75 -31.38
CA ALA CE 28 69.08 105.41 -31.43
C ALA CE 28 67.99 104.44 -31.86
N VAL CE 29 68.29 103.59 -32.85
CA VAL CE 29 67.28 102.67 -33.36
C VAL CE 29 66.91 101.64 -32.29
N VAL CE 30 67.88 101.20 -31.50
CA VAL CE 30 67.61 100.13 -30.54
C VAL CE 30 66.58 100.59 -29.53
N LEU CE 31 66.71 101.82 -29.04
CA LEU CE 31 65.78 102.33 -28.04
C LEU CE 31 64.34 102.26 -28.54
N LYS CE 32 64.13 102.38 -29.84
CA LYS CE 32 62.78 102.35 -30.38
C LYS CE 32 62.10 101.01 -30.09
N HIS CE 33 62.82 99.91 -30.27
CA HIS CE 33 62.23 98.61 -29.98
C HIS CE 33 62.02 98.41 -28.49
N VAL CE 34 62.82 99.07 -27.65
CA VAL CE 34 62.67 98.92 -26.21
C VAL CE 34 61.29 99.39 -25.77
N LYS CE 35 60.86 100.55 -26.28
CA LYS CE 35 59.56 101.09 -25.89
C LYS CE 35 58.44 100.16 -26.31
N LEU CE 36 58.51 99.63 -27.54
CA LEU CE 36 57.47 98.73 -28.02
C LEU CE 36 57.46 97.44 -27.20
N ILE CE 37 58.63 96.82 -27.03
CA ILE CE 37 58.69 95.55 -26.32
C ILE CE 37 58.28 95.72 -24.87
N LEU CE 38 58.78 96.76 -24.21
CA LEU CE 38 58.40 97.02 -22.83
C LEU CE 38 56.91 97.33 -22.73
N THR CE 39 56.45 98.30 -23.52
CA THR CE 39 55.07 98.76 -23.38
C THR CE 39 54.09 97.73 -23.92
N SER CE 40 54.38 97.15 -25.08
CA SER CE 40 53.50 96.15 -25.69
C SER CE 40 53.79 94.78 -25.07
N GLN CE 41 53.55 94.69 -23.77
CA GLN CE 41 53.76 93.45 -23.04
C GLN CE 41 52.73 93.36 -21.92
N LYS CE 42 52.39 92.12 -21.57
CA LYS CE 42 51.43 91.83 -20.52
C LYS CE 42 52.06 90.82 -19.55
N GLU CE 43 51.64 90.90 -18.29
CA GLU CE 43 52.15 90.02 -17.24
C GLU CE 43 53.67 90.17 -17.12
N HIS CE 44 54.06 91.38 -16.72
CA HIS CE 44 55.47 91.75 -16.60
C HIS CE 44 56.30 90.61 -16.02
N GLN CE 45 57.44 90.36 -16.64
CA GLN CE 45 58.35 89.28 -16.28
C GLN CE 45 59.69 89.85 -15.84
N PRO CE 46 60.47 89.07 -15.07
CA PRO CE 46 61.72 89.62 -14.52
C PRO CE 46 62.66 90.17 -15.56
N TRP CE 47 62.77 89.53 -16.72
CA TRP CE 47 63.72 89.98 -17.73
C TRP CE 47 63.37 91.36 -18.27
N MET CE 48 62.11 91.79 -18.15
CA MET CE 48 61.75 93.12 -18.61
C MET CE 48 62.48 94.19 -17.82
N THR CE 49 62.60 93.99 -16.50
CA THR CE 49 63.29 94.97 -15.67
C THR CE 49 64.75 95.10 -16.07
N GLU CE 50 65.40 93.97 -16.38
CA GLU CE 50 66.80 94.01 -16.78
C GLU CE 50 67.00 94.85 -18.03
N MET CE 51 66.09 94.70 -19.00
CA MET CE 51 66.23 95.44 -20.25
C MET CE 51 66.19 96.95 -20.00
N ALA CE 52 65.25 97.40 -19.17
CA ALA CE 52 65.11 98.83 -18.93
C ALA CE 52 66.34 99.40 -18.24
N LEU CE 53 66.88 98.67 -17.27
CA LEU CE 53 68.02 99.19 -16.51
C LEU CE 53 69.21 99.45 -17.43
N LYS CE 54 69.50 98.51 -18.34
CA LYS CE 54 70.62 98.71 -19.26
C LYS CE 54 70.35 99.85 -20.22
N ALA CE 55 69.09 100.02 -20.63
CA ALA CE 55 68.76 101.04 -21.62
C ALA CE 55 69.13 102.43 -21.13
N ASP CE 56 68.79 102.75 -19.87
CA ASP CE 56 69.07 104.07 -19.36
C ASP CE 56 70.57 104.34 -19.30
N GLN CE 57 71.38 103.30 -19.16
CA GLN CE 57 72.83 103.50 -19.10
C GLN CE 57 73.35 104.11 -20.40
N CYS CE 58 72.87 103.62 -21.55
CA CYS CE 58 73.30 104.18 -22.82
C CYS CE 58 72.93 105.66 -22.92
N LEU CE 59 71.73 106.00 -22.46
CA LEU CE 59 71.32 107.41 -22.47
C LEU CE 59 72.23 108.25 -21.57
N ILE CE 60 72.59 107.72 -20.41
CA ILE CE 60 73.47 108.46 -19.50
C ILE CE 60 74.81 108.73 -20.18
N HIS CE 61 75.41 107.69 -20.77
CA HIS CE 61 76.66 107.89 -21.50
C HIS CE 61 76.44 108.78 -22.71
N LYS CE 62 75.32 108.60 -23.41
CA LYS CE 62 75.03 109.44 -24.58
C LYS CE 62 74.87 110.90 -24.16
N ALA CE 63 74.19 111.15 -23.05
CA ALA CE 63 74.04 112.51 -22.55
C ALA CE 63 75.32 113.08 -21.97
N THR CE 64 76.36 112.27 -21.81
CA THR CE 64 77.61 112.73 -21.24
C THR CE 64 78.55 113.34 -22.29
N LEU CE 65 78.42 112.93 -23.55
CA LEU CE 65 79.32 113.44 -24.59
C LEU CE 65 79.15 114.94 -24.80
N ASP CE 66 77.91 115.44 -24.72
CA ASP CE 66 77.69 116.88 -24.91
C ASP CE 66 78.50 117.71 -23.92
N PRO CE 78 91.80 110.77 -24.66
CA PRO CE 78 91.28 109.41 -24.39
C PRO CE 78 90.05 109.39 -23.51
N LEU CE 79 90.08 110.08 -22.36
CA LEU CE 79 89.00 109.98 -21.41
C LEU CE 79 87.68 110.45 -22.01
N ILE CE 80 87.69 111.56 -22.73
CA ILE CE 80 86.47 112.08 -23.35
C ILE CE 80 85.93 111.08 -24.37
N GLU CE 81 86.82 110.55 -25.21
CA GLU CE 81 86.42 109.61 -26.25
C GLU CE 81 86.31 108.18 -25.74
N ALA CE 82 86.85 107.88 -24.56
CA ALA CE 82 86.82 106.51 -24.06
C ALA CE 82 85.39 106.04 -23.81
N MET CE 83 84.55 106.90 -23.25
CA MET CE 83 83.17 106.49 -22.94
C MET CE 83 82.41 106.11 -24.20
N GLN CE 84 82.76 106.71 -25.35
CA GLN CE 84 82.06 106.39 -26.59
C GLN CE 84 82.20 104.93 -26.94
N GLN CE 85 83.31 104.30 -26.56
CA GLN CE 85 83.51 102.89 -26.87
C GLN CE 85 82.47 102.02 -26.18
N ILE CE 86 82.14 102.34 -24.93
CA ILE CE 86 81.17 101.53 -24.19
C ILE CE 86 79.78 101.66 -24.80
N ILE CE 87 79.45 102.86 -25.31
CA ILE CE 87 78.12 103.08 -25.86
C ILE CE 87 77.84 102.07 -26.96
N LEU CE 88 78.77 101.92 -27.90
CA LEU CE 88 78.60 100.94 -28.97
C LEU CE 88 78.51 99.53 -28.41
N ALA CE 89 79.35 99.21 -27.43
CA ALA CE 89 79.32 97.87 -26.83
C ALA CE 89 78.00 97.62 -26.13
N MET CE 90 77.47 98.62 -25.43
CA MET CE 90 76.24 98.42 -24.67
C MET CE 90 75.10 97.99 -25.58
N THR CE 91 75.06 98.52 -26.80
CA THR CE 91 74.02 98.13 -27.76
C THR CE 91 74.12 96.65 -28.09
N ARG CE 92 75.34 96.14 -28.28
CA ARG CE 92 75.52 94.76 -28.68
C ARG CE 92 74.90 93.80 -27.67
N GLU CE 93 75.14 94.05 -26.38
CA GLU CE 93 74.49 93.23 -25.35
C GLU CE 93 73.00 93.53 -25.30
N LEU CE 94 72.62 94.79 -25.46
CA LEU CE 94 71.21 95.17 -25.39
C LEU CE 94 70.43 94.55 -26.54
N TRP CE 95 70.99 94.59 -27.76
CA TRP CE 95 70.28 94.04 -28.91
C TRP CE 95 70.08 92.54 -28.79
N GLY CE 96 70.93 91.87 -28.01
CA GLY CE 96 70.79 90.43 -27.85
C GLY CE 96 69.47 90.05 -27.21
N GLN CE 97 69.04 90.83 -26.21
CA GLN CE 97 67.78 90.53 -25.55
C GLN CE 97 66.59 90.83 -26.45
N ILE CE 98 66.72 91.81 -27.34
CA ILE CE 98 65.62 92.14 -28.25
C ILE CE 98 65.28 90.94 -29.12
N GLN CE 99 66.31 90.31 -29.70
CA GLN CE 99 66.06 89.17 -30.58
C GLN CE 99 65.50 87.98 -29.81
N ARG CE 100 65.90 87.82 -28.55
CA ARG CE 100 65.33 86.74 -27.74
C ARG CE 100 63.83 86.90 -27.59
N HIS CE 101 63.36 88.12 -27.33
CA HIS CE 101 61.94 88.36 -27.21
C HIS CE 101 61.22 88.15 -28.53
N HIS CE 102 61.78 88.71 -29.61
CA HIS CE 102 61.14 88.60 -30.91
C HIS CE 102 61.23 87.18 -31.45
N TYR CE 103 62.45 86.70 -31.68
CA TYR CE 103 62.65 85.38 -32.28
C TYR CE 103 62.53 84.27 -31.23
N GLY CE 104 63.42 84.29 -30.24
CA GLY CE 104 63.50 83.25 -29.25
C GLY CE 104 64.96 82.90 -29.02
N ILE CE 105 65.27 82.46 -27.81
CA ILE CE 105 66.66 82.18 -27.44
C ILE CE 105 67.24 81.08 -28.33
N VAL CE 106 66.48 80.00 -28.53
CA VAL CE 106 66.99 78.86 -29.27
C VAL CE 106 67.29 79.26 -30.72
N GLN CE 107 66.36 79.98 -31.35
CA GLN CE 107 66.54 80.35 -32.75
C GLN CE 107 67.73 81.28 -32.92
N VAL CE 108 67.96 82.18 -31.96
CA VAL CE 108 69.04 83.15 -32.08
C VAL CE 108 70.38 82.43 -32.18
N GLU CE 109 70.59 81.42 -31.33
CA GLU CE 109 71.86 80.69 -31.34
C GLU CE 109 72.20 80.21 -32.74
N HIS CE 110 71.24 79.59 -33.42
CA HIS CE 110 71.48 79.13 -34.78
C HIS CE 110 71.79 80.29 -35.71
N TYR CE 111 71.04 81.39 -35.58
CA TYR CE 111 71.21 82.52 -36.48
C TYR CE 111 72.62 83.11 -36.38
N VAL CE 112 73.13 83.26 -35.15
CA VAL CE 112 74.42 83.89 -34.97
C VAL CE 112 75.51 83.05 -35.63
N LYS CE 113 75.50 81.74 -35.39
CA LYS CE 113 76.52 80.88 -35.98
C LYS CE 113 76.44 80.90 -37.50
N GLN CE 114 75.21 80.89 -38.04
CA GLN CE 114 75.06 81.01 -39.49
C GLN CE 114 75.64 82.33 -39.98
N ILE CE 115 75.39 83.41 -39.26
CA ILE CE 115 75.98 84.70 -39.62
C ILE CE 115 77.50 84.64 -39.49
N THR CE 116 77.99 84.02 -38.41
CA THR CE 116 79.42 83.96 -38.19
C THR CE 116 80.12 83.22 -39.33
N LEU CE 117 79.62 82.03 -39.66
CA LEU CE 117 80.18 81.28 -40.78
C LEU CE 117 80.04 82.06 -42.08
N TRP CE 118 78.87 82.69 -42.28
CA TRP CE 118 78.68 83.50 -43.48
C TRP CE 118 79.68 84.63 -43.52
N GLN CE 119 79.91 85.30 -42.39
CA GLN CE 119 80.91 86.37 -42.36
C GLN CE 119 82.32 85.80 -42.49
N ASP CE 120 82.56 84.61 -41.94
CA ASP CE 120 83.89 84.03 -41.99
C ASP CE 120 84.31 83.72 -43.42
N THR CE 121 83.40 83.15 -44.21
CA THR CE 121 83.73 82.76 -45.57
C THR CE 121 84.09 83.99 -46.38
N PRO CE 122 85.09 83.91 -47.26
CA PRO CE 122 85.46 85.08 -48.06
C PRO CE 122 84.31 85.54 -48.95
N GLN CE 123 84.25 86.86 -49.17
CA GLN CE 123 83.16 87.45 -49.93
C GLN CE 123 83.08 86.93 -51.36
N ALA CE 124 84.18 86.39 -51.89
CA ALA CE 124 84.17 85.90 -53.26
C ALA CE 124 83.16 84.77 -53.44
N PHE CE 125 83.10 83.85 -52.47
CA PHE CE 125 82.17 82.73 -52.51
C PHE CE 125 81.35 82.66 -51.23
N ARG CE 126 81.10 83.81 -50.62
CA ARG CE 126 80.39 83.85 -49.34
C ARG CE 126 78.97 83.32 -49.48
N GLY CE 127 78.27 83.72 -50.54
CA GLY CE 127 76.90 83.29 -50.74
C GLY CE 127 75.90 84.29 -50.18
N ASP CE 128 74.63 83.96 -50.38
CA ASP CE 128 73.55 84.83 -49.93
C ASP CE 128 73.52 84.88 -48.40
N GLN CE 129 73.30 86.07 -47.87
CA GLN CE 129 73.22 86.24 -46.42
C GLN CE 129 71.98 85.52 -45.89
N PRO CE 130 72.10 84.72 -44.83
CA PRO CE 130 70.92 84.03 -44.30
C PRO CE 130 69.93 85.01 -43.70
N LYS CE 131 68.66 84.62 -43.74
CA LYS CE 131 67.59 85.45 -43.23
C LYS CE 131 67.33 85.15 -41.76
N PRO CE 132 66.73 86.08 -41.02
CA PRO CE 132 66.46 85.84 -39.61
C PRO CE 132 65.52 84.66 -39.42
N PRO CE 133 65.49 84.07 -38.22
CA PRO CE 133 64.59 82.94 -37.98
C PRO CE 133 63.12 83.35 -37.93
N SER CE 134 62.25 82.39 -37.65
CA SER CE 134 60.83 82.67 -37.52
C SER CE 134 60.51 83.23 -36.14
N PHE CE 135 59.50 84.09 -36.09
CA PHE CE 135 59.11 84.71 -34.85
C PHE CE 135 58.55 83.67 -33.87
N THR DE 3 63.57 107.44 -17.92
CA THR DE 3 62.16 107.26 -18.25
C THR DE 3 61.77 105.81 -18.48
N PHE DE 4 62.65 105.02 -19.11
CA PHE DE 4 62.31 103.63 -19.39
C PHE DE 4 62.04 102.85 -18.11
N ILE DE 5 62.89 103.05 -17.09
CA ILE DE 5 62.69 102.35 -15.83
C ILE DE 5 61.37 102.73 -15.20
N GLU DE 6 60.97 104.00 -15.36
CA GLU DE 6 59.68 104.44 -14.83
C GLU DE 6 58.53 103.69 -15.48
N LEU DE 7 58.63 103.43 -16.79
CA LEU DE 7 57.57 102.70 -17.47
C LEU DE 7 57.43 101.30 -16.89
N VAL DE 8 58.55 100.64 -16.58
CA VAL DE 8 58.48 99.32 -15.97
C VAL DE 8 57.80 99.40 -14.61
N LYS DE 9 58.15 100.41 -13.82
CA LYS DE 9 57.55 100.57 -12.50
C LYS DE 9 56.06 100.84 -12.59
N ASN DE 10 55.56 101.21 -13.77
CA ASN DE 10 54.14 101.44 -13.98
C ASN DE 10 53.40 100.20 -14.42
N MET DE 11 54.08 99.06 -14.51
CA MET DE 11 53.46 97.84 -15.02
C MET DE 11 52.65 97.15 -13.93
N LYS DE 12 52.11 95.98 -14.27
CA LYS DE 12 51.35 95.16 -13.35
C LYS DE 12 52.17 93.92 -13.00
N GLY DE 13 52.27 93.62 -11.72
CA GLY DE 13 53.06 92.50 -11.25
C GLY DE 13 54.53 92.81 -11.05
N TYR DE 14 54.98 94.02 -11.36
CA TYR DE 14 56.38 94.38 -11.15
C TYR DE 14 56.71 94.37 -9.66
N LYS DE 15 57.90 93.89 -9.34
CA LYS DE 15 58.36 93.80 -7.97
C LYS DE 15 59.81 94.22 -7.89
N GLU DE 16 60.15 94.97 -6.83
CA GLU DE 16 61.50 95.46 -6.67
C GLU DE 16 62.45 94.31 -6.35
N LEU DE 17 63.67 94.40 -6.89
CA LEU DE 17 64.72 93.43 -6.61
C LEU DE 17 66.04 94.06 -6.22
N LEU DE 18 66.21 95.37 -6.41
CA LEU DE 18 67.44 96.04 -6.05
C LEU DE 18 67.38 96.49 -4.60
N LEU DE 19 68.40 97.21 -4.17
CA LEU DE 19 68.54 97.66 -2.79
C LEU DE 19 68.98 99.11 -2.78
N PRO DE 20 68.80 99.80 -1.65
CA PRO DE 20 69.23 101.20 -1.57
C PRO DE 20 70.72 101.33 -1.83
N MET DE 21 71.10 102.45 -2.44
CA MET DE 21 72.49 102.67 -2.79
C MET DE 21 73.40 102.52 -1.57
N GLU DE 22 72.91 102.93 -0.40
CA GLU DE 22 73.72 102.81 0.81
C GLU DE 22 73.99 101.36 1.16
N MET DE 23 72.99 100.50 1.02
CA MET DE 23 73.12 99.07 1.34
C MET DE 23 73.70 98.32 0.12
N VAL DE 24 74.83 98.80 -0.35
CA VAL DE 24 75.53 98.18 -1.47
C VAL DE 24 77.01 98.08 -1.13
N PRO DE 25 77.63 96.90 -1.21
CA PRO DE 25 79.06 96.79 -0.91
C PRO DE 25 79.89 97.72 -1.78
N LEU DE 26 81.16 97.87 -1.38
CA LEU DE 26 82.09 98.70 -2.10
C LEU DE 26 82.47 98.03 -3.42
N PRO DE 27 82.97 98.81 -4.39
CA PRO DE 27 83.39 98.21 -5.67
C PRO DE 27 84.59 97.31 -5.51
N ALA DE 28 85.04 96.71 -6.61
CA ALA DE 28 86.21 95.84 -6.60
C ALA DE 28 85.94 94.60 -5.75
N VAL DE 29 85.79 94.77 -4.44
CA VAL DE 29 85.56 93.63 -3.55
C VAL DE 29 84.26 92.94 -3.91
N VAL DE 30 83.23 93.71 -4.25
CA VAL DE 30 81.95 93.11 -4.62
C VAL DE 30 82.10 92.22 -5.84
N LEU DE 31 83.06 92.54 -6.73
CA LEU DE 31 83.28 91.72 -7.91
C LEU DE 31 83.76 90.32 -7.56
N LYS DE 32 84.24 90.10 -6.34
CA LYS DE 32 84.78 88.79 -5.97
C LYS DE 32 83.68 87.73 -6.01
N HIS DE 33 82.47 88.07 -5.58
CA HIS DE 33 81.37 87.12 -5.65
C HIS DE 33 81.13 86.65 -7.08
N VAL DE 34 81.51 87.45 -8.06
CA VAL DE 34 81.35 87.05 -9.47
C VAL DE 34 82.16 85.79 -9.73
N LYS DE 35 83.42 85.77 -9.29
CA LYS DE 35 84.27 84.61 -9.52
C LYS DE 35 83.72 83.38 -8.81
N LEU DE 36 83.22 83.56 -7.58
CA LEU DE 36 82.74 82.43 -6.81
C LEU DE 36 81.47 81.82 -7.37
N ILE DE 37 80.82 82.49 -8.33
CA ILE DE 37 79.57 82.02 -8.90
C ILE DE 37 79.80 81.59 -10.35
N LEU DE 38 80.80 82.19 -11.00
CA LEU DE 38 81.17 81.81 -12.35
C LEU DE 38 82.15 80.64 -12.36
N THR DE 39 83.27 80.80 -11.66
CA THR DE 39 84.29 79.74 -11.64
C THR DE 39 83.73 78.46 -11.02
N SER DE 40 82.98 78.59 -9.93
CA SER DE 40 82.37 77.44 -9.26
C SER DE 40 80.99 77.16 -9.87
N GLN DE 41 80.98 76.93 -11.18
CA GLN DE 41 79.74 76.69 -11.90
C GLN DE 41 80.02 75.90 -13.16
N LYS DE 42 78.95 75.33 -13.71
CA LYS DE 42 79.02 74.55 -14.94
C LYS DE 42 77.64 74.60 -15.59
N GLU DE 43 77.57 74.10 -16.82
CA GLU DE 43 76.33 74.12 -17.60
C GLU DE 43 75.86 75.57 -17.81
N HIS DE 44 76.70 76.30 -18.55
CA HIS DE 44 76.48 77.69 -18.86
C HIS DE 44 75.02 77.98 -19.18
N GLN DE 45 74.41 78.88 -18.43
CA GLN DE 45 73.03 79.28 -18.60
C GLN DE 45 72.95 80.71 -19.12
N PRO DE 46 71.83 81.08 -19.74
CA PRO DE 46 71.75 82.43 -20.35
C PRO DE 46 72.01 83.55 -19.36
N TRP DE 47 71.53 83.43 -18.12
CA TRP DE 47 71.69 84.51 -17.17
C TRP DE 47 73.15 84.69 -16.77
N MET DE 48 73.96 83.63 -16.86
CA MET DE 48 75.37 83.75 -16.50
C MET DE 48 76.08 84.74 -17.40
N THR DE 49 75.77 84.72 -18.70
CA THR DE 49 76.40 85.66 -19.61
C THR DE 49 76.02 87.09 -19.26
N GLU DE 50 74.75 87.31 -18.88
CA GLU DE 50 74.32 88.66 -18.52
C GLU DE 50 75.16 89.20 -17.37
N MET DE 51 75.38 88.37 -16.34
CA MET DE 51 76.20 88.80 -15.22
C MET DE 51 77.63 89.10 -15.67
N ALA DE 52 78.19 88.24 -16.52
CA ALA DE 52 79.57 88.43 -16.97
C ALA DE 52 79.72 89.72 -17.76
N LEU DE 53 78.77 90.01 -18.64
CA LEU DE 53 78.86 91.20 -19.47
C LEU DE 53 78.54 92.48 -18.71
N LYS DE 54 78.03 92.37 -17.48
CA LYS DE 54 77.76 93.54 -16.64
C LYS DE 54 78.89 93.81 -15.67
N ALA DE 55 79.41 92.78 -15.00
CA ALA DE 55 80.48 92.96 -14.04
C ALA DE 55 81.74 93.50 -14.70
N ASP DE 56 82.08 92.97 -15.88
CA ASP DE 56 83.27 93.41 -16.59
C ASP DE 56 83.22 94.89 -16.93
N GLN DE 57 82.03 95.47 -17.02
CA GLN DE 57 81.92 96.89 -17.37
C GLN DE 57 82.55 97.77 -16.29
N CYS DE 58 82.40 97.39 -15.02
CA CYS DE 58 82.98 98.18 -13.94
C CYS DE 58 84.48 98.31 -14.11
N LEU DE 59 85.15 97.22 -14.48
CA LEU DE 59 86.59 97.27 -14.72
C LEU DE 59 86.92 98.24 -15.85
N ILE DE 60 86.11 98.23 -16.91
CA ILE DE 60 86.34 99.14 -18.02
C ILE DE 60 86.24 100.59 -17.56
N HIS DE 61 85.17 100.90 -16.81
CA HIS DE 61 85.04 102.24 -16.24
C HIS DE 61 86.14 102.49 -15.22
N LYS DE 62 86.46 101.48 -14.40
CA LYS DE 62 87.52 101.63 -13.41
C LYS DE 62 88.87 101.82 -14.09
N ALA DE 63 89.09 101.14 -15.21
CA ALA DE 63 90.36 101.26 -15.92
C ALA DE 63 90.63 102.68 -16.38
N THR DE 64 89.58 103.48 -16.60
CA THR DE 64 89.78 104.86 -17.04
C THR DE 64 90.40 105.73 -15.97
N LEU DE 65 90.36 105.28 -14.70
CA LEU DE 65 90.95 106.07 -13.63
C LEU DE 65 92.44 106.31 -13.87
N ASP DE 66 93.12 105.37 -14.52
CA ASP DE 66 94.53 105.58 -14.84
C ASP DE 66 94.70 106.78 -15.76
N PRO DE 78 82.96 117.24 -14.97
CA PRO DE 78 81.73 116.43 -15.04
C PRO DE 78 81.94 115.07 -15.67
N LEU DE 79 82.83 114.98 -16.68
CA LEU DE 79 83.10 113.70 -17.31
C LEU DE 79 83.70 112.72 -16.32
N ILE DE 80 84.66 113.18 -15.51
CA ILE DE 80 85.29 112.30 -14.52
C ILE DE 80 84.31 111.97 -13.41
N GLU DE 81 83.57 112.97 -12.93
CA GLU DE 81 82.60 112.73 -11.86
C GLU DE 81 81.48 111.80 -12.32
N ALA DE 82 81.00 111.99 -13.54
CA ALA DE 82 79.85 111.22 -14.01
C ALA DE 82 80.15 109.73 -14.03
N MET DE 83 81.34 109.35 -14.48
CA MET DE 83 81.68 107.93 -14.57
C MET DE 83 81.65 107.28 -13.19
N GLN DE 84 82.16 107.97 -12.17
CA GLN DE 84 82.17 107.40 -10.82
C GLN DE 84 80.76 107.13 -10.34
N GLN DE 85 79.81 108.02 -10.64
CA GLN DE 85 78.43 107.82 -10.22
C GLN DE 85 77.84 106.58 -10.86
N ILE DE 86 78.16 106.34 -12.14
CA ILE DE 86 77.56 105.21 -12.85
C ILE DE 86 77.97 103.89 -12.22
N ILE DE 87 79.19 103.81 -11.69
CA ILE DE 87 79.67 102.55 -11.12
C ILE DE 87 78.76 102.10 -9.99
N LEU DE 88 78.29 103.05 -9.17
CA LEU DE 88 77.39 102.69 -8.08
C LEU DE 88 76.10 102.08 -8.62
N ALA DE 89 75.55 102.65 -9.69
CA ALA DE 89 74.30 102.13 -10.24
C ALA DE 89 74.49 100.70 -10.75
N MET DE 90 75.58 100.45 -11.48
CA MET DE 90 75.84 99.10 -11.97
C MET DE 90 76.09 98.14 -10.83
N THR DE 91 76.81 98.59 -9.79
CA THR DE 91 77.07 97.72 -8.65
C THR DE 91 75.78 97.28 -7.99
N ARG DE 92 74.80 98.19 -7.90
CA ARG DE 92 73.52 97.83 -7.31
C ARG DE 92 72.85 96.71 -8.09
N GLU DE 93 72.90 96.77 -9.42
CA GLU DE 93 72.30 95.73 -10.24
C GLU DE 93 73.00 94.39 -10.02
N LEU DE 94 74.33 94.42 -9.88
CA LEU DE 94 75.07 93.17 -9.70
C LEU DE 94 74.61 92.43 -8.45
N TRP DE 95 74.40 93.15 -7.35
CA TRP DE 95 74.03 92.50 -6.10
C TRP DE 95 72.67 91.81 -6.23
N GLY DE 96 71.72 92.45 -6.90
CA GLY DE 96 70.40 91.85 -7.06
C GLY DE 96 70.47 90.52 -7.78
N GLN DE 97 71.29 90.44 -8.83
CA GLN DE 97 71.45 89.18 -9.54
C GLN DE 97 72.04 88.11 -8.64
N ILE DE 98 73.01 88.49 -7.81
CA ILE DE 98 73.64 87.52 -6.91
C ILE DE 98 72.61 86.95 -5.95
N GLN DE 99 71.81 87.83 -5.34
CA GLN DE 99 70.75 87.36 -4.46
C GLN DE 99 69.69 86.57 -5.23
N ARG DE 100 69.43 86.95 -6.48
CA ARG DE 100 68.51 86.19 -7.32
C ARG DE 100 68.99 84.77 -7.53
N HIS DE 101 70.27 84.50 -7.32
CA HIS DE 101 70.83 83.16 -7.46
C HIS DE 101 71.04 82.46 -6.12
N HIS DE 102 71.59 83.16 -5.14
CA HIS DE 102 71.87 82.55 -3.84
C HIS DE 102 70.58 82.23 -3.10
N TYR DE 103 69.79 83.25 -2.79
CA TYR DE 103 68.55 83.08 -2.03
C TYR DE 103 67.34 82.98 -2.95
N GLY DE 104 67.42 82.08 -3.93
CA GLY DE 104 66.29 81.90 -4.82
C GLY DE 104 66.03 83.17 -5.60
N ILE DE 105 64.85 83.21 -6.22
CA ILE DE 105 64.41 84.37 -6.98
C ILE DE 105 63.07 84.85 -6.44
N VAL DE 106 62.32 83.95 -5.81
CA VAL DE 106 61.03 84.31 -5.24
C VAL DE 106 61.20 84.88 -3.84
N GLN DE 107 62.01 84.20 -3.01
CA GLN DE 107 62.24 84.68 -1.65
C GLN DE 107 62.96 86.02 -1.62
N VAL DE 108 63.66 86.39 -2.69
CA VAL DE 108 64.37 87.65 -2.72
C VAL DE 108 63.40 88.82 -2.60
N GLU DE 109 62.29 88.75 -3.32
CA GLU DE 109 61.32 89.85 -3.29
C GLU DE 109 60.79 90.07 -1.88
N HIS DE 110 60.52 88.99 -1.15
CA HIS DE 110 60.03 89.13 0.21
C HIS DE 110 61.05 89.84 1.09
N TYR DE 111 62.34 89.51 0.95
CA TYR DE 111 63.36 90.14 1.77
C TYR DE 111 63.44 91.63 1.49
N VAL DE 112 63.51 92.00 0.20
CA VAL DE 112 63.61 93.42 -0.14
C VAL DE 112 62.35 94.15 0.27
N LYS DE 113 61.19 93.49 0.18
CA LYS DE 113 59.95 94.11 0.64
C LYS DE 113 60.07 94.52 2.10
N GLN DE 114 60.62 93.65 2.95
CA GLN DE 114 60.79 94.00 4.36
C GLN DE 114 61.87 95.05 4.54
N ILE DE 115 62.92 95.01 3.72
CA ILE DE 115 63.98 96.00 3.84
C ILE DE 115 63.44 97.41 3.65
N THR DE 116 62.57 97.59 2.65
CA THR DE 116 62.02 98.91 2.39
C THR DE 116 61.22 99.41 3.59
N LEU DE 117 60.39 98.56 4.18
CA LEU DE 117 59.61 98.95 5.34
C LEU DE 117 60.52 99.23 6.53
N TRP DE 118 61.53 98.37 6.74
CA TRP DE 118 62.40 98.50 7.91
C TRP DE 118 63.24 99.77 7.88
N GLN DE 119 63.47 100.34 6.70
CA GLN DE 119 64.28 101.54 6.56
C GLN DE 119 63.45 102.80 6.40
N ASP DE 120 62.33 102.73 5.68
CA ASP DE 120 61.52 103.91 5.45
C ASP DE 120 60.94 104.46 6.75
N THR DE 121 60.52 103.57 7.64
CA THR DE 121 59.98 104.02 8.92
C THR DE 121 61.08 104.71 9.73
N PRO DE 122 60.71 105.63 10.62
CA PRO DE 122 61.74 106.32 11.41
C PRO DE 122 62.50 105.36 12.29
N GLN DE 123 63.76 105.72 12.57
CA GLN DE 123 64.64 104.84 13.32
C GLN DE 123 64.10 104.52 14.70
N ALA DE 124 63.19 105.36 15.24
CA ALA DE 124 62.63 105.10 16.55
C ALA DE 124 61.60 103.97 16.56
N PHE DE 125 61.20 103.48 15.39
CA PHE DE 125 60.19 102.43 15.29
C PHE DE 125 60.66 101.18 14.56
N ARG DE 126 61.84 101.21 13.94
CA ARG DE 126 62.28 100.07 13.14
C ARG DE 126 62.34 98.80 13.96
N GLY DE 127 63.21 98.78 14.97
CA GLY DE 127 63.40 97.60 15.78
C GLY DE 127 64.69 96.87 15.48
N ASP DE 128 64.59 95.72 14.82
CA ASP DE 128 65.75 94.91 14.47
C ASP DE 128 65.72 94.61 12.98
N GLN DE 129 66.91 94.59 12.37
CA GLN DE 129 67.00 94.31 10.95
C GLN DE 129 66.50 92.89 10.66
N PRO DE 130 65.67 92.69 9.63
CA PRO DE 130 65.22 91.34 9.29
C PRO DE 130 66.31 90.58 8.55
N LYS DE 131 66.75 89.48 9.12
CA LYS DE 131 67.83 88.70 8.52
C LYS DE 131 67.37 88.13 7.17
N PRO DE 132 68.20 88.20 6.13
CA PRO DE 132 67.79 87.64 4.84
C PRO DE 132 67.69 86.12 4.94
N PRO DE 133 66.86 85.50 4.11
CA PRO DE 133 66.75 84.04 4.14
C PRO DE 133 68.06 83.39 3.72
N SER DE 134 68.30 82.20 4.26
CA SER DE 134 69.52 81.47 3.97
C SER DE 134 69.44 80.86 2.57
N PHE DE 135 70.48 80.08 2.23
CA PHE DE 135 70.57 79.46 0.90
C PHE DE 135 69.60 78.29 0.85
N THR EE 3 32.90 117.15 12.47
CA THR EE 3 31.73 116.66 13.18
C THR EE 3 31.29 115.28 12.70
N PHE EE 4 31.63 114.92 11.47
CA PHE EE 4 31.30 113.58 10.98
C PHE EE 4 31.96 112.51 11.84
N ILE EE 5 33.22 112.73 12.22
CA ILE EE 5 33.91 111.75 13.06
C ILE EE 5 33.15 111.56 14.36
N GLU EE 6 32.60 112.64 14.91
CA GLU EE 6 31.77 112.51 16.10
C GLU EE 6 30.54 111.64 15.81
N LEU EE 7 29.94 111.82 14.63
CA LEU EE 7 28.78 111.01 14.28
C LEU EE 7 29.13 109.53 14.20
N VAL EE 8 30.41 109.22 13.94
CA VAL EE 8 30.86 107.83 13.90
C VAL EE 8 31.61 107.44 15.17
N LYS EE 9 32.12 108.40 15.94
CA LYS EE 9 32.83 108.06 17.16
C LYS EE 9 31.97 107.24 18.11
N ASN EE 10 30.65 107.40 18.03
CA ASN EE 10 29.74 106.62 18.86
C ASN EE 10 29.44 105.24 18.27
N MET EE 11 29.78 105.01 17.00
CA MET EE 11 29.52 103.72 16.38
C MET EE 11 30.33 102.62 17.07
N LYS EE 12 29.76 101.41 17.10
CA LYS EE 12 30.43 100.29 17.74
C LYS EE 12 31.74 99.95 17.06
N GLY EE 13 31.75 99.95 15.73
CA GLY EE 13 32.92 99.53 14.98
C GLY EE 13 33.87 100.66 14.65
N TYR EE 14 33.63 101.84 15.21
CA TYR EE 14 34.50 102.98 14.96
C TYR EE 14 35.89 102.72 15.52
N LYS EE 15 36.91 103.16 14.79
CA LYS EE 15 38.29 102.94 15.17
C LYS EE 15 39.10 104.20 14.89
N GLU EE 16 40.19 104.37 15.66
CA GLU EE 16 41.10 105.49 15.46
C GLU EE 16 42.14 105.08 14.42
N LEU EE 17 41.73 105.13 13.15
CA LEU EE 17 42.62 104.77 12.06
C LEU EE 17 43.76 105.76 11.91
N LEU EE 18 43.64 106.96 12.45
CA LEU EE 18 44.66 107.99 12.34
C LEU EE 18 45.82 107.62 13.26
N LEU EE 19 46.89 107.07 12.68
CA LEU EE 19 48.02 106.64 13.48
C LEU EE 19 48.83 107.85 13.94
N PRO EE 20 49.70 107.67 14.93
CA PRO EE 20 50.49 108.80 15.43
C PRO EE 20 51.31 109.45 14.32
N MET EE 21 51.43 110.78 14.40
CA MET EE 21 52.18 111.52 13.40
C MET EE 21 53.63 111.07 13.35
N GLU EE 22 54.24 110.87 14.52
CA GLU EE 22 55.64 110.42 14.55
C GLU EE 22 55.79 109.05 13.91
N MET EE 23 54.75 108.22 13.98
CA MET EE 23 54.85 106.86 13.45
C MET EE 23 55.06 106.86 11.94
N VAL EE 24 54.34 107.70 11.22
CA VAL EE 24 54.38 107.69 9.76
C VAL EE 24 55.62 108.44 9.28
N PRO EE 25 56.14 108.11 8.09
CA PRO EE 25 57.29 108.85 7.55
C PRO EE 25 56.88 110.12 6.84
N LEU EE 26 57.84 110.78 6.19
CA LEU EE 26 57.56 112.00 5.46
C LEU EE 26 56.67 111.71 4.25
N PRO EE 27 55.95 112.72 3.75
CA PRO EE 27 55.01 112.46 2.64
C PRO EE 27 55.67 111.85 1.42
N ALA EE 28 56.90 112.26 1.09
CA ALA EE 28 57.53 111.78 -0.13
C ALA EE 28 57.73 110.27 -0.10
N VAL EE 29 58.16 109.73 1.04
CA VAL EE 29 58.43 108.30 1.13
C VAL EE 29 57.13 107.50 0.98
N VAL EE 30 56.04 108.01 1.54
CA VAL EE 30 54.78 107.26 1.48
C VAL EE 30 54.35 107.05 0.04
N LEU EE 31 54.48 108.09 -0.79
CA LEU EE 31 54.10 107.97 -2.19
C LEU EE 31 54.82 106.82 -2.87
N LYS EE 32 56.04 106.52 -2.44
CA LYS EE 32 56.77 105.40 -3.03
C LYS EE 32 56.05 104.08 -2.82
N HIS EE 33 55.53 103.86 -1.61
CA HIS EE 33 54.85 102.60 -1.32
C HIS EE 33 53.52 102.50 -2.06
N VAL EE 34 52.89 103.62 -2.36
CA VAL EE 34 51.61 103.58 -3.08
C VAL EE 34 51.81 102.97 -4.46
N LYS EE 35 52.86 103.37 -5.16
CA LYS EE 35 53.16 102.76 -6.45
C LYS EE 35 53.48 101.28 -6.28
N LEU EE 36 54.27 100.94 -5.26
CA LEU EE 36 54.67 99.55 -5.07
C LEU EE 36 53.47 98.67 -4.71
N ILE EE 37 52.61 99.14 -3.80
CA ILE EE 37 51.48 98.34 -3.39
C ILE EE 37 50.45 98.23 -4.51
N LEU EE 38 50.16 99.33 -5.20
CA LEU EE 38 49.24 99.28 -6.32
C LEU EE 38 49.79 98.40 -7.43
N THR EE 39 51.08 98.54 -7.74
CA THR EE 39 51.68 97.72 -8.80
C THR EE 39 51.64 96.25 -8.42
N SER EE 40 52.00 95.92 -7.19
CA SER EE 40 52.03 94.51 -6.78
C SER EE 40 50.63 93.91 -6.82
N GLN EE 41 49.63 94.63 -6.35
CA GLN EE 41 48.27 94.11 -6.31
C GLN EE 41 47.73 93.94 -7.73
N LYS EE 42 46.96 92.87 -7.93
CA LYS EE 42 46.43 92.54 -9.25
C LYS EE 42 44.91 92.63 -9.31
N GLU EE 43 44.21 91.99 -8.39
CA GLU EE 43 42.75 92.01 -8.44
C GLU EE 43 42.23 93.43 -8.26
N HIS EE 44 41.22 93.78 -9.04
CA HIS EE 44 40.65 95.12 -9.02
C HIS EE 44 39.53 95.20 -8.01
N GLN EE 45 39.67 96.09 -7.03
CA GLN EE 45 38.65 96.38 -6.04
C GLN EE 45 38.51 97.88 -5.91
N PRO EE 46 37.38 98.36 -5.40
CA PRO EE 46 37.18 99.82 -5.31
C PRO EE 46 38.20 100.53 -4.44
N TRP EE 47 38.81 99.85 -3.47
CA TRP EE 47 39.72 100.54 -2.56
C TRP EE 47 40.94 101.06 -3.29
N MET EE 48 41.52 100.26 -4.18
CA MET EE 48 42.69 100.73 -4.93
C MET EE 48 42.33 101.89 -5.84
N THR EE 49 41.15 101.83 -6.46
CA THR EE 49 40.70 102.95 -7.29
C THR EE 49 40.57 104.21 -6.47
N GLU EE 50 39.97 104.12 -5.28
CA GLU EE 50 39.85 105.27 -4.40
C GLU EE 50 41.17 105.59 -3.71
N MET EE 51 42.01 104.58 -3.48
CA MET EE 51 43.29 104.81 -2.82
C MET EE 51 44.17 105.73 -3.65
N ALA EE 52 44.21 105.51 -4.97
CA ALA EE 52 45.01 106.36 -5.84
C ALA EE 52 44.51 107.81 -5.80
N LEU EE 53 43.19 107.99 -5.83
CA LEU EE 53 42.63 109.34 -5.83
C LEU EE 53 43.02 110.10 -4.57
N LYS EE 54 42.96 109.43 -3.42
CA LYS EE 54 43.29 110.08 -2.16
C LYS EE 54 44.74 110.52 -2.15
N ALA EE 55 45.65 109.70 -2.68
CA ALA EE 55 47.05 110.06 -2.71
C ALA EE 55 47.34 111.12 -3.76
N ASP EE 56 46.52 111.18 -4.82
CA ASP EE 56 46.78 112.13 -5.89
C ASP EE 56 46.72 113.56 -5.38
N GLN EE 57 45.78 113.86 -4.49
CA GLN EE 57 45.61 115.23 -4.01
C GLN EE 57 46.91 115.76 -3.42
N CYS EE 58 47.66 114.91 -2.73
CA CYS EE 58 48.92 115.36 -2.12
C CYS EE 58 49.89 115.89 -3.18
N LEU EE 59 49.90 115.28 -4.37
CA LEU EE 59 50.81 115.74 -5.41
C LEU EE 59 50.51 117.18 -5.82
N ILE EE 60 49.23 117.53 -5.93
CA ILE EE 60 48.88 118.89 -6.35
C ILE EE 60 49.38 119.89 -5.33
N HIS EE 61 49.22 119.59 -4.04
CA HIS EE 61 49.69 120.50 -3.00
C HIS EE 61 51.19 120.69 -3.05
N LYS EE 62 51.93 119.65 -3.45
CA LYS EE 62 53.38 119.78 -3.57
C LYS EE 62 53.74 120.88 -4.56
N ALA EE 63 53.12 120.87 -5.74
CA ALA EE 63 53.39 121.90 -6.74
C ALA EE 63 52.69 123.21 -6.41
N THR EE 64 51.52 123.15 -5.79
CA THR EE 64 50.80 124.37 -5.45
C THR EE 64 51.63 125.25 -4.53
N LEU EE 65 52.20 124.68 -3.47
CA LEU EE 65 53.06 125.44 -2.58
C LEU EE 65 54.43 125.69 -3.20
N PRO EE 78 48.42 132.13 7.67
CA PRO EE 78 47.52 131.05 8.12
C PRO EE 78 47.11 130.10 7.01
N LEU EE 79 46.95 130.62 5.78
CA LEU EE 79 46.54 129.76 4.68
C LEU EE 79 47.62 128.76 4.34
N ILE EE 80 48.85 129.22 4.16
CA ILE EE 80 49.94 128.33 3.78
C ILE EE 80 50.22 127.33 4.90
N GLU EE 81 50.24 127.80 6.15
CA GLU EE 81 50.55 126.92 7.26
C GLU EE 81 49.53 125.79 7.38
N ALA EE 82 48.24 126.11 7.18
CA ALA EE 82 47.21 125.09 7.27
C ALA EE 82 47.43 123.99 6.24
N MET EE 83 47.81 124.37 5.01
CA MET EE 83 48.02 123.38 3.97
C MET EE 83 49.12 122.39 4.37
N GLN EE 84 50.17 122.89 5.02
CA GLN EE 84 51.24 122.00 5.45
C GLN EE 84 50.71 120.93 6.39
N GLN EE 85 49.85 121.32 7.33
CA GLN EE 85 49.25 120.35 8.24
C GLN EE 85 48.28 119.44 7.49
N ILE EE 86 47.58 119.98 6.48
CA ILE EE 86 46.62 119.17 5.73
C ILE EE 86 47.33 118.03 5.02
N ILE EE 87 48.49 118.31 4.42
CA ILE EE 87 49.23 117.26 3.73
C ILE EE 87 49.57 116.13 4.68
N LEU EE 88 50.04 116.47 5.89
CA LEU EE 88 50.36 115.46 6.87
C LEU EE 88 49.12 114.69 7.30
N ALA EE 89 47.96 115.33 7.27
CA ALA EE 89 46.72 114.64 7.65
C ALA EE 89 46.44 113.49 6.71
N MET EE 90 46.63 113.70 5.40
CA MET EE 90 46.36 112.64 4.44
C MET EE 90 47.40 111.53 4.54
N THR EE 91 48.64 111.87 4.88
CA THR EE 91 49.69 110.86 4.99
C THR EE 91 49.34 109.82 6.05
N ARG EE 92 48.82 110.26 7.20
CA ARG EE 92 48.42 109.31 8.23
C ARG EE 92 47.32 108.39 7.72
N GLU EE 93 46.35 108.94 7.01
CA GLU EE 93 45.28 108.13 6.46
C GLU EE 93 45.80 107.14 5.44
N LEU EE 94 46.72 107.58 4.57
CA LEU EE 94 47.25 106.70 3.55
C LEU EE 94 48.04 105.54 4.17
N TRP EE 95 48.88 105.85 5.16
CA TRP EE 95 49.70 104.79 5.75
C TRP EE 95 48.85 103.72 6.40
N GLY EE 96 47.65 104.07 6.87
CA GLY EE 96 46.79 103.08 7.48
C GLY EE 96 46.37 102.00 6.49
N GLN EE 97 45.96 102.41 5.30
CA GLN EE 97 45.59 101.44 4.26
C GLN EE 97 46.79 100.60 3.85
N ILE EE 98 47.98 101.22 3.81
CA ILE EE 98 49.19 100.49 3.45
C ILE EE 98 49.44 99.36 4.44
N GLN EE 99 49.41 99.68 5.74
CA GLN EE 99 49.69 98.67 6.75
C GLN EE 99 48.57 97.65 6.83
N ARG EE 100 47.32 98.10 6.76
CA ARG EE 100 46.21 97.17 6.85
C ARG EE 100 46.21 96.19 5.68
N HIS EE 101 46.51 96.68 4.48
CA HIS EE 101 46.54 95.81 3.31
C HIS EE 101 47.69 94.80 3.41
N HIS EE 102 48.87 95.25 3.80
CA HIS EE 102 50.02 94.35 3.89
C HIS EE 102 49.81 93.29 4.97
N TYR EE 103 49.47 93.71 6.19
CA TYR EE 103 49.29 92.79 7.30
C TYR EE 103 47.83 92.41 7.50
N GLY EE 104 46.99 93.39 7.76
CA GLY EE 104 45.58 93.15 8.02
C GLY EE 104 44.99 94.26 8.86
N ILE EE 105 43.66 94.35 8.80
CA ILE EE 105 42.96 95.41 9.51
C ILE EE 105 43.10 95.24 11.02
N VAL EE 106 42.94 94.00 11.51
CA VAL EE 106 42.99 93.77 12.95
C VAL EE 106 44.40 93.98 13.48
N GLN EE 107 45.41 93.53 12.73
CA GLN EE 107 46.78 93.59 13.23
C GLN EE 107 47.21 95.03 13.47
N VAL EE 108 46.88 95.94 12.55
CA VAL EE 108 47.25 97.34 12.73
C VAL EE 108 46.56 97.91 13.97
N GLU EE 109 45.26 97.65 14.10
CA GLU EE 109 44.54 98.10 15.29
C GLU EE 109 45.12 97.46 16.55
N HIS EE 110 45.59 96.21 16.43
CA HIS EE 110 46.15 95.51 17.57
C HIS EE 110 47.56 95.99 17.90
N TYR EE 111 48.35 96.32 16.88
CA TYR EE 111 49.75 96.65 17.09
C TYR EE 111 50.00 98.14 17.35
N VAL EE 112 49.13 99.02 16.86
CA VAL EE 112 49.36 100.45 17.00
C VAL EE 112 49.41 100.84 18.47
N LYS EE 113 48.49 100.30 19.27
CA LYS EE 113 48.43 100.69 20.68
C LYS EE 113 49.67 100.25 21.43
N GLN EE 114 50.22 99.08 21.08
CA GLN EE 114 51.36 98.54 21.82
C GLN EE 114 52.53 99.51 21.79
N ILE EE 115 52.87 100.03 20.62
CA ILE EE 115 54.02 100.92 20.50
C ILE EE 115 53.77 102.22 21.24
N THR EE 116 52.52 102.71 21.23
CA THR EE 116 52.20 103.94 21.94
C THR EE 116 52.45 103.79 23.43
N LEU EE 117 52.07 102.63 23.99
CA LEU EE 117 52.32 102.39 25.41
C LEU EE 117 53.81 102.38 25.71
N TRP EE 118 54.61 101.74 24.85
CA TRP EE 118 56.04 101.68 25.09
C TRP EE 118 56.66 103.07 25.16
N GLN EE 119 56.04 104.06 24.49
CA GLN EE 119 56.55 105.42 24.55
C GLN EE 119 56.06 106.14 25.81
N ASP EE 120 54.75 106.11 26.06
CA ASP EE 120 54.17 106.79 27.21
C ASP EE 120 54.45 105.96 28.46
N THR EE 121 55.71 106.04 28.91
CA THR EE 121 56.16 105.30 30.09
C THR EE 121 57.41 105.99 30.61
N PRO EE 122 57.69 105.92 31.91
CA PRO EE 122 58.85 106.66 32.45
C PRO EE 122 60.18 106.08 31.99
N GLN EE 123 60.52 106.31 30.72
CA GLN EE 123 61.81 105.97 30.13
C GLN EE 123 62.39 104.66 30.65
N ALA EE 124 62.77 104.62 31.93
CA ALA EE 124 63.52 103.47 32.44
C ALA EE 124 62.76 102.17 32.22
N PHE EE 125 61.50 102.12 32.69
CA PHE EE 125 60.67 100.94 32.50
C PHE EE 125 59.82 101.04 31.24
N ARG EE 126 60.46 101.38 30.11
CA ARG EE 126 59.72 101.53 28.87
C ARG EE 126 59.17 100.19 28.39
N GLY EE 127 59.96 99.13 28.53
CA GLY EE 127 59.54 97.82 28.08
C GLY EE 127 60.68 97.02 27.50
N ASP EE 128 60.46 96.42 26.33
CA ASP EE 128 61.48 95.62 25.67
C ASP EE 128 61.51 95.88 24.17
N GLN EE 129 61.18 97.10 23.75
CA GLN EE 129 61.20 97.47 22.34
C GLN EE 129 60.29 96.52 21.58
N PRO EE 130 58.96 96.65 21.72
CA PRO EE 130 58.07 95.65 21.14
C PRO EE 130 58.31 95.47 19.64
N LYS EE 131 58.34 94.22 19.21
CA LYS EE 131 58.63 93.91 17.83
C LYS EE 131 57.47 94.30 16.93
N PRO EE 132 57.74 94.73 15.70
CA PRO EE 132 56.65 95.01 14.75
C PRO EE 132 55.98 93.72 14.31
N PRO EE 133 54.76 93.80 13.80
CA PRO EE 133 54.03 92.57 13.45
C PRO EE 133 54.77 91.78 12.38
N THR FE 3 0.55 -77.52 -95.10
CA THR FE 3 0.92 -78.02 -93.78
C THR FE 3 1.16 -76.89 -92.79
N PHE FE 4 1.51 -75.70 -93.28
CA PHE FE 4 1.70 -74.57 -92.37
C PHE FE 4 0.41 -74.24 -91.62
N ILE FE 5 -0.73 -74.31 -92.32
CA ILE FE 5 -2.00 -74.04 -91.67
C ILE FE 5 -2.22 -75.00 -90.52
N GLU FE 6 -1.83 -76.27 -90.71
CA GLU FE 6 -1.89 -77.24 -89.62
C GLU FE 6 -1.02 -76.80 -88.47
N LEU FE 7 0.18 -76.29 -88.76
CA LEU FE 7 1.07 -75.83 -87.70
C LEU FE 7 0.45 -74.68 -86.92
N VAL FE 8 -0.47 -73.94 -87.53
CA VAL FE 8 -1.17 -72.86 -86.84
C VAL FE 8 -2.58 -73.25 -86.43
N LYS FE 9 -3.16 -74.28 -87.04
CA LYS FE 9 -4.51 -74.68 -86.67
C LYS FE 9 -4.60 -75.04 -85.20
N ASN FE 10 -3.50 -75.47 -84.59
CA ASN FE 10 -3.49 -75.77 -83.16
C ASN FE 10 -3.27 -74.53 -82.31
N MET FE 11 -2.88 -73.41 -82.89
CA MET FE 11 -2.65 -72.20 -82.12
C MET FE 11 -3.96 -71.70 -81.52
N LYS FE 12 -3.86 -71.08 -80.34
CA LYS FE 12 -5.05 -70.58 -79.66
C LYS FE 12 -5.75 -69.51 -80.46
N GLY FE 13 -4.99 -68.59 -81.05
CA GLY FE 13 -5.57 -67.47 -81.76
C GLY FE 13 -5.83 -67.72 -83.23
N TYR FE 14 -5.64 -68.96 -83.67
CA TYR FE 14 -5.87 -69.30 -85.06
C TYR FE 14 -7.34 -69.13 -85.42
N LYS FE 15 -7.59 -68.62 -86.63
CA LYS FE 15 -8.94 -68.34 -87.09
C LYS FE 15 -9.07 -68.77 -88.55
N GLU FE 16 -10.30 -69.09 -88.95
CA GLU FE 16 -10.59 -69.45 -90.33
C GLU FE 16 -10.91 -68.16 -91.10
N LEU FE 17 -9.84 -67.44 -91.45
CA LEU FE 17 -10.00 -66.20 -92.19
C LEU FE 17 -10.53 -66.43 -93.60
N LEU FE 18 -10.43 -67.65 -94.12
CA LEU FE 18 -10.89 -67.96 -95.47
C LEU FE 18 -12.41 -68.02 -95.47
N LEU FE 19 -13.04 -66.94 -95.93
CA LEU FE 19 -14.49 -66.87 -95.93
C LEU FE 19 -15.06 -67.77 -97.04
N PRO FE 20 -16.36 -68.08 -96.97
CA PRO FE 20 -16.95 -68.96 -97.98
C PRO FE 20 -16.78 -68.40 -99.38
N MET FE 21 -16.56 -69.31 -100.34
CA MET FE 21 -16.36 -68.90 -101.72
C MET FE 21 -17.59 -68.16 -102.25
N GLU FE 22 -18.78 -68.65 -101.94
CA GLU FE 22 -19.99 -67.98 -102.40
C GLU FE 22 -20.11 -66.57 -101.82
N MET FE 23 -19.56 -66.36 -100.62
CA MET FE 23 -19.70 -65.07 -99.97
C MET FE 23 -19.00 -63.97 -100.75
N VAL FE 24 -17.79 -64.24 -101.25
CA VAL FE 24 -16.98 -63.23 -101.92
C VAL FE 24 -17.46 -63.03 -103.35
N PRO FE 25 -17.27 -61.85 -103.94
CA PRO FE 25 -17.65 -61.64 -105.34
C PRO FE 25 -16.59 -62.11 -106.31
N LEU FE 26 -16.78 -61.84 -107.60
CA LEU FE 26 -15.81 -62.23 -108.60
C LEU FE 26 -14.51 -61.47 -108.43
N PRO FE 27 -13.40 -62.00 -108.95
CA PRO FE 27 -12.10 -61.33 -108.72
C PRO FE 27 -12.06 -59.89 -109.21
N ALA FE 28 -12.72 -59.60 -110.34
CA ALA FE 28 -12.63 -58.26 -110.91
C ALA FE 28 -13.20 -57.21 -109.96
N VAL FE 29 -14.33 -57.52 -109.31
CA VAL FE 29 -14.97 -56.54 -108.44
C VAL FE 29 -14.10 -56.27 -107.21
N VAL FE 30 -13.43 -57.30 -106.69
CA VAL FE 30 -12.63 -57.13 -105.49
C VAL FE 30 -11.52 -56.12 -105.74
N LEU FE 31 -10.86 -56.20 -106.89
CA LEU FE 31 -9.79 -55.28 -107.21
C LEU FE 31 -10.26 -53.83 -107.12
N LYS FE 32 -11.53 -53.58 -107.41
CA LYS FE 32 -12.06 -52.22 -107.32
C LYS FE 32 -11.97 -51.69 -105.90
N HIS FE 33 -12.32 -52.52 -104.92
CA HIS FE 33 -12.29 -52.06 -103.53
C HIS FE 33 -10.88 -51.87 -103.02
N VAL FE 34 -9.90 -52.59 -103.58
CA VAL FE 34 -8.52 -52.43 -103.15
C VAL FE 34 -8.03 -51.02 -103.43
N LYS FE 35 -8.34 -50.51 -104.62
CA LYS FE 35 -7.99 -49.13 -104.94
C LYS FE 35 -8.73 -48.16 -104.01
N LEU FE 36 -10.01 -48.40 -103.77
CA LEU FE 36 -10.80 -47.50 -102.94
C LEU FE 36 -10.32 -47.51 -101.50
N ILE FE 37 -10.05 -48.69 -100.95
CA ILE FE 37 -9.63 -48.77 -99.55
C ILE FE 37 -8.21 -48.20 -99.39
N LEU FE 38 -7.31 -48.56 -100.30
CA LEU FE 38 -5.95 -48.00 -100.24
C LEU FE 38 -5.97 -46.50 -100.42
N THR FE 39 -6.75 -46.01 -101.40
CA THR FE 39 -6.83 -44.58 -101.62
C THR FE 39 -7.40 -43.84 -100.42
N SER FE 40 -8.49 -44.37 -99.84
CA SER FE 40 -9.10 -43.72 -98.70
C SER FE 40 -8.16 -43.68 -97.51
N GLN FE 41 -7.46 -44.78 -97.24
CA GLN FE 41 -6.57 -44.83 -96.08
C GLN FE 41 -5.39 -43.91 -96.28
N LYS FE 42 -4.95 -43.27 -95.20
CA LYS FE 42 -3.87 -42.30 -95.25
C LYS FE 42 -2.64 -42.74 -94.47
N GLU FE 43 -2.80 -43.14 -93.21
CA GLU FE 43 -1.64 -43.54 -92.42
C GLU FE 43 -0.97 -44.76 -93.04
N HIS FE 44 0.36 -44.74 -93.06
CA HIS FE 44 1.14 -45.82 -93.66
C HIS FE 44 1.44 -46.88 -92.62
N GLN FE 45 1.00 -48.11 -92.89
CA GLN FE 45 1.30 -49.27 -92.09
C GLN FE 45 1.72 -50.41 -92.99
N PRO FE 46 2.44 -51.41 -92.47
CA PRO FE 46 2.92 -52.49 -93.33
C PRO FE 46 1.82 -53.27 -94.02
N TRP FE 47 0.62 -53.32 -93.45
CA TRP FE 47 -0.44 -54.15 -94.04
C TRP FE 47 -0.83 -53.65 -95.42
N MET FE 48 -0.97 -52.33 -95.59
CA MET FE 48 -1.32 -51.80 -96.90
C MET FE 48 -0.20 -52.05 -97.91
N THR FE 49 1.05 -51.92 -97.48
CA THR FE 49 2.18 -52.22 -98.36
C THR FE 49 2.14 -53.67 -98.81
N GLU FE 50 1.89 -54.59 -97.88
CA GLU FE 50 1.77 -56.00 -98.22
C GLU FE 50 0.44 -56.31 -98.89
N MET FE 51 -0.61 -55.56 -98.55
CA MET FE 51 -1.91 -55.80 -99.16
C MET FE 51 -1.87 -55.59 -100.67
N ALA FE 52 -1.19 -54.53 -101.11
CA ALA FE 52 -1.09 -54.28 -102.55
C ALA FE 52 -0.34 -55.40 -103.25
N LEU FE 53 0.74 -55.89 -102.65
CA LEU FE 53 1.53 -56.95 -103.27
C LEU FE 53 0.71 -58.21 -103.45
N LYS FE 54 -0.09 -58.57 -102.44
CA LYS FE 54 -0.90 -59.78 -102.53
C LYS FE 54 -1.92 -59.67 -103.66
N ALA FE 55 -2.53 -58.49 -103.83
CA ALA FE 55 -3.50 -58.32 -104.90
C ALA FE 55 -2.84 -58.22 -106.26
N ASP FE 56 -1.58 -57.78 -106.30
CA ASP FE 56 -0.90 -57.60 -107.58
C ASP FE 56 -0.78 -58.92 -108.32
N GLN FE 57 -0.48 -60.00 -107.60
CA GLN FE 57 -0.26 -61.28 -108.25
C GLN FE 57 -1.47 -61.68 -109.10
N CYS FE 58 -2.68 -61.38 -108.63
CA CYS FE 58 -3.87 -61.73 -109.38
C CYS FE 58 -3.88 -61.08 -110.76
N LEU FE 59 -3.35 -59.86 -110.87
CA LEU FE 59 -3.34 -59.18 -112.17
C LEU FE 59 -2.49 -59.95 -113.17
N ILE FE 60 -1.35 -60.47 -112.75
CA ILE FE 60 -0.47 -61.20 -113.67
C ILE FE 60 -1.18 -62.42 -114.21
N HIS FE 61 -1.88 -63.15 -113.33
CA HIS FE 61 -2.60 -64.34 -113.78
C HIS FE 61 -3.68 -64.00 -114.79
N LYS FE 62 -4.30 -62.82 -114.66
CA LYS FE 62 -5.31 -62.41 -115.63
C LYS FE 62 -4.72 -62.38 -117.03
N ALA FE 63 -3.58 -61.72 -117.20
CA ALA FE 63 -2.93 -61.65 -118.51
C ALA FE 63 -2.24 -62.95 -118.87
N THR FE 64 -1.70 -63.67 -117.88
CA THR FE 64 -1.02 -64.93 -118.18
C THR FE 64 -1.96 -65.91 -118.87
N LEU FE 65 -3.16 -66.09 -118.32
CA LEU FE 65 -4.14 -66.97 -118.94
C LEU FE 65 -4.76 -66.31 -120.17
N PRO FE 78 -4.70 -79.80 -116.44
CA PRO FE 78 -4.55 -79.65 -114.99
C PRO FE 78 -3.84 -78.37 -114.59
N LEU FE 79 -2.88 -77.92 -115.38
CA LEU FE 79 -2.14 -76.71 -115.04
C LEU FE 79 -3.05 -75.49 -115.11
N ILE FE 80 -3.78 -75.33 -116.22
CA ILE FE 80 -4.64 -74.16 -116.38
C ILE FE 80 -5.77 -74.18 -115.35
N GLU FE 81 -6.38 -75.34 -115.14
CA GLU FE 81 -7.50 -75.44 -114.21
C GLU FE 81 -7.07 -75.06 -112.79
N ALA FE 82 -5.87 -75.49 -112.38
CA ALA FE 82 -5.41 -75.17 -111.04
C ALA FE 82 -5.25 -73.67 -110.85
N MET FE 83 -4.75 -72.96 -111.88
CA MET FE 83 -4.58 -71.52 -111.77
C MET FE 83 -5.91 -70.84 -111.53
N GLN FE 84 -6.97 -71.30 -112.19
CA GLN FE 84 -8.29 -70.71 -111.99
C GLN FE 84 -8.71 -70.79 -110.52
N GLN FE 85 -8.48 -71.95 -109.89
CA GLN FE 85 -8.79 -72.08 -108.47
C GLN FE 85 -7.85 -71.25 -107.62
N ILE FE 86 -6.59 -71.11 -108.04
CA ILE FE 86 -5.62 -70.33 -107.27
C ILE FE 86 -6.06 -68.87 -107.19
N ILE FE 87 -6.54 -68.32 -108.30
CA ILE FE 87 -6.99 -66.93 -108.30
C ILE FE 87 -8.11 -66.73 -107.29
N LEU FE 88 -9.07 -67.66 -107.27
CA LEU FE 88 -10.16 -67.56 -106.31
C LEU FE 88 -9.65 -67.70 -104.87
N ALA FE 89 -8.56 -68.44 -104.67
CA ALA FE 89 -8.01 -68.60 -103.34
C ALA FE 89 -7.55 -67.25 -102.78
N MET FE 90 -6.89 -66.44 -103.61
CA MET FE 90 -6.41 -65.15 -103.14
C MET FE 90 -7.56 -64.17 -102.92
N THR FE 91 -8.64 -64.30 -103.71
CA THR FE 91 -9.77 -63.39 -103.55
C THR FE 91 -10.38 -63.52 -102.16
N ARG FE 92 -10.53 -64.75 -101.68
CA ARG FE 92 -11.07 -64.94 -100.33
C ARG FE 92 -10.17 -64.30 -99.29
N GLU FE 93 -8.86 -64.44 -99.44
CA GLU FE 93 -7.92 -63.83 -98.51
C GLU FE 93 -8.01 -62.32 -98.56
N LEU FE 94 -8.10 -61.76 -99.77
CA LEU FE 94 -8.15 -60.31 -99.91
C LEU FE 94 -9.42 -59.74 -99.29
N TRP FE 95 -10.56 -60.39 -99.52
CA TRP FE 95 -11.82 -59.86 -99.01
C TRP FE 95 -11.83 -59.83 -97.49
N GLY FE 96 -11.07 -60.73 -96.85
CA GLY FE 96 -11.02 -60.73 -95.39
C GLY FE 96 -10.42 -59.45 -94.85
N GLN FE 97 -9.30 -59.02 -95.43
CA GLN FE 97 -8.68 -57.77 -95.00
C GLN FE 97 -9.59 -56.58 -95.28
N ILE FE 98 -10.31 -56.62 -96.41
CA ILE FE 98 -11.23 -55.54 -96.73
C ILE FE 98 -12.30 -55.40 -95.66
N GLN FE 99 -12.94 -56.51 -95.30
CA GLN FE 99 -14.01 -56.46 -94.31
C GLN FE 99 -13.46 -56.15 -92.92
N ARG FE 100 -12.34 -56.76 -92.55
CA ARG FE 100 -11.77 -56.51 -91.23
C ARG FE 100 -11.36 -55.05 -91.08
N HIS FE 101 -10.77 -54.47 -92.12
CA HIS FE 101 -10.35 -53.07 -92.05
C HIS FE 101 -11.55 -52.14 -91.94
N HIS FE 102 -12.58 -52.38 -92.75
CA HIS FE 102 -13.75 -51.51 -92.75
C HIS FE 102 -14.49 -51.60 -91.42
N TYR FE 103 -14.82 -52.81 -90.98
CA TYR FE 103 -15.58 -53.02 -89.75
C TYR FE 103 -14.66 -53.32 -88.57
N GLY FE 104 -13.89 -54.39 -88.66
CA GLY FE 104 -13.03 -54.81 -87.57
C GLY FE 104 -12.76 -56.30 -87.64
N ILE FE 105 -11.68 -56.70 -86.97
CA ILE FE 105 -11.26 -58.10 -87.00
C ILE FE 105 -12.30 -58.96 -86.29
N VAL FE 106 -12.78 -58.53 -85.13
CA VAL FE 106 -13.70 -59.35 -84.36
C VAL FE 106 -15.05 -59.45 -85.07
N GLN FE 107 -15.51 -58.35 -85.66
CA GLN FE 107 -16.85 -58.35 -86.27
C GLN FE 107 -16.94 -59.35 -87.41
N VAL FE 108 -15.91 -59.42 -88.26
CA VAL FE 108 -15.92 -60.38 -89.36
C VAL FE 108 -15.96 -61.79 -88.81
N GLU FE 109 -15.10 -62.09 -87.84
CA GLU FE 109 -15.12 -63.41 -87.22
C GLU FE 109 -16.45 -63.68 -86.54
N HIS FE 110 -17.07 -62.63 -86.00
CA HIS FE 110 -18.36 -62.78 -85.32
C HIS FE 110 -19.51 -62.94 -86.31
N TYR FE 111 -19.45 -62.24 -87.44
CA TYR FE 111 -20.56 -62.20 -88.39
C TYR FE 111 -20.50 -63.30 -89.43
N VAL FE 112 -19.31 -63.80 -89.76
CA VAL FE 112 -19.19 -64.78 -90.83
C VAL FE 112 -19.99 -66.05 -90.48
N LYS FE 113 -19.87 -66.50 -89.24
CA LYS FE 113 -20.53 -67.74 -88.85
C LYS FE 113 -22.05 -67.60 -88.92
N GLN FE 114 -22.58 -66.43 -88.58
CA GLN FE 114 -24.03 -66.26 -88.52
C GLN FE 114 -24.67 -66.54 -89.87
N ILE FE 115 -24.11 -65.99 -90.94
CA ILE FE 115 -24.70 -66.18 -92.27
C ILE FE 115 -24.58 -67.64 -92.70
N THR FE 116 -23.48 -68.30 -92.34
CA THR FE 116 -23.32 -69.70 -92.70
C THR FE 116 -24.42 -70.55 -92.08
N LEU FE 117 -24.75 -70.27 -90.81
CA LEU FE 117 -25.82 -71.01 -90.15
C LEU FE 117 -27.15 -70.79 -90.86
N TRP FE 118 -27.44 -69.56 -91.25
CA TRP FE 118 -28.70 -69.27 -91.92
C TRP FE 118 -28.85 -70.06 -93.21
N GLN FE 119 -27.73 -70.44 -93.82
CA GLN FE 119 -27.80 -71.25 -95.04
C GLN FE 119 -27.96 -72.73 -94.72
N ASP FE 120 -27.11 -73.26 -93.83
CA ASP FE 120 -27.13 -74.67 -93.47
C ASP FE 120 -28.29 -74.90 -92.51
N THR FE 121 -29.50 -74.90 -93.07
CA THR FE 121 -30.72 -75.09 -92.30
C THR FE 121 -31.80 -75.54 -93.26
N PRO FE 122 -32.79 -76.33 -92.80
CA PRO FE 122 -33.80 -76.85 -93.73
C PRO FE 122 -34.72 -75.77 -94.29
N GLN FE 123 -34.18 -74.95 -95.20
CA GLN FE 123 -34.93 -73.96 -95.95
C GLN FE 123 -36.03 -73.27 -95.13
N ALA FE 124 -37.08 -74.01 -94.77
CA ALA FE 124 -38.25 -73.39 -94.17
C ALA FE 124 -37.88 -72.59 -92.93
N PHE FE 125 -37.19 -73.22 -91.98
CA PHE FE 125 -36.76 -72.55 -90.76
C PHE FE 125 -35.34 -71.99 -90.91
N ARG FE 126 -35.10 -71.27 -92.00
CA ARG FE 126 -33.77 -70.72 -92.23
C ARG FE 126 -33.42 -69.65 -91.21
N GLY FE 127 -34.39 -68.81 -90.85
CA GLY FE 127 -34.16 -67.75 -89.89
C GLY FE 127 -34.92 -66.48 -90.25
N ASP FE 128 -34.23 -65.34 -90.22
CA ASP FE 128 -34.85 -64.07 -90.54
C ASP FE 128 -33.93 -63.21 -91.39
N GLN FE 129 -33.12 -63.83 -92.25
CA GLN FE 129 -32.22 -63.09 -93.13
C GLN FE 129 -31.32 -62.19 -92.29
N PRO FE 130 -30.36 -62.76 -91.56
CA PRO FE 130 -29.58 -61.94 -90.62
C PRO FE 130 -28.96 -60.73 -91.29
N LYS FE 131 -29.07 -59.58 -90.62
CA LYS FE 131 -28.57 -58.34 -91.18
C LYS FE 131 -27.05 -58.32 -91.19
N PRO FE 132 -26.43 -57.68 -92.19
CA PRO FE 132 -24.98 -57.53 -92.19
C PRO FE 132 -24.54 -56.56 -91.10
N PRO FE 133 -23.28 -56.61 -90.69
CA PRO FE 133 -22.84 -55.75 -89.57
C PRO FE 133 -23.01 -54.28 -89.91
N THR GE 3 101.71 -4.17 76.92
CA THR GE 3 101.65 -5.32 76.04
C THR GE 3 100.34 -5.36 75.25
N PHE GE 4 99.22 -5.04 75.91
CA PHE GE 4 97.92 -5.12 75.25
C PHE GE 4 97.85 -4.16 74.07
N ILE GE 5 98.31 -2.93 74.25
CA ILE GE 5 98.21 -1.93 73.18
C ILE GE 5 98.97 -2.41 71.95
N GLU GE 6 100.11 -3.08 72.16
CA GLU GE 6 100.84 -3.65 71.03
C GLU GE 6 99.98 -4.65 70.27
N LEU GE 7 99.21 -5.46 70.99
CA LEU GE 7 98.34 -6.43 70.34
C LEU GE 7 97.27 -5.75 69.51
N VAL GE 8 96.69 -4.66 70.05
CA VAL GE 8 95.62 -3.98 69.33
C VAL GE 8 96.16 -3.30 68.08
N LYS GE 9 97.36 -2.71 68.16
CA LYS GE 9 97.95 -2.08 67.00
C LYS GE 9 98.09 -3.06 65.84
N ASN GE 10 98.20 -4.35 66.15
CA ASN GE 10 98.25 -5.39 65.13
C ASN GE 10 96.83 -5.78 64.70
N MET GE 11 96.09 -4.78 64.24
CA MET GE 11 94.71 -4.98 63.81
C MET GE 11 94.42 -4.11 62.59
N LYS GE 12 93.36 -4.48 61.89
CA LYS GE 12 93.01 -3.84 60.64
C LYS GE 12 92.01 -2.71 60.87
N GLY GE 13 92.21 -1.61 60.16
CA GLY GE 13 91.41 -0.41 60.37
C GLY GE 13 91.83 0.43 61.54
N TYR GE 14 93.03 0.21 62.09
CA TYR GE 14 93.50 0.94 63.25
C TYR GE 14 94.00 2.31 62.82
N LYS GE 15 93.31 3.35 63.28
CA LYS GE 15 93.69 4.74 63.01
C LYS GE 15 94.15 5.36 64.32
N GLU GE 16 95.40 5.82 64.35
CA GLU GE 16 95.95 6.41 65.56
C GLU GE 16 95.27 7.74 65.87
N LEU GE 17 95.12 8.03 67.16
CA LEU GE 17 94.44 9.24 67.59
C LEU GE 17 95.15 9.94 68.74
N LEU GE 18 96.38 9.56 69.07
CA LEU GE 18 97.12 10.14 70.18
C LEU GE 18 98.34 10.88 69.65
N LEU GE 19 98.51 12.11 70.12
CA LEU GE 19 99.65 12.93 69.71
C LEU GE 19 100.88 12.58 70.53
N PRO GE 20 102.07 12.99 70.08
CA PRO GE 20 103.28 12.76 70.87
C PRO GE 20 103.20 13.43 72.23
N MET GE 21 103.84 12.82 73.22
CA MET GE 21 103.83 13.36 74.57
C MET GE 21 104.40 14.76 74.61
N GLU GE 22 105.27 15.11 73.67
CA GLU GE 22 105.91 16.42 73.66
C GLU GE 22 105.01 17.52 73.13
N MET GE 23 103.85 17.18 72.55
CA MET GE 23 102.96 18.18 71.98
C MET GE 23 101.68 18.39 72.77
N VAL GE 24 101.26 17.41 73.58
CA VAL GE 24 100.03 17.54 74.35
C VAL GE 24 100.20 18.65 75.38
N PRO GE 25 99.13 19.34 75.76
CA PRO GE 25 99.26 20.41 76.76
C PRO GE 25 99.68 19.87 78.10
N LEU GE 26 99.99 20.79 79.01
CA LEU GE 26 100.26 20.41 80.39
C LEU GE 26 98.98 19.88 81.05
N PRO GE 27 99.11 19.01 82.04
CA PRO GE 27 97.89 18.42 82.64
C PRO GE 27 96.93 19.46 83.18
N ALA GE 28 97.46 20.56 83.73
CA ALA GE 28 96.58 21.60 84.25
C ALA GE 28 95.71 22.20 83.15
N VAL GE 29 96.29 22.42 81.97
CA VAL GE 29 95.55 23.04 80.89
C VAL GE 29 94.43 22.12 80.41
N VAL GE 30 94.68 20.81 80.38
CA VAL GE 30 93.70 19.89 79.84
C VAL GE 30 92.41 19.94 80.66
N LEU GE 31 92.54 19.98 81.98
CA LEU GE 31 91.37 20.00 82.85
C LEU GE 31 90.46 21.17 82.52
N LYS GE 32 91.03 22.28 82.04
CA LYS GE 32 90.23 23.46 81.74
C LYS GE 32 89.21 23.16 80.63
N HIS GE 33 89.64 22.45 79.59
CA HIS GE 33 88.70 22.10 78.52
C HIS GE 33 87.67 21.10 78.98
N VAL GE 34 88.01 20.27 79.97
CA VAL GE 34 87.07 19.26 80.46
C VAL GE 34 85.83 19.94 81.02
N LYS GE 35 86.03 20.98 81.83
CA LYS GE 35 84.90 21.68 82.44
C LYS GE 35 84.01 22.29 81.38
N LEU GE 36 84.61 22.94 80.38
CA LEU GE 36 83.83 23.56 79.32
C LEU GE 36 83.07 22.51 78.52
N ILE GE 37 83.77 21.47 78.08
CA ILE GE 37 83.15 20.46 77.23
C ILE GE 37 82.05 19.72 78.01
N LEU GE 38 82.35 19.33 79.25
CA LEU GE 38 81.34 18.66 80.07
C LEU GE 38 80.17 19.59 80.34
N THR GE 39 80.44 20.79 80.85
CA THR GE 39 79.37 21.67 81.27
C THR GE 39 78.63 22.25 80.08
N SER GE 40 79.36 22.70 79.06
CA SER GE 40 78.75 23.29 77.87
C SER GE 40 78.34 22.17 76.92
N GLN GE 41 77.42 21.34 77.40
CA GLN GE 41 76.89 20.24 76.61
C GLN GE 41 75.43 20.00 76.96
N LYS GE 42 74.68 19.50 75.99
CA LYS GE 42 73.27 19.20 76.16
C LYS GE 42 73.01 17.78 75.69
N GLU GE 43 72.00 17.14 76.29
CA GLU GE 43 71.64 15.76 75.97
C GLU GE 43 72.84 14.83 76.22
N HIS GE 44 73.21 14.75 77.50
CA HIS GE 44 74.37 13.98 77.93
C HIS GE 44 74.45 12.66 77.18
N GLN GE 45 75.66 12.33 76.73
CA GLN GE 45 75.94 11.14 75.95
C GLN GE 45 76.91 10.23 76.70
N PRO GE 46 76.94 8.95 76.35
CA PRO GE 46 77.77 8.01 77.14
C PRO GE 46 79.23 8.40 77.21
N TRP GE 47 79.80 8.93 76.13
CA TRP GE 47 81.22 9.27 76.14
C TRP GE 47 81.55 10.36 77.14
N MET GE 48 80.58 11.18 77.52
CA MET GE 48 80.84 12.22 78.51
C MET GE 48 81.24 11.60 79.84
N THR GE 49 80.58 10.53 80.24
CA THR GE 49 80.91 9.87 81.50
C THR GE 49 82.34 9.36 81.49
N GLU GE 50 82.76 8.78 80.37
CA GLU GE 50 84.12 8.23 80.29
C GLU GE 50 85.16 9.34 80.49
N MET GE 51 84.92 10.51 79.91
CA MET GE 51 85.88 11.60 80.04
C MET GE 51 86.06 12.00 81.50
N ALA GE 52 84.96 12.12 82.25
CA ALA GE 52 85.05 12.57 83.63
C ALA GE 52 85.79 11.56 84.48
N LEU GE 53 85.53 10.27 84.27
CA LEU GE 53 86.16 9.25 85.10
C LEU GE 53 87.68 9.29 84.98
N LYS GE 54 88.18 9.43 83.75
CA LYS GE 54 89.63 9.49 83.57
C LYS GE 54 90.21 10.77 84.17
N ALA GE 55 89.45 11.87 84.10
CA ALA GE 55 89.97 13.15 84.57
C ALA GE 55 90.32 13.09 86.05
N ASP GE 56 89.44 12.51 86.86
CA ASP GE 56 89.69 12.46 88.30
C ASP GE 56 90.92 11.64 88.62
N GLN GE 57 91.26 10.67 87.77
CA GLN GE 57 92.44 9.85 88.02
C GLN GE 57 93.71 10.69 88.02
N CYS GE 58 93.83 11.62 87.07
CA CYS GE 58 95.01 12.49 87.03
C CYS GE 58 95.10 13.32 88.30
N LEU GE 59 93.97 13.83 88.78
CA LEU GE 59 93.96 14.59 90.03
C LEU GE 59 94.40 13.73 91.20
N ILE GE 60 93.94 12.48 91.24
CA ILE GE 60 94.32 11.59 92.33
C ILE GE 60 95.84 11.37 92.33
N HIS GE 61 96.41 11.06 91.17
CA HIS GE 61 97.86 10.92 91.06
C HIS GE 61 98.54 12.25 91.34
N LYS GE 62 97.98 13.35 90.83
CA LYS GE 62 98.57 14.66 91.07
C LYS GE 62 98.56 15.00 92.56
N ALA GE 63 97.46 14.69 93.24
CA ALA GE 63 97.38 14.93 94.67
C ALA GE 63 98.23 13.97 95.49
N THR GE 64 98.80 12.94 94.85
CA THR GE 64 99.61 11.96 95.56
C THR GE 64 101.07 12.39 95.69
N LEU GE 65 101.56 13.22 94.77
CA LEU GE 65 102.96 13.61 94.82
C LEU GE 65 103.29 14.42 96.07
N ASP GE 66 102.37 15.27 96.51
CA ASP GE 66 102.62 16.08 97.71
C ASP GE 66 102.92 15.19 98.91
N PRO GE 78 112.43 5.30 92.81
CA PRO GE 78 111.56 4.90 91.69
C PRO GE 78 110.08 5.00 92.01
N LEU GE 79 109.65 4.41 93.13
CA LEU GE 79 108.23 4.33 93.42
C LEU GE 79 107.60 5.72 93.53
N ILE GE 80 108.26 6.64 94.22
CA ILE GE 80 107.72 7.99 94.38
C ILE GE 80 107.63 8.66 93.02
N GLU GE 81 108.68 8.55 92.21
CA GLU GE 81 108.70 9.18 90.89
C GLU GE 81 108.01 8.36 89.82
N ALA GE 82 107.73 7.08 90.08
CA ALA GE 82 107.11 6.23 89.06
C ALA GE 82 105.72 6.73 88.70
N MET GE 83 104.93 7.14 89.69
CA MET GE 83 103.57 7.58 89.41
C MET GE 83 103.54 8.80 88.50
N GLN GE 84 104.59 9.63 88.55
CA GLN GE 84 104.63 10.82 87.70
C GLN GE 84 104.60 10.45 86.23
N GLN GE 85 105.14 9.28 85.86
CA GLN GE 85 105.14 8.87 84.47
C GLN GE 85 103.72 8.67 83.95
N ILE GE 86 102.84 8.09 84.78
CA ILE GE 86 101.48 7.83 84.34
C ILE GE 86 100.72 9.14 84.14
N ILE GE 87 101.01 10.14 84.98
CA ILE GE 87 100.29 11.40 84.89
C ILE GE 87 100.43 12.00 83.49
N LEU GE 88 101.66 12.05 82.98
CA LEU GE 88 101.88 12.56 81.64
C LEU GE 88 101.17 11.70 80.60
N ALA GE 89 101.24 10.37 80.77
CA ALA GE 89 100.58 9.47 79.83
C ALA GE 89 99.07 9.66 79.85
N MET GE 90 98.49 9.83 81.04
CA MET GE 90 97.04 9.95 81.15
C MET GE 90 96.53 11.12 80.32
N THR GE 91 97.29 12.21 80.27
CA THR GE 91 96.88 13.36 79.47
C THR GE 91 96.79 13.00 77.99
N ARG GE 92 97.76 12.22 77.51
CA ARG GE 92 97.80 11.90 76.08
C ARG GE 92 96.53 11.19 75.65
N GLU GE 93 96.08 10.20 76.43
CA GLU GE 93 94.80 9.56 76.12
C GLU GE 93 93.64 10.51 76.36
N LEU GE 94 93.72 11.31 77.43
CA LEU GE 94 92.64 12.24 77.73
C LEU GE 94 92.49 13.30 76.66
N TRP GE 95 93.61 13.85 76.17
CA TRP GE 95 93.54 14.90 75.16
C TRP GE 95 92.96 14.37 73.86
N GLY GE 96 93.07 13.06 73.62
CA GLY GE 96 92.53 12.50 72.38
C GLY GE 96 91.03 12.68 72.28
N GLN GE 97 90.33 12.51 73.40
CA GLN GE 97 88.87 12.67 73.38
C GLN GE 97 88.47 14.13 73.20
N ILE GE 98 89.30 15.05 73.71
CA ILE GE 98 88.98 16.47 73.57
C ILE GE 98 88.91 16.85 72.11
N GLN GE 99 89.90 16.43 71.32
CA GLN GE 99 89.92 16.79 69.91
C GLN GE 99 88.77 16.13 69.15
N ARG GE 100 88.36 14.93 69.57
CA ARG GE 100 87.22 14.29 68.92
C ARG GE 100 85.97 15.13 69.08
N HIS GE 101 85.73 15.66 70.28
CA HIS GE 101 84.57 16.51 70.50
C HIS GE 101 84.67 17.81 69.72
N HIS GE 102 85.84 18.46 69.77
CA HIS GE 102 86.01 19.73 69.08
C HIS GE 102 86.05 19.54 67.57
N TYR GE 103 87.04 18.79 67.08
CA TYR GE 103 87.22 18.62 65.64
C TYR GE 103 86.31 17.53 65.09
N GLY GE 104 86.47 16.31 65.57
CA GLY GE 104 85.76 15.15 65.06
C GLY GE 104 86.74 14.00 64.90
N ILE GE 105 86.21 12.78 65.04
CA ILE GE 105 87.07 11.61 65.00
C ILE GE 105 87.77 11.49 63.64
N VAL GE 106 87.01 11.68 62.56
CA VAL GE 106 87.57 11.50 61.22
C VAL GE 106 88.69 12.50 60.97
N GLN GE 107 88.45 13.77 61.30
CA GLN GE 107 89.44 14.80 61.04
C GLN GE 107 90.71 14.56 61.84
N VAL GE 108 90.58 14.06 63.08
CA VAL GE 108 91.75 13.88 63.93
C VAL GE 108 92.70 12.88 63.30
N GLU GE 109 92.18 11.79 62.75
CA GLU GE 109 93.03 10.77 62.14
C GLU GE 109 93.97 11.39 61.12
N HIS GE 110 93.42 12.22 60.23
CA HIS GE 110 94.25 12.89 59.23
C HIS GE 110 95.27 13.81 59.88
N TYR GE 111 94.85 14.56 60.90
CA TYR GE 111 95.75 15.51 61.53
C TYR GE 111 96.95 14.82 62.16
N VAL GE 112 96.73 13.70 62.85
CA VAL GE 112 97.83 13.03 63.53
C VAL GE 112 98.87 12.55 62.54
N LYS GE 113 98.42 11.91 61.45
CA LYS GE 113 99.37 11.41 60.47
C LYS GE 113 100.14 12.56 59.82
N GLN GE 114 99.44 13.66 59.53
CA GLN GE 114 100.13 14.83 59.00
C GLN GE 114 101.18 15.33 59.99
N ILE GE 115 100.82 15.37 61.28
CA ILE GE 115 101.80 15.75 62.30
C ILE GE 115 102.94 14.74 62.35
N THR GE 116 102.61 13.45 62.28
CA THR GE 116 103.63 12.42 62.38
C THR GE 116 104.64 12.55 61.24
N LEU GE 117 104.14 12.64 60.00
CA LEU GE 117 105.02 12.84 58.87
C LEU GE 117 105.80 14.14 59.00
N TRP GE 118 105.12 15.20 59.43
CA TRP GE 118 105.80 16.48 59.63
C TRP GE 118 106.90 16.34 60.67
N GLN GE 119 106.63 15.64 61.77
CA GLN GE 119 107.65 15.42 62.78
C GLN GE 119 108.74 14.47 62.27
N ASP GE 120 108.35 13.49 61.45
CA ASP GE 120 109.33 12.52 60.94
C ASP GE 120 110.36 13.18 60.05
N THR GE 121 109.92 14.07 59.17
CA THR GE 121 110.84 14.71 58.24
C THR GE 121 111.87 15.54 59.01
N PRO GE 122 113.13 15.55 58.59
CA PRO GE 122 114.14 16.34 59.31
C PRO GE 122 113.80 17.83 59.30
N GLN GE 123 114.17 18.50 60.39
CA GLN GE 123 113.83 19.91 60.54
C GLN GE 123 114.44 20.79 59.45
N ALA GE 124 115.49 20.32 58.77
CA ALA GE 124 116.12 21.13 57.73
C ALA GE 124 115.13 21.44 56.61
N PHE GE 125 114.35 20.44 56.20
CA PHE GE 125 113.36 20.60 55.13
C PHE GE 125 111.98 20.15 55.60
N ARG GE 126 111.72 20.28 56.90
CA ARG GE 126 110.45 19.79 57.46
C ARG GE 126 109.26 20.54 56.88
N GLY GE 127 109.37 21.86 56.75
CA GLY GE 127 108.28 22.66 56.24
C GLY GE 127 107.41 23.22 57.34
N ASP GE 128 106.41 23.99 56.91
CA ASP GE 128 105.50 24.61 57.85
C ASP GE 128 104.65 23.56 58.56
N GLN GE 129 104.46 23.76 59.85
CA GLN GE 129 103.64 22.83 60.62
C GLN GE 129 102.19 22.91 60.17
N PRO GE 130 101.52 21.79 59.92
CA PRO GE 130 100.12 21.85 59.49
C PRO GE 130 99.22 22.37 60.59
N LYS GE 131 98.14 23.01 60.18
CA LYS GE 131 97.19 23.58 61.11
C LYS GE 131 96.10 22.56 61.46
N PRO GE 132 95.44 22.73 62.60
CA PRO GE 132 94.39 21.79 63.00
C PRO GE 132 93.25 21.78 61.99
N PRO GE 133 92.45 20.72 61.98
CA PRO GE 133 91.33 20.67 61.03
C PRO GE 133 90.21 21.64 61.36
N SER GE 134 89.14 21.60 60.59
CA SER GE 134 87.99 22.46 60.85
C SER GE 134 87.11 21.86 61.94
N PHE GE 135 86.46 22.75 62.70
CA PHE GE 135 85.61 22.31 63.80
C PHE GE 135 84.39 21.56 63.27
N THR HE 3 85.25 15.93 91.76
CA THR HE 3 84.25 16.93 91.41
C THR HE 3 83.73 16.79 89.99
N PHE HE 4 84.60 16.43 89.03
CA PHE HE 4 84.16 16.32 87.65
C PHE HE 4 83.07 15.27 87.50
N ILE HE 5 83.23 14.13 88.15
CA ILE HE 5 82.22 13.07 88.05
C ILE HE 5 80.90 13.55 88.63
N GLU HE 6 80.96 14.36 89.69
CA GLU HE 6 79.74 14.91 90.27
C GLU HE 6 78.99 15.77 89.27
N LEU HE 7 79.72 16.56 88.48
CA LEU HE 7 79.07 17.40 87.48
C LEU HE 7 78.31 16.56 86.46
N VAL HE 8 78.89 15.43 86.05
CA VAL HE 8 78.21 14.54 85.12
C VAL HE 8 76.94 14.00 85.76
N LYS HE 9 77.03 13.59 87.03
CA LYS HE 9 75.86 13.07 87.72
C LYS HE 9 74.76 14.11 87.88
N ASN HE 10 75.09 15.38 87.68
CA ASN HE 10 74.11 16.47 87.75
C ASN HE 10 73.47 16.77 86.40
N MET HE 11 73.81 16.01 85.37
CA MET HE 11 73.31 16.28 84.03
C MET HE 11 71.89 15.73 83.86
N LYS HE 12 71.38 15.86 82.64
CA LYS HE 12 70.07 15.34 82.26
C LYS HE 12 70.25 14.16 81.33
N GLY HE 13 69.56 13.06 81.62
CA GLY HE 13 69.69 11.85 80.85
C GLY HE 13 70.83 10.94 81.26
N TYR HE 14 71.64 11.35 82.24
CA TYR HE 14 72.73 10.51 82.70
C TYR HE 14 72.18 9.24 83.35
N LYS HE 15 72.86 8.13 83.10
CA LYS HE 15 72.46 6.83 83.62
C LYS HE 15 73.69 6.08 84.10
N GLU HE 16 73.56 5.41 85.24
CA GLU HE 16 74.67 4.66 85.80
C GLU HE 16 74.99 3.45 84.93
N LEU HE 17 76.29 3.15 84.82
CA LEU HE 17 76.76 1.97 84.10
C LEU HE 17 77.75 1.14 84.89
N LEU HE 18 78.30 1.67 85.98
CA LEU HE 18 79.26 0.92 86.79
C LEU HE 18 78.51 0.09 87.83
N LEU HE 19 79.27 -0.57 88.69
CA LEU HE 19 78.73 -1.47 89.70
C LEU HE 19 79.42 -1.20 91.03
N PRO HE 20 78.82 -1.65 92.13
CA PRO HE 20 79.44 -1.44 93.44
C PRO HE 20 80.82 -2.09 93.49
N MET HE 21 81.72 -1.45 94.25
CA MET HE 21 83.08 -1.95 94.36
C MET HE 21 83.12 -3.42 94.79
N GLU HE 22 82.18 -3.82 95.64
CA GLU HE 22 82.13 -5.20 96.10
C GLU HE 22 81.83 -6.15 94.95
N MET HE 23 80.89 -5.78 94.07
CA MET HE 23 80.51 -6.61 92.94
C MET HE 23 81.45 -6.36 91.75
N VAL HE 24 82.74 -6.52 92.02
CA VAL HE 24 83.78 -6.35 90.99
C VAL HE 24 84.75 -7.51 91.10
N PRO HE 25 85.03 -8.24 90.03
CA PRO HE 25 85.99 -9.35 90.11
C PRO HE 25 87.34 -8.89 90.61
N LEU HE 26 88.17 -9.87 90.94
CA LEU HE 26 89.52 -9.59 91.42
C LEU HE 26 90.40 -9.12 90.26
N PRO HE 27 91.50 -8.43 90.55
CA PRO HE 27 92.40 -7.98 89.47
C PRO HE 27 93.07 -9.15 88.77
N ALA HE 28 93.89 -8.84 87.77
CA ALA HE 28 94.62 -9.86 87.03
C ALA HE 28 93.66 -10.77 86.27
N VAL HE 29 92.86 -11.56 87.00
CA VAL HE 29 91.94 -12.47 86.35
C VAL HE 29 90.91 -11.70 85.52
N VAL HE 30 90.45 -10.57 86.03
CA VAL HE 30 89.48 -9.76 85.29
C VAL HE 30 90.07 -9.31 83.96
N LEU HE 31 91.39 -9.13 83.90
CA LEU HE 31 92.02 -8.71 82.66
C LEU HE 31 91.91 -9.76 81.56
N LYS HE 32 91.57 -11.00 81.92
CA LYS HE 32 91.49 -12.05 80.92
C LYS HE 32 90.39 -11.78 79.90
N HIS HE 33 89.26 -11.25 80.35
CA HIS HE 33 88.18 -10.89 79.43
C HIS HE 33 88.66 -9.91 78.37
N VAL HE 34 89.70 -9.12 78.69
CA VAL HE 34 90.23 -8.18 77.71
C VAL HE 34 90.74 -8.93 76.48
N LYS HE 35 91.50 -9.99 76.71
CA LYS HE 35 92.04 -10.76 75.58
C LYS HE 35 90.93 -11.40 74.77
N LEU HE 36 89.91 -11.92 75.45
CA LEU HE 36 88.83 -12.61 74.75
C LEU HE 36 87.97 -11.67 73.92
N ILE HE 37 88.13 -10.36 74.08
CA ILE HE 37 87.32 -9.38 73.36
C ILE HE 37 88.20 -8.64 72.36
N LEU HE 38 89.50 -8.56 72.64
CA LEU HE 38 90.44 -7.94 71.73
C LEU HE 38 90.98 -8.94 70.71
N THR HE 39 91.53 -10.05 71.19
CA THR HE 39 92.09 -11.05 70.29
C THR HE 39 91.01 -11.63 69.39
N SER HE 40 89.84 -11.93 69.95
CA SER HE 40 88.72 -12.46 69.18
C SER HE 40 87.87 -11.32 68.61
N GLN HE 41 88.53 -10.47 67.84
CA GLN HE 41 87.86 -9.30 67.27
C GLN HE 41 88.58 -8.86 66.02
N LYS HE 42 87.89 -8.04 65.23
CA LYS HE 42 88.43 -7.49 64.00
C LYS HE 42 87.70 -6.19 63.71
N GLU HE 43 88.19 -5.44 62.72
CA GLU HE 43 87.62 -4.15 62.36
C GLU HE 43 87.70 -3.18 63.55
N HIS HE 44 88.95 -2.89 63.91
CA HIS HE 44 89.26 -2.01 65.05
C HIS HE 44 88.32 -0.82 65.09
N GLN HE 45 87.64 -0.67 66.22
CA GLN HE 45 86.71 0.42 66.46
C GLN HE 45 87.25 1.38 67.51
N PRO HE 46 86.78 2.62 67.53
CA PRO HE 46 87.35 3.60 68.48
C PRO HE 46 87.29 3.15 69.93
N TRP HE 47 86.21 2.51 70.34
CA TRP HE 47 86.07 2.12 71.74
C TRP HE 47 87.07 1.04 72.12
N MET HE 48 87.51 0.24 71.16
CA MET HE 48 88.48 -0.81 71.46
C MET HE 48 89.78 -0.23 71.99
N THR HE 49 90.24 0.88 71.39
CA THR HE 49 91.46 1.52 71.87
C THR HE 49 91.29 2.02 73.30
N GLU HE 50 90.11 2.57 73.61
CA GLU HE 50 89.87 3.07 74.97
C GLU HE 50 90.04 1.95 75.99
N MET HE 51 89.48 0.77 75.71
CA MET HE 51 89.63 -0.36 76.61
C MET HE 51 91.09 -0.77 76.73
N ALA HE 52 91.81 -0.80 75.60
CA ALA HE 52 93.21 -1.23 75.62
C ALA HE 52 94.06 -0.28 76.45
N LEU HE 53 93.85 1.02 76.29
CA LEU HE 53 94.64 2.01 77.01
C LEU HE 53 94.28 2.11 78.48
N LYS HE 54 93.17 1.51 78.90
CA LYS HE 54 92.77 1.49 80.30
C LYS HE 54 93.20 0.22 81.01
N ALA HE 55 93.02 -0.94 80.39
CA ALA HE 55 93.40 -2.20 81.01
C ALA HE 55 94.90 -2.27 81.25
N ASP HE 56 95.69 -1.82 80.27
CA ASP HE 56 97.14 -1.86 80.40
C ASP HE 56 97.64 -1.04 81.57
N GLN HE 57 96.85 -0.05 82.03
CA GLN HE 57 97.28 0.78 83.15
C GLN HE 57 97.41 -0.04 84.43
N CYS HE 58 96.51 -1.00 84.63
CA CYS HE 58 96.58 -1.82 85.84
C CYS HE 58 97.90 -2.55 85.93
N LEU HE 59 98.39 -3.08 84.81
CA LEU HE 59 99.69 -3.73 84.81
C LEU HE 59 100.79 -2.76 85.20
N ILE HE 60 100.72 -1.53 84.71
CA ILE HE 60 101.72 -0.52 85.05
C ILE HE 60 101.72 -0.27 86.55
N HIS HE 61 100.54 -0.04 87.11
CA HIS HE 61 100.42 0.10 88.56
C HIS HE 61 100.81 -1.18 89.27
N LYS HE 62 100.38 -2.33 88.74
CA LYS HE 62 100.74 -3.61 89.33
C LYS HE 62 102.24 -3.85 89.25
N ALA HE 63 102.87 -3.44 88.16
CA ALA HE 63 104.31 -3.64 88.01
C ALA HE 63 105.10 -2.93 89.09
N THR HE 64 104.56 -1.87 89.68
CA THR HE 64 105.28 -1.15 90.72
C THR HE 64 105.40 -1.97 92.01
N LEU HE 65 104.57 -3.02 92.15
CA LEU HE 65 104.66 -3.84 93.35
C LEU HE 65 106.03 -4.46 93.51
N ASP HE 66 106.72 -4.75 92.41
CA ASP HE 66 108.08 -5.28 92.51
C ASP HE 66 109.00 -4.27 93.20
N PRO HE 78 101.54 5.96 102.53
CA PRO HE 78 100.39 6.44 101.74
C PRO HE 78 100.60 6.27 100.25
N LEU HE 79 101.83 6.43 99.76
CA LEU HE 79 102.10 6.26 98.34
C LEU HE 79 101.83 4.82 97.91
N ILE HE 80 102.26 3.85 98.71
CA ILE HE 80 102.03 2.45 98.37
C ILE HE 80 100.55 2.11 98.51
N GLU HE 81 99.93 2.57 99.60
CA GLU HE 81 98.51 2.28 99.82
C GLU HE 81 97.65 2.93 98.74
N ALA HE 82 97.96 4.17 98.37
CA ALA HE 82 97.12 4.90 97.43
C ALA HE 82 97.02 4.18 96.09
N MET HE 83 98.14 3.66 95.60
CA MET HE 83 98.13 2.99 94.29
C MET HE 83 97.20 1.79 94.30
N GLN HE 84 97.22 1.01 95.39
CA GLN HE 84 96.36 -0.17 95.45
C GLN HE 84 94.89 0.21 95.37
N GLN HE 85 94.51 1.32 96.02
CA GLN HE 85 93.12 1.75 95.98
C GLN HE 85 92.70 2.11 94.56
N ILE HE 86 93.59 2.75 93.80
CA ILE HE 86 93.24 3.20 92.45
C ILE HE 86 92.91 2.01 91.55
N ILE HE 87 93.60 0.88 91.74
CA ILE HE 87 93.38 -0.27 90.89
C ILE HE 87 91.92 -0.71 90.94
N LEU HE 88 91.32 -0.67 92.13
CA LEU HE 88 89.91 -1.04 92.25
C LEU HE 88 89.03 -0.13 91.41
N ALA HE 89 89.30 1.18 91.45
CA ALA HE 89 88.49 2.11 90.69
C ALA HE 89 88.57 1.84 89.19
N MET HE 90 89.79 1.62 88.69
CA MET HE 90 89.96 1.34 87.27
C MET HE 90 89.31 0.01 86.90
N THR HE 91 89.43 -0.99 87.79
CA THR HE 91 88.82 -2.29 87.52
C THR HE 91 87.31 -2.16 87.37
N ARG HE 92 86.68 -1.31 88.18
CA ARG HE 92 85.25 -1.11 88.07
C ARG HE 92 84.87 -0.57 86.70
N GLU HE 93 85.67 0.38 86.18
CA GLU HE 93 85.38 0.94 84.86
C GLU HE 93 85.51 -0.13 83.77
N LEU HE 94 86.51 -1.02 83.91
CA LEU HE 94 86.72 -2.04 82.90
C LEU HE 94 85.50 -2.92 82.75
N TRP HE 95 84.90 -3.34 83.87
CA TRP HE 95 83.77 -4.24 83.81
C TRP HE 95 82.58 -3.60 83.09
N GLY HE 96 82.33 -2.32 83.35
CA GLY HE 96 81.23 -1.65 82.69
C GLY HE 96 81.35 -1.66 81.18
N GLN HE 97 82.57 -1.43 80.68
CA GLN HE 97 82.79 -1.48 79.25
C GLN HE 97 82.53 -2.87 78.69
N ILE HE 98 82.95 -3.90 79.43
CA ILE HE 98 82.74 -5.27 78.97
C ILE HE 98 81.25 -5.57 78.84
N GLN HE 99 80.48 -5.21 79.86
CA GLN HE 99 79.03 -5.38 79.79
C GLN HE 99 78.42 -4.49 78.71
N ARG HE 100 78.99 -3.31 78.50
CA ARG HE 100 78.52 -2.44 77.42
C ARG HE 100 78.69 -3.09 76.06
N HIS HE 101 79.54 -4.10 75.96
CA HIS HE 101 79.77 -4.82 74.71
C HIS HE 101 79.04 -6.16 74.67
N HIS HE 102 79.12 -6.94 75.74
CA HIS HE 102 78.49 -8.25 75.77
C HIS HE 102 76.97 -8.15 75.76
N TYR HE 103 76.41 -7.52 76.79
CA TYR HE 103 74.95 -7.40 76.92
C TYR HE 103 74.45 -6.07 76.39
N GLY HE 104 74.84 -5.73 75.15
CA GLY HE 104 74.38 -4.51 74.57
C GLY HE 104 74.89 -3.31 75.35
N ILE HE 105 74.28 -2.16 75.08
CA ILE HE 105 74.61 -0.91 75.78
C ILE HE 105 73.35 -0.34 76.40
N VAL HE 106 72.19 -0.69 75.84
CA VAL HE 106 70.93 -0.20 76.36
C VAL HE 106 70.43 -1.09 77.49
N GLN HE 107 70.47 -2.41 77.27
CA GLN HE 107 70.02 -3.35 78.30
C GLN HE 107 70.90 -3.30 79.54
N VAL HE 108 72.13 -2.80 79.43
CA VAL HE 108 73.02 -2.75 80.59
C VAL HE 108 72.44 -1.83 81.65
N GLU HE 109 71.93 -0.67 81.24
CA GLU HE 109 71.38 0.28 82.20
C GLU HE 109 70.24 -0.34 83.01
N HIS HE 110 69.37 -1.09 82.33
CA HIS HE 110 68.26 -1.73 83.04
C HIS HE 110 68.78 -2.70 84.10
N TYR HE 111 69.80 -3.48 83.78
CA TYR HE 111 70.33 -4.44 84.74
C TYR HE 111 70.91 -3.74 85.96
N VAL HE 112 71.75 -2.72 85.74
CA VAL HE 112 72.34 -2.01 86.87
C VAL HE 112 71.27 -1.29 87.66
N LYS HE 113 70.23 -0.79 86.99
CA LYS HE 113 69.12 -0.16 87.70
C LYS HE 113 68.52 -1.11 88.72
N GLN HE 114 68.30 -2.37 88.32
CA GLN HE 114 67.74 -3.36 89.25
C GLN HE 114 68.76 -3.74 90.32
N ILE HE 115 70.04 -3.78 89.96
CA ILE HE 115 71.07 -4.14 90.93
C ILE HE 115 71.05 -3.15 92.09
N THR HE 116 70.94 -1.86 91.79
CA THR HE 116 70.95 -0.86 92.85
C THR HE 116 69.78 -1.06 93.80
N LEU HE 117 68.58 -1.31 93.25
CA LEU HE 117 67.41 -1.54 94.09
C LEU HE 117 67.56 -2.83 94.89
N TRP HE 118 68.06 -3.90 94.25
CA TRP HE 118 68.15 -5.19 94.90
C TRP HE 118 69.14 -5.20 96.05
N GLN HE 119 70.10 -4.27 96.07
CA GLN HE 119 71.11 -4.22 97.12
C GLN HE 119 70.82 -3.14 98.16
N ASP HE 120 70.29 -2.00 97.73
CA ASP HE 120 70.04 -0.91 98.67
C ASP HE 120 69.00 -1.30 99.71
N THR HE 121 67.96 -2.02 99.28
CA THR HE 121 66.94 -2.46 100.22
C THR HE 121 67.54 -3.42 101.23
N PRO HE 122 66.98 -3.50 102.44
CA PRO HE 122 67.52 -4.42 103.44
C PRO HE 122 67.44 -5.87 102.98
N GLN HE 123 68.39 -6.67 103.47
CA GLN HE 123 68.48 -8.06 103.04
C GLN HE 123 67.21 -8.84 103.32
N ALA HE 124 66.39 -8.39 104.27
CA ALA HE 124 65.16 -9.08 104.61
C ALA HE 124 64.07 -8.90 103.56
N PHE HE 125 64.26 -8.01 102.58
CA PHE HE 125 63.26 -7.72 101.57
C PHE HE 125 63.74 -7.95 100.15
N ARG HE 126 65.04 -8.19 99.94
CA ARG HE 126 65.57 -8.29 98.58
C ARG HE 126 64.88 -9.39 97.80
N GLY HE 127 65.03 -10.64 98.24
CA GLY HE 127 64.45 -11.77 97.54
C GLY HE 127 65.50 -12.58 96.80
N ASP HE 128 65.50 -12.48 95.48
CA ASP HE 128 66.44 -13.20 94.64
C ASP HE 128 67.17 -12.23 93.71
N GLN HE 129 68.45 -12.50 93.48
CA GLN HE 129 69.23 -11.63 92.61
C GLN HE 129 68.64 -11.66 91.19
N PRO HE 130 68.51 -10.51 90.54
CA PRO HE 130 68.01 -10.50 89.15
C PRO HE 130 69.11 -10.88 88.18
N LYS HE 131 68.91 -11.97 87.45
CA LYS HE 131 69.92 -12.45 86.53
C LYS HE 131 70.15 -11.44 85.42
N PRO HE 132 71.41 -11.14 85.06
CA PRO HE 132 71.64 -10.19 83.98
C PRO HE 132 71.17 -10.76 82.66
N PRO HE 133 70.80 -9.90 81.70
CA PRO HE 133 70.36 -10.40 80.40
C PRO HE 133 71.48 -11.11 79.67
N SER HE 134 71.11 -12.09 78.85
CA SER HE 134 72.08 -12.88 78.11
C SER HE 134 72.64 -12.05 76.95
N PHE HE 135 73.48 -12.69 76.14
CA PHE HE 135 74.14 -12.04 75.01
C PHE HE 135 73.11 -11.86 73.90
N THR IE 3 46.23 15.87 112.63
CA THR IE 3 44.78 15.88 112.47
C THR IE 3 44.37 15.97 111.01
N PHE IE 4 45.23 16.51 110.14
CA PHE IE 4 44.92 16.56 108.72
C PHE IE 4 44.75 15.16 108.15
N ILE IE 5 45.60 14.22 108.56
CA ILE IE 5 45.48 12.85 108.07
C ILE IE 5 44.10 12.30 108.43
N GLU IE 6 43.61 12.62 109.63
CA GLU IE 6 42.25 12.22 109.99
C GLU IE 6 41.24 12.84 109.05
N LEU IE 7 41.43 14.11 108.68
CA LEU IE 7 40.50 14.75 107.75
C LEU IE 7 40.49 14.05 106.40
N VAL IE 8 41.58 13.36 106.05
CA VAL IE 8 41.65 12.61 104.80
C VAL IE 8 41.46 11.11 105.02
N LYS IE 9 41.67 10.62 106.24
CA LYS IE 9 41.50 9.19 106.49
C LYS IE 9 40.10 8.72 106.13
N ASN IE 10 39.12 9.62 106.20
CA ASN IE 10 37.76 9.27 105.82
C ASN IE 10 37.52 9.37 104.32
N MET IE 11 38.43 9.98 103.57
CA MET IE 11 38.25 10.10 102.13
C MET IE 11 38.29 8.73 101.46
N LYS IE 12 37.53 8.60 100.38
CA LYS IE 12 37.45 7.33 99.67
C LYS IE 12 38.81 6.92 99.10
N GLY IE 13 39.54 7.87 98.52
CA GLY IE 13 40.78 7.56 97.86
C GLY IE 13 41.99 7.64 98.77
N TYR IE 14 41.77 7.83 100.07
CA TYR IE 14 42.88 7.91 101.02
C TYR IE 14 43.62 6.59 101.08
N LYS IE 15 44.94 6.67 101.19
CA LYS IE 15 45.80 5.49 101.21
C LYS IE 15 46.90 5.68 102.24
N GLU IE 16 47.40 4.56 102.77
CA GLU IE 16 48.50 4.57 103.72
C GLU IE 16 49.80 4.55 102.94
N LEU IE 17 50.18 5.72 102.42
CA LEU IE 17 51.41 5.84 101.66
C LEU IE 17 52.64 5.65 102.52
N LEU IE 18 52.53 5.78 103.83
CA LEU IE 18 53.66 5.62 104.74
C LEU IE 18 54.00 4.14 104.86
N LEU IE 19 55.03 3.72 104.14
CA LEU IE 19 55.43 2.32 104.14
C LEU IE 19 56.11 1.96 105.45
N PRO IE 20 56.23 0.67 105.76
CA PRO IE 20 56.85 0.26 107.02
C PRO IE 20 58.26 0.81 107.15
N MET IE 21 58.62 1.18 108.39
CA MET IE 21 59.95 1.73 108.64
C MET IE 21 61.03 0.73 108.27
N GLU IE 22 60.85 -0.55 108.62
CA GLU IE 22 61.85 -1.55 108.28
C GLU IE 22 62.00 -1.69 106.77
N MET IE 23 60.93 -1.43 106.01
CA MET IE 23 60.98 -1.62 104.57
C MET IE 23 61.98 -0.67 103.92
N VAL IE 24 61.99 0.60 104.34
CA VAL IE 24 62.82 1.61 103.70
C VAL IE 24 64.25 1.50 104.20
N PRO IE 25 65.24 1.92 103.41
CA PRO IE 25 66.64 1.90 103.87
C PRO IE 25 66.99 3.13 104.69
N LEU IE 26 68.28 3.27 105.05
CA LEU IE 26 68.71 4.41 105.82
C LEU IE 26 68.60 5.69 105.00
N PRO IE 27 68.53 6.85 105.66
CA PRO IE 27 68.32 8.10 104.92
C PRO IE 27 69.36 8.36 103.86
N ALA IE 28 70.63 8.02 104.13
CA ALA IE 28 71.70 8.35 103.19
C ALA IE 28 71.49 7.66 101.84
N VAL IE 29 71.08 6.39 101.87
CA VAL IE 29 70.93 5.64 100.63
C VAL IE 29 69.78 6.21 99.80
N VAL IE 30 68.70 6.64 100.46
CA VAL IE 30 67.55 7.16 99.72
C VAL IE 30 67.95 8.37 98.89
N LEU IE 31 68.74 9.27 99.47
CA LEU IE 31 69.17 10.46 98.74
C LEU IE 31 69.84 10.09 97.43
N LYS IE 32 70.53 8.94 97.40
CA LYS IE 32 71.18 8.52 96.17
C LYS IE 32 70.19 8.31 95.04
N HIS IE 33 69.05 7.68 95.35
CA HIS IE 33 68.05 7.40 94.31
C HIS IE 33 67.36 8.67 93.86
N VAL IE 34 67.29 9.69 94.72
CA VAL IE 34 66.64 10.94 94.32
C VAL IE 34 67.40 11.59 93.17
N LYS IE 35 68.73 11.62 93.27
CA LYS IE 35 69.52 12.14 92.17
C LYS IE 35 69.35 11.28 90.92
N LEU IE 36 69.35 9.96 91.08
CA LEU IE 36 69.24 9.07 89.92
C LEU IE 36 67.88 9.19 89.25
N ILE IE 37 66.81 9.23 90.05
CA ILE IE 37 65.46 9.31 89.46
C ILE IE 37 65.24 10.68 88.84
N LEU IE 38 65.63 11.75 89.52
CA LEU IE 38 65.49 13.07 88.95
C LEU IE 38 66.34 13.22 87.69
N THR IE 39 67.57 12.74 87.73
CA THR IE 39 68.45 12.83 86.57
C THR IE 39 67.88 12.05 85.39
N SER IE 40 67.41 10.83 85.65
CA SER IE 40 66.87 10.00 84.57
C SER IE 40 65.64 10.63 83.94
N GLN IE 41 64.74 11.16 84.78
CA GLN IE 41 63.50 11.74 84.27
C GLN IE 41 63.81 13.00 83.49
N LYS IE 42 63.05 13.22 82.42
CA LYS IE 42 63.26 14.36 81.52
C LYS IE 42 62.09 15.33 81.51
N GLU IE 43 60.87 14.85 81.31
CA GLU IE 43 59.73 15.75 81.26
C GLU IE 43 59.55 16.46 82.60
N HIS IE 44 59.23 17.74 82.54
CA HIS IE 44 59.09 18.55 83.74
C HIS IE 44 57.63 18.53 84.21
N GLN IE 45 57.43 18.07 85.44
CA GLN IE 45 56.13 18.07 86.09
C GLN IE 45 56.30 18.61 87.50
N PRO IE 46 55.22 19.10 88.12
CA PRO IE 46 55.36 19.70 89.46
C PRO IE 46 55.87 18.73 90.51
N TRP IE 47 55.66 17.41 90.34
CA TRP IE 47 56.05 16.48 91.39
C TRP IE 47 57.57 16.47 91.59
N MET IE 48 58.34 16.47 90.50
CA MET IE 48 59.79 16.49 90.63
C MET IE 48 60.26 17.79 91.27
N THR IE 49 59.64 18.91 90.91
CA THR IE 49 59.99 20.18 91.53
C THR IE 49 59.73 20.14 93.03
N GLU IE 50 58.58 19.60 93.43
CA GLU IE 50 58.27 19.46 94.85
C GLU IE 50 59.03 18.31 95.48
N MET IE 51 59.34 17.28 94.71
CA MET IE 51 60.07 16.13 95.24
C MET IE 51 61.45 16.55 95.74
N ALA IE 52 62.15 17.39 94.98
CA ALA IE 52 63.47 17.86 95.40
C ALA IE 52 63.38 18.66 96.69
N LEU IE 53 62.37 19.53 96.80
CA LEU IE 53 62.24 20.36 97.99
C LEU IE 53 62.03 19.50 99.24
N LYS IE 54 61.20 18.46 99.13
CA LYS IE 54 60.93 17.60 100.27
C LYS IE 54 62.20 16.90 100.74
N ALA IE 55 63.02 16.44 99.79
CA ALA IE 55 64.26 15.76 100.15
C ALA IE 55 65.31 16.74 100.66
N ASP IE 56 65.24 18.00 100.23
CA ASP IE 56 66.25 18.97 100.62
C ASP IE 56 66.26 19.16 102.13
N GLN IE 57 65.09 19.20 102.76
CA GLN IE 57 65.02 19.46 104.19
C GLN IE 57 65.86 18.46 104.98
N CYS IE 58 65.89 17.20 104.53
CA CYS IE 58 66.68 16.20 105.24
C CYS IE 58 68.15 16.57 105.30
N LEU IE 59 68.67 17.20 104.24
CA LEU IE 59 70.08 17.58 104.22
C LEU IE 59 70.40 18.57 105.32
N ILE IE 60 69.51 19.54 105.55
CA ILE IE 60 69.76 20.55 106.57
C ILE IE 60 69.84 19.89 107.95
N HIS IE 61 68.94 18.95 108.22
CA HIS IE 61 68.96 18.27 109.51
C HIS IE 61 70.25 17.48 109.71
N LYS IE 62 70.82 16.95 108.63
CA LYS IE 62 72.08 16.23 108.74
C LYS IE 62 73.17 17.13 109.32
N ALA IE 63 73.31 18.34 108.77
CA ALA IE 63 74.31 19.28 109.28
C ALA IE 63 73.87 19.93 110.58
N THR IE 64 72.56 20.17 110.74
CA THR IE 64 72.08 20.80 111.97
C THR IE 64 72.47 19.97 113.19
N LEU IE 65 72.21 18.67 113.14
CA LEU IE 65 72.60 17.80 114.26
C LEU IE 65 74.10 17.53 114.25
N PRO IE 78 64.82 15.66 124.57
CA PRO IE 78 63.60 15.48 123.76
C PRO IE 78 63.66 16.17 122.42
N LEU IE 79 64.31 17.33 122.34
CA LEU IE 79 64.39 18.05 121.08
C LEU IE 79 65.21 17.28 120.05
N ILE IE 80 66.41 16.85 120.44
CA ILE IE 80 67.29 16.14 119.51
C ILE IE 80 66.67 14.81 119.11
N GLU IE 81 66.11 14.08 120.08
CA GLU IE 81 65.55 12.77 119.78
C GLU IE 81 64.40 12.87 118.79
N ALA IE 82 63.55 13.89 118.93
CA ALA IE 82 62.43 14.07 118.01
C ALA IE 82 62.91 14.28 116.58
N MET IE 83 63.98 15.07 116.41
CA MET IE 83 64.50 15.31 115.07
C MET IE 83 64.93 14.02 114.40
N GLN IE 84 65.54 13.11 115.16
CA GLN IE 84 65.97 11.84 114.59
C GLN IE 84 64.77 11.08 114.02
N GLN IE 85 63.65 11.06 114.75
CA GLN IE 85 62.45 10.41 114.24
C GLN IE 85 61.86 11.19 113.07
N ILE IE 86 61.97 12.53 113.09
CA ILE IE 86 61.43 13.34 112.00
C ILE IE 86 62.12 13.00 110.69
N ILE IE 87 63.44 12.85 110.72
CA ILE IE 87 64.17 12.52 109.50
C ILE IE 87 63.67 11.21 108.92
N LEU IE 88 63.47 10.20 109.76
CA LEU IE 88 62.95 8.93 109.29
C LEU IE 88 61.54 9.08 108.74
N ALA IE 89 60.77 10.02 109.26
CA ALA IE 89 59.41 10.23 108.77
C ALA IE 89 59.42 10.64 107.31
N MET IE 90 60.33 11.55 106.93
CA MET IE 90 60.40 12.00 105.55
C MET IE 90 60.93 10.90 104.64
N THR IE 91 61.82 10.05 105.14
CA THR IE 91 62.37 8.97 104.31
C THR IE 91 61.27 8.05 103.82
N ARG IE 92 60.33 7.69 104.69
CA ARG IE 92 59.22 6.83 104.28
C ARG IE 92 58.40 7.51 103.19
N GLU IE 93 58.14 8.80 103.35
CA GLU IE 93 57.38 9.53 102.34
C GLU IE 93 58.14 9.58 101.01
N LEU IE 94 59.44 9.83 101.08
CA LEU IE 94 60.23 9.92 99.84
C LEU IE 94 60.26 8.59 99.11
N TRP IE 95 60.46 7.49 99.83
CA TRP IE 95 60.55 6.19 99.18
C TRP IE 95 59.27 5.83 98.46
N GLY IE 96 58.13 6.33 98.95
CA GLY IE 96 56.87 6.04 98.28
C GLY IE 96 56.83 6.59 96.88
N GLN IE 97 57.25 7.85 96.70
CA GLN IE 97 57.28 8.44 95.38
C GLN IE 97 58.28 7.73 94.48
N ILE IE 98 59.40 7.28 95.06
CA ILE IE 98 60.41 6.55 94.28
C ILE IE 98 59.80 5.28 93.71
N GLN IE 99 59.15 4.48 94.56
CA GLN IE 99 58.59 3.22 94.11
C GLN IE 99 57.40 3.43 93.18
N ARG IE 100 56.53 4.40 93.52
CA ARG IE 100 55.37 4.65 92.67
C ARG IE 100 55.79 5.13 91.28
N HIS IE 101 56.80 6.00 91.22
CA HIS IE 101 57.26 6.49 89.92
C HIS IE 101 57.90 5.37 89.10
N HIS IE 102 58.74 4.55 89.71
CA HIS IE 102 59.41 3.48 88.98
C HIS IE 102 58.41 2.44 88.49
N TYR IE 103 57.57 1.93 89.39
CA TYR IE 103 56.61 0.89 89.04
C TYR IE 103 55.23 1.47 88.74
N GLY IE 104 54.63 2.15 89.70
CA GLY IE 104 53.30 2.69 89.55
C GLY IE 104 52.62 2.86 90.88
N ILE IE 105 51.60 3.72 90.89
CA ILE IE 105 50.90 4.02 92.14
C ILE IE 105 50.16 2.78 92.64
N VAL IE 106 49.47 2.08 91.74
CA VAL IE 106 48.67 0.93 92.15
C VAL IE 106 49.57 -0.21 92.62
N GLN IE 107 50.68 -0.43 91.93
CA GLN IE 107 51.53 -1.58 92.25
C GLN IE 107 52.08 -1.47 93.66
N VAL IE 108 52.53 -0.29 94.07
CA VAL IE 108 53.05 -0.11 95.42
C VAL IE 108 51.96 -0.39 96.44
N GLU IE 109 50.77 0.19 96.22
CA GLU IE 109 49.66 -0.08 97.12
C GLU IE 109 49.28 -1.54 97.10
N HIS IE 110 49.44 -2.20 95.95
CA HIS IE 110 49.10 -3.62 95.83
C HIS IE 110 50.16 -4.50 96.46
N TYR IE 111 51.44 -4.13 96.35
CA TYR IE 111 52.54 -4.98 96.78
C TYR IE 111 52.93 -4.76 98.24
N VAL IE 112 52.70 -3.56 98.79
CA VAL IE 112 53.14 -3.27 100.14
C VAL IE 112 52.47 -4.21 101.14
N LYS IE 113 51.17 -4.44 100.97
CA LYS IE 113 50.44 -5.27 101.93
C LYS IE 113 50.94 -6.71 101.90
N GLN IE 114 51.29 -7.22 100.72
CA GLN IE 114 51.68 -8.62 100.60
C GLN IE 114 52.87 -8.94 101.50
N ILE IE 115 53.91 -8.09 101.47
CA ILE IE 115 55.10 -8.36 102.26
C ILE IE 115 54.79 -8.27 103.74
N THR IE 116 53.92 -7.34 104.12
CA THR IE 116 53.55 -7.20 105.54
C THR IE 116 52.90 -8.48 106.05
N LEU IE 117 52.03 -9.08 105.25
CA LEU IE 117 51.40 -10.33 105.65
C LEU IE 117 52.43 -11.44 105.83
N TRP IE 118 53.39 -11.53 104.91
CA TRP IE 118 54.40 -12.57 105.00
C TRP IE 118 55.18 -12.47 106.31
N GLN IE 119 55.28 -11.27 106.88
CA GLN IE 119 55.97 -11.11 108.15
C GLN IE 119 55.07 -11.45 109.33
N ASP IE 120 53.87 -10.88 109.36
CA ASP IE 120 52.92 -11.10 110.46
C ASP IE 120 52.28 -12.47 110.26
N THR IE 121 53.06 -13.51 110.57
CA THR IE 121 52.62 -14.89 110.44
C THR IE 121 53.50 -15.74 111.33
N PRO IE 122 53.00 -16.87 111.85
CA PRO IE 122 53.81 -17.66 112.78
C PRO IE 122 55.00 -18.34 112.11
N GLN IE 123 56.01 -17.54 111.77
CA GLN IE 123 57.30 -18.02 111.26
C GLN IE 123 57.17 -19.21 110.33
N ALA IE 124 56.78 -20.37 110.86
CA ALA IE 124 56.84 -21.60 110.07
C ALA IE 124 56.03 -21.48 108.79
N PHE IE 125 54.76 -21.08 108.90
CA PHE IE 125 53.92 -20.90 107.72
C PHE IE 125 53.95 -19.46 107.24
N ARG IE 126 55.14 -18.91 107.07
CA ARG IE 126 55.26 -17.52 106.65
C ARG IE 126 54.79 -17.33 105.21
N GLY IE 127 55.09 -18.31 104.34
CA GLY IE 127 54.69 -18.22 102.95
C GLY IE 127 55.74 -18.77 102.03
N ASP IE 128 56.07 -18.02 100.97
CA ASP IE 128 57.07 -18.45 99.99
C ASP IE 128 57.97 -17.29 99.59
N GLN IE 129 58.21 -16.35 100.49
CA GLN IE 129 59.08 -15.21 100.20
C GLN IE 129 58.53 -14.47 98.99
N PRO IE 130 57.42 -13.75 99.11
CA PRO IE 130 56.78 -13.16 97.93
C PRO IE 130 57.76 -12.30 97.13
N LYS IE 131 57.73 -12.47 95.82
CA LYS IE 131 58.64 -11.78 94.95
C LYS IE 131 58.29 -10.29 94.88
N PRO IE 132 59.28 -9.41 94.73
CA PRO IE 132 58.98 -7.99 94.53
C PRO IE 132 58.38 -7.76 93.16
N PRO IE 133 57.69 -6.63 92.97
CA PRO IE 133 57.01 -6.41 91.68
C PRO IE 133 58.00 -6.37 90.52
N THR JE 3 124.10 -11.16 -29.05
CA THR JE 3 123.86 -11.37 -27.62
C THR JE 3 122.41 -11.06 -27.26
N PHE JE 4 121.85 -10.00 -27.83
CA PHE JE 4 120.49 -9.60 -27.47
C PHE JE 4 119.47 -10.68 -27.84
N ILE JE 5 119.61 -11.27 -29.04
CA ILE JE 5 118.65 -12.27 -29.48
C ILE JE 5 118.65 -13.45 -28.52
N GLU JE 6 119.82 -13.81 -28.01
CA GLU JE 6 119.88 -14.88 -27.01
C GLU JE 6 119.04 -14.53 -25.79
N LEU JE 7 119.10 -13.27 -25.35
CA LEU JE 7 118.31 -12.85 -24.20
C LEU JE 7 116.82 -12.96 -24.48
N VAL JE 8 116.39 -12.58 -25.68
CA VAL JE 8 114.97 -12.61 -26.00
C VAL JE 8 114.47 -14.06 -26.08
N LYS JE 9 115.29 -14.95 -26.65
CA LYS JE 9 114.89 -16.35 -26.73
C LYS JE 9 114.60 -16.92 -25.35
N ASN JE 10 115.21 -16.36 -24.30
CA ASN JE 10 114.94 -16.76 -22.93
C ASN JE 10 113.72 -16.01 -22.40
N MET JE 11 112.60 -16.20 -23.11
CA MET JE 11 111.35 -15.54 -22.76
C MET JE 11 110.18 -16.49 -23.02
N LYS JE 12 109.06 -16.18 -22.39
CA LYS JE 12 107.89 -17.04 -22.44
C LYS JE 12 106.95 -16.60 -23.55
N GLY JE 13 106.39 -17.59 -24.26
CA GLY JE 13 105.58 -17.32 -25.42
C GLY JE 13 106.35 -17.06 -26.69
N TYR JE 14 107.64 -17.37 -26.71
CA TYR JE 14 108.49 -17.10 -27.87
C TYR JE 14 108.25 -18.16 -28.93
N LYS JE 15 107.71 -17.75 -30.07
CA LYS JE 15 107.48 -18.63 -31.21
C LYS JE 15 108.42 -18.22 -32.33
N GLU JE 16 109.27 -19.15 -32.76
CA GLU JE 16 110.24 -18.85 -33.80
C GLU JE 16 109.53 -18.64 -35.13
N LEU JE 17 110.09 -17.74 -35.95
CA LEU JE 17 109.49 -17.40 -37.23
C LEU JE 17 110.51 -17.28 -38.36
N LEU JE 18 111.74 -17.73 -38.14
CA LEU JE 18 112.80 -17.61 -39.13
C LEU JE 18 113.24 -19.00 -39.58
N LEU JE 19 113.31 -19.20 -40.90
CA LEU JE 19 113.72 -20.47 -41.46
C LEU JE 19 115.24 -20.57 -41.48
N PRO JE 20 115.77 -21.78 -41.67
CA PRO JE 20 117.23 -21.92 -41.78
C PRO JE 20 117.77 -21.15 -42.97
N MET JE 21 119.00 -20.67 -42.83
CA MET JE 21 119.63 -19.90 -43.90
C MET JE 21 119.71 -20.70 -45.19
N GLU JE 22 119.74 -22.03 -45.11
CA GLU JE 22 119.88 -22.88 -46.28
C GLU JE 22 118.58 -23.03 -47.06
N MET JE 23 117.45 -22.58 -46.50
CA MET JE 23 116.16 -22.73 -47.16
C MET JE 23 115.58 -21.43 -47.70
N VAL JE 24 115.99 -20.28 -47.16
CA VAL JE 24 115.44 -19.00 -47.60
C VAL JE 24 115.88 -18.75 -49.04
N PRO JE 25 115.09 -18.03 -49.84
CA PRO JE 25 115.48 -17.78 -51.23
C PRO JE 25 116.74 -16.93 -51.30
N LEU JE 26 117.24 -16.79 -52.52
CA LEU JE 26 118.35 -15.89 -52.76
C LEU JE 26 117.89 -14.44 -52.56
N PRO JE 27 118.81 -13.54 -52.19
CA PRO JE 27 118.38 -12.16 -51.93
C PRO JE 27 117.67 -11.51 -53.09
N ALA JE 28 118.09 -11.81 -54.33
CA ALA JE 28 117.44 -11.24 -55.49
C ALA JE 28 115.98 -11.64 -55.57
N VAL JE 29 115.68 -12.90 -55.27
CA VAL JE 29 114.31 -13.39 -55.36
C VAL JE 29 113.42 -12.70 -54.33
N VAL JE 30 113.96 -12.45 -53.14
CA VAL JE 30 113.13 -11.89 -52.07
C VAL JE 30 112.60 -10.53 -52.48
N LEU JE 31 113.47 -9.70 -53.07
CA LEU JE 31 113.05 -8.35 -53.45
C LEU JE 31 111.84 -8.39 -54.38
N LYS JE 32 111.72 -9.44 -55.18
CA LYS JE 32 110.60 -9.52 -56.12
C LYS JE 32 109.27 -9.55 -55.38
N HIS JE 33 109.17 -10.32 -54.29
CA HIS JE 33 107.93 -10.36 -53.53
C HIS JE 33 107.68 -9.03 -52.81
N VAL JE 34 108.73 -8.30 -52.48
CA VAL JE 34 108.57 -7.02 -51.78
C VAL JE 34 107.76 -6.06 -52.64
N LYS JE 35 108.10 -5.97 -53.92
CA LYS JE 35 107.40 -5.05 -54.81
C LYS JE 35 105.93 -5.42 -54.92
N LEU JE 36 105.64 -6.72 -55.08
CA LEU JE 36 104.25 -7.15 -55.19
C LEU JE 36 103.49 -6.88 -53.90
N ILE JE 37 104.05 -7.29 -52.77
CA ILE JE 37 103.36 -7.14 -51.49
C ILE JE 37 103.17 -5.67 -51.17
N LEU JE 38 104.22 -4.87 -51.33
CA LEU JE 38 104.10 -3.44 -51.08
C LEU JE 38 103.11 -2.80 -52.04
N THR JE 39 103.28 -3.02 -53.34
CA THR JE 39 102.47 -2.32 -54.32
C THR JE 39 101.04 -2.86 -54.34
N SER JE 40 100.90 -4.19 -54.31
CA SER JE 40 99.58 -4.83 -54.34
C SER JE 40 99.01 -4.85 -52.92
N GLN JE 41 98.81 -3.65 -52.38
CA GLN JE 41 98.25 -3.51 -51.05
C GLN JE 41 97.40 -2.25 -50.99
N LYS JE 42 96.39 -2.28 -50.12
CA LYS JE 42 95.48 -1.17 -49.93
C LYS JE 42 95.40 -0.86 -48.44
N GLU JE 43 95.14 0.41 -48.12
CA GLU JE 43 95.06 0.87 -46.74
C GLU JE 43 96.37 0.58 -46.01
N HIS JE 44 97.42 1.26 -46.47
CA HIS JE 44 98.77 1.07 -45.95
C HIS JE 44 98.76 0.93 -44.43
N GLN JE 45 99.51 -0.04 -43.95
CA GLN JE 45 99.60 -0.38 -42.53
C GLN JE 45 101.01 -0.17 -42.03
N PRO JE 46 101.19 -0.02 -40.72
CA PRO JE 46 102.53 0.31 -40.20
C PRO JE 46 103.60 -0.71 -40.58
N TRP JE 47 103.27 -2.00 -40.60
CA TRP JE 47 104.27 -3.01 -40.91
C TRP JE 47 104.80 -2.89 -42.32
N MET JE 48 104.06 -2.27 -43.23
CA MET JE 48 104.55 -2.08 -44.59
C MET JE 48 105.80 -1.22 -44.60
N THR JE 49 105.81 -0.15 -43.79
CA THR JE 49 106.98 0.72 -43.74
C THR JE 49 108.20 -0.03 -43.25
N GLU JE 50 108.04 -0.89 -42.25
CA GLU JE 50 109.18 -1.64 -41.73
C GLU JE 50 109.80 -2.52 -42.81
N MET JE 51 108.96 -3.16 -43.63
CA MET JE 51 109.49 -4.04 -44.67
C MET JE 51 110.36 -3.28 -45.65
N ALA JE 52 109.91 -2.10 -46.08
CA ALA JE 52 110.66 -1.33 -47.06
C ALA JE 52 112.00 -0.88 -46.53
N LEU JE 53 112.02 -0.44 -45.27
CA LEU JE 53 113.27 0.07 -44.69
C LEU JE 53 114.35 -1.00 -44.67
N LYS JE 54 114.00 -2.22 -44.28
CA LYS JE 54 114.99 -3.30 -44.25
C LYS JE 54 115.42 -3.66 -45.66
N ALA JE 55 114.51 -3.59 -46.63
CA ALA JE 55 114.83 -4.02 -47.98
C ALA JE 55 115.97 -3.20 -48.56
N ASP JE 56 115.92 -1.87 -48.39
CA ASP JE 56 116.96 -1.02 -48.96
C ASP JE 56 118.32 -1.31 -48.34
N GLN JE 57 118.35 -1.82 -47.10
CA GLN JE 57 119.63 -2.12 -46.46
C GLN JE 57 120.37 -3.19 -47.22
N CYS JE 58 119.67 -4.24 -47.66
CA CYS JE 58 120.31 -5.30 -48.43
C CYS JE 58 120.89 -4.76 -49.72
N LEU JE 59 120.16 -3.86 -50.39
CA LEU JE 59 120.68 -3.26 -51.61
C LEU JE 59 121.93 -2.44 -51.33
N ILE JE 60 121.94 -1.70 -50.21
CA ILE JE 60 123.10 -0.89 -49.86
C ILE JE 60 124.32 -1.79 -49.67
N HIS JE 61 124.17 -2.87 -48.89
CA HIS JE 61 125.26 -3.80 -48.72
C HIS JE 61 125.59 -4.49 -50.03
N LYS JE 62 124.57 -4.86 -50.81
CA LYS JE 62 124.80 -5.49 -52.10
C LYS JE 62 125.56 -4.56 -53.03
N ALA JE 63 125.21 -3.28 -53.05
CA ALA JE 63 125.90 -2.31 -53.88
C ALA JE 63 127.29 -1.98 -53.35
N THR JE 64 127.63 -2.44 -52.15
CA THR JE 64 128.94 -2.14 -51.56
C THR JE 64 130.02 -3.13 -52.00
N LEU JE 65 129.64 -4.36 -52.37
CA LEU JE 65 130.64 -5.36 -52.74
C LEU JE 65 131.39 -4.96 -54.00
N ASP JE 66 130.71 -4.33 -54.96
CA ASP JE 66 131.38 -3.93 -56.19
C ASP JE 66 132.55 -3.00 -55.91
N PRO JE 78 139.00 -10.08 -44.34
CA PRO JE 78 137.79 -10.18 -43.51
C PRO JE 78 136.81 -9.03 -43.74
N LEU JE 79 137.28 -7.79 -43.68
CA LEU JE 79 136.38 -6.64 -43.74
C LEU JE 79 135.58 -6.62 -45.03
N ILE JE 80 136.26 -6.87 -46.16
CA ILE JE 80 135.57 -6.87 -47.45
C ILE JE 80 134.51 -7.97 -47.49
N GLU JE 81 134.88 -9.16 -47.04
CA GLU JE 81 133.97 -10.30 -47.05
C GLU JE 81 133.04 -10.34 -45.85
N ALA JE 82 133.32 -9.55 -44.81
CA ALA JE 82 132.49 -9.59 -43.61
C ALA JE 82 131.07 -9.12 -43.91
N MET JE 83 130.92 -8.06 -44.70
CA MET JE 83 129.60 -7.52 -44.99
C MET JE 83 128.72 -8.55 -45.69
N GLN JE 84 129.33 -9.45 -46.47
CA GLN JE 84 128.55 -10.45 -47.18
C GLN JE 84 127.76 -11.34 -46.22
N GLN JE 85 128.28 -11.55 -45.01
CA GLN JE 85 127.59 -12.39 -44.05
C GLN JE 85 126.25 -11.78 -43.65
N ILE JE 86 126.21 -10.46 -43.47
CA ILE JE 86 124.98 -9.79 -43.05
C ILE JE 86 123.93 -9.88 -44.16
N ILE JE 87 124.37 -9.81 -45.42
CA ILE JE 87 123.42 -9.82 -46.53
C ILE JE 87 122.56 -11.08 -46.47
N LEU JE 88 123.20 -12.24 -46.30
CA LEU JE 88 122.45 -13.48 -46.19
C LEU JE 88 121.53 -13.46 -44.97
N ALA JE 89 122.04 -12.95 -43.83
CA ALA JE 89 121.23 -12.89 -42.63
C ALA JE 89 120.04 -11.97 -42.80
N MET JE 90 120.24 -10.83 -43.47
CA MET JE 90 119.16 -9.87 -43.62
C MET JE 90 117.96 -10.50 -44.33
N THR JE 91 118.22 -11.38 -45.30
CA THR JE 91 117.12 -12.04 -46.01
C THR JE 91 116.31 -12.90 -45.05
N ARG JE 92 116.98 -13.62 -44.14
CA ARG JE 92 116.27 -14.52 -43.23
C ARG JE 92 115.23 -13.77 -42.42
N GLU JE 93 115.61 -12.61 -41.85
CA GLU JE 93 114.63 -11.81 -41.14
C GLU JE 93 113.61 -11.21 -42.11
N LEU JE 94 114.06 -10.79 -43.28
CA LEU JE 94 113.17 -10.18 -44.25
C LEU JE 94 112.14 -11.18 -44.75
N TRP JE 95 112.57 -12.42 -45.05
CA TRP JE 95 111.65 -13.41 -45.56
C TRP JE 95 110.59 -13.78 -44.54
N GLY JE 96 110.89 -13.59 -43.25
CA GLY JE 96 109.91 -13.91 -42.22
C GLY JE 96 108.65 -13.08 -42.34
N GLN JE 97 108.80 -11.79 -42.66
CA GLN JE 97 107.63 -10.94 -42.80
C GLN JE 97 106.83 -11.28 -44.05
N ILE JE 98 107.50 -11.76 -45.10
CA ILE JE 98 106.80 -12.12 -46.33
C ILE JE 98 105.79 -13.22 -46.05
N GLN JE 99 106.21 -14.26 -45.33
CA GLN JE 99 105.31 -15.37 -45.05
C GLN JE 99 104.17 -14.95 -44.14
N ARG JE 100 104.42 -14.00 -43.23
CA ARG JE 100 103.34 -13.51 -42.37
C ARG JE 100 102.24 -12.88 -43.20
N HIS JE 101 102.62 -12.07 -44.20
CA HIS JE 101 101.62 -11.45 -45.06
C HIS JE 101 100.88 -12.49 -45.91
N HIS JE 102 101.64 -13.41 -46.51
CA HIS JE 102 101.03 -14.41 -47.37
C HIS JE 102 100.23 -15.43 -46.56
N TYR JE 103 100.92 -16.16 -45.67
CA TYR JE 103 100.26 -17.22 -44.90
C TYR JE 103 99.54 -16.65 -43.69
N GLY JE 104 100.28 -16.03 -42.79
CA GLY JE 104 99.74 -15.55 -41.53
C GLY JE 104 100.71 -15.90 -40.42
N ILE JE 105 100.72 -15.07 -39.36
CA ILE JE 105 101.68 -15.27 -38.28
C ILE JE 105 101.45 -16.62 -37.60
N VAL JE 106 100.19 -16.94 -37.32
CA VAL JE 106 99.90 -18.17 -36.58
C VAL JE 106 100.34 -19.40 -37.37
N GLN JE 107 100.01 -19.42 -38.67
CA GLN JE 107 100.34 -20.58 -39.49
C GLN JE 107 101.85 -20.76 -39.62
N VAL JE 108 102.59 -19.66 -39.69
CA VAL JE 108 104.03 -19.74 -39.88
C VAL JE 108 104.68 -20.48 -38.71
N GLU JE 109 104.25 -20.15 -37.48
CA GLU JE 109 104.83 -20.79 -36.30
C GLU JE 109 104.78 -22.30 -36.43
N HIS JE 110 103.62 -22.85 -36.80
CA HIS JE 110 103.50 -24.28 -36.97
C HIS JE 110 104.42 -24.79 -38.08
N TYR JE 111 104.49 -24.06 -39.19
CA TYR JE 111 105.28 -24.51 -40.33
C TYR JE 111 106.76 -24.62 -39.97
N VAL JE 112 107.28 -23.63 -39.25
CA VAL JE 112 108.71 -23.63 -38.93
C VAL JE 112 109.07 -24.84 -38.08
N LYS JE 113 108.27 -25.08 -37.03
CA LYS JE 113 108.56 -26.22 -36.16
C LYS JE 113 108.46 -27.53 -36.92
N GLN JE 114 107.46 -27.66 -37.80
CA GLN JE 114 107.38 -28.85 -38.64
C GLN JE 114 108.61 -28.99 -39.51
N ILE JE 115 109.09 -27.88 -40.07
CA ILE JE 115 110.31 -27.93 -40.86
C ILE JE 115 111.49 -28.29 -39.96
N THR JE 116 111.55 -27.69 -38.77
CA THR JE 116 112.67 -27.94 -37.87
C THR JE 116 112.74 -29.42 -37.50
N LEU JE 117 111.62 -29.99 -37.06
CA LEU JE 117 111.60 -31.41 -36.75
C LEU JE 117 111.90 -32.25 -37.98
N TRP JE 118 111.35 -31.86 -39.14
CA TRP JE 118 111.64 -32.57 -40.38
C TRP JE 118 113.13 -32.51 -40.69
N GLN JE 119 113.75 -31.34 -40.52
CA GLN JE 119 115.18 -31.23 -40.75
C GLN JE 119 115.98 -31.96 -39.67
N ASP JE 120 115.46 -31.96 -38.43
CA ASP JE 120 116.19 -32.62 -37.35
C ASP JE 120 116.28 -34.11 -37.56
N THR JE 121 115.19 -34.75 -38.00
CA THR JE 121 115.19 -36.18 -38.18
C THR JE 121 116.20 -36.58 -39.25
N PRO JE 122 116.93 -37.68 -39.07
CA PRO JE 122 117.90 -38.09 -40.10
C PRO JE 122 117.23 -38.37 -41.44
N GLN JE 123 117.97 -38.07 -42.51
CA GLN JE 123 117.43 -38.21 -43.85
C GLN JE 123 117.02 -39.64 -44.19
N ALA JE 124 117.56 -40.63 -43.47
CA ALA JE 124 117.22 -42.01 -43.76
C ALA JE 124 115.72 -42.27 -43.56
N PHE JE 125 115.15 -41.73 -42.48
CA PHE JE 125 113.74 -41.89 -42.19
C PHE JE 125 113.08 -40.53 -41.96
N ARG JE 126 113.58 -39.50 -42.65
CA ARG JE 126 113.07 -38.15 -42.44
C ARG JE 126 111.61 -38.04 -42.88
N GLY JE 127 111.27 -38.62 -44.01
CA GLY JE 127 109.92 -38.55 -44.52
C GLY JE 127 109.73 -37.40 -45.50
N ASP JE 128 108.50 -37.32 -46.02
CA ASP JE 128 108.18 -36.29 -46.99
C ASP JE 128 108.22 -34.91 -46.34
N GLN JE 129 108.77 -33.95 -47.06
CA GLN JE 129 108.84 -32.58 -46.55
C GLN JE 129 107.45 -32.00 -46.44
N PRO JE 130 107.09 -31.38 -45.31
CA PRO JE 130 105.74 -30.81 -45.18
C PRO JE 130 105.55 -29.63 -46.13
N LYS JE 131 104.30 -29.43 -46.54
CA LYS JE 131 103.96 -28.36 -47.45
C LYS JE 131 103.61 -27.10 -46.68
N PRO JE 132 103.72 -25.93 -47.32
CA PRO JE 132 103.39 -24.67 -46.64
C PRO JE 132 101.94 -24.64 -46.20
N PRO JE 133 101.59 -23.79 -45.24
CA PRO JE 133 100.19 -23.72 -44.78
C PRO JE 133 99.27 -23.09 -45.82
N SER JE 134 98.00 -22.93 -45.46
CA SER JE 134 97.04 -22.29 -46.34
C SER JE 134 97.17 -20.78 -46.27
N PHE JE 135 96.87 -20.12 -47.39
CA PHE JE 135 96.96 -18.68 -47.46
C PHE JE 135 95.92 -18.01 -46.56
N THR KE 3 114.62 3.09 -53.57
CA THR KE 3 113.38 3.16 -54.33
C THR KE 3 112.19 2.54 -53.60
N PHE KE 4 112.40 1.45 -52.87
CA PHE KE 4 111.29 0.80 -52.18
C PHE KE 4 110.64 1.74 -51.17
N ILE KE 5 111.46 2.47 -50.40
CA ILE KE 5 110.91 3.39 -49.41
C ILE KE 5 110.11 4.47 -50.10
N GLU KE 6 110.54 4.90 -51.28
CA GLU KE 6 109.80 5.92 -52.02
C GLU KE 6 108.40 5.41 -52.38
N LEU KE 7 108.30 4.13 -52.76
CA LEU KE 7 106.99 3.58 -53.09
C LEU KE 7 106.05 3.63 -51.90
N VAL KE 8 106.56 3.34 -50.70
CA VAL KE 8 105.73 3.44 -49.50
C VAL KE 8 105.27 4.87 -49.29
N LYS KE 9 106.18 5.83 -49.46
CA LYS KE 9 105.83 7.22 -49.28
C LYS KE 9 104.79 7.69 -50.30
N ASN KE 10 104.58 6.93 -51.37
CA ASN KE 10 103.59 7.25 -52.37
C ASN KE 10 102.23 6.63 -52.07
N MET KE 11 102.09 5.94 -50.94
CA MET KE 11 100.86 5.24 -50.63
C MET KE 11 99.82 6.20 -50.06
N LYS KE 12 98.68 5.65 -49.66
CA LYS KE 12 97.60 6.39 -49.03
C LYS KE 12 97.52 6.01 -47.56
N GLY KE 13 97.45 7.02 -46.70
CA GLY KE 13 97.43 6.79 -45.27
C GLY KE 13 98.79 6.65 -44.62
N TYR KE 14 99.87 6.67 -45.41
CA TYR KE 14 101.21 6.58 -44.83
C TYR KE 14 101.51 7.79 -43.97
N LYS KE 15 102.19 7.55 -42.85
CA LYS KE 15 102.53 8.60 -41.90
C LYS KE 15 103.95 8.38 -41.42
N GLU KE 16 104.70 9.48 -41.30
CA GLU KE 16 106.08 9.40 -40.86
C GLU KE 16 106.15 8.99 -39.39
N LEU KE 17 107.17 8.17 -39.07
CA LEU KE 17 107.43 7.77 -37.69
C LEU KE 17 108.88 7.95 -37.28
N LEU KE 18 109.79 8.19 -38.22
CA LEU KE 18 111.19 8.39 -37.89
C LEU KE 18 111.45 9.86 -37.57
N LEU KE 19 112.72 10.19 -37.34
CA LEU KE 19 113.12 11.53 -36.95
C LEU KE 19 114.34 11.93 -37.77
N PRO KE 20 114.64 13.23 -37.84
CA PRO KE 20 115.83 13.67 -38.57
C PRO KE 20 117.09 13.03 -38.01
N MET KE 21 118.05 12.78 -38.90
CA MET KE 21 119.29 12.14 -38.49
C MET KE 21 119.96 12.90 -37.35
N GLU KE 22 119.85 14.23 -37.36
CA GLU KE 22 120.46 15.02 -36.29
C GLU KE 22 119.81 14.73 -34.94
N MET KE 23 118.48 14.60 -34.91
CA MET KE 23 117.75 14.33 -33.67
C MET KE 23 117.72 12.83 -33.39
N VAL KE 24 118.91 12.23 -33.37
CA VAL KE 24 119.06 10.81 -33.08
C VAL KE 24 120.20 10.64 -32.07
N PRO KE 25 119.98 9.95 -30.94
CA PRO KE 25 121.06 9.76 -29.98
C PRO KE 25 122.28 9.08 -30.61
N LEU KE 26 123.37 9.10 -29.86
CA LEU KE 26 124.60 8.49 -30.32
C LEU KE 26 124.48 6.96 -30.25
N PRO KE 27 125.32 6.23 -30.99
CA PRO KE 27 125.26 4.77 -30.94
C PRO KE 27 125.67 4.23 -29.58
N ALA KE 28 125.66 2.91 -29.44
CA ALA KE 28 126.06 2.26 -28.19
C ALA KE 28 125.12 2.64 -27.05
N VAL KE 29 125.14 3.92 -26.65
CA VAL KE 29 124.31 4.36 -25.55
C VAL KE 29 122.83 4.18 -25.89
N VAL KE 30 122.46 4.46 -27.14
CA VAL KE 30 121.07 4.30 -27.55
C VAL KE 30 120.62 2.86 -27.40
N LEU KE 31 121.55 1.91 -27.54
CA LEU KE 31 121.21 0.50 -27.38
C LEU KE 31 120.77 0.17 -25.97
N LYS KE 32 121.05 1.03 -25.00
CA LYS KE 32 120.69 0.73 -23.61
C LYS KE 32 119.19 0.64 -23.44
N HIS KE 33 118.43 1.50 -24.11
CA HIS KE 33 116.99 1.43 -24.04
C HIS KE 33 116.47 0.06 -24.49
N VAL KE 34 117.24 -0.63 -25.33
CA VAL KE 34 116.84 -1.97 -25.77
C VAL KE 34 116.71 -2.89 -24.57
N LYS KE 35 117.72 -2.89 -23.69
CA LYS KE 35 117.69 -3.76 -22.53
C LYS KE 35 116.53 -3.40 -21.60
N LEU KE 36 116.27 -2.10 -21.42
CA LEU KE 36 115.23 -1.67 -20.50
C LEU KE 36 113.83 -2.01 -21.00
N ILE KE 37 113.70 -2.43 -22.26
CA ILE KE 37 112.39 -2.74 -22.83
C ILE KE 37 112.29 -4.24 -23.08
N LEU KE 38 113.43 -4.89 -23.28
CA LEU KE 38 113.46 -6.34 -23.44
C LEU KE 38 113.54 -7.06 -22.10
N THR KE 39 114.56 -6.72 -21.30
CA THR KE 39 114.73 -7.37 -20.02
C THR KE 39 113.53 -7.12 -19.11
N SER KE 40 113.04 -5.89 -19.08
CA SER KE 40 111.88 -5.52 -18.26
C SER KE 40 110.59 -5.75 -19.06
N GLN KE 41 110.41 -6.98 -19.51
CA GLN KE 41 109.26 -7.33 -20.32
C GLN KE 41 108.96 -8.81 -20.19
N LYS KE 42 107.76 -9.19 -20.59
CA LYS KE 42 107.31 -10.58 -20.56
C LYS KE 42 106.22 -10.73 -21.62
N GLU KE 43 105.83 -11.98 -21.88
CA GLU KE 43 104.83 -12.29 -22.90
C GLU KE 43 105.32 -11.83 -24.27
N HIS KE 44 106.41 -12.46 -24.70
CA HIS KE 44 107.07 -12.17 -25.97
C HIS KE 44 106.06 -11.93 -27.08
N GLN KE 45 106.15 -10.76 -27.69
CA GLN KE 45 105.27 -10.36 -28.78
C GLN KE 45 106.04 -10.29 -30.09
N PRO KE 46 105.36 -10.37 -31.23
CA PRO KE 46 106.08 -10.41 -32.50
C PRO KE 46 106.99 -9.21 -32.72
N TRP KE 47 106.56 -8.02 -32.31
CA TRP KE 47 107.38 -6.83 -32.56
C TRP KE 47 108.66 -6.84 -31.74
N MET KE 48 108.67 -7.54 -30.61
CA MET KE 48 109.87 -7.60 -29.79
C MET KE 48 111.01 -8.26 -30.54
N THR KE 49 110.72 -9.33 -31.28
CA THR KE 49 111.76 -9.98 -32.06
C THR KE 49 112.32 -9.06 -33.12
N GLU KE 50 111.46 -8.26 -33.76
CA GLU KE 50 111.92 -7.32 -34.78
C GLU KE 50 112.95 -6.36 -34.20
N MET KE 51 112.67 -5.82 -33.02
CA MET KE 51 113.61 -4.91 -32.38
C MET KE 51 114.91 -5.63 -32.05
N ALA KE 52 114.82 -6.85 -31.54
CA ALA KE 52 116.03 -7.60 -31.17
C ALA KE 52 116.90 -7.87 -32.37
N LEU KE 53 116.29 -8.28 -33.49
CA LEU KE 53 117.05 -8.61 -34.68
C LEU KE 53 117.59 -7.39 -35.40
N LYS KE 54 117.15 -6.19 -35.03
CA LYS KE 54 117.66 -4.96 -35.61
C LYS KE 54 118.75 -4.32 -34.77
N ALA KE 55 118.56 -4.26 -33.45
CA ALA KE 55 119.55 -3.65 -32.57
C ALA KE 55 120.86 -4.43 -32.61
N ASP KE 56 120.79 -5.76 -32.60
CA ASP KE 56 121.99 -6.58 -32.62
C ASP KE 56 122.83 -6.35 -33.86
N GLN KE 57 122.22 -5.86 -34.94
CA GLN KE 57 122.97 -5.63 -36.17
C GLN KE 57 124.03 -4.56 -35.98
N CYS KE 58 123.72 -3.52 -35.20
CA CYS KE 58 124.69 -2.45 -34.97
C CYS KE 58 125.97 -3.00 -34.34
N LEU KE 59 125.83 -3.92 -33.39
CA LEU KE 59 127.01 -4.53 -32.79
C LEU KE 59 127.82 -5.29 -33.84
N ILE KE 60 127.14 -5.99 -34.74
CA ILE KE 60 127.84 -6.73 -35.79
C ILE KE 60 128.64 -5.76 -36.66
N HIS KE 61 127.99 -4.68 -37.11
CA HIS KE 61 128.72 -3.66 -37.85
C HIS KE 61 129.77 -2.99 -36.99
N LYS KE 62 129.43 -2.71 -35.73
CA LYS KE 62 130.40 -2.10 -34.82
C LYS KE 62 131.58 -3.04 -34.57
N ALA KE 63 131.31 -4.34 -34.47
CA ALA KE 63 132.38 -5.29 -34.23
C ALA KE 63 133.43 -5.29 -35.32
N THR KE 64 133.08 -4.88 -36.55
CA THR KE 64 134.04 -4.84 -37.63
C THR KE 64 135.09 -3.76 -37.43
N LEU KE 65 134.83 -2.79 -36.55
CA LEU KE 65 135.81 -1.74 -36.31
C LEU KE 65 137.14 -2.30 -35.81
N ASP KE 66 137.09 -3.41 -35.08
CA ASP KE 66 138.34 -4.05 -34.65
C ASP KE 66 139.17 -4.48 -35.85
N PRO KE 78 136.08 3.43 -49.10
CA PRO KE 78 134.61 3.45 -49.19
C PRO KE 78 133.95 2.34 -48.40
N LEU KE 79 134.57 1.17 -48.34
CA LEU KE 79 134.01 0.06 -47.58
C LEU KE 79 133.92 0.41 -46.09
N ILE KE 80 134.99 1.00 -45.55
CA ILE KE 80 134.99 1.38 -44.14
C ILE KE 80 134.04 2.54 -43.90
N GLU KE 81 134.06 3.54 -44.78
CA GLU KE 81 133.17 4.69 -44.62
C GLU KE 81 131.71 4.28 -44.74
N ALA KE 82 131.40 3.41 -45.71
CA ALA KE 82 130.01 3.06 -45.97
C ALA KE 82 129.35 2.43 -44.75
N MET KE 83 130.07 1.53 -44.06
CA MET KE 83 129.48 0.85 -42.91
C MET KE 83 129.11 1.84 -41.82
N GLN KE 84 129.95 2.85 -41.57
CA GLN KE 84 129.66 3.84 -40.54
C GLN KE 84 128.37 4.59 -40.86
N GLN KE 85 128.16 4.92 -42.14
CA GLN KE 85 126.94 5.63 -42.52
C GLN KE 85 125.70 4.80 -42.24
N ILE KE 86 125.78 3.49 -42.48
CA ILE KE 86 124.61 2.63 -42.32
C ILE KE 86 124.15 2.60 -40.87
N ILE KE 87 125.10 2.67 -39.93
CA ILE KE 87 124.74 2.59 -38.51
C ILE KE 87 123.77 3.70 -38.15
N LEU KE 88 123.98 4.90 -38.69
CA LEU KE 88 123.08 6.01 -38.40
C LEU KE 88 121.67 5.70 -38.88
N ALA KE 89 121.54 5.12 -40.07
CA ALA KE 89 120.22 4.80 -40.60
C ALA KE 89 119.50 3.79 -39.72
N MET KE 90 120.21 2.74 -39.30
CA MET KE 90 119.58 1.74 -38.44
C MET KE 90 119.24 2.33 -37.08
N THR KE 91 120.10 3.20 -36.56
CA THR KE 91 119.83 3.83 -35.27
C THR KE 91 118.55 4.64 -35.32
N ARG KE 92 118.32 5.34 -36.44
CA ARG KE 92 117.09 6.11 -36.58
C ARG KE 92 115.86 5.21 -36.49
N GLU KE 93 115.91 4.04 -37.12
CA GLU KE 93 114.78 3.12 -37.06
C GLU KE 93 114.54 2.63 -35.64
N LEU KE 94 115.62 2.38 -34.90
CA LEU KE 94 115.47 1.87 -33.53
C LEU KE 94 114.69 2.85 -32.67
N TRP KE 95 114.99 4.14 -32.78
CA TRP KE 95 114.32 5.13 -31.93
C TRP KE 95 112.83 5.17 -32.21
N GLY KE 96 112.44 5.09 -33.48
CA GLY KE 96 111.02 5.13 -33.81
C GLY KE 96 110.25 3.99 -33.16
N GLN KE 97 110.83 2.78 -33.16
CA GLN KE 97 110.18 1.66 -32.50
C GLN KE 97 110.04 1.91 -31.01
N ILE KE 98 111.07 2.49 -30.39
CA ILE KE 98 111.02 2.76 -28.95
C ILE KE 98 109.87 3.71 -28.63
N GLN KE 99 109.78 4.79 -29.39
CA GLN KE 99 108.66 5.72 -29.20
C GLN KE 99 107.33 5.07 -29.55
N ARG KE 100 107.32 4.17 -30.54
CA ARG KE 100 106.10 3.45 -30.87
C ARG KE 100 105.63 2.60 -29.70
N HIS KE 101 106.49 2.31 -28.73
CA HIS KE 101 106.14 1.54 -27.55
C HIS KE 101 105.92 2.41 -26.32
N HIS KE 102 106.80 3.37 -26.07
CA HIS KE 102 106.70 4.22 -24.89
C HIS KE 102 105.49 5.16 -24.99
N TYR KE 103 105.49 6.02 -25.99
CA TYR KE 103 104.41 7.00 -26.16
C TYR KE 103 103.35 6.52 -27.15
N GLY KE 104 102.84 5.31 -26.91
CA GLY KE 104 101.83 4.79 -27.79
C GLY KE 104 102.36 4.61 -29.21
N ILE KE 105 101.41 4.44 -30.13
CA ILE KE 105 101.74 4.30 -31.54
C ILE KE 105 100.97 5.35 -32.33
N VAL KE 106 99.84 5.81 -31.79
CA VAL KE 106 99.04 6.83 -32.46
C VAL KE 106 99.56 8.22 -32.12
N GLN KE 107 99.82 8.48 -30.84
CA GLN KE 107 100.33 9.78 -30.43
C GLN KE 107 101.71 10.08 -31.00
N VAL KE 108 102.46 9.05 -31.40
CA VAL KE 108 103.79 9.27 -31.94
C VAL KE 108 103.72 10.07 -33.23
N GLU KE 109 102.77 9.74 -34.09
CA GLU KE 109 102.66 10.45 -35.37
C GLU KE 109 102.41 11.93 -35.15
N HIS KE 110 101.56 12.27 -34.18
CA HIS KE 110 101.28 13.67 -33.90
C HIS KE 110 102.56 14.41 -33.48
N TYR KE 111 103.37 13.78 -32.63
CA TYR KE 111 104.60 14.43 -32.16
C TYR KE 111 105.55 14.68 -33.32
N VAL KE 112 105.79 13.66 -34.16
CA VAL KE 112 106.71 13.83 -35.27
C VAL KE 112 106.15 14.83 -36.27
N LYS KE 113 104.83 14.86 -36.43
CA LYS KE 113 104.21 15.85 -37.31
C LYS KE 113 104.60 17.26 -36.88
N GLN KE 114 104.55 17.54 -35.57
CA GLN KE 114 104.92 18.85 -35.08
C GLN KE 114 106.42 19.08 -35.18
N ILE KE 115 107.22 18.03 -34.99
CA ILE KE 115 108.67 18.16 -35.08
C ILE KE 115 109.06 18.66 -36.46
N THR KE 116 108.46 18.09 -37.51
CA THR KE 116 108.79 18.50 -38.87
C THR KE 116 108.50 19.97 -39.08
N LEU KE 117 107.33 20.44 -38.64
CA LEU KE 117 106.99 21.84 -38.78
C LEU KE 117 107.91 22.73 -37.95
N TRP KE 118 108.21 22.31 -36.72
CA TRP KE 118 109.01 23.13 -35.81
C TRP KE 118 110.44 23.30 -36.30
N GLN KE 119 110.94 22.40 -37.14
CA GLN KE 119 112.31 22.47 -37.63
C GLN KE 119 112.39 23.02 -39.05
N ASP KE 120 111.43 22.68 -39.90
CA ASP KE 120 111.49 23.15 -41.29
C ASP KE 120 111.39 24.66 -41.37
N THR KE 121 110.54 25.26 -40.55
CA THR KE 121 110.42 26.72 -40.56
C THR KE 121 111.73 27.35 -40.11
N PRO KE 122 112.01 28.57 -40.54
CA PRO KE 122 113.26 29.22 -40.14
C PRO KE 122 113.33 29.43 -38.64
N GLN KE 123 114.55 29.42 -38.11
CA GLN KE 123 114.75 29.52 -36.68
C GLN KE 123 114.16 30.80 -36.10
N ALA KE 124 113.95 31.82 -36.91
CA ALA KE 124 113.38 33.08 -36.42
C ALA KE 124 111.89 32.98 -36.14
N PHE KE 125 111.24 31.88 -36.53
CA PHE KE 125 109.80 31.72 -36.37
C PHE KE 125 109.41 30.50 -35.56
N ARG KE 126 110.34 29.60 -35.25
CA ARG KE 126 109.99 28.36 -34.59
C ARG KE 126 109.30 28.62 -33.26
N GLY KE 127 110.02 29.24 -32.32
CA GLY KE 127 109.48 29.49 -30.99
C GLY KE 127 110.06 28.58 -29.95
N ASP KE 128 109.28 27.61 -29.48
CA ASP KE 128 109.70 26.66 -28.45
C ASP KE 128 109.47 25.25 -28.94
N GLN KE 129 110.38 24.36 -28.59
CA GLN KE 129 110.24 22.96 -29.00
C GLN KE 129 108.99 22.36 -28.38
N PRO KE 130 108.19 21.61 -29.15
CA PRO KE 130 107.01 20.97 -28.57
C PRO KE 130 107.39 19.71 -27.80
N LYS KE 131 107.10 19.69 -26.51
CA LYS KE 131 107.48 18.56 -25.68
C LYS KE 131 106.73 17.30 -26.13
N PRO KE 132 107.42 16.16 -26.24
CA PRO KE 132 106.72 14.94 -26.64
C PRO KE 132 105.74 14.51 -25.57
N PRO KE 133 104.67 13.81 -25.95
CA PRO KE 133 103.71 13.34 -24.94
C PRO KE 133 104.34 12.35 -23.98
N SER KE 134 103.84 12.34 -22.75
CA SER KE 134 104.38 11.46 -21.72
C SER KE 134 103.92 10.02 -21.97
N PHE KE 135 104.26 9.13 -21.04
CA PHE KE 135 103.93 7.72 -21.16
C PHE KE 135 102.44 7.53 -20.85
N THR LE 3 96.74 42.58 -62.46
CA THR LE 3 95.53 43.39 -62.39
C THR LE 3 94.35 42.60 -61.86
N PHE LE 4 94.36 41.27 -61.98
CA PHE LE 4 93.27 40.47 -61.42
C PHE LE 4 93.19 40.64 -59.91
N ILE LE 5 94.34 40.69 -59.24
CA ILE LE 5 94.33 40.88 -57.79
C ILE LE 5 93.63 42.19 -57.45
N GLU LE 6 93.86 43.23 -58.25
CA GLU LE 6 93.14 44.48 -58.05
C GLU LE 6 91.64 44.28 -58.20
N LEU LE 7 91.22 43.48 -59.18
CA LEU LE 7 89.81 43.22 -59.38
C LEU LE 7 89.21 42.51 -58.17
N VAL LE 8 90.02 41.80 -57.41
CA VAL LE 8 89.56 41.14 -56.19
C VAL LE 8 89.94 41.90 -54.93
N LYS LE 9 90.96 42.77 -55.00
CA LYS LE 9 91.35 43.52 -53.80
C LYS LE 9 90.19 44.32 -53.23
N ASN LE 10 89.24 44.71 -54.07
CA ASN LE 10 88.06 45.43 -53.60
C ASN LE 10 86.98 44.50 -53.06
N MET LE 11 87.08 43.19 -53.29
CA MET LE 11 86.08 42.27 -52.78
C MET LE 11 86.09 42.23 -51.26
N LYS LE 12 84.91 42.00 -50.68
CA LYS LE 12 84.79 41.98 -49.23
C LYS LE 12 85.62 40.86 -48.62
N GLY LE 13 85.58 39.68 -49.23
CA GLY LE 13 86.24 38.52 -48.67
C GLY LE 13 87.68 38.35 -49.13
N TYR LE 14 88.20 39.33 -49.84
CA TYR LE 14 89.58 39.26 -50.32
C TYR LE 14 90.55 39.26 -49.15
N LYS LE 15 91.61 38.46 -49.27
CA LYS LE 15 92.59 38.31 -48.21
C LYS LE 15 93.98 38.27 -48.82
N GLU LE 16 94.98 38.69 -48.03
CA GLU LE 16 96.38 38.64 -48.44
C GLU LE 16 96.94 37.27 -48.09
N LEU LE 17 96.59 36.29 -48.92
CA LEU LE 17 97.07 34.92 -48.70
C LEU LE 17 98.58 34.79 -48.90
N LEU LE 18 99.21 35.75 -49.57
CA LEU LE 18 100.64 35.71 -49.82
C LEU LE 18 101.37 36.04 -48.53
N LEU LE 19 101.87 35.03 -47.84
CA LEU LE 19 102.55 35.24 -46.57
C LEU LE 19 103.93 35.83 -46.80
N PRO LE 20 104.54 36.39 -45.75
CA PRO LE 20 105.87 37.00 -45.93
C PRO LE 20 106.88 36.01 -46.47
N MET LE 21 107.78 36.52 -47.33
CA MET LE 21 108.80 35.67 -47.94
C MET LE 21 109.68 35.03 -46.87
N GLU LE 22 110.09 35.82 -45.87
CA GLU LE 22 110.93 35.28 -44.80
C GLU LE 22 110.21 34.17 -44.04
N MET LE 23 108.88 34.25 -43.96
CA MET LE 23 108.13 33.27 -43.18
C MET LE 23 108.26 31.87 -43.75
N VAL LE 24 108.18 31.74 -45.08
CA VAL LE 24 108.17 30.43 -45.73
C VAL LE 24 109.59 29.90 -45.84
N PRO LE 25 109.77 28.57 -45.88
CA PRO LE 25 111.12 28.02 -46.06
C PRO LE 25 111.55 27.96 -47.52
N LEU LE 26 112.69 27.33 -47.78
CA LEU LE 26 113.17 27.21 -49.14
C LEU LE 26 112.25 26.30 -49.95
N PRO LE 27 112.28 26.43 -51.29
CA PRO LE 27 111.35 25.63 -52.10
C PRO LE 27 111.47 24.14 -51.90
N ALA LE 28 112.69 23.64 -51.69
CA ALA LE 28 112.88 22.19 -51.59
C ALA LE 28 112.13 21.62 -50.40
N VAL LE 29 112.16 22.31 -49.25
CA VAL LE 29 111.53 21.80 -48.05
C VAL LE 29 110.02 21.77 -48.22
N VAL LE 30 109.45 22.76 -48.89
CA VAL LE 30 108.00 22.82 -49.04
C VAL LE 30 107.49 21.60 -49.79
N LEU LE 31 108.20 21.20 -50.85
CA LEU LE 31 107.79 20.03 -51.61
C LEU LE 31 107.64 18.80 -50.72
N LYS LE 32 108.45 18.71 -49.67
CA LYS LE 32 108.37 17.57 -48.76
C LYS LE 32 107.00 17.51 -48.10
N HIS LE 33 106.48 18.66 -47.65
CA HIS LE 33 105.19 18.66 -46.98
C HIS LE 33 104.04 18.36 -47.93
N VAL LE 34 104.21 18.68 -49.22
CA VAL LE 34 103.14 18.42 -50.17
C VAL LE 34 102.88 16.92 -50.27
N LYS LE 35 103.96 16.13 -50.34
CA LYS LE 35 103.79 14.67 -50.34
C LYS LE 35 103.16 14.19 -49.04
N LEU LE 36 103.61 14.74 -47.90
CA LEU LE 36 103.11 14.30 -46.61
C LEU LE 36 101.64 14.67 -46.44
N ILE LE 37 101.26 15.89 -46.82
CA ILE LE 37 99.87 16.32 -46.64
C ILE LE 37 98.96 15.58 -47.61
N LEU LE 38 99.38 15.45 -48.86
CA LEU LE 38 98.58 14.71 -49.83
C LEU LE 38 98.46 13.25 -49.43
N THR LE 39 99.56 12.64 -49.00
CA THR LE 39 99.53 11.24 -48.60
C THR LE 39 98.62 11.05 -47.38
N SER LE 40 98.74 11.93 -46.38
CA SER LE 40 97.93 11.79 -45.18
C SER LE 40 96.44 11.94 -45.49
N GLN LE 41 96.10 12.92 -46.32
CA GLN LE 41 94.69 13.17 -46.64
C GLN LE 41 94.12 12.01 -47.45
N LYS LE 42 92.87 11.68 -47.18
CA LYS LE 42 92.20 10.55 -47.84
C LYS LE 42 91.05 10.98 -48.72
N GLU LE 43 90.11 11.77 -48.20
CA GLU LE 43 88.96 12.17 -49.00
C GLU LE 43 89.41 12.99 -50.20
N HIS LE 44 88.79 12.73 -51.34
CA HIS LE 44 89.14 13.39 -52.60
C HIS LE 44 88.31 14.65 -52.76
N GLN LE 45 88.99 15.79 -52.87
CA GLN LE 45 88.38 17.07 -53.16
C GLN LE 45 89.18 17.77 -54.24
N PRO LE 46 88.57 18.72 -54.95
CA PRO LE 46 89.29 19.38 -56.06
C PRO LE 46 90.55 20.09 -55.63
N TRP LE 47 90.65 20.54 -54.37
CA TRP LE 47 91.81 21.32 -53.96
C TRP LE 47 93.10 20.50 -54.04
N MET LE 48 93.06 19.25 -53.57
CA MET LE 48 94.24 18.41 -53.65
C MET LE 48 94.63 18.12 -55.09
N THR LE 49 93.63 17.91 -55.95
CA THR LE 49 93.92 17.70 -57.37
C THR LE 49 94.60 18.92 -57.97
N GLU LE 50 94.10 20.11 -57.65
CA GLU LE 50 94.72 21.34 -58.14
C GLU LE 50 95.98 21.67 -57.36
N MET LE 51 96.05 21.27 -56.08
CA MET LE 51 97.23 21.55 -55.28
C MET LE 51 98.46 20.88 -55.86
N ALA LE 52 98.33 19.62 -56.30
CA ALA LE 52 99.45 18.92 -56.89
C ALA LE 52 99.93 19.61 -58.17
N LEU LE 53 98.98 20.05 -59.01
CA LEU LE 53 99.35 20.69 -60.26
C LEU LE 53 100.13 21.97 -60.02
N LYS LE 54 99.72 22.77 -59.03
CA LYS LE 54 100.41 24.02 -58.74
C LYS LE 54 101.84 23.75 -58.31
N ALA LE 55 102.05 22.72 -57.48
CA ALA LE 55 103.40 22.41 -57.02
C ALA LE 55 104.23 21.77 -58.13
N ASP LE 56 103.58 21.10 -59.08
CA ASP LE 56 104.33 20.41 -60.13
C ASP LE 56 105.16 21.39 -60.94
N GLN LE 57 104.61 22.56 -61.24
CA GLN LE 57 105.31 23.52 -62.08
C GLN LE 57 106.69 23.86 -61.52
N CYS LE 58 106.80 23.94 -60.19
CA CYS LE 58 108.09 24.26 -59.58
C CYS LE 58 109.14 23.23 -59.93
N LEU LE 59 108.76 21.96 -60.05
CA LEU LE 59 109.74 20.92 -60.38
C LEU LE 59 110.35 21.16 -61.75
N ILE LE 60 109.53 21.56 -62.73
CA ILE LE 60 110.05 21.79 -64.08
C ILE LE 60 111.09 22.89 -64.07
N HIS LE 61 110.80 23.97 -63.33
CA HIS LE 61 111.75 25.09 -63.27
C HIS LE 61 113.07 24.66 -62.64
N LYS LE 62 113.03 23.72 -61.69
CA LYS LE 62 114.25 23.23 -61.09
C LYS LE 62 115.18 22.64 -62.14
N ALA LE 63 114.65 21.77 -63.00
CA ALA LE 63 115.45 21.17 -64.06
C ALA LE 63 115.69 22.14 -65.21
N THR LE 64 114.73 23.01 -65.49
CA THR LE 64 114.90 23.97 -66.59
C THR LE 64 116.12 24.84 -66.36
N LEU LE 65 116.25 25.41 -65.16
CA LEU LE 65 117.42 26.22 -64.85
C LEU LE 65 118.66 25.34 -64.60
N PRO LE 78 118.01 39.06 -67.31
CA PRO LE 78 116.65 39.34 -66.80
C PRO LE 78 115.72 38.14 -66.84
N LEU LE 79 115.87 37.29 -67.87
CA LEU LE 79 114.99 36.12 -67.98
C LEU LE 79 115.25 35.14 -66.86
N ILE LE 80 116.52 34.79 -66.63
CA ILE LE 80 116.84 33.81 -65.59
C ILE LE 80 116.49 34.36 -64.21
N GLU LE 81 116.82 35.62 -63.96
CA GLU LE 81 116.57 36.21 -62.65
C GLU LE 81 115.08 36.22 -62.33
N ALA LE 82 114.24 36.53 -63.31
CA ALA LE 82 112.80 36.55 -63.08
C ALA LE 82 112.29 35.18 -62.67
N MET LE 83 112.80 34.12 -63.30
CA MET LE 83 112.35 32.77 -62.96
C MET LE 83 112.64 32.46 -61.50
N GLN LE 84 113.79 32.89 -61.00
CA GLN LE 84 114.13 32.64 -59.60
C GLN LE 84 113.09 33.25 -58.68
N GLN LE 85 112.66 34.48 -58.97
CA GLN LE 85 111.61 35.10 -58.17
C GLN LE 85 110.27 34.43 -58.38
N ILE LE 86 110.02 33.93 -59.59
CA ILE LE 86 108.74 33.26 -59.87
C ILE LE 86 108.60 32.01 -59.01
N ILE LE 87 109.68 31.23 -58.88
CA ILE LE 87 109.62 30.02 -58.06
C ILE LE 87 109.24 30.37 -56.63
N LEU LE 88 109.86 31.41 -56.08
CA LEU LE 88 109.53 31.83 -54.71
C LEU LE 88 108.09 32.31 -54.62
N ALA LE 89 107.54 32.86 -55.71
CA ALA LE 89 106.16 33.32 -55.68
C ALA LE 89 105.21 32.16 -55.44
N MET LE 90 105.45 31.01 -56.09
CA MET LE 90 104.58 29.87 -55.92
C MET LE 90 104.75 29.25 -54.54
N THR LE 91 105.96 29.31 -53.97
CA THR LE 91 106.19 28.73 -52.65
C THR LE 91 105.31 29.40 -51.60
N ARG LE 92 105.20 30.72 -51.65
CA ARG LE 92 104.34 31.43 -50.70
C ARG LE 92 102.88 30.97 -50.85
N GLU LE 93 102.42 30.82 -52.09
CA GLU LE 93 101.06 30.37 -52.32
C GLU LE 93 100.86 28.95 -51.81
N LEU LE 94 101.84 28.07 -52.05
CA LEU LE 94 101.70 26.68 -51.61
C LEU LE 94 101.66 26.59 -50.09
N TRP LE 95 102.53 27.33 -49.41
CA TRP LE 95 102.58 27.23 -47.95
C TRP LE 95 101.26 27.68 -47.32
N GLY LE 96 100.53 28.58 -47.99
CA GLY LE 96 99.26 29.02 -47.44
C GLY LE 96 98.26 27.88 -47.34
N GLN LE 97 98.14 27.09 -48.41
CA GLN LE 97 97.24 25.94 -48.38
C GLN LE 97 97.69 24.92 -47.35
N ILE LE 98 99.00 24.76 -47.19
CA ILE LE 98 99.52 23.82 -46.20
C ILE LE 98 99.07 24.22 -44.80
N GLN LE 99 99.28 25.48 -44.45
CA GLN LE 99 98.93 25.94 -43.11
C GLN LE 99 97.41 25.99 -42.92
N ARG LE 100 96.68 26.46 -43.93
CA ARG LE 100 95.23 26.53 -43.81
C ARG LE 100 94.62 25.14 -43.65
N HIS LE 101 95.13 24.16 -44.39
CA HIS LE 101 94.59 22.81 -44.29
C HIS LE 101 94.90 22.19 -42.93
N HIS LE 102 96.13 22.36 -42.44
CA HIS LE 102 96.51 21.77 -41.16
C HIS LE 102 95.73 22.41 -40.02
N TYR LE 103 95.75 23.74 -39.93
CA TYR LE 103 95.09 24.45 -38.85
C TYR LE 103 93.69 24.93 -39.25
N GLY LE 104 93.62 25.75 -40.28
CA GLY LE 104 92.36 26.32 -40.71
C GLY LE 104 92.57 27.63 -41.42
N ILE LE 105 91.56 28.01 -42.21
CA ILE LE 105 91.65 29.23 -43.01
C ILE LE 105 91.71 30.45 -42.11
N VAL LE 106 90.85 30.50 -41.09
CA VAL LE 106 90.79 31.68 -40.23
C VAL LE 106 92.05 31.81 -39.39
N GLN LE 107 92.57 30.68 -38.89
CA GLN LE 107 93.71 30.73 -37.99
C GLN LE 107 94.93 31.33 -38.68
N VAL LE 108 95.19 30.94 -39.93
CA VAL LE 108 96.33 31.49 -40.66
C VAL LE 108 96.15 32.99 -40.85
N GLU LE 109 94.97 33.40 -41.29
CA GLU LE 109 94.70 34.83 -41.43
C GLU LE 109 94.80 35.53 -40.09
N HIS LE 110 94.43 34.85 -39.00
CA HIS LE 110 94.47 35.45 -37.68
C HIS LE 110 95.90 35.50 -37.14
N TYR LE 111 96.71 34.48 -37.42
CA TYR LE 111 98.04 34.37 -36.84
C TYR LE 111 99.12 35.05 -37.66
N VAL LE 112 98.94 35.19 -38.97
CA VAL LE 112 100.00 35.75 -39.80
C VAL LE 112 100.31 37.18 -39.37
N LYS LE 113 99.28 37.97 -39.11
CA LYS LE 113 99.49 39.38 -38.76
C LYS LE 113 100.24 39.51 -37.45
N GLN LE 114 99.97 38.62 -36.49
CA GLN LE 114 100.58 38.75 -35.17
C GLN LE 114 102.11 38.72 -35.25
N ILE LE 115 102.65 37.76 -36.00
CA ILE LE 115 104.10 37.64 -36.09
C ILE LE 115 104.70 38.84 -36.82
N THR LE 116 103.99 39.36 -37.82
CA THR LE 116 104.50 40.52 -38.54
C THR LE 116 104.65 41.71 -37.61
N LEU LE 117 103.66 41.91 -36.72
CA LEU LE 117 103.74 43.01 -35.76
C LEU LE 117 104.94 42.83 -34.84
N TRP LE 118 105.17 41.61 -34.35
CA TRP LE 118 106.29 41.37 -33.45
C TRP LE 118 107.62 41.75 -34.10
N GLN LE 119 107.70 41.69 -35.42
CA GLN LE 119 108.93 42.07 -36.11
C GLN LE 119 109.01 43.59 -36.31
N ASP LE 120 107.94 44.18 -36.84
CA ASP LE 120 107.91 45.62 -37.11
C ASP LE 120 107.69 46.36 -35.78
N THR LE 121 108.74 46.40 -34.97
CA THR LE 121 108.70 47.05 -33.68
C THR LE 121 110.12 47.39 -33.27
N PRO LE 122 110.34 48.44 -32.48
CA PRO LE 122 111.72 48.83 -32.15
C PRO LE 122 112.43 47.82 -31.25
N GLN LE 123 112.80 46.68 -31.83
CA GLN LE 123 113.61 45.66 -31.18
C GLN LE 123 113.30 45.47 -29.69
N ALA LE 124 113.62 46.48 -28.87
CA ALA LE 124 113.55 46.30 -27.43
C ALA LE 124 112.14 45.87 -27.00
N PHE LE 125 111.13 46.63 -27.40
CA PHE LE 125 109.75 46.30 -27.06
C PHE LE 125 109.10 45.47 -28.18
N ARG LE 126 109.77 44.41 -28.60
CA ARG LE 126 109.24 43.58 -29.67
C ARG LE 126 107.99 42.83 -29.22
N GLY LE 127 107.99 42.35 -27.98
CA GLY LE 127 106.85 41.61 -27.47
C GLY LE 127 107.27 40.47 -26.58
N ASP LE 128 106.69 39.28 -26.80
CA ASP LE 128 107.02 38.11 -26.00
C ASP LE 128 107.16 36.87 -26.87
N GLN LE 129 107.62 37.04 -28.11
CA GLN LE 129 107.81 35.91 -29.02
C GLN LE 129 106.50 35.16 -29.17
N PRO LE 130 105.51 35.73 -29.88
CA PRO LE 130 104.18 35.12 -29.91
C PRO LE 130 104.24 33.66 -30.35
N LYS LE 131 103.49 32.82 -29.63
CA LYS LE 131 103.51 31.40 -29.90
C LYS LE 131 102.78 31.09 -31.21
N PRO LE 132 103.23 30.07 -31.94
CA PRO LE 132 102.50 29.65 -33.14
C PRO LE 132 101.18 29.01 -32.78
N PRO LE 133 100.24 28.94 -33.71
CA PRO LE 133 98.92 28.42 -33.37
C PRO LE 133 98.99 26.97 -32.90
N THR ME 3 82.47 36.83 90.68
CA THR ME 3 81.73 35.65 91.10
C THR ME 3 80.63 35.30 90.10
N PHE ME 4 79.91 36.30 89.59
CA PHE ME 4 78.80 36.04 88.69
C PHE ME 4 79.26 35.35 87.41
N ILE ME 5 80.37 35.81 86.83
CA ILE ME 5 80.84 35.23 85.58
C ILE ME 5 81.15 33.76 85.76
N GLU ME 6 81.70 33.39 86.93
CA GLU ME 6 81.92 31.99 87.22
C GLU ME 6 80.63 31.19 87.17
N LEU ME 7 79.54 31.76 87.69
CA LEU ME 7 78.26 31.08 87.67
C LEU ME 7 77.77 30.88 86.24
N VAL ME 8 77.93 31.90 85.39
CA VAL ME 8 77.45 31.79 84.02
C VAL ME 8 78.26 30.77 83.23
N LYS ME 9 79.57 30.72 83.46
CA LYS ME 9 80.40 29.73 82.78
C LYS ME 9 79.92 28.32 83.06
N ASN ME 10 79.26 28.10 84.19
CA ASN ME 10 78.67 26.81 84.53
C ASN ME 10 77.28 26.69 83.90
N MET ME 11 77.25 26.82 82.58
CA MET ME 11 76.00 26.76 81.82
C MET ME 11 76.24 26.07 80.50
N LYS ME 12 75.15 25.59 79.90
CA LYS ME 12 75.20 24.80 78.69
C LYS ME 12 75.05 25.67 77.46
N GLY ME 13 75.85 25.38 76.43
CA GLY ME 13 75.90 26.20 75.24
C GLY ME 13 76.76 27.44 75.36
N TYR ME 14 77.61 27.50 76.38
CA TYR ME 14 78.46 28.67 76.62
C TYR ME 14 79.65 28.64 75.67
N LYS ME 15 79.71 29.60 74.76
CA LYS ME 15 80.82 29.74 73.82
C LYS ME 15 81.59 31.00 74.19
N GLU ME 16 82.87 30.84 74.50
CA GLU ME 16 83.68 31.98 74.89
C GLU ME 16 83.92 32.91 73.71
N LEU ME 17 83.99 34.21 74.00
CA LEU ME 17 84.16 35.21 72.96
C LEU ME 17 85.18 36.29 73.32
N LEU ME 18 85.97 36.10 74.37
CA LEU ME 18 86.92 37.10 74.83
C LEU ME 18 88.33 36.54 74.67
N LEU ME 19 89.21 37.34 74.06
CA LEU ME 19 90.59 36.94 73.87
C LEU ME 19 91.41 37.22 75.13
N PRO ME 20 92.60 36.63 75.23
CA PRO ME 20 93.46 36.92 76.37
C PRO ME 20 93.82 38.39 76.44
N MET ME 21 94.01 38.88 77.67
CA MET ME 21 94.35 40.28 77.87
C MET ME 21 95.63 40.66 77.15
N GLU ME 22 96.52 39.69 76.92
CA GLU ME 22 97.81 39.96 76.28
C GLU ME 22 97.70 40.12 74.78
N MET ME 23 96.55 39.81 74.17
CA MET ME 23 96.38 39.90 72.74
C MET ME 23 95.49 41.04 72.28
N VAL ME 24 94.60 41.54 73.14
CA VAL ME 24 93.70 42.61 72.75
C VAL ME 24 94.51 43.87 72.49
N PRO ME 25 94.05 44.76 71.61
CA PRO ME 25 94.81 45.98 71.33
C PRO ME 25 94.85 46.88 72.56
N LEU ME 26 95.66 47.93 72.44
CA LEU ME 26 95.70 48.95 73.48
C LEU ME 26 94.36 49.70 73.50
N PRO ME 27 93.98 50.26 74.66
CA PRO ME 27 92.67 50.92 74.73
C PRO ME 27 92.51 52.04 73.71
N ALA ME 28 93.59 52.77 73.42
CA ALA ME 28 93.50 53.85 72.44
C ALA ME 28 93.12 53.32 71.07
N VAL ME 29 93.69 52.18 70.67
CA VAL ME 29 93.42 51.63 69.35
C VAL ME 29 91.97 51.20 69.24
N VAL ME 30 91.40 50.64 70.32
CA VAL ME 30 90.06 50.11 70.25
C VAL ME 30 89.06 51.20 69.91
N LEU ME 31 89.21 52.37 70.55
CA LEU ME 31 88.29 53.48 70.31
C LEU ME 31 88.23 53.85 68.84
N LYS ME 32 89.34 53.66 68.11
CA LYS ME 32 89.35 54.02 66.70
C LYS ME 32 88.34 53.21 65.91
N HIS ME 33 88.25 51.90 66.17
CA HIS ME 33 87.27 51.10 65.47
C HIS ME 33 85.85 51.44 65.89
N VAL ME 34 85.66 51.93 67.11
CA VAL ME 34 84.32 52.28 67.58
C VAL ME 34 83.72 53.36 66.70
N LYS ME 35 84.51 54.40 66.40
CA LYS ME 35 84.01 55.50 65.59
C LYS ME 35 83.62 55.02 64.19
N LEU ME 36 84.46 54.18 63.59
CA LEU ME 36 84.16 53.68 62.26
C LEU ME 36 82.92 52.80 62.28
N ILE ME 37 82.86 51.84 63.21
CA ILE ME 37 81.75 50.91 63.25
C ILE ME 37 80.46 51.65 63.58
N LEU ME 38 80.50 52.53 64.57
CA LEU ME 38 79.32 53.31 64.92
C LEU ME 38 78.89 54.21 63.75
N THR ME 39 79.83 55.00 63.25
CA THR ME 39 79.49 56.00 62.23
C THR ME 39 79.19 55.34 60.89
N SER ME 40 80.03 54.38 60.48
CA SER ME 40 79.84 53.70 59.20
C SER ME 40 78.83 52.56 59.38
N GLN ME 41 77.61 52.96 59.74
CA GLN ME 41 76.53 52.01 59.93
C GLN ME 41 75.22 52.66 59.50
N LYS ME 42 74.29 51.82 59.06
CA LYS ME 42 72.97 52.25 58.63
C LYS ME 42 71.92 51.41 59.33
N GLU ME 43 70.74 52.01 59.55
CA GLU ME 43 69.64 51.33 60.24
C GLU ME 43 70.08 50.90 61.63
N HIS ME 44 70.36 51.91 62.45
CA HIS ME 44 70.86 51.70 63.81
C HIS ME 44 70.15 50.54 64.49
N GLN ME 45 70.92 49.69 65.14
CA GLN ME 45 70.44 48.49 65.81
C GLN ME 45 70.71 48.58 67.31
N PRO ME 46 69.99 47.80 68.12
CA PRO ME 46 70.12 47.95 69.57
C PRO ME 46 71.55 47.75 70.07
N TRP ME 47 72.29 46.81 69.49
CA TRP ME 47 73.64 46.53 69.98
C TRP ME 47 74.57 47.71 69.79
N MET ME 48 74.27 48.62 68.85
CA MET ME 48 75.10 49.80 68.67
C MET ME 48 75.11 50.67 69.92
N THR ME 49 73.95 50.83 70.56
CA THR ME 49 73.86 51.63 71.77
C THR ME 49 74.73 51.04 72.88
N GLU ME 50 74.71 49.72 73.02
CA GLU ME 50 75.49 49.08 74.07
C GLU ME 50 76.98 49.36 73.89
N MET ME 51 77.46 49.32 72.65
CA MET ME 51 78.87 49.55 72.40
C MET ME 51 79.29 50.94 72.85
N ALA ME 52 78.49 51.96 72.53
CA ALA ME 52 78.85 53.33 72.86
C ALA ME 52 78.88 53.53 74.37
N LEU ME 53 77.92 52.97 75.09
CA LEU ME 53 77.85 53.18 76.53
C LEU ME 53 79.10 52.66 77.22
N LYS ME 54 79.57 51.47 76.84
CA LYS ME 54 80.78 50.92 77.45
C LYS ME 54 82.00 51.74 77.07
N ALA ME 55 82.03 52.27 75.85
CA ALA ME 55 83.21 53.00 75.39
C ALA ME 55 83.49 54.21 76.27
N ASP ME 56 82.46 54.98 76.61
CA ASP ME 56 82.67 56.17 77.41
C ASP ME 56 83.20 55.83 78.79
N GLN ME 57 82.89 54.63 79.30
CA GLN ME 57 83.38 54.25 80.61
C GLN ME 57 84.89 54.19 80.65
N CYS ME 58 85.51 53.63 79.61
CA CYS ME 58 86.97 53.58 79.55
C CYS ME 58 87.57 54.98 79.56
N LEU ME 59 86.95 55.90 78.82
CA LEU ME 59 87.42 57.28 78.81
C LEU ME 59 87.31 57.90 80.20
N ILE ME 60 86.20 57.64 80.90
CA ILE ME 60 86.02 58.18 82.25
C ILE ME 60 87.13 57.69 83.16
N HIS ME 61 87.37 56.37 83.16
CA HIS ME 61 88.47 55.84 83.96
C HIS ME 61 89.81 56.37 83.47
N LYS ME 62 89.98 56.44 82.15
CA LYS ME 62 91.23 56.95 81.60
C LYS ME 62 91.45 58.41 82.01
N ALA ME 63 90.40 59.22 81.98
CA ALA ME 63 90.51 60.61 82.40
C ALA ME 63 90.66 60.76 83.91
N THR ME 64 90.50 59.68 84.67
CA THR ME 64 90.60 59.74 86.12
C THR ME 64 92.04 59.60 86.61
N LEU ME 65 92.91 58.93 85.84
CA LEU ME 65 94.28 58.71 86.29
C LEU ME 65 95.04 60.02 86.43
N ASP ME 66 94.80 60.98 85.53
CA ASP ME 66 95.50 62.26 85.61
C ASP ME 66 95.26 62.95 86.95
N PRO ME 78 97.08 51.38 96.35
CA PRO ME 78 96.11 50.47 95.68
C PRO ME 78 94.97 51.20 95.01
N LEU ME 79 94.30 52.12 95.72
CA LEU ME 79 93.11 52.74 95.17
C LEU ME 79 93.41 53.51 93.89
N ILE ME 80 94.50 54.27 93.86
CA ILE ME 80 94.86 55.02 92.66
C ILE ME 80 95.15 54.08 91.51
N GLU ME 81 95.90 53.01 91.77
CA GLU ME 81 96.27 52.06 90.72
C GLU ME 81 95.20 51.00 90.50
N ALA ME 82 94.22 50.87 91.40
CA ALA ME 82 93.21 49.83 91.26
C ALA ME 82 92.36 50.06 90.01
N MET ME 83 91.99 51.32 89.75
CA MET ME 83 91.12 51.60 88.61
C MET ME 83 91.79 51.21 87.29
N GLN ME 84 93.13 51.26 87.25
CA GLN ME 84 93.84 50.91 86.01
C GLN ME 84 93.56 49.47 85.61
N GLN ME 85 93.31 48.59 86.58
CA GLN ME 85 93.03 47.19 86.25
C GLN ME 85 91.75 47.06 85.43
N ILE ME 86 90.72 47.83 85.79
CA ILE ME 86 89.45 47.73 85.09
C ILE ME 86 89.60 48.23 83.65
N ILE ME 87 90.44 49.25 83.43
CA ILE ME 87 90.59 49.81 82.10
C ILE ME 87 91.01 48.73 81.11
N LEU ME 88 92.02 47.95 81.48
CA LEU ME 88 92.47 46.86 80.62
C LEU ME 88 91.36 45.83 80.42
N ALA ME 89 90.65 45.50 81.50
CA ALA ME 89 89.57 44.52 81.41
C ALA ME 89 88.45 45.03 80.51
N MET ME 90 88.12 46.32 80.62
CA MET ME 90 87.01 46.86 79.84
C MET ME 90 87.25 46.67 78.34
N THR ME 91 88.50 46.80 77.91
CA THR ME 91 88.82 46.61 76.50
C THR ME 91 88.50 45.18 76.06
N ARG ME 92 88.83 44.20 76.90
CA ARG ME 92 88.64 42.79 76.53
C ARG ME 92 87.18 42.52 76.20
N GLU ME 93 86.27 43.00 77.04
CA GLU ME 93 84.85 42.85 76.73
C GLU ME 93 84.46 43.71 75.53
N LEU ME 94 85.01 44.92 75.46
CA LEU ME 94 84.68 45.83 74.37
C LEU ME 94 85.15 45.27 73.03
N TRP ME 95 86.38 44.74 72.99
CA TRP ME 95 86.90 44.21 71.74
C TRP ME 95 86.09 43.02 71.24
N GLY ME 96 85.42 42.32 72.14
CA GLY ME 96 84.63 41.18 71.73
C GLY ME 96 83.50 41.56 70.79
N GLN ME 97 82.85 42.70 71.04
CA GLN ME 97 81.77 43.13 70.17
C GLN ME 97 82.30 43.60 68.83
N ILE ME 98 83.51 44.15 68.80
CA ILE ME 98 84.09 44.61 67.53
C ILE ME 98 84.21 43.46 66.55
N GLN ME 99 84.76 42.33 67.02
CA GLN ME 99 84.94 41.19 66.14
C GLN ME 99 83.61 40.59 65.69
N ARG ME 100 82.59 40.66 66.55
CA ARG ME 100 81.27 40.18 66.14
C ARG ME 100 80.75 40.96 64.96
N HIS ME 101 80.90 42.29 64.98
CA HIS ME 101 80.45 43.11 63.86
C HIS ME 101 81.27 42.83 62.61
N HIS ME 102 82.60 42.78 62.76
CA HIS ME 102 83.46 42.56 61.61
C HIS ME 102 83.34 41.13 61.09
N TYR ME 103 83.70 40.16 61.92
CA TYR ME 103 83.72 38.77 61.50
C TYR ME 103 82.32 38.15 61.59
N GLY ME 104 81.77 38.09 62.79
CA GLY ME 104 80.50 37.43 63.03
C GLY ME 104 80.61 36.62 64.31
N ILE ME 105 79.48 36.46 65.00
CA ILE ME 105 79.49 35.77 66.28
C ILE ME 105 79.95 34.33 66.11
N VAL ME 106 79.42 33.64 65.10
CA VAL ME 106 79.74 32.22 64.92
C VAL ME 106 81.22 32.04 64.65
N GLN ME 107 81.78 32.85 63.75
CA GLN ME 107 83.19 32.69 63.39
C GLN ME 107 84.10 32.98 64.57
N VAL ME 108 83.73 33.94 65.42
CA VAL ME 108 84.58 34.31 66.53
C VAL ME 108 84.77 33.13 67.48
N GLU ME 109 83.69 32.40 67.76
CA GLU ME 109 83.78 31.27 68.67
C GLU ME 109 84.88 30.30 68.23
N HIS ME 110 84.89 29.96 66.95
CA HIS ME 110 85.93 29.06 66.44
C HIS ME 110 87.31 29.68 66.59
N TYR ME 111 87.43 30.98 66.27
CA TYR ME 111 88.73 31.62 66.31
C TYR ME 111 89.33 31.61 67.72
N VAL ME 112 88.50 31.89 68.74
CA VAL ME 112 89.02 31.97 70.10
C VAL ME 112 89.57 30.62 70.54
N LYS ME 113 88.80 29.55 70.30
CA LYS ME 113 89.26 28.23 70.70
C LYS ME 113 90.53 27.84 69.97
N GLN ME 114 90.61 28.16 68.67
CA GLN ME 114 91.84 27.91 67.94
C GLN ME 114 93.00 28.68 68.54
N ILE ME 115 92.77 29.94 68.92
CA ILE ME 115 93.81 30.71 69.59
C ILE ME 115 94.14 30.09 70.94
N THR ME 116 93.12 29.68 71.69
CA THR ME 116 93.36 29.11 73.01
C THR ME 116 94.22 27.85 72.92
N LEU ME 117 93.84 26.92 72.04
CA LEU ME 117 94.64 25.72 71.85
C LEU ME 117 96.03 26.08 71.34
N TRP ME 118 96.11 27.03 70.41
CA TRP ME 118 97.41 27.47 69.91
C TRP ME 118 98.25 28.05 71.04
N GLN ME 119 97.64 28.86 71.91
CA GLN ME 119 98.38 29.39 73.05
C GLN ME 119 98.69 28.31 74.07
N ASP ME 120 97.79 27.33 74.23
CA ASP ME 120 98.00 26.28 75.21
C ASP ME 120 99.20 25.42 74.85
N THR ME 121 99.34 25.07 73.58
CA THR ME 121 100.45 24.21 73.16
C THR ME 121 101.77 24.90 73.43
N PRO ME 122 102.80 24.18 73.89
CA PRO ME 122 104.09 24.82 74.14
C PRO ME 122 104.69 25.42 72.88
N GLN ME 123 105.41 26.52 73.06
CA GLN ME 123 105.96 27.26 71.92
C GLN ME 123 106.94 26.42 71.11
N ALA ME 124 107.50 25.36 71.68
CA ALA ME 124 108.46 24.54 70.95
C ALA ME 124 107.81 23.92 69.71
N PHE ME 125 106.59 23.41 69.86
CA PHE ME 125 105.85 22.79 68.76
C PHE ME 125 104.48 23.44 68.60
N ARG ME 126 104.37 24.72 68.94
CA ARG ME 126 103.08 25.40 68.90
C ARG ME 126 102.53 25.47 67.48
N GLY ME 127 103.38 25.79 66.52
CA GLY ME 127 102.96 25.92 65.14
C GLY ME 127 102.59 27.35 64.77
N ASP ME 128 102.22 27.50 63.50
CA ASP ME 128 101.87 28.82 62.99
C ASP ME 128 100.58 29.31 63.65
N GLN ME 129 100.57 30.59 63.99
CA GLN ME 129 99.39 31.19 64.60
C GLN ME 129 98.25 31.23 63.59
N PRO ME 130 97.04 30.78 63.96
CA PRO ME 130 95.94 30.80 63.00
C PRO ME 130 95.53 32.23 62.65
N LYS ME 131 95.02 32.39 61.45
CA LYS ME 131 94.59 33.68 60.95
C LYS ME 131 93.13 33.95 61.30
N PRO ME 132 92.72 35.21 61.34
CA PRO ME 132 91.32 35.52 61.67
C PRO ME 132 90.37 34.93 60.66
N PRO ME 133 89.09 34.78 61.01
CA PRO ME 133 88.13 34.22 60.04
C PRO ME 133 87.81 35.18 58.91
N SER ME 134 86.88 34.77 58.04
CA SER ME 134 86.46 35.62 56.94
C SER ME 134 85.43 36.62 57.41
N PHE ME 135 85.43 37.79 56.77
CA PHE ME 135 84.52 38.86 57.15
C PHE ME 135 83.07 38.47 56.83
N THR NE 3 81.17 61.73 74.15
CA THR NE 3 80.94 62.04 72.74
C THR NE 3 80.40 60.87 71.94
N PHE NE 4 80.86 59.64 72.23
CA PHE NE 4 80.41 58.49 71.45
C PHE NE 4 78.91 58.29 71.59
N ILE NE 5 78.38 58.42 72.82
CA ILE NE 5 76.95 58.24 73.03
C ILE NE 5 76.18 59.30 72.26
N GLU NE 6 76.73 60.51 72.16
CA GLU NE 6 76.06 61.57 71.40
C GLU NE 6 75.94 61.17 69.94
N LEU NE 7 76.97 60.55 69.38
CA LEU NE 7 76.91 60.12 67.98
C LEU NE 7 75.77 59.14 67.75
N VAL NE 8 75.58 58.21 68.70
CA VAL NE 8 74.48 57.25 68.59
C VAL NE 8 73.15 58.00 68.61
N LYS NE 9 73.01 58.96 69.52
CA LYS NE 9 71.77 59.72 69.62
C LYS NE 9 71.50 60.53 68.36
N ASN NE 10 72.50 60.71 67.50
CA ASN NE 10 72.34 61.42 66.25
C ASN NE 10 71.96 60.50 65.10
N MET NE 11 71.76 59.22 65.36
CA MET NE 11 71.49 58.25 64.30
C MET NE 11 70.02 58.31 63.90
N LYS NE 12 69.64 57.40 63.01
CA LYS NE 12 68.27 57.25 62.54
C LYS NE 12 67.71 55.94 63.09
N GLY NE 13 66.52 56.02 63.67
CA GLY NE 13 65.89 54.86 64.27
C GLY NE 13 66.30 54.60 65.71
N TYR NE 14 67.21 55.38 66.26
CA TYR NE 14 67.62 55.20 67.64
C TYR NE 14 66.46 55.49 68.58
N LYS NE 15 66.35 54.69 69.64
CA LYS NE 15 65.28 54.81 70.61
C LYS NE 15 65.85 54.63 72.01
N GLU NE 16 65.38 55.45 72.95
CA GLU NE 16 65.87 55.38 74.31
C GLU NE 16 65.41 54.09 74.98
N LEU NE 17 66.28 53.52 75.82
CA LEU NE 17 65.95 52.34 76.59
C LEU NE 17 66.30 52.47 78.07
N LEU NE 18 67.07 53.48 78.45
CA LEU NE 18 67.43 53.69 79.85
C LEU NE 18 66.37 54.52 80.55
N LEU NE 19 66.63 54.86 81.80
CA LEU NE 19 65.68 55.59 82.63
C LEU NE 19 66.43 56.68 83.38
N PRO NE 20 65.71 57.67 83.89
CA PRO NE 20 66.37 58.74 84.65
C PRO NE 20 67.11 58.18 85.86
N MET NE 21 68.22 58.83 86.20
CA MET NE 21 69.05 58.37 87.31
C MET NE 21 68.23 58.23 88.58
N GLU NE 22 67.26 59.12 88.78
CA GLU NE 22 66.42 59.04 89.97
C GLU NE 22 65.60 57.77 90.00
N MET NE 23 65.04 57.38 88.85
CA MET NE 23 64.21 56.18 88.76
C MET NE 23 65.09 54.94 88.53
N VAL NE 24 66.06 54.77 89.42
CA VAL NE 24 66.96 53.62 89.38
C VAL NE 24 67.09 53.04 90.78
N PRO NE 25 66.86 51.75 90.98
CA PRO NE 25 67.00 51.18 92.31
C PRO NE 25 68.38 51.40 92.89
N LEU NE 26 68.49 51.13 94.18
CA LEU NE 26 69.76 51.27 94.88
C LEU NE 26 70.71 50.16 94.47
N PRO NE 27 72.02 50.35 94.67
CA PRO NE 27 72.98 49.30 94.31
C PRO NE 27 72.83 48.06 95.19
N ALA NE 28 73.66 47.05 94.94
CA ALA NE 28 73.63 45.83 95.74
C ALA NE 28 72.31 45.10 95.57
N VAL NE 29 71.22 45.70 96.06
CA VAL NE 29 69.91 45.05 95.97
C VAL NE 29 69.51 44.87 94.51
N VAL NE 30 69.81 45.85 93.66
CA VAL NE 30 69.48 45.75 92.25
C VAL NE 30 70.19 44.55 91.62
N LEU NE 31 71.36 44.19 92.14
CA LEU NE 31 72.09 43.05 91.60
C LEU NE 31 71.35 41.74 91.82
N LYS NE 32 70.37 41.71 92.72
CA LYS NE 32 69.67 40.47 93.00
C LYS NE 32 68.91 39.96 91.78
N HIS NE 33 68.31 40.87 91.02
CA HIS NE 33 67.63 40.47 89.79
C HIS NE 33 68.57 39.74 88.84
N VAL NE 34 69.86 40.00 88.94
CA VAL NE 34 70.83 39.31 88.09
C VAL NE 34 70.78 37.81 88.34
N LYS NE 35 70.78 37.42 89.61
CA LYS NE 35 70.75 36.00 89.96
C LYS NE 35 69.45 35.36 89.49
N LEU NE 36 68.33 36.06 89.64
CA LEU NE 36 67.03 35.50 89.29
C LEU NE 36 66.87 35.32 87.79
N ILE NE 37 67.77 35.89 86.99
CA ILE NE 37 67.66 35.80 85.53
C ILE NE 37 68.79 34.93 84.99
N LEU NE 38 69.90 34.86 85.72
CA LEU NE 38 71.00 33.99 85.34
C LEU NE 38 70.82 32.58 85.89
N THR NE 39 70.64 32.46 87.21
CA THR NE 39 70.48 31.15 87.82
C THR NE 39 69.25 30.44 87.29
N SER NE 40 68.14 31.17 87.15
CA SER NE 40 66.90 30.60 86.63
C SER NE 40 66.86 30.73 85.11
N GLN NE 41 67.88 30.16 84.47
CA GLN NE 41 68.00 30.25 83.03
C GLN NE 41 68.81 29.07 82.51
N LYS NE 42 68.71 28.85 81.21
CA LYS NE 42 69.44 27.80 80.52
C LYS NE 42 69.59 28.20 79.06
N GLU NE 43 70.41 27.43 78.33
CA GLU NE 43 70.69 27.73 76.93
C GLU NE 43 71.34 29.11 76.79
N HIS NE 44 72.54 29.20 77.38
CA HIS NE 44 73.33 30.42 77.40
C HIS NE 44 73.27 31.15 76.07
N GLN NE 45 72.83 32.40 76.11
CA GLN NE 45 72.72 33.24 74.94
C GLN NE 45 73.74 34.37 74.99
N PRO NE 46 74.08 34.97 73.85
CA PRO NE 46 75.14 35.99 73.85
C PRO NE 46 74.86 37.15 74.79
N TRP NE 47 73.61 37.59 74.90
CA TRP NE 47 73.31 38.74 75.73
C TRP NE 47 73.49 38.43 77.21
N MET NE 48 73.38 37.17 77.59
CA MET NE 48 73.55 36.80 78.99
C MET NE 48 74.96 37.12 79.47
N THR NE 49 75.96 36.85 78.62
CA THR NE 49 77.34 37.16 79.00
C THR NE 49 77.53 38.66 79.18
N GLU NE 50 76.90 39.46 78.32
CA GLU NE 50 77.02 40.91 78.44
C GLU NE 50 76.54 41.39 79.80
N MET NE 51 75.39 40.87 80.24
CA MET NE 51 74.87 41.23 81.55
C MET NE 51 75.82 40.79 82.66
N ALA NE 52 76.36 39.58 82.55
CA ALA NE 52 77.24 39.06 83.59
C ALA NE 52 78.51 39.89 83.70
N LEU NE 53 79.09 40.27 82.55
CA LEU NE 53 80.34 41.03 82.57
C LEU NE 53 80.13 42.48 82.95
N LYS NE 54 78.89 42.95 83.03
CA LYS NE 54 78.58 44.31 83.46
C LYS NE 54 78.22 44.39 84.93
N ALA NE 55 77.37 43.47 85.41
CA ALA NE 55 76.96 43.48 86.80
C ALA NE 55 78.15 43.25 87.73
N ASP NE 56 79.03 42.32 87.37
CA ASP NE 56 80.19 42.01 88.21
C ASP NE 56 81.10 43.22 88.37
N GLN NE 57 81.05 44.18 87.45
CA GLN NE 57 81.91 45.36 87.57
C GLN NE 57 81.56 46.18 88.80
N CYS NE 58 80.27 46.28 89.13
CA CYS NE 58 79.88 47.06 90.31
C CYS NE 58 80.53 46.51 91.57
N LEU NE 59 80.59 45.18 91.70
CA LEU NE 59 81.27 44.59 92.85
C LEU NE 59 82.74 44.97 92.88
N ILE NE 60 83.39 44.98 91.72
CA ILE NE 60 84.81 45.36 91.65
C ILE NE 60 84.98 46.79 92.13
N HIS NE 61 84.15 47.71 91.61
CA HIS NE 61 84.20 49.09 92.10
C HIS NE 61 83.77 49.16 93.56
N LYS NE 62 82.75 48.40 93.93
CA LYS NE 62 82.30 48.38 95.32
C LYS NE 62 83.38 47.81 96.23
N ALA NE 63 84.11 46.81 95.76
CA ALA NE 63 85.15 46.19 96.57
C ALA NE 63 86.24 47.19 96.95
N THR NE 64 86.44 48.24 96.16
CA THR NE 64 87.45 49.23 96.47
C THR NE 64 87.10 50.05 97.70
N LEU NE 65 85.83 50.05 98.12
CA LEU NE 65 85.44 50.80 99.30
C LEU NE 65 86.21 50.35 100.53
N ASP NE 66 86.56 49.07 100.61
CA ASP NE 66 87.37 48.59 101.72
C ASP NE 66 88.71 49.31 101.76
N PRO NE 78 88.85 63.33 94.62
CA PRO NE 78 88.18 63.10 93.33
C PRO NE 78 88.20 61.66 92.89
N LEU NE 79 89.28 60.93 93.19
CA LEU NE 79 89.37 59.52 92.82
C LEU NE 79 88.30 58.71 93.53
N ILE NE 80 88.11 58.97 94.83
CA ILE NE 80 87.09 58.23 95.58
C ILE NE 80 85.70 58.66 95.14
N GLU NE 81 85.48 59.97 94.97
CA GLU NE 81 84.18 60.46 94.55
C GLU NE 81 83.83 59.96 93.15
N ALA NE 82 84.79 59.97 92.24
CA ALA NE 82 84.51 59.62 90.85
C ALA NE 82 83.98 58.20 90.72
N MET NE 83 84.57 57.25 91.46
CA MET NE 83 84.15 55.86 91.36
C MET NE 83 82.69 55.71 91.77
N GLN NE 84 82.28 56.39 92.84
CA GLN NE 84 80.90 56.28 93.29
C GLN NE 84 79.92 56.76 92.22
N GLN NE 85 80.28 57.83 91.51
CA GLN NE 85 79.40 58.33 90.45
C GLN NE 85 79.23 57.30 89.34
N ILE NE 86 80.31 56.59 88.99
CA ILE NE 86 80.26 55.64 87.88
C ILE NE 86 79.28 54.52 88.18
N ILE NE 87 79.17 54.11 89.44
CA ILE NE 87 78.31 52.99 89.80
C ILE NE 87 76.87 53.29 89.39
N LEU NE 88 76.43 54.54 89.59
CA LEU NE 88 75.07 54.91 89.19
C LEU NE 88 74.87 54.73 87.70
N ALA NE 89 75.85 55.13 86.90
CA ALA NE 89 75.72 55.02 85.45
C ALA NE 89 75.60 53.56 85.03
N MET NE 90 76.45 52.70 85.58
CA MET NE 90 76.37 51.28 85.24
C MET NE 90 75.07 50.67 85.73
N THR NE 91 74.60 51.07 86.92
CA THR NE 91 73.35 50.54 87.43
C THR NE 91 72.20 50.87 86.50
N ARG NE 92 72.20 52.07 85.92
CA ARG NE 92 71.15 52.44 84.98
C ARG NE 92 71.13 51.51 83.78
N GLU NE 93 72.31 51.16 83.26
CA GLU NE 93 72.37 50.25 82.12
C GLU NE 93 71.83 48.87 82.48
N LEU NE 94 72.13 48.41 83.70
CA LEU NE 94 71.68 47.08 84.11
C LEU NE 94 70.17 46.98 84.06
N TRP NE 95 69.47 48.01 84.55
CA TRP NE 95 68.01 47.95 84.62
C TRP NE 95 67.42 47.86 83.22
N GLY NE 96 67.96 48.61 82.27
CA GLY NE 96 67.44 48.56 80.91
C GLY NE 96 67.51 47.18 80.31
N GLN NE 97 68.61 46.48 80.54
CA GLN NE 97 68.74 45.11 80.04
C GLN NE 97 67.69 44.20 80.68
N ILE NE 98 67.45 44.38 81.98
CA ILE NE 98 66.47 43.54 82.68
C ILE NE 98 65.09 43.74 82.08
N GLN NE 99 64.69 44.99 81.86
CA GLN NE 99 63.42 45.26 81.22
C GLN NE 99 63.41 44.78 79.77
N ARG NE 100 64.56 44.86 79.10
CA ARG NE 100 64.66 44.33 77.75
C ARG NE 100 64.39 42.83 77.69
N HIS NE 101 64.48 42.15 78.83
CA HIS NE 101 64.21 40.72 78.92
C HIS NE 101 62.85 40.41 79.50
N HIS NE 102 62.47 41.08 80.59
CA HIS NE 102 61.20 40.82 81.26
C HIS NE 102 60.03 41.26 80.39
N TYR NE 103 59.95 42.56 80.10
CA TYR NE 103 58.85 43.12 79.33
C TYR NE 103 59.21 43.26 77.85
N GLY NE 104 59.68 42.16 77.26
CA GLY NE 104 60.02 42.21 75.86
C GLY NE 104 61.15 43.19 75.60
N ILE NE 105 61.32 43.51 74.32
CA ILE NE 105 62.32 44.48 73.89
C ILE NE 105 61.65 45.59 73.10
N VAL NE 106 60.49 45.28 72.50
CA VAL NE 106 59.77 46.28 71.73
C VAL NE 106 58.87 47.11 72.64
N GLN NE 107 58.13 46.45 73.53
CA GLN NE 107 57.24 47.15 74.44
C GLN NE 107 58.01 48.04 75.41
N VAL NE 108 59.30 47.77 75.64
CA VAL NE 108 60.08 48.58 76.56
C VAL NE 108 60.18 50.02 76.07
N GLU NE 109 60.42 50.19 74.77
CA GLU NE 109 60.56 51.54 74.23
C GLU NE 109 59.29 52.36 74.46
N HIS NE 110 58.12 51.74 74.26
CA HIS NE 110 56.87 52.45 74.49
C HIS NE 110 56.75 52.92 75.93
N TYR NE 111 57.11 52.06 76.89
CA TYR NE 111 57.01 52.44 78.29
C TYR NE 111 57.91 53.62 78.61
N VAL NE 112 59.18 53.55 78.20
CA VAL NE 112 60.10 54.64 78.48
C VAL NE 112 59.67 55.91 77.76
N LYS NE 113 59.11 55.76 76.56
CA LYS NE 113 58.59 56.93 75.85
C LYS NE 113 57.56 57.67 76.69
N GLN NE 114 56.65 56.94 77.32
CA GLN NE 114 55.65 57.57 78.17
C GLN NE 114 56.28 58.12 79.45
N ILE NE 115 57.28 57.42 79.98
CA ILE NE 115 57.93 57.88 81.21
C ILE NE 115 58.52 59.27 81.00
N THR NE 116 59.19 59.49 79.87
CA THR NE 116 59.80 60.79 79.60
C THR NE 116 58.74 61.89 79.57
N LEU NE 117 57.62 61.64 78.90
CA LEU NE 117 56.55 62.64 78.85
C LEU NE 117 55.94 62.85 80.22
N TRP NE 118 55.71 61.77 80.97
CA TRP NE 118 55.04 61.87 82.26
C TRP NE 118 55.87 62.62 83.29
N GLN NE 119 57.19 62.69 83.11
CA GLN NE 119 58.07 63.37 84.06
C GLN NE 119 58.49 64.76 83.58
N ASP NE 120 58.71 64.93 82.28
CA ASP NE 120 59.16 66.23 81.78
C ASP NE 120 58.11 67.30 81.99
N THR NE 121 56.84 66.95 81.79
CA THR NE 121 55.78 67.93 82.00
C THR NE 121 55.72 68.32 83.48
N PRO NE 122 55.26 69.54 83.79
CA PRO NE 122 55.19 69.96 85.19
C PRO NE 122 54.26 69.06 86.00
N GLN NE 123 54.58 68.94 87.30
CA GLN NE 123 53.83 68.05 88.17
C GLN NE 123 52.35 68.39 88.22
N ALA NE 124 51.97 69.62 87.89
CA ALA NE 124 50.57 70.02 87.92
C ALA NE 124 49.77 69.45 86.75
N PHE NE 125 50.43 68.84 85.77
CA PHE NE 125 49.76 68.31 84.59
C PHE NE 125 49.99 66.82 84.36
N ARG NE 126 50.89 66.19 85.12
CA ARG NE 126 51.23 64.79 84.85
C ARG NE 126 50.01 63.90 84.95
N GLY NE 127 49.41 63.82 86.13
CA GLY NE 127 48.27 62.96 86.36
C GLY NE 127 48.63 61.72 87.16
N ASP NE 128 48.67 60.57 86.50
CA ASP NE 128 48.98 59.29 87.13
C ASP NE 128 50.12 58.62 86.38
N GLN NE 129 50.99 57.96 87.13
CA GLN NE 129 52.10 57.25 86.51
C GLN NE 129 51.59 56.15 85.60
N PRO NE 130 52.13 56.01 84.39
CA PRO NE 130 51.70 54.91 83.51
C PRO NE 130 52.35 53.60 83.92
N LYS NE 131 51.53 52.62 84.28
CA LYS NE 131 52.05 51.35 84.75
C LYS NE 131 52.80 50.64 83.61
N PRO NE 132 53.98 50.08 83.89
CA PRO NE 132 54.70 49.38 82.84
C PRO NE 132 53.95 48.13 82.41
N PRO NE 133 54.14 47.68 81.17
CA PRO NE 133 53.46 46.46 80.73
C PRO NE 133 53.94 45.25 81.50
N SER NE 134 53.04 44.28 81.66
CA SER NE 134 53.37 43.07 82.39
C SER NE 134 54.27 42.16 81.56
N PHE NE 135 54.55 40.98 82.11
CA PHE NE 135 55.44 40.01 81.45
C PHE NE 135 54.69 39.37 80.29
N THR OE 3 49.94 91.22 63.51
CA THR OE 3 48.76 91.47 62.69
C THR OE 3 48.45 90.31 61.76
N PHE OE 4 49.44 89.50 61.42
CA PHE OE 4 49.18 88.32 60.59
C PHE OE 4 48.21 87.37 61.27
N ILE OE 5 48.37 87.18 62.58
CA ILE OE 5 47.46 86.29 63.29
C ILE OE 5 46.03 86.80 63.16
N GLU OE 6 45.85 88.12 63.20
CA GLU OE 6 44.52 88.68 62.96
C GLU OE 6 44.03 88.34 61.57
N LEU OE 7 44.91 88.39 60.57
CA LEU OE 7 44.52 88.05 59.22
C LEU OE 7 44.07 86.60 59.12
N VAL OE 8 44.54 85.75 60.02
CA VAL OE 8 44.13 84.35 60.05
C VAL OE 8 43.11 84.07 61.15
N LYS OE 9 43.03 84.92 62.16
CA LYS OE 9 42.06 84.69 63.24
C LYS OE 9 40.64 84.59 62.70
N ASN OE 10 40.36 85.25 61.57
CA ASN OE 10 39.04 85.16 60.95
C ASN OE 10 38.87 83.92 60.09
N MET OE 11 39.96 83.21 59.78
CA MET OE 11 39.85 82.02 58.95
C MET OE 11 39.05 80.93 59.68
N LYS OE 12 38.34 80.12 58.89
CA LYS OE 12 37.52 79.07 59.48
C LYS OE 12 38.36 78.05 60.22
N GLY OE 13 39.50 77.65 59.64
CA GLY OE 13 40.32 76.61 60.21
C GLY OE 13 41.37 77.11 61.18
N TYR OE 14 41.33 78.40 61.50
CA TYR OE 14 42.29 78.97 62.43
C TYR OE 14 42.14 78.36 63.81
N LYS OE 15 43.26 78.11 64.48
CA LYS OE 15 43.27 77.49 65.79
C LYS OE 15 44.29 78.17 66.68
N GLU OE 16 44.06 78.11 67.99
CA GLU OE 16 44.99 78.65 68.97
C GLU OE 16 46.02 77.58 69.31
N LEU OE 17 46.99 77.42 68.41
CA LEU OE 17 48.04 76.45 68.61
C LEU OE 17 48.95 76.80 69.77
N LEU OE 18 48.95 78.06 70.20
CA LEU OE 18 49.81 78.50 71.31
C LEU OE 18 49.23 77.99 72.61
N LEU OE 19 49.80 76.91 73.13
CA LEU OE 19 49.31 76.31 74.35
C LEU OE 19 49.69 77.17 75.57
N PRO OE 20 49.03 76.95 76.70
CA PRO OE 20 49.33 77.77 77.88
C PRO OE 20 50.81 77.69 78.27
N MET OE 21 51.34 78.82 78.74
CA MET OE 21 52.74 78.87 79.13
C MET OE 21 53.04 77.88 80.25
N GLU OE 22 52.15 77.80 81.25
CA GLU OE 22 52.36 76.86 82.35
C GLU OE 22 52.38 75.42 81.84
N MET OE 23 51.63 75.14 80.77
CA MET OE 23 51.53 73.77 80.28
C MET OE 23 52.89 73.24 79.81
N VAL OE 24 53.63 74.05 79.07
CA VAL OE 24 54.88 73.61 78.47
C VAL OE 24 56.00 73.62 79.51
N PRO OE 25 57.04 72.78 79.35
CA PRO OE 25 58.16 72.80 80.30
C PRO OE 25 59.19 73.87 79.95
N LEU OE 26 60.31 73.87 80.66
CA LEU OE 26 61.36 74.84 80.39
C LEU OE 26 61.99 74.59 79.02
N PRO OE 27 62.63 75.61 78.44
CA PRO OE 27 63.17 75.45 77.08
C PRO OE 27 64.15 74.30 76.96
N ALA OE 28 64.98 74.07 77.97
CA ALA OE 28 66.02 73.05 77.86
C ALA OE 28 65.41 71.66 77.66
N VAL OE 29 64.34 71.35 78.39
CA VAL OE 29 63.75 70.03 78.30
C VAL OE 29 63.12 69.80 76.93
N VAL OE 30 62.52 70.85 76.35
CA VAL OE 30 61.87 70.68 75.06
C VAL OE 30 62.87 70.26 74.00
N LEU OE 31 64.06 70.87 74.01
CA LEU OE 31 65.09 70.52 73.03
C LEU OE 31 65.39 69.03 73.06
N LYS OE 32 65.28 68.40 74.23
CA LYS OE 32 65.54 66.98 74.33
C LYS OE 32 64.57 66.17 73.46
N HIS OE 33 63.28 66.54 73.49
CA HIS OE 33 62.30 65.80 72.72
C HIS OE 33 62.46 66.03 71.22
N VAL OE 34 63.01 67.17 70.83
CA VAL OE 34 63.20 67.44 69.41
C VAL OE 34 64.17 66.43 68.81
N LYS OE 35 65.27 66.15 69.51
CA LYS OE 35 66.20 65.13 69.04
C LYS OE 35 65.53 63.76 69.02
N LEU OE 36 64.76 63.44 70.07
CA LEU OE 36 64.12 62.13 70.14
C LEU OE 36 63.07 61.95 69.06
N ILE OE 37 62.24 62.97 68.83
CA ILE OE 37 61.18 62.85 67.83
C ILE OE 37 61.78 62.83 66.43
N LEU OE 38 62.74 63.71 66.16
CA LEU OE 38 63.40 63.71 64.85
C LEU OE 38 64.13 62.40 64.61
N THR OE 39 64.86 61.92 65.61
CA THR OE 39 65.59 60.66 65.47
C THR OE 39 64.64 59.50 65.23
N SER OE 40 63.56 59.43 66.00
CA SER OE 40 62.61 58.32 65.86
C SER OE 40 61.97 58.34 64.48
N GLN OE 41 61.56 59.51 64.00
CA GLN OE 41 60.88 59.60 62.72
C GLN OE 41 61.85 59.27 61.59
N LYS OE 42 61.33 58.58 60.56
CA LYS OE 42 62.15 58.14 59.44
C LYS OE 42 61.77 58.80 58.13
N GLU OE 43 60.49 58.78 57.77
CA GLU OE 43 60.08 59.37 56.49
C GLU OE 43 60.38 60.87 56.48
N HIS OE 44 60.88 61.35 55.35
CA HIS OE 44 61.26 62.75 55.21
C HIS OE 44 60.07 63.56 54.71
N GLN OE 45 59.67 64.56 55.47
CA GLN OE 45 58.64 65.50 55.11
C GLN OE 45 59.13 66.91 55.44
N PRO OE 46 58.54 67.93 54.79
CA PRO OE 46 59.03 69.30 55.04
C PRO OE 46 58.90 69.76 56.47
N TRP OE 47 57.96 69.20 57.25
CA TRP OE 47 57.77 69.70 58.60
C TRP OE 47 59.00 69.46 59.48
N MET OE 48 59.59 68.26 59.38
CA MET OE 48 60.79 67.99 60.17
C MET OE 48 61.94 68.89 59.75
N THR OE 49 62.09 69.13 58.45
CA THR OE 49 63.13 70.04 57.98
C THR OE 49 62.93 71.44 58.54
N GLU OE 50 61.69 71.92 58.52
CA GLU OE 50 61.39 73.24 59.10
C GLU OE 50 61.35 73.18 60.63
N MET OE 51 60.98 72.03 61.19
CA MET OE 51 60.92 71.91 62.65
C MET OE 51 62.29 72.12 63.27
N ALA OE 52 63.33 71.53 62.66
CA ALA OE 52 64.68 71.71 63.18
C ALA OE 52 65.11 73.17 63.13
N LEU OE 53 64.80 73.86 62.04
CA LEU OE 53 65.20 75.25 61.90
C LEU OE 53 64.56 76.12 62.97
N LYS OE 54 63.28 75.88 63.25
CA LYS OE 54 62.59 76.68 64.26
C LYS OE 54 63.23 76.49 65.63
N ALA OE 55 63.60 75.27 65.96
CA ALA OE 55 64.22 75.01 67.26
C ALA OE 55 65.66 75.51 67.30
N ASP OE 56 66.33 75.58 66.15
CA ASP OE 56 67.72 76.00 66.13
C ASP OE 56 67.89 77.42 66.67
N GLN OE 57 66.95 78.31 66.32
CA GLN OE 57 67.08 79.70 66.73
C GLN OE 57 67.21 79.82 68.25
N CYS OE 58 66.49 78.98 68.99
CA CYS OE 58 66.55 79.04 70.46
C CYS OE 58 67.97 78.80 70.96
N LEU OE 59 68.73 77.94 70.28
CA LEU OE 59 70.10 77.67 70.73
C LEU OE 59 70.97 78.91 70.65
N ILE OE 60 70.81 79.69 69.59
CA ILE OE 60 71.64 80.90 69.44
C ILE OE 60 71.35 81.87 70.58
N HIS OE 61 70.07 82.03 70.93
CA HIS OE 61 69.73 82.94 72.01
C HIS OE 61 70.32 82.49 73.34
N LYS OE 62 70.44 81.18 73.53
CA LYS OE 62 71.05 80.67 74.76
C LYS OE 62 72.48 81.21 74.92
N ALA OE 63 73.28 81.10 73.87
CA ALA OE 63 74.65 81.59 73.92
C ALA OE 63 74.71 83.12 73.79
N THR OE 64 73.79 83.71 73.02
CA THR OE 64 73.79 85.16 72.87
C THR OE 64 73.66 85.86 74.21
N LEU OE 65 72.69 85.44 75.02
CA LEU OE 65 72.52 86.01 76.34
C LEU OE 65 73.58 85.50 77.32
N PRO OE 78 65.20 96.64 78.53
CA PRO OE 78 64.09 96.21 77.69
C PRO OE 78 64.50 95.22 76.61
N LEU OE 79 65.70 95.38 76.06
CA LEU OE 79 66.15 94.48 75.00
C LEU OE 79 66.35 93.07 75.54
N ILE OE 80 67.09 92.93 76.64
CA ILE OE 80 67.37 91.61 77.19
C ILE OE 80 66.08 90.95 77.66
N GLU OE 81 65.22 91.71 78.35
CA GLU OE 81 63.99 91.14 78.89
C GLU OE 81 63.10 90.61 77.77
N ALA OE 82 63.01 91.34 76.66
CA ALA OE 82 62.17 90.89 75.55
C ALA OE 82 62.66 89.55 75.01
N MET OE 83 63.98 89.38 74.90
CA MET OE 83 64.51 88.13 74.38
C MET OE 83 64.09 86.95 75.25
N GLN OE 84 64.08 87.14 76.57
CA GLN OE 84 63.67 86.06 77.45
C GLN OE 84 62.24 85.62 77.15
N GLN OE 85 61.34 86.57 76.92
CA GLN OE 85 59.97 86.22 76.54
C GLN OE 85 59.92 85.62 75.15
N ILE OE 86 60.79 86.07 74.25
CA ILE OE 86 60.79 85.53 72.88
C ILE OE 86 61.12 84.06 72.89
N ILE OE 87 62.11 83.65 73.70
CA ILE OE 87 62.48 82.25 73.77
C ILE OE 87 61.29 81.41 74.20
N LEU OE 88 60.57 81.86 75.23
CA LEU OE 88 59.40 81.13 75.68
C LEU OE 88 58.32 81.09 74.61
N ALA OE 89 58.26 82.11 73.75
CA ALA OE 89 57.26 82.12 72.68
C ALA OE 89 57.48 80.95 71.73
N MET OE 90 58.74 80.68 71.37
CA MET OE 90 59.03 79.58 70.46
C MET OE 90 58.79 78.24 71.11
N THR OE 91 59.03 78.14 72.43
CA THR OE 91 58.83 76.87 73.12
C THR OE 91 57.38 76.41 73.02
N ARG OE 92 56.43 77.32 73.19
CA ARG OE 92 55.03 76.96 73.06
C ARG OE 92 54.73 76.45 71.66
N GLU OE 93 55.28 77.12 70.64
CA GLU OE 93 55.06 76.68 69.27
C GLU OE 93 55.67 75.31 69.03
N LEU OE 94 56.88 75.08 69.55
CA LEU OE 94 57.54 73.80 69.33
C LEU OE 94 56.77 72.66 70.00
N TRP OE 95 56.30 72.88 71.23
CA TRP OE 95 55.61 71.81 71.94
C TRP OE 95 54.33 71.40 71.23
N GLY OE 96 53.72 72.33 70.49
CA GLY OE 96 52.51 71.98 69.76
C GLY OE 96 52.77 70.92 68.70
N GLN OE 97 53.84 71.09 67.91
CA GLN OE 97 54.17 70.10 66.90
C GLN OE 97 54.55 68.78 67.55
N ILE OE 98 55.21 68.83 68.70
CA ILE OE 98 55.58 67.60 69.40
C ILE OE 98 54.34 66.80 69.78
N GLN OE 99 53.36 67.47 70.40
CA GLN OE 99 52.16 66.77 70.84
C GLN OE 99 51.30 66.36 69.65
N ARG OE 100 51.17 67.23 68.66
CA ARG OE 100 50.35 66.89 67.50
C ARG OE 100 50.93 65.70 66.75
N HIS OE 101 52.26 65.65 66.59
CA HIS OE 101 52.89 64.54 65.89
C HIS OE 101 52.74 63.24 66.66
N HIS OE 102 52.94 63.28 67.98
CA HIS OE 102 52.85 62.05 68.77
C HIS OE 102 51.42 61.53 68.80
N TYR OE 103 50.46 62.39 69.15
CA TYR OE 103 49.07 61.98 69.26
C TYR OE 103 48.29 62.28 67.99
N GLY OE 104 48.22 63.55 67.62
CA GLY OE 104 47.45 63.98 66.47
C GLY OE 104 47.02 65.42 66.60
N ILE OE 105 46.70 66.02 65.46
CA ILE OE 105 46.33 67.42 65.43
C ILE OE 105 45.03 67.65 66.18
N VAL OE 106 44.03 66.79 65.94
CA VAL OE 106 42.72 66.98 66.56
C VAL OE 106 42.80 66.75 68.06
N GLN OE 107 43.56 65.74 68.48
CA GLN OE 107 43.59 65.39 69.90
C GLN OE 107 44.13 66.54 70.75
N VAL OE 108 45.20 67.19 70.28
CA VAL OE 108 45.75 68.32 71.03
C VAL OE 108 44.72 69.44 71.12
N GLU OE 109 44.10 69.78 70.00
CA GLU OE 109 43.05 70.80 70.02
C GLU OE 109 41.90 70.37 70.90
N HIS OE 110 41.61 69.07 70.94
CA HIS OE 110 40.51 68.56 71.75
C HIS OE 110 40.87 68.52 73.23
N TYR OE 111 42.13 68.19 73.55
CA TYR OE 111 42.53 67.97 74.94
C TYR OE 111 43.01 69.25 75.63
N VAL OE 112 43.53 70.22 74.88
CA VAL OE 112 44.10 71.41 75.51
C VAL OE 112 43.03 72.15 76.30
N LYS OE 113 41.83 72.29 75.72
CA LYS OE 113 40.78 73.05 76.39
C LYS OE 113 40.34 72.39 77.69
N GLN OE 114 40.32 71.06 77.71
CA GLN OE 114 39.81 70.35 78.87
C GLN OE 114 40.60 70.70 80.12
N ILE OE 115 41.94 70.69 80.02
CA ILE OE 115 42.77 70.97 81.18
C ILE OE 115 42.61 72.42 81.62
N THR OE 116 42.45 73.33 80.66
CA THR OE 116 42.27 74.73 81.01
C THR OE 116 41.01 74.93 81.84
N LEU OE 117 39.93 74.25 81.46
CA LEU OE 117 38.69 74.33 82.24
C LEU OE 117 38.89 73.82 83.66
N TRP OE 118 39.60 72.70 83.81
CA TRP OE 118 39.81 72.14 85.14
C TRP OE 118 40.53 73.12 86.05
N GLN OE 119 41.33 74.04 85.47
CA GLN OE 119 42.02 75.03 86.28
C GLN OE 119 41.11 76.22 86.59
N ASP OE 120 40.47 76.78 85.57
CA ASP OE 120 39.60 77.95 85.74
C ASP OE 120 38.28 77.47 86.33
N THR OE 121 38.32 77.16 87.62
CA THR OE 121 37.14 76.69 88.35
C THR OE 121 37.38 76.93 89.83
N PRO OE 122 36.33 77.15 90.63
CA PRO OE 122 36.55 77.47 92.05
C PRO OE 122 37.10 76.30 92.85
N GLN OE 123 38.39 76.01 92.63
CA GLN OE 123 39.14 75.02 93.41
C GLN OE 123 38.32 73.79 93.80
N ALA OE 124 37.34 73.97 94.69
CA ALA OE 124 36.65 72.82 95.27
C ALA OE 124 36.04 71.94 94.19
N PHE OE 125 35.25 72.53 93.30
CA PHE OE 125 34.63 71.78 92.21
C PHE OE 125 35.48 71.84 90.94
N ARG OE 126 36.78 71.56 91.08
CA ARG OE 126 37.66 71.63 89.93
C ARG OE 126 37.35 70.54 88.91
N GLY OE 127 37.02 69.34 89.39
CA GLY OE 127 36.71 68.25 88.51
C GLY OE 127 37.22 66.92 89.03
N ASP OE 128 37.89 66.15 88.17
CA ASP OE 128 38.44 64.86 88.56
C ASP OE 128 39.82 64.64 88.00
N GLN OE 129 40.60 65.72 87.84
CA GLN OE 129 41.96 65.62 87.32
C GLN OE 129 41.93 64.94 85.95
N PRO OE 130 41.45 65.62 84.91
CA PRO OE 130 41.25 64.94 83.62
C PRO OE 130 42.52 64.26 83.13
N LYS OE 131 42.35 63.03 82.67
CA LYS OE 131 43.49 62.24 82.23
C LYS OE 131 44.07 62.80 80.92
N PRO OE 132 45.37 62.71 80.72
CA PRO OE 132 45.95 63.11 79.45
C PRO OE 132 45.58 62.13 78.35
N PRO OE 133 45.66 62.54 77.09
CA PRO OE 133 45.21 61.66 75.99
C PRO OE 133 46.01 60.36 75.96
N THR PE 3 -35.61 -22.84 120.34
CA THR PE 3 -35.35 -24.06 119.59
C THR PE 3 -35.09 -23.76 118.11
N PHE PE 4 -35.87 -22.84 117.53
CA PHE PE 4 -35.73 -22.56 116.11
C PHE PE 4 -34.36 -22.01 115.77
N ILE PE 5 -33.85 -21.09 116.60
CA ILE PE 5 -32.55 -20.49 116.31
C ILE PE 5 -31.46 -21.56 116.29
N GLU PE 6 -31.57 -22.55 117.17
CA GLU PE 6 -30.62 -23.66 117.15
C GLU PE 6 -30.65 -24.37 115.80
N LEU PE 7 -31.86 -24.56 115.24
CA LEU PE 7 -31.96 -25.22 113.94
C LEU PE 7 -31.30 -24.40 112.84
N VAL PE 8 -31.48 -23.08 112.88
CA VAL PE 8 -30.90 -22.23 111.83
C VAL PE 8 -29.38 -22.21 111.94
N LYS PE 9 -28.85 -22.18 113.16
CA LYS PE 9 -27.40 -22.20 113.32
C LYS PE 9 -26.79 -23.43 112.67
N ASN PE 10 -27.55 -24.51 112.55
CA ASN PE 10 -27.09 -25.72 111.86
C ASN PE 10 -27.34 -25.58 110.35
N MET PE 11 -26.74 -24.53 109.78
CA MET PE 11 -26.90 -24.25 108.36
C MET PE 11 -25.58 -23.71 107.81
N LYS PE 12 -25.45 -23.78 106.49
CA LYS PE 12 -24.21 -23.43 105.81
C LYS PE 12 -24.26 -21.98 105.37
N GLY PE 13 -23.13 -21.29 105.53
CA GLY PE 13 -23.04 -19.87 105.26
C GLY PE 13 -23.56 -18.99 106.36
N TYR PE 14 -23.75 -19.53 107.57
CA TYR PE 14 -24.29 -18.77 108.68
C TYR PE 14 -23.21 -17.91 109.29
N LYS PE 15 -23.36 -16.60 109.19
CA LYS PE 15 -22.44 -15.63 109.77
C LYS PE 15 -23.15 -14.92 110.92
N GLU PE 16 -22.60 -15.04 112.12
CA GLU PE 16 -23.23 -14.41 113.28
C GLU PE 16 -23.14 -12.89 113.19
N LEU PE 17 -24.17 -12.23 113.72
CA LEU PE 17 -24.24 -10.77 113.65
C LEU PE 17 -24.71 -10.15 114.96
N LEU PE 18 -24.77 -10.90 116.05
CA LEU PE 18 -25.26 -10.40 117.33
C LEU PE 18 -24.12 -10.41 118.34
N LEU PE 19 -23.94 -9.29 119.03
CA LEU PE 19 -22.90 -9.17 120.04
C LEU PE 19 -23.37 -9.76 121.36
N PRO PE 20 -22.46 -10.02 122.29
CA PRO PE 20 -22.85 -10.51 123.61
C PRO PE 20 -23.76 -9.51 124.32
N MET PE 21 -24.66 -10.04 125.14
CA MET PE 21 -25.59 -9.19 125.87
C MET PE 21 -24.87 -8.20 126.76
N GLU PE 22 -23.65 -8.52 127.19
CA GLU PE 22 -22.89 -7.66 128.09
C GLU PE 22 -22.25 -6.48 127.37
N MET PE 23 -22.26 -6.45 126.04
CA MET PE 23 -21.63 -5.37 125.29
C MET PE 23 -22.61 -4.44 124.61
N VAL PE 24 -23.83 -4.88 124.35
CA VAL PE 24 -24.81 -4.04 123.65
C VAL PE 24 -25.18 -2.87 124.55
N PRO PE 25 -25.55 -1.72 124.00
CA PRO PE 25 -25.90 -0.57 124.84
C PRO PE 25 -27.16 -0.86 125.65
N LEU PE 26 -27.45 0.07 126.56
CA LEU PE 26 -28.71 0.00 127.29
C LEU PE 26 -29.87 0.26 126.33
N PRO PE 27 -31.05 -0.27 126.65
CA PRO PE 27 -32.18 -0.11 125.72
C PRO PE 27 -32.50 1.34 125.42
N ALA PE 28 -32.35 2.23 126.40
CA ALA PE 28 -32.63 3.65 126.17
C ALA PE 28 -31.70 4.22 125.11
N VAL PE 29 -30.43 3.84 125.14
CA VAL PE 29 -29.46 4.39 124.19
C VAL PE 29 -29.78 3.92 122.78
N VAL PE 30 -30.24 2.68 122.63
CA VAL PE 30 -30.47 2.14 121.29
C VAL PE 30 -31.53 2.95 120.57
N LEU PE 31 -32.61 3.28 121.28
CA LEU PE 31 -33.70 4.03 120.65
C LEU PE 31 -33.20 5.34 120.04
N LYS PE 32 -32.16 5.93 120.63
CA LYS PE 32 -31.65 7.20 120.12
C LYS PE 32 -31.15 7.06 118.69
N HIS PE 33 -30.42 5.98 118.40
CA HIS PE 33 -29.93 5.78 117.04
C HIS PE 33 -31.08 5.46 116.08
N VAL PE 34 -32.16 4.87 116.59
CA VAL PE 34 -33.28 4.52 115.72
C VAL PE 34 -33.86 5.79 115.09
N LYS PE 35 -34.05 6.83 115.91
CA LYS PE 35 -34.64 8.06 115.39
C LYS PE 35 -33.73 8.68 114.33
N LEU PE 36 -32.42 8.71 114.58
CA LEU PE 36 -31.50 9.29 113.61
C LEU PE 36 -31.48 8.47 112.32
N ILE PE 37 -31.34 7.15 112.45
CA ILE PE 37 -31.23 6.30 111.26
C ILE PE 37 -32.54 6.33 110.47
N LEU PE 38 -33.67 6.21 111.17
CA LEU PE 38 -34.95 6.29 110.49
C LEU PE 38 -35.17 7.65 109.85
N THR PE 39 -35.00 8.71 110.64
CA THR PE 39 -35.33 10.05 110.15
C THR PE 39 -34.29 10.53 109.14
N SER PE 40 -33.01 10.33 109.44
CA SER PE 40 -31.93 10.77 108.55
C SER PE 40 -31.71 9.71 107.48
N GLN PE 41 -32.76 9.51 106.67
CA GLN PE 41 -32.70 8.55 105.58
C GLN PE 41 -33.56 9.05 104.43
N LYS PE 42 -33.17 8.65 103.22
CA LYS PE 42 -33.87 9.03 102.00
C LYS PE 42 -34.14 7.78 101.19
N GLU PE 43 -35.23 7.81 100.42
CA GLU PE 43 -35.64 6.68 99.59
C GLU PE 43 -35.88 5.45 100.48
N HIS PE 44 -36.90 5.58 101.34
CA HIS PE 44 -37.23 4.54 102.30
C HIS PE 44 -37.11 3.15 101.69
N GLN PE 45 -36.50 2.24 102.43
CA GLN PE 45 -36.25 0.89 102.01
C GLN PE 45 -36.97 -0.10 102.92
N PRO PE 46 -37.20 -1.33 102.45
CA PRO PE 46 -38.01 -2.27 103.25
C PRO PE 46 -37.48 -2.51 104.64
N TRP PE 47 -36.15 -2.59 104.79
CA TRP PE 47 -35.57 -2.89 106.10
C TRP PE 47 -35.86 -1.81 107.12
N MET PE 48 -36.15 -0.59 106.68
CA MET PE 48 -36.48 0.48 107.62
C MET PE 48 -37.75 0.15 108.39
N THR PE 49 -38.75 -0.40 107.69
CA THR PE 49 -40.00 -0.74 108.36
C THR PE 49 -39.78 -1.80 109.44
N GLU PE 50 -38.93 -2.79 109.16
CA GLU PE 50 -38.67 -3.84 110.13
C GLU PE 50 -38.06 -3.27 111.41
N MET PE 51 -37.15 -2.31 111.27
CA MET PE 51 -36.51 -1.73 112.45
C MET PE 51 -37.53 -1.06 113.35
N ALA PE 52 -38.45 -0.29 112.76
CA ALA PE 52 -39.41 0.45 113.57
C ALA PE 52 -40.35 -0.50 114.31
N LEU PE 53 -40.78 -1.57 113.64
CA LEU PE 53 -41.73 -2.49 114.27
C LEU PE 53 -41.14 -3.11 115.52
N LYS PE 54 -39.88 -3.55 115.46
CA LYS PE 54 -39.25 -4.15 116.64
C LYS PE 54 -39.06 -3.11 117.74
N ALA PE 55 -38.77 -1.86 117.36
CA ALA PE 55 -38.48 -0.84 118.36
C ALA PE 55 -39.65 -0.63 119.29
N ASP PE 56 -40.87 -0.53 118.73
CA ASP PE 56 -42.03 -0.29 119.56
C ASP PE 56 -42.27 -1.43 120.55
N GLN PE 57 -41.85 -2.65 120.20
CA GLN PE 57 -42.05 -3.78 121.09
C GLN PE 57 -41.31 -3.57 122.41
N CYS PE 58 -40.07 -3.08 122.34
CA CYS PE 58 -39.31 -2.83 123.57
C CYS PE 58 -40.02 -1.79 124.44
N LEU PE 59 -40.56 -0.75 123.82
CA LEU PE 59 -41.30 0.25 124.57
C LEU PE 59 -42.54 -0.36 125.23
N ILE PE 60 -43.24 -1.24 124.51
CA ILE PE 60 -44.43 -1.88 125.07
C ILE PE 60 -44.05 -2.68 126.31
N HIS PE 61 -43.02 -3.51 126.20
CA HIS PE 61 -42.54 -4.26 127.35
C HIS PE 61 -42.02 -3.32 128.43
N LYS PE 62 -41.28 -2.28 128.02
CA LYS PE 62 -40.76 -1.32 128.99
C LYS PE 62 -41.89 -0.62 129.72
N ALA PE 63 -42.94 -0.24 129.01
CA ALA PE 63 -44.09 0.41 129.63
C ALA PE 63 -44.93 -0.56 130.45
N THR PE 64 -44.65 -1.86 130.38
CA THR PE 64 -45.41 -2.85 131.12
C THR PE 64 -44.89 -3.06 132.54
N LEU PE 65 -43.61 -2.80 132.78
CA LEU PE 65 -43.05 -3.02 134.11
C LEU PE 65 -43.69 -2.12 135.17
N ASP PE 66 -43.99 -0.86 134.80
CA ASP PE 66 -44.59 0.05 135.76
C ASP PE 66 -45.90 -0.51 136.31
N PRO PE 78 -41.93 -14.73 139.08
CA PRO PE 78 -41.41 -15.01 137.74
C PRO PE 78 -42.09 -14.22 136.63
N LEU PE 79 -43.42 -14.25 136.60
CA LEU PE 79 -44.15 -13.64 135.48
C LEU PE 79 -43.85 -12.15 135.37
N ILE PE 80 -43.85 -11.44 136.50
CA ILE PE 80 -43.58 -10.01 136.47
C ILE PE 80 -42.16 -9.74 135.97
N GLU PE 81 -41.19 -10.51 136.49
CA GLU PE 81 -39.80 -10.33 136.10
C GLU PE 81 -39.44 -11.05 134.81
N ALA PE 82 -40.29 -11.97 134.34
CA ALA PE 82 -39.96 -12.73 133.13
C ALA PE 82 -39.87 -11.82 131.91
N MET PE 83 -40.79 -10.86 131.79
CA MET PE 83 -40.78 -9.99 130.62
C MET PE 83 -39.49 -9.18 130.52
N GLN PE 84 -38.87 -8.88 131.66
CA GLN PE 84 -37.63 -8.10 131.65
C GLN PE 84 -36.53 -8.82 130.88
N GLN PE 85 -36.56 -10.15 130.86
CA GLN PE 85 -35.53 -10.89 130.13
C GLN PE 85 -35.61 -10.61 128.64
N ILE PE 86 -36.82 -10.54 128.09
CA ILE PE 86 -36.98 -10.30 126.66
C ILE PE 86 -36.50 -8.91 126.29
N ILE PE 87 -36.70 -7.93 127.17
CA ILE PE 87 -36.32 -6.56 126.86
C ILE PE 87 -34.84 -6.49 126.52
N LEU PE 88 -34.00 -7.10 127.37
CA LEU PE 88 -32.56 -7.12 127.09
C LEU PE 88 -32.26 -7.86 125.80
N ALA PE 89 -32.94 -8.99 125.57
CA ALA PE 89 -32.72 -9.75 124.35
C ALA PE 89 -33.12 -8.96 123.12
N MET PE 90 -34.24 -8.24 123.20
CA MET PE 90 -34.73 -7.50 122.03
C MET PE 90 -33.69 -6.50 121.54
N THR PE 91 -32.95 -5.89 122.47
CA THR PE 91 -31.92 -4.94 122.08
C THR PE 91 -30.83 -5.63 121.26
N ARG PE 92 -30.44 -6.84 121.66
CA ARG PE 92 -29.35 -7.53 120.99
C ARG PE 92 -29.67 -7.73 119.51
N GLU PE 93 -30.88 -8.18 119.21
CA GLU PE 93 -31.28 -8.30 117.81
C GLU PE 93 -31.44 -6.92 117.17
N LEU PE 94 -31.99 -5.97 117.92
CA LEU PE 94 -32.20 -4.62 117.38
C LEU PE 94 -30.87 -3.94 117.07
N TRP PE 95 -29.90 -4.07 117.96
CA TRP PE 95 -28.61 -3.41 117.75
C TRP PE 95 -27.90 -3.99 116.53
N GLY PE 96 -28.20 -5.23 116.16
CA GLY PE 96 -27.55 -5.83 115.01
C GLY PE 96 -27.84 -5.09 113.73
N GLN PE 97 -29.09 -4.63 113.56
CA GLN PE 97 -29.45 -3.89 112.36
C GLN PE 97 -28.81 -2.51 112.34
N ILE PE 98 -28.60 -1.91 113.51
CA ILE PE 98 -27.98 -0.59 113.57
C ILE PE 98 -26.59 -0.63 112.97
N GLN PE 99 -25.80 -1.63 113.36
CA GLN PE 99 -24.44 -1.72 112.84
C GLN PE 99 -24.42 -2.02 111.36
N ARG PE 100 -25.40 -2.78 110.86
CA ARG PE 100 -25.46 -3.03 109.43
C ARG PE 100 -25.63 -1.74 108.65
N HIS PE 101 -26.50 -0.84 109.12
CA HIS PE 101 -26.70 0.43 108.45
C HIS PE 101 -25.45 1.31 108.55
N HIS PE 102 -24.87 1.39 109.74
CA HIS PE 102 -23.69 2.23 109.93
C HIS PE 102 -22.46 1.64 109.25
N TYR PE 103 -22.05 0.45 109.68
CA TYR PE 103 -20.85 -0.18 109.16
C TYR PE 103 -21.11 -0.90 107.84
N GLY PE 104 -21.98 -1.89 107.86
CA GLY PE 104 -22.25 -2.73 106.71
C GLY PE 104 -22.30 -4.18 107.16
N ILE PE 105 -23.09 -4.98 106.45
CA ILE PE 105 -23.29 -6.37 106.85
C ILE PE 105 -21.96 -7.14 106.81
N VAL PE 106 -21.19 -6.95 105.73
CA VAL PE 106 -19.96 -7.71 105.58
C VAL PE 106 -18.97 -7.38 106.69
N GLN PE 107 -18.80 -6.09 106.99
CA GLN PE 107 -17.84 -5.68 108.00
C GLN PE 107 -18.23 -6.19 109.38
N VAL PE 108 -19.54 -6.23 109.67
CA VAL PE 108 -19.99 -6.65 110.99
C VAL PE 108 -19.56 -8.09 111.27
N GLU PE 109 -19.73 -8.97 110.28
CA GLU PE 109 -19.37 -10.37 110.47
C GLU PE 109 -17.94 -10.50 110.98
N HIS PE 110 -17.00 -9.80 110.35
CA HIS PE 110 -15.61 -9.85 110.80
C HIS PE 110 -15.48 -9.30 112.21
N TYR PE 111 -16.16 -8.19 112.50
CA TYR PE 111 -16.03 -7.56 113.81
C TYR PE 111 -16.48 -8.49 114.92
N VAL PE 112 -17.60 -9.17 114.73
CA VAL PE 112 -18.14 -10.02 115.79
C VAL PE 112 -17.16 -11.15 116.12
N LYS PE 113 -16.66 -11.82 115.09
CA LYS PE 113 -15.73 -12.92 115.32
C LYS PE 113 -14.46 -12.42 116.00
N GLN PE 114 -13.96 -11.26 115.58
CA GLN PE 114 -12.81 -10.67 116.26
C GLN PE 114 -13.12 -10.40 117.73
N ILE PE 115 -14.32 -9.87 118.00
CA ILE PE 115 -14.72 -9.67 119.39
C ILE PE 115 -14.85 -11.00 120.10
N THR PE 116 -15.43 -11.99 119.45
CA THR PE 116 -15.63 -13.30 120.09
C THR PE 116 -14.30 -13.91 120.48
N LEU PE 117 -13.36 -13.97 119.53
CA LEU PE 117 -12.03 -14.48 119.85
C LEU PE 117 -11.36 -13.64 120.91
N TRP PE 118 -11.48 -12.31 120.81
CA TRP PE 118 -10.92 -11.44 121.83
C TRP PE 118 -11.52 -11.73 123.19
N GLN PE 119 -12.84 -11.92 123.25
CA GLN PE 119 -13.48 -12.27 124.52
C GLN PE 119 -13.11 -13.67 124.96
N ASP PE 120 -12.94 -14.59 124.00
CA ASP PE 120 -12.62 -15.97 124.35
C ASP PE 120 -11.26 -16.07 125.02
N THR PE 121 -10.27 -15.36 124.50
CA THR PE 121 -8.92 -15.45 125.05
C THR PE 121 -8.92 -14.94 126.50
N PRO PE 122 -8.18 -15.58 127.40
CA PRO PE 122 -8.14 -15.11 128.79
C PRO PE 122 -7.62 -13.69 128.90
N GLN PE 123 -8.14 -12.97 129.88
CA GLN PE 123 -7.79 -11.56 130.05
C GLN PE 123 -6.31 -11.35 130.31
N ALA PE 124 -5.60 -12.39 130.79
CA ALA PE 124 -4.18 -12.23 131.08
C ALA PE 124 -3.40 -11.87 129.84
N PHE PE 125 -3.70 -12.52 128.72
CA PHE PE 125 -3.03 -12.26 127.45
C PHE PE 125 -4.05 -11.95 126.35
N ARG PE 126 -5.18 -11.36 126.74
CA ARG PE 126 -6.24 -11.11 125.76
C ARG PE 126 -5.79 -10.12 124.69
N GLY PE 127 -5.11 -9.06 125.08
CA GLY PE 127 -4.66 -8.05 124.14
C GLY PE 127 -5.64 -6.90 124.03
N ASP PE 128 -5.25 -5.94 123.19
CA ASP PE 128 -6.08 -4.75 123.00
C ASP PE 128 -7.38 -5.12 122.30
N GLN PE 129 -8.46 -4.52 122.76
CA GLN PE 129 -9.77 -4.76 122.15
C GLN PE 129 -9.79 -4.21 120.73
N PRO PE 130 -10.24 -4.97 119.74
CA PRO PE 130 -10.28 -4.46 118.37
C PRO PE 130 -11.28 -3.33 118.22
N LYS PE 131 -10.99 -2.44 117.29
CA LYS PE 131 -11.85 -1.29 117.03
C LYS PE 131 -12.90 -1.62 116.00
N PRO PE 132 -14.01 -0.88 115.97
CA PRO PE 132 -15.06 -1.15 114.99
C PRO PE 132 -14.55 -0.96 113.57
N PRO PE 133 -15.24 -1.55 112.58
CA PRO PE 133 -14.78 -1.39 111.20
C PRO PE 133 -15.01 0.01 110.66
N SER PE 134 -14.70 0.22 109.38
CA SER PE 134 -14.91 1.50 108.74
C SER PE 134 -16.35 1.65 108.31
N PHE PE 135 -16.83 2.90 108.33
CA PHE PE 135 -18.22 3.17 107.96
C PHE PE 135 -18.46 2.89 106.49
N THR QE 3 -44.90 5.52 118.24
CA THR QE 3 -44.48 6.70 117.50
C THR QE 3 -43.48 6.41 116.39
N PHE QE 4 -42.56 5.47 116.61
CA PHE QE 4 -41.55 5.18 115.60
C PHE QE 4 -42.20 4.69 114.31
N ILE QE 5 -43.19 3.80 114.42
CA ILE QE 5 -43.86 3.28 113.24
C ILE QE 5 -44.55 4.40 112.49
N GLU QE 6 -45.09 5.38 113.22
CA GLU QE 6 -45.74 6.52 112.59
C GLU QE 6 -44.75 7.30 111.74
N LEU QE 7 -43.51 7.46 112.23
CA LEU QE 7 -42.51 8.18 111.46
C LEU QE 7 -42.23 7.49 110.14
N VAL QE 8 -42.16 6.15 110.15
CA VAL QE 8 -41.97 5.41 108.91
C VAL QE 8 -43.13 5.65 107.96
N LYS QE 9 -44.35 5.62 108.47
CA LYS QE 9 -45.52 5.84 107.64
C LYS QE 9 -45.55 7.24 107.06
N ASN QE 10 -44.74 8.16 107.60
CA ASN QE 10 -44.66 9.51 107.08
C ASN QE 10 -43.57 9.67 106.02
N MET QE 11 -42.90 8.58 105.64
CA MET QE 11 -41.79 8.67 104.70
C MET QE 11 -42.31 8.73 103.27
N LYS QE 12 -41.38 8.72 102.33
CA LYS QE 12 -41.68 8.71 100.90
C LYS QE 12 -41.32 7.35 100.33
N GLY QE 13 -42.25 6.77 99.57
CA GLY QE 13 -42.05 5.45 99.00
C GLY QE 13 -42.44 4.31 99.92
N TYR QE 14 -42.85 4.59 101.14
CA TYR QE 14 -43.27 3.54 102.05
C TYR QE 14 -44.52 2.85 101.54
N LYS QE 15 -44.57 1.53 101.70
CA LYS QE 15 -45.68 0.72 101.23
C LYS QE 15 -46.02 -0.31 102.29
N GLU QE 16 -47.32 -0.52 102.50
CA GLU QE 16 -47.76 -1.48 103.50
C GLU QE 16 -47.44 -2.91 103.07
N LEU QE 17 -47.07 -3.73 104.04
CA LEU QE 17 -46.81 -5.15 103.81
C LEU QE 17 -47.53 -6.06 104.78
N LEU QE 18 -48.08 -5.54 105.88
CA LEU QE 18 -48.79 -6.36 106.85
C LEU QE 18 -50.25 -6.48 106.44
N LEU QE 19 -51.03 -7.13 107.29
CA LEU QE 19 -52.43 -7.41 107.03
C LEU QE 19 -53.25 -7.09 108.27
N PRO QE 20 -54.56 -6.92 108.12
CA PRO QE 20 -55.40 -6.65 109.30
C PRO QE 20 -55.30 -7.77 110.31
N MET QE 21 -55.41 -7.38 111.60
CA MET QE 21 -55.29 -8.36 112.67
C MET QE 21 -56.25 -9.51 112.48
N GLU QE 22 -57.44 -9.23 111.96
CA GLU QE 22 -58.42 -10.29 111.75
C GLU QE 22 -57.93 -11.31 110.72
N MET QE 23 -57.31 -10.83 109.63
CA MET QE 23 -56.81 -11.71 108.58
C MET QE 23 -55.41 -12.21 108.93
N VAL QE 24 -55.30 -12.81 110.11
CA VAL QE 24 -54.05 -13.38 110.58
C VAL QE 24 -54.33 -14.76 111.15
N PRO QE 25 -53.63 -15.81 110.72
CA PRO QE 25 -53.87 -17.14 111.28
C PRO QE 25 -53.68 -17.17 112.79
N LEU QE 26 -54.13 -18.27 113.38
CA LEU QE 26 -54.00 -18.46 114.81
C LEU QE 26 -52.55 -18.74 115.18
N PRO QE 27 -52.17 -18.52 116.45
CA PRO QE 27 -50.79 -18.80 116.86
C PRO QE 27 -50.47 -20.28 116.81
N ALA QE 28 -49.23 -20.64 117.16
CA ALA QE 28 -48.81 -22.03 117.17
C ALA QE 28 -48.83 -22.63 115.77
N VAL QE 29 -50.02 -22.78 115.20
CA VAL QE 29 -50.15 -23.37 113.87
C VAL QE 29 -49.42 -22.50 112.84
N VAL QE 30 -49.52 -21.18 112.97
CA VAL QE 30 -48.85 -20.29 112.04
C VAL QE 30 -47.35 -20.51 112.07
N LEU QE 31 -46.81 -20.91 113.23
CA LEU QE 31 -45.38 -21.15 113.34
C LEU QE 31 -44.92 -22.32 112.47
N LYS QE 32 -45.85 -23.16 112.00
CA LYS QE 32 -45.46 -24.32 111.20
C LYS QE 32 -44.81 -23.90 109.89
N HIS QE 33 -45.33 -22.83 109.27
CA HIS QE 33 -44.71 -22.35 108.04
C HIS QE 33 -43.25 -21.98 108.26
N VAL QE 34 -42.87 -21.65 109.49
CA VAL QE 34 -41.48 -21.32 109.78
C VAL QE 34 -40.59 -22.52 109.47
N LYS QE 35 -40.99 -23.70 109.93
CA LYS QE 35 -40.19 -24.90 109.69
C LYS QE 35 -40.11 -25.21 108.21
N LEU QE 36 -41.21 -25.05 107.49
CA LEU QE 36 -41.24 -25.40 106.07
C LEU QE 36 -40.40 -24.46 105.22
N ILE QE 37 -39.94 -23.33 105.79
CA ILE QE 37 -39.15 -22.36 105.05
C ILE QE 37 -37.72 -22.35 105.55
N LEU QE 38 -37.54 -22.73 106.82
CA LEU QE 38 -36.21 -22.85 107.40
C LEU QE 38 -35.59 -24.22 107.12
N THR QE 39 -36.30 -25.29 107.51
CA THR QE 39 -35.78 -26.63 107.31
C THR QE 39 -35.58 -26.93 105.84
N SER QE 40 -36.54 -26.54 105.00
CA SER QE 40 -36.46 -26.75 103.56
C SER QE 40 -35.75 -25.57 102.90
N GLN QE 41 -34.53 -25.31 103.35
CA GLN QE 41 -33.76 -24.18 102.85
C GLN QE 41 -32.28 -24.45 103.04
N LYS QE 42 -31.47 -23.67 102.31
CA LYS QE 42 -30.02 -23.76 102.39
C LYS QE 42 -29.46 -22.41 101.98
N GLU QE 43 -28.15 -22.24 102.17
CA GLU QE 43 -27.47 -20.98 101.88
C GLU QE 43 -28.06 -19.85 102.73
N HIS QE 44 -27.87 -20.01 104.04
CA HIS QE 44 -28.36 -19.07 105.04
C HIS QE 44 -28.20 -17.63 104.59
N GLN QE 45 -29.30 -16.90 104.53
CA GLN QE 45 -29.33 -15.50 104.14
C GLN QE 45 -29.67 -14.62 105.33
N PRO QE 46 -29.31 -13.33 105.27
CA PRO QE 46 -29.53 -12.47 106.44
C PRO QE 46 -30.98 -12.43 106.92
N TRP QE 47 -31.93 -12.41 105.98
CA TRP QE 47 -33.33 -12.31 106.38
C TRP QE 47 -33.81 -13.56 107.10
N MET QE 48 -33.18 -14.71 106.85
CA MET QE 48 -33.59 -15.93 107.53
C MET QE 48 -33.39 -15.82 109.03
N THR QE 49 -32.28 -15.21 109.46
CA THR QE 49 -32.04 -15.04 110.89
C THR QE 49 -33.11 -14.14 111.51
N GLU QE 50 -33.51 -13.09 110.79
CA GLU QE 50 -34.53 -12.19 111.32
C GLU QE 50 -35.81 -12.94 111.60
N MET QE 51 -36.24 -13.81 110.67
CA MET QE 51 -37.44 -14.60 110.89
C MET QE 51 -37.26 -15.53 112.09
N ALA QE 52 -36.11 -16.17 112.20
CA ALA QE 52 -35.87 -17.12 113.28
C ALA QE 52 -35.92 -16.42 114.64
N LEU QE 53 -35.30 -15.24 114.74
CA LEU QE 53 -35.25 -14.53 116.01
C LEU QE 53 -36.58 -13.87 116.37
N LYS QE 54 -37.53 -13.83 115.44
CA LYS QE 54 -38.86 -13.29 115.71
C LYS QE 54 -39.87 -14.37 116.05
N ALA QE 55 -39.87 -15.47 115.29
CA ALA QE 55 -40.83 -16.55 115.56
C ALA QE 55 -40.59 -17.17 116.93
N ASP QE 56 -39.33 -17.37 117.30
CA ASP QE 56 -39.02 -17.98 118.59
C ASP QE 56 -39.52 -17.15 119.75
N GLN QE 57 -39.73 -15.85 119.55
CA GLN QE 57 -40.20 -14.99 120.63
C GLN QE 57 -41.60 -15.40 121.08
N CYS QE 58 -42.46 -15.81 120.14
CA CYS QE 58 -43.81 -16.21 120.50
C CYS QE 58 -43.80 -17.36 121.49
N LEU QE 59 -42.90 -18.34 121.26
CA LEU QE 59 -42.78 -19.45 122.20
C LEU QE 59 -42.37 -18.96 123.58
N ILE QE 60 -41.45 -17.99 123.64
CA ILE QE 60 -41.01 -17.45 124.92
C ILE QE 60 -42.19 -16.81 125.64
N HIS QE 61 -42.95 -15.97 124.94
CA HIS QE 61 -44.15 -15.39 125.52
C HIS QE 61 -45.19 -16.48 125.82
N LYS QE 62 -45.34 -17.44 124.90
CA LYS QE 62 -46.28 -18.53 125.12
C LYS QE 62 -45.86 -19.39 126.31
N ALA QE 63 -44.55 -19.58 126.48
CA ALA QE 63 -44.06 -20.40 127.58
C ALA QE 63 -44.45 -19.83 128.93
N THR QE 64 -44.66 -18.51 129.03
CA THR QE 64 -45.05 -17.91 130.30
C THR QE 64 -46.44 -18.32 130.72
N LEU QE 65 -47.27 -18.84 129.81
CA LEU QE 65 -48.61 -19.26 130.18
C LEU QE 65 -48.58 -20.32 131.26
N ASP QE 66 -47.55 -21.16 131.29
CA ASP QE 66 -47.43 -22.15 132.35
C ASP QE 66 -47.32 -21.48 133.71
N PRO QE 78 -53.30 -6.92 134.22
CA PRO QE 78 -52.77 -6.25 133.02
C PRO QE 78 -51.50 -6.90 132.49
N LEU QE 79 -50.64 -7.41 133.38
CA LEU QE 79 -49.42 -8.06 132.92
C LEU QE 79 -49.73 -9.31 132.11
N ILE QE 80 -50.69 -10.11 132.57
CA ILE QE 80 -51.06 -11.32 131.84
C ILE QE 80 -51.79 -10.96 130.55
N GLU QE 81 -52.71 -10.00 130.61
CA GLU QE 81 -53.45 -9.60 129.43
C GLU QE 81 -52.52 -8.97 128.39
N ALA QE 82 -51.58 -8.15 128.83
CA ALA QE 82 -50.73 -7.42 127.89
C ALA QE 82 -49.92 -8.37 127.03
N MET QE 83 -49.37 -9.43 127.63
CA MET QE 83 -48.54 -10.36 126.87
C MET QE 83 -49.34 -11.01 125.74
N GLN QE 84 -50.59 -11.39 126.02
CA GLN QE 84 -51.40 -12.03 125.00
C GLN QE 84 -51.62 -11.11 123.81
N GLN QE 85 -51.83 -9.82 124.07
CA GLN QE 85 -52.03 -8.87 122.98
C GLN QE 85 -50.79 -8.78 122.09
N ILE QE 86 -49.61 -8.82 122.70
CA ILE QE 86 -48.37 -8.65 121.93
C ILE QE 86 -48.21 -9.79 120.93
N ILE QE 87 -48.64 -11.00 121.30
CA ILE QE 87 -48.45 -12.14 120.41
C ILE QE 87 -49.13 -11.90 119.07
N LEU QE 88 -50.31 -11.29 119.08
CA LEU QE 88 -51.01 -11.00 117.84
C LEU QE 88 -50.18 -10.06 116.96
N ALA QE 89 -49.58 -9.04 117.56
CA ALA QE 89 -48.79 -8.09 116.78
C ALA QE 89 -47.59 -8.78 116.13
N MET QE 90 -46.89 -9.61 116.89
CA MET QE 90 -45.75 -10.32 116.33
C MET QE 90 -46.19 -11.31 115.26
N THR QE 91 -47.32 -11.97 115.47
CA THR QE 91 -47.82 -12.92 114.48
C THR QE 91 -48.10 -12.23 113.16
N ARG QE 92 -48.63 -11.00 113.21
CA ARG QE 92 -48.90 -10.25 111.99
C ARG QE 92 -47.61 -10.01 111.21
N GLU QE 93 -46.52 -9.67 111.91
CA GLU QE 93 -45.25 -9.43 111.24
C GLU QE 93 -44.73 -10.71 110.59
N LEU QE 94 -44.91 -11.85 111.26
CA LEU QE 94 -44.40 -13.11 110.72
C LEU QE 94 -45.03 -13.40 109.36
N TRP QE 95 -46.34 -13.20 109.24
CA TRP QE 95 -47.02 -13.53 108.00
C TRP QE 95 -46.51 -12.69 106.84
N GLY QE 96 -46.27 -11.39 107.08
CA GLY QE 96 -45.76 -10.54 106.03
C GLY QE 96 -44.43 -11.01 105.47
N GLN QE 97 -43.54 -11.46 106.36
CA GLN QE 97 -42.25 -11.99 105.91
C GLN QE 97 -42.45 -13.24 105.06
N ILE QE 98 -43.38 -14.10 105.45
CA ILE QE 98 -43.64 -15.33 104.71
C ILE QE 98 -44.10 -15.00 103.30
N GLN QE 99 -45.06 -14.08 103.18
CA GLN QE 99 -45.51 -13.66 101.86
C GLN QE 99 -44.41 -12.93 101.10
N ARG QE 100 -43.55 -12.19 101.82
CA ARG QE 100 -42.41 -11.54 101.18
C ARG QE 100 -41.47 -12.56 100.55
N HIS QE 101 -41.54 -13.82 100.96
CA HIS QE 101 -40.71 -14.89 100.41
C HIS QE 101 -41.46 -15.75 99.40
N HIS QE 102 -42.69 -16.16 99.72
CA HIS QE 102 -43.45 -17.03 98.85
C HIS QE 102 -43.86 -16.31 97.57
N TYR QE 103 -44.65 -15.24 97.71
CA TYR QE 103 -45.15 -14.50 96.56
C TYR QE 103 -44.30 -13.28 96.26
N GLY QE 104 -42.99 -13.49 96.13
CA GLY QE 104 -42.11 -12.40 95.82
C GLY QE 104 -42.13 -11.36 96.93
N ILE QE 105 -41.60 -10.19 96.59
CA ILE QE 105 -41.57 -9.06 97.53
C ILE QE 105 -42.24 -7.86 96.87
N VAL QE 106 -42.26 -7.83 95.54
CA VAL QE 106 -42.89 -6.73 94.82
C VAL QE 106 -44.39 -6.99 94.65
N GLN QE 107 -44.75 -8.22 94.23
CA GLN QE 107 -46.15 -8.56 94.05
C GLN QE 107 -46.92 -8.54 95.36
N VAL QE 108 -46.24 -8.65 96.50
CA VAL QE 108 -46.92 -8.65 97.78
C VAL QE 108 -47.64 -7.32 98.00
N GLU QE 109 -46.95 -6.21 97.69
CA GLU QE 109 -47.54 -4.90 97.91
C GLU QE 109 -48.83 -4.74 97.12
N HIS QE 110 -48.85 -5.22 95.88
CA HIS QE 110 -50.06 -5.12 95.07
C HIS QE 110 -51.21 -5.87 95.71
N TYR QE 111 -50.96 -7.07 96.23
CA TYR QE 111 -52.02 -7.85 96.84
C TYR QE 111 -52.59 -7.14 98.07
N VAL QE 112 -51.72 -6.67 98.96
CA VAL QE 112 -52.20 -6.00 100.17
C VAL QE 112 -52.90 -4.70 99.79
N LYS QE 113 -52.43 -4.02 98.74
CA LYS QE 113 -53.12 -2.83 98.28
C LYS QE 113 -54.57 -3.12 97.95
N GLN QE 114 -54.83 -4.23 97.25
CA GLN QE 114 -56.20 -4.58 96.91
C GLN QE 114 -56.96 -5.05 98.14
N ILE QE 115 -56.29 -5.72 99.07
CA ILE QE 115 -56.95 -6.19 100.29
C ILE QE 115 -57.54 -5.00 101.05
N THR QE 116 -56.77 -3.92 101.18
CA THR QE 116 -57.25 -2.76 101.92
C THR QE 116 -58.51 -2.19 101.28
N LEU QE 117 -58.51 -2.06 99.95
CA LEU QE 117 -59.69 -1.54 99.26
C LEU QE 117 -60.86 -2.50 99.37
N TRP QE 118 -60.60 -3.81 99.24
CA TRP QE 118 -61.68 -4.79 99.25
C TRP QE 118 -62.36 -4.89 100.60
N GLN QE 119 -61.70 -4.49 101.68
CA GLN QE 119 -62.26 -4.57 103.02
C GLN QE 119 -62.78 -3.22 103.52
N ASP QE 120 -62.10 -2.13 103.19
CA ASP QE 120 -62.53 -0.83 103.69
C ASP QE 120 -63.89 -0.44 103.14
N THR QE 121 -64.15 -0.75 101.87
CA THR QE 121 -65.45 -0.44 101.29
C THR QE 121 -66.54 -1.26 101.99
N PRO QE 122 -67.77 -0.76 102.02
CA PRO QE 122 -68.85 -1.49 102.68
C PRO QE 122 -69.09 -2.84 102.02
N GLN QE 123 -69.55 -3.81 102.82
CA GLN QE 123 -69.73 -5.16 102.34
C GLN QE 123 -70.71 -5.24 101.16
N ALA QE 124 -71.57 -4.23 101.00
CA ALA QE 124 -72.52 -4.23 99.90
C ALA QE 124 -71.88 -3.91 98.55
N PHE QE 125 -70.61 -3.48 98.54
CA PHE QE 125 -69.94 -3.10 97.31
C PHE QE 125 -68.67 -3.89 97.05
N ARG QE 126 -68.19 -4.69 97.99
CA ARG QE 126 -66.91 -5.38 97.82
C ARG QE 126 -66.92 -6.26 96.58
N GLY QE 127 -67.78 -7.27 96.56
CA GLY QE 127 -67.83 -8.21 95.46
C GLY QE 127 -67.22 -9.55 95.81
N ASP QE 128 -66.04 -9.83 95.26
CA ASP QE 128 -65.33 -11.09 95.50
C ASP QE 128 -63.92 -10.80 95.97
N GLN QE 129 -63.44 -11.63 96.88
CA GLN QE 129 -62.09 -11.46 97.41
C GLN QE 129 -61.08 -11.62 96.29
N PRO QE 130 -60.07 -10.75 96.19
CA PRO QE 130 -59.03 -10.92 95.16
C PRO QE 130 -58.03 -11.98 95.58
N LYS QE 131 -57.93 -13.03 94.78
CA LYS QE 131 -57.04 -14.13 95.11
C LYS QE 131 -55.58 -13.65 95.09
N PRO QE 132 -54.78 -14.01 96.09
CA PRO QE 132 -53.38 -13.60 96.07
C PRO QE 132 -52.63 -14.25 94.93
N PRO QE 133 -51.57 -13.61 94.43
CA PRO QE 133 -50.80 -14.22 93.35
C PRO QE 133 -50.13 -15.52 93.80
N SER QE 134 -49.95 -16.43 92.85
CA SER QE 134 -49.35 -17.72 93.14
C SER QE 134 -47.85 -17.56 93.33
N PHE QE 135 -47.16 -18.69 93.52
CA PHE QE 135 -45.72 -18.71 93.76
C PHE QE 135 -45.01 -18.42 92.44
N THR RE 3 -74.71 27.48 94.01
CA THR RE 3 -75.01 28.05 92.70
C THR RE 3 -73.84 27.89 91.73
N PHE RE 4 -72.62 27.76 92.24
CA PHE RE 4 -71.48 27.55 91.35
C PHE RE 4 -71.62 26.25 90.57
N ILE RE 5 -72.11 25.20 91.23
CA ILE RE 5 -72.31 23.92 90.54
C ILE RE 5 -73.26 24.12 89.36
N GLU RE 6 -74.30 24.93 89.55
CA GLU RE 6 -75.21 25.25 88.45
C GLU RE 6 -74.45 25.95 87.32
N LEU RE 7 -73.54 26.86 87.68
CA LEU RE 7 -72.76 27.54 86.65
C LEU RE 7 -71.90 26.57 85.86
N VAL RE 8 -71.56 25.42 86.45
CA VAL RE 8 -70.79 24.41 85.75
C VAL RE 8 -71.66 23.25 85.29
N LYS RE 9 -72.84 23.07 85.87
CA LYS RE 9 -73.71 21.97 85.44
C LYS RE 9 -74.03 22.05 83.96
N ASN RE 10 -74.01 23.25 83.39
CA ASN RE 10 -74.25 23.41 81.96
C ASN RE 10 -73.00 23.18 81.12
N MET RE 11 -71.82 23.12 81.74
CA MET RE 11 -70.60 22.91 80.98
C MET RE 11 -70.59 21.52 80.35
N LYS RE 12 -69.95 21.43 79.19
CA LYS RE 12 -69.91 20.16 78.47
C LYS RE 12 -69.18 19.08 79.27
N GLY RE 13 -68.07 19.44 79.90
CA GLY RE 13 -67.24 18.47 80.59
C GLY RE 13 -67.62 18.29 82.05
N TYR RE 14 -68.71 18.91 82.47
CA TYR RE 14 -69.15 18.78 83.86
C TYR RE 14 -69.53 17.34 84.16
N LYS RE 15 -69.18 16.88 85.37
CA LYS RE 15 -69.43 15.52 85.80
C LYS RE 15 -69.90 15.51 87.24
N GLU RE 16 -70.67 14.48 87.59
CA GLU RE 16 -71.15 14.30 88.97
C GLU RE 16 -70.08 13.51 89.74
N LEU RE 17 -69.04 14.23 90.14
CA LEU RE 17 -67.95 13.61 90.89
C LEU RE 17 -68.39 13.16 92.27
N LEU RE 18 -69.50 13.69 92.78
CA LEU RE 18 -70.00 13.34 94.11
C LEU RE 18 -70.60 11.94 94.05
N LEU RE 19 -69.86 10.95 94.51
CA LEU RE 19 -70.32 9.57 94.46
C LEU RE 19 -71.39 9.34 95.53
N PRO RE 20 -72.15 8.25 95.41
CA PRO RE 20 -73.20 7.99 96.39
C PRO RE 20 -72.66 7.92 97.80
N MET RE 21 -73.45 8.42 98.76
CA MET RE 21 -73.03 8.42 100.15
C MET RE 21 -72.79 6.99 100.65
N GLU RE 22 -73.69 6.06 100.30
CA GLU RE 22 -73.51 4.68 100.73
C GLU RE 22 -72.24 4.08 100.16
N MET RE 23 -71.81 4.55 98.97
CA MET RE 23 -70.63 3.97 98.33
C MET RE 23 -69.37 4.19 99.16
N VAL RE 24 -69.21 5.39 99.70
CA VAL RE 24 -67.97 5.76 100.41
C VAL RE 24 -68.01 5.21 101.83
N PRO RE 25 -66.85 4.94 102.43
CA PRO RE 25 -66.84 4.46 103.82
C PRO RE 25 -66.91 5.60 104.83
N LEU RE 26 -66.76 5.29 106.11
CA LEU RE 26 -66.80 6.30 107.14
C LEU RE 26 -65.60 7.24 107.03
N PRO RE 27 -65.70 8.45 107.58
CA PRO RE 27 -64.61 9.43 107.41
C PRO RE 27 -63.27 8.92 107.91
N ALA RE 28 -63.26 8.17 109.02
CA ALA RE 28 -61.99 7.75 109.61
C ALA RE 28 -61.21 6.86 108.65
N VAL RE 29 -61.88 5.94 107.96
CA VAL RE 29 -61.18 5.03 107.08
C VAL RE 29 -60.58 5.76 105.89
N VAL RE 30 -61.29 6.77 105.39
CA VAL RE 30 -60.81 7.49 104.20
C VAL RE 30 -59.47 8.15 104.50
N LEU RE 31 -59.34 8.76 105.69
CA LEU RE 31 -58.09 9.41 106.06
C LEU RE 31 -56.91 8.44 105.96
N LYS RE 32 -57.14 7.16 106.22
CA LYS RE 32 -56.08 6.17 106.12
C LYS RE 32 -55.51 6.10 104.72
N HIS RE 33 -56.38 6.11 103.71
CA HIS RE 33 -55.92 5.99 102.33
C HIS RE 33 -55.21 7.27 101.87
N VAL RE 34 -55.55 8.41 102.47
CA VAL RE 34 -54.89 9.66 102.08
C VAL RE 34 -53.39 9.58 102.40
N LYS RE 35 -53.05 9.08 103.58
CA LYS RE 35 -51.65 8.89 103.93
C LYS RE 35 -50.99 7.88 103.00
N LEU RE 36 -51.69 6.78 102.71
CA LEU RE 36 -51.12 5.74 101.86
C LEU RE 36 -50.90 6.23 100.43
N ILE RE 37 -51.90 6.93 99.87
CA ILE RE 37 -51.78 7.38 98.49
C ILE RE 37 -50.74 8.49 98.39
N LEU RE 38 -50.75 9.45 99.33
CA LEU RE 38 -49.74 10.50 99.32
C LEU RE 38 -48.36 9.94 99.52
N THR RE 39 -48.21 9.00 100.47
CA THR RE 39 -46.91 8.40 100.72
C THR RE 39 -46.41 7.63 99.50
N SER RE 40 -47.28 6.84 98.89
CA SER RE 40 -46.87 6.05 97.73
C SER RE 40 -46.45 6.94 96.57
N GLN RE 41 -47.22 8.00 96.31
CA GLN RE 41 -46.92 8.88 95.19
C GLN RE 41 -45.62 9.64 95.44
N LYS RE 42 -44.85 9.84 94.38
CA LYS RE 42 -43.55 10.49 94.48
C LYS RE 42 -43.48 11.82 93.74
N GLU RE 43 -43.89 11.86 92.47
CA GLU RE 43 -43.82 13.09 91.72
C GLU RE 43 -44.72 14.15 92.34
N HIS RE 44 -44.22 15.39 92.41
CA HIS RE 44 -44.95 16.48 93.02
C HIS RE 44 -45.82 17.18 91.98
N GLN RE 45 -47.11 17.21 92.21
CA GLN RE 45 -48.08 17.93 91.40
C GLN RE 45 -49.01 18.72 92.31
N PRO RE 46 -49.65 19.77 91.79
CA PRO RE 46 -50.50 20.59 92.66
C PRO RE 46 -51.66 19.83 93.30
N TRP RE 47 -52.13 18.74 92.69
CA TRP RE 47 -53.29 18.05 93.23
C TRP RE 47 -53.00 17.47 94.61
N MET RE 48 -51.83 16.85 94.79
CA MET RE 48 -51.50 16.30 96.10
C MET RE 48 -51.35 17.40 97.14
N THR RE 49 -50.76 18.53 96.74
CA THR RE 49 -50.65 19.66 97.66
C THR RE 49 -52.04 20.15 98.09
N GLU RE 50 -52.96 20.27 97.14
CA GLU RE 50 -54.32 20.67 97.46
C GLU RE 50 -55.11 19.52 98.08
N MET RE 51 -54.78 18.29 97.72
CA MET RE 51 -55.50 17.14 98.28
C MET RE 51 -55.32 17.06 99.78
N ALA RE 52 -54.11 17.29 100.27
CA ALA RE 52 -53.86 17.27 101.71
C ALA RE 52 -54.67 18.35 102.42
N LEU RE 53 -54.70 19.55 101.85
CA LEU RE 53 -55.41 20.66 102.48
C LEU RE 53 -56.90 20.34 102.62
N LYS RE 54 -57.49 19.76 101.57
CA LYS RE 54 -58.91 19.45 101.62
C LYS RE 54 -59.22 18.44 102.71
N ALA RE 55 -58.35 17.44 102.88
CA ALA RE 55 -58.57 16.43 103.92
C ALA RE 55 -58.27 16.98 105.31
N ASP RE 56 -57.40 17.98 105.39
CA ASP RE 56 -57.01 18.51 106.70
C ASP RE 56 -58.22 19.10 107.43
N GLN RE 57 -59.10 19.78 106.70
CA GLN RE 57 -60.24 20.43 107.35
C GLN RE 57 -61.07 19.44 108.14
N CYS RE 58 -61.21 18.21 107.63
CA CYS RE 58 -61.99 17.21 108.34
C CYS RE 58 -61.42 16.93 109.73
N LEU RE 59 -60.10 16.97 109.88
CA LEU RE 59 -59.50 16.70 111.18
C LEU RE 59 -59.93 17.73 112.20
N ILE RE 60 -59.99 19.01 111.81
CA ILE RE 60 -60.36 20.06 112.75
C ILE RE 60 -61.78 19.84 113.25
N HIS RE 61 -62.69 19.47 112.34
CA HIS RE 61 -64.07 19.23 112.74
C HIS RE 61 -64.18 18.08 113.72
N LYS RE 62 -63.31 17.07 113.58
CA LYS RE 62 -63.31 15.95 114.52
C LYS RE 62 -63.10 16.45 115.95
N ALA RE 63 -62.07 17.27 116.16
CA ALA RE 63 -61.81 17.81 117.49
C ALA RE 63 -62.77 18.92 117.86
N THR RE 64 -63.22 19.71 116.89
CA THR RE 64 -64.16 20.80 117.18
C THR RE 64 -65.42 20.26 117.82
N LEU RE 65 -66.02 19.22 117.23
CA LEU RE 65 -67.21 18.62 117.82
C LEU RE 65 -66.86 17.77 119.02
N PRO RE 78 -79.30 22.85 115.12
CA PRO RE 78 -79.07 22.98 113.67
C PRO RE 78 -77.60 23.18 113.31
N LEU RE 79 -76.85 23.89 114.15
CA LEU RE 79 -75.44 24.14 113.84
C LEU RE 79 -74.64 22.85 113.90
N ILE RE 80 -74.79 22.08 114.98
CA ILE RE 80 -74.02 20.85 115.13
C ILE RE 80 -74.43 19.84 114.07
N GLU RE 81 -75.73 19.70 113.81
CA GLU RE 81 -76.20 18.72 112.85
C GLU RE 81 -75.65 19.02 111.45
N ALA RE 82 -75.61 20.29 111.07
CA ALA RE 82 -75.10 20.66 109.75
C ALA RE 82 -73.64 20.24 109.60
N MET RE 83 -72.84 20.43 110.64
CA MET RE 83 -71.43 20.07 110.56
C MET RE 83 -71.26 18.58 110.29
N GLN RE 84 -72.11 17.75 110.90
CA GLN RE 84 -72.03 16.31 110.66
C GLN RE 84 -72.22 15.99 109.18
N GLN RE 85 -73.19 16.64 108.55
CA GLN RE 85 -73.40 16.45 107.12
C GLN RE 85 -72.25 17.04 106.31
N ILE RE 86 -71.68 18.15 106.78
CA ILE RE 86 -70.58 18.78 106.05
C ILE RE 86 -69.39 17.84 105.97
N ILE RE 87 -69.07 17.16 107.08
CA ILE RE 87 -67.94 16.24 107.07
C ILE RE 87 -68.14 15.16 106.03
N LEU RE 88 -69.35 14.60 105.96
CA LEU RE 88 -69.63 13.57 104.96
C LEU RE 88 -69.54 14.14 103.56
N ALA RE 89 -69.83 15.43 103.38
CA ALA RE 89 -69.74 16.03 102.06
C ALA RE 89 -68.31 15.99 101.54
N MET RE 90 -67.34 16.28 102.40
CA MET RE 90 -65.94 16.26 101.97
C MET RE 90 -65.45 14.85 101.73
N THR RE 91 -65.98 13.88 102.47
CA THR RE 91 -65.55 12.49 102.28
C THR RE 91 -65.85 12.01 100.87
N ARG RE 92 -67.03 12.33 100.36
CA ARG RE 92 -67.38 11.93 99.00
C ARG RE 92 -66.42 12.56 98.00
N GLU RE 93 -66.09 13.84 98.20
CA GLU RE 93 -65.15 14.50 97.30
C GLU RE 93 -63.78 13.87 97.38
N LEU RE 94 -63.32 13.56 98.59
CA LEU RE 94 -61.99 12.96 98.75
C LEU RE 94 -61.91 11.59 98.09
N TRP RE 95 -62.93 10.77 98.28
CA TRP RE 95 -62.89 9.41 97.72
C TRP RE 95 -62.82 9.44 96.21
N GLY RE 96 -63.37 10.48 95.59
CA GLY RE 96 -63.31 10.57 94.14
C GLY RE 96 -61.88 10.68 93.63
N GLN RE 97 -61.09 11.55 94.24
CA GLN RE 97 -59.69 11.68 93.85
C GLN RE 97 -58.92 10.39 94.13
N ILE RE 98 -59.26 9.71 95.22
CA ILE RE 98 -58.59 8.44 95.53
C ILE RE 98 -58.83 7.43 94.42
N GLN RE 99 -60.09 7.25 94.03
CA GLN RE 99 -60.40 6.26 93.00
C GLN RE 99 -59.88 6.69 91.63
N ARG RE 100 -60.03 7.97 91.30
CA ARG RE 100 -59.56 8.45 90.01
C ARG RE 100 -58.05 8.30 89.88
N HIS RE 101 -57.31 8.61 90.96
CA HIS RE 101 -55.86 8.49 90.91
C HIS RE 101 -55.43 7.03 90.78
N HIS RE 102 -56.05 6.14 91.55
CA HIS RE 102 -55.66 4.73 91.51
C HIS RE 102 -55.98 4.11 90.16
N TYR RE 103 -57.22 4.26 89.69
CA TYR RE 103 -57.66 3.66 88.44
C TYR RE 103 -57.57 4.66 87.28
N GLY RE 104 -58.30 5.77 87.39
CA GLY RE 104 -58.34 6.74 86.32
C GLY RE 104 -59.62 7.54 86.37
N ILE RE 105 -59.58 8.72 85.74
CA ILE RE 105 -60.74 9.61 85.77
C ILE RE 105 -61.91 8.99 85.02
N VAL RE 106 -61.64 8.42 83.84
CA VAL RE 106 -62.73 7.87 83.03
C VAL RE 106 -63.33 6.64 83.69
N GLN RE 107 -62.49 5.78 84.28
CA GLN RE 107 -62.99 4.54 84.83
C GLN RE 107 -63.99 4.78 85.96
N VAL RE 108 -63.69 5.73 86.84
CA VAL RE 108 -64.62 6.04 87.93
C VAL RE 108 -65.94 6.54 87.36
N GLU RE 109 -65.87 7.48 86.42
CA GLU RE 109 -67.09 7.96 85.78
C GLU RE 109 -67.81 6.84 85.06
N HIS RE 110 -67.06 5.89 84.51
CA HIS RE 110 -67.65 4.77 83.78
C HIS RE 110 -68.24 3.73 84.72
N TYR RE 111 -67.59 3.49 85.87
CA TYR RE 111 -67.98 2.43 86.77
C TYR RE 111 -69.01 2.85 87.80
N VAL RE 112 -69.05 4.13 88.18
CA VAL RE 112 -69.95 4.57 89.23
C VAL RE 112 -71.40 4.31 88.85
N LYS RE 113 -71.76 4.61 87.59
CA LYS RE 113 -73.15 4.46 87.16
C LYS RE 113 -73.58 3.00 87.19
N GLN RE 114 -72.67 2.08 86.84
CA GLN RE 114 -73.03 0.68 86.74
C GLN RE 114 -73.57 0.15 88.06
N ILE RE 115 -72.87 0.44 89.16
CA ILE RE 115 -73.30 -0.07 90.45
C ILE RE 115 -74.62 0.55 90.88
N THR RE 116 -74.83 1.83 90.54
CA THR RE 116 -76.09 2.48 90.89
C THR RE 116 -77.27 1.79 90.21
N LEU RE 117 -77.10 1.41 88.95
CA LEU RE 117 -78.15 0.70 88.24
C LEU RE 117 -78.45 -0.64 88.91
N TRP RE 118 -77.41 -1.37 89.30
CA TRP RE 118 -77.63 -2.66 89.92
C TRP RE 118 -78.45 -2.54 91.20
N GLN RE 119 -78.41 -1.38 91.85
CA GLN RE 119 -79.22 -1.18 93.05
C GLN RE 119 -80.65 -0.77 92.70
N ASP RE 120 -80.80 0.23 91.84
CA ASP RE 120 -82.12 0.73 91.46
C ASP RE 120 -82.73 -0.24 90.45
N THR RE 121 -83.17 -1.38 90.97
CA THR RE 121 -83.79 -2.43 90.16
C THR RE 121 -84.63 -3.29 91.07
N PRO RE 122 -85.71 -3.91 90.56
CA PRO RE 122 -86.59 -4.69 91.46
C PRO RE 122 -85.93 -5.95 92.00
N GLN RE 123 -85.00 -5.77 92.93
CA GLN RE 123 -84.36 -6.86 93.68
C GLN RE 123 -84.10 -8.11 92.83
N ALA RE 124 -85.17 -8.80 92.41
CA ALA RE 124 -84.99 -10.10 91.79
C ALA RE 124 -84.09 -10.01 90.57
N PHE RE 125 -84.41 -9.11 89.64
CA PHE RE 125 -83.59 -8.93 88.44
C PHE RE 125 -82.56 -7.82 88.65
N ARG RE 126 -81.82 -7.89 89.76
CA ARG RE 126 -80.83 -6.85 90.04
C ARG RE 126 -79.67 -6.89 89.05
N GLY RE 127 -79.24 -8.10 88.67
CA GLY RE 127 -78.14 -8.24 87.74
C GLY RE 127 -77.26 -9.42 88.08
N ASP RE 128 -75.94 -9.19 88.08
CA ASP RE 128 -74.98 -10.24 88.41
C ASP RE 128 -73.88 -9.73 89.31
N GLN RE 129 -74.19 -8.77 90.18
CA GLN RE 129 -73.19 -8.23 91.09
C GLN RE 129 -72.01 -7.70 90.30
N PRO RE 130 -72.15 -6.57 89.60
CA PRO RE 130 -71.09 -6.12 88.69
C PRO RE 130 -69.76 -6.00 89.41
N LYS RE 131 -68.71 -6.50 88.75
CA LYS RE 131 -67.39 -6.52 89.35
C LYS RE 131 -66.81 -5.11 89.41
N PRO RE 132 -66.02 -4.80 90.44
CA PRO RE 132 -65.35 -3.50 90.48
C PRO RE 132 -64.26 -3.42 89.43
N PRO RE 133 -63.83 -2.21 89.06
CA PRO RE 133 -62.84 -2.09 87.97
C PRO RE 133 -61.55 -2.79 88.31
N THR SE 3 -66.85 -107.29 19.24
CA THR SE 3 -65.49 -107.58 18.82
C THR SE 3 -64.74 -106.29 18.43
N PHE SE 4 -65.42 -105.38 17.72
CA PHE SE 4 -64.74 -104.17 17.25
C PHE SE 4 -64.25 -103.32 18.42
N ILE SE 5 -65.09 -103.16 19.45
CA ILE SE 5 -64.71 -102.31 20.57
C ILE SE 5 -63.45 -102.85 21.23
N GLU SE 6 -63.31 -104.17 21.30
CA GLU SE 6 -62.10 -104.76 21.85
C GLU SE 6 -60.89 -104.33 21.03
N LEU SE 7 -61.03 -104.29 19.70
CA LEU SE 7 -59.92 -103.88 18.86
C LEU SE 7 -59.54 -102.42 19.11
N VAL SE 8 -60.54 -101.55 19.30
CA VAL SE 8 -60.24 -100.13 19.51
C VAL SE 8 -59.57 -99.92 20.85
N LYS SE 9 -60.01 -100.66 21.88
CA LYS SE 9 -59.39 -100.52 23.19
C LYS SE 9 -57.90 -100.82 23.13
N ASN SE 10 -57.47 -101.63 22.16
CA ASN SE 10 -56.06 -101.92 21.94
C ASN SE 10 -55.43 -100.82 21.07
N MET SE 11 -55.52 -99.59 21.57
CA MET SE 11 -55.01 -98.43 20.87
C MET SE 11 -54.42 -97.44 21.86
N LYS SE 12 -53.58 -96.55 21.35
CA LYS SE 12 -52.84 -95.62 22.17
C LYS SE 12 -53.59 -94.30 22.28
N GLY SE 13 -53.59 -93.73 23.50
CA GLY SE 13 -54.36 -92.54 23.78
C GLY SE 13 -55.81 -92.78 24.05
N TYR SE 14 -56.21 -94.03 24.31
CA TYR SE 14 -57.61 -94.37 24.55
C TYR SE 14 -57.99 -94.00 25.96
N LYS SE 15 -58.90 -93.03 26.09
CA LYS SE 15 -59.43 -92.60 27.38
C LYS SE 15 -60.89 -93.02 27.46
N GLU SE 16 -61.21 -93.83 28.46
CA GLU SE 16 -62.58 -94.33 28.60
C GLU SE 16 -63.51 -93.19 29.01
N LEU SE 17 -64.76 -93.26 28.53
CA LEU SE 17 -65.73 -92.21 28.79
C LEU SE 17 -67.11 -92.76 29.13
N LEU SE 18 -67.24 -94.06 29.40
CA LEU SE 18 -68.52 -94.68 29.70
C LEU SE 18 -68.52 -95.19 31.14
N LEU SE 19 -69.58 -94.85 31.87
CA LEU SE 19 -69.71 -95.29 33.24
C LEU SE 19 -70.29 -96.70 33.30
N PRO SE 20 -70.18 -97.36 34.46
CA PRO SE 20 -70.77 -98.68 34.60
C PRO SE 20 -72.28 -98.64 34.40
N MET SE 21 -72.81 -99.74 33.87
CA MET SE 21 -74.25 -99.82 33.61
C MET SE 21 -75.06 -99.61 34.88
N GLU SE 22 -74.49 -99.92 36.05
CA GLU SE 22 -75.19 -99.81 37.31
C GLU SE 22 -75.29 -98.37 37.81
N MET SE 23 -74.57 -97.43 37.20
CA MET SE 23 -74.57 -96.05 37.66
C MET SE 23 -75.29 -95.09 36.72
N VAL SE 24 -75.44 -95.44 35.45
CA VAL SE 24 -76.11 -94.55 34.50
C VAL SE 24 -77.58 -94.42 34.88
N PRO SE 25 -78.22 -93.29 34.58
CA PRO SE 25 -79.63 -93.13 34.94
C PRO SE 25 -80.50 -94.11 34.17
N LEU SE 26 -81.77 -94.15 34.55
CA LEU SE 26 -82.75 -94.92 33.81
C LEU SE 26 -82.97 -94.30 32.43
N PRO SE 27 -83.36 -95.09 31.43
CA PRO SE 27 -83.49 -94.53 30.08
C PRO SE 27 -84.47 -93.36 30.02
N ALA SE 28 -85.53 -93.39 30.82
CA ALA SE 28 -86.49 -92.30 30.80
C ALA SE 28 -85.83 -90.99 31.25
N VAL SE 29 -84.98 -91.05 32.27
CA VAL SE 29 -84.35 -89.85 32.78
C VAL SE 29 -83.41 -89.25 31.74
N VAL SE 30 -82.70 -90.10 30.99
CA VAL SE 30 -81.71 -89.58 30.06
C VAL SE 30 -82.37 -88.70 29.01
N LEU SE 31 -83.52 -89.14 28.49
CA LEU SE 31 -84.21 -88.38 27.45
C LEU SE 31 -84.51 -86.97 27.91
N LYS SE 32 -84.72 -86.77 29.22
CA LYS SE 32 -85.05 -85.44 29.72
C LYS SE 32 -83.92 -84.46 29.46
N HIS SE 33 -82.67 -84.89 29.70
CA HIS SE 33 -81.54 -84.01 29.43
C HIS SE 33 -81.35 -83.76 27.94
N VAL SE 34 -81.76 -84.71 27.10
CA VAL SE 34 -81.59 -84.55 25.67
C VAL SE 34 -82.38 -83.34 25.18
N LYS SE 35 -83.62 -83.20 25.64
CA LYS SE 35 -84.45 -82.09 25.21
C LYS SE 35 -83.85 -80.76 25.64
N LEU SE 36 -83.37 -80.68 26.88
CA LEU SE 36 -82.76 -79.45 27.36
C LEU SE 36 -81.49 -79.12 26.58
N ILE SE 37 -80.60 -80.10 26.45
CA ILE SE 37 -79.32 -79.85 25.80
C ILE SE 37 -79.54 -79.52 24.33
N LEU SE 38 -80.39 -80.29 23.65
CA LEU SE 38 -80.69 -79.99 22.25
C LEU SE 38 -81.36 -78.63 22.11
N THR SE 39 -82.43 -78.40 22.86
CA THR SE 39 -83.22 -77.19 22.68
C THR SE 39 -82.48 -75.96 23.22
N SER SE 40 -81.88 -76.09 24.40
CA SER SE 40 -81.16 -74.98 25.02
C SER SE 40 -79.73 -74.93 24.46
N GLN SE 41 -79.66 -74.70 23.15
CA GLN SE 41 -78.39 -74.60 22.46
C GLN SE 41 -78.50 -73.60 21.32
N LYS SE 42 -77.38 -72.98 21.01
CA LYS SE 42 -77.29 -71.98 19.95
C LYS SE 42 -76.13 -72.35 19.04
N GLU SE 43 -76.25 -71.99 17.76
CA GLU SE 43 -75.24 -72.28 16.75
C GLU SE 43 -75.01 -73.79 16.67
N HIS SE 44 -76.07 -74.48 16.22
CA HIS SE 44 -76.07 -75.94 16.13
C HIS SE 44 -74.74 -76.46 15.61
N GLN SE 45 -74.25 -77.50 16.26
CA GLN SE 45 -72.96 -78.12 15.97
C GLN SE 45 -73.16 -79.55 15.52
N PRO SE 46 -72.19 -80.13 14.81
CA PRO SE 46 -72.39 -81.48 14.26
C PRO SE 46 -72.73 -82.52 15.31
N TRP SE 47 -72.12 -82.45 16.49
CA TRP SE 47 -72.36 -83.47 17.51
C TRP SE 47 -73.81 -83.46 18.00
N MET SE 48 -74.53 -82.35 17.84
CA MET SE 48 -75.93 -82.32 18.24
C MET SE 48 -76.75 -83.30 17.42
N THR SE 49 -76.48 -83.39 16.12
CA THR SE 49 -77.22 -84.32 15.27
C THR SE 49 -77.00 -85.76 15.70
N GLU SE 50 -75.76 -86.10 16.07
CA GLU SE 50 -75.47 -87.47 16.49
C GLU SE 50 -76.27 -87.84 17.72
N MET SE 51 -76.39 -86.92 18.68
CA MET SE 51 -77.12 -87.22 19.90
C MET SE 51 -78.58 -87.55 19.61
N ALA SE 52 -79.22 -86.77 18.73
CA ALA SE 52 -80.63 -86.99 18.44
C ALA SE 52 -80.86 -88.33 17.77
N LEU SE 53 -79.99 -88.69 16.83
CA LEU SE 53 -80.17 -89.93 16.08
C LEU SE 53 -80.16 -91.14 17.01
N LYS SE 54 -79.23 -91.18 17.96
CA LYS SE 54 -79.17 -92.29 18.89
C LYS SE 54 -80.37 -92.30 19.82
N ALA SE 55 -80.86 -91.11 20.19
CA ALA SE 55 -81.96 -91.04 21.14
C ALA SE 55 -83.20 -91.75 20.61
N ASP SE 56 -83.55 -91.51 19.34
CA ASP SE 56 -84.75 -92.12 18.79
C ASP SE 56 -84.64 -93.64 18.76
N GLN SE 57 -83.42 -94.17 18.67
CA GLN SE 57 -83.25 -95.62 18.64
C GLN SE 57 -83.76 -96.26 19.93
N CYS SE 58 -83.46 -95.66 21.07
CA CYS SE 58 -83.94 -96.20 22.34
C CYS SE 58 -85.46 -96.20 22.39
N LEU SE 59 -86.08 -95.13 21.88
CA LEU SE 59 -87.54 -95.08 21.84
C LEU SE 59 -88.09 -96.18 20.94
N ILE SE 60 -87.44 -96.43 19.80
CA ILE SE 60 -87.90 -97.47 18.89
C ILE SE 60 -87.87 -98.82 19.58
N HIS SE 61 -86.73 -99.14 20.22
CA HIS SE 61 -86.65 -100.39 20.98
C HIS SE 61 -87.62 -100.38 22.15
N LYS SE 62 -87.74 -99.25 22.83
CA LYS SE 62 -88.67 -99.15 23.95
C LYS SE 62 -90.10 -99.36 23.49
N ALA SE 63 -90.47 -98.79 22.35
CA ALA SE 63 -91.81 -98.97 21.80
C ALA SE 63 -92.02 -100.37 21.25
N THR SE 64 -90.97 -101.18 21.13
CA THR SE 64 -91.09 -102.52 20.58
C THR SE 64 -91.49 -103.55 21.63
N LEU SE 65 -91.17 -103.32 22.90
CA LEU SE 65 -91.48 -104.30 23.94
C LEU SE 65 -92.98 -104.50 24.09
N ASP SE 66 -93.77 -103.43 23.96
CA ASP SE 66 -95.22 -103.57 24.11
C ASP SE 66 -95.79 -104.56 23.11
N PRO SE 78 -85.81 -115.72 24.38
CA PRO SE 78 -84.62 -114.89 24.14
C PRO SE 78 -84.87 -113.70 23.23
N LEU SE 79 -85.48 -113.93 22.07
CA LEU SE 79 -85.62 -112.86 21.08
C LEU SE 79 -86.42 -111.69 21.64
N ILE SE 80 -87.53 -111.97 22.34
CA ILE SE 80 -88.35 -110.90 22.90
C ILE SE 80 -87.55 -110.13 23.94
N GLU SE 81 -86.85 -110.85 24.82
CA GLU SE 81 -86.08 -110.21 25.88
C GLU SE 81 -84.70 -109.76 25.42
N ALA SE 82 -84.24 -110.22 24.26
CA ALA SE 82 -82.89 -109.86 23.81
C ALA SE 82 -82.79 -108.36 23.55
N MET SE 83 -83.80 -107.76 22.93
CA MET SE 83 -83.74 -106.34 22.61
C MET SE 83 -83.61 -105.49 23.86
N GLN SE 84 -84.14 -105.96 24.99
CA GLN SE 84 -84.06 -105.19 26.23
C GLN SE 84 -82.61 -104.95 26.64
N GLN SE 85 -81.71 -105.87 26.29
CA GLN SE 85 -80.30 -105.71 26.66
C GLN SE 85 -79.71 -104.49 25.98
N ILE SE 86 -80.05 -104.27 24.70
CA ILE SE 86 -79.47 -103.15 23.97
C ILE SE 86 -79.97 -101.83 24.54
N ILE SE 87 -81.22 -101.79 25.01
CA ILE SE 87 -81.79 -100.55 25.53
C ILE SE 87 -80.93 -100.01 26.66
N LEU SE 88 -80.58 -100.87 27.61
CA LEU SE 88 -79.72 -100.45 28.71
C LEU SE 88 -78.35 -100.02 28.19
N ALA SE 89 -77.79 -100.77 27.24
CA ALA SE 89 -76.50 -100.41 26.69
C ALA SE 89 -76.55 -99.08 25.97
N MET SE 90 -77.62 -98.82 25.22
CA MET SE 90 -77.70 -97.59 24.44
C MET SE 90 -77.59 -96.37 25.34
N THR SE 91 -78.17 -96.45 26.55
CA THR SE 91 -78.08 -95.33 27.49
C THR SE 91 -76.64 -95.05 27.87
N ARG SE 92 -75.85 -96.11 28.10
CA ARG SE 92 -74.49 -95.94 28.56
C ARG SE 92 -73.68 -95.10 27.56
N GLU SE 93 -73.80 -95.42 26.27
CA GLU SE 93 -73.14 -94.61 25.26
C GLU SE 93 -73.79 -93.23 25.16
N LEU SE 94 -75.11 -93.18 25.27
CA LEU SE 94 -75.82 -91.91 25.16
C LEU SE 94 -75.47 -90.98 26.31
N TRP SE 95 -75.40 -91.51 27.53
CA TRP SE 95 -75.10 -90.68 28.69
C TRP SE 95 -73.68 -90.12 28.61
N GLY SE 96 -72.79 -90.78 27.88
CA GLY SE 96 -71.43 -90.29 27.76
C GLY SE 96 -71.36 -88.92 27.10
N GLN SE 97 -72.18 -88.71 26.07
CA GLN SE 97 -72.18 -87.43 25.39
C GLN SE 97 -72.80 -86.34 26.25
N ILE SE 98 -73.75 -86.69 27.12
CA ILE SE 98 -74.37 -85.71 27.98
C ILE SE 98 -73.33 -85.07 28.89
N GLN SE 99 -72.49 -85.89 29.51
CA GLN SE 99 -71.48 -85.36 30.42
C GLN SE 99 -70.44 -84.53 29.68
N ARG SE 100 -70.13 -84.89 28.43
CA ARG SE 100 -69.20 -84.10 27.66
C ARG SE 100 -69.72 -82.68 27.46
N HIS SE 101 -71.00 -82.53 27.15
CA HIS SE 101 -71.59 -81.21 26.98
C HIS SE 101 -71.62 -80.45 28.30
N HIS SE 102 -72.06 -81.11 29.37
CA HIS SE 102 -72.17 -80.44 30.66
C HIS SE 102 -70.78 -80.18 31.26
N TYR SE 103 -70.02 -81.24 31.52
CA TYR SE 103 -68.72 -81.09 32.16
C TYR SE 103 -67.63 -80.72 31.16
N GLY SE 104 -67.40 -81.60 30.19
CA GLY SE 104 -66.33 -81.43 29.23
C GLY SE 104 -65.63 -82.76 29.04
N ILE SE 105 -65.07 -82.97 27.85
CA ILE SE 105 -64.45 -84.25 27.54
C ILE SE 105 -63.28 -84.53 28.46
N VAL SE 106 -62.42 -83.51 28.68
CA VAL SE 106 -61.21 -83.72 29.48
C VAL SE 106 -61.58 -84.09 30.91
N GLN SE 107 -62.53 -83.36 31.50
CA GLN SE 107 -62.90 -83.61 32.89
C GLN SE 107 -63.52 -84.99 33.06
N VAL SE 108 -64.29 -85.44 32.07
CA VAL SE 108 -64.96 -86.74 32.19
C VAL SE 108 -63.94 -87.86 32.33
N GLU SE 109 -62.88 -87.81 31.53
CA GLU SE 109 -61.87 -88.86 31.59
C GLU SE 109 -61.37 -89.06 33.01
N HIS SE 110 -61.03 -87.96 33.69
CA HIS SE 110 -60.57 -88.06 35.07
C HIS SE 110 -61.66 -88.64 35.97
N TYR SE 111 -62.90 -88.19 35.79
CA TYR SE 111 -63.98 -88.63 36.66
C TYR SE 111 -64.21 -90.13 36.55
N VAL SE 112 -64.18 -90.68 35.34
CA VAL SE 112 -64.46 -92.09 35.16
C VAL SE 112 -63.41 -92.93 35.88
N LYS SE 113 -62.13 -92.60 35.68
CA LYS SE 113 -61.07 -93.37 36.32
C LYS SE 113 -61.17 -93.27 37.84
N GLN SE 114 -61.47 -92.08 38.35
CA GLN SE 114 -61.68 -91.94 39.79
C GLN SE 114 -62.84 -92.82 40.26
N ILE SE 115 -63.93 -92.85 39.48
CA ILE SE 115 -65.04 -93.74 39.83
C ILE SE 115 -64.59 -95.19 39.72
N THR SE 116 -63.85 -95.53 38.68
CA THR SE 116 -63.42 -96.92 38.50
C THR SE 116 -62.57 -97.38 39.67
N LEU SE 117 -61.55 -96.60 40.03
CA LEU SE 117 -60.73 -96.95 41.18
C LEU SE 117 -61.57 -96.98 42.46
N TRP SE 118 -62.47 -96.00 42.61
CA TRP SE 118 -63.35 -96.00 43.78
C TRP SE 118 -64.20 -97.25 43.82
N GLN SE 119 -64.75 -97.66 42.67
CA GLN SE 119 -65.53 -98.89 42.62
C GLN SE 119 -64.65 -100.11 42.80
N ASP SE 120 -63.42 -100.07 42.29
CA ASP SE 120 -62.53 -101.22 42.39
C ASP SE 120 -62.16 -101.51 43.84
N THR SE 121 -61.87 -100.48 44.62
CA THR SE 121 -61.47 -100.68 46.00
C THR SE 121 -62.61 -101.33 46.78
N PRO SE 122 -62.31 -102.26 47.69
CA PRO SE 122 -63.39 -102.90 48.46
C PRO SE 122 -64.15 -101.89 49.31
N GLN SE 123 -65.44 -102.16 49.48
CA GLN SE 123 -66.31 -101.23 50.20
C GLN SE 123 -65.88 -101.01 51.63
N ALA SE 124 -65.10 -101.94 52.22
CA ALA SE 124 -64.68 -101.79 53.60
C ALA SE 124 -63.85 -100.52 53.79
N PHE SE 125 -62.93 -100.25 52.86
CA PHE SE 125 -62.07 -99.07 52.91
C PHE SE 125 -62.16 -98.28 51.61
N ARG SE 126 -63.33 -98.33 50.95
CA ARG SE 126 -63.47 -97.67 49.67
C ARG SE 126 -63.33 -96.16 49.78
N GLY SE 127 -63.92 -95.57 50.81
CA GLY SE 127 -63.87 -94.13 51.00
C GLY SE 127 -65.05 -93.42 50.39
N ASP SE 128 -65.05 -92.10 50.57
CA ASP SE 128 -66.15 -91.28 50.06
C ASP SE 128 -66.15 -91.28 48.54
N GLN SE 129 -67.34 -91.37 47.96
CA GLN SE 129 -67.46 -91.35 46.51
C GLN SE 129 -67.06 -89.98 45.97
N PRO SE 130 -66.21 -89.92 44.94
CA PRO SE 130 -65.82 -88.61 44.41
C PRO SE 130 -66.99 -87.89 43.75
N LYS SE 131 -66.92 -86.57 43.78
CA LYS SE 131 -67.97 -85.75 43.22
C LYS SE 131 -67.69 -85.44 41.75
N PRO SE 132 -68.71 -85.11 40.97
CA PRO SE 132 -68.50 -84.79 39.56
C PRO SE 132 -67.58 -83.60 39.38
N PRO SE 133 -66.97 -83.44 38.21
CA PRO SE 133 -66.09 -82.29 37.99
C PRO SE 133 -66.84 -80.97 37.89
N SER SE 134 -66.12 -79.89 37.63
CA SER SE 134 -66.74 -78.59 37.46
C SER SE 134 -67.31 -78.44 36.05
N PHE SE 135 -68.38 -77.67 35.95
CA PHE SE 135 -69.04 -77.46 34.67
C PHE SE 135 -68.14 -76.68 33.72
N THR TE 3 -89.32 -87.64 17.11
CA THR TE 3 -89.50 -86.23 17.42
C THR TE 3 -88.20 -85.49 17.69
N PHE TE 4 -87.24 -86.14 18.36
CA PHE TE 4 -85.99 -85.46 18.69
C PHE TE 4 -85.25 -85.03 17.43
N ILE TE 5 -85.20 -85.91 16.42
CA ILE TE 5 -84.51 -85.56 15.18
C ILE TE 5 -85.20 -84.38 14.50
N GLU TE 6 -86.53 -84.30 14.62
CA GLU TE 6 -87.26 -83.19 14.04
C GLU TE 6 -86.83 -81.87 14.68
N LEU TE 7 -86.62 -81.88 16.00
CA LEU TE 7 -86.18 -80.67 16.69
C LEU TE 7 -84.84 -80.19 16.15
N VAL TE 8 -83.92 -81.11 15.90
CA VAL TE 8 -82.63 -80.73 15.32
C VAL TE 8 -82.83 -80.11 13.95
N LYS TE 9 -83.69 -80.72 13.13
CA LYS TE 9 -83.95 -80.20 11.79
C LYS TE 9 -84.58 -78.80 11.84
N ASN TE 10 -85.10 -78.40 12.99
CA ASN TE 10 -85.70 -77.08 13.16
C ASN TE 10 -84.68 -76.04 13.63
N MET TE 11 -83.42 -76.42 13.77
CA MET TE 11 -82.41 -75.52 14.31
C MET TE 11 -81.90 -74.57 13.22
N LYS TE 12 -80.91 -73.76 13.59
CA LYS TE 12 -80.27 -72.83 12.68
C LYS TE 12 -78.86 -73.32 12.40
N GLY TE 13 -78.48 -73.36 11.12
CA GLY TE 13 -77.20 -73.86 10.70
C GLY TE 13 -77.12 -75.36 10.52
N TYR TE 14 -78.20 -76.09 10.81
CA TYR TE 14 -78.19 -77.53 10.62
C TYR TE 14 -78.05 -77.87 9.14
N LYS TE 15 -77.28 -78.91 8.86
CA LYS TE 15 -77.01 -79.36 7.50
C LYS TE 15 -77.07 -80.87 7.44
N GLU TE 16 -77.68 -81.40 6.38
CA GLU TE 16 -77.80 -82.83 6.22
C GLU TE 16 -76.45 -83.46 5.97
N LEU TE 17 -76.25 -84.66 6.53
CA LEU TE 17 -75.04 -85.43 6.30
C LEU TE 17 -75.31 -86.88 5.92
N LEU TE 18 -76.54 -87.37 6.08
CA LEU TE 18 -76.87 -88.73 5.72
C LEU TE 18 -77.27 -88.80 4.25
N LEU TE 19 -77.70 -89.98 3.82
CA LEU TE 19 -78.04 -90.24 2.43
C LEU TE 19 -79.34 -91.03 2.38
N PRO TE 20 -80.01 -91.03 1.23
CA PRO TE 20 -81.25 -91.80 1.11
C PRO TE 20 -81.02 -93.27 1.40
N MET TE 21 -82.05 -93.91 1.99
CA MET TE 21 -81.93 -95.31 2.35
C MET TE 21 -81.51 -96.17 1.17
N GLU TE 22 -81.99 -95.81 -0.03
CA GLU TE 22 -81.63 -96.59 -1.22
C GLU TE 22 -80.14 -96.50 -1.51
N MET TE 23 -79.56 -95.30 -1.37
CA MET TE 23 -78.13 -95.09 -1.63
C MET TE 23 -77.31 -95.44 -0.39
N VAL TE 24 -77.51 -96.66 0.10
CA VAL TE 24 -76.78 -97.16 1.25
C VAL TE 24 -76.30 -98.58 0.94
N PRO TE 25 -75.01 -98.89 1.09
CA PRO TE 25 -74.54 -100.24 0.82
C PRO TE 25 -75.28 -101.28 1.67
N LEU TE 26 -75.08 -102.54 1.29
CA LEU TE 26 -75.68 -103.64 2.02
C LEU TE 26 -74.99 -103.83 3.37
N PRO TE 27 -75.66 -104.49 4.31
CA PRO TE 27 -75.02 -104.72 5.61
C PRO TE 27 -73.84 -105.67 5.52
N ALA TE 28 -73.19 -105.94 6.65
CA ALA TE 28 -72.05 -106.85 6.69
C ALA TE 28 -70.88 -106.30 5.88
N VAL TE 29 -71.06 -106.21 4.56
CA VAL TE 29 -69.97 -105.73 3.71
C VAL TE 29 -69.63 -104.28 4.05
N VAL TE 30 -70.65 -103.47 4.35
CA VAL TE 30 -70.40 -102.09 4.71
C VAL TE 30 -69.54 -101.99 5.97
N LEU TE 31 -69.65 -102.99 6.85
CA LEU TE 31 -68.85 -102.99 8.07
C LEU TE 31 -67.35 -103.11 7.78
N LYS TE 32 -66.99 -103.53 6.57
CA LYS TE 32 -65.57 -103.73 6.26
C LYS TE 32 -64.81 -102.40 6.32
N HIS TE 33 -65.42 -101.33 5.84
CA HIS TE 33 -64.78 -100.02 5.92
C HIS TE 33 -64.44 -99.65 7.36
N VAL TE 34 -65.16 -100.21 8.33
CA VAL TE 34 -64.87 -99.94 9.73
C VAL TE 34 -63.45 -100.40 10.06
N LYS TE 35 -63.11 -101.62 9.65
CA LYS TE 35 -61.78 -102.15 9.94
C LYS TE 35 -60.70 -101.33 9.25
N LEU TE 36 -60.95 -100.90 8.01
CA LEU TE 36 -59.95 -100.17 7.26
C LEU TE 36 -59.69 -98.78 7.82
N ILE TE 37 -60.54 -98.31 8.74
CA ILE TE 37 -60.40 -96.97 9.29
C ILE TE 37 -59.99 -97.07 10.76
N LEU TE 38 -60.35 -98.18 11.41
CA LEU TE 38 -59.94 -98.42 12.79
C LEU TE 38 -58.57 -99.08 12.86
N THR TE 39 -58.41 -100.22 12.18
CA THR TE 39 -57.14 -100.94 12.21
C THR TE 39 -56.02 -100.08 11.63
N SER TE 40 -56.28 -99.40 10.52
CA SER TE 40 -55.29 -98.54 9.88
C SER TE 40 -55.38 -97.13 10.45
N GLN TE 41 -55.21 -97.04 11.77
CA GLN TE 41 -55.33 -95.77 12.47
C GLN TE 41 -54.53 -95.83 13.76
N LYS TE 42 -54.27 -94.65 14.31
CA LYS TE 42 -53.54 -94.50 15.56
C LYS TE 42 -53.94 -93.17 16.18
N GLU TE 43 -53.53 -92.95 17.43
CA GLU TE 43 -53.89 -91.76 18.17
C GLU TE 43 -55.41 -91.66 18.33
N HIS TE 44 -55.93 -92.64 19.05
CA HIS TE 44 -57.36 -92.77 19.32
C HIS TE 44 -58.00 -91.42 19.60
N GLN TE 45 -59.01 -91.07 18.80
CA GLN TE 45 -59.74 -89.83 18.93
C GLN TE 45 -61.16 -90.09 19.40
N PRO TE 46 -61.82 -89.09 19.98
CA PRO TE 46 -63.16 -89.33 20.54
C PRO TE 46 -64.15 -89.89 19.53
N TRP TE 47 -64.10 -89.41 18.28
CA TRP TE 47 -65.08 -89.85 17.29
C TRP TE 47 -64.87 -91.31 16.92
N MET TE 48 -63.65 -91.82 17.07
CA MET TE 48 -63.40 -93.22 16.74
C MET TE 48 -64.22 -94.15 17.62
N THR TE 49 -64.32 -93.83 18.91
CA THR TE 49 -65.11 -94.66 19.81
C THR TE 49 -66.59 -94.64 19.41
N GLU TE 50 -67.10 -93.48 18.99
CA GLU TE 50 -68.48 -93.39 18.57
C GLU TE 50 -68.77 -94.35 17.42
N MET TE 51 -67.87 -94.39 16.43
CA MET TE 51 -68.05 -95.31 15.31
C MET TE 51 -67.99 -96.75 15.78
N ALA TE 52 -67.06 -97.07 16.68
CA ALA TE 52 -66.91 -98.44 17.14
C ALA TE 52 -68.16 -98.90 17.90
N LEU TE 53 -68.70 -98.04 18.75
CA LEU TE 53 -69.87 -98.41 19.55
C LEU TE 53 -71.16 -98.43 18.73
N LYS TE 54 -71.14 -97.93 17.50
CA LYS TE 54 -72.29 -97.97 16.62
C LYS TE 54 -72.24 -99.14 15.64
N ALA TE 55 -71.09 -99.39 15.04
CA ALA TE 55 -70.97 -100.49 14.09
C ALA TE 55 -71.20 -101.83 14.77
N ASP TE 56 -70.66 -102.02 15.97
CA ASP TE 56 -70.81 -103.28 16.68
C ASP TE 56 -72.26 -103.59 16.99
N GLN TE 57 -73.13 -102.57 17.02
CA GLN TE 57 -74.54 -102.82 17.31
C GLN TE 57 -75.19 -103.66 16.24
N CYS TE 58 -74.82 -103.43 14.97
CA CYS TE 58 -75.41 -104.21 13.88
C CYS TE 58 -75.16 -105.69 14.07
N LEU TE 59 -73.96 -106.06 14.50
CA LEU TE 59 -73.66 -107.47 14.77
C LEU TE 59 -74.56 -108.01 15.87
N ILE TE 60 -74.79 -107.21 16.92
CA ILE TE 60 -75.66 -107.65 18.00
C ILE TE 60 -77.06 -107.90 17.48
N HIS TE 61 -77.61 -106.97 16.71
CA HIS TE 61 -78.91 -107.18 16.09
C HIS TE 61 -78.84 -108.33 15.09
N LYS TE 62 -77.76 -108.39 14.30
CA LYS TE 62 -77.60 -109.47 13.34
C LYS TE 62 -77.48 -110.81 14.04
N ALA TE 63 -76.80 -110.85 15.19
CA ALA TE 63 -76.63 -112.09 15.92
C ALA TE 63 -77.95 -112.70 16.34
N THR TE 64 -79.00 -111.88 16.51
CA THR TE 64 -80.30 -112.40 16.91
C THR TE 64 -80.95 -113.24 15.82
N LEU TE 65 -80.48 -113.11 14.57
CA LEU TE 65 -81.06 -113.90 13.49
C LEU TE 65 -80.94 -115.38 13.75
N ASP TE 66 -79.88 -115.81 14.45
CA ASP TE 66 -79.75 -117.22 14.80
C ASP TE 66 -80.90 -117.67 15.68
N PRO TE 78 -93.90 -108.90 14.29
CA PRO TE 78 -93.43 -107.51 14.35
C PRO TE 78 -92.08 -107.37 15.04
N LEU TE 79 -91.81 -108.19 16.05
CA LEU TE 79 -90.52 -108.12 16.73
C LEU TE 79 -89.38 -108.48 15.79
N ILE TE 80 -89.57 -109.53 15.00
CA ILE TE 80 -88.52 -109.93 14.05
C ILE TE 80 -88.40 -108.92 12.93
N GLU TE 81 -89.54 -108.45 12.40
CA GLU TE 81 -89.51 -107.48 11.32
C GLU TE 81 -88.90 -106.16 11.78
N ALA TE 82 -89.25 -105.72 12.99
CA ALA TE 82 -88.81 -104.41 13.46
C ALA TE 82 -87.28 -104.33 13.53
N MET TE 83 -86.64 -105.39 14.02
CA MET TE 83 -85.18 -105.36 14.16
C MET TE 83 -84.51 -105.18 12.80
N GLN TE 84 -85.02 -105.86 11.77
CA GLN TE 84 -84.41 -105.76 10.45
C GLN TE 84 -84.48 -104.32 9.93
N GLN TE 85 -85.60 -103.63 10.19
CA GLN TE 85 -85.72 -102.25 9.74
C GLN TE 85 -84.69 -101.35 10.41
N ILE TE 86 -84.43 -101.58 11.70
CA ILE TE 86 -83.51 -100.72 12.44
C ILE TE 86 -82.10 -100.79 11.85
N ILE TE 87 -81.71 -101.97 11.37
CA ILE TE 87 -80.35 -102.13 10.84
C ILE TE 87 -80.10 -101.14 9.71
N LEU TE 88 -81.10 -100.93 8.85
CA LEU TE 88 -80.94 -99.98 7.75
C LEU TE 88 -80.68 -98.58 8.28
N ALA TE 89 -81.41 -98.18 9.32
CA ALA TE 89 -81.23 -96.84 9.86
C ALA TE 89 -79.83 -96.65 10.42
N MET TE 90 -79.34 -97.64 11.18
CA MET TE 90 -77.99 -97.54 11.72
C MET TE 90 -76.95 -97.57 10.61
N THR TE 91 -77.17 -98.38 9.58
CA THR TE 91 -76.22 -98.45 8.47
C THR TE 91 -76.09 -97.09 7.80
N ARG TE 92 -77.21 -96.37 7.66
CA ARG TE 92 -77.16 -95.04 7.05
C ARG TE 92 -76.26 -94.11 7.85
N GLU TE 93 -76.36 -94.17 9.19
CA GLU TE 93 -75.52 -93.31 10.02
C GLU TE 93 -74.05 -93.65 9.87
N LEU TE 94 -73.74 -94.95 9.75
CA LEU TE 94 -72.35 -95.37 9.63
C LEU TE 94 -71.70 -94.74 8.40
N TRP TE 95 -72.41 -94.75 7.27
CA TRP TE 95 -71.82 -94.23 6.03
C TRP TE 95 -71.49 -92.75 6.15
N GLY TE 96 -72.38 -91.97 6.78
CA GLY TE 96 -72.13 -90.56 6.93
C GLY TE 96 -70.85 -90.27 7.70
N GLN TE 97 -70.61 -91.04 8.76
CA GLN TE 97 -69.37 -90.87 9.52
C GLN TE 97 -68.16 -91.19 8.66
N ILE TE 98 -68.25 -92.24 7.85
CA ILE TE 98 -67.13 -92.62 6.99
C ILE TE 98 -66.79 -91.49 6.03
N GLN TE 99 -67.81 -90.94 5.37
CA GLN TE 99 -67.59 -89.81 4.48
C GLN TE 99 -67.12 -88.58 5.26
N ARG TE 100 -67.60 -88.41 6.49
CA ARG TE 100 -67.13 -87.32 7.33
C ARG TE 100 -65.64 -87.41 7.61
N HIS TE 101 -65.05 -88.59 7.43
CA HIS TE 101 -63.62 -88.81 7.63
C HIS TE 101 -62.84 -88.85 6.33
N HIS TE 102 -63.34 -89.57 5.32
CA HIS TE 102 -62.64 -89.71 4.06
C HIS TE 102 -62.62 -88.40 3.29
N TYR TE 103 -63.80 -87.88 2.93
CA TYR TE 103 -63.90 -86.66 2.15
C TYR TE 103 -64.14 -85.44 3.05
N GLY TE 104 -63.29 -85.27 4.04
CA GLY TE 104 -63.43 -84.14 4.92
C GLY TE 104 -64.75 -84.18 5.67
N ILE TE 105 -65.10 -83.04 6.25
CA ILE TE 105 -66.35 -82.89 6.97
C ILE TE 105 -67.13 -81.72 6.38
N VAL TE 106 -66.42 -80.78 5.75
CA VAL TE 106 -67.07 -79.62 5.15
C VAL TE 106 -67.53 -79.96 3.74
N GLN TE 107 -66.65 -80.58 2.95
CA GLN TE 107 -66.99 -80.93 1.58
C GLN TE 107 -68.12 -81.96 1.52
N VAL TE 108 -68.34 -82.72 2.60
CA VAL TE 108 -69.38 -83.73 2.60
C VAL TE 108 -70.75 -83.08 2.42
N GLU TE 109 -70.99 -81.97 3.12
CA GLU TE 109 -72.29 -81.30 3.02
C GLU TE 109 -72.59 -80.87 1.60
N HIS TE 110 -71.57 -80.36 0.90
CA HIS TE 110 -71.78 -79.93 -0.48
C HIS TE 110 -72.19 -81.10 -1.36
N TYR TE 111 -71.54 -82.26 -1.18
CA TYR TE 111 -71.88 -83.42 -2.00
C TYR TE 111 -73.31 -83.87 -1.76
N VAL TE 112 -73.70 -84.01 -0.49
CA VAL TE 112 -75.06 -84.45 -0.18
C VAL TE 112 -76.07 -83.41 -0.65
N LYS TE 113 -75.72 -82.13 -0.57
CA LYS TE 113 -76.60 -81.09 -1.07
C LYS TE 113 -76.93 -81.32 -2.55
N GLN TE 114 -75.92 -81.65 -3.35
CA GLN TE 114 -76.16 -81.92 -4.76
C GLN TE 114 -76.90 -83.23 -4.96
N ILE TE 115 -76.64 -84.22 -4.11
CA ILE TE 115 -77.32 -85.51 -4.24
C ILE TE 115 -78.83 -85.32 -4.10
N THR TE 116 -79.25 -84.51 -3.13
CA THR TE 116 -80.68 -84.30 -2.94
C THR TE 116 -81.32 -83.68 -4.17
N LEU TE 117 -80.67 -82.67 -4.74
CA LEU TE 117 -81.20 -82.04 -5.94
C LEU TE 117 -81.20 -83.00 -7.12
N TRP TE 118 -80.12 -83.76 -7.27
CA TRP TE 118 -79.99 -84.65 -8.43
C TRP TE 118 -81.01 -85.78 -8.41
N GLN TE 119 -81.55 -86.12 -7.25
CA GLN TE 119 -82.52 -87.21 -7.14
C GLN TE 119 -83.94 -86.71 -7.03
N ASP TE 120 -84.17 -85.59 -6.34
CA ASP TE 120 -85.53 -85.10 -6.16
C ASP TE 120 -86.16 -84.69 -7.49
N THR TE 121 -85.37 -84.08 -8.37
CA THR TE 121 -85.89 -83.69 -9.67
C THR TE 121 -86.25 -84.93 -10.48
N PRO TE 122 -87.20 -84.82 -11.40
CA PRO TE 122 -87.60 -85.99 -12.19
C PRO TE 122 -86.44 -86.51 -13.03
N GLN TE 123 -86.46 -87.82 -13.28
CA GLN TE 123 -85.37 -88.46 -13.99
C GLN TE 123 -85.14 -87.88 -15.37
N ALA TE 124 -86.15 -87.21 -15.95
CA ALA TE 124 -86.00 -86.62 -17.28
C ALA TE 124 -85.16 -85.35 -17.26
N PHE TE 125 -84.81 -84.82 -16.09
CA PHE TE 125 -84.07 -83.58 -15.97
C PHE TE 125 -82.76 -83.71 -15.20
N ARG TE 126 -82.51 -84.86 -14.55
CA ARG TE 126 -81.34 -84.99 -13.70
C ARG TE 126 -80.06 -84.75 -14.49
N GLY TE 127 -79.78 -85.60 -15.47
CA GLY TE 127 -78.57 -85.50 -16.25
C GLY TE 127 -77.56 -86.57 -15.88
N ASP TE 128 -76.49 -86.17 -15.19
CA ASP TE 128 -75.43 -87.09 -14.78
C ASP TE 128 -75.21 -86.97 -13.29
N GLN TE 129 -74.92 -88.11 -12.65
CA GLN TE 129 -74.67 -88.10 -11.22
C GLN TE 129 -73.43 -87.26 -10.90
N PRO TE 130 -73.48 -86.41 -9.88
CA PRO TE 130 -72.30 -85.63 -9.50
C PRO TE 130 -71.32 -86.48 -8.72
N LYS TE 131 -70.11 -86.65 -9.24
CA LYS TE 131 -69.13 -87.48 -8.58
C LYS TE 131 -68.74 -86.88 -7.24
N PRO TE 132 -68.65 -87.69 -6.18
CA PRO TE 132 -68.25 -87.14 -4.89
C PRO TE 132 -66.80 -86.67 -4.93
N PRO TE 133 -66.44 -85.69 -4.10
CA PRO TE 133 -65.05 -85.23 -4.08
C PRO TE 133 -64.11 -86.32 -3.61
N SER TE 134 -62.87 -86.28 -4.12
CA SER TE 134 -61.87 -87.27 -3.78
C SER TE 134 -61.35 -87.03 -2.35
N PHE TE 135 -60.37 -87.84 -1.96
CA PHE TE 135 -59.79 -87.75 -0.62
C PHE TE 135 -58.90 -86.52 -0.55
N THR UE 3 -105.16 -60.75 -14.25
CA THR UE 3 -104.95 -59.51 -14.97
C THR UE 3 -103.75 -58.74 -14.46
N PHE UE 4 -103.35 -58.97 -13.21
CA PHE UE 4 -102.16 -58.30 -12.69
C PHE UE 4 -100.92 -58.69 -13.48
N ILE UE 5 -100.81 -59.97 -13.86
CA ILE UE 5 -99.67 -60.41 -14.64
C ILE UE 5 -99.61 -59.63 -15.96
N GLU UE 6 -100.78 -59.38 -16.55
CA GLU UE 6 -100.81 -58.55 -17.76
C GLU UE 6 -100.29 -57.16 -17.47
N LEU UE 7 -100.65 -56.60 -16.31
CA LEU UE 7 -100.17 -55.27 -15.95
C LEU UE 7 -98.66 -55.25 -15.81
N VAL UE 8 -98.05 -56.40 -15.52
CA VAL UE 8 -96.60 -56.49 -15.42
C VAL UE 8 -95.98 -57.13 -16.66
N LYS UE 9 -96.75 -57.87 -17.45
CA LYS UE 9 -96.20 -58.50 -18.65
C LYS UE 9 -95.58 -57.47 -19.58
N ASN UE 10 -96.07 -56.23 -19.55
CA ASN UE 10 -95.50 -55.17 -20.37
C ASN UE 10 -94.27 -54.52 -19.73
N MET UE 11 -94.00 -54.79 -18.45
CA MET UE 11 -92.85 -54.20 -17.81
C MET UE 11 -91.56 -54.73 -18.43
N LYS UE 12 -90.53 -53.88 -18.43
CA LYS UE 12 -89.26 -54.26 -19.03
C LYS UE 12 -88.62 -55.43 -18.29
N GLY UE 13 -88.67 -55.42 -16.97
CA GLY UE 13 -88.00 -56.44 -16.18
C GLY UE 13 -88.87 -57.64 -15.87
N TYR UE 14 -90.05 -57.70 -16.46
CA TYR UE 14 -90.95 -58.82 -16.24
C TYR UE 14 -90.34 -60.11 -16.77
N LYS UE 15 -90.53 -61.20 -16.02
CA LYS UE 15 -89.96 -62.49 -16.37
C LYS UE 15 -91.00 -63.59 -16.11
N GLU UE 16 -90.87 -64.69 -16.86
CA GLU UE 16 -91.73 -65.85 -16.67
C GLU UE 16 -91.12 -66.75 -15.60
N LEU UE 17 -91.31 -66.34 -14.34
CA LEU UE 17 -90.79 -67.10 -13.22
C LEU UE 17 -91.48 -68.45 -13.07
N LEU UE 18 -92.65 -68.62 -13.66
CA LEU UE 18 -93.39 -69.88 -13.56
C LEU UE 18 -92.71 -70.92 -14.44
N LEU UE 19 -91.94 -71.81 -13.82
CA LEU UE 19 -91.21 -72.81 -14.57
C LEU UE 19 -92.17 -73.90 -15.06
N PRO UE 20 -91.74 -74.72 -16.02
CA PRO UE 20 -92.62 -75.77 -16.54
C PRO UE 20 -93.09 -76.71 -15.44
N MET UE 21 -94.34 -77.15 -15.56
CA MET UE 21 -94.91 -78.04 -14.56
C MET UE 21 -94.11 -79.34 -14.48
N GLU UE 22 -93.73 -79.91 -15.62
CA GLU UE 22 -92.95 -81.14 -15.60
C GLU UE 22 -91.61 -80.94 -14.91
N MET UE 23 -91.06 -79.72 -14.98
CA MET UE 23 -89.73 -79.48 -14.41
C MET UE 23 -89.74 -79.66 -12.90
N VAL UE 24 -90.76 -79.16 -12.21
CA VAL UE 24 -90.80 -79.19 -10.76
C VAL UE 24 -91.23 -80.56 -10.26
N PRO UE 25 -90.83 -80.97 -9.06
CA PRO UE 25 -91.28 -82.27 -8.52
C PRO UE 25 -92.63 -82.17 -7.86
N LEU UE 26 -93.06 -83.26 -7.21
CA LEU UE 26 -94.34 -83.26 -6.53
C LEU UE 26 -94.32 -82.33 -5.33
N PRO UE 27 -95.50 -81.88 -4.88
CA PRO UE 27 -95.52 -80.88 -3.79
C PRO UE 27 -94.82 -81.35 -2.53
N ALA UE 28 -94.92 -82.64 -2.19
CA ALA UE 28 -94.35 -83.12 -0.94
C ALA UE 28 -92.83 -82.93 -0.91
N VAL UE 29 -92.16 -83.22 -2.03
CA VAL UE 29 -90.71 -83.13 -2.06
C VAL UE 29 -90.25 -81.69 -1.91
N VAL UE 30 -91.00 -80.76 -2.51
CA VAL UE 30 -90.59 -79.35 -2.46
C VAL UE 30 -90.55 -78.86 -1.02
N LEU UE 31 -91.55 -79.23 -0.23
CA LEU UE 31 -91.59 -78.81 1.18
C LEU UE 31 -90.32 -79.21 1.90
N LYS UE 32 -89.70 -80.33 1.51
CA LYS UE 32 -88.47 -80.76 2.15
C LYS UE 32 -87.36 -79.73 1.96
N HIS UE 33 -87.23 -79.18 0.76
CA HIS UE 33 -86.16 -78.23 0.50
C HIS UE 33 -86.42 -76.90 1.20
N VAL UE 34 -87.69 -76.56 1.46
CA VAL UE 34 -87.98 -75.31 2.15
C VAL UE 34 -87.39 -75.32 3.55
N LYS UE 35 -87.54 -76.44 4.26
CA LYS UE 35 -86.92 -76.56 5.58
C LYS UE 35 -85.40 -76.51 5.47
N LEU UE 36 -84.84 -77.19 4.47
CA LEU UE 36 -83.39 -77.25 4.34
C LEU UE 36 -82.82 -75.87 3.97
N ILE UE 37 -83.47 -75.17 3.04
CA ILE UE 37 -82.95 -73.87 2.62
C ILE UE 37 -83.14 -72.83 3.73
N LEU UE 38 -84.30 -72.82 4.37
CA LEU UE 38 -84.52 -71.90 5.48
C LEU UE 38 -83.57 -72.20 6.62
N THR UE 39 -83.41 -73.48 6.97
CA THR UE 39 -82.51 -73.85 8.05
C THR UE 39 -81.07 -73.46 7.73
N SER UE 40 -80.61 -73.73 6.51
CA SER UE 40 -79.23 -73.41 6.15
C SER UE 40 -78.99 -71.90 6.19
N GLN UE 41 -79.94 -71.13 5.66
CA GLN UE 41 -79.76 -69.68 5.61
C GLN UE 41 -79.78 -69.10 7.02
N LYS UE 42 -78.94 -68.08 7.25
CA LYS UE 42 -78.81 -67.47 8.57
C LYS UE 42 -79.26 -66.02 8.58
N GLU UE 43 -78.78 -65.18 7.67
CA GLU UE 43 -79.16 -63.77 7.69
C GLU UE 43 -80.65 -63.64 7.45
N HIS UE 44 -81.28 -62.73 8.19
CA HIS UE 44 -82.72 -62.51 8.12
C HIS UE 44 -83.03 -61.45 7.07
N GLN UE 45 -83.82 -61.83 6.08
CA GLN UE 45 -84.32 -60.93 5.05
C GLN UE 45 -85.80 -61.18 4.87
N PRO UE 46 -86.54 -60.20 4.32
CA PRO UE 46 -87.99 -60.37 4.19
C PRO UE 46 -88.39 -61.55 3.31
N TRP UE 47 -87.55 -61.97 2.37
CA TRP UE 47 -87.95 -63.03 1.46
C TRP UE 47 -88.19 -64.35 2.20
N MET UE 48 -87.30 -64.70 3.13
CA MET UE 48 -87.49 -65.93 3.89
C MET UE 48 -88.74 -65.85 4.76
N THR UE 49 -88.99 -64.69 5.35
CA THR UE 49 -90.22 -64.52 6.14
C THR UE 49 -91.45 -64.71 5.27
N GLU UE 50 -91.45 -64.13 4.07
CA GLU UE 50 -92.57 -64.32 3.15
C GLU UE 50 -92.53 -65.69 2.49
N MET UE 51 -91.33 -66.25 2.30
CA MET UE 51 -91.22 -67.55 1.67
C MET UE 51 -91.91 -68.62 2.49
N ALA UE 52 -91.75 -68.59 3.81
CA ALA UE 52 -92.41 -69.56 4.67
C ALA UE 52 -93.92 -69.44 4.57
N LEU UE 53 -94.43 -68.21 4.57
CA LEU UE 53 -95.88 -68.00 4.51
C LEU UE 53 -96.46 -68.57 3.23
N LYS UE 54 -95.79 -68.37 2.10
CA LYS UE 54 -96.29 -68.87 0.83
C LYS UE 54 -96.36 -70.38 0.84
N ALA UE 55 -95.36 -71.04 1.41
CA ALA UE 55 -95.37 -72.50 1.46
C ALA UE 55 -96.36 -73.03 2.48
N ASP UE 56 -96.66 -72.23 3.52
CA ASP UE 56 -97.55 -72.70 4.56
C ASP UE 56 -98.94 -73.02 4.01
N GLN UE 57 -99.43 -72.19 3.09
CA GLN UE 57 -100.78 -72.37 2.56
C GLN UE 57 -100.96 -73.77 1.98
N CYS UE 58 -99.92 -74.30 1.33
CA CYS UE 58 -100.02 -75.63 0.75
C CYS UE 58 -100.32 -76.69 1.80
N LEU UE 59 -99.78 -76.53 3.01
CA LEU UE 59 -100.04 -77.50 4.06
C LEU UE 59 -101.52 -77.58 4.41
N ILE UE 60 -102.18 -76.42 4.49
CA ILE UE 60 -103.60 -76.40 4.85
C ILE UE 60 -104.41 -77.15 3.81
N HIS UE 61 -104.10 -76.94 2.53
CA HIS UE 61 -104.84 -77.63 1.47
C HIS UE 61 -104.65 -79.13 1.55
N LYS UE 62 -103.47 -79.59 2.00
CA LYS UE 62 -103.24 -81.02 2.15
C LYS UE 62 -104.27 -81.64 3.11
N ALA UE 63 -104.45 -81.02 4.27
CA ALA UE 63 -105.41 -81.52 5.24
C ALA UE 63 -106.84 -81.17 4.85
N THR UE 64 -107.05 -80.02 4.21
CA THR UE 64 -108.39 -79.64 3.81
C THR UE 64 -109.02 -80.68 2.89
N LEU UE 65 -108.27 -81.10 1.87
CA LEU UE 65 -108.76 -82.12 0.97
C LEU UE 65 -108.70 -83.51 1.61
N PRO UE 78 -116.01 -79.44 -9.59
CA PRO UE 78 -115.18 -78.30 -10.03
C PRO UE 78 -114.39 -77.65 -8.90
N LEU UE 79 -114.98 -77.61 -7.70
CA LEU UE 79 -114.29 -76.98 -6.57
C LEU UE 79 -113.07 -77.78 -6.18
N ILE UE 80 -113.22 -79.08 -5.99
CA ILE UE 80 -112.10 -79.92 -5.55
C ILE UE 80 -111.02 -79.95 -6.64
N GLU UE 81 -111.43 -80.11 -7.89
CA GLU UE 81 -110.45 -80.20 -8.98
C GLU UE 81 -109.61 -78.93 -9.08
N ALA UE 82 -110.24 -77.77 -8.91
CA ALA UE 82 -109.50 -76.51 -9.00
C ALA UE 82 -108.43 -76.43 -7.92
N MET UE 83 -108.75 -76.88 -6.70
CA MET UE 83 -107.77 -76.84 -5.62
C MET UE 83 -106.53 -77.66 -5.97
N GLN UE 84 -106.72 -78.81 -6.60
CA GLN UE 84 -105.58 -79.64 -6.99
C GLN UE 84 -104.64 -78.87 -7.91
N GLN UE 85 -105.20 -78.15 -8.88
CA GLN UE 85 -104.37 -77.32 -9.76
C GLN UE 85 -103.76 -76.15 -9.00
N ILE UE 86 -104.49 -75.59 -8.03
CA ILE UE 86 -103.98 -74.46 -7.28
C ILE UE 86 -102.72 -74.85 -6.51
N ILE UE 87 -102.73 -76.03 -5.90
CA ILE UE 87 -101.56 -76.47 -5.15
C ILE UE 87 -100.35 -76.54 -6.07
N LEU UE 88 -100.51 -77.11 -7.27
CA LEU UE 88 -99.41 -77.17 -8.21
C LEU UE 88 -98.96 -75.79 -8.64
N ALA UE 89 -99.87 -74.82 -8.66
CA ALA UE 89 -99.50 -73.46 -9.04
C ALA UE 89 -98.48 -72.88 -8.07
N MET UE 90 -98.69 -73.10 -6.77
CA MET UE 90 -97.76 -72.56 -5.78
C MET UE 90 -96.43 -73.30 -5.82
N THR UE 91 -96.45 -74.60 -6.15
CA THR UE 91 -95.20 -75.36 -6.20
C THR UE 91 -94.23 -74.77 -7.23
N ARG UE 92 -94.75 -74.40 -8.40
CA ARG UE 92 -93.90 -73.79 -9.41
C ARG UE 92 -93.30 -72.49 -8.90
N GLU UE 93 -94.10 -71.67 -8.22
CA GLU UE 93 -93.60 -70.42 -7.67
C GLU UE 93 -92.54 -70.68 -6.61
N LEU UE 94 -92.78 -71.66 -5.74
CA LEU UE 94 -91.82 -71.94 -4.67
C LEU UE 94 -90.49 -72.43 -5.23
N TRP UE 95 -90.54 -73.33 -6.21
CA TRP UE 95 -89.30 -73.88 -6.76
C TRP UE 95 -88.44 -72.79 -7.39
N GLY UE 96 -89.06 -71.73 -7.90
CA GLY UE 96 -88.29 -70.65 -8.49
C GLY UE 96 -87.38 -69.98 -7.48
N GLN UE 97 -87.93 -69.66 -6.30
CA GLN UE 97 -87.12 -69.05 -5.26
C GLN UE 97 -86.02 -70.00 -4.79
N ILE UE 98 -86.33 -71.29 -4.73
CA ILE UE 98 -85.34 -72.28 -4.32
C ILE UE 98 -84.15 -72.26 -5.28
N GLN UE 99 -84.42 -72.33 -6.58
CA GLN UE 99 -83.34 -72.37 -7.55
C GLN UE 99 -82.61 -71.03 -7.64
N ARG UE 100 -83.36 -69.92 -7.61
CA ARG UE 100 -82.74 -68.61 -7.69
C ARG UE 100 -81.83 -68.37 -6.48
N HIS UE 101 -82.27 -68.76 -5.29
CA HIS UE 101 -81.47 -68.55 -4.09
C HIS UE 101 -80.20 -69.41 -4.13
N HIS UE 102 -80.33 -70.69 -4.52
CA HIS UE 102 -79.17 -71.58 -4.55
C HIS UE 102 -78.16 -71.12 -5.60
N TYR UE 103 -78.61 -70.91 -6.83
CA TYR UE 103 -77.71 -70.54 -7.92
C TYR UE 103 -77.71 -69.02 -8.14
N GLY UE 104 -78.85 -68.45 -8.45
CA GLY UE 104 -78.95 -67.03 -8.74
C GLY UE 104 -80.14 -66.75 -9.62
N ILE UE 105 -80.56 -65.47 -9.60
CA ILE UE 105 -81.73 -65.08 -10.36
C ILE UE 105 -81.47 -65.19 -11.86
N VAL UE 106 -80.30 -64.73 -12.31
CA VAL UE 106 -80.02 -64.74 -13.74
C VAL UE 106 -79.84 -66.17 -14.25
N GLN UE 107 -79.19 -67.03 -13.46
CA GLN UE 107 -78.89 -68.37 -13.92
C GLN UE 107 -80.17 -69.15 -14.21
N VAL UE 108 -81.16 -69.05 -13.32
CA VAL UE 108 -82.42 -69.76 -13.54
C VAL UE 108 -83.09 -69.24 -14.81
N GLU UE 109 -83.17 -67.91 -14.96
CA GLU UE 109 -83.73 -67.36 -16.19
C GLU UE 109 -82.92 -67.77 -17.40
N HIS UE 110 -81.60 -67.92 -17.23
CA HIS UE 110 -80.74 -68.29 -18.35
C HIS UE 110 -80.85 -69.78 -18.67
N TYR UE 111 -81.00 -70.62 -17.63
CA TYR UE 111 -80.98 -72.07 -17.82
C TYR UE 111 -82.34 -72.67 -18.13
N VAL UE 112 -83.43 -72.04 -17.68
CA VAL UE 112 -84.76 -72.62 -17.86
C VAL UE 112 -85.06 -72.78 -19.34
N LYS UE 113 -84.74 -71.78 -20.15
CA LYS UE 113 -85.08 -71.83 -21.57
C LYS UE 113 -84.32 -72.94 -22.27
N GLN UE 114 -83.06 -73.18 -21.87
CA GLN UE 114 -82.24 -74.15 -22.58
C GLN UE 114 -82.88 -75.54 -22.55
N ILE UE 115 -83.35 -75.96 -21.39
CA ILE UE 115 -83.92 -77.30 -21.27
C ILE UE 115 -85.23 -77.38 -22.06
N THR UE 116 -86.00 -76.30 -22.09
CA THR UE 116 -87.25 -76.31 -22.84
C THR UE 116 -86.98 -76.53 -24.33
N LEU UE 117 -85.94 -75.89 -24.86
CA LEU UE 117 -85.58 -76.08 -26.26
C LEU UE 117 -85.20 -77.53 -26.53
N TRP UE 118 -84.41 -78.13 -25.63
CA TRP UE 118 -83.99 -79.51 -25.83
C TRP UE 118 -85.18 -80.45 -25.93
N GLN UE 119 -86.32 -80.09 -25.33
CA GLN UE 119 -87.50 -80.92 -25.41
C GLN UE 119 -88.28 -80.65 -26.70
N ASP UE 120 -88.55 -79.37 -26.98
CA ASP UE 120 -89.32 -78.99 -28.17
C ASP UE 120 -88.40 -79.08 -29.38
N THR UE 121 -88.14 -80.31 -29.80
CA THR UE 121 -87.28 -80.59 -30.94
C THR UE 121 -87.63 -81.98 -31.46
N PRO UE 122 -87.44 -82.25 -32.76
CA PRO UE 122 -87.85 -83.56 -33.29
C PRO UE 122 -86.98 -84.70 -32.78
N GLN UE 123 -87.17 -85.07 -31.51
CA GLN UE 123 -86.54 -86.23 -30.89
C GLN UE 123 -85.10 -86.47 -31.36
N ALA UE 124 -84.91 -86.85 -32.61
CA ALA UE 124 -83.61 -87.30 -33.07
C ALA UE 124 -82.55 -86.23 -32.84
N PHE UE 125 -82.79 -85.01 -33.31
CA PHE UE 125 -81.85 -83.91 -33.12
C PHE UE 125 -82.21 -83.09 -31.88
N ARG UE 126 -82.42 -83.78 -30.75
CA ARG UE 126 -82.80 -83.08 -29.53
C ARG UE 126 -81.65 -82.22 -29.01
N GLY UE 127 -80.42 -82.72 -29.11
CA GLY UE 127 -79.27 -81.98 -28.63
C GLY UE 127 -78.24 -82.88 -27.99
N ASP UE 128 -77.76 -82.51 -26.81
CA ASP UE 128 -76.75 -83.29 -26.10
C ASP UE 128 -77.06 -83.36 -24.61
N GLN UE 129 -78.34 -83.34 -24.25
CA GLN UE 129 -78.74 -83.42 -22.84
C GLN UE 129 -78.07 -82.29 -22.07
N PRO UE 130 -78.52 -81.05 -22.25
CA PRO UE 130 -77.80 -79.92 -21.64
C PRO UE 130 -77.63 -80.09 -20.14
N LYS UE 131 -76.42 -79.81 -19.67
CA LYS UE 131 -76.09 -80.00 -18.27
C LYS UE 131 -76.80 -78.95 -17.41
N PRO UE 132 -77.19 -79.31 -16.19
CA PRO UE 132 -77.76 -78.31 -15.27
C PRO UE 132 -76.70 -77.34 -14.81
N PRO UE 133 -77.11 -76.17 -14.33
CA PRO UE 133 -76.11 -75.15 -13.95
C PRO UE 133 -75.18 -75.65 -12.85
N THR VE 3 32.01 -99.74 -72.96
CA THR VE 3 33.07 -99.37 -72.03
C THR VE 3 32.73 -98.09 -71.29
N PHE VE 4 32.17 -97.09 -71.99
CA PHE VE 4 31.90 -95.80 -71.37
C PHE VE 4 30.89 -95.94 -70.24
N ILE VE 5 29.83 -96.72 -70.45
CA ILE VE 5 28.79 -96.84 -69.42
C ILE VE 5 29.39 -97.43 -68.15
N GLU VE 6 30.32 -98.37 -68.29
CA GLU VE 6 31.01 -98.91 -67.12
C GLU VE 6 31.71 -97.81 -66.36
N LEU VE 7 32.34 -96.87 -67.06
CA LEU VE 7 33.03 -95.78 -66.40
C LEU VE 7 32.06 -94.89 -65.64
N VAL VE 8 30.90 -94.61 -66.23
CA VAL VE 8 29.93 -93.74 -65.58
C VAL VE 8 29.35 -94.41 -64.33
N LYS VE 9 29.09 -95.72 -64.41
CA LYS VE 9 28.57 -96.42 -63.25
C LYS VE 9 29.50 -96.29 -62.06
N ASN VE 10 30.79 -96.08 -62.30
CA ASN VE 10 31.76 -95.85 -61.24
C ASN VE 10 31.76 -94.36 -60.85
N MET VE 11 30.59 -93.88 -60.44
CA MET VE 11 30.41 -92.49 -60.07
C MET VE 11 29.45 -92.41 -58.89
N LYS VE 12 29.50 -91.28 -58.20
CA LYS VE 12 28.74 -91.07 -56.98
C LYS VE 12 27.41 -90.39 -57.29
N GLY VE 13 26.35 -90.86 -56.62
CA GLY VE 13 25.01 -90.39 -56.90
C GLY VE 13 24.35 -91.03 -58.09
N TYR VE 14 24.89 -92.15 -58.58
CA TYR VE 14 24.37 -92.82 -59.77
C TYR VE 14 23.14 -93.64 -59.38
N LYS VE 15 21.98 -93.24 -59.89
CA LYS VE 15 20.73 -93.96 -59.67
C LYS VE 15 20.30 -94.59 -60.99
N GLU VE 16 20.17 -95.91 -61.00
CA GLU VE 16 19.80 -96.61 -62.22
C GLU VE 16 18.36 -96.29 -62.60
N LEU VE 17 18.10 -96.25 -63.91
CA LEU VE 17 16.78 -95.91 -64.41
C LEU VE 17 16.33 -96.80 -65.56
N LEU VE 18 17.02 -97.91 -65.83
CA LEU VE 18 16.70 -98.78 -66.95
C LEU VE 18 16.27 -100.14 -66.41
N LEU VE 19 15.15 -100.64 -66.91
CA LEU VE 19 14.63 -101.93 -66.51
C LEU VE 19 15.32 -103.06 -67.27
N PRO VE 20 15.20 -104.29 -66.80
CA PRO VE 20 15.76 -105.41 -67.55
C PRO VE 20 15.15 -105.53 -68.93
N MET VE 21 15.96 -106.03 -69.87
CA MET VE 21 15.49 -106.18 -71.24
C MET VE 21 14.28 -107.09 -71.32
N GLU VE 22 14.11 -108.00 -70.36
CA GLU VE 22 13.01 -108.95 -70.38
C GLU VE 22 11.69 -108.35 -69.93
N MET VE 23 11.70 -107.13 -69.37
CA MET VE 23 10.49 -106.51 -68.87
C MET VE 23 10.00 -105.33 -69.71
N VAL VE 24 10.87 -104.71 -70.49
CA VAL VE 24 10.48 -103.55 -71.30
C VAL VE 24 9.49 -104.03 -72.38
N PRO VE 25 8.58 -103.17 -72.82
CA PRO VE 25 7.62 -103.59 -73.85
C PRO VE 25 8.32 -103.89 -75.16
N LEU VE 26 7.55 -104.43 -76.10
CA LEU VE 26 8.05 -104.63 -77.45
C LEU VE 26 8.27 -103.28 -78.12
N PRO VE 27 9.19 -103.20 -79.07
CA PRO VE 27 9.48 -101.89 -79.69
C PRO VE 27 8.25 -101.24 -80.31
N ALA VE 28 7.35 -102.03 -80.88
CA ALA VE 28 6.14 -101.46 -81.47
C ALA VE 28 5.30 -100.75 -80.43
N VAL VE 29 5.18 -101.34 -79.23
CA VAL VE 29 4.34 -100.75 -78.20
C VAL VE 29 4.92 -99.42 -77.72
N VAL VE 30 6.24 -99.34 -77.63
CA VAL VE 30 6.87 -98.14 -77.08
C VAL VE 30 6.52 -96.93 -77.94
N LEU VE 31 6.59 -97.09 -79.27
CA LEU VE 31 6.32 -95.98 -80.17
C LEU VE 31 4.93 -95.39 -79.91
N LYS VE 32 3.98 -96.22 -79.46
CA LYS VE 32 2.63 -95.73 -79.23
C LYS VE 32 2.62 -94.65 -78.15
N HIS VE 33 3.36 -94.86 -77.07
CA HIS VE 33 3.40 -93.85 -76.01
C HIS VE 33 4.15 -92.61 -76.47
N VAL VE 34 5.08 -92.74 -77.41
CA VAL VE 34 5.83 -91.59 -77.88
C VAL VE 34 4.90 -90.57 -78.52
N LYS VE 35 3.97 -91.04 -79.37
CA LYS VE 35 3.05 -90.14 -80.03
C LYS VE 35 2.16 -89.42 -79.03
N LEU VE 36 1.65 -90.14 -78.03
CA LEU VE 36 0.81 -89.51 -77.02
C LEU VE 36 1.59 -88.51 -76.20
N ILE VE 37 2.76 -88.91 -75.70
CA ILE VE 37 3.54 -88.03 -74.84
C ILE VE 37 4.01 -86.80 -75.62
N LEU VE 38 4.52 -87.01 -76.83
CA LEU VE 38 4.95 -85.90 -77.66
C LEU VE 38 3.78 -84.99 -78.00
N THR VE 39 2.71 -85.57 -78.54
CA THR VE 39 1.60 -84.77 -79.04
C THR VE 39 0.80 -84.17 -77.90
N SER VE 40 0.49 -84.97 -76.87
CA SER VE 40 -0.28 -84.51 -75.73
C SER VE 40 0.65 -83.80 -74.74
N GLN VE 41 1.24 -82.71 -75.22
CA GLN VE 41 2.14 -81.91 -74.40
C GLN VE 41 2.01 -80.45 -74.79
N LYS VE 42 2.27 -79.57 -73.83
CA LYS VE 42 2.21 -78.13 -74.03
C LYS VE 42 3.50 -77.51 -73.52
N GLU VE 43 3.88 -76.39 -74.12
CA GLU VE 43 5.12 -75.69 -73.76
C GLU VE 43 6.32 -76.62 -73.93
N HIS VE 44 6.55 -76.98 -75.19
CA HIS VE 44 7.62 -77.92 -75.56
C HIS VE 44 8.88 -77.64 -74.76
N GLN VE 45 9.48 -78.72 -74.26
CA GLN VE 45 10.66 -78.67 -73.42
C GLN VE 45 11.82 -79.39 -74.09
N PRO VE 46 13.06 -79.09 -73.69
CA PRO VE 46 14.21 -79.67 -74.41
C PRO VE 46 14.20 -81.19 -74.46
N TRP VE 47 13.78 -81.85 -73.39
CA TRP VE 47 13.82 -83.31 -73.36
C TRP VE 47 12.89 -83.93 -74.39
N MET VE 48 11.86 -83.20 -74.83
CA MET VE 48 10.98 -83.73 -75.86
C MET VE 48 11.73 -84.00 -77.15
N THR VE 49 12.63 -83.09 -77.53
CA THR VE 49 13.40 -83.27 -78.76
C THR VE 49 14.27 -84.52 -78.68
N GLU VE 50 14.88 -84.77 -77.52
CA GLU VE 50 15.74 -85.94 -77.37
C GLU VE 50 14.95 -87.22 -77.59
N MET VE 51 13.72 -87.28 -77.06
CA MET VE 51 12.92 -88.49 -77.20
C MET VE 51 12.64 -88.80 -78.67
N ALA VE 52 12.28 -87.77 -79.45
CA ALA VE 52 11.94 -87.99 -80.85
C ALA VE 52 13.14 -88.49 -81.64
N LEU VE 53 14.31 -87.90 -81.39
CA LEU VE 53 15.50 -88.26 -82.16
C LEU VE 53 15.83 -89.73 -81.99
N LYS VE 54 15.77 -90.25 -80.76
CA LYS VE 54 16.07 -91.65 -80.52
C LYS VE 54 15.00 -92.55 -81.15
N ALA VE 55 13.75 -92.09 -81.16
CA ALA VE 55 12.66 -92.93 -81.66
C ALA VE 55 12.87 -93.28 -83.12
N ASP VE 56 13.25 -92.30 -83.94
CA ASP VE 56 13.43 -92.56 -85.36
C ASP VE 56 14.55 -93.55 -85.62
N GLN VE 57 15.53 -93.62 -84.71
CA GLN VE 57 16.63 -94.55 -84.90
C GLN VE 57 16.14 -95.99 -84.90
N CYS VE 58 15.23 -96.32 -83.97
CA CYS VE 58 14.69 -97.68 -83.94
C CYS VE 58 13.96 -98.01 -85.23
N LEU VE 59 13.21 -97.05 -85.77
CA LEU VE 59 12.53 -97.27 -87.04
C LEU VE 59 13.53 -97.50 -88.16
N ILE VE 60 14.62 -96.74 -88.17
CA ILE VE 60 15.63 -96.90 -89.21
C ILE VE 60 16.22 -98.31 -89.15
N HIS VE 61 16.61 -98.76 -87.95
CA HIS VE 61 17.10 -100.12 -87.80
C HIS VE 61 16.01 -101.13 -88.12
N LYS VE 62 14.78 -100.86 -87.66
CA LYS VE 62 13.67 -101.76 -87.94
C LYS VE 62 13.41 -101.87 -89.44
N ALA VE 63 13.47 -100.75 -90.14
CA ALA VE 63 13.28 -100.75 -91.59
C ALA VE 63 14.47 -101.35 -92.33
N THR VE 64 15.57 -101.63 -91.65
CA THR VE 64 16.76 -102.18 -92.29
C THR VE 64 16.72 -103.69 -92.39
N LEU VE 65 16.00 -104.37 -91.48
CA LEU VE 65 15.97 -105.82 -91.50
C LEU VE 65 15.33 -106.37 -92.77
N ASP VE 66 14.30 -105.70 -93.27
CA ASP VE 66 13.64 -106.17 -94.49
C ASP VE 66 14.63 -106.27 -95.66
N PRO VE 78 26.30 -112.83 -88.87
CA PRO VE 78 26.41 -111.87 -87.76
C PRO VE 78 25.96 -110.47 -88.13
N LEU VE 79 26.48 -109.92 -89.24
CA LEU VE 79 26.20 -108.53 -89.57
C LEU VE 79 24.71 -108.28 -89.76
N ILE VE 80 24.02 -109.18 -90.46
CA ILE VE 80 22.59 -109.00 -90.69
C ILE VE 80 21.84 -109.04 -89.36
N GLU VE 81 22.18 -110.01 -88.52
CA GLU VE 81 21.51 -110.18 -87.22
C GLU VE 81 22.09 -109.27 -86.14
N ALA VE 82 23.26 -108.67 -86.37
CA ALA VE 82 23.88 -107.84 -85.34
C ALA VE 82 23.04 -106.62 -85.02
N MET VE 83 22.48 -105.98 -86.07
CA MET VE 83 21.70 -104.77 -85.84
C MET VE 83 20.47 -105.04 -84.97
N GLN VE 84 19.93 -106.26 -85.02
CA GLN VE 84 18.76 -106.58 -84.23
C GLN VE 84 19.04 -106.43 -82.74
N GLN VE 85 20.28 -106.64 -82.32
CA GLN VE 85 20.62 -106.51 -80.91
C GLN VE 85 20.42 -105.08 -80.43
N ILE VE 86 20.81 -104.10 -81.25
CA ILE VE 86 20.70 -102.70 -80.85
C ILE VE 86 19.23 -102.31 -80.73
N ILE VE 87 18.37 -102.86 -81.60
CA ILE VE 87 16.96 -102.47 -81.58
C ILE VE 87 16.37 -102.73 -80.21
N LEU VE 88 16.60 -103.92 -79.66
CA LEU VE 88 16.10 -104.24 -78.33
C LEU VE 88 16.70 -103.31 -77.28
N ALA VE 89 18.01 -103.04 -77.40
CA ALA VE 89 18.67 -102.16 -76.45
C ALA VE 89 18.11 -100.75 -76.52
N MET VE 90 17.86 -100.26 -77.74
CA MET VE 90 17.39 -98.89 -77.89
C MET VE 90 16.08 -98.67 -77.13
N THR VE 91 15.22 -99.68 -77.10
CA THR VE 91 13.96 -99.55 -76.36
C THR VE 91 14.22 -99.36 -74.87
N ARG VE 92 15.19 -100.09 -74.32
CA ARG VE 92 15.45 -100.01 -72.88
C ARG VE 92 15.80 -98.59 -72.47
N GLU VE 93 16.67 -97.92 -73.22
CA GLU VE 93 16.96 -96.53 -72.93
C GLU VE 93 15.75 -95.64 -73.24
N LEU VE 94 15.05 -95.94 -74.33
CA LEU VE 94 13.90 -95.14 -74.71
C LEU VE 94 12.79 -95.24 -73.67
N TRP VE 95 12.51 -96.45 -73.19
CA TRP VE 95 11.44 -96.63 -72.21
C TRP VE 95 11.74 -95.92 -70.92
N GLY VE 96 13.02 -95.68 -70.62
CA GLY VE 96 13.37 -94.99 -69.39
C GLY VE 96 12.82 -93.58 -69.33
N GLN VE 97 12.85 -92.88 -70.47
CA GLN VE 97 12.33 -91.51 -70.50
C GLN VE 97 10.82 -91.50 -70.40
N ILE VE 98 10.14 -92.54 -70.91
CA ILE VE 98 8.69 -92.59 -70.84
C ILE VE 98 8.23 -92.59 -69.38
N GLN VE 99 8.85 -93.43 -68.56
CA GLN VE 99 8.46 -93.50 -67.16
C GLN VE 99 8.76 -92.21 -66.42
N ARG VE 100 9.83 -91.52 -66.80
CA ARG VE 100 10.14 -90.24 -66.16
C ARG VE 100 9.02 -89.24 -66.39
N HIS VE 101 8.50 -89.18 -67.62
CA HIS VE 101 7.40 -88.27 -67.91
C HIS VE 101 6.13 -88.68 -67.17
N HIS VE 102 5.80 -89.97 -67.21
CA HIS VE 102 4.58 -90.45 -66.58
C HIS VE 102 4.71 -90.40 -65.06
N TYR VE 103 5.65 -91.16 -64.50
CA TYR VE 103 5.79 -91.27 -63.06
C TYR VE 103 6.60 -90.09 -62.49
N GLY VE 104 7.84 -89.97 -62.92
CA GLY VE 104 8.76 -88.97 -62.38
C GLY VE 104 10.10 -89.61 -62.15
N ILE VE 105 11.16 -88.80 -62.25
CA ILE VE 105 12.51 -89.33 -62.14
C ILE VE 105 12.74 -89.94 -60.76
N VAL VE 106 12.31 -89.24 -59.71
CA VAL VE 106 12.56 -89.71 -58.35
C VAL VE 106 11.87 -91.03 -58.10
N GLN VE 107 10.60 -91.14 -58.50
CA GLN VE 107 9.84 -92.35 -58.24
C GLN VE 107 10.42 -93.54 -58.99
N VAL VE 108 10.93 -93.31 -60.21
CA VAL VE 108 11.44 -94.41 -61.02
C VAL VE 108 12.61 -95.07 -60.31
N GLU VE 109 13.52 -94.27 -59.75
CA GLU VE 109 14.69 -94.83 -59.07
C GLU VE 109 14.27 -95.87 -58.04
N HIS VE 110 13.29 -95.53 -57.20
CA HIS VE 110 12.82 -96.48 -56.20
C HIS VE 110 12.22 -97.71 -56.86
N TYR VE 111 11.43 -97.53 -57.93
CA TYR VE 111 10.76 -98.65 -58.56
C TYR VE 111 11.76 -99.65 -59.12
N VAL VE 112 12.82 -99.16 -59.77
CA VAL VE 112 13.78 -100.06 -60.40
C VAL VE 112 14.45 -100.94 -59.35
N LYS VE 113 14.92 -100.32 -58.26
CA LYS VE 113 15.59 -101.09 -57.22
C LYS VE 113 14.64 -102.10 -56.60
N GLN VE 114 13.39 -101.71 -56.37
CA GLN VE 114 12.40 -102.66 -55.87
C GLN VE 114 12.23 -103.81 -56.85
N ILE VE 115 12.17 -103.51 -58.15
CA ILE VE 115 12.10 -104.57 -59.14
C ILE VE 115 13.36 -105.41 -59.12
N THR VE 116 14.52 -104.76 -59.01
CA THR VE 116 15.78 -105.50 -59.03
C THR VE 116 15.85 -106.48 -57.88
N LEU VE 117 15.59 -105.99 -56.66
CA LEU VE 117 15.57 -106.88 -55.50
C LEU VE 117 14.50 -107.96 -55.65
N TRP VE 118 13.33 -107.59 -56.15
CA TRP VE 118 12.28 -108.57 -56.39
C TRP VE 118 12.73 -109.62 -57.38
N GLN VE 119 13.40 -109.20 -58.46
CA GLN VE 119 13.92 -110.16 -59.42
C GLN VE 119 15.09 -110.95 -58.85
N ASP VE 120 15.90 -110.32 -57.99
CA ASP VE 120 17.05 -111.00 -57.43
C ASP VE 120 16.63 -112.15 -56.53
N THR VE 121 15.62 -111.93 -55.69
CA THR VE 121 15.19 -112.96 -54.76
C THR VE 121 14.68 -114.18 -55.54
N PRO VE 122 14.97 -115.40 -55.08
CA PRO VE 122 14.49 -116.58 -55.79
C PRO VE 122 12.97 -116.64 -55.84
N GLN VE 123 12.47 -117.20 -56.95
CA GLN VE 123 11.02 -117.24 -57.18
C GLN VE 123 10.28 -118.01 -56.09
N ALA VE 124 10.97 -118.89 -55.37
CA ALA VE 124 10.29 -119.68 -54.35
C ALA VE 124 9.70 -118.79 -53.27
N PHE VE 125 10.45 -117.77 -52.83
CA PHE VE 125 9.99 -116.84 -51.81
C PHE VE 125 10.11 -115.40 -52.32
N ARG VE 126 9.97 -115.19 -53.62
CA ARG VE 126 10.15 -113.87 -54.19
C ARG VE 126 9.10 -112.90 -53.69
N GLY VE 127 7.85 -113.33 -53.61
CA GLY VE 127 6.78 -112.47 -53.16
C GLY VE 127 6.06 -111.79 -54.32
N ASP VE 128 5.04 -111.01 -53.95
CA ASP VE 128 4.25 -110.30 -54.94
C ASP VE 128 5.08 -109.23 -55.63
N GLN VE 129 4.92 -109.12 -56.94
CA GLN VE 129 5.64 -108.11 -57.70
C GLN VE 129 5.17 -106.72 -57.30
N PRO VE 130 6.08 -105.78 -57.02
CA PRO VE 130 5.65 -104.44 -56.63
C PRO VE 130 4.97 -103.72 -57.79
N LYS VE 131 4.06 -102.82 -57.43
CA LYS VE 131 3.31 -102.07 -58.42
C LYS VE 131 4.03 -100.77 -58.77
N PRO VE 132 3.76 -100.19 -59.93
CA PRO VE 132 4.42 -98.95 -60.32
C PRO VE 132 4.10 -97.83 -59.35
N PRO VE 133 4.92 -96.77 -59.32
CA PRO VE 133 4.64 -95.66 -58.40
C PRO VE 133 3.44 -94.84 -58.82
N SER VE 134 3.16 -93.77 -58.08
CA SER VE 134 2.06 -92.88 -58.40
C SER VE 134 2.46 -91.91 -59.50
N PHE VE 135 1.48 -91.52 -60.31
CA PHE VE 135 1.74 -90.60 -61.41
C PHE VE 135 2.13 -89.22 -60.90
N THR WE 3 9.12 -89.21 -89.10
CA THR WE 3 7.89 -88.49 -88.82
C THR WE 3 7.82 -87.93 -87.42
N PHE WE 4 8.34 -88.65 -86.42
CA PHE WE 4 8.27 -88.17 -85.04
C PHE WE 4 9.00 -86.84 -84.88
N ILE WE 5 10.19 -86.72 -85.48
CA ILE WE 5 10.95 -85.49 -85.37
C ILE WE 5 10.17 -84.34 -86.01
N GLU WE 6 9.45 -84.63 -87.10
CA GLU WE 6 8.65 -83.60 -87.74
C GLU WE 6 7.57 -83.07 -86.79
N LEU WE 7 6.96 -83.96 -86.02
CA LEU WE 7 5.93 -83.53 -85.07
C LEU WE 7 6.52 -82.55 -84.05
N VAL WE 8 7.73 -82.83 -83.57
CA VAL WE 8 8.38 -81.92 -82.64
C VAL WE 8 8.61 -80.56 -83.29
N LYS WE 9 9.08 -80.57 -84.54
CA LYS WE 9 9.33 -79.33 -85.25
C LYS WE 9 8.05 -78.54 -85.48
N ASN WE 10 6.88 -79.17 -85.33
CA ASN WE 10 5.60 -78.50 -85.47
C ASN WE 10 5.09 -77.93 -84.15
N MET WE 11 5.86 -78.03 -83.07
CA MET WE 11 5.41 -77.59 -81.77
C MET WE 11 5.57 -76.08 -81.62
N LYS WE 12 5.27 -75.60 -80.42
CA LYS WE 12 5.42 -74.19 -80.07
C LYS WE 12 6.57 -74.05 -79.08
N GLY WE 13 7.46 -73.11 -79.35
CA GLY WE 13 8.63 -72.91 -78.53
C GLY WE 13 9.81 -73.78 -78.87
N TYR WE 14 9.67 -74.70 -79.83
CA TYR WE 14 10.78 -75.54 -80.23
C TYR WE 14 11.89 -74.71 -80.85
N LYS WE 15 13.13 -75.08 -80.53
CA LYS WE 15 14.31 -74.38 -81.02
C LYS WE 15 15.37 -75.38 -81.42
N GLU WE 16 16.04 -75.11 -82.53
CA GLU WE 16 17.07 -76.01 -83.03
C GLU WE 16 18.28 -76.00 -82.11
N LEU WE 17 18.89 -77.17 -81.93
CA LEU WE 17 20.11 -77.31 -81.17
C LEU WE 17 21.21 -78.07 -81.89
N LEU WE 18 20.89 -78.77 -82.98
CA LEU WE 18 21.88 -79.52 -83.73
C LEU WE 18 22.55 -78.61 -84.76
N LEU WE 19 23.41 -79.19 -85.57
CA LEU WE 19 24.20 -78.46 -86.55
C LEU WE 19 24.17 -79.22 -87.87
N PRO WE 20 24.50 -78.55 -88.98
CA PRO WE 20 24.52 -79.24 -90.27
C PRO WE 20 25.49 -80.40 -90.26
N MET WE 21 25.15 -81.44 -91.01
CA MET WE 21 25.98 -82.65 -91.05
C MET WE 21 27.42 -82.31 -91.41
N GLU WE 22 27.61 -81.32 -92.29
CA GLU WE 22 28.96 -80.94 -92.69
C GLU WE 22 29.75 -80.39 -91.51
N MET WE 23 29.11 -79.55 -90.68
CA MET WE 23 29.77 -78.94 -89.52
C MET WE 23 29.71 -79.89 -88.33
N VAL WE 24 30.20 -81.11 -88.54
CA VAL WE 24 30.25 -82.12 -87.49
C VAL WE 24 31.62 -82.78 -87.53
N PRO WE 25 32.35 -82.84 -86.42
CA PRO WE 25 33.66 -83.49 -86.43
C PRO WE 25 33.58 -84.93 -86.89
N LEU WE 26 34.76 -85.50 -87.17
CA LEU WE 26 34.84 -86.87 -87.61
C LEU WE 26 34.56 -87.82 -86.44
N PRO WE 27 34.19 -89.07 -86.73
CA PRO WE 27 33.93 -90.01 -85.64
C PRO WE 27 35.19 -90.36 -84.86
N ALA WE 28 35.05 -91.22 -83.85
CA ALA WE 28 36.19 -91.64 -83.05
C ALA WE 28 36.79 -90.47 -82.28
N VAL WE 29 37.38 -89.52 -83.00
CA VAL WE 29 38.00 -88.37 -82.35
C VAL WE 29 36.97 -87.57 -81.59
N VAL WE 30 35.77 -87.41 -82.16
CA VAL WE 30 34.71 -86.66 -81.48
C VAL WE 30 34.37 -87.32 -80.15
N LEU WE 31 34.51 -88.64 -80.05
CA LEU WE 31 34.22 -89.34 -78.81
C LEU WE 31 35.15 -88.93 -77.67
N LYS WE 32 36.28 -88.30 -77.99
CA LYS WE 32 37.24 -87.93 -76.96
C LYS WE 32 36.65 -86.93 -75.98
N HIS WE 33 35.86 -85.97 -76.50
CA HIS WE 33 35.21 -85.01 -75.62
C HIS WE 33 34.32 -85.69 -74.59
N VAL WE 34 33.85 -86.90 -74.90
CA VAL WE 34 33.02 -87.65 -73.95
C VAL WE 34 33.81 -87.92 -72.68
N LYS WE 35 35.05 -88.39 -72.83
CA LYS WE 35 35.88 -88.69 -71.67
C LYS WE 35 36.17 -87.44 -70.86
N LEU WE 36 36.45 -86.33 -71.55
CA LEU WE 36 36.82 -85.09 -70.86
C LEU WE 36 35.65 -84.49 -70.09
N ILE WE 37 34.43 -84.98 -70.31
CA ILE WE 37 33.26 -84.43 -69.64
C ILE WE 37 32.71 -85.45 -68.65
N LEU WE 38 32.96 -86.72 -68.90
CA LEU WE 38 32.57 -87.78 -67.98
C LEU WE 38 33.62 -88.02 -66.91
N THR WE 39 34.85 -88.28 -67.32
CA THR WE 39 35.92 -88.55 -66.36
C THR WE 39 36.17 -87.34 -65.48
N SER WE 40 36.18 -86.15 -66.06
CA SER WE 40 36.39 -84.91 -65.30
C SER WE 40 35.05 -84.37 -64.81
N GLN WE 41 34.34 -85.21 -64.06
CA GLN WE 41 33.02 -84.84 -63.56
C GLN WE 41 32.72 -85.63 -62.30
N LYS WE 42 31.72 -85.16 -61.57
CA LYS WE 42 31.27 -85.80 -60.34
C LYS WE 42 29.81 -85.40 -60.12
N GLU WE 43 29.17 -86.05 -59.15
CA GLU WE 43 27.76 -85.82 -58.87
C GLU WE 43 26.91 -86.16 -60.09
N HIS WE 44 26.94 -87.45 -60.43
CA HIS WE 44 26.23 -88.00 -61.57
C HIS WE 44 24.84 -87.40 -61.70
N GLN WE 45 24.57 -86.80 -62.86
CA GLN WE 45 23.30 -86.18 -63.16
C GLN WE 45 22.56 -86.97 -64.23
N PRO WE 46 21.24 -86.82 -64.32
CA PRO WE 46 20.48 -87.65 -65.28
C PRO WE 46 20.96 -87.51 -66.72
N TRP WE 47 21.33 -86.30 -67.15
CA TRP WE 47 21.74 -86.10 -68.53
C TRP WE 47 23.06 -86.79 -68.84
N MET WE 48 23.90 -87.01 -67.83
CA MET WE 48 25.17 -87.68 -68.06
C MET WE 48 24.95 -89.10 -68.57
N THR WE 49 23.97 -89.81 -68.00
CA THR WE 49 23.69 -91.16 -68.46
C THR WE 49 23.22 -91.16 -69.92
N GLU WE 50 22.42 -90.17 -70.30
CA GLU WE 50 21.94 -90.08 -71.67
C GLU WE 50 23.11 -89.98 -72.64
N MET WE 51 24.08 -89.14 -72.33
CA MET WE 51 25.27 -89.02 -73.18
C MET WE 51 26.04 -90.33 -73.23
N ALA WE 52 26.20 -90.99 -72.09
CA ALA WE 52 26.97 -92.23 -72.05
C ALA WE 52 26.30 -93.31 -72.88
N LEU WE 53 24.97 -93.43 -72.78
CA LEU WE 53 24.26 -94.47 -73.51
C LEU WE 53 24.13 -94.17 -75.00
N LYS WE 54 24.47 -92.96 -75.43
CA LYS WE 54 24.44 -92.60 -76.84
C LYS WE 54 25.82 -92.71 -77.49
N ALA WE 55 26.86 -92.22 -76.82
CA ALA WE 55 28.20 -92.28 -77.38
C ALA WE 55 28.65 -93.72 -77.57
N ASP WE 56 28.37 -94.58 -76.59
CA ASP WE 56 28.79 -95.98 -76.68
C ASP WE 56 28.17 -96.69 -77.86
N GLN WE 57 27.04 -96.19 -78.37
CA GLN WE 57 26.39 -96.84 -79.51
C GLN WE 57 27.28 -96.78 -80.75
N CYS WE 58 27.99 -95.67 -80.95
CA CYS WE 58 28.85 -95.55 -82.12
C CYS WE 58 29.90 -96.65 -82.14
N LEU WE 59 30.48 -96.97 -80.99
CA LEU WE 59 31.44 -98.06 -80.91
C LEU WE 59 30.80 -99.38 -81.32
N ILE WE 60 29.57 -99.61 -80.87
CA ILE WE 60 28.87 -100.84 -81.22
C ILE WE 60 28.69 -100.92 -82.73
N HIS WE 61 28.20 -99.85 -83.34
CA HIS WE 61 28.09 -99.82 -84.79
C HIS WE 61 29.47 -99.88 -85.44
N LYS WE 62 30.44 -99.17 -84.87
CA LYS WE 62 31.80 -99.20 -85.40
C LYS WE 62 32.41 -100.59 -85.27
N ALA WE 63 32.11 -101.28 -84.18
CA ALA WE 63 32.66 -102.61 -83.96
C ALA WE 63 32.23 -103.59 -85.05
N THR WE 64 31.09 -103.34 -85.70
CA THR WE 64 30.63 -104.24 -86.75
C THR WE 64 31.52 -104.18 -87.99
N LEU WE 65 32.33 -103.12 -88.13
CA LEU WE 65 33.20 -103.00 -89.29
C LEU WE 65 34.15 -104.18 -89.38
N ASP WE 66 34.56 -104.75 -88.24
CA ASP WE 66 35.41 -105.94 -88.27
C ASP WE 66 34.70 -107.10 -88.98
N PRO WE 78 23.36 -102.66 -98.95
CA PRO WE 78 22.57 -101.67 -98.21
C PRO WE 78 22.73 -101.79 -96.70
N LEU WE 79 22.86 -103.01 -96.19
CA LEU WE 79 23.02 -103.19 -94.75
C LEU WE 79 24.32 -102.55 -94.27
N ILE WE 80 25.42 -102.75 -95.02
CA ILE WE 80 26.69 -102.16 -94.63
C ILE WE 80 26.65 -100.65 -94.82
N GLU WE 81 26.10 -100.18 -95.94
CA GLU WE 81 26.03 -98.75 -96.19
C GLU WE 81 25.13 -98.05 -95.17
N ALA WE 82 23.99 -98.67 -94.82
CA ALA WE 82 23.04 -98.01 -93.95
C ALA WE 82 23.65 -97.70 -92.58
N MET WE 83 24.42 -98.65 -92.03
CA MET WE 83 24.99 -98.45 -90.71
C MET WE 83 25.92 -97.24 -90.69
N GLN WE 84 26.73 -97.08 -91.74
CA GLN WE 84 27.65 -95.95 -91.80
C GLN WE 84 26.90 -94.63 -91.78
N GLN WE 85 25.77 -94.56 -92.48
CA GLN WE 85 24.99 -93.32 -92.49
C GLN WE 85 24.48 -92.98 -91.10
N ILE WE 86 24.06 -93.99 -90.34
CA ILE WE 86 23.47 -93.74 -89.03
C ILE WE 86 24.50 -93.10 -88.09
N ILE WE 87 25.77 -93.48 -88.22
CA ILE WE 87 26.79 -92.95 -87.32
C ILE WE 87 26.84 -91.43 -87.40
N LEU WE 88 26.71 -90.88 -88.61
CA LEU WE 88 26.73 -89.43 -88.76
C LEU WE 88 25.58 -88.79 -88.00
N ALA WE 89 24.39 -89.38 -88.07
CA ALA WE 89 23.23 -88.82 -87.38
C ALA WE 89 23.45 -88.81 -85.87
N MET WE 90 23.94 -89.92 -85.31
CA MET WE 90 24.21 -89.98 -83.89
C MET WE 90 25.31 -89.02 -83.49
N THR WE 91 26.35 -88.89 -84.32
CA THR WE 91 27.43 -87.96 -84.03
C THR WE 91 26.92 -86.54 -83.92
N ARG WE 92 25.99 -86.17 -84.80
CA ARG WE 92 25.41 -84.82 -84.73
C ARG WE 92 24.73 -84.57 -83.39
N GLU WE 93 24.00 -85.56 -82.89
CA GLU WE 93 23.33 -85.40 -81.60
C GLU WE 93 24.34 -85.25 -80.48
N LEU WE 94 25.45 -85.98 -80.55
CA LEU WE 94 26.44 -85.90 -79.48
C LEU WE 94 26.99 -84.49 -79.34
N TRP WE 95 27.29 -83.83 -80.47
CA TRP WE 95 27.87 -82.50 -80.40
C TRP WE 95 26.92 -81.51 -79.74
N GLY WE 96 25.63 -81.60 -80.07
CA GLY WE 96 24.67 -80.67 -79.47
C GLY WE 96 24.64 -80.77 -77.96
N GLN WE 97 24.71 -82.00 -77.43
CA GLN WE 97 24.74 -82.17 -75.98
C GLN WE 97 25.99 -81.55 -75.39
N ILE WE 98 27.13 -81.71 -76.06
CA ILE WE 98 28.38 -81.16 -75.57
C ILE WE 98 28.29 -79.64 -75.47
N GLN WE 99 27.79 -79.00 -76.53
CA GLN WE 99 27.59 -77.56 -76.49
C GLN WE 99 26.53 -77.17 -75.47
N ARG WE 100 25.52 -78.02 -75.28
CA ARG WE 100 24.51 -77.77 -74.26
C ARG WE 100 25.11 -77.73 -72.87
N HIS WE 101 26.30 -78.30 -72.70
CA HIS WE 101 27.01 -78.31 -71.42
C HIS WE 101 28.10 -77.26 -71.34
N HIS WE 102 28.93 -77.16 -72.38
CA HIS WE 102 30.05 -76.23 -72.38
C HIS WE 102 29.56 -74.78 -72.42
N TYR WE 103 28.86 -74.41 -73.49
CA TYR WE 103 28.38 -73.04 -73.67
C TYR WE 103 26.93 -72.89 -73.21
N GLY WE 104 26.66 -73.31 -71.98
CA GLY WE 104 25.33 -73.17 -71.47
C GLY WE 104 24.34 -73.99 -72.28
N ILE WE 105 23.06 -73.69 -72.07
CA ILE WE 105 21.98 -74.33 -72.81
C ILE WE 105 21.13 -73.26 -73.49
N VAL WE 106 21.14 -72.05 -72.94
CA VAL WE 106 20.38 -70.96 -73.53
C VAL WE 106 21.17 -70.28 -74.64
N GLN WE 107 22.45 -69.98 -74.37
CA GLN WE 107 23.28 -69.33 -75.37
C GLN WE 107 23.52 -70.21 -76.59
N VAL WE 108 23.35 -71.53 -76.46
CA VAL WE 108 23.57 -72.43 -77.58
C VAL WE 108 22.58 -72.12 -78.70
N GLU WE 109 21.31 -71.91 -78.36
CA GLU WE 109 20.30 -71.64 -79.37
C GLU WE 109 20.65 -70.40 -80.18
N HIS WE 110 21.13 -69.35 -79.51
CA HIS WE 110 21.50 -68.14 -80.22
C HIS WE 110 22.62 -68.41 -81.23
N TYR WE 111 23.62 -69.19 -80.84
CA TYR WE 111 24.73 -69.49 -81.75
C TYR WE 111 24.24 -70.23 -82.98
N VAL WE 112 23.46 -71.31 -82.77
CA VAL WE 112 22.98 -72.08 -83.91
C VAL WE 112 22.04 -71.25 -84.76
N LYS WE 113 21.27 -70.36 -84.14
CA LYS WE 113 20.42 -69.45 -84.92
C LYS WE 113 21.23 -68.65 -85.91
N GLN WE 114 22.38 -68.12 -85.47
CA GLN WE 114 23.22 -67.35 -86.37
C GLN WE 114 23.90 -68.25 -87.40
N ILE WE 115 24.25 -69.47 -87.00
CA ILE WE 115 24.89 -70.40 -87.92
C ILE WE 115 24.00 -70.66 -89.12
N THR WE 116 22.71 -70.87 -88.88
CA THR WE 116 21.79 -71.15 -89.97
C THR WE 116 21.73 -69.98 -90.95
N LEU WE 117 21.65 -68.76 -90.43
CA LEU WE 117 21.62 -67.59 -91.30
C LEU WE 117 22.94 -67.42 -92.04
N TRP WE 118 24.06 -67.62 -91.34
CA TRP WE 118 25.37 -67.39 -91.94
C TRP WE 118 25.68 -68.38 -93.05
N GLN WE 119 25.03 -69.54 -93.07
CA GLN WE 119 25.28 -70.55 -94.10
C GLN WE 119 24.21 -70.56 -95.18
N ASP WE 120 22.95 -70.32 -94.82
CA ASP WE 120 21.88 -70.38 -95.81
C ASP WE 120 22.04 -69.29 -96.86
N THR WE 121 22.45 -68.10 -96.44
CA THR WE 121 22.66 -67.02 -97.40
C THR WE 121 23.81 -67.38 -98.35
N PRO WE 122 23.79 -66.84 -99.56
CA PRO WE 122 24.86 -67.16 -100.51
C PRO WE 122 26.21 -66.70 -100.00
N GLN WE 123 27.26 -67.42 -100.42
CA GLN WE 123 28.61 -67.15 -99.93
C GLN WE 123 29.05 -65.73 -100.23
N ALA WE 124 28.45 -65.07 -101.23
CA ALA WE 124 28.82 -63.71 -101.56
C ALA WE 124 28.33 -62.67 -100.56
N PHE WE 125 27.46 -63.07 -99.62
CA PHE WE 125 26.89 -62.16 -98.65
C PHE WE 125 27.16 -62.54 -97.20
N ARG WE 126 27.71 -63.73 -96.94
CA ARG WE 126 27.87 -64.19 -95.56
C ARG WE 126 28.74 -63.22 -94.76
N GLY WE 127 29.99 -63.05 -95.16
CA GLY WE 127 30.91 -62.21 -94.43
C GLY WE 127 31.93 -62.99 -93.63
N ASP WE 128 31.76 -63.00 -92.30
CA ASP WE 128 32.67 -63.70 -91.41
C ASP WE 128 31.87 -64.63 -90.50
N GLN WE 129 32.44 -65.79 -90.22
CA GLN WE 129 31.77 -66.75 -89.35
C GLN WE 129 31.58 -66.16 -87.96
N PRO WE 130 30.40 -66.29 -87.35
CA PRO WE 130 30.19 -65.79 -85.99
C PRO WE 130 30.81 -66.75 -84.97
N LYS WE 131 31.76 -66.25 -84.20
CA LYS WE 131 32.44 -67.10 -83.24
C LYS WE 131 31.47 -67.55 -82.15
N PRO WE 132 31.49 -68.83 -81.78
CA PRO WE 132 30.59 -69.28 -80.72
C PRO WE 132 30.94 -68.64 -79.39
N PRO WE 133 29.97 -68.49 -78.49
CA PRO WE 133 30.28 -67.91 -77.18
C PRO WE 133 31.22 -68.80 -76.39
N SER WE 134 32.03 -68.18 -75.53
CA SER WE 134 33.00 -68.90 -74.73
C SER WE 134 32.30 -69.63 -73.59
N PHE WE 135 33.09 -70.26 -72.72
CA PHE WE 135 32.57 -71.03 -71.60
C PHE WE 135 32.08 -70.07 -70.54
N THR XE 3 0.31 -51.89 -111.18
CA THR XE 3 -0.07 -50.49 -111.06
C THR XE 3 -0.33 -50.08 -109.61
N PHE XE 4 -0.67 -51.04 -108.74
CA PHE XE 4 -0.88 -50.72 -107.34
C PHE XE 4 0.40 -50.18 -106.72
N ILE XE 5 1.55 -50.78 -107.07
CA ILE XE 5 2.82 -50.30 -106.53
C ILE XE 5 3.02 -48.84 -106.90
N GLU XE 6 2.64 -48.47 -108.12
CA GLU XE 6 2.70 -47.07 -108.53
C GLU XE 6 1.81 -46.22 -107.64
N LEU XE 7 0.62 -46.72 -107.30
CA LEU XE 7 -0.28 -45.97 -106.44
C LEU XE 7 0.33 -45.75 -105.06
N VAL XE 8 1.25 -46.62 -104.65
CA VAL XE 8 1.93 -46.47 -103.37
C VAL XE 8 3.35 -45.92 -103.53
N LYS XE 9 3.93 -46.02 -104.73
CA LYS XE 9 5.29 -45.50 -104.92
C LYS XE 9 5.37 -44.02 -104.59
N ASN XE 10 4.26 -43.29 -104.73
CA ASN XE 10 4.23 -41.88 -104.37
C ASN XE 10 4.00 -41.64 -102.88
N MET XE 11 3.61 -42.67 -102.14
CA MET XE 11 3.38 -42.50 -100.71
C MET XE 11 4.68 -42.17 -99.99
N LYS XE 12 4.57 -41.38 -98.91
CA LYS XE 12 5.75 -40.97 -98.16
C LYS XE 12 6.46 -42.17 -97.55
N GLY XE 13 5.70 -43.09 -96.98
CA GLY XE 13 6.28 -44.21 -96.27
C GLY XE 13 6.55 -45.42 -97.15
N TYR XE 14 6.37 -45.28 -98.45
CA TYR XE 14 6.62 -46.39 -99.36
C TYR XE 14 8.09 -46.78 -99.35
N LYS XE 15 8.35 -48.09 -99.42
CA LYS XE 15 9.70 -48.61 -99.37
C LYS XE 15 9.84 -49.74 -100.38
N GLU XE 16 11.07 -49.95 -100.84
CA GLU XE 16 11.38 -51.04 -101.76
C GLU XE 16 11.70 -52.28 -100.93
N LEU XE 17 10.63 -52.93 -100.45
CA LEU XE 17 10.79 -54.13 -99.65
C LEU XE 17 11.34 -55.30 -100.47
N LEU XE 18 11.24 -55.24 -101.79
CA LEU XE 18 11.72 -56.31 -102.65
C LEU XE 18 13.24 -56.27 -102.70
N LEU XE 19 13.87 -57.15 -101.94
CA LEU XE 19 15.32 -57.18 -101.87
C LEU XE 19 15.91 -57.77 -103.15
N PRO XE 20 17.20 -57.57 -103.39
CA PRO XE 20 17.80 -58.09 -104.62
C PRO XE 20 17.64 -59.60 -104.72
N MET XE 21 17.44 -60.06 -105.96
CA MET XE 21 17.25 -61.49 -106.19
C MET XE 21 18.48 -62.29 -105.74
N GLU XE 22 19.67 -61.79 -106.05
CA GLU XE 22 20.89 -62.49 -105.63
C GLU XE 22 20.99 -62.57 -104.12
N MET XE 23 20.43 -61.59 -103.41
CA MET XE 23 20.56 -61.55 -101.96
C MET XE 23 19.86 -62.75 -101.32
N VAL XE 24 18.66 -63.09 -101.78
CA VAL XE 24 17.85 -64.14 -101.16
C VAL XE 24 18.34 -65.51 -101.61
N PRO XE 25 18.15 -66.56 -100.80
CA PRO XE 25 18.55 -67.91 -101.23
C PRO XE 25 17.49 -68.58 -102.08
N LEU XE 26 17.69 -69.86 -102.39
CA LEU XE 26 16.74 -70.59 -103.20
C LEU XE 26 15.43 -70.78 -102.44
N PRO XE 27 14.33 -71.02 -103.15
CA PRO XE 27 13.03 -71.12 -102.47
C PRO XE 27 12.98 -72.19 -101.38
N ALA XE 28 13.65 -73.32 -101.60
CA ALA XE 28 13.56 -74.42 -100.65
C ALA XE 28 14.11 -74.02 -99.28
N VAL XE 29 15.24 -73.30 -99.27
CA VAL XE 29 15.87 -72.93 -98.01
C VAL XE 29 14.99 -71.95 -97.23
N VAL XE 30 14.33 -71.04 -97.94
CA VAL XE 30 13.51 -70.03 -97.26
C VAL XE 30 12.40 -70.71 -96.47
N LEU XE 31 11.75 -71.72 -97.06
CA LEU XE 31 10.68 -72.42 -96.37
C LEU XE 31 11.14 -72.95 -95.02
N LYS XE 32 12.41 -73.33 -94.92
CA LYS XE 32 12.94 -73.83 -93.66
C LYS XE 32 12.83 -72.78 -92.56
N HIS XE 33 13.17 -71.52 -92.87
CA HIS XE 33 13.14 -70.48 -91.86
C HIS XE 33 11.71 -70.11 -91.47
N VAL XE 34 10.76 -70.32 -92.37
CA VAL XE 34 9.37 -70.00 -92.05
C VAL XE 34 8.88 -70.87 -90.90
N LYS XE 35 9.19 -72.17 -90.96
CA LYS XE 35 8.84 -73.06 -89.85
C LYS XE 35 9.56 -72.64 -88.57
N LEU XE 36 10.85 -72.31 -88.68
CA LEU XE 36 11.63 -71.96 -87.50
C LEU XE 36 11.14 -70.66 -86.88
N ILE XE 37 10.86 -69.64 -87.71
CA ILE XE 37 10.43 -68.36 -87.17
C ILE XE 37 9.01 -68.47 -86.60
N LEU XE 38 8.12 -69.13 -87.32
CA LEU XE 38 6.77 -69.32 -86.81
C LEU XE 38 6.78 -70.15 -85.53
N THR XE 39 7.56 -71.23 -85.51
CA THR XE 39 7.63 -72.07 -84.32
C THR XE 39 8.19 -71.30 -83.14
N SER XE 40 9.27 -70.54 -83.35
CA SER XE 40 9.88 -69.79 -82.26
C SER XE 40 8.93 -68.75 -81.70
N GLN XE 41 8.23 -68.02 -82.58
CA GLN XE 41 7.34 -66.97 -82.14
C GLN XE 41 6.15 -67.56 -81.40
N LYS XE 42 5.70 -66.86 -80.36
CA LYS XE 42 4.62 -67.34 -79.51
C LYS XE 42 3.39 -66.46 -79.58
N GLU XE 43 3.52 -65.14 -79.40
CA GLU XE 43 2.36 -64.27 -79.42
C GLU XE 43 1.71 -64.30 -80.79
N HIS XE 44 0.37 -64.33 -80.78
CA HIS XE 44 -0.39 -64.41 -82.02
C HIS XE 44 -0.71 -63.01 -82.54
N GLN XE 45 -0.26 -62.71 -83.75
CA GLN XE 45 -0.56 -61.49 -84.45
C GLN XE 45 -0.98 -61.82 -85.87
N PRO XE 46 -1.69 -60.90 -86.54
CA PRO XE 46 -2.17 -61.21 -87.90
C PRO XE 46 -1.05 -61.48 -88.89
N TRP XE 47 0.15 -60.95 -88.68
CA TRP XE 47 1.20 -61.12 -89.68
C TRP XE 47 1.60 -62.58 -89.82
N MET XE 48 1.75 -63.30 -88.71
CA MET XE 48 2.10 -64.71 -88.80
C MET XE 48 0.99 -65.51 -89.47
N THR XE 49 -0.26 -65.18 -89.17
CA THR XE 49 -1.37 -65.86 -89.84
C THR XE 49 -1.32 -65.62 -91.35
N GLU XE 50 -1.08 -64.38 -91.76
CA GLU XE 50 -0.96 -64.09 -93.18
C GLU XE 50 0.38 -64.54 -93.74
N MET XE 51 1.42 -64.56 -92.91
CA MET XE 51 2.74 -64.98 -93.38
C MET XE 51 2.71 -66.43 -93.85
N ALA XE 52 2.03 -67.31 -93.10
CA ALA XE 52 1.93 -68.71 -93.49
C ALA XE 52 1.20 -68.86 -94.82
N LEU XE 53 0.11 -68.10 -95.00
CA LEU XE 53 -0.67 -68.21 -96.23
C LEU XE 53 0.16 -67.81 -97.44
N LYS XE 54 0.95 -66.75 -97.31
CA LYS XE 54 1.76 -66.29 -98.43
C LYS XE 54 2.79 -67.35 -98.83
N ALA XE 55 3.39 -68.01 -97.84
CA ALA XE 55 4.38 -69.05 -98.13
C ALA XE 55 3.72 -70.32 -98.65
N ASP XE 56 2.47 -70.56 -98.27
CA ASP XE 56 1.80 -71.80 -98.67
C ASP XE 56 1.68 -71.89 -100.19
N GLN XE 57 1.39 -70.77 -100.85
CA GLN XE 57 1.18 -70.79 -102.30
C GLN XE 57 2.39 -71.37 -103.01
N CYS XE 58 3.60 -71.07 -102.52
CA CYS XE 58 4.80 -71.59 -103.16
C CYS XE 58 4.82 -73.12 -103.18
N LEU XE 59 4.29 -73.76 -102.13
CA LEU XE 59 4.28 -75.21 -102.09
C LEU XE 59 3.44 -75.79 -103.22
N ILE XE 60 2.30 -75.19 -103.51
CA ILE XE 60 1.44 -75.71 -104.57
C ILE XE 60 2.15 -75.66 -105.91
N HIS XE 61 2.85 -74.55 -106.18
CA HIS XE 61 3.57 -74.41 -107.44
C HIS XE 61 4.66 -75.47 -107.56
N LYS XE 62 5.27 -75.86 -106.45
CA LYS XE 62 6.29 -76.90 -106.49
C LYS XE 62 5.72 -78.19 -107.08
N ALA XE 63 4.56 -78.63 -106.56
CA ALA XE 63 3.94 -79.84 -107.07
C ALA XE 63 3.26 -79.60 -108.41
N THR XE 64 2.71 -78.41 -108.63
CA THR XE 64 2.03 -78.13 -109.90
C THR XE 64 2.99 -78.32 -111.07
N LEU XE 65 4.18 -77.73 -110.98
CA LEU XE 65 5.17 -77.91 -112.04
C LEU XE 65 5.80 -79.29 -111.99
N PRO XE 78 5.75 -70.06 -122.50
CA PRO XE 78 5.59 -68.81 -121.73
C PRO XE 78 4.87 -69.03 -120.41
N LEU XE 79 3.91 -69.94 -120.36
CA LEU XE 79 3.17 -70.17 -119.12
C LEU XE 79 4.08 -70.75 -118.04
N ILE XE 80 4.82 -71.82 -118.38
CA ILE XE 80 5.67 -72.47 -117.40
C ILE XE 80 6.78 -71.53 -116.95
N GLU XE 81 7.40 -70.82 -117.91
CA GLU XE 81 8.51 -69.93 -117.58
C GLU XE 81 8.07 -68.83 -116.62
N ALA XE 82 6.88 -68.27 -116.85
CA ALA XE 82 6.39 -67.21 -115.97
C ALA XE 82 6.24 -67.70 -114.54
N MET XE 83 5.73 -68.94 -114.36
CA MET XE 83 5.56 -69.47 -113.01
C MET XE 83 6.89 -69.54 -112.27
N GLN XE 84 7.96 -69.92 -112.98
CA GLN XE 84 9.27 -70.00 -112.34
C GLN XE 84 9.68 -68.63 -111.78
N GLN XE 85 9.44 -67.57 -112.54
CA GLN XE 85 9.75 -66.23 -112.05
C GLN XE 85 8.79 -65.83 -110.93
N ILE XE 86 7.54 -66.28 -111.00
CA ILE XE 86 6.56 -65.93 -109.97
C ILE XE 86 6.99 -66.49 -108.63
N ILE XE 87 7.48 -67.73 -108.60
CA ILE XE 87 7.93 -68.33 -107.35
C ILE XE 87 9.03 -67.49 -106.73
N LEU XE 88 10.01 -67.07 -107.54
CA LEU XE 88 11.08 -66.24 -107.02
C LEU XE 88 10.56 -64.90 -106.53
N ALA XE 89 9.47 -64.41 -107.12
CA ALA XE 89 8.90 -63.13 -106.68
C ALA XE 89 8.44 -63.22 -105.23
N MET XE 90 7.78 -64.32 -104.87
CA MET XE 90 7.30 -64.47 -103.50
C MET XE 90 8.45 -64.69 -102.53
N THR XE 91 9.52 -65.33 -102.97
CA THR XE 91 10.65 -65.58 -102.07
C THR XE 91 11.25 -64.28 -101.58
N ARG XE 92 11.40 -63.29 -102.48
CA ARG XE 92 11.93 -62.00 -102.06
C ARG XE 92 11.02 -61.36 -101.03
N GLU XE 93 9.70 -61.43 -101.25
CA GLU XE 93 8.77 -60.85 -100.29
C GLU XE 93 8.84 -61.58 -98.95
N LEU XE 94 8.95 -62.90 -98.97
CA LEU XE 94 9.00 -63.66 -97.72
C LEU XE 94 10.25 -63.34 -96.94
N TRP XE 95 11.40 -63.26 -97.61
CA TRP XE 95 12.65 -63.02 -96.91
C TRP XE 95 12.64 -61.66 -96.21
N GLY XE 96 11.90 -60.70 -96.75
CA GLY XE 96 11.82 -59.40 -96.11
C GLY XE 96 11.21 -59.47 -94.73
N GLN XE 97 10.10 -60.19 -94.60
CA GLN XE 97 9.47 -60.34 -93.29
C GLN XE 97 10.38 -61.11 -92.34
N ILE XE 98 11.11 -62.09 -92.87
CA ILE XE 98 12.04 -62.86 -92.03
C ILE XE 98 13.09 -61.95 -91.43
N GLN XE 99 13.73 -61.13 -92.27
CA GLN XE 99 14.80 -60.26 -91.78
C GLN XE 99 14.23 -59.14 -90.90
N ARG XE 100 13.11 -58.56 -91.30
CA ARG XE 100 12.53 -57.48 -90.50
C ARG XE 100 12.10 -57.98 -89.13
N HIS XE 101 11.52 -59.18 -89.06
CA HIS XE 101 11.10 -59.71 -87.77
C HIS XE 101 12.30 -60.03 -86.89
N HIS XE 102 13.33 -60.64 -87.45
CA HIS XE 102 14.50 -61.01 -86.65
C HIS XE 102 15.23 -59.76 -86.14
N TYR XE 103 15.57 -58.85 -87.05
CA TYR XE 103 16.31 -57.64 -86.69
C TYR XE 103 15.38 -56.45 -86.45
N GLY XE 104 14.63 -56.07 -87.46
CA GLY XE 104 13.75 -54.92 -87.37
C GLY XE 104 13.49 -54.33 -88.73
N ILE XE 105 12.40 -53.56 -88.81
CA ILE XE 105 11.99 -52.98 -90.08
C ILE XE 105 13.02 -51.96 -90.56
N VAL XE 106 13.49 -51.10 -89.66
CA VAL XE 106 14.41 -50.04 -90.05
C VAL XE 106 15.76 -50.63 -90.44
N GLN XE 107 16.22 -51.64 -89.71
CA GLN XE 107 17.56 -52.18 -89.96
C GLN XE 107 17.67 -52.77 -91.36
N VAL XE 108 16.65 -53.51 -91.79
CA VAL XE 108 16.68 -54.08 -93.13
C VAL XE 108 16.71 -52.97 -94.17
N GLU XE 109 15.84 -51.98 -94.02
CA GLU XE 109 15.86 -50.84 -94.95
C GLU XE 109 17.19 -50.11 -94.88
N HIS XE 110 17.80 -50.07 -93.70
CA HIS XE 110 19.08 -49.38 -93.53
C HIS XE 110 20.24 -50.20 -94.09
N TYR XE 111 20.18 -51.53 -93.95
CA TYR XE 111 21.31 -52.38 -94.32
C TYR XE 111 21.27 -52.84 -95.77
N VAL XE 112 20.08 -52.93 -96.37
CA VAL XE 112 19.98 -53.47 -97.73
C VAL XE 112 20.76 -52.60 -98.70
N LYS XE 113 20.64 -51.28 -98.57
CA LYS XE 113 21.30 -50.39 -99.50
C LYS XE 113 22.82 -50.50 -99.41
N GLN XE 114 23.34 -50.70 -98.20
CA GLN XE 114 24.79 -50.71 -98.01
C GLN XE 114 25.44 -51.80 -98.86
N ILE XE 115 24.89 -53.01 -98.83
CA ILE XE 115 25.49 -54.12 -99.57
C ILE XE 115 25.38 -53.87 -101.07
N THR XE 116 24.28 -53.26 -101.51
CA THR XE 116 24.13 -52.98 -102.94
C THR XE 116 25.22 -52.04 -103.42
N LEU XE 117 25.54 -51.02 -102.63
CA LEU XE 117 26.61 -50.10 -102.99
C LEU XE 117 27.94 -50.83 -103.10
N TRP XE 118 28.24 -51.72 -102.14
CA TRP XE 118 29.51 -52.43 -102.16
C TRP XE 118 29.67 -53.24 -103.45
N GLN XE 119 28.56 -53.64 -104.07
CA GLN XE 119 28.63 -54.38 -105.32
C GLN XE 119 28.79 -53.45 -106.51
N ASP XE 120 27.93 -52.43 -106.60
CA ASP XE 120 27.96 -51.48 -107.72
C ASP XE 120 29.12 -50.51 -107.49
N THR XE 121 30.33 -51.01 -107.73
CA THR XE 121 31.54 -50.23 -107.56
C THR XE 121 32.64 -50.89 -108.38
N PRO XE 122 33.62 -50.12 -108.88
CA PRO XE 122 34.64 -50.73 -109.75
C PRO XE 122 35.56 -51.70 -109.02
N GLN XE 123 35.02 -52.87 -108.69
CA GLN XE 123 35.78 -53.97 -108.11
C GLN XE 123 36.87 -53.53 -107.13
N ALA XE 124 37.92 -52.88 -107.63
CA ALA XE 124 39.09 -52.60 -106.79
C ALA XE 124 38.70 -51.83 -105.53
N PHE XE 125 38.00 -50.70 -105.70
CA PHE XE 125 37.56 -49.90 -104.56
C PHE XE 125 36.15 -50.29 -104.14
N ARG XE 126 35.91 -51.59 -103.95
CA ARG XE 126 34.57 -52.04 -103.58
C ARG XE 126 34.22 -51.60 -102.17
N GLY XE 127 35.19 -51.63 -101.26
CA GLY XE 127 34.94 -51.23 -99.88
C GLY XE 127 35.69 -52.10 -98.90
N ASP XE 128 35.00 -52.58 -97.86
CA ASP XE 128 35.62 -53.41 -96.85
C ASP XE 128 34.71 -54.57 -96.45
N GLN XE 129 33.91 -55.06 -97.39
CA GLN XE 129 33.01 -56.18 -97.11
C GLN XE 129 32.10 -55.83 -95.95
N PRO XE 130 31.13 -54.93 -96.14
CA PRO XE 130 30.34 -54.45 -95.01
C PRO XE 130 29.73 -55.58 -94.21
N LYS XE 131 29.83 -55.48 -92.89
CA LYS XE 131 29.34 -56.54 -92.02
C LYS XE 131 27.81 -56.56 -92.02
N PRO XE 132 27.20 -57.74 -91.88
CA PRO XE 132 25.75 -57.81 -91.75
C PRO XE 132 25.30 -57.26 -90.41
N PRO XE 133 24.03 -56.88 -90.27
CA PRO XE 133 23.58 -56.25 -89.03
C PRO XE 133 23.75 -57.19 -87.84
N THR YE 3 -82.98 65.36 72.06
CA THR YE 3 -82.22 66.26 71.20
C THR YE 3 -81.11 65.52 70.46
N PHE YE 4 -80.41 64.62 71.16
CA PHE YE 4 -79.27 63.92 70.55
C PHE YE 4 -79.71 63.08 69.36
N ILE YE 5 -80.82 62.36 69.49
CA ILE YE 5 -81.27 61.48 68.42
C ILE YE 5 -81.56 62.29 67.17
N GLU YE 6 -82.11 63.50 67.34
CA GLU YE 6 -82.33 64.38 66.20
C GLU YE 6 -81.01 64.67 65.49
N LEU YE 7 -79.94 64.90 66.26
CA LEU YE 7 -78.65 65.19 65.65
C LEU YE 7 -78.14 63.99 64.85
N VAL YE 8 -78.32 62.78 65.39
CA VAL YE 8 -77.82 61.60 64.71
C VAL YE 8 -78.60 61.35 63.42
N LYS YE 9 -79.91 61.56 63.46
CA LYS YE 9 -80.72 61.38 62.26
C LYS YE 9 -80.21 62.25 61.11
N ASN YE 10 -79.57 63.37 61.44
CA ASN YE 10 -78.97 64.24 60.43
C ASN YE 10 -77.56 63.73 60.07
N MET YE 11 -77.51 62.48 59.61
CA MET YE 11 -76.26 61.83 59.25
C MET YE 11 -76.48 60.96 58.03
N LYS YE 12 -75.38 60.63 57.37
CA LYS YE 12 -75.41 59.89 56.12
C LYS YE 12 -75.25 58.40 56.37
N GLY YE 13 -76.03 57.61 55.64
CA GLY YE 13 -76.08 56.18 55.86
C GLY YE 13 -76.96 55.74 57.00
N TYR YE 14 -77.83 56.63 57.50
CA TYR YE 14 -78.69 56.32 58.63
C TYR YE 14 -79.87 55.48 58.16
N LYS YE 15 -79.93 54.23 58.62
CA LYS YE 15 -81.04 53.33 58.32
C LYS YE 15 -81.83 53.10 59.61
N GLU YE 16 -83.12 53.45 59.57
CA GLU YE 16 -83.95 53.30 60.76
C GLU YE 16 -84.18 51.83 61.07
N LEU YE 17 -84.28 51.52 62.36
CA LEU YE 17 -84.45 50.14 62.80
C LEU YE 17 -85.48 49.98 63.91
N LEU YE 18 -86.27 51.02 64.19
CA LEU YE 18 -87.25 50.98 65.27
C LEU YE 18 -88.66 51.08 64.67
N LEU YE 19 -89.54 50.18 65.11
CA LEU YE 19 -90.91 50.17 64.64
C LEU YE 19 -91.74 51.18 65.42
N PRO YE 20 -92.93 51.52 64.91
CA PRO YE 20 -93.81 52.43 65.67
C PRO YE 20 -94.19 51.84 67.01
N MET YE 21 -94.40 52.73 67.99
CA MET YE 21 -94.76 52.29 69.33
C MET YE 21 -96.05 51.47 69.33
N GLU YE 22 -96.92 51.69 68.33
CA GLU YE 22 -98.20 51.00 68.28
C GLU YE 22 -98.08 49.57 67.76
N MET YE 23 -96.91 49.17 67.25
CA MET YE 23 -96.74 47.84 66.69
C MET YE 23 -95.85 46.92 67.53
N VAL YE 24 -94.98 47.48 68.37
CA VAL YE 24 -94.09 46.67 69.18
C VAL YE 24 -94.91 45.88 70.18
N PRO YE 25 -94.46 44.70 70.61
CA PRO YE 25 -95.23 43.91 71.57
C PRO YE 25 -95.31 44.62 72.92
N LEU YE 26 -96.12 44.05 73.79
CA LEU YE 26 -96.18 44.53 75.15
C LEU YE 26 -94.87 44.22 75.87
N PRO YE 27 -94.51 45.01 76.89
CA PRO YE 27 -93.21 44.79 77.54
C PRO YE 27 -93.05 43.40 78.10
N ALA YE 28 -94.13 42.80 78.61
CA ALA YE 28 -94.05 41.46 79.14
C ALA YE 28 -93.65 40.46 78.07
N VAL YE 29 -94.19 40.61 76.87
CA VAL YE 29 -93.90 39.66 75.80
C VAL YE 29 -92.44 39.75 75.38
N VAL YE 30 -91.88 40.96 75.37
CA VAL YE 30 -90.52 41.14 74.88
C VAL YE 30 -89.55 40.36 75.75
N LEU YE 31 -89.72 40.42 77.07
CA LEU YE 31 -88.82 39.72 77.97
C LEU YE 31 -88.75 38.24 77.66
N LYS YE 32 -89.83 37.66 77.15
CA LYS YE 32 -89.84 36.24 76.85
C LYS YE 32 -88.81 35.88 75.80
N HIS YE 33 -88.69 36.70 74.74
CA HIS YE 33 -87.70 36.43 73.72
C HIS YE 33 -86.28 36.66 74.25
N VAL YE 34 -86.13 37.54 75.23
CA VAL YE 34 -84.80 37.81 75.77
C VAL YE 34 -84.21 36.54 76.37
N LYS YE 35 -85.00 35.82 77.15
CA LYS YE 35 -84.51 34.61 77.79
C LYS YE 35 -84.10 33.57 76.76
N LEU YE 36 -84.92 33.40 75.72
CA LEU YE 36 -84.60 32.42 74.68
C LEU YE 36 -83.35 32.83 73.93
N ILE YE 37 -83.28 34.08 73.48
CA ILE YE 37 -82.16 34.53 72.68
C ILE YE 37 -80.88 34.50 73.51
N LEU YE 38 -80.94 35.01 74.75
CA LEU YE 38 -79.78 34.98 75.61
C LEU YE 38 -79.36 33.55 75.92
N THR YE 39 -80.31 32.73 76.39
CA THR YE 39 -79.96 31.39 76.85
C THR YE 39 -79.64 30.48 75.67
N SER YE 40 -80.46 30.52 74.61
CA SER YE 40 -80.26 29.68 73.44
C SER YE 40 -79.22 30.34 72.52
N GLN YE 41 -78.02 30.49 73.05
CA GLN YE 41 -76.92 31.08 72.31
C GLN YE 41 -75.61 30.43 72.73
N LYS YE 42 -74.67 30.40 71.79
CA LYS YE 42 -73.35 29.82 72.02
C LYS YE 42 -72.29 30.82 71.58
N GLU YE 43 -71.13 30.76 72.24
CA GLU YE 43 -70.02 31.68 71.95
C GLU YE 43 -70.47 33.13 72.17
N HIS YE 44 -70.78 33.42 73.43
CA HIS YE 44 -71.29 34.72 73.83
C HIS YE 44 -70.57 35.85 73.10
N GLN YE 45 -71.33 36.81 72.61
CA GLN YE 45 -70.85 37.93 71.84
C GLN YE 45 -71.13 39.24 72.57
N PRO YE 46 -70.41 40.31 72.24
CA PRO YE 46 -70.56 41.56 73.01
C PRO YE 46 -71.99 42.08 73.02
N TRP YE 47 -72.72 41.97 71.91
CA TRP YE 47 -74.06 42.52 71.85
C TRP YE 47 -75.01 41.84 72.81
N MET YE 48 -74.71 40.61 73.23
CA MET YE 48 -75.55 39.91 74.19
C MET YE 48 -75.58 40.66 75.51
N THR YE 49 -74.44 41.17 75.95
CA THR YE 49 -74.38 41.90 77.21
C THR YE 49 -75.24 43.14 77.16
N GLU YE 50 -75.21 43.86 76.02
CA GLU YE 50 -76.00 45.08 75.90
C GLU YE 50 -77.48 44.79 76.04
N MET YE 51 -77.95 43.69 75.46
CA MET YE 51 -79.37 43.36 75.53
C MET YE 51 -79.81 43.16 76.97
N ALA YE 52 -79.01 42.41 77.75
CA ALA YE 52 -79.40 42.11 79.13
C ALA YE 52 -79.46 43.38 79.98
N LEU YE 53 -78.49 44.28 79.79
CA LEU YE 53 -78.43 45.48 80.61
C LEU YE 53 -79.69 46.32 80.43
N LYS YE 54 -80.14 46.50 79.19
CA LYS YE 54 -81.34 47.29 78.94
C LYS YE 54 -82.58 46.59 79.50
N ALA YE 55 -82.60 45.25 79.44
CA ALA YE 55 -83.78 44.52 79.87
C ALA YE 55 -84.09 44.78 81.33
N ASP YE 56 -83.07 44.73 82.19
CA ASP YE 56 -83.31 44.94 83.62
C ASP YE 56 -83.85 46.33 83.90
N GLN YE 57 -83.54 47.31 83.05
CA GLN YE 57 -84.02 48.66 83.28
C GLN YE 57 -85.55 48.71 83.22
N CYS YE 58 -86.14 48.01 82.25
CA CYS YE 58 -87.60 48.00 82.14
C CYS YE 58 -88.21 47.38 83.39
N LEU YE 59 -87.61 46.31 83.91
CA LEU YE 59 -88.10 45.70 85.14
C LEU YE 59 -88.01 46.67 86.30
N ILE YE 60 -86.90 47.42 86.39
CA ILE YE 60 -86.75 48.38 87.48
C ILE YE 60 -87.85 49.43 87.42
N HIS YE 61 -88.08 50.00 86.23
CA HIS YE 61 -89.18 50.96 86.09
C HIS YE 61 -90.52 50.28 86.31
N LYS YE 62 -90.68 49.05 85.80
CA LYS YE 62 -91.93 48.32 86.00
C LYS YE 62 -92.18 48.07 87.47
N ALA YE 63 -91.13 47.69 88.21
CA ALA YE 63 -91.27 47.44 89.64
C ALA YE 63 -91.43 48.73 90.44
N THR YE 64 -91.27 49.89 89.80
CA THR YE 64 -91.40 51.17 90.49
C THR YE 64 -92.83 51.67 90.56
N LEU YE 65 -93.68 51.27 89.60
CA LEU YE 65 -95.06 51.76 89.58
C LEU YE 65 -95.83 51.30 90.81
N ASP YE 66 -95.61 50.07 91.28
CA ASP YE 66 -96.32 49.59 92.44
C ASP YE 66 -96.11 50.49 93.65
N PRO YE 78 -97.86 64.00 87.35
CA PRO YE 78 -96.87 63.81 86.28
C PRO YE 78 -95.74 62.88 86.65
N LEU YE 79 -95.09 63.12 87.79
CA LEU YE 79 -93.89 62.37 88.14
C LEU YE 79 -94.19 60.87 88.25
N ILE YE 80 -95.30 60.52 88.90
CA ILE YE 80 -95.65 59.10 89.06
C ILE YE 80 -95.91 58.47 87.69
N GLU YE 81 -96.66 59.17 86.84
CA GLU YE 81 -97.00 58.66 85.52
C GLU YE 81 -95.90 58.92 84.49
N ALA YE 82 -94.94 59.80 84.78
CA ALA YE 82 -93.91 60.12 83.81
C ALA YE 82 -93.06 58.91 83.48
N MET YE 83 -92.69 58.12 84.50
CA MET YE 83 -91.83 56.97 84.26
C MET YE 83 -92.48 55.96 83.33
N GLN YE 84 -93.81 55.89 83.32
CA GLN YE 84 -94.49 54.94 82.45
C GLN YE 84 -94.19 55.20 80.99
N GLN YE 85 -93.93 56.46 80.63
CA GLN YE 85 -93.64 56.80 79.24
C GLN YE 85 -92.35 56.12 78.79
N ILE YE 86 -91.34 56.10 79.65
CA ILE YE 86 -90.06 55.52 79.27
C ILE YE 86 -90.19 54.01 79.08
N ILE YE 87 -91.04 53.37 79.89
CA ILE YE 87 -91.18 51.92 79.81
C ILE YE 87 -91.58 51.50 78.40
N LEU YE 88 -92.60 52.17 77.84
CA LEU YE 88 -93.01 51.87 76.48
C LEU YE 88 -91.89 52.16 75.49
N ALA YE 89 -91.18 53.27 75.68
CA ALA YE 89 -90.09 53.62 74.77
C ALA YE 89 -88.96 52.59 74.85
N MET YE 90 -88.65 52.13 76.06
CA MET YE 90 -87.54 51.20 76.23
C MET YE 90 -87.76 49.93 75.40
N THR YE 91 -89.02 49.48 75.30
CA THR YE 91 -89.31 48.30 74.50
C THR YE 91 -88.97 48.53 73.03
N ARG YE 92 -89.29 49.72 72.52
CA ARG YE 92 -89.07 50.00 71.11
C ARG YE 92 -87.61 49.83 70.73
N GLU YE 93 -86.71 50.37 71.55
CA GLU YE 93 -85.28 50.17 71.30
C GLU YE 93 -84.89 48.72 71.56
N LEU YE 94 -85.47 48.12 72.61
CA LEU YE 94 -85.13 46.74 72.94
C LEU YE 94 -85.59 45.78 71.85
N TRP YE 95 -86.80 45.97 71.33
CA TRP YE 95 -87.30 45.08 70.29
C TRP YE 95 -86.48 45.16 69.03
N GLY YE 96 -85.80 46.28 68.80
CA GLY YE 96 -84.99 46.41 67.60
C GLY YE 96 -83.86 45.40 67.56
N GLN YE 97 -83.23 45.13 68.71
CA GLN YE 97 -82.14 44.17 68.74
C GLN YE 97 -82.66 42.74 68.56
N ILE YE 98 -83.89 42.48 69.01
CA ILE YE 98 -84.45 41.13 68.86
C ILE YE 98 -84.55 40.76 67.39
N GLN YE 99 -85.08 41.68 66.58
CA GLN YE 99 -85.24 41.39 65.16
C GLN YE 99 -83.89 41.25 64.46
N ARG YE 100 -82.89 41.99 64.91
CA ARG YE 100 -81.56 41.85 64.32
C ARG YE 100 -81.03 40.43 64.51
N HIS YE 101 -81.20 39.87 65.71
CA HIS YE 101 -80.75 38.52 65.96
C HIS YE 101 -81.55 37.51 65.15
N HIS YE 102 -82.88 37.66 65.14
CA HIS YE 102 -83.73 36.72 64.44
C HIS YE 102 -83.59 36.88 62.93
N TYR YE 103 -83.95 38.06 62.41
CA TYR YE 103 -83.92 38.29 60.97
C TYR YE 103 -82.53 38.64 60.47
N GLY YE 104 -81.98 39.74 60.97
CA GLY YE 104 -80.71 40.26 60.50
C GLY YE 104 -80.83 41.76 60.33
N ILE YE 105 -79.70 42.46 60.51
CA ILE YE 105 -79.72 43.91 60.46
C ILE YE 105 -80.15 44.39 59.07
N VAL YE 106 -79.60 43.79 58.02
CA VAL YE 106 -79.89 44.25 56.67
C VAL YE 106 -81.37 44.09 56.35
N GLN YE 107 -81.93 42.91 56.67
CA GLN YE 107 -83.33 42.65 56.35
C GLN YE 107 -84.26 43.59 57.11
N VAL YE 108 -83.91 43.92 58.36
CA VAL YE 108 -84.79 44.76 59.16
C VAL YE 108 -84.97 46.12 58.50
N GLU YE 109 -83.88 46.70 58.01
CA GLU YE 109 -83.96 48.03 57.38
C GLU YE 109 -85.04 48.04 56.31
N HIS YE 110 -85.03 47.04 55.43
CA HIS YE 110 -86.05 46.98 54.38
C HIS YE 110 -87.44 46.83 54.98
N TYR YE 111 -87.59 45.98 56.01
CA TYR YE 111 -88.90 45.73 56.57
C TYR YE 111 -89.50 47.00 57.17
N VAL YE 112 -88.69 47.78 57.88
CA VAL YE 112 -89.23 48.98 58.55
C VAL YE 112 -89.76 49.95 57.51
N LYS YE 113 -88.98 50.21 56.46
CA LYS YE 113 -89.42 51.16 55.44
C LYS YE 113 -90.67 50.67 54.76
N GLN YE 114 -90.75 49.36 54.46
CA GLN YE 114 -91.96 48.80 53.89
C GLN YE 114 -93.14 49.00 54.83
N ILE YE 115 -92.93 48.79 56.13
CA ILE YE 115 -93.99 49.05 57.11
C ILE YE 115 -94.33 50.54 57.13
N THR YE 116 -93.31 51.40 57.11
CA THR YE 116 -93.55 52.83 57.17
C THR YE 116 -94.39 53.29 56.00
N LEU YE 117 -93.99 52.92 54.78
CA LEU YE 117 -94.78 53.27 53.60
C LEU YE 117 -96.16 52.65 53.67
N TRP YE 118 -96.25 51.40 54.12
CA TRP YE 118 -97.55 50.76 54.28
C TRP YE 118 -98.41 51.51 55.28
N GLN YE 119 -97.83 51.94 56.39
CA GLN YE 119 -98.58 52.72 57.36
C GLN YE 119 -98.88 54.11 56.83
N ASP YE 120 -97.97 54.69 56.04
CA ASP YE 120 -98.18 56.03 55.51
C ASP YE 120 -99.37 56.09 54.56
N THR YE 121 -99.49 55.09 53.69
CA THR YE 121 -100.57 55.10 52.72
C THR YE 121 -101.91 55.03 53.43
N PRO YE 122 -102.93 55.75 52.96
CA PRO YE 122 -104.24 55.70 53.63
C PRO YE 122 -104.83 54.29 53.60
N GLN YE 123 -105.57 53.97 54.66
CA GLN YE 123 -106.12 52.62 54.81
C GLN YE 123 -107.07 52.25 53.67
N ALA YE 124 -107.63 53.24 52.97
CA ALA YE 124 -108.56 52.93 51.89
C ALA YE 124 -107.89 52.10 50.80
N PHE YE 125 -106.66 52.46 50.43
CA PHE YE 125 -105.91 51.74 49.41
C PHE YE 125 -104.54 51.33 49.95
N ARG YE 126 -104.45 51.07 51.25
CA ARG YE 126 -103.17 50.74 51.86
C ARG YE 126 -102.61 49.44 51.32
N GLY YE 127 -103.46 48.42 51.16
CA GLY YE 127 -103.02 47.13 50.68
C GLY YE 127 -102.68 46.18 51.80
N ASP YE 128 -102.29 44.97 51.40
CA ASP YE 128 -101.94 43.93 52.37
C ASP YE 128 -100.68 44.30 53.12
N GLN YE 129 -100.69 44.05 54.42
CA GLN YE 129 -99.52 44.34 55.25
C GLN YE 129 -98.37 43.42 54.85
N PRO YE 130 -97.17 43.95 54.64
CA PRO YE 130 -96.04 43.08 54.26
C PRO YE 130 -95.65 42.15 55.39
N LYS YE 131 -95.13 40.99 55.01
CA LYS YE 131 -94.72 39.99 55.97
C LYS YE 131 -93.27 40.19 56.38
N PRO YE 132 -92.88 39.68 57.54
CA PRO YE 132 -91.49 39.84 58.00
C PRO YE 132 -90.52 39.19 57.03
N PRO YE 133 -89.24 39.57 57.07
CA PRO YE 133 -88.26 38.96 56.16
C PRO YE 133 -87.94 37.52 56.53
N SER YE 134 -87.00 36.92 55.80
CA SER YE 134 -86.57 35.57 56.09
C SER YE 134 -85.56 35.55 57.23
N PHE YE 135 -85.57 34.46 57.99
CA PHE YE 135 -84.68 34.33 59.13
C PHE YE 135 -83.23 34.23 58.67
N THR ZE 3 -81.86 39.58 87.19
CA THR ZE 3 -81.61 38.17 86.86
C THR ZE 3 -81.05 37.98 85.46
N PHE ZE 4 -81.50 38.76 84.48
CA PHE ZE 4 -81.02 38.59 83.12
C PHE ZE 4 -79.52 38.80 83.03
N ILE ZE 5 -79.01 39.84 83.69
CA ILE ZE 5 -77.58 40.11 83.65
C ILE ZE 5 -76.81 38.96 84.27
N GLU ZE 6 -77.38 38.34 85.31
CA GLU ZE 6 -76.72 37.20 85.93
C GLU ZE 6 -76.57 36.05 84.94
N LEU ZE 7 -77.59 35.82 84.11
CA LEU ZE 7 -77.51 34.76 83.13
C LEU ZE 7 -76.36 34.99 82.16
N VAL ZE 8 -76.16 36.25 81.74
CA VAL ZE 8 -75.04 36.56 80.85
C VAL ZE 8 -73.73 36.27 81.55
N LYS ZE 9 -73.61 36.66 82.82
CA LYS ZE 9 -72.38 36.42 83.57
C LYS ZE 9 -72.10 34.93 83.75
N ASN ZE 10 -73.10 34.08 83.52
CA ASN ZE 10 -72.94 32.64 83.61
C ASN ZE 10 -72.53 32.02 82.28
N MET ZE 11 -72.31 32.82 81.24
CA MET ZE 11 -72.02 32.28 79.92
C MET ZE 11 -70.54 31.92 79.82
N LYS ZE 12 -70.14 31.50 78.62
CA LYS ZE 12 -68.76 31.16 78.31
C LYS ZE 12 -68.19 32.22 77.38
N GLY ZE 13 -67.00 32.72 77.72
CA GLY ZE 13 -66.37 33.78 76.97
C GLY ZE 13 -66.79 35.18 77.35
N TYR ZE 14 -67.72 35.32 78.28
CA TYR ZE 14 -68.15 36.64 78.72
C TYR ZE 14 -67.00 37.36 79.41
N LYS ZE 15 -66.89 38.67 79.15
CA LYS ZE 15 -65.84 39.49 79.71
C LYS ZE 15 -66.42 40.82 80.15
N GLU ZE 16 -65.97 41.31 81.31
CA GLU ZE 16 -66.47 42.56 81.83
C GLU ZE 16 -65.99 43.73 80.98
N LEU ZE 17 -66.86 44.72 80.82
CA LEU ZE 17 -66.54 45.95 80.11
C LEU ZE 17 -66.89 47.22 80.87
N LEU ZE 18 -67.69 47.12 81.93
CA LEU ZE 18 -68.08 48.28 82.72
C LEU ZE 18 -67.02 48.54 83.80
N LEU ZE 19 -67.30 49.52 84.64
CA LEU ZE 19 -66.38 49.95 85.67
C LEU ZE 19 -67.15 50.14 86.98
N PRO ZE 20 -66.45 50.16 88.11
CA PRO ZE 20 -67.13 50.37 89.39
C PRO ZE 20 -67.88 51.70 89.40
N MET ZE 21 -69.01 51.71 90.12
CA MET ZE 21 -69.83 52.91 90.17
C MET ZE 21 -69.02 54.12 90.62
N GLU ZE 22 -68.07 53.91 91.53
CA GLU ZE 22 -67.26 55.03 92.00
C GLU ZE 22 -66.41 55.60 90.88
N MET ZE 23 -65.82 54.75 90.03
CA MET ZE 23 -64.98 55.20 88.93
C MET ZE 23 -65.84 55.53 87.70
N VAL ZE 24 -66.81 56.41 87.93
CA VAL ZE 24 -67.70 56.86 86.86
C VAL ZE 24 -67.83 58.37 86.95
N PRO ZE 25 -67.59 59.12 85.88
CA PRO ZE 25 -67.73 60.58 85.94
C PRO ZE 25 -69.13 60.99 86.37
N LEU ZE 26 -69.24 62.28 86.70
CA LEU ZE 26 -70.52 62.84 87.11
C LEU ZE 26 -71.45 62.95 85.92
N PRO ZE 27 -72.77 63.04 86.15
CA PRO ZE 27 -73.71 63.18 85.03
C PRO ZE 27 -73.55 64.50 84.32
N ALA ZE 28 -74.36 64.73 83.28
CA ALA ZE 28 -74.33 65.98 82.52
C ALA ZE 28 -72.99 66.15 81.82
N VAL ZE 29 -71.92 66.33 82.60
CA VAL ZE 29 -70.60 66.55 82.00
C VAL ZE 29 -70.19 65.32 81.20
N VAL ZE 30 -70.49 64.12 81.70
CA VAL ZE 30 -70.13 62.90 80.99
C VAL ZE 30 -70.82 62.85 79.63
N LEU ZE 31 -72.00 63.47 79.52
CA LEU ZE 31 -72.70 63.49 78.24
C LEU ZE 31 -71.95 64.27 77.17
N LYS ZE 32 -70.97 65.09 77.55
CA LYS ZE 32 -70.25 65.89 76.58
C LYS ZE 32 -69.48 65.02 75.61
N HIS ZE 33 -68.88 63.93 76.09
CA HIS ZE 33 -68.18 63.02 75.20
C HIS ZE 33 -69.09 62.48 74.12
N VAL ZE 34 -70.40 62.44 74.38
CA VAL ZE 34 -71.35 61.98 73.36
C VAL ZE 34 -71.27 62.87 72.13
N LYS ZE 35 -71.29 64.18 72.33
CA LYS ZE 35 -71.23 65.11 71.22
C LYS ZE 35 -69.93 64.98 70.46
N LEU ZE 36 -68.82 64.81 71.17
CA LEU ZE 36 -67.51 64.75 70.53
C LEU ZE 36 -67.33 63.48 69.72
N ILE ZE 37 -68.22 62.50 69.86
CA ILE ZE 37 -68.10 61.23 69.15
C ILE ZE 37 -69.20 61.13 68.11
N LEU ZE 38 -70.32 61.81 68.34
CA LEU ZE 38 -71.40 61.85 67.38
C LEU ZE 38 -71.21 62.97 66.36
N THR ZE 39 -71.04 64.20 66.84
CA THR ZE 39 -70.88 65.32 65.92
C THR ZE 39 -69.63 65.16 65.07
N SER ZE 40 -68.52 64.73 65.69
CA SER ZE 40 -67.27 64.51 64.97
C SER ZE 40 -67.22 63.08 64.42
N GLN ZE 41 -68.22 62.75 63.61
CA GLN ZE 41 -68.33 61.42 63.06
C GLN ZE 41 -69.12 61.47 61.76
N LYS ZE 42 -69.00 60.39 60.98
CA LYS ZE 42 -69.71 60.25 59.72
C LYS ZE 42 -69.85 58.76 59.44
N GLU ZE 43 -70.64 58.42 58.42
CA GLU ZE 43 -70.92 57.04 58.06
C GLU ZE 43 -71.59 56.31 59.23
N HIS ZE 44 -72.79 56.79 59.55
CA HIS ZE 44 -73.60 56.27 60.64
C HIS ZE 44 -73.53 54.75 60.71
N GLN ZE 45 -73.12 54.25 61.85
CA GLN ZE 45 -73.00 52.82 62.11
C GLN ZE 45 -74.04 52.38 63.13
N PRO ZE 46 -74.38 51.08 63.15
CA PRO ZE 46 -75.44 50.64 64.05
C PRO ZE 46 -75.20 50.97 65.51
N TRP ZE 47 -73.95 50.87 65.97
CA TRP ZE 47 -73.68 51.12 67.39
C TRP ZE 47 -73.88 52.58 67.75
N MET ZE 48 -73.74 53.48 66.78
CA MET ZE 48 -73.93 54.90 67.07
C MET ZE 48 -75.35 55.18 67.54
N THR ZE 49 -76.34 54.54 66.90
CA THR ZE 49 -77.72 54.73 67.31
C THR ZE 49 -77.94 54.24 68.74
N GLU ZE 50 -77.31 53.11 69.10
CA GLU ZE 50 -77.46 52.58 70.45
C GLU ZE 50 -76.99 53.60 71.49
N MET ZE 51 -75.84 54.23 71.24
CA MET ZE 51 -75.35 55.25 72.15
C MET ZE 51 -76.30 56.43 72.22
N ALA ZE 52 -76.82 56.86 71.07
CA ALA ZE 52 -77.70 58.03 71.04
C ALA ZE 52 -78.99 57.75 71.82
N LEU ZE 53 -79.56 56.56 71.65
CA LEU ZE 53 -80.81 56.23 72.31
C LEU ZE 53 -80.63 55.94 73.79
N LYS ZE 54 -79.39 55.81 74.27
CA LYS ZE 54 -79.12 55.60 75.69
C LYS ZE 54 -78.76 56.89 76.40
N ALA ZE 55 -77.92 57.72 75.80
CA ALA ZE 55 -77.52 58.98 76.43
C ALA ZE 55 -78.72 59.90 76.61
N ASP ZE 56 -79.58 59.98 75.60
CA ASP ZE 56 -80.74 60.87 75.68
C ASP ZE 56 -81.68 60.48 76.82
N GLN ZE 57 -81.63 59.23 77.28
CA GLN ZE 57 -82.50 58.81 78.37
C GLN ZE 57 -82.19 59.57 79.65
N CYS ZE 58 -80.90 59.83 79.91
CA CYS ZE 58 -80.53 60.54 81.13
C CYS ZE 58 -81.20 61.91 81.19
N LEU ZE 59 -81.24 62.62 80.05
CA LEU ZE 59 -81.91 63.90 80.01
C LEU ZE 59 -83.39 63.75 80.34
N ILE ZE 60 -84.03 62.71 79.83
CA ILE ZE 60 -85.45 62.47 80.11
C ILE ZE 60 -85.65 62.27 81.60
N HIS ZE 61 -84.83 61.41 82.22
CA HIS ZE 61 -84.90 61.23 83.66
C HIS ZE 61 -84.49 62.52 84.38
N LYS ZE 62 -83.46 63.19 83.88
CA LYS ZE 62 -83.03 64.46 84.48
C LYS ZE 62 -84.11 65.52 84.35
N ALA ZE 63 -84.82 65.53 83.22
CA ALA ZE 63 -85.87 66.53 83.01
C ALA ZE 63 -86.97 66.43 84.06
N THR ZE 64 -87.17 65.25 84.65
CA THR ZE 64 -88.21 65.10 85.66
C THR ZE 64 -87.88 65.84 86.94
N LEU ZE 65 -86.61 66.22 87.15
CA LEU ZE 65 -86.25 66.95 88.36
C LEU ZE 65 -87.02 68.26 88.47
N ASP ZE 66 -87.36 68.88 87.34
CA ASP ZE 66 -88.17 70.09 87.39
C ASP ZE 66 -89.53 69.82 88.03
N PRO ZE 78 -89.78 57.24 97.48
CA PRO ZE 78 -89.10 56.17 96.72
C PRO ZE 78 -89.10 56.43 95.23
N LEU ZE 79 -90.18 57.00 94.70
CA LEU ZE 79 -90.23 57.29 93.27
C LEU ZE 79 -89.16 58.29 92.86
N ILE ZE 80 -88.98 59.34 93.66
CA ILE ZE 80 -87.96 60.34 93.37
C ILE ZE 80 -86.58 59.77 93.57
N GLU ZE 81 -86.38 59.03 94.68
CA GLU ZE 81 -85.07 58.45 94.96
C GLU ZE 81 -84.70 57.41 93.90
N ALA ZE 82 -85.66 56.59 93.49
CA ALA ZE 82 -85.35 55.49 92.57
C ALA ZE 82 -84.80 56.01 91.25
N MET ZE 83 -85.39 57.08 90.72
CA MET ZE 83 -84.94 57.60 89.43
C MET ZE 83 -83.49 58.05 89.50
N GLN ZE 84 -83.09 58.70 90.59
CA GLN ZE 84 -81.72 59.16 90.72
C GLN ZE 84 -80.74 58.00 90.68
N GLN ZE 85 -81.10 56.89 91.33
CA GLN ZE 85 -80.22 55.72 91.33
C GLN ZE 85 -80.02 55.17 89.92
N ILE ZE 86 -81.09 55.17 89.11
CA ILE ZE 86 -81.01 54.59 87.78
C ILE ZE 86 -80.02 55.35 86.91
N ILE ZE 87 -79.92 56.67 87.10
CA ILE ZE 87 -79.04 57.48 86.27
C ILE ZE 87 -77.61 56.98 86.38
N LEU ZE 88 -77.19 56.61 87.60
CA LEU ZE 88 -75.83 56.11 87.78
C LEU ZE 88 -75.60 54.84 86.97
N ALA ZE 89 -76.58 53.94 86.96
CA ALA ZE 89 -76.44 52.69 86.22
C ALA ZE 89 -76.29 52.96 84.74
N MET ZE 90 -77.14 53.83 84.18
CA MET ZE 90 -77.04 54.16 82.77
C MET ZE 90 -75.73 54.86 82.45
N THR ZE 91 -75.28 55.75 83.35
CA THR ZE 91 -74.02 56.45 83.11
C THR ZE 91 -72.86 55.47 83.02
N ARG ZE 92 -72.88 54.42 83.85
CA ARG ZE 92 -71.83 53.41 83.80
C ARG ZE 92 -71.77 52.75 82.42
N GLU ZE 93 -72.94 52.43 81.86
CA GLU ZE 93 -72.98 51.81 80.54
C GLU ZE 93 -72.43 52.74 79.47
N LEU ZE 94 -72.73 54.03 79.58
CA LEU ZE 94 -72.26 54.98 78.57
C LEU ZE 94 -70.75 55.00 78.50
N TRP ZE 95 -70.08 54.99 79.65
CA TRP ZE 95 -68.62 55.07 79.64
C TRP ZE 95 -68.00 53.86 78.97
N GLY ZE 96 -68.55 52.67 79.21
CA GLY ZE 96 -68.01 51.48 78.58
C GLY ZE 96 -68.05 51.55 77.07
N GLN ZE 97 -69.15 52.06 76.52
CA GLN ZE 97 -69.24 52.21 75.07
C GLN ZE 97 -68.20 53.19 74.56
N ILE ZE 98 -67.97 54.28 75.29
CA ILE ZE 98 -66.99 55.27 74.87
C ILE ZE 98 -65.60 54.65 74.80
N GLN ZE 99 -65.22 53.92 75.85
CA GLN ZE 99 -63.94 53.22 75.83
C GLN ZE 99 -63.91 52.13 74.77
N ARG ZE 100 -65.06 51.49 74.51
CA ARG ZE 100 -65.14 50.51 73.44
C ARG ZE 100 -64.84 51.12 72.08
N HIS ZE 101 -64.94 52.44 71.96
CA HIS ZE 101 -64.65 53.15 70.73
C HIS ZE 101 -63.29 53.82 70.73
N HIS ZE 102 -62.93 54.50 71.81
CA HIS ZE 102 -61.67 55.22 71.89
C HIS ZE 102 -60.49 54.25 71.93
N TYR ZE 103 -60.43 53.42 72.97
CA TYR ZE 103 -59.33 52.48 73.16
C TYR ZE 103 -59.67 51.08 72.62
N GLY ZE 104 -60.12 51.03 71.38
CA GLY ZE 104 -60.44 49.76 70.79
C GLY ZE 104 -61.59 49.09 71.54
N ILE ZE 105 -61.75 47.79 71.27
CA ILE ZE 105 -62.76 46.99 71.92
C ILE ZE 105 -62.10 45.79 72.58
N VAL ZE 106 -60.94 45.39 72.07
CA VAL ZE 106 -60.21 44.26 72.64
C VAL ZE 106 -59.33 44.72 73.81
N GLN ZE 107 -58.59 45.81 73.61
CA GLN ZE 107 -57.73 46.33 74.67
C GLN ZE 107 -58.51 46.81 75.88
N VAL ZE 108 -59.80 47.11 75.70
CA VAL ZE 108 -60.61 47.60 76.82
C VAL ZE 108 -60.72 46.52 77.89
N GLU ZE 109 -60.95 45.27 77.48
CA GLU ZE 109 -61.10 44.20 78.45
C GLU ZE 109 -59.85 44.05 79.30
N HIS ZE 110 -58.67 44.16 78.68
CA HIS ZE 110 -57.43 44.04 79.44
C HIS ZE 110 -57.32 45.13 80.50
N TYR ZE 111 -57.69 46.36 80.15
CA TYR ZE 111 -57.61 47.45 81.11
C TYR ZE 111 -58.54 47.22 82.29
N VAL ZE 112 -59.80 46.88 82.02
CA VAL ZE 112 -60.74 46.66 83.12
C VAL ZE 112 -60.32 45.45 83.93
N LYS ZE 113 -59.74 44.44 83.29
CA LYS ZE 113 -59.24 43.29 84.03
C LYS ZE 113 -58.23 43.72 85.10
N GLN ZE 114 -57.31 44.62 84.73
CA GLN ZE 114 -56.32 45.10 85.69
C GLN ZE 114 -56.97 46.02 86.72
N ILE ZE 115 -57.98 46.80 86.32
CA ILE ZE 115 -58.65 47.69 87.26
C ILE ZE 115 -59.26 46.89 88.41
N THR ZE 116 -59.91 45.77 88.09
CA THR ZE 116 -60.53 44.96 89.13
C THR ZE 116 -59.49 44.46 90.13
N LEU ZE 117 -58.36 43.96 89.63
CA LEU ZE 117 -57.31 43.49 90.51
C LEU ZE 117 -56.71 44.63 91.32
N TRP ZE 118 -56.48 45.78 90.69
CA TRP ZE 118 -55.83 46.89 91.35
C TRP ZE 118 -56.68 47.48 92.47
N GLN ZE 119 -57.99 47.30 92.43
CA GLN ZE 119 -58.89 47.83 93.44
C GLN ZE 119 -59.32 46.80 94.47
N ASP ZE 120 -59.53 45.55 94.05
CA ASP ZE 120 -60.01 44.54 94.98
C ASP ZE 120 -58.97 44.25 96.06
N THR ZE 121 -57.69 44.23 95.69
CA THR ZE 121 -56.65 44.01 96.67
C THR ZE 121 -56.61 45.15 97.68
N PRO ZE 122 -56.16 44.90 98.90
CA PRO ZE 122 -56.12 45.97 99.90
C PRO ZE 122 -55.19 47.10 99.47
N GLN ZE 123 -55.53 48.31 99.93
CA GLN ZE 123 -54.77 49.49 99.52
C GLN ZE 123 -53.30 49.39 99.87
N ALA ZE 124 -52.93 48.56 100.85
CA ALA ZE 124 -51.54 48.42 101.24
C ALA ZE 124 -50.71 47.62 100.23
N PHE ZE 125 -51.35 47.00 99.23
CA PHE ZE 125 -50.66 46.18 98.25
C PHE ZE 125 -50.87 46.63 96.81
N ARG ZE 126 -51.77 47.57 96.56
CA ARG ZE 126 -52.09 47.95 95.18
C ARG ZE 126 -50.85 48.44 94.45
N GLY ZE 127 -50.27 49.54 94.91
CA GLY ZE 127 -49.12 50.13 94.25
C GLY ZE 127 -49.47 51.38 93.48
N ASP ZE 128 -49.48 51.29 92.16
CA ASP ZE 128 -49.78 52.42 91.29
C ASP ZE 128 -50.90 52.05 90.33
N GLN ZE 129 -51.77 53.00 90.05
CA GLN ZE 129 -52.87 52.75 89.13
C GLN ZE 129 -52.32 52.42 87.74
N PRO ZE 130 -52.85 51.40 87.07
CA PRO ZE 130 -52.39 51.08 85.71
C PRO ZE 130 -53.03 52.03 84.70
N LYS ZE 131 -52.20 52.78 84.00
CA LYS ZE 131 -52.71 53.76 83.05
C LYS ZE 131 -53.43 53.06 81.91
N PRO ZE 132 -54.61 53.54 81.50
CA PRO ZE 132 -55.31 52.90 80.39
C PRO ZE 132 -54.54 53.06 79.10
N PRO ZE 133 -54.70 52.14 78.14
CA PRO ZE 133 -53.99 52.28 76.86
C PRO ZE 133 -54.47 53.51 76.11
N SER ZE 134 -53.57 54.08 75.32
CA SER ZE 134 -53.88 55.28 74.55
C SER ZE 134 -54.76 54.93 73.36
N PHE ZE 135 -55.03 55.94 72.53
CA PHE ZE 135 -55.90 55.76 71.36
C PHE ZE 135 -55.12 55.01 70.29
N THR AF 3 -50.94 17.19 109.58
CA THR AF 3 -49.76 16.34 109.47
C THR AF 3 -49.42 16.01 108.02
N PHE AF 4 -50.40 16.06 107.11
CA PHE AF 4 -50.11 15.82 105.70
C PHE AF 4 -49.14 16.86 105.17
N ILE AF 5 -49.30 18.12 105.57
CA ILE AF 5 -48.38 19.15 105.10
C ILE AF 5 -46.96 18.82 105.52
N GLU AF 6 -46.80 18.28 106.73
CA GLU AF 6 -45.49 17.82 107.16
C GLU AF 6 -44.97 16.71 106.24
N LEU AF 7 -45.85 15.79 105.84
CA LEU AF 7 -45.42 14.73 104.94
C LEU AF 7 -44.96 15.28 103.60
N VAL AF 8 -45.43 16.47 103.23
CA VAL AF 8 -45.00 17.11 101.98
C VAL AF 8 -43.99 18.22 102.23
N LYS AF 9 -43.92 18.76 103.45
CA LYS AF 9 -42.97 19.83 103.73
C LYS AF 9 -41.54 19.40 103.44
N ASN AF 10 -41.25 18.10 103.54
CA ASN AF 10 -39.93 17.58 103.21
C ASN AF 10 -39.74 17.35 101.72
N MET AF 11 -40.80 17.37 100.93
CA MET AF 11 -40.66 17.16 99.49
C MET AF 11 -39.87 18.29 98.85
N LYS AF 12 -39.13 17.94 97.79
CA LYS AF 12 -38.30 18.93 97.11
C LYS AF 12 -39.15 20.05 96.50
N GLY AF 13 -40.27 19.69 95.89
CA GLY AF 13 -41.08 20.67 95.18
C GLY AF 13 -42.15 21.30 96.03
N TYR AF 14 -42.13 21.03 97.34
CA TYR AF 14 -43.11 21.61 98.24
C TYR AF 14 -42.96 23.13 98.30
N LYS AF 15 -44.08 23.83 98.35
CA LYS AF 15 -44.10 25.28 98.36
C LYS AF 15 -45.15 25.77 99.34
N GLU AF 16 -44.92 26.97 99.87
CA GLU AF 16 -45.86 27.62 100.78
C GLU AF 16 -46.89 28.39 99.95
N LEU AF 17 -47.85 27.65 99.39
CA LEU AF 17 -48.89 28.26 98.57
C LEU AF 17 -49.81 29.14 99.40
N LEU AF 18 -49.84 28.97 100.71
CA LEU AF 18 -50.72 29.76 101.58
C LEU AF 18 -50.14 31.17 101.70
N LEU AF 19 -50.71 32.11 100.95
CA LEU AF 19 -50.22 33.47 100.96
C LEU AF 19 -50.62 34.17 102.25
N PRO AF 20 -49.98 35.29 102.57
CA PRO AF 20 -50.30 36.00 103.81
C PRO AF 20 -51.78 36.37 103.88
N MET AF 21 -52.33 36.30 105.09
CA MET AF 21 -53.74 36.62 105.29
C MET AF 21 -54.03 38.06 104.89
N GLU AF 22 -53.16 39.00 105.27
CA GLU AF 22 -53.36 40.39 104.91
C GLU AF 22 -53.35 40.57 103.40
N MET AF 23 -52.60 39.74 102.68
CA MET AF 23 -52.46 39.91 101.23
C MET AF 23 -53.80 39.71 100.53
N VAL AF 24 -54.56 38.68 100.93
CA VAL AF 24 -55.80 38.33 100.23
C VAL AF 24 -56.93 39.26 100.69
N PRO AF 25 -57.95 39.48 99.85
CA PRO AF 25 -59.08 40.32 100.26
C PRO AF 25 -60.12 39.53 101.04
N LEU AF 26 -61.26 40.17 101.34
CA LEU AF 26 -62.31 39.50 102.07
C LEU AF 26 -62.91 38.38 101.24
N PRO AF 27 -63.56 37.40 101.89
CA PRO AF 27 -64.09 36.25 101.13
C PRO AF 27 -65.05 36.64 100.03
N ALA AF 28 -65.90 37.64 100.26
CA ALA AF 28 -66.91 37.99 99.26
C ALA AF 28 -66.28 38.42 97.95
N VAL AF 29 -65.22 39.22 98.01
CA VAL AF 29 -64.60 39.73 96.79
C VAL AF 29 -63.97 38.59 96.00
N VAL AF 30 -63.37 37.62 96.68
CA VAL AF 30 -62.70 36.53 95.99
C VAL AF 30 -63.69 35.76 95.12
N LEU AF 31 -64.88 35.49 95.66
CA LEU AF 31 -65.89 34.77 94.89
C LEU AF 31 -66.17 35.44 93.56
N LYS AF 32 -66.06 36.77 93.52
CA LYS AF 32 -66.30 37.49 92.27
C LYS AF 32 -65.32 37.07 91.19
N HIS AF 33 -64.04 36.93 91.55
CA HIS AF 33 -63.02 36.58 90.56
C HIS AF 33 -63.18 35.13 90.10
N VAL AF 34 -63.74 34.26 90.95
CA VAL AF 34 -63.92 32.87 90.57
C VAL AF 34 -64.86 32.77 89.38
N LYS AF 35 -65.97 33.52 89.42
CA LYS AF 35 -66.88 33.55 88.28
C LYS AF 35 -66.19 34.13 87.05
N LEU AF 36 -65.43 35.21 87.23
CA LEU AF 36 -64.78 35.86 86.10
C LEU AF 36 -63.71 34.97 85.48
N ILE AF 37 -62.89 34.32 86.31
CA ILE AF 37 -61.83 33.48 85.78
C ILE AF 37 -62.40 32.22 85.14
N LEU AF 38 -63.37 31.59 85.80
CA LEU AF 38 -64.00 30.41 85.22
C LEU AF 38 -64.73 30.77 83.92
N THR AF 39 -65.45 31.89 83.92
CA THR AF 39 -66.17 32.30 82.71
C THR AF 39 -65.20 32.61 81.58
N SER AF 40 -64.12 33.33 81.87
CA SER AF 40 -63.16 33.69 80.82
C SER AF 40 -62.50 32.44 80.24
N GLN AF 41 -62.10 31.51 81.10
CA GLN AF 41 -61.42 30.31 80.63
C GLN AF 41 -62.36 29.44 79.81
N LYS AF 42 -61.82 28.82 78.76
CA LYS AF 42 -62.63 28.01 77.85
C LYS AF 42 -62.24 26.54 77.88
N GLU AF 43 -60.95 26.22 77.73
CA GLU AF 43 -60.55 24.82 77.70
C GLU AF 43 -60.86 24.15 79.04
N HIS AF 44 -61.35 22.93 78.97
CA HIS AF 44 -61.76 22.19 80.16
C HIS AF 44 -60.58 21.38 80.69
N GLN AF 45 -60.20 21.64 81.92
CA GLN AF 45 -59.17 20.89 82.64
C GLN AF 45 -59.68 20.56 84.03
N PRO AF 46 -59.10 19.55 84.68
CA PRO AF 46 -59.62 19.15 86.00
C PRO AF 46 -59.52 20.25 87.04
N TRP AF 47 -58.58 21.19 86.91
CA TRP AF 47 -58.40 22.19 87.95
C TRP AF 47 -59.63 23.07 88.09
N MET AF 48 -60.21 23.51 86.98
CA MET AF 48 -61.42 24.34 87.05
C MET AF 48 -62.58 23.57 87.65
N THR AF 49 -62.70 22.28 87.29
CA THR AF 49 -63.76 21.46 87.88
C THR AF 49 -63.58 21.35 89.39
N GLU AF 50 -62.35 21.13 89.85
CA GLU AF 50 -62.08 21.08 91.28
C GLU AF 50 -62.05 22.46 91.90
N MET AF 51 -61.68 23.48 91.12
CA MET AF 51 -61.63 24.84 91.65
C MET AF 51 -63.01 25.30 92.08
N ALA AF 52 -64.03 25.02 91.28
CA ALA AF 52 -65.39 25.40 91.65
C ALA AF 52 -65.84 24.72 92.92
N LEU AF 53 -65.53 23.43 93.06
CA LEU AF 53 -65.96 22.68 94.25
C LEU AF 53 -65.34 23.27 95.51
N LYS AF 54 -64.06 23.62 95.45
CA LYS AF 54 -63.39 24.19 96.62
C LYS AF 54 -64.03 25.50 97.05
N ALA AF 55 -64.40 26.34 96.08
CA ALA AF 55 -65.03 27.61 96.40
C ALA AF 55 -66.47 27.43 96.85
N ASP AF 56 -67.12 26.36 96.39
CA ASP AF 56 -68.53 26.16 96.74
C ASP AF 56 -68.72 26.02 98.24
N GLN AF 57 -67.80 25.32 98.91
CA GLN AF 57 -67.95 25.08 100.34
C GLN AF 57 -68.10 26.38 101.11
N CYS AF 58 -67.37 27.43 100.69
CA CYS AF 58 -67.46 28.71 101.38
C CYS AF 58 -68.87 29.26 101.37
N LEU AF 59 -69.62 29.03 100.28
CA LEU AF 59 -70.99 29.54 100.20
C LEU AF 59 -71.86 28.93 101.28
N ILE AF 60 -71.71 27.62 101.52
CA ILE AF 60 -72.55 26.96 102.51
C ILE AF 60 -72.30 27.55 103.90
N HIS AF 61 -71.02 27.80 104.22
CA HIS AF 61 -70.70 28.38 105.53
C HIS AF 61 -71.30 29.77 105.68
N LYS AF 62 -71.40 30.52 104.59
CA LYS AF 62 -72.02 31.84 104.67
C LYS AF 62 -73.45 31.74 105.19
N ALA AF 63 -74.25 30.84 104.62
CA ALA AF 63 -75.63 30.67 105.06
C ALA AF 63 -75.70 29.88 106.37
N THR AF 64 -74.79 28.94 106.59
CA THR AF 64 -74.81 28.16 107.81
C THR AF 64 -74.70 29.06 109.04
N LEU AF 65 -73.73 29.97 109.02
CA LEU AF 65 -73.58 30.91 110.13
C LEU AF 65 -74.65 32.01 110.08
N PRO AF 78 -66.45 28.24 120.77
CA PRO AF 78 -65.31 27.68 120.03
C PRO AF 78 -65.71 27.14 118.67
N LEU AF 79 -66.90 26.56 118.54
CA LEU AF 79 -67.33 26.01 117.26
C LEU AF 79 -67.52 27.11 116.22
N ILE AF 80 -68.26 28.16 116.57
CA ILE AF 80 -68.52 29.23 115.62
C ILE AF 80 -67.23 29.95 115.26
N GLU AF 81 -66.39 30.24 116.27
CA GLU AF 81 -65.16 30.97 116.01
C GLU AF 81 -64.25 30.21 115.05
N ALA AF 82 -64.16 28.89 115.22
CA ALA AF 82 -63.30 28.09 114.35
C ALA AF 82 -63.76 28.19 112.90
N MET AF 83 -65.08 28.16 112.66
CA MET AF 83 -65.58 28.24 111.30
C MET AF 83 -65.16 29.55 110.64
N GLN AF 84 -65.17 30.65 111.39
CA GLN AF 84 -64.74 31.93 110.82
C GLN AF 84 -63.31 31.85 110.31
N GLN AF 85 -62.42 31.22 111.09
CA GLN AF 85 -61.05 31.04 110.64
C GLN AF 85 -60.96 30.06 109.47
N ILE AF 86 -61.84 29.05 109.47
CA ILE AF 86 -61.81 28.05 108.39
C ILE AF 86 -62.13 28.71 107.06
N ILE AF 87 -63.12 29.61 107.04
CA ILE AF 87 -63.48 30.29 105.80
C ILE AF 87 -62.28 31.06 105.25
N LEU AF 88 -61.56 31.77 106.13
CA LEU AF 88 -60.39 32.50 105.69
C LEU AF 88 -59.29 31.56 105.20
N ALA AF 89 -59.24 30.35 105.74
CA ALA AF 89 -58.24 29.38 105.29
C ALA AF 89 -58.42 29.04 103.82
N MET AF 90 -59.67 28.84 103.40
CA MET AF 90 -59.93 28.49 102.01
C MET AF 90 -59.69 29.68 101.09
N THR AF 91 -59.94 30.90 101.57
CA THR AF 91 -59.73 32.08 100.74
C THR AF 91 -58.28 32.20 100.30
N ARG AF 92 -57.34 31.96 101.23
CA ARG AF 92 -55.93 32.01 100.87
C ARG AF 92 -55.61 30.97 99.81
N GLU AF 93 -56.15 29.76 99.95
CA GLU AF 93 -55.91 28.71 98.96
C GLU AF 93 -56.50 29.10 97.61
N LEU AF 94 -57.71 29.67 97.61
CA LEU AF 94 -58.35 30.03 96.35
C LEU AF 94 -57.58 31.13 95.63
N TRP AF 95 -57.12 32.15 96.38
CA TRP AF 95 -56.43 33.26 95.74
C TRP AF 95 -55.14 32.80 95.08
N GLY AF 96 -54.52 31.73 95.60
CA GLY AF 96 -53.30 31.23 94.98
C GLY AF 96 -53.53 30.74 93.57
N GLN AF 97 -54.59 29.96 93.36
CA GLN AF 97 -54.91 29.49 92.02
C GLN AF 97 -55.27 30.64 91.11
N ILE AF 98 -55.95 31.66 91.64
CA ILE AF 98 -56.31 32.82 90.85
C ILE AF 98 -55.05 33.51 90.32
N GLN AF 99 -54.10 33.78 91.21
CA GLN AF 99 -52.89 34.49 90.79
C GLN AF 99 -52.02 33.62 89.92
N ARG AF 100 -51.88 32.34 90.26
CA ARG AF 100 -51.05 31.44 89.46
C ARG AF 100 -51.61 31.28 88.06
N HIS AF 101 -52.93 31.16 87.93
CA HIS AF 101 -53.53 31.02 86.60
C HIS AF 101 -53.37 32.29 85.78
N HIS AF 102 -53.59 33.45 86.38
CA HIS AF 102 -53.49 34.70 85.64
C HIS AF 102 -52.05 34.97 85.20
N TYR AF 103 -51.11 34.90 86.14
CA TYR AF 103 -49.71 35.19 85.85
C TYR AF 103 -48.91 33.92 85.59
N GLY AF 104 -48.87 33.02 86.56
CA GLY AF 104 -48.10 31.81 86.45
C GLY AF 104 -47.70 31.30 87.82
N ILE AF 105 -47.36 30.00 87.85
CA ILE AF 105 -47.01 29.36 89.12
C ILE AF 105 -45.72 29.94 89.67
N VAL AF 106 -44.71 30.10 88.80
CA VAL AF 106 -43.41 30.58 89.27
C VAL AF 106 -43.50 32.04 89.72
N GLN AF 107 -44.25 32.86 88.98
CA GLN AF 107 -44.28 34.29 89.30
C GLN AF 107 -44.85 34.54 90.68
N VAL AF 108 -45.92 33.84 91.05
CA VAL AF 108 -46.50 34.00 92.38
C VAL AF 108 -45.50 33.60 93.45
N GLU AF 109 -44.86 32.44 93.27
CA GLU AF 109 -43.84 32.01 94.22
C GLU AF 109 -42.68 33.00 94.23
N HIS AF 110 -42.38 33.61 93.09
CA HIS AF 110 -41.27 34.57 93.01
C HIS AF 110 -41.65 35.91 93.61
N TYR AF 111 -42.91 36.35 93.44
CA TYR AF 111 -43.32 37.67 93.85
C TYR AF 111 -43.83 37.74 95.28
N VAL AF 112 -44.36 36.64 95.81
CA VAL AF 112 -44.94 36.68 97.16
C VAL AF 112 -43.89 37.06 98.18
N LYS AF 113 -42.70 36.49 98.07
CA LYS AF 113 -41.66 36.75 99.07
C LYS AF 113 -41.24 38.21 99.05
N GLN AF 114 -41.19 38.82 97.87
CA GLN AF 114 -40.68 40.19 97.76
C GLN AF 114 -41.50 41.14 98.61
N ILE AF 115 -42.82 41.06 98.53
CA ILE AF 115 -43.67 41.98 99.28
C ILE AF 115 -43.54 41.73 100.77
N THR AF 116 -43.39 40.46 101.17
CA THR AF 116 -43.23 40.16 102.59
C THR AF 116 -41.98 40.84 103.15
N LEU AF 117 -40.88 40.80 102.39
CA LEU AF 117 -39.66 41.46 102.83
C LEU AF 117 -39.87 42.96 103.00
N TRP AF 118 -40.56 43.59 102.04
CA TRP AF 118 -40.79 45.03 102.11
C TRP AF 118 -41.53 45.41 103.38
N GLN AF 119 -42.32 44.49 103.94
CA GLN AF 119 -43.04 44.78 105.17
C GLN AF 119 -42.15 44.53 106.40
N ASP AF 120 -41.51 43.37 106.46
CA ASP AF 120 -40.66 43.01 107.59
C ASP AF 120 -39.33 43.76 107.46
N THR AF 121 -39.39 45.05 107.74
CA THR AF 121 -38.22 45.92 107.65
C THR AF 121 -38.48 47.14 108.53
N PRO AF 122 -37.43 47.77 109.08
CA PRO AF 122 -37.68 48.89 109.99
C PRO AF 122 -38.22 50.14 109.29
N GLN AF 123 -39.50 50.07 108.90
CA GLN AF 123 -40.24 51.19 108.34
C GLN AF 123 -39.41 52.09 107.43
N ALA AF 124 -38.44 52.81 108.00
CA ALA AF 124 -37.74 53.83 107.24
C ALA AF 124 -37.10 53.26 105.97
N PHE AF 125 -36.31 52.20 106.13
CA PHE AF 125 -35.67 51.55 104.98
C PHE AF 125 -36.52 50.38 104.49
N ARG AF 126 -37.80 50.63 104.26
CA ARG AF 126 -38.69 49.56 103.80
C ARG AF 126 -38.34 49.13 102.38
N GLY AF 127 -37.99 50.09 101.52
CA GLY AF 127 -37.66 49.77 100.15
C GLY AF 127 -38.16 50.82 99.18
N ASP AF 128 -38.81 50.39 98.11
CA ASP AF 128 -39.33 51.30 97.11
C ASP AF 128 -40.72 50.88 96.63
N GLN AF 129 -41.51 50.26 97.52
CA GLN AF 129 -42.86 49.84 97.17
C GLN AF 129 -42.80 48.92 95.97
N PRO AF 130 -42.31 47.68 96.13
CA PRO AF 130 -42.09 46.82 94.96
C PRO AF 130 -43.34 46.68 94.11
N LYS AF 131 -43.16 46.79 92.80
CA LYS AF 131 -44.29 46.74 91.88
C LYS AF 131 -44.84 45.33 91.80
N PRO AF 132 -46.15 45.18 91.60
CA PRO AF 132 -46.73 43.85 91.39
C PRO AF 132 -46.33 43.30 90.04
N PRO AF 133 -46.40 41.98 89.85
CA PRO AF 133 -45.93 41.40 88.59
C PRO AF 133 -46.70 41.92 87.40
N THR BF 3 34.76 118.40 32.08
CA THR BF 3 34.53 118.25 30.65
C THR BF 3 34.29 116.80 30.26
N PHE BF 4 35.07 115.88 30.84
CA PHE BF 4 34.95 114.47 30.46
C PHE BF 4 33.57 113.92 30.78
N ILE BF 5 33.04 114.24 31.96
CA ILE BF 5 31.74 113.70 32.35
C ILE BF 5 30.66 114.14 31.37
N GLU BF 6 30.77 115.39 30.87
CA GLU BF 6 29.84 115.84 29.85
C GLU BF 6 29.90 114.96 28.61
N LEU BF 7 31.10 114.54 28.22
CA LEU BF 7 31.24 113.69 27.05
C LEU BF 7 30.59 112.33 27.29
N VAL BF 8 30.75 111.78 28.49
CA VAL BF 8 30.19 110.46 28.77
C VAL BF 8 28.67 110.52 28.81
N LYS BF 9 28.11 111.60 29.37
CA LYS BF 9 26.66 111.74 29.40
C LYS BF 9 26.06 111.69 28.00
N ASN BF 10 26.85 112.07 27.00
CA ASN BF 10 26.42 111.98 25.60
C ASN BF 10 26.68 110.58 25.05
N MET BF 11 26.08 109.60 25.72
CA MET BF 11 26.26 108.20 25.36
C MET BF 11 24.95 107.46 25.57
N LYS BF 12 24.83 106.31 24.92
CA LYS BF 12 23.62 105.53 24.92
C LYS BF 12 23.64 104.48 26.02
N GLY BF 13 22.50 104.32 26.68
CA GLY BF 13 22.41 103.43 27.83
C GLY BF 13 22.90 104.04 29.12
N TYR BF 14 23.07 105.35 29.18
CA TYR BF 14 23.60 106.03 30.36
C TYR BF 14 22.48 106.18 31.38
N LYS BF 15 22.63 105.50 32.52
CA LYS BF 15 21.70 105.59 33.63
C LYS BF 15 22.38 106.31 34.78
N GLU BF 16 21.82 107.43 35.21
CA GLU BF 16 22.42 108.19 36.29
C GLU BF 16 22.31 107.44 37.60
N LEU BF 17 23.33 107.63 38.46
CA LEU BF 17 23.38 106.92 39.73
C LEU BF 17 23.82 107.81 40.88
N LEU BF 18 23.87 109.12 40.70
CA LEU BF 18 24.32 110.06 41.72
C LEU BF 18 23.17 110.95 42.14
N LEU BF 19 22.97 111.07 43.45
CA LEU BF 19 21.93 111.91 43.99
C LEU BF 19 22.38 113.37 44.06
N PRO BF 20 21.45 114.30 44.22
CA PRO BF 20 21.83 115.70 44.38
C PRO BF 20 22.71 115.91 45.60
N MET BF 21 23.60 116.89 45.50
CA MET BF 21 24.52 117.18 46.60
C MET BF 21 23.76 117.52 47.88
N GLU BF 22 22.54 118.03 47.76
CA GLU BF 22 21.76 118.44 48.91
C GLU BF 22 21.12 117.28 49.65
N MET BF 23 21.15 116.08 49.08
CA MET BF 23 20.52 114.91 49.70
C MET BF 23 21.50 113.89 50.24
N VAL BF 24 22.74 113.87 49.76
CA VAL BF 24 23.72 112.89 50.21
C VAL BF 24 24.06 113.17 51.67
N PRO BF 25 24.42 112.17 52.46
CA PRO BF 25 24.76 112.42 53.86
C PRO BF 25 26.00 113.28 54.00
N LEU BF 26 26.28 113.69 55.23
CA LEU BF 26 27.51 114.38 55.52
C LEU BF 26 28.70 113.43 55.35
N PRO BF 27 29.87 113.97 55.03
CA PRO BF 27 31.02 113.07 54.78
C PRO BF 27 31.33 112.16 55.95
N ALA BF 28 31.15 112.64 57.17
CA ALA BF 28 31.42 111.80 58.34
C ALA BF 28 30.51 110.58 58.37
N VAL BF 29 29.23 110.78 58.03
CA VAL BF 29 28.28 109.67 58.08
C VAL BF 29 28.62 108.61 57.05
N VAL BF 30 29.10 109.03 55.86
CA VAL BF 30 29.34 108.08 54.80
C VAL BF 30 30.41 107.09 55.21
N LEU BF 31 31.48 107.57 55.85
CA LEU BF 31 32.57 106.69 56.26
C LEU BF 31 32.07 105.57 57.15
N LYS BF 32 31.01 105.82 57.93
CA LYS BF 32 30.51 104.80 58.82
C LYS BF 32 30.02 103.57 58.05
N HIS BF 33 29.31 103.79 56.95
CA HIS BF 33 28.85 102.65 56.15
C HIS BF 33 30.01 101.95 55.46
N VAL BF 34 31.09 102.67 55.18
CA VAL BF 34 32.24 102.06 54.50
C VAL BF 34 32.81 100.94 55.36
N LYS BF 35 32.97 101.21 56.66
CA LYS BF 35 33.55 100.20 57.54
C LYS BF 35 32.67 98.96 57.62
N LEU BF 36 31.35 99.17 57.73
CA LEU BF 36 30.44 98.04 57.80
C LEU BF 36 30.45 97.24 56.49
N ILE BF 37 30.32 97.94 55.37
CA ILE BF 37 30.24 97.26 54.07
C ILE BF 37 31.55 96.55 53.78
N LEU BF 38 32.68 97.24 54.00
CA LEU BF 38 33.98 96.61 53.78
C LEU BF 38 34.18 95.43 54.72
N THR BF 39 34.00 95.66 56.02
CA THR BF 39 34.31 94.63 57.00
C THR BF 39 33.29 93.51 56.97
N SER BF 40 32.00 93.85 56.90
CA SER BF 40 30.93 92.85 56.87
C SER BF 40 30.75 92.35 55.45
N GLN BF 41 31.80 91.73 54.93
CA GLN BF 41 31.78 91.18 53.58
C GLN BF 41 32.65 89.93 53.54
N LYS BF 42 32.28 89.02 52.64
CA LYS BF 42 33.00 87.77 52.45
C LYS BF 42 33.30 87.60 50.97
N GLU BF 43 34.40 86.91 50.68
CA GLU BF 43 34.84 86.68 49.30
C GLU BF 43 35.07 88.02 48.59
N HIS BF 44 36.07 88.75 49.11
CA HIS BF 44 36.40 90.08 48.62
C HIS BF 44 36.31 90.14 47.09
N GLN BF 45 35.70 91.21 46.60
CA GLN BF 45 35.46 91.43 45.19
C GLN BF 45 36.18 92.69 44.72
N PRO BF 46 36.43 92.82 43.42
CA PRO BF 46 37.24 93.96 42.95
C PRO BF 46 36.68 95.31 43.34
N TRP BF 47 35.35 95.47 43.32
CA TRP BF 47 34.77 96.77 43.62
C TRP BF 47 35.03 97.20 45.05
N MET BF 48 35.30 96.26 45.95
CA MET BF 48 35.61 96.63 47.33
C MET BF 48 36.87 97.48 47.40
N THR BF 49 37.89 97.12 46.61
CA THR BF 49 39.13 97.88 46.61
C THR BF 49 38.89 99.31 46.15
N GLU BF 50 38.06 99.49 45.12
CA GLU BF 50 37.79 100.82 44.61
C GLU BF 50 37.17 101.71 45.68
N MET BF 51 36.24 101.15 46.46
CA MET BF 51 35.57 101.93 47.49
C MET BF 51 36.57 102.46 48.51
N ALA BF 52 37.49 101.60 48.96
CA ALA BF 52 38.44 102.00 49.99
C ALA BF 52 39.37 103.11 49.49
N LEU BF 53 39.83 102.99 48.24
CA LEU BF 53 40.78 103.96 47.70
C LEU BF 53 40.18 105.36 47.70
N LYS BF 54 38.93 105.49 47.26
CA LYS BF 54 38.28 106.79 47.24
C LYS BF 54 38.05 107.32 48.64
N ALA BF 55 37.76 106.43 49.59
CA ALA BF 55 37.44 106.86 50.95
C ALA BF 55 38.60 107.61 51.58
N ASP BF 56 39.82 107.09 51.43
CA ASP BF 56 40.97 107.74 52.04
C ASP BF 56 41.20 109.12 51.46
N GLN BF 57 40.79 109.35 50.21
CA GLN BF 57 40.99 110.66 49.60
C GLN BF 57 40.24 111.73 50.35
N CYS BF 58 38.99 111.45 50.74
CA CYS BF 58 38.21 112.42 51.50
C CYS BF 58 38.89 112.75 52.82
N LEU BF 59 39.44 111.74 53.49
CA LEU BF 59 40.15 111.96 54.74
C LEU BF 59 41.38 112.84 54.51
N ILE BF 60 42.10 112.60 53.42
CA ILE BF 60 43.28 113.40 53.11
C ILE BF 60 42.90 114.86 52.93
N HIS BF 61 41.86 115.11 52.12
CA HIS BF 61 41.39 116.48 51.96
C HIS BF 61 40.83 117.02 53.27
N LYS BF 62 40.10 116.19 54.01
CA LYS BF 62 39.55 116.62 55.28
C LYS BF 62 40.66 116.98 56.27
N ALA BF 63 41.72 116.17 56.30
CA ALA BF 63 42.85 116.46 57.17
C ALA BF 63 43.68 117.64 56.69
N THR BF 64 43.42 118.14 55.49
CA THR BF 64 44.18 119.26 54.93
C THR BF 64 43.65 120.62 55.38
N LEU BF 65 42.36 120.70 55.70
CA LEU BF 65 41.77 121.99 56.08
C LEU BF 65 42.38 122.52 57.36
N ASP BF 66 42.67 121.65 58.33
CA ASP BF 66 43.26 122.11 59.59
C ASP BF 66 44.56 122.87 59.35
N PRO BF 78 40.69 131.63 47.79
CA PRO BF 78 40.18 130.55 46.93
C PRO BF 78 40.88 129.22 47.15
N LEU BF 79 42.23 129.21 47.14
CA LEU BF 79 42.95 127.95 47.20
C LEU BF 79 42.64 127.18 48.48
N ILE BF 80 42.62 127.88 49.61
CA ILE BF 80 42.34 127.21 50.88
C ILE BF 80 40.93 126.64 50.87
N GLU BF 81 39.95 127.42 50.40
CA GLU BF 81 38.57 126.99 50.36
C GLU BF 81 38.23 126.15 49.13
N ALA BF 82 39.11 126.14 48.11
CA ALA BF 82 38.80 125.40 46.89
C ALA BF 82 38.72 123.90 47.17
N MET BF 83 39.63 123.37 47.98
CA MET BF 83 39.62 121.93 48.25
C MET BF 83 38.33 121.48 48.91
N GLN BF 84 37.69 122.36 49.68
CA GLN BF 84 36.45 121.99 50.34
C GLN BF 84 35.37 121.59 49.35
N GLN BF 85 35.40 122.18 48.14
CA GLN BF 85 34.41 121.85 47.14
C GLN BF 85 34.50 120.38 46.73
N ILE BF 86 35.72 119.88 46.58
CA ILE BF 86 35.90 118.49 46.14
C ILE BF 86 35.41 117.53 47.22
N ILE BF 87 35.59 117.89 48.48
CA ILE BF 87 35.19 117.00 49.57
C ILE BF 87 33.72 116.66 49.46
N LEU BF 88 32.87 117.67 49.27
CA LEU BF 88 31.45 117.42 49.11
C LEU BF 88 31.17 116.59 47.87
N ALA BF 89 31.87 116.89 46.77
CA ALA BF 89 31.66 116.13 45.54
C ALA BF 89 32.08 114.68 45.71
N MET BF 90 33.20 114.45 46.41
CA MET BF 90 33.70 113.09 46.55
C MET BF 90 32.65 112.19 47.22
N THR BF 91 31.90 112.73 48.17
CA THR BF 91 30.85 111.95 48.82
C THR BF 91 29.79 111.51 47.83
N ARG BF 92 29.41 112.41 46.93
CA ARG BF 92 28.34 112.10 45.98
C ARG BF 92 28.68 110.87 45.15
N GLU BF 93 29.90 110.80 44.63
CA GLU BF 93 30.33 109.61 43.91
C GLU BF 93 30.49 108.43 44.85
N LEU BF 94 31.01 108.68 46.06
CA LEU BF 94 31.22 107.60 47.02
C LEU BF 94 29.88 107.01 47.47
N TRP BF 95 28.89 107.86 47.75
CA TRP BF 95 27.60 107.36 48.21
C TRP BF 95 26.91 106.52 47.15
N GLY BF 96 27.24 106.75 45.87
CA GLY BF 96 26.61 105.98 44.82
C GLY BF 96 26.93 104.50 44.91
N GLN BF 97 28.16 104.16 45.28
CA GLN BF 97 28.53 102.76 45.41
C GLN BF 97 27.89 102.12 46.62
N ILE BF 98 27.65 102.90 47.68
CA ILE BF 98 27.02 102.36 48.88
C ILE BF 98 25.64 101.82 48.55
N GLN BF 99 24.85 102.60 47.81
CA GLN BF 99 23.50 102.18 47.48
C GLN BF 99 23.50 100.97 46.56
N ARG BF 100 24.50 100.87 45.67
CA ARG BF 100 24.60 99.71 44.80
C ARG BF 100 24.76 98.43 45.62
N HIS BF 101 25.62 98.47 46.64
CA HIS BF 101 25.81 97.30 47.50
C HIS BF 101 24.55 96.98 48.29
N HIS BF 102 23.95 98.01 48.90
CA HIS BF 102 22.76 97.80 49.72
C HIS BF 102 21.56 97.44 48.86
N TYR BF 103 21.15 98.36 47.97
CA TYR BF 103 19.95 98.14 47.17
C TYR BF 103 20.25 97.28 45.95
N GLY BF 104 21.13 97.76 45.08
CA GLY BF 104 21.42 97.10 43.81
C GLY BF 104 21.48 98.15 42.72
N ILE BF 105 22.29 97.87 41.69
CA ILE BF 105 22.49 98.86 40.63
C ILE BF 105 21.18 99.15 39.91
N VAL BF 106 20.42 98.09 39.58
CA VAL BF 106 19.19 98.28 38.81
C VAL BF 106 18.19 99.13 39.59
N GLN BF 107 18.01 98.81 40.87
CA GLN BF 107 17.02 99.53 41.67
C GLN BF 107 17.40 100.99 41.83
N VAL BF 108 18.69 101.28 41.95
CA VAL BF 108 19.12 102.65 42.17
C VAL BF 108 18.72 103.53 41.01
N GLU BF 109 18.91 103.05 39.78
CA GLU BF 109 18.56 103.84 38.59
C GLU BF 109 17.13 104.34 38.68
N HIS BF 110 16.19 103.45 39.02
CA HIS BF 110 14.80 103.86 39.15
C HIS BF 110 14.63 104.88 40.27
N TYR BF 111 15.30 104.65 41.40
CA TYR BF 111 15.13 105.55 42.55
C TYR BF 111 15.58 106.96 42.22
N VAL BF 112 16.71 107.11 41.54
CA VAL BF 112 17.25 108.44 41.25
C VAL BF 112 16.27 109.22 40.38
N LYS BF 113 15.79 108.59 39.31
CA LYS BF 113 14.86 109.28 38.42
C LYS BF 113 13.58 109.66 39.15
N GLN BF 114 13.08 108.76 39.99
CA GLN BF 114 11.91 109.09 40.79
C GLN BF 114 12.19 110.29 41.70
N ILE BF 115 13.38 110.32 42.31
CA ILE BF 115 13.77 111.46 43.11
C ILE BF 115 13.89 112.70 42.25
N THR BF 116 14.49 112.56 41.07
CA THR BF 116 14.69 113.71 40.20
C THR BF 116 13.36 114.32 39.80
N LEU BF 117 12.44 113.49 39.31
CA LEU BF 117 11.11 113.99 38.97
C LEU BF 117 10.41 114.57 40.19
N TRP BF 118 10.53 113.88 41.33
CA TRP BF 118 9.93 114.40 42.56
C TRP BF 118 10.52 115.76 42.92
N GLN BF 119 11.84 115.90 42.79
CA GLN BF 119 12.46 117.20 43.05
C GLN BF 119 12.11 118.22 41.98
N ASP BF 120 11.95 117.77 40.73
CA ASP BF 120 11.64 118.69 39.65
C ASP BF 120 10.27 119.32 39.83
N THR BF 121 9.28 118.53 40.22
CA THR BF 121 7.93 119.05 40.37
C THR BF 121 7.90 120.12 41.46
N PRO BF 122 7.14 121.20 41.28
CA PRO BF 122 7.09 122.24 42.31
C PRO BF 122 6.53 121.70 43.63
N GLN BF 123 7.04 122.26 44.73
CA GLN BF 123 6.68 121.78 46.05
C GLN BF 123 5.18 121.91 46.33
N ALA BF 124 4.48 122.79 45.61
CA ALA BF 124 3.06 122.97 45.86
C ALA BF 124 2.29 121.68 45.61
N PHE BF 125 2.61 120.97 44.54
CA PHE BF 125 1.96 119.71 44.19
C PHE BF 125 2.99 118.60 43.99
N ARG BF 126 4.12 118.69 44.71
CA ARG BF 126 5.19 117.73 44.53
C ARG BF 126 4.75 116.32 44.92
N GLY BF 127 4.04 116.20 46.04
CA GLY BF 127 3.61 114.90 46.51
C GLY BF 127 4.57 114.30 47.52
N ASP BF 128 4.19 113.12 48.00
CA ASP BF 128 5.00 112.42 48.98
C ASP BF 128 6.32 111.97 48.37
N GLN BF 129 7.40 112.12 49.13
CA GLN BF 129 8.71 111.70 48.66
C GLN BF 129 8.75 110.19 48.52
N PRO BF 130 9.23 109.65 47.40
CA PRO BF 130 9.28 108.19 47.26
C PRO BF 130 10.28 107.57 48.22
N LYS BF 131 10.00 106.33 48.60
CA LYS BF 131 10.84 105.60 49.53
C LYS BF 131 11.91 104.82 48.78
N PRO BF 132 13.02 104.49 49.46
CA PRO BF 132 14.09 103.74 48.80
C PRO BF 132 13.60 102.39 48.32
N PRO BF 133 14.30 101.77 47.37
CA PRO BF 133 13.88 100.44 46.89
C PRO BF 133 14.10 99.35 47.91
N SER BF 134 13.80 98.11 47.51
CA SER BF 134 14.01 96.97 48.38
C SER BF 134 15.46 96.53 48.36
N PHE BF 135 15.93 95.99 49.49
CA PHE BF 135 17.31 95.56 49.60
C PHE BF 135 17.58 94.36 48.69
N THR CF 3 43.79 103.99 56.70
CA THR CF 3 43.38 102.79 57.42
C THR CF 3 42.41 101.93 56.65
N PHE CF 4 41.48 102.53 55.89
CA PHE CF 4 40.50 101.74 55.16
C PHE CF 4 41.17 100.82 54.15
N ILE CF 5 42.17 101.32 53.43
CA ILE CF 5 42.85 100.49 52.45
C ILE CF 5 43.56 99.33 53.14
N GLU CF 6 44.08 99.57 54.35
CA GLU CF 6 44.72 98.49 55.10
C GLU CF 6 43.74 97.38 55.40
N LEU CF 7 42.50 97.73 55.74
CA LEU CF 7 41.49 96.71 56.03
C LEU CF 7 41.24 95.83 54.82
N VAL CF 8 41.19 96.43 53.62
CA VAL CF 8 41.01 95.66 52.41
C VAL CF 8 42.19 94.70 52.22
N LYS CF 9 43.41 95.20 52.43
CA LYS CF 9 44.59 94.37 52.28
C LYS CF 9 44.62 93.22 53.28
N ASN CF 10 43.80 93.28 54.32
CA ASN CF 10 43.69 92.22 55.31
C ASN CF 10 42.63 91.19 54.96
N MET CF 11 41.98 91.32 53.81
CA MET CF 11 40.89 90.44 53.45
C MET CF 11 41.43 89.13 52.87
N LYS CF 12 40.51 88.28 52.43
CA LYS CF 12 40.82 87.01 51.80
C LYS CF 12 40.49 87.10 50.31
N GLY CF 13 41.43 86.68 49.47
CA GLY CF 13 41.27 86.76 48.04
C GLY CF 13 41.65 88.09 47.43
N TYR CF 14 42.03 89.08 48.23
CA TYR CF 14 42.45 90.36 47.70
C TYR CF 14 43.72 90.22 46.87
N LYS CF 15 43.78 90.96 45.77
CA LYS CF 15 44.90 90.91 44.85
C LYS CF 15 45.24 92.32 44.40
N GLU CF 16 46.53 92.61 44.33
CA GLU CF 16 46.98 93.94 43.92
C GLU CF 16 46.67 94.18 42.45
N LEU CF 17 46.29 95.42 42.14
CA LEU CF 17 46.05 95.83 40.76
C LEU CF 17 46.76 97.12 40.38
N LEU CF 18 47.28 97.87 41.34
CA LEU CF 18 47.99 99.12 41.06
C LEU CF 18 49.46 98.82 40.80
N LEU CF 19 50.24 99.88 40.61
CA LEU CF 19 51.65 99.78 40.26
C LEU CF 19 52.44 100.76 41.11
N PRO CF 20 53.75 100.56 41.22
CA PRO CF 20 54.56 101.50 41.99
C PRO CF 20 54.45 102.92 41.45
N MET CF 21 54.54 103.89 42.36
CA MET CF 21 54.41 105.29 41.97
C MET CF 21 55.40 105.64 40.86
N GLU CF 22 56.59 105.05 40.89
CA GLU CF 22 57.58 105.35 39.87
C GLU CF 22 57.11 104.88 38.51
N MET CF 23 56.51 103.69 38.43
CA MET CF 23 56.04 103.13 37.16
C MET CF 23 54.63 103.65 36.85
N VAL CF 24 54.52 104.97 36.84
CA VAL CF 24 53.25 105.64 36.52
C VAL CF 24 53.55 106.77 35.54
N PRO CF 25 52.86 106.83 34.40
CA PRO CF 25 53.11 107.93 33.46
C PRO CF 25 52.90 109.29 34.10
N LEU CF 26 53.34 110.32 33.39
CA LEU CF 26 53.19 111.68 33.85
C LEU CF 26 51.74 112.12 33.75
N PRO CF 27 51.34 113.15 34.49
CA PRO CF 27 49.95 113.63 34.40
C PRO CF 27 49.64 114.24 33.04
N ALA CF 28 48.41 114.71 32.86
CA ALA CF 28 47.99 115.34 31.61
C ALA CF 28 48.05 114.34 30.46
N VAL CF 29 49.26 113.91 30.09
CA VAL CF 29 49.40 112.98 28.97
C VAL CF 29 48.69 111.67 29.27
N VAL CF 30 48.77 111.20 30.52
CA VAL CF 30 48.10 109.96 30.90
C VAL CF 30 46.60 110.07 30.70
N LEU CF 31 46.06 111.28 30.83
CA LEU CF 31 44.62 111.48 30.64
C LEU CF 31 44.19 111.21 29.20
N LYS CF 32 45.14 111.17 28.26
CA LYS CF 32 44.78 110.97 26.86
C LYS CF 32 44.15 109.60 26.64
N HIS CF 33 44.66 108.57 27.32
CA HIS CF 33 44.05 107.25 27.21
C HIS CF 33 42.59 107.27 27.60
N VAL CF 34 42.19 108.22 28.45
CA VAL CF 34 40.79 108.32 28.85
C VAL CF 34 39.91 108.56 27.62
N LYS CF 35 40.32 109.51 26.78
CA LYS CF 35 39.54 109.82 25.58
C LYS CF 35 39.48 108.63 24.64
N LEU CF 36 40.60 107.92 24.48
CA LEU CF 36 40.65 106.81 23.54
C LEU CF 36 39.81 105.62 23.99
N ILE CF 37 39.34 105.62 25.24
CA ILE CF 37 38.56 104.52 25.77
C ILE CF 37 37.11 104.96 25.98
N LEU CF 38 36.91 106.26 26.19
CA LEU CF 38 35.56 106.81 26.32
C LEU CF 38 34.97 107.17 24.97
N THR CF 39 35.69 108.00 24.21
CA THR CF 39 35.17 108.42 22.91
C THR CF 39 35.01 107.23 21.98
N SER CF 40 35.98 106.32 21.96
CA SER CF 40 35.92 105.12 21.13
C SER CF 40 35.21 103.98 21.89
N GLN CF 41 33.98 104.27 22.30
CA GLN CF 41 33.22 103.30 23.07
C GLN CF 41 31.73 103.58 22.89
N LYS CF 42 30.93 102.58 23.26
CA LYS CF 42 29.48 102.67 23.19
C LYS CF 42 28.90 101.70 24.21
N GLU CF 43 27.59 101.78 24.43
CA GLU CF 43 26.91 100.95 25.41
C GLU CF 43 27.47 101.21 26.81
N HIS CF 44 27.26 102.45 27.25
CA HIS CF 44 27.73 102.94 28.54
C HIS CF 44 27.55 101.89 29.62
N GLN CF 45 28.66 101.54 30.27
CA GLN CF 45 28.68 100.56 31.35
C GLN CF 45 28.98 101.23 32.67
N PRO CF 46 28.62 100.61 33.79
CA PRO CF 46 28.80 101.27 35.09
C PRO CF 46 30.24 101.69 35.36
N TRP CF 47 31.22 100.86 34.97
CA TRP CF 47 32.60 101.18 35.27
C TRP CF 47 33.09 102.39 34.48
N MET CF 48 32.47 102.67 33.33
CA MET CF 48 32.89 103.82 32.54
C MET CF 48 32.66 105.12 33.31
N THR CF 49 31.53 105.22 34.02
CA THR CF 49 31.27 106.41 34.80
C THR CF 49 32.31 106.58 35.91
N GLU CF 50 32.72 105.48 36.54
CA GLU CF 50 33.72 105.56 37.59
C GLU CF 50 35.01 106.17 37.06
N MET CF 51 35.46 105.72 35.89
CA MET CF 51 36.66 106.29 35.29
C MET CF 51 36.48 107.78 34.99
N ALA CF 52 35.31 108.14 34.45
CA ALA CF 52 35.08 109.53 34.08
C ALA CF 52 35.10 110.43 35.30
N LEU CF 53 34.46 110.00 36.39
CA LEU CF 53 34.39 110.80 37.60
C LEU CF 53 35.70 110.85 38.36
N LYS CF 54 36.67 110.01 38.00
CA LYS CF 54 37.99 110.03 38.64
C LYS CF 54 39.00 110.83 37.83
N ALA CF 55 39.03 110.64 36.51
CA ALA CF 55 39.98 111.37 35.68
C ALA CF 55 39.74 112.87 35.73
N ASP CF 56 38.47 113.28 35.69
CA ASP CF 56 38.15 114.70 35.70
C ASP CF 56 38.62 115.37 36.98
N GLN CF 57 38.82 114.61 38.06
CA GLN CF 57 39.27 115.21 39.32
C GLN CF 57 40.66 115.81 39.18
N CYS CF 58 41.54 115.16 38.41
CA CYS CF 58 42.89 115.68 38.23
C CYS CF 58 42.86 117.07 37.63
N LEU CF 59 41.99 117.29 36.65
CA LEU CF 59 41.86 118.62 36.07
C LEU CF 59 41.43 119.64 37.11
N ILE CF 60 40.50 119.25 37.98
CA ILE CF 60 40.04 120.15 39.04
C ILE CF 60 41.19 120.53 39.95
N HIS CF 61 41.95 119.53 40.40
CA HIS CF 61 43.15 119.81 41.20
C HIS CF 61 44.17 120.57 40.37
N LYS CF 62 44.35 120.17 39.11
CA LYS CF 62 45.30 120.87 38.24
C LYS CF 62 44.86 122.31 38.00
N ALA CF 63 43.56 122.54 37.87
CA ALA CF 63 43.06 123.89 37.62
C ALA CF 63 43.42 124.85 38.75
N THR CF 64 43.63 124.34 39.97
CA THR CF 64 43.98 125.21 41.08
C THR CF 64 45.37 125.79 40.94
N LEU CF 65 46.21 125.21 40.08
CA LEU CF 65 47.56 125.74 39.88
C LEU CF 65 47.53 127.19 39.41
N ASP CF 66 46.50 127.57 38.65
CA ASP CF 66 46.37 128.96 38.23
C ASP CF 66 46.23 129.88 39.44
N PRO CF 78 52.06 123.93 52.80
CA PRO CF 78 51.54 122.55 52.86
C PRO CF 78 50.28 122.34 52.01
N LEU CF 79 49.42 123.35 51.94
CA LEU CF 79 48.21 123.24 51.14
C LEU CF 79 48.54 123.06 49.66
N ILE CF 80 49.50 123.84 49.17
CA ILE CF 80 49.91 123.73 47.76
C ILE CF 80 50.65 122.42 47.53
N GLU CF 81 51.55 122.07 48.44
CA GLU CF 81 52.31 120.83 48.27
C GLU CF 81 51.40 119.61 48.36
N ALA CF 82 50.44 119.62 49.28
CA ALA CF 82 49.61 118.45 49.51
C ALA CF 82 48.82 118.09 48.25
N MET CF 83 48.27 119.09 47.56
CA MET CF 83 47.46 118.81 46.38
C MET CF 83 48.28 118.11 45.31
N GLN CF 84 49.53 118.54 45.11
CA GLN CF 84 50.37 117.92 44.09
C GLN CF 84 50.60 116.45 44.39
N GLN CF 85 50.79 116.10 45.67
CA GLN CF 85 50.99 114.72 46.03
C GLN CF 85 49.77 113.87 45.70
N ILE CF 86 48.57 114.41 45.92
CA ILE CF 86 47.35 113.63 45.70
C ILE CF 86 47.22 113.24 44.24
N ILE CF 87 47.66 114.11 43.33
CA ILE CF 87 47.49 113.83 41.90
C ILE CF 87 48.19 112.53 41.54
N LEU CF 88 49.37 112.28 42.11
CA LEU CF 88 50.08 111.04 41.83
C LEU CF 88 49.25 109.84 42.26
N ALA CF 89 48.63 109.90 43.43
CA ALA CF 89 47.85 108.77 43.93
C ALA CF 89 46.67 108.49 43.00
N MET CF 90 45.95 109.53 42.58
CA MET CF 90 44.83 109.34 41.67
C MET CF 90 45.31 108.82 40.32
N THR CF 91 46.45 109.32 39.84
CA THR CF 91 46.96 108.86 38.56
C THR CF 91 47.26 107.36 38.60
N ARG CF 92 47.78 106.87 39.72
CA ARG CF 92 48.05 105.45 39.85
C ARG CF 92 46.78 104.63 39.71
N GLU CF 93 45.67 105.10 40.31
CA GLU CF 93 44.41 104.38 40.20
C GLU CF 93 43.92 104.36 38.77
N LEU CF 94 44.09 105.47 38.04
CA LEU CF 94 43.62 105.54 36.67
C LEU CF 94 44.27 104.46 35.80
N TRP CF 95 45.58 104.27 35.95
CA TRP CF 95 46.28 103.31 35.12
C TRP CF 95 45.77 101.89 35.35
N GLY CF 96 45.51 101.54 36.62
CA GLY CF 96 45.02 100.21 36.90
C GLY CF 96 43.70 99.91 36.21
N GLN CF 97 42.80 100.88 36.19
CA GLN CF 97 41.53 100.71 35.49
C GLN CF 97 41.76 100.51 34.00
N ILE CF 98 42.69 101.25 33.42
CA ILE CF 98 42.96 101.14 31.99
C ILE CF 98 43.45 99.73 31.66
N GLN CF 99 44.40 99.23 32.45
CA GLN CF 99 44.87 97.86 32.25
C GLN CF 99 43.78 96.85 32.55
N ARG CF 100 42.90 97.16 33.51
CA ARG CF 100 41.76 96.29 33.79
C ARG CF 100 40.84 96.16 32.59
N HIS CF 101 40.92 97.09 31.64
CA HIS CF 101 40.11 97.06 30.43
C HIS CF 101 40.88 96.55 29.22
N HIS CF 102 42.11 97.03 29.01
CA HIS CF 102 42.90 96.65 27.86
C HIS CF 102 43.32 95.18 27.95
N TYR CF 103 44.09 94.84 28.97
CA TYR CF 103 44.61 93.48 29.13
C TYR CF 103 43.74 92.66 30.08
N GLY CF 104 42.44 92.63 29.80
CA GLY CF 104 41.57 91.86 30.64
C GLY CF 104 41.55 92.39 32.06
N ILE CF 105 41.01 91.56 32.96
CA ILE CF 105 40.95 91.89 34.37
C ILE CF 105 41.63 90.78 35.18
N VAL CF 106 41.66 89.58 34.61
CA VAL CF 106 42.30 88.45 35.29
C VAL CF 106 43.80 88.43 35.00
N GLN CF 107 44.17 88.59 33.73
CA GLN CF 107 45.59 88.60 33.36
C GLN CF 107 46.34 89.77 33.97
N VAL CF 108 45.63 90.83 34.36
CA VAL CF 108 46.31 91.99 34.94
C VAL CF 108 46.99 91.61 36.25
N GLU CF 109 46.31 90.83 37.09
CA GLU CF 109 46.88 90.45 38.37
C GLU CF 109 48.18 89.68 38.19
N HIS CF 110 48.23 88.78 37.20
CA HIS CF 110 49.45 88.03 36.95
C HIS CF 110 50.60 88.95 36.58
N TYR CF 111 50.33 89.94 35.73
CA TYR CF 111 51.40 90.86 35.32
C TYR CF 111 51.94 91.64 36.51
N VAL CF 112 51.05 92.22 37.31
CA VAL CF 112 51.51 93.00 38.47
C VAL CF 112 52.21 92.10 39.47
N LYS CF 113 51.75 90.85 39.61
CA LYS CF 113 52.42 89.91 40.48
C LYS CF 113 53.89 89.76 40.10
N GLN CF 114 54.17 89.62 38.80
CA GLN CF 114 55.55 89.50 38.36
C GLN CF 114 56.30 90.82 38.50
N ILE CF 115 55.61 91.94 38.30
CA ILE CF 115 56.26 93.25 38.43
C ILE CF 115 56.82 93.42 39.84
N THR CF 116 56.04 93.04 40.85
CA THR CF 116 56.50 93.19 42.22
C THR CF 116 57.76 92.37 42.47
N LEU CF 117 57.78 91.12 42.00
CA LEU CF 117 58.96 90.29 42.18
C LEU CF 117 60.15 90.84 41.39
N TRP CF 118 59.90 91.28 40.15
CA TRP CF 118 60.99 91.74 39.30
C TRP CF 118 61.65 93.00 39.82
N GLN CF 119 60.97 93.79 40.65
CA GLN CF 119 61.50 95.03 41.18
C GLN CF 119 62.00 94.89 42.61
N ASP CF 120 61.33 94.09 43.43
CA ASP CF 120 61.73 93.97 44.84
C ASP CF 120 63.09 93.32 44.96
N THR CF 121 63.38 92.32 44.12
CA THR CF 121 64.68 91.68 44.16
C THR CF 121 65.77 92.68 43.76
N PRO CF 122 67.00 92.49 44.24
CA PRO CF 122 68.07 93.43 43.89
C PRO CF 122 68.33 93.44 42.39
N GLN CF 123 68.79 94.58 41.90
CA GLN CF 123 69.00 94.76 40.46
C GLN CF 123 69.98 93.75 39.90
N ALA CF 124 70.84 93.16 40.73
CA ALA CF 124 71.81 92.19 40.26
C ALA CF 124 71.20 90.84 39.95
N PHE CF 125 69.93 90.63 40.29
CA PHE CF 125 69.26 89.34 40.08
C PHE CF 125 68.00 89.44 39.23
N ARG CF 126 67.52 90.64 38.92
CA ARG CF 126 66.25 90.78 38.22
C ARG CF 126 66.29 90.06 36.88
N GLY CF 127 67.16 90.51 35.98
CA GLY CF 127 67.24 89.94 34.65
C GLY CF 127 66.63 90.84 33.60
N ASP CF 128 65.46 90.47 33.07
CA ASP CF 128 64.77 91.22 32.04
C ASP CF 128 63.35 91.51 32.50
N GLN CF 129 62.86 92.69 32.15
CA GLN CF 129 61.50 93.07 32.51
C GLN CF 129 60.50 92.12 31.85
N PRO CF 130 59.50 91.64 32.57
CA PRO CF 130 58.47 90.78 31.95
C PRO CF 130 57.48 91.62 31.17
N LYS CF 131 57.39 91.36 29.87
CA LYS CF 131 56.51 92.15 29.01
C LYS CF 131 55.05 91.89 29.42
N PRO CF 132 54.23 92.95 29.52
CA PRO CF 132 52.83 92.73 29.86
C PRO CF 132 52.11 91.99 28.75
N PRO CF 133 51.04 91.24 29.09
CA PRO CF 133 50.31 90.54 28.05
C PRO CF 133 49.64 91.51 27.08
N SER CF 134 49.49 91.07 25.84
CA SER CF 134 48.89 91.90 24.80
C SER CF 134 47.38 91.98 25.01
N PHE CF 135 46.71 92.65 24.06
CA PHE CF 135 45.27 92.86 24.13
C PHE CF 135 44.57 91.54 23.78
N THR DF 3 73.79 72.83 66.07
CA THR DF 3 74.10 71.40 66.00
C THR DF 3 72.95 70.60 65.41
N PHE DF 4 71.72 71.10 65.51
CA PHE DF 4 70.59 70.38 64.90
C PHE DF 4 70.77 70.27 63.39
N ILE DF 5 71.26 71.33 62.75
CA ILE DF 5 71.47 71.27 61.31
C ILE DF 5 72.44 70.15 60.97
N GLU DF 6 73.47 69.97 61.81
CA GLU DF 6 74.39 68.85 61.62
C GLU DF 6 73.65 67.52 61.73
N LEU DF 7 72.72 67.42 62.69
CA LEU DF 7 71.96 66.18 62.83
C LEU DF 7 71.12 65.91 61.59
N VAL DF 8 70.78 66.94 60.83
CA VAL DF 8 70.03 66.76 59.59
C VAL DF 8 70.92 66.87 58.36
N LYS DF 9 72.10 67.49 58.47
CA LYS DF 9 72.97 67.60 57.32
C LYS DF 9 73.32 66.24 56.73
N ASN DF 10 73.31 65.20 57.55
CA ASN DF 10 73.57 63.84 57.07
C ASN DF 10 72.33 63.18 56.47
N MET DF 11 71.14 63.75 56.68
CA MET DF 11 69.93 63.16 56.12
C MET DF 11 69.95 63.21 54.60
N LYS DF 12 69.33 62.20 53.99
CA LYS DF 12 69.31 62.12 52.53
C LYS DF 12 68.58 63.31 51.92
N GLY DF 13 67.45 63.69 52.50
CA GLY DF 13 66.63 64.74 51.92
C GLY DF 13 66.98 66.13 52.42
N TYR DF 14 68.06 66.26 53.17
CA TYR DF 14 68.48 67.55 53.68
C TYR DF 14 68.87 68.48 52.54
N LYS DF 15 68.51 69.75 52.66
CA LYS DF 15 68.77 70.74 51.63
C LYS DF 15 69.20 72.04 52.27
N GLU DF 16 69.98 72.83 51.51
CA GLU DF 16 70.43 74.14 51.97
C GLU DF 16 69.36 75.16 51.59
N LEU DF 17 68.30 75.20 52.39
CA LEU DF 17 67.21 76.13 52.16
C LEU DF 17 67.64 77.58 52.38
N LEU DF 18 68.73 77.81 53.09
CA LEU DF 18 69.21 79.16 53.38
C LEU DF 18 69.83 79.73 52.11
N LEU DF 19 69.09 80.58 51.41
CA LEU DF 19 69.57 81.15 50.17
C LEU DF 19 70.62 82.22 50.45
N PRO DF 20 71.39 82.61 49.44
CA PRO DF 20 72.43 83.62 49.65
C PRO DF 20 71.86 84.91 50.21
N MET DF 21 72.64 85.55 51.10
CA MET DF 21 72.20 86.80 51.71
C MET DF 21 71.96 87.87 50.66
N GLU DF 22 72.87 87.98 49.68
CA GLU DF 22 72.71 88.98 48.63
C GLU DF 22 71.44 88.72 47.82
N MET DF 23 71.03 87.46 47.70
CA MET DF 23 69.88 87.13 46.88
C MET DF 23 68.60 87.75 47.43
N VAL DF 24 68.41 87.70 48.74
CA VAL DF 24 67.16 88.15 49.36
C VAL DF 24 67.17 89.67 49.49
N PRO DF 25 66.01 90.32 49.50
CA PRO DF 25 65.98 91.78 49.70
C PRO DF 25 66.02 92.17 51.17
N LEU DF 26 65.86 93.46 51.46
CA LEU DF 26 65.87 93.93 52.82
C LEU DF 26 64.66 93.40 53.59
N PRO DF 27 64.75 93.36 54.93
CA PRO DF 27 63.65 92.75 55.70
C PRO DF 27 62.30 93.42 55.45
N ALA DF 28 62.28 94.74 55.28
CA ALA DF 28 61.01 95.44 55.13
C ALA DF 28 60.24 94.97 53.91
N VAL DF 29 60.94 94.78 52.79
CA VAL DF 29 60.27 94.39 51.55
C VAL DF 29 59.68 92.99 51.69
N VAL DF 30 60.38 92.09 52.37
CA VAL DF 30 59.92 90.71 52.48
C VAL DF 30 58.57 90.68 53.18
N LEU DF 31 58.41 91.46 54.26
CA LEU DF 31 57.15 91.49 54.98
C LEU DF 31 55.98 91.82 54.05
N LYS DF 32 56.23 92.63 53.02
CA LYS DF 32 55.17 92.96 52.08
C LYS DF 32 54.62 91.73 51.38
N HIS DF 33 55.51 90.83 50.95
CA HIS DF 33 55.07 89.65 50.23
C HIS DF 33 54.36 88.66 51.15
N VAL DF 34 54.68 88.68 52.45
CA VAL DF 34 54.00 87.78 53.38
C VAL DF 34 52.51 88.08 53.43
N LYS DF 35 52.16 89.37 53.50
CA LYS DF 35 50.75 89.74 53.46
C LYS DF 35 50.12 89.35 52.14
N LEU DF 36 50.83 89.59 51.03
CA LEU DF 36 50.28 89.29 49.71
C LEU DF 36 50.10 87.79 49.51
N ILE DF 37 51.08 86.99 49.91
CA ILE DF 37 50.98 85.55 49.71
C ILE DF 37 49.92 84.95 50.63
N LEU DF 38 49.93 85.37 51.90
CA LEU DF 38 48.91 84.88 52.83
C LEU DF 38 47.51 85.30 52.38
N THR DF 39 47.36 86.56 51.97
CA THR DF 39 46.07 87.05 51.53
C THR DF 39 45.59 86.29 50.29
N SER DF 40 46.48 86.10 49.31
CA SER DF 40 46.10 85.41 48.08
C SER DF 40 45.69 83.97 48.37
N GLN DF 41 46.45 83.27 49.21
CA GLN DF 41 46.17 81.87 49.48
C GLN DF 41 44.85 81.75 50.26
N LYS DF 42 44.10 80.70 49.95
CA LYS DF 42 42.78 80.49 50.56
C LYS DF 42 42.73 79.24 51.43
N GLU DF 43 43.15 78.09 50.90
CA GLU DF 43 43.07 76.85 51.68
C GLU DF 43 43.96 76.96 52.91
N HIS DF 44 43.45 76.46 54.03
CA HIS DF 44 44.16 76.54 55.30
C HIS DF 44 45.03 75.30 55.48
N GLN DF 45 46.32 75.51 55.64
CA GLN DF 45 47.29 74.47 55.94
C GLN DF 45 48.19 74.94 57.07
N PRO DF 46 48.84 74.02 57.78
CA PRO DF 46 49.68 74.43 58.91
C PRO DF 46 50.82 75.36 58.54
N TRP DF 47 51.31 75.30 57.29
CA TRP DF 47 52.48 76.11 56.94
C TRP DF 47 52.17 77.61 57.03
N MET DF 48 51.01 78.02 56.53
CA MET DF 48 50.65 79.44 56.62
C MET DF 48 50.48 79.87 58.07
N THR DF 49 49.88 79.01 58.89
CA THR DF 49 49.74 79.34 60.31
C THR DF 49 51.12 79.52 60.96
N GLU DF 50 52.05 78.61 60.66
CA GLU DF 50 53.41 78.75 61.18
C GLU DF 50 54.20 79.81 60.45
N MET DF 51 53.89 80.04 59.17
CA MET DF 51 54.61 81.05 58.40
C MET DF 51 54.41 82.44 59.00
N ALA DF 52 53.18 82.75 59.40
CA ALA DF 52 52.92 84.06 60.01
C ALA DF 52 53.69 84.22 61.31
N LEU DF 53 53.73 83.17 62.14
CA LEU DF 53 54.42 83.26 63.42
C LEU DF 53 55.91 83.53 63.22
N LYS DF 54 56.53 82.86 62.25
CA LYS DF 54 57.94 83.06 62.01
C LYS DF 54 58.24 84.50 61.60
N ALA DF 55 57.38 85.08 60.76
CA ALA DF 55 57.59 86.45 60.32
C ALA DF 55 57.26 87.45 61.43
N ASP DF 56 56.37 87.07 62.35
CA ASP DF 56 55.97 88.01 63.40
C ASP DF 56 57.15 88.41 64.26
N GLN DF 57 58.04 87.46 64.58
CA GLN DF 57 59.16 87.76 65.46
C GLN DF 57 59.98 88.93 64.93
N CYS DF 58 60.15 89.01 63.61
CA CYS DF 58 60.93 90.10 63.04
C CYS DF 58 60.35 91.46 63.40
N LEU DF 59 59.02 91.56 63.49
CA LEU DF 59 58.40 92.84 63.82
C LEU DF 59 58.80 93.31 65.21
N ILE DF 60 58.85 92.38 66.17
CA ILE DF 60 59.20 92.77 67.53
C ILE DF 60 60.61 93.33 67.57
N HIS DF 61 61.54 92.69 66.87
CA HIS DF 61 62.92 93.16 66.85
C HIS DF 61 63.02 94.55 66.24
N LYS DF 62 62.16 94.87 65.27
CA LYS DF 62 62.16 96.21 64.69
C LYS DF 62 61.92 97.27 65.76
N ALA DF 63 60.89 97.07 66.58
CA ALA DF 63 60.60 98.03 67.64
C ALA DF 63 61.54 97.88 68.82
N THR DF 64 62.00 96.65 69.10
CA THR DF 64 62.91 96.45 70.22
C THR DF 64 64.17 97.28 70.05
N LEU DF 65 64.79 97.21 68.87
CA LEU DF 65 65.98 98.01 68.61
C LEU DF 65 65.62 99.48 68.37
N PRO DF 78 78.07 93.84 71.39
CA PRO DF 78 77.86 92.49 70.85
C PRO DF 78 76.40 92.06 70.85
N LEU DF 79 75.63 92.48 71.86
CA LEU DF 79 74.22 92.09 71.92
C LEU DF 79 73.43 92.71 70.77
N ILE DF 80 73.57 94.02 70.57
CA ILE DF 80 72.81 94.69 69.52
C ILE DF 80 73.25 94.18 68.15
N GLU DF 81 74.55 94.04 67.94
CA GLU DF 81 75.05 93.61 66.63
C GLU DF 81 74.52 92.23 66.27
N ALA DF 82 74.48 91.32 67.25
CA ALA DF 82 73.98 89.97 66.97
C ALA DF 82 72.53 90.00 66.51
N MET DF 83 71.71 90.84 67.13
CA MET DF 83 70.30 90.92 66.75
C MET DF 83 70.16 91.33 65.29
N GLN DF 84 71.00 92.26 64.83
CA GLN DF 84 70.93 92.69 63.44
C GLN DF 84 71.16 91.51 62.50
N GLN DF 85 72.13 90.66 62.82
CA GLN DF 85 72.37 89.46 62.01
C GLN DF 85 71.23 88.46 62.16
N ILE DF 86 70.63 88.38 63.35
CA ILE DF 86 69.55 87.44 63.58
C ILE DF 86 68.36 87.78 62.68
N ILE DF 87 68.03 89.06 62.56
CA ILE DF 87 66.91 89.46 61.71
C ILE DF 87 67.14 89.01 60.29
N LEU DF 88 68.36 89.21 59.77
CA LEU DF 88 68.67 88.77 58.41
C LEU DF 88 68.59 87.26 58.29
N ALA DF 89 68.87 86.53 59.38
CA ALA DF 89 68.80 85.08 59.33
C ALA DF 89 67.38 84.61 59.03
N MET DF 90 66.38 85.25 59.66
CA MET DF 90 65.00 84.86 59.43
C MET DF 90 64.53 85.26 58.04
N THR DF 91 65.05 86.37 57.52
CA THR DF 91 64.63 86.82 56.18
C THR DF 91 64.97 85.77 55.13
N ARG DF 92 66.16 85.18 55.21
CA ARG DF 92 66.53 84.14 54.26
C ARG DF 92 65.58 82.96 54.36
N GLU DF 93 65.23 82.56 55.59
CA GLU DF 93 64.30 81.45 55.76
C GLU DF 93 62.93 81.79 55.21
N LEU DF 94 62.46 83.01 55.45
CA LEU DF 94 61.13 83.41 54.98
C LEU DF 94 61.07 83.42 53.46
N TRP DF 95 62.11 83.97 52.81
CA TRP DF 95 62.09 84.07 51.36
C TRP DF 95 62.05 82.70 50.70
N GLY DF 96 62.59 81.68 51.37
CA GLY DF 96 62.55 80.34 50.80
C GLY DF 96 61.13 79.83 50.65
N GLN DF 97 60.32 79.99 51.70
CA GLN DF 97 58.93 79.56 51.61
C GLN DF 97 58.17 80.37 50.56
N ILE DF 98 58.50 81.66 50.44
CA ILE DF 98 57.84 82.50 49.44
C ILE DF 98 58.10 81.96 48.04
N GLN DF 99 59.37 81.70 47.72
CA GLN DF 99 59.71 81.22 46.39
C GLN DF 99 59.20 79.80 46.16
N ARG DF 100 59.34 78.93 47.17
CA ARG DF 100 58.89 77.55 47.01
C ARG DF 100 57.38 77.49 46.80
N HIS DF 101 56.63 78.31 47.53
CA HIS DF 101 55.18 78.31 47.38
C HIS DF 101 54.76 78.84 46.01
N HIS DF 102 55.38 79.93 45.58
CA HIS DF 102 55.01 80.52 44.28
C HIS DF 102 55.36 79.58 43.14
N TYR DF 103 56.61 79.11 43.08
CA TYR DF 103 57.07 78.25 42.00
C TYR DF 103 56.99 76.78 42.38
N GLY DF 104 57.70 76.39 43.42
CA GLY DF 104 57.75 75.00 43.83
C GLY DF 104 59.03 74.71 44.58
N ILE DF 105 58.98 73.62 45.35
CA ILE DF 105 60.13 73.25 46.19
C ILE DF 105 61.32 72.87 45.31
N VAL DF 106 61.08 72.07 44.28
CA VAL DF 106 62.18 71.59 43.43
C VAL DF 106 62.78 72.75 42.64
N GLN DF 107 61.95 73.64 42.12
CA GLN DF 107 62.44 74.71 41.26
C GLN DF 107 63.42 75.60 42.00
N VAL DF 108 63.10 75.97 43.24
CA VAL DF 108 64.00 76.83 44.01
C VAL DF 108 65.34 76.11 44.23
N GLU DF 109 65.27 74.84 44.65
CA GLU DF 109 66.50 74.07 44.82
C GLU DF 109 67.24 73.92 43.49
N HIS DF 110 66.50 73.85 42.39
CA HIS DF 110 67.12 73.70 41.07
C HIS DF 110 67.70 75.02 40.58
N TYR DF 111 67.03 76.14 40.87
CA TYR DF 111 67.43 77.42 40.31
C TYR DF 111 68.44 78.17 41.17
N VAL DF 112 68.45 77.93 42.48
CA VAL DF 112 69.34 78.70 43.35
C VAL DF 112 70.79 78.47 42.97
N LYS DF 113 71.17 77.22 42.69
CA LYS DF 113 72.56 76.92 42.39
C LYS DF 113 73.00 77.60 41.10
N GLN DF 114 72.11 77.69 40.12
CA GLN DF 114 72.49 78.22 38.81
C GLN DF 114 73.01 79.65 38.94
N ILE DF 115 72.30 80.50 39.68
CA ILE DF 115 72.70 81.89 39.80
C ILE DF 115 74.01 82.00 40.57
N THR DF 116 74.22 81.14 41.56
CA THR DF 116 75.46 81.18 42.32
C THR DF 116 76.65 80.88 41.42
N LEU DF 117 76.50 79.91 40.52
CA LEU DF 117 77.59 79.61 39.58
C LEU DF 117 77.89 80.80 38.70
N TRP DF 118 76.85 81.47 38.19
CA TRP DF 118 77.07 82.62 37.31
C TRP DF 118 77.87 83.71 37.99
N GLN DF 119 77.81 83.78 39.33
CA GLN DF 119 78.59 84.77 40.06
C GLN DF 119 80.02 84.30 40.29
N ASP DF 120 80.18 83.08 40.81
CA ASP DF 120 81.50 82.52 41.11
C ASP DF 120 82.14 82.06 39.80
N THR DF 121 82.59 83.03 39.02
CA THR DF 121 83.22 82.78 37.73
C THR DF 121 84.06 84.00 37.38
N PRO DF 122 85.15 83.83 36.61
CA PRO DF 122 86.02 84.98 36.33
C PRO DF 122 85.37 86.02 35.43
N GLN DF 123 84.42 86.77 35.98
CA GLN DF 123 83.79 87.91 35.34
C GLN DF 123 83.56 87.70 33.84
N ALA DF 124 84.63 87.65 33.05
CA ALA DF 124 84.48 87.67 31.60
C ALA DF 124 83.60 86.52 31.12
N PHE DF 125 83.92 85.30 31.52
CA PHE DF 125 83.12 84.14 31.14
C PHE DF 125 82.07 83.82 32.21
N ARG DF 126 81.31 84.82 32.62
CA ARG DF 126 80.32 84.61 33.66
C ARG DF 126 79.18 83.73 33.17
N GLY DF 127 78.77 83.92 31.92
CA GLY DF 127 77.68 83.14 31.35
C GLY DF 127 76.80 83.96 30.44
N ASP DF 128 75.48 83.85 30.62
CA ASP DF 128 74.53 84.59 29.80
C ASP DF 128 73.39 85.17 30.65
N GLN DF 129 73.68 85.52 31.90
CA GLN DF 129 72.67 86.09 32.78
C GLN DF 129 71.49 85.13 32.89
N PRO DF 130 71.64 84.01 33.58
CA PRO DF 130 70.59 82.99 33.56
C PRO DF 130 69.23 83.55 33.97
N LYS DF 131 68.21 83.18 33.20
CA LYS DF 131 66.88 83.70 33.44
C LYS DF 131 66.29 83.13 34.72
N PRO DF 132 65.47 83.90 35.43
CA PRO DF 132 64.79 83.35 36.61
C PRO DF 132 63.71 82.36 36.20
N PRO DF 133 63.28 81.49 37.10
CA PRO DF 133 62.32 80.45 36.72
C PRO DF 133 61.02 81.07 36.22
N THR EF 3 -123.73 -21.82 -23.23
CA THR EF 3 -123.50 -20.45 -22.78
C THR EF 3 -122.05 -20.25 -22.35
N PHE EF 4 -121.48 -21.22 -21.63
CA PHE EF 4 -120.12 -21.07 -21.11
C PHE EF 4 -119.11 -20.92 -22.23
N ILE EF 5 -119.24 -21.72 -23.29
CA ILE EF 5 -118.27 -21.67 -24.38
C ILE EF 5 -118.28 -20.29 -25.02
N GLU EF 6 -119.46 -19.68 -25.13
CA GLU EF 6 -119.53 -18.32 -25.65
C GLU EF 6 -118.71 -17.37 -24.79
N LEU EF 7 -118.77 -17.54 -23.46
CA LEU EF 7 -117.99 -16.67 -22.58
C LEU EF 7 -116.50 -16.85 -22.79
N VAL EF 8 -116.06 -18.10 -22.97
CA VAL EF 8 -114.63 -18.36 -23.14
C VAL EF 8 -114.14 -17.80 -24.46
N LYS EF 9 -114.94 -17.91 -25.53
CA LYS EF 9 -114.54 -17.36 -26.82
C LYS EF 9 -114.27 -15.87 -26.71
N ASN EF 10 -114.89 -15.19 -25.76
CA ASN EF 10 -114.64 -13.77 -25.51
C ASN EF 10 -113.42 -13.62 -24.60
N MET EF 11 -112.29 -14.15 -25.07
CA MET EF 11 -111.05 -14.12 -24.31
C MET EF 11 -109.89 -13.93 -25.28
N LYS EF 12 -108.76 -13.48 -24.73
CA LYS EF 12 -107.58 -13.13 -25.51
C LYS EF 12 -106.64 -14.32 -25.61
N GLY EF 13 -106.07 -14.51 -26.80
CA GLY EF 13 -105.24 -15.66 -27.06
C GLY EF 13 -106.01 -16.93 -27.39
N TYR EF 14 -107.30 -16.83 -27.68
CA TYR EF 14 -108.13 -17.99 -27.96
C TYR EF 14 -107.88 -18.47 -29.39
N LYS EF 15 -107.32 -19.67 -29.52
CA LYS EF 15 -107.07 -20.30 -30.81
C LYS EF 15 -108.01 -21.49 -30.94
N GLU EF 16 -108.86 -21.48 -31.96
CA GLU EF 16 -109.81 -22.56 -32.15
C GLU EF 16 -109.08 -23.84 -32.55
N LEU EF 17 -109.64 -24.97 -32.10
CA LEU EF 17 -109.01 -26.27 -32.36
C LEU EF 17 -110.03 -27.33 -32.76
N LEU EF 18 -111.27 -26.97 -33.06
CA LEU EF 18 -112.31 -27.93 -33.41
C LEU EF 18 -112.74 -27.71 -34.86
N LEU EF 19 -112.79 -28.81 -35.61
CA LEU EF 19 -113.20 -28.75 -37.00
C LEU EF 19 -114.72 -28.75 -37.11
N PRO EF 20 -115.25 -28.38 -38.28
CA PRO EF 20 -116.71 -28.45 -38.47
C PRO EF 20 -117.23 -29.86 -38.30
N MET EF 21 -118.47 -29.95 -37.82
CA MET EF 21 -119.08 -31.26 -37.60
C MET EF 21 -119.15 -32.07 -38.89
N GLU EF 22 -119.19 -31.41 -40.04
CA GLU EF 22 -119.30 -32.08 -41.32
C GLU EF 22 -118.00 -32.70 -41.80
N MET EF 23 -116.87 -32.39 -41.14
CA MET EF 23 -115.57 -32.90 -41.56
C MET EF 23 -114.98 -33.94 -40.62
N VAL EF 24 -115.41 -33.97 -39.36
CA VAL EF 24 -114.85 -34.93 -38.40
C VAL EF 24 -115.27 -36.34 -38.82
N PRO EF 25 -114.48 -37.36 -38.52
CA PRO EF 25 -114.84 -38.72 -38.90
C PRO EF 25 -116.10 -39.19 -38.18
N LEU EF 26 -116.60 -40.34 -38.61
CA LEU EF 26 -117.70 -40.97 -37.90
C LEU EF 26 -117.25 -41.42 -36.51
N PRO EF 27 -118.16 -41.50 -35.55
CA PRO EF 27 -117.74 -41.86 -34.19
C PRO EF 27 -117.01 -43.20 -34.11
N ALA EF 28 -117.42 -44.16 -34.94
CA ALA EF 28 -116.76 -45.46 -34.93
C ALA EF 28 -115.29 -45.33 -35.31
N VAL EF 29 -115.00 -44.50 -36.32
CA VAL EF 29 -113.62 -44.36 -36.79
C VAL EF 29 -112.75 -43.73 -35.72
N VAL EF 30 -113.30 -42.78 -34.96
CA VAL EF 30 -112.49 -42.06 -33.99
C VAL EF 30 -111.95 -43.01 -32.93
N LEU EF 31 -112.81 -43.91 -32.45
CA LEU EF 31 -112.39 -44.86 -31.42
C LEU EF 31 -111.18 -45.65 -31.85
N LYS EF 32 -111.03 -45.90 -33.16
CA LYS EF 32 -109.91 -46.69 -33.63
C LYS EF 32 -108.58 -46.02 -33.32
N HIS EF 33 -108.50 -44.70 -33.53
CA HIS EF 33 -107.26 -43.99 -33.22
C HIS EF 33 -107.02 -43.92 -31.72
N VAL EF 34 -108.08 -43.96 -30.92
CA VAL EF 34 -107.93 -43.89 -29.47
C VAL EF 34 -107.11 -45.08 -28.98
N LYS EF 35 -107.44 -46.28 -29.46
CA LYS EF 35 -106.71 -47.47 -29.03
C LYS EF 35 -105.24 -47.40 -29.40
N LEU EF 36 -104.96 -46.95 -30.63
CA LEU EF 36 -103.57 -46.86 -31.06
C LEU EF 36 -102.82 -45.81 -30.25
N ILE EF 37 -103.40 -44.61 -30.12
CA ILE EF 37 -102.72 -43.53 -29.42
C ILE EF 37 -102.53 -43.88 -27.95
N LEU EF 38 -103.58 -44.40 -27.31
CA LEU EF 38 -103.47 -44.80 -25.91
C LEU EF 38 -102.46 -45.93 -25.76
N THR EF 39 -102.63 -47.01 -26.54
CA THR EF 39 -101.79 -48.19 -26.34
C THR EF 39 -100.37 -47.95 -26.83
N SER EF 40 -100.23 -47.34 -28.01
CA SER EF 40 -98.91 -47.06 -28.58
C SER EF 40 -98.35 -45.78 -27.97
N GLN EF 41 -98.15 -45.81 -26.66
CA GLN EF 41 -97.61 -44.68 -25.94
C GLN EF 41 -96.76 -45.17 -24.78
N LYS EF 42 -95.77 -44.37 -24.42
CA LYS EF 42 -94.86 -44.67 -23.32
C LYS EF 42 -94.79 -43.48 -22.40
N GLU EF 43 -94.54 -43.75 -21.11
CA GLU EF 43 -94.47 -42.71 -20.09
C GLU EF 43 -95.79 -41.94 -20.03
N HIS EF 44 -96.83 -42.67 -19.64
CA HIS EF 44 -98.19 -42.13 -19.58
C HIS EF 44 -98.20 -40.70 -19.04
N GLN EF 45 -98.96 -39.85 -19.70
CA GLN EF 45 -99.05 -38.43 -19.39
C GLN EF 45 -100.48 -38.09 -18.98
N PRO EF 46 -100.68 -36.97 -18.26
CA PRO EF 46 -102.03 -36.67 -17.75
C PRO EF 46 -103.09 -36.58 -18.84
N TRP EF 47 -102.75 -36.03 -20.00
CA TRP EF 47 -103.75 -35.85 -21.05
C TRP EF 47 -104.27 -37.18 -21.57
N MET EF 48 -103.51 -38.27 -21.40
CA MET EF 48 -103.99 -39.58 -21.84
C MET EF 48 -105.24 -39.99 -21.07
N THR EF 49 -105.26 -39.72 -19.76
CA THR EF 49 -106.42 -40.08 -18.96
C THR EF 49 -107.66 -39.33 -19.43
N GLU EF 50 -107.51 -38.04 -19.76
CA GLU EF 50 -108.65 -37.26 -20.21
C GLU EF 50 -109.26 -37.84 -21.48
N MET EF 51 -108.42 -38.29 -22.41
CA MET EF 51 -108.93 -38.83 -23.66
C MET EF 51 -109.78 -40.07 -23.41
N ALA EF 52 -109.33 -40.97 -22.54
CA ALA EF 52 -110.06 -42.20 -22.29
C ALA EF 52 -111.42 -41.92 -21.66
N LEU EF 53 -111.45 -40.99 -20.70
CA LEU EF 53 -112.70 -40.71 -19.99
C LEU EF 53 -113.79 -40.24 -20.95
N LYS EF 54 -113.44 -39.33 -21.87
CA LYS EF 54 -114.42 -38.85 -22.83
C LYS EF 54 -114.85 -39.96 -23.79
N ALA EF 55 -113.93 -40.84 -24.15
CA ALA EF 55 -114.23 -41.88 -25.13
C ALA EF 55 -115.37 -42.77 -24.64
N ASP EF 56 -115.31 -43.20 -23.38
CA ASP EF 56 -116.35 -44.10 -22.87
C ASP EF 56 -117.72 -43.43 -22.87
N GLN EF 57 -117.75 -42.10 -22.77
CA GLN EF 57 -119.04 -41.41 -22.77
C GLN EF 57 -119.78 -41.62 -24.09
N CYS EF 58 -119.07 -41.54 -25.21
CA CYS EF 58 -119.70 -41.77 -26.50
C CYS EF 58 -120.27 -43.17 -26.59
N LEU EF 59 -119.53 -44.16 -26.07
CA LEU EF 59 -120.03 -45.53 -26.06
C LEU EF 59 -121.28 -45.65 -25.21
N ILE EF 60 -121.31 -44.98 -24.06
CA ILE EF 60 -122.47 -45.03 -23.19
C ILE EF 60 -123.70 -44.47 -23.91
N HIS EF 61 -123.54 -43.30 -24.53
CA HIS EF 61 -124.65 -42.74 -25.31
C HIS EF 61 -124.97 -43.62 -26.52
N LYS EF 62 -123.94 -44.15 -27.17
CA LYS EF 62 -124.16 -45.02 -28.31
C LYS EF 62 -124.91 -46.29 -27.90
N ALA EF 63 -124.55 -46.86 -26.75
CA ALA EF 63 -125.23 -48.04 -26.25
C ALA EF 63 -126.62 -47.73 -25.73
N THR EF 64 -126.98 -46.45 -25.61
CA THR EF 64 -128.30 -46.06 -25.09
C THR EF 64 -129.37 -46.04 -26.17
N LEU EF 65 -128.99 -45.82 -27.43
CA LEU EF 65 -129.98 -45.72 -28.50
C LEU EF 65 -130.72 -47.04 -28.70
N ASP EF 66 -130.03 -48.17 -28.57
CA ASP EF 66 -130.69 -49.46 -28.75
C ASP EF 66 -131.86 -49.63 -27.80
N PRO EF 78 -138.45 -36.19 -29.08
CA PRO EF 78 -137.24 -35.39 -28.79
C PRO EF 78 -136.26 -36.09 -27.86
N LEU EF 79 -136.74 -36.59 -26.72
CA LEU EF 79 -135.83 -37.13 -25.71
C LEU EF 79 -135.03 -38.30 -26.27
N ILE EF 80 -135.68 -39.21 -26.98
CA ILE EF 80 -134.97 -40.36 -27.54
C ILE EF 80 -133.92 -39.90 -28.55
N GLU EF 81 -134.30 -38.97 -29.43
CA GLU EF 81 -133.39 -38.47 -30.45
C GLU EF 81 -132.46 -37.37 -29.94
N ALA EF 82 -132.76 -36.78 -28.78
CA ALA EF 82 -131.94 -35.68 -28.28
C ALA EF 82 -130.52 -36.14 -27.98
N MET EF 83 -130.36 -37.32 -27.38
CA MET EF 83 -129.03 -37.79 -27.01
C MET EF 83 -128.15 -37.97 -28.24
N GLN EF 84 -128.75 -38.28 -29.40
CA GLN EF 84 -127.96 -38.46 -30.62
C GLN EF 84 -127.18 -37.20 -30.98
N GLN EF 85 -127.72 -36.03 -30.64
CA GLN EF 85 -127.04 -34.79 -30.96
C GLN EF 85 -125.70 -34.69 -30.23
N ILE EF 86 -125.66 -35.11 -28.97
CA ILE EF 86 -124.44 -35.01 -28.19
C ILE EF 86 -123.38 -35.95 -28.75
N ILE EF 87 -123.79 -37.12 -29.23
CA ILE EF 87 -122.84 -38.10 -29.73
C ILE EF 87 -121.98 -37.48 -30.83
N LEU EF 88 -122.62 -36.83 -31.79
CA LEU EF 88 -121.87 -36.17 -32.86
C LEU EF 88 -120.98 -35.07 -32.30
N ALA EF 89 -121.49 -34.29 -31.35
CA ALA EF 89 -120.70 -33.22 -30.75
C ALA EF 89 -119.50 -33.78 -30.01
N MET EF 90 -119.69 -34.88 -29.27
CA MET EF 90 -118.61 -35.43 -28.48
C MET EF 90 -117.41 -35.77 -29.34
N THR EF 91 -117.66 -36.26 -30.56
CA THR EF 91 -116.55 -36.58 -31.46
C THR EF 91 -115.74 -35.34 -31.81
N ARG EF 92 -116.43 -34.22 -32.05
CA ARG EF 92 -115.74 -33.00 -32.46
C ARG EF 92 -114.70 -32.59 -31.42
N GLU EF 93 -115.08 -32.59 -30.14
CA GLU EF 93 -114.11 -32.30 -29.09
C GLU EF 93 -113.08 -33.41 -28.98
N LEU EF 94 -113.53 -34.67 -29.12
CA LEU EF 94 -112.62 -35.80 -29.00
C LEU EF 94 -111.58 -35.79 -30.11
N TRP EF 95 -112.02 -35.52 -31.35
CA TRP EF 95 -111.09 -35.53 -32.48
C TRP EF 95 -110.03 -34.43 -32.34
N GLY EF 96 -110.35 -33.36 -31.61
CA GLY EF 96 -109.39 -32.29 -31.44
C GLY EF 96 -108.12 -32.74 -30.74
N GLN EF 97 -108.27 -33.60 -29.73
CA GLN EF 97 -107.09 -34.09 -29.01
C GLN EF 97 -106.28 -35.06 -29.87
N ILE EF 98 -106.95 -35.79 -30.77
CA ILE EF 98 -106.22 -36.73 -31.63
C ILE EF 98 -105.22 -35.99 -32.49
N GLN EF 99 -105.65 -34.89 -33.11
CA GLN EF 99 -104.75 -34.13 -33.98
C GLN EF 99 -103.62 -33.49 -33.19
N ARG EF 100 -103.87 -33.10 -31.94
CA ARG EF 100 -102.82 -32.54 -31.12
C ARG EF 100 -101.69 -33.55 -30.91
N HIS EF 101 -102.06 -34.80 -30.62
CA HIS EF 101 -101.05 -35.84 -30.44
C HIS EF 101 -100.32 -36.13 -31.74
N HIS EF 102 -101.05 -36.28 -32.83
CA HIS EF 102 -100.44 -36.60 -34.11
C HIS EF 102 -99.66 -35.41 -34.66
N TYR EF 103 -100.35 -34.30 -34.93
CA TYR EF 103 -99.70 -33.15 -35.54
C TYR EF 103 -98.99 -32.29 -34.49
N GLY EF 104 -99.75 -31.76 -33.54
CA GLY EF 104 -99.22 -30.84 -32.55
C GLY EF 104 -100.21 -29.69 -32.38
N ILE EF 105 -100.23 -29.12 -31.18
CA ILE EF 105 -101.19 -28.07 -30.88
C ILE EF 105 -100.98 -26.87 -31.78
N VAL EF 106 -99.72 -26.44 -31.95
CA VAL EF 106 -99.43 -25.24 -32.73
C VAL EF 106 -99.87 -25.42 -34.17
N GLN EF 107 -99.52 -26.56 -34.77
CA GLN EF 107 -99.85 -26.79 -36.17
C GLN EF 107 -101.35 -26.84 -36.39
N VAL EF 108 -102.10 -27.40 -35.44
CA VAL EF 108 -103.54 -27.55 -35.61
C VAL EF 108 -104.19 -26.19 -35.75
N GLU EF 109 -103.78 -25.22 -34.92
CA GLU EF 109 -104.38 -23.89 -34.97
C GLU EF 109 -104.33 -23.33 -36.39
N HIS EF 110 -103.17 -23.42 -37.04
CA HIS EF 110 -103.04 -22.93 -38.40
C HIS EF 110 -103.95 -23.71 -39.35
N TYR EF 111 -104.00 -25.04 -39.18
CA TYR EF 111 -104.78 -25.87 -40.10
C TYR EF 111 -106.25 -25.51 -40.04
N VAL EF 112 -106.80 -25.31 -38.83
CA VAL EF 112 -108.22 -25.04 -38.70
C VAL EF 112 -108.58 -23.74 -39.41
N LYS EF 113 -107.81 -22.68 -39.17
CA LYS EF 113 -108.10 -21.40 -39.80
C LYS EF 113 -108.00 -21.50 -41.32
N GLN EF 114 -106.99 -22.23 -41.81
CA GLN EF 114 -106.89 -22.45 -43.25
C GLN EF 114 -108.11 -23.19 -43.77
N ILE EF 115 -108.58 -24.19 -43.03
CA ILE EF 115 -109.81 -24.89 -43.41
C ILE EF 115 -110.99 -23.94 -43.34
N THR EF 116 -111.06 -23.13 -42.28
CA THR EF 116 -112.20 -22.22 -42.13
C THR EF 116 -112.28 -21.25 -43.29
N LEU EF 117 -111.15 -20.59 -43.61
CA LEU EF 117 -111.14 -19.67 -44.75
C LEU EF 117 -111.43 -20.42 -46.04
N TRP EF 118 -110.86 -21.62 -46.19
CA TRP EF 118 -111.14 -22.42 -47.38
C TRP EF 118 -112.63 -22.75 -47.46
N GLN EF 119 -113.24 -23.11 -46.34
CA GLN EF 119 -114.67 -23.38 -46.36
C GLN EF 119 -115.47 -22.11 -46.53
N ASP EF 120 -114.99 -20.99 -45.99
CA ASP EF 120 -115.72 -19.73 -46.10
C ASP EF 120 -115.82 -19.27 -47.55
N THR EF 121 -114.72 -19.36 -48.30
CA THR EF 121 -114.71 -18.89 -49.67
C THR EF 121 -115.72 -19.69 -50.50
N PRO EF 122 -116.44 -19.06 -51.41
CA PRO EF 122 -117.41 -19.81 -52.23
C PRO EF 122 -116.72 -20.88 -53.07
N GLN EF 123 -117.44 -21.98 -53.29
CA GLN EF 123 -116.88 -23.12 -54.00
C GLN EF 123 -116.47 -22.78 -55.42
N ALA EF 124 -117.02 -21.71 -56.00
CA ALA EF 124 -116.68 -21.35 -57.38
C ALA EF 124 -115.19 -21.04 -57.51
N PHE EF 125 -114.63 -20.31 -56.55
CA PHE EF 125 -113.22 -19.96 -56.55
C PHE EF 125 -112.56 -20.36 -55.23
N ARG EF 126 -113.06 -21.42 -54.61
CA ARG EF 126 -112.54 -21.83 -53.30
C ARG EF 126 -111.08 -22.25 -53.39
N GLY EF 127 -110.72 -23.00 -54.41
CA GLY EF 127 -109.36 -23.48 -54.57
C GLY EF 127 -109.17 -24.87 -53.97
N ASP EF 128 -107.95 -25.36 -54.11
CA ASP EF 128 -107.60 -26.68 -53.61
C ASP EF 128 -107.65 -26.70 -52.09
N GLN EF 129 -108.19 -27.78 -51.55
CA GLN EF 129 -108.27 -27.93 -50.10
C GLN EF 129 -106.87 -28.07 -49.52
N PRO EF 130 -106.53 -27.33 -48.46
CA PRO EF 130 -105.19 -27.45 -47.89
C PRO EF 130 -104.98 -28.82 -47.25
N LYS EF 131 -103.73 -29.26 -47.25
CA LYS EF 131 -103.37 -30.54 -46.69
C LYS EF 131 -103.03 -30.41 -45.21
N PRO EF 132 -103.13 -31.50 -44.44
CA PRO EF 132 -102.81 -31.44 -43.02
C PRO EF 132 -101.36 -31.04 -42.79
N PRO EF 133 -101.03 -30.54 -41.59
CA PRO EF 133 -99.64 -30.16 -41.33
C PRO EF 133 -98.71 -31.35 -41.21
N SER EF 134 -97.45 -31.10 -40.89
CA SER EF 134 -96.47 -32.15 -40.71
C SER EF 134 -96.59 -32.76 -39.33
N PHE EF 135 -96.28 -34.05 -39.23
CA PHE EF 135 -96.37 -34.76 -37.96
C PHE EF 135 -95.35 -34.23 -36.96
N THR FF 3 -113.95 -50.02 -21.21
CA THR FF 3 -112.70 -50.72 -21.47
C THR FF 3 -111.53 -49.79 -21.70
N PHE FF 4 -111.75 -48.64 -22.36
CA PHE FF 4 -110.64 -47.73 -22.63
C PHE FF 4 -110.00 -47.23 -21.34
N ILE FF 5 -110.83 -46.86 -20.36
CA ILE FF 5 -110.29 -46.38 -19.09
C ILE FF 5 -109.47 -47.47 -18.41
N GLU FF 6 -109.90 -48.73 -18.55
CA GLU FF 6 -109.14 -49.83 -17.97
C GLU FF 6 -107.75 -49.91 -18.57
N LEU FF 7 -107.64 -49.69 -19.88
CA LEU FF 7 -106.33 -49.73 -20.52
C LEU FF 7 -105.40 -48.68 -19.94
N VAL FF 8 -105.92 -47.48 -19.68
CA VAL FF 8 -105.11 -46.43 -19.07
C VAL FF 8 -104.66 -46.87 -17.68
N LYS FF 9 -105.56 -47.46 -16.90
CA LYS FF 9 -105.22 -47.91 -15.57
C LYS FF 9 -104.17 -49.02 -15.59
N ASN FF 10 -103.94 -49.64 -16.75
CA ASN FF 10 -102.93 -50.67 -16.90
C ASN FF 10 -101.58 -50.11 -17.31
N MET FF 11 -101.46 -48.79 -17.43
CA MET FF 11 -100.22 -48.19 -17.92
C MET FF 11 -99.20 -48.09 -16.80
N LYS FF 12 -98.07 -47.47 -17.11
CA LYS FF 12 -96.99 -47.22 -16.16
C LYS FF 12 -96.93 -45.74 -15.86
N GLY FF 13 -96.87 -45.41 -14.57
CA GLY FF 13 -96.87 -44.03 -14.14
C GLY FF 13 -98.23 -43.40 -13.99
N TYR FF 14 -99.30 -44.12 -14.32
CA TYR FF 14 -100.64 -43.59 -14.16
C TYR FF 14 -100.95 -43.35 -12.70
N LYS FF 15 -101.65 -42.24 -12.42
CA LYS FF 15 -102.00 -41.86 -11.06
C LYS FF 15 -103.43 -41.34 -11.05
N GLU FF 16 -104.17 -41.73 -10.01
CA GLU FF 16 -105.56 -41.31 -9.90
C GLU FF 16 -105.65 -39.82 -9.62
N LEU FF 17 -106.66 -39.18 -10.20
CA LEU FF 17 -106.94 -37.76 -9.97
C LEU FF 17 -108.40 -37.49 -9.63
N LEU FF 18 -109.30 -38.45 -9.83
CA LEU FF 18 -110.71 -38.26 -9.52
C LEU FF 18 -110.96 -38.62 -8.06
N LEU FF 19 -112.23 -38.58 -7.67
CA LEU FF 19 -112.65 -38.82 -6.30
C LEU FF 19 -113.86 -39.74 -6.31
N PRO FF 20 -114.16 -40.37 -5.18
CA PRO FF 20 -115.34 -41.24 -5.11
C PRO FF 20 -116.61 -40.47 -5.43
N MET FF 21 -117.55 -41.17 -6.05
CA MET FF 21 -118.80 -40.53 -6.46
C MET FF 21 -119.47 -39.85 -5.27
N GLU FF 22 -119.36 -40.44 -4.09
CA GLU FF 22 -119.98 -39.84 -2.90
C GLU FF 22 -119.36 -38.50 -2.58
N MET FF 23 -118.03 -38.40 -2.67
CA MET FF 23 -117.31 -37.16 -2.37
C MET FF 23 -117.28 -36.25 -3.59
N VAL FF 24 -118.47 -35.96 -4.12
CA VAL FF 24 -118.63 -35.08 -5.26
C VAL FF 24 -119.78 -34.12 -4.98
N PRO FF 25 -119.57 -32.81 -5.10
CA PRO FF 25 -120.67 -31.87 -4.85
C PRO FF 25 -121.87 -32.15 -5.74
N LEU FF 26 -122.98 -31.50 -5.40
CA LEU FF 26 -124.20 -31.65 -6.15
C LEU FF 26 -124.09 -30.91 -7.49
N PRO FF 27 -124.91 -31.26 -8.48
CA PRO FF 27 -124.85 -30.57 -9.77
C PRO FF 27 -125.28 -29.11 -9.66
N ALA FF 28 -125.27 -28.40 -10.78
CA ALA FF 28 -125.68 -27.01 -10.82
C ALA FF 28 -124.77 -26.14 -9.96
N VAL FF 29 -124.79 -26.34 -8.65
CA VAL FF 29 -123.96 -25.54 -7.75
C VAL FF 29 -122.49 -25.75 -8.06
N VAL FF 30 -122.10 -27.00 -8.35
CA VAL FF 30 -120.70 -27.28 -8.68
C VAL FF 30 -120.27 -26.50 -9.91
N LEU FF 31 -121.19 -26.21 -10.82
CA LEU FF 31 -120.85 -25.46 -12.02
C LEU FF 31 -120.42 -24.03 -11.69
N LYS FF 32 -120.71 -23.55 -10.49
CA LYS FF 32 -120.38 -22.16 -10.14
C LYS FF 32 -118.87 -21.96 -10.14
N HIS FF 33 -118.11 -22.93 -9.66
CA HIS FF 33 -116.66 -22.82 -9.69
C HIS FF 33 -116.14 -22.61 -11.10
N VAL FF 34 -116.89 -23.06 -12.11
CA VAL FF 34 -116.49 -22.87 -13.49
C VAL FF 34 -116.38 -21.38 -13.80
N LYS FF 35 -117.39 -20.62 -13.41
CA LYS FF 35 -117.39 -19.18 -13.67
C LYS FF 35 -116.24 -18.49 -12.94
N LEU FF 36 -115.99 -18.90 -11.69
CA LEU FF 36 -114.95 -18.25 -10.90
C LEU FF 36 -113.55 -18.54 -11.41
N ILE FF 37 -113.40 -19.48 -12.34
CA ILE FF 37 -112.08 -19.84 -12.87
C ILE FF 37 -111.98 -19.41 -14.32
N LEU FF 38 -113.11 -19.31 -15.00
CA LEU FF 38 -113.14 -18.82 -16.38
C LEU FF 38 -113.25 -17.30 -16.43
N THR FF 39 -114.26 -16.74 -15.77
CA THR FF 39 -114.45 -15.29 -15.79
C THR FF 39 -113.26 -14.58 -15.16
N SER FF 40 -112.77 -15.10 -14.04
CA SER FF 40 -111.62 -14.52 -13.35
C SER FF 40 -110.32 -15.11 -13.89
N GLN FF 41 -110.14 -14.97 -15.20
CA GLN FF 41 -108.97 -15.53 -15.87
C GLN FF 41 -108.70 -14.76 -17.14
N LYS FF 42 -107.48 -14.94 -17.66
CA LYS FF 42 -107.04 -14.31 -18.88
C LYS FF 42 -105.93 -15.16 -19.48
N GLU FF 43 -105.54 -14.84 -20.71
CA GLU FF 43 -104.52 -15.61 -21.44
C GLU FF 43 -105.01 -17.05 -21.63
N HIS FF 44 -106.08 -17.16 -22.39
CA HIS FF 44 -106.73 -18.44 -22.69
C HIS FF 44 -105.70 -19.53 -22.96
N GLN FF 45 -105.78 -20.60 -22.18
CA GLN FF 45 -104.89 -21.75 -22.30
C GLN FF 45 -105.65 -22.96 -22.81
N PRO FF 46 -104.95 -23.94 -23.39
CA PRO FF 46 -105.66 -25.08 -23.99
C PRO FF 46 -106.57 -25.81 -23.02
N TRP FF 47 -106.15 -25.96 -21.76
CA TRP FF 47 -106.96 -26.72 -20.81
C TRP FF 47 -108.25 -25.99 -20.46
N MET FF 48 -108.27 -24.67 -20.59
CA MET FF 48 -109.48 -23.91 -20.29
C MET FF 48 -110.62 -24.32 -21.22
N THR FF 49 -110.31 -24.50 -22.51
CA THR FF 49 -111.35 -24.92 -23.44
C THR FF 49 -111.90 -26.30 -23.08
N GLU FF 50 -111.02 -27.21 -22.64
CA GLU FF 50 -111.47 -28.54 -22.26
C GLU FF 50 -112.51 -28.45 -21.14
N MET FF 51 -112.24 -27.63 -20.13
CA MET FF 51 -113.19 -27.47 -19.03
C MET FF 51 -114.50 -26.87 -19.54
N ALA FF 52 -114.42 -25.87 -20.42
CA ALA FF 52 -115.62 -25.22 -20.91
C ALA FF 52 -116.49 -26.19 -21.71
N LEU FF 53 -115.86 -27.01 -22.56
CA LEU FF 53 -116.61 -27.94 -23.39
C LEU FF 53 -117.14 -29.13 -22.61
N LYS FF 54 -116.71 -29.32 -21.37
CA LYS FF 54 -117.20 -30.39 -20.52
C LYS FF 54 -118.30 -29.92 -19.58
N ALA FF 55 -118.12 -28.77 -18.95
CA ALA FF 55 -119.14 -28.25 -18.02
C ALA FF 55 -120.44 -27.97 -18.74
N ASP FF 56 -120.36 -27.37 -19.93
CA ASP FF 56 -121.57 -27.03 -20.67
C ASP FF 56 -122.40 -28.26 -21.03
N GLN FF 57 -121.77 -29.44 -21.06
CA GLN FF 57 -122.51 -30.66 -21.40
C GLN FF 57 -123.57 -30.97 -20.35
N CYS FF 58 -123.27 -30.71 -19.08
CA CYS FF 58 -124.24 -31.00 -18.02
C CYS FF 58 -125.52 -30.21 -18.24
N LEU FF 59 -125.40 -28.93 -18.65
CA LEU FF 59 -126.59 -28.14 -18.95
C LEU FF 59 -127.38 -28.76 -20.09
N ILE FF 60 -126.69 -29.26 -21.11
CA ILE FF 60 -127.38 -29.88 -22.24
C ILE FF 60 -128.17 -31.09 -21.76
N HIS FF 61 -127.52 -31.96 -20.99
CA HIS FF 61 -128.23 -33.09 -20.40
C HIS FF 61 -129.30 -32.63 -19.42
N LYS FF 62 -128.97 -31.61 -18.62
CA LYS FF 62 -129.95 -31.07 -17.67
C LYS FF 62 -131.13 -30.45 -18.41
N ALA FF 63 -130.87 -29.79 -19.53
CA ALA FF 63 -131.94 -29.15 -20.29
C ALA FF 63 -132.98 -30.15 -20.77
N THR FF 64 -132.60 -31.43 -20.94
CA THR FF 64 -133.56 -32.43 -21.39
C THR FF 64 -134.61 -32.73 -20.33
N LEU FF 65 -134.36 -32.37 -19.07
CA LEU FF 65 -135.35 -32.63 -18.03
C LEU FF 65 -136.67 -31.95 -18.32
N ASP FF 66 -136.64 -30.80 -18.99
CA ASP FF 66 -137.89 -30.14 -19.39
C ASP FF 66 -138.71 -31.04 -20.31
N PRO FF 78 -135.47 -46.39 -19.03
CA PRO FF 78 -134.00 -46.48 -19.05
C PRO FF 78 -133.34 -45.26 -19.70
N LEU FF 79 -133.97 -44.69 -20.73
CA LEU FF 79 -133.40 -43.51 -21.38
C LEU FF 79 -133.35 -42.34 -20.42
N ILE FF 80 -134.41 -42.13 -19.65
CA ILE FF 80 -134.44 -41.02 -18.68
C ILE FF 80 -133.47 -41.31 -17.53
N GLU FF 81 -133.49 -42.54 -17.02
CA GLU FF 81 -132.61 -42.90 -15.92
C GLU FF 81 -131.14 -42.82 -16.33
N ALA FF 82 -130.83 -43.28 -17.54
CA ALA FF 82 -129.43 -43.35 -17.96
C ALA FF 82 -128.79 -41.97 -17.98
N MET FF 83 -129.51 -40.97 -18.50
CA MET FF 83 -128.94 -39.64 -18.59
C MET FF 83 -128.57 -39.09 -17.22
N GLN FF 84 -129.43 -39.32 -16.21
CA GLN FF 84 -129.14 -38.82 -14.87
C GLN FF 84 -127.85 -39.43 -14.32
N GLN FF 85 -127.62 -40.71 -14.59
CA GLN FF 85 -126.41 -41.36 -14.11
C GLN FF 85 -125.17 -40.73 -14.73
N ILE FF 86 -125.23 -40.37 -16.02
CA ILE FF 86 -124.07 -39.83 -16.71
C ILE FF 86 -123.64 -38.51 -16.09
N ILE FF 87 -124.59 -37.70 -15.61
CA ILE FF 87 -124.25 -36.40 -15.06
C ILE FF 87 -123.28 -36.55 -13.90
N LEU FF 88 -123.49 -37.58 -13.07
CA LEU FF 88 -122.59 -37.79 -11.94
C LEU FF 88 -121.17 -38.06 -12.42
N ALA FF 89 -121.03 -38.88 -13.47
CA ALA FF 89 -119.70 -39.20 -13.98
C ALA FF 89 -119.00 -37.96 -14.49
N MET FF 90 -119.70 -37.13 -15.26
CA MET FF 90 -119.09 -35.91 -15.77
C MET FF 90 -118.76 -34.95 -14.63
N THR FF 91 -119.64 -34.87 -13.63
CA THR FF 91 -119.38 -33.99 -12.50
C THR FF 91 -118.10 -34.37 -11.78
N ARG FF 92 -117.84 -35.68 -11.66
CA ARG FF 92 -116.61 -36.14 -11.02
C ARG FF 92 -115.40 -35.64 -11.78
N GLU FF 93 -115.43 -35.69 -13.10
CA GLU FF 93 -114.30 -35.23 -13.90
C GLU FF 93 -114.08 -33.74 -13.71
N LEU FF 94 -115.17 -32.97 -13.62
CA LEU FF 94 -115.04 -31.52 -13.47
C LEU FF 94 -114.26 -31.17 -12.21
N TRP FF 95 -114.57 -31.84 -11.10
CA TRP FF 95 -113.91 -31.50 -9.83
C TRP FF 95 -112.41 -31.76 -9.91
N GLY FF 96 -112.00 -32.86 -10.54
CA GLY FF 96 -110.59 -33.16 -10.65
C GLY FF 96 -109.82 -32.07 -11.37
N GLN FF 97 -110.40 -31.53 -12.45
CA GLN FF 97 -109.76 -30.43 -13.18
C GLN FF 97 -109.64 -29.21 -12.29
N ILE FF 98 -110.67 -28.91 -11.50
CA ILE FF 98 -110.63 -27.74 -10.63
C ILE FF 98 -109.50 -27.87 -9.63
N GLN FF 99 -109.38 -29.03 -8.99
CA GLN FF 99 -108.28 -29.26 -8.06
C GLN FF 99 -106.94 -29.27 -8.80
N ARG FF 100 -106.92 -29.76 -10.03
CA ARG FF 100 -105.71 -29.72 -10.83
C ARG FF 100 -105.23 -28.29 -11.08
N HIS FF 101 -106.11 -27.30 -10.91
CA HIS FF 101 -105.77 -25.90 -11.08
C HIS FF 101 -105.56 -25.19 -9.76
N HIS FF 102 -106.46 -25.39 -8.78
CA HIS FF 102 -106.37 -24.70 -7.50
C HIS FF 102 -105.16 -25.19 -6.71
N TYR FF 103 -105.13 -26.48 -6.37
CA TYR FF 103 -104.06 -27.05 -5.56
C TYR FF 103 -102.99 -27.70 -6.43
N GLY FF 104 -102.49 -26.96 -7.40
CA GLY FF 104 -101.45 -27.50 -8.25
C GLY FF 104 -101.97 -28.70 -9.03
N ILE FF 105 -101.01 -29.44 -9.59
CA ILE FF 105 -101.33 -30.65 -10.34
C ILE FF 105 -100.55 -31.83 -9.75
N VAL FF 106 -99.42 -31.53 -9.08
CA VAL FF 106 -98.62 -32.57 -8.46
C VAL FF 106 -99.14 -32.89 -7.07
N GLN FF 107 -99.43 -31.85 -6.27
CA GLN FF 107 -99.93 -32.06 -4.92
C GLN FF 107 -101.30 -32.72 -4.92
N VAL FF 108 -102.04 -32.62 -6.02
CA VAL FF 108 -103.38 -33.23 -6.07
C VAL FF 108 -103.28 -34.73 -5.92
N GLU FF 109 -102.33 -35.36 -6.60
CA GLU FF 109 -102.20 -36.81 -6.52
C GLU FF 109 -101.96 -37.26 -5.09
N HIS FF 110 -101.11 -36.54 -4.35
CA HIS FF 110 -100.85 -36.91 -2.97
C HIS FF 110 -102.12 -36.87 -2.13
N TYR FF 111 -102.94 -35.83 -2.32
CA TYR FF 111 -104.18 -35.72 -1.55
C TYR FF 111 -105.12 -36.88 -1.84
N VAL FF 112 -105.35 -37.17 -3.11
CA VAL FF 112 -106.25 -38.25 -3.46
C VAL FF 112 -105.68 -39.59 -3.00
N LYS FF 113 -104.35 -39.74 -3.04
CA LYS FF 113 -103.73 -40.95 -2.52
C LYS FF 113 -104.13 -41.19 -1.08
N GLN FF 114 -104.08 -40.14 -0.26
CA GLN FF 114 -104.47 -40.28 1.15
C GLN FF 114 -105.97 -40.50 1.29
N ILE FF 115 -106.76 -39.87 0.43
CA ILE FF 115 -108.20 -40.02 0.50
C ILE FF 115 -108.59 -41.49 0.34
N THR FF 116 -107.97 -42.17 -0.63
CA THR FF 116 -108.30 -43.57 -0.87
C THR FF 116 -107.99 -44.41 0.37
N LEU FF 117 -106.83 -44.19 0.98
CA LEU FF 117 -106.49 -44.94 2.18
C LEU FF 117 -107.42 -44.60 3.34
N TRP FF 118 -107.73 -43.31 3.50
CA TRP FF 118 -108.54 -42.88 4.64
C TRP FF 118 -109.97 -43.40 4.57
N GLN FF 119 -110.45 -43.75 3.38
CA GLN FF 119 -111.81 -44.25 3.22
C GLN FF 119 -111.89 -45.76 3.08
N ASP FF 120 -110.91 -46.37 2.42
CA ASP FF 120 -110.96 -47.82 2.22
C ASP FF 120 -110.85 -48.57 3.54
N THR FF 121 -110.02 -48.08 4.46
CA THR FF 121 -109.89 -48.73 5.75
C THR FF 121 -111.21 -48.61 6.52
N PRO FF 122 -111.49 -49.56 7.42
CA PRO FF 122 -112.75 -49.50 8.17
C PRO FF 122 -112.82 -48.24 9.02
N GLN FF 123 -114.05 -47.77 9.24
CA GLN FF 123 -114.27 -46.52 9.97
C GLN FF 123 -113.69 -46.56 11.37
N ALA FF 124 -113.47 -47.74 11.93
CA ALA FF 124 -112.91 -47.85 13.27
C ALA FF 124 -111.42 -47.54 13.31
N PHE FF 125 -110.75 -47.41 12.16
CA PHE FF 125 -109.32 -47.17 12.11
C PHE FF 125 -108.94 -45.90 11.36
N ARG FF 126 -109.88 -45.24 10.69
CA ARG FF 126 -109.53 -44.08 9.86
C ARG FF 126 -108.86 -43.00 10.69
N GLY FF 127 -109.59 -42.44 11.66
CA GLY FF 127 -109.06 -41.36 12.46
C GLY FF 127 -109.67 -40.02 12.10
N ASP FF 128 -108.88 -39.17 11.45
CA ASP FF 128 -109.32 -37.84 11.05
C ASP FF 128 -109.08 -37.65 9.57
N GLN FF 129 -110.00 -36.95 8.91
CA GLN FF 129 -109.86 -36.70 7.48
C GLN FF 129 -108.61 -35.86 7.22
N PRO FF 130 -107.80 -36.21 6.21
CA PRO FF 130 -106.62 -35.39 5.90
C PRO FF 130 -107.03 -34.16 5.11
N LYS FF 131 -106.75 -32.99 5.66
CA LYS FF 131 -107.14 -31.75 5.01
C LYS FF 131 -106.38 -31.59 3.69
N PRO FF 132 -107.06 -31.19 2.61
CA PRO FF 132 -106.36 -31.00 1.35
C PRO FF 132 -105.39 -29.84 1.44
N PRO FF 133 -104.32 -29.86 0.64
CA PRO FF 133 -103.37 -28.74 0.67
C PRO FF 133 -104.02 -27.45 0.21
N SER FF 134 -103.53 -26.33 0.75
CA SER FF 134 -104.07 -25.03 0.40
C SER FF 134 -103.61 -24.61 -1.00
N PHE FF 135 -103.97 -23.39 -1.38
CA PHE FF 135 -103.64 -22.86 -2.71
C PHE FF 135 -102.16 -22.49 -2.73
N THR GF 3 -95.95 -75.23 10.39
CA THR GF 3 -94.74 -75.52 11.15
C THR GF 3 -93.57 -74.68 10.69
N PHE GF 4 -93.58 -74.21 9.44
CA PHE GF 4 -92.50 -73.34 8.97
C PHE GF 4 -92.44 -72.06 9.79
N ILE GF 5 -93.59 -71.48 10.13
CA ILE GF 5 -93.60 -70.28 10.94
C ILE GF 5 -92.90 -70.53 12.27
N GLU GF 6 -93.13 -71.71 12.85
CA GLU GF 6 -92.41 -72.08 14.06
C GLU GF 6 -90.90 -72.11 13.82
N LEU GF 7 -90.48 -72.64 12.68
CA LEU GF 7 -89.06 -72.68 12.37
C LEU GF 7 -88.47 -71.28 12.27
N VAL GF 8 -89.30 -70.28 11.96
CA VAL GF 8 -88.85 -68.90 11.89
C VAL GF 8 -89.25 -68.10 13.13
N LYS GF 9 -90.26 -68.56 13.88
CA LYS GF 9 -90.67 -67.83 15.08
C LYS GF 9 -89.52 -67.66 16.06
N ASN GF 10 -88.55 -68.57 16.04
CA ASN GF 10 -87.38 -68.45 16.90
C ASN GF 10 -86.30 -67.54 16.31
N MET GF 11 -86.41 -67.17 15.04
CA MET GF 11 -85.41 -66.31 14.43
C MET GF 11 -85.44 -64.93 15.08
N LYS GF 12 -84.26 -64.29 15.13
CA LYS GF 12 -84.16 -62.97 15.75
C LYS GF 12 -84.99 -61.94 15.01
N GLY GF 13 -84.95 -61.97 13.68
CA GLY GF 13 -85.63 -60.96 12.88
C GLY GF 13 -87.05 -61.31 12.53
N TYR GF 14 -87.57 -62.40 13.08
CA TYR GF 14 -88.94 -62.80 12.81
C TYR GF 14 -89.92 -61.76 13.32
N LYS GF 15 -90.98 -61.52 12.54
CA LYS GF 15 -91.98 -60.52 12.87
C LYS GF 15 -93.37 -61.06 12.56
N GLU GF 16 -94.36 -60.55 13.27
CA GLU GF 16 -95.76 -60.92 13.04
C GLU GF 16 -96.32 -59.99 11.97
N LEU GF 17 -95.98 -60.31 10.71
CA LEU GF 17 -96.46 -59.52 9.59
C LEU GF 17 -97.96 -59.65 9.38
N LEU GF 18 -98.57 -60.68 9.93
CA LEU GF 18 -100.01 -60.90 9.78
C LEU GF 18 -100.76 -59.90 10.66
N LEU GF 19 -101.26 -58.83 10.04
CA LEU GF 19 -101.95 -57.80 10.79
C LEU GF 19 -103.33 -58.28 11.21
N PRO GF 20 -103.96 -57.59 12.16
CA PRO GF 20 -105.28 -58.04 12.63
C PRO GF 20 -106.28 -58.10 11.50
N MET GF 21 -107.17 -59.10 11.58
CA MET GF 21 -108.18 -59.28 10.54
C MET GF 21 -109.09 -58.06 10.44
N GLU GF 22 -109.50 -57.51 11.59
CA GLU GF 22 -110.35 -56.32 11.56
C GLU GF 22 -109.65 -55.14 10.90
N MET GF 23 -108.32 -55.09 11.02
CA MET GF 23 -107.57 -53.94 10.49
C MET GF 23 -107.70 -53.84 8.98
N VAL GF 24 -107.60 -54.97 8.28
CA VAL GF 24 -107.59 -54.98 6.81
C VAL GF 24 -109.01 -54.86 6.28
N PRO GF 25 -109.19 -54.32 5.08
CA PRO GF 25 -110.53 -54.24 4.49
C PRO GF 25 -110.94 -55.53 3.80
N LEU GF 26 -112.08 -55.50 3.11
CA LEU GF 26 -112.54 -56.68 2.40
C LEU GF 26 -111.62 -57.00 1.23
N PRO GF 27 -111.63 -58.24 0.75
CA PRO GF 27 -110.69 -58.63 -0.31
C PRO GF 27 -110.82 -57.78 -1.57
N ALA GF 28 -112.04 -57.38 -1.94
CA ALA GF 28 -112.22 -56.65 -3.18
C ALA GF 28 -111.49 -55.32 -3.17
N VAL GF 29 -111.54 -54.61 -2.04
CA VAL GF 29 -110.92 -53.29 -1.97
C VAL GF 29 -109.41 -53.41 -2.07
N VAL GF 30 -108.83 -54.46 -1.47
CA VAL GF 30 -107.38 -54.60 -1.47
C VAL GF 30 -106.87 -54.73 -2.89
N LEU GF 31 -107.56 -55.50 -3.73
CA LEU GF 31 -107.14 -55.67 -5.11
C LEU GF 31 -107.01 -54.33 -5.82
N LYS GF 32 -107.83 -53.35 -5.44
CA LYS GF 32 -107.75 -52.04 -6.06
C LYS GF 32 -106.39 -51.40 -5.82
N HIS GF 33 -105.87 -51.50 -4.60
CA HIS GF 33 -104.60 -50.87 -4.28
C HIS GF 33 -103.43 -51.59 -4.96
N VAL GF 34 -103.59 -52.88 -5.24
CA VAL GF 34 -102.52 -53.62 -5.90
C VAL GF 34 -102.25 -53.04 -7.29
N LYS GF 35 -103.32 -52.76 -8.03
CA LYS GF 35 -103.16 -52.12 -9.34
C LYS GF 35 -102.55 -50.73 -9.18
N LEU GF 36 -103.02 -49.97 -8.20
CA LEU GF 36 -102.52 -48.60 -8.01
C LEU GF 36 -101.06 -48.60 -7.61
N ILE GF 37 -100.67 -49.47 -6.67
CA ILE GF 37 -99.28 -49.48 -6.21
C ILE GF 37 -98.36 -50.02 -7.30
N LEU GF 38 -98.76 -51.10 -7.97
CA LEU GF 38 -97.95 -51.63 -9.06
C LEU GF 38 -97.84 -50.62 -10.19
N THR GF 39 -98.95 -49.99 -10.55
CA THR GF 39 -98.92 -49.00 -11.62
C THR GF 39 -98.03 -47.82 -11.26
N SER GF 40 -98.16 -47.30 -10.03
CA SER GF 40 -97.36 -46.15 -9.62
C SER GF 40 -95.87 -46.49 -9.62
N GLN GF 41 -95.51 -47.66 -9.09
CA GLN GF 41 -94.11 -48.03 -9.01
C GLN GF 41 -93.53 -48.26 -10.40
N LYS GF 42 -92.27 -47.85 -10.58
CA LYS GF 42 -91.61 -47.93 -11.88
C LYS GF 42 -90.43 -48.90 -11.88
N GLU GF 43 -89.51 -48.77 -10.93
CA GLU GF 43 -88.35 -49.65 -10.92
C GLU GF 43 -88.78 -51.10 -10.72
N HIS GF 44 -88.14 -52.01 -11.46
CA HIS GF 44 -88.49 -53.42 -11.41
C HIS GF 44 -87.66 -54.13 -10.35
N GLN GF 45 -88.32 -54.73 -9.39
CA GLN GF 45 -87.70 -55.54 -8.35
C GLN GF 45 -88.50 -56.83 -8.22
N PRO GF 46 -87.89 -57.89 -7.66
CA PRO GF 46 -88.60 -59.17 -7.57
C PRO GF 46 -89.87 -59.11 -6.74
N TRP GF 47 -89.97 -58.19 -5.78
CA TRP GF 47 -91.14 -58.18 -4.91
C TRP GF 47 -92.41 -57.90 -5.69
N MET GF 48 -92.38 -56.93 -6.60
CA MET GF 48 -93.57 -56.64 -7.40
C MET GF 48 -93.94 -57.81 -8.29
N THR GF 49 -92.93 -58.47 -8.86
CA THR GF 49 -93.20 -59.66 -9.68
C THR GF 49 -93.88 -60.75 -8.85
N GLU GF 50 -93.38 -60.98 -7.64
CA GLU GF 50 -93.99 -61.96 -6.75
C GLU GF 50 -95.27 -61.42 -6.11
N MET GF 51 -95.34 -60.10 -5.92
CA MET GF 51 -96.54 -59.52 -5.31
C MET GF 51 -97.77 -59.76 -6.18
N ALA GF 52 -97.62 -59.60 -7.49
CA ALA GF 52 -98.75 -59.84 -8.40
C ALA GF 52 -99.19 -61.29 -8.34
N LEU GF 53 -98.25 -62.22 -8.32
CA LEU GF 53 -98.60 -63.64 -8.29
C LEU GF 53 -99.39 -63.99 -7.04
N LYS GF 54 -98.98 -63.45 -5.89
CA LYS GF 54 -99.67 -63.75 -4.65
C LYS GF 54 -101.11 -63.25 -4.69
N ALA GF 55 -101.33 -62.06 -5.26
CA ALA GF 55 -102.68 -61.52 -5.34
C ALA GF 55 -103.51 -62.24 -6.40
N ASP GF 56 -102.85 -62.80 -7.42
CA ASP GF 56 -103.59 -63.44 -8.51
C ASP GF 56 -104.41 -64.62 -8.00
N GLN GF 57 -103.85 -65.39 -7.06
CA GLN GF 57 -104.54 -66.58 -6.58
C GLN GF 57 -105.92 -66.23 -6.04
N CYS GF 58 -106.05 -65.08 -5.38
CA CYS GF 58 -107.34 -64.68 -4.83
C CYS GF 58 -108.39 -64.56 -5.92
N LEU GF 59 -108.01 -64.11 -7.11
CA LEU GF 59 -108.99 -63.96 -8.19
C LEU GF 59 -109.58 -65.30 -8.59
N ILE GF 60 -108.75 -66.35 -8.65
CA ILE GF 60 -109.26 -67.66 -9.04
C ILE GF 60 -110.29 -68.15 -8.04
N HIS GF 61 -110.02 -67.96 -6.76
CA HIS GF 61 -110.97 -68.40 -5.73
C HIS GF 61 -112.29 -67.65 -5.85
N LYS GF 62 -112.26 -66.40 -6.27
CA LYS GF 62 -113.50 -65.65 -6.46
C LYS GF 62 -114.41 -66.35 -7.45
N ALA GF 63 -113.87 -66.72 -8.61
CA ALA GF 63 -114.66 -67.42 -9.62
C ALA GF 63 -114.89 -68.88 -9.25
N THR GF 64 -113.91 -69.52 -8.59
CA THR GF 64 -114.07 -70.92 -8.22
C THR GF 64 -115.30 -71.11 -7.34
N LEU GF 65 -115.45 -70.29 -6.31
CA LEU GF 65 -116.62 -70.38 -5.44
C LEU GF 65 -117.85 -69.79 -6.13
N PRO GF 78 -117.17 -78.25 4.99
CA PRO GF 78 -115.82 -77.91 5.48
C PRO GF 78 -114.89 -77.41 4.38
N LEU GF 79 -115.02 -77.96 3.17
CA LEU GF 79 -114.15 -77.54 2.08
C LEU GF 79 -114.42 -76.09 1.69
N ILE GF 80 -115.68 -75.74 1.47
CA ILE GF 80 -116.03 -74.39 1.04
C ILE GF 80 -115.69 -73.39 2.14
N GLU GF 81 -116.02 -73.73 3.39
CA GLU GF 81 -115.78 -72.81 4.50
C GLU GF 81 -114.30 -72.50 4.65
N ALA GF 82 -113.45 -73.52 4.49
CA ALA GF 82 -112.01 -73.30 4.64
C ALA GF 82 -111.51 -72.32 3.59
N MET GF 83 -112.00 -72.43 2.35
CA MET GF 83 -111.56 -71.53 1.30
C MET GF 83 -111.87 -70.07 1.66
N GLN GF 84 -113.03 -69.84 2.26
CA GLN GF 84 -113.38 -68.47 2.65
C GLN GF 84 -112.35 -67.90 3.61
N GLN GF 85 -111.92 -68.70 4.59
CA GLN GF 85 -110.88 -68.25 5.51
C GLN GF 85 -109.54 -68.12 4.81
N ILE GF 86 -109.26 -68.99 3.83
CA ILE GF 86 -107.99 -68.92 3.11
C ILE GF 86 -107.86 -67.60 2.37
N ILE GF 87 -108.94 -67.15 1.73
CA ILE GF 87 -108.90 -65.89 1.00
C ILE GF 87 -108.54 -64.76 1.95
N LEU GF 88 -109.16 -64.72 3.13
CA LEU GF 88 -108.84 -63.67 4.10
C LEU GF 88 -107.40 -63.79 4.58
N ALA GF 89 -106.85 -65.00 4.60
CA ALA GF 89 -105.46 -65.17 5.02
C ALA GF 89 -104.51 -64.42 4.10
N MET GF 90 -104.75 -64.51 2.78
CA MET GF 90 -103.87 -63.84 1.83
C MET GF 90 -104.06 -62.32 1.88
N THR GF 91 -105.27 -61.86 2.18
CA THR GF 91 -105.52 -60.43 2.25
C THR GF 91 -104.65 -59.77 3.31
N ARG GF 92 -104.53 -60.40 4.49
CA ARG GF 92 -103.69 -59.84 5.52
C ARG GF 92 -102.24 -59.76 5.07
N GLU GF 93 -101.76 -60.80 4.39
CA GLU GF 93 -100.40 -60.80 3.88
C GLU GF 93 -100.21 -59.71 2.84
N LEU GF 94 -101.18 -59.55 1.94
CA LEU GF 94 -101.05 -58.54 0.89
C LEU GF 94 -101.03 -57.14 1.48
N TRP GF 95 -101.90 -56.86 2.44
CA TRP GF 95 -101.96 -55.51 3.00
C TRP GF 95 -100.67 -55.12 3.68
N GLY GF 96 -99.92 -56.11 4.20
CA GLY GF 96 -98.66 -55.81 4.83
C GLY GF 96 -97.66 -55.20 3.87
N GLN GF 97 -97.53 -55.80 2.69
CA GLN GF 97 -96.63 -55.26 1.68
C GLN GF 97 -97.09 -53.89 1.21
N ILE GF 98 -98.40 -53.69 1.12
CA ILE GF 98 -98.93 -52.39 0.71
C ILE GF 98 -98.50 -51.31 1.69
N GLN GF 99 -98.71 -51.56 2.98
CA GLN GF 99 -98.37 -50.55 3.99
C GLN GF 99 -96.87 -50.38 4.12
N ARG GF 100 -96.12 -51.49 4.10
CA ARG GF 100 -94.67 -51.40 4.22
C ARG GF 100 -94.07 -50.64 3.05
N HIS GF 101 -94.56 -50.88 1.84
CA HIS GF 101 -94.03 -50.18 0.68
C HIS GF 101 -94.35 -48.70 0.72
N HIS GF 102 -95.59 -48.35 1.08
CA HIS GF 102 -95.99 -46.94 1.11
C HIS GF 102 -95.22 -46.18 2.20
N TYR GF 103 -95.24 -46.70 3.42
CA TYR GF 103 -94.59 -46.03 4.55
C TYR GF 103 -93.20 -46.58 4.81
N GLY GF 104 -93.10 -47.87 5.10
CA GLY GF 104 -91.83 -48.50 5.42
C GLY GF 104 -92.03 -49.72 6.28
N ILE GF 105 -91.01 -50.58 6.27
CA ILE GF 105 -91.10 -51.83 7.01
C ILE GF 105 -91.17 -51.57 8.51
N VAL GF 106 -90.31 -50.67 9.01
CA VAL GF 106 -90.26 -50.41 10.44
C VAL GF 106 -91.54 -49.73 10.92
N GLN GF 107 -92.06 -48.79 10.13
CA GLN GF 107 -93.22 -48.02 10.57
C GLN GF 107 -94.43 -48.92 10.80
N VAL GF 108 -94.67 -49.87 9.89
CA VAL GF 108 -95.81 -50.77 10.06
C VAL GF 108 -95.63 -51.60 11.32
N GLU GF 109 -94.43 -52.17 11.51
CA GLU GF 109 -94.15 -52.92 12.72
C GLU GF 109 -94.28 -52.03 13.96
N HIS GF 110 -93.92 -50.76 13.82
CA HIS GF 110 -93.99 -49.83 14.94
C HIS GF 110 -95.41 -49.38 15.21
N TYR GF 111 -96.22 -49.20 14.17
CA TYR GF 111 -97.56 -48.63 14.31
C TYR GF 111 -98.63 -49.68 14.57
N VAL GF 112 -98.44 -50.91 14.11
CA VAL GF 112 -99.47 -51.93 14.25
C VAL GF 112 -99.79 -52.18 15.71
N LYS GF 113 -98.76 -52.28 16.55
CA LYS GF 113 -98.98 -52.59 17.96
C LYS GF 113 -99.76 -51.47 18.66
N GLN GF 114 -99.50 -50.22 18.28
CA GLN GF 114 -100.12 -49.10 18.98
C GLN GF 114 -101.63 -49.18 18.91
N ILE GF 115 -102.17 -49.44 17.71
CA ILE GF 115 -103.62 -49.47 17.56
C ILE GF 115 -104.22 -50.65 18.31
N THR GF 116 -103.50 -51.78 18.34
CA THR GF 116 -103.99 -52.94 19.07
C THR GF 116 -104.15 -52.63 20.55
N LEU GF 117 -103.18 -51.92 21.12
CA LEU GF 117 -103.27 -51.54 22.52
C LEU GF 117 -104.48 -50.65 22.77
N TRP GF 118 -104.72 -49.68 21.88
CA TRP GF 118 -105.85 -48.77 22.06
C TRP GF 118 -107.17 -49.53 22.10
N GLN GF 119 -107.23 -50.70 21.47
CA GLN GF 119 -108.45 -51.50 21.51
C GLN GF 119 -108.53 -52.34 22.78
N ASP GF 120 -107.46 -53.08 23.09
CA ASP GF 120 -107.43 -53.95 24.26
C ASP GF 120 -107.21 -53.08 25.50
N THR GF 121 -108.27 -52.39 25.89
CA THR GF 121 -108.24 -51.50 27.04
C THR GF 121 -109.68 -51.30 27.51
N PRO GF 122 -109.90 -51.06 28.81
CA PRO GF 122 -111.29 -50.95 29.31
C PRO GF 122 -112.01 -49.71 28.80
N GLN GF 123 -112.37 -49.72 27.50
CA GLN GF 123 -113.20 -48.70 26.87
C GLN GF 123 -112.89 -47.29 27.37
N ALA GF 124 -113.23 -46.99 28.63
CA ALA GF 124 -113.16 -45.62 29.11
C ALA GF 124 -111.77 -45.03 28.92
N PHE GF 125 -110.75 -45.72 29.42
CA PHE GF 125 -109.37 -45.26 29.28
C PHE GF 125 -108.71 -45.87 28.06
N ARG GF 126 -109.39 -45.79 26.90
CA ARG GF 126 -108.84 -46.39 25.70
C ARG GF 126 -107.60 -45.64 25.23
N GLY GF 127 -107.60 -44.32 25.34
CA GLY GF 127 -106.47 -43.51 24.91
C GLY GF 127 -106.91 -42.21 24.28
N ASP GF 128 -106.33 -41.89 23.12
CA ASP GF 128 -106.66 -40.66 22.42
C ASP GF 128 -106.79 -40.90 20.92
N GLN GF 129 -107.24 -42.08 20.51
CA GLN GF 129 -107.42 -42.39 19.10
C GLN GF 129 -106.10 -42.19 18.38
N PRO GF 130 -105.12 -43.07 18.58
CA PRO GF 130 -103.78 -42.81 18.02
C PRO GF 130 -103.83 -42.57 16.52
N LYS GF 131 -103.10 -41.54 16.09
CA LYS GF 131 -103.11 -41.15 14.69
C LYS GF 131 -102.38 -42.19 13.84
N PRO GF 132 -102.80 -42.40 12.60
CA PRO GF 132 -102.07 -43.29 11.71
C PRO GF 132 -100.75 -42.66 11.28
N PRO GF 133 -99.79 -43.46 10.82
CA PRO GF 133 -98.47 -42.91 10.50
C PRO GF 133 -98.55 -41.85 9.41
N THR HF 3 -80.80 62.16 -76.70
CA THR HF 3 -81.48 61.23 -75.81
C THR HF 3 -80.49 60.39 -75.02
N PHE HF 4 -79.42 59.91 -75.69
CA PHE HF 4 -78.48 59.02 -75.01
C PHE HF 4 -77.80 59.72 -73.85
N ILE HF 5 -77.38 60.97 -74.04
CA ILE HF 5 -76.66 61.68 -72.98
C ILE HF 5 -77.54 61.81 -71.75
N GLU HF 6 -78.84 62.03 -71.95
CA GLU HF 6 -79.76 62.07 -70.82
C GLU HF 6 -79.73 60.76 -70.05
N LEU HF 7 -79.66 59.62 -70.76
CA LEU HF 7 -79.60 58.32 -70.09
C LEU HF 7 -78.32 58.18 -69.27
N VAL HF 8 -77.19 58.64 -69.81
CA VAL HF 8 -75.92 58.50 -69.11
C VAL HF 8 -75.91 59.38 -67.87
N LYS HF 9 -76.46 60.60 -67.96
CA LYS HF 9 -76.50 61.47 -66.79
C LYS HF 9 -77.23 60.82 -65.63
N ASN HF 10 -78.14 59.88 -65.93
CA ASN HF 10 -78.83 59.13 -64.89
C ASN HF 10 -77.99 57.92 -64.47
N MET HF 11 -76.78 58.22 -64.00
CA MET HF 11 -75.84 57.20 -63.58
C MET HF 11 -75.06 57.70 -62.37
N LYS HF 12 -74.47 56.74 -61.66
CA LYS HF 12 -73.78 57.02 -60.41
C LYS HF 12 -72.29 57.25 -60.65
N GLY HF 13 -71.74 58.25 -59.96
CA GLY HF 13 -70.37 58.64 -60.18
C GLY HF 13 -70.16 59.56 -61.36
N TYR HF 14 -71.23 60.14 -61.90
CA TYR HF 14 -71.14 60.99 -63.08
C TYR HF 14 -70.64 62.38 -62.66
N LYS HF 15 -69.45 62.74 -63.13
CA LYS HF 15 -68.86 64.06 -62.88
C LYS HF 15 -68.83 64.81 -64.20
N GLU HF 16 -69.49 65.97 -64.24
CA GLU HF 16 -69.55 66.75 -65.46
C GLU HF 16 -68.18 67.34 -65.77
N LEU HF 17 -67.89 67.45 -67.07
CA LEU HF 17 -66.59 67.95 -67.52
C LEU HF 17 -66.70 68.93 -68.67
N LEU HF 18 -67.90 69.43 -69.00
CA LEU HF 18 -68.11 70.33 -70.12
C LEU HF 18 -68.57 71.68 -69.60
N LEU HF 19 -67.92 72.74 -70.07
CA LEU HF 19 -68.28 74.09 -69.68
C LEU HF 19 -69.45 74.60 -70.50
N PRO HF 20 -70.10 75.67 -70.06
CA PRO HF 20 -71.19 76.26 -70.85
C PRO HF 20 -70.70 76.71 -72.21
N MET HF 21 -71.60 76.64 -73.19
CA MET HF 21 -71.25 77.04 -74.56
C MET HF 21 -70.79 78.49 -74.61
N GLU HF 22 -71.24 79.32 -73.67
CA GLU HF 22 -70.90 80.73 -73.67
C GLU HF 22 -69.50 81.01 -73.16
N MET HF 23 -68.82 80.02 -72.58
CA MET HF 23 -67.50 80.22 -72.01
C MET HF 23 -66.38 79.56 -72.81
N VAL HF 24 -66.68 78.54 -73.60
CA VAL HF 24 -65.65 77.84 -74.37
C VAL HF 24 -65.09 78.80 -75.42
N PRO HF 25 -63.82 78.64 -75.81
CA PRO HF 25 -63.25 79.55 -76.81
C PRO HF 25 -63.94 79.38 -78.16
N LEU HF 26 -63.58 80.27 -79.08
CA LEU HF 26 -64.04 80.14 -80.45
C LEU HF 26 -63.40 78.92 -81.09
N PRO HF 27 -64.06 78.32 -82.08
CA PRO HF 27 -63.51 77.09 -82.67
C PRO HF 27 -62.11 77.27 -83.22
N ALA HF 28 -61.80 78.44 -83.77
CA ALA HF 28 -60.47 78.69 -84.31
C ALA HF 28 -59.42 78.60 -83.23
N VAL HF 29 -59.71 79.15 -82.05
CA VAL HF 29 -58.74 79.17 -80.96
C VAL HF 29 -58.46 77.75 -80.47
N VAL HF 30 -59.49 76.90 -80.44
CA VAL HF 30 -59.32 75.57 -79.88
C VAL HF 30 -58.29 74.78 -80.69
N LEU HF 31 -58.38 74.88 -82.02
CA LEU HF 31 -57.47 74.14 -82.88
C LEU HF 31 -56.01 74.47 -82.56
N LYS HF 32 -55.75 75.70 -82.11
CA LYS HF 32 -54.38 76.09 -81.81
C LYS HF 32 -53.78 75.23 -80.71
N HIS HF 33 -54.55 74.96 -79.65
CA HIS HF 33 -54.04 74.12 -78.58
C HIS HF 33 -53.90 72.67 -79.03
N VAL HF 34 -54.69 72.24 -80.00
CA VAL HF 34 -54.61 70.86 -80.48
C VAL HF 34 -53.22 70.59 -81.05
N LYS HF 35 -52.72 71.50 -81.87
CA LYS HF 35 -51.41 71.31 -82.49
C LYS HF 35 -50.32 71.24 -81.43
N LEU HF 36 -50.37 72.13 -80.44
CA LEU HF 36 -49.36 72.12 -79.39
C LEU HF 36 -49.45 70.84 -78.57
N ILE HF 37 -50.65 70.48 -78.13
CA ILE HF 37 -50.80 69.31 -77.27
C ILE HF 37 -50.43 68.03 -78.03
N LEU HF 38 -50.92 67.92 -79.27
CA LEU HF 38 -50.57 66.76 -80.08
C LEU HF 38 -49.08 66.71 -80.36
N THR HF 39 -48.54 67.81 -80.88
CA THR HF 39 -47.14 67.81 -81.31
C THR HF 39 -46.19 67.79 -80.13
N SER HF 40 -46.46 68.62 -79.11
CA SER HF 40 -45.61 68.69 -77.93
C SER HF 40 -46.00 67.57 -76.95
N GLN HF 41 -45.82 66.34 -77.43
CA GLN HF 41 -46.12 65.16 -76.62
C GLN HF 41 -45.15 64.05 -76.98
N LYS HF 42 -44.88 63.19 -76.00
CA LYS HF 42 -43.98 62.07 -76.16
C LYS HF 42 -44.69 60.81 -75.68
N GLU HF 43 -44.32 59.67 -76.28
CA GLU HF 43 -44.92 58.37 -75.94
C GLU HF 43 -46.43 58.43 -76.18
N HIS HF 44 -46.78 58.59 -77.45
CA HIS HF 44 -48.17 58.72 -77.88
C HIS HF 44 -49.07 57.76 -77.11
N GLN HF 45 -50.21 58.29 -76.66
CA GLN HF 45 -51.17 57.56 -75.87
C GLN HF 45 -52.50 57.46 -76.61
N PRO HF 46 -53.35 56.50 -76.25
CA PRO HF 46 -54.59 56.29 -77.02
C PRO HF 46 -55.47 57.53 -77.11
N TRP HF 47 -55.56 58.31 -76.03
CA TRP HF 47 -56.44 59.47 -76.04
C TRP HF 47 -56.00 60.52 -77.05
N MET HF 48 -54.73 60.52 -77.45
CA MET HF 48 -54.27 61.48 -78.45
C MET HF 48 -54.99 61.25 -79.77
N THR HF 49 -55.17 59.99 -80.16
CA THR HF 49 -55.84 59.69 -81.42
C THR HF 49 -57.27 60.20 -81.40
N GLU HF 50 -57.97 60.03 -80.27
CA GLU HF 50 -59.36 60.48 -80.18
C GLU HF 50 -59.46 61.98 -80.40
N MET HF 51 -58.53 62.75 -79.83
CA MET HF 51 -58.57 64.20 -79.98
C MET HF 51 -58.47 64.61 -81.44
N ALA HF 52 -57.54 64.00 -82.18
CA ALA HF 52 -57.33 64.38 -83.57
C ALA HF 52 -58.55 64.07 -84.42
N LEU HF 53 -59.17 62.91 -84.19
CA LEU HF 53 -60.31 62.51 -85.01
C LEU HF 53 -61.45 63.51 -84.89
N LYS HF 54 -61.75 63.95 -83.67
CA LYS HF 54 -62.83 64.94 -83.49
C LYS HF 54 -62.46 66.27 -84.10
N ALA HF 55 -61.18 66.64 -84.04
CA ALA HF 55 -60.76 67.95 -84.53
C ALA HF 55 -61.08 68.12 -86.01
N ASP HF 56 -60.77 67.10 -86.82
CA ASP HF 56 -61.00 67.21 -88.25
C ASP HF 56 -62.48 67.37 -88.56
N GLN HF 57 -63.36 66.84 -87.71
CA GLN HF 57 -64.79 66.95 -87.95
C GLN HF 57 -65.23 68.41 -87.97
N CYS HF 58 -64.73 69.22 -87.02
CA CYS HF 58 -65.07 70.63 -87.00
C CYS HF 58 -64.63 71.32 -88.27
N LEU HF 59 -63.43 70.98 -88.76
CA LEU HF 59 -62.96 71.57 -90.01
C LEU HF 59 -63.85 71.17 -91.17
N ILE HF 60 -64.29 69.90 -91.20
CA ILE HF 60 -65.17 69.45 -92.28
C ILE HF 60 -66.46 70.25 -92.28
N HIS HF 61 -67.09 70.38 -91.11
CA HIS HF 61 -68.30 71.20 -91.02
C HIS HF 61 -67.98 72.65 -91.30
N LYS HF 62 -66.85 73.15 -90.80
CA LYS HF 62 -66.47 74.53 -91.06
C LYS HF 62 -66.26 74.78 -92.55
N ALA HF 63 -65.61 73.83 -93.23
CA ALA HF 63 -65.40 73.95 -94.67
C ALA HF 63 -66.68 73.75 -95.47
N THR HF 64 -67.76 73.31 -94.83
CA THR HF 64 -69.02 73.07 -95.52
C THR HF 64 -69.87 74.33 -95.66
N LEU HF 65 -69.72 75.29 -94.75
CA LEU HF 65 -70.55 76.49 -94.80
C LEU HF 65 -70.29 77.31 -96.06
N ASP HF 66 -69.04 77.38 -96.51
CA ASP HF 66 -68.74 78.15 -97.71
C ASP HF 66 -69.54 77.64 -98.91
N PRO HF 78 -83.12 76.13 -92.72
CA PRO HF 78 -82.70 75.28 -91.59
C PRO HF 78 -81.50 74.41 -91.91
N LEU HF 79 -81.56 73.67 -93.02
CA LEU HF 79 -80.51 72.69 -93.31
C LEU HF 79 -79.14 73.37 -93.43
N ILE HF 80 -79.08 74.50 -94.14
CA ILE HF 80 -77.80 75.19 -94.30
C ILE HF 80 -77.28 75.67 -92.95
N GLU HF 81 -78.16 76.25 -92.14
CA GLU HF 81 -77.77 76.77 -90.83
C GLU HF 81 -77.76 75.70 -89.75
N ALA HF 82 -78.35 74.53 -90.00
CA ALA HF 82 -78.41 73.50 -88.98
C ALA HF 82 -77.02 73.00 -88.61
N MET HF 83 -76.15 72.81 -89.60
CA MET HF 83 -74.82 72.28 -89.33
C MET HF 83 -74.02 73.22 -88.43
N GLN HF 84 -74.30 74.52 -88.49
CA GLN HF 84 -73.57 75.47 -87.65
C GLN HF 84 -73.77 75.18 -86.17
N GLN HF 85 -74.92 74.62 -85.80
CA GLN HF 85 -75.19 74.32 -84.40
C GLN HF 85 -74.20 73.28 -83.88
N ILE HF 86 -73.92 72.26 -84.69
CA ILE HF 86 -73.02 71.19 -84.26
C ILE HF 86 -71.61 71.72 -84.07
N ILE HF 87 -71.19 72.66 -84.92
CA ILE HF 87 -69.83 73.19 -84.85
C ILE HF 87 -69.55 73.74 -83.46
N LEU HF 88 -70.47 74.56 -82.95
CA LEU HF 88 -70.30 75.11 -81.61
C LEU HF 88 -70.30 74.01 -80.57
N ALA HF 89 -71.20 73.03 -80.71
CA ALA HF 89 -71.26 71.92 -79.76
C ALA HF 89 -69.97 71.10 -79.78
N MET HF 90 -69.43 70.86 -80.98
CA MET HF 90 -68.24 70.03 -81.08
C MET HF 90 -67.09 70.61 -80.28
N THR HF 91 -66.97 71.94 -80.24
CA THR HF 91 -65.92 72.56 -79.44
C THR HF 91 -66.08 72.25 -77.96
N ARG HF 92 -67.32 72.28 -77.46
CA ARG HF 92 -67.54 72.06 -76.04
C ARG HF 92 -67.01 70.71 -75.60
N GLU HF 93 -67.30 69.66 -76.36
CA GLU HF 93 -66.73 68.35 -76.05
C GLU HF 93 -65.23 68.34 -76.29
N LEU HF 94 -64.78 69.00 -77.37
CA LEU HF 94 -63.36 69.01 -77.69
C LEU HF 94 -62.56 69.75 -76.61
N TRP HF 95 -63.08 70.89 -76.15
CA TRP HF 95 -62.36 71.67 -75.15
C TRP HF 95 -62.23 70.90 -73.84
N GLY HF 96 -63.14 69.97 -73.58
CA GLY HF 96 -63.08 69.21 -72.34
C GLY HF 96 -61.81 68.38 -72.24
N GLN HF 97 -61.38 67.79 -73.35
CA GLN HF 97 -60.15 66.99 -73.33
C GLN HF 97 -58.92 67.87 -73.17
N ILE HF 98 -58.96 69.10 -73.68
CA ILE HF 98 -57.83 70.00 -73.57
C ILE HF 98 -57.51 70.26 -72.10
N GLN HF 99 -58.53 70.57 -71.32
CA GLN HF 99 -58.32 70.87 -69.91
C GLN HF 99 -57.85 69.64 -69.14
N ARG HF 100 -58.30 68.45 -69.54
CA ARG HF 100 -57.83 67.24 -68.89
C ARG HF 100 -56.33 67.08 -69.05
N HIS HF 101 -55.81 67.33 -70.26
CA HIS HF 101 -54.37 67.24 -70.49
C HIS HF 101 -53.62 68.31 -69.72
N HIS HF 102 -54.10 69.55 -69.78
CA HIS HF 102 -53.42 70.65 -69.11
C HIS HF 102 -53.57 70.54 -67.59
N TYR HF 103 -54.81 70.61 -67.09
CA TYR HF 103 -55.04 70.60 -65.66
C TYR HF 103 -55.02 69.19 -65.09
N GLY HF 104 -55.94 68.35 -65.56
CA GLY HF 104 -56.12 67.01 -65.04
C GLY HF 104 -57.60 66.74 -64.87
N ILE HF 105 -57.98 65.46 -64.99
CA ILE HF 105 -59.40 65.11 -64.94
C ILE HF 105 -59.99 65.46 -63.58
N VAL HF 106 -59.28 65.15 -62.50
CA VAL HF 106 -59.82 65.38 -61.17
C VAL HF 106 -60.04 66.86 -60.92
N GLN HF 107 -59.05 67.68 -61.28
CA GLN HF 107 -59.16 69.12 -61.02
C GLN HF 107 -60.29 69.74 -61.83
N VAL HF 108 -60.52 69.26 -63.05
CA VAL HF 108 -61.55 69.85 -63.90
C VAL HF 108 -62.91 69.70 -63.26
N GLU HF 109 -63.20 68.52 -62.71
CA GLU HF 109 -64.51 68.29 -62.08
C GLU HF 109 -64.82 69.37 -61.06
N HIS HF 110 -63.87 69.67 -60.19
CA HIS HF 110 -64.08 70.72 -59.19
C HIS HF 110 -64.29 72.07 -59.86
N TYR HF 111 -63.49 72.37 -60.88
CA TYR HF 111 -63.57 73.68 -61.53
C TYR HF 111 -64.94 73.91 -62.15
N VAL HF 112 -65.49 72.90 -62.82
CA VAL HF 112 -66.77 73.07 -63.51
C VAL HF 112 -67.87 73.38 -62.50
N LYS HF 113 -67.93 72.61 -61.42
CA LYS HF 113 -68.97 72.84 -60.42
C LYS HF 113 -68.82 74.22 -59.79
N GLN HF 114 -67.59 74.63 -59.51
CA GLN HF 114 -67.37 75.98 -59.00
C GLN HF 114 -67.86 77.02 -59.99
N ILE HF 115 -67.58 76.80 -61.28
CA ILE HF 115 -68.09 77.71 -62.30
C ILE HF 115 -69.62 77.65 -62.35
N THR HF 116 -70.18 76.45 -62.27
CA THR HF 116 -71.62 76.30 -62.35
C THR HF 116 -72.31 77.05 -61.21
N LEU HF 117 -71.86 76.82 -59.98
CA LEU HF 117 -72.42 77.55 -58.85
C LEU HF 117 -72.18 79.04 -58.98
N TRP HF 118 -70.98 79.43 -59.43
CA TRP HF 118 -70.69 80.84 -59.66
C TRP HF 118 -71.64 81.43 -60.69
N GLN HF 119 -71.88 80.70 -61.78
CA GLN HF 119 -72.82 81.18 -62.79
C GLN HF 119 -74.26 81.13 -62.27
N ASP HF 120 -74.58 80.14 -61.43
CA ASP HF 120 -75.94 80.02 -60.92
C ASP HF 120 -76.31 81.21 -60.04
N THR HF 121 -75.40 81.61 -59.17
CA THR HF 121 -75.69 82.70 -58.25
C THR HF 121 -75.96 83.99 -59.03
N PRO HF 122 -76.93 84.80 -58.61
CA PRO HF 122 -77.20 86.05 -59.34
C PRO HF 122 -76.00 86.98 -59.34
N GLN HF 123 -75.87 87.73 -60.43
CA GLN HF 123 -74.71 88.60 -60.61
C GLN HF 123 -74.62 89.67 -59.53
N ALA HF 124 -75.71 89.98 -58.85
CA ALA HF 124 -75.67 91.01 -57.82
C ALA HF 124 -74.71 90.64 -56.70
N PHE HF 125 -74.75 89.38 -56.27
CA PHE HF 125 -73.87 88.88 -55.21
C PHE HF 125 -73.11 87.65 -55.67
N ARG HF 126 -72.82 87.56 -56.98
CA ARG HF 126 -72.16 86.39 -57.52
C ARG HF 126 -70.76 86.20 -56.95
N GLY HF 127 -70.01 87.29 -56.84
CA GLY HF 127 -68.65 87.22 -56.33
C GLY HF 127 -67.63 87.08 -57.43
N ASP HF 128 -66.37 87.05 -57.01
CA ASP HF 128 -65.27 86.94 -57.97
C ASP HF 128 -65.28 85.58 -58.65
N GLN HF 129 -65.03 85.59 -59.95
CA GLN HF 129 -64.99 84.35 -60.71
C GLN HF 129 -63.82 83.50 -60.27
N PRO HF 130 -64.02 82.21 -59.99
CA PRO HF 130 -62.90 81.37 -59.56
C PRO HF 130 -61.88 81.18 -60.67
N LYS HF 131 -60.63 81.00 -60.26
CA LYS HF 131 -59.53 80.81 -61.21
C LYS HF 131 -59.35 79.34 -61.54
N PRO HF 132 -58.74 79.03 -62.68
CA PRO HF 132 -58.53 77.64 -63.07
C PRO HF 132 -57.67 76.92 -62.06
N PRO HF 133 -57.71 75.58 -62.02
CA PRO HF 133 -56.87 74.84 -61.07
C PRO HF 133 -55.40 74.88 -61.43
N SER HF 134 -54.58 74.17 -60.65
CA SER HF 134 -53.16 74.09 -60.92
C SER HF 134 -52.87 73.07 -62.00
N PHE HF 135 -51.81 73.33 -62.77
CA PHE HF 135 -51.43 72.44 -63.85
C PHE HF 135 -50.97 71.09 -63.32
N THR IF 3 -55.39 67.03 -91.74
CA THR IF 3 -53.99 67.16 -91.40
C THR IF 3 -53.67 66.74 -89.98
N PHE IF 4 -54.55 67.01 -89.03
CA PHE IF 4 -54.28 66.67 -87.63
C PHE IF 4 -54.10 65.17 -87.47
N ILE IF 5 -54.96 64.37 -88.10
CA ILE IF 5 -54.86 62.92 -88.00
C ILE IF 5 -53.53 62.45 -88.58
N GLU IF 6 -53.08 63.10 -89.65
CA GLU IF 6 -51.79 62.74 -90.24
C GLU IF 6 -50.66 62.94 -89.24
N LEU IF 7 -50.71 64.03 -88.46
CA LEU IF 7 -49.67 64.26 -87.47
C LEU IF 7 -49.62 63.14 -86.45
N VAL IF 8 -50.78 62.65 -86.02
CA VAL IF 8 -50.81 61.53 -85.08
C VAL IF 8 -50.18 60.30 -85.71
N LYS IF 9 -50.51 60.03 -86.98
CA LYS IF 9 -49.95 58.87 -87.67
C LYS IF 9 -48.44 58.99 -87.82
N ASN IF 10 -47.88 60.17 -87.64
CA ASN IF 10 -46.45 60.38 -87.72
C ASN IF 10 -45.75 60.22 -86.38
N MET IF 11 -46.49 59.85 -85.33
CA MET IF 11 -45.91 59.76 -84.00
C MET IF 11 -45.18 58.44 -83.82
N LYS IF 12 -44.70 58.21 -82.60
CA LYS IF 12 -44.01 56.99 -82.22
C LYS IF 12 -44.90 56.20 -81.27
N GLY IF 13 -45.06 54.92 -81.55
CA GLY IF 13 -45.93 54.07 -80.76
C GLY IF 13 -47.39 54.09 -81.17
N TYR IF 14 -47.76 54.91 -82.15
CA TYR IF 14 -49.14 54.95 -82.61
C TYR IF 14 -49.54 53.63 -83.24
N LYS IF 15 -50.77 53.21 -82.98
CA LYS IF 15 -51.28 51.94 -83.49
C LYS IF 15 -52.71 52.13 -83.96
N GLU IF 16 -53.04 51.53 -85.09
CA GLU IF 16 -54.38 51.66 -85.64
C GLU IF 16 -55.40 50.94 -84.77
N LEU IF 17 -56.59 51.54 -84.64
CA LEU IF 17 -57.70 50.92 -83.92
C LEU IF 17 -59.00 50.91 -84.70
N LEU IF 18 -59.09 51.65 -85.80
CA LEU IF 18 -60.30 51.68 -86.60
C LEU IF 18 -60.27 50.55 -87.63
N LEU IF 19 -61.28 50.53 -88.49
CA LEU IF 19 -61.45 49.49 -89.48
C LEU IF 19 -61.80 50.11 -90.81
N PRO IF 20 -61.63 49.38 -91.91
CA PRO IF 20 -62.00 49.92 -93.22
C PRO IF 20 -63.47 50.30 -93.27
N MET IF 21 -63.76 51.34 -94.04
CA MET IF 21 -65.13 51.84 -94.13
C MET IF 21 -66.09 50.72 -94.54
N GLU IF 22 -65.63 49.81 -95.40
CA GLU IF 22 -66.49 48.71 -95.84
C GLU IF 22 -66.85 47.80 -94.68
N MET IF 23 -65.88 47.49 -93.81
CA MET IF 23 -66.10 46.62 -92.66
C MET IF 23 -66.67 47.42 -91.48
N VAL IF 24 -67.76 48.12 -91.74
CA VAL IF 24 -68.45 48.90 -90.73
C VAL IF 24 -69.95 48.64 -90.83
N PRO IF 25 -70.62 48.26 -89.74
CA PRO IF 25 -72.05 48.02 -89.81
C PRO IF 25 -72.81 49.24 -90.32
N LEU IF 26 -74.07 49.02 -90.64
CA LEU IF 26 -74.94 50.08 -91.13
C LEU IF 26 -75.30 51.01 -89.98
N PRO IF 27 -75.73 52.24 -90.27
CA PRO IF 27 -76.12 53.16 -89.20
C PRO IF 27 -77.38 52.70 -88.48
N ALA IF 28 -77.82 53.47 -87.48
CA ALA IF 28 -79.02 53.15 -86.73
C ALA IF 28 -78.85 51.85 -85.96
N VAL IF 29 -78.74 50.73 -86.69
CA VAL IF 29 -78.61 49.44 -86.03
C VAL IF 29 -77.33 49.39 -85.20
N VAL IF 30 -76.25 49.96 -85.72
CA VAL IF 30 -74.98 49.98 -85.00
C VAL IF 30 -75.13 50.72 -83.66
N LEU IF 31 -76.03 51.69 -83.61
CA LEU IF 31 -76.25 52.43 -82.37
C LEU IF 31 -76.83 51.56 -81.27
N LYS IF 32 -77.36 50.38 -81.61
CA LYS IF 32 -77.96 49.52 -80.59
C LYS IF 32 -76.93 49.05 -79.58
N HIS IF 33 -75.72 48.73 -80.04
CA HIS IF 33 -74.67 48.34 -79.11
C HIS IF 33 -74.41 49.41 -78.07
N VAL IF 34 -74.71 50.67 -78.39
CA VAL IF 34 -74.52 51.74 -77.44
C VAL IF 34 -75.37 51.51 -76.20
N LYS IF 35 -76.64 51.17 -76.40
CA LYS IF 35 -77.54 50.94 -75.28
C LYS IF 35 -77.08 49.74 -74.45
N LEU IF 36 -76.63 48.68 -75.12
CA LEU IF 36 -76.23 47.47 -74.42
C LEU IF 36 -74.97 47.65 -73.60
N ILE IF 37 -74.26 48.76 -73.78
CA ILE IF 37 -73.00 49.01 -73.06
C ILE IF 37 -73.20 50.15 -72.08
N LEU IF 38 -74.15 51.04 -72.37
CA LEU IF 38 -74.48 52.13 -71.45
C LEU IF 38 -75.52 51.70 -70.43
N THR IF 39 -76.66 51.19 -70.89
CA THR IF 39 -77.72 50.79 -69.98
C THR IF 39 -77.26 49.66 -69.07
N SER IF 40 -76.54 48.69 -69.62
CA SER IF 40 -76.02 47.56 -68.85
C SER IF 40 -74.63 47.90 -68.30
N GLN IF 41 -74.59 48.99 -67.53
CA GLN IF 41 -73.33 49.47 -66.98
C GLN IF 41 -73.60 50.29 -65.73
N LYS IF 42 -72.54 50.49 -64.95
CA LYS IF 42 -72.59 51.27 -63.73
C LYS IF 42 -71.20 51.80 -63.45
N GLU IF 43 -71.10 52.69 -62.47
CA GLU IF 43 -69.83 53.34 -62.13
C GLU IF 43 -69.29 54.12 -63.33
N HIS IF 44 -70.07 55.14 -63.69
CA HIS IF 44 -69.76 56.00 -64.83
C HIS IF 44 -68.27 56.32 -64.90
N GLN IF 45 -67.66 56.00 -66.03
CA GLN IF 45 -66.24 56.24 -66.27
C GLN IF 45 -66.07 57.32 -67.33
N PRO IF 46 -64.91 57.98 -67.37
CA PRO IF 46 -64.73 59.08 -68.33
C PRO IF 46 -64.98 58.69 -69.77
N TRP IF 47 -64.55 57.49 -70.17
CA TRP IF 47 -64.70 57.09 -71.57
C TRP IF 47 -66.16 56.88 -71.95
N MET IF 48 -67.01 56.57 -70.97
CA MET IF 48 -68.43 56.37 -71.27
C MET IF 48 -69.06 57.65 -71.80
N THR IF 49 -68.70 58.80 -71.22
CA THR IF 49 -69.24 60.06 -71.70
C THR IF 49 -68.80 60.33 -73.14
N GLU IF 50 -67.55 60.00 -73.46
CA GLU IF 50 -67.06 60.22 -74.82
C GLU IF 50 -67.91 59.45 -75.82
N MET IF 51 -68.22 58.19 -75.52
CA MET IF 51 -69.06 57.40 -76.41
C MET IF 51 -70.45 58.02 -76.54
N ALA IF 52 -71.01 58.46 -75.41
CA ALA IF 52 -72.36 59.02 -75.43
C ALA IF 52 -72.42 60.28 -76.27
N LEU IF 53 -71.43 61.16 -76.13
CA LEU IF 53 -71.42 62.42 -76.85
C LEU IF 53 -71.07 62.25 -78.32
N LYS IF 54 -70.61 61.07 -78.73
CA LYS IF 54 -70.33 60.79 -80.13
C LYS IF 54 -71.47 60.08 -80.83
N ALA IF 55 -72.06 59.07 -80.19
CA ALA IF 55 -73.16 58.34 -80.80
C ALA IF 55 -74.37 59.25 -81.04
N ASP IF 56 -74.68 60.11 -80.07
CA ASP IF 56 -75.83 60.99 -80.21
C ASP IF 56 -75.69 61.94 -81.39
N GLN IF 57 -74.46 62.19 -81.85
CA GLN IF 57 -74.27 63.09 -82.98
C GLN IF 57 -74.90 62.53 -84.25
N CYS IF 58 -74.82 61.21 -84.44
CA CYS IF 58 -75.39 60.61 -85.64
C CYS IF 58 -76.89 60.90 -85.73
N LEU IF 59 -77.59 60.81 -84.60
CA LEU IF 59 -79.01 61.13 -84.60
C LEU IF 59 -79.24 62.58 -85.00
N ILE IF 60 -78.39 63.49 -84.52
CA ILE IF 60 -78.54 64.90 -84.87
C ILE IF 60 -78.37 65.08 -86.37
N HIS IF 61 -77.33 64.48 -86.94
CA HIS IF 61 -77.15 64.52 -88.39
C HIS IF 61 -78.28 63.77 -89.08
N LYS IF 62 -78.67 62.61 -88.53
CA LYS IF 62 -79.76 61.85 -89.11
C LYS IF 62 -81.08 62.62 -89.05
N ALA IF 63 -81.29 63.36 -87.95
CA ALA IF 63 -82.52 64.12 -87.79
C ALA IF 63 -82.70 65.16 -88.88
N THR IF 64 -81.61 65.63 -89.49
CA THR IF 64 -81.71 66.63 -90.55
C THR IF 64 -82.33 66.05 -91.82
N LEU IF 65 -82.37 64.73 -91.95
CA LEU IF 65 -82.96 64.13 -93.14
C LEU IF 65 -84.42 64.53 -93.30
N ASP IF 66 -85.12 64.75 -92.19
CA ASP IF 66 -86.51 65.22 -92.28
C ASP IF 66 -86.58 66.57 -92.98
N PRO IF 78 -74.37 69.61 -102.43
CA PRO IF 78 -73.18 69.26 -101.64
C PRO IF 78 -73.44 69.27 -100.14
N LEU IF 79 -74.28 70.19 -99.66
CA LEU IF 79 -74.59 70.23 -98.24
C LEU IF 79 -75.29 68.96 -97.79
N ILE IF 80 -76.24 68.47 -98.57
CA ILE IF 80 -76.95 67.25 -98.22
C ILE IF 80 -76.03 66.04 -98.37
N GLU IF 81 -75.26 65.99 -99.46
CA GLU IF 81 -74.35 64.87 -99.67
C GLU IF 81 -73.27 64.83 -98.60
N ALA IF 82 -72.73 65.99 -98.24
CA ALA IF 82 -71.60 66.02 -97.31
C ALA IF 82 -71.98 65.42 -95.95
N MET IF 83 -73.18 65.74 -95.46
CA MET IF 83 -73.58 65.23 -94.16
C MET IF 83 -73.63 63.71 -94.14
N GLN IF 84 -74.14 63.10 -95.22
CA GLN IF 84 -74.24 61.65 -95.28
C GLN IF 84 -72.86 61.02 -95.19
N GLN IF 85 -71.86 61.62 -95.85
CA GLN IF 85 -70.51 61.07 -95.81
C GLN IF 85 -69.96 61.09 -94.39
N ILE IF 86 -70.24 62.16 -93.64
CA ILE IF 86 -69.68 62.30 -92.30
C ILE IF 86 -70.17 61.19 -91.39
N ILE IF 87 -71.42 60.74 -91.58
CA ILE IF 87 -71.98 59.72 -90.69
C ILE IF 87 -71.13 58.45 -90.74
N LEU IF 88 -70.65 58.10 -91.93
CA LEU IF 88 -69.80 56.90 -92.05
C LEU IF 88 -68.54 57.05 -91.22
N ALA IF 89 -67.92 58.23 -91.27
CA ALA IF 89 -66.68 58.45 -90.52
C ALA IF 89 -66.92 58.31 -89.03
N MET IF 90 -67.99 58.92 -88.52
CA MET IF 90 -68.29 58.82 -87.10
C MET IF 90 -68.64 57.38 -86.72
N THR IF 91 -69.37 56.68 -87.59
CA THR IF 91 -69.73 55.29 -87.30
C THR IF 91 -68.48 54.43 -87.15
N ARG IF 92 -67.47 54.68 -87.97
CA ARG IF 92 -66.22 53.92 -87.87
C ARG IF 92 -65.59 54.12 -86.49
N GLU IF 93 -65.59 55.35 -85.99
CA GLU IF 93 -65.01 55.61 -84.67
C GLU IF 93 -65.78 54.89 -83.59
N LEU IF 94 -67.11 54.85 -83.71
CA LEU IF 94 -67.92 54.20 -82.68
C LEU IF 94 -67.54 52.73 -82.52
N TRP IF 95 -67.34 52.03 -83.64
CA TRP IF 95 -67.05 50.61 -83.57
C TRP IF 95 -65.73 50.35 -82.85
N GLY IF 96 -64.72 51.18 -83.13
CA GLY IF 96 -63.43 50.99 -82.47
C GLY IF 96 -63.53 51.09 -80.96
N GLN IF 97 -64.32 52.04 -80.47
CA GLN IF 97 -64.51 52.16 -79.02
C GLN IF 97 -65.19 50.93 -78.46
N ILE IF 98 -66.18 50.39 -79.19
CA ILE IF 98 -66.89 49.21 -78.72
C ILE IF 98 -65.93 48.04 -78.58
N GLN IF 99 -65.10 47.81 -79.60
CA GLN IF 99 -64.11 46.75 -79.52
C GLN IF 99 -63.06 47.06 -78.46
N ARG IF 100 -62.74 48.34 -78.26
CA ARG IF 100 -61.82 48.72 -77.20
C ARG IF 100 -62.36 48.34 -75.82
N HIS IF 101 -63.66 48.11 -75.71
CA HIS IF 101 -64.29 47.70 -74.45
C HIS IF 101 -64.58 46.21 -74.39
N HIS IF 102 -65.13 45.64 -75.46
CA HIS IF 102 -65.50 44.23 -75.48
C HIS IF 102 -64.25 43.34 -75.46
N TYR IF 103 -63.42 43.45 -76.49
CA TYR IF 103 -62.23 42.62 -76.62
C TYR IF 103 -60.98 43.34 -76.11
N GLY IF 104 -61.07 43.84 -74.88
CA GLY IF 104 -59.92 44.51 -74.31
C GLY IF 104 -59.57 45.75 -75.11
N ILE IF 105 -58.36 46.26 -74.85
CA ILE IF 105 -57.83 47.41 -75.55
C ILE IF 105 -56.49 47.05 -76.18
N VAL IF 106 -55.81 46.05 -75.61
CA VAL IF 106 -54.53 45.61 -76.14
C VAL IF 106 -54.73 44.60 -77.27
N GLN IF 107 -55.60 43.61 -77.03
CA GLN IF 107 -55.86 42.60 -78.05
C GLN IF 107 -56.51 43.18 -79.29
N VAL IF 108 -57.14 44.34 -79.18
CA VAL IF 108 -57.79 44.95 -80.34
C VAL IF 108 -56.77 45.27 -81.42
N GLU IF 109 -55.63 45.84 -81.01
CA GLU IF 109 -54.62 46.22 -81.99
C GLU IF 109 -54.14 45.01 -82.79
N HIS IF 110 -53.95 43.88 -82.11
CA HIS IF 110 -53.50 42.67 -82.79
C HIS IF 110 -54.52 42.24 -83.85
N TYR IF 111 -55.81 42.29 -83.52
CA TYR IF 111 -56.83 41.88 -84.48
C TYR IF 111 -56.83 42.78 -85.71
N VAL IF 112 -56.83 44.10 -85.50
CA VAL IF 112 -56.84 45.01 -86.63
C VAL IF 112 -55.55 44.88 -87.44
N LYS IF 113 -54.44 44.61 -86.76
CA LYS IF 113 -53.19 44.38 -87.48
C LYS IF 113 -53.34 43.25 -88.48
N GLN IF 114 -53.97 42.15 -88.08
CA GLN IF 114 -54.17 41.03 -88.99
C GLN IF 114 -55.19 41.37 -90.06
N ILE IF 115 -56.22 42.16 -89.70
CA ILE IF 115 -57.24 42.53 -90.68
C ILE IF 115 -56.61 43.26 -91.84
N THR IF 116 -55.70 44.20 -91.56
CA THR IF 116 -55.07 44.96 -92.63
C THR IF 116 -54.31 44.04 -93.57
N LEU IF 117 -53.53 43.11 -93.02
CA LEU IF 117 -52.79 42.17 -93.86
C LEU IF 117 -53.73 41.26 -94.63
N TRP IF 118 -54.78 40.77 -93.98
CA TRP IF 118 -55.69 39.82 -94.63
C TRP IF 118 -56.46 40.43 -95.78
N GLN IF 119 -56.62 41.76 -95.80
CA GLN IF 119 -57.36 42.44 -96.86
C GLN IF 119 -56.46 43.07 -97.91
N ASP IF 120 -55.31 43.62 -97.49
CA ASP IF 120 -54.44 44.29 -98.44
C ASP IF 120 -53.89 43.31 -99.47
N THR IF 121 -53.54 42.10 -99.04
CA THR IF 121 -53.03 41.10 -99.97
C THR IF 121 -54.13 40.73 -100.97
N PRO IF 122 -53.75 40.30 -102.18
CA PRO IF 122 -54.76 39.94 -103.17
C PRO IF 122 -55.61 38.78 -102.69
N GLN IF 123 -56.86 38.75 -103.17
CA GLN IF 123 -57.82 37.74 -102.73
C GLN IF 123 -57.34 36.32 -103.01
N ALA IF 124 -56.42 36.15 -103.95
CA ALA IF 124 -55.91 34.82 -104.28
C ALA IF 124 -54.96 34.27 -103.23
N PHE IF 125 -54.53 35.10 -102.27
CA PHE IF 125 -53.57 34.69 -101.25
C PHE IF 125 -54.07 34.84 -99.83
N ARG IF 126 -55.23 35.48 -99.62
CA ARG IF 126 -55.69 35.76 -98.26
C ARG IF 126 -55.85 34.47 -97.47
N GLY IF 127 -56.76 33.61 -97.90
CA GLY IF 127 -57.04 32.38 -97.19
C GLY IF 127 -58.35 32.42 -96.44
N ASP IF 128 -58.29 32.52 -95.11
CA ASP IF 128 -59.47 32.55 -94.26
C ASP IF 128 -59.40 33.78 -93.36
N GLN IF 129 -60.56 34.39 -93.12
CA GLN IF 129 -60.60 35.56 -92.26
C GLN IF 129 -60.17 35.18 -90.84
N PRO IF 130 -59.32 35.99 -90.20
CA PRO IF 130 -58.93 35.69 -88.82
C PRO IF 130 -60.02 36.11 -87.84
N LYS IF 131 -60.55 35.15 -87.10
CA LYS IF 131 -61.63 35.43 -86.17
C LYS IF 131 -61.15 36.37 -85.07
N PRO IF 132 -61.92 37.41 -84.72
CA PRO IF 132 -61.50 38.29 -83.65
C PRO IF 132 -61.48 37.57 -82.32
N PRO IF 133 -60.65 38.00 -81.37
CA PRO IF 133 -60.62 37.35 -80.07
C PRO IF 133 -61.94 37.53 -79.33
N SER IF 134 -62.26 36.54 -78.50
CA SER IF 134 -63.51 36.56 -77.75
C SER IF 134 -63.41 37.56 -76.60
N PHE IF 135 -64.46 37.61 -75.78
CA PHE IF 135 -64.54 38.55 -74.66
C PHE IF 135 -63.63 38.04 -73.55
N THR JF 3 -25.48 41.92 -112.56
CA THR JF 3 -24.36 41.01 -112.39
C THR JF 3 -23.98 40.83 -110.93
N PHE JF 4 -24.29 41.81 -110.08
CA PHE JF 4 -24.01 41.66 -108.65
C PHE JF 4 -24.75 40.48 -108.06
N ILE JF 5 -26.02 40.29 -108.47
CA ILE JF 5 -26.79 39.16 -107.96
C ILE JF 5 -26.09 37.85 -108.31
N GLU JF 6 -25.51 37.78 -109.51
CA GLU JF 6 -24.72 36.61 -109.87
C GLU JF 6 -23.53 36.44 -108.93
N LEU JF 7 -22.88 37.54 -108.57
CA LEU JF 7 -21.75 37.45 -107.65
C LEU JF 7 -22.18 36.92 -106.29
N VAL JF 8 -23.45 37.09 -105.94
CA VAL JF 8 -23.97 36.57 -104.69
C VAL JF 8 -24.78 35.30 -104.88
N LYS JF 9 -25.27 35.03 -106.10
CA LYS JF 9 -26.06 33.83 -106.33
C LYS JF 9 -25.27 32.57 -105.96
N ASN JF 10 -23.94 32.64 -106.04
CA ASN JF 10 -23.11 31.50 -105.66
C ASN JF 10 -22.85 31.44 -104.16
N MET JF 11 -23.16 32.50 -103.42
CA MET JF 11 -22.94 32.49 -101.98
C MET JF 11 -23.84 31.46 -101.29
N LYS JF 12 -23.33 30.89 -100.20
CA LYS JF 12 -24.08 29.87 -99.49
C LYS JF 12 -25.38 30.42 -98.93
N GLY JF 13 -25.33 31.62 -98.35
CA GLY JF 13 -26.49 32.19 -97.69
C GLY JF 13 -27.38 33.02 -98.60
N TYR JF 14 -27.09 33.00 -99.90
CA TYR JF 14 -27.89 33.76 -100.85
C TYR JF 14 -29.32 33.22 -100.90
N LYS JF 15 -30.28 34.12 -101.01
CA LYS JF 15 -31.69 33.75 -101.02
C LYS JF 15 -32.42 34.59 -102.06
N GLU JF 16 -33.52 34.04 -102.57
CA GLU JF 16 -34.38 34.75 -103.53
C GLU JF 16 -35.39 35.57 -102.74
N LEU JF 17 -34.92 36.71 -102.24
CA LEU JF 17 -35.79 37.60 -101.48
C LEU JF 17 -36.88 38.23 -102.34
N LEU JF 18 -36.71 38.23 -103.66
CA LEU JF 18 -37.69 38.83 -104.57
C LEU JF 18 -38.89 37.91 -104.66
N LEU JF 19 -39.95 38.25 -103.95
CA LEU JF 19 -41.14 37.42 -103.93
C LEU JF 19 -41.91 37.56 -105.24
N PRO JF 20 -42.83 36.64 -105.52
CA PRO JF 20 -43.58 36.71 -106.79
C PRO JF 20 -44.31 38.04 -106.93
N MET JF 21 -44.36 38.53 -108.17
CA MET JF 21 -45.03 39.80 -108.44
C MET JF 21 -46.51 39.73 -108.04
N GLU JF 22 -47.18 38.62 -108.38
CA GLU JF 22 -48.59 38.48 -108.03
C GLU JF 22 -48.78 38.49 -106.52
N MET JF 23 -47.79 38.01 -105.77
CA MET JF 23 -47.93 37.92 -104.32
C MET JF 23 -48.09 39.29 -103.68
N VAL JF 24 -47.31 40.27 -104.11
CA VAL JF 24 -47.29 41.59 -103.49
C VAL JF 24 -48.47 42.41 -103.99
N PRO JF 25 -48.96 43.38 -103.20
CA PRO JF 25 -50.05 44.23 -103.67
C PRO JF 25 -49.55 45.40 -104.51
N LEU JF 26 -50.45 46.32 -104.86
CA LEU JF 26 -50.08 47.48 -105.64
C LEU JF 26 -49.15 48.40 -104.84
N PRO JF 27 -48.37 49.24 -105.52
CA PRO JF 27 -47.41 50.08 -104.79
C PRO JF 27 -48.05 50.96 -103.73
N ALA JF 28 -49.23 51.50 -104.00
CA ALA JF 28 -49.85 52.44 -103.07
C ALA JF 28 -50.12 51.78 -101.72
N VAL JF 29 -50.61 50.55 -101.73
CA VAL JF 29 -50.96 49.88 -100.48
C VAL JF 29 -49.71 49.59 -99.66
N VAL JF 30 -48.61 49.24 -100.32
CA VAL JF 30 -47.39 48.91 -99.58
C VAL JF 30 -46.91 50.10 -98.77
N LEU JF 31 -46.95 51.30 -99.36
CA LEU JF 31 -46.52 52.50 -98.64
C LEU JF 31 -47.27 52.66 -97.33
N LYS JF 32 -48.53 52.21 -97.28
CA LYS JF 32 -49.31 52.31 -96.05
C LYS JF 32 -48.65 51.52 -94.92
N HIS JF 33 -48.18 50.31 -95.22
CA HIS JF 33 -47.59 49.48 -94.18
C HIS JF 33 -46.24 50.01 -93.73
N VAL JF 34 -45.53 50.74 -94.61
CA VAL JF 34 -44.24 51.30 -94.22
C VAL JF 34 -44.41 52.29 -93.08
N LYS JF 35 -45.42 53.16 -93.18
CA LYS JF 35 -45.70 54.08 -92.09
C LYS JF 35 -46.09 53.33 -90.83
N LEU JF 36 -46.93 52.29 -90.97
CA LEU JF 36 -47.42 51.55 -89.82
C LEU JF 36 -46.28 50.79 -89.14
N ILE JF 37 -45.43 50.13 -89.92
CA ILE JF 37 -44.35 49.34 -89.34
C ILE JF 37 -43.29 50.25 -88.73
N LEU JF 38 -42.93 51.32 -89.44
CA LEU JF 38 -41.96 52.27 -88.88
C LEU JF 38 -42.51 52.93 -87.62
N THR JF 39 -43.78 53.34 -87.66
CA THR JF 39 -44.38 53.98 -86.50
C THR JF 39 -44.44 53.02 -85.30
N SER JF 40 -44.85 51.78 -85.55
CA SER JF 40 -44.96 50.82 -84.45
C SER JF 40 -43.60 50.52 -83.85
N GLN JF 41 -42.58 50.35 -84.68
CA GLN JF 41 -41.25 50.01 -84.18
C GLN JF 41 -40.67 51.19 -83.41
N LYS JF 42 -39.95 50.88 -82.34
CA LYS JF 42 -39.39 51.90 -81.46
C LYS JF 42 -37.87 51.91 -81.46
N GLU JF 43 -37.22 50.76 -81.25
CA GLU JF 43 -35.77 50.73 -81.20
C GLU JF 43 -35.19 51.14 -82.55
N HIS JF 44 -34.13 51.94 -82.51
CA HIS JF 44 -33.51 52.46 -83.71
C HIS JF 44 -32.41 51.51 -84.18
N GLN JF 45 -32.54 51.01 -85.40
CA GLN JF 45 -31.55 50.18 -86.06
C GLN JF 45 -31.35 50.69 -87.48
N PRO JF 46 -30.21 50.38 -88.09
CA PRO JF 46 -29.94 50.91 -89.44
C PRO JF 46 -30.96 50.48 -90.48
N TRP JF 47 -31.63 49.33 -90.30
CA TRP JF 47 -32.53 48.86 -91.34
C TRP JF 47 -33.71 49.81 -91.54
N MET JF 48 -34.30 50.31 -90.45
CA MET JF 48 -35.41 51.25 -90.59
C MET JF 48 -34.95 52.54 -91.24
N THR JF 49 -33.75 53.02 -90.88
CA THR JF 49 -33.21 54.22 -91.53
C THR JF 49 -33.04 54.00 -93.02
N GLU JF 50 -32.50 52.85 -93.42
CA GLU JF 50 -32.37 52.54 -94.84
C GLU JF 50 -33.69 52.12 -95.46
N MET JF 51 -34.58 51.53 -94.66
CA MET JF 51 -35.88 51.10 -95.19
C MET JF 51 -36.68 52.31 -95.69
N ALA JF 52 -36.68 53.40 -94.94
CA ALA JF 52 -37.40 54.60 -95.37
C ALA JF 52 -36.83 55.15 -96.67
N LEU JF 53 -35.50 55.18 -96.79
CA LEU JF 53 -34.88 55.72 -97.99
C LEU JF 53 -35.27 54.92 -99.22
N LYS JF 54 -35.29 53.58 -99.11
CA LYS JF 54 -35.64 52.73 -100.24
C LYS JF 54 -37.07 53.00 -100.70
N ALA JF 55 -37.99 53.19 -99.74
CA ALA JF 55 -39.38 53.44 -100.10
C ALA JF 55 -39.56 54.86 -100.62
N ASP JF 56 -38.71 55.79 -100.20
CA ASP JF 56 -38.86 57.18 -100.61
C ASP JF 56 -38.76 57.33 -102.12
N GLN JF 57 -37.84 56.59 -102.74
CA GLN JF 57 -37.63 56.74 -104.19
C GLN JF 57 -38.92 56.49 -104.96
N CYS JF 58 -39.74 55.55 -104.51
CA CYS JF 58 -40.99 55.27 -105.19
C CYS JF 58 -41.89 56.50 -105.26
N LEU JF 59 -41.88 57.32 -104.21
CA LEU JF 59 -42.72 58.50 -104.20
C LEU JF 59 -42.34 59.47 -105.31
N ILE JF 60 -41.04 59.65 -105.55
CA ILE JF 60 -40.60 60.58 -106.59
C ILE JF 60 -41.09 60.11 -107.95
N HIS JF 61 -41.00 58.81 -108.22
CA HIS JF 61 -41.45 58.28 -109.50
C HIS JF 61 -42.94 58.50 -109.69
N LYS JF 62 -43.72 58.46 -108.60
CA LYS JF 62 -45.15 58.71 -108.71
C LYS JF 62 -45.42 60.09 -109.30
N ALA JF 63 -44.76 61.12 -108.76
CA ALA JF 63 -44.93 62.47 -109.28
C ALA JF 63 -44.18 62.69 -110.58
N THR JF 64 -43.03 62.03 -110.75
CA THR JF 64 -42.26 62.19 -111.99
C THR JF 64 -43.10 61.80 -113.20
N LEU JF 65 -43.73 60.62 -113.15
CA LEU JF 65 -44.58 60.19 -114.24
C LEU JF 65 -45.91 60.94 -114.24
N PRO JF 78 -40.01 53.50 -124.51
CA PRO JF 78 -39.19 52.58 -123.71
C PRO JF 78 -38.79 53.16 -122.37
N LEU JF 79 -38.55 54.47 -122.31
CA LEU JF 79 -38.14 55.08 -121.05
C LEU JF 79 -39.27 55.03 -120.02
N ILE JF 80 -40.46 55.46 -120.41
CA ILE JF 80 -41.58 55.48 -119.47
C ILE JF 80 -41.94 54.07 -119.05
N GLU JF 81 -41.99 53.14 -120.01
CA GLU JF 81 -42.39 51.77 -119.70
C GLU JF 81 -41.43 51.13 -118.69
N ALA JF 82 -40.13 51.38 -118.86
CA ALA JF 82 -39.15 50.80 -117.94
C ALA JF 82 -39.38 51.29 -116.52
N MET JF 83 -39.70 52.57 -116.36
CA MET JF 83 -39.93 53.11 -115.01
C MET JF 83 -41.09 52.40 -114.34
N GLN JF 84 -42.14 52.07 -115.08
CA GLN JF 84 -43.27 51.37 -114.49
C GLN JF 84 -42.84 50.03 -113.91
N GLN JF 85 -41.99 49.30 -114.64
CA GLN JF 85 -41.47 48.03 -114.13
C GLN JF 85 -40.51 48.27 -112.96
N ILE JF 86 -39.75 49.37 -113.00
CA ILE JF 86 -38.81 49.66 -111.93
C ILE JF 86 -39.54 49.85 -110.61
N ILE JF 87 -40.66 50.58 -110.63
CA ILE JF 87 -41.42 50.80 -109.42
C ILE JF 87 -41.86 49.47 -108.81
N LEU JF 88 -42.36 48.57 -109.65
CA LEU JF 88 -42.78 47.26 -109.15
C LEU JF 88 -41.59 46.48 -108.61
N ALA JF 89 -40.39 46.71 -109.15
CA ALA JF 89 -39.22 46.00 -108.65
C ALA JF 89 -38.94 46.35 -107.19
N MET JF 90 -39.08 47.63 -106.83
CA MET JF 90 -38.83 48.03 -105.45
C MET JF 90 -39.92 47.53 -104.53
N THR JF 91 -41.16 47.44 -105.02
CA THR JF 91 -42.26 46.98 -104.18
C THR JF 91 -42.00 45.55 -103.67
N ARG JF 92 -41.52 44.67 -104.55
CA ARG JF 92 -41.20 43.32 -104.12
C ARG JF 92 -40.13 43.32 -103.03
N GLU JF 93 -39.11 44.16 -103.21
CA GLU JF 93 -38.05 44.24 -102.21
C GLU JF 93 -38.59 44.77 -100.89
N LEU JF 94 -39.45 45.79 -100.94
CA LEU JF 94 -39.99 46.37 -99.73
C LEU JF 94 -40.85 45.38 -98.97
N TRP JF 95 -41.71 44.65 -99.69
CA TRP JF 95 -42.61 43.72 -99.02
C TRP JF 95 -41.84 42.62 -98.30
N GLY JF 96 -40.65 42.28 -98.78
CA GLY JF 96 -39.85 41.26 -98.11
C GLY JF 96 -39.46 41.67 -96.71
N GLN JF 97 -38.99 42.91 -96.56
CA GLN JF 97 -38.62 43.40 -95.22
C GLN JF 97 -39.85 43.50 -94.34
N ILE JF 98 -41.00 43.86 -94.91
CA ILE JF 98 -42.23 43.94 -94.13
C ILE JF 98 -42.58 42.58 -93.54
N GLN JF 99 -42.59 41.55 -94.38
CA GLN JF 99 -42.95 40.22 -93.91
C GLN JF 99 -41.90 39.64 -92.99
N ARG JF 100 -40.62 39.83 -93.33
CA ARG JF 100 -39.55 39.29 -92.49
C ARG JF 100 -39.56 39.94 -91.11
N HIS JF 101 -39.79 41.25 -91.05
CA HIS JF 101 -39.82 41.94 -89.76
C HIS JF 101 -41.02 41.49 -88.93
N HIS JF 102 -42.20 41.38 -89.53
CA HIS JF 102 -43.39 40.99 -88.79
C HIS JF 102 -43.28 39.56 -88.28
N TYR JF 103 -42.96 38.61 -89.17
CA TYR JF 103 -42.88 37.21 -88.81
C TYR JF 103 -41.44 36.78 -88.51
N GLY JF 104 -40.56 36.92 -89.48
CA GLY JF 104 -39.19 36.49 -89.33
C GLY JF 104 -38.57 36.17 -90.67
N ILE JF 105 -37.23 36.19 -90.70
CA ILE JF 105 -36.51 35.95 -91.94
C ILE JF 105 -36.72 34.52 -92.42
N VAL JF 106 -36.64 33.56 -91.51
CA VAL JF 106 -36.75 32.16 -91.92
C VAL JF 106 -38.18 31.84 -92.37
N GLN JF 107 -39.18 32.39 -91.67
CA GLN JF 107 -40.55 32.05 -91.98
C GLN JF 107 -40.93 32.46 -93.40
N VAL JF 108 -40.52 33.66 -93.82
CA VAL JF 108 -40.82 34.11 -95.18
C VAL JF 108 -40.15 33.19 -96.19
N GLU JF 109 -38.87 32.89 -95.99
CA GLU JF 109 -38.18 31.97 -96.87
C GLU JF 109 -38.83 30.59 -96.84
N HIS JF 110 -39.36 30.20 -95.68
CA HIS JF 110 -40.00 28.89 -95.55
C HIS JF 110 -41.39 28.88 -96.17
N TYR JF 111 -42.13 29.98 -96.06
CA TYR JF 111 -43.53 30.02 -96.49
C TYR JF 111 -43.70 30.42 -97.94
N VAL JF 112 -42.76 31.19 -98.51
CA VAL JF 112 -42.93 31.68 -99.87
C VAL JF 112 -43.02 30.53 -100.85
N LYS JF 113 -42.16 29.52 -100.68
CA LYS JF 113 -42.13 28.41 -101.62
C LYS JF 113 -43.43 27.62 -101.58
N GLN JF 114 -44.02 27.47 -100.40
CA GLN JF 114 -45.20 26.63 -100.26
C GLN JF 114 -46.34 27.13 -101.16
N ILE JF 115 -46.59 28.45 -101.13
CA ILE JF 115 -47.70 28.98 -101.92
C ILE JF 115 -47.40 28.85 -103.41
N THR JF 116 -46.13 29.00 -103.81
CA THR JF 116 -45.79 28.87 -105.22
C THR JF 116 -46.09 27.47 -105.71
N LEU JF 117 -45.79 26.45 -104.91
CA LEU JF 117 -46.11 25.07 -105.28
C LEU JF 117 -47.61 24.89 -105.46
N TRP JF 118 -48.41 25.44 -104.53
CA TRP JF 118 -49.85 25.28 -104.63
C TRP JF 118 -50.39 25.84 -105.92
N GLN JF 119 -49.70 26.81 -106.52
CA GLN JF 119 -50.14 27.37 -107.79
C GLN JF 119 -49.67 26.52 -108.96
N ASP JF 120 -48.38 26.20 -109.00
CA ASP JF 120 -47.80 25.42 -110.09
C ASP JF 120 -48.17 23.95 -109.89
N THR JF 121 -49.44 23.65 -110.18
CA THR JF 121 -49.98 22.30 -110.03
C THR JF 121 -51.21 22.20 -110.91
N PRO JF 122 -51.54 21.00 -111.42
CA PRO JF 122 -52.69 20.90 -112.34
C PRO JF 122 -54.03 21.14 -111.67
N GLN JF 123 -54.29 22.41 -111.34
CA GLN JF 123 -55.58 22.87 -110.82
C GLN JF 123 -56.25 21.87 -109.87
N ALA JF 124 -56.68 20.72 -110.39
CA ALA JF 124 -57.50 19.82 -109.59
C ALA JF 124 -56.80 19.41 -108.31
N PHE JF 125 -55.57 18.92 -108.42
CA PHE JF 125 -54.79 18.52 -107.24
C PHE JF 125 -53.90 19.66 -106.78
N ARG JF 126 -54.47 20.86 -106.62
CA ARG JF 126 -53.66 21.99 -106.21
C ARG JF 126 -53.19 21.84 -104.77
N GLY JF 127 -54.03 21.31 -103.90
CA GLY JF 127 -53.66 21.12 -102.51
C GLY JF 127 -54.81 21.39 -101.57
N ASP JF 128 -54.57 22.17 -100.53
CA ASP JF 128 -55.61 22.49 -99.55
C ASP JF 128 -55.57 23.96 -99.15
N GLN JF 129 -55.17 24.84 -100.08
CA GLN JF 129 -55.11 26.26 -99.80
C GLN JF 129 -54.21 26.50 -98.59
N PRO JF 130 -52.89 26.35 -98.73
CA PRO JF 130 -52.02 26.41 -97.54
C PRO JF 130 -52.22 27.70 -96.76
N LYS JF 131 -52.29 27.56 -95.44
CA LYS JF 131 -52.56 28.70 -94.58
C LYS JF 131 -51.33 29.61 -94.52
N PRO JF 132 -51.54 30.92 -94.39
CA PRO JF 132 -50.40 31.83 -94.21
C PRO JF 132 -49.78 31.64 -92.83
N PRO JF 133 -48.53 32.07 -92.65
CA PRO JF 133 -47.86 31.83 -91.37
C PRO JF 133 -48.59 32.49 -90.22
N THR KF 3 -105.29 -63.98 -34.54
CA THR KF 3 -105.30 -63.69 -33.12
C THR KF 3 -103.98 -63.07 -32.67
N PHE KF 4 -102.86 -63.60 -33.18
CA PHE KF 4 -101.55 -63.11 -32.73
C PHE KF 4 -101.36 -61.64 -33.08
N ILE KF 5 -101.74 -61.24 -34.28
CA ILE KF 5 -101.54 -59.85 -34.71
C ILE KF 5 -102.30 -58.91 -33.79
N GLU KF 6 -103.48 -59.32 -33.35
CA GLU KF 6 -104.23 -58.51 -32.39
C GLU KF 6 -103.43 -58.31 -31.11
N LEU KF 7 -102.74 -59.35 -30.65
CA LEU KF 7 -101.94 -59.23 -29.44
C LEU KF 7 -100.78 -58.25 -29.64
N VAL KF 8 -100.14 -58.30 -30.81
CA VAL KF 8 -99.01 -57.42 -31.05
C VAL KF 8 -99.46 -55.97 -31.15
N LYS KF 9 -100.61 -55.73 -31.78
CA LYS KF 9 -101.12 -54.36 -31.88
C LYS KF 9 -101.30 -53.74 -30.51
N ASN KF 10 -101.52 -54.58 -29.48
CA ASN KF 10 -101.62 -54.10 -28.10
C ASN KF 10 -100.23 -53.97 -27.49
N MET KF 11 -99.40 -53.16 -28.13
CA MET KF 11 -98.03 -52.94 -27.70
C MET KF 11 -97.65 -51.50 -27.92
N LYS KF 12 -96.59 -51.08 -27.23
CA LYS KF 12 -96.15 -49.68 -27.23
C LYS KF 12 -95.08 -49.47 -28.28
N GLY KF 13 -95.17 -48.34 -28.99
CA GLY KF 13 -94.29 -48.06 -30.10
C GLY KF 13 -94.68 -48.73 -31.39
N TYR KF 14 -95.90 -49.24 -31.50
CA TYR KF 14 -96.36 -49.94 -32.69
C TYR KF 14 -96.73 -48.94 -33.77
N LYS KF 15 -95.98 -48.93 -34.86
CA LYS KF 15 -96.24 -48.07 -36.01
C LYS KF 15 -96.69 -48.96 -37.17
N GLU KF 16 -97.89 -48.71 -37.67
CA GLU KF 16 -98.43 -49.52 -38.76
C GLU KF 16 -97.65 -49.26 -40.05
N LEU KF 17 -97.52 -50.31 -40.86
CA LEU KF 17 -96.76 -50.21 -42.10
C LEU KF 17 -97.44 -50.90 -43.27
N LEU KF 18 -98.71 -51.28 -43.13
CA LEU KF 18 -99.44 -51.99 -44.19
C LEU KF 18 -100.58 -51.13 -44.69
N LEU KF 19 -100.67 -51.00 -46.01
CA LEU KF 19 -101.72 -50.22 -46.63
C LEU KF 19 -103.00 -51.04 -46.75
N PRO KF 20 -104.14 -50.39 -46.99
CA PRO KF 20 -105.38 -51.13 -47.19
C PRO KF 20 -105.28 -52.06 -48.39
N MET KF 21 -106.00 -53.19 -48.30
CA MET KF 21 -105.98 -54.16 -49.38
C MET KF 21 -106.44 -53.56 -50.70
N GLU KF 22 -107.26 -52.51 -50.65
CA GLU KF 22 -107.80 -51.90 -51.85
C GLU KF 22 -106.80 -50.99 -52.56
N MET KF 23 -105.65 -50.69 -51.94
CA MET KF 23 -104.67 -49.79 -52.52
C MET KF 23 -103.40 -50.50 -52.99
N VAL KF 24 -103.08 -51.66 -52.44
CA VAL KF 24 -101.86 -52.37 -52.82
C VAL KF 24 -101.97 -52.81 -54.28
N PRO KF 25 -100.87 -52.92 -55.00
CA PRO KF 25 -100.94 -53.34 -56.41
C PRO KF 25 -101.44 -54.77 -56.52
N LEU KF 26 -101.70 -55.17 -57.77
CA LEU KF 26 -102.03 -56.56 -58.03
C LEU KF 26 -100.82 -57.45 -57.78
N PRO KF 27 -101.04 -58.72 -57.43
CA PRO KF 27 -99.89 -59.58 -57.10
C PRO KF 27 -98.87 -59.67 -58.21
N ALA KF 28 -99.31 -59.65 -59.47
CA ALA KF 28 -98.38 -59.73 -60.58
C ALA KF 28 -97.44 -58.52 -60.59
N VAL KF 29 -97.97 -57.34 -60.31
CA VAL KF 29 -97.14 -56.13 -60.35
C VAL KF 29 -96.09 -56.17 -59.25
N VAL KF 30 -96.45 -56.70 -58.07
CA VAL KF 30 -95.52 -56.67 -56.95
C VAL KF 30 -94.25 -57.45 -57.29
N LEU KF 31 -94.42 -58.62 -57.89
CA LEU KF 31 -93.26 -59.45 -58.22
C LEU KF 31 -92.27 -58.71 -59.08
N LYS KF 32 -92.74 -57.77 -59.90
CA LYS KF 32 -91.83 -57.03 -60.78
C LYS KF 32 -90.82 -56.23 -59.97
N HIS KF 33 -91.27 -55.57 -58.90
CA HIS KF 33 -90.34 -54.80 -58.08
C HIS KF 33 -89.40 -55.72 -57.31
N VAL KF 34 -89.83 -56.95 -57.01
CA VAL KF 34 -88.98 -57.87 -56.28
C VAL KF 34 -87.71 -58.16 -57.06
N LYS KF 35 -87.85 -58.43 -58.35
CA LYS KF 35 -86.68 -58.74 -59.17
C LYS KF 35 -85.72 -57.57 -59.23
N LEU KF 36 -86.25 -56.35 -59.40
CA LEU KF 36 -85.39 -55.18 -59.45
C LEU KF 36 -84.69 -54.96 -58.11
N ILE KF 37 -85.46 -54.97 -57.02
CA ILE KF 37 -84.89 -54.68 -55.71
C ILE KF 37 -83.88 -55.76 -55.32
N LEU KF 38 -84.24 -57.03 -55.53
CA LEU KF 38 -83.31 -58.12 -55.23
C LEU KF 38 -82.07 -58.03 -56.11
N THR KF 39 -82.27 -57.94 -57.43
CA THR KF 39 -81.14 -58.01 -58.35
C THR KF 39 -80.32 -56.73 -58.30
N SER KF 40 -80.99 -55.58 -58.30
CA SER KF 40 -80.31 -54.28 -58.28
C SER KF 40 -79.96 -53.94 -56.83
N GLN KF 41 -79.11 -54.78 -56.25
CA GLN KF 41 -78.65 -54.57 -54.88
C GLN KF 41 -77.23 -55.09 -54.75
N LYS KF 42 -76.50 -54.47 -53.82
CA LYS KF 42 -75.11 -54.83 -53.54
C LYS KF 42 -74.95 -55.04 -52.04
N GLU KF 43 -74.02 -55.92 -51.67
CA GLU KF 43 -73.76 -56.25 -50.28
C GLU KF 43 -75.03 -56.81 -49.62
N HIS KF 44 -75.44 -57.96 -50.13
CA HIS KF 44 -76.67 -58.62 -49.69
C HIS KF 44 -76.83 -58.52 -48.18
N GLN KF 45 -78.04 -58.18 -47.76
CA GLN KF 45 -78.40 -57.98 -46.37
C GLN KF 45 -79.45 -58.99 -45.94
N PRO KF 46 -79.58 -59.23 -44.63
CA PRO KF 46 -80.49 -60.29 -44.18
C PRO KF 46 -81.93 -60.12 -44.65
N TRP KF 47 -82.42 -58.88 -44.69
CA TRP KF 47 -83.81 -58.65 -45.07
C TRP KF 47 -84.09 -59.05 -46.51
N MET KF 48 -83.06 -59.10 -47.36
CA MET KF 48 -83.26 -59.53 -48.73
C MET KF 48 -83.74 -60.97 -48.79
N THR KF 49 -83.18 -61.84 -47.94
CA THR KF 49 -83.59 -63.24 -47.94
C THR KF 49 -85.05 -63.37 -47.55
N GLU KF 50 -85.49 -62.59 -46.56
CA GLU KF 50 -86.89 -62.66 -46.12
C GLU KF 50 -87.84 -62.31 -47.25
N MET KF 51 -87.51 -61.29 -48.05
CA MET KF 51 -88.38 -60.88 -49.14
C MET KF 51 -88.57 -62.01 -50.15
N ALA KF 52 -87.48 -62.68 -50.51
CA ALA KF 52 -87.56 -63.74 -51.53
C ALA KF 52 -88.41 -64.91 -51.04
N LEU KF 53 -88.24 -65.29 -49.77
CA LEU KF 53 -88.97 -66.44 -49.25
C LEU KF 53 -90.48 -66.22 -49.32
N LYS KF 54 -90.94 -65.04 -48.93
CA LYS KF 54 -92.37 -64.76 -49.00
C LYS KF 54 -92.86 -64.70 -50.44
N ALA KF 55 -92.02 -64.21 -51.36
CA ALA KF 55 -92.45 -64.05 -52.74
C ALA KF 55 -92.84 -65.39 -53.35
N ASP KF 56 -92.03 -66.42 -53.13
CA ASP KF 56 -92.33 -67.72 -53.74
C ASP KF 56 -93.63 -68.29 -53.21
N GLN KF 57 -94.02 -67.92 -51.99
CA GLN KF 57 -95.26 -68.44 -51.42
C GLN KF 57 -96.46 -68.01 -52.25
N CYS KF 58 -96.49 -66.74 -52.68
CA CYS KF 58 -97.59 -66.27 -53.51
C CYS KF 58 -97.65 -67.04 -54.82
N LEU KF 59 -96.50 -67.32 -55.42
CA LEU KF 59 -96.47 -68.11 -56.65
C LEU KF 59 -97.00 -69.51 -56.41
N ILE KF 60 -96.64 -70.12 -55.28
CA ILE KF 60 -97.12 -71.46 -54.97
C ILE KF 60 -98.64 -71.46 -54.87
N HIS KF 61 -99.20 -70.52 -54.12
CA HIS KF 61 -100.66 -70.40 -54.03
C HIS KF 61 -101.25 -70.04 -55.38
N LYS KF 62 -100.59 -69.13 -56.11
CA LYS KF 62 -101.09 -68.75 -57.43
C LYS KF 62 -101.09 -69.94 -58.38
N ALA KF 63 -100.03 -70.76 -58.34
CA ALA KF 63 -99.97 -71.95 -59.17
C ALA KF 63 -100.92 -73.04 -58.71
N THR KF 64 -101.54 -72.89 -57.55
CA THR KF 64 -102.45 -73.90 -57.02
C THR KF 64 -103.87 -73.75 -57.54
N LEU KF 65 -104.27 -72.54 -57.92
CA LEU KF 65 -105.64 -72.32 -58.37
C LEU KF 65 -105.94 -73.08 -59.67
N ASP KF 66 -104.97 -73.16 -60.58
CA ASP KF 66 -105.19 -73.88 -61.83
C ASP KF 66 -105.59 -75.32 -61.58
N PRO KF 78 -115.67 -73.57 -50.59
CA PRO KF 78 -114.81 -72.78 -49.69
C PRO KF 78 -113.33 -73.12 -49.83
N LEU KF 79 -112.98 -74.40 -49.77
CA LEU KF 79 -111.57 -74.78 -49.74
C LEU KF 79 -110.84 -74.31 -51.00
N ILE KF 80 -111.45 -74.51 -52.16
CA ILE KF 80 -110.81 -74.09 -53.40
C ILE KF 80 -110.62 -72.57 -53.42
N GLU KF 81 -111.66 -71.83 -53.03
CA GLU KF 81 -111.60 -70.37 -53.02
C GLU KF 81 -110.94 -69.81 -51.77
N ALA KF 82 -110.77 -70.62 -50.73
CA ALA KF 82 -110.19 -70.10 -49.49
C ALA KF 82 -108.76 -69.64 -49.69
N MET KF 83 -107.96 -70.40 -50.45
CA MET KF 83 -106.56 -70.03 -50.64
C MET KF 83 -106.43 -68.68 -51.33
N GLN KF 84 -107.41 -68.31 -52.16
CA GLN KF 84 -107.33 -67.03 -52.87
C GLN KF 84 -107.29 -65.86 -51.89
N GLN KF 85 -107.90 -66.01 -50.71
CA GLN KF 85 -107.90 -64.93 -49.74
C GLN KF 85 -106.49 -64.63 -49.26
N ILE KF 86 -105.68 -65.68 -49.03
CA ILE KF 86 -104.33 -65.48 -48.53
C ILE KF 86 -103.48 -64.78 -49.58
N ILE KF 87 -103.70 -65.09 -50.86
CA ILE KF 87 -102.88 -64.50 -51.92
C ILE KF 87 -102.94 -62.98 -51.85
N LEU KF 88 -104.15 -62.42 -51.74
CA LEU KF 88 -104.29 -60.98 -51.62
C LEU KF 88 -103.62 -60.47 -50.36
N ALA KF 89 -103.80 -61.19 -49.25
CA ALA KF 89 -103.18 -60.77 -48.00
C ALA KF 89 -101.67 -60.80 -48.08
N MET KF 90 -101.11 -61.82 -48.72
CA MET KF 90 -99.66 -61.96 -48.79
C MET KF 90 -99.03 -60.73 -49.45
N THR KF 91 -99.70 -60.17 -50.45
CA THR KF 91 -99.18 -58.98 -51.11
C THR KF 91 -99.09 -57.81 -50.14
N ARG KF 92 -100.10 -57.65 -49.29
CA ARG KF 92 -100.13 -56.51 -48.37
C ARG KF 92 -98.90 -56.49 -47.48
N GLU KF 93 -98.55 -57.65 -46.91
CA GLU KF 93 -97.32 -57.73 -46.12
C GLU KF 93 -96.10 -57.59 -47.00
N LEU KF 94 -96.14 -58.20 -48.19
CA LEU KF 94 -95.00 -58.15 -49.10
C LEU KF 94 -94.74 -56.72 -49.57
N TRP KF 95 -95.80 -55.99 -49.92
CA TRP KF 95 -95.63 -54.63 -50.42
C TRP KF 95 -95.06 -53.71 -49.34
N GLY KF 96 -95.26 -54.05 -48.07
CA GLY KF 96 -94.73 -53.22 -47.00
C GLY KF 96 -93.22 -53.14 -47.02
N GLN KF 97 -92.56 -54.26 -47.32
CA GLN KF 97 -91.10 -54.25 -47.37
C GLN KF 97 -90.59 -53.49 -48.58
N ILE KF 98 -91.35 -53.49 -49.68
CA ILE KF 98 -90.93 -52.77 -50.88
C ILE KF 98 -90.77 -51.29 -50.58
N GLN KF 99 -91.77 -50.71 -49.92
CA GLN KF 99 -91.73 -49.29 -49.62
C GLN KF 99 -90.62 -48.96 -48.63
N ARG KF 100 -90.32 -49.87 -47.71
CA ARG KF 100 -89.21 -49.64 -46.79
C ARG KF 100 -87.90 -49.49 -47.54
N HIS KF 101 -87.65 -50.35 -48.52
CA HIS KF 101 -86.43 -50.25 -49.31
C HIS KF 101 -86.42 -48.97 -50.15
N HIS KF 102 -87.53 -48.67 -50.81
CA HIS KF 102 -87.58 -47.49 -51.67
C HIS KF 102 -87.60 -46.22 -50.84
N TYR KF 103 -88.63 -46.04 -50.02
CA TYR KF 103 -88.78 -44.81 -49.25
C TYR KF 103 -87.93 -44.84 -47.98
N GLY KF 104 -88.22 -45.79 -47.10
CA GLY KF 104 -87.58 -45.87 -45.81
C GLY KF 104 -88.64 -46.18 -44.76
N ILE KF 105 -88.22 -46.85 -43.69
CA ILE KF 105 -89.17 -47.28 -42.67
C ILE KF 105 -89.82 -46.07 -42.01
N VAL KF 106 -89.02 -45.06 -41.66
CA VAL KF 106 -89.56 -43.90 -40.95
C VAL KF 106 -90.60 -43.17 -41.80
N GLN KF 107 -90.27 -42.94 -43.08
CA GLN KF 107 -91.17 -42.20 -43.95
C GLN KF 107 -92.48 -42.95 -44.16
N VAL KF 108 -92.41 -44.28 -44.24
CA VAL KF 108 -93.61 -45.06 -44.51
C VAL KF 108 -94.64 -44.87 -43.40
N GLU KF 109 -94.18 -44.88 -42.14
CA GLU KF 109 -95.09 -44.73 -41.02
C GLU KF 109 -95.95 -43.48 -41.19
N HIS KF 110 -95.31 -42.35 -41.51
CA HIS KF 110 -96.07 -41.12 -41.71
C HIS KF 110 -97.03 -41.25 -42.88
N TYR KF 111 -96.57 -41.87 -43.98
CA TYR KF 111 -97.42 -41.96 -45.16
C TYR KF 111 -98.68 -42.76 -44.89
N VAL KF 112 -98.57 -43.87 -44.17
CA VAL KF 112 -99.73 -44.73 -43.93
C VAL KF 112 -100.78 -43.97 -43.13
N LYS KF 113 -100.36 -43.31 -42.05
CA LYS KF 113 -101.31 -42.57 -41.22
C LYS KF 113 -101.96 -41.45 -42.02
N GLN KF 114 -101.19 -40.75 -42.85
CA GLN KF 114 -101.78 -39.73 -43.71
C GLN KF 114 -102.79 -40.34 -44.66
N ILE KF 115 -102.49 -41.52 -45.22
CA ILE KF 115 -103.45 -42.21 -46.06
C ILE KF 115 -104.66 -42.62 -45.25
N THR KF 116 -104.42 -43.15 -44.04
CA THR KF 116 -105.53 -43.61 -43.21
C THR KF 116 -106.49 -42.47 -42.89
N LEU KF 117 -105.96 -41.35 -42.41
CA LEU KF 117 -106.79 -40.19 -42.14
C LEU KF 117 -107.47 -39.70 -43.41
N TRP KF 118 -106.72 -39.67 -44.52
CA TRP KF 118 -107.30 -39.26 -45.79
C TRP KF 118 -108.44 -40.19 -46.18
N GLN KF 119 -108.25 -41.50 -46.01
CA GLN KF 119 -109.33 -42.43 -46.31
C GLN KF 119 -110.46 -42.33 -45.30
N ASP KF 120 -110.13 -42.03 -44.04
CA ASP KF 120 -111.15 -41.95 -43.01
C ASP KF 120 -112.11 -40.80 -43.28
N THR KF 121 -111.58 -39.64 -43.67
CA THR KF 121 -112.43 -38.49 -43.89
C THR KF 121 -113.41 -38.76 -45.04
N PRO KF 122 -114.66 -38.30 -44.93
CA PRO KF 122 -115.61 -38.55 -46.01
C PRO KF 122 -115.17 -37.91 -47.31
N GLN KF 123 -115.52 -38.57 -48.42
CA GLN KF 123 -115.07 -38.12 -49.74
C GLN KF 123 -115.58 -36.73 -50.08
N ALA KF 124 -116.64 -36.27 -49.42
CA ALA KF 124 -117.18 -34.95 -49.74
C ALA KF 124 -116.14 -33.86 -49.47
N PHE KF 125 -115.43 -33.96 -48.35
CA PHE KF 125 -114.41 -33.00 -47.97
C PHE KF 125 -113.09 -33.69 -47.68
N ARG KF 126 -112.84 -34.82 -48.36
CA ARG KF 126 -111.64 -35.60 -48.09
C ARG KF 126 -110.37 -34.82 -48.44
N GLY KF 127 -110.37 -34.14 -49.57
CA GLY KF 127 -109.21 -33.39 -50.00
C GLY KF 127 -108.33 -34.19 -50.94
N ASP KF 128 -107.26 -33.52 -51.39
CA ASP KF 128 -106.33 -34.15 -52.31
C ASP KF 128 -105.58 -35.29 -51.62
N GLN KF 129 -105.41 -36.39 -52.34
CA GLN KF 129 -104.69 -37.54 -51.80
C GLN KF 129 -103.22 -37.17 -51.59
N PRO KF 130 -102.64 -37.47 -50.44
CA PRO KF 130 -101.24 -37.13 -50.22
C PRO KF 130 -100.32 -37.96 -51.11
N LYS KF 131 -99.18 -37.37 -51.45
CA LYS KF 131 -98.21 -38.02 -52.31
C LYS KF 131 -97.22 -38.83 -51.49
N PRO KF 132 -96.57 -39.83 -52.11
CA PRO KF 132 -95.62 -40.65 -51.36
C PRO KF 132 -94.45 -39.82 -50.85
N PRO KF 133 -93.72 -40.31 -49.84
CA PRO KF 133 -92.59 -39.54 -49.32
C PRO KF 133 -91.42 -39.49 -50.28
N SER KF 134 -90.32 -38.87 -49.85
CA SER KF 134 -89.12 -38.80 -50.65
C SER KF 134 -88.32 -40.09 -50.55
N PHE KF 135 -87.63 -40.43 -51.63
CA PHE KF 135 -86.85 -41.64 -51.67
C PHE KF 135 -85.68 -41.58 -50.70
N THR LF 3 -87.73 -69.59 -58.10
CA THR LF 3 -86.65 -68.89 -58.78
C THR LF 3 -86.11 -67.71 -58.01
N PHE LF 4 -86.96 -66.96 -57.32
CA PHE LF 4 -86.50 -65.78 -56.59
C PHE LF 4 -85.49 -66.16 -55.52
N ILE LF 5 -85.75 -67.24 -54.78
CA ILE LF 5 -84.83 -67.67 -53.74
C ILE LF 5 -83.50 -68.05 -54.34
N GLU LF 6 -83.52 -68.65 -55.53
CA GLU LF 6 -82.27 -69.02 -56.21
C GLU LF 6 -81.43 -67.78 -56.51
N LEU LF 7 -82.09 -66.68 -56.92
CA LEU LF 7 -81.35 -65.45 -57.20
C LEU LF 7 -80.62 -64.95 -55.95
N VAL LF 8 -81.28 -65.03 -54.79
CA VAL LF 8 -80.64 -64.63 -53.55
C VAL LF 8 -79.43 -65.50 -53.27
N LYS LF 9 -79.58 -66.81 -53.46
CA LYS LF 9 -78.48 -67.74 -53.22
C LYS LF 9 -77.31 -67.49 -54.16
N ASN LF 10 -77.54 -66.74 -55.24
CA ASN LF 10 -76.48 -66.39 -56.19
C ASN LF 10 -75.77 -65.09 -55.83
N MET LF 11 -76.14 -64.47 -54.71
CA MET LF 11 -75.59 -63.17 -54.36
C MET LF 11 -74.22 -63.34 -53.70
N LYS LF 12 -73.66 -62.22 -53.25
CA LYS LF 12 -72.39 -62.17 -52.55
C LYS LF 12 -72.63 -61.84 -51.09
N GLY LF 13 -72.04 -62.61 -50.19
CA GLY LF 13 -72.24 -62.43 -48.77
C GLY LF 13 -73.46 -63.14 -48.20
N TYR LF 14 -74.26 -63.79 -49.04
CA TYR LF 14 -75.43 -64.50 -48.55
C TYR LF 14 -75.00 -65.67 -47.67
N LYS LF 15 -75.75 -65.89 -46.59
CA LYS LF 15 -75.46 -66.94 -45.64
C LYS LF 15 -76.77 -67.63 -45.24
N GLU LF 16 -76.71 -68.95 -45.13
CA GLU LF 16 -77.90 -69.71 -44.76
C GLU LF 16 -78.30 -69.44 -43.32
N LEU LF 17 -79.60 -69.39 -43.07
CA LEU LF 17 -80.14 -69.23 -41.73
C LEU LF 17 -81.22 -70.24 -41.39
N LEU LF 18 -81.75 -70.97 -42.36
CA LEU LF 18 -82.78 -71.96 -42.11
C LEU LF 18 -82.14 -73.30 -41.76
N LEU LF 19 -82.96 -74.32 -41.60
CA LEU LF 19 -82.53 -75.64 -41.19
C LEU LF 19 -83.22 -76.68 -42.06
N PRO LF 20 -82.69 -77.90 -42.10
CA PRO LF 20 -83.33 -78.95 -42.88
C PRO LF 20 -84.76 -79.21 -42.41
N MET LF 21 -85.62 -79.56 -43.37
CA MET LF 21 -87.02 -79.79 -43.04
C MET LF 21 -87.17 -80.80 -41.91
N GLU LF 22 -86.30 -81.81 -41.88
CA GLU LF 22 -86.38 -82.82 -40.82
C GLU LF 22 -86.12 -82.21 -39.45
N MET LF 23 -85.13 -81.31 -39.36
CA MET LF 23 -84.78 -80.67 -38.08
C MET LF 23 -85.67 -79.44 -37.85
N VAL LF 24 -86.98 -79.68 -37.90
CA VAL LF 24 -87.96 -78.63 -37.66
C VAL LF 24 -89.03 -79.18 -36.73
N PRO LF 25 -89.33 -78.51 -35.61
CA PRO LF 25 -90.38 -79.01 -34.72
C PRO LF 25 -91.71 -79.16 -35.43
N LEU LF 26 -92.62 -79.85 -34.74
CA LEU LF 26 -93.95 -80.08 -35.27
C LEU LF 26 -94.76 -78.78 -35.24
N PRO LF 27 -95.82 -78.68 -36.05
CA PRO LF 27 -96.64 -77.46 -36.04
C PRO LF 27 -97.38 -77.30 -34.72
N ALA LF 28 -98.16 -76.22 -34.61
CA ALA LF 28 -98.94 -75.95 -33.41
C ALA LF 28 -98.03 -75.71 -32.21
N VAL LF 29 -97.31 -76.75 -31.78
CA VAL LF 29 -96.45 -76.62 -30.62
C VAL LF 29 -95.35 -75.61 -30.89
N VAL LF 30 -94.80 -75.59 -32.11
CA VAL LF 30 -93.76 -74.64 -32.44
C VAL LF 30 -94.27 -73.21 -32.31
N LEU LF 31 -95.57 -73.00 -32.52
CA LEU LF 31 -96.14 -71.66 -32.40
C LEU LF 31 -96.08 -71.14 -30.96
N LYS LF 32 -95.84 -72.02 -29.99
CA LYS LF 32 -95.82 -71.58 -28.59
C LYS LF 32 -94.67 -70.60 -28.34
N HIS LF 33 -93.52 -70.85 -28.95
CA HIS LF 33 -92.40 -69.93 -28.80
C HIS LF 33 -92.77 -68.52 -29.26
N VAL LF 34 -93.76 -68.41 -30.15
CA VAL LF 34 -94.19 -67.09 -30.61
C VAL LF 34 -94.71 -66.28 -29.44
N LYS LF 35 -95.57 -66.90 -28.62
CA LYS LF 35 -96.14 -66.19 -27.47
C LYS LF 35 -95.05 -65.80 -26.48
N LEU LF 36 -94.09 -66.69 -26.25
CA LEU LF 36 -93.05 -66.43 -25.26
C LEU LF 36 -92.11 -65.32 -25.68
N ILE LF 37 -92.17 -64.90 -26.95
CA ILE LF 37 -91.26 -63.86 -27.46
C ILE LF 37 -92.05 -62.60 -27.74
N LEU LF 38 -93.35 -62.74 -28.02
CA LEU LF 38 -94.22 -61.59 -28.23
C LEU LF 38 -94.80 -61.09 -26.92
N THR LF 39 -95.46 -61.96 -26.16
CA THR LF 39 -96.05 -61.54 -24.91
C THR LF 39 -95.00 -61.05 -23.92
N SER LF 40 -93.88 -61.75 -23.84
CA SER LF 40 -92.78 -61.35 -22.96
C SER LF 40 -91.83 -60.40 -23.68
N GLN LF 41 -92.39 -59.30 -24.16
CA GLN LF 41 -91.62 -58.33 -24.92
C GLN LF 41 -92.28 -56.96 -24.82
N LYS LF 42 -91.51 -55.94 -25.17
CA LYS LF 42 -91.97 -54.56 -25.15
C LYS LF 42 -91.13 -53.78 -26.16
N GLU LF 43 -91.53 -52.54 -26.41
CA GLU LF 43 -90.86 -51.69 -27.40
C GLU LF 43 -90.90 -52.34 -28.78
N HIS LF 44 -92.12 -52.47 -29.28
CA HIS LF 44 -92.40 -53.08 -30.57
C HIS LF 44 -91.38 -52.67 -31.62
N GLN LF 45 -90.72 -53.66 -32.20
CA GLN LF 45 -89.71 -53.44 -33.23
C GLN LF 45 -90.20 -53.95 -34.58
N PRO LF 46 -89.63 -53.47 -35.68
CA PRO LF 46 -90.16 -53.86 -37.00
C PRO LF 46 -90.17 -55.36 -37.23
N TRP LF 47 -89.15 -56.07 -36.76
CA TRP LF 47 -89.08 -57.50 -37.02
C TRP LF 47 -90.16 -58.27 -36.27
N MET LF 48 -90.65 -57.71 -35.16
CA MET LF 48 -91.71 -58.39 -34.41
C MET LF 48 -92.96 -58.53 -35.23
N THR LF 49 -93.32 -57.49 -35.99
CA THR LF 49 -94.50 -57.57 -36.85
C THR LF 49 -94.33 -58.65 -37.92
N GLU LF 50 -93.13 -58.76 -38.48
CA GLU LF 50 -92.89 -59.78 -39.49
C GLU LF 50 -93.17 -61.18 -38.95
N MET LF 51 -92.69 -61.46 -37.73
CA MET LF 51 -92.95 -62.75 -37.12
C MET LF 51 -94.45 -62.94 -36.89
N ALA LF 52 -95.13 -61.91 -36.40
CA ALA LF 52 -96.55 -62.04 -36.12
C ALA LF 52 -97.36 -62.32 -37.38
N LEU LF 53 -97.04 -61.63 -38.47
CA LEU LF 53 -97.77 -61.80 -39.71
C LEU LF 53 -97.44 -63.10 -40.43
N LYS LF 54 -96.39 -63.80 -39.99
CA LYS LF 54 -96.04 -65.09 -40.57
C LYS LF 54 -96.59 -66.26 -39.76
N ALA LF 55 -96.47 -66.21 -38.44
CA ALA LF 55 -96.96 -67.30 -37.60
C ALA LF 55 -98.48 -67.45 -37.73
N ASP LF 56 -99.20 -66.33 -37.76
CA ASP LF 56 -100.65 -66.38 -37.86
C ASP LF 56 -101.11 -67.05 -39.15
N GLN LF 57 -100.27 -67.07 -40.18
CA GLN LF 57 -100.66 -67.70 -41.44
C GLN LF 57 -100.89 -69.19 -41.27
N CYS LF 58 -100.07 -69.85 -40.44
CA CYS LF 58 -100.22 -71.29 -40.24
C CYS LF 58 -101.61 -71.61 -39.70
N LEU LF 59 -102.11 -70.80 -38.76
CA LEU LF 59 -103.46 -71.01 -38.24
C LEU LF 59 -104.50 -70.88 -39.36
N ILE LF 60 -104.31 -69.90 -40.24
CA ILE LF 60 -105.24 -69.72 -41.35
C ILE LF 60 -105.26 -70.96 -42.24
N HIS LF 61 -104.07 -71.44 -42.61
CA HIS LF 61 -103.99 -72.69 -43.37
C HIS LF 61 -104.50 -73.86 -42.54
N LYS LF 62 -104.15 -73.89 -41.25
CA LYS LF 62 -104.61 -74.96 -40.39
C LYS LF 62 -106.13 -74.91 -40.22
N ALA LF 63 -106.69 -73.71 -40.16
CA ALA LF 63 -108.13 -73.57 -40.00
C ALA LF 63 -108.90 -74.19 -41.14
N THR LF 64 -108.30 -74.29 -42.33
CA THR LF 64 -108.99 -74.89 -43.47
C THR LF 64 -109.20 -76.39 -43.30
N LEU LF 65 -108.47 -77.03 -42.37
CA LEU LF 65 -108.64 -78.46 -42.15
C LEU LF 65 -110.07 -78.79 -41.75
N ASP LF 66 -110.75 -77.88 -41.05
CA ASP LF 66 -112.15 -78.11 -40.71
C ASP LF 66 -113.00 -78.25 -41.95
N PRO LF 78 -105.02 -82.66 -54.79
CA PRO LF 78 -103.83 -81.80 -54.80
C PRO LF 78 -104.00 -80.53 -54.01
N LEU LF 79 -105.21 -79.95 -54.01
CA LEU LF 79 -105.45 -78.73 -53.25
C LEU LF 79 -105.27 -78.97 -51.76
N ILE LF 80 -105.80 -80.09 -51.26
CA ILE LF 80 -105.67 -80.40 -49.85
C ILE LF 80 -104.23 -80.77 -49.51
N GLU LF 81 -103.59 -81.58 -50.37
CA GLU LF 81 -102.21 -81.98 -50.12
C GLU LF 81 -101.28 -80.78 -50.19
N ALA LF 82 -101.48 -79.89 -51.15
CA ALA LF 82 -100.56 -78.78 -51.35
C ALA LF 82 -100.48 -77.89 -50.11
N MET LF 83 -101.63 -77.60 -49.49
CA MET LF 83 -101.63 -76.73 -48.33
C MET LF 83 -100.80 -77.31 -47.19
N GLN LF 84 -100.91 -78.61 -46.97
CA GLN LF 84 -100.14 -79.24 -45.90
C GLN LF 84 -98.65 -79.09 -46.12
N GLN LF 85 -98.20 -79.21 -47.36
CA GLN LF 85 -96.78 -79.06 -47.66
C GLN LF 85 -96.29 -77.65 -47.34
N ILE LF 86 -97.12 -76.64 -47.62
CA ILE LF 86 -96.70 -75.26 -47.43
C ILE LF 86 -96.45 -74.98 -45.95
N ILE LF 87 -97.21 -75.60 -45.06
CA ILE LF 87 -97.06 -75.34 -43.63
C ILE LF 87 -95.64 -75.66 -43.19
N LEU LF 88 -95.07 -76.75 -43.71
CA LEU LF 88 -93.71 -77.10 -43.34
C LEU LF 88 -92.73 -76.01 -43.74
N ALA LF 89 -92.90 -75.46 -44.94
CA ALA LF 89 -91.99 -74.41 -45.42
C ALA LF 89 -92.07 -73.19 -44.52
N MET LF 90 -93.29 -72.76 -44.17
CA MET LF 90 -93.43 -71.59 -43.31
C MET LF 90 -92.88 -71.88 -41.91
N THR LF 91 -93.10 -73.10 -41.41
CA THR LF 91 -92.58 -73.44 -40.09
C THR LF 91 -91.07 -73.34 -40.05
N ARG LF 92 -90.40 -73.75 -41.13
CA ARG LF 92 -88.95 -73.64 -41.19
C ARG LF 92 -88.50 -72.19 -41.05
N GLU LF 93 -89.20 -71.28 -41.72
CA GLU LF 93 -88.84 -69.86 -41.62
C GLU LF 93 -89.02 -69.34 -40.20
N LEU LF 94 -90.08 -69.78 -39.53
CA LEU LF 94 -90.35 -69.30 -38.18
C LEU LF 94 -89.19 -69.63 -37.25
N TRP LF 95 -88.66 -70.84 -37.34
CA TRP LF 95 -87.60 -71.25 -36.43
C TRP LF 95 -86.35 -70.39 -36.62
N GLY LF 96 -86.01 -70.09 -37.87
CA GLY LF 96 -84.84 -69.27 -38.12
C GLY LF 96 -84.93 -67.91 -37.46
N GLN LF 97 -86.11 -67.29 -37.53
CA GLN LF 97 -86.29 -66.00 -36.87
C GLN LF 97 -86.12 -66.13 -35.36
N ILE LF 98 -86.64 -67.20 -34.78
CA ILE LF 98 -86.53 -67.40 -33.34
C ILE LF 98 -85.07 -67.50 -32.93
N GLN LF 99 -84.29 -68.30 -33.66
CA GLN LF 99 -82.87 -68.40 -33.38
C GLN LF 99 -82.15 -67.08 -33.67
N ARG LF 100 -82.62 -66.34 -34.68
CA ARG LF 100 -82.06 -65.02 -34.96
C ARG LF 100 -82.25 -64.07 -33.80
N HIS LF 101 -83.17 -64.37 -32.89
CA HIS LF 101 -83.42 -63.54 -31.71
C HIS LF 101 -82.80 -64.13 -30.45
N HIS LF 102 -82.96 -65.43 -30.21
CA HIS LF 102 -82.44 -66.06 -29.01
C HIS LF 102 -80.92 -66.09 -29.01
N TYR LF 103 -80.32 -66.78 -29.99
CA TYR LF 103 -78.88 -66.92 -30.07
C TYR LF 103 -78.26 -65.90 -31.02
N GLY LF 104 -78.58 -64.62 -30.79
CA GLY LF 104 -78.02 -63.60 -31.62
C GLY LF 104 -78.46 -63.76 -33.07
N ILE LF 105 -77.75 -63.04 -33.95
CA ILE LF 105 -78.01 -63.11 -35.39
C ILE LF 105 -76.71 -63.49 -36.10
N VAL LF 106 -75.57 -63.20 -35.47
CA VAL LF 106 -74.29 -63.54 -36.07
C VAL LF 106 -73.90 -64.97 -35.73
N GLN LF 107 -74.03 -65.34 -34.45
CA GLN LF 107 -73.68 -66.71 -34.03
C GLN LF 107 -74.58 -67.75 -34.67
N VAL LF 108 -75.78 -67.35 -35.14
CA VAL LF 108 -76.69 -68.31 -35.74
C VAL LF 108 -76.07 -68.92 -37.00
N GLU LF 109 -75.46 -68.08 -37.83
CA GLU LF 109 -74.86 -68.57 -39.07
C GLU LF 109 -73.80 -69.62 -38.80
N HIS LF 110 -72.97 -69.39 -37.77
CA HIS LF 110 -71.94 -70.37 -37.44
C HIS LF 110 -72.55 -71.71 -37.06
N TYR LF 111 -73.62 -71.69 -36.28
CA TYR LF 111 -74.26 -72.95 -35.87
C TYR LF 111 -74.80 -73.71 -37.07
N VAL LF 112 -75.55 -73.03 -37.94
CA VAL LF 112 -76.12 -73.70 -39.10
C VAL LF 112 -75.01 -74.16 -40.03
N LYS LF 113 -73.92 -73.40 -40.13
CA LYS LF 113 -72.79 -73.83 -40.93
C LYS LF 113 -72.29 -75.19 -40.49
N GLN LF 114 -72.16 -75.39 -39.18
CA GLN LF 114 -71.71 -76.68 -38.67
C GLN LF 114 -72.78 -77.75 -38.85
N ILE LF 115 -74.05 -77.38 -38.72
CA ILE LF 115 -75.13 -78.35 -38.88
C ILE LF 115 -75.06 -78.97 -40.28
N THR LF 116 -74.85 -78.14 -41.30
CA THR LF 116 -74.80 -78.66 -42.66
C THR LF 116 -73.67 -79.67 -42.83
N LEU LF 117 -72.49 -79.35 -42.29
CA LEU LF 117 -71.37 -80.27 -42.38
C LEU LF 117 -71.63 -81.54 -41.58
N TRP LF 118 -72.20 -81.40 -40.37
CA TRP LF 118 -72.41 -82.54 -39.50
C TRP LF 118 -73.43 -83.52 -40.06
N GLN LF 119 -74.31 -83.08 -40.94
CA GLN LF 119 -75.34 -83.94 -41.51
C GLN LF 119 -75.00 -84.43 -42.91
N ASP LF 120 -74.37 -83.58 -43.73
CA ASP LF 120 -74.06 -83.98 -45.10
C ASP LF 120 -73.07 -85.13 -45.14
N THR LF 121 -72.08 -85.13 -44.24
CA THR LF 121 -71.12 -86.21 -44.20
C THR LF 121 -71.82 -87.51 -43.80
N PRO LF 122 -71.30 -88.66 -44.22
CA PRO LF 122 -71.95 -89.93 -43.88
C PRO LF 122 -71.97 -90.14 -42.38
N GLN LF 123 -72.98 -90.88 -41.91
CA GLN LF 123 -73.18 -91.08 -40.48
C GLN LF 123 -71.97 -91.76 -39.83
N ALA LF 124 -71.15 -92.46 -40.62
CA ALA LF 124 -69.98 -93.13 -40.06
C ALA LF 124 -68.86 -92.17 -39.70
N PHE LF 125 -68.96 -90.90 -40.09
CA PHE LF 125 -67.91 -89.92 -39.84
C PHE LF 125 -68.37 -88.70 -39.05
N ARG LF 126 -69.67 -88.55 -38.82
CA ARG LF 126 -70.17 -87.33 -38.17
C ARG LF 126 -69.54 -87.15 -36.80
N GLY LF 127 -69.80 -88.08 -35.88
CA GLY LF 127 -69.30 -87.98 -34.53
C GLY LF 127 -70.38 -87.60 -33.54
N ASP LF 128 -70.36 -86.36 -33.06
CA ASP LF 128 -71.31 -85.86 -32.09
C ASP LF 128 -71.94 -84.58 -32.60
N GLN LF 129 -73.22 -84.40 -32.33
CA GLN LF 129 -73.92 -83.20 -32.76
C GLN LF 129 -73.31 -81.97 -32.09
N PRO LF 130 -73.05 -80.90 -32.84
CA PRO LF 130 -72.52 -79.67 -32.22
C PRO LF 130 -73.63 -78.90 -31.52
N LYS LF 131 -73.49 -78.73 -30.21
CA LYS LF 131 -74.52 -78.05 -29.43
C LYS LF 131 -74.63 -76.60 -29.87
N PRO LF 132 -75.85 -76.08 -30.05
CA PRO LF 132 -75.99 -74.68 -30.45
C PRO LF 132 -75.52 -73.76 -29.33
N PRO LF 133 -75.06 -72.55 -29.68
CA PRO LF 133 -74.62 -71.62 -28.63
C PRO LF 133 -75.78 -71.21 -27.74
N SER LF 134 -75.47 -70.91 -26.48
CA SER LF 134 -76.47 -70.53 -25.51
C SER LF 134 -76.93 -69.09 -25.77
N PHE LF 135 -77.80 -68.60 -24.90
CA PHE LF 135 -78.37 -67.26 -25.03
C PHE LF 135 -77.31 -66.24 -24.65
N THR MF 3 -49.40 -90.65 -64.86
CA THR MF 3 -47.95 -90.58 -64.72
C THR MF 3 -47.50 -89.26 -64.13
N PHE MF 4 -48.30 -88.19 -64.30
CA PHE MF 4 -47.93 -86.91 -63.71
C PHE MF 4 -47.85 -87.01 -62.19
N ILE MF 5 -48.79 -87.73 -61.58
CA ILE MF 5 -48.76 -87.90 -60.13
C ILE MF 5 -47.44 -88.53 -59.70
N GLU MF 6 -46.96 -89.50 -60.48
CA GLU MF 6 -45.65 -90.08 -60.22
C GLU MF 6 -44.56 -89.02 -60.29
N LEU MF 7 -44.64 -88.12 -61.28
CA LEU MF 7 -43.64 -87.08 -61.40
C LEU MF 7 -43.65 -86.16 -60.18
N VAL MF 8 -44.79 -86.08 -59.48
CA VAL MF 8 -44.87 -85.28 -58.27
C VAL MF 8 -44.81 -86.13 -57.00
N LYS MF 9 -45.09 -87.43 -57.10
CA LYS MF 9 -45.05 -88.28 -55.91
C LYS MF 9 -43.68 -88.25 -55.26
N ASN MF 10 -42.63 -87.98 -56.03
CA ASN MF 10 -41.29 -87.86 -55.48
C ASN MF 10 -40.99 -86.49 -54.90
N MET MF 11 -41.85 -85.49 -55.17
CA MET MF 11 -41.61 -84.16 -54.64
C MET MF 11 -41.74 -84.15 -53.12
N LYS MF 12 -40.96 -83.27 -52.49
CA LYS MF 12 -40.96 -83.19 -51.04
C LYS MF 12 -42.33 -82.78 -50.50
N GLY MF 13 -42.98 -81.80 -51.14
CA GLY MF 13 -44.22 -81.28 -50.65
C GLY MF 13 -45.45 -81.98 -51.19
N TYR MF 14 -45.24 -83.09 -51.91
CA TYR MF 14 -46.36 -83.84 -52.46
C TYR MF 14 -47.21 -84.43 -51.34
N LYS MF 15 -48.53 -84.40 -51.54
CA LYS MF 15 -49.47 -84.89 -50.54
C LYS MF 15 -50.58 -85.67 -51.23
N GLU MF 16 -51.17 -86.60 -50.48
CA GLU MF 16 -52.30 -87.39 -50.97
C GLU MF 16 -53.59 -86.62 -50.68
N LEU MF 17 -53.85 -85.63 -51.53
CA LEU MF 17 -55.05 -84.81 -51.38
C LEU MF 17 -56.32 -85.60 -51.65
N LEU MF 18 -56.22 -86.73 -52.33
CA LEU MF 18 -57.38 -87.56 -52.66
C LEU MF 18 -57.84 -88.28 -51.39
N LEU MF 19 -58.90 -87.76 -50.77
CA LEU MF 19 -59.39 -88.34 -49.54
C LEU MF 19 -60.13 -89.64 -49.82
N PRO MF 20 -60.36 -90.46 -48.80
CA PRO MF 20 -61.04 -91.74 -49.03
C PRO MF 20 -62.41 -91.53 -49.66
N MET MF 21 -62.78 -92.47 -50.53
CA MET MF 21 -64.06 -92.39 -51.22
C MET MF 21 -65.22 -92.42 -50.22
N GLU MF 22 -65.13 -93.29 -49.22
CA GLU MF 22 -66.20 -93.36 -48.23
C GLU MF 22 -66.32 -92.06 -47.46
N MET MF 23 -65.22 -91.32 -47.30
CA MET MF 23 -65.24 -90.11 -46.50
C MET MF 23 -66.14 -89.05 -47.13
N VAL MF 24 -66.07 -88.89 -48.45
CA VAL MF 24 -66.80 -87.82 -49.14
C VAL MF 24 -68.26 -88.24 -49.34
N PRO MF 25 -69.18 -87.28 -49.43
CA PRO MF 25 -70.58 -87.63 -49.68
C PRO MF 25 -70.87 -87.82 -51.17
N LEU MF 26 -72.15 -88.00 -51.52
CA LEU MF 26 -72.52 -88.18 -52.90
C LEU MF 26 -72.27 -86.89 -53.70
N PRO MF 27 -72.13 -87.00 -55.02
CA PRO MF 27 -71.80 -85.79 -55.81
C PRO MF 27 -72.80 -84.66 -55.65
N ALA MF 28 -74.10 -84.98 -55.53
CA ALA MF 28 -75.11 -83.94 -55.48
C ALA MF 28 -74.93 -83.04 -54.26
N VAL MF 29 -74.61 -83.64 -53.10
CA VAL MF 29 -74.48 -82.86 -51.88
C VAL MF 29 -73.28 -81.93 -51.96
N VAL MF 30 -72.18 -82.39 -52.59
CA VAL MF 30 -70.97 -81.58 -52.66
C VAL MF 30 -71.25 -80.28 -53.40
N LEU MF 31 -72.00 -80.36 -54.51
CA LEU MF 31 -72.31 -79.17 -55.29
C LEU MF 31 -72.98 -78.11 -54.43
N LYS MF 32 -73.75 -78.53 -53.42
CA LYS MF 32 -74.41 -77.57 -52.54
C LYS MF 32 -73.39 -76.71 -51.81
N HIS MF 33 -72.32 -77.33 -51.30
CA HIS MF 33 -71.32 -76.58 -50.55
C HIS MF 33 -70.52 -75.65 -51.45
N VAL MF 34 -70.38 -75.99 -52.74
CA VAL MF 34 -69.63 -75.13 -53.65
C VAL MF 34 -70.31 -73.78 -53.77
N LYS MF 35 -71.64 -73.77 -53.91
CA LYS MF 35 -72.36 -72.50 -53.95
C LYS MF 35 -72.21 -71.77 -52.63
N LEU MF 36 -72.32 -72.48 -51.51
CA LEU MF 36 -72.26 -71.84 -50.20
C LEU MF 36 -70.87 -71.27 -49.94
N ILE MF 37 -69.82 -72.01 -50.26
CA ILE MF 37 -68.47 -71.54 -50.00
C ILE MF 37 -68.11 -70.39 -50.94
N LEU MF 38 -68.44 -70.52 -52.23
CA LEU MF 38 -68.18 -69.44 -53.17
C LEU MF 38 -68.98 -68.20 -52.80
N THR MF 39 -70.25 -68.37 -52.45
CA THR MF 39 -71.08 -67.23 -52.07
C THR MF 39 -70.54 -66.54 -50.83
N SER MF 40 -70.18 -67.33 -49.81
CA SER MF 40 -69.68 -66.74 -48.57
C SER MF 40 -68.39 -65.99 -48.79
N GLN MF 41 -67.46 -66.56 -49.57
CA GLN MF 41 -66.18 -65.92 -49.80
C GLN MF 41 -66.35 -64.65 -50.63
N LYS MF 42 -65.56 -63.63 -50.30
CA LYS MF 42 -65.66 -62.33 -50.94
C LYS MF 42 -64.42 -61.98 -51.75
N GLU MF 43 -63.23 -62.06 -51.16
CA GLU MF 43 -62.02 -61.69 -51.88
C GLU MF 43 -61.82 -62.61 -53.08
N HIS MF 44 -61.41 -62.02 -54.20
CA HIS MF 44 -61.23 -62.75 -55.44
C HIS MF 44 -59.81 -63.27 -55.53
N GLN MF 45 -59.66 -64.58 -55.64
CA GLN MF 45 -58.39 -65.25 -55.86
C GLN MF 45 -58.56 -66.27 -56.97
N PRO MF 46 -57.46 -66.68 -57.61
CA PRO MF 46 -57.59 -67.62 -58.73
C PRO MF 46 -58.19 -68.96 -58.35
N TRP MF 47 -58.09 -69.38 -57.10
CA TRP MF 47 -58.58 -70.71 -56.73
C TRP MF 47 -60.09 -70.80 -56.90
N MET MF 48 -60.83 -69.78 -56.47
CA MET MF 48 -62.28 -69.81 -56.63
C MET MF 48 -62.66 -69.79 -58.10
N THR MF 49 -61.94 -69.01 -58.92
CA THR MF 49 -62.22 -69.01 -60.35
C THR MF 49 -62.00 -70.39 -60.95
N GLU MF 50 -60.91 -71.05 -60.58
CA GLU MF 50 -60.65 -72.40 -61.05
C GLU MF 50 -61.51 -73.43 -60.33
N MET MF 51 -61.89 -73.16 -59.08
CA MET MF 51 -62.72 -74.09 -58.33
C MET MF 51 -64.07 -74.28 -59.00
N ALA MF 52 -64.67 -73.18 -59.47
CA ALA MF 52 -65.96 -73.28 -60.14
C ALA MF 52 -65.84 -74.11 -61.42
N LEU MF 53 -64.79 -73.89 -62.19
CA LEU MF 53 -64.62 -74.61 -63.44
C LEU MF 53 -64.50 -76.12 -63.21
N LYS MF 54 -63.75 -76.51 -62.18
CA LYS MF 54 -63.59 -77.93 -61.89
C LYS MF 54 -64.92 -78.58 -61.54
N ALA MF 55 -65.75 -77.88 -60.76
CA ALA MF 55 -67.04 -78.42 -60.38
C ALA MF 55 -68.03 -78.41 -61.54
N ASP MF 56 -67.85 -77.47 -62.48
CA ASP MF 56 -68.80 -77.35 -63.59
C ASP MF 56 -68.83 -78.62 -64.42
N GLN MF 57 -67.67 -79.24 -64.65
CA GLN MF 57 -67.62 -80.42 -65.51
C GLN MF 57 -68.56 -81.51 -65.00
N CYS MF 58 -68.68 -81.65 -63.67
CA CYS MF 58 -69.56 -82.68 -63.13
C CYS MF 58 -71.00 -82.47 -63.57
N LEU MF 59 -71.44 -81.23 -63.70
CA LEU MF 59 -72.81 -80.97 -64.12
C LEU MF 59 -73.08 -81.51 -65.52
N ILE MF 60 -72.12 -81.34 -66.43
CA ILE MF 60 -72.32 -81.82 -67.80
C ILE MF 60 -72.49 -83.33 -67.81
N HIS MF 61 -71.68 -84.03 -67.03
CA HIS MF 61 -71.78 -85.49 -66.98
C HIS MF 61 -73.13 -85.93 -66.44
N LYS MF 62 -73.71 -85.16 -65.52
CA LYS MF 62 -75.04 -85.50 -65.00
C LYS MF 62 -76.06 -85.57 -66.13
N ALA MF 63 -76.10 -84.54 -66.98
CA ALA MF 63 -77.03 -84.54 -68.10
C ALA MF 63 -76.58 -85.44 -69.23
N THR MF 64 -75.27 -85.57 -69.44
CA THR MF 64 -74.77 -86.43 -70.50
C THR MF 64 -75.25 -87.86 -70.33
N LEU MF 65 -75.09 -88.41 -69.11
CA LEU MF 65 -75.57 -89.75 -68.85
C LEU MF 65 -77.09 -89.78 -68.69
N PRO MF 78 -68.27 -100.40 -70.96
CA PRO MF 78 -67.04 -99.83 -70.37
C PRO MF 78 -67.01 -98.32 -70.41
N LEU MF 79 -67.56 -97.71 -71.45
CA LEU MF 79 -67.55 -96.25 -71.56
C LEU MF 79 -68.41 -95.62 -70.47
N ILE MF 80 -69.65 -96.09 -70.32
CA ILE MF 80 -70.54 -95.50 -69.34
C ILE MF 80 -70.03 -95.76 -67.92
N GLU MF 81 -69.55 -96.97 -67.66
CA GLU MF 81 -69.09 -97.31 -66.31
C GLU MF 81 -67.91 -96.43 -65.91
N ALA MF 82 -66.99 -96.17 -66.85
CA ALA MF 82 -65.83 -95.33 -66.53
C ALA MF 82 -66.26 -93.93 -66.14
N MET MF 83 -67.25 -93.37 -66.82
CA MET MF 83 -67.71 -92.03 -66.50
C MET MF 83 -68.23 -91.96 -65.07
N GLN MF 84 -68.93 -93.00 -64.62
CA GLN MF 84 -69.43 -93.01 -63.24
C GLN MF 84 -68.28 -92.90 -62.25
N GLN MF 85 -67.20 -93.63 -62.48
CA GLN MF 85 -66.03 -93.52 -61.61
C GLN MF 85 -65.35 -92.17 -61.76
N ILE MF 86 -65.37 -91.60 -62.97
CA ILE MF 86 -64.73 -90.31 -63.20
C ILE MF 86 -65.41 -89.22 -62.37
N ILE MF 87 -66.74 -89.24 -62.31
CA ILE MF 87 -67.46 -88.25 -61.54
C ILE MF 87 -67.04 -88.31 -60.08
N LEU MF 88 -66.95 -89.53 -59.53
CA LEU MF 88 -66.52 -89.67 -58.14
C LEU MF 88 -65.09 -89.20 -57.95
N ALA MF 89 -64.25 -89.31 -58.99
CA ALA MF 89 -62.87 -88.85 -58.88
C ALA MF 89 -62.81 -87.35 -58.62
N MET MF 90 -63.65 -86.58 -59.32
CA MET MF 90 -63.63 -85.14 -59.13
C MET MF 90 -64.22 -84.75 -57.78
N THR MF 91 -65.19 -85.52 -57.28
CA THR MF 91 -65.80 -85.21 -55.99
C THR MF 91 -64.76 -85.23 -54.87
N ARG MF 92 -63.88 -86.23 -54.88
CA ARG MF 92 -62.83 -86.29 -53.87
C ARG MF 92 -61.93 -85.07 -53.95
N GLU MF 93 -61.56 -84.66 -55.17
CA GLU MF 93 -60.73 -83.48 -55.34
C GLU MF 93 -61.44 -82.22 -54.85
N LEU MF 94 -62.73 -82.10 -55.17
CA LEU MF 94 -63.47 -80.91 -54.76
C LEU MF 94 -63.59 -80.82 -53.25
N TRP MF 95 -63.89 -81.94 -52.59
CA TRP MF 95 -64.07 -81.91 -51.14
C TRP MF 95 -62.79 -81.50 -50.43
N GLY MF 96 -61.63 -81.78 -51.03
CA GLY MF 96 -60.39 -81.37 -50.40
C GLY MF 96 -60.27 -79.87 -50.28
N GLN MF 97 -60.57 -79.15 -51.36
CA GLN MF 97 -60.53 -77.69 -51.32
C GLN MF 97 -61.56 -77.15 -50.34
N ILE MF 98 -62.72 -77.79 -50.26
CA ILE MF 98 -63.76 -77.35 -49.33
C ILE MF 98 -63.24 -77.42 -47.90
N GLN MF 99 -62.68 -78.57 -47.52
CA GLN MF 99 -62.21 -78.75 -46.14
C GLN MF 99 -60.97 -77.88 -45.88
N ARG MF 100 -60.05 -77.82 -46.83
CA ARG MF 100 -58.85 -77.01 -46.62
C ARG MF 100 -59.19 -75.54 -46.48
N HIS MF 101 -60.13 -75.04 -47.28
CA HIS MF 101 -60.51 -73.64 -47.19
C HIS MF 101 -61.21 -73.34 -45.86
N HIS MF 102 -62.13 -74.21 -45.44
CA HIS MF 102 -62.86 -73.97 -44.19
C HIS MF 102 -61.93 -74.03 -43.00
N TYR MF 103 -61.16 -75.12 -42.88
CA TYR MF 103 -60.27 -75.30 -41.73
C TYR MF 103 -58.85 -74.86 -42.04
N GLY MF 104 -58.22 -75.47 -43.04
CA GLY MF 104 -56.85 -75.17 -43.38
C GLY MF 104 -56.20 -76.34 -44.07
N ILE MF 105 -55.12 -76.03 -44.79
CA ILE MF 105 -54.42 -77.07 -45.56
C ILE MF 105 -53.80 -78.10 -44.62
N VAL MF 106 -53.14 -77.63 -43.56
CA VAL MF 106 -52.44 -78.55 -42.67
C VAL MF 106 -53.44 -79.41 -41.90
N GLN MF 107 -54.55 -78.82 -41.46
CA GLN MF 107 -55.49 -79.54 -40.62
C GLN MF 107 -56.07 -80.75 -41.36
N VAL MF 108 -56.44 -80.57 -42.63
CA VAL MF 108 -56.98 -81.69 -43.40
C VAL MF 108 -55.93 -82.78 -43.54
N GLU MF 109 -54.71 -82.41 -43.91
CA GLU MF 109 -53.64 -83.39 -43.99
C GLU MF 109 -53.37 -84.04 -42.63
N HIS MF 110 -53.55 -83.27 -41.55
CA HIS MF 110 -53.33 -83.80 -40.21
C HIS MF 110 -54.47 -84.69 -39.75
N TYR MF 111 -55.70 -84.34 -40.11
CA TYR MF 111 -56.88 -85.04 -39.61
C TYR MF 111 -57.28 -86.24 -40.45
N VAL MF 112 -56.98 -86.22 -41.76
CA VAL MF 112 -57.44 -87.30 -42.63
C VAL MF 112 -56.87 -88.64 -42.18
N LYS MF 113 -55.59 -88.66 -41.83
CA LYS MF 113 -54.95 -89.93 -41.46
C LYS MF 113 -55.56 -90.49 -40.19
N GLN MF 114 -55.92 -89.63 -39.23
CA GLN MF 114 -56.41 -90.11 -37.94
C GLN MF 114 -57.65 -90.98 -38.12
N ILE MF 115 -58.60 -90.53 -38.92
CA ILE MF 115 -59.84 -91.29 -39.09
C ILE MF 115 -59.56 -92.60 -39.81
N THR MF 116 -58.63 -92.59 -40.76
CA THR MF 116 -58.30 -93.82 -41.47
C THR MF 116 -57.76 -94.88 -40.51
N LEU MF 117 -56.92 -94.47 -39.57
CA LEU MF 117 -56.39 -95.40 -38.59
C LEU MF 117 -57.51 -95.98 -37.73
N TRP MF 118 -58.46 -95.14 -37.31
CA TRP MF 118 -59.55 -95.62 -36.47
C TRP MF 118 -60.35 -96.71 -37.17
N GLN MF 119 -60.36 -96.70 -38.51
CA GLN MF 119 -61.08 -97.73 -39.25
C GLN MF 119 -60.23 -98.99 -39.40
N ASP MF 120 -59.00 -98.83 -39.85
CA ASP MF 120 -58.10 -99.98 -40.08
C ASP MF 120 -57.56 -100.43 -38.73
N THR MF 121 -58.43 -101.11 -37.98
CA THR MF 121 -58.09 -101.61 -36.66
C THR MF 121 -59.06 -102.74 -36.32
N PRO MF 122 -58.66 -103.72 -35.51
CA PRO MF 122 -59.56 -104.85 -35.25
C PRO MF 122 -60.78 -104.47 -34.42
N GLN MF 123 -61.71 -103.77 -35.05
CA GLN MF 123 -63.02 -103.44 -34.47
C GLN MF 123 -62.96 -103.12 -32.98
N ALA MF 124 -62.68 -104.12 -32.15
CA ALA MF 124 -62.81 -103.94 -30.70
C ALA MF 124 -61.96 -102.78 -30.22
N PHE MF 125 -60.67 -102.78 -30.54
CA PHE MF 125 -59.78 -101.70 -30.14
C PHE MF 125 -59.68 -100.64 -31.23
N ARG MF 126 -60.84 -100.18 -31.72
CA ARG MF 126 -60.83 -99.19 -32.80
C ARG MF 126 -60.30 -97.84 -32.30
N GLY MF 127 -60.65 -97.47 -31.08
CA GLY MF 127 -60.21 -96.20 -30.52
C GLY MF 127 -61.28 -95.53 -29.68
N ASP MF 128 -61.52 -94.25 -29.91
CA ASP MF 128 -62.52 -93.49 -29.16
C ASP MF 128 -63.32 -92.58 -30.08
N GLN MF 129 -63.51 -92.97 -31.33
CA GLN MF 129 -64.28 -92.17 -32.28
C GLN MF 129 -63.65 -90.78 -32.38
N PRO MF 130 -62.49 -90.66 -33.02
CA PRO MF 130 -61.78 -89.37 -33.00
C PRO MF 130 -62.66 -88.23 -33.48
N LYS MF 131 -62.60 -87.12 -32.75
CA LYS MF 131 -63.45 -85.98 -33.05
C LYS MF 131 -62.97 -85.29 -34.33
N PRO MF 132 -63.88 -84.72 -35.12
CA PRO MF 132 -63.48 -83.95 -36.29
C PRO MF 132 -62.83 -82.65 -35.87
N PRO MF 133 -62.04 -82.02 -36.76
CA PRO MF 133 -61.32 -80.81 -36.35
C PRO MF 133 -62.27 -79.70 -35.95
N THR NF 3 -49.36 -78.23 88.18
CA THR NF 3 -49.46 -76.83 88.57
C THR NF 3 -48.72 -75.91 87.61
N PHE NF 4 -47.52 -76.33 87.17
CA PHE NF 4 -46.72 -75.47 86.30
C PHE NF 4 -47.43 -75.18 84.99
N ILE NF 5 -48.03 -76.21 84.39
CA ILE NF 5 -48.68 -76.02 83.09
C ILE NF 5 -49.80 -74.99 83.20
N GLU NF 6 -50.52 -75.01 84.33
CA GLU NF 6 -51.54 -73.99 84.56
C GLU NF 6 -50.93 -72.60 84.53
N LEU NF 7 -49.75 -72.42 85.12
CA LEU NF 7 -49.10 -71.12 85.12
C LEU NF 7 -48.74 -70.69 83.71
N VAL NF 8 -48.25 -71.62 82.89
CA VAL NF 8 -47.83 -71.27 81.54
C VAL NF 8 -49.05 -70.90 80.69
N LYS NF 9 -50.16 -71.62 80.86
CA LYS NF 9 -51.36 -71.30 80.10
C LYS NF 9 -51.80 -69.86 80.34
N ASN NF 10 -51.45 -69.30 81.51
CA ASN NF 10 -51.74 -67.91 81.81
C ASN NF 10 -50.65 -67.01 81.24
N MET NF 11 -50.47 -67.11 79.92
CA MET NF 11 -49.45 -66.34 79.22
C MET NF 11 -49.98 -65.92 77.86
N LYS NF 12 -49.34 -64.90 77.29
CA LYS NF 12 -49.78 -64.29 76.05
C LYS NF 12 -49.08 -64.93 74.85
N GLY NF 13 -49.84 -65.16 73.79
CA GLY NF 13 -49.33 -65.86 72.64
C GLY NF 13 -49.33 -67.36 72.77
N TYR NF 14 -50.05 -67.92 73.75
CA TYR NF 14 -50.06 -69.36 73.99
C TYR NF 14 -51.00 -70.03 73.00
N LYS NF 15 -50.44 -70.84 72.12
CA LYS NF 15 -51.21 -71.61 71.15
C LYS NF 15 -51.12 -73.08 71.53
N GLU NF 16 -52.28 -73.70 71.78
CA GLU NF 16 -52.30 -75.09 72.18
C GLU NF 16 -51.88 -75.99 71.02
N LEU NF 17 -51.21 -77.09 71.36
CA LEU NF 17 -50.71 -78.01 70.35
C LEU NF 17 -50.92 -79.48 70.71
N LEU NF 18 -51.73 -79.77 71.72
CA LEU NF 18 -51.96 -81.14 72.18
C LEU NF 18 -53.41 -81.51 71.94
N LEU NF 19 -53.64 -82.66 71.33
CA LEU NF 19 -54.98 -83.16 71.07
C LEU NF 19 -55.55 -83.84 72.30
N PRO NF 20 -56.87 -84.05 72.33
CA PRO NF 20 -57.46 -84.78 73.46
C PRO NF 20 -56.90 -86.19 73.55
N MET NF 21 -56.84 -86.69 74.80
CA MET NF 21 -56.32 -88.03 75.04
C MET NF 21 -57.10 -89.09 74.27
N GLU NF 22 -58.37 -88.81 73.97
CA GLU NF 22 -59.23 -89.78 73.30
C GLU NF 22 -58.96 -89.86 71.80
N MET NF 23 -58.17 -88.95 71.24
CA MET NF 23 -57.92 -88.93 69.80
C MET NF 23 -56.50 -89.34 69.43
N VAL NF 24 -55.54 -89.23 70.34
CA VAL NF 24 -54.15 -89.57 70.03
C VAL NF 24 -54.06 -91.07 69.78
N PRO NF 25 -53.14 -91.54 68.96
CA PRO NF 25 -53.03 -92.97 68.70
C PRO NF 25 -52.62 -93.73 69.95
N LEU NF 26 -52.66 -95.05 69.84
CA LEU NF 26 -52.14 -95.89 70.91
C LEU NF 26 -50.63 -95.74 71.01
N PRO NF 27 -50.06 -95.95 72.20
CA PRO NF 27 -48.61 -95.74 72.35
C PRO NF 27 -47.78 -96.56 71.39
N ALA NF 28 -48.21 -97.78 71.07
CA ALA NF 28 -47.46 -98.61 70.15
C ALA NF 28 -47.38 -97.97 68.76
N VAL NF 29 -48.49 -97.37 68.31
CA VAL NF 29 -48.52 -96.77 66.98
C VAL NF 29 -47.58 -95.57 66.91
N VAL NF 30 -47.51 -94.79 67.99
CA VAL NF 30 -46.71 -93.57 67.95
C VAL NF 30 -45.25 -93.90 67.70
N LEU NF 31 -44.74 -94.93 68.37
CA LEU NF 31 -43.34 -95.29 68.21
C LEU NF 31 -42.99 -95.57 66.76
N LYS NF 32 -43.95 -96.06 65.98
CA LYS NF 32 -43.69 -96.37 64.58
C LYS NF 32 -43.28 -95.13 63.81
N HIS NF 33 -43.98 -94.02 64.02
CA HIS NF 33 -43.61 -92.79 63.34
C HIS NF 33 -42.28 -92.24 63.82
N VAL NF 34 -41.91 -92.53 65.07
CA VAL NF 34 -40.65 -92.03 65.60
C VAL NF 34 -39.49 -92.57 64.79
N LYS NF 35 -39.51 -93.88 64.50
CA LYS NF 35 -38.41 -94.48 63.75
C LYS NF 35 -38.31 -93.87 62.35
N LEU NF 36 -39.44 -93.68 61.69
CA LEU NF 36 -39.42 -93.11 60.34
C LEU NF 36 -38.93 -91.67 60.39
N ILE NF 37 -39.48 -90.86 61.28
CA ILE NF 37 -39.12 -89.45 61.34
C ILE NF 37 -37.66 -89.29 61.74
N LEU NF 38 -37.23 -90.03 62.76
CA LEU NF 38 -35.84 -89.98 63.18
C LEU NF 38 -34.91 -90.48 62.07
N THR NF 39 -35.19 -91.67 61.55
CA THR NF 39 -34.28 -92.28 60.59
C THR NF 39 -34.35 -91.59 59.25
N SER NF 40 -35.56 -91.30 58.77
CA SER NF 40 -35.74 -90.64 57.47
C SER NF 40 -35.58 -89.12 57.65
N GLN NF 41 -34.38 -88.74 58.06
CA GLN NF 41 -34.05 -87.34 58.26
C GLN NF 41 -32.60 -87.10 57.92
N LYS NF 42 -32.30 -85.88 57.48
CA LYS NF 42 -30.95 -85.47 57.11
C LYS NF 42 -30.63 -84.17 57.82
N GLU NF 43 -29.34 -83.97 58.12
CA GLU NF 43 -28.86 -82.78 58.83
C GLU NF 43 -29.55 -82.66 60.19
N HIS NF 44 -29.25 -83.65 61.03
CA HIS NF 44 -29.85 -83.76 62.36
C HIS NF 44 -29.97 -82.39 63.02
N GLN NF 45 -31.13 -82.15 63.61
CA GLN NF 45 -31.47 -80.90 64.25
C GLN NF 45 -31.72 -81.11 65.74
N PRO NF 46 -31.62 -80.05 66.55
CA PRO NF 46 -31.73 -80.24 68.01
C PRO NF 46 -33.03 -80.90 68.44
N TRP NF 47 -34.15 -80.58 67.80
CA TRP NF 47 -35.43 -81.13 68.22
C TRP NF 47 -35.50 -82.64 68.03
N MET NF 48 -34.66 -83.20 67.15
CA MET NF 48 -34.66 -84.65 66.97
C MET NF 48 -34.22 -85.35 68.26
N THR NF 49 -33.22 -84.80 68.94
CA THR NF 49 -32.75 -85.41 70.18
C THR NF 49 -33.85 -85.42 71.23
N GLU NF 50 -34.61 -84.33 71.33
CA GLU NF 50 -35.68 -84.25 72.33
C GLU NF 50 -36.72 -85.34 72.09
N MET NF 51 -37.07 -85.60 70.83
CA MET NF 51 -38.07 -86.61 70.54
C MET NF 51 -37.62 -87.99 71.02
N ALA NF 52 -36.36 -88.34 70.77
CA ALA NF 52 -35.88 -89.66 71.14
C ALA NF 52 -35.87 -89.85 72.65
N LEU NF 53 -35.46 -88.82 73.39
CA LEU NF 53 -35.36 -88.94 74.83
C LEU NF 53 -36.71 -89.25 75.45
N LYS NF 54 -37.76 -88.55 75.01
CA LYS NF 54 -39.09 -88.80 75.55
C LYS NF 54 -39.59 -90.18 75.15
N ALA NF 55 -39.23 -90.64 73.96
CA ALA NF 55 -39.74 -91.92 73.47
C ALA NF 55 -39.32 -93.07 74.38
N ASP NF 56 -38.05 -93.09 74.79
CA ASP NF 56 -37.58 -94.18 75.63
C ASP NF 56 -38.29 -94.20 76.97
N GLN NF 57 -38.76 -93.04 77.44
CA GLN NF 57 -39.44 -93.00 78.73
C GLN NF 57 -40.71 -93.83 78.70
N CYS NF 58 -41.48 -93.74 77.61
CA CYS NF 58 -42.69 -94.55 77.50
C CYS NF 58 -42.37 -96.03 77.53
N LEU NF 59 -41.29 -96.44 76.85
CA LEU NF 59 -40.89 -97.84 76.88
C LEU NF 59 -40.50 -98.26 78.29
N ILE NF 60 -39.79 -97.39 79.03
CA ILE NF 60 -39.40 -97.73 80.39
C ILE NF 60 -40.63 -97.95 81.25
N HIS NF 61 -41.60 -97.03 81.19
CA HIS NF 61 -42.84 -97.23 81.93
C HIS NF 61 -43.60 -98.44 81.40
N LYS NF 62 -43.62 -98.62 80.07
CA LYS NF 62 -44.31 -99.76 79.49
C LYS NF 62 -43.68 -101.07 79.95
N ALA NF 63 -42.34 -101.12 79.99
CA ALA NF 63 -41.64 -102.30 80.46
C ALA NF 63 -41.77 -102.51 81.97
N THR NF 64 -42.30 -101.53 82.69
CA THR NF 64 -42.43 -101.63 84.14
C THR NF 64 -43.71 -102.34 84.57
N LEU NF 65 -44.76 -102.31 83.74
CA LEU NF 65 -46.02 -102.93 84.13
C LEU NF 65 -45.89 -104.43 84.28
N ASP NF 66 -45.09 -105.08 83.42
CA ASP NF 66 -44.93 -106.53 83.52
C ASP NF 66 -44.41 -106.95 84.89
N PRO NF 78 -53.09 -98.52 93.78
CA PRO NF 78 -52.79 -97.23 93.12
C PRO NF 78 -51.41 -97.17 92.52
N LEU NF 79 -50.38 -97.52 93.28
CA LEU NF 79 -49.01 -97.33 92.82
C LEU NF 79 -48.75 -98.13 91.55
N ILE NF 80 -49.19 -99.39 91.51
CA ILE NF 80 -48.98 -100.22 90.32
C ILE NF 80 -49.70 -99.62 89.12
N GLU NF 81 -50.95 -99.21 89.31
CA GLU NF 81 -51.74 -98.64 88.23
C GLU NF 81 -51.47 -97.16 88.00
N ALA NF 82 -50.81 -96.48 88.95
CA ALA NF 82 -50.57 -95.05 88.80
C ALA NF 82 -49.68 -94.75 87.60
N MET NF 83 -48.63 -95.55 87.40
CA MET NF 83 -47.71 -95.30 86.29
C MET NF 83 -48.41 -95.37 84.95
N GLN NF 84 -49.47 -96.19 84.84
CA GLN NF 84 -50.17 -96.33 83.58
C GLN NF 84 -50.77 -94.99 83.13
N GLN NF 85 -51.12 -94.12 84.08
CA GLN NF 85 -51.69 -92.83 83.72
C GLN NF 85 -50.68 -91.99 82.94
N ILE NF 86 -49.42 -92.01 83.36
CA ILE NF 86 -48.41 -91.19 82.70
C ILE NF 86 -48.16 -91.70 81.28
N ILE NF 87 -48.23 -93.00 81.08
CA ILE NF 87 -47.95 -93.57 79.76
C ILE NF 87 -48.88 -92.94 78.72
N LEU NF 88 -50.17 -92.89 79.01
CA LEU NF 88 -51.12 -92.27 78.09
C LEU NF 88 -50.81 -90.79 77.90
N ALA NF 89 -50.48 -90.10 79.00
CA ALA NF 89 -50.16 -88.68 78.91
C ALA NF 89 -48.91 -88.45 78.07
N MET NF 90 -47.89 -89.30 78.25
CA MET NF 90 -46.64 -89.10 77.53
C MET NF 90 -46.86 -89.09 76.02
N THR NF 91 -47.79 -89.94 75.54
CA THR NF 91 -48.08 -89.97 74.12
C THR NF 91 -48.63 -88.63 73.63
N ARG NF 92 -49.51 -88.01 74.43
CA ARG NF 92 -50.15 -86.76 74.01
C ARG NF 92 -49.10 -85.69 73.73
N GLU NF 93 -48.12 -85.54 74.62
CA GLU NF 93 -47.04 -84.60 74.36
C GLU NF 93 -46.16 -85.09 73.23
N LEU NF 94 -45.90 -86.40 73.18
CA LEU NF 94 -45.05 -86.94 72.13
C LEU NF 94 -45.68 -86.78 70.75
N TRP NF 95 -46.99 -87.05 70.64
CA TRP NF 95 -47.65 -86.94 69.35
C TRP NF 95 -47.66 -85.51 68.84
N GLY NF 96 -47.56 -84.53 69.75
CA GLY NF 96 -47.57 -83.15 69.32
C GLY NF 96 -46.37 -82.80 68.44
N GLN NF 97 -45.21 -83.35 68.77
CA GLN NF 97 -44.03 -83.09 67.96
C GLN NF 97 -44.11 -83.79 66.61
N ILE NF 98 -44.77 -84.94 66.54
CA ILE NF 98 -44.90 -85.66 65.28
C ILE NF 98 -45.62 -84.79 64.26
N GLN NF 99 -46.74 -84.19 64.66
CA GLN NF 99 -47.51 -83.37 63.73
C GLN NF 99 -46.74 -82.12 63.32
N ARG NF 100 -45.92 -81.57 64.21
CA ARG NF 100 -45.12 -80.42 63.84
C ARG NF 100 -44.16 -80.76 62.71
N HIS NF 101 -43.52 -81.93 62.78
CA HIS NF 101 -42.61 -82.34 61.71
C HIS NF 101 -43.38 -82.60 60.42
N HIS NF 102 -44.50 -83.33 60.51
CA HIS NF 102 -45.26 -83.66 59.32
C HIS NF 102 -45.97 -82.43 58.75
N TYR NF 103 -46.87 -81.85 59.54
CA TYR NF 103 -47.66 -80.72 59.05
C TYR NF 103 -46.90 -79.40 59.18
N GLY NF 104 -46.53 -79.03 60.40
CA GLY NF 104 -45.90 -77.76 60.67
C GLY NF 104 -46.54 -77.15 61.91
N ILE NF 105 -45.75 -76.36 62.63
CA ILE NF 105 -46.23 -75.80 63.89
C ILE NF 105 -47.43 -74.89 63.65
N VAL NF 106 -47.35 -74.02 62.63
CA VAL NF 106 -48.41 -73.06 62.39
C VAL NF 106 -49.72 -73.78 62.05
N GLN NF 107 -49.65 -74.76 61.16
CA GLN NF 107 -50.86 -75.45 60.74
C GLN NF 107 -51.50 -76.21 61.90
N VAL NF 108 -50.68 -76.78 62.79
CA VAL NF 108 -51.23 -77.57 63.89
C VAL NF 108 -52.11 -76.71 64.77
N GLU NF 109 -51.67 -75.49 65.08
CA GLU NF 109 -52.45 -74.61 65.94
C GLU NF 109 -53.88 -74.47 65.43
N HIS NF 110 -54.03 -74.20 64.13
CA HIS NF 110 -55.36 -74.07 63.55
C HIS NF 110 -56.12 -75.39 63.66
N TYR NF 111 -55.45 -76.51 63.39
CA TYR NF 111 -56.15 -77.79 63.40
C TYR NF 111 -56.71 -78.12 64.78
N VAL NF 112 -55.93 -77.86 65.83
CA VAL NF 112 -56.39 -78.21 67.18
C VAL NF 112 -57.64 -77.44 67.54
N LYS NF 113 -57.62 -76.12 67.30
CA LYS NF 113 -58.77 -75.30 67.64
C LYS NF 113 -60.00 -75.73 66.84
N GLN NF 114 -59.81 -76.05 65.55
CA GLN NF 114 -60.92 -76.57 64.76
C GLN NF 114 -61.44 -77.86 65.34
N ILE NF 115 -60.54 -78.75 65.77
CA ILE NF 115 -60.97 -79.98 66.44
C ILE NF 115 -61.68 -79.65 67.74
N THR NF 116 -61.13 -78.71 68.51
CA THR NF 116 -61.72 -78.38 69.80
C THR NF 116 -63.14 -77.87 69.63
N LEU NF 117 -63.33 -76.89 68.74
CA LEU NF 117 -64.67 -76.39 68.47
C LEU NF 117 -65.56 -77.49 67.93
N TRP NF 118 -65.02 -78.32 67.02
CA TRP NF 118 -65.80 -79.43 66.50
C TRP NF 118 -66.22 -80.38 67.61
N GLN NF 119 -65.29 -80.69 68.53
CA GLN NF 119 -65.65 -81.53 69.66
C GLN NF 119 -66.58 -80.82 70.63
N ASP NF 120 -66.42 -79.51 70.78
CA ASP NF 120 -67.26 -78.77 71.72
C ASP NF 120 -68.72 -78.77 71.28
N THR NF 121 -68.97 -78.58 69.99
CA THR NF 121 -70.34 -78.52 69.51
C THR NF 121 -71.03 -79.86 69.74
N PRO NF 122 -72.31 -79.85 70.12
CA PRO NF 122 -73.01 -81.13 70.35
C PRO NF 122 -73.06 -81.97 69.08
N GLN NF 123 -73.03 -83.29 69.28
CA GLN NF 123 -72.99 -84.21 68.14
C GLN NF 123 -74.22 -84.10 67.27
N ALA NF 124 -75.32 -83.56 67.78
CA ALA NF 124 -76.54 -83.46 66.97
C ALA NF 124 -76.31 -82.58 65.75
N PHE NF 125 -75.61 -81.45 65.92
CA PHE NF 125 -75.31 -80.54 64.82
C PHE NF 125 -73.82 -80.26 64.75
N ARG NF 126 -73.00 -81.24 65.14
CA ARG NF 126 -71.55 -81.04 65.18
C ARG NF 126 -70.99 -80.79 63.79
N GLY NF 127 -71.45 -81.56 62.80
CA GLY NF 127 -70.95 -81.42 61.44
C GLY NF 127 -69.81 -82.37 61.15
N ASP NF 128 -69.35 -82.30 59.90
CA ASP NF 128 -68.27 -83.16 59.45
C ASP NF 128 -66.97 -82.82 60.18
N GLN NF 129 -66.23 -83.85 60.57
CA GLN NF 129 -64.96 -83.64 61.25
C GLN NF 129 -63.96 -83.01 60.29
N PRO NF 130 -63.26 -81.95 60.68
CA PRO NF 130 -62.29 -81.34 59.78
C PRO NF 130 -61.12 -82.25 59.50
N LYS NF 131 -60.55 -82.09 58.31
CA LYS NF 131 -59.42 -82.91 57.88
C LYS NF 131 -58.10 -82.27 58.31
N PRO NF 132 -57.04 -83.06 58.41
CA PRO NF 132 -55.74 -82.50 58.80
C PRO NF 132 -55.26 -81.47 57.81
N PRO NF 133 -54.33 -80.60 58.20
CA PRO NF 133 -53.81 -79.60 57.26
C PRO NF 133 -52.93 -80.20 56.18
N SER NF 134 -52.37 -79.34 55.33
CA SER NF 134 -51.48 -79.78 54.28
C SER NF 134 -50.07 -80.00 54.83
N PHE NF 135 -49.37 -80.95 54.23
CA PHE NF 135 -48.03 -81.29 54.69
C PHE NF 135 -47.06 -80.14 54.42
N THR OF 3 -32.96 -97.84 72.63
CA THR OF 3 -32.52 -97.97 71.25
C THR OF 3 -32.72 -96.70 70.43
N PHE OF 4 -33.82 -95.98 70.65
CA PHE OF 4 -34.08 -94.78 69.86
C PHE OF 4 -32.98 -93.75 70.05
N ILE OF 5 -32.55 -93.54 71.30
CA ILE OF 5 -31.50 -92.57 71.56
C ILE OF 5 -30.20 -92.98 70.86
N GLU OF 6 -29.95 -94.29 70.78
CA GLU OF 6 -28.76 -94.76 70.09
C GLU OF 6 -28.80 -94.38 68.62
N LEU OF 7 -29.97 -94.48 68.00
CA LEU OF 7 -30.09 -94.11 66.59
C LEU OF 7 -29.74 -92.64 66.38
N VAL OF 8 -30.17 -91.77 67.29
CA VAL OF 8 -29.81 -90.35 67.18
C VAL OF 8 -28.31 -90.18 67.29
N LYS OF 9 -27.69 -90.88 68.23
CA LYS OF 9 -26.25 -90.78 68.41
C LYS OF 9 -25.48 -91.29 67.20
N ASN OF 10 -26.14 -92.02 66.31
CA ASN OF 10 -25.54 -92.52 65.09
C ASN OF 10 -25.70 -91.56 63.92
N MET OF 11 -26.30 -90.39 64.14
CA MET OF 11 -26.58 -89.46 63.06
C MET OF 11 -25.33 -88.64 62.73
N LYS OF 12 -25.50 -87.69 61.81
CA LYS OF 12 -24.45 -86.77 61.40
C LYS OF 12 -24.77 -85.39 61.92
N GLY OF 13 -23.80 -84.75 62.55
CA GLY OF 13 -23.99 -83.44 63.13
C GLY OF 13 -24.56 -83.45 64.54
N TYR OF 14 -24.87 -84.62 65.08
CA TYR OF 14 -25.39 -84.70 66.44
C TYR OF 14 -24.33 -84.25 67.44
N LYS OF 15 -24.76 -83.53 68.46
CA LYS OF 15 -23.87 -83.01 69.48
C LYS OF 15 -24.52 -83.18 70.85
N GLU OF 16 -23.70 -83.57 71.84
CA GLU OF 16 -24.21 -83.78 73.18
C GLU OF 16 -24.63 -82.46 73.81
N LEU OF 17 -25.71 -82.50 74.59
CA LEU OF 17 -26.17 -81.35 75.34
C LEU OF 17 -26.46 -81.65 76.80
N LEU OF 18 -26.52 -82.92 77.20
CA LEU OF 18 -26.78 -83.28 78.58
C LEU OF 18 -25.46 -83.34 79.35
N LEU OF 19 -25.54 -83.75 80.60
CA LEU OF 19 -24.40 -83.79 81.51
C LEU OF 19 -24.41 -85.11 82.26
N PRO OF 20 -23.27 -85.50 82.83
CA PRO OF 20 -23.23 -86.75 83.61
C PRO OF 20 -24.22 -86.71 84.76
N MET OF 21 -24.77 -87.88 85.08
CA MET OF 21 -25.77 -87.98 86.14
C MET OF 21 -25.25 -87.39 87.43
N GLU OF 22 -23.95 -87.54 87.71
CA GLU OF 22 -23.39 -87.00 88.93
C GLU OF 22 -23.46 -85.48 88.94
N MET OF 23 -23.17 -84.84 87.81
CA MET OF 23 -23.19 -83.38 87.70
C MET OF 23 -24.60 -82.88 87.39
N VAL OF 24 -25.54 -83.30 88.24
CA VAL OF 24 -26.93 -82.90 88.11
C VAL OF 24 -27.44 -82.49 89.49
N PRO OF 25 -28.02 -81.29 89.64
CA PRO OF 25 -28.54 -80.89 90.96
C PRO OF 25 -29.57 -81.88 91.48
N LEU OF 26 -29.88 -81.71 92.76
CA LEU OF 26 -30.87 -82.57 93.41
C LEU OF 26 -32.28 -82.22 92.92
N PRO OF 27 -33.23 -83.14 93.08
CA PRO OF 27 -34.60 -82.84 92.64
C PRO OF 27 -35.24 -81.75 93.48
N ALA OF 28 -36.49 -81.40 93.16
CA ALA OF 28 -37.22 -80.39 93.91
C ALA OF 28 -36.56 -79.02 93.77
N VAL OF 29 -35.35 -78.87 94.32
CA VAL OF 29 -34.66 -77.59 94.26
C VAL OF 29 -34.37 -77.22 92.82
N VAL OF 30 -33.99 -78.20 91.99
CA VAL OF 30 -33.71 -77.93 90.59
C VAL OF 30 -34.94 -77.36 89.89
N LEU OF 31 -36.14 -77.75 90.34
CA LEU OF 31 -37.37 -77.25 89.74
C LEU OF 31 -37.53 -75.75 89.93
N LYS OF 32 -36.80 -75.15 90.87
CA LYS OF 32 -36.96 -73.73 91.15
C LYS OF 32 -36.58 -72.89 89.94
N HIS OF 33 -35.51 -73.29 89.22
CA HIS OF 33 -35.13 -72.56 88.01
C HIS OF 33 -36.26 -72.53 87.01
N VAL OF 34 -37.18 -73.50 87.06
CA VAL OF 34 -38.31 -73.51 86.15
C VAL OF 34 -39.15 -72.25 86.35
N LYS OF 35 -39.45 -71.92 87.61
CA LYS OF 35 -40.27 -70.75 87.89
C LYS OF 35 -39.55 -69.48 87.45
N LEU OF 36 -38.25 -69.40 87.68
CA LEU OF 36 -37.50 -68.19 87.36
C LEU OF 36 -37.39 -67.96 85.86
N ILE OF 37 -37.74 -68.94 85.04
CA ILE OF 37 -37.63 -68.82 83.59
C ILE OF 37 -39.02 -68.77 82.97
N LEU OF 38 -40.01 -69.35 83.65
CA LEU OF 38 -41.39 -69.29 83.19
C LEU OF 38 -42.08 -68.04 83.70
N THR OF 39 -42.08 -67.83 85.02
CA THR OF 39 -42.75 -66.67 85.59
C THR OF 39 -42.12 -65.37 85.09
N SER OF 40 -40.80 -65.31 85.02
CA SER OF 40 -40.09 -64.13 84.53
C SER OF 40 -39.90 -64.23 83.01
N GLN OF 41 -41.02 -64.37 82.32
CA GLN OF 41 -40.99 -64.52 80.87
C GLN OF 41 -42.31 -64.05 80.28
N LYS OF 42 -42.29 -63.80 78.97
CA LYS OF 42 -43.45 -63.38 78.22
C LYS OF 42 -43.26 -63.80 76.78
N GLU OF 43 -44.33 -63.66 75.98
CA GLU OF 43 -44.32 -64.07 74.58
C GLU OF 43 -44.03 -65.58 74.48
N HIS OF 44 -44.99 -66.33 75.01
CA HIS OF 44 -44.92 -67.79 75.05
C HIS OF 44 -44.38 -68.36 73.74
N GLN OF 45 -43.30 -69.12 73.85
CA GLN OF 45 -42.66 -69.75 72.72
C GLN OF 45 -42.84 -71.26 72.78
N PRO OF 46 -42.70 -71.95 71.64
CA PRO OF 46 -42.97 -73.39 71.63
C PRO OF 46 -42.13 -74.17 72.63
N TRP OF 47 -40.86 -73.80 72.80
CA TRP OF 47 -39.99 -74.56 73.69
C TRP OF 47 -40.40 -74.41 75.15
N MET OF 48 -41.06 -73.30 75.49
CA MET OF 48 -41.49 -73.10 76.86
C MET OF 48 -42.48 -74.18 77.29
N THR OF 49 -43.41 -74.54 76.40
CA THR OF 49 -44.36 -75.59 76.72
C THR OF 49 -43.66 -76.92 76.96
N GLU OF 50 -42.64 -77.21 76.15
CA GLU OF 50 -41.90 -78.47 76.32
C GLU OF 50 -41.30 -78.56 77.71
N MET OF 51 -40.69 -77.47 78.19
CA MET OF 51 -40.13 -77.46 79.53
C MET OF 51 -41.22 -77.65 80.58
N ALA OF 52 -42.36 -76.96 80.40
CA ALA OF 52 -43.42 -77.05 81.38
C ALA OF 52 -43.97 -78.46 81.48
N LEU OF 53 -44.18 -79.12 80.33
CA LEU OF 53 -44.74 -80.46 80.31
C LEU OF 53 -43.75 -81.52 80.76
N LYS OF 54 -42.47 -81.18 80.90
CA LYS OF 54 -41.46 -82.11 81.39
C LYS OF 54 -41.20 -81.95 82.88
N ALA OF 55 -41.07 -80.70 83.35
CA ALA OF 55 -40.81 -80.47 84.77
C ALA OF 55 -41.96 -80.96 85.64
N ASP OF 56 -43.19 -80.71 85.20
CA ASP OF 56 -44.36 -81.14 85.99
C ASP OF 56 -44.41 -82.65 86.17
N GLN OF 57 -43.75 -83.41 85.28
CA GLN OF 57 -43.78 -84.86 85.40
C GLN OF 57 -43.09 -85.32 86.68
N CYS OF 58 -42.01 -84.66 87.07
CA CYS OF 58 -41.30 -85.04 88.28
C CYS OF 58 -42.22 -84.98 89.50
N LEU OF 59 -43.05 -83.93 89.57
CA LEU OF 59 -43.99 -83.83 90.68
C LEU OF 59 -44.97 -85.00 90.66
N ILE OF 60 -45.43 -85.40 89.47
CA ILE OF 60 -46.35 -86.52 89.36
C ILE OF 60 -45.70 -87.79 89.89
N HIS OF 61 -44.46 -88.06 89.44
CA HIS OF 61 -43.72 -89.19 89.97
C HIS OF 61 -43.41 -89.00 91.44
N LYS OF 62 -43.04 -87.78 91.84
CA LYS OF 62 -42.77 -87.50 93.25
C LYS OF 62 -44.03 -87.66 94.08
N ALA OF 63 -45.18 -87.27 93.55
CA ALA OF 63 -46.42 -87.37 94.30
C ALA OF 63 -46.75 -88.81 94.67
N THR OF 64 -46.25 -89.79 93.91
CA THR OF 64 -46.53 -91.18 94.21
C THR OF 64 -45.83 -91.64 95.49
N LEU OF 65 -44.82 -90.89 95.95
CA LEU OF 65 -44.13 -91.28 97.18
C LEU OF 65 -45.09 -91.34 98.37
N ASP OF 66 -46.12 -90.51 98.37
CA ASP OF 66 -47.11 -90.58 99.44
C ASP OF 66 -47.79 -91.94 99.45
N PRO OF 78 -39.38 -103.48 92.83
CA PRO OF 78 -38.90 -102.91 91.56
C PRO OF 78 -39.74 -101.75 91.06
N LEU OF 79 -41.05 -101.79 91.30
CA LEU OF 79 -41.91 -100.70 90.87
C LEU OF 79 -41.56 -99.41 91.59
N ILE OF 80 -41.32 -99.48 92.90
CA ILE OF 80 -40.96 -98.30 93.67
C ILE OF 80 -39.56 -97.85 93.30
N GLU OF 81 -38.61 -98.78 93.18
CA GLU OF 81 -37.24 -98.43 92.84
C GLU OF 81 -37.17 -97.82 91.43
N ALA OF 82 -37.91 -98.40 90.49
CA ALA OF 82 -37.80 -97.97 89.10
C ALA OF 82 -38.19 -96.50 88.94
N MET OF 83 -39.27 -96.07 89.62
CA MET OF 83 -39.72 -94.69 89.49
C MET OF 83 -38.65 -93.71 89.96
N GLN OF 84 -37.96 -94.03 91.05
CA GLN OF 84 -36.94 -93.13 91.56
C GLN OF 84 -35.81 -92.96 90.55
N GLN OF 85 -35.43 -94.04 89.86
CA GLN OF 85 -34.37 -93.94 88.86
C GLN OF 85 -34.77 -93.01 87.72
N ILE OF 86 -36.05 -93.07 87.31
CA ILE OF 86 -36.49 -92.28 86.16
C ILE OF 86 -36.37 -90.79 86.46
N ILE OF 87 -36.59 -90.39 87.72
CA ILE OF 87 -36.55 -88.96 88.05
C ILE OF 87 -35.18 -88.38 87.71
N LEU OF 88 -34.12 -89.14 87.97
CA LEU OF 88 -32.78 -88.65 87.66
C LEU OF 88 -32.64 -88.40 86.17
N ALA OF 89 -33.15 -89.30 85.34
CA ALA OF 89 -33.04 -89.14 83.89
C ALA OF 89 -33.77 -87.89 83.42
N MET OF 90 -34.98 -87.68 83.91
CA MET OF 90 -35.73 -86.49 83.53
C MET OF 90 -35.04 -85.22 84.03
N THR OF 91 -34.50 -85.28 85.25
CA THR OF 91 -33.81 -84.11 85.80
C THR OF 91 -32.63 -83.71 84.92
N ARG OF 92 -31.90 -84.70 84.39
CA ARG OF 92 -30.79 -84.40 83.51
C ARG OF 92 -31.25 -83.62 82.28
N GLU OF 93 -32.38 -84.03 81.70
CA GLU OF 93 -32.90 -83.34 80.52
C GLU OF 93 -33.28 -81.90 80.86
N LEU OF 94 -33.86 -81.69 82.04
CA LEU OF 94 -34.28 -80.34 82.42
C LEU OF 94 -33.11 -79.39 82.43
N TRP OF 95 -31.98 -79.81 82.99
CA TRP OF 95 -30.83 -78.92 83.11
C TRP OF 95 -30.31 -78.50 81.73
N GLY OF 96 -30.27 -79.44 80.78
CA GLY OF 96 -29.79 -79.10 79.45
C GLY OF 96 -30.62 -78.02 78.80
N GLN OF 97 -31.95 -78.09 78.96
CA GLN OF 97 -32.81 -77.05 78.41
C GLN OF 97 -32.52 -75.71 79.06
N ILE OF 98 -32.30 -75.70 80.37
CA ILE OF 98 -32.02 -74.45 81.08
C ILE OF 98 -30.76 -73.81 80.53
N GLN OF 99 -29.69 -74.60 80.38
CA GLN OF 99 -28.45 -74.08 79.80
C GLN OF 99 -28.66 -73.70 78.34
N ARG OF 100 -29.51 -74.42 77.63
CA ARG OF 100 -29.83 -74.07 76.25
C ARG OF 100 -30.47 -72.69 76.16
N HIS OF 101 -31.01 -72.18 77.26
CA HIS OF 101 -31.63 -70.86 77.31
C HIS OF 101 -30.72 -69.81 77.94
N HIS OF 102 -30.09 -70.13 79.06
CA HIS OF 102 -29.24 -69.17 79.77
C HIS OF 102 -27.98 -68.87 78.96
N TYR OF 103 -27.16 -69.88 78.73
CA TYR OF 103 -25.89 -69.70 78.02
C TYR OF 103 -26.03 -70.03 76.54
N GLY OF 104 -27.01 -69.42 75.88
CA GLY OF 104 -27.18 -69.66 74.47
C GLY OF 104 -27.52 -71.12 74.20
N ILE OF 105 -27.39 -71.48 72.93
CA ILE OF 105 -27.64 -72.85 72.50
C ILE OF 105 -26.40 -73.38 71.78
N VAL OF 106 -25.61 -72.46 71.22
CA VAL OF 106 -24.40 -72.85 70.51
C VAL OF 106 -23.24 -73.00 71.49
N GLN OF 107 -23.07 -72.03 72.38
CA GLN OF 107 -21.98 -72.08 73.36
C GLN OF 107 -22.14 -73.24 74.33
N VAL OF 108 -23.37 -73.77 74.48
CA VAL OF 108 -23.58 -74.88 75.41
C VAL OF 108 -22.79 -76.10 74.97
N GLU OF 109 -22.82 -76.40 73.66
CA GLU OF 109 -22.12 -77.57 73.17
C GLU OF 109 -20.63 -77.50 73.48
N HIS OF 110 -20.03 -76.32 73.31
CA HIS OF 110 -18.61 -76.17 73.60
C HIS OF 110 -18.32 -76.47 75.07
N TYR OF 111 -19.16 -75.98 75.98
CA TYR OF 111 -18.94 -76.22 77.40
C TYR OF 111 -19.00 -77.71 77.73
N VAL OF 112 -20.06 -78.39 77.26
CA VAL OF 112 -20.19 -79.81 77.55
C VAL OF 112 -19.06 -80.59 76.89
N LYS OF 113 -18.62 -80.15 75.71
CA LYS OF 113 -17.49 -80.81 75.07
C LYS OF 113 -16.27 -80.82 75.98
N GLN OF 114 -15.98 -79.68 76.61
CA GLN OF 114 -14.85 -79.61 77.52
C GLN OF 114 -15.11 -80.41 78.80
N ILE OF 115 -16.36 -80.42 79.26
CA ILE OF 115 -16.68 -81.17 80.47
C ILE OF 115 -16.35 -82.64 80.30
N THR OF 116 -16.70 -83.21 79.14
CA THR OF 116 -16.43 -84.62 78.90
C THR OF 116 -14.93 -84.91 78.97
N LEU OF 117 -14.12 -84.06 78.32
CA LEU OF 117 -12.68 -84.25 78.35
C LEU OF 117 -12.13 -84.06 79.76
N TRP OF 118 -12.61 -83.03 80.47
CA TRP OF 118 -12.09 -82.73 81.79
C TRP OF 118 -12.38 -83.81 82.81
N GLN OF 119 -13.40 -84.64 82.58
CA GLN OF 119 -13.77 -85.70 83.52
C GLN OF 119 -13.27 -87.07 83.08
N ASP OF 120 -13.29 -87.34 81.78
CA ASP OF 120 -12.88 -88.67 81.30
C ASP OF 120 -11.41 -88.93 81.60
N THR OF 121 -10.57 -87.91 81.44
CA THR OF 121 -9.15 -88.08 81.73
C THR OF 121 -8.95 -88.37 83.22
N PRO OF 122 -7.89 -89.07 83.59
CA PRO OF 122 -7.67 -89.37 85.01
C PRO OF 122 -7.48 -88.10 85.82
N GLN OF 123 -7.88 -88.18 87.10
CA GLN OF 123 -7.84 -87.01 87.97
C GLN OF 123 -6.43 -86.43 88.09
N ALA OF 124 -5.40 -87.22 87.81
CA ALA OF 124 -4.02 -86.72 87.92
C ALA OF 124 -3.64 -85.80 86.77
N PHE OF 125 -4.49 -85.68 85.73
CA PHE OF 125 -4.18 -84.87 84.57
C PHE OF 125 -5.22 -83.80 84.28
N ARG OF 126 -6.36 -83.81 84.96
CA ARG OF 126 -7.43 -82.88 84.63
C ARG OF 126 -6.95 -81.43 84.75
N GLY OF 127 -6.58 -81.02 85.96
CA GLY OF 127 -6.17 -79.65 86.20
C GLY OF 127 -7.22 -78.84 86.93
N ASP OF 128 -7.89 -77.93 86.23
CA ASP OF 128 -8.91 -77.08 86.81
C ASP OF 128 -10.19 -77.19 85.99
N GLN OF 129 -11.32 -77.15 86.66
CA GLN OF 129 -12.60 -77.24 85.98
C GLN OF 129 -12.77 -76.03 85.05
N PRO OF 130 -13.23 -76.24 83.82
CA PRO OF 130 -13.46 -75.11 82.91
C PRO OF 130 -14.78 -74.42 83.25
N LYS OF 131 -14.70 -73.14 83.62
CA LYS OF 131 -15.88 -72.41 84.01
C LYS OF 131 -16.84 -72.28 82.83
N PRO OF 132 -18.14 -72.50 83.02
CA PRO OF 132 -19.08 -72.36 81.92
C PRO OF 132 -19.17 -70.91 81.48
N PRO OF 133 -19.51 -70.66 80.21
CA PRO OF 133 -19.65 -69.27 79.75
C PRO OF 133 -20.78 -68.56 80.47
N SER OF 134 -20.62 -67.25 80.62
CA SER OF 134 -21.62 -66.45 81.30
C SER OF 134 -22.85 -66.24 80.40
N PHE OF 135 -23.79 -65.44 80.88
CA PHE OF 135 -25.04 -65.17 80.17
C PHE OF 135 -24.74 -64.22 79.01
N THR PF 3 10.10 -103.76 64.36
CA THR PF 3 11.25 -103.30 63.59
C THR PF 3 10.88 -102.17 62.63
N PHE PF 4 9.62 -102.09 62.22
CA PHE PF 4 9.19 -100.99 61.35
C PHE PF 4 9.39 -99.65 62.04
N ILE PF 5 9.08 -99.57 63.33
CA ILE PF 5 9.27 -98.32 64.06
C ILE PF 5 10.73 -97.90 63.99
N GLU PF 6 11.65 -98.87 64.10
CA GLU PF 6 13.06 -98.56 63.93
C GLU PF 6 13.35 -98.00 62.54
N LEU PF 7 12.70 -98.57 61.51
CA LEU PF 7 12.90 -98.06 60.17
C LEU PF 7 12.43 -96.62 60.03
N VAL PF 8 11.51 -96.20 60.88
CA VAL PF 8 11.02 -94.82 60.88
C VAL PF 8 11.63 -93.99 62.00
N LYS PF 9 12.14 -94.63 63.06
CA LYS PF 9 12.73 -93.88 64.15
C LYS PF 9 13.86 -92.98 63.68
N ASN PF 10 14.53 -93.36 62.58
CA ASN PF 10 15.58 -92.52 62.02
C ASN PF 10 15.05 -91.42 61.11
N MET PF 11 13.78 -91.47 60.73
CA MET PF 11 13.21 -90.45 59.87
C MET PF 11 13.19 -89.10 60.58
N LYS PF 12 13.35 -88.03 59.80
CA LYS PF 12 13.37 -86.69 60.38
C LYS PF 12 12.05 -86.34 61.04
N GLY PF 13 10.93 -86.69 60.41
CA GLY PF 13 9.62 -86.31 60.91
C GLY PF 13 9.01 -87.32 61.84
N TYR PF 14 9.77 -88.35 62.22
CA TYR PF 14 9.27 -89.36 63.14
C TYR PF 14 8.97 -88.76 64.49
N LYS PF 15 7.88 -89.22 65.11
CA LYS PF 15 7.43 -88.70 66.39
C LYS PF 15 6.95 -89.85 67.27
N GLU PF 16 7.04 -89.64 68.58
CA GLU PF 16 6.55 -90.63 69.55
C GLU PF 16 5.07 -90.36 69.80
N LEU PF 17 4.24 -90.80 68.86
CA LEU PF 17 2.80 -90.61 68.98
C LEU PF 17 2.20 -91.42 70.12
N LEU PF 18 2.91 -92.45 70.59
CA LEU PF 18 2.41 -93.29 71.67
C LEU PF 18 2.52 -92.52 72.98
N LEU PF 19 1.39 -91.99 73.45
CA LEU PF 19 1.39 -91.20 74.67
C LEU PF 19 1.51 -92.11 75.88
N PRO PF 20 1.85 -91.54 77.03
CA PRO PF 20 2.02 -92.37 78.24
C PRO PF 20 0.75 -93.16 78.55
N MET PF 21 0.95 -94.38 79.05
CA MET PF 21 -0.18 -95.24 79.38
C MET PF 21 -1.05 -94.60 80.45
N GLU PF 22 -0.44 -94.02 81.48
CA GLU PF 22 -1.22 -93.37 82.53
C GLU PF 22 -2.02 -92.21 81.99
N MET PF 23 -1.54 -91.55 80.93
CA MET PF 23 -2.22 -90.38 80.39
C MET PF 23 -3.59 -90.74 79.85
N VAL PF 24 -3.70 -91.84 79.12
CA VAL PF 24 -4.94 -92.22 78.44
C VAL PF 24 -5.90 -92.87 79.44
N PRO PF 25 -7.22 -92.78 79.21
CA PRO PF 25 -8.16 -93.45 80.11
C PRO PF 25 -8.36 -94.92 79.75
N LEU PF 26 -9.31 -95.57 80.41
CA LEU PF 26 -9.59 -96.97 80.15
C LEU PF 26 -10.17 -97.13 78.75
N PRO PF 27 -10.07 -98.35 78.18
CA PRO PF 27 -10.53 -98.53 76.79
C PRO PF 27 -11.98 -98.17 76.58
N ALA PF 28 -12.85 -98.46 77.56
CA ALA PF 28 -14.28 -98.22 77.37
C ALA PF 28 -14.58 -96.75 77.15
N VAL PF 29 -13.92 -95.87 77.91
CA VAL PF 29 -14.21 -94.44 77.79
C VAL PF 29 -13.76 -93.92 76.44
N VAL PF 30 -12.64 -94.41 75.92
CA VAL PF 30 -12.12 -93.91 74.65
C VAL PF 30 -13.14 -94.16 73.54
N LEU PF 31 -13.75 -95.34 73.53
CA LEU PF 31 -14.73 -95.66 72.49
C LEU PF 31 -15.84 -94.63 72.45
N LYS PF 32 -16.18 -94.04 73.61
CA LYS PF 32 -17.22 -93.03 73.64
C LYS PF 32 -16.85 -91.83 72.78
N HIS PF 33 -15.60 -91.38 72.87
CA HIS PF 33 -15.18 -90.20 72.11
C HIS PF 33 -15.10 -90.48 70.62
N VAL PF 34 -14.86 -91.75 70.25
CA VAL PF 34 -14.79 -92.08 68.83
C VAL PF 34 -16.13 -91.83 68.16
N LYS PF 35 -17.22 -92.23 68.80
CA LYS PF 35 -18.54 -91.95 68.27
C LYS PF 35 -18.79 -90.44 68.22
N LEU PF 36 -18.41 -89.73 69.27
CA LEU PF 36 -18.66 -88.29 69.34
C LEU PF 36 -17.85 -87.54 68.29
N ILE PF 37 -16.57 -87.89 68.13
CA ILE PF 37 -15.73 -87.18 67.17
C ILE PF 37 -16.14 -87.53 65.74
N LEU PF 38 -16.40 -88.81 65.47
CA LEU PF 38 -16.86 -89.18 64.14
C LEU PF 38 -18.21 -88.56 63.82
N THR PF 39 -19.13 -88.57 64.78
CA THR PF 39 -20.44 -87.99 64.56
C THR PF 39 -20.34 -86.49 64.32
N SER PF 40 -19.53 -85.79 65.12
CA SER PF 40 -19.41 -84.34 64.97
C SER PF 40 -18.80 -83.99 63.63
N GLN PF 41 -17.76 -84.71 63.21
CA GLN PF 41 -17.09 -84.41 61.96
C GLN PF 41 -18.01 -84.70 60.78
N LYS PF 42 -17.92 -83.85 59.76
CA LYS PF 42 -18.79 -83.96 58.58
C LYS PF 42 -18.03 -84.28 57.31
N GLU PF 43 -16.97 -83.54 57.00
CA GLU PF 43 -16.24 -83.79 55.76
C GLU PF 43 -15.61 -85.18 55.80
N HIS PF 44 -15.67 -85.87 54.67
CA HIS PF 44 -15.16 -87.23 54.57
C HIS PF 44 -13.70 -87.21 54.14
N GLN PF 45 -12.84 -87.78 54.96
CA GLN PF 45 -11.42 -87.95 54.67
C GLN PF 45 -11.02 -89.37 55.02
N PRO PF 46 -9.93 -89.87 54.44
CA PRO PF 46 -9.54 -91.26 54.72
C PRO PF 46 -9.25 -91.56 56.18
N TRP PF 47 -8.86 -90.56 56.97
CA TRP PF 47 -8.48 -90.84 58.35
C TRP PF 47 -9.66 -91.34 59.16
N MET PF 48 -10.83 -90.73 59.00
CA MET PF 48 -12.01 -91.19 59.74
C MET PF 48 -12.40 -92.59 59.29
N THR PF 49 -12.31 -92.88 58.00
CA THR PF 49 -12.60 -94.23 57.52
C THR PF 49 -11.65 -95.24 58.14
N GLU PF 50 -10.36 -94.93 58.19
CA GLU PF 50 -9.40 -95.81 58.84
C GLU PF 50 -9.48 -95.74 60.35
N MET PF 51 -9.88 -94.58 60.89
CA MET PF 51 -9.97 -94.44 62.34
C MET PF 51 -11.01 -95.40 62.91
N ALA PF 52 -12.16 -95.54 62.25
CA ALA PF 52 -13.18 -96.46 62.72
C ALA PF 52 -12.68 -97.90 62.70
N LEU PF 53 -11.97 -98.28 61.64
CA LEU PF 53 -11.48 -99.66 61.53
C LEU PF 53 -10.51 -99.98 62.66
N LYS PF 54 -9.62 -99.05 62.99
CA LYS PF 54 -8.65 -99.29 64.05
C LYS PF 54 -9.35 -99.49 65.39
N ALA PF 55 -10.40 -98.70 65.66
CA ALA PF 55 -11.11 -98.84 66.93
C ALA PF 55 -11.99 -100.09 66.94
N ASP PF 56 -12.43 -100.55 65.76
CA ASP PF 56 -13.32 -101.70 65.70
C ASP PF 56 -12.66 -102.94 66.28
N GLN PF 57 -11.37 -103.13 66.00
CA GLN PF 57 -10.69 -104.34 66.47
C GLN PF 57 -10.80 -104.50 67.97
N CYS PF 58 -10.75 -103.39 68.72
CA CYS PF 58 -10.85 -103.46 70.17
C CYS PF 58 -12.16 -104.09 70.61
N LEU PF 59 -13.25 -103.84 69.87
CA LEU PF 59 -14.54 -104.40 70.25
C LEU PF 59 -14.51 -105.92 70.18
N ILE PF 60 -13.87 -106.49 69.16
CA ILE PF 60 -13.84 -107.94 69.02
C ILE PF 60 -13.11 -108.55 70.20
N HIS PF 61 -12.00 -107.95 70.61
CA HIS PF 61 -11.24 -108.48 71.74
C HIS PF 61 -12.05 -108.44 73.03
N LYS PF 62 -12.93 -107.44 73.17
CA LYS PF 62 -13.78 -107.38 74.35
C LYS PF 62 -14.64 -108.65 74.48
N ALA PF 63 -15.30 -109.03 73.38
CA ALA PF 63 -16.13 -110.23 73.40
C ALA PF 63 -15.28 -111.50 73.32
N THR PF 64 -14.15 -111.45 72.62
CA THR PF 64 -13.31 -112.64 72.51
C THR PF 64 -12.87 -113.12 73.89
N LEU PF 65 -12.36 -112.20 74.71
CA LEU PF 65 -11.97 -112.56 76.07
C LEU PF 65 -13.18 -112.76 76.97
N PRO PF 78 0.03 -116.96 78.94
CA PRO PF 78 0.73 -115.95 78.12
C PRO PF 78 -0.12 -115.40 76.99
N LEU PF 79 -0.98 -116.23 76.40
CA LEU PF 79 -1.80 -115.76 75.29
C LEU PF 79 -2.82 -114.73 75.76
N ILE PF 80 -3.55 -115.04 76.84
CA ILE PF 80 -4.57 -114.12 77.32
C ILE PF 80 -3.94 -112.83 77.82
N GLU PF 81 -2.83 -112.95 78.57
CA GLU PF 81 -2.20 -111.77 79.14
C GLU PF 81 -1.72 -110.83 78.04
N ALA PF 82 -1.16 -111.37 76.97
CA ALA PF 82 -0.68 -110.53 75.87
C ALA PF 82 -1.82 -109.73 75.26
N MET PF 83 -2.99 -110.35 75.09
CA MET PF 83 -4.12 -109.64 74.50
C MET PF 83 -4.52 -108.44 75.35
N GLN PF 84 -4.46 -108.58 76.68
CA GLN PF 84 -4.80 -107.45 77.54
C GLN PF 84 -3.88 -106.27 77.27
N GLN PF 85 -2.58 -106.52 77.11
CA GLN PF 85 -1.65 -105.45 76.78
C GLN PF 85 -1.89 -104.93 75.37
N ILE PF 86 -2.28 -105.81 74.44
CA ILE PF 86 -2.52 -105.39 73.07
C ILE PF 86 -3.65 -104.38 73.00
N ILE PF 87 -4.73 -104.63 73.76
CA ILE PF 87 -5.85 -103.70 73.76
C ILE PF 87 -5.40 -102.31 74.22
N LEU PF 88 -4.60 -102.25 75.28
CA LEU PF 88 -4.09 -100.97 75.76
C LEU PF 88 -3.19 -100.32 74.72
N ALA PF 89 -2.50 -101.12 73.91
CA ALA PF 89 -1.63 -100.56 72.88
C ALA PF 89 -2.43 -99.74 71.87
N MET PF 90 -3.59 -100.26 71.46
CA MET PF 90 -4.40 -99.53 70.49
C MET PF 90 -5.03 -98.30 71.11
N THR PF 91 -5.36 -98.34 72.41
CA THR PF 91 -5.97 -97.19 73.05
C THR PF 91 -5.06 -95.98 73.01
N ARG PF 92 -3.76 -96.17 73.25
CA ARG PF 92 -2.82 -95.06 73.16
C ARG PF 92 -2.79 -94.47 71.75
N GLU PF 93 -2.80 -95.34 70.74
CA GLU PF 93 -2.80 -94.88 69.36
C GLU PF 93 -4.07 -94.11 69.04
N LEU PF 94 -5.22 -94.63 69.51
CA LEU PF 94 -6.50 -93.97 69.22
C LEU PF 94 -6.57 -92.60 69.88
N TRP PF 95 -6.12 -92.49 71.13
CA TRP PF 95 -6.22 -91.21 71.83
C TRP PF 95 -5.39 -90.14 71.15
N GLY PF 96 -4.30 -90.54 70.47
CA GLY PF 96 -3.49 -89.56 69.78
C GLY PF 96 -4.25 -88.86 68.67
N GLN PF 97 -4.97 -89.62 67.85
CA GLN PF 97 -5.77 -89.02 66.79
C GLN PF 97 -6.88 -88.15 67.38
N ILE PF 98 -7.45 -88.57 68.50
CA ILE PF 98 -8.50 -87.79 69.14
C ILE PF 98 -7.96 -86.41 69.53
N GLN PF 99 -6.83 -86.39 70.23
CA GLN PF 99 -6.28 -85.12 70.69
C GLN PF 99 -5.76 -84.28 69.52
N ARG PF 100 -5.09 -84.92 68.56
CA ARG PF 100 -4.56 -84.18 67.42
C ARG PF 100 -5.68 -83.55 66.60
N HIS PF 101 -6.78 -84.30 66.40
CA HIS PF 101 -7.89 -83.76 65.63
C HIS PF 101 -8.56 -82.61 66.36
N HIS PF 102 -8.79 -82.75 67.66
CA HIS PF 102 -9.46 -81.70 68.42
C HIS PF 102 -8.61 -80.44 68.48
N TYR PF 103 -7.36 -80.57 68.91
CA TYR PF 103 -6.46 -79.42 69.06
C TYR PF 103 -5.57 -79.23 67.83
N GLY PF 104 -4.77 -80.23 67.51
CA GLY PF 104 -3.84 -80.14 66.41
C GLY PF 104 -2.66 -81.06 66.61
N ILE PF 105 -1.99 -81.37 65.50
CA ILE PF 105 -0.87 -82.30 65.54
C ILE PF 105 0.29 -81.71 66.35
N VAL PF 106 0.61 -80.44 66.12
CA VAL PF 106 1.75 -79.83 66.79
C VAL PF 106 1.47 -79.68 68.27
N GLN PF 107 0.24 -79.29 68.64
CA GLN PF 107 -0.06 -79.01 70.04
C GLN PF 107 0.12 -80.26 70.90
N VAL PF 108 -0.35 -81.40 70.43
CA VAL PF 108 -0.19 -82.64 71.19
C VAL PF 108 1.30 -82.96 71.36
N GLU PF 109 2.06 -82.89 70.27
CA GLU PF 109 3.50 -83.11 70.38
C GLU PF 109 4.15 -82.08 71.28
N HIS PF 110 3.62 -80.85 71.29
CA HIS PF 110 4.18 -79.79 72.13
C HIS PF 110 3.78 -79.95 73.59
N TYR PF 111 2.55 -80.42 73.84
CA TYR PF 111 2.03 -80.47 75.21
C TYR PF 111 2.34 -81.77 75.92
N VAL PF 112 2.51 -82.88 75.19
CA VAL PF 112 2.72 -84.17 75.84
C VAL PF 112 3.97 -84.15 76.69
N LYS PF 113 5.05 -83.57 76.17
CA LYS PF 113 6.32 -83.57 76.90
C LYS PF 113 6.21 -82.77 78.19
N GLN PF 114 5.47 -81.67 78.17
CA GLN PF 114 5.40 -80.80 79.34
C GLN PF 114 4.90 -81.54 80.56
N ILE PF 115 3.81 -82.30 80.40
CA ILE PF 115 3.23 -83.00 81.55
C ILE PF 115 4.18 -84.09 82.04
N THR PF 116 4.89 -84.75 81.12
CA THR PF 116 5.84 -85.78 81.53
C THR PF 116 6.92 -85.20 82.41
N LEU PF 117 7.42 -84.02 82.06
CA LEU PF 117 8.44 -83.36 82.89
C LEU PF 117 7.90 -83.06 84.27
N TRP PF 118 6.67 -82.56 84.35
CA TRP PF 118 6.10 -82.21 85.65
C TRP PF 118 6.03 -83.43 86.56
N GLN PF 119 5.95 -84.63 86.00
CA GLN PF 119 5.92 -85.85 86.81
C GLN PF 119 7.33 -86.28 87.20
N ASP PF 120 8.23 -86.36 86.23
CA ASP PF 120 9.60 -86.81 86.47
C ASP PF 120 10.37 -85.65 87.10
N THR PF 121 10.09 -85.41 88.38
CA THR PF 121 10.73 -84.34 89.13
C THR PF 121 10.60 -84.67 90.61
N PRO PF 122 11.54 -84.23 91.45
CA PRO PF 122 11.46 -84.62 92.88
C PRO PF 122 10.29 -83.98 93.62
N GLN PF 123 9.09 -84.48 93.34
CA GLN PF 123 7.87 -84.11 94.05
C GLN PF 123 7.81 -82.64 94.43
N ALA PF 124 8.66 -82.21 95.36
CA ALA PF 124 8.52 -80.86 95.92
C ALA PF 124 8.56 -79.80 94.84
N PHE PF 125 9.60 -79.83 94.00
CA PHE PF 125 9.72 -78.86 92.91
C PHE PF 125 9.13 -79.42 91.62
N ARG PF 126 7.90 -79.94 91.69
CA ARG PF 126 7.28 -80.52 90.51
C ARG PF 126 6.97 -79.46 89.47
N GLY PF 127 6.52 -78.29 89.90
CA GLY PF 127 6.18 -77.21 88.99
C GLY PF 127 4.96 -76.44 89.46
N ASP PF 128 4.02 -76.21 88.54
CA ASP PF 128 2.81 -75.47 88.86
C ASP PF 128 1.58 -76.11 88.23
N GLN PF 129 1.59 -77.43 88.08
CA GLN PF 129 0.45 -78.14 87.51
C GLN PF 129 0.17 -77.58 86.12
N PRO PF 130 1.00 -77.85 85.12
CA PRO PF 130 0.85 -77.20 83.82
C PRO PF 130 -0.56 -77.38 83.26
N LYS PF 131 -1.12 -76.30 82.74
CA LYS PF 131 -2.48 -76.31 82.24
C LYS PF 131 -2.54 -77.11 80.93
N PRO PF 132 -3.66 -77.79 80.68
CA PRO PF 132 -3.83 -78.47 79.39
C PRO PF 132 -4.03 -77.46 78.28
N PRO PF 133 -3.79 -77.85 77.02
CA PRO PF 133 -3.88 -76.90 75.93
C PRO PF 133 -5.27 -76.30 75.81
N THR QF 3 9.53 39.17 121.19
CA THR QF 3 8.65 40.02 120.42
C THR QF 3 8.66 39.65 118.94
N PHE QF 4 9.85 39.36 118.40
CA PHE QF 4 9.96 39.07 116.96
C PHE QF 4 9.16 37.82 116.59
N ILE QF 5 9.25 36.76 117.40
CA ILE QF 5 8.57 35.53 117.07
C ILE QF 5 7.05 35.76 117.00
N GLU QF 6 6.54 36.62 117.88
CA GLU QF 6 5.12 36.97 117.80
C GLU QF 6 4.79 37.60 116.46
N LEU QF 7 5.67 38.45 115.94
CA LEU QF 7 5.42 39.07 114.64
C LEU QF 7 5.39 38.03 113.53
N VAL QF 8 6.31 37.05 113.58
CA VAL QF 8 6.38 36.05 112.52
C VAL QF 8 5.14 35.15 112.57
N LYS QF 9 4.68 34.80 113.77
CA LYS QF 9 3.49 33.96 113.88
C LYS QF 9 2.30 34.62 113.19
N ASN QF 10 2.29 35.95 113.09
CA ASN QF 10 1.26 36.67 112.37
C ASN QF 10 1.58 36.72 110.88
N MET QF 11 1.73 35.53 110.29
CA MET QF 11 2.07 35.40 108.88
C MET QF 11 1.33 34.22 108.29
N LYS QF 12 1.23 34.22 106.97
CA LYS QF 12 0.45 33.22 106.24
C LYS QF 12 1.35 32.06 105.82
N GLY QF 13 0.81 30.84 105.94
CA GLY QF 13 1.59 29.65 105.68
C GLY QF 13 2.49 29.22 106.82
N TYR QF 14 2.28 29.75 108.02
CA TYR QF 14 3.12 29.44 109.17
C TYR QF 14 2.71 28.09 109.74
N LYS QF 15 3.61 27.12 109.66
CA LYS QF 15 3.40 25.79 110.22
C LYS QF 15 4.35 25.61 111.39
N GLU QF 16 3.80 25.37 112.57
CA GLU QF 16 4.62 25.21 113.76
C GLU QF 16 5.44 23.93 113.69
N LEU QF 17 6.63 23.97 114.26
CA LEU QF 17 7.54 22.83 114.21
C LEU QF 17 8.24 22.57 115.54
N LEU QF 18 7.81 23.21 116.63
CA LEU QF 18 8.45 23.06 117.93
C LEU QF 18 7.49 22.40 118.90
N LEU QF 19 7.96 21.38 119.59
CA LEU QF 19 7.16 20.67 120.56
C LEU QF 19 7.15 21.40 121.89
N PRO QF 20 6.21 21.07 122.78
CA PRO QF 20 6.21 21.68 124.11
C PRO QF 20 7.50 21.38 124.87
N MET QF 21 7.89 22.33 125.72
CA MET QF 21 9.12 22.18 126.49
C MET QF 21 9.07 20.92 127.36
N GLU QF 22 7.87 20.48 127.74
CA GLU QF 22 7.73 19.32 128.62
C GLU QF 22 7.92 17.99 127.90
N MET QF 23 8.00 17.99 126.56
CA MET QF 23 8.13 16.76 125.80
C MET QF 23 9.50 16.59 125.16
N VAL QF 24 10.25 17.65 124.94
CA VAL QF 24 11.55 17.55 124.30
C VAL QF 24 12.50 16.80 125.23
N PRO QF 25 13.49 16.08 124.69
CA PRO QF 25 14.41 15.34 125.56
C PRO QF 25 15.24 16.30 126.41
N LEU QF 26 15.98 15.70 127.34
CA LEU QF 26 16.94 16.47 128.11
C LEU QF 26 18.07 16.95 127.21
N PRO QF 27 18.71 18.07 127.56
CA PRO QF 27 19.76 18.61 126.68
C PRO QF 27 20.87 17.61 126.40
N ALA QF 28 21.23 16.79 127.39
CA ALA QF 28 22.28 15.80 127.18
C ALA QF 28 21.91 14.82 126.09
N VAL QF 29 20.64 14.38 126.07
CA VAL QF 29 20.21 13.39 125.09
C VAL QF 29 20.26 13.97 123.69
N VAL QF 30 19.90 15.24 123.55
CA VAL QF 30 19.83 15.84 122.21
C VAL QF 30 21.18 15.80 121.54
N LEU QF 31 22.24 16.14 122.28
CA LEU QF 31 23.57 16.18 121.70
C LEU QF 31 23.95 14.83 121.09
N LYS QF 32 23.42 13.74 121.65
CA LYS QF 32 23.77 12.42 121.13
C LYS QF 32 23.33 12.25 119.69
N HIS QF 33 22.12 12.72 119.35
CA HIS QF 33 21.66 12.63 117.98
C HIS QF 33 22.43 13.55 117.06
N VAL QF 34 22.96 14.65 117.60
CA VAL QF 34 23.71 15.60 116.78
C VAL QF 34 24.93 14.92 116.18
N LYS QF 35 25.67 14.17 117.01
CA LYS QF 35 26.87 13.51 116.53
C LYS QF 35 26.54 12.50 115.44
N LEU QF 36 25.48 11.71 115.65
CA LEU QF 36 25.10 10.72 114.64
C LEU QF 36 24.66 11.39 113.36
N ILE QF 37 23.77 12.38 113.45
CA ILE QF 37 23.24 13.03 112.26
C ILE QF 37 24.34 13.76 111.52
N LEU QF 38 25.17 14.51 112.26
CA LEU QF 38 26.28 15.21 111.63
C LEU QF 38 27.26 14.23 111.01
N THR QF 39 27.72 13.26 111.80
CA THR QF 39 28.77 12.36 111.33
C THR QF 39 28.25 11.38 110.29
N SER QF 40 27.08 10.80 110.55
CA SER QF 40 26.49 9.83 109.62
C SER QF 40 25.73 10.58 108.52
N GLN QF 41 26.50 11.36 107.76
CA GLN QF 41 25.94 12.12 106.66
C GLN QF 41 26.96 12.22 105.54
N LYS QF 42 26.47 12.33 104.32
CA LYS QF 42 27.29 12.45 103.13
C LYS QF 42 26.82 13.64 102.31
N GLU QF 43 27.76 14.25 101.59
CA GLU QF 43 27.47 15.43 100.77
C GLU QF 43 26.90 16.56 101.64
N HIS QF 44 27.78 17.03 102.55
CA HIS QF 44 27.42 18.06 103.50
C HIS QF 44 26.54 19.12 102.88
N GLN QF 45 25.48 19.51 103.59
CA GLN QF 45 24.50 20.46 103.14
C GLN QF 45 24.49 21.67 104.07
N PRO QF 46 23.98 22.82 103.60
CA PRO QF 46 24.07 24.04 104.41
C PRO QF 46 23.43 23.91 105.78
N TRP QF 47 22.30 23.20 105.89
CA TRP QF 47 21.62 23.09 107.17
C TRP QF 47 22.45 22.36 108.21
N MET QF 48 23.40 21.54 107.78
CA MET QF 48 24.25 20.85 108.75
C MET QF 48 25.07 21.85 109.57
N THR QF 49 25.59 22.89 108.90
CA THR QF 49 26.37 23.89 109.62
C THR QF 49 25.54 24.60 110.67
N GLU QF 50 24.29 24.92 110.34
CA GLU QF 50 23.43 25.61 111.30
C GLU QF 50 23.23 24.77 112.55
N MET QF 51 23.04 23.47 112.39
CA MET QF 51 22.81 22.61 113.55
C MET QF 51 24.01 22.64 114.50
N ALA QF 52 25.22 22.55 113.95
CA ALA QF 52 26.41 22.51 114.80
C ALA QF 52 26.58 23.81 115.57
N LEU QF 53 26.35 24.95 114.91
CA LEU QF 53 26.56 26.24 115.56
C LEU QF 53 25.68 26.39 116.79
N LYS QF 54 24.40 26.02 116.68
CA LYS QF 54 23.50 26.11 117.82
C LYS QF 54 23.89 25.14 118.92
N ALA QF 55 24.39 23.96 118.54
CA ALA QF 55 24.71 22.95 119.54
C ALA QF 55 25.76 23.44 120.52
N ASP QF 56 26.82 24.08 120.02
CA ASP QF 56 27.88 24.55 120.90
C ASP QF 56 27.38 25.61 121.87
N GLN QF 57 26.35 26.35 121.49
CA GLN QF 57 25.82 27.37 122.38
C GLN QF 57 25.28 26.77 123.67
N CYS QF 58 24.57 25.65 123.57
CA CYS QF 58 24.06 24.98 124.76
C CYS QF 58 25.20 24.54 125.67
N LEU QF 59 26.27 24.02 125.07
CA LEU QF 59 27.43 23.62 125.87
C LEU QF 59 28.05 24.82 126.57
N ILE QF 60 28.14 25.95 125.87
CA ILE QF 60 28.71 27.15 126.47
C ILE QF 60 27.89 27.58 127.67
N HIS QF 61 26.57 27.65 127.52
CA HIS QF 61 25.72 27.98 128.65
C HIS QF 61 25.79 26.89 129.71
N LYS QF 62 25.82 25.62 129.29
CA LYS QF 62 25.91 24.53 130.25
C LYS QF 62 27.21 24.59 131.04
N ALA QF 63 28.32 24.91 130.35
CA ALA QF 63 29.61 25.05 131.03
C ALA QF 63 29.69 26.31 131.88
N THR QF 64 28.71 27.21 131.78
CA THR QF 64 28.73 28.45 132.54
C THR QF 64 28.14 28.30 133.93
N LEU QF 65 27.23 27.33 134.13
CA LEU QF 65 26.60 27.18 135.44
C LEU QF 65 27.60 26.79 136.51
N ASP QF 66 28.59 25.95 136.18
CA ASP QF 66 29.58 25.55 137.17
C ASP QF 66 30.30 26.75 137.77
N PRO QF 78 18.72 35.97 140.24
CA PRO QF 78 18.17 35.93 138.87
C PRO QF 78 19.23 35.70 137.80
N LEU QF 79 20.30 36.49 137.82
CA LEU QF 79 21.27 36.43 136.74
C LEU QF 79 21.90 35.05 136.63
N ILE QF 80 22.28 34.46 137.76
CA ILE QF 80 22.89 33.13 137.74
C ILE QF 80 21.91 32.10 137.19
N GLU QF 81 20.66 32.16 137.66
CA GLU QF 81 19.65 31.20 137.22
C GLU QF 81 18.97 31.61 135.92
N ALA QF 82 19.15 32.86 135.47
CA ALA QF 82 18.49 33.30 134.24
C ALA QF 82 18.98 32.52 133.03
N MET QF 83 20.29 32.27 132.95
CA MET QF 83 20.84 31.57 131.78
C MET QF 83 20.26 30.17 131.66
N GLN QF 84 19.88 29.55 132.77
CA GLN QF 84 19.33 28.20 132.72
C GLN QF 84 18.06 28.15 131.89
N GLN QF 85 17.29 29.25 131.87
CA GLN QF 85 16.06 29.28 131.10
C GLN QF 85 16.33 29.10 129.62
N ILE QF 86 17.39 29.75 129.11
CA ILE QF 86 17.70 29.68 127.69
C ILE QF 86 18.14 28.26 127.31
N ILE QF 87 18.84 27.58 128.21
CA ILE QF 87 19.34 26.23 127.90
C ILE QF 87 18.17 25.33 127.51
N LEU QF 88 17.11 25.33 128.31
CA LEU QF 88 15.94 24.51 128.00
C LEU QF 88 15.32 24.96 126.68
N ALA QF 89 15.22 26.27 126.47
CA ALA QF 89 14.64 26.78 125.23
C ALA QF 89 15.47 26.38 124.02
N MET QF 90 16.81 26.45 124.15
CA MET QF 90 17.66 26.15 123.01
C MET QF 90 17.42 24.74 122.50
N THR QF 91 17.15 23.79 123.40
CA THR QF 91 16.86 22.43 122.98
C THR QF 91 15.61 22.37 122.12
N ARG QF 92 14.58 23.12 122.49
CA ARG QF 92 13.31 23.06 121.76
C ARG QF 92 13.51 23.43 120.29
N GLU QF 93 14.25 24.50 120.03
CA GLU QF 93 14.56 24.85 118.64
C GLU QF 93 15.50 23.83 118.03
N LEU QF 94 16.48 23.36 118.82
CA LEU QF 94 17.45 22.40 118.30
C LEU QF 94 16.77 21.08 117.95
N TRP QF 95 15.88 20.59 118.80
CA TRP QF 95 15.22 19.33 118.54
C TRP QF 95 14.35 19.39 117.29
N GLY QF 96 13.89 20.59 116.92
CA GLY QF 96 13.05 20.70 115.75
C GLY QF 96 13.77 20.29 114.48
N GLN QF 97 15.06 20.64 114.37
CA GLN QF 97 15.82 20.27 113.19
C GLN QF 97 16.11 18.78 113.15
N ILE QF 98 16.24 18.15 114.33
CA ILE QF 98 16.50 16.71 114.38
C ILE QF 98 15.37 15.94 113.72
N GLN QF 99 14.13 16.29 114.07
CA GLN QF 99 12.99 15.58 113.50
C GLN QF 99 12.85 15.83 112.01
N ARG QF 100 13.23 17.02 111.55
CA ARG QF 100 13.18 17.30 110.12
C ARG QF 100 14.10 16.35 109.36
N HIS QF 101 15.31 16.12 109.87
CA HIS QF 101 16.24 15.20 109.21
C HIS QF 101 15.72 13.77 109.28
N HIS QF 102 15.26 13.34 110.45
CA HIS QF 102 14.78 11.97 110.60
C HIS QF 102 13.47 11.76 109.87
N TYR QF 103 12.42 12.48 110.27
CA TYR QF 103 11.10 12.29 109.69
C TYR QF 103 10.94 13.05 108.38
N GLY QF 104 11.07 14.36 108.44
CA GLY QF 104 10.84 15.22 107.29
C GLY QF 104 10.03 16.42 107.72
N ILE QF 105 10.23 17.54 107.03
CA ILE QF 105 9.57 18.78 107.42
C ILE QF 105 8.05 18.63 107.32
N VAL QF 106 7.57 18.05 106.23
CA VAL QF 106 6.12 17.95 106.01
C VAL QF 106 5.48 17.10 107.10
N GLN QF 107 6.08 15.95 107.39
CA GLN QF 107 5.50 15.05 108.38
C GLN QF 107 5.47 15.67 109.77
N VAL QF 108 6.50 16.45 110.10
CA VAL QF 108 6.58 17.03 111.43
C VAL QF 108 5.39 17.96 111.67
N GLU QF 109 5.04 18.78 110.68
CA GLU QF 109 3.94 19.71 110.85
C GLU QF 109 2.67 18.99 111.31
N HIS QF 110 2.34 17.88 110.65
CA HIS QF 110 1.17 17.11 111.04
C HIS QF 110 1.33 16.57 112.46
N TYR QF 111 2.52 16.05 112.78
CA TYR QF 111 2.72 15.44 114.09
C TYR QF 111 2.52 16.45 115.22
N VAL QF 112 3.03 17.67 115.06
CA VAL QF 112 2.94 18.65 116.13
C VAL QF 112 1.48 18.99 116.40
N LYS QF 113 0.72 19.26 115.35
CA LYS QF 113 -0.69 19.61 115.55
C LYS QF 113 -1.45 18.46 116.18
N GLN QF 114 -1.17 17.22 115.75
CA GLN QF 114 -1.80 16.07 116.40
C GLN QF 114 -1.43 16.01 117.87
N ILE QF 115 -0.17 16.27 118.20
CA ILE QF 115 0.24 16.33 119.60
C ILE QF 115 -0.46 17.47 120.31
N THR QF 116 -0.53 18.64 119.66
CA THR QF 116 -1.15 19.79 120.29
C THR QF 116 -2.61 19.52 120.62
N LEU QF 117 -3.37 19.03 119.65
CA LEU QF 117 -4.76 18.68 119.91
C LEU QF 117 -4.86 17.58 120.95
N TRP QF 118 -3.99 16.58 120.88
CA TRP QF 118 -3.98 15.53 121.88
C TRP QF 118 -3.69 16.09 123.27
N GLN QF 119 -2.74 17.02 123.37
CA GLN QF 119 -2.46 17.64 124.65
C GLN QF 119 -3.60 18.58 125.06
N ASP QF 120 -4.24 19.24 124.10
CA ASP QF 120 -5.31 20.17 124.41
C ASP QF 120 -6.51 19.45 125.04
N THR QF 121 -6.88 18.31 124.49
CA THR QF 121 -8.04 17.59 124.98
C THR QF 121 -7.80 17.16 126.44
N PRO QF 122 -8.81 17.23 127.30
CA PRO QF 122 -8.62 16.81 128.69
C PRO QF 122 -8.23 15.35 128.80
N GLN QF 123 -7.40 15.04 129.81
CA GLN QF 123 -6.88 13.70 129.98
C GLN QF 123 -7.98 12.66 130.19
N ALA QF 124 -9.17 13.10 130.63
CA ALA QF 124 -10.25 12.14 130.87
C ALA QF 124 -10.63 11.40 129.60
N PHE QF 125 -10.72 12.12 128.48
CA PHE QF 125 -11.07 11.54 127.18
C PHE QF 125 -10.03 11.89 126.14
N ARG QF 126 -8.77 12.06 126.57
CA ARG QF 126 -7.72 12.49 125.65
C ARG QF 126 -7.48 11.44 124.57
N GLY QF 127 -7.44 10.17 124.94
CA GLY QF 127 -7.17 9.11 123.99
C GLY QF 127 -5.71 8.73 123.93
N ASP QF 128 -5.43 7.74 123.09
CA ASP QF 128 -4.08 7.25 122.94
C ASP QF 128 -3.20 8.32 122.29
N GLN QF 129 -1.98 8.45 122.79
CA GLN QF 129 -1.05 9.43 122.23
C GLN QF 129 -0.65 9.00 120.81
N PRO QF 130 -0.70 9.91 119.84
CA PRO QF 130 -0.32 9.52 118.48
C PRO QF 130 1.17 9.18 118.37
N LYS QF 131 1.48 8.30 117.44
CA LYS QF 131 2.84 7.86 117.23
C LYS QF 131 3.55 8.76 116.22
N PRO QF 132 4.88 8.81 116.25
CA PRO QF 132 5.61 9.65 115.30
C PRO QF 132 5.37 9.22 113.87
N PRO QF 133 5.61 10.11 112.90
CA PRO QF 133 5.39 9.74 111.49
C PRO QF 133 6.40 8.72 110.99
N SER QF 134 6.31 8.40 109.71
CA SER QF 134 7.26 7.48 109.08
C SER QF 134 8.54 8.21 108.71
N PHE QF 135 9.65 7.47 108.75
CA PHE QF 135 10.95 8.04 108.45
C PHE QF 135 11.03 8.44 106.98
N THR RF 3 33.64 21.50 119.73
CA THR RF 3 34.02 20.30 118.98
C THR RF 3 33.07 19.99 117.84
N PHE RF 4 31.77 20.21 118.02
CA PHE RF 4 30.81 19.87 116.96
C PHE RF 4 31.10 20.67 115.70
N ILE RF 5 31.38 21.96 115.84
CA ILE RF 5 31.67 22.78 114.67
C ILE RF 5 32.92 22.28 113.96
N GLU RF 6 33.89 21.80 114.73
CA GLU RF 6 35.10 21.25 114.12
C GLU RF 6 34.78 20.05 113.24
N LEU RF 7 33.86 19.19 113.69
CA LEU RF 7 33.49 18.04 112.89
C LEU RF 7 32.90 18.45 111.56
N VAL RF 8 32.08 19.51 111.55
CA VAL RF 8 31.53 20.01 110.29
C VAL RF 8 32.64 20.50 109.39
N LYS RF 9 33.60 21.23 109.96
CA LYS RF 9 34.71 21.75 109.17
C LYS RF 9 35.57 20.63 108.60
N ASN RF 10 35.44 19.41 109.11
CA ASN RF 10 36.16 18.26 108.61
C ASN RF 10 35.42 17.52 107.51
N MET RF 11 34.25 18.01 107.09
CA MET RF 11 33.43 17.32 106.12
C MET RF 11 33.95 17.58 104.71
N LYS RF 12 33.21 17.06 103.73
CA LYS RF 12 33.51 17.26 102.32
C LYS RF 12 32.44 18.17 101.72
N GLY RF 13 32.88 19.19 100.99
CA GLY RF 13 31.98 20.15 100.40
C GLY RF 13 31.60 21.30 101.31
N TYR RF 14 32.05 21.29 102.56
CA TYR RF 14 31.74 22.38 103.48
C TYR RF 14 32.38 23.68 103.00
N LYS RF 15 31.65 24.78 103.16
CA LYS RF 15 32.11 26.09 102.72
C LYS RF 15 31.74 27.11 103.78
N GLU RF 16 32.67 28.03 104.03
CA GLU RF 16 32.44 29.06 105.04
C GLU RF 16 31.36 30.03 104.58
N LEU RF 17 30.54 30.48 105.53
CA LEU RF 17 29.52 31.49 105.27
C LEU RF 17 29.54 32.64 106.26
N LEU RF 18 30.25 32.51 107.38
CA LEU RF 18 30.32 33.57 108.37
C LEU RF 18 31.45 34.53 108.01
N LEU RF 19 31.68 35.50 108.90
CA LEU RF 19 32.66 36.55 108.68
C LEU RF 19 33.47 36.75 109.95
N PRO RF 20 34.64 37.37 109.85
CA PRO RF 20 35.44 37.62 111.06
C PRO RF 20 34.67 38.46 112.07
N MET RF 21 34.93 38.19 113.35
CA MET RF 21 34.23 38.90 114.42
C MET RF 21 34.35 40.40 114.25
N GLU RF 22 35.50 40.88 113.76
CA GLU RF 22 35.69 42.31 113.58
C GLU RF 22 34.73 42.86 112.53
N MET RF 23 34.55 42.13 111.43
CA MET RF 23 33.67 42.57 110.35
C MET RF 23 32.23 42.16 110.63
N VAL RF 24 31.75 42.58 111.80
CA VAL RF 24 30.38 42.30 112.23
C VAL RF 24 29.79 43.58 112.80
N PRO RF 25 28.62 44.04 112.32
CA PRO RF 25 28.03 45.25 112.88
C PRO RF 25 27.81 45.14 114.38
N LEU RF 26 27.51 46.30 114.97
CA LEU RF 26 27.25 46.35 116.40
C LEU RF 26 25.89 45.73 116.71
N PRO RF 27 25.66 45.32 117.96
CA PRO RF 27 24.35 44.74 118.32
C PRO RF 27 23.24 45.76 118.24
N ALA RF 28 22.00 45.33 118.54
CA ALA RF 28 20.85 46.21 118.52
C ALA RF 28 20.57 46.73 117.12
N VAL RF 29 21.49 47.55 116.59
CA VAL RF 29 21.29 48.11 115.26
C VAL RF 29 21.24 47.01 114.21
N VAL RF 30 22.09 45.99 114.36
CA VAL RF 30 22.09 44.89 113.41
C VAL RF 30 20.73 44.19 113.40
N LEU RF 31 20.03 44.19 114.52
CA LEU RF 31 18.71 43.56 114.57
C LEU RF 31 17.70 44.25 113.68
N LYS RF 32 17.98 45.48 113.23
CA LYS RF 32 17.02 46.21 112.42
C LYS RF 32 16.78 45.51 111.08
N HIS RF 33 17.84 44.95 110.49
CA HIS RF 33 17.68 44.21 109.25
C HIS RF 33 16.69 43.06 109.41
N VAL RF 34 16.54 42.55 110.64
CA VAL RF 34 15.57 41.47 110.87
C VAL RF 34 14.17 41.93 110.52
N LYS RF 35 13.79 43.12 110.98
CA LYS RF 35 12.46 43.64 110.70
C LYS RF 35 12.26 43.87 109.22
N LEU RF 36 13.28 44.38 108.53
CA LEU RF 36 13.15 44.70 107.11
C LEU RF 36 13.04 43.45 106.24
N ILE RF 37 13.30 42.27 106.81
CA ILE RF 37 13.26 41.03 106.04
C ILE RF 37 12.08 40.19 106.50
N LEU RF 38 11.65 40.38 107.75
CA LEU RF 38 10.49 39.69 108.27
C LEU RF 38 9.21 40.46 107.97
N THR RF 39 9.15 41.72 108.38
CA THR RF 39 7.94 42.52 108.14
C THR RF 39 7.66 42.66 106.66
N SER RF 40 8.70 42.92 105.86
CA SER RF 40 8.56 43.07 104.41
C SER RF 40 8.69 41.70 103.73
N GLN RF 41 7.84 40.77 104.15
CA GLN RF 41 7.89 39.42 103.63
C GLN RF 41 6.53 38.77 103.76
N LYS RF 42 6.35 37.68 103.03
CA LYS RF 42 5.11 36.90 103.03
C LYS RF 42 5.45 35.48 102.62
N GLU RF 43 4.48 34.58 102.77
CA GLU RF 43 4.67 33.16 102.46
C GLU RF 43 5.78 32.58 103.35
N HIS RF 44 5.48 32.58 104.64
CA HIS RF 44 6.39 32.09 105.67
C HIS RF 44 7.11 30.83 105.22
N GLN RF 45 8.43 30.87 105.23
CA GLN RF 45 9.27 29.77 104.85
C GLN RF 45 10.03 29.22 106.06
N PRO RF 46 10.49 27.97 105.99
CA PRO RF 46 11.12 27.37 107.18
C PRO RF 46 12.30 28.17 107.70
N TRP RF 47 13.12 28.73 106.81
CA TRP RF 47 14.31 29.45 107.26
C TRP RF 47 13.95 30.74 107.99
N MET RF 48 12.78 31.31 107.71
CA MET RF 48 12.38 32.54 108.38
C MET RF 48 12.22 32.31 109.88
N THR RF 49 11.66 31.17 110.27
CA THR RF 49 11.51 30.88 111.69
C THR RF 49 12.87 30.75 112.36
N GLU RF 50 13.84 30.14 111.67
CA GLU RF 50 15.17 29.98 112.25
C GLU RF 50 15.77 31.34 112.58
N MET RF 51 15.65 32.31 111.65
CA MET RF 51 16.15 33.65 111.91
C MET RF 51 15.43 34.29 113.09
N ALA RF 52 14.10 34.13 113.15
CA ALA RF 52 13.34 34.75 114.21
C ALA RF 52 13.72 34.20 115.57
N LEU RF 53 13.90 32.88 115.67
CA LEU RF 53 14.24 32.24 116.93
C LEU RF 53 15.67 32.48 117.34
N LYS RF 54 16.51 33.01 116.46
CA LYS RF 54 17.90 33.34 116.78
C LYS RF 54 18.08 34.80 117.15
N ALA RF 55 17.47 35.71 116.38
CA ALA RF 55 17.61 37.13 116.68
C ALA RF 55 17.00 37.49 118.03
N ASP RF 56 15.85 36.92 118.35
CA ASP RF 56 15.19 37.22 119.62
C ASP RF 56 16.05 36.81 120.81
N GLN RF 57 16.98 35.87 120.63
CA GLN RF 57 17.82 35.45 121.73
C GLN RF 57 18.71 36.58 122.23
N CYS RF 58 19.20 37.42 121.32
CA CYS RF 58 20.06 38.53 121.73
C CYS RF 58 19.33 39.45 122.70
N LEU RF 59 18.06 39.72 122.43
CA LEU RF 59 17.27 40.54 123.35
C LEU RF 59 17.17 39.88 124.72
N ILE RF 60 16.98 38.57 124.76
CA ILE RF 60 16.90 37.86 126.03
C ILE RF 60 18.20 38.01 126.80
N HIS RF 61 19.33 37.77 126.12
CA HIS RF 61 20.62 38.00 126.77
C HIS RF 61 20.82 39.47 127.08
N LYS RF 62 20.42 40.36 126.16
CA LYS RF 62 20.54 41.78 126.41
C LYS RF 62 19.66 42.22 127.57
N ALA RF 63 18.47 41.63 127.70
CA ALA RF 63 17.56 41.99 128.77
C ALA RF 63 18.16 41.73 130.14
N THR RF 64 19.10 40.79 130.25
CA THR RF 64 19.72 40.50 131.54
C THR RF 64 20.60 41.63 132.02
N LEU RF 65 20.99 42.55 131.13
CA LEU RF 65 21.83 43.66 131.54
C LEU RF 65 21.16 44.51 132.62
N ASP RF 66 19.82 44.59 132.59
CA ASP RF 66 19.12 45.31 133.64
C ASP RF 66 19.37 44.68 135.00
N PRO RF 78 32.66 36.30 135.88
CA PRO RF 78 32.66 35.46 134.67
C PRO RF 78 31.28 35.26 134.08
N LEU RF 79 30.25 35.16 134.93
CA LEU RF 79 28.89 35.00 134.44
C LEU RF 79 28.46 36.20 133.62
N ILE RF 80 28.75 37.41 134.11
CA ILE RF 80 28.37 38.61 133.38
C ILE RF 80 29.22 38.76 132.12
N GLU RF 81 30.53 38.51 132.23
CA GLU RF 81 31.40 38.62 131.08
C GLU RF 81 31.06 37.59 130.01
N ALA RF 82 30.76 36.37 130.42
CA ALA RF 82 30.52 35.29 129.46
C ALA RF 82 29.34 35.61 128.55
N MET RF 83 28.26 36.14 129.13
CA MET RF 83 27.07 36.42 128.32
C MET RF 83 27.38 37.43 127.22
N GLN RF 84 28.17 38.47 127.55
CA GLN RF 84 28.49 39.48 126.55
C GLN RF 84 29.24 38.87 125.37
N GLN RF 85 30.16 37.94 125.66
CA GLN RF 85 30.91 37.30 124.59
C GLN RF 85 29.99 36.52 123.65
N ILE RF 86 28.98 35.85 124.21
CA ILE RF 86 28.11 35.01 123.40
C ILE RF 86 27.34 35.85 122.38
N ILE RF 87 26.98 37.08 122.75
CA ILE RF 87 26.19 37.92 121.85
C ILE RF 87 26.93 38.13 120.53
N LEU RF 88 28.26 38.31 120.61
CA LEU RF 88 29.03 38.50 119.39
C LEU RF 88 28.94 37.28 118.49
N ALA RF 89 29.02 36.08 119.07
CA ALA RF 89 28.95 34.86 118.28
C ALA RF 89 27.60 34.73 117.58
N MET RF 90 26.51 34.99 118.31
CA MET RF 90 25.19 34.91 117.69
C MET RF 90 25.03 35.99 116.62
N THR RF 91 25.55 37.19 116.88
CA THR RF 91 25.44 38.26 115.90
C THR RF 91 26.12 37.87 114.58
N ARG RF 92 27.27 37.19 114.68
CA ARG RF 92 27.95 36.74 113.47
C ARG RF 92 27.07 35.81 112.65
N GLU RF 93 26.37 34.89 113.31
CA GLU RF 93 25.49 33.97 112.60
C GLU RF 93 24.35 34.72 111.92
N LEU RF 94 23.81 35.74 112.58
CA LEU RF 94 22.70 36.48 112.01
C LEU RF 94 23.08 37.10 110.67
N TRP RF 95 24.27 37.70 110.60
CA TRP RF 95 24.68 38.38 109.37
C TRP RF 95 24.78 37.41 108.21
N GLY RF 96 25.33 36.21 108.46
CA GLY RF 96 25.45 35.24 107.39
C GLY RF 96 24.12 34.85 106.79
N GLN RF 97 23.10 34.69 107.63
CA GLN RF 97 21.77 34.39 107.12
C GLN RF 97 21.24 35.52 106.27
N ILE RF 98 21.48 36.77 106.70
CA ILE RF 98 20.99 37.92 105.95
C ILE RF 98 21.61 37.94 104.56
N GLN RF 99 22.93 37.75 104.48
CA GLN RF 99 23.60 37.68 103.19
C GLN RF 99 23.15 36.46 102.40
N ARG RF 100 22.85 35.36 103.09
CA ARG RF 100 22.32 34.18 102.42
C ARG RF 100 21.00 34.46 101.75
N HIS RF 101 20.30 35.53 102.14
CA HIS RF 101 19.04 35.92 101.55
C HIS RF 101 19.17 37.06 100.56
N HIS RF 102 19.92 38.10 100.92
CA HIS RF 102 20.07 39.27 100.07
C HIS RF 102 20.87 38.94 98.81
N TYR RF 103 22.12 38.53 98.99
CA TYR RF 103 23.01 38.23 97.86
C TYR RF 103 23.03 36.74 97.55
N GLY RF 104 21.84 36.17 97.37
CA GLY RF 104 21.79 34.76 97.04
C GLY RF 104 22.36 33.91 98.16
N ILE RF 105 22.62 32.66 97.82
CA ILE RF 105 23.21 31.70 98.75
C ILE RF 105 24.48 31.13 98.15
N VAL RF 106 24.56 31.14 96.81
CA VAL RF 106 25.75 30.62 96.13
C VAL RF 106 26.80 31.70 96.02
N GLN RF 107 26.40 32.91 95.60
CA GLN RF 107 27.36 34.01 95.46
C GLN RF 107 27.96 34.42 96.79
N VAL RF 108 27.29 34.11 97.91
CA VAL RF 108 27.81 34.49 99.22
C VAL RF 108 29.14 33.81 99.48
N GLU RF 109 29.25 32.52 99.15
CA GLU RF 109 30.48 31.79 99.41
C GLU RF 109 31.65 32.42 98.67
N HIS RF 110 31.43 32.84 97.41
CA HIS RF 110 32.50 33.47 96.66
C HIS RF 110 32.98 34.74 97.34
N TYR RF 111 32.05 35.56 97.83
CA TYR RF 111 32.44 36.81 98.48
C TYR RF 111 33.27 36.54 99.73
N VAL RF 112 32.80 35.64 100.60
CA VAL RF 112 33.55 35.35 101.82
C VAL RF 112 34.88 34.71 101.48
N LYS RF 113 34.93 33.91 100.43
CA LYS RF 113 36.20 33.33 100.00
C LYS RF 113 37.23 34.41 99.72
N GLN RF 114 36.82 35.47 99.02
CA GLN RF 114 37.74 36.57 98.74
C GLN RF 114 38.05 37.38 99.99
N ILE RF 115 37.07 37.52 100.89
CA ILE RF 115 37.30 38.27 102.12
C ILE RF 115 38.43 37.64 102.92
N THR RF 116 38.43 36.31 103.02
CA THR RF 116 39.47 35.63 103.80
C THR RF 116 40.85 35.91 103.20
N LEU RF 117 40.97 35.81 101.88
CA LEU RF 117 42.25 36.09 101.23
C LEU RF 117 42.65 37.55 101.39
N TRP RF 118 41.69 38.46 101.23
CA TRP RF 118 41.99 39.89 101.27
C TRP RF 118 42.44 40.35 102.66
N GLN RF 119 42.09 39.62 103.70
CA GLN RF 119 42.45 40.00 105.07
C GLN RF 119 43.64 39.20 105.60
N ASP RF 120 43.73 37.92 105.26
CA ASP RF 120 44.81 37.10 105.78
C ASP RF 120 46.17 37.59 105.29
N THR RF 121 46.25 38.01 104.02
CA THR RF 121 47.51 38.51 103.50
C THR RF 121 47.89 39.80 104.23
N PRO RF 122 49.18 40.11 104.30
CA PRO RF 122 49.61 41.33 105.00
C PRO RF 122 49.04 42.57 104.34
N GLN RF 123 48.83 43.60 105.14
CA GLN RF 123 48.21 44.84 104.65
C GLN RF 123 49.00 45.47 103.51
N ALA RF 124 50.29 45.15 103.40
CA ALA RF 124 51.11 45.72 102.33
C ALA RF 124 50.82 45.11 100.97
N PHE RF 125 50.04 44.03 100.91
CA PHE RF 125 49.76 43.33 99.66
C PHE RF 125 48.27 43.25 99.33
N ARG RF 126 47.38 43.61 100.26
CA ARG RF 126 45.96 43.42 100.04
C ARG RF 126 45.49 44.16 98.78
N GLY RF 127 45.61 45.50 98.79
CA GLY RF 127 45.14 46.30 97.68
C GLY RF 127 43.85 47.03 98.00
N ASP RF 128 42.74 46.58 97.40
CA ASP RF 128 41.44 47.19 97.59
C ASP RF 128 40.44 46.13 98.02
N GLN RF 129 39.53 46.51 98.91
CA GLN RF 129 38.52 45.58 99.38
C GLN RF 129 37.63 45.14 98.21
N PRO RF 130 37.33 43.84 98.09
CA PRO RF 130 36.43 43.39 97.02
C PRO RF 130 34.98 43.67 97.39
N LYS RF 131 34.31 44.48 96.58
CA LYS RF 131 32.93 44.85 96.87
C LYS RF 131 32.03 43.62 96.79
N PRO RF 132 31.13 43.43 97.77
CA PRO RF 132 30.23 42.28 97.71
C PRO RF 132 29.29 42.39 96.52
N PRO RF 133 28.81 41.26 95.99
CA PRO RF 133 27.87 41.33 94.87
C PRO RF 133 26.56 41.98 95.28
N SER RF 134 25.93 42.64 94.32
CA SER RF 134 24.67 43.33 94.58
C SER RF 134 23.54 42.33 94.72
N PHE RF 135 22.32 42.85 94.86
CA PHE RF 135 21.12 42.02 95.06
C PHE RF 135 20.76 41.40 93.71
N THR SF 3 71.52 21.25 96.85
CA THR SF 3 72.13 20.99 95.55
C THR SF 3 71.13 20.45 94.55
N PHE SF 4 70.04 19.84 95.00
CA PHE SF 4 69.02 19.36 94.08
C PHE SF 4 68.42 20.52 93.29
N ILE SF 5 68.18 21.65 93.95
CA ILE SF 5 67.63 22.80 93.25
C ILE SF 5 68.55 23.22 92.12
N GLU SF 6 69.86 23.15 92.37
CA GLU SF 6 70.82 23.43 91.30
C GLU SF 6 70.65 22.44 90.15
N LEU SF 7 70.43 21.17 90.47
CA LEU SF 7 70.24 20.17 89.42
C LEU SF 7 69.00 20.47 88.59
N VAL SF 8 68.04 21.19 89.16
CA VAL SF 8 66.85 21.58 88.42
C VAL SF 8 66.89 23.05 87.98
N LYS SF 9 67.73 23.88 88.61
CA LYS SF 9 67.81 25.28 88.20
C LYS SF 9 68.17 25.42 86.73
N ASN SF 10 68.88 24.44 86.17
CA ASN SF 10 69.22 24.46 84.75
C ASN SF 10 68.10 23.93 83.86
N MET SF 11 67.08 23.29 84.44
CA MET SF 11 65.99 22.76 83.64
C MET SF 11 65.21 23.91 82.99
N LYS SF 12 64.67 23.62 81.80
CA LYS SF 12 63.92 24.64 81.07
C LYS SF 12 62.67 25.08 81.84
N GLY SF 13 61.96 24.13 82.42
CA GLY SF 13 60.70 24.44 83.08
C GLY SF 13 60.84 24.77 84.54
N TYR SF 14 62.08 24.90 85.02
CA TYR SF 14 62.30 25.25 86.41
C TYR SF 14 61.77 26.64 86.72
N LYS SF 15 61.19 26.78 87.91
CA LYS SF 15 60.58 28.04 88.32
C LYS SF 15 60.90 28.30 89.79
N GLU SF 16 60.91 29.58 90.16
CA GLU SF 16 61.14 29.99 91.55
C GLU SF 16 59.79 30.00 92.27
N LEU SF 17 59.34 28.80 92.64
CA LEU SF 17 58.08 28.66 93.34
C LEU SF 17 58.12 29.26 94.74
N LEU SF 18 59.32 29.48 95.29
CA LEU SF 18 59.46 30.03 96.63
C LEU SF 18 59.15 31.52 96.58
N LEU SF 19 57.94 31.89 97.01
CA LEU SF 19 57.53 33.28 96.96
C LEU SF 19 58.22 34.07 98.06
N PRO SF 20 58.22 35.40 97.96
CA PRO SF 20 58.89 36.22 98.98
C PRO SF 20 58.34 35.94 100.37
N MET SF 21 59.25 35.98 101.35
CA MET SF 21 58.86 35.72 102.73
C MET SF 21 57.82 36.73 103.21
N GLU SF 22 58.02 38.01 102.88
CA GLU SF 22 57.06 39.04 103.29
C GLU SF 22 55.70 38.78 102.66
N MET SF 23 55.66 38.18 101.48
CA MET SF 23 54.39 37.98 100.79
C MET SF 23 53.46 37.05 101.57
N VAL SF 24 54.01 35.96 102.11
CA VAL SF 24 53.19 34.94 102.77
C VAL SF 24 52.84 35.40 104.18
N PRO SF 25 51.72 34.93 104.75
CA PRO SF 25 51.39 35.29 106.13
C PRO SF 25 52.08 34.39 107.15
N LEU SF 26 51.72 34.54 108.42
CA LEU SF 26 52.32 33.73 109.46
C LEU SF 26 51.88 32.27 109.31
N PRO SF 27 52.66 31.34 109.88
CA PRO SF 27 52.33 29.92 109.68
C PRO SF 27 50.93 29.53 110.13
N ALA SF 28 50.45 30.13 111.23
CA ALA SF 28 49.15 29.73 111.77
C ALA SF 28 48.03 30.00 110.77
N VAL SF 29 48.07 31.16 110.10
CA VAL SF 29 46.99 31.51 109.18
C VAL SF 29 46.98 30.58 107.98
N VAL SF 30 48.16 30.17 107.51
CA VAL SF 30 48.23 29.32 106.32
C VAL SF 30 47.50 28.00 106.58
N LEU SF 31 47.72 27.43 107.76
CA LEU SF 31 47.07 26.16 108.09
C LEU SF 31 45.55 26.26 107.94
N LYS SF 32 44.99 27.44 108.19
CA LYS SF 32 43.55 27.62 108.05
C LYS SF 32 43.10 27.37 106.62
N HIS SF 33 43.85 27.89 105.64
CA HIS SF 33 43.46 27.72 104.24
C HIS SF 33 43.64 26.28 103.78
N VAL SF 34 44.55 25.54 104.39
CA VAL SF 34 44.75 24.14 103.99
C VAL SF 34 43.49 23.34 104.25
N LYS SF 35 42.87 23.54 105.42
CA LYS SF 35 41.60 22.87 105.71
C LYS SF 35 40.52 23.32 104.75
N LEU SF 36 40.46 24.63 104.47
CA LEU SF 36 39.41 25.15 103.60
C LEU SF 36 39.58 24.66 102.17
N ILE SF 37 40.81 24.66 101.65
CA ILE SF 37 41.02 24.24 100.27
C ILE SF 37 40.83 22.73 100.14
N LEU SF 38 41.37 21.96 101.09
CA LEU SF 38 41.16 20.51 101.05
C LEU SF 38 39.68 20.16 101.20
N THR SF 39 39.00 20.82 102.13
CA THR SF 39 37.58 20.55 102.33
C THR SF 39 36.77 20.90 101.09
N SER SF 40 37.04 22.06 100.49
CA SER SF 40 36.29 22.49 99.31
C SER SF 40 36.51 21.53 98.15
N GLN SF 41 37.76 21.12 97.92
CA GLN SF 41 38.07 20.25 96.81
C GLN SF 41 37.45 18.87 97.02
N LYS SF 42 36.96 18.27 95.93
CA LYS SF 42 36.29 16.99 95.99
C LYS SF 42 37.04 15.88 95.27
N GLU SF 43 37.43 16.10 94.01
CA GLU SF 43 38.12 15.06 93.26
C GLU SF 43 39.45 14.72 93.93
N HIS SF 44 39.75 13.42 93.99
CA HIS SF 44 40.96 12.95 94.65
C HIS SF 44 42.11 12.88 93.64
N GLN SF 45 43.17 13.61 93.93
CA GLN SF 45 44.40 13.59 93.16
C GLN SF 45 45.58 13.48 94.11
N PRO SF 46 46.74 13.02 93.62
CA PRO SF 46 47.88 12.82 94.53
C PRO SF 46 48.35 14.11 95.20
N TRP SF 47 48.12 15.28 94.60
CA TRP SF 47 48.65 16.51 95.19
C TRP SF 47 48.03 16.79 96.54
N MET SF 48 46.71 16.62 96.67
CA MET SF 48 46.06 16.86 97.96
C MET SF 48 46.55 15.86 99.01
N THR SF 49 46.74 14.60 98.61
CA THR SF 49 47.28 13.60 99.53
C THR SF 49 48.67 14.00 100.02
N GLU SF 50 49.53 14.45 99.10
CA GLU SF 50 50.85 14.92 99.48
C GLU SF 50 50.81 16.30 100.11
N MET SF 51 49.84 17.12 99.73
CA MET SF 51 49.73 18.46 100.29
C MET SF 51 49.49 18.41 101.79
N ALA SF 52 48.62 17.50 102.24
CA ALA SF 52 48.35 17.37 103.66
C ALA SF 52 49.61 16.93 104.42
N LEU SF 53 50.36 15.99 103.86
CA LEU SF 53 51.55 15.50 104.53
C LEU SF 53 52.57 16.61 104.72
N LYS SF 54 52.75 17.45 103.69
CA LYS SF 54 53.73 18.53 103.79
C LYS SF 54 53.35 19.51 104.88
N ALA SF 55 52.06 19.82 105.01
CA ALA SF 55 51.61 20.74 106.04
C ALA SF 55 51.64 20.11 107.42
N ASP SF 56 51.50 18.79 107.49
CA ASP SF 56 51.46 18.11 108.78
C ASP SF 56 52.75 18.33 109.56
N GLN SF 57 53.89 18.29 108.87
CA GLN SF 57 55.17 18.41 109.57
C GLN SF 57 55.24 19.69 110.38
N CYS SF 58 54.66 20.78 109.86
CA CYS SF 58 54.68 22.04 110.59
C CYS SF 58 54.01 21.93 111.95
N LEU SF 59 52.95 21.12 112.05
CA LEU SF 59 52.27 20.97 113.33
C LEU SF 59 53.18 20.36 114.38
N ILE SF 60 53.98 19.36 114.01
CA ILE SF 60 54.86 18.72 114.97
C ILE SF 60 55.86 19.71 115.52
N HIS SF 61 56.42 20.55 114.64
CA HIS SF 61 57.40 21.54 115.09
C HIS SF 61 56.77 22.53 116.06
N LYS SF 62 55.49 22.85 115.88
CA LYS SF 62 54.80 23.75 116.81
C LYS SF 62 54.87 23.21 118.23
N ALA SF 63 54.51 21.94 118.42
CA ALA SF 63 54.56 21.33 119.73
C ALA SF 63 55.98 20.98 120.15
N THR SF 64 56.83 20.61 119.20
CA THR SF 64 58.21 20.27 119.54
C THR SF 64 58.90 21.43 120.23
N LEU SF 65 58.81 22.62 119.65
CA LEU SF 65 59.41 23.80 120.27
C LEU SF 65 58.59 24.29 121.46
N PRO SF 78 71.79 27.41 118.07
CA PRO SF 78 71.73 27.20 116.61
C PRO SF 78 70.67 26.19 116.20
N LEU SF 79 70.45 25.16 117.02
CA LEU SF 79 69.45 24.14 116.67
C LEU SF 79 68.05 24.73 116.67
N ILE SF 80 67.69 25.42 117.76
CA ILE SF 80 66.34 25.98 117.87
C ILE SF 80 66.12 27.05 116.81
N GLU SF 81 67.11 27.92 116.60
CA GLU SF 81 66.96 29.01 115.64
C GLU SF 81 66.73 28.47 114.23
N ALA SF 82 67.46 27.41 113.86
CA ALA SF 82 67.30 26.84 112.53
C ALA SF 82 65.88 26.32 112.32
N MET SF 83 65.29 25.69 113.33
CA MET SF 83 63.94 25.16 113.20
C MET SF 83 62.95 26.29 112.90
N GLN SF 84 63.13 27.45 113.53
CA GLN SF 84 62.24 28.57 113.28
C GLN SF 84 62.27 28.97 111.81
N GLN SF 85 63.47 29.01 111.21
CA GLN SF 85 63.57 29.30 109.79
C GLN SF 85 63.01 28.17 108.94
N ILE SF 86 63.17 26.92 109.40
CA ILE SF 86 62.67 25.78 108.64
C ILE SF 86 61.16 25.86 108.51
N ILE SF 87 60.46 26.21 109.60
CA ILE SF 87 59.01 26.30 109.55
C ILE SF 87 58.58 27.32 108.49
N LEU SF 88 59.24 28.48 108.47
CA LEU SF 88 58.92 29.48 107.47
C LEU SF 88 59.22 28.99 106.06
N ALA SF 89 60.22 28.11 105.91
CA ALA SF 89 60.53 27.58 104.60
C ALA SF 89 59.36 26.79 104.02
N MET SF 90 58.71 25.98 104.85
CA MET SF 90 57.59 25.19 104.36
C MET SF 90 56.37 26.07 104.09
N THR SF 91 56.21 27.16 104.84
CA THR SF 91 55.05 28.03 104.62
C THR SF 91 55.08 28.62 103.23
N ARG SF 92 56.24 29.06 102.75
CA ARG SF 92 56.34 29.59 101.41
C ARG SF 92 55.97 28.54 100.38
N GLU SF 93 56.43 27.30 100.57
CA GLU SF 93 56.09 26.23 99.65
C GLU SF 93 54.60 25.94 99.67
N LEU SF 94 54.00 25.92 100.86
CA LEU SF 94 52.57 25.62 100.97
C LEU SF 94 51.73 26.70 100.29
N TRP SF 95 52.07 27.97 100.51
CA TRP SF 95 51.28 29.05 99.94
C TRP SF 95 51.30 29.01 98.42
N GLY SF 96 52.37 28.49 97.83
CA GLY SF 96 52.42 28.40 96.38
C GLY SF 96 51.34 27.50 95.81
N GLN SF 97 51.18 26.31 96.42
CA GLN SF 97 50.13 25.40 95.98
C GLN SF 97 48.75 26.00 96.21
N ILE SF 98 48.59 26.74 97.30
CA ILE SF 98 47.30 27.38 97.58
C ILE SF 98 46.94 28.36 96.47
N GLN SF 99 47.88 29.23 96.11
CA GLN SF 99 47.59 30.24 95.09
C GLN SF 99 47.47 29.60 93.71
N ARG SF 100 48.35 28.65 93.40
CA ARG SF 100 48.28 28.00 92.09
C ARG SF 100 46.98 27.25 91.91
N HIS SF 101 46.52 26.55 92.96
CA HIS SF 101 45.27 25.81 92.86
C HIS SF 101 44.08 26.75 92.70
N HIS SF 102 44.04 27.83 93.48
CA HIS SF 102 42.91 28.75 93.42
C HIS SF 102 42.85 29.46 92.07
N TYR SF 103 43.97 30.06 91.66
CA TYR SF 103 44.02 30.82 90.41
C TYR SF 103 44.57 29.98 89.26
N GLY SF 104 45.80 29.50 89.40
CA GLY SF 104 46.45 28.73 88.35
C GLY SF 104 47.95 28.83 88.46
N ILE SF 105 48.61 27.86 87.83
CA ILE SF 105 50.07 27.80 87.91
C ILE SF 105 50.70 29.00 87.20
N VAL SF 106 50.19 29.33 86.01
CA VAL SF 106 50.78 30.41 85.23
C VAL SF 106 50.53 31.75 85.90
N GLN SF 107 49.33 31.95 86.45
CA GLN SF 107 48.98 33.25 87.01
C GLN SF 107 49.91 33.62 88.18
N VAL SF 108 50.18 32.66 89.05
CA VAL SF 108 51.07 32.93 90.18
C VAL SF 108 52.47 33.30 89.68
N GLU SF 109 52.99 32.51 88.73
CA GLU SF 109 54.28 32.83 88.15
C GLU SF 109 54.25 34.17 87.44
N HIS SF 110 53.10 34.52 86.85
CA HIS SF 110 52.96 35.78 86.14
C HIS SF 110 52.80 36.96 87.09
N TYR SF 111 52.09 36.76 88.20
CA TYR SF 111 51.75 37.85 89.11
C TYR SF 111 52.80 38.08 90.18
N VAL SF 112 53.56 37.06 90.57
CA VAL SF 112 54.52 37.21 91.67
C VAL SF 112 55.55 38.27 91.32
N LYS SF 113 56.06 38.24 90.10
CA LYS SF 113 57.12 39.18 89.71
C LYS SF 113 56.62 40.62 89.74
N GLN SF 114 55.37 40.84 89.35
CA GLN SF 114 54.85 42.20 89.25
C GLN SF 114 54.94 42.92 90.58
N ILE SF 115 54.50 42.27 91.66
CA ILE SF 115 54.50 42.92 92.96
C ILE SF 115 55.92 43.17 93.44
N THR SF 116 56.84 42.25 93.13
CA THR SF 116 58.23 42.44 93.53
C THR SF 116 58.81 43.70 92.88
N LEU SF 117 58.50 43.93 91.61
CA LEU SF 117 58.97 45.13 90.94
C LEU SF 117 58.42 46.39 91.60
N TRP SF 118 57.13 46.37 91.95
CA TRP SF 118 56.52 47.55 92.57
C TRP SF 118 57.23 47.91 93.87
N GLN SF 119 57.84 46.93 94.54
CA GLN SF 119 58.57 47.22 95.77
C GLN SF 119 59.98 47.72 95.48
N ASP SF 120 60.71 47.01 94.63
CA ASP SF 120 62.10 47.37 94.30
C ASP SF 120 62.07 48.52 93.31
N THR SF 121 61.75 49.71 93.84
CA THR SF 121 61.66 50.92 93.03
C THR SF 121 61.82 52.11 93.97
N PRO SF 122 62.36 53.24 93.50
CA PRO SF 122 62.58 54.37 94.41
C PRO SF 122 61.30 55.01 94.91
N GLN SF 123 60.61 54.31 95.82
CA GLN SF 123 59.44 54.83 96.53
C GLN SF 123 58.53 55.70 95.66
N ALA SF 124 59.01 56.88 95.27
CA ALA SF 124 58.14 57.85 94.63
C ALA SF 124 57.49 57.27 93.37
N PHE SF 125 58.31 56.73 92.47
CA PHE SF 125 57.79 56.12 91.25
C PHE SF 125 57.59 54.62 91.42
N ARG SF 126 56.90 54.23 92.50
CA ARG SF 126 56.70 52.82 92.76
C ARG SF 126 55.77 52.19 91.72
N GLY SF 127 54.74 52.92 91.32
CA GLY SF 127 53.79 52.42 90.34
C GLY SF 127 52.38 52.85 90.64
N ASP SF 128 51.44 51.90 90.61
CA ASP SF 128 50.04 52.20 90.88
C ASP SF 128 49.39 51.13 91.73
N GLN SF 129 50.18 50.52 92.63
CA GLN SF 129 49.65 49.48 93.51
C GLN SF 129 49.02 48.37 92.68
N PRO SF 130 49.82 47.55 92.00
CA PRO SF 130 49.25 46.58 91.06
C PRO SF 130 48.20 45.70 91.72
N LYS SF 131 47.09 45.50 91.03
CA LYS SF 131 45.98 44.75 91.58
C LYS SF 131 46.33 43.26 91.63
N PRO SF 132 45.83 42.54 92.62
CA PRO SF 132 46.04 41.09 92.66
C PRO SF 132 45.24 40.40 91.56
N PRO SF 133 45.60 39.18 91.20
CA PRO SF 133 44.91 38.52 90.08
C PRO SF 133 43.43 38.33 90.36
N THR TF 3 -10.15 125.53 18.96
CA THR TF 3 -11.39 124.93 18.47
C THR TF 3 -11.18 123.47 18.11
N PHE TF 4 -10.06 123.16 17.46
CA PHE TF 4 -9.83 121.78 17.00
C PHE TF 4 -9.77 120.81 18.17
N ILE TF 5 -9.06 121.19 19.24
CA ILE TF 5 -8.91 120.29 20.37
C ILE TF 5 -10.27 119.95 20.97
N GLU TF 6 -11.18 120.93 21.00
CA GLU TF 6 -12.53 120.66 21.46
C GLU TF 6 -13.19 119.58 20.61
N LEU TF 7 -12.98 119.63 19.29
CA LEU TF 7 -13.57 118.61 18.42
C LEU TF 7 -13.00 117.24 18.72
N VAL TF 8 -11.70 117.15 18.96
CA VAL TF 8 -11.08 115.84 19.21
C VAL TF 8 -11.56 115.27 20.54
N LYS TF 9 -11.71 116.13 21.55
CA LYS TF 9 -12.19 115.65 22.84
C LYS TF 9 -13.55 114.98 22.70
N ASN TF 10 -14.32 115.36 21.69
CA ASN TF 10 -15.61 114.73 21.41
C ASN TF 10 -15.39 113.47 20.56
N MET TF 11 -14.61 112.56 21.10
CA MET TF 11 -14.28 111.31 20.41
C MET TF 11 -14.20 110.18 21.42
N LYS TF 12 -14.30 108.96 20.90
CA LYS TF 12 -14.37 107.77 21.73
C LYS TF 12 -12.98 107.17 21.92
N GLY TF 13 -12.70 106.73 23.15
CA GLY TF 13 -11.38 106.25 23.49
C GLY TF 13 -10.39 107.33 23.82
N TYR TF 14 -10.84 108.56 24.05
CA TYR TF 14 -9.95 109.67 24.32
C TYR TF 14 -9.49 109.62 25.78
N LYS TF 15 -8.19 109.39 25.97
CA LYS TF 15 -7.58 109.38 27.29
C LYS TF 15 -6.67 110.60 27.41
N GLU TF 16 -6.96 111.45 28.40
CA GLU TF 16 -6.19 112.66 28.58
C GLU TF 16 -4.78 112.32 29.06
N LEU TF 17 -3.81 113.14 28.62
CA LEU TF 17 -2.41 112.90 28.96
C LEU TF 17 -1.66 114.17 29.34
N LEU TF 18 -2.36 115.28 29.58
CA LEU TF 18 -1.74 116.55 29.90
C LEU TF 18 -2.12 116.96 31.31
N LEU TF 19 -1.12 117.34 32.10
CA LEU TF 19 -1.34 117.76 33.46
C LEU TF 19 -1.75 119.24 33.51
N PRO TF 20 -2.29 119.70 34.63
CA PRO TF 20 -2.63 121.12 34.75
C PRO TF 20 -1.40 121.99 34.60
N MET TF 21 -1.60 123.19 34.06
CA MET TF 21 -0.51 124.13 33.87
C MET TF 21 0.20 124.46 35.18
N GLU TF 22 -0.50 124.35 36.30
CA GLU TF 22 0.07 124.69 37.60
C GLU TF 22 0.98 123.61 38.15
N MET TF 23 1.02 122.42 37.54
CA MET TF 23 1.82 121.33 38.04
C MET TF 23 3.03 121.00 37.18
N VAL TF 24 3.01 121.37 35.90
CA VAL TF 24 4.12 121.06 35.00
C VAL TF 24 5.34 121.84 35.44
N PRO TF 25 6.56 121.34 35.21
CA PRO TF 25 7.75 122.07 35.63
C PRO TF 25 7.89 123.37 34.86
N LEU TF 26 8.86 124.18 35.29
CA LEU TF 26 9.21 125.38 34.56
C LEU TF 26 9.83 125.00 33.22
N PRO TF 27 9.70 125.88 32.21
CA PRO TF 27 10.22 125.52 30.88
C PRO TF 27 11.70 125.17 30.90
N ALA TF 28 12.50 125.85 31.74
CA ALA TF 28 13.92 125.55 31.80
C ALA TF 28 14.17 124.12 32.26
N VAL TF 29 13.40 123.66 33.24
CA VAL TF 29 13.60 122.31 33.77
C VAL TF 29 13.27 121.27 32.73
N VAL TF 30 12.24 121.50 31.91
CA VAL TF 30 11.81 120.50 30.96
C VAL TF 30 12.91 120.19 29.96
N LEU TF 31 13.58 121.24 29.47
CA LEU TF 31 14.65 121.05 28.49
C LEU TF 31 15.73 120.11 29.01
N LYS TF 32 15.94 120.09 30.32
CA LYS TF 32 16.98 119.23 30.89
C LYS TF 32 16.69 117.76 30.62
N HIS TF 33 15.43 117.34 30.78
CA HIS TF 33 15.08 115.95 30.51
C HIS TF 33 15.15 115.64 29.03
N VAL TF 34 14.95 116.65 28.17
CA VAL TF 34 14.99 116.41 26.74
C VAL TF 34 16.37 115.92 26.32
N LYS TF 35 17.42 116.58 26.83
CA LYS TF 35 18.78 116.19 26.47
C LYS TF 35 19.08 114.76 26.91
N LEU TF 36 18.67 114.42 28.14
CA LEU TF 36 18.92 113.06 28.64
C LEU TF 36 18.14 112.04 27.83
N ILE TF 37 16.86 112.27 27.63
CA ILE TF 37 16.02 111.31 26.93
C ILE TF 37 16.47 111.16 25.48
N LEU TF 38 16.73 112.28 24.81
CA LEU TF 38 17.21 112.23 23.44
C LEU TF 38 18.57 111.55 23.37
N THR TF 39 19.53 112.03 24.17
CA THR TF 39 20.89 111.53 24.06
C THR TF 39 21.01 110.12 24.61
N SER TF 40 20.41 109.86 25.77
CA SER TF 40 20.47 108.54 26.40
C SER TF 40 19.40 107.63 25.78
N GLN TF 41 19.55 107.40 24.49
CA GLN TF 41 18.63 106.55 23.74
C GLN TF 41 19.39 105.82 22.65
N LYS TF 42 18.89 104.63 22.31
CA LYS TF 42 19.48 103.80 21.27
C LYS TF 42 18.38 103.37 20.30
N GLU TF 43 18.77 103.16 19.05
CA GLU TF 43 17.84 102.78 17.99
C GLU TF 43 16.74 103.84 17.85
N HIS TF 44 17.19 105.03 17.42
CA HIS TF 44 16.31 106.19 17.28
C HIS TF 44 14.97 105.79 16.69
N GLN TF 45 13.91 106.33 17.28
CA GLN TF 45 12.54 106.04 16.92
C GLN TF 45 11.84 107.31 16.44
N PRO TF 46 10.75 107.17 15.67
CA PRO TF 46 10.14 108.37 15.08
C PRO TF 46 9.71 109.41 16.10
N TRP TF 47 9.22 108.98 17.27
CA TRP TF 47 8.74 109.94 18.25
C TRP TF 47 9.86 110.81 18.80
N MET TF 48 11.11 110.36 18.71
CA MET TF 48 12.23 111.18 19.17
C MET TF 48 12.32 112.46 18.35
N THR TF 49 12.12 112.37 17.03
CA THR TF 49 12.20 113.55 16.18
C THR TF 49 11.12 114.57 16.57
N GLU TF 50 9.92 114.09 16.86
CA GLU TF 50 8.84 115.00 17.22
C GLU TF 50 9.19 115.79 18.47
N MET TF 51 9.79 115.13 19.47
CA MET TF 51 10.13 115.81 20.71
C MET TF 51 11.10 116.96 20.46
N ALA TF 52 12.12 116.72 19.65
CA ALA TF 52 13.13 117.75 19.41
C ALA TF 52 12.53 118.95 18.69
N LEU TF 53 11.66 118.70 17.70
CA LEU TF 53 11.10 119.81 16.93
C LEU TF 53 10.32 120.76 17.81
N LYS TF 54 9.50 120.23 18.72
CA LYS TF 54 8.72 121.08 19.61
C LYS TF 54 9.63 121.82 20.58
N ALA TF 55 10.72 121.18 21.01
CA ALA TF 55 11.60 121.79 22.01
C ALA TF 55 12.18 123.10 21.51
N ASP TF 56 12.66 123.12 20.26
CA ASP TF 56 13.27 124.33 19.74
C ASP TF 56 12.27 125.47 19.65
N GLN TF 57 10.98 125.16 19.50
CA GLN TF 57 9.97 126.20 19.41
C GLN TF 57 9.92 127.03 20.69
N CYS TF 58 9.98 126.36 21.84
CA CYS TF 58 9.97 127.08 23.11
C CYS TF 58 11.18 128.01 23.22
N LEU TF 59 12.35 127.54 22.78
CA LEU TF 59 13.54 128.39 22.79
C LEU TF 59 13.36 129.59 21.89
N ILE TF 60 12.75 129.39 20.71
CA ILE TF 60 12.53 130.49 19.78
C ILE TF 60 11.65 131.54 20.43
N HIS TF 61 10.53 131.12 21.01
CA HIS TF 61 9.66 132.06 21.71
C HIS TF 61 10.37 132.64 22.93
N LYS TF 62 11.13 131.82 23.65
CA LYS TF 62 11.85 132.31 24.81
C LYS TF 62 12.89 133.35 24.41
N ALA TF 63 13.59 133.11 23.30
CA ALA TF 63 14.57 134.06 22.81
C ALA TF 63 13.93 135.31 22.20
N THR TF 64 12.60 135.31 22.02
CA THR TF 64 11.91 136.45 21.44
C THR TF 64 11.55 137.51 22.46
N LEU TF 65 11.38 137.14 23.73
CA LEU TF 65 10.98 138.11 24.74
C LEU TF 65 12.04 139.18 24.94
N ASP TF 66 13.33 138.80 24.89
CA ASP TF 66 14.39 139.80 25.08
C ASP TF 66 14.28 140.93 24.08
N PRO TF 78 -0.46 143.75 24.57
CA PRO TF 78 -0.90 142.37 24.31
C PRO TF 78 0.07 141.58 23.45
N LEU TF 79 0.48 142.13 22.31
CA LEU TF 79 1.29 141.36 21.37
C LEU TF 79 2.60 140.91 22.00
N ILE TF 80 3.27 141.81 22.72
CA ILE TF 80 4.55 141.46 23.35
C ILE TF 80 4.33 140.36 24.39
N GLU TF 81 3.30 140.51 25.22
CA GLU TF 81 3.01 139.53 26.26
C GLU TF 81 2.21 138.34 25.77
N ALA TF 82 1.62 138.42 24.57
CA ALA TF 82 0.80 137.32 24.07
C ALA TF 82 1.63 136.06 23.86
N MET TF 83 2.84 136.20 23.31
CA MET TF 83 3.66 135.03 23.03
C MET TF 83 4.00 134.28 24.31
N GLN TF 84 4.09 134.97 25.44
CA GLN TF 84 4.43 134.31 26.70
C GLN TF 84 3.39 133.25 27.05
N GLN TF 85 2.14 133.45 26.65
CA GLN TF 85 1.10 132.46 26.96
C GLN TF 85 1.40 131.13 26.30
N ILE TF 86 1.87 131.15 25.05
CA ILE TF 86 2.14 129.91 24.32
C ILE TF 86 3.30 129.17 24.96
N ILE TF 87 4.29 129.89 25.48
CA ILE TF 87 5.47 129.26 26.06
C ILE TF 87 5.05 128.31 27.17
N LEU TF 88 4.20 128.78 28.09
CA LEU TF 88 3.72 127.92 29.17
C LEU TF 88 2.93 126.75 28.61
N ALA TF 89 2.08 127.00 27.61
CA ALA TF 89 1.28 125.94 27.01
C ALA TF 89 2.17 124.90 26.35
N MET TF 90 3.22 125.35 25.64
CA MET TF 90 4.06 124.42 24.92
C MET TF 90 4.68 123.39 25.85
N THR TF 91 5.02 123.80 27.08
CA THR TF 91 5.57 122.86 28.04
C THR TF 91 4.58 121.77 28.39
N ARG TF 92 3.31 122.13 28.55
CA ARG TF 92 2.30 121.16 28.95
C ARG TF 92 2.22 120.01 27.96
N GLU TF 93 2.19 120.33 26.66
CA GLU TF 93 2.20 119.27 25.65
C GLU TF 93 3.56 118.58 25.63
N LEU TF 94 4.63 119.34 25.78
CA LEU TF 94 5.98 118.76 25.75
C LEU TF 94 6.20 117.80 26.92
N TRP TF 95 5.76 118.20 28.12
CA TRP TF 95 5.95 117.35 29.29
C TRP TF 95 5.18 116.05 29.17
N GLY TF 96 4.11 116.03 28.38
CA GLY TF 96 3.33 114.82 28.23
C GLY TF 96 4.14 113.69 27.60
N GLN TF 97 4.98 114.02 26.62
CA GLN TF 97 5.79 112.99 25.98
C GLN TF 97 6.89 112.51 26.91
N ILE TF 98 7.39 113.37 27.80
CA ILE TF 98 8.44 112.95 28.72
C ILE TF 98 7.95 111.82 29.61
N GLN TF 99 6.74 111.97 30.16
CA GLN TF 99 6.22 110.94 31.05
C GLN TF 99 5.93 109.65 30.30
N ARG TF 100 5.54 109.74 29.02
CA ARG TF 100 5.32 108.54 28.24
C ARG TF 100 6.60 107.73 28.12
N HIS TF 101 7.72 108.40 27.86
CA HIS TF 101 8.99 107.69 27.76
C HIS TF 101 9.41 107.11 29.11
N HIS TF 102 9.31 107.91 30.17
CA HIS TF 102 9.72 107.44 31.49
C HIS TF 102 8.76 106.40 32.03
N TYR TF 103 7.50 106.78 32.23
CA TYR TF 103 6.52 105.87 32.82
C TYR TF 103 5.94 104.92 31.79
N GLY TF 104 5.27 105.47 30.78
CA GLY TF 104 4.56 104.68 29.79
C GLY TF 104 3.22 105.32 29.53
N ILE TF 105 2.71 105.14 28.31
CA ILE TF 105 1.46 105.79 27.92
C ILE TF 105 0.31 105.29 28.79
N VAL TF 106 0.23 103.98 29.01
CA VAL TF 106 -0.89 103.40 29.76
C VAL TF 106 -0.89 103.93 31.19
N GLN TF 107 0.27 103.93 31.83
CA GLN TF 107 0.34 104.35 33.23
C GLN TF 107 -0.02 105.82 33.38
N VAL TF 108 0.38 106.64 32.41
CA VAL TF 108 0.12 108.09 32.52
C VAL TF 108 -1.37 108.36 32.58
N GLU TF 109 -2.16 107.67 31.74
CA GLU TF 109 -3.60 107.89 31.71
C GLU TF 109 -4.19 107.76 33.11
N HIS TF 110 -3.83 106.68 33.82
CA HIS TF 110 -4.32 106.49 35.17
C HIS TF 110 -3.85 107.60 36.10
N TYR TF 111 -2.58 108.00 35.97
CA TYR TF 111 -2.04 109.01 36.88
C TYR TF 111 -2.76 110.33 36.73
N VAL TF 112 -3.05 110.75 35.49
CA VAL TF 112 -3.68 112.05 35.28
C VAL TF 112 -5.06 112.08 35.93
N LYS TF 113 -5.87 111.04 35.69
CA LYS TF 113 -7.20 111.01 36.26
C LYS TF 113 -7.14 110.99 37.78
N GLN TF 114 -6.21 110.23 38.35
CA GLN TF 114 -6.03 110.25 39.79
C GLN TF 114 -5.67 111.65 40.28
N ILE TF 115 -4.79 112.34 39.56
CA ILE TF 115 -4.45 113.72 39.90
C ILE TF 115 -5.68 114.60 39.75
N THR TF 116 -6.43 114.42 38.66
CA THR TF 116 -7.60 115.26 38.41
C THR TF 116 -8.61 115.12 39.53
N LEU TF 117 -8.97 113.88 39.88
CA LEU TF 117 -9.89 113.66 40.98
C LEU TF 117 -9.31 114.20 42.29
N TRP TF 118 -8.01 113.97 42.51
CA TRP TF 118 -7.38 114.50 43.71
C TRP TF 118 -7.46 116.02 43.74
N GLN TF 119 -7.21 116.67 42.60
CA GLN TF 119 -7.33 118.11 42.54
C GLN TF 119 -8.79 118.56 42.65
N ASP TF 120 -9.71 117.77 42.09
CA ASP TF 120 -11.12 118.14 42.12
C ASP TF 120 -11.65 118.17 43.54
N THR TF 121 -11.31 117.17 44.35
CA THR TF 121 -11.82 117.10 45.70
C THR TF 121 -11.34 118.30 46.50
N PRO TF 122 -12.20 118.87 47.36
CA PRO TF 122 -11.77 120.02 48.16
C PRO TF 122 -10.59 119.68 49.07
N GLN TF 123 -9.73 120.68 49.28
CA GLN TF 123 -8.52 120.48 50.06
C GLN TF 123 -8.81 120.04 51.49
N ALA TF 124 -10.02 120.31 52.00
CA ALA TF 124 -10.33 119.93 53.37
C ALA TF 124 -10.24 118.43 53.57
N PHE TF 125 -10.75 117.65 52.62
CA PHE TF 125 -10.72 116.19 52.67
C PHE TF 125 -10.11 115.62 51.40
N ARG TF 126 -9.18 116.36 50.80
CA ARG TF 126 -8.59 115.92 49.53
C ARG TF 126 -7.80 114.63 49.71
N GLY TF 127 -7.02 114.53 50.77
CA GLY TF 127 -6.21 113.35 51.00
C GLY TF 127 -4.81 113.50 50.48
N ASP TF 128 -4.02 112.45 50.69
CA ASP TF 128 -2.62 112.46 50.25
C ASP TF 128 -2.55 112.45 48.74
N GLN TF 129 -1.63 113.24 48.20
CA GLN TF 129 -1.44 113.31 46.75
C GLN TF 129 -0.90 111.97 46.25
N PRO TF 130 -1.48 111.40 45.18
CA PRO TF 130 -0.98 110.12 44.68
C PRO TF 130 0.42 110.27 44.10
N LYS TF 131 1.17 109.18 44.17
CA LYS TF 131 2.54 109.15 43.68
C LYS TF 131 2.57 108.73 42.22
N PRO TF 132 3.62 109.09 41.49
CA PRO TF 132 3.71 108.70 40.08
C PRO TF 132 3.72 107.20 39.91
N PRO TF 133 3.39 106.70 38.72
CA PRO TF 133 3.40 105.24 38.50
C PRO TF 133 4.80 104.66 38.48
N SER TF 134 4.89 103.36 38.22
CA SER TF 134 6.19 102.69 38.12
C SER TF 134 6.80 102.92 36.74
N PHE TF 135 8.13 102.96 36.72
CA PHE TF 135 8.84 103.19 35.46
C PHE TF 135 8.66 102.03 34.50
N THR UF 3 19.69 123.54 18.40
CA THR UF 3 20.68 122.52 18.76
C THR UF 3 20.08 121.15 19.00
N PHE UF 4 18.89 121.08 19.61
CA PHE UF 4 18.29 119.79 19.91
C PHE UF 4 18.03 118.99 18.64
N ILE UF 5 17.51 119.65 17.60
CA ILE UF 5 17.24 118.96 16.34
C ILE UF 5 18.54 118.44 15.74
N GLU UF 6 19.63 119.18 15.90
CA GLU UF 6 20.92 118.73 15.39
C GLU UF 6 21.34 117.43 16.07
N LEU UF 7 21.09 117.31 17.38
CA LEU UF 7 21.46 116.08 18.08
C LEU UF 7 20.71 114.88 17.51
N VAL UF 8 19.43 115.07 17.18
CA VAL UF 8 18.66 113.98 16.58
C VAL UF 8 19.26 113.60 15.23
N LYS UF 9 19.63 114.60 14.42
CA LYS UF 9 20.22 114.34 13.12
C LYS UF 9 21.56 113.63 13.24
N ASN UF 10 22.17 113.62 14.42
CA ASN UF 10 23.42 112.93 14.66
C ASN UF 10 23.22 111.49 15.13
N MET UF 11 21.98 111.02 15.20
CA MET UF 11 21.69 109.70 15.73
C MET UF 11 21.93 108.64 14.66
N LYS UF 12 21.61 107.40 15.01
CA LYS UF 12 21.71 106.25 14.11
C LYS UF 12 20.30 105.78 13.75
N GLY UF 13 20.06 105.59 12.46
CA GLY UF 13 18.75 105.20 11.98
C GLY UF 13 17.79 106.35 11.74
N TYR UF 14 18.19 107.58 12.04
CA TYR UF 14 17.33 108.73 11.81
C TYR UF 14 17.08 108.90 10.31
N LYS UF 15 15.85 109.27 9.97
CA LYS UF 15 15.45 109.45 8.58
C LYS UF 15 14.57 110.70 8.48
N GLU UF 16 14.80 111.47 7.42
CA GLU UF 16 14.03 112.70 7.22
C GLU UF 16 12.58 112.37 6.89
N LEU UF 17 11.67 113.20 7.40
CA LEU UF 17 10.25 113.10 7.11
C LEU UF 17 9.62 114.41 6.68
N LEU UF 18 10.29 115.54 6.88
CA LEU UF 18 9.75 116.82 6.49
C LEU UF 18 10.10 117.12 5.03
N LEU UF 19 9.75 118.31 4.58
CA LEU UF 19 9.94 118.72 3.20
C LEU UF 19 10.50 120.14 3.17
N PRO UF 20 11.09 120.54 2.05
CA PRO UF 20 11.62 121.91 1.96
C PRO UF 20 10.52 122.94 2.19
N MET UF 21 10.91 124.06 2.79
CA MET UF 21 9.95 125.11 3.11
C MET UF 21 9.16 125.54 1.87
N GLU UF 22 9.82 125.54 0.71
CA GLU UF 22 9.14 125.94 -0.52
C GLU UF 22 8.02 124.96 -0.86
N MET UF 23 8.28 123.65 -0.70
CA MET UF 23 7.28 122.63 -1.02
C MET UF 23 6.35 122.41 0.18
N VAL UF 24 5.75 123.50 0.62
CA VAL UF 24 4.81 123.46 1.74
C VAL UF 24 3.58 124.29 1.37
N PRO UF 25 2.37 123.76 1.45
CA PRO UF 25 1.18 124.56 1.11
C PRO UF 25 1.09 125.82 1.96
N LEU UF 26 0.19 126.70 1.53
CA LEU UF 26 -0.02 127.94 2.23
C LEU UF 26 -0.77 127.68 3.55
N PRO UF 27 -0.69 128.62 4.50
CA PRO UF 27 -1.40 128.42 5.77
C PRO UF 27 -2.90 128.46 5.60
N ALA UF 28 -3.65 128.28 6.69
CA ALA UF 28 -5.10 128.32 6.65
C ALA UF 28 -5.65 127.17 5.81
N VAL UF 29 -5.40 127.20 4.51
CA VAL UF 29 -5.91 126.15 3.63
C VAL UF 29 -5.34 124.80 4.02
N VAL UF 30 -4.04 124.77 4.37
CA VAL UF 30 -3.42 123.51 4.77
C VAL UF 30 -4.12 122.93 5.99
N LEU UF 31 -4.67 123.78 6.86
CA LEU UF 31 -5.38 123.29 8.03
C LEU UF 31 -6.62 122.49 7.68
N LYS UF 32 -7.11 122.61 6.45
CA LYS UF 32 -8.34 121.90 6.07
C LYS UF 32 -8.14 120.39 6.15
N HIS UF 33 -6.97 119.90 5.73
CA HIS UF 33 -6.70 118.46 5.83
C HIS UF 33 -6.82 117.98 7.27
N VAL UF 34 -6.64 118.86 8.24
CA VAL UF 34 -6.79 118.47 9.64
C VAL UF 34 -8.20 117.98 9.89
N LYS UF 35 -9.20 118.73 9.44
CA LYS UF 35 -10.58 118.35 9.64
C LYS UF 35 -10.91 117.04 8.94
N LEU UF 36 -10.39 116.85 7.73
CA LEU UF 36 -10.71 115.66 6.96
C LEU UF 36 -10.09 114.40 7.57
N ILE UF 37 -9.18 114.54 8.52
CA ILE UF 37 -8.50 113.40 9.12
C ILE UF 37 -8.97 113.23 10.57
N LEU UF 38 -9.40 114.34 11.19
CA LEU UF 38 -9.93 114.28 12.54
C LEU UF 38 -11.43 113.98 12.54
N THR UF 39 -12.21 114.78 11.82
CA THR UF 39 -13.66 114.58 11.77
C THR UF 39 -14.00 113.23 11.17
N SER UF 40 -13.32 112.84 10.10
CA SER UF 40 -13.54 111.55 9.45
C SER UF 40 -12.65 110.48 10.08
N GLN UF 41 -12.80 110.32 11.39
CA GLN UF 41 -11.99 109.37 12.13
C GLN UF 41 -12.71 108.94 13.39
N LYS UF 42 -12.23 107.84 13.97
CA LYS UF 42 -12.79 107.29 15.19
C LYS UF 42 -11.69 106.48 15.87
N GLU UF 43 -11.96 106.06 17.10
CA GLU UF 43 -10.98 105.33 17.91
C GLU UF 43 -9.73 106.17 18.13
N HIS UF 44 -9.94 107.28 18.84
CA HIS UF 44 -8.90 108.24 19.15
C HIS UF 44 -7.59 107.55 19.50
N GLN UF 45 -6.55 107.88 18.76
CA GLN UF 45 -5.22 107.34 18.96
C GLN UF 45 -4.27 108.40 19.48
N PRO UF 46 -3.16 108.01 20.12
CA PRO UF 46 -2.28 109.03 20.72
C PRO UF 46 -1.77 110.06 19.74
N TRP UF 47 -1.46 109.65 18.51
CA TRP UF 47 -0.90 110.59 17.54
C TRP UF 47 -1.93 111.63 17.11
N MET UF 48 -3.21 111.30 17.19
CA MET UF 48 -4.24 112.25 16.80
C MET UF 48 -4.20 113.49 17.69
N THR UF 49 -3.99 113.30 19.00
CA THR UF 49 -3.91 114.45 19.89
C THR UF 49 -2.72 115.32 19.55
N GLU UF 50 -1.59 114.70 19.19
CA GLU UF 50 -0.40 115.49 18.83
C GLU UF 50 -0.70 116.41 17.66
N MET UF 51 -1.37 115.89 16.63
CA MET UF 51 -1.74 116.73 15.48
C MET UF 51 -2.68 117.84 15.91
N ALA UF 52 -3.66 117.53 16.75
CA ALA UF 52 -4.63 118.54 17.17
C ALA UF 52 -3.97 119.66 17.95
N LEU UF 53 -3.05 119.31 18.86
CA LEU UF 53 -2.39 120.31 19.69
C LEU UF 53 -1.35 121.11 18.92
N LYS UF 54 -0.99 120.69 17.71
CA LYS UF 54 -0.05 121.43 16.88
C LYS UF 54 -0.74 122.33 15.87
N ALA UF 55 -1.78 121.82 15.20
CA ALA UF 55 -2.49 122.62 14.22
C ALA UF 55 -3.16 123.83 14.86
N ASP UF 56 -3.77 123.64 16.03
CA ASP UF 56 -4.45 124.74 16.70
C ASP UF 56 -3.50 125.88 17.06
N GLN UF 57 -2.20 125.59 17.16
CA GLN UF 57 -1.23 126.64 17.50
C GLN UF 57 -1.17 127.70 16.42
N CYS UF 58 -1.27 127.30 15.15
CA CYS UF 58 -1.21 128.27 14.06
C CYS UF 58 -2.32 129.30 14.18
N LEU UF 59 -3.53 128.86 14.56
CA LEU UF 59 -4.62 129.80 14.77
C LEU UF 59 -4.29 130.78 15.88
N ILE UF 60 -3.68 130.28 16.96
CA ILE UF 60 -3.31 131.16 18.07
C ILE UF 60 -2.32 132.22 17.59
N HIS UF 61 -1.28 131.79 16.88
CA HIS UF 61 -0.35 132.75 16.30
C HIS UF 61 -1.03 133.62 15.26
N LYS UF 62 -1.89 133.02 14.44
CA LYS UF 62 -2.62 133.78 13.43
C LYS UF 62 -3.57 134.78 14.08
N ALA UF 63 -4.19 134.39 15.20
CA ALA UF 63 -5.12 135.28 15.87
C ALA UF 63 -4.46 136.57 16.34
N THR UF 64 -3.14 136.55 16.57
CA THR UF 64 -2.44 137.75 17.01
C THR UF 64 -2.38 138.81 15.91
N LEU UF 65 -2.60 138.42 14.66
CA LEU UF 65 -2.56 139.39 13.56
C LEU UF 65 -3.58 140.50 13.77
N ASP UF 66 -4.71 140.20 14.40
CA ASP UF 66 -5.69 141.24 14.71
C ASP UF 66 -5.09 142.30 15.62
N PRO UF 78 10.62 143.21 15.04
CA PRO UF 78 11.08 141.81 15.13
C PRO UF 78 10.05 140.89 15.76
N LEU UF 79 9.29 141.38 16.75
CA LEU UF 79 8.28 140.55 17.38
C LEU UF 79 7.21 140.14 16.38
N ILE UF 80 6.75 141.08 15.56
CA ILE UF 80 5.73 140.77 14.57
C ILE UF 80 6.31 139.88 13.46
N GLU UF 81 7.52 140.21 12.99
CA GLU UF 81 8.15 139.40 11.95
C GLU UF 81 8.44 137.99 12.43
N ALA UF 82 8.91 137.86 13.67
CA ALA UF 82 9.33 136.55 14.16
C ALA UF 82 8.17 135.56 14.17
N MET UF 83 6.99 136.01 14.61
CA MET UF 83 5.85 135.11 14.68
C MET UF 83 5.48 134.56 13.32
N GLN UF 84 5.53 135.40 12.28
CA GLN UF 84 5.18 134.94 10.94
C GLN UF 84 6.13 133.84 10.47
N GLN UF 85 7.43 133.97 10.80
CA GLN UF 85 8.38 132.95 10.40
C GLN UF 85 8.07 131.61 11.06
N ILE UF 86 7.65 131.64 12.32
CA ILE UF 86 7.41 130.40 13.05
C ILE UF 86 6.28 129.61 12.42
N ILE UF 87 5.28 130.29 11.87
CA ILE UF 87 4.14 129.59 11.29
C ILE UF 87 4.58 128.66 10.18
N LEU UF 88 5.55 129.10 9.37
CA LEU UF 88 6.06 128.25 8.29
C LEU UF 88 6.67 126.97 8.86
N ALA UF 89 7.44 127.09 9.95
CA ALA UF 89 8.09 125.92 10.53
C ALA UF 89 7.05 124.93 11.03
N MET UF 90 6.03 125.42 11.73
CA MET UF 90 4.99 124.52 12.23
C MET UF 90 4.20 123.91 11.08
N THR UF 91 3.94 124.69 10.03
CA THR UF 91 3.21 124.16 8.88
C THR UF 91 3.96 123.00 8.24
N ARG UF 92 5.29 123.11 8.17
CA ARG UF 92 6.08 122.02 7.61
C ARG UF 92 5.89 120.73 8.41
N GLU UF 93 5.87 120.84 9.75
CA GLU UF 93 5.68 119.65 10.58
C GLU UF 93 4.31 119.05 10.35
N LEU UF 94 3.28 119.89 10.17
CA LEU UF 94 1.93 119.37 9.98
C LEU UF 94 1.86 118.47 8.75
N TRP UF 95 2.47 118.90 7.65
CA TRP UF 95 2.39 118.14 6.41
C TRP UF 95 3.02 116.76 6.57
N GLY UF 96 4.16 116.69 7.25
CA GLY UF 96 4.82 115.40 7.45
C GLY UF 96 3.93 114.40 8.17
N GLN UF 97 3.21 114.86 9.20
CA GLN UF 97 2.31 113.98 9.92
C GLN UF 97 1.19 113.50 9.00
N ILE UF 98 0.67 114.38 8.15
CA ILE UF 98 -0.41 114.01 7.24
C ILE UF 98 0.06 112.91 6.30
N GLN UF 99 1.24 113.08 5.71
CA GLN UF 99 1.79 112.05 4.85
C GLN UF 99 2.13 110.79 5.64
N ARG UF 100 2.54 110.95 6.90
CA ARG UF 100 2.78 109.79 7.75
C ARG UF 100 1.52 108.97 7.97
N HIS UF 101 0.35 109.55 7.73
CA HIS UF 101 -0.92 108.86 7.86
C HIS UF 101 -1.50 108.41 6.52
N HIS UF 102 -1.48 109.29 5.53
CA HIS UF 102 -2.06 108.97 4.22
C HIS UF 102 -1.25 107.90 3.50
N TYR UF 103 0.01 108.21 3.21
CA TYR UF 103 0.89 107.30 2.48
C TYR UF 103 1.76 106.48 3.42
N GLY UF 104 1.13 105.83 4.39
CA GLY UF 104 1.90 105.02 5.31
C GLY UF 104 2.87 105.86 6.10
N ILE UF 105 3.82 105.16 6.74
CA ILE UF 105 4.87 105.81 7.51
C ILE UF 105 6.23 105.34 7.00
N VAL UF 106 6.26 104.16 6.38
CA VAL UF 106 7.50 103.63 5.83
C VAL UF 106 7.74 104.17 4.42
N GLN UF 107 6.71 104.13 3.58
CA GLN UF 107 6.83 104.62 2.22
C GLN UF 107 7.11 106.12 2.17
N VAL UF 108 6.77 106.85 3.23
CA VAL UF 108 7.00 108.30 3.23
C VAL UF 108 8.48 108.60 3.13
N GLU UF 109 9.31 107.88 3.89
CA GLU UF 109 10.74 108.12 3.87
C GLU UF 109 11.31 107.96 2.46
N HIS UF 110 10.87 106.93 1.75
CA HIS UF 110 11.35 106.71 0.39
C HIS UF 110 11.01 107.90 -0.51
N TYR UF 111 9.80 108.43 -0.40
CA TYR UF 111 9.40 109.55 -1.24
C TYR UF 111 10.26 110.78 -0.95
N VAL UF 112 10.41 111.13 0.33
CA VAL UF 112 11.21 112.31 0.67
C VAL UF 112 12.66 112.10 0.27
N LYS UF 113 13.15 110.85 0.38
CA LYS UF 113 14.51 110.56 -0.05
C LYS UF 113 14.70 110.95 -1.51
N GLN UF 114 13.74 110.59 -2.36
CA GLN UF 114 13.85 110.94 -3.78
C GLN UF 114 13.66 112.44 -4.00
N ILE UF 115 12.80 113.07 -3.19
CA ILE UF 115 12.57 114.50 -3.34
C ILE UF 115 13.88 115.26 -3.14
N THR UF 116 14.65 114.89 -2.12
CA THR UF 116 15.91 115.58 -1.85
C THR UF 116 16.85 115.48 -3.03
N LEU UF 117 16.99 114.28 -3.60
CA LEU UF 117 17.85 114.09 -4.75
C LEU UF 117 17.33 114.85 -5.97
N TRP UF 118 16.01 114.80 -6.19
CA TRP UF 118 15.43 115.42 -7.37
C TRP UF 118 15.55 116.94 -7.36
N GLN UF 119 15.71 117.55 -6.19
CA GLN UF 119 15.81 119.00 -6.07
C GLN UF 119 17.26 119.47 -5.90
N ASP UF 120 18.07 118.73 -5.16
CA ASP UF 120 19.44 119.16 -4.91
C ASP UF 120 20.25 119.21 -6.21
N THR UF 121 20.05 118.24 -7.09
CA THR UF 121 20.76 118.23 -8.36
C THR UF 121 20.34 119.45 -9.19
N PRO UF 122 21.21 119.94 -10.07
CA PRO UF 122 20.86 121.10 -10.88
C PRO UF 122 19.67 120.81 -11.78
N GLN UF 123 18.90 121.87 -12.07
CA GLN UF 123 17.68 121.71 -12.85
C GLN UF 123 17.93 121.10 -14.22
N ALA UF 124 19.16 121.18 -14.73
CA ALA UF 124 19.47 120.61 -16.04
C ALA UF 124 19.57 119.10 -16.02
N PHE UF 125 19.56 118.48 -14.84
CA PHE UF 125 19.71 117.03 -14.72
C PHE UF 125 18.55 116.35 -14.00
N ARG UF 126 17.63 117.11 -13.40
CA ARG UF 126 16.58 116.51 -12.60
C ARG UF 126 15.75 115.53 -13.43
N GLY UF 127 15.06 116.05 -14.46
CA GLY UF 127 14.19 115.22 -15.27
C GLY UF 127 12.73 115.46 -14.99
N ASP UF 128 12.08 114.51 -14.32
CA ASP UF 128 10.66 114.59 -13.99
C ASP UF 128 10.48 114.36 -12.50
N GLN UF 129 9.53 115.09 -11.92
CA GLN UF 129 9.26 114.95 -10.50
C GLN UF 129 8.77 113.53 -10.20
N PRO UF 130 9.27 112.89 -9.15
CA PRO UF 130 8.79 111.53 -8.80
C PRO UF 130 7.45 111.63 -8.07
N LYS UF 131 6.42 111.03 -8.66
CA LYS UF 131 5.10 111.10 -8.06
C LYS UF 131 5.08 110.39 -6.72
N PRO UF 132 4.47 110.98 -5.69
CA PRO UF 132 4.42 110.29 -4.39
C PRO UF 132 3.56 109.05 -4.48
N PRO UF 133 3.81 108.05 -3.63
CA PRO UF 133 2.99 106.84 -3.66
C PRO UF 133 1.55 107.14 -3.26
N SER UF 134 0.63 106.35 -3.81
CA SER UF 134 -0.78 106.55 -3.54
C SER UF 134 -1.13 106.05 -2.14
N PHE UF 135 -2.41 106.08 -1.81
CA PHE UF 135 -2.90 105.67 -0.50
C PHE UF 135 -2.86 104.15 -0.42
N THR VF 3 50.19 111.68 -11.40
CA THR VF 3 50.83 110.56 -12.08
C THR VF 3 50.30 109.22 -11.58
N PHE VF 4 49.79 109.16 -10.36
CA PHE VF 4 49.21 107.90 -9.87
C PHE VF 4 48.03 107.47 -10.72
N ILE VF 5 47.19 108.41 -11.14
CA ILE VF 5 46.06 108.07 -11.99
C ILE VF 5 46.55 107.42 -13.27
N GLU VF 6 47.66 107.92 -13.82
CA GLU VF 6 48.26 107.28 -14.98
C GLU VF 6 48.68 105.85 -14.66
N LEU VF 7 49.24 105.63 -13.48
CA LEU VF 7 49.64 104.28 -13.10
C LEU VF 7 48.44 103.35 -13.02
N VAL VF 8 47.24 103.89 -12.79
CA VAL VF 8 46.03 103.09 -12.75
C VAL VF 8 45.22 103.22 -14.03
N LYS VF 9 45.42 104.28 -14.83
CA LYS VF 9 44.67 104.44 -16.06
C LYS VF 9 44.85 103.24 -16.98
N ASN VF 10 45.99 102.55 -16.89
CA ASN VF 10 46.22 101.36 -17.69
C ASN VF 10 45.60 100.11 -17.09
N MET VF 11 45.16 100.15 -15.83
CA MET VF 11 44.56 98.99 -15.21
C MET VF 11 43.25 98.62 -15.89
N LYS VF 12 42.95 97.32 -15.92
CA LYS VF 12 41.74 96.85 -16.58
C LYS VF 12 40.49 97.40 -15.91
N GLY VF 13 40.46 97.43 -14.57
CA GLY VF 13 39.27 97.84 -13.86
C GLY VF 13 39.22 99.32 -13.55
N TYR VF 14 40.16 100.09 -14.10
CA TYR VF 14 40.18 101.52 -13.87
C TYR VF 14 38.94 102.17 -14.47
N LYS VF 15 38.39 103.16 -13.75
CA LYS VF 15 37.19 103.84 -14.17
C LYS VF 15 37.33 105.33 -13.91
N GLU VF 16 36.59 106.13 -14.69
CA GLU VF 16 36.57 107.58 -14.51
C GLU VF 16 35.48 107.92 -13.49
N LEU VF 17 35.82 107.72 -12.22
CA LEU VF 17 34.89 108.01 -11.15
C LEU VF 17 34.60 109.50 -11.02
N LEU VF 18 35.46 110.35 -11.56
CA LEU VF 18 35.28 111.80 -11.48
C LEU VF 18 34.17 112.21 -12.41
N LEU VF 19 32.98 112.45 -11.86
CA LEU VF 19 31.83 112.80 -12.67
C LEU VF 19 31.95 114.25 -13.15
N PRO VF 20 31.17 114.63 -14.16
CA PRO VF 20 31.27 116.00 -14.68
C PRO VF 20 31.01 117.04 -13.59
N MET VF 21 31.74 118.15 -13.68
CA MET VF 21 31.60 119.21 -12.68
C MET VF 21 30.18 119.76 -12.67
N GLU VF 22 29.59 119.97 -13.85
CA GLU VF 22 28.22 120.47 -13.91
C GLU VF 22 27.24 119.50 -13.27
N MET VF 23 27.54 118.21 -13.31
CA MET VF 23 26.61 117.21 -12.80
C MET VF 23 26.42 117.36 -11.29
N VAL VF 24 27.50 117.59 -10.55
CA VAL VF 24 27.45 117.63 -9.09
C VAL VF 24 26.93 118.99 -8.63
N PRO VF 25 26.30 119.07 -7.45
CA PRO VF 25 25.84 120.37 -6.95
C PRO VF 25 26.95 121.12 -6.22
N LEU VF 26 26.59 122.25 -5.59
CA LEU VF 26 27.57 123.04 -4.87
C LEU VF 26 28.06 122.28 -3.64
N PRO VF 27 29.24 122.64 -3.12
CA PRO VF 27 29.81 121.87 -2.00
C PRO VF 27 28.90 121.81 -0.79
N ALA VF 28 28.18 122.90 -0.49
CA ALA VF 28 27.37 122.94 0.73
C ALA VF 28 26.28 121.87 0.70
N VAL VF 29 25.63 121.70 -0.46
CA VAL VF 29 24.53 120.74 -0.54
C VAL VF 29 25.04 119.32 -0.36
N VAL VF 30 26.22 119.02 -0.90
CA VAL VF 30 26.75 117.66 -0.82
C VAL VF 30 26.94 117.25 0.64
N LEU VF 31 27.47 118.15 1.45
CA LEU VF 31 27.67 117.84 2.86
C LEU VF 31 26.39 117.39 3.53
N LYS VF 32 25.25 117.91 3.08
CA LYS VF 32 23.97 117.52 3.65
C LYS VF 32 23.72 116.02 3.46
N HIS VF 33 24.01 115.50 2.26
CA HIS VF 33 23.76 114.09 2.00
C HIS VF 33 24.73 113.19 2.76
N VAL VF 34 25.92 113.69 3.08
CA VAL VF 34 26.88 112.88 3.81
C VAL VF 34 26.33 112.53 5.19
N LYS VF 35 25.74 113.51 5.87
CA LYS VF 35 25.11 113.24 7.16
C LYS VF 35 23.94 112.27 6.99
N LEU VF 36 23.12 112.48 5.95
CA LEU VF 36 21.95 111.63 5.75
C LEU VF 36 22.35 110.20 5.41
N ILE VF 37 23.34 110.02 4.53
CA ILE VF 37 23.73 108.68 4.13
C ILE VF 37 24.44 107.98 5.28
N LEU VF 38 25.35 108.67 5.97
CA LEU VF 38 26.02 108.08 7.12
C LEU VF 38 25.03 107.75 8.22
N THR VF 39 24.10 108.66 8.50
CA THR VF 39 23.11 108.41 9.54
C THR VF 39 22.23 107.22 9.18
N SER VF 40 21.76 107.17 7.93
CA SER VF 40 20.88 106.07 7.53
C SER VF 40 21.59 104.73 7.60
N GLN VF 41 22.84 104.68 7.15
CA GLN VF 41 23.57 103.42 7.14
C GLN VF 41 23.87 102.97 8.56
N LYS VF 42 23.82 101.66 8.78
CA LYS VF 42 24.00 101.10 10.12
C LYS VF 42 25.24 100.22 10.21
N GLU VF 43 25.41 99.26 9.30
CA GLU VF 43 26.56 98.37 9.38
C GLU VF 43 27.86 99.17 9.21
N HIS VF 44 28.87 98.83 10.01
CA HIS VF 44 30.13 99.53 10.00
C HIS VF 44 31.08 98.87 9.00
N GLN VF 45 31.53 99.64 8.03
CA GLN VF 45 32.53 99.23 7.05
C GLN VF 45 33.57 100.32 6.92
N PRO VF 46 34.77 99.99 6.44
CA PRO VF 46 35.83 101.01 6.36
C PRO VF 46 35.48 102.19 5.46
N TRP VF 47 34.60 102.01 4.47
CA TRP VF 47 34.32 103.09 3.54
C TRP VF 47 33.68 104.29 4.24
N MET VF 48 32.71 104.03 5.13
CA MET VF 48 32.08 105.12 5.85
C MET VF 48 33.07 105.83 6.77
N THR VF 49 33.95 105.05 7.41
CA THR VF 49 34.98 105.66 8.25
C THR VF 49 35.89 106.56 7.43
N GLU VF 50 36.31 106.10 6.24
CA GLU VF 50 37.13 106.92 5.37
C GLU VF 50 36.30 107.98 4.65
N MET VF 51 35.02 107.70 4.40
CA MET VF 51 34.17 108.67 3.71
C MET VF 51 34.03 109.95 4.54
N ALA VF 52 33.86 109.82 5.85
CA ALA VF 52 33.74 111.00 6.70
C ALA VF 52 35.03 111.81 6.67
N LEU VF 53 36.18 111.14 6.73
CA LEU VF 53 37.46 111.86 6.73
C LEU VF 53 37.64 112.67 5.46
N LYS VF 54 37.29 112.08 4.31
CA LYS VF 54 37.45 112.79 3.04
C LYS VF 54 36.59 114.04 3.00
N ALA VF 55 35.36 113.96 3.52
CA ALA VF 55 34.48 115.12 3.52
C ALA VF 55 34.90 116.15 4.56
N ASP VF 56 35.57 115.69 5.63
CA ASP VF 56 35.94 116.62 6.70
C ASP VF 56 36.88 117.70 6.19
N GLN VF 57 37.82 117.34 5.32
CA GLN VF 57 38.81 118.30 4.83
C GLN VF 57 38.12 119.52 4.22
N CYS VF 58 37.01 119.31 3.51
CA CYS VF 58 36.31 120.42 2.88
C CYS VF 58 35.87 121.45 3.91
N LEU VF 59 35.48 121.01 5.10
CA LEU VF 59 35.02 121.94 6.13
C LEU VF 59 36.14 122.89 6.55
N ILE VF 60 37.36 122.37 6.68
CA ILE VF 60 38.48 123.22 7.10
C ILE VF 60 38.72 124.31 6.07
N HIS VF 61 38.67 123.96 4.78
CA HIS VF 61 38.90 124.94 3.73
C HIS VF 61 37.83 126.02 3.75
N LYS VF 62 36.61 125.68 4.14
CA LYS VF 62 35.55 126.68 4.24
C LYS VF 62 35.94 127.78 5.21
N ALA VF 63 36.40 127.40 6.41
CA ALA VF 63 36.80 128.39 7.40
C ALA VF 63 38.17 128.98 7.07
N THR VF 64 39.06 128.19 6.48
CA THR VF 64 40.40 128.70 6.15
C THR VF 64 40.30 129.90 5.21
N LEU VF 65 39.51 129.78 4.14
CA LEU VF 65 39.32 130.90 3.23
C LEU VF 65 38.40 131.95 3.84
N PRO VF 78 47.26 133.12 -6.94
CA PRO VF 78 47.30 131.71 -7.37
C PRO VF 78 47.01 130.73 -6.24
N LEU VF 79 47.45 131.05 -5.02
CA LEU VF 79 47.22 130.13 -3.91
C LEU VF 79 45.74 130.02 -3.59
N ILE VF 80 45.06 131.16 -3.43
CA ILE VF 80 43.65 131.14 -3.08
C ILE VF 80 42.83 130.52 -4.19
N GLU VF 81 43.12 130.88 -5.44
CA GLU VF 81 42.34 130.36 -6.57
C GLU VF 81 42.46 128.84 -6.66
N ALA VF 82 43.65 128.29 -6.43
CA ALA VF 82 43.83 126.85 -6.49
C ALA VF 82 42.97 126.15 -5.46
N MET VF 83 42.89 126.70 -4.25
CA MET VF 83 42.08 126.07 -3.21
C MET VF 83 40.62 125.97 -3.63
N GLN VF 84 40.11 127.00 -4.30
CA GLN VF 84 38.71 126.96 -4.76
C GLN VF 84 38.49 125.79 -5.68
N GLN VF 85 39.41 125.54 -6.61
CA GLN VF 85 39.30 124.39 -7.49
C GLN VF 85 39.50 123.09 -6.73
N ILE VF 86 40.35 123.09 -5.70
CA ILE VF 86 40.60 121.88 -4.93
C ILE VF 86 39.33 121.43 -4.23
N ILE VF 87 38.57 122.37 -3.66
CA ILE VF 87 37.33 122.02 -2.97
C ILE VF 87 36.39 121.33 -3.94
N LEU VF 88 36.24 121.87 -5.15
CA LEU VF 88 35.37 121.26 -6.14
C LEU VF 88 35.87 119.88 -6.55
N ALA VF 89 37.19 119.67 -6.49
CA ALA VF 89 37.73 118.37 -6.84
C ALA VF 89 37.23 117.29 -5.89
N MET VF 90 37.19 117.59 -4.60
CA MET VF 90 36.72 116.60 -3.63
C MET VF 90 35.23 116.38 -3.74
N THR VF 91 34.47 117.42 -4.11
CA THR VF 91 33.03 117.27 -4.23
C THR VF 91 32.67 116.22 -5.28
N ARG VF 92 33.36 116.23 -6.41
CA ARG VF 92 33.10 115.22 -7.45
C ARG VF 92 33.38 113.82 -6.91
N GLU VF 93 34.49 113.66 -6.17
CA GLU VF 93 34.81 112.37 -5.61
C GLU VF 93 33.76 111.94 -4.59
N LEU VF 94 33.31 112.86 -3.75
CA LEU VF 94 32.32 112.51 -2.73
C LEU VF 94 31.00 112.09 -3.36
N TRP VF 95 30.55 112.82 -4.37
CA TRP VF 95 29.26 112.52 -4.98
C TRP VF 95 29.27 111.13 -5.62
N GLY VF 96 30.43 110.66 -6.06
CA GLY VF 96 30.50 109.32 -6.64
C GLY VF 96 30.14 108.24 -5.65
N GLN VF 97 30.70 108.32 -4.44
CA GLN VF 97 30.38 107.35 -3.41
C GLN VF 97 28.91 107.45 -3.02
N ILE VF 98 28.36 108.67 -2.99
CA ILE VF 98 26.95 108.85 -2.65
C ILE VF 98 26.07 108.11 -3.65
N GLN VF 99 26.31 108.32 -4.95
CA GLN VF 99 25.48 107.69 -5.96
C GLN VF 99 25.72 106.20 -6.02
N ARG VF 100 26.98 105.77 -5.93
CA ARG VF 100 27.28 104.34 -5.99
C ARG VF 100 26.65 103.60 -4.82
N HIS VF 101 26.70 104.20 -3.62
CA HIS VF 101 26.12 103.54 -2.45
C HIS VF 101 24.60 103.46 -2.57
N HIS VF 102 23.96 104.54 -3.00
CA HIS VF 102 22.50 104.54 -3.10
C HIS VF 102 22.02 103.56 -4.16
N TYR VF 103 22.57 103.68 -5.38
CA TYR VF 103 22.15 102.83 -6.49
C TYR VF 103 23.06 101.62 -6.66
N GLY VF 104 24.34 101.87 -6.90
CA GLY VF 104 25.29 100.79 -7.14
C GLY VF 104 26.46 101.27 -7.96
N ILE VF 105 27.55 100.52 -7.89
CA ILE VF 105 28.77 100.91 -8.59
C ILE VF 105 28.57 100.85 -10.09
N VAL VF 106 27.94 99.77 -10.58
CA VAL VF 106 27.78 99.60 -12.02
C VAL VF 106 26.81 100.63 -12.57
N GLN VF 107 25.73 100.91 -11.84
CA GLN VF 107 24.70 101.81 -12.37
C GLN VF 107 25.26 103.20 -12.62
N VAL VF 108 26.06 103.72 -11.70
CA VAL VF 108 26.65 105.04 -11.88
C VAL VF 108 27.55 105.04 -13.12
N GLU VF 109 28.42 104.04 -13.22
CA GLU VF 109 29.28 103.93 -14.40
C GLU VF 109 28.44 103.76 -15.66
N HIS VF 110 27.31 103.08 -15.55
CA HIS VF 110 26.44 102.85 -16.71
C HIS VF 110 25.65 104.10 -17.07
N TYR VF 111 25.21 104.87 -16.06
CA TYR VF 111 24.32 106.00 -16.30
C TYR VF 111 25.06 107.31 -16.57
N VAL VF 112 26.28 107.45 -16.05
CA VAL VF 112 26.99 108.73 -16.21
C VAL VF 112 27.22 109.04 -17.68
N LYS VF 113 27.62 108.04 -18.46
CA LYS VF 113 27.92 108.28 -19.87
C LYS VF 113 26.68 108.71 -20.64
N GLN VF 114 25.52 108.14 -20.30
CA GLN VF 114 24.31 108.41 -21.07
C GLN VF 114 23.99 109.89 -21.06
N ILE VF 115 24.03 110.53 -19.89
CA ILE VF 115 23.67 111.94 -19.80
C ILE VF 115 24.70 112.80 -20.54
N THR VF 116 25.98 112.41 -20.50
CA THR VF 116 27.00 113.16 -21.21
C THR VF 116 26.73 113.17 -22.71
N LEU VF 117 26.32 112.02 -23.25
CA LEU VF 117 25.99 111.96 -24.68
C LEU VF 117 24.83 112.87 -25.01
N TRP VF 118 23.79 112.88 -24.17
CA TRP VF 118 22.63 113.72 -24.43
C TRP VF 118 23.01 115.20 -24.51
N GLN VF 119 24.10 115.60 -23.85
CA GLN VF 119 24.54 116.98 -23.91
C GLN VF 119 25.39 117.23 -25.16
N ASP VF 120 26.39 116.38 -25.40
CA ASP VF 120 27.30 116.54 -26.53
C ASP VF 120 26.58 116.05 -27.78
N THR VF 121 25.65 116.87 -28.25
CA THR VF 121 24.86 116.57 -29.44
C THR VF 121 24.31 117.88 -29.98
N PRO VF 122 24.07 117.98 -31.30
CA PRO VF 122 23.63 119.27 -31.86
C PRO VF 122 22.22 119.64 -31.43
N GLN VF 123 22.08 120.05 -30.16
CA GLN VF 123 20.84 120.60 -29.60
C GLN VF 123 19.58 119.91 -30.13
N ALA VF 124 19.27 120.11 -31.42
CA ALA VF 124 17.98 119.66 -31.94
C ALA VF 124 17.77 118.17 -31.70
N PHE VF 125 18.73 117.35 -32.13
CA PHE VF 125 18.65 115.90 -31.94
C PHE VF 125 19.36 115.48 -30.66
N ARG VF 126 19.04 116.16 -29.55
CA ARG VF 126 19.71 115.83 -28.29
C ARG VF 126 19.29 114.46 -27.79
N GLY VF 127 18.03 114.10 -27.95
CA GLY VF 127 17.53 112.82 -27.49
C GLY VF 127 16.13 112.92 -26.93
N ASP VF 128 15.92 112.32 -25.75
CA ASP VF 128 14.61 112.34 -25.11
C ASP VF 128 14.73 112.59 -23.61
N GLN VF 129 15.74 113.36 -23.19
CA GLN VF 129 15.93 113.67 -21.78
C GLN VF 129 16.05 112.36 -20.99
N PRO VF 130 17.16 111.64 -21.11
CA PRO VF 130 17.24 110.31 -20.51
C PRO VF 130 16.93 110.35 -19.02
N LYS VF 131 16.11 109.39 -18.59
CA LYS VF 131 15.67 109.34 -17.20
C LYS VF 131 16.82 108.94 -16.28
N PRO VF 132 16.85 109.47 -15.07
CA PRO VF 132 17.86 109.02 -14.10
C PRO VF 132 17.58 107.61 -13.64
N PRO VF 133 18.59 106.92 -13.11
CA PRO VF 133 18.39 105.51 -12.73
C PRO VF 133 17.30 105.35 -11.68
N THR WF 3 -88.85 -15.16 -90.98
CA THR WF 3 -87.59 -15.77 -91.38
C THR WF 3 -86.48 -15.45 -90.40
N PHE WF 4 -86.41 -14.20 -89.93
CA PHE WF 4 -85.32 -13.79 -89.05
C PHE WF 4 -85.33 -14.58 -87.75
N ILE WF 5 -86.52 -14.78 -87.16
CA ILE WF 5 -86.59 -15.48 -85.88
C ILE WF 5 -86.06 -16.90 -86.03
N GLU WF 6 -86.33 -17.53 -87.17
CA GLU WF 6 -85.77 -18.86 -87.42
C GLU WF 6 -84.25 -18.82 -87.37
N LEU WF 7 -83.65 -17.78 -87.94
CA LEU WF 7 -82.20 -17.66 -87.93
C LEU WF 7 -81.67 -17.52 -86.50
N VAL WF 8 -82.34 -16.73 -85.68
CA VAL WF 8 -81.88 -16.52 -84.31
C VAL WF 8 -82.00 -17.80 -83.50
N LYS WF 9 -83.08 -18.55 -83.69
CA LYS WF 9 -83.25 -19.80 -82.96
C LYS WF 9 -82.08 -20.74 -83.22
N ASN WF 10 -81.42 -20.61 -84.37
CA ASN WF 10 -80.23 -21.39 -84.68
C ASN WF 10 -78.99 -20.72 -84.08
N MET WF 11 -79.03 -20.55 -82.76
CA MET WF 11 -77.95 -19.91 -82.03
C MET WF 11 -77.76 -20.60 -80.70
N LYS WF 12 -76.59 -20.39 -80.11
CA LYS WF 12 -76.19 -21.06 -78.88
C LYS WF 12 -76.53 -20.19 -77.67
N GLY WF 13 -77.04 -20.84 -76.62
CA GLY WF 13 -77.51 -20.13 -75.45
C GLY WF 13 -78.91 -19.57 -75.58
N TYR WF 14 -79.67 -19.99 -76.58
CA TYR WF 14 -81.01 -19.47 -76.83
C TYR WF 14 -81.99 -20.11 -75.85
N LYS WF 15 -82.55 -19.31 -74.96
CA LYS WF 15 -83.56 -19.75 -74.01
C LYS WF 15 -84.89 -19.12 -74.38
N GLU WF 16 -85.88 -19.94 -74.66
CA GLU WF 16 -87.18 -19.43 -75.06
C GLU WF 16 -87.87 -18.73 -73.89
N LEU WF 17 -88.64 -17.69 -74.21
CA LEU WF 17 -89.30 -16.90 -73.19
C LEU WF 17 -90.74 -16.55 -73.55
N LEU WF 18 -91.31 -17.16 -74.59
CA LEU WF 18 -92.65 -16.85 -75.05
C LEU WF 18 -93.55 -18.06 -74.85
N LEU WF 19 -94.71 -17.84 -74.23
CA LEU WF 19 -95.66 -18.91 -74.01
C LEU WF 19 -96.51 -19.16 -75.26
N PRO WF 20 -97.19 -20.29 -75.32
CA PRO WF 20 -98.09 -20.55 -76.45
C PRO WF 20 -99.19 -19.50 -76.54
N MET WF 21 -99.61 -19.23 -77.78
CA MET WF 21 -100.65 -18.23 -77.99
C MET WF 21 -101.93 -18.59 -77.26
N GLU WF 22 -102.16 -19.87 -76.99
CA GLU WF 22 -103.39 -20.31 -76.34
C GLU WF 22 -103.38 -20.08 -74.83
N MET WF 23 -102.24 -19.70 -74.25
CA MET WF 23 -102.14 -19.50 -72.82
C MET WF 23 -101.99 -18.04 -72.41
N VAL WF 24 -101.52 -17.17 -73.29
CA VAL WF 24 -101.32 -15.77 -72.95
C VAL WF 24 -102.68 -15.13 -72.69
N PRO WF 25 -102.76 -14.11 -71.84
CA PRO WF 25 -104.06 -13.47 -71.59
C PRO WF 25 -104.60 -12.78 -72.83
N LEU WF 26 -105.83 -12.32 -72.72
CA LEU WF 26 -106.41 -11.51 -73.77
C LEU WF 26 -105.70 -10.16 -73.84
N PRO WF 27 -105.68 -9.53 -75.01
CA PRO WF 27 -104.93 -8.27 -75.13
C PRO WF 27 -105.39 -7.20 -74.15
N ALA WF 28 -106.69 -7.16 -73.84
CA ALA WF 28 -107.19 -6.17 -72.89
C ALA WF 28 -106.57 -6.37 -71.51
N VAL WF 29 -106.44 -7.63 -71.09
CA VAL WF 29 -105.90 -7.91 -69.75
C VAL WF 29 -104.44 -7.49 -69.67
N VAL WF 30 -103.68 -7.69 -70.74
CA VAL WF 30 -102.25 -7.42 -70.68
C VAL WF 30 -102.01 -5.94 -70.40
N LEU WF 31 -102.76 -5.06 -71.06
CA LEU WF 31 -102.58 -3.63 -70.86
C LEU WF 31 -102.72 -3.24 -69.41
N LYS WF 32 -103.54 -3.97 -68.64
CA LYS WF 32 -103.74 -3.64 -67.24
C LYS WF 32 -102.45 -3.74 -66.46
N HIS WF 33 -101.66 -4.80 -66.69
CA HIS WF 33 -100.40 -4.94 -65.99
C HIS WF 33 -99.39 -3.90 -66.45
N VAL WF 34 -99.51 -3.42 -67.68
CA VAL WF 34 -98.57 -2.43 -68.19
C VAL WF 34 -98.64 -1.16 -67.35
N LYS WF 35 -99.86 -0.70 -67.06
CA LYS WF 35 -100.02 0.52 -66.28
C LYS WF 35 -99.43 0.36 -64.89
N LEU WF 36 -99.68 -0.78 -64.25
CA LEU WF 36 -99.15 -1.00 -62.91
C LEU WF 36 -97.63 -1.08 -62.93
N ILE WF 37 -97.09 -1.88 -63.85
CA ILE WF 37 -95.63 -2.07 -63.89
C ILE WF 37 -94.95 -0.77 -64.26
N LEU WF 38 -95.46 -0.07 -65.27
CA LEU WF 38 -94.88 1.21 -65.65
C LEU WF 38 -95.01 2.22 -64.52
N THR WF 39 -96.22 2.41 -64.01
CA THR WF 39 -96.46 3.46 -63.03
C THR WF 39 -95.85 3.10 -61.68
N SER WF 40 -96.04 1.86 -61.23
CA SER WF 40 -95.50 1.41 -59.94
C SER WF 40 -94.04 1.00 -60.12
N GLN WF 41 -93.23 1.98 -60.50
CA GLN WF 41 -91.80 1.75 -60.70
C GLN WF 41 -91.04 3.01 -60.32
N LYS WF 42 -89.80 2.82 -59.87
CA LYS WF 42 -88.92 3.90 -59.48
C LYS WF 42 -87.58 3.73 -60.18
N GLU WF 43 -86.92 4.86 -60.44
CA GLU WF 43 -85.63 4.87 -61.14
C GLU WF 43 -85.78 4.22 -62.52
N HIS WF 44 -86.57 4.90 -63.35
CA HIS WF 44 -86.88 4.41 -64.69
C HIS WF 44 -85.65 3.80 -65.37
N GLN WF 45 -85.85 2.65 -65.98
CA GLN WF 45 -84.81 1.87 -66.63
C GLN WF 45 -85.10 1.75 -68.12
N PRO WF 46 -84.08 1.46 -68.93
CA PRO WF 46 -84.28 1.47 -70.39
C PRO WF 46 -85.37 0.52 -70.85
N TRP WF 47 -85.49 -0.65 -70.23
CA TRP WF 47 -86.49 -1.62 -70.68
C TRP WF 47 -87.91 -1.11 -70.50
N MET WF 48 -88.13 -0.16 -69.60
CA MET WF 48 -89.46 0.39 -69.43
C MET WF 48 -89.94 1.08 -70.69
N THR WF 49 -89.05 1.82 -71.35
CA THR WF 49 -89.42 2.51 -72.59
C THR WF 49 -89.84 1.52 -73.67
N GLU WF 50 -89.11 0.40 -73.78
CA GLU WF 50 -89.44 -0.59 -74.79
C GLU WF 50 -90.85 -1.14 -74.59
N MET WF 51 -91.22 -1.40 -73.34
CA MET WF 51 -92.54 -1.95 -73.06
C MET WF 51 -93.64 -1.01 -73.54
N ALA WF 52 -93.50 0.28 -73.25
CA ALA WF 52 -94.55 1.23 -73.61
C ALA WF 52 -94.69 1.34 -75.12
N LEU WF 53 -93.57 1.36 -75.85
CA LEU WF 53 -93.64 1.52 -77.29
C LEU WF 53 -94.42 0.40 -77.95
N LYS WF 54 -94.18 -0.85 -77.53
CA LYS WF 54 -94.91 -1.97 -78.10
C LYS WF 54 -96.38 -1.92 -77.72
N ALA WF 55 -96.68 -1.45 -76.51
CA ALA WF 55 -98.07 -1.45 -76.03
C ALA WF 55 -98.96 -0.62 -76.94
N ASP WF 56 -98.50 0.58 -77.31
CA ASP WF 56 -99.33 1.45 -78.14
C ASP WF 56 -99.59 0.83 -79.50
N GLN WF 57 -98.70 -0.03 -79.99
CA GLN WF 57 -98.90 -0.65 -81.28
C GLN WF 57 -100.16 -1.52 -81.29
N CYS WF 58 -100.37 -2.29 -80.22
CA CYS WF 58 -101.57 -3.11 -80.13
C CYS WF 58 -102.82 -2.25 -80.16
N LEU WF 59 -102.80 -1.12 -79.45
CA LEU WF 59 -103.94 -0.21 -79.47
C LEU WF 59 -104.18 0.34 -80.87
N ILE WF 60 -103.11 0.68 -81.58
CA ILE WF 60 -103.26 1.20 -82.94
C ILE WF 60 -103.93 0.17 -83.83
N HIS WF 61 -103.43 -1.07 -83.79
CA HIS WF 61 -104.08 -2.14 -84.56
C HIS WF 61 -105.48 -2.40 -84.05
N LYS WF 62 -105.67 -2.39 -82.73
CA LYS WF 62 -106.99 -2.60 -82.16
C LYS WF 62 -107.96 -1.52 -82.60
N ALA WF 63 -107.51 -0.27 -82.62
CA ALA WF 63 -108.34 0.84 -83.06
C ALA WF 63 -108.57 0.83 -84.56
N THR WF 64 -107.85 -0.01 -85.30
CA THR WF 64 -107.99 -0.06 -86.76
C THR WF 64 -109.12 -0.97 -87.21
N LEU WF 65 -109.49 -1.97 -86.42
CA LEU WF 65 -110.53 -2.90 -86.83
C LEU WF 65 -111.88 -2.21 -86.98
N ASP WF 66 -112.19 -1.25 -86.11
CA ASP WF 66 -113.46 -0.54 -86.20
C ASP WF 66 -113.64 0.11 -87.56
N PRO WF 78 -109.02 -10.90 -96.66
CA PRO WF 78 -107.71 -11.12 -96.00
C PRO WF 78 -107.15 -9.86 -95.35
N LEU WF 79 -107.08 -8.77 -96.10
CA LEU WF 79 -106.39 -7.57 -95.59
C LEU WF 79 -107.05 -7.06 -94.31
N ILE WF 80 -108.38 -7.00 -94.29
CA ILE WF 80 -109.08 -6.52 -93.10
C ILE WF 80 -108.80 -7.43 -91.92
N GLU WF 81 -108.88 -8.75 -92.14
CA GLU WF 81 -108.67 -9.72 -91.07
C GLU WF 81 -107.19 -10.03 -90.85
N ALA WF 82 -106.31 -9.64 -91.77
CA ALA WF 82 -104.89 -9.97 -91.61
C ALA WF 82 -104.30 -9.28 -90.39
N MET WF 83 -104.64 -8.01 -90.17
CA MET WF 83 -104.07 -7.28 -89.05
C MET WF 83 -104.42 -7.92 -87.71
N GLN WF 84 -105.57 -8.60 -87.64
CA GLN WF 84 -105.97 -9.24 -86.39
C GLN WF 84 -104.96 -10.29 -85.95
N GLN WF 85 -104.28 -10.93 -86.91
CA GLN WF 85 -103.30 -11.95 -86.56
C GLN WF 85 -102.15 -11.35 -85.77
N ILE WF 86 -101.69 -10.16 -86.15
CA ILE WF 86 -100.56 -9.55 -85.47
C ILE WF 86 -100.94 -9.16 -84.06
N ILE WF 87 -102.19 -8.74 -83.84
CA ILE WF 87 -102.61 -8.30 -82.52
C ILE WF 87 -102.38 -9.41 -81.51
N LEU WF 88 -102.83 -10.63 -81.83
CA LEU WF 88 -102.62 -11.75 -80.92
C LEU WF 88 -101.13 -12.03 -80.73
N ALA WF 89 -100.36 -11.96 -81.82
CA ALA WF 89 -98.92 -12.20 -81.72
C ALA WF 89 -98.24 -11.15 -80.86
N MET WF 90 -98.65 -9.88 -81.00
CA MET WF 90 -98.00 -8.81 -80.26
C MET WF 90 -98.09 -9.05 -78.76
N THR WF 91 -99.22 -9.60 -78.30
CA THR WF 91 -99.36 -9.90 -76.88
C THR WF 91 -98.34 -10.92 -76.42
N ARG WF 92 -98.09 -11.94 -77.23
CA ARG WF 92 -97.18 -13.01 -76.83
C ARG WF 92 -95.79 -12.45 -76.53
N GLU WF 93 -95.28 -11.58 -77.40
CA GLU WF 93 -94.01 -10.94 -77.11
C GLU WF 93 -94.14 -9.97 -75.95
N LEU WF 94 -95.25 -9.24 -75.89
CA LEU WF 94 -95.45 -8.27 -74.83
C LEU WF 94 -95.55 -8.95 -73.47
N TRP WF 95 -96.28 -10.06 -73.39
CA TRP WF 95 -96.44 -10.74 -72.11
C TRP WF 95 -95.12 -11.30 -71.60
N GLY WF 96 -94.17 -11.56 -72.51
CA GLY WF 96 -92.89 -12.08 -72.08
C GLY WF 96 -92.14 -11.13 -71.17
N GLN WF 97 -92.21 -9.83 -71.47
CA GLN WF 97 -91.52 -8.86 -70.64
C GLN WF 97 -92.21 -8.70 -69.29
N ILE WF 98 -93.53 -8.89 -69.25
CA ILE WF 98 -94.26 -8.77 -67.98
C ILE WF 98 -93.74 -9.78 -66.97
N GLN WF 99 -93.59 -11.04 -67.40
CA GLN WF 99 -93.13 -12.07 -66.49
C GLN WF 99 -91.68 -11.84 -66.06
N ARG WF 100 -90.86 -11.27 -66.94
CA ARG WF 100 -89.49 -10.96 -66.56
C ARG WF 100 -89.46 -9.98 -65.39
N HIS WF 101 -90.30 -8.94 -65.44
CA HIS WF 101 -90.35 -7.97 -64.35
C HIS WF 101 -90.89 -8.61 -63.08
N HIS WF 102 -91.99 -9.37 -63.20
CA HIS WF 102 -92.60 -9.98 -62.03
C HIS WF 102 -91.73 -11.11 -61.48
N TYR WF 103 -91.51 -12.15 -62.28
CA TYR WF 103 -90.77 -13.32 -61.83
C TYR WF 103 -89.27 -13.10 -61.92
N GLY WF 104 -88.77 -12.88 -63.14
CA GLY WF 104 -87.35 -12.77 -63.40
C GLY WF 104 -87.02 -13.55 -64.65
N ILE WF 105 -85.98 -13.10 -65.35
CA ILE WF 105 -85.63 -13.73 -66.62
C ILE WF 105 -85.24 -15.19 -66.41
N VAL WF 106 -84.41 -15.46 -65.40
CA VAL WF 106 -83.92 -16.81 -65.19
C VAL WF 106 -85.07 -17.76 -64.88
N GLN WF 107 -85.97 -17.35 -63.99
CA GLN WF 107 -87.07 -18.22 -63.59
C GLN WF 107 -88.00 -18.50 -64.76
N VAL WF 108 -88.22 -17.51 -65.63
CA VAL WF 108 -89.15 -17.70 -66.75
C VAL WF 108 -88.67 -18.82 -67.66
N GLU WF 109 -87.37 -18.86 -67.94
CA GLU WF 109 -86.85 -19.89 -68.83
C GLU WF 109 -87.24 -21.28 -68.35
N HIS WF 110 -87.07 -21.54 -67.05
CA HIS WF 110 -87.46 -22.84 -66.51
C HIS WF 110 -88.96 -23.06 -66.64
N TYR WF 111 -89.75 -22.02 -66.35
CA TYR WF 111 -91.21 -22.18 -66.37
C TYR WF 111 -91.70 -22.55 -67.76
N VAL WF 112 -91.17 -21.90 -68.80
CA VAL WF 112 -91.65 -22.16 -70.16
C VAL WF 112 -91.39 -23.60 -70.55
N LYS WF 113 -90.17 -24.09 -70.31
CA LYS WF 113 -89.85 -25.46 -70.68
C LYS WF 113 -90.71 -26.44 -69.91
N GLN WF 114 -90.94 -26.18 -68.61
CA GLN WF 114 -91.84 -27.03 -67.84
C GLN WF 114 -93.24 -27.02 -68.45
N ILE WF 115 -93.72 -25.84 -68.86
CA ILE WF 115 -95.01 -25.77 -69.52
C ILE WF 115 -94.97 -26.52 -70.85
N THR WF 116 -93.88 -26.34 -71.61
CA THR WF 116 -93.78 -26.98 -72.91
C THR WF 116 -93.84 -28.50 -72.77
N LEU WF 117 -93.02 -29.05 -71.89
CA LEU WF 117 -93.05 -30.49 -71.65
C LEU WF 117 -94.42 -30.92 -71.12
N TRP WF 118 -94.99 -30.13 -70.21
CA TRP WF 118 -96.32 -30.45 -69.70
C TRP WF 118 -97.34 -30.44 -70.83
N GLN WF 119 -97.27 -29.46 -71.72
CA GLN WF 119 -98.18 -29.44 -72.86
C GLN WF 119 -97.86 -30.55 -73.85
N ASP WF 120 -96.59 -30.89 -74.01
CA ASP WF 120 -96.20 -31.92 -74.95
C ASP WF 120 -96.76 -33.28 -74.55
N THR WF 121 -96.69 -33.61 -73.27
CA THR WF 121 -97.14 -34.92 -72.81
C THR WF 121 -98.65 -35.05 -73.07
N PRO WF 122 -99.12 -36.23 -73.49
CA PRO WF 122 -100.56 -36.39 -73.72
C PRO WF 122 -101.37 -36.16 -72.47
N GLN WF 123 -102.58 -35.63 -72.65
CA GLN WF 123 -103.43 -35.27 -71.52
C GLN WF 123 -103.79 -36.47 -70.66
N ALA WF 124 -103.71 -37.69 -71.21
CA ALA WF 124 -104.07 -38.87 -70.44
C ALA WF 124 -103.18 -39.02 -69.21
N PHE WF 125 -101.88 -38.78 -69.36
CA PHE WF 125 -100.92 -38.88 -68.27
C PHE WF 125 -100.11 -37.59 -68.15
N ARG WF 126 -100.70 -36.46 -68.52
CA ARG WF 126 -99.98 -35.20 -68.53
C ARG WF 126 -99.55 -34.80 -67.12
N GLY WF 127 -100.43 -34.96 -66.14
CA GLY WF 127 -100.12 -34.58 -64.78
C GLY WF 127 -100.59 -33.18 -64.45
N ASP WF 128 -100.36 -32.81 -63.20
CA ASP WF 128 -100.75 -31.49 -62.72
C ASP WF 128 -99.95 -30.40 -63.41
N GLN WF 129 -100.63 -29.32 -63.78
CA GLN WF 129 -99.94 -28.20 -64.43
C GLN WF 129 -98.99 -27.54 -63.44
N PRO WF 130 -97.74 -27.27 -63.83
CA PRO WF 130 -96.82 -26.63 -62.90
C PRO WF 130 -97.24 -25.20 -62.59
N LYS WF 131 -96.88 -24.76 -61.39
CA LYS WF 131 -97.22 -23.42 -60.94
C LYS WF 131 -96.13 -22.42 -61.32
N PRO WF 132 -96.45 -21.14 -61.41
CA PRO WF 132 -95.45 -20.14 -61.77
C PRO WF 132 -94.32 -20.10 -60.75
N PRO WF 133 -93.16 -19.56 -61.13
CA PRO WF 133 -92.04 -19.48 -60.17
C PRO WF 133 -92.28 -18.46 -59.08
N SER WF 134 -91.28 -18.29 -58.21
CA SER WF 134 -91.37 -17.32 -57.14
C SER WF 134 -91.04 -15.92 -57.66
N PHE WF 135 -91.67 -14.92 -57.05
CA PHE WF 135 -91.47 -13.55 -57.46
C PHE WF 135 -90.04 -13.09 -57.17
N THR XF 3 -101.01 7.03 -75.03
CA THR XF 3 -100.97 7.47 -73.64
C THR XF 3 -99.89 6.79 -72.83
N PHE XF 4 -99.63 5.50 -73.07
CA PHE XF 4 -98.63 4.79 -72.29
C PHE XF 4 -97.25 5.42 -72.45
N ILE XF 5 -96.89 5.77 -73.69
CA ILE XF 5 -95.59 6.39 -73.93
C ILE XF 5 -95.49 7.72 -73.20
N GLU XF 6 -96.60 8.46 -73.12
CA GLU XF 6 -96.61 9.72 -72.40
C GLU XF 6 -96.28 9.51 -70.92
N LEU XF 7 -96.81 8.43 -70.33
CA LEU XF 7 -96.53 8.15 -68.92
C LEU XF 7 -95.04 7.94 -68.70
N VAL XF 8 -94.38 7.22 -69.62
CA VAL XF 8 -92.94 7.02 -69.51
C VAL XF 8 -92.21 8.35 -69.58
N LYS XF 9 -92.63 9.21 -70.51
CA LYS XF 9 -91.99 10.52 -70.66
C LYS XF 9 -92.18 11.38 -69.42
N ASN XF 10 -93.12 11.03 -68.55
CA ASN XF 10 -93.36 11.75 -67.31
C ASN XF 10 -92.53 11.21 -66.15
N MET XF 11 -91.68 10.22 -66.39
CA MET XF 11 -90.93 9.59 -65.32
C MET XF 11 -89.71 10.43 -64.95
N LYS XF 12 -88.90 9.90 -64.04
CA LYS XF 12 -87.65 10.52 -63.61
C LYS XF 12 -86.49 9.71 -64.13
N GLY XF 13 -85.52 10.39 -64.74
CA GLY XF 13 -84.37 9.73 -65.33
C GLY XF 13 -84.60 9.25 -66.75
N TYR XF 14 -85.79 9.40 -67.30
CA TYR XF 14 -86.05 8.99 -68.67
C TYR XF 14 -85.22 9.83 -69.64
N LYS XF 15 -84.71 9.18 -70.68
CA LYS XF 15 -83.88 9.82 -71.67
C LYS XF 15 -84.27 9.33 -73.06
N GLU XF 16 -84.32 10.24 -74.02
CA GLU XF 16 -84.70 9.88 -75.38
C GLU XF 16 -83.62 9.02 -76.02
N LEU XF 17 -84.06 8.04 -76.83
CA LEU XF 17 -83.15 7.20 -77.59
C LEU XF 17 -83.53 7.09 -79.06
N LEU XF 18 -84.72 7.51 -79.45
CA LEU XF 18 -85.15 7.44 -80.83
C LEU XF 18 -84.70 8.70 -81.57
N LEU XF 19 -85.11 8.81 -82.83
CA LEU XF 19 -84.71 9.90 -83.71
C LEU XF 19 -85.92 10.40 -84.45
N PRO XF 20 -85.86 11.62 -85.00
CA PRO XF 20 -86.99 12.14 -85.77
C PRO XF 20 -87.32 11.23 -86.95
N MET XF 21 -88.62 11.18 -87.28
CA MET XF 21 -89.07 10.31 -88.36
C MET XF 21 -88.31 10.59 -89.65
N GLU XF 22 -87.96 11.86 -89.89
CA GLU XF 22 -87.24 12.21 -91.10
C GLU XF 22 -85.85 11.57 -91.11
N MET XF 23 -85.16 11.59 -89.97
CA MET XF 23 -83.81 11.02 -89.87
C MET XF 23 -83.89 9.50 -89.59
N VAL XF 24 -84.62 8.82 -90.46
CA VAL XF 24 -84.77 7.36 -90.37
C VAL XF 24 -84.58 6.76 -91.76
N PRO XF 25 -83.68 5.79 -91.92
CA PRO XF 25 -83.50 5.19 -93.26
C PRO XF 25 -84.80 4.62 -93.80
N LEU XF 26 -84.75 4.29 -95.09
CA LEU XF 26 -85.90 3.72 -95.76
C LEU XF 26 -86.11 2.27 -95.30
N PRO XF 27 -87.31 1.74 -95.48
CA PRO XF 27 -87.56 0.35 -95.08
C PRO XF 27 -86.78 -0.64 -95.94
N ALA XF 28 -86.93 -1.93 -95.65
CA ALA XF 28 -86.25 -2.98 -96.42
C ALA XF 28 -84.74 -2.88 -96.26
N VAL XF 29 -84.15 -1.80 -96.79
CA VAL XF 29 -82.70 -1.65 -96.71
C VAL XF 29 -82.25 -1.55 -95.26
N VAL XF 30 -83.03 -0.85 -94.43
CA VAL XF 30 -82.68 -0.72 -93.02
C VAL XF 30 -82.63 -2.09 -92.35
N LEU XF 31 -83.44 -3.04 -92.83
CA LEU XF 31 -83.44 -4.38 -92.25
C LEU XF 31 -82.11 -5.09 -92.46
N LYS XF 32 -81.27 -4.61 -93.38
CA LYS XF 32 -80.01 -5.29 -93.66
C LYS XF 32 -79.09 -5.28 -92.43
N HIS XF 33 -79.07 -4.16 -91.70
CA HIS XF 33 -78.27 -4.11 -90.48
C HIS XF 33 -78.66 -5.20 -89.50
N VAL XF 34 -79.91 -5.67 -89.57
CA VAL XF 34 -80.35 -6.75 -88.69
C VAL XF 34 -79.50 -7.99 -88.91
N LYS XF 35 -79.30 -8.36 -90.17
CA LYS XF 35 -78.51 -9.55 -90.49
C LYS XF 35 -77.07 -9.38 -90.03
N LEU XF 36 -76.50 -8.19 -90.23
CA LEU XF 36 -75.10 -7.96 -89.88
C LEU XF 36 -74.86 -7.98 -88.38
N ILE XF 37 -75.92 -7.96 -87.57
CA ILE XF 37 -75.78 -7.93 -86.12
C ILE XF 37 -76.25 -9.26 -85.53
N LEU XF 38 -77.15 -9.93 -86.24
CA LEU XF 38 -77.62 -11.25 -85.82
C LEU XF 38 -76.72 -12.35 -86.35
N THR XF 39 -76.51 -12.40 -87.66
CA THR XF 39 -75.67 -13.43 -88.25
C THR XF 39 -74.24 -13.35 -87.73
N SER XF 40 -73.71 -12.15 -87.63
CA SER XF 40 -72.34 -11.95 -87.12
C SER XF 40 -72.37 -11.77 -85.61
N GLN XF 41 -72.92 -12.77 -84.93
CA GLN XF 41 -73.07 -12.72 -83.48
C GLN XF 41 -73.13 -14.13 -82.93
N LYS XF 42 -72.91 -14.23 -81.62
CA LYS XF 42 -72.96 -15.49 -80.90
C LYS XF 42 -73.28 -15.19 -79.45
N GLU XF 43 -73.57 -16.24 -78.68
CA GLU XF 43 -73.95 -16.11 -77.28
C GLU XF 43 -75.24 -15.29 -77.16
N HIS XF 44 -76.30 -15.88 -77.72
CA HIS XF 44 -77.62 -15.27 -77.76
C HIS XF 44 -77.95 -14.59 -76.44
N GLN XF 45 -78.26 -13.29 -76.52
CA GLN XF 45 -78.61 -12.48 -75.37
C GLN XF 45 -80.08 -12.08 -75.43
N PRO XF 46 -80.67 -11.73 -74.29
CA PRO XF 46 -82.12 -11.43 -74.29
C PRO XF 46 -82.51 -10.33 -75.27
N TRP XF 47 -81.69 -9.29 -75.40
CA TRP XF 47 -82.06 -8.18 -76.27
C TRP XF 47 -82.06 -8.59 -77.74
N MET XF 48 -81.28 -9.61 -78.10
CA MET XF 48 -81.24 -10.05 -79.49
C MET XF 48 -82.61 -10.56 -79.93
N THR XF 49 -83.30 -11.30 -79.07
CA THR XF 49 -84.63 -11.78 -79.42
C THR XF 49 -85.60 -10.63 -79.63
N GLU XF 50 -85.49 -9.59 -78.79
CA GLU XF 50 -86.37 -8.43 -78.94
C GLU XF 50 -86.23 -7.82 -80.32
N MET XF 51 -84.98 -7.64 -80.78
CA MET XF 51 -84.75 -7.10 -82.11
C MET XF 51 -85.32 -8.01 -83.18
N ALA XF 52 -85.12 -9.33 -83.04
CA ALA XF 52 -85.59 -10.27 -84.05
C ALA XF 52 -87.11 -10.24 -84.15
N LEU XF 53 -87.80 -10.20 -83.01
CA LEU XF 53 -89.25 -10.22 -83.00
C LEU XF 53 -89.87 -8.90 -83.43
N LYS XF 54 -89.07 -7.84 -83.54
CA LYS XF 54 -89.55 -6.54 -84.01
C LYS XF 54 -89.28 -6.34 -85.49
N ALA XF 55 -88.08 -6.67 -85.96
CA ALA XF 55 -87.75 -6.48 -87.37
C ALA XF 55 -88.63 -7.34 -88.26
N ASP XF 56 -88.88 -8.59 -87.86
CA ASP XF 56 -89.70 -9.49 -88.66
C ASP XF 56 -91.12 -8.96 -88.84
N GLN XF 57 -91.58 -8.10 -87.95
CA GLN XF 57 -92.93 -7.57 -88.06
C GLN XF 57 -93.09 -6.72 -89.32
N CYS XF 58 -92.06 -5.96 -89.69
CA CYS XF 58 -92.15 -5.14 -90.88
C CYS XF 58 -92.42 -5.98 -92.12
N LEU XF 59 -91.76 -7.14 -92.22
CA LEU XF 59 -92.01 -8.04 -93.35
C LEU XF 59 -93.47 -8.50 -93.35
N ILE XF 60 -94.01 -8.81 -92.18
CA ILE XF 60 -95.41 -9.24 -92.09
C ILE XF 60 -96.33 -8.14 -92.59
N HIS XF 61 -96.12 -6.91 -92.11
CA HIS XF 61 -96.89 -5.78 -92.62
C HIS XF 61 -96.59 -5.54 -94.10
N LYS XF 62 -95.32 -5.64 -94.48
CA LYS XF 62 -94.94 -5.46 -95.87
C LYS XF 62 -95.55 -6.55 -96.75
N ALA XF 63 -95.61 -7.78 -96.24
CA ALA XF 63 -96.18 -8.87 -97.02
C ALA XF 63 -97.62 -8.63 -97.40
N THR XF 64 -98.36 -7.82 -96.63
CA THR XF 64 -99.75 -7.55 -96.94
C THR XF 64 -99.90 -6.70 -98.20
N LEU XF 65 -98.83 -6.03 -98.64
CA LEU XF 65 -98.91 -5.23 -99.84
C LEU XF 65 -99.32 -6.05 -101.05
N ASP XF 66 -98.94 -7.33 -101.08
CA ASP XF 66 -99.37 -8.19 -102.17
C ASP XF 66 -100.89 -8.32 -102.21
N PRO XF 78 -108.48 3.66 -95.36
CA PRO XF 78 -107.78 3.86 -94.08
C PRO XF 78 -107.03 2.64 -93.62
N LEU XF 79 -107.56 1.44 -93.88
CA LEU XF 79 -106.87 0.22 -93.47
C LEU XF 79 -105.53 0.08 -94.19
N ILE XF 80 -105.51 0.36 -95.49
CA ILE XF 80 -104.27 0.27 -96.25
C ILE XF 80 -103.32 1.39 -95.85
N GLU XF 81 -103.84 2.61 -95.71
CA GLU XF 81 -102.99 3.74 -95.33
C GLU XF 81 -102.42 3.55 -93.94
N ALA XF 82 -103.23 3.06 -92.99
CA ALA XF 82 -102.80 2.96 -91.61
C ALA XF 82 -101.59 2.06 -91.47
N MET XF 83 -101.59 0.92 -92.17
CA MET XF 83 -100.49 -0.03 -92.05
C MET XF 83 -99.17 0.62 -92.48
N GLN XF 84 -99.20 1.39 -93.57
CA GLN XF 84 -97.98 2.02 -94.05
C GLN XF 84 -97.40 2.96 -93.01
N GLN XF 85 -98.27 3.70 -92.31
CA GLN XF 85 -97.79 4.63 -91.29
C GLN XF 85 -97.09 3.89 -90.16
N ILE XF 86 -97.62 2.73 -89.77
CA ILE XF 86 -97.06 1.99 -88.65
C ILE XF 86 -95.64 1.55 -88.94
N ILE XF 87 -95.34 1.22 -90.19
CA ILE XF 87 -94.01 0.74 -90.54
C ILE XF 87 -92.95 1.77 -90.16
N LEU XF 88 -93.25 3.04 -90.40
CA LEU XF 88 -92.31 4.10 -90.05
C LEU XF 88 -92.02 4.10 -88.56
N ALA XF 89 -93.07 3.94 -87.74
CA ALA XF 89 -92.89 3.96 -86.29
C ALA XF 89 -92.00 2.80 -85.84
N MET XF 90 -92.25 1.60 -86.36
CA MET XF 90 -91.44 0.46 -86.00
C MET XF 90 -90.01 0.63 -86.50
N THR XF 91 -89.84 1.18 -87.69
CA THR XF 91 -88.50 1.40 -88.22
C THR XF 91 -87.69 2.32 -87.33
N ARG XF 92 -88.34 3.35 -86.77
CA ARG XF 92 -87.64 4.26 -85.86
C ARG XF 92 -87.12 3.51 -84.64
N GLU XF 93 -87.92 2.60 -84.09
CA GLU XF 93 -87.49 1.83 -82.93
C GLU XF 93 -86.29 0.95 -83.27
N LEU XF 94 -86.30 0.36 -84.47
CA LEU XF 94 -85.21 -0.53 -84.86
C LEU XF 94 -83.88 0.20 -84.84
N TRP XF 95 -83.84 1.42 -85.37
CA TRP XF 95 -82.59 2.16 -85.46
C TRP XF 95 -82.02 2.44 -84.08
N GLY XF 96 -82.88 2.81 -83.12
CA GLY XF 96 -82.41 3.09 -81.79
C GLY XF 96 -81.71 1.91 -81.16
N GLN XF 97 -82.27 0.71 -81.34
CA GLN XF 97 -81.64 -0.50 -80.82
C GLN XF 97 -80.28 -0.71 -81.46
N ILE XF 98 -80.18 -0.48 -82.77
CA ILE XF 98 -78.91 -0.67 -83.47
C ILE XF 98 -77.84 0.25 -82.90
N GLN XF 99 -78.18 1.52 -82.72
CA GLN XF 99 -77.25 2.46 -82.11
C GLN XF 99 -76.97 2.10 -80.65
N ARG XF 100 -77.98 1.56 -79.96
CA ARG XF 100 -77.77 1.11 -78.58
C ARG XF 100 -76.74 -0.01 -78.52
N HIS XF 101 -76.46 -0.68 -79.63
CA HIS XF 101 -75.46 -1.74 -79.70
C HIS XF 101 -74.15 -1.28 -80.30
N HIS XF 102 -74.20 -0.55 -81.42
CA HIS XF 102 -72.99 -0.11 -82.10
C HIS XF 102 -72.23 0.92 -81.27
N TYR XF 103 -72.87 2.07 -81.01
CA TYR XF 103 -72.24 3.16 -80.26
C TYR XF 103 -72.60 3.12 -78.78
N GLY XF 104 -72.41 1.96 -78.15
CA GLY XF 104 -72.71 1.86 -76.76
C GLY XF 104 -74.19 2.09 -76.49
N ILE XF 105 -74.49 2.31 -75.22
CA ILE XF 105 -75.85 2.59 -74.79
C ILE XF 105 -75.88 3.91 -74.03
N VAL XF 106 -74.74 4.29 -73.45
CA VAL XF 106 -74.66 5.55 -72.72
C VAL XF 106 -74.35 6.71 -73.67
N GLN XF 107 -73.37 6.52 -74.56
CA GLN XF 107 -73.01 7.56 -75.51
C GLN XF 107 -74.14 7.87 -76.48
N VAL XF 108 -75.08 6.94 -76.68
CA VAL XF 108 -76.18 7.18 -77.59
C VAL XF 108 -77.03 8.36 -77.13
N GLU XF 109 -77.33 8.42 -75.84
CA GLU XF 109 -78.16 9.49 -75.32
C GLU XF 109 -77.52 10.85 -75.59
N HIS XF 110 -76.21 10.95 -75.42
CA HIS XF 110 -75.53 12.23 -75.67
C HIS XF 110 -75.69 12.65 -77.13
N TYR XF 111 -75.55 11.70 -78.06
CA TYR XF 111 -75.68 12.04 -79.47
C TYR XF 111 -77.07 12.54 -79.80
N VAL XF 112 -78.10 11.81 -79.36
CA VAL XF 112 -79.47 12.23 -79.65
C VAL XF 112 -79.78 13.53 -78.97
N LYS XF 113 -79.21 13.76 -77.77
CA LYS XF 113 -79.40 15.04 -77.10
C LYS XF 113 -78.94 16.19 -77.98
N GLN XF 114 -77.78 16.04 -78.62
CA GLN XF 114 -77.28 17.09 -79.50
C GLN XF 114 -78.10 17.18 -80.78
N ILE XF 115 -78.59 16.04 -81.28
CA ILE XF 115 -79.39 16.04 -82.49
C ILE XF 115 -80.63 16.90 -82.31
N THR XF 116 -81.29 16.76 -81.15
CA THR XF 116 -82.50 17.54 -80.91
C THR XF 116 -82.21 19.04 -80.93
N LEU XF 117 -81.13 19.45 -80.28
CA LEU XF 117 -80.76 20.86 -80.26
C LEU XF 117 -80.37 21.33 -81.66
N TRP XF 118 -79.60 20.51 -82.39
CA TRP XF 118 -79.10 20.92 -83.69
C TRP XF 118 -80.21 21.09 -84.72
N GLN XF 119 -81.36 20.43 -84.52
CA GLN XF 119 -82.47 20.51 -85.46
C GLN XF 119 -83.56 21.47 -85.01
N ASP XF 120 -83.83 21.53 -83.71
CA ASP XF 120 -84.91 22.40 -83.22
C ASP XF 120 -84.59 23.86 -83.48
N THR XF 121 -83.34 24.27 -83.30
CA THR XF 121 -82.97 25.65 -83.56
C THR XF 121 -83.14 25.97 -85.04
N PRO XF 122 -83.39 27.23 -85.39
CA PRO XF 122 -83.57 27.58 -86.80
C PRO XF 122 -82.32 27.29 -87.61
N GLN XF 123 -82.53 26.98 -88.89
CA GLN XF 123 -81.42 26.60 -89.75
C GLN XF 123 -80.35 27.68 -89.85
N ALA XF 124 -80.70 28.94 -89.55
CA ALA XF 124 -79.73 30.02 -89.61
C ALA XF 124 -78.74 30.01 -88.47
N PHE XF 125 -78.96 29.17 -87.45
CA PHE XF 125 -78.10 29.12 -86.28
C PHE XF 125 -77.49 27.75 -86.00
N ARG XF 126 -77.93 26.70 -86.72
CA ARG XF 126 -77.46 25.35 -86.43
C ARG XF 126 -75.94 25.26 -86.54
N GLY XF 127 -75.41 25.47 -87.73
CA GLY XF 127 -73.99 25.34 -87.96
C GLY XF 127 -73.63 24.09 -88.72
N ASP XF 128 -73.04 23.12 -88.03
CA ASP XF 128 -72.63 21.86 -88.63
C ASP XF 128 -73.22 20.70 -87.85
N GLN XF 129 -73.60 19.65 -88.56
CA GLN XF 129 -74.17 18.48 -87.90
C GLN XF 129 -73.12 17.85 -86.98
N PRO XF 130 -73.51 17.47 -85.75
CA PRO XF 130 -72.55 16.80 -84.85
C PRO XF 130 -72.40 15.34 -85.23
N LYS XF 131 -71.18 14.94 -85.58
CA LYS XF 131 -70.95 13.58 -86.01
C LYS XF 131 -71.19 12.61 -84.85
N PRO XF 132 -71.89 11.50 -85.09
CA PRO XF 132 -72.11 10.55 -84.00
C PRO XF 132 -70.81 9.91 -83.56
N PRO XF 133 -70.71 9.47 -82.30
CA PRO XF 133 -69.49 8.82 -81.85
C PRO XF 133 -69.24 7.51 -82.59
N SER XF 134 -67.97 7.18 -82.74
CA SER XF 134 -67.59 5.96 -83.45
C SER XF 134 -67.86 4.73 -82.58
N PHE XF 135 -67.48 3.57 -83.08
CA PHE XF 135 -67.71 2.30 -82.39
C PHE XF 135 -66.71 2.20 -81.24
#